data_4V7O
#
_entry.id   4V7O
#
_cell.length_a   236.116
_cell.length_b   127.739
_cell.length_c   532.668
_cell.angle_alpha   90.000
_cell.angle_beta   102.850
_cell.angle_gamma   90.000
#
_symmetry.space_group_name_H-M   'P 1 21 1'
#
loop_
_entity.id
_entity.type
_entity.pdbx_description
1 polymer 'Proteasome component C7-alpha'
2 polymer 'Proteasome component Y7'
3 polymer 'Proteasome component Y13'
4 polymer 'Proteasome component PRE6'
5 polymer 'Proteasome component PUP2'
6 polymer 'Proteasome component PRE5'
7 polymer 'Proteasome component C1'
8 polymer 'Proteasome component PRE3'
9 polymer 'Proteasome component PUP1'
10 polymer 'Proteasome component PUP3'
11 polymer 'Proteasome component C11'
12 polymer 'Proteasome component PRE2'
13 polymer 'Proteasome component C5'
14 polymer 'Proteasome component PRE4'
15 polymer 'Proteasome activator BLM10'
16 polymer 'Proteasome activator BLM10'
17 polymer 'Proteasome activator BLM10'
#
loop_
_entity_poly.entity_id
_entity_poly.type
_entity_poly.pdbx_seq_one_letter_code
_entity_poly.pdbx_strand_id
1 'polypeptide(L)'
;AGYDRHITIFSPEGRLYQVEYAFKATNQTNINSLAVRGKDCTVVISQKKVPDKLLDPTTVSYIFCISRTIGMVVNGPIPD
ARNAALRAKAEAAEFRYKYGYDMPCDVLAKRMANLSQIYTQRAYMRPLGVILTFVSVDEELGPSIYKTDPAGYYVGYKAT
ATGPKQQEITTNLENHFKKSKIDHINEESWEKVVEFAITHMIDALGTEFSKNDLEVGVATKDKFFTLSAENIEERLVAIA
EQD
;
AA,AC,BA,BO
2 'polypeptide(L)'
;QIDYALTAVKQGVTSLGIKATNGVVIATEKKSSSPLAMSETLSKVSLLTPDIGAVYSGMGPDYRVLVDKSRKVAHTSYKR
IYGEYPPTKLLVSEVAKIMQEATQSGGVRPFGVSLLIAGHDEFNGFSLYQVDPSGSYFPWKATAIGKGSVAAKTFLEKRW
NDELELEDAIHIALLTLKESVEGEFNGDTIELAIIGDENPDLLGYTGIPTDKGPRFRKLTSQEINDRLEAL
;
AG,AS,BB,BP
3 'polypeptide(L)'
;SPEGRLYQVEYALESISHAGTAIGIMASDGIVLAAERKVTSTLLEQDTSTEKLYKLNDKIAVAVAGLTADAEILINTARI
HAQNYLKTYNEDIPVEILVRRLSDIKQGYTQHGGLRPFGVSFIYAGYDDRYGYQLYTSNPSGNYTGWKAISVGANTSAAQ
TLLQMDYKDDMKVDDAIELALKTLSKTTDSSALTYDRLEFATIRKGANDGEVYQKIFKPQEIKDILVKTGIT
;
AH,AT,BC,BQ
4 'polypeptide(L)'
;IFQVEYALEAVKRGTCAVGVKGKNCVVLGCERRSTLKLQDTRITPSKVSKIDSHVVLSFSGLNADSRILIEKARVEAQSH
RLTLEDPVTVEYLTRYVAGVQQRYTQSGGVRPFGVSTLIAGFDPRDDEPKLYQTEPSGIYSSWSAQTIGRNSKTVREFLE
KNYDRKEPPATVEECVKLTVRSLLEVVQTGAKNIEITVVKPDSDIVALSSEEINQYVTQIEQEKQEQ
;
AI,AU,BD,BR
5 'polypeptide(L)'
;MFLTRSEYDRGVSTFSPEGRLFQVEYSLEAIKLGSTAIGIATKEGVVLGVEKRATSPLLESDSIEKIVEIDRHIGCAMSG
LTADARSMIEHARTAAVTHNLYYDEDINVESLTQSVCDLALRFGEGASGEERLMSRPFGVALLIAGHDADDGYQLFHAEP
SGTFYRYNAKAIGSGSEGAQAELLNEWHSSLTLKEAELLVLKILKQVMEEKLDENNAQLSCITKQDGFKIYDNEKTAELI
KELKEKEAAE
;
AJ,AV,BE,BS
6 'polypeptide(L)'
;MFRNNYDGDTVTFSPTGRLFQVEYALEAIKQGSVTVGLRSNTHAVLVALKRNADELSSYQKKIIKCDEHMGLSLAGLAPD
ARVLSNYLRQQCNYSSLVFNRKLAVERAGHLLCDKAQKNTQSYGGRPYGVGLLIIGYDKSGAHLLEFQPSGNVTELYGTA
IGARSQGAKTYLERTLDTFIKIDGNPDELIKAGVEAISQSLRDESLTVDNLSIAIVGKDTPFTIYDGEAVAKYI
;
AK,AW,BF,BT
7 'polypeptide(L)'
;GTGYDLSNSVFSPDGRNFQVEYAVKAVENGTTSIGIKCNDGVVFAVEKLITSKLLVPQKNVKIQVVDRHIGCVYSGLIPD
GRHLVNRGREEAASFKKLYKTPIPIPAFADRLGQYVQAHTLYNSVRPFGVSTIFGGVDKNGAHLYMLEPSGSYWGYKGAA
TGKGRQSAKAELEKLVDHHPEGLSAREAVKQAAKIIYLAHEDNKEKDFELEISWCSLSETNGLHKFVKGDLLQEAIDFAQ
KEIN
;
AL,AX,BG,BU
8 'polypeptide(L)'
;ASIMAVTFKDGVILGADSRTTTGAYIANRVTDKLTRVHDKIWCCRSGSAADTQAIADIVQYHLELYTSQYGTPSTETAAS
VFKELCYENKDNLTAGIIVAGYDDKNKGEVYTIPLGGSVHKLPYAIAGSGSTFIYGYCDKNFRENMSKEETVDFIKHSLS
QAIKWDGSSGGVIRMVVLTAAGVERLIFYPDEYEQL
;
AB,AD,BH,BV
9 'polypeptide(L)'
;TTIVGVKFNNGVVIAADTRSTQGPIVADKNCAKLHRISPKIWCAGAGTAADTEAVTQLIGSNIELHSLYTSREPRVVSAL
QMLKQHLFKYQGHIGAYLIVAGVDPTGSHLFSIHAHGSTDVGYYLSLGSGSLAAMAVLESHWKQDLTKEEAIKLASDAIQ
AGIWNDLGSGSNVDVCVMEIGKDAEYLRNYLTPNVREEKQKSYKFPRGTTAVLKESIVNICD
;
AM,AY,BI,BW
10 'polypeptide(L)'
;SDPSSINGGIVVAMTGKDCVAIACDLRLGSQSLGVSNKFEKIFHYGHVFLGITGLATDVTTLNEMFRYKTNLYKLKEERA
IEPETFTQLVSSSLYERRFGPYFVGPVVAGINSKSGKPFIAGFDLIGCIDEAKDFIVSGTASDQLFGMCESLYEPNLEPE
DLFETISQALLNAADRDALSGWGAVVYIIKKDEVVKRYLKMRQD
;
AN,AZ,BJ,BX
11 'polypeptide(L)'
;MDIILGIRVQDSVILASSKAVTRGISVLKDSDDKTRQLSPHTLMSFAGEAGDTVQFAEYIQANIQLYSIREDYELSPQAV
SSFVRQELAKSIRSRRPYQVNVLIGGYDKKKNKPELYQIDYLGTKVELPYGAHGYSGFYTFSLLDHHYRPDMTTEEGLDL
LKLCVQELEKRMPMDFKGVIVKIVDKDGIRQVDDFQAQ
;
AO,A1,BK,BY
12 'polypeptide(L)'
;TTTLAFRFQGGIIVAVDSRATAGNWVASQTVKRVIEINPFLLGTMAGGAADCQFWETWLGSQCRLHELREKERISVAAAS
KILSNLVYQYKGAGLSMGTMICGYTRKEGPTIYYVDSDGTRLKGDIFCVGSGQTFAYGVLDSNYKWDLSVEDALYLGKRS
ILAAAHRDAYSGGSVNLYHVTEDGWIYHGNHDVGELFWKVKEEEGSFNNVIG
;
AP,A2,BL,BZ
13 'polypeptide(L)'
;QFNPYGDNGGTILGIAGEDFAVLAGDTRNITDYSINSRYEPKVFDCGDNIVMSANGFAADGDALVKRFKNSVKWYHFDHN
DKKLSINSAARNIQHLLYGKRFFPYYVHTIIAGLDEDGKGAVYSFDPVGSYEREQCRAGGAAASLIMPFLDNQVNFKNQY
EPGTNGKVKKPLKYLSVEEVIKLVRDSFTSATERHIQVGDGLEILIVTKDGVRKEFYELKRD
;
AQ,A3,BM,B1
14 'polypeptide(L)'
;TQQPIVTGTSVISMKYDNGVIIAADNLGSYGSLLRFNGVERLIPVGDNTVVGISGDISDMQHIERLLKDLVTENAYDNPL
ADAEEALEPSYIFEYLATVMYQRRSKMNPLWNAIIVAGVQSNGDQFLRYVNLLGVTYSSPTLATGFGAHMANPLLRKVVD
RESDIPKTTVQVAEEAIVNAMRVLYYRDARSSRNFSLAIIDKNTGLTFKKNLQVENMKWDFAKDIKGYGTQKI
;
AR,A4,BN,B2
15 'polypeptide(L)' TSLLNERLQHYTLDYVSDRAQHMKNIYDPSSRWFSRSVRPEFPIEEFLPYKTESHEDQAKYLCHVLVNLYIAISSL AE,AF,B3,B6
16 'polypeptide(L)'
;NVNHWTNELKNCLHFDFPVALRKSLATVYYYLSLVQGQKVYRQMHVDMFERLVSLDDDRTQFTELLQKQGLLLDHQIMLN
FLCEFLPYPDPDYARYELSSKEDLQLFRLLLKHAHNAKPFFDKSKESLLVDTMNFLLSSLAPSTMMAVMPIVTSVVPYHY
HIHSKIIDYFPFCYSIWSSVSANVAIDTHMYDFVGSISKDVHNKILSSEHEKDVVGVEFGEFGIFTDDQMTFMFNRLQGH
LRTDGQIHSYSRTVKPFVYAINGSKKDRFFEKLVSLAKAIETFIHPSNNGFWTKPNAKFVHAFIKSYHGRVKYEEDICAR
GVTNGICLTSFCHEEIVEIFLNIISLGSQNKNPDIANYYISCFAYLLELDPSNAYLIYDKILIDLYDTLADQFINSRHRI
ISSLKQFTRVIRFIVMDKLYRVHITNVLSMLVSKLDMNDTNLTSNLINGIVSIAAFIPIQDLTGEDDYISFESDTLPLVQ
QHFYHIKCGESSKTFRVDDELLNNAFKASTTVFQSMLKVYVEKIFQLVDVDLEDSLVTKINQTTMILQESMDDKIFNYFA
SLLNRNFWSNDSFKEKDPNYELVTIPLAALVRRNNGLSKELVRTLLFHIKEQIKRGAGSVRSTSEIQQRDVKLVLYLTAL
NDVLRNCHESLLEYSDELITFMKYLYDNVTNPPLDVITSIVIHSALATLCTTEITDCRLFPEDSKIPEKDRWGGLQFDPR
RFDKQHLSFQWHVPSSDEITLSISILESLSEYCINNVEELMKAPRHDSEYGDMIQKYVLVMTHTLSGSSLLFDPDFNKY
;
A5,A7,B4,B7
17 'polypeptide(L)'
;LDIYTCNYYFGNTTEEKLQNPNYLNVHRVRARIGHFFHKLYVFLSTNFENNTNMFQILLHGLKVWFTDLGQETVFNEDPN
AFIDVDFLENVQSLSHVNEPFTRTNFAIRANSLHQSRVLLHSTNRKASKLENLLLVDIIQLATSLYPDIYKPAQGTLVHC
MKQLVGSYGVVINKIIPSLEKAIKDHDYMKIQVILNVLLIKKIHRKLMTDYKDIGRLIFLLIECCRVNELEIGMYADKIL
TDIVIGIKIPSSVCVISDQAFLPLAPPDGTINLQVEAVKLAKKKKREYYLSLLVDLQDKLLDKLDNEKDMGWKIRMFILR
FVTQIQSNLESKPDKRAVFSIISQISTKHPEIIHLVVKSLLSTCNKIISLSDYEYDITRAYKNEFNPSFVEILDTSTTSF
PKTFTEEMNNFDNPKYFIDLRAYVGWLCWGRLMYVMSPKALKLNLRENELEVLKTAGHLLTREFLRDVTMNLVQDNETRG
VFSSGNVSFFSLVILLISSGFCELNMSDLFELCESYYNKDDKASMIMSVEIVAGLVCGSKFMSVSDLDKRDTFIENFLAK
CLDYELNHDAFEIWSTLAWWLPAVVDLRRSKTFFCHFINADGMFDRESDAATHQTSKIYMLRSILMSMEFRAPDVGKLFD
ELVFDHPYDQVRQAVAKLLTTLVQNQSNPSISDPTTLLEAERNDPDGLGLPLKSVPEKVDAYIKKQFEIIKNLEDSVVGL
NPQQFIKTDYFYRTSTIFYWIKEMARGPNKVLLVPYLVDYVLPFLIGLVKHKDVCALASLDPVRLYAGLGYMPIRKNHVA
AIVDYVCSSNVALSSNQTKLQLAFIQHFLSAELLQLTEEEKNKILEFVVSNLYNEQFVEVRVRAASILSDIVHNWKEEQP
LLSLIERFAKGLDVNKYTSKERQKLSKTDIKIHGNVLGLGAIISAFPYVFPLPPWIPKNLSNLSSWARTSGMTGNAAKNT
ISEFKKVRADTWKFDRASFNTEELEDLEGVLWRSYYA
;
A6,A8,B5,B8
#
# COMPACT_ATOMS: atom_id res chain seq x y z
N ALA A 1 -26.33 88.23 -67.93
CA ALA A 1 -26.80 89.58 -68.25
C ALA A 1 -27.57 89.65 -69.57
N GLY A 2 -26.95 90.26 -70.58
CA GLY A 2 -27.50 90.28 -71.92
C GLY A 2 -27.13 89.00 -72.64
N TYR A 3 -27.55 87.87 -72.07
CA TYR A 3 -27.17 86.56 -72.59
C TYR A 3 -28.37 85.73 -73.11
N ASP A 4 -29.49 86.40 -73.37
CA ASP A 4 -30.60 85.73 -74.05
C ASP A 4 -30.43 85.79 -75.57
N ARG A 5 -29.25 86.26 -75.97
CA ARG A 5 -28.86 86.33 -77.38
C ARG A 5 -27.99 85.13 -77.72
N HIS A 6 -27.61 84.36 -76.70
CA HIS A 6 -26.63 83.29 -76.92
C HIS A 6 -27.21 81.87 -76.77
N ILE A 7 -28.33 81.74 -76.07
CA ILE A 7 -28.96 80.44 -75.96
C ILE A 7 -30.45 80.41 -76.36
N THR A 8 -31.00 79.20 -76.49
CA THR A 8 -32.37 79.08 -76.95
C THR A 8 -33.39 79.42 -75.82
N ILE A 9 -33.35 80.65 -75.32
CA ILE A 9 -34.41 81.15 -74.43
C ILE A 9 -35.04 82.47 -74.88
N PHE A 10 -36.06 82.87 -74.13
CA PHE A 10 -36.97 83.92 -74.57
C PHE A 10 -36.42 85.29 -74.33
N SER A 11 -36.30 86.07 -75.40
CA SER A 11 -36.04 87.50 -75.26
C SER A 11 -37.25 88.15 -74.62
N PRO A 12 -37.12 89.41 -74.25
CA PRO A 12 -38.26 90.03 -73.57
C PRO A 12 -39.48 90.24 -74.45
N GLU A 13 -39.35 90.11 -75.77
CA GLU A 13 -40.49 90.24 -76.68
C GLU A 13 -40.89 88.91 -77.28
N GLY A 14 -40.61 87.83 -76.58
CA GLY A 14 -40.99 86.50 -77.00
C GLY A 14 -40.28 86.01 -78.24
N ARG A 15 -39.01 86.35 -78.35
CA ARG A 15 -38.24 86.06 -79.55
C ARG A 15 -37.16 85.05 -79.20
N LEU A 16 -36.82 84.21 -80.17
CA LEU A 16 -35.74 83.27 -79.92
C LEU A 16 -34.57 83.72 -80.74
N TYR A 17 -33.63 84.39 -80.10
CA TYR A 17 -32.65 85.09 -80.92
C TYR A 17 -31.85 84.10 -81.71
N GLN A 18 -31.48 83.00 -81.05
CA GLN A 18 -30.59 82.04 -81.68
C GLN A 18 -31.20 81.31 -82.88
N VAL A 19 -32.51 81.22 -82.94
CA VAL A 19 -33.15 80.58 -84.08
C VAL A 19 -33.12 81.54 -85.26
N GLU A 20 -33.43 82.80 -85.01
CA GLU A 20 -33.46 83.77 -86.08
C GLU A 20 -32.11 83.81 -86.73
N TYR A 21 -31.07 83.61 -85.94
CA TYR A 21 -29.72 83.71 -86.45
C TYR A 21 -29.43 82.45 -87.25
N ALA A 22 -29.90 81.33 -86.74
CA ALA A 22 -29.71 80.03 -87.37
C ALA A 22 -30.24 80.07 -88.78
N PHE A 23 -31.41 80.68 -88.97
CA PHE A 23 -31.94 80.88 -90.30
C PHE A 23 -30.92 81.60 -91.18
N LYS A 24 -30.32 82.67 -90.67
CA LYS A 24 -29.41 83.47 -91.48
C LYS A 24 -28.26 82.65 -92.02
N ALA A 25 -28.02 81.49 -91.41
CA ALA A 25 -26.92 80.60 -91.81
C ALA A 25 -27.22 79.82 -93.07
N THR A 26 -28.49 79.55 -93.33
CA THR A 26 -28.90 78.74 -94.47
C THR A 26 -28.53 79.36 -95.83
N ASN A 27 -28.13 80.62 -95.80
CA ASN A 27 -27.79 81.31 -97.02
C ASN A 27 -26.28 81.25 -97.25
N GLN A 28 -25.55 81.11 -96.15
CA GLN A 28 -24.10 81.08 -96.13
C GLN A 28 -23.42 80.22 -97.20
N THR A 29 -24.17 79.34 -97.85
CA THR A 29 -23.60 78.54 -98.93
C THR A 29 -23.77 79.24 -100.26
N ASN A 30 -24.87 79.97 -100.38
CA ASN A 30 -25.15 80.78 -101.56
C ASN A 30 -25.61 79.95 -102.73
N ILE A 31 -26.36 78.91 -102.42
CA ILE A 31 -26.98 78.07 -103.44
C ILE A 31 -28.48 78.34 -103.31
N ASN A 32 -29.18 78.35 -104.44
CA ASN A 32 -30.65 78.35 -104.44
C ASN A 32 -31.28 77.04 -104.90
N SER A 33 -32.44 76.69 -104.37
CA SER A 33 -33.14 75.47 -104.76
C SER A 33 -34.62 75.68 -104.97
N LEU A 34 -35.21 74.91 -105.89
CA LEU A 34 -36.66 74.90 -106.06
C LEU A 34 -37.18 73.48 -106.28
N ALA A 35 -38.47 73.28 -106.01
CA ALA A 35 -39.07 71.95 -106.06
C ALA A 35 -40.46 72.05 -106.67
N VAL A 36 -40.85 71.07 -107.48
CA VAL A 36 -42.16 71.07 -108.13
C VAL A 36 -42.87 69.71 -108.12
N ARG A 37 -44.17 69.74 -108.33
CA ARG A 37 -44.97 68.54 -108.42
C ARG A 37 -45.39 68.29 -109.86
N GLY A 38 -45.42 67.04 -110.30
CA GLY A 38 -45.84 66.68 -111.64
C GLY A 38 -47.16 65.94 -111.56
N LYS A 39 -47.62 65.33 -112.65
CA LYS A 39 -48.84 64.56 -112.54
C LYS A 39 -48.54 63.38 -111.64
N ASP A 40 -47.32 62.86 -111.75
CA ASP A 40 -46.85 61.76 -110.92
C ASP A 40 -45.32 61.71 -110.79
N CYS A 41 -44.72 62.87 -110.51
CA CYS A 41 -43.29 62.98 -110.19
C CYS A 41 -43.04 64.18 -109.30
N THR A 42 -41.84 64.27 -108.76
CA THR A 42 -41.42 65.44 -108.03
C THR A 42 -39.97 65.77 -108.39
N VAL A 43 -39.64 67.05 -108.50
CA VAL A 43 -38.33 67.46 -108.99
C VAL A 43 -37.72 68.49 -108.07
N VAL A 44 -36.42 68.34 -107.79
CA VAL A 44 -35.66 69.35 -107.07
C VAL A 44 -34.40 69.72 -107.82
N ILE A 45 -34.28 71.01 -108.13
CA ILE A 45 -33.12 71.59 -108.78
C ILE A 45 -32.37 72.36 -107.68
N SER A 46 -31.06 72.19 -107.59
CA SER A 46 -30.22 73.02 -106.73
C SER A 46 -29.04 73.49 -107.57
N GLN A 47 -28.38 74.53 -107.12
CA GLN A 47 -27.16 74.98 -107.80
C GLN A 47 -25.95 74.22 -107.27
N LYS A 48 -24.96 74.09 -108.13
CA LYS A 48 -23.74 73.41 -107.76
C LYS A 48 -22.71 74.49 -107.99
N LYS A 49 -21.96 74.83 -106.96
CA LYS A 49 -20.90 75.80 -107.12
C LYS A 49 -19.56 75.21 -106.70
N VAL A 50 -18.70 75.03 -107.71
CA VAL A 50 -17.38 74.47 -107.53
C VAL A 50 -16.37 75.51 -107.96
N PRO A 51 -15.87 76.29 -107.01
CA PRO A 51 -14.92 77.36 -107.26
C PRO A 51 -13.52 76.80 -107.34
N ASP A 52 -13.13 75.97 -106.37
CA ASP A 52 -11.79 75.39 -106.30
C ASP A 52 -11.59 74.40 -107.45
N LYS A 53 -10.55 74.62 -108.26
CA LYS A 53 -10.27 73.72 -109.39
C LYS A 53 -9.76 72.38 -108.89
N LEU A 54 -9.34 72.36 -107.63
CA LEU A 54 -8.85 71.17 -106.96
C LEU A 54 -9.97 70.25 -106.47
N LEU A 55 -11.22 70.73 -106.50
CA LEU A 55 -12.34 69.90 -106.06
C LEU A 55 -12.69 68.79 -107.06
N ASP A 56 -13.48 67.82 -106.59
CA ASP A 56 -14.03 66.76 -107.42
C ASP A 56 -15.55 66.89 -107.34
N PRO A 57 -16.16 67.57 -108.33
CA PRO A 57 -17.59 67.85 -108.48
C PRO A 57 -18.48 66.72 -108.06
N THR A 58 -18.02 65.49 -108.27
CA THR A 58 -18.81 64.32 -108.00
C THR A 58 -19.04 64.14 -106.50
N THR A 59 -18.16 64.72 -105.69
CA THR A 59 -18.30 64.64 -104.24
C THR A 59 -19.01 65.82 -103.64
N VAL A 60 -19.34 66.81 -104.47
CA VAL A 60 -19.99 68.04 -104.02
C VAL A 60 -21.47 68.00 -104.31
N SER A 61 -22.26 67.74 -103.26
CA SER A 61 -23.69 67.45 -103.37
C SER A 61 -24.43 68.00 -102.15
N TYR A 62 -25.51 68.72 -102.40
CA TYR A 62 -26.40 69.21 -101.34
C TYR A 62 -27.74 68.48 -101.45
N ILE A 63 -27.79 67.52 -102.39
CA ILE A 63 -28.93 66.60 -102.56
C ILE A 63 -28.59 65.24 -101.95
N PHE A 64 -29.40 64.80 -100.97
CA PHE A 64 -29.17 63.49 -100.33
C PHE A 64 -30.28 62.49 -100.64
N CYS A 65 -29.92 61.21 -100.84
CA CYS A 65 -30.91 60.13 -101.04
C CYS A 65 -31.20 59.47 -99.70
N ILE A 66 -32.40 59.67 -99.15
CA ILE A 66 -32.70 59.28 -97.78
C ILE A 66 -33.23 57.87 -97.71
N SER A 67 -33.96 57.47 -98.73
CA SER A 67 -34.51 56.15 -98.81
C SER A 67 -34.75 55.80 -100.25
N ARG A 68 -35.42 54.67 -100.48
CA ARG A 68 -35.71 54.24 -101.83
C ARG A 68 -36.61 55.32 -102.40
N THR A 69 -37.53 55.76 -101.56
CA THR A 69 -38.63 56.59 -102.01
C THR A 69 -38.46 58.10 -101.82
N ILE A 70 -37.70 58.48 -100.79
CA ILE A 70 -37.56 59.86 -100.29
C ILE A 70 -36.24 60.58 -100.56
N GLY A 71 -36.34 61.78 -101.13
CA GLY A 71 -35.17 62.61 -101.38
C GLY A 71 -35.15 63.84 -100.48
N MET A 72 -33.97 64.36 -100.21
CA MET A 72 -33.83 65.58 -99.41
C MET A 72 -32.78 66.50 -99.98
N VAL A 73 -33.13 67.78 -100.11
CA VAL A 73 -32.14 68.78 -100.47
C VAL A 73 -32.01 69.86 -99.41
N VAL A 74 -30.76 70.16 -99.02
CA VAL A 74 -30.49 71.10 -97.95
C VAL A 74 -29.92 72.44 -98.42
N ASN A 75 -30.39 73.52 -97.81
CA ASN A 75 -29.72 74.80 -97.95
C ASN A 75 -29.02 75.07 -96.63
N GLY A 76 -27.70 75.11 -96.65
CA GLY A 76 -26.98 75.31 -95.40
C GLY A 76 -25.60 74.73 -95.46
N PRO A 77 -24.75 75.07 -94.47
CA PRO A 77 -23.35 74.65 -94.42
C PRO A 77 -23.30 73.17 -94.61
N ILE A 78 -22.32 72.62 -95.31
CA ILE A 78 -22.36 71.18 -95.52
C ILE A 78 -22.38 70.39 -94.23
N PRO A 79 -21.57 70.75 -93.21
CA PRO A 79 -21.51 69.97 -91.98
C PRO A 79 -22.88 69.71 -91.40
N ASP A 80 -23.69 70.75 -91.27
CA ASP A 80 -25.01 70.58 -90.68
C ASP A 80 -25.94 69.77 -91.59
N ALA A 81 -25.83 69.93 -92.89
CA ALA A 81 -26.68 69.17 -93.81
C ALA A 81 -26.51 67.67 -93.58
N ARG A 82 -25.27 67.20 -93.56
CA ARG A 82 -24.96 65.79 -93.30
C ARG A 82 -25.42 65.29 -91.94
N ASN A 83 -25.24 66.10 -90.91
CA ASN A 83 -25.78 65.75 -89.60
C ASN A 83 -27.26 65.44 -89.66
N ALA A 84 -27.99 66.14 -90.53
CA ALA A 84 -29.43 65.96 -90.65
C ALA A 84 -29.78 64.83 -91.56
N ALA A 85 -29.08 64.75 -92.68
CA ALA A 85 -29.30 63.66 -93.61
C ALA A 85 -29.04 62.33 -92.96
N LEU A 86 -27.92 62.21 -92.26
CA LEU A 86 -27.58 60.96 -91.60
C LEU A 86 -28.67 60.58 -90.63
N ARG A 87 -29.18 61.56 -89.88
CA ARG A 87 -30.23 61.29 -88.91
C ARG A 87 -31.54 60.93 -89.55
N ALA A 88 -31.81 61.41 -90.76
CA ALA A 88 -33.06 61.09 -91.43
C ALA A 88 -32.95 59.76 -92.12
N LYS A 89 -31.78 59.48 -92.69
CA LYS A 89 -31.50 58.21 -93.34
C LYS A 89 -31.76 57.05 -92.35
N ALA A 90 -31.81 57.39 -91.07
CA ALA A 90 -31.84 56.41 -90.00
C ALA A 90 -33.16 56.39 -89.29
N GLU A 91 -33.90 57.47 -89.43
CA GLU A 91 -35.19 57.59 -88.77
C GLU A 91 -36.17 56.91 -89.68
N ALA A 92 -35.74 56.66 -90.91
CA ALA A 92 -36.64 56.20 -91.96
C ALA A 92 -36.39 54.76 -92.28
N ALA A 93 -35.22 54.32 -91.86
CA ALA A 93 -34.86 52.93 -91.88
C ALA A 93 -35.50 52.30 -90.66
N GLU A 94 -35.37 52.98 -89.52
CA GLU A 94 -36.04 52.52 -88.30
C GLU A 94 -37.55 52.50 -88.49
N PHE A 95 -38.10 53.45 -89.22
CA PHE A 95 -39.54 53.53 -89.35
C PHE A 95 -40.04 52.32 -90.12
N ARG A 96 -39.31 51.92 -91.16
CA ARG A 96 -39.71 50.80 -92.00
C ARG A 96 -39.69 49.53 -91.21
N TYR A 97 -38.67 49.38 -90.37
CA TYR A 97 -38.51 48.19 -89.55
C TYR A 97 -39.54 48.06 -88.46
N LYS A 98 -39.82 49.14 -87.75
CA LYS A 98 -40.72 49.05 -86.62
C LYS A 98 -42.15 48.85 -87.05
N TYR A 99 -42.55 49.48 -88.15
CA TYR A 99 -43.96 49.71 -88.49
C TYR A 99 -44.40 49.02 -89.78
N GLY A 100 -43.47 48.50 -90.58
CA GLY A 100 -43.83 47.66 -91.71
C GLY A 100 -44.11 48.26 -93.07
N TYR A 101 -44.19 49.57 -93.18
CA TYR A 101 -44.27 50.19 -94.48
C TYR A 101 -43.15 51.18 -94.68
N ASP A 102 -42.86 51.53 -95.93
CA ASP A 102 -41.81 52.50 -96.21
C ASP A 102 -42.16 53.79 -95.47
N MET A 103 -41.18 54.59 -95.04
CA MET A 103 -41.51 55.86 -94.39
C MET A 103 -41.94 56.97 -95.36
N PRO A 104 -43.12 57.55 -95.13
CA PRO A 104 -43.79 58.58 -95.94
C PRO A 104 -43.18 59.97 -95.83
N CYS A 105 -43.13 60.68 -96.95
CA CYS A 105 -42.49 62.00 -96.94
C CYS A 105 -42.92 62.91 -95.78
N ASP A 106 -44.21 63.08 -95.59
CA ASP A 106 -44.67 64.06 -94.60
C ASP A 106 -44.43 63.63 -93.18
N VAL A 107 -44.25 62.34 -92.94
CA VAL A 107 -44.01 61.88 -91.58
C VAL A 107 -42.55 62.09 -91.24
N LEU A 108 -41.65 61.86 -92.20
CA LEU A 108 -40.24 62.11 -91.95
C LEU A 108 -40.04 63.59 -91.65
N ALA A 109 -40.78 64.46 -92.33
CA ALA A 109 -40.67 65.89 -92.10
C ALA A 109 -41.16 66.27 -90.71
N LYS A 110 -42.34 65.80 -90.33
CA LYS A 110 -42.82 66.06 -88.99
C LYS A 110 -41.79 65.61 -87.96
N ARG A 111 -41.05 64.55 -88.26
CA ARG A 111 -40.16 64.00 -87.26
C ARG A 111 -38.85 64.75 -87.18
N MET A 112 -38.45 65.40 -88.26
CA MET A 112 -37.23 66.19 -88.24
C MET A 112 -37.56 67.59 -87.70
N ALA A 113 -38.79 68.03 -87.93
CA ALA A 113 -39.25 69.29 -87.42
C ALA A 113 -39.44 69.20 -85.92
N ASN A 114 -40.04 68.13 -85.46
CA ASN A 114 -40.09 67.88 -84.03
C ASN A 114 -38.68 67.90 -83.48
N LEU A 115 -37.74 67.23 -84.14
CA LEU A 115 -36.37 67.29 -83.69
C LEU A 115 -35.91 68.72 -83.71
N SER A 116 -36.03 69.39 -84.85
CA SER A 116 -35.59 70.78 -84.99
C SER A 116 -36.16 71.66 -83.89
N GLN A 117 -37.28 71.22 -83.31
CA GLN A 117 -37.97 71.94 -82.24
C GLN A 117 -37.28 71.80 -80.90
N ILE A 118 -36.81 70.60 -80.58
CA ILE A 118 -36.18 70.40 -79.28
C ILE A 118 -35.00 71.35 -79.16
N TYR A 119 -34.23 71.50 -80.24
CA TYR A 119 -33.07 72.37 -80.26
C TYR A 119 -33.50 73.79 -79.87
N THR A 120 -34.76 74.07 -80.17
CA THR A 120 -35.42 75.38 -80.05
C THR A 120 -35.92 75.62 -78.63
N GLN A 121 -35.76 74.63 -77.77
CA GLN A 121 -36.35 74.67 -76.43
C GLN A 121 -35.39 74.16 -75.36
N ARG A 122 -34.26 73.59 -75.78
CA ARG A 122 -33.24 73.15 -74.85
C ARG A 122 -31.98 74.04 -74.87
N ALA A 123 -31.55 74.40 -73.67
CA ALA A 123 -30.48 75.36 -73.52
C ALA A 123 -29.26 74.92 -74.28
N TYR A 124 -28.83 73.68 -74.02
CA TYR A 124 -27.49 73.21 -74.39
C TYR A 124 -27.23 72.78 -75.84
N MET A 125 -28.25 72.32 -76.54
CA MET A 125 -28.12 72.08 -77.99
C MET A 125 -28.59 73.23 -78.89
N ARG A 126 -27.86 73.37 -79.99
CA ARG A 126 -28.10 74.43 -80.95
C ARG A 126 -28.83 73.87 -82.17
N PRO A 127 -29.69 74.69 -82.80
CA PRO A 127 -30.43 74.26 -83.98
C PRO A 127 -29.42 74.10 -85.07
N LEU A 128 -29.83 73.58 -86.20
CA LEU A 128 -28.89 73.48 -87.29
C LEU A 128 -29.22 74.55 -88.30
N GLY A 129 -28.19 75.03 -88.98
CA GLY A 129 -28.35 76.06 -89.98
C GLY A 129 -28.79 75.54 -91.32
N VAL A 130 -29.86 74.75 -91.32
CA VAL A 130 -30.27 74.11 -92.54
C VAL A 130 -31.74 74.24 -92.71
N ILE A 131 -32.16 74.27 -93.96
CA ILE A 131 -33.55 74.14 -94.34
C ILE A 131 -33.70 72.93 -95.26
N LEU A 132 -34.31 71.91 -94.69
CA LEU A 132 -34.47 70.62 -95.32
C LEU A 132 -35.72 70.61 -96.17
N THR A 133 -35.54 70.42 -97.46
CA THR A 133 -36.64 70.26 -98.39
C THR A 133 -36.81 68.78 -98.74
N PHE A 134 -37.90 68.17 -98.29
CA PHE A 134 -38.14 66.74 -98.54
C PHE A 134 -39.09 66.50 -99.71
N VAL A 135 -38.73 65.59 -100.60
CA VAL A 135 -39.57 65.21 -101.73
C VAL A 135 -39.72 63.70 -101.83
N SER A 136 -40.83 63.27 -102.44
CA SER A 136 -41.10 61.86 -102.71
C SER A 136 -42.32 61.75 -103.58
N VAL A 137 -42.74 60.53 -103.86
CA VAL A 137 -43.99 60.32 -104.57
C VAL A 137 -44.86 59.43 -103.70
N ASP A 138 -45.12 59.88 -102.48
CA ASP A 138 -45.68 59.04 -101.42
C ASP A 138 -46.91 58.25 -101.85
N GLU A 139 -46.99 56.98 -101.42
CA GLU A 139 -48.01 56.04 -101.93
C GLU A 139 -49.46 56.40 -101.66
N GLU A 140 -49.71 57.24 -100.66
CA GLU A 140 -51.06 57.71 -100.35
C GLU A 140 -51.36 59.15 -100.85
N LEU A 141 -50.41 60.10 -100.73
CA LEU A 141 -50.68 61.51 -101.06
C LEU A 141 -50.30 61.98 -102.48
N GLY A 142 -49.39 61.28 -103.13
CA GLY A 142 -49.02 61.61 -104.49
C GLY A 142 -47.68 62.29 -104.42
N PRO A 143 -47.39 63.13 -105.40
CA PRO A 143 -46.15 63.86 -105.26
C PRO A 143 -46.19 64.70 -103.98
N SER A 144 -45.16 64.59 -103.16
CA SER A 144 -45.04 65.37 -101.94
C SER A 144 -43.83 66.30 -101.92
N ILE A 145 -43.99 67.48 -101.33
CA ILE A 145 -42.88 68.40 -101.08
C ILE A 145 -43.09 69.04 -99.72
N TYR A 146 -42.24 68.70 -98.74
CA TYR A 146 -42.40 69.14 -97.36
C TYR A 146 -41.08 69.69 -96.83
N LYS A 147 -41.11 70.91 -96.29
CA LYS A 147 -39.90 71.63 -95.91
C LYS A 147 -39.93 71.93 -94.40
N THR A 148 -38.82 71.68 -93.72
CA THR A 148 -38.71 71.99 -92.31
C THR A 148 -37.62 73.01 -92.13
N ASP A 149 -37.71 73.82 -91.08
CA ASP A 149 -36.75 74.90 -90.85
C ASP A 149 -36.28 74.93 -89.41
N PRO A 150 -35.21 75.69 -89.11
CA PRO A 150 -34.59 75.67 -87.80
C PRO A 150 -35.53 76.07 -86.69
N ALA A 151 -36.70 76.55 -87.05
CA ALA A 151 -37.70 77.07 -86.11
C ALA A 151 -38.57 75.97 -85.53
N GLY A 152 -38.67 74.87 -86.30
CA GLY A 152 -39.37 73.68 -85.90
C GLY A 152 -40.60 73.50 -86.75
N TYR A 153 -40.71 74.37 -87.75
CA TYR A 153 -41.90 74.48 -88.58
C TYR A 153 -41.80 73.54 -89.76
N TYR A 154 -42.91 72.97 -90.17
CA TYR A 154 -42.95 72.17 -91.38
C TYR A 154 -44.30 72.42 -92.00
N VAL A 155 -44.35 72.41 -93.33
CA VAL A 155 -45.62 72.48 -94.04
C VAL A 155 -45.39 71.99 -95.47
N GLY A 156 -46.46 71.63 -96.15
CA GLY A 156 -46.32 71.10 -97.50
C GLY A 156 -46.64 72.09 -98.59
N TYR A 157 -45.82 72.09 -99.64
CA TYR A 157 -45.90 73.08 -100.68
C TYR A 157 -46.36 72.45 -102.01
N LYS A 158 -47.08 73.22 -102.81
CA LYS A 158 -47.33 72.92 -104.23
C LYS A 158 -45.98 72.87 -104.91
N ALA A 159 -45.26 73.99 -104.79
CA ALA A 159 -43.84 74.08 -105.14
C ALA A 159 -43.17 74.98 -104.12
N THR A 160 -41.84 75.01 -104.09
CA THR A 160 -41.16 75.91 -103.15
C THR A 160 -39.76 76.28 -103.60
N ALA A 161 -39.19 77.31 -102.98
CA ALA A 161 -37.80 77.68 -103.20
C ALA A 161 -37.17 78.10 -101.87
N THR A 162 -35.85 78.07 -101.82
CA THR A 162 -35.13 78.37 -100.60
C THR A 162 -33.77 78.97 -100.89
N GLY A 163 -33.27 79.83 -100.00
CA GLY A 163 -31.94 80.37 -100.14
C GLY A 163 -31.92 81.86 -100.37
N PRO A 164 -30.79 82.37 -100.84
CA PRO A 164 -30.51 83.80 -101.04
C PRO A 164 -31.50 84.52 -101.96
N LYS A 165 -31.60 84.14 -103.22
CA LYS A 165 -32.56 84.78 -104.10
C LYS A 165 -33.89 84.03 -104.04
N GLN A 166 -34.22 83.55 -102.85
CA GLN A 166 -35.45 82.81 -102.62
C GLN A 166 -36.71 83.46 -103.13
N GLN A 167 -36.85 84.76 -102.90
CA GLN A 167 -38.11 85.42 -103.20
C GLN A 167 -38.26 85.78 -104.67
N GLU A 168 -37.15 85.85 -105.39
CA GLU A 168 -37.24 86.06 -106.83
C GLU A 168 -37.78 84.79 -107.47
N ILE A 169 -37.29 83.65 -107.02
CA ILE A 169 -37.72 82.36 -107.54
C ILE A 169 -39.15 82.07 -107.12
N THR A 170 -39.45 82.34 -105.85
CA THR A 170 -40.79 82.10 -105.30
C THR A 170 -41.88 82.88 -106.05
N THR A 171 -41.63 84.15 -106.30
CA THR A 171 -42.64 84.98 -106.95
C THR A 171 -42.85 84.57 -108.41
N ASN A 172 -41.86 83.90 -109.01
CA ASN A 172 -42.01 83.39 -110.37
C ASN A 172 -43.01 82.26 -110.39
N LEU A 173 -42.87 81.37 -109.42
CA LEU A 173 -43.74 80.20 -109.31
C LEU A 173 -45.16 80.62 -108.97
N GLU A 174 -45.31 81.50 -107.99
CA GLU A 174 -46.63 82.02 -107.62
C GLU A 174 -47.40 82.51 -108.85
N ASN A 175 -46.71 83.17 -109.78
CA ASN A 175 -47.38 83.72 -110.93
C ASN A 175 -47.64 82.69 -112.03
N HIS A 176 -47.48 81.41 -111.72
CA HIS A 176 -47.66 80.36 -112.71
C HIS A 176 -48.58 79.31 -112.16
N PHE A 177 -49.04 79.53 -110.93
CA PHE A 177 -50.06 78.70 -110.32
C PHE A 177 -51.25 79.58 -110.02
N LYS A 178 -51.06 80.86 -110.25
CA LYS A 178 -52.16 81.80 -110.29
C LYS A 178 -52.76 81.64 -111.68
N LYS A 179 -51.92 81.20 -112.61
CA LYS A 179 -52.28 81.17 -114.04
C LYS A 179 -52.80 79.82 -114.54
N SER A 180 -52.32 78.71 -113.97
CA SER A 180 -52.86 77.40 -114.31
C SER A 180 -53.83 76.95 -113.23
N LYS A 181 -53.97 77.79 -112.21
CA LYS A 181 -54.95 77.61 -111.13
C LYS A 181 -55.07 76.18 -110.60
N ILE A 182 -53.95 75.49 -110.47
CA ILE A 182 -53.96 74.15 -109.88
C ILE A 182 -52.92 73.99 -108.79
N ASP A 183 -52.59 72.74 -108.48
CA ASP A 183 -51.63 72.43 -107.43
C ASP A 183 -50.43 71.68 -107.97
N HIS A 184 -50.29 71.64 -109.30
CA HIS A 184 -49.17 70.93 -109.93
C HIS A 184 -48.83 71.35 -111.39
N ILE A 185 -47.90 70.63 -111.99
CA ILE A 185 -47.43 70.86 -113.34
C ILE A 185 -47.95 69.76 -114.28
N ASN A 186 -48.96 70.05 -115.08
CA ASN A 186 -49.57 69.00 -115.90
C ASN A 186 -48.67 68.54 -117.05
N GLU A 187 -47.63 67.78 -116.71
CA GLU A 187 -46.82 67.06 -117.69
C GLU A 187 -46.60 65.62 -117.21
N GLU A 188 -46.60 64.67 -118.14
CA GLU A 188 -46.55 63.26 -117.75
C GLU A 188 -45.14 62.78 -117.41
N SER A 189 -44.23 62.88 -118.39
CA SER A 189 -42.87 62.39 -118.21
C SER A 189 -42.14 63.34 -117.30
N TRP A 190 -41.34 62.84 -116.38
CA TRP A 190 -40.63 63.72 -115.47
C TRP A 190 -39.66 64.61 -116.21
N GLU A 191 -39.15 64.12 -117.32
CA GLU A 191 -38.19 64.90 -118.10
C GLU A 191 -38.67 66.31 -118.37
N LYS A 192 -39.93 66.43 -118.78
CA LYS A 192 -40.49 67.74 -119.13
C LYS A 192 -40.73 68.58 -117.89
N VAL A 193 -40.86 67.92 -116.74
CA VAL A 193 -41.05 68.64 -115.49
C VAL A 193 -39.71 69.11 -114.95
N VAL A 194 -38.63 68.44 -115.33
CA VAL A 194 -37.28 68.89 -114.97
C VAL A 194 -36.90 70.05 -115.86
N GLU A 195 -37.23 69.97 -117.14
CA GLU A 195 -36.96 71.07 -118.06
C GLU A 195 -37.69 72.32 -117.56
N PHE A 196 -38.96 72.17 -117.19
CA PHE A 196 -39.74 73.27 -116.64
C PHE A 196 -39.15 73.87 -115.36
N ALA A 197 -38.61 73.04 -114.50
CA ALA A 197 -38.06 73.56 -113.26
C ALA A 197 -36.79 74.33 -113.51
N ILE A 198 -36.03 73.92 -114.52
CA ILE A 198 -34.81 74.62 -114.90
C ILE A 198 -35.18 75.90 -115.61
N THR A 199 -36.15 75.83 -116.51
CA THR A 199 -36.63 77.01 -117.22
C THR A 199 -37.04 78.09 -116.22
N HIS A 200 -38.03 77.83 -115.39
CA HIS A 200 -38.54 78.86 -114.49
C HIS A 200 -37.50 79.35 -113.47
N MET A 201 -36.32 78.74 -113.46
CA MET A 201 -35.25 79.23 -112.59
C MET A 201 -34.25 80.09 -113.34
N ILE A 202 -33.94 79.74 -114.58
CA ILE A 202 -33.17 80.61 -115.46
C ILE A 202 -33.91 81.93 -115.56
N ASP A 203 -35.21 81.87 -115.87
CA ASP A 203 -36.04 83.07 -115.97
C ASP A 203 -35.91 83.93 -114.72
N ALA A 204 -35.94 83.30 -113.56
CA ALA A 204 -36.00 84.03 -112.29
C ALA A 204 -34.64 84.50 -111.78
N LEU A 205 -33.57 83.89 -112.25
CA LEU A 205 -32.24 84.27 -111.81
C LEU A 205 -31.48 85.07 -112.85
N GLY A 206 -31.98 85.06 -114.09
CA GLY A 206 -31.40 85.83 -115.16
C GLY A 206 -29.99 85.43 -115.51
N THR A 207 -29.68 84.15 -115.30
CA THR A 207 -28.42 83.61 -115.81
C THR A 207 -28.66 82.23 -116.38
N GLU A 208 -27.87 81.83 -117.37
CA GLU A 208 -27.99 80.52 -117.99
C GLU A 208 -27.21 79.52 -117.17
N PHE A 209 -27.51 78.24 -117.34
CA PHE A 209 -26.80 77.18 -116.61
C PHE A 209 -26.12 76.23 -117.57
N SER A 210 -24.96 75.70 -117.19
CA SER A 210 -24.33 74.60 -117.93
C SER A 210 -24.48 73.29 -117.16
N LYS A 211 -24.19 72.17 -117.80
CA LYS A 211 -24.30 70.85 -117.14
C LYS A 211 -23.61 70.77 -115.77
N ASN A 212 -22.77 71.75 -115.46
CA ASN A 212 -21.94 71.75 -114.25
C ASN A 212 -22.43 72.64 -113.12
N ASP A 213 -23.46 73.46 -113.37
CA ASP A 213 -23.89 74.45 -112.38
C ASP A 213 -25.18 74.04 -111.70
N LEU A 214 -25.66 72.85 -112.05
CA LEU A 214 -26.90 72.31 -111.51
C LEU A 214 -26.75 70.89 -110.91
N GLU A 215 -27.62 70.63 -109.96
CA GLU A 215 -27.78 69.33 -109.37
C GLU A 215 -29.25 69.03 -109.51
N VAL A 216 -29.61 67.88 -110.05
CA VAL A 216 -31.04 67.58 -110.17
C VAL A 216 -31.38 66.31 -109.47
N GLY A 217 -32.46 66.37 -108.72
CA GLY A 217 -32.98 65.22 -108.01
C GLY A 217 -34.39 65.00 -108.50
N VAL A 218 -34.78 63.74 -108.67
CA VAL A 218 -36.11 63.40 -109.18
C VAL A 218 -36.72 62.25 -108.41
N ALA A 219 -38.01 62.34 -108.17
CA ALA A 219 -38.73 61.29 -107.49
C ALA A 219 -39.91 60.80 -108.33
N THR A 220 -39.88 59.52 -108.75
CA THR A 220 -41.02 58.86 -109.39
C THR A 220 -41.55 57.87 -108.37
N LYS A 221 -42.65 57.18 -108.68
CA LYS A 221 -43.12 56.13 -107.79
C LYS A 221 -42.06 55.03 -107.76
N ASP A 222 -41.77 54.54 -106.56
CA ASP A 222 -40.90 53.37 -106.39
C ASP A 222 -39.40 53.69 -106.52
N LYS A 223 -39.05 54.92 -106.89
CA LYS A 223 -37.64 55.37 -106.92
C LYS A 223 -37.44 56.87 -106.66
N PHE A 224 -36.35 57.21 -105.98
CA PHE A 224 -35.78 58.56 -106.02
C PHE A 224 -34.31 58.43 -106.42
N PHE A 225 -33.94 59.14 -107.50
CA PHE A 225 -32.59 59.10 -108.03
C PHE A 225 -32.09 60.50 -108.38
N THR A 226 -30.81 60.65 -108.65
CA THR A 226 -30.29 61.92 -109.10
C THR A 226 -29.72 61.84 -110.50
N LEU A 227 -29.85 62.93 -111.25
CA LEU A 227 -29.39 62.98 -112.62
C LEU A 227 -27.88 63.20 -112.69
N SER A 228 -27.25 62.54 -113.65
CA SER A 228 -25.81 62.57 -113.81
C SER A 228 -25.40 63.83 -114.52
N ALA A 229 -24.10 64.02 -114.67
CA ALA A 229 -23.61 65.14 -115.43
C ALA A 229 -24.39 65.20 -116.72
N GLU A 230 -24.38 64.11 -117.48
CA GLU A 230 -24.97 64.09 -118.83
C GLU A 230 -26.49 64.10 -118.87
N ASN A 231 -27.13 63.45 -117.91
CA ASN A 231 -28.58 63.36 -117.88
C ASN A 231 -29.20 64.74 -117.85
N ILE A 232 -28.40 65.74 -117.48
CA ILE A 232 -28.81 67.13 -117.39
C ILE A 232 -28.56 67.88 -118.70
N GLU A 233 -27.36 67.74 -119.23
CA GLU A 233 -27.03 68.33 -120.53
C GLU A 233 -28.13 68.03 -121.51
N GLU A 234 -28.67 66.81 -121.45
CA GLU A 234 -29.76 66.43 -122.32
C GLU A 234 -30.97 67.32 -122.09
N ARG A 235 -31.24 67.60 -120.82
CA ARG A 235 -32.38 68.39 -120.41
C ARG A 235 -32.19 69.84 -120.82
N LEU A 236 -30.96 70.30 -120.82
CA LEU A 236 -30.65 71.66 -121.21
C LEU A 236 -30.70 71.83 -122.71
N VAL A 237 -30.16 70.85 -123.44
CA VAL A 237 -30.18 70.88 -124.88
C VAL A 237 -31.62 71.00 -125.38
N ALA A 238 -32.54 70.35 -124.68
CA ALA A 238 -33.94 70.35 -125.09
C ALA A 238 -34.61 71.68 -124.80
N ILE A 239 -34.20 72.35 -123.73
CA ILE A 239 -34.74 73.68 -123.43
C ILE A 239 -34.33 74.64 -124.51
N ALA A 240 -33.05 74.57 -124.88
CA ALA A 240 -32.47 75.52 -125.81
C ALA A 240 -33.02 75.39 -127.22
N GLU A 241 -33.54 74.20 -127.55
CA GLU A 241 -34.10 73.94 -128.87
C GLU A 241 -35.63 74.09 -128.90
N GLN A 242 -36.15 75.09 -128.21
CA GLN A 242 -37.57 75.41 -128.28
C GLN A 242 -37.73 76.83 -127.77
N ASP A 243 -36.74 77.25 -126.97
CA ASP A 243 -36.63 78.60 -126.43
C ASP A 243 -35.49 79.37 -127.12
N GLN B 1 -39.65 85.33 -67.01
CA GLN B 1 -39.31 84.30 -68.02
C GLN B 1 -40.51 83.46 -68.46
N ILE B 2 -41.41 83.16 -67.53
CA ILE B 2 -42.70 82.64 -67.94
C ILE B 2 -43.41 83.82 -68.56
N ASP B 3 -43.11 85.00 -68.03
CA ASP B 3 -43.78 86.20 -68.47
C ASP B 3 -43.46 86.49 -69.93
N TYR B 4 -42.26 86.12 -70.37
CA TYR B 4 -41.86 86.41 -71.76
C TYR B 4 -42.51 85.42 -72.72
N ALA B 5 -42.84 84.23 -72.24
CA ALA B 5 -43.51 83.23 -73.07
C ALA B 5 -44.99 83.58 -73.28
N LEU B 6 -45.65 84.03 -72.22
CA LEU B 6 -47.00 84.56 -72.34
C LEU B 6 -47.04 85.67 -73.37
N THR B 7 -45.89 86.29 -73.61
CA THR B 7 -45.77 87.37 -74.59
C THR B 7 -45.72 86.83 -76.03
N ALA B 8 -45.05 85.71 -76.23
CA ALA B 8 -45.09 85.12 -77.56
C ALA B 8 -46.50 84.65 -77.88
N VAL B 9 -47.23 84.23 -76.84
CA VAL B 9 -48.63 83.87 -76.95
C VAL B 9 -49.52 85.05 -77.31
N LYS B 10 -49.27 86.22 -76.70
CA LYS B 10 -50.07 87.43 -76.95
C LYS B 10 -50.06 87.86 -78.42
N GLN B 11 -48.94 87.69 -79.11
CA GLN B 11 -48.92 87.78 -80.57
C GLN B 11 -49.09 86.38 -81.15
N GLY B 12 -49.20 86.27 -82.46
CA GLY B 12 -49.46 84.97 -83.03
C GLY B 12 -50.96 84.74 -83.10
N VAL B 13 -51.39 83.98 -84.09
CA VAL B 13 -52.75 84.08 -84.57
C VAL B 13 -53.79 83.81 -83.52
N THR B 14 -54.84 84.63 -83.54
CA THR B 14 -55.98 84.56 -82.64
C THR B 14 -56.74 83.25 -82.68
N SER B 15 -57.19 82.79 -81.52
CA SER B 15 -58.02 81.58 -81.44
C SER B 15 -58.96 81.68 -80.23
N LEU B 16 -60.06 80.96 -80.28
CA LEU B 16 -61.13 81.15 -79.32
C LEU B 16 -61.86 79.85 -79.00
N GLY B 17 -62.78 79.91 -78.05
CA GLY B 17 -63.62 78.78 -77.69
C GLY B 17 -64.90 79.21 -77.03
N ILE B 18 -65.99 78.52 -77.33
CA ILE B 18 -67.28 78.82 -76.72
C ILE B 18 -68.02 77.56 -76.28
N LYS B 19 -68.38 77.46 -75.00
CA LYS B 19 -69.15 76.32 -74.52
C LYS B 19 -70.64 76.64 -74.69
N ALA B 20 -71.44 75.63 -74.98
CA ALA B 20 -72.87 75.81 -75.07
C ALA B 20 -73.57 74.80 -74.19
N THR B 21 -74.86 74.62 -74.43
CA THR B 21 -75.64 73.71 -73.62
C THR B 21 -75.45 72.30 -74.13
N ASN B 22 -75.36 72.17 -75.45
CA ASN B 22 -75.22 70.86 -76.09
C ASN B 22 -74.03 70.77 -77.02
N GLY B 23 -72.90 71.31 -76.60
CA GLY B 23 -71.68 71.22 -77.40
C GLY B 23 -70.68 72.31 -77.08
N VAL B 24 -69.46 72.16 -77.57
CA VAL B 24 -68.40 73.15 -77.42
C VAL B 24 -67.84 73.43 -78.80
N VAL B 25 -67.24 74.61 -78.99
CA VAL B 25 -66.67 74.99 -80.28
C VAL B 25 -65.35 75.71 -80.10
N ILE B 26 -64.37 75.36 -80.93
CA ILE B 26 -63.07 75.99 -80.92
C ILE B 26 -62.61 76.28 -82.35
N ALA B 27 -62.02 77.45 -82.56
CA ALA B 27 -61.53 77.82 -83.88
C ALA B 27 -60.35 78.78 -83.83
N THR B 28 -59.61 78.82 -84.93
CA THR B 28 -58.49 79.74 -85.10
C THR B 28 -58.39 79.94 -86.60
N GLU B 29 -57.47 80.77 -87.05
CA GLU B 29 -57.31 81.00 -88.47
C GLU B 29 -56.05 80.28 -88.93
N LYS B 30 -56.01 79.94 -90.22
CA LYS B 30 -54.86 79.29 -90.81
C LYS B 30 -54.08 80.30 -91.66
N LYS B 31 -53.18 81.03 -91.03
CA LYS B 31 -52.44 82.04 -91.76
C LYS B 31 -51.40 81.34 -92.61
N SER B 32 -51.55 81.49 -93.92
CA SER B 32 -50.64 80.86 -94.87
C SER B 32 -49.32 81.62 -94.96
N SER B 33 -48.25 80.95 -94.55
CA SER B 33 -46.91 81.50 -94.63
C SER B 33 -46.50 81.68 -96.08
N SER B 34 -47.47 81.59 -96.99
CA SER B 34 -47.22 81.63 -98.42
C SER B 34 -48.46 81.10 -99.13
N PRO B 35 -48.65 81.46 -100.41
CA PRO B 35 -49.72 80.91 -101.22
C PRO B 35 -49.28 79.62 -101.86
N LEU B 36 -47.96 79.44 -101.96
CA LEU B 36 -47.38 78.21 -102.49
C LEU B 36 -47.66 77.03 -101.57
N ALA B 37 -47.61 77.26 -100.27
CA ALA B 37 -47.97 76.23 -99.31
C ALA B 37 -49.44 75.84 -99.36
N MET B 38 -49.68 74.54 -99.19
CA MET B 38 -51.03 73.97 -99.15
C MET B 38 -51.43 73.91 -97.69
N SER B 39 -52.36 74.74 -97.28
CA SER B 39 -52.62 74.94 -95.85
C SER B 39 -53.37 73.78 -95.20
N GLU B 40 -53.80 72.82 -96.03
CA GLU B 40 -54.46 71.62 -95.52
C GLU B 40 -53.49 70.61 -94.89
N THR B 41 -52.19 70.81 -95.09
CA THR B 41 -51.16 69.94 -94.54
C THR B 41 -50.78 70.28 -93.10
N LEU B 42 -51.37 71.32 -92.56
CA LEU B 42 -51.10 71.70 -91.19
C LEU B 42 -52.41 71.92 -90.49
N SER B 43 -52.54 71.34 -89.31
CA SER B 43 -53.77 71.40 -88.53
C SER B 43 -53.52 72.12 -87.22
N LYS B 44 -54.18 73.26 -87.06
CA LYS B 44 -54.15 74.03 -85.81
C LYS B 44 -55.20 73.50 -84.82
N VAL B 45 -56.17 72.75 -85.31
CA VAL B 45 -57.15 72.13 -84.41
C VAL B 45 -56.99 70.62 -84.46
N SER B 46 -56.51 70.05 -83.37
CA SER B 46 -56.05 68.67 -83.32
C SER B 46 -56.88 67.85 -82.35
N LEU B 47 -57.12 66.59 -82.68
CA LEU B 47 -57.87 65.68 -81.82
C LEU B 47 -56.94 65.06 -80.79
N LEU B 48 -57.36 65.04 -79.53
CA LEU B 48 -56.57 64.40 -78.47
C LEU B 48 -57.19 63.04 -78.07
N THR B 49 -58.49 63.05 -77.77
CA THR B 49 -59.29 61.83 -77.64
C THR B 49 -60.59 62.02 -78.44
N PRO B 50 -61.35 60.94 -78.70
CA PRO B 50 -62.48 61.18 -79.60
C PRO B 50 -63.56 62.00 -78.92
N ASP B 51 -63.30 62.43 -77.70
CA ASP B 51 -64.23 63.28 -76.96
C ASP B 51 -63.58 64.65 -76.66
N ILE B 52 -62.34 64.84 -77.09
CA ILE B 52 -61.54 66.02 -76.72
C ILE B 52 -60.63 66.59 -77.82
N GLY B 53 -60.78 67.88 -78.12
CA GLY B 53 -59.93 68.56 -79.09
C GLY B 53 -59.18 69.75 -78.51
N ALA B 54 -58.24 70.31 -79.28
CA ALA B 54 -57.44 71.44 -78.80
C ALA B 54 -57.00 72.40 -79.90
N VAL B 55 -56.88 73.66 -79.53
CA VAL B 55 -56.42 74.69 -80.43
C VAL B 55 -55.46 75.58 -79.65
N TYR B 56 -54.63 76.35 -80.36
CA TYR B 56 -53.60 77.15 -79.71
C TYR B 56 -53.41 78.54 -80.31
N SER B 57 -52.51 79.26 -79.69
CA SER B 57 -52.15 80.55 -80.18
C SER B 57 -50.69 80.70 -79.88
N GLY B 58 -49.88 80.97 -80.88
CA GLY B 58 -48.48 81.10 -80.57
C GLY B 58 -47.54 80.42 -81.50
N MET B 59 -46.56 79.81 -80.85
CA MET B 59 -45.51 79.07 -81.54
C MET B 59 -45.94 77.70 -82.10
N GLY B 60 -46.06 77.64 -83.44
CA GLY B 60 -46.50 76.43 -84.12
C GLY B 60 -45.93 75.12 -83.59
N PRO B 61 -44.61 74.94 -83.73
CA PRO B 61 -43.92 73.72 -83.31
C PRO B 61 -44.19 73.33 -81.87
N ASP B 62 -44.12 74.28 -80.96
CA ASP B 62 -44.35 73.94 -79.58
C ASP B 62 -45.73 73.32 -79.40
N TYR B 63 -46.68 73.70 -80.25
CA TYR B 63 -48.01 73.12 -80.19
C TYR B 63 -47.97 71.69 -80.68
N ARG B 64 -47.40 71.45 -81.87
CA ARG B 64 -47.29 70.08 -82.39
C ARG B 64 -46.75 69.09 -81.35
N VAL B 65 -45.60 69.40 -80.75
CA VAL B 65 -44.95 68.42 -79.89
C VAL B 65 -45.68 68.34 -78.59
N LEU B 66 -46.63 69.25 -78.40
CA LEU B 66 -47.42 69.24 -77.19
C LEU B 66 -48.67 68.44 -77.44
N VAL B 67 -49.15 68.45 -78.68
CA VAL B 67 -50.33 67.68 -79.07
C VAL B 67 -49.95 66.21 -79.09
N ASP B 68 -48.72 65.93 -79.50
CA ASP B 68 -48.23 64.56 -79.53
C ASP B 68 -48.04 64.08 -78.11
N LYS B 69 -47.25 64.80 -77.33
CA LYS B 69 -46.95 64.38 -75.96
C LYS B 69 -48.23 64.19 -75.22
N SER B 70 -49.27 64.86 -75.69
CA SER B 70 -50.56 64.95 -74.99
C SER B 70 -51.44 63.78 -75.30
N ARG B 71 -51.48 63.39 -76.56
CA ARG B 71 -52.21 62.22 -76.97
C ARG B 71 -51.66 61.03 -76.18
N LYS B 72 -50.35 60.82 -76.25
CA LYS B 72 -49.71 59.73 -75.55
C LYS B 72 -50.05 59.71 -74.07
N VAL B 73 -49.89 60.81 -73.37
CA VAL B 73 -50.20 60.85 -71.94
C VAL B 73 -51.66 60.45 -71.64
N ALA B 74 -52.53 60.55 -72.64
CA ALA B 74 -53.93 60.14 -72.44
C ALA B 74 -54.05 58.62 -72.32
N HIS B 75 -53.20 57.89 -73.05
CA HIS B 75 -53.14 56.43 -72.92
C HIS B 75 -52.27 56.02 -71.74
N THR B 76 -50.99 56.39 -71.74
CA THR B 76 -50.06 55.96 -70.70
C THR B 76 -50.54 56.13 -69.25
N SER B 77 -51.40 57.12 -69.01
CA SER B 77 -51.75 57.52 -67.66
C SER B 77 -53.21 57.33 -67.32
N TYR B 78 -54.02 56.97 -68.29
CA TYR B 78 -55.43 56.73 -68.06
C TYR B 78 -55.97 55.49 -68.84
N LYS B 79 -56.09 55.55 -70.17
CA LYS B 79 -56.66 54.44 -70.95
C LYS B 79 -56.07 53.05 -70.65
N ARG B 80 -54.77 52.97 -70.42
CA ARG B 80 -54.13 51.68 -70.21
C ARG B 80 -54.37 51.15 -68.80
N ILE B 81 -54.95 51.97 -67.94
CA ILE B 81 -55.28 51.52 -66.58
C ILE B 81 -56.76 51.26 -66.40
N TYR B 82 -57.60 52.22 -66.78
CA TYR B 82 -59.03 52.13 -66.51
C TYR B 82 -59.91 51.78 -67.72
N GLY B 83 -59.31 51.54 -68.87
CA GLY B 83 -60.06 51.11 -70.04
C GLY B 83 -60.92 52.18 -70.67
N GLU B 84 -61.14 53.29 -69.97
CA GLU B 84 -61.86 54.43 -70.52
C GLU B 84 -60.86 55.46 -71.10
N TYR B 85 -61.35 56.53 -71.71
CA TYR B 85 -60.47 57.64 -72.04
C TYR B 85 -60.61 58.64 -70.90
N PRO B 86 -59.70 59.60 -70.82
CA PRO B 86 -59.72 60.54 -69.69
C PRO B 86 -60.80 61.59 -69.86
N PRO B 87 -61.24 62.18 -68.74
CA PRO B 87 -62.21 63.26 -68.71
C PRO B 87 -61.51 64.58 -69.00
N THR B 88 -62.19 65.55 -69.58
CA THR B 88 -61.56 66.79 -69.95
C THR B 88 -60.75 67.33 -68.78
N LYS B 89 -61.38 67.52 -67.62
CA LYS B 89 -60.68 68.09 -66.47
C LYS B 89 -59.28 67.49 -66.26
N LEU B 90 -59.17 66.17 -66.33
CA LEU B 90 -57.95 65.46 -65.92
C LEU B 90 -56.90 65.38 -67.00
N LEU B 91 -57.32 65.20 -68.25
CA LEU B 91 -56.37 65.23 -69.35
C LEU B 91 -55.74 66.60 -69.38
N VAL B 92 -56.54 67.65 -69.16
CA VAL B 92 -56.07 69.04 -69.05
C VAL B 92 -55.04 69.15 -67.91
N SER B 93 -55.38 68.64 -66.74
CA SER B 93 -54.43 68.56 -65.62
C SER B 93 -53.08 67.99 -66.05
N GLU B 94 -53.10 66.91 -66.84
CA GLU B 94 -51.89 66.16 -67.21
C GLU B 94 -51.06 66.90 -68.25
N VAL B 95 -51.68 67.87 -68.91
CA VAL B 95 -50.98 68.73 -69.86
C VAL B 95 -50.34 69.92 -69.14
N ALA B 96 -51.11 70.59 -68.28
CA ALA B 96 -50.57 71.61 -67.39
C ALA B 96 -49.37 71.09 -66.63
N LYS B 97 -49.46 69.88 -66.11
CA LYS B 97 -48.35 69.26 -65.40
C LYS B 97 -47.15 69.16 -66.33
N ILE B 98 -47.42 68.91 -67.62
CA ILE B 98 -46.34 68.76 -68.62
C ILE B 98 -45.62 70.06 -68.90
N MET B 99 -46.38 71.16 -68.92
CA MET B 99 -45.89 72.50 -69.25
C MET B 99 -45.29 73.16 -68.04
N GLN B 100 -45.86 72.85 -66.89
CA GLN B 100 -45.43 73.38 -65.61
C GLN B 100 -44.06 72.83 -65.25
N GLU B 101 -43.68 71.76 -65.94
CA GLU B 101 -42.42 71.10 -65.64
C GLU B 101 -41.33 71.66 -66.53
N ALA B 102 -41.72 72.16 -67.69
CA ALA B 102 -40.78 72.82 -68.57
C ALA B 102 -40.40 74.14 -67.94
N THR B 103 -41.28 74.62 -67.07
CA THR B 103 -41.05 75.85 -66.36
C THR B 103 -40.01 75.59 -65.31
N GLN B 104 -40.40 74.83 -64.30
CA GLN B 104 -39.60 74.59 -63.11
C GLN B 104 -38.41 73.66 -63.36
N SER B 105 -38.16 73.28 -64.61
CA SER B 105 -36.98 72.47 -64.89
C SER B 105 -35.86 73.32 -65.48
N GLY B 106 -34.63 72.90 -65.23
CA GLY B 106 -33.49 73.67 -65.64
C GLY B 106 -33.11 73.23 -67.03
N GLY B 107 -32.55 74.14 -67.80
CA GLY B 107 -32.07 73.81 -69.13
C GLY B 107 -33.12 73.87 -70.22
N VAL B 108 -34.35 74.20 -69.83
CA VAL B 108 -35.45 74.30 -70.78
C VAL B 108 -36.35 75.52 -70.54
N ARG B 109 -36.77 76.13 -71.65
CA ARG B 109 -37.73 77.24 -71.67
C ARG B 109 -39.15 76.70 -71.71
N PRO B 110 -40.11 77.45 -71.16
CA PRO B 110 -41.51 77.02 -71.18
C PRO B 110 -42.01 77.07 -72.59
N PHE B 111 -43.23 76.61 -72.79
CA PHE B 111 -43.77 76.55 -74.13
C PHE B 111 -44.34 77.91 -74.55
N GLY B 112 -44.21 78.23 -75.83
CA GLY B 112 -44.77 79.47 -76.32
C GLY B 112 -46.18 79.38 -76.82
N VAL B 113 -47.04 78.77 -76.02
CA VAL B 113 -48.41 78.58 -76.46
C VAL B 113 -49.36 78.60 -75.29
N SER B 114 -50.54 79.15 -75.54
CA SER B 114 -51.67 78.94 -74.67
C SER B 114 -52.59 78.02 -75.42
N LEU B 115 -53.18 77.08 -74.69
CA LEU B 115 -54.01 76.07 -75.30
C LEU B 115 -55.45 76.26 -74.91
N LEU B 116 -56.35 75.98 -75.85
CA LEU B 116 -57.76 75.86 -75.51
C LEU B 116 -58.14 74.43 -75.78
N ILE B 117 -58.50 73.70 -74.72
CA ILE B 117 -58.85 72.29 -74.79
C ILE B 117 -60.34 72.14 -74.51
N ALA B 118 -61.06 71.50 -75.41
CA ALA B 118 -62.52 71.43 -75.34
C ALA B 118 -62.94 69.97 -75.37
N GLY B 119 -63.95 69.60 -74.59
CA GLY B 119 -64.37 68.21 -74.55
C GLY B 119 -65.52 67.81 -73.67
N HIS B 120 -65.90 66.54 -73.79
CA HIS B 120 -67.02 65.99 -73.06
C HIS B 120 -66.74 64.64 -72.39
N ASP B 121 -66.89 64.58 -71.08
CA ASP B 121 -66.77 63.32 -70.35
C ASP B 121 -68.12 62.95 -69.74
N GLU B 122 -68.40 61.66 -69.58
CA GLU B 122 -69.77 61.25 -69.23
C GLU B 122 -70.29 61.89 -67.94
N PHE B 123 -69.43 62.15 -66.97
CA PHE B 123 -69.90 62.62 -65.67
C PHE B 123 -69.87 64.13 -65.46
N ASN B 124 -68.88 64.82 -66.04
CA ASN B 124 -68.72 66.28 -65.87
C ASN B 124 -69.38 67.10 -66.98
N GLY B 125 -69.93 66.40 -67.96
CA GLY B 125 -70.58 67.00 -69.12
C GLY B 125 -69.66 67.74 -70.06
N PHE B 126 -70.10 68.86 -70.57
CA PHE B 126 -69.19 69.65 -71.38
C PHE B 126 -68.38 70.56 -70.50
N SER B 127 -67.27 71.01 -71.07
CA SER B 127 -66.37 71.92 -70.39
C SER B 127 -65.32 72.41 -71.37
N LEU B 128 -64.78 73.60 -71.13
CA LEU B 128 -63.73 74.21 -71.96
C LEU B 128 -62.70 74.82 -71.05
N TYR B 129 -61.44 74.47 -71.27
CA TYR B 129 -60.35 74.88 -70.40
C TYR B 129 -59.30 75.71 -71.15
N GLN B 130 -58.61 76.60 -70.43
CA GLN B 130 -57.44 77.28 -70.99
C GLN B 130 -56.20 76.84 -70.22
N VAL B 131 -55.10 76.64 -70.93
CA VAL B 131 -53.85 76.26 -70.27
C VAL B 131 -52.78 77.21 -70.75
N ASP B 132 -52.07 77.80 -69.79
CA ASP B 132 -51.05 78.81 -70.06
C ASP B 132 -49.69 78.19 -69.92
N PRO B 133 -48.66 78.86 -70.46
CA PRO B 133 -47.28 78.46 -70.34
C PRO B 133 -46.85 78.26 -68.89
N SER B 134 -47.46 79.01 -67.98
CA SER B 134 -47.13 78.93 -66.56
C SER B 134 -47.49 77.57 -65.97
N GLY B 135 -48.29 76.80 -66.70
CA GLY B 135 -48.83 75.56 -66.18
C GLY B 135 -50.13 75.73 -65.42
N SER B 136 -50.57 76.97 -65.27
CA SER B 136 -51.86 77.26 -64.66
C SER B 136 -52.94 76.94 -65.68
N TYR B 137 -54.14 76.61 -65.21
CA TYR B 137 -55.24 76.31 -66.12
C TYR B 137 -56.58 76.73 -65.52
N PHE B 138 -57.47 77.25 -66.37
CA PHE B 138 -58.71 77.83 -65.90
C PHE B 138 -59.85 77.37 -66.77
N PRO B 139 -61.06 77.24 -66.19
CA PRO B 139 -62.28 76.80 -66.85
C PRO B 139 -63.06 77.97 -67.41
N TRP B 140 -63.50 77.89 -68.66
CA TRP B 140 -64.12 79.02 -69.32
C TRP B 140 -65.50 78.67 -69.89
N LYS B 141 -66.44 79.61 -69.78
CA LYS B 141 -67.69 79.59 -70.53
C LYS B 141 -67.40 79.97 -71.97
N ALA B 142 -66.47 80.91 -72.15
CA ALA B 142 -65.91 81.34 -73.45
C ALA B 142 -64.77 82.35 -73.32
N THR B 143 -63.80 82.29 -74.23
CA THR B 143 -62.68 83.22 -74.18
C THR B 143 -61.93 83.19 -75.48
N ALA B 144 -60.92 84.04 -75.58
CA ALA B 144 -60.03 84.08 -76.74
C ALA B 144 -58.64 84.41 -76.27
N ILE B 145 -57.67 84.10 -77.11
CA ILE B 145 -56.26 84.22 -76.78
C ILE B 145 -55.56 84.66 -78.05
N GLY B 146 -54.48 85.39 -77.91
CA GLY B 146 -53.74 85.87 -79.06
C GLY B 146 -53.95 87.34 -79.28
N LYS B 147 -53.63 87.81 -80.48
CA LYS B 147 -53.71 89.23 -80.80
C LYS B 147 -55.13 89.76 -80.59
N GLY B 148 -56.08 89.21 -81.35
CA GLY B 148 -57.47 89.67 -81.30
C GLY B 148 -58.11 89.40 -79.96
N SER B 149 -57.29 88.95 -79.03
CA SER B 149 -57.74 88.55 -77.70
C SER B 149 -58.72 89.51 -77.04
N VAL B 150 -58.37 90.79 -77.06
CA VAL B 150 -59.14 91.76 -76.31
C VAL B 150 -60.44 92.13 -77.00
N ALA B 151 -60.36 92.36 -78.31
CA ALA B 151 -61.55 92.65 -79.07
C ALA B 151 -62.55 91.51 -78.91
N ALA B 152 -62.10 90.29 -79.18
CA ALA B 152 -62.95 89.11 -79.17
C ALA B 152 -63.49 88.71 -77.80
N LYS B 153 -62.65 88.82 -76.78
CA LYS B 153 -63.11 88.52 -75.43
C LYS B 153 -64.25 89.49 -75.03
N THR B 154 -64.24 90.70 -75.56
CA THR B 154 -65.25 91.68 -75.20
C THR B 154 -66.56 91.40 -75.92
N PHE B 155 -66.43 90.94 -77.16
CA PHE B 155 -67.56 90.55 -78.00
C PHE B 155 -68.27 89.29 -77.45
N LEU B 156 -67.51 88.41 -76.82
CA LEU B 156 -68.07 87.19 -76.27
C LEU B 156 -68.87 87.44 -74.98
N GLU B 157 -68.45 88.41 -74.17
CA GLU B 157 -69.25 88.76 -73.01
C GLU B 157 -70.56 89.31 -73.53
N LYS B 158 -70.48 90.18 -74.54
CA LYS B 158 -71.65 90.85 -75.08
C LYS B 158 -72.64 89.84 -75.66
N ARG B 159 -72.15 88.81 -76.33
CA ARG B 159 -73.03 87.89 -77.06
C ARG B 159 -73.38 86.55 -76.39
N TRP B 160 -72.72 86.22 -75.27
CA TRP B 160 -72.91 84.94 -74.58
C TRP B 160 -73.99 84.92 -73.49
N ASN B 161 -74.94 83.99 -73.65
CA ASN B 161 -75.90 83.63 -72.63
C ASN B 161 -75.82 82.14 -72.37
N ASP B 162 -76.24 81.69 -71.19
CA ASP B 162 -76.09 80.28 -70.84
C ASP B 162 -77.19 79.41 -71.41
N GLU B 163 -77.77 79.85 -72.53
CA GLU B 163 -78.84 79.11 -73.15
C GLU B 163 -78.53 78.90 -74.63
N LEU B 164 -77.26 78.96 -74.98
CA LEU B 164 -76.86 78.84 -76.38
C LEU B 164 -76.91 77.40 -76.84
N GLU B 165 -77.50 77.18 -77.99
CA GLU B 165 -77.41 75.89 -78.63
C GLU B 165 -76.08 75.92 -79.38
N LEU B 166 -75.50 74.75 -79.65
CA LEU B 166 -74.18 74.68 -80.27
C LEU B 166 -74.13 75.38 -81.61
N GLU B 167 -75.25 75.39 -82.31
CA GLU B 167 -75.29 76.03 -83.61
C GLU B 167 -75.22 77.55 -83.44
N ASP B 168 -75.67 78.04 -82.30
CA ASP B 168 -75.62 79.47 -82.02
C ASP B 168 -74.18 79.85 -81.76
N ALA B 169 -73.44 78.96 -81.09
CA ALA B 169 -72.05 79.22 -80.73
C ALA B 169 -71.09 79.07 -81.90
N ILE B 170 -71.48 78.26 -82.87
CA ILE B 170 -70.73 78.21 -84.13
C ILE B 170 -70.88 79.54 -84.82
N HIS B 171 -72.12 80.01 -84.92
CA HIS B 171 -72.42 81.30 -85.55
C HIS B 171 -71.59 82.40 -84.92
N ILE B 172 -71.56 82.47 -83.59
CA ILE B 172 -70.82 83.51 -82.92
C ILE B 172 -69.34 83.40 -83.25
N ALA B 173 -68.77 82.23 -83.07
CA ALA B 173 -67.33 82.08 -83.23
C ALA B 173 -66.87 82.30 -84.65
N LEU B 174 -67.81 82.41 -85.57
CA LEU B 174 -67.46 82.82 -86.92
C LEU B 174 -67.41 84.34 -87.06
N LEU B 175 -68.39 85.03 -86.48
CA LEU B 175 -68.37 86.49 -86.48
C LEU B 175 -67.14 86.97 -85.75
N THR B 176 -66.96 86.48 -84.54
CA THR B 176 -65.83 86.81 -83.70
C THR B 176 -64.51 86.72 -84.45
N LEU B 177 -64.43 85.74 -85.35
CA LEU B 177 -63.20 85.47 -86.08
C LEU B 177 -63.11 86.30 -87.34
N LYS B 178 -64.25 86.83 -87.79
CA LYS B 178 -64.33 87.65 -89.00
C LYS B 178 -63.78 89.06 -88.82
N GLU B 179 -63.83 89.58 -87.58
CA GLU B 179 -63.37 90.94 -87.27
C GLU B 179 -61.85 90.98 -87.07
N SER B 180 -61.29 89.83 -86.65
CA SER B 180 -59.87 89.72 -86.33
C SER B 180 -59.05 89.24 -87.51
N VAL B 181 -59.66 88.39 -88.34
CA VAL B 181 -59.01 87.78 -89.49
C VAL B 181 -57.90 88.65 -90.08
N GLU B 182 -56.74 88.05 -90.31
CA GLU B 182 -55.60 88.77 -90.87
C GLU B 182 -55.58 88.60 -92.39
N GLY B 183 -55.67 87.37 -92.86
CA GLY B 183 -55.65 87.09 -94.29
C GLY B 183 -57.05 87.06 -94.86
N GLU B 184 -57.32 86.15 -95.77
CA GLU B 184 -58.66 86.01 -96.34
C GLU B 184 -59.54 85.22 -95.38
N PHE B 185 -60.85 85.20 -95.63
CA PHE B 185 -61.81 84.56 -94.72
C PHE B 185 -62.76 83.57 -95.44
N ASN B 186 -62.36 82.31 -95.50
CA ASN B 186 -63.17 81.28 -96.11
C ASN B 186 -62.94 79.95 -95.39
N GLY B 187 -63.27 78.84 -96.04
CA GLY B 187 -63.10 77.53 -95.43
C GLY B 187 -61.67 77.02 -95.50
N ASP B 188 -60.84 77.71 -96.26
CA ASP B 188 -59.46 77.29 -96.46
C ASP B 188 -58.54 78.00 -95.47
N THR B 189 -59.07 79.01 -94.79
CA THR B 189 -58.27 79.76 -93.84
C THR B 189 -58.97 79.85 -92.51
N ILE B 190 -60.02 79.06 -92.35
CA ILE B 190 -60.66 78.88 -91.04
C ILE B 190 -60.59 77.40 -90.65
N GLU B 191 -60.22 77.15 -89.40
CA GLU B 191 -60.30 75.79 -88.88
C GLU B 191 -61.25 75.82 -87.72
N LEU B 192 -62.27 74.97 -87.78
CA LEU B 192 -63.29 74.96 -86.75
C LEU B 192 -63.59 73.51 -86.42
N ALA B 193 -63.69 73.22 -85.13
CA ALA B 193 -64.00 71.89 -84.64
C ALA B 193 -65.11 72.04 -83.63
N ILE B 194 -65.88 70.98 -83.41
CA ILE B 194 -66.92 71.04 -82.39
C ILE B 194 -66.82 69.82 -81.50
N ILE B 195 -67.45 69.87 -80.33
CA ILE B 195 -67.59 68.72 -79.46
C ILE B 195 -69.06 68.51 -79.17
N GLY B 196 -69.75 67.80 -80.06
CA GLY B 196 -71.20 67.72 -79.97
C GLY B 196 -71.78 66.35 -79.74
N ASP B 197 -72.76 66.00 -80.54
CA ASP B 197 -73.39 64.72 -80.44
C ASP B 197 -72.38 63.64 -80.79
N GLU B 198 -72.67 62.41 -80.40
CA GLU B 198 -71.85 61.27 -80.80
C GLU B 198 -72.08 61.02 -82.30
N ASN B 199 -70.98 60.91 -83.05
CA ASN B 199 -71.02 60.62 -84.48
C ASN B 199 -70.76 59.16 -84.77
N PRO B 200 -71.82 58.36 -84.88
CA PRO B 200 -71.59 56.97 -85.22
C PRO B 200 -71.09 56.80 -86.65
N ASP B 201 -71.46 57.72 -87.52
CA ASP B 201 -70.99 57.71 -88.90
C ASP B 201 -69.48 57.49 -88.98
N LEU B 202 -68.78 57.96 -87.96
CA LEU B 202 -67.33 58.08 -88.02
C LEU B 202 -66.59 57.09 -87.16
N LEU B 203 -67.23 55.98 -86.80
CA LEU B 203 -66.59 55.04 -85.88
C LEU B 203 -65.63 54.13 -86.61
N GLY B 204 -66.05 53.66 -87.79
CA GLY B 204 -65.23 52.82 -88.62
C GLY B 204 -65.70 51.40 -88.55
N TYR B 205 -66.65 51.16 -87.64
CA TYR B 205 -67.20 49.82 -87.44
C TYR B 205 -68.58 49.81 -86.79
N THR B 206 -69.25 48.65 -86.87
CA THR B 206 -70.61 48.50 -86.35
C THR B 206 -70.81 47.12 -85.74
N GLY B 207 -71.18 47.07 -84.47
CA GLY B 207 -71.48 45.79 -83.88
C GLY B 207 -71.52 45.76 -82.37
N ILE B 208 -71.02 46.80 -81.73
CA ILE B 208 -71.17 46.92 -80.29
C ILE B 208 -71.92 48.20 -80.03
N PRO B 209 -73.11 48.11 -79.42
CA PRO B 209 -73.98 49.27 -79.29
C PRO B 209 -73.62 50.12 -78.09
N THR B 210 -72.63 49.68 -77.32
CA THR B 210 -72.25 50.36 -76.08
C THR B 210 -71.26 51.51 -76.32
N ASP B 211 -70.47 51.43 -77.38
CA ASP B 211 -69.59 52.53 -77.80
C ASP B 211 -70.11 53.19 -79.08
N LYS B 212 -70.38 54.50 -79.03
CA LYS B 212 -71.14 55.11 -80.10
C LYS B 212 -70.42 56.13 -81.01
N GLY B 213 -69.12 56.30 -80.80
CA GLY B 213 -68.36 57.11 -81.75
C GLY B 213 -67.98 58.52 -81.31
N PRO B 214 -67.14 59.18 -82.10
CA PRO B 214 -66.50 60.43 -81.68
C PRO B 214 -67.44 61.61 -81.50
N ARG B 215 -67.30 62.30 -80.36
CA ARG B 215 -68.00 63.55 -80.18
C ARG B 215 -67.32 64.71 -80.94
N PHE B 216 -66.01 64.57 -81.12
CA PHE B 216 -65.17 65.54 -81.83
C PHE B 216 -65.32 65.45 -83.32
N ARG B 217 -65.76 66.55 -83.95
CA ARG B 217 -65.92 66.63 -85.40
C ARG B 217 -65.25 67.88 -85.92
N LYS B 218 -64.37 67.74 -86.91
CA LYS B 218 -63.70 68.87 -87.52
C LYS B 218 -64.41 69.22 -88.81
N LEU B 219 -65.04 70.40 -88.85
CA LEU B 219 -65.82 70.81 -90.00
C LEU B 219 -65.00 70.95 -91.29
N THR B 220 -65.56 70.47 -92.39
CA THR B 220 -64.85 70.42 -93.65
C THR B 220 -64.80 71.77 -94.33
N SER B 221 -63.89 71.91 -95.27
CA SER B 221 -63.71 73.17 -95.96
C SER B 221 -65.06 73.62 -96.49
N GLN B 222 -65.91 72.67 -96.85
CA GLN B 222 -67.22 72.97 -97.40
C GLN B 222 -68.21 73.45 -96.35
N GLU B 223 -68.29 72.74 -95.24
CA GLU B 223 -69.30 73.02 -94.21
C GLU B 223 -69.18 74.45 -93.75
N ILE B 224 -67.97 74.97 -93.80
CA ILE B 224 -67.69 76.32 -93.32
C ILE B 224 -68.23 77.34 -94.31
N ASN B 225 -67.78 77.25 -95.56
CA ASN B 225 -68.26 78.13 -96.59
C ASN B 225 -69.79 78.19 -96.62
N ASP B 226 -70.43 77.04 -96.42
CA ASP B 226 -71.88 76.96 -96.40
C ASP B 226 -72.49 77.84 -95.32
N ARG B 227 -71.85 77.89 -94.16
CA ARG B 227 -72.35 78.71 -93.05
C ARG B 227 -72.05 80.19 -93.23
N LEU B 228 -71.00 80.50 -93.99
CA LEU B 228 -70.58 81.87 -94.19
C LEU B 228 -71.42 82.61 -95.22
N GLU B 229 -72.12 81.87 -96.07
CA GLU B 229 -73.02 82.47 -97.03
C GLU B 229 -74.31 82.92 -96.33
N ALA B 230 -74.92 82.01 -95.58
CA ALA B 230 -76.07 82.37 -94.74
C ALA B 230 -75.57 82.97 -93.43
N LEU B 231 -74.78 84.03 -93.54
CA LEU B 231 -74.07 84.62 -92.41
C LEU B 231 -74.34 86.12 -92.33
N SER C 1 -27.07 84.93 -47.35
CA SER C 1 -28.25 85.13 -46.53
C SER C 1 -27.92 86.09 -45.35
N PRO C 2 -27.44 87.30 -45.68
CA PRO C 2 -26.76 88.40 -44.97
C PRO C 2 -26.85 88.51 -43.44
N GLU C 3 -28.03 88.73 -42.86
CA GLU C 3 -28.14 89.03 -41.43
C GLU C 3 -28.75 87.87 -40.64
N GLY C 4 -28.87 86.73 -41.29
CA GLY C 4 -29.60 85.62 -40.73
C GLY C 4 -30.97 85.61 -41.38
N ARG C 5 -30.99 85.96 -42.66
CA ARG C 5 -32.25 86.10 -43.38
C ARG C 5 -32.46 85.05 -44.47
N LEU C 6 -33.71 84.63 -44.61
CA LEU C 6 -34.15 83.65 -45.59
C LEU C 6 -34.73 84.38 -46.80
N TYR C 7 -33.86 84.88 -47.69
CA TYR C 7 -34.33 85.81 -48.72
C TYR C 7 -35.35 85.21 -49.69
N GLN C 8 -34.93 84.22 -50.48
CA GLN C 8 -35.83 83.63 -51.47
C GLN C 8 -37.17 83.22 -50.85
N VAL C 9 -37.21 83.19 -49.51
CA VAL C 9 -38.42 82.83 -48.78
C VAL C 9 -39.34 84.00 -48.54
N GLU C 10 -38.79 85.06 -47.94
CA GLU C 10 -39.53 86.30 -47.73
C GLU C 10 -40.11 86.75 -49.08
N TYR C 11 -39.36 86.49 -50.15
CA TYR C 11 -39.78 86.79 -51.53
C TYR C 11 -41.16 86.21 -51.79
N ALA C 12 -41.29 84.93 -51.49
CA ALA C 12 -42.51 84.22 -51.78
C ALA C 12 -43.52 84.33 -50.61
N LEU C 13 -43.02 84.57 -49.40
CA LEU C 13 -43.85 84.78 -48.21
C LEU C 13 -44.67 86.07 -48.33
N GLU C 14 -44.14 87.04 -49.06
CA GLU C 14 -44.86 88.30 -49.29
C GLU C 14 -45.55 88.31 -50.65
N SER C 15 -45.17 87.37 -51.52
CA SER C 15 -45.89 87.15 -52.75
C SER C 15 -47.24 86.54 -52.38
N ILE C 16 -47.31 86.01 -51.17
CA ILE C 16 -48.54 85.42 -50.64
C ILE C 16 -49.49 86.50 -50.17
N SER C 17 -48.96 87.50 -49.47
CA SER C 17 -49.80 88.59 -49.01
C SER C 17 -50.39 89.36 -50.18
N HIS C 18 -50.11 88.89 -51.39
CA HIS C 18 -50.77 89.43 -52.59
C HIS C 18 -51.98 88.57 -52.94
N ALA C 19 -51.75 87.36 -53.46
CA ALA C 19 -52.84 86.48 -53.88
C ALA C 19 -53.77 86.08 -52.72
N GLY C 20 -55.01 85.73 -53.04
CA GLY C 20 -55.97 85.13 -52.11
C GLY C 20 -56.16 85.74 -50.73
N THR C 21 -57.12 85.19 -49.98
CA THR C 21 -57.34 85.49 -48.55
C THR C 21 -58.11 84.33 -47.94
N ALA C 22 -57.52 83.65 -46.95
CA ALA C 22 -58.15 82.46 -46.35
C ALA C 22 -58.24 82.52 -44.82
N ILE C 23 -59.23 81.81 -44.28
CA ILE C 23 -59.52 81.87 -42.85
C ILE C 23 -59.82 80.48 -42.27
N GLY C 24 -59.41 80.25 -41.02
CA GLY C 24 -59.78 79.03 -40.31
C GLY C 24 -60.22 79.34 -38.88
N ILE C 25 -61.35 78.80 -38.45
CA ILE C 25 -61.80 78.99 -37.09
C ILE C 25 -62.13 77.65 -36.44
N MET C 26 -61.47 77.32 -35.34
CA MET C 26 -61.79 76.10 -34.62
C MET C 26 -62.84 76.34 -33.55
N ALA C 27 -64.02 75.77 -33.75
CA ALA C 27 -65.05 75.78 -32.72
C ALA C 27 -64.80 74.61 -31.76
N SER C 28 -65.63 74.50 -30.73
CA SER C 28 -65.47 73.44 -29.75
C SER C 28 -65.93 72.10 -30.31
N ASP C 29 -66.86 72.13 -31.26
CA ASP C 29 -67.40 70.91 -31.86
C ASP C 29 -67.41 70.92 -33.38
N GLY C 30 -66.45 71.61 -33.98
CA GLY C 30 -66.33 71.65 -35.42
C GLY C 30 -65.19 72.56 -35.87
N ILE C 31 -64.90 72.56 -37.17
CA ILE C 31 -63.87 73.44 -37.74
C ILE C 31 -64.39 74.09 -39.01
N VAL C 32 -63.84 75.25 -39.37
CA VAL C 32 -64.36 76.02 -40.50
C VAL C 32 -63.25 76.53 -41.41
N LEU C 33 -63.43 76.36 -42.73
CA LEU C 33 -62.51 76.90 -43.71
C LEU C 33 -63.23 77.81 -44.68
N ALA C 34 -62.49 78.76 -45.25
CA ALA C 34 -63.05 79.79 -46.14
C ALA C 34 -61.98 80.51 -46.99
N ALA C 35 -62.35 80.89 -48.22
CA ALA C 35 -61.44 81.68 -49.08
C ALA C 35 -62.15 82.65 -50.06
N GLU C 36 -61.46 83.73 -50.43
CA GLU C 36 -61.91 84.63 -51.49
C GLU C 36 -61.27 84.18 -52.79
N ARG C 37 -61.95 84.36 -53.93
CA ARG C 37 -61.43 83.92 -55.23
C ARG C 37 -60.72 85.01 -56.03
N LYS C 38 -59.66 84.63 -56.74
CA LYS C 38 -58.83 85.57 -57.52
C LYS C 38 -59.66 86.47 -58.46
N VAL C 39 -59.05 87.54 -58.97
CA VAL C 39 -59.72 88.51 -59.86
C VAL C 39 -60.52 87.83 -60.99
N THR C 40 -61.84 87.82 -60.84
CA THR C 40 -62.70 87.02 -61.72
C THR C 40 -63.22 87.81 -62.92
N SER C 41 -63.24 87.15 -64.08
CA SER C 41 -63.91 87.69 -65.27
C SER C 41 -65.35 87.19 -65.35
N THR C 42 -66.21 87.91 -66.08
CA THR C 42 -67.62 87.51 -66.19
C THR C 42 -67.73 86.10 -66.72
N LEU C 43 -66.83 85.77 -67.62
CA LEU C 43 -66.92 84.55 -68.42
C LEU C 43 -66.21 83.34 -67.80
N LEU C 44 -65.43 83.55 -66.75
CA LEU C 44 -64.82 82.43 -66.02
C LEU C 44 -65.92 81.57 -65.43
N GLU C 45 -65.77 80.25 -65.56
CA GLU C 45 -66.76 79.31 -65.06
C GLU C 45 -66.63 79.16 -63.57
N GLN C 46 -67.56 79.75 -62.83
CA GLN C 46 -67.52 79.72 -61.37
C GLN C 46 -67.43 78.28 -60.86
N ASP C 47 -68.52 77.54 -61.00
CA ASP C 47 -68.60 76.19 -60.43
C ASP C 47 -67.83 75.14 -61.23
N THR C 48 -66.66 74.75 -60.70
CA THR C 48 -65.84 73.68 -61.25
C THR C 48 -64.59 73.63 -60.41
N SER C 49 -63.76 74.64 -60.62
CA SER C 49 -62.49 74.79 -59.95
C SER C 49 -62.47 74.06 -58.63
N THR C 50 -63.20 74.61 -57.67
CA THR C 50 -62.84 74.40 -56.28
C THR C 50 -61.34 74.60 -56.32
N GLU C 51 -60.95 75.85 -56.58
CA GLU C 51 -59.59 76.23 -56.95
C GLU C 51 -58.66 76.52 -55.75
N LYS C 52 -59.25 76.87 -54.62
CA LYS C 52 -58.46 77.19 -53.43
C LYS C 52 -58.94 76.44 -52.16
N LEU C 53 -59.81 75.45 -52.34
CA LEU C 53 -60.19 74.60 -51.23
C LEU C 53 -60.17 73.14 -51.67
N TYR C 54 -59.17 72.39 -51.20
CA TYR C 54 -58.93 71.03 -51.64
C TYR C 54 -59.12 69.99 -50.53
N LYS C 55 -59.74 68.85 -50.87
CA LYS C 55 -59.90 67.75 -49.94
C LYS C 55 -58.62 66.89 -49.94
N LEU C 56 -58.14 66.52 -48.77
CA LEU C 56 -56.94 65.68 -48.66
C LEU C 56 -57.29 64.22 -48.33
N ASN C 57 -58.20 64.06 -47.37
CA ASN C 57 -58.79 62.76 -47.08
C ASN C 57 -60.16 62.99 -46.43
N ASP C 58 -60.90 61.94 -46.14
CA ASP C 58 -62.25 62.10 -45.63
C ASP C 58 -62.32 62.84 -44.30
N LYS C 59 -61.17 63.13 -43.73
CA LYS C 59 -61.09 63.70 -42.38
C LYS C 59 -60.13 64.91 -42.31
N ILE C 60 -59.61 65.34 -43.45
CA ILE C 60 -58.64 66.45 -43.50
C ILE C 60 -58.82 67.28 -44.76
N ALA C 61 -58.59 68.59 -44.65
CA ALA C 61 -58.73 69.49 -45.79
C ALA C 61 -57.93 70.75 -45.63
N VAL C 62 -57.54 71.35 -46.76
CA VAL C 62 -56.71 72.54 -46.72
C VAL C 62 -57.28 73.71 -47.48
N ALA C 63 -57.03 74.90 -46.96
CA ALA C 63 -57.29 76.11 -47.68
C ALA C 63 -55.96 76.60 -48.22
N VAL C 64 -55.98 77.17 -49.42
CA VAL C 64 -54.76 77.65 -50.07
C VAL C 64 -54.74 79.17 -50.27
N ALA C 65 -53.56 79.74 -50.12
CA ALA C 65 -53.33 81.13 -50.46
C ALA C 65 -51.97 81.17 -51.14
N GLY C 66 -51.97 81.18 -52.47
CA GLY C 66 -50.72 81.10 -53.21
C GLY C 66 -50.95 80.73 -54.66
N LEU C 67 -49.87 80.36 -55.35
CA LEU C 67 -49.99 79.97 -56.74
C LEU C 67 -50.66 78.60 -56.85
N THR C 68 -51.75 78.54 -57.59
CA THR C 68 -52.50 77.31 -57.73
C THR C 68 -51.62 76.16 -58.28
N ALA C 69 -51.12 76.25 -59.50
CA ALA C 69 -50.28 75.19 -60.07
C ALA C 69 -49.17 74.70 -59.14
N ASP C 70 -48.86 75.48 -58.11
CA ASP C 70 -47.79 75.18 -57.16
C ASP C 70 -48.29 74.35 -55.99
N ALA C 71 -49.51 74.61 -55.55
CA ALA C 71 -50.07 73.86 -54.43
C ALA C 71 -50.52 72.49 -54.88
N GLU C 72 -51.00 72.38 -56.11
CA GLU C 72 -51.44 71.08 -56.65
C GLU C 72 -50.29 70.06 -56.66
N ILE C 73 -49.08 70.57 -56.82
CA ILE C 73 -47.93 69.70 -56.83
C ILE C 73 -47.70 69.16 -55.43
N LEU C 74 -47.98 69.97 -54.43
CA LEU C 74 -47.90 69.58 -53.03
C LEU C 74 -49.04 68.66 -52.62
N ILE C 75 -50.27 69.11 -52.84
CA ILE C 75 -51.46 68.36 -52.47
C ILE C 75 -51.48 66.97 -53.07
N ASN C 76 -51.15 66.85 -54.34
CA ASN C 76 -51.06 65.55 -54.95
C ASN C 76 -50.19 64.61 -54.11
N THR C 77 -49.08 65.08 -53.56
CA THR C 77 -48.21 64.20 -52.79
C THR C 77 -48.65 64.03 -51.33
N ALA C 78 -49.55 64.88 -50.86
CA ALA C 78 -50.05 64.76 -49.49
C ALA C 78 -51.26 63.84 -49.44
N ARG C 79 -52.04 63.78 -50.53
CA ARG C 79 -53.20 62.89 -50.60
C ARG C 79 -52.72 61.44 -50.62
N ILE C 80 -51.47 61.29 -51.05
CA ILE C 80 -50.79 60.01 -51.16
C ILE C 80 -50.20 59.56 -49.83
N HIS C 81 -49.49 60.44 -49.13
CA HIS C 81 -49.00 60.11 -47.80
C HIS C 81 -50.18 59.61 -46.97
N ALA C 82 -51.32 60.29 -47.05
CA ALA C 82 -52.51 59.84 -46.35
C ALA C 82 -52.72 58.35 -46.59
N GLN C 83 -52.86 57.97 -47.85
CA GLN C 83 -53.19 56.61 -48.22
C GLN C 83 -52.10 55.59 -47.96
N ASN C 84 -50.84 56.03 -47.85
CA ASN C 84 -49.72 55.13 -47.54
C ASN C 84 -49.73 54.80 -46.08
N TYR C 85 -50.22 55.74 -45.27
CA TYR C 85 -50.32 55.54 -43.82
C TYR C 85 -51.56 54.69 -43.52
N LEU C 86 -52.43 54.53 -44.51
CA LEU C 86 -53.55 53.63 -44.39
C LEU C 86 -53.09 52.21 -44.73
N LYS C 87 -52.82 51.99 -46.01
CA LYS C 87 -52.29 50.70 -46.48
C LYS C 87 -51.20 50.14 -45.56
N THR C 88 -50.63 50.99 -44.72
CA THR C 88 -49.53 50.54 -43.88
C THR C 88 -49.97 50.19 -42.48
N TYR C 89 -50.67 51.09 -41.80
CA TYR C 89 -51.13 50.85 -40.43
C TYR C 89 -52.64 50.63 -40.28
N ASN C 90 -53.38 50.67 -41.38
CA ASN C 90 -54.83 50.47 -41.36
C ASN C 90 -55.55 51.36 -40.34
N GLU C 91 -54.96 52.52 -40.07
CA GLU C 91 -55.62 53.61 -39.34
C GLU C 91 -55.53 54.90 -40.18
N ASP C 92 -56.50 55.80 -40.03
CA ASP C 92 -56.48 57.08 -40.74
C ASP C 92 -55.32 57.95 -40.24
N ILE C 93 -54.62 58.61 -41.16
CA ILE C 93 -53.46 59.41 -40.80
C ILE C 93 -53.79 60.58 -39.87
N PRO C 94 -53.01 60.74 -38.78
CA PRO C 94 -53.13 61.79 -37.76
C PRO C 94 -52.74 63.14 -38.32
N VAL C 95 -53.48 64.20 -38.00
CA VAL C 95 -53.28 65.47 -38.69
C VAL C 95 -51.86 65.98 -38.58
N GLU C 96 -51.31 66.12 -37.36
CA GLU C 96 -49.96 66.66 -37.24
C GLU C 96 -48.92 65.96 -38.14
N ILE C 97 -49.10 64.67 -38.38
CA ILE C 97 -48.11 63.89 -39.10
C ILE C 97 -48.15 64.23 -40.55
N LEU C 98 -49.32 64.59 -41.04
CA LEU C 98 -49.48 64.96 -42.44
C LEU C 98 -48.91 66.34 -42.64
N VAL C 99 -49.26 67.24 -41.74
CA VAL C 99 -48.75 68.61 -41.77
C VAL C 99 -47.23 68.60 -41.77
N ARG C 100 -46.63 67.98 -40.76
CA ARG C 100 -45.18 67.86 -40.74
C ARG C 100 -44.65 67.28 -42.06
N ARG C 101 -45.36 66.33 -42.65
CA ARG C 101 -44.82 65.68 -43.83
C ARG C 101 -44.67 66.68 -44.94
N LEU C 102 -45.59 67.65 -45.02
CA LEU C 102 -45.48 68.69 -46.04
C LEU C 102 -44.44 69.72 -45.64
N SER C 103 -44.66 70.36 -44.50
CA SER C 103 -43.72 71.33 -43.96
C SER C 103 -42.26 70.91 -44.16
N ASP C 104 -42.04 69.60 -44.22
CA ASP C 104 -40.70 69.06 -44.38
C ASP C 104 -40.27 69.09 -45.84
N ILE C 105 -41.23 69.12 -46.76
CA ILE C 105 -40.88 69.19 -48.18
C ILE C 105 -40.70 70.64 -48.55
N LYS C 106 -41.45 71.51 -47.89
CA LYS C 106 -41.34 72.95 -48.09
C LYS C 106 -39.94 73.35 -47.67
N GLN C 107 -39.56 72.98 -46.45
CA GLN C 107 -38.23 73.29 -45.95
C GLN C 107 -37.18 72.53 -46.76
N GLY C 108 -37.60 71.61 -47.61
CA GLY C 108 -36.66 70.85 -48.41
C GLY C 108 -35.96 71.72 -49.46
N TYR C 109 -36.64 72.79 -49.86
CA TYR C 109 -36.14 73.69 -50.87
C TYR C 109 -35.54 74.91 -50.19
N THR C 110 -36.01 75.15 -48.97
CA THR C 110 -35.53 76.21 -48.12
C THR C 110 -34.08 75.93 -47.69
N GLN C 111 -33.40 75.04 -48.42
CA GLN C 111 -32.08 74.56 -47.98
C GLN C 111 -31.26 73.85 -49.05
N HIS C 112 -31.88 72.92 -49.77
CA HIS C 112 -31.23 72.36 -50.94
C HIS C 112 -31.38 73.42 -52.01
N GLY C 113 -30.71 74.56 -51.79
CA GLY C 113 -30.94 75.80 -52.52
C GLY C 113 -30.63 75.77 -54.00
N GLY C 114 -30.83 74.60 -54.61
CA GLY C 114 -30.67 74.40 -56.04
C GLY C 114 -31.98 74.34 -56.80
N LEU C 115 -33.10 74.49 -56.09
CA LEU C 115 -34.42 74.60 -56.71
C LEU C 115 -35.28 75.61 -55.96
N ARG C 116 -36.33 76.12 -56.60
CA ARG C 116 -37.05 77.29 -56.07
C ARG C 116 -38.21 76.99 -55.11
N PRO C 117 -38.20 77.63 -53.93
CA PRO C 117 -39.20 77.54 -52.87
C PRO C 117 -40.66 77.46 -53.33
N PHE C 118 -41.57 77.36 -52.36
CA PHE C 118 -42.97 77.14 -52.67
C PHE C 118 -43.77 78.41 -52.49
N GLY C 119 -44.71 78.66 -53.41
CA GLY C 119 -45.67 79.74 -53.22
C GLY C 119 -46.46 79.36 -52.00
N VAL C 120 -47.76 79.60 -52.01
CA VAL C 120 -48.64 78.79 -51.19
C VAL C 120 -48.43 78.85 -49.68
N SER C 121 -49.50 79.08 -48.95
CA SER C 121 -49.53 78.93 -47.50
C SER C 121 -50.81 78.18 -47.18
N PHE C 122 -50.74 77.24 -46.25
CA PHE C 122 -51.90 76.41 -45.98
C PHE C 122 -52.54 76.66 -44.63
N ILE C 123 -53.87 76.61 -44.62
CA ILE C 123 -54.59 76.31 -43.39
C ILE C 123 -55.09 74.88 -43.53
N TYR C 124 -54.79 74.04 -42.54
CA TYR C 124 -55.29 72.67 -42.55
C TYR C 124 -56.38 72.52 -41.50
N ALA C 125 -57.48 71.87 -41.87
CA ALA C 125 -58.52 71.56 -40.88
C ALA C 125 -58.74 70.05 -40.87
N GLY C 126 -58.54 69.43 -39.73
CA GLY C 126 -58.63 67.98 -39.64
C GLY C 126 -59.09 67.46 -38.30
N TYR C 127 -59.60 66.24 -38.31
CA TYR C 127 -59.92 65.53 -37.08
C TYR C 127 -59.25 64.19 -37.02
N ASP C 128 -58.63 63.90 -35.88
CA ASP C 128 -58.13 62.56 -35.59
C ASP C 128 -58.36 62.28 -34.10
N ASP C 129 -58.61 61.01 -33.77
CA ASP C 129 -59.07 60.68 -32.43
C ASP C 129 -57.99 60.77 -31.34
N ARG C 130 -56.84 61.34 -31.68
CA ARG C 130 -55.78 61.56 -30.69
C ARG C 130 -55.81 62.98 -30.12
N TYR C 131 -55.92 63.98 -31.01
CA TYR C 131 -56.04 65.38 -30.61
C TYR C 131 -57.27 65.99 -31.25
N GLY C 132 -58.42 65.84 -30.61
CA GLY C 132 -59.67 66.38 -31.13
C GLY C 132 -59.64 67.02 -32.51
N TYR C 133 -60.34 68.12 -32.66
CA TYR C 133 -60.27 68.86 -33.91
C TYR C 133 -59.00 69.69 -33.91
N GLN C 134 -58.42 69.88 -35.08
CA GLN C 134 -57.15 70.60 -35.19
C GLN C 134 -57.12 71.70 -36.27
N LEU C 135 -56.35 72.75 -36.02
CA LEU C 135 -56.16 73.80 -37.01
C LEU C 135 -54.68 74.15 -37.11
N TYR C 136 -54.15 74.12 -38.34
CA TYR C 136 -52.71 74.24 -38.57
C TYR C 136 -52.40 75.27 -39.65
N THR C 137 -51.12 75.67 -39.73
CA THR C 137 -50.67 76.66 -40.70
C THR C 137 -49.33 76.29 -41.30
N SER C 138 -49.12 76.66 -42.55
CA SER C 138 -47.95 76.20 -43.27
C SER C 138 -47.35 77.22 -44.25
N ASN C 139 -46.51 78.14 -43.77
CA ASN C 139 -45.80 79.04 -44.68
C ASN C 139 -44.63 78.33 -45.31
N PRO C 140 -44.13 78.82 -46.45
CA PRO C 140 -43.07 78.08 -47.14
C PRO C 140 -41.78 78.14 -46.36
N SER C 141 -41.84 78.74 -45.17
CA SER C 141 -40.71 78.82 -44.24
C SER C 141 -40.31 77.41 -43.85
N GLY C 142 -41.34 76.58 -43.68
CA GLY C 142 -41.20 75.21 -43.24
C GLY C 142 -41.90 75.02 -41.90
N ASN C 143 -42.33 76.11 -41.29
CA ASN C 143 -42.91 76.06 -39.95
C ASN C 143 -44.40 75.83 -39.94
N TYR C 144 -44.87 75.13 -38.91
CA TYR C 144 -46.30 74.99 -38.72
C TYR C 144 -46.62 75.38 -37.30
N THR C 145 -47.87 75.75 -37.05
CA THR C 145 -48.25 76.32 -35.78
C THR C 145 -49.70 75.99 -35.44
N GLY C 146 -50.01 75.91 -34.15
CA GLY C 146 -51.36 75.59 -33.74
C GLY C 146 -52.22 76.85 -33.69
N TRP C 147 -53.50 76.73 -34.05
CA TRP C 147 -54.39 77.89 -34.11
C TRP C 147 -55.85 77.62 -33.68
N LYS C 148 -56.41 78.52 -32.88
CA LYS C 148 -57.83 78.50 -32.53
C LYS C 148 -58.58 79.28 -33.59
N ALA C 149 -57.82 79.99 -34.42
CA ALA C 149 -58.36 80.87 -35.47
C ALA C 149 -57.21 81.59 -36.17
N ILE C 150 -57.24 81.63 -37.50
CA ILE C 150 -56.06 82.05 -38.28
C ILE C 150 -56.41 82.58 -39.68
N SER C 151 -55.44 83.20 -40.35
CA SER C 151 -55.64 83.76 -41.69
C SER C 151 -54.34 83.92 -42.47
N VAL C 152 -54.40 83.75 -43.79
CA VAL C 152 -53.23 83.95 -44.66
C VAL C 152 -53.59 84.69 -45.91
N GLY C 153 -52.62 85.41 -46.47
CA GLY C 153 -52.81 86.16 -47.69
C GLY C 153 -52.99 87.65 -47.51
N ALA C 154 -53.51 88.31 -48.55
CA ALA C 154 -53.68 89.75 -48.51
C ALA C 154 -54.57 90.15 -47.35
N ASN C 155 -54.39 91.38 -46.87
CA ASN C 155 -55.16 91.86 -45.72
C ASN C 155 -55.09 90.88 -44.55
N THR C 156 -53.95 90.26 -44.37
CA THR C 156 -53.83 89.29 -43.30
C THR C 156 -53.84 89.98 -41.95
N SER C 157 -52.93 90.94 -41.80
CA SER C 157 -52.67 91.61 -40.54
C SER C 157 -53.93 92.25 -39.99
N ALA C 158 -54.88 92.49 -40.89
CA ALA C 158 -56.12 93.16 -40.53
C ALA C 158 -57.15 92.22 -39.90
N ALA C 159 -57.40 91.08 -40.55
CA ALA C 159 -58.42 90.15 -40.07
C ALA C 159 -58.04 89.52 -38.75
N GLN C 160 -56.74 89.27 -38.59
CA GLN C 160 -56.23 88.67 -37.37
C GLN C 160 -56.69 89.48 -36.16
N THR C 161 -57.07 90.72 -36.42
CA THR C 161 -57.46 91.62 -35.35
C THR C 161 -58.93 91.48 -35.00
N LEU C 162 -59.79 91.42 -36.02
CA LEU C 162 -61.22 91.25 -35.77
C LEU C 162 -61.48 89.89 -35.17
N LEU C 163 -60.67 88.93 -35.60
CA LEU C 163 -60.79 87.55 -35.14
C LEU C 163 -60.52 87.48 -33.66
N GLN C 164 -59.42 88.12 -33.27
CA GLN C 164 -58.99 88.14 -31.89
C GLN C 164 -60.09 88.70 -31.01
N MET C 165 -60.96 89.49 -31.64
CA MET C 165 -61.98 90.27 -30.92
C MET C 165 -63.29 89.54 -30.66
N ASP C 166 -63.82 88.90 -31.69
CA ASP C 166 -65.13 88.26 -31.59
C ASP C 166 -65.06 86.79 -31.19
N TYR C 167 -63.85 86.23 -31.06
CA TYR C 167 -63.72 84.81 -30.74
C TYR C 167 -63.92 84.49 -29.26
N LYS C 168 -64.66 83.42 -29.00
CA LYS C 168 -64.86 82.90 -27.65
C LYS C 168 -64.64 81.38 -27.66
N ASP C 169 -64.00 80.85 -26.61
CA ASP C 169 -63.65 79.43 -26.58
C ASP C 169 -64.86 78.50 -26.58
N ASP C 170 -65.98 78.97 -26.00
CA ASP C 170 -67.19 78.14 -25.91
C ASP C 170 -67.92 78.03 -27.24
N MET C 171 -67.42 78.74 -28.24
CA MET C 171 -68.05 78.86 -29.55
C MET C 171 -68.59 77.54 -30.11
N LYS C 172 -69.78 77.59 -30.70
CA LYS C 172 -70.35 76.44 -31.40
C LYS C 172 -69.79 76.42 -32.81
N VAL C 173 -70.38 75.64 -33.72
CA VAL C 173 -69.89 75.60 -35.09
C VAL C 173 -70.54 76.68 -35.94
N ASP C 174 -71.86 76.82 -35.81
CA ASP C 174 -72.59 77.83 -36.54
C ASP C 174 -72.18 79.24 -36.11
N ASP C 175 -71.81 79.39 -34.84
CA ASP C 175 -71.32 80.66 -34.34
C ASP C 175 -70.02 81.02 -35.06
N ALA C 176 -69.25 80.02 -35.44
CA ALA C 176 -67.95 80.23 -36.05
C ALA C 176 -68.06 80.35 -37.54
N ILE C 177 -69.16 79.87 -38.11
CA ILE C 177 -69.43 80.05 -39.52
C ILE C 177 -69.66 81.53 -39.78
N GLU C 178 -70.34 82.17 -38.84
CA GLU C 178 -70.62 83.59 -38.94
C GLU C 178 -69.32 84.37 -38.76
N LEU C 179 -68.65 84.16 -37.63
CA LEU C 179 -67.41 84.89 -37.35
C LEU C 179 -66.49 84.89 -38.55
N ALA C 180 -66.50 83.82 -39.35
CA ALA C 180 -65.65 83.73 -40.53
C ALA C 180 -66.14 84.64 -41.64
N LEU C 181 -67.43 84.56 -41.97
CA LEU C 181 -68.00 85.46 -42.97
C LEU C 181 -67.99 86.92 -42.49
N LYS C 182 -68.59 87.17 -41.32
CA LYS C 182 -68.63 88.50 -40.70
C LYS C 182 -67.29 89.21 -40.91
N THR C 183 -66.18 88.56 -40.54
CA THR C 183 -64.88 89.22 -40.62
C THR C 183 -64.17 89.09 -41.98
N LEU C 184 -64.89 88.61 -42.99
CA LEU C 184 -64.57 88.96 -44.36
C LEU C 184 -65.51 90.10 -44.79
N SER C 185 -66.06 90.81 -43.80
CA SER C 185 -66.60 92.15 -44.02
C SER C 185 -65.38 92.94 -44.45
N LYS C 186 -64.57 93.37 -43.47
CA LYS C 186 -63.36 94.15 -43.75
C LYS C 186 -62.52 93.58 -44.87
N THR C 187 -61.72 92.58 -44.53
CA THR C 187 -60.67 92.05 -45.39
C THR C 187 -61.12 91.65 -46.80
N THR C 188 -61.83 92.56 -47.46
CA THR C 188 -62.33 92.33 -48.78
C THR C 188 -62.09 93.55 -49.62
N ASP C 189 -61.26 93.42 -50.65
CA ASP C 189 -61.01 94.54 -51.53
C ASP C 189 -62.23 94.78 -52.42
N SER C 190 -63.03 93.75 -52.63
CA SER C 190 -64.25 93.91 -53.40
C SER C 190 -65.35 94.45 -52.50
N SER C 191 -65.77 95.69 -52.74
CA SER C 191 -66.89 96.26 -52.00
C SER C 191 -68.11 95.37 -52.22
N ALA C 192 -68.60 94.76 -51.14
CA ALA C 192 -69.72 93.81 -51.15
C ALA C 192 -69.33 92.37 -51.52
N LEU C 193 -69.70 91.42 -50.67
CA LEU C 193 -69.29 90.02 -50.81
C LEU C 193 -70.38 89.13 -51.39
N THR C 194 -70.04 88.44 -52.47
CA THR C 194 -70.99 87.60 -53.18
C THR C 194 -70.75 86.11 -52.93
N TYR C 195 -71.73 85.28 -53.28
CA TYR C 195 -71.57 83.84 -53.14
C TYR C 195 -70.54 83.27 -54.13
N ASP C 196 -70.29 83.98 -55.23
CA ASP C 196 -69.41 83.49 -56.27
C ASP C 196 -67.93 83.82 -56.04
N ARG C 197 -67.66 84.81 -55.18
CA ARG C 197 -66.29 85.12 -54.78
C ARG C 197 -65.86 84.21 -53.64
N LEU C 198 -66.68 83.20 -53.33
CA LEU C 198 -66.45 82.36 -52.16
C LEU C 198 -66.30 80.84 -52.38
N GLU C 199 -65.73 80.20 -51.36
CA GLU C 199 -65.54 78.76 -51.32
C GLU C 199 -65.52 78.44 -49.84
N PHE C 200 -66.19 77.37 -49.42
CA PHE C 200 -66.40 77.14 -48.00
C PHE C 200 -66.26 75.68 -47.67
N ALA C 201 -66.05 75.37 -46.39
CA ALA C 201 -65.90 73.97 -45.94
C ALA C 201 -66.13 73.79 -44.43
N THR C 202 -66.61 72.61 -44.04
CA THR C 202 -66.82 72.31 -42.62
C THR C 202 -66.45 70.88 -42.26
N ILE C 203 -65.90 70.72 -41.06
CA ILE C 203 -65.73 69.41 -40.46
C ILE C 203 -66.46 69.32 -39.11
N ARG C 204 -67.69 68.82 -39.14
CA ARG C 204 -68.59 68.86 -37.98
C ARG C 204 -68.66 67.53 -37.25
N LYS C 205 -69.41 67.50 -36.15
CA LYS C 205 -69.59 66.28 -35.36
C LYS C 205 -70.62 65.37 -36.03
N GLY C 206 -70.60 65.35 -37.37
CA GLY C 206 -71.47 64.49 -38.14
C GLY C 206 -72.90 65.00 -38.23
N ALA C 207 -73.59 64.65 -39.31
CA ALA C 207 -74.98 65.04 -39.49
C ALA C 207 -75.90 64.10 -38.69
N ASN C 208 -75.31 63.26 -37.85
CA ASN C 208 -76.06 62.21 -37.16
C ASN C 208 -75.52 61.80 -35.77
N ASP C 209 -74.37 61.12 -35.77
CA ASP C 209 -73.90 60.39 -34.60
C ASP C 209 -72.77 61.06 -33.85
N GLY C 210 -71.94 60.23 -33.26
CA GLY C 210 -70.65 60.64 -32.75
C GLY C 210 -69.61 60.24 -33.77
N GLU C 211 -69.52 61.02 -34.84
CA GLU C 211 -68.50 60.80 -35.86
C GLU C 211 -68.17 62.08 -36.64
N VAL C 212 -67.70 61.95 -37.87
CA VAL C 212 -67.14 63.10 -38.58
C VAL C 212 -67.42 63.23 -40.08
N TYR C 213 -68.40 64.07 -40.41
CA TYR C 213 -68.76 64.40 -41.79
C TYR C 213 -67.87 65.52 -42.31
N GLN C 214 -67.56 65.50 -43.60
CA GLN C 214 -66.85 66.61 -44.23
C GLN C 214 -67.68 67.19 -45.37
N LYS C 215 -67.58 68.49 -45.59
CA LYS C 215 -68.55 69.21 -46.43
C LYS C 215 -67.96 70.42 -47.14
N ILE C 216 -67.58 70.26 -48.40
CA ILE C 216 -67.21 71.41 -49.23
C ILE C 216 -68.49 71.97 -49.83
N PHE C 217 -68.79 73.21 -49.49
CA PHE C 217 -70.06 73.80 -49.86
C PHE C 217 -70.25 73.96 -51.37
N LYS C 218 -71.43 73.58 -51.85
CA LYS C 218 -71.81 73.88 -53.23
C LYS C 218 -72.31 75.33 -53.27
N PRO C 219 -72.10 76.02 -54.40
CA PRO C 219 -72.44 77.42 -54.52
C PRO C 219 -73.77 77.80 -53.85
N GLN C 220 -74.84 77.09 -54.18
CA GLN C 220 -76.15 77.39 -53.60
C GLN C 220 -76.15 77.41 -52.07
N GLU C 221 -75.45 76.47 -51.45
CA GLU C 221 -75.40 76.36 -50.00
C GLU C 221 -74.72 77.57 -49.38
N ILE C 222 -73.86 78.22 -50.15
CA ILE C 222 -73.20 79.44 -49.70
C ILE C 222 -74.16 80.63 -49.70
N LYS C 223 -74.80 80.87 -50.84
CA LYS C 223 -75.80 81.93 -50.98
C LYS C 223 -76.92 81.76 -49.95
N ASP C 224 -76.94 80.59 -49.31
CA ASP C 224 -77.94 80.29 -48.28
C ASP C 224 -77.47 80.74 -46.91
N ILE C 225 -76.18 80.54 -46.62
CA ILE C 225 -75.61 80.93 -45.33
C ILE C 225 -75.17 82.40 -45.38
N LEU C 226 -74.90 82.87 -46.60
CA LEU C 226 -74.66 84.29 -46.84
C LEU C 226 -75.93 85.01 -46.46
N VAL C 227 -77.06 84.34 -46.67
CA VAL C 227 -78.37 84.86 -46.34
C VAL C 227 -78.50 85.27 -44.88
N LYS C 228 -77.79 84.57 -43.99
CA LYS C 228 -77.85 84.89 -42.56
C LYS C 228 -77.46 86.33 -42.20
N THR C 229 -76.62 86.97 -43.01
CA THR C 229 -76.43 88.43 -42.95
C THR C 229 -75.79 89.01 -44.20
N GLY C 230 -74.51 88.69 -44.42
CA GLY C 230 -73.76 89.16 -45.57
C GLY C 230 -74.62 89.87 -46.61
N ILE C 231 -75.10 89.14 -47.62
CA ILE C 231 -76.05 89.70 -48.58
C ILE C 231 -77.33 88.87 -48.63
N THR C 232 -78.43 89.49 -49.05
CA THR C 232 -79.76 88.87 -48.92
C THR C 232 -80.71 89.09 -50.12
N ILE D 1 -15.45 80.97 -49.95
CA ILE D 1 -16.66 80.31 -49.45
C ILE D 1 -16.91 80.70 -47.97
N PHE D 2 -17.88 81.60 -47.76
CA PHE D 2 -18.11 82.20 -46.44
C PHE D 2 -19.50 81.94 -45.84
N GLN D 3 -20.45 81.43 -46.63
CA GLN D 3 -21.87 81.35 -46.19
C GLN D 3 -22.08 80.76 -44.79
N VAL D 4 -21.09 80.07 -44.26
CA VAL D 4 -21.19 79.48 -42.92
C VAL D 4 -21.59 80.52 -41.88
N GLU D 5 -20.79 81.58 -41.81
CA GLU D 5 -20.95 82.59 -40.79
C GLU D 5 -22.36 83.20 -40.82
N TYR D 6 -22.93 83.32 -42.01
CA TYR D 6 -24.25 83.93 -42.15
C TYR D 6 -25.30 83.11 -41.41
N ALA D 7 -25.25 81.80 -41.59
CA ALA D 7 -26.19 80.90 -40.94
C ALA D 7 -26.04 81.02 -39.43
N LEU D 8 -24.79 81.01 -38.98
CA LEU D 8 -24.47 81.16 -37.57
C LEU D 8 -25.14 82.42 -37.01
N GLU D 9 -25.55 83.32 -37.91
CA GLU D 9 -26.27 84.52 -37.53
C GLU D 9 -27.70 84.19 -37.11
N ALA D 10 -28.35 83.35 -37.90
CA ALA D 10 -29.72 82.94 -37.64
C ALA D 10 -29.85 82.26 -36.29
N VAL D 11 -28.84 81.48 -35.94
CA VAL D 11 -28.70 80.99 -34.59
C VAL D 11 -29.07 82.11 -33.63
N LYS D 12 -28.24 83.14 -33.61
CA LYS D 12 -28.42 84.30 -32.75
C LYS D 12 -29.89 84.67 -32.56
N ARG D 13 -30.59 84.87 -33.67
CA ARG D 13 -31.93 85.46 -33.66
C ARG D 13 -33.03 84.57 -33.07
N GLY D 14 -32.74 83.28 -32.91
CA GLY D 14 -33.76 82.31 -32.55
C GLY D 14 -34.06 81.99 -31.09
N THR D 15 -35.18 81.33 -30.85
CA THR D 15 -35.58 80.87 -29.53
C THR D 15 -34.36 80.60 -28.65
N CYS D 16 -34.23 81.27 -27.51
CA CYS D 16 -33.02 81.11 -26.69
C CYS D 16 -32.95 79.79 -25.96
N ALA D 17 -31.78 79.15 -26.01
CA ALA D 17 -31.58 77.79 -25.51
C ALA D 17 -30.43 77.63 -24.53
N VAL D 18 -30.67 76.91 -23.44
CA VAL D 18 -29.65 76.73 -22.39
C VAL D 18 -29.57 75.28 -21.89
N GLY D 19 -28.55 75.00 -21.06
CA GLY D 19 -28.33 73.68 -20.50
C GLY D 19 -27.37 73.70 -19.31
N VAL D 20 -27.54 72.77 -18.38
CA VAL D 20 -26.77 72.77 -17.13
C VAL D 20 -26.53 71.40 -16.47
N LYS D 21 -25.26 70.99 -16.43
CA LYS D 21 -24.84 69.74 -15.81
C LYS D 21 -25.01 69.78 -14.29
N GLY D 22 -25.06 68.62 -13.65
CA GLY D 22 -25.22 68.52 -12.21
C GLY D 22 -24.41 67.37 -11.63
N LYS D 23 -24.48 67.18 -10.31
CA LYS D 23 -23.67 66.14 -9.65
C LYS D 23 -24.11 64.76 -10.15
N ASN D 24 -25.41 64.63 -10.42
CA ASN D 24 -25.95 63.48 -11.12
C ASN D 24 -27.36 63.76 -11.64
N CYS D 25 -27.42 64.61 -12.66
CA CYS D 25 -28.66 65.00 -13.33
C CYS D 25 -28.31 66.04 -14.38
N VAL D 26 -29.22 66.29 -15.32
CA VAL D 26 -28.96 67.28 -16.36
C VAL D 26 -30.27 67.98 -16.75
N VAL D 27 -30.17 69.21 -17.25
CA VAL D 27 -31.34 70.02 -17.55
C VAL D 27 -31.17 70.85 -18.81
N LEU D 28 -32.24 71.04 -19.58
CA LEU D 28 -32.24 72.01 -20.67
C LEU D 28 -33.25 73.13 -20.40
N GLY D 29 -33.49 73.98 -21.40
CA GLY D 29 -34.46 75.06 -21.27
C GLY D 29 -34.41 75.95 -22.48
N CYS D 30 -35.58 76.44 -22.94
CA CYS D 30 -35.63 77.25 -24.14
C CYS D 30 -37.04 77.47 -24.67
N GLU D 31 -37.28 78.62 -25.32
CA GLU D 31 -38.50 78.84 -26.12
C GLU D 31 -38.77 80.32 -26.42
N ARG D 32 -39.99 80.59 -26.89
CA ARG D 32 -40.39 81.92 -27.39
C ARG D 32 -41.78 82.38 -26.91
N ARG D 33 -42.36 83.30 -27.68
CA ARG D 33 -43.43 84.22 -27.25
C ARG D 33 -44.78 83.64 -26.82
N SER D 34 -44.85 83.22 -25.56
CA SER D 34 -46.10 82.74 -24.94
C SER D 34 -47.10 82.19 -25.95
N THR D 35 -47.97 83.08 -26.42
CA THR D 35 -49.02 82.72 -27.35
C THR D 35 -49.48 84.00 -27.98
N LEU D 36 -49.55 84.04 -29.30
CA LEU D 36 -50.09 85.21 -29.97
C LEU D 36 -51.62 85.25 -29.82
N LYS D 37 -52.07 85.28 -28.57
CA LYS D 37 -53.49 85.29 -28.22
C LYS D 37 -54.24 84.07 -28.74
N LEU D 38 -54.25 83.94 -30.06
CA LEU D 38 -55.17 83.04 -30.71
C LEU D 38 -54.56 81.72 -31.14
N GLN D 39 -53.33 81.42 -30.73
CA GLN D 39 -52.74 80.14 -31.14
C GLN D 39 -53.04 78.95 -30.21
N ASP D 40 -53.02 77.75 -30.80
CA ASP D 40 -53.34 76.52 -30.09
C ASP D 40 -52.19 76.20 -29.15
N THR D 41 -52.53 76.11 -27.88
CA THR D 41 -51.57 75.97 -26.81
C THR D 41 -51.03 74.54 -26.72
N ARG D 42 -51.92 73.57 -26.88
CA ARG D 42 -51.61 72.19 -26.51
C ARG D 42 -51.01 71.29 -27.59
N ILE D 43 -50.59 71.83 -28.73
CA ILE D 43 -50.16 70.95 -29.84
C ILE D 43 -48.80 71.18 -30.51
N THR D 44 -48.03 72.18 -30.06
CA THR D 44 -46.61 72.26 -30.42
C THR D 44 -45.67 72.59 -29.23
N PRO D 45 -46.09 72.31 -27.97
CA PRO D 45 -45.09 72.44 -26.89
C PRO D 45 -43.91 71.44 -26.99
N SER D 46 -43.24 71.44 -28.15
CA SER D 46 -42.12 70.54 -28.43
C SER D 46 -40.77 71.23 -28.29
N LYS D 47 -40.52 71.84 -27.15
CA LYS D 47 -39.33 72.65 -26.94
C LYS D 47 -38.07 71.81 -27.07
N VAL D 48 -37.89 70.93 -26.09
CA VAL D 48 -36.81 69.97 -26.09
C VAL D 48 -37.30 68.69 -26.74
N SER D 49 -36.46 68.08 -27.56
CA SER D 49 -36.84 66.88 -28.31
C SER D 49 -36.15 65.60 -27.85
N LYS D 50 -36.95 64.56 -27.57
CA LYS D 50 -36.46 63.24 -27.12
C LYS D 50 -35.82 62.54 -28.31
N ILE D 51 -34.60 62.04 -28.12
CA ILE D 51 -33.91 61.31 -29.20
C ILE D 51 -33.93 59.79 -29.00
N ASP D 52 -33.56 59.34 -27.81
CA ASP D 52 -33.74 57.96 -27.39
C ASP D 52 -34.39 58.01 -26.01
N SER D 53 -34.41 56.90 -25.30
CA SER D 53 -35.08 56.87 -24.00
C SER D 53 -34.24 57.60 -22.96
N HIS D 54 -33.02 57.95 -23.34
CA HIS D 54 -32.04 58.49 -22.39
C HIS D 54 -31.29 59.71 -22.94
N VAL D 55 -31.71 60.22 -24.09
CA VAL D 55 -31.01 61.34 -24.74
C VAL D 55 -31.94 62.39 -25.34
N VAL D 56 -31.67 63.65 -25.00
CA VAL D 56 -32.53 64.78 -25.37
C VAL D 56 -31.75 65.83 -26.14
N LEU D 57 -32.46 66.81 -26.71
CA LEU D 57 -31.83 67.81 -27.57
C LEU D 57 -32.66 69.07 -27.81
N SER D 58 -32.12 70.22 -27.41
CA SER D 58 -32.74 71.51 -27.69
C SER D 58 -31.88 72.28 -28.69
N PHE D 59 -32.44 73.34 -29.25
CA PHE D 59 -31.78 74.08 -30.32
C PHE D 59 -32.16 75.56 -30.29
N SER D 60 -31.26 76.39 -30.80
CA SER D 60 -31.57 77.78 -31.05
C SER D 60 -31.48 77.96 -32.56
N GLY D 61 -32.56 78.42 -33.17
CA GLY D 61 -32.51 78.63 -34.60
C GLY D 61 -33.85 78.59 -35.30
N LEU D 62 -33.75 78.36 -36.61
CA LEU D 62 -34.91 78.14 -37.45
C LEU D 62 -35.63 76.89 -37.01
N ASN D 63 -36.82 77.05 -36.46
CA ASN D 63 -37.57 75.91 -35.97
C ASN D 63 -37.84 74.89 -37.08
N ALA D 64 -38.01 75.37 -38.30
CA ALA D 64 -38.32 74.51 -39.42
C ALA D 64 -37.10 73.73 -39.93
N ASP D 65 -35.97 73.96 -39.30
CA ASP D 65 -34.71 73.41 -39.78
C ASP D 65 -34.27 72.34 -38.81
N SER D 66 -34.67 72.53 -37.57
CA SER D 66 -34.31 71.61 -36.52
C SER D 66 -34.86 70.25 -36.88
N ARG D 67 -36.14 70.22 -37.24
CA ARG D 67 -36.85 68.96 -37.45
C ARG D 67 -36.08 67.98 -38.32
N ILE D 68 -35.35 68.50 -39.29
CA ILE D 68 -34.60 67.65 -40.21
C ILE D 68 -33.39 67.02 -39.51
N LEU D 69 -32.95 67.65 -38.43
CA LEU D 69 -31.91 67.09 -37.58
C LEU D 69 -32.49 66.15 -36.52
N ILE D 70 -33.47 66.63 -35.78
CA ILE D 70 -34.12 65.85 -34.74
C ILE D 70 -34.71 64.55 -35.28
N GLU D 71 -34.65 64.36 -36.59
CA GLU D 71 -35.06 63.09 -37.16
C GLU D 71 -33.84 62.27 -37.54
N LYS D 72 -33.02 62.80 -38.44
CA LYS D 72 -31.85 62.07 -38.88
C LYS D 72 -31.10 61.51 -37.70
N ALA D 73 -31.30 62.12 -36.53
CA ALA D 73 -30.67 61.67 -35.28
C ALA D 73 -31.52 60.63 -34.56
N ARG D 74 -32.81 60.89 -34.41
CA ARG D 74 -33.73 59.96 -33.78
C ARG D 74 -33.65 58.62 -34.47
N VAL D 75 -33.19 58.65 -35.71
CA VAL D 75 -33.07 57.46 -36.55
C VAL D 75 -31.73 56.74 -36.37
N GLU D 76 -30.62 57.44 -36.56
CA GLU D 76 -29.34 56.82 -36.29
C GLU D 76 -29.27 56.32 -34.84
N ALA D 77 -30.20 56.78 -34.02
CA ALA D 77 -30.25 56.38 -32.62
C ALA D 77 -30.73 54.97 -32.54
N GLN D 78 -31.67 54.62 -33.41
CA GLN D 78 -32.20 53.27 -33.52
C GLN D 78 -31.30 52.42 -34.39
N SER D 79 -30.93 52.94 -35.55
CA SER D 79 -30.01 52.24 -36.43
C SER D 79 -28.64 51.96 -35.81
N HIS D 80 -28.42 52.40 -34.58
CA HIS D 80 -27.22 52.00 -33.83
C HIS D 80 -27.63 50.83 -32.92
N ARG D 81 -28.77 50.95 -32.26
CA ARG D 81 -29.30 49.91 -31.38
C ARG D 81 -29.49 48.63 -32.18
N LEU D 82 -29.60 48.79 -33.48
CA LEU D 82 -30.07 47.73 -34.33
C LEU D 82 -28.92 46.97 -34.93
N THR D 83 -27.83 47.68 -35.20
CA THR D 83 -26.70 47.09 -35.91
C THR D 83 -25.51 46.87 -34.97
N LEU D 84 -25.72 47.15 -33.69
CA LEU D 84 -24.67 47.10 -32.68
C LEU D 84 -25.30 46.79 -31.33
N GLU D 85 -26.63 46.73 -31.29
CA GLU D 85 -27.35 46.46 -30.04
C GLU D 85 -26.68 47.12 -28.85
N ASP D 86 -26.87 48.43 -28.74
CA ASP D 86 -26.21 49.24 -27.72
C ASP D 86 -26.63 50.70 -27.92
N PRO D 87 -27.44 51.25 -27.00
CA PRO D 87 -27.87 52.63 -27.18
C PRO D 87 -26.70 53.51 -27.53
N VAL D 88 -26.96 54.53 -28.35
CA VAL D 88 -25.92 55.47 -28.75
C VAL D 88 -25.36 56.15 -27.51
N THR D 89 -24.06 56.43 -27.50
CA THR D 89 -23.45 57.19 -26.41
C THR D 89 -23.60 58.68 -26.69
N VAL D 90 -23.81 59.49 -25.65
CA VAL D 90 -24.15 60.89 -25.87
C VAL D 90 -23.11 61.62 -26.71
N GLU D 91 -21.84 61.26 -26.56
CA GLU D 91 -20.81 61.84 -27.45
C GLU D 91 -21.04 61.43 -28.90
N TYR D 92 -21.41 60.18 -29.14
CA TYR D 92 -21.58 59.69 -30.50
C TYR D 92 -22.81 60.25 -31.17
N LEU D 93 -23.93 60.30 -30.46
CA LEU D 93 -25.14 60.91 -31.01
C LEU D 93 -24.77 62.33 -31.42
N THR D 94 -24.02 63.01 -30.55
CA THR D 94 -23.56 64.38 -30.77
C THR D 94 -22.61 64.47 -31.95
N ARG D 95 -21.56 63.66 -31.98
CA ARG D 95 -20.64 63.64 -33.12
C ARG D 95 -21.33 63.31 -34.45
N TYR D 96 -22.41 62.53 -34.41
CA TYR D 96 -23.14 62.23 -35.63
C TYR D 96 -23.96 63.42 -36.10
N VAL D 97 -24.62 64.10 -35.17
CA VAL D 97 -25.38 65.31 -35.50
C VAL D 97 -24.48 66.41 -36.06
N ALA D 98 -23.40 66.72 -35.34
CA ALA D 98 -22.46 67.74 -35.78
C ALA D 98 -21.83 67.37 -37.10
N GLY D 99 -21.47 66.10 -37.24
CA GLY D 99 -20.86 65.59 -38.45
C GLY D 99 -21.77 65.72 -39.66
N VAL D 100 -23.06 65.91 -39.41
CA VAL D 100 -24.00 66.08 -40.52
C VAL D 100 -24.10 67.54 -40.95
N GLN D 101 -24.11 68.47 -39.99
CA GLN D 101 -24.13 69.90 -40.32
C GLN D 101 -22.87 70.26 -41.13
N GLN D 102 -21.80 69.50 -40.86
CA GLN D 102 -20.48 69.64 -41.48
C GLN D 102 -20.52 69.21 -42.94
N ARG D 103 -21.19 68.10 -43.22
CA ARG D 103 -21.30 67.59 -44.57
C ARG D 103 -22.32 68.39 -45.36
N TYR D 104 -22.95 69.37 -44.70
CA TYR D 104 -23.83 70.34 -45.37
C TYR D 104 -23.07 71.64 -45.64
N THR D 105 -21.90 71.49 -46.23
CA THR D 105 -21.09 72.60 -46.70
C THR D 105 -20.21 72.05 -47.81
N GLN D 106 -19.29 71.17 -47.41
CA GLN D 106 -18.14 70.75 -48.21
C GLN D 106 -18.39 69.77 -49.38
N SER D 107 -19.64 69.40 -49.62
CA SER D 107 -19.93 68.59 -50.80
C SER D 107 -21.15 69.09 -51.55
N GLY D 108 -21.16 68.87 -52.87
CA GLY D 108 -22.24 69.31 -53.72
C GLY D 108 -22.37 70.82 -53.75
N GLY D 109 -22.09 71.45 -52.61
CA GLY D 109 -22.28 72.87 -52.46
C GLY D 109 -23.72 73.16 -52.15
N VAL D 110 -24.13 72.87 -50.93
CA VAL D 110 -25.49 73.13 -50.48
C VAL D 110 -25.46 73.89 -49.16
N ARG D 111 -26.59 74.49 -48.77
CA ARG D 111 -26.63 75.39 -47.62
C ARG D 111 -26.56 74.67 -46.28
N PRO D 112 -25.88 75.29 -45.30
CA PRO D 112 -25.64 74.76 -43.95
C PRO D 112 -26.81 75.08 -43.05
N PHE D 113 -26.82 74.51 -41.84
CA PHE D 113 -28.01 74.55 -41.00
C PHE D 113 -28.11 75.81 -40.16
N GLY D 114 -29.33 76.30 -40.00
CA GLY D 114 -29.60 77.45 -39.16
C GLY D 114 -29.87 77.13 -37.70
N VAL D 115 -29.11 76.20 -37.15
CA VAL D 115 -29.33 75.75 -35.78
C VAL D 115 -28.01 75.55 -35.08
N SER D 116 -27.95 75.93 -33.82
CA SER D 116 -26.99 75.37 -32.89
C SER D 116 -27.86 74.47 -32.03
N THR D 117 -27.29 73.40 -31.51
CA THR D 117 -28.07 72.49 -30.69
C THR D 117 -27.32 72.16 -29.42
N LEU D 118 -28.07 71.85 -28.38
CA LEU D 118 -27.52 71.32 -27.15
C LEU D 118 -28.05 69.92 -26.96
N ILE D 119 -27.17 69.02 -26.53
CA ILE D 119 -27.49 67.59 -26.46
C ILE D 119 -27.07 67.00 -25.12
N ALA D 120 -28.03 66.47 -24.37
CA ALA D 120 -27.76 66.05 -23.00
C ALA D 120 -28.22 64.64 -22.74
N GLY D 121 -27.85 64.10 -21.58
CA GLY D 121 -28.22 62.75 -21.20
C GLY D 121 -27.09 61.91 -20.63
N PHE D 122 -27.43 60.73 -20.14
CA PHE D 122 -26.44 59.81 -19.58
C PHE D 122 -26.20 58.66 -20.54
N ASP D 123 -24.93 58.34 -20.78
CA ASP D 123 -24.57 57.14 -21.54
C ASP D 123 -25.30 55.94 -20.91
N PRO D 124 -25.33 54.79 -21.62
CA PRO D 124 -25.98 53.61 -21.05
C PRO D 124 -25.19 52.98 -19.90
N ARG D 125 -25.88 52.71 -18.80
CA ARG D 125 -25.26 52.21 -17.56
C ARG D 125 -24.48 53.29 -16.79
N ASP D 126 -23.31 53.68 -17.30
CA ASP D 126 -22.57 54.83 -16.76
C ASP D 126 -23.54 55.89 -16.24
N ASP D 127 -23.20 56.49 -15.10
CA ASP D 127 -24.07 57.50 -14.50
C ASP D 127 -23.42 58.87 -14.44
N GLU D 128 -22.47 59.12 -15.34
CA GLU D 128 -21.79 60.41 -15.42
C GLU D 128 -22.42 61.31 -16.48
N PRO D 129 -23.05 62.41 -16.02
CA PRO D 129 -23.78 63.36 -16.86
C PRO D 129 -22.95 63.85 -18.01
N LYS D 130 -23.59 64.06 -19.16
CA LYS D 130 -22.89 64.55 -20.34
C LYS D 130 -23.69 65.69 -20.98
N LEU D 131 -23.00 66.75 -21.38
CA LEU D 131 -23.62 67.87 -22.06
C LEU D 131 -22.72 68.36 -23.18
N TYR D 132 -23.30 68.54 -24.37
CA TYR D 132 -22.56 68.92 -25.58
C TYR D 132 -23.28 70.04 -26.34
N GLN D 133 -22.58 70.68 -27.28
CA GLN D 133 -23.17 71.74 -28.08
C GLN D 133 -22.64 71.66 -29.51
N THR D 134 -23.54 71.82 -30.48
CA THR D 134 -23.14 71.80 -31.88
C THR D 134 -23.47 73.11 -32.55
N GLU D 135 -22.78 73.39 -33.64
CA GLU D 135 -23.00 74.62 -34.39
C GLU D 135 -22.73 74.39 -35.86
N PRO D 136 -23.41 75.16 -36.72
CA PRO D 136 -23.52 74.97 -38.18
C PRO D 136 -22.22 74.59 -38.86
N SER D 137 -21.11 74.87 -38.20
CA SER D 137 -19.81 74.57 -38.76
C SER D 137 -19.57 73.07 -38.84
N GLY D 138 -19.74 72.40 -37.71
CA GLY D 138 -19.43 70.99 -37.56
C GLY D 138 -18.67 70.71 -36.27
N ILE D 139 -18.68 71.70 -35.37
CA ILE D 139 -17.91 71.68 -34.12
C ILE D 139 -18.73 71.17 -32.95
N TYR D 140 -18.21 70.18 -32.26
CA TYR D 140 -18.86 69.74 -31.04
C TYR D 140 -17.94 70.01 -29.85
N SER D 141 -18.55 70.48 -28.77
CA SER D 141 -17.81 70.81 -27.57
C SER D 141 -18.57 70.29 -26.35
N SER D 142 -17.84 69.90 -25.32
CA SER D 142 -18.49 69.49 -24.08
C SER D 142 -18.48 70.66 -23.11
N TRP D 143 -19.59 70.86 -22.41
CA TRP D 143 -19.71 71.97 -21.47
C TRP D 143 -20.21 71.52 -20.09
N SER D 144 -19.65 72.11 -19.03
CA SER D 144 -20.19 71.93 -17.70
C SER D 144 -21.53 72.63 -17.67
N ALA D 145 -21.69 73.59 -18.59
CA ALA D 145 -22.95 74.28 -18.84
C ALA D 145 -22.75 75.34 -19.93
N GLN D 146 -23.83 75.73 -20.59
CA GLN D 146 -23.74 76.62 -21.75
C GLN D 146 -25.09 77.15 -22.19
N THR D 147 -25.07 78.15 -23.08
CA THR D 147 -26.26 78.63 -23.75
C THR D 147 -25.89 79.07 -25.16
N ILE D 148 -26.83 78.91 -26.10
CA ILE D 148 -26.67 79.49 -27.41
C ILE D 148 -28.04 79.98 -27.85
N GLY D 149 -28.07 81.04 -28.65
CA GLY D 149 -29.33 81.65 -29.06
C GLY D 149 -29.39 83.16 -29.03
N ARG D 150 -30.53 83.71 -28.64
CA ARG D 150 -30.72 85.16 -28.62
C ARG D 150 -30.52 85.75 -27.23
N ASN D 151 -29.67 86.77 -27.15
CA ASN D 151 -29.18 87.28 -25.88
C ASN D 151 -28.53 86.12 -25.13
N SER D 152 -27.87 85.24 -25.89
CA SER D 152 -27.21 84.09 -25.29
C SER D 152 -25.95 84.52 -24.56
N LYS D 153 -25.40 85.65 -24.99
CA LYS D 153 -24.17 86.16 -24.39
C LYS D 153 -24.40 86.62 -22.95
N THR D 154 -25.58 87.19 -22.68
CA THR D 154 -25.94 87.67 -21.35
C THR D 154 -25.94 86.51 -20.37
N VAL D 155 -26.35 85.36 -20.89
CA VAL D 155 -26.55 84.16 -20.10
C VAL D 155 -25.23 83.44 -19.86
N ARG D 156 -24.43 83.30 -20.92
CA ARG D 156 -23.12 82.65 -20.81
C ARG D 156 -22.27 83.42 -19.79
N GLU D 157 -22.49 84.73 -19.72
CA GLU D 157 -21.82 85.59 -18.74
C GLU D 157 -22.36 85.33 -17.34
N PHE D 158 -23.68 85.31 -17.23
CA PHE D 158 -24.33 84.96 -15.97
C PHE D 158 -23.80 83.65 -15.42
N LEU D 159 -23.89 82.61 -16.24
CA LEU D 159 -23.55 81.26 -15.84
C LEU D 159 -22.11 81.11 -15.38
N GLU D 160 -21.17 81.65 -16.16
CA GLU D 160 -19.76 81.56 -15.81
C GLU D 160 -19.52 81.98 -14.37
N LYS D 161 -20.21 83.05 -13.97
CA LYS D 161 -20.04 83.60 -12.63
C LYS D 161 -21.03 83.00 -11.62
N ASN D 162 -21.66 81.89 -11.98
CA ASN D 162 -22.64 81.26 -11.08
C ASN D 162 -22.49 79.74 -10.93
N TYR D 163 -21.73 79.14 -11.85
CA TYR D 163 -21.42 77.72 -11.78
C TYR D 163 -19.97 77.59 -11.36
N ASP D 164 -19.68 76.63 -10.48
CA ASP D 164 -18.27 76.23 -10.28
C ASP D 164 -18.10 74.72 -10.23
N ARG D 165 -17.02 74.24 -10.82
CA ARG D 165 -16.76 72.81 -10.88
C ARG D 165 -16.55 72.22 -9.50
N LYS D 166 -15.88 72.98 -8.62
CA LYS D 166 -15.61 72.50 -7.27
C LYS D 166 -16.87 71.94 -6.62
N GLU D 167 -17.97 72.69 -6.68
CA GLU D 167 -19.26 72.22 -6.18
C GLU D 167 -20.38 72.35 -7.22
N PRO D 168 -20.69 71.24 -7.91
CA PRO D 168 -21.81 71.24 -8.88
C PRO D 168 -23.13 70.99 -8.16
N PRO D 169 -24.19 71.67 -8.60
CA PRO D 169 -25.55 71.51 -8.08
C PRO D 169 -25.95 70.04 -7.90
N ALA D 170 -25.70 69.50 -6.71
CA ALA D 170 -25.93 68.08 -6.44
C ALA D 170 -27.41 67.70 -6.43
N THR D 171 -28.21 68.47 -5.69
CA THR D 171 -29.63 68.17 -5.58
C THR D 171 -30.29 68.20 -6.94
N VAL D 172 -31.14 67.21 -7.19
CA VAL D 172 -32.00 67.25 -8.35
C VAL D 172 -32.71 68.60 -8.37
N GLU D 173 -33.52 68.86 -7.33
CA GLU D 173 -34.30 70.09 -7.24
C GLU D 173 -33.50 71.36 -7.55
N GLU D 174 -32.36 71.52 -6.88
CA GLU D 174 -31.61 72.77 -6.97
C GLU D 174 -30.93 72.97 -8.32
N CYS D 175 -30.72 71.88 -9.05
CA CYS D 175 -30.07 72.00 -10.36
C CYS D 175 -30.99 72.74 -11.32
N VAL D 176 -32.29 72.62 -11.11
CA VAL D 176 -33.25 73.38 -11.90
C VAL D 176 -33.32 74.78 -11.35
N LYS D 177 -33.30 74.89 -10.02
CA LYS D 177 -33.34 76.18 -9.33
C LYS D 177 -32.50 77.19 -10.11
N LEU D 178 -31.36 76.72 -10.60
CA LEU D 178 -30.39 77.58 -11.28
C LEU D 178 -30.73 77.88 -12.73
N THR D 179 -31.19 76.86 -13.45
CA THR D 179 -31.43 76.99 -14.88
C THR D 179 -32.54 78.00 -15.17
N VAL D 180 -33.45 78.15 -14.21
CA VAL D 180 -34.54 79.11 -14.31
C VAL D 180 -33.97 80.54 -14.27
N ARG D 181 -33.36 80.88 -13.15
CA ARG D 181 -32.77 82.20 -12.96
C ARG D 181 -32.08 82.68 -14.22
N SER D 182 -31.39 81.77 -14.89
CA SER D 182 -30.52 82.13 -16.02
C SER D 182 -31.26 82.44 -17.31
N LEU D 183 -32.55 82.15 -17.36
CA LEU D 183 -33.33 82.48 -18.54
C LEU D 183 -34.24 83.68 -18.24
N LEU D 184 -34.57 83.86 -16.97
CA LEU D 184 -35.36 85.01 -16.56
C LEU D 184 -34.68 86.32 -16.97
N GLU D 185 -33.37 86.26 -17.17
CA GLU D 185 -32.59 87.42 -17.56
C GLU D 185 -32.93 87.88 -18.97
N VAL D 186 -33.22 86.94 -19.85
CA VAL D 186 -33.37 87.24 -21.26
C VAL D 186 -34.79 87.09 -21.82
N VAL D 187 -35.69 86.45 -21.05
CA VAL D 187 -37.06 86.19 -21.51
C VAL D 187 -37.82 87.43 -21.99
N GLN D 188 -39.09 87.52 -21.64
CA GLN D 188 -39.95 88.64 -22.05
C GLN D 188 -41.34 88.58 -21.40
N THR D 189 -41.42 87.90 -20.26
CA THR D 189 -42.65 87.85 -19.48
C THR D 189 -42.43 87.01 -18.21
N GLY D 190 -41.72 85.90 -18.35
CA GLY D 190 -41.45 85.03 -17.23
C GLY D 190 -41.79 83.59 -17.52
N ALA D 191 -42.35 82.90 -16.53
CA ALA D 191 -42.65 81.47 -16.61
C ALA D 191 -43.38 81.09 -17.89
N LYS D 192 -44.27 81.98 -18.33
CA LYS D 192 -45.08 81.74 -19.53
C LYS D 192 -44.24 81.79 -20.80
N ASN D 193 -42.94 82.02 -20.65
CA ASN D 193 -42.08 82.25 -21.82
C ASN D 193 -41.22 81.06 -22.22
N ILE D 194 -40.48 80.50 -21.27
CA ILE D 194 -39.64 79.34 -21.56
C ILE D 194 -39.74 78.22 -20.51
N GLU D 195 -39.80 76.98 -21.01
CA GLU D 195 -40.01 75.77 -20.22
C GLU D 195 -38.79 74.87 -20.22
N ILE D 196 -38.86 73.74 -19.51
CA ILE D 196 -37.70 72.87 -19.32
C ILE D 196 -37.99 71.36 -19.26
N THR D 197 -36.96 70.57 -19.55
CA THR D 197 -36.98 69.10 -19.46
C THR D 197 -35.85 68.64 -18.53
N VAL D 198 -35.95 67.43 -17.97
CA VAL D 198 -34.95 66.94 -16.98
C VAL D 198 -34.65 65.46 -17.07
N VAL D 199 -33.41 65.10 -17.36
CA VAL D 199 -33.03 63.70 -17.48
C VAL D 199 -32.08 63.20 -16.39
N LYS D 200 -32.46 62.09 -15.76
CA LYS D 200 -31.69 61.51 -14.68
C LYS D 200 -31.24 60.12 -15.10
N PRO D 201 -30.21 59.56 -14.44
CA PRO D 201 -29.56 58.31 -14.86
C PRO D 201 -30.52 57.21 -15.32
N ASP D 202 -30.12 56.46 -16.35
CA ASP D 202 -30.89 55.30 -16.81
C ASP D 202 -32.27 55.61 -17.39
N SER D 203 -32.29 56.37 -18.48
CA SER D 203 -33.50 56.56 -19.27
C SER D 203 -34.71 57.03 -18.47
N ASP D 204 -34.48 58.00 -17.57
CA ASP D 204 -35.52 58.56 -16.73
C ASP D 204 -35.73 60.03 -17.08
N ILE D 205 -36.33 60.26 -18.24
CA ILE D 205 -36.52 61.61 -18.73
C ILE D 205 -37.92 62.15 -18.42
N VAL D 206 -37.99 63.15 -17.54
CA VAL D 206 -39.27 63.70 -17.09
C VAL D 206 -39.38 65.20 -17.33
N ALA D 207 -39.96 65.61 -18.47
CA ALA D 207 -40.09 67.03 -18.80
C ALA D 207 -41.02 67.78 -17.84
N LEU D 208 -40.73 69.04 -17.56
CA LEU D 208 -41.51 69.82 -16.59
C LEU D 208 -42.67 70.58 -17.25
N SER D 209 -43.76 70.68 -16.50
CA SER D 209 -44.98 71.31 -16.99
C SER D 209 -45.04 72.76 -16.57
N SER D 210 -46.21 73.37 -16.78
CA SER D 210 -46.41 74.76 -16.41
C SER D 210 -46.49 74.94 -14.88
N GLU D 211 -47.14 74.02 -14.19
CA GLU D 211 -47.40 74.17 -12.75
C GLU D 211 -46.18 73.93 -11.86
N GLU D 212 -45.21 73.18 -12.36
CA GLU D 212 -44.01 72.92 -11.59
C GLU D 212 -43.02 74.04 -11.83
N ILE D 213 -43.25 74.79 -12.90
CA ILE D 213 -42.39 75.90 -13.28
C ILE D 213 -42.76 77.19 -12.53
N ASN D 214 -43.96 77.24 -11.98
CA ASN D 214 -44.36 78.38 -11.19
C ASN D 214 -44.43 78.10 -9.69
N GLN D 215 -43.93 76.94 -9.28
CA GLN D 215 -43.63 76.69 -7.87
C GLN D 215 -42.14 76.94 -7.74
N TYR D 216 -41.59 77.55 -8.79
CA TYR D 216 -40.18 77.85 -8.87
C TYR D 216 -39.97 79.36 -9.03
N VAL D 217 -40.45 79.92 -10.13
CA VAL D 217 -40.34 81.37 -10.33
C VAL D 217 -40.91 82.12 -9.13
N THR D 218 -42.08 81.68 -8.69
CA THR D 218 -42.69 82.27 -7.50
C THR D 218 -42.23 81.50 -6.24
N GLN D 219 -40.92 81.26 -6.17
CA GLN D 219 -40.23 80.82 -4.95
C GLN D 219 -38.79 81.27 -5.14
N ILE D 220 -38.57 81.97 -6.25
CA ILE D 220 -37.32 82.65 -6.55
C ILE D 220 -37.47 84.09 -6.14
N GLU D 221 -38.41 84.78 -6.80
CA GLU D 221 -38.62 86.20 -6.59
C GLU D 221 -39.17 86.48 -5.20
N GLN D 222 -39.15 85.46 -4.34
CA GLN D 222 -39.38 85.64 -2.92
C GLN D 222 -38.07 85.99 -2.25
N GLU D 223 -37.13 85.05 -2.32
CA GLU D 223 -35.80 85.26 -1.77
C GLU D 223 -35.15 86.50 -2.39
N LYS D 224 -35.54 86.81 -3.63
CA LYS D 224 -35.02 87.97 -4.35
C LYS D 224 -35.11 89.25 -3.51
N GLN D 225 -36.32 89.78 -3.39
CA GLN D 225 -36.53 91.10 -2.79
C GLN D 225 -36.01 91.24 -1.35
N GLU D 226 -35.72 90.12 -0.72
CA GLU D 226 -35.28 90.11 0.67
C GLU D 226 -33.88 90.69 0.85
N GLN D 227 -33.82 91.98 1.19
CA GLN D 227 -32.55 92.70 1.27
C GLN D 227 -32.32 93.39 2.61
N MET E 1 -0.43 104.49 -48.16
CA MET E 1 -1.03 103.19 -48.48
C MET E 1 -1.41 103.06 -49.97
N PHE E 2 -1.75 101.84 -50.41
CA PHE E 2 -1.97 101.52 -51.84
C PHE E 2 -2.41 100.08 -52.14
N LEU E 3 -2.85 99.87 -53.38
CA LEU E 3 -3.53 98.64 -53.78
C LEU E 3 -2.87 97.90 -54.96
N THR E 4 -2.31 96.72 -54.69
CA THR E 4 -1.78 95.86 -55.75
C THR E 4 -2.78 94.74 -56.07
N ARG E 5 -3.05 94.56 -57.36
CA ARG E 5 -4.03 93.56 -57.80
C ARG E 5 -3.71 93.03 -59.18
N SER E 6 -3.74 91.71 -59.32
CA SER E 6 -3.59 91.05 -60.60
C SER E 6 -4.99 90.79 -61.13
N GLU E 7 -5.11 90.51 -62.43
CA GLU E 7 -6.41 90.20 -63.02
C GLU E 7 -6.77 88.70 -62.90
N TYR E 8 -5.81 87.90 -62.43
CA TYR E 8 -6.01 86.45 -62.31
C TYR E 8 -6.14 85.96 -60.86
N ASP E 9 -6.19 86.89 -59.91
CA ASP E 9 -6.64 86.56 -58.56
C ASP E 9 -7.97 85.82 -58.75
N ARG E 10 -8.53 85.28 -57.68
CA ARG E 10 -9.82 84.59 -57.79
C ARG E 10 -9.75 83.25 -58.53
N GLY E 11 -9.64 83.30 -59.85
CA GLY E 11 -9.64 82.12 -60.72
C GLY E 11 -9.62 80.75 -60.07
N VAL E 12 -10.71 79.99 -60.24
CA VAL E 12 -10.83 78.67 -59.65
C VAL E 12 -10.35 77.54 -60.56
N SER E 13 -9.34 76.81 -60.11
CA SER E 13 -8.73 75.74 -60.91
C SER E 13 -8.48 76.12 -62.39
N THR E 14 -7.97 77.33 -62.59
CA THR E 14 -7.47 77.77 -63.89
C THR E 14 -6.12 78.51 -63.75
N PHE E 15 -5.23 78.30 -64.71
CA PHE E 15 -3.87 78.77 -64.61
C PHE E 15 -3.73 80.26 -64.84
N SER E 16 -2.99 80.93 -63.96
CA SER E 16 -2.43 82.25 -64.22
C SER E 16 -1.43 82.09 -65.34
N PRO E 17 -1.09 83.19 -66.03
CA PRO E 17 -0.11 83.22 -67.12
C PRO E 17 1.29 82.77 -66.72
N GLU E 18 1.47 82.45 -65.45
CA GLU E 18 2.76 82.03 -64.90
C GLU E 18 2.78 80.54 -64.64
N GLY E 19 1.59 79.98 -64.44
CA GLY E 19 1.42 78.58 -64.13
C GLY E 19 1.05 78.44 -62.67
N ARG E 20 0.44 79.48 -62.11
CA ARG E 20 0.11 79.47 -60.69
C ARG E 20 -1.37 79.19 -60.54
N LEU E 21 -1.72 78.47 -59.49
CA LEU E 21 -3.14 78.14 -59.28
C LEU E 21 -3.57 78.82 -58.04
N PHE E 22 -3.87 80.10 -58.17
CA PHE E 22 -4.06 80.95 -57.00
C PHE E 22 -5.11 80.40 -56.02
N GLN E 23 -6.08 79.64 -56.50
CA GLN E 23 -7.07 79.09 -55.58
C GLN E 23 -6.36 78.27 -54.54
N VAL E 24 -5.27 77.61 -54.94
CA VAL E 24 -4.57 76.69 -54.06
C VAL E 24 -3.36 77.33 -53.37
N GLU E 25 -2.79 78.35 -54.00
CA GLU E 25 -1.76 79.18 -53.37
C GLU E 25 -2.31 79.87 -52.13
N TYR E 26 -3.63 80.12 -52.13
CA TYR E 26 -4.33 80.74 -51.00
C TYR E 26 -4.75 79.70 -49.97
N SER E 27 -5.17 78.54 -50.47
CA SER E 27 -5.45 77.40 -49.62
C SER E 27 -4.29 77.21 -48.63
N LEU E 28 -3.09 77.57 -49.09
CA LEU E 28 -1.85 77.34 -48.36
C LEU E 28 -1.45 78.45 -47.37
N GLU E 29 -2.03 79.65 -47.52
CA GLU E 29 -1.74 80.76 -46.60
C GLU E 29 -2.57 80.65 -45.34
N ALA E 30 -3.72 79.97 -45.43
CA ALA E 30 -4.63 79.84 -44.29
C ALA E 30 -4.19 78.78 -43.25
N ILE E 31 -3.11 78.06 -43.55
CA ILE E 31 -2.46 77.24 -42.53
C ILE E 31 -1.76 78.20 -41.57
N LYS E 32 -1.10 79.21 -42.15
CA LYS E 32 -0.40 80.24 -41.39
C LYS E 32 -1.33 81.02 -40.46
N LEU E 33 -2.64 80.80 -40.57
CA LEU E 33 -3.60 81.59 -39.80
C LEU E 33 -4.57 80.77 -38.93
N GLY E 34 -4.11 79.65 -38.38
CA GLY E 34 -4.91 78.86 -37.47
C GLY E 34 -4.21 78.63 -36.13
N SER E 35 -4.55 77.54 -35.44
CA SER E 35 -3.89 77.17 -34.19
C SER E 35 -2.43 76.87 -34.46
N THR E 36 -1.57 77.10 -33.48
CA THR E 36 -0.16 76.71 -33.62
C THR E 36 -0.02 75.19 -33.38
N ALA E 37 0.96 74.59 -34.06
CA ALA E 37 1.24 73.16 -33.95
C ALA E 37 2.70 72.94 -34.28
N ILE E 38 3.34 72.08 -33.51
CA ILE E 38 4.78 71.91 -33.64
C ILE E 38 5.19 70.45 -33.49
N GLY E 39 6.07 70.01 -34.37
CA GLY E 39 6.56 68.66 -34.31
C GLY E 39 8.07 68.65 -34.36
N ILE E 40 8.68 67.80 -33.57
CA ILE E 40 10.14 67.64 -33.54
C ILE E 40 10.45 66.17 -33.50
N ALA E 41 11.53 65.76 -34.17
CA ALA E 41 11.91 64.35 -34.22
C ALA E 41 13.26 64.08 -33.58
N THR E 42 13.31 63.12 -32.67
CA THR E 42 14.56 62.68 -32.07
C THR E 42 14.83 61.29 -32.61
N LYS E 43 15.91 60.67 -32.16
CA LYS E 43 16.12 59.28 -32.50
C LYS E 43 15.45 58.40 -31.44
N GLU E 44 14.78 59.05 -30.48
CA GLU E 44 14.18 58.37 -29.32
C GLU E 44 12.70 58.60 -29.25
N GLY E 45 12.11 59.17 -30.30
CA GLY E 45 10.69 59.43 -30.36
C GLY E 45 10.35 60.67 -31.15
N VAL E 46 9.06 60.97 -31.30
CA VAL E 46 8.62 62.20 -31.96
C VAL E 46 7.59 62.94 -31.12
N VAL E 47 7.70 64.27 -31.03
CA VAL E 47 6.84 65.07 -30.16
C VAL E 47 5.95 66.03 -30.94
N LEU E 48 4.66 66.04 -30.60
CA LEU E 48 3.71 66.94 -31.20
C LEU E 48 3.02 67.75 -30.11
N GLY E 49 3.07 69.07 -30.25
CA GLY E 49 2.40 69.95 -29.31
C GLY E 49 1.53 70.93 -30.05
N VAL E 50 0.50 71.42 -29.38
CA VAL E 50 -0.38 72.40 -29.99
C VAL E 50 -0.80 73.50 -29.01
N GLU E 51 -1.57 74.46 -29.50
CA GLU E 51 -2.14 75.50 -28.67
C GLU E 51 -3.63 75.23 -28.50
N LYS E 52 -4.06 75.09 -27.25
CA LYS E 52 -5.45 74.77 -26.97
C LYS E 52 -6.32 76.02 -27.07
N ARG E 53 -6.00 77.01 -26.24
CA ARG E 53 -6.69 78.30 -26.27
C ARG E 53 -8.10 78.22 -25.70
N ALA E 54 -8.26 77.63 -24.52
CA ALA E 54 -9.59 77.50 -23.90
C ALA E 54 -10.22 78.87 -23.72
N THR E 55 -11.52 78.94 -24.02
CA THR E 55 -12.29 80.17 -23.93
C THR E 55 -13.41 80.03 -22.90
N SER E 56 -13.04 79.51 -21.73
CA SER E 56 -13.94 79.46 -20.59
C SER E 56 -13.53 78.37 -19.62
N PRO E 57 -13.99 78.49 -18.36
CA PRO E 57 -13.92 77.48 -17.30
C PRO E 57 -15.00 76.40 -17.48
N LEU E 58 -16.14 76.80 -18.05
CA LEU E 58 -17.24 75.89 -18.34
C LEU E 58 -16.78 74.83 -19.33
N LEU E 59 -16.70 75.22 -20.59
CA LEU E 59 -16.11 74.39 -21.63
C LEU E 59 -14.91 73.62 -21.09
N GLU E 60 -15.15 72.36 -20.74
CA GLU E 60 -14.12 71.49 -20.23
C GLU E 60 -13.20 71.12 -21.37
N SER E 61 -12.01 71.72 -21.38
CA SER E 61 -11.01 71.41 -22.40
C SER E 61 -11.02 69.92 -22.59
N ASP E 62 -10.52 69.47 -23.75
CA ASP E 62 -10.46 68.06 -24.10
C ASP E 62 -11.54 67.69 -25.12
N SER E 63 -12.53 68.56 -25.28
CA SER E 63 -13.39 68.50 -26.47
C SER E 63 -12.66 69.27 -27.56
N ILE E 64 -11.56 69.89 -27.13
CA ILE E 64 -10.56 70.46 -28.02
C ILE E 64 -9.57 69.37 -28.38
N GLU E 65 -9.92 68.59 -29.40
CA GLU E 65 -9.07 67.51 -29.87
C GLU E 65 -8.35 67.97 -31.12
N LYS E 66 -7.12 68.49 -30.94
CA LYS E 66 -6.31 68.95 -32.06
C LYS E 66 -5.15 68.01 -32.29
N ILE E 67 -5.06 66.98 -31.45
CA ILE E 67 -4.10 65.91 -31.66
C ILE E 67 -4.82 64.60 -31.45
N VAL E 68 -4.73 63.70 -32.44
CA VAL E 68 -5.48 62.44 -32.39
C VAL E 68 -4.68 61.25 -32.91
N GLU E 69 -5.06 60.05 -32.46
CA GLU E 69 -4.36 58.82 -32.78
C GLU E 69 -4.75 58.41 -34.19
N ILE E 70 -3.89 57.66 -34.88
CA ILE E 70 -4.24 57.13 -36.19
C ILE E 70 -4.14 55.58 -36.22
N ASP E 71 -3.00 55.05 -35.78
CA ASP E 71 -2.85 53.66 -35.35
C ASP E 71 -1.97 53.79 -34.13
N ARG E 72 -1.64 52.70 -33.45
CA ARG E 72 -0.89 52.83 -32.21
C ARG E 72 0.50 53.44 -32.44
N HIS E 73 0.93 53.47 -33.69
CA HIS E 73 2.28 53.96 -34.01
C HIS E 73 2.31 55.26 -34.84
N ILE E 74 1.15 55.84 -35.12
CA ILE E 74 1.08 57.06 -35.92
C ILE E 74 0.08 58.05 -35.33
N GLY E 75 0.57 59.25 -35.05
CA GLY E 75 -0.27 60.33 -34.57
C GLY E 75 -0.16 61.53 -35.49
N CYS E 76 -1.13 62.42 -35.43
CA CYS E 76 -1.03 63.67 -36.16
C CYS E 76 -1.57 64.83 -35.35
N ALA E 77 -1.03 66.00 -35.63
CA ALA E 77 -1.48 67.25 -35.05
C ALA E 77 -2.01 68.14 -36.16
N MET E 78 -3.00 68.96 -35.85
CA MET E 78 -3.63 69.80 -36.87
C MET E 78 -3.74 71.27 -36.52
N SER E 79 -3.53 72.11 -37.51
CA SER E 79 -3.75 73.53 -37.36
C SER E 79 -4.77 73.94 -38.37
N GLY E 80 -5.84 74.58 -37.92
CA GLY E 80 -6.86 75.05 -38.84
C GLY E 80 -8.26 74.59 -38.50
N LEU E 81 -9.08 74.46 -39.53
CA LEU E 81 -10.46 73.98 -39.40
C LEU E 81 -10.56 72.56 -38.88
N THR E 82 -10.44 72.38 -37.57
CA THR E 82 -10.48 71.05 -36.97
C THR E 82 -11.72 70.27 -37.42
N ALA E 83 -12.79 70.99 -37.74
CA ALA E 83 -14.03 70.36 -38.13
C ALA E 83 -13.98 69.85 -39.57
N ASP E 84 -13.07 70.40 -40.35
CA ASP E 84 -13.01 70.12 -41.78
C ASP E 84 -12.09 68.92 -41.99
N ALA E 85 -11.42 68.51 -40.92
CA ALA E 85 -10.48 67.40 -41.00
C ALA E 85 -11.07 66.13 -40.45
N ARG E 86 -12.36 66.12 -40.09
CA ARG E 86 -12.95 64.89 -39.58
C ARG E 86 -12.79 63.83 -40.64
N SER E 87 -13.21 64.13 -41.87
CA SER E 87 -13.13 63.17 -42.97
C SER E 87 -11.70 62.82 -43.36
N MET E 88 -10.78 63.76 -43.24
CA MET E 88 -9.39 63.51 -43.62
C MET E 88 -8.81 62.43 -42.70
N ILE E 89 -9.21 62.44 -41.44
CA ILE E 89 -8.70 61.49 -40.44
C ILE E 89 -9.36 60.12 -40.60
N GLU E 90 -10.68 60.12 -40.71
CA GLU E 90 -11.39 58.89 -40.96
C GLU E 90 -10.68 58.12 -42.06
N HIS E 91 -10.29 58.79 -43.14
CA HIS E 91 -9.64 58.09 -44.26
C HIS E 91 -8.26 57.56 -43.89
N ALA E 92 -7.58 58.23 -42.98
CA ALA E 92 -6.26 57.77 -42.59
C ALA E 92 -6.34 56.61 -41.63
N ARG E 93 -7.26 56.68 -40.68
CA ARG E 93 -7.43 55.58 -39.75
C ARG E 93 -7.89 54.35 -40.55
N THR E 94 -8.81 54.56 -41.49
CA THR E 94 -9.36 53.48 -42.29
C THR E 94 -8.29 52.87 -43.19
N ALA E 95 -7.33 53.67 -43.63
CA ALA E 95 -6.32 53.18 -44.55
C ALA E 95 -5.27 52.36 -43.83
N ALA E 96 -5.06 52.70 -42.57
CA ALA E 96 -4.00 52.11 -41.79
C ALA E 96 -4.39 50.75 -41.24
N VAL E 97 -5.68 50.57 -40.98
CA VAL E 97 -6.22 49.31 -40.51
C VAL E 97 -6.39 48.40 -41.69
N THR E 98 -6.90 48.98 -42.77
CA THR E 98 -7.08 48.28 -44.04
C THR E 98 -5.76 47.70 -44.50
N HIS E 99 -4.67 48.41 -44.24
CA HIS E 99 -3.39 47.89 -44.65
C HIS E 99 -2.99 46.75 -43.72
N ASN E 100 -3.29 46.90 -42.44
CA ASN E 100 -2.92 45.89 -41.45
C ASN E 100 -3.63 44.58 -41.70
N LEU E 101 -4.84 44.68 -42.21
CA LEU E 101 -5.64 43.51 -42.55
C LEU E 101 -5.07 42.81 -43.77
N TYR E 102 -4.97 43.53 -44.87
CA TYR E 102 -4.49 42.99 -46.13
C TYR E 102 -3.05 42.46 -46.10
N TYR E 103 -2.26 42.84 -45.08
CA TYR E 103 -0.81 42.55 -45.11
C TYR E 103 -0.16 42.12 -43.79
N ASP E 104 -0.89 42.12 -42.67
CA ASP E 104 -0.35 41.62 -41.40
C ASP E 104 0.88 42.38 -40.94
N GLU E 105 0.83 43.70 -41.06
CA GLU E 105 1.95 44.54 -40.63
C GLU E 105 1.46 45.96 -40.51
N ASP E 106 2.11 46.74 -39.65
CA ASP E 106 1.83 48.16 -39.52
C ASP E 106 2.24 48.88 -40.80
N ILE E 107 1.49 49.91 -41.17
CA ILE E 107 1.67 50.57 -42.45
C ILE E 107 2.72 51.66 -42.38
N ASN E 108 3.65 51.69 -43.33
CA ASN E 108 4.71 52.71 -43.40
C ASN E 108 4.21 54.15 -43.24
N VAL E 109 4.89 54.93 -42.41
CA VAL E 109 4.45 56.30 -42.19
C VAL E 109 4.49 57.10 -43.48
N GLU E 110 5.47 56.83 -44.32
CA GLU E 110 5.57 57.53 -45.60
C GLU E 110 4.31 57.27 -46.41
N SER E 111 3.88 56.01 -46.47
CA SER E 111 2.74 55.65 -47.30
C SER E 111 1.40 55.97 -46.67
N LEU E 112 1.33 55.99 -45.34
CA LEU E 112 0.11 56.44 -44.68
C LEU E 112 -0.09 57.90 -45.00
N THR E 113 1.00 58.65 -45.05
CA THR E 113 0.94 60.08 -45.34
C THR E 113 0.52 60.31 -46.78
N GLN E 114 1.17 59.60 -47.70
CA GLN E 114 0.88 59.81 -49.11
C GLN E 114 -0.57 59.50 -49.43
N SER E 115 -1.15 58.56 -48.69
CA SER E 115 -2.54 58.14 -48.89
C SER E 115 -3.55 59.22 -48.53
N VAL E 116 -3.20 59.98 -47.50
CA VAL E 116 -4.00 61.12 -47.06
C VAL E 116 -3.92 62.27 -48.07
N CYS E 117 -2.74 62.45 -48.66
CA CYS E 117 -2.57 63.43 -49.72
C CYS E 117 -3.32 63.03 -50.97
N ASP E 118 -3.29 61.74 -51.29
CA ASP E 118 -4.01 61.23 -52.45
C ASP E 118 -5.53 61.42 -52.30
N LEU E 119 -5.98 61.71 -51.08
CA LEU E 119 -7.39 61.98 -50.83
C LEU E 119 -7.78 63.42 -51.12
N ALA E 120 -6.99 64.35 -50.62
CA ALA E 120 -7.24 65.77 -50.87
C ALA E 120 -6.83 66.13 -52.30
N LEU E 121 -6.39 65.12 -53.06
CA LEU E 121 -5.99 65.28 -54.45
C LEU E 121 -7.18 64.99 -55.35
N ARG E 122 -8.34 64.84 -54.73
CA ARG E 122 -9.58 64.69 -55.48
C ARG E 122 -10.39 65.98 -55.32
N PHE E 123 -9.75 67.13 -55.59
CA PHE E 123 -10.41 68.44 -55.57
C PHE E 123 -10.94 68.84 -56.95
N GLY E 124 -12.26 69.06 -57.06
CA GLY E 124 -12.84 69.54 -58.30
C GLY E 124 -14.31 69.24 -58.56
N GLU E 125 -14.88 69.90 -59.58
CA GLU E 125 -16.27 69.70 -60.00
C GLU E 125 -16.40 69.28 -61.47
N GLY E 126 -15.26 69.05 -62.15
CA GLY E 126 -15.26 68.61 -63.53
C GLY E 126 -13.96 67.96 -63.98
N ALA E 127 -13.90 66.63 -63.92
CA ALA E 127 -12.70 65.88 -64.28
C ALA E 127 -12.96 64.70 -65.24
N SER E 128 -12.27 64.73 -66.39
CA SER E 128 -12.33 63.61 -67.34
C SER E 128 -10.96 62.91 -67.38
N GLY E 129 -11.00 61.60 -67.54
CA GLY E 129 -9.83 60.76 -67.32
C GLY E 129 -10.14 59.89 -66.12
N GLU E 130 -9.81 60.38 -64.92
CA GLU E 130 -10.28 59.77 -63.68
C GLU E 130 -11.08 60.78 -62.88
N GLU E 131 -12.13 60.31 -62.22
CA GLU E 131 -13.01 61.20 -61.46
C GLU E 131 -12.47 61.49 -60.06
N ARG E 132 -12.55 62.76 -59.69
CA ARG E 132 -12.14 63.24 -58.38
C ARG E 132 -13.40 63.75 -57.64
N LEU E 133 -14.09 62.87 -56.92
CA LEU E 133 -15.41 63.17 -56.33
C LEU E 133 -15.35 63.87 -54.95
N MET E 134 -15.60 65.19 -54.96
CA MET E 134 -15.56 66.06 -53.78
C MET E 134 -15.87 67.48 -54.24
N SER E 135 -15.57 68.51 -53.43
CA SER E 135 -15.87 69.89 -53.85
C SER E 135 -14.74 70.95 -53.77
N ARG E 136 -13.98 71.02 -52.68
CA ARG E 136 -12.94 72.05 -52.49
C ARG E 136 -11.61 71.50 -51.95
N PRO E 137 -10.47 72.19 -52.20
CA PRO E 137 -9.28 71.70 -51.51
C PRO E 137 -9.59 71.44 -50.04
N PHE E 138 -8.90 70.51 -49.41
CA PHE E 138 -9.16 70.18 -48.01
C PHE E 138 -8.54 71.23 -47.08
N GLY E 139 -9.39 72.00 -46.41
CA GLY E 139 -8.93 73.16 -45.66
C GLY E 139 -8.24 72.93 -44.32
N VAL E 140 -7.21 72.07 -44.30
CA VAL E 140 -6.43 71.83 -43.08
C VAL E 140 -5.06 71.20 -43.34
N ALA E 141 -4.06 71.63 -42.59
CA ALA E 141 -2.72 71.08 -42.73
C ALA E 141 -2.48 70.08 -41.64
N LEU E 142 -1.58 69.15 -41.88
CA LEU E 142 -1.32 68.11 -40.90
C LEU E 142 0.15 67.95 -40.61
N LEU E 143 0.46 67.73 -39.33
CA LEU E 143 1.75 67.20 -38.96
C LEU E 143 1.51 65.74 -38.60
N ILE E 144 2.12 64.84 -39.37
CA ILE E 144 1.95 63.41 -39.17
C ILE E 144 3.26 62.84 -38.70
N ALA E 145 3.24 62.14 -37.57
CA ALA E 145 4.48 61.67 -36.95
C ALA E 145 4.30 60.30 -36.36
N GLY E 146 5.25 59.40 -36.65
CA GLY E 146 5.14 58.02 -36.23
C GLY E 146 6.40 57.22 -36.40
N HIS E 147 6.30 55.90 -36.33
CA HIS E 147 7.47 55.04 -36.43
C HIS E 147 7.24 53.71 -37.14
N ASP E 148 8.00 53.47 -38.20
CA ASP E 148 8.09 52.16 -38.83
C ASP E 148 9.52 51.66 -38.78
N ALA E 149 9.75 50.38 -39.04
CA ALA E 149 11.07 49.80 -38.77
C ALA E 149 12.07 49.94 -39.93
N ASP E 150 11.60 50.43 -41.07
CA ASP E 150 12.48 50.72 -42.20
C ASP E 150 13.24 52.03 -41.99
N ASP E 151 12.46 53.12 -41.93
CA ASP E 151 12.98 54.47 -41.77
C ASP E 151 12.57 55.08 -40.43
N GLY E 152 13.23 54.62 -39.37
CA GLY E 152 13.14 55.17 -38.03
C GLY E 152 11.94 56.02 -37.67
N TYR E 153 12.16 57.05 -36.86
CA TYR E 153 11.11 57.99 -36.48
C TYR E 153 10.98 59.08 -37.53
N GLN E 154 9.77 59.55 -37.78
CA GLN E 154 9.53 60.39 -38.93
C GLN E 154 8.55 61.52 -38.65
N LEU E 155 8.76 62.66 -39.29
CA LEU E 155 7.79 63.75 -39.24
C LEU E 155 7.45 64.26 -40.65
N PHE E 156 6.18 64.56 -40.89
CA PHE E 156 5.68 64.90 -42.24
C PHE E 156 4.73 66.09 -42.21
N HIS E 157 4.74 66.90 -43.27
CA HIS E 157 3.79 68.00 -43.38
C HIS E 157 2.89 67.72 -44.58
N ALA E 158 1.61 67.46 -44.29
CA ALA E 158 0.66 67.19 -45.35
C ALA E 158 -0.06 68.47 -45.62
N GLU E 159 0.00 68.92 -46.86
CA GLU E 159 -0.69 70.14 -47.20
C GLU E 159 -1.97 69.81 -47.96
N PRO E 160 -2.91 70.75 -47.94
CA PRO E 160 -4.22 70.66 -48.60
C PRO E 160 -4.05 70.45 -50.09
N SER E 161 -2.87 70.79 -50.59
CA SER E 161 -2.60 70.75 -52.02
C SER E 161 -2.34 69.34 -52.50
N GLY E 162 -2.19 68.42 -51.55
CA GLY E 162 -1.96 67.03 -51.87
C GLY E 162 -0.51 66.57 -51.90
N THR E 163 0.42 67.50 -51.61
CA THR E 163 1.83 67.14 -51.55
C THR E 163 2.40 67.27 -50.16
N PHE E 164 3.64 66.86 -49.98
CA PHE E 164 4.23 66.86 -48.66
C PHE E 164 5.76 66.86 -48.65
N TYR E 165 6.32 67.23 -47.50
CA TYR E 165 7.75 67.20 -47.26
C TYR E 165 7.91 66.46 -45.94
N ARG E 166 9.09 65.85 -45.76
CA ARG E 166 9.41 65.23 -44.49
C ARG E 166 10.41 66.10 -43.74
N TYR E 167 9.88 67.00 -42.92
CA TYR E 167 10.70 67.82 -42.06
C TYR E 167 11.27 66.99 -40.89
N ASN E 168 12.48 67.33 -40.47
CA ASN E 168 13.07 66.77 -39.26
C ASN E 168 12.56 67.50 -38.03
N ALA E 169 11.82 68.60 -38.26
CA ALA E 169 11.12 69.38 -37.23
C ALA E 169 10.41 70.54 -37.89
N LYS E 170 9.09 70.66 -37.69
CA LYS E 170 8.29 71.64 -38.40
C LYS E 170 7.26 72.32 -37.52
N ALA E 171 6.93 73.56 -37.86
CA ALA E 171 5.89 74.33 -37.18
C ALA E 171 4.93 74.97 -38.19
N ILE E 172 3.64 74.86 -37.91
CA ILE E 172 2.57 75.38 -38.75
C ILE E 172 1.55 76.10 -37.88
N GLY E 173 0.84 77.06 -38.45
CA GLY E 173 -0.10 77.84 -37.67
C GLY E 173 0.39 79.23 -37.31
N SER E 174 -0.45 79.98 -36.61
CA SER E 174 -0.24 81.41 -36.35
C SER E 174 1.22 81.86 -36.18
N GLY E 175 2.01 81.05 -35.48
CA GLY E 175 3.39 81.44 -35.21
C GLY E 175 4.43 80.93 -36.19
N SER E 176 4.04 80.01 -37.05
CA SER E 176 5.00 79.25 -37.88
C SER E 176 6.23 79.99 -38.45
N GLU E 177 6.03 81.06 -39.21
CA GLU E 177 7.17 81.77 -39.81
C GLU E 177 8.27 82.03 -38.78
N GLY E 178 7.87 82.32 -37.54
CA GLY E 178 8.83 82.59 -36.47
C GLY E 178 9.28 81.38 -35.68
N ALA E 179 8.33 80.54 -35.29
CA ALA E 179 8.66 79.30 -34.61
C ALA E 179 9.59 78.48 -35.48
N GLN E 180 9.35 78.49 -36.78
CA GLN E 180 10.12 77.68 -37.70
C GLN E 180 11.57 78.14 -37.76
N ALA E 181 11.78 79.45 -37.78
CA ALA E 181 13.13 79.98 -37.85
C ALA E 181 13.84 79.78 -36.51
N GLU E 182 13.09 79.38 -35.49
CA GLU E 182 13.66 79.11 -34.19
C GLU E 182 14.05 77.63 -34.06
N LEU E 183 13.25 76.75 -34.66
CA LEU E 183 13.58 75.32 -34.69
C LEU E 183 14.80 75.13 -35.56
N LEU E 184 14.86 75.92 -36.62
CA LEU E 184 15.92 75.84 -37.58
C LEU E 184 17.24 76.16 -36.87
N ASN E 185 17.15 76.88 -35.74
CA ASN E 185 18.32 77.28 -34.95
C ASN E 185 18.69 76.27 -33.88
N GLU E 186 17.68 75.72 -33.21
CA GLU E 186 17.89 74.93 -32.00
C GLU E 186 17.82 73.41 -32.15
N TRP E 187 17.63 72.90 -33.37
CA TRP E 187 17.55 71.46 -33.59
C TRP E 187 18.86 70.82 -34.03
N HIS E 188 19.23 69.69 -33.41
CA HIS E 188 20.39 68.88 -33.80
C HIS E 188 20.08 67.39 -33.96
N SER E 189 20.93 66.71 -34.72
CA SER E 189 20.73 65.31 -35.04
C SER E 189 20.81 64.38 -33.84
N SER E 190 20.99 64.96 -32.66
CA SER E 190 21.25 64.17 -31.46
C SER E 190 20.41 64.56 -30.26
N LEU E 191 19.18 64.99 -30.50
CA LEU E 191 18.28 65.34 -29.39
C LEU E 191 17.80 64.10 -28.67
N THR E 192 17.42 64.28 -27.40
CA THR E 192 16.81 63.21 -26.61
C THR E 192 15.35 63.55 -26.45
N LEU E 193 14.50 62.54 -26.25
CA LEU E 193 13.08 62.83 -26.14
C LEU E 193 12.83 63.84 -25.03
N LYS E 194 13.51 63.66 -23.90
CA LYS E 194 13.35 64.60 -22.79
C LYS E 194 13.63 66.01 -23.27
N GLU E 195 14.72 66.19 -24.01
CA GLU E 195 15.14 67.52 -24.51
C GLU E 195 14.13 68.16 -25.46
N ALA E 196 13.47 67.36 -26.29
CA ALA E 196 12.52 67.90 -27.27
C ALA E 196 11.14 68.10 -26.68
N GLU E 197 10.76 67.28 -25.71
CA GLU E 197 9.52 67.50 -24.98
C GLU E 197 9.51 68.98 -24.60
N LEU E 198 10.67 69.47 -24.15
CA LEU E 198 10.81 70.83 -23.61
C LEU E 198 10.96 71.93 -24.67
N LEU E 199 11.81 71.69 -25.66
CA LEU E 199 11.96 72.63 -26.77
C LEU E 199 10.63 72.95 -27.47
N VAL E 200 9.69 72.01 -27.45
CA VAL E 200 8.37 72.26 -28.02
C VAL E 200 7.58 73.25 -27.16
N LEU E 201 7.81 73.22 -25.86
CA LEU E 201 7.16 74.16 -24.97
C LEU E 201 7.81 75.54 -25.13
N LYS E 202 9.14 75.59 -25.07
CA LYS E 202 9.86 76.85 -25.19
C LYS E 202 9.40 77.62 -26.41
N ILE E 203 9.12 76.90 -27.48
CA ILE E 203 8.72 77.54 -28.73
C ILE E 203 7.23 77.82 -28.78
N LEU E 204 6.46 77.19 -27.91
CA LEU E 204 5.07 77.58 -27.76
C LEU E 204 4.98 78.81 -26.86
N LYS E 205 5.83 78.87 -25.84
CA LYS E 205 5.88 80.07 -25.00
C LYS E 205 6.17 81.27 -25.87
N GLN E 206 7.26 81.20 -26.64
CA GLN E 206 7.63 82.30 -27.51
C GLN E 206 6.44 82.79 -28.33
N VAL E 207 6.16 82.09 -29.42
CA VAL E 207 5.12 82.53 -30.35
C VAL E 207 3.69 82.27 -29.83
N MET E 208 3.41 82.75 -28.62
CA MET E 208 2.06 82.84 -28.06
C MET E 208 2.08 84.08 -27.18
N GLU E 209 3.28 84.67 -27.09
CA GLU E 209 3.57 85.81 -26.22
C GLU E 209 2.75 85.75 -24.92
N GLU E 210 2.83 84.61 -24.24
CA GLU E 210 2.07 84.36 -23.00
C GLU E 210 2.75 83.30 -22.10
N LYS E 211 2.31 83.19 -20.83
CA LYS E 211 2.77 82.12 -19.93
C LYS E 211 1.81 80.94 -19.97
N LEU E 212 2.33 79.73 -20.15
CA LEU E 212 1.49 78.57 -20.52
C LEU E 212 1.28 77.49 -19.46
N ASP E 213 0.12 76.83 -19.56
CA ASP E 213 -0.34 75.79 -18.64
C ASP E 213 -1.08 74.70 -19.41
N GLU E 214 -1.72 73.77 -18.70
CA GLU E 214 -2.41 72.66 -19.36
C GLU E 214 -3.78 73.03 -19.91
N ASN E 215 -4.21 74.26 -19.66
CA ASN E 215 -5.46 74.75 -20.23
C ASN E 215 -5.27 75.38 -21.62
N ASN E 216 -4.01 75.51 -22.04
CA ASN E 216 -3.72 76.05 -23.37
C ASN E 216 -2.64 75.30 -24.16
N ALA E 217 -2.11 74.22 -23.59
CA ALA E 217 -1.17 73.34 -24.30
C ALA E 217 -1.44 71.84 -24.09
N GLN E 218 -1.27 71.08 -25.15
CA GLN E 218 -1.48 69.64 -25.11
C GLN E 218 -0.22 69.07 -25.69
N LEU E 219 0.39 68.12 -24.98
CA LEU E 219 1.57 67.46 -25.50
C LEU E 219 1.32 65.98 -25.79
N SER E 220 1.93 65.48 -26.85
CA SER E 220 1.86 64.07 -27.18
C SER E 220 3.17 63.63 -27.81
N CYS E 221 3.43 62.33 -27.77
CA CYS E 221 4.65 61.78 -28.35
C CYS E 221 4.40 60.36 -28.86
N ILE E 222 5.33 59.86 -29.65
CA ILE E 222 5.22 58.51 -30.19
C ILE E 222 6.55 57.79 -30.13
N THR E 223 6.65 56.82 -29.21
CA THR E 223 7.85 55.99 -29.04
C THR E 223 7.65 54.64 -29.70
N LYS E 224 8.74 53.97 -30.06
CA LYS E 224 8.66 52.59 -30.57
C LYS E 224 8.00 51.72 -29.51
N GLN E 225 8.47 51.84 -28.27
CA GLN E 225 8.00 51.00 -27.18
C GLN E 225 6.54 51.25 -26.80
N ASP E 226 6.23 52.41 -26.24
CA ASP E 226 4.91 52.65 -25.67
C ASP E 226 3.80 53.06 -26.62
N GLY E 227 4.15 53.33 -27.88
CA GLY E 227 3.16 53.70 -28.87
C GLY E 227 2.92 55.20 -28.93
N PHE E 228 1.70 55.60 -29.27
CA PHE E 228 1.37 57.01 -29.36
C PHE E 228 0.42 57.42 -28.26
N LYS E 229 0.96 58.06 -27.22
CA LYS E 229 0.15 58.51 -26.09
C LYS E 229 0.04 60.02 -26.08
N ILE E 230 -1.08 60.55 -25.61
CA ILE E 230 -1.22 61.99 -25.41
C ILE E 230 -1.07 62.29 -23.93
N TYR E 231 -0.10 63.13 -23.58
CA TYR E 231 0.16 63.48 -22.19
C TYR E 231 -1.08 64.06 -21.52
N ASP E 232 -1.49 63.45 -20.40
CA ASP E 232 -2.58 63.99 -19.60
C ASP E 232 -2.09 65.25 -18.92
N ASN E 233 -3.01 66.09 -18.47
CA ASN E 233 -2.67 67.42 -17.96
C ASN E 233 -1.61 67.45 -16.85
N GLU E 234 -1.59 66.42 -16.00
CA GLU E 234 -0.57 66.36 -14.96
C GLU E 234 0.83 66.32 -15.57
N LYS E 235 1.08 65.40 -16.49
CA LYS E 235 2.43 65.22 -17.05
C LYS E 235 2.88 66.44 -17.84
N THR E 236 1.93 67.07 -18.54
CA THR E 236 2.24 68.27 -19.31
C THR E 236 2.66 69.41 -18.37
N ALA E 237 2.29 69.31 -17.10
CA ALA E 237 2.57 70.38 -16.14
C ALA E 237 3.95 70.32 -15.50
N GLU E 238 4.36 69.15 -15.00
CA GLU E 238 5.70 69.02 -14.42
C GLU E 238 6.71 68.91 -15.53
N LEU E 239 6.24 69.04 -16.77
CA LEU E 239 7.11 69.19 -17.91
C LEU E 239 7.27 70.68 -18.12
N ILE E 240 6.21 71.41 -17.83
CA ILE E 240 6.23 72.85 -17.85
C ILE E 240 7.00 73.43 -16.68
N LYS E 241 6.65 72.98 -15.47
CA LYS E 241 7.38 73.34 -14.28
C LYS E 241 8.87 73.11 -14.53
N GLU E 242 9.19 72.03 -15.24
CA GLU E 242 10.58 71.64 -15.47
C GLU E 242 11.30 72.60 -16.41
N LEU E 243 10.53 73.46 -17.08
CA LEU E 243 11.10 74.48 -17.95
C LEU E 243 11.25 75.82 -17.21
N LYS E 244 10.24 76.16 -16.41
CA LYS E 244 10.29 77.36 -15.56
C LYS E 244 11.63 77.38 -14.83
N GLU E 245 12.12 76.19 -14.50
CA GLU E 245 13.41 76.04 -13.81
C GLU E 245 14.59 76.07 -14.79
N LYS E 246 14.57 75.19 -15.79
CA LYS E 246 15.67 75.09 -16.76
C LYS E 246 16.06 76.42 -17.39
N GLU E 247 15.10 77.34 -17.50
CA GLU E 247 15.37 78.65 -18.11
C GLU E 247 15.73 79.71 -17.08
N ALA E 248 15.48 79.42 -15.82
CA ALA E 248 15.96 80.27 -14.74
C ALA E 248 17.44 79.96 -14.49
N ALA E 249 18.03 79.18 -15.38
CA ALA E 249 19.44 78.82 -15.29
C ALA E 249 20.32 80.05 -15.38
N GLU E 250 20.28 80.72 -16.53
CA GLU E 250 21.00 81.98 -16.67
C GLU E 250 20.08 83.15 -17.02
N MET F 1 -4.07 99.67 -68.72
CA MET F 1 -3.68 98.21 -68.99
C MET F 1 -4.41 97.17 -70.00
N PHE F 2 -3.97 95.90 -70.05
CA PHE F 2 -4.33 94.95 -71.17
C PHE F 2 -5.02 93.60 -70.86
N ARG F 3 -6.34 93.60 -70.79
CA ARG F 3 -7.07 92.42 -70.36
C ARG F 3 -7.21 91.34 -71.42
N ASN F 4 -7.41 90.10 -70.97
CA ASN F 4 -7.60 88.95 -71.85
C ASN F 4 -8.98 88.30 -71.68
N ASN F 5 -9.65 88.09 -72.80
CA ASN F 5 -11.03 87.63 -72.79
C ASN F 5 -11.14 86.15 -73.14
N TYR F 6 -10.07 85.62 -73.74
CA TYR F 6 -10.06 84.27 -74.27
C TYR F 6 -9.13 83.33 -73.50
N ASP F 7 -8.85 83.68 -72.26
CA ASP F 7 -7.99 82.87 -71.39
C ASP F 7 -8.77 82.31 -70.20
N GLY F 8 -10.09 82.27 -70.33
CA GLY F 8 -10.97 81.82 -69.27
C GLY F 8 -10.87 80.34 -68.95
N ASP F 9 -10.97 79.50 -69.98
CA ASP F 9 -10.86 78.06 -69.81
C ASP F 9 -10.23 77.42 -71.02
N THR F 10 -10.36 76.10 -71.12
CA THR F 10 -9.65 75.34 -72.12
C THR F 10 -10.50 75.08 -73.32
N VAL F 11 -11.78 75.40 -73.21
CA VAL F 11 -12.76 75.14 -74.24
C VAL F 11 -12.88 76.35 -75.15
N THR F 12 -11.91 77.26 -74.99
CA THR F 12 -11.97 78.57 -75.63
C THR F 12 -10.73 78.99 -76.42
N PHE F 13 -10.94 79.10 -77.74
CA PHE F 13 -9.90 79.44 -78.71
C PHE F 13 -9.75 80.94 -78.79
N SER F 14 -8.54 81.44 -78.62
CA SER F 14 -8.24 82.84 -78.89
C SER F 14 -8.39 83.13 -80.37
N PRO F 15 -8.74 84.37 -80.70
CA PRO F 15 -9.01 84.78 -82.08
C PRO F 15 -7.86 84.50 -83.02
N THR F 16 -6.62 84.51 -82.54
CA THR F 16 -5.46 84.24 -83.39
C THR F 16 -5.20 82.75 -83.57
N GLY F 17 -6.00 81.93 -82.90
CA GLY F 17 -5.92 80.47 -83.00
C GLY F 17 -5.26 79.79 -81.80
N ARG F 18 -5.39 80.38 -80.62
CA ARG F 18 -4.54 79.99 -79.50
C ARG F 18 -5.34 79.59 -78.27
N LEU F 19 -4.91 78.52 -77.65
CA LEU F 19 -5.59 78.03 -76.47
C LEU F 19 -4.78 78.60 -75.36
N PHE F 20 -5.27 79.66 -74.75
CA PHE F 20 -4.40 80.32 -73.80
C PHE F 20 -4.20 79.44 -72.59
N GLN F 21 -5.27 78.79 -72.16
CA GLN F 21 -5.18 78.01 -70.94
C GLN F 21 -4.09 76.94 -71.03
N VAL F 22 -3.71 76.57 -72.23
CA VAL F 22 -2.66 75.57 -72.42
C VAL F 22 -1.31 76.23 -72.41
N GLU F 23 -1.17 77.34 -73.11
CA GLU F 23 0.09 78.07 -73.10
C GLU F 23 0.49 78.39 -71.64
N TYR F 24 -0.51 78.62 -70.79
CA TYR F 24 -0.25 78.98 -69.38
C TYR F 24 0.27 77.78 -68.62
N ALA F 25 -0.25 76.61 -68.97
CA ALA F 25 0.19 75.39 -68.33
C ALA F 25 1.60 75.03 -68.75
N LEU F 26 1.86 75.14 -70.05
CA LEU F 26 3.19 74.92 -70.61
C LEU F 26 4.24 75.76 -69.85
N GLU F 27 3.78 76.80 -69.15
CA GLU F 27 4.67 77.67 -68.36
C GLU F 27 4.87 77.16 -66.92
N ALA F 28 3.99 76.28 -66.44
CA ALA F 28 4.12 75.78 -65.07
C ALA F 28 5.32 74.88 -64.99
N ILE F 29 5.71 74.30 -66.12
CA ILE F 29 6.96 73.55 -66.25
C ILE F 29 8.10 74.36 -65.63
N LYS F 30 8.28 75.58 -66.15
CA LYS F 30 9.37 76.46 -65.74
C LYS F 30 9.25 76.95 -64.29
N GLN F 31 8.15 76.60 -63.60
CA GLN F 31 7.98 76.98 -62.20
C GLN F 31 8.55 75.95 -61.24
N GLY F 32 9.06 74.86 -61.79
CA GLY F 32 9.76 73.88 -60.98
C GLY F 32 11.19 73.63 -61.38
N SER F 33 11.93 72.97 -60.49
CA SER F 33 13.36 72.71 -60.64
C SER F 33 13.82 72.12 -61.99
N VAL F 34 15.12 72.15 -62.25
CA VAL F 34 15.69 71.73 -63.54
C VAL F 34 16.02 70.24 -63.59
N THR F 35 15.65 69.58 -64.68
CA THR F 35 16.06 68.19 -64.89
C THR F 35 16.53 67.96 -66.33
N VAL F 36 17.43 67.00 -66.49
CA VAL F 36 18.13 66.79 -67.76
C VAL F 36 18.03 65.34 -68.19
N GLY F 37 18.05 65.10 -69.50
CA GLY F 37 17.94 63.77 -70.04
C GLY F 37 18.75 63.61 -71.30
N LEU F 38 19.43 62.47 -71.44
CA LEU F 38 20.27 62.22 -72.61
C LEU F 38 20.52 60.73 -72.80
N ARG F 39 20.86 60.34 -74.03
CA ARG F 39 21.01 58.93 -74.38
C ARG F 39 22.08 58.64 -75.42
N SER F 40 22.83 57.56 -75.22
CA SER F 40 23.73 57.04 -76.23
C SER F 40 23.00 56.03 -77.11
N ASN F 41 23.72 55.09 -77.70
CA ASN F 41 23.06 54.02 -78.42
C ASN F 41 22.77 52.82 -77.51
N THR F 42 23.25 52.90 -76.27
CA THR F 42 23.17 51.79 -75.32
C THR F 42 22.61 52.16 -73.94
N HIS F 43 22.55 53.44 -73.62
CA HIS F 43 21.95 53.86 -72.35
C HIS F 43 21.17 55.18 -72.41
N ALA F 44 20.31 55.37 -71.43
CA ALA F 44 19.62 56.64 -71.22
C ALA F 44 19.78 57.06 -69.75
N VAL F 45 20.17 58.30 -69.54
CA VAL F 45 20.40 58.80 -68.20
C VAL F 45 19.47 59.95 -67.88
N LEU F 46 19.13 60.10 -66.60
CA LEU F 46 18.43 61.29 -66.13
C LEU F 46 19.19 61.91 -64.95
N VAL F 47 19.22 63.24 -64.92
CA VAL F 47 19.75 63.97 -63.79
C VAL F 47 18.71 65.00 -63.38
N ALA F 48 18.40 65.08 -62.10
CA ALA F 48 17.45 66.06 -61.65
C ALA F 48 18.07 66.74 -60.46
N LEU F 49 17.66 67.98 -60.21
CA LEU F 49 18.06 68.67 -59.02
C LEU F 49 16.89 68.73 -58.03
N LYS F 50 16.88 67.80 -57.08
CA LYS F 50 15.84 67.79 -56.07
C LYS F 50 15.90 69.13 -55.32
N ARG F 51 14.77 69.77 -55.12
CA ARG F 51 14.76 71.02 -54.36
C ARG F 51 14.15 70.84 -52.97
N ASN F 52 14.71 71.51 -51.95
CA ASN F 52 14.18 71.42 -50.58
C ASN F 52 13.44 72.65 -50.10
N ALA F 53 12.82 72.55 -48.92
CA ALA F 53 11.99 73.63 -48.39
C ALA F 53 12.75 74.45 -47.36
N ASP F 54 13.10 73.82 -46.25
CA ASP F 54 13.97 74.42 -45.26
C ASP F 54 15.32 73.72 -45.37
N GLU F 55 16.24 74.10 -44.49
CA GLU F 55 17.43 73.28 -44.28
C GLU F 55 16.93 72.05 -43.53
N LEU F 56 15.71 72.14 -43.05
CA LEU F 56 15.19 71.19 -42.09
C LEU F 56 14.26 70.13 -42.71
N SER F 57 14.24 70.04 -44.04
CA SER F 57 13.26 69.20 -44.72
C SER F 57 13.88 68.29 -45.76
N SER F 58 13.14 67.25 -46.16
CA SER F 58 13.63 66.34 -47.19
C SER F 58 13.66 67.06 -48.53
N TYR F 59 14.10 66.38 -49.57
CA TYR F 59 14.05 66.92 -50.93
C TYR F 59 12.98 66.23 -51.82
N GLN F 60 12.30 66.98 -52.68
CA GLN F 60 11.21 66.45 -53.50
C GLN F 60 11.78 65.43 -54.44
N LYS F 61 11.21 64.23 -54.54
CA LYS F 61 11.77 63.29 -55.51
C LYS F 61 11.35 63.73 -56.92
N LYS F 62 12.24 63.58 -57.88
CA LYS F 62 11.98 64.14 -59.22
C LYS F 62 12.09 63.07 -60.29
N ILE F 63 12.44 61.85 -59.87
CA ILE F 63 12.47 60.68 -60.76
C ILE F 63 11.59 59.53 -60.23
N ILE F 64 10.80 58.92 -61.11
CA ILE F 64 9.92 57.80 -60.70
C ILE F 64 10.06 56.59 -61.60
N LYS F 65 10.29 55.42 -61.01
CA LYS F 65 10.35 54.18 -61.81
C LYS F 65 8.98 53.86 -62.45
N CYS F 66 8.99 53.41 -63.70
CA CYS F 66 7.72 53.01 -64.34
C CYS F 66 7.55 51.50 -64.63
N ASP F 67 8.61 50.86 -65.13
CA ASP F 67 8.73 49.40 -65.22
C ASP F 67 10.24 49.13 -65.13
N GLU F 68 10.68 47.88 -65.27
CA GLU F 68 12.11 47.63 -65.14
C GLU F 68 12.86 48.11 -66.37
N HIS F 69 12.15 48.68 -67.33
CA HIS F 69 12.78 49.11 -68.57
C HIS F 69 12.53 50.58 -68.92
N MET F 70 11.80 51.29 -68.06
CA MET F 70 11.32 52.62 -68.38
C MET F 70 11.04 53.46 -67.13
N GLY F 71 11.47 54.72 -67.18
CA GLY F 71 11.29 55.64 -66.07
C GLY F 71 11.23 57.06 -66.56
N LEU F 72 10.84 57.97 -65.68
CA LEU F 72 10.72 59.36 -66.08
C LEU F 72 11.15 60.34 -65.01
N SER F 73 11.46 61.57 -65.40
CA SER F 73 11.68 62.66 -64.43
C SER F 73 10.68 63.80 -64.64
N LEU F 74 10.38 64.53 -63.58
CA LEU F 74 9.33 65.54 -63.65
C LEU F 74 9.87 66.92 -63.31
N ALA F 75 9.37 67.92 -64.01
CA ALA F 75 9.65 69.30 -63.65
C ALA F 75 8.34 70.04 -63.72
N GLY F 76 7.84 70.49 -62.59
CA GLY F 76 6.57 71.17 -62.62
C GLY F 76 5.66 70.79 -61.49
N LEU F 77 4.38 70.63 -61.79
CA LEU F 77 3.36 70.27 -60.79
C LEU F 77 3.45 68.82 -60.39
N ALA F 78 3.69 68.57 -59.11
CA ALA F 78 3.98 67.21 -58.64
C ALA F 78 2.82 66.26 -58.82
N PRO F 79 1.66 66.59 -58.22
CA PRO F 79 0.49 65.71 -58.30
C PRO F 79 0.16 65.34 -59.74
N ASP F 80 0.30 66.27 -60.67
CA ASP F 80 0.05 65.98 -62.07
C ASP F 80 1.00 64.89 -62.60
N ALA F 81 2.21 64.82 -62.04
CA ALA F 81 3.13 63.77 -62.45
C ALA F 81 2.83 62.49 -61.70
N ARG F 82 2.34 62.59 -60.48
CA ARG F 82 1.99 61.40 -59.74
C ARG F 82 0.86 60.70 -60.50
N VAL F 83 -0.06 61.49 -61.01
CA VAL F 83 -1.19 60.99 -61.77
C VAL F 83 -0.77 60.38 -63.11
N LEU F 84 0.16 61.02 -63.80
CA LEU F 84 0.59 60.53 -65.11
C LEU F 84 1.59 59.39 -64.99
N SER F 85 2.50 59.48 -64.01
CA SER F 85 3.49 58.45 -63.85
C SER F 85 2.77 57.18 -63.47
N ASN F 86 1.66 57.31 -62.77
CA ASN F 86 0.87 56.13 -62.41
C ASN F 86 0.18 55.50 -63.60
N TYR F 87 -0.50 56.29 -64.43
CA TYR F 87 -1.10 55.78 -65.66
C TYR F 87 -0.08 55.03 -66.51
N LEU F 88 1.11 55.60 -66.65
CA LEU F 88 2.15 54.93 -67.40
C LEU F 88 2.49 53.60 -66.76
N ARG F 89 2.57 53.58 -65.44
CA ARG F 89 2.91 52.36 -64.70
C ARG F 89 1.93 51.23 -65.03
N GLN F 90 0.66 51.61 -65.25
CA GLN F 90 -0.40 50.65 -65.59
C GLN F 90 -0.25 50.07 -66.99
N GLN F 91 -0.24 50.91 -68.01
CA GLN F 91 -0.11 50.41 -69.37
C GLN F 91 1.10 49.52 -69.52
N CYS F 92 2.18 49.89 -68.84
CA CYS F 92 3.42 49.11 -68.88
C CYS F 92 3.19 47.72 -68.35
N ASN F 93 2.38 47.66 -67.30
CA ASN F 93 2.12 46.46 -66.55
C ASN F 93 0.96 45.71 -67.15
N TYR F 94 0.28 46.32 -68.09
CA TYR F 94 -0.78 45.65 -68.84
C TYR F 94 -0.17 45.07 -70.11
N SER F 95 0.72 45.79 -70.77
CA SER F 95 1.40 45.23 -71.93
C SER F 95 2.23 44.02 -71.50
N SER F 96 2.53 43.94 -70.21
CA SER F 96 3.29 42.81 -69.68
C SER F 96 2.37 41.62 -69.47
N LEU F 97 1.20 41.85 -68.90
CA LEU F 97 0.32 40.76 -68.49
C LEU F 97 -0.43 40.12 -69.65
N VAL F 98 -1.12 40.94 -70.41
CA VAL F 98 -1.87 40.48 -71.58
C VAL F 98 -1.01 39.96 -72.71
N PHE F 99 0.07 40.68 -73.06
CA PHE F 99 0.92 40.28 -74.17
C PHE F 99 2.34 39.82 -73.81
N ASN F 100 2.68 39.79 -72.52
CA ASN F 100 4.03 39.40 -72.11
C ASN F 100 5.05 40.12 -73.00
N ARG F 101 4.92 41.43 -73.06
CA ARG F 101 5.71 42.29 -73.93
C ARG F 101 6.03 43.62 -73.26
N LYS F 102 7.32 43.87 -73.04
CA LYS F 102 7.76 45.16 -72.55
C LYS F 102 7.12 46.27 -73.42
N LEU F 103 6.38 47.17 -72.78
CA LEU F 103 5.70 48.28 -73.48
C LEU F 103 6.64 49.26 -74.16
N ALA F 104 6.58 49.34 -75.49
CA ALA F 104 7.51 50.17 -76.28
C ALA F 104 7.61 51.60 -75.74
N VAL F 105 8.80 52.21 -75.78
CA VAL F 105 8.87 53.62 -75.34
C VAL F 105 8.13 54.54 -76.31
N GLU F 106 8.44 54.38 -77.59
CA GLU F 106 7.76 55.15 -78.64
C GLU F 106 6.24 55.12 -78.46
N ARG F 107 5.74 54.13 -77.73
CA ARG F 107 4.29 53.98 -77.61
C ARG F 107 3.73 54.62 -76.35
N ALA F 108 4.50 54.66 -75.28
CA ALA F 108 4.06 55.37 -74.10
C ALA F 108 4.07 56.86 -74.43
N GLY F 109 4.91 57.25 -75.37
CA GLY F 109 4.87 58.60 -75.89
C GLY F 109 3.50 58.86 -76.45
N HIS F 110 3.14 58.05 -77.45
CA HIS F 110 1.83 58.17 -78.10
C HIS F 110 0.66 58.09 -77.11
N LEU F 111 0.85 57.44 -75.96
CA LEU F 111 -0.26 57.16 -75.05
C LEU F 111 -0.48 58.27 -74.06
N LEU F 112 0.59 59.00 -73.76
CA LEU F 112 0.53 60.12 -72.83
C LEU F 112 0.04 61.33 -73.59
N CYS F 113 0.52 61.48 -74.81
CA CYS F 113 0.04 62.54 -75.65
C CYS F 113 -1.47 62.56 -75.64
N ASP F 114 -2.07 61.39 -75.85
CA ASP F 114 -3.51 61.27 -75.95
C ASP F 114 -4.22 61.44 -74.62
N LYS F 115 -3.52 61.14 -73.52
CA LYS F 115 -4.04 61.28 -72.15
C LYS F 115 -4.15 62.72 -71.74
N ALA F 116 -3.17 63.52 -72.16
CA ALA F 116 -3.07 64.94 -71.81
C ALA F 116 -3.97 65.74 -72.70
N GLN F 117 -4.14 65.24 -73.91
CA GLN F 117 -4.99 65.90 -74.89
C GLN F 117 -6.40 65.92 -74.38
N LYS F 118 -6.84 64.83 -73.76
CA LYS F 118 -8.18 64.77 -73.20
C LYS F 118 -8.50 65.94 -72.28
N ASN F 119 -7.49 66.44 -71.57
CA ASN F 119 -7.70 67.54 -70.62
C ASN F 119 -7.67 68.95 -71.23
N THR F 120 -7.68 69.01 -72.56
CA THR F 120 -7.68 70.27 -73.26
C THR F 120 -8.86 70.36 -74.24
N GLN F 121 -9.82 69.43 -74.13
CA GLN F 121 -11.03 69.39 -74.95
C GLN F 121 -12.17 69.73 -74.01
N SER F 122 -11.95 69.45 -72.74
CA SER F 122 -13.02 69.41 -71.75
C SER F 122 -13.20 70.70 -70.99
N TYR F 123 -14.45 71.11 -70.88
CA TYR F 123 -14.84 72.25 -70.05
C TYR F 123 -14.78 71.84 -68.60
N GLY F 124 -14.19 72.68 -67.76
CA GLY F 124 -14.13 72.42 -66.33
C GLY F 124 -12.74 72.07 -65.85
N GLY F 125 -12.15 71.02 -66.42
CA GLY F 125 -10.83 70.59 -66.03
C GLY F 125 -9.74 71.47 -66.62
N ARG F 126 -8.67 71.65 -65.86
CA ARG F 126 -7.48 72.37 -66.32
C ARG F 126 -6.56 71.38 -66.98
N PRO F 127 -5.67 71.86 -67.84
CA PRO F 127 -4.66 71.01 -68.48
C PRO F 127 -3.66 70.45 -67.49
N TYR F 128 -2.84 69.51 -67.95
CA TYR F 128 -1.80 68.97 -67.10
C TYR F 128 -0.71 70.01 -66.97
N GLY F 129 -0.09 70.09 -65.82
CA GLY F 129 0.87 71.15 -65.61
C GLY F 129 2.20 70.65 -65.15
N VAL F 130 2.82 69.84 -65.99
CA VAL F 130 4.12 69.30 -65.65
C VAL F 130 4.78 68.80 -66.90
N GLY F 131 6.09 68.79 -66.91
CA GLY F 131 6.81 68.25 -68.04
C GLY F 131 7.51 66.98 -67.63
N LEU F 132 7.70 66.11 -68.59
CA LEU F 132 8.29 64.84 -68.30
C LEU F 132 9.37 64.51 -69.29
N LEU F 133 10.52 64.13 -68.76
CA LEU F 133 11.53 63.46 -69.55
C LEU F 133 11.40 61.98 -69.24
N ILE F 134 11.19 61.21 -70.30
CA ILE F 134 10.96 59.78 -70.20
C ILE F 134 12.13 59.00 -70.85
N ILE F 135 12.65 57.99 -70.15
CA ILE F 135 13.73 57.15 -70.72
C ILE F 135 13.42 55.66 -70.65
N GLY F 136 14.05 54.91 -71.55
CA GLY F 136 13.87 53.48 -71.61
C GLY F 136 14.72 52.80 -72.67
N TYR F 137 14.90 51.49 -72.52
CA TYR F 137 15.52 50.67 -73.57
C TYR F 137 14.45 49.68 -74.06
N ASP F 138 13.99 49.85 -75.29
CA ASP F 138 12.97 48.96 -75.81
C ASP F 138 13.57 48.04 -76.85
N LYS F 139 12.74 47.37 -77.64
CA LYS F 139 13.28 46.48 -78.65
C LYS F 139 14.01 47.26 -79.75
N SER F 140 14.02 48.60 -79.66
CA SER F 140 14.56 49.44 -80.74
C SER F 140 15.66 50.42 -80.33
N GLY F 141 16.27 50.21 -79.17
CA GLY F 141 17.49 50.90 -78.80
C GLY F 141 17.36 51.64 -77.48
N ALA F 142 18.13 52.70 -77.34
CA ALA F 142 17.91 53.61 -76.23
C ALA F 142 16.86 54.59 -76.69
N HIS F 143 16.25 55.31 -75.76
CA HIS F 143 15.21 56.28 -76.09
C HIS F 143 15.06 57.43 -75.07
N LEU F 144 14.78 58.64 -75.57
CA LEU F 144 14.39 59.78 -74.72
C LEU F 144 13.22 60.56 -75.32
N LEU F 145 12.25 60.92 -74.49
CA LEU F 145 11.09 61.70 -74.93
C LEU F 145 10.87 62.95 -74.05
N GLU F 146 10.36 64.04 -74.65
CA GLU F 146 9.97 65.23 -73.89
C GLU F 146 8.45 65.29 -73.94
N PHE F 147 7.84 65.36 -72.77
CA PHE F 147 6.39 65.48 -72.69
C PHE F 147 5.99 66.84 -72.16
N GLN F 148 5.49 67.72 -73.03
CA GLN F 148 4.89 68.97 -72.56
C GLN F 148 3.40 68.71 -72.42
N PRO F 149 2.75 69.44 -71.49
CA PRO F 149 1.34 69.24 -71.12
C PRO F 149 0.35 69.53 -72.23
N SER F 150 0.87 69.95 -73.38
CA SER F 150 0.02 70.30 -74.50
C SER F 150 -0.42 69.03 -75.19
N GLY F 151 0.35 67.98 -74.92
CA GLY F 151 0.21 66.71 -75.59
C GLY F 151 1.42 66.41 -76.47
N ASN F 152 2.09 67.44 -76.93
CA ASN F 152 3.21 67.24 -77.84
C ASN F 152 4.34 66.47 -77.15
N VAL F 153 4.49 65.19 -77.49
CA VAL F 153 5.62 64.38 -77.05
C VAL F 153 6.60 64.17 -78.21
N THR F 154 7.88 64.42 -77.95
CA THR F 154 8.88 64.54 -79.03
C THR F 154 10.06 63.71 -78.65
N GLU F 155 10.65 62.97 -79.60
CA GLU F 155 11.78 62.09 -79.24
C GLU F 155 13.14 62.69 -79.56
N LEU F 156 14.04 62.65 -78.59
CA LEU F 156 15.31 63.38 -78.66
C LEU F 156 16.53 62.56 -78.23
N TYR F 157 17.71 63.16 -78.43
CA TYR F 157 18.96 62.65 -77.89
C TYR F 157 19.21 63.24 -76.50
N GLY F 158 18.80 64.48 -76.30
CA GLY F 158 18.93 65.15 -75.03
C GLY F 158 18.08 66.40 -74.97
N THR F 159 17.68 66.81 -73.76
CA THR F 159 16.98 68.06 -73.57
C THR F 159 16.98 68.40 -72.09
N ALA F 160 16.37 69.52 -71.73
CA ALA F 160 16.26 69.88 -70.34
C ALA F 160 15.04 70.74 -70.16
N ILE F 161 14.35 70.57 -69.04
CA ILE F 161 13.13 71.31 -68.81
C ILE F 161 13.17 71.98 -67.45
N GLY F 162 12.58 73.16 -67.35
CA GLY F 162 12.42 73.84 -66.08
C GLY F 162 13.19 75.13 -65.82
N ALA F 163 13.35 75.42 -64.53
CA ALA F 163 14.09 76.57 -64.04
C ALA F 163 15.51 76.63 -64.59
N ARG F 164 15.74 77.56 -65.51
CA ARG F 164 17.04 77.70 -66.13
C ARG F 164 17.37 76.48 -66.95
N SER F 165 16.34 75.82 -67.48
CA SER F 165 16.52 74.70 -68.39
C SER F 165 17.53 75.08 -69.45
N GLN F 166 17.66 76.38 -69.72
CA GLN F 166 18.35 76.85 -70.91
C GLN F 166 19.86 76.65 -70.88
N GLY F 167 20.41 76.52 -69.68
CA GLY F 167 21.85 76.33 -69.54
C GLY F 167 22.35 75.01 -70.07
N ALA F 168 21.58 73.96 -69.81
CA ALA F 168 21.89 72.61 -70.25
C ALA F 168 21.44 72.41 -71.69
N LYS F 169 20.25 72.89 -72.03
CA LYS F 169 19.71 72.69 -73.37
C LYS F 169 20.73 73.19 -74.40
N THR F 170 21.57 74.14 -74.00
CA THR F 170 22.56 74.70 -74.91
C THR F 170 23.88 73.92 -74.87
N TYR F 171 24.24 73.41 -73.71
CA TYR F 171 25.37 72.49 -73.60
C TYR F 171 25.14 71.25 -74.47
N LEU F 172 24.06 70.54 -74.20
CA LEU F 172 23.74 69.33 -74.95
C LEU F 172 23.76 69.61 -76.45
N GLU F 173 23.23 70.77 -76.83
CA GLU F 173 23.15 71.13 -78.25
C GLU F 173 24.53 71.12 -78.92
N ARG F 174 25.56 71.45 -78.14
CA ARG F 174 26.94 71.50 -78.63
C ARG F 174 27.68 70.15 -78.44
N THR F 175 27.39 69.45 -77.35
CA THR F 175 28.00 68.16 -77.03
C THR F 175 27.49 67.01 -77.92
N LEU F 176 26.41 67.26 -78.65
CA LEU F 176 25.70 66.21 -79.37
C LEU F 176 26.53 65.03 -79.86
N ASP F 177 27.39 65.27 -80.84
CA ASP F 177 28.08 64.19 -81.51
C ASP F 177 29.02 63.40 -80.58
N THR F 178 29.26 63.96 -79.40
CA THR F 178 30.16 63.38 -78.40
C THR F 178 29.49 62.35 -77.51
N PHE F 179 28.32 62.67 -76.98
CA PHE F 179 27.69 61.81 -75.96
C PHE F 179 26.84 60.68 -76.53
N ILE F 180 26.27 60.88 -77.71
CA ILE F 180 25.51 59.82 -78.37
C ILE F 180 26.41 58.71 -78.88
N LYS F 181 27.72 58.91 -78.73
CA LYS F 181 28.71 57.89 -79.08
C LYS F 181 29.32 57.27 -77.83
N ILE F 182 28.75 57.61 -76.66
CA ILE F 182 29.17 57.00 -75.40
C ILE F 182 28.47 55.67 -75.20
N ASP F 183 28.72 54.74 -76.12
CA ASP F 183 28.14 53.41 -76.05
C ASP F 183 29.01 52.55 -75.12
N GLY F 184 28.40 51.57 -74.47
CA GLY F 184 29.15 50.59 -73.70
C GLY F 184 29.82 51.17 -72.48
N ASN F 185 29.63 52.46 -72.28
CA ASN F 185 30.13 53.07 -71.07
C ASN F 185 28.95 53.60 -70.30
N PRO F 186 28.85 53.24 -69.04
CA PRO F 186 27.71 53.76 -68.30
C PRO F 186 28.17 54.92 -67.45
N ASP F 187 29.26 54.72 -66.70
CA ASP F 187 29.76 55.77 -65.83
C ASP F 187 30.07 57.03 -66.60
N GLU F 188 30.45 56.92 -67.86
CA GLU F 188 30.85 58.07 -68.64
C GLU F 188 29.68 58.86 -69.19
N LEU F 189 28.55 58.20 -69.42
CA LEU F 189 27.37 58.89 -69.91
C LEU F 189 26.68 59.65 -68.79
N ILE F 190 26.84 59.22 -67.56
CA ILE F 190 26.32 59.98 -66.45
C ILE F 190 27.25 61.16 -66.16
N LYS F 191 28.55 60.96 -66.32
CA LYS F 191 29.49 62.06 -66.09
C LYS F 191 29.06 63.21 -66.97
N ALA F 192 28.52 62.90 -68.16
CA ALA F 192 28.07 63.92 -69.11
C ALA F 192 26.74 64.55 -68.74
N GLY F 193 25.81 63.73 -68.30
CA GLY F 193 24.52 64.25 -67.89
C GLY F 193 24.65 65.22 -66.75
N VAL F 194 25.63 65.00 -65.89
CA VAL F 194 25.86 65.85 -64.73
C VAL F 194 26.66 67.11 -65.07
N GLU F 195 27.53 67.04 -66.07
CA GLU F 195 28.30 68.19 -66.50
C GLU F 195 27.41 69.11 -67.33
N ALA F 196 26.22 68.63 -67.66
CA ALA F 196 25.25 69.41 -68.40
C ALA F 196 24.24 70.08 -67.47
N ILE F 197 23.79 69.36 -66.46
CA ILE F 197 22.83 69.94 -65.54
C ILE F 197 23.53 71.01 -64.74
N SER F 198 24.85 70.99 -64.72
CA SER F 198 25.56 71.97 -63.91
C SER F 198 25.87 73.25 -64.68
N GLN F 199 25.49 73.30 -65.95
CA GLN F 199 25.53 74.58 -66.65
C GLN F 199 24.31 75.41 -66.25
N SER F 200 23.26 74.76 -65.77
CA SER F 200 22.03 75.45 -65.36
C SER F 200 21.99 75.83 -63.86
N LEU F 201 23.13 75.78 -63.19
CA LEU F 201 23.21 76.24 -61.82
C LEU F 201 24.05 77.53 -61.76
N ARG F 202 23.79 78.36 -60.77
CA ARG F 202 24.50 79.60 -60.66
C ARG F 202 25.81 79.38 -59.92
N ASP F 203 25.92 79.91 -58.71
CA ASP F 203 27.05 79.59 -57.86
C ASP F 203 26.66 78.34 -57.07
N GLU F 204 25.66 77.63 -57.58
CA GLU F 204 25.07 76.52 -56.82
C GLU F 204 25.82 75.21 -56.93
N SER F 205 25.77 74.43 -55.85
CA SER F 205 26.70 73.34 -55.63
C SER F 205 25.97 72.02 -55.41
N LEU F 206 26.13 71.07 -56.33
CA LEU F 206 25.51 69.74 -56.19
C LEU F 206 26.05 69.01 -54.98
N THR F 207 25.15 68.42 -54.20
CA THR F 207 25.58 67.57 -53.10
C THR F 207 24.89 66.21 -53.14
N VAL F 208 25.08 65.44 -52.08
CA VAL F 208 24.47 64.12 -51.98
C VAL F 208 22.95 64.23 -51.81
N ASP F 209 22.48 65.42 -51.42
CA ASP F 209 21.07 65.63 -51.20
C ASP F 209 20.43 66.42 -52.33
N ASN F 210 21.26 67.10 -53.13
CA ASN F 210 20.76 67.89 -54.26
C ASN F 210 20.52 67.01 -55.46
N LEU F 211 21.40 66.02 -55.62
CA LEU F 211 21.45 65.24 -56.84
C LEU F 211 20.62 63.96 -56.80
N SER F 212 19.98 63.70 -57.93
CA SER F 212 19.13 62.53 -58.16
C SER F 212 19.41 62.08 -59.58
N ILE F 213 19.83 60.82 -59.73
CA ILE F 213 20.22 60.28 -61.04
C ILE F 213 19.55 58.93 -61.27
N ALA F 214 19.24 58.65 -62.52
CA ALA F 214 18.61 57.40 -62.90
C ALA F 214 19.22 56.97 -64.22
N ILE F 215 19.28 55.67 -64.47
CA ILE F 215 19.82 55.14 -65.73
C ILE F 215 19.18 53.83 -66.14
N VAL F 216 19.30 53.49 -67.42
CA VAL F 216 18.66 52.30 -68.00
C VAL F 216 19.29 51.96 -69.34
N GLY F 217 19.12 50.73 -69.82
CA GLY F 217 19.66 50.35 -71.12
C GLY F 217 20.21 48.95 -71.22
N LYS F 218 20.41 48.50 -72.46
CA LYS F 218 20.81 47.12 -72.78
C LYS F 218 20.64 46.14 -71.63
N ASP F 219 21.64 46.08 -70.75
CA ASP F 219 21.57 45.12 -69.66
C ASP F 219 21.58 45.80 -68.31
N THR F 220 21.10 47.04 -68.28
CA THR F 220 20.90 47.72 -67.01
C THR F 220 19.43 48.10 -66.89
N PRO F 221 18.73 47.50 -65.92
CA PRO F 221 17.34 47.85 -65.63
C PRO F 221 17.26 49.20 -64.92
N PHE F 222 16.16 49.92 -65.11
CA PHE F 222 15.99 51.26 -64.54
C PHE F 222 16.31 51.30 -63.04
N THR F 223 17.42 51.94 -62.68
CA THR F 223 17.72 52.16 -61.27
C THR F 223 17.93 53.63 -60.92
N ILE F 224 17.64 53.97 -59.69
CA ILE F 224 17.66 55.35 -59.24
C ILE F 224 18.68 55.54 -58.12
N TYR F 225 19.53 56.56 -58.27
CA TYR F 225 20.58 56.83 -57.28
C TYR F 225 20.39 58.18 -56.57
N ASP F 226 19.98 58.12 -55.32
CA ASP F 226 19.82 59.29 -54.48
C ASP F 226 20.76 59.09 -53.32
N GLY F 227 21.04 60.14 -52.57
CA GLY F 227 21.83 60.03 -51.37
C GLY F 227 23.30 59.75 -51.62
N GLU F 228 23.90 58.90 -50.78
CA GLU F 228 25.32 58.63 -50.90
C GLU F 228 25.68 57.96 -52.22
N ALA F 229 24.76 57.23 -52.81
CA ALA F 229 25.03 56.55 -54.06
C ALA F 229 25.48 57.49 -55.18
N VAL F 230 25.17 58.78 -55.03
CA VAL F 230 25.45 59.77 -56.08
C VAL F 230 26.77 60.48 -55.89
N ALA F 231 27.40 60.28 -54.74
CA ALA F 231 28.66 60.95 -54.43
C ALA F 231 29.74 60.77 -55.50
N LYS F 232 29.90 59.56 -56.02
CA LYS F 232 30.98 59.29 -56.97
C LYS F 232 31.00 60.20 -58.22
N TYR F 233 29.94 60.97 -58.43
CA TYR F 233 29.82 61.83 -59.61
C TYR F 233 29.98 63.33 -59.29
N ILE F 234 30.49 63.66 -58.11
CA ILE F 234 30.62 65.04 -57.70
C ILE F 234 32.06 65.51 -57.50
CA GLY G 1 -25.05 92.98 -75.40
C GLY G 1 -24.35 91.84 -76.16
N THR G 2 -23.02 91.89 -76.26
CA THR G 2 -22.26 90.93 -77.10
C THR G 2 -21.54 89.81 -76.34
N GLY G 3 -20.65 89.09 -77.03
CA GLY G 3 -19.98 87.91 -76.48
C GLY G 3 -20.22 86.64 -77.29
N TYR G 4 -20.57 86.84 -78.55
CA TYR G 4 -21.03 85.77 -79.42
C TYR G 4 -19.91 84.81 -79.88
N ASP G 5 -18.74 84.93 -79.25
CA ASP G 5 -17.58 84.19 -79.74
C ASP G 5 -16.73 83.58 -78.64
N LEU G 6 -17.29 83.43 -77.46
CA LEU G 6 -16.56 82.78 -76.39
C LEU G 6 -17.12 81.36 -76.21
N SER G 7 -18.33 81.16 -76.75
CA SER G 7 -19.03 79.89 -76.65
C SER G 7 -19.08 79.21 -78.00
N ASN G 8 -19.05 77.88 -77.99
CA ASN G 8 -18.86 77.11 -79.21
C ASN G 8 -20.13 76.89 -80.04
N SER G 9 -21.22 76.50 -79.41
CA SER G 9 -22.43 76.25 -80.18
C SER G 9 -23.05 77.51 -80.80
N VAL G 10 -22.56 78.68 -80.41
CA VAL G 10 -23.28 79.96 -80.57
C VAL G 10 -23.24 80.66 -81.93
N PHE G 11 -24.42 80.97 -82.44
CA PHE G 11 -24.56 81.64 -83.71
C PHE G 11 -24.34 83.14 -83.61
N SER G 12 -23.39 83.65 -84.39
CA SER G 12 -23.27 85.07 -84.55
C SER G 12 -24.53 85.53 -85.25
N PRO G 13 -24.83 86.81 -85.11
CA PRO G 13 -26.00 87.43 -85.70
C PRO G 13 -26.20 87.18 -87.20
N ASP G 14 -25.18 86.75 -87.93
CA ASP G 14 -25.40 86.46 -89.37
C ASP G 14 -25.04 85.04 -89.81
N GLY G 15 -25.10 84.10 -88.86
CA GLY G 15 -25.10 82.67 -89.16
C GLY G 15 -23.81 81.93 -88.94
N ARG G 16 -22.87 82.56 -88.23
CA ARG G 16 -21.51 82.04 -88.08
C ARG G 16 -21.13 81.57 -86.69
N ASN G 17 -20.36 80.51 -86.66
CA ASN G 17 -19.96 79.90 -85.42
C ASN G 17 -18.52 80.31 -85.28
N PHE G 18 -18.26 81.30 -84.43
CA PHE G 18 -16.97 81.96 -84.48
C PHE G 18 -15.83 81.13 -83.96
N GLN G 19 -16.11 80.34 -82.92
CA GLN G 19 -15.08 79.49 -82.37
C GLN G 19 -14.46 78.55 -83.39
N VAL G 20 -15.24 78.09 -84.36
CA VAL G 20 -14.73 77.29 -85.45
C VAL G 20 -13.74 78.10 -86.30
N GLU G 21 -14.13 79.31 -86.67
CA GLU G 21 -13.29 80.15 -87.51
C GLU G 21 -11.98 80.49 -86.83
N TYR G 22 -11.94 80.54 -85.51
CA TYR G 22 -10.69 80.71 -84.78
C TYR G 22 -9.79 79.47 -84.84
N ALA G 23 -10.40 78.30 -84.78
CA ALA G 23 -9.66 77.05 -84.87
C ALA G 23 -9.00 76.92 -86.22
N VAL G 24 -9.68 77.37 -87.27
CA VAL G 24 -9.10 77.35 -88.59
C VAL G 24 -7.84 78.22 -88.63
N LYS G 25 -7.74 79.18 -87.71
CA LYS G 25 -6.55 80.03 -87.63
C LYS G 25 -5.37 79.26 -87.07
N ALA G 26 -5.66 78.29 -86.23
CA ALA G 26 -4.62 77.46 -85.62
C ALA G 26 -4.08 76.48 -86.63
N VAL G 27 -4.97 76.02 -87.51
CA VAL G 27 -4.61 75.20 -88.64
C VAL G 27 -3.65 75.96 -89.53
N GLU G 28 -4.04 77.17 -89.90
CA GLU G 28 -3.24 77.98 -90.81
C GLU G 28 -1.82 78.27 -90.29
N ASN G 29 -1.64 78.21 -88.98
CA ASN G 29 -0.37 78.55 -88.34
C ASN G 29 0.46 77.33 -87.93
N GLY G 30 0.25 76.20 -88.61
CA GLY G 30 0.98 75.01 -88.29
C GLY G 30 1.63 74.41 -89.52
N THR G 31 2.45 73.39 -89.31
CA THR G 31 3.07 72.64 -90.39
C THR G 31 2.21 72.56 -91.65
N THR G 32 2.84 72.60 -92.82
CA THR G 32 2.12 72.51 -94.10
C THR G 32 2.10 71.07 -94.61
N SER G 33 0.92 70.58 -95.02
CA SER G 33 0.75 69.18 -95.38
C SER G 33 -0.16 69.00 -96.57
N ILE G 34 0.14 68.04 -97.43
CA ILE G 34 -0.59 67.93 -98.68
C ILE G 34 -1.01 66.50 -99.05
N GLY G 35 -1.86 66.40 -100.07
CA GLY G 35 -2.25 65.13 -100.65
C GLY G 35 -2.48 65.23 -102.14
N ILE G 36 -2.06 64.20 -102.87
CA ILE G 36 -2.29 64.15 -104.31
C ILE G 36 -2.99 62.86 -104.71
N LYS G 37 -4.04 62.98 -105.50
CA LYS G 37 -4.74 61.81 -106.02
C LYS G 37 -4.22 61.48 -107.41
N CYS G 38 -3.57 60.33 -107.54
CA CYS G 38 -3.09 59.88 -108.84
C CYS G 38 -4.01 58.83 -109.45
N ASN G 39 -3.57 58.21 -110.54
CA ASN G 39 -4.46 57.39 -111.35
C ASN G 39 -4.85 56.04 -110.73
N ASP G 40 -4.15 55.63 -109.67
CA ASP G 40 -4.51 54.42 -108.94
C ASP G 40 -4.08 54.44 -107.48
N GLY G 41 -4.28 55.57 -106.80
CA GLY G 41 -3.94 55.69 -105.41
C GLY G 41 -3.82 57.12 -104.93
N VAL G 42 -3.18 57.30 -103.78
CA VAL G 42 -2.96 58.63 -103.22
C VAL G 42 -1.59 58.75 -102.60
N VAL G 43 -1.02 59.94 -102.66
CA VAL G 43 0.28 60.21 -102.05
C VAL G 43 0.14 61.29 -100.99
N PHE G 44 0.81 61.12 -99.85
CA PHE G 44 0.70 62.06 -98.77
C PHE G 44 2.07 62.59 -98.39
N ALA G 45 2.11 63.85 -97.95
CA ALA G 45 3.36 64.51 -97.61
C ALA G 45 3.17 65.51 -96.49
N VAL G 46 4.17 65.62 -95.62
CA VAL G 46 4.13 66.56 -94.49
C VAL G 46 5.49 67.25 -94.20
N GLU G 47 5.42 68.47 -93.66
CA GLU G 47 6.59 69.22 -93.27
C GLU G 47 6.82 69.04 -91.78
N LYS G 48 7.92 68.38 -91.42
CA LYS G 48 8.30 68.23 -90.02
C LYS G 48 9.33 69.30 -89.63
N LEU G 49 8.94 70.24 -88.78
CA LEU G 49 9.87 71.31 -88.39
C LEU G 49 10.87 70.78 -87.39
N ILE G 50 12.05 71.38 -87.35
CA ILE G 50 13.13 70.92 -86.48
C ILE G 50 13.51 71.93 -85.40
N THR G 51 12.76 71.93 -84.29
CA THR G 51 12.99 72.83 -83.15
C THR G 51 14.47 73.03 -82.81
N SER G 52 15.17 71.94 -82.50
CA SER G 52 16.60 71.99 -82.19
C SER G 52 17.34 70.81 -82.81
N LYS G 53 18.67 70.76 -82.66
CA LYS G 53 19.51 69.75 -83.29
C LYS G 53 19.30 68.40 -82.63
N LEU G 54 18.63 68.41 -81.49
CA LEU G 54 18.45 67.24 -80.66
C LEU G 54 17.24 66.38 -81.06
N LEU G 55 16.37 66.90 -81.90
CA LEU G 55 15.27 66.10 -82.41
C LEU G 55 15.89 64.99 -83.21
N VAL G 56 15.39 63.76 -83.06
CA VAL G 56 15.97 62.63 -83.78
C VAL G 56 15.41 62.53 -85.19
N PRO G 57 16.31 62.38 -86.17
CA PRO G 57 16.01 62.26 -87.58
C PRO G 57 15.20 61.03 -87.91
N GLN G 58 14.13 61.25 -88.66
CA GLN G 58 13.28 60.19 -89.17
C GLN G 58 12.39 59.56 -88.08
N LYS G 59 12.52 60.01 -86.83
CA LYS G 59 11.91 59.32 -85.69
C LYS G 59 10.79 60.06 -84.94
N ASN G 60 10.11 60.99 -85.59
CA ASN G 60 8.95 61.61 -84.96
C ASN G 60 7.79 61.62 -85.93
N VAL G 61 7.22 60.46 -86.17
CA VAL G 61 6.26 60.28 -87.27
C VAL G 61 4.95 61.04 -87.11
N LYS G 62 4.56 61.75 -88.17
CA LYS G 62 3.41 62.62 -88.13
C LYS G 62 2.24 62.00 -88.86
N ILE G 63 2.52 61.34 -89.98
CA ILE G 63 1.49 60.63 -90.72
C ILE G 63 1.03 59.35 -90.03
N GLN G 64 -0.26 59.27 -89.80
CA GLN G 64 -0.83 58.14 -89.11
C GLN G 64 -1.57 57.23 -90.12
N VAL G 65 -1.66 55.94 -89.81
CA VAL G 65 -2.32 55.04 -90.72
C VAL G 65 -3.61 54.55 -90.10
N VAL G 66 -4.67 54.44 -90.90
CA VAL G 66 -5.96 53.90 -90.42
C VAL G 66 -6.32 52.59 -91.12
N ASP G 67 -6.70 51.57 -90.35
CA ASP G 67 -6.83 50.22 -90.85
C ASP G 67 -5.48 49.77 -91.44
N ARG G 68 -5.43 49.67 -92.76
CA ARG G 68 -4.35 48.95 -93.41
C ARG G 68 -4.16 49.64 -94.74
N HIS G 69 -5.23 50.35 -95.14
CA HIS G 69 -5.40 50.90 -96.49
C HIS G 69 -5.72 52.41 -96.56
N ILE G 70 -5.71 53.09 -95.40
CA ILE G 70 -6.02 54.51 -95.35
C ILE G 70 -4.92 55.34 -94.69
N GLY G 71 -4.61 56.49 -95.28
CA GLY G 71 -3.65 57.42 -94.69
C GLY G 71 -4.25 58.72 -94.16
N CYS G 72 -3.75 59.19 -93.02
CA CYS G 72 -4.12 60.50 -92.51
C CYS G 72 -2.93 61.40 -92.23
N VAL G 73 -3.07 62.66 -92.62
CA VAL G 73 -2.10 63.67 -92.23
C VAL G 73 -2.81 64.97 -91.86
N TYR G 74 -2.31 65.62 -90.84
CA TYR G 74 -2.98 66.82 -90.39
C TYR G 74 -2.04 67.99 -90.11
N SER G 75 -2.62 69.18 -90.07
CA SER G 75 -1.87 70.39 -89.82
C SER G 75 -2.52 71.16 -88.68
N GLY G 76 -1.73 71.51 -87.68
CA GLY G 76 -2.31 72.24 -86.58
C GLY G 76 -1.86 71.74 -85.24
N LEU G 77 -2.79 71.81 -84.31
CA LEU G 77 -2.60 71.22 -83.00
C LEU G 77 -2.40 69.74 -83.18
N ILE G 78 -1.19 69.24 -82.98
CA ILE G 78 -0.94 67.85 -83.29
C ILE G 78 -1.74 66.86 -82.44
N PRO G 79 -1.83 67.07 -81.11
CA PRO G 79 -2.54 66.09 -80.28
C PRO G 79 -4.01 65.92 -80.65
N ASP G 80 -4.59 66.91 -81.33
CA ASP G 80 -5.97 66.84 -81.78
C ASP G 80 -6.04 65.97 -83.02
N GLY G 81 -4.98 65.99 -83.79
CA GLY G 81 -4.87 65.07 -84.91
C GLY G 81 -4.91 63.65 -84.38
N ARG G 82 -4.21 63.39 -83.29
CA ARG G 82 -4.16 62.05 -82.75
C ARG G 82 -5.49 61.63 -82.16
N HIS G 83 -6.12 62.50 -81.37
CA HIS G 83 -7.44 62.19 -80.81
C HIS G 83 -8.44 61.97 -81.92
N LEU G 84 -8.31 62.66 -83.05
CA LEU G 84 -9.22 62.45 -84.18
C LEU G 84 -8.93 61.15 -84.90
N VAL G 85 -7.67 60.85 -85.15
CA VAL G 85 -7.30 59.60 -85.81
C VAL G 85 -7.61 58.39 -84.95
N ASN G 86 -7.64 58.56 -83.63
CA ASN G 86 -8.04 57.48 -82.75
C ASN G 86 -9.50 57.15 -82.95
N ARG G 87 -10.38 58.13 -82.77
CA ARG G 87 -11.78 57.93 -83.07
C ARG G 87 -11.94 57.49 -84.52
N GLY G 88 -10.98 57.83 -85.35
CA GLY G 88 -11.03 57.40 -86.73
C GLY G 88 -10.95 55.91 -86.88
N ARG G 89 -10.08 55.27 -86.10
CA ARG G 89 -9.87 53.82 -86.15
C ARG G 89 -10.97 53.01 -85.46
N GLU G 90 -11.48 53.52 -84.34
CA GLU G 90 -12.55 52.86 -83.58
C GLU G 90 -13.74 52.69 -84.50
N GLU G 91 -13.82 53.60 -85.44
CA GLU G 91 -14.95 53.71 -86.33
C GLU G 91 -14.68 52.74 -87.49
N ALA G 92 -13.43 52.66 -87.93
CA ALA G 92 -13.09 51.87 -89.11
C ALA G 92 -13.12 50.40 -88.80
N ALA G 93 -13.15 50.14 -87.51
CA ALA G 93 -13.07 48.80 -87.01
C ALA G 93 -14.45 48.33 -86.53
N SER G 94 -15.30 49.27 -86.09
CA SER G 94 -16.71 48.95 -85.95
C SER G 94 -17.20 48.49 -87.31
N PHE G 95 -16.93 49.29 -88.33
CA PHE G 95 -17.40 48.97 -89.64
C PHE G 95 -16.94 47.58 -90.08
N LYS G 96 -15.63 47.32 -90.09
CA LYS G 96 -15.11 46.03 -90.56
C LYS G 96 -15.76 44.89 -89.80
N LYS G 97 -15.71 44.93 -88.47
CA LYS G 97 -16.27 43.85 -87.65
C LYS G 97 -17.66 43.39 -88.07
N LEU G 98 -18.56 44.32 -88.36
CA LEU G 98 -19.91 44.00 -88.76
C LEU G 98 -20.13 43.75 -90.25
N TYR G 99 -19.53 44.55 -91.13
CA TYR G 99 -19.78 44.41 -92.58
C TYR G 99 -18.68 43.71 -93.36
N LYS G 100 -17.65 43.22 -92.64
CA LYS G 100 -16.50 42.43 -93.16
C LYS G 100 -15.52 43.17 -94.09
N THR G 101 -16.03 43.81 -95.13
CA THR G 101 -15.19 44.65 -95.99
C THR G 101 -14.61 45.79 -95.18
N PRO G 102 -13.35 46.16 -95.43
CA PRO G 102 -12.72 47.27 -94.69
C PRO G 102 -13.32 48.56 -95.16
N ILE G 103 -13.49 49.52 -94.26
CA ILE G 103 -14.34 50.67 -94.53
C ILE G 103 -13.93 51.49 -95.75
N PRO G 104 -14.85 51.66 -96.70
CA PRO G 104 -14.73 52.48 -97.93
C PRO G 104 -14.41 53.94 -97.62
N ILE G 105 -13.54 54.53 -98.42
CA ILE G 105 -13.02 55.85 -98.11
C ILE G 105 -14.12 56.87 -97.89
N PRO G 106 -15.09 56.92 -98.81
CA PRO G 106 -16.13 57.93 -98.70
C PRO G 106 -16.98 57.74 -97.45
N ALA G 107 -17.14 56.49 -97.04
CA ALA G 107 -17.91 56.21 -95.86
C ALA G 107 -17.08 56.51 -94.61
N PHE G 108 -15.76 56.34 -94.71
CA PHE G 108 -14.89 56.72 -93.62
C PHE G 108 -14.91 58.22 -93.44
N ALA G 109 -14.92 58.95 -94.54
CA ALA G 109 -14.93 60.41 -94.45
C ALA G 109 -16.17 60.88 -93.73
N ASP G 110 -17.35 60.39 -94.14
CA ASP G 110 -18.60 60.78 -93.51
C ASP G 110 -18.62 60.53 -92.00
N ARG G 111 -17.73 59.66 -91.53
CA ARG G 111 -17.73 59.23 -90.13
C ARG G 111 -16.90 60.18 -89.30
N LEU G 112 -15.77 60.61 -89.85
CA LEU G 112 -14.96 61.67 -89.26
C LEU G 112 -15.73 62.99 -89.28
N GLY G 113 -16.33 63.29 -90.43
CA GLY G 113 -17.18 64.45 -90.58
C GLY G 113 -18.14 64.60 -89.42
N GLN G 114 -18.89 63.56 -89.12
CA GLN G 114 -19.84 63.66 -88.03
C GLN G 114 -19.18 63.81 -86.64
N TYR G 115 -18.01 63.22 -86.41
CA TYR G 115 -17.33 63.38 -85.11
C TYR G 115 -16.98 64.85 -84.99
N VAL G 116 -16.38 65.41 -86.04
CA VAL G 116 -15.90 66.79 -85.98
C VAL G 116 -17.07 67.72 -85.83
N GLN G 117 -18.02 67.59 -86.73
CA GLN G 117 -19.25 68.38 -86.74
C GLN G 117 -19.94 68.33 -85.40
N ALA G 118 -19.85 67.19 -84.75
CA ALA G 118 -20.52 67.02 -83.48
C ALA G 118 -19.74 67.70 -82.38
N HIS G 119 -18.53 68.12 -82.69
CA HIS G 119 -17.75 68.93 -81.75
C HIS G 119 -18.01 70.44 -81.98
N THR G 120 -19.05 70.76 -82.75
CA THR G 120 -19.44 72.13 -82.98
C THR G 120 -20.89 72.32 -82.57
N LEU G 121 -21.32 71.62 -81.54
CA LEU G 121 -22.74 71.60 -81.19
C LEU G 121 -23.05 72.01 -79.78
N TYR G 122 -22.04 72.00 -78.92
CA TYR G 122 -22.26 72.42 -77.56
C TYR G 122 -21.23 73.42 -77.10
N ASN G 123 -21.65 74.37 -76.27
CA ASN G 123 -20.79 75.41 -75.75
C ASN G 123 -19.60 74.86 -74.98
N SER G 124 -19.66 73.57 -74.65
CA SER G 124 -18.74 72.94 -73.70
C SER G 124 -17.72 71.96 -74.27
N VAL G 125 -17.44 72.07 -75.57
CA VAL G 125 -16.37 71.30 -76.20
C VAL G 125 -15.86 72.10 -77.38
N ARG G 126 -14.55 72.22 -77.52
CA ARG G 126 -14.01 73.04 -78.61
C ARG G 126 -13.75 72.19 -79.84
N PRO G 127 -13.88 72.81 -81.02
CA PRO G 127 -13.70 72.19 -82.33
C PRO G 127 -12.31 71.66 -82.43
N PHE G 128 -12.05 70.85 -83.43
CA PHE G 128 -10.71 70.33 -83.57
C PHE G 128 -9.79 71.42 -84.10
N GLY G 129 -8.54 71.40 -83.66
CA GLY G 129 -7.56 72.34 -84.15
C GLY G 129 -6.76 71.83 -85.34
N VAL G 130 -7.44 71.15 -86.25
CA VAL G 130 -6.76 70.54 -87.39
C VAL G 130 -7.65 70.51 -88.61
N SER G 131 -7.05 70.70 -89.79
CA SER G 131 -7.68 70.35 -91.04
C SER G 131 -6.96 69.07 -91.39
N THR G 132 -7.71 68.02 -91.71
CA THR G 132 -7.13 66.70 -91.87
C THR G 132 -7.20 66.30 -93.33
N ILE G 133 -6.08 65.86 -93.89
CA ILE G 133 -6.08 65.36 -95.25
C ILE G 133 -5.91 63.87 -95.18
N PHE G 134 -6.82 63.13 -95.79
CA PHE G 134 -6.81 61.66 -95.70
C PHE G 134 -7.37 61.04 -96.97
N GLY G 135 -7.12 59.76 -97.15
CA GLY G 135 -7.62 59.03 -98.30
C GLY G 135 -7.01 57.66 -98.46
N GLY G 136 -7.37 56.96 -99.53
CA GLY G 136 -6.83 55.64 -99.77
C GLY G 136 -7.42 55.01 -101.01
N VAL G 137 -7.39 53.67 -101.06
CA VAL G 137 -7.97 52.93 -102.18
C VAL G 137 -9.07 51.99 -101.73
N ASP G 138 -10.25 52.09 -102.34
CA ASP G 138 -11.36 51.16 -102.04
C ASP G 138 -11.80 50.36 -103.27
N LYS G 139 -12.93 49.66 -103.14
CA LYS G 139 -13.52 48.90 -104.23
C LYS G 139 -13.61 49.67 -105.58
N ASN G 140 -13.79 50.98 -105.54
CA ASN G 140 -13.80 51.78 -106.79
C ASN G 140 -12.70 52.83 -106.92
N GLY G 141 -11.45 52.44 -106.66
CA GLY G 141 -10.33 53.27 -107.00
C GLY G 141 -9.85 54.14 -105.87
N ALA G 142 -9.33 55.31 -106.21
CA ALA G 142 -8.67 56.17 -105.25
C ALA G 142 -9.55 57.31 -104.82
N HIS G 143 -9.38 57.75 -103.56
CA HIS G 143 -10.12 58.88 -103.03
C HIS G 143 -9.26 59.74 -102.12
N LEU G 144 -9.24 61.05 -102.38
CA LEU G 144 -8.56 61.99 -101.50
C LEU G 144 -9.59 62.96 -100.92
N TYR G 145 -9.60 63.09 -99.59
CA TYR G 145 -10.54 63.94 -98.86
C TYR G 145 -9.81 64.96 -97.97
N MET G 146 -10.46 66.08 -97.65
CA MET G 146 -9.94 67.04 -96.67
C MET G 146 -11.05 67.59 -95.80
N LEU G 147 -10.79 67.73 -94.51
CA LEU G 147 -11.86 67.94 -93.54
C LEU G 147 -11.45 68.95 -92.48
N GLU G 148 -12.03 70.15 -92.56
CA GLU G 148 -11.74 71.28 -91.67
C GLU G 148 -12.55 71.20 -90.39
N PRO G 149 -12.15 71.97 -89.37
CA PRO G 149 -12.71 71.96 -88.03
C PRO G 149 -14.23 72.13 -87.97
N SER G 150 -14.82 72.63 -89.04
CA SER G 150 -16.24 72.91 -89.03
C SER G 150 -17.04 71.63 -89.26
N GLY G 151 -16.38 70.64 -89.82
CA GLY G 151 -17.00 69.40 -90.20
C GLY G 151 -17.05 69.31 -91.71
N SER G 152 -16.85 70.43 -92.40
CA SER G 152 -16.81 70.43 -93.87
C SER G 152 -15.80 69.39 -94.38
N TYR G 153 -16.14 68.69 -95.46
CA TYR G 153 -15.23 67.78 -96.15
C TYR G 153 -15.67 67.60 -97.58
N TRP G 154 -14.71 67.47 -98.49
CA TRP G 154 -15.05 67.24 -99.89
C TRP G 154 -13.93 66.39 -100.43
N GLY G 155 -14.12 65.91 -101.65
CA GLY G 155 -13.13 65.10 -102.31
C GLY G 155 -12.34 65.95 -103.28
N TYR G 156 -11.02 65.87 -103.18
CA TYR G 156 -10.15 66.69 -103.98
C TYR G 156 -9.30 65.87 -104.93
N LYS G 157 -8.88 66.50 -106.03
CA LYS G 157 -7.85 66.01 -106.92
C LYS G 157 -6.48 66.20 -106.25
N GLY G 158 -6.36 67.28 -105.49
CA GLY G 158 -5.23 67.47 -104.60
C GLY G 158 -5.67 68.39 -103.49
N ALA G 159 -4.92 68.44 -102.40
CA ALA G 159 -5.29 69.35 -101.32
C ALA G 159 -4.11 69.78 -100.49
N ALA G 160 -4.26 70.93 -99.84
CA ALA G 160 -3.21 71.43 -98.98
C ALA G 160 -3.85 72.12 -97.81
N THR G 161 -3.08 72.25 -96.73
CA THR G 161 -3.49 72.99 -95.56
C THR G 161 -2.27 73.22 -94.69
N GLY G 162 -2.21 74.36 -94.02
CA GLY G 162 -1.04 74.72 -93.25
C GLY G 162 -0.54 76.09 -93.63
N LYS G 163 0.60 76.51 -93.06
CA LYS G 163 1.18 77.82 -93.32
C LYS G 163 1.43 78.02 -94.81
N GLY G 164 1.97 77.01 -95.46
CA GLY G 164 2.18 77.05 -96.90
C GLY G 164 0.96 76.67 -97.73
N ARG G 165 -0.23 76.88 -97.18
CA ARG G 165 -1.46 76.54 -97.89
C ARG G 165 -1.52 77.17 -99.29
N GLN G 166 -1.69 78.49 -99.39
CA GLN G 166 -1.91 79.14 -100.69
C GLN G 166 -0.82 78.77 -101.69
N SER G 167 0.39 78.55 -101.19
CA SER G 167 1.53 78.26 -102.05
C SER G 167 1.48 76.89 -102.73
N ALA G 168 1.20 75.84 -101.95
CA ALA G 168 1.06 74.49 -102.49
C ALA G 168 -0.16 74.39 -103.38
N LYS G 169 -1.30 74.87 -102.89
CA LYS G 169 -2.54 74.87 -103.66
C LYS G 169 -2.30 75.37 -105.09
N ALA G 170 -1.30 76.21 -105.25
CA ALA G 170 -1.07 76.82 -106.55
C ALA G 170 -0.23 75.93 -107.43
N GLU G 171 0.74 75.25 -106.83
CA GLU G 171 1.57 74.31 -107.56
C GLU G 171 0.75 73.07 -107.84
N LEU G 172 -0.21 72.81 -106.96
CA LEU G 172 -1.13 71.69 -107.12
C LEU G 172 -2.03 71.91 -108.32
N GLU G 173 -2.54 73.13 -108.48
CA GLU G 173 -3.44 73.43 -109.59
C GLU G 173 -2.66 73.39 -110.90
N LYS G 174 -1.34 73.48 -110.81
CA LYS G 174 -0.49 73.48 -112.00
C LYS G 174 -0.43 72.08 -112.60
N LEU G 175 -0.44 71.07 -111.74
CA LEU G 175 -0.37 69.71 -112.22
C LEU G 175 -1.71 69.24 -112.76
N VAL G 176 -2.78 69.55 -112.04
CA VAL G 176 -4.13 69.23 -112.48
C VAL G 176 -4.41 69.87 -113.83
N ASP G 177 -3.61 70.88 -114.14
CA ASP G 177 -3.74 71.62 -115.38
C ASP G 177 -2.98 70.89 -116.48
N HIS G 178 -1.69 70.60 -116.25
CA HIS G 178 -0.84 69.94 -117.24
C HIS G 178 -1.28 68.51 -117.52
N HIS G 179 -1.44 67.73 -116.46
CA HIS G 179 -1.85 66.34 -116.60
C HIS G 179 -3.25 66.09 -116.03
N PRO G 180 -4.28 66.23 -116.86
CA PRO G 180 -5.66 66.01 -116.43
C PRO G 180 -5.95 64.56 -116.02
N GLU G 181 -5.27 63.58 -116.61
CA GLU G 181 -5.53 62.18 -116.34
C GLU G 181 -4.91 61.72 -115.03
N GLY G 182 -4.35 62.66 -114.30
CA GLY G 182 -3.71 62.38 -113.03
C GLY G 182 -2.29 61.90 -113.22
N LEU G 183 -1.47 62.07 -112.19
CA LEU G 183 -0.07 61.64 -112.23
C LEU G 183 0.09 60.13 -112.07
N SER G 184 1.28 59.62 -112.38
CA SER G 184 1.59 58.22 -112.11
C SER G 184 1.85 58.06 -110.63
N ALA G 185 1.51 56.91 -110.08
CA ALA G 185 1.76 56.70 -108.66
C ALA G 185 3.17 57.18 -108.27
N ARG G 186 4.20 56.78 -109.02
CA ARG G 186 5.59 57.17 -108.70
C ARG G 186 5.86 58.66 -108.88
N GLU G 187 5.32 59.25 -109.94
CA GLU G 187 5.54 60.67 -110.23
C GLU G 187 4.94 61.53 -109.15
N ALA G 188 3.72 61.20 -108.74
CA ALA G 188 3.04 61.93 -107.69
C ALA G 188 3.91 62.04 -106.44
N VAL G 189 4.78 61.07 -106.22
CA VAL G 189 5.64 61.09 -105.04
C VAL G 189 6.79 62.05 -105.21
N LYS G 190 7.40 62.04 -106.40
CA LYS G 190 8.47 62.98 -106.70
C LYS G 190 7.93 64.41 -106.56
N GLN G 191 6.74 64.64 -107.09
CA GLN G 191 6.13 65.96 -107.10
C GLN G 191 5.70 66.45 -105.71
N ALA G 192 5.13 65.57 -104.89
CA ALA G 192 4.75 65.97 -103.53
C ALA G 192 5.95 66.50 -102.80
N ALA G 193 7.11 65.92 -103.10
CA ALA G 193 8.35 66.32 -102.45
C ALA G 193 8.78 67.68 -102.93
N LYS G 194 8.54 67.98 -104.21
CA LYS G 194 8.80 69.31 -104.72
C LYS G 194 7.92 70.28 -103.95
N ILE G 195 6.61 70.01 -103.94
CA ILE G 195 5.64 70.94 -103.37
C ILE G 195 5.87 71.30 -101.92
N ILE G 196 6.31 70.34 -101.12
CA ILE G 196 6.64 70.64 -99.73
C ILE G 196 7.88 71.51 -99.64
N TYR G 197 8.91 71.15 -100.39
CA TYR G 197 10.14 71.92 -100.42
C TYR G 197 9.88 73.40 -100.75
N LEU G 198 8.88 73.68 -101.59
CA LEU G 198 8.53 75.06 -101.93
C LEU G 198 7.72 75.76 -100.83
N ALA G 199 6.65 75.12 -100.40
CA ALA G 199 5.79 75.69 -99.37
C ALA G 199 6.55 75.82 -98.06
N HIS G 200 7.86 75.60 -98.12
CA HIS G 200 8.69 75.77 -96.94
C HIS G 200 9.24 77.19 -96.84
N GLU G 201 9.34 77.88 -97.98
CA GLU G 201 9.84 79.25 -97.99
C GLU G 201 8.95 80.19 -97.18
N ASP G 202 7.75 79.71 -96.85
CA ASP G 202 6.81 80.47 -96.03
C ASP G 202 7.06 80.20 -94.55
N ASN G 203 8.14 79.48 -94.25
CA ASN G 203 8.48 79.09 -92.89
C ASN G 203 9.98 78.84 -92.81
N LYS G 204 10.73 79.52 -93.69
CA LYS G 204 12.12 79.16 -93.96
C LYS G 204 13.08 79.38 -92.78
N GLU G 205 12.55 79.86 -91.66
CA GLU G 205 13.35 80.14 -90.48
C GLU G 205 14.02 78.89 -89.91
N LYS G 206 13.20 77.86 -89.64
CA LYS G 206 13.70 76.61 -89.07
C LYS G 206 13.94 75.57 -90.16
N ASP G 207 14.62 74.48 -89.81
CA ASP G 207 14.91 73.40 -90.75
C ASP G 207 13.86 72.28 -90.76
N PHE G 208 13.94 71.35 -91.71
CA PHE G 208 12.87 70.34 -91.83
C PHE G 208 13.23 69.00 -92.48
N GLU G 209 12.53 67.95 -92.04
CA GLU G 209 12.57 66.63 -92.68
C GLU G 209 11.32 66.50 -93.50
N LEU G 210 11.40 65.75 -94.58
CA LEU G 210 10.21 65.43 -95.35
C LEU G 210 9.73 64.06 -94.89
N GLU G 211 8.45 63.79 -95.10
CA GLU G 211 7.83 62.51 -94.77
C GLU G 211 6.77 62.24 -95.81
N ILE G 212 6.87 61.10 -96.47
CA ILE G 212 5.89 60.75 -97.49
C ILE G 212 5.39 59.34 -97.25
N SER G 213 4.10 59.14 -97.49
CA SER G 213 3.50 57.82 -97.47
C SER G 213 2.58 57.77 -98.66
N TRP G 214 2.20 56.57 -99.07
CA TRP G 214 1.32 56.41 -100.19
C TRP G 214 0.52 55.13 -100.14
N CYS G 215 -0.54 55.11 -100.94
CA CYS G 215 -1.42 53.98 -101.05
C CYS G 215 -1.71 53.86 -102.54
N SER G 216 -1.13 52.83 -103.17
CA SER G 216 -1.26 52.67 -104.61
C SER G 216 -1.65 51.24 -104.98
N LEU G 217 -2.62 51.13 -105.86
CA LEU G 217 -3.19 49.86 -106.27
C LEU G 217 -2.20 49.06 -107.11
N SER G 218 -1.08 49.69 -107.48
CA SER G 218 -0.09 49.03 -108.30
C SER G 218 1.29 48.96 -107.64
N GLU G 219 1.63 49.96 -106.83
CA GLU G 219 2.94 50.07 -106.21
C GLU G 219 3.00 49.63 -104.76
N THR G 220 1.84 49.50 -104.12
CA THR G 220 1.76 48.84 -102.83
C THR G 220 0.49 47.99 -102.71
N ASN G 221 0.11 47.35 -103.80
CA ASN G 221 -1.07 46.50 -103.85
C ASN G 221 -2.18 46.90 -102.89
N GLY G 222 -2.59 48.16 -102.94
CA GLY G 222 -3.77 48.63 -102.23
C GLY G 222 -3.58 49.08 -100.80
N LEU G 223 -2.44 48.75 -100.21
CA LEU G 223 -2.15 49.09 -98.81
C LEU G 223 -1.44 50.42 -98.67
N HIS G 224 -1.31 50.86 -97.42
CA HIS G 224 -0.71 52.14 -97.10
C HIS G 224 0.64 51.94 -96.48
N LYS G 225 1.65 51.76 -97.33
CA LYS G 225 3.04 51.72 -96.90
C LYS G 225 3.63 53.14 -96.89
N PHE G 226 4.70 53.36 -96.12
CA PHE G 226 5.47 54.61 -96.14
C PHE G 226 6.49 54.64 -97.26
N VAL G 227 6.95 55.83 -97.63
CA VAL G 227 8.02 55.96 -98.63
C VAL G 227 9.34 56.14 -97.93
N LYS G 228 10.27 55.20 -98.19
CA LYS G 228 11.52 55.14 -97.44
C LYS G 228 12.74 54.76 -98.29
N GLY G 229 13.92 54.97 -97.69
CA GLY G 229 15.16 54.56 -98.31
C GLY G 229 15.46 55.17 -99.67
N ASP G 230 15.65 54.31 -100.67
CA ASP G 230 16.11 54.74 -101.98
C ASP G 230 15.08 55.59 -102.67
N LEU G 231 13.80 55.24 -102.49
CA LEU G 231 12.76 55.98 -103.18
C LEU G 231 12.49 57.33 -102.53
N LEU G 232 12.89 57.46 -101.27
CA LEU G 232 12.74 58.72 -100.58
C LEU G 232 13.83 59.68 -101.01
N GLN G 233 15.05 59.16 -101.17
CA GLN G 233 16.12 59.98 -101.68
C GLN G 233 15.85 60.31 -103.13
N GLU G 234 15.25 59.36 -103.85
CA GLU G 234 14.86 59.59 -105.24
C GLU G 234 14.18 60.95 -105.35
N ALA G 235 13.31 61.24 -104.38
CA ALA G 235 12.48 62.44 -104.43
C ALA G 235 13.08 63.65 -103.72
N ILE G 236 13.77 63.40 -102.60
CA ILE G 236 14.49 64.48 -101.94
C ILE G 236 15.51 65.09 -102.90
N ASP G 237 16.07 64.27 -103.78
CA ASP G 237 17.06 64.76 -104.74
C ASP G 237 16.40 65.41 -105.94
N PHE G 238 15.10 65.16 -106.14
CA PHE G 238 14.35 65.76 -107.22
C PHE G 238 13.85 67.13 -106.81
N ALA G 239 13.70 67.34 -105.51
CA ALA G 239 13.27 68.64 -105.02
C ALA G 239 14.44 69.60 -105.03
N GLN G 240 15.57 69.18 -104.50
CA GLN G 240 16.77 70.01 -104.52
C GLN G 240 17.05 70.53 -105.93
N LYS G 241 16.75 69.72 -106.95
CA LYS G 241 17.02 70.10 -108.34
C LYS G 241 16.01 71.10 -108.90
N GLU G 242 14.83 71.16 -108.30
CA GLU G 242 13.83 72.12 -108.74
C GLU G 242 13.66 73.25 -107.72
N ILE G 243 14.63 73.38 -106.84
CA ILE G 243 14.66 74.49 -105.90
C ILE G 243 15.84 75.36 -106.29
N ASN G 244 16.79 74.78 -107.02
CA ASN G 244 18.01 75.45 -107.44
C ASN G 244 18.05 75.71 -108.94
N ALA H 1 -36.90 22.34 -92.03
CA ALA H 1 -37.28 22.71 -93.41
C ALA H 1 -36.60 21.84 -94.47
N SER H 2 -36.26 22.40 -95.64
CA SER H 2 -35.50 21.68 -96.68
C SER H 2 -35.02 22.57 -97.84
N ILE H 3 -33.86 23.22 -97.70
CA ILE H 3 -33.45 24.32 -98.60
C ILE H 3 -32.05 24.19 -99.16
N MET H 4 -31.81 24.88 -100.28
CA MET H 4 -30.51 24.84 -100.95
C MET H 4 -30.32 26.07 -101.84
N ALA H 5 -29.09 26.33 -102.27
CA ALA H 5 -28.76 27.41 -103.23
C ALA H 5 -27.58 27.05 -104.13
N VAL H 6 -27.74 27.33 -105.42
CA VAL H 6 -26.78 26.90 -106.42
C VAL H 6 -26.31 28.08 -107.26
N THR H 7 -25.01 28.14 -107.56
CA THR H 7 -24.43 29.13 -108.45
C THR H 7 -24.20 28.63 -109.88
N PHE H 8 -24.21 29.55 -110.82
CA PHE H 8 -23.89 29.19 -112.18
C PHE H 8 -23.31 30.32 -113.01
N LYS H 9 -23.33 30.08 -114.32
CA LYS H 9 -22.74 30.93 -115.33
C LYS H 9 -23.33 32.33 -115.27
N ASP H 10 -24.65 32.40 -115.12
CA ASP H 10 -25.37 33.67 -115.18
C ASP H 10 -25.69 34.31 -113.81
N GLY H 11 -25.47 33.57 -112.72
CA GLY H 11 -25.78 34.07 -111.39
C GLY H 11 -25.91 33.06 -110.27
N VAL H 12 -27.06 33.07 -109.59
CA VAL H 12 -27.35 32.20 -108.45
C VAL H 12 -28.84 31.88 -108.39
N ILE H 13 -29.19 30.67 -107.95
CA ILE H 13 -30.60 30.28 -107.77
C ILE H 13 -30.90 29.70 -106.39
N LEU H 14 -31.98 30.16 -105.78
CA LEU H 14 -32.34 29.72 -104.45
C LEU H 14 -33.54 28.83 -104.56
N GLY H 15 -33.57 27.80 -103.74
CA GLY H 15 -34.69 26.87 -103.75
C GLY H 15 -35.06 26.41 -102.36
N ALA H 16 -36.34 26.09 -102.18
CA ALA H 16 -36.85 25.63 -100.90
C ALA H 16 -38.14 24.83 -101.03
N ASP H 17 -38.50 24.11 -99.97
CA ASP H 17 -39.83 23.58 -99.87
C ASP H 17 -40.72 24.65 -99.26
N SER H 18 -41.89 24.25 -98.78
CA SER H 18 -42.82 25.20 -98.21
C SER H 18 -43.56 24.64 -97.01
N ARG H 19 -42.92 23.76 -96.25
CA ARG H 19 -43.63 23.11 -95.18
C ARG H 19 -43.06 23.43 -93.82
N THR H 20 -43.78 24.26 -93.07
CA THR H 20 -43.40 24.46 -91.68
C THR H 20 -44.28 23.59 -90.80
N THR H 21 -43.66 22.70 -90.03
CA THR H 21 -44.41 21.79 -89.18
C THR H 21 -44.15 22.08 -87.73
N THR H 22 -45.22 22.10 -86.95
CA THR H 22 -45.10 22.01 -85.50
C THR H 22 -45.66 20.65 -85.09
N GLY H 23 -44.79 19.72 -84.76
CA GLY H 23 -45.23 18.38 -84.46
C GLY H 23 -45.34 17.53 -85.71
N ALA H 24 -46.47 16.85 -85.82
CA ALA H 24 -46.77 16.00 -86.96
C ALA H 24 -47.71 16.76 -87.85
N TYR H 25 -48.12 17.96 -87.41
CA TYR H 25 -49.09 18.79 -88.13
C TYR H 25 -48.42 19.84 -89.00
N ILE H 26 -48.88 19.94 -90.23
CA ILE H 26 -48.37 20.92 -91.17
C ILE H 26 -49.16 22.18 -90.93
N ALA H 27 -48.60 23.12 -90.17
CA ALA H 27 -49.34 24.34 -89.80
C ALA H 27 -49.56 25.26 -90.97
N ASN H 28 -48.58 25.29 -91.87
CA ASN H 28 -48.68 26.03 -93.13
C ASN H 28 -47.99 25.23 -94.21
N ARG H 29 -48.70 24.93 -95.31
CA ARG H 29 -48.13 24.14 -96.42
C ARG H 29 -47.78 24.97 -97.67
N VAL H 30 -47.62 26.27 -97.46
CA VAL H 30 -47.26 27.16 -98.54
C VAL H 30 -46.22 28.23 -98.17
N THR H 31 -45.42 27.95 -97.14
CA THR H 31 -44.44 28.90 -96.58
C THR H 31 -43.45 29.47 -97.62
N ASP H 32 -43.19 30.76 -97.52
CA ASP H 32 -42.20 31.38 -98.39
C ASP H 32 -40.85 31.38 -97.67
N LYS H 33 -40.09 30.31 -97.84
CA LYS H 33 -38.83 30.15 -97.14
C LYS H 33 -37.71 30.88 -97.86
N LEU H 34 -38.07 31.51 -98.97
CA LEU H 34 -37.15 32.39 -99.68
C LEU H 34 -37.43 33.84 -99.30
N THR H 35 -36.52 34.43 -98.53
CA THR H 35 -36.77 35.73 -97.94
C THR H 35 -35.77 36.76 -98.42
N ARG H 36 -36.24 37.98 -98.66
CA ARG H 36 -35.47 39.01 -99.37
C ARG H 36 -34.91 40.08 -98.45
N VAL H 37 -33.59 40.20 -98.39
CA VAL H 37 -32.94 41.27 -97.64
C VAL H 37 -32.37 42.38 -98.53
N HIS H 38 -32.44 42.24 -99.86
CA HIS H 38 -32.03 43.29 -100.78
C HIS H 38 -32.26 42.96 -102.27
N ASP H 39 -32.45 43.98 -103.11
CA ASP H 39 -32.69 43.80 -104.54
C ASP H 39 -32.30 42.42 -105.00
N LYS H 40 -30.99 42.14 -104.99
CA LYS H 40 -30.46 40.87 -105.46
C LYS H 40 -29.57 40.17 -104.41
N ILE H 41 -29.97 40.26 -103.15
CA ILE H 41 -29.42 39.41 -102.08
C ILE H 41 -30.56 38.78 -101.26
N TRP H 42 -30.81 37.47 -101.42
CA TRP H 42 -31.87 36.81 -100.64
C TRP H 42 -31.31 35.73 -99.71
N CYS H 43 -32.15 35.23 -98.80
CA CYS H 43 -31.77 34.14 -97.88
C CYS H 43 -32.69 32.91 -98.00
N CYS H 44 -32.21 31.76 -97.51
CA CYS H 44 -33.05 30.60 -97.32
C CYS H 44 -33.17 30.33 -95.82
N ARG H 45 -34.40 30.30 -95.33
CA ARG H 45 -34.66 30.13 -93.90
C ARG H 45 -34.96 28.68 -93.51
N SER H 46 -34.46 28.28 -92.35
CA SER H 46 -34.65 26.94 -91.83
C SER H 46 -34.32 26.96 -90.36
N GLY H 47 -35.06 26.23 -89.56
CA GLY H 47 -34.94 26.38 -88.12
C GLY H 47 -36.21 27.03 -87.61
N SER H 48 -36.15 27.61 -86.42
CA SER H 48 -37.30 28.33 -85.90
C SER H 48 -37.78 29.39 -86.86
N ALA H 49 -39.05 29.36 -87.19
CA ALA H 49 -39.59 30.36 -88.08
C ALA H 49 -39.52 31.69 -87.36
N ALA H 50 -39.69 31.66 -86.05
CA ALA H 50 -39.70 32.90 -85.28
C ALA H 50 -38.32 33.52 -85.15
N ASP H 51 -37.29 32.69 -85.17
CA ASP H 51 -35.90 33.14 -85.11
C ASP H 51 -35.43 33.56 -86.52
N THR H 52 -35.59 32.71 -87.53
CA THR H 52 -35.14 33.10 -88.85
C THR H 52 -35.89 34.33 -89.33
N GLN H 53 -37.15 34.49 -88.95
CA GLN H 53 -37.89 35.67 -89.36
C GLN H 53 -37.34 36.92 -88.70
N ALA H 54 -37.09 36.86 -87.41
CA ALA H 54 -36.61 38.01 -86.66
C ALA H 54 -35.29 38.51 -87.18
N ILE H 55 -34.37 37.59 -87.40
CA ILE H 55 -33.07 37.91 -87.99
C ILE H 55 -33.13 38.55 -89.38
N ALA H 56 -33.77 37.89 -90.33
CA ALA H 56 -33.93 38.45 -91.67
C ALA H 56 -34.53 39.84 -91.63
N ASP H 57 -35.60 39.98 -90.86
CA ASP H 57 -36.20 41.27 -90.58
C ASP H 57 -35.16 42.32 -90.14
N ILE H 58 -34.27 41.94 -89.21
CA ILE H 58 -33.22 42.82 -88.65
C ILE H 58 -32.05 43.02 -89.60
N VAL H 59 -31.80 42.05 -90.46
CA VAL H 59 -30.80 42.25 -91.50
C VAL H 59 -31.36 43.14 -92.60
N GLN H 60 -32.65 43.01 -92.92
CA GLN H 60 -33.24 43.77 -94.01
C GLN H 60 -33.00 45.23 -93.72
N TYR H 61 -33.04 45.56 -92.42
CA TYR H 61 -32.84 46.92 -91.92
C TYR H 61 -31.39 47.33 -92.02
N HIS H 62 -30.50 46.63 -91.34
CA HIS H 62 -29.09 46.99 -91.38
C HIS H 62 -28.61 47.29 -92.79
N LEU H 63 -29.15 46.56 -93.76
CA LEU H 63 -28.80 46.72 -95.15
C LEU H 63 -29.53 47.88 -95.83
N GLU H 64 -30.78 48.14 -95.44
CA GLU H 64 -31.49 49.33 -95.94
C GLU H 64 -30.78 50.60 -95.51
N LEU H 65 -30.22 50.56 -94.31
CA LEU H 65 -29.48 51.67 -93.74
C LEU H 65 -28.08 51.77 -94.34
N TYR H 66 -27.39 50.63 -94.50
CA TYR H 66 -26.11 50.61 -95.19
C TYR H 66 -26.24 51.18 -96.61
N THR H 67 -27.35 50.90 -97.27
CA THR H 67 -27.59 51.46 -98.59
C THR H 67 -27.73 52.98 -98.52
N SER H 68 -28.51 53.48 -97.55
CA SER H 68 -28.73 54.93 -97.38
C SER H 68 -27.42 55.67 -97.36
N GLN H 69 -26.53 55.26 -96.47
CA GLN H 69 -25.28 55.95 -96.25
C GLN H 69 -24.21 55.57 -97.28
N TYR H 70 -23.79 54.32 -97.21
CA TYR H 70 -22.56 53.87 -97.85
C TYR H 70 -22.71 53.26 -99.27
N GLY H 71 -23.93 52.92 -99.67
CA GLY H 71 -24.18 52.43 -101.01
C GLY H 71 -24.69 50.99 -101.12
N THR H 72 -24.46 50.35 -102.27
CA THR H 72 -24.96 49.00 -102.51
C THR H 72 -24.03 48.02 -101.81
N PRO H 73 -24.60 47.02 -101.11
CA PRO H 73 -23.90 46.09 -100.22
C PRO H 73 -23.40 44.83 -100.92
N SER H 74 -22.14 44.44 -100.71
CA SER H 74 -21.62 43.24 -101.35
C SER H 74 -22.38 42.05 -100.83
N THR H 75 -22.48 40.97 -101.61
CA THR H 75 -23.19 39.80 -101.12
C THR H 75 -22.47 39.32 -99.88
N GLU H 76 -21.15 39.39 -99.91
CA GLU H 76 -20.33 39.11 -98.74
C GLU H 76 -20.79 39.84 -97.46
N THR H 77 -21.26 41.07 -97.60
CA THR H 77 -21.62 41.88 -96.43
C THR H 77 -22.90 41.35 -95.80
N ALA H 78 -23.89 41.04 -96.63
CA ALA H 78 -25.14 40.48 -96.14
C ALA H 78 -24.82 39.27 -95.27
N ALA H 79 -23.98 38.37 -95.76
CA ALA H 79 -23.52 37.24 -94.95
C ALA H 79 -22.88 37.66 -93.63
N SER H 80 -22.01 38.67 -93.64
CA SER H 80 -21.38 39.08 -92.39
C SER H 80 -22.39 39.59 -91.38
N VAL H 81 -23.45 40.25 -91.84
CA VAL H 81 -24.47 40.75 -90.91
C VAL H 81 -25.28 39.61 -90.35
N PHE H 82 -25.55 38.59 -91.16
CA PHE H 82 -26.18 37.37 -90.65
C PHE H 82 -25.29 36.69 -89.62
N LYS H 83 -24.06 36.29 -89.98
CA LYS H 83 -23.14 35.68 -88.98
C LYS H 83 -23.06 36.49 -87.71
N GLU H 84 -22.98 37.79 -87.81
CA GLU H 84 -22.72 38.55 -86.61
C GLU H 84 -23.90 38.35 -85.65
N LEU H 85 -25.12 38.27 -86.20
CA LEU H 85 -26.32 38.04 -85.37
C LEU H 85 -26.42 36.64 -84.80
N CYS H 86 -26.17 35.64 -85.65
CA CYS H 86 -26.28 34.21 -85.29
C CYS H 86 -25.20 33.74 -84.34
N TYR H 87 -23.96 34.22 -84.53
CA TYR H 87 -22.83 33.83 -83.69
C TYR H 87 -22.89 34.53 -82.35
N GLU H 88 -23.12 35.84 -82.38
CA GLU H 88 -23.03 36.61 -81.14
C GLU H 88 -24.26 36.31 -80.26
N ASN H 89 -25.22 35.59 -80.83
CA ASN H 89 -26.46 35.22 -80.14
C ASN H 89 -26.73 33.71 -80.16
N LYS H 90 -25.67 32.91 -80.29
CA LYS H 90 -25.83 31.47 -80.46
C LYS H 90 -26.65 30.82 -79.36
N ASP H 91 -26.41 31.25 -78.12
CA ASP H 91 -27.01 30.58 -76.98
C ASP H 91 -28.55 30.57 -77.04
N ASN H 92 -29.15 31.50 -77.78
CA ASN H 92 -30.60 31.68 -77.78
C ASN H 92 -31.25 31.61 -79.15
N LEU H 93 -30.59 30.96 -80.10
CA LEU H 93 -31.14 30.88 -81.44
C LEU H 93 -30.96 29.53 -82.05
N THR H 94 -31.91 29.17 -82.89
CA THR H 94 -31.85 27.92 -83.62
C THR H 94 -32.15 28.25 -85.07
N ALA H 95 -31.12 28.65 -85.80
CA ALA H 95 -31.32 29.04 -87.18
C ALA H 95 -30.14 28.69 -88.03
N GLY H 96 -30.44 28.09 -89.18
CA GLY H 96 -29.46 27.75 -90.17
C GLY H 96 -29.85 28.40 -91.46
N ILE H 97 -28.97 29.25 -91.97
CA ILE H 97 -29.36 30.14 -93.05
C ILE H 97 -28.42 30.05 -94.22
N ILE H 98 -28.96 30.29 -95.41
CA ILE H 98 -28.18 30.32 -96.62
C ILE H 98 -28.42 31.66 -97.25
N VAL H 99 -27.35 32.43 -97.39
CA VAL H 99 -27.40 33.74 -98.01
C VAL H 99 -26.88 33.58 -99.41
N ALA H 100 -27.59 34.12 -100.39
CA ALA H 100 -27.16 34.04 -101.76
C ALA H 100 -27.47 35.32 -102.49
N GLY H 101 -26.57 35.73 -103.38
CA GLY H 101 -26.81 36.88 -104.20
C GLY H 101 -25.92 37.07 -105.41
N TYR H 102 -26.30 38.06 -106.21
CA TYR H 102 -25.64 38.38 -107.45
C TYR H 102 -25.17 39.82 -107.46
N ASP H 103 -23.87 40.02 -107.57
CA ASP H 103 -23.35 41.32 -108.00
C ASP H 103 -22.79 41.12 -109.38
N ASP H 104 -22.18 42.14 -109.97
CA ASP H 104 -21.72 42.03 -111.36
C ASP H 104 -20.31 41.48 -111.44
N LYS H 105 -19.49 41.76 -110.42
CA LYS H 105 -18.10 41.31 -110.41
C LYS H 105 -18.04 39.78 -110.35
N ASN H 106 -18.50 39.21 -109.22
CA ASN H 106 -18.37 37.77 -108.96
C ASN H 106 -19.52 36.92 -109.48
N LYS H 107 -20.65 37.55 -109.75
CA LYS H 107 -21.84 36.88 -110.27
C LYS H 107 -22.45 36.00 -109.20
N GLY H 108 -22.30 34.69 -109.34
CA GLY H 108 -22.86 33.78 -108.37
C GLY H 108 -22.01 33.65 -107.12
N GLU H 109 -22.60 34.05 -106.00
CA GLU H 109 -21.96 33.84 -104.67
C GLU H 109 -22.91 33.20 -103.64
N VAL H 110 -22.46 32.21 -102.87
CA VAL H 110 -23.32 31.56 -101.86
C VAL H 110 -22.64 31.25 -100.54
N TYR H 111 -23.27 31.65 -99.43
CA TYR H 111 -22.71 31.57 -98.08
C TYR H 111 -23.69 30.82 -97.20
N THR H 112 -23.23 29.76 -96.54
CA THR H 112 -24.09 28.96 -95.66
C THR H 112 -23.66 29.18 -94.23
N ILE H 113 -24.63 29.49 -93.38
CA ILE H 113 -24.39 29.77 -91.98
C ILE H 113 -25.12 28.71 -91.20
N PRO H 114 -24.38 27.69 -90.77
CA PRO H 114 -24.81 26.55 -89.95
C PRO H 114 -25.27 27.05 -88.61
N LEU H 115 -25.46 26.16 -87.63
CA LEU H 115 -26.08 26.58 -86.39
C LEU H 115 -25.09 27.35 -85.54
N GLY H 116 -23.92 26.77 -85.40
CA GLY H 116 -22.86 27.43 -84.66
C GLY H 116 -22.90 28.95 -84.83
N GLY H 117 -22.88 29.39 -86.08
CA GLY H 117 -22.75 30.79 -86.40
C GLY H 117 -21.54 30.95 -87.32
N SER H 118 -20.85 29.84 -87.56
CA SER H 118 -19.79 29.81 -88.53
C SER H 118 -20.30 30.26 -89.88
N VAL H 119 -19.38 30.58 -90.80
CA VAL H 119 -19.78 30.99 -92.15
C VAL H 119 -18.90 30.34 -93.14
N HIS H 120 -19.51 29.81 -94.19
CA HIS H 120 -18.76 29.04 -95.16
C HIS H 120 -19.17 29.45 -96.54
N LYS H 121 -18.22 29.92 -97.36
CA LYS H 121 -18.53 30.25 -98.76
C LYS H 121 -18.41 28.99 -99.61
N LEU H 122 -19.35 28.79 -100.53
CA LEU H 122 -19.40 27.58 -101.32
C LEU H 122 -20.09 27.81 -102.65
N PRO H 123 -19.88 26.91 -103.62
CA PRO H 123 -20.49 26.90 -104.95
C PRO H 123 -21.95 26.59 -104.89
N TYR H 124 -22.34 25.71 -103.96
CA TYR H 124 -23.73 25.38 -103.70
C TYR H 124 -23.78 24.97 -102.25
N ALA H 125 -24.94 25.10 -101.63
CA ALA H 125 -25.09 24.62 -100.27
C ALA H 125 -26.48 24.12 -99.95
N ILE H 126 -26.57 23.02 -99.21
CA ILE H 126 -27.87 22.51 -98.81
C ILE H 126 -27.95 22.60 -97.30
N ALA H 127 -29.18 22.65 -96.79
CA ALA H 127 -29.43 22.79 -95.37
C ALA H 127 -30.87 22.40 -95.08
N GLY H 128 -31.34 22.70 -93.88
CA GLY H 128 -32.68 22.31 -93.47
C GLY H 128 -32.81 20.85 -93.11
N SER H 129 -33.84 20.49 -92.34
CA SER H 129 -34.05 19.11 -91.92
C SER H 129 -33.84 18.04 -93.00
N GLY H 130 -34.51 18.19 -94.13
CA GLY H 130 -34.44 17.20 -95.19
C GLY H 130 -33.20 17.24 -96.06
N SER H 131 -32.13 17.92 -95.65
CA SER H 131 -30.93 17.96 -96.48
C SER H 131 -30.17 16.65 -96.39
N THR H 132 -30.27 15.99 -95.24
CA THR H 132 -29.47 14.79 -94.97
C THR H 132 -29.57 13.77 -96.07
N PHE H 133 -30.68 13.76 -96.80
CA PHE H 133 -30.94 12.68 -97.76
C PHE H 133 -30.39 12.98 -99.15
N ILE H 134 -29.93 14.20 -99.36
CA ILE H 134 -29.44 14.54 -100.69
C ILE H 134 -27.97 14.96 -100.75
N TYR H 135 -27.26 14.86 -99.64
CA TYR H 135 -25.82 15.05 -99.69
C TYR H 135 -25.26 14.11 -100.72
N GLY H 136 -25.88 12.94 -100.86
CA GLY H 136 -25.49 11.97 -101.86
C GLY H 136 -25.80 12.44 -103.25
N TYR H 137 -27.07 12.72 -103.52
CA TYR H 137 -27.49 13.10 -104.87
C TYR H 137 -26.77 14.32 -105.39
N CYS H 138 -26.60 15.31 -104.52
CA CYS H 138 -26.01 16.60 -104.91
C CYS H 138 -24.52 16.51 -105.23
N ASP H 139 -23.72 15.94 -104.34
CA ASP H 139 -22.29 15.87 -104.61
C ASP H 139 -22.02 15.16 -105.93
N LYS H 140 -22.92 14.26 -106.33
CA LYS H 140 -22.72 13.46 -107.56
C LYS H 140 -23.24 14.18 -108.78
N ASN H 141 -24.36 14.89 -108.63
CA ASN H 141 -24.99 15.58 -109.76
C ASN H 141 -24.68 17.11 -109.94
N PHE H 142 -23.93 17.73 -109.04
CA PHE H 142 -23.60 19.15 -109.20
C PHE H 142 -22.40 19.39 -110.10
N ARG H 143 -22.48 20.47 -110.89
CA ARG H 143 -21.39 20.96 -111.76
C ARG H 143 -21.25 22.49 -111.66
N GLU H 144 -20.04 23.00 -111.81
CA GLU H 144 -19.87 24.45 -111.82
C GLU H 144 -20.33 25.02 -113.16
N ASN H 145 -20.70 26.29 -113.18
CA ASN H 145 -20.99 26.98 -114.43
C ASN H 145 -22.10 26.32 -115.25
N MET H 146 -23.18 25.95 -114.59
CA MET H 146 -24.29 25.34 -115.31
C MET H 146 -25.13 26.39 -116.02
N SER H 147 -25.96 25.97 -116.97
CA SER H 147 -26.87 26.89 -117.63
C SER H 147 -28.09 27.12 -116.78
N LYS H 148 -28.88 28.14 -117.09
CA LYS H 148 -30.00 28.50 -116.22
C LYS H 148 -30.92 27.31 -116.02
N GLU H 149 -31.41 26.74 -117.11
CA GLU H 149 -32.37 25.65 -116.97
C GLU H 149 -31.71 24.35 -116.50
N GLU H 150 -30.40 24.25 -116.64
CA GLU H 150 -29.65 23.11 -116.11
C GLU H 150 -29.73 23.15 -114.60
N THR H 151 -29.69 24.35 -114.06
CA THR H 151 -29.64 24.58 -112.62
C THR H 151 -31.03 24.46 -111.99
N VAL H 152 -32.05 24.96 -112.69
CA VAL H 152 -33.42 24.78 -112.23
C VAL H 152 -33.70 23.29 -112.09
N ASP H 153 -33.29 22.50 -113.08
CA ASP H 153 -33.48 21.08 -113.04
C ASP H 153 -32.70 20.44 -111.88
N PHE H 154 -31.42 20.77 -111.74
CA PHE H 154 -30.66 20.25 -110.62
C PHE H 154 -31.36 20.49 -109.30
N ILE H 155 -32.01 21.63 -109.16
CA ILE H 155 -32.67 21.96 -107.90
C ILE H 155 -33.97 21.19 -107.77
N LYS H 156 -34.76 21.17 -108.83
CA LYS H 156 -36.03 20.46 -108.85
C LYS H 156 -35.85 18.99 -108.45
N HIS H 157 -34.79 18.34 -108.94
CA HIS H 157 -34.54 16.95 -108.60
C HIS H 157 -34.09 16.80 -107.15
N SER H 158 -33.05 17.54 -106.78
CA SER H 158 -32.54 17.48 -105.44
C SER H 158 -33.65 17.64 -104.41
N LEU H 159 -34.53 18.60 -104.64
CA LEU H 159 -35.61 18.90 -103.68
C LEU H 159 -36.79 17.94 -103.83
N SER H 160 -36.96 17.38 -105.02
CA SER H 160 -37.97 16.34 -105.21
C SER H 160 -37.66 15.19 -104.25
N GLN H 161 -36.37 14.87 -104.10
CA GLN H 161 -35.93 13.79 -103.21
C GLN H 161 -36.09 14.12 -101.75
N ALA H 162 -35.43 15.18 -101.31
CA ALA H 162 -35.58 15.64 -99.93
C ALA H 162 -37.00 15.53 -99.40
N ILE H 163 -38.00 15.80 -100.23
CA ILE H 163 -39.40 15.87 -99.80
C ILE H 163 -40.09 14.53 -99.71
N LYS H 164 -39.64 13.66 -100.63
CA LYS H 164 -40.01 12.25 -100.69
C LYS H 164 -39.65 11.62 -99.38
N TRP H 165 -38.39 11.81 -98.97
CA TRP H 165 -37.86 11.15 -97.79
C TRP H 165 -38.12 11.85 -96.47
N ASP H 166 -38.35 13.16 -96.49
CA ASP H 166 -38.59 13.91 -95.25
C ASP H 166 -40.07 14.27 -95.00
N GLY H 167 -40.45 14.11 -93.73
CA GLY H 167 -41.81 14.30 -93.33
C GLY H 167 -41.93 15.73 -92.91
N SER H 168 -40.77 16.31 -92.57
CA SER H 168 -40.68 17.69 -92.10
C SER H 168 -40.43 18.65 -93.26
N SER H 169 -40.56 18.10 -94.46
CA SER H 169 -40.41 18.85 -95.68
C SER H 169 -41.48 18.41 -96.68
N GLY H 170 -41.82 19.33 -97.56
CA GLY H 170 -42.89 19.16 -98.52
C GLY H 170 -43.55 20.48 -98.90
N GLY H 171 -44.75 20.37 -99.48
CA GLY H 171 -45.46 21.51 -100.05
C GLY H 171 -45.13 21.67 -101.53
N VAL H 172 -45.09 22.92 -101.98
CA VAL H 172 -44.62 23.23 -103.33
C VAL H 172 -43.12 23.49 -103.26
N ILE H 173 -42.45 23.46 -104.40
CA ILE H 173 -41.04 23.85 -104.50
C ILE H 173 -40.92 25.27 -105.04
N ARG H 174 -40.42 26.19 -104.21
CA ARG H 174 -40.20 27.58 -104.58
C ARG H 174 -38.76 27.81 -105.01
N MET H 175 -38.58 28.56 -106.08
CA MET H 175 -37.25 28.95 -106.49
C MET H 175 -37.24 30.47 -106.68
N VAL H 176 -36.06 31.06 -106.64
CA VAL H 176 -35.89 32.46 -106.92
C VAL H 176 -34.58 32.62 -107.69
N VAL H 177 -34.67 33.12 -108.93
CA VAL H 177 -33.51 33.26 -109.80
C VAL H 177 -32.98 34.69 -109.78
N LEU H 178 -31.70 34.81 -109.47
CA LEU H 178 -31.04 36.09 -109.29
C LEU H 178 -29.97 36.30 -110.36
N THR H 179 -30.30 37.10 -111.38
CA THR H 179 -29.33 37.42 -112.42
C THR H 179 -29.27 38.90 -112.69
N ALA H 180 -28.44 39.28 -113.65
CA ALA H 180 -28.33 40.66 -114.02
C ALA H 180 -29.68 41.19 -114.48
N ALA H 181 -30.38 40.36 -115.25
CA ALA H 181 -31.63 40.78 -115.87
C ALA H 181 -32.79 40.87 -114.88
N GLY H 182 -32.58 40.41 -113.66
CA GLY H 182 -33.57 40.66 -112.65
C GLY H 182 -33.87 39.51 -111.75
N VAL H 183 -34.97 39.66 -111.03
CA VAL H 183 -35.43 38.67 -110.09
C VAL H 183 -36.65 37.94 -110.65
N GLU H 184 -36.52 36.61 -110.78
CA GLU H 184 -37.60 35.74 -111.30
C GLU H 184 -37.99 34.70 -110.26
N ARG H 185 -39.25 34.72 -109.84
CA ARG H 185 -39.73 33.74 -108.87
C ARG H 185 -40.30 32.49 -109.54
N LEU H 186 -39.87 31.31 -109.10
CA LEU H 186 -40.38 30.05 -109.65
C LEU H 186 -41.26 29.26 -108.67
N ILE H 187 -42.14 28.44 -109.23
CA ILE H 187 -42.93 27.53 -108.42
C ILE H 187 -43.22 26.26 -109.19
N PHE H 188 -43.00 25.14 -108.54
CA PHE H 188 -43.27 23.84 -109.14
C PHE H 188 -44.17 23.03 -108.22
N TYR H 189 -45.23 22.45 -108.76
CA TYR H 189 -46.27 21.86 -107.91
C TYR H 189 -46.03 20.36 -107.73
N PRO H 190 -46.72 19.76 -106.76
CA PRO H 190 -46.49 18.35 -106.48
C PRO H 190 -46.76 17.43 -107.69
N ASP H 191 -47.84 17.67 -108.42
CA ASP H 191 -48.14 16.80 -109.55
C ASP H 191 -46.95 16.68 -110.50
N GLU H 192 -45.97 17.56 -110.33
CA GLU H 192 -44.84 17.65 -111.25
C GLU H 192 -43.52 17.08 -110.74
N TYR H 193 -43.14 17.47 -109.52
CA TYR H 193 -41.84 17.08 -108.97
C TYR H 193 -41.80 15.66 -108.43
N GLU H 194 -42.97 15.07 -108.19
CA GLU H 194 -43.07 13.69 -107.68
C GLU H 194 -42.86 12.67 -108.81
N GLN H 195 -43.31 13.02 -110.00
CA GLN H 195 -43.16 12.17 -111.17
C GLN H 195 -41.74 12.19 -111.77
N LEU H 196 -40.72 12.27 -110.92
CA LEU H 196 -39.33 12.39 -111.39
C LEU H 196 -38.42 11.26 -110.90
N THR I 1 -59.93 26.28 -77.65
CA THR I 1 -60.40 27.40 -78.44
C THR I 1 -60.32 27.13 -79.96
N THR I 2 -61.35 27.52 -80.74
CA THR I 2 -61.27 27.50 -82.23
C THR I 2 -61.42 28.88 -82.92
N ILE I 3 -60.40 29.29 -83.69
CA ILE I 3 -60.49 30.52 -84.47
C ILE I 3 -59.97 30.33 -85.87
N VAL I 4 -60.60 31.00 -86.84
CA VAL I 4 -60.21 30.92 -88.24
C VAL I 4 -60.28 32.27 -88.94
N GLY I 5 -59.64 32.38 -90.09
CA GLY I 5 -59.75 33.55 -90.94
C GLY I 5 -59.85 33.15 -92.39
N VAL I 6 -60.62 33.89 -93.17
CA VAL I 6 -60.88 33.55 -94.56
C VAL I 6 -60.89 34.77 -95.46
N LYS I 7 -60.01 34.81 -96.45
CA LYS I 7 -59.93 35.92 -97.37
C LYS I 7 -60.97 35.71 -98.48
N PHE I 8 -61.70 36.77 -98.82
CA PHE I 8 -62.52 36.81 -100.03
C PHE I 8 -62.17 37.96 -100.97
N ASN I 9 -62.96 38.15 -102.02
CA ASN I 9 -62.54 39.05 -103.11
C ASN I 9 -62.38 40.52 -102.72
N ASN I 10 -63.31 41.00 -101.91
CA ASN I 10 -63.33 42.40 -101.55
C ASN I 10 -63.17 42.55 -100.05
N GLY I 11 -62.35 41.70 -99.45
CA GLY I 11 -62.16 41.79 -98.01
C GLY I 11 -61.62 40.57 -97.33
N VAL I 12 -62.01 40.39 -96.08
CA VAL I 12 -61.62 39.25 -95.26
C VAL I 12 -62.54 39.16 -94.07
N VAL I 13 -62.75 37.95 -93.58
CA VAL I 13 -63.66 37.65 -92.47
C VAL I 13 -62.96 36.77 -91.46
N ILE I 14 -63.16 37.02 -90.16
CA ILE I 14 -62.56 36.19 -89.14
C ILE I 14 -63.60 35.77 -88.10
N ALA I 15 -63.47 34.54 -87.59
CA ALA I 15 -64.48 33.93 -86.72
C ALA I 15 -63.88 33.17 -85.56
N ALA I 16 -64.67 32.96 -84.52
CA ALA I 16 -64.18 32.32 -83.32
C ALA I 16 -65.33 31.67 -82.59
N ASP I 17 -65.01 30.77 -81.67
CA ASP I 17 -66.03 30.20 -80.79
C ASP I 17 -66.10 31.08 -79.55
N THR I 18 -66.80 30.62 -78.52
CA THR I 18 -67.01 31.44 -77.33
C THR I 18 -66.74 30.75 -76.00
N ARG I 19 -66.03 29.64 -76.00
CA ARG I 19 -65.84 28.86 -74.79
C ARG I 19 -64.46 29.02 -74.16
N SER I 20 -64.41 29.41 -72.90
CA SER I 20 -63.13 29.52 -72.24
C SER I 20 -63.00 28.47 -71.15
N THR I 21 -61.97 27.64 -71.26
CA THR I 21 -61.79 26.50 -70.37
C THR I 21 -60.60 26.68 -69.45
N GLN I 22 -60.85 26.57 -68.14
CA GLN I 22 -59.78 26.43 -67.16
C GLN I 22 -59.67 24.94 -66.88
N GLY I 23 -58.70 24.28 -67.46
CA GLY I 23 -58.63 22.84 -67.31
C GLY I 23 -59.76 22.19 -68.09
N PRO I 24 -60.63 21.42 -67.39
CA PRO I 24 -61.79 20.68 -67.89
C PRO I 24 -63.12 21.41 -67.68
N ILE I 25 -63.08 22.54 -66.99
CA ILE I 25 -64.26 23.31 -66.65
C ILE I 25 -64.44 24.49 -67.62
N VAL I 26 -65.69 24.90 -67.81
CA VAL I 26 -66.00 26.01 -68.68
C VAL I 26 -66.33 27.23 -67.85
N ALA I 27 -65.43 28.22 -67.85
CA ALA I 27 -65.62 29.40 -67.01
C ALA I 27 -66.54 30.45 -67.61
N ASP I 28 -66.30 30.80 -68.87
CA ASP I 28 -67.23 31.67 -69.59
C ASP I 28 -67.74 30.81 -70.72
N LYS I 29 -69.05 30.68 -70.82
CA LYS I 29 -69.63 29.95 -71.94
C LYS I 29 -69.76 30.90 -73.11
N ASN I 30 -69.46 32.17 -72.88
CA ASN I 30 -69.58 33.17 -73.94
C ASN I 30 -68.72 34.41 -73.72
N CYS I 31 -67.41 34.28 -73.91
CA CYS I 31 -66.52 35.41 -73.85
C CYS I 31 -66.17 35.56 -75.29
N ALA I 32 -66.04 36.80 -75.77
CA ALA I 32 -65.78 37.03 -77.17
C ALA I 32 -64.31 36.92 -77.31
N LYS I 33 -63.88 36.21 -78.34
CA LYS I 33 -62.48 35.99 -78.58
C LYS I 33 -62.09 36.89 -79.72
N LEU I 34 -63.03 37.76 -80.10
CA LEU I 34 -62.81 38.70 -81.18
C LEU I 34 -62.39 40.09 -80.70
N HIS I 35 -61.13 40.42 -80.95
CA HIS I 35 -60.51 41.61 -80.37
C HIS I 35 -60.28 42.72 -81.42
N ARG I 36 -60.50 43.97 -81.01
CA ARG I 36 -60.35 45.11 -81.93
C ARG I 36 -59.03 45.82 -81.73
N ILE I 37 -58.25 45.97 -82.81
CA ILE I 37 -56.97 46.65 -82.72
C ILE I 37 -57.08 48.09 -83.23
N SER I 38 -57.80 48.23 -84.34
CA SER I 38 -58.13 49.49 -84.95
C SER I 38 -59.53 49.32 -85.51
N PRO I 39 -60.23 50.41 -85.80
CA PRO I 39 -61.55 50.25 -86.39
C PRO I 39 -61.66 49.11 -87.39
N LYS I 40 -60.77 49.04 -88.37
CA LYS I 40 -60.92 48.02 -89.39
C LYS I 40 -59.77 47.01 -89.37
N ILE I 41 -59.19 46.79 -88.19
CA ILE I 41 -58.19 45.74 -87.97
C ILE I 41 -58.54 44.95 -86.72
N TRP I 42 -59.10 43.76 -86.90
CA TRP I 42 -59.47 42.91 -85.78
C TRP I 42 -58.66 41.62 -85.79
N CYS I 43 -58.60 40.95 -84.65
CA CYS I 43 -57.83 39.72 -84.54
C CYS I 43 -58.46 38.73 -83.58
N ALA I 44 -58.22 37.43 -83.82
CA ALA I 44 -58.83 36.37 -83.01
C ALA I 44 -57.86 35.76 -82.02
N GLY I 45 -58.27 35.67 -80.76
CA GLY I 45 -57.36 35.30 -79.70
C GLY I 45 -57.52 33.88 -79.21
N ALA I 46 -56.42 33.13 -79.22
CA ALA I 46 -56.37 31.78 -78.69
C ALA I 46 -55.10 31.54 -77.90
N GLY I 47 -55.22 30.92 -76.74
CA GLY I 47 -54.07 30.75 -75.88
C GLY I 47 -54.44 31.23 -74.50
N THR I 48 -53.49 31.85 -73.80
CA THR I 48 -53.80 32.43 -72.49
C THR I 48 -54.80 33.58 -72.62
N ALA I 49 -55.98 33.40 -72.06
CA ALA I 49 -57.01 34.40 -72.16
C ALA I 49 -56.44 35.80 -71.96
N ALA I 50 -55.76 35.99 -70.84
CA ALA I 50 -55.25 37.32 -70.48
C ALA I 50 -54.31 37.94 -71.51
N ASP I 51 -53.48 37.13 -72.15
CA ASP I 51 -52.44 37.64 -73.03
C ASP I 51 -52.94 38.08 -74.39
N THR I 52 -53.95 37.41 -74.92
CA THR I 52 -54.51 37.88 -76.15
C THR I 52 -55.20 39.23 -75.92
N GLU I 53 -55.77 39.42 -74.74
CA GLU I 53 -56.41 40.69 -74.43
C GLU I 53 -55.34 41.75 -74.23
N ALA I 54 -54.43 41.51 -73.30
CA ALA I 54 -53.43 42.52 -72.93
C ALA I 54 -52.60 42.98 -74.11
N VAL I 55 -52.09 42.03 -74.87
CA VAL I 55 -51.23 42.33 -75.98
C VAL I 55 -52.01 42.93 -77.13
N THR I 56 -53.33 42.81 -77.11
CA THR I 56 -54.18 43.48 -78.09
C THR I 56 -54.40 44.90 -77.64
N GLN I 57 -54.87 45.06 -76.40
CA GLN I 57 -55.10 46.38 -75.85
C GLN I 57 -53.87 47.27 -76.12
N LEU I 58 -52.68 46.67 -76.10
CA LEU I 58 -51.43 47.41 -76.21
C LEU I 58 -51.14 47.84 -77.63
N ILE I 59 -50.81 46.87 -78.47
CA ILE I 59 -50.54 47.15 -79.87
C ILE I 59 -51.61 48.02 -80.49
N GLY I 60 -52.82 47.96 -79.96
CA GLY I 60 -53.92 48.70 -80.51
C GLY I 60 -53.87 50.13 -80.08
N SER I 61 -53.42 50.34 -78.85
CA SER I 61 -53.18 51.67 -78.27
C SER I 61 -52.02 52.34 -79.00
N ASN I 62 -50.86 51.70 -79.03
CA ASN I 62 -49.73 52.22 -79.80
C ASN I 62 -50.12 52.51 -81.25
N ILE I 63 -50.83 51.58 -81.87
CA ILE I 63 -51.28 51.76 -83.26
C ILE I 63 -52.28 52.90 -83.39
N GLU I 64 -53.02 53.21 -82.33
CA GLU I 64 -53.95 54.34 -82.41
C GLU I 64 -53.18 55.63 -82.40
N LEU I 65 -52.20 55.72 -81.51
CA LEU I 65 -51.36 56.90 -81.40
C LEU I 65 -50.52 57.12 -82.66
N HIS I 66 -50.22 56.04 -83.38
CA HIS I 66 -49.42 56.13 -84.57
C HIS I 66 -50.24 56.62 -85.77
N SER I 67 -51.50 56.22 -85.86
CA SER I 67 -52.38 56.73 -86.91
C SER I 67 -52.65 58.22 -86.74
N LEU I 68 -52.27 58.74 -85.59
CA LEU I 68 -52.49 60.15 -85.28
C LEU I 68 -51.25 61.01 -85.55
N TYR I 69 -50.06 60.46 -85.27
CA TYR I 69 -48.82 61.14 -85.63
C TYR I 69 -48.73 61.24 -87.12
N THR I 70 -49.11 60.16 -87.80
CA THR I 70 -48.96 60.05 -89.25
C THR I 70 -50.15 60.53 -90.05
N SER I 71 -51.21 60.92 -89.36
CA SER I 71 -52.40 61.39 -90.04
C SER I 71 -52.85 60.39 -91.13
N ARG I 72 -52.73 59.10 -90.81
CA ARG I 72 -52.93 58.00 -91.77
C ARG I 72 -53.68 56.81 -91.19
N GLU I 73 -54.54 56.20 -92.00
CA GLU I 73 -55.27 55.01 -91.57
C GLU I 73 -54.28 53.90 -91.23
N PRO I 74 -54.54 53.17 -90.14
CA PRO I 74 -53.64 52.17 -89.57
C PRO I 74 -53.67 50.95 -90.46
N ARG I 75 -52.50 50.35 -90.64
CA ARG I 75 -52.36 49.27 -91.61
C ARG I 75 -52.18 47.90 -90.95
N VAL I 76 -52.69 46.85 -91.58
CA VAL I 76 -52.67 45.56 -90.94
C VAL I 76 -51.22 45.25 -90.71
N VAL I 77 -50.42 45.51 -91.73
CA VAL I 77 -49.03 45.10 -91.71
C VAL I 77 -48.23 45.80 -90.60
N SER I 78 -48.74 46.91 -90.07
CA SER I 78 -48.15 47.55 -88.89
C SER I 78 -48.43 46.71 -87.65
N ALA I 79 -49.71 46.43 -87.42
CA ALA I 79 -50.10 45.69 -86.23
C ALA I 79 -49.41 44.34 -86.21
N LEU I 80 -49.08 43.81 -87.37
CA LEU I 80 -48.37 42.54 -87.43
C LEU I 80 -46.96 42.70 -86.93
N GLN I 81 -46.23 43.60 -87.55
CA GLN I 81 -44.84 43.83 -87.19
C GLN I 81 -44.64 44.26 -85.72
N MET I 82 -45.58 44.97 -85.13
CA MET I 82 -45.40 45.39 -83.75
C MET I 82 -45.69 44.23 -82.82
N LEU I 83 -46.71 43.42 -83.15
CA LEU I 83 -47.02 42.20 -82.38
C LEU I 83 -45.92 41.16 -82.51
N LYS I 84 -45.53 40.86 -83.75
CA LYS I 84 -44.42 39.97 -83.97
C LYS I 84 -43.24 40.30 -83.05
N GLN I 85 -42.79 41.54 -83.08
CA GLN I 85 -41.55 41.89 -82.40
C GLN I 85 -41.69 41.97 -80.89
N HIS I 86 -42.92 42.12 -80.41
CA HIS I 86 -43.18 42.20 -78.96
C HIS I 86 -43.12 40.81 -78.39
N LEU I 87 -43.87 39.93 -79.02
CA LEU I 87 -43.94 38.54 -78.58
C LEU I 87 -42.56 37.89 -78.57
N PHE I 88 -41.74 38.27 -79.53
CA PHE I 88 -40.41 37.70 -79.66
C PHE I 88 -39.41 38.27 -78.65
N LYS I 89 -39.59 39.53 -78.27
CA LYS I 89 -38.78 40.12 -77.22
C LYS I 89 -38.92 39.19 -76.04
N TYR I 90 -40.10 38.60 -75.92
CA TYR I 90 -40.48 37.82 -74.74
C TYR I 90 -40.34 36.28 -74.93
N GLN I 91 -39.29 35.86 -75.62
CA GLN I 91 -38.94 34.44 -75.79
C GLN I 91 -40.10 33.42 -75.71
N GLY I 92 -41.29 33.80 -76.17
CA GLY I 92 -42.43 32.89 -76.16
C GLY I 92 -43.18 32.83 -74.84
N HIS I 93 -42.69 33.53 -73.82
CA HIS I 93 -43.30 33.50 -72.49
C HIS I 93 -44.67 34.20 -72.46
N ILE I 94 -45.08 34.79 -73.58
CA ILE I 94 -46.39 35.43 -73.70
C ILE I 94 -47.25 34.60 -74.63
N GLY I 95 -48.34 34.07 -74.10
CA GLY I 95 -49.04 32.97 -74.74
C GLY I 95 -50.15 33.37 -75.68
N ALA I 96 -49.80 34.11 -76.72
CA ALA I 96 -50.80 34.60 -77.66
C ALA I 96 -50.64 33.92 -79.00
N TYR I 97 -51.73 33.42 -79.55
CA TYR I 97 -51.73 32.84 -80.88
C TYR I 97 -52.89 33.52 -81.58
N LEU I 98 -52.58 34.36 -82.57
CA LEU I 98 -53.58 35.26 -83.13
C LEU I 98 -53.80 35.04 -84.61
N ILE I 99 -55.03 35.27 -85.05
CA ILE I 99 -55.27 35.50 -86.45
C ILE I 99 -55.58 36.97 -86.59
N VAL I 100 -54.73 37.69 -87.32
CA VAL I 100 -54.81 39.13 -87.45
C VAL I 100 -55.23 39.42 -88.87
N ALA I 101 -56.35 40.12 -89.02
CA ALA I 101 -56.83 40.48 -90.36
C ALA I 101 -57.40 41.88 -90.39
N GLY I 102 -57.56 42.44 -91.59
CA GLY I 102 -58.19 43.73 -91.73
C GLY I 102 -58.07 44.37 -93.10
N VAL I 103 -58.63 45.56 -93.21
CA VAL I 103 -58.46 46.39 -94.39
C VAL I 103 -57.82 47.75 -94.09
N ASP I 104 -56.82 48.05 -94.89
CA ASP I 104 -56.14 49.32 -94.84
C ASP I 104 -56.12 49.78 -96.28
N PRO I 105 -55.67 51.00 -96.51
CA PRO I 105 -55.39 51.58 -97.82
C PRO I 105 -54.62 50.69 -98.80
N THR I 106 -54.05 49.56 -98.38
CA THR I 106 -53.34 48.68 -99.31
C THR I 106 -54.11 47.44 -99.78
N GLY I 107 -55.32 47.24 -99.28
CA GLY I 107 -56.14 46.10 -99.64
C GLY I 107 -56.56 45.22 -98.48
N SER I 108 -56.83 43.95 -98.77
CA SER I 108 -57.23 43.00 -97.74
C SER I 108 -56.03 42.20 -97.30
N HIS I 109 -55.90 41.97 -95.99
CA HIS I 109 -54.78 41.23 -95.44
C HIS I 109 -55.23 40.19 -94.42
N LEU I 110 -54.56 39.05 -94.40
CA LEU I 110 -54.85 38.00 -93.42
C LEU I 110 -53.58 37.26 -92.99
N PHE I 111 -53.26 37.39 -91.70
CA PHE I 111 -52.02 36.88 -91.13
C PHE I 111 -52.29 36.14 -89.83
N SER I 112 -51.36 35.27 -89.44
CA SER I 112 -51.44 34.57 -88.17
C SER I 112 -50.11 34.73 -87.43
N ILE I 113 -50.18 34.93 -86.12
CA ILE I 113 -48.99 35.18 -85.32
C ILE I 113 -48.94 34.16 -84.20
N HIS I 114 -47.81 33.49 -84.05
CA HIS I 114 -47.66 32.50 -83.00
C HIS I 114 -46.87 33.12 -81.86
N ALA I 115 -46.95 32.52 -80.69
CA ALA I 115 -46.42 33.13 -79.48
C ALA I 115 -44.92 33.39 -79.50
N HIS I 116 -44.17 32.59 -80.23
CA HIS I 116 -42.73 32.75 -80.21
C HIS I 116 -42.31 33.84 -81.16
N GLY I 117 -43.26 34.33 -81.96
CA GLY I 117 -43.05 35.43 -82.89
C GLY I 117 -43.08 35.15 -84.39
N SER I 118 -43.48 33.94 -84.78
CA SER I 118 -43.57 33.56 -86.19
C SER I 118 -44.83 34.12 -86.79
N THR I 119 -44.79 34.47 -88.08
CA THR I 119 -45.99 34.96 -88.76
C THR I 119 -46.20 34.23 -90.06
N ASP I 120 -47.46 34.09 -90.44
CA ASP I 120 -47.80 33.34 -91.62
C ASP I 120 -48.76 34.21 -92.39
N VAL I 121 -48.58 34.33 -93.70
CA VAL I 121 -49.55 34.98 -94.54
C VAL I 121 -50.27 33.91 -95.34
N GLY I 122 -51.58 34.07 -95.49
CA GLY I 122 -52.37 33.09 -96.18
C GLY I 122 -53.75 33.59 -96.57
N TYR I 123 -54.51 32.67 -97.18
CA TYR I 123 -55.87 32.90 -97.59
C TYR I 123 -56.87 32.24 -96.63
N TYR I 124 -56.50 31.10 -96.06
CA TYR I 124 -57.25 30.54 -94.93
C TYR I 124 -56.31 30.06 -93.87
N LEU I 125 -56.69 30.31 -92.62
CA LEU I 125 -55.86 30.06 -91.46
C LEU I 125 -56.72 29.58 -90.30
N SER I 126 -56.18 28.72 -89.45
CA SER I 126 -56.88 28.37 -88.21
C SER I 126 -55.87 28.14 -87.09
N LEU I 127 -56.24 28.50 -85.88
CA LEU I 127 -55.38 28.30 -84.70
C LEU I 127 -56.17 27.78 -83.52
N GLY I 128 -55.48 27.19 -82.54
CA GLY I 128 -56.14 26.75 -81.31
C GLY I 128 -56.49 25.28 -81.25
N SER I 129 -57.16 24.87 -80.18
CA SER I 129 -57.43 23.47 -79.94
C SER I 129 -58.35 22.79 -80.97
N GLY I 130 -59.14 23.58 -81.69
CA GLY I 130 -59.99 23.02 -82.70
C GLY I 130 -59.40 23.32 -84.05
N SER I 131 -58.14 23.71 -84.04
CA SER I 131 -57.46 24.14 -85.25
C SER I 131 -57.63 23.09 -86.31
N LEU I 132 -57.53 21.83 -85.93
CA LEU I 132 -57.52 20.77 -86.91
C LEU I 132 -58.91 20.40 -87.44
N ALA I 133 -59.93 20.55 -86.61
CA ALA I 133 -61.28 20.32 -87.09
C ALA I 133 -61.64 21.35 -88.11
N ALA I 134 -61.37 22.62 -87.78
CA ALA I 134 -61.71 23.71 -88.66
C ALA I 134 -60.93 23.63 -89.96
N MET I 135 -59.62 23.36 -89.87
CA MET I 135 -58.77 23.33 -91.07
C MET I 135 -59.19 22.23 -92.02
N ALA I 136 -59.88 21.23 -91.50
CA ALA I 136 -60.35 20.14 -92.33
C ALA I 136 -61.55 20.57 -93.15
N VAL I 137 -62.41 21.38 -92.53
CA VAL I 137 -63.49 21.96 -93.28
C VAL I 137 -62.92 22.90 -94.33
N LEU I 138 -62.09 23.85 -93.90
CA LEU I 138 -61.52 24.85 -94.80
C LEU I 138 -60.83 24.21 -95.99
N GLU I 139 -60.11 23.12 -95.79
CA GLU I 139 -59.35 22.52 -96.88
C GLU I 139 -60.23 21.83 -97.92
N SER I 140 -61.48 21.59 -97.55
CA SER I 140 -62.44 20.90 -98.41
C SER I 140 -63.39 21.81 -99.17
N HIS I 141 -63.59 23.02 -98.68
CA HIS I 141 -64.60 23.88 -99.24
C HIS I 141 -64.09 25.24 -99.75
N TRP I 142 -62.79 25.48 -99.70
CA TRP I 142 -62.27 26.79 -100.11
C TRP I 142 -61.79 26.79 -101.53
N LYS I 143 -62.38 27.68 -102.34
CA LYS I 143 -61.94 27.94 -103.70
C LYS I 143 -61.43 29.37 -103.77
N GLN I 144 -60.66 29.71 -104.79
CA GLN I 144 -60.16 31.07 -104.91
C GLN I 144 -61.33 32.02 -105.26
N ASP I 145 -61.32 33.20 -104.65
CA ASP I 145 -62.30 34.23 -104.96
C ASP I 145 -63.69 33.95 -104.44
N LEU I 146 -63.85 33.81 -103.13
CA LEU I 146 -65.16 33.64 -102.53
C LEU I 146 -65.97 34.91 -102.64
N THR I 147 -67.16 34.89 -102.07
CA THR I 147 -68.03 36.05 -101.97
C THR I 147 -68.25 36.35 -100.50
N LYS I 148 -68.78 37.53 -100.19
CA LYS I 148 -69.01 37.88 -98.79
C LYS I 148 -69.80 36.74 -98.12
N GLU I 149 -70.95 36.38 -98.67
CA GLU I 149 -71.79 35.39 -97.99
C GLU I 149 -71.24 33.97 -98.01
N GLU I 150 -70.50 33.62 -99.06
CA GLU I 150 -69.85 32.30 -99.11
C GLU I 150 -68.79 32.23 -98.02
N ALA I 151 -67.93 33.24 -97.95
CA ALA I 151 -66.81 33.29 -96.99
C ALA I 151 -67.26 33.34 -95.54
N ILE I 152 -68.47 33.82 -95.31
CA ILE I 152 -69.02 33.80 -93.96
C ILE I 152 -69.53 32.42 -93.62
N LYS I 153 -70.36 31.84 -94.49
CA LYS I 153 -70.80 30.46 -94.29
C LYS I 153 -69.57 29.61 -93.98
N LEU I 154 -68.53 29.74 -94.79
CA LEU I 154 -67.32 28.92 -94.62
C LEU I 154 -66.59 29.08 -93.28
N ALA I 155 -66.47 30.30 -92.77
CA ALA I 155 -65.78 30.44 -91.50
C ALA I 155 -66.65 29.96 -90.36
N SER I 156 -67.95 30.21 -90.44
CA SER I 156 -68.86 29.71 -89.42
C SER I 156 -69.02 28.19 -89.47
N ASP I 157 -69.13 27.63 -90.68
CA ASP I 157 -69.02 26.19 -90.86
C ASP I 157 -67.73 25.64 -90.18
N ALA I 158 -66.61 26.35 -90.31
CA ALA I 158 -65.33 25.84 -89.82
C ALA I 158 -65.19 25.99 -88.33
N ILE I 159 -66.00 26.87 -87.75
CA ILE I 159 -65.96 27.07 -86.32
C ILE I 159 -66.84 26.02 -85.69
N GLN I 160 -67.92 25.67 -86.38
CA GLN I 160 -68.79 24.63 -85.88
C GLN I 160 -67.99 23.34 -85.76
N ALA I 161 -67.39 22.91 -86.86
CA ALA I 161 -66.50 21.77 -86.84
C ALA I 161 -65.70 21.72 -85.55
N GLY I 162 -65.31 22.87 -85.06
CA GLY I 162 -64.46 22.93 -83.89
C GLY I 162 -65.32 22.67 -82.69
N ILE I 163 -66.40 23.42 -82.59
CA ILE I 163 -67.31 23.37 -81.45
C ILE I 163 -67.66 21.96 -81.06
N TRP I 164 -68.22 21.25 -82.03
CA TRP I 164 -68.68 19.88 -81.88
C TRP I 164 -67.55 18.87 -81.61
N ASN I 165 -66.71 18.69 -82.64
CA ASN I 165 -65.60 17.74 -82.65
C ASN I 165 -64.37 18.02 -81.73
N ASP I 166 -64.47 19.04 -80.87
CA ASP I 166 -63.40 19.46 -79.95
C ASP I 166 -63.95 19.82 -78.57
N LEU I 167 -63.30 19.31 -77.53
CA LEU I 167 -63.78 19.52 -76.18
C LEU I 167 -63.25 20.82 -75.67
N GLY I 168 -62.36 21.42 -76.46
CA GLY I 168 -61.73 22.66 -76.07
C GLY I 168 -62.52 23.87 -76.52
N SER I 169 -63.42 23.65 -77.47
CA SER I 169 -64.22 24.70 -78.07
C SER I 169 -65.69 24.39 -77.88
N GLY I 170 -66.53 25.39 -78.04
CA GLY I 170 -67.96 25.20 -77.87
C GLY I 170 -68.83 26.44 -77.83
N SER I 171 -70.09 26.25 -77.48
CA SER I 171 -71.08 27.30 -77.40
C SER I 171 -71.29 28.06 -78.72
N ASN I 172 -71.11 29.38 -78.73
CA ASN I 172 -71.51 30.22 -79.87
C ASN I 172 -70.50 30.51 -81.01
N VAL I 173 -70.91 31.26 -82.04
CA VAL I 173 -70.01 31.66 -83.13
C VAL I 173 -69.98 33.19 -83.40
N ASP I 174 -68.87 33.84 -83.02
CA ASP I 174 -68.62 35.27 -83.26
C ASP I 174 -68.06 35.43 -84.68
N VAL I 175 -68.44 36.50 -85.36
CA VAL I 175 -67.86 36.80 -86.66
C VAL I 175 -67.51 38.28 -86.75
N CYS I 176 -66.56 38.62 -87.62
CA CYS I 176 -66.32 40.00 -87.99
C CYS I 176 -65.99 40.09 -89.48
N VAL I 177 -66.75 40.89 -90.21
CA VAL I 177 -66.56 41.02 -91.65
C VAL I 177 -65.99 42.40 -92.02
N MET I 178 -64.80 42.40 -92.58
CA MET I 178 -64.09 43.60 -92.90
C MET I 178 -64.08 43.71 -94.40
N GLU I 179 -65.06 44.41 -94.97
CA GLU I 179 -65.12 44.57 -96.42
C GLU I 179 -64.23 45.77 -96.76
N ILE I 180 -63.64 45.77 -97.95
CA ILE I 180 -62.66 46.80 -98.32
C ILE I 180 -63.29 48.18 -98.42
N GLY I 181 -64.46 48.22 -99.05
CA GLY I 181 -65.19 49.45 -99.16
C GLY I 181 -65.65 49.88 -97.78
N LYS I 182 -66.50 49.05 -97.19
CA LYS I 182 -67.39 49.46 -96.11
C LYS I 182 -66.74 49.54 -94.72
N ASP I 183 -67.53 49.88 -93.72
CA ASP I 183 -67.06 49.82 -92.33
C ASP I 183 -66.90 48.33 -91.97
N ALA I 184 -66.36 48.04 -90.80
CA ALA I 184 -66.22 46.66 -90.37
C ALA I 184 -67.51 46.29 -89.71
N GLU I 185 -68.03 45.08 -89.95
CA GLU I 185 -69.17 44.59 -89.17
C GLU I 185 -68.82 43.46 -88.23
N TYR I 186 -69.18 43.64 -86.96
CA TYR I 186 -68.92 42.68 -85.91
C TYR I 186 -70.24 42.11 -85.49
N LEU I 187 -70.45 40.85 -85.85
CA LEU I 187 -71.66 40.16 -85.53
C LEU I 187 -71.38 39.25 -84.35
N ARG I 188 -71.64 39.74 -83.14
CA ARG I 188 -71.48 38.94 -81.93
C ARG I 188 -72.55 37.89 -81.89
N ASN I 189 -72.16 36.67 -81.52
CA ASN I 189 -73.07 35.53 -81.52
C ASN I 189 -73.87 35.43 -82.80
N TYR I 190 -73.16 35.45 -83.93
CA TYR I 190 -73.78 35.29 -85.24
C TYR I 190 -74.51 33.97 -85.33
N LEU I 191 -74.12 32.99 -84.51
CA LEU I 191 -74.80 31.71 -84.41
C LEU I 191 -74.95 31.23 -82.96
N THR I 192 -76.10 30.66 -82.64
CA THR I 192 -76.39 30.21 -81.29
C THR I 192 -76.93 28.78 -81.28
N PRO I 193 -76.09 27.81 -81.67
CA PRO I 193 -76.55 26.45 -81.85
C PRO I 193 -76.73 25.76 -80.51
N ASN I 194 -76.05 26.25 -79.48
CA ASN I 194 -76.02 25.59 -78.16
C ASN I 194 -76.90 26.25 -77.08
N VAL I 195 -78.20 26.22 -77.27
CA VAL I 195 -79.16 26.76 -76.31
C VAL I 195 -79.65 25.69 -75.34
N ARG I 196 -79.56 25.96 -74.05
CA ARG I 196 -79.90 24.94 -73.05
C ARG I 196 -81.39 24.68 -72.98
N GLU I 197 -81.81 23.48 -73.38
CA GLU I 197 -83.22 23.09 -73.28
C GLU I 197 -83.78 23.42 -71.90
N GLU I 198 -85.07 23.71 -71.84
CA GLU I 198 -85.67 24.20 -70.60
C GLU I 198 -85.52 23.09 -69.56
N LYS I 199 -85.08 23.44 -68.36
CA LYS I 199 -84.86 22.44 -67.30
C LYS I 199 -86.13 21.61 -67.08
N GLN I 200 -86.04 20.57 -66.26
CA GLN I 200 -87.21 19.74 -66.01
C GLN I 200 -88.02 20.31 -64.84
N LYS I 201 -87.42 21.21 -64.09
CA LYS I 201 -88.03 21.75 -62.89
C LYS I 201 -87.69 23.25 -62.79
N SER I 202 -88.09 23.89 -61.71
CA SER I 202 -87.58 25.23 -61.39
C SER I 202 -87.25 25.25 -59.91
N TYR I 203 -86.05 25.72 -59.58
CA TYR I 203 -85.53 25.53 -58.23
C TYR I 203 -85.52 26.82 -57.45
N LYS I 204 -86.54 27.63 -57.71
CA LYS I 204 -86.75 28.87 -56.98
C LYS I 204 -87.19 28.47 -55.59
N PHE I 205 -86.47 28.90 -54.56
CA PHE I 205 -86.81 28.47 -53.21
C PHE I 205 -87.89 29.30 -52.55
N PRO I 206 -88.83 28.64 -51.85
CA PRO I 206 -89.85 29.31 -51.06
C PRO I 206 -89.19 30.25 -50.08
N ARG I 207 -89.60 31.50 -50.05
CA ARG I 207 -88.91 32.47 -49.21
C ARG I 207 -88.87 31.97 -47.77
N GLY I 208 -87.70 32.05 -47.16
CA GLY I 208 -87.55 31.73 -45.76
C GLY I 208 -86.86 30.41 -45.56
N THR I 209 -86.42 29.80 -46.65
CA THR I 209 -85.79 28.49 -46.60
C THR I 209 -84.46 28.53 -45.85
N THR I 210 -83.75 29.64 -45.95
CA THR I 210 -82.39 29.73 -45.45
C THR I 210 -82.30 30.28 -44.04
N ALA I 211 -81.55 29.58 -43.19
CA ALA I 211 -81.43 29.97 -41.79
C ALA I 211 -80.50 31.15 -41.61
N VAL I 212 -81.00 32.24 -41.03
CA VAL I 212 -80.18 33.43 -40.81
C VAL I 212 -79.81 33.60 -39.34
N LEU I 213 -78.55 33.96 -39.07
CA LEU I 213 -78.07 34.21 -37.71
C LEU I 213 -78.24 35.67 -37.31
N LYS I 214 -77.55 36.55 -38.04
CA LYS I 214 -77.51 37.99 -37.77
C LYS I 214 -77.84 38.72 -39.07
N GLU I 215 -78.48 39.87 -38.97
CA GLU I 215 -78.80 40.66 -40.15
C GLU I 215 -78.49 42.10 -39.83
N SER I 216 -78.07 42.86 -40.83
CA SER I 216 -77.72 44.26 -40.63
C SER I 216 -77.60 45.02 -41.93
N ILE I 217 -77.54 46.33 -41.85
CA ILE I 217 -77.47 47.17 -43.03
C ILE I 217 -76.14 47.87 -43.05
N VAL I 218 -75.38 47.72 -44.12
CA VAL I 218 -74.12 48.47 -44.27
C VAL I 218 -74.40 49.79 -44.96
N ASN I 219 -73.53 50.78 -44.73
CA ASN I 219 -73.68 52.09 -45.34
C ASN I 219 -72.76 52.33 -46.53
N ILE I 220 -73.33 52.85 -47.60
CA ILE I 220 -72.68 52.86 -48.89
C ILE I 220 -71.84 54.11 -49.16
N CYS I 221 -72.46 55.29 -49.05
CA CYS I 221 -71.75 56.56 -49.22
C CYS I 221 -71.54 57.22 -47.85
N ASP I 222 -70.49 58.03 -47.73
CA ASP I 222 -70.23 58.72 -46.47
C ASP I 222 -71.26 59.82 -46.18
N SER J 1 -49.26 22.80 -50.48
CA SER J 1 -48.53 22.92 -51.75
C SER J 1 -49.07 24.07 -52.62
N ASP J 2 -50.09 23.80 -53.45
CA ASP J 2 -50.61 24.86 -54.31
C ASP J 2 -51.02 26.02 -53.45
N PRO J 3 -50.51 27.21 -53.78
CA PRO J 3 -50.87 28.52 -53.25
C PRO J 3 -52.36 28.83 -53.34
N SER J 4 -52.95 28.58 -54.52
CA SER J 4 -54.36 28.93 -54.75
C SER J 4 -55.36 28.18 -53.84
N SER J 5 -54.86 27.52 -52.78
CA SER J 5 -55.67 26.59 -52.00
C SER J 5 -54.99 26.09 -50.73
N ILE J 6 -54.23 26.95 -50.08
CA ILE J 6 -53.71 26.56 -48.79
C ILE J 6 -54.79 26.98 -47.85
N ASN J 7 -55.23 28.22 -48.06
CA ASN J 7 -56.11 28.84 -47.11
C ASN J 7 -57.57 28.48 -47.28
N GLY J 8 -58.06 28.56 -48.50
CA GLY J 8 -59.40 28.11 -48.71
C GLY J 8 -60.36 29.24 -48.86
N GLY J 9 -61.53 28.86 -49.31
CA GLY J 9 -62.67 29.73 -49.30
C GLY J 9 -63.25 29.84 -50.68
N ILE J 10 -64.50 30.26 -50.73
CA ILE J 10 -65.21 30.44 -51.98
C ILE J 10 -65.97 31.76 -51.97
N VAL J 11 -66.27 32.29 -53.15
CA VAL J 11 -67.05 33.50 -53.32
C VAL J 11 -67.93 33.34 -54.55
N VAL J 12 -69.16 33.84 -54.50
CA VAL J 12 -70.13 33.64 -55.59
C VAL J 12 -70.97 34.88 -55.77
N ALA J 13 -71.33 35.20 -57.02
CA ALA J 13 -72.09 36.41 -57.31
C ALA J 13 -73.10 36.21 -58.43
N MET J 14 -74.27 36.82 -58.28
CA MET J 14 -75.38 36.65 -59.24
C MET J 14 -76.09 37.96 -59.51
N THR J 15 -76.87 37.97 -60.59
CA THR J 15 -77.76 39.08 -60.90
C THR J 15 -79.24 38.71 -60.76
N GLY J 16 -80.05 39.72 -60.52
CA GLY J 16 -81.48 39.56 -60.49
C GLY J 16 -82.15 40.72 -61.20
N LYS J 17 -83.41 40.95 -60.85
CA LYS J 17 -84.16 42.10 -61.36
C LYS J 17 -83.60 43.32 -60.65
N ASP J 18 -82.93 44.18 -61.41
CA ASP J 18 -82.36 45.41 -60.87
C ASP J 18 -81.68 45.24 -59.50
N CYS J 19 -80.88 44.19 -59.35
CA CYS J 19 -80.15 43.94 -58.10
C CYS J 19 -78.99 42.96 -58.32
N VAL J 20 -78.10 42.84 -57.34
CA VAL J 20 -77.02 41.87 -57.39
C VAL J 20 -76.70 41.34 -56.00
N ALA J 21 -76.14 40.13 -55.95
CA ALA J 21 -75.76 39.51 -54.69
C ALA J 21 -74.35 38.93 -54.80
N ILE J 22 -73.61 39.02 -53.71
CA ILE J 22 -72.26 38.46 -53.63
C ILE J 22 -72.13 37.86 -52.23
N ALA J 23 -71.48 36.71 -52.11
CA ALA J 23 -71.45 35.97 -50.85
C ALA J 23 -70.19 35.14 -50.72
N CYS J 24 -69.84 34.81 -49.47
CA CYS J 24 -68.63 34.03 -49.24
C CYS J 24 -68.69 33.24 -47.95
N ASP J 25 -67.69 32.40 -47.74
CA ASP J 25 -67.54 31.73 -46.46
C ASP J 25 -66.51 32.47 -45.60
N LEU J 26 -66.57 32.27 -44.29
CA LEU J 26 -65.67 32.95 -43.35
C LEU J 26 -64.51 32.07 -42.89
N ARG J 27 -64.01 31.22 -43.78
CA ARG J 27 -63.00 30.27 -43.37
C ARG J 27 -61.59 30.67 -43.79
N LEU J 28 -60.65 30.47 -42.88
CA LEU J 28 -59.26 30.72 -43.17
C LEU J 28 -58.55 29.64 -42.44
N GLY J 29 -57.82 28.81 -43.18
CA GLY J 29 -57.07 27.75 -42.57
C GLY J 29 -55.79 27.43 -43.29
N SER J 30 -54.77 27.10 -42.51
CA SER J 30 -53.56 26.50 -43.06
C SER J 30 -53.81 25.03 -43.31
N GLN J 31 -53.86 24.62 -44.58
CA GLN J 31 -54.13 23.23 -44.98
C GLN J 31 -55.34 22.72 -44.24
N SER J 32 -55.16 21.60 -43.52
CA SER J 32 -56.24 20.93 -42.76
C SER J 32 -56.78 21.69 -41.53
N LEU J 33 -55.90 22.42 -40.87
CA LEU J 33 -56.23 23.18 -39.66
C LEU J 33 -57.02 24.45 -39.94
N GLY J 34 -58.27 24.51 -39.46
CA GLY J 34 -59.01 25.75 -39.48
C GLY J 34 -58.47 26.70 -38.43
N VAL J 35 -58.20 27.97 -38.78
CA VAL J 35 -57.67 28.95 -37.80
C VAL J 35 -58.64 30.04 -37.36
N SER J 36 -59.35 30.62 -38.34
CA SER J 36 -60.36 31.65 -38.05
C SER J 36 -61.69 31.40 -38.74
N ASN J 37 -62.77 31.71 -38.04
CA ASN J 37 -64.12 31.59 -38.58
C ASN J 37 -64.82 32.94 -38.72
N LYS J 38 -64.03 33.99 -38.91
CA LYS J 38 -64.52 35.36 -38.91
C LYS J 38 -63.71 36.18 -39.91
N PHE J 39 -63.16 35.47 -40.87
CA PHE J 39 -62.34 36.04 -41.92
C PHE J 39 -63.14 36.24 -43.19
N GLU J 40 -63.70 37.43 -43.37
CA GLU J 40 -64.54 37.69 -44.54
C GLU J 40 -63.73 37.94 -45.79
N LYS J 41 -64.26 37.47 -46.92
CA LYS J 41 -63.56 37.56 -48.20
C LYS J 41 -64.16 38.63 -49.10
N ILE J 42 -65.12 39.39 -48.58
CA ILE J 42 -65.77 40.42 -49.39
C ILE J 42 -65.59 41.81 -48.81
N PHE J 43 -65.04 42.71 -49.63
CA PHE J 43 -64.70 44.07 -49.23
C PHE J 43 -65.48 45.06 -50.10
N HIS J 44 -65.75 46.27 -49.63
CA HIS J 44 -66.39 47.28 -50.50
C HIS J 44 -65.64 48.61 -50.61
N TYR J 45 -65.77 49.21 -51.78
CA TYR J 45 -65.13 50.48 -52.10
C TYR J 45 -66.18 51.42 -52.71
N GLY J 46 -66.82 52.23 -51.88
CA GLY J 46 -67.95 52.98 -52.36
C GLY J 46 -69.13 52.06 -52.54
N HIS J 47 -69.69 52.02 -53.74
CA HIS J 47 -70.84 51.17 -53.97
C HIS J 47 -70.43 49.96 -54.80
N VAL J 48 -69.13 49.79 -54.98
CA VAL J 48 -68.62 48.65 -55.73
C VAL J 48 -68.00 47.64 -54.79
N PHE J 49 -68.45 46.39 -54.91
CA PHE J 49 -68.03 45.31 -54.02
C PHE J 49 -67.04 44.39 -54.72
N LEU J 50 -66.11 43.85 -53.95
CA LEU J 50 -65.08 42.95 -54.44
C LEU J 50 -64.84 41.79 -53.49
N GLY J 51 -65.07 40.59 -53.98
CA GLY J 51 -64.81 39.38 -53.22
C GLY J 51 -63.55 38.81 -53.82
N ILE J 52 -62.69 38.23 -52.99
CA ILE J 52 -61.42 37.72 -53.45
C ILE J 52 -61.13 36.42 -52.72
N THR J 53 -60.85 35.36 -53.46
CA THR J 53 -60.55 34.08 -52.83
C THR J 53 -59.13 33.66 -53.11
N GLY J 54 -58.63 32.74 -52.32
CA GLY J 54 -57.31 32.24 -52.63
C GLY J 54 -56.37 32.36 -51.48
N LEU J 55 -55.27 33.05 -51.71
CA LEU J 55 -54.22 33.09 -50.72
C LEU J 55 -54.46 34.29 -49.81
N ALA J 56 -54.43 34.07 -48.49
CA ALA J 56 -54.87 35.09 -47.55
C ALA J 56 -54.05 36.36 -47.62
N THR J 57 -52.75 36.20 -47.61
CA THR J 57 -51.87 37.35 -47.56
C THR J 57 -51.92 38.15 -48.85
N ASP J 58 -52.57 37.59 -49.87
CA ASP J 58 -52.76 38.30 -51.12
C ASP J 58 -54.19 38.83 -51.23
N VAL J 59 -55.14 38.12 -50.65
CA VAL J 59 -56.49 38.62 -50.60
C VAL J 59 -56.44 39.88 -49.78
N THR J 60 -55.68 39.84 -48.71
CA THR J 60 -55.61 40.96 -47.79
C THR J 60 -54.87 42.11 -48.45
N THR J 61 -53.73 41.80 -49.05
CA THR J 61 -52.94 42.80 -49.75
C THR J 61 -53.69 43.54 -50.85
N LEU J 62 -54.49 42.83 -51.62
CA LEU J 62 -55.28 43.46 -52.68
C LEU J 62 -56.41 44.34 -52.16
N ASN J 63 -57.00 43.99 -51.03
CA ASN J 63 -57.98 44.87 -50.41
C ASN J 63 -57.25 46.15 -50.03
N GLU J 64 -56.22 46.00 -49.23
CA GLU J 64 -55.42 47.12 -48.76
C GLU J 64 -55.01 48.01 -49.96
N MET J 65 -54.81 47.36 -51.11
CA MET J 65 -54.38 48.08 -52.31
C MET J 65 -55.49 48.76 -53.09
N PHE J 66 -56.62 48.08 -53.27
CA PHE J 66 -57.71 48.73 -54.00
C PHE J 66 -58.38 49.83 -53.19
N ARG J 67 -58.32 49.75 -51.86
CA ARG J 67 -58.79 50.86 -51.02
C ARG J 67 -58.00 52.07 -51.44
N TYR J 68 -56.69 51.95 -51.28
CA TYR J 68 -55.74 52.98 -51.71
C TYR J 68 -56.06 53.51 -53.11
N LYS J 69 -55.90 52.71 -54.15
CA LYS J 69 -56.23 53.14 -55.53
C LYS J 69 -57.61 53.81 -55.70
N THR J 70 -58.68 53.24 -55.14
CA THR J 70 -60.01 53.85 -55.33
C THR J 70 -60.25 55.09 -54.49
N ASN J 71 -59.58 55.18 -53.35
CA ASN J 71 -59.68 56.37 -52.53
C ASN J 71 -59.15 57.59 -53.29
N LEU J 72 -58.06 57.41 -54.02
CA LEU J 72 -57.49 58.48 -54.82
C LEU J 72 -58.30 58.79 -56.08
N TYR J 73 -58.94 57.78 -56.66
CA TYR J 73 -59.84 58.02 -57.77
C TYR J 73 -60.96 58.94 -57.29
N LYS J 74 -61.46 58.73 -56.08
CA LYS J 74 -62.56 59.56 -55.58
C LYS J 74 -62.10 61.02 -55.46
N LEU J 75 -60.95 61.25 -54.86
CA LEU J 75 -60.44 62.59 -54.68
C LEU J 75 -60.06 63.28 -56.00
N LYS J 76 -59.39 62.53 -56.88
CA LYS J 76 -58.92 63.12 -58.13
C LYS J 76 -60.05 63.27 -59.14
N GLU J 77 -61.01 62.34 -59.12
CA GLU J 77 -62.05 62.31 -60.16
C GLU J 77 -63.35 62.96 -59.74
N GLU J 78 -63.41 63.38 -58.48
CA GLU J 78 -64.55 64.11 -57.95
C GLU J 78 -65.80 63.24 -57.78
N ARG J 79 -65.68 61.94 -58.04
CA ARG J 79 -66.81 61.01 -57.90
C ARG J 79 -66.41 59.64 -57.35
N ALA J 80 -67.39 58.82 -57.00
CA ALA J 80 -67.10 57.46 -56.55
C ALA J 80 -66.93 56.57 -57.79
N ILE J 81 -66.01 55.63 -57.73
CA ILE J 81 -65.68 54.81 -58.91
C ILE J 81 -66.74 53.79 -59.28
N GLU J 82 -66.96 53.61 -60.58
CA GLU J 82 -68.04 52.75 -61.10
C GLU J 82 -67.58 51.30 -61.19
N PRO J 83 -68.53 50.36 -61.24
CA PRO J 83 -68.21 48.92 -61.28
C PRO J 83 -67.55 48.55 -62.60
N GLU J 84 -68.12 49.00 -63.70
CA GLU J 84 -67.52 48.71 -65.00
C GLU J 84 -66.05 49.13 -65.03
N THR J 85 -65.76 50.33 -64.50
CA THR J 85 -64.41 50.90 -64.45
C THR J 85 -63.49 50.10 -63.52
N PHE J 86 -63.93 49.92 -62.29
CA PHE J 86 -63.14 49.23 -61.28
C PHE J 86 -62.73 47.88 -61.80
N THR J 87 -63.64 47.23 -62.53
CA THR J 87 -63.33 45.96 -63.14
C THR J 87 -62.04 46.13 -63.97
N GLN J 88 -62.07 47.05 -64.91
CA GLN J 88 -60.91 47.24 -65.77
C GLN J 88 -59.65 47.63 -64.99
N LEU J 89 -59.81 48.09 -63.76
CA LEU J 89 -58.66 48.47 -62.92
C LEU J 89 -58.10 47.28 -62.20
N VAL J 90 -58.96 46.32 -61.93
CA VAL J 90 -58.52 45.07 -61.34
C VAL J 90 -57.76 44.29 -62.40
N SER J 91 -58.29 44.26 -63.63
CA SER J 91 -57.57 43.55 -64.70
C SER J 91 -56.14 44.06 -64.84
N SER J 92 -56.02 45.31 -65.28
CA SER J 92 -54.72 45.90 -65.54
C SER J 92 -53.84 45.79 -64.30
N SER J 93 -54.46 45.98 -63.15
CA SER J 93 -53.76 45.95 -61.88
C SER J 93 -53.20 44.56 -61.54
N LEU J 94 -53.92 43.51 -61.90
CA LEU J 94 -53.47 42.13 -61.64
C LEU J 94 -52.40 41.74 -62.63
N TYR J 95 -52.58 42.18 -63.86
CA TYR J 95 -51.71 41.79 -64.96
C TYR J 95 -50.40 42.56 -64.86
N GLU J 96 -50.37 43.55 -63.97
CA GLU J 96 -49.12 44.24 -63.69
C GLU J 96 -48.06 43.22 -63.27
N ARG J 97 -48.44 42.28 -62.39
CA ARG J 97 -47.55 41.25 -61.87
C ARG J 97 -47.78 39.91 -62.62
N ARG J 98 -47.79 39.95 -63.93
CA ARG J 98 -48.06 38.78 -64.75
C ARG J 98 -47.14 37.60 -64.48
N PHE J 99 -45.87 37.86 -64.24
CA PHE J 99 -44.94 36.77 -64.03
C PHE J 99 -44.53 36.62 -62.57
N GLY J 100 -45.50 36.79 -61.67
CA GLY J 100 -45.31 36.69 -60.23
C GLY J 100 -46.60 37.13 -59.58
N PRO J 101 -47.69 36.42 -59.88
CA PRO J 101 -49.08 36.86 -59.72
C PRO J 101 -49.53 36.81 -58.30
N TYR J 102 -50.61 37.52 -58.05
CA TYR J 102 -51.29 37.43 -56.78
C TYR J 102 -52.17 36.21 -56.96
N PHE J 103 -52.06 35.24 -56.06
CA PHE J 103 -52.80 34.00 -56.24
C PHE J 103 -54.22 34.15 -55.74
N VAL J 104 -55.03 34.85 -56.53
CA VAL J 104 -56.38 35.23 -56.11
C VAL J 104 -57.43 34.97 -57.21
N GLY J 105 -58.71 35.04 -56.86
CA GLY J 105 -59.76 34.76 -57.80
C GLY J 105 -60.91 35.70 -57.60
N PRO J 106 -60.69 36.97 -57.89
CA PRO J 106 -61.57 38.11 -57.61
C PRO J 106 -62.92 38.05 -58.33
N VAL J 107 -63.95 38.55 -57.67
CA VAL J 107 -65.28 38.68 -58.24
C VAL J 107 -65.75 40.10 -57.93
N VAL J 108 -66.08 40.87 -58.97
CA VAL J 108 -66.58 42.23 -58.79
C VAL J 108 -68.08 42.22 -58.97
N ALA J 109 -68.80 42.91 -58.08
CA ALA J 109 -70.26 42.96 -58.14
C ALA J 109 -70.77 44.27 -57.56
N GLY J 110 -71.77 44.88 -58.21
CA GLY J 110 -72.31 46.17 -57.80
C GLY J 110 -73.21 46.78 -58.86
N ILE J 111 -73.75 47.98 -58.60
CA ILE J 111 -74.70 48.60 -59.53
C ILE J 111 -74.30 49.98 -60.05
N ASN J 112 -74.11 50.08 -61.37
CA ASN J 112 -73.76 51.32 -62.04
C ASN J 112 -74.74 52.43 -61.74
N SER J 113 -74.29 53.43 -60.99
CA SER J 113 -75.20 54.44 -60.40
C SER J 113 -75.87 55.41 -61.37
N LYS J 114 -75.28 55.56 -62.56
CA LYS J 114 -75.87 56.39 -63.62
C LYS J 114 -76.93 55.62 -64.43
N SER J 115 -76.62 54.37 -64.78
CA SER J 115 -77.49 53.58 -65.64
C SER J 115 -78.34 52.58 -64.87
N GLY J 116 -78.07 52.47 -63.57
CA GLY J 116 -78.83 51.60 -62.70
C GLY J 116 -78.73 50.13 -63.07
N LYS J 117 -77.84 49.81 -64.01
CA LYS J 117 -77.65 48.45 -64.50
C LYS J 117 -76.84 47.59 -63.53
N PRO J 118 -77.31 46.37 -63.26
CA PRO J 118 -76.57 45.42 -62.43
C PRO J 118 -75.32 44.93 -63.15
N PHE J 119 -74.24 44.68 -62.39
CA PHE J 119 -72.97 44.28 -63.00
C PHE J 119 -72.16 43.31 -62.16
N ILE J 120 -71.79 42.16 -62.75
CA ILE J 120 -70.86 41.22 -62.12
C ILE J 120 -69.81 40.76 -63.12
N ALA J 121 -68.62 40.46 -62.61
CA ALA J 121 -67.52 39.95 -63.41
C ALA J 121 -66.51 39.26 -62.52
N GLY J 122 -65.75 38.35 -63.11
CA GLY J 122 -64.69 37.70 -62.37
C GLY J 122 -63.37 37.64 -63.12
N PHE J 123 -62.29 37.35 -62.42
CA PHE J 123 -60.97 37.29 -63.03
C PHE J 123 -60.17 36.03 -62.66
N ASP J 124 -59.18 35.71 -63.50
CA ASP J 124 -58.12 34.78 -63.13
C ASP J 124 -56.93 35.59 -62.64
N LEU J 125 -55.96 34.94 -62.04
CA LEU J 125 -54.94 35.65 -61.29
C LEU J 125 -54.12 36.65 -62.11
N ILE J 126 -54.32 36.65 -63.42
CA ILE J 126 -53.60 37.62 -64.21
C ILE J 126 -54.51 38.54 -65.00
N GLY J 127 -55.79 38.53 -64.68
CA GLY J 127 -56.66 39.61 -65.09
C GLY J 127 -57.65 39.43 -66.23
N CYS J 128 -57.88 38.20 -66.68
CA CYS J 128 -58.83 37.99 -67.76
C CYS J 128 -60.20 38.31 -67.21
N ILE J 129 -60.91 39.18 -67.91
CA ILE J 129 -62.21 39.61 -67.42
C ILE J 129 -63.31 38.71 -67.99
N ASP J 130 -63.85 37.86 -67.14
CA ASP J 130 -65.02 37.09 -67.49
C ASP J 130 -66.20 37.92 -67.05
N GLU J 131 -66.83 38.64 -67.98
CA GLU J 131 -68.10 39.32 -67.68
C GLU J 131 -69.22 38.41 -68.07
N ALA J 132 -70.24 38.39 -67.22
CA ALA J 132 -71.31 37.41 -67.35
C ALA J 132 -72.61 37.93 -66.80
N LYS J 133 -73.69 37.64 -67.52
CA LYS J 133 -75.02 38.11 -67.17
C LYS J 133 -75.55 37.33 -66.01
N ASP J 134 -75.25 36.03 -66.02
CA ASP J 134 -75.80 35.10 -65.04
C ASP J 134 -75.08 35.08 -63.69
N PHE J 135 -73.93 34.41 -63.62
CA PHE J 135 -73.25 34.28 -62.33
C PHE J 135 -71.73 34.07 -62.46
N ILE J 136 -71.03 34.37 -61.38
CA ILE J 136 -69.58 34.24 -61.32
C ILE J 136 -69.22 33.47 -60.06
N VAL J 137 -68.30 32.52 -60.18
CA VAL J 137 -67.90 31.73 -59.01
C VAL J 137 -66.40 31.64 -58.93
N SER J 138 -65.90 31.30 -57.74
CA SER J 138 -64.49 31.38 -57.48
C SER J 138 -64.11 30.73 -56.17
N GLY J 139 -63.01 30.01 -56.17
CA GLY J 139 -62.51 29.43 -54.95
C GLY J 139 -62.05 27.99 -55.08
N THR J 140 -62.07 27.31 -53.94
CA THR J 140 -61.70 25.92 -53.80
C THR J 140 -62.86 25.02 -54.20
N ALA J 141 -64.06 25.61 -54.20
CA ALA J 141 -65.24 24.97 -54.74
C ALA J 141 -65.64 25.65 -56.04
N SER J 142 -64.67 26.01 -56.86
CA SER J 142 -64.95 26.49 -58.21
C SER J 142 -66.02 25.54 -58.78
N ASP J 143 -65.72 24.24 -58.84
CA ASP J 143 -66.63 23.23 -59.41
C ASP J 143 -68.02 23.11 -58.77
N GLN J 144 -68.07 22.93 -57.45
CA GLN J 144 -69.34 22.72 -56.76
C GLN J 144 -70.30 23.88 -56.98
N LEU J 145 -69.80 25.10 -56.85
CA LEU J 145 -70.60 26.29 -57.08
C LEU J 145 -71.15 26.38 -58.51
N PHE J 146 -70.33 26.03 -59.50
CA PHE J 146 -70.81 25.98 -60.88
C PHE J 146 -71.96 25.00 -61.02
N GLY J 147 -71.91 23.93 -60.23
CA GLY J 147 -72.92 22.90 -60.31
C GLY J 147 -74.23 23.40 -59.76
N MET J 148 -74.16 24.02 -58.60
CA MET J 148 -75.36 24.56 -57.96
C MET J 148 -75.98 25.67 -58.80
N CYS J 149 -75.17 26.65 -59.19
CA CYS J 149 -75.67 27.79 -59.94
C CYS J 149 -76.34 27.39 -61.25
N GLU J 150 -75.73 26.46 -61.97
CA GLU J 150 -76.25 26.09 -63.27
C GLU J 150 -77.68 25.52 -63.16
N SER J 151 -78.02 25.01 -61.98
CA SER J 151 -79.32 24.40 -61.73
C SER J 151 -80.28 25.41 -61.07
N LEU J 152 -79.88 25.92 -59.90
CA LEU J 152 -80.68 26.86 -59.08
C LEU J 152 -80.97 28.26 -59.63
N TYR J 153 -80.27 28.68 -60.68
CA TYR J 153 -80.38 30.04 -61.21
C TYR J 153 -81.45 30.23 -62.26
N GLU J 154 -82.20 31.32 -62.11
CA GLU J 154 -83.04 31.91 -63.16
C GLU J 154 -82.83 33.43 -63.16
N PRO J 155 -82.92 34.05 -64.34
CA PRO J 155 -82.52 35.45 -64.39
C PRO J 155 -83.68 36.29 -63.93
N ASN J 156 -83.40 37.46 -63.37
CA ASN J 156 -84.45 38.40 -63.00
C ASN J 156 -85.16 38.03 -61.72
N LEU J 157 -84.48 37.28 -60.86
CA LEU J 157 -84.98 36.99 -59.54
C LEU J 157 -85.25 38.27 -58.74
N GLU J 158 -86.38 38.36 -58.04
CA GLU J 158 -86.59 39.47 -57.14
C GLU J 158 -85.58 39.30 -55.99
N PRO J 159 -85.16 40.40 -55.35
CA PRO J 159 -84.09 40.33 -54.36
C PRO J 159 -84.34 39.37 -53.20
N GLU J 160 -85.47 39.49 -52.52
CA GLU J 160 -85.78 38.62 -51.39
C GLU J 160 -85.76 37.12 -51.80
N ASP J 161 -85.86 36.87 -53.11
CA ASP J 161 -85.84 35.51 -53.69
C ASP J 161 -84.40 35.12 -53.99
N LEU J 162 -83.66 36.05 -54.56
CA LEU J 162 -82.30 35.78 -54.99
C LEU J 162 -81.38 35.60 -53.79
N PHE J 163 -81.85 35.98 -52.62
CA PHE J 163 -81.07 35.72 -51.43
C PHE J 163 -81.17 34.25 -51.11
N GLU J 164 -82.38 33.69 -51.26
CA GLU J 164 -82.59 32.27 -50.96
C GLU J 164 -81.78 31.48 -51.96
N THR J 165 -81.86 31.86 -53.23
CA THR J 165 -81.13 31.15 -54.25
C THR J 165 -79.61 31.16 -54.08
N ILE J 166 -79.00 32.34 -53.90
CA ILE J 166 -77.55 32.43 -53.75
C ILE J 166 -77.05 31.78 -52.47
N SER J 167 -77.83 31.88 -51.41
CA SER J 167 -77.47 31.28 -50.13
C SER J 167 -77.40 29.76 -50.26
N GLN J 168 -78.36 29.19 -50.97
CA GLN J 168 -78.42 27.74 -51.11
C GLN J 168 -77.31 27.21 -52.02
N ALA J 169 -76.91 28.00 -53.01
CA ALA J 169 -75.80 27.61 -53.88
C ALA J 169 -74.50 27.61 -53.08
N LEU J 170 -74.31 28.63 -52.25
CA LEU J 170 -73.07 28.74 -51.50
C LEU J 170 -72.99 27.68 -50.44
N LEU J 171 -74.00 27.67 -49.58
CA LEU J 171 -74.09 26.69 -48.50
C LEU J 171 -73.80 25.26 -48.96
N ASN J 172 -74.49 24.82 -50.00
CA ASN J 172 -74.41 23.43 -50.39
C ASN J 172 -73.16 23.03 -51.14
N ALA J 173 -72.38 24.01 -51.56
CA ALA J 173 -71.11 23.71 -52.18
C ALA J 173 -70.08 23.56 -51.08
N ALA J 174 -70.06 24.51 -50.16
CA ALA J 174 -69.11 24.50 -49.06
C ALA J 174 -69.25 23.30 -48.11
N ASP J 175 -70.41 22.65 -48.15
CA ASP J 175 -70.63 21.48 -47.32
C ASP J 175 -70.02 20.27 -47.99
N ARG J 176 -69.96 20.29 -49.31
CA ARG J 176 -69.20 19.32 -50.09
C ARG J 176 -67.79 19.79 -50.32
N ASP J 177 -67.31 20.74 -49.52
CA ASP J 177 -65.94 21.20 -49.62
C ASP J 177 -65.25 21.28 -48.26
N ALA J 178 -64.05 20.75 -48.26
CA ALA J 178 -63.30 20.48 -47.05
C ALA J 178 -62.67 21.75 -46.53
N LEU J 179 -62.24 22.56 -47.47
CA LEU J 179 -61.52 23.79 -47.18
C LEU J 179 -62.41 25.02 -47.17
N SER J 180 -63.72 24.85 -47.34
CA SER J 180 -64.67 25.95 -47.21
C SER J 180 -65.79 25.69 -46.17
N GLY J 181 -66.28 26.78 -45.59
CA GLY J 181 -67.32 26.74 -44.57
C GLY J 181 -67.00 27.62 -43.37
N TRP J 182 -67.46 27.18 -42.21
CA TRP J 182 -67.17 27.81 -40.92
C TRP J 182 -67.92 29.10 -40.68
N GLY J 183 -68.87 29.38 -41.57
CA GLY J 183 -69.73 30.53 -41.46
C GLY J 183 -70.00 30.96 -42.87
N ALA J 184 -70.89 31.95 -43.05
CA ALA J 184 -71.07 32.53 -44.35
C ALA J 184 -71.79 33.87 -44.23
N VAL J 185 -71.58 34.73 -45.22
CA VAL J 185 -72.16 36.06 -45.23
C VAL J 185 -72.65 36.34 -46.65
N VAL J 186 -73.73 37.09 -46.77
CA VAL J 186 -74.37 37.31 -48.06
C VAL J 186 -74.89 38.72 -48.18
N TYR J 187 -74.23 39.53 -49.02
CA TYR J 187 -74.65 40.89 -49.29
C TYR J 187 -75.70 40.89 -50.39
N ILE J 188 -76.84 41.52 -50.12
CA ILE J 188 -77.84 41.77 -51.16
C ILE J 188 -77.88 43.28 -51.46
N ILE J 189 -77.66 43.62 -52.73
CA ILE J 189 -77.40 44.99 -53.12
C ILE J 189 -78.50 45.54 -54.03
N LYS J 190 -79.41 46.31 -53.46
CA LYS J 190 -80.45 47.03 -54.21
C LYS J 190 -79.85 48.34 -54.73
N LYS J 191 -80.63 49.14 -55.46
CA LYS J 191 -80.08 50.34 -56.08
C LYS J 191 -79.55 51.39 -55.08
N ASP J 192 -79.95 51.30 -53.82
CA ASP J 192 -79.55 52.29 -52.82
C ASP J 192 -79.48 51.76 -51.37
N GLU J 193 -80.09 50.61 -51.12
CA GLU J 193 -79.99 49.94 -49.83
C GLU J 193 -79.11 48.69 -49.97
N VAL J 194 -78.32 48.36 -48.96
CA VAL J 194 -77.51 47.13 -49.01
C VAL J 194 -77.56 46.32 -47.72
N VAL J 195 -78.17 45.13 -47.78
CA VAL J 195 -78.35 44.26 -46.61
C VAL J 195 -77.32 43.12 -46.51
N LYS J 196 -76.78 42.89 -45.32
CA LYS J 196 -75.72 41.91 -45.09
C LYS J 196 -76.15 40.88 -44.04
N ARG J 197 -76.59 39.70 -44.49
CA ARG J 197 -76.99 38.64 -43.56
C ARG J 197 -75.88 37.58 -43.39
N TYR J 198 -75.66 37.12 -42.14
CA TYR J 198 -74.75 36.00 -41.86
C TYR J 198 -75.56 34.72 -41.82
N LEU J 199 -74.95 33.58 -42.16
CA LEU J 199 -75.73 32.34 -42.26
C LEU J 199 -75.35 31.27 -41.24
N LYS J 200 -76.30 30.37 -41.04
CA LYS J 200 -76.12 29.23 -40.16
C LYS J 200 -75.82 28.01 -41.05
N MET J 201 -74.68 27.38 -40.81
CA MET J 201 -74.35 26.16 -41.52
C MET J 201 -73.59 25.25 -40.60
N ARG J 202 -73.40 24.00 -41.01
CA ARG J 202 -72.60 23.07 -40.22
C ARG J 202 -71.31 23.78 -39.87
N GLN J 203 -70.56 23.25 -38.91
CA GLN J 203 -69.24 23.83 -38.66
C GLN J 203 -68.13 22.80 -38.70
N ASP J 204 -68.02 22.06 -39.80
CA ASP J 204 -66.96 21.07 -39.90
C ASP J 204 -66.04 21.10 -41.15
N MET K 1 -40.15 23.05 -35.41
CA MET K 1 -40.64 24.13 -34.55
C MET K 1 -41.08 23.45 -33.26
N ASP K 2 -41.18 24.12 -32.10
CA ASP K 2 -40.91 25.52 -31.69
C ASP K 2 -42.21 26.20 -31.28
N ILE K 3 -42.43 26.33 -29.97
CA ILE K 3 -43.78 26.51 -29.44
C ILE K 3 -44.20 27.95 -29.18
N ILE K 4 -45.15 28.44 -29.97
CA ILE K 4 -45.61 29.80 -29.82
C ILE K 4 -47.10 29.83 -29.52
N LEU K 5 -47.44 30.21 -28.29
CA LEU K 5 -48.83 30.23 -27.89
C LEU K 5 -49.24 31.59 -27.41
N GLY K 6 -50.55 31.77 -27.31
CA GLY K 6 -51.09 33.01 -26.79
C GLY K 6 -52.60 32.98 -26.69
N ILE K 7 -53.12 33.53 -25.58
CA ILE K 7 -54.55 33.64 -25.37
C ILE K 7 -54.91 35.01 -24.81
N ARG K 8 -55.93 35.63 -25.41
CA ARG K 8 -56.48 36.93 -25.01
C ARG K 8 -57.68 36.71 -24.10
N VAL K 9 -57.66 37.33 -22.93
CA VAL K 9 -58.76 37.15 -22.00
C VAL K 9 -59.67 38.36 -21.94
N GLN K 10 -60.04 38.72 -20.72
CA GLN K 10 -60.88 39.87 -20.47
C GLN K 10 -60.03 41.11 -20.30
N ASP K 11 -59.03 41.02 -19.44
CA ASP K 11 -58.26 42.18 -19.03
C ASP K 11 -56.82 42.16 -19.51
N SER K 12 -56.47 41.22 -20.38
CA SER K 12 -55.08 41.08 -20.79
C SER K 12 -54.85 40.03 -21.85
N VAL K 13 -53.60 39.89 -22.26
CA VAL K 13 -53.18 38.90 -23.24
C VAL K 13 -51.98 38.13 -22.68
N ILE K 14 -51.92 36.83 -22.96
CA ILE K 14 -50.90 35.97 -22.39
C ILE K 14 -50.17 35.23 -23.49
N LEU K 15 -48.84 35.19 -23.40
CA LEU K 15 -48.05 34.57 -24.45
C LEU K 15 -47.12 33.54 -23.88
N ALA K 16 -47.18 32.34 -24.44
CA ALA K 16 -46.28 31.28 -24.05
C ALA K 16 -45.30 31.09 -25.18
N SER K 17 -44.11 30.62 -24.82
CA SER K 17 -43.00 30.62 -25.73
C SER K 17 -41.98 29.62 -25.22
N SER K 18 -41.83 28.53 -25.95
CA SER K 18 -40.86 27.50 -25.59
C SER K 18 -39.46 28.08 -25.27
N LYS K 19 -38.76 27.48 -24.30
CA LYS K 19 -37.48 27.97 -23.81
C LYS K 19 -36.28 27.37 -24.54
N ALA K 20 -36.52 26.56 -25.55
CA ALA K 20 -35.42 25.73 -26.04
C ALA K 20 -34.90 26.18 -27.36
N VAL K 21 -33.59 26.08 -27.52
CA VAL K 21 -32.94 26.39 -28.78
C VAL K 21 -32.15 25.19 -29.20
N THR K 22 -32.53 24.58 -30.33
CA THR K 22 -31.91 23.34 -30.79
C THR K 22 -31.18 23.50 -32.13
N ARG K 23 -29.95 23.04 -32.17
CA ARG K 23 -29.14 23.12 -33.39
C ARG K 23 -28.86 21.73 -33.95
N GLY K 24 -29.88 21.15 -34.57
CA GLY K 24 -29.77 19.83 -35.15
C GLY K 24 -29.74 18.73 -34.11
N ILE K 25 -28.54 18.46 -33.60
CA ILE K 25 -28.33 17.30 -32.73
C ILE K 25 -28.33 17.62 -31.23
N SER K 26 -27.79 18.76 -30.85
CA SER K 26 -27.75 19.14 -29.44
C SER K 26 -28.69 20.30 -29.07
N VAL K 27 -29.17 20.30 -27.84
CA VAL K 27 -29.96 21.41 -27.33
C VAL K 27 -28.98 22.43 -26.74
N LEU K 28 -28.87 23.61 -27.37
CA LEU K 28 -27.82 24.57 -27.00
C LEU K 28 -28.13 25.46 -25.80
N LYS K 29 -29.39 25.84 -25.65
CA LYS K 29 -29.81 26.69 -24.54
C LYS K 29 -31.15 26.19 -23.99
N ASP K 30 -31.32 26.26 -22.67
CA ASP K 30 -32.54 25.83 -21.99
C ASP K 30 -33.35 26.99 -21.42
N SER K 31 -33.13 28.20 -21.96
CA SER K 31 -33.66 29.45 -21.40
C SER K 31 -33.74 30.62 -22.39
N ASP K 32 -34.54 30.47 -23.45
CA ASP K 32 -34.60 31.48 -24.52
C ASP K 32 -35.89 32.32 -24.48
N ASP K 33 -35.75 33.60 -24.20
CA ASP K 33 -36.88 34.51 -24.24
C ASP K 33 -37.16 34.73 -25.72
N LYS K 34 -38.17 34.06 -26.24
CA LYS K 34 -38.48 34.17 -27.65
C LYS K 34 -39.44 35.32 -27.92
N THR K 35 -39.09 36.51 -27.44
CA THR K 35 -39.96 37.65 -27.56
C THR K 35 -39.25 39.00 -27.36
N ARG K 36 -39.54 39.95 -28.23
CA ARG K 36 -39.05 41.31 -28.10
C ARG K 36 -40.20 42.24 -27.70
N GLN K 37 -39.94 43.15 -26.76
CA GLN K 37 -40.92 44.17 -26.41
C GLN K 37 -40.95 45.28 -27.43
N LEU K 38 -42.09 45.48 -28.07
CA LEU K 38 -42.21 46.47 -29.13
C LEU K 38 -42.56 47.85 -28.59
N SER K 39 -42.87 47.91 -27.30
CA SER K 39 -43.27 49.14 -26.67
C SER K 39 -44.06 48.81 -25.42
N PRO K 40 -44.04 49.71 -24.44
CA PRO K 40 -44.72 49.55 -23.16
C PRO K 40 -45.87 48.54 -23.12
N HIS K 41 -46.82 48.63 -24.03
CA HIS K 41 -48.00 47.78 -23.98
C HIS K 41 -48.19 46.87 -25.20
N THR K 42 -47.09 46.45 -25.83
CA THR K 42 -47.17 45.60 -27.02
C THR K 42 -46.00 44.62 -27.14
N LEU K 43 -46.32 43.32 -27.16
CA LEU K 43 -45.32 42.25 -27.09
C LEU K 43 -45.39 41.40 -28.33
N MET K 44 -44.25 40.88 -28.78
CA MET K 44 -44.27 39.96 -29.92
C MET K 44 -43.43 38.71 -29.73
N SER K 45 -44.10 37.55 -29.62
CA SER K 45 -43.39 36.27 -29.59
C SER K 45 -43.25 35.74 -31.01
N PHE K 46 -42.29 34.87 -31.23
CA PHE K 46 -41.94 34.47 -32.58
C PHE K 46 -41.17 33.15 -32.66
N ALA K 47 -41.39 32.42 -33.75
CA ALA K 47 -40.60 31.24 -34.04
C ALA K 47 -40.51 31.00 -35.53
N GLY K 48 -39.56 30.18 -35.94
CA GLY K 48 -39.37 29.93 -37.35
C GLY K 48 -37.92 29.70 -37.67
N GLU K 49 -37.53 30.10 -38.89
CA GLU K 49 -36.18 29.88 -39.42
C GLU K 49 -35.07 30.36 -38.46
N ALA K 50 -33.86 29.89 -38.70
CA ALA K 50 -32.79 29.96 -37.71
C ALA K 50 -32.42 31.39 -37.34
N GLY K 51 -31.81 32.07 -38.28
CA GLY K 51 -31.35 33.42 -38.03
C GLY K 51 -32.46 34.37 -38.39
N ASP K 52 -33.26 34.00 -39.39
CA ASP K 52 -34.31 34.88 -39.86
C ASP K 52 -35.20 35.33 -38.68
N THR K 53 -35.38 34.48 -37.68
CA THR K 53 -36.30 34.80 -36.58
C THR K 53 -35.95 36.10 -35.83
N VAL K 54 -34.90 36.08 -35.02
CA VAL K 54 -34.48 37.27 -34.27
C VAL K 54 -34.33 38.52 -35.15
N GLN K 55 -33.54 38.43 -36.22
CA GLN K 55 -33.24 39.59 -37.05
C GLN K 55 -34.47 40.39 -37.47
N PHE K 56 -35.58 39.70 -37.69
CA PHE K 56 -36.86 40.36 -38.01
C PHE K 56 -37.45 41.05 -36.79
N ALA K 57 -37.64 40.31 -35.72
CA ALA K 57 -38.26 40.86 -34.51
C ALA K 57 -37.55 42.12 -34.00
N GLU K 58 -36.24 42.17 -34.15
CA GLU K 58 -35.46 43.34 -33.75
C GLU K 58 -35.61 44.54 -34.71
N TYR K 59 -35.67 44.27 -36.01
CA TYR K 59 -36.03 45.28 -37.00
C TYR K 59 -37.39 45.93 -36.71
N ILE K 60 -38.37 45.13 -36.32
CA ILE K 60 -39.66 45.67 -35.96
C ILE K 60 -39.54 46.44 -34.67
N GLN K 61 -38.78 45.93 -33.72
CA GLN K 61 -38.61 46.61 -32.44
C GLN K 61 -38.09 48.00 -32.71
N ALA K 62 -37.03 48.08 -33.50
CA ALA K 62 -36.45 49.38 -33.84
C ALA K 62 -37.49 50.33 -34.44
N ASN K 63 -38.14 49.89 -35.50
CA ASN K 63 -39.08 50.73 -36.22
C ASN K 63 -40.30 51.18 -35.43
N ILE K 64 -40.61 50.50 -34.33
CA ILE K 64 -41.75 50.87 -33.51
C ILE K 64 -41.30 51.71 -32.33
N GLN K 65 -40.09 51.49 -31.86
CA GLN K 65 -39.49 52.34 -30.85
C GLN K 65 -39.19 53.70 -31.49
N LEU K 66 -39.06 53.71 -32.82
CA LEU K 66 -38.83 54.96 -33.53
C LEU K 66 -40.11 55.75 -33.75
N TYR K 67 -41.19 55.09 -34.11
CA TYR K 67 -42.46 55.80 -34.24
C TYR K 67 -42.95 56.23 -32.85
N SER K 68 -42.65 55.45 -31.81
CA SER K 68 -43.00 55.84 -30.46
C SER K 68 -42.26 57.14 -30.12
N ILE K 69 -40.94 57.11 -30.27
CA ILE K 69 -40.12 58.26 -29.89
C ILE K 69 -40.46 59.53 -30.67
N ARG K 70 -40.78 59.38 -31.95
CA ARG K 70 -41.05 60.50 -32.86
C ARG K 70 -42.34 61.27 -32.60
N GLU K 71 -43.44 60.55 -32.44
CA GLU K 71 -44.72 61.17 -32.15
C GLU K 71 -45.07 61.08 -30.68
N ASP K 72 -44.12 60.69 -29.85
CA ASP K 72 -44.37 60.59 -28.42
C ASP K 72 -45.75 60.01 -28.11
N TYR K 73 -46.16 59.05 -28.95
CA TYR K 73 -47.45 58.36 -28.86
C TYR K 73 -47.20 56.85 -28.94
N GLU K 74 -47.89 56.09 -28.10
CA GLU K 74 -47.69 54.65 -28.12
C GLU K 74 -48.59 54.06 -29.19
N LEU K 75 -47.98 53.69 -30.32
CA LEU K 75 -48.71 53.09 -31.43
C LEU K 75 -49.62 51.94 -31.02
N SER K 76 -50.87 51.97 -31.49
CA SER K 76 -51.86 50.99 -31.06
C SER K 76 -51.57 49.64 -31.66
N PRO K 77 -51.91 48.57 -30.92
CA PRO K 77 -51.74 47.17 -31.33
C PRO K 77 -52.26 46.85 -32.74
N GLN K 78 -53.50 47.19 -33.04
CA GLN K 78 -54.01 47.00 -34.40
C GLN K 78 -53.02 47.50 -35.45
N ALA K 79 -52.38 48.64 -35.18
CA ALA K 79 -51.46 49.27 -36.13
C ALA K 79 -50.09 48.60 -36.16
N VAL K 80 -49.52 48.34 -35.00
CA VAL K 80 -48.28 47.58 -34.94
C VAL K 80 -48.46 46.28 -35.71
N SER K 81 -49.63 45.65 -35.52
CA SER K 81 -49.97 44.44 -36.25
C SER K 81 -49.96 44.66 -37.77
N SER K 82 -50.81 45.56 -38.23
CA SER K 82 -50.96 45.76 -39.66
C SER K 82 -49.70 46.29 -40.34
N PHE K 83 -48.74 46.73 -39.55
CA PHE K 83 -47.43 47.11 -40.05
C PHE K 83 -46.52 45.90 -40.17
N VAL K 84 -46.45 45.11 -39.11
CA VAL K 84 -45.67 43.89 -39.13
C VAL K 84 -46.11 43.01 -40.27
N ARG K 85 -47.42 42.94 -40.49
CA ARG K 85 -47.95 42.17 -41.59
C ARG K 85 -47.38 42.63 -42.90
N GLN K 86 -47.48 43.93 -43.16
CA GLN K 86 -47.05 44.44 -44.46
C GLN K 86 -45.59 44.14 -44.66
N GLU K 87 -44.81 44.16 -43.58
CA GLU K 87 -43.37 43.95 -43.67
C GLU K 87 -43.02 42.53 -44.04
N LEU K 88 -43.93 41.60 -43.73
CA LEU K 88 -43.77 40.20 -44.09
C LEU K 88 -44.27 39.94 -45.51
N ALA K 89 -45.38 40.58 -45.85
CA ALA K 89 -45.98 40.43 -47.17
C ALA K 89 -45.07 40.98 -48.23
N LYS K 90 -44.25 41.96 -47.86
CA LYS K 90 -43.27 42.61 -48.72
C LYS K 90 -42.14 41.64 -49.03
N SER K 91 -41.75 40.87 -48.02
CA SER K 91 -40.58 40.00 -48.09
C SER K 91 -40.91 38.64 -48.67
N ILE K 92 -42.17 38.40 -48.99
CA ILE K 92 -42.54 37.08 -49.48
C ILE K 92 -42.28 36.93 -50.97
N ARG K 93 -42.41 38.02 -51.71
CA ARG K 93 -41.99 38.01 -53.10
C ARG K 93 -40.61 38.64 -53.27
N SER K 94 -39.89 38.81 -52.16
CA SER K 94 -38.53 39.34 -52.20
C SER K 94 -37.50 38.26 -52.51
N ARG K 95 -36.21 38.63 -52.52
CA ARG K 95 -35.13 37.71 -52.92
C ARG K 95 -34.96 36.55 -51.95
N ARG K 96 -34.53 36.83 -50.72
CA ARG K 96 -34.61 35.84 -49.65
C ARG K 96 -35.67 36.31 -48.68
N PRO K 97 -36.74 35.53 -48.57
CA PRO K 97 -37.91 35.87 -47.76
C PRO K 97 -37.70 35.60 -46.28
N TYR K 98 -38.00 36.58 -45.45
CA TYR K 98 -38.09 36.36 -44.02
C TYR K 98 -38.97 35.15 -43.87
N GLN K 99 -38.48 34.14 -43.19
CA GLN K 99 -39.29 32.97 -42.85
C GLN K 99 -39.62 32.99 -41.34
N VAL K 100 -40.56 33.82 -40.94
CA VAL K 100 -40.83 33.98 -39.53
C VAL K 100 -42.31 34.02 -39.22
N ASN K 101 -42.71 33.36 -38.14
CA ASN K 101 -44.09 33.40 -37.69
C ASN K 101 -44.16 34.15 -36.34
N VAL K 102 -45.21 34.94 -36.13
CA VAL K 102 -45.28 35.75 -34.92
C VAL K 102 -46.65 35.84 -34.29
N LEU K 103 -46.64 36.12 -32.99
CA LEU K 103 -47.83 36.45 -32.24
C LEU K 103 -47.62 37.81 -31.61
N ILE K 104 -48.53 38.72 -31.87
CA ILE K 104 -48.44 40.06 -31.34
C ILE K 104 -49.60 40.21 -30.39
N GLY K 105 -49.31 40.66 -29.17
CA GLY K 105 -50.33 40.82 -28.16
C GLY K 105 -50.03 42.03 -27.35
N GLY K 106 -51.07 42.83 -27.08
CA GLY K 106 -50.89 44.09 -26.40
C GLY K 106 -52.18 44.71 -25.97
N TYR K 107 -52.09 45.76 -25.16
CA TYR K 107 -53.25 46.45 -24.62
C TYR K 107 -53.47 47.77 -25.35
N ASP K 108 -54.65 47.92 -25.96
CA ASP K 108 -55.02 49.16 -26.65
C ASP K 108 -55.46 50.17 -25.62
N LYS K 109 -54.57 51.07 -25.24
CA LYS K 109 -54.83 51.98 -24.14
C LYS K 109 -56.03 52.88 -24.37
N LYS K 110 -56.53 52.90 -25.61
CA LYS K 110 -57.60 53.80 -26.00
C LYS K 110 -58.98 53.13 -26.01
N LYS K 111 -59.00 51.81 -26.19
CA LYS K 111 -60.24 51.04 -26.12
C LYS K 111 -60.30 50.32 -24.77
N ASN K 112 -59.18 50.38 -24.04
CA ASN K 112 -59.00 49.62 -22.80
C ASN K 112 -59.37 48.14 -22.93
N LYS K 113 -59.03 47.56 -24.07
CA LYS K 113 -59.29 46.15 -24.38
C LYS K 113 -57.98 45.46 -24.70
N PRO K 114 -57.90 44.13 -24.51
CA PRO K 114 -56.71 43.39 -24.91
C PRO K 114 -56.91 42.87 -26.33
N GLU K 115 -55.82 42.73 -27.10
CA GLU K 115 -55.91 42.27 -28.47
C GLU K 115 -54.81 41.25 -28.77
N LEU K 116 -55.16 40.16 -29.46
CA LEU K 116 -54.15 39.17 -29.90
C LEU K 116 -54.21 38.94 -31.39
N TYR K 117 -53.08 39.13 -32.07
CA TYR K 117 -52.99 38.99 -33.53
C TYR K 117 -52.04 37.87 -33.92
N GLN K 118 -52.42 37.12 -34.96
CA GLN K 118 -51.61 35.99 -35.42
C GLN K 118 -51.18 36.25 -36.87
N ILE K 119 -49.87 36.20 -37.12
CA ILE K 119 -49.34 36.47 -38.45
C ILE K 119 -48.31 35.44 -38.86
N ASP K 120 -48.52 34.78 -40.00
CA ASP K 120 -47.55 33.81 -40.50
C ASP K 120 -46.60 34.40 -41.52
N TYR K 121 -45.49 33.70 -41.74
CA TYR K 121 -44.40 34.20 -42.56
C TYR K 121 -44.83 34.72 -43.94
N LEU K 122 -46.08 34.44 -44.31
CA LEU K 122 -46.60 34.83 -45.63
C LEU K 122 -47.26 36.19 -45.56
N GLY K 123 -47.51 36.67 -44.35
CA GLY K 123 -48.24 37.90 -44.18
C GLY K 123 -49.70 37.69 -43.92
N THR K 124 -50.08 36.44 -43.63
CA THR K 124 -51.46 36.10 -43.28
C THR K 124 -51.80 36.56 -41.84
N LYS K 125 -52.71 37.52 -41.72
CA LYS K 125 -53.02 38.14 -40.42
C LYS K 125 -54.48 38.01 -40.10
N VAL K 126 -54.79 37.58 -38.86
CA VAL K 126 -56.14 37.52 -38.35
C VAL K 126 -56.13 37.70 -36.84
N GLU K 127 -57.18 38.32 -36.29
CA GLU K 127 -57.29 38.56 -34.84
C GLU K 127 -58.06 37.44 -34.12
N LEU K 128 -57.53 37.01 -32.97
CA LEU K 128 -58.03 35.84 -32.29
C LEU K 128 -58.16 35.97 -30.76
N PRO K 129 -58.99 35.07 -30.18
CA PRO K 129 -59.14 34.82 -28.74
C PRO K 129 -57.96 34.02 -28.25
N TYR K 130 -57.46 33.14 -29.11
CA TYR K 130 -56.28 32.34 -28.81
C TYR K 130 -55.64 31.91 -30.12
N GLY K 131 -54.34 31.63 -30.08
CA GLY K 131 -53.63 31.34 -31.32
C GLY K 131 -52.33 30.64 -31.10
N ALA K 132 -51.77 30.11 -32.19
CA ALA K 132 -50.52 29.38 -32.15
C ALA K 132 -49.96 29.11 -33.53
N HIS K 133 -48.63 29.00 -33.58
CA HIS K 133 -47.91 28.67 -34.80
C HIS K 133 -47.15 27.36 -34.68
N GLY K 134 -46.76 26.82 -35.81
CA GLY K 134 -46.16 25.52 -35.83
C GLY K 134 -47.27 24.52 -35.65
N TYR K 135 -46.94 23.39 -35.04
CA TYR K 135 -47.94 22.35 -34.82
C TYR K 135 -48.57 22.58 -33.46
N SER K 136 -48.07 23.55 -32.74
CA SER K 136 -48.55 23.79 -31.38
C SER K 136 -50.07 23.75 -31.33
N GLY K 137 -50.72 24.19 -32.40
CA GLY K 137 -52.17 24.34 -32.40
C GLY K 137 -52.99 23.07 -32.28
N PHE K 138 -52.48 21.94 -32.73
CA PHE K 138 -53.29 20.72 -32.87
C PHE K 138 -53.63 20.08 -31.55
N TYR K 139 -52.68 20.11 -30.62
CA TYR K 139 -52.89 19.49 -29.33
C TYR K 139 -53.70 20.38 -28.40
N THR K 140 -53.65 21.68 -28.66
CA THR K 140 -54.17 22.66 -27.72
C THR K 140 -55.48 23.33 -28.12
N PHE K 141 -55.75 23.42 -29.41
CA PHE K 141 -56.94 24.11 -29.89
C PHE K 141 -58.22 23.36 -29.47
N SER K 142 -58.11 22.06 -29.22
CA SER K 142 -59.28 21.26 -28.86
C SER K 142 -59.70 21.56 -27.44
N LEU K 143 -58.72 21.80 -26.58
CA LEU K 143 -58.94 22.25 -25.21
C LEU K 143 -59.48 23.68 -25.10
N LEU K 144 -58.96 24.60 -25.89
CA LEU K 144 -59.40 25.99 -25.86
C LEU K 144 -60.83 26.14 -26.36
N ASP K 145 -61.10 25.57 -27.54
CA ASP K 145 -62.47 25.43 -28.02
C ASP K 145 -63.42 25.16 -26.85
N HIS K 146 -63.04 24.18 -26.04
CA HIS K 146 -63.91 23.67 -24.98
C HIS K 146 -63.97 24.59 -23.76
N HIS K 147 -62.80 24.94 -23.21
CA HIS K 147 -62.76 25.60 -21.91
C HIS K 147 -62.68 27.13 -21.94
N TYR K 148 -62.78 27.75 -23.10
CA TYR K 148 -62.57 29.19 -23.19
C TYR K 148 -63.85 30.01 -23.11
N ARG K 149 -63.85 30.95 -22.15
CA ARG K 149 -64.86 32.00 -22.08
C ARG K 149 -64.09 33.31 -22.26
N PRO K 150 -64.70 34.33 -22.91
CA PRO K 150 -64.01 35.59 -23.19
C PRO K 150 -64.07 36.54 -22.01
N ASP K 151 -64.76 36.15 -20.96
CA ASP K 151 -64.83 36.94 -19.72
C ASP K 151 -63.85 36.41 -18.67
N MET K 152 -62.90 35.61 -19.09
CA MET K 152 -62.02 34.90 -18.16
C MET K 152 -61.10 35.87 -17.45
N THR K 153 -60.99 35.73 -16.12
CA THR K 153 -60.04 36.54 -15.37
C THR K 153 -58.65 36.21 -15.84
N THR K 154 -57.70 37.09 -15.54
CA THR K 154 -56.34 36.82 -15.96
C THR K 154 -55.86 35.55 -15.26
N GLU K 155 -56.36 35.32 -14.04
CA GLU K 155 -55.99 34.11 -13.32
C GLU K 155 -56.63 32.87 -13.95
N GLU K 156 -57.92 32.96 -14.26
CA GLU K 156 -58.64 31.84 -14.89
C GLU K 156 -57.94 31.41 -16.18
N GLY K 157 -57.28 32.35 -16.84
CA GLY K 157 -56.66 32.09 -18.12
C GLY K 157 -55.26 31.53 -18.01
N LEU K 158 -54.54 31.89 -16.96
CA LEU K 158 -53.25 31.26 -16.72
C LEU K 158 -53.47 29.77 -16.47
N ASP K 159 -54.52 29.42 -15.70
CA ASP K 159 -54.84 28.02 -15.41
C ASP K 159 -55.03 27.25 -16.72
N LEU K 160 -55.93 27.73 -17.56
CA LEU K 160 -56.15 27.12 -18.88
C LEU K 160 -54.91 27.02 -19.74
N LEU K 161 -53.92 27.86 -19.48
CA LEU K 161 -52.68 27.86 -20.26
C LEU K 161 -51.79 26.71 -19.82
N LYS K 162 -51.69 26.51 -18.50
CA LYS K 162 -50.89 25.42 -17.97
C LYS K 162 -51.43 24.11 -18.52
N LEU K 163 -52.74 24.05 -18.71
CA LEU K 163 -53.37 22.80 -19.13
C LEU K 163 -52.97 22.44 -20.56
N CYS K 164 -52.68 23.46 -21.36
CA CYS K 164 -52.29 23.24 -22.75
C CYS K 164 -50.86 22.74 -22.80
N VAL K 165 -49.98 23.44 -22.11
CA VAL K 165 -48.60 23.05 -22.01
C VAL K 165 -48.47 21.60 -21.53
N GLN K 166 -49.31 21.23 -20.58
CA GLN K 166 -49.30 19.86 -20.06
C GLN K 166 -49.61 18.85 -21.17
N GLU K 167 -50.59 19.19 -22.01
CA GLU K 167 -50.97 18.32 -23.11
C GLU K 167 -49.87 18.23 -24.13
N LEU K 168 -49.14 19.32 -24.32
CA LEU K 168 -48.04 19.36 -25.28
C LEU K 168 -46.83 18.57 -24.80
N GLU K 169 -46.65 18.50 -23.49
CA GLU K 169 -45.54 17.73 -22.96
C GLU K 169 -45.87 16.23 -23.02
N LYS K 170 -47.16 15.89 -23.05
CA LYS K 170 -47.62 14.50 -23.08
C LYS K 170 -47.65 13.86 -24.46
N ARG K 171 -48.27 14.53 -25.43
CA ARG K 171 -48.46 13.95 -26.76
C ARG K 171 -47.55 14.55 -27.83
N MET K 172 -46.56 15.35 -27.42
CA MET K 172 -45.64 15.95 -28.39
C MET K 172 -44.20 15.51 -28.20
N PRO K 173 -43.59 15.03 -29.28
CA PRO K 173 -42.33 14.30 -29.41
C PRO K 173 -41.12 15.16 -29.08
N MET K 174 -41.26 16.47 -29.26
CA MET K 174 -40.18 17.41 -28.98
C MET K 174 -40.06 17.72 -27.49
N ASP K 175 -38.82 17.84 -27.01
CA ASP K 175 -38.56 18.26 -25.63
C ASP K 175 -38.26 19.72 -25.73
N PHE K 176 -39.25 20.56 -25.41
CA PHE K 176 -39.09 21.99 -25.66
C PHE K 176 -38.62 22.70 -24.42
N LYS K 177 -38.42 21.96 -23.35
CA LYS K 177 -37.72 22.49 -22.20
C LYS K 177 -38.45 23.66 -21.52
N GLY K 178 -39.78 23.64 -21.61
CA GLY K 178 -40.60 24.52 -20.81
C GLY K 178 -41.12 25.69 -21.60
N VAL K 179 -41.78 26.62 -20.91
CA VAL K 179 -42.20 27.86 -21.54
C VAL K 179 -41.80 29.06 -20.70
N ILE K 180 -41.91 30.25 -21.29
CA ILE K 180 -41.88 31.47 -20.52
C ILE K 180 -43.19 32.17 -20.79
N VAL K 181 -43.93 32.46 -19.73
CA VAL K 181 -45.22 33.10 -19.90
C VAL K 181 -45.09 34.57 -19.57
N LYS K 182 -45.58 35.42 -20.47
CA LYS K 182 -45.54 36.86 -20.29
C LYS K 182 -46.97 37.36 -20.35
N ILE K 183 -47.28 38.43 -19.62
CA ILE K 183 -48.63 38.97 -19.60
C ILE K 183 -48.61 40.43 -19.96
N VAL K 184 -49.56 40.84 -20.80
CA VAL K 184 -49.69 42.23 -21.22
C VAL K 184 -51.03 42.82 -20.81
N ASP K 185 -51.02 43.86 -19.98
CA ASP K 185 -52.26 44.50 -19.54
C ASP K 185 -52.10 45.99 -19.42
N LYS K 186 -53.06 46.64 -18.76
CA LYS K 186 -53.03 48.09 -18.62
C LYS K 186 -51.69 48.60 -18.04
N ASP K 187 -51.13 47.82 -17.13
CA ASP K 187 -49.90 48.20 -16.46
C ASP K 187 -48.64 47.83 -17.28
N GLY K 188 -48.83 47.22 -18.44
CA GLY K 188 -47.68 46.88 -19.29
C GLY K 188 -47.33 45.41 -19.42
N ILE K 189 -46.05 45.14 -19.58
CA ILE K 189 -45.56 43.80 -19.84
C ILE K 189 -44.75 43.21 -18.67
N ARG K 190 -45.36 42.28 -17.94
CA ARG K 190 -44.64 41.60 -16.88
C ARG K 190 -44.47 40.11 -17.20
N GLN K 191 -43.51 39.44 -16.57
CA GLN K 191 -43.25 38.02 -16.82
C GLN K 191 -43.39 37.14 -15.56
N VAL K 192 -44.24 36.11 -15.65
CA VAL K 192 -44.45 35.14 -14.57
C VAL K 192 -43.32 34.10 -14.61
N ASP K 193 -42.37 34.20 -13.69
CA ASP K 193 -41.24 33.26 -13.67
C ASP K 193 -41.44 32.11 -12.68
N ASP K 194 -42.70 31.87 -12.32
CA ASP K 194 -43.06 30.74 -11.48
C ASP K 194 -44.15 29.95 -12.20
N PHE K 195 -43.78 29.21 -13.23
CA PHE K 195 -44.82 28.55 -14.02
C PHE K 195 -44.83 27.01 -14.08
N GLN K 196 -43.69 26.39 -14.37
CA GLN K 196 -43.63 24.92 -14.46
C GLN K 196 -43.80 24.25 -13.11
N ALA K 197 -44.64 24.84 -12.25
CA ALA K 197 -44.94 24.30 -10.92
C ALA K 197 -45.90 25.21 -10.13
N GLN K 198 -46.71 26.00 -10.83
CA GLN K 198 -47.70 26.87 -10.18
C GLN K 198 -48.90 26.03 -9.73
N THR L 1 -14.12 18.16 -35.99
CA THR L 1 -13.65 19.29 -35.20
C THR L 1 -14.36 19.44 -33.84
N THR L 2 -13.60 19.75 -32.78
CA THR L 2 -14.21 20.03 -31.47
C THR L 2 -13.75 21.36 -30.83
N THR L 3 -14.68 22.26 -30.57
CA THR L 3 -14.39 23.55 -29.97
C THR L 3 -15.38 23.78 -28.83
N LEU L 4 -14.91 24.35 -27.72
CA LEU L 4 -15.77 24.65 -26.56
C LEU L 4 -15.31 25.87 -25.77
N ALA L 5 -16.29 26.59 -25.20
CA ALA L 5 -16.01 27.78 -24.39
C ALA L 5 -17.02 27.95 -23.26
N PHE L 6 -16.56 28.37 -22.09
CA PHE L 6 -17.47 28.57 -20.95
C PHE L 6 -17.05 29.66 -19.95
N ARG L 7 -18.05 30.26 -19.31
CA ARG L 7 -17.91 31.31 -18.31
C ARG L 7 -17.70 30.72 -16.91
N PHE L 8 -17.00 31.47 -16.06
CA PHE L 8 -16.90 31.12 -14.64
C PHE L 8 -16.39 32.28 -13.78
N GLN L 9 -16.19 32.03 -12.49
CA GLN L 9 -15.72 33.07 -11.57
C GLN L 9 -14.55 33.86 -12.15
N GLY L 10 -13.57 33.13 -12.67
CA GLY L 10 -12.33 33.73 -13.16
C GLY L 10 -12.29 34.06 -14.63
N GLY L 11 -13.46 34.13 -15.27
CA GLY L 11 -13.54 34.58 -16.65
C GLY L 11 -14.05 33.57 -17.66
N ILE L 12 -13.24 33.31 -18.69
CA ILE L 12 -13.64 32.39 -19.73
C ILE L 12 -12.52 31.43 -20.08
N ILE L 13 -12.88 30.15 -20.20
CA ILE L 13 -11.97 29.16 -20.78
C ILE L 13 -12.39 28.87 -22.21
N VAL L 14 -11.41 28.78 -23.10
CA VAL L 14 -11.65 28.35 -24.46
C VAL L 14 -10.71 27.20 -24.71
N ALA L 15 -11.22 26.15 -25.34
CA ALA L 15 -10.40 24.99 -25.68
C ALA L 15 -10.81 24.44 -27.03
N VAL L 16 -9.83 24.01 -27.81
CA VAL L 16 -10.11 23.44 -29.12
C VAL L 16 -9.23 22.24 -29.43
N ASP L 17 -9.59 21.49 -30.47
CA ASP L 17 -8.70 20.47 -30.99
C ASP L 17 -7.87 21.13 -32.07
N SER L 18 -7.31 20.35 -32.98
CA SER L 18 -6.48 20.91 -34.03
C SER L 18 -6.44 20.02 -35.25
N ARG L 19 -7.33 19.03 -35.30
CA ARG L 19 -7.35 18.09 -36.41
C ARG L 19 -8.19 18.67 -37.52
N ALA L 20 -7.77 18.45 -38.75
CA ALA L 20 -8.52 18.93 -39.90
C ALA L 20 -8.43 17.87 -40.97
N THR L 21 -9.57 17.47 -41.51
CA THR L 21 -9.63 16.31 -42.38
C THR L 21 -10.30 16.54 -43.73
N ALA L 22 -9.79 15.84 -44.74
CA ALA L 22 -10.37 15.82 -46.09
C ALA L 22 -10.88 14.43 -46.37
N GLY L 23 -11.96 14.06 -45.69
CA GLY L 23 -12.48 12.72 -45.77
C GLY L 23 -11.87 11.82 -44.73
N ASN L 24 -11.25 10.74 -45.18
CA ASN L 24 -10.65 9.79 -44.26
C ASN L 24 -9.23 10.24 -43.96
N TRP L 25 -8.77 11.18 -44.77
CA TRP L 25 -7.39 11.61 -44.73
C TRP L 25 -7.21 12.81 -43.82
N VAL L 26 -6.17 12.73 -42.98
CA VAL L 26 -5.89 13.78 -42.01
C VAL L 26 -4.79 14.65 -42.61
N ALA L 27 -5.16 15.87 -43.04
CA ALA L 27 -4.27 16.70 -43.86
C ALA L 27 -3.31 17.56 -43.06
N SER L 28 -3.76 17.96 -41.88
CA SER L 28 -2.92 18.66 -40.92
C SER L 28 -3.45 18.45 -39.52
N GLN L 29 -2.56 18.45 -38.54
CA GLN L 29 -3.00 18.47 -37.16
C GLN L 29 -2.42 19.70 -36.47
N THR L 30 -1.98 20.64 -37.30
CA THR L 30 -1.39 21.89 -36.85
C THR L 30 -2.32 23.05 -37.22
N VAL L 31 -3.56 22.95 -36.79
CA VAL L 31 -4.55 23.98 -37.08
C VAL L 31 -4.90 24.80 -35.83
N LYS L 32 -4.79 26.12 -36.00
CA LYS L 32 -5.10 27.06 -34.95
C LYS L 32 -6.60 27.28 -34.93
N ARG L 33 -7.30 26.44 -34.16
CA ARG L 33 -8.75 26.49 -34.16
C ARG L 33 -9.26 27.62 -33.26
N VAL L 34 -8.35 28.36 -32.64
CA VAL L 34 -8.74 29.52 -31.84
C VAL L 34 -8.09 30.74 -32.43
N ILE L 35 -8.91 31.75 -32.73
CA ILE L 35 -8.49 32.90 -33.52
C ILE L 35 -8.23 34.13 -32.66
N GLU L 36 -6.95 34.48 -32.52
CA GLU L 36 -6.58 35.66 -31.74
C GLU L 36 -7.02 36.91 -32.53
N ILE L 37 -8.24 37.36 -32.27
CA ILE L 37 -8.90 38.47 -32.97
C ILE L 37 -8.21 39.78 -32.74
N ASN L 38 -8.12 40.12 -31.46
CA ASN L 38 -7.27 41.17 -30.90
C ASN L 38 -6.97 40.78 -29.44
N PRO L 39 -6.08 41.48 -28.75
CA PRO L 39 -5.66 40.86 -27.48
C PRO L 39 -6.74 40.78 -26.39
N PHE L 40 -7.95 41.27 -26.65
CA PHE L 40 -9.04 41.16 -25.67
C PHE L 40 -10.22 40.26 -26.06
N LEU L 41 -10.21 39.71 -27.28
CA LEU L 41 -11.29 38.86 -27.80
C LEU L 41 -10.80 37.64 -28.57
N LEU L 42 -11.49 36.51 -28.38
CA LEU L 42 -11.18 35.27 -29.10
C LEU L 42 -12.39 34.72 -29.88
N GLY L 43 -12.11 34.08 -30.99
CA GLY L 43 -13.15 33.34 -31.70
C GLY L 43 -12.69 31.91 -31.89
N THR L 44 -13.64 31.00 -32.06
CA THR L 44 -13.33 29.58 -32.28
C THR L 44 -13.71 29.09 -33.69
N MET L 45 -12.70 28.67 -34.44
CA MET L 45 -12.90 28.11 -35.78
C MET L 45 -13.63 26.78 -35.72
N ALA L 46 -14.70 26.67 -36.50
CA ALA L 46 -15.55 25.48 -36.50
C ALA L 46 -16.55 25.63 -37.65
N GLY L 47 -16.58 24.67 -38.57
CA GLY L 47 -17.40 24.85 -39.75
C GLY L 47 -16.58 24.98 -41.01
N GLY L 48 -16.37 26.21 -41.44
CA GLY L 48 -15.58 26.48 -42.63
C GLY L 48 -14.22 27.04 -42.27
N ALA L 49 -13.17 26.40 -42.73
CA ALA L 49 -11.82 26.80 -42.34
C ALA L 49 -11.62 28.25 -42.66
N ALA L 50 -11.73 28.62 -43.92
CA ALA L 50 -11.48 29.99 -44.34
C ALA L 50 -12.53 30.94 -43.78
N ASP L 51 -13.79 30.63 -44.07
CA ASP L 51 -14.87 31.48 -43.60
C ASP L 51 -14.70 32.03 -42.18
N CYS L 52 -14.03 31.28 -41.31
CA CYS L 52 -13.82 31.72 -39.93
C CYS L 52 -12.61 32.63 -39.80
N GLN L 53 -11.46 32.12 -40.20
CA GLN L 53 -10.21 32.87 -40.15
C GLN L 53 -10.46 34.26 -40.68
N PHE L 54 -11.18 34.30 -41.79
CA PHE L 54 -11.25 35.51 -42.55
C PHE L 54 -12.13 36.59 -41.92
N TRP L 55 -13.36 36.25 -41.64
CA TRP L 55 -14.29 37.25 -41.15
C TRP L 55 -14.01 37.66 -39.73
N GLU L 56 -13.30 36.82 -39.00
CA GLU L 56 -12.91 37.15 -37.63
C GLU L 56 -11.64 37.99 -37.64
N THR L 57 -10.77 37.75 -38.61
CA THR L 57 -9.63 38.63 -38.88
C THR L 57 -10.17 40.01 -39.25
N TRP L 58 -11.13 40.03 -40.17
CA TRP L 58 -11.83 41.25 -40.55
C TRP L 58 -12.52 41.88 -39.36
N LEU L 59 -13.11 41.07 -38.49
CA LEU L 59 -13.75 41.59 -37.31
C LEU L 59 -12.74 42.37 -36.48
N GLY L 60 -11.55 41.80 -36.33
CA GLY L 60 -10.48 42.44 -35.59
C GLY L 60 -10.20 43.83 -36.08
N SER L 61 -10.28 44.02 -37.39
CA SER L 61 -10.15 45.35 -37.99
C SER L 61 -11.29 46.28 -37.60
N GLN L 62 -12.50 45.91 -37.96
CA GLN L 62 -13.67 46.71 -37.62
C GLN L 62 -13.74 47.00 -36.12
N CYS L 63 -13.00 46.23 -35.33
CA CYS L 63 -12.94 46.42 -33.89
C CYS L 63 -11.95 47.52 -33.50
N ARG L 64 -10.78 47.51 -34.13
CA ARG L 64 -9.81 48.59 -33.96
C ARG L 64 -10.42 49.89 -34.46
N LEU L 65 -10.95 49.84 -35.67
CA LEU L 65 -11.60 51.00 -36.25
C LEU L 65 -12.62 51.57 -35.28
N HIS L 66 -13.21 50.72 -34.46
CA HIS L 66 -14.25 51.17 -33.54
C HIS L 66 -13.64 51.75 -32.28
N GLU L 67 -12.47 51.26 -31.89
CA GLU L 67 -11.83 51.79 -30.70
C GLU L 67 -11.18 53.13 -30.97
N LEU L 68 -10.72 53.36 -32.19
CA LEU L 68 -10.10 54.64 -32.54
C LEU L 68 -11.15 55.73 -32.61
N ARG L 69 -12.33 55.35 -33.09
CA ARG L 69 -13.40 56.28 -33.39
C ARG L 69 -14.16 56.69 -32.12
N GLU L 70 -14.03 55.89 -31.06
CA GLU L 70 -14.77 56.16 -29.82
C GLU L 70 -13.85 56.18 -28.62
N LYS L 71 -12.55 56.11 -28.86
CA LYS L 71 -11.55 56.10 -27.79
C LYS L 71 -11.91 55.17 -26.62
N GLU L 72 -12.76 54.17 -26.88
CA GLU L 72 -13.15 53.19 -25.85
C GLU L 72 -13.38 51.75 -26.38
N ARG L 73 -12.99 50.75 -25.60
CA ARG L 73 -13.07 49.34 -26.01
C ARG L 73 -14.45 48.89 -26.44
N ILE L 74 -14.50 48.08 -27.49
CA ILE L 74 -15.78 47.59 -27.97
C ILE L 74 -16.29 46.43 -27.15
N SER L 75 -17.61 46.41 -26.94
CA SER L 75 -18.25 45.46 -26.05
C SER L 75 -18.52 44.18 -26.79
N VAL L 76 -18.32 43.05 -26.11
CA VAL L 76 -18.51 41.76 -26.74
C VAL L 76 -19.84 41.73 -27.46
N ALA L 77 -20.84 42.33 -26.84
CA ALA L 77 -22.18 42.34 -27.39
C ALA L 77 -22.15 42.93 -28.80
N ALA L 78 -21.41 44.02 -28.96
CA ALA L 78 -21.38 44.72 -30.25
C ALA L 78 -20.33 44.16 -31.20
N ALA L 79 -19.25 43.62 -30.66
CA ALA L 79 -18.27 42.98 -31.50
C ALA L 79 -18.95 41.87 -32.24
N SER L 80 -19.70 41.07 -31.50
CA SER L 80 -20.36 39.88 -32.02
C SER L 80 -21.50 40.19 -32.98
N LYS L 81 -22.28 41.21 -32.67
CA LYS L 81 -23.39 41.61 -33.52
C LYS L 81 -22.92 42.22 -34.83
N ILE L 82 -21.64 42.56 -34.93
CA ILE L 82 -21.07 43.05 -36.18
C ILE L 82 -20.82 41.89 -37.10
N LEU L 83 -20.32 40.81 -36.51
CA LEU L 83 -20.00 39.58 -37.22
C LEU L 83 -21.28 38.85 -37.58
N SER L 84 -22.18 38.73 -36.60
CA SER L 84 -23.51 38.20 -36.87
C SER L 84 -24.20 38.94 -38.02
N ASN L 85 -24.11 40.26 -38.06
CA ASN L 85 -24.79 41.04 -39.11
C ASN L 85 -24.12 40.93 -40.47
N LEU L 86 -22.80 40.86 -40.47
CA LEU L 86 -22.06 40.75 -41.73
C LEU L 86 -22.35 39.41 -42.33
N VAL L 87 -22.49 38.41 -41.47
CA VAL L 87 -22.70 37.04 -41.92
C VAL L 87 -24.15 36.74 -42.34
N TYR L 88 -25.11 37.40 -41.69
CA TYR L 88 -26.52 37.25 -42.05
C TYR L 88 -26.74 37.92 -43.39
N GLN L 89 -25.82 38.80 -43.73
CA GLN L 89 -25.92 39.53 -44.97
C GLN L 89 -25.68 38.57 -46.13
N TYR L 90 -24.83 37.56 -45.91
CA TYR L 90 -24.49 36.55 -46.90
C TYR L 90 -25.26 35.25 -46.64
N LYS L 91 -26.54 35.33 -46.28
CA LYS L 91 -27.20 34.10 -45.85
C LYS L 91 -27.37 33.17 -47.04
N GLY L 92 -26.99 31.91 -46.83
CA GLY L 92 -27.13 30.89 -47.85
C GLY L 92 -26.51 31.33 -49.16
N ALA L 93 -25.30 31.86 -49.08
CA ALA L 93 -24.50 32.03 -50.27
C ALA L 93 -23.51 30.92 -50.15
N GLY L 94 -23.57 30.25 -49.00
CA GLY L 94 -22.78 29.06 -48.80
C GLY L 94 -21.71 29.30 -47.79
N LEU L 95 -21.95 30.23 -46.89
CA LEU L 95 -20.98 30.44 -45.84
C LEU L 95 -21.18 29.32 -44.83
N SER L 96 -20.09 28.92 -44.19
CA SER L 96 -20.11 27.89 -43.17
C SER L 96 -19.22 28.31 -42.00
N MET L 97 -19.85 28.70 -40.91
CA MET L 97 -19.09 28.99 -39.70
C MET L 97 -19.97 28.86 -38.48
N GLY L 98 -19.38 28.34 -37.41
CA GLY L 98 -20.04 28.16 -36.12
C GLY L 98 -19.03 28.43 -35.01
N THR L 99 -19.15 29.61 -34.41
CA THR L 99 -18.07 30.13 -33.61
C THR L 99 -18.58 30.78 -32.34
N MET L 100 -17.78 30.68 -31.27
CA MET L 100 -18.04 31.41 -30.04
C MET L 100 -17.13 32.63 -29.96
N ILE L 101 -17.74 33.80 -29.88
CA ILE L 101 -17.01 35.03 -29.67
C ILE L 101 -16.91 35.26 -28.16
N CYS L 102 -15.69 35.43 -27.65
CA CYS L 102 -15.46 35.49 -26.20
C CYS L 102 -14.74 36.76 -25.76
N GLY L 103 -15.25 37.40 -24.70
CA GLY L 103 -14.65 38.61 -24.18
C GLY L 103 -14.97 38.88 -22.73
N TYR L 104 -14.14 39.72 -22.10
CA TYR L 104 -14.31 40.10 -20.71
C TYR L 104 -14.14 41.61 -20.64
N THR L 105 -15.24 42.33 -20.41
CA THR L 105 -15.22 43.78 -20.41
C THR L 105 -15.60 44.35 -19.05
N ARG L 106 -15.21 45.59 -18.80
CA ARG L 106 -15.59 46.30 -17.59
C ARG L 106 -17.07 46.03 -17.36
N LYS L 107 -17.88 46.41 -18.35
CA LYS L 107 -19.31 46.60 -18.17
C LYS L 107 -20.16 45.33 -18.24
N GLU L 108 -19.68 44.31 -18.96
CA GLU L 108 -20.46 43.11 -19.24
C GLU L 108 -20.05 41.86 -18.43
N GLY L 109 -18.81 41.84 -17.98
CA GLY L 109 -18.27 40.67 -17.33
C GLY L 109 -17.85 39.67 -18.36
N PRO L 110 -17.53 38.45 -17.93
CA PRO L 110 -17.20 37.43 -18.93
C PRO L 110 -18.44 37.24 -19.77
N THR L 111 -18.27 37.26 -21.09
CA THR L 111 -19.41 37.17 -21.96
C THR L 111 -19.11 36.36 -23.21
N ILE L 112 -19.97 35.37 -23.47
CA ILE L 112 -19.84 34.47 -24.62
C ILE L 112 -21.07 34.54 -25.52
N TYR L 113 -20.84 34.78 -26.81
CA TYR L 113 -21.89 34.79 -27.81
C TYR L 113 -21.57 33.68 -28.81
N TYR L 114 -22.56 32.85 -29.13
CA TYR L 114 -22.42 31.86 -30.18
C TYR L 114 -23.05 32.41 -31.46
N VAL L 115 -22.27 32.42 -32.54
CA VAL L 115 -22.67 33.05 -33.80
C VAL L 115 -22.42 32.06 -34.93
N ASP L 116 -23.43 31.82 -35.77
CA ASP L 116 -23.25 30.89 -36.90
C ASP L 116 -23.74 31.36 -38.27
N SER L 117 -23.34 30.62 -39.30
CA SER L 117 -23.73 30.90 -40.67
C SER L 117 -25.17 31.30 -40.80
N ASP L 118 -26.05 30.62 -40.08
CA ASP L 118 -27.49 30.82 -40.21
C ASP L 118 -27.95 32.25 -39.89
N GLY L 119 -27.16 32.94 -39.05
CA GLY L 119 -27.49 34.29 -38.62
C GLY L 119 -27.79 34.34 -37.13
N THR L 120 -27.60 33.20 -36.49
CA THR L 120 -27.93 33.05 -35.09
C THR L 120 -26.92 33.76 -34.22
N ARG L 121 -27.41 34.35 -33.14
CA ARG L 121 -26.55 34.99 -32.15
C ARG L 121 -27.14 34.64 -30.82
N LEU L 122 -26.35 33.99 -29.98
CA LEU L 122 -26.86 33.49 -28.72
C LEU L 122 -25.92 33.73 -27.57
N LYS L 123 -26.39 34.41 -26.55
CA LYS L 123 -25.58 34.58 -25.36
C LYS L 123 -25.77 33.33 -24.51
N GLY L 124 -24.67 32.82 -23.97
CA GLY L 124 -24.74 31.65 -23.11
C GLY L 124 -23.61 31.52 -22.13
N ASP L 125 -23.60 30.42 -21.38
CA ASP L 125 -22.55 30.17 -20.40
C ASP L 125 -21.68 29.04 -20.91
N ILE L 126 -22.30 28.06 -21.54
CA ILE L 126 -21.57 26.90 -22.05
C ILE L 126 -21.97 26.57 -23.49
N PHE L 127 -20.96 26.58 -24.36
CA PHE L 127 -21.10 26.22 -25.76
C PHE L 127 -19.98 25.30 -26.25
N CYS L 128 -20.35 24.14 -26.80
CA CYS L 128 -19.42 23.32 -27.56
C CYS L 128 -19.95 23.16 -28.96
N VAL L 129 -19.03 23.09 -29.92
CA VAL L 129 -19.41 23.11 -31.31
C VAL L 129 -18.44 22.30 -32.14
N GLY L 130 -18.96 21.56 -33.10
CA GLY L 130 -18.18 20.67 -33.93
C GLY L 130 -18.66 19.23 -33.89
N SER L 131 -17.99 18.35 -34.62
CA SER L 131 -18.33 16.94 -34.62
C SER L 131 -18.36 16.30 -33.24
N GLY L 132 -17.36 16.62 -32.43
CA GLY L 132 -17.27 16.06 -31.09
C GLY L 132 -17.93 16.91 -30.04
N GLN L 133 -18.92 17.68 -30.46
CA GLN L 133 -19.54 18.62 -29.55
C GLN L 133 -20.27 17.89 -28.45
N THR L 134 -20.90 16.78 -28.79
CA THR L 134 -21.73 16.06 -27.84
C THR L 134 -20.89 15.46 -26.72
N PHE L 135 -19.65 15.12 -27.03
CA PHE L 135 -18.76 14.49 -26.07
C PHE L 135 -18.28 15.48 -25.04
N ALA L 136 -17.90 16.65 -25.52
CA ALA L 136 -17.52 17.74 -24.66
C ALA L 136 -18.66 18.09 -23.71
N TYR L 137 -19.85 18.30 -24.26
CA TYR L 137 -21.00 18.63 -23.44
C TYR L 137 -21.17 17.63 -22.28
N GLY L 138 -20.88 16.37 -22.55
CA GLY L 138 -21.03 15.35 -21.55
C GLY L 138 -20.13 15.58 -20.36
N VAL L 139 -18.87 15.86 -20.65
CA VAL L 139 -17.88 16.07 -19.60
C VAL L 139 -18.10 17.39 -18.88
N LEU L 140 -18.40 18.43 -19.64
CA LEU L 140 -18.68 19.76 -19.10
C LEU L 140 -19.91 19.75 -18.20
N ASP L 141 -21.00 19.19 -18.72
CA ASP L 141 -22.25 19.16 -17.97
C ASP L 141 -22.10 18.49 -16.58
N SER L 142 -21.36 17.39 -16.49
CA SER L 142 -21.29 16.67 -15.22
C SER L 142 -20.33 17.28 -14.20
N ASN L 143 -19.22 17.84 -14.69
CA ASN L 143 -18.19 18.42 -13.81
C ASN L 143 -18.03 19.94 -13.94
N TYR L 144 -19.11 20.72 -13.84
CA TYR L 144 -19.01 22.19 -13.96
C TYR L 144 -19.64 22.96 -12.82
N LYS L 145 -18.81 23.47 -11.92
CA LYS L 145 -19.24 24.42 -10.91
C LYS L 145 -18.94 25.81 -11.51
N TRP L 146 -19.60 26.84 -11.01
CA TRP L 146 -19.27 28.20 -11.43
C TRP L 146 -17.97 28.69 -10.79
N ASP L 147 -17.85 28.54 -9.47
CA ASP L 147 -16.64 28.97 -8.77
C ASP L 147 -15.57 27.90 -8.86
N LEU L 148 -15.01 27.73 -10.05
CA LEU L 148 -13.97 26.74 -10.28
C LEU L 148 -12.61 27.39 -10.22
N SER L 149 -11.67 26.83 -9.45
CA SER L 149 -10.32 27.38 -9.43
C SER L 149 -9.86 27.57 -10.88
N VAL L 150 -9.32 28.74 -11.17
CA VAL L 150 -8.89 29.04 -12.52
C VAL L 150 -8.02 27.92 -13.06
N GLU L 151 -7.46 27.12 -12.15
CA GLU L 151 -6.55 26.07 -12.56
C GLU L 151 -7.30 24.78 -12.78
N ASP L 152 -8.33 24.54 -11.97
CA ASP L 152 -9.22 23.39 -12.14
C ASP L 152 -10.09 23.55 -13.40
N ALA L 153 -10.55 24.78 -13.66
CA ALA L 153 -11.43 25.05 -14.79
C ALA L 153 -10.66 25.11 -16.09
N LEU L 154 -9.35 25.27 -15.99
CA LEU L 154 -8.54 25.20 -17.18
C LEU L 154 -8.28 23.75 -17.50
N TYR L 155 -8.22 22.92 -16.46
CA TYR L 155 -8.09 21.48 -16.67
C TYR L 155 -9.37 20.91 -17.26
N LEU L 156 -10.52 21.44 -16.87
CA LEU L 156 -11.78 20.96 -17.41
C LEU L 156 -11.88 21.09 -18.93
N GLY L 157 -11.40 22.22 -19.45
CA GLY L 157 -11.36 22.41 -20.89
C GLY L 157 -10.40 21.44 -21.56
N LYS L 158 -9.19 21.33 -21.00
CA LYS L 158 -8.17 20.37 -21.44
C LYS L 158 -8.79 19.00 -21.68
N ARG L 159 -9.76 18.61 -20.83
CA ARG L 159 -10.30 17.23 -20.77
C ARG L 159 -11.62 17.02 -21.50
N SER L 160 -12.47 18.03 -21.53
CA SER L 160 -13.68 17.92 -22.31
C SER L 160 -13.30 17.81 -23.77
N ILE L 161 -12.14 18.35 -24.11
CA ILE L 161 -11.61 18.18 -25.45
C ILE L 161 -11.05 16.77 -25.62
N LEU L 162 -10.42 16.25 -24.58
CA LEU L 162 -9.89 14.89 -24.67
C LEU L 162 -11.02 13.88 -24.93
N ALA L 163 -12.06 13.90 -24.08
CA ALA L 163 -13.16 12.97 -24.25
C ALA L 163 -13.50 12.84 -25.71
N ALA L 164 -13.64 13.99 -26.37
CA ALA L 164 -14.04 14.10 -27.77
C ALA L 164 -13.02 13.61 -28.80
N ALA L 165 -11.76 13.98 -28.63
CA ALA L 165 -10.69 13.58 -29.57
C ALA L 165 -10.61 12.07 -29.70
N HIS L 166 -10.78 11.43 -28.54
CA HIS L 166 -10.79 9.96 -28.41
C HIS L 166 -11.81 9.30 -29.32
N ARG L 167 -13.09 9.49 -29.00
CA ARG L 167 -14.20 8.94 -29.77
C ARG L 167 -14.22 9.41 -31.23
N ASP L 168 -14.57 10.67 -31.41
CA ASP L 168 -14.57 11.29 -32.74
C ASP L 168 -13.28 11.07 -33.54
N ALA L 169 -13.47 10.65 -34.78
CA ALA L 169 -12.33 10.39 -35.65
C ALA L 169 -11.90 11.72 -36.16
N TYR L 170 -12.87 12.62 -36.26
CA TYR L 170 -12.69 13.88 -36.94
C TYR L 170 -12.18 14.99 -36.02
N SER L 171 -12.08 14.67 -34.72
CA SER L 171 -11.39 15.51 -33.75
C SER L 171 -10.18 14.77 -33.21
N GLY L 172 -9.18 15.52 -32.76
CA GLY L 172 -7.96 14.93 -32.25
C GLY L 172 -6.78 15.84 -32.52
N GLY L 173 -5.57 15.32 -32.38
CA GLY L 173 -4.38 16.08 -32.70
C GLY L 173 -3.65 16.64 -31.51
N SER L 174 -4.01 17.87 -31.13
CA SER L 174 -3.47 18.52 -29.94
C SER L 174 -4.48 19.51 -29.38
N VAL L 175 -4.34 19.89 -28.13
CA VAL L 175 -5.28 20.83 -27.53
C VAL L 175 -4.65 22.19 -27.29
N ASN L 176 -5.32 23.24 -27.76
CA ASN L 176 -4.94 24.61 -27.45
C ASN L 176 -5.82 25.14 -26.34
N LEU L 177 -5.21 25.84 -25.39
CA LEU L 177 -5.93 26.38 -24.24
C LEU L 177 -5.78 27.87 -24.15
N TYR L 178 -6.85 28.54 -23.78
CA TYR L 178 -6.81 29.98 -23.60
C TYR L 178 -7.58 30.32 -22.34
N HIS L 179 -7.13 31.35 -21.64
CA HIS L 179 -7.80 31.88 -20.46
C HIS L 179 -8.10 33.34 -20.74
N VAL L 180 -9.32 33.77 -20.47
CA VAL L 180 -9.69 35.15 -20.74
C VAL L 180 -9.99 35.90 -19.44
N THR L 181 -9.17 36.90 -19.11
CA THR L 181 -9.40 37.74 -17.94
C THR L 181 -9.82 39.10 -18.41
N GLU L 182 -10.13 39.99 -17.47
CA GLU L 182 -10.60 41.33 -17.83
C GLU L 182 -9.45 42.06 -18.51
N ASP L 183 -8.23 41.71 -18.10
CA ASP L 183 -7.03 42.35 -18.61
C ASP L 183 -6.61 41.81 -19.99
N GLY L 184 -7.31 40.81 -20.51
CA GLY L 184 -7.00 40.24 -21.82
C GLY L 184 -6.93 38.73 -21.76
N TRP L 185 -6.48 38.09 -22.84
CA TRP L 185 -6.34 36.62 -22.84
C TRP L 185 -4.90 36.19 -22.62
N ILE L 186 -4.76 34.96 -22.13
CA ILE L 186 -3.45 34.36 -21.88
C ILE L 186 -3.41 32.96 -22.44
N TYR L 187 -2.53 32.71 -23.41
CA TYR L 187 -2.36 31.38 -23.97
C TYR L 187 -2.01 30.43 -22.83
N HIS L 188 -2.47 29.19 -22.92
CA HIS L 188 -2.08 28.17 -21.96
C HIS L 188 -1.55 26.90 -22.63
N GLY L 189 -0.89 27.07 -23.77
CA GLY L 189 -0.05 26.04 -24.33
C GLY L 189 -0.73 25.20 -25.38
N ASN L 190 0.03 24.28 -25.93
CA ASN L 190 -0.50 23.30 -26.88
C ASN L 190 -0.07 21.95 -26.42
N HIS L 191 -1.00 21.19 -25.84
CA HIS L 191 -0.69 19.87 -25.28
C HIS L 191 -1.14 18.76 -26.21
N ASP L 192 -0.18 18.03 -26.79
CA ASP L 192 -0.43 16.97 -27.79
C ASP L 192 -1.31 15.86 -27.22
N VAL L 193 -2.38 15.52 -27.94
CA VAL L 193 -3.37 14.55 -27.45
C VAL L 193 -2.80 13.15 -27.32
N GLY L 194 -1.86 12.82 -28.20
CA GLY L 194 -1.14 11.56 -28.07
C GLY L 194 -0.70 11.34 -26.64
N GLU L 195 0.32 12.08 -26.24
CA GLU L 195 0.90 11.98 -24.91
C GLU L 195 -0.08 12.28 -23.77
N LEU L 196 -1.04 13.18 -24.00
CA LEU L 196 -1.97 13.60 -22.96
C LEU L 196 -2.94 12.51 -22.56
N PHE L 197 -3.32 11.68 -23.53
CA PHE L 197 -4.24 10.60 -23.23
C PHE L 197 -3.67 9.72 -22.12
N TRP L 198 -2.47 9.22 -22.36
CA TRP L 198 -1.82 8.32 -21.41
C TRP L 198 -1.66 8.97 -20.03
N LYS L 199 -1.12 10.19 -19.98
CA LYS L 199 -1.00 10.95 -18.72
C LYS L 199 -2.34 10.94 -17.93
N VAL L 200 -3.48 11.10 -18.61
CA VAL L 200 -4.80 11.15 -17.96
C VAL L 200 -5.33 9.78 -17.55
N LYS L 201 -5.02 8.74 -18.33
CA LYS L 201 -5.46 7.40 -17.95
C LYS L 201 -4.84 6.99 -16.63
N GLU L 202 -3.58 7.37 -16.41
CA GLU L 202 -2.91 7.02 -15.16
C GLU L 202 -3.41 7.83 -13.96
N GLU L 203 -3.37 9.15 -14.07
CA GLU L 203 -3.74 10.03 -12.95
C GLU L 203 -5.22 9.98 -12.57
N GLU L 204 -6.07 9.68 -13.54
CA GLU L 204 -7.51 9.72 -13.30
C GLU L 204 -8.07 8.33 -13.02
N GLY L 205 -7.38 7.30 -13.51
CA GLY L 205 -7.82 5.92 -13.37
C GLY L 205 -8.90 5.61 -14.39
N SER L 206 -9.10 6.56 -15.30
CA SER L 206 -10.18 6.51 -16.26
C SER L 206 -9.77 5.86 -17.58
N PHE L 207 -10.67 5.92 -18.56
CA PHE L 207 -10.45 5.26 -19.83
C PHE L 207 -10.10 3.79 -19.55
N ASN L 208 -10.93 3.14 -18.76
CA ASN L 208 -10.50 1.87 -18.20
C ASN L 208 -10.54 0.75 -19.20
N ASN L 209 -11.29 0.93 -20.28
CA ASN L 209 -11.39 -0.10 -21.31
C ASN L 209 -10.42 0.15 -22.46
N VAL L 210 -9.31 0.81 -22.16
CA VAL L 210 -8.30 1.02 -23.19
C VAL L 210 -6.99 0.37 -22.80
N ILE L 211 -6.82 -0.87 -23.24
CA ILE L 211 -5.68 -1.68 -22.86
C ILE L 211 -4.35 -0.97 -23.18
N GLY L 212 -3.66 -0.57 -22.11
CA GLY L 212 -2.37 0.10 -22.22
C GLY L 212 -1.60 0.05 -20.89
N GLN M 1 -23.32 19.78 -69.85
CA GLN M 1 -23.11 21.14 -69.39
C GLN M 1 -21.63 21.50 -69.41
N PHE M 2 -21.32 22.79 -69.28
CA PHE M 2 -19.95 23.23 -69.27
C PHE M 2 -19.40 23.17 -67.85
N ASN M 3 -18.33 22.39 -67.65
CA ASN M 3 -17.52 22.39 -66.42
C ASN M 3 -16.25 23.15 -66.70
N PRO M 4 -16.05 24.24 -65.94
CA PRO M 4 -14.96 25.23 -65.95
C PRO M 4 -13.85 24.79 -65.05
N TYR M 5 -13.66 23.50 -64.89
CA TYR M 5 -12.64 23.03 -63.99
C TYR M 5 -12.01 21.74 -64.48
N GLY M 6 -10.82 21.46 -63.95
CA GLY M 6 -10.03 20.33 -64.39
C GLY M 6 -9.12 19.82 -63.30
N ASP M 7 -8.32 18.82 -63.63
CA ASP M 7 -7.27 18.37 -62.75
C ASP M 7 -6.10 18.12 -63.66
N ASN M 8 -4.91 18.42 -63.15
CA ASN M 8 -3.67 18.29 -63.89
C ASN M 8 -2.68 17.61 -62.95
N GLY M 9 -3.22 17.23 -61.79
CA GLY M 9 -2.50 16.45 -60.81
C GLY M 9 -1.21 17.06 -60.31
N GLY M 10 -0.12 16.34 -60.48
CA GLY M 10 1.11 16.78 -59.86
C GLY M 10 0.97 16.78 -58.36
N THR M 11 2.05 17.08 -57.67
CA THR M 11 2.10 16.91 -56.23
C THR M 11 3.21 17.76 -55.66
N ILE M 12 2.89 18.60 -54.69
CA ILE M 12 3.88 19.51 -54.12
C ILE M 12 4.07 19.27 -52.62
N LEU M 13 5.23 19.67 -52.14
CA LEU M 13 5.67 19.44 -50.76
C LEU M 13 6.55 20.59 -50.33
N GLY M 14 6.27 21.16 -49.16
CA GLY M 14 7.01 22.31 -48.68
C GLY M 14 7.53 22.01 -47.28
N ILE M 15 8.80 22.28 -47.04
CA ILE M 15 9.42 21.96 -45.75
C ILE M 15 10.20 23.13 -45.19
N ALA M 16 9.91 23.48 -43.94
CA ALA M 16 10.55 24.63 -43.30
C ALA M 16 11.76 24.18 -42.51
N GLY M 17 12.91 24.71 -42.89
CA GLY M 17 14.14 24.41 -42.18
C GLY M 17 14.37 25.38 -41.05
N GLU M 18 15.56 25.32 -40.47
CA GLU M 18 15.98 26.22 -39.41
C GLU M 18 16.55 27.54 -39.96
N ASP M 19 17.46 27.44 -40.93
CA ASP M 19 17.99 28.61 -41.64
C ASP M 19 17.66 28.60 -43.14
N PHE M 20 16.65 27.80 -43.52
CA PHE M 20 16.33 27.56 -44.92
C PHE M 20 14.91 27.04 -45.12
N ALA M 21 14.49 26.92 -46.39
CA ALA M 21 13.22 26.28 -46.72
C ALA M 21 13.25 25.76 -48.13
N VAL M 22 12.64 24.59 -48.34
CA VAL M 22 12.55 24.01 -49.68
C VAL M 22 11.08 23.88 -50.06
N LEU M 23 10.82 23.98 -51.36
CA LEU M 23 9.45 23.89 -51.87
C LEU M 23 9.54 23.14 -53.17
N ALA M 24 9.10 21.88 -53.16
CA ALA M 24 9.30 20.95 -54.27
C ALA M 24 8.01 20.56 -54.95
N GLY M 25 8.09 20.35 -56.25
CA GLY M 25 6.97 19.80 -56.99
C GLY M 25 7.42 18.94 -58.15
N ASP M 26 6.56 18.05 -58.59
CA ASP M 26 6.87 17.24 -59.76
C ASP M 26 6.68 18.08 -61.02
N THR M 27 7.19 17.57 -62.14
CA THR M 27 7.12 18.26 -63.41
C THR M 27 6.04 17.74 -64.38
N ARG M 28 5.25 16.78 -63.95
CA ARG M 28 4.29 16.12 -64.83
C ARG M 28 2.97 16.89 -64.83
N ASN M 29 2.43 17.14 -66.01
CA ASN M 29 1.18 17.85 -66.14
C ASN M 29 0.25 17.03 -67.00
N ILE M 30 -0.85 16.59 -66.41
CA ILE M 30 -1.74 15.65 -67.09
C ILE M 30 -3.20 16.11 -67.19
N THR M 31 -3.91 15.42 -68.06
CA THR M 31 -5.34 15.56 -68.20
C THR M 31 -5.90 14.13 -68.24
N ASP M 32 -6.58 13.73 -67.17
CA ASP M 32 -7.21 12.40 -67.10
C ASP M 32 -6.21 11.25 -67.10
N TYR M 33 -6.01 10.69 -68.27
CA TYR M 33 -5.19 9.49 -68.46
C TYR M 33 -4.09 9.70 -69.45
N SER M 34 -4.07 10.86 -70.11
CA SER M 34 -3.01 11.16 -71.06
C SER M 34 -1.97 12.03 -70.40
N ILE M 35 -0.79 12.15 -71.01
CA ILE M 35 0.20 13.12 -70.52
C ILE M 35 0.28 14.38 -71.39
N ASN M 36 0.33 15.53 -70.75
CA ASN M 36 0.37 16.82 -71.43
C ASN M 36 1.81 17.31 -71.62
N SER M 37 2.53 17.47 -70.51
CA SER M 37 3.97 17.63 -70.60
C SER M 37 4.72 16.89 -69.52
N ARG M 38 5.98 16.58 -69.82
CA ARG M 38 6.84 15.95 -68.85
C ARG M 38 7.61 17.04 -68.13
N TYR M 39 7.77 18.18 -68.82
CA TYR M 39 8.37 19.37 -68.20
C TYR M 39 7.52 20.60 -68.37
N GLU M 40 6.87 20.99 -67.29
CA GLU M 40 6.09 22.20 -67.20
C GLU M 40 6.05 22.45 -65.71
N PRO M 41 6.84 23.41 -65.25
CA PRO M 41 7.14 23.58 -63.83
C PRO M 41 6.00 24.15 -63.04
N LYS M 42 6.06 23.89 -61.74
CA LYS M 42 4.91 23.94 -60.86
C LYS M 42 5.29 24.92 -59.77
N VAL M 43 6.59 25.00 -59.50
CA VAL M 43 7.17 25.80 -58.43
C VAL M 43 7.91 27.00 -58.98
N PHE M 44 7.52 28.19 -58.52
CA PHE M 44 7.99 29.45 -59.09
C PHE M 44 8.74 30.40 -58.13
N ASP M 45 9.79 31.04 -58.64
CA ASP M 45 10.48 32.13 -57.92
C ASP M 45 9.67 33.42 -58.11
N CYS M 46 9.26 34.07 -57.01
CA CYS M 46 8.43 35.27 -57.10
C CYS M 46 9.14 36.55 -56.73
N GLY M 47 10.44 36.44 -56.44
CA GLY M 47 11.24 37.56 -55.97
C GLY M 47 11.14 37.74 -54.47
N ASP M 48 11.82 38.74 -53.93
CA ASP M 48 11.83 38.96 -52.49
C ASP M 48 11.90 37.66 -51.69
N ASN M 49 12.67 36.70 -52.21
CA ASN M 49 12.90 35.40 -51.57
C ASN M 49 11.64 34.70 -51.12
N ILE M 50 10.71 34.56 -52.07
CA ILE M 50 9.45 33.86 -51.87
C ILE M 50 9.21 32.96 -53.07
N VAL M 51 9.08 31.67 -52.79
CA VAL M 51 8.76 30.69 -53.84
C VAL M 51 7.36 30.20 -53.55
N MET M 52 6.55 30.02 -54.60
CA MET M 52 5.20 29.51 -54.39
C MET M 52 4.73 28.50 -55.44
N SER M 53 3.66 27.77 -55.13
CA SER M 53 3.12 26.73 -55.99
C SER M 53 1.63 26.57 -55.80
N ALA M 54 0.89 26.71 -56.90
CA ALA M 54 -0.56 26.66 -56.81
C ALA M 54 -0.95 25.45 -57.59
N ASN M 55 -1.24 24.37 -56.86
CA ASN M 55 -1.37 23.07 -57.49
C ASN M 55 -2.77 22.50 -57.47
N GLY M 56 -3.10 21.76 -58.53
CA GLY M 56 -4.45 21.26 -58.73
C GLY M 56 -4.82 21.50 -60.16
N PHE M 57 -5.64 22.53 -60.38
CA PHE M 57 -6.02 22.97 -61.72
C PHE M 57 -5.08 24.06 -62.28
N ALA M 58 -4.25 23.69 -63.26
CA ALA M 58 -3.21 24.57 -63.82
C ALA M 58 -3.66 25.98 -64.16
N ALA M 59 -4.64 26.12 -65.04
CA ALA M 59 -5.15 27.44 -65.40
C ALA M 59 -5.45 28.32 -64.19
N ASP M 60 -6.04 27.76 -63.15
CA ASP M 60 -6.35 28.53 -61.95
C ASP M 60 -5.09 28.82 -61.13
N GLY M 61 -4.17 27.87 -61.05
CA GLY M 61 -2.94 28.11 -60.32
C GLY M 61 -1.98 29.03 -61.06
N ASP M 62 -1.81 28.79 -62.36
CA ASP M 62 -1.05 29.68 -63.23
C ASP M 62 -1.53 31.12 -63.06
N ALA M 63 -2.86 31.30 -63.04
CA ALA M 63 -3.46 32.62 -62.98
C ALA M 63 -3.27 33.27 -61.63
N LEU M 64 -3.24 32.48 -60.56
CA LEU M 64 -3.04 32.99 -59.21
C LEU M 64 -1.59 33.37 -58.99
N VAL M 65 -0.68 32.58 -59.52
CA VAL M 65 0.74 32.94 -59.49
C VAL M 65 0.95 34.28 -60.17
N LYS M 66 0.47 34.43 -61.40
CA LYS M 66 0.54 35.68 -62.14
C LYS M 66 0.05 36.83 -61.28
N ARG M 67 -1.10 36.64 -60.64
CA ARG M 67 -1.76 37.72 -59.90
C ARG M 67 -1.01 38.14 -58.64
N PHE M 68 -0.28 37.21 -58.04
CA PHE M 68 0.52 37.51 -56.86
C PHE M 68 1.87 38.12 -57.26
N LYS M 69 2.56 37.49 -58.21
CA LYS M 69 3.80 38.03 -58.76
C LYS M 69 3.62 39.50 -59.07
N ASN M 70 2.39 39.86 -59.42
CA ASN M 70 2.00 41.23 -59.73
C ASN M 70 1.70 42.02 -58.47
N SER M 71 1.19 41.35 -57.43
CA SER M 71 0.92 42.03 -56.16
C SER M 71 2.22 42.50 -55.54
N VAL M 72 3.31 41.81 -55.87
CA VAL M 72 4.66 42.18 -55.45
C VAL M 72 5.16 43.42 -56.21
N LYS M 73 5.08 43.40 -57.53
CA LYS M 73 5.51 44.53 -58.34
C LYS M 73 4.95 45.84 -57.79
N TRP M 74 3.71 45.78 -57.28
CA TRP M 74 2.96 46.96 -56.83
C TRP M 74 3.15 47.27 -55.34
N TYR M 75 3.53 46.29 -54.55
CA TYR M 75 3.87 46.61 -53.18
C TYR M 75 5.22 47.28 -53.19
N HIS M 76 6.02 47.02 -54.23
CA HIS M 76 7.23 47.78 -54.50
C HIS M 76 6.92 49.25 -54.83
N PHE M 77 6.32 49.47 -55.98
CA PHE M 77 6.03 50.83 -56.44
C PHE M 77 5.31 51.63 -55.33
N ASP M 78 4.41 50.95 -54.60
CA ASP M 78 3.55 51.60 -53.59
C ASP M 78 4.22 51.89 -52.23
N HIS M 79 5.26 51.13 -51.88
CA HIS M 79 5.93 51.30 -50.58
C HIS M 79 7.45 51.39 -50.70
N ASN M 80 7.93 52.11 -51.70
CA ASN M 80 9.36 52.34 -51.91
C ASN M 80 10.24 51.07 -51.85
N ASP M 81 10.11 50.23 -52.87
CA ASP M 81 10.85 48.96 -53.02
C ASP M 81 11.04 48.07 -51.75
N LYS M 82 10.16 48.21 -50.76
CA LYS M 82 10.20 47.39 -49.53
C LYS M 82 10.10 45.87 -49.77
N LYS M 83 10.77 45.08 -48.92
CA LYS M 83 10.70 43.61 -49.04
C LYS M 83 9.41 43.07 -48.44
N LEU M 84 8.77 42.17 -49.17
CA LEU M 84 7.51 41.61 -48.71
C LEU M 84 7.73 40.52 -47.66
N SER M 85 7.41 40.85 -46.41
CA SER M 85 7.51 39.91 -45.30
C SER M 85 6.87 38.58 -45.74
N ILE M 86 7.51 37.45 -45.51
CA ILE M 86 6.85 36.18 -45.85
C ILE M 86 5.45 36.14 -45.28
N ASN M 87 5.33 36.49 -44.01
CA ASN M 87 4.06 36.48 -43.31
C ASN M 87 3.01 37.42 -43.90
N SER M 88 3.47 38.44 -44.63
CA SER M 88 2.57 39.44 -45.23
C SER M 88 2.08 39.00 -46.59
N ALA M 89 2.92 38.28 -47.32
CA ALA M 89 2.49 37.72 -48.59
C ALA M 89 1.42 36.66 -48.35
N ALA M 90 1.61 35.86 -47.31
CA ALA M 90 0.60 34.87 -46.94
C ALA M 90 -0.76 35.54 -46.77
N ARG M 91 -0.81 36.59 -45.95
CA ARG M 91 -2.07 37.30 -45.76
C ARG M 91 -2.60 37.93 -47.03
N ASN M 92 -1.73 38.40 -47.91
CA ASN M 92 -2.22 39.01 -49.15
C ASN M 92 -2.82 37.94 -50.04
N ILE M 93 -2.27 36.74 -49.98
CA ILE M 93 -2.79 35.59 -50.71
C ILE M 93 -4.14 35.14 -50.18
N GLN M 94 -4.31 35.14 -48.85
CA GLN M 94 -5.64 34.91 -48.29
C GLN M 94 -6.66 35.85 -48.94
N HIS M 95 -6.35 37.14 -49.02
CA HIS M 95 -7.28 38.11 -49.61
C HIS M 95 -7.44 37.93 -51.11
N LEU M 96 -6.42 37.39 -51.74
CA LEU M 96 -6.46 37.10 -53.16
C LEU M 96 -7.44 36.00 -53.41
N LEU M 97 -7.30 34.91 -52.64
CA LEU M 97 -8.05 33.68 -52.82
C LEU M 97 -9.50 33.90 -52.41
N TYR M 98 -9.69 34.56 -51.29
CA TYR M 98 -11.02 34.77 -50.76
C TYR M 98 -11.76 35.80 -51.59
N GLY M 99 -11.03 36.54 -52.42
CA GLY M 99 -11.66 37.47 -53.35
C GLY M 99 -12.61 36.70 -54.24
N LYS M 100 -12.14 35.54 -54.72
CA LYS M 100 -12.88 34.63 -55.57
C LYS M 100 -13.51 33.51 -54.72
N ARG M 101 -14.02 33.86 -53.54
CA ARG M 101 -14.55 32.90 -52.57
C ARG M 101 -15.67 32.08 -53.12
N PHE M 102 -16.46 32.68 -53.98
CA PHE M 102 -17.64 31.99 -54.47
C PHE M 102 -17.42 31.54 -55.89
N PHE M 103 -16.17 31.22 -56.23
CA PHE M 103 -15.74 30.76 -57.56
C PHE M 103 -14.22 30.67 -57.51
N PRO M 104 -13.73 29.86 -56.56
CA PRO M 104 -12.37 29.88 -56.03
C PRO M 104 -11.37 29.43 -57.06
N TYR M 105 -10.14 29.75 -56.76
CA TYR M 105 -9.05 29.19 -57.50
C TYR M 105 -8.94 27.76 -56.98
N TYR M 106 -9.26 26.77 -57.81
CA TYR M 106 -9.23 25.37 -57.33
C TYR M 106 -7.78 24.89 -57.19
N VAL M 107 -7.11 25.38 -56.16
CA VAL M 107 -5.71 25.02 -55.92
C VAL M 107 -5.39 24.86 -54.43
N HIS M 108 -4.68 23.80 -54.08
CA HIS M 108 -4.02 23.77 -52.79
C HIS M 108 -2.70 24.44 -53.06
N THR M 109 -2.42 25.47 -52.29
CA THR M 109 -1.34 26.36 -52.64
C THR M 109 -0.39 26.58 -51.47
N ILE M 110 0.91 26.47 -51.75
CA ILE M 110 1.95 26.54 -50.74
C ILE M 110 3.05 27.53 -51.12
N ILE M 111 3.50 28.36 -50.17
CA ILE M 111 4.64 29.25 -50.39
C ILE M 111 5.71 28.95 -49.35
N ALA M 112 6.97 29.26 -49.68
CA ALA M 112 8.09 29.11 -48.74
C ALA M 112 9.17 30.17 -48.89
N GLY M 113 9.79 30.52 -47.78
CA GLY M 113 10.86 31.50 -47.76
C GLY M 113 11.41 31.64 -46.36
N LEU M 114 11.74 32.88 -45.97
CA LEU M 114 12.27 33.13 -44.64
C LEU M 114 11.45 34.17 -43.88
N ASP M 115 11.12 33.87 -42.63
CA ASP M 115 10.42 34.85 -41.78
C ASP M 115 11.34 35.99 -41.35
N GLU M 116 10.75 37.07 -40.85
CA GLU M 116 11.54 38.25 -40.54
C GLU M 116 12.72 37.95 -39.59
N ASP M 117 12.72 36.76 -38.98
CA ASP M 117 13.77 36.39 -38.03
C ASP M 117 14.89 35.59 -38.64
N GLY M 118 14.76 35.25 -39.92
CA GLY M 118 15.79 34.49 -40.62
C GLY M 118 15.58 32.99 -40.66
N LYS M 119 14.70 32.51 -39.79
CA LYS M 119 14.27 31.12 -39.70
C LYS M 119 13.41 30.76 -40.91
N GLY M 120 13.35 29.48 -41.26
CA GLY M 120 12.59 29.04 -42.41
C GLY M 120 11.10 29.03 -42.17
N ALA M 121 10.32 29.30 -43.21
CA ALA M 121 8.86 29.28 -43.09
C ALA M 121 8.18 28.67 -44.28
N VAL M 122 7.06 28.01 -44.02
CA VAL M 122 6.18 27.51 -45.05
C VAL M 122 4.73 27.74 -44.67
N TYR M 123 3.93 28.19 -45.64
CA TYR M 123 2.51 28.47 -45.44
C TYR M 123 1.69 27.62 -46.40
N SER M 124 0.56 27.07 -45.95
CA SER M 124 -0.37 26.33 -46.82
C SER M 124 -1.72 27.03 -46.94
N PHE M 125 -2.41 26.80 -48.05
CA PHE M 125 -3.69 27.46 -48.28
C PHE M 125 -4.81 26.53 -48.73
N ASP M 126 -6.04 26.88 -48.35
CA ASP M 126 -7.23 26.35 -48.97
C ASP M 126 -7.26 26.92 -50.37
N PRO M 127 -8.32 26.60 -51.11
CA PRO M 127 -8.72 27.29 -52.34
C PRO M 127 -9.55 28.53 -52.00
N VAL M 128 -9.95 28.63 -50.74
CA VAL M 128 -10.66 29.82 -50.30
C VAL M 128 -9.90 30.65 -49.29
N GLY M 129 -8.70 30.22 -48.94
CA GLY M 129 -7.79 31.13 -48.27
C GLY M 129 -7.61 30.97 -46.78
N SER M 130 -8.05 29.84 -46.22
CA SER M 130 -7.60 29.48 -44.88
C SER M 130 -6.09 29.31 -44.97
N TYR M 131 -5.32 29.98 -44.12
CA TYR M 131 -3.88 29.78 -44.13
C TYR M 131 -3.37 29.48 -42.73
N GLU M 132 -2.41 28.57 -42.63
CA GLU M 132 -1.69 28.36 -41.37
C GLU M 132 -0.25 28.16 -41.73
N ARG M 133 0.63 28.40 -40.76
CA ARG M 133 2.04 28.25 -41.03
C ARG M 133 2.40 26.83 -40.62
N GLU M 134 3.20 26.16 -41.45
CA GLU M 134 3.43 24.74 -41.32
C GLU M 134 4.91 24.42 -41.29
N GLN M 135 5.24 23.29 -40.66
CA GLN M 135 6.59 22.75 -40.59
C GLN M 135 6.91 22.01 -41.87
N CYS M 136 5.98 21.15 -42.28
CA CYS M 136 5.99 20.52 -43.61
C CYS M 136 4.61 19.97 -43.98
N ARG M 137 4.11 20.43 -45.12
CA ARG M 137 2.83 19.99 -45.64
C ARG M 137 3.01 19.60 -47.09
N ALA M 138 2.29 18.56 -47.49
CA ALA M 138 2.23 18.20 -48.89
C ALA M 138 0.83 18.50 -49.36
N GLY M 139 0.72 18.80 -50.64
CA GLY M 139 -0.55 19.13 -51.24
C GLY M 139 -0.55 18.39 -52.55
N GLY M 140 -1.73 18.19 -53.13
CA GLY M 140 -1.82 17.47 -54.37
C GLY M 140 -2.32 16.05 -54.19
N ALA M 141 -2.24 15.26 -55.26
CA ALA M 141 -2.83 13.93 -55.31
C ALA M 141 -2.13 12.96 -54.38
N ALA M 142 -0.80 12.92 -54.49
CA ALA M 142 0.02 12.01 -53.71
C ALA M 142 0.34 12.55 -52.32
N ALA M 143 -0.44 13.53 -51.86
CA ALA M 143 -0.24 14.10 -50.54
C ALA M 143 -0.24 12.99 -49.49
N SER M 144 -1.15 12.01 -49.66
CA SER M 144 -1.35 10.93 -48.68
C SER M 144 -0.22 9.88 -48.62
N LEU M 145 0.59 9.76 -49.67
CA LEU M 145 1.71 8.83 -49.71
C LEU M 145 3.00 9.42 -49.16
N ILE M 146 3.02 10.74 -49.01
CA ILE M 146 4.19 11.44 -48.50
C ILE M 146 4.12 11.76 -47.00
N MET M 147 3.07 12.45 -46.58
CA MET M 147 2.97 12.89 -45.19
C MET M 147 3.23 11.81 -44.13
N PRO M 148 2.63 10.62 -44.26
CA PRO M 148 2.88 9.65 -43.21
C PRO M 148 4.38 9.42 -43.07
N PHE M 149 5.03 9.19 -44.20
CA PHE M 149 6.48 8.96 -44.24
C PHE M 149 7.27 10.12 -43.67
N LEU M 150 6.88 11.34 -44.00
CA LEU M 150 7.56 12.53 -43.48
C LEU M 150 7.39 12.64 -41.96
N ASP M 151 6.15 12.49 -41.49
CA ASP M 151 5.86 12.44 -40.05
C ASP M 151 6.82 11.52 -39.33
N ASN M 152 7.25 10.47 -40.02
CA ASN M 152 8.04 9.45 -39.37
C ASN M 152 9.52 9.76 -39.43
N GLN M 153 9.98 10.13 -40.62
CA GLN M 153 11.41 10.37 -40.82
C GLN M 153 11.88 11.82 -40.66
N VAL M 154 10.95 12.76 -40.46
CA VAL M 154 11.30 14.17 -40.21
C VAL M 154 10.97 14.67 -38.79
N ASN M 155 9.78 14.31 -38.31
CA ASN M 155 9.34 14.64 -36.94
C ASN M 155 9.50 13.46 -35.99
N PHE M 156 10.15 12.39 -36.47
CA PHE M 156 10.38 11.14 -35.73
C PHE M 156 9.18 10.71 -34.88
N LYS M 157 8.03 10.54 -35.53
CA LYS M 157 6.81 10.12 -34.86
C LYS M 157 6.81 8.62 -34.60
N ASN M 158 6.08 8.17 -33.58
CA ASN M 158 5.97 6.74 -33.27
C ASN M 158 7.34 6.07 -33.12
N GLN M 159 8.40 6.87 -33.05
CA GLN M 159 9.77 6.37 -32.84
C GLN M 159 10.27 6.64 -31.41
N TYR M 160 10.75 5.60 -30.75
CA TYR M 160 11.18 5.69 -29.36
C TYR M 160 12.67 5.38 -29.23
N GLU M 161 13.24 5.70 -28.08
CA GLU M 161 14.63 5.37 -27.81
C GLU M 161 14.70 3.88 -27.51
N PRO M 162 15.54 3.15 -28.24
CA PRO M 162 15.67 1.70 -28.07
C PRO M 162 15.93 1.36 -26.61
N GLY M 163 15.29 0.30 -26.12
CA GLY M 163 15.54 -0.17 -24.78
C GLY M 163 15.24 0.84 -23.69
N THR M 164 14.28 1.71 -23.92
CA THR M 164 13.76 2.56 -22.85
C THR M 164 12.31 2.15 -22.60
N ASN M 165 11.97 0.95 -23.06
CA ASN M 165 10.64 0.37 -22.90
C ASN M 165 9.61 0.98 -23.84
N GLY M 166 9.63 2.30 -23.90
CA GLY M 166 8.67 3.07 -24.66
C GLY M 166 8.24 4.30 -23.87
N LYS M 167 9.21 4.93 -23.21
CA LYS M 167 8.94 6.09 -22.37
C LYS M 167 9.71 7.32 -22.87
N VAL M 168 10.80 7.11 -23.59
CA VAL M 168 11.59 8.21 -24.12
C VAL M 168 11.39 8.33 -25.63
N LYS M 169 10.74 9.40 -26.09
CA LYS M 169 10.54 9.62 -27.52
C LYS M 169 11.88 9.86 -28.22
N LYS M 170 12.04 9.40 -29.45
CA LYS M 170 13.32 9.61 -30.13
C LYS M 170 13.42 11.09 -30.28
N PRO M 171 14.56 11.67 -29.81
CA PRO M 171 14.84 13.11 -29.72
C PRO M 171 14.84 13.78 -31.09
N LEU M 172 14.05 14.84 -31.24
CA LEU M 172 13.99 15.61 -32.48
C LEU M 172 15.32 16.35 -32.81
N LYS M 173 15.90 16.03 -33.96
CA LYS M 173 17.16 16.65 -34.38
C LYS M 173 16.81 17.68 -35.43
N TYR M 174 17.73 18.61 -35.74
CA TYR M 174 17.55 19.37 -36.98
C TYR M 174 18.55 19.19 -38.12
N LEU M 175 17.98 19.23 -39.34
CA LEU M 175 18.51 18.54 -40.51
C LEU M 175 19.11 19.46 -41.56
N SER M 176 20.26 19.06 -42.07
CA SER M 176 20.92 19.84 -43.12
C SER M 176 20.03 19.91 -44.34
N VAL M 177 20.10 21.02 -45.05
CA VAL M 177 19.36 21.14 -46.29
C VAL M 177 19.65 19.92 -47.16
N GLU M 178 20.82 19.31 -46.99
CA GLU M 178 21.19 18.13 -47.80
C GLU M 178 20.42 16.88 -47.40
N GLU M 179 20.03 16.80 -46.13
CA GLU M 179 19.25 15.69 -45.61
C GLU M 179 17.77 15.80 -46.00
N VAL M 180 17.20 16.99 -45.81
CA VAL M 180 15.85 17.24 -46.25
C VAL M 180 15.72 16.89 -47.73
N ILE M 181 16.69 17.31 -48.53
CA ILE M 181 16.70 16.94 -49.94
C ILE M 181 16.70 15.42 -50.14
N LYS M 182 17.41 14.68 -49.29
CA LYS M 182 17.34 13.23 -49.37
C LYS M 182 15.89 12.79 -49.20
N LEU M 183 15.25 13.20 -48.10
CA LEU M 183 13.89 12.74 -47.83
C LEU M 183 12.92 13.17 -48.91
N VAL M 184 13.11 14.34 -49.47
CA VAL M 184 12.20 14.83 -50.51
C VAL M 184 12.28 13.89 -51.72
N ARG M 185 13.49 13.65 -52.22
CA ARG M 185 13.60 12.84 -53.42
C ARG M 185 13.40 11.32 -53.20
N ASP M 186 13.09 10.93 -51.96
CA ASP M 186 12.71 9.55 -51.69
C ASP M 186 11.22 9.49 -51.44
N SER M 187 10.66 10.58 -50.95
CA SER M 187 9.21 10.71 -50.84
C SER M 187 8.65 10.63 -52.22
N PHE M 188 9.31 11.29 -53.17
CA PHE M 188 8.84 11.31 -54.54
C PHE M 188 9.09 10.02 -55.33
N THR M 189 10.31 9.49 -55.29
CA THR M 189 10.56 8.21 -55.98
C THR M 189 9.60 7.13 -55.50
N SER M 190 9.22 7.21 -54.22
CA SER M 190 8.18 6.34 -53.66
C SER M 190 6.83 6.56 -54.33
N ALA M 191 6.23 7.72 -54.08
CA ALA M 191 4.96 8.08 -54.70
C ALA M 191 4.89 7.76 -56.19
N THR M 192 5.95 8.04 -56.94
CA THR M 192 5.94 7.81 -58.40
C THR M 192 5.55 6.38 -58.80
N GLU M 193 5.90 5.46 -57.91
CA GLU M 193 5.73 4.03 -58.07
C GLU M 193 4.29 3.61 -57.89
N ARG M 194 3.65 4.18 -56.88
CA ARG M 194 2.26 3.84 -56.55
C ARG M 194 1.19 4.91 -56.91
N HIS M 195 1.60 6.04 -57.48
CA HIS M 195 0.66 7.01 -58.06
C HIS M 195 0.95 7.24 -59.57
N ILE M 196 -0.11 7.16 -60.36
CA ILE M 196 0.05 7.21 -61.80
C ILE M 196 0.07 8.63 -62.27
N GLN M 197 -0.30 9.55 -61.37
CA GLN M 197 -0.28 10.99 -61.64
C GLN M 197 1.06 11.65 -61.25
N VAL M 198 1.94 10.87 -60.63
CA VAL M 198 3.25 11.36 -60.27
C VAL M 198 4.35 10.68 -61.08
N GLY M 199 5.25 11.52 -61.58
CA GLY M 199 6.45 11.05 -62.26
C GLY M 199 7.17 12.12 -63.08
N ASP M 200 8.11 11.68 -63.91
CA ASP M 200 8.74 12.51 -64.95
C ASP M 200 9.94 13.34 -64.49
N GLY M 201 9.72 14.21 -63.51
CA GLY M 201 10.75 15.11 -63.06
C GLY M 201 10.46 15.66 -61.68
N LEU M 202 11.51 15.99 -60.93
CA LEU M 202 11.35 16.59 -59.61
C LEU M 202 12.17 17.86 -59.52
N GLU M 203 11.50 18.98 -59.28
CA GLU M 203 12.17 20.28 -59.19
C GLU M 203 12.03 20.86 -57.80
N ILE M 204 13.15 21.26 -57.22
CA ILE M 204 13.12 21.87 -55.91
C ILE M 204 13.73 23.28 -55.93
N LEU M 205 13.03 24.22 -55.31
CA LEU M 205 13.54 25.56 -55.10
C LEU M 205 14.00 25.62 -53.66
N ILE M 206 15.16 26.21 -53.42
CA ILE M 206 15.71 26.24 -52.09
C ILE M 206 16.05 27.67 -51.68
N VAL M 207 15.45 28.13 -50.59
CA VAL M 207 15.65 29.48 -50.10
C VAL M 207 16.57 29.50 -48.88
N THR M 208 17.64 30.27 -48.99
CA THR M 208 18.56 30.49 -47.89
C THR M 208 18.61 32.01 -47.73
N LYS M 209 19.38 32.52 -46.77
CA LYS M 209 19.56 33.97 -46.72
C LYS M 209 20.32 34.47 -47.96
N ASP M 210 20.96 33.54 -48.67
CA ASP M 210 21.72 33.86 -49.86
C ASP M 210 20.87 33.94 -51.13
N GLY M 211 19.61 33.52 -51.07
CA GLY M 211 18.74 33.62 -52.22
C GLY M 211 18.10 32.32 -52.62
N VAL M 212 17.69 32.21 -53.88
CA VAL M 212 16.97 31.05 -54.39
C VAL M 212 17.76 30.17 -55.38
N ARG M 213 17.89 28.87 -55.09
CA ARG M 213 18.65 27.93 -55.91
C ARG M 213 17.73 26.85 -56.46
N LYS M 214 17.98 26.39 -57.68
CA LYS M 214 17.19 25.31 -58.29
C LYS M 214 17.99 24.02 -58.43
N GLU M 215 17.54 22.97 -57.78
CA GLU M 215 18.07 21.64 -58.04
C GLU M 215 17.00 20.84 -58.78
N PHE M 216 17.42 20.00 -59.72
CA PHE M 216 16.47 19.19 -60.50
C PHE M 216 16.88 17.73 -60.66
N TYR M 217 15.94 16.83 -60.37
CA TYR M 217 16.18 15.40 -60.36
C TYR M 217 15.16 14.64 -61.21
N GLU M 218 15.60 13.62 -61.95
CA GLU M 218 14.72 12.89 -62.87
C GLU M 218 13.81 11.95 -62.09
N LEU M 219 12.63 11.65 -62.66
CA LEU M 219 11.68 10.70 -62.07
C LEU M 219 11.22 9.67 -63.11
N LYS M 220 10.73 8.52 -62.64
CA LYS M 220 10.27 7.45 -63.53
C LYS M 220 9.16 7.94 -64.45
N ARG M 221 9.25 7.62 -65.75
CA ARG M 221 8.31 8.17 -66.75
C ARG M 221 7.10 7.29 -67.15
N ASP M 222 6.64 6.43 -66.24
CA ASP M 222 5.60 5.46 -66.60
C ASP M 222 4.18 5.89 -66.18
N THR N 1 -22.32 29.92 -71.79
CA THR N 1 -22.27 28.48 -71.61
C THR N 1 -22.82 27.77 -72.86
N GLN N 2 -21.93 27.23 -73.66
CA GLN N 2 -22.32 26.72 -74.96
C GLN N 2 -22.17 25.20 -75.13
N GLN N 3 -22.44 24.76 -76.34
CA GLN N 3 -22.05 23.44 -76.79
C GLN N 3 -21.59 23.57 -78.24
N PRO N 4 -20.59 22.78 -78.63
CA PRO N 4 -19.95 22.89 -79.94
C PRO N 4 -20.92 22.53 -81.03
N ILE N 5 -20.51 22.66 -82.28
CA ILE N 5 -21.36 22.28 -83.40
C ILE N 5 -20.49 21.87 -84.56
N VAL N 6 -20.16 22.83 -85.41
CA VAL N 6 -19.29 22.55 -86.53
C VAL N 6 -17.93 22.44 -85.90
N THR N 7 -17.18 21.35 -86.13
CA THR N 7 -15.91 21.18 -85.42
C THR N 7 -14.86 20.41 -86.18
N GLY N 8 -13.59 20.67 -85.85
CA GLY N 8 -12.51 20.14 -86.65
C GLY N 8 -11.75 19.40 -85.62
N THR N 9 -11.05 18.34 -86.01
CA THR N 9 -10.44 17.46 -85.02
C THR N 9 -9.00 17.82 -84.65
N SER N 10 -8.17 16.82 -84.42
CA SER N 10 -6.82 17.01 -83.89
C SER N 10 -5.98 18.07 -84.60
N VAL N 11 -5.11 18.71 -83.82
CA VAL N 11 -3.99 19.50 -84.31
C VAL N 11 -2.75 18.87 -83.69
N ILE N 12 -1.70 18.68 -84.48
CA ILE N 12 -0.48 18.06 -83.97
C ILE N 12 0.75 18.92 -84.31
N SER N 13 1.77 18.84 -83.45
CA SER N 13 2.97 19.66 -83.61
C SER N 13 4.13 19.16 -82.76
N MET N 14 5.34 19.39 -83.25
CA MET N 14 6.57 19.07 -82.51
C MET N 14 7.61 20.09 -82.88
N LYS N 15 8.58 20.32 -81.99
CA LYS N 15 9.69 21.20 -82.34
C LYS N 15 10.91 20.41 -82.79
N TYR N 16 11.84 21.08 -83.46
CA TYR N 16 13.07 20.44 -83.94
C TYR N 16 14.31 21.35 -83.98
N ASP N 17 15.38 20.87 -84.61
CA ASP N 17 16.70 21.54 -84.49
C ASP N 17 16.66 23.08 -84.60
N ASN N 18 15.92 23.59 -85.58
CA ASN N 18 15.88 25.03 -85.86
C ASN N 18 14.52 25.72 -85.65
N GLY N 19 13.47 25.11 -86.21
CA GLY N 19 12.12 25.66 -86.14
C GLY N 19 11.09 24.79 -85.42
N VAL N 20 9.85 24.77 -85.93
CA VAL N 20 8.80 23.88 -85.42
C VAL N 20 7.83 23.52 -86.56
N ILE N 21 7.09 22.41 -86.40
CA ILE N 21 6.11 22.04 -87.42
C ILE N 21 4.74 21.84 -86.80
N ILE N 22 3.70 22.23 -87.52
CA ILE N 22 2.33 22.09 -87.05
C ILE N 22 1.42 21.72 -88.22
N ALA N 23 0.48 20.83 -87.97
CA ALA N 23 -0.41 20.37 -89.02
C ALA N 23 -1.81 20.09 -88.46
N ALA N 24 -2.81 20.08 -89.33
CA ALA N 24 -4.18 19.89 -88.92
C ALA N 24 -4.98 19.71 -90.17
N ASP N 25 -5.88 18.73 -90.20
CA ASP N 25 -6.70 18.47 -91.39
C ASP N 25 -7.70 19.58 -91.72
N ASN N 26 -8.32 19.48 -92.90
CA ASN N 26 -9.17 20.53 -93.47
C ASN N 26 -10.68 20.22 -93.40
N LEU N 27 -11.12 19.65 -92.28
CA LEU N 27 -12.50 19.19 -92.13
C LEU N 27 -13.16 19.72 -90.90
N GLY N 28 -14.32 20.33 -91.11
CA GLY N 28 -15.20 20.73 -90.01
C GLY N 28 -16.48 19.92 -90.06
N SER N 29 -16.85 19.30 -88.94
CA SER N 29 -17.89 18.27 -88.93
C SER N 29 -19.12 18.57 -88.06
N TYR N 30 -20.28 18.45 -88.67
CA TYR N 30 -21.57 18.65 -88.01
C TYR N 30 -21.97 17.35 -87.37
N GLY N 31 -21.52 17.13 -86.15
CA GLY N 31 -21.81 15.88 -85.51
C GLY N 31 -21.11 14.74 -86.21
N SER N 32 -21.90 13.79 -86.69
CA SER N 32 -21.32 12.62 -87.35
C SER N 32 -21.24 12.83 -88.85
N LEU N 33 -21.67 14.01 -89.32
CA LEU N 33 -21.70 14.35 -90.76
C LEU N 33 -20.49 15.19 -91.17
N LEU N 34 -19.60 14.60 -91.95
CA LEU N 34 -18.39 15.27 -92.38
C LEU N 34 -18.78 16.37 -93.36
N ARG N 35 -19.34 17.45 -92.79
CA ARG N 35 -20.04 18.49 -93.53
C ARG N 35 -19.18 19.39 -94.40
N PHE N 36 -18.14 20.00 -93.82
CA PHE N 36 -17.37 21.01 -94.56
C PHE N 36 -15.96 20.55 -94.86
N ASN N 37 -15.59 20.58 -96.13
CA ASN N 37 -14.39 19.87 -96.59
C ASN N 37 -13.21 20.76 -97.00
N GLY N 38 -13.37 22.06 -96.84
CA GLY N 38 -12.35 22.98 -97.28
C GLY N 38 -11.83 23.90 -96.21
N VAL N 39 -11.98 23.50 -94.95
CA VAL N 39 -11.64 24.35 -93.82
C VAL N 39 -10.16 24.46 -93.51
N GLU N 40 -9.65 25.67 -93.29
CA GLU N 40 -8.26 25.83 -92.92
C GLU N 40 -8.14 26.15 -91.47
N ARG N 41 -7.44 25.30 -90.75
CA ARG N 41 -7.36 25.41 -89.30
C ARG N 41 -5.94 25.75 -88.89
N LEU N 42 -5.14 26.12 -89.88
CA LEU N 42 -3.88 26.76 -89.58
C LEU N 42 -3.96 28.25 -89.95
N ILE N 43 -3.83 29.09 -88.94
CA ILE N 43 -3.86 30.54 -89.13
C ILE N 43 -2.49 31.16 -88.97
N PRO N 44 -1.90 31.61 -90.08
CA PRO N 44 -0.61 32.28 -90.02
C PRO N 44 -0.76 33.70 -89.48
N VAL N 45 0.15 34.07 -88.60
CA VAL N 45 0.26 35.46 -88.15
C VAL N 45 1.67 35.95 -88.36
N GLY N 46 1.84 36.85 -89.31
CA GLY N 46 3.16 37.26 -89.72
C GLY N 46 3.79 36.15 -90.54
N ASP N 47 5.11 36.05 -90.45
CA ASP N 47 5.82 34.90 -90.97
C ASP N 47 6.78 34.39 -89.89
N ASN N 48 6.27 34.37 -88.66
CA ASN N 48 6.94 33.76 -87.52
C ASN N 48 6.02 33.01 -86.58
N THR N 49 4.72 33.07 -86.83
CA THR N 49 3.75 32.32 -86.03
C THR N 49 2.67 31.67 -86.87
N VAL N 50 2.35 30.41 -86.54
CA VAL N 50 1.18 29.73 -87.09
C VAL N 50 0.34 29.23 -85.92
N VAL N 51 -0.94 29.57 -85.91
CA VAL N 51 -1.85 29.18 -84.83
C VAL N 51 -2.83 28.09 -85.25
N GLY N 52 -2.77 26.94 -84.59
CA GLY N 52 -3.56 25.79 -84.98
C GLY N 52 -4.73 25.64 -84.05
N ILE N 53 -5.89 25.40 -84.63
CA ILE N 53 -7.08 25.38 -83.82
C ILE N 53 -8.00 24.17 -84.03
N SER N 54 -8.31 23.47 -82.94
CA SER N 54 -9.29 22.40 -82.97
C SER N 54 -10.46 22.85 -82.14
N GLY N 55 -11.62 22.23 -82.31
CA GLY N 55 -12.79 22.63 -81.56
C GLY N 55 -13.87 23.30 -82.41
N ASP N 56 -14.66 24.18 -81.77
CA ASP N 56 -15.79 24.82 -82.46
C ASP N 56 -15.27 25.78 -83.51
N ILE N 57 -15.46 25.43 -84.77
CA ILE N 57 -15.19 26.28 -85.94
C ILE N 57 -15.78 27.72 -85.92
N SER N 58 -16.97 27.93 -85.36
CA SER N 58 -17.50 29.29 -85.25
C SER N 58 -16.61 30.12 -84.34
N ASP N 59 -16.31 29.61 -83.15
CA ASP N 59 -15.38 30.25 -82.23
C ASP N 59 -13.94 30.31 -82.79
N MET N 60 -13.66 29.58 -83.86
CA MET N 60 -12.33 29.58 -84.45
C MET N 60 -12.25 30.75 -85.37
N GLN N 61 -13.32 30.96 -86.13
CA GLN N 61 -13.39 32.06 -87.07
C GLN N 61 -13.39 33.41 -86.34
N HIS N 62 -13.89 33.40 -85.11
CA HIS N 62 -13.86 34.57 -84.27
C HIS N 62 -12.45 34.82 -83.81
N ILE N 63 -11.81 33.80 -83.28
CA ILE N 63 -10.39 33.89 -82.95
C ILE N 63 -9.53 34.26 -84.15
N GLU N 64 -9.95 33.91 -85.36
CA GLU N 64 -9.17 34.29 -86.52
C GLU N 64 -9.30 35.79 -86.73
N ARG N 65 -10.52 36.31 -86.74
CA ARG N 65 -10.66 37.76 -86.84
C ARG N 65 -9.97 38.50 -85.67
N LEU N 66 -9.85 37.89 -84.50
CA LEU N 66 -9.19 38.59 -83.40
C LEU N 66 -7.73 38.79 -83.67
N LEU N 67 -7.14 37.90 -84.45
CA LEU N 67 -5.74 38.03 -84.85
C LEU N 67 -5.59 38.95 -86.07
N LYS N 68 -6.38 38.75 -87.12
CA LYS N 68 -6.38 39.72 -88.22
C LYS N 68 -6.57 41.12 -87.64
N ASP N 69 -7.45 41.26 -86.65
CA ASP N 69 -7.66 42.54 -85.96
C ASP N 69 -6.42 42.93 -85.12
N LEU N 70 -5.71 41.96 -84.57
CA LEU N 70 -4.59 42.28 -83.68
C LEU N 70 -3.34 42.56 -84.48
N VAL N 71 -3.36 42.22 -85.74
CA VAL N 71 -2.23 42.53 -86.58
C VAL N 71 -2.42 43.94 -87.10
N THR N 72 -3.67 44.29 -87.42
CA THR N 72 -4.00 45.63 -87.91
C THR N 72 -3.60 46.68 -86.88
N GLU N 73 -3.84 46.39 -85.59
CA GLU N 73 -3.57 47.29 -84.47
C GLU N 73 -2.08 47.51 -84.25
N ASN N 74 -1.32 46.43 -84.37
CA ASN N 74 0.11 46.48 -84.12
C ASN N 74 0.79 47.53 -84.99
N ALA N 75 0.31 47.67 -86.22
CA ALA N 75 0.96 48.49 -87.27
C ALA N 75 0.78 49.96 -87.02
N TYR N 76 -0.32 50.29 -86.38
CA TYR N 76 -0.70 51.65 -86.10
C TYR N 76 0.45 52.39 -85.42
N ASP N 77 0.85 53.55 -85.96
CA ASP N 77 1.84 54.38 -85.29
C ASP N 77 3.05 53.59 -84.87
N ASN N 78 3.63 52.84 -85.80
CA ASN N 78 4.74 51.98 -85.46
C ASN N 78 5.60 51.62 -86.65
N PRO N 79 6.64 52.41 -86.90
CA PRO N 79 7.50 52.26 -88.08
C PRO N 79 8.24 50.94 -88.15
N LEU N 80 8.17 50.15 -87.09
CA LEU N 80 8.86 48.86 -87.03
C LEU N 80 7.90 47.67 -86.98
N ALA N 81 6.75 47.82 -87.63
CA ALA N 81 5.70 46.83 -87.57
C ALA N 81 6.06 45.59 -88.38
N ASP N 82 7.00 45.75 -89.31
CA ASP N 82 7.47 44.62 -90.10
C ASP N 82 8.91 44.27 -89.74
N ALA N 83 9.28 44.54 -88.49
CA ALA N 83 10.61 44.18 -88.00
C ALA N 83 10.69 44.08 -86.48
N GLU N 84 11.52 44.91 -85.88
CA GLU N 84 11.82 44.82 -84.47
C GLU N 84 10.58 44.71 -83.56
N GLU N 85 9.74 45.74 -83.55
CA GLU N 85 8.54 45.71 -82.69
C GLU N 85 7.35 45.21 -83.52
N ALA N 86 7.52 44.04 -84.15
CA ALA N 86 6.40 43.33 -84.80
C ALA N 86 5.98 42.12 -83.99
N LEU N 87 4.92 41.46 -84.43
CA LEU N 87 4.24 40.45 -83.59
C LEU N 87 5.00 39.14 -83.37
N GLU N 88 5.19 38.80 -82.10
CA GLU N 88 5.93 37.60 -81.68
C GLU N 88 5.01 36.51 -81.17
N PRO N 89 5.40 35.25 -81.39
CA PRO N 89 4.58 34.15 -80.91
C PRO N 89 4.29 34.32 -79.43
N SER N 90 5.31 34.63 -78.63
CA SER N 90 5.10 34.65 -77.20
C SER N 90 4.01 35.62 -76.80
N TYR N 91 3.75 36.62 -77.66
CA TYR N 91 2.71 37.63 -77.43
C TYR N 91 1.34 37.11 -77.85
N ILE N 92 1.19 36.89 -79.15
CA ILE N 92 0.04 36.18 -79.69
C ILE N 92 -0.46 35.06 -78.75
N PHE N 93 0.44 34.28 -78.16
CA PHE N 93 0.00 33.31 -77.18
C PHE N 93 -0.53 33.96 -75.91
N GLU N 94 0.30 34.69 -75.19
CA GLU N 94 -0.17 35.25 -73.93
C GLU N 94 -1.46 36.07 -74.11
N TYR N 95 -1.72 36.55 -75.32
CA TYR N 95 -2.99 37.19 -75.62
C TYR N 95 -4.15 36.19 -75.68
N LEU N 96 -4.06 35.20 -76.57
CA LEU N 96 -5.12 34.20 -76.67
C LEU N 96 -5.31 33.50 -75.33
N ALA N 97 -4.22 33.14 -74.67
CA ALA N 97 -4.34 32.47 -73.38
C ALA N 97 -5.06 33.33 -72.38
N THR N 98 -4.84 34.64 -72.44
CA THR N 98 -5.47 35.53 -71.47
C THR N 98 -6.96 35.57 -71.76
N VAL N 99 -7.33 35.61 -73.03
CA VAL N 99 -8.73 35.60 -73.44
C VAL N 99 -9.45 34.30 -73.08
N MET N 100 -8.80 33.16 -73.36
CA MET N 100 -9.46 31.88 -73.15
C MET N 100 -9.80 31.74 -71.67
N TYR N 101 -8.85 32.06 -70.79
CA TYR N 101 -9.11 31.97 -69.36
C TYR N 101 -10.09 33.03 -68.87
N GLN N 102 -10.12 34.18 -69.53
CA GLN N 102 -11.10 35.20 -69.20
C GLN N 102 -12.47 34.68 -69.54
N ARG N 103 -12.65 34.26 -70.78
CA ARG N 103 -13.90 33.67 -71.22
C ARG N 103 -14.39 32.46 -70.38
N ARG N 104 -13.53 31.49 -70.03
CA ARG N 104 -13.98 30.41 -69.12
C ARG N 104 -14.47 31.00 -67.81
N SER N 105 -13.87 32.10 -67.40
CA SER N 105 -14.17 32.63 -66.10
C SER N 105 -15.46 33.46 -66.09
N LYS N 106 -15.97 33.79 -67.28
CA LYS N 106 -17.27 34.44 -67.42
C LYS N 106 -18.28 33.36 -67.80
N MET N 107 -17.87 32.11 -67.63
CA MET N 107 -18.66 30.93 -68.03
C MET N 107 -19.22 30.97 -69.44
N ASN N 108 -18.46 31.49 -70.40
CA ASN N 108 -18.88 31.54 -71.78
C ASN N 108 -17.70 31.34 -72.69
N PRO N 109 -17.06 30.16 -72.58
CA PRO N 109 -15.71 29.84 -73.05
C PRO N 109 -15.67 29.79 -74.53
N LEU N 110 -14.48 29.94 -75.11
CA LEU N 110 -14.31 29.71 -76.53
C LEU N 110 -13.94 28.26 -76.65
N TRP N 111 -14.74 27.50 -77.39
CA TRP N 111 -14.65 26.05 -77.30
C TRP N 111 -13.54 25.48 -78.12
N ASN N 112 -12.29 25.75 -77.71
CA ASN N 112 -11.16 25.36 -78.53
C ASN N 112 -9.97 24.77 -77.81
N ALA N 113 -9.13 24.10 -78.59
CA ALA N 113 -7.79 23.74 -78.23
C ALA N 113 -6.92 24.53 -79.17
N ILE N 114 -6.01 25.31 -78.62
CA ILE N 114 -5.17 26.12 -79.47
C ILE N 114 -3.73 25.72 -79.28
N ILE N 115 -3.02 25.58 -80.38
CA ILE N 115 -1.58 25.38 -80.33
C ILE N 115 -0.88 26.50 -81.08
N VAL N 116 -0.15 27.33 -80.36
CA VAL N 116 0.59 28.43 -80.95
C VAL N 116 2.00 27.97 -81.21
N ALA N 117 2.40 27.95 -82.48
CA ALA N 117 3.74 27.49 -82.87
C ALA N 117 4.47 28.54 -83.68
N GLY N 118 5.77 28.66 -83.47
CA GLY N 118 6.57 29.62 -84.22
C GLY N 118 7.96 29.85 -83.68
N VAL N 119 8.67 30.75 -84.34
CA VAL N 119 10.01 31.16 -83.92
C VAL N 119 10.05 32.59 -83.39
N GLN N 120 10.85 32.84 -82.36
CA GLN N 120 10.93 34.15 -81.75
C GLN N 120 11.96 35.06 -82.43
N SER N 121 12.01 36.32 -81.98
CA SER N 121 12.95 37.28 -82.52
C SER N 121 14.33 36.68 -82.49
N ASN N 122 14.64 35.99 -81.39
CA ASN N 122 15.99 35.54 -81.13
C ASN N 122 16.33 34.12 -81.56
N GLY N 123 15.48 33.51 -82.36
CA GLY N 123 15.77 32.18 -82.88
C GLY N 123 15.15 31.04 -82.09
N ASP N 124 14.86 31.29 -80.82
CA ASP N 124 14.17 30.34 -79.96
C ASP N 124 12.94 29.71 -80.63
N GLN N 125 12.80 28.41 -80.49
CA GLN N 125 11.56 27.75 -80.83
C GLN N 125 10.49 28.18 -79.82
N PHE N 126 9.26 28.42 -80.26
CA PHE N 126 8.14 28.62 -79.33
C PHE N 126 6.98 27.70 -79.66
N LEU N 127 6.62 26.84 -78.70
CA LEU N 127 5.48 25.93 -78.85
C LEU N 127 4.77 25.85 -77.52
N ARG N 128 3.46 26.11 -77.53
CA ARG N 128 2.63 26.08 -76.33
C ARG N 128 1.12 25.90 -76.64
N TYR N 129 0.39 25.27 -75.71
CA TYR N 129 -1.03 24.89 -75.89
C TYR N 129 -1.90 25.60 -74.85
N VAL N 130 -3.09 25.97 -75.27
CA VAL N 130 -4.08 26.54 -74.37
C VAL N 130 -5.46 26.15 -74.86
N ASN N 131 -6.32 25.76 -73.93
CA ASN N 131 -7.65 25.23 -74.27
C ASN N 131 -8.77 26.02 -73.65
N LEU N 132 -10.00 25.57 -73.84
CA LEU N 132 -11.18 26.32 -73.45
C LEU N 132 -11.25 26.66 -71.98
N LEU N 133 -10.47 25.95 -71.17
CA LEU N 133 -10.48 26.17 -69.74
C LEU N 133 -9.44 27.16 -69.31
N GLY N 134 -8.47 27.43 -70.17
CA GLY N 134 -7.42 28.37 -69.86
C GLY N 134 -6.14 27.66 -69.52
N VAL N 135 -6.20 26.34 -69.56
CA VAL N 135 -5.08 25.48 -69.22
C VAL N 135 -3.96 25.72 -70.20
N THR N 136 -2.75 25.86 -69.68
CA THR N 136 -1.61 26.09 -70.53
C THR N 136 -0.51 25.15 -70.16
N TYR N 137 0.13 24.62 -71.20
CA TYR N 137 1.30 23.76 -71.01
C TYR N 137 2.15 23.67 -72.26
N SER N 138 3.36 23.17 -72.12
CA SER N 138 4.32 23.22 -73.20
C SER N 138 5.22 21.98 -73.08
N SER N 139 5.37 21.24 -74.18
CA SER N 139 6.15 19.99 -74.20
C SER N 139 6.94 19.98 -75.50
N PRO N 140 7.98 19.16 -75.61
CA PRO N 140 8.66 19.17 -76.92
C PRO N 140 7.70 18.75 -78.03
N THR N 141 6.53 18.27 -77.65
CA THR N 141 5.58 17.70 -78.59
C THR N 141 4.17 17.88 -78.02
N LEU N 142 3.31 18.51 -78.80
CA LEU N 142 1.95 18.83 -78.36
C LEU N 142 0.94 18.51 -79.42
N ALA N 143 -0.16 17.90 -79.02
CA ALA N 143 -1.28 17.72 -79.92
C ALA N 143 -2.57 17.85 -79.12
N THR N 144 -3.66 18.23 -79.81
CA THR N 144 -4.94 18.60 -79.19
C THR N 144 -6.01 17.55 -79.43
N GLY N 145 -7.12 17.64 -78.71
CA GLY N 145 -8.15 16.63 -78.79
C GLY N 145 -7.64 15.20 -79.03
N PHE N 146 -7.99 14.65 -80.18
CA PHE N 146 -7.75 13.26 -80.48
C PHE N 146 -6.30 12.89 -80.77
N GLY N 147 -5.57 13.80 -81.41
CA GLY N 147 -4.16 13.60 -81.70
C GLY N 147 -3.36 13.41 -80.41
N ALA N 148 -3.88 13.93 -79.31
CA ALA N 148 -3.15 13.84 -78.05
C ALA N 148 -2.85 12.40 -77.67
N HIS N 149 -3.56 11.47 -78.29
CA HIS N 149 -3.60 10.08 -77.83
C HIS N 149 -2.81 9.14 -78.69
N MET N 150 -2.88 9.36 -80.01
CA MET N 150 -2.14 8.58 -81.00
C MET N 150 -0.97 9.30 -81.63
N ALA N 151 -1.09 10.61 -81.81
CA ALA N 151 -0.06 11.37 -82.48
C ALA N 151 1.12 11.60 -81.56
N ASN N 152 0.85 11.87 -80.28
CA ASN N 152 1.95 12.15 -79.37
C ASN N 152 2.93 10.97 -79.27
N PRO N 153 2.41 9.78 -79.04
CA PRO N 153 3.29 8.63 -78.77
C PRO N 153 4.27 8.34 -79.88
N LEU N 154 3.92 8.69 -81.11
CA LEU N 154 4.80 8.53 -82.28
C LEU N 154 5.86 9.62 -82.39
N LEU N 155 5.47 10.84 -82.03
CA LEU N 155 6.36 12.00 -82.08
C LEU N 155 7.34 11.97 -80.91
N ARG N 156 6.87 11.57 -79.74
CA ARG N 156 7.76 11.43 -78.59
C ARG N 156 8.75 10.30 -78.80
N LYS N 157 8.64 9.58 -79.91
CA LYS N 157 9.54 8.47 -80.17
C LYS N 157 10.71 9.05 -80.96
N VAL N 158 10.55 10.31 -81.35
CA VAL N 158 11.59 11.13 -81.97
C VAL N 158 12.22 12.14 -80.97
N VAL N 159 11.36 12.89 -80.30
CA VAL N 159 11.76 13.84 -79.27
C VAL N 159 11.23 13.45 -77.87
N ASP N 160 11.87 12.48 -77.18
CA ASP N 160 11.29 12.03 -75.89
C ASP N 160 11.59 13.11 -74.84
N ARG N 161 12.84 13.55 -74.78
CA ARG N 161 13.24 14.59 -73.82
C ARG N 161 13.91 15.74 -74.56
N GLU N 162 14.23 16.82 -73.83
CA GLU N 162 14.69 18.03 -74.51
C GLU N 162 16.03 17.84 -75.23
N SER N 163 16.96 17.09 -74.63
CA SER N 163 18.24 16.84 -75.29
C SER N 163 18.14 16.24 -76.72
N ASP N 164 16.93 15.83 -77.10
CA ASP N 164 16.70 15.19 -78.40
C ASP N 164 16.40 16.18 -79.53
N ILE N 165 16.15 17.43 -79.17
CA ILE N 165 15.67 18.39 -80.17
C ILE N 165 16.69 18.82 -81.22
N PRO N 166 17.91 19.17 -80.80
CA PRO N 166 18.95 19.60 -81.75
C PRO N 166 19.31 18.49 -82.74
N LYS N 167 19.12 17.24 -82.30
CA LYS N 167 19.51 16.06 -83.07
C LYS N 167 18.49 15.73 -84.15
N THR N 168 17.38 16.45 -84.16
CA THR N 168 16.26 16.15 -85.06
C THR N 168 16.26 17.04 -86.30
N THR N 169 16.74 16.51 -87.42
CA THR N 169 16.74 17.24 -88.70
C THR N 169 15.33 17.74 -89.06
N VAL N 170 15.18 18.43 -90.19
CA VAL N 170 13.84 18.90 -90.53
C VAL N 170 13.06 17.88 -91.33
N GLN N 171 13.74 17.15 -92.21
CA GLN N 171 13.07 16.13 -93.02
C GLN N 171 12.60 14.99 -92.14
N VAL N 172 13.22 14.85 -90.97
CA VAL N 172 12.84 13.81 -90.03
C VAL N 172 11.56 14.18 -89.32
N ALA N 173 11.49 15.43 -88.86
CA ALA N 173 10.29 15.94 -88.20
C ALA N 173 9.09 15.89 -89.15
N GLU N 174 9.25 16.41 -90.35
CA GLU N 174 8.18 16.39 -91.34
C GLU N 174 7.74 14.95 -91.65
N GLU N 175 8.69 14.04 -91.84
CA GLU N 175 8.35 12.65 -92.09
C GLU N 175 7.51 12.11 -90.93
N ALA N 176 7.91 12.42 -89.70
CA ALA N 176 7.23 11.92 -88.52
C ALA N 176 5.85 12.52 -88.36
N ILE N 177 5.71 13.79 -88.71
CA ILE N 177 4.43 14.49 -88.61
C ILE N 177 3.47 13.94 -89.65
N VAL N 178 3.97 13.72 -90.87
CA VAL N 178 3.13 13.16 -91.92
C VAL N 178 2.64 11.77 -91.60
N ASN N 179 3.50 10.98 -90.96
CA ASN N 179 3.10 9.65 -90.51
C ASN N 179 1.91 9.76 -89.61
N ALA N 180 2.09 10.51 -88.53
CA ALA N 180 1.03 10.72 -87.59
C ALA N 180 -0.31 11.09 -88.23
N MET N 181 -0.27 11.85 -89.32
CA MET N 181 -1.53 12.30 -89.93
C MET N 181 -2.18 11.13 -90.64
N ARG N 182 -1.35 10.27 -91.23
CA ARG N 182 -1.85 9.06 -91.85
C ARG N 182 -2.52 8.21 -90.79
N VAL N 183 -1.79 7.91 -89.72
CA VAL N 183 -2.35 7.12 -88.64
C VAL N 183 -3.64 7.72 -88.10
N LEU N 184 -3.72 9.05 -88.04
CA LEU N 184 -4.93 9.72 -87.56
C LEU N 184 -6.13 9.43 -88.48
N TYR N 185 -5.85 9.15 -89.74
CA TYR N 185 -6.92 8.94 -90.73
C TYR N 185 -7.31 7.45 -90.83
N TYR N 186 -6.42 6.58 -90.38
CA TYR N 186 -6.72 5.16 -90.24
C TYR N 186 -7.76 5.08 -89.14
N ARG N 187 -7.51 5.79 -88.02
CA ARG N 187 -8.22 5.53 -86.78
C ARG N 187 -9.16 6.61 -86.20
N ASP N 188 -9.10 7.83 -86.72
CA ASP N 188 -9.98 8.93 -86.25
C ASP N 188 -11.15 9.06 -87.21
N ALA N 189 -12.35 8.94 -86.68
CA ALA N 189 -13.57 8.88 -87.48
C ALA N 189 -14.02 10.24 -87.94
N ARG N 190 -13.55 11.30 -87.27
CA ARG N 190 -13.92 12.68 -87.60
C ARG N 190 -12.79 13.42 -88.32
N SER N 191 -12.03 12.67 -89.12
CA SER N 191 -10.85 13.13 -89.85
C SER N 191 -10.98 13.18 -91.38
N SER N 192 -10.21 14.06 -92.01
CA SER N 192 -10.19 14.18 -93.46
C SER N 192 -8.87 13.71 -93.99
N ARG N 193 -8.85 13.33 -95.26
CA ARG N 193 -7.62 12.94 -95.93
C ARG N 193 -6.79 14.17 -96.30
N ASN N 194 -7.48 15.29 -96.54
CA ASN N 194 -6.85 16.56 -96.87
C ASN N 194 -6.37 17.31 -95.63
N PHE N 195 -5.09 17.63 -95.56
CA PHE N 195 -4.60 18.46 -94.47
C PHE N 195 -3.62 19.58 -94.89
N SER N 196 -3.30 20.47 -93.96
CA SER N 196 -2.35 21.55 -94.20
C SER N 196 -1.24 21.42 -93.19
N LEU N 197 -0.04 21.79 -93.59
CA LEU N 197 1.12 21.63 -92.73
C LEU N 197 2.00 22.86 -92.89
N ALA N 198 2.44 23.43 -91.78
CA ALA N 198 3.30 24.60 -91.83
C ALA N 198 4.60 24.38 -91.06
N ILE N 199 5.71 24.68 -91.71
CA ILE N 199 7.02 24.72 -91.09
C ILE N 199 7.49 26.16 -90.83
N ILE N 200 8.19 26.36 -89.72
CA ILE N 200 8.63 27.69 -89.32
C ILE N 200 10.10 27.63 -88.89
N ASP N 201 11.02 27.66 -89.85
CA ASP N 201 12.45 27.51 -89.58
C ASP N 201 13.03 28.87 -89.20
N LYS N 202 14.10 28.86 -88.39
CA LYS N 202 14.75 30.12 -88.03
C LYS N 202 15.62 30.60 -89.18
N ASN N 203 15.67 29.82 -90.26
CA ASN N 203 16.47 30.18 -91.43
C ASN N 203 15.63 30.41 -92.69
N THR N 204 14.71 29.49 -92.99
CA THR N 204 13.87 29.56 -94.20
C THR N 204 12.53 30.28 -94.04
N GLY N 205 12.18 30.68 -92.82
CA GLY N 205 10.94 31.41 -92.55
C GLY N 205 9.71 30.54 -92.56
N LEU N 206 8.58 31.13 -92.92
CA LEU N 206 7.30 30.42 -92.90
C LEU N 206 7.02 29.71 -94.22
N THR N 207 6.94 28.39 -94.15
CA THR N 207 6.68 27.57 -95.31
C THR N 207 5.34 26.86 -95.10
N PHE N 208 4.32 27.30 -95.81
CA PHE N 208 2.97 26.89 -95.50
C PHE N 208 2.41 26.09 -96.64
N LYS N 209 2.19 24.80 -96.40
CA LYS N 209 1.75 23.85 -97.43
C LYS N 209 0.25 23.57 -97.36
N LYS N 210 -0.47 24.00 -98.38
CA LYS N 210 -1.91 23.81 -98.42
C LYS N 210 -2.21 22.54 -99.20
N ASN N 211 -3.41 22.01 -99.04
CA ASN N 211 -3.91 20.96 -99.90
C ASN N 211 -3.06 19.68 -100.05
N LEU N 212 -2.56 19.18 -98.92
CA LEU N 212 -1.83 17.93 -98.90
C LEU N 212 -2.75 16.72 -98.82
N GLN N 213 -2.19 15.53 -99.05
CA GLN N 213 -2.94 14.29 -98.96
C GLN N 213 -2.14 13.15 -98.35
N VAL N 214 -2.79 12.38 -97.51
CA VAL N 214 -2.22 11.18 -96.94
C VAL N 214 -1.98 10.22 -98.09
N GLU N 215 -0.73 9.78 -98.26
CA GLU N 215 -0.35 8.84 -99.32
C GLU N 215 0.18 7.53 -98.74
N ASN N 216 0.40 6.56 -99.62
CA ASN N 216 1.06 5.30 -99.23
C ASN N 216 0.36 4.61 -98.07
N MET N 217 -0.96 4.52 -98.13
CA MET N 217 -1.73 3.77 -97.13
C MET N 217 -1.60 2.28 -97.38
N LYS N 218 -1.54 1.50 -96.31
CA LYS N 218 -1.48 0.05 -96.41
C LYS N 218 -2.88 -0.52 -96.11
N TRP N 219 -3.58 -0.96 -97.15
CA TRP N 219 -4.83 -1.70 -96.94
C TRP N 219 -4.83 -3.03 -97.69
N ASP N 220 -3.69 -3.50 -98.18
CA ASP N 220 -3.76 -4.72 -98.97
C ASP N 220 -4.40 -5.82 -98.15
N PHE N 221 -3.99 -5.92 -96.89
CA PHE N 221 -4.37 -7.03 -96.04
C PHE N 221 -5.86 -7.20 -95.77
N ALA N 222 -6.68 -6.25 -96.13
CA ALA N 222 -8.09 -6.38 -95.81
C ALA N 222 -8.72 -7.51 -96.59
N LYS N 223 -8.15 -7.85 -97.75
CA LYS N 223 -8.71 -8.89 -98.62
C LYS N 223 -8.75 -10.24 -97.91
N ASP N 224 -7.73 -10.50 -97.11
CA ASP N 224 -7.56 -11.74 -96.36
C ASP N 224 -8.37 -11.78 -95.05
N ILE N 225 -9.24 -10.79 -94.85
CA ILE N 225 -10.03 -10.78 -93.62
C ILE N 225 -11.44 -11.16 -93.96
N LYS N 226 -11.89 -12.28 -93.45
CA LYS N 226 -13.26 -12.67 -93.68
C LYS N 226 -13.89 -13.12 -92.38
N GLY N 227 -15.16 -12.79 -92.23
CA GLY N 227 -15.95 -13.25 -91.11
C GLY N 227 -15.60 -12.53 -89.83
N TYR N 228 -15.79 -13.20 -88.72
CA TYR N 228 -15.48 -12.61 -87.45
C TYR N 228 -15.16 -13.68 -86.45
N GLY N 229 -14.67 -14.80 -86.97
CA GLY N 229 -14.21 -15.88 -86.12
C GLY N 229 -14.28 -17.16 -86.89
N THR N 230 -15.48 -17.74 -86.87
CA THR N 230 -15.76 -19.05 -87.45
C THR N 230 -15.69 -19.03 -88.97
N GLN N 231 -16.25 -18.02 -89.57
CA GLN N 231 -16.40 -17.98 -91.01
C GLN N 231 -15.11 -18.26 -91.80
N LYS N 232 -15.24 -18.92 -92.94
CA LYS N 232 -14.09 -19.25 -93.80
C LYS N 232 -14.15 -18.63 -95.20
N ILE N 233 -15.36 -18.51 -95.75
CA ILE N 233 -15.53 -18.01 -97.11
C ILE N 233 -15.46 -16.48 -97.24
N ALA O 1 -40.43 -61.16 -60.60
CA ALA O 1 -39.93 -62.54 -60.64
C ALA O 1 -38.85 -62.75 -61.71
N GLY O 2 -39.21 -63.49 -62.76
CA GLY O 2 -38.34 -63.65 -63.91
C GLY O 2 -38.49 -62.46 -64.84
N TYR O 3 -38.19 -61.27 -64.33
CA TYR O 3 -38.40 -60.04 -65.07
C TYR O 3 -37.09 -59.26 -65.33
N ASP O 4 -35.96 -59.94 -65.21
CA ASP O 4 -34.69 -59.35 -65.65
C ASP O 4 -34.47 -59.61 -67.14
N ARG O 5 -35.52 -60.15 -67.78
CA ARG O 5 -35.54 -60.39 -69.23
C ARG O 5 -36.27 -59.26 -69.95
N HIS O 6 -36.90 -58.36 -69.18
CA HIS O 6 -37.75 -57.33 -69.78
C HIS O 6 -37.20 -55.90 -69.65
N ILE O 7 -36.32 -55.66 -68.70
CA ILE O 7 -35.71 -54.33 -68.59
C ILE O 7 -34.16 -54.34 -68.58
N THR O 8 -33.57 -53.16 -68.69
CA THR O 8 -32.12 -53.07 -68.79
C THR O 8 -31.45 -53.25 -67.42
N ILE O 9 -31.65 -54.40 -66.78
CA ILE O 9 -30.87 -54.77 -65.59
C ILE O 9 -30.15 -56.10 -65.70
N PHE O 10 -29.31 -56.35 -64.71
CA PHE O 10 -28.39 -57.46 -64.75
C PHE O 10 -29.02 -58.81 -64.49
N SER O 11 -28.85 -59.74 -65.43
CA SER O 11 -29.17 -61.13 -65.19
C SER O 11 -28.17 -61.68 -64.18
N PRO O 12 -28.39 -62.90 -63.72
CA PRO O 12 -27.48 -63.43 -62.71
C PRO O 12 -26.04 -63.71 -63.19
N GLU O 13 -25.84 -63.79 -64.51
CA GLU O 13 -24.50 -63.99 -65.07
C GLU O 13 -23.94 -62.72 -65.73
N GLY O 14 -24.42 -61.56 -65.27
CA GLY O 14 -23.92 -60.27 -65.73
C GLY O 14 -24.27 -59.93 -67.17
N ARG O 15 -25.46 -60.35 -67.58
CA ARG O 15 -25.88 -60.17 -68.95
C ARG O 15 -27.01 -59.16 -69.01
N LEU O 16 -27.10 -58.47 -70.12
CA LEU O 16 -28.17 -57.51 -70.27
C LEU O 16 -29.09 -58.07 -71.31
N TYR O 17 -30.17 -58.68 -70.86
CA TYR O 17 -30.89 -59.51 -71.81
C TYR O 17 -31.43 -58.62 -72.91
N GLN O 18 -31.93 -57.46 -72.49
CA GLN O 18 -32.65 -56.59 -73.41
C GLN O 18 -31.76 -56.00 -74.50
N VAL O 19 -30.48 -55.89 -74.23
CA VAL O 19 -29.56 -55.39 -75.23
C VAL O 19 -29.28 -56.47 -76.28
N GLU O 20 -29.08 -57.69 -75.81
CA GLU O 20 -28.77 -58.79 -76.72
C GLU O 20 -29.91 -58.97 -77.68
N TYR O 21 -31.12 -58.68 -77.21
CA TYR O 21 -32.29 -58.86 -78.05
C TYR O 21 -32.34 -57.71 -79.05
N ALA O 22 -31.99 -56.52 -78.56
CA ALA O 22 -31.99 -55.31 -79.37
C ALA O 22 -31.11 -55.50 -80.58
N PHE O 23 -29.94 -56.08 -80.37
CA PHE O 23 -29.09 -56.45 -81.49
C PHE O 23 -29.87 -57.29 -82.51
N LYS O 24 -30.58 -58.32 -82.04
CA LYS O 24 -31.27 -59.23 -82.96
C LYS O 24 -32.22 -58.48 -83.88
N ALA O 25 -32.62 -57.27 -83.48
CA ALA O 25 -33.55 -56.46 -84.26
C ALA O 25 -32.92 -55.81 -85.49
N THR O 26 -31.64 -55.51 -85.43
CA THR O 26 -30.93 -54.87 -86.52
C THR O 26 -30.94 -55.67 -87.83
N ASN O 27 -31.32 -56.94 -87.75
CA ASN O 27 -31.35 -57.77 -88.94
C ASN O 27 -32.74 -57.73 -89.55
N GLN O 28 -33.73 -57.45 -88.69
CA GLN O 28 -35.16 -57.48 -89.06
C GLN O 28 -35.54 -56.78 -90.37
N THR O 29 -34.64 -55.96 -90.91
CA THR O 29 -34.89 -55.32 -92.21
C THR O 29 -34.39 -56.20 -93.34
N ASN O 30 -33.30 -56.91 -93.08
CA ASN O 30 -32.73 -57.85 -94.04
C ASN O 30 -31.95 -57.17 -95.14
N ILE O 31 -31.30 -56.07 -94.76
CA ILE O 31 -30.43 -55.32 -95.66
C ILE O 31 -29.03 -55.52 -95.14
N ASN O 32 -28.07 -55.65 -96.05
CA ASN O 32 -26.66 -55.69 -95.68
C ASN O 32 -25.90 -54.43 -96.12
N SER O 33 -24.91 -54.01 -95.32
CA SER O 33 -24.12 -52.84 -95.69
C SER O 33 -22.63 -53.07 -95.50
N LEU O 34 -21.82 -52.37 -96.30
CA LEU O 34 -20.38 -52.32 -96.08
C LEU O 34 -19.80 -50.94 -96.33
N ALA O 35 -18.64 -50.66 -95.75
CA ALA O 35 -18.02 -49.35 -95.84
C ALA O 35 -16.52 -49.51 -96.04
N VAL O 36 -15.91 -48.63 -96.83
CA VAL O 36 -14.48 -48.71 -97.11
C VAL O 36 -13.78 -47.34 -97.07
N ARG O 37 -12.46 -47.38 -96.91
CA ARG O 37 -11.64 -46.16 -96.94
C ARG O 37 -10.89 -46.07 -98.28
N GLY O 38 -10.74 -44.86 -98.81
CA GLY O 38 -9.96 -44.64 -100.02
C GLY O 38 -8.69 -43.86 -99.70
N LYS O 39 -7.96 -43.39 -100.69
CA LYS O 39 -6.77 -42.61 -100.37
C LYS O 39 -7.30 -41.32 -99.75
N ASP O 40 -8.43 -40.85 -100.25
CA ASP O 40 -9.10 -39.67 -99.70
C ASP O 40 -10.60 -39.64 -100.02
N CYS O 41 -11.27 -40.75 -99.74
CA CYS O 41 -12.73 -40.84 -99.78
C CYS O 41 -13.22 -41.94 -98.85
N THR O 42 -14.52 -42.01 -98.65
CA THR O 42 -15.14 -43.08 -97.89
C THR O 42 -16.44 -43.47 -98.58
N VAL O 43 -16.74 -44.77 -98.60
CA VAL O 43 -17.90 -45.28 -99.35
C VAL O 43 -18.77 -46.22 -98.54
N VAL O 44 -20.08 -46.06 -98.64
CA VAL O 44 -21.01 -46.98 -98.00
C VAL O 44 -22.03 -47.45 -99.02
N ILE O 45 -22.09 -48.77 -99.16
CA ILE O 45 -23.05 -49.47 -100.01
C ILE O 45 -24.06 -50.14 -99.09
N SER O 46 -25.35 -49.92 -99.34
CA SER O 46 -26.39 -50.68 -98.65
C SER O 46 -27.32 -51.24 -99.70
N GLN O 47 -28.07 -52.26 -99.33
CA GLN O 47 -29.05 -52.80 -100.25
C GLN O 47 -30.35 -52.01 -100.15
N LYS O 48 -31.08 -51.98 -101.24
CA LYS O 48 -32.37 -51.33 -101.29
C LYS O 48 -33.34 -52.45 -101.64
N LYS O 49 -34.32 -52.68 -100.80
CA LYS O 49 -35.31 -53.69 -101.13
C LYS O 49 -36.69 -53.06 -101.14
N VAL O 50 -37.26 -53.05 -102.33
CA VAL O 50 -38.57 -52.45 -102.57
C VAL O 50 -39.48 -53.54 -103.11
N PRO O 51 -40.22 -54.20 -102.21
CA PRO O 51 -41.10 -55.33 -102.56
C PRO O 51 -42.45 -54.83 -103.08
N ASP O 52 -43.05 -53.90 -102.35
CA ASP O 52 -44.35 -53.33 -102.72
C ASP O 52 -44.21 -52.48 -104.00
N LYS O 53 -45.00 -52.81 -105.03
CA LYS O 53 -44.95 -52.06 -106.29
C LYS O 53 -45.57 -50.68 -106.11
N LEU O 54 -46.33 -50.54 -105.01
CA LEU O 54 -46.94 -49.28 -104.62
C LEU O 54 -45.97 -48.27 -104.00
N LEU O 55 -44.76 -48.72 -103.65
CA LEU O 55 -43.77 -47.85 -103.04
C LEU O 55 -43.17 -46.85 -104.04
N ASP O 56 -42.51 -45.84 -103.50
CA ASP O 56 -41.76 -44.85 -104.26
C ASP O 56 -40.31 -44.94 -103.78
N PRO O 57 -39.48 -45.69 -104.52
CA PRO O 57 -38.07 -45.99 -104.24
C PRO O 57 -37.29 -44.79 -103.74
N THR O 58 -37.66 -43.62 -104.22
CA THR O 58 -36.96 -42.39 -103.88
C THR O 58 -37.12 -42.02 -102.41
N THR O 59 -38.16 -42.55 -101.76
CA THR O 59 -38.42 -42.26 -100.36
C THR O 59 -37.88 -43.32 -99.44
N VAL O 60 -37.38 -44.40 -100.05
CA VAL O 60 -36.87 -45.56 -99.32
C VAL O 60 -35.35 -45.52 -99.19
N SER O 61 -34.88 -45.13 -98.01
CA SER O 61 -33.48 -44.86 -97.80
C SER O 61 -33.10 -45.25 -96.37
N TYR O 62 -32.01 -46.00 -96.23
CA TYR O 62 -31.43 -46.31 -94.92
C TYR O 62 -30.10 -45.56 -94.76
N ILE O 63 -29.80 -44.71 -95.76
CA ILE O 63 -28.66 -43.79 -95.77
C ILE O 63 -29.11 -42.35 -95.45
N PHE O 64 -28.59 -41.80 -94.35
CA PHE O 64 -28.96 -40.44 -93.92
C PHE O 64 -27.79 -39.45 -94.03
N CYS O 65 -28.05 -38.23 -94.51
CA CYS O 65 -27.03 -37.16 -94.56
C CYS O 65 -27.11 -36.36 -93.25
N ILE O 66 -26.09 -36.49 -92.40
CA ILE O 66 -26.14 -35.93 -91.05
C ILE O 66 -25.62 -34.50 -91.01
N SER O 67 -24.63 -34.22 -91.85
CA SER O 67 -24.09 -32.89 -91.96
C SER O 67 -23.48 -32.70 -93.35
N ARG O 68 -22.81 -31.58 -93.55
CA ARG O 68 -22.13 -31.34 -94.80
C ARG O 68 -21.12 -32.48 -94.96
N THR O 69 -20.44 -32.76 -93.86
CA THR O 69 -19.26 -33.62 -93.91
C THR O 69 -19.53 -35.09 -93.62
N ILE O 70 -20.56 -35.36 -92.80
CA ILE O 70 -20.83 -36.67 -92.15
C ILE O 70 -22.04 -37.46 -92.67
N GLY O 71 -21.80 -38.71 -93.06
CA GLY O 71 -22.86 -39.61 -93.51
C GLY O 71 -23.11 -40.74 -92.54
N MET O 72 -24.34 -41.23 -92.48
CA MET O 72 -24.71 -42.35 -91.60
C MET O 72 -25.60 -43.35 -92.29
N VAL O 73 -25.27 -44.64 -92.16
CA VAL O 73 -26.12 -45.71 -92.67
C VAL O 73 -26.53 -46.67 -91.56
N VAL O 74 -27.83 -46.93 -91.48
CA VAL O 74 -28.41 -47.72 -90.38
C VAL O 74 -28.87 -49.11 -90.81
N ASN O 75 -28.56 -50.11 -89.99
CA ASN O 75 -29.18 -51.41 -90.14
C ASN O 75 -30.19 -51.52 -89.01
N GLY O 76 -31.47 -51.60 -89.34
CA GLY O 76 -32.49 -51.65 -88.31
C GLY O 76 -33.81 -51.12 -88.81
N PRO O 77 -34.89 -51.36 -88.04
CA PRO O 77 -36.24 -50.95 -88.42
C PRO O 77 -36.21 -49.48 -88.78
N ILE O 78 -36.97 -49.06 -89.77
CA ILE O 78 -36.89 -47.66 -90.15
C ILE O 78 -37.19 -46.69 -88.99
N PRO O 79 -38.25 -46.93 -88.21
CA PRO O 79 -38.61 -45.99 -87.15
C PRO O 79 -37.43 -45.67 -86.25
N ASP O 80 -36.69 -46.68 -85.80
CA ASP O 80 -35.56 -46.44 -84.92
C ASP O 80 -34.40 -45.72 -85.64
N ALA O 81 -34.19 -46.02 -86.91
CA ALA O 81 -33.12 -45.36 -87.65
C ALA O 81 -33.31 -43.86 -87.65
N ARG O 82 -34.51 -43.41 -88.00
CA ARG O 82 -34.86 -42.00 -88.01
C ARG O 82 -34.77 -41.32 -86.64
N ASN O 83 -35.20 -42.00 -85.59
CA ASN O 83 -35.03 -41.48 -84.24
C ASN O 83 -33.58 -41.16 -83.93
N ALA O 84 -32.68 -41.95 -84.50
CA ALA O 84 -31.25 -41.78 -84.26
C ALA O 84 -30.66 -40.72 -85.17
N ALA O 85 -31.02 -40.79 -86.44
CA ALA O 85 -30.54 -39.83 -87.43
C ALA O 85 -30.95 -38.42 -87.05
N LEU O 86 -32.21 -38.22 -86.72
CA LEU O 86 -32.69 -36.91 -86.30
C LEU O 86 -31.90 -36.41 -85.08
N ARG O 87 -31.60 -37.29 -84.13
CA ARG O 87 -30.84 -36.88 -82.96
C ARG O 87 -29.39 -36.58 -83.28
N ALA O 88 -28.86 -37.22 -84.31
CA ALA O 88 -27.48 -36.95 -84.68
C ALA O 88 -27.38 -35.70 -85.52
N LYS O 89 -28.34 -35.53 -86.42
CA LYS O 89 -28.41 -34.35 -87.28
C LYS O 89 -28.45 -33.08 -86.41
N ALA O 90 -28.76 -33.27 -85.13
CA ALA O 90 -28.98 -32.16 -84.22
C ALA O 90 -27.89 -32.05 -83.16
N GLU O 91 -27.12 -33.12 -82.99
CA GLU O 91 -26.06 -33.11 -82.00
C GLU O 91 -24.85 -32.51 -82.68
N ALA O 92 -24.95 -32.43 -84.01
CA ALA O 92 -23.81 -32.08 -84.85
C ALA O 92 -23.96 -30.69 -85.38
N ALA O 93 -25.21 -30.22 -85.36
CA ALA O 93 -25.49 -28.84 -85.63
C ALA O 93 -25.19 -28.07 -84.35
N GLU O 94 -25.60 -28.63 -83.22
CA GLU O 94 -25.30 -28.01 -81.94
C GLU O 94 -23.78 -27.99 -81.74
N PHE O 95 -23.10 -29.03 -82.17
CA PHE O 95 -21.66 -29.08 -81.93
C PHE O 95 -20.95 -27.95 -82.67
N ARG O 96 -21.36 -27.72 -83.91
CA ARG O 96 -20.76 -26.67 -84.73
C ARG O 96 -20.97 -25.30 -84.11
N TYR O 97 -22.16 -25.09 -83.58
CA TYR O 97 -22.53 -23.80 -83.04
C TYR O 97 -21.81 -23.51 -81.74
N LYS O 98 -21.69 -24.50 -80.87
CA LYS O 98 -21.15 -24.27 -79.54
C LYS O 98 -19.64 -24.10 -79.58
N TYR O 99 -19.00 -24.85 -80.47
CA TYR O 99 -17.55 -25.11 -80.41
C TYR O 99 -16.77 -24.57 -81.62
N GLY O 100 -17.48 -24.15 -82.66
CA GLY O 100 -16.89 -23.45 -83.77
C GLY O 100 -16.24 -24.19 -84.93
N TYR O 101 -16.10 -25.51 -84.82
CA TYR O 101 -15.69 -26.30 -85.98
C TYR O 101 -16.74 -27.34 -86.35
N ASP O 102 -16.69 -27.82 -87.58
CA ASP O 102 -17.64 -28.83 -88.02
C ASP O 102 -17.50 -30.02 -87.06
N MET O 103 -18.58 -30.79 -86.83
CA MET O 103 -18.46 -31.97 -85.95
C MET O 103 -17.81 -33.16 -86.64
N PRO O 104 -16.75 -33.69 -86.02
CA PRO O 104 -15.88 -34.77 -86.52
C PRO O 104 -16.51 -36.14 -86.34
N CYS O 105 -16.30 -37.00 -87.34
CA CYS O 105 -16.94 -38.31 -87.35
C CYS O 105 -16.83 -39.09 -86.04
N ASP O 106 -15.63 -39.23 -85.51
CA ASP O 106 -15.48 -40.07 -84.33
C ASP O 106 -16.06 -39.46 -83.08
N VAL O 107 -16.27 -38.15 -83.07
CA VAL O 107 -16.87 -37.53 -81.90
C VAL O 107 -18.37 -37.73 -81.91
N LEU O 108 -18.98 -37.61 -83.07
CA LEU O 108 -20.41 -37.89 -83.20
C LEU O 108 -20.71 -39.32 -82.77
N ALA O 109 -19.82 -40.25 -83.11
CA ALA O 109 -20.02 -41.64 -82.75
C ALA O 109 -19.92 -41.84 -81.24
N LYS O 110 -18.88 -41.27 -80.62
CA LYS O 110 -18.74 -41.37 -79.16
C LYS O 110 -19.99 -40.81 -78.49
N ARG O 111 -20.59 -39.81 -79.10
CA ARG O 111 -21.74 -39.17 -78.49
C ARG O 111 -23.04 -39.96 -78.65
N MET O 112 -23.14 -40.73 -79.73
CA MET O 112 -24.33 -41.57 -79.93
C MET O 112 -24.17 -42.88 -79.18
N ALA O 113 -22.93 -43.33 -79.03
CA ALA O 113 -22.64 -44.52 -78.25
C ALA O 113 -22.84 -44.24 -76.76
N ASN O 114 -22.38 -43.09 -76.30
CA ASN O 114 -22.71 -42.61 -74.96
C ASN O 114 -24.23 -42.62 -74.75
N LEU O 115 -24.96 -42.03 -75.68
CA LEU O 115 -26.40 -42.10 -75.63
C LEU O 115 -26.83 -43.55 -75.59
N SER O 116 -26.40 -44.36 -76.57
CA SER O 116 -26.82 -45.76 -76.66
C SER O 116 -26.56 -46.50 -75.37
N GLN O 117 -25.62 -45.97 -74.58
CA GLN O 117 -25.27 -46.51 -73.26
C GLN O 117 -26.28 -46.20 -72.19
N ILE O 118 -26.79 -44.98 -72.16
CA ILE O 118 -27.75 -44.63 -71.12
C ILE O 118 -28.92 -45.61 -71.19
N TYR O 119 -29.34 -45.92 -72.41
CA TYR O 119 -30.48 -46.79 -72.63
C TYR O 119 -30.22 -48.14 -71.96
N THR O 120 -28.93 -48.45 -71.90
CA THR O 120 -28.35 -49.71 -71.44
C THR O 120 -28.24 -49.76 -69.91
N GLN O 121 -28.61 -48.66 -69.25
CA GLN O 121 -28.38 -48.52 -67.81
C GLN O 121 -29.57 -47.90 -67.09
N ARG O 122 -30.54 -47.42 -67.87
CA ARG O 122 -31.79 -46.91 -67.31
C ARG O 122 -32.98 -47.83 -67.54
N ALA O 123 -33.73 -48.03 -66.46
CA ALA O 123 -34.80 -48.99 -66.46
C ALA O 123 -35.76 -48.66 -67.56
N TYR O 124 -36.21 -47.40 -67.58
CA TYR O 124 -37.42 -47.01 -68.32
C TYR O 124 -37.30 -46.77 -69.83
N MET O 125 -36.11 -46.41 -70.30
CA MET O 125 -35.86 -46.32 -71.73
C MET O 125 -35.20 -47.58 -72.35
N ARG O 126 -35.63 -47.87 -73.57
CA ARG O 126 -35.16 -49.03 -74.31
C ARG O 126 -34.13 -48.60 -75.34
N PRO O 127 -33.13 -49.45 -75.60
CA PRO O 127 -32.12 -49.16 -76.62
C PRO O 127 -32.81 -49.16 -77.96
N LEU O 128 -32.09 -48.79 -79.00
CA LEU O 128 -32.71 -48.80 -80.30
C LEU O 128 -32.16 -50.00 -81.04
N GLY O 129 -33.00 -50.58 -81.89
CA GLY O 129 -32.59 -51.71 -82.69
C GLY O 129 -31.81 -51.32 -83.94
N VAL O 130 -30.74 -50.59 -83.75
CA VAL O 130 -30.02 -50.06 -84.89
C VAL O 130 -28.54 -50.15 -84.66
N ILE O 131 -27.84 -50.31 -85.77
CA ILE O 131 -26.40 -50.21 -85.76
C ILE O 131 -26.00 -49.13 -86.76
N LEU O 132 -25.56 -48.03 -86.18
CA LEU O 132 -25.25 -46.83 -86.92
C LEU O 132 -23.82 -46.90 -87.39
N THR O 133 -23.64 -46.87 -88.70
CA THR O 133 -22.33 -46.82 -89.32
C THR O 133 -22.08 -45.40 -89.79
N PHE O 134 -21.13 -44.70 -89.16
CA PHE O 134 -20.82 -43.31 -89.48
C PHE O 134 -19.58 -43.18 -90.38
N VAL O 135 -19.70 -42.39 -91.45
CA VAL O 135 -18.58 -42.14 -92.35
C VAL O 135 -18.37 -40.65 -92.59
N SER O 136 -17.14 -40.29 -92.96
CA SER O 136 -16.79 -38.94 -93.32
C SER O 136 -15.36 -38.91 -93.85
N VAL O 137 -14.87 -37.71 -94.17
CA VAL O 137 -13.47 -37.54 -94.52
C VAL O 137 -12.87 -36.51 -93.57
N ASP O 138 -12.93 -36.81 -92.27
CA ASP O 138 -12.64 -35.85 -91.21
C ASP O 138 -11.34 -35.10 -91.39
N GLU O 139 -11.36 -33.79 -91.13
CA GLU O 139 -10.24 -32.90 -91.47
C GLU O 139 -8.91 -33.22 -90.78
N GLU O 140 -8.96 -33.93 -89.66
CA GLU O 140 -7.74 -34.34 -88.95
C GLU O 140 -7.35 -35.82 -89.19
N LEU O 141 -8.31 -36.75 -89.22
CA LEU O 141 -7.99 -38.18 -89.28
C LEU O 141 -7.99 -38.81 -90.66
N GLY O 142 -8.63 -38.17 -91.62
CA GLY O 142 -8.67 -38.67 -92.98
C GLY O 142 -9.99 -39.36 -93.20
N PRO O 143 -10.05 -40.33 -94.11
CA PRO O 143 -11.29 -41.12 -94.19
C PRO O 143 -11.59 -41.85 -92.89
N SER O 144 -12.81 -41.68 -92.40
CA SER O 144 -13.22 -42.27 -91.13
C SER O 144 -14.41 -43.20 -91.32
N ILE O 145 -14.44 -44.28 -90.54
CA ILE O 145 -15.59 -45.18 -90.48
C ILE O 145 -15.73 -45.63 -89.03
N TYR O 146 -16.77 -45.15 -88.35
CA TYR O 146 -17.01 -45.46 -86.94
C TYR O 146 -18.43 -46.01 -86.75
N LYS O 147 -18.54 -47.16 -86.07
CA LYS O 147 -19.83 -47.85 -85.89
C LYS O 147 -20.21 -47.98 -84.40
N THR O 148 -21.45 -47.65 -84.07
CA THR O 148 -21.93 -47.78 -82.71
C THR O 148 -23.06 -48.78 -82.71
N ASP O 149 -23.25 -49.46 -81.58
CA ASP O 149 -24.27 -50.51 -81.49
C ASP O 149 -25.10 -50.37 -80.21
N PRO O 150 -26.21 -51.10 -80.14
CA PRO O 150 -27.15 -50.94 -79.03
C PRO O 150 -26.51 -51.16 -77.68
N ALA O 151 -25.29 -51.71 -77.69
CA ALA O 151 -24.58 -52.08 -76.46
C ALA O 151 -23.92 -50.89 -75.80
N GLY O 152 -23.65 -49.86 -76.63
CA GLY O 152 -23.02 -48.62 -76.20
C GLY O 152 -21.60 -48.54 -76.71
N TYR O 153 -21.21 -49.54 -77.47
CA TYR O 153 -19.86 -49.72 -77.98
C TYR O 153 -19.65 -48.94 -79.27
N TYR O 154 -18.45 -48.39 -79.43
CA TYR O 154 -18.08 -47.76 -80.69
C TYR O 154 -16.60 -48.05 -80.91
N VAL O 155 -16.23 -48.16 -82.17
CA VAL O 155 -14.83 -48.32 -82.53
C VAL O 155 -14.67 -48.05 -84.01
N GLY O 156 -13.44 -47.83 -84.45
CA GLY O 156 -13.20 -47.39 -85.80
C GLY O 156 -12.64 -48.48 -86.67
N TYR O 157 -13.18 -48.61 -87.87
CA TYR O 157 -12.84 -49.73 -88.75
C TYR O 157 -12.06 -49.26 -89.99
N LYS O 158 -11.13 -50.10 -90.45
CA LYS O 158 -10.51 -49.96 -91.77
C LYS O 158 -11.65 -50.00 -92.78
N ALA O 159 -12.42 -51.09 -92.71
CA ALA O 159 -13.69 -51.21 -93.41
C ALA O 159 -14.60 -52.03 -92.52
N THR O 160 -15.90 -52.09 -92.84
CA THR O 160 -16.80 -52.89 -92.02
C THR O 160 -18.03 -53.37 -92.79
N ALA O 161 -18.77 -54.30 -92.17
CA ALA O 161 -20.04 -54.75 -92.70
C ALA O 161 -21.00 -55.05 -91.55
N THR O 162 -22.30 -54.99 -91.86
CA THR O 162 -23.32 -55.14 -90.82
C THR O 162 -24.57 -55.77 -91.39
N GLY O 163 -25.28 -56.54 -90.55
CA GLY O 163 -26.53 -57.15 -90.95
C GLY O 163 -26.52 -58.66 -91.01
N PRO O 164 -27.51 -59.25 -91.70
CA PRO O 164 -27.74 -60.70 -91.81
C PRO O 164 -26.55 -61.50 -92.31
N LYS O 165 -26.11 -61.27 -93.54
CA LYS O 165 -24.94 -61.97 -94.07
C LYS O 165 -23.66 -61.21 -93.75
N GLN O 166 -23.64 -60.59 -92.57
CA GLN O 166 -22.51 -59.79 -92.13
C GLN O 166 -21.16 -60.50 -92.21
N GLN O 167 -21.12 -61.76 -91.78
CA GLN O 167 -19.83 -62.43 -91.67
C GLN O 167 -19.32 -62.94 -93.00
N GLU O 168 -20.20 -63.14 -93.96
CA GLU O 168 -19.75 -63.53 -95.29
C GLU O 168 -19.04 -62.34 -95.94
N ILE O 169 -19.61 -61.15 -95.76
CA ILE O 169 -19.03 -59.92 -96.28
C ILE O 169 -17.76 -59.55 -95.53
N THR O 170 -17.81 -59.64 -94.21
CA THR O 170 -16.67 -59.29 -93.38
C THR O 170 -15.44 -60.13 -93.73
N THR O 171 -15.62 -61.44 -93.88
CA THR O 171 -14.50 -62.35 -94.15
C THR O 171 -13.92 -62.16 -95.56
N ASN O 172 -14.70 -61.60 -96.48
CA ASN O 172 -14.16 -61.22 -97.79
C ASN O 172 -13.18 -60.06 -97.69
N LEU O 173 -13.56 -59.05 -96.90
CA LEU O 173 -12.74 -57.87 -96.73
C LEU O 173 -11.46 -58.23 -95.99
N GLU O 174 -11.60 -58.98 -94.90
CA GLU O 174 -10.44 -59.39 -94.11
C GLU O 174 -9.37 -60.01 -95.01
N ASN O 175 -9.81 -60.78 -96.01
CA ASN O 175 -8.88 -61.47 -96.90
C ASN O 175 -8.36 -60.58 -98.04
N HIS O 176 -8.59 -59.29 -97.92
CA HIS O 176 -8.11 -58.35 -98.94
C HIS O 176 -7.34 -57.21 -98.29
N PHE O 177 -7.21 -57.27 -96.96
CA PHE O 177 -6.36 -56.36 -96.20
C PHE O 177 -5.31 -57.17 -95.48
N LYS O 178 -5.45 -58.49 -95.57
CA LYS O 178 -4.39 -59.41 -95.23
C LYS O 178 -3.44 -59.42 -96.44
N LYS O 179 -4.00 -59.10 -97.60
CA LYS O 179 -3.30 -59.22 -98.89
C LYS O 179 -2.65 -57.92 -99.42
N SER O 180 -3.26 -56.77 -99.12
CA SER O 180 -2.61 -55.51 -99.47
C SER O 180 -1.92 -54.91 -98.23
N LYS O 181 -2.07 -55.62 -97.11
CA LYS O 181 -1.41 -55.29 -95.83
C LYS O 181 -1.40 -53.82 -95.45
N ILE O 182 -2.52 -53.13 -95.71
CA ILE O 182 -2.65 -51.73 -95.33
C ILE O 182 -3.95 -51.47 -94.55
N ASP O 183 -4.31 -50.19 -94.47
CA ASP O 183 -5.51 -49.78 -93.75
C ASP O 183 -6.53 -49.14 -94.70
N HIS O 184 -6.32 -49.26 -96.01
CA HIS O 184 -7.22 -48.64 -97.01
C HIS O 184 -7.18 -49.23 -98.43
N ILE O 185 -7.89 -48.58 -99.34
CA ILE O 185 -8.02 -48.99 -100.75
C ILE O 185 -7.26 -48.02 -101.65
N ASN O 186 -6.08 -48.40 -102.13
CA ASN O 186 -5.26 -47.44 -102.88
C ASN O 186 -5.81 -47.15 -104.29
N GLU O 187 -6.86 -46.34 -104.32
CA GLU O 187 -7.41 -45.78 -105.54
C GLU O 187 -7.74 -44.29 -105.32
N GLU O 188 -7.48 -43.44 -106.31
CA GLU O 188 -7.61 -42.00 -106.11
C GLU O 188 -9.05 -41.50 -106.21
N SER O 189 -9.67 -41.70 -107.38
CA SER O 189 -11.04 -41.25 -107.61
C SER O 189 -11.98 -42.14 -106.81
N TRP O 190 -12.99 -41.54 -106.21
CA TRP O 190 -13.93 -42.31 -105.40
C TRP O 190 -14.70 -43.31 -106.26
N GLU O 191 -14.89 -42.97 -107.53
CA GLU O 191 -15.62 -43.85 -108.44
C GLU O 191 -15.09 -45.27 -108.41
N LYS O 192 -13.77 -45.43 -108.49
CA LYS O 192 -13.16 -46.76 -108.49
C LYS O 192 -13.26 -47.43 -107.12
N VAL O 193 -13.42 -46.63 -106.07
CA VAL O 193 -13.60 -47.16 -104.72
C VAL O 193 -15.03 -47.60 -104.49
N VAL O 194 -15.96 -46.97 -105.21
CA VAL O 194 -17.34 -47.40 -105.19
C VAL O 194 -17.49 -48.69 -105.98
N GLU O 195 -16.85 -48.75 -107.14
CA GLU O 195 -16.88 -49.96 -107.95
C GLU O 195 -16.32 -51.13 -107.13
N PHE O 196 -15.20 -50.89 -106.46
CA PHE O 196 -14.59 -51.92 -105.63
C PHE O 196 -15.51 -52.39 -104.50
N ALA O 197 -16.26 -51.46 -103.91
CA ALA O 197 -17.14 -51.81 -102.79
C ALA O 197 -18.32 -52.63 -103.25
N ILE O 198 -18.76 -52.38 -104.48
CA ILE O 198 -19.85 -53.16 -105.06
C ILE O 198 -19.33 -54.53 -105.48
N THR O 199 -18.16 -54.54 -106.11
CA THR O 199 -17.52 -55.79 -106.52
C THR O 199 -17.41 -56.76 -105.35
N HIS O 200 -16.63 -56.38 -104.35
CA HIS O 200 -16.40 -57.28 -103.24
C HIS O 200 -17.68 -57.66 -102.46
N MET O 201 -18.82 -57.07 -102.83
CA MET O 201 -20.09 -57.43 -102.20
C MET O 201 -20.87 -58.42 -103.08
N ILE O 202 -20.84 -58.20 -104.38
CA ILE O 202 -21.36 -59.19 -105.31
C ILE O 202 -20.64 -60.52 -105.05
N ASP O 203 -19.31 -60.47 -105.02
CA ASP O 203 -18.48 -61.63 -104.74
C ASP O 203 -18.94 -62.37 -103.47
N ALA O 204 -19.22 -61.60 -102.43
CA ALA O 204 -19.50 -62.17 -101.12
C ALA O 204 -20.95 -62.62 -100.95
N LEU O 205 -21.85 -62.05 -101.75
CA LEU O 205 -23.27 -62.38 -101.64
C LEU O 205 -23.73 -63.33 -102.73
N GLY O 206 -22.93 -63.46 -103.77
CA GLY O 206 -23.22 -64.40 -104.83
C GLY O 206 -24.49 -64.06 -105.60
N THR O 207 -24.84 -62.78 -105.62
CA THR O 207 -25.92 -62.29 -106.49
C THR O 207 -25.52 -61.00 -107.15
N GLU O 208 -26.02 -60.77 -108.36
CA GLU O 208 -25.72 -59.54 -109.08
C GLU O 208 -26.67 -58.47 -108.61
N PHE O 209 -26.32 -57.20 -108.85
CA PHE O 209 -27.16 -56.08 -108.48
C PHE O 209 -27.56 -55.27 -109.71
N SER O 210 -28.76 -54.68 -109.68
CA SER O 210 -29.17 -53.71 -110.69
C SER O 210 -29.21 -52.31 -110.08
N LYS O 211 -29.33 -51.27 -110.92
CA LYS O 211 -29.36 -49.89 -110.41
C LYS O 211 -30.40 -49.65 -109.30
N ASN O 212 -31.30 -50.62 -109.08
CA ASN O 212 -32.41 -50.48 -108.14
C ASN O 212 -32.24 -51.22 -106.80
N ASP O 213 -31.21 -52.07 -106.68
CA ASP O 213 -31.03 -52.91 -105.50
C ASP O 213 -29.96 -52.35 -104.56
N LEU O 214 -29.42 -51.20 -104.93
CA LEU O 214 -28.34 -50.59 -104.17
C LEU O 214 -28.58 -49.12 -103.81
N GLU O 215 -27.98 -48.73 -102.70
CA GLU O 215 -27.99 -47.37 -102.25
C GLU O 215 -26.52 -47.08 -102.04
N VAL O 216 -26.03 -45.99 -102.59
CA VAL O 216 -24.64 -45.67 -102.36
C VAL O 216 -24.50 -44.31 -101.73
N GLY O 217 -23.67 -44.25 -100.69
CA GLY O 217 -23.30 -43.01 -100.06
C GLY O 217 -21.81 -42.83 -100.23
N VAL O 218 -21.37 -41.58 -100.40
CA VAL O 218 -19.96 -41.27 -100.62
C VAL O 218 -19.55 -40.04 -99.86
N ALA O 219 -18.34 -40.07 -99.31
CA ALA O 219 -17.80 -38.94 -98.59
C ALA O 219 -16.44 -38.55 -99.17
N THR O 220 -16.34 -37.33 -99.71
CA THR O 220 -15.06 -36.74 -100.08
C THR O 220 -14.79 -35.61 -99.10
N LYS O 221 -13.65 -34.95 -99.19
CA LYS O 221 -13.42 -33.80 -98.33
C LYS O 221 -14.43 -32.72 -98.70
N ASP O 222 -15.01 -32.09 -97.68
CA ASP O 222 -15.89 -30.94 -97.89
C ASP O 222 -17.30 -31.30 -98.40
N LYS O 223 -17.54 -32.57 -98.72
CA LYS O 223 -18.91 -33.05 -99.05
C LYS O 223 -19.22 -34.51 -98.67
N PHE O 224 -20.47 -34.76 -98.27
CA PHE O 224 -21.02 -36.10 -98.27
C PHE O 224 -22.33 -36.06 -99.03
N PHE O 225 -22.44 -36.93 -100.04
CA PHE O 225 -23.59 -36.98 -100.93
C PHE O 225 -23.97 -38.41 -101.25
N THR O 226 -25.17 -38.62 -101.80
CA THR O 226 -25.59 -39.95 -102.21
C THR O 226 -25.77 -40.05 -103.71
N LEU O 227 -25.48 -41.23 -104.25
CA LEU O 227 -25.54 -41.45 -105.69
C LEU O 227 -26.97 -41.71 -106.11
N SER O 228 -27.33 -41.14 -107.25
CA SER O 228 -28.69 -41.23 -107.78
C SER O 228 -28.89 -42.58 -108.43
N ALA O 229 -30.12 -42.83 -108.88
CA ALA O 229 -30.40 -44.04 -109.64
C ALA O 229 -29.29 -44.27 -110.68
N GLU O 230 -29.08 -43.28 -111.54
CA GLU O 230 -28.16 -43.38 -112.68
C GLU O 230 -26.69 -43.35 -112.33
N ASN O 231 -26.32 -42.57 -111.31
CA ASN O 231 -24.92 -42.47 -110.91
C ASN O 231 -24.33 -43.83 -110.53
N ILE O 232 -25.23 -44.78 -110.25
CA ILE O 232 -24.90 -46.17 -109.90
C ILE O 232 -24.81 -47.05 -111.14
N GLU O 233 -25.83 -46.97 -111.99
CA GLU O 233 -25.81 -47.73 -113.23
C GLU O 233 -24.48 -47.53 -113.95
N GLU O 234 -23.96 -46.31 -113.93
CA GLU O 234 -22.64 -46.02 -114.51
C GLU O 234 -21.55 -46.85 -113.85
N ARG O 235 -21.61 -46.93 -112.52
CA ARG O 235 -20.65 -47.68 -111.73
C ARG O 235 -20.75 -49.18 -112.03
N LEU O 236 -21.97 -49.64 -112.29
CA LEU O 236 -22.22 -51.05 -112.56
C LEU O 236 -21.74 -51.41 -113.95
N VAL O 237 -22.05 -50.53 -114.89
CA VAL O 237 -21.65 -50.73 -116.28
C VAL O 237 -20.14 -50.88 -116.38
N ALA O 238 -19.41 -50.12 -115.57
CA ALA O 238 -17.95 -50.17 -115.58
C ALA O 238 -17.40 -51.46 -114.97
N ILE O 239 -18.10 -51.99 -113.97
CA ILE O 239 -17.68 -53.25 -113.36
C ILE O 239 -17.79 -54.37 -114.38
N ALA O 240 -18.93 -54.37 -115.06
CA ALA O 240 -19.26 -55.44 -116.01
C ALA O 240 -18.36 -55.45 -117.25
N GLU O 241 -17.76 -54.31 -117.56
CA GLU O 241 -16.86 -54.19 -118.71
C GLU O 241 -15.38 -54.29 -118.33
N GLN O 242 -15.07 -55.22 -117.44
CA GLN O 242 -13.69 -55.51 -117.05
C GLN O 242 -13.71 -56.86 -116.36
N ASP O 243 -14.87 -57.19 -115.79
CA ASP O 243 -15.14 -58.46 -115.13
C ASP O 243 -16.05 -59.33 -116.00
N GLN P 1 -27.82 -57.95 -56.63
CA GLN P 1 -27.85 -57.00 -57.79
C GLN P 1 -26.56 -56.21 -57.99
N ILE P 2 -25.95 -55.78 -56.91
CA ILE P 2 -24.59 -55.31 -57.01
C ILE P 2 -23.75 -56.52 -57.30
N ASP P 3 -24.17 -57.65 -56.73
CA ASP P 3 -23.43 -58.90 -56.85
C ASP P 3 -23.36 -59.36 -58.30
N TYR P 4 -24.40 -59.08 -59.06
CA TYR P 4 -24.44 -59.51 -60.45
C TYR P 4 -23.54 -58.65 -61.32
N ALA P 5 -23.31 -57.40 -60.91
CA ALA P 5 -22.45 -56.50 -61.68
C ALA P 5 -20.99 -56.85 -61.46
N LEU P 6 -20.63 -57.14 -60.22
CA LEU P 6 -19.30 -57.65 -59.92
C LEU P 6 -18.99 -58.86 -60.77
N THR P 7 -20.03 -59.56 -61.21
CA THR P 7 -19.89 -60.77 -62.03
C THR P 7 -19.57 -60.40 -63.48
N ALA P 8 -20.14 -59.31 -63.98
CA ALA P 8 -19.76 -58.87 -65.32
C ALA P 8 -18.30 -58.40 -65.31
N VAL P 9 -17.88 -57.89 -64.16
CA VAL P 9 -16.48 -57.50 -63.95
C VAL P 9 -15.56 -58.71 -63.93
N LYS P 10 -15.99 -59.79 -63.28
CA LYS P 10 -15.19 -61.02 -63.17
C LYS P 10 -14.82 -61.63 -64.53
N GLN P 11 -15.72 -61.56 -65.50
CA GLN P 11 -15.36 -61.83 -66.91
C GLN P 11 -15.03 -60.51 -67.58
N GLY P 12 -14.58 -60.55 -68.83
CA GLY P 12 -14.13 -59.32 -69.44
C GLY P 12 -12.67 -59.07 -69.15
N VAL P 13 -11.98 -58.48 -70.12
CA VAL P 13 -10.53 -58.60 -70.18
C VAL P 13 -9.80 -58.15 -68.91
N THR P 14 -8.79 -58.95 -68.58
CA THR P 14 -7.93 -58.76 -67.42
C THR P 14 -7.19 -57.43 -67.42
N SER P 15 -7.05 -56.82 -66.25
CA SER P 15 -6.26 -55.60 -66.12
C SER P 15 -5.65 -55.55 -64.73
N LEU P 16 -4.59 -54.77 -64.56
CA LEU P 16 -3.78 -54.83 -63.35
C LEU P 16 -3.15 -53.51 -63.00
N GLY P 17 -2.51 -53.46 -61.84
CA GLY P 17 -1.82 -52.26 -61.38
C GLY P 17 -0.75 -52.58 -60.35
N ILE P 18 0.39 -51.90 -60.44
CA ILE P 18 1.49 -52.08 -59.51
C ILE P 18 2.10 -50.75 -59.05
N LYS P 19 2.09 -50.49 -57.75
CA LYS P 19 2.74 -49.32 -57.18
C LYS P 19 4.22 -49.63 -56.91
N ALA P 20 5.08 -48.66 -57.11
CA ALA P 20 6.49 -48.85 -56.82
C ALA P 20 6.95 -47.72 -55.91
N THR P 21 8.26 -47.53 -55.83
CA THR P 21 8.83 -46.50 -54.98
C THR P 21 8.80 -45.17 -55.69
N ASN P 22 9.06 -45.19 -56.99
CA ASN P 22 9.11 -43.97 -57.79
C ASN P 22 8.20 -44.02 -59.01
N GLY P 23 6.99 -44.52 -58.84
CA GLY P 23 6.03 -44.58 -59.93
C GLY P 23 4.94 -45.62 -59.74
N VAL P 24 3.89 -45.53 -60.55
CA VAL P 24 2.82 -46.53 -60.58
C VAL P 24 2.64 -47.00 -62.01
N VAL P 25 2.11 -48.20 -62.22
CA VAL P 25 1.89 -48.74 -63.57
C VAL P 25 0.55 -49.45 -63.65
N ILE P 26 -0.17 -49.23 -64.75
CA ILE P 26 -1.43 -49.90 -64.99
C ILE P 26 -1.50 -50.37 -66.43
N ALA P 27 -2.07 -51.55 -66.65
CA ALA P 27 -2.19 -52.09 -68.00
C ALA P 27 -3.35 -53.05 -68.14
N THR P 28 -3.81 -53.21 -69.37
CA THR P 28 -4.82 -54.19 -69.72
C THR P 28 -4.50 -54.61 -71.14
N GLU P 29 -5.27 -55.53 -71.69
CA GLU P 29 -5.11 -55.92 -73.09
C GLU P 29 -6.19 -55.26 -73.97
N LYS P 30 -5.89 -55.09 -75.25
CA LYS P 30 -6.84 -54.53 -76.20
C LYS P 30 -7.37 -55.65 -77.08
N LYS P 31 -8.41 -56.33 -76.63
CA LYS P 31 -8.95 -57.42 -77.41
C LYS P 31 -9.72 -56.83 -78.57
N SER P 32 -9.24 -57.14 -79.77
CA SER P 32 -9.86 -56.62 -80.98
C SER P 32 -11.12 -57.42 -81.32
N SER P 33 -12.25 -56.74 -81.30
CA SER P 33 -13.54 -57.32 -81.66
C SER P 33 -13.57 -57.70 -83.13
N SER P 34 -12.39 -57.70 -83.76
CA SER P 34 -12.25 -57.91 -85.20
C SER P 34 -10.85 -57.44 -85.61
N PRO P 35 -10.34 -57.96 -86.73
CA PRO P 35 -9.07 -57.49 -87.30
C PRO P 35 -9.32 -56.28 -88.18
N LEU P 36 -10.55 -56.17 -88.68
CA LEU P 36 -10.96 -55.02 -89.49
C LEU P 36 -10.91 -53.72 -88.68
N ALA P 37 -11.28 -53.80 -87.40
CA ALA P 37 -11.21 -52.67 -86.50
C ALA P 37 -9.78 -52.23 -86.24
N MET P 38 -9.58 -50.92 -86.19
CA MET P 38 -8.29 -50.32 -85.84
C MET P 38 -8.29 -50.08 -84.33
N SER P 39 -7.47 -50.84 -83.60
CA SER P 39 -7.58 -50.86 -82.14
C SER P 39 -7.02 -49.59 -81.47
N GLU P 40 -6.38 -48.74 -82.25
CA GLU P 40 -5.87 -47.47 -81.73
C GLU P 40 -6.96 -46.44 -81.48
N THR P 41 -8.17 -46.70 -81.99
CA THR P 41 -9.29 -45.77 -81.86
C THR P 41 -10.05 -45.93 -80.55
N LEU P 42 -9.63 -46.91 -79.76
CA LEU P 42 -10.25 -47.08 -78.46
C LEU P 42 -9.16 -47.17 -77.43
N SER P 43 -9.35 -46.44 -76.34
CA SER P 43 -8.37 -46.40 -75.27
C SER P 43 -8.95 -46.99 -73.98
N LYS P 44 -8.35 -48.08 -73.51
CA LYS P 44 -8.71 -48.71 -72.24
C LYS P 44 -7.96 -48.04 -71.08
N VAL P 45 -6.89 -47.32 -71.38
CA VAL P 45 -6.19 -46.58 -70.35
C VAL P 45 -6.33 -45.10 -70.62
N SER P 46 -7.10 -44.43 -69.77
CA SER P 46 -7.50 -43.06 -70.00
C SER P 46 -6.91 -42.09 -68.96
N LEU P 47 -6.59 -40.87 -69.39
CA LEU P 47 -6.09 -39.85 -68.47
C LEU P 47 -7.26 -39.16 -67.79
N LEU P 48 -7.18 -39.01 -66.46
CA LEU P 48 -8.18 -38.24 -65.73
C LEU P 48 -7.64 -36.83 -65.39
N THR P 49 -6.49 -36.77 -64.75
CA THR P 49 -5.75 -35.52 -64.58
C THR P 49 -4.30 -35.78 -64.97
N PRO P 50 -3.49 -34.74 -65.17
CA PRO P 50 -2.14 -35.06 -65.67
C PRO P 50 -1.29 -35.77 -64.61
N ASP P 51 -1.88 -36.02 -63.46
CA ASP P 51 -1.20 -36.75 -62.41
C ASP P 51 -1.90 -38.10 -62.13
N ILE P 52 -2.99 -38.39 -62.87
CA ILE P 52 -3.88 -39.51 -62.57
C ILE P 52 -4.49 -40.21 -63.80
N GLY P 53 -4.28 -41.52 -63.90
CA GLY P 53 -4.89 -42.32 -64.95
C GLY P 53 -5.75 -43.46 -64.44
N ALA P 54 -6.41 -44.17 -65.35
CA ALA P 54 -7.33 -45.23 -64.95
C ALA P 54 -7.47 -46.30 -66.00
N VAL P 55 -7.71 -47.52 -65.54
CA VAL P 55 -7.97 -48.66 -66.41
C VAL P 55 -9.10 -49.46 -65.79
N TYR P 56 -9.71 -50.34 -66.58
CA TYR P 56 -10.89 -51.09 -66.15
C TYR P 56 -10.92 -52.56 -66.57
N SER P 57 -11.95 -53.23 -66.10
CA SER P 57 -12.24 -54.58 -66.55
C SER P 57 -13.73 -54.69 -66.60
N GLY P 58 -14.25 -55.11 -67.73
CA GLY P 58 -15.67 -55.28 -67.86
C GLY P 58 -16.30 -54.63 -69.05
N MET P 59 -17.37 -53.90 -68.75
CA MET P 59 -18.23 -53.34 -69.77
C MET P 59 -17.66 -52.07 -70.38
N GLY P 60 -17.21 -52.14 -71.63
CA GLY P 60 -16.60 -51.03 -72.33
C GLY P 60 -17.26 -49.68 -72.13
N PRO P 61 -18.49 -49.53 -72.64
CA PRO P 61 -19.28 -48.31 -72.55
C PRO P 61 -19.37 -47.74 -71.13
N ASP P 62 -19.70 -48.56 -70.16
CA ASP P 62 -19.82 -48.06 -68.80
C ASP P 62 -18.51 -47.41 -68.32
N TYR P 63 -17.39 -47.86 -68.87
CA TYR P 63 -16.12 -47.24 -68.55
C TYR P 63 -16.04 -45.88 -69.22
N ARG P 64 -16.30 -45.82 -70.52
CA ARG P 64 -16.24 -44.52 -71.22
C ARG P 64 -16.98 -43.41 -70.51
N VAL P 65 -18.25 -43.64 -70.20
CA VAL P 65 -19.09 -42.59 -69.63
C VAL P 65 -18.75 -42.37 -68.17
N LEU P 66 -17.93 -43.26 -67.65
CA LEU P 66 -17.43 -43.08 -66.30
C LEU P 66 -16.12 -42.30 -66.30
N VAL P 67 -15.34 -42.44 -67.38
CA VAL P 67 -14.10 -41.67 -67.54
C VAL P 67 -14.44 -40.22 -67.83
N ASP P 68 -15.50 -40.00 -68.59
CA ASP P 68 -15.98 -38.67 -68.90
C ASP P 68 -16.54 -38.02 -67.64
N LYS P 69 -17.54 -38.66 -67.03
CA LYS P 69 -18.16 -38.08 -65.85
C LYS P 69 -17.09 -37.78 -64.82
N SER P 70 -15.97 -38.50 -64.93
CA SER P 70 -14.91 -38.49 -63.94
C SER P 70 -13.94 -37.33 -64.12
N ARG P 71 -13.57 -37.08 -65.37
CA ARG P 71 -12.76 -35.93 -65.70
C ARG P 71 -13.49 -34.68 -65.24
N LYS P 72 -14.72 -34.51 -65.68
CA LYS P 72 -15.53 -33.36 -65.29
C LYS P 72 -15.58 -33.17 -63.77
N VAL P 73 -15.92 -34.19 -63.02
CA VAL P 73 -15.99 -34.03 -61.57
C VAL P 73 -14.67 -33.52 -60.96
N ALA P 74 -13.57 -33.73 -61.68
CA ALA P 74 -12.27 -33.31 -61.18
C ALA P 74 -12.19 -31.80 -61.19
N HIS P 75 -12.81 -31.18 -62.18
CA HIS P 75 -12.87 -29.74 -62.29
C HIS P 75 -13.99 -29.21 -61.40
N THR P 76 -15.22 -29.60 -61.70
CA THR P 76 -16.41 -29.06 -61.01
C THR P 76 -16.33 -29.07 -59.48
N SER P 77 -15.56 -29.99 -58.91
CA SER P 77 -15.58 -30.20 -57.48
C SER P 77 -14.27 -29.95 -56.78
N TYR P 78 -13.22 -29.69 -57.56
CA TYR P 78 -11.91 -29.39 -57.01
C TYR P 78 -11.21 -28.22 -57.74
N LYS P 79 -10.77 -28.43 -58.98
CA LYS P 79 -9.95 -27.43 -59.70
C LYS P 79 -10.59 -26.04 -59.73
N ARG P 80 -11.91 -25.97 -59.88
CA ARG P 80 -12.57 -24.67 -59.97
C ARG P 80 -12.70 -23.97 -58.63
N ILE P 81 -12.36 -24.67 -57.55
CA ILE P 81 -12.38 -24.05 -56.23
C ILE P 81 -10.98 -23.71 -55.72
N TYR P 82 -10.08 -24.69 -55.75
CA TYR P 82 -8.77 -24.52 -55.12
C TYR P 82 -7.60 -24.33 -56.09
N GLY P 83 -7.88 -24.24 -57.37
CA GLY P 83 -6.82 -23.94 -58.31
C GLY P 83 -5.86 -25.07 -58.58
N GLU P 84 -5.85 -26.08 -57.72
CA GLU P 84 -5.02 -27.27 -57.93
C GLU P 84 -5.86 -28.35 -58.61
N TYR P 85 -5.24 -29.47 -58.96
CA TYR P 85 -5.99 -30.66 -59.34
C TYR P 85 -6.18 -31.53 -58.10
N PRO P 86 -7.13 -32.46 -58.15
CA PRO P 86 -7.42 -33.25 -56.96
C PRO P 86 -6.35 -34.30 -56.71
N PRO P 87 -6.24 -34.77 -55.45
CA PRO P 87 -5.32 -35.81 -55.03
C PRO P 87 -5.94 -37.17 -55.35
N THR P 88 -5.10 -38.17 -55.61
CA THR P 88 -5.63 -39.45 -56.00
C THR P 88 -6.72 -39.87 -55.02
N LYS P 89 -6.42 -39.92 -53.72
CA LYS P 89 -7.40 -40.36 -52.73
C LYS P 89 -8.79 -39.77 -52.94
N LEU P 90 -8.86 -38.47 -53.21
CA LEU P 90 -10.14 -37.75 -53.22
C LEU P 90 -10.87 -37.81 -54.54
N LEU P 91 -10.14 -37.78 -55.64
CA LEU P 91 -10.77 -37.95 -56.94
C LEU P 91 -11.40 -39.33 -56.97
N VAL P 92 -10.69 -40.32 -56.40
CA VAL P 92 -11.20 -41.69 -56.25
C VAL P 92 -12.50 -41.67 -55.44
N SER P 93 -12.47 -41.03 -54.27
CA SER P 93 -13.66 -40.86 -53.46
C SER P 93 -14.86 -40.36 -54.29
N GLU P 94 -14.63 -39.35 -55.14
CA GLU P 94 -15.69 -38.69 -55.93
C GLU P 94 -16.23 -39.58 -57.06
N VAL P 95 -15.47 -40.61 -57.41
CA VAL P 95 -15.91 -41.60 -58.41
C VAL P 95 -16.72 -42.70 -57.73
N ALA P 96 -16.20 -43.23 -56.63
CA ALA P 96 -16.97 -44.13 -55.79
C ALA P 96 -18.33 -43.56 -55.43
N LYS P 97 -18.35 -42.29 -55.05
CA LYS P 97 -19.61 -41.62 -54.74
C LYS P 97 -20.53 -41.62 -55.97
N ILE P 98 -19.94 -41.57 -57.16
CA ILE P 98 -20.69 -41.54 -58.41
C ILE P 98 -21.35 -42.86 -58.75
N MET P 99 -20.63 -43.95 -58.48
CA MET P 99 -21.06 -45.33 -58.73
C MET P 99 -21.95 -45.84 -57.63
N GLN P 100 -21.68 -45.40 -56.41
CA GLN P 100 -22.42 -45.77 -55.21
C GLN P 100 -23.84 -45.19 -55.29
N GLU P 101 -24.02 -44.23 -56.19
CA GLU P 101 -25.30 -43.55 -56.32
C GLU P 101 -26.13 -44.23 -57.40
N ALA P 102 -25.46 -44.86 -58.35
CA ALA P 102 -26.15 -45.68 -59.34
C ALA P 102 -26.69 -46.94 -58.69
N THR P 103 -26.07 -47.31 -57.58
CA THR P 103 -26.50 -48.44 -56.78
C THR P 103 -27.79 -48.06 -56.07
N GLN P 104 -27.66 -47.19 -55.08
CA GLN P 104 -28.75 -46.79 -54.18
C GLN P 104 -29.82 -45.89 -54.85
N SER P 105 -29.72 -45.68 -56.15
CA SER P 105 -30.76 -44.93 -56.83
C SER P 105 -31.70 -45.86 -57.60
N GLY P 106 -32.95 -45.41 -57.72
CA GLY P 106 -33.96 -46.26 -58.33
C GLY P 106 -33.95 -46.05 -59.82
N GLY P 107 -34.28 -47.10 -60.57
CA GLY P 107 -34.43 -46.95 -62.01
C GLY P 107 -33.14 -47.08 -62.76
N VAL P 108 -32.05 -47.35 -62.04
CA VAL P 108 -30.73 -47.53 -62.65
C VAL P 108 -29.93 -48.67 -62.04
N ARG P 109 -29.22 -49.38 -62.93
CA ARG P 109 -28.34 -50.47 -62.56
C ARG P 109 -26.96 -49.91 -62.28
N PRO P 110 -26.19 -50.58 -61.42
CA PRO P 110 -24.82 -50.13 -61.13
C PRO P 110 -23.96 -50.33 -62.36
N PHE P 111 -22.71 -49.88 -62.31
CA PHE P 111 -21.86 -49.97 -63.46
C PHE P 111 -21.24 -51.36 -63.54
N GLY P 112 -21.00 -51.85 -64.76
CA GLY P 112 -20.36 -53.14 -64.97
C GLY P 112 -18.84 -53.07 -65.10
N VAL P 113 -18.21 -52.36 -64.17
CA VAL P 113 -16.78 -52.21 -64.25
C VAL P 113 -16.20 -52.08 -62.86
N SER P 114 -15.00 -52.64 -62.70
CA SER P 114 -14.11 -52.31 -61.62
C SER P 114 -13.00 -51.46 -62.21
N LEU P 115 -12.65 -50.41 -61.51
CA LEU P 115 -11.66 -49.46 -61.97
C LEU P 115 -10.36 -49.56 -61.18
N LEU P 116 -9.24 -49.40 -61.88
CA LEU P 116 -7.97 -49.22 -61.22
C LEU P 116 -7.49 -47.81 -61.55
N ILE P 117 -7.41 -46.97 -60.52
CA ILE P 117 -7.04 -45.57 -60.66
C ILE P 117 -5.69 -45.36 -60.01
N ALA P 118 -4.73 -44.84 -60.77
CA ALA P 118 -3.35 -44.68 -60.33
C ALA P 118 -2.95 -43.23 -60.41
N GLY P 119 -2.19 -42.75 -59.42
CA GLY P 119 -1.77 -41.36 -59.45
C GLY P 119 -0.86 -40.84 -58.35
N HIS P 120 -0.46 -39.59 -58.51
CA HIS P 120 0.46 -38.94 -57.60
C HIS P 120 0.05 -37.54 -57.22
N ASP P 121 -0.17 -37.31 -55.92
CA ASP P 121 -0.42 -35.98 -55.40
C ASP P 121 0.73 -35.51 -54.52
N GLU P 122 0.96 -34.20 -54.46
CA GLU P 122 2.19 -33.72 -53.84
C GLU P 122 2.36 -34.20 -52.39
N PHE P 123 1.26 -34.33 -51.65
CA PHE P 123 1.36 -34.64 -50.21
C PHE P 123 1.26 -36.13 -49.83
N ASN P 124 0.46 -36.91 -50.57
CA ASN P 124 0.24 -38.34 -50.27
C ASN P 124 1.16 -39.26 -51.09
N GLY P 125 1.95 -38.65 -51.98
CA GLY P 125 2.87 -39.38 -52.83
C GLY P 125 2.18 -40.25 -53.85
N PHE P 126 2.75 -41.42 -54.10
CA PHE P 126 2.08 -42.34 -55.00
C PHE P 126 1.05 -43.17 -54.27
N SER P 127 0.10 -43.68 -55.04
CA SER P 127 -0.95 -44.55 -54.52
C SER P 127 -1.70 -45.17 -55.68
N LEU P 128 -2.28 -46.35 -55.43
CA LEU P 128 -3.09 -47.05 -56.42
C LEU P 128 -4.36 -47.55 -55.76
N TYR P 129 -5.51 -47.25 -56.36
CA TYR P 129 -6.80 -47.55 -55.76
C TYR P 129 -7.64 -48.50 -56.66
N GLN P 130 -8.49 -49.30 -56.04
CA GLN P 130 -9.47 -50.05 -56.80
C GLN P 130 -10.86 -49.54 -56.43
N VAL P 131 -11.72 -49.42 -57.44
CA VAL P 131 -13.11 -49.03 -57.20
C VAL P 131 -14.07 -50.06 -57.79
N ASP P 132 -14.99 -50.54 -56.97
CA ASP P 132 -15.90 -51.60 -57.38
C ASP P 132 -17.24 -50.97 -57.71
N PRO P 133 -18.09 -51.73 -58.41
CA PRO P 133 -19.47 -51.32 -58.69
C PRO P 133 -20.25 -50.97 -57.41
N SER P 134 -19.89 -51.61 -56.30
CA SER P 134 -20.57 -51.38 -55.02
C SER P 134 -20.37 -49.96 -54.49
N GLY P 135 -19.41 -49.26 -55.07
CA GLY P 135 -19.05 -47.93 -54.61
C GLY P 135 -18.00 -48.00 -53.51
N SER P 136 -17.62 -49.19 -53.11
CA SER P 136 -16.53 -49.38 -52.16
C SER P 136 -15.23 -49.17 -52.90
N TYR P 137 -14.17 -48.76 -52.19
CA TYR P 137 -12.85 -48.58 -52.79
C TYR P 137 -11.72 -48.88 -51.80
N PHE P 138 -10.68 -49.53 -52.31
CA PHE P 138 -9.58 -50.00 -51.48
C PHE P 138 -8.23 -49.61 -52.08
N PRO P 139 -7.24 -49.38 -51.22
CA PRO P 139 -5.90 -48.98 -51.61
C PRO P 139 -5.02 -50.20 -51.81
N TRP P 140 -4.30 -50.28 -52.93
CA TRP P 140 -3.49 -51.45 -53.25
C TRP P 140 -2.02 -51.16 -53.48
N LYS P 141 -1.16 -52.06 -53.02
CA LYS P 141 0.26 -52.10 -53.39
C LYS P 141 0.33 -52.66 -54.81
N ALA P 142 -0.59 -53.57 -55.12
CA ALA P 142 -0.75 -54.17 -56.45
C ALA P 142 -1.89 -55.20 -56.48
N THR P 143 -2.59 -55.28 -57.60
CA THR P 143 -3.68 -56.24 -57.73
C THR P 143 -4.08 -56.36 -59.17
N ALA P 144 -5.01 -57.28 -59.43
CA ALA P 144 -5.57 -57.47 -60.76
C ALA P 144 -7.06 -57.75 -60.64
N ILE P 145 -7.78 -57.53 -61.74
CA ILE P 145 -9.22 -57.68 -61.79
C ILE P 145 -9.55 -58.28 -63.13
N GLY P 146 -10.68 -58.99 -63.21
CA GLY P 146 -11.07 -59.64 -64.44
C GLY P 146 -10.82 -61.13 -64.42
N LYS P 147 -10.81 -61.74 -65.59
CA LYS P 147 -10.67 -63.19 -65.69
C LYS P 147 -9.36 -63.65 -65.07
N GLY P 148 -8.24 -63.20 -65.65
CA GLY P 148 -6.93 -63.60 -65.17
C GLY P 148 -6.67 -63.15 -63.75
N SER P 149 -7.69 -62.61 -63.11
CA SER P 149 -7.60 -62.06 -61.77
C SER P 149 -6.84 -62.91 -60.77
N VAL P 150 -7.16 -64.20 -60.73
CA VAL P 150 -6.65 -65.06 -59.68
C VAL P 150 -5.24 -65.50 -59.93
N ALA P 151 -4.97 -65.85 -61.18
CA ALA P 151 -3.62 -66.21 -61.60
C ALA P 151 -2.64 -65.06 -61.32
N ALA P 152 -2.98 -63.87 -61.82
CA ALA P 152 -2.13 -62.69 -61.74
C ALA P 152 -1.98 -62.16 -60.33
N LYS P 153 -3.06 -62.16 -59.56
CA LYS P 153 -3.00 -61.68 -58.19
C LYS P 153 -2.00 -62.53 -57.38
N THR P 154 -1.88 -63.80 -57.74
CA THR P 154 -1.03 -64.71 -56.99
C THR P 154 0.41 -64.48 -57.41
N PHE P 155 0.59 -64.15 -58.67
CA PHE P 155 1.93 -63.90 -59.23
C PHE P 155 2.50 -62.61 -58.65
N LEU P 156 1.61 -61.67 -58.34
CA LEU P 156 2.02 -60.37 -57.83
C LEU P 156 2.46 -60.44 -56.38
N GLU P 157 1.81 -61.29 -55.59
CA GLU P 157 2.29 -61.50 -54.24
C GLU P 157 3.69 -62.11 -54.31
N LYS P 158 3.86 -63.08 -55.19
CA LYS P 158 5.13 -63.78 -55.34
C LYS P 158 6.24 -62.84 -55.76
N ARG P 159 5.95 -61.91 -56.66
CA ARG P 159 7.01 -61.07 -57.24
C ARG P 159 7.20 -59.67 -56.63
N TRP P 160 6.29 -59.23 -55.75
CA TRP P 160 6.31 -57.86 -55.21
C TRP P 160 7.05 -57.65 -53.90
N ASN P 161 8.02 -56.74 -53.93
CA ASN P 161 8.70 -56.23 -52.76
C ASN P 161 8.53 -54.71 -52.71
N ASP P 162 8.64 -54.13 -51.53
CA ASP P 162 8.42 -52.70 -51.41
C ASP P 162 9.65 -51.87 -51.80
N GLU P 163 10.50 -52.41 -52.66
CA GLU P 163 11.72 -51.72 -53.06
C GLU P 163 11.81 -51.68 -54.57
N LEU P 164 10.67 -51.81 -55.23
CA LEU P 164 10.64 -51.86 -56.67
C LEU P 164 10.83 -50.51 -57.28
N GLU P 165 11.72 -50.42 -58.25
CA GLU P 165 11.81 -49.22 -59.05
C GLU P 165 10.70 -49.37 -60.10
N LEU P 166 10.24 -48.27 -60.66
CA LEU P 166 9.14 -48.28 -61.61
C LEU P 166 9.42 -49.15 -62.83
N GLU P 167 10.69 -49.23 -63.20
CA GLU P 167 11.09 -50.03 -64.35
C GLU P 167 10.96 -51.51 -64.03
N ASP P 168 11.09 -51.86 -62.75
CA ASP P 168 10.93 -53.24 -62.33
C ASP P 168 9.46 -53.62 -62.39
N ALA P 169 8.58 -52.68 -62.05
CA ALA P 169 7.15 -52.92 -62.05
C ALA P 169 6.55 -52.93 -63.45
N ILE P 170 7.19 -52.23 -64.38
CA ILE P 170 6.78 -52.32 -65.77
C ILE P 170 7.09 -53.74 -66.25
N HIS P 171 8.30 -54.20 -65.96
CA HIS P 171 8.74 -55.53 -66.33
C HIS P 171 7.76 -56.58 -65.80
N ILE P 172 7.40 -56.48 -64.54
CA ILE P 172 6.49 -57.43 -63.95
C ILE P 172 5.15 -57.40 -64.68
N ALA P 173 4.55 -56.23 -64.78
CA ALA P 173 3.20 -56.13 -65.33
C ALA P 173 3.12 -56.53 -66.79
N LEU P 174 4.27 -56.72 -67.42
CA LEU P 174 4.27 -57.28 -68.76
C LEU P 174 4.23 -58.83 -68.70
N LEU P 175 5.04 -59.42 -67.83
CA LEU P 175 5.00 -60.86 -67.64
C LEU P 175 3.60 -61.27 -67.22
N THR P 176 3.12 -60.62 -66.16
CA THR P 176 1.81 -60.89 -65.61
C THR P 176 0.75 -60.95 -66.70
N LEU P 177 0.90 -60.08 -67.69
CA LEU P 177 -0.10 -59.93 -68.73
C LEU P 177 0.13 -60.93 -69.84
N LYS P 178 1.35 -61.48 -69.91
CA LYS P 178 1.73 -62.42 -70.95
C LYS P 178 1.11 -63.80 -70.76
N GLU P 179 0.84 -64.16 -69.50
CA GLU P 179 0.30 -65.47 -69.15
C GLU P 179 -1.21 -65.51 -69.37
N SER P 180 -1.84 -64.35 -69.24
CA SER P 180 -3.29 -64.24 -69.31
C SER P 180 -3.76 -63.92 -70.72
N VAL P 181 -2.93 -63.19 -71.46
CA VAL P 181 -3.27 -62.71 -72.80
C VAL P 181 -4.20 -63.64 -73.55
N GLU P 182 -5.25 -63.08 -74.13
CA GLU P 182 -6.21 -63.88 -74.88
C GLU P 182 -5.84 -63.91 -76.35
N GLY P 183 -5.61 -62.73 -76.94
CA GLY P 183 -5.27 -62.63 -78.34
C GLY P 183 -3.76 -62.67 -78.54
N GLU P 184 -3.26 -61.87 -79.47
CA GLU P 184 -1.82 -61.77 -79.67
C GLU P 184 -1.20 -60.83 -78.63
N PHE P 185 0.13 -60.84 -78.55
CA PHE P 185 0.85 -60.10 -77.51
C PHE P 185 1.97 -59.18 -78.05
N ASN P 186 1.61 -57.94 -78.35
CA ASN P 186 2.55 -56.96 -78.86
C ASN P 186 2.17 -55.57 -78.38
N GLY P 187 2.64 -54.53 -79.09
CA GLY P 187 2.37 -53.16 -78.70
C GLY P 187 1.02 -52.68 -79.19
N ASP P 188 0.41 -53.46 -80.08
CA ASP P 188 -0.88 -53.11 -80.66
C ASP P 188 -2.05 -53.73 -79.89
N THR P 189 -1.73 -54.66 -78.98
CA THR P 189 -2.74 -55.30 -78.16
C THR P 189 -2.41 -55.20 -76.67
N ILE P 190 -1.42 -54.37 -76.34
CA ILE P 190 -1.14 -54.02 -74.95
C ILE P 190 -1.28 -52.50 -74.77
N GLU P 191 -1.96 -52.11 -73.70
CA GLU P 191 -2.01 -50.71 -73.35
C GLU P 191 -1.37 -50.61 -71.98
N LEU P 192 -0.38 -49.75 -71.87
CA LEU P 192 0.34 -49.57 -70.63
C LEU P 192 0.57 -48.09 -70.41
N ALA P 193 0.32 -47.65 -69.19
CA ALA P 193 0.51 -46.26 -68.80
C ALA P 193 1.33 -46.29 -67.52
N ILE P 194 1.97 -45.18 -67.21
CA ILE P 194 2.72 -45.09 -65.96
C ILE P 194 2.41 -43.76 -65.29
N ILE P 195 2.73 -43.66 -64.01
CA ILE P 195 2.64 -42.41 -63.28
C ILE P 195 3.99 -42.12 -62.63
N GLY P 196 4.89 -41.50 -63.37
CA GLY P 196 6.27 -41.42 -62.96
C GLY P 196 6.78 -40.02 -62.75
N ASP P 197 7.96 -39.76 -63.29
CA ASP P 197 8.54 -38.44 -63.18
C ASP P 197 7.68 -37.44 -63.94
N GLU P 198 7.87 -36.16 -63.63
CA GLU P 198 7.20 -35.09 -64.38
C GLU P 198 7.80 -35.05 -65.78
N ASN P 199 6.94 -35.07 -66.79
CA ASN P 199 7.35 -34.92 -68.19
C ASN P 199 7.22 -33.50 -68.71
N PRO P 200 8.29 -32.73 -68.64
CA PRO P 200 8.15 -31.37 -69.17
C PRO P 200 8.03 -31.41 -70.69
N ASP P 201 8.62 -32.42 -71.30
CA ASP P 201 8.54 -32.59 -72.74
C ASP P 201 7.11 -32.41 -73.27
N LEU P 202 6.14 -32.75 -72.41
CA LEU P 202 4.75 -32.90 -72.84
C LEU P 202 3.84 -31.83 -72.31
N LEU P 203 4.38 -30.67 -71.95
CA LEU P 203 3.52 -29.65 -71.36
C LEU P 203 2.79 -28.88 -72.45
N GLY P 204 3.52 -28.58 -73.52
CA GLY P 204 2.98 -27.82 -74.64
C GLY P 204 3.44 -26.38 -74.59
N TYR P 205 4.08 -25.99 -73.49
CA TYR P 205 4.59 -24.64 -73.32
C TYR P 205 5.78 -24.52 -72.37
N THR P 206 6.46 -23.37 -72.41
CA THR P 206 7.65 -23.14 -71.58
C THR P 206 7.70 -21.70 -71.11
N GLY P 207 7.73 -21.50 -69.79
CA GLY P 207 7.87 -20.15 -69.30
C GLY P 207 7.51 -19.92 -67.85
N ILE P 208 6.83 -20.88 -67.24
CA ILE P 208 6.60 -20.82 -65.81
C ILE P 208 7.27 -22.05 -65.22
N PRO P 209 8.24 -21.85 -64.32
CA PRO P 209 9.04 -22.99 -63.84
C PRO P 209 8.36 -23.69 -62.67
N THR P 210 7.23 -23.15 -62.23
CA THR P 210 6.52 -23.68 -61.06
C THR P 210 5.61 -24.90 -61.42
N ASP P 211 5.11 -24.95 -62.65
CA ASP P 211 4.36 -26.11 -63.14
C ASP P 211 5.21 -26.89 -64.15
N LYS P 212 5.44 -28.18 -63.90
CA LYS P 212 6.45 -28.91 -64.65
C LYS P 212 5.97 -30.03 -65.59
N GLY P 213 4.66 -30.22 -65.71
CA GLY P 213 4.17 -31.17 -66.68
C GLY P 213 3.67 -32.53 -66.18
N PRO P 214 3.04 -33.30 -67.09
CA PRO P 214 2.29 -34.49 -66.71
C PRO P 214 3.16 -35.59 -66.13
N ARG P 215 2.73 -36.15 -65.01
CA ARG P 215 3.34 -37.37 -64.50
C ARG P 215 2.83 -38.61 -65.26
N PHE P 216 1.60 -38.52 -65.79
CA PHE P 216 0.97 -39.59 -66.56
C PHE P 216 1.52 -39.68 -67.97
N ARG P 217 2.05 -40.84 -68.34
CA ARG P 217 2.61 -41.04 -69.68
C ARG P 217 2.11 -42.37 -70.20
N LYS P 218 1.53 -42.37 -71.40
CA LYS P 218 1.00 -43.58 -72.01
C LYS P 218 2.01 -44.11 -73.03
N LEU P 219 2.56 -45.29 -72.77
CA LEU P 219 3.65 -45.81 -73.60
C LEU P 219 3.18 -46.10 -75.03
N THR P 220 4.01 -45.72 -75.99
CA THR P 220 3.66 -45.85 -77.40
C THR P 220 3.76 -47.29 -77.88
N SER P 221 3.13 -47.56 -79.02
CA SER P 221 3.14 -48.88 -79.60
C SER P 221 4.58 -49.39 -79.68
N GLN P 222 5.50 -48.46 -79.91
CA GLN P 222 6.91 -48.79 -80.05
C GLN P 222 7.58 -49.14 -78.72
N GLU P 223 7.39 -48.29 -77.72
CA GLU P 223 8.09 -48.43 -76.44
C GLU P 223 7.83 -49.79 -75.84
N ILE P 224 6.65 -50.32 -76.14
CA ILE P 224 6.23 -51.61 -75.63
C ILE P 224 7.01 -52.73 -76.32
N ASN P 225 6.90 -52.82 -77.64
CA ASN P 225 7.64 -53.83 -78.39
C ASN P 225 9.13 -53.85 -78.03
N ASP P 226 9.71 -52.67 -77.80
CA ASP P 226 11.11 -52.56 -77.40
C ASP P 226 11.42 -53.31 -76.09
N ARG P 227 10.49 -53.23 -75.14
CA ARG P 227 10.67 -53.89 -73.85
C ARG P 227 10.43 -55.38 -73.93
N LEU P 228 9.58 -55.80 -74.88
CA LEU P 228 9.19 -57.20 -75.02
C LEU P 228 10.26 -58.06 -75.69
N GLU P 229 11.17 -57.40 -76.41
CA GLU P 229 12.29 -58.10 -77.02
C GLU P 229 13.35 -58.43 -75.98
N ALA P 230 13.74 -57.42 -75.20
CA ALA P 230 14.62 -57.63 -74.04
C ALA P 230 13.79 -58.08 -72.83
N LEU P 231 13.05 -59.17 -73.02
CA LEU P 231 12.06 -59.64 -72.06
C LEU P 231 12.28 -61.12 -71.74
N SER Q 1 -45.10 -55.37 -41.13
CA SER Q 1 -44.17 -55.45 -39.99
C SER Q 1 -44.81 -56.28 -38.84
N PRO Q 2 -45.17 -57.54 -39.14
CA PRO Q 2 -46.04 -58.56 -38.49
C PRO Q 2 -46.36 -58.49 -36.99
N GLU Q 3 -45.36 -58.60 -36.10
CA GLU Q 3 -45.64 -58.72 -34.67
C GLU Q 3 -45.25 -57.48 -33.89
N GLY Q 4 -44.93 -56.41 -34.62
CA GLY Q 4 -44.35 -55.23 -34.02
C GLY Q 4 -42.86 -55.26 -34.30
N ARG Q 5 -42.51 -55.76 -35.47
CA ARG Q 5 -41.11 -55.96 -35.83
C ARG Q 5 -40.61 -55.04 -36.95
N LEU Q 6 -39.36 -54.62 -36.79
CA LEU Q 6 -38.66 -53.77 -37.74
C LEU Q 6 -37.79 -54.63 -38.65
N TYR Q 7 -38.40 -55.26 -39.66
CA TYR Q 7 -37.70 -56.28 -40.42
C TYR Q 7 -36.47 -55.78 -41.16
N GLN Q 8 -36.65 -54.90 -42.14
CA GLN Q 8 -35.52 -54.41 -42.92
C GLN Q 8 -34.38 -53.89 -42.03
N VAL Q 9 -34.68 -53.73 -40.75
CA VAL Q 9 -33.70 -53.26 -39.76
C VAL Q 9 -32.89 -54.39 -39.16
N GLU Q 10 -33.59 -55.37 -38.61
CA GLU Q 10 -32.95 -56.56 -38.08
C GLU Q 10 -32.05 -57.14 -39.17
N TYR Q 11 -32.52 -57.05 -40.42
CA TYR Q 11 -31.76 -57.53 -41.57
C TYR Q 11 -30.34 -56.97 -41.53
N ALA Q 12 -30.27 -55.66 -41.36
CA ALA Q 12 -29.01 -54.93 -41.39
C ALA Q 12 -28.34 -54.87 -40.01
N LEU Q 13 -29.15 -54.97 -38.96
CA LEU Q 13 -28.65 -55.03 -37.59
C LEU Q 13 -27.83 -56.30 -37.34
N GLU Q 14 -28.16 -57.37 -38.05
CA GLU Q 14 -27.45 -58.64 -37.93
C GLU Q 14 -26.43 -58.81 -39.04
N SER Q 15 -26.55 -58.01 -40.10
CA SER Q 15 -25.51 -57.91 -41.10
C SER Q 15 -24.30 -57.22 -40.47
N ILE Q 16 -24.55 -56.54 -39.35
CA ILE Q 16 -23.50 -55.87 -38.60
C ILE Q 16 -22.72 -56.86 -37.76
N SER Q 17 -23.42 -57.77 -37.10
CA SER Q 17 -22.74 -58.80 -36.32
C SER Q 17 -21.87 -59.70 -37.21
N HIS Q 18 -21.81 -59.39 -38.50
CA HIS Q 18 -20.87 -60.06 -39.40
C HIS Q 18 -19.58 -59.23 -39.52
N ALA Q 19 -19.66 -58.10 -40.23
CA ALA Q 19 -18.48 -57.25 -40.45
C ALA Q 19 -17.89 -56.67 -39.14
N GLY Q 20 -16.61 -56.31 -39.18
CA GLY Q 20 -15.92 -55.58 -38.12
C GLY Q 20 -16.10 -56.02 -36.67
N THR Q 21 -15.35 -55.39 -35.77
CA THR Q 21 -15.51 -55.51 -34.31
C THR Q 21 -14.91 -54.31 -33.63
N ALA Q 22 -15.73 -53.53 -32.93
CA ALA Q 22 -15.28 -52.25 -32.32
C ALA Q 22 -15.59 -52.12 -30.83
N ILE Q 23 -14.77 -51.34 -30.14
CA ILE Q 23 -14.87 -51.21 -28.69
C ILE Q 23 -14.68 -49.78 -28.22
N GLY Q 24 -15.41 -49.40 -27.17
CA GLY Q 24 -15.24 -48.11 -26.53
C GLY Q 24 -15.22 -48.22 -25.01
N ILE Q 25 -14.24 -47.60 -24.39
CA ILE Q 25 -14.13 -47.62 -22.93
C ILE Q 25 -13.94 -46.21 -22.38
N MET Q 26 -14.88 -45.74 -21.56
CA MET Q 26 -14.73 -44.42 -20.95
C MET Q 26 -14.01 -44.52 -19.62
N ALA Q 27 -12.80 -43.98 -19.57
CA ALA Q 27 -12.10 -43.82 -18.30
C ALA Q 27 -12.58 -42.56 -17.59
N SER Q 28 -12.03 -42.30 -16.41
CA SER Q 28 -12.42 -41.13 -15.64
C SER Q 28 -11.83 -39.84 -16.22
N ASP Q 29 -10.68 -39.96 -16.89
CA ASP Q 29 -10.00 -38.80 -17.46
C ASP Q 29 -9.60 -38.99 -18.93
N GLY Q 30 -10.39 -39.77 -19.67
CA GLY Q 30 -10.14 -40.01 -21.08
C GLY Q 30 -11.13 -40.99 -21.69
N ILE Q 31 -11.06 -41.17 -23.01
CA ILE Q 31 -11.91 -42.13 -23.71
C ILE Q 31 -11.06 -42.92 -24.71
N VAL Q 32 -11.49 -44.14 -25.03
CA VAL Q 32 -10.73 -45.01 -25.91
C VAL Q 32 -11.56 -45.66 -27.01
N LEU Q 33 -11.04 -45.68 -28.23
CA LEU Q 33 -11.70 -46.33 -29.35
C LEU Q 33 -10.76 -47.35 -29.99
N ALA Q 34 -11.35 -48.38 -30.60
CA ALA Q 34 -10.57 -49.50 -31.16
C ALA Q 34 -11.37 -50.36 -32.14
N ALA Q 35 -10.70 -50.90 -33.16
CA ALA Q 35 -11.35 -51.77 -34.16
C ALA Q 35 -10.43 -52.81 -34.80
N GLU Q 36 -11.02 -53.94 -35.22
CA GLU Q 36 -10.33 -54.94 -36.02
C GLU Q 36 -10.60 -54.64 -37.51
N ARG Q 37 -9.64 -54.95 -38.39
CA ARG Q 37 -9.81 -54.70 -39.83
C ARG Q 37 -10.31 -55.90 -40.66
N LYS Q 38 -11.13 -55.62 -41.67
CA LYS Q 38 -11.74 -56.65 -42.52
C LYS Q 38 -10.72 -57.64 -43.10
N VAL Q 39 -11.21 -58.78 -43.62
CA VAL Q 39 -10.34 -59.84 -44.17
C VAL Q 39 -9.27 -59.28 -45.12
N THR Q 40 -8.03 -59.22 -44.65
CA THR Q 40 -6.97 -58.52 -45.36
C THR Q 40 -6.15 -59.43 -46.27
N SER Q 41 -5.83 -58.92 -47.47
CA SER Q 41 -4.89 -59.57 -48.37
C SER Q 41 -3.45 -59.07 -48.10
N THR Q 42 -2.45 -59.86 -48.44
CA THR Q 42 -1.04 -59.45 -48.27
C THR Q 42 -0.79 -58.10 -48.93
N LEU Q 43 -1.42 -57.90 -50.08
CA LEU Q 43 -1.09 -56.78 -50.96
C LEU Q 43 -1.91 -55.51 -50.69
N LEU Q 44 -2.96 -55.63 -49.89
CA LEU Q 44 -3.73 -54.45 -49.48
C LEU Q 44 -2.83 -53.50 -48.73
N GLU Q 45 -2.94 -52.22 -49.04
CA GLU Q 45 -2.10 -51.20 -48.42
C GLU Q 45 -2.61 -50.88 -47.04
N GLN Q 46 -1.90 -51.36 -46.04
CA GLN Q 46 -2.29 -51.15 -44.66
C GLN Q 46 -2.50 -49.66 -44.36
N ASP Q 47 -1.40 -48.92 -44.30
CA ASP Q 47 -1.45 -47.51 -43.89
C ASP Q 47 -1.98 -46.59 -44.98
N THR Q 48 -3.22 -46.15 -44.82
CA THR Q 48 -3.86 -45.18 -45.71
C THR Q 48 -5.30 -45.06 -45.24
N SER Q 49 -6.05 -46.11 -45.53
CA SER Q 49 -7.45 -46.20 -45.20
C SER Q 49 -7.82 -45.31 -44.03
N THR Q 50 -7.37 -45.72 -42.85
CA THR Q 50 -8.07 -45.35 -41.64
C THR Q 50 -9.51 -45.58 -42.04
N GLU Q 51 -9.84 -46.85 -42.24
CA GLU Q 51 -11.07 -47.30 -42.90
C GLU Q 51 -12.26 -47.42 -41.96
N LYS Q 52 -11.99 -47.65 -40.68
CA LYS Q 52 -13.07 -47.85 -39.71
C LYS Q 52 -12.94 -46.95 -38.46
N LEU Q 53 -12.05 -45.98 -38.52
CA LEU Q 53 -11.93 -44.99 -37.45
C LEU Q 53 -11.83 -43.58 -38.05
N TYR Q 54 -12.93 -42.83 -37.96
CA TYR Q 54 -13.01 -41.53 -38.61
C TYR Q 54 -13.07 -40.38 -37.61
N LYS Q 55 -12.40 -39.28 -37.92
CA LYS Q 55 -12.49 -38.07 -37.12
C LYS Q 55 -13.71 -37.26 -37.59
N LEU Q 56 -14.50 -36.73 -36.64
CA LEU Q 56 -15.65 -35.88 -36.96
C LEU Q 56 -15.37 -34.36 -36.71
N ASN Q 57 -14.74 -34.07 -35.58
CA ASN Q 57 -14.23 -32.74 -35.28
C ASN Q 57 -13.09 -32.85 -34.26
N ASP Q 58 -12.43 -31.76 -33.93
CA ASP Q 58 -11.24 -31.84 -33.07
C ASP Q 58 -11.53 -32.42 -31.69
N LYS Q 59 -12.80 -32.67 -31.40
CA LYS Q 59 -13.23 -33.10 -30.08
C LYS Q 59 -14.18 -34.31 -30.10
N ILE Q 60 -14.39 -34.89 -31.28
CA ILE Q 60 -15.32 -36.00 -31.45
C ILE Q 60 -14.83 -36.99 -32.50
N ALA Q 61 -15.12 -38.26 -32.30
CA ALA Q 61 -14.68 -39.28 -33.25
C ALA Q 61 -15.51 -40.56 -33.15
N VAL Q 62 -15.61 -41.29 -34.24
CA VAL Q 62 -16.46 -42.49 -34.27
C VAL Q 62 -15.73 -43.71 -34.74
N ALA Q 63 -16.12 -44.84 -34.16
CA ALA Q 63 -15.70 -46.15 -34.63
C ALA Q 63 -16.84 -46.71 -35.41
N VAL Q 64 -16.52 -47.41 -36.50
CA VAL Q 64 -17.53 -47.98 -37.39
C VAL Q 64 -17.54 -49.50 -37.39
N ALA Q 65 -18.73 -50.10 -37.46
CA ALA Q 65 -18.86 -51.53 -37.72
C ALA Q 65 -20.00 -51.74 -38.71
N GLY Q 66 -19.66 -51.98 -39.98
CA GLY Q 66 -20.66 -51.96 -41.03
C GLY Q 66 -20.06 -51.73 -42.40
N LEU Q 67 -20.92 -51.42 -43.37
CA LEU Q 67 -20.43 -51.17 -44.73
C LEU Q 67 -19.74 -49.82 -44.84
N THR Q 68 -18.49 -49.83 -45.27
CA THR Q 68 -17.72 -48.60 -45.36
C THR Q 68 -18.41 -47.54 -46.24
N ALA Q 69 -18.60 -47.81 -47.53
CA ALA Q 69 -19.24 -46.85 -48.44
C ALA Q 69 -20.54 -46.25 -47.89
N ASP Q 70 -21.12 -46.92 -46.91
CA ASP Q 70 -22.38 -46.52 -46.30
C ASP Q 70 -22.20 -45.55 -45.14
N ALA Q 71 -21.14 -45.73 -44.36
CA ALA Q 71 -20.84 -44.85 -43.24
C ALA Q 71 -20.27 -43.51 -43.70
N GLU Q 72 -19.48 -43.53 -44.77
CA GLU Q 72 -18.92 -42.31 -45.35
C GLU Q 72 -20.02 -41.32 -45.78
N ILE Q 73 -21.15 -41.87 -46.20
CA ILE Q 73 -22.26 -41.03 -46.61
C ILE Q 73 -22.83 -40.33 -45.38
N LEU Q 74 -22.78 -41.01 -44.24
CA LEU Q 74 -23.24 -40.45 -42.97
C LEU Q 74 -22.26 -39.46 -42.38
N ILE Q 75 -21.03 -39.92 -42.18
CA ILE Q 75 -19.95 -39.10 -41.61
C ILE Q 75 -19.77 -37.78 -42.36
N ASN Q 76 -19.75 -37.84 -43.68
CA ASN Q 76 -19.67 -36.62 -44.47
C ASN Q 76 -20.69 -35.59 -43.99
N THR Q 77 -21.92 -36.04 -43.71
CA THR Q 77 -22.98 -35.10 -43.31
C THR Q 77 -22.92 -34.75 -41.83
N ALA Q 78 -22.17 -35.52 -41.06
CA ALA Q 78 -22.04 -35.24 -39.64
C ALA Q 78 -20.89 -34.28 -39.37
N ARG Q 79 -19.85 -34.33 -40.20
CA ARG Q 79 -18.69 -33.42 -40.08
C ARG Q 79 -19.14 -32.00 -40.39
N ILE Q 80 -20.24 -31.92 -41.14
CA ILE Q 80 -20.85 -30.68 -41.60
C ILE Q 80 -21.77 -30.10 -40.54
N HIS Q 81 -22.63 -30.91 -39.95
CA HIS Q 81 -23.45 -30.44 -38.86
C HIS Q 81 -22.52 -29.80 -37.82
N ALA Q 82 -21.39 -30.44 -37.53
CA ALA Q 82 -20.42 -29.91 -36.59
C ALA Q 82 -20.12 -28.46 -36.90
N GLN Q 83 -19.67 -28.24 -38.14
CA GLN Q 83 -19.24 -26.92 -38.60
C GLN Q 83 -20.37 -25.88 -38.74
N ASN Q 84 -21.61 -26.34 -38.90
CA ASN Q 84 -22.76 -25.44 -39.00
C ASN Q 84 -23.11 -24.91 -37.64
N TYR Q 85 -22.85 -25.72 -36.62
CA TYR Q 85 -23.14 -25.35 -35.24
C TYR Q 85 -22.01 -24.46 -34.72
N LEU Q 86 -20.91 -24.42 -35.46
CA LEU Q 86 -19.85 -23.47 -35.16
C LEU Q 86 -20.18 -22.12 -35.80
N LYS Q 87 -20.07 -22.03 -37.12
CA LYS Q 87 -20.46 -20.83 -37.86
C LYS Q 87 -21.74 -20.18 -37.31
N THR Q 88 -22.53 -20.95 -36.57
CA THR Q 88 -23.82 -20.43 -36.09
C THR Q 88 -23.77 -19.90 -34.66
N TYR Q 89 -23.27 -20.70 -33.73
CA TYR Q 89 -23.19 -20.28 -32.33
C TYR Q 89 -21.77 -20.04 -31.81
N ASN Q 90 -20.77 -20.18 -32.67
CA ASN Q 90 -19.37 -19.93 -32.29
C ASN Q 90 -18.93 -20.69 -31.03
N GLU Q 91 -19.57 -21.84 -30.81
CA GLU Q 91 -19.14 -22.83 -29.81
C GLU Q 91 -19.05 -24.20 -30.47
N ASP Q 92 -18.17 -25.05 -29.98
CA ASP Q 92 -18.02 -26.40 -30.51
C ASP Q 92 -19.28 -27.22 -30.23
N ILE Q 93 -19.71 -28.00 -31.21
CA ILE Q 93 -20.94 -28.78 -31.06
C ILE Q 93 -20.88 -29.82 -29.93
N PRO Q 94 -21.92 -29.86 -29.07
CA PRO Q 94 -22.10 -30.76 -27.93
C PRO Q 94 -22.37 -32.18 -28.41
N VAL Q 95 -21.76 -33.18 -27.76
CA VAL Q 95 -21.78 -34.52 -28.32
C VAL Q 95 -23.19 -35.06 -28.54
N GLU Q 96 -24.01 -35.07 -27.50
CA GLU Q 96 -25.35 -35.63 -27.68
C GLU Q 96 -26.09 -35.05 -28.90
N ILE Q 97 -25.87 -33.78 -29.22
CA ILE Q 97 -26.63 -33.11 -30.26
C ILE Q 97 -26.23 -33.63 -31.63
N LEU Q 98 -24.97 -34.01 -31.74
CA LEU Q 98 -24.43 -34.53 -32.99
C LEU Q 98 -24.94 -35.93 -33.15
N VAL Q 99 -24.89 -36.69 -32.06
CA VAL Q 99 -25.36 -38.06 -32.06
C VAL Q 99 -26.83 -38.10 -32.47
N ARG Q 100 -27.67 -37.35 -31.76
CA ARG Q 100 -29.08 -37.29 -32.13
C ARG Q 100 -29.25 -36.89 -33.59
N ARG Q 101 -28.41 -35.99 -34.08
CA ARG Q 101 -28.58 -35.50 -35.44
C ARG Q 101 -28.47 -36.64 -36.44
N LEU Q 102 -27.57 -37.60 -36.15
CA LEU Q 102 -27.41 -38.78 -37.02
C LEU Q 102 -28.52 -39.78 -36.79
N SER Q 103 -28.61 -40.29 -35.57
CA SER Q 103 -29.70 -41.15 -35.15
C SER Q 103 -31.05 -40.78 -35.77
N ASP Q 104 -31.25 -39.50 -36.05
CA ASP Q 104 -32.49 -39.04 -36.62
C ASP Q 104 -32.53 -39.25 -38.14
N ILE Q 105 -31.37 -39.38 -38.77
CA ILE Q 105 -31.31 -39.61 -40.21
C ILE Q 105 -31.41 -41.10 -40.44
N LYS Q 106 -30.88 -41.86 -39.48
CA LYS Q 106 -30.95 -43.32 -39.53
C LYS Q 106 -32.40 -43.70 -39.47
N GLN Q 107 -33.08 -43.20 -38.43
CA GLN Q 107 -34.50 -43.47 -38.26
C GLN Q 107 -35.31 -42.82 -39.39
N GLY Q 108 -34.66 -42.01 -40.22
CA GLY Q 108 -35.36 -41.37 -41.32
C GLY Q 108 -35.75 -42.36 -42.40
N TYR Q 109 -34.97 -43.45 -42.49
CA TYR Q 109 -35.21 -44.51 -43.47
C TYR Q 109 -35.98 -45.66 -42.83
N THR Q 110 -35.84 -45.77 -41.52
CA THR Q 110 -36.59 -46.70 -40.68
C THR Q 110 -38.10 -46.37 -40.67
N GLN Q 111 -38.55 -45.56 -41.64
CA GLN Q 111 -39.94 -45.06 -41.65
C GLN Q 111 -40.46 -44.50 -42.98
N HIS Q 112 -39.66 -43.66 -43.63
CA HIS Q 112 -39.98 -43.28 -44.99
C HIS Q 112 -39.56 -44.46 -45.86
N GLY Q 113 -40.27 -45.58 -45.68
CA GLY Q 113 -39.86 -46.89 -46.18
C GLY Q 113 -39.75 -47.05 -47.68
N GLY Q 114 -39.39 -45.96 -48.35
CA GLY Q 114 -39.17 -45.94 -49.79
C GLY Q 114 -37.70 -45.91 -50.18
N LEU Q 115 -36.82 -45.96 -49.18
CA LEU Q 115 -35.38 -46.12 -49.43
C LEU Q 115 -34.77 -47.04 -48.36
N ARG Q 116 -33.61 -47.62 -48.64
CA ARG Q 116 -33.06 -48.70 -47.79
C ARG Q 116 -32.18 -48.26 -46.60
N PRO Q 117 -32.51 -48.76 -45.38
CA PRO Q 117 -31.80 -48.52 -44.11
C PRO Q 117 -30.28 -48.48 -44.20
N PHE Q 118 -29.66 -48.26 -43.06
CA PHE Q 118 -28.22 -48.03 -43.03
C PHE Q 118 -27.53 -49.26 -42.48
N GLY Q 119 -26.39 -49.62 -43.07
CA GLY Q 119 -25.53 -50.63 -42.50
C GLY Q 119 -25.07 -50.07 -41.18
N VAL Q 120 -23.82 -50.27 -40.84
CA VAL Q 120 -23.17 -49.35 -39.91
C VAL Q 120 -23.78 -49.22 -38.52
N SER Q 121 -22.94 -49.38 -37.51
CA SER Q 121 -23.27 -49.03 -36.14
C SER Q 121 -22.11 -48.23 -35.58
N PHE Q 122 -22.41 -47.20 -34.80
CA PHE Q 122 -21.35 -46.30 -34.35
C PHE Q 122 -21.09 -46.37 -32.86
N ILE Q 123 -19.81 -46.37 -32.49
CA ILE Q 123 -19.41 -45.86 -31.20
C ILE Q 123 -18.88 -44.42 -31.36
N TYR Q 124 -19.43 -43.48 -30.60
CA TYR Q 124 -18.94 -42.11 -30.62
C TYR Q 124 -18.15 -41.79 -29.35
N ALA Q 125 -16.96 -41.23 -29.48
CA ALA Q 125 -16.23 -40.78 -28.30
C ALA Q 125 -15.96 -39.28 -28.43
N GLY Q 126 -16.44 -38.52 -27.45
CA GLY Q 126 -16.34 -37.07 -27.55
C GLY Q 126 -16.25 -36.37 -26.21
N TYR Q 127 -15.76 -35.14 -26.24
CA TYR Q 127 -15.78 -34.29 -25.06
C TYR Q 127 -16.44 -32.95 -25.34
N ASP Q 128 -17.32 -32.54 -24.43
CA ASP Q 128 -17.85 -31.19 -24.46
C ASP Q 128 -18.00 -30.72 -23.02
N ASP Q 129 -17.86 -29.42 -22.79
CA ASP Q 129 -17.75 -28.92 -21.41
C ASP Q 129 -19.08 -28.89 -20.65
N ARG Q 130 -20.10 -29.52 -21.19
CA ARG Q 130 -21.38 -29.62 -20.48
C ARG Q 130 -21.55 -30.97 -19.78
N TYR Q 131 -21.20 -32.05 -20.49
CA TYR Q 131 -21.20 -33.40 -19.93
C TYR Q 131 -19.84 -34.05 -20.16
N GLY Q 132 -18.90 -33.80 -19.25
CA GLY Q 132 -17.56 -34.37 -19.34
C GLY Q 132 -17.25 -35.17 -20.60
N TYR Q 133 -16.56 -36.30 -20.42
CA TYR Q 133 -16.30 -37.19 -21.53
C TYR Q 133 -17.54 -38.04 -21.76
N GLN Q 134 -17.80 -38.40 -23.01
CA GLN Q 134 -19.00 -39.14 -23.33
C GLN Q 134 -18.76 -40.35 -24.24
N LEU Q 135 -19.60 -41.38 -24.08
CA LEU Q 135 -19.54 -42.53 -24.95
C LEU Q 135 -20.95 -42.91 -25.40
N TYR Q 136 -21.15 -43.03 -26.72
CA TYR Q 136 -22.46 -43.24 -27.29
C TYR Q 136 -22.52 -44.40 -28.28
N THR Q 137 -23.74 -44.85 -28.61
CA THR Q 137 -23.93 -45.94 -29.55
C THR Q 137 -25.06 -45.69 -30.51
N SER Q 138 -24.94 -46.22 -31.73
CA SER Q 138 -25.85 -45.84 -32.82
C SER Q 138 -26.18 -46.99 -33.80
N ASN Q 139 -27.14 -47.84 -33.45
CA ASN Q 139 -27.60 -48.87 -34.39
C ASN Q 139 -28.57 -48.26 -35.37
N PRO Q 140 -28.75 -48.90 -36.54
CA PRO Q 140 -29.58 -48.25 -37.57
C PRO Q 140 -31.04 -48.24 -37.13
N SER Q 141 -31.26 -48.65 -35.88
CA SER Q 141 -32.60 -48.68 -35.31
C SER Q 141 -33.09 -47.27 -35.22
N GLY Q 142 -32.16 -46.39 -34.88
CA GLY Q 142 -32.42 -44.99 -34.64
C GLY Q 142 -32.09 -44.63 -33.20
N ASN Q 143 -31.82 -45.63 -32.37
CA ASN Q 143 -31.61 -45.40 -30.94
C ASN Q 143 -30.18 -45.15 -30.58
N TYR Q 144 -29.98 -44.31 -29.57
CA TYR Q 144 -28.64 -44.11 -29.02
C TYR Q 144 -28.71 -44.30 -27.51
N THR Q 145 -27.56 -44.58 -26.89
CA THR Q 145 -27.54 -45.02 -25.52
C THR Q 145 -26.22 -44.64 -24.91
N GLY Q 146 -26.22 -44.44 -23.60
CA GLY Q 146 -25.01 -44.03 -22.89
C GLY Q 146 -24.23 -45.24 -22.46
N TRP Q 147 -22.91 -45.15 -22.46
CA TRP Q 147 -22.05 -46.28 -22.15
C TRP Q 147 -20.75 -45.93 -21.42
N LYS Q 148 -20.45 -46.69 -20.36
CA LYS Q 148 -19.14 -46.62 -19.69
C LYS Q 148 -18.15 -47.53 -20.42
N ALA Q 149 -18.68 -48.35 -21.32
CA ALA Q 149 -17.91 -49.32 -22.09
C ALA Q 149 -18.85 -50.16 -22.97
N ILE Q 150 -18.46 -50.40 -24.22
CA ILE Q 150 -19.40 -50.91 -25.20
C ILE Q 150 -18.70 -51.59 -26.38
N SER Q 151 -19.48 -52.29 -27.21
CA SER Q 151 -18.95 -52.99 -28.37
C SER Q 151 -20.02 -53.26 -29.45
N VAL Q 152 -19.60 -53.29 -30.72
CA VAL Q 152 -20.50 -53.60 -31.81
C VAL Q 152 -19.83 -54.51 -32.83
N GLY Q 153 -20.64 -55.30 -33.52
CA GLY Q 153 -20.14 -56.16 -34.57
C GLY Q 153 -20.03 -57.61 -34.15
N ALA Q 154 -19.31 -58.39 -34.96
CA ALA Q 154 -19.14 -59.82 -34.70
C ALA Q 154 -18.61 -60.05 -33.30
N ASN Q 155 -18.91 -61.22 -32.74
CA ASN Q 155 -18.46 -61.55 -31.39
C ASN Q 155 -18.81 -60.44 -30.39
N THR Q 156 -19.95 -59.79 -30.61
CA THR Q 156 -20.32 -58.70 -29.72
C THR Q 156 -20.68 -59.23 -28.35
N SER Q 157 -21.63 -60.16 -28.33
CA SER Q 157 -22.22 -60.74 -27.11
C SER Q 157 -21.14 -61.26 -26.17
N ALA Q 158 -20.00 -61.60 -26.76
CA ALA Q 158 -18.91 -62.19 -26.01
C ALA Q 158 -18.06 -61.16 -25.26
N ALA Q 159 -17.64 -60.09 -25.94
CA ALA Q 159 -16.76 -59.10 -25.33
C ALA Q 159 -17.47 -58.32 -24.23
N GLN Q 160 -18.76 -58.07 -24.45
CA GLN Q 160 -19.56 -57.35 -23.48
C GLN Q 160 -19.44 -58.00 -22.10
N THR Q 161 -19.02 -59.26 -22.10
CA THR Q 161 -18.95 -60.01 -20.87
C THR Q 161 -17.61 -59.81 -20.18
N LEU Q 162 -16.52 -59.87 -20.93
CA LEU Q 162 -15.20 -59.64 -20.34
C LEU Q 162 -15.08 -58.22 -19.86
N LEU Q 163 -15.72 -57.32 -20.59
CA LEU Q 163 -15.70 -55.89 -20.32
C LEU Q 163 -16.38 -55.64 -18.99
N GLN Q 164 -17.56 -56.23 -18.83
CA GLN Q 164 -18.32 -56.11 -17.61
C GLN Q 164 -17.50 -56.58 -16.42
N MET Q 165 -16.51 -57.41 -16.69
CA MET Q 165 -15.73 -58.07 -15.65
C MET Q 165 -14.55 -57.26 -15.14
N ASP Q 166 -13.73 -56.77 -16.07
CA ASP Q 166 -12.49 -56.10 -15.72
C ASP Q 166 -12.64 -54.59 -15.52
N TYR Q 167 -13.83 -54.04 -15.77
CA TYR Q 167 -14.04 -52.59 -15.66
C TYR Q 167 -14.23 -52.07 -14.23
N LYS Q 168 -13.55 -50.98 -13.91
CA LYS Q 168 -13.70 -50.29 -12.64
C LYS Q 168 -13.89 -48.78 -12.89
N ASP Q 169 -14.78 -48.14 -12.13
CA ASP Q 169 -15.10 -46.73 -12.35
C ASP Q 169 -13.90 -45.77 -12.15
N ASP Q 170 -12.99 -46.12 -11.24
CA ASP Q 170 -11.84 -45.27 -10.94
C ASP Q 170 -10.78 -45.33 -12.03
N MET Q 171 -11.02 -46.15 -13.04
CA MET Q 171 -10.08 -46.42 -14.12
C MET Q 171 -9.39 -45.17 -14.69
N LYS Q 172 -8.07 -45.28 -14.94
CA LYS Q 172 -7.32 -44.21 -15.61
C LYS Q 172 -7.51 -44.36 -17.11
N VAL Q 173 -6.67 -43.71 -17.91
CA VAL Q 173 -6.79 -43.84 -19.35
C VAL Q 173 -5.96 -44.99 -19.86
N ASP Q 174 -4.73 -45.10 -19.35
CA ASP Q 174 -3.82 -46.18 -19.74
C ASP Q 174 -4.34 -47.53 -19.26
N ASP Q 175 -5.04 -47.53 -18.14
CA ASP Q 175 -5.69 -48.74 -17.63
C ASP Q 175 -6.77 -49.23 -18.61
N ALA Q 176 -7.41 -48.28 -19.29
CA ALA Q 176 -8.50 -48.57 -20.22
C ALA Q 176 -7.99 -48.89 -21.61
N ILE Q 177 -6.78 -48.45 -21.92
CA ILE Q 177 -6.12 -48.81 -23.17
C ILE Q 177 -5.87 -50.30 -23.16
N GLU Q 178 -5.47 -50.81 -22.00
CA GLU Q 178 -5.21 -52.22 -21.85
C GLU Q 178 -6.52 -53.00 -21.94
N LEU Q 179 -7.46 -52.67 -21.05
CA LEU Q 179 -8.72 -53.38 -21.03
C LEU Q 179 -9.28 -53.58 -22.43
N ALA Q 180 -9.07 -52.59 -23.31
CA ALA Q 180 -9.57 -52.66 -24.68
C ALA Q 180 -8.82 -53.71 -25.49
N LEU Q 181 -7.50 -53.65 -25.46
CA LEU Q 181 -6.70 -54.63 -26.17
C LEU Q 181 -6.88 -56.00 -25.55
N LYS Q 182 -6.61 -56.09 -24.25
CA LYS Q 182 -6.74 -57.35 -23.50
C LYS Q 182 -7.97 -58.09 -23.97
N THR Q 183 -9.12 -57.43 -23.97
CA THR Q 183 -10.37 -58.12 -24.28
C THR Q 183 -10.69 -58.19 -25.78
N LEU Q 184 -9.72 -57.79 -26.59
CA LEU Q 184 -9.66 -58.31 -27.95
C LEU Q 184 -8.63 -59.45 -27.97
N SER Q 185 -8.41 -60.04 -26.80
CA SER Q 185 -7.86 -61.37 -26.75
C SER Q 185 -8.93 -62.27 -27.35
N LYS Q 186 -9.98 -62.56 -26.58
CA LYS Q 186 -11.08 -63.39 -27.06
C LYS Q 186 -11.58 -62.98 -28.44
N THR Q 187 -12.43 -61.97 -28.43
CA THR Q 187 -13.22 -61.59 -29.59
C THR Q 187 -12.42 -61.37 -30.87
N THR Q 188 -11.57 -62.33 -31.21
CA THR Q 188 -10.74 -62.25 -32.38
C THR Q 188 -10.77 -63.57 -33.11
N ASP Q 189 -11.31 -63.57 -34.32
CA ASP Q 189 -11.33 -64.79 -35.11
C ASP Q 189 -9.93 -65.13 -35.61
N SER Q 190 -9.08 -64.11 -35.74
CA SER Q 190 -7.69 -64.34 -36.11
C SER Q 190 -6.88 -64.74 -34.90
N SER Q 191 -6.43 -65.99 -34.87
CA SER Q 191 -5.58 -66.44 -33.78
C SER Q 191 -4.33 -65.57 -33.77
N ALA Q 192 -4.14 -64.82 -32.69
CA ALA Q 192 -3.02 -63.86 -32.54
C ALA Q 192 -3.30 -62.48 -33.17
N LEU Q 193 -3.15 -61.42 -32.37
CA LEU Q 193 -3.49 -60.06 -32.79
C LEU Q 193 -2.27 -59.22 -33.17
N THR Q 194 -2.31 -58.67 -34.38
CA THR Q 194 -1.18 -57.91 -34.93
C THR Q 194 -1.46 -56.39 -34.93
N TYR Q 195 -0.41 -55.60 -35.12
CA TYR Q 195 -0.59 -54.16 -35.19
C TYR Q 195 -1.32 -53.73 -36.46
N ASP Q 196 -1.29 -54.58 -37.48
CA ASP Q 196 -1.86 -54.24 -38.78
C ASP Q 196 -3.35 -54.55 -38.90
N ARG Q 197 -3.84 -55.43 -38.04
CA ARG Q 197 -5.28 -55.73 -37.98
C ARG Q 197 -5.98 -54.70 -37.10
N LEU Q 198 -5.25 -53.65 -36.70
CA LEU Q 198 -5.76 -52.67 -35.74
C LEU Q 198 -5.82 -51.21 -36.18
N GLU Q 199 -6.61 -50.46 -35.43
CA GLU Q 199 -6.81 -49.03 -35.64
C GLU Q 199 -7.20 -48.53 -34.27
N PHE Q 200 -6.65 -47.41 -33.84
CA PHE Q 200 -6.81 -47.00 -32.45
C PHE Q 200 -7.02 -45.50 -32.34
N ALA Q 201 -7.51 -45.06 -31.19
CA ALA Q 201 -7.77 -43.63 -30.97
C ALA Q 201 -7.95 -43.27 -29.49
N THR Q 202 -7.57 -42.05 -29.11
CA THR Q 202 -7.75 -41.57 -27.74
C THR Q 202 -8.14 -40.10 -27.65
N ILE Q 203 -8.96 -39.79 -26.65
CA ILE Q 203 -9.29 -38.41 -26.33
C ILE Q 203 -8.96 -38.13 -24.87
N ARG Q 204 -7.75 -37.63 -24.62
CA ARG Q 204 -7.19 -37.53 -23.26
C ARG Q 204 -7.31 -36.12 -22.70
N LYS Q 205 -6.89 -35.95 -21.45
CA LYS Q 205 -6.89 -34.63 -20.81
C LYS Q 205 -5.72 -33.78 -21.29
N GLY Q 206 -5.39 -33.92 -22.57
CA GLY Q 206 -4.33 -33.15 -23.20
C GLY Q 206 -2.94 -33.63 -22.85
N ALA Q 207 -1.99 -33.41 -23.74
CA ALA Q 207 -0.59 -33.80 -23.50
C ALA Q 207 0.10 -32.76 -22.63
N ASN Q 208 -0.68 -31.83 -22.07
CA ASN Q 208 -0.12 -30.69 -21.35
C ASN Q 208 -1.00 -30.13 -20.22
N ASP Q 209 -2.10 -29.47 -20.59
CA ASP Q 209 -2.85 -28.62 -19.68
C ASP Q 209 -4.15 -29.22 -19.18
N GLY Q 210 -5.10 -28.32 -18.93
CA GLY Q 210 -6.49 -28.69 -18.73
C GLY Q 210 -7.20 -28.43 -20.03
N GLU Q 211 -7.03 -29.35 -20.98
CA GLU Q 211 -7.74 -29.28 -22.25
C GLU Q 211 -7.87 -30.65 -22.91
N VAL Q 212 -8.00 -30.68 -24.23
CA VAL Q 212 -8.37 -31.92 -24.92
C VAL Q 212 -7.71 -32.22 -26.26
N TYR Q 213 -6.68 -33.07 -26.22
CA TYR Q 213 -5.99 -33.57 -27.40
C TYR Q 213 -6.74 -34.76 -28.00
N GLN Q 214 -6.69 -34.88 -29.33
CA GLN Q 214 -7.23 -36.08 -29.98
C GLN Q 214 -6.14 -36.78 -30.79
N LYS Q 215 -6.19 -38.11 -30.84
CA LYS Q 215 -5.06 -38.90 -31.32
C LYS Q 215 -5.47 -40.19 -32.02
N ILE Q 216 -5.50 -40.19 -33.34
CA ILE Q 216 -5.65 -41.44 -34.09
C ILE Q 216 -4.26 -42.03 -34.25
N PHE Q 217 -4.08 -43.23 -33.73
CA PHE Q 217 -2.76 -43.86 -33.68
C PHE Q 217 -2.18 -44.21 -35.06
N LYS Q 218 -0.93 -43.83 -35.27
CA LYS Q 218 -0.19 -44.28 -36.44
C LYS Q 218 0.27 -45.71 -36.17
N PRO Q 219 0.35 -46.54 -37.21
CA PRO Q 219 0.71 -47.95 -37.07
C PRO Q 219 1.81 -48.21 -36.03
N GLN Q 220 2.94 -47.52 -36.14
CA GLN Q 220 4.04 -47.75 -35.21
C GLN Q 220 3.65 -47.59 -33.75
N GLU Q 221 2.83 -46.58 -33.47
CA GLU Q 221 2.40 -46.30 -32.10
C GLU Q 221 1.56 -47.42 -31.52
N ILE Q 222 0.92 -48.20 -32.41
CA ILE Q 222 0.14 -49.37 -32.00
C ILE Q 222 1.07 -50.53 -31.62
N LYS Q 223 2.00 -50.87 -32.52
CA LYS Q 223 2.99 -51.93 -32.26
C LYS Q 223 3.80 -51.61 -31.01
N ASP Q 224 3.68 -50.38 -30.52
CA ASP Q 224 4.36 -49.93 -29.31
C ASP Q 224 3.53 -50.20 -28.06
N ILE Q 225 2.22 -50.01 -28.15
CA ILE Q 225 1.33 -50.26 -27.01
C ILE Q 225 0.89 -51.73 -27.02
N LEU Q 226 0.94 -52.36 -28.18
CA LEU Q 226 0.77 -53.80 -28.31
C LEU Q 226 1.88 -54.46 -27.53
N VAL Q 227 3.03 -53.78 -27.52
CA VAL Q 227 4.21 -54.21 -26.79
C VAL Q 227 3.94 -54.44 -25.30
N LYS Q 228 3.04 -53.66 -24.72
CA LYS Q 228 2.71 -53.80 -23.30
C LYS Q 228 2.22 -55.19 -22.88
N THR Q 229 1.62 -55.95 -23.80
CA THR Q 229 1.39 -57.39 -23.63
C THR Q 229 1.09 -58.14 -24.92
N GLY Q 230 -0.08 -57.88 -25.51
CA GLY Q 230 -0.53 -58.50 -26.75
C GLY Q 230 0.58 -59.30 -27.41
N ILE Q 231 1.31 -58.69 -28.34
CA ILE Q 231 2.47 -59.35 -28.94
C ILE Q 231 3.73 -58.50 -28.76
N THR Q 232 4.90 -59.15 -28.78
CA THR Q 232 6.16 -58.50 -28.40
C THR Q 232 7.37 -58.85 -29.26
N ILE R 1 -55.58 -52.00 -47.10
CA ILE R 1 -54.52 -51.27 -46.40
C ILE R 1 -54.66 -51.49 -44.86
N PHE R 2 -53.79 -52.32 -44.29
CA PHE R 2 -53.90 -52.75 -42.90
C PHE R 2 -52.71 -52.41 -42.00
N GLN R 3 -51.58 -51.96 -42.57
CA GLN R 3 -50.32 -51.78 -41.80
C GLN R 3 -50.47 -51.04 -40.46
N VAL R 4 -51.56 -50.30 -40.30
CA VAL R 4 -51.83 -49.57 -39.06
C VAL R 4 -51.74 -50.46 -37.82
N GLU R 5 -52.52 -51.53 -37.83
CA GLU R 5 -52.65 -52.42 -36.69
C GLU R 5 -51.30 -53.02 -36.28
N TYR R 6 -50.43 -53.25 -37.26
CA TYR R 6 -49.12 -53.84 -36.99
C TYR R 6 -48.30 -52.92 -36.10
N ALA R 7 -48.26 -51.64 -36.45
CA ALA R 7 -47.51 -50.66 -35.68
C ALA R 7 -48.06 -50.58 -34.26
N LEU R 8 -49.38 -50.55 -34.17
CA LEU R 8 -50.06 -50.52 -32.88
C LEU R 8 -49.58 -51.69 -32.03
N GLU R 9 -48.97 -52.67 -32.68
CA GLU R 9 -48.39 -53.81 -31.98
C GLU R 9 -47.10 -53.43 -31.25
N ALA R 10 -46.26 -52.65 -31.93
CA ALA R 10 -44.98 -52.21 -31.35
C ALA R 10 -45.21 -51.36 -30.11
N VAL R 11 -46.29 -50.58 -30.13
CA VAL R 11 -46.76 -49.91 -28.93
C VAL R 11 -46.67 -50.90 -27.77
N LYS R 12 -47.50 -51.92 -27.84
CA LYS R 12 -47.55 -52.98 -26.83
C LYS R 12 -46.18 -53.31 -26.23
N ARG R 13 -45.22 -53.66 -27.09
CA ARG R 13 -43.94 -54.22 -26.65
C ARG R 13 -43.03 -53.23 -25.90
N GLY R 14 -43.32 -51.94 -25.99
CA GLY R 14 -42.43 -50.90 -25.50
C GLY R 14 -42.51 -50.40 -24.06
N THR R 15 -41.48 -49.67 -23.64
CA THR R 15 -41.43 -49.05 -22.32
C THR R 15 -42.84 -48.72 -21.81
N CYS R 16 -43.26 -49.27 -20.67
CA CYS R 16 -44.64 -49.01 -20.21
C CYS R 16 -44.88 -47.61 -19.70
N ALA R 17 -46.00 -47.02 -20.12
CA ALA R 17 -46.31 -45.60 -19.87
C ALA R 17 -47.68 -45.37 -19.25
N VAL R 18 -47.72 -44.52 -18.22
CA VAL R 18 -48.97 -44.20 -17.51
C VAL R 18 -49.16 -42.70 -17.22
N GLY R 19 -50.34 -42.35 -16.71
CA GLY R 19 -50.66 -40.97 -16.36
C GLY R 19 -51.92 -40.86 -15.52
N VAL R 20 -52.00 -39.82 -14.68
CA VAL R 20 -53.08 -39.68 -13.70
C VAL R 20 -53.47 -38.26 -13.31
N LYS R 21 -54.70 -37.86 -13.66
CA LYS R 21 -55.23 -36.55 -13.32
C LYS R 21 -55.47 -36.41 -11.81
N GLY R 22 -55.54 -35.17 -11.33
CA GLY R 22 -55.77 -34.89 -9.92
C GLY R 22 -56.68 -33.69 -9.70
N LYS R 23 -56.95 -33.33 -8.45
CA LYS R 23 -57.89 -32.25 -8.15
C LYS R 23 -57.34 -30.94 -8.67
N ASN R 24 -56.01 -30.81 -8.61
CA ASN R 24 -55.29 -29.74 -9.29
C ASN R 24 -53.80 -30.04 -9.42
N CYS R 25 -53.49 -31.03 -10.26
CA CYS R 25 -52.13 -31.47 -10.54
C CYS R 25 -52.22 -32.65 -11.50
N VAL R 26 -51.11 -33.00 -12.12
CA VAL R 26 -51.09 -34.11 -13.06
C VAL R 26 -49.72 -34.82 -12.99
N VAL R 27 -49.69 -36.10 -13.37
CA VAL R 27 -48.48 -36.89 -13.25
C VAL R 27 -48.33 -37.88 -14.39
N LEU R 28 -47.10 -38.17 -14.81
CA LEU R 28 -46.86 -39.26 -15.73
C LEU R 28 -45.98 -40.34 -15.08
N GLY R 29 -45.50 -41.31 -15.85
CA GLY R 29 -44.61 -42.35 -15.33
C GLY R 29 -44.35 -43.37 -16.41
N CYS R 30 -43.12 -43.87 -16.51
CA CYS R 30 -42.76 -44.81 -17.58
C CYS R 30 -41.25 -45.07 -17.70
N GLU R 31 -40.87 -46.28 -18.11
CA GLU R 31 -39.49 -46.58 -18.54
C GLU R 31 -39.17 -48.07 -18.58
N ARG R 32 -37.87 -48.38 -18.68
CA ARG R 32 -37.37 -49.74 -18.89
C ARG R 32 -36.16 -50.10 -18.02
N ARG R 33 -35.42 -51.12 -18.48
CA ARG R 33 -34.51 -51.95 -17.68
C ARG R 33 -33.31 -51.28 -16.99
N SER R 34 -33.56 -50.71 -15.81
CA SER R 34 -32.51 -50.14 -14.94
C SER R 34 -31.28 -49.71 -15.71
N THR R 35 -30.33 -50.63 -15.83
CA THR R 35 -29.06 -50.36 -16.49
C THR R 35 -28.46 -51.71 -16.83
N LEU R 36 -28.04 -51.90 -18.07
CA LEU R 36 -27.38 -53.13 -18.43
C LEU R 36 -25.95 -53.11 -17.89
N LYS R 37 -25.83 -53.00 -16.57
CA LYS R 37 -24.55 -52.93 -15.86
C LYS R 37 -23.66 -51.79 -16.32
N LEU R 38 -23.32 -51.80 -17.59
CA LEU R 38 -22.25 -50.97 -18.08
C LEU R 38 -22.70 -49.72 -18.82
N GLN R 39 -23.99 -49.39 -18.76
CA GLN R 39 -24.42 -48.20 -19.49
C GLN R 39 -24.35 -46.90 -18.66
N ASP R 40 -24.20 -45.78 -19.37
CA ASP R 40 -24.09 -44.46 -18.76
C ASP R 40 -25.44 -44.05 -18.20
N THR R 41 -25.44 -43.80 -16.90
CA THR R 41 -26.65 -43.56 -16.15
C THR R 41 -27.18 -42.15 -16.39
N ARG R 42 -26.27 -41.18 -16.42
CA ARG R 42 -26.63 -39.78 -16.30
C ARG R 42 -26.91 -39.02 -17.62
N ILE R 43 -27.03 -39.71 -18.74
CA ILE R 43 -27.14 -38.99 -20.03
C ILE R 43 -28.29 -39.33 -21.00
N THR R 44 -29.17 -40.26 -20.63
CA THR R 44 -30.46 -40.41 -21.33
C THR R 44 -31.66 -40.61 -20.40
N PRO R 45 -31.58 -40.18 -19.12
CA PRO R 45 -32.83 -40.20 -18.33
C PRO R 45 -33.91 -39.24 -18.87
N SER R 46 -34.26 -39.38 -20.14
CA SER R 46 -35.26 -38.54 -20.81
C SER R 46 -36.62 -39.24 -20.96
N LYS R 47 -37.15 -39.73 -19.85
CA LYS R 47 -38.39 -40.52 -19.87
C LYS R 47 -39.55 -39.71 -20.40
N VAL R 48 -39.97 -38.72 -19.62
CA VAL R 48 -41.00 -37.77 -20.02
C VAL R 48 -40.34 -36.55 -20.64
N SER R 49 -40.93 -36.06 -21.74
CA SER R 49 -40.33 -34.97 -22.49
C SER R 49 -41.13 -33.65 -22.37
N LYS R 50 -40.42 -32.58 -22.04
CA LYS R 50 -41.00 -31.24 -21.91
C LYS R 50 -41.30 -30.67 -23.30
N ILE R 51 -42.52 -30.20 -23.50
CA ILE R 51 -42.89 -29.63 -24.80
C ILE R 51 -42.88 -28.09 -24.79
N ASP R 52 -43.55 -27.51 -23.80
CA ASP R 52 -43.45 -26.07 -23.54
C ASP R 52 -43.18 -25.95 -22.03
N SER R 53 -43.33 -24.76 -21.48
CA SER R 53 -43.03 -24.57 -20.07
C SER R 53 -44.13 -25.16 -19.20
N HIS R 54 -45.22 -25.57 -19.84
CA HIS R 54 -46.42 -26.03 -19.12
C HIS R 54 -47.00 -27.34 -19.68
N VAL R 55 -46.30 -27.98 -20.60
CA VAL R 55 -46.83 -29.16 -21.27
C VAL R 55 -45.79 -30.26 -21.47
N VAL R 56 -46.16 -31.48 -21.07
CA VAL R 56 -45.24 -32.62 -21.08
C VAL R 56 -45.80 -33.80 -21.88
N LEU R 57 -44.97 -34.81 -22.11
CA LEU R 57 -45.39 -35.91 -22.97
C LEU R 57 -44.54 -37.17 -22.84
N SER R 58 -45.18 -38.28 -22.48
CA SER R 58 -44.50 -39.58 -22.44
C SER R 58 -45.10 -40.49 -23.48
N PHE R 59 -44.42 -41.60 -23.75
CA PHE R 59 -44.80 -42.48 -24.86
C PHE R 59 -44.47 -43.93 -24.56
N SER R 60 -45.22 -44.84 -25.18
CA SER R 60 -44.87 -46.24 -25.17
C SER R 60 -44.55 -46.60 -26.60
N GLY R 61 -43.35 -47.10 -26.85
CA GLY R 61 -43.03 -47.49 -28.21
C GLY R 61 -41.58 -47.47 -28.54
N LEU R 62 -41.32 -47.42 -29.85
CA LEU R 62 -39.98 -47.29 -30.38
C LEU R 62 -39.38 -45.98 -29.93
N ASN R 63 -38.37 -46.06 -29.08
CA ASN R 63 -37.76 -44.86 -28.55
C ASN R 63 -37.24 -43.98 -29.67
N ALA R 64 -36.72 -44.60 -30.73
CA ALA R 64 -36.14 -43.86 -31.86
C ALA R 64 -37.18 -43.16 -32.73
N ASP R 65 -38.44 -43.33 -32.40
CA ASP R 65 -39.52 -42.90 -33.26
C ASP R 65 -40.19 -41.74 -32.57
N SER R 66 -40.12 -41.78 -31.25
CA SER R 66 -40.70 -40.73 -30.45
C SER R 66 -40.07 -39.41 -30.79
N ARG R 67 -38.74 -39.39 -30.80
CA ARG R 67 -38.00 -38.16 -30.98
C ARG R 67 -38.52 -37.31 -32.14
N ILE R 68 -38.96 -37.95 -33.22
CA ILE R 68 -39.43 -37.21 -34.39
C ILE R 68 -40.75 -36.52 -34.10
N LEU R 69 -41.46 -37.03 -33.12
CA LEU R 69 -42.69 -36.40 -32.66
C LEU R 69 -42.38 -35.33 -31.62
N ILE R 70 -41.65 -35.71 -30.57
CA ILE R 70 -41.31 -34.79 -29.51
C ILE R 70 -40.57 -33.55 -30.02
N GLU R 71 -40.28 -33.51 -31.31
CA GLU R 71 -39.70 -32.32 -31.92
C GLU R 71 -40.77 -31.58 -32.70
N LYS R 72 -41.34 -32.24 -33.71
CA LYS R 72 -42.37 -31.61 -34.53
C LYS R 72 -43.38 -30.90 -33.64
N ALA R 73 -43.50 -31.38 -32.40
CA ALA R 73 -44.40 -30.81 -31.40
C ALA R 73 -43.78 -29.66 -30.64
N ARG R 74 -42.59 -29.87 -30.09
CA ARG R 74 -41.85 -28.81 -29.39
C ARG R 74 -41.72 -27.57 -30.24
N VAL R 75 -41.85 -27.75 -31.55
CA VAL R 75 -41.72 -26.68 -32.53
C VAL R 75 -43.04 -26.00 -32.77
N GLU R 76 -44.07 -26.73 -33.17
CA GLU R 76 -45.37 -26.13 -33.34
C GLU R 76 -45.79 -25.45 -32.03
N ALA R 77 -45.15 -25.81 -30.94
CA ALA R 77 -45.48 -25.23 -29.65
C ALA R 77 -45.02 -23.79 -29.61
N GLN R 78 -43.88 -23.54 -30.24
CA GLN R 78 -43.30 -22.20 -30.36
C GLN R 78 -43.93 -21.46 -31.52
N SER R 79 -43.99 -22.11 -32.67
CA SER R 79 -44.64 -21.53 -33.85
C SER R 79 -46.12 -21.21 -33.64
N HIS R 80 -46.66 -21.51 -32.47
CA HIS R 80 -48.01 -21.07 -32.10
C HIS R 80 -47.85 -19.82 -31.25
N ARG R 81 -46.90 -19.84 -30.32
CA ARG R 81 -46.58 -18.69 -29.49
C ARG R 81 -46.18 -17.50 -30.34
N LEU R 82 -45.74 -17.81 -31.55
CA LEU R 82 -45.07 -16.86 -32.39
C LEU R 82 -46.03 -16.20 -33.35
N THR R 83 -47.00 -16.96 -33.80
CA THR R 83 -47.91 -16.49 -34.85
C THR R 83 -49.29 -16.17 -34.28
N LEU R 84 -49.41 -16.28 -32.97
CA LEU R 84 -50.69 -16.10 -32.29
C LEU R 84 -50.43 -15.61 -30.88
N GLU R 85 -49.17 -15.50 -30.49
CA GLU R 85 -48.79 -15.10 -29.13
C GLU R 85 -49.77 -15.63 -28.08
N ASP R 86 -49.63 -16.91 -27.76
CA ASP R 86 -50.54 -17.62 -26.86
C ASP R 86 -50.09 -19.07 -26.78
N PRO R 87 -49.57 -19.49 -25.61
CA PRO R 87 -49.11 -20.87 -25.49
C PRO R 87 -50.16 -21.84 -26.03
N VAL R 88 -49.70 -22.93 -26.61
CA VAL R 88 -50.61 -23.94 -27.15
C VAL R 88 -51.49 -24.47 -26.02
N THR R 89 -52.75 -24.76 -26.33
CA THR R 89 -53.64 -25.39 -25.36
C THR R 89 -53.43 -26.91 -25.40
N VAL R 90 -53.51 -27.57 -24.26
CA VAL R 90 -53.16 -28.99 -24.20
C VAL R 90 -53.95 -29.80 -25.22
N GLU R 91 -55.22 -29.46 -25.43
CA GLU R 91 -55.98 -30.16 -26.46
C GLU R 91 -55.36 -29.93 -27.84
N TYR R 92 -54.92 -28.71 -28.12
CA TYR R 92 -54.40 -28.39 -29.45
C TYR R 92 -53.03 -29.00 -29.70
N LEU R 93 -52.16 -28.97 -28.70
CA LEU R 93 -50.85 -29.60 -28.86
C LEU R 93 -51.12 -31.05 -29.16
N THR R 94 -52.09 -31.63 -28.44
CA THR R 94 -52.50 -33.01 -28.64
C THR R 94 -53.08 -33.27 -30.02
N ARG R 95 -54.10 -32.50 -30.41
CA ARG R 95 -54.70 -32.64 -31.72
C ARG R 95 -53.67 -32.49 -32.85
N TYR R 96 -52.63 -31.68 -32.63
CA TYR R 96 -51.58 -31.50 -33.64
C TYR R 96 -50.68 -32.73 -33.75
N VAL R 97 -50.34 -33.30 -32.61
CA VAL R 97 -49.54 -34.52 -32.58
C VAL R 97 -50.27 -35.71 -33.23
N ALA R 98 -51.49 -35.95 -32.76
CA ALA R 98 -52.31 -37.02 -33.29
C ALA R 98 -52.55 -36.81 -34.79
N GLY R 99 -52.86 -35.58 -35.17
CA GLY R 99 -53.12 -35.24 -36.56
C GLY R 99 -51.92 -35.47 -37.46
N VAL R 100 -50.75 -35.63 -36.87
CA VAL R 100 -49.56 -35.92 -37.64
C VAL R 100 -49.38 -37.44 -37.86
N GLN R 101 -49.62 -38.24 -36.82
CA GLN R 101 -49.53 -39.69 -36.98
C GLN R 101 -50.54 -40.14 -38.02
N GLN R 102 -51.63 -39.40 -38.12
CA GLN R 102 -52.74 -39.63 -39.05
C GLN R 102 -52.31 -39.40 -40.48
N ARG R 103 -51.59 -38.31 -40.71
CA ARG R 103 -51.13 -37.96 -42.04
C ARG R 103 -49.95 -38.84 -42.41
N TYR R 104 -49.54 -39.72 -41.48
CA TYR R 104 -48.53 -40.74 -41.78
C TYR R 104 -49.19 -42.08 -42.10
N THR R 105 -50.16 -42.02 -43.01
CA THR R 105 -50.82 -43.19 -43.53
C THR R 105 -51.39 -42.78 -44.90
N GLN R 106 -52.38 -41.88 -44.86
CA GLN R 106 -53.27 -41.59 -45.99
C GLN R 106 -52.71 -40.76 -47.15
N SER R 107 -51.43 -40.38 -47.10
CA SER R 107 -50.83 -39.72 -48.26
C SER R 107 -49.43 -40.27 -48.59
N GLY R 108 -49.09 -40.21 -49.87
CA GLY R 108 -47.83 -40.73 -50.37
C GLY R 108 -47.73 -42.23 -50.19
N GLY R 109 -48.28 -42.71 -49.08
CA GLY R 109 -48.18 -44.12 -48.72
C GLY R 109 -46.87 -44.36 -48.00
N VAL R 110 -46.78 -43.87 -46.77
CA VAL R 110 -45.58 -44.06 -45.95
C VAL R 110 -45.96 -44.68 -44.60
N ARG R 111 -44.98 -45.22 -43.87
CA ARG R 111 -45.29 -45.96 -42.63
C ARG R 111 -45.71 -45.09 -41.46
N PRO R 112 -46.62 -45.61 -40.62
CA PRO R 112 -47.19 -44.91 -39.47
C PRO R 112 -46.31 -45.10 -38.26
N PHE R 113 -46.59 -44.37 -37.17
CA PHE R 113 -45.66 -44.28 -36.06
C PHE R 113 -45.80 -45.42 -35.06
N GLY R 114 -44.67 -45.84 -34.51
CA GLY R 114 -44.67 -46.91 -33.52
C GLY R 114 -44.74 -46.41 -32.09
N VAL R 115 -45.62 -45.42 -31.87
CA VAL R 115 -45.77 -44.82 -30.55
C VAL R 115 -47.22 -44.54 -30.25
N SER R 116 -47.62 -44.81 -29.02
CA SER R 116 -48.77 -44.16 -28.43
C SER R 116 -48.15 -43.13 -27.51
N THR R 117 -48.85 -42.04 -27.27
CA THR R 117 -48.31 -41.01 -26.40
C THR R 117 -49.36 -40.57 -25.41
N LEU R 118 -48.89 -40.10 -24.26
CA LEU R 118 -49.74 -39.43 -23.29
C LEU R 118 -49.24 -38.01 -23.15
N ILE R 119 -50.18 -37.07 -23.04
CA ILE R 119 -49.87 -35.65 -23.08
C ILE R 119 -50.62 -34.92 -21.98
N ALA R 120 -49.89 -34.30 -21.07
CA ALA R 120 -50.49 -33.71 -19.88
C ALA R 120 -50.09 -32.26 -19.67
N GLY R 121 -50.75 -31.60 -18.72
CA GLY R 121 -50.48 -30.21 -18.41
C GLY R 121 -51.72 -29.34 -18.28
N PHE R 122 -51.50 -28.09 -17.87
CA PHE R 122 -52.57 -27.11 -17.70
C PHE R 122 -52.55 -26.07 -18.81
N ASP R 123 -53.70 -25.82 -19.43
CA ASP R 123 -53.84 -24.73 -20.40
C ASP R 123 -53.27 -23.46 -19.79
N PRO R 124 -53.06 -22.41 -20.59
CA PRO R 124 -52.54 -21.16 -20.01
C PRO R 124 -53.60 -20.40 -19.19
N ARG R 125 -53.22 -19.99 -17.98
CA ARG R 125 -54.14 -19.35 -17.02
C ARG R 125 -55.09 -20.35 -16.34
N ASP R 126 -56.11 -20.81 -17.09
CA ASP R 126 -56.99 -21.89 -16.62
C ASP R 126 -56.22 -22.88 -15.75
N ASP R 127 -56.83 -23.35 -14.67
CA ASP R 127 -56.16 -24.26 -13.75
C ASP R 127 -56.81 -25.65 -13.70
N GLU R 128 -57.52 -26.00 -14.77
CA GLU R 128 -58.17 -27.30 -14.86
C GLU R 128 -57.27 -28.29 -15.60
N PRO R 129 -56.79 -29.32 -14.87
CA PRO R 129 -55.89 -30.37 -15.36
C PRO R 129 -56.40 -30.99 -16.66
N LYS R 130 -55.48 -31.30 -17.56
CA LYS R 130 -55.86 -31.95 -18.81
C LYS R 130 -54.95 -33.17 -19.06
N LEU R 131 -55.54 -34.28 -19.49
CA LEU R 131 -54.77 -35.47 -19.84
C LEU R 131 -55.35 -36.12 -21.09
N TYR R 132 -54.48 -36.44 -22.04
CA TYR R 132 -54.90 -36.98 -23.33
C TYR R 132 -54.03 -38.18 -23.73
N GLN R 133 -54.43 -38.91 -24.76
CA GLN R 133 -53.67 -40.05 -25.26
C GLN R 133 -53.80 -40.12 -26.77
N THR R 134 -52.69 -40.40 -27.44
CA THR R 134 -52.72 -40.58 -28.89
C THR R 134 -52.24 -41.96 -29.28
N GLU R 135 -52.61 -42.38 -30.48
CA GLU R 135 -52.21 -43.68 -30.99
C GLU R 135 -52.08 -43.60 -32.51
N PRO R 136 -51.21 -44.45 -33.07
CA PRO R 136 -50.72 -44.46 -34.46
C PRO R 136 -51.79 -44.18 -35.51
N SER R 137 -53.05 -44.42 -35.14
CA SER R 137 -54.18 -44.20 -36.04
C SER R 137 -54.35 -42.74 -36.34
N GLY R 138 -54.50 -41.93 -35.28
CA GLY R 138 -54.79 -40.52 -35.40
C GLY R 138 -55.87 -40.10 -34.40
N ILE R 139 -56.08 -40.94 -33.40
CA ILE R 139 -57.17 -40.81 -32.44
C ILE R 139 -56.67 -40.14 -31.17
N TYR R 140 -57.37 -39.10 -30.75
CA TYR R 140 -57.04 -38.50 -29.47
C TYR R 140 -58.24 -38.63 -28.54
N SER R 141 -57.95 -38.93 -27.28
CA SER R 141 -58.98 -39.14 -26.29
C SER R 141 -58.55 -38.47 -24.99
N SER R 142 -59.51 -37.97 -24.23
CA SER R 142 -59.20 -37.41 -22.91
C SER R 142 -59.48 -38.45 -21.85
N TRP R 143 -58.61 -38.54 -20.85
CA TRP R 143 -58.73 -39.54 -19.80
C TRP R 143 -58.60 -38.93 -18.41
N SER R 144 -59.43 -39.37 -17.48
CA SER R 144 -59.25 -39.02 -16.07
C SER R 144 -57.97 -39.69 -15.61
N ALA R 145 -57.59 -40.75 -16.33
CA ALA R 145 -56.32 -41.46 -16.16
C ALA R 145 -56.25 -42.65 -17.11
N GLN R 146 -55.03 -43.12 -17.39
CA GLN R 146 -54.85 -44.12 -18.44
C GLN R 146 -53.42 -44.68 -18.45
N THR R 147 -53.22 -45.77 -19.17
CA THR R 147 -51.89 -46.29 -19.46
C THR R 147 -51.88 -46.90 -20.85
N ILE R 148 -50.75 -46.82 -21.52
CA ILE R 148 -50.55 -47.57 -22.76
C ILE R 148 -49.12 -48.11 -22.76
N GLY R 149 -48.90 -49.24 -23.41
CA GLY R 149 -47.59 -49.89 -23.41
C GLY R 149 -47.57 -51.40 -23.16
N ARG R 150 -46.57 -51.85 -22.41
CA ARG R 150 -46.40 -53.28 -22.18
C ARG R 150 -46.96 -53.71 -20.83
N ASN R 151 -47.83 -54.72 -20.88
CA ASN R 151 -48.65 -55.09 -19.73
C ASN R 151 -49.49 -53.88 -19.31
N SER R 152 -49.89 -53.09 -20.30
CA SER R 152 -50.67 -51.89 -20.04
C SER R 152 -52.08 -52.25 -19.61
N LYS R 153 -52.52 -53.43 -20.03
CA LYS R 153 -53.87 -53.90 -19.72
C LYS R 153 -54.01 -54.20 -18.23
N THR R 154 -52.93 -54.68 -17.61
CA THR R 154 -52.94 -54.98 -16.17
C THR R 154 -53.17 -53.70 -15.38
N VAL R 155 -52.64 -52.61 -15.93
CA VAL R 155 -52.64 -51.34 -15.25
C VAL R 155 -53.96 -50.61 -15.44
N ARG R 156 -54.47 -50.61 -16.67
CA ARG R 156 -55.75 -49.98 -16.98
C ARG R 156 -56.86 -50.62 -16.13
N GLU R 157 -56.69 -51.91 -15.85
CA GLU R 157 -57.60 -52.67 -14.99
C GLU R 157 -57.44 -52.25 -13.53
N PHE R 158 -56.20 -52.17 -13.08
CA PHE R 158 -55.90 -51.68 -11.76
C PHE R 158 -56.54 -50.33 -11.53
N LEU R 159 -56.22 -49.38 -12.41
CA LEU R 159 -56.64 -48.00 -12.29
C LEU R 159 -58.14 -47.82 -12.24
N GLU R 160 -58.83 -48.45 -13.17
CA GLU R 160 -60.29 -48.36 -13.22
C GLU R 160 -60.90 -48.62 -11.85
N LYS R 161 -60.37 -49.62 -11.15
CA LYS R 161 -60.89 -50.01 -9.85
C LYS R 161 -60.20 -49.27 -8.69
N ASN R 162 -59.47 -48.20 -9.00
CA ASN R 162 -58.75 -47.46 -7.97
C ASN R 162 -58.91 -45.93 -8.05
N TYR R 163 -59.40 -45.46 -9.19
CA TYR R 163 -59.69 -44.05 -9.39
C TYR R 163 -61.21 -43.89 -9.36
N ASP R 164 -61.71 -42.83 -8.72
CA ASP R 164 -63.11 -42.45 -8.94
C ASP R 164 -63.27 -40.94 -9.12
N ARG R 165 -64.14 -40.56 -10.04
CA ARG R 165 -64.37 -39.15 -10.34
C ARG R 165 -64.94 -38.41 -9.14
N LYS R 166 -65.82 -39.06 -8.39
CA LYS R 166 -66.40 -38.43 -7.22
C LYS R 166 -65.34 -37.77 -6.33
N GLU R 167 -64.28 -38.51 -6.01
CA GLU R 167 -63.17 -37.96 -5.25
C GLU R 167 -61.80 -38.18 -5.92
N PRO R 168 -61.32 -37.16 -6.64
CA PRO R 168 -60.00 -37.25 -7.28
C PRO R 168 -58.91 -36.90 -6.27
N PRO R 169 -57.76 -37.60 -6.34
CA PRO R 169 -56.58 -37.35 -5.50
C PRO R 169 -56.24 -35.86 -5.41
N ALA R 170 -56.77 -35.19 -4.39
CA ALA R 170 -56.60 -33.74 -4.25
C ALA R 170 -55.18 -33.32 -3.90
N THR R 171 -54.60 -33.98 -2.90
CA THR R 171 -53.25 -33.65 -2.45
C THR R 171 -52.25 -33.84 -3.58
N VAL R 172 -51.36 -32.87 -3.72
CA VAL R 172 -50.23 -33.03 -4.61
C VAL R 172 -49.57 -34.37 -4.28
N GLU R 173 -49.07 -34.48 -3.05
CA GLU R 173 -48.34 -35.68 -2.62
C GLU R 173 -49.06 -36.98 -2.98
N GLU R 174 -50.33 -37.08 -2.61
CA GLU R 174 -51.06 -38.35 -2.73
C GLU R 174 -51.37 -38.73 -4.17
N CYS R 175 -51.35 -37.74 -5.06
CA CYS R 175 -51.64 -38.03 -6.46
C CYS R 175 -50.51 -38.86 -7.06
N VAL R 176 -49.30 -38.68 -6.54
CA VAL R 176 -48.18 -39.52 -6.94
C VAL R 176 -48.28 -40.85 -6.23
N LYS R 177 -48.62 -40.80 -4.95
CA LYS R 177 -48.80 -41.99 -4.13
C LYS R 177 -49.42 -43.10 -4.97
N LEU R 178 -50.38 -42.71 -5.79
CA LEU R 178 -51.16 -43.65 -6.58
C LEU R 178 -50.46 -44.12 -7.85
N THR R 179 -49.81 -43.19 -8.55
CA THR R 179 -49.20 -43.50 -9.83
C THR R 179 -48.07 -44.51 -9.69
N VAL R 180 -47.46 -44.55 -8.50
CA VAL R 180 -46.40 -45.49 -8.22
C VAL R 180 -46.96 -46.91 -8.15
N ARG R 181 -47.85 -47.13 -7.19
CA ARG R 181 -48.49 -48.43 -7.00
C ARG R 181 -48.82 -49.08 -8.34
N SER R 182 -49.32 -48.27 -9.27
CA SER R 182 -49.87 -48.77 -10.53
C SER R 182 -48.82 -49.23 -11.55
N LEU R 183 -47.55 -48.91 -11.31
CA LEU R 183 -46.50 -49.39 -12.18
C LEU R 183 -45.71 -50.50 -11.51
N LEU R 184 -45.73 -50.53 -10.18
CA LEU R 184 -45.09 -51.60 -9.43
C LEU R 184 -45.65 -52.96 -9.83
N GLU R 185 -46.86 -52.95 -10.37
CA GLU R 185 -47.53 -54.17 -10.83
C GLU R 185 -46.83 -54.80 -12.04
N VAL R 186 -46.31 -53.95 -12.93
CA VAL R 186 -45.81 -54.43 -14.22
C VAL R 186 -44.29 -54.31 -14.38
N VAL R 187 -43.62 -53.57 -13.50
CA VAL R 187 -42.17 -53.33 -13.61
C VAL R 187 -41.33 -54.60 -13.72
N GLN R 188 -40.18 -54.62 -13.05
CA GLN R 188 -39.29 -55.78 -13.08
C GLN R 188 -38.12 -55.63 -12.11
N THR R 189 -38.33 -54.81 -11.08
CA THR R 189 -37.36 -54.63 -10.00
C THR R 189 -37.89 -53.66 -8.96
N GLY R 190 -38.53 -52.59 -9.40
CA GLY R 190 -39.06 -51.56 -8.52
C GLY R 190 -38.61 -50.16 -8.88
N ALA R 191 -38.31 -49.35 -7.86
CA ALA R 191 -37.97 -47.94 -8.04
C ALA R 191 -36.91 -47.70 -9.11
N LYS R 192 -35.95 -48.62 -9.20
CA LYS R 192 -34.87 -48.50 -10.17
C LYS R 192 -35.36 -48.72 -11.60
N ASN R 193 -36.65 -48.99 -11.76
CA ASN R 193 -37.19 -49.37 -13.06
C ASN R 193 -37.90 -48.24 -13.82
N ILE R 194 -38.86 -47.59 -13.16
CA ILE R 194 -39.58 -46.50 -13.81
C ILE R 194 -39.74 -45.27 -12.91
N GLU R 195 -39.55 -44.10 -13.52
CA GLU R 195 -39.54 -42.79 -12.84
C GLU R 195 -40.72 -41.91 -13.27
N ILE R 196 -40.80 -40.71 -12.70
CA ILE R 196 -41.96 -39.83 -12.92
C ILE R 196 -41.67 -38.32 -12.96
N THR R 197 -42.59 -37.58 -13.60
CA THR R 197 -42.55 -36.12 -13.70
C THR R 197 -43.88 -35.59 -13.14
N VAL R 198 -43.93 -34.31 -12.77
CA VAL R 198 -45.14 -33.73 -12.15
C VAL R 198 -45.39 -32.25 -12.47
N VAL R 199 -46.52 -31.96 -13.10
CA VAL R 199 -46.82 -30.58 -13.50
C VAL R 199 -48.00 -29.98 -12.76
N LYS R 200 -47.79 -28.80 -12.20
CA LYS R 200 -48.81 -28.10 -11.44
C LYS R 200 -49.11 -26.76 -12.12
N PRO R 201 -50.27 -26.15 -11.84
CA PRO R 201 -50.77 -24.98 -12.57
C PRO R 201 -49.71 -23.94 -12.87
N ASP R 202 -49.81 -23.33 -14.05
CA ASP R 202 -48.94 -22.22 -14.44
C ASP R 202 -47.46 -22.54 -14.62
N SER R 203 -47.16 -23.45 -15.55
CA SER R 203 -45.78 -23.70 -15.98
C SER R 203 -44.82 -24.05 -14.84
N ASP R 204 -45.31 -24.88 -13.92
CA ASP R 204 -44.53 -25.34 -12.77
C ASP R 204 -44.26 -26.85 -12.88
N ILE R 205 -43.40 -27.22 -13.80
CA ILE R 205 -43.11 -28.62 -14.07
C ILE R 205 -41.84 -29.07 -13.35
N VAL R 206 -42.01 -29.95 -12.36
CA VAL R 206 -40.89 -30.42 -11.53
C VAL R 206 -40.75 -31.95 -11.55
N ALA R 207 -39.90 -32.47 -12.43
CA ALA R 207 -39.69 -33.93 -12.54
C ALA R 207 -39.04 -34.56 -11.30
N LEU R 208 -39.45 -35.77 -10.94
CA LEU R 208 -38.95 -36.41 -9.72
C LEU R 208 -37.67 -37.22 -9.94
N SER R 209 -36.81 -37.20 -8.94
CA SER R 209 -35.51 -37.86 -8.98
C SER R 209 -35.57 -39.25 -8.38
N SER R 210 -34.40 -39.86 -8.22
CA SER R 210 -34.31 -41.19 -7.64
C SER R 210 -34.63 -41.18 -6.14
N GLU R 211 -34.17 -40.16 -5.43
CA GLU R 211 -34.31 -40.14 -3.97
C GLU R 211 -35.71 -39.82 -3.46
N GLU R 212 -36.51 -39.15 -4.29
CA GLU R 212 -37.87 -38.83 -3.90
C GLU R 212 -38.78 -39.98 -4.26
N ILE R 213 -38.28 -40.84 -5.14
CA ILE R 213 -39.03 -42.01 -5.59
C ILE R 213 -38.88 -43.19 -4.63
N ASN R 214 -37.86 -43.15 -3.77
CA ASN R 214 -37.69 -44.20 -2.77
C ASN R 214 -38.03 -43.73 -1.33
N GLN R 215 -38.59 -42.53 -1.22
CA GLN R 215 -39.26 -42.11 0.01
C GLN R 215 -40.73 -42.37 -0.21
N TYR R 216 -41.00 -43.12 -1.27
CA TYR R 216 -42.35 -43.47 -1.68
C TYR R 216 -42.53 -44.99 -1.71
N VAL R 217 -41.78 -45.68 -2.58
CA VAL R 217 -41.86 -47.16 -2.62
C VAL R 217 -41.62 -47.73 -1.24
N THR R 218 -40.61 -47.22 -0.56
CA THR R 218 -40.33 -47.63 0.81
C THR R 218 -41.09 -46.73 1.79
N GLN R 219 -42.38 -46.51 1.49
CA GLN R 219 -43.35 -45.95 2.42
C GLN R 219 -44.70 -46.43 1.94
N ILE R 220 -44.64 -47.26 0.89
CA ILE R 220 -45.78 -47.98 0.38
C ILE R 220 -45.75 -49.38 0.97
N GLU R 221 -44.69 -50.12 0.67
CA GLU R 221 -44.57 -51.50 1.11
C GLU R 221 -44.40 -51.61 2.62
N GLN R 222 -44.62 -50.49 3.30
CA GLN R 222 -44.77 -50.49 4.75
C GLN R 222 -46.23 -50.78 5.09
N GLU R 223 -47.10 -49.87 4.68
CA GLU R 223 -48.53 -50.04 4.88
C GLU R 223 -49.01 -51.37 4.27
N LYS R 224 -48.31 -51.82 3.22
CA LYS R 224 -48.65 -53.07 2.54
C LYS R 224 -48.81 -54.25 3.50
N GLN R 225 -47.68 -54.74 4.00
CA GLN R 225 -47.65 -55.97 4.78
C GLN R 225 -48.51 -55.94 6.04
N GLU R 226 -48.95 -54.76 6.44
CA GLU R 226 -49.74 -54.59 7.66
C GLU R 226 -51.14 -55.18 7.53
N GLN R 227 -51.30 -56.42 8.00
CA GLN R 227 -52.55 -57.15 7.83
C GLN R 227 -53.13 -57.69 9.13
N MET S 1 -70.83 -75.44 -46.46
CA MET S 1 -70.17 -74.15 -46.75
C MET S 1 -69.42 -74.18 -48.10
N PHE S 2 -68.95 -73.02 -48.55
CA PHE S 2 -68.36 -72.87 -49.90
C PHE S 2 -67.82 -71.46 -50.26
N LEU S 3 -67.08 -71.40 -51.37
CA LEU S 3 -66.30 -70.20 -51.73
C LEU S 3 -66.61 -69.62 -53.10
N THR S 4 -67.20 -68.44 -53.14
CA THR S 4 -67.42 -67.72 -54.40
C THR S 4 -66.36 -66.63 -54.60
N ARG S 5 -65.77 -66.58 -55.79
CA ARG S 5 -64.69 -65.63 -56.06
C ARG S 5 -64.60 -65.27 -57.54
N SER S 6 -64.54 -63.98 -57.82
CA SER S 6 -64.35 -63.48 -59.17
C SER S 6 -62.85 -63.29 -59.37
N GLU S 7 -62.40 -63.17 -60.61
CA GLU S 7 -60.99 -62.90 -60.89
C GLU S 7 -60.65 -61.41 -60.86
N TYR S 8 -61.69 -60.57 -60.74
CA TYR S 8 -61.51 -59.11 -60.74
C TYR S 8 -61.76 -58.44 -59.38
N ASP S 9 -61.95 -59.25 -58.33
CA ASP S 9 -61.88 -58.74 -56.97
C ASP S 9 -60.54 -58.00 -56.90
N ARG S 10 -60.28 -57.32 -55.79
CA ARG S 10 -58.99 -56.64 -55.62
C ARG S 10 -58.84 -55.40 -56.51
N GLY S 11 -58.61 -55.62 -57.81
CA GLY S 11 -58.37 -54.56 -58.79
C GLY S 11 -58.54 -53.10 -58.35
N VAL S 12 -57.44 -52.36 -58.34
CA VAL S 12 -57.44 -50.96 -57.89
C VAL S 12 -57.66 -49.96 -59.03
N SER S 13 -58.76 -49.21 -58.95
CA SER S 13 -59.14 -48.25 -59.98
C SER S 13 -58.98 -48.81 -61.40
N THR S 14 -59.45 -50.04 -61.59
CA THR S 14 -59.58 -50.64 -62.92
C THR S 14 -60.91 -51.38 -63.06
N PHE S 15 -61.53 -51.30 -64.24
CA PHE S 15 -62.88 -51.80 -64.46
C PHE S 15 -62.99 -53.31 -64.53
N SER S 16 -63.92 -53.88 -63.76
CA SER S 16 -64.40 -55.24 -64.00
C SER S 16 -65.07 -55.23 -65.37
N PRO S 17 -65.22 -56.40 -65.99
CA PRO S 17 -65.89 -56.56 -67.28
C PRO S 17 -67.35 -56.09 -67.33
N GLU S 18 -67.87 -55.66 -66.19
CA GLU S 18 -69.24 -55.20 -66.05
C GLU S 18 -69.29 -53.69 -66.00
N GLY S 19 -68.18 -53.09 -65.57
CA GLY S 19 -68.08 -51.66 -65.37
C GLY S 19 -68.10 -51.36 -63.90
N ARG S 20 -67.67 -52.32 -63.09
CA ARG S 20 -67.71 -52.13 -61.64
C ARG S 20 -66.33 -51.80 -61.16
N LEU S 21 -66.25 -50.89 -60.19
CA LEU S 21 -64.95 -50.53 -59.64
C LEU S 21 -64.85 -51.05 -58.23
N PHE S 22 -64.56 -52.34 -58.12
CA PHE S 22 -64.69 -53.04 -56.83
C PHE S 22 -63.93 -52.38 -55.68
N GLN S 23 -62.84 -51.66 -55.97
CA GLN S 23 -62.13 -50.97 -54.92
C GLN S 23 -63.07 -50.02 -54.21
N VAL S 24 -64.00 -49.43 -54.97
CA VAL S 24 -64.93 -48.43 -54.42
C VAL S 24 -66.27 -49.01 -53.98
N GLU S 25 -66.68 -50.13 -54.61
CA GLU S 25 -67.85 -50.90 -54.16
C GLU S 25 -67.65 -51.39 -52.73
N TYR S 26 -66.39 -51.66 -52.38
CA TYR S 26 -66.02 -52.12 -51.04
C TYR S 26 -65.89 -50.93 -50.08
N SER S 27 -65.32 -49.83 -50.57
CA SER S 27 -65.23 -48.60 -49.81
C SER S 27 -66.61 -48.29 -49.23
N LEU S 28 -67.65 -48.77 -49.91
CA LEU S 28 -69.05 -48.48 -49.57
C LEU S 28 -69.70 -49.46 -48.60
N GLU S 29 -69.12 -50.65 -48.46
CA GLU S 29 -69.66 -51.64 -47.52
C GLU S 29 -69.18 -51.35 -46.09
N ALA S 30 -68.05 -50.67 -45.96
CA ALA S 30 -67.48 -50.41 -44.63
C ALA S 30 -68.15 -49.24 -43.89
N ILE S 31 -69.11 -48.58 -44.54
CA ILE S 31 -69.97 -47.64 -43.84
C ILE S 31 -70.91 -48.48 -42.99
N LYS S 32 -71.40 -49.57 -43.58
CA LYS S 32 -72.29 -50.53 -42.91
C LYS S 32 -71.65 -51.16 -41.66
N LEU S 33 -70.37 -50.90 -41.42
CA LEU S 33 -69.65 -51.60 -40.36
C LEU S 33 -68.93 -50.67 -39.38
N GLY S 34 -69.50 -49.48 -39.13
CA GLY S 34 -68.94 -48.56 -38.15
C GLY S 34 -69.97 -48.22 -37.07
N SER S 35 -69.81 -47.06 -36.43
CA SER S 35 -70.78 -46.57 -35.45
C SER S 35 -72.10 -46.30 -36.13
N THR S 36 -73.20 -46.41 -35.40
CA THR S 36 -74.52 -46.08 -35.95
C THR S 36 -74.70 -44.56 -35.96
N ALA S 37 -75.44 -44.06 -36.96
CA ALA S 37 -75.74 -42.63 -37.08
C ALA S 37 -77.05 -42.45 -37.80
N ILE S 38 -77.87 -41.51 -37.33
CA ILE S 38 -79.22 -41.39 -37.84
C ILE S 38 -79.64 -39.94 -37.97
N GLY S 39 -80.21 -39.62 -39.12
CA GLY S 39 -80.69 -38.28 -39.37
C GLY S 39 -82.13 -38.30 -39.83
N ILE S 40 -82.93 -37.40 -39.28
CA ILE S 40 -84.32 -37.28 -39.68
C ILE S 40 -84.63 -35.82 -39.89
N ALA S 41 -85.48 -35.51 -40.86
CA ALA S 41 -85.83 -34.13 -41.16
C ALA S 41 -87.31 -33.82 -40.93
N THR S 42 -87.59 -32.74 -40.21
CA THR S 42 -88.94 -32.25 -40.04
C THR S 42 -89.03 -30.93 -40.80
N LYS S 43 -90.18 -30.28 -40.75
CA LYS S 43 -90.28 -28.93 -41.26
C LYS S 43 -89.93 -27.95 -40.15
N GLU S 44 -89.52 -28.47 -39.00
CA GLU S 44 -89.23 -27.65 -37.81
C GLU S 44 -87.81 -27.84 -37.32
N GLY S 45 -86.97 -28.50 -38.12
CA GLY S 45 -85.59 -28.73 -37.77
C GLY S 45 -85.06 -30.04 -38.31
N VAL S 46 -83.79 -30.34 -38.07
CA VAL S 46 -83.22 -31.65 -38.44
C VAL S 46 -82.45 -32.26 -37.27
N VAL S 47 -82.62 -33.58 -37.06
CA VAL S 47 -82.03 -34.25 -35.91
C VAL S 47 -80.95 -35.27 -36.29
N LEU S 48 -79.83 -35.22 -35.60
CA LEU S 48 -78.74 -36.17 -35.83
C LEU S 48 -78.39 -36.84 -34.51
N GLY S 49 -78.47 -38.17 -34.49
CA GLY S 49 -78.06 -38.92 -33.32
C GLY S 49 -77.05 -39.98 -33.69
N VAL S 50 -76.23 -40.37 -32.73
CA VAL S 50 -75.21 -41.37 -32.96
C VAL S 50 -75.06 -42.29 -31.76
N GLU S 51 -74.24 -43.31 -31.91
CA GLU S 51 -73.91 -44.24 -30.84
C GLU S 51 -72.50 -43.91 -30.32
N LYS S 52 -72.40 -43.61 -29.04
CA LYS S 52 -71.13 -43.24 -28.43
C LYS S 52 -70.27 -44.47 -28.16
N ARG S 53 -70.80 -45.36 -27.32
CA ARG S 53 -70.14 -46.64 -27.02
C ARG S 53 -68.93 -46.45 -26.12
N ALA S 54 -69.08 -45.70 -25.03
CA ALA S 54 -67.96 -45.47 -24.10
C ALA S 54 -67.39 -46.80 -23.59
N THR S 55 -66.07 -46.88 -23.54
CA THR S 55 -65.35 -48.08 -23.09
C THR S 55 -64.54 -47.80 -21.85
N SER S 56 -65.19 -47.15 -20.88
CA SER S 56 -64.62 -46.95 -19.56
C SER S 56 -65.26 -45.77 -18.86
N PRO S 57 -65.12 -45.73 -17.52
CA PRO S 57 -65.46 -44.60 -16.64
C PRO S 57 -64.35 -43.55 -16.65
N LEU S 58 -63.11 -43.99 -16.85
CA LEU S 58 -61.97 -43.09 -16.96
C LEU S 58 -62.15 -42.16 -18.14
N LEU S 59 -61.91 -42.70 -19.34
CA LEU S 59 -62.21 -42.02 -20.60
C LEU S 59 -63.50 -41.23 -20.49
N GLU S 60 -63.34 -39.94 -20.22
CA GLU S 60 -64.45 -39.02 -20.13
C GLU S 60 -65.05 -38.81 -21.51
N SER S 61 -66.19 -39.44 -21.76
CA SER S 61 -66.89 -39.27 -23.04
C SER S 61 -66.84 -37.80 -23.41
N ASP S 62 -66.99 -37.51 -24.69
CA ASP S 62 -66.94 -36.15 -25.23
C ASP S 62 -65.62 -35.88 -25.98
N SER S 63 -64.62 -36.72 -25.76
CA SER S 63 -63.49 -36.79 -26.67
C SER S 63 -63.91 -37.71 -27.81
N ILE S 64 -65.10 -38.29 -27.62
CA ILE S 64 -65.85 -39.00 -28.65
C ILE S 64 -66.70 -37.98 -29.39
N GLU S 65 -66.09 -37.33 -30.36
CA GLU S 65 -66.78 -36.32 -31.17
C GLU S 65 -67.15 -36.97 -32.49
N LYS S 66 -68.38 -37.46 -32.59
CA LYS S 66 -68.88 -38.07 -33.82
C LYS S 66 -69.93 -37.18 -34.46
N ILE S 67 -70.21 -36.07 -33.80
CA ILE S 67 -71.09 -35.04 -34.35
C ILE S 67 -70.42 -33.72 -34.12
N VAL S 68 -70.25 -32.94 -35.20
CA VAL S 68 -69.52 -31.66 -35.13
C VAL S 68 -70.15 -30.57 -35.97
N GLU S 69 -69.88 -29.32 -35.58
CA GLU S 69 -70.43 -28.13 -36.24
C GLU S 69 -69.67 -27.87 -37.53
N ILE S 70 -70.33 -27.24 -38.49
CA ILE S 70 -69.66 -26.87 -39.73
C ILE S 70 -69.74 -25.36 -39.95
N ASP S 71 -70.95 -24.82 -39.92
CA ASP S 71 -71.19 -23.38 -39.73
C ASP S 71 -72.35 -23.37 -38.77
N ARG S 72 -72.81 -22.20 -38.34
CA ARG S 72 -73.84 -22.19 -37.32
C ARG S 72 -75.12 -22.86 -37.82
N HIS S 73 -75.21 -23.07 -39.13
CA HIS S 73 -76.44 -23.61 -39.73
C HIS S 73 -76.27 -24.99 -40.38
N ILE S 74 -75.09 -25.57 -40.27
CA ILE S 74 -74.82 -26.87 -40.88
C ILE S 74 -74.05 -27.77 -39.93
N GLY S 75 -74.62 -28.92 -39.64
CA GLY S 75 -73.95 -29.93 -38.84
C GLY S 75 -73.82 -31.22 -39.61
N CYS S 76 -72.91 -32.08 -39.18
CA CYS S 76 -72.82 -33.41 -39.77
C CYS S 76 -72.51 -34.47 -38.71
N ALA S 77 -73.00 -35.69 -38.97
CA ALA S 77 -72.74 -36.84 -38.13
C ALA S 77 -71.97 -37.85 -38.95
N MET S 78 -71.11 -38.61 -38.29
CA MET S 78 -70.23 -39.54 -39.01
C MET S 78 -70.26 -40.96 -38.45
N SER S 79 -70.22 -41.92 -39.36
CA SER S 79 -70.05 -43.30 -38.99
C SER S 79 -68.78 -43.79 -39.66
N GLY S 80 -67.87 -44.33 -38.86
CA GLY S 80 -66.65 -44.88 -39.41
C GLY S 80 -65.39 -44.36 -38.78
N LEU S 81 -64.33 -44.36 -39.57
CA LEU S 81 -63.01 -43.88 -39.13
C LEU S 81 -63.04 -42.39 -38.77
N THR S 82 -63.51 -42.07 -37.58
CA THR S 82 -63.62 -40.66 -37.17
C THR S 82 -62.29 -39.92 -37.35
N ALA S 83 -61.18 -40.65 -37.31
CA ALA S 83 -59.86 -40.05 -37.44
C ALA S 83 -59.53 -39.73 -38.88
N ASP S 84 -60.21 -40.40 -39.81
CA ASP S 84 -59.89 -40.28 -41.23
C ASP S 84 -60.69 -39.14 -41.83
N ALA S 85 -61.60 -38.60 -41.03
CA ALA S 85 -62.47 -37.53 -41.49
C ALA S 85 -62.05 -36.18 -40.97
N ARG S 86 -60.91 -36.10 -40.29
CA ARG S 86 -60.46 -34.81 -39.78
C ARG S 86 -60.32 -33.88 -40.97
N SER S 87 -59.62 -34.36 -42.00
CA SER S 87 -59.37 -33.55 -43.19
C SER S 87 -60.63 -33.25 -43.98
N MET S 88 -61.58 -34.20 -44.00
CA MET S 88 -62.82 -34.02 -44.75
C MET S 88 -63.62 -32.87 -44.15
N ILE S 89 -63.56 -32.71 -42.83
CA ILE S 89 -64.27 -31.65 -42.12
C ILE S 89 -63.59 -30.31 -42.25
N GLU S 90 -62.29 -30.29 -42.01
CA GLU S 90 -61.51 -29.09 -42.23
C GLU S 90 -61.88 -28.45 -43.56
N HIS S 91 -61.98 -29.25 -44.63
CA HIS S 91 -62.32 -28.71 -45.95
C HIS S 91 -63.73 -28.17 -46.02
N ALA S 92 -64.64 -28.74 -45.25
CA ALA S 92 -66.02 -28.27 -45.27
C ALA S 92 -66.19 -26.99 -44.45
N ARG S 93 -65.55 -26.92 -43.30
CA ARG S 93 -65.61 -25.70 -42.49
C ARG S 93 -64.92 -24.57 -43.26
N THR S 94 -63.80 -24.89 -43.91
CA THR S 94 -63.06 -23.91 -44.70
C THR S 94 -63.85 -23.44 -45.92
N ALA S 95 -64.66 -24.31 -46.49
CA ALA S 95 -65.40 -23.96 -47.69
C ALA S 95 -66.58 -23.06 -47.36
N ALA S 96 -67.10 -23.23 -46.16
CA ALA S 96 -68.34 -22.56 -45.75
C ALA S 96 -68.10 -21.15 -45.30
N VAL S 97 -66.90 -20.90 -44.78
CA VAL S 97 -66.49 -19.60 -44.31
C VAL S 97 -65.98 -18.82 -45.50
N THR S 98 -65.23 -19.52 -46.33
CA THR S 98 -64.72 -18.97 -47.60
C THR S 98 -65.87 -18.49 -48.45
N HIS S 99 -66.99 -19.18 -48.43
CA HIS S 99 -68.13 -18.73 -49.21
C HIS S 99 -68.75 -17.51 -48.56
N ASN S 100 -68.81 -17.50 -47.24
CA ASN S 100 -69.40 -16.39 -46.50
C ASN S 100 -68.62 -15.11 -46.70
N LEU S 101 -67.31 -15.26 -46.88
CA LEU S 101 -66.43 -14.12 -47.13
C LEU S 101 -66.64 -13.56 -48.53
N TYR S 102 -66.48 -14.42 -49.54
CA TYR S 102 -66.61 -14.03 -50.93
C TYR S 102 -68.02 -13.57 -51.33
N TYR S 103 -69.05 -13.86 -50.52
CA TYR S 103 -70.43 -13.60 -50.93
C TYR S 103 -71.42 -13.03 -49.89
N ASP S 104 -70.99 -12.83 -48.65
CA ASP S 104 -71.83 -12.18 -47.64
C ASP S 104 -73.16 -12.89 -47.40
N GLU S 105 -73.11 -14.22 -47.35
CA GLU S 105 -74.31 -15.03 -47.14
C GLU S 105 -73.87 -16.40 -46.70
N ASP S 106 -74.74 -17.11 -45.98
CA ASP S 106 -74.52 -18.50 -45.62
C ASP S 106 -74.57 -19.36 -46.87
N ILE S 107 -73.76 -20.40 -46.89
CA ILE S 107 -73.63 -21.22 -48.08
C ILE S 107 -74.67 -22.33 -48.15
N ASN S 108 -75.31 -22.48 -49.31
CA ASN S 108 -76.32 -23.52 -49.52
C ASN S 108 -75.89 -24.92 -49.05
N VAL S 109 -76.77 -25.62 -48.33
CA VAL S 109 -76.43 -26.95 -47.84
C VAL S 109 -76.16 -27.91 -48.99
N GLU S 110 -76.91 -27.76 -50.07
CA GLU S 110 -76.67 -28.58 -51.25
C GLU S 110 -75.23 -28.40 -51.73
N SER S 111 -74.77 -27.15 -51.83
CA SER S 111 -73.44 -26.86 -52.38
C SER S 111 -72.31 -27.09 -51.39
N LEU S 112 -72.60 -26.96 -50.10
CA LEU S 112 -71.60 -27.32 -49.09
C LEU S 112 -71.35 -28.79 -49.16
N THR S 113 -72.42 -29.55 -49.37
CA THR S 113 -72.29 -30.99 -49.49
C THR S 113 -71.49 -31.36 -50.73
N GLN S 114 -71.88 -30.82 -51.89
CA GLN S 114 -71.23 -31.20 -53.13
C GLN S 114 -69.74 -30.90 -53.09
N SER S 115 -69.37 -29.86 -52.34
CA SER S 115 -67.98 -29.41 -52.24
C SER S 115 -67.14 -30.43 -51.50
N VAL S 116 -67.74 -31.09 -50.53
CA VAL S 116 -67.10 -32.13 -49.74
C VAL S 116 -66.90 -33.39 -50.58
N CYS S 117 -67.88 -33.65 -51.45
CA CYS S 117 -67.80 -34.78 -52.36
C CYS S 117 -66.74 -34.52 -53.42
N ASP S 118 -66.67 -33.28 -53.89
CA ASP S 118 -65.66 -32.90 -54.87
C ASP S 118 -64.24 -33.03 -54.31
N LEU S 119 -64.14 -33.20 -52.99
CA LEU S 119 -62.85 -33.38 -52.35
C LEU S 119 -62.42 -34.84 -52.38
N ALA S 120 -63.32 -35.74 -51.99
CA ALA S 120 -63.03 -37.16 -52.00
C ALA S 120 -63.06 -37.72 -53.42
N LEU S 121 -63.25 -36.82 -54.39
CA LEU S 121 -63.28 -37.14 -55.81
C LEU S 121 -61.89 -36.92 -56.41
N ARG S 122 -60.94 -36.69 -55.52
CA ARG S 122 -59.56 -36.62 -55.93
C ARG S 122 -58.83 -37.85 -55.40
N PHE S 123 -59.40 -39.04 -55.68
CA PHE S 123 -58.77 -40.33 -55.32
C PHE S 123 -57.93 -40.90 -56.46
N GLY S 124 -56.63 -41.11 -56.19
CA GLY S 124 -55.74 -41.71 -57.18
C GLY S 124 -54.25 -41.41 -57.08
N GLU S 125 -53.45 -42.17 -57.82
CA GLU S 125 -51.99 -41.99 -57.90
C GLU S 125 -51.48 -41.73 -59.33
N GLY S 126 -52.39 -41.61 -60.29
CA GLY S 126 -52.01 -41.35 -61.67
C GLY S 126 -53.15 -40.80 -62.52
N ALA S 127 -53.21 -39.47 -62.64
CA ALA S 127 -54.27 -38.80 -63.38
C ALA S 127 -53.75 -37.75 -64.37
N SER S 128 -54.11 -37.92 -65.65
CA SER S 128 -53.81 -36.93 -66.68
C SER S 128 -55.10 -36.27 -67.16
N GLY S 129 -55.01 -34.97 -67.45
CA GLY S 129 -56.17 -34.13 -67.65
C GLY S 129 -56.18 -33.12 -66.53
N GLU S 130 -56.82 -33.46 -65.42
CA GLU S 130 -56.67 -32.69 -64.19
C GLU S 130 -56.13 -33.59 -63.07
N GLU S 131 -55.27 -33.02 -62.22
CA GLU S 131 -54.65 -33.80 -61.16
C GLU S 131 -55.52 -33.93 -59.92
N ARG S 132 -55.57 -35.14 -59.40
CA ARG S 132 -56.31 -35.47 -58.19
C ARG S 132 -55.30 -35.87 -57.10
N LEU S 133 -54.82 -34.88 -56.34
CA LEU S 133 -53.71 -35.08 -55.38
C LEU S 133 -54.13 -35.62 -53.99
N MET S 134 -53.89 -36.91 -53.78
CA MET S 134 -54.25 -37.64 -52.55
C MET S 134 -53.84 -39.11 -52.74
N SER S 135 -54.37 -40.03 -51.93
CA SER S 135 -53.99 -41.46 -52.09
C SER S 135 -55.10 -42.52 -52.18
N ARG S 136 -56.11 -42.47 -51.32
CA ARG S 136 -57.18 -43.51 -51.28
C ARG S 136 -58.61 -42.92 -51.18
N PRO S 137 -59.66 -43.66 -51.64
CA PRO S 137 -61.00 -43.13 -51.33
C PRO S 137 -61.08 -42.68 -49.86
N PHE S 138 -61.90 -41.67 -49.56
CA PHE S 138 -62.00 -41.17 -48.20
C PHE S 138 -62.83 -42.09 -47.34
N GLY S 139 -62.21 -42.75 -46.37
CA GLY S 139 -62.84 -43.82 -45.63
C GLY S 139 -63.88 -43.47 -44.56
N VAL S 140 -64.85 -42.62 -44.92
CA VAL S 140 -65.91 -42.25 -43.99
C VAL S 140 -67.16 -41.69 -44.69
N ALA S 141 -68.34 -42.08 -44.19
CA ALA S 141 -69.59 -41.57 -44.73
C ALA S 141 -70.06 -40.42 -43.86
N LEU S 142 -70.89 -39.55 -44.43
CA LEU S 142 -71.39 -38.38 -43.72
C LEU S 142 -72.89 -38.22 -43.81
N LEU S 143 -73.51 -37.86 -42.70
CA LEU S 143 -74.86 -37.34 -42.73
C LEU S 143 -74.71 -35.85 -42.51
N ILE S 144 -75.08 -35.06 -43.52
CA ILE S 144 -74.95 -33.62 -43.47
C ILE S 144 -76.34 -33.02 -43.40
N ALA S 145 -76.59 -32.22 -42.38
CA ALA S 145 -77.92 -31.66 -42.18
C ALA S 145 -77.86 -30.19 -41.75
N GLY S 146 -78.63 -29.35 -42.45
CA GLY S 146 -78.67 -27.93 -42.14
C GLY S 146 -79.86 -27.20 -42.73
N HIS S 147 -79.77 -25.87 -42.79
CA HIS S 147 -80.87 -25.05 -43.28
C HIS S 147 -80.41 -23.84 -44.08
N ASP S 148 -80.88 -23.75 -45.32
CA ASP S 148 -80.79 -22.54 -46.09
C ASP S 148 -82.19 -22.07 -46.48
N ALA S 149 -82.32 -20.83 -46.93
CA ALA S 149 -83.66 -20.25 -47.09
C ALA S 149 -84.31 -20.54 -48.45
N ASP S 150 -83.54 -21.13 -49.37
CA ASP S 150 -84.12 -21.59 -50.63
C ASP S 150 -84.92 -22.87 -50.44
N ASP S 151 -84.19 -23.92 -50.07
CA ASP S 151 -84.76 -25.25 -49.89
C ASP S 151 -84.72 -25.67 -48.42
N GLY S 152 -85.65 -25.12 -47.65
CA GLY S 152 -85.91 -25.49 -46.27
C GLY S 152 -84.84 -26.27 -45.54
N TYR S 153 -85.29 -27.19 -44.68
CA TYR S 153 -84.38 -28.04 -43.93
C TYR S 153 -84.00 -29.27 -44.77
N GLN S 154 -82.76 -29.72 -44.63
CA GLN S 154 -82.25 -30.71 -45.56
C GLN S 154 -81.40 -31.79 -44.89
N LEU S 155 -81.43 -33.00 -45.43
CA LEU S 155 -80.52 -34.05 -44.99
C LEU S 155 -79.86 -34.73 -46.19
N PHE S 156 -78.56 -35.00 -46.06
CA PHE S 156 -77.73 -35.51 -47.17
C PHE S 156 -76.82 -36.66 -46.73
N HIS S 157 -76.56 -37.58 -47.64
CA HIS S 157 -75.65 -38.69 -47.36
C HIS S 157 -74.46 -38.56 -48.31
N ALA S 158 -73.31 -38.22 -47.76
CA ALA S 158 -72.11 -38.08 -48.56
C ALA S 158 -71.36 -39.36 -48.49
N GLU S 159 -71.10 -39.95 -49.65
CA GLU S 159 -70.35 -41.18 -49.66
C GLU S 159 -68.92 -40.92 -50.08
N PRO S 160 -68.03 -41.81 -49.67
CA PRO S 160 -66.60 -41.79 -49.97
C PRO S 160 -66.38 -41.76 -51.47
N SER S 161 -67.38 -42.18 -52.22
CA SER S 161 -67.26 -42.36 -53.66
C SER S 161 -67.34 -41.03 -54.39
N GLY S 162 -67.74 -39.99 -53.65
CA GLY S 162 -67.87 -38.66 -54.19
C GLY S 162 -69.25 -38.22 -54.63
N THR S 163 -70.24 -39.10 -54.48
CA THR S 163 -71.63 -38.77 -54.82
C THR S 163 -72.54 -38.78 -53.61
N PHE S 164 -73.77 -38.31 -53.80
CA PHE S 164 -74.69 -38.19 -52.69
C PHE S 164 -76.17 -38.22 -53.09
N TYR S 165 -77.02 -38.44 -52.10
CA TYR S 165 -78.47 -38.43 -52.25
C TYR S 165 -78.97 -37.55 -51.12
N ARG S 166 -80.15 -36.96 -51.31
CA ARG S 166 -80.79 -36.18 -50.26
C ARG S 166 -81.95 -36.94 -49.69
N TYR S 167 -81.65 -37.73 -48.66
CA TYR S 167 -82.66 -38.48 -47.94
C TYR S 167 -83.50 -37.53 -47.06
N ASN S 168 -84.78 -37.83 -46.94
CA ASN S 168 -85.66 -37.13 -46.00
C ASN S 168 -85.48 -37.70 -44.60
N ALA S 169 -84.72 -38.80 -44.50
CA ALA S 169 -84.35 -39.42 -43.24
C ALA S 169 -83.50 -40.65 -43.55
N LYS S 170 -82.27 -40.68 -43.03
CA LYS S 170 -81.33 -41.75 -43.37
C LYS S 170 -80.60 -42.33 -42.16
N ALA S 171 -80.23 -43.60 -42.24
CA ALA S 171 -79.39 -44.24 -41.24
C ALA S 171 -78.23 -44.98 -41.89
N ILE S 172 -77.05 -44.79 -41.32
CA ILE S 172 -75.81 -45.43 -41.78
C ILE S 172 -75.08 -46.03 -40.58
N GLY S 173 -74.24 -47.04 -40.83
CA GLY S 173 -73.53 -47.69 -39.74
C GLY S 173 -74.10 -49.03 -39.34
N SER S 174 -73.48 -49.68 -38.36
CA SER S 174 -73.79 -51.08 -37.97
C SER S 174 -75.25 -51.53 -38.16
N GLY S 175 -76.20 -50.68 -37.77
CA GLY S 175 -77.59 -51.07 -37.83
C GLY S 175 -78.34 -50.72 -39.10
N SER S 176 -77.74 -49.89 -39.95
CA SER S 176 -78.44 -49.22 -41.06
C SER S 176 -79.47 -50.04 -41.83
N GLU S 177 -79.10 -51.19 -42.38
CA GLU S 177 -80.04 -51.98 -43.19
C GLU S 177 -81.38 -52.12 -42.47
N GLY S 178 -81.32 -52.26 -41.15
CA GLY S 178 -82.50 -52.42 -40.30
C GLY S 178 -83.13 -51.13 -39.82
N ALA S 179 -82.32 -50.23 -39.28
CA ALA S 179 -82.79 -48.90 -38.90
C ALA S 179 -83.44 -48.18 -40.08
N GLN S 180 -82.88 -48.39 -41.26
CA GLN S 180 -83.37 -47.72 -42.45
C GLN S 180 -84.77 -48.20 -42.80
N ALA S 181 -84.97 -49.51 -42.73
CA ALA S 181 -86.25 -50.07 -43.09
C ALA S 181 -87.30 -49.72 -42.04
N GLU S 182 -86.85 -49.21 -40.90
CA GLU S 182 -87.73 -48.78 -39.82
C GLU S 182 -88.10 -47.30 -39.98
N LEU S 183 -87.17 -46.48 -40.47
CA LEU S 183 -87.46 -45.08 -40.76
C LEU S 183 -88.41 -45.02 -41.94
N LEU S 184 -88.20 -45.94 -42.86
CA LEU S 184 -89.00 -46.00 -44.06
C LEU S 184 -90.45 -46.26 -43.68
N ASN S 185 -90.65 -46.83 -42.49
CA ASN S 185 -91.99 -47.15 -41.99
C ASN S 185 -92.61 -46.01 -41.18
N GLU S 186 -91.81 -45.39 -40.32
CA GLU S 186 -92.34 -44.45 -39.34
C GLU S 186 -92.21 -42.95 -39.64
N TRP S 187 -91.72 -42.59 -40.83
CA TRP S 187 -91.53 -41.19 -41.19
C TRP S 187 -92.68 -40.63 -42.02
N HIS S 188 -93.14 -39.44 -41.65
CA HIS S 188 -94.15 -38.74 -42.44
C HIS S 188 -93.81 -37.26 -42.71
N SER S 189 -94.41 -36.71 -43.75
CA SER S 189 -94.10 -35.34 -44.18
C SER S 189 -94.47 -34.28 -43.14
N SER S 190 -94.99 -34.70 -41.98
CA SER S 190 -95.53 -33.74 -41.02
C SER S 190 -95.07 -33.99 -39.59
N LEU S 191 -93.85 -34.47 -39.43
CA LEU S 191 -93.29 -34.66 -38.09
C LEU S 191 -92.98 -33.32 -37.42
N THR S 192 -92.95 -33.34 -36.10
CA THR S 192 -92.55 -32.17 -35.31
C THR S 192 -91.18 -32.43 -34.74
N LEU S 193 -90.41 -31.41 -34.43
CA LEU S 193 -89.05 -31.65 -33.92
C LEU S 193 -89.11 -32.49 -32.67
N LYS S 194 -90.05 -32.21 -31.79
CA LYS S 194 -90.21 -33.01 -30.59
C LYS S 194 -90.37 -34.48 -30.95
N GLU S 195 -91.25 -34.77 -31.91
CA GLU S 195 -91.53 -36.16 -32.34
C GLU S 195 -90.31 -36.89 -32.90
N ALA S 196 -89.45 -36.19 -33.62
CA ALA S 196 -88.28 -36.81 -34.24
C ALA S 196 -87.10 -36.90 -33.29
N GLU S 197 -86.99 -35.96 -32.35
CA GLU S 197 -85.97 -36.08 -31.33
C GLU S 197 -86.07 -37.49 -30.79
N LEU S 198 -87.31 -37.94 -30.60
CA LEU S 198 -87.61 -39.22 -29.96
C LEU S 198 -87.46 -40.43 -30.88
N LEU S 199 -88.04 -40.34 -32.08
CA LEU S 199 -87.93 -41.42 -33.05
C LEU S 199 -86.48 -41.82 -33.33
N VAL S 200 -85.55 -40.86 -33.21
CA VAL S 200 -84.12 -41.14 -33.37
C VAL S 200 -83.61 -41.99 -32.21
N LEU S 201 -84.20 -41.82 -31.03
CA LEU S 201 -83.82 -42.63 -29.88
C LEU S 201 -84.41 -44.03 -30.02
N LYS S 202 -85.70 -44.09 -30.33
CA LYS S 202 -86.38 -45.37 -30.48
C LYS S 202 -85.62 -46.27 -31.44
N ILE S 203 -85.06 -45.69 -32.49
CA ILE S 203 -84.35 -46.47 -33.50
C ILE S 203 -82.89 -46.73 -33.12
N LEU S 204 -82.38 -45.99 -32.14
CA LEU S 204 -81.08 -46.33 -31.57
C LEU S 204 -81.26 -47.46 -30.57
N LYS S 205 -82.32 -47.41 -29.77
CA LYS S 205 -82.63 -48.50 -28.85
C LYS S 205 -82.70 -49.80 -29.63
N GLN S 206 -83.55 -49.85 -30.66
CA GLN S 206 -83.70 -51.06 -31.47
C GLN S 206 -82.34 -51.60 -31.88
N VAL S 207 -81.78 -51.02 -32.93
CA VAL S 207 -80.55 -51.55 -33.49
C VAL S 207 -79.31 -51.21 -32.65
N MET S 208 -79.38 -51.53 -31.37
CA MET S 208 -78.22 -51.52 -30.46
C MET S 208 -78.48 -52.66 -29.49
N GLU S 209 -79.65 -53.27 -29.64
CA GLU S 209 -80.18 -54.30 -28.73
C GLU S 209 -79.72 -54.07 -27.28
N GLU S 210 -79.96 -52.85 -26.78
CA GLU S 210 -79.55 -52.43 -25.43
C GLU S 210 -80.40 -51.28 -24.88
N LYS S 211 -80.29 -51.00 -23.58
CA LYS S 211 -80.97 -49.84 -22.97
C LYS S 211 -80.01 -48.65 -22.89
N LEU S 212 -80.47 -47.48 -23.34
CA LEU S 212 -79.54 -46.38 -23.62
C LEU S 212 -79.59 -45.17 -22.68
N ASP S 213 -78.44 -44.50 -22.56
CA ASP S 213 -78.25 -43.34 -21.69
C ASP S 213 -77.32 -42.35 -22.38
N GLU S 214 -76.86 -41.35 -21.64
CA GLU S 214 -76.00 -40.31 -22.21
C GLU S 214 -74.53 -40.72 -22.32
N ASN S 215 -74.19 -41.89 -21.82
CA ASN S 215 -72.84 -42.40 -21.99
C ASN S 215 -72.68 -43.18 -23.30
N ASN S 216 -73.79 -43.40 -24.01
CA ASN S 216 -73.74 -44.11 -25.30
C ASN S 216 -74.57 -43.48 -26.44
N ALA S 217 -75.24 -42.36 -26.17
CA ALA S 217 -75.93 -41.60 -27.22
C ALA S 217 -75.67 -40.11 -27.10
N GLN S 218 -75.55 -39.47 -28.26
CA GLN S 218 -75.36 -38.03 -28.35
C GLN S 218 -76.45 -37.55 -29.27
N LEU S 219 -77.18 -36.54 -28.85
CA LEU S 219 -78.17 -35.95 -29.74
C LEU S 219 -77.83 -34.50 -30.12
N SER S 220 -78.13 -34.15 -31.36
CA SER S 220 -77.94 -32.80 -31.85
C SER S 220 -79.03 -32.46 -32.84
N CYS S 221 -79.31 -31.18 -33.01
CA CYS S 221 -80.32 -30.72 -33.97
C CYS S 221 -79.94 -29.37 -34.57
N ILE S 222 -80.61 -28.98 -35.65
CA ILE S 222 -80.33 -27.70 -36.29
C ILE S 222 -81.62 -26.99 -36.67
N THR S 223 -81.93 -25.92 -35.95
CA THR S 223 -83.13 -25.12 -36.20
C THR S 223 -82.75 -23.85 -36.94
N LYS S 224 -83.70 -23.25 -37.66
CA LYS S 224 -83.49 -21.95 -38.28
C LYS S 224 -83.11 -20.95 -37.19
N GLN S 225 -83.90 -20.93 -36.12
CA GLN S 225 -83.73 -19.96 -35.05
C GLN S 225 -82.41 -20.11 -34.26
N ASP S 226 -82.27 -21.19 -33.50
CA ASP S 226 -81.14 -21.32 -32.58
C ASP S 226 -79.83 -21.84 -33.17
N GLY S 227 -79.86 -22.27 -34.43
CA GLY S 227 -78.64 -22.71 -35.07
C GLY S 227 -78.42 -24.20 -34.90
N PHE S 228 -77.15 -24.61 -34.84
CA PHE S 228 -76.83 -26.03 -34.67
C PHE S 228 -76.20 -26.26 -33.32
N LYS S 229 -76.99 -26.79 -32.40
CA LYS S 229 -76.51 -27.10 -31.05
C LYS S 229 -76.41 -28.62 -30.84
N ILE S 230 -75.47 -29.06 -30.01
CA ILE S 230 -75.42 -30.46 -29.60
C ILE S 230 -75.94 -30.58 -28.18
N TYR S 231 -76.97 -31.42 -28.01
CA TYR S 231 -77.63 -31.59 -26.72
C TYR S 231 -76.63 -32.05 -25.67
N ASP S 232 -76.50 -31.29 -24.59
CA ASP S 232 -75.66 -31.72 -23.48
C ASP S 232 -76.33 -32.91 -22.80
N ASN S 233 -75.57 -33.66 -22.01
CA ASN S 233 -76.06 -34.91 -21.45
C ASN S 233 -77.38 -34.83 -20.67
N GLU S 234 -77.61 -33.71 -19.98
CA GLU S 234 -78.87 -33.52 -19.25
C GLU S 234 -80.07 -33.59 -20.18
N LYS S 235 -80.07 -32.78 -21.24
CA LYS S 235 -81.23 -32.72 -22.13
C LYS S 235 -81.43 -34.02 -22.89
N THR S 236 -80.35 -34.71 -23.23
CA THR S 236 -80.44 -36.00 -23.90
C THR S 236 -81.09 -37.03 -22.99
N ALA S 237 -81.08 -36.77 -21.68
CA ALA S 237 -81.61 -37.70 -20.69
C ALA S 237 -83.12 -37.59 -20.44
N GLU S 238 -83.63 -36.39 -20.19
CA GLU S 238 -85.08 -36.22 -20.03
C GLU S 238 -85.76 -36.26 -21.39
N LEU S 239 -84.99 -36.56 -22.42
CA LEU S 239 -85.54 -36.85 -23.73
C LEU S 239 -85.65 -38.35 -23.80
N ILE S 240 -84.70 -39.02 -23.15
CA ILE S 240 -84.73 -40.46 -22.99
C ILE S 240 -85.79 -40.90 -21.99
N LYS S 241 -85.78 -40.29 -20.81
CA LYS S 241 -86.81 -40.51 -19.81
C LYS S 241 -88.18 -40.33 -20.46
N GLU S 242 -88.29 -39.37 -21.35
CA GLU S 242 -89.57 -39.06 -21.97
C GLU S 242 -90.01 -40.16 -22.94
N LEU S 243 -89.10 -41.06 -23.29
CA LEU S 243 -89.46 -42.18 -24.15
C LEU S 243 -89.81 -43.41 -23.33
N LYS S 244 -89.06 -43.63 -22.26
CA LYS S 244 -89.33 -44.72 -21.31
C LYS S 244 -90.81 -44.69 -20.94
N GLU S 245 -91.36 -43.48 -20.89
CA GLU S 245 -92.77 -43.26 -20.59
C GLU S 245 -93.65 -43.43 -21.83
N LYS S 246 -93.37 -42.68 -22.90
CA LYS S 246 -94.16 -42.73 -24.13
C LYS S 246 -94.40 -44.15 -24.69
N GLU S 247 -93.46 -45.06 -24.45
CA GLU S 247 -93.58 -46.43 -24.93
C GLU S 247 -94.20 -47.38 -23.91
N ALA S 248 -94.28 -46.92 -22.66
CA ALA S 248 -95.03 -47.63 -21.64
C ALA S 248 -96.52 -47.34 -21.83
N ALA S 249 -96.85 -46.67 -22.94
CA ALA S 249 -98.24 -46.34 -23.27
C ALA S 249 -99.06 -47.60 -23.43
N GLU S 250 -98.74 -48.40 -24.45
CA GLU S 250 -99.42 -49.68 -24.61
C GLU S 250 -98.46 -50.86 -24.54
N MET T 1 -61.68 -72.98 -65.79
CA MET T 1 -62.12 -71.63 -66.34
C MET T 1 -61.18 -70.74 -67.26
N PHE T 2 -61.57 -69.49 -67.55
CA PHE T 2 -60.93 -68.65 -68.63
C PHE T 2 -60.36 -67.25 -68.31
N ARG T 3 -59.09 -67.21 -67.90
CA ARG T 3 -58.46 -65.97 -67.43
C ARG T 3 -58.04 -65.03 -68.54
N ASN T 4 -57.94 -63.74 -68.22
CA ASN T 4 -57.52 -62.72 -69.17
C ASN T 4 -56.23 -62.04 -68.72
N ASN T 5 -55.27 -61.96 -69.63
CA ASN T 5 -53.96 -61.44 -69.33
C ASN T 5 -53.74 -60.01 -69.82
N TYR T 6 -54.60 -59.58 -70.72
CA TYR T 6 -54.44 -58.30 -71.40
C TYR T 6 -55.48 -57.26 -71.00
N ASP T 7 -56.12 -57.48 -69.85
CA ASP T 7 -57.18 -56.61 -69.37
C ASP T 7 -56.75 -55.88 -68.11
N GLY T 8 -55.43 -55.85 -67.89
CA GLY T 8 -54.87 -55.26 -66.68
C GLY T 8 -55.02 -53.75 -66.57
N ASP T 9 -54.66 -53.04 -67.63
CA ASP T 9 -54.76 -51.59 -67.68
C ASP T 9 -55.04 -51.11 -69.10
N THR T 10 -54.87 -49.81 -69.31
CA THR T 10 -55.27 -49.18 -70.55
C THR T 10 -54.13 -49.02 -71.51
N VAL T 11 -52.94 -49.32 -71.04
CA VAL T 11 -51.72 -49.15 -71.81
C VAL T 11 -51.40 -50.49 -72.50
N THR T 12 -52.37 -51.40 -72.46
CA THR T 12 -52.15 -52.75 -72.92
C THR T 12 -53.16 -53.26 -73.95
N PHE T 13 -52.63 -53.49 -75.16
CA PHE T 13 -53.37 -54.04 -76.30
C PHE T 13 -53.53 -55.56 -76.23
N SER T 14 -54.77 -56.04 -76.32
CA SER T 14 -55.01 -57.46 -76.51
C SER T 14 -54.46 -57.95 -77.85
N PRO T 15 -54.01 -59.19 -77.91
CA PRO T 15 -53.42 -59.79 -79.12
C PRO T 15 -54.28 -59.60 -80.36
N THR T 16 -55.61 -59.60 -80.21
CA THR T 16 -56.53 -59.47 -81.34
C THR T 16 -56.73 -58.01 -81.75
N GLY T 17 -56.08 -57.11 -81.01
CA GLY T 17 -56.12 -55.68 -81.30
C GLY T 17 -57.06 -54.87 -80.40
N ARG T 18 -57.30 -55.35 -79.18
CA ARG T 18 -58.38 -54.80 -78.37
C ARG T 18 -57.91 -54.24 -77.06
N LEU T 19 -58.45 -53.10 -76.69
CA LEU T 19 -58.10 -52.50 -75.43
C LEU T 19 -59.20 -52.92 -74.51
N PHE T 20 -58.92 -53.92 -73.69
CA PHE T 20 -60.01 -54.46 -72.92
C PHE T 20 -60.50 -53.45 -71.91
N GLN T 21 -59.58 -52.72 -71.30
CA GLN T 21 -59.95 -51.80 -70.25
C GLN T 21 -60.98 -50.77 -70.75
N VAL T 22 -61.00 -50.54 -72.06
CA VAL T 22 -61.95 -49.59 -72.66
C VAL T 22 -63.29 -50.25 -72.91
N GLU T 23 -63.26 -51.46 -73.49
CA GLU T 23 -64.48 -52.21 -73.68
C GLU T 23 -65.23 -52.38 -72.35
N TYR T 24 -64.50 -52.53 -71.25
CA TYR T 24 -65.13 -52.66 -69.93
C TYR T 24 -65.82 -51.38 -69.49
N ALA T 25 -65.22 -50.25 -69.82
CA ALA T 25 -65.76 -48.95 -69.47
C ALA T 25 -67.03 -48.69 -70.27
N LEU T 26 -66.95 -48.96 -71.56
CA LEU T 26 -68.06 -48.82 -72.48
C LEU T 26 -69.28 -49.57 -71.92
N GLU T 27 -69.03 -50.52 -71.00
CA GLU T 27 -70.10 -51.31 -70.37
C GLU T 27 -70.66 -50.63 -69.13
N ALA T 28 -69.93 -49.67 -68.56
CA ALA T 28 -70.41 -49.01 -67.35
C ALA T 28 -71.61 -48.15 -67.66
N ILE T 29 -71.68 -47.75 -68.93
CA ILE T 29 -72.83 -47.05 -69.47
C ILE T 29 -74.09 -47.80 -69.07
N LYS T 30 -74.17 -49.05 -69.50
CA LYS T 30 -75.34 -49.91 -69.25
C LYS T 30 -75.60 -50.21 -67.75
N GLN T 31 -74.72 -49.74 -66.85
CA GLN T 31 -74.92 -49.94 -65.40
C GLN T 31 -75.68 -48.79 -64.76
N GLY T 32 -76.00 -47.77 -65.57
CA GLY T 32 -76.88 -46.70 -65.13
C GLY T 32 -78.17 -46.56 -65.90
N SER T 33 -79.12 -45.82 -65.32
CA SER T 33 -80.46 -45.63 -65.86
C SER T 33 -80.54 -45.21 -67.34
N VAL T 34 -81.73 -45.27 -67.92
CA VAL T 34 -81.91 -45.02 -69.35
C VAL T 34 -82.18 -43.57 -69.65
N THR T 35 -81.55 -43.07 -70.70
CA THR T 35 -81.87 -41.72 -71.17
C THR T 35 -82.01 -41.69 -72.70
N VAL T 36 -82.81 -40.76 -73.21
CA VAL T 36 -83.16 -40.70 -74.63
C VAL T 36 -82.95 -39.30 -75.20
N GLY T 37 -82.61 -39.23 -76.49
CA GLY T 37 -82.31 -37.97 -77.15
C GLY T 37 -82.76 -37.98 -78.59
N LEU T 38 -83.37 -36.88 -79.03
CA LEU T 38 -83.87 -36.77 -80.40
C LEU T 38 -84.01 -35.31 -80.83
N ARG T 39 -84.07 -35.10 -82.14
CA ARG T 39 -84.08 -33.74 -82.67
C ARG T 39 -84.86 -33.60 -83.99
N SER T 40 -85.62 -32.53 -84.13
CA SER T 40 -86.21 -32.16 -85.40
C SER T 40 -85.26 -31.24 -86.16
N ASN T 41 -85.80 -30.38 -87.03
CA ASN T 41 -84.95 -29.39 -87.68
C ASN T 41 -84.89 -28.10 -86.89
N THR T 42 -85.69 -28.05 -85.83
CA THR T 42 -85.84 -26.84 -85.01
C THR T 42 -85.66 -27.04 -83.49
N HIS T 43 -85.63 -28.28 -83.02
CA HIS T 43 -85.44 -28.50 -81.59
C HIS T 43 -84.70 -29.80 -81.29
N ALA T 44 -84.13 -29.87 -80.11
CA ALA T 44 -83.51 -31.06 -79.58
C ALA T 44 -84.05 -31.32 -78.18
N VAL T 45 -84.49 -32.54 -77.92
CA VAL T 45 -85.08 -32.89 -76.63
C VAL T 45 -84.27 -33.96 -75.94
N LEU T 46 -84.30 -33.95 -74.61
CA LEU T 46 -83.76 -35.04 -73.80
C LEU T 46 -84.81 -35.55 -72.81
N VAL T 47 -84.87 -36.87 -72.67
CA VAL T 47 -85.68 -37.45 -71.62
C VAL T 47 -84.79 -38.39 -70.83
N ALA T 48 -84.80 -38.26 -69.51
CA ALA T 48 -84.06 -39.19 -68.68
C ALA T 48 -84.99 -39.75 -67.64
N LEU T 49 -84.67 -40.95 -67.14
CA LEU T 49 -85.38 -41.52 -66.00
C LEU T 49 -84.53 -41.44 -64.73
N LYS T 50 -84.75 -40.41 -63.94
CA LYS T 50 -83.99 -40.24 -62.71
C LYS T 50 -84.28 -41.48 -61.87
N ARG T 51 -83.24 -42.08 -61.28
CA ARG T 51 -83.46 -43.22 -60.41
C ARG T 51 -83.23 -42.84 -58.95
N ASN T 52 -84.04 -43.39 -58.04
CA ASN T 52 -83.86 -43.14 -56.60
C ASN T 52 -83.27 -44.31 -55.80
N ALA T 53 -82.98 -44.06 -54.53
CA ALA T 53 -82.33 -45.04 -53.67
C ALA T 53 -83.33 -45.75 -52.76
N ASP T 54 -83.97 -44.98 -51.87
CA ASP T 54 -85.08 -45.46 -51.06
C ASP T 54 -86.35 -44.82 -51.60
N GLU T 55 -87.48 -45.10 -50.95
CA GLU T 55 -88.66 -44.29 -51.15
C GLU T 55 -88.36 -42.97 -50.43
N LEU T 56 -87.28 -42.99 -49.67
CA LEU T 56 -87.03 -41.91 -48.74
C LEU T 56 -85.96 -40.93 -49.23
N SER T 57 -85.60 -41.01 -50.50
CA SER T 57 -84.45 -40.23 -51.00
C SER T 57 -84.77 -39.47 -52.27
N SER T 58 -83.96 -38.47 -52.58
CA SER T 58 -84.12 -37.69 -53.81
C SER T 58 -83.79 -38.58 -55.00
N TYR T 59 -83.94 -38.03 -56.20
CA TYR T 59 -83.57 -38.73 -57.43
C TYR T 59 -82.30 -38.11 -58.06
N GLN T 60 -81.42 -38.94 -58.62
CA GLN T 60 -80.15 -38.49 -59.19
C GLN T 60 -80.43 -37.62 -60.38
N LYS T 61 -79.85 -36.42 -60.46
CA LYS T 61 -80.14 -35.64 -61.64
C LYS T 61 -79.39 -36.27 -62.82
N LYS T 62 -80.00 -36.25 -64.00
CA LYS T 62 -79.39 -36.91 -65.17
C LYS T 62 -79.18 -35.95 -66.36
N ILE T 63 -79.61 -34.70 -66.21
CA ILE T 63 -79.41 -33.69 -67.25
C ILE T 63 -78.70 -32.47 -66.64
N ILE T 64 -77.70 -31.94 -67.35
CA ILE T 64 -76.94 -30.78 -66.86
C ILE T 64 -76.81 -29.69 -67.90
N LYS T 65 -77.15 -28.45 -67.54
CA LYS T 65 -76.96 -27.32 -68.44
C LYS T 65 -75.48 -27.03 -68.71
N CYS T 66 -75.15 -26.72 -69.95
CA CYS T 66 -73.78 -26.39 -70.29
C CYS T 66 -73.54 -24.92 -70.70
N ASP T 67 -74.41 -24.38 -71.57
CA ASP T 67 -74.48 -22.95 -71.87
C ASP T 67 -75.95 -22.70 -72.19
N GLU T 68 -76.33 -21.50 -72.61
CA GLU T 68 -77.74 -21.28 -72.88
C GLU T 68 -78.16 -21.94 -74.19
N HIS T 69 -77.23 -22.60 -74.85
CA HIS T 69 -77.52 -23.18 -76.17
C HIS T 69 -77.18 -24.64 -76.27
N MET T 70 -76.72 -25.23 -75.18
CA MET T 70 -76.20 -26.60 -75.20
C MET T 70 -76.28 -27.26 -73.83
N GLY T 71 -76.70 -28.53 -73.82
CA GLY T 71 -76.87 -29.32 -72.62
C GLY T 71 -76.68 -30.80 -72.91
N LEU T 72 -76.56 -31.59 -71.85
CA LEU T 72 -76.32 -33.00 -72.04
C LEU T 72 -77.01 -33.85 -70.97
N SER T 73 -77.21 -35.13 -71.27
CA SER T 73 -77.69 -36.06 -70.27
C SER T 73 -76.69 -37.20 -70.11
N LEU T 74 -76.67 -37.79 -68.92
CA LEU T 74 -75.67 -38.79 -68.57
C LEU T 74 -76.31 -40.14 -68.23
N ALA T 75 -75.66 -41.21 -68.65
CA ALA T 75 -76.04 -42.54 -68.20
C ALA T 75 -74.77 -43.27 -67.84
N GLY T 76 -74.60 -43.58 -66.56
CA GLY T 76 -73.37 -44.23 -66.15
C GLY T 76 -72.78 -43.64 -64.88
N LEU T 77 -71.46 -43.46 -64.88
CA LEU T 77 -70.74 -43.03 -63.68
C LEU T 77 -70.93 -41.54 -63.50
N ALA T 78 -71.50 -41.14 -62.37
CA ALA T 78 -71.86 -39.73 -62.16
C ALA T 78 -70.67 -38.79 -62.11
N PRO T 79 -69.72 -39.03 -61.20
CA PRO T 79 -68.54 -38.16 -61.11
C PRO T 79 -67.82 -37.98 -62.44
N ASP T 80 -67.76 -39.01 -63.26
CA ASP T 80 -67.14 -38.87 -64.57
C ASP T 80 -67.90 -37.88 -65.45
N ALA T 81 -69.20 -37.78 -65.26
CA ALA T 81 -69.98 -36.79 -66.00
C ALA T 81 -69.85 -35.41 -65.35
N ARG T 82 -69.75 -35.36 -64.04
CA ARG T 82 -69.58 -34.06 -63.40
C ARG T 82 -68.28 -33.44 -63.92
N VAL T 83 -67.28 -34.28 -64.13
CA VAL T 83 -65.97 -33.85 -64.58
C VAL T 83 -65.98 -33.46 -66.05
N LEU T 84 -66.70 -34.18 -66.89
CA LEU T 84 -66.78 -33.84 -68.31
C LEU T 84 -67.76 -32.71 -68.58
N SER T 85 -68.90 -32.70 -67.89
CA SER T 85 -69.90 -31.65 -68.10
C SER T 85 -69.26 -30.33 -67.71
N ASN T 86 -68.41 -30.36 -66.69
CA ASN T 86 -67.70 -29.16 -66.30
C ASN T 86 -66.72 -28.66 -67.35
N TYR T 87 -65.85 -29.53 -67.84
CA TYR T 87 -64.95 -29.14 -68.94
C TYR T 87 -65.73 -28.53 -70.11
N LEU T 88 -66.83 -29.14 -70.48
CA LEU T 88 -67.64 -28.59 -71.56
C LEU T 88 -68.11 -27.19 -71.20
N ARG T 89 -68.54 -27.00 -69.96
CA ARG T 89 -69.04 -25.71 -69.48
C ARG T 89 -68.00 -24.61 -69.67
N GLN T 90 -66.72 -24.97 -69.51
CA GLN T 90 -65.60 -24.05 -69.70
C GLN T 90 -65.37 -23.65 -71.15
N GLN T 91 -65.11 -24.62 -72.02
CA GLN T 91 -64.88 -24.31 -73.43
C GLN T 91 -66.01 -23.45 -74.00
N CYS T 92 -67.23 -23.74 -73.59
CA CYS T 92 -68.42 -23.01 -74.04
C CYS T 92 -68.36 -21.58 -73.64
N ASN T 93 -67.83 -21.39 -72.43
CA ASN T 93 -67.73 -20.09 -71.78
C ASN T 93 -66.43 -19.39 -72.13
N TYR T 94 -65.54 -20.08 -72.81
CA TYR T 94 -64.33 -19.49 -73.32
C TYR T 94 -64.57 -19.07 -74.75
N SER T 95 -65.25 -19.90 -75.53
CA SER T 95 -65.60 -19.51 -76.89
C SER T 95 -66.50 -18.27 -76.85
N SER T 96 -67.12 -18.04 -75.70
CA SER T 96 -67.98 -16.86 -75.53
C SER T 96 -67.16 -15.62 -75.21
N LEU T 97 -66.19 -15.74 -74.32
CA LEU T 97 -65.41 -14.59 -73.86
C LEU T 97 -64.36 -14.08 -74.85
N VAL T 98 -63.50 -14.98 -75.32
CA VAL T 98 -62.48 -14.65 -76.30
C VAL T 98 -63.01 -14.31 -77.70
N PHE T 99 -63.96 -15.09 -78.21
CA PHE T 99 -64.48 -14.82 -79.55
C PHE T 99 -65.94 -14.37 -79.62
N ASN T 100 -66.59 -14.17 -78.48
CA ASN T 100 -68.00 -13.77 -78.48
C ASN T 100 -68.78 -14.60 -79.49
N ARG T 101 -68.67 -15.92 -79.34
CA ARG T 101 -69.22 -16.89 -80.29
C ARG T 101 -69.74 -18.14 -79.58
N LYS T 102 -71.04 -18.38 -79.67
CA LYS T 102 -71.60 -19.62 -79.17
C LYS T 102 -70.78 -20.82 -79.71
N LEU T 103 -70.23 -21.62 -78.79
CA LEU T 103 -69.39 -22.77 -79.16
C LEU T 103 -70.17 -23.82 -79.95
N ALA T 104 -69.75 -24.07 -81.19
CA ALA T 104 -70.44 -25.02 -82.07
C ALA T 104 -70.68 -26.39 -81.40
N VAL T 105 -71.81 -27.03 -81.65
CA VAL T 105 -72.03 -28.37 -81.08
C VAL T 105 -71.09 -29.37 -81.72
N GLU T 106 -71.05 -29.37 -83.04
CA GLU T 106 -70.12 -30.21 -83.78
C GLU T 106 -68.69 -30.13 -83.21
N ARG T 107 -68.40 -29.07 -82.47
CA ARG T 107 -67.03 -28.87 -82.00
C ARG T 107 -66.81 -29.37 -80.59
N ALA T 108 -67.84 -29.28 -79.76
CA ALA T 108 -67.73 -29.84 -78.43
C ALA T 108 -67.68 -31.38 -78.54
N GLY T 109 -68.26 -31.93 -79.60
CA GLY T 109 -68.10 -33.33 -79.91
C GLY T 109 -66.61 -33.58 -80.08
N HIS T 110 -66.01 -32.88 -81.03
CA HIS T 110 -64.60 -33.08 -81.31
C HIS T 110 -63.73 -32.87 -80.07
N LEU T 111 -64.20 -32.08 -79.13
CA LEU T 111 -63.36 -31.69 -78.00
C LEU T 111 -63.42 -32.68 -76.87
N LEU T 112 -64.55 -33.37 -76.76
CA LEU T 112 -64.73 -34.39 -75.72
C LEU T 112 -64.09 -35.67 -76.16
N CYS T 113 -64.24 -35.98 -77.44
CA CYS T 113 -63.56 -37.12 -77.99
C CYS T 113 -62.10 -37.09 -77.59
N ASP T 114 -61.46 -35.94 -77.76
CA ASP T 114 -60.03 -35.81 -77.51
C ASP T 114 -59.70 -35.77 -76.02
N LYS T 115 -60.68 -35.40 -75.21
CA LYS T 115 -60.52 -35.33 -73.75
C LYS T 115 -60.53 -36.72 -73.14
N ALA T 116 -61.42 -37.58 -73.68
CA ALA T 116 -61.59 -38.96 -73.21
C ALA T 116 -60.49 -39.87 -73.74
N GLN T 117 -60.03 -39.55 -74.94
CA GLN T 117 -58.95 -40.28 -75.57
C GLN T 117 -57.72 -40.20 -74.69
N LYS T 118 -57.45 -39.04 -74.12
CA LYS T 118 -56.28 -38.87 -73.25
C LYS T 118 -56.24 -39.91 -72.13
N ASN T 119 -57.42 -40.37 -71.67
CA ASN T 119 -57.49 -41.32 -70.56
C ASN T 119 -57.39 -42.78 -70.99
N THR T 120 -56.99 -42.99 -72.23
CA THR T 120 -56.83 -44.33 -72.76
C THR T 120 -55.43 -44.52 -73.40
N GLN T 121 -54.53 -43.58 -73.14
CA GLN T 121 -53.14 -43.62 -73.62
C GLN T 121 -52.28 -43.80 -72.38
N SER T 122 -52.83 -43.38 -71.24
CA SER T 122 -52.05 -43.19 -70.03
C SER T 122 -52.10 -44.39 -69.11
N TYR T 123 -50.93 -44.76 -68.61
CA TYR T 123 -50.79 -45.78 -67.57
C TYR T 123 -51.23 -45.18 -66.24
N GLY T 124 -51.98 -45.94 -65.48
CA GLY T 124 -52.43 -45.49 -64.16
C GLY T 124 -53.91 -45.13 -64.12
N GLY T 125 -54.30 -44.16 -64.94
CA GLY T 125 -55.68 -43.73 -64.98
C GLY T 125 -56.59 -44.69 -65.72
N ARG T 126 -57.82 -44.80 -65.23
CA ARG T 126 -58.85 -45.58 -65.89
C ARG T 126 -59.56 -44.69 -66.89
N PRO T 127 -60.24 -45.30 -67.87
CA PRO T 127 -61.00 -44.55 -68.87
C PRO T 127 -62.21 -43.87 -68.25
N TYR T 128 -62.85 -43.00 -69.01
CA TYR T 128 -64.09 -42.40 -68.55
C TYR T 128 -65.17 -43.47 -68.58
N GLY T 129 -66.08 -43.46 -67.61
CA GLY T 129 -67.09 -44.49 -67.53
C GLY T 129 -68.48 -43.93 -67.50
N VAL T 130 -68.87 -43.24 -68.56
CA VAL T 130 -70.20 -42.67 -68.64
C VAL T 130 -70.49 -42.33 -70.06
N GLY T 131 -71.76 -42.37 -70.43
CA GLY T 131 -72.16 -41.97 -71.76
C GLY T 131 -72.93 -40.68 -71.72
N LEU T 132 -72.81 -39.91 -72.79
CA LEU T 132 -73.44 -38.60 -72.83
C LEU T 132 -74.23 -38.40 -74.10
N LEU T 133 -75.46 -37.99 -73.92
CA LEU T 133 -76.24 -37.47 -75.01
C LEU T 133 -76.19 -35.97 -74.86
N ILE T 134 -75.75 -35.30 -75.93
CA ILE T 134 -75.50 -33.88 -75.95
C ILE T 134 -76.44 -33.24 -76.95
N ILE T 135 -77.10 -32.15 -76.55
CA ILE T 135 -77.97 -31.42 -77.48
C ILE T 135 -77.66 -29.93 -77.54
N GLY T 136 -78.01 -29.32 -78.66
CA GLY T 136 -77.85 -27.88 -78.83
C GLY T 136 -78.35 -27.35 -80.17
N TYR T 137 -78.55 -26.04 -80.24
CA TYR T 137 -78.86 -25.36 -81.49
C TYR T 137 -77.70 -24.39 -81.78
N ASP T 138 -76.91 -24.70 -82.80
CA ASP T 138 -75.77 -23.85 -83.15
C ASP T 138 -76.09 -23.09 -84.43
N LYS T 139 -75.08 -22.49 -85.05
CA LYS T 139 -75.33 -21.77 -86.28
C LYS T 139 -75.76 -22.69 -87.43
N SER T 140 -75.82 -24.01 -87.17
CA SER T 140 -76.08 -24.98 -88.26
C SER T 140 -77.23 -25.92 -88.02
N GLY T 141 -78.13 -25.55 -87.10
CA GLY T 141 -79.41 -26.23 -86.97
C GLY T 141 -79.65 -26.79 -85.60
N ALA T 142 -80.44 -27.86 -85.53
CA ALA T 142 -80.52 -28.66 -84.31
C ALA T 142 -79.40 -29.67 -84.36
N HIS T 143 -79.10 -30.29 -83.22
CA HIS T 143 -78.00 -31.25 -83.17
C HIS T 143 -78.17 -32.24 -82.01
N LEU T 144 -77.78 -33.50 -82.25
CA LEU T 144 -77.61 -34.52 -81.19
C LEU T 144 -76.34 -35.36 -81.36
N LEU T 145 -75.63 -35.60 -80.27
CA LEU T 145 -74.40 -36.40 -80.32
C LEU T 145 -74.44 -37.54 -79.26
N GLU T 146 -73.79 -38.66 -79.57
CA GLU T 146 -73.63 -39.74 -78.58
C GLU T 146 -72.15 -39.77 -78.21
N PHE T 147 -71.87 -39.67 -76.92
CA PHE T 147 -70.49 -39.75 -76.46
C PHE T 147 -70.28 -41.05 -75.69
N GLN T 148 -69.57 -42.00 -76.29
CA GLN T 148 -69.11 -43.17 -75.53
C GLN T 148 -67.70 -42.90 -75.03
N PRO T 149 -67.33 -43.51 -73.91
CA PRO T 149 -66.08 -43.24 -73.19
C PRO T 149 -64.84 -43.67 -73.97
N SER T 150 -65.04 -44.25 -75.14
CA SER T 150 -63.93 -44.68 -75.97
C SER T 150 -63.31 -43.49 -76.66
N GLY T 151 -64.10 -42.42 -76.74
CA GLY T 151 -63.74 -41.25 -77.52
C GLY T 151 -64.67 -41.08 -78.70
N ASN T 152 -65.25 -42.16 -79.17
CA ASN T 152 -66.09 -42.10 -80.34
C ASN T 152 -67.34 -41.28 -80.08
N VAL T 153 -67.37 -40.05 -80.60
CA VAL T 153 -68.59 -39.22 -80.58
C VAL T 153 -69.21 -39.18 -81.97
N THR T 154 -70.52 -39.38 -82.04
CA THR T 154 -71.22 -39.65 -83.30
C THR T 154 -72.47 -38.77 -83.34
N GLU T 155 -72.77 -38.17 -84.49
CA GLU T 155 -73.95 -37.29 -84.55
C GLU T 155 -75.19 -37.97 -85.13
N LEU T 156 -76.32 -37.84 -84.44
CA LEU T 156 -77.53 -38.59 -84.77
C LEU T 156 -78.81 -37.76 -84.76
N TYR T 157 -79.90 -38.39 -85.19
CA TYR T 157 -81.24 -37.84 -85.07
C TYR T 157 -81.87 -38.26 -83.75
N GLY T 158 -81.53 -39.46 -83.30
CA GLY T 158 -82.00 -39.98 -82.02
C GLY T 158 -81.20 -41.19 -81.58
N THR T 159 -81.16 -41.45 -80.28
CA THR T 159 -80.52 -42.67 -79.76
C THR T 159 -80.90 -42.81 -78.29
N ALA T 160 -80.45 -43.89 -77.67
CA ALA T 160 -80.71 -44.05 -76.26
C ALA T 160 -79.60 -44.89 -75.66
N ILE T 161 -79.23 -44.58 -74.42
CA ILE T 161 -78.10 -45.24 -73.79
C ILE T 161 -78.48 -45.73 -72.39
N GLY T 162 -77.94 -46.89 -72.02
CA GLY T 162 -78.10 -47.39 -70.66
C GLY T 162 -78.98 -48.62 -70.47
N ALA T 163 -79.48 -48.76 -69.23
CA ALA T 163 -80.33 -49.86 -68.80
C ALA T 163 -81.54 -50.02 -69.69
N ARG T 164 -81.54 -51.05 -70.54
CA ARG T 164 -82.65 -51.30 -71.46
C ARG T 164 -82.74 -50.19 -72.51
N SER T 165 -81.59 -49.61 -72.81
CA SER T 165 -81.51 -48.62 -73.88
C SER T 165 -82.23 -49.13 -75.12
N GLN T 166 -82.30 -50.45 -75.24
CA GLN T 166 -82.66 -51.07 -76.52
C GLN T 166 -84.12 -50.90 -76.90
N GLY T 167 -84.95 -50.62 -75.92
CA GLY T 167 -86.37 -50.45 -76.19
C GLY T 167 -86.65 -49.22 -77.02
N ALA T 168 -85.99 -48.12 -76.64
CA ALA T 168 -86.19 -46.85 -77.32
C ALA T 168 -85.38 -46.84 -78.59
N LYS T 169 -84.13 -47.26 -78.52
CA LYS T 169 -83.27 -47.24 -79.71
C LYS T 169 -84.02 -47.89 -80.89
N THR T 170 -84.94 -48.80 -80.60
CA THR T 170 -85.65 -49.49 -81.67
C THR T 170 -86.92 -48.76 -82.06
N TYR T 171 -87.55 -48.08 -81.11
CA TYR T 171 -88.67 -47.20 -81.41
C TYR T 171 -88.22 -46.08 -82.35
N LEU T 172 -87.23 -45.32 -81.91
CA LEU T 172 -86.74 -44.19 -82.70
C LEU T 172 -86.34 -44.66 -84.09
N GLU T 173 -85.76 -45.85 -84.17
CA GLU T 173 -85.30 -46.37 -85.46
C GLU T 173 -86.46 -46.47 -86.46
N ARG T 174 -87.67 -46.73 -85.94
CA ARG T 174 -88.88 -46.87 -86.77
C ARG T 174 -89.62 -45.52 -86.94
N THR T 175 -89.61 -44.69 -85.90
CA THR T 175 -90.25 -43.36 -85.90
C THR T 175 -89.52 -42.30 -86.75
N LEU T 176 -88.28 -42.62 -87.16
CA LEU T 176 -87.38 -41.66 -87.79
C LEU T 176 -88.04 -40.56 -88.61
N ASP T 177 -88.63 -40.93 -89.75
CA ASP T 177 -89.13 -39.97 -90.71
C ASP T 177 -90.27 -39.12 -90.15
N THR T 178 -90.79 -39.53 -88.99
CA THR T 178 -91.91 -38.86 -88.36
C THR T 178 -91.51 -37.69 -87.45
N PHE T 179 -90.53 -37.94 -86.58
CA PHE T 179 -90.16 -36.93 -85.57
C PHE T 179 -89.17 -35.86 -86.06
N ILE T 180 -88.31 -36.19 -87.00
CA ILE T 180 -87.39 -35.21 -87.55
C ILE T 180 -88.12 -34.17 -88.40
N LYS T 181 -89.41 -34.38 -88.59
CA LYS T 181 -90.27 -33.44 -89.32
C LYS T 181 -91.16 -32.68 -88.34
N ILE T 182 -90.90 -32.85 -87.05
CA ILE T 182 -91.64 -32.11 -86.02
C ILE T 182 -90.99 -30.74 -85.81
N ASP T 183 -90.99 -29.95 -86.86
CA ASP T 183 -90.43 -28.61 -86.80
C ASP T 183 -91.49 -27.66 -86.23
N GLY T 184 -91.06 -26.62 -85.55
CA GLY T 184 -91.96 -25.55 -85.14
C GLY T 184 -92.95 -25.98 -84.09
N ASN T 185 -92.85 -27.24 -83.69
CA ASN T 185 -93.68 -27.71 -82.60
C ASN T 185 -92.73 -28.12 -81.50
N PRO T 186 -92.95 -27.60 -80.31
CA PRO T 186 -92.07 -28.03 -79.24
C PRO T 186 -92.78 -29.09 -78.40
N ASP T 187 -94.01 -28.82 -78.00
CA ASP T 187 -94.73 -29.76 -77.17
C ASP T 187 -94.85 -31.10 -77.85
N GLU T 188 -94.86 -31.13 -79.16
CA GLU T 188 -95.07 -32.39 -79.85
C GLU T 188 -93.80 -33.22 -79.97
N LEU T 189 -92.65 -32.56 -79.97
CA LEU T 189 -91.38 -33.29 -80.05
C LEU T 189 -91.02 -33.90 -78.72
N ILE T 190 -91.48 -33.30 -77.63
CA ILE T 190 -91.30 -33.92 -76.32
C ILE T 190 -92.29 -35.08 -76.14
N LYS T 191 -93.50 -34.93 -76.65
CA LYS T 191 -94.47 -36.02 -76.56
C LYS T 191 -93.82 -37.26 -77.16
N ALA T 192 -93.01 -37.08 -78.20
CA ALA T 192 -92.37 -38.20 -78.87
C ALA T 192 -91.20 -38.76 -78.07
N GLY T 193 -90.39 -37.87 -77.51
CA GLY T 193 -89.25 -38.31 -76.74
C GLY T 193 -89.70 -39.19 -75.58
N VAL T 194 -90.86 -38.86 -75.04
CA VAL T 194 -91.37 -39.56 -73.88
C VAL T 194 -92.06 -40.86 -74.25
N GLU T 195 -92.64 -40.92 -75.44
CA GLU T 195 -93.30 -42.14 -75.89
C GLU T 195 -92.24 -43.13 -76.36
N ALA T 196 -91.00 -42.68 -76.41
CA ALA T 196 -89.87 -43.53 -76.79
C ALA T 196 -89.14 -44.05 -75.57
N ILE T 197 -88.95 -43.21 -74.56
CA ILE T 197 -88.29 -43.66 -73.35
C ILE T 197 -89.17 -44.64 -72.62
N SER T 198 -90.47 -44.62 -72.93
CA SER T 198 -91.39 -45.52 -72.23
C SER T 198 -91.51 -46.88 -72.90
N GLN T 199 -90.82 -47.08 -74.02
CA GLN T 199 -90.70 -48.42 -74.54
C GLN T 199 -89.63 -49.19 -73.73
N SER T 200 -88.74 -48.46 -73.07
CA SER T 200 -87.65 -49.04 -72.28
C SER T 200 -88.01 -49.24 -70.79
N LEU T 201 -89.29 -49.16 -70.47
CA LEU T 201 -89.74 -49.47 -69.12
C LEU T 201 -90.57 -50.75 -69.13
N ARG T 202 -90.57 -51.45 -68.01
CA ARG T 202 -91.31 -52.69 -67.94
C ARG T 202 -92.76 -52.38 -67.61
N ASP T 203 -93.18 -52.77 -66.41
CA ASP T 203 -94.49 -52.37 -65.93
C ASP T 203 -94.30 -51.03 -65.22
N GLU T 204 -93.18 -50.37 -65.52
CA GLU T 204 -92.78 -49.18 -64.78
C GLU T 204 -93.45 -47.89 -65.23
N SER T 205 -93.71 -47.02 -64.26
CA SER T 205 -94.65 -45.91 -64.43
C SER T 205 -93.99 -44.55 -64.20
N LEU T 206 -93.89 -43.72 -65.24
CA LEU T 206 -93.31 -42.39 -65.12
C LEU T 206 -94.13 -41.49 -64.20
N THR T 207 -93.46 -40.81 -63.27
CA THR T 207 -94.16 -39.84 -62.44
C THR T 207 -93.46 -38.51 -62.45
N VAL T 208 -93.89 -37.61 -61.58
CA VAL T 208 -93.31 -36.27 -61.48
C VAL T 208 -91.90 -36.34 -60.90
N ASP T 209 -91.56 -37.46 -60.28
CA ASP T 209 -90.25 -37.62 -59.67
C ASP T 209 -89.37 -38.53 -60.49
N ASN T 210 -89.97 -39.32 -61.37
CA ASN T 210 -89.19 -40.21 -62.23
C ASN T 210 -88.62 -39.44 -63.41
N LEU T 211 -89.42 -38.50 -63.92
CA LEU T 211 -89.14 -37.89 -65.21
C LEU T 211 -88.33 -36.59 -65.13
N SER T 212 -87.43 -36.45 -66.10
CA SER T 212 -86.55 -35.32 -66.22
C SER T 212 -86.49 -35.06 -67.70
N ILE T 213 -86.83 -33.86 -68.12
CA ILE T 213 -86.82 -33.49 -69.54
C ILE T 213 -86.10 -32.17 -69.74
N ALA T 214 -85.44 -32.03 -70.89
CA ALA T 214 -84.72 -30.81 -71.24
C ALA T 214 -84.95 -30.55 -72.71
N ILE T 215 -84.90 -29.29 -73.12
CA ILE T 215 -85.11 -28.92 -74.54
C ILE T 215 -84.36 -27.65 -74.92
N VAL T 216 -84.17 -27.47 -76.22
CA VAL T 216 -83.36 -26.37 -76.75
C VAL T 216 -83.59 -26.22 -78.26
N GLY T 217 -83.29 -25.03 -78.81
CA GLY T 217 -83.46 -24.79 -80.24
C GLY T 217 -83.96 -23.42 -80.65
N LYS T 218 -83.82 -23.13 -81.95
CA LYS T 218 -84.14 -21.82 -82.52
C LYS T 218 -84.26 -20.70 -81.52
N ASP T 219 -85.44 -20.55 -80.94
CA ASP T 219 -85.65 -19.47 -79.99
C ASP T 219 -86.02 -19.98 -78.62
N THR T 220 -85.60 -21.20 -78.31
CA THR T 220 -85.74 -21.72 -76.97
C THR T 220 -84.36 -22.06 -76.42
N PRO T 221 -83.92 -21.32 -75.39
CA PRO T 221 -82.67 -21.64 -74.69
C PRO T 221 -82.83 -22.91 -73.85
N PHE T 222 -81.74 -23.66 -73.67
CA PHE T 222 -81.72 -24.90 -72.90
C PHE T 222 -82.37 -24.78 -71.53
N THR T 223 -83.56 -25.36 -71.39
CA THR T 223 -84.25 -25.41 -70.09
C THR T 223 -84.58 -26.83 -69.65
N ILE T 224 -84.64 -27.01 -68.34
CA ILE T 224 -84.78 -28.32 -67.75
C ILE T 224 -86.07 -28.38 -66.92
N TYR T 225 -86.86 -29.42 -67.16
CA TYR T 225 -88.11 -29.57 -66.45
C TYR T 225 -88.12 -30.82 -65.56
N ASP T 226 -88.00 -30.60 -64.26
CA ASP T 226 -88.10 -31.65 -63.27
C ASP T 226 -89.33 -31.34 -62.44
N GLY T 227 -89.79 -32.30 -61.65
CA GLY T 227 -90.88 -32.06 -60.72
C GLY T 227 -92.24 -31.85 -61.37
N GLU T 228 -93.01 -30.92 -60.82
CA GLU T 228 -94.35 -30.69 -61.34
C GLU T 228 -94.34 -30.21 -62.80
N ALA T 229 -93.29 -29.51 -63.20
CA ALA T 229 -93.22 -28.99 -64.56
C ALA T 229 -93.39 -30.10 -65.61
N VAL T 230 -93.14 -31.34 -65.24
CA VAL T 230 -93.14 -32.44 -66.19
C VAL T 230 -94.49 -33.13 -66.29
N ALA T 231 -95.39 -32.79 -65.37
CA ALA T 231 -96.69 -33.46 -65.32
C ALA T 231 -97.43 -33.46 -66.65
N LYS T 232 -97.44 -32.32 -67.34
CA LYS T 232 -98.25 -32.20 -68.56
C LYS T 232 -97.95 -33.24 -69.66
N TYR T 233 -96.89 -34.02 -69.50
CA TYR T 233 -96.50 -34.99 -70.51
C TYR T 233 -96.74 -36.44 -70.05
N ILE T 234 -97.54 -36.63 -69.01
CA ILE T 234 -97.80 -37.96 -68.45
C ILE T 234 -99.25 -38.45 -68.60
CA GLY U 1 -39.85 -66.82 -67.53
C GLY U 1 -40.29 -65.78 -68.57
N THR U 2 -41.53 -65.86 -69.02
CA THR U 2 -42.03 -65.02 -70.13
C THR U 2 -42.90 -63.82 -69.72
N GLY U 3 -43.60 -63.22 -70.70
CA GLY U 3 -44.37 -62.00 -70.48
C GLY U 3 -43.88 -60.83 -71.32
N TYR U 4 -43.26 -61.18 -72.44
CA TYR U 4 -42.56 -60.23 -73.28
C TYR U 4 -43.49 -59.34 -74.12
N ASP U 5 -44.79 -59.40 -73.86
CA ASP U 5 -45.76 -58.73 -74.72
C ASP U 5 -46.85 -57.99 -73.96
N LEU U 6 -46.61 -57.69 -72.70
CA LEU U 6 -47.59 -56.96 -71.92
C LEU U 6 -47.07 -55.53 -71.75
N SER U 7 -45.77 -55.37 -71.99
CA SER U 7 -45.09 -54.10 -71.89
C SER U 7 -44.70 -53.60 -73.27
N ASN U 8 -44.75 -52.27 -73.43
CA ASN U 8 -44.60 -51.65 -74.74
C ASN U 8 -43.14 -51.52 -75.23
N SER U 9 -42.23 -51.08 -74.37
CA SER U 9 -40.85 -50.85 -74.81
C SER U 9 -40.10 -52.14 -75.10
N VAL U 10 -40.68 -53.27 -74.68
CA VAL U 10 -39.96 -54.54 -74.50
C VAL U 10 -39.68 -55.39 -75.75
N PHE U 11 -38.40 -55.75 -75.90
CA PHE U 11 -37.94 -56.55 -77.01
C PHE U 11 -38.22 -58.03 -76.78
N SER U 12 -38.92 -58.62 -77.72
CA SER U 12 -39.03 -60.06 -77.74
C SER U 12 -37.63 -60.59 -78.01
N PRO U 13 -37.39 -61.84 -77.63
CA PRO U 13 -36.12 -62.54 -77.84
C PRO U 13 -35.52 -62.45 -79.25
N ASP U 14 -36.30 -62.12 -80.28
CA ASP U 14 -35.72 -62.00 -81.62
C ASP U 14 -35.95 -60.67 -82.31
N GLY U 15 -36.13 -59.61 -81.52
CA GLY U 15 -36.05 -58.25 -82.01
C GLY U 15 -37.36 -57.52 -82.21
N ARG U 16 -38.44 -58.09 -81.68
CA ARG U 16 -39.77 -57.55 -81.94
C ARG U 16 -40.48 -56.92 -80.75
N ASN U 17 -41.19 -55.85 -81.04
CA ASN U 17 -41.92 -55.12 -80.03
C ASN U 17 -43.35 -55.55 -80.23
N PHE U 18 -43.84 -56.43 -79.37
CA PHE U 18 -45.10 -57.11 -79.67
C PHE U 18 -46.33 -56.25 -79.57
N GLN U 19 -46.34 -55.35 -78.60
CA GLN U 19 -47.47 -54.46 -78.42
C GLN U 19 -47.78 -53.68 -79.71
N VAL U 20 -46.75 -53.33 -80.47
CA VAL U 20 -46.93 -52.65 -81.75
C VAL U 20 -47.66 -53.55 -82.73
N GLU U 21 -47.20 -54.79 -82.85
CA GLU U 21 -47.83 -55.74 -83.77
C GLU U 21 -49.29 -55.97 -83.43
N TYR U 22 -49.65 -55.87 -82.15
CA TYR U 22 -51.05 -56.01 -81.74
C TYR U 22 -51.89 -54.82 -82.20
N ALA U 23 -51.30 -53.64 -82.15
CA ALA U 23 -51.97 -52.42 -82.56
C ALA U 23 -52.28 -52.47 -84.05
N VAL U 24 -51.36 -53.04 -84.81
CA VAL U 24 -51.57 -53.20 -86.24
C VAL U 24 -52.81 -54.05 -86.50
N LYS U 25 -53.14 -54.93 -85.56
CA LYS U 25 -54.32 -55.77 -85.69
C LYS U 25 -55.59 -54.94 -85.53
N ALA U 26 -55.50 -53.85 -84.76
CA ALA U 26 -56.65 -52.97 -84.51
C ALA U 26 -56.90 -52.13 -85.73
N VAL U 27 -55.79 -51.76 -86.39
CA VAL U 27 -55.81 -51.12 -87.69
C VAL U 27 -56.53 -52.00 -88.71
N GLU U 28 -56.07 -53.24 -88.82
CA GLU U 28 -56.63 -54.19 -89.80
C GLU U 28 -58.14 -54.45 -89.62
N ASN U 29 -58.65 -54.27 -88.40
CA ASN U 29 -60.05 -54.50 -88.07
C ASN U 29 -60.92 -53.26 -88.06
N GLY U 30 -60.51 -52.22 -88.78
CA GLY U 30 -61.28 -51.00 -88.83
C GLY U 30 -61.58 -50.56 -90.25
N THR U 31 -62.45 -49.57 -90.39
CA THR U 31 -62.78 -48.96 -91.69
C THR U 31 -61.62 -49.02 -92.66
N THR U 32 -61.93 -49.20 -93.94
CA THR U 32 -60.89 -49.24 -94.99
C THR U 32 -60.74 -47.86 -95.65
N SER U 33 -59.49 -47.41 -95.79
CA SER U 33 -59.19 -46.06 -96.24
C SER U 33 -57.98 -46.04 -97.19
N ILE U 34 -58.04 -45.19 -98.23
CA ILE U 34 -57.00 -45.20 -99.26
C ILE U 34 -56.48 -43.82 -99.67
N GLY U 35 -55.41 -43.84 -100.46
CA GLY U 35 -54.83 -42.64 -101.01
C GLY U 35 -54.27 -42.92 -102.38
N ILE U 36 -54.42 -41.97 -103.31
CA ILE U 36 -53.86 -42.09 -104.65
C ILE U 36 -53.06 -40.86 -105.04
N LYS U 37 -51.84 -41.06 -105.52
CA LYS U 37 -51.01 -39.96 -105.96
C LYS U 37 -51.16 -39.82 -107.46
N CYS U 38 -51.75 -38.72 -107.90
CA CYS U 38 -51.85 -38.42 -109.32
C CYS U 38 -50.78 -37.42 -109.78
N ASN U 39 -50.89 -36.98 -111.02
CA ASN U 39 -49.82 -36.20 -111.65
C ASN U 39 -49.61 -34.77 -111.12
N ASP U 40 -50.56 -34.25 -110.36
CA ASP U 40 -50.39 -32.96 -109.70
C ASP U 40 -51.20 -32.82 -108.41
N GLY U 41 -51.17 -33.86 -107.59
CA GLY U 41 -51.87 -33.82 -106.32
C GLY U 41 -52.12 -35.18 -105.71
N VAL U 42 -53.04 -35.24 -104.75
CA VAL U 42 -53.40 -36.49 -104.11
C VAL U 42 -54.92 -36.55 -103.86
N VAL U 43 -55.47 -37.76 -103.94
CA VAL U 43 -56.88 -37.99 -103.65
C VAL U 43 -57.06 -38.96 -102.49
N PHE U 44 -58.02 -38.68 -101.60
CA PHE U 44 -58.18 -39.46 -100.39
C PHE U 44 -59.61 -39.95 -100.30
N ALA U 45 -59.78 -41.13 -99.73
CA ALA U 45 -61.10 -41.76 -99.65
C ALA U 45 -61.22 -42.61 -98.40
N VAL U 46 -62.42 -42.63 -97.83
CA VAL U 46 -62.65 -43.43 -96.64
C VAL U 46 -64.05 -44.10 -96.63
N GLU U 47 -64.14 -45.26 -95.98
CA GLU U 47 -65.38 -45.98 -95.79
C GLU U 47 -66.00 -45.63 -94.44
N LYS U 48 -67.14 -44.96 -94.46
CA LYS U 48 -67.86 -44.64 -93.22
C LYS U 48 -68.96 -45.68 -92.99
N LEU U 49 -68.82 -46.51 -91.97
CA LEU U 49 -69.86 -47.53 -91.71
C LEU U 49 -71.08 -46.90 -91.07
N ILE U 50 -72.24 -47.51 -91.27
CA ILE U 50 -73.49 -46.97 -90.77
C ILE U 50 -74.18 -47.83 -89.70
N THR U 51 -73.72 -47.69 -88.44
CA THR U 51 -74.24 -48.46 -87.30
C THR U 51 -75.77 -48.65 -87.33
N SER U 52 -76.51 -47.55 -87.36
CA SER U 52 -77.97 -47.60 -87.44
C SER U 52 -78.49 -46.52 -88.39
N LYS U 53 -79.81 -46.47 -88.57
CA LYS U 53 -80.45 -45.54 -89.50
C LYS U 53 -80.39 -44.10 -89.00
N LEU U 54 -80.02 -43.95 -87.73
CA LEU U 54 -80.07 -42.69 -87.02
C LEU U 54 -78.80 -41.87 -87.17
N LEU U 55 -77.74 -42.49 -87.67
CA LEU U 55 -76.54 -41.72 -88.00
C LEU U 55 -76.90 -40.75 -89.09
N VAL U 56 -76.47 -39.49 -88.94
CA VAL U 56 -76.84 -38.48 -89.93
C VAL U 56 -75.92 -38.51 -91.14
N PRO U 57 -76.53 -38.52 -92.33
CA PRO U 57 -75.86 -38.55 -93.63
C PRO U 57 -74.96 -37.35 -93.86
N GLN U 58 -73.73 -37.63 -94.28
CA GLN U 58 -72.77 -36.62 -94.68
C GLN U 58 -72.18 -35.86 -93.48
N LYS U 59 -72.67 -36.16 -92.27
CA LYS U 59 -72.37 -35.34 -91.09
C LYS U 59 -71.51 -35.96 -89.98
N ASN U 60 -70.71 -36.97 -90.31
CA ASN U 60 -69.74 -37.48 -89.35
C ASN U 60 -68.37 -37.60 -89.99
N VAL U 61 -67.73 -36.47 -90.23
CA VAL U 61 -66.52 -36.40 -91.05
C VAL U 61 -65.29 -37.10 -90.45
N LYS U 62 -64.64 -37.89 -91.29
CA LYS U 62 -63.56 -38.75 -90.82
C LYS U 62 -62.25 -38.19 -91.28
N ILE U 63 -62.22 -37.66 -92.50
CA ILE U 63 -61.02 -37.04 -93.05
C ILE U 63 -60.73 -35.68 -92.41
N GLN U 64 -59.54 -35.54 -91.85
CA GLN U 64 -59.13 -34.31 -91.17
C GLN U 64 -58.15 -33.54 -92.05
N VAL U 65 -58.15 -32.22 -91.90
CA VAL U 65 -57.25 -31.42 -92.73
C VAL U 65 -56.15 -30.84 -91.86
N VAL U 66 -54.91 -30.83 -92.36
CA VAL U 66 -53.79 -30.20 -91.63
C VAL U 66 -53.23 -28.99 -92.37
N ASP U 67 -53.10 -27.87 -91.65
CA ASP U 67 -52.81 -26.57 -92.26
C ASP U 67 -53.94 -26.22 -93.23
N ARG U 68 -53.65 -26.29 -94.52
CA ARG U 68 -54.51 -25.68 -95.54
C ARG U 68 -54.34 -26.52 -96.78
N HIS U 69 -53.23 -27.26 -96.80
CA HIS U 69 -52.73 -27.97 -97.98
C HIS U 69 -52.44 -29.45 -97.76
N ILE U 70 -52.75 -29.96 -96.57
CA ILE U 70 -52.48 -31.37 -96.24
C ILE U 70 -53.73 -32.15 -95.78
N GLY U 71 -53.84 -33.39 -96.25
CA GLY U 71 -54.95 -34.25 -95.86
C GLY U 71 -54.52 -35.47 -95.04
N CYS U 72 -55.31 -35.82 -94.04
CA CYS U 72 -55.09 -37.05 -93.29
C CYS U 72 -56.33 -37.91 -93.25
N VAL U 73 -56.13 -39.21 -93.43
CA VAL U 73 -57.18 -40.19 -93.20
C VAL U 73 -56.62 -41.39 -92.49
N TYR U 74 -57.39 -41.95 -91.57
CA TYR U 74 -56.88 -43.08 -90.81
C TYR U 74 -57.87 -44.22 -90.66
N SER U 75 -57.33 -45.39 -90.33
CA SER U 75 -58.14 -46.57 -90.15
C SER U 75 -57.85 -47.17 -88.80
N GLY U 76 -58.89 -47.46 -88.02
CA GLY U 76 -58.64 -48.03 -86.72
C GLY U 76 -59.40 -47.40 -85.60
N LEU U 77 -58.72 -47.34 -84.44
CA LEU U 77 -59.21 -46.57 -83.30
C LEU U 77 -59.33 -45.11 -83.70
N ILE U 78 -60.54 -44.60 -83.87
CA ILE U 78 -60.71 -43.25 -84.39
C ILE U 78 -60.15 -42.13 -83.49
N PRO U 79 -60.40 -42.20 -82.18
CA PRO U 79 -59.89 -41.15 -81.29
C PRO U 79 -58.37 -41.00 -81.30
N ASP U 80 -57.65 -42.05 -81.67
CA ASP U 80 -56.20 -42.00 -81.77
C ASP U 80 -55.79 -41.30 -83.05
N GLY U 81 -56.64 -41.41 -84.06
CA GLY U 81 -56.46 -40.64 -85.27
C GLY U 81 -56.54 -39.17 -84.93
N ARG U 82 -57.50 -38.80 -84.10
CA ARG U 82 -57.65 -37.39 -83.73
C ARG U 82 -56.51 -36.89 -82.88
N HIS U 83 -56.12 -37.64 -81.86
CA HIS U 83 -54.98 -37.24 -81.04
C HIS U 83 -53.72 -37.12 -81.86
N LEU U 84 -53.59 -37.92 -82.92
CA LEU U 84 -52.39 -37.85 -83.78
C LEU U 84 -52.44 -36.67 -84.69
N VAL U 85 -53.61 -36.43 -85.29
CA VAL U 85 -53.78 -35.28 -86.18
C VAL U 85 -53.67 -33.96 -85.42
N ASN U 86 -54.00 -33.97 -84.14
CA ASN U 86 -53.84 -32.77 -83.33
C ASN U 86 -52.37 -32.44 -83.17
N ARG U 87 -51.60 -33.38 -82.67
CA ARG U 87 -50.16 -33.21 -82.59
C ARG U 87 -49.61 -32.95 -83.99
N GLY U 88 -50.31 -33.40 -85.00
CA GLY U 88 -49.87 -33.11 -86.34
C GLY U 88 -49.91 -31.64 -86.68
N ARG U 89 -50.93 -30.95 -86.19
CA ARG U 89 -51.13 -29.54 -86.50
C ARG U 89 -50.26 -28.61 -85.65
N GLU U 90 -50.05 -28.97 -84.39
CA GLU U 90 -49.22 -28.18 -83.49
C GLU U 90 -47.84 -28.10 -84.10
N GLU U 91 -47.52 -29.13 -84.86
CA GLU U 91 -46.19 -29.34 -85.41
C GLU U 91 -46.12 -28.51 -86.69
N ALA U 92 -47.18 -28.54 -87.47
CA ALA U 92 -47.18 -27.92 -88.78
C ALA U 92 -47.27 -26.42 -88.66
N ALA U 93 -47.59 -25.97 -87.44
CA ALA U 93 -47.76 -24.57 -87.13
C ALA U 93 -46.56 -24.03 -86.37
N SER U 94 -45.85 -24.90 -85.63
CA SER U 94 -44.51 -24.56 -85.15
C SER U 94 -43.66 -24.23 -86.34
N PHE U 95 -43.70 -25.12 -87.33
CA PHE U 95 -42.89 -24.96 -88.53
C PHE U 95 -43.19 -23.67 -89.25
N LYS U 96 -44.44 -23.45 -89.65
CA LYS U 96 -44.82 -22.22 -90.36
C LYS U 96 -44.38 -20.97 -89.58
N LYS U 97 -44.72 -20.88 -88.30
CA LYS U 97 -44.41 -19.71 -87.48
C LYS U 97 -42.96 -19.26 -87.60
N LEU U 98 -42.04 -20.21 -87.58
CA LEU U 98 -40.61 -19.90 -87.63
C LEU U 98 -39.99 -19.82 -89.03
N TYR U 99 -40.31 -20.77 -89.90
CA TYR U 99 -39.75 -20.77 -91.26
C TYR U 99 -40.64 -20.19 -92.38
N LYS U 100 -41.77 -19.57 -92.01
CA LYS U 100 -42.74 -18.91 -92.91
C LYS U 100 -43.45 -19.78 -93.95
N THR U 101 -42.69 -20.57 -94.70
CA THR U 101 -43.30 -21.50 -95.65
C THR U 101 -44.10 -22.54 -94.90
N PRO U 102 -45.27 -22.94 -95.43
CA PRO U 102 -46.08 -23.98 -94.76
C PRO U 102 -45.39 -25.32 -94.89
N ILE U 103 -45.48 -26.16 -93.87
CA ILE U 103 -44.60 -27.32 -93.76
C ILE U 103 -44.68 -28.28 -94.95
N PRO U 104 -43.54 -28.56 -95.59
CA PRO U 104 -43.34 -29.53 -96.69
C PRO U 104 -43.77 -30.95 -96.31
N ILE U 105 -44.41 -31.64 -97.24
CA ILE U 105 -45.00 -32.94 -96.94
C ILE U 105 -43.99 -33.90 -96.31
N PRO U 106 -42.82 -34.04 -96.94
CA PRO U 106 -41.84 -35.00 -96.43
C PRO U 106 -41.37 -34.65 -95.04
N ALA U 107 -41.31 -33.36 -94.75
CA ALA U 107 -40.87 -32.90 -93.44
C ALA U 107 -41.98 -33.08 -92.42
N PHE U 108 -43.22 -32.96 -92.89
CA PHE U 108 -44.37 -33.21 -92.03
C PHE U 108 -44.38 -34.67 -91.64
N ALA U 109 -44.12 -35.54 -92.61
CA ALA U 109 -44.18 -36.96 -92.36
C ALA U 109 -43.18 -37.32 -91.28
N ASP U 110 -41.93 -36.86 -91.44
CA ASP U 110 -40.89 -37.17 -90.46
C ASP U 110 -41.26 -36.73 -89.06
N ARG U 111 -42.26 -35.86 -88.95
CA ARG U 111 -42.57 -35.23 -87.65
C ARG U 111 -43.60 -36.09 -86.96
N LEU U 112 -44.58 -36.57 -87.72
CA LEU U 112 -45.50 -37.60 -87.25
C LEU U 112 -44.76 -38.91 -86.91
N GLY U 113 -43.85 -39.32 -87.80
CA GLY U 113 -43.00 -40.47 -87.60
C GLY U 113 -42.37 -40.47 -86.22
N GLN U 114 -41.73 -39.38 -85.87
CA GLN U 114 -41.13 -39.31 -84.56
C GLN U 114 -42.14 -39.31 -83.39
N TYR U 115 -43.31 -38.66 -83.53
CA TYR U 115 -44.33 -38.72 -82.45
C TYR U 115 -44.74 -40.18 -82.24
N VAL U 116 -45.04 -40.88 -83.34
CA VAL U 116 -45.51 -42.25 -83.23
C VAL U 116 -44.43 -43.14 -82.67
N GLN U 117 -43.27 -43.12 -83.32
CA GLN U 117 -42.11 -43.90 -82.91
C GLN U 117 -41.77 -43.67 -81.44
N ALA U 118 -42.02 -42.47 -80.98
CA ALA U 118 -41.68 -42.14 -79.60
C ALA U 118 -42.73 -42.71 -78.67
N HIS U 119 -43.85 -43.16 -79.23
CA HIS U 119 -44.88 -43.86 -78.44
C HIS U 119 -44.60 -45.35 -78.42
N THR U 120 -43.40 -45.75 -78.84
CA THR U 120 -42.94 -47.14 -78.79
C THR U 120 -41.64 -47.24 -78.00
N LEU U 121 -41.50 -46.43 -76.97
CA LEU U 121 -40.21 -46.33 -76.29
C LEU U 121 -40.31 -46.61 -74.80
N TYR U 122 -41.51 -46.54 -74.24
CA TYR U 122 -41.65 -46.74 -72.81
C TYR U 122 -42.78 -47.70 -72.52
N ASN U 123 -42.60 -48.50 -71.48
CA ASN U 123 -43.60 -49.50 -71.11
C ASN U 123 -44.93 -48.86 -70.75
N SER U 124 -44.92 -47.54 -70.55
CA SER U 124 -46.06 -46.82 -69.97
C SER U 124 -46.87 -45.94 -70.91
N VAL U 125 -46.81 -46.23 -72.20
CA VAL U 125 -47.66 -45.57 -73.19
C VAL U 125 -47.87 -46.53 -74.36
N ARG U 126 -49.10 -46.67 -74.83
CA ARG U 126 -49.35 -47.61 -75.91
C ARG U 126 -49.26 -46.93 -77.25
N PRO U 127 -48.88 -47.70 -78.28
CA PRO U 127 -48.67 -47.23 -79.64
C PRO U 127 -49.97 -46.75 -80.17
N PHE U 128 -49.95 -46.07 -81.29
CA PHE U 128 -51.18 -45.59 -81.87
C PHE U 128 -51.97 -46.75 -82.50
N GLY U 129 -53.29 -46.70 -82.39
CA GLY U 129 -54.13 -47.72 -83.00
C GLY U 129 -54.59 -47.37 -84.39
N VAL U 130 -53.70 -46.76 -85.17
CA VAL U 130 -54.08 -46.33 -86.51
C VAL U 130 -52.89 -46.42 -87.44
N SER U 131 -53.15 -46.76 -88.69
CA SER U 131 -52.21 -46.57 -89.77
C SER U 131 -52.80 -45.34 -90.44
N THR U 132 -51.97 -44.32 -90.66
CA THR U 132 -52.46 -43.05 -91.14
C THR U 132 -51.99 -42.82 -92.58
N ILE U 133 -52.92 -42.47 -93.45
CA ILE U 133 -52.57 -42.12 -94.83
C ILE U 133 -52.74 -40.64 -94.99
N PHE U 134 -51.69 -39.98 -95.45
CA PHE U 134 -51.68 -38.53 -95.54
C PHE U 134 -50.79 -38.06 -96.67
N GLY U 135 -50.93 -36.79 -97.04
CA GLY U 135 -50.17 -36.20 -98.13
C GLY U 135 -50.70 -34.86 -98.57
N GLY U 136 -50.12 -34.33 -99.64
CA GLY U 136 -50.53 -33.04 -100.17
C GLY U 136 -49.61 -32.55 -101.27
N VAL U 137 -49.61 -31.23 -101.49
CA VAL U 137 -48.76 -30.61 -102.51
C VAL U 137 -47.81 -29.57 -101.92
N ASP U 138 -46.52 -29.74 -102.17
CA ASP U 138 -45.54 -28.77 -101.70
C ASP U 138 -44.76 -28.11 -102.85
N LYS U 139 -43.71 -27.37 -102.50
CA LYS U 139 -42.85 -26.74 -103.49
C LYS U 139 -42.45 -27.68 -104.66
N ASN U 140 -42.28 -28.99 -104.42
CA ASN U 140 -41.93 -29.92 -105.52
C ASN U 140 -42.96 -31.00 -105.83
N GLY U 141 -44.21 -30.61 -105.94
CA GLY U 141 -45.22 -31.50 -106.46
C GLY U 141 -46.00 -32.22 -105.39
N ALA U 142 -46.46 -33.42 -105.72
CA ALA U 142 -47.34 -34.17 -104.85
C ALA U 142 -46.61 -35.27 -104.08
N HIS U 143 -47.12 -35.56 -102.88
CA HIS U 143 -46.55 -36.59 -102.04
C HIS U 143 -47.64 -37.34 -101.30
N LEU U 144 -47.61 -38.67 -101.39
CA LEU U 144 -48.51 -39.51 -100.59
C LEU U 144 -47.67 -40.37 -99.67
N TYR U 145 -48.03 -40.37 -98.38
CA TYR U 145 -47.31 -41.11 -97.33
C TYR U 145 -48.27 -42.03 -96.56
N MET U 146 -47.74 -43.09 -95.96
CA MET U 146 -48.49 -43.91 -95.01
C MET U 146 -47.64 -44.27 -93.80
N LEU U 147 -48.25 -44.23 -92.62
CA LEU U 147 -47.50 -44.35 -91.38
C LEU U 147 -48.20 -45.28 -90.38
N GLU U 148 -47.63 -46.48 -90.19
CA GLU U 148 -48.14 -47.47 -89.24
C GLU U 148 -47.68 -47.22 -87.79
N PRO U 149 -48.33 -47.87 -86.82
CA PRO U 149 -48.13 -47.66 -85.40
C PRO U 149 -46.70 -47.80 -84.92
N SER U 150 -45.87 -48.47 -85.72
CA SER U 150 -44.50 -48.70 -85.31
C SER U 150 -43.64 -47.47 -85.49
N GLY U 151 -44.12 -46.58 -86.34
CA GLY U 151 -43.39 -45.38 -86.69
C GLY U 151 -42.93 -45.46 -88.13
N SER U 152 -42.97 -46.65 -88.72
CA SER U 152 -42.63 -46.83 -90.13
C SER U 152 -43.46 -45.92 -91.02
N TYR U 153 -42.84 -45.33 -92.03
CA TYR U 153 -43.56 -44.53 -93.03
C TYR U 153 -42.75 -44.52 -94.30
N TRP U 154 -43.43 -44.55 -95.43
CA TRP U 154 -42.76 -44.45 -96.72
C TRP U 154 -43.69 -43.70 -97.66
N GLY U 155 -43.14 -43.29 -98.80
CA GLY U 155 -43.92 -42.59 -99.81
C GLY U 155 -44.45 -43.56 -100.84
N TYR U 156 -45.75 -43.51 -101.06
CA TYR U 156 -46.39 -44.44 -101.96
C TYR U 156 -46.97 -43.76 -103.20
N LYS U 157 -47.10 -44.54 -104.28
CA LYS U 157 -47.85 -44.15 -105.48
C LYS U 157 -49.35 -44.29 -105.18
N GLY U 158 -49.68 -45.29 -104.36
CA GLY U 158 -51.00 -45.43 -103.80
C GLY U 158 -50.86 -46.17 -102.50
N ALA U 159 -51.88 -46.14 -101.65
CA ALA U 159 -51.79 -46.87 -100.39
C ALA U 159 -53.15 -47.20 -99.85
N ALA U 160 -53.21 -48.27 -99.07
CA ALA U 160 -54.43 -48.69 -98.42
C ALA U 160 -54.14 -49.23 -97.03
N THR U 161 -55.16 -49.22 -96.19
CA THR U 161 -55.08 -49.82 -94.88
C THR U 161 -56.48 -49.93 -94.32
N GLY U 162 -56.75 -50.99 -93.57
CA GLY U 162 -58.10 -51.27 -93.12
C GLY U 162 -58.52 -52.69 -93.47
N LYS U 163 -59.75 -53.06 -93.11
CA LYS U 163 -60.25 -54.40 -93.37
C LYS U 163 -60.08 -54.76 -94.83
N GLY U 164 -60.39 -53.82 -95.71
CA GLY U 164 -60.26 -54.05 -97.14
C GLY U 164 -58.88 -53.74 -97.65
N ARG U 165 -57.87 -53.91 -96.80
CA ARG U 165 -56.49 -53.62 -97.20
C ARG U 165 -56.05 -54.40 -98.45
N GLN U 166 -55.91 -55.73 -98.36
CA GLN U 166 -55.36 -56.54 -99.47
C GLN U 166 -56.16 -56.33 -100.75
N SER U 167 -57.44 -56.05 -100.61
CA SER U 167 -58.34 -55.90 -101.76
C SER U 167 -58.10 -54.62 -102.57
N ALA U 168 -58.00 -53.49 -101.88
CA ALA U 168 -57.69 -52.22 -102.51
C ALA U 168 -56.27 -52.18 -103.06
N LYS U 169 -55.31 -52.58 -102.22
CA LYS U 169 -53.91 -52.66 -102.64
C LYS U 169 -53.77 -53.32 -104.00
N ALA U 170 -54.70 -54.22 -104.33
CA ALA U 170 -54.61 -54.99 -105.56
C ALA U 170 -55.22 -54.26 -106.75
N GLU U 171 -56.32 -53.55 -106.52
CA GLU U 171 -56.88 -52.67 -107.55
C GLU U 171 -55.98 -51.46 -107.76
N LEU U 172 -55.30 -51.05 -106.69
CA LEU U 172 -54.35 -49.94 -106.72
C LEU U 172 -53.17 -50.29 -107.61
N GLU U 173 -52.67 -51.52 -107.48
CA GLU U 173 -51.53 -51.96 -108.27
C GLU U 173 -51.92 -52.07 -109.74
N LYS U 174 -53.22 -52.19 -109.98
CA LYS U 174 -53.74 -52.34 -111.33
C LYS U 174 -53.62 -51.03 -112.12
N LEU U 175 -53.81 -49.91 -111.43
CA LEU U 175 -53.72 -48.60 -112.06
C LEU U 175 -52.27 -48.16 -112.28
N VAL U 176 -51.44 -48.33 -111.26
CA VAL U 176 -50.01 -48.07 -111.38
C VAL U 176 -49.41 -48.89 -112.53
N ASP U 177 -50.10 -49.97 -112.88
CA ASP U 177 -49.67 -50.84 -113.97
C ASP U 177 -50.11 -50.28 -115.33
N HIS U 178 -51.40 -49.96 -115.46
CA HIS U 178 -51.97 -49.45 -116.71
C HIS U 178 -51.46 -48.04 -117.04
N HIS U 179 -51.56 -47.14 -116.08
CA HIS U 179 -51.12 -45.76 -116.27
C HIS U 179 -49.91 -45.43 -115.40
N PRO U 180 -48.69 -45.63 -115.92
CA PRO U 180 -47.47 -45.34 -115.18
C PRO U 180 -47.26 -43.86 -114.86
N GLU U 181 -47.75 -42.97 -115.71
CA GLU U 181 -47.56 -41.52 -115.55
C GLU U 181 -48.49 -40.91 -114.51
N GLY U 182 -49.25 -41.77 -113.83
CA GLY U 182 -50.21 -41.33 -112.84
C GLY U 182 -51.53 -40.95 -113.48
N LEU U 183 -52.60 -41.01 -112.70
CA LEU U 183 -53.92 -40.62 -113.16
C LEU U 183 -54.08 -39.10 -113.22
N SER U 184 -55.14 -38.65 -113.88
CA SER U 184 -55.50 -37.24 -113.86
C SER U 184 -56.14 -36.90 -112.51
N ALA U 185 -55.98 -35.67 -112.05
CA ALA U 185 -56.57 -35.30 -110.77
C ALA U 185 -58.03 -35.74 -110.69
N ARG U 186 -58.80 -35.46 -111.73
CA ARG U 186 -60.22 -35.83 -111.74
C ARG U 186 -60.45 -37.34 -111.79
N GLU U 187 -59.66 -38.04 -112.61
CA GLU U 187 -59.82 -39.50 -112.78
C GLU U 187 -59.52 -40.22 -111.47
N ALA U 188 -58.45 -39.81 -110.80
CA ALA U 188 -58.08 -40.41 -109.53
C ALA U 188 -59.24 -40.39 -108.55
N VAL U 189 -60.12 -39.41 -108.67
CA VAL U 189 -61.25 -39.32 -107.78
C VAL U 189 -62.31 -40.32 -108.13
N LYS U 190 -62.59 -40.45 -109.43
CA LYS U 190 -63.57 -41.44 -109.88
C LYS U 190 -63.12 -42.83 -109.43
N GLN U 191 -61.83 -43.11 -109.60
CA GLN U 191 -61.28 -44.42 -109.29
C GLN U 191 -61.24 -44.72 -107.79
N ALA U 192 -60.87 -43.75 -106.97
CA ALA U 192 -60.85 -43.97 -105.53
C ALA U 192 -62.23 -44.42 -105.07
N ALA U 193 -63.26 -43.92 -105.73
CA ALA U 193 -64.63 -44.23 -105.37
C ALA U 193 -64.95 -45.66 -105.78
N LYS U 194 -64.40 -46.09 -106.91
CA LYS U 194 -64.52 -47.48 -107.30
C LYS U 194 -63.89 -48.34 -106.21
N ILE U 195 -62.63 -48.07 -105.91
CA ILE U 195 -61.85 -48.92 -105.03
C ILE U 195 -62.47 -49.10 -103.64
N ILE U 196 -63.08 -48.05 -103.11
CA ILE U 196 -63.75 -48.16 -101.83
C ILE U 196 -64.97 -49.05 -101.95
N TYR U 197 -65.77 -48.81 -102.99
CA TYR U 197 -66.98 -49.60 -103.22
C TYR U 197 -66.66 -51.10 -103.27
N LEU U 198 -65.48 -51.45 -103.80
CA LEU U 198 -65.05 -52.84 -103.87
C LEU U 198 -64.59 -53.39 -102.54
N ALA U 199 -63.64 -52.71 -101.92
CA ALA U 199 -63.11 -53.15 -100.63
C ALA U 199 -64.18 -53.12 -99.56
N HIS U 200 -65.43 -52.95 -99.97
CA HIS U 200 -66.54 -52.96 -99.02
C HIS U 200 -67.14 -54.36 -98.92
N GLU U 201 -66.93 -55.18 -99.95
CA GLU U 201 -67.40 -56.56 -99.94
C GLU U 201 -66.76 -57.37 -98.82
N ASP U 202 -65.69 -56.83 -98.24
CA ASP U 202 -65.00 -57.46 -97.11
C ASP U 202 -65.62 -57.01 -95.78
N ASN U 203 -66.73 -56.28 -95.87
CA ASN U 203 -67.41 -55.74 -94.70
C ASN U 203 -68.88 -55.53 -95.06
N LYS U 204 -69.39 -56.30 -96.02
CA LYS U 204 -70.67 -56.00 -96.68
C LYS U 204 -71.89 -56.09 -95.77
N GLU U 205 -71.67 -56.45 -94.51
CA GLU U 205 -72.75 -56.59 -93.54
C GLU U 205 -73.53 -55.29 -93.33
N LYS U 206 -72.81 -54.23 -92.98
CA LYS U 206 -73.42 -52.93 -92.72
C LYS U 206 -73.37 -52.04 -93.97
N ASP U 207 -74.10 -50.93 -93.92
CA ASP U 207 -74.12 -49.98 -95.03
C ASP U 207 -73.07 -48.86 -94.88
N PHE U 208 -72.88 -48.05 -95.93
CA PHE U 208 -71.82 -47.04 -95.88
C PHE U 208 -71.99 -45.80 -96.77
N GLU U 209 -71.43 -44.67 -96.29
CA GLU U 209 -71.27 -43.45 -97.08
C GLU U 209 -69.84 -43.39 -97.55
N LEU U 210 -69.63 -42.83 -98.73
CA LEU U 210 -68.29 -42.55 -99.19
C LEU U 210 -67.90 -41.12 -98.78
N GLU U 211 -66.61 -40.87 -98.69
CA GLU U 211 -66.11 -39.55 -98.36
C GLU U 211 -64.81 -39.39 -99.12
N ILE U 212 -64.71 -38.34 -99.93
CA ILE U 212 -63.49 -38.07 -100.67
C ILE U 212 -63.04 -36.64 -100.46
N SER U 213 -61.74 -36.46 -100.35
CA SER U 213 -61.13 -35.14 -100.36
C SER U 213 -59.94 -35.20 -101.29
N TRP U 214 -59.46 -34.04 -101.73
CA TRP U 214 -58.29 -34.00 -102.59
C TRP U 214 -57.50 -32.71 -102.47
N CYS U 215 -56.28 -32.77 -102.99
CA CYS U 215 -55.40 -31.63 -102.98
C CYS U 215 -54.74 -31.67 -104.35
N SER U 216 -55.14 -30.77 -105.25
CA SER U 216 -54.62 -30.75 -106.60
C SER U 216 -54.13 -29.38 -107.03
N LEU U 217 -52.95 -29.36 -107.64
CA LEU U 217 -52.29 -28.12 -108.04
C LEU U 217 -53.02 -27.46 -109.19
N SER U 218 -54.00 -28.14 -109.74
CA SER U 218 -54.73 -27.62 -110.89
C SER U 218 -56.22 -27.48 -110.61
N GLU U 219 -56.76 -28.39 -109.80
CA GLU U 219 -58.18 -28.45 -109.56
C GLU U 219 -58.62 -27.81 -108.24
N THR U 220 -57.67 -27.57 -107.34
CA THR U 220 -57.95 -26.79 -106.13
C THR U 220 -56.79 -25.89 -105.78
N ASN U 221 -56.09 -25.43 -106.81
CA ASN U 221 -54.92 -24.57 -106.66
C ASN U 221 -54.08 -24.83 -105.41
N GLY U 222 -53.67 -26.09 -105.21
CA GLY U 222 -52.73 -26.44 -104.16
C GLY U 222 -53.29 -26.69 -102.78
N LEU U 223 -54.56 -26.34 -102.56
CA LEU U 223 -55.22 -26.49 -101.27
C LEU U 223 -55.98 -27.79 -101.14
N HIS U 224 -56.39 -28.08 -99.92
CA HIS U 224 -57.09 -29.32 -99.61
C HIS U 224 -58.57 -29.08 -99.39
N LYS U 225 -59.32 -29.06 -100.48
CA LYS U 225 -60.77 -28.97 -100.45
C LYS U 225 -61.38 -30.39 -100.43
N PHE U 226 -62.62 -30.53 -99.94
CA PHE U 226 -63.34 -31.81 -100.02
C PHE U 226 -64.01 -31.97 -101.37
N VAL U 227 -64.38 -33.21 -101.71
CA VAL U 227 -65.15 -33.46 -102.91
C VAL U 227 -66.62 -33.58 -102.56
N LYS U 228 -67.45 -32.71 -103.16
CA LYS U 228 -68.85 -32.57 -102.78
C LYS U 228 -69.81 -32.35 -103.95
N GLY U 229 -71.09 -32.49 -103.65
CA GLY U 229 -72.15 -32.20 -104.59
C GLY U 229 -72.09 -32.96 -105.90
N ASP U 230 -72.01 -32.23 -107.01
CA ASP U 230 -72.08 -32.81 -108.35
C ASP U 230 -70.91 -33.72 -108.64
N LEU U 231 -69.73 -33.32 -108.21
CA LEU U 231 -68.55 -34.11 -108.51
C LEU U 231 -68.51 -35.38 -107.64
N LEU U 232 -69.22 -35.36 -106.51
CA LEU U 232 -69.27 -36.54 -105.65
C LEU U 232 -70.22 -37.57 -106.24
N GLN U 233 -71.35 -37.10 -106.75
CA GLN U 233 -72.28 -37.99 -107.42
C GLN U 233 -71.63 -38.49 -108.71
N GLU U 234 -70.84 -37.63 -109.35
CA GLU U 234 -70.10 -38.02 -110.55
C GLU U 234 -69.43 -39.37 -110.33
N ALA U 235 -68.86 -39.54 -109.14
CA ALA U 235 -68.06 -40.71 -108.83
C ALA U 235 -68.85 -41.82 -108.15
N ILE U 236 -69.79 -41.46 -107.30
CA ILE U 236 -70.67 -42.45 -106.69
C ILE U 236 -71.39 -43.22 -107.81
N ASP U 237 -71.71 -42.52 -108.89
CA ASP U 237 -72.43 -43.12 -110.02
C ASP U 237 -71.49 -43.93 -110.91
N PHE U 238 -70.19 -43.67 -110.80
CA PHE U 238 -69.18 -44.38 -111.59
C PHE U 238 -68.83 -45.67 -110.88
N ALA U 239 -68.96 -45.68 -109.57
CA ALA U 239 -68.72 -46.90 -108.82
C ALA U 239 -69.86 -47.89 -109.05
N GLN U 240 -71.09 -47.42 -108.91
CA GLN U 240 -72.26 -48.27 -109.12
C GLN U 240 -72.18 -48.98 -110.47
N LYS U 241 -71.60 -48.31 -111.46
CA LYS U 241 -71.50 -48.86 -112.82
C LYS U 241 -70.41 -49.92 -112.98
N GLU U 242 -69.43 -49.88 -112.08
CA GLU U 242 -68.36 -50.86 -112.14
C GLU U 242 -68.48 -51.88 -111.00
N ILE U 243 -69.64 -51.90 -110.37
CA ILE U 243 -69.94 -52.89 -109.33
C ILE U 243 -70.99 -53.84 -109.91
N ASN U 244 -71.71 -53.34 -110.92
CA ASN U 244 -72.79 -54.09 -111.57
C ASN U 244 -72.43 -54.52 -112.98
N ALA V 1 -23.03 1.50 -88.89
CA ALA V 1 -22.35 0.99 -90.09
C ALA V 1 -22.76 1.70 -91.41
N SER V 2 -22.77 1.00 -92.55
CA SER V 2 -23.24 1.61 -93.82
C SER V 2 -23.38 0.57 -94.95
N ILE V 3 -24.54 -0.07 -95.07
CA ILE V 3 -24.71 -1.28 -95.89
C ILE V 3 -25.94 -1.27 -96.80
N MET V 4 -25.88 -2.09 -97.85
CA MET V 4 -26.95 -2.15 -98.84
C MET V 4 -26.92 -3.48 -99.63
N ALA V 5 -28.03 -3.83 -100.27
CA ALA V 5 -28.11 -5.01 -101.15
C ALA V 5 -29.01 -4.79 -102.36
N VAL V 6 -28.56 -5.24 -103.52
CA VAL V 6 -29.22 -4.94 -104.77
C VAL V 6 -29.46 -6.21 -105.57
N THR V 7 -30.64 -6.30 -106.20
CA THR V 7 -30.96 -7.42 -107.07
C THR V 7 -30.83 -7.10 -108.55
N PHE V 8 -30.57 -8.14 -109.34
CA PHE V 8 -30.52 -7.95 -110.77
C PHE V 8 -30.86 -9.18 -111.61
N LYS V 9 -30.50 -9.08 -112.88
CA LYS V 9 -30.84 -10.06 -113.90
C LYS V 9 -30.31 -11.45 -113.53
N ASP V 10 -29.08 -11.49 -113.03
CA ASP V 10 -28.37 -12.73 -112.73
C ASP V 10 -28.42 -13.18 -111.25
N GLY V 11 -28.88 -12.30 -110.35
CA GLY V 11 -28.95 -12.63 -108.94
C GLY V 11 -29.11 -11.49 -107.95
N VAL V 12 -28.16 -11.41 -107.01
CA VAL V 12 -28.17 -10.40 -105.94
C VAL V 12 -26.75 -10.06 -105.53
N ILE V 13 -26.50 -8.80 -105.16
CA ILE V 13 -25.17 -8.36 -104.69
C ILE V 13 -25.23 -7.63 -103.35
N LEU V 14 -24.36 -8.00 -102.43
CA LEU V 14 -24.37 -7.41 -101.10
C LEU V 14 -23.17 -6.51 -101.01
N GLY V 15 -23.34 -5.37 -100.34
CA GLY V 15 -22.28 -4.40 -100.19
C GLY V 15 -22.24 -3.76 -98.82
N ALA V 16 -21.04 -3.38 -98.37
CA ALA V 16 -20.91 -2.77 -97.06
C ALA V 16 -19.59 -2.04 -96.91
N ASP V 17 -19.48 -1.22 -95.88
CA ASP V 17 -18.22 -0.62 -95.52
C ASP V 17 -17.54 -1.60 -94.58
N SER V 18 -16.52 -1.14 -93.87
CA SER V 18 -15.80 -2.01 -92.95
C SER V 18 -15.40 -1.28 -91.66
N ARG V 19 -16.22 -0.34 -91.20
CA ARG V 19 -15.78 0.46 -90.10
C ARG V 19 -16.67 0.31 -88.90
N THR V 20 -16.21 -0.44 -87.91
CA THR V 20 -16.90 -0.45 -86.63
C THR V 20 -16.25 0.55 -85.68
N THR V 21 -17.05 1.51 -85.21
CA THR V 21 -16.53 2.54 -84.32
C THR V 21 -17.14 2.41 -82.96
N THR V 22 -16.32 2.50 -81.94
CA THR V 22 -16.83 2.75 -80.60
C THR V 22 -16.38 4.15 -80.22
N GLY V 23 -17.32 5.09 -80.25
CA GLY V 23 -16.99 6.49 -80.02
C GLY V 23 -16.51 7.22 -81.26
N ALA V 24 -15.36 7.87 -81.12
CA ALA V 24 -14.74 8.56 -82.22
C ALA V 24 -13.63 7.72 -82.77
N TYR V 25 -13.35 6.61 -82.08
CA TYR V 25 -12.25 5.71 -82.42
C TYR V 25 -12.69 4.56 -83.33
N ILE V 26 -11.94 4.34 -84.39
CA ILE V 26 -12.20 3.24 -85.29
C ILE V 26 -11.52 2.01 -84.70
N ALA V 27 -12.29 1.14 -84.05
CA ALA V 27 -11.69 0.01 -83.34
C ALA V 27 -11.20 -1.07 -84.29
N ASN V 28 -11.92 -1.21 -85.39
CA ASN V 28 -11.50 -2.09 -86.47
C ASN V 28 -11.85 -1.42 -87.78
N ARG V 29 -10.88 -1.31 -88.68
CA ARG V 29 -11.14 -0.65 -89.96
C ARG V 29 -11.18 -1.64 -91.12
N VAL V 30 -11.37 -2.91 -90.81
CA VAL V 30 -11.44 -3.92 -91.85
C VAL V 30 -12.55 -4.98 -91.64
N THR V 31 -13.56 -4.61 -90.86
CA THR V 31 -14.68 -5.46 -90.51
C THR V 31 -15.38 -6.13 -91.70
N ASP V 32 -15.65 -7.43 -91.55
CA ASP V 32 -16.41 -8.16 -92.53
C ASP V 32 -17.91 -8.11 -92.21
N LYS V 33 -18.58 -7.06 -92.66
CA LYS V 33 -19.97 -6.87 -92.33
C LYS V 33 -20.89 -7.71 -93.21
N LEU V 34 -20.29 -8.43 -94.15
CA LEU V 34 -21.02 -9.39 -94.97
C LEU V 34 -20.86 -10.78 -94.36
N THR V 35 -21.94 -11.29 -93.80
CA THR V 35 -21.86 -12.50 -93.02
C THR V 35 -22.70 -13.61 -93.65
N ARG V 36 -22.21 -14.84 -93.58
CA ARG V 36 -22.80 -15.94 -94.34
C ARG V 36 -23.59 -16.89 -93.45
N VAL V 37 -24.87 -17.07 -93.78
CA VAL V 37 -25.73 -18.04 -93.08
C VAL V 37 -26.04 -19.29 -93.91
N HIS V 38 -25.61 -19.30 -95.17
CA HIS V 38 -25.79 -20.47 -96.03
C HIS V 38 -25.19 -20.29 -97.43
N ASP V 39 -24.84 -21.39 -98.09
CA ASP V 39 -24.21 -21.35 -99.41
C ASP V 39 -24.47 -20.04 -100.12
N LYS V 40 -25.73 -19.84 -100.51
CA LYS V 40 -26.12 -18.63 -101.23
C LYS V 40 -27.22 -17.80 -100.53
N ILE V 41 -27.13 -17.69 -99.21
CA ILE V 41 -27.93 -16.77 -98.40
C ILE V 41 -27.02 -16.03 -97.40
N TRP V 42 -26.76 -14.75 -97.64
CA TRP V 42 -25.91 -13.97 -96.73
C TRP V 42 -26.70 -12.82 -96.14
N CYS V 43 -26.12 -12.17 -95.12
CA CYS V 43 -26.72 -11.00 -94.49
C CYS V 43 -25.78 -9.79 -94.49
N CYS V 44 -26.33 -8.60 -94.23
CA CYS V 44 -25.54 -7.40 -93.98
C CYS V 44 -25.80 -6.95 -92.55
N ARG V 45 -24.74 -6.85 -91.75
CA ARG V 45 -24.89 -6.50 -90.34
C ARG V 45 -24.66 -5.01 -90.06
N SER V 46 -25.44 -4.49 -89.13
CA SER V 46 -25.38 -3.10 -88.76
C SER V 46 -26.08 -2.96 -87.42
N GLY V 47 -25.54 -2.14 -86.55
CA GLY V 47 -26.05 -2.09 -85.20
C GLY V 47 -24.97 -2.66 -84.30
N SER V 48 -25.36 -3.17 -83.15
CA SER V 48 -24.39 -3.72 -82.22
C SER V 48 -23.67 -4.86 -82.89
N ALA V 49 -22.34 -4.86 -82.82
CA ALA V 49 -21.60 -5.93 -83.44
C ALA V 49 -21.90 -7.16 -82.63
N ALA V 50 -22.09 -6.97 -81.34
CA ALA V 50 -22.30 -8.12 -80.46
C ALA V 50 -23.67 -8.75 -80.67
N ASP V 51 -24.64 -7.93 -81.07
CA ASP V 51 -26.00 -8.39 -81.28
C ASP V 51 -26.12 -9.00 -82.67
N THR V 52 -25.68 -8.29 -83.69
CA THR V 52 -25.78 -8.85 -85.04
C THR V 52 -24.95 -10.12 -85.15
N GLN V 53 -23.80 -10.16 -84.49
CA GLN V 53 -22.99 -11.37 -84.53
C GLN V 53 -23.75 -12.53 -83.90
N ALA V 54 -24.29 -12.32 -82.71
CA ALA V 54 -24.93 -13.40 -81.98
C ALA V 54 -26.09 -13.96 -82.78
N ILE V 55 -26.85 -13.09 -83.42
CA ILE V 55 -28.01 -13.48 -84.19
C ILE V 55 -27.65 -14.29 -85.41
N ALA V 56 -26.77 -13.75 -86.24
CA ALA V 56 -26.34 -14.48 -87.41
C ALA V 56 -25.77 -15.84 -87.03
N ASP V 57 -24.94 -15.89 -85.99
CA ASP V 57 -24.44 -17.14 -85.43
C ASP V 57 -25.58 -18.15 -85.14
N ILE V 58 -26.66 -17.66 -84.54
CA ILE V 58 -27.80 -18.49 -84.15
C ILE V 58 -28.68 -18.84 -85.35
N VAL V 59 -28.69 -17.99 -86.36
CA VAL V 59 -29.40 -18.31 -87.59
C VAL V 59 -28.61 -19.30 -88.41
N GLN V 60 -27.28 -19.21 -88.38
CA GLN V 60 -26.44 -20.10 -89.19
C GLN V 60 -26.75 -21.51 -88.78
N TYR V 61 -27.00 -21.68 -87.48
CA TYR V 61 -27.37 -22.95 -86.88
C TYR V 61 -28.76 -23.37 -87.34
N HIS V 62 -29.78 -22.59 -87.00
CA HIS V 62 -31.14 -22.97 -87.36
C HIS V 62 -31.22 -23.49 -88.78
N LEU V 63 -30.45 -22.88 -89.66
CA LEU V 63 -30.45 -23.22 -91.07
C LEU V 63 -29.59 -24.44 -91.39
N GLU V 64 -28.48 -24.62 -90.67
CA GLU V 64 -27.70 -25.85 -90.84
C GLU V 64 -28.52 -27.08 -90.45
N LEU V 65 -29.39 -26.89 -89.46
CA LEU V 65 -30.25 -27.95 -88.97
C LEU V 65 -31.45 -28.15 -89.88
N TYR V 66 -31.99 -27.05 -90.38
CA TYR V 66 -33.08 -27.11 -91.35
C TYR V 66 -32.62 -27.85 -92.59
N THR V 67 -31.36 -27.63 -92.98
CA THR V 67 -30.81 -28.34 -94.13
C THR V 67 -30.73 -29.84 -93.81
N SER V 68 -30.23 -30.18 -92.63
CA SER V 68 -30.06 -31.58 -92.23
C SER V 68 -31.33 -32.38 -92.46
N GLN V 69 -32.42 -31.87 -91.89
CA GLN V 69 -33.71 -32.55 -91.93
C GLN V 69 -34.45 -32.32 -93.23
N TYR V 70 -34.85 -31.07 -93.44
CA TYR V 70 -35.87 -30.71 -94.42
C TYR V 70 -35.35 -30.30 -95.81
N GLY V 71 -34.06 -29.99 -95.91
CA GLY V 71 -33.45 -29.66 -97.20
C GLY V 71 -32.90 -28.25 -97.34
N THR V 72 -32.84 -27.75 -98.58
CA THR V 72 -32.27 -26.44 -98.84
C THR V 72 -33.33 -25.39 -98.55
N PRO V 73 -32.94 -24.29 -97.86
CA PRO V 73 -33.83 -23.26 -97.30
C PRO V 73 -34.11 -22.11 -98.26
N SER V 74 -35.38 -21.73 -98.44
CA SER V 74 -35.71 -20.61 -99.31
C SER V 74 -35.07 -19.35 -98.74
N THR V 75 -34.76 -18.38 -99.59
CA THR V 75 -34.21 -17.13 -99.07
C THR V 75 -35.21 -16.52 -98.12
N GLU V 76 -36.49 -16.63 -98.51
CA GLU V 76 -37.58 -16.24 -97.64
C GLU V 76 -37.43 -16.77 -96.20
N THR V 77 -36.98 -18.01 -96.05
CA THR V 77 -36.97 -18.67 -94.74
C THR V 77 -35.91 -18.06 -93.87
N ALA V 78 -34.73 -17.83 -94.45
CA ALA V 78 -33.65 -17.19 -93.73
C ALA V 78 -34.20 -15.91 -93.12
N ALA V 79 -34.90 -15.12 -93.92
CA ALA V 79 -35.49 -13.90 -93.42
C ALA V 79 -36.42 -14.16 -92.23
N SER V 80 -37.31 -15.13 -92.36
CA SER V 80 -38.23 -15.41 -91.26
C SER V 80 -37.52 -15.78 -89.96
N VAL V 81 -36.39 -16.49 -90.05
CA VAL V 81 -35.66 -16.85 -88.84
C VAL V 81 -35.01 -15.62 -88.23
N PHE V 82 -34.58 -14.69 -89.08
CA PHE V 82 -34.04 -13.44 -88.58
C PHE V 82 -35.17 -12.67 -87.89
N LYS V 83 -36.27 -12.37 -88.61
CA LYS V 83 -37.38 -11.63 -87.99
C LYS V 83 -37.82 -12.24 -86.68
N GLU V 84 -37.88 -13.55 -86.62
CA GLU V 84 -38.47 -14.15 -85.45
C GLU V 84 -37.56 -13.80 -84.26
N LEU V 85 -36.25 -13.84 -84.45
CA LEU V 85 -35.30 -13.47 -83.40
C LEU V 85 -35.35 -11.98 -83.00
N CYS V 86 -35.29 -11.11 -84.00
CA CYS V 86 -35.27 -9.67 -83.82
C CYS V 86 -36.55 -9.10 -83.22
N TYR V 87 -37.70 -9.58 -83.68
CA TYR V 87 -39.00 -9.11 -83.20
C TYR V 87 -39.29 -9.66 -81.80
N GLU V 88 -39.04 -10.95 -81.59
CA GLU V 88 -39.49 -11.59 -80.36
C GLU V 88 -38.54 -11.20 -79.25
N ASN V 89 -37.47 -10.52 -79.65
CA ASN V 89 -36.45 -10.03 -78.72
C ASN V 89 -36.17 -8.52 -78.84
N LYS V 90 -37.12 -7.76 -79.33
CA LYS V 90 -36.91 -6.33 -79.62
C LYS V 90 -36.42 -5.54 -78.42
N ASP V 91 -36.96 -5.82 -77.25
CA ASP V 91 -36.67 -5.02 -76.07
C ASP V 91 -35.17 -4.99 -75.74
N ASN V 92 -34.42 -6.02 -76.16
CA ASN V 92 -33.01 -6.19 -75.78
C ASN V 92 -32.04 -6.26 -76.94
N LEU V 93 -32.42 -5.76 -78.11
CA LEU V 93 -31.53 -5.81 -79.25
C LEU V 93 -31.50 -4.50 -80.02
N THR V 94 -30.37 -4.25 -80.64
CA THR V 94 -30.23 -3.10 -81.50
C THR V 94 -29.57 -3.60 -82.77
N ALA V 95 -30.38 -4.10 -83.68
CA ALA V 95 -29.83 -4.65 -84.90
C ALA V 95 -30.75 -4.43 -86.05
N GLY V 96 -30.14 -3.98 -87.15
CA GLY V 96 -30.82 -3.77 -88.41
C GLY V 96 -30.10 -4.58 -89.46
N ILE V 97 -30.82 -5.48 -90.10
CA ILE V 97 -30.20 -6.51 -90.91
C ILE V 97 -30.81 -6.58 -92.27
N ILE V 98 -29.97 -6.93 -93.25
CA ILE V 98 -30.42 -7.14 -94.61
C ILE V 98 -30.05 -8.54 -95.01
N VAL V 99 -31.07 -9.34 -95.34
CA VAL V 99 -30.86 -10.71 -95.73
C VAL V 99 -31.02 -10.75 -97.23
N ALA V 100 -30.10 -11.39 -97.92
CA ALA V 100 -30.16 -11.45 -99.36
C ALA V 100 -29.66 -12.79 -99.83
N GLY V 101 -30.28 -13.33 -100.87
CA GLY V 101 -29.86 -14.60 -101.41
C GLY V 101 -30.42 -14.96 -102.78
N TYR V 102 -29.83 -16.00 -103.35
CA TYR V 102 -30.19 -16.46 -104.69
C TYR V 102 -30.66 -17.90 -104.65
N ASP V 103 -31.90 -18.14 -105.06
CA ASP V 103 -32.32 -19.48 -105.44
C ASP V 103 -32.48 -19.47 -106.95
N ASP V 104 -32.98 -20.55 -107.54
CA ASP V 104 -33.05 -20.63 -109.00
C ASP V 104 -34.37 -20.12 -109.52
N LYS V 105 -35.41 -20.26 -108.70
CA LYS V 105 -36.74 -19.86 -109.12
C LYS V 105 -36.80 -18.35 -109.27
N ASN V 106 -36.63 -17.64 -108.15
CA ASN V 106 -36.80 -16.18 -108.08
C ASN V 106 -35.54 -15.36 -108.39
N LYS V 107 -34.39 -16.00 -108.26
CA LYS V 107 -33.10 -15.39 -108.55
C LYS V 107 -32.77 -14.37 -107.48
N GLY V 108 -32.90 -13.08 -107.81
CA GLY V 108 -32.59 -12.05 -106.85
C GLY V 108 -33.72 -11.78 -105.89
N GLU V 109 -33.45 -11.99 -104.59
CA GLU V 109 -34.40 -11.68 -103.50
C GLU V 109 -33.74 -10.91 -102.35
N VAL V 110 -34.38 -9.85 -101.86
CA VAL V 110 -33.81 -9.07 -100.75
C VAL V 110 -34.83 -8.63 -99.69
N TYR V 111 -34.52 -8.91 -98.43
CA TYR V 111 -35.39 -8.63 -97.29
C TYR V 111 -34.64 -7.76 -96.30
N THR V 112 -35.22 -6.63 -95.91
CA THR V 112 -34.62 -5.74 -94.93
C THR V 112 -35.41 -5.78 -93.64
N ILE V 113 -34.69 -6.00 -92.54
CA ILE V 113 -35.28 -6.09 -91.22
C ILE V 113 -34.78 -4.92 -90.38
N PRO V 114 -35.58 -3.85 -90.32
CA PRO V 114 -35.34 -2.63 -89.56
C PRO V 114 -35.23 -2.97 -88.09
N LEU V 115 -35.28 -1.97 -87.22
CA LEU V 115 -35.02 -2.22 -85.82
C LEU V 115 -36.20 -2.89 -85.16
N GLY V 116 -37.37 -2.32 -85.40
CA GLY V 116 -38.60 -2.91 -84.86
C GLY V 116 -38.56 -4.43 -84.85
N GLY V 117 -38.27 -5.00 -86.00
CA GLY V 117 -38.34 -6.42 -86.17
C GLY V 117 -39.27 -6.71 -87.33
N SER V 118 -39.86 -5.66 -87.88
CA SER V 118 -40.64 -5.77 -89.09
C SER V 118 -39.81 -6.36 -90.21
N VAL V 119 -40.45 -6.83 -91.28
CA VAL V 119 -39.71 -7.38 -92.43
C VAL V 119 -40.29 -6.87 -93.71
N HIS V 120 -39.41 -6.46 -94.62
CA HIS V 120 -39.86 -5.81 -95.82
C HIS V 120 -39.12 -6.36 -97.01
N LYS V 121 -39.83 -6.97 -97.97
CA LYS V 121 -39.17 -7.47 -99.17
C LYS V 121 -39.04 -6.31 -100.16
N LEU V 122 -37.89 -6.20 -100.80
CA LEU V 122 -37.62 -5.09 -101.71
C LEU V 122 -36.61 -5.50 -102.78
N PRO V 123 -36.58 -4.72 -103.88
CA PRO V 123 -35.65 -4.86 -105.00
C PRO V 123 -34.23 -4.52 -104.57
N TYR V 124 -34.08 -3.53 -103.71
CA TYR V 124 -32.80 -3.14 -103.13
C TYR V 124 -33.12 -2.56 -101.79
N ALA V 125 -32.16 -2.58 -100.87
CA ALA V 125 -32.40 -1.93 -99.59
C ALA V 125 -31.13 -1.40 -99.03
N ILE V 126 -31.20 -0.21 -98.44
CA ILE V 126 -30.06 0.38 -97.77
C ILE V 126 -30.37 0.46 -96.28
N ALA V 127 -29.32 0.51 -95.46
CA ALA V 127 -29.44 0.57 -94.01
C ALA V 127 -28.11 0.98 -93.39
N GLY V 128 -27.99 0.85 -92.07
CA GLY V 128 -26.79 1.29 -91.38
C GLY V 128 -26.69 2.80 -91.21
N SER V 129 -25.91 3.25 -90.23
CA SER V 129 -25.80 4.69 -89.94
C SER V 129 -25.74 5.61 -91.17
N GLY V 130 -24.77 5.38 -92.06
CA GLY V 130 -24.60 6.25 -93.20
C GLY V 130 -25.56 6.06 -94.38
N SER V 131 -26.71 5.43 -94.14
CA SER V 131 -27.64 5.22 -95.26
C SER V 131 -28.34 6.51 -95.53
N THR V 132 -28.54 7.31 -94.49
CA THR V 132 -29.37 8.51 -94.58
C THR V 132 -28.96 9.38 -95.75
N PHE V 133 -27.69 9.32 -96.14
CA PHE V 133 -27.18 10.27 -97.11
C PHE V 133 -27.37 9.82 -98.57
N ILE V 134 -27.82 8.59 -98.76
CA ILE V 134 -27.91 8.10 -100.11
C ILE V 134 -29.30 7.67 -100.52
N TYR V 135 -30.28 7.87 -99.64
CA TYR V 135 -31.66 7.63 -100.03
C TYR V 135 -31.94 8.42 -101.30
N GLY V 136 -31.32 9.58 -101.41
CA GLY V 136 -31.45 10.39 -102.59
C GLY V 136 -30.75 9.81 -103.78
N TYR V 137 -29.46 9.50 -103.65
CA TYR V 137 -28.71 8.98 -104.79
C TYR V 137 -29.29 7.69 -105.33
N CYS V 138 -29.64 6.79 -104.41
CA CYS V 138 -30.13 5.45 -104.78
C CYS V 138 -31.49 5.50 -105.50
N ASP V 139 -32.49 6.13 -104.91
CA ASP V 139 -33.80 6.21 -105.56
C ASP V 139 -33.73 6.74 -106.98
N LYS V 140 -32.72 7.56 -107.26
CA LYS V 140 -32.59 8.19 -108.57
C LYS V 140 -31.79 7.32 -109.52
N ASN V 141 -30.78 6.65 -109.00
CA ASN V 141 -29.88 5.86 -109.83
C ASN V 141 -30.13 4.33 -109.90
N PHE V 142 -31.09 3.82 -109.15
CA PHE V 142 -31.39 2.38 -109.21
C PHE V 142 -32.32 2.02 -110.37
N ARG V 143 -32.09 0.85 -110.96
CA ARG V 143 -32.92 0.26 -112.00
C ARG V 143 -33.08 -1.24 -111.76
N GLU V 144 -34.21 -1.80 -112.17
CA GLU V 144 -34.41 -3.24 -112.07
C GLU V 144 -33.63 -3.98 -113.16
N ASN V 145 -33.29 -5.24 -112.90
CA ASN V 145 -32.70 -6.06 -113.96
C ASN V 145 -31.42 -5.48 -114.53
N MET V 146 -30.54 -4.99 -113.67
CA MET V 146 -29.25 -4.49 -114.13
C MET V 146 -28.29 -5.61 -114.48
N SER V 147 -27.23 -5.29 -115.22
CA SER V 147 -26.17 -6.27 -115.50
C SER V 147 -25.21 -6.39 -114.32
N LYS V 148 -24.38 -7.42 -114.29
CA LYS V 148 -23.54 -7.65 -113.14
C LYS V 148 -22.68 -6.43 -112.85
N GLU V 149 -21.91 -5.97 -113.83
CA GLU V 149 -20.99 -4.87 -113.58
C GLU V 149 -21.73 -3.52 -113.45
N GLU V 150 -22.96 -3.43 -113.97
CA GLU V 150 -23.81 -2.25 -113.78
C GLU V 150 -24.13 -2.10 -112.29
N THR V 151 -24.38 -3.24 -111.64
CA THR V 151 -24.79 -3.29 -110.24
C THR V 151 -23.60 -3.10 -109.31
N VAL V 152 -22.45 -3.65 -109.67
CA VAL V 152 -21.23 -3.40 -108.91
C VAL V 152 -20.97 -1.90 -108.85
N ASP V 153 -21.11 -1.26 -110.00
CA ASP V 153 -20.91 0.18 -110.08
C ASP V 153 -21.95 0.93 -109.25
N PHE V 154 -23.23 0.63 -109.44
CA PHE V 154 -24.25 1.25 -108.60
C PHE V 154 -23.93 1.16 -107.11
N ILE V 155 -23.32 0.07 -106.68
CA ILE V 155 -23.04 -0.10 -105.27
C ILE V 155 -21.81 0.69 -104.91
N LYS V 156 -20.79 0.64 -105.76
CA LYS V 156 -19.54 1.34 -105.53
C LYS V 156 -19.77 2.85 -105.34
N HIS V 157 -20.62 3.43 -106.18
CA HIS V 157 -20.96 4.83 -106.05
C HIS V 157 -21.78 5.12 -104.80
N SER V 158 -22.89 4.45 -104.63
CA SER V 158 -23.72 4.66 -103.46
C SER V 158 -22.90 4.64 -102.18
N LEU V 159 -22.00 3.69 -102.08
CA LEU V 159 -21.25 3.50 -100.86
C LEU V 159 -20.06 4.43 -100.76
N SER V 160 -19.55 4.85 -101.92
CA SER V 160 -18.50 5.88 -101.98
C SER V 160 -19.02 7.14 -101.29
N GLN V 161 -20.30 7.46 -101.52
CA GLN V 161 -20.97 8.62 -100.92
C GLN V 161 -21.21 8.46 -99.43
N ALA V 162 -22.01 7.48 -99.05
CA ALA V 162 -22.22 7.19 -97.64
C ALA V 162 -20.97 7.37 -96.76
N ILE V 163 -19.79 7.04 -97.28
CA ILE V 163 -18.54 7.04 -96.49
C ILE V 163 -17.85 8.41 -96.40
N LYS V 164 -18.04 9.15 -97.50
CA LYS V 164 -17.66 10.54 -97.63
C LYS V 164 -18.35 11.33 -96.55
N TRP V 165 -19.66 11.18 -96.46
CA TRP V 165 -20.48 11.95 -95.54
C TRP V 165 -20.61 11.40 -94.11
N ASP V 166 -20.38 10.11 -93.92
CA ASP V 166 -20.48 9.50 -92.59
C ASP V 166 -19.12 9.19 -91.90
N GLY V 167 -19.09 9.49 -90.62
CA GLY V 167 -17.88 9.41 -89.85
C GLY V 167 -17.90 8.05 -89.21
N SER V 168 -19.11 7.48 -89.16
CA SER V 168 -19.33 6.17 -88.56
C SER V 168 -19.26 5.10 -89.63
N SER V 169 -18.82 5.50 -90.81
CA SER V 169 -18.68 4.62 -91.95
C SER V 169 -17.38 4.92 -92.69
N GLY V 170 -16.87 3.90 -93.35
CA GLY V 170 -15.57 3.95 -93.99
C GLY V 170 -14.84 2.62 -94.01
N GLY V 171 -13.53 2.69 -94.21
CA GLY V 171 -12.71 1.51 -94.48
C GLY V 171 -12.66 1.15 -95.97
N VAL V 172 -12.57 -0.13 -96.28
CA VAL V 172 -12.71 -0.58 -97.65
C VAL V 172 -14.18 -0.89 -97.93
N ILE V 173 -14.52 -1.00 -99.21
CA ILE V 173 -15.86 -1.42 -99.59
C ILE V 173 -15.85 -2.90 -99.98
N ARG V 174 -16.57 -3.71 -99.21
CA ARG V 174 -16.71 -5.14 -99.47
C ARG V 174 -17.97 -5.40 -100.24
N MET V 175 -17.89 -6.30 -101.20
CA MET V 175 -19.07 -6.79 -101.87
C MET V 175 -19.07 -8.32 -101.87
N VAL V 176 -20.24 -8.90 -102.11
CA VAL V 176 -20.37 -10.33 -102.26
C VAL V 176 -21.42 -10.61 -103.30
N VAL V 177 -21.01 -11.19 -104.42
CA VAL V 177 -21.91 -11.49 -105.53
C VAL V 177 -22.46 -12.91 -105.48
N LEU V 178 -23.78 -13.02 -105.49
CA LEU V 178 -24.46 -14.28 -105.32
C LEU V 178 -25.20 -14.64 -106.60
N THR V 179 -24.66 -15.57 -107.38
CA THR V 179 -25.32 -16.04 -108.61
C THR V 179 -25.32 -17.54 -108.71
N ALA V 180 -25.88 -18.04 -109.80
CA ALA V 180 -25.91 -19.47 -110.01
C ALA V 180 -24.49 -20.02 -110.04
N ALA V 181 -23.61 -19.29 -110.70
CA ALA V 181 -22.25 -19.75 -110.92
C ALA V 181 -21.39 -19.67 -109.68
N GLY V 182 -21.93 -19.10 -108.60
CA GLY V 182 -21.25 -19.22 -107.34
C GLY V 182 -21.13 -17.94 -106.56
N VAL V 183 -20.26 -18.00 -105.56
CA VAL V 183 -20.05 -16.90 -104.65
C VAL V 183 -18.72 -16.22 -104.98
N GLU V 184 -18.78 -14.92 -105.29
CA GLU V 184 -17.60 -14.09 -105.60
C GLU V 184 -17.49 -12.93 -104.65
N ARG V 185 -16.39 -12.85 -103.90
CA ARG V 185 -16.18 -11.79 -102.95
C ARG V 185 -15.41 -10.65 -103.57
N LEU V 186 -15.92 -9.42 -103.42
CA LEU V 186 -15.26 -8.23 -103.98
C LEU V 186 -14.65 -7.32 -102.91
N ILE V 187 -13.65 -6.54 -103.33
CA ILE V 187 -13.08 -5.51 -102.47
C ILE V 187 -12.61 -4.36 -103.32
N PHE V 188 -12.96 -3.16 -102.88
CA PHE V 188 -12.49 -1.94 -103.52
C PHE V 188 -11.87 -1.03 -102.48
N TYR V 189 -10.70 -0.47 -102.80
CA TYR V 189 -9.90 0.23 -101.80
C TYR V 189 -10.15 1.75 -101.86
N PRO V 190 -9.71 2.49 -100.83
CA PRO V 190 -10.00 3.91 -100.78
C PRO V 190 -9.43 4.68 -101.96
N ASP V 191 -8.19 4.39 -102.34
CA ASP V 191 -7.60 5.11 -103.46
C ASP V 191 -8.48 5.08 -104.70
N GLU V 192 -9.52 4.23 -104.68
CA GLU V 192 -10.37 4.00 -105.86
C GLU V 192 -11.76 4.60 -105.77
N TYR V 193 -12.43 4.37 -104.65
CA TYR V 193 -13.83 4.76 -104.51
C TYR V 193 -13.99 6.24 -104.18
N GLU V 194 -12.90 6.86 -103.72
CA GLU V 194 -12.91 8.28 -103.37
C GLU V 194 -12.84 9.16 -104.62
N GLN V 195 -12.08 8.69 -105.60
CA GLN V 195 -11.90 9.40 -106.86
C GLN V 195 -13.12 9.28 -107.78
N LEU V 196 -14.33 9.29 -107.22
CA LEU V 196 -15.55 9.11 -108.02
C LEU V 196 -16.53 10.28 -107.90
N THR W 1 -4.57 -0.30 -68.68
CA THR W 1 -3.95 -1.52 -69.20
C THR W 1 -3.64 -1.44 -70.70
N THR W 2 -2.48 -1.93 -71.13
CA THR W 2 -2.18 -2.03 -72.57
C THR W 2 -1.89 -3.46 -73.03
N ILE W 3 -2.64 -3.97 -74.00
CA ILE W 3 -2.38 -5.29 -74.58
C ILE W 3 -2.49 -5.29 -76.10
N VAL W 4 -1.65 -6.09 -76.76
CA VAL W 4 -1.68 -6.19 -78.20
C VAL W 4 -1.40 -7.61 -78.72
N GLY W 5 -1.77 -7.88 -79.95
CA GLY W 5 -1.46 -9.14 -80.58
C GLY W 5 -0.94 -8.87 -81.98
N VAL W 6 -0.06 -9.73 -82.46
CA VAL W 6 0.55 -9.53 -83.77
C VAL W 6 0.79 -10.86 -84.47
N LYS W 7 0.19 -11.03 -85.63
CA LYS W 7 0.35 -12.25 -86.41
C LYS W 7 1.65 -12.16 -87.21
N PHE W 8 2.41 -13.25 -87.23
CA PHE W 8 3.52 -13.38 -88.17
C PHE W 8 3.39 -14.65 -89.04
N ASN W 9 4.41 -14.94 -89.84
CA ASN W 9 4.31 -15.99 -90.87
C ASN W 9 4.05 -17.41 -90.35
N ASN W 10 4.72 -17.77 -89.27
CA ASN W 10 4.61 -19.12 -88.76
C ASN W 10 4.06 -19.10 -87.34
N GLY W 11 3.09 -18.22 -87.08
CA GLY W 11 2.54 -18.14 -85.74
C GLY W 11 1.90 -16.81 -85.37
N VAL W 12 2.01 -16.46 -84.10
CA VAL W 12 1.40 -15.24 -83.57
C VAL W 12 2.00 -14.98 -82.19
N VAL W 13 2.06 -13.71 -81.81
CA VAL W 13 2.65 -13.27 -80.55
C VAL W 13 1.73 -12.28 -79.88
N ILE W 14 1.60 -12.36 -78.56
CA ILE W 14 0.73 -11.43 -77.83
C ILE W 14 1.47 -10.88 -76.63
N ALA W 15 1.23 -9.61 -76.32
CA ALA W 15 1.99 -8.90 -75.30
C ALA W 15 1.12 -8.01 -74.42
N ALA W 16 1.64 -7.67 -73.25
CA ALA W 16 0.87 -6.90 -72.27
C ALA W 16 1.81 -6.11 -71.37
N ASP W 17 1.27 -5.14 -70.64
CA ASP W 17 2.05 -4.46 -69.63
C ASP W 17 1.77 -5.15 -68.33
N THR W 18 2.14 -4.55 -67.20
CA THR W 18 2.04 -5.23 -65.93
C THR W 18 1.46 -4.40 -64.80
N ARG W 19 0.78 -3.32 -65.13
CA ARG W 19 0.29 -2.40 -64.09
C ARG W 19 -1.20 -2.50 -63.83
N SER W 20 -1.59 -2.74 -62.59
CA SER W 20 -3.01 -2.81 -62.28
C SER W 20 -3.40 -1.65 -61.39
N THR W 21 -4.35 -0.85 -61.88
CA THR W 21 -4.74 0.39 -61.22
C THR W 21 -6.14 0.31 -60.61
N GLN W 22 -6.22 0.56 -59.31
CA GLN W 22 -7.49 0.81 -58.65
C GLN W 22 -7.64 2.32 -58.59
N GLY W 23 -8.44 2.89 -59.49
CA GLY W 23 -8.51 4.34 -59.57
C GLY W 23 -7.19 4.92 -60.07
N PRO W 24 -6.54 5.79 -59.25
CA PRO W 24 -5.29 6.48 -59.53
C PRO W 24 -4.08 5.79 -58.89
N ILE W 25 -4.32 4.76 -58.11
CA ILE W 25 -3.28 4.05 -57.38
C ILE W 25 -2.86 2.76 -58.12
N VAL W 26 -1.60 2.38 -57.94
CA VAL W 26 -1.09 1.16 -58.56
C VAL W 26 -1.00 0.06 -57.53
N ALA W 27 -1.87 -0.95 -57.64
CA ALA W 27 -1.93 -1.99 -56.62
C ALA W 27 -0.91 -3.12 -56.85
N ASP W 28 -0.82 -3.64 -58.06
CA ASP W 28 0.27 -4.56 -58.39
C ASP W 28 1.07 -3.82 -59.45
N LYS W 29 2.37 -3.68 -59.22
CA LYS W 29 3.22 -3.08 -60.24
C LYS W 29 3.65 -4.17 -61.21
N ASN W 30 3.27 -5.41 -60.91
CA ASN W 30 3.65 -6.51 -61.78
C ASN W 30 2.74 -7.72 -61.64
N CYS W 31 1.52 -7.62 -62.16
CA CYS W 31 0.65 -8.77 -62.23
C CYS W 31 0.66 -9.13 -63.69
N ALA W 32 0.63 -10.41 -64.01
CA ALA W 32 0.72 -10.81 -65.40
C ALA W 32 -0.66 -10.71 -65.92
N LYS W 33 -0.79 -10.12 -67.10
CA LYS W 33 -2.09 -9.97 -67.74
C LYS W 33 -2.16 -11.00 -68.85
N LEU W 34 -1.18 -11.91 -68.86
CA LEU W 34 -1.14 -12.98 -69.84
C LEU W 34 -1.71 -14.31 -69.29
N HIS W 35 -2.83 -14.73 -69.86
CA HIS W 35 -3.61 -15.82 -69.30
C HIS W 35 -3.59 -17.04 -70.22
N ARG W 36 -3.49 -18.24 -69.65
CA ARG W 36 -3.40 -19.46 -70.44
C ARG W 36 -4.74 -20.17 -70.49
N ILE W 37 -5.21 -20.47 -71.70
CA ILE W 37 -6.48 -21.17 -71.86
C ILE W 37 -6.25 -22.65 -72.17
N SER W 38 -5.27 -22.90 -73.02
CA SER W 38 -4.83 -24.25 -73.34
C SER W 38 -3.33 -24.12 -73.54
N PRO W 39 -2.61 -25.24 -73.55
CA PRO W 39 -1.17 -25.12 -73.77
C PRO W 39 -0.79 -24.10 -74.84
N LYS W 40 -1.38 -24.16 -76.02
CA LYS W 40 -0.95 -23.26 -77.07
C LYS W 40 -2.04 -22.28 -77.48
N ILE W 41 -2.90 -21.90 -76.53
CA ILE W 41 -3.92 -20.86 -76.71
C ILE W 41 -3.92 -19.92 -75.51
N TRP W 42 -3.34 -18.74 -75.70
CA TRP W 42 -3.21 -17.75 -74.61
C TRP W 42 -3.98 -16.51 -74.98
N CYS W 43 -4.29 -15.68 -74.00
CA CYS W 43 -5.06 -14.46 -74.24
C CYS W 43 -4.68 -13.36 -73.27
N ALA W 44 -4.84 -12.11 -73.69
CA ALA W 44 -4.45 -10.95 -72.90
C ALA W 44 -5.65 -10.27 -72.27
N GLY W 45 -5.57 -10.02 -70.97
CA GLY W 45 -6.71 -9.53 -70.23
C GLY W 45 -6.66 -8.06 -69.86
N ALA W 46 -7.71 -7.33 -70.23
CA ALA W 46 -7.85 -5.92 -69.91
C ALA W 46 -9.28 -5.60 -69.54
N GLY W 47 -9.47 -4.88 -68.45
CA GLY W 47 -10.80 -4.62 -67.94
C GLY W 47 -10.80 -4.93 -66.47
N THR W 48 -11.93 -5.47 -65.98
CA THR W 48 -12.00 -5.90 -64.59
C THR W 48 -11.02 -7.04 -64.30
N ALA W 49 -10.01 -6.75 -63.52
CA ALA W 49 -9.00 -7.74 -63.22
C ALA W 49 -9.64 -9.10 -63.04
N ALA W 50 -10.57 -9.17 -62.11
CA ALA W 50 -11.18 -10.44 -61.72
C ALA W 50 -11.85 -11.19 -62.87
N ASP W 51 -12.47 -10.47 -63.79
CA ASP W 51 -13.25 -11.12 -64.82
C ASP W 51 -12.41 -11.71 -65.93
N THR W 52 -11.30 -11.08 -66.26
CA THR W 52 -10.46 -11.71 -67.24
C THR W 52 -9.89 -13.02 -66.70
N GLU W 53 -9.58 -13.04 -65.40
CA GLU W 53 -9.09 -14.26 -64.78
C GLU W 53 -10.19 -15.31 -64.74
N ALA W 54 -11.32 -14.98 -64.11
CA ALA W 54 -12.39 -15.94 -63.90
C ALA W 54 -12.91 -16.56 -65.19
N VAL W 55 -13.22 -15.72 -66.16
CA VAL W 55 -13.73 -16.18 -67.43
C VAL W 55 -12.67 -16.89 -68.25
N THR W 56 -11.40 -16.73 -67.89
CA THR W 56 -10.34 -17.49 -68.52
C THR W 56 -10.26 -18.86 -67.85
N GLN W 57 -10.14 -18.85 -66.52
CA GLN W 57 -10.10 -20.08 -65.76
C GLN W 57 -11.21 -21.02 -66.23
N LEU W 58 -12.37 -20.46 -66.57
CA LEU W 58 -13.55 -21.23 -66.95
C LEU W 58 -13.46 -21.79 -68.36
N ILE W 59 -13.52 -20.93 -69.36
CA ILE W 59 -13.42 -21.38 -70.74
C ILE W 59 -12.24 -22.32 -70.95
N GLY W 60 -11.22 -22.16 -70.14
CA GLY W 60 -10.03 -22.97 -70.28
C GLY W 60 -10.21 -24.35 -69.68
N SER W 61 -10.94 -24.40 -68.57
CA SER W 61 -11.36 -25.66 -67.96
C SER W 61 -12.32 -26.44 -68.87
N ASN W 62 -13.41 -25.83 -69.31
CA ASN W 62 -14.32 -26.44 -70.29
C ASN W 62 -13.60 -26.91 -71.53
N ILE W 63 -12.68 -26.08 -72.04
CA ILE W 63 -11.89 -26.41 -73.22
C ILE W 63 -10.91 -27.55 -72.97
N GLU W 64 -10.46 -27.71 -71.73
CA GLU W 64 -9.58 -28.82 -71.40
C GLU W 64 -10.34 -30.12 -71.45
N LEU W 65 -11.51 -30.12 -70.83
CA LEU W 65 -12.40 -31.29 -70.81
C LEU W 65 -12.86 -31.67 -72.22
N HIS W 66 -12.92 -30.69 -73.10
CA HIS W 66 -13.42 -30.92 -74.45
C HIS W 66 -12.37 -31.53 -75.34
N SER W 67 -11.11 -31.11 -75.15
CA SER W 67 -9.97 -31.75 -75.84
C SER W 67 -9.79 -33.21 -75.44
N LEU W 68 -10.45 -33.61 -74.36
CA LEU W 68 -10.34 -34.96 -73.83
C LEU W 68 -11.49 -35.86 -74.32
N TYR W 69 -12.69 -35.30 -74.45
CA TYR W 69 -13.83 -36.02 -75.03
C TYR W 69 -13.52 -36.32 -76.48
N THR W 70 -12.94 -35.35 -77.15
CA THR W 70 -12.73 -35.41 -78.60
C THR W 70 -11.36 -35.96 -78.99
N SER W 71 -10.51 -36.22 -77.99
CA SER W 71 -9.19 -36.77 -78.28
C SER W 71 -8.47 -35.91 -79.32
N ARG W 72 -8.66 -34.60 -79.21
CA ARG W 72 -8.20 -33.62 -80.22
C ARG W 72 -7.60 -32.36 -79.61
N GLU W 73 -6.57 -31.83 -80.24
CA GLU W 73 -5.95 -30.59 -79.79
C GLU W 73 -6.98 -29.46 -79.84
N PRO W 74 -6.99 -28.62 -78.79
CA PRO W 74 -7.96 -27.53 -78.61
C PRO W 74 -7.71 -26.42 -79.61
N ARG W 75 -8.78 -25.89 -80.19
CA ARG W 75 -8.67 -24.91 -81.27
C ARG W 75 -8.97 -23.49 -80.80
N VAL W 76 -8.26 -22.53 -81.36
CA VAL W 76 -8.48 -21.15 -80.96
C VAL W 76 -9.95 -20.82 -81.18
N VAL W 77 -10.42 -21.16 -82.36
CA VAL W 77 -11.77 -20.80 -82.72
C VAL W 77 -12.85 -21.39 -81.77
N SER W 78 -12.51 -22.42 -80.99
CA SER W 78 -13.41 -22.93 -79.95
C SER W 78 -13.44 -21.97 -78.78
N ALA W 79 -12.26 -21.61 -78.29
CA ALA W 79 -12.16 -20.72 -77.13
C ALA W 79 -12.83 -19.41 -77.42
N LEU W 80 -12.85 -19.04 -78.69
CA LEU W 80 -13.50 -17.81 -79.10
C LEU W 80 -15.01 -17.94 -78.94
N GLN W 81 -15.57 -18.93 -79.63
CA GLN W 81 -17.00 -19.14 -79.61
C GLN W 81 -17.58 -19.39 -78.22
N MET W 82 -16.83 -19.99 -77.33
CA MET W 82 -17.36 -20.23 -76.00
C MET W 82 -17.29 -18.94 -75.18
N LEU W 83 -16.23 -18.17 -75.34
CA LEU W 83 -16.09 -16.88 -74.66
C LEU W 83 -17.09 -15.88 -75.17
N LYS W 84 -17.15 -15.72 -76.49
CA LYS W 84 -18.17 -14.90 -77.12
C LYS W 84 -19.56 -15.13 -76.52
N GLN W 85 -20.00 -16.38 -76.51
CA GLN W 85 -21.36 -16.68 -76.12
C GLN W 85 -21.63 -16.59 -74.62
N HIS W 86 -20.58 -16.69 -73.82
CA HIS W 86 -20.72 -16.55 -72.37
C HIS W 86 -20.89 -15.10 -72.02
N LEU W 87 -20.02 -14.27 -72.59
CA LEU W 87 -20.03 -12.86 -72.28
C LEU W 87 -21.35 -12.23 -72.67
N PHE W 88 -21.93 -12.77 -73.73
CA PHE W 88 -23.15 -12.24 -74.30
C PHE W 88 -24.40 -12.66 -73.55
N LYS W 89 -24.38 -13.89 -73.03
CA LYS W 89 -25.43 -14.33 -72.12
C LYS W 89 -25.57 -13.24 -71.07
N TYR W 90 -24.43 -12.64 -70.69
CA TYR W 90 -24.35 -11.73 -69.55
C TYR W 90 -24.38 -10.25 -69.96
N GLN W 91 -25.22 -9.91 -70.94
CA GLN W 91 -25.49 -8.52 -71.38
C GLN W 91 -24.38 -7.46 -71.13
N GLY W 92 -23.12 -7.86 -71.23
CA GLY W 92 -22.04 -6.95 -71.01
C GLY W 92 -21.62 -6.77 -69.54
N HIS W 93 -22.38 -7.33 -68.62
CA HIS W 93 -22.12 -7.12 -67.19
C HIS W 93 -20.81 -7.79 -66.71
N ILE W 94 -20.15 -8.52 -67.60
CA ILE W 94 -18.86 -9.15 -67.28
C ILE W 94 -17.78 -8.40 -68.03
N GLY W 95 -16.85 -7.80 -67.29
CA GLY W 95 -15.99 -6.79 -67.86
C GLY W 95 -14.68 -7.28 -68.44
N ALA W 96 -14.78 -8.17 -69.44
CA ALA W 96 -13.59 -8.73 -70.06
C ALA W 96 -13.39 -8.21 -71.46
N TYR W 97 -12.18 -7.74 -71.75
CA TYR W 97 -11.81 -7.34 -73.10
C TYR W 97 -10.52 -8.08 -73.41
N LEU W 98 -10.59 -9.04 -74.31
CA LEU W 98 -9.48 -9.97 -74.48
C LEU W 98 -8.89 -9.96 -75.88
N ILE W 99 -7.59 -10.22 -75.97
CA ILE W 99 -7.01 -10.60 -77.23
C ILE W 99 -6.70 -12.06 -77.09
N VAL W 100 -7.35 -12.87 -77.92
CA VAL W 100 -7.27 -14.33 -77.87
C VAL W 100 -6.51 -14.79 -79.09
N ALA W 101 -5.41 -15.51 -78.89
CA ALA W 101 -4.58 -15.99 -79.98
C ALA W 101 -4.01 -17.37 -79.69
N GLY W 102 -3.55 -18.04 -80.73
CA GLY W 102 -2.91 -19.31 -80.54
C GLY W 102 -2.65 -20.11 -81.80
N VAL W 103 -2.14 -21.31 -81.60
CA VAL W 103 -2.00 -22.28 -82.67
C VAL W 103 -2.73 -23.59 -82.39
N ASP W 104 -3.48 -24.04 -83.40
CA ASP W 104 -4.16 -25.30 -83.37
C ASP W 104 -3.83 -25.94 -84.70
N PRO W 105 -4.25 -27.18 -84.89
CA PRO W 105 -4.19 -27.92 -86.15
C PRO W 105 -4.66 -27.15 -87.41
N THR W 106 -5.27 -25.98 -87.28
CA THR W 106 -5.70 -25.24 -88.48
C THR W 106 -4.80 -24.04 -88.86
N GLY W 107 -3.80 -23.76 -88.03
CA GLY W 107 -2.87 -22.69 -88.33
C GLY W 107 -2.75 -21.66 -87.23
N SER W 108 -2.39 -20.43 -87.59
CA SER W 108 -2.27 -19.34 -86.63
C SER W 108 -3.55 -18.51 -86.62
N HIS W 109 -4.00 -18.13 -85.43
CA HIS W 109 -5.21 -17.35 -85.29
C HIS W 109 -5.03 -16.20 -84.31
N LEU W 110 -5.68 -15.07 -84.59
CA LEU W 110 -5.62 -13.92 -83.71
C LEU W 110 -6.94 -13.16 -83.70
N PHE W 111 -7.59 -13.12 -82.53
CA PHE W 111 -8.93 -12.57 -82.37
C PHE W 111 -8.99 -11.67 -81.15
N SER W 112 -10.00 -10.79 -81.12
CA SER W 112 -10.23 -9.93 -79.96
C SER W 112 -11.70 -10.01 -79.57
N ILE W 113 -11.97 -10.06 -78.27
CA ILE W 113 -13.34 -10.26 -77.79
C ILE W 113 -13.66 -9.12 -76.86
N HIS W 114 -14.79 -8.43 -77.11
CA HIS W 114 -15.20 -7.32 -76.26
C HIS W 114 -16.28 -7.80 -75.30
N ALA W 115 -16.46 -7.11 -74.20
CA ALA W 115 -17.31 -7.57 -73.11
C ALA W 115 -18.75 -7.87 -73.51
N HIS W 116 -19.26 -7.16 -74.50
CA HIS W 116 -20.66 -7.32 -74.83
C HIS W 116 -20.84 -8.53 -75.70
N GLY W 117 -19.72 -9.11 -76.14
CA GLY W 117 -19.72 -10.29 -76.99
C GLY W 117 -19.33 -10.17 -78.48
N SER W 118 -18.85 -9.02 -78.91
CA SER W 118 -18.37 -8.83 -80.27
C SER W 118 -16.99 -9.47 -80.42
N THR W 119 -16.71 -10.00 -81.61
CA THR W 119 -15.37 -10.50 -81.92
C THR W 119 -14.81 -9.89 -83.21
N ASP W 120 -13.49 -9.76 -83.25
CA ASP W 120 -12.84 -9.15 -84.39
C ASP W 120 -11.72 -10.11 -84.78
N VAL W 121 -11.55 -10.36 -86.06
CA VAL W 121 -10.41 -11.13 -86.53
C VAL W 121 -9.50 -10.16 -87.21
N GLY W 122 -8.19 -10.30 -86.97
CA GLY W 122 -7.21 -9.42 -87.56
C GLY W 122 -5.79 -9.93 -87.54
N TYR W 123 -4.88 -9.08 -88.02
CA TYR W 123 -3.47 -9.36 -88.04
C TYR W 123 -2.74 -8.57 -86.95
N TYR W 124 -3.22 -7.38 -86.63
CA TYR W 124 -2.78 -6.68 -85.43
C TYR W 124 -3.97 -6.08 -84.69
N LEU W 125 -3.92 -6.17 -83.37
CA LEU W 125 -5.02 -5.77 -82.53
C LEU W 125 -4.50 -5.13 -81.25
N SER W 126 -5.26 -4.22 -80.66
CA SER W 126 -4.89 -3.68 -79.35
C SER W 126 -6.13 -3.30 -78.58
N LEU W 127 -6.08 -3.44 -77.27
CA LEU W 127 -7.21 -3.18 -76.38
C LEU W 127 -6.74 -2.51 -75.09
N GLY W 128 -7.65 -1.84 -74.39
CA GLY W 128 -7.31 -1.26 -73.10
C GLY W 128 -6.99 0.22 -73.13
N SER W 129 -6.62 0.76 -71.97
CA SER W 129 -6.40 2.20 -71.85
C SER W 129 -5.24 2.76 -72.68
N GLY W 130 -4.30 1.91 -73.07
CA GLY W 130 -3.23 2.38 -73.93
C GLY W 130 -3.45 1.87 -75.32
N SER W 131 -4.67 1.46 -75.59
CA SER W 131 -5.02 0.90 -76.87
C SER W 131 -4.53 1.81 -77.96
N LEU W 132 -4.67 3.11 -77.74
CA LEU W 132 -4.46 4.05 -78.83
C LEU W 132 -2.99 4.35 -79.05
N ALA W 133 -2.22 4.38 -77.97
CA ALA W 133 -0.79 4.55 -78.11
C ALA W 133 -0.21 3.38 -78.90
N ALA W 134 -0.55 2.17 -78.50
CA ALA W 134 -0.03 0.96 -79.12
C ALA W 134 -0.43 0.87 -80.57
N MET W 135 -1.71 1.09 -80.85
CA MET W 135 -2.20 0.96 -82.20
C MET W 135 -1.54 1.96 -83.13
N ALA W 136 -1.00 3.03 -82.57
CA ALA W 136 -0.33 4.05 -83.37
C ALA W 136 1.02 3.53 -83.78
N VAL W 137 1.67 2.80 -82.89
CA VAL W 137 2.92 2.15 -83.26
C VAL W 137 2.63 1.10 -84.31
N LEU W 138 1.70 0.22 -84.00
CA LEU W 138 1.37 -0.89 -84.87
C LEU W 138 1.04 -0.43 -86.29
N GLU W 139 0.32 0.69 -86.40
CA GLU W 139 -0.13 1.13 -87.72
C GLU W 139 0.99 1.71 -88.55
N SER W 140 2.13 1.96 -87.92
CA SER W 140 3.26 2.58 -88.58
C SER W 140 4.35 1.59 -88.96
N HIS W 141 4.38 0.45 -88.30
CA HIS W 141 5.51 -0.45 -88.45
C HIS W 141 5.14 -1.87 -88.89
N TRP W 142 3.87 -2.12 -89.16
CA TRP W 142 3.46 -3.47 -89.53
C TRP W 142 3.37 -3.65 -91.04
N LYS W 143 4.14 -4.62 -91.53
CA LYS W 143 4.06 -5.05 -92.93
C LYS W 143 3.58 -6.50 -92.94
N GLN W 144 3.05 -6.94 -94.07
CA GLN W 144 2.58 -8.32 -94.16
C GLN W 144 3.77 -9.27 -94.07
N ASP W 145 3.61 -10.37 -93.34
CA ASP W 145 4.63 -11.43 -93.27
C ASP W 145 5.85 -11.07 -92.44
N LEU W 146 5.64 -10.76 -91.17
CA LEU W 146 6.77 -10.48 -90.29
C LEU W 146 7.58 -11.73 -90.04
N THR W 147 8.59 -11.63 -89.19
CA THR W 147 9.36 -12.78 -88.72
C THR W 147 9.22 -12.91 -87.22
N LYS W 148 9.61 -14.04 -86.65
CA LYS W 148 9.47 -14.21 -85.20
C LYS W 148 10.06 -13.00 -84.49
N GLU W 149 11.31 -12.66 -84.75
CA GLU W 149 11.95 -11.58 -83.99
C GLU W 149 11.45 -10.17 -84.33
N GLU W 150 11.00 -9.96 -85.56
CA GLU W 150 10.42 -8.66 -85.94
C GLU W 150 9.11 -8.48 -85.17
N ALA W 151 8.25 -9.48 -85.24
CA ALA W 151 6.93 -9.44 -84.60
C ALA W 151 7.01 -9.28 -83.09
N ILE W 152 8.08 -9.74 -82.48
CA ILE W 152 8.22 -9.57 -81.05
C ILE W 152 8.66 -8.15 -80.78
N LYS W 153 9.70 -7.68 -81.46
CA LYS W 153 10.10 -6.27 -81.32
C LYS W 153 8.85 -5.40 -81.45
N LEU W 154 8.06 -5.64 -82.48
CA LEU W 154 6.86 -4.84 -82.71
C LEU W 154 5.84 -4.85 -81.58
N ALA W 155 5.56 -6.01 -81.00
CA ALA W 155 4.58 -6.01 -79.93
C ALA W 155 5.14 -5.35 -78.70
N SER W 156 6.40 -5.58 -78.41
CA SER W 156 7.03 -4.96 -77.24
C SER W 156 7.20 -3.45 -77.44
N ASP W 157 7.61 -3.04 -78.63
CA ASP W 157 7.58 -1.63 -79.01
C ASP W 157 6.18 -1.04 -78.75
N ALA W 158 5.13 -1.76 -79.11
CA ALA W 158 3.78 -1.23 -79.02
C ALA W 158 3.25 -1.22 -77.60
N ILE W 159 3.86 -2.03 -76.73
CA ILE W 159 3.45 -2.04 -75.33
C ILE W 159 4.16 -0.92 -74.65
N GLN W 160 5.40 -0.65 -75.06
CA GLN W 160 6.09 0.47 -74.46
C GLN W 160 5.30 1.75 -74.71
N ALA W 161 4.99 2.02 -75.97
CA ALA W 161 4.16 3.16 -76.32
C ALA W 161 3.04 3.34 -75.33
N GLY W 162 2.49 2.25 -74.85
CA GLY W 162 1.40 2.34 -73.90
C GLY W 162 1.93 2.76 -72.56
N ILE W 163 2.94 2.04 -72.09
CA ILE W 163 3.53 2.25 -70.77
C ILE W 163 3.78 3.73 -70.47
N TRP W 164 4.59 4.32 -71.35
CA TRP W 164 5.02 5.69 -71.24
C TRP W 164 3.87 6.68 -71.40
N ASN W 165 3.31 6.72 -72.60
CA ASN W 165 2.29 7.66 -73.02
C ASN W 165 0.85 7.49 -72.41
N ASP W 166 0.72 6.58 -71.45
CA ASP W 166 -0.56 6.24 -70.78
C ASP W 166 -0.37 6.06 -69.27
N LEU W 167 -1.24 6.69 -68.51
CA LEU W 167 -1.15 6.66 -67.07
C LEU W 167 -1.81 5.40 -66.58
N GLY W 168 -2.43 4.69 -67.51
CA GLY W 168 -3.23 3.52 -67.18
C GLY W 168 -2.38 2.28 -67.24
N SER W 169 -1.25 2.43 -67.93
CA SER W 169 -0.33 1.33 -68.16
C SER W 169 1.02 1.67 -67.60
N GLY W 170 1.86 0.66 -67.45
CA GLY W 170 3.20 0.89 -66.96
C GLY W 170 4.00 -0.35 -66.53
N SER W 171 5.12 -0.09 -65.87
CA SER W 171 6.04 -1.12 -65.41
C SER W 171 6.60 -2.00 -66.54
N ASN W 172 6.41 -3.31 -66.46
CA ASN W 172 7.10 -4.27 -67.35
C ASN W 172 6.39 -4.72 -68.66
N VAL W 173 7.07 -5.55 -69.45
CA VAL W 173 6.44 -6.10 -70.65
C VAL W 173 6.47 -7.65 -70.71
N ASP W 174 5.30 -8.28 -70.56
CA ASP W 174 5.11 -9.73 -70.72
C ASP W 174 4.94 -10.06 -72.21
N VAL W 175 5.42 -11.23 -72.62
CA VAL W 175 5.20 -11.69 -73.99
C VAL W 175 4.88 -13.18 -74.01
N CYS W 176 4.19 -13.62 -75.06
CA CYS W 176 4.02 -15.05 -75.31
C CYS W 176 4.08 -15.35 -76.79
N VAL W 177 4.99 -16.24 -77.20
CA VAL W 177 5.18 -16.51 -78.62
C VAL W 177 4.74 -17.91 -78.97
N MET W 178 3.71 -17.98 -79.80
CA MET W 178 3.12 -19.26 -80.14
C MET W 178 3.49 -19.54 -81.58
N GLU W 179 4.58 -20.28 -81.77
CA GLU W 179 5.01 -20.61 -83.13
C GLU W 179 4.22 -21.86 -83.54
N ILE W 180 3.95 -22.03 -84.83
CA ILE W 180 3.08 -23.12 -85.31
C ILE W 180 3.70 -24.49 -85.09
N GLY W 181 5.00 -24.58 -85.38
CA GLY W 181 5.71 -25.81 -85.15
C GLY W 181 5.84 -26.08 -83.66
N LYS W 182 6.46 -25.15 -82.96
CA LYS W 182 7.02 -25.41 -81.64
C LYS W 182 6.01 -25.34 -80.46
N ASP W 183 6.50 -25.54 -79.25
CA ASP W 183 5.68 -25.32 -78.07
C ASP W 183 5.45 -23.81 -77.98
N ALA W 184 4.60 -23.36 -77.07
CA ALA W 184 4.43 -21.93 -76.83
C ALA W 184 5.51 -21.46 -75.87
N GLU W 185 6.10 -20.29 -76.11
CA GLU W 185 7.00 -19.71 -75.12
C GLU W 185 6.42 -18.48 -74.45
N TYR W 186 6.45 -18.48 -73.13
CA TYR W 186 5.95 -17.40 -72.31
C TYR W 186 7.13 -16.78 -71.62
N LEU W 187 7.46 -15.58 -72.08
CA LEU W 187 8.55 -14.82 -71.52
C LEU W 187 8.00 -13.76 -70.57
N ARG W 188 7.90 -14.11 -69.29
CA ARG W 188 7.44 -13.20 -68.26
C ARG W 188 8.48 -12.11 -68.08
N ASN W 189 8.03 -10.86 -67.98
CA ASN W 189 8.91 -9.70 -67.88
C ASN W 189 10.04 -9.77 -68.90
N TYR W 190 9.66 -9.96 -70.16
CA TYR W 190 10.59 -9.95 -71.28
C TYR W 190 11.35 -8.62 -71.35
N LEU W 191 10.77 -7.56 -70.78
CA LEU W 191 11.43 -6.26 -70.67
C LEU W 191 11.18 -5.60 -69.30
N THR W 192 12.22 -5.00 -68.75
CA THR W 192 12.15 -4.36 -67.43
C THR W 192 12.68 -2.92 -67.45
N PRO W 193 12.00 -2.03 -68.17
CA PRO W 193 12.50 -0.67 -68.38
C PRO W 193 12.34 0.16 -67.12
N ASN W 194 11.41 -0.23 -66.25
CA ASN W 194 11.05 0.58 -65.08
C ASN W 194 11.61 0.08 -63.74
N VAL W 195 12.93 0.14 -63.61
CA VAL W 195 13.59 -0.28 -62.37
C VAL W 195 13.83 0.89 -61.44
N ARG W 196 13.42 0.77 -60.19
CA ARG W 196 13.48 1.91 -59.26
C ARG W 196 14.90 2.22 -58.81
N GLU W 197 15.43 3.37 -59.20
CA GLU W 197 16.78 3.77 -58.83
C GLU W 197 16.94 3.59 -57.34
N GLU W 198 18.16 3.29 -56.91
CA GLU W 198 18.41 3.01 -55.50
C GLU W 198 18.02 4.24 -54.68
N LYS W 199 17.28 4.04 -53.61
CA LYS W 199 16.84 5.15 -52.76
C LYS W 199 18.01 6.04 -52.32
N GLN W 200 17.71 7.18 -51.70
CA GLN W 200 18.77 8.07 -51.24
C GLN W 200 19.27 7.66 -49.85
N LYS W 201 18.48 6.85 -49.16
CA LYS W 201 18.74 6.46 -47.77
C LYS W 201 18.36 4.98 -47.60
N SER W 202 18.47 4.49 -46.37
CA SER W 202 17.87 3.20 -46.03
C SER W 202 17.18 3.37 -44.71
N TYR W 203 15.94 2.90 -44.63
CA TYR W 203 15.06 3.25 -43.52
C TYR W 203 14.84 2.05 -42.62
N LYS W 204 15.87 1.23 -42.51
CA LYS W 204 15.88 0.08 -41.60
C LYS W 204 15.97 0.65 -40.20
N PHE W 205 14.98 0.36 -39.35
CA PHE W 205 14.95 0.96 -38.01
C PHE W 205 15.82 0.21 -37.01
N PRO W 206 16.56 0.97 -36.20
CA PRO W 206 17.33 0.41 -35.09
C PRO W 206 16.38 -0.40 -34.22
N ARG W 207 16.74 -1.65 -33.94
CA ARG W 207 15.86 -2.51 -33.18
C ARG W 207 15.46 -1.86 -31.85
N GLY W 208 14.16 -1.92 -31.55
CA GLY W 208 13.66 -1.41 -30.29
C GLY W 208 12.98 -0.07 -30.43
N THR W 209 12.85 0.40 -31.67
CA THR W 209 12.26 1.70 -31.94
C THR W 209 10.79 1.74 -31.55
N THR W 210 10.10 0.61 -31.74
CA THR W 210 8.64 0.54 -31.58
C THR W 210 8.17 0.12 -30.19
N ALA W 211 7.25 0.92 -29.65
CA ALA W 211 6.77 0.72 -28.28
C ALA W 211 5.84 -0.47 -28.22
N VAL W 212 6.17 -1.46 -27.39
CA VAL W 212 5.29 -2.63 -27.23
C VAL W 212 4.56 -2.69 -25.89
N LEU W 213 3.26 -3.01 -25.94
CA LEU W 213 2.41 -3.05 -24.75
C LEU W 213 2.44 -4.44 -24.15
N LYS W 214 1.93 -5.40 -24.91
CA LYS W 214 1.81 -6.79 -24.50
C LYS W 214 2.45 -7.66 -25.58
N GLU W 215 3.01 -8.79 -25.18
CA GLU W 215 3.63 -9.72 -26.12
C GLU W 215 3.21 -11.12 -25.72
N SER W 216 3.09 -12.00 -26.70
CA SER W 216 2.68 -13.37 -26.43
C SER W 216 2.92 -14.29 -27.62
N ILE W 217 2.80 -15.59 -27.39
CA ILE W 217 3.01 -16.57 -28.43
C ILE W 217 1.72 -17.30 -28.72
N VAL W 218 1.27 -17.31 -29.97
CA VAL W 218 0.08 -18.06 -30.33
C VAL W 218 0.50 -19.46 -30.75
N ASN W 219 -0.42 -20.41 -30.65
CA ASN W 219 -0.14 -21.79 -31.05
C ASN W 219 -0.72 -22.17 -32.40
N ILE W 220 0.10 -22.83 -33.21
CA ILE W 220 -0.20 -23.00 -34.62
C ILE W 220 -0.95 -24.31 -34.95
N CYS W 221 -0.40 -25.44 -34.54
CA CYS W 221 -1.06 -26.72 -34.73
C CYS W 221 -1.62 -27.21 -33.41
N ASP W 222 -2.68 -28.00 -33.45
CA ASP W 222 -3.28 -28.53 -32.23
C ASP W 222 -2.37 -29.56 -31.54
N SER X 1 -22.07 5.97 -45.40
CA SER X 1 -22.56 5.66 -46.74
C SER X 1 -21.71 4.59 -47.46
N ASP X 2 -20.43 4.88 -47.71
CA ASP X 2 -19.54 3.94 -48.43
C ASP X 2 -19.13 2.76 -47.55
N PRO X 3 -19.47 1.53 -47.99
CA PRO X 3 -19.33 0.30 -47.19
C PRO X 3 -17.90 0.00 -46.76
N SER X 4 -16.94 0.19 -47.66
CA SER X 4 -15.55 -0.06 -47.33
C SER X 4 -15.07 0.95 -46.28
N SER X 5 -15.76 2.09 -46.26
CA SER X 5 -15.43 3.24 -45.41
C SER X 5 -16.46 3.57 -44.31
N ILE X 6 -17.00 2.55 -43.65
CA ILE X 6 -17.95 2.78 -42.56
C ILE X 6 -17.26 2.45 -41.25
N ASN X 7 -16.68 1.26 -41.17
CA ASN X 7 -16.05 0.84 -39.95
C ASN X 7 -14.57 1.14 -40.09
N GLY X 8 -14.06 0.88 -41.28
CA GLY X 8 -12.68 1.23 -41.56
C GLY X 8 -11.71 0.21 -41.02
N GLY X 9 -10.49 0.68 -40.82
CA GLY X 9 -9.40 -0.15 -40.39
C GLY X 9 -8.47 -0.46 -41.55
N ILE X 10 -7.27 -0.90 -41.22
CA ILE X 10 -6.26 -1.22 -42.21
C ILE X 10 -5.55 -2.53 -41.86
N VAL X 11 -4.99 -3.19 -42.86
CA VAL X 11 -4.19 -4.40 -42.67
C VAL X 11 -3.02 -4.39 -43.64
N VAL X 12 -1.85 -4.85 -43.20
CA VAL X 12 -0.63 -4.78 -44.01
C VAL X 12 0.22 -6.04 -43.83
N ALA X 13 0.86 -6.51 -44.90
CA ALA X 13 1.69 -7.71 -44.83
C ALA X 13 2.99 -7.62 -45.65
N MET X 14 4.09 -8.13 -45.10
CA MET X 14 5.39 -8.09 -45.77
C MET X 14 6.14 -9.40 -45.69
N THR X 15 7.16 -9.53 -46.53
CA THR X 15 8.06 -10.67 -46.47
C THR X 15 9.44 -10.26 -46.02
N GLY X 16 10.16 -11.22 -45.47
CA GLY X 16 11.53 -11.02 -45.09
C GLY X 16 12.31 -12.27 -45.42
N LYS X 17 13.44 -12.44 -44.74
CA LYS X 17 14.27 -13.64 -44.86
C LYS X 17 13.53 -14.77 -44.17
N ASP X 18 13.07 -15.72 -44.98
CA ASP X 18 12.38 -16.89 -44.48
C ASP X 18 11.39 -16.56 -43.34
N CYS X 19 10.58 -15.52 -43.55
CA CYS X 19 9.56 -15.12 -42.57
C CYS X 19 8.52 -14.20 -43.20
N VAL X 20 7.42 -13.96 -42.51
CA VAL X 20 6.37 -13.04 -42.95
C VAL X 20 5.71 -12.35 -41.76
N ALA X 21 5.15 -11.17 -42.01
CA ALA X 21 4.49 -10.42 -40.97
C ALA X 21 3.21 -9.83 -41.51
N ILE X 22 2.19 -9.80 -40.64
CA ILE X 22 0.88 -9.25 -40.98
C ILE X 22 0.40 -8.49 -39.74
N ALA X 23 -0.29 -7.37 -39.94
CA ALA X 23 -0.64 -6.47 -38.84
C ALA X 23 -1.86 -5.65 -39.14
N CYS X 24 -2.53 -5.21 -38.08
CA CYS X 24 -3.74 -4.42 -38.25
C CYS X 24 -4.00 -3.48 -37.07
N ASP X 25 -5.01 -2.63 -37.23
CA ASP X 25 -5.48 -1.81 -36.14
C ASP X 25 -6.71 -2.44 -35.50
N LEU X 26 -6.98 -2.05 -34.26
CA LEU X 26 -8.08 -2.65 -33.51
C LEU X 26 -9.31 -1.76 -33.50
N ARG X 27 -9.55 -1.03 -34.58
CA ARG X 27 -10.63 -0.06 -34.57
C ARG X 27 -11.88 -0.54 -35.29
N LEU X 28 -13.01 -0.24 -34.69
CA LEU X 28 -14.30 -0.55 -35.28
C LEU X 28 -15.19 0.61 -34.91
N GLY X 29 -15.67 1.33 -35.91
CA GLY X 29 -16.52 2.47 -35.65
C GLY X 29 -17.58 2.67 -36.71
N SER X 30 -18.78 3.04 -36.27
CA SER X 30 -19.80 3.57 -37.16
C SER X 30 -19.49 5.01 -37.55
N GLN X 31 -19.09 5.25 -38.79
CA GLN X 31 -18.69 6.58 -39.25
C GLN X 31 -17.70 7.20 -38.27
N SER X 32 -18.03 8.39 -37.77
CA SER X 32 -17.16 9.16 -36.87
C SER X 32 -16.95 8.52 -35.48
N LEU X 33 -18.01 7.89 -34.97
CA LEU X 33 -18.01 7.31 -33.64
C LEU X 33 -17.18 6.03 -33.56
N GLY X 34 -16.14 6.04 -32.74
CA GLY X 34 -15.44 4.81 -32.43
C GLY X 34 -16.24 3.97 -31.43
N VAL X 35 -16.42 2.67 -31.69
CA VAL X 35 -17.20 1.83 -30.77
C VAL X 35 -16.38 0.84 -29.97
N SER X 36 -15.45 0.16 -30.64
CA SER X 36 -14.57 -0.82 -29.99
C SER X 36 -13.11 -0.66 -30.34
N ASN X 37 -12.25 -0.91 -29.34
CA ASN X 37 -10.81 -0.81 -29.52
C ASN X 37 -10.13 -2.13 -29.28
N LYS X 38 -10.85 -3.20 -29.54
CA LYS X 38 -10.38 -4.56 -29.26
C LYS X 38 -10.92 -5.49 -30.35
N PHE X 39 -11.18 -4.91 -31.51
CA PHE X 39 -11.72 -5.62 -32.65
C PHE X 39 -10.61 -5.96 -33.61
N GLU X 40 -10.05 -7.15 -33.49
CA GLU X 40 -8.95 -7.56 -34.36
C GLU X 40 -9.41 -7.98 -35.76
N LYS X 41 -8.60 -7.64 -36.76
CA LYS X 41 -8.92 -7.87 -38.16
C LYS X 41 -8.11 -9.02 -38.73
N ILE X 42 -7.33 -9.67 -37.89
CA ILE X 42 -6.54 -10.81 -38.33
C ILE X 42 -6.92 -12.13 -37.65
N PHE X 43 -7.21 -13.13 -38.48
CA PHE X 43 -7.65 -14.45 -38.04
C PHE X 43 -6.69 -15.52 -38.58
N HIS X 44 -6.58 -16.68 -37.90
CA HIS X 44 -5.77 -17.78 -38.45
C HIS X 44 -6.49 -19.13 -38.59
N TYR X 45 -6.07 -19.87 -39.61
CA TYR X 45 -6.61 -21.17 -39.93
C TYR X 45 -5.47 -22.18 -40.15
N GLY X 46 -5.05 -22.82 -39.07
CA GLY X 46 -3.85 -23.60 -39.14
C GLY X 46 -2.67 -22.67 -39.11
N HIS X 47 -1.80 -22.78 -40.10
CA HIS X 47 -0.61 -21.94 -40.15
C HIS X 47 -0.78 -20.85 -41.19
N VAL X 48 -1.99 -20.73 -41.73
CA VAL X 48 -2.27 -19.71 -42.73
C VAL X 48 -3.09 -18.61 -42.12
N PHE X 49 -2.60 -17.37 -42.26
CA PHE X 49 -3.23 -16.21 -41.66
C PHE X 49 -3.99 -15.39 -42.67
N LEU X 50 -5.08 -14.78 -42.22
CA LEU X 50 -5.94 -13.96 -43.07
C LEU X 50 -6.37 -12.70 -42.37
N GLY X 51 -5.98 -11.55 -42.91
CA GLY X 51 -6.45 -10.25 -42.43
C GLY X 51 -7.48 -9.75 -43.41
N ILE X 52 -8.54 -9.13 -42.89
CA ILE X 52 -9.67 -8.68 -43.72
C ILE X 52 -10.13 -7.32 -43.24
N THR X 53 -10.21 -6.34 -44.16
CA THR X 53 -10.64 -5.00 -43.78
C THR X 53 -11.91 -4.65 -44.47
N GLY X 54 -12.57 -3.62 -43.96
CA GLY X 54 -13.73 -3.15 -44.67
C GLY X 54 -14.95 -3.17 -43.81
N LEU X 55 -15.96 -3.91 -44.24
CA LEU X 55 -17.23 -3.89 -43.54
C LEU X 55 -17.27 -4.98 -42.45
N ALA X 56 -17.64 -4.59 -41.24
CA ALA X 56 -17.45 -5.48 -40.10
C ALA X 56 -18.25 -6.76 -40.22
N THR X 57 -19.53 -6.62 -40.53
CA THR X 57 -20.40 -7.78 -40.60
C THR X 57 -20.02 -8.71 -41.75
N ASP X 58 -19.09 -8.29 -42.59
CA ASP X 58 -18.61 -9.13 -43.68
C ASP X 58 -17.22 -9.66 -43.36
N VAL X 59 -16.45 -8.85 -42.64
CA VAL X 59 -15.16 -9.32 -42.16
C VAL X 59 -15.45 -10.49 -41.24
N THR X 60 -16.43 -10.30 -40.37
CA THR X 60 -16.79 -11.32 -39.40
C THR X 60 -17.33 -12.56 -40.10
N THR X 61 -18.30 -12.37 -40.99
CA THR X 61 -18.90 -13.44 -41.77
C THR X 61 -17.89 -14.29 -42.54
N LEU X 62 -16.92 -13.65 -43.17
CA LEU X 62 -15.88 -14.39 -43.89
C LEU X 62 -14.93 -15.20 -43.00
N ASN X 63 -14.65 -14.72 -41.79
CA ASN X 63 -13.89 -15.50 -40.85
C ASN X 63 -14.68 -16.74 -40.53
N GLU X 64 -15.90 -16.51 -40.04
CA GLU X 64 -16.80 -17.59 -39.65
C GLU X 64 -16.90 -18.61 -40.78
N MET X 65 -16.81 -18.14 -42.03
CA MET X 65 -16.91 -19.00 -43.21
C MET X 65 -15.63 -19.74 -43.55
N PHE X 66 -14.50 -19.06 -43.52
CA PHE X 66 -13.28 -19.76 -43.88
C PHE X 66 -12.85 -20.74 -42.79
N ARG X 67 -13.26 -20.50 -41.55
CA ARG X 67 -13.01 -21.48 -40.50
C ARG X 67 -13.68 -22.76 -40.94
N TYR X 68 -14.98 -22.66 -41.16
CA TYR X 68 -15.79 -23.74 -41.68
C TYR X 68 -15.11 -24.41 -42.88
N LYS X 69 -14.98 -23.72 -44.01
CA LYS X 69 -14.35 -24.31 -45.21
C LYS X 69 -13.00 -24.98 -44.95
N THR X 70 -12.10 -24.36 -44.17
CA THR X 70 -10.78 -24.95 -43.91
C THR X 70 -10.77 -26.07 -42.91
N ASN X 71 -11.73 -26.05 -41.98
CA ASN X 71 -11.85 -27.14 -41.04
C ASN X 71 -12.18 -28.45 -41.77
N LEU X 72 -13.05 -28.38 -42.76
CA LEU X 72 -13.41 -29.54 -43.55
C LEU X 72 -12.30 -29.97 -44.53
N TYR X 73 -11.54 -29.03 -45.06
CA TYR X 73 -10.34 -29.38 -45.83
C TYR X 73 -9.39 -30.22 -44.98
N LYS X 74 -9.21 -29.84 -43.72
CA LYS X 74 -8.33 -30.61 -42.82
C LYS X 74 -8.83 -32.07 -42.64
N LEU X 75 -10.11 -32.24 -42.32
CA LEU X 75 -10.68 -33.57 -42.14
C LEU X 75 -10.70 -34.41 -43.42
N LYS X 76 -11.12 -33.80 -44.54
CA LYS X 76 -11.25 -34.53 -45.80
C LYS X 76 -9.89 -34.77 -46.47
N GLU X 77 -8.95 -33.82 -46.31
CA GLU X 77 -7.68 -33.89 -47.03
C GLU X 77 -6.54 -34.46 -46.20
N GLU X 78 -6.82 -34.72 -44.93
CA GLU X 78 -5.86 -35.39 -44.03
C GLU X 78 -4.68 -34.48 -43.66
N ARG X 79 -4.73 -33.21 -44.09
CA ARG X 79 -3.65 -32.25 -43.78
C ARG X 79 -4.18 -30.84 -43.51
N ALA X 80 -3.30 -29.96 -43.03
CA ALA X 80 -3.67 -28.57 -42.84
C ALA X 80 -3.51 -27.84 -44.18
N ILE X 81 -4.41 -26.91 -44.48
CA ILE X 81 -4.40 -26.24 -45.79
C ILE X 81 -3.23 -25.27 -46.00
N GLU X 82 -2.66 -25.28 -47.20
CA GLU X 82 -1.49 -24.45 -47.52
C GLU X 82 -1.90 -23.03 -47.89
N PRO X 83 -0.97 -22.06 -47.82
CA PRO X 83 -1.23 -20.66 -48.12
C PRO X 83 -1.53 -20.44 -49.59
N GLU X 84 -0.70 -21.00 -50.44
CA GLU X 84 -0.93 -20.87 -51.87
C GLU X 84 -2.36 -21.31 -52.21
N THR X 85 -2.79 -22.44 -51.65
CA THR X 85 -4.12 -23.06 -51.90
C THR X 85 -5.24 -22.18 -51.35
N PHE X 86 -5.14 -21.88 -50.06
CA PHE X 86 -6.14 -21.04 -49.40
C PHE X 86 -6.34 -19.73 -50.16
N THR X 87 -5.25 -19.18 -50.68
CA THR X 87 -5.38 -18.01 -51.52
C THR X 87 -6.41 -18.29 -52.62
N GLN X 88 -6.17 -19.32 -53.43
CA GLN X 88 -7.07 -19.68 -54.51
C GLN X 88 -8.50 -19.98 -54.06
N LEU X 89 -8.67 -20.32 -52.79
CA LEU X 89 -10.01 -20.59 -52.24
C LEU X 89 -10.73 -19.30 -51.84
N VAL X 90 -9.96 -18.29 -51.46
CA VAL X 90 -10.54 -17.00 -51.16
C VAL X 90 -10.97 -16.35 -52.46
N SER X 91 -10.17 -16.44 -53.51
CA SER X 91 -10.54 -15.88 -54.81
C SER X 91 -11.88 -16.43 -55.26
N SER X 92 -11.90 -17.74 -55.52
CA SER X 92 -13.09 -18.38 -56.07
C SER X 92 -14.25 -18.17 -55.11
N SER X 93 -13.95 -18.21 -53.82
CA SER X 93 -14.96 -18.00 -52.79
C SER X 93 -15.60 -16.59 -52.81
N LEU X 94 -14.78 -15.56 -53.04
CA LEU X 94 -15.26 -14.16 -53.08
C LEU X 94 -16.03 -13.91 -54.36
N TYR X 95 -15.49 -14.41 -55.46
CA TYR X 95 -16.08 -14.26 -56.79
C TYR X 95 -17.39 -15.03 -56.92
N GLU X 96 -17.67 -15.92 -55.97
CA GLU X 96 -18.96 -16.60 -55.93
C GLU X 96 -20.08 -15.56 -55.91
N ARG X 97 -19.91 -14.51 -55.09
CA ARG X 97 -20.91 -13.43 -54.96
C ARG X 97 -20.45 -12.21 -55.75
N ARG X 98 -20.14 -12.41 -57.02
CA ARG X 98 -19.65 -11.34 -57.91
C ARG X 98 -20.57 -10.16 -58.01
N PHE X 99 -21.87 -10.42 -58.08
CA PHE X 99 -22.83 -9.34 -58.25
C PHE X 99 -23.59 -9.02 -56.97
N GLY X 100 -22.86 -9.00 -55.85
CA GLY X 100 -23.42 -8.75 -54.53
C GLY X 100 -22.35 -9.14 -53.54
N PRO X 101 -21.19 -8.48 -53.65
CA PRO X 101 -19.90 -8.81 -53.05
C PRO X 101 -19.82 -8.56 -51.58
N TYR X 102 -18.87 -9.22 -50.95
CA TYR X 102 -18.57 -8.98 -49.56
C TYR X 102 -17.66 -7.77 -49.67
N PHE X 103 -17.97 -6.71 -48.95
CA PHE X 103 -17.18 -5.47 -49.06
C PHE X 103 -15.94 -5.53 -48.19
N VAL X 104 -14.95 -6.30 -48.65
CA VAL X 104 -13.77 -6.62 -47.85
C VAL X 104 -12.50 -6.47 -48.67
N GLY X 105 -11.36 -6.48 -48.01
CA GLY X 105 -10.10 -6.32 -48.69
C GLY X 105 -9.05 -7.20 -48.10
N PRO X 106 -9.21 -8.51 -48.25
CA PRO X 106 -8.45 -9.57 -47.62
C PRO X 106 -6.96 -9.60 -47.98
N VAL X 107 -6.14 -10.00 -47.00
CA VAL X 107 -4.71 -10.19 -47.18
C VAL X 107 -4.34 -11.55 -46.58
N VAL X 108 -3.75 -12.42 -47.41
CA VAL X 108 -3.32 -13.75 -46.96
C VAL X 108 -1.81 -13.73 -46.75
N ALA X 109 -1.36 -14.31 -45.65
CA ALA X 109 0.05 -14.34 -45.31
C ALA X 109 0.35 -15.58 -44.47
N GLY X 110 1.48 -16.24 -44.76
CA GLY X 110 1.90 -17.42 -44.03
C GLY X 110 3.03 -18.13 -44.74
N ILE X 111 3.47 -19.27 -44.21
CA ILE X 111 4.61 -20.01 -44.80
C ILE X 111 4.32 -21.46 -45.22
N ASN X 112 4.49 -21.73 -46.52
CA ASN X 112 4.29 -23.05 -47.10
C ASN X 112 5.16 -24.09 -46.42
N SER X 113 4.53 -25.02 -45.69
CA SER X 113 5.25 -25.91 -44.79
C SER X 113 6.11 -26.98 -45.46
N LYS X 114 5.85 -27.27 -46.74
CA LYS X 114 6.65 -28.22 -47.51
C LYS X 114 7.89 -27.55 -48.09
N SER X 115 7.72 -26.36 -48.67
CA SER X 115 8.81 -25.66 -49.35
C SER X 115 9.43 -24.57 -48.50
N GLY X 116 8.85 -24.31 -47.33
CA GLY X 116 9.37 -23.31 -46.41
C GLY X 116 9.37 -21.89 -46.94
N LYS X 117 8.78 -21.70 -48.11
CA LYS X 117 8.72 -20.40 -48.80
C LYS X 117 7.70 -19.43 -48.20
N PRO X 118 8.11 -18.17 -47.97
CA PRO X 118 7.20 -17.14 -47.47
C PRO X 118 6.19 -16.75 -48.54
N PHE X 119 4.97 -16.39 -48.15
CA PHE X 119 3.90 -16.12 -49.10
C PHE X 119 2.93 -15.06 -48.62
N ILE X 120 2.73 -14.02 -49.43
CA ILE X 120 1.67 -13.05 -49.17
C ILE X 120 0.95 -12.74 -50.45
N ALA X 121 -0.30 -12.32 -50.30
CA ALA X 121 -1.19 -11.98 -51.43
C ALA X 121 -2.39 -11.22 -50.93
N GLY X 122 -2.96 -10.39 -51.79
CA GLY X 122 -4.16 -9.65 -51.44
C GLY X 122 -5.23 -9.72 -52.52
N PHE X 123 -6.46 -9.34 -52.18
CA PHE X 123 -7.58 -9.42 -53.12
C PHE X 123 -8.43 -8.17 -53.12
N ASP X 124 -9.19 -7.97 -54.20
CA ASP X 124 -10.27 -7.00 -54.23
C ASP X 124 -11.56 -7.75 -53.98
N LEU X 125 -12.65 -7.04 -53.72
CA LEU X 125 -13.86 -7.69 -53.20
C LEU X 125 -14.44 -8.80 -54.06
N ILE X 126 -13.90 -8.97 -55.26
CA ILE X 126 -14.41 -10.05 -56.10
C ILE X 126 -13.33 -11.04 -56.50
N GLY X 127 -12.18 -10.97 -55.85
CA GLY X 127 -11.23 -12.07 -55.89
C GLY X 127 -10.02 -12.01 -56.79
N CYS X 128 -9.69 -10.83 -57.34
CA CYS X 128 -8.46 -10.73 -58.11
C CYS X 128 -7.29 -10.98 -57.17
N ILE X 129 -6.43 -11.90 -57.56
CA ILE X 129 -5.30 -12.25 -56.70
C ILE X 129 -4.08 -11.41 -57.07
N ASP X 130 -3.76 -10.44 -56.21
CA ASP X 130 -2.52 -9.72 -56.34
C ASP X 130 -1.48 -10.45 -55.51
N GLU X 131 -0.64 -11.28 -56.15
CA GLU X 131 0.48 -11.88 -55.45
C GLU X 131 1.69 -11.01 -55.64
N ALA X 132 2.46 -10.87 -54.57
CA ALA X 132 3.54 -9.92 -54.57
C ALA X 132 4.63 -10.39 -53.65
N LYS X 133 5.88 -10.19 -54.08
CA LYS X 133 7.06 -10.57 -53.34
C LYS X 133 7.29 -9.61 -52.19
N ASP X 134 7.02 -8.32 -52.43
CA ASP X 134 7.29 -7.28 -51.44
C ASP X 134 6.24 -7.13 -50.32
N PHE X 135 5.12 -6.49 -50.63
CA PHE X 135 4.14 -6.19 -49.59
C PHE X 135 2.73 -6.01 -50.13
N ILE X 136 1.76 -6.18 -49.24
CA ILE X 136 0.35 -6.06 -49.57
C ILE X 136 -0.30 -5.13 -48.56
N VAL X 137 -1.16 -4.23 -49.03
CA VAL X 137 -1.85 -3.31 -48.12
C VAL X 137 -3.33 -3.29 -48.42
N SER X 138 -4.10 -2.82 -47.45
CA SER X 138 -5.55 -2.86 -47.57
C SER X 138 -6.24 -2.05 -46.48
N GLY X 139 -7.29 -1.34 -46.86
CA GLY X 139 -8.08 -0.61 -45.89
C GLY X 139 -8.51 0.77 -46.33
N THR X 140 -8.74 1.60 -45.31
CA THR X 140 -9.12 2.99 -45.45
C THR X 140 -7.87 3.85 -45.61
N ALA X 141 -6.73 3.28 -45.23
CA ALA X 141 -5.44 3.88 -45.52
C ALA X 141 -4.70 3.06 -46.59
N SER X 142 -5.44 2.56 -47.57
CA SER X 142 -4.84 1.95 -48.75
C SER X 142 -3.63 2.82 -49.14
N ASP X 143 -3.87 4.11 -49.38
CA ASP X 143 -2.83 5.06 -49.83
C ASP X 143 -1.66 5.28 -48.87
N GLN X 144 -1.96 5.60 -47.62
CA GLN X 144 -0.91 5.92 -46.67
C GLN X 144 0.07 4.77 -46.50
N LEU X 145 -0.47 3.57 -46.40
CA LEU X 145 0.33 2.38 -46.21
C LEU X 145 1.24 2.16 -47.41
N PHE X 146 0.71 2.36 -48.62
CA PHE X 146 1.52 2.19 -49.82
C PHE X 146 2.69 3.16 -49.79
N GLY X 147 2.46 4.31 -49.17
CA GLY X 147 3.46 5.35 -49.09
C GLY X 147 4.56 4.93 -48.18
N MET X 148 4.21 4.44 -47.01
CA MET X 148 5.18 4.03 -46.02
C MET X 148 5.99 2.84 -46.53
N CYS X 149 5.30 1.83 -47.02
CA CYS X 149 5.97 0.61 -47.44
C CYS X 149 6.96 0.87 -48.55
N GLU X 150 6.56 1.69 -49.53
CA GLU X 150 7.38 1.93 -50.69
C GLU X 150 8.75 2.52 -50.29
N SER X 151 8.78 3.19 -49.13
CA SER X 151 9.99 3.82 -48.62
C SER X 151 10.72 2.91 -47.62
N LEU X 152 10.02 2.51 -46.56
CA LEU X 152 10.58 1.73 -45.45
C LEU X 152 10.97 0.27 -45.74
N TYR X 153 10.55 -0.29 -46.87
CA TYR X 153 10.78 -1.71 -47.16
C TYR X 153 12.11 -2.00 -47.87
N GLU X 154 12.74 -3.07 -47.41
CA GLU X 154 13.81 -3.76 -48.12
C GLU X 154 13.62 -5.28 -48.00
N PRO X 155 13.98 -6.02 -49.04
CA PRO X 155 13.58 -7.43 -49.02
C PRO X 155 14.58 -8.19 -48.17
N ASN X 156 14.15 -9.29 -47.59
CA ASN X 156 15.05 -10.15 -46.83
C ASN X 156 15.40 -9.61 -45.46
N LEU X 157 14.50 -8.81 -44.90
CA LEU X 157 14.69 -8.34 -43.54
C LEU X 157 14.74 -9.51 -42.55
N GLU X 158 15.66 -9.47 -41.59
CA GLU X 158 15.60 -10.45 -40.51
C GLU X 158 14.34 -10.16 -39.68
N PRO X 159 13.74 -11.18 -39.06
CA PRO X 159 12.44 -11.01 -38.41
C PRO X 159 12.40 -9.92 -37.34
N GLU X 160 13.32 -9.94 -36.39
CA GLU X 160 13.32 -8.93 -35.33
C GLU X 160 13.43 -7.50 -35.89
N ASP X 161 13.88 -7.41 -37.16
CA ASP X 161 14.01 -6.15 -37.91
C ASP X 161 12.72 -5.80 -38.62
N LEU X 162 12.13 -6.82 -39.26
CA LEU X 162 10.92 -6.64 -40.03
C LEU X 162 9.74 -6.33 -39.14
N PHE X 163 9.87 -6.58 -37.85
CA PHE X 163 8.83 -6.14 -36.93
C PHE X 163 8.88 -4.64 -36.80
N GLU X 164 10.08 -4.09 -36.68
CA GLU X 164 10.22 -2.65 -36.51
C GLU X 164 9.71 -2.01 -37.78
N THR X 165 10.12 -2.55 -38.91
CA THR X 165 9.69 -1.98 -40.17
C THR X 165 8.17 -2.00 -40.38
N ILE X 166 7.54 -3.16 -40.23
CA ILE X 166 6.09 -3.25 -40.47
C ILE X 166 5.29 -2.45 -39.46
N SER X 167 5.76 -2.41 -38.22
CA SER X 167 5.10 -1.64 -37.17
C SER X 167 5.08 -0.15 -37.51
N GLN X 168 6.21 0.36 -38.00
CA GLN X 168 6.32 1.78 -38.29
C GLN X 168 5.49 2.16 -39.51
N ALA X 169 5.34 1.24 -40.45
CA ALA X 169 4.51 1.50 -41.63
C ALA X 169 3.06 1.60 -41.21
N LEU X 170 2.64 0.70 -40.34
CA LEU X 170 1.24 0.63 -39.92
C LEU X 170 0.92 1.84 -39.06
N LEU X 171 1.67 1.97 -37.98
CA LEU X 171 1.49 3.05 -37.03
C LEU X 171 1.34 4.40 -37.72
N ASN X 172 2.29 4.73 -38.58
CA ASN X 172 2.33 6.08 -39.15
C ASN X 172 1.31 6.35 -40.24
N ALA X 173 0.65 5.31 -40.73
CA ALA X 173 -0.40 5.51 -41.71
C ALA X 173 -1.70 5.77 -40.96
N ALA X 174 -1.96 4.97 -39.94
CA ALA X 174 -3.17 5.09 -39.14
C ALA X 174 -3.27 6.39 -38.31
N ASP X 175 -2.12 7.03 -38.12
CA ASP X 175 -2.10 8.31 -37.42
C ASP X 175 -2.48 9.44 -38.36
N ARG X 176 -2.21 9.24 -39.66
CA ARG X 176 -2.71 10.10 -40.72
C ARG X 176 -4.03 9.56 -41.26
N ASP X 177 -4.71 8.73 -40.48
CA ASP X 177 -6.02 8.24 -40.88
C ASP X 177 -7.03 8.31 -39.74
N ALA X 178 -8.19 8.83 -40.12
CA ALA X 178 -9.21 9.22 -39.16
C ALA X 178 -9.96 8.01 -38.69
N LEU X 179 -10.14 7.08 -39.63
CA LEU X 179 -10.94 5.87 -39.42
C LEU X 179 -10.11 4.64 -39.01
N SER X 180 -8.81 4.83 -38.82
CA SER X 180 -7.95 3.76 -38.32
C SER X 180 -7.16 4.18 -37.08
N GLY X 181 -6.84 3.18 -36.25
CA GLY X 181 -6.11 3.37 -35.00
C GLY X 181 -6.73 2.64 -33.81
N TRP X 182 -6.58 3.23 -32.64
CA TRP X 182 -7.20 2.74 -31.40
C TRP X 182 -6.56 1.49 -30.81
N GLY X 183 -5.43 1.10 -31.39
CA GLY X 183 -4.68 -0.05 -30.94
C GLY X 183 -4.05 -0.63 -32.17
N ALA X 184 -3.18 -1.62 -32.00
CA ALA X 184 -2.64 -2.31 -33.15
C ALA X 184 -2.00 -3.58 -32.69
N VAL X 185 -1.95 -4.57 -33.59
CA VAL X 185 -1.41 -5.89 -33.28
C VAL X 185 -0.57 -6.34 -34.47
N VAL X 186 0.49 -7.10 -34.21
CA VAL X 186 1.45 -7.44 -35.26
C VAL X 186 1.97 -8.84 -35.08
N TYR X 187 1.54 -9.74 -35.94
CA TYR X 187 2.02 -11.12 -35.92
C TYR X 187 3.33 -11.24 -36.70
N ILE X 188 4.35 -11.83 -36.08
CA ILE X 188 5.57 -12.19 -36.78
C ILE X 188 5.65 -13.71 -36.89
N ILE X 189 5.76 -14.19 -38.12
CA ILE X 189 5.60 -15.61 -38.40
C ILE X 189 6.88 -16.25 -38.90
N LYS X 190 7.60 -16.92 -37.99
CA LYS X 190 8.78 -17.71 -38.35
C LYS X 190 8.31 -19.07 -38.89
N LYS X 191 9.25 -19.95 -39.27
CA LYS X 191 8.90 -21.22 -39.88
C LYS X 191 8.08 -22.16 -38.95
N ASP X 192 8.14 -21.92 -37.64
CA ASP X 192 7.47 -22.78 -36.66
C ASP X 192 7.05 -22.09 -35.35
N GLU X 193 7.61 -20.91 -35.08
CA GLU X 193 7.18 -20.07 -33.96
C GLU X 193 6.38 -18.86 -34.49
N VAL X 194 5.35 -18.42 -33.77
CA VAL X 194 4.60 -17.23 -34.16
C VAL X 194 4.31 -16.28 -33.00
N VAL X 195 4.91 -15.08 -33.04
CA VAL X 195 4.81 -14.10 -31.96
C VAL X 195 3.83 -12.97 -32.28
N LYS X 196 2.99 -12.60 -31.31
CA LYS X 196 1.93 -11.62 -31.51
C LYS X 196 2.04 -10.46 -30.53
N ARG X 197 2.60 -9.33 -30.97
CA ARG X 197 2.79 -8.18 -30.08
C ARG X 197 1.68 -7.15 -30.32
N TYR X 198 1.19 -6.51 -29.25
CA TYR X 198 0.26 -5.39 -29.36
C TYR X 198 1.06 -4.08 -29.27
N LEU X 199 0.57 -3.01 -29.89
CA LEU X 199 1.36 -1.77 -29.92
C LEU X 199 0.74 -0.59 -29.17
N LYS X 200 1.61 0.35 -28.86
CA LYS X 200 1.23 1.59 -28.20
C LYS X 200 1.20 2.67 -29.26
N MET X 201 0.06 3.30 -29.40
CA MET X 201 -0.07 4.41 -30.33
C MET X 201 -1.04 5.42 -29.76
N ARG X 202 -1.08 6.61 -30.35
CA ARG X 202 -2.05 7.61 -29.92
C ARG X 202 -3.40 6.93 -29.81
N GLN X 203 -4.35 7.56 -29.14
CA GLN X 203 -5.70 7.01 -29.17
C GLN X 203 -6.78 7.99 -29.67
N ASP X 204 -6.58 8.59 -30.84
CA ASP X 204 -7.57 9.56 -31.33
C ASP X 204 -8.14 9.36 -32.76
N MET Y 1 -35.12 7.39 -33.57
CA MET Y 1 -34.51 6.47 -32.62
C MET Y 1 -34.05 7.33 -31.45
N ASP Y 2 -34.43 7.00 -30.21
CA ASP Y 2 -34.90 5.69 -29.65
C ASP Y 2 -33.75 5.10 -28.85
N ILE Y 3 -33.88 5.17 -27.53
CA ILE Y 3 -32.72 5.05 -26.66
C ILE Y 3 -32.44 3.66 -26.13
N ILE Y 4 -31.34 3.07 -26.60
CA ILE Y 4 -30.92 1.74 -26.17
C ILE Y 4 -29.56 1.77 -25.46
N LEU Y 5 -29.56 1.57 -24.15
CA LEU Y 5 -28.31 1.60 -23.39
C LEU Y 5 -28.07 0.29 -22.69
N GLY Y 6 -26.83 0.13 -22.25
CA GLY Y 6 -26.44 -1.05 -21.49
C GLY Y 6 -25.04 -0.93 -20.94
N ILE Y 7 -24.84 -1.33 -19.68
CA ILE Y 7 -23.50 -1.38 -19.07
C ILE Y 7 -23.31 -2.64 -18.26
N ARG Y 8 -22.20 -3.33 -18.51
CA ARG Y 8 -21.80 -4.58 -17.86
C ARG Y 8 -20.87 -4.26 -16.70
N VAL Y 9 -21.20 -4.71 -15.51
CA VAL Y 9 -20.37 -4.39 -14.36
C VAL Y 9 -19.52 -5.56 -13.91
N GLN Y 10 -19.51 -5.77 -12.59
CA GLN Y 10 -18.77 -6.87 -11.99
C GLN Y 10 -19.66 -8.09 -11.92
N ASP Y 11 -20.85 -7.92 -11.36
CA ASP Y 11 -21.71 -9.04 -11.03
C ASP Y 11 -22.98 -9.08 -11.84
N SER Y 12 -23.08 -8.29 -12.90
CA SER Y 12 -24.31 -8.21 -13.69
C SER Y 12 -24.23 -7.30 -14.90
N VAL Y 13 -25.33 -7.24 -15.64
CA VAL Y 13 -25.46 -6.38 -16.81
C VAL Y 13 -26.74 -5.57 -16.67
N ILE Y 14 -26.71 -4.30 -17.10
CA ILE Y 14 -27.83 -3.39 -16.91
C ILE Y 14 -28.24 -2.82 -18.25
N LEU Y 15 -29.54 -2.79 -18.53
CA LEU Y 15 -30.03 -2.31 -19.80
C LEU Y 15 -31.06 -1.22 -19.60
N ALA Y 16 -30.82 -0.08 -20.25
CA ALA Y 16 -31.79 0.99 -20.24
C ALA Y 16 -32.44 1.04 -21.61
N SER Y 17 -33.67 1.52 -21.63
CA SER Y 17 -34.50 1.38 -22.81
C SER Y 17 -35.61 2.42 -22.69
N SER Y 18 -35.55 3.43 -23.56
CA SER Y 18 -36.56 4.48 -23.59
C SER Y 18 -38.00 3.94 -23.59
N LYS Y 19 -38.91 4.64 -22.90
CA LYS Y 19 -40.30 4.19 -22.72
C LYS Y 19 -41.27 4.68 -23.79
N ALA Y 20 -40.79 5.39 -24.80
CA ALA Y 20 -41.71 6.11 -25.67
C ALA Y 20 -41.85 5.48 -27.02
N VAL Y 21 -43.08 5.53 -27.53
CA VAL Y 21 -43.37 5.05 -28.86
C VAL Y 21 -44.03 6.16 -29.62
N THR Y 22 -43.35 6.65 -30.66
CA THR Y 22 -43.81 7.81 -31.42
C THR Y 22 -44.18 7.48 -32.85
N ARG Y 23 -45.36 7.91 -33.27
CA ARG Y 23 -45.82 7.68 -34.63
C ARG Y 23 -45.93 8.97 -35.43
N GLY Y 24 -44.77 9.48 -35.83
CA GLY Y 24 -44.69 10.74 -36.55
C GLY Y 24 -44.97 11.96 -35.69
N ILE Y 25 -46.26 12.27 -35.55
CA ILE Y 25 -46.67 13.52 -34.92
C ILE Y 25 -47.04 13.38 -33.46
N SER Y 26 -47.69 12.27 -33.08
CA SER Y 26 -48.13 12.06 -31.71
C SER Y 26 -47.33 10.98 -30.98
N VAL Y 27 -47.16 11.14 -29.68
CA VAL Y 27 -46.58 10.10 -28.85
C VAL Y 27 -47.70 9.16 -28.41
N LEU Y 28 -47.65 7.92 -28.89
CA LEU Y 28 -48.75 6.97 -28.72
C LEU Y 28 -48.79 6.25 -27.37
N LYS Y 29 -47.61 5.89 -26.85
CA LYS Y 29 -47.49 5.21 -25.58
C LYS Y 29 -46.34 5.83 -24.75
N ASP Y 30 -46.54 5.91 -23.43
CA ASP Y 30 -45.52 6.41 -22.50
C ASP Y 30 -44.92 5.32 -21.61
N SER Y 31 -44.99 4.07 -22.07
CA SER Y 31 -44.63 2.92 -21.24
C SER Y 31 -44.31 1.64 -22.01
N ASP Y 32 -43.28 1.68 -22.85
CA ASP Y 32 -42.95 0.54 -23.71
C ASP Y 32 -41.73 -0.26 -23.23
N ASP Y 33 -41.96 -1.50 -22.82
CA ASP Y 33 -40.86 -2.41 -22.50
C ASP Y 33 -40.22 -2.82 -23.81
N LYS Y 34 -39.11 -2.18 -24.14
CA LYS Y 34 -38.44 -2.46 -25.40
C LYS Y 34 -37.47 -3.62 -25.24
N THR Y 35 -37.95 -4.74 -24.72
CA THR Y 35 -37.07 -5.88 -24.49
C THR Y 35 -37.83 -7.20 -24.31
N ARG Y 36 -37.33 -8.24 -24.96
CA ARG Y 36 -37.89 -9.59 -24.80
C ARG Y 36 -36.90 -10.42 -24.01
N GLN Y 37 -37.40 -11.23 -23.09
CA GLN Y 37 -36.54 -12.17 -22.36
C GLN Y 37 -36.27 -13.40 -23.23
N LEU Y 38 -35.00 -13.65 -23.51
CA LEU Y 38 -34.64 -14.76 -24.37
C LEU Y 38 -34.48 -16.08 -23.59
N SER Y 39 -34.49 -15.96 -22.27
CA SER Y 39 -34.26 -17.11 -21.40
C SER Y 39 -33.87 -16.60 -20.03
N PRO Y 40 -34.11 -17.39 -18.99
CA PRO Y 40 -33.82 -17.05 -17.61
C PRO Y 40 -32.71 -16.01 -17.42
N HIS Y 41 -31.54 -16.21 -18.01
CA HIS Y 41 -30.40 -15.33 -17.74
C HIS Y 41 -29.89 -14.58 -18.98
N THR Y 42 -30.79 -14.26 -19.91
CA THR Y 42 -30.41 -13.56 -21.14
C THR Y 42 -31.51 -12.61 -21.67
N LEU Y 43 -31.17 -11.32 -21.75
CA LEU Y 43 -32.11 -10.27 -22.09
C LEU Y 43 -31.70 -9.54 -23.35
N MET Y 44 -32.67 -9.11 -24.15
CA MET Y 44 -32.35 -8.37 -25.37
C MET Y 44 -33.19 -7.11 -25.54
N SER Y 45 -32.56 -5.95 -25.41
CA SER Y 45 -33.22 -4.68 -25.71
C SER Y 45 -32.96 -4.33 -27.16
N PHE Y 46 -33.79 -3.47 -27.74
CA PHE Y 46 -33.80 -3.27 -29.18
C PHE Y 46 -34.49 -1.97 -29.61
N ALA Y 47 -34.03 -1.39 -30.72
CA ALA Y 47 -34.71 -0.26 -31.32
C ALA Y 47 -34.37 -0.20 -32.79
N GLY Y 48 -35.16 0.54 -33.54
CA GLY Y 48 -34.98 0.63 -34.97
C GLY Y 48 -36.29 0.80 -35.69
N GLU Y 49 -36.37 0.23 -36.90
CA GLU Y 49 -37.53 0.38 -37.78
C GLU Y 49 -38.86 0.03 -37.08
N ALA Y 50 -39.96 0.43 -37.69
CA ALA Y 50 -41.26 0.42 -37.03
C ALA Y 50 -41.72 -0.96 -36.58
N GLY Y 51 -42.07 -1.78 -37.56
CA GLY Y 51 -42.60 -3.09 -37.26
C GLY Y 51 -41.46 -4.06 -37.20
N ASP Y 52 -40.44 -3.82 -38.01
CA ASP Y 52 -39.32 -4.73 -38.08
C ASP Y 52 -38.78 -5.03 -36.66
N THR Y 53 -38.87 -4.07 -35.75
CA THR Y 53 -38.24 -4.22 -34.44
C THR Y 53 -38.78 -5.42 -33.65
N VAL Y 54 -40.02 -5.31 -33.16
CA VAL Y 54 -40.63 -6.40 -32.40
C VAL Y 54 -40.56 -7.75 -33.12
N GLN Y 55 -41.04 -7.80 -34.35
CA GLN Y 55 -41.13 -9.06 -35.09
C GLN Y 55 -39.86 -9.88 -35.07
N PHE Y 56 -38.72 -9.20 -35.10
CA PHE Y 56 -37.42 -9.87 -34.98
C PHE Y 56 -37.19 -10.38 -33.58
N ALA Y 57 -37.28 -9.51 -32.59
CA ALA Y 57 -36.97 -9.92 -31.21
C ALA Y 57 -37.78 -11.12 -30.78
N GLU Y 58 -39.01 -11.21 -31.27
CA GLU Y 58 -39.89 -12.32 -30.95
C GLU Y 58 -39.49 -13.61 -31.66
N TYR Y 59 -39.09 -13.50 -32.92
CA TYR Y 59 -38.53 -14.62 -33.67
C TYR Y 59 -37.32 -15.21 -32.96
N ILE Y 60 -36.47 -14.35 -32.42
CA ILE Y 60 -35.32 -14.81 -31.65
C ILE Y 60 -35.77 -15.43 -30.32
N GLN Y 61 -36.78 -14.84 -29.68
CA GLN Y 61 -37.27 -15.36 -28.42
C GLN Y 61 -37.72 -16.79 -28.65
N ALA Y 62 -38.53 -16.99 -29.66
CA ALA Y 62 -39.03 -18.32 -29.98
C ALA Y 62 -37.88 -19.29 -30.18
N ASN Y 63 -36.97 -18.96 -31.09
CA ASN Y 63 -35.89 -19.87 -31.46
C ASN Y 63 -34.94 -20.24 -30.33
N ILE Y 64 -34.91 -19.43 -29.27
CA ILE Y 64 -34.03 -19.67 -28.13
C ILE Y 64 -34.79 -20.39 -27.01
N GLN Y 65 -36.08 -20.10 -26.90
CA GLN Y 65 -36.90 -20.86 -25.99
C GLN Y 65 -37.04 -22.28 -26.53
N LEU Y 66 -36.81 -22.46 -27.83
CA LEU Y 66 -36.87 -23.79 -28.44
C LEU Y 66 -35.59 -24.58 -28.24
N TYR Y 67 -34.43 -23.93 -28.33
CA TYR Y 67 -33.19 -24.64 -28.04
C TYR Y 67 -33.08 -24.90 -26.54
N SER Y 68 -33.62 -24.01 -25.72
CA SER Y 68 -33.66 -24.24 -24.28
C SER Y 68 -34.48 -25.49 -23.99
N ILE Y 69 -35.71 -25.52 -24.47
CA ILE Y 69 -36.63 -26.61 -24.18
C ILE Y 69 -36.12 -27.95 -24.69
N ARG Y 70 -35.46 -27.95 -25.86
CA ARG Y 70 -34.99 -29.17 -26.54
C ARG Y 70 -33.82 -29.86 -25.84
N GLU Y 71 -32.80 -29.10 -25.48
CA GLU Y 71 -31.64 -29.65 -24.81
C GLU Y 71 -31.69 -29.38 -23.31
N ASP Y 72 -32.82 -28.89 -22.82
CA ASP Y 72 -32.96 -28.62 -21.39
C ASP Y 72 -31.70 -28.01 -20.83
N TYR Y 73 -31.07 -27.14 -21.62
CA TYR Y 73 -29.85 -26.44 -21.25
C TYR Y 73 -30.07 -24.97 -21.58
N GLU Y 74 -29.57 -24.10 -20.73
CA GLU Y 74 -29.74 -22.69 -20.99
C GLU Y 74 -28.59 -22.20 -21.84
N LEU Y 75 -28.88 -21.93 -23.11
CA LEU Y 75 -27.87 -21.50 -24.08
C LEU Y 75 -27.06 -20.30 -23.59
N SER Y 76 -25.75 -20.40 -23.70
CA SER Y 76 -24.89 -19.36 -23.16
C SER Y 76 -25.01 -18.07 -23.96
N PRO Y 77 -24.84 -16.91 -23.30
CA PRO Y 77 -24.87 -15.57 -23.89
C PRO Y 77 -24.01 -15.44 -25.16
N GLN Y 78 -22.73 -15.81 -25.10
CA GLN Y 78 -21.87 -15.78 -26.28
C GLN Y 78 -22.57 -16.40 -27.49
N ALA Y 79 -23.27 -17.50 -27.25
CA ALA Y 79 -23.92 -18.24 -28.31
C ALA Y 79 -25.21 -17.60 -28.79
N VAL Y 80 -26.06 -17.17 -27.86
CA VAL Y 80 -27.27 -16.46 -28.21
C VAL Y 80 -26.88 -15.27 -29.06
N SER Y 81 -25.81 -14.59 -28.65
CA SER Y 81 -25.27 -13.47 -29.40
C SER Y 81 -24.90 -13.88 -30.81
N SER Y 82 -23.96 -14.81 -30.94
CA SER Y 82 -23.44 -15.17 -32.26
C SER Y 82 -24.49 -15.78 -33.18
N PHE Y 83 -25.64 -16.14 -32.61
CA PHE Y 83 -26.79 -16.62 -33.38
C PHE Y 83 -27.61 -15.46 -33.89
N VAL Y 84 -27.96 -14.54 -32.99
CA VAL Y 84 -28.69 -13.34 -33.36
C VAL Y 84 -27.95 -12.58 -34.45
N ARG Y 85 -26.63 -12.52 -34.33
CA ARG Y 85 -25.81 -11.88 -35.34
C ARG Y 85 -26.01 -12.52 -36.69
N GLN Y 86 -25.86 -13.84 -36.75
CA GLN Y 86 -25.95 -14.53 -38.04
C GLN Y 86 -27.33 -14.30 -38.66
N GLU Y 87 -28.36 -14.25 -37.81
CA GLU Y 87 -29.74 -14.02 -38.28
C GLU Y 87 -29.97 -12.64 -38.88
N LEU Y 88 -29.13 -11.69 -38.48
CA LEU Y 88 -29.16 -10.33 -39.04
C LEU Y 88 -28.28 -10.23 -40.30
N ALA Y 89 -27.13 -10.89 -40.25
CA ALA Y 89 -26.21 -10.89 -41.38
C ALA Y 89 -26.80 -11.59 -42.58
N LYS Y 90 -27.74 -12.51 -42.30
CA LYS Y 90 -28.47 -13.29 -43.31
C LYS Y 90 -29.47 -12.38 -44.02
N SER Y 91 -30.08 -11.48 -43.25
CA SER Y 91 -31.19 -10.66 -43.72
C SER Y 91 -30.71 -9.37 -44.34
N ILE Y 92 -29.40 -9.16 -44.39
CA ILE Y 92 -28.89 -7.89 -44.91
C ILE Y 92 -28.74 -7.93 -46.42
N ARG Y 93 -28.50 -9.10 -46.98
CA ARG Y 93 -28.51 -9.25 -48.43
C ARG Y 93 -29.82 -9.95 -48.87
N SER Y 94 -30.81 -9.97 -47.99
CA SER Y 94 -32.12 -10.57 -48.31
C SER Y 94 -33.01 -9.55 -49.01
N ARG Y 95 -34.26 -9.93 -49.30
CA ARG Y 95 -35.19 -9.07 -50.07
C ARG Y 95 -35.60 -7.81 -49.31
N ARG Y 96 -36.35 -7.95 -48.23
CA ARG Y 96 -36.51 -6.84 -47.28
C ARG Y 96 -35.73 -7.18 -46.00
N PRO Y 97 -34.72 -6.36 -45.70
CA PRO Y 97 -33.82 -6.61 -44.59
C PRO Y 97 -34.41 -6.15 -43.27
N TYR Y 98 -34.33 -7.01 -42.27
CA TYR Y 98 -34.62 -6.60 -40.92
C TYR Y 98 -33.77 -5.39 -40.67
N GLN Y 99 -34.42 -4.28 -40.28
CA GLN Y 99 -33.70 -3.08 -39.89
C GLN Y 99 -33.78 -2.89 -38.38
N VAL Y 100 -32.99 -3.66 -37.63
CA VAL Y 100 -33.10 -3.65 -36.18
C VAL Y 100 -31.73 -3.62 -35.52
N ASN Y 101 -31.64 -2.86 -34.43
CA ASN Y 101 -30.41 -2.80 -33.65
C ASN Y 101 -30.71 -3.39 -32.27
N VAL Y 102 -29.75 -4.12 -31.69
CA VAL Y 102 -29.99 -4.81 -30.43
C VAL Y 102 -28.83 -4.79 -29.43
N LEU Y 103 -29.21 -4.88 -28.16
CA LEU Y 103 -28.28 -5.09 -27.06
C LEU Y 103 -28.67 -6.38 -26.37
N ILE Y 104 -27.73 -7.31 -26.28
CA ILE Y 104 -27.95 -8.58 -25.63
C ILE Y 104 -27.08 -8.58 -24.39
N GLY Y 105 -27.71 -8.83 -23.24
CA GLY Y 105 -26.96 -8.87 -21.99
C GLY Y 105 -27.47 -10.01 -21.15
N GLY Y 106 -26.56 -10.73 -20.51
CA GLY Y 106 -26.93 -11.93 -19.78
C GLY Y 106 -25.79 -12.50 -18.98
N TYR Y 107 -26.11 -13.43 -18.08
CA TYR Y 107 -25.15 -14.03 -17.16
C TYR Y 107 -24.76 -15.44 -17.62
N ASP Y 108 -23.46 -15.65 -17.86
CA ASP Y 108 -22.95 -16.93 -18.33
C ASP Y 108 -22.80 -17.78 -17.10
N LYS Y 109 -23.77 -18.66 -16.87
CA LYS Y 109 -23.83 -19.43 -15.64
C LYS Y 109 -22.61 -20.36 -15.43
N LYS Y 110 -21.82 -20.52 -16.48
CA LYS Y 110 -20.68 -21.43 -16.46
C LYS Y 110 -19.33 -20.72 -16.22
N LYS Y 111 -19.25 -19.44 -16.54
CA LYS Y 111 -18.06 -18.65 -16.25
C LYS Y 111 -18.35 -17.74 -15.04
N ASN Y 112 -19.61 -17.77 -14.60
CA ASN Y 112 -20.12 -16.86 -13.57
C ASN Y 112 -19.69 -15.41 -13.77
N LYS Y 113 -19.69 -14.97 -15.03
CA LYS Y 113 -19.36 -13.58 -15.41
C LYS Y 113 -20.57 -12.96 -16.13
N PRO Y 114 -20.61 -11.61 -16.20
CA PRO Y 114 -21.68 -10.97 -16.95
C PRO Y 114 -21.13 -10.62 -18.30
N GLU Y 115 -21.97 -10.54 -19.32
CA GLU Y 115 -21.52 -10.27 -20.68
C GLU Y 115 -22.51 -9.33 -21.36
N LEU Y 116 -21.98 -8.33 -22.07
CA LEU Y 116 -22.83 -7.43 -22.87
C LEU Y 116 -22.38 -7.38 -24.33
N TYR Y 117 -23.30 -7.68 -25.24
CA TYR Y 117 -23.01 -7.69 -26.67
C TYR Y 117 -23.78 -6.61 -27.46
N GLN Y 118 -23.13 -6.00 -28.43
CA GLN Y 118 -23.77 -4.96 -29.22
C GLN Y 118 -23.79 -5.38 -30.68
N ILE Y 119 -24.99 -5.37 -31.27
CA ILE Y 119 -25.16 -5.84 -32.64
C ILE Y 119 -26.03 -4.85 -33.41
N ASP Y 120 -25.53 -4.35 -34.54
CA ASP Y 120 -26.33 -3.46 -35.37
C ASP Y 120 -27.01 -4.18 -36.52
N TYR Y 121 -28.03 -3.55 -37.09
CA TYR Y 121 -28.87 -4.19 -38.11
C TYR Y 121 -28.08 -4.86 -39.25
N LEU Y 122 -26.79 -4.59 -39.34
CA LEU Y 122 -25.95 -5.13 -40.42
C LEU Y 122 -25.34 -6.46 -40.04
N GLY Y 123 -25.40 -6.78 -38.76
CA GLY Y 123 -24.78 -7.99 -38.27
C GLY Y 123 -23.44 -7.71 -37.62
N THR Y 124 -23.14 -6.44 -37.38
CA THR Y 124 -21.90 -6.01 -36.74
C THR Y 124 -21.95 -6.32 -35.23
N LYS Y 125 -21.11 -7.24 -34.77
CA LYS Y 125 -21.16 -7.67 -33.38
C LYS Y 125 -19.83 -7.46 -32.69
N VAL Y 126 -19.87 -6.84 -31.51
CA VAL Y 126 -18.68 -6.73 -30.66
C VAL Y 126 -19.08 -6.77 -29.18
N GLU Y 127 -18.22 -7.30 -28.32
CA GLU Y 127 -18.50 -7.36 -26.87
C GLU Y 127 -17.92 -6.16 -26.13
N LEU Y 128 -18.72 -5.62 -25.21
CA LEU Y 128 -18.38 -4.35 -24.56
C LEU Y 128 -18.65 -4.30 -23.07
N PRO Y 129 -17.98 -3.35 -22.40
CA PRO Y 129 -18.23 -2.91 -21.02
C PRO Y 129 -19.49 -2.05 -20.95
N TYR Y 130 -19.70 -1.27 -22.00
CA TYR Y 130 -20.91 -0.47 -22.11
C TYR Y 130 -21.19 -0.22 -23.60
N GLY Y 131 -22.43 0.10 -23.93
CA GLY Y 131 -22.80 0.21 -25.32
C GLY Y 131 -24.12 0.91 -25.57
N ALA Y 132 -24.34 1.31 -26.81
CA ALA Y 132 -25.58 1.99 -27.17
C ALA Y 132 -25.73 2.11 -28.65
N HIS Y 133 -26.99 2.22 -29.08
CA HIS Y 133 -27.37 2.33 -30.47
C HIS Y 133 -28.09 3.62 -30.70
N GLY Y 134 -28.21 3.99 -31.96
CA GLY Y 134 -28.76 5.27 -32.31
C GLY Y 134 -27.72 6.32 -31.98
N TYR Y 135 -28.18 7.50 -31.61
CA TYR Y 135 -27.27 8.58 -31.25
C TYR Y 135 -27.00 8.51 -29.76
N SER Y 136 -27.68 7.59 -29.07
CA SER Y 136 -27.59 7.54 -27.63
C SER Y 136 -26.15 7.60 -27.17
N GLY Y 137 -25.25 7.09 -27.99
CA GLY Y 137 -23.86 6.97 -27.58
C GLY Y 137 -23.08 8.26 -27.40
N PHE Y 138 -23.43 9.30 -28.13
CA PHE Y 138 -22.61 10.51 -28.18
C PHE Y 138 -22.60 11.29 -26.88
N TYR Y 139 -23.76 11.36 -26.24
CA TYR Y 139 -23.87 12.14 -25.03
C TYR Y 139 -23.32 11.40 -23.82
N THR Y 140 -23.29 10.08 -23.92
CA THR Y 140 -23.07 9.22 -22.76
C THR Y 140 -21.72 8.52 -22.74
N PHE Y 141 -21.15 8.27 -23.90
CA PHE Y 141 -19.89 7.55 -23.96
C PHE Y 141 -18.76 8.38 -23.32
N SER Y 142 -18.90 9.70 -23.28
CA SER Y 142 -17.85 10.56 -22.73
C SER Y 142 -17.81 10.44 -21.22
N LEU Y 143 -19.00 10.25 -20.64
CA LEU Y 143 -19.15 10.00 -19.21
C LEU Y 143 -18.65 8.63 -18.78
N LEU Y 144 -18.97 7.60 -19.56
CA LEU Y 144 -18.57 6.22 -19.24
C LEU Y 144 -17.07 6.04 -19.34
N ASP Y 145 -16.48 6.45 -20.46
CA ASP Y 145 -15.04 6.58 -20.57
C ASP Y 145 -14.44 7.02 -19.24
N HIS Y 146 -15.00 8.07 -18.66
CA HIS Y 146 -14.44 8.72 -17.49
C HIS Y 146 -14.70 7.96 -16.19
N HIS Y 147 -15.97 7.66 -15.92
CA HIS Y 147 -16.35 7.17 -14.59
C HIS Y 147 -16.45 5.65 -14.46
N TYR Y 148 -16.05 4.88 -15.49
CA TYR Y 148 -16.27 3.43 -15.46
C TYR Y 148 -15.07 2.64 -14.96
N ARG Y 149 -15.32 1.83 -13.93
CA ARG Y 149 -14.38 0.82 -13.45
C ARG Y 149 -15.08 -0.52 -13.65
N PRO Y 150 -14.33 -1.58 -14.02
CA PRO Y 150 -14.97 -2.88 -14.33
C PRO Y 150 -15.24 -3.71 -13.06
N ASP Y 151 -14.86 -3.18 -11.91
CA ASP Y 151 -15.10 -3.80 -10.61
C ASP Y 151 -16.31 -3.18 -9.91
N MET Y 152 -17.10 -2.42 -10.67
CA MET Y 152 -18.20 -1.65 -10.10
C MET Y 152 -19.30 -2.51 -9.54
N THR Y 153 -19.74 -2.20 -8.32
CA THR Y 153 -20.84 -2.96 -7.73
C THR Y 153 -22.05 -2.73 -8.59
N THR Y 154 -23.06 -3.58 -8.46
CA THR Y 154 -24.27 -3.37 -9.23
C THR Y 154 -24.89 -2.03 -8.82
N GLU Y 155 -24.73 -1.66 -7.55
CA GLU Y 155 -25.24 -0.39 -7.09
C GLU Y 155 -24.45 0.77 -7.70
N GLU Y 156 -23.12 0.69 -7.65
CA GLU Y 156 -22.27 1.73 -8.21
C GLU Y 156 -22.59 2.00 -9.70
N GLY Y 157 -23.07 0.95 -10.38
CA GLY Y 157 -23.34 1.04 -11.79
C GLY Y 157 -24.71 1.59 -12.12
N LEU Y 158 -25.68 1.35 -11.27
CA LEU Y 158 -26.97 2.02 -11.43
C LEU Y 158 -26.77 3.54 -11.32
N ASP Y 159 -25.98 3.99 -10.36
CA ASP Y 159 -25.73 5.42 -10.16
C ASP Y 159 -25.22 6.03 -11.46
N LEU Y 160 -24.12 5.48 -11.97
CA LEU Y 160 -23.55 5.95 -13.23
C LEU Y 160 -24.55 5.92 -14.39
N LEU Y 161 -25.57 5.07 -14.30
CA LEU Y 161 -26.55 4.96 -15.37
C LEU Y 161 -27.48 6.15 -15.32
N LYS Y 162 -27.94 6.48 -14.11
CA LYS Y 162 -28.84 7.61 -13.93
C LYS Y 162 -28.15 8.86 -14.47
N LEU Y 163 -26.83 8.91 -14.34
CA LEU Y 163 -26.08 10.08 -14.75
C LEU Y 163 -26.09 10.25 -16.25
N CYS Y 164 -26.18 9.14 -16.97
CA CYS Y 164 -26.20 9.19 -18.43
C CYS Y 164 -27.56 9.64 -18.93
N VAL Y 165 -28.59 9.03 -18.38
CA VAL Y 165 -29.96 9.43 -18.70
C VAL Y 165 -30.19 10.92 -18.45
N GLN Y 166 -29.63 11.44 -17.36
CA GLN Y 166 -29.76 12.85 -17.04
C GLN Y 166 -29.15 13.73 -18.12
N GLU Y 167 -27.98 13.34 -18.62
CA GLU Y 167 -27.33 14.08 -19.68
C GLU Y 167 -28.12 14.01 -20.98
N LEU Y 168 -28.79 12.88 -21.22
CA LEU Y 168 -29.61 12.71 -22.42
C LEU Y 168 -30.88 13.54 -22.37
N GLU Y 169 -31.38 13.76 -21.18
CA GLU Y 169 -32.57 14.57 -21.02
C GLU Y 169 -32.24 16.05 -21.16
N LYS Y 170 -30.98 16.38 -20.93
CA LYS Y 170 -30.51 17.76 -21.00
C LYS Y 170 -30.11 18.22 -22.40
N ARG Y 171 -29.28 17.44 -23.09
CA ARG Y 171 -28.73 17.86 -24.37
C ARG Y 171 -29.34 17.12 -25.56
N MET Y 172 -30.42 16.37 -25.34
CA MET Y 172 -31.07 15.65 -26.43
C MET Y 172 -32.50 16.09 -26.68
N PRO Y 173 -32.79 16.45 -27.93
CA PRO Y 173 -33.97 17.13 -28.47
C PRO Y 173 -35.23 16.31 -28.38
N MET Y 174 -35.07 14.98 -28.35
CA MET Y 174 -36.20 14.06 -28.23
C MET Y 174 -36.69 13.94 -26.78
N ASP Y 175 -38.01 13.97 -26.61
CA ASP Y 175 -38.65 13.63 -25.34
C ASP Y 175 -38.91 12.13 -25.38
N PHE Y 176 -38.05 11.36 -24.73
CA PHE Y 176 -38.16 9.92 -24.81
C PHE Y 176 -38.96 9.33 -23.66
N LYS Y 177 -39.42 10.20 -22.77
CA LYS Y 177 -40.40 9.81 -21.78
C LYS Y 177 -39.89 8.76 -20.80
N GLY Y 178 -38.59 8.82 -20.51
CA GLY Y 178 -38.00 7.99 -19.47
C GLY Y 178 -37.35 6.70 -19.93
N VAL Y 179 -36.89 5.89 -18.99
CA VAL Y 179 -36.34 4.60 -19.33
C VAL Y 179 -36.97 3.53 -18.48
N ILE Y 180 -36.75 2.29 -18.86
CA ILE Y 180 -36.98 1.13 -18.00
C ILE Y 180 -35.64 0.43 -17.82
N VAL Y 181 -35.21 0.28 -16.58
CA VAL Y 181 -33.93 -0.33 -16.32
C VAL Y 181 -34.18 -1.75 -15.87
N LYS Y 182 -33.49 -2.68 -16.52
CA LYS Y 182 -33.58 -4.10 -16.17
C LYS Y 182 -32.18 -4.58 -15.77
N ILE Y 183 -32.11 -5.55 -14.87
CA ILE Y 183 -30.82 -6.07 -14.44
C ILE Y 183 -30.74 -7.59 -14.62
N VAL Y 184 -29.61 -8.06 -15.10
CA VAL Y 184 -29.40 -9.47 -15.34
C VAL Y 184 -28.23 -9.97 -14.52
N ASP Y 185 -28.47 -10.93 -13.61
CA ASP Y 185 -27.41 -11.51 -12.78
C ASP Y 185 -27.60 -13.00 -12.52
N LYS Y 186 -26.85 -13.54 -11.57
CA LYS Y 186 -26.95 -14.97 -11.26
C LYS Y 186 -28.38 -15.41 -10.97
N ASP Y 187 -29.16 -14.52 -10.36
CA ASP Y 187 -30.54 -14.83 -10.00
C ASP Y 187 -31.53 -14.57 -11.13
N GLY Y 188 -31.05 -14.09 -12.27
CA GLY Y 188 -31.91 -13.89 -13.41
C GLY Y 188 -32.22 -12.45 -13.79
N ILE Y 189 -33.40 -12.23 -14.35
CA ILE Y 189 -33.78 -10.94 -14.90
C ILE Y 189 -34.85 -10.24 -14.08
N ARG Y 190 -34.46 -9.21 -13.34
CA ARG Y 190 -35.42 -8.42 -12.57
C ARG Y 190 -35.46 -6.99 -13.07
N GLN Y 191 -36.54 -6.28 -12.79
CA GLN Y 191 -36.72 -4.91 -13.27
C GLN Y 191 -36.89 -3.86 -12.16
N VAL Y 192 -36.02 -2.85 -12.13
CA VAL Y 192 -36.11 -1.74 -11.17
C VAL Y 192 -37.15 -0.72 -11.61
N ASP Y 193 -38.32 -0.71 -10.96
CA ASP Y 193 -39.38 0.21 -11.38
C ASP Y 193 -39.45 1.46 -10.52
N ASP Y 194 -38.33 1.75 -9.87
CA ASP Y 194 -38.19 2.99 -9.13
C ASP Y 194 -36.94 3.72 -9.62
N PHE Y 195 -37.01 4.31 -10.81
CA PHE Y 195 -35.79 4.87 -11.37
C PHE Y 195 -35.73 6.40 -11.61
N GLN Y 196 -36.75 6.95 -12.25
CA GLN Y 196 -36.76 8.39 -12.54
C GLN Y 196 -36.91 9.23 -11.27
N ALA Y 197 -36.35 8.76 -10.16
CA ALA Y 197 -36.40 9.46 -8.88
C ALA Y 197 -35.70 8.68 -7.76
N GLN Y 198 -34.73 7.83 -8.13
CA GLN Y 198 -33.97 7.07 -7.15
C GLN Y 198 -32.91 7.96 -6.50
N THR Z 1 -59.58 12.03 -41.60
CA THR Z 1 -60.25 10.97 -40.85
C THR Z 1 -59.90 11.01 -39.36
N THR Z 2 -60.89 10.83 -38.48
CA THR Z 2 -60.61 10.72 -37.04
C THR Z 2 -61.26 9.50 -36.38
N THR Z 3 -60.43 8.61 -35.83
CA THR Z 3 -60.92 7.39 -35.16
C THR Z 3 -60.27 7.30 -33.78
N LEU Z 4 -61.04 6.88 -32.77
CA LEU Z 4 -60.52 6.75 -31.40
C LEU Z 4 -61.17 5.61 -30.62
N ALA Z 5 -60.39 4.97 -29.75
CA ALA Z 5 -60.88 3.89 -28.88
C ALA Z 5 -60.20 3.90 -27.52
N PHE Z 6 -60.96 3.57 -26.47
CA PHE Z 6 -60.39 3.53 -25.13
C PHE Z 6 -61.05 2.54 -24.14
N ARG Z 7 -60.24 2.04 -23.21
CA ARG Z 7 -60.68 1.17 -22.12
C ARG Z 7 -61.23 1.91 -20.91
N PHE Z 8 -62.13 1.25 -20.18
CA PHE Z 8 -62.61 1.77 -18.90
C PHE Z 8 -63.36 0.72 -18.06
N GLN Z 9 -63.88 1.12 -16.91
CA GLN Z 9 -64.59 0.19 -16.03
C GLN Z 9 -65.57 -0.68 -16.79
N GLY Z 10 -66.36 -0.05 -17.64
CA GLY Z 10 -67.44 -0.73 -18.34
C GLY Z 10 -67.09 -1.24 -19.72
N GLY Z 11 -65.81 -1.38 -20.02
CA GLY Z 11 -65.38 -1.99 -21.27
C GLY Z 11 -64.61 -1.10 -22.23
N ILE Z 12 -65.13 -0.93 -23.44
CA ILE Z 12 -64.46 -0.13 -24.46
C ILE Z 12 -65.43 0.75 -25.21
N ILE Z 13 -65.04 2.00 -25.42
CA ILE Z 13 -65.76 2.91 -26.31
C ILE Z 13 -64.99 3.00 -27.60
N VAL Z 14 -65.70 2.99 -28.72
CA VAL Z 14 -65.10 3.24 -30.02
C VAL Z 14 -65.91 4.33 -30.64
N ALA Z 15 -65.24 5.33 -31.22
CA ALA Z 15 -65.93 6.42 -31.89
C ALA Z 15 -65.18 6.84 -33.13
N VAL Z 16 -65.92 7.15 -34.19
CA VAL Z 16 -65.31 7.54 -35.44
C VAL Z 16 -66.06 8.69 -36.12
N ASP Z 17 -65.42 9.32 -37.10
CA ASP Z 17 -66.11 10.25 -37.98
C ASP Z 17 -66.65 9.46 -39.15
N SER Z 18 -66.94 10.12 -40.26
CA SER Z 18 -67.47 9.42 -41.41
C SER Z 18 -67.19 10.16 -42.69
N ARG Z 19 -66.29 11.12 -42.63
CA ARG Z 19 -65.97 11.91 -43.80
C ARG Z 19 -64.90 11.21 -44.58
N ALA Z 20 -65.01 11.24 -45.89
CA ALA Z 20 -63.99 10.68 -46.75
C ALA Z 20 -63.76 11.61 -47.93
N THR Z 21 -62.49 11.98 -48.16
CA THR Z 21 -62.18 13.02 -49.14
C THR Z 21 -61.19 12.65 -50.22
N ALA Z 22 -61.43 13.20 -51.42
CA ALA Z 22 -60.54 13.07 -52.57
C ALA Z 22 -59.92 14.44 -52.90
N GLY Z 23 -59.07 14.90 -52.00
CA GLY Z 23 -58.51 16.22 -52.10
C GLY Z 23 -59.36 17.23 -51.36
N ASN Z 24 -59.83 18.26 -52.07
CA ASN Z 24 -60.63 19.28 -51.45
C ASN Z 24 -62.09 18.86 -51.48
N TRP Z 25 -62.35 17.81 -52.25
CA TRP Z 25 -63.71 17.36 -52.53
C TRP Z 25 -64.13 16.29 -51.55
N VAL Z 26 -65.34 16.41 -51.04
CA VAL Z 26 -65.86 15.50 -50.07
C VAL Z 26 -66.78 14.55 -50.82
N ALA Z 27 -66.33 13.29 -50.98
CA ALA Z 27 -66.98 12.39 -51.92
C ALA Z 27 -68.14 11.63 -51.29
N SER Z 28 -68.06 11.43 -49.98
CA SER Z 28 -69.10 10.77 -49.21
C SER Z 28 -68.92 11.15 -47.77
N GLN Z 29 -70.03 11.24 -47.04
CA GLN Z 29 -69.96 11.37 -45.60
C GLN Z 29 -70.73 10.23 -44.96
N THR Z 30 -70.97 9.20 -45.76
CA THR Z 30 -71.69 8.01 -45.33
C THR Z 30 -70.74 6.82 -45.27
N VAL Z 31 -69.66 6.95 -44.50
CA VAL Z 31 -68.62 5.94 -44.45
C VAL Z 31 -68.62 5.29 -43.08
N LYS Z 32 -68.68 3.96 -43.11
CA LYS Z 32 -68.67 3.16 -41.90
C LYS Z 32 -67.23 2.98 -41.47
N ARG Z 33 -66.74 3.88 -40.64
CA ARG Z 33 -65.33 3.86 -40.27
C ARG Z 33 -65.08 2.89 -39.12
N VAL Z 34 -66.14 2.23 -38.66
CA VAL Z 34 -66.00 1.16 -37.68
C VAL Z 34 -66.47 -0.15 -38.28
N ILE Z 35 -65.60 -1.15 -38.25
CA ILE Z 35 -65.83 -2.41 -38.97
C ILE Z 35 -66.35 -3.53 -38.08
N GLU Z 36 -67.61 -3.88 -38.22
CA GLU Z 36 -68.19 -4.97 -37.43
C GLU Z 36 -67.61 -6.30 -37.91
N ILE Z 37 -66.50 -6.70 -37.28
CA ILE Z 37 -65.68 -7.86 -37.66
C ILE Z 37 -66.45 -9.15 -37.44
N ASN Z 38 -66.86 -9.33 -36.18
CA ASN Z 38 -67.85 -10.31 -35.77
C ASN Z 38 -68.50 -9.74 -34.50
N PRO Z 39 -69.57 -10.36 -33.98
CA PRO Z 39 -70.28 -9.61 -32.92
C PRO Z 39 -69.52 -9.35 -31.60
N PHE Z 40 -68.28 -9.83 -31.49
CA PHE Z 40 -67.49 -9.61 -30.25
C PHE Z 40 -66.24 -8.73 -30.44
N LEU Z 41 -65.93 -8.37 -31.69
CA LEU Z 41 -64.73 -7.60 -32.05
C LEU Z 41 -64.97 -6.48 -33.06
N LEU Z 42 -64.34 -5.32 -32.82
CA LEU Z 42 -64.44 -4.18 -33.72
C LEU Z 42 -63.07 -3.73 -34.22
N GLY Z 43 -63.02 -3.24 -35.46
CA GLY Z 43 -61.84 -2.58 -35.99
C GLY Z 43 -62.21 -1.18 -36.45
N THR Z 44 -61.23 -0.28 -36.48
CA THR Z 44 -61.43 1.10 -36.93
C THR Z 44 -60.70 1.44 -38.23
N MET Z 45 -61.47 1.77 -39.25
CA MET Z 45 -60.93 2.15 -40.54
C MET Z 45 -60.19 3.48 -40.45
N ALA Z 46 -58.98 3.52 -40.98
CA ALA Z 46 -58.15 4.69 -40.86
C ALA Z 46 -56.90 4.44 -41.69
N GLY Z 47 -56.62 5.29 -42.67
CA GLY Z 47 -55.53 5.02 -43.57
C GLY Z 47 -56.01 4.72 -44.97
N GLY Z 48 -56.07 3.43 -45.31
CA GLY Z 48 -56.54 2.99 -46.61
C GLY Z 48 -57.94 2.43 -46.56
N ALA Z 49 -58.84 3.02 -47.34
CA ALA Z 49 -60.23 2.66 -47.27
C ALA Z 49 -60.36 1.16 -47.45
N ALA Z 50 -59.94 0.65 -48.60
CA ALA Z 50 -60.11 -0.77 -48.87
C ALA Z 50 -59.24 -1.62 -47.96
N ASP Z 51 -57.94 -1.37 -47.96
CA ASP Z 51 -57.03 -2.15 -47.12
C ASP Z 51 -57.58 -2.50 -45.73
N CYS Z 52 -58.45 -1.66 -45.16
CA CYS Z 52 -59.00 -1.92 -43.83
C CYS Z 52 -60.22 -2.82 -43.92
N GLN Z 53 -61.23 -2.37 -44.65
CA GLN Z 53 -62.47 -3.14 -44.83
C GLN Z 53 -62.13 -4.57 -45.12
N PHE Z 54 -61.17 -4.75 -46.01
CA PHE Z 54 -60.92 -6.06 -46.60
C PHE Z 54 -60.24 -7.03 -45.65
N TRP Z 55 -59.11 -6.62 -45.07
CA TRP Z 55 -58.36 -7.54 -44.24
C TRP Z 55 -59.00 -7.78 -42.88
N GLU Z 56 -59.80 -6.83 -42.43
CA GLU Z 56 -60.56 -7.03 -41.21
C GLU Z 56 -61.81 -7.91 -41.46
N THR Z 57 -62.39 -7.80 -42.65
CA THR Z 57 -63.44 -8.72 -43.08
C THR Z 57 -62.86 -10.13 -43.15
N TRP Z 58 -61.68 -10.24 -43.75
CA TRP Z 58 -60.91 -11.48 -43.81
C TRP Z 58 -60.55 -11.97 -42.42
N LEU Z 59 -60.21 -11.05 -41.53
CA LEU Z 59 -59.91 -11.41 -40.16
C LEU Z 59 -61.11 -12.10 -39.55
N GLY Z 60 -62.30 -11.53 -39.76
CA GLY Z 60 -63.55 -12.10 -39.27
C GLY Z 60 -63.72 -13.56 -39.63
N SER Z 61 -63.33 -13.90 -40.86
CA SER Z 61 -63.31 -15.28 -41.30
C SER Z 61 -62.31 -16.11 -40.51
N GLN Z 62 -61.03 -15.74 -40.56
CA GLN Z 62 -60.00 -16.46 -39.85
C GLN Z 62 -60.33 -16.58 -38.37
N CYS Z 63 -61.26 -15.76 -37.90
CA CYS Z 63 -61.70 -15.79 -36.51
C CYS Z 63 -62.76 -16.85 -36.25
N ARG Z 64 -63.74 -16.92 -37.15
CA ARG Z 64 -64.72 -17.99 -37.12
C ARG Z 64 -64.01 -19.33 -37.29
N LEU Z 65 -63.18 -19.42 -38.33
CA LEU Z 65 -62.42 -20.63 -38.57
C LEU Z 65 -61.69 -21.08 -37.31
N HIS Z 66 -61.31 -20.12 -36.47
CA HIS Z 66 -60.56 -20.44 -35.28
C HIS Z 66 -61.48 -20.87 -34.16
N GLU Z 67 -62.70 -20.35 -34.13
CA GLU Z 67 -63.64 -20.75 -33.09
C GLU Z 67 -64.24 -22.14 -33.36
N LEU Z 68 -64.38 -22.53 -34.63
CA LEU Z 68 -64.91 -23.85 -34.93
C LEU Z 68 -63.88 -24.91 -34.59
N ARG Z 69 -62.61 -24.58 -34.81
CA ARG Z 69 -61.52 -25.53 -34.72
C ARG Z 69 -61.11 -25.77 -33.26
N GLU Z 70 -61.51 -24.85 -32.38
CA GLU Z 70 -61.10 -24.94 -30.96
C GLU Z 70 -62.30 -24.80 -30.05
N LYS Z 71 -63.50 -24.81 -30.62
CA LYS Z 71 -64.73 -24.68 -29.86
C LYS Z 71 -64.67 -23.61 -28.75
N GLU Z 72 -63.77 -22.64 -28.89
CA GLU Z 72 -63.65 -21.55 -27.92
C GLU Z 72 -63.26 -20.20 -28.53
N ARG Z 73 -63.81 -19.11 -27.99
CA ARG Z 73 -63.64 -17.76 -28.53
C ARG Z 73 -62.18 -17.32 -28.66
N ILE Z 74 -61.86 -16.67 -29.76
CA ILE Z 74 -60.49 -16.23 -29.97
C ILE Z 74 -60.18 -14.95 -29.19
N SER Z 75 -59.00 -14.93 -28.60
CA SER Z 75 -58.57 -13.83 -27.74
C SER Z 75 -58.11 -12.62 -28.53
N VAL Z 76 -58.43 -11.43 -28.02
CA VAL Z 76 -58.08 -10.22 -28.75
C VAL Z 76 -56.61 -10.26 -29.12
N ALA Z 77 -55.81 -10.78 -28.19
CA ALA Z 77 -54.37 -10.82 -28.40
C ALA Z 77 -54.01 -11.58 -29.67
N ALA Z 78 -54.70 -12.69 -29.92
CA ALA Z 78 -54.40 -13.53 -31.06
C ALA Z 78 -55.18 -13.13 -32.30
N ALA Z 79 -56.34 -12.52 -32.11
CA ALA Z 79 -57.08 -12.01 -33.25
C ALA Z 79 -56.22 -10.96 -33.92
N SER Z 80 -55.67 -10.06 -33.11
CA SER Z 80 -54.88 -8.94 -33.61
C SER Z 80 -53.56 -9.38 -34.20
N LYS Z 81 -52.90 -10.33 -33.54
CA LYS Z 81 -51.61 -10.82 -34.03
C LYS Z 81 -51.72 -11.60 -35.35
N ILE Z 82 -52.93 -12.00 -35.72
CA ILE Z 82 -53.13 -12.62 -37.03
C ILE Z 82 -53.13 -11.56 -38.10
N LEU Z 83 -53.75 -10.42 -37.78
CA LEU Z 83 -53.86 -9.31 -38.70
C LEU Z 83 -52.51 -8.60 -38.80
N SER Z 84 -51.89 -8.38 -37.65
CA SER Z 84 -50.55 -7.81 -37.62
C SER Z 84 -49.61 -8.66 -38.46
N ASN Z 85 -49.71 -9.98 -38.36
CA ASN Z 85 -48.80 -10.88 -39.09
C ASN Z 85 -49.09 -10.93 -40.60
N LEU Z 86 -50.36 -10.91 -40.94
CA LEU Z 86 -50.73 -10.95 -42.34
C LEU Z 86 -50.26 -9.68 -43.00
N VAL Z 87 -50.35 -8.58 -42.26
CA VAL Z 87 -50.02 -7.26 -42.79
C VAL Z 87 -48.51 -7.01 -42.88
N TYR Z 88 -47.76 -7.54 -41.91
CA TYR Z 88 -46.30 -7.42 -41.91
C TYR Z 88 -45.76 -8.24 -43.06
N GLN Z 89 -46.58 -9.17 -43.53
CA GLN Z 89 -46.17 -10.07 -44.58
C GLN Z 89 -46.09 -9.30 -45.89
N TYR Z 90 -46.92 -8.26 -46.02
CA TYR Z 90 -46.97 -7.36 -47.19
C TYR Z 90 -46.30 -6.02 -46.88
N LYS Z 91 -45.15 -6.03 -46.22
CA LYS Z 91 -44.59 -4.76 -45.79
C LYS Z 91 -44.11 -3.98 -46.98
N GLY Z 92 -44.51 -2.72 -47.05
CA GLY Z 92 -44.09 -1.83 -48.12
C GLY Z 92 -44.35 -2.46 -49.46
N ALA Z 93 -45.55 -3.00 -49.62
CA ALA Z 93 -46.04 -3.33 -50.95
C ALA Z 93 -47.02 -2.23 -51.25
N GLY Z 94 -47.27 -1.41 -50.23
CA GLY Z 94 -48.05 -0.22 -50.41
C GLY Z 94 -49.34 -0.32 -49.65
N LEU Z 95 -49.35 -1.13 -48.60
CA LEU Z 95 -50.55 -1.23 -47.80
C LEU Z 95 -50.63 0.01 -46.92
N SER Z 96 -51.83 0.46 -46.66
CA SER Z 96 -52.07 1.60 -45.79
C SER Z 96 -53.22 1.32 -44.86
N MET Z 97 -52.91 1.04 -43.60
CA MET Z 97 -53.95 0.91 -42.59
C MET Z 97 -53.43 1.23 -41.20
N GLY Z 98 -54.28 1.88 -40.41
CA GLY Z 98 -53.96 2.19 -39.04
C GLY Z 98 -55.23 2.03 -38.21
N THR Z 99 -55.27 0.94 -37.46
CA THR Z 99 -56.53 0.50 -36.88
C THR Z 99 -56.39 0.02 -35.44
N MET Z 100 -57.43 0.24 -34.66
CA MET Z 100 -57.52 -0.34 -33.34
C MET Z 100 -58.45 -1.56 -33.33
N ILE Z 101 -57.90 -2.71 -32.97
CA ILE Z 101 -58.67 -3.93 -32.80
C ILE Z 101 -59.16 -4.00 -31.35
N CYS Z 102 -60.47 -4.09 -31.16
CA CYS Z 102 -61.08 -3.97 -29.82
C CYS Z 102 -61.91 -5.20 -29.43
N GLY Z 103 -61.73 -5.68 -28.19
CA GLY Z 103 -62.47 -6.84 -27.73
C GLY Z 103 -62.50 -6.95 -26.22
N TYR Z 104 -63.46 -7.74 -25.74
CA TYR Z 104 -63.67 -7.93 -24.30
C TYR Z 104 -63.88 -9.43 -24.09
N THR Z 105 -62.89 -10.08 -23.51
CA THR Z 105 -62.93 -11.53 -23.34
C THR Z 105 -62.93 -11.92 -21.87
N ARG Z 106 -63.41 -13.13 -21.58
CA ARG Z 106 -63.35 -13.67 -20.23
C ARG Z 106 -61.98 -13.34 -19.66
N LYS Z 107 -60.94 -13.83 -20.34
CA LYS Z 107 -59.61 -13.97 -19.79
C LYS Z 107 -58.74 -12.71 -19.80
N GLU Z 108 -58.98 -11.80 -20.75
CA GLU Z 108 -58.14 -10.63 -20.95
C GLU Z 108 -58.73 -9.30 -20.44
N GLY Z 109 -60.06 -9.25 -20.34
CA GLY Z 109 -60.75 -8.03 -19.99
C GLY Z 109 -60.89 -7.15 -21.21
N PRO Z 110 -61.31 -5.90 -21.03
CA PRO Z 110 -61.33 -4.99 -22.17
C PRO Z 110 -59.91 -4.87 -22.70
N THR Z 111 -59.73 -5.09 -24.00
CA THR Z 111 -58.39 -5.09 -24.55
C THR Z 111 -58.34 -4.45 -25.92
N ILE Z 112 -57.44 -3.47 -26.08
CA ILE Z 112 -57.26 -2.73 -27.34
C ILE Z 112 -55.84 -2.84 -27.88
N TYR Z 113 -55.74 -3.28 -29.12
CA TYR Z 113 -54.46 -3.39 -29.82
C TYR Z 113 -54.45 -2.39 -30.99
N TYR Z 114 -53.41 -1.59 -31.09
CA TYR Z 114 -53.26 -0.74 -32.26
C TYR Z 114 -52.35 -1.44 -33.26
N VAL Z 115 -52.83 -1.59 -34.50
CA VAL Z 115 -52.12 -2.35 -35.53
C VAL Z 115 -52.04 -1.49 -36.79
N ASP Z 116 -50.84 -1.37 -37.39
CA ASP Z 116 -50.70 -0.56 -38.61
C ASP Z 116 -49.87 -1.18 -39.74
N SER Z 117 -49.93 -0.56 -40.90
CA SER Z 117 -49.23 -1.02 -42.09
C SER Z 117 -47.80 -1.42 -41.78
N ASP Z 118 -47.13 -0.62 -40.95
CA ASP Z 118 -45.72 -0.83 -40.66
C ASP Z 118 -45.41 -2.21 -40.08
N GLY Z 119 -46.38 -2.82 -39.40
CA GLY Z 119 -46.18 -4.10 -38.74
C GLY Z 119 -46.28 -3.97 -37.23
N THR Z 120 -46.61 -2.75 -36.80
CA THR Z 120 -46.66 -2.42 -35.40
C THR Z 120 -47.87 -3.07 -34.76
N ARG Z 121 -47.71 -3.50 -33.52
CA ARG Z 121 -48.79 -4.02 -32.71
C ARG Z 121 -48.57 -3.49 -31.30
N LEU Z 122 -49.54 -2.75 -30.80
CA LEU Z 122 -49.37 -2.10 -29.51
C LEU Z 122 -50.59 -2.19 -28.62
N LYS Z 123 -50.42 -2.75 -27.44
CA LYS Z 123 -51.52 -2.79 -26.49
C LYS Z 123 -51.55 -1.46 -25.79
N GLY Z 124 -52.73 -0.90 -25.63
CA GLY Z 124 -52.87 0.37 -24.98
C GLY Z 124 -54.22 0.57 -24.31
N ASP Z 125 -54.39 1.74 -23.69
CA ASP Z 125 -55.65 2.10 -23.06
C ASP Z 125 -56.36 3.16 -23.90
N ILE Z 126 -55.58 4.08 -24.47
CA ILE Z 126 -56.12 5.16 -25.29
C ILE Z 126 -55.36 5.31 -26.62
N PHE Z 127 -56.10 5.19 -27.71
CA PHE Z 127 -55.58 5.38 -29.05
C PHE Z 127 -56.52 6.22 -29.93
N CYS Z 128 -56.01 7.33 -30.47
CA CYS Z 128 -56.68 8.02 -31.57
C CYS Z 128 -55.79 8.03 -32.80
N VAL Z 129 -56.43 7.92 -33.95
CA VAL Z 129 -55.71 7.73 -35.20
C VAL Z 129 -56.43 8.41 -36.36
N GLY Z 130 -55.65 9.04 -37.22
CA GLY Z 130 -56.20 9.82 -38.32
C GLY Z 130 -55.74 11.27 -38.29
N SER Z 131 -56.19 12.06 -39.27
CA SER Z 131 -55.83 13.47 -39.36
C SER Z 131 -56.17 14.30 -38.12
N GLY Z 132 -57.33 14.05 -37.55
CA GLY Z 132 -57.75 14.79 -36.38
C GLY Z 132 -57.41 14.06 -35.12
N GLN Z 133 -56.36 13.25 -35.18
CA GLN Z 133 -55.98 12.45 -34.02
C GLN Z 133 -55.55 13.32 -32.85
N THR Z 134 -54.84 14.39 -33.14
CA THR Z 134 -54.29 15.22 -32.10
C THR Z 134 -55.37 15.95 -31.32
N PHE Z 135 -56.48 16.23 -32.00
CA PHE Z 135 -57.59 16.94 -31.38
C PHE Z 135 -58.33 16.07 -30.39
N ALA Z 136 -58.61 14.84 -30.81
CA ALA Z 136 -59.22 13.86 -29.94
C ALA Z 136 -58.35 13.67 -28.70
N TYR Z 137 -57.07 13.45 -28.89
CA TYR Z 137 -56.17 13.19 -27.78
C TYR Z 137 -56.32 14.29 -26.75
N GLY Z 138 -56.50 15.52 -27.22
CA GLY Z 138 -56.57 16.66 -26.34
C GLY Z 138 -57.76 16.58 -25.42
N VAL Z 139 -58.91 16.25 -25.98
CA VAL Z 139 -60.13 16.14 -25.20
C VAL Z 139 -60.13 14.90 -24.31
N LEU Z 140 -59.68 13.79 -24.86
CA LEU Z 140 -59.57 12.55 -24.10
C LEU Z 140 -58.61 12.70 -22.93
N ASP Z 141 -57.41 13.19 -23.21
CA ASP Z 141 -56.40 13.34 -22.16
C ASP Z 141 -56.86 14.17 -20.96
N SER Z 142 -57.60 15.26 -21.19
CA SER Z 142 -57.99 16.12 -20.06
C SER Z 142 -59.20 15.61 -19.26
N ASN Z 143 -60.15 14.98 -19.95
CA ASN Z 143 -61.38 14.50 -19.30
C ASN Z 143 -61.53 12.96 -19.26
N TYR Z 144 -60.53 12.22 -18.78
CA TYR Z 144 -60.62 10.76 -18.76
C TYR Z 144 -60.31 10.14 -17.41
N LYS Z 145 -61.37 9.74 -16.71
CA LYS Z 145 -61.23 8.92 -15.52
C LYS Z 145 -61.37 7.47 -16.00
N TRP Z 146 -60.88 6.51 -15.22
CA TRP Z 146 -61.12 5.09 -15.55
C TRP Z 146 -62.55 4.65 -15.21
N ASP Z 147 -63.00 4.96 -14.00
CA ASP Z 147 -64.35 4.60 -13.59
C ASP Z 147 -65.36 5.62 -14.08
N LEU Z 148 -65.61 5.63 -15.38
CA LEU Z 148 -66.51 6.60 -15.98
C LEU Z 148 -67.85 5.94 -16.22
N SER Z 149 -68.93 6.58 -15.80
CA SER Z 149 -70.25 6.01 -16.08
C SER Z 149 -70.31 5.64 -17.56
N VAL Z 150 -70.77 4.44 -17.84
CA VAL Z 150 -70.84 3.98 -19.21
C VAL Z 150 -71.55 4.99 -20.08
N GLU Z 151 -72.30 5.89 -19.45
CA GLU Z 151 -73.07 6.87 -20.19
C GLU Z 151 -72.25 8.14 -20.36
N ASP Z 152 -71.45 8.49 -19.36
CA ASP Z 152 -70.54 9.64 -19.44
C ASP Z 152 -69.39 9.33 -20.39
N ALA Z 153 -68.90 8.10 -20.37
CA ALA Z 153 -67.77 7.71 -21.19
C ALA Z 153 -68.17 7.46 -22.64
N LEU Z 154 -69.46 7.30 -22.87
CA LEU Z 154 -69.95 7.20 -24.24
C LEU Z 154 -70.09 8.61 -24.78
N TYR Z 155 -70.40 9.56 -23.91
CA TYR Z 155 -70.44 10.96 -24.32
C TYR Z 155 -69.05 11.47 -24.63
N LEU Z 156 -68.05 11.04 -23.87
CA LEU Z 156 -66.68 11.47 -24.10
C LEU Z 156 -66.19 11.14 -25.51
N GLY Z 157 -66.51 9.95 -26.00
CA GLY Z 157 -66.16 9.60 -27.36
C GLY Z 157 -66.93 10.45 -28.34
N LYS Z 158 -68.23 10.64 -28.11
CA LYS Z 158 -69.09 11.47 -28.94
C LYS Z 158 -68.43 12.81 -29.18
N ARG Z 159 -67.70 13.32 -28.17
CA ARG Z 159 -67.16 14.70 -28.12
C ARG Z 159 -65.70 14.86 -28.52
N SER Z 160 -64.87 13.88 -28.19
CA SER Z 160 -63.50 13.89 -28.68
C SER Z 160 -63.49 13.82 -30.20
N ILE Z 161 -64.53 13.23 -30.76
CA ILE Z 161 -64.71 13.23 -32.20
C ILE Z 161 -65.20 14.60 -32.67
N LEU Z 162 -66.06 15.23 -31.89
CA LEU Z 162 -66.52 16.56 -32.28
C LEU Z 162 -65.35 17.54 -32.35
N ALA Z 163 -64.57 17.63 -31.28
CA ALA Z 163 -63.45 18.56 -31.25
C ALA Z 163 -62.74 18.50 -32.59
N ALA Z 164 -62.48 17.28 -33.04
CA ALA Z 164 -61.72 17.03 -34.26
C ALA Z 164 -62.44 17.40 -35.55
N ALA Z 165 -63.69 16.98 -35.70
CA ALA Z 165 -64.48 17.28 -36.90
C ALA Z 165 -64.50 18.77 -37.24
N HIS Z 166 -64.63 19.55 -36.17
CA HIS Z 166 -64.63 21.01 -36.23
C HIS Z 166 -63.37 21.58 -36.91
N ARG Z 167 -62.23 21.43 -36.25
CA ARG Z 167 -60.95 21.92 -36.77
C ARG Z 167 -60.54 21.28 -38.09
N ASP Z 168 -60.24 19.99 -38.03
CA ASP Z 168 -59.88 19.24 -39.23
C ASP Z 168 -60.90 19.34 -40.36
N ALA Z 169 -60.39 19.64 -41.55
CA ALA Z 169 -61.25 19.74 -42.72
C ALA Z 169 -61.54 18.34 -43.15
N TYR Z 170 -60.60 17.46 -42.87
CA TYR Z 170 -60.63 16.11 -43.42
C TYR Z 170 -61.36 15.11 -42.55
N SER Z 171 -61.79 15.57 -41.37
CA SER Z 171 -62.73 14.86 -40.52
C SER Z 171 -64.03 15.64 -40.41
N GLY Z 172 -65.10 14.94 -40.10
CA GLY Z 172 -66.43 15.55 -40.01
C GLY Z 172 -67.52 14.61 -40.49
N GLY Z 173 -68.71 15.15 -40.75
CA GLY Z 173 -69.80 14.35 -41.28
C GLY Z 173 -70.82 13.92 -40.24
N SER Z 174 -70.59 12.76 -39.65
CA SER Z 174 -71.42 12.24 -38.56
C SER Z 174 -70.59 11.35 -37.64
N VAL Z 175 -71.07 11.09 -36.43
CA VAL Z 175 -70.33 10.25 -35.49
C VAL Z 175 -71.03 8.91 -35.26
N ASN Z 176 -70.26 7.83 -35.38
CA ASN Z 176 -70.72 6.50 -35.04
C ASN Z 176 -70.17 6.12 -33.68
N LEU Z 177 -71.03 5.57 -32.84
CA LEU Z 177 -70.64 5.15 -31.50
C LEU Z 177 -70.83 3.67 -31.28
N TYR Z 178 -69.88 3.05 -30.59
CA TYR Z 178 -69.98 1.64 -30.24
C TYR Z 178 -69.56 1.45 -28.79
N HIS Z 179 -70.22 0.52 -28.11
CA HIS Z 179 -69.89 0.16 -26.74
C HIS Z 179 -69.55 -1.32 -26.76
N VAL Z 180 -68.44 -1.70 -26.13
CA VAL Z 180 -68.03 -3.09 -26.13
C VAL Z 180 -68.09 -3.66 -24.72
N THR Z 181 -69.00 -4.61 -24.49
CA THR Z 181 -69.09 -5.32 -23.20
C THR Z 181 -68.60 -6.72 -23.38
N GLU Z 182 -68.51 -7.46 -22.28
CA GLU Z 182 -68.01 -8.83 -22.35
C GLU Z 182 -68.95 -9.64 -23.23
N ASP Z 183 -70.23 -9.28 -23.20
CA ASP Z 183 -71.27 -10.01 -23.92
C ASP Z 183 -71.31 -9.68 -25.41
N GLY Z 184 -70.49 -8.70 -25.84
CA GLY Z 184 -70.44 -8.30 -27.24
C GLY Z 184 -70.49 -6.80 -27.38
N TRP Z 185 -70.64 -6.30 -28.61
CA TRP Z 185 -70.75 -4.85 -28.82
C TRP Z 185 -72.17 -4.40 -29.05
N ILE Z 186 -72.43 -3.13 -28.76
CA ILE Z 186 -73.75 -2.55 -28.94
C ILE Z 186 -73.61 -1.24 -29.67
N TYR Z 187 -74.23 -1.12 -30.83
CA TYR Z 187 -74.25 0.14 -31.56
C TYR Z 187 -74.88 1.23 -30.68
N HIS Z 188 -74.38 2.45 -30.80
CA HIS Z 188 -74.98 3.59 -30.09
C HIS Z 188 -75.29 4.77 -31.02
N GLY Z 189 -75.64 4.44 -32.25
CA GLY Z 189 -76.27 5.40 -33.15
C GLY Z 189 -75.33 6.11 -34.09
N ASN Z 190 -75.90 6.94 -34.94
CA ASN Z 190 -75.15 7.81 -35.83
C ASN Z 190 -75.66 9.23 -35.67
N HIS Z 191 -74.91 10.05 -34.94
CA HIS Z 191 -75.33 11.42 -34.63
C HIS Z 191 -74.63 12.42 -35.54
N ASP Z 192 -75.39 13.04 -36.45
CA ASP Z 192 -74.86 13.96 -37.48
C ASP Z 192 -74.14 15.14 -36.85
N VAL Z 193 -72.92 15.40 -37.28
CA VAL Z 193 -72.09 16.43 -36.66
C VAL Z 193 -72.67 17.82 -36.85
N GLY Z 194 -73.35 18.03 -37.97
CA GLY Z 194 -74.04 19.28 -38.20
C GLY Z 194 -74.82 19.68 -36.98
N GLU Z 195 -75.93 18.96 -36.76
CA GLU Z 195 -76.84 19.22 -35.65
C GLU Z 195 -76.20 19.09 -34.26
N LEU Z 196 -75.22 18.20 -34.13
CA LEU Z 196 -74.60 17.92 -32.84
C LEU Z 196 -73.77 19.08 -32.34
N PHE Z 197 -73.10 19.78 -33.26
CA PHE Z 197 -72.28 20.91 -32.86
C PHE Z 197 -73.11 21.90 -32.08
N TRP Z 198 -74.21 22.34 -32.67
CA TRP Z 198 -75.07 23.32 -32.05
C TRP Z 198 -75.60 22.84 -30.70
N LYS Z 199 -76.13 21.62 -30.64
CA LYS Z 199 -76.59 21.03 -29.38
C LYS Z 199 -75.53 21.13 -28.26
N VAL Z 200 -74.26 20.92 -28.58
CA VAL Z 200 -73.17 20.97 -27.59
C VAL Z 200 -72.73 22.40 -27.24
N LYS Z 201 -72.79 23.33 -28.20
CA LYS Z 201 -72.45 24.73 -27.90
C LYS Z 201 -73.40 25.29 -26.85
N GLU Z 202 -74.66 24.91 -26.90
CA GLU Z 202 -75.62 25.40 -25.92
C GLU Z 202 -75.44 24.75 -24.55
N GLU Z 203 -75.49 23.42 -24.50
CA GLU Z 203 -75.45 22.71 -23.22
C GLU Z 203 -74.13 22.80 -22.48
N GLU Z 204 -73.05 23.01 -23.23
CA GLU Z 204 -71.71 23.02 -22.62
C GLU Z 204 -71.22 24.45 -22.37
N GLY Z 205 -71.75 25.40 -23.13
CA GLY Z 205 -71.31 26.79 -23.07
C GLY Z 205 -70.00 26.99 -23.80
N SER Z 206 -69.58 25.94 -24.50
CA SER Z 206 -68.29 25.92 -25.17
C SER Z 206 -68.34 26.41 -26.61
N PHE Z 207 -67.22 26.22 -27.31
CA PHE Z 207 -67.10 26.72 -28.65
C PHE Z 207 -67.50 28.19 -28.66
N ASN Z 208 -66.91 28.94 -27.73
CA ASN Z 208 -67.43 30.26 -27.48
C ASN Z 208 -67.12 31.25 -28.58
N ASN Z 209 -66.11 30.95 -29.39
CA ASN Z 209 -65.72 31.83 -30.49
C ASN Z 209 -66.34 31.42 -31.80
N VAL Z 210 -67.52 30.79 -31.72
CA VAL Z 210 -68.25 30.45 -32.93
C VAL Z 210 -69.63 31.12 -33.00
N ILE Z 211 -69.65 32.30 -33.60
CA ILE Z 211 -70.83 33.14 -33.62
C ILE Z 211 -72.03 32.36 -34.17
N GLY Z 212 -72.98 32.08 -33.29
CA GLY Z 212 -74.21 31.40 -33.66
C GLY Z 212 -75.29 31.57 -32.60
N GLN AA 1 -42.16 6.26 -71.32
CA GLN AA 1 -42.42 4.87 -70.99
C GLN AA 1 -43.82 4.50 -71.40
N PHE AA 2 -44.12 3.20 -71.35
CA PHE AA 2 -45.49 2.73 -71.51
C PHE AA 2 -46.33 3.01 -70.27
N ASN AA 3 -47.51 3.59 -70.50
CA ASN AA 3 -48.43 3.93 -69.42
C ASN AA 3 -49.76 3.28 -69.66
N PRO AA 4 -50.05 2.22 -68.87
CA PRO AA 4 -51.16 1.27 -69.04
C PRO AA 4 -52.49 1.84 -68.66
N TYR AA 5 -52.58 3.13 -68.35
CA TYR AA 5 -53.86 3.70 -67.91
C TYR AA 5 -54.42 4.84 -68.79
N GLY AA 6 -55.71 5.14 -68.60
CA GLY AA 6 -56.40 6.15 -69.38
C GLY AA 6 -57.41 6.95 -68.58
N ASP AA 7 -58.08 7.86 -69.28
CA ASP AA 7 -59.25 8.55 -68.81
C ASP AA 7 -60.11 8.56 -70.05
N ASN AA 8 -61.36 8.17 -69.90
CA ASN AA 8 -62.28 8.14 -71.02
C ASN AA 8 -63.44 9.01 -70.61
N GLY AA 9 -63.36 9.50 -69.37
CA GLY AA 9 -64.30 10.48 -68.89
C GLY AA 9 -65.67 9.94 -68.55
N GLY AA 10 -66.70 10.62 -69.01
CA GLY AA 10 -68.04 10.24 -68.64
C GLY AA 10 -68.28 10.45 -67.16
N THR AA 11 -69.52 10.25 -66.74
CA THR AA 11 -69.95 10.58 -65.40
C THR AA 11 -71.20 9.78 -65.03
N ILE AA 12 -71.15 9.07 -63.91
CA ILE AA 12 -72.26 8.21 -63.53
C ILE AA 12 -72.82 8.62 -62.18
N LEU AA 13 -74.09 8.26 -61.98
CA LEU AA 13 -74.84 8.62 -60.79
C LEU AA 13 -75.82 7.50 -60.45
N GLY AA 14 -75.86 7.10 -59.19
CA GLY AA 14 -76.74 6.03 -58.79
C GLY AA 14 -77.58 6.47 -57.62
N ILE AA 15 -78.88 6.24 -57.71
CA ILE AA 15 -79.80 6.67 -56.67
C ILE AA 15 -80.70 5.53 -56.18
N ALA AA 16 -80.78 5.37 -54.86
CA ALA AA 16 -81.56 4.32 -54.28
C ALA AA 16 -82.93 4.84 -53.90
N GLY AA 17 -83.96 4.27 -54.51
CA GLY AA 17 -85.32 4.61 -54.16
C GLY AA 17 -85.85 3.77 -53.02
N GLU AA 18 -87.16 3.86 -52.79
CA GLU AA 18 -87.83 3.10 -51.76
C GLU AA 18 -88.25 1.72 -52.30
N ASP AA 19 -88.89 1.69 -53.48
CA ASP AA 19 -89.25 0.44 -54.16
C ASP AA 19 -88.54 0.25 -55.50
N PHE AA 20 -87.44 0.97 -55.69
CA PHE AA 20 -86.75 1.03 -56.98
C PHE AA 20 -85.32 1.57 -56.85
N ALA AA 21 -84.59 1.54 -57.95
CA ALA AA 21 -83.28 2.18 -58.02
C ALA AA 21 -82.92 2.53 -59.45
N VAL AA 22 -82.25 3.68 -59.64
CA VAL AA 22 -81.82 4.11 -60.97
C VAL AA 22 -80.32 4.22 -60.97
N LEU AA 23 -79.73 3.99 -62.14
CA LEU AA 23 -78.30 4.04 -62.28
C LEU AA 23 -78.05 4.61 -63.65
N ALA AA 24 -77.61 5.88 -63.67
CA ALA AA 24 -77.50 6.67 -64.89
C ALA AA 24 -76.06 7.04 -65.25
N GLY AA 25 -75.80 7.13 -66.55
CA GLY AA 25 -74.49 7.53 -67.03
C GLY AA 25 -74.62 8.23 -68.35
N ASP AA 26 -73.62 9.04 -68.70
CA ASP AA 26 -73.62 9.71 -70.00
C ASP AA 26 -73.09 8.75 -71.04
N THR AA 27 -73.29 9.12 -72.30
CA THR AA 27 -72.93 8.27 -73.42
C THR AA 27 -71.64 8.67 -74.12
N ARG AA 28 -70.98 9.71 -73.63
CA ARG AA 28 -69.80 10.27 -74.31
C ARG AA 28 -68.53 9.56 -73.88
N ASN AA 29 -67.72 9.16 -74.84
CA ASN AA 29 -66.50 8.45 -74.53
C ASN AA 29 -65.35 9.14 -75.21
N ILE AA 30 -64.42 9.64 -74.40
CA ILE AA 30 -63.38 10.51 -74.94
C ILE AA 30 -61.96 10.10 -74.61
N THR AA 31 -61.04 10.68 -75.35
CA THR AA 31 -59.63 10.57 -75.09
C THR AA 31 -59.07 11.99 -75.16
N ASP AA 32 -58.68 12.52 -74.01
CA ASP AA 32 -58.07 13.85 -73.93
C ASP AA 32 -59.01 14.99 -74.34
N TYR AA 33 -58.89 15.39 -75.61
CA TYR AA 33 -59.61 16.57 -76.14
C TYR AA 33 -60.45 16.21 -77.33
N SER AA 34 -60.30 14.97 -77.82
CA SER AA 34 -61.07 14.52 -78.98
C SER AA 34 -62.26 13.72 -78.51
N ILE AA 35 -63.25 13.52 -79.38
CA ILE AA 35 -64.35 12.63 -79.01
C ILE AA 35 -64.23 11.29 -79.74
N ASN AA 36 -64.45 10.20 -78.99
CA ASN AA 36 -64.34 8.84 -79.50
C ASN AA 36 -65.68 8.30 -80.00
N SER AA 37 -66.67 8.25 -79.10
CA SER AA 37 -68.04 8.07 -79.53
C SER AA 37 -69.02 8.95 -78.78
N ARG AA 38 -70.13 9.23 -79.43
CA ARG AA 38 -71.22 9.95 -78.81
C ARG AA 38 -72.18 8.92 -78.22
N TYR AA 39 -72.19 7.71 -78.77
CA TYR AA 39 -72.93 6.59 -78.17
C TYR AA 39 -72.08 5.35 -77.97
N GLU AA 40 -71.71 5.11 -76.71
CA GLU AA 40 -71.00 3.94 -76.30
C GLU AA 40 -71.33 3.87 -74.85
N PRO AA 41 -72.23 2.94 -74.47
CA PRO AA 41 -72.92 2.95 -73.19
C PRO AA 41 -72.03 2.52 -72.05
N LYS AA 42 -72.41 2.96 -70.87
CA LYS AA 42 -71.54 3.00 -69.72
C LYS AA 42 -72.20 2.12 -68.65
N VAL AA 43 -73.53 2.06 -68.71
CA VAL AA 43 -74.39 1.39 -67.74
C VAL AA 43 -74.98 0.11 -68.31
N PHE AA 44 -74.77 -1.01 -67.60
CA PHE AA 44 -75.07 -2.35 -68.12
C PHE AA 44 -76.04 -3.22 -67.28
N ASP AA 45 -76.92 -3.95 -67.96
CA ASP AA 45 -77.81 -4.93 -67.33
C ASP AA 45 -77.04 -6.24 -67.16
N CYS AA 46 -76.91 -6.71 -65.93
CA CYS AA 46 -76.09 -7.91 -65.65
C CYS AA 46 -76.91 -9.15 -65.34
N GLY AA 47 -78.24 -9.03 -65.39
CA GLY AA 47 -79.13 -10.12 -65.01
C GLY AA 47 -79.41 -10.11 -63.52
N ASP AA 48 -80.27 -11.01 -63.08
CA ASP AA 48 -80.63 -11.03 -61.67
C ASP AA 48 -80.89 -9.62 -61.11
N ASN AA 49 -81.48 -8.76 -61.93
CA ASN AA 49 -81.85 -7.41 -61.53
C ASN AA 49 -80.73 -6.69 -60.82
N ILE AA 50 -79.58 -6.67 -61.49
CA ILE AA 50 -78.42 -5.91 -61.07
C ILE AA 50 -77.85 -5.13 -62.27
N VAL AA 51 -77.80 -3.82 -62.13
CA VAL AA 51 -77.21 -2.97 -63.16
C VAL AA 51 -75.92 -2.43 -62.57
N MET AA 52 -74.85 -2.39 -63.36
CA MET AA 52 -73.61 -1.80 -62.88
C MET AA 52 -72.89 -0.88 -63.89
N SER AA 53 -71.92 -0.12 -63.40
CA SER AA 53 -71.15 0.82 -64.23
C SER AA 53 -69.75 1.00 -63.68
N ALA AA 54 -68.76 0.72 -64.51
CA ALA AA 54 -67.37 0.82 -64.10
C ALA AA 54 -66.75 1.94 -64.88
N ASN AA 55 -66.65 3.12 -64.24
CA ASN AA 55 -66.35 4.34 -64.97
C ASN AA 55 -65.00 4.94 -64.64
N GLY AA 56 -64.39 5.56 -65.64
CA GLY AA 56 -63.03 6.06 -65.54
C GLY AA 56 -62.29 5.65 -66.78
N PHE AA 57 -61.48 4.60 -66.67
CA PHE AA 57 -60.77 4.01 -67.79
C PHE AA 57 -61.56 2.86 -68.46
N ALA AA 58 -62.11 3.08 -69.67
CA ALA AA 58 -62.99 2.11 -70.36
C ALA AA 58 -62.49 0.66 -70.42
N ALA AA 59 -61.30 0.45 -70.98
CA ALA AA 59 -60.71 -0.88 -71.02
C ALA AA 59 -60.74 -1.63 -69.68
N ASP AA 60 -60.44 -0.95 -68.58
CA ASP AA 60 -60.47 -1.57 -67.25
C ASP AA 60 -61.91 -1.78 -66.77
N GLY AA 61 -62.80 -0.84 -67.03
CA GLY AA 61 -64.18 -1.03 -66.63
C GLY AA 61 -64.93 -2.04 -67.50
N ASP AA 62 -64.78 -1.92 -68.81
CA ASP AA 62 -65.31 -2.92 -69.75
C ASP AA 62 -64.87 -4.31 -69.28
N ALA AA 63 -63.62 -4.46 -68.90
CA ALA AA 63 -63.07 -5.74 -68.53
C ALA AA 63 -63.61 -6.23 -67.21
N LEU AA 64 -63.88 -5.31 -66.29
CA LEU AA 64 -64.45 -5.66 -64.98
C LEU AA 64 -65.90 -6.03 -65.08
N VAL AA 65 -66.66 -5.34 -65.93
CA VAL AA 65 -68.03 -5.73 -66.21
C VAL AA 65 -68.09 -7.14 -66.77
N LYS AA 66 -67.29 -7.42 -67.80
CA LYS AA 66 -67.19 -8.75 -68.39
C LYS AA 66 -66.97 -9.80 -67.30
N ARG AA 67 -66.02 -9.52 -66.41
CA ARG AA 67 -65.58 -10.48 -65.41
C ARG AA 67 -66.63 -10.76 -64.32
N PHE AA 68 -67.48 -9.78 -64.03
CA PHE AA 68 -68.57 -9.97 -63.08
C PHE AA 68 -69.78 -10.61 -63.75
N LYS AA 69 -70.16 -10.12 -64.93
CA LYS AA 69 -71.22 -10.73 -65.72
C LYS AA 69 -71.00 -12.25 -65.79
N ASN AA 70 -69.73 -12.63 -65.75
CA ASN AA 70 -69.31 -14.02 -65.77
C ASN AA 70 -69.37 -14.63 -64.39
N SER AA 71 -69.12 -13.85 -63.35
CA SER AA 71 -69.19 -14.35 -61.98
C SER AA 71 -70.61 -14.78 -61.68
N VAL AA 72 -71.57 -14.17 -62.38
CA VAL AA 72 -73.00 -14.49 -62.26
C VAL AA 72 -73.33 -15.79 -62.97
N LYS AA 73 -72.86 -15.96 -64.21
CA LYS AA 73 -73.09 -17.19 -64.98
C LYS AA 73 -72.71 -18.41 -64.15
N TRP AA 74 -71.64 -18.29 -63.37
CA TRP AA 74 -71.09 -19.38 -62.56
C TRP AA 74 -71.65 -19.50 -61.14
N TYR AA 75 -72.23 -18.45 -60.61
CA TYR AA 75 -72.91 -18.59 -59.35
C TYR AA 75 -74.22 -19.30 -59.61
N HIS AA 76 -74.71 -19.20 -60.83
CA HIS AA 76 -75.85 -19.98 -61.30
C HIS AA 76 -75.47 -21.47 -61.36
N PHE AA 77 -74.59 -21.83 -62.29
CA PHE AA 77 -74.19 -23.20 -62.51
C PHE AA 77 -73.78 -23.88 -61.18
N ASP AA 78 -73.05 -23.14 -60.35
CA ASP AA 78 -72.53 -23.62 -59.05
C ASP AA 78 -73.53 -23.71 -57.88
N HIS AA 79 -74.61 -22.94 -57.92
CA HIS AA 79 -75.62 -22.94 -56.84
C HIS AA 79 -77.05 -23.05 -57.36
N ASN AA 80 -77.28 -23.94 -58.33
CA ASN AA 80 -78.62 -24.22 -58.87
C ASN AA 80 -79.45 -22.97 -59.19
N ASP AA 81 -79.07 -22.25 -60.24
CA ASP AA 81 -79.70 -21.02 -60.72
C ASP AA 81 -80.21 -19.99 -59.66
N LYS AA 82 -79.64 -20.01 -58.45
CA LYS AA 82 -79.97 -19.04 -57.37
C LYS AA 82 -79.77 -17.56 -57.74
N LYS AA 83 -80.63 -16.69 -57.21
CA LYS AA 83 -80.52 -15.24 -57.49
C LYS AA 83 -79.39 -14.63 -56.68
N LEU AA 84 -78.59 -13.79 -57.32
CA LEU AA 84 -77.49 -13.15 -56.63
C LEU AA 84 -77.95 -11.94 -55.81
N SER AA 85 -77.95 -12.10 -54.49
CA SER AA 85 -78.34 -11.05 -53.55
C SER AA 85 -77.58 -9.80 -53.97
N ILE AA 86 -78.24 -8.64 -54.05
CA ILE AA 86 -77.49 -7.41 -54.35
C ILE AA 86 -76.27 -7.32 -53.44
N ASN AA 87 -76.50 -7.50 -52.15
CA ASN AA 87 -75.45 -7.37 -51.15
C ASN AA 87 -74.31 -8.34 -51.38
N SER AA 88 -74.60 -9.46 -52.06
CA SER AA 88 -73.59 -10.51 -52.27
C SER AA 88 -72.74 -10.20 -53.49
N ALA AA 89 -73.33 -9.58 -54.49
CA ALA AA 89 -72.57 -9.19 -55.67
C ALA AA 89 -71.61 -8.07 -55.29
N ALA AA 90 -72.10 -7.12 -54.49
CA ALA AA 90 -71.22 -6.12 -53.94
C ALA AA 90 -69.96 -6.77 -53.35
N ARG AA 91 -70.13 -7.69 -52.41
CA ARG AA 91 -68.97 -8.35 -51.80
C ARG AA 91 -68.12 -9.12 -52.82
N ASN AA 92 -68.73 -9.65 -53.87
CA ASN AA 92 -67.95 -10.43 -54.82
C ASN AA 92 -67.13 -9.49 -55.64
N ILE AA 93 -67.66 -8.31 -55.88
CA ILE AA 93 -66.95 -7.25 -56.61
C ILE AA 93 -65.76 -6.73 -55.79
N GLN AA 94 -65.93 -6.58 -54.47
CA GLN AA 94 -64.81 -6.25 -53.59
C GLN AA 94 -63.68 -7.23 -53.83
N HIS AA 95 -63.99 -8.52 -53.87
CA HIS AA 95 -62.95 -9.54 -54.07
C HIS AA 95 -62.38 -9.55 -55.49
N LEU AA 96 -63.19 -9.10 -56.43
CA LEU AA 96 -62.75 -8.99 -57.81
C LEU AA 96 -61.73 -7.88 -57.92
N LEU AA 97 -62.08 -6.72 -57.35
CA LEU AA 97 -61.28 -5.50 -57.46
C LEU AA 97 -60.02 -5.65 -56.68
N TYR AA 98 -60.13 -6.18 -55.47
CA TYR AA 98 -59.00 -6.33 -54.58
C TYR AA 98 -58.07 -7.42 -55.07
N GLY AA 99 -58.55 -8.24 -55.99
CA GLY AA 99 -57.70 -9.25 -56.58
C GLY AA 99 -56.54 -8.59 -57.32
N LYS AA 100 -56.86 -7.53 -58.04
CA LYS AA 100 -55.87 -6.74 -58.75
C LYS AA 100 -55.50 -5.52 -57.90
N ARG AA 101 -55.34 -5.71 -56.60
CA ARG AA 101 -55.06 -4.62 -55.65
C ARG AA 101 -53.82 -3.84 -55.95
N PHE AA 102 -52.83 -4.51 -56.52
CA PHE AA 102 -51.57 -3.88 -56.76
C PHE AA 102 -51.37 -3.59 -58.25
N PHE AA 103 -52.49 -3.34 -58.94
CA PHE AA 103 -52.56 -3.05 -60.38
C PHE AA 103 -54.04 -2.98 -60.74
N PRO AA 104 -54.76 -2.08 -60.07
CA PRO AA 104 -56.20 -2.05 -59.91
C PRO AA 104 -56.90 -1.75 -61.18
N TYR AA 105 -58.18 -2.03 -61.16
CA TYR AA 105 -59.03 -1.59 -62.22
C TYR AA 105 -59.24 -0.12 -61.92
N TYR AA 106 -58.69 0.76 -62.76
CA TYR AA 106 -58.83 2.19 -62.50
C TYR AA 106 -60.26 2.64 -62.80
N VAL AA 107 -61.19 2.34 -61.89
CA VAL AA 107 -62.59 2.69 -62.08
C VAL AA 107 -63.27 3.02 -60.76
N HIS AA 108 -64.05 4.10 -60.72
CA HIS AA 108 -65.01 4.26 -59.65
C HIS AA 108 -66.25 3.57 -60.15
N THR AA 109 -66.75 2.62 -59.36
CA THR AA 109 -67.70 1.68 -59.89
C THR AA 109 -68.93 1.56 -59.00
N ILE AA 110 -70.11 1.60 -59.61
CA ILE AA 110 -71.39 1.64 -58.90
C ILE AA 110 -72.37 0.59 -59.43
N ILE AA 111 -73.06 -0.13 -58.54
CA ILE AA 111 -74.12 -1.04 -58.94
C ILE AA 111 -75.42 -0.67 -58.26
N ALA AA 112 -76.55 -1.02 -58.88
CA ALA AA 112 -77.86 -0.75 -58.28
C ALA AA 112 -78.87 -1.83 -58.59
N GLY AA 113 -79.73 -2.13 -57.63
CA GLY AA 113 -80.79 -3.10 -57.78
C GLY AA 113 -81.69 -3.08 -56.57
N LEU AA 114 -82.17 -4.25 -56.15
CA LEU AA 114 -83.03 -4.34 -54.98
C LEU AA 114 -82.46 -5.28 -53.92
N ASP AA 115 -82.45 -4.84 -52.65
CA ASP AA 115 -82.00 -5.67 -51.54
C ASP AA 115 -83.02 -6.77 -51.23
N GLU AA 116 -82.59 -7.76 -50.47
CA GLU AA 116 -83.45 -8.91 -50.24
C GLU AA 116 -84.84 -8.51 -49.69
N ASP AA 117 -85.00 -7.26 -49.24
CA ASP AA 117 -86.26 -6.81 -48.64
C ASP AA 117 -87.18 -6.12 -49.63
N GLY AA 118 -86.72 -5.92 -50.86
CA GLY AA 118 -87.52 -5.25 -51.88
C GLY AA 118 -87.26 -3.76 -52.03
N LYS AA 119 -86.64 -3.17 -51.01
CA LYS AA 119 -86.24 -1.76 -51.01
C LYS AA 119 -85.09 -1.54 -51.98
N GLY AA 120 -84.88 -0.31 -52.42
CA GLY AA 120 -83.83 -0.02 -53.39
C GLY AA 120 -82.45 0.08 -52.77
N ALA AA 121 -81.43 -0.31 -53.54
CA ALA AA 121 -80.07 -0.27 -53.04
C ALA AA 121 -79.07 0.19 -54.07
N VAL AA 122 -78.03 0.89 -53.60
CA VAL AA 122 -76.92 1.29 -54.44
C VAL AA 122 -75.62 1.12 -53.67
N TYR AA 123 -74.62 0.58 -54.35
CA TYR AA 123 -73.31 0.36 -53.75
C TYR AA 123 -72.25 1.11 -54.56
N SER AA 124 -71.26 1.71 -53.89
CA SER AA 124 -70.13 2.36 -54.57
C SER AA 124 -68.82 1.69 -54.23
N PHE AA 125 -67.86 1.78 -55.15
CA PHE AA 125 -66.56 1.11 -54.98
C PHE AA 125 -65.36 2.00 -55.24
N ASP AA 126 -64.27 1.74 -54.53
CA ASP AA 126 -62.96 2.21 -54.89
C ASP AA 126 -62.58 1.48 -56.15
N PRO AA 127 -61.36 1.73 -56.62
CA PRO AA 127 -60.67 0.90 -57.61
C PRO AA 127 -59.98 -0.29 -56.93
N VAL AA 128 -59.95 -0.25 -55.62
CA VAL AA 128 -59.38 -1.35 -54.86
C VAL AA 128 -60.39 -2.03 -53.96
N GLY AA 129 -61.63 -1.59 -54.01
CA GLY AA 129 -62.68 -2.44 -53.49
C GLY AA 129 -63.22 -2.09 -52.12
N SER AA 130 -62.92 -0.90 -51.63
CA SER AA 130 -63.70 -0.41 -50.51
C SER AA 130 -65.14 -0.26 -50.98
N TYR AA 131 -66.11 -0.84 -50.29
CA TYR AA 131 -67.51 -0.67 -50.69
C TYR AA 131 -68.34 -0.18 -49.53
N GLU AA 132 -69.30 0.71 -49.81
CA GLU AA 132 -70.30 1.03 -48.82
C GLU AA 132 -71.60 1.15 -49.56
N ARG AA 133 -72.69 0.97 -48.83
CA ARG AA 133 -74.00 1.12 -49.45
C ARG AA 133 -74.42 2.56 -49.33
N GLU AA 134 -74.94 3.11 -50.43
CA GLU AA 134 -75.22 4.54 -50.51
C GLU AA 134 -76.64 4.86 -50.89
N GLN AA 135 -77.10 6.05 -50.49
CA GLN AA 135 -78.40 6.59 -50.85
C GLN AA 135 -78.32 7.16 -52.26
N CYS AA 136 -77.33 7.99 -52.51
CA CYS AA 136 -77.01 8.43 -53.87
C CYS AA 136 -75.60 8.94 -53.93
N ARG AA 137 -74.83 8.40 -54.87
CA ARG AA 137 -73.45 8.75 -55.06
C ARG AA 137 -73.24 8.96 -56.53
N ALA AA 138 -72.43 9.96 -56.87
CA ALA AA 138 -72.00 10.14 -58.24
C ALA AA 138 -70.54 9.81 -58.26
N GLY AA 139 -70.11 9.30 -59.41
CA GLY AA 139 -68.72 8.96 -59.65
C GLY AA 139 -68.38 9.55 -60.99
N GLY AA 140 -67.09 9.73 -61.28
CA GLY AA 140 -66.71 10.31 -62.54
C GLY AA 140 -66.22 11.73 -62.41
N ALA AA 141 -65.99 12.37 -63.54
CA ALA AA 141 -65.38 13.70 -63.58
C ALA AA 141 -66.30 14.74 -62.97
N ALA AA 142 -67.55 14.75 -63.41
CA ALA AA 142 -68.53 15.73 -63.01
C ALA AA 142 -69.20 15.37 -61.70
N ALA AA 143 -68.58 14.47 -60.96
CA ALA AA 143 -69.12 14.08 -59.68
C ALA AA 143 -69.37 15.34 -58.84
N SER AA 144 -68.42 16.26 -58.86
CA SER AA 144 -68.49 17.44 -58.00
C SER AA 144 -69.56 18.49 -58.36
N LEU AA 145 -70.07 18.44 -59.58
CA LEU AA 145 -71.13 19.36 -60.01
C LEU AA 145 -72.53 18.83 -59.74
N ILE AA 146 -72.60 17.53 -59.44
CA ILE AA 146 -73.88 16.87 -59.19
C ILE AA 146 -74.20 16.72 -57.70
N MET AA 147 -73.31 16.12 -56.94
CA MET AA 147 -73.57 15.87 -55.53
C MET AA 147 -74.08 17.06 -54.71
N PRO AA 148 -73.44 18.23 -54.81
CA PRO AA 148 -73.96 19.32 -53.99
C PRO AA 148 -75.44 19.54 -54.29
N PHE AA 149 -75.78 19.64 -55.57
CA PHE AA 149 -77.15 19.81 -56.01
C PHE AA 149 -78.10 18.71 -55.52
N LEU AA 150 -77.65 17.46 -55.57
CA LEU AA 150 -78.47 16.36 -55.09
C LEU AA 150 -78.69 16.45 -53.59
N ASP AA 151 -77.62 16.70 -52.84
CA ASP AA 151 -77.71 16.89 -51.41
C ASP AA 151 -78.80 17.87 -51.05
N ASN AA 152 -79.00 18.84 -51.93
CA ASN AA 152 -79.93 19.92 -51.65
C ASN AA 152 -81.36 19.60 -52.08
N GLN AA 153 -81.51 19.09 -53.30
CA GLN AA 153 -82.84 18.78 -53.83
C GLN AA 153 -83.35 17.33 -53.61
N VAL AA 154 -82.54 16.43 -53.05
CA VAL AA 154 -82.95 15.06 -52.75
C VAL AA 154 -83.00 14.73 -51.24
N ASN AA 155 -81.97 15.17 -50.52
CA ASN AA 155 -81.91 14.99 -49.07
C ASN AA 155 -82.28 16.29 -48.34
N PHE AA 156 -82.77 17.29 -49.09
CA PHE AA 156 -83.16 18.61 -48.59
C PHE AA 156 -82.22 19.18 -47.52
N LYS AA 157 -80.94 19.28 -47.87
CA LYS AA 157 -79.93 19.79 -46.95
C LYS AA 157 -80.00 21.31 -46.91
N ASN AA 158 -79.52 21.90 -45.82
CA ASN AA 158 -79.48 23.36 -45.64
C ASN AA 158 -80.81 24.04 -45.93
N GLN AA 159 -81.86 23.23 -46.06
CA GLN AA 159 -83.23 23.74 -46.24
C GLN AA 159 -84.06 23.63 -44.97
N TYR AA 160 -84.70 24.75 -44.59
CA TYR AA 160 -85.50 24.80 -43.38
C TYR AA 160 -86.99 25.07 -43.65
N GLU AA 161 -87.83 24.88 -42.64
CA GLU AA 161 -89.24 25.21 -42.80
C GLU AA 161 -89.36 26.73 -42.70
N PRO AA 162 -89.97 27.34 -43.72
CA PRO AA 162 -90.12 28.79 -43.75
C PRO AA 162 -90.74 29.33 -42.46
N GLY AA 163 -90.23 30.45 -41.97
CA GLY AA 163 -90.81 31.08 -40.80
C GLY AA 163 -90.83 30.23 -39.54
N THR AA 164 -89.86 29.32 -39.41
CA THR AA 164 -89.65 28.62 -38.15
C THR AA 164 -88.31 29.07 -37.59
N ASN AA 165 -87.83 30.22 -38.10
CA ASN AA 165 -86.59 30.84 -37.66
C ASN AA 165 -85.36 30.13 -38.23
N GLY AA 166 -85.38 28.81 -38.14
CA GLY AA 166 -84.26 27.99 -38.54
C GLY AA 166 -84.07 26.88 -37.53
N LYS AA 167 -85.19 26.32 -37.07
CA LYS AA 167 -85.18 25.27 -36.05
C LYS AA 167 -85.80 23.97 -36.57
N VAL AA 168 -86.67 24.07 -37.57
CA VAL AA 168 -87.31 22.89 -38.15
C VAL AA 168 -86.74 22.59 -39.53
N LYS AA 169 -86.01 21.48 -39.66
CA LYS AA 169 -85.46 21.09 -40.96
C LYS AA 169 -86.57 20.75 -41.93
N LYS AA 170 -86.39 21.06 -43.21
CA LYS AA 170 -87.44 20.74 -44.16
C LYS AA 170 -87.52 19.24 -44.14
N PRO AA 171 -88.74 18.71 -43.93
CA PRO AA 171 -89.07 17.29 -43.75
C PRO AA 171 -88.74 16.46 -44.97
N LEU AA 172 -87.95 15.40 -44.80
CA LEU AA 172 -87.57 14.51 -45.89
C LEU AA 172 -88.75 13.74 -46.44
N LYS AA 173 -89.03 13.88 -47.74
CA LYS AA 173 -90.15 13.19 -48.39
C LYS AA 173 -89.57 12.03 -49.18
N TYR AA 174 -90.39 11.07 -49.61
CA TYR AA 174 -89.91 10.17 -50.65
C TYR AA 174 -90.55 10.17 -52.03
N LEU AA 175 -89.69 10.01 -53.04
CA LEU AA 175 -89.89 10.54 -54.40
C LEU AA 175 -90.21 9.52 -55.46
N SER AA 176 -91.21 9.82 -56.28
CA SER AA 176 -91.58 8.90 -57.35
C SER AA 176 -90.38 8.70 -58.25
N VAL AA 177 -90.28 7.52 -58.82
CA VAL AA 177 -89.25 7.27 -59.81
C VAL AA 177 -89.30 8.35 -60.88
N GLU AA 178 -90.45 8.97 -61.09
CA GLU AA 178 -90.57 10.01 -62.11
C GLU AA 178 -89.91 11.31 -61.67
N GLU AA 179 -89.87 11.55 -60.36
CA GLU AA 179 -89.25 12.74 -59.79
C GLU AA 179 -87.73 12.60 -59.77
N VAL AA 180 -87.25 11.46 -59.31
CA VAL AA 180 -85.82 11.19 -59.35
C VAL AA 180 -85.29 11.35 -60.78
N ILE AA 181 -86.01 10.79 -61.75
CA ILE AA 181 -85.67 11.02 -63.15
C ILE AA 181 -85.60 12.52 -63.52
N LYS AA 182 -86.50 13.34 -62.99
CA LYS AA 182 -86.39 14.78 -63.23
C LYS AA 182 -85.02 15.28 -62.74
N LEU AA 183 -84.69 15.03 -61.48
CA LEU AA 183 -83.43 15.52 -60.92
C LEU AA 183 -82.22 14.97 -61.64
N VAL AA 184 -82.29 13.73 -62.09
CA VAL AA 184 -81.16 13.16 -62.79
C VAL AA 184 -80.91 13.94 -64.09
N ARG AA 185 -81.94 14.07 -64.90
CA ARG AA 185 -81.73 14.73 -66.18
C ARG AA 185 -81.60 16.26 -66.09
N ASP AA 186 -81.61 16.80 -64.87
CA ASP AA 186 -81.28 18.21 -64.68
C ASP AA 186 -79.90 18.34 -64.06
N SER AA 187 -79.49 17.31 -63.33
CA SER AA 187 -78.14 17.23 -62.83
C SER AA 187 -77.21 17.16 -64.02
N PHE AA 188 -77.59 16.35 -65.00
CA PHE AA 188 -76.79 16.20 -66.20
C PHE AA 188 -76.82 17.38 -67.18
N THR AA 189 -78.00 17.92 -67.51
CA THR AA 189 -78.05 19.08 -68.40
C THR AA 189 -77.24 20.23 -67.82
N SER AA 190 -77.21 20.34 -66.50
CA SER AA 190 -76.34 21.28 -65.81
C SER AA 190 -74.88 20.97 -66.06
N ALA AA 191 -74.40 19.85 -65.54
CA ALA AA 191 -73.01 19.43 -65.76
C ALA AA 191 -72.52 19.59 -67.20
N THR AA 192 -73.37 19.23 -68.17
CA THR AA 192 -72.98 19.25 -69.58
C THR AA 192 -72.47 20.60 -70.03
N GLU AA 193 -73.03 21.62 -69.39
CA GLU AA 193 -72.78 23.05 -69.65
C GLU AA 193 -71.42 23.51 -69.14
N ARG AA 194 -71.06 23.09 -67.93
CA ARG AA 194 -69.81 23.49 -67.30
C ARG AA 194 -68.69 22.41 -67.23
N HIS AA 195 -68.94 21.21 -67.76
CA HIS AA 195 -67.88 20.20 -67.96
C HIS AA 195 -67.77 19.77 -69.45
N ILE AA 196 -66.55 19.76 -69.94
CA ILE AA 196 -66.35 19.54 -71.37
C ILE AA 196 -66.30 18.06 -71.65
N GLN AA 197 -66.18 17.27 -70.59
CA GLN AA 197 -66.13 15.82 -70.68
C GLN AA 197 -67.52 15.18 -70.56
N VAL AA 198 -68.53 16.02 -70.31
CA VAL AA 198 -69.91 15.57 -70.26
C VAL AA 198 -70.77 16.13 -71.40
N GLY AA 199 -71.57 15.23 -71.98
CA GLY AA 199 -72.51 15.57 -73.03
C GLY AA 199 -73.00 14.40 -73.85
N ASP AA 200 -73.68 14.71 -74.96
CA ASP AA 200 -74.01 13.75 -76.02
C ASP AA 200 -75.30 12.95 -75.80
N GLY AA 201 -75.35 12.20 -74.71
CA GLY AA 201 -76.49 11.35 -74.40
C GLY AA 201 -76.57 11.00 -72.92
N LEU AA 202 -77.77 10.76 -72.43
CA LEU AA 202 -77.99 10.30 -71.06
C LEU AA 202 -78.84 9.03 -71.05
N GLU AA 203 -78.27 7.94 -70.51
CA GLU AA 203 -78.95 6.66 -70.44
C GLU AA 203 -79.17 6.27 -68.99
N ILE AA 204 -80.41 5.91 -68.67
CA ILE AA 204 -80.74 5.47 -67.34
C ILE AA 204 -81.33 4.07 -67.36
N LEU AA 205 -80.79 3.20 -66.51
CA LEU AA 205 -81.39 1.91 -66.24
C LEU AA 205 -82.21 2.00 -64.97
N ILE AA 206 -83.42 1.43 -64.99
CA ILE AA 206 -84.29 1.55 -63.84
C ILE AA 206 -84.71 0.17 -63.37
N VAL AA 207 -84.45 -0.12 -62.10
CA VAL AA 207 -84.80 -1.41 -61.51
C VAL AA 207 -86.00 -1.31 -60.57
N THR AA 208 -87.03 -2.11 -60.87
CA THR AA 208 -88.21 -2.22 -60.04
C THR AA 208 -88.32 -3.70 -59.72
N LYS AA 209 -89.30 -4.10 -58.92
CA LYS AA 209 -89.48 -5.53 -58.75
C LYS AA 209 -89.88 -6.17 -60.07
N ASP AA 210 -90.32 -5.36 -61.03
CA ASP AA 210 -90.77 -5.83 -62.34
C ASP AA 210 -89.64 -6.06 -63.33
N GLY AA 211 -88.42 -5.66 -62.99
CA GLY AA 211 -87.29 -5.87 -63.88
C GLY AA 211 -86.55 -4.60 -64.22
N VAL AA 212 -85.82 -4.63 -65.33
CA VAL AA 212 -84.99 -3.50 -65.73
C VAL AA 212 -85.48 -2.78 -66.99
N ARG AA 213 -85.64 -1.46 -66.90
CA ARG AA 213 -86.17 -0.64 -68.01
C ARG AA 213 -85.11 0.37 -68.46
N LYS AA 214 -85.05 0.67 -69.75
CA LYS AA 214 -84.12 1.69 -70.29
C LYS AA 214 -84.84 2.94 -70.79
N GLU AA 215 -84.55 4.08 -70.16
CA GLU AA 215 -84.99 5.36 -70.70
C GLU AA 215 -83.75 6.09 -71.23
N PHE AA 216 -83.88 6.80 -72.35
CA PHE AA 216 -82.77 7.54 -72.95
C PHE AA 216 -83.09 8.97 -73.40
N TYR AA 217 -82.25 9.91 -72.98
CA TYR AA 217 -82.46 11.34 -73.19
C TYR AA 217 -81.23 12.00 -73.84
N GLU AA 218 -81.44 12.90 -74.80
CA GLU AA 218 -80.32 13.51 -75.54
C GLU AA 218 -79.63 14.56 -74.65
N LEU AA 219 -78.35 14.81 -74.92
CA LEU AA 219 -77.58 15.85 -74.24
C LEU AA 219 -76.83 16.75 -75.22
N LYS AA 220 -76.47 17.96 -74.78
CA LYS AA 220 -75.78 18.92 -75.63
C LYS AA 220 -74.49 18.32 -76.20
N ARG AA 221 -74.21 18.50 -77.50
CA ARG AA 221 -73.06 17.86 -78.13
C ARG AA 221 -71.80 18.71 -78.32
N ASP AA 222 -71.57 19.70 -77.46
CA ASP AA 222 -70.44 20.63 -77.63
C ASP AA 222 -69.19 20.25 -76.83
N THR BA 1 -42.79 -3.10 -72.17
CA THR BA 1 -42.59 -1.66 -72.19
C THR BA 1 -41.70 -1.34 -73.37
N GLN BA 2 -42.28 -1.48 -74.55
CA GLN BA 2 -41.56 -1.20 -75.77
C GLN BA 2 -41.72 0.23 -76.23
N GLN BA 3 -41.28 0.48 -77.46
CA GLN BA 3 -41.58 1.72 -78.16
C GLN BA 3 -41.50 1.52 -79.68
N PRO BA 4 -42.37 2.22 -80.40
CA PRO BA 4 -42.68 2.03 -81.81
C PRO BA 4 -41.48 2.37 -82.57
N ILE BA 5 -41.39 1.90 -83.80
CA ILE BA 5 -40.32 2.29 -84.68
C ILE BA 5 -40.94 2.58 -86.01
N VAL BA 6 -41.07 1.51 -86.79
CA VAL BA 6 -41.64 1.64 -88.08
C VAL BA 6 -43.12 1.71 -87.82
N THR BA 7 -43.74 2.83 -88.21
CA THR BA 7 -45.13 3.11 -87.89
C THR BA 7 -45.89 3.41 -89.15
N GLY BA 8 -47.22 3.42 -89.05
CA GLY BA 8 -48.04 3.80 -90.19
C GLY BA 8 -49.03 4.75 -89.58
N THR BA 9 -49.55 5.71 -90.34
CA THR BA 9 -50.39 6.72 -89.70
C THR BA 9 -51.86 6.40 -89.65
N SER BA 10 -52.71 7.40 -89.81
CA SER BA 10 -54.15 7.26 -89.61
C SER BA 10 -54.79 6.11 -90.35
N VAL BA 11 -55.84 5.53 -89.75
CA VAL BA 11 -56.82 4.66 -90.42
C VAL BA 11 -58.18 5.33 -90.21
N ILE BA 12 -58.98 5.41 -91.26
CA ILE BA 12 -60.28 6.09 -91.17
C ILE BA 12 -61.40 5.22 -91.71
N SER BA 13 -62.60 5.37 -91.17
CA SER BA 13 -63.72 4.52 -91.54
C SER BA 13 -65.05 5.07 -91.08
N MET BA 14 -66.10 4.80 -91.85
CA MET BA 14 -67.46 5.17 -91.48
C MET BA 14 -68.38 4.07 -91.96
N LYS BA 15 -69.56 3.95 -91.33
CA LYS BA 15 -70.58 3.03 -91.83
C LYS BA 15 -71.66 3.72 -92.68
N TYR BA 16 -72.37 2.97 -93.51
CA TYR BA 16 -73.41 3.53 -94.37
C TYR BA 16 -74.60 2.59 -94.63
N ASP BA 17 -75.47 2.97 -95.55
CA ASP BA 17 -76.77 2.29 -95.69
C ASP BA 17 -76.71 0.75 -95.60
N ASN BA 18 -75.75 0.14 -96.27
CA ASN BA 18 -75.67 -1.32 -96.39
C ASN BA 18 -74.43 -1.95 -95.76
N GLY BA 19 -73.25 -1.41 -96.07
CA GLY BA 19 -71.99 -1.94 -95.59
C GLY BA 19 -71.17 -0.97 -94.74
N VAL BA 20 -69.85 -0.96 -94.94
CA VAL BA 20 -68.96 0.00 -94.28
C VAL BA 20 -67.73 0.23 -95.15
N ILE BA 21 -67.01 1.34 -94.93
CA ILE BA 21 -65.79 1.64 -95.69
C ILE BA 21 -64.63 1.89 -94.74
N ILE BA 22 -63.44 1.47 -95.14
CA ILE BA 22 -62.25 1.70 -94.35
C ILE BA 22 -61.08 1.94 -95.30
N ALA BA 23 -60.21 2.85 -94.92
CA ALA BA 23 -59.07 3.23 -95.74
C ALA BA 23 -57.87 3.59 -94.89
N ALA BA 24 -56.67 3.47 -95.46
CA ALA BA 24 -55.44 3.76 -94.75
C ALA BA 24 -54.30 3.79 -95.74
N ASP BA 25 -53.42 4.79 -95.64
CA ASP BA 25 -52.33 4.91 -96.61
C ASP BA 25 -51.32 3.78 -96.53
N ASN BA 26 -50.41 3.74 -97.50
CA ASN BA 26 -49.45 2.66 -97.70
C ASN BA 26 -48.02 3.02 -97.27
N LEU BA 27 -47.89 3.74 -96.16
CA LEU BA 27 -46.58 4.21 -95.73
C LEU BA 27 -46.29 3.79 -94.31
N GLY BA 28 -45.13 3.15 -94.13
CA GLY BA 28 -44.53 2.95 -92.82
C GLY BA 28 -43.28 3.80 -92.65
N SER BA 29 -43.18 4.54 -91.54
CA SER BA 29 -42.17 5.59 -91.38
C SER BA 29 -41.23 5.39 -90.18
N TYR BA 30 -39.94 5.45 -90.47
CA TYR BA 30 -38.87 5.37 -89.48
C TYR BA 30 -38.63 6.75 -88.90
N GLY BA 31 -39.35 7.11 -87.88
CA GLY BA 31 -39.18 8.43 -87.34
C GLY BA 31 -39.70 9.47 -88.31
N SER BA 32 -38.81 10.38 -88.70
CA SER BA 32 -39.19 11.44 -89.61
C SER BA 32 -38.88 11.06 -91.05
N LEU BA 33 -38.36 9.84 -91.25
CA LEU BA 33 -37.99 9.32 -92.58
C LEU BA 33 -39.06 8.43 -93.20
N LEU BA 34 -39.68 8.90 -94.27
CA LEU BA 34 -40.75 8.16 -94.91
C LEU BA 34 -40.15 6.95 -95.61
N ARG BA 35 -39.81 5.93 -94.82
CA ARG BA 35 -38.92 4.85 -95.23
C ARG BA 35 -39.53 3.82 -96.16
N PHE BA 36 -40.69 3.32 -95.81
CA PHE BA 36 -41.25 2.21 -96.56
C PHE BA 36 -42.53 2.62 -97.26
N ASN BA 37 -42.57 2.42 -98.57
CA ASN BA 37 -43.59 3.03 -99.41
C ASN BA 37 -44.62 2.08 -100.02
N GLY BA 38 -44.51 0.80 -99.70
CA GLY BA 38 -45.42 -0.18 -100.26
C GLY BA 38 -46.20 -1.00 -99.25
N VAL BA 39 -46.39 -0.46 -98.05
CA VAL BA 39 -47.03 -1.15 -96.95
C VAL BA 39 -48.55 -1.22 -97.05
N GLU BA 40 -49.11 -2.41 -96.86
CA GLU BA 40 -50.56 -2.53 -96.82
C GLU BA 40 -51.06 -2.70 -95.42
N ARG BA 41 -51.95 -1.81 -95.00
CA ARG BA 41 -52.37 -1.74 -93.61
C ARG BA 41 -53.85 -2.04 -93.54
N LEU BA 42 -54.38 -2.51 -94.65
CA LEU BA 42 -55.68 -3.14 -94.61
C LEU BA 42 -55.53 -4.66 -94.76
N ILE BA 43 -55.97 -5.38 -93.73
CA ILE BA 43 -55.86 -6.82 -93.74
C ILE BA 43 -57.22 -7.46 -93.87
N PRO BA 44 -57.53 -8.03 -95.04
CA PRO BA 44 -58.79 -8.74 -95.24
C PRO BA 44 -58.83 -10.05 -94.47
N VAL BA 45 -59.96 -10.33 -93.83
CA VAL BA 45 -60.21 -11.65 -93.25
C VAL BA 45 -61.52 -12.21 -93.77
N GLY BA 46 -61.44 -13.23 -94.61
CA GLY BA 46 -62.60 -13.70 -95.30
C GLY BA 46 -62.96 -12.72 -96.39
N ASP BA 47 -64.25 -12.60 -96.66
CA ASP BA 47 -64.81 -11.54 -97.48
C ASP BA 47 -66.00 -10.93 -96.75
N ASN BA 48 -65.80 -10.71 -95.46
CA ASN BA 48 -66.77 -10.01 -94.63
C ASN BA 48 -66.10 -9.15 -93.56
N THR BA 49 -64.78 -9.21 -93.48
CA THR BA 49 -64.05 -8.37 -92.54
C THR BA 49 -62.77 -7.79 -93.13
N VAL BA 50 -62.54 -6.50 -92.89
CA VAL BA 50 -61.27 -5.85 -93.17
C VAL BA 50 -60.75 -5.23 -91.88
N VAL BA 51 -59.49 -5.49 -91.54
CA VAL BA 51 -58.90 -4.99 -90.31
C VAL BA 51 -57.86 -3.94 -90.64
N GLY BA 52 -58.05 -2.73 -90.14
CA GLY BA 52 -57.14 -1.65 -90.42
C GLY BA 52 -56.27 -1.35 -89.23
N ILE BA 53 -54.99 -1.14 -89.50
CA ILE BA 53 -54.02 -1.02 -88.42
C ILE BA 53 -53.07 0.17 -88.55
N SER BA 54 -53.03 1.00 -87.51
CA SER BA 54 -52.05 2.08 -87.43
C SER BA 54 -51.15 1.74 -86.28
N GLY BA 55 -49.94 2.29 -86.26
CA GLY BA 55 -49.07 2.08 -85.12
C GLY BA 55 -47.86 1.32 -85.56
N ASP BA 56 -47.25 0.54 -84.65
CA ASP BA 56 -45.99 -0.17 -84.92
C ASP BA 56 -46.21 -1.28 -85.93
N ILE BA 57 -45.65 -1.09 -87.12
CA ILE BA 57 -45.67 -2.05 -88.22
C ILE BA 57 -45.13 -3.48 -87.90
N SER BA 58 -44.14 -3.60 -87.02
CA SER BA 58 -43.67 -4.93 -86.65
C SER BA 58 -44.78 -5.65 -85.90
N ASP BA 59 -45.40 -4.96 -84.94
CA ASP BA 59 -46.53 -5.52 -84.17
C ASP BA 59 -47.76 -5.66 -85.07
N MET BA 60 -47.74 -5.03 -86.24
CA MET BA 60 -48.86 -5.16 -87.16
C MET BA 60 -48.73 -6.45 -87.93
N GLN BA 61 -47.51 -6.73 -88.38
CA GLN BA 61 -47.22 -7.95 -89.11
C GLN BA 61 -47.41 -9.18 -88.24
N HIS BA 62 -47.24 -9.01 -86.94
CA HIS BA 62 -47.52 -10.05 -85.97
C HIS BA 62 -49.01 -10.28 -85.89
N ILE BA 63 -49.75 -9.19 -85.70
CA ILE BA 63 -51.19 -9.29 -85.72
C ILE BA 63 -51.72 -9.83 -87.04
N GLU BA 64 -51.01 -9.61 -88.13
CA GLU BA 64 -51.46 -10.16 -89.39
C GLU BA 64 -51.31 -11.67 -89.35
N ARG BA 65 -50.13 -12.18 -89.00
CA ARG BA 65 -49.98 -13.64 -88.91
C ARG BA 65 -50.95 -14.24 -87.89
N LEU BA 66 -51.32 -13.50 -86.85
CA LEU BA 66 -52.29 -14.05 -85.89
C LEU BA 66 -53.64 -14.32 -86.52
N LEU BA 67 -54.00 -13.54 -87.54
CA LEU BA 67 -55.27 -13.74 -88.23
C LEU BA 67 -55.12 -14.80 -89.34
N LYS BA 68 -54.06 -14.72 -90.15
CA LYS BA 68 -53.79 -15.81 -91.09
C LYS BA 68 -53.78 -17.13 -90.31
N ASP BA 69 -53.18 -17.12 -89.13
CA ASP BA 69 -53.19 -18.29 -88.25
C ASP BA 69 -54.62 -18.62 -87.75
N LEU BA 70 -55.43 -17.60 -87.48
CA LEU BA 70 -56.74 -17.85 -86.88
C LEU BA 70 -57.74 -18.27 -87.93
N VAL BA 71 -57.40 -18.04 -89.18
CA VAL BA 71 -58.28 -18.48 -90.25
C VAL BA 71 -57.99 -19.92 -90.54
N THR BA 72 -56.70 -20.30 -90.47
CA THR BA 72 -56.27 -21.68 -90.67
C THR BA 72 -56.92 -22.61 -89.65
N GLU BA 73 -57.00 -22.15 -88.40
CA GLU BA 73 -57.59 -22.92 -87.29
C GLU BA 73 -59.09 -23.14 -87.48
N ASN BA 74 -59.79 -22.09 -87.91
CA ASN BA 74 -61.24 -22.13 -88.04
C ASN BA 74 -61.71 -23.26 -88.92
N ALA BA 75 -60.91 -23.55 -89.95
CA ALA BA 75 -61.25 -24.51 -91.02
C ALA BA 75 -61.14 -25.97 -90.58
N TYR BA 76 -60.27 -26.17 -89.62
CA TYR BA 76 -59.99 -27.49 -89.09
C TYR BA 76 -61.29 -28.14 -88.64
N ASP BA 77 -61.57 -29.34 -89.14
CA ASP BA 77 -62.71 -30.13 -88.64
C ASP BA 77 -63.99 -29.31 -88.65
N ASN BA 78 -64.30 -28.71 -89.79
CA ASN BA 78 -65.45 -27.83 -89.84
C ASN BA 78 -65.94 -27.63 -91.26
N PRO BA 79 -66.88 -28.47 -91.70
CA PRO BA 79 -67.43 -28.47 -93.05
C PRO BA 79 -68.12 -27.16 -93.45
N LEU BA 80 -68.28 -26.23 -92.52
CA LEU BA 80 -68.96 -24.98 -92.79
C LEU BA 80 -68.04 -23.79 -92.63
N ALA BA 81 -66.77 -24.01 -92.93
CA ALA BA 81 -65.75 -22.98 -92.72
C ALA BA 81 -65.87 -21.86 -93.74
N ASP BA 82 -66.54 -22.15 -94.85
CA ASP BA 82 -66.79 -21.16 -95.89
C ASP BA 82 -68.27 -20.82 -95.96
N ALA BA 83 -68.96 -20.91 -94.82
CA ALA BA 83 -70.35 -20.49 -94.74
C ALA BA 83 -70.83 -20.21 -93.32
N GLU BA 84 -71.82 -20.97 -92.86
CA GLU BA 84 -72.46 -20.71 -91.58
C GLU BA 84 -71.50 -20.49 -90.40
N GLU BA 85 -70.69 -21.50 -90.05
CA GLU BA 85 -69.76 -21.35 -88.94
C GLU BA 85 -68.38 -20.90 -89.50
N ALA BA 86 -68.35 -19.83 -90.29
CA ALA BA 86 -67.09 -19.16 -90.70
C ALA BA 86 -66.88 -17.83 -89.97
N LEU BA 87 -65.71 -17.25 -90.19
CA LEU BA 87 -65.25 -16.17 -89.32
C LEU BA 87 -66.06 -14.88 -89.45
N GLU BA 88 -66.59 -14.40 -88.33
CA GLU BA 88 -67.36 -13.16 -88.26
C GLU BA 88 -66.57 -11.97 -87.67
N PRO BA 89 -66.86 -10.75 -88.15
CA PRO BA 89 -66.21 -9.58 -87.59
C PRO BA 89 -66.30 -9.62 -86.09
N SER BA 90 -67.50 -9.82 -85.55
CA SER BA 90 -67.67 -9.66 -84.12
C SER BA 90 -66.74 -10.56 -83.32
N TYR BA 91 -66.24 -11.62 -83.98
CA TYR BA 91 -65.33 -12.62 -83.38
C TYR BA 91 -63.91 -12.11 -83.48
N ILE BA 92 -63.43 -12.01 -84.70
CA ILE BA 92 -62.15 -11.37 -85.00
C ILE BA 92 -61.90 -10.14 -84.12
N PHE BA 93 -62.91 -9.32 -83.87
CA PHE BA 93 -62.74 -8.20 -82.95
C PHE BA 93 -62.54 -8.70 -81.52
N GLU BA 94 -63.54 -9.37 -80.96
CA GLU BA 94 -63.44 -9.77 -79.57
C GLU BA 94 -62.16 -10.56 -79.29
N TYR BA 95 -61.60 -11.20 -80.32
CA TYR BA 95 -60.30 -11.84 -80.19
C TYR BA 95 -59.16 -10.84 -80.06
N LEU BA 96 -58.98 -9.97 -81.06
CA LEU BA 96 -57.93 -8.97 -81.01
C LEU BA 96 -58.08 -8.10 -79.76
N ALA BA 97 -59.31 -7.69 -79.45
CA ALA BA 97 -59.56 -6.86 -78.27
C ALA BA 97 -59.13 -7.56 -77.01
N THR BA 98 -59.31 -8.87 -76.97
CA THR BA 98 -58.96 -9.63 -75.80
C THR BA 98 -57.43 -9.66 -75.69
N VAL BA 99 -56.76 -9.83 -76.81
CA VAL BA 99 -55.31 -9.88 -76.86
C VAL BA 99 -54.69 -8.58 -76.46
N MET BA 100 -55.20 -7.49 -77.03
CA MET BA 100 -54.62 -6.18 -76.80
C MET BA 100 -54.65 -5.91 -75.31
N TYR BA 101 -55.82 -6.08 -74.67
CA TYR BA 101 -55.94 -5.83 -73.24
C TYR BA 101 -55.11 -6.79 -72.39
N GLN BA 102 -54.94 -8.03 -72.86
CA GLN BA 102 -54.09 -8.97 -72.15
C GLN BA 102 -52.65 -8.49 -72.21
N ARG BA 103 -52.16 -8.22 -73.41
CA ARG BA 103 -50.85 -7.63 -73.57
C ARG BA 103 -50.62 -6.32 -72.78
N ARG BA 104 -51.52 -5.34 -72.80
CA ARG BA 104 -51.28 -4.15 -71.95
C ARG BA 104 -51.14 -4.58 -70.51
N SER BA 105 -51.87 -5.63 -70.14
CA SER BA 105 -51.92 -6.00 -68.73
C SER BA 105 -50.73 -6.85 -68.31
N LYS BA 106 -49.94 -7.30 -69.28
CA LYS BA 106 -48.63 -7.91 -69.02
C LYS BA 106 -47.53 -6.86 -69.24
N MET BA 107 -47.93 -5.58 -69.27
CA MET BA 107 -47.03 -4.48 -69.60
C MET BA 107 -46.10 -4.70 -70.78
N ASN BA 108 -46.60 -5.29 -71.86
CA ASN BA 108 -45.87 -5.49 -73.09
C ASN BA 108 -46.78 -5.42 -74.31
N PRO BA 109 -47.40 -4.24 -74.51
CA PRO BA 109 -48.57 -4.02 -75.35
C PRO BA 109 -48.20 -4.16 -76.77
N LEU BA 110 -49.20 -4.37 -77.62
CA LEU BA 110 -48.99 -4.32 -79.06
C LEU BA 110 -49.32 -2.91 -79.45
N TRP BA 111 -48.36 -2.22 -80.04
CA TRP BA 111 -48.44 -0.77 -80.13
C TRP BA 111 -49.31 -0.29 -81.28
N ASN BA 112 -50.60 -0.58 -81.20
CA ASN BA 112 -51.46 -0.28 -82.33
C ASN BA 112 -52.81 0.37 -82.03
N ALA BA 113 -53.40 0.90 -83.07
CA ALA BA 113 -54.81 1.27 -83.07
C ALA BA 113 -55.39 0.38 -84.13
N ILE BA 114 -56.47 -0.29 -83.80
CA ILE BA 114 -57.03 -1.25 -84.70
C ILE BA 114 -58.47 -0.85 -84.93
N ILE BA 115 -58.87 -0.89 -86.19
CA ILE BA 115 -60.27 -0.70 -86.53
C ILE BA 115 -60.74 -1.91 -87.30
N VAL BA 116 -61.65 -2.66 -86.68
CA VAL BA 116 -62.26 -3.83 -87.31
C VAL BA 116 -63.57 -3.42 -87.98
N ALA BA 117 -63.64 -3.59 -89.29
CA ALA BA 117 -64.81 -3.17 -90.05
C ALA BA 117 -65.30 -4.32 -90.92
N GLY BA 118 -66.61 -4.45 -91.03
CA GLY BA 118 -67.20 -5.48 -91.85
C GLY BA 118 -68.68 -5.67 -91.63
N VAL BA 119 -69.22 -6.68 -92.32
CA VAL BA 119 -70.62 -7.05 -92.22
C VAL BA 119 -70.78 -8.41 -91.57
N GLN BA 120 -71.82 -8.55 -90.76
CA GLN BA 120 -72.09 -9.78 -90.04
C GLN BA 120 -72.88 -10.81 -90.85
N SER BA 121 -73.09 -11.99 -90.27
CA SER BA 121 -73.89 -13.02 -90.93
C SER BA 121 -75.21 -12.43 -91.34
N ASN BA 122 -75.80 -11.63 -90.45
CA ASN BA 122 -77.18 -11.20 -90.62
C ASN BA 122 -77.41 -9.86 -91.29
N GLY BA 123 -76.37 -9.31 -91.92
CA GLY BA 123 -76.51 -8.05 -92.63
C GLY BA 123 -76.08 -6.80 -91.85
N ASP BA 124 -76.09 -6.90 -90.52
CA ASP BA 124 -75.62 -5.85 -89.64
C ASP BA 124 -74.25 -5.29 -90.03
N GLN BA 125 -74.14 -3.96 -90.02
CA GLN BA 125 -72.85 -3.31 -90.12
C GLN BA 125 -72.09 -3.58 -88.83
N PHE BA 126 -70.78 -3.85 -88.92
CA PHE BA 126 -69.95 -3.94 -87.72
C PHE BA 126 -68.72 -3.07 -87.81
N LEU BA 127 -68.60 -2.11 -86.90
CA LEU BA 127 -67.46 -1.20 -86.85
C LEU BA 127 -67.12 -0.93 -85.40
N ARG BA 128 -65.86 -1.18 -85.04
CA ARG BA 128 -65.36 -0.98 -83.67
C ARG BA 128 -63.83 -0.78 -83.61
N TYR BA 129 -63.35 -0.10 -82.57
CA TYR BA 129 -61.94 0.31 -82.44
C TYR BA 129 -61.38 -0.24 -81.16
N VAL BA 130 -60.12 -0.63 -81.20
CA VAL BA 130 -59.43 -1.08 -80.01
C VAL BA 130 -57.96 -0.71 -80.16
N ASN BA 131 -57.36 -0.18 -79.10
CA ASN BA 131 -55.98 0.29 -79.15
C ASN BA 131 -55.06 -0.40 -78.14
N LEU BA 132 -53.83 0.06 -78.06
CA LEU BA 132 -52.79 -0.65 -77.32
C LEU BA 132 -53.12 -0.83 -75.85
N LEU BA 133 -54.05 -0.04 -75.34
CA LEU BA 133 -54.41 -0.08 -73.93
C LEU BA 133 -55.53 -1.04 -73.68
N GLY BA 134 -56.27 -1.40 -74.72
CA GLY BA 134 -57.39 -2.31 -74.56
C GLY BA 134 -58.70 -1.60 -74.67
N VAL BA 135 -58.63 -0.29 -74.83
CA VAL BA 135 -59.80 0.57 -74.90
C VAL BA 135 -60.63 0.22 -76.11
N THR BA 136 -61.94 0.14 -75.93
CA THR BA 136 -62.81 -0.22 -77.02
C THR BA 136 -63.97 0.72 -77.07
N TYR BA 137 -64.33 1.10 -78.29
CA TYR BA 137 -65.46 1.98 -78.52
C TYR BA 137 -65.93 1.91 -79.96
N SER BA 138 -67.11 2.43 -80.21
CA SER BA 138 -67.76 2.23 -81.49
C SER BA 138 -68.63 3.46 -81.72
N SER BA 139 -68.54 4.04 -82.91
CA SER BA 139 -69.27 5.26 -83.27
C SER BA 139 -69.69 5.09 -84.73
N PRO BA 140 -70.62 5.92 -85.21
CA PRO BA 140 -70.94 5.72 -86.62
C PRO BA 140 -69.73 6.00 -87.50
N THR BA 141 -68.68 6.54 -86.89
CA THR BA 141 -67.53 7.02 -87.62
C THR BA 141 -66.32 6.95 -86.68
N LEU BA 142 -65.31 6.19 -87.11
CA LEU BA 142 -64.10 5.98 -86.32
C LEU BA 142 -62.83 6.19 -87.12
N ALA BA 143 -61.87 6.88 -86.53
CA ALA BA 143 -60.54 6.95 -87.12
C ALA BA 143 -59.51 6.90 -86.01
N THR BA 144 -58.28 6.48 -86.34
CA THR BA 144 -57.22 6.20 -85.37
C THR BA 144 -56.13 7.23 -85.46
N GLY BA 145 -55.22 7.23 -84.47
CA GLY BA 145 -54.21 8.26 -84.41
C GLY BA 145 -54.63 9.63 -84.96
N PHE BA 146 -54.01 10.02 -86.08
CA PHE BA 146 -54.09 11.40 -86.55
C PHE BA 146 -55.40 11.73 -87.22
N GLY BA 147 -55.96 10.75 -87.93
CA GLY BA 147 -57.25 10.91 -88.57
C GLY BA 147 -58.34 11.23 -87.57
N ALA BA 148 -58.14 10.88 -86.30
CA ALA BA 148 -59.18 11.09 -85.30
C ALA BA 148 -59.53 12.55 -85.17
N HIS BA 149 -58.65 13.40 -85.70
CA HIS BA 149 -58.72 14.83 -85.44
C HIS BA 149 -59.24 15.66 -86.58
N MET BA 150 -58.85 15.31 -87.80
CA MET BA 150 -59.31 15.94 -89.03
C MET BA 150 -60.29 15.10 -89.84
N ALA BA 151 -60.11 13.78 -89.85
CA ALA BA 151 -60.97 12.92 -90.64
C ALA BA 151 -62.36 12.79 -90.05
N ASN BA 152 -62.44 12.67 -88.74
CA ASN BA 152 -63.73 12.48 -88.10
C ASN BA 152 -64.68 13.64 -88.38
N PRO BA 153 -64.23 14.87 -88.11
CA PRO BA 153 -65.12 16.03 -88.27
C PRO BA 153 -65.77 16.15 -89.64
N LEU BA 154 -65.11 15.66 -90.68
CA LEU BA 154 -65.64 15.67 -92.05
C LEU BA 154 -66.67 14.58 -92.26
N LEU BA 155 -66.42 13.42 -91.66
CA LEU BA 155 -67.27 12.25 -91.85
C LEU BA 155 -68.52 12.39 -91.00
N ARG BA 156 -68.36 12.98 -89.81
CA ARG BA 156 -69.51 13.24 -88.95
C ARG BA 156 -70.40 14.33 -89.52
N LYS BA 157 -70.02 14.88 -90.67
CA LYS BA 157 -70.82 15.94 -91.28
C LYS BA 157 -71.74 15.24 -92.26
N VAL BA 158 -71.47 13.94 -92.47
CA VAL BA 158 -72.33 13.04 -93.23
C VAL BA 158 -73.19 12.16 -92.30
N VAL BA 159 -72.54 11.51 -91.34
CA VAL BA 159 -73.23 10.68 -90.35
C VAL BA 159 -73.10 11.23 -88.92
N ASP BA 160 -73.90 12.24 -88.54
CA ASP BA 160 -73.65 12.87 -87.22
C ASP BA 160 -74.21 11.94 -86.15
N ARG BA 161 -75.45 11.48 -86.36
CA ARG BA 161 -76.11 10.56 -85.43
C ARG BA 161 -76.54 9.28 -86.14
N GLU BA 162 -77.07 8.30 -85.41
CA GLU BA 162 -77.37 7.02 -86.04
C GLU BA 162 -78.46 7.11 -87.11
N SER BA 163 -79.49 7.92 -86.87
CA SER BA 163 -80.57 8.10 -87.86
C SER BA 163 -80.09 8.52 -89.27
N ASP BA 164 -78.81 8.84 -89.40
CA ASP BA 164 -78.27 9.33 -90.65
C ASP BA 164 -77.71 8.22 -91.50
N ILE BA 165 -77.58 7.03 -90.94
CA ILE BA 165 -76.86 5.97 -91.65
C ILE BA 165 -77.56 5.37 -92.88
N PRO BA 166 -78.85 5.07 -92.77
CA PRO BA 166 -79.62 4.53 -93.89
C PRO BA 166 -79.71 5.50 -95.07
N LYS BA 167 -79.64 6.80 -94.74
CA LYS BA 167 -79.78 7.85 -95.72
C LYS BA 167 -78.51 8.05 -96.54
N THR BA 168 -77.45 7.36 -96.15
CA THR BA 168 -76.13 7.58 -96.76
C THR BA 168 -75.79 6.58 -97.85
N THR BA 169 -75.96 6.95 -99.11
CA THR BA 169 -75.64 6.07 -100.26
C THR BA 169 -74.20 5.55 -100.19
N VAL BA 170 -73.77 4.75 -101.14
CA VAL BA 170 -72.41 4.25 -101.04
C VAL BA 170 -71.44 5.17 -101.73
N GLN BA 171 -71.86 5.79 -102.83
CA GLN BA 171 -70.97 6.69 -103.57
C GLN BA 171 -70.71 7.93 -102.74
N VAL BA 172 -71.61 8.21 -101.80
CA VAL BA 172 -71.47 9.37 -100.92
C VAL BA 172 -70.43 9.10 -99.86
N ALA BA 173 -70.51 7.92 -99.25
CA ALA BA 173 -69.54 7.51 -98.25
C ALA BA 173 -68.14 7.46 -98.86
N GLU BA 174 -67.99 6.80 -100.00
CA GLU BA 174 -66.71 6.74 -100.68
C GLU BA 174 -66.17 8.13 -101.03
N GLU BA 175 -67.02 9.01 -101.56
CA GLU BA 175 -66.61 10.37 -101.89
C GLU BA 175 -66.12 11.10 -100.64
N ALA BA 176 -66.80 10.90 -99.52
CA ALA BA 176 -66.43 11.55 -98.26
C ALA BA 176 -65.17 10.97 -97.64
N ILE BA 177 -64.96 9.67 -97.83
CA ILE BA 177 -63.76 8.98 -97.35
C ILE BA 177 -62.54 9.39 -98.15
N VAL BA 178 -62.66 9.43 -99.48
CA VAL BA 178 -61.57 9.92 -100.31
C VAL BA 178 -61.19 11.36 -100.06
N ASN BA 179 -62.19 12.22 -99.78
CA ASN BA 179 -61.91 13.60 -99.40
C ASN BA 179 -61.00 13.64 -98.19
N ALA BA 180 -61.47 13.04 -97.10
CA ALA BA 180 -60.67 12.98 -95.90
C ALA BA 180 -59.22 12.52 -96.13
N MET BA 181 -58.99 11.64 -97.11
CA MET BA 181 -57.61 11.14 -97.31
C MET BA 181 -56.77 12.19 -97.98
N ARG BA 182 -57.40 12.97 -98.85
CA ARG BA 182 -56.75 14.12 -99.45
C ARG BA 182 -56.38 15.10 -98.36
N VAL BA 183 -57.37 15.52 -97.56
CA VAL BA 183 -57.10 16.42 -96.46
C VAL BA 183 -56.01 15.91 -95.54
N LEU BA 184 -55.95 14.61 -95.33
CA LEU BA 184 -54.92 14.03 -94.48
C LEU BA 184 -53.51 14.24 -95.07
N TYR BA 185 -53.43 14.36 -96.38
CA TYR BA 185 -52.16 14.46 -97.05
C TYR BA 185 -51.74 15.91 -97.23
N TYR BA 186 -52.71 16.82 -97.14
CA TYR BA 186 -52.43 18.26 -97.10
C TYR BA 186 -51.71 18.53 -95.79
N ARG BA 187 -52.27 17.97 -94.71
CA ARG BA 187 -51.88 18.35 -93.35
C ARG BA 187 -51.15 17.34 -92.44
N ASP BA 188 -51.08 16.07 -92.79
CA ASP BA 188 -50.37 15.06 -91.98
C ASP BA 188 -49.01 14.85 -92.59
N ALA BA 189 -47.99 15.06 -91.77
CA ALA BA 189 -46.59 15.03 -92.24
C ALA BA 189 -46.03 13.64 -92.38
N ARG BA 190 -46.67 12.64 -91.74
CA ARG BA 190 -46.25 11.24 -91.78
C ARG BA 190 -47.16 10.39 -92.70
N SER BA 191 -47.70 11.06 -93.74
CA SER BA 191 -48.64 10.52 -94.73
C SER BA 191 -48.12 10.26 -96.16
N SER BA 192 -48.72 9.29 -96.84
CA SER BA 192 -48.36 8.99 -98.22
C SER BA 192 -49.50 9.36 -99.13
N ARG BA 193 -49.19 9.58 -100.40
CA ARG BA 193 -50.22 9.87 -101.38
C ARG BA 193 -50.92 8.59 -101.81
N ASN BA 194 -50.22 7.46 -101.71
CA ASN BA 194 -50.75 6.14 -102.06
C ASN BA 194 -51.56 5.52 -100.91
N PHE BA 195 -52.82 5.20 -101.14
CA PHE BA 195 -53.60 4.50 -100.11
C PHE BA 195 -54.45 3.35 -100.65
N SER BA 196 -55.00 2.56 -99.73
CA SER BA 196 -55.86 1.44 -100.07
C SER BA 196 -57.21 1.67 -99.40
N LEU BA 197 -58.28 1.27 -100.07
CA LEU BA 197 -59.61 1.51 -99.54
C LEU BA 197 -60.45 0.28 -99.79
N ALA BA 198 -61.18 -0.17 -98.77
CA ALA BA 198 -62.00 -1.36 -98.90
C ALA BA 198 -63.43 -1.10 -98.52
N ILE BA 199 -64.33 -1.55 -99.37
CA ILE BA 199 -65.77 -1.48 -99.12
C ILE BA 199 -66.32 -2.87 -98.84
N ILE BA 200 -67.26 -2.95 -97.91
CA ILE BA 200 -67.83 -4.21 -97.50
C ILE BA 200 -69.35 -4.13 -97.47
N ASP BA 201 -69.99 -4.32 -98.63
CA ASP BA 201 -71.43 -4.17 -98.75
C ASP BA 201 -72.10 -5.47 -98.39
N LYS BA 202 -73.32 -5.40 -97.86
CA LYS BA 202 -74.08 -6.61 -97.54
C LYS BA 202 -74.64 -7.24 -98.83
N ASN BA 203 -74.39 -6.60 -99.97
CA ASN BA 203 -74.87 -7.09 -101.24
C ASN BA 203 -73.74 -7.48 -102.21
N THR BA 204 -72.76 -6.59 -102.34
CA THR BA 204 -71.63 -6.77 -103.27
C THR BA 204 -70.40 -7.45 -102.68
N GLY BA 205 -70.39 -7.66 -101.37
CA GLY BA 205 -69.28 -8.33 -100.70
C GLY BA 205 -68.08 -7.45 -100.50
N LEU BA 206 -66.89 -8.06 -100.50
CA LEU BA 206 -65.65 -7.33 -100.25
C LEU BA 206 -65.01 -6.79 -101.52
N THR BA 207 -64.98 -5.48 -101.61
CA THR BA 207 -64.40 -4.80 -102.75
C THR BA 207 -63.16 -4.08 -102.29
N PHE BA 208 -62.00 -4.60 -102.64
CA PHE BA 208 -60.75 -4.13 -102.06
C PHE BA 208 -59.90 -3.44 -103.09
N LYS BA 209 -59.74 -2.12 -102.93
CA LYS BA 209 -59.04 -1.29 -103.90
C LYS BA 209 -57.61 -0.99 -103.47
N LYS BA 210 -56.65 -1.54 -104.21
CA LYS BA 210 -55.24 -1.32 -103.93
C LYS BA 210 -54.72 -0.16 -104.78
N ASN BA 211 -53.61 0.43 -104.36
CA ASN BA 211 -52.87 1.37 -105.20
C ASN BA 211 -53.63 2.61 -105.70
N LEU BA 212 -54.40 3.23 -104.82
CA LEU BA 212 -55.11 4.47 -105.14
C LEU BA 212 -54.20 5.70 -105.00
N GLN BA 213 -54.69 6.83 -105.48
CA GLN BA 213 -53.95 8.08 -105.35
C GLN BA 213 -54.88 9.27 -105.11
N VAL BA 214 -54.45 10.14 -104.20
CA VAL BA 214 -55.12 11.41 -103.95
C VAL BA 214 -55.07 12.26 -105.21
N GLU BA 215 -56.22 12.62 -105.77
CA GLU BA 215 -56.27 13.41 -107.00
C GLU BA 215 -56.91 14.78 -106.75
N ASN BA 216 -56.90 15.63 -107.78
CA ASN BA 216 -57.59 16.91 -107.71
C ASN BA 216 -57.21 17.74 -106.50
N MET BA 217 -55.92 17.86 -106.25
CA MET BA 217 -55.43 18.73 -105.18
C MET BA 217 -55.46 20.18 -105.64
N LYS BA 218 -55.78 21.07 -104.72
CA LYS BA 218 -55.77 22.50 -105.01
C LYS BA 218 -54.49 23.12 -104.41
N TRP BA 219 -53.51 23.43 -105.26
CA TRP BA 219 -52.36 24.25 -104.82
C TRP BA 219 -52.15 25.45 -105.72
N ASP BA 220 -53.11 25.84 -106.55
CA ASP BA 220 -52.84 26.96 -107.43
C ASP BA 220 -52.45 28.17 -106.62
N PHE BA 221 -53.16 28.41 -105.52
CA PHE BA 221 -53.00 29.64 -104.76
C PHE BA 221 -51.65 29.87 -104.14
N ALA BA 222 -50.81 28.86 -104.12
CA ALA BA 222 -49.53 29.07 -103.46
C ALA BA 222 -48.68 30.12 -104.20
N LYS BA 223 -48.93 30.33 -105.49
CA LYS BA 223 -48.12 31.24 -106.30
C LYS BA 223 -48.22 32.65 -105.80
N ASP BA 224 -49.40 32.98 -105.29
CA ASP BA 224 -49.76 34.31 -104.78
C ASP BA 224 -49.29 34.53 -103.36
N ILE BA 225 -48.56 33.59 -102.79
CA ILE BA 225 -48.10 33.74 -101.42
C ILE BA 225 -46.63 34.08 -101.39
N LYS BA 226 -46.32 35.29 -100.95
CA LYS BA 226 -44.94 35.66 -100.85
C LYS BA 226 -44.66 36.27 -99.49
N GLY BA 227 -43.49 35.97 -98.97
CA GLY BA 227 -43.03 36.61 -97.76
C GLY BA 227 -43.73 36.04 -96.57
N TYR BA 228 -43.83 36.84 -95.52
CA TYR BA 228 -44.45 36.37 -94.31
C TYR BA 228 -44.99 37.56 -93.57
N GLY BA 229 -45.33 38.58 -94.33
CA GLY BA 229 -45.97 39.75 -93.78
C GLY BA 229 -45.67 40.95 -94.62
N THR BA 230 -44.49 41.53 -94.39
CA THR BA 230 -44.04 42.77 -94.99
C THR BA 230 -43.69 42.60 -96.46
N GLN BA 231 -43.09 41.46 -96.79
CA GLN BA 231 -42.54 41.25 -98.12
C GLN BA 231 -43.56 41.37 -99.26
N LYS BA 232 -43.12 41.93 -100.39
CA LYS BA 232 -44.00 42.16 -101.54
C LYS BA 232 -43.58 41.37 -102.77
N ILE BA 233 -42.28 41.22 -102.98
CA ILE BA 233 -41.77 40.58 -104.20
C ILE BA 233 -41.85 39.05 -104.16
N THR CA 1 -56.40 154.40 -76.47
CA THR CA 1 -56.04 155.70 -77.03
C THR CA 1 -54.53 155.84 -77.08
N SER CA 2 -54.04 156.80 -76.31
CA SER CA 2 -52.62 156.98 -76.09
C SER CA 2 -52.36 156.60 -74.64
N LEU CA 3 -53.38 156.00 -74.02
CA LEU CA 3 -53.20 155.47 -72.69
C LEU CA 3 -52.10 154.43 -72.74
N LEU CA 4 -51.94 153.85 -73.92
CA LEU CA 4 -50.90 152.86 -74.15
C LEU CA 4 -49.53 153.50 -73.99
N ASN CA 5 -49.36 154.67 -74.62
CA ASN CA 5 -48.06 155.32 -74.73
C ASN CA 5 -47.46 155.82 -73.42
N GLU CA 6 -48.31 156.01 -72.41
CA GLU CA 6 -47.84 156.49 -71.11
C GLU CA 6 -47.51 155.34 -70.18
N ARG CA 7 -48.01 154.16 -70.52
CA ARG CA 7 -47.65 152.93 -69.80
C ARG CA 7 -46.28 152.45 -70.26
N LEU CA 8 -46.03 152.55 -71.56
CA LEU CA 8 -44.71 152.29 -72.11
C LEU CA 8 -43.64 153.20 -71.53
N GLN CA 9 -43.99 154.45 -71.25
CA GLN CA 9 -43.05 155.41 -70.64
C GLN CA 9 -42.62 155.02 -69.23
N HIS CA 10 -43.50 154.33 -68.49
CA HIS CA 10 -43.22 153.93 -67.12
C HIS CA 10 -42.48 152.61 -67.13
N TYR CA 11 -42.76 151.80 -68.15
CA TYR CA 11 -42.09 150.51 -68.30
C TYR CA 11 -40.82 150.65 -69.11
N THR CA 12 -40.40 151.88 -69.36
CA THR CA 12 -39.16 152.12 -70.07
C THR CA 12 -39.17 151.41 -71.41
N LEU CA 13 -40.33 151.37 -72.05
CA LEU CA 13 -40.50 150.65 -73.32
C LEU CA 13 -40.85 151.56 -74.49
N ASP CA 14 -40.74 152.87 -74.32
CA ASP CA 14 -40.93 153.80 -75.44
C ASP CA 14 -39.70 153.83 -76.33
N TYR CA 15 -39.66 152.93 -77.31
CA TYR CA 15 -38.46 152.70 -78.10
C TYR CA 15 -38.36 153.69 -79.24
N VAL CA 16 -37.13 153.99 -79.63
CA VAL CA 16 -36.85 154.80 -80.82
C VAL CA 16 -37.43 154.12 -82.06
N SER CA 17 -38.42 154.75 -82.67
CA SER CA 17 -39.14 154.16 -83.79
C SER CA 17 -38.29 153.56 -84.92
N ASP CA 18 -37.03 153.99 -85.04
CA ASP CA 18 -36.17 153.49 -86.11
C ASP CA 18 -35.27 152.35 -85.65
N ARG CA 19 -35.29 151.21 -86.36
CA ARG CA 19 -34.51 150.05 -85.94
C ARG CA 19 -33.02 150.38 -85.88
N ALA CA 20 -32.52 151.00 -86.94
CA ALA CA 20 -31.11 151.39 -86.98
C ALA CA 20 -30.57 151.81 -85.62
N GLN CA 21 -31.17 152.84 -85.02
CA GLN CA 21 -30.64 153.41 -83.77
C GLN CA 21 -31.14 152.70 -82.52
N HIS CA 22 -32.18 151.90 -82.68
CA HIS CA 22 -32.66 151.10 -81.55
C HIS CA 22 -31.70 149.96 -81.28
N MET CA 23 -31.23 149.31 -82.34
CA MET CA 23 -30.31 148.19 -82.21
C MET CA 23 -28.91 148.67 -81.87
N LYS CA 24 -28.71 149.97 -81.91
CA LYS CA 24 -27.48 150.54 -81.40
C LYS CA 24 -27.72 150.89 -79.95
N ASN CA 25 -28.86 151.50 -79.69
CA ASN CA 25 -29.31 151.89 -78.35
C ASN CA 25 -29.35 150.73 -77.34
N ILE CA 26 -29.89 149.60 -77.79
CA ILE CA 26 -30.17 148.46 -76.91
C ILE CA 26 -28.88 147.93 -76.26
N TYR CA 27 -27.73 148.22 -76.89
CA TYR CA 27 -26.43 147.77 -76.40
C TYR CA 27 -25.57 148.93 -75.84
N ASP CA 28 -26.16 150.12 -75.67
CA ASP CA 28 -25.43 151.30 -75.18
C ASP CA 28 -25.75 151.61 -73.71
N PRO CA 29 -24.76 151.41 -72.81
CA PRO CA 29 -24.95 151.49 -71.37
C PRO CA 29 -25.47 152.85 -70.88
N SER CA 30 -25.04 153.92 -71.55
CA SER CA 30 -25.43 155.25 -71.15
C SER CA 30 -26.72 155.66 -71.85
N SER CA 31 -27.40 154.69 -72.48
CA SER CA 31 -28.69 154.95 -73.11
C SER CA 31 -29.87 154.67 -72.16
N ARG CA 32 -31.05 155.11 -72.56
CA ARG CA 32 -32.19 154.99 -71.69
C ARG CA 32 -32.73 153.60 -71.77
N TRP CA 33 -32.47 152.95 -72.91
CA TRP CA 33 -32.97 151.61 -73.21
C TRP CA 33 -31.86 150.56 -73.31
N PHE CA 34 -30.92 150.63 -72.39
CA PHE CA 34 -29.91 149.61 -72.22
C PHE CA 34 -30.60 148.28 -71.96
N SER CA 35 -30.22 147.23 -72.69
CA SER CA 35 -30.88 145.94 -72.52
C SER CA 35 -29.92 144.75 -72.38
N ARG CA 36 -28.83 144.78 -73.14
CA ARG CA 36 -27.77 143.77 -73.11
C ARG CA 36 -26.40 144.44 -73.19
N SER CA 37 -25.38 143.83 -72.60
CA SER CA 37 -24.04 144.37 -72.70
C SER CA 37 -23.25 143.75 -73.85
N VAL CA 38 -23.67 142.59 -74.33
CA VAL CA 38 -22.96 141.90 -75.41
C VAL CA 38 -23.81 141.54 -76.62
N ARG CA 39 -23.27 141.84 -77.80
CA ARG CA 39 -23.95 141.58 -79.06
C ARG CA 39 -23.78 140.10 -79.36
N PRO CA 40 -24.89 139.39 -79.62
CA PRO CA 40 -24.82 137.97 -79.95
C PRO CA 40 -23.95 137.77 -81.16
N GLU CA 41 -22.98 136.87 -81.10
CA GLU CA 41 -22.11 136.62 -82.24
C GLU CA 41 -22.90 135.92 -83.37
N PHE CA 42 -23.97 135.27 -82.97
CA PHE CA 42 -24.85 134.59 -83.90
C PHE CA 42 -26.27 135.05 -83.61
N PRO CA 43 -26.69 136.12 -84.28
CA PRO CA 43 -28.00 136.75 -84.06
C PRO CA 43 -29.08 135.98 -84.82
N ILE CA 44 -29.62 134.92 -84.23
CA ILE CA 44 -30.36 133.94 -85.03
C ILE CA 44 -31.53 134.54 -85.84
N GLU CA 45 -32.31 135.42 -85.22
CA GLU CA 45 -33.53 135.90 -85.87
C GLU CA 45 -33.31 136.58 -87.24
N GLU CA 46 -32.07 136.99 -87.53
CA GLU CA 46 -31.79 137.71 -88.77
C GLU CA 46 -31.64 136.75 -89.91
N PHE CA 47 -31.28 135.52 -89.57
CA PHE CA 47 -31.07 134.47 -90.55
C PHE CA 47 -32.37 133.82 -91.01
N LEU CA 48 -33.44 134.10 -90.31
CA LEU CA 48 -34.79 133.83 -90.82
C LEU CA 48 -35.03 134.52 -92.16
N PRO CA 49 -35.66 133.81 -93.10
CA PRO CA 49 -35.93 134.19 -94.49
C PRO CA 49 -37.14 135.10 -94.63
N TYR CA 50 -37.63 135.62 -93.51
CA TYR CA 50 -38.72 136.58 -93.53
C TYR CA 50 -38.46 137.69 -92.50
N LYS CA 51 -39.35 138.67 -92.47
CA LYS CA 51 -39.19 139.71 -91.48
C LYS CA 51 -39.86 139.27 -90.18
N THR CA 52 -39.09 139.37 -89.10
CA THR CA 52 -39.58 139.20 -87.73
C THR CA 52 -40.53 140.35 -87.42
N GLU CA 53 -41.23 140.29 -86.29
CA GLU CA 53 -42.13 141.38 -85.93
C GLU CA 53 -41.34 142.65 -85.62
N SER CA 54 -42.03 143.80 -85.60
CA SER CA 54 -41.38 145.07 -85.27
C SER CA 54 -40.88 145.04 -83.85
N HIS CA 55 -39.69 145.58 -83.63
CA HIS CA 55 -39.20 145.75 -82.26
C HIS CA 55 -40.18 146.60 -81.47
N GLU CA 56 -40.94 147.43 -82.18
CA GLU CA 56 -42.01 148.19 -81.56
C GLU CA 56 -43.10 147.24 -81.13
N ASP CA 57 -43.46 146.31 -82.03
CA ASP CA 57 -44.52 145.32 -81.79
C ASP CA 57 -44.20 144.41 -80.62
N GLN CA 58 -42.92 144.10 -80.45
CA GLN CA 58 -42.49 143.32 -79.29
C GLN CA 58 -42.85 144.08 -78.02
N ALA CA 59 -42.63 145.39 -78.03
CA ALA CA 59 -42.90 146.24 -76.88
C ALA CA 59 -44.39 146.33 -76.60
N LYS CA 60 -45.20 146.51 -77.64
CA LYS CA 60 -46.65 146.62 -77.48
C LYS CA 60 -47.20 145.39 -76.73
N TYR CA 61 -46.57 144.24 -76.93
CA TYR CA 61 -47.05 143.00 -76.34
C TYR CA 61 -46.56 142.82 -74.91
N LEU CA 62 -45.24 142.89 -74.74
CA LEU CA 62 -44.62 142.76 -73.44
C LEU CA 62 -45.29 143.69 -72.44
N CYS CA 63 -45.96 144.71 -72.97
CA CYS CA 63 -46.68 145.64 -72.12
C CYS CA 63 -48.01 145.04 -71.66
N HIS CA 64 -48.77 144.47 -72.59
CA HIS CA 64 -50.04 143.85 -72.21
C HIS CA 64 -49.81 142.71 -71.25
N VAL CA 65 -48.60 142.15 -71.31
CA VAL CA 65 -48.23 141.11 -70.37
C VAL CA 65 -47.92 141.70 -69.00
N LEU CA 66 -47.03 142.68 -68.97
CA LEU CA 66 -46.66 143.32 -67.71
C LEU CA 66 -47.88 143.87 -66.98
N VAL CA 67 -48.78 144.52 -67.72
CA VAL CA 67 -49.94 145.14 -67.09
C VAL CA 67 -50.86 144.11 -66.49
N ASN CA 68 -51.14 143.06 -67.25
CA ASN CA 68 -52.03 142.00 -66.78
C ASN CA 68 -51.38 141.12 -65.71
N LEU CA 69 -50.06 141.00 -65.76
CA LEU CA 69 -49.33 140.33 -64.71
C LEU CA 69 -49.44 141.12 -63.42
N TYR CA 70 -49.42 142.45 -63.53
CA TYR CA 70 -49.54 143.32 -62.36
C TYR CA 70 -50.87 143.12 -61.69
N ILE CA 71 -51.92 143.13 -62.50
CA ILE CA 71 -53.26 142.90 -61.98
C ILE CA 71 -53.33 141.55 -61.30
N ALA CA 72 -52.83 140.54 -62.01
CA ALA CA 72 -52.86 139.16 -61.52
C ALA CA 72 -52.19 139.00 -60.17
N ILE CA 73 -50.98 139.51 -60.01
CA ILE CA 73 -50.25 139.37 -58.76
C ILE CA 73 -50.84 140.18 -57.61
N SER CA 74 -51.56 141.26 -57.91
CA SER CA 74 -52.03 142.15 -56.85
C SER CA 74 -53.47 141.86 -56.43
N SER CA 75 -54.06 140.86 -57.08
CA SER CA 75 -55.40 140.44 -56.73
C SER CA 75 -55.43 139.14 -55.91
N LEU CA 76 -54.52 138.20 -56.20
CA LEU CA 76 -54.16 137.12 -55.24
C LEU CA 76 -54.79 135.69 -55.44
N ASN DA 1 -55.67 135.81 -63.89
CA ASN DA 1 -54.85 134.67 -63.38
C ASN DA 1 -53.31 134.78 -63.45
N VAL DA 2 -52.62 134.62 -62.32
CA VAL DA 2 -51.15 134.80 -62.25
C VAL DA 2 -50.28 133.85 -63.07
N ASN DA 3 -50.44 132.55 -62.84
CA ASN DA 3 -49.53 131.56 -63.42
C ASN DA 3 -49.47 131.60 -64.93
N HIS DA 4 -50.53 132.04 -65.60
CA HIS DA 4 -50.52 132.10 -67.05
C HIS DA 4 -49.56 133.13 -67.58
N TRP DA 5 -49.73 134.36 -67.09
CA TRP DA 5 -48.92 135.47 -67.52
C TRP DA 5 -47.47 135.24 -67.21
N THR DA 6 -47.20 134.77 -66.00
CA THR DA 6 -45.84 134.42 -65.59
C THR DA 6 -45.16 133.55 -66.63
N ASN DA 7 -45.96 132.90 -67.47
CA ASN DA 7 -45.45 132.09 -68.55
C ASN DA 7 -45.29 132.88 -69.86
N GLU DA 8 -46.34 133.57 -70.30
CA GLU DA 8 -46.22 134.38 -71.53
C GLU DA 8 -45.04 135.37 -71.39
N LEU DA 9 -44.69 135.72 -70.15
CA LEU DA 9 -43.48 136.48 -69.88
C LEU DA 9 -42.24 135.66 -70.21
N LYS DA 10 -42.12 134.48 -69.61
CA LYS DA 10 -41.06 133.54 -69.96
C LYS DA 10 -40.87 133.55 -71.48
N ASN DA 11 -41.98 133.53 -72.21
CA ASN DA 11 -41.93 133.51 -73.67
C ASN DA 11 -41.37 134.77 -74.27
N CYS DA 12 -41.39 135.85 -73.50
CA CYS DA 12 -40.96 137.17 -73.99
C CYS DA 12 -39.46 137.43 -73.83
N LEU DA 13 -38.80 136.68 -72.98
CA LEU DA 13 -37.37 136.85 -72.81
C LEU DA 13 -36.61 136.52 -74.10
N HIS DA 14 -37.28 135.88 -75.07
CA HIS DA 14 -36.62 135.46 -76.32
C HIS DA 14 -36.15 136.64 -77.19
N PHE DA 15 -36.83 137.78 -77.07
CA PHE DA 15 -36.32 139.06 -77.55
C PHE DA 15 -35.86 139.87 -76.34
N ASP DA 16 -35.55 141.14 -76.54
CA ASP DA 16 -34.85 141.91 -75.51
C ASP DA 16 -35.69 142.93 -74.76
N PHE DA 17 -35.14 143.43 -73.67
CA PHE DA 17 -35.73 144.55 -72.97
C PHE DA 17 -34.82 145.18 -71.90
N PRO DA 18 -35.03 146.46 -71.62
CA PRO DA 18 -34.26 147.36 -70.77
C PRO DA 18 -33.95 146.86 -69.38
N VAL DA 19 -32.68 146.95 -69.03
CA VAL DA 19 -32.20 146.61 -67.71
C VAL DA 19 -32.95 147.35 -66.62
N ALA DA 20 -33.58 148.46 -66.98
CA ALA DA 20 -34.30 149.24 -65.98
C ALA DA 20 -35.62 148.56 -65.67
N LEU DA 21 -36.03 147.68 -66.59
CA LEU DA 21 -37.28 146.96 -66.44
C LEU DA 21 -37.04 145.59 -65.79
N ARG DA 22 -35.87 145.02 -66.02
CA ARG DA 22 -35.42 143.89 -65.24
C ARG DA 22 -35.38 144.24 -63.76
N LYS DA 23 -34.80 145.40 -63.41
CA LYS DA 23 -34.79 145.86 -62.02
C LYS DA 23 -36.19 145.64 -61.48
N SER DA 24 -37.18 146.07 -62.25
CA SER DA 24 -38.58 145.93 -61.84
C SER DA 24 -39.00 144.46 -61.78
N LEU DA 25 -38.89 143.76 -62.91
CA LEU DA 25 -39.32 142.35 -63.01
C LEU DA 25 -38.73 141.47 -61.92
N ALA DA 26 -37.41 141.51 -61.77
CA ALA DA 26 -36.75 140.71 -60.74
C ALA DA 26 -37.35 140.96 -59.37
N THR DA 27 -37.57 142.23 -59.06
CA THR DA 27 -38.11 142.60 -57.76
C THR DA 27 -39.47 141.95 -57.54
N VAL DA 28 -40.26 141.85 -58.59
CA VAL DA 28 -41.57 141.21 -58.51
C VAL DA 28 -41.40 139.75 -58.12
N TYR DA 29 -40.53 139.05 -58.85
CA TYR DA 29 -40.35 137.63 -58.65
C TYR DA 29 -39.51 137.24 -57.45
N TYR DA 30 -38.74 138.17 -56.92
CA TYR DA 30 -38.03 137.86 -55.70
C TYR DA 30 -39.03 137.74 -54.59
N TYR DA 31 -39.90 138.74 -54.47
CA TYR DA 31 -40.84 138.80 -53.38
C TYR DA 31 -42.04 137.89 -53.64
N LEU DA 32 -42.26 137.56 -54.90
CA LEU DA 32 -43.39 136.71 -55.26
C LEU DA 32 -43.10 135.28 -54.83
N SER DA 33 -41.90 134.82 -55.14
CA SER DA 33 -41.51 133.47 -54.78
C SER DA 33 -41.72 133.20 -53.30
N LEU DA 34 -41.57 134.23 -52.46
CA LEU DA 34 -41.60 134.05 -51.01
C LEU DA 34 -42.98 134.23 -50.36
N VAL DA 35 -44.03 134.03 -51.15
CA VAL DA 35 -45.41 134.12 -50.66
C VAL DA 35 -45.65 133.02 -49.66
N GLN DA 36 -46.70 133.16 -48.84
CA GLN DA 36 -47.16 132.09 -47.96
C GLN DA 36 -48.66 132.23 -47.78
N GLY DA 37 -49.37 131.12 -47.64
CA GLY DA 37 -50.81 131.17 -47.42
C GLY DA 37 -51.71 130.58 -48.51
N GLN DA 38 -51.13 130.24 -49.65
CA GLN DA 38 -51.90 129.62 -50.72
C GLN DA 38 -51.07 128.67 -51.59
N LYS DA 39 -51.79 127.92 -52.41
CA LYS DA 39 -51.22 127.10 -53.46
C LYS DA 39 -50.37 127.98 -54.35
N VAL DA 40 -49.07 127.70 -54.40
CA VAL DA 40 -48.14 128.47 -55.25
C VAL DA 40 -47.19 127.60 -56.10
N TYR DA 41 -47.10 127.89 -57.39
CA TYR DA 41 -46.22 127.16 -58.27
C TYR DA 41 -44.83 127.81 -58.20
N ARG DA 42 -44.23 127.73 -57.01
CA ARG DA 42 -42.90 128.27 -56.72
C ARG DA 42 -41.79 127.95 -57.73
N GLN DA 43 -41.62 126.68 -58.06
CA GLN DA 43 -40.56 126.28 -58.97
C GLN DA 43 -40.50 127.22 -60.18
N MET DA 44 -41.64 127.81 -60.52
CA MET DA 44 -41.78 128.65 -61.70
C MET DA 44 -41.24 130.01 -61.42
N HIS DA 45 -41.57 130.51 -60.24
CA HIS DA 45 -41.23 131.86 -59.82
C HIS DA 45 -39.77 132.00 -59.46
N VAL DA 46 -39.21 130.99 -58.80
CA VAL DA 46 -37.79 130.99 -58.52
C VAL DA 46 -36.98 130.84 -59.80
N ASP DA 47 -37.59 130.21 -60.80
CA ASP DA 47 -36.98 130.08 -62.12
C ASP DA 47 -37.08 131.33 -62.98
N MET DA 48 -38.13 132.12 -62.79
CA MET DA 48 -38.20 133.41 -63.47
C MET DA 48 -37.05 134.22 -62.94
N PHE DA 49 -36.99 134.32 -61.62
CA PHE DA 49 -35.95 135.10 -60.99
C PHE DA 49 -34.60 134.63 -61.48
N GLU DA 50 -34.37 133.32 -61.45
CA GLU DA 50 -33.07 132.80 -61.81
C GLU DA 50 -32.71 133.07 -63.27
N ARG DA 51 -33.72 133.25 -64.12
CA ARG DA 51 -33.47 133.49 -65.54
C ARG DA 51 -33.33 134.98 -65.81
N LEU DA 52 -33.96 135.78 -64.95
CA LEU DA 52 -33.89 137.23 -65.04
C LEU DA 52 -32.56 137.74 -64.53
N VAL DA 53 -31.89 136.92 -63.73
CA VAL DA 53 -30.66 137.27 -63.06
C VAL DA 53 -29.51 136.43 -63.66
N SER DA 54 -29.84 135.70 -64.73
CA SER DA 54 -28.89 134.81 -65.39
C SER DA 54 -27.51 135.43 -65.42
N LEU DA 55 -26.48 134.64 -65.22
CA LEU DA 55 -25.12 135.19 -65.21
C LEU DA 55 -24.39 134.93 -66.53
N ASP DA 56 -25.11 134.31 -67.47
CA ASP DA 56 -24.57 134.02 -68.82
C ASP DA 56 -25.69 133.89 -69.87
N ASP DA 57 -26.52 134.92 -70.00
CA ASP DA 57 -27.53 135.02 -71.05
C ASP DA 57 -26.84 135.48 -72.34
N ASP DA 58 -26.16 134.55 -73.01
CA ASP DA 58 -25.32 134.86 -74.18
C ASP DA 58 -24.21 135.86 -73.82
N ARG DA 59 -23.28 135.40 -72.99
CA ARG DA 59 -22.11 136.18 -72.61
C ARG DA 59 -22.43 137.45 -71.80
N THR DA 60 -23.68 137.89 -71.84
CA THR DA 60 -24.09 139.03 -71.04
C THR DA 60 -24.40 138.58 -69.63
N GLN DA 61 -23.99 139.34 -68.62
CA GLN DA 61 -24.30 138.95 -67.24
C GLN DA 61 -25.26 139.91 -66.56
N PHE DA 62 -26.46 139.45 -66.27
CA PHE DA 62 -27.51 140.32 -65.78
C PHE DA 62 -27.50 140.55 -64.28
N THR DA 63 -26.60 139.89 -63.57
CA THR DA 63 -26.51 140.14 -62.14
C THR DA 63 -25.62 141.36 -61.94
N GLU DA 64 -24.58 141.45 -62.77
CA GLU DA 64 -23.74 142.63 -62.77
C GLU DA 64 -24.58 143.86 -63.11
N LEU DA 65 -25.28 143.79 -64.24
CA LEU DA 65 -26.04 144.93 -64.75
C LEU DA 65 -27.21 145.31 -63.84
N LEU DA 66 -27.67 144.37 -63.03
CA LEU DA 66 -28.74 144.68 -62.09
C LEU DA 66 -28.17 145.24 -60.78
N GLN DA 67 -26.97 144.81 -60.42
CA GLN DA 67 -26.29 145.43 -59.29
C GLN DA 67 -26.05 146.89 -59.67
N LYS DA 68 -25.40 147.12 -60.80
CA LYS DA 68 -25.13 148.46 -61.31
C LYS DA 68 -26.39 149.29 -61.51
N GLN DA 69 -27.52 148.66 -61.79
CA GLN DA 69 -28.76 149.40 -62.03
C GLN DA 69 -29.67 149.54 -60.82
N GLY DA 70 -29.08 149.46 -59.61
CA GLY DA 70 -29.78 149.81 -58.39
C GLY DA 70 -30.84 148.85 -57.86
N LEU DA 71 -30.53 147.56 -57.89
CA LEU DA 71 -31.43 146.57 -57.37
C LEU DA 71 -30.99 146.19 -55.97
N LEU DA 72 -31.96 146.14 -55.06
CA LEU DA 72 -31.70 145.81 -53.68
C LEU DA 72 -32.89 145.06 -53.10
N LEU DA 73 -32.60 143.92 -52.49
CA LEU DA 73 -33.66 143.05 -51.98
C LEU DA 73 -33.53 142.74 -50.48
N ASP DA 74 -34.67 142.64 -49.82
CA ASP DA 74 -34.75 142.44 -48.38
C ASP DA 74 -34.23 141.06 -47.98
N HIS DA 75 -33.27 141.00 -47.07
CA HIS DA 75 -32.77 139.70 -46.64
C HIS DA 75 -33.59 139.14 -45.49
N GLN DA 76 -34.22 140.00 -44.71
CA GLN DA 76 -34.97 139.53 -43.57
C GLN DA 76 -36.11 138.61 -43.99
N ILE DA 77 -36.71 138.87 -45.15
CA ILE DA 77 -37.82 138.03 -45.60
C ILE DA 77 -37.34 136.63 -45.92
N MET DA 78 -36.20 136.54 -46.58
CA MET DA 78 -35.65 135.26 -47.00
C MET DA 78 -35.19 134.46 -45.79
N LEU DA 79 -34.33 135.05 -44.97
CA LEU DA 79 -33.84 134.38 -43.79
C LEU DA 79 -34.97 134.02 -42.82
N ASN DA 80 -36.00 134.85 -42.77
CA ASN DA 80 -37.12 134.60 -41.87
C ASN DA 80 -37.91 133.36 -42.24
N PHE DA 81 -37.87 133.00 -43.51
CA PHE DA 81 -38.57 131.82 -44.02
C PHE DA 81 -37.69 130.62 -43.76
N LEU DA 82 -36.47 130.65 -44.26
CA LEU DA 82 -35.50 129.59 -44.05
C LEU DA 82 -35.31 129.25 -42.59
N CYS DA 83 -35.87 130.05 -41.71
CA CYS DA 83 -35.70 129.80 -40.28
C CYS DA 83 -36.93 129.21 -39.64
N GLU DA 84 -38.00 129.04 -40.41
CA GLU DA 84 -39.16 128.32 -39.92
C GLU DA 84 -38.76 126.85 -39.83
N PHE DA 85 -37.68 126.53 -40.53
CA PHE DA 85 -37.10 125.19 -40.54
C PHE DA 85 -36.22 124.93 -39.32
N LEU DA 86 -36.39 125.74 -38.29
CA LEU DA 86 -35.71 125.50 -37.03
C LEU DA 86 -36.71 125.02 -35.98
N PRO DA 87 -36.22 124.33 -34.94
CA PRO DA 87 -37.07 123.82 -33.87
C PRO DA 87 -37.92 124.90 -33.19
N TYR DA 88 -39.17 125.05 -33.61
CA TYR DA 88 -40.10 125.94 -32.94
C TYR DA 88 -40.62 125.24 -31.68
N PRO DA 89 -40.45 125.85 -30.51
CA PRO DA 89 -40.92 125.21 -29.27
C PRO DA 89 -42.42 124.87 -29.40
N ASP DA 90 -42.96 124.11 -28.46
CA ASP DA 90 -44.33 123.60 -28.61
C ASP DA 90 -44.48 122.86 -29.94
N PRO DA 91 -44.20 121.55 -29.93
CA PRO DA 91 -44.29 120.68 -31.10
C PRO DA 91 -45.59 120.89 -31.87
N ASP DA 92 -46.69 121.17 -31.15
CA ASP DA 92 -48.00 121.30 -31.78
C ASP DA 92 -48.02 122.31 -32.94
N TYR DA 93 -46.95 123.08 -33.10
CA TYR DA 93 -46.93 124.13 -34.13
C TYR DA 93 -45.84 123.99 -35.19
N ALA DA 94 -44.72 123.37 -34.83
CA ALA DA 94 -43.64 123.16 -35.81
C ALA DA 94 -44.25 122.64 -37.09
N ARG DA 95 -44.01 123.35 -38.19
CA ARG DA 95 -44.67 123.01 -39.44
C ARG DA 95 -43.73 122.27 -40.38
N TYR DA 96 -42.46 122.61 -40.33
CA TYR DA 96 -41.50 122.03 -41.26
C TYR DA 96 -40.54 121.09 -40.53
N GLU DA 97 -40.42 119.88 -41.06
CA GLU DA 97 -39.45 118.89 -40.59
C GLU DA 97 -38.70 118.37 -41.80
N LEU DA 98 -37.36 118.41 -41.76
CA LEU DA 98 -36.55 117.82 -42.82
C LEU DA 98 -36.87 116.33 -42.81
N SER DA 99 -36.13 115.55 -43.60
CA SER DA 99 -36.38 114.11 -43.68
C SER DA 99 -37.53 113.78 -44.62
N SER DA 100 -38.67 114.44 -44.44
CA SER DA 100 -39.88 114.11 -45.20
C SER DA 100 -40.04 114.89 -46.52
N LYS DA 101 -39.47 114.35 -47.59
CA LYS DA 101 -39.46 114.96 -48.93
C LYS DA 101 -40.20 116.28 -49.13
N GLU DA 102 -41.53 116.24 -49.06
CA GLU DA 102 -42.35 117.44 -49.30
C GLU DA 102 -41.80 118.70 -48.62
N ASP DA 103 -41.16 118.53 -47.47
CA ASP DA 103 -40.58 119.64 -46.75
C ASP DA 103 -39.15 119.93 -47.21
N LEU DA 104 -38.28 118.93 -47.17
CA LEU DA 104 -36.89 119.12 -47.60
C LEU DA 104 -36.83 119.72 -49.00
N GLN DA 105 -37.89 119.52 -49.77
CA GLN DA 105 -37.89 119.92 -51.16
C GLN DA 105 -38.18 121.41 -51.33
N LEU DA 106 -38.95 121.96 -50.40
CA LEU DA 106 -39.14 123.41 -50.31
C LEU DA 106 -37.84 124.09 -49.86
N PHE DA 107 -37.32 123.62 -48.73
CA PHE DA 107 -36.06 124.10 -48.18
C PHE DA 107 -34.96 124.18 -49.23
N ARG DA 108 -34.87 123.16 -50.07
CA ARG DA 108 -33.84 123.11 -51.10
C ARG DA 108 -34.10 124.14 -52.17
N LEU DA 109 -35.31 124.68 -52.21
CA LEU DA 109 -35.68 125.67 -53.20
C LEU DA 109 -35.44 127.07 -52.70
N LEU DA 110 -35.95 127.37 -51.51
CA LEU DA 110 -35.62 128.60 -50.80
C LEU DA 110 -34.12 128.83 -50.83
N LEU DA 111 -33.38 127.83 -50.38
CA LEU DA 111 -31.92 127.88 -50.38
C LEU DA 111 -31.36 128.22 -51.76
N LYS DA 112 -31.99 127.71 -52.81
CA LYS DA 112 -31.56 127.96 -54.18
C LYS DA 112 -31.87 129.40 -54.55
N HIS DA 113 -33.05 129.84 -54.15
CA HIS DA 113 -33.52 131.18 -54.45
C HIS DA 113 -32.61 132.20 -53.80
N ALA DA 114 -32.39 132.03 -52.50
CA ALA DA 114 -31.47 132.91 -51.80
C ALA DA 114 -30.13 132.97 -52.56
N HIS DA 115 -29.50 131.83 -52.86
CA HIS DA 115 -28.23 131.85 -53.58
C HIS DA 115 -28.31 132.80 -54.76
N ASN DA 116 -29.48 132.83 -55.37
CA ASN DA 116 -29.75 133.68 -56.54
C ASN DA 116 -29.79 135.17 -56.22
N ALA DA 117 -30.39 135.52 -55.09
CA ALA DA 117 -30.54 136.91 -54.67
C ALA DA 117 -29.59 137.30 -53.54
N LYS DA 118 -28.42 136.65 -53.51
CA LYS DA 118 -27.37 136.95 -52.53
C LYS DA 118 -26.65 138.23 -52.90
N PRO DA 119 -26.48 138.48 -54.21
CA PRO DA 119 -25.70 139.64 -54.66
C PRO DA 119 -26.47 140.96 -54.56
N PHE DA 120 -27.75 140.91 -54.21
CA PHE DA 120 -28.56 142.12 -54.13
C PHE DA 120 -28.89 142.50 -52.69
N PHE DA 121 -28.11 141.96 -51.77
CA PHE DA 121 -28.19 142.36 -50.39
C PHE DA 121 -27.26 143.53 -50.20
N ASP DA 122 -27.78 144.61 -49.63
CA ASP DA 122 -27.05 145.88 -49.54
C ASP DA 122 -25.58 145.79 -49.17
N LYS DA 123 -24.70 145.91 -50.17
CA LYS DA 123 -23.26 145.98 -49.91
C LYS DA 123 -22.96 147.04 -48.88
N SER DA 124 -23.92 147.96 -48.67
CA SER DA 124 -23.69 149.18 -47.88
C SER DA 124 -24.15 149.10 -46.43
N LYS DA 125 -25.05 148.17 -46.13
CA LYS DA 125 -25.46 147.95 -44.75
C LYS DA 125 -24.36 147.15 -44.04
N GLU DA 126 -23.29 147.86 -43.67
CA GLU DA 126 -22.06 147.23 -43.18
C GLU DA 126 -22.30 146.15 -42.13
N SER DA 127 -23.27 146.38 -41.25
CA SER DA 127 -23.61 145.42 -40.21
C SER DA 127 -24.74 144.49 -40.66
N LEU DA 128 -24.71 144.09 -41.93
CA LEU DA 128 -25.62 143.05 -42.39
C LEU DA 128 -24.89 141.74 -42.32
N LEU DA 129 -23.62 141.76 -42.73
CA LEU DA 129 -22.83 140.56 -42.59
C LEU DA 129 -22.83 140.16 -41.13
N VAL DA 130 -22.11 140.91 -40.30
CA VAL DA 130 -21.91 140.52 -38.91
C VAL DA 130 -23.19 140.22 -38.13
N ASP DA 131 -24.24 140.97 -38.40
CA ASP DA 131 -25.52 140.75 -37.73
C ASP DA 131 -26.09 139.36 -38.00
N THR DA 132 -26.00 138.94 -39.25
CA THR DA 132 -26.61 137.70 -39.71
C THR DA 132 -25.87 136.46 -39.20
N MET DA 133 -24.55 136.50 -39.20
CA MET DA 133 -23.78 135.39 -38.62
C MET DA 133 -23.97 135.27 -37.10
N ASN DA 134 -23.86 136.39 -36.39
CA ASN DA 134 -23.99 136.40 -34.94
C ASN DA 134 -25.33 135.83 -34.51
N PHE DA 135 -26.15 135.50 -35.49
CA PHE DA 135 -27.48 134.98 -35.25
C PHE DA 135 -27.55 133.51 -35.61
N LEU DA 136 -27.12 133.20 -36.83
CA LEU DA 136 -27.05 131.81 -37.28
C LEU DA 136 -26.16 131.02 -36.32
N LEU DA 137 -25.00 131.58 -35.98
CA LEU DA 137 -24.06 130.94 -35.05
C LEU DA 137 -24.68 130.54 -33.73
N SER DA 138 -25.36 131.48 -33.07
CA SER DA 138 -26.02 131.18 -31.83
C SER DA 138 -27.08 130.09 -32.01
N SER DA 139 -27.50 129.85 -33.25
CA SER DA 139 -28.52 128.86 -33.57
C SER DA 139 -27.96 127.49 -33.85
N LEU DA 140 -26.64 127.40 -33.94
CA LEU DA 140 -25.99 126.16 -34.29
C LEU DA 140 -25.86 125.24 -33.09
N ALA DA 141 -26.38 124.03 -33.27
CA ALA DA 141 -26.26 122.96 -32.30
C ALA DA 141 -26.53 121.69 -33.10
N PRO DA 142 -26.07 120.53 -32.60
CA PRO DA 142 -26.22 119.25 -33.30
C PRO DA 142 -27.56 119.10 -34.02
N SER DA 143 -28.65 119.58 -33.41
CA SER DA 143 -30.00 119.42 -33.96
C SER DA 143 -30.38 120.42 -35.03
N THR DA 144 -29.42 121.26 -35.39
CA THR DA 144 -29.63 122.35 -36.32
C THR DA 144 -28.57 122.29 -37.40
N MET DA 145 -27.44 121.71 -37.04
CA MET DA 145 -26.39 121.36 -37.98
C MET DA 145 -26.94 121.26 -39.39
N MET DA 146 -27.97 120.44 -39.56
CA MET DA 146 -28.44 120.10 -40.89
C MET DA 146 -29.10 121.26 -41.62
N ALA DA 147 -29.72 122.16 -40.88
CA ALA DA 147 -30.47 123.25 -41.49
C ALA DA 147 -29.71 124.58 -41.52
N VAL DA 148 -28.88 124.80 -40.51
CA VAL DA 148 -28.08 126.02 -40.45
C VAL DA 148 -27.00 126.08 -41.53
N MET DA 149 -26.07 125.12 -41.52
CA MET DA 149 -24.95 125.13 -42.48
C MET DA 149 -25.35 125.51 -43.91
N PRO DA 150 -26.38 124.86 -44.47
CA PRO DA 150 -26.75 125.09 -45.86
C PRO DA 150 -27.18 126.53 -46.06
N ILE DA 151 -27.95 127.01 -45.11
CA ILE DA 151 -28.40 128.40 -45.07
C ILE DA 151 -27.23 129.37 -45.29
N VAL DA 152 -26.33 129.44 -44.31
CA VAL DA 152 -25.09 130.20 -44.45
C VAL DA 152 -24.50 130.22 -45.86
N THR DA 153 -24.48 129.06 -46.52
CA THR DA 153 -23.82 128.92 -47.82
C THR DA 153 -24.61 129.55 -48.96
N SER DA 154 -25.87 129.91 -48.68
CA SER DA 154 -26.75 130.43 -49.71
C SER DA 154 -27.60 131.64 -49.32
N VAL DA 155 -27.53 132.07 -48.06
CA VAL DA 155 -28.28 133.29 -47.68
C VAL DA 155 -27.38 134.43 -47.20
N VAL DA 156 -26.14 134.12 -46.83
CA VAL DA 156 -25.18 135.15 -46.43
C VAL DA 156 -24.40 135.65 -47.64
N PRO DA 157 -24.30 136.99 -47.79
CA PRO DA 157 -23.70 137.58 -48.99
C PRO DA 157 -22.21 137.68 -48.81
N TYR DA 158 -21.44 137.50 -49.88
CA TYR DA 158 -19.99 137.59 -49.76
C TYR DA 158 -19.61 139.07 -49.80
N HIS DA 159 -19.35 139.64 -48.62
CA HIS DA 159 -19.23 141.10 -48.44
C HIS DA 159 -17.82 141.71 -48.45
N TYR DA 160 -16.99 141.35 -47.48
CA TYR DA 160 -15.66 141.96 -47.37
C TYR DA 160 -15.74 143.43 -46.99
N HIS DA 161 -15.45 143.73 -45.72
CA HIS DA 161 -15.42 145.11 -45.28
C HIS DA 161 -14.05 145.45 -44.68
N ILE DA 162 -13.93 146.64 -44.15
CA ILE DA 162 -12.69 147.14 -43.62
C ILE DA 162 -12.36 146.44 -42.32
N HIS DA 163 -13.39 146.19 -41.52
CA HIS DA 163 -13.22 145.57 -40.23
C HIS DA 163 -13.71 144.13 -40.25
N SER DA 164 -14.90 143.90 -40.82
CA SER DA 164 -15.49 142.56 -40.87
C SER DA 164 -15.67 142.04 -42.28
N LYS DA 165 -14.77 141.17 -42.72
CA LYS DA 165 -14.87 140.52 -44.03
C LYS DA 165 -15.59 139.18 -43.84
N ILE DA 166 -16.03 138.54 -44.91
CA ILE DA 166 -16.61 137.20 -44.77
C ILE DA 166 -15.58 136.09 -44.51
N ILE DA 167 -14.40 136.18 -45.12
CA ILE DA 167 -13.35 135.20 -44.85
C ILE DA 167 -12.93 135.28 -43.38
N ASP DA 168 -13.44 136.28 -42.67
CA ASP DA 168 -13.25 136.39 -41.23
C ASP DA 168 -13.85 135.14 -40.55
N TYR DA 169 -14.83 134.53 -41.22
CA TYR DA 169 -15.62 133.44 -40.65
C TYR DA 169 -15.07 132.05 -41.00
N PHE DA 170 -13.98 131.99 -41.76
CA PHE DA 170 -13.35 130.72 -42.09
C PHE DA 170 -12.90 129.93 -40.86
N PRO DA 171 -12.06 130.52 -39.99
CA PRO DA 171 -11.50 129.74 -38.89
C PRO DA 171 -12.56 128.96 -38.11
N PHE DA 172 -13.83 129.32 -38.33
CA PHE DA 172 -14.91 128.62 -37.66
C PHE DA 172 -15.39 127.39 -38.45
N CYS DA 173 -15.28 127.44 -39.77
CA CYS DA 173 -15.64 126.28 -40.59
C CYS DA 173 -14.63 125.17 -40.42
N TYR DA 174 -13.36 125.52 -40.41
CA TYR DA 174 -12.28 124.57 -40.12
C TYR DA 174 -12.23 124.25 -38.64
N SER DA 175 -13.36 124.44 -37.96
CA SER DA 175 -13.49 124.07 -36.56
C SER DA 175 -14.47 122.91 -36.49
N ILE DA 176 -15.52 123.00 -37.31
CA ILE DA 176 -16.46 121.90 -37.50
C ILE DA 176 -15.81 120.79 -38.34
N TRP DA 177 -15.65 121.05 -39.63
CA TRP DA 177 -14.67 120.34 -40.45
C TRP DA 177 -13.46 120.12 -39.56
N SER DA 178 -12.74 119.03 -39.78
CA SER DA 178 -11.58 118.73 -38.94
C SER DA 178 -11.95 118.31 -37.50
N SER DA 179 -13.25 118.23 -37.20
CA SER DA 179 -13.69 117.70 -35.92
C SER DA 179 -14.55 116.40 -36.03
N VAL DA 180 -15.45 116.34 -37.02
CA VAL DA 180 -16.02 115.07 -37.49
C VAL DA 180 -15.21 114.49 -38.63
N SER DA 181 -15.19 113.17 -38.74
CA SER DA 181 -14.50 112.55 -39.85
C SER DA 181 -15.40 112.65 -41.09
N ALA DA 182 -14.81 112.35 -42.25
CA ALA DA 182 -15.45 112.61 -43.55
C ALA DA 182 -16.93 112.26 -43.56
N ASN DA 183 -17.74 113.27 -43.77
CA ASN DA 183 -19.19 113.10 -43.66
C ASN DA 183 -19.89 114.00 -44.67
N VAL DA 184 -20.39 113.42 -45.76
CA VAL DA 184 -20.93 114.18 -46.90
C VAL DA 184 -22.08 115.09 -46.47
N ALA DA 185 -22.70 114.76 -45.35
CA ALA DA 185 -23.78 115.55 -44.81
C ALA DA 185 -23.27 116.92 -44.31
N ILE DA 186 -21.95 117.02 -44.18
CA ILE DA 186 -21.29 118.23 -43.69
C ILE DA 186 -20.33 118.81 -44.72
N ASP DA 187 -19.32 118.04 -45.08
CA ASP DA 187 -18.31 118.46 -46.05
C ASP DA 187 -18.93 119.22 -47.21
N THR DA 188 -19.89 118.60 -47.88
CA THR DA 188 -20.49 119.21 -49.07
C THR DA 188 -20.77 120.71 -48.92
N HIS DA 189 -21.00 121.17 -47.69
CA HIS DA 189 -21.31 122.58 -47.45
C HIS DA 189 -20.05 123.40 -47.25
N MET DA 190 -19.07 122.83 -46.57
CA MET DA 190 -17.79 123.47 -46.40
C MET DA 190 -17.11 123.74 -47.74
N TYR DA 191 -17.08 122.76 -48.63
CA TYR DA 191 -16.46 122.94 -49.93
C TYR DA 191 -17.25 123.95 -50.75
N ASP DA 192 -18.56 123.97 -50.57
CA ASP DA 192 -19.43 124.78 -51.40
C ASP DA 192 -19.18 126.23 -51.08
N PHE DA 193 -18.78 126.44 -49.83
CA PHE DA 193 -18.58 127.76 -49.25
C PHE DA 193 -17.21 128.34 -49.62
N VAL DA 194 -16.17 127.93 -48.91
CA VAL DA 194 -14.80 128.34 -49.18
C VAL DA 194 -14.43 128.27 -50.66
N GLY DA 195 -15.28 127.63 -51.43
CA GLY DA 195 -15.05 127.49 -52.87
C GLY DA 195 -15.78 128.54 -53.67
N SER DA 196 -17.08 128.72 -53.42
CA SER DA 196 -17.82 129.73 -54.17
C SER DA 196 -17.37 131.12 -53.72
N ILE DA 197 -16.72 131.15 -52.56
CA ILE DA 197 -16.08 132.37 -52.04
C ILE DA 197 -14.69 132.55 -52.65
N SER DA 198 -13.91 131.47 -52.76
CA SER DA 198 -12.64 131.61 -53.45
C SER DA 198 -12.88 131.95 -54.92
N LYS DA 199 -13.93 131.40 -55.52
CA LYS DA 199 -14.25 131.75 -56.91
C LYS DA 199 -14.51 133.25 -56.97
N ASP DA 200 -15.18 133.74 -55.94
CA ASP DA 200 -15.61 135.14 -55.90
C ASP DA 200 -14.44 136.11 -55.92
N VAL DA 201 -13.67 136.12 -54.83
CA VAL DA 201 -12.40 136.84 -54.77
C VAL DA 201 -11.63 136.86 -56.10
N HIS DA 202 -11.50 135.72 -56.75
CA HIS DA 202 -10.81 135.64 -58.04
C HIS DA 202 -11.55 136.46 -59.10
N ASN DA 203 -12.83 136.16 -59.30
CA ASN DA 203 -13.63 136.91 -60.24
C ASN DA 203 -13.51 138.41 -60.04
N LYS DA 204 -13.53 138.86 -58.78
CA LYS DA 204 -13.59 140.29 -58.44
C LYS DA 204 -12.25 141.02 -58.63
N ILE DA 205 -11.17 140.37 -58.22
CA ILE DA 205 -9.81 140.79 -58.53
C ILE DA 205 -9.53 141.17 -59.97
N LEU DA 206 -10.07 140.41 -60.92
CA LEU DA 206 -9.86 140.67 -62.34
C LEU DA 206 -10.76 141.76 -62.95
N SER DA 207 -10.18 142.51 -63.89
CA SER DA 207 -10.89 143.45 -64.76
C SER DA 207 -11.81 144.46 -64.06
N SER DA 208 -12.91 143.95 -63.55
CA SER DA 208 -14.01 144.77 -63.03
C SER DA 208 -13.57 145.84 -62.03
N GLU DA 209 -14.23 145.80 -60.88
CA GLU DA 209 -13.82 146.61 -59.74
C GLU DA 209 -13.06 145.73 -58.74
N HIS DA 210 -11.73 145.83 -58.79
CA HIS DA 210 -10.89 145.09 -57.86
C HIS DA 210 -11.04 145.65 -56.44
N GLU DA 211 -12.18 145.37 -55.80
CA GLU DA 211 -12.48 145.96 -54.50
C GLU DA 211 -13.71 145.38 -53.75
N LYS DA 212 -14.86 146.00 -53.96
CA LYS DA 212 -16.05 145.75 -53.14
C LYS DA 212 -15.82 146.22 -51.71
N ASP DA 213 -15.08 147.32 -51.58
CA ASP DA 213 -14.70 147.93 -50.31
C ASP DA 213 -13.36 147.39 -49.79
N VAL DA 214 -12.97 146.18 -50.21
CA VAL DA 214 -11.68 145.63 -49.81
C VAL DA 214 -10.99 144.73 -50.85
N VAL DA 215 -9.91 145.28 -51.43
CA VAL DA 215 -8.89 144.47 -52.04
C VAL DA 215 -7.95 144.11 -50.90
N GLY DA 216 -8.45 144.24 -49.68
CA GLY DA 216 -7.74 143.87 -48.48
C GLY DA 216 -7.91 142.40 -48.18
N VAL DA 217 -8.04 141.61 -49.24
CA VAL DA 217 -8.02 140.17 -49.18
C VAL DA 217 -6.91 139.71 -50.11
N GLU DA 218 -5.79 139.26 -49.53
CA GLU DA 218 -4.63 138.90 -50.35
C GLU DA 218 -4.73 137.48 -50.89
N PHE DA 219 -4.21 137.26 -52.09
CA PHE DA 219 -4.27 135.94 -52.70
C PHE DA 219 -3.09 135.06 -52.24
N GLY DA 220 -2.04 134.97 -53.05
CA GLY DA 220 -0.87 134.20 -52.65
C GLY DA 220 -0.93 132.67 -52.64
N GLU DA 221 0.25 132.07 -52.51
CA GLU DA 221 0.48 130.62 -52.63
C GLU DA 221 -0.74 129.76 -52.86
N PHE DA 222 -1.59 129.77 -51.85
CA PHE DA 222 -2.82 128.99 -51.82
C PHE DA 222 -4.04 129.89 -51.71
N GLY DA 223 -4.52 130.40 -52.85
CA GLY DA 223 -5.73 131.22 -52.89
C GLY DA 223 -5.91 132.07 -51.65
N ILE DA 224 -7.13 132.14 -51.13
CA ILE DA 224 -7.39 132.88 -49.90
C ILE DA 224 -7.13 132.05 -48.63
N PHE DA 225 -6.47 130.91 -48.77
CA PHE DA 225 -6.39 129.91 -47.69
C PHE DA 225 -5.07 129.95 -46.93
N THR DA 226 -5.08 129.72 -45.61
CA THR DA 226 -3.84 129.56 -44.83
C THR DA 226 -2.95 128.46 -45.43
N ASP DA 227 -1.77 128.25 -44.86
CA ASP DA 227 -0.94 127.14 -45.30
C ASP DA 227 -1.59 125.88 -44.79
N ASP DA 228 -2.12 125.93 -43.57
CA ASP DA 228 -2.68 124.76 -42.90
C ASP DA 228 -4.11 124.49 -43.37
N GLN DA 229 -4.81 125.54 -43.77
CA GLN DA 229 -6.14 125.37 -44.32
C GLN DA 229 -6.08 124.59 -45.63
N MET DA 230 -5.12 124.92 -46.48
CA MET DA 230 -4.97 124.23 -47.76
C MET DA 230 -4.55 122.81 -47.46
N THR DA 231 -3.46 122.68 -46.73
CA THR DA 231 -2.97 121.38 -46.31
C THR DA 231 -4.10 120.46 -45.87
N PHE DA 232 -5.04 120.98 -45.09
CA PHE DA 232 -6.16 120.18 -44.56
C PHE DA 232 -7.13 119.65 -45.62
N MET DA 233 -7.56 120.54 -46.50
CA MET DA 233 -8.49 120.15 -47.56
C MET DA 233 -7.87 119.16 -48.52
N PHE DA 234 -6.55 119.17 -48.65
CA PHE DA 234 -5.89 118.19 -49.50
C PHE DA 234 -5.99 116.80 -48.89
N ASN DA 235 -5.57 116.67 -47.64
CA ASN DA 235 -5.76 115.45 -46.89
C ASN DA 235 -7.15 115.45 -46.27
N ARG DA 236 -8.12 115.06 -47.10
CA ARG DA 236 -9.52 115.10 -46.78
C ARG DA 236 -10.16 114.73 -48.08
N LEU DA 237 -9.59 115.31 -49.13
CA LEU DA 237 -9.90 114.93 -50.48
C LEU DA 237 -9.21 113.61 -50.75
N GLN DA 238 -8.01 113.43 -50.21
CA GLN DA 238 -7.30 112.17 -50.35
C GLN DA 238 -8.05 111.16 -49.53
N GLY DA 239 -8.52 111.58 -48.37
CA GLY DA 239 -9.37 110.75 -47.54
C GLY DA 239 -10.60 110.27 -48.29
N HIS DA 240 -11.17 111.14 -49.12
CA HIS DA 240 -12.37 110.79 -49.85
C HIS DA 240 -12.09 109.77 -50.96
N LEU DA 241 -10.95 109.87 -51.60
CA LEU DA 241 -10.73 109.09 -52.81
C LEU DA 241 -10.06 107.76 -52.50
N ARG DA 242 -9.59 107.61 -51.27
CA ARG DA 242 -8.82 106.45 -50.93
C ARG DA 242 -9.47 105.68 -49.79
N THR DA 243 -10.35 106.33 -49.02
CA THR DA 243 -10.86 105.73 -47.80
C THR DA 243 -12.37 105.82 -47.56
N ASP DA 244 -12.94 107.02 -47.58
CA ASP DA 244 -14.30 107.23 -47.09
C ASP DA 244 -15.34 107.66 -48.13
N GLY DA 245 -14.93 107.73 -49.40
CA GLY DA 245 -15.80 108.06 -50.53
C GLY DA 245 -16.94 109.04 -50.33
N GLN DA 246 -16.74 110.05 -49.49
CA GLN DA 246 -17.80 110.97 -49.10
C GLN DA 246 -17.83 112.32 -49.87
N ILE DA 247 -18.45 112.33 -51.05
CA ILE DA 247 -18.61 113.53 -51.89
C ILE DA 247 -19.88 113.45 -52.77
N HIS DA 248 -20.59 114.55 -52.93
CA HIS DA 248 -21.52 114.62 -54.07
C HIS DA 248 -21.49 115.92 -54.91
N SER DA 249 -22.23 115.93 -56.03
CA SER DA 249 -21.73 116.57 -57.27
C SER DA 249 -20.41 117.29 -57.04
N TYR DA 250 -19.42 116.76 -57.73
CA TYR DA 250 -18.03 117.08 -57.52
C TYR DA 250 -17.65 118.44 -58.09
N SER DA 251 -18.44 118.95 -59.02
CA SER DA 251 -18.17 120.28 -59.60
C SER DA 251 -17.93 121.26 -58.48
N ARG DA 252 -18.72 121.09 -57.42
CA ARG DA 252 -18.76 121.95 -56.26
C ARG DA 252 -17.58 121.71 -55.31
N THR DA 253 -17.14 120.46 -55.22
CA THR DA 253 -16.13 120.03 -54.26
C THR DA 253 -14.73 120.40 -54.75
N VAL DA 254 -14.63 120.62 -56.06
CA VAL DA 254 -13.37 120.90 -56.70
C VAL DA 254 -13.03 122.39 -56.67
N LYS DA 255 -14.03 123.26 -56.65
CA LYS DA 255 -13.82 124.72 -56.73
C LYS DA 255 -12.63 125.21 -55.91
N PRO DA 256 -12.67 125.03 -54.59
CA PRO DA 256 -11.62 125.55 -53.72
C PRO DA 256 -10.22 125.25 -54.22
N PHE DA 257 -10.02 124.07 -54.79
CA PHE DA 257 -8.68 123.67 -55.21
C PHE DA 257 -8.26 124.40 -56.47
N VAL DA 258 -9.19 124.55 -57.42
CA VAL DA 258 -8.91 125.29 -58.64
C VAL DA 258 -8.64 126.76 -58.32
N TYR DA 259 -9.52 127.37 -57.55
CA TYR DA 259 -9.43 128.81 -57.29
C TYR DA 259 -8.57 129.14 -56.06
N ALA DA 260 -7.50 128.36 -55.91
CA ALA DA 260 -6.48 128.65 -54.93
C ALA DA 260 -5.14 128.65 -55.63
N ILE DA 261 -5.16 128.40 -56.93
CA ILE DA 261 -3.95 128.44 -57.73
C ILE DA 261 -3.57 129.88 -58.02
N ASN DA 262 -2.28 130.18 -57.90
CA ASN DA 262 -1.77 131.51 -58.23
C ASN DA 262 -0.66 131.41 -59.26
N GLY DA 263 -0.95 131.83 -60.48
CA GLY DA 263 -0.04 131.71 -61.61
C GLY DA 263 1.43 132.04 -61.37
N SER DA 264 1.68 132.89 -60.39
CA SER DA 264 3.03 133.34 -60.11
C SER DA 264 3.58 132.76 -58.81
N LYS DA 265 2.71 132.10 -58.05
CA LYS DA 265 3.12 131.38 -56.85
C LYS DA 265 2.41 130.02 -56.76
N LYS DA 266 2.43 129.28 -57.87
CA LYS DA 266 1.90 127.93 -57.90
C LYS DA 266 2.81 127.02 -57.08
N ASP DA 267 3.75 126.38 -57.78
CA ASP DA 267 4.85 125.63 -57.20
C ASP DA 267 4.47 124.90 -55.93
N ARG DA 268 4.39 125.63 -54.82
CA ARG DA 268 4.07 125.04 -53.53
C ARG DA 268 2.73 124.32 -53.53
N PHE DA 269 1.86 124.67 -54.47
CA PHE DA 269 0.55 124.02 -54.62
C PHE DA 269 0.61 122.79 -55.50
N PHE DA 270 1.10 122.96 -56.73
CA PHE DA 270 1.45 121.83 -57.58
C PHE DA 270 2.28 120.73 -56.89
N GLU DA 271 3.10 121.10 -55.93
CA GLU DA 271 3.82 120.11 -55.14
C GLU DA 271 2.82 119.26 -54.36
N LYS DA 272 1.69 119.87 -53.97
CA LYS DA 272 0.69 119.25 -53.12
C LYS DA 272 -0.27 118.45 -53.97
N LEU DA 273 -0.42 118.88 -55.22
CA LEU DA 273 -1.31 118.21 -56.18
C LEU DA 273 -0.65 116.97 -56.74
N VAL DA 274 0.65 117.05 -56.97
CA VAL DA 274 1.38 115.90 -57.48
C VAL DA 274 1.33 114.74 -56.49
N SER DA 275 1.57 115.01 -55.20
CA SER DA 275 1.60 113.94 -54.20
C SER DA 275 0.21 113.37 -53.99
N LEU DA 276 -0.81 114.16 -54.34
CA LEU DA 276 -2.19 113.69 -54.36
C LEU DA 276 -2.51 112.85 -55.58
N ALA DA 277 -1.80 113.07 -56.68
CA ALA DA 277 -1.96 112.20 -57.84
C ALA DA 277 -1.17 110.92 -57.65
N LYS DA 278 -0.05 110.98 -56.96
CA LYS DA 278 0.78 109.79 -56.77
C LYS DA 278 0.15 108.85 -55.76
N ALA DA 279 -0.73 109.39 -54.92
CA ALA DA 279 -1.44 108.60 -53.91
C ALA DA 279 -2.56 107.83 -54.57
N ILE DA 280 -3.49 108.60 -55.10
CA ILE DA 280 -4.58 108.20 -55.99
C ILE DA 280 -4.17 107.29 -57.19
N GLU DA 281 -2.88 107.22 -57.54
CA GLU DA 281 -2.44 106.52 -58.78
C GLU DA 281 -2.97 105.08 -58.93
N THR DA 282 -2.78 104.29 -57.88
CA THR DA 282 -3.09 102.88 -57.95
C THR DA 282 -4.57 102.62 -58.03
N PHE DA 283 -5.36 103.51 -57.42
CA PHE DA 283 -6.81 103.31 -57.34
C PHE DA 283 -7.54 103.55 -58.66
N ILE DA 284 -6.84 104.08 -59.65
CA ILE DA 284 -7.47 104.26 -60.94
C ILE DA 284 -7.25 103.02 -61.82
N HIS DA 285 -6.15 102.32 -61.59
CA HIS DA 285 -5.77 101.16 -62.39
C HIS DA 285 -6.95 100.26 -62.76
N PRO DA 286 -7.00 99.80 -64.02
CA PRO DA 286 -8.22 99.19 -64.55
C PRO DA 286 -8.68 97.98 -63.77
N SER DA 287 -7.77 97.36 -63.03
CA SER DA 287 -8.13 96.16 -62.27
C SER DA 287 -8.03 96.35 -60.78
N ASN DA 288 -8.45 97.52 -60.32
CA ASN DA 288 -8.60 97.80 -58.90
C ASN DA 288 -9.93 98.48 -58.65
N ASN DA 289 -11.02 97.90 -59.14
CA ASN DA 289 -12.32 98.50 -58.94
C ASN DA 289 -12.83 98.32 -57.50
N GLY DA 290 -13.64 99.27 -57.03
CA GLY DA 290 -14.06 99.37 -55.63
C GLY DA 290 -15.02 100.52 -55.36
N PHE DA 291 -15.21 100.91 -54.10
CA PHE DA 291 -16.15 101.99 -53.78
C PHE DA 291 -15.63 103.32 -54.27
N TRP DA 292 -14.36 103.32 -54.62
CA TRP DA 292 -13.64 104.52 -54.95
C TRP DA 292 -13.63 104.86 -56.46
N THR DA 293 -13.73 103.87 -57.33
CA THR DA 293 -13.51 104.15 -58.74
C THR DA 293 -14.47 105.20 -59.28
N LYS DA 294 -15.62 105.37 -58.63
CA LYS DA 294 -16.54 106.47 -58.97
C LYS DA 294 -15.97 107.81 -58.52
N PRO DA 295 -15.79 108.02 -57.20
CA PRO DA 295 -15.16 109.28 -56.75
C PRO DA 295 -13.90 109.72 -57.52
N ASN DA 296 -12.91 108.87 -57.73
CA ASN DA 296 -11.75 109.30 -58.50
C ASN DA 296 -12.11 109.75 -59.91
N ALA DA 297 -12.98 109.01 -60.59
CA ALA DA 297 -13.38 109.45 -61.92
C ALA DA 297 -14.20 110.76 -61.86
N LYS DA 298 -15.35 110.74 -61.18
CA LYS DA 298 -16.19 111.95 -61.09
C LYS DA 298 -15.43 113.19 -60.60
N PHE DA 299 -14.25 113.01 -60.02
CA PHE DA 299 -13.38 114.10 -59.56
C PHE DA 299 -12.35 114.56 -60.60
N VAL DA 300 -11.47 113.66 -61.01
CA VAL DA 300 -10.57 113.93 -62.10
C VAL DA 300 -11.27 114.56 -63.32
N HIS DA 301 -12.57 114.39 -63.44
CA HIS DA 301 -13.33 115.11 -64.46
C HIS DA 301 -13.83 116.44 -63.90
N ALA DA 302 -14.53 116.42 -62.76
CA ALA DA 302 -15.01 117.66 -62.16
C ALA DA 302 -13.90 118.71 -62.01
N PHE DA 303 -12.68 118.28 -61.73
CA PHE DA 303 -11.53 119.17 -61.54
C PHE DA 303 -11.01 119.77 -62.86
N ILE DA 304 -10.83 118.93 -63.87
CA ILE DA 304 -10.47 119.43 -65.19
C ILE DA 304 -11.63 120.13 -65.96
N LYS DA 305 -12.90 119.97 -65.56
CA LYS DA 305 -13.95 120.88 -66.10
C LYS DA 305 -13.66 122.20 -65.36
N SER DA 306 -13.63 122.18 -64.03
CA SER DA 306 -13.56 123.42 -63.23
C SER DA 306 -12.22 124.17 -63.29
N TYR DA 307 -11.26 123.65 -64.05
CA TYR DA 307 -9.99 124.34 -64.27
C TYR DA 307 -10.10 124.99 -65.62
N HIS DA 308 -10.26 124.19 -66.66
CA HIS DA 308 -10.55 124.73 -67.99
C HIS DA 308 -11.67 125.76 -67.88
N GLY DA 309 -12.60 125.54 -66.95
CA GLY DA 309 -13.64 126.51 -66.69
C GLY DA 309 -13.04 127.87 -66.43
N ARG DA 310 -12.14 127.93 -65.46
CA ARG DA 310 -11.45 129.17 -65.09
C ARG DA 310 -10.60 129.74 -66.23
N VAL DA 311 -9.64 128.97 -66.72
CA VAL DA 311 -8.84 129.41 -67.86
C VAL DA 311 -9.63 130.13 -68.96
N LYS DA 312 -10.72 129.56 -69.43
CA LYS DA 312 -11.46 130.15 -70.53
C LYS DA 312 -12.26 131.38 -70.10
N TYR DA 313 -12.18 131.70 -68.80
CA TYR DA 313 -12.80 132.91 -68.24
C TYR DA 313 -11.76 134.00 -68.08
N GLU DA 314 -10.53 133.58 -67.92
CA GLU DA 314 -9.41 134.50 -67.86
C GLU DA 314 -8.96 134.87 -69.27
N GLU DA 315 -8.92 133.91 -70.17
CA GLU DA 315 -8.53 134.20 -71.54
C GLU DA 315 -9.56 135.11 -72.20
N ASP DA 316 -10.74 135.18 -71.60
CA ASP DA 316 -11.81 136.07 -72.04
C ASP DA 316 -11.54 137.47 -71.50
N ILE DA 317 -10.71 137.53 -70.46
CA ILE DA 317 -10.35 138.79 -69.82
C ILE DA 317 -9.02 139.37 -70.32
N CYS DA 318 -8.12 138.52 -70.79
CA CYS DA 318 -6.92 139.00 -71.48
C CYS DA 318 -7.27 139.22 -72.95
N ALA DA 319 -8.57 139.34 -73.19
CA ALA DA 319 -9.12 139.94 -74.40
C ALA DA 319 -9.83 141.22 -73.98
N ARG DA 320 -9.32 141.79 -72.88
CA ARG DA 320 -9.80 143.04 -72.29
C ARG DA 320 -8.61 143.75 -71.65
N GLY DA 321 -7.39 143.37 -72.08
CA GLY DA 321 -6.16 144.03 -71.67
C GLY DA 321 -5.53 143.59 -70.36
N VAL DA 322 -6.34 143.04 -69.46
CA VAL DA 322 -5.94 142.77 -68.09
C VAL DA 322 -5.32 141.40 -67.83
N THR DA 323 -4.00 141.29 -67.94
CA THR DA 323 -3.28 140.18 -67.34
C THR DA 323 -3.29 140.52 -65.85
N ASN DA 324 -2.82 139.60 -65.01
CA ASN DA 324 -2.90 139.85 -63.57
C ASN DA 324 -2.03 138.92 -62.72
N GLY DA 325 -1.18 138.13 -63.35
CA GLY DA 325 -0.21 137.32 -62.63
C GLY DA 325 -0.80 136.36 -61.63
N ILE DA 326 -2.01 136.65 -61.16
CA ILE DA 326 -2.87 135.69 -60.50
C ILE DA 326 -3.32 134.71 -61.57
N CYS DA 327 -3.46 135.21 -62.80
CA CYS DA 327 -3.91 134.44 -63.96
C CYS DA 327 -3.11 133.14 -64.19
N LEU DA 328 -3.72 132.20 -64.89
CA LEU DA 328 -3.09 130.93 -65.12
C LEU DA 328 -2.15 131.06 -66.32
N THR DA 329 -0.90 130.64 -66.14
CA THR DA 329 0.14 130.75 -67.17
C THR DA 329 0.26 129.52 -68.10
N SER DA 330 0.92 129.70 -69.23
CA SER DA 330 1.17 128.58 -70.15
C SER DA 330 1.82 127.39 -69.44
N PHE DA 331 2.46 127.65 -68.30
CA PHE DA 331 3.22 126.63 -67.58
C PHE DA 331 2.43 125.89 -66.53
N CYS DA 332 1.22 126.38 -66.25
CA CYS DA 332 0.28 125.66 -65.42
C CYS DA 332 -0.36 124.58 -66.27
N HIS DA 333 -0.88 125.00 -67.43
CA HIS DA 333 -1.38 124.06 -68.42
C HIS DA 333 -0.38 122.94 -68.67
N GLU DA 334 0.90 123.22 -68.58
CA GLU DA 334 1.88 122.16 -68.77
C GLU DA 334 1.86 121.16 -67.61
N GLU DA 335 2.02 121.64 -66.38
CA GLU DA 335 2.15 120.75 -65.22
C GLU DA 335 0.83 120.06 -64.88
N ILE DA 336 -0.26 120.51 -65.48
CA ILE DA 336 -1.54 119.83 -65.31
C ILE DA 336 -1.57 118.55 -66.13
N VAL DA 337 -1.10 118.63 -67.37
CA VAL DA 337 -0.95 117.44 -68.19
C VAL DA 337 0.05 116.45 -67.62
N GLU DA 338 1.21 116.92 -67.15
CA GLU DA 338 2.22 116.03 -66.56
C GLU DA 338 1.60 115.12 -65.50
N ILE DA 339 0.68 115.70 -64.73
CA ILE DA 339 0.12 115.04 -63.55
C ILE DA 339 -0.90 113.96 -63.90
N PHE DA 340 -1.95 114.38 -64.60
CA PHE DA 340 -3.11 113.55 -64.89
C PHE DA 340 -3.00 112.79 -66.20
N LEU DA 341 -1.81 112.44 -66.66
CA LEU DA 341 -1.83 111.75 -67.93
C LEU DA 341 -1.83 110.24 -67.72
N ASN DA 342 -0.95 109.71 -66.87
CA ASN DA 342 -1.04 108.28 -66.62
C ASN DA 342 -2.40 108.07 -65.96
N ILE DA 343 -2.76 108.95 -65.03
CA ILE DA 343 -4.05 108.81 -64.35
C ILE DA 343 -5.23 108.74 -65.32
N ILE DA 344 -5.26 109.61 -66.30
CA ILE DA 344 -6.34 109.60 -67.28
C ILE DA 344 -6.25 108.37 -68.21
N SER DA 345 -5.04 107.88 -68.46
CA SER DA 345 -4.88 106.79 -69.40
C SER DA 345 -5.31 105.47 -68.76
N LEU DA 346 -5.12 105.36 -67.46
CA LEU DA 346 -5.53 104.16 -66.72
C LEU DA 346 -7.04 104.11 -66.59
N GLY DA 347 -7.63 105.24 -66.26
CA GLY DA 347 -9.07 105.29 -66.06
C GLY DA 347 -9.83 104.98 -67.32
N SER DA 348 -9.32 105.41 -68.47
CA SER DA 348 -10.07 105.24 -69.69
C SER DA 348 -10.14 103.77 -70.12
N GLN DA 349 -9.26 102.92 -69.59
CA GLN DA 349 -9.31 101.48 -69.90
C GLN DA 349 -10.16 100.74 -68.88
N ASN DA 350 -10.70 101.44 -67.89
CA ASN DA 350 -11.50 100.84 -66.82
C ASN DA 350 -12.60 99.94 -67.34
N LYS DA 351 -13.03 98.96 -66.53
CA LYS DA 351 -13.98 97.93 -66.94
C LYS DA 351 -15.39 98.48 -67.11
N ASN DA 352 -15.75 99.46 -66.31
CA ASN DA 352 -17.03 100.14 -66.49
C ASN DA 352 -16.89 101.20 -67.57
N PRO DA 353 -17.75 101.14 -68.60
CA PRO DA 353 -17.66 102.05 -69.76
C PRO DA 353 -18.13 103.46 -69.42
N ASP DA 354 -18.91 103.63 -68.37
CA ASP DA 354 -19.35 104.94 -67.95
C ASP DA 354 -18.23 105.61 -67.18
N ILE DA 355 -17.60 104.83 -66.29
CA ILE DA 355 -16.50 105.34 -65.50
C ILE DA 355 -15.29 105.62 -66.37
N ALA DA 356 -15.31 105.13 -67.60
CA ALA DA 356 -14.21 105.41 -68.52
C ALA DA 356 -14.51 106.67 -69.29
N ASN DA 357 -15.75 106.82 -69.72
CA ASN DA 357 -16.11 107.97 -70.52
C ASN DA 357 -15.82 109.28 -69.77
N TYR DA 358 -15.57 109.17 -68.49
CA TYR DA 358 -15.18 110.34 -67.70
C TYR DA 358 -13.71 110.66 -67.93
N TYR DA 359 -12.84 109.69 -67.74
CA TYR DA 359 -11.42 109.91 -67.97
C TYR DA 359 -11.14 110.22 -69.46
N ILE DA 360 -11.90 109.62 -70.37
CA ILE DA 360 -11.66 109.84 -71.80
C ILE DA 360 -12.07 111.23 -72.23
N SER DA 361 -13.08 111.79 -71.58
CA SER DA 361 -13.57 113.10 -71.99
C SER DA 361 -12.65 114.22 -71.52
N CYS DA 362 -11.70 113.90 -70.65
CA CYS DA 362 -10.72 114.89 -70.18
C CYS DA 362 -9.68 115.25 -71.23
N PHE DA 363 -9.54 114.44 -72.28
CA PHE DA 363 -8.53 114.72 -73.30
C PHE DA 363 -8.92 115.99 -74.04
N ALA DA 364 -10.20 116.13 -74.32
CA ALA DA 364 -10.71 117.29 -75.03
C ALA DA 364 -10.47 118.58 -74.25
N TYR DA 365 -10.68 118.52 -72.93
CA TYR DA 365 -10.51 119.70 -72.11
C TYR DA 365 -9.03 120.10 -72.08
N LEU DA 366 -8.15 119.12 -71.97
CA LEU DA 366 -6.70 119.42 -71.92
C LEU DA 366 -6.16 119.99 -73.23
N LEU DA 367 -6.60 119.42 -74.34
CA LEU DA 367 -6.13 119.90 -75.64
C LEU DA 367 -6.57 121.34 -75.96
N GLU DA 368 -7.69 121.81 -75.40
CA GLU DA 368 -8.21 123.16 -75.66
C GLU DA 368 -7.28 124.21 -75.05
N LEU DA 369 -6.58 123.82 -74.00
CA LEU DA 369 -5.56 124.67 -73.39
C LEU DA 369 -4.33 124.82 -74.27
N ASP DA 370 -4.31 124.15 -75.42
CA ASP DA 370 -3.16 124.20 -76.33
C ASP DA 370 -1.84 124.27 -75.59
N PRO DA 371 -1.60 123.32 -74.68
CA PRO DA 371 -0.35 123.36 -73.90
C PRO DA 371 0.80 122.95 -74.78
N SER DA 372 2.03 123.20 -74.34
CA SER DA 372 3.22 122.78 -75.08
C SER DA 372 3.24 121.27 -75.16
N ASN DA 373 2.65 120.65 -74.13
CA ASN DA 373 2.53 119.21 -73.97
C ASN DA 373 1.63 118.54 -75.01
N ALA DA 374 0.79 119.32 -75.68
CA ALA DA 374 -0.24 118.76 -76.55
C ALA DA 374 0.22 117.46 -77.21
N TYR DA 375 1.46 117.41 -77.68
CA TYR DA 375 1.95 116.24 -78.41
C TYR DA 375 1.84 114.93 -77.61
N LEU DA 376 2.12 114.98 -76.32
CA LEU DA 376 2.11 113.78 -75.47
C LEU DA 376 0.81 113.00 -75.57
N ILE DA 377 -0.29 113.74 -75.59
CA ILE DA 377 -1.62 113.20 -75.75
C ILE DA 377 -1.90 112.67 -77.17
N TYR DA 378 -1.72 113.50 -78.17
CA TYR DA 378 -1.85 113.04 -79.55
C TYR DA 378 -0.96 111.83 -79.81
N ASP DA 379 0.20 111.78 -79.17
CA ASP DA 379 1.11 110.64 -79.32
C ASP DA 379 0.52 109.34 -78.82
N LYS DA 380 0.09 109.28 -77.55
CA LYS DA 380 -0.61 108.09 -77.06
C LYS DA 380 -1.77 107.73 -77.96
N ILE DA 381 -2.82 108.56 -77.93
CA ILE DA 381 -4.06 108.32 -78.67
C ILE DA 381 -3.93 107.78 -80.10
N LEU DA 382 -2.88 108.19 -80.81
CA LEU DA 382 -2.70 107.78 -82.19
C LEU DA 382 -2.03 106.42 -82.31
N ILE DA 383 -1.12 106.11 -81.39
CA ILE DA 383 -0.56 104.76 -81.34
C ILE DA 383 -1.66 103.79 -80.92
N ASP DA 384 -2.25 104.01 -79.76
CA ASP DA 384 -3.39 103.21 -79.32
C ASP DA 384 -4.39 102.97 -80.47
N LEU DA 385 -4.69 103.99 -81.27
CA LEU DA 385 -5.61 103.80 -82.40
C LEU DA 385 -5.02 103.00 -83.59
N TYR DA 386 -3.77 103.26 -83.96
CA TYR DA 386 -3.16 102.59 -85.11
C TYR DA 386 -2.87 101.12 -84.80
N ASP DA 387 -2.55 100.85 -83.55
CA ASP DA 387 -2.40 99.50 -83.07
C ASP DA 387 -3.72 98.76 -83.24
N THR DA 388 -4.80 99.38 -82.78
CA THR DA 388 -6.13 98.78 -82.83
C THR DA 388 -6.64 98.45 -84.22
N LEU DA 389 -6.31 99.28 -85.20
CA LEU DA 389 -6.71 99.06 -86.58
C LEU DA 389 -5.80 98.02 -87.24
N ALA DA 390 -4.68 97.73 -86.58
CA ALA DA 390 -3.77 96.68 -87.03
C ALA DA 390 -3.98 95.43 -86.18
N ASP DA 391 -5.11 95.38 -85.53
CA ASP DA 391 -5.55 94.16 -84.84
C ASP DA 391 -4.58 93.68 -83.75
N GLN DA 392 -3.72 94.56 -83.25
CA GLN DA 392 -2.80 94.21 -82.17
C GLN DA 392 -3.46 94.15 -80.80
N PHE DA 393 -4.77 94.30 -80.75
CA PHE DA 393 -5.47 94.31 -79.48
C PHE DA 393 -6.55 93.25 -79.48
N ILE DA 394 -6.61 92.51 -80.58
CA ILE DA 394 -7.67 91.56 -80.85
C ILE DA 394 -8.00 90.63 -79.69
N ASN DA 395 -7.02 90.33 -78.84
CA ASN DA 395 -7.25 89.52 -77.62
C ASN DA 395 -7.99 90.30 -76.51
N SER DA 396 -7.89 91.63 -76.53
CA SER DA 396 -8.47 92.45 -75.47
C SER DA 396 -9.54 93.37 -76.01
N ARG DA 397 -10.79 93.15 -75.65
CA ARG DA 397 -11.87 93.93 -76.24
C ARG DA 397 -11.75 95.39 -75.90
N HIS DA 398 -11.59 95.70 -74.61
CA HIS DA 398 -11.65 97.08 -74.14
C HIS DA 398 -10.68 98.05 -74.82
N ARG DA 399 -9.43 97.64 -75.05
CA ARG DA 399 -8.42 98.50 -75.66
C ARG DA 399 -8.87 99.04 -77.02
N ILE DA 400 -9.61 98.20 -77.74
CA ILE DA 400 -10.09 98.49 -79.10
C ILE DA 400 -11.18 99.54 -79.12
N ILE DA 401 -12.14 99.36 -78.22
CA ILE DA 401 -13.26 100.25 -78.11
C ILE DA 401 -12.83 101.49 -77.35
N SER DA 402 -12.02 101.31 -76.33
CA SER DA 402 -11.44 102.44 -75.61
C SER DA 402 -10.68 103.39 -76.54
N SER DA 403 -9.61 102.92 -77.16
CA SER DA 403 -8.78 103.78 -77.99
C SER DA 403 -9.47 104.33 -79.25
N LEU DA 404 -10.73 103.96 -79.46
CA LEU DA 404 -11.55 104.54 -80.51
C LEU DA 404 -12.38 105.65 -79.91
N LYS DA 405 -12.54 105.63 -78.60
CA LYS DA 405 -13.27 106.68 -77.91
C LYS DA 405 -12.26 107.78 -77.61
N GLN DA 406 -11.07 107.38 -77.16
CA GLN DA 406 -9.99 108.32 -76.99
C GLN DA 406 -9.92 109.13 -78.28
N PHE DA 407 -9.76 108.46 -79.40
CA PHE DA 407 -9.59 109.13 -80.68
C PHE DA 407 -10.80 109.96 -81.13
N THR DA 408 -12.01 109.57 -80.77
CA THR DA 408 -13.15 110.34 -81.23
C THR DA 408 -13.26 111.65 -80.45
N ARG DA 409 -13.01 111.59 -79.14
CA ARG DA 409 -13.17 112.75 -78.26
C ARG DA 409 -12.02 113.70 -78.45
N VAL DA 410 -11.50 113.78 -79.68
CA VAL DA 410 -10.21 114.40 -79.92
C VAL DA 410 -9.96 114.55 -81.44
N ILE DA 411 -10.92 114.10 -82.24
CA ILE DA 411 -10.78 114.18 -83.69
C ILE DA 411 -10.68 115.63 -84.08
N ARG DA 412 -11.64 116.44 -83.62
CA ARG DA 412 -11.77 117.83 -84.03
C ARG DA 412 -10.48 118.62 -83.87
N PHE DA 413 -9.74 118.32 -82.80
CA PHE DA 413 -8.47 118.97 -82.54
C PHE DA 413 -7.30 118.50 -83.41
N ILE DA 414 -7.35 117.25 -83.89
CA ILE DA 414 -6.30 116.69 -84.73
C ILE DA 414 -6.33 117.32 -86.11
N VAL DA 415 -7.52 117.65 -86.58
CA VAL DA 415 -7.72 118.27 -87.89
C VAL DA 415 -6.96 119.58 -87.96
N MET DA 416 -6.43 120.02 -86.82
CA MET DA 416 -5.72 121.29 -86.76
C MET DA 416 -4.19 121.17 -86.83
N ASP DA 417 -3.56 120.70 -85.75
CA ASP DA 417 -2.10 120.56 -85.73
C ASP DA 417 -1.64 120.05 -87.07
N LYS DA 418 -0.85 120.84 -87.80
CA LYS DA 418 -0.56 120.57 -89.22
C LYS DA 418 0.20 119.28 -89.52
N LEU DA 419 0.59 118.54 -88.49
CA LEU DA 419 1.23 117.24 -88.66
C LEU DA 419 0.25 116.07 -88.62
N TYR DA 420 -0.41 115.91 -87.49
CA TYR DA 420 -1.41 114.87 -87.33
C TYR DA 420 -2.47 114.80 -88.45
N ARG DA 421 -3.12 115.92 -88.75
CA ARG DA 421 -4.12 116.03 -89.83
C ARG DA 421 -3.89 115.11 -91.04
N VAL DA 422 -2.62 114.82 -91.33
CA VAL DA 422 -2.26 113.96 -92.46
C VAL DA 422 -2.88 112.57 -92.34
N HIS DA 423 -2.78 112.04 -91.14
CA HIS DA 423 -3.27 110.71 -90.82
C HIS DA 423 -4.77 110.56 -91.02
N ILE DA 424 -5.50 111.66 -90.95
CA ILE DA 424 -6.96 111.57 -90.86
C ILE DA 424 -7.68 110.97 -92.07
N THR DA 425 -7.17 111.15 -93.27
CA THR DA 425 -7.76 110.43 -94.40
C THR DA 425 -7.60 108.93 -94.24
N ASN DA 426 -6.38 108.50 -93.96
CA ASN DA 426 -6.10 107.08 -93.77
C ASN DA 426 -7.03 106.50 -92.70
N VAL DA 427 -6.94 107.06 -91.49
CA VAL DA 427 -7.70 106.57 -90.35
C VAL DA 427 -9.19 106.48 -90.62
N LEU DA 428 -9.68 107.31 -91.53
CA LEU DA 428 -11.09 107.27 -91.89
C LEU DA 428 -11.39 106.16 -92.87
N SER DA 429 -10.67 106.10 -93.98
CA SER DA 429 -10.93 105.04 -94.95
C SER DA 429 -10.65 103.65 -94.35
N MET DA 430 -9.99 103.64 -93.19
CA MET DA 430 -9.77 102.40 -92.43
C MET DA 430 -10.96 102.07 -91.55
N LEU DA 431 -11.52 103.07 -90.87
CA LEU DA 431 -12.73 102.87 -90.07
C LEU DA 431 -13.89 102.39 -90.93
N VAL DA 432 -14.11 103.05 -92.06
CA VAL DA 432 -15.19 102.70 -92.97
C VAL DA 432 -15.14 101.23 -93.38
N SER DA 433 -13.97 100.76 -93.82
CA SER DA 433 -13.84 99.38 -94.27
C SER DA 433 -13.91 98.35 -93.12
N LYS DA 434 -13.58 98.77 -91.90
CA LYS DA 434 -13.65 97.87 -90.74
C LYS DA 434 -15.01 97.89 -90.06
N LEU DA 435 -16.05 98.39 -90.73
CA LEU DA 435 -17.39 98.43 -90.14
C LEU DA 435 -17.96 97.03 -90.16
N ASP DA 436 -18.11 96.44 -88.98
CA ASP DA 436 -18.55 95.04 -88.79
C ASP DA 436 -20.07 94.86 -88.91
N MET DA 437 -20.52 93.70 -89.36
CA MET DA 437 -21.96 93.45 -89.50
C MET DA 437 -22.46 92.50 -88.42
N ASN DA 438 -21.54 92.03 -87.60
CA ASN DA 438 -21.86 91.12 -86.51
C ASN DA 438 -21.72 91.84 -85.18
N ASP DA 439 -20.75 92.74 -85.09
CA ASP DA 439 -20.55 93.45 -83.84
C ASP DA 439 -21.30 94.76 -83.86
N THR DA 440 -22.48 94.77 -83.25
CA THR DA 440 -23.27 95.97 -83.22
C THR DA 440 -22.49 97.05 -82.49
N ASN DA 441 -21.80 96.69 -81.42
CA ASN DA 441 -21.13 97.70 -80.62
C ASN DA 441 -19.93 98.34 -81.33
N LEU DA 442 -19.04 97.54 -81.89
CA LEU DA 442 -17.86 98.08 -82.57
C LEU DA 442 -18.32 99.07 -83.63
N THR DA 443 -19.39 98.73 -84.31
CA THR DA 443 -19.91 99.57 -85.39
C THR DA 443 -20.43 100.92 -84.88
N SER DA 444 -21.11 100.93 -83.73
CA SER DA 444 -21.63 102.18 -83.16
C SER DA 444 -20.49 103.08 -82.82
N ASN DA 445 -19.40 102.49 -82.33
CA ASN DA 445 -18.21 103.24 -81.92
C ASN DA 445 -17.29 103.62 -83.07
N LEU DA 446 -17.53 103.04 -84.24
CA LEU DA 446 -16.82 103.40 -85.47
C LEU DA 446 -17.53 104.55 -86.17
N ILE DA 447 -18.84 104.42 -86.31
CA ILE DA 447 -19.64 105.51 -86.83
C ILE DA 447 -19.33 106.78 -86.03
N ASN DA 448 -19.15 106.65 -84.72
CA ASN DA 448 -18.74 107.77 -83.91
C ASN DA 448 -17.53 108.47 -84.50
N GLY DA 449 -16.50 107.70 -84.83
CA GLY DA 449 -15.30 108.25 -85.45
C GLY DA 449 -15.56 108.81 -86.83
N ILE DA 450 -16.08 107.98 -87.72
CA ILE DA 450 -16.45 108.38 -89.07
C ILE DA 450 -17.28 109.68 -89.15
N VAL DA 451 -18.30 109.83 -88.30
CA VAL DA 451 -19.13 111.04 -88.35
C VAL DA 451 -18.42 112.25 -87.75
N SER DA 452 -17.56 112.04 -86.76
CA SER DA 452 -16.77 113.13 -86.20
C SER DA 452 -15.71 113.66 -87.19
N ILE DA 453 -15.01 112.77 -87.86
CA ILE DA 453 -14.12 113.17 -88.95
C ILE DA 453 -14.85 113.94 -90.08
N ALA DA 454 -16.12 113.63 -90.33
CA ALA DA 454 -16.84 114.27 -91.43
C ALA DA 454 -17.42 115.60 -90.99
N ALA DA 455 -17.63 115.75 -89.70
CA ALA DA 455 -18.28 116.94 -89.18
C ALA DA 455 -17.34 118.13 -89.19
N PHE DA 456 -16.04 117.84 -89.19
CA PHE DA 456 -14.98 118.86 -89.09
C PHE DA 456 -13.97 118.80 -90.25
N ILE DA 457 -14.39 118.31 -91.40
CA ILE DA 457 -13.48 118.16 -92.53
C ILE DA 457 -14.33 118.24 -93.80
N PRO DA 458 -13.78 118.88 -94.81
CA PRO DA 458 -14.46 118.99 -96.09
C PRO DA 458 -13.95 117.86 -96.95
N ILE DA 459 -14.88 117.06 -97.47
CA ILE DA 459 -14.56 116.02 -98.42
C ILE DA 459 -14.34 116.69 -99.76
N GLN DA 460 -13.08 117.05 -100.03
CA GLN DA 460 -12.71 117.85 -101.21
C GLN DA 460 -11.37 117.49 -101.78
N ASP DA 461 -11.27 117.44 -103.11
CA ASP DA 461 -9.98 117.26 -103.74
C ASP DA 461 -9.24 118.59 -103.74
N LEU DA 462 -8.18 118.65 -102.95
CA LEU DA 462 -7.43 119.88 -102.76
C LEU DA 462 -6.16 119.93 -103.59
N THR DA 463 -6.05 119.05 -104.58
CA THR DA 463 -4.87 119.02 -105.43
C THR DA 463 -4.97 120.02 -106.59
N GLY DA 464 -3.95 120.87 -106.70
CA GLY DA 464 -3.85 121.83 -107.80
C GLY DA 464 -3.35 121.14 -109.04
N GLU DA 465 -3.59 119.84 -109.09
CA GLU DA 465 -3.15 118.99 -110.18
C GLU DA 465 -1.65 118.68 -110.10
N ASP DA 466 -1.00 119.20 -109.05
CA ASP DA 466 0.40 118.91 -108.79
C ASP DA 466 0.68 117.44 -109.09
N ASP DA 467 1.61 117.19 -110.00
CA ASP DA 467 1.79 115.85 -110.59
C ASP DA 467 2.20 114.73 -109.63
N TYR DA 468 3.01 115.02 -108.62
CA TYR DA 468 3.53 113.97 -107.75
C TYR DA 468 2.41 113.29 -106.96
N ILE DA 469 1.41 114.07 -106.55
CA ILE DA 469 0.18 113.56 -105.95
C ILE DA 469 0.23 112.11 -105.42
N SER DA 470 -0.74 111.30 -105.84
CA SER DA 470 -0.99 109.92 -105.34
C SER DA 470 -0.92 109.72 -103.82
N PHE DA 471 -1.81 108.89 -103.30
CA PHE DA 471 -1.78 108.62 -101.87
C PHE DA 471 -0.48 107.93 -101.43
N GLU DA 472 -0.06 106.86 -102.11
CA GLU DA 472 1.28 106.30 -101.87
C GLU DA 472 2.27 107.23 -102.55
N SER DA 473 3.56 106.92 -102.43
CA SER DA 473 4.59 107.82 -102.96
C SER DA 473 4.70 109.08 -102.12
N ASP DA 474 3.56 109.64 -101.72
CA ASP DA 474 3.51 110.97 -101.10
C ASP DA 474 2.90 111.11 -99.70
N THR DA 475 1.84 110.36 -99.40
CA THR DA 475 1.24 110.40 -98.06
C THR DA 475 1.66 109.21 -97.20
N LEU DA 476 1.38 108.01 -97.70
CA LEU DA 476 1.63 106.77 -96.96
C LEU DA 476 3.06 106.70 -96.43
N PRO DA 477 4.05 106.94 -97.28
CA PRO DA 477 5.45 106.86 -96.85
C PRO DA 477 5.72 107.69 -95.61
N LEU DA 478 5.11 108.88 -95.56
CA LEU DA 478 5.33 109.83 -94.48
C LEU DA 478 4.62 109.35 -93.22
N VAL DA 479 3.36 108.95 -93.39
CA VAL DA 479 2.57 108.45 -92.29
C VAL DA 479 3.26 107.29 -91.56
N GLN DA 480 3.86 106.40 -92.33
CA GLN DA 480 4.56 105.27 -91.73
C GLN DA 480 5.81 105.73 -91.00
N GLN DA 481 6.51 106.71 -91.55
CA GLN DA 481 7.72 107.21 -90.93
C GLN DA 481 7.42 107.91 -89.61
N HIS DA 482 6.33 108.68 -89.58
CA HIS DA 482 5.91 109.34 -88.35
C HIS DA 482 5.59 108.29 -87.32
N PHE DA 483 4.87 107.25 -87.73
CA PHE DA 483 4.46 106.21 -86.81
C PHE DA 483 5.67 105.43 -86.28
N TYR DA 484 6.55 104.96 -87.17
CA TYR DA 484 7.77 104.30 -86.74
C TYR DA 484 8.45 105.11 -85.64
N HIS DA 485 8.57 106.41 -85.88
CA HIS DA 485 9.23 107.33 -84.96
C HIS DA 485 8.56 107.33 -83.60
N ILE DA 486 7.26 107.56 -83.62
CA ILE DA 486 6.44 107.67 -82.41
C ILE DA 486 6.47 106.38 -81.58
N LYS DA 487 6.67 105.24 -82.25
CA LYS DA 487 6.54 103.92 -81.62
C LYS DA 487 7.75 103.56 -80.81
N CYS DA 488 8.91 104.05 -81.23
CA CYS DA 488 10.18 103.61 -80.67
C CYS DA 488 10.61 104.44 -79.47
N GLY DA 489 9.67 105.15 -78.87
CA GLY DA 489 9.91 105.90 -77.66
C GLY DA 489 10.00 107.38 -77.93
N GLU DA 490 10.44 107.72 -79.13
CA GLU DA 490 10.59 109.11 -79.54
C GLU DA 490 9.24 109.78 -79.53
N SER DA 491 9.26 111.11 -79.40
CA SER DA 491 8.03 111.90 -79.43
C SER DA 491 7.97 112.71 -80.73
N SER DA 492 6.89 113.46 -80.94
CA SER DA 492 6.65 114.19 -82.18
C SER DA 492 7.43 115.52 -82.27
N LYS DA 493 7.88 116.02 -81.12
CA LYS DA 493 8.74 117.19 -81.09
C LYS DA 493 10.09 116.89 -81.76
N THR DA 494 10.58 115.66 -81.56
CA THR DA 494 11.82 115.18 -82.18
C THR DA 494 11.65 114.88 -83.66
N PHE DA 495 10.42 114.97 -84.14
CA PHE DA 495 10.12 114.56 -85.51
C PHE DA 495 10.25 115.72 -86.48
N ARG DA 496 11.29 115.64 -87.31
CA ARG DA 496 11.58 116.72 -88.25
C ARG DA 496 11.12 116.34 -89.65
N VAL DA 497 10.24 117.15 -90.22
CA VAL DA 497 9.92 117.00 -91.65
C VAL DA 497 9.78 118.32 -92.41
N ASP DA 498 10.23 118.28 -93.67
CA ASP DA 498 10.21 119.42 -94.57
C ASP DA 498 8.80 119.96 -94.74
N ASP DA 499 8.61 121.27 -94.59
CA ASP DA 499 7.30 121.87 -94.79
C ASP DA 499 6.81 121.63 -96.20
N GLU DA 500 7.72 121.26 -97.10
CA GLU DA 500 7.37 120.94 -98.47
C GLU DA 500 6.74 119.55 -98.54
N LEU DA 501 7.45 118.54 -98.01
CA LEU DA 501 6.99 117.17 -98.06
C LEU DA 501 5.69 116.95 -97.27
N LEU DA 502 5.59 117.63 -96.13
CA LEU DA 502 4.44 117.48 -95.24
C LEU DA 502 3.17 118.13 -95.77
N ASN DA 503 3.32 118.97 -96.78
CA ASN DA 503 2.16 119.59 -97.40
C ASN DA 503 1.84 118.86 -98.69
N ASN DA 504 2.77 118.05 -99.18
CA ASN DA 504 2.47 117.14 -100.27
C ASN DA 504 1.63 116.02 -99.70
N ALA DA 505 2.06 115.53 -98.54
CA ALA DA 505 1.37 114.47 -97.84
C ALA DA 505 -0.08 114.84 -97.50
N PHE DA 506 -0.27 116.07 -97.09
CA PHE DA 506 -1.60 116.54 -96.70
C PHE DA 506 -2.50 116.67 -97.92
N LYS DA 507 -2.00 117.26 -98.99
CA LYS DA 507 -2.82 117.48 -100.18
C LYS DA 507 -3.09 116.16 -100.89
N ALA DA 508 -2.07 115.31 -100.99
CA ALA DA 508 -2.25 114.02 -101.63
C ALA DA 508 -3.18 113.15 -100.80
N SER DA 509 -3.24 113.43 -99.51
CA SER DA 509 -4.13 112.69 -98.64
C SER DA 509 -5.61 112.95 -98.96
N THR DA 510 -5.93 114.11 -99.55
CA THR DA 510 -7.32 114.42 -99.90
C THR DA 510 -7.77 113.83 -101.25
N THR DA 511 -7.03 112.84 -101.74
CA THR DA 511 -7.47 112.20 -102.96
C THR DA 511 -8.43 111.00 -102.73
N VAL DA 512 -8.16 110.21 -101.68
CA VAL DA 512 -8.85 108.93 -101.43
C VAL DA 512 -10.35 108.98 -101.16
N PHE DA 513 -10.92 110.17 -101.01
CA PHE DA 513 -12.34 110.32 -100.72
C PHE DA 513 -13.25 109.54 -101.68
N GLN DA 514 -12.84 109.41 -102.94
CA GLN DA 514 -13.71 108.77 -103.93
C GLN DA 514 -13.70 107.27 -103.72
N SER DA 515 -12.52 106.68 -103.67
CA SER DA 515 -12.38 105.24 -103.57
C SER DA 515 -12.90 104.72 -102.23
N MET DA 516 -13.12 105.63 -101.28
CA MET DA 516 -13.55 105.25 -99.93
C MET DA 516 -15.06 105.32 -99.74
N LEU DA 517 -15.73 106.19 -100.50
CA LEU DA 517 -17.19 106.29 -100.43
C LEU DA 517 -17.85 105.11 -101.15
N LYS DA 518 -17.16 104.57 -102.16
CA LYS DA 518 -17.62 103.37 -102.85
C LYS DA 518 -17.65 102.22 -101.86
N VAL DA 519 -16.94 102.40 -100.75
CA VAL DA 519 -16.79 101.36 -99.75
C VAL DA 519 -17.69 101.64 -98.56
N TYR DA 520 -18.12 102.88 -98.41
CA TYR DA 520 -19.07 103.22 -97.38
C TYR DA 520 -20.45 102.87 -97.87
N VAL DA 521 -20.76 103.20 -99.11
CA VAL DA 521 -22.05 102.86 -99.66
C VAL DA 521 -22.24 101.36 -99.67
N GLU DA 522 -21.20 100.63 -100.06
CA GLU DA 522 -21.22 99.18 -100.03
C GLU DA 522 -21.54 98.69 -98.61
N LYS DA 523 -20.94 99.30 -97.61
CA LYS DA 523 -21.16 98.92 -96.20
C LYS DA 523 -22.54 99.35 -95.68
N ILE DA 524 -23.18 100.28 -96.37
CA ILE DA 524 -24.52 100.71 -95.97
C ILE DA 524 -25.51 99.65 -96.38
N PHE DA 525 -25.47 99.29 -97.66
CA PHE DA 525 -26.37 98.28 -98.20
C PHE DA 525 -26.22 96.91 -97.51
N GLN DA 526 -25.03 96.64 -96.98
CA GLN DA 526 -24.83 95.45 -96.17
C GLN DA 526 -25.55 95.59 -94.84
N LEU DA 527 -25.70 96.82 -94.37
CA LEU DA 527 -26.32 97.09 -93.07
C LEU DA 527 -27.84 97.22 -93.17
N VAL DA 528 -28.35 97.24 -94.39
CA VAL DA 528 -29.78 97.31 -94.59
C VAL DA 528 -30.41 96.04 -94.04
N ASP DA 529 -29.62 94.97 -93.96
CA ASP DA 529 -30.09 93.63 -93.58
C ASP DA 529 -29.60 93.13 -92.21
N VAL DA 530 -29.39 94.04 -91.27
CA VAL DA 530 -28.89 93.70 -89.94
C VAL DA 530 -29.86 94.09 -88.82
N ASP DA 531 -29.84 93.36 -87.72
CA ASP DA 531 -30.75 93.65 -86.64
C ASP DA 531 -30.08 94.67 -85.73
N LEU DA 532 -29.35 95.60 -86.31
CA LEU DA 532 -29.01 96.82 -85.58
C LEU DA 532 -30.33 97.48 -85.39
N GLU DA 533 -30.53 98.21 -84.30
CA GLU DA 533 -31.82 98.86 -84.27
C GLU DA 533 -31.83 100.12 -83.49
N ASP DA 534 -32.45 101.11 -84.16
CA ASP DA 534 -32.98 102.37 -83.66
C ASP DA 534 -31.96 103.45 -83.40
N SER DA 535 -31.54 103.59 -82.16
CA SER DA 535 -30.48 104.53 -81.83
C SER DA 535 -29.46 104.56 -82.94
N LEU DA 536 -28.96 103.37 -83.29
CA LEU DA 536 -27.86 103.24 -84.21
C LEU DA 536 -28.26 103.31 -85.67
N VAL DA 537 -29.53 103.10 -85.97
CA VAL DA 537 -29.97 103.28 -87.35
C VAL DA 537 -29.91 104.76 -87.65
N THR DA 538 -30.35 105.56 -86.68
CA THR DA 538 -30.39 107.00 -86.83
C THR DA 538 -29.00 107.58 -86.96
N LYS DA 539 -28.16 107.35 -85.95
CA LYS DA 539 -26.78 107.83 -85.94
C LYS DA 539 -26.07 107.55 -87.27
N ILE DA 540 -26.48 106.51 -87.98
CA ILE DA 540 -25.83 106.13 -89.24
C ILE DA 540 -26.31 107.05 -90.35
N ASN DA 541 -27.56 107.48 -90.25
CA ASN DA 541 -28.13 108.41 -91.20
C ASN DA 541 -27.61 109.82 -90.99
N GLN DA 542 -27.21 110.12 -89.76
CA GLN DA 542 -26.51 111.37 -89.48
C GLN DA 542 -25.17 111.35 -90.21
N THR DA 543 -24.46 110.24 -90.10
CA THR DA 543 -23.16 110.13 -90.75
C THR DA 543 -23.23 110.20 -92.26
N THR DA 544 -24.32 109.70 -92.82
CA THR DA 544 -24.46 109.75 -94.26
C THR DA 544 -24.89 111.13 -94.72
N MET DA 545 -25.60 111.86 -93.86
CA MET DA 545 -26.07 113.20 -94.23
C MET DA 545 -25.07 114.29 -93.89
N ILE DA 546 -24.19 114.00 -92.95
CA ILE DA 546 -23.13 114.93 -92.63
C ILE DA 546 -22.03 114.79 -93.67
N LEU DA 547 -21.68 113.55 -94.00
CA LEU DA 547 -20.74 113.30 -95.08
C LEU DA 547 -21.14 113.99 -96.37
N GLN DA 548 -22.44 114.10 -96.62
CA GLN DA 548 -22.92 114.76 -97.84
C GLN DA 548 -22.68 116.26 -97.81
N GLU DA 549 -22.95 116.88 -96.66
CA GLU DA 549 -22.89 118.33 -96.57
C GLU DA 549 -21.43 118.81 -96.58
N SER DA 550 -20.52 117.96 -96.19
CA SER DA 550 -19.10 118.31 -96.20
C SER DA 550 -18.46 117.94 -97.52
N MET DA 551 -19.22 118.01 -98.60
CA MET DA 551 -18.79 117.52 -99.91
C MET DA 551 -18.89 118.59 -100.97
N ASP DA 552 -17.83 118.76 -101.74
CA ASP DA 552 -17.88 119.69 -102.86
C ASP DA 552 -18.60 119.05 -104.03
N ASP DA 553 -19.18 119.87 -104.90
CA ASP DA 553 -19.92 119.39 -106.05
C ASP DA 553 -19.20 118.28 -106.83
N LYS DA 554 -17.87 118.38 -106.96
CA LYS DA 554 -17.10 117.37 -107.67
C LYS DA 554 -17.39 116.00 -107.08
N ILE DA 555 -17.20 115.88 -105.77
CA ILE DA 555 -17.32 114.61 -105.06
C ILE DA 555 -18.77 114.19 -104.87
N PHE DA 556 -19.62 115.14 -104.49
CA PHE DA 556 -21.04 114.89 -104.28
C PHE DA 556 -21.70 114.38 -105.53
N ASN DA 557 -21.50 115.06 -106.65
CA ASN DA 557 -22.08 114.61 -107.91
C ASN DA 557 -21.64 113.20 -108.24
N TYR DA 558 -20.59 112.71 -107.58
CA TYR DA 558 -20.15 111.31 -107.70
C TYR DA 558 -20.93 110.44 -106.77
N PHE DA 559 -20.95 110.85 -105.52
CA PHE DA 559 -21.70 110.15 -104.51
C PHE DA 559 -23.13 109.93 -104.97
N ALA DA 560 -23.71 110.93 -105.61
CA ALA DA 560 -25.09 110.81 -106.11
C ALA DA 560 -25.26 109.72 -107.17
N SER DA 561 -24.45 109.74 -108.22
CA SER DA 561 -24.54 108.69 -109.22
C SER DA 561 -24.07 107.34 -108.67
N LEU DA 562 -23.71 107.30 -107.39
CA LEU DA 562 -23.33 106.05 -106.72
C LEU DA 562 -24.44 105.51 -105.78
N LEU DA 563 -25.26 106.40 -105.24
CA LEU DA 563 -26.45 105.92 -104.56
C LEU DA 563 -27.43 105.53 -105.64
N ASN DA 564 -27.71 106.44 -106.56
CA ASN DA 564 -28.55 106.13 -107.70
C ASN DA 564 -28.16 104.77 -108.29
N ARG DA 565 -26.89 104.57 -108.60
CA ARG DA 565 -26.44 103.32 -109.20
C ARG DA 565 -26.78 102.12 -108.32
N ASN DA 566 -26.30 102.15 -107.08
CA ASN DA 566 -26.44 101.02 -106.15
C ASN DA 566 -27.86 100.76 -105.62
N PHE DA 567 -28.70 101.78 -105.65
CA PHE DA 567 -30.06 101.64 -105.17
C PHE DA 567 -30.86 100.77 -106.09
N TRP DA 568 -30.55 100.82 -107.38
CA TRP DA 568 -31.29 100.05 -108.37
C TRP DA 568 -30.73 98.66 -108.53
N SER DA 569 -29.46 98.57 -108.87
CA SER DA 569 -28.79 97.29 -109.00
C SER DA 569 -28.19 96.89 -107.66
N ASN DA 570 -28.98 96.24 -106.82
CA ASN DA 570 -28.48 95.71 -105.55
C ASN DA 570 -29.07 94.36 -105.22
N ASP DA 571 -28.29 93.57 -104.49
CA ASP DA 571 -28.72 92.25 -104.03
C ASP DA 571 -28.70 92.28 -102.51
N SER DA 572 -29.46 93.23 -101.93
CA SER DA 572 -29.25 93.59 -100.53
C SER DA 572 -30.49 93.87 -99.69
N PHE DA 573 -31.67 93.53 -100.18
CA PHE DA 573 -32.88 93.70 -99.34
C PHE DA 573 -33.64 92.39 -99.06
N LYS DA 574 -32.90 91.32 -98.88
CA LYS DA 574 -33.51 90.01 -98.66
C LYS DA 574 -34.08 89.89 -97.24
N GLU DA 575 -33.21 89.53 -96.31
CA GLU DA 575 -33.58 89.26 -94.91
C GLU DA 575 -34.88 89.92 -94.41
N LYS DA 576 -35.88 89.09 -94.15
CA LYS DA 576 -37.14 89.47 -93.50
C LYS DA 576 -37.55 90.93 -93.57
N ASP DA 577 -37.10 91.71 -92.60
CA ASP DA 577 -37.59 93.06 -92.33
C ASP DA 577 -36.47 94.12 -92.27
N PRO DA 578 -36.27 94.83 -93.39
CA PRO DA 578 -35.07 95.63 -93.63
C PRO DA 578 -35.12 97.04 -93.07
N ASN DA 579 -33.96 97.67 -92.96
CA ASN DA 579 -33.85 99.07 -92.58
C ASN DA 579 -33.81 99.91 -93.84
N TYR DA 580 -34.98 100.20 -94.40
CA TYR DA 580 -35.04 100.98 -95.61
C TYR DA 580 -34.48 102.39 -95.31
N GLU DA 581 -34.78 102.90 -94.12
CA GLU DA 581 -34.31 104.21 -93.69
C GLU DA 581 -32.86 104.52 -94.13
N LEU DA 582 -31.98 103.53 -94.03
CA LEU DA 582 -30.55 103.72 -94.23
C LEU DA 582 -30.15 104.02 -95.65
N VAL DA 583 -31.10 103.92 -96.56
CA VAL DA 583 -30.85 104.15 -97.98
C VAL DA 583 -31.85 105.14 -98.61
N THR DA 584 -33.12 105.10 -98.23
CA THR DA 584 -34.07 106.08 -98.75
C THR DA 584 -33.77 107.52 -98.34
N ILE DA 585 -33.48 107.71 -97.06
CA ILE DA 585 -33.21 109.04 -96.52
C ILE DA 585 -31.97 109.72 -97.13
N PRO DA 586 -30.82 109.03 -97.17
CA PRO DA 586 -29.66 109.56 -97.89
C PRO DA 586 -29.92 109.97 -99.35
N LEU DA 587 -30.96 109.43 -99.97
CA LEU DA 587 -31.42 109.95 -101.27
C LEU DA 587 -32.10 111.31 -101.13
N ALA DA 588 -33.12 111.39 -100.29
CA ALA DA 588 -33.77 112.64 -99.98
C ALA DA 588 -32.78 113.78 -99.73
N ALA DA 589 -31.68 113.49 -99.04
CA ALA DA 589 -30.69 114.50 -98.71
C ALA DA 589 -29.85 114.93 -99.90
N LEU DA 590 -30.01 114.22 -101.02
CA LEU DA 590 -29.35 114.58 -102.27
C LEU DA 590 -30.21 115.57 -102.98
N VAL DA 591 -31.51 115.36 -102.87
CA VAL DA 591 -32.49 116.19 -103.52
C VAL DA 591 -32.67 117.52 -102.79
N ARG DA 592 -32.42 117.53 -101.49
CA ARG DA 592 -32.38 118.77 -100.73
C ARG DA 592 -31.37 119.69 -101.40
N ARG DA 593 -30.16 119.17 -101.61
CA ARG DA 593 -29.03 119.94 -102.15
C ARG DA 593 -29.11 120.21 -103.63
N ASN DA 594 -29.74 119.30 -104.38
CA ASN DA 594 -29.82 119.42 -105.82
C ASN DA 594 -31.18 119.03 -106.40
N ASN DA 595 -32.16 119.91 -106.26
CA ASN DA 595 -33.51 119.67 -106.76
C ASN DA 595 -33.54 119.13 -108.17
N GLY DA 596 -32.51 119.42 -108.93
CA GLY DA 596 -32.47 119.02 -110.33
C GLY DA 596 -32.52 117.53 -110.47
N LEU DA 597 -31.97 116.83 -109.48
CA LEU DA 597 -31.91 115.37 -109.48
C LEU DA 597 -33.27 114.70 -109.34
N SER DA 598 -34.28 115.45 -108.92
CA SER DA 598 -35.62 114.90 -108.70
C SER DA 598 -36.40 114.56 -109.99
N LYS DA 599 -36.44 115.49 -110.95
CA LYS DA 599 -37.25 115.26 -112.16
C LYS DA 599 -37.17 113.81 -112.62
N GLU DA 600 -35.98 113.21 -112.58
CA GLU DA 600 -35.78 111.89 -113.15
C GLU DA 600 -35.79 110.76 -112.13
N LEU DA 601 -35.37 111.04 -110.91
CA LEU DA 601 -35.39 110.02 -109.87
C LEU DA 601 -36.80 109.59 -109.53
N VAL DA 602 -37.72 110.54 -109.49
CA VAL DA 602 -39.11 110.25 -109.19
C VAL DA 602 -39.78 109.48 -110.33
N ARG DA 603 -39.61 109.96 -111.56
CA ARG DA 603 -40.20 109.27 -112.71
C ARG DA 603 -39.69 107.83 -112.83
N THR DA 604 -38.59 107.52 -112.17
CA THR DA 604 -38.05 106.17 -112.22
C THR DA 604 -38.58 105.34 -111.08
N LEU DA 605 -38.95 105.99 -109.98
CA LEU DA 605 -39.58 105.27 -108.88
C LEU DA 605 -41.01 104.91 -109.26
N LEU DA 606 -41.58 105.63 -110.21
CA LEU DA 606 -42.97 105.41 -110.58
C LEU DA 606 -43.13 104.36 -111.67
N PHE DA 607 -42.22 104.31 -112.64
CA PHE DA 607 -42.27 103.29 -113.69
C PHE DA 607 -41.61 102.03 -113.19
N HIS DA 608 -41.32 102.00 -111.88
CA HIS DA 608 -40.78 100.82 -111.19
C HIS DA 608 -41.76 100.37 -110.10
N ILE DA 609 -42.63 101.28 -109.68
CA ILE DA 609 -43.69 100.97 -108.74
C ILE DA 609 -44.92 100.44 -109.50
N LYS DA 610 -45.32 101.12 -110.57
CA LYS DA 610 -46.33 100.59 -111.47
C LYS DA 610 -45.90 99.19 -111.92
N GLU DA 611 -44.60 98.97 -112.07
CA GLU DA 611 -44.09 97.67 -112.53
C GLU DA 611 -44.37 96.61 -111.48
N GLN DA 612 -44.06 96.89 -110.23
CA GLN DA 612 -44.28 95.92 -109.17
C GLN DA 612 -45.75 95.67 -108.86
N ILE DA 613 -46.58 96.69 -108.96
CA ILE DA 613 -48.00 96.48 -108.76
C ILE DA 613 -48.52 95.56 -109.83
N LYS DA 614 -48.25 95.92 -111.08
CA LYS DA 614 -48.74 95.17 -112.24
C LYS DA 614 -48.32 93.70 -112.19
N ARG DA 615 -47.25 93.37 -111.47
CA ARG DA 615 -46.85 91.97 -111.33
C ARG DA 615 -47.10 91.38 -109.94
N GLY DA 616 -48.25 91.74 -109.38
CA GLY DA 616 -48.83 91.02 -108.26
C GLY DA 616 -48.43 91.46 -106.87
N ALA DA 617 -47.71 92.58 -106.76
CA ALA DA 617 -47.28 93.04 -105.45
C ALA DA 617 -48.43 93.65 -104.71
N GLY DA 618 -48.48 93.37 -103.40
CA GLY DA 618 -49.60 93.76 -102.54
C GLY DA 618 -50.93 93.20 -103.00
N SER DA 619 -50.85 92.02 -103.60
CA SER DA 619 -52.03 91.32 -104.08
C SER DA 619 -52.60 90.50 -102.94
N VAL DA 620 -51.70 90.00 -102.10
CA VAL DA 620 -52.03 89.06 -101.04
C VAL DA 620 -52.26 89.76 -99.71
N ARG DA 621 -53.47 89.62 -99.16
CA ARG DA 621 -53.89 90.40 -97.99
C ARG DA 621 -53.30 89.94 -96.65
N SER DA 622 -52.92 90.91 -95.81
CA SER DA 622 -52.50 90.68 -94.43
C SER DA 622 -52.33 91.95 -93.62
N THR DA 623 -53.02 92.04 -92.49
CA THR DA 623 -52.67 92.98 -91.44
C THR DA 623 -51.39 92.45 -90.82
N SER DA 624 -50.83 93.19 -89.86
CA SER DA 624 -49.71 92.71 -89.04
C SER DA 624 -48.30 92.65 -89.67
N GLU DA 625 -48.20 92.25 -90.93
CA GLU DA 625 -46.90 92.00 -91.55
C GLU DA 625 -46.80 92.51 -92.98
N ILE DA 626 -45.60 92.89 -93.40
CA ILE DA 626 -45.38 93.26 -94.79
C ILE DA 626 -44.89 92.04 -95.56
N GLN DA 627 -45.68 91.56 -96.50
CA GLN DA 627 -45.30 90.36 -97.23
C GLN DA 627 -43.94 90.56 -97.93
N GLN DA 628 -43.06 89.57 -97.86
CA GLN DA 628 -41.74 89.67 -98.46
C GLN DA 628 -41.72 89.76 -100.00
N ARG DA 629 -42.85 89.52 -100.66
CA ARG DA 629 -42.90 89.64 -102.12
C ARG DA 629 -43.16 91.10 -102.43
N ASP DA 630 -43.45 91.84 -101.37
CA ASP DA 630 -43.74 93.25 -101.43
C ASP DA 630 -42.50 94.11 -101.15
N VAL DA 631 -41.62 93.59 -100.32
CA VAL DA 631 -40.44 94.32 -99.87
C VAL DA 631 -39.86 95.29 -100.90
N LYS DA 632 -39.77 94.86 -102.15
CA LYS DA 632 -39.32 95.75 -103.23
C LYS DA 632 -40.31 96.93 -103.44
N LEU DA 633 -41.59 96.64 -103.65
CA LEU DA 633 -42.55 97.73 -103.78
C LEU DA 633 -42.49 98.69 -102.60
N VAL DA 634 -42.17 98.18 -101.43
CA VAL DA 634 -42.12 99.01 -100.23
C VAL DA 634 -40.87 99.87 -100.21
N LEU DA 635 -39.78 99.38 -100.76
CA LEU DA 635 -38.59 100.20 -100.86
C LEU DA 635 -38.88 101.41 -101.72
N TYR DA 636 -39.27 101.17 -102.96
CA TYR DA 636 -39.59 102.23 -103.89
C TYR DA 636 -40.62 103.23 -103.33
N LEU DA 637 -41.57 102.77 -102.52
CA LEU DA 637 -42.59 103.65 -101.94
C LEU DA 637 -42.08 104.50 -100.78
N THR DA 638 -41.15 103.95 -100.00
CA THR DA 638 -40.55 104.73 -98.93
C THR DA 638 -39.66 105.80 -99.55
N ALA DA 639 -38.86 105.39 -100.52
CA ALA DA 639 -38.05 106.33 -101.27
C ALA DA 639 -38.92 107.45 -101.83
N LEU DA 640 -40.03 107.11 -102.48
CA LEU DA 640 -40.88 108.13 -103.05
C LEU DA 640 -41.40 109.10 -101.99
N ASN DA 641 -41.66 108.60 -100.78
CA ASN DA 641 -42.12 109.43 -99.67
C ASN DA 641 -41.02 110.34 -99.18
N ASP DA 642 -39.89 109.73 -98.87
CA ASP DA 642 -38.76 110.42 -98.30
C ASP DA 642 -38.18 111.44 -99.27
N VAL DA 643 -38.30 111.15 -100.57
CA VAL DA 643 -37.71 111.98 -101.63
C VAL DA 643 -38.67 113.04 -102.20
N LEU DA 644 -39.97 112.83 -102.09
CA LEU DA 644 -40.86 113.92 -102.42
C LEU DA 644 -40.67 114.99 -101.35
N ARG DA 645 -40.60 114.55 -100.11
CA ARG DA 645 -40.66 115.45 -98.95
C ARG DA 645 -39.61 116.52 -99.05
N ASN DA 646 -38.59 116.25 -99.87
CA ASN DA 646 -37.45 117.14 -100.04
C ASN DA 646 -37.27 117.62 -101.49
N CYS DA 647 -38.32 117.45 -102.30
CA CYS DA 647 -38.33 117.89 -103.69
C CYS DA 647 -38.52 119.39 -103.85
N HIS DA 648 -39.45 119.95 -103.09
CA HIS DA 648 -39.77 121.38 -103.12
C HIS DA 648 -40.24 121.81 -104.51
N GLU DA 649 -39.84 123.01 -104.91
CA GLU DA 649 -40.34 123.66 -106.12
C GLU DA 649 -40.04 122.92 -107.42
N SER DA 650 -39.17 121.92 -107.38
CA SER DA 650 -38.77 121.21 -108.58
C SER DA 650 -39.86 120.25 -108.94
N LEU DA 651 -40.83 120.13 -108.03
CA LEU DA 651 -41.98 119.26 -108.16
C LEU DA 651 -43.06 119.90 -109.01
N LEU DA 652 -42.86 121.17 -109.34
CA LEU DA 652 -43.81 121.89 -110.14
C LEU DA 652 -43.79 121.39 -111.58
N GLU DA 653 -42.67 120.81 -112.00
CA GLU DA 653 -42.48 120.39 -113.39
C GLU DA 653 -43.35 119.20 -113.73
N TYR DA 654 -43.29 118.18 -112.89
CA TYR DA 654 -44.06 116.97 -113.10
C TYR DA 654 -45.24 116.90 -112.16
N SER DA 655 -45.94 118.00 -111.98
CA SER DA 655 -47.11 118.04 -111.11
C SER DA 655 -48.19 117.07 -111.60
N ASP DA 656 -48.68 117.26 -112.81
CA ASP DA 656 -49.80 116.47 -113.28
C ASP DA 656 -49.50 114.97 -113.34
N GLU DA 657 -48.25 114.60 -113.54
CA GLU DA 657 -47.88 113.19 -113.66
C GLU DA 657 -47.90 112.51 -112.31
N LEU DA 658 -47.82 113.32 -111.27
CA LEU DA 658 -47.82 112.79 -109.92
C LEU DA 658 -49.24 112.53 -109.47
N ILE DA 659 -50.00 113.60 -109.30
CA ILE DA 659 -51.41 113.47 -108.95
C ILE DA 659 -52.07 112.26 -109.65
N THR DA 660 -51.88 112.12 -110.96
CA THR DA 660 -52.56 111.06 -111.70
C THR DA 660 -51.98 109.68 -111.39
N PHE DA 661 -50.78 109.67 -110.83
CA PHE DA 661 -50.18 108.43 -110.37
C PHE DA 661 -50.63 108.09 -108.96
N MET DA 662 -50.82 109.11 -108.14
CA MET DA 662 -51.31 108.89 -106.79
C MET DA 662 -52.72 108.32 -106.84
N LYS DA 663 -53.55 108.86 -107.72
CA LYS DA 663 -54.90 108.34 -107.89
C LYS DA 663 -54.85 106.90 -108.39
N TYR DA 664 -53.79 106.55 -109.11
CA TYR DA 664 -53.60 105.18 -109.59
C TYR DA 664 -53.17 104.27 -108.46
N LEU DA 665 -52.38 104.80 -107.56
CA LEU DA 665 -51.88 104.05 -106.43
C LEU DA 665 -52.98 103.71 -105.43
N TYR DA 666 -54.11 104.40 -105.51
CA TYR DA 666 -55.18 104.19 -104.55
C TYR DA 666 -56.36 103.48 -105.21
N ASP DA 667 -56.46 103.59 -106.52
CA ASP DA 667 -57.41 102.76 -107.25
C ASP DA 667 -56.96 101.31 -107.11
N ASN DA 668 -55.75 101.01 -107.59
CA ASN DA 668 -55.10 99.74 -107.30
C ASN DA 668 -54.44 99.80 -105.94
N VAL DA 669 -53.88 98.68 -105.52
CA VAL DA 669 -53.23 98.55 -104.21
C VAL DA 669 -54.08 98.82 -102.95
N THR DA 670 -54.71 97.76 -102.43
CA THR DA 670 -55.40 97.82 -101.15
C THR DA 670 -54.79 96.75 -100.23
N ASN DA 671 -54.47 97.12 -98.99
CA ASN DA 671 -53.66 96.28 -98.05
C ASN DA 671 -53.23 97.09 -96.83
N PRO DA 672 -53.89 96.89 -95.68
CA PRO DA 672 -53.81 97.84 -94.55
C PRO DA 672 -52.41 98.28 -94.13
N PRO DA 673 -51.39 97.42 -94.29
CA PRO DA 673 -50.01 97.80 -93.97
C PRO DA 673 -49.27 98.52 -95.09
N LEU DA 674 -49.76 98.43 -96.31
CA LEU DA 674 -49.26 99.23 -97.43
C LEU DA 674 -49.95 100.60 -97.54
N ASP DA 675 -51.19 100.67 -97.09
CA ASP DA 675 -51.95 101.90 -97.09
C ASP DA 675 -51.45 102.91 -96.05
N VAL DA 676 -50.85 102.44 -94.98
CA VAL DA 676 -50.21 103.36 -94.05
C VAL DA 676 -48.96 103.95 -94.68
N ILE DA 677 -48.47 103.28 -95.71
CA ILE DA 677 -47.35 103.78 -96.49
C ILE DA 677 -47.77 104.62 -97.69
N THR DA 678 -48.60 104.06 -98.58
CA THR DA 678 -49.03 104.80 -99.76
C THR DA 678 -49.72 106.13 -99.45
N SER DA 679 -50.42 106.19 -98.33
CA SER DA 679 -51.13 107.41 -97.96
C SER DA 679 -50.19 108.52 -97.51
N ILE DA 680 -48.93 108.20 -97.37
CA ILE DA 680 -47.96 109.19 -96.95
C ILE DA 680 -47.41 109.96 -98.16
N VAL DA 681 -47.52 109.37 -99.35
CA VAL DA 681 -47.13 110.06 -100.56
C VAL DA 681 -47.78 111.44 -100.60
N ILE DA 682 -49.07 111.51 -100.28
CA ILE DA 682 -49.80 112.77 -100.38
C ILE DA 682 -49.28 113.81 -99.43
N HIS DA 683 -48.77 113.38 -98.30
CA HIS DA 683 -48.27 114.30 -97.28
C HIS DA 683 -46.89 114.79 -97.64
N SER DA 684 -46.00 113.88 -97.95
CA SER DA 684 -44.66 114.24 -98.37
C SER DA 684 -44.63 115.12 -99.62
N ALA DA 685 -45.78 115.34 -100.24
CA ALA DA 685 -45.81 116.26 -101.37
C ALA DA 685 -46.49 117.60 -101.06
N LEU DA 686 -47.43 117.60 -100.13
CA LEU DA 686 -48.05 118.84 -99.69
C LEU DA 686 -47.13 119.57 -98.70
N ALA DA 687 -46.38 118.83 -97.92
CA ALA DA 687 -45.51 119.44 -96.95
C ALA DA 687 -44.36 120.09 -97.67
N THR DA 688 -44.01 119.54 -98.81
CA THR DA 688 -42.79 119.97 -99.47
C THR DA 688 -42.99 121.26 -100.22
N LEU DA 689 -44.24 121.59 -100.51
CA LEU DA 689 -44.57 122.81 -101.26
C LEU DA 689 -44.71 124.02 -100.34
N CYS DA 690 -45.40 123.85 -99.23
CA CYS DA 690 -45.66 124.97 -98.34
C CYS DA 690 -44.94 124.99 -96.98
N THR DA 691 -44.23 123.93 -96.63
CA THR DA 691 -43.42 123.99 -95.42
C THR DA 691 -42.19 124.86 -95.68
N THR DA 692 -41.95 125.80 -94.79
CA THR DA 692 -40.83 126.72 -94.90
C THR DA 692 -39.65 126.15 -94.13
N GLU DA 693 -38.60 125.73 -94.83
CA GLU DA 693 -37.44 125.09 -94.17
C GLU DA 693 -36.12 125.45 -94.81
N ILE DA 694 -35.04 124.98 -94.18
CA ILE DA 694 -33.68 125.07 -94.69
C ILE DA 694 -33.53 124.18 -95.92
N THR DA 695 -32.38 124.26 -96.59
CA THR DA 695 -32.15 123.51 -97.82
C THR DA 695 -30.66 123.29 -97.99
N ASP DA 696 -29.89 124.21 -97.44
CA ASP DA 696 -28.44 124.22 -97.58
C ASP DA 696 -27.83 123.97 -96.23
N CYS DA 697 -26.87 123.05 -96.14
CA CYS DA 697 -26.21 122.75 -94.87
C CYS DA 697 -24.71 122.55 -95.06
N ARG DA 698 -24.24 122.77 -96.28
CA ARG DA 698 -22.87 122.43 -96.65
C ARG DA 698 -21.83 123.02 -95.71
N LEU DA 699 -20.76 122.28 -95.49
CA LEU DA 699 -19.69 122.75 -94.62
C LEU DA 699 -19.19 124.07 -95.14
N PHE DA 700 -19.01 124.12 -96.46
CA PHE DA 700 -18.55 125.29 -97.19
C PHE DA 700 -19.35 125.47 -98.49
N PRO DA 701 -19.82 126.72 -98.76
CA PRO DA 701 -20.93 126.98 -99.69
C PRO DA 701 -20.61 126.91 -101.17
N GLU DA 702 -21.63 126.65 -101.97
CA GLU DA 702 -21.61 126.84 -103.41
C GLU DA 702 -20.59 125.97 -104.16
N ASP DA 703 -19.60 125.47 -103.44
CA ASP DA 703 -18.38 124.91 -104.01
C ASP DA 703 -17.37 126.05 -104.01
N SER DA 704 -17.87 127.27 -104.24
CA SER DA 704 -17.05 128.47 -104.15
C SER DA 704 -17.70 129.57 -103.28
N LYS DA 705 -17.10 129.73 -102.11
CA LYS DA 705 -17.41 130.78 -101.18
C LYS DA 705 -16.14 130.67 -100.45
N ILE DA 706 -15.10 131.02 -101.19
CA ILE DA 706 -13.71 130.79 -100.81
C ILE DA 706 -13.38 131.50 -99.52
N PRO DA 707 -12.99 130.73 -98.48
CA PRO DA 707 -12.14 131.20 -97.39
C PRO DA 707 -10.74 130.73 -97.74
N GLU DA 708 -10.59 130.16 -98.93
CA GLU DA 708 -9.34 129.55 -99.39
C GLU DA 708 -9.37 128.06 -99.12
N LYS DA 709 -8.25 127.38 -99.31
CA LYS DA 709 -8.18 125.94 -99.02
C LYS DA 709 -7.12 125.67 -97.93
N ASP DA 710 -7.11 126.53 -96.92
CA ASP DA 710 -6.57 126.21 -95.61
C ASP DA 710 -7.87 126.13 -94.80
N ARG DA 711 -8.84 125.40 -95.32
CA ARG DA 711 -10.18 125.43 -94.75
C ARG DA 711 -10.60 124.14 -94.05
N TRP DA 712 -9.68 123.48 -93.36
CA TRP DA 712 -10.03 122.23 -92.70
C TRP DA 712 -10.88 122.43 -91.45
N GLY DA 713 -10.31 122.30 -90.26
CA GLY DA 713 -11.14 122.36 -89.06
C GLY DA 713 -12.22 123.37 -89.32
N GLY DA 714 -13.45 122.89 -89.47
CA GLY DA 714 -14.50 123.64 -90.19
C GLY DA 714 -14.79 125.09 -89.92
N LEU DA 715 -13.75 125.84 -89.54
CA LEU DA 715 -13.82 127.22 -89.02
C LEU DA 715 -14.29 127.16 -87.59
N GLN DA 716 -14.26 125.98 -87.01
CA GLN DA 716 -14.82 125.78 -85.69
C GLN DA 716 -14.14 126.62 -84.63
N PHE DA 717 -12.99 127.20 -84.96
CA PHE DA 717 -12.25 128.00 -83.99
C PHE DA 717 -11.92 129.39 -84.51
N ASP DA 718 -12.05 129.57 -85.82
CA ASP DA 718 -11.86 130.85 -86.47
C ASP DA 718 -12.99 131.81 -86.11
N PRO DA 719 -12.68 133.11 -85.96
CA PRO DA 719 -13.80 134.01 -85.63
C PRO DA 719 -14.61 134.39 -86.85
N ARG DA 720 -14.16 134.00 -88.04
CA ARG DA 720 -15.00 134.21 -89.23
C ARG DA 720 -16.05 133.13 -89.38
N ARG DA 721 -15.99 132.10 -88.54
CA ARG DA 721 -16.95 131.02 -88.62
C ARG DA 721 -18.36 131.57 -88.66
N PHE DA 722 -18.56 132.79 -88.16
CA PHE DA 722 -19.90 133.38 -88.18
C PHE DA 722 -20.12 134.80 -88.67
N ASP DA 723 -19.32 135.28 -89.63
CA ASP DA 723 -19.68 136.55 -90.27
C ASP DA 723 -20.64 136.19 -91.38
N LYS DA 724 -21.58 137.08 -91.69
CA LYS DA 724 -22.76 136.74 -92.48
C LYS DA 724 -22.53 136.21 -93.91
N GLN DA 725 -21.35 136.40 -94.49
CA GLN DA 725 -21.15 136.03 -95.88
C GLN DA 725 -20.83 134.54 -96.02
N HIS DA 726 -20.41 133.93 -94.92
CA HIS DA 726 -20.13 132.50 -94.84
C HIS DA 726 -21.44 131.77 -94.67
N LEU DA 727 -22.15 132.17 -93.62
CA LEU DA 727 -23.48 131.69 -93.33
C LEU DA 727 -24.55 132.24 -94.29
N SER DA 728 -24.38 131.97 -95.58
CA SER DA 728 -25.32 132.40 -96.60
C SER DA 728 -26.35 131.33 -96.91
N PHE DA 729 -27.13 130.92 -95.92
CA PHE DA 729 -28.06 129.80 -96.05
C PHE DA 729 -29.05 129.97 -97.18
N GLN DA 730 -29.49 128.86 -97.76
CA GLN DA 730 -30.37 128.92 -98.90
C GLN DA 730 -31.84 129.13 -98.50
N TRP DA 731 -32.44 128.17 -97.82
CA TRP DA 731 -33.85 128.26 -97.43
C TRP DA 731 -34.85 128.05 -98.57
N HIS DA 732 -35.81 127.16 -98.37
CA HIS DA 732 -36.94 127.07 -99.25
C HIS DA 732 -38.06 127.93 -98.68
N VAL DA 733 -38.48 128.93 -99.44
CA VAL DA 733 -39.65 129.72 -99.08
C VAL DA 733 -40.75 129.44 -100.08
N PRO DA 734 -41.94 129.12 -99.58
CA PRO DA 734 -42.99 128.72 -100.51
C PRO DA 734 -43.39 129.91 -101.38
N SER DA 735 -43.27 129.77 -102.71
CA SER DA 735 -43.70 130.80 -103.65
C SER DA 735 -45.17 130.71 -104.02
N SER DA 736 -45.70 131.80 -104.58
CA SER DA 736 -47.11 131.85 -104.94
C SER DA 736 -47.47 130.72 -105.89
N ASP DA 737 -46.47 130.19 -106.58
CA ASP DA 737 -46.66 129.12 -107.54
C ASP DA 737 -46.86 127.79 -106.85
N GLU DA 738 -46.00 127.52 -105.87
CA GLU DA 738 -46.09 126.29 -105.11
C GLU DA 738 -47.36 126.20 -104.27
N ILE DA 739 -47.70 127.26 -103.54
CA ILE DA 739 -48.93 127.30 -102.75
C ILE DA 739 -50.14 127.03 -103.62
N THR DA 740 -50.02 127.41 -104.87
CA THR DA 740 -51.15 127.33 -105.77
C THR DA 740 -51.33 125.89 -106.28
N LEU DA 741 -50.24 125.17 -106.52
CA LEU DA 741 -50.30 123.73 -106.81
C LEU DA 741 -50.68 123.00 -105.56
N SER DA 742 -50.08 123.44 -104.46
CA SER DA 742 -50.40 122.96 -103.13
C SER DA 742 -51.89 122.83 -102.96
N ILE DA 743 -52.60 123.92 -103.24
CA ILE DA 743 -54.05 123.94 -103.10
C ILE DA 743 -54.79 123.16 -104.18
N SER DA 744 -54.27 123.14 -105.40
CA SER DA 744 -54.88 122.36 -106.47
C SER DA 744 -55.04 120.93 -106.02
N ILE DA 745 -53.95 120.41 -105.47
CA ILE DA 745 -53.90 119.06 -104.91
C ILE DA 745 -54.87 118.82 -103.76
N LEU DA 746 -54.68 119.53 -102.67
CA LEU DA 746 -55.61 119.48 -101.55
C LEU DA 746 -57.07 119.25 -101.99
N GLU DA 747 -57.56 119.99 -102.98
CA GLU DA 747 -58.96 119.87 -103.35
C GLU DA 747 -59.20 118.66 -104.26
N SER DA 748 -58.18 118.28 -105.02
CA SER DA 748 -58.28 117.18 -105.98
C SER DA 748 -58.17 115.81 -105.32
N LEU DA 749 -57.33 115.70 -104.30
CA LEU DA 749 -57.27 114.48 -103.50
C LEU DA 749 -58.38 114.47 -102.46
N SER DA 750 -58.68 115.63 -101.91
CA SER DA 750 -59.76 115.74 -100.95
C SER DA 750 -61.07 115.28 -101.59
N GLU DA 751 -61.30 115.64 -102.84
CA GLU DA 751 -62.50 115.16 -103.53
C GLU DA 751 -62.37 113.67 -103.80
N TYR DA 752 -61.25 113.25 -104.37
CA TYR DA 752 -61.04 111.83 -104.67
C TYR DA 752 -61.40 110.92 -103.53
N CYS DA 753 -60.95 111.26 -102.33
CA CYS DA 753 -61.27 110.44 -101.17
C CYS DA 753 -62.75 110.49 -100.82
N ILE DA 754 -63.32 111.69 -100.76
CA ILE DA 754 -64.71 111.82 -100.31
C ILE DA 754 -65.68 111.18 -101.27
N ASN DA 755 -65.34 111.13 -102.56
CA ASN DA 755 -66.19 110.44 -103.53
C ASN DA 755 -66.10 108.94 -103.34
N ASN DA 756 -64.91 108.39 -103.51
CA ASN DA 756 -64.71 106.96 -103.35
C ASN DA 756 -65.31 106.39 -102.04
N VAL DA 757 -65.43 107.22 -101.01
CA VAL DA 757 -66.03 106.83 -99.72
C VAL DA 757 -67.53 107.06 -99.64
N GLU DA 758 -68.01 108.13 -100.26
CA GLU DA 758 -69.44 108.37 -100.30
C GLU DA 758 -70.05 107.36 -101.26
N GLU DA 759 -69.21 106.68 -102.03
CA GLU DA 759 -69.65 105.61 -102.94
C GLU DA 759 -69.89 104.34 -102.14
N LEU DA 760 -68.87 103.96 -101.37
CA LEU DA 760 -68.94 102.79 -100.52
C LEU DA 760 -69.97 102.87 -99.42
N MET DA 761 -70.73 103.96 -99.37
CA MET DA 761 -71.88 103.99 -98.50
C MET DA 761 -73.14 103.44 -99.22
N LYS DA 762 -72.90 102.37 -99.96
CA LYS DA 762 -73.89 101.35 -100.31
C LYS DA 762 -73.28 100.05 -99.80
N ALA DA 763 -73.63 99.76 -98.54
CA ALA DA 763 -72.79 99.03 -97.60
C ALA DA 763 -72.63 97.52 -97.87
N PRO DA 764 -71.41 97.06 -98.22
CA PRO DA 764 -71.13 95.62 -98.02
C PRO DA 764 -70.49 95.30 -96.65
N ARG DA 765 -71.26 94.77 -95.71
CA ARG DA 765 -70.76 94.48 -94.35
C ARG DA 765 -69.73 93.35 -94.36
N HIS DA 766 -69.86 92.48 -95.34
CA HIS DA 766 -68.92 91.38 -95.50
C HIS DA 766 -67.59 91.89 -96.05
N ASP DA 767 -67.47 91.92 -97.38
CA ASP DA 767 -66.23 92.29 -98.11
C ASP DA 767 -64.97 92.17 -97.24
N SER DA 768 -64.85 93.03 -96.24
CA SER DA 768 -63.63 93.17 -95.44
C SER DA 768 -62.49 93.74 -96.30
N GLU DA 769 -62.58 93.49 -97.61
CA GLU DA 769 -61.83 94.26 -98.61
C GLU DA 769 -62.65 95.50 -98.86
N TYR DA 770 -63.42 95.86 -97.84
CA TYR DA 770 -64.27 97.05 -97.83
C TYR DA 770 -63.75 97.95 -96.71
N GLY DA 771 -63.71 97.41 -95.51
CA GLY DA 771 -63.11 98.10 -94.39
C GLY DA 771 -61.64 98.39 -94.65
N ASP DA 772 -61.07 97.69 -95.61
CA ASP DA 772 -59.70 97.94 -96.02
C ASP DA 772 -59.66 99.20 -96.87
N MET DA 773 -60.71 99.40 -97.67
CA MET DA 773 -60.78 100.50 -98.61
C MET DA 773 -61.23 101.79 -97.95
N ILE DA 774 -62.14 101.69 -97.00
CA ILE DA 774 -62.53 102.86 -96.25
C ILE DA 774 -61.40 103.36 -95.36
N GLN DA 775 -60.66 102.46 -94.74
CA GLN DA 775 -59.49 102.85 -93.99
C GLN DA 775 -58.50 103.55 -94.90
N LYS DA 776 -58.36 103.04 -96.12
CA LYS DA 776 -57.42 103.59 -97.08
C LYS DA 776 -57.74 105.02 -97.37
N TYR DA 777 -58.99 105.29 -97.73
CA TYR DA 777 -59.37 106.62 -98.11
C TYR DA 777 -59.32 107.57 -96.90
N VAL DA 778 -59.57 107.05 -95.71
CA VAL DA 778 -59.50 107.87 -94.49
C VAL DA 778 -58.05 108.12 -94.05
N LEU DA 779 -57.09 107.36 -94.58
CA LEU DA 779 -55.68 107.62 -94.27
C LEU DA 779 -55.12 108.60 -95.26
N VAL DA 780 -55.53 108.46 -96.51
CA VAL DA 780 -55.15 109.38 -97.56
C VAL DA 780 -55.73 110.75 -97.26
N MET DA 781 -56.98 110.78 -96.83
CA MET DA 781 -57.59 112.02 -96.38
C MET DA 781 -56.81 112.62 -95.22
N THR DA 782 -56.46 111.78 -94.26
CA THR DA 782 -55.75 112.23 -93.07
C THR DA 782 -54.39 112.85 -93.41
N HIS DA 783 -53.55 112.11 -94.11
CA HIS DA 783 -52.22 112.61 -94.45
C HIS DA 783 -52.32 113.72 -95.48
N THR DA 784 -53.49 113.89 -96.06
CA THR DA 784 -53.77 115.05 -96.89
C THR DA 784 -53.97 116.28 -96.02
N LEU DA 785 -54.50 116.09 -94.82
CA LEU DA 785 -54.70 117.18 -93.85
C LEU DA 785 -53.39 117.62 -93.19
N SER DA 786 -52.48 116.68 -92.95
CA SER DA 786 -51.17 117.02 -92.40
C SER DA 786 -50.21 117.39 -93.51
N GLY DA 787 -49.05 117.91 -93.13
CA GLY DA 787 -48.12 118.43 -94.11
C GLY DA 787 -48.74 119.62 -94.81
N SER DA 788 -49.84 119.37 -95.49
CA SER DA 788 -50.74 120.42 -95.91
C SER DA 788 -51.28 121.22 -94.72
N SER DA 789 -50.62 121.08 -93.57
CA SER DA 789 -51.14 121.67 -92.34
C SER DA 789 -50.71 123.10 -92.16
N LEU DA 790 -49.76 123.55 -92.95
CA LEU DA 790 -49.20 124.86 -92.72
C LEU DA 790 -50.06 125.98 -93.32
N LEU DA 791 -51.07 125.60 -94.08
CA LEU DA 791 -51.93 126.58 -94.73
C LEU DA 791 -53.14 126.96 -93.89
N PHE DA 792 -53.28 126.36 -92.72
CA PHE DA 792 -54.46 126.59 -91.90
C PHE DA 792 -54.22 127.63 -90.81
N ASP DA 793 -55.28 128.29 -90.40
CA ASP DA 793 -55.19 129.34 -89.40
C ASP DA 793 -56.05 128.94 -88.22
N PRO DA 794 -55.44 128.80 -87.04
CA PRO DA 794 -56.18 128.56 -85.81
C PRO DA 794 -57.36 129.51 -85.64
N ASP DA 795 -57.14 130.78 -85.95
CA ASP DA 795 -58.09 131.84 -85.58
C ASP DA 795 -59.29 131.98 -86.51
N PHE DA 796 -59.23 131.39 -87.70
CA PHE DA 796 -60.26 131.55 -88.74
C PHE DA 796 -61.71 131.67 -88.25
N ASN DA 797 -62.06 130.97 -87.18
CA ASN DA 797 -63.45 130.93 -86.72
C ASN DA 797 -63.91 132.17 -85.97
N LYS DA 798 -62.97 132.93 -85.43
CA LYS DA 798 -63.24 134.24 -84.85
C LYS DA 798 -63.71 135.17 -85.97
N TYR DA 799 -62.98 135.14 -87.09
CA TYR DA 799 -63.32 135.95 -88.26
C TYR DA 799 -64.39 135.26 -89.11
N LEU EA 1 -52.04 141.37 -80.32
CA LEU EA 1 -52.27 140.38 -81.36
C LEU EA 1 -51.12 139.39 -81.55
N ASP EA 2 -50.30 139.66 -82.55
CA ASP EA 2 -49.37 138.67 -83.08
C ASP EA 2 -47.90 138.97 -82.77
N ILE EA 3 -47.20 138.03 -82.15
CA ILE EA 3 -45.82 138.22 -81.69
C ILE EA 3 -44.94 137.02 -82.00
N TYR EA 4 -45.52 136.06 -82.72
CA TYR EA 4 -44.82 134.82 -82.95
C TYR EA 4 -44.22 134.87 -84.35
N THR EA 5 -45.06 135.19 -85.35
CA THR EA 5 -44.64 135.40 -86.75
C THR EA 5 -43.78 134.29 -87.36
N CYS EA 6 -44.34 133.53 -88.30
CA CYS EA 6 -43.65 132.37 -88.84
C CYS EA 6 -43.78 132.24 -90.37
N ASN EA 7 -43.90 133.35 -91.06
CA ASN EA 7 -44.04 133.34 -92.52
C ASN EA 7 -45.28 132.59 -92.93
N TYR EA 8 -46.40 132.91 -92.31
CA TYR EA 8 -47.65 132.20 -92.59
C TYR EA 8 -48.12 132.29 -94.03
N TYR EA 9 -47.24 132.68 -94.94
CA TYR EA 9 -47.61 132.91 -96.34
C TYR EA 9 -48.72 133.93 -96.56
N PHE EA 10 -49.94 133.59 -96.17
CA PHE EA 10 -51.07 134.53 -96.29
C PHE EA 10 -50.95 135.75 -95.36
N GLY EA 11 -49.74 136.24 -95.13
CA GLY EA 11 -49.53 137.46 -94.35
C GLY EA 11 -49.81 137.32 -92.87
N ASN EA 12 -48.91 137.84 -92.04
CA ASN EA 12 -49.02 137.65 -90.59
C ASN EA 12 -50.15 138.48 -89.96
N THR EA 13 -51.32 137.86 -89.76
CA THR EA 13 -52.54 138.53 -89.26
C THR EA 13 -52.84 139.96 -89.77
N THR EA 14 -52.38 140.29 -90.97
CA THR EA 14 -52.71 141.60 -91.54
C THR EA 14 -54.17 141.67 -91.97
N GLU EA 15 -54.82 140.52 -92.08
CA GLU EA 15 -56.02 140.39 -92.89
C GLU EA 15 -55.71 140.99 -94.23
N GLU EA 16 -54.43 140.85 -94.57
CA GLU EA 16 -53.94 140.90 -95.92
C GLU EA 16 -54.42 139.56 -96.41
N LYS EA 17 -54.76 138.71 -95.45
CA LYS EA 17 -55.21 137.36 -95.73
C LYS EA 17 -56.70 137.28 -95.99
N LEU EA 18 -57.49 137.99 -95.19
CA LEU EA 18 -58.94 137.96 -95.40
C LEU EA 18 -59.29 138.43 -96.83
N GLN EA 19 -58.52 139.36 -97.37
CA GLN EA 19 -58.70 139.76 -98.77
C GLN EA 19 -57.83 138.92 -99.66
N ASN EA 20 -57.94 137.60 -99.52
CA ASN EA 20 -57.18 136.64 -100.33
C ASN EA 20 -58.08 135.50 -100.73
N PRO EA 21 -58.24 135.29 -102.04
CA PRO EA 21 -59.15 134.26 -102.54
C PRO EA 21 -58.65 132.91 -102.11
N ASN EA 22 -57.33 132.77 -102.06
CA ASN EA 22 -56.64 131.51 -101.77
C ASN EA 22 -56.83 131.04 -100.33
N TYR EA 23 -57.44 131.87 -99.49
CA TYR EA 23 -57.50 131.60 -98.06
C TYR EA 23 -58.91 131.22 -97.61
N LEU EA 24 -59.91 131.64 -98.36
CA LEU EA 24 -61.25 131.17 -98.11
C LEU EA 24 -61.40 129.84 -98.85
N ASN EA 25 -60.57 129.66 -99.87
CA ASN EA 25 -60.52 128.43 -100.63
C ASN EA 25 -60.11 127.30 -99.72
N VAL EA 26 -59.11 127.56 -98.90
CA VAL EA 26 -58.46 126.54 -98.10
C VAL EA 26 -59.30 126.06 -96.93
N HIS EA 27 -59.90 126.97 -96.19
CA HIS EA 27 -60.70 126.60 -95.02
C HIS EA 27 -62.07 126.06 -95.41
N ARG EA 28 -62.57 126.43 -96.58
CA ARG EA 28 -63.83 125.90 -97.06
C ARG EA 28 -63.66 124.42 -97.31
N VAL EA 29 -62.42 124.01 -97.48
CA VAL EA 29 -62.07 122.60 -97.71
C VAL EA 29 -61.87 121.80 -96.42
N ARG EA 30 -61.28 122.40 -95.41
CA ARG EA 30 -61.23 121.75 -94.11
C ARG EA 30 -62.62 121.62 -93.48
N ALA EA 31 -63.52 122.53 -93.79
CA ALA EA 31 -64.88 122.40 -93.31
C ALA EA 31 -65.53 121.15 -93.90
N ARG EA 32 -65.31 120.90 -95.18
CA ARG EA 32 -65.95 119.77 -95.86
C ARG EA 32 -65.41 118.50 -95.26
N ILE EA 33 -64.10 118.48 -95.08
CA ILE EA 33 -63.46 117.35 -94.45
C ILE EA 33 -64.02 117.11 -93.05
N GLY EA 34 -64.27 118.16 -92.30
CA GLY EA 34 -64.83 117.97 -90.98
C GLY EA 34 -66.22 117.42 -91.05
N HIS EA 35 -67.09 118.03 -91.85
CA HIS EA 35 -68.48 117.58 -91.96
C HIS EA 35 -68.55 116.19 -92.57
N PHE EA 36 -67.47 115.78 -93.21
CA PHE EA 36 -67.42 114.46 -93.81
C PHE EA 36 -66.98 113.41 -92.82
N PHE EA 37 -66.14 113.77 -91.87
CA PHE EA 37 -65.76 112.81 -90.85
C PHE EA 37 -66.98 112.47 -89.96
N HIS EA 38 -67.80 113.46 -89.66
CA HIS EA 38 -69.02 113.19 -88.91
C HIS EA 38 -69.93 112.30 -89.76
N LYS EA 39 -70.08 112.61 -91.04
CA LYS EA 39 -70.89 111.78 -91.95
C LYS EA 39 -70.45 110.30 -91.87
N LEU EA 40 -69.15 110.07 -91.72
CA LEU EA 40 -68.60 108.72 -91.65
C LEU EA 40 -68.73 108.10 -90.28
N TYR EA 41 -68.53 108.88 -89.24
CA TYR EA 41 -68.75 108.38 -87.89
C TYR EA 41 -70.18 107.88 -87.69
N VAL EA 42 -71.17 108.70 -87.99
CA VAL EA 42 -72.54 108.24 -87.85
C VAL EA 42 -72.81 107.02 -88.71
N PHE EA 43 -72.15 106.94 -89.85
CA PHE EA 43 -72.33 105.82 -90.75
C PHE EA 43 -71.70 104.54 -90.25
N LEU EA 44 -70.74 104.66 -89.34
CA LEU EA 44 -70.09 103.48 -88.82
C LEU EA 44 -70.75 103.00 -87.54
N SER EA 45 -70.94 103.90 -86.59
CA SER EA 45 -71.54 103.52 -85.31
C SER EA 45 -72.92 102.92 -85.54
N THR EA 46 -73.45 103.13 -86.74
CA THR EA 46 -74.76 102.62 -87.11
C THR EA 46 -74.68 101.30 -87.86
N ASN EA 47 -73.70 101.21 -88.76
CA ASN EA 47 -73.52 100.01 -89.58
C ASN EA 47 -72.42 99.03 -89.12
N PHE EA 48 -71.51 99.49 -88.25
CA PHE EA 48 -70.32 98.71 -87.93
C PHE EA 48 -69.85 98.74 -86.47
N GLU EA 49 -70.78 98.82 -85.51
CA GLU EA 49 -70.39 98.97 -84.11
C GLU EA 49 -69.29 98.01 -83.69
N ASN EA 50 -69.36 96.78 -84.19
CA ASN EA 50 -68.43 95.75 -83.80
C ASN EA 50 -67.14 95.73 -84.64
N ASN EA 51 -66.53 96.90 -84.81
CA ASN EA 51 -65.25 96.98 -85.53
C ASN EA 51 -64.27 97.95 -84.89
N THR EA 52 -63.03 97.51 -84.72
CA THR EA 52 -62.02 98.34 -84.08
C THR EA 52 -61.09 98.97 -85.09
N ASN EA 53 -60.64 98.21 -86.06
CA ASN EA 53 -59.73 98.76 -87.06
C ASN EA 53 -60.26 100.01 -87.77
N MET EA 54 -61.54 100.06 -88.08
CA MET EA 54 -62.11 101.25 -88.75
C MET EA 54 -62.00 102.44 -87.85
N PHE EA 55 -62.54 102.29 -86.65
CA PHE EA 55 -62.62 103.41 -85.71
C PHE EA 55 -61.27 103.93 -85.24
N GLN EA 56 -60.21 103.12 -85.30
CA GLN EA 56 -58.88 103.61 -84.98
C GLN EA 56 -58.36 104.59 -86.04
N ILE EA 57 -58.53 104.23 -87.31
CA ILE EA 57 -58.09 105.07 -88.43
C ILE EA 57 -58.85 106.40 -88.52
N LEU EA 58 -60.08 106.41 -88.05
CA LEU EA 58 -60.88 107.63 -87.97
C LEU EA 58 -60.45 108.49 -86.80
N LEU EA 59 -60.15 107.85 -85.67
CA LEU EA 59 -59.72 108.55 -84.47
C LEU EA 59 -58.35 109.18 -84.63
N HIS EA 60 -57.60 108.77 -85.65
CA HIS EA 60 -56.32 109.38 -85.90
C HIS EA 60 -56.56 110.48 -86.89
N GLY EA 61 -57.55 110.30 -87.74
CA GLY EA 61 -57.90 111.34 -88.66
C GLY EA 61 -58.47 112.55 -87.94
N LEU EA 62 -58.89 112.35 -86.71
CA LEU EA 62 -59.41 113.46 -85.93
C LEU EA 62 -58.31 114.04 -85.03
N LYS EA 63 -57.41 113.20 -84.52
CA LYS EA 63 -56.24 113.67 -83.75
C LYS EA 63 -55.47 114.62 -84.65
N VAL EA 64 -55.64 114.48 -85.97
CA VAL EA 64 -54.92 115.32 -86.93
C VAL EA 64 -55.70 116.58 -87.27
N TRP EA 65 -56.93 116.39 -87.70
CA TRP EA 65 -57.79 117.49 -88.08
C TRP EA 65 -57.95 118.52 -86.96
N PHE EA 66 -57.84 118.09 -85.72
CA PHE EA 66 -57.96 118.97 -84.56
C PHE EA 66 -56.63 119.62 -84.16
N THR EA 67 -55.52 119.00 -84.51
CA THR EA 67 -54.21 119.49 -84.07
C THR EA 67 -53.34 120.08 -85.15
N ASP EA 68 -53.09 119.29 -86.19
CA ASP EA 68 -52.29 119.74 -87.32
C ASP EA 68 -53.04 120.91 -88.04
N LEU EA 69 -53.02 122.08 -87.38
CA LEU EA 69 -53.63 123.34 -87.85
C LEU EA 69 -52.58 124.38 -88.28
N GLY EA 70 -51.95 125.04 -87.32
CA GLY EA 70 -50.80 125.86 -87.63
C GLY EA 70 -49.58 125.03 -87.96
N GLN EA 71 -49.37 123.96 -87.20
CA GLN EA 71 -48.14 123.19 -87.22
C GLN EA 71 -48.26 121.80 -87.88
N GLU EA 72 -47.28 120.92 -87.67
CA GLU EA 72 -47.42 119.50 -87.95
C GLU EA 72 -46.90 118.71 -86.73
N THR EA 73 -47.80 118.18 -85.90
CA THR EA 73 -47.41 117.55 -84.63
C THR EA 73 -47.47 116.03 -84.55
N VAL EA 74 -48.27 115.39 -85.40
CA VAL EA 74 -48.15 113.94 -85.59
C VAL EA 74 -47.43 113.72 -86.91
N PHE EA 75 -46.34 112.97 -86.85
CA PHE EA 75 -45.24 113.08 -87.83
C PHE EA 75 -44.18 114.12 -87.40
N ASN EA 76 -44.51 114.95 -86.42
CA ASN EA 76 -43.60 115.99 -85.96
C ASN EA 76 -42.19 115.45 -85.89
N GLU EA 77 -42.02 114.37 -85.14
CA GLU EA 77 -40.71 113.79 -84.92
C GLU EA 77 -40.62 112.34 -85.40
N ASP EA 78 -40.44 112.18 -86.70
CA ASP EA 78 -39.98 110.93 -87.27
C ASP EA 78 -38.62 111.30 -87.83
N PRO EA 79 -37.61 110.43 -87.65
CA PRO EA 79 -36.42 110.73 -88.43
C PRO EA 79 -36.81 111.01 -89.88
N ASN EA 80 -36.54 112.25 -90.33
CA ASN EA 80 -36.70 112.65 -91.73
C ASN EA 80 -35.32 112.93 -92.33
N ALA EA 81 -35.26 113.72 -93.40
CA ALA EA 81 -34.00 113.94 -94.08
C ALA EA 81 -33.21 115.20 -93.64
N PHE EA 82 -33.49 115.71 -92.44
CA PHE EA 82 -32.70 116.80 -91.89
C PHE EA 82 -31.78 116.26 -90.80
N ILE EA 83 -30.57 116.79 -90.76
CA ILE EA 83 -29.60 116.43 -89.72
C ILE EA 83 -30.17 116.92 -88.41
N ASP EA 84 -30.00 116.17 -87.32
CA ASP EA 84 -30.64 116.52 -86.04
C ASP EA 84 -29.84 117.54 -85.26
N VAL EA 85 -30.52 118.57 -84.81
CA VAL EA 85 -29.88 119.64 -84.07
C VAL EA 85 -29.27 119.12 -82.77
N ASP EA 86 -29.97 118.20 -82.10
CA ASP EA 86 -29.48 117.68 -80.84
C ASP EA 86 -28.26 116.79 -81.00
N PHE EA 87 -28.22 116.03 -82.09
CA PHE EA 87 -27.06 115.20 -82.36
C PHE EA 87 -25.87 116.10 -82.53
N LEU EA 88 -25.97 116.99 -83.52
CA LEU EA 88 -24.84 117.80 -83.95
C LEU EA 88 -24.27 118.62 -82.81
N GLU EA 89 -25.15 119.11 -81.95
CA GLU EA 89 -24.70 119.83 -80.77
C GLU EA 89 -23.73 119.03 -79.90
N ASN EA 90 -23.95 117.73 -79.80
CA ASN EA 90 -23.08 116.88 -78.98
C ASN EA 90 -21.70 116.72 -79.58
N VAL EA 91 -21.67 116.64 -80.90
CA VAL EA 91 -20.45 116.40 -81.67
C VAL EA 91 -19.52 117.59 -81.63
N GLN EA 92 -20.12 118.78 -81.71
CA GLN EA 92 -19.38 120.03 -81.94
C GLN EA 92 -19.18 120.96 -80.75
N SER EA 93 -20.15 121.04 -79.85
CA SER EA 93 -20.01 121.94 -78.73
C SER EA 93 -19.03 121.43 -77.69
N LEU EA 94 -17.98 122.22 -77.45
CA LEU EA 94 -17.16 122.08 -76.25
C LEU EA 94 -17.80 123.03 -75.22
N SER EA 95 -17.61 122.76 -73.93
CA SER EA 95 -18.27 123.57 -72.90
C SER EA 95 -17.29 124.58 -72.32
N HIS EA 96 -17.80 125.76 -71.97
CA HIS EA 96 -16.96 126.91 -71.63
C HIS EA 96 -16.38 127.52 -72.91
N VAL EA 97 -17.00 127.20 -74.05
CA VAL EA 97 -16.62 127.75 -75.35
C VAL EA 97 -17.83 128.18 -76.22
N ASN EA 98 -17.97 129.47 -76.50
CA ASN EA 98 -19.15 129.96 -77.21
C ASN EA 98 -19.23 129.46 -78.66
N GLU EA 99 -20.23 128.64 -78.94
CA GLU EA 99 -20.58 128.21 -80.30
C GLU EA 99 -19.43 127.99 -81.28
N PRO EA 100 -18.59 126.98 -81.03
CA PRO EA 100 -17.49 126.62 -81.92
C PRO EA 100 -18.00 125.73 -83.02
N PHE EA 101 -18.98 126.19 -83.78
CA PHE EA 101 -19.69 125.30 -84.69
C PHE EA 101 -19.26 125.45 -86.14
N THR EA 102 -19.37 124.36 -86.88
CA THR EA 102 -19.11 124.37 -88.31
C THR EA 102 -20.31 124.97 -89.03
N ARG EA 103 -20.14 125.43 -90.26
CA ARG EA 103 -21.28 125.95 -90.97
C ARG EA 103 -22.52 125.05 -90.97
N THR EA 104 -22.33 123.72 -91.12
CA THR EA 104 -23.44 122.75 -91.19
C THR EA 104 -24.40 122.92 -90.02
N ASN EA 105 -23.84 123.02 -88.82
CA ASN EA 105 -24.62 123.11 -87.57
C ASN EA 105 -25.39 124.41 -87.44
N PHE EA 106 -24.76 125.52 -87.78
CA PHE EA 106 -25.41 126.82 -87.72
C PHE EA 106 -26.70 126.77 -88.52
N ALA EA 107 -26.67 125.99 -89.60
CA ALA EA 107 -27.81 125.97 -90.49
C ALA EA 107 -29.04 125.22 -89.94
N ILE EA 108 -28.84 124.09 -89.26
CA ILE EA 108 -29.93 123.39 -88.61
C ILE EA 108 -30.43 124.17 -87.43
N ARG EA 109 -29.48 124.64 -86.64
CA ARG EA 109 -29.75 125.54 -85.52
C ARG EA 109 -30.75 126.65 -85.88
N ALA EA 110 -30.62 127.17 -87.10
CA ALA EA 110 -31.49 128.23 -87.60
C ALA EA 110 -32.82 127.67 -88.06
N ASN EA 111 -32.77 126.61 -88.85
CA ASN EA 111 -33.98 125.92 -89.23
C ASN EA 111 -34.74 125.49 -87.98
N SER EA 112 -34.00 124.99 -86.99
CA SER EA 112 -34.62 124.57 -85.74
C SER EA 112 -35.34 125.72 -85.05
N LEU EA 113 -34.88 126.94 -85.30
CA LEU EA 113 -35.50 128.10 -84.66
C LEU EA 113 -36.79 128.45 -85.36
N HIS EA 114 -36.77 128.42 -86.69
CA HIS EA 114 -38.00 128.63 -87.44
C HIS EA 114 -39.04 127.64 -87.01
N GLN EA 115 -38.65 126.37 -86.95
CA GLN EA 115 -39.62 125.31 -86.71
C GLN EA 115 -40.22 125.42 -85.32
N SER EA 116 -39.48 126.01 -84.38
CA SER EA 116 -40.00 126.23 -83.03
C SER EA 116 -40.84 127.50 -82.93
N ARG EA 117 -40.63 128.43 -83.87
CA ARG EA 117 -41.47 129.63 -83.97
C ARG EA 117 -42.85 129.27 -84.49
N VAL EA 118 -42.91 128.18 -85.24
CA VAL EA 118 -44.19 127.69 -85.73
C VAL EA 118 -45.01 127.06 -84.60
N LEU EA 119 -44.37 126.19 -83.80
CA LEU EA 119 -45.03 125.47 -82.72
C LEU EA 119 -45.41 126.41 -81.56
N LEU EA 120 -44.70 127.53 -81.44
CA LEU EA 120 -45.03 128.53 -80.44
C LEU EA 120 -46.48 128.98 -80.61
N HIS EA 121 -46.88 129.29 -81.83
CA HIS EA 121 -48.24 129.78 -82.10
C HIS EA 121 -49.29 128.97 -81.38
N SER EA 122 -49.84 129.53 -80.30
CA SER EA 122 -50.85 128.83 -79.51
C SER EA 122 -52.05 128.52 -80.37
N THR EA 123 -52.36 127.23 -80.48
CA THR EA 123 -53.43 126.78 -81.37
C THR EA 123 -54.75 126.73 -80.62
N ASN EA 124 -54.67 126.94 -79.31
CA ASN EA 124 -55.84 126.98 -78.43
C ASN EA 124 -56.94 127.91 -78.97
N ARG EA 125 -58.19 127.44 -79.03
CA ARG EA 125 -59.27 128.23 -79.65
C ARG EA 125 -60.72 128.04 -79.08
N LYS EA 126 -61.71 128.65 -79.74
CA LYS EA 126 -63.10 128.50 -79.34
C LYS EA 126 -63.75 127.47 -80.26
N ALA EA 127 -64.55 126.59 -79.66
CA ALA EA 127 -65.12 125.47 -80.38
C ALA EA 127 -66.00 125.96 -81.53
N SER EA 128 -65.84 125.36 -82.70
CA SER EA 128 -66.44 125.87 -83.95
C SER EA 128 -67.80 125.28 -84.43
N LYS EA 129 -68.74 125.09 -83.50
CA LYS EA 129 -70.04 124.46 -83.83
C LYS EA 129 -69.87 123.05 -84.37
N LEU EA 130 -69.22 122.92 -85.52
CA LEU EA 130 -68.83 121.62 -86.05
C LEU EA 130 -67.76 120.95 -85.20
N GLU EA 131 -66.87 121.74 -84.63
CA GLU EA 131 -65.83 121.21 -83.78
C GLU EA 131 -66.43 120.66 -82.50
N ASN EA 132 -67.55 121.24 -82.06
CA ASN EA 132 -68.25 120.71 -80.88
C ASN EA 132 -68.92 119.40 -81.22
N LEU EA 133 -69.34 119.25 -82.48
CA LEU EA 133 -70.05 118.06 -82.90
C LEU EA 133 -69.13 116.86 -82.91
N LEU EA 134 -67.88 117.11 -83.27
CA LEU EA 134 -66.90 116.05 -83.41
C LEU EA 134 -66.30 115.68 -82.05
N LEU EA 135 -66.32 116.63 -81.13
CA LEU EA 135 -65.80 116.36 -79.79
C LEU EA 135 -66.82 115.56 -78.99
N VAL EA 136 -68.07 115.72 -79.35
CA VAL EA 136 -69.14 114.94 -78.77
C VAL EA 136 -69.04 113.51 -79.29
N ASP EA 137 -68.65 113.36 -80.54
CA ASP EA 137 -68.46 112.04 -81.12
C ASP EA 137 -67.27 111.34 -80.47
N ILE EA 138 -66.16 112.05 -80.35
CA ILE EA 138 -64.95 111.53 -79.74
C ILE EA 138 -65.17 111.06 -78.30
N ILE EA 139 -66.28 111.48 -77.71
CA ILE EA 139 -66.64 111.05 -76.37
C ILE EA 139 -67.44 109.74 -76.41
N GLN EA 140 -68.48 109.69 -77.24
CA GLN EA 140 -69.23 108.45 -77.43
C GLN EA 140 -68.30 107.30 -77.81
N LEU EA 141 -67.08 107.63 -78.19
CA LEU EA 141 -66.07 106.64 -78.54
C LEU EA 141 -65.17 106.32 -77.36
N ALA EA 142 -64.83 107.33 -76.58
CA ALA EA 142 -64.10 107.11 -75.34
C ALA EA 142 -65.05 106.60 -74.27
N THR EA 143 -66.30 106.40 -74.68
CA THR EA 143 -67.36 105.91 -73.82
C THR EA 143 -67.83 104.57 -74.42
N SER EA 144 -67.25 104.17 -75.55
CA SER EA 144 -67.51 102.87 -76.19
C SER EA 144 -67.11 101.74 -75.27
N LEU EA 145 -67.43 100.50 -75.65
CA LEU EA 145 -67.19 99.35 -74.78
C LEU EA 145 -65.94 98.52 -75.12
N TYR EA 146 -65.40 98.71 -76.32
CA TYR EA 146 -64.19 98.00 -76.75
C TYR EA 146 -62.89 98.69 -76.33
N PRO EA 147 -62.07 98.01 -75.54
CA PRO EA 147 -60.78 98.58 -75.17
C PRO EA 147 -59.93 98.95 -76.38
N ASP EA 148 -60.13 98.30 -77.51
CA ASP EA 148 -59.31 98.61 -78.66
C ASP EA 148 -59.74 99.94 -79.28
N ILE EA 149 -60.84 100.49 -78.78
CA ILE EA 149 -61.41 101.74 -79.29
C ILE EA 149 -61.38 102.83 -78.22
N TYR EA 150 -61.93 102.55 -77.05
CA TYR EA 150 -61.99 103.57 -76.00
C TYR EA 150 -60.61 104.06 -75.50
N LYS EA 151 -59.57 103.26 -75.66
CA LYS EA 151 -58.24 103.64 -75.23
C LYS EA 151 -57.55 104.59 -76.20
N PRO EA 152 -57.76 104.42 -77.51
CA PRO EA 152 -57.18 105.44 -78.37
C PRO EA 152 -58.05 106.69 -78.40
N ALA EA 153 -59.35 106.56 -78.15
CA ALA EA 153 -60.23 107.71 -78.18
C ALA EA 153 -59.94 108.61 -77.01
N GLN EA 154 -59.72 108.01 -75.85
CA GLN EA 154 -59.37 108.79 -74.67
C GLN EA 154 -58.06 109.52 -74.92
N GLY EA 155 -57.06 108.83 -75.43
CA GLY EA 155 -55.80 109.48 -75.75
C GLY EA 155 -56.01 110.55 -76.79
N THR EA 156 -57.06 110.39 -77.58
CA THR EA 156 -57.39 111.28 -78.68
C THR EA 156 -58.25 112.45 -78.22
N LEU EA 157 -59.00 112.26 -77.14
CA LEU EA 157 -59.80 113.32 -76.58
C LEU EA 157 -58.97 114.23 -75.67
N VAL EA 158 -57.79 113.77 -75.30
CA VAL EA 158 -56.93 114.60 -74.49
C VAL EA 158 -56.16 115.55 -75.37
N HIS EA 159 -55.75 115.10 -76.57
CA HIS EA 159 -55.04 115.96 -77.51
C HIS EA 159 -56.04 117.01 -77.99
N CYS EA 160 -57.33 116.77 -77.74
CA CYS EA 160 -58.39 117.71 -78.15
C CYS EA 160 -58.86 118.73 -77.10
N MET EA 161 -58.59 118.46 -75.84
CA MET EA 161 -58.89 119.42 -74.79
C MET EA 161 -57.70 120.36 -74.60
N LYS EA 162 -56.54 119.96 -75.10
CA LYS EA 162 -55.36 120.82 -75.16
C LYS EA 162 -55.65 121.92 -76.15
N GLN EA 163 -56.62 121.65 -77.04
CA GLN EA 163 -56.86 122.49 -78.21
C GLN EA 163 -58.16 123.28 -78.16
N LEU EA 164 -59.05 122.96 -77.23
CA LEU EA 164 -60.29 123.73 -77.15
C LEU EA 164 -60.47 124.38 -75.79
N VAL EA 165 -61.39 125.33 -75.71
CA VAL EA 165 -61.49 126.17 -74.52
C VAL EA 165 -62.62 125.73 -73.63
N GLY EA 166 -62.33 125.62 -72.33
CA GLY EA 166 -63.29 125.12 -71.36
C GLY EA 166 -63.98 123.89 -71.93
N SER EA 167 -63.20 123.06 -72.61
CA SER EA 167 -63.72 121.86 -73.22
C SER EA 167 -63.94 120.81 -72.16
N TYR EA 168 -63.23 120.95 -71.04
CA TYR EA 168 -63.45 120.07 -69.90
C TYR EA 168 -64.89 120.15 -69.45
N GLY EA 169 -65.49 121.32 -69.56
CA GLY EA 169 -66.86 121.50 -69.17
C GLY EA 169 -67.80 120.73 -70.08
N VAL EA 170 -67.52 120.76 -71.38
CA VAL EA 170 -68.31 120.03 -72.36
C VAL EA 170 -68.24 118.55 -72.05
N VAL EA 171 -67.05 118.08 -71.69
CA VAL EA 171 -66.83 116.67 -71.39
C VAL EA 171 -67.58 116.19 -70.15
N ILE EA 172 -67.46 116.92 -69.03
CA ILE EA 172 -68.14 116.49 -67.81
C ILE EA 172 -69.65 116.49 -67.94
N ASN EA 173 -70.21 117.55 -68.50
CA ASN EA 173 -71.66 117.65 -68.63
C ASN EA 173 -72.20 116.67 -69.66
N LYS EA 174 -71.34 115.74 -70.08
CA LYS EA 174 -71.72 114.62 -70.93
C LYS EA 174 -71.46 113.28 -70.23
N ILE EA 175 -70.37 113.23 -69.47
CA ILE EA 175 -69.99 112.06 -68.67
C ILE EA 175 -71.02 111.75 -67.58
N ILE EA 176 -71.09 112.63 -66.58
CA ILE EA 176 -72.03 112.51 -65.47
C ILE EA 176 -73.47 112.14 -65.87
N PRO EA 177 -74.08 112.88 -66.79
CA PRO EA 177 -75.41 112.49 -67.25
C PRO EA 177 -75.44 111.05 -67.80
N SER EA 178 -74.47 110.67 -68.62
CA SER EA 178 -74.44 109.33 -69.21
C SER EA 178 -73.67 108.29 -68.36
N LEU EA 179 -73.37 108.66 -67.12
CA LEU EA 179 -72.94 107.71 -66.07
C LEU EA 179 -74.08 107.50 -65.09
N GLU EA 180 -74.82 108.57 -64.82
CA GLU EA 180 -76.02 108.45 -64.01
C GLU EA 180 -76.97 107.52 -64.74
N LYS EA 181 -76.97 107.58 -66.07
CA LYS EA 181 -77.79 106.67 -66.87
C LYS EA 181 -77.28 105.24 -66.75
N ALA EA 182 -76.01 105.03 -67.07
CA ALA EA 182 -75.45 103.68 -67.10
C ALA EA 182 -75.53 102.95 -65.75
N ILE EA 183 -76.00 103.65 -64.73
CA ILE EA 183 -76.19 103.05 -63.40
C ILE EA 183 -77.64 102.57 -63.22
N LYS EA 184 -78.59 103.36 -63.68
CA LYS EA 184 -79.99 102.96 -63.61
C LYS EA 184 -80.36 102.14 -64.84
N ASP EA 185 -79.36 101.78 -65.64
CA ASP EA 185 -79.50 100.86 -66.75
C ASP EA 185 -78.69 99.60 -66.42
N HIS EA 186 -78.19 99.56 -65.20
CA HIS EA 186 -77.49 98.40 -64.64
C HIS EA 186 -76.14 97.98 -65.23
N ASP EA 187 -75.55 97.03 -64.47
CA ASP EA 187 -74.10 96.77 -64.28
C ASP EA 187 -73.13 97.06 -65.41
N TYR EA 188 -73.66 97.66 -66.45
CA TYR EA 188 -72.94 98.14 -67.59
C TYR EA 188 -71.38 98.11 -67.51
N MET EA 189 -70.77 97.72 -68.61
CA MET EA 189 -69.34 97.88 -68.76
C MET EA 189 -69.09 99.31 -69.25
N LYS EA 190 -70.17 100.09 -69.37
CA LYS EA 190 -70.06 101.52 -69.70
C LYS EA 190 -69.79 102.31 -68.45
N ILE EA 191 -70.07 101.71 -67.32
CA ILE EA 191 -69.66 102.26 -66.04
C ILE EA 191 -68.16 102.03 -65.84
N GLN EA 192 -67.70 100.84 -66.21
CA GLN EA 192 -66.29 100.49 -66.11
C GLN EA 192 -65.43 101.41 -66.95
N VAL EA 193 -66.01 101.91 -68.04
CA VAL EA 193 -65.27 102.75 -68.96
C VAL EA 193 -65.27 104.18 -68.49
N ILE EA 194 -66.42 104.66 -68.05
CA ILE EA 194 -66.55 106.02 -67.55
C ILE EA 194 -65.60 106.24 -66.39
N LEU EA 195 -65.43 105.22 -65.57
CA LEU EA 195 -64.46 105.29 -64.49
C LEU EA 195 -63.00 105.34 -65.00
N ASN EA 196 -62.71 104.68 -66.12
CA ASN EA 196 -61.38 104.70 -66.69
C ASN EA 196 -61.06 106.13 -67.15
N VAL EA 197 -62.09 106.82 -67.63
CA VAL EA 197 -61.97 108.18 -68.13
C VAL EA 197 -61.58 109.12 -67.01
N LEU EA 198 -62.26 108.96 -65.88
CA LEU EA 198 -62.07 109.81 -64.71
C LEU EA 198 -60.68 109.68 -64.10
N LEU EA 199 -59.84 108.82 -64.66
CA LEU EA 199 -58.50 108.58 -64.13
C LEU EA 199 -57.41 109.06 -65.08
N ILE EA 200 -57.83 109.78 -66.12
CA ILE EA 200 -56.92 110.40 -67.06
C ILE EA 200 -56.25 111.62 -66.46
N LYS EA 201 -54.92 111.67 -66.49
CA LYS EA 201 -54.17 112.79 -65.91
C LYS EA 201 -54.91 114.11 -66.05
N LYS EA 202 -55.23 114.52 -67.28
CA LYS EA 202 -55.81 115.84 -67.51
C LYS EA 202 -57.21 116.04 -66.90
N ILE EA 203 -57.98 114.97 -66.76
CA ILE EA 203 -59.33 115.08 -66.22
C ILE EA 203 -59.34 115.00 -64.71
N HIS EA 204 -58.72 113.96 -64.19
CA HIS EA 204 -58.62 113.75 -62.75
C HIS EA 204 -58.05 114.98 -62.06
N ARG EA 205 -57.33 115.80 -62.82
CA ARG EA 205 -56.72 117.03 -62.30
C ARG EA 205 -57.72 118.18 -62.25
N LYS EA 206 -58.41 118.42 -63.37
CA LYS EA 206 -59.42 119.47 -63.45
C LYS EA 206 -60.63 119.15 -62.54
N LEU EA 207 -60.66 117.94 -62.01
CA LEU EA 207 -61.73 117.50 -61.12
C LEU EA 207 -61.71 118.19 -59.79
N MET EA 208 -60.51 118.37 -59.23
CA MET EA 208 -60.33 119.02 -57.94
C MET EA 208 -60.59 120.52 -57.99
N THR EA 209 -61.16 120.99 -59.10
CA THR EA 209 -61.39 122.42 -59.35
C THR EA 209 -62.85 122.63 -59.75
N ASP EA 210 -63.53 121.53 -60.08
CA ASP EA 210 -64.92 121.63 -60.47
C ASP EA 210 -65.77 121.56 -59.25
N TYR EA 211 -65.99 122.69 -58.60
CA TYR EA 211 -66.76 122.70 -57.36
C TYR EA 211 -68.25 122.49 -57.63
N LYS EA 212 -68.75 123.00 -58.76
CA LYS EA 212 -70.14 122.79 -59.10
C LYS EA 212 -70.43 121.29 -59.16
N ASP EA 213 -69.71 120.59 -60.02
CA ASP EA 213 -70.05 119.23 -60.42
C ASP EA 213 -69.60 118.11 -59.46
N ILE EA 214 -68.52 118.33 -58.71
CA ILE EA 214 -68.04 117.33 -57.75
C ILE EA 214 -69.04 117.08 -56.63
N GLY EA 215 -70.01 117.98 -56.48
CA GLY EA 215 -71.14 117.71 -55.63
C GLY EA 215 -71.73 116.41 -56.13
N ARG EA 216 -72.44 116.50 -57.26
CA ARG EA 216 -73.16 115.35 -57.82
C ARG EA 216 -72.29 114.12 -58.02
N LEU EA 217 -71.02 114.32 -58.31
CA LEU EA 217 -70.18 113.19 -58.72
C LEU EA 217 -69.83 112.22 -57.59
N ILE EA 218 -69.52 112.76 -56.43
CA ILE EA 218 -69.13 111.92 -55.32
C ILE EA 218 -70.29 111.01 -54.93
N PHE EA 219 -71.51 111.49 -55.07
CA PHE EA 219 -72.69 110.70 -54.73
C PHE EA 219 -72.94 109.64 -55.78
N LEU EA 220 -72.37 109.84 -56.98
CA LEU EA 220 -72.50 108.85 -58.06
C LEU EA 220 -71.45 107.76 -57.90
N LEU EA 221 -70.25 108.16 -57.51
CA LEU EA 221 -69.16 107.21 -57.27
C LEU EA 221 -69.46 106.38 -56.03
N ILE EA 222 -70.29 106.91 -55.16
CA ILE EA 222 -70.74 106.17 -53.98
C ILE EA 222 -71.72 105.10 -54.41
N GLU EA 223 -72.81 105.48 -55.05
CA GLU EA 223 -73.75 104.49 -55.57
C GLU EA 223 -72.94 103.42 -56.29
N CYS EA 224 -71.84 103.83 -56.91
CA CYS EA 224 -71.00 102.92 -57.66
C CYS EA 224 -70.18 101.96 -56.80
N CYS EA 225 -70.14 102.17 -55.49
CA CYS EA 225 -69.30 101.34 -54.62
C CYS EA 225 -69.96 100.01 -54.35
N ARG EA 226 -70.61 99.49 -55.37
CA ARG EA 226 -71.22 98.17 -55.34
C ARG EA 226 -70.82 97.40 -56.60
N VAL EA 227 -69.90 96.46 -56.43
CA VAL EA 227 -69.52 95.55 -57.49
C VAL EA 227 -70.75 94.72 -57.78
N ASN EA 228 -71.80 95.37 -58.26
CA ASN EA 228 -72.99 94.65 -58.71
C ASN EA 228 -72.50 93.57 -59.66
N GLU EA 229 -71.35 93.84 -60.28
CA GLU EA 229 -70.58 92.86 -61.04
C GLU EA 229 -69.47 93.48 -61.89
N LEU EA 230 -68.30 93.72 -61.30
CA LEU EA 230 -67.06 93.91 -62.08
C LEU EA 230 -65.91 94.45 -61.24
N GLU EA 231 -64.93 95.05 -61.92
CA GLU EA 231 -63.81 95.71 -61.25
C GLU EA 231 -64.26 97.07 -60.71
N ILE EA 232 -65.47 97.48 -61.06
CA ILE EA 232 -66.09 98.68 -60.50
C ILE EA 232 -66.01 98.61 -58.99
N GLY EA 233 -66.18 99.75 -58.35
CA GLY EA 233 -66.24 99.73 -56.90
C GLY EA 233 -64.87 99.58 -56.28
N MET EA 234 -63.98 98.91 -57.00
CA MET EA 234 -62.58 98.94 -56.64
C MET EA 234 -62.02 100.24 -57.22
N TYR EA 235 -62.47 100.55 -58.42
CA TYR EA 235 -62.09 101.78 -59.09
C TYR EA 235 -62.79 102.98 -58.44
N ALA EA 236 -64.05 102.81 -58.07
CA ALA EA 236 -64.76 103.89 -57.41
C ALA EA 236 -64.17 104.26 -56.04
N ASP EA 237 -63.45 103.35 -55.41
CA ASP EA 237 -62.86 103.66 -54.13
C ASP EA 237 -61.52 104.36 -54.35
N LYS EA 238 -60.75 103.89 -55.32
CA LYS EA 238 -59.47 104.52 -55.62
C LYS EA 238 -59.73 105.96 -55.99
N ILE EA 239 -60.81 106.17 -56.73
CA ILE EA 239 -61.16 107.51 -57.21
C ILE EA 239 -61.69 108.43 -56.11
N LEU EA 240 -62.62 107.94 -55.30
CA LEU EA 240 -63.12 108.72 -54.18
C LEU EA 240 -62.01 108.99 -53.16
N THR EA 241 -61.02 108.13 -53.12
CA THR EA 241 -59.92 108.31 -52.20
C THR EA 241 -58.90 109.31 -52.77
N ASP EA 242 -58.68 109.24 -54.08
CA ASP EA 242 -57.85 110.23 -54.76
C ASP EA 242 -58.40 111.63 -54.51
N ILE EA 243 -59.72 111.73 -54.46
CA ILE EA 243 -60.42 113.00 -54.31
C ILE EA 243 -60.21 113.71 -52.97
N VAL EA 244 -60.35 112.97 -51.88
CA VAL EA 244 -60.07 113.48 -50.54
C VAL EA 244 -58.69 114.14 -50.43
N ILE EA 245 -57.79 113.71 -51.30
CA ILE EA 245 -56.42 114.20 -51.26
C ILE EA 245 -56.16 115.48 -52.08
N GLY EA 246 -57.12 115.89 -52.91
CA GLY EA 246 -57.04 117.17 -53.62
C GLY EA 246 -57.89 118.30 -53.01
N ILE EA 247 -58.37 119.19 -53.87
CA ILE EA 247 -59.36 120.23 -53.53
C ILE EA 247 -58.97 121.49 -52.67
N LYS EA 248 -59.42 121.57 -51.40
CA LYS EA 248 -59.25 122.69 -50.42
C LYS EA 248 -59.68 124.10 -50.84
N ILE EA 249 -59.17 125.15 -50.16
CA ILE EA 249 -59.30 126.57 -50.62
C ILE EA 249 -58.49 127.62 -49.82
N PRO EA 250 -57.95 128.65 -50.51
CA PRO EA 250 -57.06 129.64 -49.87
C PRO EA 250 -57.67 131.00 -49.64
N SER EA 251 -58.13 131.29 -48.44
CA SER EA 251 -58.55 132.64 -48.13
C SER EA 251 -57.36 133.53 -47.91
N SER EA 252 -56.35 132.96 -47.26
CA SER EA 252 -55.30 133.74 -46.62
C SER EA 252 -54.54 134.69 -47.52
N VAL EA 253 -54.79 135.97 -47.25
CA VAL EA 253 -54.08 137.13 -47.79
C VAL EA 253 -52.60 136.79 -47.98
N CYS EA 254 -52.29 136.31 -49.18
CA CYS EA 254 -50.93 136.14 -49.62
C CYS EA 254 -50.01 137.04 -48.80
N VAL EA 255 -49.41 136.47 -47.77
CA VAL EA 255 -48.37 137.18 -47.06
C VAL EA 255 -47.28 137.56 -48.04
N ILE EA 256 -47.54 138.66 -48.74
CA ILE EA 256 -46.68 139.15 -49.79
C ILE EA 256 -46.05 140.47 -49.37
N SER EA 257 -44.74 140.62 -49.56
CA SER EA 257 -44.15 141.92 -49.42
C SER EA 257 -44.81 142.68 -50.53
N ASP EA 258 -45.62 143.68 -50.21
CA ASP EA 258 -46.40 144.35 -51.23
C ASP EA 258 -45.52 144.74 -52.42
N GLN EA 259 -44.20 144.61 -52.26
CA GLN EA 259 -43.24 144.87 -53.31
C GLN EA 259 -43.18 143.77 -54.36
N ALA EA 260 -44.19 142.90 -54.37
CA ALA EA 260 -44.20 141.78 -55.30
C ALA EA 260 -45.06 142.12 -56.50
N PHE EA 261 -45.72 143.26 -56.42
CA PHE EA 261 -46.57 143.71 -57.52
C PHE EA 261 -46.41 145.19 -57.83
N LEU EA 262 -45.88 145.94 -56.87
CA LEU EA 262 -45.68 147.37 -57.05
C LEU EA 262 -44.77 147.72 -58.23
N PRO EA 263 -43.57 147.12 -58.29
CA PRO EA 263 -42.59 147.56 -59.30
C PRO EA 263 -43.17 147.62 -60.72
N LEU EA 264 -44.24 146.86 -60.91
CA LEU EA 264 -44.87 146.75 -62.21
C LEU EA 264 -46.14 147.56 -62.24
N ALA EA 265 -46.29 148.50 -61.31
CA ALA EA 265 -47.51 149.29 -61.21
C ALA EA 265 -47.55 150.39 -62.25
N PRO EA 266 -48.54 150.33 -63.15
CA PRO EA 266 -48.64 151.28 -64.26
C PRO EA 266 -48.99 152.66 -63.76
N PRO EA 267 -48.65 153.68 -64.55
CA PRO EA 267 -48.97 155.08 -64.23
C PRO EA 267 -50.47 155.21 -64.03
N ASP EA 268 -51.23 154.58 -64.93
CA ASP EA 268 -52.68 154.58 -64.87
C ASP EA 268 -53.15 154.95 -63.49
N GLY EA 269 -53.98 155.98 -63.43
CA GLY EA 269 -54.41 156.51 -62.16
C GLY EA 269 -55.16 155.46 -61.38
N THR EA 270 -56.47 155.63 -61.30
CA THR EA 270 -57.30 154.67 -60.58
C THR EA 270 -57.90 153.68 -61.57
N ILE EA 271 -57.42 153.71 -62.81
CA ILE EA 271 -57.69 152.62 -63.72
C ILE EA 271 -57.09 151.33 -63.11
N ASN EA 272 -56.80 151.41 -61.81
CA ASN EA 272 -56.52 150.27 -60.95
C ASN EA 272 -57.50 150.26 -59.78
N LEU EA 273 -58.75 150.55 -60.13
CA LEU EA 273 -59.91 150.25 -59.30
C LEU EA 273 -60.21 148.86 -59.70
N GLN EA 274 -59.90 148.56 -60.95
CA GLN EA 274 -60.12 147.23 -61.49
C GLN EA 274 -59.52 146.18 -60.57
N VAL EA 275 -58.31 146.46 -60.09
CA VAL EA 275 -57.63 145.53 -59.19
C VAL EA 275 -58.45 145.28 -57.92
N GLU EA 276 -58.97 146.33 -57.32
CA GLU EA 276 -59.74 146.19 -56.08
C GLU EA 276 -61.11 145.62 -56.38
N ALA EA 277 -61.41 145.39 -57.66
CA ALA EA 277 -62.70 144.83 -58.08
C ALA EA 277 -62.56 143.32 -58.31
N VAL EA 278 -61.50 142.97 -59.01
CA VAL EA 278 -61.10 141.59 -59.12
C VAL EA 278 -60.96 141.03 -57.71
N LYS EA 279 -60.15 141.68 -56.88
CA LYS EA 279 -59.98 141.27 -55.48
C LYS EA 279 -61.32 140.82 -54.88
N LEU EA 280 -62.42 141.45 -55.33
CA LEU EA 280 -63.74 141.23 -54.74
C LEU EA 280 -64.52 140.08 -55.36
N ALA EA 281 -64.35 139.88 -56.65
CA ALA EA 281 -65.02 138.75 -57.30
C ALA EA 281 -64.29 137.41 -57.06
N LYS EA 282 -62.97 137.37 -57.27
CA LYS EA 282 -62.16 136.21 -56.88
C LYS EA 282 -62.24 136.03 -55.35
N LYS EA 283 -63.15 136.78 -54.71
CA LYS EA 283 -63.41 136.67 -53.28
C LYS EA 283 -64.84 136.22 -52.94
N LYS EA 284 -65.72 136.26 -53.92
CA LYS EA 284 -67.02 135.65 -53.71
C LYS EA 284 -67.18 134.45 -54.63
N LYS EA 285 -66.37 134.38 -55.68
CA LYS EA 285 -66.18 133.14 -56.42
C LYS EA 285 -65.70 132.19 -55.34
N ARG EA 286 -64.74 132.64 -54.53
CA ARG EA 286 -64.20 131.78 -53.49
C ARG EA 286 -65.23 131.41 -52.44
N GLU EA 287 -65.94 132.40 -51.95
CA GLU EA 287 -66.86 132.18 -50.85
C GLU EA 287 -68.03 131.28 -51.25
N TYR EA 288 -68.32 131.22 -52.56
CA TYR EA 288 -69.36 130.31 -53.05
C TYR EA 288 -68.80 128.92 -53.01
N TYR EA 289 -67.58 128.77 -53.50
CA TYR EA 289 -66.91 127.48 -53.50
C TYR EA 289 -66.88 126.91 -52.08
N LEU EA 290 -66.38 127.71 -51.16
CA LEU EA 290 -66.28 127.31 -49.77
C LEU EA 290 -67.61 126.83 -49.18
N SER EA 291 -68.72 127.33 -49.71
CA SER EA 291 -70.04 126.99 -49.19
C SER EA 291 -70.55 125.71 -49.81
N LEU EA 292 -70.13 125.46 -51.06
CA LEU EA 292 -70.47 124.24 -51.78
C LEU EA 292 -69.90 123.01 -51.12
N LEU EA 293 -68.74 123.17 -50.51
CA LEU EA 293 -68.13 122.07 -49.77
C LEU EA 293 -68.88 121.84 -48.46
N VAL EA 294 -69.30 122.89 -47.78
CA VAL EA 294 -70.06 122.73 -46.54
C VAL EA 294 -71.41 122.10 -46.83
N ASP EA 295 -71.99 122.45 -47.98
CA ASP EA 295 -73.24 121.83 -48.40
C ASP EA 295 -73.02 120.34 -48.65
N LEU EA 296 -71.88 119.99 -49.24
CA LEU EA 296 -71.51 118.60 -49.51
C LEU EA 296 -71.16 117.90 -48.19
N GLN EA 297 -70.48 118.61 -47.30
CA GLN EA 297 -70.19 118.10 -45.97
C GLN EA 297 -71.47 117.64 -45.30
N ASP EA 298 -72.44 118.56 -45.18
CA ASP EA 298 -73.67 118.24 -44.47
C ASP EA 298 -74.54 117.23 -45.20
N LYS EA 299 -74.48 117.24 -46.53
CA LYS EA 299 -75.29 116.31 -47.32
C LYS EA 299 -74.74 114.88 -47.32
N LEU EA 300 -73.53 114.71 -46.79
CA LEU EA 300 -72.95 113.38 -46.62
C LEU EA 300 -73.24 112.87 -45.21
N LEU EA 301 -72.89 113.66 -44.22
CA LEU EA 301 -73.22 113.34 -42.85
C LEU EA 301 -74.69 112.89 -42.78
N ASP EA 302 -75.47 113.35 -43.74
CA ASP EA 302 -76.85 112.88 -43.89
C ASP EA 302 -76.86 111.41 -44.26
N LYS EA 303 -76.15 111.06 -45.33
CA LYS EA 303 -76.08 109.68 -45.78
C LYS EA 303 -75.23 108.77 -44.87
N LEU EA 304 -74.67 109.33 -43.81
CA LEU EA 304 -73.89 108.53 -42.86
C LEU EA 304 -74.63 108.36 -41.56
N ASP EA 305 -75.34 109.40 -41.16
CA ASP EA 305 -76.13 109.33 -39.94
C ASP EA 305 -77.43 108.59 -40.22
N ASN EA 306 -78.06 108.92 -41.33
CA ASN EA 306 -79.39 108.41 -41.66
C ASN EA 306 -79.40 107.03 -42.33
N GLU EA 307 -78.33 106.66 -43.02
CA GLU EA 307 -78.27 105.37 -43.71
C GLU EA 307 -77.91 104.28 -42.71
N LYS EA 308 -78.95 103.64 -42.15
CA LYS EA 308 -78.78 102.72 -41.01
C LYS EA 308 -77.40 102.09 -40.95
N ASP EA 309 -77.07 101.29 -41.95
CA ASP EA 309 -75.68 100.90 -42.11
C ASP EA 309 -75.28 100.73 -43.57
N MET EA 310 -74.41 101.63 -44.00
CA MET EA 310 -73.58 101.43 -45.17
C MET EA 310 -72.28 100.89 -44.58
N GLY EA 311 -71.54 100.13 -45.36
CA GLY EA 311 -70.45 99.36 -44.79
C GLY EA 311 -69.05 99.76 -45.18
N TRP EA 312 -68.35 100.40 -44.25
CA TRP EA 312 -66.92 100.53 -44.36
C TRP EA 312 -66.41 101.46 -45.49
N LYS EA 313 -67.31 101.98 -46.33
CA LYS EA 313 -66.98 103.18 -47.11
C LYS EA 313 -67.71 104.26 -46.37
N ILE EA 314 -68.10 103.89 -45.15
CA ILE EA 314 -68.35 104.80 -44.04
C ILE EA 314 -67.09 105.67 -43.99
N ARG EA 315 -66.06 105.26 -44.74
CA ARG EA 315 -64.71 105.78 -44.58
C ARG EA 315 -64.39 107.03 -45.37
N MET EA 316 -65.00 107.16 -46.53
CA MET EA 316 -64.74 108.35 -47.35
C MET EA 316 -65.11 109.59 -46.57
N PHE EA 317 -66.32 109.60 -46.02
CA PHE EA 317 -66.77 110.72 -45.21
C PHE EA 317 -65.72 111.14 -44.23
N ILE EA 318 -65.51 110.30 -43.24
CA ILE EA 318 -64.56 110.62 -42.19
C ILE EA 318 -63.21 111.07 -42.78
N LEU EA 319 -62.65 110.31 -43.72
CA LEU EA 319 -61.37 110.67 -44.33
C LEU EA 319 -61.43 112.08 -44.92
N ARG EA 320 -62.64 112.62 -45.04
CA ARG EA 320 -62.84 113.93 -45.70
C ARG EA 320 -63.32 115.12 -44.83
N PHE EA 321 -64.44 114.99 -44.10
CA PHE EA 321 -64.82 116.06 -43.18
C PHE EA 321 -63.61 116.48 -42.38
N VAL EA 322 -62.77 115.51 -42.07
CA VAL EA 322 -61.51 115.80 -41.42
C VAL EA 322 -60.62 116.80 -42.21
N THR EA 323 -60.13 116.46 -43.43
CA THR EA 323 -59.40 117.50 -44.19
C THR EA 323 -60.34 118.65 -44.56
N GLN EA 324 -61.21 119.03 -43.63
CA GLN EA 324 -62.20 120.06 -43.91
C GLN EA 324 -62.73 120.79 -42.68
N ILE EA 325 -63.27 120.08 -41.70
CA ILE EA 325 -63.65 120.74 -40.44
C ILE EA 325 -62.38 121.07 -39.66
N GLN EA 326 -61.23 120.89 -40.31
CA GLN EA 326 -59.99 121.42 -39.77
C GLN EA 326 -59.01 122.05 -40.78
N SER EA 327 -59.53 122.64 -41.86
CA SER EA 327 -58.68 123.28 -42.87
C SER EA 327 -58.29 124.72 -42.54
N ASN EA 328 -59.22 125.50 -41.98
CA ASN EA 328 -59.05 126.96 -41.80
C ASN EA 328 -59.44 127.71 -43.08
N LEU EA 329 -58.61 128.69 -43.47
CA LEU EA 329 -58.87 129.58 -44.62
C LEU EA 329 -60.38 129.68 -44.80
N GLU EA 330 -61.03 129.73 -43.63
CA GLU EA 330 -62.47 129.50 -43.36
C GLU EA 330 -62.71 128.14 -42.66
N SER EA 331 -63.79 127.44 -43.03
CA SER EA 331 -64.27 126.22 -42.37
C SER EA 331 -64.90 126.45 -40.97
N LYS EA 332 -66.23 126.56 -40.94
CA LYS EA 332 -66.97 126.82 -39.71
C LYS EA 332 -67.13 125.52 -38.93
N PRO EA 333 -66.36 125.37 -37.84
CA PRO EA 333 -66.38 124.14 -37.03
C PRO EA 333 -67.80 123.70 -36.72
N ASP EA 334 -68.29 122.67 -37.42
CA ASP EA 334 -69.64 122.17 -37.20
C ASP EA 334 -69.64 121.23 -36.02
N LYS EA 335 -70.66 121.34 -35.18
CA LYS EA 335 -70.76 120.48 -34.03
C LYS EA 335 -71.45 119.16 -34.36
N ARG EA 336 -72.32 119.17 -35.38
CA ARG EA 336 -73.01 117.93 -35.79
C ARG EA 336 -72.02 116.95 -36.40
N ALA EA 337 -70.85 117.45 -36.79
CA ALA EA 337 -69.80 116.63 -37.37
C ALA EA 337 -69.06 115.91 -36.27
N VAL EA 338 -68.57 116.68 -35.30
CA VAL EA 338 -67.89 116.12 -34.15
C VAL EA 338 -68.74 115.06 -33.47
N PHE EA 339 -70.06 115.17 -33.59
CA PHE EA 339 -70.92 114.16 -33.02
C PHE EA 339 -70.84 112.91 -33.88
N SER EA 340 -71.09 113.07 -35.17
CA SER EA 340 -71.14 111.93 -36.07
C SER EA 340 -69.81 111.20 -36.19
N ILE EA 341 -68.71 111.95 -36.15
CA ILE EA 341 -67.38 111.37 -36.27
C ILE EA 341 -67.08 110.46 -35.08
N ILE EA 342 -67.64 110.78 -33.93
CA ILE EA 342 -67.42 109.99 -32.72
C ILE EA 342 -68.40 108.81 -32.61
N SER EA 343 -69.64 108.99 -33.05
CA SER EA 343 -70.64 107.93 -32.94
C SER EA 343 -70.39 106.82 -33.96
N GLN EA 344 -69.28 106.92 -34.68
CA GLN EA 344 -68.82 105.86 -35.58
C GLN EA 344 -67.83 104.94 -34.84
N ILE EA 345 -67.69 105.16 -33.55
CA ILE EA 345 -66.93 104.25 -32.71
C ILE EA 345 -67.77 103.00 -32.49
N SER EA 346 -69.07 103.08 -32.79
CA SER EA 346 -69.99 101.99 -32.52
C SER EA 346 -69.87 100.85 -33.53
N THR EA 347 -69.08 101.05 -34.58
CA THR EA 347 -68.82 99.96 -35.52
C THR EA 347 -67.61 99.16 -35.05
N LYS EA 348 -67.13 99.49 -33.87
CA LYS EA 348 -66.00 98.78 -33.28
C LYS EA 348 -64.98 98.24 -34.31
N HIS EA 349 -64.66 99.05 -35.31
CA HIS EA 349 -63.73 98.63 -36.36
C HIS EA 349 -62.36 99.32 -36.27
N PRO EA 350 -61.27 98.53 -36.29
CA PRO EA 350 -59.91 99.01 -36.07
C PRO EA 350 -59.53 100.21 -36.91
N GLU EA 351 -59.87 100.19 -38.19
CA GLU EA 351 -59.46 101.23 -39.12
C GLU EA 351 -60.23 102.53 -38.91
N ILE EA 352 -61.52 102.41 -38.63
CA ILE EA 352 -62.36 103.56 -38.39
C ILE EA 352 -61.92 104.26 -37.11
N ILE EA 353 -61.71 103.47 -36.07
CA ILE EA 353 -61.28 104.00 -34.79
C ILE EA 353 -59.92 104.72 -34.86
N HIS EA 354 -58.94 104.12 -35.53
CA HIS EA 354 -57.64 104.75 -35.71
C HIS EA 354 -57.83 106.12 -36.34
N LEU EA 355 -58.91 106.29 -37.10
CA LEU EA 355 -59.16 107.53 -37.84
C LEU EA 355 -59.99 108.55 -37.08
N VAL EA 356 -60.93 108.06 -36.28
CA VAL EA 356 -61.72 108.93 -35.44
C VAL EA 356 -60.82 109.72 -34.50
N VAL EA 357 -59.80 109.05 -33.98
CA VAL EA 357 -58.77 109.71 -33.19
C VAL EA 357 -57.93 110.71 -34.02
N LYS EA 358 -57.37 110.23 -35.12
CA LYS EA 358 -56.56 111.04 -36.02
C LYS EA 358 -57.31 112.30 -36.43
N SER EA 359 -58.64 112.23 -36.40
CA SER EA 359 -59.53 113.31 -36.85
C SER EA 359 -59.93 114.24 -35.73
N LEU EA 360 -60.38 113.65 -34.64
CA LEU EA 360 -60.73 114.40 -33.45
C LEU EA 360 -59.54 115.20 -32.95
N LEU EA 361 -58.33 114.72 -33.22
CA LEU EA 361 -57.13 115.40 -32.73
C LEU EA 361 -56.74 116.55 -33.66
N SER EA 362 -57.14 116.46 -34.93
CA SER EA 362 -56.86 117.56 -35.85
C SER EA 362 -57.99 118.58 -35.81
N THR EA 363 -59.22 118.09 -35.76
CA THR EA 363 -60.40 118.93 -35.67
C THR EA 363 -60.36 119.83 -34.43
N CYS EA 364 -59.51 119.48 -33.47
CA CYS EA 364 -59.30 120.33 -32.31
C CYS EA 364 -58.07 121.23 -32.48
N ASN EA 365 -56.94 120.63 -32.79
CA ASN EA 365 -55.72 121.40 -32.99
C ASN EA 365 -55.94 122.54 -34.00
N LYS EA 366 -57.12 122.58 -34.59
CA LYS EA 366 -57.55 123.68 -35.45
C LYS EA 366 -58.34 124.72 -34.69
N ILE EA 367 -59.32 124.26 -33.93
CA ILE EA 367 -60.10 125.15 -33.09
C ILE EA 367 -59.18 125.80 -32.05
N ILE EA 368 -58.31 124.99 -31.45
CA ILE EA 368 -57.28 125.48 -30.54
C ILE EA 368 -56.49 126.58 -31.23
N SER EA 369 -56.09 126.35 -32.48
CA SER EA 369 -55.23 127.31 -33.16
C SER EA 369 -55.97 128.60 -33.57
N LEU EA 370 -57.29 128.62 -33.42
CA LEU EA 370 -58.02 129.86 -33.65
C LEU EA 370 -57.85 130.77 -32.44
N SER EA 371 -57.94 130.21 -31.24
CA SER EA 371 -57.71 130.99 -30.03
C SER EA 371 -56.28 131.54 -29.95
N ASP EA 372 -55.30 130.71 -30.28
CA ASP EA 372 -53.91 131.11 -30.17
C ASP EA 372 -53.55 132.17 -31.21
N TYR EA 373 -54.29 132.19 -32.31
CA TYR EA 373 -54.10 133.18 -33.38
C TYR EA 373 -55.09 134.34 -33.29
N GLU EA 374 -56.01 134.28 -32.33
CA GLU EA 374 -57.06 135.29 -32.14
C GLU EA 374 -57.93 135.53 -33.38
N TYR EA 375 -58.19 134.48 -34.13
CA TYR EA 375 -59.01 134.50 -35.34
C TYR EA 375 -58.34 135.20 -36.52
N ASP EA 376 -57.09 135.59 -36.30
CA ASP EA 376 -56.23 136.20 -37.31
C ASP EA 376 -55.64 135.07 -38.13
N ILE EA 377 -56.49 134.39 -38.91
CA ILE EA 377 -56.06 133.24 -39.69
C ILE EA 377 -54.76 133.52 -40.46
N THR EA 378 -54.62 134.76 -40.90
CA THR EA 378 -53.40 135.19 -41.56
C THR EA 378 -52.15 134.89 -40.71
N ARG EA 379 -52.27 135.03 -39.39
CA ARG EA 379 -51.12 134.99 -38.47
C ARG EA 379 -50.35 133.67 -38.41
N ALA EA 380 -50.80 132.66 -39.15
CA ALA EA 380 -50.10 131.39 -39.20
C ALA EA 380 -48.90 131.53 -40.09
N TYR EA 381 -49.15 132.08 -41.27
CA TYR EA 381 -48.14 132.22 -42.31
C TYR EA 381 -47.30 133.50 -42.17
N LYS EA 382 -47.45 134.19 -41.05
CA LYS EA 382 -46.59 135.31 -40.75
C LYS EA 382 -45.54 134.86 -39.71
N ASN EA 383 -44.28 134.89 -40.12
CA ASN EA 383 -43.20 134.47 -39.21
C ASN EA 383 -42.89 135.47 -38.10
N GLU EA 384 -43.90 136.27 -37.75
CA GLU EA 384 -43.99 136.91 -36.43
C GLU EA 384 -44.91 136.01 -35.62
N PHE EA 385 -44.37 134.83 -35.31
CA PHE EA 385 -45.08 133.73 -34.66
C PHE EA 385 -45.81 134.16 -33.40
N ASN EA 386 -47.03 134.67 -33.62
CA ASN EA 386 -47.96 135.12 -32.59
C ASN EA 386 -47.90 134.43 -31.22
N PRO EA 387 -48.49 133.22 -31.15
CA PRO EA 387 -49.07 132.64 -29.94
C PRO EA 387 -48.80 133.43 -28.67
N SER EA 388 -49.89 133.88 -28.05
CA SER EA 388 -49.86 134.69 -26.84
C SER EA 388 -48.98 134.11 -25.73
N PHE EA 389 -48.70 132.82 -25.79
CA PHE EA 389 -47.93 132.12 -24.74
C PHE EA 389 -46.48 131.84 -25.15
N VAL EA 390 -46.07 132.29 -26.33
CA VAL EA 390 -44.67 132.23 -26.73
C VAL EA 390 -43.97 133.52 -26.28
N GLU EA 391 -42.74 133.39 -25.81
CA GLU EA 391 -41.99 134.54 -25.31
C GLU EA 391 -40.54 134.53 -25.79
N ILE EA 392 -40.10 135.63 -26.41
CA ILE EA 392 -38.72 135.75 -26.87
C ILE EA 392 -37.80 136.25 -25.76
N LEU EA 393 -36.56 135.77 -25.73
CA LEU EA 393 -35.57 136.16 -24.72
C LEU EA 393 -34.22 136.64 -25.30
N ASP EA 394 -33.74 137.77 -24.78
CA ASP EA 394 -32.48 138.34 -25.24
C ASP EA 394 -31.33 137.63 -24.55
N THR EA 395 -30.38 137.17 -25.35
CA THR EA 395 -29.37 136.26 -24.88
C THR EA 395 -28.00 136.94 -24.72
N SER EA 396 -27.85 138.11 -25.31
CA SER EA 396 -26.60 138.84 -25.20
C SER EA 396 -26.40 139.34 -23.78
N THR EA 397 -27.52 139.57 -23.08
CA THR EA 397 -27.55 140.02 -21.67
C THR EA 397 -26.32 139.65 -20.85
N THR EA 398 -25.41 140.59 -20.60
CA THR EA 398 -24.29 140.29 -19.73
C THR EA 398 -24.85 139.66 -18.45
N SER EA 399 -24.77 138.33 -18.37
CA SER EA 399 -25.26 137.53 -17.23
C SER EA 399 -26.00 136.25 -17.65
N PHE EA 400 -26.57 136.23 -18.85
CA PHE EA 400 -27.47 135.15 -19.28
C PHE EA 400 -26.97 133.71 -19.12
N PRO EA 401 -25.77 133.41 -19.67
CA PRO EA 401 -25.22 132.05 -19.60
C PRO EA 401 -25.48 131.31 -18.28
N LYS EA 402 -25.53 132.02 -17.15
CA LYS EA 402 -25.73 131.38 -15.85
C LYS EA 402 -27.16 131.49 -15.31
N THR EA 403 -28.07 132.04 -16.11
CA THR EA 403 -29.50 131.94 -15.84
C THR EA 403 -29.90 130.59 -16.33
N PHE EA 404 -29.54 130.32 -17.57
CA PHE EA 404 -29.81 129.05 -18.20
C PHE EA 404 -29.40 127.91 -17.31
N THR EA 405 -28.09 127.73 -17.15
CA THR EA 405 -27.55 126.63 -16.36
C THR EA 405 -28.27 126.46 -15.02
N GLU EA 406 -28.50 127.56 -14.32
CA GLU EA 406 -29.11 127.51 -12.99
C GLU EA 406 -30.62 127.61 -13.03
N GLU EA 407 -31.17 127.46 -14.23
CA GLU EA 407 -32.61 127.54 -14.43
C GLU EA 407 -33.06 126.25 -15.07
N MET EA 408 -32.10 125.54 -15.66
CA MET EA 408 -32.37 124.20 -16.19
C MET EA 408 -32.33 123.16 -15.07
N ASN EA 409 -31.67 123.50 -13.97
CA ASN EA 409 -31.65 122.63 -12.80
C ASN EA 409 -32.83 122.91 -11.86
N ASN EA 410 -33.61 123.92 -12.20
CA ASN EA 410 -34.75 124.33 -11.39
C ASN EA 410 -36.01 123.54 -11.77
N PHE EA 411 -36.51 122.75 -10.83
CA PHE EA 411 -37.66 121.89 -11.13
C PHE EA 411 -38.95 122.28 -10.39
N ASP EA 412 -38.81 123.16 -9.40
CA ASP EA 412 -39.92 123.47 -8.50
C ASP EA 412 -40.57 124.81 -8.82
N ASN EA 413 -39.72 125.81 -9.08
CA ASN EA 413 -40.15 127.17 -9.43
C ASN EA 413 -39.71 127.47 -10.85
N PRO EA 414 -40.29 126.77 -11.83
CA PRO EA 414 -39.79 126.82 -13.21
C PRO EA 414 -40.20 128.12 -13.89
N LYS EA 415 -39.25 128.79 -14.54
CA LYS EA 415 -39.52 130.10 -15.17
C LYS EA 415 -39.88 130.01 -16.65
N TYR EA 416 -39.22 129.13 -17.40
CA TYR EA 416 -39.59 128.86 -18.80
C TYR EA 416 -39.35 127.42 -19.22
N PHE EA 417 -40.06 126.99 -20.26
CA PHE EA 417 -39.90 125.65 -20.82
C PHE EA 417 -39.56 125.71 -22.30
N ILE EA 418 -38.63 124.86 -22.76
CA ILE EA 418 -38.49 124.63 -24.19
C ILE EA 418 -38.94 123.21 -24.51
N ASP EA 419 -40.22 123.05 -24.81
CA ASP EA 419 -40.72 121.84 -25.39
C ASP EA 419 -40.04 121.75 -26.75
N LEU EA 420 -39.66 120.54 -27.14
CA LEU EA 420 -38.99 120.26 -28.40
C LEU EA 420 -37.49 120.29 -28.27
N ARG EA 421 -36.82 120.61 -29.38
CA ARG EA 421 -35.38 120.48 -29.45
C ARG EA 421 -34.74 121.83 -29.21
N ALA EA 422 -33.98 121.95 -28.12
CA ALA EA 422 -33.40 123.20 -27.72
C ALA EA 422 -32.14 123.53 -28.50
N TYR EA 423 -32.25 124.45 -29.47
CA TYR EA 423 -31.11 124.85 -30.29
C TYR EA 423 -30.25 125.94 -29.67
N VAL EA 424 -30.86 127.10 -29.38
CA VAL EA 424 -30.09 128.25 -28.95
C VAL EA 424 -29.21 127.91 -27.77
N GLY EA 425 -27.99 128.44 -27.79
CA GLY EA 425 -26.97 128.08 -26.83
C GLY EA 425 -26.04 127.10 -27.50
N TRP EA 426 -25.38 126.29 -26.70
CA TRP EA 426 -24.57 125.19 -27.23
C TRP EA 426 -23.29 125.69 -27.85
N LEU EA 427 -23.43 126.39 -28.97
CA LEU EA 427 -22.27 126.99 -29.58
C LEU EA 427 -21.97 128.33 -28.92
N CYS EA 428 -22.92 129.24 -29.01
CA CYS EA 428 -22.76 130.54 -28.37
C CYS EA 428 -24.11 131.19 -28.18
N TRP EA 429 -24.13 132.19 -27.31
CA TRP EA 429 -25.33 132.94 -27.03
C TRP EA 429 -25.31 134.25 -27.81
N GLY EA 430 -26.47 134.88 -27.95
CA GLY EA 430 -26.52 136.19 -28.58
C GLY EA 430 -27.78 136.36 -29.38
N ARG EA 431 -28.25 135.25 -29.93
CA ARG EA 431 -29.49 135.22 -30.68
C ARG EA 431 -30.66 135.51 -29.75
N LEU EA 432 -31.81 135.80 -30.33
CA LEU EA 432 -33.07 135.75 -29.59
C LEU EA 432 -33.54 134.30 -29.49
N MET EA 433 -34.23 133.95 -28.41
CA MET EA 433 -34.55 132.55 -28.13
C MET EA 433 -36.04 132.32 -27.88
N TYR EA 434 -36.72 131.72 -28.85
CA TYR EA 434 -38.14 131.44 -28.69
C TYR EA 434 -38.36 130.41 -27.58
N VAL EA 435 -39.26 130.75 -26.65
CA VAL EA 435 -39.49 129.95 -25.44
C VAL EA 435 -40.99 129.92 -25.03
N MET EA 436 -41.35 129.07 -24.09
CA MET EA 436 -42.75 128.91 -23.66
C MET EA 436 -43.02 129.24 -22.19
N SER EA 437 -44.21 129.75 -21.92
CA SER EA 437 -44.57 130.20 -20.58
C SER EA 437 -45.14 129.09 -19.72
N PRO EA 438 -44.89 129.18 -18.41
CA PRO EA 438 -45.35 128.28 -17.34
C PRO EA 438 -46.85 128.30 -17.14
N LYS EA 439 -47.36 127.21 -16.57
CA LYS EA 439 -48.79 127.03 -16.33
C LYS EA 439 -49.58 127.62 -17.50
N ALA EA 440 -49.14 127.30 -18.72
CA ALA EA 440 -49.75 127.81 -19.94
C ALA EA 440 -51.26 127.97 -19.79
N LEU EA 441 -51.82 129.01 -20.40
CA LEU EA 441 -53.25 129.24 -20.32
C LEU EA 441 -53.99 128.22 -21.17
N LYS EA 442 -55.31 128.28 -21.05
CA LYS EA 442 -56.21 128.02 -22.16
C LYS EA 442 -56.53 129.42 -22.60
N LEU EA 443 -57.01 129.61 -23.82
CA LEU EA 443 -57.50 130.93 -24.19
C LEU EA 443 -58.91 130.82 -24.67
N ASN EA 444 -59.55 131.97 -24.88
CA ASN EA 444 -60.97 132.10 -25.18
C ASN EA 444 -61.25 131.92 -26.65
N LEU EA 445 -62.41 131.34 -26.96
CA LEU EA 445 -62.93 131.32 -28.33
C LEU EA 445 -64.42 131.71 -28.33
N ARG EA 446 -64.94 132.08 -29.50
CA ARG EA 446 -66.34 132.49 -29.63
C ARG EA 446 -67.26 131.31 -29.33
N GLU EA 447 -68.57 131.54 -29.32
CA GLU EA 447 -69.47 130.50 -28.85
C GLU EA 447 -69.56 129.32 -29.81
N ASN EA 448 -69.57 129.58 -31.10
CA ASN EA 448 -69.61 128.49 -32.08
C ASN EA 448 -68.51 127.46 -31.82
N GLU EA 449 -67.30 127.95 -31.56
CA GLU EA 449 -66.18 127.09 -31.27
C GLU EA 449 -66.29 126.45 -29.89
N LEU EA 450 -67.04 127.08 -29.00
CA LEU EA 450 -67.14 126.61 -27.64
C LEU EA 450 -68.06 125.40 -27.56
N GLU EA 451 -69.22 125.49 -28.18
CA GLU EA 451 -70.18 124.41 -28.09
C GLU EA 451 -69.69 123.19 -28.83
N VAL EA 452 -68.72 123.38 -29.72
CA VAL EA 452 -68.14 122.24 -30.42
C VAL EA 452 -67.28 121.38 -29.50
N LEU EA 453 -66.40 122.01 -28.73
CA LEU EA 453 -65.58 121.28 -27.77
C LEU EA 453 -66.41 120.67 -26.63
N LYS EA 454 -67.49 121.35 -26.26
CA LYS EA 454 -68.41 120.78 -25.29
C LYS EA 454 -68.90 119.43 -25.82
N THR EA 455 -69.22 119.37 -27.12
CA THR EA 455 -69.79 118.16 -27.73
C THR EA 455 -68.75 117.06 -27.91
N ALA EA 456 -67.62 117.20 -27.26
CA ALA EA 456 -66.64 116.15 -27.26
C ALA EA 456 -66.47 115.59 -25.85
N GLY EA 457 -66.21 116.47 -24.90
CA GLY EA 457 -66.07 116.06 -23.51
C GLY EA 457 -67.37 115.49 -22.96
N HIS EA 458 -68.49 115.85 -23.57
CA HIS EA 458 -69.76 115.27 -23.18
C HIS EA 458 -69.90 113.92 -23.85
N LEU EA 459 -68.93 113.59 -24.69
CA LEU EA 459 -68.93 112.32 -25.41
C LEU EA 459 -67.73 111.44 -25.03
N LEU EA 460 -66.78 111.99 -24.28
CA LEU EA 460 -65.61 111.23 -23.81
C LEU EA 460 -65.85 110.61 -22.44
N THR EA 461 -66.78 109.67 -22.39
CA THR EA 461 -67.19 109.06 -21.13
C THR EA 461 -66.12 108.14 -20.55
N ARG EA 462 -66.25 107.77 -19.28
CA ARG EA 462 -65.39 106.73 -18.71
C ARG EA 462 -65.46 105.55 -19.69
N GLU EA 463 -66.65 105.33 -20.27
CA GLU EA 463 -66.90 104.20 -21.15
C GLU EA 463 -66.29 104.32 -22.55
N PHE EA 464 -66.17 105.53 -23.07
CA PHE EA 464 -65.69 105.72 -24.44
C PHE EA 464 -64.17 105.62 -24.59
N LEU EA 465 -63.42 106.01 -23.55
CA LEU EA 465 -61.97 105.81 -23.57
C LEU EA 465 -61.66 104.37 -23.25
N ARG EA 466 -62.64 103.67 -22.69
CA ARG EA 466 -62.49 102.25 -22.40
C ARG EA 466 -62.54 101.49 -23.72
N ASP EA 467 -63.58 101.76 -24.51
CA ASP EA 467 -63.80 101.09 -25.79
C ASP EA 467 -62.69 101.37 -26.78
N VAL EA 468 -62.21 102.60 -26.79
CA VAL EA 468 -61.32 103.06 -27.84
C VAL EA 468 -59.86 102.64 -27.64
N THR EA 469 -59.38 102.64 -26.40
CA THR EA 469 -58.01 102.18 -26.17
C THR EA 469 -57.91 100.67 -26.28
N MET EA 470 -58.95 99.97 -25.82
CA MET EA 470 -59.01 98.52 -25.95
C MET EA 470 -58.69 98.14 -27.37
N ASN EA 471 -59.52 98.63 -28.28
CA ASN EA 471 -59.32 98.45 -29.71
C ASN EA 471 -57.88 98.76 -30.19
N LEU EA 472 -57.37 99.93 -29.85
CA LEU EA 472 -56.03 100.33 -30.29
C LEU EA 472 -54.99 99.37 -29.82
N VAL EA 473 -55.33 98.57 -28.81
CA VAL EA 473 -54.40 97.58 -28.27
C VAL EA 473 -54.42 96.32 -29.09
N GLN EA 474 -55.61 95.94 -29.52
CA GLN EA 474 -55.75 94.69 -30.25
C GLN EA 474 -55.26 94.80 -31.67
N ASP EA 475 -55.51 95.93 -32.32
CA ASP EA 475 -54.98 96.17 -33.65
C ASP EA 475 -53.47 96.29 -33.52
N ASN EA 476 -53.02 96.48 -32.28
CA ASN EA 476 -51.63 96.79 -32.00
C ASN EA 476 -50.80 95.56 -31.63
N GLU EA 477 -51.50 94.45 -31.38
CA GLU EA 477 -50.84 93.21 -30.98
C GLU EA 477 -49.99 92.69 -32.12
N THR EA 478 -50.48 92.87 -33.34
CA THR EA 478 -49.76 92.45 -34.52
C THR EA 478 -48.40 93.14 -34.63
N ARG EA 479 -48.36 94.44 -34.32
CA ARG EA 479 -47.26 95.32 -34.74
C ARG EA 479 -46.23 95.75 -33.67
N GLY EA 480 -46.69 96.11 -32.48
CA GLY EA 480 -45.82 96.73 -31.49
C GLY EA 480 -46.07 98.23 -31.50
N VAL EA 481 -45.13 98.99 -32.07
CA VAL EA 481 -45.39 100.37 -32.47
C VAL EA 481 -45.72 101.35 -31.33
N PHE EA 482 -45.64 102.64 -31.63
CA PHE EA 482 -45.89 103.70 -30.65
C PHE EA 482 -46.78 104.84 -31.17
N SER EA 483 -46.50 105.33 -32.39
CA SER EA 483 -47.19 106.49 -32.97
C SER EA 483 -47.46 107.61 -31.95
N SER EA 484 -46.85 108.76 -32.18
CA SER EA 484 -47.11 109.92 -31.36
C SER EA 484 -48.57 110.29 -31.50
N GLY EA 485 -49.12 110.04 -32.69
CA GLY EA 485 -50.52 110.32 -32.95
C GLY EA 485 -51.39 109.88 -31.80
N ASN EA 486 -50.96 108.84 -31.10
CA ASN EA 486 -51.68 108.36 -29.93
C ASN EA 486 -51.51 109.26 -28.73
N VAL EA 487 -50.27 109.62 -28.41
CA VAL EA 487 -49.99 110.45 -27.24
C VAL EA 487 -50.53 111.85 -27.42
N SER EA 488 -50.29 112.47 -28.57
CA SER EA 488 -50.76 113.83 -28.85
C SER EA 488 -52.28 113.90 -28.86
N PHE EA 489 -52.93 112.76 -28.64
CA PHE EA 489 -54.37 112.70 -28.48
C PHE EA 489 -54.77 112.74 -27.03
N PHE EA 490 -53.94 112.14 -26.18
CA PHE EA 490 -54.21 112.16 -24.76
C PHE EA 490 -53.95 113.51 -24.11
N SER EA 491 -52.91 114.21 -24.55
CA SER EA 491 -52.72 115.58 -24.11
C SER EA 491 -53.99 116.37 -24.42
N LEU EA 492 -54.65 116.04 -25.52
CA LEU EA 492 -55.88 116.72 -25.94
C LEU EA 492 -57.04 116.47 -24.99
N VAL EA 493 -57.20 115.21 -24.58
CA VAL EA 493 -58.23 114.85 -23.61
C VAL EA 493 -57.99 115.64 -22.34
N ILE EA 494 -56.72 115.86 -22.04
CA ILE EA 494 -56.33 116.59 -20.85
C ILE EA 494 -56.67 118.09 -20.94
N LEU EA 495 -56.36 118.72 -22.06
CA LEU EA 495 -56.79 120.09 -22.28
C LEU EA 495 -58.28 120.17 -22.06
N LEU EA 496 -59.04 119.40 -22.83
CA LEU EA 496 -60.48 119.32 -22.65
C LEU EA 496 -60.91 119.08 -21.21
N ILE EA 497 -60.17 118.25 -20.48
CA ILE EA 497 -60.58 117.87 -19.14
C ILE EA 497 -60.62 119.08 -18.25
N SER EA 498 -59.49 119.44 -17.67
CA SER EA 498 -59.48 120.60 -16.79
C SER EA 498 -59.16 121.84 -17.61
N SER EA 499 -60.10 122.14 -18.51
CA SER EA 499 -60.29 123.46 -19.04
C SER EA 499 -61.81 123.67 -19.05
N GLY EA 500 -62.54 122.57 -18.80
CA GLY EA 500 -63.97 122.65 -18.57
C GLY EA 500 -64.87 121.66 -19.27
N PHE EA 501 -64.49 121.26 -20.50
CA PHE EA 501 -65.40 120.56 -21.39
C PHE EA 501 -65.67 119.08 -21.14
N CYS EA 502 -64.77 118.40 -20.44
CA CYS EA 502 -64.92 116.95 -20.27
C CYS EA 502 -65.42 116.56 -18.89
N GLU EA 503 -64.79 117.12 -17.87
CA GLU EA 503 -65.08 116.73 -16.50
C GLU EA 503 -65.00 115.22 -16.41
N LEU EA 504 -63.79 114.71 -16.28
CA LEU EA 504 -63.55 113.30 -16.10
C LEU EA 504 -62.61 113.15 -14.93
N ASN EA 505 -62.03 114.28 -14.51
CA ASN EA 505 -61.04 114.28 -13.44
C ASN EA 505 -59.85 113.39 -13.80
N MET EA 506 -58.64 113.86 -13.52
CA MET EA 506 -57.43 113.15 -13.91
C MET EA 506 -57.36 111.76 -13.29
N SER EA 507 -57.96 111.62 -12.11
CA SER EA 507 -57.92 110.34 -11.41
C SER EA 507 -58.65 109.26 -12.19
N ASP EA 508 -59.10 109.59 -13.39
CA ASP EA 508 -59.72 108.63 -14.29
C ASP EA 508 -58.70 108.08 -15.28
N LEU EA 509 -57.69 108.89 -15.61
CA LEU EA 509 -56.63 108.46 -16.53
C LEU EA 509 -55.55 107.72 -15.78
N PHE EA 510 -55.56 107.84 -14.46
CA PHE EA 510 -54.61 107.09 -13.64
C PHE EA 510 -55.04 105.63 -13.50
N GLU EA 511 -56.34 105.37 -13.62
CA GLU EA 511 -56.85 104.01 -13.59
C GLU EA 511 -56.75 103.43 -14.99
N LEU EA 512 -57.24 104.19 -15.95
CA LEU EA 512 -57.14 103.81 -17.35
C LEU EA 512 -55.71 103.43 -17.69
N CYS EA 513 -54.75 103.98 -16.94
CA CYS EA 513 -53.34 103.68 -17.17
C CYS EA 513 -52.89 102.47 -16.36
N GLU EA 514 -53.06 102.53 -15.04
CA GLU EA 514 -52.71 101.42 -14.16
C GLU EA 514 -53.42 100.18 -14.69
N SER EA 515 -54.53 100.42 -15.38
CA SER EA 515 -55.36 99.36 -15.93
C SER EA 515 -54.68 98.54 -17.02
N TYR EA 516 -54.06 99.23 -17.97
CA TYR EA 516 -53.50 98.57 -19.13
C TYR EA 516 -52.10 98.04 -18.86
N TYR EA 517 -51.69 98.04 -17.60
CA TYR EA 517 -50.40 97.47 -17.27
C TYR EA 517 -50.50 96.01 -16.77
N ASN EA 518 -50.63 95.09 -17.73
CA ASN EA 518 -50.48 93.66 -17.47
C ASN EA 518 -49.05 93.30 -17.80
N LYS EA 519 -48.28 92.87 -16.80
CA LYS EA 519 -46.87 92.58 -17.00
C LYS EA 519 -46.70 91.64 -18.17
N ASP EA 520 -47.81 91.08 -18.66
CA ASP EA 520 -47.82 90.07 -19.72
C ASP EA 520 -48.04 90.62 -21.14
N ASP EA 521 -49.16 91.32 -21.36
CA ASP EA 521 -49.56 91.81 -22.70
C ASP EA 521 -48.73 93.02 -23.15
N LYS EA 522 -47.94 92.85 -24.22
CA LYS EA 522 -47.03 93.89 -24.71
C LYS EA 522 -47.76 95.09 -25.32
N ALA EA 523 -48.74 94.81 -26.19
CA ALA EA 523 -49.46 95.86 -26.88
C ALA EA 523 -50.38 96.58 -25.92
N SER EA 524 -50.53 95.98 -24.73
CA SER EA 524 -51.39 96.51 -23.69
C SER EA 524 -50.58 97.42 -22.78
N MET EA 525 -49.33 97.05 -22.55
CA MET EA 525 -48.39 97.91 -21.85
C MET EA 525 -48.05 99.15 -22.66
N ILE EA 526 -47.89 98.95 -23.96
CA ILE EA 526 -47.59 100.06 -24.87
C ILE EA 526 -48.68 101.13 -24.83
N MET EA 527 -49.91 100.73 -24.50
CA MET EA 527 -51.01 101.67 -24.36
C MET EA 527 -50.90 102.39 -23.04
N SER EA 528 -50.47 101.67 -22.02
CA SER EA 528 -50.31 102.27 -20.71
C SER EA 528 -49.27 103.37 -20.77
N VAL EA 529 -48.12 103.07 -21.40
CA VAL EA 529 -47.04 104.05 -21.47
C VAL EA 529 -47.26 105.12 -22.53
N GLU EA 530 -48.13 104.84 -23.48
CA GLU EA 530 -48.58 105.89 -24.39
C GLU EA 530 -49.38 106.89 -23.57
N ILE EA 531 -50.09 106.38 -22.56
CA ILE EA 531 -50.88 107.21 -21.65
C ILE EA 531 -50.01 108.12 -20.78
N VAL EA 532 -48.93 107.55 -20.26
CA VAL EA 532 -48.04 108.30 -19.39
C VAL EA 532 -47.47 109.50 -20.12
N ALA EA 533 -46.95 109.26 -21.32
CA ALA EA 533 -46.33 110.31 -22.12
C ALA EA 533 -47.31 111.44 -22.42
N GLY EA 534 -48.60 111.13 -22.32
CA GLY EA 534 -49.62 112.13 -22.53
C GLY EA 534 -49.79 113.03 -21.32
N LEU EA 535 -49.64 112.43 -20.14
CA LEU EA 535 -49.79 113.14 -18.87
C LEU EA 535 -48.63 114.11 -18.66
N VAL EA 536 -47.55 113.86 -19.38
CA VAL EA 536 -46.39 114.74 -19.31
C VAL EA 536 -46.39 115.76 -20.47
N CYS EA 537 -47.24 115.53 -21.47
CA CYS EA 537 -47.44 116.54 -22.50
C CYS EA 537 -48.69 117.33 -22.18
N GLY EA 538 -49.22 117.12 -20.98
CA GLY EA 538 -50.44 117.77 -20.52
C GLY EA 538 -50.13 118.65 -19.35
N SER EA 539 -49.10 119.46 -19.56
CA SER EA 539 -48.74 120.53 -18.65
C SER EA 539 -48.92 121.84 -19.41
N LYS EA 540 -49.03 121.72 -20.72
CA LYS EA 540 -49.66 122.74 -21.55
C LYS EA 540 -51.16 122.58 -21.26
N PHE EA 541 -51.50 122.85 -20.01
CA PHE EA 541 -52.84 122.67 -19.47
C PHE EA 541 -52.76 122.95 -17.98
N MET EA 542 -53.67 123.81 -17.50
CA MET EA 542 -53.57 124.43 -16.17
C MET EA 542 -53.48 123.52 -14.95
N SER EA 543 -54.18 123.92 -13.90
CA SER EA 543 -54.18 123.28 -12.58
C SER EA 543 -52.78 122.94 -12.06
N VAL EA 544 -52.33 123.68 -11.04
CA VAL EA 544 -51.10 123.35 -10.34
C VAL EA 544 -51.44 122.30 -9.29
N SER EA 545 -52.74 122.09 -9.08
CA SER EA 545 -53.21 121.10 -8.12
C SER EA 545 -53.46 119.76 -8.81
N ASP EA 546 -53.52 119.78 -10.14
CA ASP EA 546 -53.56 118.53 -10.90
C ASP EA 546 -52.13 118.16 -11.31
N LEU EA 547 -51.29 119.16 -11.54
CA LEU EA 547 -49.90 118.91 -11.89
C LEU EA 547 -49.16 118.39 -10.68
N ASP EA 548 -49.85 118.34 -9.55
CA ASP EA 548 -49.30 117.72 -8.35
C ASP EA 548 -49.93 116.34 -8.11
N LYS EA 549 -51.19 116.18 -8.52
CA LYS EA 549 -51.84 114.87 -8.46
C LYS EA 549 -51.16 113.95 -9.48
N ARG EA 550 -50.54 114.55 -10.48
CA ARG EA 550 -49.91 113.80 -11.56
C ARG EA 550 -48.44 113.53 -11.30
N ASP EA 551 -47.74 114.49 -10.72
CA ASP EA 551 -46.39 114.25 -10.25
C ASP EA 551 -46.39 113.16 -9.18
N THR EA 552 -47.49 113.07 -8.44
CA THR EA 552 -47.62 112.11 -7.33
C THR EA 552 -47.97 110.71 -7.83
N PHE EA 553 -48.84 110.64 -8.83
CA PHE EA 553 -49.18 109.37 -9.44
C PHE EA 553 -47.99 108.75 -10.16
N ILE EA 554 -47.11 109.60 -10.68
CA ILE EA 554 -46.02 109.13 -11.51
C ILE EA 554 -44.84 108.57 -10.72
N GLU EA 555 -44.58 109.10 -9.53
CA GLU EA 555 -43.49 108.54 -8.75
C GLU EA 555 -43.94 107.25 -8.14
N ASN EA 556 -45.26 107.12 -7.98
CA ASN EA 556 -45.88 105.92 -7.43
C ASN EA 556 -45.92 104.80 -8.45
N PHE EA 557 -46.09 105.16 -9.71
CA PHE EA 557 -46.25 104.21 -10.81
C PHE EA 557 -44.90 103.68 -11.30
N LEU EA 558 -43.96 104.58 -11.57
CA LEU EA 558 -42.60 104.19 -11.92
C LEU EA 558 -41.99 103.30 -10.84
N ALA EA 559 -42.52 103.39 -9.63
CA ALA EA 559 -42.12 102.46 -8.57
C ALA EA 559 -42.60 101.04 -8.89
N LYS EA 560 -43.91 100.86 -8.95
CA LYS EA 560 -44.48 99.56 -9.25
C LYS EA 560 -43.79 98.91 -10.47
N CYS EA 561 -43.52 99.73 -11.47
CA CYS EA 561 -43.10 99.22 -12.78
C CYS EA 561 -41.61 98.98 -12.93
N LEU EA 562 -40.79 99.95 -12.53
CA LEU EA 562 -39.35 99.90 -12.79
C LEU EA 562 -38.53 99.47 -11.58
N ASP EA 563 -39.09 99.63 -10.39
CA ASP EA 563 -38.39 99.23 -9.18
C ASP EA 563 -38.51 97.73 -8.95
N TYR EA 564 -37.77 97.01 -9.78
CA TYR EA 564 -37.59 95.56 -9.68
C TYR EA 564 -38.78 94.75 -10.14
N GLU EA 565 -38.47 93.67 -10.85
CA GLU EA 565 -39.39 92.94 -11.72
C GLU EA 565 -39.53 93.67 -13.06
N LEU EA 566 -38.57 93.44 -13.95
CA LEU EA 566 -38.55 94.12 -15.25
C LEU EA 566 -38.08 93.21 -16.40
N ASN EA 567 -38.99 92.90 -17.32
CA ASN EA 567 -38.70 92.02 -18.44
C ASN EA 567 -38.14 92.76 -19.66
N HIS EA 568 -37.54 92.02 -20.59
CA HIS EA 568 -36.99 92.62 -21.80
C HIS EA 568 -38.12 93.09 -22.70
N ASP EA 569 -39.34 93.00 -22.18
CA ASP EA 569 -40.50 93.52 -22.89
C ASP EA 569 -40.84 94.92 -22.39
N ALA EA 570 -40.84 95.10 -21.08
CA ALA EA 570 -40.99 96.43 -20.52
C ALA EA 570 -39.81 97.31 -20.92
N PHE EA 571 -38.60 96.90 -20.57
CA PHE EA 571 -37.39 97.62 -20.95
C PHE EA 571 -37.45 98.04 -22.42
N GLU EA 572 -38.04 97.20 -23.27
CA GLU EA 572 -38.16 97.53 -24.69
C GLU EA 572 -39.02 98.77 -24.86
N ILE EA 573 -40.06 98.89 -24.03
CA ILE EA 573 -41.01 100.01 -24.12
C ILE EA 573 -40.54 101.27 -23.43
N TRP EA 574 -40.31 101.20 -22.12
CA TRP EA 574 -39.87 102.37 -21.37
C TRP EA 574 -38.64 103.01 -22.02
N SER EA 575 -37.67 102.19 -22.41
CA SER EA 575 -36.47 102.71 -23.02
C SER EA 575 -36.83 103.44 -24.32
N THR EA 576 -37.94 103.09 -24.91
CA THR EA 576 -38.44 103.81 -26.08
C THR EA 576 -38.90 105.21 -25.66
N LEU EA 577 -39.55 105.29 -24.50
CA LEU EA 577 -40.04 106.56 -23.96
C LEU EA 577 -38.90 107.53 -23.67
N ALA EA 578 -37.91 107.06 -22.93
CA ALA EA 578 -36.74 107.88 -22.61
C ALA EA 578 -36.08 108.58 -23.81
N TRP EA 579 -36.01 107.92 -24.96
CA TRP EA 579 -35.37 108.54 -26.12
C TRP EA 579 -36.29 109.53 -26.77
N TRP EA 580 -37.58 109.42 -26.48
CA TRP EA 580 -38.59 110.23 -27.16
C TRP EA 580 -39.06 111.42 -26.32
N LEU EA 581 -39.63 111.12 -25.16
CA LEU EA 581 -40.34 112.13 -24.38
C LEU EA 581 -39.58 113.45 -24.20
N PRO EA 582 -38.30 113.39 -23.76
CA PRO EA 582 -37.51 114.61 -23.51
C PRO EA 582 -37.32 115.47 -24.75
N ALA EA 583 -37.74 114.96 -25.90
CA ALA EA 583 -37.64 115.69 -27.16
C ALA EA 583 -38.98 116.30 -27.59
N VAL EA 584 -40.07 115.88 -26.94
CA VAL EA 584 -41.38 116.45 -27.26
C VAL EA 584 -41.91 117.28 -26.08
N VAL EA 585 -41.12 117.37 -25.02
CA VAL EA 585 -41.48 118.22 -23.86
C VAL EA 585 -40.31 118.45 -22.91
N ASP EA 586 -40.12 119.70 -22.49
CA ASP EA 586 -39.10 119.98 -21.49
C ASP EA 586 -39.51 119.26 -20.21
N LEU EA 587 -38.65 118.38 -19.73
CA LEU EA 587 -38.95 117.49 -18.61
C LEU EA 587 -39.07 118.16 -17.24
N ARG EA 588 -38.84 119.47 -17.21
CA ARG EA 588 -38.91 120.19 -15.95
C ARG EA 588 -40.36 120.58 -15.66
N ARG EA 589 -41.25 120.18 -16.57
CA ARG EA 589 -42.69 120.34 -16.36
C ARG EA 589 -43.16 119.28 -15.35
N SER EA 590 -42.19 118.59 -14.75
CA SER EA 590 -42.47 117.53 -13.77
C SER EA 590 -41.35 117.33 -12.75
N LYS EA 591 -41.70 117.46 -11.47
CA LYS EA 591 -40.71 117.36 -10.41
C LYS EA 591 -40.29 115.91 -10.15
N THR EA 592 -41.22 114.98 -10.33
CA THR EA 592 -41.01 113.58 -9.95
C THR EA 592 -40.39 112.71 -11.03
N PHE EA 593 -40.96 112.79 -12.22
CA PHE EA 593 -40.54 111.95 -13.34
C PHE EA 593 -39.03 111.86 -13.56
N PHE EA 594 -38.39 112.96 -13.91
CA PHE EA 594 -36.93 112.92 -14.06
C PHE EA 594 -36.23 112.61 -12.73
N CYS EA 595 -36.56 113.34 -11.66
CA CYS EA 595 -35.91 113.14 -10.36
C CYS EA 595 -36.21 111.74 -9.81
N HIS EA 596 -36.50 110.80 -10.73
CA HIS EA 596 -36.75 109.40 -10.39
C HIS EA 596 -35.75 108.43 -11.02
N PHE EA 597 -35.42 108.65 -12.29
CA PHE EA 597 -34.44 107.82 -12.98
C PHE EA 597 -33.04 108.12 -12.50
N ILE EA 598 -32.86 109.34 -12.00
CA ILE EA 598 -31.57 109.76 -11.52
C ILE EA 598 -31.39 109.37 -10.06
N ASN EA 599 -32.44 108.82 -9.45
CA ASN EA 599 -32.33 108.20 -8.13
C ASN EA 599 -31.77 106.78 -8.25
N ALA EA 600 -30.44 106.72 -8.13
CA ALA EA 600 -29.62 105.59 -8.55
C ALA EA 600 -29.27 104.62 -7.44
N ASP EA 601 -30.28 103.87 -7.01
CA ASP EA 601 -30.08 102.77 -6.07
C ASP EA 601 -29.59 101.54 -6.81
N GLY EA 602 -28.80 101.75 -7.85
CA GLY EA 602 -28.40 100.66 -8.72
C GLY EA 602 -27.02 100.79 -9.35
N MET EA 603 -26.03 100.31 -8.59
CA MET EA 603 -24.68 99.95 -9.05
C MET EA 603 -23.84 99.33 -7.90
N PHE EA 604 -23.89 98.01 -7.73
CA PHE EA 604 -23.10 97.31 -6.71
C PHE EA 604 -21.61 97.42 -7.01
N ASP EA 605 -20.74 96.69 -6.31
CA ASP EA 605 -19.28 96.91 -6.46
C ASP EA 605 -18.33 95.69 -6.42
N ARG EA 606 -18.75 94.56 -5.83
CA ARG EA 606 -17.92 93.36 -5.82
C ARG EA 606 -18.72 92.05 -5.86
N GLU EA 607 -18.04 90.94 -6.08
CA GLU EA 607 -18.72 89.67 -6.35
C GLU EA 607 -18.28 88.46 -5.49
N SER EA 608 -18.91 88.32 -4.33
CA SER EA 608 -18.97 87.04 -3.62
C SER EA 608 -20.42 86.77 -3.17
N ASP EA 609 -21.36 87.39 -3.88
CA ASP EA 609 -22.81 87.22 -3.68
C ASP EA 609 -23.43 86.89 -5.04
N ALA EA 610 -24.35 87.74 -5.48
CA ALA EA 610 -24.83 87.74 -6.87
C ALA EA 610 -24.69 89.16 -7.41
N ALA EA 611 -23.76 89.90 -6.82
CA ALA EA 611 -23.58 91.34 -7.03
C ALA EA 611 -24.90 92.09 -6.90
N THR EA 612 -25.80 91.78 -7.84
CA THR EA 612 -27.23 92.08 -7.76
C THR EA 612 -27.95 91.79 -9.10
N HIS EA 613 -28.19 92.85 -9.89
CA HIS EA 613 -29.19 92.85 -10.96
C HIS EA 613 -28.67 93.43 -12.29
N GLN EA 614 -29.18 94.62 -12.62
CA GLN EA 614 -29.14 95.10 -13.99
C GLN EA 614 -28.86 96.58 -14.25
N THR EA 615 -28.79 96.83 -15.54
CA THR EA 615 -29.01 98.12 -16.17
C THR EA 615 -30.50 98.41 -16.10
N SER EA 616 -31.08 97.92 -15.00
CA SER EA 616 -32.42 98.26 -14.53
C SER EA 616 -32.45 99.76 -14.29
N LYS EA 617 -31.78 100.50 -15.17
CA LYS EA 617 -31.69 101.93 -15.07
C LYS EA 617 -30.70 102.34 -16.12
N ILE EA 618 -29.44 102.15 -15.80
CA ILE EA 618 -28.36 102.77 -16.54
C ILE EA 618 -28.73 103.12 -18.00
N TYR EA 619 -29.11 102.14 -18.80
CA TYR EA 619 -29.38 102.43 -20.21
C TYR EA 619 -30.63 103.31 -20.46
N MET EA 620 -31.45 103.51 -19.43
CA MET EA 620 -32.65 104.36 -19.56
C MET EA 620 -32.40 105.75 -19.00
N LEU EA 621 -31.63 105.84 -17.93
CA LEU EA 621 -31.21 107.14 -17.45
C LEU EA 621 -30.41 107.77 -18.56
N ARG EA 622 -29.53 106.97 -19.17
CA ARG EA 622 -28.68 107.43 -20.25
C ARG EA 622 -29.45 107.94 -21.47
N SER EA 623 -30.50 107.25 -21.86
CA SER EA 623 -31.22 107.64 -23.07
C SER EA 623 -32.10 108.88 -22.84
N ILE EA 624 -32.25 109.29 -21.60
CA ILE EA 624 -32.89 110.56 -21.30
C ILE EA 624 -31.84 111.67 -21.34
N LEU EA 625 -30.78 111.46 -20.58
CA LEU EA 625 -29.61 112.35 -20.60
C LEU EA 625 -29.04 112.54 -22.02
N MET EA 626 -29.33 111.61 -22.91
CA MET EA 626 -28.85 111.72 -24.28
C MET EA 626 -29.74 112.66 -25.06
N SER EA 627 -31.02 112.67 -24.69
CA SER EA 627 -32.02 113.40 -25.43
C SER EA 627 -32.14 114.84 -24.94
N MET EA 628 -31.50 115.14 -23.82
CA MET EA 628 -31.45 116.50 -23.30
C MET EA 628 -30.12 117.18 -23.64
N GLU EA 629 -29.01 116.54 -23.25
CA GLU EA 629 -27.68 116.82 -23.81
C GLU EA 629 -27.20 118.24 -23.61
N PHE EA 630 -27.43 118.81 -22.43
CA PHE EA 630 -27.46 120.24 -22.43
C PHE EA 630 -28.25 120.71 -21.25
N ARG EA 631 -29.55 120.46 -21.33
CA ARG EA 631 -30.50 120.80 -20.28
C ARG EA 631 -30.49 119.75 -19.16
N ALA EA 632 -30.98 120.16 -17.99
CA ALA EA 632 -30.99 119.37 -16.75
C ALA EA 632 -29.73 118.67 -16.26
N PRO EA 633 -28.59 118.77 -16.98
CA PRO EA 633 -27.55 117.79 -16.70
C PRO EA 633 -26.75 118.03 -15.42
N ASP EA 634 -27.30 118.68 -14.39
CA ASP EA 634 -26.51 118.78 -13.16
C ASP EA 634 -26.44 117.43 -12.49
N VAL EA 635 -25.24 116.87 -12.49
CA VAL EA 635 -25.07 115.50 -12.09
C VAL EA 635 -23.82 115.41 -11.21
N GLY EA 636 -23.70 116.34 -10.28
CA GLY EA 636 -22.65 116.25 -9.30
C GLY EA 636 -22.62 114.82 -8.80
N LYS EA 637 -23.80 114.27 -8.55
CA LYS EA 637 -23.94 112.90 -8.04
C LYS EA 637 -23.23 111.90 -8.94
N LEU EA 638 -23.86 111.58 -10.06
CA LEU EA 638 -23.44 110.48 -10.94
C LEU EA 638 -21.93 110.25 -11.06
N PHE EA 639 -21.16 111.31 -11.28
CA PHE EA 639 -19.73 111.16 -11.44
C PHE EA 639 -19.08 110.59 -10.18
N ASP EA 640 -19.47 111.13 -9.01
CA ASP EA 640 -18.97 110.62 -7.73
C ASP EA 640 -19.54 109.22 -7.43
N GLU EA 641 -20.50 108.78 -8.22
CA GLU EA 641 -21.23 107.53 -7.96
C GLU EA 641 -20.95 106.39 -8.94
N LEU EA 642 -20.19 106.64 -10.01
CA LEU EA 642 -19.92 105.60 -10.99
C LEU EA 642 -19.06 104.49 -10.42
N VAL EA 643 -19.02 103.35 -11.10
CA VAL EA 643 -18.45 102.12 -10.53
C VAL EA 643 -17.11 101.67 -11.11
N PHE EA 644 -17.11 101.09 -12.30
CA PHE EA 644 -15.88 100.58 -12.92
C PHE EA 644 -15.45 99.23 -12.36
N ASP EA 645 -15.62 99.05 -11.05
CA ASP EA 645 -15.22 97.83 -10.34
C ASP EA 645 -16.19 96.67 -10.58
N HIS EA 646 -17.29 96.93 -11.28
CA HIS EA 646 -18.37 95.95 -11.35
C HIS EA 646 -17.95 94.65 -12.04
N PRO EA 647 -18.37 93.51 -11.48
CA PRO EA 647 -18.02 92.16 -11.92
C PRO EA 647 -18.68 91.74 -13.22
N TYR EA 648 -19.95 92.12 -13.40
CA TYR EA 648 -20.69 91.77 -14.60
C TYR EA 648 -20.35 92.63 -15.81
N ASP EA 649 -20.50 92.05 -16.99
CA ASP EA 649 -20.25 92.77 -18.22
C ASP EA 649 -21.42 93.68 -18.52
N GLN EA 650 -22.62 93.12 -18.59
CA GLN EA 650 -23.81 93.89 -18.99
C GLN EA 650 -23.87 95.22 -18.26
N VAL EA 651 -23.16 95.30 -17.14
CA VAL EA 651 -23.08 96.50 -16.35
C VAL EA 651 -21.78 97.26 -16.60
N ARG EA 652 -20.65 96.56 -16.57
CA ARG EA 652 -19.37 97.19 -16.89
C ARG EA 652 -19.47 97.95 -18.21
N GLN EA 653 -20.13 97.35 -19.19
CA GLN EA 653 -20.27 97.95 -20.50
C GLN EA 653 -21.21 99.14 -20.44
N ALA EA 654 -22.24 99.03 -19.62
CA ALA EA 654 -23.25 100.06 -19.54
C ALA EA 654 -22.77 101.26 -18.75
N VAL EA 655 -22.00 101.04 -17.70
CA VAL EA 655 -21.42 102.16 -16.96
C VAL EA 655 -20.50 102.94 -17.90
N ALA EA 656 -19.86 102.25 -18.83
CA ALA EA 656 -19.02 102.93 -19.82
C ALA EA 656 -19.86 103.73 -20.83
N LYS EA 657 -20.89 103.10 -21.41
CA LYS EA 657 -21.74 103.77 -22.39
C LYS EA 657 -22.43 105.00 -21.79
N LEU EA 658 -22.51 105.05 -20.46
CA LEU EA 658 -23.17 106.17 -19.78
C LEU EA 658 -22.22 107.32 -19.58
N LEU EA 659 -21.03 107.02 -19.08
CA LEU EA 659 -19.99 108.02 -18.90
C LEU EA 659 -19.71 108.71 -20.22
N THR EA 660 -19.63 107.93 -21.29
CA THR EA 660 -19.51 108.50 -22.63
C THR EA 660 -20.53 109.60 -22.82
N THR EA 661 -21.79 109.32 -22.48
CA THR EA 661 -22.86 110.30 -22.63
C THR EA 661 -22.79 111.44 -21.62
N LEU EA 662 -22.34 111.12 -20.40
CA LEU EA 662 -22.18 112.13 -19.37
C LEU EA 662 -21.14 113.16 -19.76
N VAL EA 663 -20.21 112.74 -20.62
CA VAL EA 663 -19.11 113.59 -21.04
C VAL EA 663 -19.50 114.49 -22.21
N GLN EA 664 -20.37 114.00 -23.07
CA GLN EA 664 -20.81 114.78 -24.21
C GLN EA 664 -21.74 115.92 -23.80
N ASN EA 665 -22.20 115.88 -22.53
CA ASN EA 665 -23.10 116.89 -21.98
C ASN EA 665 -22.42 118.09 -21.30
N GLN EA 666 -21.17 117.92 -20.90
CA GLN EA 666 -20.35 118.98 -20.30
C GLN EA 666 -19.28 119.46 -21.30
N SER EA 667 -19.35 118.94 -22.53
CA SER EA 667 -18.38 119.29 -23.58
C SER EA 667 -18.87 120.36 -24.57
N ASN EA 668 -20.17 120.61 -24.63
CA ASN EA 668 -20.70 121.75 -25.39
C ASN EA 668 -20.00 123.02 -24.93
N PRO EA 669 -19.51 123.84 -25.89
CA PRO EA 669 -18.63 124.94 -25.48
C PRO EA 669 -19.41 126.24 -25.25
N SER EA 670 -20.75 126.18 -25.26
CA SER EA 670 -21.59 127.39 -25.31
C SER EA 670 -20.92 128.63 -24.72
N ILE EA 671 -20.51 129.55 -25.60
CA ILE EA 671 -19.80 130.77 -25.22
C ILE EA 671 -20.72 131.97 -25.01
N SER EA 672 -20.15 133.07 -24.54
CA SER EA 672 -20.89 134.29 -24.19
C SER EA 672 -21.42 135.01 -25.41
N ASP EA 673 -20.51 135.39 -26.29
CA ASP EA 673 -20.85 136.15 -27.48
C ASP EA 673 -20.39 135.44 -28.74
N PRO EA 674 -21.02 135.77 -29.87
CA PRO EA 674 -20.48 135.35 -31.17
C PRO EA 674 -19.11 135.99 -31.36
N THR EA 675 -18.96 137.20 -30.83
CA THR EA 675 -17.72 137.93 -31.01
C THR EA 675 -16.64 137.38 -30.11
N THR EA 676 -17.01 137.13 -28.86
CA THR EA 676 -16.09 136.53 -27.91
C THR EA 676 -15.60 135.20 -28.47
N LEU EA 677 -16.48 134.53 -29.20
CA LEU EA 677 -16.24 133.19 -29.78
C LEU EA 677 -15.28 133.21 -30.95
N LEU EA 678 -15.62 133.94 -32.00
CA LEU EA 678 -14.79 133.98 -33.18
C LEU EA 678 -13.40 134.51 -32.89
N GLU EA 679 -13.22 135.20 -31.78
CA GLU EA 679 -11.88 135.67 -31.41
C GLU EA 679 -11.06 134.54 -30.80
N ALA EA 680 -11.74 133.50 -30.35
CA ALA EA 680 -11.05 132.31 -29.85
C ALA EA 680 -10.63 131.41 -31.01
N GLU EA 681 -11.54 131.25 -31.97
CA GLU EA 681 -11.27 130.46 -33.16
C GLU EA 681 -10.14 131.07 -34.00
N ARG EA 682 -10.13 132.40 -34.08
CA ARG EA 682 -9.12 133.10 -34.87
C ARG EA 682 -7.75 132.81 -34.27
N ASN EA 683 -7.60 133.06 -32.97
CA ASN EA 683 -6.35 132.80 -32.29
C ASN EA 683 -6.23 131.36 -31.85
N ASP EA 684 -6.12 130.44 -32.81
CA ASP EA 684 -5.82 129.04 -32.55
C ASP EA 684 -4.51 128.67 -33.24
N PRO EA 685 -3.80 127.65 -32.74
CA PRO EA 685 -2.48 127.25 -33.25
C PRO EA 685 -2.54 126.76 -34.68
N ASP EA 686 -3.52 125.91 -34.97
CA ASP EA 686 -3.77 125.43 -36.31
C ASP EA 686 -4.53 126.52 -37.05
N GLY EA 687 -4.06 126.91 -38.23
CA GLY EA 687 -4.73 127.90 -39.04
C GLY EA 687 -6.21 127.57 -39.11
N LEU EA 688 -6.53 126.37 -38.64
CA LEU EA 688 -7.90 125.89 -38.49
C LEU EA 688 -8.56 126.55 -37.30
N GLY EA 689 -9.37 125.78 -36.57
CA GLY EA 689 -10.19 126.36 -35.53
C GLY EA 689 -10.04 125.75 -34.16
N LEU EA 690 -11.00 126.08 -33.29
CA LEU EA 690 -11.06 125.53 -31.94
C LEU EA 690 -11.46 124.07 -31.98
N PRO EA 691 -10.86 123.25 -31.12
CA PRO EA 691 -11.54 121.98 -30.93
C PRO EA 691 -13.02 122.24 -30.65
N LEU EA 692 -13.88 121.79 -31.55
CA LEU EA 692 -15.32 121.82 -31.33
C LEU EA 692 -15.56 120.79 -30.26
N LYS EA 693 -16.42 121.09 -29.29
CA LYS EA 693 -16.56 120.19 -28.15
C LYS EA 693 -15.20 119.98 -27.46
N SER EA 694 -15.01 120.57 -26.31
CA SER EA 694 -13.78 120.37 -25.58
C SER EA 694 -14.12 120.01 -24.15
N VAL EA 695 -13.64 118.85 -23.72
CA VAL EA 695 -13.90 118.36 -22.38
C VAL EA 695 -13.33 119.32 -21.32
N PRO EA 696 -14.20 119.79 -20.41
CA PRO EA 696 -13.88 120.80 -19.39
C PRO EA 696 -13.04 120.27 -18.24
N GLU EA 697 -11.86 120.86 -18.06
CA GLU EA 697 -10.90 120.52 -17.00
C GLU EA 697 -11.36 119.60 -15.84
N LYS EA 698 -12.38 120.02 -15.08
CA LYS EA 698 -12.87 119.21 -13.94
C LYS EA 698 -13.18 117.76 -14.35
N VAL EA 699 -13.36 117.53 -15.65
CA VAL EA 699 -13.58 116.17 -16.18
C VAL EA 699 -12.26 115.58 -16.71
N ASP EA 700 -11.45 116.38 -17.39
CA ASP EA 700 -10.14 115.92 -17.85
C ASP EA 700 -9.39 115.40 -16.63
N ALA EA 701 -9.85 115.81 -15.45
CA ALA EA 701 -9.23 115.37 -14.20
C ALA EA 701 -9.74 113.99 -13.80
N TYR EA 702 -11.05 113.80 -13.89
CA TYR EA 702 -11.72 112.52 -13.60
C TYR EA 702 -11.11 111.38 -14.40
N ILE EA 703 -11.11 111.56 -15.72
CA ILE EA 703 -10.62 110.55 -16.62
C ILE EA 703 -9.17 110.20 -16.36
N LYS EA 704 -8.33 111.22 -16.29
CA LYS EA 704 -6.91 111.00 -16.02
C LYS EA 704 -6.77 110.11 -14.77
N LYS EA 705 -7.62 110.33 -13.78
CA LYS EA 705 -7.61 109.55 -12.55
C LYS EA 705 -7.84 108.06 -12.82
N GLN EA 706 -8.90 107.75 -13.56
CA GLN EA 706 -9.27 106.37 -13.83
C GLN EA 706 -8.19 105.55 -14.55
N PHE EA 707 -7.32 106.24 -15.29
CA PHE EA 707 -6.21 105.60 -15.97
C PHE EA 707 -5.04 105.38 -15.03
N GLU EA 708 -4.82 106.35 -14.13
CA GLU EA 708 -3.70 106.31 -13.20
C GLU EA 708 -4.10 105.63 -11.90
N ILE EA 709 -5.36 105.20 -11.82
CA ILE EA 709 -5.80 104.33 -10.73
C ILE EA 709 -5.53 102.88 -11.12
N ILE EA 710 -5.64 102.63 -12.42
CA ILE EA 710 -5.35 101.35 -13.02
C ILE EA 710 -3.84 101.08 -13.11
N LYS EA 711 -3.04 102.13 -13.16
CA LYS EA 711 -1.59 101.96 -13.15
C LYS EA 711 -1.14 101.64 -11.71
N ASN EA 712 -1.92 102.10 -10.74
CA ASN EA 712 -1.64 101.82 -9.33
C ASN EA 712 -1.79 100.34 -9.02
N LEU EA 713 -2.72 99.70 -9.70
CA LEU EA 713 -3.08 98.31 -9.41
C LEU EA 713 -2.28 97.26 -10.22
N GLU EA 714 -1.22 97.67 -10.89
CA GLU EA 714 -0.43 96.71 -11.68
C GLU EA 714 0.24 95.66 -10.78
N ASP EA 715 0.21 95.90 -9.48
CA ASP EA 715 0.72 94.94 -8.51
C ASP EA 715 -0.32 93.86 -8.23
N SER EA 716 -1.58 94.17 -8.56
CA SER EA 716 -2.73 93.31 -8.26
C SER EA 716 -2.65 91.99 -9.01
N VAL EA 717 -1.96 91.98 -10.15
CA VAL EA 717 -1.78 90.76 -10.89
C VAL EA 717 -0.30 90.44 -10.95
N VAL EA 718 0.40 90.74 -9.86
CA VAL EA 718 1.85 90.55 -9.78
C VAL EA 718 2.26 89.27 -10.50
N GLY EA 719 1.42 88.23 -10.45
CA GLY EA 719 1.71 87.01 -11.17
C GLY EA 719 0.57 86.02 -11.39
N LEU EA 720 -0.67 86.46 -11.25
CA LEU EA 720 -1.82 85.56 -11.37
C LEU EA 720 -2.03 85.04 -12.80
N ASN EA 721 -2.97 84.13 -12.96
CA ASN EA 721 -3.27 83.56 -14.27
C ASN EA 721 -4.63 84.03 -14.81
N PRO EA 722 -4.90 83.75 -16.10
CA PRO EA 722 -6.17 84.11 -16.76
C PRO EA 722 -7.44 83.83 -15.96
N GLN EA 723 -7.43 82.82 -15.10
CA GLN EA 723 -8.62 82.48 -14.34
C GLN EA 723 -8.71 83.33 -13.07
N GLN EA 724 -7.56 83.59 -12.45
CA GLN EA 724 -7.49 84.48 -11.30
C GLN EA 724 -7.27 85.91 -11.76
N PHE EA 725 -7.66 86.21 -12.99
CA PHE EA 725 -7.50 87.55 -13.55
C PHE EA 725 -8.87 88.21 -13.65
N ILE EA 726 -9.79 87.58 -14.38
CA ILE EA 726 -11.16 88.04 -14.53
C ILE EA 726 -11.84 88.33 -13.19
N LYS EA 727 -11.13 88.05 -12.10
CA LYS EA 727 -11.72 88.13 -10.77
C LYS EA 727 -11.08 89.24 -9.94
N THR EA 728 -10.02 89.85 -10.48
CA THR EA 728 -9.33 90.94 -9.79
C THR EA 728 -9.97 92.30 -10.05
N ASP EA 729 -9.70 93.26 -9.19
CA ASP EA 729 -10.23 94.59 -9.40
C ASP EA 729 -9.55 95.27 -10.59
N TYR EA 730 -8.24 95.06 -10.74
CA TYR EA 730 -7.52 95.59 -11.90
C TYR EA 730 -8.20 95.25 -13.22
N PHE EA 731 -8.72 94.04 -13.37
CA PHE EA 731 -9.44 93.69 -14.60
C PHE EA 731 -10.74 94.49 -14.73
N TYR EA 732 -11.58 94.40 -13.71
CA TYR EA 732 -12.86 95.10 -13.73
C TYR EA 732 -12.73 96.55 -14.17
N ARG EA 733 -11.88 97.34 -13.51
CA ARG EA 733 -11.60 98.70 -13.96
C ARG EA 733 -11.30 98.68 -15.45
N THR EA 734 -10.16 98.07 -15.78
CA THR EA 734 -9.66 97.97 -17.16
C THR EA 734 -10.70 97.63 -18.22
N SER EA 735 -11.58 96.68 -17.91
CA SER EA 735 -12.65 96.30 -18.83
C SER EA 735 -13.62 97.46 -19.06
N THR EA 736 -13.99 98.16 -17.98
CA THR EA 736 -14.91 99.28 -18.10
C THR EA 736 -14.32 100.40 -18.95
N ILE EA 737 -13.11 100.83 -18.60
CA ILE EA 737 -12.37 101.82 -19.38
C ILE EA 737 -12.30 101.48 -20.86
N PHE EA 738 -11.99 100.23 -21.17
CA PHE EA 738 -12.00 99.76 -22.54
C PHE EA 738 -13.38 99.99 -23.19
N TYR EA 739 -14.45 99.48 -22.59
CA TYR EA 739 -15.77 99.61 -23.21
C TYR EA 739 -16.11 101.07 -23.48
N TRP EA 740 -15.52 101.95 -22.68
CA TRP EA 740 -15.68 103.39 -22.80
C TRP EA 740 -14.96 103.93 -24.03
N ILE EA 741 -13.68 103.62 -24.15
CA ILE EA 741 -12.91 103.95 -25.35
C ILE EA 741 -13.60 103.49 -26.63
N LYS EA 742 -14.07 102.25 -26.66
CA LYS EA 742 -14.78 101.73 -27.83
C LYS EA 742 -15.91 102.67 -28.22
N GLU EA 743 -16.61 103.22 -27.23
CA GLU EA 743 -17.77 104.08 -27.48
C GLU EA 743 -17.46 105.58 -27.67
N MET EA 744 -16.20 105.96 -27.45
CA MET EA 744 -15.77 107.32 -27.75
C MET EA 744 -15.34 107.42 -29.19
N ALA EA 745 -14.64 106.38 -29.64
CA ALA EA 745 -14.11 106.30 -31.01
C ALA EA 745 -15.22 106.14 -32.02
N ARG EA 746 -16.40 105.81 -31.52
CA ARG EA 746 -17.60 105.83 -32.35
C ARG EA 746 -18.24 107.22 -32.28
N GLY EA 747 -18.58 107.76 -33.44
CA GLY EA 747 -19.44 108.93 -33.51
C GLY EA 747 -18.84 110.25 -33.09
N PRO EA 748 -19.71 111.17 -32.64
CA PRO EA 748 -19.43 112.60 -32.49
C PRO EA 748 -18.53 112.92 -31.32
N ASN EA 749 -17.96 111.89 -30.69
CA ASN EA 749 -17.15 112.08 -29.51
C ASN EA 749 -15.67 111.96 -29.77
N LYS EA 750 -15.31 111.65 -31.01
CA LYS EA 750 -13.91 111.49 -31.36
C LYS EA 750 -13.03 112.69 -30.95
N VAL EA 751 -13.45 113.90 -31.31
CA VAL EA 751 -12.65 115.09 -31.01
C VAL EA 751 -12.41 115.25 -29.51
N LEU EA 752 -13.17 114.49 -28.73
CA LEU EA 752 -13.04 114.50 -27.28
C LEU EA 752 -11.94 113.54 -26.86
N LEU EA 753 -11.86 112.41 -27.57
CA LEU EA 753 -10.96 111.32 -27.23
C LEU EA 753 -9.49 111.57 -27.57
N VAL EA 754 -9.21 112.44 -28.53
CA VAL EA 754 -7.82 112.62 -28.98
C VAL EA 754 -6.77 113.02 -27.93
N PRO EA 755 -7.03 114.07 -27.14
CA PRO EA 755 -5.92 114.53 -26.29
C PRO EA 755 -5.30 113.41 -25.44
N TYR EA 756 -6.08 112.35 -25.22
CA TYR EA 756 -5.74 111.29 -24.26
C TYR EA 756 -4.92 110.15 -24.85
N LEU EA 757 -4.96 109.99 -26.16
CA LEU EA 757 -4.22 108.94 -26.83
C LEU EA 757 -2.75 108.92 -26.43
N VAL EA 758 -2.08 110.03 -26.63
CA VAL EA 758 -0.63 110.05 -26.55
C VAL EA 758 -0.09 109.64 -25.17
N ASP EA 759 -0.82 109.97 -24.11
CA ASP EA 759 -0.32 109.74 -22.77
C ASP EA 759 -1.06 108.61 -22.05
N TYR EA 760 -2.30 108.39 -22.46
CA TYR EA 760 -3.21 107.53 -21.69
C TYR EA 760 -3.77 106.32 -22.46
N VAL EA 761 -4.47 106.59 -23.56
CA VAL EA 761 -5.18 105.56 -24.31
C VAL EA 761 -4.31 104.59 -25.09
N LEU EA 762 -3.14 105.01 -25.57
CA LEU EA 762 -2.30 104.09 -26.31
C LEU EA 762 -1.29 103.33 -25.44
N PRO EA 763 -0.81 103.96 -24.36
CA PRO EA 763 -0.07 103.18 -23.37
C PRO EA 763 -0.94 102.06 -22.81
N PHE EA 764 -2.17 102.41 -22.46
CA PHE EA 764 -3.21 101.43 -22.19
C PHE EA 764 -3.40 100.72 -23.52
N LEU EA 765 -4.53 100.05 -23.70
CA LEU EA 765 -4.79 99.23 -24.90
C LEU EA 765 -3.69 98.21 -25.16
N ILE EA 766 -2.51 98.70 -25.47
CA ILE EA 766 -1.33 97.87 -25.53
C ILE EA 766 -1.11 97.18 -24.16
N GLY EA 767 -2.13 97.28 -23.30
CA GLY EA 767 -2.35 96.30 -22.24
C GLY EA 767 -2.83 95.03 -22.94
N LEU EA 768 -1.84 94.21 -23.30
CA LEU EA 768 -2.01 93.13 -24.25
C LEU EA 768 -0.81 92.17 -24.12
N VAL EA 769 0.36 92.71 -23.78
CA VAL EA 769 1.42 91.86 -23.22
C VAL EA 769 1.11 91.76 -21.74
N LYS EA 770 0.08 92.49 -21.34
CA LYS EA 770 -0.56 92.29 -20.04
C LYS EA 770 -1.49 91.08 -20.15
N HIS EA 771 -1.19 90.22 -21.14
CA HIS EA 771 -1.85 88.91 -21.38
C HIS EA 771 -2.70 88.87 -22.66
N LYS EA 772 -2.28 88.03 -23.61
CA LYS EA 772 -3.04 87.77 -24.84
C LYS EA 772 -4.26 86.90 -24.58
N ASP EA 773 -4.09 85.90 -23.72
CA ASP EA 773 -5.15 84.93 -23.47
C ASP EA 773 -6.23 85.48 -22.55
N VAL EA 774 -5.91 86.52 -21.80
CA VAL EA 774 -6.93 87.14 -20.96
C VAL EA 774 -7.97 87.86 -21.81
N CYS EA 775 -7.57 88.25 -23.02
CA CYS EA 775 -8.47 88.94 -23.94
C CYS EA 775 -9.42 87.98 -24.59
N ALA EA 776 -8.92 86.80 -24.97
CA ALA EA 776 -9.76 85.79 -25.60
C ALA EA 776 -10.93 85.40 -24.68
N LEU EA 777 -10.67 85.42 -23.38
CA LEU EA 777 -11.67 85.03 -22.38
C LEU EA 777 -12.86 85.99 -22.34
N ALA EA 778 -12.68 87.13 -21.71
CA ALA EA 778 -13.69 88.20 -21.74
C ALA EA 778 -13.58 88.90 -23.08
N SER EA 779 -14.08 88.25 -24.13
CA SER EA 779 -13.82 88.65 -25.52
C SER EA 779 -13.64 90.15 -25.79
N LEU EA 780 -12.39 90.60 -25.77
CA LEU EA 780 -12.03 91.97 -26.07
C LEU EA 780 -11.02 92.03 -27.20
N ASP EA 781 -11.31 92.80 -28.24
CA ASP EA 781 -10.37 92.98 -29.33
C ASP EA 781 -9.71 94.35 -29.20
N PRO EA 782 -8.50 94.39 -28.62
CA PRO EA 782 -7.65 95.57 -28.44
C PRO EA 782 -6.92 95.90 -29.74
N VAL EA 783 -6.25 94.89 -30.27
CA VAL EA 783 -5.58 94.99 -31.56
C VAL EA 783 -6.41 95.77 -32.59
N ARG EA 784 -7.71 95.46 -32.64
CA ARG EA 784 -8.60 96.00 -33.67
C ARG EA 784 -9.00 97.44 -33.40
N LEU EA 785 -8.89 97.85 -32.14
CA LEU EA 785 -9.27 99.20 -31.73
C LEU EA 785 -8.06 100.14 -31.78
N TYR EA 786 -6.95 99.70 -31.19
CA TYR EA 786 -5.71 100.46 -31.24
C TYR EA 786 -5.42 100.87 -32.66
N ALA EA 787 -5.53 99.93 -33.59
CA ALA EA 787 -5.23 100.18 -34.98
C ALA EA 787 -6.34 100.93 -35.69
N GLY EA 788 -7.57 100.73 -35.25
CA GLY EA 788 -8.70 101.42 -35.84
C GLY EA 788 -8.71 102.87 -35.42
N LEU EA 789 -7.76 103.24 -34.56
CA LEU EA 789 -7.59 104.63 -34.10
C LEU EA 789 -6.51 105.32 -34.93
N GLY EA 790 -6.11 104.69 -36.02
CA GLY EA 790 -5.12 105.28 -36.89
C GLY EA 790 -5.81 106.31 -37.74
N TYR EA 791 -7.00 105.95 -38.20
CA TYR EA 791 -7.89 106.89 -38.86
C TYR EA 791 -8.63 107.65 -37.77
N MET EA 792 -8.69 108.97 -37.90
CA MET EA 792 -9.63 109.76 -37.11
C MET EA 792 -9.20 111.23 -37.00
N PRO EA 793 -10.18 112.14 -36.81
CA PRO EA 793 -10.15 113.59 -36.65
C PRO EA 793 -9.04 114.14 -35.80
N ILE EA 794 -7.82 113.99 -36.28
CA ILE EA 794 -6.64 114.52 -35.61
C ILE EA 794 -6.34 115.93 -36.13
N ARG EA 795 -5.74 116.76 -35.29
CA ARG EA 795 -5.46 118.14 -35.62
C ARG EA 795 -3.96 118.40 -35.76
N LYS EA 796 -3.61 119.38 -36.60
CA LYS EA 796 -2.21 119.68 -36.94
C LYS EA 796 -1.21 119.47 -35.79
N ASN EA 797 -1.53 119.99 -34.61
CA ASN EA 797 -0.60 119.89 -33.49
C ASN EA 797 -0.60 118.53 -32.79
N HIS EA 798 -1.72 117.82 -32.79
CA HIS EA 798 -1.80 116.49 -32.19
C HIS EA 798 -0.99 115.44 -32.95
N VAL EA 799 -0.97 115.55 -34.27
CA VAL EA 799 -0.09 114.71 -35.09
C VAL EA 799 1.34 114.71 -34.54
N ALA EA 800 1.90 115.89 -34.30
CA ALA EA 800 3.22 115.98 -33.73
C ALA EA 800 3.42 114.93 -32.64
N ALA EA 801 2.71 115.06 -31.52
CA ALA EA 801 2.98 114.27 -30.33
C ALA EA 801 2.72 112.77 -30.52
N ILE EA 802 1.94 112.44 -31.55
CA ILE EA 802 1.56 111.06 -31.81
C ILE EA 802 2.64 110.34 -32.60
N VAL EA 803 3.19 111.00 -33.60
CA VAL EA 803 4.34 110.45 -34.32
C VAL EA 803 5.51 110.29 -33.35
N ASP EA 804 5.60 111.17 -32.36
CA ASP EA 804 6.67 111.10 -31.35
C ASP EA 804 6.48 109.96 -30.36
N TYR EA 805 5.21 109.55 -30.16
CA TYR EA 805 4.90 108.45 -29.25
C TYR EA 805 5.24 107.10 -29.89
N VAL EA 806 4.70 106.88 -31.08
CA VAL EA 806 5.26 105.85 -31.94
C VAL EA 806 6.67 106.35 -32.23
N CYS EA 807 7.46 105.56 -32.94
CA CYS EA 807 8.85 105.97 -33.18
C CYS EA 807 9.49 106.37 -31.88
N SER EA 808 9.16 105.65 -30.82
CA SER EA 808 9.64 105.98 -29.49
C SER EA 808 11.06 105.48 -29.31
N SER EA 809 11.91 106.28 -28.69
CA SER EA 809 13.25 105.82 -28.35
C SER EA 809 13.19 104.86 -27.15
N ASN EA 810 12.04 104.84 -26.49
CA ASN EA 810 11.75 103.83 -25.49
C ASN EA 810 11.26 102.56 -26.18
N VAL EA 811 10.95 102.67 -27.47
CA VAL EA 811 10.60 101.49 -28.28
C VAL EA 811 11.82 100.56 -28.31
N ALA EA 812 11.54 99.29 -28.07
CA ALA EA 812 12.49 98.29 -27.64
C ALA EA 812 11.85 97.75 -26.37
N LEU EA 813 10.96 98.55 -25.81
CA LEU EA 813 10.18 98.20 -24.63
C LEU EA 813 9.26 97.00 -24.90
N SER EA 814 8.54 97.05 -26.03
CA SER EA 814 7.52 96.04 -26.31
C SER EA 814 8.00 94.87 -27.18
N SER EA 815 7.14 93.88 -27.37
CA SER EA 815 7.53 92.62 -28.02
C SER EA 815 6.35 91.96 -28.74
N ASN EA 816 6.48 91.78 -30.06
CA ASN EA 816 5.35 91.45 -30.96
C ASN EA 816 4.01 92.20 -30.74
N GLN EA 817 4.00 93.12 -29.79
CA GLN EA 817 3.00 94.17 -29.73
C GLN EA 817 3.68 95.26 -30.52
N THR EA 818 4.83 94.91 -31.07
CA THR EA 818 5.58 95.75 -31.99
C THR EA 818 4.94 95.69 -33.36
N LYS EA 819 4.60 94.49 -33.83
CA LYS EA 819 3.89 94.42 -35.11
C LYS EA 819 2.51 95.08 -35.02
N LEU EA 820 2.19 95.57 -33.82
CA LEU EA 820 0.96 96.32 -33.59
C LEU EA 820 1.13 97.82 -33.82
N GLN EA 821 2.05 98.47 -33.12
CA GLN EA 821 2.32 99.89 -33.32
C GLN EA 821 2.70 100.14 -34.76
N LEU EA 822 3.26 99.12 -35.40
CA LEU EA 822 3.68 99.17 -36.80
C LEU EA 822 2.50 99.10 -37.76
N ALA EA 823 1.36 98.63 -37.28
CA ALA EA 823 0.19 98.57 -38.13
C ALA EA 823 -0.68 99.79 -37.88
N PHE EA 824 -0.49 100.41 -36.73
CA PHE EA 824 -1.17 101.67 -36.40
C PHE EA 824 -0.59 102.77 -37.26
N ILE EA 825 0.74 102.76 -37.40
CA ILE EA 825 1.43 103.66 -38.30
C ILE EA 825 0.95 103.53 -39.74
N GLN EA 826 0.95 102.31 -40.29
CA GLN EA 826 0.47 102.08 -41.65
C GLN EA 826 -0.92 102.68 -41.92
N HIS EA 827 -1.72 102.85 -40.87
CA HIS EA 827 -3.07 103.42 -41.01
C HIS EA 827 -3.11 104.94 -40.84
N PHE EA 828 -2.46 105.45 -39.81
CA PHE EA 828 -2.21 106.88 -39.63
C PHE EA 828 -1.78 107.51 -40.97
N LEU EA 829 -0.66 107.00 -41.49
CA LEU EA 829 -0.11 107.38 -42.79
C LEU EA 829 -1.17 107.51 -43.89
N SER EA 830 -2.13 106.60 -43.93
CA SER EA 830 -3.13 106.61 -44.99
C SER EA 830 -4.18 107.69 -44.73
N ALA EA 831 -4.25 108.16 -43.49
CA ALA EA 831 -5.26 109.15 -43.10
C ALA EA 831 -4.66 110.47 -42.65
N GLU EA 832 -3.34 110.55 -42.69
CA GLU EA 832 -2.65 111.80 -42.41
C GLU EA 832 -1.60 112.05 -43.50
N LEU EA 833 -1.72 111.32 -44.60
CA LEU EA 833 -0.86 111.53 -45.74
C LEU EA 833 -1.25 112.87 -46.32
N LEU EA 834 -0.30 113.55 -46.95
CA LEU EA 834 -0.62 114.87 -47.51
C LEU EA 834 -0.86 115.93 -46.42
N GLN EA 835 -0.80 115.52 -45.16
CA GLN EA 835 -0.99 116.41 -44.03
C GLN EA 835 0.20 116.34 -43.07
N LEU EA 836 1.11 115.43 -43.36
CA LEU EA 836 2.32 115.26 -42.57
C LEU EA 836 3.47 116.08 -43.12
N THR EA 837 4.08 116.90 -42.27
CA THR EA 837 5.24 117.69 -42.65
C THR EA 837 6.40 116.75 -42.97
N GLU EA 838 7.12 117.00 -44.05
CA GLU EA 838 8.18 116.09 -44.46
C GLU EA 838 9.09 115.72 -43.29
N GLU EA 839 9.05 116.48 -42.19
CA GLU EA 839 9.77 116.15 -40.95
C GLU EA 839 9.18 114.86 -40.35
N GLU EA 840 7.88 114.89 -40.10
CA GLU EA 840 7.14 113.73 -39.58
C GLU EA 840 7.22 112.55 -40.56
N LYS EA 841 6.91 112.81 -41.83
CA LYS EA 841 7.01 111.82 -42.90
C LYS EA 841 8.36 111.09 -42.85
N ASN EA 842 9.25 111.54 -41.97
CA ASN EA 842 10.58 110.95 -41.86
C ASN EA 842 10.77 110.26 -40.52
N LYS EA 843 10.35 110.91 -39.44
CA LYS EA 843 10.44 110.29 -38.13
C LYS EA 843 9.82 108.88 -38.21
N ILE EA 844 8.83 108.73 -39.08
CA ILE EA 844 8.13 107.47 -39.33
C ILE EA 844 9.01 106.50 -40.10
N LEU EA 845 9.38 106.91 -41.31
CA LEU EA 845 10.22 106.09 -42.16
C LEU EA 845 11.55 105.63 -41.50
N GLU EA 846 12.06 106.36 -40.52
CA GLU EA 846 13.32 105.96 -39.87
C GLU EA 846 13.06 104.99 -38.72
N PHE EA 847 11.79 104.80 -38.39
CA PHE EA 847 11.35 103.84 -37.39
C PHE EA 847 11.04 102.54 -38.09
N VAL EA 848 10.13 102.63 -39.05
CA VAL EA 848 9.83 101.51 -39.91
C VAL EA 848 11.12 100.79 -40.32
N VAL EA 849 12.10 101.54 -40.82
CA VAL EA 849 13.33 100.94 -41.30
C VAL EA 849 14.22 100.41 -40.19
N SER EA 850 14.13 100.98 -39.00
CA SER EA 850 14.91 100.48 -37.88
C SER EA 850 14.37 99.14 -37.40
N ASN EA 851 13.28 98.69 -38.03
CA ASN EA 851 12.67 97.38 -37.72
C ASN EA 851 12.98 96.23 -38.67
N LEU EA 852 13.19 96.51 -39.94
CA LEU EA 852 13.82 95.53 -40.83
C LEU EA 852 15.11 94.93 -40.26
N TYR EA 853 15.50 95.33 -39.07
CA TYR EA 853 16.81 94.92 -38.55
C TYR EA 853 16.77 94.45 -37.10
N ASN EA 854 15.61 94.43 -36.47
CA ASN EA 854 15.65 94.24 -35.02
C ASN EA 854 15.89 92.79 -34.73
N GLU EA 855 17.01 92.49 -34.10
CA GLU EA 855 17.35 91.13 -33.74
C GLU EA 855 16.18 90.57 -32.94
N GLN EA 856 16.04 89.25 -32.97
CA GLN EA 856 14.95 88.55 -32.30
C GLN EA 856 13.78 88.22 -33.23
N PHE EA 857 12.82 89.14 -33.28
CA PHE EA 857 11.58 88.90 -34.01
C PHE EA 857 11.69 88.93 -35.55
N VAL EA 858 11.66 87.76 -36.18
CA VAL EA 858 11.57 87.69 -37.64
C VAL EA 858 10.17 88.12 -38.07
N GLU EA 859 9.20 87.92 -37.21
CA GLU EA 859 7.82 88.31 -37.50
C GLU EA 859 7.75 89.75 -38.03
N VAL EA 860 8.50 90.66 -37.40
CA VAL EA 860 8.35 92.09 -37.66
C VAL EA 860 9.21 92.64 -38.79
N ARG EA 861 10.42 92.12 -38.96
CA ARG EA 861 11.22 92.52 -40.11
C ARG EA 861 10.40 92.50 -41.39
N VAL EA 862 9.43 91.60 -41.44
CA VAL EA 862 8.59 91.44 -42.63
C VAL EA 862 7.40 92.41 -42.67
N ARG EA 863 6.72 92.57 -41.53
CA ARG EA 863 5.61 93.52 -41.46
C ARG EA 863 6.14 94.94 -41.70
N ALA EA 864 7.40 95.18 -41.39
CA ALA EA 864 8.04 96.47 -41.63
C ALA EA 864 8.17 96.72 -43.12
N ALA EA 865 8.75 95.76 -43.83
CA ALA EA 865 8.94 95.89 -45.27
C ALA EA 865 7.64 96.07 -46.02
N SER EA 866 6.63 95.28 -45.67
CA SER EA 866 5.34 95.43 -46.31
C SER EA 866 4.81 96.86 -46.17
N ILE EA 867 5.20 97.51 -45.07
CA ILE EA 867 4.79 98.89 -44.80
C ILE EA 867 5.67 99.97 -45.45
N LEU EA 868 6.97 99.70 -45.52
CA LEU EA 868 7.90 100.63 -46.15
C LEU EA 868 7.49 100.95 -47.59
N SER EA 869 6.69 100.09 -48.18
CA SER EA 869 6.23 100.31 -49.55
C SER EA 869 5.12 101.35 -49.62
N ASP EA 870 4.28 101.38 -48.60
CA ASP EA 870 3.18 102.34 -48.55
C ASP EA 870 3.75 103.74 -48.59
N ILE EA 871 4.96 103.87 -48.07
CA ILE EA 871 5.69 105.12 -48.08
C ILE EA 871 6.25 105.43 -49.46
N VAL EA 872 7.10 104.53 -49.93
CA VAL EA 872 7.79 104.67 -51.20
C VAL EA 872 6.84 104.70 -52.41
N HIS EA 873 5.54 104.64 -52.19
CA HIS EA 873 4.60 104.79 -53.29
C HIS EA 873 4.38 106.29 -53.57
N ASN EA 874 4.19 107.06 -52.50
CA ASN EA 874 4.13 108.53 -52.62
C ASN EA 874 5.48 109.13 -52.27
N TRP EA 875 6.40 109.07 -53.24
CA TRP EA 875 7.81 109.30 -52.98
C TRP EA 875 8.46 109.38 -54.37
N LYS EA 876 7.71 109.88 -55.34
CA LYS EA 876 8.17 109.94 -56.72
C LYS EA 876 9.44 110.77 -56.95
N GLU EA 877 9.73 111.72 -56.07
CA GLU EA 877 10.97 112.52 -56.17
C GLU EA 877 12.16 111.58 -56.15
N GLU EA 878 13.08 111.76 -57.08
CA GLU EA 878 14.04 110.71 -57.36
C GLU EA 878 15.36 110.69 -56.58
N GLN EA 879 15.58 111.62 -55.66
CA GLN EA 879 16.82 111.58 -54.88
C GLN EA 879 16.60 111.13 -53.44
N PRO EA 880 15.37 111.30 -52.90
CA PRO EA 880 15.16 110.57 -51.64
C PRO EA 880 15.25 109.07 -51.97
N LEU EA 881 14.55 108.69 -53.03
CA LEU EA 881 14.47 107.31 -53.51
C LEU EA 881 15.85 106.73 -53.79
N LEU EA 882 16.46 107.14 -54.91
CA LEU EA 882 17.70 106.53 -55.38
C LEU EA 882 18.81 106.50 -54.32
N SER EA 883 18.60 107.20 -53.21
CA SER EA 883 19.56 107.22 -52.10
C SER EA 883 19.25 106.15 -51.06
N LEU EA 884 18.12 105.49 -51.20
CA LEU EA 884 17.80 104.30 -50.40
C LEU EA 884 18.30 103.06 -51.09
N ILE EA 885 17.67 102.77 -52.23
CA ILE EA 885 18.20 101.80 -53.15
C ILE EA 885 19.71 101.57 -52.91
N GLU EA 886 20.49 102.64 -52.86
CA GLU EA 886 21.93 102.52 -52.61
C GLU EA 886 22.27 102.04 -51.20
N ARG EA 887 21.55 102.55 -50.20
CA ARG EA 887 21.80 102.22 -48.80
C ARG EA 887 21.60 100.74 -48.53
N PHE EA 888 20.67 100.16 -49.26
CA PHE EA 888 20.30 98.76 -49.12
C PHE EA 888 21.20 97.84 -49.92
N ALA EA 889 21.30 98.11 -51.21
CA ALA EA 889 22.12 97.31 -52.11
C ALA EA 889 23.63 97.52 -51.93
N LYS EA 890 24.06 97.98 -50.75
CA LYS EA 890 25.48 98.00 -50.47
C LYS EA 890 25.81 96.80 -49.58
N GLY EA 891 24.81 96.36 -48.83
CA GLY EA 891 24.94 95.20 -47.98
C GLY EA 891 24.92 93.89 -48.73
N LEU EA 892 24.70 93.94 -50.04
CA LEU EA 892 24.65 92.74 -50.85
C LEU EA 892 25.49 92.78 -52.12
N ASP EA 893 25.38 93.89 -52.85
CA ASP EA 893 25.81 93.99 -54.25
C ASP EA 893 27.07 93.20 -54.62
N VAL EA 894 27.05 92.69 -55.85
CA VAL EA 894 28.11 91.84 -56.41
C VAL EA 894 28.22 90.52 -55.66
N ASN EA 895 29.25 89.76 -55.98
CA ASN EA 895 29.57 88.58 -55.18
C ASN EA 895 30.53 88.98 -54.07
N LYS EA 896 30.11 89.98 -53.29
CA LYS EA 896 30.85 90.39 -52.10
C LYS EA 896 31.43 89.16 -51.45
N TYR EA 897 30.63 88.10 -51.40
CA TYR EA 897 31.04 86.82 -50.82
C TYR EA 897 30.82 85.68 -51.83
N THR EA 898 31.66 84.66 -51.78
CA THR EA 898 31.53 83.54 -52.68
C THR EA 898 30.43 82.59 -52.23
N SER EA 899 29.97 81.74 -53.15
CA SER EA 899 28.79 80.89 -52.94
C SER EA 899 28.63 80.29 -51.55
N LYS EA 900 29.59 79.49 -51.12
CA LYS EA 900 29.46 78.77 -49.85
C LYS EA 900 28.95 79.70 -48.75
N GLU EA 901 29.42 80.95 -48.79
CA GLU EA 901 29.09 81.93 -47.75
C GLU EA 901 27.64 82.42 -47.78
N ARG EA 902 27.14 82.74 -48.97
CA ARG EA 902 25.76 83.21 -49.09
C ARG EA 902 24.80 82.27 -48.36
N GLN EA 903 25.03 80.97 -48.49
CA GLN EA 903 24.19 79.97 -47.84
C GLN EA 903 24.18 80.16 -46.34
N LYS EA 904 25.37 80.32 -45.77
CA LYS EA 904 25.57 80.50 -44.34
C LYS EA 904 24.92 81.80 -43.85
N LEU EA 905 25.11 82.86 -44.61
CA LEU EA 905 24.61 84.17 -44.23
C LEU EA 905 23.11 84.25 -44.30
N SER EA 906 22.57 83.81 -45.44
CA SER EA 906 21.14 83.84 -45.71
C SER EA 906 20.28 83.28 -44.57
N LYS EA 907 20.86 82.41 -43.76
CA LYS EA 907 20.09 81.76 -42.71
C LYS EA 907 20.14 82.51 -41.37
N THR EA 908 21.22 83.28 -41.14
CA THR EA 908 21.44 83.92 -39.84
C THR EA 908 21.59 85.44 -39.80
N ASP EA 909 22.26 86.04 -40.80
CA ASP EA 909 22.61 87.47 -40.70
C ASP EA 909 21.42 88.41 -40.86
N ILE EA 910 21.18 89.20 -39.81
CA ILE EA 910 20.04 90.10 -39.75
C ILE EA 910 20.25 91.38 -40.55
N LYS EA 911 21.45 91.95 -40.45
CA LYS EA 911 21.77 93.14 -41.23
C LYS EA 911 21.54 92.91 -42.74
N ILE EA 912 21.45 91.66 -43.15
CA ILE EA 912 21.27 91.34 -44.57
C ILE EA 912 19.84 90.91 -44.86
N HIS EA 913 19.16 90.41 -43.84
CA HIS EA 913 17.74 90.12 -43.95
C HIS EA 913 17.07 91.48 -44.20
N GLY EA 914 17.44 92.47 -43.40
CA GLY EA 914 16.87 93.80 -43.53
C GLY EA 914 17.12 94.38 -44.91
N ASN EA 915 18.40 94.42 -45.32
CA ASN EA 915 18.79 94.93 -46.63
C ASN EA 915 18.07 94.33 -47.82
N VAL EA 916 17.59 93.10 -47.69
CA VAL EA 916 16.90 92.44 -48.79
C VAL EA 916 15.39 92.57 -48.64
N LEU EA 917 14.93 92.64 -47.40
CA LEU EA 917 13.54 92.95 -47.14
C LEU EA 917 13.23 94.35 -47.61
N GLY EA 918 14.15 95.27 -47.30
CA GLY EA 918 14.01 96.66 -47.64
C GLY EA 918 14.03 96.90 -49.14
N LEU EA 919 15.12 96.51 -49.77
CA LEU EA 919 15.24 96.64 -51.22
C LEU EA 919 14.07 95.90 -51.91
N GLY EA 920 13.48 94.95 -51.20
CA GLY EA 920 12.36 94.23 -51.75
C GLY EA 920 11.13 95.09 -51.78
N ALA EA 921 10.90 95.82 -50.69
CA ALA EA 921 9.72 96.67 -50.55
C ALA EA 921 9.70 97.78 -51.58
N ILE EA 922 10.87 98.34 -51.86
CA ILE EA 922 10.99 99.44 -52.82
C ILE EA 922 10.46 98.99 -54.18
N ILE EA 923 10.87 97.81 -54.64
CA ILE EA 923 10.43 97.31 -55.94
C ILE EA 923 8.94 97.00 -55.94
N SER EA 924 8.40 96.59 -54.79
CA SER EA 924 7.00 96.21 -54.68
C SER EA 924 6.13 97.44 -54.41
N ALA EA 925 6.75 98.62 -54.48
CA ALA EA 925 6.06 99.88 -54.24
C ALA EA 925 5.75 100.60 -55.55
N PHE EA 926 6.33 100.08 -56.62
CA PHE EA 926 5.99 100.52 -57.97
C PHE EA 926 5.36 99.34 -58.71
N PRO EA 927 4.07 99.09 -58.46
CA PRO EA 927 3.37 97.95 -59.06
C PRO EA 927 3.16 98.10 -60.55
N TYR EA 928 2.62 99.22 -61.01
CA TYR EA 928 2.44 99.38 -62.46
C TYR EA 928 2.97 100.67 -63.05
N VAL EA 929 4.29 100.74 -63.25
CA VAL EA 929 4.88 101.84 -63.97
C VAL EA 929 4.78 101.48 -65.45
N PHE EA 930 3.77 101.99 -66.15
CA PHE EA 930 3.38 101.43 -67.45
C PHE EA 930 4.45 101.07 -68.49
N PRO EA 931 5.53 101.91 -68.60
CA PRO EA 931 6.85 101.55 -69.17
C PRO EA 931 7.89 101.49 -68.07
N LEU EA 932 8.68 100.44 -68.06
CA LEU EA 932 9.33 99.98 -66.83
C LEU EA 932 10.62 100.70 -66.58
N PRO EA 933 10.81 101.16 -65.34
CA PRO EA 933 12.03 101.90 -64.96
C PRO EA 933 13.22 100.98 -64.92
N PRO EA 934 14.31 101.33 -65.62
CA PRO EA 934 15.50 100.48 -65.71
C PRO EA 934 16.24 100.24 -64.39
N TRP EA 935 15.83 100.88 -63.31
CA TRP EA 935 16.43 100.61 -62.00
C TRP EA 935 15.82 99.36 -61.37
N ILE EA 936 14.69 98.90 -61.92
CA ILE EA 936 14.01 97.72 -61.42
C ILE EA 936 14.65 96.41 -61.90
N PRO EA 937 14.83 96.25 -63.22
CA PRO EA 937 15.61 95.10 -63.69
C PRO EA 937 16.94 95.00 -62.98
N LYS EA 938 17.74 96.05 -63.06
CA LYS EA 938 19.09 96.03 -62.52
C LYS EA 938 19.11 95.73 -61.03
N ASN EA 939 17.97 95.97 -60.35
CA ASN EA 939 17.88 95.72 -58.92
C ASN EA 939 17.09 94.48 -58.54
N LEU EA 940 16.49 93.81 -59.53
CA LEU EA 940 15.97 92.47 -59.31
C LEU EA 940 17.12 91.51 -59.55
N SER EA 941 17.94 91.84 -60.55
CA SER EA 941 19.18 91.13 -60.79
C SER EA 941 20.04 91.02 -59.52
N ASN EA 942 20.16 92.10 -58.77
CA ASN EA 942 20.91 92.07 -57.51
C ASN EA 942 20.18 91.25 -56.46
N LEU EA 943 18.90 90.96 -56.73
CA LEU EA 943 18.03 90.26 -55.78
C LEU EA 943 17.87 88.81 -56.15
N SER EA 944 18.24 88.46 -57.38
CA SER EA 944 18.05 87.11 -57.89
C SER EA 944 19.16 86.16 -57.44
N SER EA 945 20.39 86.65 -57.36
CA SER EA 945 21.51 85.85 -56.88
C SER EA 945 21.29 85.47 -55.41
N TRP EA 946 20.24 86.01 -54.81
CA TRP EA 946 19.95 85.83 -53.40
C TRP EA 946 18.68 85.00 -53.15
N ALA EA 947 17.81 84.94 -54.15
CA ALA EA 947 16.56 84.18 -54.04
C ALA EA 947 16.84 82.79 -54.55
N ARG EA 948 18.06 82.35 -54.28
CA ARG EA 948 18.64 81.17 -54.87
C ARG EA 948 19.40 80.54 -53.71
N THR EA 949 18.83 80.62 -52.49
CA THR EA 949 19.56 80.29 -51.26
C THR EA 949 18.78 79.66 -50.10
N SER EA 950 17.50 79.36 -50.30
CA SER EA 950 16.74 78.56 -49.33
C SER EA 950 16.44 79.21 -47.98
N GLY EA 951 17.45 79.85 -47.37
CA GLY EA 951 17.33 80.38 -46.03
C GLY EA 951 16.21 81.36 -45.74
N MET EA 952 16.42 82.19 -44.72
CA MET EA 952 15.41 83.14 -44.23
C MET EA 952 15.32 84.43 -45.05
N THR EA 953 16.46 84.95 -45.49
CA THR EA 953 16.42 86.15 -46.32
C THR EA 953 16.18 85.75 -47.77
N GLY EA 954 16.90 84.73 -48.23
CA GLY EA 954 16.73 84.24 -49.58
C GLY EA 954 15.29 83.83 -49.82
N ASN EA 955 14.52 83.69 -48.76
CA ASN EA 955 13.10 83.37 -48.88
C ASN EA 955 12.29 84.63 -49.14
N ALA EA 956 12.45 85.64 -48.29
CA ALA EA 956 11.72 86.90 -48.42
C ALA EA 956 12.27 87.77 -49.57
N ALA EA 957 13.16 87.17 -50.36
CA ALA EA 957 13.67 87.68 -51.63
C ALA EA 957 13.07 86.93 -52.80
N LYS EA 958 12.49 85.77 -52.51
CA LYS EA 958 11.73 85.04 -53.49
C LYS EA 958 10.33 85.67 -53.47
N ASN EA 959 9.80 85.94 -52.28
CA ASN EA 959 8.55 86.68 -52.14
C ASN EA 959 8.55 87.84 -53.11
N THR EA 960 9.58 88.67 -52.99
CA THR EA 960 9.70 89.93 -53.71
C THR EA 960 9.74 89.79 -55.25
N ILE EA 961 10.31 88.69 -55.74
CA ILE EA 961 10.34 88.41 -57.18
C ILE EA 961 9.07 87.73 -57.74
N SER EA 962 8.33 87.03 -56.89
CA SER EA 962 7.10 86.39 -57.36
C SER EA 962 5.99 87.41 -57.26
N GLU EA 963 5.86 88.05 -56.08
CA GLU EA 963 4.98 89.20 -55.90
C GLU EA 963 5.03 90.03 -57.16
N PHE EA 964 6.24 90.30 -57.63
CA PHE EA 964 6.46 91.18 -58.79
C PHE EA 964 6.04 90.56 -60.12
N LYS EA 965 6.60 89.39 -60.45
CA LYS EA 965 6.37 88.71 -61.73
C LYS EA 965 4.88 88.50 -61.99
N LYS EA 966 4.12 88.55 -60.89
CA LYS EA 966 2.67 88.36 -60.86
C LYS EA 966 1.88 89.60 -61.27
N VAL EA 967 2.18 90.73 -60.62
CA VAL EA 967 1.45 91.95 -60.87
C VAL EA 967 1.79 92.55 -62.23
N ARG EA 968 3.00 92.28 -62.69
CA ARG EA 968 3.48 92.62 -64.01
C ARG EA 968 2.88 91.71 -65.07
N ALA EA 969 1.99 90.82 -64.66
CA ALA EA 969 1.54 89.75 -65.55
C ALA EA 969 0.99 90.22 -66.90
N ASP EA 970 0.07 91.17 -66.91
CA ASP EA 970 -0.60 91.54 -68.16
C ASP EA 970 0.20 92.52 -69.01
N THR EA 971 1.10 93.23 -68.36
CA THR EA 971 2.00 94.15 -69.03
C THR EA 971 3.29 93.41 -69.41
N TRP EA 972 3.26 92.08 -69.31
CA TRP EA 972 4.49 91.31 -69.49
C TRP EA 972 4.80 91.03 -70.95
N LYS EA 973 3.78 90.87 -71.79
CA LYS EA 973 4.05 90.71 -73.21
C LYS EA 973 5.22 91.68 -73.54
N PHE EA 974 5.26 92.82 -72.82
CA PHE EA 974 6.13 93.97 -73.13
C PHE EA 974 7.33 94.16 -72.19
N ASP EA 975 7.09 94.04 -70.89
CA ASP EA 975 8.17 94.18 -69.93
C ASP EA 975 9.35 93.26 -70.23
N ARG EA 976 9.10 92.19 -70.98
CA ARG EA 976 10.15 91.23 -71.29
C ARG EA 976 11.34 91.94 -71.94
N ALA EA 977 11.06 92.97 -72.72
CA ALA EA 977 12.09 93.62 -73.56
C ALA EA 977 13.08 94.52 -72.79
N SER EA 978 12.71 94.96 -71.60
CA SER EA 978 13.62 95.76 -70.79
C SER EA 978 14.46 94.87 -69.89
N PHE EA 979 14.42 93.57 -70.17
CA PHE EA 979 15.28 92.60 -69.51
C PHE EA 979 16.25 92.00 -70.53
N ASN EA 980 17.15 92.82 -71.06
CA ASN EA 980 18.23 92.30 -71.88
C ASN EA 980 18.83 91.17 -71.08
N THR EA 981 19.42 91.57 -69.95
CA THR EA 981 19.96 90.62 -68.99
C THR EA 981 19.27 89.29 -69.19
N GLU EA 982 20.03 88.28 -69.62
CA GLU EA 982 19.50 86.93 -69.59
C GLU EA 982 19.28 86.55 -68.15
N GLU EA 983 19.10 87.58 -67.33
CA GLU EA 983 18.66 87.44 -65.96
C GLU EA 983 17.15 87.47 -66.00
N LEU EA 984 16.62 87.15 -67.18
CA LEU EA 984 15.24 86.76 -67.32
C LEU EA 984 15.19 85.34 -66.79
N GLU EA 985 16.09 84.51 -67.30
CA GLU EA 985 16.31 83.17 -66.74
C GLU EA 985 16.43 83.25 -65.23
N ASP EA 986 17.20 84.21 -64.75
CA ASP EA 986 17.52 84.33 -63.33
C ASP EA 986 16.30 84.48 -62.45
N LEU EA 987 15.13 84.67 -63.06
CA LEU EA 987 13.87 84.85 -62.35
C LEU EA 987 12.91 83.66 -62.43
N GLU EA 988 13.40 82.49 -62.85
CA GLU EA 988 12.49 81.36 -63.08
C GLU EA 988 12.22 80.50 -61.84
N GLY EA 989 13.22 80.27 -60.99
CA GLY EA 989 13.03 79.55 -59.74
C GLY EA 989 12.01 80.24 -58.85
N VAL EA 990 12.48 81.13 -57.98
CA VAL EA 990 11.64 82.15 -57.34
C VAL EA 990 10.48 81.62 -56.52
N LEU EA 991 9.39 81.27 -57.17
CA LEU EA 991 8.26 80.72 -56.44
C LEU EA 991 8.41 79.24 -56.24
N TRP EA 992 8.61 78.83 -55.00
CA TRP EA 992 8.45 77.42 -54.75
C TRP EA 992 7.67 77.11 -53.50
N ARG EA 993 6.63 76.29 -53.73
CA ARG EA 993 5.80 75.69 -52.71
C ARG EA 993 6.01 74.21 -52.84
N SER EA 994 5.36 73.46 -51.96
CA SER EA 994 5.55 72.01 -51.87
C SER EA 994 5.00 71.25 -53.06
N TYR EA 995 4.05 71.85 -53.77
CA TYR EA 995 3.42 71.16 -54.89
C TYR EA 995 4.18 71.26 -56.21
N TYR EA 996 5.28 72.04 -56.23
CA TYR EA 996 6.12 72.11 -57.43
C TYR EA 996 7.39 71.28 -57.29
N ALA EA 997 7.82 70.68 -58.40
CA ALA EA 997 9.12 70.02 -58.44
C ALA EA 997 9.78 70.17 -59.81
N THR FA 1 -9.87 -127.14 -52.28
CA THR FA 1 -10.05 -128.51 -52.78
C THR FA 1 -11.49 -128.73 -53.24
N SER FA 2 -12.18 -129.57 -52.49
CA SER FA 2 -13.61 -129.72 -52.65
C SER FA 2 -14.22 -129.20 -51.37
N LEU FA 3 -13.40 -128.51 -50.58
CA LEU FA 3 -13.89 -127.82 -49.41
C LEU FA 3 -14.93 -126.81 -49.89
N LEU FA 4 -14.77 -126.38 -51.13
CA LEU FA 4 -15.70 -125.46 -51.77
C LEU FA 4 -17.07 -126.10 -51.91
N ASN FA 5 -17.08 -127.34 -52.39
CA ASN FA 5 -18.31 -128.04 -52.75
C ASN FA 5 -19.23 -128.38 -51.58
N GLU FA 6 -18.68 -128.42 -50.36
CA GLU FA 6 -19.49 -128.74 -49.19
C GLU FA 6 -20.05 -127.49 -48.52
N ARG FA 7 -19.46 -126.33 -48.85
CA ARG FA 7 -19.99 -125.05 -48.43
C ARG FA 7 -21.19 -124.67 -49.28
N LEU FA 8 -21.10 -124.94 -50.59
CA LEU FA 8 -22.23 -124.78 -51.49
C LEU FA 8 -23.43 -125.63 -51.10
N GLN FA 9 -23.18 -126.83 -50.58
CA GLN FA 9 -24.25 -127.70 -50.13
C GLN FA 9 -25.03 -127.14 -48.95
N HIS FA 10 -24.36 -126.37 -48.10
CA HIS FA 10 -24.98 -125.81 -46.90
C HIS FA 10 -25.68 -124.52 -47.27
N TYR FA 11 -25.14 -123.84 -48.28
CA TYR FA 11 -25.73 -122.59 -48.74
C TYR FA 11 -26.74 -122.86 -49.85
N THR FA 12 -27.10 -124.11 -50.02
CA THR FA 12 -28.11 -124.47 -51.01
C THR FA 12 -27.74 -123.91 -52.38
N LEU FA 13 -26.45 -123.91 -52.69
CA LEU FA 13 -25.93 -123.36 -53.95
C LEU FA 13 -25.30 -124.39 -54.90
N ASP FA 14 -25.47 -125.68 -54.59
CA ASP FA 14 -25.01 -126.75 -55.49
C ASP FA 14 -25.96 -126.92 -56.66
N TYR FA 15 -25.72 -126.15 -57.72
CA TYR FA 15 -26.69 -126.05 -58.81
C TYR FA 15 -26.50 -127.15 -59.82
N VAL FA 16 -27.59 -127.53 -60.49
CA VAL FA 16 -27.54 -128.48 -61.58
C VAL FA 16 -26.65 -127.96 -62.70
N SER FA 17 -25.54 -128.63 -62.95
CA SER FA 17 -24.53 -128.17 -63.89
C SER FA 17 -25.06 -127.74 -65.26
N ASP FA 18 -26.24 -128.21 -65.64
CA ASP FA 18 -26.79 -127.87 -66.96
C ASP FA 18 -27.76 -126.70 -66.88
N ARG FA 19 -27.54 -125.67 -67.69
CA ARG FA 19 -28.39 -124.47 -67.63
C ARG FA 19 -29.84 -124.82 -67.93
N ALA FA 20 -30.06 -125.58 -68.99
CA ALA FA 20 -31.41 -126.01 -69.36
C ALA FA 20 -32.30 -126.29 -68.14
N GLN FA 21 -31.90 -127.22 -67.30
CA GLN FA 21 -32.73 -127.65 -66.17
C GLN FA 21 -32.55 -126.77 -64.94
N HIS FA 22 -31.49 -125.98 -64.92
CA HIS FA 22 -31.30 -125.05 -63.83
C HIS FA 22 -32.30 -123.89 -63.96
N MET FA 23 -32.46 -123.38 -65.17
CA MET FA 23 -33.37 -122.27 -65.42
C MET FA 23 -34.82 -122.73 -65.38
N LYS FA 24 -35.03 -124.04 -65.32
CA LYS FA 24 -36.36 -124.59 -65.09
C LYS FA 24 -36.53 -124.74 -63.60
N ASN FA 25 -35.47 -125.26 -62.97
CA ASN FA 25 -35.42 -125.50 -61.53
C ASN FA 25 -35.66 -124.23 -60.73
N ILE FA 26 -35.00 -123.15 -61.15
CA ILE FA 26 -34.95 -121.91 -60.38
C ILE FA 26 -36.36 -121.34 -60.16
N TYR FA 27 -37.28 -121.68 -61.05
CA TYR FA 27 -38.67 -121.22 -60.95
C TYR FA 27 -39.67 -122.32 -60.51
N ASP FA 28 -39.16 -123.47 -60.04
CA ASP FA 28 -40.00 -124.59 -59.60
C ASP FA 28 -40.08 -124.72 -58.08
N PRO FA 29 -41.25 -124.40 -57.50
CA PRO FA 29 -41.47 -124.32 -56.04
C PRO FA 29 -41.10 -125.60 -55.29
N SER FA 30 -41.35 -126.74 -55.90
CA SER FA 30 -41.07 -128.02 -55.27
C SER FA 30 -39.64 -128.47 -55.54
N SER FA 31 -38.83 -127.57 -56.09
CA SER FA 31 -37.43 -127.88 -56.36
C SER FA 31 -36.58 -127.48 -55.17
N ARG FA 32 -35.34 -127.96 -55.14
CA ARG FA 32 -34.44 -127.67 -54.03
C ARG FA 32 -33.89 -126.26 -54.15
N TRP FA 33 -33.82 -125.77 -55.38
CA TRP FA 33 -33.23 -124.47 -55.71
C TRP FA 33 -34.26 -123.46 -56.21
N PHE FA 34 -35.43 -123.47 -55.58
CA PHE FA 34 -36.44 -122.46 -55.82
C PHE FA 34 -35.83 -121.10 -55.57
N SER FA 35 -35.98 -120.17 -56.51
CA SER FA 35 -35.38 -118.85 -56.33
C SER FA 35 -36.34 -117.68 -56.57
N ARG FA 36 -37.19 -117.80 -57.59
CA ARG FA 36 -38.21 -116.82 -57.93
C ARG FA 36 -39.50 -117.52 -58.28
N SER FA 37 -40.62 -116.86 -58.06
CA SER FA 37 -41.91 -117.42 -58.46
C SER FA 37 -42.36 -116.98 -59.86
N VAL FA 38 -41.80 -115.89 -60.36
CA VAL FA 38 -42.20 -115.36 -61.66
C VAL FA 38 -41.05 -115.16 -62.64
N ARG FA 39 -41.26 -115.63 -63.86
CA ARG FA 39 -40.29 -115.48 -64.92
C ARG FA 39 -40.36 -114.05 -65.45
N PRO FA 40 -39.22 -113.35 -65.49
CA PRO FA 40 -39.18 -111.98 -66.01
C PRO FA 40 -39.70 -111.96 -67.43
N GLU FA 41 -40.63 -111.07 -67.74
CA GLU FA 41 -41.17 -110.98 -69.10
C GLU FA 41 -40.10 -110.43 -70.06
N PHE FA 42 -39.17 -109.69 -69.47
CA PHE FA 42 -38.07 -109.11 -70.21
C PHE FA 42 -36.78 -109.50 -69.51
N PRO FA 43 -36.20 -110.63 -69.92
CA PRO FA 43 -35.00 -111.19 -69.27
C PRO FA 43 -33.77 -110.51 -69.83
N ILE FA 44 -33.38 -109.38 -69.25
CA ILE FA 44 -32.43 -108.48 -69.93
C ILE FA 44 -31.09 -109.11 -70.32
N GLU FA 45 -30.49 -109.89 -69.42
CA GLU FA 45 -29.17 -110.46 -69.67
C GLU FA 45 -29.05 -111.34 -70.94
N GLU FA 46 -30.17 -111.85 -71.47
CA GLU FA 46 -30.12 -112.71 -72.66
C GLU FA 46 -29.97 -111.88 -73.92
N PHE FA 47 -30.40 -110.62 -73.84
CA PHE FA 47 -30.33 -109.70 -74.96
C PHE FA 47 -28.95 -109.10 -75.15
N LEU FA 48 -28.09 -109.25 -74.15
CA LEU FA 48 -26.66 -109.02 -74.32
C LEU FA 48 -26.07 -109.87 -75.46
N PRO FA 49 -25.19 -109.26 -76.29
CA PRO FA 49 -24.59 -109.81 -77.51
C PRO FA 49 -23.41 -110.71 -77.21
N TYR FA 50 -23.24 -111.07 -75.95
CA TYR FA 50 -22.20 -112.00 -75.56
C TYR FA 50 -22.73 -112.96 -74.51
N LYS FA 51 -21.90 -113.91 -74.11
CA LYS FA 51 -22.30 -114.82 -73.06
C LYS FA 51 -22.01 -114.19 -71.70
N THR FA 52 -23.04 -114.18 -70.86
CA THR FA 52 -22.92 -113.86 -69.45
C THR FA 52 -22.09 -114.96 -68.76
N GLU FA 53 -21.70 -114.72 -67.51
CA GLU FA 53 -20.95 -115.73 -66.77
C GLU FA 53 -21.82 -116.96 -66.51
N SER FA 54 -21.17 -118.08 -66.19
CA SER FA 54 -21.89 -119.32 -65.88
C SER FA 54 -22.75 -119.12 -64.63
N HIS FA 55 -23.97 -119.66 -64.66
CA HIS FA 55 -24.81 -119.64 -63.47
C HIS FA 55 -24.09 -120.39 -62.34
N GLU FA 56 -23.17 -121.28 -62.71
CA GLU FA 56 -22.31 -121.95 -61.73
C GLU FA 56 -21.34 -120.92 -61.16
N ASP FA 57 -20.76 -120.12 -62.05
CA ASP FA 57 -19.78 -119.10 -61.66
C ASP FA 57 -20.40 -118.09 -60.71
N GLN FA 58 -21.66 -117.75 -60.96
CA GLN FA 58 -22.39 -116.84 -60.08
C GLN FA 58 -22.37 -117.42 -58.68
N ALA FA 59 -22.59 -118.72 -58.58
CA ALA FA 59 -22.63 -119.41 -57.30
C ALA FA 59 -21.26 -119.45 -56.61
N LYS FA 60 -20.21 -119.75 -57.38
CA LYS FA 60 -18.86 -119.80 -56.83
C LYS FA 60 -18.51 -118.49 -56.13
N TYR FA 61 -19.03 -117.36 -56.65
CA TYR FA 61 -18.72 -116.03 -56.09
C TYR FA 61 -19.58 -115.67 -54.88
N LEU FA 62 -20.89 -115.77 -55.05
CA LEU FA 62 -21.85 -115.50 -53.99
C LEU FA 62 -21.48 -116.29 -52.74
N CYS FA 63 -20.70 -117.33 -52.94
CA CYS FA 63 -20.22 -118.12 -51.82
C CYS FA 63 -19.06 -117.42 -51.12
N HIS FA 64 -18.05 -116.99 -51.88
CA HIS FA 64 -16.93 -116.30 -51.26
C HIS FA 64 -17.41 -115.07 -50.53
N VAL FA 65 -18.53 -114.53 -51.00
CA VAL FA 65 -19.13 -113.39 -50.33
C VAL FA 65 -19.80 -113.81 -49.02
N LEU FA 66 -20.67 -114.81 -49.10
CA LEU FA 66 -21.37 -115.28 -47.91
C LEU FA 66 -20.38 -115.73 -46.82
N VAL FA 67 -19.33 -116.43 -47.21
CA VAL FA 67 -18.40 -116.95 -46.22
C VAL FA 67 -17.66 -115.82 -45.53
N ASN FA 68 -17.17 -114.88 -46.32
CA ASN FA 68 -16.42 -113.75 -45.77
C ASN FA 68 -17.32 -112.78 -45.02
N LEU FA 69 -18.58 -112.70 -45.43
CA LEU FA 69 -19.54 -111.90 -44.71
C LEU FA 69 -19.79 -112.52 -43.36
N TYR FA 70 -19.76 -113.86 -43.31
CA TYR FA 70 -19.98 -114.57 -42.05
C TYR FA 70 -18.87 -114.26 -41.08
N ILE FA 71 -17.65 -114.34 -41.56
CA ILE FA 71 -16.50 -114.01 -40.74
C ILE FA 71 -16.59 -112.59 -40.25
N ALA FA 72 -16.86 -111.68 -41.18
CA ALA FA 72 -16.94 -110.27 -40.89
C ALA FA 72 -17.95 -109.96 -39.79
N ILE FA 73 -19.16 -110.51 -39.88
CA ILE FA 73 -20.20 -110.21 -38.90
C ILE FA 73 -19.97 -110.84 -37.55
N SER FA 74 -19.19 -111.91 -37.49
CA SER FA 74 -19.01 -112.66 -36.23
C SER FA 74 -17.76 -112.27 -35.49
N SER FA 75 -16.97 -111.38 -36.09
CA SER FA 75 -15.76 -110.87 -35.44
C SER FA 75 -15.95 -109.47 -34.83
N LEU FA 76 -16.73 -108.60 -35.48
CA LEU FA 76 -17.32 -107.41 -34.82
C LEU FA 76 -16.63 -106.00 -35.04
N ASN GA 1 -13.61 -107.20 -42.85
CA ASN GA 1 -14.52 -106.01 -42.75
C ASN GA 1 -16.01 -106.13 -43.21
N VAL GA 2 -16.95 -105.82 -42.32
CA VAL GA 2 -18.38 -106.05 -42.61
C VAL GA 2 -18.97 -105.23 -43.75
N ASN GA 3 -18.85 -103.91 -43.64
CA ASN GA 3 -19.57 -103.01 -44.54
C ASN GA 3 -19.26 -103.28 -46.00
N HIS GA 4 -18.05 -103.76 -46.29
CA HIS GA 4 -17.67 -103.99 -47.68
C HIS GA 4 -18.47 -105.09 -48.31
N TRP GA 5 -18.46 -106.25 -47.66
CA TRP GA 5 -19.15 -107.43 -48.16
C TRP GA 5 -20.64 -107.19 -48.27
N THR GA 6 -21.21 -106.57 -47.24
CA THR GA 6 -22.61 -106.22 -47.24
C THR GA 6 -22.98 -105.50 -48.51
N ASN GA 7 -21.98 -104.91 -49.17
CA ASN GA 7 -22.17 -104.26 -50.45
C ASN GA 7 -22.00 -105.23 -51.64
N GLU GA 8 -20.90 -105.98 -51.68
CA GLU GA 8 -20.69 -106.90 -52.78
C GLU GA 8 -21.88 -107.88 -52.84
N LEU GA 9 -22.55 -108.06 -51.71
CA LEU GA 9 -23.78 -108.83 -51.68
C LEU GA 9 -24.87 -108.10 -52.44
N LYS GA 10 -25.14 -106.85 -52.06
CA LYS GA 10 -26.08 -105.98 -52.78
C LYS GA 10 -25.87 -106.19 -54.27
N ASN GA 11 -24.60 -106.22 -54.68
CA ASN GA 11 -24.25 -106.39 -56.09
C ASN GA 11 -24.66 -107.74 -56.66
N CYS GA 12 -24.86 -108.71 -55.78
CA CYS GA 12 -25.17 -110.07 -56.19
C CYS GA 12 -26.66 -110.36 -56.41
N LEU GA 13 -27.51 -109.52 -55.85
CA LEU GA 13 -28.93 -109.71 -56.04
C LEU GA 13 -29.31 -109.57 -57.52
N HIS GA 14 -28.41 -109.05 -58.34
CA HIS GA 14 -28.71 -108.79 -59.76
C HIS GA 14 -28.95 -110.06 -60.58
N PHE GA 15 -28.32 -111.16 -60.15
CA PHE GA 15 -28.71 -112.51 -60.56
C PHE GA 15 -29.47 -113.16 -59.42
N ASP GA 16 -29.73 -114.46 -59.53
CA ASP GA 16 -30.69 -115.10 -58.64
C ASP GA 16 -30.09 -116.00 -57.59
N PHE GA 17 -30.92 -116.39 -56.62
CA PHE GA 17 -30.53 -117.41 -55.66
C PHE GA 17 -31.71 -117.91 -54.80
N PRO GA 18 -31.58 -119.16 -54.31
CA PRO GA 18 -32.57 -119.96 -53.58
C PRO GA 18 -33.23 -119.28 -52.40
N VAL GA 19 -34.55 -119.36 -52.37
CA VAL GA 19 -35.36 -118.85 -51.27
C VAL GA 19 -34.94 -119.44 -49.93
N ALA GA 20 -34.24 -120.57 -49.95
CA ALA GA 20 -33.82 -121.20 -48.71
C ALA GA 20 -32.61 -120.47 -48.16
N LEU GA 21 -31.97 -119.70 -49.02
CA LEU GA 21 -30.78 -118.92 -48.67
C LEU GA 21 -31.19 -117.51 -48.27
N ARG GA 22 -32.28 -117.02 -48.86
CA ARG GA 22 -32.90 -115.78 -48.39
C ARG GA 22 -33.34 -115.94 -46.96
N LYS GA 23 -33.98 -117.06 -46.64
CA LYS GA 23 -34.36 -117.36 -45.26
C LYS GA 23 -33.15 -117.05 -44.39
N SER GA 24 -31.98 -117.54 -44.82
CA SER GA 24 -30.75 -117.32 -44.10
C SER GA 24 -30.34 -115.84 -44.11
N LEU GA 25 -30.13 -115.27 -45.29
CA LEU GA 25 -29.66 -113.88 -45.44
C LEU GA 25 -30.52 -112.88 -44.69
N ALA GA 26 -31.83 -112.96 -44.88
CA ALA GA 26 -32.75 -112.08 -44.19
C ALA GA 26 -32.54 -112.12 -42.69
N THR GA 27 -32.46 -113.32 -42.15
CA THR GA 27 -32.26 -113.51 -40.72
C THR GA 27 -30.98 -112.81 -40.22
N VAL GA 28 -29.95 -112.82 -41.06
CA VAL GA 28 -28.70 -112.17 -40.71
C VAL GA 28 -28.93 -110.67 -40.58
N TYR GA 29 -29.56 -110.08 -41.59
CA TYR GA 29 -29.76 -108.64 -41.63
C TYR GA 29 -30.88 -108.10 -40.74
N TYR GA 30 -31.79 -108.96 -40.31
CA TYR GA 30 -32.79 -108.50 -39.37
C TYR GA 30 -32.13 -108.25 -38.02
N TYR GA 31 -31.33 -109.21 -37.59
CA TYR GA 31 -30.69 -109.14 -36.29
C TYR GA 31 -29.46 -108.24 -36.33
N LEU GA 32 -28.90 -108.07 -37.52
CA LEU GA 32 -27.72 -107.22 -37.69
C LEU GA 32 -28.11 -105.76 -37.52
N SER GA 33 -29.17 -105.35 -38.21
CA SER GA 33 -29.65 -103.99 -38.12
C SER GA 33 -29.82 -103.53 -36.67
N LEU GA 34 -30.15 -104.45 -35.78
CA LEU GA 34 -30.52 -104.09 -34.41
C LEU GA 34 -29.36 -104.18 -33.41
N VAL GA 35 -28.14 -104.05 -33.92
CA VAL GA 35 -26.96 -104.06 -33.07
C VAL GA 35 -26.99 -102.85 -32.17
N GLN GA 36 -26.19 -102.85 -31.11
CA GLN GA 36 -25.95 -101.67 -30.29
C GLN GA 36 -24.54 -101.75 -29.72
N GLY GA 37 -23.86 -100.63 -29.54
CA GLY GA 37 -22.54 -100.65 -28.94
C GLY GA 37 -21.39 -100.17 -29.83
N GLN GA 38 -21.63 -100.04 -31.13
CA GLN GA 38 -20.62 -99.47 -32.01
C GLN GA 38 -21.18 -98.62 -33.17
N LYS GA 39 -20.26 -97.99 -33.87
CA LYS GA 39 -20.52 -97.33 -35.14
C LYS GA 39 -21.12 -98.33 -36.11
N VAL GA 40 -22.35 -98.08 -36.53
CA VAL GA 40 -23.02 -98.96 -37.50
C VAL GA 40 -23.70 -98.22 -38.64
N TYR GA 41 -23.45 -98.65 -39.87
CA TYR GA 41 -24.10 -98.06 -41.03
C TYR GA 41 -25.46 -98.74 -41.25
N ARG GA 42 -26.36 -98.54 -40.28
CA ARG GA 42 -27.72 -99.08 -40.29
C ARG GA 42 -28.52 -98.89 -41.58
N GLN GA 43 -28.58 -97.67 -42.09
CA GLN GA 43 -29.35 -97.41 -43.31
C GLN GA 43 -29.11 -98.50 -44.35
N MET GA 44 -27.91 -99.08 -44.31
CA MET GA 44 -27.49 -100.07 -45.30
C MET GA 44 -28.12 -101.41 -44.99
N HIS GA 45 -28.08 -101.76 -43.71
CA HIS GA 45 -28.56 -103.05 -43.24
C HIS GA 45 -30.08 -103.16 -43.24
N VAL GA 46 -30.76 -102.08 -42.89
CA VAL GA 46 -32.20 -102.07 -42.99
C VAL GA 46 -32.63 -102.12 -44.44
N ASP GA 47 -31.77 -101.61 -45.31
CA ASP GA 47 -32.00 -101.65 -46.76
C ASP GA 47 -31.70 -103.01 -47.38
N MET GA 48 -30.72 -103.74 -46.84
CA MET GA 48 -30.52 -105.11 -47.30
C MET GA 48 -31.77 -105.88 -47.00
N PHE GA 49 -32.20 -105.80 -45.75
CA PHE GA 49 -33.39 -106.49 -45.32
C PHE GA 49 -34.56 -106.14 -46.22
N GLU GA 50 -34.78 -104.85 -46.40
CA GLU GA 50 -35.93 -104.40 -47.18
C GLU GA 50 -35.88 -104.85 -48.64
N ARG GA 51 -34.68 -105.11 -49.17
CA ARG GA 51 -34.56 -105.54 -50.56
C ARG GA 51 -34.63 -107.06 -50.65
N LEU GA 52 -34.29 -107.72 -49.55
CA LEU GA 52 -34.33 -109.18 -49.45
C LEU GA 52 -35.75 -109.67 -49.22
N VAL GA 53 -36.58 -108.77 -48.74
CA VAL GA 53 -37.96 -109.08 -48.40
C VAL GA 53 -38.90 -108.35 -49.39
N SER GA 54 -38.31 -107.74 -50.42
CA SER GA 54 -39.03 -106.95 -51.42
C SER GA 54 -40.36 -107.61 -51.74
N LEU GA 55 -41.41 -106.82 -51.91
CA LEU GA 55 -42.72 -107.38 -52.18
C LEU GA 55 -43.07 -107.27 -53.67
N ASP GA 56 -42.12 -106.79 -54.46
CA ASP GA 56 -42.29 -106.68 -55.92
C ASP GA 56 -40.93 -106.65 -56.64
N ASP GA 57 -40.12 -107.68 -56.43
CA ASP GA 57 -38.87 -107.89 -57.15
C ASP GA 57 -39.20 -108.52 -58.51
N ASP GA 58 -39.66 -107.71 -59.45
CA ASP GA 58 -40.17 -108.18 -60.73
C ASP GA 58 -41.35 -109.14 -60.55
N ARG GA 59 -42.46 -108.60 -60.07
CA ARG GA 59 -43.71 -109.33 -59.91
C ARG GA 59 -43.63 -110.47 -58.88
N THR GA 60 -42.42 -110.89 -58.55
CA THR GA 60 -42.22 -111.93 -57.54
C THR GA 60 -42.32 -111.28 -56.17
N GLN GA 61 -42.96 -111.93 -55.21
CA GLN GA 61 -42.99 -111.36 -53.86
C GLN GA 61 -42.27 -112.21 -52.84
N PHE GA 62 -41.20 -111.68 -52.30
CA PHE GA 62 -40.33 -112.46 -51.45
C PHE GA 62 -40.74 -112.51 -49.99
N THR GA 63 -41.77 -111.77 -49.63
CA THR GA 63 -42.24 -111.86 -48.25
C THR GA 63 -43.16 -113.06 -48.14
N GLU GA 64 -43.96 -113.28 -49.18
CA GLU GA 64 -44.78 -114.47 -49.25
C GLU GA 64 -43.90 -115.71 -49.21
N LEU GA 65 -42.93 -115.76 -50.12
CA LEU GA 65 -42.07 -116.94 -50.27
C LEU GA 65 -41.20 -117.19 -49.04
N LEU GA 66 -40.95 -116.14 -48.26
CA LEU GA 66 -40.18 -116.29 -47.04
C LEU GA 66 -41.07 -116.72 -45.88
N GLN GA 67 -42.31 -116.28 -45.88
CA GLN GA 67 -43.28 -116.78 -44.91
C GLN GA 67 -43.43 -118.28 -45.15
N LYS GA 68 -43.77 -118.65 -46.37
CA LYS GA 68 -43.92 -120.05 -46.74
C LYS GA 68 -42.64 -120.88 -46.51
N GLN GA 69 -41.47 -120.24 -46.54
CA GLN GA 69 -40.21 -120.97 -46.38
C GLN GA 69 -39.67 -120.95 -44.96
N GLY GA 70 -40.53 -120.65 -43.98
CA GLY GA 70 -40.21 -120.88 -42.58
C GLY GA 70 -39.32 -119.86 -41.91
N LEU GA 71 -39.57 -118.59 -42.20
CA LEU GA 71 -38.82 -117.54 -41.57
C LEU GA 71 -39.60 -117.02 -40.39
N LEU GA 72 -38.91 -116.90 -39.26
CA LEU GA 72 -39.51 -116.35 -38.06
C LEU GA 72 -38.51 -115.50 -37.28
N LEU GA 73 -38.93 -114.30 -36.92
CA LEU GA 73 -38.04 -113.37 -36.28
C LEU GA 73 -38.57 -112.92 -34.93
N ASP GA 74 -37.64 -112.66 -34.01
CA ASP GA 74 -37.93 -112.27 -32.63
C ASP GA 74 -38.52 -110.86 -32.58
N HIS GA 75 -39.69 -110.71 -31.97
CA HIS GA 75 -40.26 -109.37 -31.86
C HIS GA 75 -39.77 -108.64 -30.61
N GLN GA 76 -39.39 -109.39 -29.58
CA GLN GA 76 -38.94 -108.75 -28.36
C GLN GA 76 -37.72 -107.87 -28.57
N ILE GA 77 -36.84 -108.27 -29.49
CA ILE GA 77 -35.64 -107.48 -29.73
C ILE GA 77 -36.01 -106.13 -30.33
N MET GA 78 -36.95 -106.16 -31.28
CA MET GA 78 -37.34 -104.94 -31.99
C MET GA 78 -38.11 -104.01 -31.06
N LEU GA 79 -39.13 -104.53 -30.41
CA LEU GA 79 -39.92 -103.71 -29.50
C LEU GA 79 -39.06 -103.18 -28.33
N ASN GA 80 -38.10 -103.99 -27.89
CA ASN GA 80 -37.24 -103.59 -26.78
C ASN GA 80 -36.38 -102.38 -27.07
N PHE GA 81 -36.05 -102.19 -28.33
CA PHE GA 81 -35.26 -101.07 -28.79
C PHE GA 81 -36.16 -99.86 -28.93
N LEU GA 82 -37.22 -99.99 -29.71
CA LEU GA 82 -38.18 -98.93 -29.93
C LEU GA 82 -38.73 -98.44 -28.63
N CYS GA 83 -38.43 -99.12 -27.53
CA CYS GA 83 -38.95 -98.69 -26.25
C CYS GA 83 -37.94 -97.96 -25.39
N GLU GA 84 -36.70 -97.88 -25.86
CA GLU GA 84 -35.71 -97.09 -25.16
C GLU GA 84 -36.10 -95.63 -25.35
N PHE GA 85 -36.94 -95.40 -26.35
CA PHE GA 85 -37.47 -94.08 -26.68
C PHE GA 85 -38.64 -93.70 -25.79
N LEU GA 86 -38.78 -94.38 -24.66
CA LEU GA 86 -39.76 -94.00 -23.67
C LEU GA 86 -39.07 -93.34 -22.47
N PRO GA 87 -39.84 -92.55 -21.71
CA PRO GA 87 -39.28 -91.89 -20.53
C PRO GA 87 -38.63 -92.84 -19.50
N TYR GA 88 -37.31 -93.01 -19.58
CA TYR GA 88 -36.61 -93.79 -18.57
C TYR GA 88 -36.44 -92.95 -17.32
N PRO GA 89 -36.90 -93.43 -16.16
CA PRO GA 89 -36.77 -92.62 -14.95
C PRO GA 89 -35.30 -92.29 -14.70
N ASP GA 90 -35.02 -91.41 -13.76
CA ASP GA 90 -33.66 -90.89 -13.61
C ASP GA 90 -33.15 -90.31 -14.92
N PRO GA 91 -33.40 -89.01 -15.15
CA PRO GA 91 -33.00 -88.29 -16.36
C PRO GA 91 -31.55 -88.56 -16.72
N ASP GA 92 -30.69 -88.71 -15.72
CA ASP GA 92 -29.27 -88.88 -15.97
C ASP GA 92 -28.94 -90.01 -16.95
N TYR GA 93 -29.93 -90.88 -17.25
CA TYR GA 93 -29.70 -92.05 -18.13
C TYR GA 93 -30.47 -92.07 -19.43
N ALA GA 94 -31.63 -91.43 -19.48
CA ALA GA 94 -32.41 -91.37 -20.72
C ALA GA 94 -31.49 -90.99 -21.87
N ARG GA 95 -31.43 -91.82 -22.90
CA ARG GA 95 -30.46 -91.63 -23.97
C ARG GA 95 -31.11 -91.03 -25.21
N TYR GA 96 -32.37 -91.40 -25.44
CA TYR GA 96 -33.05 -90.96 -26.65
C TYR GA 96 -34.14 -89.95 -26.31
N GLU GA 97 -34.12 -88.82 -27.01
CA GLU GA 97 -35.18 -87.81 -26.94
C GLU GA 97 -35.59 -87.47 -28.35
N LEU GA 98 -36.89 -87.54 -28.65
CA LEU GA 98 -37.36 -87.10 -29.96
C LEU GA 98 -37.04 -85.61 -30.06
N SER GA 99 -37.54 -84.95 -31.10
CA SER GA 99 -37.25 -83.52 -31.29
C SER GA 99 -35.88 -83.28 -31.93
N SER GA 100 -34.82 -83.87 -31.37
CA SER GA 100 -33.47 -83.61 -31.84
C SER GA 100 -33.00 -84.56 -32.95
N LYS GA 101 -33.25 -84.16 -34.19
CA LYS GA 101 -32.92 -84.94 -35.40
C LYS GA 101 -32.17 -86.27 -35.24
N GLU GA 102 -30.90 -86.20 -34.86
CA GLU GA 102 -30.08 -87.39 -34.72
C GLU GA 102 -30.79 -88.57 -34.06
N ASP GA 103 -31.71 -88.26 -33.15
CA ASP GA 103 -32.47 -89.29 -32.47
C ASP GA 103 -33.72 -89.66 -33.25
N LEU GA 104 -34.56 -88.68 -33.55
CA LEU GA 104 -35.78 -88.95 -34.28
C LEU GA 104 -35.49 -89.73 -35.56
N GLN GA 105 -34.25 -89.65 -36.03
CA GLN GA 105 -33.91 -90.21 -37.33
C GLN GA 105 -33.62 -91.68 -37.22
N LEU GA 106 -33.12 -92.10 -36.06
CA LEU GA 106 -32.96 -93.52 -35.75
C LEU GA 106 -34.34 -94.14 -35.57
N PHE GA 107 -35.13 -93.56 -34.69
CA PHE GA 107 -36.49 -94.00 -34.42
C PHE GA 107 -37.28 -94.22 -35.71
N ARG GA 108 -37.10 -93.33 -36.68
CA ARG GA 108 -37.84 -93.42 -37.93
C ARG GA 108 -37.34 -94.58 -38.75
N LEU GA 109 -36.17 -95.08 -38.39
CA LEU GA 109 -35.56 -96.20 -39.09
C LEU GA 109 -35.96 -97.55 -38.51
N LEU GA 110 -35.80 -97.69 -37.21
CA LEU GA 110 -36.29 -98.84 -36.49
C LEU GA 110 -37.74 -99.09 -36.87
N LEU GA 111 -38.55 -98.04 -36.76
CA LEU GA 111 -39.94 -98.13 -37.13
C LEU GA 111 -40.12 -98.65 -38.54
N LYS GA 112 -39.24 -98.25 -39.44
CA LYS GA 112 -39.32 -98.67 -40.83
C LYS GA 112 -38.92 -100.13 -40.93
N HIS GA 113 -37.89 -100.50 -40.17
CA HIS GA 113 -37.38 -101.87 -40.18
C HIS GA 113 -38.44 -102.81 -39.66
N ALA GA 114 -38.99 -102.50 -38.50
CA ALA GA 114 -40.11 -103.26 -37.98
C ALA GA 114 -41.20 -103.46 -39.04
N HIS GA 115 -41.73 -102.39 -39.62
CA HIS GA 115 -42.76 -102.53 -40.66
C HIS GA 115 -42.37 -103.62 -41.65
N ASN GA 116 -41.07 -103.71 -41.92
CA ASN GA 116 -40.52 -104.68 -42.86
C ASN GA 116 -40.58 -106.13 -42.34
N ALA GA 117 -40.32 -106.30 -41.06
CA ALA GA 117 -40.28 -107.63 -40.43
C ALA GA 117 -41.51 -107.89 -39.55
N LYS GA 118 -42.63 -107.28 -39.91
CA LYS GA 118 -43.89 -107.49 -39.21
C LYS GA 118 -44.49 -108.83 -39.60
N PRO GA 119 -44.31 -109.23 -40.87
CA PRO GA 119 -44.95 -110.45 -41.35
C PRO GA 119 -44.26 -111.72 -40.89
N PHE GA 120 -43.12 -111.58 -40.22
CA PHE GA 120 -42.38 -112.75 -39.79
C PHE GA 120 -42.42 -112.93 -38.29
N PHE GA 121 -43.43 -112.33 -37.67
CA PHE GA 121 -43.71 -112.56 -36.28
C PHE GA 121 -44.69 -113.72 -36.19
N ASP GA 122 -44.38 -114.69 -35.34
CA ASP GA 122 -45.08 -115.97 -35.31
C ASP GA 122 -46.60 -115.86 -35.36
N LYS GA 123 -47.17 -116.12 -36.53
CA LYS GA 123 -48.62 -116.16 -36.68
C LYS GA 123 -49.20 -117.10 -35.63
N SER GA 124 -48.35 -117.98 -35.07
CA SER GA 124 -48.77 -119.09 -34.22
C SER GA 124 -48.71 -118.81 -32.71
N LYS GA 125 -47.90 -117.84 -32.31
CA LYS GA 125 -47.87 -117.43 -30.90
C LYS GA 125 -49.11 -116.60 -30.59
N GLU GA 126 -50.25 -117.29 -30.42
CA GLU GA 126 -51.56 -116.64 -30.35
C GLU GA 126 -51.59 -115.42 -29.45
N SER GA 127 -50.91 -115.53 -28.32
CA SER GA 127 -50.85 -114.44 -27.37
C SER GA 127 -49.64 -113.53 -27.62
N LEU GA 128 -49.31 -113.31 -28.89
CA LEU GA 128 -48.30 -112.31 -29.22
C LEU GA 128 -49.01 -111.02 -29.51
N LEU GA 129 -50.12 -111.11 -30.22
CA LEU GA 129 -50.93 -109.92 -30.45
C LEU GA 129 -51.29 -109.33 -29.09
N VAL GA 130 -52.24 -109.96 -28.41
CA VAL GA 130 -52.78 -109.41 -27.17
C VAL GA 130 -51.73 -108.97 -26.16
N ASP GA 131 -50.64 -109.72 -26.07
CA ASP GA 131 -49.61 -109.44 -25.09
C ASP GA 131 -48.98 -108.09 -25.37
N THR GA 132 -48.73 -107.85 -26.65
CA THR GA 132 -48.02 -106.65 -27.09
C THR GA 132 -48.85 -105.37 -26.97
N MET GA 133 -50.13 -105.43 -27.30
CA MET GA 133 -51.00 -104.29 -27.10
C MET GA 133 -51.21 -103.99 -25.62
N ASN GA 134 -51.53 -105.02 -24.84
CA ASN GA 134 -51.76 -104.85 -23.40
C ASN GA 134 -50.57 -104.18 -22.71
N PHE GA 135 -49.52 -103.93 -23.48
CA PHE GA 135 -48.29 -103.36 -22.94
C PHE GA 135 -48.11 -101.96 -23.46
N LEU GA 136 -48.20 -101.81 -24.77
CA LEU GA 136 -48.13 -100.47 -25.37
C LEU GA 136 -49.24 -99.58 -24.81
N LEU GA 137 -50.45 -100.12 -24.71
CA LEU GA 137 -51.61 -99.39 -24.17
C LEU GA 137 -51.35 -98.81 -22.78
N SER GA 138 -50.91 -99.65 -21.85
CA SER GA 138 -50.58 -99.18 -20.51
C SER GA 138 -49.48 -98.10 -20.55
N SER GA 139 -48.74 -98.03 -21.65
CA SER GA 139 -47.67 -97.06 -21.82
C SER GA 139 -48.14 -95.74 -22.41
N LEU GA 140 -49.39 -95.71 -22.84
CA LEU GA 140 -49.91 -94.54 -23.50
C LEU GA 140 -50.31 -93.48 -22.49
N ALA GA 141 -49.74 -92.29 -22.69
CA ALA GA 141 -50.12 -91.11 -21.93
C ALA GA 141 -49.62 -89.94 -22.77
N PRO GA 142 -50.18 -88.74 -22.56
CA PRO GA 142 -49.85 -87.54 -23.34
C PRO GA 142 -48.35 -87.42 -23.72
N SER GA 143 -47.47 -87.79 -22.79
CA SER GA 143 -46.02 -87.67 -22.99
C SER GA 143 -45.40 -88.79 -23.82
N THR GA 144 -46.23 -89.70 -24.29
CA THR GA 144 -45.81 -90.91 -24.98
C THR GA 144 -46.53 -91.01 -26.31
N MET GA 145 -47.73 -90.44 -26.34
CA MET GA 145 -48.49 -90.22 -27.56
C MET GA 145 -47.59 -90.27 -28.75
N MET GA 146 -46.53 -89.46 -28.75
CA MET GA 146 -45.70 -89.27 -29.93
C MET GA 146 -44.88 -90.49 -30.34
N ALA GA 147 -44.50 -91.32 -29.37
CA ALA GA 147 -43.62 -92.46 -29.63
C ALA GA 147 -44.34 -93.79 -29.64
N VAL GA 148 -45.42 -93.88 -28.87
CA VAL GA 148 -46.25 -95.09 -28.87
C VAL GA 148 -47.00 -95.31 -30.19
N MET GA 149 -47.89 -94.39 -30.55
CA MET GA 149 -48.71 -94.53 -31.75
C MET GA 149 -47.97 -95.11 -32.96
N PRO GA 150 -46.82 -94.51 -33.31
CA PRO GA 150 -46.11 -94.91 -34.53
C PRO GA 150 -45.65 -96.35 -34.42
N ILE GA 151 -45.14 -96.68 -33.24
CA ILE GA 151 -44.74 -98.04 -32.93
C ILE GA 151 -45.82 -99.04 -33.33
N VAL GA 152 -46.96 -98.97 -32.66
CA VAL GA 152 -48.12 -99.77 -33.01
C VAL GA 152 -48.31 -100.01 -34.50
N THR GA 153 -48.15 -98.94 -35.28
CA THR GA 153 -48.44 -98.99 -36.70
C THR GA 153 -47.41 -99.76 -37.49
N SER GA 154 -46.28 -100.05 -36.85
CA SER GA 154 -45.16 -100.68 -37.55
C SER GA 154 -44.44 -101.82 -36.79
N VAL GA 155 -44.85 -102.12 -35.55
CA VAL GA 155 -44.26 -103.25 -34.83
C VAL GA 155 -45.26 -104.34 -34.47
N VAL GA 156 -46.54 -104.00 -34.46
CA VAL GA 156 -47.58 -104.98 -34.19
C VAL GA 156 -48.01 -105.64 -35.49
N PRO GA 157 -48.10 -106.98 -35.49
CA PRO GA 157 -48.40 -107.75 -36.71
C PRO GA 157 -49.89 -107.84 -36.90
N TYR GA 158 -50.34 -107.81 -38.15
CA TYR GA 158 -51.76 -107.91 -38.40
C TYR GA 158 -52.13 -109.40 -38.36
N HIS GA 159 -52.69 -109.82 -37.22
CA HIS GA 159 -52.87 -111.25 -36.91
C HIS GA 159 -54.23 -111.89 -37.21
N TYR GA 160 -55.28 -111.42 -36.56
CA TYR GA 160 -56.60 -112.05 -36.71
C TYR GA 160 -56.61 -113.47 -36.13
N HIS GA 161 -57.25 -113.62 -34.98
CA HIS GA 161 -57.43 -114.93 -34.38
C HIS GA 161 -58.90 -115.20 -34.13
N ILE GA 162 -59.15 -116.34 -33.50
CA ILE GA 162 -60.51 -116.81 -33.25
C ILE GA 162 -61.15 -115.95 -32.17
N HIS GA 163 -60.36 -115.58 -31.17
CA HIS GA 163 -60.86 -114.80 -30.05
C HIS GA 163 -60.37 -113.36 -30.11
N SER GA 164 -59.07 -113.18 -30.38
CA SER GA 164 -58.49 -111.83 -30.46
C SER GA 164 -57.93 -111.50 -31.84
N LYS GA 165 -58.67 -110.69 -32.61
CA LYS GA 165 -58.23 -110.22 -33.92
C LYS GA 165 -57.60 -108.86 -33.72
N ILE GA 166 -56.86 -108.34 -34.71
CA ILE GA 166 -56.33 -106.98 -34.58
C ILE GA 166 -57.38 -105.88 -34.75
N ILE GA 167 -58.34 -106.04 -35.66
CA ILE GA 167 -59.45 -105.08 -35.77
C ILE GA 167 -60.25 -105.02 -34.47
N ASP GA 168 -59.93 -105.90 -33.53
CA ASP GA 168 -60.48 -105.83 -32.18
C ASP GA 168 -60.08 -104.50 -31.55
N TYR GA 169 -58.95 -103.97 -32.01
CA TYR GA 169 -58.34 -102.79 -31.38
C TYR GA 169 -58.77 -101.47 -32.02
N PHE GA 170 -59.63 -101.52 -33.04
CA PHE GA 170 -60.12 -100.31 -33.71
C PHE GA 170 -60.87 -99.37 -32.76
N PRO GA 171 -61.91 -99.86 -32.08
CA PRO GA 171 -62.72 -98.96 -31.25
C PRO GA 171 -61.90 -98.06 -30.32
N PHE GA 172 -60.64 -98.42 -30.14
CA PHE GA 172 -59.76 -97.64 -29.30
C PHE GA 172 -59.09 -96.51 -30.10
N CYS GA 173 -58.84 -96.73 -31.38
CA CYS GA 173 -58.25 -95.69 -32.23
C CYS GA 173 -59.26 -94.58 -32.47
N TYR GA 174 -60.50 -94.96 -32.71
CA TYR GA 174 -61.60 -93.99 -32.86
C TYR GA 174 -62.03 -93.47 -31.51
N SER GA 175 -61.15 -93.56 -30.53
CA SER GA 175 -61.38 -93.00 -29.22
C SER GA 175 -60.44 -91.82 -29.05
N ILE GA 176 -59.21 -92.00 -29.53
CA ILE GA 176 -58.24 -90.92 -29.60
C ILE GA 176 -58.65 -89.98 -30.71
N TRP GA 177 -58.49 -90.42 -31.95
CA TRP GA 177 -59.18 -89.81 -33.09
C TRP GA 177 -60.57 -89.48 -32.59
N SER GA 178 -61.20 -88.43 -33.13
CA SER GA 178 -62.53 -88.04 -32.68
C SER GA 178 -62.56 -87.45 -31.26
N SER GA 179 -61.39 -87.26 -30.66
CA SER GA 179 -61.30 -86.58 -29.37
C SER GA 179 -60.43 -85.31 -29.46
N VAL GA 180 -59.33 -85.35 -30.20
CA VAL GA 180 -58.59 -84.14 -30.59
C VAL GA 180 -59.14 -83.71 -31.94
N SER GA 181 -59.04 -82.42 -32.24
CA SER GA 181 -59.37 -81.96 -33.58
C SER GA 181 -58.20 -82.22 -34.53
N ALA GA 182 -58.46 -82.11 -35.82
CA ALA GA 182 -57.49 -82.49 -36.85
C ALA GA 182 -56.05 -82.08 -36.50
N ASN GA 183 -55.19 -83.08 -36.37
CA ASN GA 183 -53.84 -82.86 -35.92
C ASN GA 183 -52.91 -83.88 -36.59
N VAL GA 184 -52.15 -83.41 -37.59
CA VAL GA 184 -51.36 -84.30 -38.42
C VAL GA 184 -50.38 -85.14 -37.58
N ALA GA 185 -50.09 -84.66 -36.38
CA ALA GA 185 -49.18 -85.34 -35.49
C ALA GA 185 -49.82 -86.62 -34.97
N ILE GA 186 -51.13 -86.71 -35.17
CA ILE GA 186 -51.94 -87.86 -34.75
C ILE GA 186 -52.56 -88.62 -35.92
N ASP GA 187 -53.45 -87.95 -36.63
CA ASP GA 187 -54.14 -88.54 -37.74
C ASP GA 187 -53.24 -89.44 -38.59
N THR GA 188 -52.12 -88.89 -39.05
CA THR GA 188 -51.24 -89.61 -39.95
C THR GA 188 -51.03 -91.07 -39.54
N HIS GA 189 -51.14 -91.36 -38.25
CA HIS GA 189 -50.91 -92.72 -37.75
C HIS GA 189 -52.19 -93.55 -37.81
N MET GA 190 -53.32 -92.90 -37.52
CA MET GA 190 -54.61 -93.57 -37.60
C MET GA 190 -54.90 -94.02 -39.03
N TYR GA 191 -54.72 -93.13 -39.99
CA TYR GA 191 -54.96 -93.50 -41.39
C TYR GA 191 -53.98 -94.59 -41.84
N ASP GA 192 -52.76 -94.53 -41.33
CA ASP GA 192 -51.70 -95.43 -41.77
C ASP GA 192 -52.08 -96.83 -41.35
N PHE GA 193 -52.85 -96.88 -40.27
CA PHE GA 193 -53.18 -98.13 -39.57
C PHE GA 193 -54.39 -98.79 -40.19
N VAL GA 194 -55.58 -98.33 -39.81
CA VAL GA 194 -56.83 -98.79 -40.40
C VAL GA 194 -56.80 -98.89 -41.92
N GLY GA 195 -55.76 -98.36 -42.54
CA GLY GA 195 -55.61 -98.43 -43.97
C GLY GA 195 -54.68 -99.55 -44.41
N SER GA 196 -53.49 -99.65 -43.83
CA SER GA 196 -52.59 -100.73 -44.23
C SER GA 196 -53.15 -102.05 -43.74
N ILE GA 197 -54.11 -101.97 -42.81
CA ILE GA 197 -54.89 -103.12 -42.32
C ILE GA 197 -56.07 -103.42 -43.22
N SER GA 198 -56.76 -102.39 -43.68
CA SER GA 198 -57.80 -102.63 -44.64
C SER GA 198 -57.17 -103.17 -45.92
N LYS GA 199 -56.03 -102.64 -46.31
CA LYS GA 199 -55.37 -103.16 -47.51
C LYS GA 199 -55.11 -104.66 -47.31
N ASP GA 200 -54.71 -105.02 -46.10
CA ASP GA 200 -54.34 -106.39 -45.76
C ASP GA 200 -55.48 -107.37 -45.97
N VAL GA 201 -56.51 -107.25 -45.14
CA VAL GA 201 -57.77 -107.98 -45.32
C VAL GA 201 -58.18 -108.18 -46.78
N HIS GA 202 -58.13 -107.13 -47.59
CA HIS GA 202 -58.43 -107.23 -49.01
C HIS GA 202 -57.46 -108.16 -49.72
N ASN GA 203 -56.16 -107.88 -49.61
CA ASN GA 203 -55.14 -108.73 -50.21
C ASN GA 203 -55.30 -110.20 -49.86
N LYS GA 204 -55.62 -110.46 -48.59
CA LYS GA 204 -55.69 -111.82 -48.06
C LYS GA 204 -56.92 -112.60 -48.53
N ILE GA 205 -58.08 -111.98 -48.46
CA ILE GA 205 -59.33 -112.46 -49.06
C ILE GA 205 -59.20 -113.01 -50.50
N LEU GA 206 -58.39 -112.36 -51.32
CA LEU GA 206 -58.24 -112.77 -52.72
C LEU GA 206 -57.21 -113.89 -52.94
N SER GA 207 -57.56 -114.78 -53.88
CA SER GA 207 -56.66 -115.82 -54.42
C SER GA 207 -55.97 -116.72 -53.39
N SER GA 208 -55.02 -116.13 -52.67
CA SER GA 208 -54.11 -116.86 -51.80
C SER GA 208 -54.82 -117.78 -50.83
N GLU GA 209 -54.47 -117.61 -49.55
CA GLU GA 209 -55.18 -118.26 -48.47
C GLU GA 209 -56.17 -117.28 -47.83
N HIS GA 210 -57.44 -117.42 -48.21
CA HIS GA 210 -58.50 -116.59 -47.63
C HIS GA 210 -58.74 -116.94 -46.16
N GLU GA 211 -57.80 -116.56 -45.29
CA GLU GA 211 -57.84 -116.99 -43.89
C GLU GA 211 -56.85 -116.29 -42.94
N LYS GA 212 -55.69 -116.92 -42.75
CA LYS GA 212 -54.75 -116.54 -41.69
C LYS GA 212 -55.35 -116.83 -40.31
N ASP GA 213 -56.12 -117.92 -40.24
CA ASP GA 213 -56.83 -118.37 -39.04
C ASP GA 213 -58.25 -117.80 -38.97
N VAL GA 214 -58.50 -116.68 -39.62
CA VAL GA 214 -59.86 -116.11 -39.65
C VAL GA 214 -60.25 -115.36 -40.93
N VAL GA 215 -61.14 -115.99 -41.70
CA VAL GA 215 -61.94 -115.27 -42.67
C VAL GA 215 -63.15 -114.78 -41.87
N GLY GA 216 -62.97 -114.75 -40.54
CA GLY GA 216 -63.99 -114.27 -39.63
C GLY GA 216 -63.89 -112.77 -39.48
N VAL GA 217 -63.49 -112.13 -40.56
CA VAL GA 217 -63.50 -110.68 -40.64
C VAL GA 217 -64.32 -110.37 -41.87
N GLU GA 218 -65.53 -109.85 -41.69
CA GLU GA 218 -66.42 -109.64 -42.82
C GLU GA 218 -66.17 -108.28 -43.47
N PHE GA 219 -66.34 -108.20 -44.80
CA PHE GA 219 -66.11 -106.96 -45.52
C PHE GA 219 -67.36 -106.08 -45.51
N GLY GA 220 -68.12 -106.10 -46.59
CA GLY GA 220 -69.38 -105.36 -46.62
C GLY GA 220 -69.34 -103.85 -46.81
N GLU GA 221 -70.52 -103.27 -47.06
CA GLU GA 221 -70.70 -101.86 -47.44
C GLU GA 221 -69.45 -100.99 -47.44
N PHE GA 222 -68.89 -100.84 -46.23
CA PHE GA 222 -67.71 -100.05 -45.99
C PHE GA 222 -66.56 -100.89 -45.44
N GLY GA 223 -65.80 -101.52 -46.34
CA GLY GA 223 -64.62 -102.29 -45.96
C GLY GA 223 -64.80 -102.98 -44.63
N ILE GA 224 -63.77 -102.97 -43.80
CA ILE GA 224 -63.83 -103.56 -42.46
C ILE GA 224 -64.41 -102.59 -41.41
N PHE GA 225 -64.97 -101.47 -41.87
CA PHE GA 225 -65.33 -100.34 -41.01
C PHE GA 225 -66.83 -100.30 -40.62
N THR GA 226 -67.14 -99.90 -39.39
CA THR GA 226 -68.55 -99.70 -38.96
C THR GA 226 -69.24 -98.73 -39.91
N ASP GA 227 -70.52 -98.49 -39.70
CA ASP GA 227 -71.19 -97.46 -40.47
C ASP GA 227 -70.69 -96.11 -39.97
N ASP GA 228 -70.51 -95.99 -38.65
CA ASP GA 228 -70.12 -94.71 -38.05
C ASP GA 228 -68.61 -94.49 -38.17
N GLN GA 229 -67.85 -95.56 -38.26
CA GLN GA 229 -66.42 -95.45 -38.44
C GLN GA 229 -66.10 -94.86 -39.78
N MET GA 230 -66.84 -95.27 -40.80
CA MET GA 230 -66.62 -94.76 -42.15
C MET GA 230 -67.09 -93.33 -42.19
N THR GA 231 -68.33 -93.13 -41.74
CA THR GA 231 -68.89 -91.80 -41.65
C THR GA 231 -67.92 -90.79 -41.04
N PHE GA 232 -67.24 -91.18 -39.96
CA PHE GA 232 -66.29 -90.29 -39.28
C PHE GA 232 -65.09 -89.90 -40.11
N MET GA 233 -64.45 -90.88 -40.73
CA MET GA 233 -63.25 -90.61 -41.55
C MET GA 233 -63.57 -89.77 -42.77
N PHE GA 234 -64.82 -89.80 -43.22
CA PHE GA 234 -65.21 -88.97 -44.35
C PHE GA 234 -65.27 -87.52 -43.93
N ASN GA 235 -66.00 -87.25 -42.85
CA ASN GA 235 -65.98 -85.93 -42.23
C ASN GA 235 -64.79 -85.81 -41.28
N ARG GA 236 -63.67 -85.43 -41.84
CA ARG GA 236 -62.38 -85.45 -41.17
C ARG GA 236 -61.40 -85.28 -42.30
N LEU GA 237 -61.67 -86.01 -43.36
CA LEU GA 237 -61.03 -85.80 -44.64
C LEU GA 237 -61.63 -84.53 -45.25
N GLN GA 238 -62.92 -84.31 -45.06
CA GLN GA 238 -63.55 -83.09 -45.52
C GLN GA 238 -62.99 -81.97 -44.67
N GLY GA 239 -62.89 -82.22 -43.37
CA GLY GA 239 -62.28 -81.26 -42.47
C GLY GA 239 -60.91 -80.84 -42.94
N HIS GA 240 -60.15 -81.80 -43.46
CA HIS GA 240 -58.78 -81.54 -43.91
C HIS GA 240 -58.72 -80.69 -45.17
N LEU GA 241 -59.67 -80.88 -46.07
CA LEU GA 241 -59.57 -80.25 -47.39
C LEU GA 241 -60.27 -78.90 -47.43
N ARG GA 242 -61.05 -78.64 -46.40
CA ARG GA 242 -61.89 -77.45 -46.39
C ARG GA 242 -61.55 -76.53 -45.22
N THR GA 243 -60.90 -77.05 -44.19
CA THR GA 243 -60.73 -76.29 -42.96
C THR GA 243 -59.31 -76.32 -42.35
N ASP GA 244 -58.76 -77.50 -42.10
CA ASP GA 244 -57.59 -77.61 -41.22
C ASP GA 244 -56.31 -78.11 -41.89
N GLY GA 245 -56.38 -78.36 -43.19
CA GLY GA 245 -55.23 -78.82 -43.97
C GLY GA 245 -54.21 -79.75 -43.35
N GLN GA 246 -54.66 -80.66 -42.50
CA GLN GA 246 -53.75 -81.51 -41.73
C GLN GA 246 -53.49 -82.93 -42.29
N ILE GA 247 -52.63 -83.04 -43.30
CA ILE GA 247 -52.26 -84.33 -43.88
C ILE GA 247 -50.81 -84.35 -44.37
N HIS GA 248 -50.10 -85.47 -44.22
CA HIS GA 248 -48.91 -85.67 -45.06
C HIS GA 248 -48.74 -87.08 -45.71
N SER GA 249 -47.73 -87.20 -46.58
CA SER GA 249 -47.87 -87.99 -47.82
C SER GA 249 -49.18 -88.71 -47.84
N TYR GA 250 -49.98 -88.30 -48.82
CA TYR GA 250 -51.39 -88.60 -48.91
C TYR GA 250 -51.62 -90.04 -49.39
N SER GA 251 -50.62 -90.63 -50.04
CA SER GA 251 -50.73 -92.02 -50.50
C SER GA 251 -51.28 -92.86 -49.37
N ARG GA 252 -50.83 -92.50 -48.18
CA ARG GA 252 -51.09 -93.22 -46.95
C ARG GA 252 -52.47 -92.90 -46.39
N THR GA 253 -52.89 -91.65 -46.57
CA THR GA 253 -54.11 -91.13 -45.97
C THR GA 253 -55.33 -91.54 -46.77
N VAL GA 254 -55.09 -91.95 -48.01
CA VAL GA 254 -56.16 -92.36 -48.92
C VAL GA 254 -56.51 -93.87 -48.80
N LYS GA 255 -55.55 -94.71 -48.40
CA LYS GA 255 -55.74 -96.17 -48.35
C LYS GA 255 -57.11 -96.58 -47.81
N PRO GA 256 -57.40 -96.23 -46.55
CA PRO GA 256 -58.66 -96.65 -45.93
C PRO GA 256 -59.89 -96.45 -46.83
N PHE GA 257 -59.90 -95.37 -47.59
CA PHE GA 257 -61.08 -95.06 -48.37
C PHE GA 257 -61.15 -95.97 -49.58
N VAL GA 258 -60.01 -96.19 -50.24
CA VAL GA 258 -59.98 -97.08 -51.39
C VAL GA 258 -60.32 -98.50 -50.97
N TYR GA 259 -59.68 -99.00 -49.94
CA TYR GA 259 -59.86 -100.38 -49.52
C TYR GA 259 -61.01 -100.58 -48.53
N ALA GA 260 -62.07 -99.80 -48.74
CA ALA GA 260 -63.32 -100.00 -48.03
C ALA GA 260 -64.45 -100.13 -49.07
N ILE GA 261 -64.08 -100.09 -50.33
CA ILE GA 261 -65.03 -100.24 -51.41
C ILE GA 261 -65.33 -101.70 -51.60
N ASN GA 262 -66.60 -102.01 -51.77
CA ASN GA 262 -67.04 -103.37 -52.06
C ASN GA 262 -67.84 -103.43 -53.36
N GLY GA 263 -67.22 -103.96 -54.40
CA GLY GA 263 -67.81 -104.03 -55.73
C GLY GA 263 -69.28 -104.37 -55.85
N SER GA 264 -69.81 -105.08 -54.85
CA SER GA 264 -71.19 -105.52 -54.89
C SER GA 264 -72.05 -104.80 -53.86
N LYS GA 265 -71.42 -104.03 -52.99
CA LYS GA 265 -72.16 -103.17 -52.07
C LYS GA 265 -71.48 -101.78 -51.97
N LYS GA 266 -71.21 -101.19 -53.13
CA LYS GA 266 -70.65 -99.84 -53.16
C LYS GA 266 -71.73 -98.90 -52.74
N ASP GA 267 -72.43 -98.37 -53.73
CA ASP GA 267 -73.64 -97.58 -53.55
C ASP GA 267 -73.60 -96.68 -52.33
N ARG GA 268 -73.86 -97.26 -51.16
CA ARG GA 268 -73.86 -96.49 -49.93
C ARG GA 268 -72.56 -95.73 -49.68
N PHE GA 269 -71.47 -96.19 -50.30
CA PHE GA 269 -70.16 -95.54 -50.15
C PHE GA 269 -69.99 -94.43 -51.19
N PHE GA 270 -70.18 -94.78 -52.46
CA PHE GA 270 -70.21 -93.78 -53.51
C PHE GA 270 -71.16 -92.59 -53.19
N GLU GA 271 -72.24 -92.86 -52.45
CA GLU GA 271 -73.13 -91.80 -51.99
C GLU GA 271 -72.37 -90.85 -51.09
N LYS GA 272 -71.41 -91.38 -50.35
CA LYS GA 272 -70.63 -90.61 -49.38
C LYS GA 272 -69.49 -89.89 -50.06
N LEU GA 273 -68.99 -90.47 -51.15
CA LEU GA 273 -67.87 -89.93 -51.89
C LEU GA 273 -68.37 -88.79 -52.76
N VAL GA 274 -69.57 -88.93 -53.28
CA VAL GA 274 -70.12 -87.89 -54.12
C VAL GA 274 -70.33 -86.61 -53.35
N SER GA 275 -70.90 -86.71 -52.15
CA SER GA 275 -71.15 -85.52 -51.33
C SER GA 275 -69.85 -84.88 -50.86
N LEU GA 276 -68.79 -85.69 -50.81
CA LEU GA 276 -67.43 -85.20 -50.52
C LEU GA 276 -66.78 -84.56 -51.71
N ALA GA 277 -67.20 -84.91 -52.91
CA ALA GA 277 -66.73 -84.19 -54.09
C ALA GA 277 -67.50 -82.90 -54.26
N LYS GA 278 -68.77 -82.88 -53.89
CA LYS GA 278 -69.61 -81.70 -54.09
C LYS GA 278 -69.24 -80.63 -53.06
N ALA GA 279 -68.68 -81.04 -51.95
CA ALA GA 279 -68.25 -80.09 -50.92
C ALA GA 279 -67.00 -79.39 -51.38
N ILE GA 280 -65.97 -80.20 -51.54
CA ILE GA 280 -64.68 -79.89 -52.15
C ILE GA 280 -64.77 -79.15 -53.54
N GLU GA 281 -65.93 -79.13 -54.18
CA GLU GA 281 -66.02 -78.63 -55.58
C GLU GA 281 -65.42 -77.23 -55.78
N THR GA 282 -65.87 -76.30 -54.96
CA THR GA 282 -65.52 -74.90 -55.11
C THR GA 282 -64.04 -74.63 -54.83
N PHE GA 283 -63.46 -75.39 -53.91
CA PHE GA 283 -62.09 -75.13 -53.46
C PHE GA 283 -61.05 -75.51 -54.52
N ILE GA 284 -61.47 -76.20 -55.58
CA ILE GA 284 -60.52 -76.54 -56.62
C ILE GA 284 -60.49 -75.45 -57.70
N HIS GA 285 -61.61 -74.73 -57.83
CA HIS GA 285 -61.74 -73.68 -58.84
C HIS GA 285 -60.49 -72.81 -59.00
N PRO GA 286 -60.12 -72.51 -60.27
CA PRO GA 286 -58.78 -71.96 -60.54
C PRO GA 286 -58.54 -70.63 -59.84
N SER GA 287 -59.61 -69.96 -59.44
CA SER GA 287 -59.48 -68.68 -58.76
C SER GA 287 -60.00 -68.72 -57.33
N ASN GA 288 -59.70 -69.81 -56.65
CA ASN GA 288 -59.91 -69.92 -55.21
C ASN GA 288 -58.68 -70.52 -54.54
N ASN GA 289 -57.49 -70.01 -54.83
CA ASN GA 289 -56.29 -70.51 -54.19
C ASN GA 289 -56.19 -70.13 -52.68
N GLY GA 290 -55.59 -71.01 -51.89
CA GLY GA 290 -55.53 -70.88 -50.44
C GLY GA 290 -54.66 -71.95 -49.79
N PHE GA 291 -54.86 -72.21 -48.49
CA PHE GA 291 -54.03 -73.19 -47.80
C PHE GA 291 -54.40 -74.60 -48.24
N TRP GA 292 -55.55 -74.68 -48.92
CA TRP GA 292 -56.17 -75.96 -49.26
C TRP GA 292 -55.80 -76.46 -50.64
N THR GA 293 -55.47 -75.57 -51.57
CA THR GA 293 -55.26 -76.01 -52.96
C THR GA 293 -54.21 -77.11 -53.08
N LYS GA 294 -53.26 -77.17 -52.15
CA LYS GA 294 -52.32 -78.29 -52.10
C LYS GA 294 -53.03 -79.57 -51.64
N PRO GA 295 -53.55 -79.60 -50.40
CA PRO GA 295 -54.26 -80.79 -49.96
C PRO GA 295 -55.27 -81.39 -50.97
N ASN GA 296 -56.14 -80.59 -51.56
CA ASN GA 296 -57.08 -81.12 -52.53
C ASN GA 296 -56.38 -81.75 -53.71
N ALA GA 297 -55.35 -81.09 -54.24
CA ALA GA 297 -54.60 -81.70 -55.34
C ALA GA 297 -53.83 -82.96 -54.92
N LYS GA 298 -52.92 -82.84 -53.95
CA LYS GA 298 -52.14 -83.99 -53.52
C LYS GA 298 -53.03 -85.18 -53.08
N PHE GA 299 -54.34 -84.93 -52.88
CA PHE GA 299 -55.31 -85.99 -52.51
C PHE GA 299 -56.04 -86.61 -53.71
N VAL GA 300 -56.77 -85.81 -54.44
CA VAL GA 300 -57.37 -86.27 -55.71
C VAL GA 300 -56.36 -87.01 -56.62
N HIS GA 301 -55.08 -86.79 -56.43
CA HIS GA 301 -54.08 -87.62 -57.10
C HIS GA 301 -53.78 -88.85 -56.26
N ALA GA 302 -53.40 -88.67 -55.00
CA ALA GA 302 -53.10 -89.82 -54.14
C ALA GA 302 -54.22 -90.87 -54.14
N PHE GA 303 -55.46 -90.43 -54.28
CA PHE GA 303 -56.63 -91.31 -54.27
C PHE GA 303 -56.81 -92.08 -55.58
N ILE GA 304 -56.68 -91.37 -56.68
CA ILE GA 304 -56.68 -92.03 -57.97
C ILE GA 304 -55.36 -92.79 -58.32
N LYS GA 305 -54.25 -92.56 -57.63
CA LYS GA 305 -53.13 -93.50 -57.75
C LYS GA 305 -53.64 -94.74 -56.98
N SER GA 306 -54.01 -94.56 -55.70
CA SER GA 306 -54.31 -95.68 -54.77
C SER GA 306 -55.59 -96.43 -55.07
N TYR GA 307 -56.30 -96.02 -56.12
CA TYR GA 307 -57.44 -96.79 -56.62
C TYR GA 307 -56.99 -97.62 -57.79
N HIS GA 308 -56.54 -96.95 -58.85
CA HIS GA 308 -55.88 -97.63 -59.97
C HIS GA 308 -54.85 -98.61 -59.45
N GLY GA 309 -54.19 -98.27 -58.35
CA GLY GA 309 -53.31 -99.21 -57.69
C GLY GA 309 -53.99 -100.55 -57.43
N ARG GA 310 -55.11 -100.49 -56.71
CA ARG GA 310 -55.91 -101.68 -56.38
C ARG GA 310 -56.44 -102.41 -57.62
N VAL GA 311 -57.23 -101.74 -58.43
CA VAL GA 311 -57.67 -102.31 -59.69
C VAL GA 311 -56.62 -103.15 -60.45
N LYS GA 312 -55.43 -102.60 -60.69
CA LYS GA 312 -54.41 -103.31 -61.46
C LYS GA 312 -53.77 -104.46 -60.67
N TYR GA 313 -54.19 -104.62 -59.41
CA TYR GA 313 -53.78 -105.74 -58.57
C TYR GA 313 -54.85 -106.83 -58.55
N GLU GA 314 -56.09 -106.43 -58.76
CA GLU GA 314 -57.18 -107.36 -58.90
C GLU GA 314 -57.24 -107.94 -60.31
N GLU GA 315 -56.99 -107.10 -61.31
CA GLU GA 315 -57.02 -107.55 -62.71
C GLU GA 315 -55.87 -108.50 -62.96
N ASP GA 316 -54.91 -108.50 -62.04
CA ASP GA 316 -53.78 -109.41 -62.09
C ASP GA 316 -54.20 -110.73 -61.48
N ILE GA 317 -55.27 -110.68 -60.69
CA ILE GA 317 -55.81 -111.85 -60.01
C ILE GA 317 -56.97 -112.52 -60.76
N CYS GA 318 -57.72 -111.75 -61.54
CA CYS GA 318 -58.68 -112.35 -62.47
C CYS GA 318 -57.95 -112.76 -63.74
N ALA GA 319 -56.63 -112.86 -63.61
CA ALA GA 319 -55.77 -113.58 -64.54
C ALA GA 319 -55.22 -114.78 -63.78
N ARG GA 320 -56.02 -115.22 -62.81
CA ARG GA 320 -55.74 -116.36 -61.96
C ARG GA 320 -57.07 -117.00 -61.57
N GLY GA 321 -58.11 -116.71 -62.35
CA GLY GA 321 -59.41 -117.35 -62.22
C GLY GA 321 -60.35 -116.77 -61.17
N VAL GA 322 -59.79 -116.09 -60.17
CA VAL GA 322 -60.56 -115.69 -58.99
C VAL GA 322 -61.20 -114.32 -59.09
N THR GA 323 -62.44 -114.25 -59.54
CA THR GA 323 -63.26 -113.07 -59.30
C THR GA 323 -63.67 -113.23 -57.84
N ASN GA 324 -64.31 -112.22 -57.25
CA ASN GA 324 -64.62 -112.28 -55.82
C ASN GA 324 -65.66 -111.29 -55.35
N GLY GA 325 -66.33 -110.61 -56.28
CA GLY GA 325 -67.45 -109.74 -55.93
C GLY GA 325 -67.13 -108.63 -54.94
N ILE GA 326 -66.07 -108.81 -54.18
CA ILE GA 326 -65.42 -107.74 -53.43
C ILE GA 326 -64.69 -106.89 -54.47
N CYS GA 327 -64.26 -107.55 -55.54
CA CYS GA 327 -63.50 -106.92 -56.61
C CYS GA 327 -64.17 -105.66 -57.18
N LEU GA 328 -63.38 -104.79 -57.81
CA LEU GA 328 -63.93 -103.59 -58.39
C LEU GA 328 -64.51 -103.87 -59.76
N THR GA 329 -65.75 -103.46 -59.97
CA THR GA 329 -66.52 -103.74 -61.20
C THR GA 329 -66.37 -102.68 -62.31
N SER GA 330 -66.73 -103.02 -63.54
CA SER GA 330 -66.73 -102.04 -64.62
C SER GA 330 -67.52 -100.78 -64.26
N PHE GA 331 -68.45 -100.92 -63.33
CA PHE GA 331 -69.35 -99.83 -62.94
C PHE GA 331 -68.86 -98.94 -61.80
N CYS GA 332 -67.79 -99.37 -61.12
CA CYS GA 332 -67.08 -98.49 -60.20
C CYS GA 332 -66.20 -97.52 -61.01
N HIS GA 333 -65.40 -98.06 -61.91
CA HIS GA 333 -64.65 -97.26 -62.85
C HIS GA 333 -65.55 -96.19 -63.48
N GLU GA 334 -66.82 -96.51 -63.72
CA GLU GA 334 -67.71 -95.51 -64.31
C GLU GA 334 -67.98 -94.37 -63.34
N GLU GA 335 -68.51 -94.68 -62.17
CA GLU GA 335 -68.89 -93.67 -61.19
C GLU GA 335 -67.70 -92.89 -60.61
N ILE GA 336 -66.48 -93.39 -60.86
CA ILE GA 336 -65.29 -92.67 -60.41
C ILE GA 336 -65.03 -91.50 -61.35
N VAL GA 337 -65.15 -91.75 -62.64
CA VAL GA 337 -65.05 -90.68 -63.61
C VAL GA 337 -66.17 -89.63 -63.45
N GLU GA 338 -67.42 -90.06 -63.26
CA GLU GA 338 -68.53 -89.12 -63.07
C GLU GA 338 -68.18 -88.09 -61.99
N ILE GA 339 -67.50 -88.56 -60.95
CA ILE GA 339 -67.27 -87.76 -59.74
C ILE GA 339 -66.18 -86.70 -59.94
N PHE GA 340 -65.00 -87.19 -60.27
CA PHE GA 340 -63.80 -86.38 -60.38
C PHE GA 340 -63.56 -85.79 -61.76
N LEU GA 341 -64.60 -85.55 -62.55
CA LEU GA 341 -64.25 -84.97 -63.84
C LEU GA 341 -64.29 -83.44 -63.83
N ASN GA 342 -65.36 -82.84 -63.34
CA ASN GA 342 -65.32 -81.40 -63.24
C ASN GA 342 -64.15 -81.08 -62.29
N ILE GA 343 -64.08 -81.79 -61.18
CA ILE GA 343 -63.01 -81.54 -60.22
C ILE GA 343 -61.62 -81.56 -60.86
N ILE GA 344 -61.35 -82.55 -61.69
CA ILE GA 344 -60.04 -82.66 -62.33
C ILE GA 344 -59.85 -81.57 -63.37
N SER GA 345 -60.95 -81.16 -64.01
CA SER GA 345 -60.85 -80.18 -65.08
C SER GA 345 -60.55 -78.77 -64.54
N LEU GA 346 -61.09 -78.48 -63.36
CA LEU GA 346 -60.88 -77.21 -62.69
C LEU GA 346 -59.44 -77.13 -62.19
N GLY GA 347 -58.98 -78.17 -61.55
CA GLY GA 347 -57.65 -78.18 -60.99
C GLY GA 347 -56.61 -77.98 -62.06
N SER GA 348 -56.82 -78.53 -63.24
CA SER GA 348 -55.76 -78.54 -64.24
C SER GA 348 -55.54 -77.14 -64.82
N GLN GA 349 -56.51 -76.26 -64.63
CA GLN GA 349 -56.39 -74.87 -65.08
C GLN GA 349 -55.77 -73.98 -63.99
N ASN GA 350 -55.53 -74.55 -62.80
CA ASN GA 350 -55.06 -73.79 -61.65
C ASN GA 350 -53.86 -72.94 -62.02
N LYS GA 351 -53.65 -71.87 -61.24
CA LYS GA 351 -52.60 -70.86 -61.50
C LYS GA 351 -51.22 -71.41 -61.22
N ASN GA 352 -51.09 -72.29 -60.23
CA ASN GA 352 -49.81 -72.95 -59.96
C ASN GA 352 -49.67 -74.14 -60.89
N PRO GA 353 -48.56 -74.20 -61.65
CA PRO GA 353 -48.33 -75.23 -62.66
C PRO GA 353 -48.01 -76.59 -62.05
N ASP GA 354 -47.55 -76.59 -60.81
CA ASP GA 354 -47.24 -77.83 -60.11
C ASP GA 354 -48.54 -78.41 -59.58
N ILE GA 355 -49.37 -77.54 -59.03
CA ILE GA 355 -50.65 -77.97 -58.48
C ILE GA 355 -51.58 -78.38 -59.59
N ALA GA 356 -51.25 -78.01 -60.82
CA ALA GA 356 -52.02 -78.45 -61.97
C ALA GA 356 -51.56 -79.81 -62.46
N ASN GA 357 -50.24 -80.00 -62.55
CA ASN GA 357 -49.69 -81.25 -63.07
C ASN GA 357 -50.16 -82.45 -62.26
N TYR GA 358 -50.75 -82.19 -61.11
CA TYR GA 358 -51.38 -83.23 -60.31
C TYR GA 358 -52.74 -83.62 -60.89
N TYR GA 359 -53.62 -82.64 -61.05
CA TYR GA 359 -54.92 -82.92 -61.63
C TYR GA 359 -54.80 -83.44 -63.07
N ILE GA 360 -53.80 -82.96 -63.81
CA ILE GA 360 -53.67 -83.36 -65.21
C ILE GA 360 -53.18 -84.80 -65.31
N SER GA 361 -52.38 -85.22 -64.35
CA SER GA 361 -51.80 -86.54 -64.46
C SER GA 361 -52.85 -87.60 -64.14
N CYS GA 362 -53.99 -87.19 -63.59
CA CYS GA 362 -55.08 -88.12 -63.29
C CYS GA 362 -55.85 -88.66 -64.50
N PHE GA 363 -55.74 -87.98 -65.64
CA PHE GA 363 -56.41 -88.45 -66.84
C PHE GA 363 -55.85 -89.80 -67.28
N ALA GA 364 -54.53 -89.95 -67.20
CA ALA GA 364 -53.85 -91.18 -67.61
C ALA GA 364 -54.26 -92.36 -66.77
N TYR GA 365 -54.42 -92.12 -65.47
CA TYR GA 365 -54.83 -93.17 -64.56
C TYR GA 365 -56.28 -93.62 -64.86
N LEU GA 366 -57.17 -92.66 -65.08
CA LEU GA 366 -58.56 -93.00 -65.40
C LEU GA 366 -58.72 -93.73 -66.74
N LEU GA 367 -58.01 -93.27 -67.75
CA LEU GA 367 -58.11 -93.93 -69.04
C LEU GA 367 -57.62 -95.39 -69.05
N GLU GA 368 -56.69 -95.73 -68.16
CA GLU GA 368 -56.15 -97.09 -68.10
C GLU GA 368 -57.24 -98.08 -67.65
N LEU GA 369 -58.21 -97.57 -66.89
CA LEU GA 369 -59.34 -98.35 -66.46
C LEU GA 369 -60.31 -98.65 -67.61
N ASP GA 370 -60.00 -98.16 -68.80
CA ASP GA 370 -60.88 -98.38 -69.95
C ASP GA 370 -62.34 -98.38 -69.56
N PRO GA 371 -62.80 -97.32 -68.87
CA PRO GA 371 -64.21 -97.28 -68.47
C PRO GA 371 -65.09 -97.01 -69.67
N SER GA 372 -66.39 -97.19 -69.53
CA SER GA 372 -67.34 -96.90 -70.61
C SER GA 372 -67.31 -95.43 -70.90
N ASN GA 373 -67.01 -94.68 -69.84
CA ASN GA 373 -66.90 -93.24 -69.83
C ASN GA 373 -65.78 -92.68 -70.67
N ALA GA 374 -64.81 -93.52 -70.99
CA ALA GA 374 -63.59 -93.08 -71.64
C ALA GA 374 -63.80 -91.88 -72.57
N TYR GA 375 -64.89 -91.89 -73.32
CA TYR GA 375 -65.16 -90.83 -74.29
C TYR GA 375 -65.26 -89.43 -73.66
N LEU GA 376 -65.88 -89.31 -72.49
CA LEU GA 376 -66.06 -88.03 -71.81
C LEU GA 376 -64.77 -87.24 -71.68
N ILE GA 377 -63.72 -87.94 -71.29
CA ILE GA 377 -62.39 -87.37 -71.18
C ILE GA 377 -61.77 -87.05 -72.56
N TYR GA 378 -61.69 -88.01 -73.45
CA TYR GA 378 -61.18 -87.73 -74.79
C TYR GA 378 -61.97 -86.57 -75.42
N ASP GA 379 -63.25 -86.46 -75.11
CA ASP GA 379 -64.06 -85.38 -75.65
C ASP GA 379 -63.58 -84.01 -75.19
N LYS GA 380 -63.52 -83.79 -73.87
CA LYS GA 380 -62.95 -82.55 -73.36
C LYS GA 380 -61.58 -82.26 -73.99
N ILE GA 381 -60.59 -83.08 -73.61
CA ILE GA 381 -59.21 -82.89 -73.99
C ILE GA 381 -58.94 -82.55 -75.44
N LEU GA 382 -59.76 -83.09 -76.32
CA LEU GA 382 -59.58 -82.84 -77.75
C LEU GA 382 -60.17 -81.51 -78.21
N ILE GA 383 -61.29 -81.09 -77.62
CA ILE GA 383 -61.84 -79.75 -77.87
C ILE GA 383 -60.88 -78.69 -77.32
N ASP GA 384 -60.60 -78.76 -76.02
CA ASP GA 384 -59.63 -77.87 -75.41
C ASP GA 384 -58.37 -77.78 -76.30
N LEU GA 385 -57.89 -78.89 -76.85
CA LEU GA 385 -56.71 -78.83 -77.71
C LEU GA 385 -56.93 -78.19 -79.08
N TYR GA 386 -58.03 -78.53 -79.75
CA TYR GA 386 -58.29 -78.00 -81.11
C TYR GA 386 -58.66 -76.52 -81.07
N ASP GA 387 -59.29 -76.10 -79.97
CA ASP GA 387 -59.55 -74.69 -79.72
C ASP GA 387 -58.22 -73.94 -79.64
N THR GA 388 -57.30 -74.48 -78.84
CA THR GA 388 -55.99 -73.88 -78.62
C THR GA 388 -55.13 -73.70 -79.87
N LEU GA 389 -55.21 -74.65 -80.79
CA LEU GA 389 -54.48 -74.61 -82.04
C LEU GA 389 -55.19 -73.71 -83.05
N ALA GA 390 -56.43 -73.39 -82.74
CA ALA GA 390 -57.18 -72.42 -83.51
C ALA GA 390 -57.19 -71.05 -82.81
N ASP GA 391 -56.23 -70.87 -81.90
CA ASP GA 391 -55.98 -69.57 -81.27
C ASP GA 391 -57.18 -68.98 -80.52
N GLN GA 392 -58.16 -69.81 -80.18
CA GLN GA 392 -59.34 -69.35 -79.44
C GLN GA 392 -59.06 -69.09 -77.96
N PHE GA 393 -57.80 -69.24 -77.57
CA PHE GA 393 -57.45 -69.07 -76.17
C PHE GA 393 -56.38 -68.02 -76.03
N ILE GA 394 -56.04 -67.40 -77.15
CA ILE GA 394 -54.94 -66.45 -77.25
C ILE GA 394 -54.91 -65.36 -76.15
N ASN GA 395 -56.08 -64.98 -75.65
CA ASN GA 395 -56.19 -64.04 -74.53
C ASN GA 395 -55.77 -64.67 -73.17
N SER GA 396 -55.89 -65.99 -73.05
CA SER GA 396 -55.63 -66.66 -71.77
C SER GA 396 -54.44 -67.60 -71.92
N ARG GA 397 -53.34 -67.31 -71.25
CA ARG GA 397 -52.15 -68.14 -71.42
C ARG GA 397 -52.39 -69.55 -70.94
N HIS GA 398 -52.86 -69.69 -69.72
CA HIS GA 398 -52.94 -70.99 -69.07
C HIS GA 398 -53.68 -72.07 -69.87
N ARG GA 399 -54.82 -71.71 -70.47
CA ARG GA 399 -55.66 -72.66 -71.20
C ARG GA 399 -54.88 -73.34 -72.32
N ILE GA 400 -53.97 -72.58 -72.90
CA ILE GA 400 -53.17 -73.02 -74.04
C ILE GA 400 -52.13 -74.03 -73.65
N ILE GA 401 -51.45 -73.72 -72.55
CA ILE GA 401 -50.40 -74.57 -72.04
C ILE GA 401 -51.03 -75.73 -71.28
N SER GA 402 -52.07 -75.44 -70.52
CA SER GA 402 -52.84 -76.48 -69.86
C SER GA 402 -53.34 -77.55 -70.82
N SER GA 403 -54.19 -77.17 -71.77
CA SER GA 403 -54.77 -78.16 -72.67
C SER GA 403 -53.78 -78.84 -73.64
N LEU GA 404 -52.51 -78.45 -73.57
CA LEU GA 404 -51.43 -79.17 -74.24
C LEU GA 404 -50.77 -80.19 -73.31
N LYS GA 405 -50.97 -80.00 -72.02
CA LYS GA 405 -50.50 -80.95 -71.03
C LYS GA 405 -51.57 -82.03 -70.86
N GLN GA 406 -52.82 -81.60 -70.78
CA GLN GA 406 -53.93 -82.54 -70.79
C GLN GA 406 -53.68 -83.51 -71.94
N PHE GA 407 -53.51 -82.99 -73.15
CA PHE GA 407 -53.35 -83.82 -74.33
C PHE GA 407 -52.08 -84.65 -74.35
N THR GA 408 -50.99 -84.17 -73.76
CA THR GA 408 -49.77 -84.98 -73.78
C THR GA 408 -49.89 -86.18 -72.84
N ARG GA 409 -50.48 -85.97 -71.66
CA ARG GA 409 -50.58 -87.01 -70.63
C ARG GA 409 -51.65 -88.01 -71.01
N VAL GA 410 -51.83 -88.23 -72.30
CA VAL GA 410 -53.01 -88.94 -72.80
C VAL GA 410 -52.86 -89.27 -74.29
N ILE GA 411 -51.71 -88.91 -74.87
CA ILE GA 411 -51.47 -89.18 -76.28
C ILE GA 411 -51.46 -90.67 -76.54
N ARG GA 412 -50.67 -91.38 -75.73
CA ARG GA 412 -50.46 -92.82 -75.91
C ARG GA 412 -51.76 -93.60 -75.97
N PHE GA 413 -52.74 -93.17 -75.20
CA PHE GA 413 -54.05 -93.78 -75.17
C PHE GA 413 -54.95 -93.45 -76.38
N ILE GA 414 -54.74 -92.28 -76.97
CA ILE GA 414 -55.55 -91.87 -78.12
C ILE GA 414 -55.16 -92.66 -79.35
N VAL GA 415 -53.89 -93.03 -79.43
CA VAL GA 415 -53.37 -93.81 -80.56
C VAL GA 415 -54.10 -95.15 -80.68
N MET GA 416 -54.92 -95.48 -79.68
CA MET GA 416 -55.63 -96.76 -79.66
C MET GA 416 -57.09 -96.66 -80.12
N ASP GA 417 -57.99 -96.09 -79.30
CA ASP GA 417 -59.40 -95.93 -79.69
C ASP GA 417 -59.46 -95.61 -81.18
N LYS GA 418 -60.03 -96.50 -81.97
CA LYS GA 418 -59.93 -96.43 -83.42
C LYS GA 418 -60.54 -95.20 -84.09
N LEU GA 419 -61.18 -94.35 -83.28
CA LEU GA 419 -61.77 -93.10 -83.78
C LEU GA 419 -60.81 -91.91 -83.63
N TYR GA 420 -60.43 -91.63 -82.39
CA TYR GA 420 -59.54 -90.52 -82.11
C TYR GA 420 -58.22 -90.57 -82.91
N ARG GA 421 -57.54 -91.70 -82.89
CA ARG GA 421 -56.28 -91.92 -83.65
C ARG GA 421 -56.18 -91.15 -84.97
N VAL GA 422 -57.32 -90.94 -85.62
CA VAL GA 422 -57.37 -90.23 -86.91
C VAL GA 422 -56.80 -88.83 -86.81
N HIS GA 423 -57.22 -88.13 -85.76
CA HIS GA 423 -56.81 -86.78 -85.49
C HIS GA 423 -55.29 -86.62 -85.32
N ILE GA 424 -54.62 -87.70 -84.94
CA ILE GA 424 -53.24 -87.58 -84.48
C ILE GA 424 -52.21 -87.13 -85.52
N THR GA 425 -52.40 -87.46 -86.79
CA THR GA 425 -51.54 -86.87 -87.81
C THR GA 425 -51.71 -85.36 -87.87
N ASN GA 426 -52.96 -84.91 -87.98
CA ASN GA 426 -53.25 -83.46 -88.03
C ASN GA 426 -52.62 -82.75 -86.82
N VAL GA 427 -53.03 -83.16 -85.62
CA VAL GA 427 -52.62 -82.50 -84.41
C VAL GA 427 -51.10 -82.40 -84.30
N LEU GA 428 -50.40 -83.34 -84.92
CA LEU GA 428 -48.95 -83.33 -84.91
C LEU GA 428 -48.40 -82.31 -85.90
N SER GA 429 -48.79 -82.43 -87.16
CA SER GA 429 -48.28 -81.50 -88.16
C SER GA 429 -48.69 -80.07 -87.83
N MET GA 430 -49.64 -79.92 -86.91
CA MET GA 430 -50.03 -78.60 -86.40
C MET GA 430 -49.09 -78.14 -85.29
N LEU GA 431 -48.74 -79.03 -84.37
CA LEU GA 431 -47.79 -78.71 -83.32
C LEU GA 431 -46.45 -78.31 -83.90
N VAL GA 432 -45.95 -79.11 -84.83
CA VAL GA 432 -44.66 -78.85 -85.45
C VAL GA 432 -44.60 -77.43 -86.04
N SER GA 433 -45.61 -77.05 -86.80
CA SER GA 433 -45.58 -75.74 -87.47
C SER GA 433 -45.79 -74.58 -86.47
N LYS GA 434 -46.47 -74.86 -85.36
CA LYS GA 434 -46.70 -73.85 -84.33
C LYS GA 434 -45.55 -73.75 -83.31
N LEU GA 435 -44.38 -74.28 -83.65
CA LEU GA 435 -43.22 -74.19 -82.76
C LEU GA 435 -42.66 -72.80 -82.80
N ASP GA 436 -42.83 -72.06 -81.70
CA ASP GA 436 -42.45 -70.63 -81.58
C ASP GA 436 -40.97 -70.43 -81.32
N MET GA 437 -40.40 -69.32 -81.76
CA MET GA 437 -38.97 -69.05 -81.57
C MET GA 437 -38.74 -67.97 -80.52
N ASN GA 438 -39.85 -67.44 -80.01
CA ASN GA 438 -39.82 -66.40 -79.01
C ASN GA 438 -40.29 -66.93 -77.67
N ASP GA 439 -41.27 -67.82 -77.72
CA ASP GA 439 -41.80 -68.42 -76.50
C ASP GA 439 -41.05 -69.71 -76.17
N THR GA 440 -40.07 -69.59 -75.28
CA THR GA 440 -39.33 -70.76 -74.87
C THR GA 440 -40.30 -71.78 -74.26
N ASN GA 441 -41.24 -71.30 -73.44
CA ASN GA 441 -42.12 -72.20 -72.73
C ASN GA 441 -43.10 -72.96 -73.62
N LEU GA 442 -43.80 -72.24 -74.50
CA LEU GA 442 -44.75 -72.89 -75.40
C LEU GA 442 -44.05 -73.99 -76.17
N THR GA 443 -42.85 -73.70 -76.63
CA THR GA 443 -42.06 -74.67 -77.37
C THR GA 443 -41.68 -75.94 -76.57
N SER GA 444 -41.33 -75.78 -75.29
CA SER GA 444 -41.00 -76.93 -74.44
C SER GA 444 -42.23 -77.81 -74.28
N ASN GA 445 -43.40 -77.19 -74.19
CA ASN GA 445 -44.66 -77.90 -74.03
C ASN GA 445 -45.24 -78.48 -75.33
N LEU GA 446 -44.70 -78.02 -76.46
CA LEU GA 446 -45.05 -78.57 -77.78
C LEU GA 446 -44.19 -79.77 -78.11
N ILE GA 447 -42.88 -79.64 -77.92
CA ILE GA 447 -41.99 -80.76 -78.04
C ILE GA 447 -42.51 -81.93 -77.21
N ASN GA 448 -43.02 -81.64 -76.02
CA ASN GA 448 -43.66 -82.65 -75.20
C ASN GA 448 -44.69 -83.45 -76.01
N GLY GA 449 -45.60 -82.75 -76.67
CA GLY GA 449 -46.59 -83.38 -77.51
C GLY GA 449 -45.96 -84.10 -78.68
N ILE GA 450 -45.19 -83.39 -79.48
CA ILE GA 450 -44.50 -83.96 -80.64
C ILE GA 450 -43.69 -85.24 -80.36
N VAL GA 451 -42.93 -85.28 -79.25
CA VAL GA 451 -42.14 -86.46 -78.92
C VAL GA 451 -43.00 -87.61 -78.41
N SER GA 452 -44.09 -87.29 -77.72
CA SER GA 452 -45.00 -88.32 -77.24
C SER GA 452 -45.74 -89.00 -78.40
N ILE GA 453 -46.24 -88.23 -79.34
CA ILE GA 453 -46.85 -88.79 -80.55
C ILE GA 453 -45.85 -89.68 -81.32
N ALA GA 454 -44.57 -89.38 -81.26
CA ALA GA 454 -43.58 -90.10 -82.05
C ALA GA 454 -43.14 -91.35 -81.34
N ALA GA 455 -43.25 -91.30 -80.02
CA ALA GA 455 -42.78 -92.40 -79.21
C ALA GA 455 -43.73 -93.60 -79.30
N PHE GA 456 -44.97 -93.36 -79.71
CA PHE GA 456 -46.02 -94.38 -79.75
C PHE GA 456 -46.69 -94.49 -81.12
N ILE GA 457 -45.98 -94.09 -82.17
CA ILE GA 457 -46.54 -94.11 -83.51
C ILE GA 457 -45.41 -94.39 -84.49
N PRO GA 458 -45.69 -95.19 -85.51
CA PRO GA 458 -44.71 -95.44 -86.55
C PRO GA 458 -44.94 -94.43 -87.68
N ILE GA 459 -43.89 -93.68 -87.99
CA ILE GA 459 -43.94 -92.75 -89.12
C ILE GA 459 -43.84 -93.59 -90.38
N GLN GA 460 -45.00 -93.98 -90.94
CA GLN GA 460 -45.05 -94.93 -92.05
C GLN GA 460 -46.19 -94.67 -93.02
N ASP GA 461 -45.92 -94.80 -94.32
CA ASP GA 461 -47.00 -94.75 -95.29
C ASP GA 461 -47.74 -96.08 -95.30
N LEU GA 462 -48.97 -96.05 -94.82
CA LEU GA 462 -49.76 -97.26 -94.68
C LEU GA 462 -50.75 -97.45 -95.80
N THR GA 463 -50.58 -96.72 -96.88
CA THR GA 463 -51.50 -96.83 -98.02
C THR GA 463 -51.12 -97.96 -98.97
N GLY GA 464 -52.09 -98.84 -99.24
CA GLY GA 464 -51.91 -99.93 -100.18
C GLY GA 464 -52.04 -99.42 -101.61
N GLU GA 465 -51.79 -98.12 -101.75
CA GLU GA 465 -51.93 -97.43 -103.03
C GLU GA 465 -53.39 -97.14 -103.36
N ASP GA 466 -54.29 -97.53 -102.47
CA ASP GA 466 -55.71 -97.24 -102.61
C ASP GA 466 -55.89 -95.81 -103.16
N ASP GA 467 -56.55 -95.71 -104.31
CA ASP GA 467 -56.55 -94.47 -105.09
C ASP GA 467 -57.18 -93.24 -104.42
N TYR GA 468 -58.25 -93.43 -103.64
CA TYR GA 468 -58.95 -92.28 -103.07
C TYR GA 468 -58.06 -91.50 -102.09
N ILE GA 469 -57.21 -92.20 -101.34
CA ILE GA 469 -56.18 -91.58 -100.51
C ILE GA 469 -56.34 -90.09 -100.21
N SER GA 470 -55.28 -89.32 -100.45
CA SER GA 470 -55.15 -87.89 -100.11
C SER GA 470 -55.62 -87.51 -98.69
N PHE GA 471 -54.90 -86.60 -98.05
CA PHE GA 471 -55.32 -86.14 -96.73
C PHE GA 471 -56.69 -85.42 -96.75
N GLU GA 472 -56.89 -84.46 -97.65
CA GLU GA 472 -58.24 -83.90 -97.84
C GLU GA 472 -59.05 -84.93 -98.61
N SER GA 473 -60.32 -84.65 -98.87
CA SER GA 473 -61.18 -85.62 -99.54
C SER GA 473 -61.53 -86.77 -98.61
N ASP GA 474 -60.54 -87.25 -97.85
CA ASP GA 474 -60.69 -88.48 -97.08
C ASP GA 474 -60.45 -88.42 -95.56
N THR GA 475 -59.49 -87.62 -95.10
CA THR GA 475 -59.26 -87.49 -93.65
C THR GA 475 -59.87 -86.20 -93.08
N LEU GA 476 -59.47 -85.08 -93.66
CA LEU GA 476 -59.89 -83.77 -93.17
C LEU GA 476 -61.39 -83.65 -93.03
N PRO GA 477 -62.14 -84.03 -94.07
CA PRO GA 477 -63.60 -83.92 -94.05
C PRO GA 477 -64.19 -84.62 -92.84
N LEU GA 478 -63.68 -85.81 -92.52
CA LEU GA 478 -64.15 -86.59 -91.38
C LEU GA 478 -63.77 -85.94 -90.04
N VAL GA 479 -62.50 -85.56 -89.92
CA VAL GA 479 -62.02 -84.87 -88.73
C VAL GA 479 -62.86 -83.66 -88.36
N GLN GA 480 -63.23 -82.86 -89.36
CA GLN GA 480 -64.06 -81.68 -89.12
C GLN GA 480 -65.47 -82.06 -88.68
N GLN GA 481 -66.02 -83.12 -89.27
CA GLN GA 481 -67.36 -83.58 -88.92
C GLN GA 481 -67.42 -84.10 -87.50
N HIS GA 482 -66.39 -84.83 -87.09
CA HIS GA 482 -66.30 -85.33 -85.71
C HIS GA 482 -66.24 -84.15 -84.75
N PHE GA 483 -65.43 -83.15 -85.09
CA PHE GA 483 -65.27 -82.00 -84.23
C PHE GA 483 -66.57 -81.18 -84.16
N TYR GA 484 -67.18 -80.87 -85.30
CA TYR GA 484 -68.45 -80.16 -85.29
C TYR GA 484 -69.43 -80.85 -84.32
N HIS GA 485 -69.47 -82.17 -84.41
CA HIS GA 485 -70.37 -82.98 -83.59
C HIS GA 485 -70.07 -82.82 -82.11
N ILE GA 486 -68.81 -83.03 -81.76
CA ILE GA 486 -68.35 -82.93 -80.39
C ILE GA 486 -68.58 -81.54 -79.75
N LYS GA 487 -68.57 -80.50 -80.59
CA LYS GA 487 -68.59 -79.11 -80.13
C LYS GA 487 -69.98 -78.64 -79.76
N CYS GA 488 -70.99 -79.24 -80.37
CA CYS GA 488 -72.36 -78.78 -80.22
C CYS GA 488 -73.11 -79.45 -79.07
N GLY GA 489 -72.36 -80.04 -78.14
CA GLY GA 489 -72.91 -80.65 -76.95
C GLY GA 489 -72.94 -82.16 -77.05
N GLU GA 490 -73.06 -82.65 -78.28
CA GLU GA 490 -73.12 -84.07 -78.54
C GLU GA 490 -71.82 -84.73 -78.10
N SER GA 491 -71.89 -86.02 -77.81
CA SER GA 491 -70.72 -86.80 -77.43
C SER GA 491 -70.34 -87.79 -78.55
N SER GA 492 -69.24 -88.52 -78.36
CA SER GA 492 -68.70 -89.37 -79.42
C SER GA 492 -69.42 -90.72 -79.51
N LYS GA 493 -70.18 -91.07 -78.48
CA LYS GA 493 -71.01 -92.27 -78.53
C LYS GA 493 -72.13 -92.08 -79.54
N THR GA 494 -72.65 -90.84 -79.64
CA THR GA 494 -73.71 -90.49 -80.61
C THR GA 494 -73.14 -90.35 -82.03
N PHE GA 495 -71.82 -90.45 -82.15
CA PHE GA 495 -71.18 -90.21 -83.43
C PHE GA 495 -71.07 -91.48 -84.25
N ARG GA 496 -71.83 -91.53 -85.34
CA ARG GA 496 -71.88 -92.73 -86.17
C ARG GA 496 -71.06 -92.53 -87.43
N VAL GA 497 -70.06 -93.37 -87.66
CA VAL GA 497 -69.37 -93.41 -88.95
C VAL GA 497 -69.07 -94.83 -89.48
N ASP GA 498 -69.20 -94.97 -90.79
CA ASP GA 498 -68.95 -96.21 -91.51
C ASP GA 498 -67.54 -96.72 -91.23
N ASP GA 499 -67.42 -98.00 -90.89
CA ASP GA 499 -66.10 -98.59 -90.66
C ASP GA 499 -65.24 -98.54 -91.91
N GLU GA 500 -65.89 -98.33 -93.05
CA GLU GA 500 -65.19 -98.14 -94.32
C GLU GA 500 -64.55 -96.75 -94.38
N LEU GA 501 -65.36 -95.71 -94.19
CA LEU GA 501 -64.89 -94.32 -94.27
C LEU GA 501 -63.84 -93.97 -93.22
N LEU GA 502 -64.03 -94.48 -92.00
CA LEU GA 502 -63.14 -94.20 -90.87
C LEU GA 502 -61.80 -94.91 -90.98
N ASN GA 503 -61.70 -95.87 -91.87
CA ASN GA 503 -60.43 -96.55 -92.09
C ASN GA 503 -59.75 -95.96 -93.32
N ASN GA 504 -60.52 -95.26 -94.14
CA ASN GA 504 -59.94 -94.47 -95.21
C ASN GA 504 -59.27 -93.27 -94.58
N ALA GA 505 -59.98 -92.64 -93.67
CA ALA GA 505 -59.48 -91.49 -92.95
C ALA GA 505 -58.18 -91.79 -92.22
N PHE GA 506 -58.11 -92.99 -91.64
CA PHE GA 506 -56.95 -93.34 -90.84
C PHE GA 506 -55.74 -93.62 -91.73
N LYS GA 507 -55.95 -94.34 -92.82
CA LYS GA 507 -54.84 -94.67 -93.72
C LYS GA 507 -54.36 -93.45 -94.50
N ALA GA 508 -55.30 -92.67 -95.01
CA ALA GA 508 -54.96 -91.45 -95.72
C ALA GA 508 -54.29 -90.45 -94.80
N SER GA 509 -54.55 -90.58 -93.49
CA SER GA 509 -53.92 -89.72 -92.50
C SER GA 509 -52.42 -90.00 -92.36
N THR GA 510 -51.98 -91.21 -92.71
CA THR GA 510 -50.54 -91.52 -92.65
C THR GA 510 -49.76 -91.08 -93.89
N THR GA 511 -50.32 -90.22 -94.72
CA THR GA 511 -49.57 -89.73 -95.85
C THR GA 511 -48.69 -88.48 -95.53
N VAL GA 512 -49.21 -87.58 -94.69
CA VAL GA 512 -48.62 -86.26 -94.40
C VAL GA 512 -47.24 -86.23 -93.74
N PHE GA 513 -46.73 -87.38 -93.35
CA PHE GA 513 -45.44 -87.46 -92.68
C PHE GA 513 -44.29 -86.78 -93.44
N GLN GA 514 -44.35 -86.80 -94.77
CA GLN GA 514 -43.27 -86.26 -95.57
C GLN GA 514 -43.30 -84.74 -95.57
N SER GA 515 -44.45 -84.18 -95.91
CA SER GA 515 -44.59 -82.72 -96.01
C SER GA 515 -44.45 -82.04 -94.66
N MET GA 516 -44.51 -82.83 -93.59
CA MET GA 516 -44.44 -82.31 -92.22
C MET GA 516 -43.01 -82.31 -91.65
N LEU GA 517 -42.18 -83.26 -92.08
CA LEU GA 517 -40.80 -83.30 -91.64
C LEU GA 517 -39.97 -82.20 -92.29
N LYS GA 518 -40.34 -81.81 -93.50
CA LYS GA 518 -39.71 -80.69 -94.19
C LYS GA 518 -39.94 -79.42 -93.38
N VAL GA 519 -40.92 -79.47 -92.49
CA VAL GA 519 -41.32 -78.31 -91.70
C VAL GA 519 -40.77 -78.40 -90.29
N TYR GA 520 -40.45 -79.62 -89.88
CA TYR GA 520 -39.78 -79.83 -88.61
C TYR GA 520 -38.30 -79.50 -88.75
N VAL GA 521 -37.68 -79.98 -89.81
CA VAL GA 521 -36.28 -79.68 -90.05
C VAL GA 521 -36.06 -78.19 -90.19
N GLU GA 522 -36.96 -77.55 -90.92
CA GLU GA 522 -36.95 -76.10 -91.07
C GLU GA 522 -36.98 -75.45 -89.67
N LYS GA 523 -37.86 -75.94 -88.80
CA LYS GA 523 -38.01 -75.36 -87.47
C LYS GA 523 -36.82 -75.68 -86.55
N ILE GA 524 -36.03 -76.66 -86.92
CA ILE GA 524 -34.85 -77.01 -86.12
C ILE GA 524 -33.77 -76.00 -86.40
N PHE GA 525 -33.51 -75.78 -87.69
CA PHE GA 525 -32.46 -74.86 -88.11
C PHE GA 525 -32.77 -73.42 -87.66
N GLN GA 526 -34.05 -73.11 -87.51
CA GLN GA 526 -34.42 -71.83 -86.94
C GLN GA 526 -34.07 -71.80 -85.45
N LEU GA 527 -34.09 -72.96 -84.81
CA LEU GA 527 -33.83 -73.05 -83.37
C LEU GA 527 -32.35 -73.15 -83.03
N VAL GA 528 -31.53 -73.35 -84.05
CA VAL GA 528 -30.09 -73.40 -83.86
C VAL GA 528 -29.61 -72.05 -83.33
N ASP GA 529 -30.39 -71.00 -83.61
CA ASP GA 529 -30.02 -69.62 -83.30
C ASP GA 529 -30.84 -68.98 -82.18
N VAL GA 530 -31.30 -69.79 -81.22
CA VAL GA 530 -32.09 -69.25 -80.11
C VAL GA 530 -31.43 -69.46 -78.73
N ASP GA 531 -31.71 -68.55 -77.79
CA ASP GA 531 -31.15 -68.71 -76.46
C ASP GA 531 -32.05 -69.61 -75.63
N LEU GA 532 -32.63 -70.62 -76.27
CA LEU GA 532 -33.18 -71.74 -75.52
C LEU GA 532 -31.96 -72.38 -74.93
N GLU GA 533 -32.06 -72.96 -73.74
CA GLU GA 533 -30.84 -73.57 -73.26
C GLU GA 533 -31.01 -74.73 -72.34
N ASP GA 534 -30.30 -75.79 -72.73
CA ASP GA 534 -29.91 -76.97 -71.96
C ASP GA 534 -30.98 -78.03 -71.84
N SER GA 535 -31.71 -77.99 -70.73
CA SER GA 535 -32.84 -78.88 -70.56
C SER GA 535 -33.52 -79.08 -71.90
N LEU GA 536 -33.91 -77.96 -72.49
CA LEU GA 536 -34.72 -77.96 -73.69
C LEU GA 536 -33.93 -78.21 -74.97
N VAL GA 537 -32.62 -78.01 -74.95
CA VAL GA 537 -31.87 -78.37 -76.14
C VAL GA 537 -31.86 -79.88 -76.24
N THR GA 538 -31.69 -80.53 -75.10
CA THR GA 538 -31.63 -81.98 -75.04
C THR GA 538 -32.94 -82.62 -75.45
N LYS GA 539 -34.01 -82.32 -74.72
CA LYS GA 539 -35.36 -82.79 -75.04
C LYS GA 539 -35.69 -82.69 -76.56
N ILE GA 540 -35.09 -81.73 -77.24
CA ILE GA 540 -35.39 -81.53 -78.65
C ILE GA 540 -34.64 -82.57 -79.47
N ASN GA 541 -33.43 -82.90 -79.02
CA ASN GA 541 -32.68 -83.97 -79.64
C ASN GA 541 -33.27 -85.35 -79.42
N GLN GA 542 -33.95 -85.53 -78.29
CA GLN GA 542 -34.70 -86.76 -78.06
C GLN GA 542 -35.82 -86.84 -79.10
N THR GA 543 -36.52 -85.74 -79.32
CA THR GA 543 -37.61 -85.77 -80.28
C THR GA 543 -37.14 -86.03 -81.70
N THR GA 544 -35.93 -85.59 -82.01
CA THR GA 544 -35.44 -85.79 -83.36
C THR GA 544 -34.92 -87.21 -83.53
N MET GA 545 -34.46 -87.81 -82.43
CA MET GA 545 -33.94 -89.17 -82.50
C MET GA 545 -35.02 -90.22 -82.33
N ILE GA 546 -36.09 -89.85 -81.66
CA ILE GA 546 -37.21 -90.75 -81.50
C ILE GA 546 -37.98 -90.77 -82.81
N LEU GA 547 -38.16 -89.60 -83.39
CA LEU GA 547 -38.82 -89.49 -84.67
C LEU GA 547 -38.11 -90.35 -85.71
N GLN GA 548 -36.79 -90.45 -85.60
CA GLN GA 548 -36.03 -91.26 -86.54
C GLN GA 548 -36.28 -92.74 -86.39
N GLU GA 549 -36.31 -93.20 -85.14
CA GLU GA 549 -36.45 -94.63 -84.90
C GLU GA 549 -37.85 -95.13 -85.23
N SER GA 550 -38.83 -94.23 -85.19
CA SER GA 550 -40.19 -94.62 -85.53
C SER GA 550 -40.47 -94.44 -87.02
N MET GA 551 -39.44 -94.63 -87.84
CA MET GA 551 -39.52 -94.33 -89.26
C MET GA 551 -39.17 -95.54 -90.11
N ASP GA 552 -39.99 -95.82 -91.11
CA ASP GA 552 -39.66 -96.88 -92.05
C ASP GA 552 -38.64 -96.37 -93.05
N ASP GA 553 -37.86 -97.28 -93.64
CA ASP GA 553 -36.82 -96.91 -94.61
C ASP GA 553 -37.30 -95.95 -95.72
N LYS GA 554 -38.55 -96.11 -96.18
CA LYS GA 554 -39.12 -95.20 -97.19
C LYS GA 554 -38.97 -93.75 -96.70
N ILE GA 555 -39.53 -93.48 -95.52
CA ILE GA 555 -39.57 -92.13 -94.94
C ILE GA 555 -38.21 -91.67 -94.43
N PHE GA 556 -37.52 -92.54 -93.72
CA PHE GA 556 -36.19 -92.25 -93.19
C PHE GA 556 -35.21 -91.85 -94.29
N ASN GA 557 -35.11 -92.67 -95.33
CA ASN GA 557 -34.22 -92.37 -96.45
C ASN GA 557 -34.53 -91.00 -97.08
N TYR GA 558 -35.72 -90.47 -96.80
CA TYR GA 558 -36.10 -89.11 -97.20
C TYR GA 558 -35.57 -88.12 -96.20
N PHE GA 559 -35.85 -88.40 -94.93
CA PHE GA 559 -35.39 -87.56 -93.84
C PHE GA 559 -33.89 -87.37 -93.92
N ALA GA 560 -33.18 -88.43 -94.26
CA ALA GA 560 -31.72 -88.33 -94.41
C ALA GA 560 -31.29 -87.36 -95.51
N SER GA 561 -31.79 -87.52 -96.73
CA SER GA 561 -31.42 -86.60 -97.80
C SER GA 561 -31.99 -85.20 -97.56
N LEU GA 562 -32.69 -85.01 -96.45
CA LEU GA 562 -33.23 -83.71 -96.07
C LEU GA 562 -32.40 -83.05 -94.97
N LEU GA 563 -31.76 -83.85 -94.13
CA LEU GA 563 -30.77 -83.28 -93.21
C LEU GA 563 -29.53 -82.99 -94.03
N ASN GA 564 -29.06 -83.99 -94.76
CA ASN GA 564 -27.93 -83.81 -95.66
C ASN GA 564 -28.12 -82.54 -96.49
N ARG GA 565 -29.25 -82.41 -97.18
CA ARG GA 565 -29.51 -81.23 -98.01
C ARG GA 565 -29.40 -79.92 -97.21
N ASN GA 566 -30.22 -79.79 -96.16
CA ASN GA 566 -30.31 -78.55 -95.35
C ASN GA 566 -29.09 -78.22 -94.49
N PHE GA 567 -28.28 -79.21 -94.18
CA PHE GA 567 -27.09 -79.02 -93.37
C PHE GA 567 -26.06 -78.23 -94.17
N TRP GA 568 -26.02 -78.46 -95.48
CA TRP GA 568 -25.03 -77.80 -96.32
C TRP GA 568 -25.52 -76.44 -96.81
N SER GA 569 -26.66 -76.44 -97.48
CA SER GA 569 -27.26 -75.20 -97.94
C SER GA 569 -28.21 -74.60 -96.88
N ASN GA 570 -27.64 -73.82 -95.95
CA ASN GA 570 -28.43 -73.18 -94.92
C ASN GA 570 -27.93 -71.78 -94.62
N ASP GA 571 -28.86 -70.93 -94.21
CA ASP GA 571 -28.56 -69.56 -93.82
C ASP GA 571 -28.97 -69.43 -92.37
N SER GA 572 -28.40 -70.25 -91.51
CA SER GA 572 -28.97 -70.44 -90.18
C SER GA 572 -28.00 -70.57 -89.02
N PHE GA 573 -26.72 -70.28 -89.22
CA PHE GA 573 -25.79 -70.33 -88.11
C PHE GA 573 -25.13 -68.99 -87.80
N LYS GA 574 -25.88 -67.90 -87.93
CA LYS GA 574 -25.35 -66.55 -87.70
C LYS GA 574 -25.16 -66.21 -86.22
N GLU GA 575 -26.24 -65.75 -85.59
CA GLU GA 575 -26.25 -65.34 -84.18
C GLU GA 575 -25.14 -65.90 -83.29
N LYS GA 576 -24.23 -65.03 -82.88
CA LYS GA 576 -23.19 -65.32 -81.89
C LYS GA 576 -22.78 -66.77 -81.68
N ASP GA 577 -23.49 -67.42 -80.75
CA ASP GA 577 -23.09 -68.72 -80.19
C ASP GA 577 -24.21 -69.77 -80.30
N PRO GA 578 -24.11 -70.64 -81.32
CA PRO GA 578 -25.20 -71.49 -81.79
C PRO GA 578 -25.30 -72.80 -81.04
N ASN GA 579 -26.47 -73.42 -81.14
CA ASN GA 579 -26.69 -74.77 -80.66
C ASN GA 579 -26.43 -75.77 -81.77
N TYR GA 580 -25.16 -76.13 -81.94
CA TYR GA 580 -24.79 -77.05 -83.00
C TYR GA 580 -25.42 -78.41 -82.69
N GLU GA 581 -25.45 -78.75 -81.40
CA GLU GA 581 -26.02 -80.01 -80.93
C GLU GA 581 -27.31 -80.39 -81.68
N LEU GA 582 -28.18 -79.42 -81.93
CA LEU GA 582 -29.51 -79.68 -82.49
C LEU GA 582 -29.50 -80.19 -83.91
N VAL GA 583 -28.35 -80.15 -84.56
CA VAL GA 583 -28.23 -80.56 -85.95
C VAL GA 583 -27.11 -81.61 -86.20
N THR GA 584 -26.00 -81.50 -85.49
CA THR GA 584 -24.95 -82.51 -85.62
C THR GA 584 -25.37 -83.89 -85.12
N ILE GA 585 -26.00 -83.93 -83.96
CA ILE GA 585 -26.41 -85.19 -83.36
C ILE GA 585 -27.45 -85.95 -84.16
N PRO GA 586 -28.52 -85.28 -84.59
CA PRO GA 586 -29.47 -85.93 -85.50
C PRO GA 586 -28.83 -86.53 -86.76
N LEU GA 587 -27.64 -86.07 -87.14
CA LEU GA 587 -26.89 -86.72 -88.23
C LEU GA 587 -26.29 -88.04 -87.75
N ALA GA 588 -25.56 -87.99 -86.65
CA ALA GA 588 -25.00 -89.19 -86.03
C ALA GA 588 -26.03 -90.30 -85.88
N ALA GA 589 -27.27 -89.95 -85.56
CA ALA GA 589 -28.32 -90.94 -85.36
C ALA GA 589 -28.85 -91.50 -86.68
N LEU GA 590 -28.40 -90.91 -87.80
CA LEU GA 590 -28.71 -91.44 -89.12
C LEU GA 590 -27.69 -92.51 -89.45
N VAL GA 591 -26.46 -92.26 -89.04
CA VAL GA 591 -25.35 -93.16 -89.31
C VAL GA 591 -25.36 -94.38 -88.39
N ARG GA 592 -25.92 -94.23 -87.19
CA ARG GA 592 -26.20 -95.36 -86.32
C ARG GA 592 -27.03 -96.38 -87.11
N ARG GA 593 -28.15 -95.92 -87.68
CA ARG GA 593 -29.09 -96.76 -88.41
C ARG GA 593 -28.62 -97.23 -89.79
N ASN GA 594 -27.80 -96.41 -90.44
CA ASN GA 594 -27.36 -96.72 -91.80
C ASN GA 594 -25.90 -96.36 -92.05
N ASN GA 595 -24.99 -97.21 -91.56
CA ASN GA 595 -23.55 -97.00 -91.71
C ASN GA 595 -23.13 -96.64 -93.12
N GLY GA 596 -23.91 -97.06 -94.10
CA GLY GA 596 -23.57 -96.82 -95.49
C GLY GA 596 -23.49 -95.35 -95.82
N LEU GA 597 -24.31 -94.56 -95.14
CA LEU GA 597 -24.35 -93.11 -95.32
C LEU GA 597 -23.04 -92.40 -94.92
N SER GA 598 -22.18 -93.08 -94.17
CA SER GA 598 -20.94 -92.47 -93.66
C SER GA 598 -19.85 -92.28 -94.71
N LYS GA 599 -19.57 -93.29 -95.51
CA LYS GA 599 -18.49 -93.22 -96.48
C LYS GA 599 -18.40 -91.85 -97.17
N GLU GA 600 -19.56 -91.29 -97.51
CA GLU GA 600 -19.58 -90.03 -98.25
C GLU GA 600 -19.81 -88.78 -97.38
N LEU GA 601 -20.58 -88.91 -96.31
CA LEU GA 601 -20.81 -87.77 -95.42
C LEU GA 601 -19.52 -87.28 -94.81
N VAL GA 602 -18.65 -88.21 -94.44
CA VAL GA 602 -17.39 -87.86 -93.81
C VAL GA 602 -16.43 -87.23 -94.80
N ARG GA 603 -16.28 -87.84 -95.96
CA ARG GA 603 -15.40 -87.26 -96.97
C ARG GA 603 -15.86 -85.88 -97.43
N THR GA 604 -17.11 -85.52 -97.14
CA THR GA 604 -17.60 -84.17 -97.48
C THR GA 604 -17.36 -83.20 -96.34
N LEU GA 605 -17.31 -83.71 -95.12
CA LEU GA 605 -16.97 -82.88 -93.98
C LEU GA 605 -15.48 -82.52 -94.01
N LEU GA 606 -14.69 -83.36 -94.66
CA LEU GA 606 -13.25 -83.14 -94.69
C LEU GA 606 -12.78 -82.21 -95.83
N PHE GA 607 -13.41 -82.31 -97.01
CA PHE GA 607 -13.07 -81.42 -98.12
C PHE GA 607 -13.83 -80.12 -97.96
N HIS GA 608 -14.47 -79.94 -96.80
CA HIS GA 608 -15.16 -78.70 -96.44
C HIS GA 608 -14.47 -78.10 -95.21
N ILE GA 609 -13.75 -78.94 -94.47
CA ILE GA 609 -12.97 -78.50 -93.33
C ILE GA 609 -11.61 -78.03 -93.80
N LYS GA 610 -10.97 -78.81 -94.67
CA LYS GA 610 -9.74 -78.37 -95.32
C LYS GA 610 -10.00 -77.06 -96.05
N GLU GA 611 -11.21 -76.89 -96.58
CA GLU GA 611 -11.57 -75.65 -97.28
C GLU GA 611 -11.56 -74.47 -96.33
N GLN GA 612 -12.21 -74.61 -95.19
CA GLN GA 612 -12.28 -73.51 -94.22
C GLN GA 612 -10.93 -73.18 -93.57
N ILE GA 613 -10.10 -74.18 -93.32
CA ILE GA 613 -8.78 -73.92 -92.77
C ILE GA 613 -7.97 -73.12 -93.76
N LYS GA 614 -7.91 -73.63 -94.99
CA LYS GA 614 -7.14 -73.02 -96.07
C LYS GA 614 -7.54 -71.56 -96.34
N ARG GA 615 -8.76 -71.17 -95.99
CA ARG GA 615 -9.16 -69.76 -96.12
C ARG GA 615 -9.27 -68.99 -94.80
N GLY GA 616 -8.30 -69.25 -93.92
CA GLY GA 616 -8.04 -68.41 -92.76
C GLY GA 616 -8.82 -68.67 -91.48
N ALA GA 617 -9.55 -69.77 -91.44
CA ALA GA 617 -10.32 -70.07 -90.25
C ALA GA 617 -9.38 -70.57 -89.16
N GLY GA 618 -9.65 -70.13 -87.93
CA GLY GA 618 -8.82 -70.46 -86.80
C GLY GA 618 -7.42 -69.92 -86.95
N SER GA 619 -7.32 -68.79 -87.66
CA SER GA 619 -6.06 -68.10 -87.90
C SER GA 619 -5.79 -67.12 -86.76
N VAL GA 620 -6.88 -66.56 -86.25
CA VAL GA 620 -6.83 -65.51 -85.25
C VAL GA 620 -6.96 -66.04 -83.83
N ARG GA 621 -5.92 -65.83 -83.02
CA ARG GA 621 -5.85 -66.44 -81.70
C ARG GA 621 -6.78 -65.84 -80.63
N SER GA 622 -7.38 -66.71 -79.82
CA SER GA 622 -8.14 -66.29 -78.64
C SER GA 622 -8.51 -67.46 -77.73
N THR GA 623 -8.14 -67.36 -76.46
CA THR GA 623 -8.76 -68.17 -75.42
C THR GA 623 -10.16 -67.60 -75.24
N SER GA 624 -10.96 -68.22 -74.38
CA SER GA 624 -12.25 -67.66 -73.95
C SER GA 624 -13.45 -67.71 -74.92
N GLU GA 625 -13.21 -67.45 -76.21
CA GLU GA 625 -14.30 -67.32 -77.18
C GLU GA 625 -14.03 -68.00 -78.51
N ILE GA 626 -15.09 -68.46 -79.16
CA ILE GA 626 -14.93 -69.02 -80.49
C ILE GA 626 -15.20 -67.92 -81.50
N GLN GA 627 -14.19 -67.55 -82.27
CA GLN GA 627 -14.35 -66.47 -83.24
C GLN GA 627 -15.46 -66.79 -84.24
N GLN GA 628 -16.32 -65.81 -84.52
CA GLN GA 628 -17.45 -66.01 -85.42
C GLN GA 628 -17.09 -66.27 -86.90
N ARG GA 629 -15.82 -66.10 -87.28
CA ARG GA 629 -15.39 -66.42 -88.64
C ARG GA 629 -15.07 -67.91 -88.67
N ASP GA 630 -15.07 -68.49 -87.49
CA ASP GA 630 -14.76 -69.90 -87.30
C ASP GA 630 -16.05 -70.71 -87.27
N VAL GA 631 -17.12 -70.10 -86.78
CA VAL GA 631 -18.38 -70.80 -86.54
C VAL GA 631 -18.66 -71.91 -87.55
N LYS GA 632 -18.39 -71.65 -88.83
CA LYS GA 632 -18.56 -72.68 -89.86
C LYS GA 632 -17.60 -73.88 -89.67
N LEU GA 633 -16.31 -73.61 -89.59
CA LEU GA 633 -15.37 -74.69 -89.30
C LEU GA 633 -15.76 -75.49 -88.06
N VAL GA 634 -16.33 -74.82 -87.06
CA VAL GA 634 -16.68 -75.49 -85.82
C VAL GA 634 -17.90 -76.40 -86.02
N LEU GA 635 -18.81 -75.99 -86.91
CA LEU GA 635 -19.96 -76.84 -87.23
C LEU GA 635 -19.45 -78.15 -87.78
N TYR GA 636 -18.73 -78.05 -88.89
CA TYR GA 636 -18.21 -79.23 -89.57
C TYR GA 636 -17.37 -80.12 -88.67
N LEU GA 637 -16.67 -79.52 -87.70
CA LEU GA 637 -15.85 -80.30 -86.76
C LEU GA 637 -16.68 -80.99 -85.69
N THR GA 638 -17.77 -80.35 -85.26
CA THR GA 638 -18.64 -81.00 -84.29
C THR GA 638 -19.34 -82.16 -84.98
N ALA GA 639 -19.80 -81.90 -86.19
CA ALA GA 639 -20.43 -82.94 -86.99
C ALA GA 639 -19.48 -84.13 -87.16
N LEU GA 640 -18.23 -83.85 -87.49
CA LEU GA 640 -17.26 -84.92 -87.69
C LEU GA 640 -17.02 -85.73 -86.40
N ASN GA 641 -17.06 -85.07 -85.24
CA ASN GA 641 -16.96 -85.77 -83.96
C ASN GA 641 -18.17 -86.63 -83.66
N ASP GA 642 -19.34 -85.99 -83.69
CA ASP GA 642 -20.60 -86.65 -83.39
C ASP GA 642 -20.91 -87.78 -84.36
N VAL GA 643 -20.46 -87.65 -85.61
CA VAL GA 643 -20.75 -88.62 -86.68
C VAL GA 643 -19.68 -89.71 -86.85
N LEU GA 644 -18.46 -89.48 -86.38
CA LEU GA 644 -17.51 -90.60 -86.33
C LEU GA 644 -17.96 -91.50 -85.21
N ARG GA 645 -18.33 -90.91 -84.08
CA ARG GA 645 -18.63 -91.67 -82.87
C ARG GA 645 -19.64 -92.79 -83.12
N ASN GA 646 -20.42 -92.63 -84.19
CA ASN GA 646 -21.47 -93.57 -84.55
C ASN GA 646 -21.26 -94.21 -85.93
N CYS GA 647 -20.04 -94.11 -86.45
CA CYS GA 647 -19.65 -94.72 -87.73
C CYS GA 647 -19.46 -96.24 -87.63
N HIS GA 648 -18.76 -96.67 -86.58
CA HIS GA 648 -18.48 -98.08 -86.38
C HIS GA 648 -17.66 -98.67 -87.52
N GLU GA 649 -17.95 -99.93 -87.86
CA GLU GA 649 -17.16 -100.71 -88.80
C GLU GA 649 -17.08 -100.15 -90.23
N SER GA 650 -17.95 -99.18 -90.55
CA SER GA 650 -18.00 -98.62 -91.89
C SER GA 650 -16.85 -97.67 -92.07
N LEU GA 651 -16.12 -97.47 -90.97
CA LEU GA 651 -14.98 -96.57 -90.89
C LEU GA 651 -13.72 -97.29 -91.33
N LEU GA 652 -13.84 -98.60 -91.55
CA LEU GA 652 -12.71 -99.41 -91.98
C LEU GA 652 -12.34 -99.08 -93.42
N GLU GA 653 -13.33 -98.60 -94.19
CA GLU GA 653 -13.16 -98.33 -95.62
C GLU GA 653 -12.20 -97.19 -95.87
N TYR GA 654 -12.46 -96.07 -95.21
CA TYR GA 654 -11.67 -94.88 -95.37
C TYR GA 654 -10.77 -94.64 -94.16
N SER GA 655 -10.19 -95.73 -93.64
CA SER GA 655 -9.26 -95.64 -92.52
C SER GA 655 -8.07 -94.72 -92.81
N ASP GA 656 -7.29 -95.02 -93.84
CA ASP GA 656 -6.07 -94.26 -94.11
C ASP GA 656 -6.30 -92.79 -94.45
N GLU GA 657 -7.45 -92.46 -95.04
CA GLU GA 657 -7.75 -91.09 -95.40
C GLU GA 657 -8.09 -90.25 -94.16
N LEU GA 658 -8.48 -90.92 -93.09
CA LEU GA 658 -8.83 -90.24 -91.85
C LEU GA 658 -7.57 -89.89 -91.09
N ILE GA 659 -6.85 -90.92 -90.63
CA ILE GA 659 -5.61 -90.72 -89.91
C ILE GA 659 -4.77 -89.60 -90.52
N THR GA 660 -4.59 -89.64 -91.85
CA THR GA 660 -3.74 -88.65 -92.52
C THR GA 660 -4.38 -87.26 -92.56
N PHE GA 661 -5.69 -87.21 -92.36
CA PHE GA 661 -6.39 -85.94 -92.23
C PHE GA 661 -6.30 -85.43 -90.81
N MET GA 662 -6.34 -86.35 -89.84
CA MET GA 662 -6.21 -85.97 -88.45
C MET GA 662 -4.85 -85.38 -88.18
N LYS GA 663 -3.82 -85.98 -88.76
CA LYS GA 663 -2.46 -85.44 -88.65
C LYS GA 663 -2.35 -84.06 -89.32
N TYR GA 664 -3.15 -83.84 -90.36
CA TYR GA 664 -3.22 -82.54 -91.01
C TYR GA 664 -3.90 -81.49 -90.14
N LEU GA 665 -4.93 -81.93 -89.42
CA LEU GA 665 -5.72 -81.05 -88.55
C LEU GA 665 -4.92 -80.56 -87.35
N TYR GA 666 -3.81 -81.25 -87.06
CA TYR GA 666 -3.01 -80.92 -85.88
C TYR GA 666 -1.72 -80.25 -86.29
N ASP GA 667 -1.29 -80.51 -87.52
CA ASP GA 667 -0.18 -79.75 -88.07
C ASP GA 667 -0.64 -78.31 -88.24
N ASN GA 668 -1.68 -78.11 -89.05
CA ASN GA 668 -2.35 -76.81 -89.09
C ASN GA 668 -3.34 -76.71 -87.94
N VAL GA 669 -3.97 -75.54 -87.81
CA VAL GA 669 -4.95 -75.29 -86.75
C VAL GA 669 -4.45 -75.38 -85.31
N THR GA 670 -4.00 -74.24 -84.78
CA THR GA 670 -3.67 -74.11 -83.37
C THR GA 670 -4.50 -72.96 -82.81
N ASN GA 671 -5.14 -73.18 -81.65
CA ASN GA 671 -6.13 -72.26 -81.07
C ASN GA 671 -6.88 -72.93 -79.90
N PRO GA 672 -6.52 -72.58 -78.66
CA PRO GA 672 -6.92 -73.35 -77.47
C PRO GA 672 -8.39 -73.79 -77.42
N PRO GA 673 -9.33 -72.96 -77.91
CA PRO GA 673 -10.76 -73.33 -77.93
C PRO GA 673 -11.16 -74.24 -79.08
N LEU GA 674 -10.36 -74.28 -80.13
CA LEU GA 674 -10.57 -75.20 -81.24
C LEU GA 674 -9.87 -76.54 -80.99
N ASP GA 675 -8.81 -76.51 -80.21
CA ASP GA 675 -8.09 -77.72 -79.89
C ASP GA 675 -8.87 -78.61 -78.92
N VAL GA 676 -9.73 -78.02 -78.10
CA VAL GA 676 -10.58 -78.84 -77.25
C VAL GA 676 -11.59 -79.54 -78.12
N ILE GA 677 -11.78 -79.01 -79.32
CA ILE GA 677 -12.69 -79.63 -80.28
C ILE GA 677 -11.98 -80.60 -81.21
N THR GA 678 -10.96 -80.14 -81.92
CA THR GA 678 -10.24 -81.02 -82.85
C THR GA 678 -9.65 -82.27 -82.19
N SER GA 679 -9.26 -82.17 -80.93
CA SER GA 679 -8.68 -83.32 -80.23
C SER GA 679 -9.71 -84.39 -79.92
N ILE GA 680 -10.98 -84.09 -80.16
CA ILE GA 680 -12.04 -85.05 -79.87
C ILE GA 680 -12.27 -85.96 -81.07
N VAL GA 681 -11.84 -85.53 -82.24
CA VAL GA 681 -11.92 -86.37 -83.42
C VAL GA 681 -11.29 -87.73 -83.13
N ILE GA 682 -10.12 -87.75 -82.49
CA ILE GA 682 -9.41 -88.99 -82.23
C ILE GA 682 -10.19 -89.91 -81.30
N HIS GA 683 -10.98 -89.34 -80.41
CA HIS GA 683 -11.71 -90.14 -79.45
C HIS GA 683 -12.94 -90.72 -80.12
N SER GA 684 -13.72 -89.87 -80.76
CA SER GA 684 -14.93 -90.31 -81.45
C SER GA 684 -14.66 -91.36 -82.52
N ALA GA 685 -13.39 -91.66 -82.79
CA ALA GA 685 -13.09 -92.69 -83.76
C ALA GA 685 -12.49 -93.95 -83.12
N LEU GA 686 -11.84 -93.80 -81.97
CA LEU GA 686 -11.36 -94.96 -81.23
C LEU GA 686 -12.50 -95.58 -80.44
N ALA GA 687 -13.42 -94.76 -79.97
CA ALA GA 687 -14.54 -95.26 -79.19
C ALA GA 687 -15.48 -96.01 -80.11
N THR GA 688 -15.53 -95.60 -81.37
CA THR GA 688 -16.52 -96.15 -82.26
C THR GA 688 -16.14 -97.53 -82.77
N LEU GA 689 -14.85 -97.85 -82.70
CA LEU GA 689 -14.36 -99.16 -83.15
C LEU GA 689 -14.50 -100.23 -82.08
N CYS GA 690 -14.12 -99.89 -80.84
CA CYS GA 690 -14.10 -100.90 -79.78
C CYS GA 690 -15.16 -100.78 -78.68
N THR GA 691 -15.92 -99.69 -78.66
CA THR GA 691 -17.01 -99.62 -77.69
C THR GA 691 -18.11 -100.55 -78.17
N THR GA 692 -18.61 -101.37 -77.25
CA THR GA 692 -19.67 -102.33 -77.54
C THR GA 692 -21.01 -101.71 -77.20
N GLU GA 693 -21.84 -101.41 -78.20
CA GLU GA 693 -23.11 -100.71 -77.96
C GLU GA 693 -24.24 -101.19 -78.85
N ILE GA 694 -25.43 -100.66 -78.57
CA ILE GA 694 -26.60 -100.84 -79.42
C ILE GA 694 -26.42 -100.11 -80.76
N THR GA 695 -27.34 -100.32 -81.69
CA THR GA 695 -27.23 -99.73 -83.01
C THR GA 695 -28.62 -99.57 -83.60
N ASP GA 696 -29.53 -100.42 -83.14
CA ASP GA 696 -30.89 -100.46 -83.65
C ASP GA 696 -31.83 -100.04 -82.54
N CYS GA 697 -32.77 -99.15 -82.85
CA CYS GA 697 -33.75 -98.72 -81.86
C CYS GA 697 -35.13 -98.55 -82.45
N ARG GA 698 -35.27 -98.92 -83.72
CA ARG GA 698 -36.50 -98.68 -84.47
C ARG GA 698 -37.74 -99.19 -83.75
N LEU GA 699 -38.82 -98.44 -83.89
CA LEU GA 699 -40.09 -98.82 -83.29
C LEU GA 699 -40.47 -100.22 -83.77
N PHE GA 700 -40.27 -100.44 -85.07
CA PHE GA 700 -40.56 -101.71 -85.74
C PHE GA 700 -39.42 -102.01 -86.73
N PRO GA 701 -38.90 -103.26 -86.71
CA PRO GA 701 -37.59 -103.59 -87.27
C PRO GA 701 -37.53 -103.71 -88.80
N GLU GA 702 -36.32 -103.54 -89.33
CA GLU GA 702 -35.98 -103.93 -90.71
C GLU GA 702 -36.76 -103.19 -91.80
N ASP GA 703 -37.90 -102.63 -91.44
CA ASP GA 703 -38.92 -102.18 -92.37
C ASP GA 703 -39.91 -103.33 -92.48
N SER GA 704 -39.39 -104.55 -92.41
CA SER GA 704 -40.21 -105.76 -92.38
C SER GA 704 -39.83 -106.74 -91.25
N LYS GA 705 -40.67 -106.73 -90.24
CA LYS GA 705 -40.66 -107.67 -89.14
C LYS GA 705 -42.08 -107.52 -88.79
N ILE GA 706 -42.90 -107.97 -89.74
CA ILE GA 706 -44.32 -107.70 -89.78
C ILE GA 706 -45.00 -108.24 -88.53
N PRO GA 707 -45.64 -107.35 -87.74
CA PRO GA 707 -46.75 -107.71 -86.86
C PRO GA 707 -48.04 -107.33 -87.60
N GLU GA 708 -47.85 -106.90 -88.85
CA GLU GA 708 -48.91 -106.38 -89.71
C GLU GA 708 -48.90 -104.86 -89.64
N LYS GA 709 -49.93 -104.23 -90.20
CA LYS GA 709 -50.07 -102.77 -90.12
C LYS GA 709 -51.36 -102.38 -89.38
N ASP GA 710 -51.65 -103.13 -88.32
CA ASP GA 710 -52.52 -102.68 -87.25
C ASP GA 710 -51.50 -102.46 -86.14
N ARG GA 711 -50.41 -101.79 -86.48
CA ARG GA 711 -49.28 -101.74 -85.59
C ARG GA 711 -49.03 -100.38 -84.96
N TRP GA 712 -50.09 -99.63 -84.65
CA TRP GA 712 -49.90 -98.30 -84.08
C TRP GA 712 -49.42 -98.31 -82.63
N GLY GA 713 -50.29 -98.06 -81.65
CA GLY GA 713 -49.82 -97.95 -80.27
C GLY GA 713 -48.70 -98.96 -80.11
N GLY GA 714 -47.47 -98.48 -79.99
CA GLY GA 714 -46.28 -99.27 -80.29
C GLY GA 714 -46.08 -100.70 -79.80
N LEU GA 715 -47.20 -101.41 -79.62
CA LEU GA 715 -47.28 -102.69 -78.94
C LEU GA 715 -47.19 -102.46 -77.45
N GLN GA 716 -47.35 -101.21 -77.05
CA GLN GA 716 -47.17 -100.83 -75.66
C GLN GA 716 -48.13 -101.54 -74.71
N PHE GA 717 -49.15 -102.19 -75.26
CA PHE GA 717 -50.14 -102.87 -74.43
C PHE GA 717 -50.33 -104.33 -74.83
N ASP GA 718 -49.84 -104.66 -76.02
CA ASP GA 718 -49.87 -106.02 -76.54
C ASP GA 718 -48.88 -106.90 -75.79
N PRO GA 719 -49.26 -108.16 -75.52
CA PRO GA 719 -48.28 -108.98 -74.80
C PRO GA 719 -47.17 -109.47 -75.71
N ARG GA 720 -47.29 -109.25 -77.02
CA ARG GA 720 -46.20 -109.63 -77.91
C ARG GA 720 -45.13 -108.56 -77.94
N ARG GA 721 -45.38 -107.44 -77.28
CA ARG GA 721 -44.42 -106.35 -77.24
C ARG GA 721 -43.04 -106.86 -76.83
N PHE GA 722 -43.00 -108.01 -76.15
CA PHE GA 722 -41.69 -108.56 -75.75
C PHE GA 722 -41.38 -110.04 -75.97
N ASP GA 723 -41.94 -110.65 -77.02
CA ASP GA 723 -41.41 -111.95 -77.41
C ASP GA 723 -40.17 -111.72 -78.27
N LYS GA 724 -39.19 -112.62 -78.19
CA LYS GA 724 -37.85 -112.36 -78.69
C LYS GA 724 -37.70 -112.01 -80.18
N GLN GA 725 -38.67 -112.32 -81.02
CA GLN GA 725 -38.50 -112.14 -82.46
C GLN GA 725 -38.75 -110.69 -82.86
N HIS GA 726 -39.43 -109.95 -81.98
CA HIS GA 726 -39.73 -108.53 -82.17
C HIS GA 726 -38.51 -107.74 -81.74
N LEU GA 727 -38.11 -107.96 -80.50
CA LEU GA 727 -36.89 -107.40 -79.95
C LEU GA 727 -35.61 -108.04 -80.51
N SER GA 728 -35.43 -107.91 -81.83
CA SER GA 728 -34.27 -108.49 -82.53
C SER GA 728 -33.16 -107.46 -82.69
N PHE GA 729 -32.69 -106.89 -81.59
CA PHE GA 729 -31.74 -105.78 -81.61
C PHE GA 729 -30.50 -106.07 -82.42
N GLN GA 730 -29.88 -105.03 -82.97
CA GLN GA 730 -28.73 -105.23 -83.83
C GLN GA 730 -27.42 -105.36 -83.06
N TRP GA 731 -27.02 -104.29 -82.37
CA TRP GA 731 -25.76 -104.27 -81.59
C TRP GA 731 -24.51 -104.21 -82.45
N HIS GA 732 -23.61 -103.30 -82.10
CA HIS GA 732 -22.28 -103.31 -82.67
C HIS GA 732 -21.37 -104.06 -81.72
N VAL GA 733 -20.79 -105.14 -82.21
CA VAL GA 733 -19.75 -105.84 -81.47
C VAL GA 733 -18.43 -105.66 -82.19
N PRO GA 734 -17.40 -105.28 -81.43
CA PRO GA 734 -16.12 -104.97 -82.07
C PRO GA 734 -15.51 -106.24 -82.67
N SER GA 735 -15.28 -106.26 -83.98
CA SER GA 735 -14.65 -107.39 -84.66
C SER GA 735 -13.12 -107.35 -84.60
N SER GA 736 -12.48 -108.48 -84.89
CA SER GA 736 -11.02 -108.55 -84.87
C SER GA 736 -10.40 -107.55 -85.84
N ASP GA 737 -11.17 -107.17 -86.85
CA ASP GA 737 -10.73 -106.19 -87.84
C ASP GA 737 -10.71 -104.77 -87.27
N GLU GA 738 -11.78 -104.41 -86.57
CA GLU GA 738 -11.92 -103.09 -85.96
C GLU GA 738 -10.91 -102.86 -84.84
N ILE GA 739 -10.78 -103.80 -83.91
CA ILE GA 739 -9.80 -103.71 -82.83
C ILE GA 739 -8.40 -103.53 -83.38
N THR GA 740 -8.19 -104.08 -84.57
CA THR GA 740 -6.87 -104.08 -85.17
C THR GA 740 -6.51 -102.72 -85.78
N LEU GA 741 -7.50 -102.06 -86.41
CA LEU GA 741 -7.36 -100.66 -86.86
C LEU GA 741 -7.34 -99.74 -85.65
N SER GA 742 -8.21 -100.05 -84.70
CA SER GA 742 -8.25 -99.40 -83.40
C SER GA 742 -6.83 -99.22 -82.88
N ILE GA 743 -6.09 -100.32 -82.85
CA ILE GA 743 -4.73 -100.31 -82.31
C ILE GA 743 -3.72 -99.63 -83.24
N SER GA 744 -3.87 -99.81 -84.54
CA SER GA 744 -3.00 -99.14 -85.51
C SER GA 744 -2.95 -97.66 -85.20
N ILE GA 745 -4.13 -97.08 -85.02
CA ILE GA 745 -4.31 -95.67 -84.70
C ILE GA 745 -3.68 -95.30 -83.37
N LEU GA 746 -4.14 -95.93 -82.29
CA LEU GA 746 -3.57 -95.71 -80.97
C LEU GA 746 -2.06 -95.48 -81.02
N GLU GA 747 -1.33 -96.32 -81.75
CA GLU GA 747 0.13 -96.19 -81.76
C GLU GA 747 0.60 -95.12 -82.73
N SER GA 748 -0.18 -94.88 -83.78
CA SER GA 748 0.18 -93.88 -84.80
C SER GA 748 -0.08 -92.42 -84.37
N LEU GA 749 -1.15 -92.20 -83.61
CA LEU GA 749 -1.42 -90.89 -83.04
C LEU GA 749 -0.61 -90.73 -81.77
N SER GA 750 -0.47 -91.81 -81.01
CA SER GA 750 0.32 -91.79 -79.79
C SER GA 750 1.76 -91.38 -80.08
N GLU GA 751 2.31 -91.90 -81.18
CA GLU GA 751 3.63 -91.48 -81.60
C GLU GA 751 3.62 -90.03 -82.08
N TYR GA 752 2.69 -89.71 -82.99
CA TYR GA 752 2.58 -88.34 -83.53
C TYR GA 752 2.64 -87.27 -82.44
N CYS GA 753 1.88 -87.46 -81.36
CA CYS GA 753 1.87 -86.52 -80.25
C CYS GA 753 3.20 -86.49 -79.52
N ILE GA 754 3.72 -87.66 -79.16
CA ILE GA 754 4.94 -87.70 -78.35
C ILE GA 754 6.16 -87.14 -79.10
N ASN GA 755 6.17 -87.27 -80.43
CA ASN GA 755 7.25 -86.70 -81.23
C ASN GA 755 7.13 -85.19 -81.24
N ASN GA 756 6.04 -84.68 -81.80
CA ASN GA 756 5.84 -83.23 -81.89
C ASN GA 756 6.07 -82.51 -80.54
N VAL GA 757 5.92 -83.23 -79.42
CA VAL GA 757 6.13 -82.66 -78.08
C VAL GA 757 7.56 -82.85 -77.56
N GLU GA 758 8.17 -83.97 -77.90
CA GLU GA 758 9.57 -84.18 -77.56
C GLU GA 758 10.44 -83.26 -78.45
N GLU GA 759 9.82 -82.70 -79.49
CA GLU GA 759 10.48 -81.74 -80.37
C GLU GA 759 10.53 -80.39 -79.70
N LEU GA 760 9.36 -79.95 -79.26
CA LEU GA 760 9.20 -78.66 -78.61
C LEU GA 760 9.92 -78.58 -77.27
N MET GA 761 10.64 -79.63 -76.91
CA MET GA 761 11.52 -79.55 -75.76
C MET GA 761 12.91 -79.08 -76.20
N LYS GA 762 12.87 -78.11 -77.09
CA LYS GA 762 13.92 -77.12 -77.29
C LYS GA 762 13.23 -75.76 -77.12
N ALA GA 763 13.18 -75.35 -75.85
CA ALA GA 763 12.15 -74.48 -75.29
C ALA GA 763 12.11 -73.02 -75.75
N PRO GA 764 11.06 -72.61 -76.49
CA PRO GA 764 10.72 -71.18 -76.57
C PRO GA 764 9.73 -70.74 -75.45
N ARG GA 765 10.25 -70.08 -74.41
CA ARG GA 765 9.41 -69.65 -73.29
C ARG GA 765 8.42 -68.58 -73.71
N HIS GA 766 8.83 -67.80 -74.71
CA HIS GA 766 7.97 -66.76 -75.25
C HIS GA 766 6.83 -67.36 -76.06
N ASP GA 767 7.07 -67.55 -77.37
CA ASP GA 767 6.07 -68.03 -78.34
C ASP GA 767 4.62 -67.83 -77.87
N SER GA 768 4.22 -68.56 -76.83
CA SER GA 768 2.84 -68.62 -76.35
C SER GA 768 1.96 -69.32 -77.40
N GLU GA 769 2.37 -69.25 -78.67
CA GLU GA 769 1.90 -70.15 -79.72
C GLU GA 769 2.71 -71.43 -79.57
N TYR GA 770 3.20 -71.63 -78.36
CA TYR GA 770 4.03 -72.78 -77.99
C TYR GA 770 3.24 -73.52 -76.93
N GLY GA 771 2.88 -72.82 -75.88
CA GLY GA 771 2.02 -73.37 -74.86
C GLY GA 771 0.67 -73.74 -75.44
N ASP GA 772 0.38 -73.18 -76.61
CA ASP GA 772 -0.83 -73.51 -77.34
C ASP GA 772 -0.68 -74.87 -78.02
N MET GA 773 0.54 -75.15 -78.47
CA MET GA 773 0.84 -76.36 -79.22
C MET GA 773 1.09 -77.55 -78.31
N ILE GA 774 1.72 -77.30 -77.16
CA ILE GA 774 1.91 -78.37 -76.20
C ILE GA 774 0.57 -78.77 -75.59
N GLN GA 775 -0.28 -77.79 -75.29
CA GLN GA 775 -1.63 -78.10 -74.84
C GLN GA 775 -2.37 -78.93 -75.88
N LYS GA 776 -2.17 -78.60 -77.15
CA LYS GA 776 -2.82 -79.28 -78.26
C LYS GA 776 -2.45 -80.76 -78.26
N TYR GA 777 -1.16 -81.05 -78.28
CA TYR GA 777 -0.71 -82.42 -78.32
C TYR GA 777 -1.09 -83.21 -77.05
N VAL GA 778 -1.15 -82.53 -75.91
CA VAL GA 778 -1.57 -83.19 -74.67
C VAL GA 778 -3.10 -83.39 -74.59
N LEU GA 779 -3.84 -82.71 -75.43
CA LEU GA 779 -5.27 -82.95 -75.48
C LEU GA 779 -5.54 -84.08 -76.44
N VAL GA 780 -4.82 -84.09 -77.55
CA VAL GA 780 -4.96 -85.14 -78.55
C VAL GA 780 -4.49 -86.45 -77.95
N MET GA 781 -3.43 -86.38 -77.16
CA MET GA 781 -2.96 -87.54 -76.44
C MET GA 781 -4.01 -88.02 -75.46
N THR GA 782 -4.62 -87.08 -74.74
CA THR GA 782 -5.59 -87.40 -73.72
C THR GA 782 -6.83 -88.09 -74.31
N HIS GA 783 -7.45 -87.46 -75.30
CA HIS GA 783 -8.64 -88.03 -75.91
C HIS GA 783 -8.30 -89.27 -76.72
N THR GA 784 -7.02 -89.48 -76.95
CA THR GA 784 -6.54 -90.73 -77.54
C THR GA 784 -6.58 -91.85 -76.50
N LEU GA 785 -6.38 -91.49 -75.23
CA LEU GA 785 -6.46 -92.46 -74.13
C LEU GA 785 -7.90 -92.84 -73.80
N SER GA 786 -8.82 -91.88 -73.91
CA SER GA 786 -10.23 -92.15 -73.69
C SER GA 786 -10.88 -92.69 -74.95
N GLY GA 787 -12.10 -93.19 -74.83
CA GLY GA 787 -12.77 -93.84 -75.93
C GLY GA 787 -11.98 -95.10 -76.28
N SER GA 788 -10.72 -94.91 -76.63
CA SER GA 788 -9.77 -96.00 -76.69
C SER GA 788 -9.56 -96.61 -75.31
N SER GA 789 -10.48 -96.34 -74.40
CA SER GA 789 -10.32 -96.77 -73.03
C SER GA 789 -10.83 -98.17 -72.80
N LEU GA 790 -11.57 -98.72 -73.75
CA LEU GA 790 -12.18 -100.02 -73.53
C LEU GA 790 -11.20 -101.19 -73.71
N LEU GA 791 -10.02 -100.88 -74.24
CA LEU GA 791 -9.01 -101.91 -74.51
C LEU GA 791 -8.08 -102.15 -73.34
N PHE GA 792 -8.24 -101.40 -72.25
CA PHE GA 792 -7.32 -101.50 -71.12
C PHE GA 792 -7.85 -102.40 -70.02
N ASP GA 793 -6.93 -103.00 -69.26
CA ASP GA 793 -7.29 -103.92 -68.19
C ASP GA 793 -6.76 -103.33 -66.89
N PRO GA 794 -7.66 -103.04 -65.95
CA PRO GA 794 -7.26 -102.63 -64.60
C PRO GA 794 -6.18 -103.54 -63.99
N ASP GA 795 -6.33 -104.84 -64.16
CA ASP GA 795 -5.52 -105.82 -63.44
C ASP GA 795 -4.10 -106.05 -63.99
N PHE GA 796 -3.86 -105.62 -65.24
CA PHE GA 796 -2.60 -105.92 -65.95
C PHE GA 796 -1.34 -105.96 -65.09
N ASN GA 797 -1.28 -105.10 -64.07
CA ASN GA 797 -0.06 -104.98 -63.27
C ASN GA 797 0.17 -106.11 -62.27
N LYS GA 798 -0.90 -106.82 -61.91
CA LYS GA 798 -0.79 -108.04 -61.12
C LYS GA 798 -0.04 -109.07 -61.95
N TYR GA 799 -0.45 -109.20 -63.22
CA TYR GA 799 0.18 -110.13 -64.15
C TYR GA 799 1.44 -109.50 -64.76
N LEU HA 1 -12.84 -114.80 -58.82
CA LEU HA 1 -12.33 -113.96 -59.89
C LEU HA 1 -13.38 -113.01 -60.49
N ASP HA 2 -13.92 -113.42 -61.63
CA ASP HA 2 -14.67 -112.52 -62.50
C ASP HA 2 -16.18 -112.82 -62.55
N ILE HA 3 -16.99 -111.82 -62.23
CA ILE HA 3 -18.45 -111.99 -62.14
C ILE HA 3 -19.21 -110.85 -62.83
N TYR HA 4 -18.46 -109.98 -63.49
CA TYR HA 4 -19.05 -108.80 -64.06
C TYR HA 4 -19.25 -109.02 -65.57
N THR HA 5 -18.18 -109.45 -66.24
CA THR HA 5 -18.22 -109.85 -67.65
C THR HA 5 -18.87 -108.84 -68.58
N CYS HA 6 -18.07 -108.20 -69.42
CA CYS HA 6 -18.58 -107.13 -70.29
C CYS HA 6 -18.05 -107.18 -71.72
N ASN HA 7 -17.79 -108.38 -72.23
CA ASN HA 7 -17.27 -108.53 -73.59
C ASN HA 7 -15.96 -107.81 -73.75
N TYR HA 8 -15.04 -108.03 -72.81
CA TYR HA 8 -13.78 -107.32 -72.82
C TYR HA 8 -12.92 -107.57 -74.09
N TYR HA 9 -13.54 -108.10 -75.14
CA TYR HA 9 -12.83 -108.48 -76.35
C TYR HA 9 -11.73 -109.52 -76.14
N PHE HA 10 -10.65 -109.12 -75.46
CA PHE HA 10 -9.54 -110.03 -75.20
C PHE HA 10 -9.92 -111.11 -74.18
N GLY HA 11 -11.16 -111.61 -74.23
CA GLY HA 11 -11.56 -112.72 -73.39
C GLY HA 11 -11.66 -112.36 -71.92
N ASN HA 12 -12.75 -112.80 -71.29
CA ASN HA 12 -13.04 -112.44 -69.90
C ASN HA 12 -12.13 -113.17 -68.89
N THR HA 13 -11.04 -112.52 -68.49
CA THR HA 13 -9.99 -113.08 -67.60
C THR HA 13 -9.58 -114.56 -67.82
N THR HA 14 -9.72 -115.05 -69.05
CA THR HA 14 -9.28 -116.40 -69.36
C THR HA 14 -7.74 -116.49 -69.38
N GLU HA 15 -7.08 -115.33 -69.46
CA GLU HA 15 -5.70 -115.27 -69.94
C GLU HA 15 -5.67 -116.05 -71.22
N GLU HA 16 -6.81 -115.99 -71.89
CA GLU HA 16 -6.92 -116.23 -73.31
C GLU HA 16 -6.29 -114.94 -73.83
N LYS HA 17 -6.21 -113.98 -72.93
CA LYS HA 17 -5.69 -112.65 -73.24
C LYS HA 17 -4.18 -112.57 -73.09
N LEU HA 18 -3.66 -113.15 -72.02
CA LEU HA 18 -2.20 -113.17 -71.85
C LEU HA 18 -1.48 -113.78 -73.07
N GLN HA 19 -2.09 -114.80 -73.69
CA GLN HA 19 -1.56 -115.37 -74.93
C GLN HA 19 -2.16 -114.66 -76.14
N ASN HA 20 -2.08 -113.34 -76.13
CA ASN HA 20 -2.59 -112.50 -77.22
C ASN HA 20 -1.57 -111.42 -77.51
N PRO HA 21 -1.06 -111.38 -78.74
CA PRO HA 21 -0.07 -110.38 -79.12
C PRO HA 21 -0.67 -108.97 -79.02
N ASN HA 22 -1.95 -108.86 -79.36
CA ASN HA 22 -2.68 -107.58 -79.39
C ASN HA 22 -2.86 -106.93 -78.02
N TYR HA 23 -2.50 -107.63 -76.95
CA TYR HA 23 -2.80 -107.19 -75.60
C TYR HA 23 -1.56 -106.73 -74.85
N LEU HA 24 -0.40 -107.23 -75.26
CA LEU HA 24 0.83 -106.69 -74.73
C LEU HA 24 1.19 -105.47 -75.56
N ASN HA 25 0.65 -105.43 -76.79
CA ASN HA 25 0.83 -104.32 -77.69
C ASN HA 25 0.21 -103.10 -77.05
N VAL HA 26 -0.97 -103.30 -76.48
CA VAL HA 26 -1.81 -102.20 -76.01
C VAL HA 26 -1.29 -101.54 -74.74
N HIS HA 27 -0.93 -102.34 -73.76
CA HIS HA 27 -0.47 -101.78 -72.50
C HIS HA 27 0.96 -101.25 -72.58
N ARG HA 28 1.74 -101.76 -73.53
CA ARG HA 28 3.11 -101.28 -73.72
C ARG HA 28 3.03 -99.85 -74.19
N VAL HA 29 1.87 -99.50 -74.74
CA VAL HA 29 1.61 -98.13 -75.23
C VAL HA 29 1.10 -97.18 -74.12
N ARG HA 30 0.29 -97.69 -73.20
CA ARG HA 30 -0.12 -96.85 -72.07
C ARG HA 30 1.05 -96.61 -71.12
N ALA HA 31 1.99 -97.54 -71.08
CA ALA HA 31 3.20 -97.35 -70.28
C ALA HA 31 4.01 -96.17 -70.83
N ARG HA 32 4.16 -96.08 -72.14
CA ARG HA 32 4.93 -95.00 -72.77
C ARG HA 32 4.25 -93.67 -72.49
N ILE HA 33 2.93 -93.64 -72.65
CA ILE HA 33 2.16 -92.43 -72.39
C ILE HA 33 2.30 -92.02 -70.94
N GLY HA 34 2.34 -92.99 -70.04
CA GLY HA 34 2.56 -92.68 -68.64
C GLY HA 34 3.94 -92.10 -68.40
N HIS HA 35 4.98 -92.76 -68.87
CA HIS HA 35 6.35 -92.29 -68.67
C HIS HA 35 6.59 -90.98 -69.40
N PHE HA 36 5.72 -90.67 -70.34
CA PHE HA 36 5.85 -89.43 -71.11
C PHE HA 36 5.18 -88.27 -70.40
N PHE HA 37 4.12 -88.56 -69.65
CA PHE HA 37 3.46 -87.52 -68.88
C PHE HA 37 4.38 -87.03 -67.76
N HIS HA 38 5.09 -87.94 -67.11
CA HIS HA 38 6.09 -87.54 -66.15
C HIS HA 38 7.21 -86.73 -66.83
N LYS HA 39 7.69 -87.21 -67.99
CA LYS HA 39 8.72 -86.47 -68.74
C LYS HA 39 8.31 -85.00 -68.97
N LEU HA 40 7.01 -84.78 -69.21
CA LEU HA 40 6.48 -83.44 -69.46
C LEU HA 40 6.24 -82.66 -68.19
N TYR HA 41 5.80 -83.33 -67.14
CA TYR HA 41 5.62 -82.65 -65.85
C TYR HA 41 6.95 -82.10 -65.34
N VAL HA 42 7.99 -82.92 -65.28
CA VAL HA 42 9.28 -82.41 -64.82
C VAL HA 42 9.79 -81.31 -65.75
N PHE HA 43 9.47 -81.41 -67.03
CA PHE HA 43 9.89 -80.39 -67.99
C PHE HA 43 9.14 -79.07 -67.82
N LEU HA 44 7.98 -79.09 -67.18
CA LEU HA 44 7.21 -77.86 -66.99
C LEU HA 44 7.49 -77.21 -65.65
N SER HA 45 7.43 -77.97 -64.58
CA SER HA 45 7.67 -77.41 -63.26
C SER HA 45 9.07 -76.80 -63.20
N THR HA 46 9.91 -77.18 -64.17
CA THR HA 46 11.27 -76.69 -64.26
C THR HA 46 11.39 -75.47 -65.16
N ASN HA 47 10.70 -75.51 -66.30
CA ASN HA 47 10.74 -74.40 -67.28
C ASN HA 47 9.59 -73.40 -67.26
N PHE HA 48 8.46 -73.76 -66.64
CA PHE HA 48 7.24 -72.95 -66.74
C PHE HA 48 6.41 -72.83 -65.44
N GLU HA 49 7.06 -72.78 -64.28
CA GLU HA 49 6.32 -72.82 -63.01
C GLU HA 49 5.15 -71.83 -63.00
N ASN HA 50 5.37 -70.68 -63.61
CA ASN HA 50 4.38 -69.60 -63.63
C ASN HA 50 3.39 -69.72 -64.78
N ASN HA 51 2.82 -70.91 -64.98
CA ASN HA 51 1.78 -71.10 -65.99
C ASN HA 51 0.66 -71.99 -65.48
N THR HA 52 -0.59 -71.58 -65.70
CA THR HA 52 -1.75 -72.33 -65.26
C THR HA 52 -2.40 -73.12 -66.38
N ASN HA 53 -2.58 -72.50 -67.54
CA ASN HA 53 -3.21 -73.19 -68.66
C ASN HA 53 -2.53 -74.52 -69.04
N MET HA 54 -1.19 -74.57 -69.02
CA MET HA 54 -0.49 -75.80 -69.35
C MET HA 54 -0.84 -76.88 -68.34
N PHE HA 55 -0.61 -76.59 -67.06
CA PHE HA 55 -0.82 -77.56 -65.99
C PHE HA 55 -2.25 -78.08 -65.84
N GLN HA 56 -3.22 -77.29 -66.29
CA GLN HA 56 -4.61 -77.77 -66.27
C GLN HA 56 -4.84 -78.88 -67.28
N ILE HA 57 -4.35 -78.67 -68.51
CA ILE HA 57 -4.47 -79.66 -69.59
C ILE HA 57 -3.74 -80.98 -69.29
N LEU HA 58 -2.68 -80.89 -68.51
CA LEU HA 58 -1.92 -82.07 -68.09
C LEU HA 58 -2.66 -82.78 -66.98
N LEU HA 59 -3.23 -82.01 -66.05
CA LEU HA 59 -3.96 -82.57 -64.93
C LEU HA 59 -5.26 -83.26 -65.35
N HIS HA 60 -5.75 -82.95 -66.55
CA HIS HA 60 -6.90 -83.65 -67.08
C HIS HA 60 -6.43 -84.87 -67.84
N GLY HA 61 -5.25 -84.78 -68.45
CA GLY HA 61 -4.66 -85.94 -69.11
C GLY HA 61 -4.28 -87.02 -68.10
N LEU HA 62 -4.25 -86.65 -66.82
CA LEU HA 62 -3.96 -87.63 -65.79
C LEU HA 62 -5.25 -88.12 -65.15
N LYS HA 63 -6.24 -87.23 -65.00
CA LYS HA 63 -7.58 -87.64 -64.54
C LYS HA 63 -8.11 -88.72 -65.48
N VAL HA 64 -7.59 -88.75 -66.70
CA VAL HA 64 -8.04 -89.71 -67.70
C VAL HA 64 -7.22 -90.98 -67.64
N TRP HA 65 -5.91 -90.82 -67.75
CA TRP HA 65 -4.98 -91.94 -67.75
C TRP HA 65 -5.14 -92.81 -66.50
N PHE HA 66 -5.58 -92.21 -65.39
CA PHE HA 66 -5.77 -92.95 -64.14
C PHE HA 66 -7.16 -93.60 -64.01
N THR HA 67 -8.15 -93.07 -64.74
CA THR HA 67 -9.53 -93.50 -64.60
C THR HA 67 -10.10 -94.24 -65.79
N ASP HA 68 -10.07 -93.60 -66.96
CA ASP HA 68 -10.56 -94.23 -68.18
C ASP HA 68 -9.67 -95.45 -68.52
N LEU HA 69 -9.86 -96.53 -67.74
CA LEU HA 69 -9.16 -97.82 -67.85
C LEU HA 69 -10.05 -98.93 -68.42
N GLY HA 70 -10.94 -99.45 -67.59
CA GLY HA 70 -11.94 -100.36 -68.10
C GLY HA 70 -13.02 -99.60 -68.84
N GLN HA 71 -13.40 -98.44 -68.31
CA GLN HA 71 -14.59 -97.70 -68.74
C GLN HA 71 -14.29 -96.40 -69.51
N GLU HA 72 -15.29 -95.52 -69.66
CA GLU HA 72 -15.07 -94.12 -70.08
C GLU HA 72 -15.89 -93.22 -69.16
N THR HA 73 -15.22 -92.53 -68.22
CA THR HA 73 -15.94 -91.79 -67.17
C THR HA 73 -15.89 -90.27 -67.27
N VAL HA 74 -14.87 -89.74 -67.94
CA VAL HA 74 -14.91 -88.35 -68.34
C VAL HA 74 -15.28 -88.32 -69.83
N PHE HA 75 -16.36 -87.59 -70.15
CA PHE HA 75 -17.15 -87.82 -71.37
C PHE HA 75 -18.29 -88.81 -71.12
N ASN HA 76 -18.24 -89.50 -69.97
CA ASN HA 76 -19.25 -90.51 -69.64
C ASN HA 76 -20.64 -90.02 -69.99
N GLU HA 77 -20.97 -88.84 -69.48
CA GLU HA 77 -22.28 -88.27 -69.67
C GLU HA 77 -22.23 -86.90 -70.33
N ASP HA 78 -22.05 -86.90 -71.64
CA ASP HA 78 -22.33 -85.74 -72.46
C ASP HA 78 -23.50 -86.20 -73.31
N PRO HA 79 -24.50 -85.34 -73.51
CA PRO HA 79 -25.45 -85.76 -74.55
C PRO HA 79 -24.69 -86.23 -75.80
N ASN HA 80 -24.85 -87.51 -76.13
CA ASN HA 80 -24.35 -88.08 -77.37
C ASN HA 80 -25.51 -88.48 -78.27
N ALA HA 81 -25.29 -89.39 -79.21
CA ALA HA 81 -26.34 -89.73 -80.18
C ALA HA 81 -27.22 -90.93 -79.80
N PHE HA 82 -27.26 -91.26 -78.52
CA PHE HA 82 -28.19 -92.28 -78.05
C PHE HA 82 -29.35 -91.62 -77.33
N ILE HA 83 -30.56 -92.15 -77.56
CA ILE HA 83 -31.74 -91.69 -76.85
C ILE HA 83 -31.50 -91.98 -75.36
N ASP HA 84 -31.94 -91.10 -74.47
CA ASP HA 84 -31.69 -91.31 -73.04
C ASP HA 84 -32.69 -92.26 -72.37
N VAL HA 85 -32.17 -93.22 -71.64
CA VAL HA 85 -32.98 -94.20 -70.95
C VAL HA 85 -33.91 -93.54 -69.92
N ASP HA 86 -33.41 -92.53 -69.23
CA ASP HA 86 -34.21 -91.89 -68.21
C ASP HA 86 -35.34 -91.06 -68.79
N PHE HA 87 -35.08 -90.43 -69.94
CA PHE HA 87 -36.11 -89.66 -70.61
C PHE HA 87 -37.24 -90.60 -70.99
N LEU HA 88 -36.89 -91.58 -71.82
CA LEU HA 88 -37.88 -92.46 -72.41
C LEU HA 88 -38.74 -93.15 -71.37
N GLU HA 89 -38.14 -93.52 -70.25
CA GLU HA 89 -38.89 -94.11 -69.15
C GLU HA 89 -40.04 -93.22 -68.65
N ASN HA 90 -39.83 -91.91 -68.62
CA ASN HA 90 -40.87 -91.00 -68.19
C ASN HA 90 -42.05 -90.97 -69.16
N VAL HA 91 -41.72 -91.01 -70.44
CA VAL HA 91 -42.69 -90.91 -71.50
C VAL HA 91 -43.62 -92.10 -71.55
N GLN HA 92 -43.04 -93.28 -71.32
CA GLN HA 92 -43.71 -94.56 -71.60
C GLN HA 92 -44.26 -95.28 -70.39
N SER HA 93 -43.55 -95.21 -69.28
CA SER HA 93 -43.97 -95.98 -68.12
C SER HA 93 -45.19 -95.38 -67.44
N LEU HA 94 -46.27 -96.15 -67.40
CA LEU HA 94 -47.37 -95.90 -66.47
C LEU HA 94 -47.03 -96.68 -65.20
N SER HA 95 -47.53 -96.27 -64.04
CA SER HA 95 -47.19 -96.94 -62.78
C SER HA 95 -48.29 -97.91 -62.34
N HIS HA 96 -47.89 -99.02 -61.74
CA HIS HA 96 -48.79 -100.15 -61.49
C HIS HA 96 -49.00 -100.96 -62.79
N VAL HA 97 -48.08 -100.79 -63.74
CA VAL HA 97 -48.17 -101.45 -65.05
C VAL HA 97 -46.77 -101.95 -65.50
N ASN HA 98 -46.59 -103.27 -65.56
CA ASN HA 98 -45.26 -103.83 -65.89
C ASN HA 98 -44.79 -103.54 -67.32
N GLU HA 99 -43.75 -102.72 -67.43
CA GLU HA 99 -43.05 -102.44 -68.68
C GLU HA 99 -43.90 -102.36 -69.96
N PRO HA 100 -44.77 -101.35 -70.06
CA PRO HA 100 -45.58 -101.10 -71.24
C PRO HA 100 -44.77 -100.36 -72.27
N PHE HA 101 -43.64 -100.89 -72.66
CA PHE HA 101 -42.72 -100.13 -73.49
C PHE HA 101 -42.77 -100.45 -74.96
N THR HA 102 -42.46 -99.45 -75.78
CA THR HA 102 -42.34 -99.65 -77.22
C THR HA 102 -40.99 -100.31 -77.50
N ARG HA 103 -40.83 -100.91 -78.68
CA ARG HA 103 -39.53 -101.50 -79.01
C ARG HA 103 -38.33 -100.56 -78.80
N THR HA 104 -38.47 -99.27 -79.14
CA THR HA 104 -37.37 -98.31 -79.06
C THR HA 104 -36.77 -98.32 -77.66
N ASN HA 105 -37.62 -98.27 -76.65
CA ASN HA 105 -37.20 -98.17 -75.25
C ASN HA 105 -36.49 -99.43 -74.77
N PHE HA 106 -37.02 -100.60 -75.12
CA PHE HA 106 -36.44 -101.89 -74.70
C PHE HA 106 -34.98 -101.92 -75.13
N ALA HA 107 -34.69 -101.29 -76.27
CA ALA HA 107 -33.35 -101.35 -76.83
C ALA HA 107 -32.31 -100.50 -76.09
N ILE HA 108 -32.67 -99.29 -75.65
CA ILE HA 108 -31.76 -98.48 -74.82
C ILE HA 108 -31.62 -99.11 -73.44
N ARG HA 109 -32.75 -99.53 -72.88
CA ARG HA 109 -32.80 -100.24 -71.62
C ARG HA 109 -31.74 -101.33 -71.56
N ALA HA 110 -31.59 -102.05 -72.68
CA ALA HA 110 -30.63 -103.13 -72.78
C ALA HA 110 -29.23 -102.58 -72.95
N ASN HA 111 -29.07 -101.62 -73.85
CA ASN HA 111 -27.79 -100.96 -74.01
C ASN HA 111 -27.37 -100.33 -72.68
N SER HA 112 -28.34 -99.79 -71.96
CA SER HA 112 -28.07 -99.19 -70.66
C SER HA 112 -27.59 -100.22 -69.67
N LEU HA 113 -27.98 -101.48 -69.88
CA LEU HA 113 -27.54 -102.55 -68.97
C LEU HA 113 -26.11 -102.97 -69.27
N HIS HA 114 -25.78 -103.10 -70.55
CA HIS HA 114 -24.40 -103.36 -70.92
C HIS HA 114 -23.49 -102.29 -70.35
N GLN HA 115 -23.87 -101.03 -70.56
CA GLN HA 115 -22.97 -99.93 -70.20
C GLN HA 115 -22.76 -99.88 -68.70
N SER HA 116 -23.73 -100.35 -67.92
CA SER HA 116 -23.59 -100.37 -66.46
C SER HA 116 -22.79 -101.57 -65.97
N ARG HA 117 -22.79 -102.65 -66.77
CA ARG HA 117 -21.97 -103.83 -66.49
C ARG HA 117 -20.50 -103.48 -66.69
N VAL HA 118 -20.24 -102.49 -67.54
CA VAL HA 118 -18.87 -102.06 -67.76
C VAL HA 118 -18.40 -101.29 -66.54
N LEU HA 119 -19.23 -100.37 -66.08
CA LEU HA 119 -18.84 -99.48 -64.98
C LEU HA 119 -18.79 -100.25 -63.65
N LEU HA 120 -19.51 -101.37 -63.59
CA LEU HA 120 -19.46 -102.24 -62.41
C LEU HA 120 -18.02 -102.67 -62.11
N HIS HA 121 -17.30 -103.12 -63.14
CA HIS HA 121 -15.92 -103.60 -62.99
C HIS HA 121 -15.08 -102.68 -62.12
N SER HA 122 -14.85 -103.08 -60.87
CA SER HA 122 -14.06 -102.28 -59.94
C SER HA 122 -12.67 -102.05 -60.51
N THR HA 123 -12.34 -100.78 -60.69
CA THR HA 123 -11.07 -100.41 -61.31
C THR HA 123 -10.00 -100.22 -60.25
N ASN HA 124 -10.42 -100.30 -59.00
CA ASN HA 124 -9.53 -100.21 -57.83
C ASN HA 124 -8.34 -101.18 -57.92
N ARG HA 125 -7.09 -100.69 -57.72
CA ARG HA 125 -5.89 -101.52 -57.93
C ARG HA 125 -4.66 -101.24 -57.04
N LYS HA 126 -3.55 -101.93 -57.31
CA LYS HA 126 -2.29 -101.67 -56.62
C LYS HA 126 -1.42 -100.73 -57.45
N ALA HA 127 -0.79 -99.78 -56.78
CA ALA HA 127 -0.03 -98.73 -57.45
C ALA HA 127 1.09 -99.34 -58.26
N SER HA 128 1.28 -98.86 -59.50
CA SER HA 128 2.16 -99.51 -60.49
C SER HA 128 3.60 -98.95 -60.65
N LYS HA 129 4.25 -98.62 -59.55
CA LYS HA 129 5.61 -98.04 -59.59
C LYS HA 129 5.59 -96.71 -60.34
N LEU HA 130 5.28 -96.75 -61.63
CA LEU HA 130 5.08 -95.52 -62.41
C LEU HA 130 3.83 -94.79 -61.96
N GLU HA 131 2.82 -95.54 -61.53
CA GLU HA 131 1.59 -94.93 -61.06
C GLU HA 131 1.83 -94.23 -59.73
N ASN HA 132 2.78 -94.72 -58.94
CA ASN HA 132 3.14 -94.02 -57.72
C ASN HA 132 3.92 -92.74 -58.01
N LEU HA 133 4.66 -92.73 -59.12
CA LEU HA 133 5.47 -91.57 -59.50
C LEU HA 133 4.61 -90.41 -59.94
N LEU HA 134 3.50 -90.73 -60.60
CA LEU HA 134 2.58 -89.72 -61.10
C LEU HA 134 1.62 -89.23 -60.02
N LEU HA 135 1.38 -90.04 -58.99
CA LEU HA 135 0.55 -89.65 -57.87
C LEU HA 135 1.33 -88.75 -56.93
N VAL HA 136 2.64 -88.89 -56.93
CA VAL HA 136 3.51 -87.99 -56.20
C VAL HA 136 3.59 -86.64 -56.91
N ASP HA 137 3.56 -86.66 -58.23
CA ASP HA 137 3.53 -85.43 -59.03
C ASP HA 137 2.22 -84.66 -58.79
N ILE HA 138 1.11 -85.36 -58.87
CA ILE HA 138 -0.21 -84.78 -58.67
C ILE HA 138 -0.36 -84.15 -57.30
N ILE HA 139 0.55 -84.47 -56.40
CA ILE HA 139 0.54 -83.89 -55.06
C ILE HA 139 1.33 -82.58 -55.05
N GLN HA 140 2.55 -82.61 -55.58
CA GLN HA 140 3.35 -81.39 -55.73
C GLN HA 140 2.57 -80.33 -56.47
N LEU HA 141 1.47 -80.73 -57.11
CA LEU HA 141 0.60 -79.81 -57.83
C LEU HA 141 -0.57 -79.35 -56.97
N ALA HA 142 -1.11 -80.25 -56.18
CA ALA HA 142 -2.15 -79.89 -55.22
C ALA HA 142 -1.48 -79.24 -54.02
N THR HA 143 -0.16 -79.10 -54.12
CA THR HA 143 0.63 -78.47 -53.09
C THR HA 143 1.26 -77.19 -53.69
N SER HA 144 0.97 -76.94 -54.98
CA SER HA 144 1.42 -75.72 -55.68
C SER HA 144 0.80 -74.50 -55.04
N LEU HA 145 1.21 -73.31 -55.49
CA LEU HA 145 0.77 -72.09 -54.85
C LEU HA 145 -0.34 -71.34 -55.61
N TYR HA 146 -0.53 -71.67 -56.89
CA TYR HA 146 -1.59 -71.04 -57.71
C TYR HA 146 -2.95 -71.72 -57.57
N PRO HA 147 -3.94 -70.99 -57.09
CA PRO HA 147 -5.29 -71.54 -57.00
C PRO HA 147 -5.80 -72.06 -58.34
N ASP HA 148 -5.28 -71.56 -59.45
CA ASP HA 148 -5.79 -72.00 -60.74
C ASP HA 148 -5.23 -73.40 -61.06
N ILE HA 149 -4.27 -73.84 -60.24
CA ILE HA 149 -3.62 -75.15 -60.41
C ILE HA 149 -3.93 -76.10 -59.26
N TYR HA 150 -3.70 -75.66 -58.02
CA TYR HA 150 -3.96 -76.53 -56.87
C TYR HA 150 -5.42 -76.99 -56.69
N LYS HA 151 -6.36 -76.23 -57.23
CA LYS HA 151 -7.78 -76.57 -57.12
C LYS HA 151 -8.21 -77.68 -58.09
N PRO HA 152 -7.68 -77.67 -59.31
CA PRO HA 152 -8.00 -78.82 -60.17
C PRO HA 152 -7.17 -80.04 -59.81
N ALA HA 153 -5.96 -79.83 -59.29
CA ALA HA 153 -5.12 -80.96 -58.93
C ALA HA 153 -5.72 -81.70 -57.76
N GLN HA 154 -6.23 -80.97 -56.78
CA GLN HA 154 -6.89 -81.58 -55.64
C GLN HA 154 -8.12 -82.37 -56.08
N GLY HA 155 -8.92 -81.78 -56.96
CA GLY HA 155 -10.05 -82.50 -57.51
C GLY HA 155 -9.59 -83.68 -58.33
N THR HA 156 -8.36 -83.59 -58.85
CA THR HA 156 -7.78 -84.62 -59.68
C THR HA 156 -7.10 -85.72 -58.87
N LEU HA 157 -6.66 -85.39 -57.66
CA LEU HA 157 -6.03 -86.36 -56.78
C LEU HA 157 -7.10 -87.14 -56.02
N VAL HA 158 -8.32 -86.64 -56.02
CA VAL HA 158 -9.41 -87.34 -55.38
C VAL HA 158 -9.95 -88.42 -56.29
N HIS HA 159 -10.01 -88.15 -57.60
CA HIS HA 159 -10.42 -89.18 -58.55
C HIS HA 159 -9.32 -90.26 -58.63
N CYS HA 160 -8.15 -89.96 -58.07
CA CYS HA 160 -7.00 -90.90 -58.07
C CYS HA 160 -6.83 -91.75 -56.81
N MET HA 161 -7.44 -91.34 -55.71
CA MET HA 161 -7.46 -92.16 -54.51
C MET HA 161 -8.66 -93.10 -54.51
N LYS HA 162 -9.65 -92.80 -55.35
CA LYS HA 162 -10.78 -93.68 -55.61
C LYS HA 162 -10.24 -94.90 -56.35
N GLN HA 163 -9.09 -94.72 -56.98
CA GLN HA 163 -8.57 -95.70 -57.94
C GLN HA 163 -7.34 -96.46 -57.44
N LEU HA 164 -6.71 -95.99 -56.37
CA LEU HA 164 -5.53 -96.70 -55.84
C LEU HA 164 -5.72 -97.17 -54.40
N VAL HA 165 -4.88 -98.11 -53.98
CA VAL HA 165 -5.09 -98.79 -52.70
C VAL HA 165 -4.23 -98.20 -51.62
N GLY HA 166 -4.85 -97.93 -50.46
CA GLY HA 166 -4.18 -97.30 -49.34
C GLY HA 166 -3.35 -96.15 -49.86
N SER HA 167 -3.90 -95.42 -50.83
CA SER HA 167 -3.22 -94.30 -51.44
C SER HA 167 -3.27 -93.10 -50.51
N TYR HA 168 -4.26 -93.09 -49.62
CA TYR HA 168 -4.34 -92.09 -48.58
C TYR HA 168 -3.05 -92.07 -47.76
N GLY HA 169 -2.48 -93.25 -47.57
CA GLY HA 169 -1.25 -93.37 -46.81
C GLY HA 169 -0.11 -92.68 -47.51
N VAL HA 170 -0.05 -92.88 -48.82
CA VAL HA 170 0.97 -92.26 -49.65
C VAL HA 170 0.85 -90.75 -49.56
N VAL HA 171 -0.38 -90.26 -49.58
CA VAL HA 171 -0.62 -88.84 -49.52
C VAL HA 171 -0.23 -88.19 -48.19
N ILE HA 172 -0.64 -88.78 -47.06
CA ILE HA 172 -0.33 -88.19 -45.77
C ILE HA 172 1.16 -88.15 -45.51
N ASN HA 173 1.83 -89.27 -45.76
CA ASN HA 173 3.28 -89.38 -45.51
C ASN HA 173 4.08 -88.50 -46.46
N LYS HA 174 3.37 -87.65 -47.20
CA LYS HA 174 3.99 -86.63 -48.05
C LYS HA 174 3.57 -85.23 -47.60
N ILE HA 175 2.30 -85.10 -47.19
CA ILE HA 175 1.74 -83.86 -46.67
C ILE HA 175 2.46 -83.40 -45.42
N ILE HA 176 2.24 -84.13 -44.34
CA ILE HA 176 2.85 -83.85 -43.06
C ILE HA 176 4.35 -83.51 -43.11
N PRO HA 177 5.16 -84.35 -43.76
CA PRO HA 177 6.58 -84.00 -43.88
C PRO HA 177 6.79 -82.64 -44.56
N SER HA 178 6.05 -82.38 -45.64
CA SER HA 178 6.20 -81.12 -46.38
C SER HA 178 5.27 -80.01 -45.88
N LEU HA 179 4.63 -80.23 -44.74
CA LEU HA 179 3.95 -79.17 -43.98
C LEU HA 179 4.82 -78.80 -42.78
N GLU HA 180 5.44 -79.80 -42.18
CA GLU HA 180 6.38 -79.56 -41.11
C GLU HA 180 7.51 -78.69 -41.67
N LYS HA 181 7.85 -78.92 -42.93
CA LYS HA 181 8.87 -78.11 -43.61
C LYS HA 181 8.38 -76.69 -43.83
N ALA HA 182 7.26 -76.54 -44.52
CA ALA HA 182 6.73 -75.22 -44.83
C ALA HA 182 6.45 -74.34 -43.60
N ILE HA 183 6.62 -74.89 -42.40
CA ILE HA 183 6.45 -74.14 -41.15
C ILE HA 183 7.80 -73.62 -40.63
N LYS HA 184 8.84 -74.42 -40.75
CA LYS HA 184 10.18 -73.97 -40.37
C LYS HA 184 10.88 -73.29 -41.56
N ASP HA 185 10.13 -73.08 -42.64
CA ASP HA 185 10.56 -72.28 -43.79
C ASP HA 185 9.72 -71.01 -43.84
N HIS HA 186 8.91 -70.84 -42.81
CA HIS HA 186 8.10 -69.65 -42.60
C HIS HA 186 6.95 -69.32 -43.57
N ASP HA 187 6.20 -68.30 -43.13
CA ASP HA 187 4.76 -68.02 -43.38
C ASP HA 187 4.10 -68.49 -44.68
N TYR HA 188 4.86 -69.25 -45.44
CA TYR HA 188 4.44 -69.88 -46.66
C TYR HA 188 2.93 -69.84 -46.99
N MET HA 189 2.63 -69.62 -48.25
CA MET HA 189 1.29 -69.83 -48.73
C MET HA 189 1.17 -71.31 -49.06
N LYS HA 190 2.25 -72.06 -48.81
CA LYS HA 190 2.22 -73.52 -49.00
C LYS HA 190 1.60 -74.15 -47.77
N ILE HA 191 1.59 -73.41 -46.68
CA ILE HA 191 0.85 -73.81 -45.51
C ILE HA 191 -0.65 -73.58 -45.73
N GLN HA 192 -0.97 -72.46 -46.35
CA GLN HA 192 -2.37 -72.13 -46.66
C GLN HA 192 -2.98 -73.18 -47.57
N VAL HA 193 -2.14 -73.81 -48.40
CA VAL HA 193 -2.62 -74.78 -49.37
C VAL HA 193 -2.77 -76.14 -48.73
N ILE HA 194 -1.76 -76.54 -47.97
CA ILE HA 194 -1.80 -77.82 -47.28
C ILE HA 194 -3.03 -77.91 -46.39
N LEU HA 195 -3.40 -76.80 -45.76
CA LEU HA 195 -4.61 -76.77 -44.97
C LEU HA 195 -5.86 -76.92 -45.84
N ASN HA 196 -5.84 -76.41 -47.07
CA ASN HA 196 -6.99 -76.53 -47.97
C ASN HA 196 -7.19 -77.98 -48.35
N VAL HA 197 -6.08 -78.70 -48.46
CA VAL HA 197 -6.08 -80.13 -48.75
C VAL HA 197 -6.76 -80.92 -47.64
N LEU HA 198 -6.40 -80.61 -46.40
CA LEU HA 198 -6.91 -81.31 -45.22
C LEU HA 198 -8.42 -81.14 -44.99
N LEU HA 199 -9.08 -80.41 -45.90
CA LEU HA 199 -10.51 -80.13 -45.75
C LEU HA 199 -11.32 -80.74 -46.88
N ILE HA 200 -10.64 -81.54 -47.70
CA ILE HA 200 -11.28 -82.30 -48.76
C ILE HA 200 -12.11 -83.44 -48.17
N LYS HA 201 -13.37 -83.53 -48.57
CA LYS HA 201 -14.26 -84.58 -48.08
C LYS HA 201 -13.51 -85.91 -47.85
N LYS HA 202 -12.92 -86.47 -48.91
CA LYS HA 202 -12.29 -87.79 -48.80
C LYS HA 202 -11.09 -87.87 -47.83
N ILE HA 203 -10.38 -86.77 -47.63
CA ILE HA 203 -9.22 -86.78 -46.74
C ILE HA 203 -9.61 -86.52 -45.31
N HIS HA 204 -10.37 -85.46 -45.12
CA HIS HA 204 -10.82 -85.04 -43.80
C HIS HA 204 -11.54 -86.19 -43.12
N ARG HA 205 -12.06 -87.11 -43.93
CA ARG HA 205 -12.78 -88.27 -43.43
C ARG HA 205 -11.82 -89.37 -42.98
N LYS HA 206 -10.87 -89.71 -43.85
CA LYS HA 206 -9.90 -90.76 -43.53
C LYS HA 206 -8.97 -90.32 -42.39
N LEU HA 207 -9.08 -89.06 -42.01
CA LEU HA 207 -8.27 -88.49 -40.92
C LEU HA 207 -8.66 -89.01 -39.55
N MET HA 208 -9.96 -89.19 -39.33
CA MET HA 208 -10.45 -89.64 -38.04
C MET HA 208 -10.23 -91.14 -37.85
N THR HA 209 -9.38 -91.72 -38.71
CA THR HA 209 -9.11 -93.16 -38.70
C THR HA 209 -7.61 -93.39 -38.67
N ASP HA 210 -6.86 -92.33 -38.96
CA ASP HA 210 -5.40 -92.43 -38.96
C ASP HA 210 -4.86 -92.22 -37.56
N TYR HA 211 -4.84 -93.26 -36.76
CA TYR HA 211 -4.44 -93.10 -35.38
C TYR HA 211 -2.95 -92.86 -35.28
N LYS HA 212 -2.18 -93.50 -36.16
CA LYS HA 212 -0.74 -93.30 -36.14
C LYS HA 212 -0.44 -91.81 -36.31
N ASP HA 213 -0.91 -91.25 -37.42
CA ASP HA 213 -0.44 -89.95 -37.87
C ASP HA 213 -1.13 -88.74 -37.20
N ILE HA 214 -2.35 -88.91 -36.72
CA ILE HA 214 -3.06 -87.81 -36.08
C ILE HA 214 -2.38 -87.39 -34.79
N GLY HA 215 -1.49 -88.24 -34.28
CA GLY HA 215 -0.63 -87.81 -33.19
C GLY HA 215 0.12 -86.59 -33.68
N ARG HA 216 1.08 -86.81 -34.57
CA ARG HA 216 1.93 -85.74 -35.07
C ARG HA 216 1.16 -84.55 -35.63
N LEU HA 217 0.00 -84.80 -36.24
CA LEU HA 217 -0.69 -83.74 -36.98
C LEU HA 217 -1.31 -82.64 -36.11
N ILE HA 218 -1.93 -83.04 -35.02
CA ILE HA 218 -2.58 -82.07 -34.14
C ILE HA 218 -1.56 -81.10 -33.58
N PHE HA 219 -0.35 -81.59 -33.34
CA PHE HA 219 0.72 -80.74 -32.83
C PHE HA 219 1.27 -79.80 -33.89
N LEU HA 220 1.02 -80.13 -35.16
CA LEU HA 220 1.43 -79.29 -36.28
C LEU HA 220 0.39 -78.22 -36.53
N LEU HA 221 -0.88 -78.60 -36.44
CA LEU HA 221 -1.98 -77.64 -36.60
C LEU HA 221 -2.00 -76.66 -35.45
N ILE HA 222 -1.44 -77.05 -34.32
CA ILE HA 222 -1.31 -76.17 -33.17
C ILE HA 222 -0.23 -75.13 -33.44
N GLU HA 223 0.99 -75.56 -33.73
CA GLU HA 223 2.03 -74.64 -34.11
C GLU HA 223 1.45 -73.68 -35.15
N CYS HA 224 0.57 -74.21 -35.99
CA CYS HA 224 -0.06 -73.41 -37.05
C CYS HA 224 -1.06 -72.37 -36.54
N CYS HA 225 -1.44 -72.43 -35.27
CA CYS HA 225 -2.46 -71.51 -34.76
C CYS HA 225 -1.89 -70.13 -34.49
N ARG HA 226 -1.00 -69.71 -35.38
CA ARG HA 226 -0.43 -68.39 -35.33
C ARG HA 226 -0.45 -67.82 -36.74
N VAL HA 227 -1.39 -66.87 -36.95
CA VAL HA 227 -1.44 -66.10 -38.18
C VAL HA 227 -0.18 -65.27 -38.24
N ASN HA 228 0.96 -65.95 -38.34
CA ASN HA 228 2.23 -65.27 -38.56
C ASN HA 228 2.03 -64.34 -39.74
N GLU HA 229 1.08 -64.73 -40.60
CA GLU HA 229 0.54 -63.87 -41.66
C GLU HA 229 -0.31 -64.64 -42.68
N LEU HA 230 -1.60 -64.81 -42.39
CA LEU HA 230 -2.61 -65.12 -43.44
C LEU HA 230 -3.96 -65.56 -42.88
N GLU HA 231 -4.72 -66.28 -43.72
CA GLU HA 231 -5.98 -66.87 -43.29
C GLU HA 231 -5.70 -68.15 -42.47
N ILE HA 232 -4.44 -68.56 -42.44
CA ILE HA 232 -4.00 -69.66 -41.58
C ILE HA 232 -4.49 -69.42 -40.17
N GLY HA 233 -4.54 -70.47 -39.36
CA GLY HA 233 -4.84 -70.31 -37.95
C GLY HA 233 -6.31 -70.09 -37.73
N MET HA 234 -6.97 -69.51 -38.72
CA MET HA 234 -8.41 -69.52 -38.76
C MET HA 234 -8.80 -70.88 -39.28
N TYR HA 235 -8.06 -71.34 -40.30
CA TYR HA 235 -8.28 -72.66 -40.87
C TYR HA 235 -7.76 -73.75 -39.94
N ALA HA 236 -6.68 -73.47 -39.23
CA ALA HA 236 -6.16 -74.45 -38.30
C ALA HA 236 -7.10 -74.68 -37.11
N ASP HA 237 -7.94 -73.69 -36.80
CA ASP HA 237 -8.86 -73.88 -35.69
C ASP HA 237 -10.11 -74.62 -36.16
N LYS HA 238 -10.61 -74.29 -37.34
CA LYS HA 238 -11.76 -74.99 -37.87
C LYS HA 238 -11.42 -76.47 -37.98
N ILE HA 239 -10.18 -76.74 -38.37
CA ILE HA 239 -9.72 -78.11 -38.60
C ILE HA 239 -9.52 -78.88 -37.30
N LEU HA 240 -8.83 -78.29 -36.32
CA LEU HA 240 -8.65 -78.93 -35.02
C LEU HA 240 -9.98 -79.08 -34.31
N THR HA 241 -10.94 -78.25 -34.66
CA THR HA 241 -12.23 -78.32 -34.01
C THR HA 241 -13.07 -79.39 -34.69
N ASP HA 242 -12.96 -79.49 -36.02
CA ASP HA 242 -13.58 -80.57 -36.77
C ASP HA 242 -13.14 -81.93 -36.23
N ILE HA 243 -11.88 -81.99 -35.79
CA ILE HA 243 -11.26 -83.23 -35.32
C ILE HA 243 -11.83 -83.78 -34.00
N VAL HA 244 -11.93 -82.92 -32.99
CA VAL HA 244 -12.57 -83.26 -31.72
C VAL HA 244 -13.94 -83.93 -31.92
N ILE HA 245 -14.59 -83.63 -33.04
CA ILE HA 245 -15.94 -84.12 -33.27
C ILE HA 245 -15.98 -85.50 -33.98
N GLY HA 246 -14.83 -85.97 -34.46
CA GLY HA 246 -14.74 -87.32 -35.00
C GLY HA 246 -14.10 -88.35 -34.05
N ILE HA 247 -13.44 -89.35 -34.64
CA ILE HA 247 -12.58 -90.32 -33.93
C ILE HA 247 -13.21 -91.47 -33.07
N LYS HA 248 -13.10 -91.37 -31.73
CA LYS HA 248 -13.51 -92.37 -30.67
C LYS HA 248 -13.00 -93.82 -30.79
N ILE HA 249 -13.68 -94.79 -30.15
CA ILE HA 249 -13.46 -96.25 -30.39
C ILE HA 249 -14.46 -97.21 -29.70
N PRO HA 250 -14.82 -98.33 -30.36
CA PRO HA 250 -15.86 -99.25 -29.86
C PRO HA 250 -15.35 -100.56 -29.30
N SER HA 251 -15.23 -100.68 -27.99
CA SER HA 251 -14.91 -101.98 -27.41
C SER HA 251 -16.13 -102.87 -27.38
N SER HA 252 -17.27 -102.25 -27.10
CA SER HA 252 -18.46 -102.96 -26.66
C SER HA 252 -18.97 -104.01 -27.61
N VAL HA 253 -18.82 -105.25 -27.13
CA VAL HA 253 -19.38 -106.47 -27.70
C VAL HA 253 -20.75 -106.21 -28.32
N CYS HA 254 -20.73 -105.95 -29.62
CA CYS HA 254 -21.91 -105.84 -30.40
C CYS HA 254 -23.03 -106.62 -29.75
N VAL HA 255 -23.87 -105.92 -28.98
CA VAL HA 255 -25.06 -106.57 -28.47
C VAL HA 255 -25.88 -107.10 -29.65
N ILE HA 256 -25.46 -108.28 -30.09
CA ILE HA 256 -25.99 -108.90 -31.28
C ILE HA 256 -26.74 -110.15 -30.87
N SER HA 257 -27.94 -110.35 -31.39
CA SER HA 257 -28.58 -111.64 -31.24
C SER HA 257 -27.66 -112.52 -32.05
N ASP HA 258 -26.99 -113.47 -31.40
CA ASP HA 258 -25.96 -114.25 -32.06
C ASP HA 258 -26.49 -114.84 -33.38
N GLN HA 259 -27.80 -114.70 -33.59
CA GLN HA 259 -28.46 -115.10 -34.83
C GLN HA 259 -28.25 -114.13 -35.98
N ALA HA 260 -27.28 -113.23 -35.83
CA ALA HA 260 -26.98 -112.24 -36.85
C ALA HA 260 -25.86 -112.74 -37.74
N PHE HA 261 -25.24 -113.84 -37.36
CA PHE HA 261 -24.14 -114.40 -38.12
C PHE HA 261 -24.21 -115.91 -38.26
N LEU HA 262 -24.95 -116.55 -37.37
CA LEU HA 262 -25.16 -117.99 -37.44
C LEU HA 262 -25.75 -118.52 -38.76
N PRO HA 263 -26.90 -117.99 -39.20
CA PRO HA 263 -27.56 -118.57 -40.38
C PRO HA 263 -26.63 -118.77 -41.57
N LEU HA 264 -25.54 -117.99 -41.59
CA LEU HA 264 -24.57 -118.04 -42.67
C LEU HA 264 -23.32 -118.80 -42.26
N ALA HA 265 -23.44 -119.62 -41.21
CA ALA HA 265 -22.28 -120.35 -40.70
C ALA HA 265 -22.01 -121.56 -41.56
N PRO HA 266 -20.83 -121.59 -42.18
CA PRO HA 266 -20.44 -122.67 -43.09
C PRO HA 266 -20.26 -123.99 -42.35
N PRO HA 267 -20.41 -125.10 -43.07
CA PRO HA 267 -20.19 -126.43 -42.50
C PRO HA 267 -18.80 -126.49 -41.91
N ASP HA 268 -17.83 -125.96 -42.64
CA ASP HA 268 -16.45 -125.94 -42.20
C ASP HA 268 -16.37 -126.12 -40.71
N GLY HA 269 -15.59 -127.12 -40.30
CA GLY HA 269 -15.49 -127.47 -38.91
C GLY HA 269 -14.95 -126.30 -38.13
N THR HA 270 -13.71 -126.43 -37.67
CA THR HA 270 -13.12 -125.39 -36.88
C THR HA 270 -12.27 -124.52 -37.77
N ILE HA 271 -12.39 -124.75 -39.07
CA ILE HA 271 -11.89 -123.76 -40.02
C ILE HA 271 -12.65 -122.43 -39.75
N ASN HA 272 -13.27 -122.36 -38.57
CA ASN HA 272 -13.75 -121.13 -37.95
C ASN HA 272 -13.10 -120.92 -36.59
N LEU HA 273 -11.82 -121.23 -36.55
CA LEU HA 273 -10.88 -120.79 -35.51
C LEU HA 273 -10.47 -119.44 -35.98
N GLN HA 274 -10.43 -119.31 -37.30
CA GLN HA 274 -10.06 -118.06 -37.94
C GLN HA 274 -10.87 -116.93 -37.33
N VAL HA 275 -12.16 -117.17 -37.16
CA VAL HA 275 -13.04 -116.15 -36.60
C VAL HA 275 -12.59 -115.74 -35.21
N GLU HA 276 -12.23 -116.70 -34.37
CA GLU HA 276 -11.82 -116.37 -33.01
C GLU HA 276 -10.40 -115.84 -32.99
N ALA HA 277 -9.78 -115.76 -34.17
CA ALA HA 277 -8.43 -115.20 -34.33
C ALA HA 277 -8.51 -113.75 -34.75
N VAL HA 278 -9.34 -113.51 -35.76
CA VAL HA 278 -9.69 -112.15 -36.14
C VAL HA 278 -10.19 -111.44 -34.89
N LYS HA 279 -11.19 -112.00 -34.21
CA LYS HA 279 -11.70 -111.41 -32.97
C LYS HA 279 -10.57 -110.88 -32.11
N LEU HA 280 -9.40 -111.50 -32.20
CA LEU HA 280 -8.28 -111.19 -31.31
C LEU HA 280 -7.34 -110.13 -31.84
N ALA HA 281 -7.13 -110.11 -33.15
CA ALA HA 281 -6.32 -109.04 -33.73
C ALA HA 281 -7.09 -107.70 -33.85
N LYS HA 282 -8.29 -107.72 -34.42
CA LYS HA 282 -9.18 -106.54 -34.40
C LYS HA 282 -9.47 -106.13 -32.93
N LYS HA 283 -8.76 -106.77 -32.00
CA LYS HA 283 -8.90 -106.50 -30.55
C LYS HA 283 -7.60 -105.99 -29.92
N LYS HA 284 -6.49 -106.14 -30.61
CA LYS HA 284 -5.29 -105.45 -30.16
C LYS HA 284 -4.88 -104.36 -31.14
N LYS HA 285 -5.39 -104.44 -32.38
CA LYS HA 285 -5.36 -103.30 -33.29
C LYS HA 285 -6.11 -102.24 -32.49
N ARG HA 286 -7.26 -102.60 -31.93
CA ARG HA 286 -8.05 -101.64 -31.18
C ARG HA 286 -7.33 -101.14 -29.95
N GLU HA 287 -6.78 -102.04 -29.16
CA GLU HA 287 -6.17 -101.66 -27.90
C GLU HA 287 -4.92 -100.81 -28.08
N TYR HA 288 -4.30 -100.91 -29.26
CA TYR HA 288 -3.17 -100.04 -29.59
C TYR HA 288 -3.69 -98.66 -29.88
N TYR HA 289 -4.74 -98.58 -30.71
CA TYR HA 289 -5.35 -97.30 -31.03
C TYR HA 289 -5.74 -96.57 -29.73
N LEU HA 290 -6.47 -97.27 -28.88
CA LEU HA 290 -6.95 -96.71 -27.63
C LEU HA 290 -5.83 -96.13 -26.78
N SER HA 291 -4.62 -96.68 -26.93
CA SER HA 291 -3.48 -96.24 -26.15
C SER HA 291 -2.83 -95.02 -26.78
N LEU HA 292 -2.90 -94.96 -28.12
CA LEU HA 292 -2.35 -93.84 -28.87
C LEU HA 292 -3.06 -92.55 -28.51
N LEU HA 293 -4.36 -92.66 -28.23
CA LEU HA 293 -5.12 -91.50 -27.82
C LEU HA 293 -4.75 -91.07 -26.39
N VAL HA 294 -4.53 -92.04 -25.51
CA VAL HA 294 -4.12 -91.71 -24.15
C VAL HA 294 -2.74 -91.09 -24.15
N ASP HA 295 -1.89 -91.55 -25.06
CA ASP HA 295 -0.57 -90.96 -25.23
C ASP HA 295 -0.68 -89.52 -25.72
N LEU HA 296 -1.62 -89.28 -26.63
CA LEU HA 296 -1.88 -87.93 -27.14
C LEU HA 296 -2.54 -87.08 -26.04
N GLN HA 297 -3.41 -87.69 -25.26
CA GLN HA 297 -4.06 -87.02 -24.14
C GLN HA 297 -3.01 -86.46 -23.21
N ASP HA 298 -2.11 -87.30 -22.74
CA ASP HA 298 -1.12 -86.88 -21.76
C ASP HA 298 -0.06 -85.96 -22.37
N LYS HA 299 0.24 -86.13 -23.66
CA LYS HA 299 1.23 -85.29 -24.33
C LYS HA 299 0.70 -83.90 -24.66
N LEU HA 300 -0.60 -83.70 -24.50
CA LEU HA 300 -1.20 -82.39 -24.64
C LEU HA 300 -1.29 -81.68 -23.28
N LEU HA 301 -1.89 -82.36 -22.31
CA LEU HA 301 -1.91 -81.86 -20.94
C LEU HA 301 -0.51 -81.38 -20.53
N ASP HA 302 0.50 -81.91 -21.20
CA ASP HA 302 1.87 -81.42 -21.06
C ASP HA 302 2.00 -80.02 -21.59
N LYS HA 303 1.61 -79.83 -22.85
CA LYS HA 303 1.66 -78.52 -23.49
C LYS HA 303 0.61 -77.54 -22.95
N LEU HA 304 -0.21 -77.96 -22.00
CA LEU HA 304 -1.22 -77.07 -21.39
C LEU HA 304 -0.84 -76.71 -19.97
N ASP HA 305 -0.27 -77.68 -19.26
CA ASP HA 305 0.17 -77.45 -17.91
C ASP HA 305 1.52 -76.73 -17.93
N ASN HA 306 2.42 -77.19 -18.80
CA ASN HA 306 3.78 -76.68 -18.84
C ASN HA 306 4.00 -75.38 -19.64
N GLU HA 307 3.15 -75.14 -20.63
CA GLU HA 307 3.29 -73.94 -21.46
C GLU HA 307 2.68 -72.75 -20.73
N LYS HA 308 3.53 -72.00 -20.04
CA LYS HA 308 3.08 -70.95 -19.11
C LYS HA 308 1.73 -70.35 -19.49
N ASP HA 309 1.68 -69.69 -20.64
CA ASP HA 309 0.38 -69.37 -21.20
C ASP HA 309 0.37 -69.39 -22.72
N MET HA 310 -0.35 -70.36 -23.24
CA MET HA 310 -0.82 -70.32 -24.61
C MET HA 310 -2.21 -69.74 -24.45
N GLY HA 311 -2.74 -69.13 -25.50
CA GLY HA 311 -3.92 -68.31 -25.33
C GLY HA 311 -5.18 -68.78 -25.99
N TRP HA 312 -6.11 -69.29 -25.20
CA TRP HA 312 -7.48 -69.46 -25.66
C TRP HA 312 -7.68 -70.52 -26.75
N LYS HA 313 -6.60 -71.12 -27.27
CA LYS HA 313 -6.73 -72.41 -27.95
C LYS HA 313 -6.19 -73.36 -26.92
N ILE HA 314 -6.17 -72.85 -25.69
CA ILE HA 314 -6.22 -73.63 -24.46
C ILE HA 314 -7.48 -74.50 -24.63
N ARG HA 315 -8.27 -74.19 -25.66
CA ARG HA 315 -9.61 -74.73 -25.78
C ARG HA 315 -9.69 -76.08 -26.44
N MET HA 316 -8.80 -76.36 -27.39
CA MET HA 316 -8.84 -77.62 -28.10
C MET HA 316 -8.71 -78.76 -27.11
N PHE HA 317 -7.70 -78.67 -26.27
CA PHE HA 317 -7.49 -79.69 -25.25
C PHE HA 317 -8.78 -80.00 -24.53
N ILE HA 318 -9.22 -79.05 -23.72
CA ILE HA 318 -10.41 -79.26 -22.93
C ILE HA 318 -11.57 -79.81 -23.79
N LEU HA 319 -11.86 -79.16 -24.92
CA LEU HA 319 -12.95 -79.64 -25.80
C LEU HA 319 -12.72 -81.11 -26.17
N ARG HA 320 -11.54 -81.65 -25.89
CA ARG HA 320 -11.20 -83.02 -26.31
C ARG HA 320 -10.96 -84.08 -25.22
N PHE HA 321 -10.11 -83.81 -24.23
CA PHE HA 321 -9.98 -84.75 -23.12
C PHE HA 321 -11.35 -85.10 -22.64
N VAL HA 322 -12.24 -84.12 -22.70
CA VAL HA 322 -13.62 -84.35 -22.36
C VAL HA 322 -14.27 -85.46 -23.21
N THR HA 323 -14.45 -85.29 -24.54
CA THR HA 323 -14.96 -86.44 -25.33
C THR HA 323 -13.95 -87.60 -25.29
N GLN HA 324 -13.34 -87.82 -24.12
CA GLN HA 324 -12.34 -88.88 -23.99
C GLN HA 324 -12.17 -89.44 -22.58
N ILE HA 325 -11.91 -88.59 -21.58
CA ILE HA 325 -11.87 -89.09 -20.21
C ILE HA 325 -13.30 -89.33 -19.77
N GLN HA 326 -14.22 -89.26 -20.74
CA GLN HA 326 -15.58 -89.76 -20.48
C GLN HA 326 -16.26 -90.52 -21.62
N SER HA 327 -15.49 -91.26 -22.43
CA SER HA 327 -16.05 -92.04 -23.53
C SER HA 327 -16.53 -93.42 -23.13
N ASN HA 328 -15.79 -94.09 -22.25
CA ASN HA 328 -16.00 -95.52 -21.96
C ASN HA 328 -15.31 -96.43 -22.95
N LEU HA 329 -16.03 -97.45 -23.44
CA LEU HA 329 -15.50 -98.48 -24.35
C LEU HA 329 -13.98 -98.57 -24.14
N GLU HA 330 -13.66 -98.45 -22.84
CA GLU HA 330 -12.35 -98.17 -22.23
C GLU HA 330 -12.28 -96.72 -21.67
N SER HA 331 -11.12 -96.07 -21.81
CA SER HA 331 -10.82 -94.75 -21.21
C SER HA 331 -10.58 -94.81 -19.70
N LYS HA 332 -9.31 -94.87 -19.32
CA LYS HA 332 -8.92 -94.95 -17.91
C LYS HA 332 -8.95 -93.55 -17.28
N PRO HA 333 -9.98 -93.30 -16.46
CA PRO HA 333 -10.17 -91.98 -15.85
C PRO HA 333 -8.88 -91.46 -15.23
N ASP HA 334 -8.21 -90.53 -15.91
CA ASP HA 334 -6.96 -89.98 -15.41
C ASP HA 334 -7.24 -88.90 -14.38
N LYS HA 335 -6.48 -88.89 -13.30
CA LYS HA 335 -6.67 -87.89 -12.26
C LYS HA 335 -5.91 -86.60 -12.59
N ARG HA 336 -4.80 -86.71 -13.32
CA ARG HA 336 -4.04 -85.53 -13.70
C ARG HA 336 -4.82 -84.65 -14.65
N ALA HA 337 -5.85 -85.24 -15.26
CA ALA HA 337 -6.70 -84.51 -16.19
C ALA HA 337 -7.69 -83.67 -15.42
N VAL HA 338 -8.42 -84.31 -14.53
CA VAL HA 338 -9.38 -83.64 -13.69
C VAL HA 338 -8.72 -82.48 -12.93
N PHE HA 339 -7.42 -82.58 -12.70
CA PHE HA 339 -6.71 -81.48 -12.06
C PHE HA 339 -6.56 -80.35 -13.05
N SER HA 340 -5.97 -80.66 -14.21
CA SER HA 340 -5.69 -79.65 -15.21
C SER HA 340 -6.94 -78.96 -15.77
N ILE HA 341 -8.02 -79.71 -15.94
CA ILE HA 341 -9.27 -79.16 -16.46
C ILE HA 341 -9.87 -78.14 -15.51
N ILE HA 342 -9.64 -78.31 -14.22
CA ILE HA 342 -10.14 -77.38 -13.23
C ILE HA 342 -9.22 -76.16 -13.01
N SER HA 343 -7.90 -76.36 -13.11
CA SER HA 343 -6.96 -75.30 -12.86
C SER HA 343 -6.92 -74.32 -14.03
N GLN HA 344 -7.79 -74.55 -15.01
CA GLN HA 344 -7.99 -73.60 -16.10
C GLN HA 344 -9.13 -72.61 -15.78
N ILE HA 345 -9.60 -72.65 -14.54
CA ILE HA 345 -10.54 -71.66 -14.06
C ILE HA 345 -9.78 -70.38 -13.78
N SER HA 346 -8.47 -70.50 -13.71
CA SER HA 346 -7.61 -69.37 -13.36
C SER HA 346 -7.44 -68.38 -14.51
N THR HA 347 -7.95 -68.70 -15.70
CA THR HA 347 -7.95 -67.74 -16.80
C THR HA 347 -9.22 -66.90 -16.78
N LYS HA 348 -10.03 -67.10 -15.73
CA LYS HA 348 -11.27 -66.36 -15.55
C LYS HA 348 -11.98 -65.99 -16.85
N HIS HA 349 -12.04 -66.92 -17.80
CA HIS HA 349 -12.63 -66.68 -19.11
C HIS HA 349 -13.99 -67.36 -19.27
N PRO HA 350 -15.02 -66.60 -19.67
CA PRO HA 350 -16.41 -67.08 -19.77
C PRO HA 350 -16.56 -68.39 -20.51
N GLU HA 351 -15.89 -68.53 -21.65
CA GLU HA 351 -16.05 -69.68 -22.53
C GLU HA 351 -15.36 -70.92 -21.98
N ILE HA 352 -14.20 -70.72 -21.40
CA ILE HA 352 -13.45 -71.81 -20.77
C ILE HA 352 -14.23 -72.35 -19.57
N ILE HA 353 -14.69 -71.46 -18.71
CA ILE HA 353 -15.46 -71.84 -17.54
C ILE HA 353 -16.75 -72.57 -17.89
N HIS HA 354 -17.52 -72.07 -18.86
CA HIS HA 354 -18.72 -72.76 -19.31
C HIS HA 354 -18.39 -74.21 -19.69
N LEU HA 355 -17.16 -74.44 -20.11
CA LEU HA 355 -16.72 -75.75 -20.60
C LEU HA 355 -16.14 -76.66 -19.53
N VAL HA 356 -15.42 -76.08 -18.58
CA VAL HA 356 -14.89 -76.83 -17.46
C VAL HA 356 -16.03 -77.49 -16.69
N VAL HA 357 -17.14 -76.78 -16.56
CA VAL HA 357 -18.36 -77.35 -15.98
C VAL HA 357 -18.95 -78.46 -16.85
N LYS HA 358 -19.19 -78.14 -18.11
CA LYS HA 358 -19.75 -79.07 -19.09
C LYS HA 358 -18.93 -80.36 -19.13
N SER HA 359 -17.66 -80.24 -18.76
CA SER HA 359 -16.68 -81.35 -18.79
C SER HA 359 -16.60 -82.15 -17.50
N LEU HA 360 -16.41 -81.43 -16.41
CA LEU HA 360 -16.42 -82.02 -15.09
C LEU HA 360 -17.73 -82.78 -14.84
N LEU HA 361 -18.82 -82.37 -15.49
CA LEU HA 361 -20.12 -82.99 -15.25
C LEU HA 361 -20.28 -84.25 -16.08
N SER HA 362 -19.56 -84.32 -17.19
CA SER HA 362 -19.59 -85.53 -18.00
C SER HA 362 -18.52 -86.50 -17.52
N THR HA 363 -17.33 -85.99 -17.25
CA THR HA 363 -16.23 -86.81 -16.73
C THR HA 363 -16.60 -87.52 -15.44
N CYS HA 364 -17.69 -87.12 -14.81
CA CYS HA 364 -18.18 -87.81 -13.63
C CYS HA 364 -19.34 -88.72 -13.99
N ASN HA 365 -20.35 -88.18 -14.67
CA ASN HA 365 -21.49 -88.99 -15.08
C ASN HA 365 -21.05 -90.24 -15.85
N LYS HA 366 -19.73 -90.35 -16.09
CA LYS HA 366 -19.12 -91.54 -16.68
C LYS HA 366 -18.54 -92.45 -15.61
N ILE HA 367 -17.80 -91.86 -14.69
CA ILE HA 367 -17.29 -92.62 -13.57
C ILE HA 367 -18.46 -93.14 -12.75
N ILE HA 368 -19.42 -92.27 -12.48
CA ILE HA 368 -20.67 -92.68 -11.85
C ILE HA 368 -21.27 -93.89 -12.58
N SER HA 369 -21.35 -93.83 -13.90
CA SER HA 369 -21.99 -94.90 -14.65
C SER HA 369 -21.17 -96.19 -14.69
N LEU HA 370 -19.94 -96.15 -14.18
CA LEU HA 370 -19.18 -97.40 -14.03
C LEU HA 370 -19.66 -98.18 -12.80
N SER HA 371 -19.89 -97.47 -11.71
CA SER HA 371 -20.45 -98.09 -10.51
C SER HA 371 -21.85 -98.66 -10.74
N ASP HA 372 -22.71 -97.88 -11.40
CA ASP HA 372 -24.08 -98.31 -11.63
C ASP HA 372 -24.15 -99.50 -12.58
N TYR HA 373 -23.14 -99.64 -13.43
CA TYR HA 373 -23.06 -100.74 -14.40
C TYR HA 373 -22.12 -101.86 -13.90
N GLU HA 374 -21.51 -101.65 -12.74
CA GLU HA 374 -20.57 -102.60 -12.16
C GLU HA 374 -19.42 -102.98 -13.10
N TYR HA 375 -18.94 -102.00 -13.86
CA TYR HA 375 -17.84 -102.17 -14.82
C TYR HA 375 -18.19 -103.05 -16.02
N ASP HA 376 -19.47 -103.43 -16.08
CA ASP HA 376 -20.05 -104.18 -17.19
C ASP HA 376 -20.38 -103.17 -18.29
N ILE HA 377 -19.37 -102.59 -18.91
CA ILE HA 377 -19.55 -101.56 -19.94
C ILE HA 377 -20.60 -101.96 -20.97
N THR HA 378 -20.65 -103.25 -21.26
CA THR HA 378 -21.65 -103.78 -22.16
C THR HA 378 -23.06 -103.38 -21.71
N ARG HA 379 -23.29 -103.35 -20.39
CA ARG HA 379 -24.64 -103.25 -19.83
C ARG HA 379 -25.38 -101.95 -20.14
N ALA HA 380 -24.73 -101.03 -20.84
CA ALA HA 380 -25.37 -99.80 -21.21
C ALA HA 380 -26.33 -100.08 -22.36
N TYR HA 381 -25.78 -100.76 -23.36
CA TYR HA 381 -26.47 -101.04 -24.61
C TYR HA 381 -27.34 -102.31 -24.54
N LYS HA 382 -27.50 -102.85 -23.33
CA LYS HA 382 -28.43 -103.94 -23.11
C LYS HA 382 -29.71 -103.40 -22.47
N ASN HA 383 -30.83 -103.52 -23.18
CA ASN HA 383 -32.09 -103.02 -22.68
C ASN HA 383 -32.69 -103.86 -21.54
N GLU HA 384 -31.81 -104.59 -20.86
CA GLU HA 384 -32.07 -105.06 -19.50
C GLU HA 384 -31.39 -104.04 -18.60
N PHE HA 385 -31.98 -102.84 -18.61
CA PHE HA 385 -31.45 -101.67 -17.93
C PHE HA 385 -31.08 -101.95 -16.48
N ASN HA 386 -29.85 -102.42 -16.31
CA ASN HA 386 -29.25 -102.73 -15.01
C ASN HA 386 -29.67 -101.87 -13.82
N PRO HA 387 -29.10 -100.66 -13.71
CA PRO HA 387 -28.85 -99.92 -12.48
C PRO HA 387 -29.46 -100.52 -11.24
N SER HA 388 -28.58 -100.87 -10.30
CA SER HA 388 -28.93 -101.52 -9.04
C SER HA 388 -30.06 -100.84 -8.28
N PHE HA 389 -30.31 -99.57 -8.58
CA PHE HA 389 -31.31 -98.79 -7.87
C PHE HA 389 -32.59 -98.57 -8.69
N VAL HA 390 -32.67 -99.19 -9.86
CA VAL HA 390 -33.92 -99.20 -10.62
C VAL HA 390 -34.71 -100.43 -10.22
N GLU HA 391 -36.03 -100.28 -10.11
CA GLU HA 391 -36.88 -101.39 -9.68
C GLU HA 391 -38.15 -101.47 -10.52
N ILE HA 392 -38.43 -102.64 -11.09
CA ILE HA 392 -39.64 -102.85 -11.88
C ILE HA 392 -40.83 -103.22 -10.99
N LEU HA 393 -42.04 -102.78 -11.37
CA LEU HA 393 -43.26 -103.05 -10.60
C LEU HA 393 -44.41 -103.64 -11.44
N ASP HA 394 -45.03 -104.69 -10.93
CA ASP HA 394 -46.12 -105.33 -11.62
C ASP HA 394 -47.40 -104.58 -11.33
N THR HA 395 -48.12 -104.23 -12.39
CA THR HA 395 -49.22 -103.30 -12.32
C THR HA 395 -50.58 -103.97 -12.46
N SER HA 396 -50.58 -105.23 -12.92
CA SER HA 396 -51.82 -105.99 -13.05
C SER HA 396 -52.38 -106.33 -11.67
N THR HA 397 -51.48 -106.51 -10.69
CA THR HA 397 -51.84 -106.73 -9.27
C THR HA 397 -53.23 -106.25 -8.85
N THR HA 398 -54.20 -107.16 -8.74
CA THR HA 398 -55.50 -106.76 -8.21
C THR HA 398 -55.28 -105.97 -6.91
N SER HA 399 -55.39 -104.64 -7.02
CA SER HA 399 -55.21 -103.69 -5.91
C SER HA 399 -54.38 -102.45 -6.29
N PHE HA 400 -53.49 -102.58 -7.29
CA PHE HA 400 -52.51 -101.54 -7.60
C PHE HA 400 -53.03 -100.11 -7.77
N PRO HA 401 -54.04 -99.92 -8.63
CA PRO HA 401 -54.56 -98.58 -8.90
C PRO HA 401 -54.63 -97.68 -7.65
N LYS HA 402 -54.87 -98.24 -6.48
CA LYS HA 402 -55.01 -97.41 -5.29
C LYS HA 402 -53.77 -97.41 -4.39
N THR HA 403 -52.70 -98.03 -4.86
CA THR HA 403 -51.40 -97.89 -4.22
C THR HA 403 -50.89 -96.60 -4.73
N PHE HA 404 -50.89 -96.50 -6.05
CA PHE HA 404 -50.45 -95.31 -6.75
C PHE HA 404 -51.07 -94.07 -6.13
N THR HA 405 -52.38 -93.94 -6.31
CA THR HA 405 -53.11 -92.76 -5.86
C THR HA 405 -52.75 -92.40 -4.42
N GLU HA 406 -52.71 -93.39 -3.54
CA GLU HA 406 -52.47 -93.16 -2.12
C GLU HA 406 -51.00 -93.23 -1.78
N GLU HA 407 -50.16 -93.22 -2.79
CA GLU HA 407 -48.73 -93.28 -2.59
C GLU HA 407 -48.12 -92.07 -3.25
N MET HA 408 -48.88 -91.47 -4.15
CA MET HA 408 -48.47 -90.21 -4.76
C MET HA 408 -48.80 -89.04 -3.84
N ASN HA 409 -49.72 -89.26 -2.91
CA ASN HA 409 -50.04 -88.24 -1.90
C ASN HA 409 -49.15 -88.36 -0.66
N ASN HA 410 -48.30 -89.38 -0.66
CA ASN HA 410 -47.41 -89.67 0.46
C ASN HA 410 -46.09 -88.93 0.34
N PHE HA 411 -45.83 -88.00 1.25
CA PHE HA 411 -44.65 -87.14 1.15
C PHE HA 411 -43.63 -87.41 2.24
N ASP HA 412 -44.03 -88.16 3.25
CA ASP HA 412 -43.20 -88.35 4.44
C ASP HA 412 -42.50 -89.71 4.46
N ASN HA 413 -43.26 -90.76 4.17
CA ASN HA 413 -42.76 -92.12 4.12
C ASN HA 413 -42.82 -92.60 2.67
N PRO HA 414 -41.99 -92.02 1.80
CA PRO HA 414 -42.13 -92.24 0.37
C PRO HA 414 -41.57 -93.61 -0.02
N LYS HA 415 -42.31 -94.37 -0.82
CA LYS HA 415 -41.90 -95.74 -1.18
C LYS HA 415 -41.17 -95.82 -2.53
N TYR HA 416 -41.60 -95.05 -3.52
CA TYR HA 416 -40.86 -94.97 -4.78
C TYR HA 416 -40.97 -93.61 -5.44
N PHE HA 417 -40.02 -93.29 -6.30
CA PHE HA 417 -40.01 -92.03 -7.03
C PHE HA 417 -39.95 -92.27 -8.53
N ILE HA 418 -40.71 -91.50 -9.31
CA ILE HA 418 -40.46 -91.46 -10.75
C ILE HA 418 -39.94 -90.10 -11.13
N ASP HA 419 -38.61 -89.95 -11.12
CA ASP HA 419 -37.95 -88.81 -11.70
C ASP HA 419 -38.23 -88.91 -13.19
N LEU HA 420 -38.49 -87.78 -13.81
CA LEU HA 420 -38.82 -87.67 -15.24
C LEU HA 420 -40.32 -87.68 -15.51
N ARG HA 421 -40.67 -88.13 -16.71
CA ARG HA 421 -42.04 -88.03 -17.16
C ARG HA 421 -42.72 -89.37 -16.95
N ALA HA 422 -43.72 -89.39 -16.06
CA ALA HA 422 -44.43 -90.60 -15.66
C ALA HA 422 -45.46 -91.09 -16.68
N TYR HA 423 -45.08 -92.10 -17.47
CA TYR HA 423 -45.97 -92.62 -18.51
C TYR HA 423 -46.98 -93.66 -18.01
N VAL HA 424 -46.49 -94.75 -17.45
CA VAL HA 424 -47.36 -95.86 -17.08
C VAL HA 424 -48.51 -95.40 -16.21
N GLY HA 425 -49.70 -95.93 -16.47
CA GLY HA 425 -50.93 -95.47 -15.86
C GLY HA 425 -51.66 -94.63 -16.87
N TRP HA 426 -52.51 -93.72 -16.38
CA TRP HA 426 -53.14 -92.71 -17.24
C TRP HA 426 -54.21 -93.32 -18.10
N LEU HA 427 -53.79 -94.14 -19.06
CA LEU HA 427 -54.76 -94.83 -19.87
C LEU HA 427 -55.24 -96.06 -19.13
N CYS HA 428 -54.31 -96.96 -18.83
CA CYS HA 428 -54.63 -98.19 -18.11
C CYS HA 428 -53.37 -98.80 -17.51
N TRP HA 429 -53.58 -99.65 -16.52
CA TRP HA 429 -52.50 -100.36 -15.84
C TRP HA 429 -52.34 -101.76 -16.44
N GLY HA 430 -51.20 -102.39 -16.19
CA GLY HA 430 -50.99 -103.75 -16.63
C GLY HA 430 -49.55 -104.00 -17.06
N ARG HA 431 -48.93 -102.96 -17.58
CA ARG HA 431 -47.54 -103.01 -18.01
C ARG HA 431 -46.66 -103.13 -16.79
N LEU HA 432 -45.38 -103.46 -16.99
CA LEU HA 432 -44.36 -103.30 -15.95
C LEU HA 432 -43.91 -101.85 -15.91
N MET HA 433 -43.54 -101.36 -14.74
CA MET HA 433 -43.31 -99.92 -14.58
C MET HA 433 -41.94 -99.61 -13.99
N TYR HA 434 -41.02 -99.10 -14.80
CA TYR HA 434 -39.69 -98.78 -14.32
C TYR HA 434 -39.71 -97.61 -13.32
N VAL HA 435 -39.10 -97.82 -12.15
CA VAL HA 435 -39.20 -96.87 -11.03
C VAL HA 435 -37.88 -96.78 -10.26
N MET HA 436 -37.77 -95.80 -9.36
CA MET HA 436 -36.54 -95.57 -8.61
C MET HA 436 -36.67 -95.70 -7.09
N SER HA 437 -35.58 -96.13 -6.45
CA SER HA 437 -35.58 -96.41 -5.03
C SER HA 437 -35.23 -95.21 -4.18
N PRO HA 438 -35.80 -95.15 -2.98
CA PRO HA 438 -35.65 -94.10 -1.97
C PRO HA 438 -34.26 -94.06 -1.36
N LYS HA 439 -33.91 -92.90 -0.82
CA LYS HA 439 -32.60 -92.66 -0.23
C LYS HA 439 -31.53 -93.36 -1.07
N ALA HA 440 -31.64 -93.21 -2.39
CA ALA HA 440 -30.73 -93.86 -3.34
C ALA HA 440 -29.31 -93.95 -2.77
N LEU HA 441 -28.63 -95.04 -3.09
CA LEU HA 441 -27.29 -95.24 -2.60
C LEU HA 441 -26.33 -94.34 -3.36
N LYS HA 442 -25.10 -94.34 -2.89
CA LYS HA 442 -23.94 -94.19 -3.76
C LYS HA 442 -23.53 -95.64 -3.91
N LEU HA 443 -22.75 -95.97 -4.93
CA LEU HA 443 -22.21 -97.31 -5.00
C LEU HA 443 -20.70 -97.21 -5.10
N ASN HA 444 -20.05 -98.37 -4.99
CA ASN HA 444 -18.61 -98.48 -4.89
C ASN HA 444 -17.94 -98.49 -6.25
N LEU HA 445 -16.73 -97.93 -6.32
CA LEU HA 445 -15.87 -98.07 -7.49
C LEU HA 445 -14.46 -98.42 -7.06
N ARG HA 446 -13.65 -98.93 -7.98
CA ARG HA 446 -12.27 -99.32 -7.71
C ARG HA 446 -11.43 -98.11 -7.31
N GLU HA 447 -10.16 -98.31 -6.95
CA GLU HA 447 -9.39 -97.20 -6.38
C GLU HA 447 -9.04 -96.13 -7.41
N ASN HA 448 -8.71 -96.55 -8.63
CA ASN HA 448 -8.40 -95.59 -9.69
C ASN HA 448 -9.52 -94.55 -9.87
N GLU HA 449 -10.76 -95.03 -9.91
CA GLU HA 449 -11.92 -94.16 -10.01
C GLU HA 449 -12.17 -93.37 -8.72
N LEU HA 450 -11.69 -93.87 -7.59
CA LEU HA 450 -11.94 -93.22 -6.31
C LEU HA 450 -11.06 -91.99 -6.16
N GLU HA 451 -9.77 -92.15 -6.45
CA GLU HA 451 -8.85 -91.06 -6.25
C GLU HA 451 -9.12 -89.95 -7.25
N VAL HA 452 -9.83 -90.24 -8.32
CA VAL HA 452 -10.18 -89.22 -9.30
C VAL HA 452 -11.24 -88.26 -8.76
N LEU HA 453 -12.29 -88.81 -8.15
CA LEU HA 453 -13.34 -87.99 -7.54
C LEU HA 453 -12.84 -87.25 -6.31
N LYS HA 454 -11.91 -87.85 -5.58
CA LYS HA 454 -11.26 -87.14 -4.49
C LYS HA 454 -10.62 -85.85 -5.04
N THR HA 455 -9.98 -85.96 -6.20
CA THR HA 455 -9.27 -84.82 -6.80
C THR HA 455 -10.22 -83.79 -7.39
N ALA HA 456 -11.47 -83.85 -7.01
CA ALA HA 456 -12.42 -82.82 -7.40
C ALA HA 456 -12.92 -82.10 -6.17
N GLY HA 457 -13.44 -82.87 -5.22
CA GLY HA 457 -13.92 -82.31 -3.97
C GLY HA 457 -12.82 -81.61 -3.20
N HIS HA 458 -11.58 -82.02 -3.45
CA HIS HA 458 -10.45 -81.37 -2.81
C HIS HA 458 -10.13 -80.11 -3.57
N LEU HA 459 -10.84 -79.92 -4.68
CA LEU HA 459 -10.65 -78.75 -5.53
C LEU HA 459 -11.88 -77.85 -5.58
N LEU HA 460 -13.01 -78.33 -5.05
CA LEU HA 460 -14.24 -77.55 -5.00
C LEU HA 460 -14.35 -76.77 -3.69
N THR HA 461 -13.48 -75.78 -3.53
CA THR HA 461 -13.38 -75.00 -2.30
C THR HA 461 -14.55 -74.03 -2.15
N ARG HA 462 -14.77 -73.51 -0.94
CA ARG HA 462 -15.72 -72.42 -0.75
C ARG HA 462 -15.40 -71.40 -1.82
N GLU HA 463 -14.10 -71.22 -2.08
CA GLU HA 463 -13.60 -70.21 -3.01
C GLU HA 463 -13.83 -70.52 -4.50
N PHE HA 464 -13.83 -71.79 -4.86
CA PHE HA 464 -13.92 -72.15 -6.27
C PHE HA 464 -15.35 -72.10 -6.82
N LEU HA 465 -16.34 -72.35 -5.98
CA LEU HA 465 -17.73 -72.20 -6.41
C LEU HA 465 -18.11 -70.73 -6.36
N ARG HA 466 -17.32 -69.96 -5.65
CA ARG HA 466 -17.52 -68.53 -5.60
C ARG HA 466 -17.14 -67.97 -6.95
N ASP HA 467 -15.93 -68.31 -7.41
CA ASP HA 467 -15.36 -67.78 -8.66
C ASP HA 467 -16.19 -68.20 -9.87
N VAL HA 468 -16.64 -69.43 -9.86
CA VAL HA 468 -17.24 -70.04 -11.04
C VAL HA 468 -18.68 -69.61 -11.27
N THR HA 469 -19.48 -69.48 -10.22
CA THR HA 469 -20.85 -69.02 -10.39
C THR HA 469 -20.88 -67.53 -10.71
N MET HA 470 -19.98 -66.78 -10.08
CA MET HA 470 -19.87 -65.35 -10.38
C MET HA 470 -19.81 -65.17 -11.89
N ASN HA 471 -18.77 -65.76 -12.48
CA ASN HA 471 -18.61 -65.76 -13.91
C ASN HA 471 -19.87 -66.13 -14.69
N LEU HA 472 -20.46 -67.27 -14.37
CA LEU HA 472 -21.64 -67.74 -15.09
C LEU HA 472 -22.78 -66.74 -15.02
N VAL HA 473 -22.69 -65.82 -14.08
CA VAL HA 473 -23.72 -64.81 -13.93
C VAL HA 473 -23.46 -63.67 -14.88
N GLN HA 474 -22.20 -63.32 -15.03
CA GLN HA 474 -21.85 -62.17 -15.85
C GLN HA 474 -21.95 -62.48 -17.33
N ASP HA 475 -21.55 -63.68 -17.73
CA ASP HA 475 -21.74 -64.10 -19.11
C ASP HA 475 -23.22 -64.23 -19.38
N ASN HA 476 -23.98 -64.28 -18.28
CA ASN HA 476 -25.41 -64.56 -18.33
C ASN HA 476 -26.28 -63.29 -18.34
N GLU HA 477 -25.66 -62.15 -18.07
CA GLU HA 477 -26.41 -60.88 -18.01
C GLU HA 477 -26.92 -60.53 -19.39
N THR HA 478 -26.14 -60.86 -20.40
CA THR HA 478 -26.50 -60.60 -21.78
C THR HA 478 -27.81 -61.33 -22.15
N ARG HA 479 -27.94 -62.59 -21.73
CA ARG HA 479 -28.92 -63.52 -22.30
C ARG HA 479 -30.19 -63.84 -21.48
N GLY HA 480 -30.06 -64.02 -20.17
CA GLY HA 480 -31.17 -64.55 -19.37
C GLY HA 480 -30.93 -66.03 -19.13
N VAL HA 481 -31.69 -66.88 -19.82
CA VAL HA 481 -31.34 -68.29 -19.96
C VAL HA 481 -31.32 -69.11 -18.66
N PHE HA 482 -31.35 -70.43 -18.80
CA PHE HA 482 -31.39 -71.35 -17.66
C PHE HA 482 -30.40 -72.53 -17.78
N SER HA 483 -30.38 -73.18 -18.95
CA SER HA 483 -29.58 -74.39 -19.20
C SER HA 483 -29.57 -75.35 -18.01
N SER HA 484 -30.13 -76.53 -18.23
CA SER HA 484 -30.09 -77.57 -17.22
C SER HA 484 -28.65 -77.92 -16.93
N GLY HA 485 -27.82 -77.83 -17.96
CA GLY HA 485 -26.40 -78.13 -17.82
C GLY HA 485 -25.85 -77.53 -16.55
N ASN HA 486 -26.43 -76.41 -16.14
CA ASN HA 486 -26.04 -75.76 -14.90
C ASN HA 486 -26.53 -76.51 -13.67
N VAL HA 487 -27.81 -76.88 -13.66
CA VAL HA 487 -28.39 -77.55 -12.50
C VAL HA 487 -27.82 -78.94 -12.34
N SER HA 488 -27.74 -79.68 -13.44
CA SER HA 488 -27.26 -81.06 -13.42
C SER HA 488 -25.79 -81.10 -13.02
N PHE HA 489 -25.22 -79.93 -12.76
CA PHE HA 489 -23.86 -79.82 -12.24
C PHE HA 489 -23.87 -79.68 -10.73
N PHE HA 490 -24.89 -79.00 -10.21
CA PHE HA 490 -24.99 -78.81 -8.78
C PHE HA 490 -25.42 -80.10 -8.06
N SER HA 491 -26.30 -80.86 -8.68
CA SER HA 491 -26.63 -82.16 -8.13
C SER HA 491 -25.32 -82.95 -7.98
N LEU HA 492 -24.40 -82.75 -8.91
CA LEU HA 492 -23.12 -83.46 -8.89
C LEU HA 492 -22.27 -83.07 -7.70
N VAL HA 493 -22.21 -81.77 -7.44
CA VAL HA 493 -21.46 -81.28 -6.29
C VAL HA 493 -22.04 -81.92 -5.05
N ILE HA 494 -23.34 -82.13 -5.08
CA ILE HA 494 -24.05 -82.70 -3.95
C ILE HA 494 -23.70 -84.17 -3.76
N LEU HA 495 -23.67 -84.92 -4.85
CA LEU HA 495 -23.24 -86.32 -4.77
C LEU HA 495 -21.87 -86.35 -4.14
N LEU HA 496 -20.92 -85.66 -4.78
CA LEU HA 496 -19.57 -85.52 -4.22
C LEU HA 496 -19.54 -85.08 -2.75
N ILE HA 497 -20.41 -84.16 -2.37
CA ILE HA 497 -20.37 -83.62 -1.00
C ILE HA 497 -20.59 -84.72 0.02
N SER HA 498 -21.84 -85.02 0.33
CA SER HA 498 -22.10 -86.07 1.30
C SER HA 498 -22.21 -87.40 0.59
N SER HA 499 -21.06 -87.80 0.02
CA SER HA 499 -20.74 -89.18 -0.28
C SER HA 499 -19.29 -89.35 0.13
N GLY HA 500 -18.64 -88.23 0.44
CA GLY HA 500 -17.32 -88.24 1.02
C GLY HA 500 -16.27 -87.31 0.44
N PHE HA 501 -16.31 -87.08 -0.87
CA PHE HA 501 -15.18 -86.47 -1.59
C PHE HA 501 -14.97 -84.97 -1.48
N CYS HA 502 -16.00 -84.22 -1.10
CA CYS HA 502 -15.88 -82.76 -1.10
C CYS HA 502 -15.76 -82.20 0.32
N GLU HA 503 -16.66 -82.64 1.19
CA GLU HA 503 -16.73 -82.09 2.54
C GLU HA 503 -16.82 -80.58 2.39
N LEU HA 504 -18.02 -80.10 2.14
CA LEU HA 504 -18.29 -78.67 2.07
C LEU HA 504 -19.49 -78.40 2.93
N ASN HA 505 -20.16 -79.47 3.34
CA ASN HA 505 -21.39 -79.37 4.11
C ASN HA 505 -22.44 -78.56 3.32
N MET HA 506 -23.68 -79.03 3.33
CA MET HA 506 -24.72 -78.39 2.55
C MET HA 506 -24.93 -76.93 2.97
N SER HA 507 -24.71 -76.63 4.23
CA SER HA 507 -24.91 -75.28 4.73
C SER HA 507 -23.99 -74.29 4.03
N ASP HA 508 -23.24 -74.78 3.05
CA ASP HA 508 -22.39 -73.92 2.23
C ASP HA 508 -23.09 -73.52 0.95
N LEU HA 509 -23.97 -74.39 0.46
CA LEU HA 509 -24.76 -74.09 -0.74
C LEU HA 509 -26.01 -73.27 -0.39
N PHE HA 510 -26.35 -73.21 0.90
CA PHE HA 510 -27.46 -72.40 1.35
C PHE HA 510 -27.07 -70.92 1.42
N GLU HA 511 -25.78 -70.66 1.58
CA GLU HA 511 -25.30 -69.28 1.57
C GLU HA 511 -25.02 -68.91 0.13
N LEU HA 512 -24.32 -69.79 -0.56
CA LEU HA 512 -24.04 -69.59 -1.97
C LEU HA 512 -25.31 -69.27 -2.72
N CYS HA 513 -26.43 -69.72 -2.19
CA CYS HA 513 -27.73 -69.48 -2.82
C CYS HA 513 -28.39 -68.21 -2.31
N GLU HA 514 -28.56 -68.10 -0.99
CA GLU HA 514 -29.12 -66.89 -0.39
C GLU HA 514 -28.27 -65.70 -0.84
N SER HA 515 -27.01 -65.99 -1.21
CA SER HA 515 -26.04 -64.98 -1.63
C SER HA 515 -26.39 -64.32 -2.95
N TYR HA 516 -26.75 -65.14 -3.94
CA TYR HA 516 -27.00 -64.64 -5.29
C TYR HA 516 -28.43 -64.12 -5.48
N TYR HA 517 -29.16 -63.99 -4.38
CA TYR HA 517 -30.49 -63.40 -4.45
C TYR HA 517 -30.51 -61.90 -4.14
N ASN HA 518 -30.11 -61.10 -5.13
CA ASN HA 518 -30.32 -59.65 -5.14
C ASN HA 518 -31.61 -59.37 -5.88
N LYS HA 519 -32.62 -58.87 -5.17
CA LYS HA 519 -33.91 -58.65 -5.81
C LYS HA 519 -33.75 -57.84 -7.09
N ASP HA 520 -32.55 -57.33 -7.31
CA ASP HA 520 -32.25 -56.45 -8.44
C ASP HA 520 -31.67 -57.19 -9.65
N ASP HA 521 -30.52 -57.86 -9.48
CA ASP HA 521 -29.80 -58.50 -10.59
C ASP HA 521 -30.48 -59.77 -11.11
N LYS HA 522 -30.94 -59.75 -12.35
CA LYS HA 522 -31.71 -60.88 -12.92
C LYS HA 522 -30.89 -62.12 -13.19
N ALA HA 523 -29.73 -61.94 -13.80
CA ALA HA 523 -28.86 -63.06 -14.14
C ALA HA 523 -28.26 -63.64 -12.87
N SER HA 524 -28.37 -62.87 -11.79
CA SER HA 524 -27.83 -63.24 -10.49
C SER HA 524 -28.86 -64.05 -9.73
N MET HA 525 -30.13 -63.68 -9.86
CA MET HA 525 -31.23 -64.46 -9.32
C MET HA 525 -31.35 -65.80 -10.05
N ILE HA 526 -31.15 -65.78 -11.35
CA ILE HA 526 -31.23 -66.99 -12.14
C ILE HA 526 -30.19 -68.00 -11.70
N MET HA 527 -29.08 -67.54 -11.14
CA MET HA 527 -28.08 -68.44 -10.60
C MET HA 527 -28.51 -68.98 -9.25
N SER HA 528 -29.21 -68.16 -8.48
CA SER HA 528 -29.71 -68.61 -7.20
C SER HA 528 -30.74 -69.72 -7.38
N VAL HA 529 -31.66 -69.53 -8.31
CA VAL HA 529 -32.71 -70.51 -8.55
C VAL HA 529 -32.23 -71.72 -9.37
N GLU HA 530 -31.13 -71.55 -10.09
CA GLU HA 530 -30.47 -72.70 -10.70
C GLU HA 530 -29.92 -73.56 -9.57
N ILE HA 531 -29.51 -72.92 -8.48
CA ILE HA 531 -28.97 -73.61 -7.30
C ILE HA 531 -30.04 -74.40 -6.57
N VAL HA 532 -31.22 -73.82 -6.43
CA VAL HA 532 -32.31 -74.47 -5.73
C VAL HA 532 -32.70 -75.76 -6.43
N ALA HA 533 -32.89 -75.69 -7.75
CA ALA HA 533 -33.28 -76.85 -8.55
C ALA HA 533 -32.26 -78.00 -8.45
N GLY HA 534 -31.05 -77.68 -8.03
CA GLY HA 534 -30.01 -78.68 -7.84
C GLY HA 534 -30.15 -79.38 -6.51
N LEU HA 535 -30.60 -78.65 -5.49
CA LEU HA 535 -30.79 -79.22 -4.16
C LEU HA 535 -31.98 -80.14 -4.15
N VAL HA 536 -32.85 -80.02 -5.14
CA VAL HA 536 -34.00 -80.91 -5.26
C VAL HA 536 -33.69 -82.06 -6.22
N CYS HA 537 -32.62 -81.95 -6.98
CA CYS HA 537 -32.17 -83.04 -7.80
C CYS HA 537 -31.04 -83.75 -7.09
N GLY HA 538 -30.85 -83.39 -5.82
CA GLY HA 538 -29.80 -83.94 -4.99
C GLY HA 538 -30.40 -84.70 -3.83
N SER HA 539 -31.35 -85.54 -4.19
CA SER HA 539 -31.96 -86.50 -3.27
C SER HA 539 -31.59 -87.88 -3.80
N LYS HA 540 -31.16 -87.92 -5.05
CA LYS HA 540 -30.34 -89.02 -5.55
C LYS HA 540 -28.98 -88.78 -4.90
N PHE HA 541 -28.98 -88.88 -3.59
CA PHE HA 541 -27.82 -88.61 -2.75
C PHE HA 541 -28.30 -88.73 -1.31
N MET HA 542 -27.56 -89.48 -0.51
CA MET HA 542 -28.01 -89.94 0.82
C MET HA 542 -28.41 -88.88 1.84
N SER HA 543 -28.03 -89.15 3.09
CA SER HA 543 -28.38 -88.33 4.26
C SER HA 543 -29.85 -87.96 4.37
N VAL HA 544 -30.55 -88.59 5.31
CA VAL HA 544 -31.91 -88.19 5.62
C VAL HA 544 -31.85 -87.02 6.59
N SER HA 545 -30.65 -86.76 7.10
CA SER HA 545 -30.44 -85.64 8.02
C SER HA 545 -30.01 -84.39 7.26
N ASP HA 546 -29.61 -84.58 6.00
CA ASP HA 546 -29.34 -83.46 5.12
C ASP HA 546 -30.58 -83.17 4.27
N LEU HA 547 -31.32 -84.21 3.94
CA LEU HA 547 -32.58 -84.01 3.25
C LEU HA 547 -33.61 -83.33 4.15
N ASP HA 548 -33.25 -83.14 5.42
CA ASP HA 548 -34.10 -82.39 6.35
C ASP HA 548 -33.54 -80.98 6.57
N LYS HA 549 -32.22 -80.84 6.48
CA LYS HA 549 -31.59 -79.53 6.54
C LYS HA 549 -31.95 -78.76 5.28
N ARG HA 550 -32.29 -79.50 4.23
CA ARG HA 550 -32.61 -78.90 2.95
C ARG HA 550 -34.11 -78.62 2.81
N ASP HA 551 -34.93 -79.53 3.29
CA ASP HA 551 -36.36 -79.26 3.34
C ASP HA 551 -36.62 -78.05 4.24
N THR HA 552 -35.75 -77.86 5.20
CA THR HA 552 -35.92 -76.77 6.15
C THR HA 552 -35.44 -75.44 5.59
N PHE HA 553 -34.35 -75.49 4.85
CA PHE HA 553 -33.85 -74.28 4.20
C PHE HA 553 -34.80 -73.78 3.12
N ILE HA 554 -35.53 -74.70 2.52
CA ILE HA 554 -36.35 -74.36 1.38
C ILE HA 554 -37.69 -73.72 1.75
N GLU HA 555 -38.25 -74.11 2.89
CA GLU HA 555 -39.50 -73.48 3.29
C GLU HA 555 -39.22 -72.10 3.83
N ASN HA 556 -37.98 -71.92 4.30
CA ASN HA 556 -37.53 -70.64 4.84
C ASN HA 556 -37.21 -69.67 3.74
N PHE HA 557 -36.70 -70.20 2.62
CA PHE HA 557 -36.25 -69.38 1.50
C PHE HA 557 -37.42 -68.95 0.62
N LEU HA 558 -38.26 -69.90 0.22
CA LEU HA 558 -39.48 -69.59 -0.51
C LEU HA 558 -40.33 -68.57 0.25
N ALA HA 559 -40.15 -68.50 1.56
CA ALA HA 559 -40.82 -67.47 2.34
C ALA HA 559 -40.25 -66.10 1.98
N LYS HA 560 -38.95 -65.88 2.25
CA LYS HA 560 -38.31 -64.61 1.94
C LYS HA 560 -38.65 -64.16 0.53
N CYS HA 561 -38.65 -65.11 -0.42
CA CYS HA 561 -38.71 -64.77 -1.83
C CYS HA 561 -40.12 -64.59 -2.41
N LEU HA 562 -41.01 -65.53 -2.12
CA LEU HA 562 -42.33 -65.53 -2.74
C LEU HA 562 -43.44 -64.97 -1.85
N ASP HA 563 -43.22 -64.96 -0.54
CA ASP HA 563 -44.22 -64.41 0.38
C ASP HA 563 -44.15 -62.88 0.44
N TYR HA 564 -44.64 -62.29 -0.63
CA TYR HA 564 -44.82 -60.85 -0.78
C TYR HA 564 -43.54 -60.08 -1.02
N GLU HA 565 -43.64 -59.10 -1.92
CA GLU HA 565 -42.51 -58.47 -2.60
C GLU HA 565 -42.03 -59.35 -3.75
N LEU HA 566 -42.71 -59.25 -4.90
CA LEU HA 566 -42.39 -60.09 -6.05
C LEU HA 566 -42.53 -59.36 -7.40
N ASN HA 567 -41.40 -59.14 -8.07
CA ASN HA 567 -41.37 -58.44 -9.35
C ASN HA 567 -41.63 -59.33 -10.56
N HIS HA 568 -41.95 -58.72 -11.70
CA HIS HA 568 -42.18 -59.48 -12.93
C HIS HA 568 -40.85 -60.04 -13.44
N ASP HA 569 -39.81 -59.86 -12.64
CA ASP HA 569 -38.50 -60.42 -12.96
C ASP HA 569 -38.32 -61.74 -12.22
N ALA HA 570 -38.69 -61.78 -10.95
CA ALA HA 570 -38.68 -63.03 -10.21
C ALA HA 570 -39.72 -63.96 -10.79
N PHE HA 571 -40.98 -63.52 -10.82
CA PHE HA 571 -42.07 -64.31 -11.39
C PHE HA 571 -41.64 -64.92 -12.71
N GLU HA 572 -40.83 -64.18 -13.48
CA GLU HA 572 -40.33 -64.66 -14.77
C GLU HA 572 -39.45 -65.91 -14.56
N ILE HA 573 -38.67 -65.91 -13.46
CA ILE HA 573 -37.75 -67.01 -13.16
C ILE HA 573 -38.41 -68.19 -12.47
N TRP HA 574 -38.98 -67.94 -11.29
CA TRP HA 574 -39.60 -69.01 -10.53
C TRP HA 574 -40.62 -69.74 -11.41
N SER HA 575 -41.45 -68.99 -12.13
CA SER HA 575 -42.46 -69.63 -12.96
C SER HA 575 -41.78 -70.51 -13.99
N THR HA 576 -40.53 -70.20 -14.32
CA THR HA 576 -39.76 -71.06 -15.22
C THR HA 576 -39.46 -72.37 -14.53
N LEU HA 577 -39.14 -72.32 -13.24
CA LEU HA 577 -38.83 -73.51 -12.44
C LEU HA 577 -40.01 -74.46 -12.32
N ALA HA 578 -41.15 -73.95 -11.87
CA ALA HA 578 -42.38 -74.73 -11.78
C ALA HA 578 -42.72 -75.57 -13.04
N TRP HA 579 -42.47 -75.05 -14.25
CA TRP HA 579 -42.78 -75.82 -15.46
C TRP HA 579 -41.74 -76.89 -15.72
N TRP HA 580 -40.58 -76.73 -15.11
CA TRP HA 580 -39.44 -77.59 -15.41
C TRP HA 580 -39.21 -78.64 -14.34
N LEU HA 581 -38.97 -78.17 -13.12
CA LEU HA 581 -38.51 -79.06 -12.05
C LEU HA 581 -39.30 -80.36 -11.91
N PRO HA 582 -40.64 -80.28 -11.81
CA PRO HA 582 -41.48 -81.46 -11.65
C PRO HA 582 -41.35 -82.48 -12.78
N ALA HA 583 -40.64 -82.11 -13.83
CA ALA HA 583 -40.42 -82.99 -14.97
C ALA HA 583 -39.02 -83.63 -14.95
N VAL HA 584 -38.12 -83.11 -14.11
CA VAL HA 584 -36.79 -83.70 -13.99
C VAL HA 584 -36.58 -84.37 -12.62
N VAL HA 585 -37.64 -84.37 -11.80
CA VAL HA 585 -37.59 -85.02 -10.49
C VAL HA 585 -38.96 -85.16 -9.83
N ASP HA 586 -39.28 -86.35 -9.31
CA ASP HA 586 -40.54 -86.52 -8.60
C ASP HA 586 -40.45 -85.61 -7.38
N LEU HA 587 -41.42 -84.71 -7.24
CA LEU HA 587 -41.39 -83.68 -6.20
C LEU HA 587 -41.67 -84.19 -4.78
N ARG HA 588 -41.91 -85.48 -4.65
CA ARG HA 588 -42.17 -86.03 -3.33
C ARG HA 588 -40.85 -86.36 -2.62
N ARG HA 589 -39.75 -86.07 -3.31
CA ARG HA 589 -38.43 -86.17 -2.70
C ARG HA 589 -38.24 -84.99 -1.76
N SER HA 590 -39.31 -84.24 -1.52
CA SER HA 590 -39.28 -83.06 -0.65
C SER HA 590 -40.60 -82.76 0.01
N LYS HA 591 -40.60 -82.73 1.34
CA LYS HA 591 -41.84 -82.50 2.08
C LYS HA 591 -42.31 -81.03 2.04
N THR HA 592 -41.35 -80.10 1.99
CA THR HA 592 -41.65 -78.67 2.12
C THR HA 592 -41.94 -77.96 0.81
N PHE HA 593 -41.09 -78.19 -0.18
CA PHE HA 593 -41.18 -77.51 -1.47
C PHE HA 593 -42.59 -77.48 -2.08
N PHE HA 594 -43.13 -78.63 -2.45
CA PHE HA 594 -44.49 -78.64 -2.97
C PHE HA 594 -45.49 -78.17 -1.92
N CYS HA 595 -45.45 -78.76 -0.72
CA CYS HA 595 -46.41 -78.41 0.34
C CYS HA 595 -46.27 -76.93 0.75
N HIS HA 596 -45.75 -76.12 -0.16
CA HIS HA 596 -45.58 -74.69 0.05
C HIS HA 596 -46.38 -73.84 -0.92
N PHE HA 597 -46.37 -74.24 -2.19
CA PHE HA 597 -47.11 -73.52 -3.23
C PHE HA 597 -48.59 -73.78 -3.08
N ILE HA 598 -48.91 -74.91 -2.47
CA ILE HA 598 -50.29 -75.31 -2.33
C ILE HA 598 -50.85 -74.75 -1.03
N ASN HA 599 -49.99 -74.09 -0.26
CA ASN HA 599 -50.42 -73.30 0.89
C ASN HA 599 -50.93 -71.93 0.44
N ALA HA 600 -52.25 -71.88 0.21
CA ALA HA 600 -52.90 -70.82 -0.55
C ALA HA 600 -53.52 -69.74 0.31
N ASP HA 601 -52.66 -68.92 0.91
CA ASP HA 601 -53.09 -67.73 1.61
C ASP HA 601 -53.35 -66.59 0.62
N GLY HA 602 -53.86 -66.95 -0.55
CA GLY HA 602 -53.97 -66.00 -1.65
C GLY HA 602 -55.15 -66.24 -2.58
N MET HA 603 -56.29 -65.64 -2.18
CA MET HA 603 -57.45 -65.39 -3.02
C MET HA 603 -58.56 -64.66 -2.22
N PHE HA 604 -58.54 -63.32 -2.20
CA PHE HA 604 -59.57 -62.52 -1.53
C PHE HA 604 -60.92 -62.71 -2.19
N ASP HA 605 -61.94 -61.91 -1.84
CA ASP HA 605 -63.32 -62.19 -2.33
C ASP HA 605 -64.23 -60.99 -2.69
N ARG HA 606 -63.96 -59.80 -2.15
CA ARG HA 606 -64.76 -58.62 -2.51
C ARG HA 606 -63.96 -57.31 -2.51
N GLU HA 607 -64.56 -56.23 -3.04
CA GLU HA 607 -63.82 -54.98 -3.29
C GLU HA 607 -64.46 -53.70 -2.74
N SER HA 608 -64.15 -53.41 -1.48
CA SER HA 608 -64.27 -52.05 -0.95
C SER HA 608 -62.99 -51.70 -0.17
N ASP HA 609 -61.89 -52.38 -0.53
CA ASP HA 609 -60.56 -52.17 0.01
C ASP HA 609 -59.59 -51.99 -1.17
N ALA HA 610 -58.59 -52.86 -1.24
CA ALA HA 610 -57.78 -53.02 -2.44
C ALA HA 610 -57.78 -54.50 -2.81
N ALA HA 611 -58.84 -55.18 -2.39
CA ALA HA 611 -58.98 -56.65 -2.46
C ALA HA 611 -57.75 -57.34 -1.89
N THR HA 612 -56.64 -57.15 -2.59
CA THR HA 612 -55.28 -57.39 -2.12
C THR HA 612 -54.25 -57.26 -3.25
N HIS HA 613 -53.82 -58.39 -3.81
CA HIS HA 613 -52.56 -58.50 -4.57
C HIS HA 613 -52.73 -59.27 -5.91
N GLN HA 614 -52.15 -60.47 -5.94
CA GLN HA 614 -51.85 -61.15 -7.19
C GLN HA 614 -52.06 -62.66 -7.31
N THR HA 615 -51.79 -63.07 -8.54
CA THR HA 615 -51.42 -64.40 -8.93
C THR HA 615 -50.01 -64.65 -8.44
N SER HA 616 -49.75 -64.02 -7.29
CA SER HA 616 -48.58 -64.27 -6.45
C SER HA 616 -48.63 -65.73 -6.02
N LYS HA 617 -49.00 -66.58 -6.95
CA LYS HA 617 -49.15 -67.99 -6.70
C LYS HA 617 -49.84 -68.56 -7.89
N ILE HA 618 -51.15 -68.35 -7.95
CA ILE HA 618 -52.01 -69.08 -8.86
C ILE HA 618 -51.27 -69.60 -10.10
N TYR HA 619 -50.69 -68.71 -10.91
CA TYR HA 619 -50.05 -69.17 -12.14
C TYR HA 619 -48.80 -70.06 -11.93
N MET HA 620 -48.29 -70.12 -10.71
CA MET HA 620 -47.10 -70.93 -10.41
C MET HA 620 -47.48 -72.26 -9.79
N LEU HA 621 -48.50 -72.24 -8.96
CA LEU HA 621 -49.06 -73.49 -8.45
C LEU HA 621 -49.54 -74.27 -9.64
N ARG HA 622 -50.24 -73.57 -10.53
CA ARG HA 622 -50.78 -74.18 -11.73
C ARG HA 622 -49.71 -74.82 -12.61
N SER HA 623 -48.58 -74.13 -12.82
CA SER HA 623 -47.58 -74.65 -13.74
C SER HA 623 -46.80 -75.82 -13.14
N ILE HA 624 -47.01 -76.08 -11.85
CA ILE HA 624 -46.48 -77.29 -11.24
C ILE HA 624 -47.50 -78.40 -11.42
N LEU HA 625 -48.74 -78.13 -11.01
CA LEU HA 625 -49.85 -79.05 -11.21
C LEU HA 625 -50.02 -79.43 -12.67
N MET HA 626 -49.49 -78.61 -13.58
CA MET HA 626 -49.59 -78.91 -15.01
C MET HA 626 -48.52 -79.89 -15.42
N SER HA 627 -47.40 -79.84 -14.73
CA SER HA 627 -46.24 -80.64 -15.08
C SER HA 627 -46.27 -81.99 -14.37
N MET HA 628 -47.21 -82.16 -13.44
CA MET HA 628 -47.40 -83.44 -12.78
C MET HA 628 -48.61 -84.19 -13.35
N GLU HA 629 -49.76 -83.53 -13.38
CA GLU HA 629 -50.91 -83.93 -14.23
C GLU HA 629 -51.44 -85.33 -13.97
N PHE HA 630 -51.54 -85.74 -12.72
CA PHE HA 630 -51.53 -87.16 -12.52
C PHE HA 630 -51.09 -87.47 -11.13
N ARG HA 631 -49.81 -87.23 -10.90
CA ARG HA 631 -49.16 -87.40 -9.62
C ARG HA 631 -49.46 -86.21 -8.66
N ALA HA 632 -49.29 -86.47 -7.37
CA ALA HA 632 -49.59 -85.52 -6.27
C ALA HA 632 -50.95 -84.83 -6.19
N PRO HA 633 -51.83 -85.01 -7.19
CA PRO HA 633 -52.89 -84.01 -7.32
C PRO HA 633 -54.00 -84.09 -6.27
N ASP HA 634 -53.74 -84.60 -5.06
CA ASP HA 634 -54.82 -84.55 -4.08
C ASP HA 634 -55.04 -83.11 -3.65
N VAL HA 635 -56.20 -82.60 -4.01
CA VAL HA 635 -56.47 -81.19 -3.85
C VAL HA 635 -57.91 -81.03 -3.37
N GLY HA 636 -58.29 -81.83 -2.39
CA GLY HA 636 -59.56 -81.66 -1.74
C GLY HA 636 -59.72 -80.18 -1.43
N LYS HA 637 -58.65 -79.57 -0.95
CA LYS HA 637 -58.64 -78.15 -0.60
C LYS HA 637 -59.07 -77.29 -1.79
N LEU HA 638 -58.17 -77.12 -2.75
CA LEU HA 638 -58.32 -76.15 -3.83
C LEU HA 638 -59.73 -75.96 -4.35
N PHE HA 639 -60.41 -77.06 -4.66
CA PHE HA 639 -61.77 -76.96 -5.18
C PHE HA 639 -62.70 -76.24 -4.21
N ASP HA 640 -62.64 -76.61 -2.93
CA ASP HA 640 -63.46 -75.97 -1.89
C ASP HA 640 -62.98 -74.52 -1.65
N GLU HA 641 -61.82 -74.17 -2.19
CA GLU HA 641 -61.18 -72.88 -1.90
C GLU HA 641 -61.18 -71.88 -3.07
N LEU HA 642 -61.64 -72.28 -4.25
CA LEU HA 642 -61.63 -71.38 -5.41
C LEU HA 642 -62.61 -70.23 -5.22
N VAL HA 643 -62.45 -69.18 -6.03
CA VAL HA 643 -63.12 -67.91 -5.78
C VAL HA 643 -64.27 -67.56 -6.74
N PHE HA 644 -63.95 -67.13 -7.95
CA PHE HA 644 -64.97 -66.73 -8.94
C PHE HA 644 -65.50 -65.33 -8.69
N ASP HA 645 -65.67 -64.98 -7.42
CA ASP HA 645 -66.22 -63.70 -6.99
C ASP HA 645 -65.22 -62.56 -7.11
N HIS HA 646 -63.97 -62.87 -7.44
CA HIS HA 646 -62.90 -61.86 -7.38
C HIS HA 646 -63.12 -60.67 -8.32
N PRO HA 647 -62.84 -59.47 -7.82
CA PRO HA 647 -63.07 -58.19 -8.50
C PRO HA 647 -62.08 -57.93 -9.61
N TYR HA 648 -60.81 -58.28 -9.39
CA TYR HA 648 -59.78 -58.07 -10.39
C TYR HA 648 -59.78 -59.08 -11.53
N ASP HA 649 -59.31 -58.66 -12.68
CA ASP HA 649 -59.26 -59.53 -13.83
C ASP HA 649 -58.06 -60.48 -13.70
N GLN HA 650 -56.87 -59.90 -13.50
CA GLN HA 650 -55.63 -60.68 -13.50
C GLN HA 650 -55.78 -61.91 -12.63
N VAL HA 651 -56.77 -61.86 -11.74
CA VAL HA 651 -57.05 -62.98 -10.87
C VAL HA 651 -58.26 -63.78 -11.35
N ARG HA 652 -59.35 -63.10 -11.69
CA ARG HA 652 -60.51 -63.80 -12.24
C ARG HA 652 -60.08 -64.71 -13.38
N GLN HA 653 -59.18 -64.23 -14.22
CA GLN HA 653 -58.72 -64.97 -15.38
C GLN HA 653 -57.83 -66.11 -14.94
N ALA HA 654 -57.03 -65.86 -13.92
CA ALA HA 654 -56.09 -66.88 -13.44
C ALA HA 654 -56.80 -67.99 -12.64
N VAL HA 655 -57.81 -67.63 -11.86
CA VAL HA 655 -58.57 -68.64 -11.16
C VAL HA 655 -59.18 -69.56 -12.20
N ALA HA 656 -59.55 -69.00 -13.36
CA ALA HA 656 -60.12 -69.79 -14.44
C ALA HA 656 -59.08 -70.72 -15.07
N LYS HA 657 -57.94 -70.15 -15.45
CA LYS HA 657 -56.87 -70.95 -16.07
C LYS HA 657 -56.36 -72.08 -15.15
N LEU HA 658 -56.63 -71.97 -13.86
CA LEU HA 658 -56.18 -72.97 -12.88
C LEU HA 658 -57.17 -74.12 -12.78
N LEU HA 659 -58.44 -73.78 -12.65
CA LEU HA 659 -59.52 -74.76 -12.65
C LEU HA 659 -59.44 -75.60 -13.90
N THR HA 660 -59.25 -74.96 -15.04
CA THR HA 660 -59.00 -75.69 -16.27
C THR HA 660 -57.96 -76.79 -16.03
N THR HA 661 -56.84 -76.43 -15.41
CA THR HA 661 -55.78 -77.41 -15.17
C THR HA 661 -56.15 -78.40 -14.08
N LEU HA 662 -56.89 -77.97 -13.06
CA LEU HA 662 -57.32 -78.85 -11.99
C LEU HA 662 -58.26 -79.94 -12.50
N VAL HA 663 -58.94 -79.65 -13.58
CA VAL HA 663 -59.89 -80.61 -14.16
C VAL HA 663 -59.19 -81.64 -15.06
N GLN HA 664 -58.12 -81.23 -15.72
CA GLN HA 664 -57.40 -82.11 -16.64
C GLN HA 664 -56.64 -83.18 -15.84
N ASN HA 665 -56.57 -82.99 -14.53
CA ASN HA 665 -55.81 -83.87 -13.64
C ASN HA 665 -56.66 -84.98 -13.02
N GLN HA 666 -57.98 -84.77 -13.01
CA GLN HA 666 -58.92 -85.78 -12.52
C GLN HA 666 -59.68 -86.40 -13.69
N SER HA 667 -59.31 -86.03 -14.91
CA SER HA 667 -59.96 -86.53 -16.12
C SER HA 667 -59.25 -87.72 -16.77
N ASN HA 668 -57.99 -87.95 -16.43
CA ASN HA 668 -57.28 -89.16 -16.91
C ASN HA 668 -58.08 -90.38 -16.50
N PRO HA 669 -58.32 -91.32 -17.45
CA PRO HA 669 -59.28 -92.39 -17.15
C PRO HA 669 -58.60 -93.62 -16.57
N SER HA 670 -57.32 -93.53 -16.24
CA SER HA 670 -56.51 -94.70 -15.91
C SER HA 670 -57.34 -95.87 -15.36
N ILE HA 671 -57.49 -96.92 -16.17
CA ILE HA 671 -58.31 -98.10 -15.86
C ILE HA 671 -57.51 -99.23 -15.25
N SER HA 672 -58.21 -100.26 -14.80
CA SER HA 672 -57.60 -101.41 -14.16
C SER HA 672 -56.76 -102.27 -15.11
N ASP HA 673 -57.41 -102.82 -16.13
CA ASP HA 673 -56.77 -103.70 -17.07
C ASP HA 673 -56.85 -103.14 -18.48
N PRO HA 674 -55.96 -103.58 -19.37
CA PRO HA 674 -56.14 -103.37 -20.80
C PRO HA 674 -57.42 -104.06 -21.26
N THR HA 675 -57.70 -105.20 -20.65
CA THR HA 675 -58.86 -105.99 -21.05
C THR HA 675 -60.14 -105.35 -20.52
N THR HA 676 -60.08 -104.91 -19.27
CA THR HA 676 -61.23 -104.23 -18.67
C THR HA 676 -61.53 -103.00 -19.50
N LEU HA 677 -60.48 -102.41 -20.06
CA LEU HA 677 -60.56 -101.17 -20.85
C LEU HA 677 -61.19 -101.35 -22.22
N LEU HA 678 -60.57 -102.20 -23.03
CA LEU HA 678 -61.06 -102.44 -24.39
C LEU HA 678 -62.51 -102.97 -24.43
N GLU HA 679 -62.99 -103.49 -23.31
CA GLU HA 679 -64.38 -103.94 -23.24
C GLU HA 679 -65.32 -102.76 -23.01
N ALA HA 680 -64.76 -101.66 -22.52
CA ALA HA 680 -65.53 -100.44 -22.38
C ALA HA 680 -65.61 -99.70 -23.71
N GLU HA 681 -64.49 -99.69 -24.44
CA GLU HA 681 -64.41 -99.05 -25.75
C GLU HA 681 -65.26 -99.77 -26.79
N ARG HA 682 -65.33 -101.10 -26.68
CA ARG HA 682 -66.09 -101.91 -27.61
C ARG HA 682 -67.60 -101.64 -27.43
N ASN HA 683 -68.08 -101.69 -26.19
CA ASN HA 683 -69.47 -101.35 -25.91
C ASN HA 683 -69.70 -99.86 -25.71
N ASP HA 684 -69.52 -99.08 -26.78
CA ASP HA 684 -69.85 -97.64 -26.77
C ASP HA 684 -70.95 -97.42 -27.82
N PRO HA 685 -71.74 -96.34 -27.64
CA PRO HA 685 -72.87 -96.03 -28.53
C PRO HA 685 -72.42 -95.74 -29.95
N ASP HA 686 -71.40 -94.90 -30.06
CA ASP HA 686 -70.78 -94.59 -31.35
C ASP HA 686 -69.87 -95.78 -31.71
N GLY HA 687 -70.03 -96.35 -32.91
CA GLY HA 687 -69.15 -97.43 -33.36
C GLY HA 687 -67.70 -97.05 -33.11
N LEU HA 688 -67.50 -95.78 -32.74
CA LEU HA 688 -66.22 -95.25 -32.30
C LEU HA 688 -65.91 -95.75 -30.91
N GLY HA 689 -65.35 -94.89 -30.06
CA GLY HA 689 -64.91 -95.34 -28.76
C GLY HA 689 -65.39 -94.52 -27.58
N LEU HA 690 -64.71 -94.72 -26.45
CA LEU HA 690 -64.97 -93.98 -25.25
C LEU HA 690 -64.53 -92.54 -25.37
N PRO HA 691 -65.31 -91.62 -24.81
CA PRO HA 691 -64.67 -90.32 -24.58
C PRO HA 691 -63.33 -90.52 -23.88
N LEU HA 692 -62.24 -90.22 -24.60
CA LEU HA 692 -60.91 -90.17 -23.99
C LEU HA 692 -60.95 -88.97 -23.06
N LYS HA 693 -60.39 -89.12 -21.86
CA LYS HA 693 -60.53 -88.05 -20.86
C LYS HA 693 -62.01 -87.78 -20.60
N SER HA 694 -62.50 -88.22 -19.46
CA SER HA 694 -63.89 -87.96 -19.11
C SER HA 694 -63.92 -87.42 -17.70
N VAL HA 695 -64.49 -86.23 -17.55
CA VAL HA 695 -64.58 -85.57 -16.26
C VAL HA 695 -65.42 -86.39 -15.28
N PRO HA 696 -64.84 -86.74 -14.12
CA PRO HA 696 -65.43 -87.62 -13.10
C PRO HA 696 -66.53 -86.99 -12.26
N GLU HA 697 -67.74 -87.57 -12.33
CA GLU HA 697 -68.92 -87.11 -11.62
C GLU HA 697 -68.76 -86.06 -10.51
N LYS HA 698 -67.99 -86.37 -9.46
CA LYS HA 698 -67.80 -85.42 -8.35
C LYS HA 698 -67.38 -84.02 -8.84
N VAL HA 699 -66.88 -83.95 -10.07
CA VAL HA 699 -66.53 -82.68 -10.71
C VAL HA 699 -67.64 -82.16 -11.63
N ASP HA 700 -68.26 -83.05 -12.39
CA ASP HA 700 -69.39 -82.67 -13.21
C ASP HA 700 -70.44 -82.03 -12.32
N ALA HA 701 -70.31 -82.26 -11.01
CA ALA HA 701 -71.21 -81.68 -10.03
C ALA HA 701 -70.83 -80.25 -9.70
N TYR HA 702 -69.54 -80.04 -9.42
CA TYR HA 702 -68.97 -78.72 -9.13
C TYR HA 702 -69.32 -77.72 -10.22
N ILE HA 703 -68.97 -78.06 -11.45
CA ILE HA 703 -69.21 -77.20 -12.60
C ILE HA 703 -70.68 -76.86 -12.77
N LYS HA 704 -71.52 -77.88 -12.77
CA LYS HA 704 -72.94 -77.65 -12.91
C LYS HA 704 -73.41 -76.62 -11.87
N LYS HA 705 -72.83 -76.70 -10.68
CA LYS HA 705 -73.15 -75.77 -9.61
C LYS HA 705 -72.84 -74.33 -9.99
N GLN HA 706 -71.62 -74.09 -10.45
CA GLN HA 706 -71.17 -72.74 -10.79
C GLN HA 706 -72.02 -72.03 -11.85
N PHE HA 707 -72.66 -72.82 -12.72
CA PHE HA 707 -73.55 -72.30 -13.75
C PHE HA 707 -74.93 -71.99 -13.16
N GLU HA 708 -75.37 -72.85 -12.23
CA GLU HA 708 -76.70 -72.72 -11.64
C GLU HA 708 -76.67 -71.85 -10.39
N ILE HA 709 -75.48 -71.37 -10.05
CA ILE HA 709 -75.32 -70.38 -8.97
C ILE HA 709 -75.45 -69.00 -9.62
N ILE HA 710 -75.00 -68.93 -10.87
CA ILE HA 710 -75.10 -67.72 -11.68
C ILE HA 710 -76.54 -67.50 -12.22
N LYS HA 711 -77.31 -68.57 -12.35
CA LYS HA 711 -78.71 -68.43 -12.73
C LYS HA 711 -79.50 -67.94 -11.52
N ASN HA 712 -79.01 -68.26 -10.31
CA ASN HA 712 -79.64 -67.81 -9.07
C ASN HA 712 -79.57 -66.30 -8.91
N LEU HA 713 -78.49 -65.74 -9.42
CA LEU HA 713 -78.22 -64.32 -9.22
C LEU HA 713 -78.75 -63.41 -10.33
N GLU HA 714 -79.61 -63.92 -11.21
CA GLU HA 714 -80.15 -63.07 -12.30
C GLU HA 714 -81.02 -61.94 -11.74
N ASP HA 715 -81.32 -62.00 -10.44
CA ASP HA 715 -82.06 -60.93 -9.78
C ASP HA 715 -81.12 -59.80 -9.37
N SER HA 716 -79.83 -60.12 -9.30
CA SER HA 716 -78.79 -59.19 -8.84
C SER HA 716 -78.64 -57.96 -9.74
N VAL HA 717 -79.00 -58.10 -11.00
CA VAL HA 717 -78.95 -56.98 -11.92
C VAL HA 717 -80.36 -56.70 -12.41
N VAL HA 718 -81.33 -56.90 -11.51
CA VAL HA 718 -82.74 -56.75 -11.84
C VAL HA 718 -82.95 -55.59 -12.81
N GLY HA 719 -82.14 -54.53 -12.67
CA GLY HA 719 -82.23 -53.42 -13.60
C GLY HA 719 -81.06 -52.46 -13.63
N LEU HA 720 -79.92 -52.86 -13.10
CA LEU HA 720 -78.77 -51.95 -13.04
C LEU HA 720 -78.16 -51.62 -14.41
N ASN HA 721 -77.18 -50.72 -14.42
CA ASN HA 721 -76.55 -50.29 -15.66
C ASN HA 721 -75.11 -50.79 -15.77
N PRO HA 722 -74.52 -50.68 -16.97
CA PRO HA 722 -73.13 -51.10 -17.22
C PRO HA 722 -72.13 -50.67 -16.17
N GLN HA 723 -72.35 -49.55 -15.48
CA GLN HA 723 -71.39 -49.10 -14.49
C GLN HA 723 -71.64 -49.80 -13.14
N GLN HA 724 -72.91 -49.99 -12.82
CA GLN HA 724 -73.30 -50.73 -11.62
C GLN HA 724 -73.39 -52.21 -11.94
N PHE HA 725 -72.70 -52.65 -12.98
CA PHE HA 725 -72.73 -54.05 -13.39
C PHE HA 725 -71.40 -54.69 -13.03
N ILE HA 726 -70.31 -54.13 -13.56
CA ILE HA 726 -68.95 -54.59 -13.29
C ILE HA 726 -68.64 -54.66 -11.80
N LYS HA 727 -69.62 -54.28 -10.98
CA LYS HA 727 -69.40 -54.18 -9.55
C LYS HA 727 -70.24 -55.21 -8.79
N THR HA 728 -71.13 -55.89 -9.51
CA THR HA 728 -72.00 -56.91 -8.90
C THR HA 728 -71.32 -58.27 -8.79
N ASP HA 729 -71.82 -59.12 -7.92
CA ASP HA 729 -71.25 -60.45 -7.81
C ASP HA 729 -71.61 -61.27 -9.05
N TYR HA 730 -72.82 -61.10 -9.56
CA TYR HA 730 -73.23 -61.80 -10.79
C TYR HA 730 -72.23 -61.63 -11.93
N PHE HA 731 -71.67 -60.44 -12.08
CA PHE HA 731 -70.67 -60.24 -13.12
C PHE HA 731 -69.40 -61.00 -12.80
N TYR HA 732 -68.85 -60.77 -11.61
CA TYR HA 732 -67.61 -61.43 -11.20
C TYR HA 732 -67.63 -62.95 -11.49
N ARG HA 733 -68.64 -63.65 -10.98
CA ARG HA 733 -68.80 -65.08 -11.30
C ARG HA 733 -68.69 -65.24 -12.80
N THR HA 734 -69.71 -64.75 -13.50
CA THR HA 734 -69.83 -64.82 -14.96
C THR HA 734 -68.53 -64.57 -15.73
N SER HA 735 -67.76 -63.57 -15.33
CA SER HA 735 -66.48 -63.29 -15.99
C SER HA 735 -65.49 -64.43 -15.79
N THR HA 736 -65.43 -64.98 -14.57
CA THR HA 736 -64.51 -66.08 -14.31
C THR HA 736 -64.88 -67.31 -15.14
N ILE HA 737 -66.15 -67.72 -15.08
CA ILE HA 737 -66.66 -68.83 -15.89
C ILE HA 737 -66.32 -68.68 -17.36
N PHE HA 738 -66.52 -67.48 -17.89
CA PHE HA 738 -66.15 -67.20 -19.27
C PHE HA 738 -64.66 -67.47 -19.52
N TYR HA 739 -63.77 -66.85 -18.75
CA TYR HA 739 -62.33 -67.04 -18.96
C TYR HA 739 -61.96 -68.52 -18.94
N TRP HA 740 -62.77 -69.31 -18.23
CA TRP HA 740 -62.58 -70.75 -18.11
C TRP HA 740 -62.97 -71.48 -19.40
N ILE HA 741 -64.17 -71.21 -19.89
CA ILE HA 741 -64.59 -71.72 -21.18
C ILE HA 741 -63.57 -71.39 -22.28
N LYS HA 742 -63.15 -70.13 -22.35
CA LYS HA 742 -62.15 -69.74 -23.34
C LYS HA 742 -60.97 -70.70 -23.31
N GLU HA 743 -60.56 -71.12 -22.10
CA GLU HA 743 -59.38 -71.98 -21.91
C GLU HA 743 -59.64 -73.48 -21.99
N MET HA 744 -60.91 -73.87 -22.07
CA MET HA 744 -61.26 -75.27 -22.30
C MET HA 744 -61.27 -75.52 -23.80
N ALA HA 745 -61.86 -74.59 -24.52
CA ALA HA 745 -62.01 -74.70 -25.96
C ALA HA 745 -60.65 -74.68 -26.67
N ARG HA 746 -59.62 -74.29 -25.92
CA ARG HA 746 -58.26 -74.34 -26.43
C ARG HA 746 -57.67 -75.68 -26.03
N GLY HA 747 -57.05 -76.36 -26.99
CA GLY HA 747 -56.23 -77.52 -26.68
C GLY HA 747 -56.92 -78.79 -26.26
N PRO HA 748 -56.22 -79.63 -25.49
CA PRO HA 748 -56.54 -81.03 -25.22
C PRO HA 748 -57.71 -81.23 -24.28
N ASN HA 749 -58.41 -80.16 -23.96
CA ASN HA 749 -59.51 -80.23 -23.00
C ASN HA 749 -60.87 -80.19 -23.68
N LYS HA 750 -60.88 -80.07 -25.01
CA LYS HA 750 -62.13 -79.92 -25.73
C LYS HA 750 -63.11 -81.05 -25.40
N VAL HA 751 -62.64 -82.29 -25.46
CA VAL HA 751 -63.50 -83.46 -25.23
C VAL HA 751 -64.12 -83.46 -23.84
N LEU HA 752 -63.61 -82.59 -22.98
CA LEU HA 752 -64.12 -82.42 -21.64
C LEU HA 752 -65.25 -81.41 -21.64
N LEU HA 753 -65.12 -80.39 -22.48
CA LEU HA 753 -66.08 -79.29 -22.54
C LEU HA 753 -67.42 -79.62 -23.21
N VAL HA 754 -67.46 -80.61 -24.10
CA VAL HA 754 -68.68 -80.85 -24.89
C VAL HA 754 -69.97 -81.17 -24.13
N PRO HA 755 -69.94 -82.09 -23.16
CA PRO HA 755 -71.24 -82.46 -22.57
C PRO HA 755 -72.03 -81.25 -22.06
N TYR HA 756 -71.33 -80.17 -21.76
CA TYR HA 756 -71.90 -79.01 -21.07
C TYR HA 756 -72.53 -77.95 -22.00
N LEU HA 757 -72.14 -77.97 -23.27
CA LEU HA 757 -72.67 -77.02 -24.25
C LEU HA 757 -74.19 -76.98 -24.27
N VAL HA 758 -74.81 -78.13 -24.50
CA VAL HA 758 -76.24 -78.17 -24.78
C VAL HA 758 -77.13 -77.62 -23.65
N ASP HA 759 -76.71 -77.80 -22.41
CA ASP HA 759 -77.52 -77.39 -21.25
C ASP HA 759 -76.97 -76.17 -20.52
N TYR HA 760 -75.66 -75.96 -20.62
CA TYR HA 760 -74.97 -74.99 -19.76
C TYR HA 760 -74.21 -73.87 -20.51
N VAL HA 761 -73.25 -74.26 -21.32
CA VAL HA 761 -72.35 -73.31 -21.98
C VAL HA 761 -72.99 -72.45 -23.08
N LEU HA 762 -73.98 -72.95 -23.79
CA LEU HA 762 -74.60 -72.15 -24.86
C LEU HA 762 -75.78 -71.31 -24.38
N PRO HA 763 -76.54 -71.80 -23.39
CA PRO HA 763 -77.52 -70.92 -22.74
C PRO HA 763 -76.82 -69.73 -22.11
N PHE HA 764 -75.71 -70.00 -21.43
CA PHE HA 764 -74.76 -68.99 -21.00
C PHE HA 764 -74.21 -68.45 -22.32
N LEU HA 765 -73.06 -67.77 -22.27
CA LEU HA 765 -72.50 -67.11 -23.46
C LEU HA 765 -73.50 -66.16 -24.12
N ILE HA 766 -74.56 -66.72 -24.66
CA ILE HA 766 -75.67 -65.92 -25.16
C ILE HA 766 -76.23 -65.06 -24.00
N GLY HA 767 -75.49 -65.03 -22.90
CA GLY HA 767 -75.55 -63.95 -21.93
C GLY HA 767 -74.90 -62.77 -22.61
N LEU HA 768 -75.74 -62.05 -23.35
CA LEU HA 768 -75.31 -61.08 -24.34
C LEU HA 768 -76.48 -60.14 -24.65
N VAL HA 769 -77.70 -60.64 -24.56
CA VAL HA 769 -78.85 -59.75 -24.43
C VAL HA 769 -78.94 -59.45 -22.95
N LYS HA 770 -78.06 -60.10 -22.19
CA LYS HA 770 -77.79 -59.73 -20.81
C LYS HA 770 -76.87 -58.51 -20.82
N HIS HA 771 -76.88 -57.79 -21.94
CA HIS HA 771 -76.17 -56.52 -22.18
C HIS HA 771 -75.01 -56.63 -23.21
N LYS HA 772 -75.14 -55.92 -24.33
CA LYS HA 772 -74.08 -55.81 -25.34
C LYS HA 772 -72.96 -54.86 -24.89
N ASP HA 773 -73.34 -53.77 -24.23
CA ASP HA 773 -72.38 -52.75 -23.82
C ASP HA 773 -71.58 -53.17 -22.60
N VAL HA 774 -72.10 -54.11 -21.83
CA VAL HA 774 -71.34 -54.60 -20.68
C VAL HA 774 -70.12 -55.41 -21.14
N CYS HA 775 -70.19 -55.95 -22.34
CA CYS HA 775 -69.08 -56.72 -22.89
C CYS HA 775 -67.97 -55.83 -23.40
N ALA HA 776 -68.33 -54.71 -24.02
CA ALA HA 776 -67.35 -53.78 -24.54
C ALA HA 776 -66.48 -53.22 -23.42
N LEU HA 777 -67.06 -53.09 -22.23
CA LEU HA 777 -66.37 -52.55 -21.07
C LEU HA 777 -65.24 -53.46 -20.60
N ALA HA 778 -65.60 -54.55 -19.92
CA ALA HA 778 -64.62 -55.57 -19.54
C ALA HA 778 -64.37 -56.45 -20.76
N SER HA 779 -63.60 -55.93 -21.71
CA SER HA 779 -63.49 -56.50 -23.06
C SER HA 779 -63.61 -58.02 -23.18
N LEU HA 780 -64.83 -58.49 -23.41
CA LEU HA 780 -65.13 -59.91 -23.63
C LEU HA 780 -65.81 -60.13 -24.97
N ASP HA 781 -65.27 -61.02 -25.79
CA ASP HA 781 -65.90 -61.36 -27.06
C ASP HA 781 -66.58 -62.73 -26.95
N PRO HA 782 -67.91 -62.72 -26.70
CA PRO HA 782 -68.78 -63.89 -26.59
C PRO HA 782 -69.16 -64.39 -27.97
N VAL HA 783 -69.66 -63.47 -28.78
CA VAL HA 783 -69.95 -63.76 -30.17
C VAL HA 783 -68.89 -64.64 -30.83
N ARG HA 784 -67.63 -64.30 -30.62
CA ARG HA 784 -66.52 -64.93 -31.32
C ARG HA 784 -66.25 -66.32 -30.76
N LEU HA 785 -66.69 -66.57 -29.53
CA LEU HA 785 -66.42 -67.82 -28.85
C LEU HA 785 -67.55 -68.80 -29.09
N TYR HA 786 -68.78 -68.32 -28.88
CA TYR HA 786 -69.98 -69.11 -29.15
C TYR HA 786 -69.92 -69.71 -30.55
N ALA HA 787 -69.59 -68.88 -31.53
CA ALA HA 787 -69.50 -69.33 -32.91
C ALA HA 787 -68.23 -70.12 -33.20
N GLY HA 788 -67.14 -69.84 -32.48
CA GLY HA 788 -65.90 -70.57 -32.66
C GLY HA 788 -66.02 -71.96 -32.07
N LEU HA 789 -67.16 -72.23 -31.45
CA LEU HA 789 -67.47 -73.53 -30.88
C LEU HA 789 -68.28 -74.35 -31.86
N GLY HA 790 -68.37 -73.87 -33.09
CA GLY HA 790 -69.11 -74.59 -34.12
C GLY HA 790 -68.22 -75.70 -34.60
N TYR HA 791 -66.96 -75.37 -34.76
CA TYR HA 791 -65.93 -76.35 -35.03
C TYR HA 791 -65.51 -76.97 -33.70
N MET HA 792 -65.43 -78.29 -33.66
CA MET HA 792 -64.74 -78.98 -32.58
C MET HA 792 -65.20 -80.42 -32.40
N PRO HA 793 -64.31 -81.26 -31.84
CA PRO HA 793 -64.42 -82.67 -31.48
C PRO HA 793 -65.75 -83.11 -30.87
N ILE HA 794 -66.79 -83.09 -31.70
CA ILE HA 794 -68.09 -83.57 -31.28
C ILE HA 794 -68.25 -85.04 -31.68
N ARG HA 795 -69.05 -85.78 -30.92
CA ARG HA 795 -69.25 -87.20 -31.15
C ARG HA 795 -70.67 -87.53 -31.63
N LYS HA 796 -70.80 -88.59 -32.42
CA LYS HA 796 -72.06 -88.95 -33.07
C LYS HA 796 -73.33 -88.63 -32.27
N ASN HA 797 -73.34 -88.99 -30.99
CA ASN HA 797 -74.54 -88.78 -30.16
C ASN HA 797 -74.70 -87.36 -29.62
N HIS HA 798 -73.60 -86.64 -29.43
CA HIS HA 798 -73.69 -85.24 -29.02
C HIS HA 798 -74.27 -84.32 -30.10
N VAL HA 799 -73.95 -84.60 -31.36
CA VAL HA 799 -74.58 -83.91 -32.48
C VAL HA 799 -76.09 -83.83 -32.33
N ALA HA 800 -76.71 -84.99 -32.08
CA ALA HA 800 -78.15 -85.04 -31.88
C ALA HA 800 -78.63 -83.86 -31.04
N ALA HA 801 -78.25 -83.86 -29.76
CA ALA HA 801 -78.79 -82.91 -28.79
C ALA HA 801 -78.44 -81.44 -29.07
N ILE HA 802 -77.41 -81.21 -29.87
CA ILE HA 802 -76.97 -79.86 -30.23
C ILE HA 802 -77.81 -79.26 -31.36
N VAL HA 803 -78.07 -80.06 -32.38
CA VAL HA 803 -78.97 -79.63 -33.44
C VAL HA 803 -80.36 -79.39 -32.85
N ASP HA 804 -80.73 -80.15 -31.83
CA ASP HA 804 -82.01 -79.97 -31.15
C ASP HA 804 -82.07 -78.71 -30.28
N TYR HA 805 -80.91 -78.25 -29.80
CA TYR HA 805 -80.82 -77.02 -29.01
C TYR HA 805 -80.95 -75.78 -29.88
N VAL HA 806 -80.11 -75.67 -30.90
CA VAL HA 806 -80.41 -74.76 -31.98
C VAL HA 806 -81.71 -75.31 -32.56
N CYS HA 807 -82.29 -74.63 -33.54
CA CYS HA 807 -83.55 -75.11 -34.12
C CYS HA 807 -84.54 -75.35 -32.99
N SER HA 808 -84.48 -74.50 -31.98
CA SER HA 808 -85.29 -74.70 -30.80
C SER HA 808 -86.71 -74.20 -31.07
N SER HA 809 -87.71 -74.95 -30.60
CA SER HA 809 -89.10 -74.48 -30.69
C SER HA 809 -89.35 -73.40 -29.64
N ASN HA 810 -88.40 -73.26 -28.70
CA ASN HA 810 -88.38 -72.11 -27.80
C ASN HA 810 -87.70 -70.94 -28.49
N VAL HA 811 -87.06 -71.21 -29.63
CA VAL HA 811 -86.50 -70.13 -30.44
C VAL HA 811 -87.64 -69.25 -30.91
N ALA HA 812 -87.44 -67.94 -30.74
CA ALA HA 812 -88.46 -66.91 -30.71
C ALA HA 812 -88.18 -66.19 -29.41
N LEU HA 813 -87.49 -66.91 -28.53
CA LEU HA 813 -87.03 -66.39 -27.25
C LEU HA 813 -86.07 -65.20 -27.44
N SER HA 814 -85.06 -65.38 -28.30
CA SER HA 814 -83.97 -64.40 -28.45
C SER HA 814 -84.21 -63.36 -29.54
N SER HA 815 -83.31 -62.37 -29.63
CA SER HA 815 -83.50 -61.23 -30.51
C SER HA 815 -82.15 -60.66 -30.98
N ASN HA 816 -81.93 -60.69 -32.30
CA ASN HA 816 -80.60 -60.42 -32.92
C ASN HA 816 -79.39 -61.12 -32.26
N GLN HA 817 -79.65 -61.87 -31.22
CA GLN HA 817 -78.73 -62.91 -30.77
C GLN HA 817 -79.19 -64.12 -31.56
N THR HA 818 -80.16 -63.85 -32.43
CA THR HA 818 -80.62 -64.80 -33.40
C THR HA 818 -79.60 -64.89 -34.54
N LYS HA 819 -79.15 -63.75 -35.08
CA LYS HA 819 -78.15 -63.84 -36.14
C LYS HA 819 -76.86 -64.45 -35.61
N LEU HA 820 -76.87 -64.77 -34.31
CA LEU HA 820 -75.75 -65.45 -33.68
C LEU HA 820 -75.86 -66.98 -33.74
N GLN HA 821 -76.95 -67.54 -33.22
CA GLN HA 821 -77.21 -68.98 -33.32
C GLN HA 821 -77.16 -69.42 -34.76
N LEU HA 822 -77.52 -68.49 -35.65
CA LEU HA 822 -77.56 -68.74 -37.09
C LEU HA 822 -76.19 -68.78 -37.70
N ALA HA 823 -75.20 -68.21 -37.01
CA ALA HA 823 -73.84 -68.23 -37.52
C ALA HA 823 -73.08 -69.39 -36.88
N PHE HA 824 -73.58 -69.87 -35.77
CA PHE HA 824 -73.03 -71.05 -35.11
C PHE HA 824 -73.36 -72.26 -35.95
N ILE HA 825 -74.59 -72.30 -36.42
CA ILE HA 825 -75.04 -73.30 -37.36
C ILE HA 825 -74.19 -73.35 -38.62
N GLN HA 826 -74.07 -72.23 -39.32
CA GLN HA 826 -73.25 -72.18 -40.53
C GLN HA 826 -71.85 -72.80 -40.35
N HIS HA 827 -71.33 -72.79 -39.12
CA HIS HA 827 -69.99 -73.32 -38.82
C HIS HA 827 -70.02 -74.81 -38.46
N PHE HA 828 -70.96 -75.18 -37.60
CA PHE HA 828 -71.24 -76.59 -37.30
C PHE HA 828 -71.30 -77.39 -38.60
N LEU HA 829 -72.21 -76.96 -39.46
CA LEU HA 829 -72.41 -77.53 -40.78
C LEU HA 829 -71.11 -77.79 -41.54
N SER HA 830 -70.18 -76.85 -41.48
CA SER HA 830 -68.94 -76.99 -42.23
C SER HA 830 -67.99 -78.01 -41.56
N ALA HA 831 -68.26 -78.33 -40.30
CA ALA HA 831 -67.40 -79.23 -39.53
C ALA HA 831 -68.11 -80.50 -39.09
N GLU HA 832 -69.39 -80.61 -39.44
CA GLU HA 832 -70.17 -81.82 -39.20
C GLU HA 832 -70.92 -82.21 -40.47
N LEU HA 833 -70.52 -81.61 -41.58
CA LEU HA 833 -71.04 -81.99 -42.88
C LEU HA 833 -70.50 -83.39 -43.17
N LEU HA 834 -71.23 -84.18 -43.94
CA LEU HA 834 -70.82 -85.57 -44.23
C LEU HA 834 -70.89 -86.48 -42.99
N GLN HA 835 -71.24 -85.90 -41.85
CA GLN HA 835 -71.36 -86.64 -40.59
C GLN HA 835 -72.75 -86.49 -39.97
N LEU HA 836 -73.54 -85.62 -40.58
CA LEU HA 836 -74.92 -85.38 -40.18
C LEU HA 836 -75.90 -86.29 -40.92
N THR HA 837 -76.75 -86.98 -40.16
CA THR HA 837 -77.74 -87.87 -40.74
C THR HA 837 -78.78 -87.03 -41.44
N GLU HA 838 -79.22 -87.46 -42.62
CA GLU HA 838 -80.15 -86.66 -43.43
C GLU HA 838 -81.34 -86.15 -42.61
N GLU HA 839 -81.53 -86.72 -41.42
CA GLU HA 839 -82.54 -86.24 -40.46
C GLU HA 839 -82.14 -84.89 -39.88
N GLU HA 840 -80.97 -84.85 -39.27
CA GLU HA 840 -80.39 -83.61 -38.77
C GLU HA 840 -80.18 -82.59 -39.91
N LYS HA 841 -79.55 -83.02 -41.02
CA LYS HA 841 -79.35 -82.17 -42.21
C LYS HA 841 -80.66 -81.47 -42.60
N ASN HA 842 -81.75 -81.82 -41.93
CA ASN HA 842 -83.07 -81.27 -42.22
C ASN HA 842 -83.61 -80.40 -41.08
N LYS HA 843 -83.52 -80.89 -39.84
CA LYS HA 843 -83.90 -80.07 -38.70
C LYS HA 843 -83.25 -78.69 -38.78
N ILE HA 844 -82.06 -78.65 -39.39
CA ILE HA 844 -81.30 -77.42 -39.61
C ILE HA 844 -81.94 -76.57 -40.69
N LEU HA 845 -82.05 -77.16 -41.87
CA LEU HA 845 -82.60 -76.48 -43.04
C LEU HA 845 -84.04 -75.96 -42.83
N GLU HA 846 -84.79 -76.56 -41.91
CA GLU HA 846 -86.16 -76.10 -41.65
C GLU HA 846 -86.19 -74.96 -40.62
N PHE HA 847 -85.05 -74.71 -39.99
CA PHE HA 847 -84.90 -73.61 -39.06
C PHE HA 847 -84.39 -72.43 -39.82
N VAL HA 848 -83.27 -72.63 -40.51
CA VAL HA 848 -82.71 -71.62 -41.40
C VAL HA 848 -83.83 -70.98 -42.21
N VAL HA 849 -84.66 -71.80 -42.84
CA VAL HA 849 -85.72 -71.29 -43.70
C VAL HA 849 -86.86 -70.63 -42.91
N SER HA 850 -87.11 -71.07 -41.69
CA SER HA 850 -88.15 -70.43 -40.90
C SER HA 850 -87.73 -69.03 -40.47
N ASN HA 851 -86.52 -68.62 -40.85
CA ASN HA 851 -86.02 -67.29 -40.51
C ASN HA 851 -86.04 -66.27 -41.66
N LEU HA 852 -85.95 -66.74 -42.91
CA LEU HA 852 -86.25 -65.88 -44.06
C LEU HA 852 -87.62 -65.24 -43.91
N TYR HA 853 -88.33 -65.51 -42.81
CA TYR HA 853 -89.72 -65.08 -42.69
C TYR HA 853 -90.06 -64.42 -41.39
N ASN HA 854 -89.10 -64.30 -40.46
CA ASN HA 854 -89.51 -63.90 -39.13
C ASN HA 854 -89.80 -62.42 -39.12
N GLU HA 855 -91.05 -62.08 -38.85
CA GLU HA 855 -91.46 -60.69 -38.77
C GLU HA 855 -90.54 -60.01 -37.76
N GLN HA 856 -90.37 -58.70 -37.93
CA GLN HA 856 -89.50 -57.89 -37.09
C GLN HA 856 -88.12 -57.68 -37.70
N PHE HA 857 -87.21 -58.61 -37.43
CA PHE HA 857 -85.81 -58.43 -37.78
C PHE HA 857 -85.46 -58.62 -39.26
N VAL HA 858 -85.30 -57.53 -40.00
CA VAL HA 858 -84.83 -57.64 -41.37
C VAL HA 858 -83.38 -58.11 -41.38
N GLU HA 859 -82.65 -57.77 -40.32
CA GLU HA 859 -81.25 -58.16 -40.20
C GLU HA 859 -81.05 -59.65 -40.51
N VAL HA 860 -81.96 -60.50 -40.00
CA VAL HA 860 -81.75 -61.96 -40.03
C VAL HA 860 -82.29 -62.68 -41.26
N ARG HA 861 -83.41 -62.22 -41.80
CA ARG HA 861 -83.91 -62.79 -43.05
C ARG HA 861 -82.76 -62.89 -44.06
N VAL HA 862 -81.80 -61.98 -43.97
CA VAL HA 862 -80.70 -61.95 -44.94
C VAL HA 862 -79.54 -62.86 -44.54
N ARG HA 863 -79.20 -62.90 -43.25
CA ARG HA 863 -78.15 -63.81 -42.78
C ARG HA 863 -78.61 -65.26 -42.93
N ALA HA 864 -79.92 -65.49 -42.94
CA ALA HA 864 -80.45 -66.83 -43.19
C ALA HA 864 -80.24 -67.26 -44.63
N ALA HA 865 -80.62 -66.41 -45.57
CA ALA HA 865 -80.42 -66.71 -46.99
C ALA HA 865 -78.95 -66.94 -47.33
N SER HA 866 -78.06 -66.07 -46.87
CA SER HA 866 -76.63 -66.26 -47.10
C SER HA 866 -76.20 -67.67 -46.63
N ILE HA 867 -76.87 -68.19 -45.61
CA ILE HA 867 -76.55 -69.51 -45.06
C ILE HA 867 -77.24 -70.68 -45.76
N LEU HA 868 -78.47 -70.46 -46.18
CA LEU HA 868 -79.20 -71.46 -46.95
C LEU HA 868 -78.43 -71.96 -48.18
N SER HA 869 -77.51 -71.16 -48.68
CA SER HA 869 -76.71 -71.54 -49.84
C SER HA 869 -75.62 -72.55 -49.48
N ASP HA 870 -75.07 -72.42 -48.27
CA ASP HA 870 -74.05 -73.33 -47.77
C ASP HA 870 -74.59 -74.75 -47.80
N ILE HA 871 -75.90 -74.85 -47.60
CA ILE HA 871 -76.62 -76.12 -47.65
C ILE HA 871 -76.81 -76.60 -49.08
N VAL HA 872 -77.49 -75.78 -49.87
CA VAL HA 872 -77.82 -76.11 -51.24
C VAL HA 872 -76.59 -76.28 -52.14
N HIS HA 873 -75.39 -76.12 -51.60
CA HIS HA 873 -74.22 -76.40 -52.41
C HIS HA 873 -73.96 -77.92 -52.42
N ASN HA 874 -74.07 -78.57 -51.27
CA ASN HA 874 -73.97 -80.03 -51.15
C ASN HA 874 -75.37 -80.60 -51.08
N TRP HA 875 -76.00 -80.68 -52.24
CA TRP HA 875 -77.42 -80.93 -52.35
C TRP HA 875 -77.68 -81.20 -53.82
N LYS HA 876 -76.71 -81.79 -54.50
CA LYS HA 876 -76.79 -82.01 -55.95
C LYS HA 876 -77.96 -82.89 -56.40
N GLU HA 877 -78.50 -83.73 -55.51
CA GLU HA 877 -79.67 -84.57 -55.84
C GLU HA 877 -80.82 -83.66 -56.24
N GLU HA 878 -81.46 -83.97 -57.36
CA GLU HA 878 -82.31 -82.99 -58.03
C GLU HA 878 -83.79 -82.89 -57.64
N GLN HA 879 -84.26 -83.68 -56.68
CA GLN HA 879 -85.65 -83.58 -56.25
C GLN HA 879 -85.81 -82.98 -54.84
N PRO HA 880 -84.77 -83.06 -54.00
CA PRO HA 880 -84.88 -82.17 -52.84
C PRO HA 880 -84.89 -80.72 -53.36
N LEU HA 881 -83.92 -80.44 -54.23
CA LEU HA 881 -83.71 -79.14 -54.86
C LEU HA 881 -84.96 -78.64 -55.58
N LEU HA 882 -85.24 -79.20 -56.75
CA LEU HA 882 -86.32 -78.70 -57.61
C LEU HA 882 -87.66 -78.56 -56.89
N SER HA 883 -87.75 -79.11 -55.67
CA SER HA 883 -88.96 -78.98 -54.88
C SER HA 883 -88.94 -77.77 -53.95
N LEU HA 884 -87.78 -77.10 -53.87
CA LEU HA 884 -87.70 -75.84 -53.15
C LEU HA 884 -87.97 -74.73 -54.11
N ILE HA 885 -87.07 -74.60 -55.08
CA ILE HA 885 -87.31 -73.72 -56.22
C ILE HA 885 -88.81 -73.48 -56.40
N GLU HA 886 -89.60 -74.57 -56.41
CA GLU HA 886 -91.05 -74.44 -56.56
C GLU HA 886 -91.74 -73.78 -55.35
N ARG HA 887 -91.35 -74.17 -54.14
CA ARG HA 887 -91.98 -73.66 -52.92
C ARG HA 887 -91.83 -72.16 -52.80
N PHE HA 888 -90.72 -71.65 -53.33
CA PHE HA 888 -90.36 -70.23 -53.25
C PHE HA 888 -91.01 -69.44 -54.38
N ALA HA 889 -90.80 -69.87 -55.61
CA ALA HA 889 -91.32 -69.17 -56.77
C ALA HA 889 -92.83 -69.36 -56.99
N LYS HA 890 -93.56 -69.72 -55.93
CA LYS HA 890 -95.02 -69.76 -56.03
C LYS HA 890 -95.55 -68.47 -55.41
N GLY HA 891 -94.77 -67.91 -54.49
CA GLY HA 891 -95.10 -66.67 -53.84
C GLY HA 891 -94.85 -65.45 -54.71
N LEU HA 892 -94.31 -65.67 -55.91
CA LEU HA 892 -94.04 -64.57 -56.83
C LEU HA 892 -94.53 -64.80 -58.25
N ASP HA 893 -94.22 -65.97 -58.78
CA ASP HA 893 -94.28 -66.26 -60.22
C ASP HA 893 -95.38 -65.56 -61.02
N VAL HA 894 -95.04 -65.21 -62.25
CA VAL HA 894 -95.91 -64.47 -63.17
C VAL HA 894 -96.20 -63.05 -62.64
N ASN HA 895 -97.09 -62.36 -63.32
CA ASN HA 895 -97.60 -61.10 -62.79
C ASN HA 895 -98.82 -61.38 -61.93
N LYS HA 896 -98.63 -62.26 -60.94
CA LYS HA 896 -99.67 -62.55 -59.95
C LYS HA 896 -100.38 -61.25 -59.63
N TYR HA 897 -99.60 -60.18 -59.51
CA TYR HA 897 -100.13 -58.86 -59.22
C TYR HA 897 -99.64 -57.86 -60.27
N THR HA 898 -100.46 -56.85 -60.57
CA THR HA 898 -100.10 -55.83 -61.55
C THR HA 898 -99.14 -54.80 -60.95
N SER HA 899 -98.43 -54.08 -61.81
CA SER HA 899 -97.34 -53.18 -61.41
C SER HA 899 -97.53 -52.39 -60.12
N LYS HA 900 -98.58 -51.59 -60.06
CA LYS HA 900 -98.77 -50.70 -58.91
C LYS HA 900 -98.60 -51.47 -57.61
N GLU HA 901 -99.05 -52.72 -57.60
CA GLU HA 901 -99.01 -53.55 -56.40
C GLU HA 901 -97.61 -54.01 -55.99
N ARG HA 902 -96.81 -54.48 -56.95
CA ARG HA 902 -95.45 -54.94 -56.64
C ARG HA 902 -94.68 -53.89 -55.83
N GLN HA 903 -94.86 -52.61 -56.17
CA GLN HA 903 -94.21 -51.53 -55.45
C GLN HA 903 -94.60 -51.54 -53.98
N LYS HA 904 -95.91 -51.63 -53.73
CA LYS HA 904 -96.47 -51.63 -52.38
C LYS HA 904 -95.97 -52.82 -51.58
N LEU HA 905 -95.98 -53.99 -52.22
CA LEU HA 905 -95.62 -55.25 -51.56
C LEU HA 905 -94.13 -55.31 -51.24
N SER HA 906 -93.32 -54.98 -52.24
CA SER HA 906 -91.87 -55.00 -52.13
C SER HA 906 -91.33 -54.29 -50.88
N LYS HA 907 -92.10 -53.36 -50.35
CA LYS HA 907 -91.64 -52.56 -49.23
C LYS HA 907 -92.05 -53.16 -47.87
N THR HA 908 -93.15 -53.91 -47.82
CA THR HA 908 -93.71 -54.39 -46.54
C THR HA 908 -93.89 -55.89 -46.35
N ASP HA 909 -94.25 -56.63 -47.41
CA ASP HA 909 -94.64 -58.03 -47.24
C ASP HA 909 -93.46 -58.96 -46.96
N ILE HA 910 -93.54 -59.61 -45.80
CA ILE HA 910 -92.48 -60.47 -45.33
C ILE HA 910 -92.49 -61.82 -46.01
N LYS HA 911 -93.67 -62.42 -46.17
CA LYS HA 911 -93.80 -63.72 -46.84
C LYS HA 911 -93.18 -63.69 -48.26
N ILE HA 912 -92.97 -62.50 -48.80
CA ILE HA 912 -92.39 -62.35 -50.14
C ILE HA 912 -90.93 -61.91 -50.09
N HIS HA 913 -90.55 -61.26 -49.00
CA HIS HA 913 -89.15 -60.96 -48.78
C HIS HA 913 -88.44 -62.31 -48.66
N GLY HA 914 -89.02 -63.22 -47.88
CA GLY HA 914 -88.46 -64.54 -47.69
C GLY HA 914 -88.35 -65.32 -48.98
N ASN HA 915 -89.47 -65.42 -49.69
CA ASN HA 915 -89.53 -66.09 -50.99
C ASN HA 915 -88.50 -65.64 -52.02
N VAL HA 916 -88.07 -64.39 -51.93
CA VAL HA 916 -87.10 -63.87 -52.90
C VAL HA 916 -85.69 -63.98 -52.33
N LEU HA 917 -85.59 -63.92 -51.02
CA LEU HA 917 -84.31 -64.12 -50.34
C LEU HA 917 -83.88 -65.55 -50.51
N GLY HA 918 -84.85 -66.45 -50.37
CA GLY HA 918 -84.64 -67.88 -50.48
C GLY HA 918 -84.27 -68.30 -51.88
N LEU HA 919 -85.15 -68.02 -52.82
CA LEU HA 919 -84.88 -68.34 -54.22
C LEU HA 919 -83.57 -67.67 -54.66
N GLY HA 920 -83.17 -66.62 -53.96
CA GLY HA 920 -81.94 -65.93 -54.29
C GLY HA 920 -80.74 -66.75 -53.86
N ALA HA 921 -80.83 -67.33 -52.67
CA ALA HA 921 -79.76 -68.13 -52.12
C ALA HA 921 -79.50 -69.35 -52.98
N ILE HA 922 -80.57 -69.97 -53.47
CA ILE HA 922 -80.45 -71.16 -54.30
C ILE HA 922 -79.57 -70.91 -55.52
N ILE HA 923 -79.85 -69.83 -56.24
CA ILE HA 923 -79.05 -69.45 -57.40
C ILE HA 923 -77.60 -69.09 -57.07
N SER HA 924 -77.38 -68.51 -55.88
CA SER HA 924 -76.05 -68.11 -55.44
C SER HA 924 -75.29 -69.28 -54.81
N ALA HA 925 -75.89 -70.47 -54.87
CA ALA HA 925 -75.31 -71.70 -54.31
C ALA HA 925 -74.67 -72.55 -55.39
N PHE HA 926 -74.91 -72.18 -56.64
CA PHE HA 926 -74.25 -72.78 -57.79
C PHE HA 926 -73.44 -71.69 -58.49
N PRO HA 927 -72.27 -71.37 -57.95
CA PRO HA 927 -71.43 -70.30 -58.48
C PRO HA 927 -70.86 -70.64 -59.84
N TYR HA 928 -70.21 -71.78 -59.99
CA TYR HA 928 -69.64 -72.14 -61.29
C TYR HA 928 -70.03 -73.51 -61.83
N VAL HA 929 -71.23 -73.61 -62.37
CA VAL HA 929 -71.63 -74.81 -63.06
C VAL HA 929 -71.13 -74.64 -64.49
N PHE HA 930 -69.98 -75.23 -64.82
CA PHE HA 930 -69.25 -74.81 -66.04
C PHE HA 930 -70.02 -74.62 -67.36
N PRO HA 931 -71.03 -75.49 -67.63
CA PRO HA 931 -72.12 -75.21 -68.59
C PRO HA 931 -73.42 -75.04 -67.81
N LEU HA 932 -74.16 -73.98 -68.15
CA LEU HA 932 -75.13 -73.41 -67.22
C LEU HA 932 -76.46 -74.18 -67.21
N PRO HA 933 -76.98 -74.44 -66.00
CA PRO HA 933 -78.25 -75.15 -65.85
C PRO HA 933 -79.41 -74.26 -66.24
N PRO HA 934 -80.26 -74.73 -67.15
CA PRO HA 934 -81.38 -73.92 -67.66
C PRO HA 934 -82.44 -73.51 -66.62
N TRP HA 935 -82.37 -74.05 -65.41
CA TRP HA 935 -83.30 -73.61 -64.36
C TRP HA 935 -82.87 -72.24 -63.80
N ILE HA 936 -81.62 -71.86 -64.06
CA ILE HA 936 -81.06 -70.61 -63.55
C ILE HA 936 -81.54 -69.39 -64.34
N PRO HA 937 -81.36 -69.39 -65.67
CA PRO HA 937 -81.96 -68.30 -66.44
C PRO HA 937 -83.45 -68.15 -66.13
N LYS HA 938 -84.20 -69.23 -66.28
CA LYS HA 938 -85.65 -69.18 -66.12
C LYS HA 938 -86.05 -68.70 -64.72
N ASN HA 939 -85.15 -68.84 -63.75
CA ASN HA 939 -85.44 -68.41 -62.39
C ASN HA 939 -84.75 -67.11 -61.98
N LEU HA 940 -83.90 -66.57 -62.85
CA LEU HA 940 -83.44 -65.21 -62.68
C LEU HA 940 -84.48 -64.30 -63.32
N SER HA 941 -85.01 -64.75 -64.46
CA SER HA 941 -86.12 -64.09 -65.11
C SER HA 941 -87.28 -63.84 -64.12
N ASN HA 942 -87.60 -64.83 -63.30
CA ASN HA 942 -88.67 -64.68 -62.29
C ASN HA 942 -88.23 -63.72 -61.21
N LEU HA 943 -86.94 -63.43 -61.18
CA LEU HA 943 -86.33 -62.61 -60.14
C LEU HA 943 -86.06 -61.20 -60.62
N SER HA 944 -86.09 -61.02 -61.94
CA SER HA 944 -85.75 -59.73 -62.54
C SER HA 944 -86.93 -58.74 -62.52
N SER HA 945 -88.15 -59.24 -62.72
CA SER HA 945 -89.33 -58.40 -62.66
C SER HA 945 -89.50 -57.83 -61.26
N TRP HA 946 -88.63 -58.25 -60.35
CA TRP HA 946 -88.73 -57.93 -58.92
C TRP HA 946 -87.58 -57.06 -58.46
N ALA HA 947 -86.49 -57.10 -59.21
CA ALA HA 947 -85.30 -56.32 -58.87
C ALA HA 947 -85.40 -54.98 -59.58
N ARG HA 948 -86.64 -54.53 -59.68
CA ARG HA 948 -87.02 -53.45 -60.56
C ARG HA 948 -88.06 -52.71 -59.73
N THR HA 949 -87.82 -52.58 -58.43
CA THR HA 949 -88.86 -52.15 -57.48
C THR HA 949 -88.40 -51.39 -56.23
N SER HA 950 -87.11 -51.10 -56.13
CA SER HA 950 -86.63 -50.17 -55.10
C SER HA 950 -86.69 -50.65 -53.64
N GLY HA 951 -87.83 -51.21 -53.24
CA GLY HA 951 -88.06 -51.54 -51.84
C GLY HA 951 -87.08 -52.47 -51.16
N MET HA 952 -87.55 -53.17 -50.12
CA MET HA 952 -86.73 -54.03 -49.28
C MET HA 952 -86.43 -55.41 -49.88
N THR HA 953 -87.43 -56.02 -50.52
CA THR HA 953 -87.21 -57.31 -51.17
C THR HA 953 -86.58 -57.08 -52.54
N GLY HA 954 -87.14 -56.16 -53.32
CA GLY HA 954 -86.62 -55.82 -54.62
C GLY HA 954 -85.16 -55.42 -54.53
N ASN HA 955 -84.71 -55.12 -53.31
CA ASN HA 955 -83.31 -54.79 -53.07
C ASN HA 955 -82.48 -56.08 -52.96
N ALA HA 956 -82.87 -56.97 -52.05
CA ALA HA 956 -82.17 -58.22 -51.84
C ALA HA 956 -82.39 -59.24 -53.00
N ALA HA 957 -82.98 -58.74 -54.08
CA ALA HA 957 -83.15 -59.45 -55.34
C ALA HA 957 -82.28 -58.82 -56.41
N LYS HA 958 -81.80 -57.61 -56.12
CA LYS HA 958 -80.79 -56.98 -56.96
C LYS HA 958 -79.45 -57.57 -56.50
N ASN HA 959 -79.26 -57.68 -55.18
CA ASN HA 959 -78.09 -58.39 -54.63
C ASN HA 959 -77.87 -59.67 -55.41
N THR HA 960 -78.92 -60.47 -55.47
CA THR HA 960 -78.85 -61.82 -56.01
C THR HA 960 -78.45 -61.84 -57.49
N ILE HA 961 -78.84 -60.83 -58.25
CA ILE HA 961 -78.51 -60.75 -59.67
C ILE HA 961 -77.14 -60.12 -59.95
N SER HA 962 -76.65 -59.28 -59.05
CA SER HA 962 -75.33 -58.69 -59.25
C SER HA 962 -74.29 -59.69 -58.73
N GLU HA 963 -74.48 -60.15 -57.50
CA GLU HA 963 -73.69 -61.26 -56.96
C GLU HA 963 -73.42 -62.26 -58.08
N PHE HA 964 -74.47 -62.59 -58.82
CA PHE HA 964 -74.40 -63.60 -59.88
C PHE HA 964 -73.62 -63.16 -61.12
N LYS HA 965 -74.06 -62.07 -61.73
CA LYS HA 965 -73.47 -61.56 -62.97
C LYS HA 965 -71.96 -61.37 -62.83
N LYS HA 966 -71.54 -61.27 -61.57
CA LYS HA 966 -70.14 -61.01 -61.19
C LYS HA 966 -69.28 -62.26 -61.22
N VAL HA 967 -69.76 -63.31 -60.56
CA VAL HA 967 -69.01 -64.56 -60.45
C VAL HA 967 -69.02 -65.37 -61.75
N ARG HA 968 -70.08 -65.20 -62.52
CA ARG HA 968 -70.18 -65.68 -63.90
C ARG HA 968 -69.32 -64.89 -64.88
N ALA HA 969 -68.57 -63.91 -64.39
CA ALA HA 969 -67.90 -62.96 -65.24
C ALA HA 969 -67.03 -63.59 -66.33
N ASP HA 970 -66.13 -64.50 -65.98
CA ASP HA 970 -65.13 -64.98 -66.96
C ASP HA 970 -65.67 -66.08 -67.85
N THR HA 971 -66.71 -66.75 -67.37
CA THR HA 971 -67.42 -67.75 -68.13
C THR HA 971 -68.56 -67.07 -68.91
N TRP HA 972 -68.54 -65.74 -68.96
CA TRP HA 972 -69.65 -65.01 -69.57
C TRP HA 972 -69.57 -64.89 -71.09
N LYS HA 973 -68.37 -64.88 -71.65
CA LYS HA 973 -68.24 -64.92 -73.12
C LYS HA 973 -69.27 -65.95 -73.61
N PHE HA 974 -69.52 -66.99 -72.79
CA PHE HA 974 -70.32 -68.18 -73.17
C PHE HA 974 -71.72 -68.28 -72.56
N ASP HA 975 -71.83 -68.01 -71.25
CA ASP HA 975 -73.14 -68.02 -70.58
C ASP HA 975 -74.18 -67.16 -71.29
N ARG HA 976 -73.73 -66.19 -72.08
CA ARG HA 976 -74.66 -65.30 -72.77
C ARG HA 976 -75.64 -66.12 -73.61
N ALA HA 977 -75.17 -67.21 -74.20
CA ALA HA 977 -75.97 -67.98 -75.17
C ALA HA 977 -77.12 -68.80 -74.58
N SER HA 978 -77.07 -69.11 -73.29
CA SER HA 978 -78.18 -69.82 -72.65
C SER HA 978 -79.22 -68.82 -72.10
N PHE HA 979 -79.10 -67.58 -72.55
CA PHE HA 979 -80.08 -66.56 -72.26
C PHE HA 979 -80.76 -66.12 -73.56
N ASN HA 980 -81.50 -67.03 -74.19
CA ASN HA 980 -82.31 -66.64 -75.33
C ASN HA 980 -83.09 -65.43 -74.86
N THR HA 981 -83.96 -65.68 -73.90
CA THR HA 981 -84.72 -64.65 -73.23
C THR HA 981 -83.99 -63.33 -73.40
N GLU HA 982 -84.61 -62.40 -74.11
CA GLU HA 982 -84.08 -61.04 -74.14
C GLU HA 982 -84.26 -60.47 -72.75
N GLU HA 983 -84.31 -61.38 -71.79
CA GLU HA 983 -84.24 -61.05 -70.39
C GLU HA 983 -82.77 -61.06 -70.03
N LEU HA 984 -81.94 -60.93 -71.06
CA LEU HA 984 -80.56 -60.51 -70.88
C LEU HA 984 -80.64 -59.03 -70.55
N GLU HA 985 -81.37 -58.30 -71.37
CA GLU HA 985 -81.71 -56.92 -71.07
C GLU HA 985 -82.21 -56.79 -69.65
N ASP HA 986 -83.10 -57.72 -69.27
CA ASP HA 986 -83.78 -57.64 -68.00
C ASP HA 986 -82.82 -57.59 -66.82
N LEU HA 987 -81.54 -57.87 -67.08
CA LEU HA 987 -80.53 -57.94 -66.03
C LEU HA 987 -79.55 -56.75 -66.01
N GLU HA 988 -79.90 -55.65 -66.67
CA GLU HA 988 -78.95 -54.56 -66.80
C GLU HA 988 -79.02 -53.55 -65.64
N GLY HA 989 -80.22 -53.26 -65.12
CA GLY HA 989 -80.36 -52.40 -63.95
C GLY HA 989 -79.60 -52.96 -62.76
N VAL HA 990 -80.30 -53.70 -61.92
CA VAL HA 990 -79.66 -54.62 -60.97
C VAL HA 990 -78.76 -53.96 -59.95
N LEU HA 991 -77.51 -53.70 -60.34
CA LEU HA 991 -76.61 -53.03 -59.41
C LEU HA 991 -76.82 -51.54 -59.45
N TRP HA 992 -77.32 -50.95 -58.36
CA TRP HA 992 -77.20 -49.51 -58.26
C TRP HA 992 -76.75 -49.00 -56.91
N ARG HA 993 -75.69 -48.21 -56.98
CA ARG HA 993 -75.15 -47.49 -55.85
C ARG HA 993 -75.30 -46.04 -56.22
N SER HA 994 -74.90 -45.17 -55.30
CA SER HA 994 -75.10 -43.72 -55.43
C SER HA 994 -74.27 -43.11 -56.55
N TYR HA 995 -73.17 -43.76 -56.91
CA TYR HA 995 -72.25 -43.20 -57.90
C TYR HA 995 -72.63 -43.51 -59.35
N TYR HA 996 -73.70 -44.29 -59.55
CA TYR HA 996 -74.21 -44.54 -60.90
C TYR HA 996 -75.47 -43.74 -61.19
N ALA HA 997 -75.62 -43.33 -62.45
CA ALA HA 997 -76.83 -42.66 -62.90
C ALA HA 997 -77.09 -42.99 -64.36
N ALA IA 1 12.95 -83.92 76.78
CA ALA IA 1 12.50 -84.98 77.70
C ALA IA 1 13.36 -85.07 78.96
N GLY IA 2 14.16 -86.14 79.06
CA GLY IA 2 15.13 -86.28 80.14
C GLY IA 2 16.40 -85.54 79.80
N TYR IA 3 16.27 -84.23 79.60
CA TYR IA 3 17.37 -83.38 79.14
C TYR IA 3 17.78 -82.29 80.15
N ASP IA 4 17.38 -82.46 81.41
CA ASP IA 4 17.90 -81.61 82.49
C ASP IA 4 19.23 -82.15 83.01
N ARG IA 5 19.73 -83.20 82.35
CA ARG IA 5 21.02 -83.81 82.63
C ARG IA 5 22.11 -83.22 81.73
N HIS IA 6 21.69 -82.44 80.74
CA HIS IA 6 22.63 -82.00 79.70
C HIS IA 6 22.90 -80.48 79.75
N ILE IA 7 22.01 -79.71 80.35
CA ILE IA 7 22.29 -78.27 80.48
C ILE IA 7 22.18 -77.73 81.92
N THR IA 8 22.61 -76.50 82.12
CA THR IA 8 22.61 -75.93 83.46
C THR IA 8 21.22 -75.49 83.92
N ILE IA 9 20.28 -76.43 84.00
CA ILE IA 9 18.98 -76.15 84.62
C ILE IA 9 18.62 -77.13 85.73
N PHE IA 10 17.53 -76.82 86.41
CA PHE IA 10 17.16 -77.50 87.64
C PHE IA 10 16.53 -78.85 87.41
N SER IA 11 17.12 -79.88 88.01
CA SER IA 11 16.50 -81.18 88.10
C SER IA 11 15.28 -81.05 89.03
N PRO IA 12 14.46 -82.11 89.11
CA PRO IA 12 13.28 -82.03 89.99
C PRO IA 12 13.58 -81.87 91.48
N GLU IA 13 14.78 -82.24 91.93
CA GLU IA 13 15.18 -82.08 93.34
C GLU IA 13 16.15 -80.90 93.58
N GLY IA 14 16.09 -79.89 92.71
CA GLY IA 14 16.89 -78.68 92.86
C GLY IA 14 18.37 -78.87 92.63
N ARG IA 15 18.69 -79.80 91.73
CA ARG IA 15 20.08 -80.15 91.51
C ARG IA 15 20.54 -79.63 90.16
N LEU IA 16 21.82 -79.29 90.07
CA LEU IA 16 22.35 -78.91 88.76
C LEU IA 16 23.23 -80.02 88.26
N TYR IA 17 22.67 -80.87 87.41
CA TYR IA 17 23.40 -82.09 87.12
C TYR IA 17 24.74 -81.77 86.49
N GLN IA 18 24.72 -80.82 85.57
CA GLN IA 18 25.92 -80.51 84.83
C GLN IA 18 27.07 -79.99 85.69
N VAL IA 19 26.76 -79.35 86.82
CA VAL IA 19 27.81 -78.84 87.69
C VAL IA 19 28.45 -79.98 88.49
N GLU IA 20 27.62 -80.89 88.98
CA GLU IA 20 28.10 -82.04 89.73
C GLU IA 20 29.06 -82.86 88.87
N TYR IA 21 28.80 -82.88 87.57
CA TYR IA 21 29.61 -83.66 86.65
C TYR IA 21 30.92 -82.92 86.42
N ALA IA 22 30.80 -81.61 86.26
CA ALA IA 22 31.95 -80.73 86.05
C ALA IA 22 32.99 -80.91 87.16
N PHE IA 23 32.52 -81.01 88.40
CA PHE IA 23 33.39 -81.31 89.51
C PHE IA 23 34.17 -82.59 89.24
N LYS IA 24 33.47 -83.65 88.82
CA LYS IA 24 34.09 -84.97 88.62
C LYS IA 24 35.27 -84.89 87.64
N ALA IA 25 35.28 -83.85 86.80
CA ALA IA 25 36.33 -83.67 85.81
C ALA IA 25 37.65 -83.18 86.41
N THR IA 26 37.57 -82.44 87.53
CA THR IA 26 38.76 -81.87 88.17
C THR IA 26 39.76 -82.93 88.63
N ASN IA 27 39.31 -84.19 88.67
CA ASN IA 27 40.18 -85.27 89.09
C ASN IA 27 40.87 -85.91 87.89
N GLN IA 28 40.22 -85.79 86.74
CA GLN IA 28 40.66 -86.40 85.47
C GLN IA 28 42.14 -86.23 85.13
N THR IA 29 42.85 -85.32 85.80
CA THR IA 29 44.29 -85.18 85.61
C THR IA 29 45.08 -86.10 86.54
N ASN IA 30 44.53 -86.30 87.73
CA ASN IA 30 45.10 -87.21 88.73
C ASN IA 30 46.31 -86.60 89.43
N ILE IA 31 46.25 -85.29 89.61
CA ILE IA 31 47.25 -84.57 90.35
C ILE IA 31 46.59 -84.12 91.65
N ASN IA 32 47.35 -84.19 92.75
CA ASN IA 32 46.93 -83.58 94.01
C ASN IA 32 47.69 -82.30 94.39
N SER IA 33 47.00 -81.36 95.05
CA SER IA 33 47.61 -80.11 95.47
C SER IA 33 47.25 -79.75 96.93
N LEU IA 34 48.16 -79.04 97.60
CA LEU IA 34 47.87 -78.47 98.90
C LEU IA 34 48.50 -77.09 99.07
N ALA IA 35 47.97 -76.31 99.99
CA ALA IA 35 48.40 -74.93 100.14
C ALA IA 35 48.44 -74.58 101.64
N VAL IA 36 49.41 -73.76 102.04
CA VAL IA 36 49.58 -73.37 103.45
C VAL IA 36 49.90 -71.89 103.68
N ARG IA 37 49.66 -71.45 104.91
CA ARG IA 37 49.99 -70.08 105.28
C ARG IA 37 51.21 -70.11 106.20
N GLY IA 38 52.10 -69.12 106.05
CA GLY IA 38 53.26 -68.98 106.92
C GLY IA 38 53.11 -67.77 107.81
N LYS IA 39 54.14 -67.36 108.51
CA LYS IA 39 54.00 -66.15 109.31
C LYS IA 39 53.83 -65.02 108.31
N ASP IA 40 54.51 -65.15 107.17
CA ASP IA 40 54.42 -64.15 106.10
C ASP IA 40 54.83 -64.72 104.75
N CYS IA 41 54.29 -65.90 104.45
CA CYS IA 41 54.40 -66.49 103.12
C CYS IA 41 53.21 -67.39 102.83
N THR IA 42 53.10 -67.83 101.59
CA THR IA 42 52.09 -68.82 101.23
C THR IA 42 52.73 -69.80 100.26
N VAL IA 43 52.35 -71.08 100.36
CA VAL IA 43 53.00 -72.13 99.58
C VAL IA 43 51.98 -73.06 98.91
N VAL IA 44 52.22 -73.40 97.64
CA VAL IA 44 51.40 -74.38 96.95
C VAL IA 44 52.27 -75.44 96.31
N ILE IA 45 52.02 -76.69 96.71
CA ILE IA 45 52.70 -77.85 96.16
C ILE IA 45 51.68 -78.54 95.26
N SER IA 46 52.08 -78.86 94.04
CA SER IA 46 51.27 -79.73 93.18
C SER IA 46 52.13 -80.88 92.70
N GLN IA 47 51.51 -81.98 92.28
CA GLN IA 47 52.26 -83.05 91.64
C GLN IA 47 52.52 -82.75 90.16
N LYS IA 48 53.63 -83.27 89.67
CA LYS IA 48 53.99 -83.14 88.27
C LYS IA 48 54.04 -84.58 87.79
N LYS IA 49 53.23 -84.90 86.78
CA LYS IA 49 53.29 -86.23 86.22
C LYS IA 49 53.60 -86.18 84.73
N VAL IA 50 54.80 -86.64 84.41
CA VAL IA 50 55.31 -86.65 83.04
C VAL IA 50 55.56 -88.09 82.62
N PRO IA 51 54.53 -88.71 82.01
CA PRO IA 51 54.58 -90.11 81.60
C PRO IA 51 55.33 -90.27 80.28
N ASP IA 52 54.96 -89.47 79.29
CA ASP IA 52 55.57 -89.50 77.95
C ASP IA 52 57.03 -89.04 78.06
N LYS IA 53 57.96 -89.89 77.60
CA LYS IA 53 59.39 -89.53 77.61
C LYS IA 53 59.68 -88.45 76.58
N LEU IA 54 58.74 -88.29 75.64
CA LEU IA 54 58.80 -87.27 74.58
C LEU IA 54 58.47 -85.87 75.10
N LEU IA 55 57.91 -85.77 76.30
CA LEU IA 55 57.53 -84.48 76.86
C LEU IA 55 58.74 -83.65 77.29
N ASP IA 56 58.49 -82.36 77.46
CA ASP IA 56 59.48 -81.42 77.98
C ASP IA 56 58.88 -80.86 79.28
N PRO IA 57 59.26 -81.45 80.42
CA PRO IA 57 58.82 -81.14 81.79
C PRO IA 57 58.67 -79.64 82.08
N THR IA 58 59.53 -78.85 81.45
CA THR IA 58 59.53 -77.41 81.63
C THR IA 58 58.25 -76.73 81.10
N THR IA 59 57.55 -77.40 80.19
CA THR IA 59 56.31 -76.86 79.62
C THR IA 59 55.07 -77.42 80.31
N VAL IA 60 55.28 -78.38 81.20
CA VAL IA 60 54.20 -79.05 81.93
C VAL IA 60 53.98 -78.44 83.31
N SER IA 61 52.95 -77.60 83.41
CA SER IA 61 52.73 -76.79 84.60
C SER IA 61 51.23 -76.63 84.84
N TYR IA 62 50.80 -76.94 86.06
CA TYR IA 62 49.43 -76.62 86.50
C TYR IA 62 49.43 -75.44 87.49
N ILE IA 63 50.61 -74.82 87.65
CA ILE IA 63 50.82 -73.61 88.44
C ILE IA 63 50.99 -72.38 87.52
N PHE IA 64 50.09 -71.40 87.66
CA PHE IA 64 50.14 -70.21 86.82
C PHE IA 64 50.48 -68.94 87.64
N CYS IA 65 51.31 -68.07 87.08
CA CYS IA 65 51.61 -66.77 87.69
C CYS IA 65 50.62 -65.73 87.14
N ILE IA 66 49.71 -65.24 87.99
CA ILE IA 66 48.60 -64.38 87.54
C ILE IA 66 48.99 -62.90 87.56
N SER IA 67 49.79 -62.53 88.54
CA SER IA 67 50.28 -61.18 88.65
C SER IA 67 51.61 -61.19 89.39
N ARG IA 68 52.12 -60.00 89.71
CA ARG IA 68 53.32 -59.88 90.51
C ARG IA 68 53.06 -60.57 91.84
N THR IA 69 51.87 -60.33 92.39
CA THR IA 69 51.55 -60.72 93.76
C THR IA 69 50.81 -62.06 93.90
N ILE IA 70 50.04 -62.41 92.87
CA ILE IA 70 49.05 -63.50 92.92
C ILE IA 70 49.37 -64.76 92.11
N GLY IA 71 49.27 -65.91 92.76
CA GLY IA 71 49.51 -67.17 92.10
C GLY IA 71 48.27 -68.04 92.08
N MET IA 72 48.21 -68.94 91.10
CA MET IA 72 47.06 -69.82 90.98
C MET IA 72 47.46 -71.23 90.56
N VAL IA 73 46.90 -72.22 91.24
CA VAL IA 73 47.11 -73.59 90.84
C VAL IA 73 45.77 -74.29 90.55
N VAL IA 74 45.72 -74.99 89.42
CA VAL IA 74 44.48 -75.61 88.96
C VAL IA 74 44.51 -77.13 89.05
N ASN IA 75 43.37 -77.69 89.46
CA ASN IA 75 43.15 -79.12 89.35
C ASN IA 75 42.11 -79.32 88.26
N GLY IA 76 42.51 -79.96 87.17
CA GLY IA 76 41.61 -80.12 86.04
C GLY IA 76 42.32 -80.20 84.72
N PRO IA 77 41.60 -80.55 83.64
CA PRO IA 77 42.17 -80.74 82.31
C PRO IA 77 42.96 -79.50 81.95
N ILE IA 78 44.09 -79.63 81.27
CA ILE IA 78 44.88 -78.43 80.99
C ILE IA 78 44.12 -77.35 80.19
N PRO IA 79 43.35 -77.76 79.17
CA PRO IA 79 42.66 -76.75 78.35
C PRO IA 79 41.85 -75.80 79.20
N ASP IA 80 41.05 -76.32 80.12
CA ASP IA 80 40.20 -75.47 80.96
C ASP IA 80 41.00 -74.61 81.93
N ALA IA 81 42.09 -75.16 82.45
CA ALA IA 81 42.94 -74.39 83.35
C ALA IA 81 43.46 -73.09 82.68
N ARG IA 82 44.01 -73.21 81.49
CA ARG IA 82 44.47 -72.05 80.75
C ARG IA 82 43.37 -71.06 80.39
N ASN IA 83 42.20 -71.55 80.00
CA ASN IA 83 41.07 -70.66 79.76
C ASN IA 83 40.76 -69.78 80.97
N ALA IA 84 40.98 -70.33 82.16
CA ALA IA 84 40.71 -69.61 83.40
C ALA IA 84 41.87 -68.72 83.78
N ALA IA 85 43.08 -69.25 83.67
CA ALA IA 85 44.28 -68.50 83.99
C ALA IA 85 44.38 -67.28 83.09
N LEU IA 86 44.21 -67.48 81.78
CA LEU IA 86 44.24 -66.35 80.86
C LEU IA 86 43.23 -65.27 81.25
N ARG IA 87 42.01 -65.69 81.63
CA ARG IA 87 40.97 -64.75 82.03
C ARG IA 87 41.27 -64.05 83.34
N ALA IA 88 41.97 -64.72 84.25
CA ALA IA 88 42.35 -64.10 85.52
C ALA IA 88 43.54 -63.16 85.36
N LYS IA 89 44.52 -63.57 84.57
CA LYS IA 89 45.69 -62.75 84.26
C LYS IA 89 45.24 -61.39 83.69
N ALA IA 90 44.00 -61.33 83.21
CA ALA IA 90 43.48 -60.17 82.50
C ALA IA 90 42.46 -59.40 83.31
N GLU IA 91 41.88 -60.07 84.31
CA GLU IA 91 40.90 -59.43 85.18
C GLU IA 91 41.64 -58.62 86.23
N ALA IA 92 42.92 -58.95 86.36
CA ALA IA 92 43.76 -58.47 87.45
C ALA IA 92 44.70 -57.40 86.94
N ALA IA 93 44.92 -57.42 85.63
CA ALA IA 93 45.62 -56.37 84.96
C ALA IA 93 44.63 -55.21 84.78
N GLU IA 94 43.42 -55.54 84.36
CA GLU IA 94 42.35 -54.55 84.27
C GLU IA 94 42.08 -53.93 85.64
N PHE IA 95 42.06 -54.76 86.69
CA PHE IA 95 41.75 -54.23 88.02
C PHE IA 95 42.78 -53.19 88.48
N ARG IA 96 44.06 -53.47 88.25
CA ARG IA 96 45.12 -52.54 88.61
C ARG IA 96 44.96 -51.20 87.88
N TYR IA 97 44.64 -51.28 86.59
CA TYR IA 97 44.53 -50.09 85.74
C TYR IA 97 43.33 -49.23 86.10
N LYS IA 98 42.18 -49.86 86.30
CA LYS IA 98 40.94 -49.11 86.56
C LYS IA 98 40.95 -48.47 87.93
N TYR IA 99 41.46 -49.21 88.92
CA TYR IA 99 41.26 -48.87 90.34
C TYR IA 99 42.51 -48.39 91.11
N GLY IA 100 43.70 -48.55 90.52
CA GLY IA 100 44.91 -47.94 91.08
C GLY IA 100 45.74 -48.72 92.08
N TYR IA 101 45.23 -49.87 92.56
CA TYR IA 101 46.07 -50.73 93.40
C TYR IA 101 46.19 -52.12 92.78
N ASP IA 102 47.19 -52.89 93.21
CA ASP IA 102 47.33 -54.26 92.75
C ASP IA 102 46.05 -55.03 93.09
N MET IA 103 45.66 -56.00 92.26
CA MET IA 103 44.46 -56.78 92.58
C MET IA 103 44.69 -57.82 93.68
N PRO IA 104 43.90 -57.73 94.77
CA PRO IA 104 43.95 -58.55 95.99
C PRO IA 104 43.43 -59.98 95.80
N CYS IA 105 44.08 -60.95 96.44
CA CYS IA 105 43.73 -62.34 96.24
C CYS IA 105 42.24 -62.67 96.36
N ASP IA 106 41.59 -62.22 97.43
CA ASP IA 106 40.20 -62.60 97.65
C ASP IA 106 39.22 -61.93 96.68
N VAL IA 107 39.61 -60.79 96.12
CA VAL IA 107 38.76 -60.12 95.13
C VAL IA 107 38.81 -60.84 93.78
N LEU IA 108 40.00 -61.26 93.36
CA LEU IA 108 40.15 -62.05 92.15
C LEU IA 108 39.32 -63.31 92.26
N ALA IA 109 39.29 -63.92 93.44
CA ALA IA 109 38.54 -65.16 93.63
C ALA IA 109 37.04 -64.92 93.54
N LYS IA 110 36.55 -63.88 94.22
CA LYS IA 110 35.14 -63.52 94.13
C LYS IA 110 34.74 -63.28 92.68
N ARG IA 111 35.66 -62.73 91.88
CA ARG IA 111 35.35 -62.40 90.49
C ARG IA 111 35.36 -63.61 89.55
N MET IA 112 36.15 -64.63 89.87
CA MET IA 112 36.18 -65.84 89.05
C MET IA 112 35.06 -66.78 89.50
N ALA IA 113 34.68 -66.69 90.77
CA ALA IA 113 33.56 -67.47 91.29
C ALA IA 113 32.26 -66.88 90.76
N ASN IA 114 32.18 -65.56 90.71
CA ASN IA 114 31.06 -64.90 90.05
C ASN IA 114 30.96 -65.38 88.62
N LEU IA 115 32.09 -65.38 87.91
CA LEU IA 115 32.13 -65.92 86.56
C LEU IA 115 31.68 -67.37 86.55
N SER IA 116 32.32 -68.21 87.37
CA SER IA 116 31.98 -69.62 87.46
C SER IA 116 30.48 -69.84 87.74
N GLN IA 117 29.84 -68.81 88.31
CA GLN IA 117 28.40 -68.82 88.60
C GLN IA 117 27.53 -68.61 87.37
N ILE IA 118 27.91 -67.68 86.50
CA ILE IA 118 27.12 -67.44 85.30
C ILE IA 118 26.97 -68.74 84.50
N TYR IA 119 28.08 -69.47 84.37
CA TYR IA 119 28.08 -70.74 83.64
C TYR IA 119 27.02 -71.68 84.23
N THR IA 120 26.81 -71.48 85.53
CA THR IA 120 25.93 -72.25 86.40
C THR IA 120 24.44 -71.88 86.25
N GLN IA 121 24.16 -70.85 85.47
CA GLN IA 121 22.81 -70.28 85.38
C GLN IA 121 22.43 -69.95 83.94
N ARG IA 122 23.38 -70.05 83.03
CA ARG IA 122 23.11 -69.86 81.60
C ARG IA 122 23.12 -71.17 80.80
N ALA IA 123 22.09 -71.33 79.99
CA ALA IA 123 21.87 -72.56 79.26
C ALA IA 123 23.08 -72.90 78.44
N TYR IA 124 23.52 -71.95 77.62
CA TYR IA 124 24.43 -72.22 76.51
C TYR IA 124 25.93 -72.35 76.84
N MET IA 125 26.38 -71.74 77.93
CA MET IA 125 27.77 -71.95 78.38
C MET IA 125 27.94 -73.00 79.49
N ARG IA 126 29.02 -73.76 79.36
CA ARG IA 126 29.30 -74.84 80.30
C ARG IA 126 30.34 -74.36 81.30
N PRO IA 127 30.26 -74.85 82.54
CA PRO IA 127 31.24 -74.52 83.58
C PRO IA 127 32.56 -75.12 83.20
N LEU IA 128 33.61 -74.79 83.93
CA LEU IA 128 34.89 -75.37 83.58
C LEU IA 128 35.17 -76.46 84.58
N GLY IA 129 35.84 -77.51 84.12
CA GLY IA 129 36.20 -78.62 84.99
C GLY IA 129 37.46 -78.35 85.80
N VAL IA 130 37.47 -77.22 86.50
CA VAL IA 130 38.65 -76.79 87.23
C VAL IA 130 38.31 -76.29 88.60
N ILE IA 131 39.26 -76.49 89.51
CA ILE IA 131 39.18 -75.90 90.82
C ILE IA 131 40.41 -75.07 91.03
N LEU IA 132 40.18 -73.76 91.01
CA LEU IA 132 41.21 -72.74 91.07
C LEU IA 132 41.56 -72.41 92.50
N THR IA 133 42.80 -72.69 92.86
CA THR IA 133 43.32 -72.35 94.17
C THR IA 133 44.18 -71.09 94.04
N PHE IA 134 43.72 -69.99 94.61
CA PHE IA 134 44.46 -68.73 94.54
C PHE IA 134 45.25 -68.47 95.80
N VAL IA 135 46.50 -68.04 95.61
CA VAL IA 135 47.36 -67.68 96.74
C VAL IA 135 48.03 -66.32 96.53
N SER IA 136 48.37 -65.66 97.63
CA SER IA 136 49.14 -64.41 97.59
C SER IA 136 49.55 -64.07 99.02
N VAL IA 137 50.20 -62.91 99.15
CA VAL IA 137 50.50 -62.35 100.46
C VAL IA 137 49.87 -60.96 100.54
N ASP IA 138 48.55 -60.91 100.33
CA ASP IA 138 47.82 -59.67 100.12
C ASP IA 138 48.16 -58.57 101.15
N GLU IA 139 48.31 -57.34 100.67
CA GLU IA 139 48.82 -56.25 101.50
C GLU IA 139 47.98 -55.91 102.74
N GLU IA 140 46.68 -56.25 102.70
CA GLU IA 140 45.79 -56.01 103.83
C GLU IA 140 45.54 -57.24 104.73
N LEU IA 141 45.36 -58.42 104.13
CA LEU IA 141 44.94 -59.62 104.89
C LEU IA 141 46.07 -60.55 105.35
N GLY IA 142 47.23 -60.44 104.72
CA GLY IA 142 48.36 -61.30 105.05
C GLY IA 142 48.43 -62.45 104.05
N PRO IA 143 49.00 -63.58 104.46
CA PRO IA 143 48.93 -64.75 103.57
C PRO IA 143 47.48 -65.14 103.30
N SER IA 144 47.14 -65.23 102.03
CA SER IA 144 45.80 -65.59 101.62
C SER IA 144 45.77 -66.89 100.82
N ILE IA 145 44.69 -67.66 100.99
CA ILE IA 145 44.45 -68.86 100.18
C ILE IA 145 42.95 -68.95 99.94
N TYR IA 146 42.54 -68.69 98.69
CA TYR IA 146 41.11 -68.68 98.33
C TYR IA 146 40.84 -69.60 97.13
N LYS IA 147 39.87 -70.50 97.28
CA LYS IA 147 39.55 -71.52 96.28
C LYS IA 147 38.14 -71.32 95.69
N THR IA 148 38.04 -71.34 94.36
CA THR IA 148 36.74 -71.31 93.70
C THR IA 148 36.49 -72.62 92.97
N ASP IA 149 35.23 -73.00 92.83
CA ASP IA 149 34.90 -74.27 92.19
C ASP IA 149 33.80 -74.08 91.14
N PRO IA 150 33.55 -75.12 90.32
CA PRO IA 150 32.62 -75.03 89.19
C PRO IA 150 31.22 -74.64 89.64
N ALA IA 151 30.96 -74.73 90.94
CA ALA IA 151 29.64 -74.44 91.52
C ALA IA 151 29.36 -72.93 91.65
N GLY IA 152 30.45 -72.16 91.75
CA GLY IA 152 30.39 -70.72 91.86
C GLY IA 152 30.81 -70.30 93.25
N TYR IA 153 31.22 -71.29 94.03
CA TYR IA 153 31.50 -71.09 95.44
C TYR IA 153 32.95 -70.68 95.63
N TYR IA 154 33.17 -69.80 96.60
CA TYR IA 154 34.53 -69.43 96.97
C TYR IA 154 34.53 -69.20 98.46
N VAL IA 155 35.66 -69.52 99.08
CA VAL IA 155 35.87 -69.27 100.51
C VAL IA 155 37.36 -69.35 100.82
N GLY IA 156 37.76 -68.81 101.96
CA GLY IA 156 39.16 -68.72 102.31
C GLY IA 156 39.59 -69.78 103.32
N TYR IA 157 40.73 -70.41 103.05
CA TYR IA 157 41.19 -71.52 103.88
C TYR IA 157 42.47 -71.14 104.67
N LYS IA 158 42.59 -71.71 105.88
CA LYS IA 158 43.85 -71.72 106.64
C LYS IA 158 44.87 -72.44 105.76
N ALA IA 159 44.51 -73.67 105.39
CA ALA IA 159 45.22 -74.43 104.36
C ALA IA 159 44.16 -75.24 103.59
N THR IA 160 44.53 -75.81 102.45
CA THR IA 160 43.57 -76.62 101.70
C THR IA 160 44.24 -77.68 100.83
N ALA IA 161 43.42 -78.62 100.35
CA ALA IA 161 43.86 -79.61 99.39
C ALA IA 161 42.75 -79.90 98.38
N THR IA 162 43.15 -80.39 97.22
CA THR IA 162 42.20 -80.62 96.13
C THR IA 162 42.61 -81.81 95.26
N GLY IA 163 41.63 -82.48 94.67
CA GLY IA 163 41.93 -83.57 93.75
C GLY IA 163 41.53 -84.94 94.27
N PRO IA 164 42.06 -86.01 93.64
CA PRO IA 164 41.74 -87.42 93.91
C PRO IA 164 41.89 -87.87 95.35
N LYS IA 165 43.10 -87.83 95.91
CA LYS IA 165 43.27 -88.22 97.31
C LYS IA 165 43.14 -87.00 98.20
N GLN IA 166 42.23 -86.11 97.80
CA GLN IA 166 41.97 -84.86 98.52
C GLN IA 166 41.72 -85.06 100.02
N GLN IA 167 40.91 -86.06 100.38
CA GLN IA 167 40.51 -86.19 101.77
C GLN IA 167 41.59 -86.81 102.65
N GLU IA 168 42.50 -87.58 102.06
CA GLU IA 168 43.63 -88.11 102.84
C GLU IA 168 44.57 -86.96 103.23
N ILE IA 169 44.81 -86.05 102.30
CA ILE IA 169 45.65 -84.88 102.56
C ILE IA 169 44.97 -83.88 103.49
N THR IA 170 43.69 -83.65 103.27
CA THR IA 170 42.90 -82.71 104.06
C THR IA 170 42.88 -83.13 105.54
N THR IA 171 42.62 -84.42 105.79
CA THR IA 171 42.52 -84.90 107.17
C THR IA 171 43.88 -84.90 107.92
N ASN IA 172 44.98 -84.89 107.17
CA ASN IA 172 46.31 -84.73 107.77
C ASN IA 172 46.51 -83.32 108.29
N LEU IA 173 46.11 -82.33 107.49
CA LEU IA 173 46.24 -80.93 107.86
C LEU IA 173 45.34 -80.59 109.04
N GLU IA 174 44.08 -81.04 108.96
CA GLU IA 174 43.13 -80.83 110.04
C GLU IA 174 43.70 -81.26 111.41
N ASN IA 175 44.43 -82.38 111.42
CA ASN IA 175 45.01 -82.91 112.67
C ASN IA 175 46.33 -82.22 113.08
N HIS IA 176 46.64 -81.10 112.44
CA HIS IA 176 47.85 -80.35 112.75
C HIS IA 176 47.53 -78.89 112.99
N PHE IA 177 46.25 -78.55 112.89
CA PHE IA 177 45.74 -77.23 113.26
C PHE IA 177 44.74 -77.39 114.39
N LYS IA 178 44.45 -78.65 114.70
CA LYS IA 178 43.76 -79.01 115.93
C LYS IA 178 44.83 -79.02 117.01
N LYS IA 179 46.07 -79.24 116.59
CA LYS IA 179 47.19 -79.45 117.51
C LYS IA 179 48.05 -78.21 117.81
N SER IA 180 48.20 -77.30 116.84
CA SER IA 180 48.86 -76.01 117.10
C SER IA 180 47.81 -74.91 117.33
N LYS IA 181 46.53 -75.29 117.22
CA LYS IA 181 45.37 -74.43 117.50
C LYS IA 181 45.47 -72.99 116.98
N ILE IA 182 46.00 -72.85 115.77
CA ILE IA 182 46.09 -71.53 115.15
C ILE IA 182 45.52 -71.52 113.74
N ASP IA 183 45.87 -70.51 112.97
CA ASP IA 183 45.41 -70.37 111.59
C ASP IA 183 46.58 -70.39 110.60
N HIS IA 184 47.78 -70.77 111.06
CA HIS IA 184 48.98 -70.78 110.20
C HIS IA 184 50.14 -71.69 110.67
N ILE IA 185 51.25 -71.60 109.94
CA ILE IA 185 52.46 -72.38 110.20
C ILE IA 185 53.56 -71.47 110.76
N ASN IA 186 53.81 -71.53 112.08
CA ASN IA 186 54.77 -70.60 112.67
C ASN IA 186 56.23 -70.88 112.31
N GLU IA 187 56.59 -70.52 111.08
CA GLU IA 187 57.96 -70.56 110.61
C GLU IA 187 58.22 -69.29 109.80
N GLU IA 188 59.41 -68.71 109.94
CA GLU IA 188 59.69 -67.40 109.32
C GLU IA 188 60.05 -67.49 107.83
N SER IA 189 61.14 -68.20 107.53
CA SER IA 189 61.59 -68.35 106.15
C SER IA 189 60.62 -69.25 105.42
N TRP IA 190 60.28 -68.88 104.18
CA TRP IA 190 59.36 -69.70 103.40
C TRP IA 190 59.91 -71.10 103.14
N GLU IA 191 61.23 -71.21 103.08
CA GLU IA 191 61.89 -72.50 102.83
C GLU IA 191 61.42 -73.60 103.76
N LYS IA 192 61.33 -73.28 105.04
CA LYS IA 192 60.87 -74.25 106.04
C LYS IA 192 59.36 -74.54 105.92
N VAL IA 193 58.61 -73.59 105.34
CA VAL IA 193 57.19 -73.77 105.12
C VAL IA 193 56.94 -74.63 103.89
N VAL IA 194 57.87 -74.56 102.93
CA VAL IA 194 57.83 -75.42 101.75
C VAL IA 194 58.21 -76.86 102.10
N GLU IA 195 59.23 -77.00 102.93
CA GLU IA 195 59.62 -78.32 103.44
C GLU IA 195 58.45 -78.95 104.19
N PHE IA 196 57.81 -78.17 105.07
CA PHE IA 196 56.65 -78.63 105.82
C PHE IA 196 55.49 -79.09 104.92
N ALA IA 197 55.25 -78.35 103.83
CA ALA IA 197 54.17 -78.66 102.90
C ALA IA 197 54.44 -79.94 102.13
N ILE IA 198 55.70 -80.18 101.81
CA ILE IA 198 56.09 -81.45 101.16
C ILE IA 198 56.02 -82.61 102.16
N THR IA 199 56.53 -82.37 103.37
CA THR IA 199 56.51 -83.37 104.42
C THR IA 199 55.09 -83.89 104.64
N HIS IA 200 54.19 -82.99 105.03
CA HIS IA 200 52.83 -83.41 105.36
C HIS IA 200 52.07 -84.00 104.16
N MET IA 201 52.68 -83.96 102.97
CA MET IA 201 52.08 -84.60 101.79
C MET IA 201 52.66 -85.98 101.53
N ILE IA 202 53.96 -86.11 101.69
CA ILE IA 202 54.57 -87.43 101.68
C ILE IA 202 53.85 -88.29 102.73
N ASP IA 203 53.74 -87.78 103.95
CA ASP IA 203 53.07 -88.47 105.05
C ASP IA 203 51.66 -88.94 104.64
N ALA IA 204 50.93 -88.05 103.97
CA ALA IA 204 49.53 -88.31 103.63
C ALA IA 204 49.32 -89.20 102.39
N LEU IA 205 50.31 -89.21 101.50
CA LEU IA 205 50.21 -89.99 100.27
C LEU IA 205 50.97 -91.31 100.33
N GLY IA 206 51.88 -91.45 101.30
CA GLY IA 206 52.62 -92.68 101.49
C GLY IA 206 53.55 -93.02 100.34
N THR IA 207 54.01 -91.99 99.63
CA THR IA 207 55.05 -92.17 98.62
C THR IA 207 56.05 -91.02 98.73
N GLU IA 208 57.31 -91.30 98.39
CA GLU IA 208 58.36 -90.30 98.39
C GLU IA 208 58.33 -89.53 97.08
N PHE IA 209 58.92 -88.34 97.08
CA PHE IA 209 58.97 -87.51 95.87
C PHE IA 209 60.42 -87.23 95.44
N SER IA 210 60.65 -87.16 94.13
CA SER IA 210 61.93 -86.69 93.61
C SER IA 210 61.78 -85.26 93.04
N LYS IA 211 62.90 -84.59 92.74
CA LYS IA 211 62.86 -83.23 92.19
C LYS IA 211 61.97 -83.07 90.95
N ASN IA 212 61.52 -84.20 90.39
CA ASN IA 212 60.74 -84.22 89.14
C ASN IA 212 59.22 -84.45 89.30
N ASP IA 213 58.79 -84.86 90.49
CA ASP IA 213 57.38 -85.25 90.72
C ASP IA 213 56.61 -84.14 91.40
N LEU IA 214 57.27 -83.01 91.62
CA LEU IA 214 56.68 -81.86 92.31
C LEU IA 214 56.80 -80.52 91.54
N GLU IA 215 55.81 -79.68 91.78
CA GLU IA 215 55.80 -78.33 91.29
C GLU IA 215 55.58 -77.48 92.51
N VAL IA 216 56.42 -76.49 92.72
CA VAL IA 216 56.22 -75.65 93.89
C VAL IA 216 56.04 -74.21 93.50
N GLY IA 217 55.02 -73.61 94.10
CA GLY IA 217 54.77 -72.19 93.96
C GLY IA 217 54.88 -71.57 95.33
N VAL IA 218 55.38 -70.32 95.37
CA VAL IA 218 55.58 -69.59 96.62
C VAL IA 218 55.21 -68.13 96.47
N ALA IA 219 54.56 -67.59 97.51
CA ALA IA 219 54.23 -66.18 97.53
C ALA IA 219 54.80 -65.52 98.78
N THR IA 220 55.68 -64.55 98.57
CA THR IA 220 56.14 -63.68 99.65
C THR IA 220 55.53 -62.32 99.39
N LYS IA 221 55.77 -61.36 100.28
CA LYS IA 221 55.31 -60.01 100.00
C LYS IA 221 56.04 -59.49 98.77
N ASP IA 222 55.31 -58.85 97.87
CA ASP IA 222 55.92 -58.18 96.72
C ASP IA 222 56.38 -59.12 95.59
N LYS IA 223 56.26 -60.44 95.81
CA LYS IA 223 56.54 -61.41 94.75
C LYS IA 223 55.75 -62.74 94.86
N PHE IA 224 55.38 -63.28 93.71
CA PHE IA 224 55.02 -64.69 93.60
C PHE IA 224 55.84 -65.33 92.49
N PHE IA 225 56.55 -66.40 92.84
CA PHE IA 225 57.47 -67.10 91.94
C PHE IA 225 57.35 -68.62 92.07
N THR IA 226 57.89 -69.36 91.10
CA THR IA 226 57.90 -70.82 91.22
C THR IA 226 59.32 -71.37 91.36
N LEU IA 227 59.43 -72.46 92.10
CA LEU IA 227 60.72 -73.08 92.33
C LEU IA 227 61.15 -73.92 91.14
N SER IA 228 62.43 -73.80 90.80
CA SER IA 228 63.03 -74.53 89.69
C SER IA 228 63.21 -75.99 90.02
N ALA IA 229 63.66 -76.76 89.03
CA ALA IA 229 64.03 -78.16 89.27
C ALA IA 229 64.87 -78.26 90.55
N GLU IA 230 65.97 -77.50 90.57
CA GLU IA 230 66.95 -77.57 91.65
C GLU IA 230 66.51 -76.97 92.99
N ASN IA 231 65.82 -75.83 92.92
CA ASN IA 231 65.32 -75.16 94.12
C ASN IA 231 64.50 -76.10 95.03
N ILE IA 232 64.00 -77.18 94.42
CA ILE IA 232 63.22 -78.19 95.11
C ILE IA 232 64.11 -79.29 95.68
N GLU IA 233 65.02 -79.81 94.86
CA GLU IA 233 65.96 -80.82 95.31
C GLU IA 233 66.61 -80.37 96.62
N GLU IA 234 66.92 -79.09 96.72
CA GLU IA 234 67.47 -78.53 97.96
C GLU IA 234 66.50 -78.73 99.13
N ARG IA 235 65.22 -78.45 98.87
CA ARG IA 235 64.16 -78.58 99.88
C ARG IA 235 63.97 -80.04 100.32
N LEU IA 236 64.15 -80.95 99.37
CA LEU IA 236 64.02 -82.39 99.61
C LEU IA 236 65.20 -82.95 100.40
N VAL IA 237 66.39 -82.51 100.00
CA VAL IA 237 67.62 -82.90 100.67
C VAL IA 237 67.55 -82.52 102.15
N ALA IA 238 66.99 -81.35 102.45
CA ALA IA 238 66.87 -80.89 103.82
C ALA IA 238 65.84 -81.69 104.64
N ILE IA 239 64.76 -82.13 103.99
CA ILE IA 239 63.78 -82.98 104.66
C ILE IA 239 64.41 -84.29 105.06
N ALA IA 240 65.14 -84.88 104.12
CA ALA IA 240 65.72 -86.20 104.31
C ALA IA 240 66.85 -86.24 105.38
N GLU IA 241 67.45 -85.08 105.64
CA GLU IA 241 68.52 -84.98 106.64
C GLU IA 241 68.01 -84.44 107.98
N GLN IA 242 66.88 -84.96 108.43
CA GLN IA 242 66.31 -84.64 109.74
C GLN IA 242 65.22 -85.66 110.03
N ASP IA 243 64.67 -86.20 108.95
CA ASP IA 243 63.66 -87.26 108.99
C ASP IA 243 64.28 -88.59 108.55
N GLN JA 1 9.25 -75.50 86.88
CA GLN JA 1 10.65 -75.04 86.78
C GLN JA 1 11.00 -73.94 87.78
N ILE JA 2 10.06 -73.03 88.03
CA ILE JA 2 10.20 -72.14 89.18
C ILE JA 2 10.04 -73.01 90.41
N ASP JA 3 9.19 -74.02 90.26
CA ASP JA 3 8.86 -74.91 91.36
C ASP JA 3 10.09 -75.70 91.80
N TYR JA 4 10.98 -76.02 90.86
CA TYR JA 4 12.17 -76.80 91.19
C TYR JA 4 13.19 -75.95 91.94
N ALA JA 5 13.16 -74.64 91.69
CA ALA JA 5 14.09 -73.71 92.34
C ALA JA 5 13.68 -73.46 93.79
N LEU JA 6 12.38 -73.27 94.01
CA LEU JA 6 11.85 -73.18 95.36
C LEU JA 6 12.25 -74.40 96.18
N THR JA 7 12.56 -75.50 95.48
CA THR JA 7 12.97 -76.76 96.12
C THR JA 7 14.44 -76.71 96.59
N ALA JA 8 15.30 -76.08 95.79
CA ALA JA 8 16.68 -75.90 96.22
C ALA JA 8 16.70 -74.98 97.43
N VAL JA 9 15.73 -74.06 97.48
CA VAL JA 9 15.56 -73.16 98.62
C VAL JA 9 15.07 -73.89 99.87
N LYS JA 10 14.13 -74.83 99.69
CA LYS JA 10 13.61 -75.64 100.80
C LYS JA 10 14.68 -76.44 101.57
N GLN JA 11 15.68 -76.96 100.87
CA GLN JA 11 16.89 -77.45 101.54
C GLN JA 11 17.94 -76.30 101.55
N GLY JA 12 19.06 -76.50 102.23
CA GLY JA 12 20.01 -75.41 102.33
C GLY JA 12 19.72 -74.61 103.57
N VAL JA 13 20.77 -74.08 104.18
CA VAL JA 13 20.69 -73.71 105.58
C VAL JA 13 19.57 -72.73 105.92
N THR JA 14 18.91 -73.03 107.03
CA THR JA 14 17.84 -72.23 107.61
C THR JA 14 18.20 -70.77 107.89
N SER JA 15 17.28 -69.87 107.61
CA SER JA 15 17.45 -68.46 107.93
C SER JA 15 16.10 -67.84 108.26
N LEU JA 16 16.12 -66.72 108.98
CA LEU JA 16 14.88 -66.19 109.55
C LEU JA 16 14.92 -64.67 109.66
N GLY JA 17 13.78 -64.11 110.07
CA GLY JA 17 13.69 -62.67 110.27
C GLY JA 17 12.54 -62.31 111.19
N ILE JA 18 12.75 -61.29 112.03
CA ILE JA 18 11.73 -60.82 112.98
C ILE JA 18 11.68 -59.30 113.04
N LYS JA 19 10.52 -58.72 112.73
CA LYS JA 19 10.31 -57.29 112.89
C LYS JA 19 9.84 -57.00 114.32
N ALA JA 20 10.27 -55.86 114.86
CA ALA JA 20 9.83 -55.45 116.19
C ALA JA 20 9.28 -54.04 116.11
N THR JA 21 9.18 -53.40 117.26
CA THR JA 21 8.66 -52.04 117.31
C THR JA 21 9.75 -51.03 116.99
N ASN JA 22 10.97 -51.31 117.47
CA ASN JA 22 12.11 -50.41 117.27
C ASN JA 22 13.32 -51.07 116.63
N GLY JA 23 13.08 -51.92 115.64
CA GLY JA 23 14.15 -52.60 114.93
C GLY JA 23 13.74 -53.89 114.25
N VAL JA 24 14.61 -54.39 113.38
CA VAL JA 24 14.38 -55.66 112.70
C VAL JA 24 15.61 -56.53 112.92
N VAL JA 25 15.45 -57.84 112.82
CA VAL JA 25 16.57 -58.77 113.00
C VAL JA 25 16.52 -59.91 111.98
N ILE JA 26 17.69 -60.23 111.41
CA ILE JA 26 17.82 -61.35 110.49
C ILE JA 26 19.06 -62.16 110.80
N ALA JA 27 18.93 -63.49 110.72
CA ALA JA 27 20.05 -64.38 111.01
C ALA JA 27 19.96 -65.69 110.27
N THR JA 28 21.12 -66.31 110.09
CA THR JA 28 21.23 -67.63 109.49
C THR JA 28 22.44 -68.28 110.17
N GLU JA 29 22.71 -69.54 109.83
CA GLU JA 29 23.90 -70.23 110.34
C GLU JA 29 25.00 -70.23 109.27
N LYS JA 30 26.26 -70.26 109.73
CA LYS JA 30 27.40 -70.37 108.83
C LYS JA 30 27.93 -71.79 108.84
N LYS JA 31 27.35 -72.65 108.00
CA LYS JA 31 27.80 -74.04 107.97
C LYS JA 31 29.15 -74.08 107.27
N SER JA 32 30.15 -74.56 108.01
CA SER JA 32 31.50 -74.63 107.49
C SER JA 32 31.67 -75.87 106.61
N SER JA 33 31.95 -75.63 105.33
CA SER JA 33 32.18 -76.69 104.36
C SER JA 33 33.47 -77.44 104.70
N SER JA 34 33.98 -77.18 105.91
CA SER JA 34 35.26 -77.71 106.36
C SER JA 34 35.70 -76.92 107.57
N PRO JA 35 36.56 -77.51 108.42
CA PRO JA 35 37.15 -76.80 109.55
C PRO JA 35 38.39 -76.04 109.09
N LEU JA 36 38.97 -76.50 107.98
CA LEU JA 36 40.12 -75.83 107.38
C LEU JA 36 39.74 -74.44 106.88
N ALA JA 37 38.54 -74.31 106.34
CA ALA JA 37 38.06 -73.00 105.88
C ALA JA 37 37.83 -72.04 107.06
N MET JA 38 38.19 -70.78 106.85
CA MET JA 38 37.94 -69.70 107.81
C MET JA 38 36.59 -69.06 107.46
N SER JA 39 35.60 -69.28 108.32
CA SER JA 39 34.21 -68.96 108.00
C SER JA 39 33.92 -67.44 107.99
N GLU JA 40 34.88 -66.63 108.46
CA GLU JA 40 34.74 -65.18 108.46
C GLU JA 40 34.93 -64.56 107.08
N THR JA 41 35.42 -65.35 106.12
CA THR JA 41 35.66 -64.87 104.76
C THR JA 41 34.42 -64.93 103.87
N LEU JA 42 33.33 -65.46 104.42
CA LEU JA 42 32.08 -65.51 103.69
C LEU JA 42 30.98 -64.94 104.57
N SER JA 43 30.20 -64.04 103.98
CA SER JA 43 29.12 -63.37 104.70
C SER JA 43 27.76 -63.76 104.12
N LYS JA 44 26.96 -64.43 104.95
CA LYS JA 44 25.58 -64.77 104.59
C LYS JA 44 24.61 -63.61 104.87
N VAL JA 45 25.06 -62.67 105.70
CA VAL JA 45 24.27 -61.47 105.95
C VAL JA 45 24.99 -60.24 105.40
N SER JA 46 24.45 -59.69 104.32
CA SER JA 46 25.15 -58.65 103.56
C SER JA 46 24.39 -57.33 103.62
N LEU JA 47 25.15 -56.23 103.63
CA LEU JA 47 24.58 -54.90 103.63
C LEU JA 47 24.21 -54.51 102.20
N LEU JA 48 23.01 -53.96 102.01
CA LEU JA 48 22.62 -53.44 100.70
C LEU JA 48 22.68 -51.90 100.67
N THR JA 49 22.02 -51.26 101.64
CA THR JA 49 22.20 -49.83 101.90
C THR JA 49 22.38 -49.66 103.42
N PRO JA 50 22.86 -48.49 103.88
CA PRO JA 50 23.14 -48.44 105.32
C PRO JA 50 21.86 -48.52 106.17
N ASP JA 51 20.72 -48.65 105.50
CA ASP JA 51 19.45 -48.78 106.19
C ASP JA 51 18.82 -50.15 105.91
N ILE JA 52 19.47 -50.97 105.08
CA ILE JA 52 18.91 -52.24 104.56
C ILE JA 52 19.91 -53.40 104.43
N GLY JA 53 19.58 -54.54 105.04
CA GLY JA 53 20.38 -55.75 104.92
C GLY JA 53 19.61 -56.93 104.36
N ALA JA 54 20.30 -58.03 104.08
CA ALA JA 54 19.65 -59.22 103.52
C ALA JA 54 20.32 -60.51 103.90
N VAL JA 55 19.51 -61.56 103.97
CA VAL JA 55 19.98 -62.90 104.26
C VAL JA 55 19.26 -63.87 103.33
N TYR JA 56 19.78 -65.09 103.19
CA TYR JA 56 19.21 -66.03 102.23
C TYR JA 56 19.20 -67.47 102.74
N SER JA 57 18.63 -68.31 101.90
CA SER JA 57 18.65 -69.74 102.12
C SER JA 57 18.74 -70.40 100.76
N GLY JA 58 19.72 -71.27 100.61
CA GLY JA 58 19.86 -71.98 99.36
C GLY JA 58 21.25 -71.91 98.76
N MET JA 59 21.28 -71.56 97.49
CA MET JA 59 22.50 -71.60 96.69
C MET JA 59 23.40 -70.39 96.93
N GLY JA 60 24.52 -70.63 97.62
CA GLY JA 60 25.49 -69.60 97.95
C GLY JA 60 25.79 -68.57 96.87
N PRO JA 61 26.41 -69.00 95.76
CA PRO JA 61 26.77 -68.14 94.63
C PRO JA 61 25.61 -67.30 94.12
N ASP JA 62 24.45 -67.92 93.92
CA ASP JA 62 23.30 -67.16 93.41
C ASP JA 62 22.96 -65.99 94.33
N TYR JA 63 23.22 -66.15 95.61
CA TYR JA 63 23.05 -65.05 96.55
C TYR JA 63 24.11 -63.96 96.33
N ARG JA 64 25.39 -64.32 96.28
CA ARG JA 64 26.46 -63.35 96.05
C ARG JA 64 26.19 -62.41 94.89
N VAL JA 65 25.93 -62.99 93.72
CA VAL JA 65 25.77 -62.18 92.52
C VAL JA 65 24.44 -61.45 92.53
N LEU JA 66 23.58 -61.84 93.46
CA LEU JA 66 22.32 -61.15 93.64
C LEU JA 66 22.49 -59.99 94.61
N VAL JA 67 23.40 -60.14 95.56
CA VAL JA 67 23.72 -59.09 96.53
C VAL JA 67 24.45 -57.97 95.80
N ASP JA 68 25.32 -58.35 94.87
CA ASP JA 68 26.06 -57.38 94.07
C ASP JA 68 25.13 -56.64 93.12
N LYS JA 69 24.42 -57.40 92.28
CA LYS JA 69 23.50 -56.80 91.32
C LYS JA 69 22.53 -55.86 92.05
N SER JA 70 22.30 -56.17 93.33
CA SER JA 70 21.30 -55.51 94.19
C SER JA 70 21.78 -54.19 94.78
N ARG JA 71 23.02 -54.18 95.26
CA ARG JA 71 23.62 -52.93 95.70
C ARG JA 71 23.65 -51.94 94.55
N LYS JA 72 24.18 -52.37 93.41
CA LYS JA 72 24.25 -51.51 92.23
C LYS JA 72 22.88 -50.91 91.84
N VAL JA 73 21.86 -51.75 91.70
CA VAL JA 73 20.53 -51.26 91.34
C VAL JA 73 19.99 -50.21 92.33
N ALA JA 74 20.52 -50.22 93.55
CA ALA JA 74 20.13 -49.22 94.55
C ALA JA 74 20.60 -47.83 94.17
N HIS JA 75 21.79 -47.74 93.56
CA HIS JA 75 22.33 -46.48 93.06
C HIS JA 75 21.74 -46.15 91.68
N THR JA 76 21.98 -47.01 90.70
CA THR JA 76 21.57 -46.77 89.30
C THR JA 76 20.11 -46.32 89.11
N SER JA 77 19.23 -46.76 90.01
CA SER JA 77 17.79 -46.59 89.82
C SER JA 77 17.12 -45.68 90.86
N TYR JA 78 17.88 -45.29 91.88
CA TYR JA 78 17.35 -44.42 92.93
C TYR JA 78 18.37 -43.34 93.37
N LYS JA 79 19.45 -43.73 94.06
CA LYS JA 79 20.39 -42.74 94.62
C LYS JA 79 20.90 -41.67 93.62
N ARG JA 80 21.16 -42.10 92.38
CA ARG JA 80 21.71 -41.19 91.38
C ARG JA 80 20.66 -40.24 90.80
N ILE JA 81 19.38 -40.47 91.13
CA ILE JA 81 18.33 -39.56 90.69
C ILE JA 81 17.85 -38.64 91.81
N TYR JA 82 17.47 -39.24 92.95
CA TYR JA 82 16.83 -38.50 94.05
C TYR JA 82 17.74 -38.15 95.24
N GLY JA 83 19.03 -38.49 95.16
CA GLY JA 83 19.97 -38.11 96.20
C GLY JA 83 19.80 -38.85 97.51
N GLU JA 84 18.68 -39.55 97.67
CA GLU JA 84 18.43 -40.38 98.84
C GLU JA 84 18.80 -41.83 98.53
N TYR JA 85 18.71 -42.72 99.52
CA TYR JA 85 18.78 -44.15 99.25
C TYR JA 85 17.33 -44.65 99.14
N PRO JA 86 17.16 -45.86 98.59
CA PRO JA 86 15.80 -46.33 98.35
C PRO JA 86 15.14 -46.80 99.64
N PRO JA 87 13.79 -46.82 99.67
CA PRO JA 87 13.02 -47.33 100.81
C PRO JA 87 12.93 -48.86 100.68
N THR JA 88 12.80 -49.57 101.80
CA THR JA 88 12.80 -51.01 101.78
C THR JA 88 11.84 -51.51 100.69
N LYS JA 89 10.57 -51.10 100.78
CA LYS JA 89 9.55 -51.55 99.82
C LYS JA 89 10.06 -51.57 98.37
N LEU JA 90 10.72 -50.49 97.96
CA LEU JA 90 11.06 -50.29 96.55
C LEU JA 90 12.34 -50.99 96.12
N LEU JA 91 13.33 -51.02 97.01
CA LEU JA 91 14.56 -51.72 96.70
C LEU JA 91 14.21 -53.18 96.53
N VAL JA 92 13.31 -53.66 97.39
CA VAL JA 92 12.78 -55.04 97.28
C VAL JA 92 12.09 -55.25 95.95
N SER JA 93 11.21 -54.33 95.57
CA SER JA 93 10.57 -54.38 94.25
C SER JA 93 11.58 -54.60 93.12
N GLU JA 94 12.69 -53.84 93.16
CA GLU JA 94 13.73 -53.83 92.11
C GLU JA 94 14.56 -55.11 92.08
N VAL JA 95 14.53 -55.87 93.16
CA VAL JA 95 15.18 -57.19 93.24
C VAL JA 95 14.27 -58.31 92.72
N ALA JA 96 13.01 -58.29 93.16
CA ALA JA 96 11.99 -59.16 92.61
C ALA JA 96 11.91 -59.01 91.09
N LYS JA 97 11.94 -57.76 90.61
CA LYS JA 97 11.97 -57.50 89.17
C LYS JA 97 13.19 -58.16 88.52
N ILE JA 98 14.31 -58.17 89.24
CA ILE JA 98 15.55 -58.80 88.76
C ILE JA 98 15.47 -60.33 88.61
N MET JA 99 14.85 -60.98 89.61
CA MET JA 99 14.68 -62.43 89.67
C MET JA 99 13.52 -62.91 88.81
N GLN JA 100 12.49 -62.07 88.71
CA GLN JA 100 11.30 -62.35 87.91
C GLN JA 100 11.65 -62.35 86.43
N GLU JA 101 12.80 -61.76 86.11
CA GLU JA 101 13.24 -61.66 84.73
C GLU JA 101 14.11 -62.84 84.36
N ALA JA 102 14.79 -63.41 85.34
CA ALA JA 102 15.53 -64.66 85.14
C ALA JA 102 14.56 -65.80 84.92
N THR JA 103 13.34 -65.61 85.41
CA THR JA 103 12.25 -66.55 85.22
C THR JA 103 11.78 -66.49 83.78
N GLN JA 104 11.11 -65.38 83.46
CA GLN JA 104 10.46 -65.19 82.17
C GLN JA 104 11.43 -64.95 81.00
N SER JA 105 12.74 -65.05 81.25
CA SER JA 105 13.70 -64.93 80.15
C SER JA 105 14.21 -66.31 79.70
N GLY JA 106 14.53 -66.39 78.41
CA GLY JA 106 14.96 -67.65 77.82
C GLY JA 106 16.45 -67.83 78.00
N GLY JA 107 16.89 -69.08 78.10
CA GLY JA 107 18.30 -69.39 78.20
C GLY JA 107 18.87 -69.23 79.60
N VAL JA 108 18.01 -68.91 80.56
CA VAL JA 108 18.42 -68.81 81.97
C VAL JA 108 17.43 -69.39 82.98
N ARG JA 109 18.00 -70.02 84.01
CA ARG JA 109 17.24 -70.60 85.12
C ARG JA 109 17.05 -69.55 86.19
N PRO JA 110 15.97 -69.66 86.97
CA PRO JA 110 15.73 -68.68 88.04
C PRO JA 110 16.79 -68.87 89.11
N PHE JA 111 16.81 -67.99 90.10
CA PHE JA 111 17.78 -68.12 91.18
C PHE JA 111 17.38 -69.18 92.23
N GLY JA 112 18.38 -69.86 92.80
CA GLY JA 112 18.12 -70.88 93.81
C GLY JA 112 18.16 -70.33 95.23
N VAL JA 113 17.49 -69.20 95.43
CA VAL JA 113 17.49 -68.56 96.73
C VAL JA 113 16.17 -67.87 97.02
N SER JA 114 15.77 -67.94 98.28
CA SER JA 114 14.78 -67.03 98.81
C SER JA 114 15.52 -66.04 99.66
N LEU JA 115 15.13 -64.78 99.54
CA LEU JA 115 15.80 -63.71 100.26
C LEU JA 115 14.94 -63.18 101.40
N LEU JA 116 15.58 -62.82 102.50
CA LEU JA 116 14.92 -62.01 103.52
C LEU JA 116 15.62 -60.66 103.58
N ILE JA 117 14.89 -59.62 103.18
CA ILE JA 117 15.43 -58.27 103.15
C ILE JA 117 14.80 -57.44 104.26
N ALA JA 118 15.64 -56.84 105.11
CA ALA JA 118 15.16 -56.10 106.28
C ALA JA 118 15.66 -54.68 106.24
N GLY JA 119 14.83 -53.71 106.66
CA GLY JA 119 15.25 -52.33 106.58
C GLY JA 119 14.30 -51.26 107.07
N HIS JA 120 14.80 -50.03 107.05
CA HIS JA 120 14.08 -48.88 107.57
C HIS JA 120 14.19 -47.66 106.65
N ASP JA 121 13.04 -47.18 106.14
CA ASP JA 121 13.01 -45.92 105.40
C ASP JA 121 12.22 -44.87 106.19
N GLU JA 122 12.55 -43.59 106.00
CA GLU JA 122 12.01 -42.56 106.89
C GLU JA 122 10.46 -42.54 106.96
N PHE JA 123 9.80 -42.86 105.86
CA PHE JA 123 8.34 -42.72 105.80
C PHE JA 123 7.53 -43.99 106.12
N ASN JA 124 8.04 -45.16 105.71
CA ASN JA 124 7.34 -46.45 105.91
C ASN JA 124 7.76 -47.17 107.20
N GLY JA 125 8.72 -46.57 107.91
CA GLY JA 125 9.24 -47.10 109.16
C GLY JA 125 10.00 -48.41 108.97
N PHE JA 126 9.82 -49.35 109.90
CA PHE JA 126 10.43 -50.66 109.74
C PHE JA 126 9.56 -51.55 108.88
N SER JA 127 10.20 -52.56 108.28
CA SER JA 127 9.50 -53.55 107.48
C SER JA 127 10.47 -54.69 107.18
N LEU JA 128 9.91 -55.87 106.94
CA LEU JA 128 10.68 -57.06 106.59
C LEU JA 128 9.99 -57.79 105.45
N TYR JA 129 10.75 -58.08 104.38
CA TYR JA 129 10.18 -58.67 103.18
C TYR JA 129 10.80 -60.02 102.83
N GLN JA 130 10.03 -60.86 102.15
CA GLN JA 130 10.56 -62.11 101.61
C GLN JA 130 10.48 -62.03 100.09
N VAL JA 131 11.52 -62.50 99.43
CA VAL JA 131 11.52 -62.57 97.97
C VAL JA 131 11.83 -63.99 97.53
N ASP JA 132 10.96 -64.53 96.68
CA ASP JA 132 11.07 -65.89 96.19
C ASP JA 132 11.68 -65.89 94.79
N PRO JA 133 12.17 -67.05 94.36
CA PRO JA 133 12.65 -67.28 92.99
C PRO JA 133 11.63 -66.87 91.93
N SER JA 134 10.34 -67.03 92.25
CA SER JA 134 9.25 -66.71 91.34
C SER JA 134 9.17 -65.23 91.00
N GLY JA 135 9.88 -64.40 91.78
CA GLY JA 135 9.84 -62.96 91.63
C GLY JA 135 8.72 -62.33 92.45
N SER JA 136 7.92 -63.18 93.10
CA SER JA 136 6.90 -62.73 94.03
C SER JA 136 7.57 -62.29 95.33
N TYR JA 137 6.94 -61.36 96.03
CA TYR JA 137 7.47 -60.89 97.31
C TYR JA 137 6.36 -60.51 98.29
N PHE JA 138 6.58 -60.84 99.55
CA PHE JA 138 5.58 -60.66 100.59
C PHE JA 138 6.17 -59.97 101.82
N PRO JA 139 5.34 -59.18 102.54
CA PRO JA 139 5.74 -58.46 103.75
C PRO JA 139 5.49 -59.34 104.98
N TRP JA 140 6.47 -59.44 105.89
CA TRP JA 140 6.34 -60.32 107.05
C TRP JA 140 6.57 -59.59 108.38
N LYS JA 141 5.78 -59.98 109.39
CA LYS JA 141 6.03 -59.60 110.77
C LYS JA 141 7.20 -60.45 111.25
N ALA JA 142 7.26 -61.69 110.74
CA ALA JA 142 8.34 -62.65 111.02
C ALA JA 142 8.13 -63.97 110.27
N THR JA 143 9.22 -64.58 109.80
CA THR JA 143 9.14 -65.88 109.13
C THR JA 143 10.51 -66.54 109.04
N ALA JA 144 10.53 -67.74 108.49
CA ALA JA 144 11.76 -68.47 108.28
C ALA JA 144 11.66 -69.21 106.95
N ILE JA 145 12.82 -69.53 106.40
CA ILE JA 145 12.92 -70.18 105.11
C ILE JA 145 14.03 -71.23 105.22
N GLY JA 146 13.97 -72.25 104.39
CA GLY JA 146 14.97 -73.30 104.43
C GLY JA 146 14.46 -74.55 105.13
N LYS JA 147 15.38 -75.40 105.56
CA LYS JA 147 15.01 -76.70 106.14
C LYS JA 147 14.18 -76.52 107.40
N GLY JA 148 14.77 -75.86 108.40
CA GLY JA 148 14.09 -75.63 109.67
C GLY JA 148 12.87 -74.73 109.54
N SER JA 149 12.53 -74.39 108.30
CA SER JA 149 11.42 -73.50 107.98
C SER JA 149 10.14 -73.76 108.79
N VAL JA 150 9.73 -75.02 108.85
CA VAL JA 150 8.44 -75.38 109.44
C VAL JA 150 8.46 -75.33 110.95
N ALA JA 151 9.49 -75.93 111.53
CA ALA JA 151 9.70 -75.86 112.97
C ALA JA 151 9.73 -74.42 113.46
N ALA JA 152 10.60 -73.62 112.85
CA ALA JA 152 10.84 -72.24 113.26
C ALA JA 152 9.65 -71.30 113.00
N LYS JA 153 8.99 -71.48 111.86
CA LYS JA 153 7.82 -70.65 111.53
C LYS JA 153 6.73 -70.85 112.58
N THR JA 154 6.62 -72.07 113.11
CA THR JA 154 5.60 -72.37 114.10
C THR JA 154 5.97 -71.76 115.46
N PHE JA 155 7.27 -71.72 115.74
CA PHE JA 155 7.79 -71.19 116.98
C PHE JA 155 7.63 -69.66 117.01
N LEU JA 156 7.67 -69.07 115.81
CA LEU JA 156 7.57 -67.63 115.72
C LEU JA 156 6.13 -67.15 115.91
N GLU JA 157 5.17 -67.94 115.47
CA GLU JA 157 3.77 -67.61 115.75
C GLU JA 157 3.56 -67.67 117.25
N LYS JA 158 4.04 -68.75 117.86
CA LYS JA 158 3.89 -68.95 119.30
C LYS JA 158 4.52 -67.80 120.12
N ARG JA 159 5.67 -67.30 119.70
CA ARG JA 159 6.40 -66.35 120.52
C ARG JA 159 6.24 -64.87 120.16
N TRP JA 160 5.61 -64.58 119.01
CA TRP JA 160 5.52 -63.19 118.50
C TRP JA 160 4.30 -62.37 118.92
N ASN JA 161 4.55 -61.24 119.58
CA ASN JA 161 3.54 -60.22 119.83
C ASN JA 161 3.99 -58.90 119.20
N ASP JA 162 3.05 -58.00 118.91
CA ASP JA 162 3.41 -56.76 118.23
C ASP JA 162 3.91 -55.70 119.18
N GLU JA 163 4.48 -56.14 120.30
CA GLU JA 163 5.00 -55.22 121.31
C GLU JA 163 6.44 -55.57 121.65
N LEU JA 164 7.10 -56.29 120.74
CA LEU JA 164 8.47 -56.72 120.96
C LEU JA 164 9.43 -55.57 120.84
N GLU JA 165 10.34 -55.46 121.82
CA GLU JA 165 11.46 -54.56 121.64
C GLU JA 165 12.49 -55.37 120.84
N LEU JA 166 13.38 -54.67 120.15
CA LEU JA 166 14.37 -55.32 119.28
C LEU JA 166 15.24 -56.31 120.03
N GLU JA 167 15.49 -56.03 121.30
CA GLU JA 167 16.29 -56.92 122.13
C GLU JA 167 15.54 -58.23 122.42
N ASP JA 168 14.21 -58.15 122.43
CA ASP JA 168 13.36 -59.33 122.61
C ASP JA 168 13.43 -60.20 121.37
N ALA JA 169 13.43 -59.55 120.20
CA ALA JA 169 13.47 -60.25 118.92
C ALA JA 169 14.83 -60.87 118.61
N ILE JA 170 15.89 -60.28 119.15
CA ILE JA 170 17.21 -60.88 119.07
C ILE JA 170 17.20 -62.17 119.88
N HIS JA 171 16.70 -62.07 121.11
CA HIS JA 171 16.61 -63.21 122.01
C HIS JA 171 15.86 -64.36 121.34
N ILE JA 172 14.72 -64.05 120.71
CA ILE JA 172 13.92 -65.09 120.06
C ILE JA 172 14.71 -65.74 118.91
N ALA JA 173 15.20 -64.92 118.00
CA ALA JA 173 15.86 -65.44 116.81
C ALA JA 173 17.12 -66.25 117.13
N LEU JA 174 17.59 -66.18 118.37
CA LEU JA 174 18.69 -67.04 118.79
C LEU JA 174 18.18 -68.40 119.21
N LEU JA 175 17.12 -68.42 120.03
CA LEU JA 175 16.48 -69.70 120.40
C LEU JA 175 16.03 -70.44 119.15
N THR JA 176 15.26 -69.74 118.31
CA THR JA 176 14.75 -70.28 117.05
C THR JA 176 15.84 -70.97 116.25
N LEU JA 177 17.03 -70.40 116.31
CA LEU JA 177 18.17 -70.88 115.53
C LEU JA 177 18.90 -72.00 116.24
N LYS JA 178 18.72 -72.08 117.56
CA LYS JA 178 19.38 -73.09 118.39
C LYS JA 178 18.79 -74.51 118.24
N GLU JA 179 17.51 -74.59 117.86
CA GLU JA 179 16.80 -75.87 117.70
C GLU JA 179 17.10 -76.50 116.35
N SER JA 180 17.34 -75.64 115.36
CA SER JA 180 17.56 -76.05 113.97
C SER JA 180 19.04 -76.30 113.69
N VAL JA 181 19.91 -75.54 114.35
CA VAL JA 181 21.36 -75.61 114.13
C VAL JA 181 21.83 -77.00 113.68
N GLU JA 182 22.64 -77.00 112.61
CA GLU JA 182 23.20 -78.23 112.08
C GLU JA 182 24.56 -78.53 112.71
N GLY JA 183 25.46 -77.55 112.63
CA GLY JA 183 26.80 -77.68 113.18
C GLY JA 183 26.86 -77.25 114.64
N GLU JA 184 27.95 -76.58 115.01
CA GLU JA 184 28.09 -76.07 116.37
C GLU JA 184 27.34 -74.75 116.48
N PHE JA 185 27.17 -74.26 117.71
CA PHE JA 185 26.35 -73.07 117.98
C PHE JA 185 27.08 -72.00 118.85
N ASN JA 186 27.77 -71.08 118.17
CA ASN JA 186 28.50 -70.01 118.83
C ASN JA 186 28.51 -68.76 117.95
N GLY JA 187 29.45 -67.85 118.22
CA GLY JA 187 29.58 -66.62 117.44
C GLY JA 187 30.24 -66.80 116.08
N ASP JA 188 30.89 -67.96 115.92
CA ASP JA 188 31.64 -68.26 114.70
C ASP JA 188 30.80 -69.02 113.67
N THR JA 189 29.62 -69.49 114.09
CA THR JA 189 28.72 -70.21 113.19
C THR JA 189 27.31 -69.60 113.22
N ILE JA 190 27.20 -68.42 113.81
CA ILE JA 190 25.97 -67.63 113.72
C ILE JA 190 26.28 -66.29 113.08
N GLU JA 191 25.46 -65.90 112.12
CA GLU JA 191 25.55 -64.54 111.62
C GLU JA 191 24.25 -63.86 111.97
N LEU JA 192 24.35 -62.70 112.60
CA LEU JA 192 23.17 -61.96 113.00
C LEU JA 192 23.37 -60.49 112.70
N ALA JA 193 22.35 -59.88 112.09
CA ALA JA 193 22.40 -58.46 111.81
C ALA JA 193 21.13 -57.84 112.36
N ILE JA 194 21.15 -56.53 112.62
CA ILE JA 194 19.94 -55.85 113.06
C ILE JA 194 19.74 -54.57 112.25
N ILE JA 195 18.52 -54.04 112.29
CA ILE JA 195 18.23 -52.73 111.69
C ILE JA 195 17.60 -51.83 112.74
N GLY JA 196 18.45 -51.17 113.52
CA GLY JA 196 17.96 -50.51 114.73
C GLY JA 196 18.14 -49.02 114.72
N ASP JA 197 18.66 -48.51 115.83
CA ASP JA 197 18.95 -47.10 115.94
C ASP JA 197 20.03 -46.68 114.93
N GLU JA 198 20.10 -45.38 114.66
CA GLU JA 198 21.19 -44.85 113.85
C GLU JA 198 22.51 -44.97 114.63
N ASN JA 199 23.53 -45.57 114.01
CA ASN JA 199 24.87 -45.70 114.60
C ASN JA 199 25.80 -44.59 114.10
N PRO JA 200 25.89 -43.47 114.83
CA PRO JA 200 26.84 -42.44 114.38
C PRO JA 200 28.30 -42.91 114.55
N ASP JA 201 28.55 -43.79 115.54
CA ASP JA 201 29.86 -44.41 115.74
C ASP JA 201 30.52 -44.89 114.45
N LEU JA 202 29.68 -45.34 113.51
CA LEU JA 202 30.12 -46.06 112.32
C LEU JA 202 30.01 -45.26 111.02
N LEU JA 203 29.99 -43.94 111.11
CA LEU JA 203 29.81 -43.14 109.90
C LEU JA 203 31.12 -42.98 109.16
N GLY JA 204 32.19 -42.76 109.94
CA GLY JA 204 33.51 -42.56 109.38
C GLY JA 204 33.88 -41.09 109.35
N TYR JA 205 32.92 -40.22 109.65
CA TYR JA 205 33.14 -38.77 109.68
C TYR JA 205 32.17 -38.00 110.59
N THR JA 206 32.50 -36.73 110.85
CA THR JA 206 31.71 -35.90 111.76
C THR JA 206 31.70 -34.46 111.29
N GLY JA 207 30.52 -33.90 111.04
CA GLY JA 207 30.47 -32.50 110.65
C GLY JA 207 29.19 -32.03 109.98
N ILE JA 208 28.37 -32.98 109.55
CA ILE JA 208 27.03 -32.63 109.07
C ILE JA 208 26.04 -33.37 109.96
N PRO JA 209 25.20 -32.60 110.68
CA PRO JA 209 24.33 -33.21 111.68
C PRO JA 209 23.06 -33.78 111.05
N THR JA 210 22.89 -33.57 109.75
CA THR JA 210 21.68 -33.99 109.05
C THR JA 210 21.70 -35.46 108.63
N ASP JA 211 22.89 -36.01 108.40
CA ASP JA 211 23.04 -37.45 108.16
C ASP JA 211 23.68 -38.14 109.38
N LYS JA 212 23.03 -39.15 109.94
CA LYS JA 212 23.45 -39.65 111.25
C LYS JA 212 24.02 -41.08 111.31
N GLY JA 213 24.18 -41.73 110.15
CA GLY JA 213 24.84 -43.03 110.15
C GLY JA 213 23.98 -44.29 110.05
N PRO JA 214 24.65 -45.45 109.86
CA PRO JA 214 23.96 -46.70 109.46
C PRO JA 214 23.01 -47.25 110.51
N ARG JA 215 21.82 -47.60 110.08
CA ARG JA 215 20.90 -48.32 110.95
C ARG JA 215 21.26 -49.81 110.99
N PHE JA 216 21.90 -50.29 109.92
CA PHE JA 216 22.35 -51.68 109.79
C PHE JA 216 23.63 -51.93 110.58
N ARG JA 217 23.56 -52.88 111.51
CA ARG JA 217 24.72 -53.25 112.32
C ARG JA 217 24.82 -54.78 112.36
N LYS JA 218 26.00 -55.28 112.00
CA LYS JA 218 26.25 -56.74 112.00
C LYS JA 218 26.98 -57.10 113.27
N LEU JA 219 26.32 -57.89 114.13
CA LEU JA 219 26.88 -58.21 115.45
C LEU JA 219 28.17 -59.01 115.34
N THR JA 220 29.14 -58.62 116.17
CA THR JA 220 30.46 -59.24 116.15
C THR JA 220 30.49 -60.64 116.78
N SER JA 221 31.53 -61.40 116.46
CA SER JA 221 31.65 -62.76 116.98
C SER JA 221 31.49 -62.75 118.49
N GLN JA 222 31.94 -61.64 119.11
CA GLN JA 222 31.85 -61.47 120.55
C GLN JA 222 30.43 -61.19 121.07
N GLU JA 223 29.76 -60.20 120.47
CA GLU JA 223 28.44 -59.75 120.92
C GLU JA 223 27.46 -60.92 121.01
N ILE JA 224 27.64 -61.88 120.11
CA ILE JA 224 26.78 -63.05 120.04
C ILE JA 224 27.03 -63.98 121.23
N ASN JA 225 28.28 -64.45 121.38
CA ASN JA 225 28.65 -65.31 122.51
C ASN JA 225 28.19 -64.70 123.85
N ASP JA 226 28.29 -63.39 123.98
CA ASP JA 226 27.86 -62.67 125.18
C ASP JA 226 26.37 -62.90 125.47
N ARG JA 227 25.56 -62.88 124.41
CA ARG JA 227 24.11 -63.07 124.54
C ARG JA 227 23.74 -64.51 124.80
N LEU JA 228 24.58 -65.43 124.31
CA LEU JA 228 24.30 -66.88 124.42
C LEU JA 228 24.61 -67.44 125.81
N GLU JA 229 25.43 -66.73 126.57
CA GLU JA 229 25.72 -67.14 127.94
C GLU JA 229 24.54 -66.78 128.87
N ALA JA 230 24.11 -65.53 128.79
CA ALA JA 230 22.89 -65.09 129.47
C ALA JA 230 21.67 -65.47 128.62
N LEU JA 231 21.54 -66.76 128.32
CA LEU JA 231 20.55 -67.27 127.36
C LEU JA 231 19.76 -68.44 127.98
N SER KA 1 -3.42 -75.12 67.32
CA SER KA 1 -4.57 -74.56 68.02
C SER KA 1 -5.88 -75.21 67.48
N PRO KA 2 -5.96 -76.55 67.58
CA PRO KA 2 -6.82 -77.59 66.98
C PRO KA 2 -8.20 -77.24 66.40
N GLU KA 3 -9.15 -76.78 67.21
CA GLU KA 3 -10.53 -76.58 66.75
C GLU KA 3 -10.91 -75.12 66.58
N GLY KA 4 -9.92 -74.24 66.66
CA GLY KA 4 -10.15 -72.81 66.73
C GLY KA 4 -10.00 -72.39 68.18
N ARG KA 5 -9.07 -73.06 68.87
CA ARG KA 5 -8.90 -72.84 70.31
C ARG KA 5 -7.59 -72.15 70.67
N LEU KA 6 -7.68 -71.29 71.67
CA LEU KA 6 -6.57 -70.52 72.21
C LEU KA 6 -6.05 -71.24 73.45
N TYR KA 7 -5.24 -72.28 73.26
CA TYR KA 7 -4.88 -73.17 74.38
C TYR KA 7 -4.09 -72.50 75.52
N GLN KA 8 -2.88 -72.03 75.23
CA GLN KA 8 -2.06 -71.39 76.26
C GLN KA 8 -2.83 -70.30 77.02
N VAL KA 9 -3.97 -69.89 76.47
CA VAL KA 9 -4.83 -68.87 77.06
C VAL KA 9 -5.83 -69.44 78.06
N GLU KA 10 -6.62 -70.42 77.62
CA GLU KA 10 -7.53 -71.13 78.50
C GLU KA 10 -6.73 -71.62 79.71
N TYR KA 11 -5.49 -72.06 79.47
CA TYR KA 11 -4.57 -72.50 80.52
C TYR KA 11 -4.53 -71.49 81.67
N ALA KA 12 -4.27 -70.24 81.31
CA ALA KA 12 -4.12 -69.15 82.28
C ALA KA 12 -5.46 -68.48 82.64
N LEU KA 13 -6.44 -68.59 81.75
CA LEU KA 13 -7.82 -68.11 81.98
C LEU KA 13 -8.51 -68.93 83.10
N GLU KA 14 -8.14 -70.19 83.22
CA GLU KA 14 -8.69 -71.05 84.26
C GLU KA 14 -7.75 -71.14 85.46
N SER KA 15 -6.50 -70.73 85.28
CA SER KA 15 -5.58 -70.54 86.40
C SER KA 15 -6.04 -69.33 87.21
N ILE KA 16 -6.88 -68.51 86.57
CA ILE KA 16 -7.47 -67.34 87.20
C ILE KA 16 -8.63 -67.74 88.10
N SER KA 17 -9.50 -68.62 87.61
CA SER KA 17 -10.62 -69.12 88.43
C SER KA 17 -10.13 -69.87 89.67
N HIS KA 18 -8.81 -69.89 89.86
CA HIS KA 18 -8.21 -70.40 91.10
C HIS KA 18 -7.91 -69.24 92.08
N ALA KA 19 -6.89 -68.43 91.77
CA ALA KA 19 -6.50 -67.31 92.63
C ALA KA 19 -7.59 -66.22 92.76
N GLY KA 20 -7.52 -65.45 93.84
CA GLY KA 20 -8.38 -64.29 94.08
C GLY KA 20 -9.88 -64.37 93.81
N THR KA 21 -10.59 -63.29 94.13
CA THR KA 21 -12.01 -63.10 93.80
C THR KA 21 -12.31 -61.60 93.87
N ALA KA 22 -12.68 -61.00 92.73
CA ALA KA 22 -12.87 -59.54 92.67
C ALA KA 22 -14.23 -59.13 92.08
N ILE KA 23 -14.68 -57.94 92.45
CA ILE KA 23 -16.01 -57.49 92.09
C ILE KA 23 -16.04 -56.01 91.74
N GLY KA 24 -16.88 -55.65 90.77
CA GLY KA 24 -17.08 -54.25 90.43
C GLY KA 24 -18.55 -53.94 90.22
N ILE KA 25 -19.03 -52.87 90.83
CA ILE KA 25 -20.43 -52.47 90.69
C ILE KA 25 -20.51 -50.99 90.33
N MET KA 26 -21.10 -50.69 89.17
CA MET KA 26 -21.29 -49.30 88.78
C MET KA 26 -22.64 -48.77 89.24
N ALA KA 27 -22.60 -47.84 90.20
CA ALA KA 27 -23.80 -47.12 90.61
C ALA KA 27 -24.04 -45.95 89.64
N SER KA 28 -25.13 -45.22 89.87
CA SER KA 28 -25.46 -44.09 89.00
C SER KA 28 -24.56 -42.90 89.26
N ASP KA 29 -24.04 -42.80 90.49
CA ASP KA 29 -23.19 -41.67 90.86
C ASP KA 29 -21.87 -42.08 91.54
N GLY KA 30 -21.38 -43.27 91.20
CA GLY KA 30 -20.12 -43.77 91.74
C GLY KA 30 -19.77 -45.15 91.21
N ILE KA 31 -18.58 -45.63 91.56
CA ILE KA 31 -18.15 -46.98 91.19
C ILE KA 31 -17.52 -47.68 92.39
N VAL KA 32 -17.54 -49.02 92.39
CA VAL KA 32 -17.05 -49.78 93.54
C VAL KA 32 -16.15 -50.94 93.16
N LEU KA 33 -15.01 -51.05 93.85
CA LEU KA 33 -14.11 -52.17 93.67
C LEU KA 33 -13.89 -52.93 94.98
N ALA KA 34 -13.58 -54.23 94.86
CA ALA KA 34 -13.47 -55.11 96.02
C ALA KA 34 -12.72 -56.41 95.69
N ALA KA 35 -11.96 -56.92 96.66
CA ALA KA 35 -11.24 -58.20 96.49
C ALA KA 35 -11.04 -59.01 97.78
N GLU KA 36 -10.98 -60.35 97.66
CA GLU KA 36 -10.58 -61.24 98.74
C GLU KA 36 -9.06 -61.48 98.65
N ARG KA 37 -8.39 -61.67 99.79
CA ARG KA 37 -6.92 -61.86 99.81
C ARG KA 37 -6.50 -63.33 99.87
N LYS KA 38 -5.39 -63.63 99.20
CA LYS KA 38 -4.87 -65.00 99.10
C LYS KA 38 -4.70 -65.70 100.47
N VAL KA 39 -4.52 -67.01 100.46
CA VAL KA 39 -4.38 -67.80 101.70
C VAL KA 39 -3.38 -67.19 102.69
N THR KA 40 -3.90 -66.58 103.75
CA THR KA 40 -3.08 -65.77 104.65
C THR KA 40 -2.56 -66.55 105.85
N SER KA 41 -1.29 -66.30 106.20
CA SER KA 41 -0.70 -66.81 107.43
C SER KA 41 -0.90 -65.78 108.56
N THR KA 42 -0.88 -66.24 109.82
CA THR KA 42 -1.02 -65.33 110.96
C THR KA 42 0.00 -64.20 110.91
N LEU KA 43 1.19 -64.55 110.44
CA LEU KA 43 2.36 -63.67 110.55
C LEU KA 43 2.55 -62.74 109.35
N LEU KA 44 1.81 -62.99 108.27
CA LEU KA 44 1.84 -62.10 107.11
C LEU KA 44 1.36 -60.72 107.53
N GLU KA 45 2.07 -59.69 107.09
CA GLU KA 45 1.76 -58.31 107.46
C GLU KA 45 0.58 -57.81 106.64
N GLN KA 46 -0.58 -57.74 107.29
CA GLN KA 46 -1.80 -57.32 106.61
C GLN KA 46 -1.59 -55.97 105.90
N ASP KA 47 -1.49 -54.91 106.68
CA ASP KA 47 -1.43 -53.56 106.12
C ASP KA 47 -0.06 -53.21 105.53
N THR KA 48 0.01 -53.23 104.20
CA THR KA 48 1.18 -52.80 103.45
C THR KA 48 0.89 -53.05 101.99
N SER KA 49 0.88 -54.34 101.66
CA SER KA 49 0.63 -54.82 100.31
C SER KA 49 -0.18 -53.84 99.50
N THR KA 50 -1.46 -53.73 99.84
CA THR KA 50 -2.44 -53.31 98.86
C THR KA 50 -2.01 -54.13 97.64
N GLU KA 51 -2.20 -55.45 97.78
CA GLU KA 51 -1.63 -56.45 96.88
C GLU KA 51 -2.47 -56.76 95.64
N LYS KA 52 -3.78 -56.53 95.73
CA LYS KA 52 -4.67 -56.82 94.60
C LYS KA 52 -5.58 -55.63 94.22
N LEU KA 53 -5.30 -54.46 94.78
CA LEU KA 53 -6.01 -53.23 94.41
C LEU KA 53 -5.02 -52.10 94.18
N TYR KA 54 -4.79 -51.78 92.91
CA TYR KA 54 -3.78 -50.80 92.53
C TYR KA 54 -4.34 -49.51 91.93
N LYS KA 55 -3.76 -48.38 92.30
CA LYS KA 55 -4.13 -47.12 91.69
C LYS KA 55 -3.38 -46.95 90.36
N LEU KA 56 -4.08 -46.49 89.31
CA LEU KA 56 -3.44 -46.21 88.02
C LEU KA 56 -3.22 -44.70 87.78
N ASN KA 57 -4.24 -43.93 88.06
CA ASN KA 57 -4.12 -42.47 88.10
C ASN KA 57 -5.19 -41.92 89.04
N ASP KA 58 -5.23 -40.60 89.23
CA ASP KA 58 -6.15 -40.00 90.20
C ASP KA 58 -7.62 -40.25 89.89
N LYS KA 59 -7.88 -40.84 88.73
CA LYS KA 59 -9.24 -41.01 88.22
C LYS KA 59 -9.51 -42.45 87.71
N ILE KA 60 -8.54 -43.35 87.90
CA ILE KA 60 -8.66 -44.72 87.41
C ILE KA 60 -7.98 -45.72 88.33
N ALA KA 61 -8.55 -46.92 88.44
CA ALA KA 61 -8.00 -47.94 89.33
C ALA KA 61 -8.45 -49.34 88.93
N VAL KA 62 -7.63 -50.31 89.28
CA VAL KA 62 -7.90 -51.70 88.88
C VAL KA 62 -7.94 -52.68 90.04
N ALA KA 63 -8.82 -53.66 89.91
CA ALA KA 63 -8.82 -54.81 90.78
C ALA KA 63 -8.13 -55.93 90.02
N VAL KA 64 -7.36 -56.74 90.74
CA VAL KA 64 -6.61 -57.84 90.13
C VAL KA 64 -7.08 -59.21 90.61
N ALA KA 65 -7.11 -60.17 89.68
CA ALA KA 65 -7.32 -61.59 90.00
C ALA KA 65 -6.33 -62.40 89.15
N GLY KA 66 -5.22 -62.82 89.76
CA GLY KA 66 -4.15 -63.44 89.01
C GLY KA 66 -2.82 -63.38 89.75
N LEU KA 67 -1.73 -63.71 89.03
CA LEU KA 67 -0.41 -63.72 89.65
C LEU KA 67 0.06 -62.29 89.89
N THR KA 68 0.39 -61.98 91.14
CA THR KA 68 0.78 -60.62 91.49
C THR KA 68 2.00 -60.11 90.67
N ALA KA 69 3.14 -60.79 90.78
CA ALA KA 69 4.35 -60.36 90.06
C ALA KA 69 4.13 -60.13 88.56
N ASP KA 70 3.04 -60.71 88.05
CA ASP KA 70 2.63 -60.62 86.64
C ASP KA 70 1.83 -59.36 86.32
N ALA KA 71 0.95 -58.96 87.24
CA ALA KA 71 0.15 -57.74 87.05
C ALA KA 71 0.97 -56.49 87.25
N GLU KA 72 1.94 -56.53 88.16
CA GLU KA 72 2.81 -55.39 88.42
C GLU KA 72 3.59 -54.99 87.17
N ILE KA 73 3.92 -55.98 86.36
CA ILE KA 73 4.64 -55.72 85.13
C ILE KA 73 3.74 -54.97 84.14
N LEU KA 74 2.44 -55.27 84.16
CA LEU KA 74 1.44 -54.58 83.35
C LEU KA 74 1.12 -53.18 83.89
N ILE KA 75 0.74 -53.12 85.16
CA ILE KA 75 0.35 -51.88 85.81
C ILE KA 75 1.45 -50.83 85.70
N ASN KA 76 2.69 -51.23 85.96
CA ASN KA 76 3.80 -50.33 85.80
C ASN KA 76 3.75 -49.61 84.43
N THR KA 77 3.44 -50.36 83.37
CA THR KA 77 3.40 -49.77 82.02
C THR KA 77 2.10 -49.02 81.70
N ALA KA 78 1.05 -49.27 82.49
CA ALA KA 78 -0.22 -48.58 82.30
C ALA KA 78 -0.22 -47.22 83.04
N ARG KA 79 0.48 -47.14 84.17
CA ARG KA 79 0.57 -45.90 84.95
C ARG KA 79 1.35 -44.87 84.14
N ILE KA 80 2.14 -45.40 83.21
CA ILE KA 80 2.99 -44.61 82.34
C ILE KA 80 2.23 -44.10 81.13
N HIS KA 81 1.48 -44.98 80.48
CA HIS KA 81 0.63 -44.56 79.38
C HIS KA 81 -0.22 -43.37 79.85
N ALA KA 82 -0.80 -43.50 81.05
CA ALA KA 82 -1.57 -42.41 81.64
C ALA KA 82 -0.80 -41.10 81.53
N GLN KA 83 0.41 -41.09 82.09
CA GLN KA 83 1.22 -39.88 82.16
C GLN KA 83 1.77 -39.38 80.81
N ASN KA 84 1.85 -40.26 79.82
CA ASN KA 84 2.31 -39.88 78.48
C ASN KA 84 1.21 -39.16 77.73
N TYR KA 85 -0.04 -39.55 78.01
CA TYR KA 85 -1.22 -38.91 77.42
C TYR KA 85 -1.50 -37.56 78.12
N LEU KA 86 -0.87 -37.34 79.28
CA LEU KA 86 -0.93 -36.05 79.94
C LEU KA 86 0.11 -35.12 79.32
N LYS KA 87 1.38 -35.38 79.62
CA LYS KA 87 2.49 -34.63 79.00
C LYS KA 87 2.28 -34.34 77.51
N THR KA 88 1.41 -35.11 76.86
CA THR KA 88 1.19 -34.95 75.43
C THR KA 88 0.00 -34.06 75.07
N TYR KA 89 -1.17 -34.36 75.64
CA TYR KA 89 -2.37 -33.59 75.32
C TYR KA 89 -2.84 -32.66 76.46
N ASN KA 90 -2.19 -32.74 77.62
CA ASN KA 90 -2.58 -31.93 78.77
C ASN KA 90 -4.05 -32.13 79.24
N GLU KA 91 -4.59 -33.31 78.94
CA GLU KA 91 -5.89 -33.79 79.46
C GLU KA 91 -5.69 -35.16 80.09
N ASP KA 92 -6.50 -35.49 81.09
CA ASP KA 92 -6.45 -36.81 81.75
C ASP KA 92 -6.90 -37.93 80.79
N ILE KA 93 -6.17 -39.03 80.81
CA ILE KA 93 -6.43 -40.12 79.86
C ILE KA 93 -7.82 -40.72 80.02
N PRO KA 94 -8.55 -40.89 78.90
CA PRO KA 94 -9.88 -41.48 78.81
C PRO KA 94 -9.85 -42.99 79.11
N VAL KA 95 -10.81 -43.48 79.88
CA VAL KA 95 -10.69 -44.82 80.40
C VAL KA 95 -10.55 -45.85 79.28
N GLU KA 96 -11.47 -45.85 78.32
CA GLU KA 96 -11.41 -46.87 77.26
C GLU KA 96 -10.04 -46.95 76.60
N ILE KA 97 -9.38 -45.81 76.45
CA ILE KA 97 -8.11 -45.76 75.73
C ILE KA 97 -6.99 -46.43 76.51
N LEU KA 98 -7.09 -46.34 77.84
CA LEU KA 98 -6.11 -46.96 78.71
C LEU KA 98 -6.36 -48.47 78.68
N VAL KA 99 -7.63 -48.85 78.81
CA VAL KA 99 -8.02 -50.26 78.79
C VAL KA 99 -7.55 -50.93 77.49
N ARG KA 100 -7.93 -50.36 76.35
CA ARG KA 100 -7.47 -50.88 75.08
C ARG KA 100 -5.94 -50.98 75.04
N ARG KA 101 -5.25 -49.99 75.61
CA ARG KA 101 -3.78 -49.99 75.56
C ARG KA 101 -3.21 -51.25 76.21
N LEU KA 102 -3.84 -51.72 77.27
CA LEU KA 102 -3.39 -52.94 77.94
C LEU KA 102 -3.84 -54.15 77.15
N SER KA 103 -5.16 -54.28 76.99
CA SER KA 103 -5.76 -55.37 76.23
C SER KA 103 -4.96 -55.69 74.96
N ASP KA 104 -4.28 -54.66 74.43
CA ASP KA 104 -3.48 -54.81 73.22
C ASP KA 104 -2.09 -55.41 73.50
N ILE KA 105 -1.61 -55.28 74.73
CA ILE KA 105 -0.34 -55.88 75.11
C ILE KA 105 -0.56 -57.32 75.55
N LYS KA 106 -1.75 -57.57 76.12
CA LYS KA 106 -2.17 -58.91 76.49
C LYS KA 106 -2.27 -59.76 75.24
N GLN KA 107 -3.05 -59.28 74.27
CA GLN KA 107 -3.18 -59.97 72.99
C GLN KA 107 -1.85 -59.97 72.21
N GLY KA 108 -0.86 -59.20 72.69
CA GLY KA 108 0.44 -59.18 72.06
C GLY KA 108 1.18 -60.50 72.19
N TYR KA 109 0.89 -61.25 73.26
CA TYR KA 109 1.52 -62.54 73.53
C TYR KA 109 0.60 -63.67 73.07
N THR KA 110 -0.69 -63.35 72.99
CA THR KA 110 -1.73 -64.24 72.48
C THR KA 110 -1.52 -64.49 70.96
N GLN KA 111 -0.33 -64.15 70.46
CA GLN KA 111 -0.09 -64.20 69.01
C GLN KA 111 1.39 -64.25 68.59
N HIS KA 112 2.21 -63.38 69.17
CA HIS KA 112 3.65 -63.51 68.99
C HIS KA 112 4.09 -64.66 69.90
N GLY KA 113 3.63 -65.87 69.55
CA GLY KA 113 3.65 -67.04 70.42
C GLY KA 113 5.02 -67.55 70.82
N GLY KA 114 5.97 -66.63 70.92
CA GLY KA 114 7.33 -66.90 71.37
C GLY KA 114 7.60 -66.49 72.81
N LEU KA 115 6.59 -65.95 73.49
CA LEU KA 115 6.65 -65.64 74.93
C LEU KA 115 5.30 -65.96 75.60
N ARG KA 116 5.31 -66.14 76.92
CA ARG KA 116 4.15 -66.70 77.62
C ARG KA 116 3.08 -65.68 78.08
N PRO KA 117 1.80 -65.94 77.73
CA PRO KA 117 0.62 -65.14 78.08
C PRO KA 117 0.61 -64.57 79.51
N PHE KA 118 -0.43 -63.81 79.82
CA PHE KA 118 -0.51 -63.13 81.10
C PHE KA 118 -1.45 -63.85 82.04
N GLY KA 119 -1.09 -63.93 83.32
CA GLY KA 119 -2.00 -64.41 84.34
C GLY KA 119 -3.12 -63.38 84.38
N VAL KA 120 -3.61 -63.05 85.57
CA VAL KA 120 -4.24 -61.73 85.72
C VAL KA 120 -5.48 -61.44 84.86
N SER KA 121 -6.55 -61.03 85.53
CA SER KA 121 -7.73 -60.46 84.87
C SER KA 121 -8.07 -59.18 85.60
N PHE KA 122 -8.46 -58.15 84.87
CA PHE KA 122 -8.68 -56.85 85.49
C PHE KA 122 -10.15 -56.41 85.51
N ILE KA 123 -10.53 -55.80 86.60
CA ILE KA 123 -11.68 -54.93 86.59
C ILE KA 123 -11.12 -53.53 86.70
N TYR KA 124 -11.50 -52.66 85.77
CA TYR KA 124 -11.10 -51.26 85.82
C TYR KA 124 -12.27 -50.39 86.25
N ALA KA 125 -12.03 -49.48 87.18
CA ALA KA 125 -13.05 -48.49 87.54
C ALA KA 125 -12.49 -47.09 87.32
N GLY KA 126 -13.15 -46.32 86.45
CA GLY KA 126 -12.64 -45.02 86.09
C GLY KA 126 -13.70 -43.99 85.73
N TYR KA 127 -13.31 -42.73 85.81
CA TYR KA 127 -14.16 -41.63 85.35
C TYR KA 127 -13.42 -40.73 84.37
N ASP KA 128 -14.07 -40.45 83.25
CA ASP KA 128 -13.62 -39.42 82.34
C ASP KA 128 -14.86 -38.66 81.81
N ASP KA 129 -14.69 -37.37 81.52
CA ASP KA 129 -15.83 -36.51 81.22
C ASP KA 129 -16.45 -36.75 79.84
N ARG KA 130 -16.04 -37.83 79.17
CA ARG KA 130 -16.65 -38.19 77.89
C ARG KA 130 -17.72 -39.29 78.04
N TYR KA 131 -17.41 -40.34 78.80
CA TYR KA 131 -18.37 -41.38 79.12
C TYR KA 131 -18.47 -41.56 80.63
N GLY KA 132 -19.31 -40.76 81.30
CA GLY KA 132 -19.49 -40.82 82.74
C GLY KA 132 -18.57 -41.75 83.51
N TYR KA 133 -19.14 -42.47 84.47
CA TYR KA 133 -18.37 -43.48 85.18
C TYR KA 133 -18.34 -44.75 84.32
N GLN KA 134 -17.24 -45.49 84.39
CA GLN KA 134 -17.07 -46.67 83.54
C GLN KA 134 -16.61 -47.92 84.30
N LEU KA 135 -17.04 -49.08 83.82
CA LEU KA 135 -16.57 -50.35 84.38
C LEU KA 135 -16.15 -51.29 83.25
N TYR KA 136 -14.92 -51.78 83.33
CA TYR KA 136 -14.34 -52.61 82.26
C TYR KA 136 -13.74 -53.93 82.76
N THR KA 137 -13.47 -54.83 81.81
CA THR KA 137 -12.94 -56.15 82.14
C THR KA 137 -11.85 -56.57 81.16
N SER KA 138 -10.88 -57.33 81.64
CA SER KA 138 -9.69 -57.61 80.85
C SER KA 138 -9.10 -59.00 81.08
N ASN KA 139 -9.63 -60.02 80.40
CA ASN KA 139 -9.01 -61.35 80.46
C ASN KA 139 -7.79 -61.38 79.54
N PRO KA 140 -6.88 -62.35 79.76
CA PRO KA 140 -5.65 -62.35 78.94
C PRO KA 140 -5.94 -62.74 77.50
N SER KA 141 -7.23 -62.94 77.21
CA SER KA 141 -7.71 -63.21 75.86
C SER KA 141 -7.33 -62.05 74.95
N GLY KA 142 -7.42 -60.84 75.52
CA GLY KA 142 -7.19 -59.58 74.83
C GLY KA 142 -8.47 -58.76 74.78
N ASN KA 143 -9.60 -59.36 75.15
CA ASN KA 143 -10.91 -58.70 75.05
C ASN KA 143 -11.29 -57.89 76.27
N TYR KA 144 -11.97 -56.79 76.01
CA TYR KA 144 -12.53 -56.01 77.10
C TYR KA 144 -14.02 -55.84 76.86
N THR KA 145 -14.76 -55.58 77.93
CA THR KA 145 -16.22 -55.54 77.86
C THR KA 145 -16.81 -54.56 78.87
N GLY KA 146 -17.95 -53.99 78.51
CA GLY KA 146 -18.59 -53.02 79.37
C GLY KA 146 -19.41 -53.73 80.42
N TRP KA 147 -19.45 -53.20 81.64
CA TRP KA 147 -20.18 -53.83 82.76
C TRP KA 147 -20.88 -52.87 83.73
N LYS KA 148 -22.13 -53.17 84.07
CA LYS KA 148 -22.85 -52.46 85.12
C LYS KA 148 -22.49 -53.10 86.46
N ALA KA 149 -21.88 -54.28 86.38
CA ALA KA 149 -21.52 -55.09 87.54
C ALA KA 149 -20.87 -56.39 87.09
N ILE KA 150 -19.76 -56.77 87.71
CA ILE KA 150 -18.92 -57.85 87.19
C ILE KA 150 -18.08 -58.56 88.27
N SER KA 151 -17.49 -59.69 87.89
CA SER KA 151 -16.64 -60.48 88.80
C SER KA 151 -15.62 -61.38 88.07
N VAL KA 152 -14.44 -61.55 88.68
CA VAL KA 152 -13.40 -62.43 88.15
C VAL KA 152 -12.76 -63.28 89.22
N GLY KA 153 -12.30 -64.47 88.83
CA GLY KA 153 -11.62 -65.37 89.75
C GLY KA 153 -12.48 -66.52 90.22
N ALA KA 154 -12.02 -67.17 91.30
CA ALA KA 154 -12.72 -68.33 91.86
C ALA KA 154 -14.17 -67.99 92.19
N ASN KA 155 -15.03 -69.00 92.17
CA ASN KA 155 -16.44 -68.77 92.45
C ASN KA 155 -17.00 -67.63 91.60
N THR KA 156 -16.54 -67.51 90.38
CA THR KA 156 -17.01 -66.43 89.52
C THR KA 156 -18.46 -66.66 89.10
N SER KA 157 -18.70 -67.82 88.50
CA SER KA 157 -19.99 -68.19 87.92
C SER KA 157 -21.11 -68.03 88.95
N ALA KA 158 -20.76 -68.14 90.22
CA ALA KA 158 -21.72 -68.08 91.30
C ALA KA 158 -22.17 -66.64 91.64
N ALA KA 159 -21.21 -65.73 91.83
CA ALA KA 159 -21.55 -64.34 92.22
C ALA KA 159 -22.28 -63.59 91.13
N GLN KA 160 -21.92 -63.89 89.88
CA GLN KA 160 -22.56 -63.27 88.73
C GLN KA 160 -24.07 -63.44 88.79
N THR KA 161 -24.49 -64.45 89.54
CA THR KA 161 -25.91 -64.75 89.67
C THR KA 161 -26.59 -63.90 90.74
N LEU KA 162 -25.99 -63.81 91.94
CA LEU KA 162 -26.55 -62.95 93.01
C LEU KA 162 -26.58 -61.50 92.59
N LEU KA 163 -25.56 -61.11 91.84
CA LEU KA 163 -25.38 -59.74 91.33
C LEU KA 163 -26.50 -59.38 90.40
N GLN KA 164 -26.76 -60.28 89.46
CA GLN KA 164 -27.85 -60.13 88.49
C GLN KA 164 -29.19 -59.94 89.19
N MET KA 165 -29.26 -60.43 90.43
CA MET KA 165 -30.49 -60.47 91.20
C MET KA 165 -30.80 -59.18 91.99
N ASP KA 166 -29.81 -58.71 92.73
CA ASP KA 166 -30.03 -57.57 93.64
C ASP KA 166 -29.74 -56.21 92.99
N TYR KA 167 -29.26 -56.21 91.74
CA TYR KA 167 -28.89 -54.96 91.06
C TYR KA 167 -30.07 -54.19 90.48
N LYS KA 168 -30.08 -52.88 90.73
CA LYS KA 168 -31.07 -51.96 90.16
C LYS KA 168 -30.34 -50.73 89.56
N ASP KA 169 -30.80 -50.28 88.40
CA ASP KA 169 -30.13 -49.18 87.70
C ASP KA 169 -30.11 -47.84 88.48
N ASP KA 170 -31.14 -47.62 89.29
CA ASP KA 170 -31.25 -46.36 90.04
C ASP KA 170 -30.29 -46.33 91.23
N MET KA 171 -29.59 -47.44 91.45
CA MET KA 171 -28.71 -47.64 92.59
C MET KA 171 -27.85 -46.44 92.95
N LYS KA 172 -27.75 -46.14 94.25
CA LYS KA 172 -26.83 -45.10 94.74
C LYS KA 172 -25.43 -45.71 94.88
N VAL KA 173 -24.51 -45.01 95.55
CA VAL KA 173 -23.17 -45.56 95.74
C VAL KA 173 -23.11 -46.45 96.98
N ASP KA 174 -23.68 -45.98 98.09
CA ASP KA 174 -23.74 -46.75 99.33
C ASP KA 174 -24.58 -48.03 99.19
N ASP KA 175 -25.58 -47.97 98.32
CA ASP KA 175 -26.42 -49.14 98.01
C ASP KA 175 -25.58 -50.21 97.32
N ALA KA 176 -24.58 -49.76 96.55
CA ALA KA 176 -23.71 -50.65 95.77
C ALA KA 176 -22.52 -51.15 96.59
N ILE KA 177 -22.17 -50.39 97.64
CA ILE KA 177 -21.13 -50.81 98.56
C ILE KA 177 -21.62 -52.06 99.27
N GLU KA 178 -22.91 -52.07 99.61
CA GLU KA 178 -23.52 -53.22 100.27
C GLU KA 178 -23.62 -54.39 99.31
N LEU KA 179 -24.24 -54.17 98.18
CA LEU KA 179 -24.41 -55.24 97.20
C LEU KA 179 -23.09 -56.00 96.97
N ALA KA 180 -21.97 -55.27 96.99
CA ALA KA 180 -20.65 -55.87 96.80
C ALA KA 180 -20.26 -56.78 97.96
N LEU KA 181 -20.36 -56.24 99.17
CA LEU KA 181 -20.06 -57.04 100.38
C LEU KA 181 -21.08 -58.16 100.53
N LYS KA 182 -22.36 -57.81 100.58
CA LYS KA 182 -23.47 -58.76 100.70
C LYS KA 182 -23.20 -60.01 99.86
N THR KA 183 -22.89 -59.82 98.59
CA THR KA 183 -22.69 -60.97 97.68
C THR KA 183 -21.26 -61.53 97.66
N LEU KA 184 -20.42 -61.05 98.58
CA LEU KA 184 -19.29 -61.85 99.02
C LEU KA 184 -19.71 -62.55 100.33
N SER KA 185 -21.03 -62.70 100.51
CA SER KA 185 -21.55 -63.67 101.46
C SER KA 185 -21.18 -65.03 100.87
N LYS KA 186 -21.91 -65.43 99.81
CA LYS KA 186 -21.65 -66.71 99.15
C LYS KA 186 -20.19 -66.90 98.78
N THR KA 187 -19.80 -66.27 97.69
CA THR KA 187 -18.51 -66.50 97.03
C THR KA 187 -17.28 -66.34 97.93
N THR KA 188 -17.31 -67.01 99.08
CA THR KA 188 -16.23 -66.96 100.05
C THR KA 188 -15.98 -68.36 100.56
N ASP KA 189 -14.79 -68.89 100.27
CA ASP KA 189 -14.43 -70.20 100.76
C ASP KA 189 -14.15 -70.14 102.26
N SER KA 190 -13.76 -68.97 102.75
CA SER KA 190 -13.58 -68.76 104.19
C SER KA 190 -14.93 -68.53 104.84
N SER KA 191 -15.39 -69.50 105.62
CA SER KA 191 -16.60 -69.31 106.42
C SER KA 191 -16.41 -68.07 107.33
N ALA KA 192 -17.22 -67.03 107.09
CA ALA KA 192 -17.15 -65.74 107.80
C ALA KA 192 -16.08 -64.79 107.23
N LEU KA 193 -16.54 -63.57 106.89
CA LEU KA 193 -15.70 -62.58 106.21
C LEU KA 193 -15.18 -61.51 107.17
N THR KA 194 -13.86 -61.34 107.16
CA THR KA 194 -13.19 -60.42 108.07
C THR KA 194 -12.71 -59.16 107.35
N TYR KA 195 -12.34 -58.13 108.10
CA TYR KA 195 -11.81 -56.90 107.50
C TYR KA 195 -10.41 -57.09 106.90
N ASP KA 196 -9.69 -58.11 107.38
CA ASP KA 196 -8.32 -58.37 106.95
C ASP KA 196 -8.19 -59.22 105.68
N ARG KA 197 -9.24 -59.99 105.36
CA ARG KA 197 -9.31 -60.72 104.09
C ARG KA 197 -9.78 -59.79 102.96
N LEU KA 198 -9.86 -58.48 103.24
CA LEU KA 198 -10.45 -57.53 102.29
C LEU KA 198 -9.57 -56.35 101.85
N GLU KA 199 -9.98 -55.77 100.72
CA GLU KA 199 -9.36 -54.60 100.12
C GLU KA 199 -10.47 -53.92 99.35
N PHE KA 200 -10.57 -52.60 99.46
CA PHE KA 200 -11.75 -51.93 98.94
C PHE KA 200 -11.37 -50.62 98.26
N ALA KA 201 -12.28 -50.09 97.45
CA ALA KA 201 -12.04 -48.85 96.73
C ALA KA 201 -13.31 -48.19 96.19
N THR KA 202 -13.32 -46.86 96.13
CA THR KA 202 -14.45 -46.11 95.60
C THR KA 202 -14.06 -44.91 94.74
N ILE KA 203 -14.85 -44.67 93.70
CA ILE KA 203 -14.73 -43.45 92.91
C ILE KA 203 -16.06 -42.68 92.90
N ARG KA 204 -16.19 -41.72 93.83
CA ARG KA 204 -17.47 -41.07 94.09
C ARG KA 204 -17.56 -39.69 93.46
N LYS KA 205 -18.71 -39.05 93.60
CA LYS KA 205 -18.94 -37.70 93.06
C LYS KA 205 -18.29 -36.67 93.98
N GLY KA 206 -17.14 -37.03 94.55
CA GLY KA 206 -16.38 -36.12 95.39
C GLY KA 206 -16.98 -35.98 96.78
N ALA KA 207 -16.12 -35.70 97.76
CA ALA KA 207 -16.58 -35.49 99.12
C ALA KA 207 -17.13 -34.08 99.30
N ASN KA 208 -17.32 -33.37 98.18
CA ASN KA 208 -17.69 -31.96 98.23
C ASN KA 208 -18.53 -31.48 97.03
N ASP KA 209 -17.88 -31.36 95.88
CA ASP KA 209 -18.42 -30.61 94.75
C ASP KA 209 -19.00 -31.47 93.65
N GLY KA 210 -18.90 -30.93 92.44
CA GLY KA 210 -19.11 -31.70 91.22
C GLY KA 210 -17.75 -32.06 90.68
N GLU KA 211 -17.13 -33.06 91.31
CA GLU KA 211 -15.85 -33.59 90.83
C GLU KA 211 -15.63 -35.05 91.23
N VAL KA 212 -14.37 -35.46 91.35
CA VAL KA 212 -14.08 -36.89 91.51
C VAL KA 212 -12.94 -37.27 92.47
N TYR KA 213 -13.32 -37.67 93.68
CA TYR KA 213 -12.40 -38.20 94.69
C TYR KA 213 -12.17 -39.70 94.45
N GLN KA 214 -10.95 -40.15 94.78
CA GLN KA 214 -10.66 -41.59 94.74
C GLN KA 214 -10.20 -42.04 96.12
N LYS KA 215 -10.56 -43.27 96.47
CA LYS KA 215 -10.44 -43.71 97.86
C LYS KA 215 -10.13 -45.20 98.03
N ILE KA 216 -8.86 -45.55 98.22
CA ILE KA 216 -8.53 -46.93 98.61
C ILE KA 216 -8.66 -47.02 100.12
N PHE KA 217 -9.55 -47.91 100.57
CA PHE KA 217 -9.90 -48.04 101.98
C PHE KA 217 -8.75 -48.51 102.87
N LYS KA 218 -8.52 -47.79 103.97
CA LYS KA 218 -7.60 -48.24 105.00
C LYS KA 218 -8.34 -49.28 105.83
N PRO KA 219 -7.60 -50.27 106.36
CA PRO KA 219 -8.20 -51.39 107.11
C PRO KA 219 -9.33 -50.97 108.04
N GLN KA 220 -9.09 -49.98 108.90
CA GLN KA 220 -10.12 -49.51 109.84
C GLN KA 220 -11.44 -49.12 109.16
N GLU KA 221 -11.34 -48.43 108.02
CA GLU KA 221 -12.52 -47.97 107.30
C GLU KA 221 -13.36 -49.13 106.76
N ILE KA 222 -12.71 -50.27 106.55
CA ILE KA 222 -13.40 -51.49 106.13
C ILE KA 222 -14.19 -52.12 107.29
N LYS KA 223 -13.50 -52.35 108.42
CA LYS KA 223 -14.15 -52.88 109.63
C LYS KA 223 -15.30 -51.97 110.07
N ASP KA 224 -15.35 -50.77 109.49
CA ASP KA 224 -16.41 -49.80 109.77
C ASP KA 224 -17.64 -50.01 108.87
N ILE KA 225 -17.40 -50.30 107.60
CA ILE KA 225 -18.50 -50.53 106.65
C ILE KA 225 -18.92 -52.01 106.70
N LEU KA 226 -18.01 -52.87 107.14
CA LEU KA 226 -18.33 -54.26 107.44
C LEU KA 226 -19.36 -54.26 108.56
N VAL KA 227 -19.24 -53.26 109.43
CA VAL KA 227 -20.15 -53.05 110.56
C VAL KA 227 -21.61 -52.96 110.13
N LYS KA 228 -21.86 -52.41 108.93
CA LYS KA 228 -23.22 -52.25 108.42
C LYS KA 228 -24.00 -53.56 108.34
N THR KA 229 -23.31 -54.68 108.15
CA THR KA 229 -23.91 -56.01 108.35
C THR KA 229 -22.90 -57.13 108.54
N GLY KA 230 -22.16 -57.45 107.46
CA GLY KA 230 -21.17 -58.53 107.44
C GLY KA 230 -20.87 -59.05 108.83
N ILE KA 231 -19.86 -58.48 109.49
CA ILE KA 231 -19.56 -58.81 110.90
C ILE KA 231 -19.55 -57.55 111.77
N THR KA 232 -19.81 -57.73 113.08
CA THR KA 232 -20.08 -56.61 113.98
C THR KA 232 -19.44 -56.72 115.38
N ILE LA 1 4.05 -77.32 57.49
CA ILE LA 1 3.53 -76.10 58.13
C ILE LA 1 2.04 -75.93 57.80
N PHE LA 2 1.18 -76.24 58.77
CA PHE LA 2 -0.28 -76.31 58.55
C PHE LA 2 -1.12 -75.34 59.41
N GLN LA 3 -0.52 -74.68 60.42
CA GLN LA 3 -1.28 -73.87 61.40
C GLN LA 3 -2.30 -72.91 60.79
N VAL LA 4 -2.14 -72.60 59.51
CA VAL LA 4 -3.09 -71.70 58.81
C VAL LA 4 -4.54 -72.15 58.96
N GLU LA 5 -4.80 -73.39 58.58
CA GLU LA 5 -6.15 -73.94 58.56
C GLU LA 5 -6.82 -73.90 59.93
N TYR LA 6 -6.03 -74.05 60.99
CA TYR LA 6 -6.57 -74.03 62.35
C TYR LA 6 -7.18 -72.67 62.69
N ALA LA 7 -6.45 -71.60 62.38
CA ALA LA 7 -6.93 -70.24 62.63
C ALA LA 7 -8.22 -69.98 61.86
N LEU LA 8 -8.22 -70.39 60.59
CA LEU LA 8 -9.39 -70.29 59.72
C LEU LA 8 -10.61 -70.96 60.38
N GLU LA 9 -10.34 -71.79 61.38
CA GLU LA 9 -11.39 -72.43 62.17
C GLU LA 9 -12.04 -71.44 63.12
N ALA LA 10 -11.21 -70.63 63.78
CA ALA LA 10 -11.68 -69.62 64.73
C ALA LA 10 -12.59 -68.59 64.06
N VAL LA 11 -12.26 -68.26 62.81
CA VAL LA 11 -13.16 -67.51 61.95
C VAL LA 11 -14.57 -68.05 62.12
N LYS LA 12 -14.77 -69.29 61.69
CA LYS LA 12 -16.04 -70.00 61.79
C LYS LA 12 -16.82 -69.66 63.08
N ARG LA 13 -16.18 -69.86 64.23
CA ARG LA 13 -16.85 -69.79 65.53
C ARG LA 13 -17.30 -68.38 65.97
N GLY LA 14 -16.79 -67.34 65.30
CA GLY LA 14 -17.01 -65.97 65.74
C GLY LA 14 -18.22 -65.20 65.24
N THR LA 15 -18.49 -64.07 65.90
CA THR LA 15 -19.55 -63.14 65.52
C THR LA 15 -19.82 -63.19 64.01
N CYS LA 16 -21.05 -63.54 63.60
CA CYS LA 16 -21.30 -63.65 62.16
C CYS LA 16 -21.32 -62.32 61.41
N ALA LA 17 -20.65 -62.29 60.24
CA ALA LA 17 -20.44 -61.07 59.46
C ALA LA 17 -20.86 -61.17 58.00
N VAL LA 18 -21.56 -60.14 57.51
CA VAL LA 18 -22.05 -60.10 56.13
C VAL LA 18 -21.85 -58.75 55.45
N GLY LA 19 -22.13 -58.69 54.15
CA GLY LA 19 -21.99 -57.47 53.35
C GLY LA 19 -22.68 -57.58 51.99
N VAL LA 20 -23.16 -56.45 51.46
CA VAL LA 20 -23.97 -56.46 50.24
C VAL LA 20 -23.85 -55.21 49.37
N LYS LA 21 -23.32 -55.38 48.16
CA LYS LA 21 -23.20 -54.29 47.18
C LYS LA 21 -24.57 -53.85 46.66
N GLY LA 22 -24.64 -52.64 46.10
CA GLY LA 22 -25.88 -52.11 45.56
C GLY LA 22 -25.65 -51.30 44.30
N LYS LA 23 -26.71 -50.74 43.71
CA LYS LA 23 -26.58 -49.99 42.46
C LYS LA 23 -25.71 -48.75 42.67
N ASN LA 24 -25.83 -48.16 43.85
CA ASN LA 24 -24.90 -47.13 44.31
C ASN LA 24 -25.00 -46.92 45.82
N CYS LA 25 -24.50 -47.90 46.57
CA CYS LA 25 -24.49 -47.88 48.02
C CYS LA 25 -23.93 -49.23 48.48
N VAL LA 26 -23.51 -49.32 49.73
CA VAL LA 26 -22.98 -50.58 50.25
C VAL LA 26 -23.36 -50.74 51.72
N VAL LA 27 -23.43 -51.98 52.19
CA VAL LA 27 -23.88 -52.29 53.56
C VAL LA 27 -23.08 -53.42 54.21
N LEU LA 28 -22.85 -53.32 55.51
CA LEU LA 28 -22.32 -54.46 56.26
C LEU LA 28 -23.33 -54.95 57.30
N GLY LA 29 -22.92 -55.86 58.18
CA GLY LA 29 -23.78 -56.33 59.25
C GLY LA 29 -23.11 -57.46 60.01
N CYS LA 30 -23.26 -57.49 61.34
CA CYS LA 30 -22.60 -58.51 62.16
C CYS LA 30 -22.68 -58.23 63.65
N GLU LA 31 -22.68 -59.30 64.45
CA GLU LA 31 -22.47 -59.21 65.92
C GLU LA 31 -22.94 -60.46 66.68
N ARG LA 32 -23.03 -60.31 68.01
CA ARG LA 32 -23.29 -61.41 68.94
C ARG LA 32 -24.32 -61.10 70.04
N ARG LA 33 -24.24 -61.87 71.12
CA ARG LA 33 -25.33 -62.07 72.11
C ARG LA 33 -25.85 -60.87 72.90
N SER LA 34 -26.78 -60.13 72.29
CA SER LA 34 -27.49 -59.01 72.93
C SER LA 34 -26.71 -58.38 74.08
N THR LA 35 -26.96 -58.90 75.28
CA THR LA 35 -26.35 -58.41 76.49
C THR LA 35 -26.48 -59.51 77.52
N LEU LA 36 -25.38 -59.85 78.19
CA LEU LA 36 -25.46 -60.83 79.26
C LEU LA 36 -26.08 -60.18 80.50
N LYS LA 37 -27.31 -59.69 80.34
CA LYS LA 37 -28.06 -59.00 81.40
C LYS LA 37 -27.35 -57.78 81.94
N LEU LA 38 -26.17 -58.02 82.50
CA LEU LA 38 -25.50 -57.04 83.32
C LEU LA 38 -24.37 -56.26 82.64
N GLN LA 39 -24.21 -56.40 81.32
CA GLN LA 39 -23.13 -55.66 80.65
C GLN LA 39 -23.54 -54.27 80.15
N ASP LA 40 -22.53 -53.39 80.07
CA ASP LA 40 -22.70 -52.00 79.66
C ASP LA 40 -23.00 -51.96 78.17
N THR LA 41 -24.16 -51.39 77.88
CA THR LA 41 -24.73 -51.38 76.55
C THR LA 41 -24.05 -50.35 75.66
N ARG LA 42 -23.76 -49.18 76.23
CA ARG LA 42 -23.40 -48.01 75.43
C ARG LA 42 -21.90 -47.78 75.15
N ILE LA 43 -21.03 -48.74 75.46
CA ILE LA 43 -19.59 -48.48 75.34
C ILE LA 43 -18.69 -49.45 74.54
N THR LA 44 -19.28 -50.50 73.95
CA THR LA 44 -18.56 -51.27 72.93
C THR LA 44 -19.42 -51.62 71.69
N PRO LA 45 -20.49 -50.86 71.41
CA PRO LA 45 -21.16 -51.11 70.11
C PRO LA 45 -20.29 -50.75 68.89
N SER LA 46 -19.09 -51.36 68.81
CA SER LA 46 -18.13 -51.14 67.73
C SER LA 46 -18.10 -52.27 66.71
N LYS LA 47 -19.27 -52.61 66.17
CA LYS LA 47 -19.41 -53.75 65.27
C LYS LA 47 -18.55 -53.54 64.04
N VAL LA 48 -18.98 -52.60 63.21
CA VAL LA 48 -18.25 -52.23 62.02
C VAL LA 48 -17.31 -51.10 62.38
N SER LA 49 -16.10 -51.15 61.86
CA SER LA 49 -15.07 -50.16 62.19
C SER LA 49 -14.72 -49.23 61.02
N LYS LA 50 -14.75 -47.92 61.30
CA LYS LA 50 -14.43 -46.88 60.32
C LYS LA 50 -12.92 -46.87 60.11
N ILE LA 51 -12.48 -46.89 58.85
CA ILE LA 51 -11.04 -46.87 58.53
C ILE LA 51 -10.57 -45.50 58.05
N ASP LA 52 -11.29 -44.93 57.10
CA ASP LA 52 -11.11 -43.54 56.68
C ASP LA 52 -12.51 -42.92 56.65
N SER LA 53 -12.64 -41.74 56.06
CA SER LA 53 -13.95 -41.08 56.01
C SER LA 53 -14.89 -41.78 55.05
N HIS LA 54 -14.34 -42.70 54.25
CA HIS LA 54 -15.06 -43.35 53.14
C HIS LA 54 -14.92 -44.87 53.08
N VAL LA 55 -14.28 -45.46 54.10
CA VAL LA 55 -13.97 -46.88 54.09
C VAL LA 55 -14.20 -47.55 55.45
N VAL LA 56 -14.92 -48.66 55.42
CA VAL LA 56 -15.33 -49.39 56.63
C VAL LA 56 -14.90 -50.87 56.60
N LEU LA 57 -15.07 -51.55 57.72
CA LEU LA 57 -14.54 -52.89 57.84
C LEU LA 57 -15.13 -53.69 59.01
N SER LA 58 -15.79 -54.80 58.69
CA SER LA 58 -16.28 -55.72 59.70
C SER LA 58 -15.48 -57.02 59.62
N PHE LA 59 -15.64 -57.86 60.64
CA PHE LA 59 -14.83 -59.08 60.76
C PHE LA 59 -15.57 -60.20 61.49
N SER LA 60 -15.22 -61.43 61.15
CA SER LA 60 -15.68 -62.58 61.91
C SER LA 60 -14.45 -63.19 62.56
N GLY LA 61 -14.49 -63.33 63.88
CA GLY LA 61 -13.38 -63.98 64.56
C GLY LA 61 -13.14 -63.48 65.96
N LEU LA 62 -11.90 -63.66 66.40
CA LEU LA 62 -11.42 -63.20 67.69
C LEU LA 62 -11.49 -61.68 67.76
N ASN LA 63 -12.39 -61.18 68.59
CA ASN LA 63 -12.58 -59.74 68.73
C ASN LA 63 -11.27 -59.07 69.17
N ALA LA 64 -10.48 -59.76 69.99
CA ALA LA 64 -9.25 -59.18 70.51
C ALA LA 64 -8.13 -59.14 69.48
N ASP LA 65 -8.41 -59.69 68.30
CA ASP LA 65 -7.39 -59.86 67.28
C ASP LA 65 -7.63 -58.86 66.18
N SER LA 66 -8.90 -58.51 66.01
CA SER LA 66 -9.29 -57.56 65.00
C SER LA 66 -8.60 -56.24 65.25
N ARG LA 67 -8.69 -55.76 66.49
CA ARG LA 67 -8.18 -54.44 66.82
C ARG LA 67 -6.79 -54.17 66.26
N ILE LA 68 -5.93 -55.19 66.24
CA ILE LA 68 -4.56 -55.00 65.78
C ILE LA 68 -4.52 -54.77 64.27
N LEU LA 69 -5.56 -55.23 63.59
CA LEU LA 69 -5.71 -54.97 62.17
C LEU LA 69 -6.39 -53.62 61.95
N ILE LA 70 -7.54 -53.43 62.57
CA ILE LA 70 -8.31 -52.21 62.45
C ILE LA 70 -7.48 -50.96 62.82
N GLU LA 71 -6.27 -51.18 63.32
CA GLU LA 71 -5.37 -50.07 63.57
C GLU LA 71 -4.31 -49.98 62.48
N LYS LA 72 -3.53 -51.04 62.31
CA LYS LA 72 -2.48 -51.04 61.31
C LYS LA 72 -3.02 -50.51 60.00
N ALA LA 73 -4.33 -50.66 59.83
CA ALA LA 73 -5.04 -50.21 58.63
C ALA LA 73 -5.46 -48.75 58.70
N ARG LA 74 -6.12 -48.37 59.81
CA ARG LA 74 -6.52 -46.99 60.05
C ARG LA 74 -5.32 -46.06 59.90
N VAL LA 75 -4.13 -46.63 60.10
CA VAL LA 75 -2.87 -45.89 60.05
C VAL LA 75 -2.33 -45.77 58.64
N GLU LA 76 -2.13 -46.89 57.96
CA GLU LA 76 -1.70 -46.85 56.57
C GLU LA 76 -2.69 -46.03 55.74
N ALA LA 77 -3.91 -45.86 56.27
CA ALA LA 77 -4.93 -45.10 55.58
C ALA LA 77 -4.53 -43.64 55.54
N GLN LA 78 -3.95 -43.19 56.66
CA GLN LA 78 -3.45 -41.82 56.81
C GLN LA 78 -2.07 -41.70 56.18
N SER LA 79 -1.17 -42.63 56.52
CA SER LA 79 0.17 -42.63 55.94
C SER LA 79 0.18 -42.81 54.42
N HIS LA 80 -1.00 -42.98 53.81
CA HIS LA 80 -1.12 -42.92 52.35
C HIS LA 80 -1.54 -41.50 51.94
N ARG LA 81 -2.51 -40.93 52.67
CA ARG LA 81 -2.95 -39.55 52.45
C ARG LA 81 -1.80 -38.58 52.62
N LEU LA 82 -0.79 -39.04 53.33
CA LEU LA 82 0.27 -38.16 53.82
C LEU LA 82 1.46 -38.14 52.90
N THR LA 83 1.73 -39.29 52.28
CA THR LA 83 2.93 -39.48 51.47
C THR LA 83 2.57 -39.54 49.98
N LEU LA 84 1.29 -39.38 49.68
CA LEU LA 84 0.77 -39.46 48.32
C LEU LA 84 -0.41 -38.52 48.14
N GLU LA 85 -0.85 -37.89 49.23
CA GLU LA 85 -2.03 -37.01 49.22
C GLU LA 85 -3.11 -37.56 48.30
N ASP LA 86 -3.83 -38.58 48.79
CA ASP LA 86 -4.84 -39.30 48.00
C ASP LA 86 -5.41 -40.43 48.87
N PRO LA 87 -6.67 -40.30 49.29
CA PRO LA 87 -7.24 -41.36 50.12
C PRO LA 87 -6.96 -42.72 49.53
N VAL LA 88 -6.76 -43.70 50.39
CA VAL LA 88 -6.50 -45.06 49.94
C VAL LA 88 -7.67 -45.56 49.10
N THR LA 89 -7.38 -46.34 48.06
CA THR LA 89 -8.44 -46.96 47.27
C THR LA 89 -8.89 -48.25 47.95
N VAL LA 90 -10.18 -48.57 47.88
CA VAL LA 90 -10.69 -49.72 48.63
C VAL LA 90 -9.96 -51.01 48.31
N GLU LA 91 -9.53 -51.20 47.07
CA GLU LA 91 -8.71 -52.35 46.74
C GLU LA 91 -7.37 -52.31 47.47
N TYR LA 92 -6.75 -51.13 47.54
CA TYR LA 92 -5.44 -51.00 48.16
C TYR LA 92 -5.49 -51.15 49.68
N LEU LA 93 -6.48 -50.53 50.33
CA LEU LA 93 -6.64 -50.69 51.76
C LEU LA 93 -6.77 -52.18 52.03
N THR LA 94 -7.57 -52.85 51.19
CA THR LA 94 -7.80 -54.30 51.26
C THR LA 94 -6.53 -55.11 51.02
N ARG LA 95 -5.84 -54.86 49.90
CA ARG LA 95 -4.58 -55.54 49.62
C ARG LA 95 -3.52 -55.33 50.71
N TYR LA 96 -3.54 -54.18 51.39
CA TYR LA 96 -2.62 -53.95 52.49
C TYR LA 96 -2.97 -54.77 53.72
N VAL LA 97 -4.26 -54.84 54.05
CA VAL LA 97 -4.72 -55.64 55.17
C VAL LA 97 -4.42 -57.12 54.95
N ALA LA 98 -4.83 -57.64 53.80
CA ALA LA 98 -4.62 -59.05 53.46
C ALA LA 98 -3.13 -59.37 53.43
N GLY LA 99 -2.36 -58.46 52.84
CA GLY LA 99 -0.92 -58.62 52.74
C GLY LA 99 -0.21 -58.67 54.07
N VAL LA 100 -0.89 -58.20 55.11
CA VAL LA 100 -0.34 -58.26 56.45
C VAL LA 100 -0.61 -59.62 57.13
N GLN LA 101 -1.82 -60.15 56.98
CA GLN LA 101 -2.15 -61.46 57.53
C GLN LA 101 -1.24 -62.53 56.91
N GLN LA 102 -0.82 -62.25 55.68
CA GLN LA 102 0.05 -63.11 54.88
C GLN LA 102 1.47 -63.13 55.45
N ARG LA 103 1.98 -61.96 55.82
CA ARG LA 103 3.32 -61.83 56.38
C ARG LA 103 3.34 -62.32 57.83
N TYR LA 104 2.17 -62.70 58.34
CA TYR LA 104 2.06 -63.33 59.66
C TYR LA 104 1.97 -64.86 59.51
N THR LA 105 2.89 -65.39 58.72
CA THR LA 105 3.07 -66.82 58.55
C THR LA 105 4.52 -67.03 58.12
N GLN LA 106 4.84 -66.53 56.92
CA GLN LA 106 6.06 -66.88 56.20
C GLN LA 106 7.39 -66.25 56.67
N SER LA 107 7.36 -65.45 57.73
CA SER LA 107 8.62 -64.97 58.28
C SER LA 107 8.67 -65.06 59.80
N GLY LA 108 9.88 -65.23 60.34
CA GLY LA 108 10.08 -65.38 61.77
C GLY LA 108 9.45 -66.64 62.31
N GLY LA 109 8.30 -67.00 61.74
CA GLY LA 109 7.52 -68.13 62.22
C GLY LA 109 6.66 -67.69 63.39
N VAL LA 110 5.64 -66.90 63.09
CA VAL LA 110 4.72 -66.42 64.12
C VAL LA 110 3.28 -66.75 63.73
N ARG LA 111 2.36 -66.68 64.69
CA ARG LA 111 0.98 -67.12 64.45
C ARG LA 111 0.17 -66.17 63.57
N PRO LA 112 -0.72 -66.72 62.71
CA PRO LA 112 -1.58 -66.00 61.78
C PRO LA 112 -2.86 -65.52 62.46
N PHE LA 113 -3.63 -64.68 61.78
CA PHE LA 113 -4.75 -63.99 62.42
C PHE LA 113 -6.04 -64.80 62.48
N GLY LA 114 -6.77 -64.65 63.58
CA GLY LA 114 -8.03 -65.36 63.76
C GLY LA 114 -9.24 -64.59 63.25
N VAL LA 115 -9.07 -63.91 62.12
CA VAL LA 115 -10.11 -63.07 61.56
C VAL LA 115 -10.20 -63.24 60.06
N SER LA 116 -11.43 -63.28 59.56
CA SER LA 116 -11.71 -62.93 58.17
C SER LA 116 -12.32 -61.55 58.28
N THR LA 117 -12.12 -60.72 57.26
CA THR LA 117 -12.68 -59.39 57.30
C THR LA 117 -13.39 -59.08 56.00
N LEU LA 118 -14.38 -58.19 56.11
CA LEU LA 118 -15.04 -57.63 54.94
C LEU LA 118 -14.77 -56.14 54.94
N ILE LA 119 -14.49 -55.62 53.76
CA ILE LA 119 -14.04 -54.23 53.60
C ILE LA 119 -14.80 -53.54 52.48
N ALA LA 120 -15.53 -52.48 52.82
CA ALA LA 120 -16.41 -51.84 51.85
C ALA LA 120 -16.16 -50.34 51.71
N GLY LA 121 -16.85 -49.73 50.75
CA GLY LA 121 -16.74 -48.30 50.53
C GLY LA 121 -16.50 -47.93 49.08
N PHE LA 122 -16.51 -46.62 48.82
CA PHE LA 122 -16.30 -46.08 47.48
C PHE LA 122 -14.92 -45.44 47.38
N ASP LA 123 -14.16 -45.80 46.33
CA ASP LA 123 -12.92 -45.11 46.02
C ASP LA 123 -13.16 -43.58 46.03
N PRO LA 124 -12.08 -42.79 46.04
CA PRO LA 124 -12.29 -41.34 46.05
C PRO LA 124 -12.77 -40.83 44.68
N ARG LA 125 -13.81 -39.99 44.69
CA ARG LA 125 -14.46 -39.48 43.48
C ARG LA 125 -15.33 -40.53 42.77
N ASP LA 126 -14.69 -41.50 42.11
CA ASP LA 126 -15.40 -42.64 41.53
C ASP LA 126 -16.60 -43.02 42.42
N ASP LA 127 -17.72 -43.37 41.79
CA ASP LA 127 -18.93 -43.71 42.55
C ASP LA 127 -19.35 -45.17 42.36
N GLU LA 128 -18.39 -46.02 42.00
CA GLU LA 128 -18.66 -47.44 41.82
C GLU LA 128 -18.34 -48.22 43.09
N PRO LA 129 -19.40 -48.79 43.72
CA PRO LA 129 -19.32 -49.55 44.97
C PRO LA 129 -18.25 -50.62 44.91
N LYS LA 130 -17.57 -50.84 46.02
CA LYS LA 130 -16.54 -51.86 46.10
C LYS LA 130 -16.75 -52.69 47.36
N LEU LA 131 -16.65 -54.02 47.23
CA LEU LA 131 -16.73 -54.92 48.37
C LEU LA 131 -15.70 -56.04 48.26
N TYR LA 132 -14.94 -56.26 49.33
CA TYR LA 132 -13.85 -57.25 49.36
C TYR LA 132 -13.91 -58.12 50.62
N GLN LA 133 -13.15 -59.21 50.62
CA GLN LA 133 -13.08 -60.12 51.78
C GLN LA 133 -11.65 -60.65 51.94
N THR LA 134 -11.18 -60.67 53.18
CA THR LA 134 -9.86 -61.22 53.46
C THR LA 134 -9.96 -62.39 54.41
N GLU LA 135 -8.94 -63.24 54.38
CA GLU LA 135 -8.87 -64.40 55.25
C GLU LA 135 -7.42 -64.70 55.60
N PRO LA 136 -7.22 -65.29 56.79
CA PRO LA 136 -5.94 -65.49 57.48
C PRO LA 136 -4.78 -65.93 56.57
N SER LA 137 -5.12 -66.47 55.40
CA SER LA 137 -4.13 -66.91 54.44
C SER LA 137 -3.36 -65.72 53.85
N GLY LA 138 -4.11 -64.79 53.28
CA GLY LA 138 -3.53 -63.63 52.60
C GLY LA 138 -4.28 -63.36 51.31
N ILE LA 139 -5.45 -64.00 51.20
CA ILE LA 139 -6.28 -63.95 49.99
C ILE LA 139 -7.31 -62.83 50.03
N TYR LA 140 -7.32 -62.01 49.00
CA TYR LA 140 -8.37 -61.02 48.88
C TYR LA 140 -9.21 -61.31 47.65
N SER LA 141 -10.52 -61.17 47.81
CA SER LA 141 -11.47 -61.43 46.73
C SER LA 141 -12.53 -60.34 46.70
N SER LA 142 -13.00 -59.99 45.51
CA SER LA 142 -14.10 -59.03 45.39
C SER LA 142 -15.41 -59.80 45.28
N TRP LA 143 -16.43 -59.29 45.95
CA TRP LA 143 -17.73 -59.94 45.94
C TRP LA 143 -18.86 -58.96 45.64
N SER LA 144 -19.84 -59.41 44.84
CA SER LA 144 -21.08 -58.66 44.66
C SER LA 144 -21.83 -58.70 45.99
N ALA LA 145 -21.50 -59.72 46.79
CA ALA LA 145 -21.99 -59.85 48.16
C ALA LA 145 -21.43 -61.13 48.76
N GLN LA 146 -21.36 -61.20 50.09
CA GLN LA 146 -20.71 -62.32 50.78
C GLN LA 146 -20.99 -62.35 52.29
N THR LA 147 -20.67 -63.48 52.93
CA THR LA 147 -20.65 -63.56 54.40
C THR LA 147 -19.52 -64.48 54.83
N ILE LA 148 -18.93 -64.18 55.98
CA ILE LA 148 -17.99 -65.10 56.62
C ILE LA 148 -18.25 -65.09 58.12
N GLY LA 149 -18.02 -66.21 58.79
CA GLY LA 149 -18.31 -66.31 60.22
C GLY LA 149 -19.01 -67.58 60.67
N ARG LA 150 -19.94 -67.45 61.62
CA ARG LA 150 -20.62 -68.62 62.17
C ARG LA 150 -22.00 -68.85 61.55
N ASN LA 151 -22.22 -70.07 61.07
CA ASN LA 151 -23.35 -70.38 60.22
C ASN LA 151 -23.31 -69.46 58.99
N SER LA 152 -22.10 -69.17 58.52
CA SER LA 152 -21.91 -68.29 57.37
C SER LA 152 -22.33 -68.99 56.09
N LYS LA 153 -22.28 -70.32 56.12
CA LYS LA 153 -22.61 -71.13 54.96
C LYS LA 153 -24.12 -71.05 54.65
N THR LA 154 -24.93 -70.96 55.70
CA THR LA 154 -26.39 -70.83 55.54
C THR LA 154 -26.72 -69.56 54.79
N VAL LA 155 -25.91 -68.55 55.05
CA VAL LA 155 -26.16 -67.21 54.55
C VAL LA 155 -25.65 -67.08 53.11
N ARG LA 156 -24.44 -67.59 52.86
CA ARG LA 156 -23.86 -67.54 51.52
C ARG LA 156 -24.79 -68.28 50.54
N GLU LA 157 -25.47 -69.31 51.06
CA GLU LA 157 -26.46 -70.06 50.28
C GLU LA 157 -27.70 -69.22 50.03
N PHE LA 158 -28.20 -68.61 51.11
CA PHE LA 158 -29.35 -67.71 51.01
C PHE LA 158 -29.09 -66.65 49.95
N LEU LA 159 -27.98 -65.93 50.11
CA LEU LA 159 -27.64 -64.80 49.27
C LEU LA 159 -27.53 -65.14 47.79
N GLU LA 160 -26.81 -66.23 47.49
CA GLU LA 160 -26.62 -66.66 46.10
C GLU LA 160 -27.95 -66.74 45.37
N LYS LA 161 -28.96 -67.27 46.07
CA LYS LA 161 -30.28 -67.44 45.49
C LYS LA 161 -31.20 -66.22 45.71
N ASN LA 162 -30.63 -65.08 46.11
CA ASN LA 162 -31.43 -63.87 46.38
C ASN LA 162 -30.85 -62.58 45.78
N TYR LA 163 -29.59 -62.64 45.37
CA TYR LA 163 -28.94 -61.54 44.66
C TYR LA 163 -28.81 -61.94 43.20
N ASP LA 164 -29.04 -61.01 42.29
CA ASP LA 164 -28.62 -61.20 40.90
C ASP LA 164 -27.96 -59.93 40.33
N ARG LA 165 -26.92 -60.14 39.52
CA ARG LA 165 -26.19 -59.02 38.95
C ARG LA 165 -27.06 -58.22 37.98
N LYS LA 166 -27.91 -58.92 37.23
CA LYS LA 166 -28.80 -58.26 36.27
C LYS LA 166 -29.50 -57.05 36.91
N GLU LA 167 -30.11 -57.27 38.07
CA GLU LA 167 -30.74 -56.18 38.83
C GLU LA 167 -30.26 -56.09 40.28
N PRO LA 168 -29.29 -55.20 40.54
CA PRO LA 168 -28.80 -54.98 41.91
C PRO LA 168 -29.73 -54.02 42.66
N PRO LA 169 -29.97 -54.28 43.95
CA PRO LA 169 -30.76 -53.42 44.83
C PRO LA 169 -30.42 -51.92 44.67
N ALA LA 170 -31.13 -51.23 43.78
CA ALA LA 170 -30.83 -49.84 43.45
C ALA LA 170 -31.13 -48.88 44.60
N THR LA 171 -32.33 -49.00 45.17
CA THR LA 171 -32.75 -48.11 46.26
C THR LA 171 -31.81 -48.23 47.43
N VAL LA 172 -31.45 -47.07 48.01
CA VAL LA 172 -30.74 -47.05 49.26
C VAL LA 172 -31.51 -47.94 50.25
N GLU LA 173 -32.76 -47.55 50.54
CA GLU LA 173 -33.59 -48.25 51.52
C GLU LA 173 -33.62 -49.77 51.34
N GLU LA 174 -33.90 -50.22 50.11
CA GLU LA 174 -34.12 -51.64 49.83
C GLU LA 174 -32.83 -52.48 49.91
N CYS LA 175 -31.68 -51.84 49.76
CA CYS LA 175 -30.41 -52.55 49.82
C CYS LA 175 -30.18 -53.06 51.25
N VAL LA 176 -30.72 -52.34 52.22
CA VAL LA 176 -30.68 -52.80 53.60
C VAL LA 176 -31.77 -53.84 53.81
N LYS LA 177 -32.95 -53.58 53.23
CA LYS LA 177 -34.08 -54.49 53.30
C LYS LA 177 -33.60 -55.93 53.22
N LEU LA 178 -32.63 -56.14 52.33
CA LEU LA 178 -32.10 -57.48 52.04
C LEU LA 178 -31.09 -57.98 53.07
N THR LA 179 -30.17 -57.12 53.47
CA THR LA 179 -29.10 -57.52 54.38
C THR LA 179 -29.64 -58.00 55.72
N VAL LA 180 -30.80 -57.48 56.10
CA VAL LA 180 -31.45 -57.88 57.34
C VAL LA 180 -31.90 -59.32 57.22
N ARG LA 181 -32.82 -59.58 56.29
CA ARG LA 181 -33.35 -60.91 56.07
C ARG LA 181 -32.27 -61.98 56.19
N SER LA 182 -31.10 -61.68 55.65
CA SER LA 182 -30.02 -62.66 55.51
C SER LA 182 -29.27 -62.99 56.80
N LEU LA 183 -29.47 -62.17 57.84
CA LEU LA 183 -28.87 -62.47 59.15
C LEU LA 183 -29.92 -63.03 60.13
N LEU LA 184 -31.19 -62.71 59.89
CA LEU LA 184 -32.29 -63.25 60.68
C LEU LA 184 -32.30 -64.77 60.65
N GLU LA 185 -31.68 -65.33 59.61
CA GLU LA 185 -31.59 -66.78 59.44
C GLU LA 185 -30.69 -67.42 60.49
N VAL LA 186 -29.62 -66.73 60.86
CA VAL LA 186 -28.58 -67.32 61.70
C VAL LA 186 -28.51 -66.74 63.12
N VAL LA 187 -29.16 -65.60 63.36
CA VAL LA 187 -29.09 -64.90 64.66
C VAL LA 187 -29.43 -65.79 65.86
N GLN LA 188 -30.16 -65.23 66.84
CA GLN LA 188 -30.54 -65.97 68.04
C GLN LA 188 -31.49 -65.15 68.92
N THR LA 189 -32.21 -64.22 68.29
CA THR LA 189 -33.23 -63.42 68.97
C THR LA 189 -33.90 -62.47 67.96
N GLY LA 190 -33.09 -61.80 67.15
CA GLY LA 190 -33.59 -60.85 66.17
C GLY LA 190 -32.84 -59.54 66.20
N ALA LA 191 -33.57 -58.44 66.04
CA ALA LA 191 -33.00 -57.09 65.94
C ALA LA 191 -31.98 -56.77 67.04
N LYS LA 192 -32.23 -57.30 68.23
CA LYS LA 192 -31.37 -57.08 69.39
C LYS LA 192 -30.04 -57.83 69.26
N ASN LA 193 -29.87 -58.57 68.16
CA ASN LA 193 -28.70 -59.45 68.00
C ASN LA 193 -27.60 -58.89 67.11
N ILE LA 194 -27.95 -58.46 65.89
CA ILE LA 194 -26.94 -57.91 64.99
C ILE LA 194 -27.39 -56.59 64.32
N GLU LA 195 -26.44 -55.65 64.24
CA GLU LA 195 -26.70 -54.29 63.73
C GLU LA 195 -25.93 -54.02 62.44
N ILE LA 196 -26.07 -52.81 61.89
CA ILE LA 196 -25.51 -52.51 60.57
C ILE LA 196 -25.02 -51.07 60.37
N THR LA 197 -24.12 -50.89 59.39
CA THR LA 197 -23.59 -49.59 58.98
C THR LA 197 -23.86 -49.44 57.48
N VAL LA 198 -23.82 -48.20 56.96
CA VAL LA 198 -24.15 -47.93 55.55
C VAL LA 198 -23.36 -46.77 54.92
N VAL LA 199 -22.58 -47.09 53.88
CA VAL LA 199 -21.76 -46.08 53.21
C VAL LA 199 -22.20 -45.77 51.78
N LYS LA 200 -22.38 -44.47 51.51
CA LYS LA 200 -22.82 -43.98 50.22
C LYS LA 200 -21.73 -43.07 49.65
N PRO LA 201 -21.74 -42.84 48.32
CA PRO LA 201 -20.66 -42.14 47.60
C PRO LA 201 -20.10 -40.92 48.34
N ASP LA 202 -18.80 -40.73 48.24
CA ASP LA 202 -18.13 -39.54 48.78
C ASP LA 202 -18.20 -39.36 50.29
N SER LA 203 -17.61 -40.31 51.02
CA SER LA 203 -17.37 -40.17 52.45
C SER LA 203 -18.63 -39.85 53.25
N ASP LA 204 -19.72 -40.54 52.91
CA ASP LA 204 -21.01 -40.36 53.59
C ASP LA 204 -21.39 -41.65 54.32
N ILE LA 205 -20.70 -41.92 55.42
CA ILE LA 205 -20.91 -43.16 56.19
C ILE LA 205 -21.82 -42.92 57.38
N VAL LA 206 -23.01 -43.52 57.33
CA VAL LA 206 -24.03 -43.34 58.35
C VAL LA 206 -24.50 -44.67 58.97
N ALA LA 207 -23.87 -45.08 60.09
CA ALA LA 207 -24.22 -46.33 60.74
C ALA LA 207 -25.63 -46.31 61.33
N LEU LA 208 -26.34 -47.44 61.28
CA LEU LA 208 -27.73 -47.52 61.74
C LEU LA 208 -27.86 -47.87 63.23
N SER LA 209 -28.88 -47.30 63.85
CA SER LA 209 -29.10 -47.45 65.29
C SER LA 209 -30.09 -48.56 65.56
N SER LA 210 -30.52 -48.65 66.81
CA SER LA 210 -31.50 -49.66 67.22
C SER LA 210 -32.91 -49.39 66.65
N GLU LA 211 -33.31 -48.11 66.64
CA GLU LA 211 -34.68 -47.74 66.25
C GLU LA 211 -34.97 -47.80 64.74
N GLU LA 212 -33.92 -47.69 63.92
CA GLU LA 212 -34.07 -47.76 62.47
C GLU LA 212 -34.04 -49.21 62.04
N ILE LA 213 -33.52 -50.07 62.92
CA ILE LA 213 -33.40 -51.50 62.68
C ILE LA 213 -34.68 -52.27 63.03
N ASN LA 214 -35.54 -51.65 63.83
CA ASN LA 214 -36.84 -52.24 64.13
C ASN LA 214 -38.02 -51.55 63.45
N GLN LA 215 -37.72 -50.63 62.52
CA GLN LA 215 -38.70 -50.14 61.54
C GLN LA 215 -38.46 -50.94 60.28
N TYR LA 216 -37.68 -52.01 60.45
CA TYR LA 216 -37.28 -52.91 59.37
C TYR LA 216 -37.71 -54.36 59.68
N VAL LA 217 -37.16 -54.96 60.74
CA VAL LA 217 -37.57 -56.31 61.15
C VAL LA 217 -39.09 -56.38 61.33
N THR LA 218 -39.65 -55.38 61.99
CA THR LA 218 -41.10 -55.27 62.12
C THR LA 218 -41.71 -54.46 60.96
N GLN LA 219 -41.26 -54.78 59.75
CA GLN LA 219 -41.90 -54.38 58.49
C GLN LA 219 -41.49 -55.42 57.46
N ILE LA 220 -40.75 -56.42 57.95
CA ILE LA 220 -40.41 -57.62 57.20
C ILE LA 220 -41.41 -58.71 57.57
N GLU LA 221 -41.43 -59.06 58.84
CA GLU LA 221 -42.28 -60.15 59.33
C GLU LA 221 -43.75 -59.79 59.27
N GLN LA 222 -44.05 -58.67 58.60
CA GLN LA 222 -45.41 -58.33 58.20
C GLN LA 222 -45.71 -59.01 56.87
N GLU LA 223 -44.98 -58.60 55.85
CA GLU LA 223 -45.11 -59.21 54.52
C GLU LA 223 -44.90 -60.73 54.60
N LYS LA 224 -44.10 -61.16 55.57
CA LYS LA 224 -43.81 -62.59 55.77
C LYS LA 224 -45.08 -63.44 55.82
N GLN LA 225 -45.80 -63.35 56.93
CA GLN LA 225 -46.92 -64.25 57.21
C GLN LA 225 -48.05 -64.20 56.18
N GLU LA 226 -48.04 -63.18 55.33
CA GLU LA 226 -49.09 -62.97 54.32
C GLU LA 226 -49.06 -64.03 53.22
N GLN LA 227 -49.87 -65.08 53.38
CA GLN LA 227 -49.85 -66.21 52.47
C GLN LA 227 -51.21 -66.55 51.87
N MET MA 1 -2.76 -103.55 50.51
CA MET MA 1 -2.12 -102.24 50.75
C MET MA 1 -0.89 -102.37 51.68
N PHE MA 2 -0.11 -101.29 51.77
CA PHE MA 2 1.15 -101.30 52.52
C PHE MA 2 1.88 -99.94 52.65
N LEU MA 3 2.87 -99.91 53.54
CA LEU MA 3 3.52 -98.66 53.95
C LEU MA 3 5.03 -98.62 53.73
N THR MA 4 5.49 -97.79 52.79
CA THR MA 4 6.91 -97.57 52.58
C THR MA 4 7.35 -96.28 53.27
N ARG MA 5 8.43 -96.35 54.05
CA ARG MA 5 8.94 -95.19 54.78
C ARG MA 5 10.46 -95.23 54.98
N SER MA 6 11.11 -94.11 54.68
CA SER MA 6 12.53 -93.96 54.95
C SER MA 6 12.68 -93.30 56.32
N GLU MA 7 13.86 -93.36 56.92
CA GLU MA 7 14.10 -92.71 58.20
C GLU MA 7 14.53 -91.25 58.05
N TYR MA 8 14.75 -90.80 56.81
CA TYR MA 8 15.21 -89.43 56.52
C TYR MA 8 14.13 -88.56 55.83
N ASP MA 9 12.91 -89.07 55.71
CA ASP MA 9 11.75 -88.24 55.41
C ASP MA 9 11.81 -87.08 56.41
N ARG MA 10 10.96 -86.09 56.25
CA ARG MA 10 10.92 -84.98 57.21
C ARG MA 10 12.16 -84.06 57.12
N GLY MA 11 13.30 -84.53 57.61
CA GLY MA 11 14.54 -83.75 57.70
C GLY MA 11 14.57 -82.39 57.01
N VAL MA 12 14.72 -81.32 57.79
CA VAL MA 12 14.74 -79.94 57.28
C VAL MA 12 16.14 -79.42 56.96
N SER MA 13 16.38 -79.09 55.69
CA SER MA 13 17.69 -78.65 55.22
C SER MA 13 18.85 -79.48 55.79
N THR MA 14 18.67 -80.80 55.74
CA THR MA 14 19.75 -81.76 56.04
C THR MA 14 19.74 -82.93 55.03
N PHE MA 15 20.94 -83.37 54.62
CA PHE MA 15 21.08 -84.36 53.56
C PHE MA 15 20.68 -85.78 53.98
N SER MA 16 19.85 -86.41 53.14
CA SER MA 16 19.70 -87.85 53.15
C SER MA 16 21.05 -88.44 52.76
N PRO MA 17 21.27 -89.73 53.07
CA PRO MA 17 22.50 -90.47 52.72
C PRO MA 17 22.80 -90.54 51.21
N GLU MA 18 21.89 -90.01 50.40
CA GLU MA 18 21.99 -90.04 48.95
C GLU MA 18 22.44 -88.66 48.42
N GLY MA 19 22.13 -87.63 49.18
CA GLY MA 19 22.39 -86.28 48.75
C GLY MA 19 21.08 -85.61 48.40
N ARG MA 20 19.97 -86.16 48.90
CA ARG MA 20 18.66 -85.59 48.64
C ARG MA 20 18.22 -84.66 49.76
N LEU MA 21 17.55 -83.57 49.40
CA LEU MA 21 17.05 -82.64 50.41
C LEU MA 21 15.54 -82.71 50.42
N PHE MA 22 15.01 -83.73 51.08
CA PHE MA 22 13.60 -84.06 50.96
C PHE MA 22 12.65 -82.88 51.26
N GLN MA 23 13.08 -81.95 52.10
CA GLN MA 23 12.24 -80.78 52.36
C GLN MA 23 11.92 -80.06 51.05
N VAL MA 24 12.87 -80.07 50.13
CA VAL MA 24 12.72 -79.35 48.88
C VAL MA 24 12.22 -80.25 47.74
N GLU MA 25 12.51 -81.56 47.82
CA GLU MA 25 11.97 -82.52 46.88
C GLU MA 25 10.43 -82.51 46.97
N TYR MA 26 9.93 -82.19 48.17
CA TYR MA 26 8.48 -82.13 48.43
C TYR MA 26 7.93 -80.76 48.02
N SER MA 27 8.69 -79.71 48.31
CA SER MA 27 8.35 -78.37 47.87
C SER MA 27 7.97 -78.43 46.39
N LEU MA 28 8.56 -79.39 45.68
CA LEU MA 28 8.44 -79.53 44.22
C LEU MA 28 7.27 -80.40 43.75
N GLU MA 29 6.72 -81.23 44.63
CA GLU MA 29 5.54 -82.05 44.30
C GLU MA 29 4.25 -81.24 44.40
N ALA MA 30 4.26 -80.19 45.24
CA ALA MA 30 3.07 -79.35 45.46
C ALA MA 30 2.76 -78.34 44.33
N ILE MA 31 3.64 -78.27 43.34
CA ILE MA 31 3.32 -77.57 42.10
C ILE MA 31 2.32 -78.44 41.34
N LYS MA 32 2.59 -79.74 41.31
CA LYS MA 32 1.72 -80.72 40.65
C LYS MA 32 0.30 -80.75 41.25
N LEU MA 33 0.09 -80.04 42.35
CA LEU MA 33 -1.20 -80.09 43.06
C LEU MA 33 -1.89 -78.73 43.27
N GLY MA 34 -1.73 -77.79 42.34
CA GLY MA 34 -2.43 -76.51 42.40
C GLY MA 34 -3.27 -76.26 41.16
N SER MA 35 -3.50 -74.99 40.84
CA SER MA 35 -4.20 -74.61 39.60
C SER MA 35 -3.38 -75.03 38.39
N THR MA 36 -4.05 -75.34 37.28
CA THR MA 36 -3.33 -75.64 36.04
C THR MA 36 -2.83 -74.34 35.41
N ALA MA 37 -1.70 -74.42 34.72
CA ALA MA 37 -1.13 -73.27 34.03
C ALA MA 37 -0.29 -73.77 32.87
N ILE MA 38 -0.39 -73.08 31.74
CA ILE MA 38 0.22 -73.57 30.52
C ILE MA 38 0.85 -72.45 29.70
N GLY MA 39 2.08 -72.67 29.26
CA GLY MA 39 2.78 -71.72 28.43
C GLY MA 39 3.27 -72.38 27.15
N ILE MA 40 3.13 -71.67 26.03
CA ILE MA 40 3.61 -72.14 24.74
C ILE MA 40 4.28 -70.99 24.03
N ALA MA 41 5.38 -71.27 23.32
CA ALA MA 41 6.12 -70.23 22.61
C ALA MA 41 6.09 -70.42 21.10
N THR MA 42 5.76 -69.35 20.40
CA THR MA 42 5.84 -69.32 18.94
C THR MA 42 6.98 -68.39 18.56
N LYS MA 43 7.21 -68.21 17.27
CA LYS MA 43 8.13 -67.16 16.83
C LYS MA 43 7.36 -65.83 16.68
N GLU MA 44 6.07 -65.86 17.02
CA GLU MA 44 5.18 -64.71 16.84
C GLU MA 44 4.53 -64.25 18.15
N GLY MA 45 5.02 -64.78 19.27
CA GLY MA 45 4.53 -64.39 20.58
C GLY MA 45 4.58 -65.55 21.56
N VAL MA 46 4.19 -65.31 22.80
CA VAL MA 46 4.09 -66.37 23.81
C VAL MA 46 2.72 -66.32 24.52
N VAL MA 47 2.11 -67.48 24.71
CA VAL MA 47 0.77 -67.57 25.31
C VAL MA 47 0.78 -68.23 26.68
N LEU MA 48 0.06 -67.62 27.62
CA LEU MA 48 -0.09 -68.16 28.96
C LEU MA 48 -1.57 -68.29 29.28
N GLY MA 49 -1.98 -69.49 29.65
CA GLY MA 49 -3.35 -69.74 30.05
C GLY MA 49 -3.39 -70.39 31.41
N VAL MA 50 -4.49 -70.22 32.11
CA VAL MA 50 -4.66 -70.86 33.41
C VAL MA 50 -6.09 -71.30 33.64
N GLU MA 51 -6.31 -71.96 34.77
CA GLU MA 51 -7.64 -72.41 35.19
C GLU MA 51 -8.14 -71.48 36.31
N LYS MA 52 -9.27 -70.84 36.06
CA LYS MA 52 -9.82 -69.90 37.02
C LYS MA 52 -10.53 -70.64 38.16
N ARG MA 53 -11.55 -71.42 37.79
CA ARG MA 53 -12.30 -72.25 38.74
C ARG MA 53 -13.18 -71.43 39.68
N ALA MA 54 -13.98 -70.52 39.12
CA ALA MA 54 -14.87 -69.68 39.94
C ALA MA 54 -15.79 -70.54 40.79
N THR MA 55 -15.96 -70.12 42.05
CA THR MA 55 -16.79 -70.83 43.01
C THR MA 55 -17.97 -69.97 43.46
N SER MA 56 -18.64 -69.36 42.48
CA SER MA 56 -19.87 -68.62 42.73
C SER MA 56 -20.11 -67.58 41.63
N PRO MA 57 -21.38 -67.17 41.49
CA PRO MA 57 -21.83 -66.03 40.68
C PRO MA 57 -21.55 -64.69 41.38
N LEU MA 58 -21.59 -64.71 42.70
CA LEU MA 58 -21.30 -63.52 43.52
C LEU MA 58 -19.87 -63.08 43.27
N LEU MA 59 -18.94 -63.82 43.86
CA LEU MA 59 -17.51 -63.64 43.61
C LEU MA 59 -17.27 -63.32 42.14
N GLU MA 60 -17.13 -62.03 41.85
CA GLU MA 60 -16.86 -61.57 40.51
C GLU MA 60 -15.45 -61.96 40.14
N SER MA 61 -15.32 -62.98 39.29
CA SER MA 61 -14.02 -63.42 38.81
C SER MA 61 -13.22 -62.18 38.47
N ASP MA 62 -11.89 -62.31 38.43
CA ASP MA 62 -10.97 -61.20 38.16
C ASP MA 62 -10.28 -60.71 39.42
N SER MA 63 -10.82 -61.08 40.59
CA SER MA 63 -10.05 -61.02 41.84
C SER MA 63 -9.24 -62.31 41.93
N ILE MA 64 -9.50 -63.18 40.95
CA ILE MA 64 -8.69 -64.34 40.66
C ILE MA 64 -7.60 -63.91 39.67
N GLU MA 65 -6.51 -63.37 40.20
CA GLU MA 65 -5.40 -62.93 39.39
C GLU MA 65 -4.32 -63.98 39.49
N LYS MA 66 -4.30 -64.89 38.52
CA LYS MA 66 -3.28 -65.94 38.44
C LYS MA 66 -2.32 -65.67 37.30
N ILE MA 67 -2.57 -64.59 36.56
CA ILE MA 67 -1.67 -64.13 35.53
C ILE MA 67 -1.52 -62.63 35.69
N VAL MA 68 -0.27 -62.16 35.79
CA VAL MA 68 0.00 -60.76 36.05
C VAL MA 68 1.20 -60.21 35.28
N GLU MA 69 1.18 -58.89 35.07
CA GLU MA 69 2.20 -58.17 34.29
C GLU MA 69 3.44 -58.03 35.16
N ILE MA 70 4.59 -57.93 34.52
CA ILE MA 70 5.85 -57.70 35.23
C ILE MA 70 6.55 -56.41 34.74
N ASP MA 71 6.77 -56.35 33.42
CA ASP MA 71 7.04 -55.09 32.72
C ASP MA 71 6.19 -55.22 31.46
N ARG MA 72 6.17 -54.21 30.58
CA ARG MA 72 5.30 -54.31 29.43
C ARG MA 72 5.66 -55.49 28.51
N HIS MA 73 6.86 -56.06 28.71
CA HIS MA 73 7.36 -57.13 27.84
C HIS MA 73 7.52 -58.51 28.54
N ILE MA 74 7.16 -58.58 29.82
CA ILE MA 74 7.30 -59.82 30.60
C ILE MA 74 6.08 -60.11 31.45
N GLY MA 75 5.50 -61.29 31.26
CA GLY MA 75 4.38 -61.72 32.05
C GLY MA 75 4.68 -63.05 32.69
N CYS MA 76 3.92 -63.39 33.72
CA CYS MA 76 4.06 -64.71 34.30
C CYS MA 76 2.73 -65.28 34.73
N ALA MA 77 2.65 -66.60 34.70
CA ALA MA 77 1.48 -67.31 35.17
C ALA MA 77 1.91 -68.13 36.38
N MET MA 78 0.98 -68.37 37.31
CA MET MA 78 1.29 -69.09 38.54
C MET MA 78 0.32 -70.23 38.86
N SER MA 79 0.87 -71.33 39.34
CA SER MA 79 0.08 -72.42 39.85
C SER MA 79 0.46 -72.60 41.31
N GLY MA 80 -0.53 -72.55 42.19
CA GLY MA 80 -0.29 -72.80 43.60
C GLY MA 80 -0.80 -71.71 44.52
N LEU MA 81 -0.11 -71.53 45.64
CA LEU MA 81 -0.45 -70.50 46.63
C LEU MA 81 -0.32 -69.08 46.07
N THR MA 82 -1.33 -68.63 45.35
CA THR MA 82 -1.29 -67.31 44.73
C THR MA 82 -0.97 -66.23 45.78
N ALA MA 83 -1.34 -66.49 47.02
CA ALA MA 83 -1.12 -65.53 48.10
C ALA MA 83 0.34 -65.48 48.56
N ASP MA 84 1.06 -66.57 48.32
CA ASP MA 84 2.42 -66.74 48.79
C ASP MA 84 3.40 -66.14 47.80
N ALA MA 85 2.87 -65.79 46.64
CA ALA MA 85 3.70 -65.27 45.57
C ALA MA 85 3.59 -63.77 45.45
N ARG MA 86 2.88 -63.11 46.37
CA ARG MA 86 2.78 -61.64 46.31
C ARG MA 86 4.20 -61.04 46.37
N SER MA 87 4.98 -61.50 47.34
CA SER MA 87 6.34 -61.01 47.52
C SER MA 87 7.29 -61.40 46.38
N MET MA 88 7.07 -62.59 45.81
CA MET MA 88 7.91 -63.08 44.71
C MET MA 88 7.76 -62.17 43.48
N ILE MA 89 6.54 -61.68 43.25
CA ILE MA 89 6.26 -60.78 42.13
C ILE MA 89 6.78 -59.38 42.40
N GLU MA 90 6.47 -58.86 43.59
CA GLU MA 90 6.96 -57.55 43.97
C GLU MA 90 8.46 -57.46 43.65
N HIS MA 91 9.21 -58.51 43.99
CA HIS MA 91 10.65 -58.50 43.72
C HIS MA 91 10.99 -58.52 42.24
N ALA MA 92 10.16 -59.19 41.44
CA ALA MA 92 10.40 -59.23 40.00
C ALA MA 92 10.05 -57.90 39.30
N ARG MA 93 8.92 -57.30 39.68
CA ARG MA 93 8.56 -55.99 39.13
C ARG MA 93 9.60 -54.95 39.55
N THR MA 94 10.05 -55.02 40.80
CA THR MA 94 11.03 -54.09 41.34
C THR MA 94 12.39 -54.25 40.66
N ALA MA 95 12.75 -55.47 40.30
CA ALA MA 95 14.05 -55.72 39.68
C ALA MA 95 14.08 -55.24 38.24
N ALA MA 96 12.92 -55.30 37.58
CA ALA MA 96 12.82 -55.02 36.15
C ALA MA 96 12.80 -53.53 35.86
N VAL MA 97 12.28 -52.76 36.80
CA VAL MA 97 12.24 -51.32 36.67
C VAL MA 97 13.58 -50.79 37.12
N THR MA 98 14.10 -51.40 38.18
CA THR MA 98 15.40 -51.04 38.72
C THR MA 98 16.46 -51.21 37.65
N HIS MA 99 16.29 -52.22 36.82
CA HIS MA 99 17.24 -52.42 35.74
C HIS MA 99 17.06 -51.35 34.66
N ASN MA 100 15.81 -51.04 34.35
CA ASN MA 100 15.49 -50.03 33.34
C ASN MA 100 16.06 -48.66 33.69
N LEU MA 101 16.08 -48.36 34.99
CA LEU MA 101 16.59 -47.12 35.51
C LEU MA 101 18.11 -47.07 35.41
N TYR MA 102 18.77 -48.08 35.97
CA TYR MA 102 20.24 -48.14 35.98
C TYR MA 102 20.88 -48.31 34.60
N TYR MA 103 20.08 -48.70 33.59
CA TYR MA 103 20.66 -49.04 32.28
C TYR MA 103 19.92 -48.61 31.01
N ASP MA 104 18.75 -47.97 31.14
CA ASP MA 104 18.05 -47.39 29.99
C ASP MA 104 17.69 -48.44 28.92
N GLU MA 105 17.23 -49.60 29.37
CA GLU MA 105 16.86 -50.67 28.46
C GLU MA 105 15.97 -51.66 29.21
N ASP MA 106 15.13 -52.37 28.47
CA ASP MA 106 14.35 -53.46 29.06
C ASP MA 106 15.29 -54.59 29.51
N ILE MA 107 14.94 -55.24 30.60
CA ILE MA 107 15.81 -56.26 31.19
C ILE MA 107 15.61 -57.66 30.58
N ASN MA 108 16.71 -58.32 30.23
CA ASN MA 108 16.65 -59.66 29.64
C ASN MA 108 15.74 -60.64 30.38
N VAL MA 109 14.90 -61.37 29.66
CA VAL MA 109 13.99 -62.33 30.30
C VAL MA 109 14.77 -63.41 31.06
N GLU MA 110 15.91 -63.81 30.52
CA GLU MA 110 16.74 -64.79 31.20
C GLU MA 110 17.16 -64.28 32.58
N SER MA 111 17.61 -63.03 32.63
CA SER MA 111 18.13 -62.44 33.86
C SER MA 111 17.04 -61.97 34.83
N LEU MA 112 15.88 -61.60 34.30
CA LEU MA 112 14.74 -61.30 35.17
C LEU MA 112 14.33 -62.57 35.88
N THR MA 113 14.36 -63.68 35.15
CA THR MA 113 14.00 -64.96 35.72
C THR MA 113 15.02 -65.35 36.79
N GLN MA 114 16.31 -65.27 36.44
CA GLN MA 114 17.34 -65.71 37.38
C GLN MA 114 17.29 -64.93 38.68
N SER MA 115 16.90 -63.66 38.58
CA SER MA 115 16.81 -62.76 39.74
C SER MA 115 15.72 -63.16 40.73
N VAL MA 116 14.63 -63.70 40.18
CA VAL MA 116 13.53 -64.22 40.98
C VAL MA 116 13.92 -65.53 41.67
N CYS MA 117 14.73 -66.33 41.00
CA CYS MA 117 15.24 -67.56 41.57
C CYS MA 117 16.27 -67.27 42.67
N ASP MA 118 17.09 -66.25 42.44
CA ASP MA 118 18.06 -65.81 43.44
C ASP MA 118 17.40 -65.28 44.71
N LEU MA 119 16.10 -65.00 44.64
CA LEU MA 119 15.32 -64.55 45.80
C LEU MA 119 14.85 -65.73 46.66
N ALA MA 120 14.28 -66.75 46.01
CA ALA MA 120 13.82 -67.94 46.72
C ALA MA 120 15.00 -68.84 47.12
N LEU MA 121 16.21 -68.35 46.81
CA LEU MA 121 17.47 -69.02 47.13
C LEU MA 121 17.99 -68.52 48.48
N ARG MA 122 17.17 -67.73 49.15
CA ARG MA 122 17.48 -67.28 50.49
C ARG MA 122 16.53 -67.98 51.46
N PHE MA 123 16.47 -69.32 51.35
CA PHE MA 123 15.68 -70.17 52.26
C PHE MA 123 16.52 -70.69 53.44
N GLY MA 124 16.11 -70.35 54.67
CA GLY MA 124 16.79 -70.86 55.86
C GLY MA 124 16.68 -70.04 57.14
N GLU MA 125 17.11 -70.65 58.25
CA GLU MA 125 17.12 -70.00 59.56
C GLU MA 125 18.53 -69.97 60.22
N GLY MA 126 19.54 -70.43 59.49
CA GLY MA 126 20.91 -70.44 59.99
C GLY MA 126 21.97 -70.56 58.90
N ALA MA 127 22.50 -69.42 58.45
CA ALA MA 127 23.49 -69.39 57.37
C ALA MA 127 24.71 -68.53 57.71
N SER MA 128 25.89 -69.15 57.64
CA SER MA 128 27.16 -68.43 57.80
C SER MA 128 27.92 -68.41 56.46
N GLY MA 129 28.59 -67.30 56.20
CA GLY MA 129 29.12 -67.01 54.87
C GLY MA 129 28.37 -65.80 54.36
N GLU MA 130 27.25 -66.03 53.69
CA GLU MA 130 26.31 -64.96 53.37
C GLU MA 130 24.93 -65.27 53.96
N GLU MA 131 24.25 -64.23 54.43
CA GLU MA 131 22.95 -64.42 55.08
C GLU MA 131 21.80 -64.51 54.08
N ARG MA 132 20.93 -65.48 54.34
CA ARG MA 132 19.74 -65.72 53.54
C ARG MA 132 18.51 -65.43 54.42
N LEU MA 133 18.05 -64.17 54.45
CA LEU MA 133 17.01 -63.72 55.39
C LEU MA 133 15.57 -63.97 54.92
N MET MA 134 14.94 -65.00 55.52
CA MET MA 134 13.58 -65.44 55.19
C MET MA 134 13.26 -66.66 56.06
N SER MA 135 12.24 -67.46 55.72
CA SER MA 135 11.93 -68.64 56.55
C SER MA 135 11.77 -70.01 55.85
N ARG MA 136 11.03 -70.09 54.75
CA ARG MA 136 10.77 -71.38 54.06
C ARG MA 136 10.96 -71.33 52.53
N PRO MA 137 11.23 -72.47 51.86
CA PRO MA 137 11.21 -72.39 50.39
C PRO MA 137 9.95 -71.62 49.90
N PHE MA 138 10.04 -70.92 48.77
CA PHE MA 138 8.91 -70.14 48.27
C PHE MA 138 7.87 -71.06 47.63
N GLY MA 139 6.70 -71.17 48.27
CA GLY MA 139 5.72 -72.18 47.89
C GLY MA 139 4.89 -71.88 46.65
N VAL MA 140 5.56 -71.57 45.54
CA VAL MA 140 4.88 -71.35 44.26
C VAL MA 140 5.80 -71.47 43.03
N ALA MA 141 5.30 -72.13 41.98
CA ALA MA 141 6.04 -72.24 40.71
C ALA MA 141 5.58 -71.15 39.77
N LEU MA 142 6.45 -70.79 38.82
CA LEU MA 142 6.16 -69.71 37.88
C LEU MA 142 6.43 -70.10 36.44
N LEU MA 143 5.53 -69.68 35.56
CA LEU MA 143 5.82 -69.71 34.15
C LEU MA 143 6.05 -68.25 33.78
N ILE MA 144 7.29 -67.94 33.39
CA ILE MA 144 7.68 -66.59 33.04
C ILE MA 144 7.92 -66.51 31.55
N ALA MA 145 7.23 -65.60 30.88
CA ALA MA 145 7.29 -65.54 29.43
C ALA MA 145 7.32 -64.10 28.93
N GLY MA 146 8.28 -63.81 28.06
CA GLY MA 146 8.44 -62.44 27.55
C GLY MA 146 9.29 -62.36 26.30
N HIS MA 147 9.76 -61.15 25.99
CA HIS MA 147 10.57 -60.93 24.78
C HIS MA 147 11.67 -59.87 24.94
N ASP MA 148 12.90 -60.29 24.67
CA ASP MA 148 14.02 -59.36 24.54
C ASP MA 148 14.63 -59.55 23.16
N ALA MA 149 15.45 -58.60 22.71
CA ALA MA 149 15.88 -58.61 21.31
C ALA MA 149 17.12 -59.45 21.02
N ASP MA 150 17.75 -59.97 22.08
CA ASP MA 150 18.85 -60.92 21.92
C ASP MA 150 18.33 -62.31 21.54
N ASP MA 151 17.60 -62.90 22.47
CA ASP MA 151 17.07 -64.26 22.33
C ASP MA 151 15.54 -64.26 22.21
N GLY MA 152 15.04 -63.88 21.03
CA GLY MA 152 13.62 -63.90 20.70
C GLY MA 152 12.59 -64.03 21.81
N TYR MA 153 11.53 -64.79 21.52
CA TYR MA 153 10.49 -65.06 22.51
C TYR MA 153 10.89 -66.23 23.41
N GLN MA 154 10.54 -66.16 24.69
CA GLN MA 154 11.07 -67.12 25.65
C GLN MA 154 10.06 -67.57 26.69
N LEU MA 155 10.18 -68.83 27.12
CA LEU MA 155 9.37 -69.36 28.21
C LEU MA 155 10.24 -70.08 29.26
N PHE MA 156 9.94 -69.83 30.54
CA PHE MA 156 10.79 -70.28 31.65
C PHE MA 156 9.95 -70.91 32.78
N HIS MA 157 10.52 -71.90 33.45
CA HIS MA 157 9.87 -72.48 34.63
C HIS MA 157 10.73 -72.19 35.84
N ALA MA 158 10.24 -71.29 36.70
CA ALA MA 158 10.95 -70.97 37.92
C ALA MA 158 10.42 -71.87 39.03
N GLU MA 159 11.31 -72.62 39.63
CA GLU MA 159 10.89 -73.48 40.72
C GLU MA 159 11.26 -72.86 42.06
N PRO MA 160 10.52 -73.26 43.10
CA PRO MA 160 10.71 -72.82 44.48
C PRO MA 160 12.15 -73.10 44.95
N SER MA 161 12.80 -74.04 44.27
CA SER MA 161 14.10 -74.52 44.66
C SER MA 161 15.20 -73.54 44.28
N GLY MA 162 14.83 -72.57 43.43
CA GLY MA 162 15.75 -71.52 43.04
C GLY MA 162 16.44 -71.74 41.70
N THR MA 163 16.09 -72.83 41.02
CA THR MA 163 16.62 -73.10 39.68
C THR MA 163 15.52 -73.10 38.63
N PHE MA 164 15.93 -73.19 37.36
CA PHE MA 164 14.98 -73.11 36.27
C PHE MA 164 15.48 -73.76 34.96
N TYR MA 165 14.51 -74.00 34.08
CA TYR MA 165 14.76 -74.52 32.75
C TYR MA 165 14.01 -73.59 31.81
N ARG MA 166 14.47 -73.52 30.56
CA ARG MA 166 13.75 -72.77 29.55
C ARG MA 166 13.04 -73.72 28.60
N TYR MA 167 11.80 -74.05 28.94
CA TYR MA 167 10.97 -74.88 28.10
C TYR MA 167 10.51 -74.08 26.86
N ASN MA 168 10.36 -74.78 25.74
CA ASN MA 168 9.75 -74.22 24.54
C ASN MA 168 8.23 -74.32 24.62
N ALA MA 169 7.76 -75.01 25.67
CA ALA MA 169 6.34 -75.10 26.00
C ALA MA 169 6.17 -75.98 27.24
N LYS MA 170 5.58 -75.44 28.30
CA LYS MA 170 5.52 -76.16 29.58
C LYS MA 170 4.15 -76.07 30.24
N ALA MA 171 3.82 -77.10 31.01
CA ALA MA 171 2.59 -77.13 31.81
C ALA MA 171 2.89 -77.54 33.25
N ILE MA 172 2.30 -76.80 34.19
CA ILE MA 172 2.47 -77.06 35.62
C ILE MA 172 1.10 -77.02 36.29
N GLY MA 173 0.97 -77.71 37.42
CA GLY MA 173 -0.31 -77.77 38.12
C GLY MA 173 -1.06 -79.09 37.94
N SER MA 174 -2.26 -79.17 38.51
CA SER MA 174 -3.03 -80.42 38.60
C SER MA 174 -2.91 -81.38 37.41
N GLY MA 175 -2.93 -80.85 36.19
CA GLY MA 175 -2.90 -81.69 35.00
C GLY MA 175 -1.52 -81.95 34.41
N SER MA 176 -0.52 -81.19 34.84
CA SER MA 176 0.81 -81.17 34.21
C SER MA 176 1.37 -82.48 33.64
N GLU MA 177 1.50 -83.54 34.46
CA GLU MA 177 2.07 -84.80 33.95
C GLU MA 177 1.43 -85.22 32.61
N GLY MA 178 0.12 -84.99 32.48
CA GLY MA 178 -0.63 -85.32 31.27
C GLY MA 178 -0.66 -84.25 30.20
N ALA MA 179 -0.93 -83.02 30.60
CA ALA MA 179 -0.86 -81.88 29.69
C ALA MA 179 0.52 -81.78 29.06
N GLN MA 180 1.56 -82.05 29.85
CA GLN MA 180 2.93 -81.96 29.37
C GLN MA 180 3.24 -82.99 28.29
N ALA MA 181 2.78 -84.22 28.49
CA ALA MA 181 3.01 -85.27 27.51
C ALA MA 181 2.19 -85.02 26.25
N GLU MA 182 1.25 -84.08 26.33
CA GLU MA 182 0.42 -83.71 25.19
C GLU MA 182 1.05 -82.57 24.38
N LEU MA 183 1.71 -81.65 25.08
CA LEU MA 183 2.44 -80.55 24.43
C LEU MA 183 3.66 -81.14 23.75
N LEU MA 184 4.23 -82.16 24.38
CA LEU MA 184 5.40 -82.81 23.85
C LEU MA 184 5.06 -83.44 22.49
N ASN MA 185 3.77 -83.73 22.30
CA ASN MA 185 3.28 -84.33 21.05
C ASN MA 185 2.92 -83.31 19.98
N GLU MA 186 2.25 -82.23 20.38
CA GLU MA 186 1.62 -81.31 19.43
C GLU MA 186 2.37 -80.00 19.14
N TRP MA 187 3.56 -79.83 19.70
CA TRP MA 187 4.32 -78.59 19.48
C TRP MA 187 5.36 -78.72 18.37
N HIS MA 188 5.42 -77.73 17.48
CA HIS MA 188 6.46 -77.65 16.45
C HIS MA 188 7.14 -76.27 16.36
N SER MA 189 8.34 -76.25 15.80
CA SER MA 189 9.16 -75.03 15.73
C SER MA 189 8.54 -73.93 14.87
N SER MA 190 7.35 -74.18 14.34
CA SER MA 190 6.76 -73.26 13.37
C SER MA 190 5.30 -72.93 13.66
N LEU MA 191 4.94 -72.85 14.94
CA LEU MA 191 3.58 -72.48 15.31
C LEU MA 191 3.33 -71.01 15.06
N THR MA 192 2.06 -70.66 14.83
CA THR MA 192 1.64 -69.26 14.71
C THR MA 192 0.92 -68.88 16.00
N LEU MA 193 0.91 -67.59 16.34
CA LEU MA 193 0.25 -67.20 17.58
C LEU MA 193 -1.19 -67.66 17.59
N LYS MA 194 -1.88 -67.49 16.47
CA LYS MA 194 -3.26 -67.94 16.36
C LYS MA 194 -3.37 -69.41 16.74
N GLU MA 195 -2.50 -70.25 16.18
CA GLU MA 195 -2.49 -71.70 16.40
C GLU MA 195 -2.28 -72.10 17.86
N ALA MA 196 -1.43 -71.36 18.57
CA ALA MA 196 -1.10 -71.68 19.96
C ALA MA 196 -2.13 -71.11 20.94
N GLU MA 197 -2.70 -69.95 20.63
CA GLU MA 197 -3.79 -69.42 21.43
C GLU MA 197 -4.74 -70.59 21.65
N LEU MA 198 -4.98 -71.37 20.59
CA LEU MA 198 -5.97 -72.45 20.60
C LEU MA 198 -5.48 -73.72 21.27
N LEU MA 199 -4.26 -74.14 20.96
CA LEU MA 199 -3.68 -75.35 21.55
C LEU MA 199 -3.65 -75.27 23.09
N VAL MA 200 -3.56 -74.04 23.61
CA VAL MA 200 -3.60 -73.84 25.06
C VAL MA 200 -4.97 -74.14 25.61
N LEU MA 201 -5.99 -73.82 24.84
CA LEU MA 201 -7.36 -74.16 25.22
C LEU MA 201 -7.61 -75.67 25.13
N LYS MA 202 -7.27 -76.26 23.98
CA LYS MA 202 -7.48 -77.70 23.77
C LYS MA 202 -6.89 -78.50 24.93
N ILE MA 203 -5.76 -78.04 25.46
CA ILE MA 203 -5.09 -78.77 26.53
C ILE MA 203 -5.62 -78.39 27.91
N LEU MA 204 -6.35 -77.29 27.99
CA LEU MA 204 -7.10 -77.00 29.21
C LEU MA 204 -8.42 -77.78 29.22
N LYS MA 205 -9.06 -77.89 28.07
CA LYS MA 205 -10.25 -78.72 27.98
C LYS MA 205 -9.92 -80.14 28.45
N GLN MA 206 -8.90 -80.77 27.85
CA GLN MA 206 -8.50 -82.12 28.23
C GLN MA 206 -8.37 -82.28 29.73
N VAL MA 207 -7.22 -81.85 30.26
CA VAL MA 207 -6.93 -82.00 31.67
C VAL MA 207 -7.71 -81.01 32.57
N MET MA 208 -9.03 -81.00 32.41
CA MET MA 208 -9.97 -80.36 33.33
C MET MA 208 -11.22 -81.21 33.28
N GLU MA 209 -11.17 -82.21 32.40
CA GLU MA 209 -12.32 -83.06 32.06
C GLU MA 209 -13.67 -82.31 32.18
N GLU MA 210 -13.75 -81.18 31.47
CA GLU MA 210 -14.93 -80.29 31.50
C GLU MA 210 -15.04 -79.40 30.25
N LYS MA 211 -16.20 -78.77 30.03
CA LYS MA 211 -16.37 -77.81 28.93
C LYS MA 211 -16.13 -76.39 29.45
N LEU MA 212 -15.30 -75.63 28.75
CA LEU MA 212 -14.77 -74.38 29.31
C LEU MA 212 -15.28 -73.05 28.72
N ASP MA 213 -15.28 -72.02 29.57
CA ASP MA 213 -15.77 -70.68 29.23
C ASP MA 213 -14.87 -69.65 29.90
N GLU MA 214 -15.28 -68.37 29.90
CA GLU MA 214 -14.46 -67.30 30.47
C GLU MA 214 -14.57 -67.17 31.99
N ASN MA 215 -15.44 -67.98 32.60
CA ASN MA 215 -15.54 -68.03 34.06
C ASN MA 215 -14.57 -69.04 34.68
N ASN MA 216 -13.87 -69.81 33.84
CA ASN MA 216 -12.89 -70.77 34.33
C ASN MA 216 -11.56 -70.79 33.56
N ALA MA 217 -11.42 -69.93 32.56
CA ALA MA 217 -10.14 -69.78 31.85
C ALA MA 217 -9.80 -68.31 31.59
N GLN MA 218 -8.51 -68.00 31.70
CA GLN MA 218 -8.01 -66.67 31.43
C GLN MA 218 -6.88 -66.85 30.44
N LEU MA 219 -6.89 -66.07 29.37
CA LEU MA 219 -5.81 -66.14 28.39
C LEU MA 219 -5.03 -64.84 28.34
N SER MA 220 -3.72 -64.97 28.15
CA SER MA 220 -2.86 -63.82 27.95
C SER MA 220 -1.74 -64.18 27.00
N CYS MA 221 -1.14 -63.17 26.39
CA CYS MA 221 -0.04 -63.36 25.45
C CYS MA 221 0.91 -62.17 25.48
N ILE MA 222 2.09 -62.35 24.91
CA ILE MA 222 3.09 -61.29 24.89
C ILE MA 222 3.77 -61.20 23.51
N THR MA 223 3.43 -60.15 22.77
CA THR MA 223 3.99 -59.89 21.44
C THR MA 223 5.04 -58.80 21.52
N LYS MA 224 5.98 -58.80 20.57
CA LYS MA 224 6.98 -57.74 20.49
C LYS MA 224 6.24 -56.41 20.35
N GLN MA 225 5.26 -56.38 19.45
CA GLN MA 225 4.54 -55.16 19.13
C GLN MA 225 3.67 -54.62 20.27
N ASP MA 226 2.60 -55.35 20.61
CA ASP MA 226 1.60 -54.83 21.53
C ASP MA 226 1.92 -54.96 23.02
N GLY MA 227 2.98 -55.67 23.35
CA GLY MA 227 3.36 -55.85 24.74
C GLY MA 227 2.72 -57.07 25.37
N PHE MA 228 2.44 -56.99 26.67
CA PHE MA 228 1.81 -58.11 27.37
C PHE MA 228 0.40 -57.77 27.81
N LYS MA 229 -0.58 -58.26 27.08
CA LYS MA 229 -1.97 -57.99 27.39
C LYS MA 229 -2.63 -59.26 27.91
N ILE MA 230 -3.61 -59.10 28.80
CA ILE MA 230 -4.45 -60.22 29.21
C ILE MA 230 -5.79 -60.16 28.50
N TYR MA 231 -6.13 -61.20 27.75
CA TYR MA 231 -7.39 -61.23 27.00
C TYR MA 231 -8.58 -61.03 27.93
N ASP MA 232 -9.40 -60.02 27.61
CA ASP MA 232 -10.65 -59.81 28.33
C ASP MA 232 -11.63 -60.91 27.94
N ASN MA 233 -12.66 -61.11 28.75
CA ASN MA 233 -13.54 -62.27 28.60
C ASN MA 233 -14.16 -62.43 27.22
N GLU MA 234 -14.42 -61.33 26.54
CA GLU MA 234 -14.98 -61.41 25.19
C GLU MA 234 -14.03 -62.13 24.24
N LYS MA 235 -12.76 -61.71 24.21
CA LYS MA 235 -11.80 -62.28 23.25
C LYS MA 235 -11.50 -63.75 23.56
N THR MA 236 -11.44 -64.08 24.84
CA THR MA 236 -11.22 -65.46 25.26
C THR MA 236 -12.37 -66.38 24.81
N ALA MA 237 -13.52 -65.79 24.54
CA ALA MA 237 -14.73 -66.55 24.17
C ALA MA 237 -14.81 -66.90 22.68
N GLU MA 238 -14.62 -65.92 21.79
CA GLU MA 238 -14.64 -66.23 20.35
C GLU MA 238 -13.33 -66.86 19.95
N LEU MA 239 -12.47 -67.09 20.95
CA LEU MA 239 -11.29 -67.93 20.77
C LEU MA 239 -11.69 -69.36 21.13
N ILE MA 240 -12.58 -69.45 22.10
CA ILE MA 240 -13.18 -70.72 22.51
C ILE MA 240 -14.20 -71.23 21.48
N LYS MA 241 -15.11 -70.34 21.08
CA LYS MA 241 -16.06 -70.64 20.03
C LYS MA 241 -15.30 -71.15 18.82
N GLU MA 242 -14.14 -70.54 18.55
CA GLU MA 242 -13.34 -70.86 17.37
C GLU MA 242 -12.72 -72.26 17.46
N LEU MA 243 -12.75 -72.85 18.65
CA LEU MA 243 -12.26 -74.21 18.83
C LEU MA 243 -13.41 -75.20 18.74
N LYS MA 244 -14.55 -74.85 19.34
CA LYS MA 244 -15.76 -75.66 19.25
C LYS MA 244 -15.99 -76.06 17.80
N GLU MA 245 -15.61 -75.15 16.91
CA GLU MA 245 -15.73 -75.36 15.47
C GLU MA 245 -14.55 -76.18 14.91
N LYS MA 246 -13.32 -75.68 15.11
CA LYS MA 246 -12.12 -76.33 14.60
C LYS MA 246 -12.02 -77.83 14.90
N GLU MA 247 -12.60 -78.26 16.03
CA GLU MA 247 -12.56 -79.67 16.43
C GLU MA 247 -13.76 -80.45 15.96
N ALA MA 248 -14.80 -79.73 15.54
CA ALA MA 248 -15.94 -80.36 14.90
C ALA MA 248 -15.57 -80.67 13.45
N ALA MA 249 -14.29 -80.48 13.12
CA ALA MA 249 -13.77 -80.74 11.78
C ALA MA 249 -13.93 -82.20 11.40
N GLU MA 250 -13.26 -83.09 12.12
CA GLU MA 250 -13.44 -84.52 11.91
C GLU MA 250 -13.93 -85.20 13.18
N MET NA 1 15.74 -103.32 61.44
CA MET NA 1 16.70 -102.40 60.74
C MET NA 1 17.76 -101.51 61.52
N PHE NA 2 18.46 -100.59 60.83
CA PHE NA 2 19.68 -99.91 61.37
C PHE NA 2 19.74 -98.38 61.42
N ARG NA 3 19.26 -97.79 62.50
CA ARG NA 3 19.18 -96.33 62.64
C ARG NA 3 20.51 -95.64 62.92
N ASN NA 4 20.57 -94.35 62.59
CA ASN NA 4 21.77 -93.55 62.80
C ASN NA 4 21.49 -92.37 63.70
N ASN NA 5 22.32 -92.22 64.73
CA ASN NA 5 22.09 -91.22 65.75
C ASN NA 5 22.98 -89.98 65.58
N TYR NA 6 24.01 -90.13 64.78
CA TYR NA 6 25.05 -89.11 64.67
C TYR NA 6 25.07 -88.44 63.30
N ASP NA 7 23.95 -88.56 62.59
CA ASP NA 7 23.83 -87.99 61.24
C ASP NA 7 22.81 -86.85 61.22
N GLY NA 8 22.50 -86.31 62.40
CA GLY NA 8 21.52 -85.25 62.54
C GLY NA 8 21.91 -83.93 61.90
N ASP NA 9 23.12 -83.45 62.21
CA ASP NA 9 23.62 -82.20 61.65
C ASP NA 9 25.13 -82.25 61.47
N THR NA 10 25.73 -81.08 61.25
CA THR NA 10 27.13 -80.99 60.89
C THR NA 10 28.02 -80.73 62.10
N VAL NA 11 27.38 -80.44 63.23
CA VAL NA 11 28.07 -80.07 64.45
C VAL NA 11 28.30 -81.33 65.31
N THR NA 12 28.06 -82.47 64.67
CA THR NA 12 28.04 -83.74 65.37
C THR NA 12 28.93 -84.83 64.76
N PHE NA 13 29.95 -85.19 65.55
CA PHE NA 13 30.93 -86.21 65.21
C PHE NA 13 30.41 -87.61 65.52
N SER NA 14 30.47 -88.51 64.53
CA SER NA 14 30.19 -89.93 64.76
C SER NA 14 31.28 -90.52 65.67
N PRO NA 15 30.91 -91.50 66.50
CA PRO NA 15 31.82 -92.16 67.44
C PRO NA 15 33.12 -92.64 66.78
N THR NA 16 33.06 -93.06 65.51
CA THR NA 16 34.26 -93.54 64.80
C THR NA 16 35.12 -92.39 64.24
N GLY NA 17 34.64 -91.16 64.42
CA GLY NA 17 35.37 -89.96 64.00
C GLY NA 17 34.85 -89.33 62.71
N ARG NA 18 33.57 -89.50 62.43
CA ARG NA 18 33.04 -89.18 61.11
C ARG NA 18 31.92 -88.16 61.15
N LEU NA 19 31.98 -87.23 60.22
CA LEU NA 19 30.94 -86.23 60.14
C LEU NA 19 30.03 -86.76 59.09
N PHE NA 20 28.93 -87.34 59.53
CA PHE NA 20 28.09 -88.00 58.53
C PHE NA 20 27.47 -86.99 57.61
N GLN NA 21 27.06 -85.85 58.16
CA GLN NA 21 26.38 -84.88 57.34
C GLN NA 21 27.24 -84.46 56.15
N VAL NA 22 28.55 -84.61 56.27
CA VAL NA 22 29.47 -84.27 55.18
C VAL NA 22 29.59 -85.41 54.18
N GLU NA 23 29.74 -86.63 54.69
CA GLU NA 23 29.81 -87.78 53.80
C GLU NA 23 28.57 -87.84 52.92
N TYR NA 24 27.43 -87.35 53.43
CA TYR NA 24 26.16 -87.38 52.68
C TYR NA 24 26.18 -86.35 51.57
N ALA NA 25 26.83 -85.23 51.84
CA ALA NA 25 26.93 -84.15 50.84
C ALA NA 25 27.89 -84.54 49.71
N LEU NA 26 29.01 -85.13 50.09
CA LEU NA 26 29.99 -85.67 49.16
C LEU NA 26 29.32 -86.62 48.15
N GLU NA 27 28.15 -87.16 48.54
CA GLU NA 27 27.35 -88.06 47.68
C GLU NA 27 26.38 -87.32 46.74
N ALA NA 28 26.08 -86.05 47.03
CA ALA NA 28 25.19 -85.28 46.17
C ALA NA 28 25.87 -85.00 44.84
N ILE NA 29 27.20 -84.96 44.86
CA ILE NA 29 28.02 -84.90 43.67
C ILE NA 29 27.51 -85.92 42.64
N LYS NA 30 27.51 -87.19 43.04
CA LYS NA 30 27.10 -88.30 42.18
C LYS NA 30 25.60 -88.25 41.78
N GLN NA 31 24.84 -87.29 42.32
CA GLN NA 31 23.42 -87.15 41.94
C GLN NA 31 23.20 -86.23 40.74
N GLY NA 32 24.30 -85.65 40.25
CA GLY NA 32 24.27 -84.87 39.02
C GLY NA 32 25.15 -85.40 37.89
N SER NA 33 24.88 -84.91 36.68
CA SER NA 33 25.56 -85.33 35.45
C SER NA 33 27.10 -85.40 35.52
N VAL NA 34 27.71 -86.04 34.53
CA VAL NA 34 29.17 -86.24 34.51
C VAL NA 34 29.95 -85.11 33.85
N THR NA 35 31.04 -84.68 34.48
CA THR NA 35 31.94 -83.72 33.85
C THR NA 35 33.40 -84.13 33.99
N VAL NA 36 34.22 -83.71 33.02
CA VAL NA 36 35.60 -84.16 32.90
C VAL NA 36 36.56 -83.00 32.80
N GLY NA 37 37.77 -83.15 33.33
CA GLY NA 37 38.77 -82.10 33.30
C GLY NA 37 40.17 -82.66 33.13
N LEU NA 38 40.96 -82.00 32.29
CA LEU NA 38 42.33 -82.44 32.02
C LEU NA 38 43.21 -81.31 31.50
N ARG NA 39 44.53 -81.48 31.61
CA ARG NA 39 45.46 -80.41 31.26
C ARG NA 39 46.81 -80.91 30.72
N SER NA 40 47.29 -80.27 29.66
CA SER NA 40 48.66 -80.48 29.22
C SER NA 40 49.60 -79.51 29.96
N ASN NA 41 50.72 -79.16 29.34
CA ASN NA 41 51.60 -78.17 29.95
C ASN NA 41 51.24 -76.75 29.49
N THR NA 42 50.31 -76.69 28.52
CA THR NA 42 49.94 -75.43 27.87
C THR NA 42 48.43 -75.14 27.83
N HIS NA 43 47.60 -76.14 28.14
CA HIS NA 43 46.16 -75.93 28.16
C HIS NA 43 45.40 -76.75 29.21
N ALA NA 44 44.22 -76.28 29.56
CA ALA NA 44 43.31 -77.01 30.42
C ALA NA 44 41.95 -77.02 29.76
N VAL NA 45 41.35 -78.21 29.68
CA VAL NA 45 40.06 -78.39 29.02
C VAL NA 45 39.01 -78.90 30.00
N LEU NA 46 37.75 -78.55 29.73
CA LEU NA 46 36.63 -79.12 30.45
C LEU NA 46 35.61 -79.66 29.45
N VAL NA 47 35.05 -80.81 29.77
CA VAL NA 47 33.93 -81.35 29.01
C VAL NA 47 32.84 -81.68 30.01
N ALA NA 48 31.63 -81.22 29.72
CA ALA NA 48 30.50 -81.53 30.57
C ALA NA 48 29.38 -82.09 29.71
N LEU NA 49 28.55 -82.93 30.30
CA LEU NA 49 27.34 -83.40 29.62
C LEU NA 49 26.10 -82.67 30.18
N LYS NA 50 25.68 -81.60 29.50
CA LYS NA 50 24.50 -80.87 29.92
C LYS NA 50 23.32 -81.85 29.89
N ARG NA 51 22.51 -81.85 30.95
CA ARG NA 51 21.34 -82.74 30.97
C ARG NA 51 20.04 -81.92 30.82
N ASN NA 52 19.08 -82.47 30.11
CA ASN NA 52 17.80 -81.77 29.92
C ASN NA 52 16.64 -82.40 30.71
N ALA NA 53 15.50 -81.72 30.70
CA ALA NA 53 14.31 -82.18 31.44
C ALA NA 53 13.33 -82.95 30.54
N ASP NA 54 12.76 -82.25 29.58
CA ASP NA 54 11.93 -82.85 28.55
C ASP NA 54 12.73 -82.87 27.25
N GLU NA 55 12.11 -83.34 26.18
CA GLU NA 55 12.62 -83.08 24.84
C GLU NA 55 12.35 -81.60 24.58
N LEU NA 56 11.53 -81.02 25.44
CA LEU NA 56 10.96 -79.71 25.21
C LEU NA 56 11.65 -78.59 25.99
N SER NA 57 12.82 -78.87 26.57
CA SER NA 57 13.45 -77.92 27.49
C SER NA 57 14.92 -77.68 27.17
N SER NA 58 15.46 -76.57 27.66
CA SER NA 58 16.87 -76.25 27.49
C SER NA 58 17.71 -77.26 28.27
N TYR NA 59 19.04 -77.13 28.18
CA TYR NA 59 19.96 -77.95 28.95
C TYR NA 59 20.66 -77.12 30.05
N GLN NA 60 20.84 -77.73 31.23
CA GLN NA 60 21.45 -77.02 32.38
C GLN NA 60 22.88 -76.64 32.03
N LYS NA 61 23.27 -75.39 32.21
CA LYS NA 61 24.68 -75.09 31.93
C LYS NA 61 25.56 -75.69 33.03
N LYS NA 62 26.72 -76.22 32.64
CA LYS NA 62 27.57 -76.94 33.60
C LYS NA 62 28.96 -76.34 33.69
N ILE NA 63 29.20 -75.29 32.91
CA ILE NA 63 30.47 -74.59 32.95
C ILE NA 63 30.23 -73.08 33.14
N ILE NA 64 31.00 -72.45 34.02
CA ILE NA 64 30.84 -71.01 34.29
C ILE NA 64 32.17 -70.27 34.27
N LYS NA 65 32.23 -69.17 33.52
CA LYS NA 65 33.44 -68.33 33.46
C LYS NA 65 33.68 -67.63 34.79
N CYS NA 66 34.94 -67.60 35.23
CA CYS NA 66 35.26 -66.91 36.47
C CYS NA 66 36.10 -65.62 36.31
N ASP NA 67 37.12 -65.67 35.45
CA ASP NA 67 37.86 -64.48 35.01
C ASP NA 67 38.36 -64.86 33.62
N GLU NA 68 39.15 -64.01 32.96
CA GLU NA 68 39.60 -64.36 31.62
C GLU NA 68 40.68 -65.45 31.64
N HIS NA 69 41.03 -65.93 32.83
CA HIS NA 69 42.12 -66.90 32.96
C HIS NA 69 41.72 -68.15 33.73
N MET NA 70 40.47 -68.20 34.17
CA MET NA 70 40.01 -69.25 35.08
C MET NA 70 38.52 -69.51 34.97
N GLY NA 71 38.15 -70.79 35.02
CA GLY NA 71 36.76 -71.19 34.95
C GLY NA 71 36.55 -72.52 35.62
N LEU NA 72 35.30 -72.91 35.79
CA LEU NA 72 35.02 -74.15 36.47
C LEU NA 72 33.80 -74.87 35.90
N SER NA 73 33.71 -76.19 36.15
CA SER NA 73 32.52 -76.95 35.80
C SER NA 73 31.92 -77.54 37.08
N LEU NA 74 30.61 -77.78 37.05
CA LEU NA 74 29.91 -78.23 38.23
C LEU NA 74 29.20 -79.57 38.01
N ALA NA 75 29.18 -80.42 39.03
CA ALA NA 75 28.41 -81.65 39.02
C ALA NA 75 27.74 -81.80 40.38
N GLY NA 76 26.41 -81.68 40.42
CA GLY NA 76 25.73 -81.75 41.70
C GLY NA 76 24.65 -80.70 41.87
N LEU NA 77 24.62 -80.06 43.05
CA LEU NA 77 23.62 -79.02 43.37
C LEU NA 77 23.93 -77.69 42.71
N ALA NA 78 23.03 -77.23 41.84
CA ALA NA 78 23.29 -76.05 41.02
C ALA NA 78 23.46 -74.76 41.85
N PRO NA 79 22.45 -74.42 42.66
CA PRO NA 79 22.52 -73.18 43.47
C PRO NA 79 23.79 -73.08 44.30
N ASP NA 80 24.26 -74.21 44.83
CA ASP NA 80 25.52 -74.23 45.60
C ASP NA 80 26.72 -73.85 44.72
N ALA NA 81 26.68 -74.18 43.43
CA ALA NA 81 27.75 -73.76 42.53
C ALA NA 81 27.54 -72.32 42.09
N ARG NA 82 26.29 -71.88 41.99
CA ARG NA 82 26.04 -70.49 41.61
C ARG NA 82 26.64 -69.61 42.70
N VAL NA 83 26.45 -70.04 43.94
CA VAL NA 83 26.95 -69.35 45.12
C VAL NA 83 28.49 -69.36 45.21
N LEU NA 84 29.09 -70.49 44.93
CA LEU NA 84 30.55 -70.61 44.98
C LEU NA 84 31.23 -69.98 43.76
N SER NA 85 30.66 -70.21 42.57
CA SER NA 85 31.25 -69.69 41.34
C SER NA 85 31.24 -68.18 41.45
N ASN NA 86 30.23 -67.63 42.11
CA ASN NA 86 30.18 -66.20 42.33
C ASN NA 86 31.26 -65.69 43.27
N TYR NA 87 31.41 -66.33 44.42
CA TYR NA 87 32.48 -65.95 45.34
C TYR NA 87 33.84 -65.97 44.63
N LEU NA 88 34.08 -67.01 43.85
CA LEU NA 88 35.32 -67.09 43.10
C LEU NA 88 35.46 -65.89 42.16
N ARG NA 89 34.36 -65.53 41.50
CA ARG NA 89 34.37 -64.43 40.55
C ARG NA 89 34.85 -63.15 41.21
N GLN NA 90 34.49 -62.99 42.49
CA GLN NA 90 34.84 -61.79 43.28
C GLN NA 90 36.32 -61.72 43.63
N GLN NA 91 36.84 -62.74 44.31
CA GLN NA 91 38.25 -62.76 44.68
C GLN NA 91 39.12 -62.53 43.45
N CYS NA 92 38.75 -63.16 42.33
CA CYS NA 92 39.47 -63.02 41.06
C CYS NA 92 39.55 -61.57 40.64
N ASN NA 93 38.42 -60.89 40.85
CA ASN NA 93 38.20 -59.52 40.41
C ASN NA 93 38.69 -58.54 41.44
N TYR NA 94 39.03 -59.06 42.62
CA TYR NA 94 39.60 -58.25 43.69
C TYR NA 94 41.12 -58.33 43.58
N SER NA 95 41.64 -59.53 43.30
CA SER NA 95 43.08 -59.66 43.09
C SER NA 95 43.49 -58.84 41.87
N SER NA 96 42.53 -58.54 41.01
CA SER NA 96 42.77 -57.72 39.82
C SER NA 96 42.81 -56.22 40.14
N LEU NA 97 41.87 -55.76 40.94
CA LEU NA 97 41.71 -54.33 41.22
C LEU NA 97 42.74 -53.78 42.20
N VAL NA 98 42.84 -54.42 43.37
CA VAL NA 98 43.80 -54.03 44.39
C VAL NA 98 45.26 -54.26 44.02
N PHE NA 99 45.57 -55.44 43.46
CA PHE NA 99 46.96 -55.74 43.13
C PHE NA 99 47.28 -55.87 41.64
N ASN NA 100 46.30 -55.60 40.77
CA ASN NA 100 46.52 -55.73 39.32
C ASN NA 100 47.27 -57.02 39.04
N ARG NA 101 46.71 -58.12 39.53
CA ARG NA 101 47.35 -59.44 39.50
C ARG NA 101 46.34 -60.57 39.29
N LYS NA 102 46.43 -61.28 38.16
CA LYS NA 102 45.61 -62.45 37.92
C LYS NA 102 45.71 -63.37 39.13
N LEU NA 103 44.55 -63.66 39.74
CA LEU NA 103 44.48 -64.50 40.96
C LEU NA 103 44.92 -65.94 40.73
N ALA NA 104 46.02 -66.33 41.38
CA ALA NA 104 46.60 -67.67 41.19
C ALA NA 104 45.56 -68.79 41.29
N VAL NA 105 45.67 -69.83 40.47
CA VAL NA 105 44.74 -70.96 40.58
C VAL NA 105 44.98 -71.69 41.89
N GLU NA 106 46.23 -72.04 42.14
CA GLU NA 106 46.60 -72.71 43.39
C GLU NA 106 46.00 -71.99 44.60
N ARG NA 107 45.62 -70.72 44.44
CA ARG NA 107 45.15 -69.93 45.57
C ARG NA 107 43.63 -69.89 45.69
N ALA NA 108 42.93 -69.92 44.56
CA ALA NA 108 41.48 -70.06 44.61
C ALA NA 108 41.10 -71.46 45.14
N GLY NA 109 42.00 -72.43 44.97
CA GLY NA 109 41.85 -73.74 45.60
C GLY NA 109 41.82 -73.56 47.10
N HIS NA 110 42.88 -72.95 47.63
CA HIS NA 110 43.01 -72.68 49.06
C HIS NA 110 41.84 -71.85 49.61
N LEU NA 111 41.24 -71.00 48.76
CA LEU NA 111 40.21 -70.07 49.21
C LEU NA 111 38.83 -70.71 49.30
N LEU NA 112 38.59 -71.66 48.40
CA LEU NA 112 37.31 -72.38 48.34
C LEU NA 112 37.26 -73.45 49.41
N CYS NA 113 38.39 -74.10 49.60
CA CYS NA 113 38.53 -75.04 50.70
C CYS NA 113 38.06 -74.39 51.98
N ASP NA 114 38.50 -73.17 52.23
CA ASP NA 114 38.21 -72.47 53.48
C ASP NA 114 36.79 -71.92 53.54
N LYS NA 115 36.21 -71.70 52.36
CA LYS NA 115 34.82 -71.21 52.24
C LYS NA 115 33.81 -72.30 52.54
N ALA NA 116 34.13 -73.53 52.09
CA ALA NA 116 33.28 -74.71 52.27
C ALA NA 116 33.42 -75.29 53.66
N GLN NA 117 34.62 -75.11 54.22
CA GLN NA 117 34.93 -75.57 55.56
C GLN NA 117 34.01 -74.87 56.55
N LYS NA 118 33.82 -73.57 56.36
CA LYS NA 118 32.95 -72.79 57.23
C LYS NA 118 31.55 -73.40 57.40
N ASN NA 119 31.05 -74.07 56.37
CA ASN NA 119 29.70 -74.68 56.43
C ASN NA 119 29.66 -76.07 57.05
N THR NA 120 30.75 -76.48 57.68
CA THR NA 120 30.83 -77.78 58.33
C THR NA 120 31.25 -77.63 59.81
N GLN NA 121 31.29 -76.38 60.30
CA GLN NA 121 31.62 -76.06 61.70
C GLN NA 121 30.32 -75.62 62.37
N SER NA 122 29.43 -75.08 61.53
CA SER NA 122 28.27 -74.33 61.98
C SER NA 122 27.02 -75.19 62.16
N TYR NA 123 26.35 -74.97 63.28
CA TYR NA 123 25.04 -75.56 63.56
C TYR NA 123 23.99 -74.81 62.73
N GLY NA 124 23.09 -75.56 62.11
CA GLY NA 124 22.02 -74.97 61.33
C GLY NA 124 22.19 -75.16 59.84
N GLY NA 125 23.29 -74.61 59.30
CA GLY NA 125 23.56 -74.72 57.88
C GLY NA 125 24.03 -76.11 57.45
N ARG NA 126 23.61 -76.52 56.26
CA ARG NA 126 24.08 -77.75 55.65
C ARG NA 126 25.38 -77.46 54.89
N PRO NA 127 26.19 -78.51 54.66
CA PRO NA 127 27.42 -78.41 53.84
C PRO NA 127 27.10 -78.07 52.39
N TYR NA 128 28.13 -77.67 51.65
CA TYR NA 128 27.94 -77.45 50.23
C TYR NA 128 27.72 -78.78 49.55
N GLY NA 129 26.87 -78.83 48.54
CA GLY NA 129 26.54 -80.08 47.90
C GLY NA 129 26.79 -80.10 46.40
N VAL NA 130 28.04 -79.87 46.02
CA VAL NA 130 28.39 -79.84 44.61
C VAL NA 130 29.88 -80.02 44.49
N GLY NA 131 30.31 -80.64 43.38
CA GLY NA 131 31.72 -80.78 43.10
C GLY NA 131 32.12 -79.84 41.99
N LEU NA 132 33.37 -79.38 42.04
CA LEU NA 132 33.86 -78.45 41.04
C LEU NA 132 35.17 -78.90 40.46
N LEU NA 133 35.21 -78.89 39.13
CA LEU NA 133 36.46 -78.98 38.41
C LEU NA 133 36.81 -77.56 37.99
N ILE NA 134 37.99 -77.12 38.41
CA ILE NA 134 38.44 -75.77 38.19
C ILE NA 134 39.66 -75.80 37.27
N ILE NA 135 39.67 -74.92 36.25
CA ILE NA 135 40.82 -74.80 35.35
C ILE NA 135 41.32 -73.35 35.17
N GLY NA 136 42.59 -73.22 34.83
CA GLY NA 136 43.18 -71.93 34.56
C GLY NA 136 44.63 -72.00 34.15
N TYR NA 137 45.13 -70.90 33.61
CA TYR NA 137 46.55 -70.73 33.32
C TYR NA 137 47.04 -69.54 34.17
N ASP NA 138 47.85 -69.83 35.18
CA ASP NA 138 48.38 -68.77 36.02
C ASP NA 138 49.85 -68.50 35.68
N LYS NA 139 50.56 -67.79 36.55
CA LYS NA 139 51.98 -67.56 36.32
C LYS NA 139 52.80 -68.86 36.38
N SER NA 140 52.17 -69.99 36.72
CA SER NA 140 52.91 -71.24 36.97
C SER NA 140 52.47 -72.44 36.13
N GLY NA 141 51.83 -72.16 35.00
CA GLY NA 141 51.52 -73.18 34.01
C GLY NA 141 50.05 -73.44 33.75
N ALA NA 142 49.74 -74.64 33.30
CA ALA NA 142 48.34 -75.05 33.24
C ALA NA 142 47.99 -75.56 34.63
N HIS NA 143 46.69 -75.69 34.92
CA HIS NA 143 46.26 -76.16 36.24
C HIS NA 143 44.86 -76.82 36.21
N LEU NA 144 44.66 -77.86 37.03
CA LEU NA 144 43.35 -78.45 37.28
C LEU NA 144 43.15 -78.82 38.76
N LEU NA 145 41.99 -78.47 39.32
CA LEU NA 145 41.67 -78.78 40.71
C LEU NA 145 40.34 -79.55 40.85
N GLU NA 146 40.24 -80.44 41.84
CA GLU NA 146 38.96 -81.08 42.17
C GLU NA 146 38.51 -80.50 43.51
N PHE NA 147 37.29 -79.98 43.53
CA PHE NA 147 36.74 -79.42 44.77
C PHE NA 147 35.59 -80.28 45.26
N GLN NA 148 35.81 -81.04 46.33
CA GLN NA 148 34.70 -81.75 46.97
C GLN NA 148 34.20 -80.85 48.08
N PRO NA 149 32.92 -80.98 48.45
CA PRO NA 149 32.22 -80.12 49.41
C PRO NA 149 32.75 -80.25 50.85
N SER NA 150 33.66 -81.19 51.06
CA SER NA 150 34.25 -81.42 52.37
C SER NA 150 35.26 -80.31 52.68
N GLY NA 151 35.71 -79.64 51.62
CA GLY NA 151 36.77 -78.66 51.69
C GLY NA 151 38.03 -79.14 50.98
N ASN NA 152 38.20 -80.46 50.92
CA ASN NA 152 39.39 -81.02 50.29
C ASN NA 152 39.48 -80.64 48.80
N VAL NA 153 40.36 -79.68 48.48
CA VAL NA 153 40.68 -79.36 47.09
C VAL NA 153 42.06 -79.92 46.74
N THR NA 154 42.12 -80.63 45.61
CA THR NA 154 43.29 -81.41 45.23
C THR NA 154 43.69 -81.08 43.81
N GLU NA 155 44.99 -80.93 43.54
CA GLU NA 155 45.41 -80.56 42.18
C GLU NA 155 45.81 -81.78 41.33
N LEU NA 156 45.28 -81.85 40.10
CA LEU NA 156 45.46 -83.04 39.26
C LEU NA 156 45.81 -82.75 37.80
N TYR NA 157 46.06 -83.84 37.06
CA TYR NA 157 46.25 -83.80 35.60
C TYR NA 157 44.91 -84.02 34.93
N GLY NA 158 44.09 -84.86 35.54
CA GLY NA 158 42.75 -85.13 35.04
C GLY NA 158 41.92 -85.81 36.12
N THR NA 159 40.60 -85.68 36.01
CA THR NA 159 39.67 -86.40 36.89
C THR NA 159 38.26 -86.27 36.31
N ALA NA 160 37.29 -86.89 36.97
CA ALA NA 160 35.91 -86.77 36.53
C ALA NA 160 35.02 -86.97 37.72
N ILE NA 161 33.92 -86.23 37.76
CA ILE NA 161 33.03 -86.27 38.91
C ILE NA 161 31.59 -86.47 38.48
N GLY NA 162 30.84 -87.23 39.28
CA GLY NA 162 29.40 -87.37 39.06
C GLY NA 162 28.89 -88.73 38.59
N ALA NA 163 27.72 -88.69 37.94
CA ALA NA 163 27.04 -89.88 37.43
C ALA NA 163 27.94 -90.68 36.49
N ARG NA 164 28.40 -91.83 36.96
CA ARG NA 164 29.27 -92.69 36.16
C ARG NA 164 30.61 -92.01 35.91
N SER NA 165 31.01 -91.15 36.84
CA SER NA 165 32.32 -90.51 36.80
C SER NA 165 33.38 -91.55 36.53
N GLN NA 166 33.10 -92.79 36.89
CA GLN NA 166 34.12 -93.84 36.94
C GLN NA 166 34.63 -94.31 35.58
N GLY NA 167 33.83 -94.14 34.54
CA GLY NA 167 34.25 -94.52 33.19
C GLY NA 167 35.43 -93.72 32.68
N ALA NA 168 35.38 -92.41 32.91
CA ALA NA 168 36.44 -91.52 32.46
C ALA NA 168 37.62 -91.55 33.43
N LYS NA 169 37.33 -91.49 34.73
CA LYS NA 169 38.39 -91.46 35.74
C LYS NA 169 39.38 -92.60 35.48
N THR NA 170 38.89 -93.69 34.87
CA THR NA 170 39.74 -94.85 34.57
C THR NA 170 40.43 -94.71 33.20
N TYR NA 171 39.77 -94.09 32.23
CA TYR NA 171 40.41 -93.78 30.96
C TYR NA 171 41.60 -92.86 31.18
N LEU NA 172 41.35 -91.70 31.79
CA LEU NA 172 42.40 -90.72 32.05
C LEU NA 172 43.56 -91.37 32.81
N GLU NA 173 43.25 -92.26 33.74
CA GLU NA 173 44.28 -92.95 34.53
C GLU NA 173 45.27 -93.72 33.65
N ARG NA 174 44.79 -94.22 32.51
CA ARG NA 174 45.62 -94.97 31.56
C ARG NA 174 46.25 -94.07 30.48
N THR NA 175 45.51 -93.05 30.04
CA THR NA 175 45.98 -92.08 29.04
C THR NA 175 47.07 -91.13 29.55
N LEU NA 176 47.27 -91.09 30.87
CA LEU NA 176 48.09 -90.06 31.51
C LEU NA 176 49.27 -89.51 30.72
N ASP NA 177 50.26 -90.35 30.47
CA ASP NA 177 51.51 -89.90 29.87
C ASP NA 177 51.34 -89.37 28.43
N THR NA 178 50.16 -89.63 27.86
CA THR NA 178 49.84 -89.26 26.48
C THR NA 178 49.31 -87.83 26.37
N PHE NA 179 48.33 -87.48 27.21
CA PHE NA 179 47.65 -86.19 27.05
C PHE NA 179 48.36 -85.01 27.74
N ILE NA 180 49.12 -85.27 28.80
CA ILE NA 180 49.88 -84.22 29.48
C ILE NA 180 51.06 -83.75 28.63
N LYS NA 181 51.28 -84.45 27.50
CA LYS NA 181 52.30 -84.09 26.52
C LYS NA 181 51.67 -83.47 25.27
N ILE NA 182 50.36 -83.20 25.34
CA ILE NA 182 49.67 -82.49 24.27
C ILE NA 182 49.86 -80.97 24.41
N ASP NA 183 51.11 -80.54 24.35
CA ASP NA 183 51.42 -79.14 24.43
C ASP NA 183 51.24 -78.50 23.05
N GLY NA 184 50.93 -77.21 23.01
CA GLY NA 184 50.91 -76.45 21.76
C GLY NA 184 49.85 -76.90 20.78
N ASN NA 185 49.08 -77.89 21.19
CA ASN NA 185 47.94 -78.31 20.40
C ASN NA 185 46.70 -78.07 21.22
N PRO NA 186 45.74 -77.36 20.64
CA PRO NA 186 44.52 -77.14 21.43
C PRO NA 186 43.44 -78.11 20.97
N ASP NA 187 43.22 -78.15 19.67
CA ASP NA 187 42.20 -79.04 19.14
C ASP NA 187 42.41 -80.49 19.57
N GLU NA 188 43.66 -80.88 19.80
CA GLU NA 188 43.96 -82.28 20.12
C GLU NA 188 43.74 -82.60 21.58
N LEU NA 189 43.88 -81.61 22.45
CA LEU NA 189 43.63 -81.85 23.86
C LEU NA 189 42.14 -81.93 24.16
N ILE NA 190 41.32 -81.29 23.34
CA ILE NA 190 39.88 -81.41 23.49
C ILE NA 190 39.40 -82.75 22.91
N LYS NA 191 40.01 -83.17 21.80
CA LYS NA 191 39.67 -84.47 21.22
C LYS NA 191 39.82 -85.53 22.30
N ALA NA 192 40.79 -85.33 23.18
CA ALA NA 192 41.06 -86.29 24.25
C ALA NA 192 40.06 -86.16 25.39
N GLY NA 193 39.74 -84.93 25.76
CA GLY NA 193 38.78 -84.68 26.83
C GLY NA 193 37.44 -85.30 26.49
N VAL NA 194 37.08 -85.27 25.22
CA VAL NA 194 35.80 -85.79 24.76
C VAL NA 194 35.79 -87.32 24.56
N GLU NA 195 36.96 -87.90 24.25
CA GLU NA 195 37.08 -89.35 24.10
C GLU NA 195 37.14 -90.01 25.48
N ALA NA 196 37.26 -89.18 26.52
CA ALA NA 196 37.27 -89.65 27.90
C ALA NA 196 35.88 -89.53 28.54
N ILE NA 197 35.19 -88.42 28.30
CA ILE NA 197 33.83 -88.28 28.83
C ILE NA 197 32.90 -89.30 28.18
N SER NA 198 33.28 -89.83 27.02
CA SER NA 198 32.42 -90.76 26.31
C SER NA 198 32.65 -92.23 26.72
N GLN NA 199 33.58 -92.44 27.65
CA GLN NA 199 33.67 -93.75 28.27
C GLN NA 199 32.59 -93.85 29.36
N SER NA 200 32.14 -92.69 29.86
CA SER NA 200 31.12 -92.61 30.92
C SER NA 200 29.67 -92.53 30.40
N LEU NA 201 29.48 -92.81 29.12
CA LEU NA 201 28.14 -92.88 28.56
C LEU NA 201 27.82 -94.33 28.15
N ARG NA 202 26.54 -94.67 28.20
CA ARG NA 202 26.13 -96.02 27.89
C ARG NA 202 26.00 -96.15 26.37
N ASP NA 203 24.78 -96.33 25.89
CA ASP NA 203 24.54 -96.29 24.46
C ASP NA 203 24.26 -94.84 24.09
N GLU NA 204 24.67 -93.94 24.98
CA GLU NA 204 24.31 -92.52 24.84
C GLU NA 204 25.19 -91.74 23.87
N SER NA 205 24.57 -90.75 23.23
CA SER NA 205 25.14 -90.15 22.04
C SER NA 205 25.29 -88.63 22.19
N LEU NA 206 26.53 -88.14 22.21
CA LEU NA 206 26.78 -86.70 22.32
C LEU NA 206 26.23 -85.95 21.12
N THR NA 207 25.55 -84.84 21.37
CA THR NA 207 25.09 -84.00 20.26
C THR NA 207 25.48 -82.55 20.49
N VAL NA 208 24.95 -81.66 19.66
CA VAL NA 208 25.23 -80.22 19.77
C VAL NA 208 24.59 -79.63 21.03
N ASP NA 209 23.61 -80.34 21.57
CA ASP NA 209 22.87 -79.88 22.74
C ASP NA 209 23.32 -80.60 24.02
N ASN NA 210 23.92 -81.77 23.86
CA ASN NA 210 24.44 -82.53 25.00
C ASN NA 210 25.77 -81.98 25.47
N LEU NA 211 26.59 -81.56 24.52
CA LEU NA 211 27.97 -81.23 24.79
C LEU NA 211 28.22 -79.75 25.15
N SER NA 212 29.09 -79.58 26.15
CA SER NA 212 29.51 -78.28 26.63
C SER NA 212 31.01 -78.43 26.86
N ILE NA 213 31.79 -77.55 26.25
CA ILE NA 213 33.25 -77.60 26.38
C ILE NA 213 33.81 -76.22 26.67
N ALA NA 214 34.89 -76.20 27.46
CA ALA NA 214 35.57 -74.96 27.79
C ALA NA 214 37.08 -75.19 27.73
N ILE NA 215 37.85 -74.14 27.47
CA ILE NA 215 39.31 -74.27 27.40
C ILE NA 215 40.02 -72.97 27.78
N VAL NA 216 41.30 -73.08 28.14
CA VAL NA 216 42.09 -71.94 28.60
C VAL NA 216 43.58 -72.31 28.57
N GLY NA 217 44.45 -71.31 28.58
CA GLY NA 217 45.89 -71.56 28.60
C GLY NA 217 46.74 -70.61 27.78
N LYS NA 218 48.04 -70.65 28.04
CA LYS NA 218 49.01 -69.72 27.47
C LYS NA 218 48.40 -68.46 26.85
N ASP NA 219 47.98 -68.58 25.59
CA ASP NA 219 47.43 -67.44 24.89
C ASP NA 219 45.99 -67.67 24.45
N THR NA 220 45.29 -68.53 25.18
CA THR NA 220 43.87 -68.69 24.97
C THR NA 220 43.14 -68.37 26.27
N PRO NA 221 42.38 -67.25 26.27
CA PRO NA 221 41.54 -66.91 27.43
C PRO NA 221 40.35 -67.85 27.53
N PHE NA 222 39.88 -68.08 28.76
CA PHE NA 222 38.77 -69.00 29.02
C PHE NA 222 37.57 -68.72 28.10
N THR NA 223 37.30 -69.68 27.21
CA THR NA 223 36.11 -69.61 26.36
C THR NA 223 35.29 -70.89 26.42
N ILE NA 224 33.99 -70.72 26.20
CA ILE NA 224 33.02 -71.80 26.38
C ILE NA 224 32.29 -72.10 25.07
N TYR NA 225 32.28 -73.37 24.68
CA TYR NA 225 31.65 -73.76 23.42
C TYR NA 225 30.41 -74.63 23.65
N ASP NA 226 29.23 -74.05 23.45
CA ASP NA 226 27.97 -74.76 23.52
C ASP NA 226 27.36 -74.68 22.13
N GLY NA 227 26.35 -75.51 21.87
CA GLY NA 227 25.60 -75.43 20.62
C GLY NA 227 26.38 -75.87 19.40
N GLU NA 228 26.22 -75.15 18.28
CA GLU NA 228 26.88 -75.56 17.05
C GLU NA 228 28.42 -75.52 17.14
N ALA NA 229 28.94 -74.62 17.97
CA ALA NA 229 30.39 -74.49 18.13
C ALA NA 229 31.08 -75.80 18.52
N VAL NA 230 30.31 -76.75 19.06
CA VAL NA 230 30.86 -78.01 19.57
C VAL NA 230 30.84 -79.13 18.54
N ALA NA 231 30.14 -78.89 17.43
CA ALA NA 231 29.97 -79.92 16.41
C ALA NA 231 31.29 -80.54 15.94
N LYS NA 232 32.31 -79.70 15.72
CA LYS NA 232 33.57 -80.19 15.12
C LYS NA 232 34.25 -81.33 15.90
N TYR NA 233 33.77 -81.60 17.12
CA TYR NA 233 34.37 -82.61 17.98
C TYR NA 233 33.52 -83.88 18.12
N ILE NA 234 32.54 -84.06 17.25
CA ILE NA 234 31.61 -85.20 17.32
C ILE NA 234 31.70 -86.18 16.13
CA GLY OA 1 17.71 -90.62 80.31
C GLY OA 1 19.04 -90.10 79.77
N THR OA 2 19.53 -90.74 78.70
CA THR OA 2 20.88 -90.48 78.15
C THR OA 2 20.92 -89.62 76.88
N GLY OA 3 22.08 -89.59 76.21
CA GLY OA 3 22.31 -88.68 75.09
C GLY OA 3 23.43 -87.66 75.34
N TYR OA 4 24.34 -88.04 76.23
CA TYR OA 4 25.40 -87.15 76.74
C TYR OA 4 26.54 -86.93 75.73
N ASP OA 5 26.36 -87.39 74.50
CA ASP OA 5 27.45 -87.39 73.52
C ASP OA 5 27.03 -86.90 72.13
N LEU OA 6 25.91 -86.18 72.05
CA LEU OA 6 25.45 -85.62 70.77
C LEU OA 6 25.71 -84.12 70.78
N SER OA 7 25.89 -83.59 71.99
CA SER OA 7 26.16 -82.18 72.17
C SER OA 7 27.58 -81.96 72.64
N ASN OA 8 28.15 -80.83 72.20
CA ASN OA 8 29.57 -80.58 72.39
C ASN OA 8 29.96 -80.11 73.80
N SER OA 9 29.24 -79.14 74.35
CA SER OA 9 29.62 -78.58 75.65
C SER OA 9 29.43 -79.57 76.81
N VAL OA 10 28.78 -80.69 76.52
CA VAL OA 10 28.14 -81.53 77.56
C VAL OA 10 29.02 -82.52 78.32
N PHE OA 11 28.98 -82.42 79.64
CA PHE OA 11 29.74 -83.29 80.54
C PHE OA 11 29.08 -84.64 80.72
N SER OA 12 29.82 -85.68 80.38
CA SER OA 12 29.40 -87.02 80.73
C SER OA 12 29.38 -87.05 82.25
N PRO OA 13 28.60 -87.99 82.80
CA PRO OA 13 28.51 -88.25 84.23
C PRO OA 13 29.85 -88.32 85.02
N ASP OA 14 30.98 -88.57 84.37
CA ASP OA 14 32.25 -88.61 85.11
C ASP OA 14 33.34 -87.66 84.60
N GLY OA 15 32.92 -86.57 83.97
CA GLY OA 15 33.80 -85.44 83.69
C GLY OA 15 34.31 -85.29 82.27
N ARG OA 16 33.74 -86.06 81.35
CA ARG OA 16 34.25 -86.11 79.99
C ARG OA 16 33.36 -85.47 78.93
N ASN OA 17 34.02 -84.83 77.98
CA ASN OA 17 33.35 -84.19 76.88
C ASN OA 17 33.49 -85.14 75.71
N PHE OA 18 32.44 -85.89 75.40
CA PHE OA 18 32.59 -87.01 74.48
C PHE OA 18 32.84 -86.62 73.03
N GLN OA 19 32.23 -85.52 72.60
CA GLN OA 19 32.41 -85.05 71.24
C GLN OA 19 33.90 -84.78 70.89
N VAL OA 20 34.66 -84.29 71.86
CA VAL OA 20 36.09 -84.15 71.70
C VAL OA 20 36.79 -85.50 71.47
N GLU OA 21 36.50 -86.48 72.31
CA GLU OA 21 37.08 -87.81 72.19
C GLU OA 21 36.79 -88.47 70.83
N TYR OA 22 35.63 -88.17 70.23
CA TYR OA 22 35.31 -88.67 68.88
C TYR OA 22 36.17 -87.99 67.81
N ALA OA 23 36.44 -86.69 67.98
CA ALA OA 23 37.28 -85.94 67.05
C ALA OA 23 38.70 -86.50 67.04
N VAL OA 24 39.17 -86.90 68.21
CA VAL OA 24 40.49 -87.47 68.32
C VAL OA 24 40.55 -88.73 67.46
N LYS OA 25 39.40 -89.38 67.27
CA LYS OA 25 39.34 -90.61 66.46
C LYS OA 25 39.54 -90.27 64.99
N ALA OA 26 39.13 -89.07 64.58
CA ALA OA 26 39.28 -88.63 63.19
C ALA OA 26 40.73 -88.28 62.92
N VAL OA 27 41.38 -87.67 63.91
CA VAL OA 27 42.82 -87.48 63.93
C VAL OA 27 43.56 -88.81 63.71
N GLU OA 28 43.25 -89.80 64.55
CA GLU OA 28 43.95 -91.09 64.51
C GLU OA 28 43.79 -91.80 63.16
N ASN OA 29 42.76 -91.44 62.40
CA ASN OA 29 42.45 -92.11 61.13
C ASN OA 29 42.88 -91.30 59.92
N GLY OA 30 43.84 -90.41 60.11
CA GLY OA 30 44.33 -89.60 59.02
C GLY OA 30 45.82 -89.73 58.84
N THR OA 31 46.33 -89.15 57.75
CA THR OA 31 47.76 -89.04 57.49
C THR OA 31 48.59 -88.96 58.77
N THR OA 32 49.76 -89.62 58.77
CA THR OA 32 50.67 -89.55 59.93
C THR OA 32 51.70 -88.42 59.75
N SER OA 33 51.92 -87.64 60.81
CA SER OA 33 52.74 -86.44 60.71
C SER OA 33 53.56 -86.23 61.98
N ILE OA 34 54.79 -85.72 61.84
CA ILE OA 34 55.71 -85.66 62.98
C ILE OA 34 56.48 -84.36 63.12
N GLY OA 35 57.15 -84.24 64.25
CA GLY OA 35 58.01 -83.10 64.53
C GLY OA 35 59.18 -83.52 65.39
N ILE OA 36 60.35 -82.96 65.10
CA ILE OA 36 61.55 -83.25 65.90
C ILE OA 36 62.26 -81.96 66.31
N LYS OA 37 62.56 -81.85 67.60
CA LYS OA 37 63.25 -80.68 68.10
C LYS OA 37 64.73 -80.99 68.18
N CYS OA 38 65.53 -80.34 67.34
CA CYS OA 38 66.97 -80.49 67.40
C CYS OA 38 67.63 -79.34 68.17
N ASN OA 39 68.97 -79.29 68.13
CA ASN OA 39 69.73 -78.39 69.01
C ASN OA 39 69.66 -76.90 68.69
N ASP OA 40 69.12 -76.57 67.52
CA ASP OA 40 68.90 -75.15 67.18
C ASP OA 40 67.78 -74.95 66.16
N GLY OA 41 66.68 -75.68 66.36
CA GLY OA 41 65.53 -75.54 65.47
C GLY OA 41 64.57 -76.71 65.56
N VAL OA 42 63.72 -76.83 64.55
CA VAL OA 42 62.75 -77.91 64.47
C VAL OA 42 62.59 -78.43 63.05
N VAL OA 43 62.29 -79.71 62.92
CA VAL OA 43 62.07 -80.33 61.62
C VAL OA 43 60.66 -80.92 61.58
N PHE OA 44 59.98 -80.72 60.45
CA PHE OA 44 58.62 -81.21 60.31
C PHE OA 44 58.51 -82.16 59.12
N ALA OA 45 57.64 -83.15 59.25
CA ALA OA 45 57.44 -84.17 58.21
C ALA OA 45 55.99 -84.64 58.13
N VAL OA 46 55.52 -84.89 56.91
CA VAL OA 46 54.16 -85.36 56.72
C VAL OA 46 54.02 -86.45 55.62
N GLU OA 47 53.04 -87.34 55.80
CA GLU OA 47 52.73 -88.39 54.83
C GLU OA 47 51.63 -87.94 53.89
N LYS OA 48 51.97 -87.70 52.63
CA LYS OA 48 50.94 -87.36 51.63
C LYS OA 48 50.47 -88.60 50.88
N LEU OA 49 49.23 -89.04 51.12
CA LEU OA 49 48.72 -90.22 50.43
C LEU OA 49 48.41 -89.92 48.96
N ILE OA 50 48.47 -90.94 48.11
CA ILE OA 50 48.26 -90.76 46.68
C ILE OA 50 47.02 -91.49 46.17
N THR OA 51 45.86 -90.85 46.28
CA THR OA 51 44.58 -91.41 45.85
C THR OA 51 44.63 -92.13 44.49
N SER OA 52 45.07 -91.40 43.46
CA SER OA 52 45.23 -91.97 42.12
C SER OA 52 46.52 -91.44 41.44
N LYS OA 53 46.78 -91.91 40.22
CA LYS OA 53 48.01 -91.56 39.50
C LYS OA 53 47.97 -90.12 39.03
N LEU OA 54 46.77 -89.53 39.14
CA LEU OA 54 46.49 -88.22 38.56
C LEU OA 54 46.81 -87.08 39.50
N LEU OA 55 47.01 -87.40 40.78
CA LEU OA 55 47.49 -86.39 41.71
C LEU OA 55 48.86 -85.92 41.23
N VAL OA 56 49.09 -84.61 41.24
CA VAL OA 56 50.36 -84.08 40.76
C VAL OA 56 51.42 -84.13 41.84
N PRO OA 57 52.60 -84.65 41.47
CA PRO OA 57 53.77 -84.77 42.33
C PRO OA 57 54.30 -83.44 42.84
N GLN OA 58 54.51 -83.39 44.14
CA GLN OA 58 55.14 -82.26 44.81
C GLN OA 58 54.19 -81.07 44.92
N LYS OA 59 52.98 -81.19 44.35
CA LYS OA 59 52.11 -80.02 44.15
C LYS OA 59 50.79 -79.98 44.96
N ASN OA 60 50.74 -80.69 46.07
CA ASN OA 60 49.60 -80.54 46.98
C ASN OA 60 50.07 -80.33 48.41
N VAL OA 61 50.61 -79.13 48.67
CA VAL OA 61 51.30 -78.85 49.92
C VAL OA 61 50.42 -78.92 51.17
N LYS OA 62 50.88 -79.69 52.14
CA LYS OA 62 50.15 -79.93 53.38
C LYS OA 62 50.69 -79.07 54.52
N ILE OA 63 52.01 -78.93 54.58
CA ILE OA 63 52.64 -78.08 55.60
C ILE OA 63 52.40 -76.60 55.32
N GLN OA 64 51.83 -75.91 56.30
CA GLN OA 64 51.56 -74.48 56.19
C GLN OA 64 52.57 -73.71 57.04
N VAL OA 65 52.84 -72.48 56.63
CA VAL OA 65 53.80 -71.64 57.34
C VAL OA 65 53.07 -70.48 58.03
N VAL OA 66 53.46 -70.18 59.27
CA VAL OA 66 52.88 -69.05 59.99
C VAL OA 66 53.93 -67.97 60.27
N ASP OA 67 53.59 -66.72 59.94
CA ASP OA 67 54.56 -65.62 59.91
C ASP OA 67 55.68 -65.92 58.90
N ARG OA 68 56.88 -66.14 59.42
CA ARG OA 68 58.07 -66.23 58.61
C ARG OA 68 58.96 -67.30 59.22
N HIS OA 69 58.67 -67.56 60.50
CA HIS OA 69 59.53 -68.37 61.39
C HIS OA 69 58.84 -69.58 62.07
N ILE OA 70 57.57 -69.83 61.76
CA ILE OA 70 56.82 -70.91 62.41
C ILE OA 70 56.24 -71.90 61.40
N GLY OA 71 56.32 -73.19 61.75
CA GLY OA 71 55.74 -74.23 60.92
C GLY OA 71 54.57 -74.96 61.56
N CYS OA 72 53.56 -75.27 60.74
CA CYS OA 72 52.44 -76.10 61.20
C CYS OA 72 52.19 -77.30 60.32
N VAL OA 73 51.96 -78.44 60.95
CA VAL OA 73 51.51 -79.62 60.21
C VAL OA 73 50.41 -80.31 61.00
N TYR OA 74 49.43 -80.85 60.30
CA TYR OA 74 48.34 -81.48 61.01
C TYR OA 74 47.90 -82.81 60.40
N SER OA 75 47.18 -83.58 61.21
CA SER OA 75 46.70 -84.88 60.79
C SER OA 75 45.20 -84.95 61.03
N GLY OA 76 44.45 -85.37 60.01
CA GLY OA 76 43.03 -85.51 60.19
C GLY OA 76 42.22 -84.84 59.11
N LEU OA 77 41.12 -84.21 59.51
CA LEU OA 77 40.31 -83.42 58.60
C LEU OA 77 41.16 -82.27 58.12
N ILE OA 78 41.55 -82.28 56.85
CA ILE OA 78 42.49 -81.28 56.38
C ILE OA 78 41.94 -79.83 56.41
N PRO OA 79 40.69 -79.62 55.95
CA PRO OA 79 40.13 -78.26 55.95
C PRO OA 79 40.09 -77.57 57.32
N ASP OA 80 40.04 -78.36 58.38
CA ASP OA 80 40.04 -77.85 59.76
C ASP OA 80 41.43 -77.40 60.15
N GLY OA 81 42.42 -78.07 59.58
CA GLY OA 81 43.79 -77.64 59.70
C GLY OA 81 43.95 -76.24 59.11
N ARG OA 82 43.34 -76.02 57.95
CA ARG OA 82 43.46 -74.72 57.28
C ARG OA 82 42.72 -73.64 58.02
N HIS OA 83 41.50 -73.91 58.45
CA HIS OA 83 40.74 -72.95 59.26
C HIS OA 83 41.48 -72.62 60.56
N LEU OA 84 42.20 -73.59 61.12
CA LEU OA 84 42.95 -73.34 62.36
C LEU OA 84 44.21 -72.53 62.08
N VAL OA 85 44.93 -72.89 61.02
CA VAL OA 85 46.13 -72.16 60.64
C VAL OA 85 45.82 -70.72 60.21
N ASN OA 86 44.61 -70.50 59.67
CA ASN OA 86 44.21 -69.14 59.32
C ASN OA 86 44.06 -68.30 60.58
N ARG OA 87 43.21 -68.74 61.49
CA ARG OA 87 43.11 -68.06 62.77
C ARG OA 87 44.50 -67.97 63.44
N GLY OA 88 45.37 -68.91 63.09
CA GLY OA 88 46.73 -68.91 63.62
C GLY OA 88 47.51 -67.67 63.21
N ARG OA 89 47.36 -67.28 61.95
CA ARG OA 89 48.09 -66.14 61.39
C ARG OA 89 47.49 -64.79 61.78
N GLU OA 90 46.16 -64.74 61.90
CA GLU OA 90 45.45 -63.51 62.27
C GLU OA 90 45.96 -63.09 63.64
N GLU OA 91 46.33 -64.11 64.40
CA GLU OA 91 46.71 -63.96 65.79
C GLU OA 91 48.18 -63.54 65.83
N ALA OA 92 48.99 -64.14 64.96
CA ALA OA 92 50.43 -63.93 64.94
C ALA OA 92 50.78 -62.55 64.40
N ALA OA 93 49.80 -61.95 63.75
CA ALA OA 93 49.95 -60.66 63.10
C ALA OA 93 49.29 -59.56 63.92
N SER OA 94 48.31 -59.91 64.75
CA SER OA 94 47.84 -58.99 65.79
C SER OA 94 49.02 -58.74 66.69
N PHE OA 95 49.65 -59.82 67.12
CA PHE OA 95 50.78 -59.73 68.03
C PHE OA 95 51.90 -58.86 67.43
N LYS OA 96 52.41 -59.22 66.26
CA LYS OA 96 53.49 -58.45 65.65
C LYS OA 96 53.14 -56.95 65.56
N LYS OA 97 51.98 -56.62 64.99
CA LYS OA 97 51.55 -55.24 64.77
C LYS OA 97 51.69 -54.36 66.02
N LEU OA 98 51.28 -54.90 67.16
CA LEU OA 98 51.34 -54.15 68.43
C LEU OA 98 52.68 -54.22 69.20
N TYR OA 99 53.26 -55.40 69.32
CA TYR OA 99 54.48 -55.58 70.12
C TYR OA 99 55.79 -55.63 69.30
N LYS OA 100 55.69 -55.45 67.99
CA LYS OA 100 56.83 -55.41 67.03
C LYS OA 100 57.61 -56.70 66.82
N THR OA 101 58.04 -57.34 67.90
CA THR OA 101 58.68 -58.65 67.79
C THR OA 101 57.68 -59.67 67.25
N PRO OA 102 58.13 -60.58 66.35
CA PRO OA 102 57.24 -61.63 65.82
C PRO OA 102 56.90 -62.62 66.93
N ILE OA 103 55.68 -63.13 66.91
CA ILE OA 103 55.15 -63.84 68.07
C ILE OA 103 55.97 -65.06 68.49
N PRO OA 104 56.40 -65.08 69.76
CA PRO OA 104 57.14 -66.17 70.42
C PRO OA 104 56.38 -67.49 70.42
N ILE OA 105 57.10 -68.60 70.19
CA ILE OA 105 56.46 -69.89 69.99
C ILE OA 105 55.51 -70.28 71.12
N PRO OA 106 55.97 -70.17 72.37
CA PRO OA 106 55.11 -70.55 73.50
C PRO OA 106 53.86 -69.67 73.59
N ALA OA 107 53.99 -68.40 73.22
CA ALA OA 107 52.88 -67.45 73.24
C ALA OA 107 51.91 -67.72 72.09
N PHE OA 108 52.46 -68.15 70.96
CA PHE OA 108 51.67 -68.57 69.81
C PHE OA 108 50.85 -69.80 70.18
N ALA OA 109 51.49 -70.76 70.85
CA ALA OA 109 50.83 -72.00 71.22
C ALA OA 109 49.62 -71.69 72.09
N ASP OA 110 49.81 -70.87 73.14
CA ASP OA 110 48.71 -70.51 74.03
C ASP OA 110 47.54 -69.84 73.32
N ARG OA 111 47.79 -69.28 72.13
CA ARG OA 111 46.75 -68.58 71.37
C ARG OA 111 45.90 -69.55 70.56
N LEU OA 112 46.55 -70.53 69.94
CA LEU OA 112 45.86 -71.65 69.30
C LEU OA 112 45.11 -72.48 70.35
N GLY OA 113 45.76 -72.74 71.47
CA GLY OA 113 45.14 -73.44 72.58
C GLY OA 113 43.78 -72.86 72.92
N GLN OA 114 43.72 -71.55 73.12
CA GLN OA 114 42.45 -70.92 73.47
C GLN OA 114 41.41 -70.94 72.34
N TYR OA 115 41.82 -70.85 71.07
CA TYR OA 115 40.86 -70.95 69.95
C TYR OA 115 40.25 -72.34 69.96
N VAL OA 116 41.09 -73.37 70.08
CA VAL OA 116 40.62 -74.75 70.05
C VAL OA 116 39.74 -75.05 71.25
N GLN OA 117 40.29 -74.79 72.43
CA GLN OA 117 39.56 -74.95 73.68
C GLN OA 117 38.22 -74.23 73.67
N ALA OA 118 38.16 -73.08 73.01
CA ALA OA 118 36.93 -72.30 72.94
C ALA OA 118 35.92 -72.93 71.97
N HIS OA 119 36.39 -73.89 71.17
CA HIS OA 119 35.50 -74.68 70.31
C HIS OA 119 34.99 -75.92 71.05
N THR OA 120 35.20 -75.95 72.37
CA THR OA 120 34.68 -77.04 73.19
C THR OA 120 33.81 -76.49 74.32
N LEU OA 121 33.09 -75.41 74.02
CA LEU OA 121 32.38 -74.68 75.07
C LEU OA 121 30.88 -74.58 74.82
N TYR OA 122 30.47 -74.78 73.58
CA TYR OA 122 29.07 -74.63 73.26
C TYR OA 122 28.59 -75.81 72.47
N ASN OA 123 27.35 -76.21 72.71
CA ASN OA 123 26.73 -77.34 72.02
C ASN OA 123 26.68 -77.14 70.51
N SER OA 124 26.91 -75.90 70.08
CA SER OA 124 26.65 -75.48 68.70
C SER OA 124 27.89 -75.23 67.81
N VAL OA 125 29.04 -75.80 68.18
CA VAL OA 125 30.24 -75.76 67.34
C VAL OA 125 31.06 -77.00 67.65
N ARG OA 126 31.51 -77.71 66.62
CA ARG OA 126 32.26 -78.94 66.86
C ARG OA 126 33.75 -78.66 66.96
N PRO OA 127 34.46 -79.50 67.74
CA PRO OA 127 35.89 -79.38 68.03
C PRO OA 127 36.63 -79.56 66.74
N PHE OA 128 37.91 -79.21 66.73
CA PHE OA 128 38.70 -79.37 65.52
C PHE OA 128 39.01 -80.81 65.27
N GLY OA 129 39.05 -81.17 63.99
CA GLY OA 129 39.30 -82.55 63.61
C GLY OA 129 40.77 -82.78 63.33
N VAL OA 130 41.62 -82.14 64.12
CA VAL OA 130 43.04 -82.25 63.90
C VAL OA 130 43.81 -82.16 65.22
N SER OA 131 44.87 -82.96 65.31
CA SER OA 131 45.93 -82.70 66.27
C SER OA 131 46.99 -82.00 65.45
N THR OA 132 47.46 -80.86 65.95
CA THR OA 132 48.35 -80.01 65.18
C THR OA 132 49.75 -80.05 65.79
N ILE OA 133 50.75 -80.34 64.97
CA ILE OA 133 52.14 -80.24 65.40
C ILE OA 133 52.76 -78.98 64.81
N PHE OA 134 53.30 -78.12 65.67
CA PHE OA 134 53.86 -76.85 65.23
C PHE OA 134 55.04 -76.42 66.10
N GLY OA 135 55.80 -75.45 65.61
CA GLY OA 135 56.95 -74.94 66.34
C GLY OA 135 57.83 -74.04 65.51
N GLY OA 136 58.94 -73.61 66.09
CA GLY OA 136 59.88 -72.75 65.40
C GLY OA 136 60.99 -72.27 66.31
N VAL OA 137 61.62 -71.16 65.94
CA VAL OA 137 62.71 -70.57 66.70
C VAL OA 137 62.38 -69.17 67.16
N ASP OA 138 62.47 -68.92 68.46
CA ASP OA 138 62.27 -67.58 69.00
C ASP OA 138 63.52 -67.05 69.73
N LYS OA 139 63.35 -65.93 70.43
CA LYS OA 139 64.42 -65.33 71.22
C LYS OA 139 65.23 -66.34 72.08
N ASN OA 140 64.59 -67.42 72.56
CA ASN OA 140 65.33 -68.40 73.37
C ASN OA 140 65.34 -69.81 72.79
N GLY OA 141 65.67 -69.90 71.51
CA GLY OA 141 65.94 -71.17 70.90
C GLY OA 141 64.75 -71.82 70.24
N ALA OA 142 64.71 -73.14 70.28
CA ALA OA 142 63.72 -73.89 69.52
C ALA OA 142 62.59 -74.40 70.41
N HIS OA 143 61.39 -74.50 69.83
CA HIS OA 143 60.25 -75.04 70.54
C HIS OA 143 59.39 -75.89 69.64
N LEU OA 144 59.08 -77.11 70.08
CA LEU OA 144 58.12 -77.96 69.38
C LEU OA 144 56.92 -78.21 70.27
N TYR OA 145 55.73 -77.97 69.71
CA TYR OA 145 54.45 -78.11 70.43
C TYR OA 145 53.49 -79.07 69.71
N MET OA 146 52.54 -79.64 70.44
CA MET OA 146 51.47 -80.43 69.84
C MET OA 146 50.15 -80.16 70.55
N LEU OA 147 49.08 -80.03 69.76
CA LEU OA 147 47.80 -79.53 70.28
C LEU OA 147 46.61 -80.33 69.75
N GLU OA 148 46.02 -81.13 70.62
CA GLU OA 148 44.85 -81.96 70.27
C GLU OA 148 43.53 -81.19 70.35
N PRO OA 149 42.46 -81.76 69.77
CA PRO OA 149 41.13 -81.12 69.64
C PRO OA 149 40.56 -80.61 70.95
N SER OA 150 41.02 -81.16 72.08
CA SER OA 150 40.50 -80.76 73.39
C SER OA 150 40.98 -79.35 73.81
N GLY OA 151 42.08 -78.92 73.20
CA GLY OA 151 42.77 -77.71 73.60
C GLY OA 151 44.09 -78.01 74.31
N SER OA 152 44.26 -79.25 74.75
CA SER OA 152 45.51 -79.68 75.38
C SER OA 152 46.70 -79.39 74.45
N TYR OA 153 47.79 -78.91 75.03
CA TYR OA 153 49.04 -78.70 74.30
C TYR OA 153 50.21 -78.75 75.27
N TRP OA 154 51.32 -79.32 74.82
CA TRP OA 154 52.52 -79.32 75.63
C TRP OA 154 53.71 -79.22 74.70
N GLY OA 155 54.88 -78.99 75.28
CA GLY OA 155 56.11 -78.89 74.51
C GLY OA 155 56.83 -80.21 74.48
N TYR OA 156 57.14 -80.70 73.28
CA TYR OA 156 57.75 -82.02 73.12
C TYR OA 156 59.19 -81.93 72.59
N LYS OA 157 59.98 -82.96 72.91
CA LYS OA 157 61.30 -83.17 72.29
C LYS OA 157 61.05 -83.71 70.87
N GLY OA 158 59.97 -84.47 70.73
CA GLY OA 158 59.48 -84.89 69.43
C GLY OA 158 58.02 -85.24 69.58
N ALA OA 159 57.29 -85.32 68.48
CA ALA OA 159 55.87 -85.64 68.58
C ALA OA 159 55.35 -86.28 67.31
N ALA OA 160 54.29 -87.05 67.46
CA ALA OA 160 53.65 -87.69 66.32
C ALA OA 160 52.15 -87.69 66.53
N THR OA 161 51.43 -87.80 65.42
CA THR OA 161 49.98 -87.97 65.46
C THR OA 161 49.52 -88.45 64.09
N GLY OA 162 48.49 -89.28 64.05
CA GLY OA 162 48.03 -89.87 62.80
C GLY OA 162 47.92 -91.38 62.92
N LYS OA 163 47.62 -92.05 61.80
CA LYS OA 163 47.47 -93.50 61.80
C LYS OA 163 48.73 -94.21 62.36
N GLY OA 164 49.90 -93.75 61.89
CA GLY OA 164 51.17 -94.29 62.37
C GLY OA 164 51.67 -93.65 63.64
N ARG OA 165 50.75 -93.22 64.50
CA ARG OA 165 51.11 -92.55 65.76
C ARG OA 165 52.01 -93.43 66.66
N GLN OA 166 51.48 -94.55 67.18
CA GLN OA 166 52.26 -95.36 68.12
C GLN OA 166 53.59 -95.78 67.54
N SER OA 167 53.62 -95.98 66.22
CA SER OA 167 54.82 -96.44 65.52
C SER OA 167 55.97 -95.40 65.51
N ALA OA 168 55.65 -94.17 65.12
CA ALA OA 168 56.64 -93.09 65.10
C ALA OA 168 57.07 -92.72 66.51
N LYS OA 169 56.11 -92.54 67.41
CA LYS OA 169 56.39 -92.21 68.80
C LYS OA 169 57.45 -93.14 69.38
N ALA OA 170 57.52 -94.36 68.85
CA ALA OA 170 58.46 -95.36 69.37
C ALA OA 170 59.86 -95.22 68.78
N GLU OA 171 59.95 -94.89 67.49
CA GLU OA 171 61.23 -94.58 66.86
C GLU OA 171 61.76 -93.23 67.36
N LEU OA 172 60.82 -92.34 67.67
CA LEU OA 172 61.11 -91.03 68.23
C LEU OA 172 61.75 -91.17 69.61
N GLU OA 173 61.22 -92.07 70.45
CA GLU OA 173 61.76 -92.27 71.78
C GLU OA 173 63.15 -92.91 71.72
N LYS OA 174 63.45 -93.51 70.56
CA LYS OA 174 64.73 -94.19 70.36
C LYS OA 174 65.84 -93.18 70.19
N LEU OA 175 65.55 -92.07 69.52
CA LEU OA 175 66.53 -91.00 69.32
C LEU OA 175 66.78 -90.17 70.57
N VAL OA 176 65.69 -89.77 71.24
CA VAL OA 176 65.79 -89.06 72.51
C VAL OA 176 66.59 -89.89 73.52
N ASP OA 177 66.64 -91.20 73.28
CA ASP OA 177 67.37 -92.13 74.13
C ASP OA 177 68.86 -92.12 73.78
N HIS OA 178 69.18 -92.35 72.50
CA HIS OA 178 70.57 -92.42 72.02
C HIS OA 178 71.28 -91.08 72.12
N HIS OA 179 70.65 -90.04 71.58
CA HIS OA 179 71.22 -88.70 71.59
C HIS OA 179 70.38 -87.77 72.48
N PRO OA 180 70.74 -87.67 73.77
CA PRO OA 180 70.04 -86.77 74.69
C PRO OA 180 70.19 -85.27 74.35
N GLU OA 181 71.33 -84.87 73.76
CA GLU OA 181 71.62 -83.46 73.46
C GLU OA 181 70.89 -82.95 72.22
N GLY OA 182 70.03 -83.82 71.66
CA GLY OA 182 69.28 -83.50 70.47
C GLY OA 182 70.10 -83.78 69.21
N LEU OA 183 69.40 -84.00 68.11
CA LEU OA 183 70.04 -84.23 66.82
C LEU OA 183 70.60 -82.94 66.21
N SER OA 184 71.44 -83.08 65.19
CA SER OA 184 71.90 -81.92 64.40
C SER OA 184 70.77 -81.49 63.48
N ALA OA 185 70.70 -80.20 63.19
CA ALA OA 185 69.66 -79.71 62.29
C ALA OA 185 69.55 -80.62 61.06
N ARG OA 186 70.67 -80.90 60.40
CA ARG OA 186 70.67 -81.74 59.20
C ARG OA 186 70.25 -83.19 59.47
N GLU OA 187 70.76 -83.77 60.57
CA GLU OA 187 70.48 -85.17 60.90
C GLU OA 187 69.00 -85.39 61.19
N ALA OA 188 68.42 -84.45 61.94
CA ALA OA 188 67.01 -84.50 62.28
C ALA OA 188 66.15 -84.65 61.02
N VAL OA 189 66.61 -84.07 59.91
CA VAL OA 189 65.88 -84.18 58.64
C VAL OA 189 66.00 -85.56 58.03
N LYS OA 190 67.21 -86.12 58.01
CA LYS OA 190 67.42 -87.47 57.50
C LYS OA 190 66.54 -88.43 58.27
N GLN OA 191 66.51 -88.26 59.59
CA GLN OA 191 65.77 -89.15 60.50
C GLN OA 191 64.23 -89.02 60.38
N ALA OA 192 63.72 -87.79 60.25
CA ALA OA 192 62.28 -87.58 60.07
C ALA OA 192 61.80 -88.34 58.85
N ALA OA 193 62.66 -88.39 57.83
CA ALA OA 193 62.35 -89.10 56.60
C ALA OA 193 62.31 -90.61 56.83
N LYS OA 194 63.20 -91.11 57.68
CA LYS OA 194 63.15 -92.52 58.05
C LYS OA 194 61.81 -92.79 58.73
N ILE OA 195 61.51 -91.98 59.74
CA ILE OA 195 60.35 -92.24 60.61
C ILE OA 195 59.03 -92.26 59.86
N ILE OA 196 58.88 -91.38 58.88
CA ILE OA 196 57.68 -91.40 58.06
C ILE OA 196 57.62 -92.67 57.20
N TYR OA 197 58.73 -93.00 56.56
CA TYR OA 197 58.78 -94.19 55.71
C TYR OA 197 58.37 -95.45 56.48
N LEU OA 198 58.65 -95.47 57.78
CA LEU OA 198 58.29 -96.60 58.65
C LEU OA 198 56.81 -96.59 59.04
N ALA OA 199 56.36 -95.47 59.61
CA ALA OA 199 54.96 -95.33 60.01
C ALA OA 199 54.02 -95.37 58.80
N HIS OA 200 54.56 -95.75 57.65
CA HIS OA 200 53.74 -95.91 56.45
C HIS OA 200 53.25 -97.35 56.34
N GLU OA 201 53.97 -98.28 56.96
CA GLU OA 201 53.55 -99.69 56.94
C GLU OA 201 52.19 -99.90 57.60
N ASP OA 202 51.74 -98.88 58.34
CA ASP OA 202 50.43 -98.91 58.99
C ASP OA 202 49.35 -98.36 58.04
N ASN OA 203 49.74 -98.12 56.79
CA ASN OA 203 48.86 -97.56 55.76
C ASN OA 203 49.35 -97.98 54.38
N LYS OA 204 50.03 -99.14 54.32
CA LYS OA 204 50.84 -99.50 53.15
C LYS OA 204 50.05 -99.75 51.87
N GLU OA 205 48.73 -99.67 51.97
CA GLU OA 205 47.84 -99.91 50.84
C GLU OA 205 48.10 -98.96 49.67
N LYS OA 206 48.06 -97.67 49.97
CA LYS OA 206 48.26 -96.61 48.98
C LYS OA 206 49.72 -96.11 48.98
N ASP OA 207 50.09 -95.38 47.93
CA ASP OA 207 51.43 -94.84 47.80
C ASP OA 207 51.56 -93.43 48.39
N PHE OA 208 52.78 -92.91 48.46
CA PHE OA 208 53.00 -91.62 49.14
C PHE OA 208 54.23 -90.76 48.74
N GLU OA 209 54.07 -89.45 48.84
CA GLU OA 209 55.17 -88.50 48.75
C GLU OA 209 55.55 -88.09 50.16
N LEU OA 210 56.82 -87.80 50.35
CA LEU OA 210 57.27 -87.20 51.58
C LEU OA 210 57.29 -85.67 51.41
N GLU OA 211 57.22 -84.97 52.53
CA GLU OA 211 57.26 -83.52 52.55
C GLU OA 211 57.92 -83.13 53.87
N ILE OA 212 59.00 -82.37 53.76
CA ILE OA 212 59.71 -81.93 54.95
C ILE OA 212 59.92 -80.43 54.88
N SER OA 213 59.77 -79.77 56.03
CA SER OA 213 60.16 -78.38 56.17
C SER OA 213 60.93 -78.27 57.47
N TRP OA 214 61.68 -77.19 57.62
CA TRP OA 214 62.43 -77.00 58.85
C TRP OA 214 62.67 -75.52 59.18
N CYS OA 215 63.01 -75.29 60.44
CA CYS OA 215 63.31 -73.97 60.93
C CYS OA 215 64.56 -74.10 61.80
N SER OA 216 65.71 -73.67 61.28
CA SER OA 216 66.97 -73.85 61.99
C SER OA 216 67.73 -72.54 62.09
N LEU OA 217 68.25 -72.30 63.29
CA LEU OA 217 68.99 -71.09 63.61
C LEU OA 217 70.35 -71.03 62.91
N SER OA 218 70.75 -72.14 62.29
CA SER OA 218 72.05 -72.21 61.62
C SER OA 218 71.92 -72.52 60.12
N GLU OA 219 70.92 -73.34 59.77
CA GLU OA 219 70.75 -73.83 58.40
C GLU OA 219 69.72 -73.06 57.57
N THR OA 220 68.88 -72.26 58.22
CA THR OA 220 67.99 -71.33 57.54
C THR OA 220 67.86 -70.02 58.31
N ASN OA 221 68.94 -69.63 58.98
CA ASN OA 221 68.97 -68.41 59.78
C ASN OA 221 67.63 -68.03 60.42
N GLY OA 222 67.04 -68.98 61.16
CA GLY OA 222 65.88 -68.70 61.98
C GLY OA 222 64.52 -68.76 61.28
N LEU OA 223 64.54 -68.76 59.95
CA LEU OA 223 63.31 -68.80 59.13
C LEU OA 223 62.83 -70.21 58.81
N HIS OA 224 61.61 -70.29 58.28
CA HIS OA 224 60.98 -71.57 58.01
C HIS OA 224 60.96 -71.83 56.51
N LYS OA 225 62.06 -72.37 56.01
CA LYS OA 225 62.15 -72.76 54.61
C LYS OA 225 61.73 -74.23 54.49
N PHE OA 226 61.31 -74.64 53.30
CA PHE OA 226 61.02 -76.05 53.02
C PHE OA 226 62.31 -76.81 52.67
N VAL OA 227 62.27 -78.13 52.79
CA VAL OA 227 63.39 -78.99 52.35
C VAL OA 227 63.13 -79.54 50.95
N LYS OA 228 64.02 -79.18 50.01
CA LYS OA 228 63.79 -79.45 48.59
C LYS OA 228 65.04 -79.88 47.83
N GLY OA 229 64.81 -80.40 46.62
CA GLY OA 229 65.86 -80.76 45.69
C GLY OA 229 66.87 -81.78 46.18
N ASP OA 230 68.13 -81.38 46.24
CA ASP OA 230 69.23 -82.28 46.59
C ASP OA 230 69.15 -82.78 48.03
N LEU OA 231 68.79 -81.89 48.93
CA LEU OA 231 68.73 -82.26 50.34
C LEU OA 231 67.51 -83.13 50.62
N LEU OA 232 66.50 -83.05 49.76
CA LEU OA 232 65.31 -83.90 49.92
C LEU OA 232 65.60 -85.32 49.44
N GLN OA 233 66.33 -85.43 48.33
CA GLN OA 233 66.76 -86.74 47.87
C GLN OA 233 67.79 -87.33 48.85
N GLU OA 234 68.60 -86.45 49.44
CA GLU OA 234 69.57 -86.85 50.47
C GLU OA 234 68.90 -87.77 51.49
N ALA OA 235 67.68 -87.40 51.87
CA ALA OA 235 66.96 -88.08 52.93
C ALA OA 235 66.02 -89.18 52.41
N ILE OA 236 65.39 -88.95 51.26
CA ILE OA 236 64.58 -90.00 50.64
C ILE OA 236 65.44 -91.24 50.36
N ASP OA 237 66.71 -91.01 50.04
CA ASP OA 237 67.65 -92.11 49.77
C ASP OA 237 68.20 -92.73 51.06
N PHE OA 238 68.10 -91.99 52.16
CA PHE OA 238 68.50 -92.49 53.49
C PHE OA 238 67.41 -93.35 54.11
N ALA OA 239 66.16 -93.05 53.76
CA ALA OA 239 65.04 -93.85 54.20
C ALA OA 239 65.00 -95.22 53.49
N GLN OA 240 65.11 -95.20 52.16
CA GLN OA 240 65.15 -96.42 51.37
C GLN OA 240 66.22 -97.39 51.91
N LYS OA 241 67.33 -96.86 52.39
CA LYS OA 241 68.45 -97.67 52.90
C LYS OA 241 68.18 -98.28 54.28
N GLU OA 242 67.28 -97.66 55.04
CA GLU OA 242 66.93 -98.17 56.37
C GLU OA 242 65.55 -98.82 56.37
N ILE OA 243 65.04 -99.08 55.18
CA ILE OA 243 63.78 -99.80 55.02
C ILE OA 243 64.11 -101.18 54.44
N ASN OA 244 65.27 -101.26 53.78
CA ASN OA 244 65.72 -102.48 53.12
C ASN OA 244 66.91 -103.12 53.84
N ALA PA 1 58.03 -29.16 78.26
CA ALA PA 1 58.94 -29.72 79.28
C ALA PA 1 60.43 -29.56 78.90
N SER PA 2 61.28 -30.49 79.32
CA SER PA 2 62.72 -30.45 78.99
C SER PA 2 63.46 -31.75 79.38
N ILE PA 3 63.45 -32.75 78.49
CA ILE PA 3 63.87 -34.11 78.82
C ILE PA 3 64.83 -34.78 77.82
N MET PA 4 65.59 -35.76 78.32
CA MET PA 4 66.57 -36.47 77.52
C MET PA 4 66.87 -37.86 78.08
N ALA PA 5 67.51 -38.72 77.29
CA ALA PA 5 67.97 -40.03 77.75
C ALA PA 5 69.25 -40.46 77.04
N VAL PA 6 70.17 -41.03 77.82
CA VAL PA 6 71.51 -41.35 77.31
C VAL PA 6 71.88 -42.80 77.62
N THR PA 7 72.52 -43.46 76.65
CA THR PA 7 73.03 -44.82 76.84
C THR PA 7 74.52 -44.85 77.13
N PHE PA 8 74.94 -45.92 77.80
CA PHE PA 8 76.35 -46.12 78.04
C PHE PA 8 76.78 -47.57 78.26
N LYS PA 9 78.01 -47.70 78.75
CA LYS PA 9 78.69 -48.97 78.94
C LYS PA 9 77.84 -49.90 79.81
N ASP PA 10 77.27 -49.36 80.89
CA ASP PA 10 76.57 -50.16 81.89
C ASP PA 10 75.03 -50.20 81.72
N GLY PA 11 74.50 -49.33 80.87
CA GLY PA 11 73.06 -49.28 80.64
C GLY PA 11 72.49 -48.05 79.96
N VAL PA 12 71.57 -47.38 80.66
CA VAL PA 12 70.86 -46.20 80.17
C VAL PA 12 70.49 -45.27 81.35
N ILE PA 13 70.47 -43.95 81.09
CA ILE PA 13 70.05 -42.98 82.12
C ILE PA 13 69.02 -42.00 81.60
N LEU PA 14 67.95 -41.83 82.37
CA LEU PA 14 66.89 -40.90 81.98
C LEU PA 14 66.99 -39.63 82.81
N GLY PA 15 66.69 -38.50 82.19
CA GLY PA 15 66.81 -37.22 82.85
C GLY PA 15 65.71 -36.28 82.44
N ALA PA 16 65.32 -35.39 83.35
CA ALA PA 16 64.23 -34.46 83.07
C ALA PA 16 64.25 -33.29 84.04
N ASP PA 17 63.54 -32.22 83.68
CA ASP PA 17 63.28 -31.15 84.65
C ASP PA 17 62.01 -31.54 85.40
N SER PA 18 61.42 -30.57 86.08
CA SER PA 18 60.23 -30.86 86.88
C SER PA 18 59.21 -29.75 86.82
N ARG PA 19 59.15 -29.02 85.71
CA ARG PA 19 58.32 -27.82 85.63
C ARG PA 19 57.18 -27.93 84.63
N THR PA 20 55.98 -28.18 85.12
CA THR PA 20 54.83 -28.15 84.24
C THR PA 20 54.19 -26.78 84.38
N THR PA 21 54.11 -26.07 83.27
CA THR PA 21 53.52 -24.74 83.27
C THR PA 21 52.23 -24.73 82.47
N THR PA 22 51.21 -24.08 83.03
CA THR PA 22 50.07 -23.65 82.24
C THR PA 22 50.13 -22.12 82.18
N GLY PA 23 50.51 -21.60 81.02
CA GLY PA 23 50.73 -20.18 80.84
C GLY PA 23 52.09 -19.71 81.32
N ALA PA 24 52.08 -18.66 82.13
CA ALA PA 24 53.31 -18.12 82.71
C ALA PA 24 53.47 -18.65 84.10
N TYR PA 25 52.46 -19.37 84.57
CA TYR PA 25 52.41 -19.88 85.94
C TYR PA 25 52.93 -21.31 86.06
N ILE PA 26 53.81 -21.53 87.03
CA ILE PA 26 54.35 -22.84 87.30
C ILE PA 26 53.36 -23.53 88.23
N ALA PA 27 52.50 -24.37 87.66
CA ALA PA 27 51.44 -25.02 88.44
C ALA PA 27 51.99 -26.06 89.38
N ASN PA 28 53.03 -26.75 88.93
CA ASN PA 28 53.74 -27.68 89.79
C ASN PA 28 55.23 -27.55 89.48
N ARG PA 29 56.06 -27.35 90.51
CA ARG PA 29 57.51 -27.19 90.30
C ARG PA 29 58.32 -28.39 90.77
N VAL PA 30 57.66 -29.53 90.91
CA VAL PA 30 58.35 -30.74 91.33
C VAL PA 30 57.88 -32.00 90.59
N THR PA 31 57.39 -31.80 89.36
CA THR PA 31 56.80 -32.87 88.56
C THR PA 31 57.76 -34.04 88.31
N ASP PA 32 57.25 -35.26 88.49
CA ASP PA 32 58.01 -36.46 88.15
C ASP PA 32 57.81 -36.86 86.69
N LYS PA 33 58.59 -36.26 85.79
CA LYS PA 33 58.43 -36.50 84.36
C LYS PA 33 59.05 -37.83 83.95
N LEU PA 34 59.68 -38.50 84.91
CA LEU PA 34 60.23 -39.83 84.68
C LEU PA 34 59.21 -40.86 85.16
N THR PA 35 58.59 -41.56 84.22
CA THR PA 35 57.46 -42.42 84.53
C THR PA 35 57.77 -43.87 84.17
N ARG PA 36 57.28 -44.78 84.99
CA ARG PA 36 57.70 -46.18 84.93
C ARG PA 36 56.62 -47.07 84.34
N VAL PA 37 56.96 -47.76 83.25
CA VAL PA 37 56.05 -48.74 82.65
C VAL PA 37 56.48 -50.19 82.89
N HIS PA 38 57.64 -50.38 83.53
CA HIS PA 38 58.12 -51.74 83.83
C HIS PA 38 59.47 -51.73 84.59
N ASP PA 39 59.73 -52.80 85.35
CA ASP PA 39 60.95 -52.90 86.16
C ASP PA 39 62.08 -51.99 85.65
N LYS PA 40 62.60 -52.32 84.47
CA LYS PA 40 63.69 -51.58 83.87
C LYS PA 40 63.35 -51.06 82.46
N ILE PA 41 62.12 -50.56 82.30
CA ILE PA 41 61.70 -49.78 81.12
C ILE PA 41 60.91 -48.54 81.56
N TRP PA 42 61.52 -47.36 81.45
CA TRP PA 42 60.85 -46.13 81.84
C TRP PA 42 60.71 -45.18 80.64
N CYS PA 43 59.92 -44.13 80.82
CA CYS PA 43 59.71 -43.14 79.77
C CYS PA 43 60.00 -41.71 80.26
N CYS PA 44 60.15 -40.79 79.32
CA CYS PA 44 60.26 -39.37 79.63
C CYS PA 44 59.04 -38.70 79.01
N ARG PA 45 58.27 -37.99 79.83
CA ARG PA 45 57.05 -37.33 79.38
C ARG PA 45 57.25 -35.83 79.06
N SER PA 46 56.57 -35.38 78.01
CA SER PA 46 56.65 -34.01 77.54
C SER PA 46 55.47 -33.76 76.61
N GLY PA 47 54.86 -32.58 76.73
CA GLY PA 47 53.63 -32.32 76.01
C GLY PA 47 52.52 -32.23 77.04
N SER PA 48 51.29 -32.49 76.61
CA SER PA 48 50.17 -32.44 77.54
C SER PA 48 50.42 -33.42 78.68
N ALA PA 49 50.29 -32.95 79.91
CA ALA PA 49 50.46 -33.84 81.05
C ALA PA 49 49.31 -34.84 81.03
N ALA PA 50 48.15 -34.38 80.57
CA ALA PA 50 46.96 -35.21 80.56
C ALA PA 50 47.08 -36.35 79.52
N ASP PA 51 47.72 -36.05 78.40
CA ASP PA 51 47.90 -37.01 77.32
C ASP PA 51 49.04 -37.98 77.65
N THR PA 52 50.21 -37.46 78.01
CA THR PA 52 51.32 -38.33 78.35
C THR PA 52 50.98 -39.22 79.55
N GLN PA 53 50.20 -38.70 80.50
CA GLN PA 53 49.83 -39.53 81.65
C GLN PA 53 48.91 -40.67 81.22
N ALA PA 54 47.89 -40.34 80.43
CA ALA PA 54 46.91 -41.34 80.01
C ALA PA 54 47.55 -42.50 79.24
N ILE PA 55 48.45 -42.14 78.32
CA ILE PA 55 49.20 -43.10 77.53
C ILE PA 55 50.09 -44.03 78.36
N ALA PA 56 50.99 -43.45 79.16
CA ALA PA 56 51.86 -44.25 80.02
C ALA PA 56 51.03 -45.19 80.89
N ASP PA 57 49.98 -44.64 81.50
CA ASP PA 57 49.02 -45.44 82.26
C ASP PA 57 48.51 -46.65 81.45
N ILE PA 58 48.13 -46.40 80.19
CA ILE PA 58 47.63 -47.46 79.32
C ILE PA 58 48.72 -48.41 78.84
N VAL PA 59 49.94 -47.92 78.72
CA VAL PA 59 51.06 -48.79 78.37
C VAL PA 59 51.46 -49.64 79.56
N GLN PA 60 51.39 -49.07 80.75
CA GLN PA 60 51.81 -49.79 81.95
C GLN PA 60 51.01 -51.06 82.03
N TYR PA 61 49.76 -50.94 81.60
CA TYR PA 61 48.81 -52.06 81.58
C TYR PA 61 49.19 -53.08 80.52
N HIS PA 62 49.17 -52.67 79.25
CA HIS PA 62 49.49 -53.59 78.15
C HIS PA 62 50.72 -54.42 78.46
N LEU PA 63 51.68 -53.81 79.15
CA LEU PA 63 52.93 -54.47 79.52
C LEU PA 63 52.79 -55.37 80.75
N GLU PA 64 51.94 -54.98 81.71
CA GLU PA 64 51.65 -55.84 82.86
C GLU PA 64 50.96 -57.14 82.42
N LEU PA 65 50.14 -57.02 81.39
CA LEU PA 65 49.41 -58.16 80.85
C LEU PA 65 50.30 -58.99 79.94
N TYR PA 66 51.15 -58.32 79.14
CA TYR PA 66 52.14 -59.00 78.32
C TYR PA 66 53.04 -59.84 79.20
N THR PA 67 53.39 -59.30 80.36
CA THR PA 67 54.22 -60.03 81.31
C THR PA 67 53.46 -61.27 81.78
N SER PA 68 52.18 -61.09 82.13
CA SER PA 68 51.35 -62.18 82.66
C SER PA 68 51.42 -63.41 81.76
N GLN PA 69 51.11 -63.20 80.48
CA GLN PA 69 51.01 -64.30 79.53
C GLN PA 69 52.38 -64.70 78.97
N TYR PA 70 53.00 -63.75 78.27
CA TYR PA 70 54.12 -64.04 77.38
C TYR PA 70 55.54 -63.87 77.98
N GLY PA 71 55.64 -63.15 79.10
CA GLY PA 71 56.92 -62.98 79.77
C GLY PA 71 57.46 -61.55 79.84
N THR PA 72 58.78 -61.43 80.00
CA THR PA 72 59.41 -60.12 80.15
C THR PA 72 59.52 -59.47 78.77
N PRO PA 73 59.16 -58.17 78.67
CA PRO PA 73 59.03 -57.42 77.41
C PRO PA 73 60.32 -56.73 76.95
N SER PA 74 60.72 -56.93 75.70
CA SER PA 74 61.92 -56.25 75.19
C SER PA 74 61.71 -54.75 75.29
N THR PA 75 62.79 -53.99 75.45
CA THR PA 75 62.65 -52.54 75.48
C THR PA 75 62.01 -52.07 74.18
N GLU PA 76 62.40 -52.73 73.09
CA GLU PA 76 61.81 -52.50 71.77
C GLU PA 76 60.29 -52.59 71.79
N THR PA 77 59.73 -53.53 72.57
CA THR PA 77 58.28 -53.72 72.60
C THR PA 77 57.57 -52.55 73.27
N ALA PA 78 58.10 -52.12 74.42
CA ALA PA 78 57.55 -50.96 75.10
C ALA PA 78 57.38 -49.83 74.09
N ALA PA 79 58.43 -49.56 73.31
CA ALA PA 79 58.37 -48.52 72.28
C ALA PA 79 57.26 -48.76 71.26
N SER PA 80 57.13 -49.99 70.78
CA SER PA 80 56.08 -50.29 69.81
C SER PA 80 54.68 -50.03 70.36
N VAL PA 81 54.45 -50.33 71.64
CA VAL PA 81 53.14 -50.04 72.24
C VAL PA 81 52.90 -48.53 72.37
N PHE PA 82 53.97 -47.79 72.66
CA PHE PA 82 53.86 -46.32 72.65
C PHE PA 82 53.51 -45.83 71.24
N LYS PA 83 54.37 -46.12 70.25
CA LYS PA 83 54.10 -45.70 68.87
C LYS PA 83 52.69 -46.05 68.45
N GLU PA 84 52.24 -47.27 68.73
CA GLU PA 84 50.95 -47.71 68.22
C GLU PA 84 49.85 -46.79 68.77
N LEU PA 85 49.99 -46.34 70.02
CA LEU PA 85 49.04 -45.42 70.62
C LEU PA 85 49.10 -44.00 70.03
N CYS PA 86 50.32 -43.47 69.95
CA CYS PA 86 50.59 -42.10 69.50
C CYS PA 86 50.28 -41.87 68.02
N TYR PA 87 50.64 -42.85 67.19
CA TYR PA 87 50.44 -42.74 65.74
C TYR PA 87 48.98 -42.96 65.37
N GLU PA 88 48.38 -44.02 65.92
CA GLU PA 88 47.00 -44.38 65.55
C GLU PA 88 46.00 -43.38 66.14
N ASN PA 89 46.50 -42.47 66.97
CA ASN PA 89 45.71 -41.44 67.64
C ASN PA 89 46.27 -40.03 67.46
N LYS PA 90 47.05 -39.81 66.39
CA LYS PA 90 47.77 -38.54 66.20
C LYS PA 90 46.85 -37.31 66.22
N ASP PA 91 45.69 -37.43 65.57
CA ASP PA 91 44.77 -36.31 65.41
C ASP PA 91 44.35 -35.65 66.76
N ASN PA 92 44.37 -36.43 67.85
CA ASN PA 92 43.86 -35.98 69.16
C ASN PA 92 44.87 -35.99 70.30
N LEU PA 93 46.16 -36.03 69.96
CA LEU PA 93 47.19 -36.10 70.99
C LEU PA 93 48.33 -35.12 70.75
N THR PA 94 48.91 -34.66 71.85
CA THR PA 94 50.08 -33.82 71.78
C THR PA 94 51.06 -34.38 72.78
N ALA PA 95 51.85 -35.36 72.34
CA ALA PA 95 52.81 -36.00 73.22
C ALA PA 95 54.06 -36.40 72.49
N GLY PA 96 55.20 -36.04 73.07
CA GLY PA 96 56.50 -36.43 72.58
C GLY PA 96 57.19 -37.20 73.69
N ILE PA 97 57.53 -38.46 73.41
CA ILE PA 97 57.95 -39.36 74.47
C ILE PA 97 59.27 -40.01 74.18
N ILE PA 98 60.03 -40.26 75.23
CA ILE PA 98 61.29 -40.98 75.13
C ILE PA 98 61.17 -42.26 75.97
N VAL PA 99 61.27 -43.40 75.30
CA VAL PA 99 61.26 -44.70 75.97
C VAL PA 99 62.69 -45.20 76.10
N ALA PA 100 63.06 -45.64 77.29
CA ALA PA 100 64.43 -46.07 77.54
C ALA PA 100 64.41 -47.23 78.52
N GLY PA 101 65.28 -48.21 78.27
CA GLY PA 101 65.33 -49.38 79.11
C GLY PA 101 66.57 -50.23 78.95
N TYR PA 102 66.72 -51.15 79.87
CA TYR PA 102 67.88 -52.02 79.94
C TYR PA 102 67.44 -53.46 79.97
N ASP PA 103 67.84 -54.22 78.96
CA ASP PA 103 67.82 -55.68 79.07
C ASP PA 103 69.27 -56.12 79.19
N ASP PA 104 69.52 -57.42 79.21
CA ASP PA 104 70.89 -57.92 79.39
C ASP PA 104 71.65 -58.04 78.07
N LYS PA 105 70.93 -58.38 77.01
CA LYS PA 105 71.51 -58.54 75.69
C LYS PA 105 72.13 -57.22 75.20
N ASN PA 106 71.28 -56.24 74.90
CA ASN PA 106 71.70 -54.97 74.27
C ASN PA 106 72.15 -53.91 75.24
N LYS PA 107 71.79 -54.09 76.52
CA LYS PA 107 72.11 -53.12 77.57
C LYS PA 107 71.36 -51.79 77.34
N GLY PA 108 72.09 -50.75 76.92
CA GLY PA 108 71.50 -49.44 76.74
C GLY PA 108 70.75 -49.36 75.43
N GLU PA 109 69.43 -49.14 75.52
CA GLU PA 109 68.58 -48.88 74.34
C GLU PA 109 67.66 -47.65 74.53
N VAL PA 110 67.60 -46.76 73.53
CA VAL PA 110 66.74 -45.56 73.61
C VAL PA 110 65.95 -45.24 72.34
N TYR PA 111 64.63 -45.08 72.51
CA TYR PA 111 63.69 -44.82 71.41
C TYR PA 111 62.96 -43.51 71.67
N THR PA 112 63.02 -42.59 70.71
CA THR PA 112 62.30 -41.31 70.84
C THR PA 112 61.11 -41.30 69.89
N ILE PA 113 59.96 -40.94 70.44
CA ILE PA 113 58.73 -40.85 69.68
C ILE PA 113 58.29 -39.41 69.64
N PRO PA 114 58.62 -38.71 68.53
CA PRO PA 114 58.24 -37.32 68.26
C PRO PA 114 56.73 -37.20 68.21
N LEU PA 115 56.23 -36.06 67.73
CA LEU PA 115 54.79 -35.84 67.74
C LEU PA 115 54.06 -36.72 66.73
N GLY PA 116 54.56 -36.71 65.49
CA GLY PA 116 53.97 -37.49 64.44
C GLY PA 116 53.46 -38.82 64.96
N GLY PA 117 54.35 -39.54 65.62
CA GLY PA 117 54.05 -40.89 66.05
C GLY PA 117 55.12 -41.79 65.48
N SER PA 118 56.02 -41.18 64.71
CA SER PA 118 57.20 -41.88 64.20
C SER PA 118 57.99 -42.43 65.37
N VAL PA 119 58.90 -43.38 65.10
CA VAL PA 119 59.79 -43.91 66.14
C VAL PA 119 61.21 -44.03 65.64
N HIS PA 120 62.14 -43.56 66.47
CA HIS PA 120 63.53 -43.50 66.06
C HIS PA 120 64.43 -44.04 67.16
N LYS PA 121 65.18 -45.10 66.86
CA LYS PA 121 66.11 -45.64 67.84
C LYS PA 121 67.38 -44.80 67.76
N LEU PA 122 67.95 -44.47 68.92
CA LEU PA 122 69.14 -43.63 68.99
C LEU PA 122 69.98 -43.93 70.22
N PRO PA 123 71.26 -43.55 70.19
CA PRO PA 123 72.21 -43.63 71.31
C PRO PA 123 71.80 -42.70 72.46
N TYR PA 124 71.30 -41.52 72.11
CA TYR PA 124 70.78 -40.57 73.09
C TYR PA 124 69.69 -39.80 72.37
N ALA PA 125 68.75 -39.23 73.12
CA ALA PA 125 67.74 -38.38 72.50
C ALA PA 125 67.29 -37.26 73.41
N ILE PA 126 67.13 -36.07 72.85
CA ILE PA 126 66.57 -34.97 73.61
C ILE PA 126 65.22 -34.59 73.03
N ALA PA 127 64.39 -33.97 73.87
CA ALA PA 127 63.03 -33.59 73.52
C ALA PA 127 62.49 -32.54 74.48
N GLY PA 128 61.18 -32.31 74.43
CA GLY PA 128 60.54 -31.33 75.30
C GLY PA 128 60.88 -29.91 74.88
N SER PA 129 60.03 -28.95 75.29
CA SER PA 129 60.19 -27.53 74.91
C SER PA 129 61.64 -26.99 74.92
N GLY PA 130 62.35 -27.11 76.03
CA GLY PA 130 63.68 -26.55 76.13
C GLY PA 130 64.80 -27.36 75.49
N SER PA 131 64.46 -28.33 74.64
CA SER PA 131 65.50 -29.13 74.01
C SER PA 131 66.22 -28.28 72.96
N THR PA 132 65.49 -27.36 72.32
CA THR PA 132 66.03 -26.60 71.19
C THR PA 132 67.40 -26.00 71.48
N PHE PA 133 67.66 -25.67 72.75
CA PHE PA 133 68.85 -24.91 73.10
C PHE PA 133 70.10 -25.77 73.34
N ILE PA 134 69.92 -27.09 73.34
CA ILE PA 134 71.06 -27.93 73.63
C ILE PA 134 71.38 -28.94 72.54
N TYR PA 135 70.70 -28.82 71.39
CA TYR PA 135 71.06 -29.65 70.25
C TYR PA 135 72.53 -29.37 69.97
N GLY PA 136 72.95 -28.14 70.24
CA GLY PA 136 74.33 -27.74 70.06
C GLY PA 136 75.25 -28.37 71.08
N TYR PA 137 74.96 -28.13 72.37
CA TYR PA 137 75.81 -28.66 73.43
C TYR PA 137 75.94 -30.18 73.40
N CYS PA 138 74.82 -30.87 73.19
CA CYS PA 138 74.78 -32.34 73.20
C CYS PA 138 75.58 -32.97 72.04
N ASP PA 139 75.30 -32.58 70.80
CA ASP PA 139 76.01 -33.18 69.67
C ASP PA 139 77.54 -33.05 69.81
N LYS PA 140 77.98 -32.00 70.48
CA LYS PA 140 79.41 -31.76 70.66
C LYS PA 140 79.97 -32.54 71.86
N ASN PA 141 79.20 -32.63 72.93
CA ASN PA 141 79.68 -33.25 74.19
C ASN PA 141 79.30 -34.74 74.42
N PHE PA 142 78.49 -35.34 73.55
CA PHE PA 142 78.14 -36.75 73.72
C PHE PA 142 79.21 -37.72 73.19
N ARG PA 143 79.37 -38.85 73.87
CA ARG PA 143 80.24 -39.96 73.44
C ARG PA 143 79.55 -41.29 73.72
N GLU PA 144 79.83 -42.29 72.90
CA GLU PA 144 79.30 -43.62 73.18
C GLU PA 144 80.04 -44.28 74.33
N ASN PA 145 79.40 -45.23 74.98
CA ASN PA 145 80.09 -46.05 75.98
C ASN PA 145 80.74 -45.23 77.08
N MET PA 146 80.01 -44.26 77.62
CA MET PA 146 80.54 -43.48 78.74
C MET PA 146 80.43 -44.25 80.06
N SER PA 147 81.17 -43.80 81.07
CA SER PA 147 81.05 -44.39 82.39
C SER PA 147 79.83 -43.84 83.11
N LYS PA 148 79.40 -44.48 84.19
CA LYS PA 148 78.19 -44.06 84.90
C LYS PA 148 78.24 -42.57 85.26
N GLU PA 149 79.25 -42.16 86.02
CA GLU PA 149 79.31 -40.78 86.48
C GLU PA 149 79.68 -39.80 85.34
N GLU PA 150 80.26 -40.30 84.25
CA GLU PA 150 80.49 -39.48 83.05
C GLU PA 150 79.15 -39.06 82.45
N THR PA 151 78.20 -40.00 82.47
CA THR PA 151 76.88 -39.81 81.87
C THR PA 151 75.98 -38.93 82.72
N VAL PA 152 76.02 -39.15 84.04
CA VAL PA 152 75.31 -38.29 84.97
C VAL PA 152 75.71 -36.83 84.74
N ASP PA 153 77.02 -36.59 84.64
CA ASP PA 153 77.53 -35.25 84.39
C ASP PA 153 77.06 -34.72 83.02
N PHE PA 154 77.18 -35.51 81.97
CA PHE PA 154 76.69 -35.10 80.67
C PHE PA 154 75.23 -34.66 80.72
N ILE PA 155 74.43 -35.35 81.52
CA ILE PA 155 73.02 -34.99 81.64
C ILE PA 155 72.84 -33.73 82.48
N LYS PA 156 73.55 -33.66 83.60
CA LYS PA 156 73.46 -32.52 84.51
C LYS PA 156 73.77 -31.20 83.79
N HIS PA 157 74.78 -31.21 82.93
CA HIS PA 157 75.17 -30.01 82.18
C HIS PA 157 74.13 -29.68 81.11
N SER PA 158 73.78 -30.67 80.28
CA SER PA 158 72.82 -30.47 79.20
C SER PA 158 71.52 -29.88 79.74
N LEU PA 159 71.07 -30.41 80.86
CA LEU PA 159 69.82 -29.96 81.44
C LEU PA 159 69.96 -28.66 82.23
N SER PA 160 71.16 -28.43 82.77
CA SER PA 160 71.48 -27.15 83.41
C SER PA 160 71.27 -26.00 82.42
N GLN PA 161 71.66 -26.23 81.16
CA GLN PA 161 71.51 -25.22 80.09
C GLN PA 161 70.05 -25.04 79.66
N ALA PA 162 69.43 -26.12 79.18
CA ALA PA 162 68.01 -26.10 78.82
C ALA PA 162 67.13 -25.27 79.77
N ILE PA 163 67.42 -25.30 81.08
CA ILE PA 163 66.60 -24.63 82.10
C ILE PA 163 66.90 -23.13 82.29
N LYS PA 164 68.19 -22.83 82.11
CA LYS PA 164 68.72 -21.47 82.06
C LYS PA 164 67.99 -20.71 80.98
N TRP PA 165 67.94 -21.30 79.78
CA TRP PA 165 67.37 -20.66 78.57
C TRP PA 165 65.86 -20.80 78.37
N ASP PA 166 65.26 -21.84 78.95
CA ASP PA 166 63.82 -22.06 78.80
C ASP PA 166 63.01 -21.68 80.06
N GLY PA 167 61.88 -21.01 79.79
CA GLY PA 167 61.01 -20.50 80.83
C GLY PA 167 59.98 -21.56 81.12
N SER PA 168 59.80 -22.46 80.15
CA SER PA 168 58.85 -23.56 80.26
C SER PA 168 59.54 -24.80 80.87
N SER PA 169 60.76 -24.61 81.33
CA SER PA 169 61.55 -25.67 81.94
C SER PA 169 62.23 -25.12 83.17
N GLY PA 170 62.47 -26.01 84.13
CA GLY PA 170 63.04 -25.66 85.42
C GLY PA 170 62.63 -26.60 86.53
N GLY PA 171 62.76 -26.14 87.77
CA GLY PA 171 62.58 -26.99 88.94
C GLY PA 171 63.87 -27.70 89.36
N VAL PA 172 63.72 -28.93 89.84
CA VAL PA 172 64.89 -29.76 90.10
C VAL PA 172 65.19 -30.61 88.88
N ILE PA 173 66.38 -31.21 88.84
CA ILE PA 173 66.72 -32.13 87.76
C ILE PA 173 66.64 -33.54 88.31
N ARG PA 174 65.71 -34.32 87.75
CA ARG PA 174 65.51 -35.72 88.12
C ARG PA 174 66.22 -36.63 87.14
N MET PA 175 66.86 -37.66 87.67
CA MET PA 175 67.44 -38.69 86.83
C MET PA 175 66.97 -40.05 87.31
N VAL PA 176 67.09 -41.04 86.44
CA VAL PA 176 66.80 -42.41 86.80
C VAL PA 176 67.79 -43.30 86.08
N VAL PA 177 68.60 -44.03 86.86
CA VAL PA 177 69.64 -44.88 86.30
C VAL PA 177 69.17 -46.34 86.22
N LEU PA 178 69.24 -46.88 85.01
CA LEU PA 178 68.76 -48.23 84.74
C LEU PA 178 69.92 -49.16 84.38
N THR PA 179 70.34 -50.01 85.32
CA THR PA 179 71.39 -50.99 85.07
C THR PA 179 71.01 -52.37 85.56
N ALA PA 180 71.94 -53.32 85.39
CA ALA PA 180 71.71 -54.69 85.84
C ALA PA 180 71.46 -54.71 87.34
N ALA PA 181 72.24 -53.89 88.06
CA ALA PA 181 72.22 -53.89 89.52
C ALA PA 181 70.99 -53.18 90.10
N GLY PA 182 70.22 -52.50 89.25
CA GLY PA 182 68.91 -52.06 89.68
C GLY PA 182 68.54 -50.67 89.26
N VAL PA 183 67.53 -50.15 89.92
CA VAL PA 183 66.98 -48.84 89.62
C VAL PA 183 67.41 -47.86 90.70
N GLU PA 184 68.11 -46.80 90.29
CA GLU PA 184 68.59 -45.75 91.20
C GLU PA 184 68.02 -44.40 90.77
N ARG PA 185 67.28 -43.76 91.66
CA ARG PA 185 66.70 -42.44 91.36
C ARG PA 185 67.61 -41.29 91.82
N LEU PA 186 67.85 -40.32 90.92
CA LEU PA 186 68.71 -39.19 91.25
C LEU PA 186 67.95 -37.88 91.33
N ILE PA 187 68.51 -36.94 92.10
CA ILE PA 187 67.97 -35.61 92.15
C ILE PA 187 69.09 -34.61 92.38
N PHE PA 188 69.08 -33.54 91.59
CA PHE PA 188 70.05 -32.46 91.74
C PHE PA 188 69.29 -31.16 91.90
N TYR PA 189 69.69 -30.36 92.88
CA TYR PA 189 68.93 -29.16 93.23
C TYR PA 189 69.46 -27.90 92.52
N PRO PA 190 68.67 -26.82 92.51
CA PRO PA 190 69.07 -25.61 91.80
C PRO PA 190 70.40 -25.03 92.29
N ASP PA 191 70.59 -24.97 93.61
CA ASP PA 191 71.84 -24.41 94.13
C ASP PA 191 73.08 -25.07 93.50
N GLU PA 192 72.88 -26.21 92.85
CA GLU PA 192 73.98 -27.02 92.31
C GLU PA 192 74.16 -26.93 90.80
N TYR PA 193 73.07 -27.11 90.05
CA TYR PA 193 73.17 -27.17 88.59
C TYR PA 193 73.30 -25.80 87.91
N GLU PA 194 72.99 -24.74 88.65
CA GLU PA 194 73.11 -23.38 88.13
C GLU PA 194 74.57 -22.89 88.15
N GLN PA 195 75.32 -23.34 89.16
CA GLN PA 195 76.72 -22.97 89.33
C GLN PA 195 77.65 -23.76 88.39
N LEU PA 196 77.19 -24.02 87.16
CA LEU PA 196 77.97 -24.84 86.20
C LEU PA 196 78.31 -24.10 84.91
N THR QA 1 37.00 -18.90 92.61
CA THR QA 1 37.06 -19.91 93.66
C THR QA 1 38.49 -20.11 94.18
N THR QA 2 38.66 -20.27 95.50
CA THR QA 2 39.97 -20.64 96.09
C THR QA 2 39.93 -21.95 96.89
N ILE QA 3 40.73 -22.94 96.50
CA ILE QA 3 40.84 -24.18 97.28
C ILE QA 3 42.30 -24.58 97.43
N VAL QA 4 42.60 -25.20 98.56
CA VAL QA 4 43.96 -25.69 98.83
C VAL QA 4 43.97 -27.03 99.59
N GLY QA 5 45.11 -27.70 99.56
CA GLY QA 5 45.31 -28.92 100.33
C GLY QA 5 46.68 -28.85 100.98
N VAL QA 6 46.79 -29.42 102.19
CA VAL QA 6 48.05 -29.40 102.93
C VAL QA 6 48.28 -30.70 103.68
N LYS QA 7 49.38 -31.38 103.37
CA LYS QA 7 49.72 -32.62 104.04
C LYS QA 7 50.45 -32.28 105.36
N PHE QA 8 50.10 -32.99 106.43
CA PHE QA 8 50.87 -32.97 107.67
C PHE QA 8 51.28 -34.38 108.10
N ASN QA 9 51.89 -34.50 109.27
CA ASN QA 9 52.52 -35.77 109.67
C ASN QA 9 51.60 -36.99 109.79
N ASN QA 10 50.42 -36.80 110.35
CA ASN QA 10 49.50 -37.89 110.58
C ASN QA 10 48.20 -37.70 109.80
N GLY QA 11 48.31 -37.21 108.57
CA GLY QA 11 47.12 -37.01 107.77
C GLY QA 11 47.22 -35.93 106.71
N VAL QA 12 46.11 -35.24 106.48
CA VAL QA 12 46.02 -34.22 105.46
C VAL QA 12 44.74 -33.42 105.72
N VAL QA 13 44.77 -32.15 105.31
CA VAL QA 13 43.67 -31.20 105.51
C VAL QA 13 43.42 -30.44 104.22
N ILE QA 14 42.14 -30.27 103.86
CA ILE QA 14 41.79 -29.50 102.65
C ILE QA 14 40.76 -28.40 102.95
N ALA QA 15 40.89 -27.27 102.26
CA ALA QA 15 40.10 -26.08 102.57
C ALA QA 15 39.61 -25.37 101.33
N ALA QA 16 38.57 -24.56 101.50
CA ALA QA 16 37.96 -23.87 100.39
C ALA QA 16 37.31 -22.59 100.87
N ASP QA 17 36.96 -21.69 99.94
CA ASP QA 17 36.14 -20.54 100.27
C ASP QA 17 34.68 -20.93 100.01
N THR QA 18 33.77 -19.96 100.01
CA THR QA 18 32.35 -20.27 99.89
C THR QA 18 31.58 -19.44 98.86
N ARG QA 19 32.28 -18.77 97.96
CA ARG QA 19 31.63 -17.84 97.03
C ARG QA 19 31.49 -18.39 95.62
N SER QA 20 30.25 -18.43 95.13
CA SER QA 20 30.03 -18.88 93.77
C SER QA 20 29.57 -17.74 92.87
N THR QA 21 30.36 -17.48 91.82
CA THR QA 21 30.15 -16.33 90.96
C THR QA 21 29.65 -16.72 89.57
N GLN QA 22 28.49 -16.18 89.18
CA GLN QA 22 28.05 -16.24 87.78
C GLN QA 22 28.45 -14.90 87.15
N GLY QA 23 29.53 -14.89 86.39
CA GLY QA 23 30.06 -13.63 85.90
C GLY QA 23 30.61 -12.80 87.05
N PRO QA 24 30.06 -11.57 87.24
CA PRO QA 24 30.48 -10.58 88.24
C PRO QA 24 29.59 -10.61 89.49
N ILE QA 25 28.55 -11.44 89.46
CA ILE QA 25 27.56 -11.50 90.53
C ILE QA 25 27.81 -12.69 91.45
N VAL QA 26 27.46 -12.54 92.72
CA VAL QA 26 27.60 -13.64 93.68
C VAL QA 26 26.26 -14.34 93.94
N ALA QA 27 26.11 -15.57 93.45
CA ALA QA 27 24.82 -16.25 93.54
C ALA QA 27 24.61 -16.98 94.87
N ASP QA 28 25.61 -17.74 95.31
CA ASP QA 28 25.60 -18.27 96.68
C ASP QA 28 26.77 -17.61 97.39
N LYS QA 29 26.51 -16.95 98.52
CA LYS QA 29 27.58 -16.39 99.32
C LYS QA 29 28.13 -17.48 100.23
N ASN QA 30 27.50 -18.64 100.21
CA ASN QA 30 27.93 -19.74 101.07
C ASN QA 30 27.49 -21.12 100.61
N CYS QA 31 28.06 -21.57 99.50
CA CYS QA 31 27.88 -22.93 99.04
C CYS QA 31 29.15 -23.63 99.44
N ALA QA 32 29.03 -24.88 99.87
CA ALA QA 32 30.22 -25.61 100.31
C ALA QA 32 30.86 -26.13 99.07
N LYS QA 33 32.16 -25.93 98.97
CA LYS QA 33 32.92 -26.42 97.83
C LYS QA 33 33.63 -27.69 98.24
N LEU QA 34 33.28 -28.16 99.44
CA LEU QA 34 33.87 -29.35 100.02
C LEU QA 34 32.98 -30.62 99.81
N HIS QA 35 33.45 -31.52 98.96
CA HIS QA 35 32.65 -32.64 98.51
C HIS QA 35 33.15 -33.97 99.08
N ARG QA 36 32.21 -34.85 99.43
CA ARG QA 36 32.58 -36.12 100.04
C ARG QA 36 32.52 -37.24 99.02
N ILE QA 37 33.60 -38.00 98.89
CA ILE QA 37 33.63 -39.11 97.93
C ILE QA 37 33.43 -40.45 98.66
N SER QA 38 34.11 -40.57 99.80
CA SER QA 38 33.96 -41.70 100.70
C SER QA 38 34.09 -41.10 102.11
N PRO QA 39 33.69 -41.86 103.14
CA PRO QA 39 33.85 -41.32 104.50
C PRO QA 39 35.15 -40.56 104.73
N LYS QA 40 36.30 -41.14 104.39
CA LYS QA 40 37.56 -40.46 104.67
C LYS QA 40 38.33 -40.06 103.40
N ILE QA 41 37.59 -39.77 102.33
CA ILE QA 41 38.17 -39.24 101.08
C ILE QA 41 37.30 -38.08 100.60
N TRP QA 42 37.79 -36.87 100.83
CA TRP QA 42 37.07 -35.67 100.41
C TRP QA 42 37.85 -34.93 99.32
N CYS QA 43 37.17 -34.09 98.56
CA CYS QA 43 37.85 -33.28 97.54
C CYS QA 43 37.26 -31.87 97.40
N ALA QA 44 38.08 -30.92 96.94
CA ALA QA 44 37.66 -29.53 96.82
C ALA QA 44 37.36 -29.17 95.36
N GLY QA 45 36.19 -28.57 95.13
CA GLY QA 45 35.72 -28.32 93.78
C GLY QA 45 35.84 -26.88 93.31
N ALA QA 46 36.51 -26.69 92.19
CA ALA QA 46 36.64 -25.38 91.56
C ALA QA 46 36.47 -25.51 90.05
N GLY QA 47 35.71 -24.61 89.45
CA GLY QA 47 35.40 -24.72 88.04
C GLY QA 47 33.90 -24.60 87.87
N THR QA 48 33.34 -25.35 86.93
CA THR QA 48 31.90 -25.37 86.75
C THR QA 48 31.23 -25.98 87.99
N ALA QA 49 30.45 -25.17 88.69
CA ALA QA 49 29.79 -25.61 89.91
C ALA QA 49 29.23 -27.01 89.73
N ALA QA 50 28.42 -27.19 88.70
CA ALA QA 50 27.69 -28.44 88.48
C ALA QA 50 28.58 -29.68 88.27
N ASP QA 51 29.73 -29.49 87.63
CA ASP QA 51 30.58 -30.62 87.26
C ASP QA 51 31.39 -31.18 88.41
N THR QA 52 31.84 -30.30 89.31
CA THR QA 52 32.51 -30.78 90.50
C THR QA 52 31.54 -31.60 91.35
N GLU QA 53 30.27 -31.17 91.39
CA GLU QA 53 29.25 -31.93 92.12
C GLU QA 53 28.95 -33.25 91.41
N ALA QA 54 28.53 -33.17 90.16
CA ALA QA 54 28.11 -34.35 89.42
C ALA QA 54 29.19 -35.43 89.36
N VAL QA 55 30.41 -35.02 89.04
CA VAL QA 55 31.51 -35.95 88.86
C VAL QA 55 32.00 -36.48 90.22
N THR QA 56 31.62 -35.81 91.29
CA THR QA 56 31.90 -36.27 92.64
C THR QA 56 30.85 -37.29 93.05
N GLN QA 57 29.57 -36.92 92.93
CA GLN QA 57 28.45 -37.82 93.22
C GLN QA 57 28.66 -39.17 92.54
N LEU QA 58 29.22 -39.15 91.32
CA LEU QA 58 29.43 -40.35 90.51
C LEU QA 58 30.58 -41.21 91.01
N ILE QA 59 31.81 -40.71 90.87
CA ILE QA 59 32.98 -41.45 91.34
C ILE QA 59 32.81 -41.95 92.77
N GLY QA 60 32.02 -41.21 93.55
CA GLY QA 60 31.81 -41.54 94.94
C GLY QA 60 30.84 -42.69 95.09
N SER QA 61 29.84 -42.71 94.22
CA SER QA 61 28.88 -43.80 94.12
C SER QA 61 29.58 -45.07 93.63
N ASN QA 62 30.27 -45.01 92.50
CA ASN QA 62 31.07 -46.13 92.00
C ASN QA 62 32.04 -46.64 93.07
N ILE QA 63 32.77 -45.71 93.70
CA ILE QA 63 33.71 -46.07 94.76
C ILE QA 63 33.04 -46.74 95.97
N GLU QA 64 31.78 -46.41 96.22
CA GLU QA 64 31.06 -46.99 97.35
C GLU QA 64 30.74 -48.44 97.04
N LEU QA 65 30.25 -48.68 95.83
CA LEU QA 65 29.91 -50.04 95.39
C LEU QA 65 31.16 -50.91 95.31
N HIS QA 66 32.30 -50.28 95.11
CA HIS QA 66 33.56 -50.99 94.94
C HIS QA 66 34.15 -51.42 96.28
N SER QA 67 33.99 -50.58 97.29
CA SER QA 67 34.39 -50.92 98.66
C SER QA 67 33.53 -52.06 99.21
N LEU QA 68 32.42 -52.36 98.53
CA LEU QA 68 31.50 -53.40 98.98
C LEU QA 68 31.76 -54.72 98.28
N TYR QA 69 32.12 -54.67 97.00
CA TYR QA 69 32.52 -55.86 96.25
C TYR QA 69 33.77 -56.42 96.90
N THR QA 70 34.69 -55.52 97.23
CA THR QA 70 36.02 -55.90 97.70
C THR QA 70 36.13 -56.02 99.21
N SER QA 71 35.05 -55.70 99.92
CA SER QA 71 35.05 -55.78 101.38
C SER QA 71 36.25 -55.01 101.98
N ARG QA 72 36.57 -53.87 101.37
CA ARG QA 72 37.79 -53.12 101.68
C ARG QA 72 37.57 -51.63 101.73
N GLU QA 73 38.22 -50.97 102.67
CA GLU QA 73 38.18 -49.52 102.75
C GLU QA 73 38.66 -48.86 101.44
N PRO QA 74 37.91 -47.84 100.97
CA PRO QA 74 38.16 -47.15 99.70
C PRO QA 74 39.45 -46.36 99.76
N ARG QA 75 40.23 -46.40 98.69
CA ARG QA 75 41.55 -45.79 98.68
C ARG QA 75 41.57 -44.49 97.88
N VAL QA 76 42.33 -43.49 98.33
CA VAL QA 76 42.40 -42.23 97.63
C VAL QA 76 42.83 -42.50 96.19
N VAL QA 77 43.86 -43.32 96.05
CA VAL QA 77 44.42 -43.59 94.74
C VAL QA 77 43.42 -44.23 93.74
N SER QA 78 42.35 -44.86 94.26
CA SER QA 78 41.23 -45.33 93.43
C SER QA 78 40.42 -44.17 92.89
N ALA QA 79 39.93 -43.32 93.80
CA ALA QA 79 39.14 -42.17 93.40
C ALA QA 79 39.90 -41.28 92.43
N LEU QA 80 41.22 -41.26 92.52
CA LEU QA 80 42.04 -40.51 91.58
C LEU QA 80 41.97 -41.10 90.19
N GLN QA 81 42.34 -42.38 90.10
CA GLN QA 81 42.39 -43.07 88.82
C GLN QA 81 41.03 -43.09 88.09
N MET QA 82 39.93 -43.17 88.83
CA MET QA 82 38.62 -43.22 88.18
C MET QA 82 38.23 -41.84 87.69
N LEU QA 83 38.56 -40.82 88.48
CA LEU QA 83 38.32 -39.43 88.09
C LEU QA 83 39.20 -39.02 86.92
N LYS QA 84 40.51 -39.25 87.04
CA LYS QA 84 41.43 -38.99 85.94
C LYS QA 84 40.88 -39.55 84.60
N GLN QA 85 40.54 -40.83 84.59
CA GLN QA 85 40.16 -41.46 83.33
C GLN QA 85 38.77 -41.06 82.81
N HIS QA 86 37.91 -40.55 83.69
CA HIS QA 86 36.57 -40.11 83.29
C HIS QA 86 36.71 -38.76 82.62
N LEU QA 87 37.41 -37.85 83.28
CA LEU QA 87 37.57 -36.49 82.77
C LEU QA 87 38.26 -36.52 81.41
N PHE QA 88 39.16 -37.48 81.23
CA PHE QA 88 39.94 -37.57 80.01
C PHE QA 88 39.16 -38.17 78.83
N LYS QA 89 38.26 -39.11 79.14
CA LYS QA 89 37.34 -39.69 78.15
C LYS QA 89 36.67 -38.48 77.50
N TYR QA 90 36.47 -37.44 78.31
CA TYR QA 90 35.67 -36.28 77.92
C TYR QA 90 36.51 -35.07 77.47
N GLN QA 91 37.61 -35.33 76.75
CA GLN QA 91 38.47 -34.29 76.12
C GLN QA 91 38.48 -32.90 76.79
N GLY QA 92 38.37 -32.85 78.12
CA GLY QA 92 38.35 -31.61 78.85
C GLY QA 92 37.01 -30.88 78.89
N HIS QA 93 36.00 -31.42 78.20
CA HIS QA 93 34.68 -30.77 78.12
C HIS QA 93 33.91 -30.79 79.46
N ILE QA 94 34.49 -31.45 80.46
CA ILE QA 94 33.93 -31.45 81.81
C ILE QA 94 34.81 -30.59 82.72
N GLY QA 95 34.24 -29.50 83.24
CA GLY QA 95 35.03 -28.44 83.83
C GLY QA 95 35.33 -28.57 85.31
N ALA QA 96 36.01 -29.65 85.68
CA ALA QA 96 36.32 -29.92 87.08
C ALA QA 96 37.81 -29.78 87.34
N TYR QA 97 38.14 -29.03 88.38
CA TYR QA 97 39.52 -28.88 88.84
C TYR QA 97 39.47 -29.18 90.34
N LEU QA 98 40.02 -30.33 90.74
CA LEU QA 98 39.82 -30.82 92.08
C LEU QA 98 41.10 -30.96 92.86
N ILE QA 99 41.02 -30.73 94.17
CA ILE QA 99 42.04 -31.24 95.06
C ILE QA 99 41.43 -32.43 95.77
N VAL QA 100 42.02 -33.61 95.54
CA VAL QA 100 41.54 -34.87 96.10
C VAL QA 100 42.50 -35.32 97.19
N ALA QA 101 41.98 -35.55 98.38
CA ALA QA 101 42.81 -35.97 99.51
C ALA QA 101 42.08 -36.94 100.43
N GLY QA 102 42.82 -37.62 101.27
CA GLY QA 102 42.21 -38.55 102.21
C GLY QA 102 43.13 -39.54 102.88
N VAL QA 103 42.54 -40.36 103.73
CA VAL QA 103 43.26 -41.48 104.35
C VAL QA 103 42.61 -42.82 104.03
N ASP QA 104 43.47 -43.73 103.60
CA ASP QA 104 43.09 -45.11 103.38
C ASP QA 104 44.14 -45.90 104.16
N PRO QA 105 43.98 -47.23 104.19
CA PRO QA 105 44.94 -48.22 104.69
C PRO QA 105 46.40 -48.09 104.21
N THR QA 106 46.69 -47.20 103.24
CA THR QA 106 48.09 -46.98 102.82
C THR QA 106 48.73 -45.69 103.35
N GLY QA 107 47.97 -44.90 104.12
CA GLY QA 107 48.50 -43.66 104.67
C GLY QA 107 47.78 -42.39 104.23
N SER QA 108 48.49 -41.27 104.25
CA SER QA 108 47.91 -40.00 103.86
C SER QA 108 48.25 -39.69 102.39
N HIS QA 109 47.26 -39.19 101.66
CA HIS QA 109 47.45 -38.87 100.24
C HIS QA 109 46.88 -37.49 99.90
N LEU QA 110 47.55 -36.80 98.97
CA LEU QA 110 47.07 -35.49 98.53
C LEU QA 110 47.40 -35.25 97.05
N PHE QA 111 46.35 -35.15 96.24
CA PHE QA 111 46.48 -35.07 94.79
C PHE QA 111 45.61 -33.94 94.23
N SER QA 112 45.92 -33.48 93.02
CA SER QA 112 45.10 -32.50 92.32
C SER QA 112 44.80 -32.99 90.92
N ILE QA 113 43.56 -32.81 90.48
CA ILE QA 113 43.15 -33.30 89.16
C ILE QA 113 42.65 -32.13 88.35
N HIS QA 114 43.16 -31.98 87.12
CA HIS QA 114 42.73 -30.90 86.23
C HIS QA 114 41.75 -31.45 85.20
N ALA QA 115 40.97 -30.56 84.59
CA ALA QA 115 39.83 -30.96 83.77
C ALA QA 115 40.21 -31.85 82.59
N HIS QA 116 41.40 -31.67 82.06
CA HIS QA 116 41.78 -32.45 80.88
C HIS QA 116 42.24 -33.85 81.24
N GLY QA 117 42.43 -34.10 82.53
CA GLY QA 117 42.81 -35.40 83.03
C GLY QA 117 44.22 -35.55 83.64
N SER QA 118 44.93 -34.44 83.81
CA SER QA 118 46.26 -34.45 84.44
C SER QA 118 46.11 -34.58 85.95
N THR QA 119 47.07 -35.26 86.59
CA THR QA 119 47.11 -35.32 88.05
C THR QA 119 48.49 -34.94 88.59
N ASP QA 120 48.49 -34.38 89.79
CA ASP QA 120 49.71 -33.92 90.42
C ASP QA 120 49.70 -34.46 91.83
N VAL QA 121 50.83 -34.99 92.28
CA VAL QA 121 50.95 -35.41 93.67
C VAL QA 121 51.85 -34.43 94.34
N GLY QA 122 51.50 -34.07 95.57
CA GLY QA 122 52.27 -33.08 96.29
C GLY QA 122 51.97 -33.02 97.77
N TYR QA 123 52.60 -32.04 98.40
CA TYR QA 123 52.45 -31.78 99.82
C TYR QA 123 51.60 -30.54 100.06
N TYR QA 124 51.70 -29.58 99.16
CA TYR QA 124 50.76 -28.47 99.15
C TYR QA 124 50.36 -28.13 97.73
N LEU QA 125 49.06 -27.87 97.58
CA LEU QA 125 48.46 -27.65 96.28
C LEU QA 125 47.41 -26.55 96.37
N SER QA 126 47.20 -25.81 95.29
CA SER QA 126 46.09 -24.85 95.24
C SER QA 126 45.54 -24.73 93.82
N LEU QA 127 44.23 -24.57 93.71
CA LEU QA 127 43.55 -24.45 92.41
C LEU QA 127 42.51 -23.34 92.41
N GLY QA 128 42.14 -22.89 91.21
CA GLY QA 128 41.08 -21.89 91.07
C GLY QA 128 41.57 -20.46 90.97
N SER QA 129 40.62 -19.53 90.95
CA SER QA 129 40.92 -18.13 90.68
C SER QA 129 41.79 -17.46 91.75
N GLY QA 130 41.80 -18.00 92.96
CA GLY QA 130 42.64 -17.42 93.99
C GLY QA 130 43.85 -18.31 94.16
N SER QA 131 44.05 -19.19 93.19
CA SER QA 131 45.13 -20.17 93.25
C SER QA 131 46.43 -19.47 93.59
N LEU QA 132 46.65 -18.30 92.99
CA LEU QA 132 47.94 -17.66 93.11
C LEU QA 132 48.12 -16.97 94.44
N ALA QA 133 47.05 -16.40 94.96
CA ALA QA 133 47.13 -15.74 96.26
C ALA QA 133 47.46 -16.79 97.31
N ALA QA 134 46.75 -17.91 97.26
CA ALA QA 134 46.92 -18.97 98.26
C ALA QA 134 48.30 -19.61 98.17
N MET QA 135 48.74 -19.91 96.96
CA MET QA 135 50.03 -20.54 96.77
C MET QA 135 51.18 -19.66 97.24
N ALA QA 136 50.95 -18.34 97.29
CA ALA QA 136 51.95 -17.41 97.78
C ALA QA 136 52.10 -17.51 99.30
N VAL QA 137 50.98 -17.70 99.98
CA VAL QA 137 51.04 -17.94 101.41
C VAL QA 137 51.73 -19.27 101.64
N LEU QA 138 51.22 -20.31 101.00
CA LEU QA 138 51.73 -21.68 101.16
C LEU QA 138 53.23 -21.78 100.96
N GLU QA 139 53.74 -21.08 99.95
CA GLU QA 139 55.16 -21.16 99.62
C GLU QA 139 56.06 -20.46 100.64
N SER QA 140 55.46 -19.63 101.50
CA SER QA 140 56.22 -18.88 102.49
C SER QA 140 56.20 -19.50 103.89
N HIS QA 141 55.19 -20.32 104.17
CA HIS QA 141 54.99 -20.77 105.55
C HIS QA 141 55.00 -22.30 105.72
N TRP QA 142 55.22 -23.03 104.63
CA TRP QA 142 55.20 -24.49 104.73
C TRP QA 142 56.60 -25.07 104.97
N LYS QA 143 56.73 -25.78 106.09
CA LYS QA 143 57.92 -26.58 106.37
C LYS QA 143 57.50 -28.05 106.38
N GLN QA 144 58.46 -28.96 106.22
CA GLN QA 144 58.14 -30.38 106.23
C GLN QA 144 57.68 -30.82 107.62
N ASP QA 145 56.65 -31.66 107.68
CA ASP QA 145 56.20 -32.23 108.94
C ASP QA 145 55.43 -31.26 109.83
N LEU QA 146 54.33 -30.72 109.33
CA LEU QA 146 53.48 -29.85 110.13
C LEU QA 146 52.79 -30.63 111.25
N THR QA 147 51.97 -29.92 112.02
CA THR QA 147 51.11 -30.57 113.02
C THR QA 147 49.66 -30.34 112.62
N LYS QA 148 48.72 -31.08 113.21
CA LYS QA 148 47.29 -30.89 112.91
C LYS QA 148 46.93 -29.39 112.98
N GLU QA 149 47.21 -28.72 114.10
CA GLU QA 149 46.81 -27.31 114.26
C GLU QA 149 47.60 -26.31 113.41
N GLU QA 150 48.88 -26.61 113.17
CA GLU QA 150 49.69 -25.79 112.26
C GLU QA 150 49.12 -25.87 110.85
N ALA QA 151 48.90 -27.10 110.38
CA ALA QA 151 48.43 -27.35 109.02
C ALA QA 151 47.04 -26.77 108.75
N ILE QA 152 46.25 -26.64 109.80
CA ILE QA 152 44.94 -26.02 109.68
C ILE QA 152 45.06 -24.49 109.58
N LYS QA 153 45.76 -23.89 110.53
CA LYS QA 153 46.06 -22.48 110.42
C LYS QA 153 46.53 -22.15 109.00
N LEU QA 154 47.49 -22.93 108.49
CA LEU QA 154 48.07 -22.68 107.17
C LEU QA 154 47.08 -22.73 106.02
N ALA QA 155 46.21 -23.74 105.98
CA ALA QA 155 45.24 -23.81 104.89
C ALA QA 155 44.20 -22.69 105.00
N SER QA 156 43.76 -22.39 106.22
CA SER QA 156 42.82 -21.30 106.43
C SER QA 156 43.46 -19.94 106.13
N ASP QA 157 44.69 -19.75 106.60
CA ASP QA 157 45.49 -18.59 106.21
C ASP QA 157 45.55 -18.46 104.66
N ALA QA 158 45.73 -19.58 103.96
CA ALA QA 158 45.90 -19.56 102.51
C ALA QA 158 44.59 -19.36 101.75
N ILE QA 159 43.47 -19.69 102.40
CA ILE QA 159 42.16 -19.42 101.80
C ILE QA 159 41.81 -17.96 101.99
N GLN QA 160 42.21 -17.39 103.13
CA GLN QA 160 41.95 -15.98 103.34
C GLN QA 160 42.64 -15.16 102.26
N ALA QA 161 43.96 -15.38 102.11
CA ALA QA 161 44.70 -14.74 101.03
C ALA QA 161 43.90 -14.68 99.73
N GLY QA 162 43.16 -15.74 99.44
CA GLY QA 162 42.35 -15.78 98.23
C GLY QA 162 41.13 -14.89 98.37
N ILE QA 163 40.41 -15.05 99.48
CA ILE QA 163 39.17 -14.30 99.75
C ILE QA 163 39.36 -12.82 99.50
N TRP QA 164 40.32 -12.25 100.23
CA TRP QA 164 40.62 -10.83 100.16
C TRP QA 164 41.15 -10.37 98.81
N ASN QA 165 42.32 -10.91 98.45
CA ASN QA 165 43.09 -10.49 97.28
C ASN QA 165 42.57 -10.98 95.89
N ASP QA 166 41.40 -11.61 95.91
CA ASP QA 166 40.76 -12.16 94.69
C ASP QA 166 39.27 -11.83 94.68
N LEU QA 167 38.80 -11.34 93.53
CA LEU QA 167 37.40 -11.00 93.35
C LEU QA 167 36.59 -12.25 93.04
N GLY QA 168 37.28 -13.35 92.81
CA GLY QA 168 36.64 -14.60 92.41
C GLY QA 168 36.25 -15.42 93.62
N SER QA 169 36.87 -15.08 94.75
CA SER QA 169 36.71 -15.81 95.99
C SER QA 169 36.23 -14.86 97.07
N GLY QA 170 35.67 -15.42 98.14
CA GLY QA 170 35.20 -14.60 99.25
C GLY QA 170 34.34 -15.30 100.28
N SER QA 171 33.72 -14.50 101.14
CA SER QA 171 32.88 -14.97 102.26
C SER QA 171 33.63 -15.88 103.27
N ASN QA 172 33.17 -17.12 103.45
CA ASN QA 172 33.65 -17.99 104.54
C ASN QA 172 34.80 -18.99 104.24
N VAL QA 173 35.22 -19.75 105.25
CA VAL QA 173 36.27 -20.76 105.08
C VAL QA 173 35.86 -22.17 105.59
N ASP QA 174 35.60 -23.09 104.66
CA ASP QA 174 35.31 -24.51 104.96
C ASP QA 174 36.61 -25.28 105.17
N VAL QA 175 36.60 -26.24 106.07
CA VAL QA 175 37.76 -27.10 106.25
C VAL QA 175 37.33 -28.55 106.42
N CYS QA 176 38.23 -29.49 106.09
CA CYS QA 176 38.04 -30.89 106.41
C CYS QA 176 39.37 -31.53 106.81
N VAL QA 177 39.41 -32.12 108.00
CA VAL QA 177 40.65 -32.68 108.53
C VAL QA 177 40.60 -34.18 108.58
N MET QA 178 41.45 -34.81 107.79
CA MET QA 178 41.42 -36.26 107.71
C MET QA 178 42.67 -36.78 108.39
N GLU QA 179 42.55 -37.08 109.69
CA GLU QA 179 43.68 -37.62 110.43
C GLU QA 179 43.73 -39.13 110.19
N ILE QA 180 44.93 -39.73 110.22
CA ILE QA 180 45.12 -41.12 109.81
C ILE QA 180 44.45 -42.08 110.76
N GLY QA 181 44.58 -41.77 112.04
CA GLY QA 181 43.92 -42.57 113.05
C GLY QA 181 42.41 -42.37 113.00
N LYS QA 182 42.00 -41.13 113.21
CA LYS QA 182 40.63 -40.82 113.58
C LYS QA 182 39.63 -40.79 112.42
N ASP QA 183 38.38 -40.47 112.72
CA ASP QA 183 37.39 -40.24 111.69
C ASP QA 183 37.79 -38.94 110.98
N ALA QA 184 37.13 -38.63 109.87
CA ALA QA 184 37.33 -37.34 109.23
C ALA QA 184 36.49 -36.28 109.94
N GLU QA 185 37.05 -35.10 110.20
CA GLU QA 185 36.21 -33.98 110.66
C GLU QA 185 36.01 -32.88 109.62
N TYR QA 186 34.74 -32.55 109.38
CA TYR QA 186 34.33 -31.52 108.43
C TYR QA 186 33.80 -30.33 109.21
N LEU QA 187 34.59 -29.28 109.25
CA LEU QA 187 34.21 -28.06 109.93
C LEU QA 187 33.69 -27.07 108.90
N ARG QA 188 32.37 -27.09 108.69
CA ARG QA 188 31.71 -26.13 107.81
C ARG QA 188 31.80 -24.74 108.42
N ASN QA 189 32.10 -23.75 107.58
CA ASN QA 189 32.32 -22.38 108.04
C ASN QA 189 33.20 -22.31 109.28
N TYR QA 190 34.37 -22.92 109.18
CA TYR QA 190 35.38 -22.89 110.23
C TYR QA 190 35.82 -21.44 110.55
N LEU QA 191 35.63 -20.55 109.58
CA LEU QA 191 35.90 -19.11 109.77
C LEU QA 191 34.82 -18.25 109.10
N THR QA 192 34.42 -17.17 109.79
CA THR QA 192 33.34 -16.31 109.31
C THR QA 192 33.77 -14.85 109.36
N PRO QA 193 34.79 -14.49 108.56
CA PRO QA 193 35.38 -13.15 108.65
C PRO QA 193 34.46 -12.11 108.03
N ASN QA 194 33.58 -12.54 107.13
CA ASN QA 194 32.74 -11.64 106.33
C ASN QA 194 31.28 -11.55 106.77
N VAL QA 195 31.06 -11.00 107.97
CA VAL QA 195 29.71 -10.83 108.50
C VAL QA 195 29.19 -9.43 108.20
N ARG QA 196 27.99 -9.35 107.64
CA ARG QA 196 27.47 -8.06 107.18
C ARG QA 196 27.05 -7.16 108.34
N GLU QA 197 27.74 -6.03 108.51
CA GLU QA 197 27.41 -5.09 109.59
C GLU QA 197 25.92 -4.80 109.54
N GLU QA 198 25.32 -4.56 110.70
CA GLU QA 198 23.88 -4.33 110.77
C GLU QA 198 23.52 -3.13 109.91
N LYS QA 199 22.48 -3.28 109.07
CA LYS QA 199 22.07 -2.19 108.16
C LYS QA 199 21.85 -0.88 108.92
N GLN QA 200 21.64 0.20 108.19
CA GLN QA 200 21.41 1.49 108.83
C GLN QA 200 19.92 1.66 109.19
N LYS QA 201 19.08 0.82 108.60
CA LYS QA 201 17.63 0.95 108.72
C LYS QA 201 17.03 -0.45 108.78
N SER QA 202 15.71 -0.53 108.83
CA SER QA 202 15.03 -1.81 108.60
C SER QA 202 13.86 -1.55 107.64
N TYR QA 203 13.75 -2.38 106.61
CA TYR QA 203 12.85 -2.07 105.51
C TYR QA 203 11.66 -3.00 105.53
N LYS QA 204 11.22 -3.34 106.74
CA LYS QA 204 10.02 -4.11 106.95
C LYS QA 204 8.85 -3.18 106.61
N PHE QA 205 8.03 -3.57 105.64
CA PHE QA 205 6.93 -2.71 105.17
C PHE QA 205 5.68 -2.78 106.04
N PRO QA 206 5.10 -1.62 106.35
CA PRO QA 206 3.81 -1.53 107.05
C PRO QA 206 2.78 -2.36 106.30
N ARG QA 207 2.12 -3.28 106.98
CA ARG QA 207 1.18 -4.17 106.31
C ARG QA 207 0.15 -3.37 105.50
N GLY QA 208 -0.07 -3.81 104.26
CA GLY QA 208 -1.05 -3.19 103.39
C GLY QA 208 -0.44 -2.27 102.36
N THR QA 209 0.89 -2.23 102.32
CA THR QA 209 1.60 -1.34 101.40
C THR QA 209 1.35 -1.71 99.93
N THR QA 210 1.19 -3.01 99.68
CA THR QA 210 1.15 -3.55 98.31
C THR QA 210 -0.25 -3.68 97.74
N ALA QA 211 -0.45 -3.12 96.55
CA ALA QA 211 -1.76 -3.15 95.91
C ALA QA 211 -2.12 -4.54 95.37
N VAL QA 212 -3.23 -5.09 95.87
CA VAL QA 212 -3.68 -6.40 95.39
C VAL QA 212 -4.90 -6.29 94.47
N LEU QA 213 -4.88 -7.05 93.37
CA LEU QA 213 -6.00 -7.14 92.40
C LEU QA 213 -7.01 -8.21 92.79
N LYS QA 214 -6.54 -9.46 92.72
CA LYS QA 214 -7.35 -10.62 92.98
C LYS QA 214 -6.65 -11.46 94.05
N GLU QA 215 -7.43 -12.16 94.86
CA GLU QA 215 -6.88 -13.04 95.89
C GLU QA 215 -7.67 -14.34 95.87
N SER QA 216 -7.01 -15.44 96.19
CA SER QA 216 -7.68 -16.74 96.19
C SER QA 216 -6.83 -17.79 96.89
N ILE QA 217 -7.44 -18.94 97.16
CA ILE QA 217 -6.75 -20.01 97.86
C ILE QA 217 -6.63 -21.20 96.94
N VAL QA 218 -5.40 -21.67 96.74
CA VAL QA 218 -5.20 -22.88 95.95
C VAL QA 218 -5.27 -24.12 96.86
N ASN QA 219 -5.62 -25.27 96.27
CA ASN QA 219 -5.71 -26.51 97.03
C ASN QA 219 -4.50 -27.42 96.82
N ILE QA 220 -3.98 -27.92 97.93
CA ILE QA 220 -2.68 -28.57 97.95
C ILE QA 220 -2.71 -30.09 97.72
N CYS QA 221 -3.49 -30.81 98.52
CA CYS QA 221 -3.66 -32.25 98.31
C CYS QA 221 -5.03 -32.53 97.72
N ASP QA 222 -5.16 -33.62 96.99
CA ASP QA 222 -6.44 -33.97 96.38
C ASP QA 222 -7.48 -34.40 97.44
N SER RA 1 17.94 -12.85 70.22
CA SER RA 1 19.38 -13.04 70.38
C SER RA 1 19.69 -14.18 71.36
N ASP RA 2 19.99 -13.80 72.60
CA ASP RA 2 20.37 -14.77 73.63
C ASP RA 2 19.16 -15.52 74.17
N PRO RA 3 19.29 -16.85 74.28
CA PRO RA 3 18.24 -17.79 74.69
C PRO RA 3 17.52 -17.49 76.01
N SER RA 4 18.26 -17.16 77.07
CA SER RA 4 17.63 -16.94 78.38
C SER RA 4 16.89 -15.61 78.48
N SER RA 5 17.12 -14.72 77.51
CA SER RA 5 16.50 -13.41 77.50
C SER RA 5 15.80 -13.04 76.18
N ILE RA 6 15.10 -14.00 75.60
CA ILE RA 6 14.19 -13.67 74.51
C ILE RA 6 12.86 -13.32 75.16
N ASN RA 7 12.35 -14.25 75.97
CA ASN RA 7 11.07 -14.08 76.67
C ASN RA 7 11.23 -13.44 78.07
N GLY RA 8 12.27 -13.84 78.79
CA GLY RA 8 12.64 -13.17 80.02
C GLY RA 8 11.93 -13.62 81.29
N GLY RA 9 11.28 -12.66 81.94
CA GLY RA 9 10.57 -12.93 83.17
C GLY RA 9 11.49 -13.18 84.35
N ILE RA 10 10.95 -13.01 85.56
CA ILE RA 10 11.71 -13.20 86.78
C ILE RA 10 10.91 -14.03 87.80
N VAL RA 11 11.63 -14.68 88.70
CA VAL RA 11 11.04 -15.46 89.79
C VAL RA 11 11.89 -15.29 91.05
N VAL RA 12 11.24 -15.16 92.21
CA VAL RA 12 11.92 -14.87 93.47
C VAL RA 12 11.29 -15.65 94.62
N ALA RA 13 12.12 -16.12 95.57
CA ALA RA 13 11.63 -16.92 96.69
C ALA RA 13 12.34 -16.62 98.00
N MET RA 14 11.57 -16.55 99.09
CA MET RA 14 12.11 -16.23 100.40
C MET RA 14 11.60 -17.15 101.51
N THR RA 15 12.28 -17.12 102.64
CA THR RA 15 11.81 -17.80 103.83
C THR RA 15 11.41 -16.81 104.92
N GLY RA 16 10.50 -17.27 105.78
CA GLY RA 16 10.13 -16.53 106.97
C GLY RA 16 10.01 -17.45 108.17
N LYS RA 17 9.24 -17.01 109.16
CA LYS RA 17 8.92 -17.83 110.31
C LYS RA 17 7.98 -18.93 109.84
N ASP RA 18 8.47 -20.16 109.85
CA ASP RA 18 7.68 -21.34 109.48
C ASP RA 18 6.77 -21.08 108.25
N CYS RA 19 7.36 -20.52 107.19
CA CYS RA 19 6.62 -20.25 105.95
C CYS RA 19 7.58 -19.95 104.80
N VAL RA 20 7.08 -19.98 103.57
CA VAL RA 20 7.87 -19.57 102.40
C VAL RA 20 6.99 -18.86 101.36
N ALA RA 21 7.63 -18.03 100.55
CA ALA RA 21 6.94 -17.30 99.49
C ALA RA 21 7.71 -17.38 98.18
N ILE RA 22 6.97 -17.52 97.09
CA ILE RA 22 7.55 -17.58 95.75
C ILE RA 22 6.66 -16.70 94.87
N ALA RA 23 7.25 -15.97 93.94
CA ALA RA 23 6.51 -14.99 93.13
C ALA RA 23 7.14 -14.76 91.77
N CYS RA 24 6.35 -14.28 90.81
CA CYS RA 24 6.83 -14.08 89.46
C CYS RA 24 6.03 -13.03 88.72
N ASP RA 25 6.49 -12.66 87.53
CA ASP RA 25 5.74 -11.77 86.67
C ASP RA 25 5.03 -12.61 85.61
N LEU RA 26 4.01 -12.03 84.98
CA LEU RA 26 3.18 -12.78 84.05
C LEU RA 26 3.54 -12.44 82.61
N ARG RA 27 4.80 -12.11 82.35
CA ARG RA 27 5.18 -11.63 81.03
C ARG RA 27 5.81 -12.69 80.13
N LEU RA 28 5.43 -12.65 78.86
CA LEU RA 28 5.96 -13.54 77.85
C LEU RA 28 6.03 -12.69 76.61
N GLY RA 29 7.24 -12.48 76.12
CA GLY RA 29 7.41 -11.68 74.92
C GLY RA 29 8.55 -12.18 74.05
N SER RA 30 8.33 -12.17 72.75
CA SER RA 30 9.41 -12.31 71.78
C SER RA 30 10.19 -11.00 71.68
N GLN RA 31 11.42 -10.98 72.20
CA GLN RA 31 12.24 -9.76 72.22
C GLN RA 31 11.43 -8.60 72.78
N SER RA 32 11.37 -7.51 72.01
CA SER RA 32 10.69 -6.26 72.42
C SER RA 32 9.16 -6.39 72.57
N LEU RA 33 8.57 -7.23 71.73
CA LEU RA 33 7.12 -7.40 71.66
C LEU RA 33 6.57 -8.23 72.81
N GLY RA 34 5.74 -7.62 73.65
CA GLY RA 34 5.00 -8.40 74.63
C GLY RA 34 3.84 -9.14 73.97
N VAL RA 35 3.67 -10.43 74.27
CA VAL RA 35 2.59 -11.20 73.62
C VAL RA 35 1.46 -11.60 74.57
N SER RA 36 1.80 -12.06 75.77
CA SER RA 36 0.81 -12.47 76.77
C SER RA 36 1.11 -11.86 78.14
N ASN RA 37 0.04 -11.53 78.85
CA ASN RA 37 0.15 -10.97 80.21
C ASN RA 37 -0.53 -11.86 81.24
N LYS RA 38 -0.57 -13.16 80.94
CA LYS RA 38 -1.29 -14.15 81.75
C LYS RA 38 -0.50 -15.45 81.71
N PHE RA 39 0.81 -15.31 81.50
CA PHE RA 39 1.71 -16.45 81.40
C PHE RA 39 2.46 -16.64 82.71
N GLU RA 40 1.93 -17.50 83.58
CA GLU RA 40 2.53 -17.72 84.89
C GLU RA 40 3.76 -18.63 84.83
N LYS RA 41 4.76 -18.27 85.63
CA LYS RA 41 6.04 -18.99 85.65
C LYS RA 41 6.16 -19.91 86.86
N ILE RA 42 5.09 -20.03 87.65
CA ILE RA 42 5.09 -20.86 88.85
C ILE RA 42 4.06 -22.00 88.81
N PHE RA 43 4.56 -23.22 88.97
CA PHE RA 43 3.75 -24.41 88.89
C PHE RA 43 3.88 -25.17 90.21
N HIS RA 44 2.89 -26.02 90.53
CA HIS RA 44 2.99 -26.86 91.75
C HIS RA 44 2.78 -28.37 91.52
N TYR RA 45 3.49 -29.15 92.33
CA TYR RA 45 3.39 -30.60 92.30
C TYR RA 45 3.21 -31.11 93.73
N GLY RA 46 1.96 -31.33 94.13
CA GLY RA 46 1.67 -31.63 95.51
C GLY RA 46 1.85 -30.37 96.33
N HIS RA 47 2.71 -30.44 97.34
CA HIS RA 47 2.95 -29.28 98.19
C HIS RA 47 4.28 -28.61 97.86
N VAL RA 48 4.92 -29.09 96.80
CA VAL RA 48 6.19 -28.52 96.39
C VAL RA 48 5.99 -27.65 95.17
N PHE RA 49 6.46 -26.41 95.28
CA PHE RA 49 6.32 -25.42 94.22
C PHE RA 49 7.61 -25.23 93.40
N LEU RA 50 7.45 -24.93 92.12
CA LEU RA 50 8.58 -24.73 91.23
C LEU RA 50 8.32 -23.56 90.30
N GLY RA 51 9.17 -22.53 90.42
CA GLY RA 51 9.17 -21.41 89.48
C GLY RA 51 10.32 -21.60 88.51
N ILE RA 52 10.08 -21.27 87.24
CA ILE RA 52 11.09 -21.47 86.21
C ILE RA 52 11.11 -20.26 85.30
N THR RA 53 12.29 -19.67 85.11
CA THR RA 53 12.38 -18.53 84.19
C THR RA 53 13.23 -18.86 82.99
N GLY RA 54 13.13 -18.04 81.96
CA GLY RA 54 14.00 -18.20 80.83
C GLY RA 54 13.26 -18.42 79.54
N LEU RA 55 13.53 -19.54 78.89
CA LEU RA 55 12.95 -19.79 77.59
C LEU RA 55 11.60 -20.47 77.75
N ALA RA 56 10.58 -19.92 77.09
CA ALA RA 56 9.21 -20.35 77.29
C ALA RA 56 8.98 -21.83 76.97
N THR RA 57 9.41 -22.24 75.80
CA THR RA 57 9.18 -23.61 75.36
C THR RA 57 9.94 -24.64 76.20
N ASP RA 58 10.82 -24.15 77.07
CA ASP RA 58 11.57 -25.01 78.00
C ASP RA 58 11.01 -24.91 79.40
N VAL RA 59 10.53 -23.73 79.77
CA VAL RA 59 9.80 -23.57 81.03
C VAL RA 59 8.57 -24.46 80.97
N THR RA 60 7.87 -24.41 79.84
CA THR RA 60 6.66 -25.20 79.66
C THR RA 60 6.99 -26.70 79.65
N THR RA 61 7.97 -27.10 78.84
CA THR RA 61 8.37 -28.50 78.72
C THR RA 61 8.79 -29.09 80.05
N LEU RA 62 9.46 -28.30 80.90
CA LEU RA 62 9.90 -28.81 82.20
C LEU RA 62 8.76 -28.96 83.19
N ASN RA 63 7.76 -28.09 83.10
CA ASN RA 63 6.54 -28.28 83.88
C ASN RA 63 5.89 -29.59 83.47
N GLU RA 64 5.53 -29.66 82.19
CA GLU RA 64 4.95 -30.88 81.61
C GLU RA 64 5.75 -32.12 82.04
N MET RA 65 7.07 -31.98 82.18
CA MET RA 65 7.93 -33.11 82.55
C MET RA 65 7.91 -33.46 84.04
N PHE RA 66 8.02 -32.47 84.90
CA PHE RA 66 8.06 -32.75 86.33
C PHE RA 66 6.69 -33.19 86.86
N ARG RA 67 5.62 -32.77 86.19
CA ARG RA 67 4.30 -33.27 86.54
C ARG RA 67 4.38 -34.76 86.38
N TYR RA 68 4.70 -35.18 85.16
CA TYR RA 68 4.91 -36.58 84.82
C TYR RA 68 5.79 -37.33 85.87
N LYS RA 69 7.06 -36.96 85.97
CA LYS RA 69 7.96 -37.57 86.96
C LYS RA 69 7.39 -37.65 88.39
N THR RA 70 6.83 -36.54 88.91
CA THR RA 70 6.30 -36.53 90.29
C THR RA 70 4.99 -37.27 90.47
N ASN RA 71 4.18 -37.34 89.41
CA ASN RA 71 2.95 -38.11 89.48
C ASN RA 71 3.27 -39.58 89.70
N LEU RA 72 4.33 -40.06 89.04
CA LEU RA 72 4.74 -41.46 89.20
C LEU RA 72 5.43 -41.72 90.54
N TYR RA 73 6.17 -40.74 91.06
CA TYR RA 73 6.72 -40.84 92.41
C TYR RA 73 5.59 -41.05 93.42
N LYS RA 74 4.48 -40.32 93.26
CA LYS RA 74 3.34 -40.48 94.18
C LYS RA 74 2.75 -41.89 94.12
N LEU RA 75 2.50 -42.41 92.91
CA LEU RA 75 1.93 -43.76 92.78
C LEU RA 75 2.89 -44.85 93.24
N LYS RA 76 4.17 -44.74 92.87
CA LYS RA 76 5.16 -45.78 93.18
C LYS RA 76 5.62 -45.71 94.64
N GLU RA 77 5.70 -44.50 95.19
CA GLU RA 77 6.27 -44.30 96.52
C GLU RA 77 5.22 -44.21 97.63
N GLU RA 78 3.95 -44.24 97.22
CA GLU RA 78 2.83 -44.22 98.17
C GLU RA 78 2.69 -42.88 98.92
N ARG RA 79 3.48 -41.87 98.55
CA ARG RA 79 3.40 -40.56 99.21
C ARG RA 79 3.62 -39.39 98.24
N ALA RA 80 3.36 -38.16 98.71
CA ALA RA 80 3.65 -36.97 97.90
C ALA RA 80 5.13 -36.62 98.06
N ILE RA 81 5.77 -36.17 96.98
CA ILE RA 81 7.21 -35.94 96.99
C ILE RA 81 7.63 -34.70 97.78
N GLU RA 82 8.73 -34.85 98.53
CA GLU RA 82 9.21 -33.79 99.41
C GLU RA 82 10.02 -32.75 98.64
N PRO RA 83 10.16 -31.53 99.22
CA PRO RA 83 10.93 -30.44 98.59
C PRO RA 83 12.41 -30.78 98.49
N GLU RA 84 13.00 -31.23 99.59
CA GLU RA 84 14.42 -31.60 99.59
C GLU RA 84 14.72 -32.58 98.47
N THR RA 85 13.86 -33.60 98.35
CA THR RA 85 13.96 -34.65 97.31
C THR RA 85 13.80 -34.10 95.89
N PHE RA 86 12.69 -33.41 95.66
CA PHE RA 86 12.37 -32.85 94.36
C PHE RA 86 13.52 -31.98 93.87
N THR RA 87 14.14 -31.25 94.80
CA THR RA 87 15.30 -30.46 94.43
C THR RA 87 16.34 -31.36 93.77
N GLN RA 88 16.75 -32.42 94.46
CA GLN RA 88 17.73 -33.35 93.92
C GLN RA 88 17.31 -34.03 92.59
N LEU RA 89 16.01 -34.03 92.30
CA LEU RA 89 15.48 -34.59 91.04
C LEU RA 89 15.54 -33.58 89.91
N VAL RA 90 15.42 -32.31 90.26
CA VAL RA 90 15.60 -31.26 89.28
C VAL RA 90 17.08 -31.18 88.90
N SER RA 91 17.98 -31.26 89.89
CA SER RA 91 19.42 -31.24 89.60
C SER RA 91 19.77 -32.32 88.59
N SER RA 92 19.64 -33.57 89.02
CA SER RA 92 20.00 -34.72 88.18
C SER RA 92 19.24 -34.68 86.85
N SER RA 93 17.99 -34.23 86.91
CA SER RA 93 17.14 -34.16 85.74
C SER RA 93 17.65 -33.13 84.71
N LEU RA 94 18.15 -31.99 85.19
CA LEU RA 94 18.66 -30.90 84.33
C LEU RA 94 19.99 -31.28 83.73
N TYR RA 95 20.84 -31.84 84.57
CA TYR RA 95 22.19 -32.26 84.19
C TYR RA 95 22.17 -33.51 83.26
N GLU RA 96 21.01 -34.12 83.11
CA GLU RA 96 20.85 -35.16 82.10
C GLU RA 96 21.26 -34.59 80.72
N ARG RA 97 20.80 -33.37 80.40
CA ARG RA 97 21.08 -32.71 79.11
C ARG RA 97 22.18 -31.66 79.28
N ARG RA 98 23.30 -32.08 79.85
CA ARG RA 98 24.40 -31.17 80.16
C ARG RA 98 24.95 -30.45 78.93
N PHE RA 99 25.00 -31.14 77.79
CA PHE RA 99 25.59 -30.56 76.58
C PHE RA 99 24.54 -30.21 75.54
N GLY RA 100 23.42 -29.69 76.04
CA GLY RA 100 22.28 -29.29 75.22
C GLY RA 100 21.15 -28.97 76.19
N PRO RA 101 21.39 -27.99 77.06
CA PRO RA 101 20.64 -27.71 78.29
C PRO RA 101 19.28 -27.09 78.02
N TYR RA 102 18.42 -27.18 79.02
CA TYR RA 102 17.16 -26.45 79.00
C TYR RA 102 17.55 -25.07 79.51
N PHE RA 103 17.23 -24.02 78.76
CA PHE RA 103 17.69 -22.67 79.12
C PHE RA 103 16.75 -22.08 80.14
N VAL RA 104 16.86 -22.59 81.37
CA VAL RA 104 15.93 -22.24 82.45
C VAL RA 104 16.67 -21.90 83.74
N GLY RA 105 15.95 -21.28 84.67
CA GLY RA 105 16.56 -20.84 85.91
C GLY RA 105 15.63 -21.11 87.08
N PRO RA 106 15.40 -22.41 87.36
CA PRO RA 106 14.42 -22.94 88.30
C PRO RA 106 14.63 -22.51 89.75
N VAL RA 107 13.51 -22.31 90.45
CA VAL RA 107 13.52 -22.02 91.88
C VAL RA 107 12.53 -22.97 92.56
N VAL RA 108 13.02 -23.77 93.50
CA VAL RA 108 12.15 -24.69 94.26
C VAL RA 108 11.84 -24.06 95.62
N ALA RA 109 10.58 -24.14 96.03
CA ALA RA 109 10.13 -23.57 97.31
C ALA RA 109 8.93 -24.35 97.85
N GLY RA 110 8.93 -24.63 99.15
CA GLY RA 110 7.88 -25.41 99.78
C GLY RA 110 8.24 -25.84 101.19
N ILE RA 111 7.34 -26.57 101.86
CA ILE RA 111 7.57 -26.93 103.25
C ILE RA 111 7.54 -28.44 103.55
N ASN RA 112 8.68 -28.95 104.00
CA ASN RA 112 8.84 -30.37 104.33
C ASN RA 112 7.79 -30.81 105.34
N SER RA 113 6.85 -31.64 104.90
CA SER RA 113 5.66 -32.00 105.68
C SER RA 113 5.91 -32.79 106.97
N LYS RA 114 7.02 -33.53 107.03
CA LYS RA 114 7.41 -34.30 108.21
C LYS RA 114 8.09 -33.42 109.27
N SER RA 115 9.02 -32.57 108.82
CA SER RA 115 9.82 -31.76 109.71
C SER RA 115 9.30 -30.32 109.82
N GLY RA 116 8.31 -29.98 108.99
CA GLY RA 116 7.71 -28.65 109.00
C GLY RA 116 8.68 -27.52 108.67
N LYS RA 117 9.89 -27.89 108.25
CA LYS RA 117 10.95 -26.96 107.91
C LYS RA 117 10.75 -26.26 106.55
N PRO RA 118 10.89 -24.93 106.52
CA PRO RA 118 10.80 -24.18 105.25
C PRO RA 118 12.00 -24.50 104.37
N PHE RA 119 11.81 -24.51 103.06
CA PHE RA 119 12.88 -24.87 102.13
C PHE RA 119 12.83 -24.11 100.81
N ILE RA 120 13.93 -23.45 100.46
CA ILE RA 120 14.09 -22.90 99.12
C ILE RA 120 15.47 -23.22 98.54
N ALA RA 121 15.52 -23.31 97.20
CA ALA RA 121 16.76 -23.57 96.47
C ALA RA 121 16.60 -23.17 95.02
N GLY RA 122 17.72 -22.83 94.38
CA GLY RA 122 17.71 -22.50 92.98
C GLY RA 122 18.79 -23.21 92.18
N PHE RA 123 18.65 -23.22 90.86
CA PHE RA 123 19.58 -23.92 89.99
C PHE RA 123 20.06 -23.06 88.80
N ASP RA 124 21.21 -23.43 88.25
CA ASP RA 124 21.62 -22.99 86.92
C ASP RA 124 21.22 -24.06 85.91
N LEU RA 125 21.27 -23.74 84.62
CA LEU RA 125 20.67 -24.60 83.60
C LEU RA 125 21.18 -26.03 83.56
N ILE RA 126 22.24 -26.32 84.31
CA ILE RA 126 22.74 -27.68 84.34
C ILE RA 126 22.73 -28.32 85.73
N GLY RA 127 22.07 -27.67 86.69
CA GLY RA 127 21.65 -28.34 87.90
C GLY RA 127 22.42 -28.10 89.20
N CYS RA 128 23.29 -27.08 89.22
CA CYS RA 128 23.99 -26.75 90.48
C CYS RA 128 22.97 -26.32 91.50
N ILE RA 129 22.97 -26.98 92.64
CA ILE RA 129 21.99 -26.66 93.66
C ILE RA 129 22.50 -25.57 94.62
N ASP RA 130 22.01 -24.36 94.41
CA ASP RA 130 22.24 -23.30 95.37
C ASP RA 130 21.13 -23.40 96.42
N GLU RA 131 21.42 -24.04 97.56
CA GLU RA 131 20.50 -23.97 98.69
C GLU RA 131 20.86 -22.81 99.59
N ALA RA 132 19.83 -22.14 100.07
CA ALA RA 132 20.03 -20.89 100.77
C ALA RA 132 18.92 -20.67 101.79
N LYS RA 133 19.31 -20.15 102.94
CA LYS RA 133 18.41 -19.88 104.06
C LYS RA 133 17.59 -18.62 103.77
N ASP RA 134 18.25 -17.63 103.17
CA ASP RA 134 17.61 -16.34 102.95
C ASP RA 134 16.69 -16.28 101.71
N PHE RA 135 17.26 -16.19 100.52
CA PHE RA 135 16.45 -16.00 99.31
C PHE RA 135 17.13 -16.47 98.02
N ILE RA 136 16.29 -16.73 97.03
CA ILE RA 136 16.74 -17.20 95.73
C ILE RA 136 16.11 -16.32 94.67
N VAL RA 137 16.91 -15.90 93.69
CA VAL RA 137 16.38 -15.09 92.59
C VAL RA 137 16.78 -15.67 91.24
N SER RA 138 16.06 -15.28 90.19
CA SER RA 138 16.26 -15.87 88.87
C SER RA 138 15.54 -15.11 87.77
N GLY RA 139 16.20 -14.97 86.63
CA GLY RA 139 15.59 -14.35 85.48
C GLY RA 139 16.43 -13.28 84.79
N THR RA 140 15.72 -12.36 84.14
CA THR RA 140 16.32 -11.28 83.37
C THR RA 140 16.64 -10.12 84.30
N ALA RA 141 16.02 -10.14 85.48
CA ALA RA 141 16.38 -9.22 86.55
C ALA RA 141 17.08 -9.98 87.67
N SER RA 142 17.94 -10.93 87.29
CA SER RA 142 18.80 -11.62 88.24
C SER RA 142 19.37 -10.55 89.18
N ASP RA 143 20.00 -9.52 88.59
CA ASP RA 143 20.65 -8.43 89.32
C ASP RA 143 19.72 -7.59 90.19
N GLN RA 144 18.64 -7.05 89.60
CA GLN RA 144 17.78 -6.12 90.31
C GLN RA 144 17.18 -6.76 91.54
N LEU RA 145 16.71 -7.98 91.38
CA LEU RA 145 16.16 -8.75 92.49
C LEU RA 145 17.17 -8.94 93.63
N PHE RA 146 18.40 -9.30 93.28
CA PHE RA 146 19.46 -9.43 94.27
C PHE RA 146 19.65 -8.14 95.06
N GLY RA 147 19.43 -7.01 94.39
CA GLY RA 147 19.63 -5.71 94.99
C GLY RA 147 18.54 -5.44 96.00
N MET RA 148 17.30 -5.73 95.60
CA MET RA 148 16.15 -5.48 96.47
C MET RA 148 16.20 -6.39 97.67
N CYS RA 149 16.36 -7.69 97.43
CA CYS RA 149 16.38 -8.68 98.50
C CYS RA 149 17.46 -8.39 99.55
N GLU RA 150 18.66 -8.05 99.09
CA GLU RA 150 19.79 -7.84 100.00
C GLU RA 150 19.48 -6.74 101.04
N SER RA 151 18.61 -5.81 100.65
CA SER RA 151 18.22 -4.70 101.50
C SER RA 151 16.94 -5.03 102.30
N LEU RA 152 15.86 -5.33 101.58
CA LEU RA 152 14.52 -5.50 102.16
C LEU RA 152 14.32 -6.72 103.05
N TYR RA 153 15.25 -7.67 103.02
CA TYR RA 153 15.07 -8.95 103.71
C TYR RA 153 15.54 -8.94 105.16
N GLU RA 154 14.71 -9.54 106.01
CA GLU RA 154 15.11 -10.00 107.34
C GLU RA 154 14.55 -11.41 107.61
N PRO RA 155 15.30 -12.23 108.36
CA PRO RA 155 14.87 -13.62 108.44
C PRO RA 155 13.73 -13.72 109.44
N ASN RA 156 12.86 -14.73 109.29
CA ASN RA 156 11.81 -14.96 110.27
C ASN RA 156 10.66 -13.96 110.19
N LEU RA 157 10.45 -13.40 109.01
CA LEU RA 157 9.30 -12.55 108.80
C LEU RA 157 8.01 -13.33 109.03
N GLU RA 158 7.03 -12.73 109.71
CA GLU RA 158 5.69 -13.34 109.78
C GLU RA 158 5.08 -13.30 108.38
N PRO RA 159 4.24 -14.30 108.03
CA PRO RA 159 3.74 -14.43 106.64
C PRO RA 159 3.08 -13.16 106.06
N GLU RA 160 2.11 -12.59 106.77
CA GLU RA 160 1.41 -11.39 106.28
C GLU RA 160 2.40 -10.22 106.06
N ASP RA 161 3.58 -10.34 106.68
CA ASP RA 161 4.67 -9.36 106.54
C ASP RA 161 5.56 -9.68 105.33
N LEU RA 162 5.89 -10.98 105.20
CA LEU RA 162 6.78 -11.45 104.14
C LEU RA 162 6.12 -11.36 102.78
N PHE RA 163 4.80 -11.24 102.75
CA PHE RA 163 4.12 -10.94 101.51
C PHE RA 163 4.44 -9.51 101.06
N GLU RA 164 4.44 -8.57 102.00
CA GLU RA 164 4.72 -7.18 101.65
C GLU RA 164 6.15 -7.11 101.18
N THR RA 165 7.05 -7.75 101.91
CA THR RA 165 8.47 -7.71 101.55
C THR RA 165 8.77 -8.32 100.16
N ILE RA 166 8.32 -9.55 99.92
CA ILE RA 166 8.60 -10.21 98.64
C ILE RA 166 7.94 -9.50 97.45
N SER RA 167 6.74 -8.96 97.68
CA SER RA 167 6.02 -8.25 96.64
C SER RA 167 6.79 -7.01 96.20
N GLN RA 168 7.35 -6.28 97.18
CA GLN RA 168 8.06 -5.03 96.90
C GLN RA 168 9.42 -5.29 96.23
N ALA RA 169 10.06 -6.40 96.56
CA ALA RA 169 11.29 -6.80 95.90
C ALA RA 169 11.01 -7.13 94.43
N LEU RA 170 9.93 -7.86 94.17
CA LEU RA 170 9.60 -8.28 92.81
C LEU RA 170 9.18 -7.07 91.99
N LEU RA 171 8.14 -6.39 92.47
CA LEU RA 171 7.59 -5.23 91.80
C LEU RA 171 8.68 -4.27 91.36
N ASN RA 172 9.54 -3.88 92.29
CA ASN RA 172 10.50 -2.81 92.01
C ASN RA 172 11.70 -3.21 91.15
N ALA RA 173 11.91 -4.51 90.97
CA ALA RA 173 12.95 -4.96 90.06
C ALA RA 173 12.40 -4.98 88.64
N ALA RA 174 11.20 -5.54 88.49
CA ALA RA 174 10.55 -5.63 87.18
C ALA RA 174 10.21 -4.26 86.53
N ASP RA 175 10.17 -3.23 87.35
CA ASP RA 175 9.87 -1.90 86.86
C ASP RA 175 11.15 -1.27 86.29
N ARG RA 176 12.29 -1.68 86.85
CA ARG RA 176 13.60 -1.35 86.27
C ARG RA 176 14.04 -2.43 85.28
N ASP RA 177 13.09 -3.25 84.83
CA ASP RA 177 13.37 -4.28 83.82
C ASP RA 177 12.38 -4.24 82.64
N ALA RA 178 12.99 -4.29 81.46
CA ALA RA 178 12.29 -4.03 80.22
C ALA RA 178 11.51 -5.26 79.85
N LEU RA 179 12.12 -6.42 80.15
CA LEU RA 179 11.61 -7.72 79.72
C LEU RA 179 10.80 -8.45 80.80
N SER RA 180 10.58 -7.76 81.93
CA SER RA 180 9.69 -8.28 82.96
C SER RA 180 8.59 -7.28 83.37
N GLY RA 181 7.48 -7.85 83.83
CA GLY RA 181 6.32 -7.07 84.25
C GLY RA 181 5.02 -7.62 83.70
N TRP RA 182 4.09 -6.70 83.42
CA TRP RA 182 2.80 -7.05 82.81
C TRP RA 182 1.80 -7.79 83.71
N GLY RA 183 2.12 -7.85 85.00
CA GLY RA 183 1.29 -8.54 85.96
C GLY RA 183 2.24 -9.19 86.93
N ALA RA 184 1.70 -9.70 88.03
CA ALA RA 184 2.53 -10.45 88.95
C ALA RA 184 1.65 -11.26 89.88
N VAL RA 185 2.20 -12.37 90.37
CA VAL RA 185 1.45 -13.26 91.24
C VAL RA 185 2.40 -13.67 92.37
N VAL RA 186 1.84 -13.91 93.55
CA VAL RA 186 2.65 -14.18 94.74
C VAL RA 186 2.02 -15.23 95.66
N TYR RA 187 2.59 -16.43 95.65
CA TYR RA 187 2.11 -17.49 96.53
C TYR RA 187 2.71 -17.30 97.91
N ILE RA 188 1.86 -17.31 98.94
CA ILE RA 188 2.32 -17.42 100.32
C ILE RA 188 1.96 -18.78 100.90
N ILE RA 189 2.97 -19.51 101.36
CA ILE RA 189 2.81 -20.91 101.71
C ILE RA 189 3.02 -21.17 103.20
N LYS RA 190 1.90 -21.27 103.94
CA LYS RA 190 1.93 -21.68 105.35
C LYS RA 190 2.01 -23.21 105.43
N LYS RA 191 2.05 -23.77 106.63
CA LYS RA 191 2.24 -25.21 106.79
C LYS RA 191 1.11 -26.09 106.15
N ASP RA 192 -0.06 -25.50 105.90
CA ASP RA 192 -1.22 -26.24 105.38
C ASP RA 192 -2.19 -25.43 104.52
N GLU RA 193 -2.09 -24.10 104.63
CA GLU RA 193 -2.89 -23.19 103.80
C GLU RA 193 -1.97 -22.54 102.76
N VAL RA 194 -2.46 -22.32 101.54
CA VAL RA 194 -1.67 -21.61 100.52
C VAL RA 194 -2.45 -20.54 99.76
N VAL RA 195 -2.06 -19.27 99.96
CA VAL RA 195 -2.76 -18.11 99.36
C VAL RA 195 -2.03 -17.52 98.16
N LYS RA 196 -2.79 -17.21 97.11
CA LYS RA 196 -2.22 -16.76 95.84
C LYS RA 196 -2.81 -15.41 95.44
N ARG RA 197 -2.08 -14.33 95.69
CA ARG RA 197 -2.55 -12.99 95.32
C ARG RA 197 -1.92 -12.49 94.01
N TYR RA 198 -2.73 -11.86 93.16
CA TYR RA 198 -2.22 -11.19 91.95
C TYR RA 198 -1.92 -9.71 92.29
N LEU RA 199 -0.95 -9.10 91.61
CA LEU RA 199 -0.60 -7.74 91.97
C LEU RA 199 -0.91 -6.70 90.91
N LYS RA 200 -1.00 -5.45 91.36
CA LYS RA 200 -1.20 -4.30 90.50
C LYS RA 200 0.15 -3.63 90.33
N MET RA 201 0.57 -3.48 89.07
CA MET RA 201 1.80 -2.76 88.76
C MET RA 201 1.62 -2.01 87.45
N ARG RA 202 2.55 -1.12 87.13
CA ARG RA 202 2.54 -0.48 85.81
C ARG RA 202 2.35 -1.55 84.73
N GLN RA 203 2.00 -1.14 83.52
CA GLN RA 203 1.92 -2.14 82.46
C GLN RA 203 2.74 -1.76 81.23
N ASP RA 204 4.03 -1.42 81.43
CA ASP RA 204 4.87 -1.03 80.29
C ASP RA 204 6.19 -1.81 80.06
N MET SA 1 8.26 -14.16 55.45
CA MET SA 1 7.06 -13.99 56.28
C MET SA 1 6.37 -12.61 56.12
N ASP SA 2 5.05 -12.54 55.83
CA ASP SA 2 4.07 -13.66 55.72
C ASP SA 2 3.02 -13.55 56.83
N ILE SA 3 1.78 -13.25 56.44
CA ILE SA 3 0.80 -12.68 57.38
C ILE SA 3 -0.15 -13.68 58.02
N ILE SA 4 0.04 -13.91 59.32
CA ILE SA 4 -0.80 -14.84 60.06
C ILE SA 4 -1.53 -14.16 61.20
N LEU SA 5 -2.83 -13.99 61.05
CA LEU SA 5 -3.64 -13.33 62.06
C LEU SA 5 -4.74 -14.24 62.59
N GLY SA 6 -5.32 -13.83 63.71
CA GLY SA 6 -6.44 -14.52 64.29
C GLY SA 6 -7.00 -13.78 65.48
N ILE SA 7 -8.33 -13.74 65.57
CA ILE SA 7 -9.02 -13.18 66.73
C ILE SA 7 -10.20 -14.07 67.18
N ARG SA 8 -10.22 -14.37 68.48
CA ARG SA 8 -11.27 -15.16 69.13
C ARG SA 8 -12.34 -14.20 69.69
N VAL SA 9 -13.59 -14.41 69.31
CA VAL SA 9 -14.64 -13.52 69.78
C VAL SA 9 -15.51 -14.13 70.88
N GLN SA 10 -16.81 -13.94 70.75
CA GLN SA 10 -17.77 -14.52 71.67
C GLN SA 10 -18.16 -15.93 71.23
N ASP SA 11 -18.57 -16.05 69.95
CA ASP SA 11 -19.17 -17.26 69.41
C ASP SA 11 -18.31 -17.97 68.38
N SER SA 12 -17.06 -17.56 68.24
CA SER SA 12 -16.20 -18.12 67.19
C SER SA 12 -14.76 -17.59 67.19
N VAL SA 13 -13.96 -18.12 66.27
CA VAL SA 13 -12.58 -17.69 66.09
C VAL SA 13 -12.38 -17.38 64.62
N ILE SA 14 -11.57 -16.37 64.33
CA ILE SA 14 -11.37 -15.90 62.96
C ILE SA 14 -9.90 -15.87 62.59
N LEU SA 15 -9.56 -16.40 61.43
CA LEU SA 15 -8.15 -16.49 61.03
C LEU SA 15 -7.94 -15.82 59.70
N ALA SA 16 -7.00 -14.89 59.68
CA ALA SA 16 -6.58 -14.25 58.45
C ALA SA 16 -5.23 -14.83 58.06
N SER SA 17 -4.98 -14.85 56.76
CA SER SA 17 -3.85 -15.56 56.22
C SER SA 17 -3.55 -14.96 54.86
N SER SA 18 -2.40 -14.30 54.74
CA SER SA 18 -1.97 -13.71 53.47
C SER SA 18 -2.05 -14.72 52.28
N LYS SA 19 -2.43 -14.22 51.11
CA LYS SA 19 -2.65 -15.05 49.91
C LYS SA 19 -1.41 -15.21 49.02
N ALA SA 20 -0.28 -14.68 49.45
CA ALA SA 20 0.85 -14.56 48.53
C ALA SA 20 1.94 -15.56 48.82
N VAL SA 21 2.52 -16.09 47.74
CA VAL SA 21 3.66 -16.98 47.83
C VAL SA 21 4.79 -16.41 47.00
N THR SA 22 5.87 -16.01 47.68
CA THR SA 22 6.98 -15.32 47.02
C THR SA 22 8.26 -16.14 47.04
N ARG SA 23 8.87 -16.30 45.86
CA ARG SA 23 10.12 -17.02 45.73
C ARG SA 23 11.29 -16.10 45.36
N GLY SA 24 11.74 -15.35 46.36
CA GLY SA 24 12.84 -14.41 46.18
C GLY SA 24 12.42 -13.20 45.38
N ILE SA 25 12.46 -13.32 44.05
CA ILE SA 25 12.27 -12.17 43.18
C ILE SA 25 10.86 -12.02 42.59
N SER SA 26 10.23 -13.15 42.27
CA SER SA 26 8.87 -13.11 41.70
C SER SA 26 7.79 -13.62 42.68
N VAL SA 27 6.59 -13.08 42.53
CA VAL SA 27 5.43 -13.56 43.28
C VAL SA 27 4.81 -14.68 42.46
N LEU SA 28 4.87 -15.91 42.98
CA LEU SA 28 4.49 -17.11 42.20
C LEU SA 28 3.00 -17.42 42.15
N LYS SA 29 2.33 -17.16 43.27
CA LYS SA 29 0.89 -17.39 43.40
C LYS SA 29 0.22 -16.21 44.15
N ASP SA 30 -0.98 -15.85 43.71
CA ASP SA 30 -1.75 -14.78 44.34
C ASP SA 30 -2.99 -15.31 45.10
N SER SA 31 -2.97 -16.59 45.48
CA SER SA 31 -4.15 -17.30 46.02
C SER SA 31 -3.82 -18.55 46.84
N ASP SA 32 -3.09 -18.38 47.94
CA ASP SA 32 -2.63 -19.51 48.76
C ASP SA 32 -3.42 -19.67 50.08
N ASP SA 33 -4.16 -20.77 50.18
CA ASP SA 33 -4.84 -21.12 51.42
C ASP SA 33 -3.78 -21.62 52.38
N LYS SA 34 -3.34 -20.72 53.28
CA LYS SA 34 -2.29 -21.07 54.21
C LYS SA 34 -2.87 -21.71 55.45
N THR SA 35 -3.66 -22.76 55.27
CA THR SA 35 -4.32 -23.42 56.38
C THR SA 35 -4.85 -24.84 56.06
N ARG SA 36 -4.56 -25.78 56.95
CA ARG SA 36 -5.10 -27.13 56.85
C ARG SA 36 -6.18 -27.33 57.89
N GLN SA 37 -7.27 -27.99 57.50
CA GLN SA 37 -8.32 -28.33 58.45
C GLN SA 37 -7.90 -29.58 59.25
N LEU SA 38 -7.81 -29.43 60.56
CA LEU SA 38 -7.37 -30.52 61.41
C LEU SA 38 -8.53 -31.43 61.85
N SER SA 39 -9.76 -30.99 61.58
CA SER SA 39 -10.95 -31.72 61.98
C SER SA 39 -12.10 -30.74 61.96
N PRO SA 40 -13.32 -31.27 61.79
CA PRO SA 40 -14.56 -30.49 61.74
C PRO SA 40 -14.51 -29.11 62.42
N HIS SA 41 -14.08 -29.04 63.69
CA HIS SA 41 -14.13 -27.78 64.44
C HIS SA 41 -12.76 -27.25 64.88
N THR SA 42 -11.72 -27.54 64.10
CA THR SA 42 -10.36 -27.09 64.46
C THR SA 42 -9.51 -26.76 63.23
N LEU SA 43 -9.05 -25.51 63.16
CA LEU SA 43 -8.33 -24.98 62.01
C LEU SA 43 -6.92 -24.55 62.38
N MET SA 44 -5.96 -24.71 61.47
CA MET SA 44 -4.61 -24.23 61.75
C MET SA 44 -3.98 -23.44 60.61
N SER SA 45 -3.78 -22.13 60.82
CA SER SA 45 -3.07 -21.31 59.84
C SER SA 45 -1.59 -21.33 60.21
N PHE SA 46 -0.73 -21.01 59.25
CA PHE SA 46 0.71 -21.22 59.44
C PHE SA 46 1.58 -20.42 58.46
N ALA SA 47 2.75 -20.02 58.93
CA ALA SA 47 3.73 -19.38 58.05
C ALA SA 47 5.13 -19.60 58.59
N GLY SA 48 6.12 -19.35 57.74
CA GLY SA 48 7.50 -19.59 58.12
C GLY SA 48 8.32 -20.12 56.96
N GLU SA 49 9.29 -20.99 57.29
CA GLU SA 49 10.24 -21.51 56.31
C GLU SA 49 9.57 -22.11 55.07
N ALA SA 50 10.34 -22.25 54.01
CA ALA SA 50 9.81 -22.57 52.68
C ALA SA 50 9.00 -23.86 52.60
N GLY SA 51 9.70 -24.99 52.66
CA GLY SA 51 9.03 -26.26 52.54
C GLY SA 51 8.58 -26.71 53.90
N ASP SA 52 9.36 -26.34 54.93
CA ASP SA 52 9.07 -26.78 56.28
C ASP SA 52 7.61 -26.49 56.64
N THR SA 53 7.06 -25.39 56.13
CA THR SA 53 5.71 -24.98 56.51
C THR SA 53 4.64 -26.04 56.21
N VAL SA 54 4.29 -26.24 54.94
CA VAL SA 54 3.27 -27.23 54.58
C VAL SA 54 3.51 -28.63 55.20
N GLN SA 55 4.71 -29.17 54.99
CA GLN SA 55 5.03 -30.54 55.42
C GLN SA 55 4.65 -30.83 56.88
N PHE SA 56 4.85 -29.84 57.75
CA PHE SA 56 4.43 -29.94 59.15
C PHE SA 56 2.91 -29.96 59.27
N ALA SA 57 2.25 -28.91 58.78
CA ALA SA 57 0.80 -28.79 58.92
C ALA SA 57 0.06 -30.05 58.44
N GLU SA 58 0.58 -30.69 57.39
CA GLU SA 58 -0.02 -31.93 56.87
C GLU SA 58 0.23 -33.16 57.77
N TYR SA 59 1.42 -33.24 58.34
CA TYR SA 59 1.73 -34.26 59.36
C TYR SA 59 0.78 -34.17 60.55
N ILE SA 60 0.50 -32.95 61.00
CA ILE SA 60 -0.45 -32.75 62.09
C ILE SA 60 -1.85 -33.12 61.62
N GLN SA 61 -2.21 -32.75 60.40
CA GLN SA 61 -3.53 -33.05 59.86
C GLN SA 61 -3.74 -34.56 59.92
N ALA SA 62 -2.77 -35.30 59.40
CA ALA SA 62 -2.83 -36.75 59.41
C ALA SA 62 -3.03 -37.28 60.83
N ASN SA 63 -2.14 -36.90 61.73
CA ASN SA 63 -2.17 -37.45 63.09
C ASN SA 63 -3.43 -37.13 63.89
N ILE SA 64 -4.15 -36.09 63.49
CA ILE SA 64 -5.38 -35.69 64.19
C ILE SA 64 -6.60 -36.31 63.52
N GLN SA 65 -6.56 -36.45 62.20
CA GLN SA 65 -7.58 -37.19 61.49
C GLN SA 65 -7.50 -38.67 61.91
N LEU SA 66 -6.33 -39.11 62.39
CA LEU SA 66 -6.16 -40.48 62.87
C LEU SA 66 -6.70 -40.68 64.29
N TYR SA 67 -6.47 -39.73 65.18
CA TYR SA 67 -7.05 -39.83 66.51
C TYR SA 67 -8.57 -39.65 66.44
N SER SA 68 -9.03 -38.80 65.52
CA SER SA 68 -10.47 -38.65 65.28
C SER SA 68 -11.08 -39.97 64.86
N ILE SA 69 -10.54 -40.54 63.79
CA ILE SA 69 -11.08 -41.77 63.24
C ILE SA 69 -11.05 -42.95 64.23
N ARG SA 70 -9.99 -43.02 65.04
CA ARG SA 70 -9.76 -44.14 65.97
C ARG SA 70 -10.72 -44.18 67.16
N GLU SA 71 -10.89 -43.03 67.82
CA GLU SA 71 -11.78 -42.96 68.97
C GLU SA 71 -13.14 -42.35 68.60
N ASP SA 72 -13.38 -42.16 67.31
CA ASP SA 72 -14.64 -41.59 66.85
C ASP SA 72 -15.06 -40.39 67.71
N TYR SA 73 -14.07 -39.64 68.17
CA TYR SA 73 -14.27 -38.49 69.04
C TYR SA 73 -13.50 -37.33 68.45
N GLU SA 74 -14.09 -36.14 68.45
CA GLU SA 74 -13.40 -34.99 67.91
C GLU SA 74 -12.52 -34.36 68.98
N LEU SA 75 -11.22 -34.60 68.86
CA LEU SA 75 -10.25 -34.13 69.83
C LEU SA 75 -10.39 -32.63 70.09
N SER SA 76 -10.44 -32.28 71.37
CA SER SA 76 -10.65 -30.89 71.77
C SER SA 76 -9.47 -29.98 71.38
N PRO SA 77 -9.75 -28.71 71.06
CA PRO SA 77 -8.76 -27.66 70.72
C PRO SA 77 -7.58 -27.56 71.69
N GLN SA 78 -7.84 -27.39 72.99
CA GLN SA 78 -6.76 -27.40 73.99
C GLN SA 78 -5.78 -28.54 73.73
N ALA SA 79 -6.31 -29.71 73.41
CA ALA SA 79 -5.52 -30.93 73.20
C ALA SA 79 -4.74 -30.93 71.89
N VAL SA 80 -5.44 -30.63 70.80
CA VAL SA 80 -4.79 -30.49 69.51
C VAL SA 80 -3.63 -29.51 69.66
N SER SA 81 -3.88 -28.42 70.38
CA SER SA 81 -2.85 -27.42 70.65
C SER SA 81 -1.66 -28.03 71.37
N SER SA 82 -1.87 -28.55 72.57
CA SER SA 82 -0.78 -29.04 73.39
C SER SA 82 -0.02 -30.20 72.75
N PHE SA 83 -0.62 -30.80 71.71
CA PHE SA 83 0.04 -31.84 70.93
C PHE SA 83 0.95 -31.21 69.88
N VAL SA 84 0.39 -30.29 69.11
CA VAL SA 84 1.15 -29.56 68.12
C VAL SA 84 2.37 -28.91 68.76
N ARG SA 85 2.18 -28.35 69.95
CA ARG SA 85 3.29 -27.75 70.68
C ARG SA 85 4.41 -28.76 70.94
N GLN SA 86 4.04 -29.91 71.50
CA GLN SA 86 5.04 -30.91 71.85
C GLN SA 86 5.81 -31.34 70.59
N GLU SA 87 5.11 -31.43 69.46
CA GLU SA 87 5.72 -31.86 68.21
C GLU SA 87 6.74 -30.85 67.67
N LEU SA 88 6.59 -29.58 68.06
CA LEU SA 88 7.53 -28.53 67.70
C LEU SA 88 8.69 -28.48 68.69
N ALA SA 89 8.37 -28.65 69.97
CA ALA SA 89 9.36 -28.64 71.03
C ALA SA 89 10.33 -29.82 70.90
N LYS SA 90 9.83 -30.90 70.30
CA LYS SA 90 10.61 -32.11 70.02
C LYS SA 90 11.64 -31.81 68.93
N SER SA 91 11.21 -31.05 67.92
CA SER SA 91 11.99 -30.79 66.72
C SER SA 91 12.95 -29.63 66.88
N ILE SA 92 12.96 -29.00 68.04
CA ILE SA 92 13.81 -27.84 68.19
C ILE SA 92 15.23 -28.22 68.58
N ARG SA 93 15.38 -29.32 69.31
CA ARG SA 93 16.71 -29.87 69.58
C ARG SA 93 17.00 -31.08 68.68
N SER SA 94 16.21 -31.22 67.60
CA SER SA 94 16.42 -32.27 66.60
C SER SA 94 17.48 -31.83 65.56
N ARG SA 95 17.75 -32.70 64.57
CA ARG SA 95 18.79 -32.45 63.57
C ARG SA 95 18.48 -31.25 62.68
N ARG SA 96 17.47 -31.37 61.83
CA ARG SA 96 16.93 -30.20 61.16
C ARG SA 96 15.56 -29.88 61.77
N PRO SA 97 15.48 -28.71 62.43
CA PRO SA 97 14.28 -28.29 63.16
C PRO SA 97 13.22 -27.72 62.24
N TYR SA 98 12.00 -28.24 62.38
CA TYR SA 98 10.85 -27.61 61.78
C TYR SA 98 10.94 -26.12 62.14
N GLN SA 99 10.97 -25.28 61.12
CA GLN SA 99 10.92 -23.84 61.31
C GLN SA 99 9.54 -23.29 60.92
N VAL SA 100 8.54 -23.54 61.76
CA VAL SA 100 7.16 -23.17 61.45
C VAL SA 100 6.46 -22.45 62.59
N ASN SA 101 5.70 -21.40 62.27
CA ASN SA 101 4.85 -20.75 63.25
C ASN SA 101 3.38 -21.01 62.92
N VAL SA 102 2.54 -21.17 63.94
CA VAL SA 102 1.14 -21.52 63.70
C VAL SA 102 0.12 -20.84 64.61
N LEU SA 103 -1.09 -20.71 64.07
CA LEU SA 103 -2.26 -20.30 64.81
C LEU SA 103 -3.30 -21.39 64.73
N ILE SA 104 -3.71 -21.88 65.90
CA ILE SA 104 -4.72 -22.93 65.97
C ILE SA 104 -5.96 -22.30 66.58
N GLY SA 105 -7.09 -22.51 65.91
CA GLY SA 105 -8.32 -21.92 66.38
C GLY SA 105 -9.43 -22.91 66.11
N GLY SA 106 -10.31 -23.06 67.10
CA GLY SA 106 -11.35 -24.09 67.01
C GLY SA 106 -12.39 -23.93 68.10
N TYR SA 107 -13.49 -24.66 67.93
CA TYR SA 107 -14.63 -24.59 68.84
C TYR SA 107 -14.65 -25.83 69.73
N ASP SA 108 -14.54 -25.60 71.03
CA ASP SA 108 -14.60 -26.69 72.01
C ASP SA 108 -16.07 -27.10 72.19
N LYS SA 109 -16.47 -28.17 71.50
CA LYS SA 109 -17.89 -28.59 71.49
C LYS SA 109 -18.45 -28.94 72.87
N LYS SA 110 -17.55 -29.07 73.85
CA LYS SA 110 -17.92 -29.49 75.20
C LYS SA 110 -18.03 -28.32 76.21
N LYS SA 111 -17.33 -27.23 75.92
CA LYS SA 111 -17.46 -26.00 76.73
C LYS SA 111 -18.30 -24.98 75.97
N ASN SA 112 -18.63 -25.31 74.73
CA ASN SA 112 -19.30 -24.39 73.80
C ASN SA 112 -18.68 -22.98 73.79
N LYS SA 113 -17.35 -22.94 73.85
CA LYS SA 113 -16.58 -21.69 73.78
C LYS SA 113 -15.62 -21.75 72.61
N PRO SA 114 -15.17 -20.57 72.13
CA PRO SA 114 -14.16 -20.57 71.08
C PRO SA 114 -12.79 -20.42 71.75
N GLU SA 115 -11.76 -20.98 71.11
CA GLU SA 115 -10.41 -20.91 71.66
C GLU SA 115 -9.39 -20.59 70.56
N LEU SA 116 -8.47 -19.67 70.85
CA LEU SA 116 -7.36 -19.37 69.92
C LEU SA 116 -5.99 -19.56 70.58
N TYR SA 117 -5.15 -20.40 69.97
CA TYR SA 117 -3.82 -20.70 70.51
C TYR SA 117 -2.72 -20.19 69.57
N GLN SA 118 -1.64 -19.66 70.16
CA GLN SA 118 -0.50 -19.17 69.37
C GLN SA 118 0.76 -19.96 69.72
N ILE SA 119 1.43 -20.48 68.70
CA ILE SA 119 2.59 -21.35 68.91
C ILE SA 119 3.68 -21.00 67.92
N ASP SA 120 4.87 -20.68 68.43
CA ASP SA 120 5.98 -20.40 67.54
C ASP SA 120 6.89 -21.62 67.35
N TYR SA 121 7.70 -21.57 66.30
CA TYR SA 121 8.55 -22.69 65.89
C TYR SA 121 9.37 -23.31 67.02
N LEU SA 122 9.45 -22.62 68.16
CA LEU SA 122 10.21 -23.09 69.32
C LEU SA 122 9.38 -23.98 70.22
N GLY SA 123 8.07 -23.95 70.02
CA GLY SA 123 7.16 -24.69 70.88
C GLY SA 123 6.57 -23.80 71.95
N THR SA 124 6.73 -22.49 71.78
CA THR SA 124 6.17 -21.51 72.72
C THR SA 124 4.65 -21.39 72.49
N LYS SA 125 3.86 -21.80 73.49
CA LYS SA 125 2.40 -21.85 73.35
C LYS SA 125 1.70 -21.02 74.42
N VAL SA 126 0.74 -20.21 74.00
CA VAL SA 126 -0.07 -19.41 74.92
C VAL SA 126 -1.45 -19.16 74.28
N GLU SA 127 -2.49 -19.11 75.11
CA GLU SA 127 -3.86 -18.87 74.62
C GLU SA 127 -4.21 -17.39 74.65
N LEU SA 128 -4.85 -16.93 73.58
CA LEU SA 128 -5.11 -15.50 73.38
C LEU SA 128 -6.51 -15.14 72.87
N PRO SA 129 -6.90 -13.87 73.09
CA PRO SA 129 -8.06 -13.20 72.48
C PRO SA 129 -7.76 -12.87 71.03
N TYR SA 130 -6.49 -12.57 70.76
CA TYR SA 130 -6.05 -12.30 69.40
C TYR SA 130 -4.56 -12.53 69.32
N GLY SA 131 -4.07 -12.82 68.12
CA GLY SA 131 -2.67 -13.20 67.96
C GLY SA 131 -2.14 -13.14 66.54
N ALA SA 132 -0.81 -13.17 66.43
CA ALA SA 132 -0.15 -13.07 65.14
C ALA SA 132 1.31 -13.45 65.21
N HIS SA 133 1.81 -13.93 64.08
CA HIS SA 133 3.22 -14.29 63.92
C HIS SA 133 3.88 -13.43 62.86
N GLY SA 134 5.20 -13.47 62.87
CA GLY SA 134 5.97 -12.59 62.01
C GLY SA 134 5.92 -11.20 62.60
N TYR SA 135 5.97 -10.20 61.75
CA TYR SA 135 5.89 -8.82 62.21
C TYR SA 135 4.43 -8.36 62.21
N SER SA 136 3.55 -9.25 61.75
CA SER SA 136 2.14 -8.91 61.61
C SER SA 136 1.63 -8.21 62.86
N GLY SA 137 2.15 -8.62 64.02
CA GLY SA 137 1.68 -8.11 65.29
C GLY SA 137 1.84 -6.61 65.56
N PHE SA 138 2.89 -6.00 65.03
CA PHE SA 138 3.24 -4.62 65.40
C PHE SA 138 2.24 -3.56 64.95
N TYR SA 139 1.74 -3.70 63.73
CA TYR SA 139 0.84 -2.71 63.18
C TYR SA 139 -0.57 -2.87 63.71
N THR SA 140 -0.89 -4.08 64.15
CA THR SA 140 -2.26 -4.47 64.44
C THR SA 140 -2.61 -4.63 65.92
N PHE SA 141 -1.62 -4.97 66.74
CA PHE SA 141 -1.85 -5.18 68.16
C PHE SA 141 -2.27 -3.88 68.85
N SER SA 142 -1.89 -2.74 68.28
CA SER SA 142 -2.24 -1.44 68.89
C SER SA 142 -3.73 -1.12 68.70
N LEU SA 143 -4.25 -1.55 67.55
CA LEU SA 143 -5.67 -1.45 67.25
C LEU SA 143 -6.54 -2.41 68.07
N LEU SA 144 -6.09 -3.67 68.20
CA LEU SA 144 -6.85 -4.67 68.98
C LEU SA 144 -6.92 -4.31 70.46
N ASP SA 145 -5.77 -4.02 71.07
CA ASP SA 145 -5.72 -3.46 72.41
C ASP SA 145 -6.91 -2.52 72.60
N HIS SA 146 -7.06 -1.60 71.65
CA HIS SA 146 -8.02 -0.51 71.76
C HIS SA 146 -9.47 -0.94 71.53
N HIS SA 147 -9.72 -1.58 70.39
CA HIS SA 147 -11.09 -1.80 69.96
C HIS SA 147 -11.69 -3.16 70.32
N TYR SA 148 -10.97 -3.97 71.11
CA TYR SA 148 -11.44 -5.35 71.38
C TYR SA 148 -12.26 -5.52 72.66
N ARG SA 149 -13.48 -6.04 72.48
CA ARG SA 149 -14.31 -6.51 73.59
C ARG SA 149 -14.49 -8.03 73.39
N PRO SA 150 -14.52 -8.81 74.48
CA PRO SA 150 -14.58 -10.27 74.36
C PRO SA 150 -16.02 -10.78 74.12
N ASP SA 151 -16.97 -9.84 74.13
CA ASP SA 151 -18.39 -10.15 73.89
C ASP SA 151 -18.76 -9.82 72.44
N MET SA 152 -17.75 -9.60 71.60
CA MET SA 152 -17.98 -9.13 70.23
C MET SA 152 -18.72 -10.16 69.40
N THR SA 153 -19.75 -9.71 68.67
CA THR SA 153 -20.45 -10.61 67.75
C THR SA 153 -19.48 -11.05 66.67
N THR SA 154 -19.80 -12.14 65.98
CA THR SA 154 -18.93 -12.59 64.92
C THR SA 154 -18.84 -11.50 63.86
N GLU SA 155 -19.94 -10.77 63.67
CA GLU SA 155 -19.94 -9.67 62.71
C GLU SA 155 -19.06 -8.51 63.19
N GLU SA 156 -19.22 -8.12 64.46
CA GLU SA 156 -18.43 -7.02 65.03
C GLU SA 156 -16.93 -7.32 64.91
N GLY SA 157 -16.59 -8.60 64.91
CA GLY SA 157 -15.20 -9.04 64.88
C GLY SA 157 -14.61 -9.09 63.48
N LEU SA 158 -15.42 -9.42 62.50
CA LEU SA 158 -14.97 -9.30 61.11
C LEU SA 158 -14.60 -7.84 60.79
N ASP SA 159 -15.44 -6.89 61.26
CA ASP SA 159 -15.20 -5.48 61.00
C ASP SA 159 -13.82 -5.08 61.52
N LEU SA 160 -13.57 -5.36 62.79
CA LEU SA 160 -12.28 -5.06 63.39
C LEU SA 160 -11.11 -5.75 62.67
N LEU SA 161 -11.39 -6.84 61.99
CA LEU SA 161 -10.35 -7.58 61.28
C LEU SA 161 -9.97 -6.82 60.03
N LYS SA 162 -10.97 -6.36 59.28
CA LYS SA 162 -10.72 -5.61 58.05
C LYS SA 162 -9.88 -4.37 58.40
N LEU SA 163 -10.07 -3.85 59.60
CA LEU SA 163 -9.39 -2.62 59.98
C LEU SA 163 -7.89 -2.86 60.19
N CYS SA 164 -7.54 -4.08 60.59
CA CYS SA 164 -6.15 -4.42 60.80
C CYS SA 164 -5.43 -4.62 59.48
N VAL SA 165 -6.06 -5.40 58.61
CA VAL SA 165 -5.54 -5.63 57.26
C VAL SA 165 -5.30 -4.32 56.52
N GLN SA 166 -6.21 -3.37 56.69
CA GLN SA 166 -6.07 -2.05 56.06
C GLN SA 166 -4.81 -1.35 56.56
N GLU SA 167 -4.55 -1.43 57.88
CA GLU SA 167 -3.37 -0.81 58.45
C GLU SA 167 -2.09 -1.47 57.94
N LEU SA 168 -2.17 -2.79 57.72
CA LEU SA 168 -1.04 -3.55 57.21
C LEU SA 168 -0.71 -3.22 55.75
N GLU SA 169 -1.75 -2.87 55.00
CA GLU SA 169 -1.57 -2.55 53.59
C GLU SA 169 -0.99 -1.15 53.47
N LYS SA 170 -1.20 -0.35 54.51
CA LYS SA 170 -0.74 1.05 54.53
C LYS SA 170 0.70 1.24 55.01
N ARG SA 171 1.03 0.64 56.16
CA ARG SA 171 2.35 0.85 56.77
C ARG SA 171 3.31 -0.34 56.63
N MET SA 172 2.91 -1.34 55.83
CA MET SA 172 3.77 -2.51 55.61
C MET SA 172 4.27 -2.68 54.16
N PRO SA 173 5.59 -2.79 54.01
CA PRO SA 173 6.38 -2.74 52.78
C PRO SA 173 6.11 -3.91 51.85
N MET SA 174 5.69 -5.05 52.42
CA MET SA 174 5.38 -6.22 51.62
C MET SA 174 4.01 -6.11 50.96
N ASP SA 175 3.94 -6.55 49.70
CA ASP SA 175 2.68 -6.71 48.99
C ASP SA 175 2.26 -8.15 49.21
N PHE SA 176 1.36 -8.37 50.17
CA PHE SA 176 0.99 -9.73 50.52
C PHE SA 176 -0.24 -10.23 49.75
N LYS SA 177 -0.76 -9.38 48.87
CA LYS SA 177 -1.77 -9.81 47.91
C LYS SA 177 -3.06 -10.31 48.58
N GLY SA 178 -3.43 -9.69 49.70
CA GLY SA 178 -4.72 -9.94 50.33
C GLY SA 178 -4.69 -10.98 51.42
N VAL SA 179 -5.88 -11.31 51.93
CA VAL SA 179 -6.01 -12.37 52.92
C VAL SA 179 -7.12 -13.33 52.53
N ILE SA 180 -7.14 -14.47 53.22
CA ILE SA 180 -8.30 -15.34 53.19
C ILE SA 180 -8.77 -15.45 54.61
N VAL SA 181 -10.03 -15.08 54.84
CA VAL SA 181 -10.59 -15.14 56.17
C VAL SA 181 -11.43 -16.40 56.31
N LYS SA 182 -11.12 -17.17 57.35
CA LYS SA 182 -11.89 -18.35 57.65
C LYS SA 182 -12.49 -18.19 59.05
N ILE SA 183 -13.65 -18.80 59.28
CA ILE SA 183 -14.33 -18.69 60.57
C ILE SA 183 -14.66 -20.07 61.13
N VAL SA 184 -14.42 -20.23 62.44
CA VAL SA 184 -14.68 -21.49 63.10
C VAL SA 184 -15.69 -21.30 64.22
N ASP SA 185 -16.83 -21.99 64.13
CA ASP SA 185 -17.87 -21.91 65.17
C ASP SA 185 -18.55 -23.26 65.40
N LYS SA 186 -19.68 -23.23 66.10
CA LYS SA 186 -20.40 -24.48 66.41
C LYS SA 186 -20.72 -25.30 65.17
N ASP SA 187 -20.97 -24.62 64.05
CA ASP SA 187 -21.31 -25.28 62.80
C ASP SA 187 -20.08 -25.72 61.99
N GLY SA 188 -18.88 -25.41 62.48
CA GLY SA 188 -17.66 -25.85 61.82
C GLY SA 188 -16.82 -24.75 61.15
N ILE SA 189 -16.16 -25.13 60.06
CA ILE SA 189 -15.22 -24.25 59.38
C ILE SA 189 -15.72 -23.77 58.01
N ARG SA 190 -16.13 -22.51 57.95
CA ARG SA 190 -16.52 -21.92 56.67
C ARG SA 190 -15.57 -20.79 56.28
N GLN SA 191 -15.55 -20.42 54.99
CA GLN SA 191 -14.65 -19.36 54.50
C GLN SA 191 -15.39 -18.21 53.81
N VAL SA 192 -15.15 -16.99 54.30
CA VAL SA 192 -15.72 -15.78 53.70
C VAL SA 192 -14.90 -15.37 52.48
N ASP SA 193 -15.43 -15.61 51.28
CA ASP SA 193 -14.69 -15.25 50.06
C ASP SA 193 -15.09 -13.89 49.48
N ASP SA 194 -15.70 -13.06 50.31
CA ASP SA 194 -16.05 -11.71 49.93
C ASP SA 194 -15.45 -10.76 50.97
N PHE SA 195 -14.13 -10.56 50.92
CA PHE SA 195 -13.51 -9.79 51.98
C PHE SA 195 -12.81 -8.47 51.60
N GLN SA 196 -11.96 -8.49 50.58
CA GLN SA 196 -11.24 -7.27 50.17
C GLN SA 196 -12.16 -6.23 49.54
N ALA SA 197 -13.40 -6.17 50.01
CA ALA SA 197 -14.40 -5.22 49.53
C ALA SA 197 -15.76 -5.39 50.23
N GLN SA 198 -15.74 -5.91 51.47
CA GLN SA 198 -16.97 -6.06 52.25
C GLN SA 198 -17.36 -4.72 52.85
N THR TA 1 19.10 -19.82 32.70
CA THR TA 1 18.07 -20.77 32.33
C THR TA 1 16.63 -20.22 32.38
N THR TA 2 15.82 -20.53 31.36
CA THR TA 2 14.39 -20.15 31.37
C THR TA 2 13.44 -21.31 31.04
N THR TA 3 12.56 -21.63 31.98
CA THR TA 3 11.59 -22.70 31.81
C THR TA 3 10.22 -22.17 32.20
N LEU TA 4 9.18 -22.56 31.46
CA LEU TA 4 7.81 -22.14 31.77
C LEU TA 4 6.77 -23.18 31.39
N ALA TA 5 5.67 -23.22 32.14
CA ALA TA 5 4.57 -24.13 31.83
C ALA TA 5 3.24 -23.52 32.25
N PHE TA 6 2.18 -23.80 31.47
CA PHE TA 6 0.85 -23.28 31.80
C PHE TA 6 -0.33 -24.13 31.30
N ARG TA 7 -1.44 -24.01 32.03
CA ARG TA 7 -2.69 -24.71 31.74
C ARG TA 7 -3.57 -23.90 30.77
N PHE TA 8 -4.41 -24.61 30.01
CA PHE TA 8 -5.43 -23.97 29.17
C PHE TA 8 -6.49 -24.96 28.67
N GLN TA 9 -7.43 -24.48 27.86
CA GLN TA 9 -8.51 -25.31 27.35
C GLN TA 9 -7.99 -26.66 26.83
N GLY TA 10 -6.91 -26.59 26.06
CA GLY TA 10 -6.38 -27.76 25.37
C GLY TA 10 -5.24 -28.46 26.09
N GLY TA 11 -5.10 -28.21 27.37
CA GLY TA 11 -4.15 -28.96 28.18
C GLY TA 11 -3.01 -28.15 28.77
N ILE TA 12 -1.79 -28.52 28.44
CA ILE TA 12 -0.63 -27.84 28.99
C ILE TA 12 0.43 -27.60 27.93
N ILE TA 13 0.97 -26.39 27.95
CA ILE TA 13 2.15 -26.07 27.17
C ILE TA 13 3.36 -26.06 28.10
N VAL TA 14 4.45 -26.64 27.62
CA VAL TA 14 5.73 -26.55 28.30
C VAL TA 14 6.74 -26.00 27.31
N ALA TA 15 7.55 -25.05 27.74
CA ALA TA 15 8.58 -24.47 26.87
C ALA TA 15 9.83 -24.20 27.67
N VAL TA 16 10.98 -24.44 27.06
CA VAL TA 16 12.24 -24.19 27.73
C VAL TA 16 13.29 -23.59 26.79
N ASP TA 17 14.37 -23.09 27.35
CA ASP TA 17 15.53 -22.72 26.56
C ASP TA 17 16.42 -23.97 26.48
N SER TA 18 17.70 -23.77 26.21
CA SER TA 18 18.61 -24.90 26.15
C SER TA 18 20.05 -24.46 26.40
N ARG TA 19 20.22 -23.26 26.91
CA ARG TA 19 21.56 -22.73 27.16
C ARG TA 19 22.00 -23.19 28.54
N ALA TA 20 23.27 -23.54 28.65
CA ALA TA 20 23.83 -23.95 29.93
C ALA TA 20 25.22 -23.36 30.06
N THR TA 21 25.48 -22.66 31.17
CA THR TA 21 26.70 -21.86 31.28
C THR TA 21 27.55 -22.15 32.52
N ALA TA 22 28.86 -22.05 32.34
CA ALA TA 22 29.82 -22.16 33.42
C ALA TA 22 30.51 -20.81 33.62
N GLY TA 23 29.76 -19.85 34.15
CA GLY TA 23 30.23 -18.48 34.27
C GLY TA 23 29.91 -17.68 33.02
N ASN TA 24 30.93 -17.10 32.39
CA ASN TA 24 30.74 -16.30 31.18
C ASN TA 24 30.74 -17.21 29.97
N TRP TA 25 31.18 -18.44 30.18
CA TRP TA 25 31.39 -19.39 29.09
C TRP TA 25 30.15 -20.25 28.87
N VAL TA 26 29.78 -20.39 27.61
CA VAL TA 26 28.61 -21.16 27.23
C VAL TA 26 29.08 -22.54 26.80
N ALA TA 27 28.84 -23.55 27.63
CA ALA TA 27 29.48 -24.87 27.47
C ALA TA 27 28.73 -25.78 26.49
N SER TA 28 27.43 -25.55 26.41
CA SER TA 28 26.56 -26.32 25.54
C SER TA 28 25.29 -25.52 25.34
N GLN TA 29 24.70 -25.66 24.15
CA GLN TA 29 23.36 -25.11 23.92
C GLN TA 29 22.46 -26.24 23.44
N THR TA 30 22.92 -27.46 23.67
CA THR TA 30 22.20 -28.68 23.31
C THR TA 30 21.71 -29.38 24.59
N VAL TA 31 20.99 -28.64 25.42
CA VAL TA 31 20.51 -29.18 26.69
C VAL TA 31 19.01 -29.40 26.65
N LYS TA 32 18.62 -30.64 26.96
CA LYS TA 32 17.22 -31.02 27.05
C LYS TA 32 16.66 -30.58 28.39
N ARG TA 33 16.12 -29.36 28.41
CA ARG TA 33 15.65 -28.79 29.67
C ARG TA 33 14.25 -29.27 30.01
N VAL TA 34 13.70 -30.12 29.15
CA VAL TA 34 12.43 -30.78 29.44
C VAL TA 34 12.61 -32.29 29.52
N ILE TA 35 12.22 -32.85 30.66
CA ILE TA 35 12.52 -34.26 30.96
C ILE TA 35 11.35 -35.21 30.68
N GLU TA 36 11.48 -35.98 29.61
CA GLU TA 36 10.45 -36.95 29.28
C GLU TA 36 10.45 -38.07 30.34
N ILE TA 37 9.66 -37.84 31.40
CA ILE TA 37 9.56 -38.75 32.56
C ILE TA 37 9.00 -40.12 32.21
N ASN TA 38 7.80 -40.10 31.66
CA ASN TA 38 7.17 -41.22 30.98
C ASN TA 38 6.21 -40.58 29.98
N PRO TA 39 5.59 -41.36 29.09
CA PRO TA 39 4.87 -40.66 28.01
C PRO TA 39 3.65 -39.78 28.40
N PHE TA 40 3.28 -39.77 29.69
CA PHE TA 40 2.14 -38.97 30.13
C PHE TA 40 2.49 -37.79 31.07
N LEU TA 41 3.77 -37.69 31.47
CA LEU TA 41 4.25 -36.64 32.40
C LEU TA 41 5.58 -35.99 32.01
N LEU TA 42 5.68 -34.69 32.22
CA LEU TA 42 6.90 -33.93 31.92
C LEU TA 42 7.42 -33.17 33.13
N GLY TA 43 8.74 -33.05 33.23
CA GLY TA 43 9.36 -32.21 34.23
C GLY TA 43 10.26 -31.21 33.53
N THR TA 44 10.48 -30.05 34.16
CA THR TA 44 11.36 -29.02 33.60
C THR TA 44 12.64 -28.82 34.40
N MET TA 45 13.77 -29.08 33.74
CA MET TA 45 15.09 -28.87 34.35
C MET TA 45 15.37 -27.38 34.62
N ALA TA 46 15.79 -27.08 35.83
CA ALA TA 46 16.01 -25.70 36.24
C ALA TA 46 16.61 -25.71 37.64
N GLY TA 47 17.77 -25.08 37.80
CA GLY TA 47 18.49 -25.14 39.07
C GLY TA 47 19.75 -26.00 38.97
N GLY TA 48 19.64 -27.28 39.35
CA GLY TA 48 20.75 -28.20 39.27
C GLY TA 48 20.64 -29.18 38.10
N ALA TA 49 21.64 -29.16 37.22
CA ALA TA 49 21.58 -29.98 36.02
C ALA TA 49 21.28 -31.42 36.39
N ALA TA 50 22.19 -32.04 37.13
CA ALA TA 50 22.02 -33.45 37.46
C ALA TA 50 20.82 -33.66 38.38
N ASP TA 51 20.78 -32.94 39.50
CA ASP TA 51 19.69 -33.10 40.46
C ASP TA 51 18.29 -33.26 39.83
N CYS TA 52 18.08 -32.62 38.68
CA CYS TA 52 16.79 -32.72 38.02
C CYS TA 52 16.69 -33.99 37.19
N GLN TA 53 17.60 -34.15 36.24
CA GLN TA 53 17.63 -35.31 35.35
C GLN TA 53 17.44 -36.58 36.16
N PHE TA 54 18.13 -36.62 37.28
CA PHE TA 54 18.26 -37.84 38.02
C PHE TA 54 17.01 -38.24 38.80
N TRP TA 55 16.49 -37.32 39.62
CA TRP TA 55 15.37 -37.65 40.46
C TRP TA 55 14.06 -37.74 39.70
N GLU TA 56 14.00 -37.08 38.56
CA GLU TA 56 12.83 -37.18 37.71
C GLU TA 56 12.88 -38.44 36.85
N THR TA 57 14.09 -38.85 36.49
CA THR TA 57 14.30 -40.15 35.88
C THR TA 57 13.88 -41.22 36.89
N TRP TA 58 14.33 -41.06 38.13
CA TRP TA 58 13.96 -41.93 39.23
C TRP TA 58 12.46 -41.88 39.46
N LEU TA 59 11.89 -40.69 39.34
CA LEU TA 59 10.45 -40.55 39.50
C LEU TA 59 9.72 -41.45 38.49
N GLY TA 60 10.17 -41.39 37.25
CA GLY TA 60 9.62 -42.21 36.18
C GLY TA 60 9.54 -43.68 36.54
N SER TA 61 10.56 -44.18 37.24
CA SER TA 61 10.54 -45.55 37.75
C SER TA 61 9.47 -45.73 38.83
N GLN TA 62 9.56 -44.97 39.90
CA GLN TA 62 8.58 -45.06 40.98
C GLN TA 62 7.16 -44.89 40.46
N CYS TA 63 7.02 -44.32 39.26
CA CYS TA 63 5.72 -44.12 38.61
C CYS TA 63 5.24 -45.38 37.89
N ARG TA 64 6.15 -46.04 37.18
CA ARG TA 64 5.86 -47.33 36.57
C ARG TA 64 5.56 -48.36 37.66
N LEU TA 65 6.42 -48.40 38.67
CA LEU TA 65 6.24 -49.30 39.79
C LEU TA 65 4.84 -49.12 40.38
N HIS TA 66 4.33 -47.90 40.31
CA HIS TA 66 3.02 -47.60 40.89
C HIS TA 66 1.88 -48.03 39.97
N GLU TA 67 2.10 -47.95 38.67
CA GLU TA 67 1.06 -48.36 37.73
C GLU TA 67 0.94 -49.89 37.66
N LEU TA 68 2.03 -50.62 37.88
CA LEU TA 68 1.99 -52.07 37.87
C LEU TA 68 1.26 -52.61 39.10
N ARG TA 69 1.46 -51.91 40.21
CA ARG TA 69 0.99 -52.34 41.52
C ARG TA 69 -0.50 -52.01 41.70
N GLU TA 70 -1.01 -51.08 40.92
CA GLU TA 70 -2.41 -50.65 41.05
C GLU TA 70 -3.16 -50.73 39.72
N LYS TA 71 -2.53 -51.32 38.71
CA LYS TA 71 -3.12 -51.43 37.38
C LYS TA 71 -3.82 -50.14 36.89
N GLU TA 72 -3.43 -48.98 37.44
CA GLU TA 72 -4.04 -47.71 37.05
C GLU TA 72 -3.06 -46.52 37.12
N ARG TA 73 -3.20 -45.60 36.16
CA ARG TA 73 -2.29 -44.45 36.01
C ARG TA 73 -2.15 -43.58 37.25
N ILE TA 74 -0.93 -43.20 37.56
CA ILE TA 74 -0.68 -42.38 38.73
C ILE TA 74 -1.06 -40.91 38.46
N SER TA 75 -1.66 -40.29 39.47
CA SER TA 75 -2.18 -38.94 39.37
C SER TA 75 -1.07 -37.91 39.55
N VAL TA 76 -1.12 -36.82 38.78
CA VAL TA 76 -0.09 -35.78 38.86
C VAL TA 76 0.12 -35.37 40.31
N ALA TA 77 -0.98 -35.26 41.06
CA ALA TA 77 -0.93 -34.90 42.46
C ALA TA 77 0.02 -35.81 43.23
N ALA TA 78 -0.08 -37.13 43.02
CA ALA TA 78 0.74 -38.10 43.73
C ALA TA 78 2.11 -38.34 43.10
N ALA TA 79 2.21 -38.20 41.79
CA ALA TA 79 3.50 -38.28 41.14
C ALA TA 79 4.39 -37.22 41.73
N SER TA 80 3.86 -36.00 41.84
CA SER TA 80 4.64 -34.84 42.29
C SER TA 80 4.97 -34.91 43.78
N LYS TA 81 4.02 -35.37 44.58
CA LYS TA 81 4.22 -35.48 46.02
C LYS TA 81 5.24 -36.58 46.39
N ILE TA 82 5.54 -37.47 45.45
CA ILE TA 82 6.59 -38.45 45.67
C ILE TA 82 7.95 -37.76 45.54
N LEU TA 83 8.06 -36.90 44.53
CA LEU TA 83 9.28 -36.18 44.23
C LEU TA 83 9.48 -35.11 45.29
N SER TA 84 8.41 -34.39 45.60
CA SER TA 84 8.45 -33.42 46.68
C SER TA 84 8.93 -34.07 47.97
N ASN TA 85 8.42 -35.27 48.26
CA ASN TA 85 8.77 -35.94 49.51
C ASN TA 85 10.18 -36.49 49.54
N LEU TA 86 10.62 -37.01 48.41
CA LEU TA 86 11.97 -37.55 48.30
C LEU TA 86 12.97 -36.41 48.46
N VAL TA 87 12.60 -35.24 47.92
CA VAL TA 87 13.51 -34.11 47.90
C VAL TA 87 13.55 -33.35 49.23
N TYR TA 88 12.42 -33.34 49.95
CA TYR TA 88 12.35 -32.72 51.27
C TYR TA 88 13.16 -33.56 52.25
N GLN TA 89 13.31 -34.83 51.89
CA GLN TA 89 14.07 -35.76 52.70
C GLN TA 89 15.55 -35.36 52.74
N TYR TA 90 16.04 -34.78 51.65
CA TYR TA 90 17.42 -34.31 51.52
C TYR TA 90 17.48 -32.80 51.70
N LYS TA 91 16.77 -32.23 52.66
CA LYS TA 91 16.72 -30.76 52.71
C LYS TA 91 18.09 -30.20 53.11
N GLY TA 92 18.56 -29.21 52.34
CA GLY TA 92 19.82 -28.57 52.62
C GLY TA 92 20.94 -29.59 52.82
N ALA TA 93 21.01 -30.52 51.89
CA ALA TA 93 22.21 -31.35 51.77
C ALA TA 93 22.88 -30.75 50.54
N GLY TA 94 22.18 -29.82 49.93
CA GLY TA 94 22.76 -29.06 48.85
C GLY TA 94 22.11 -29.44 47.56
N LEU TA 95 20.88 -29.92 47.63
CA LEU TA 95 20.16 -30.21 46.40
C LEU TA 95 19.72 -28.88 45.80
N SER TA 96 19.73 -28.82 44.46
CA SER TA 96 19.29 -27.64 43.72
C SER TA 96 18.39 -28.06 42.56
N MET TA 97 17.09 -27.85 42.71
CA MET TA 97 16.16 -28.07 41.63
C MET TA 97 14.92 -27.22 41.77
N GLY TA 98 14.43 -26.70 40.65
CA GLY TA 98 13.19 -25.96 40.60
C GLY TA 98 12.43 -26.34 39.34
N THR TA 99 11.38 -27.13 39.51
CA THR TA 99 10.79 -27.83 38.36
C THR TA 99 9.27 -27.82 38.40
N MET TA 100 8.67 -27.80 37.21
CA MET TA 100 7.23 -27.97 37.10
C MET TA 100 6.90 -29.35 36.61
N ILE TA 101 6.15 -30.10 37.42
CA ILE TA 101 5.69 -31.44 37.04
C ILE TA 101 4.35 -31.29 36.35
N CYS TA 102 4.23 -31.80 35.12
CA CYS TA 102 3.04 -31.54 34.31
C CYS TA 102 2.34 -32.80 33.83
N GLY TA 103 1.02 -32.86 33.98
CA GLY TA 103 0.26 -34.03 33.57
C GLY TA 103 -1.20 -33.74 33.28
N TYR TA 104 -1.84 -34.65 32.54
CA TYR TA 104 -3.23 -34.52 32.17
C TYR TA 104 -3.88 -35.87 32.41
N THR TA 105 -4.71 -35.95 33.45
CA THR TA 105 -5.34 -37.20 33.82
C THR TA 105 -6.86 -37.15 33.69
N ARG TA 106 -7.47 -38.34 33.59
CA ARG TA 106 -8.91 -38.46 33.57
C ARG TA 106 -9.45 -37.53 34.65
N LYS TA 107 -9.04 -37.80 35.89
CA LYS TA 107 -9.69 -37.29 37.09
C LYS TA 107 -9.35 -35.85 37.49
N GLU TA 108 -8.15 -35.38 37.13
CA GLU TA 108 -7.67 -34.08 37.59
C GLU TA 108 -7.72 -32.98 36.53
N GLY TA 109 -7.71 -33.38 35.25
CA GLY TA 109 -7.60 -32.43 34.16
C GLY TA 109 -6.16 -32.01 33.98
N PRO TA 110 -5.91 -30.96 33.18
CA PRO TA 110 -4.54 -30.47 33.08
C PRO TA 110 -4.11 -30.03 34.46
N THR TA 111 -2.96 -30.51 34.93
CA THR TA 111 -2.51 -30.18 36.27
C THR TA 111 -1.01 -29.94 36.35
N ILE TA 112 -0.63 -28.79 36.91
CA ILE TA 112 0.77 -28.40 37.05
C ILE TA 112 1.14 -28.17 38.52
N TYR TA 113 2.20 -28.83 38.97
CA TYR TA 113 2.71 -28.65 40.33
C TYR TA 113 4.11 -28.11 40.17
N TYR TA 114 4.43 -27.06 40.92
CA TYR TA 114 5.79 -26.54 41.00
C TYR TA 114 6.47 -27.12 42.25
N VAL TA 115 7.62 -27.76 42.06
CA VAL TA 115 8.31 -28.48 43.13
C VAL TA 115 9.76 -28.06 43.17
N ASP TA 116 10.27 -27.65 44.33
CA ASP TA 116 11.68 -27.20 44.43
C ASP TA 116 12.49 -27.78 45.60
N SER TA 117 13.80 -27.58 45.53
CA SER TA 117 14.74 -28.03 46.55
C SER TA 117 14.21 -27.82 47.96
N ASP TA 118 13.63 -26.64 48.19
CA ASP TA 118 13.16 -26.24 49.53
C ASP TA 118 12.15 -27.19 50.14
N GLY TA 119 11.40 -27.89 49.31
CA GLY TA 119 10.38 -28.82 49.77
C GLY TA 119 8.99 -28.35 49.38
N THR TA 120 8.98 -27.25 48.64
CA THR TA 120 7.76 -26.58 48.22
C THR TA 120 7.04 -27.39 47.17
N ARG TA 121 5.72 -27.42 47.29
CA ARG TA 121 4.86 -28.07 46.30
C ARG TA 121 3.68 -27.15 46.09
N LEU TA 122 3.49 -26.69 44.86
CA LEU TA 122 2.48 -25.68 44.61
C LEU TA 122 1.69 -25.97 43.35
N LYS TA 123 0.38 -26.10 43.50
CA LYS TA 123 -0.47 -26.22 42.33
C LYS TA 123 -0.73 -24.83 41.75
N GLY TA 124 -0.61 -24.71 40.43
CA GLY TA 124 -0.85 -23.44 39.77
C GLY TA 124 -1.30 -23.57 38.33
N ASP TA 125 -1.49 -22.43 37.69
CA ASP TA 125 -1.89 -22.37 36.29
C ASP TA 125 -0.71 -21.89 35.43
N ILE TA 126 0.06 -20.94 35.97
CA ILE TA 126 1.23 -20.39 35.27
C ILE TA 126 2.47 -20.34 36.16
N PHE TA 127 3.52 -21.01 35.68
CA PHE TA 127 4.82 -21.02 36.35
C PHE TA 127 5.98 -20.83 35.37
N CYS TA 128 6.80 -19.82 35.62
CA CYS TA 128 8.09 -19.69 34.95
C CYS TA 128 9.19 -19.73 35.99
N VAL TA 129 10.29 -20.38 35.64
CA VAL TA 129 11.37 -20.63 36.57
C VAL TA 129 12.73 -20.55 35.88
N GLY TA 130 13.71 -19.92 36.55
CA GLY TA 130 15.04 -19.74 36.00
C GLY TA 130 15.41 -18.28 35.94
N SER TA 131 16.63 -17.98 35.48
CA SER TA 131 17.13 -16.61 35.42
C SER TA 131 16.23 -15.65 34.64
N GLY TA 132 15.71 -16.13 33.50
CA GLY TA 132 14.85 -15.30 32.68
C GLY TA 132 13.39 -15.50 33.01
N GLN TA 133 13.11 -15.88 34.25
CA GLN TA 133 11.75 -16.19 34.64
C GLN TA 133 10.88 -14.94 34.56
N THR TA 134 11.45 -13.80 34.95
CA THR TA 134 10.69 -12.56 35.03
C THR TA 134 10.22 -12.09 33.67
N PHE TA 135 11.03 -12.37 32.65
CA PHE TA 135 10.74 -11.94 31.28
C PHE TA 135 9.59 -12.71 30.69
N ALA TA 136 9.63 -14.03 30.90
CA ALA TA 136 8.56 -14.91 30.49
C ALA TA 136 7.26 -14.45 31.13
N TYR TA 137 7.27 -14.27 32.45
CA TYR TA 137 6.07 -13.84 33.16
C TYR TA 137 5.47 -12.61 32.51
N GLY TA 138 6.32 -11.68 32.08
CA GLY TA 138 5.86 -10.46 31.45
C GLY TA 138 5.03 -10.70 30.20
N VAL TA 139 5.52 -11.58 29.33
CA VAL TA 139 4.84 -11.90 28.09
C VAL TA 139 3.60 -12.75 28.32
N LEU TA 140 3.73 -13.73 29.21
CA LEU TA 140 2.62 -14.63 29.57
C LEU TA 140 1.48 -13.86 30.22
N ASP TA 141 1.80 -13.07 31.23
CA ASP TA 141 0.78 -12.30 31.95
C ASP TA 141 -0.06 -11.38 31.04
N SER TA 142 0.55 -10.72 30.07
CA SER TA 142 -0.20 -9.81 29.22
C SER TA 142 -1.03 -10.50 28.11
N ASN TA 143 -0.50 -11.55 27.51
CA ASN TA 143 -1.20 -12.23 26.41
C ASN TA 143 -1.68 -13.63 26.76
N TYR TA 144 -2.44 -13.81 27.84
CA TYR TA 144 -2.91 -15.15 28.22
C TYR TA 144 -4.41 -15.23 28.45
N LYS TA 145 -5.12 -15.79 27.48
CA LYS TA 145 -6.52 -16.18 27.66
C LYS TA 145 -6.51 -17.66 28.06
N TRP TA 146 -7.58 -18.15 28.67
CA TRP TA 146 -7.69 -19.57 28.97
C TRP TA 146 -8.02 -20.37 27.71
N ASP TA 147 -9.05 -19.95 26.99
CA ASP TA 147 -9.46 -20.62 25.76
C ASP TA 147 -8.60 -20.15 24.59
N LEU TA 148 -7.34 -20.57 24.60
CA LEU TA 148 -6.40 -20.22 23.54
C LEU TA 148 -6.31 -21.37 22.52
N SER TA 149 -6.41 -21.05 21.23
CA SER TA 149 -6.26 -22.10 20.23
C SER TA 149 -4.97 -22.85 20.54
N VAL TA 150 -5.03 -24.17 20.55
CA VAL TA 150 -3.86 -24.99 20.87
C VAL TA 150 -2.67 -24.56 20.02
N GLU TA 151 -2.93 -23.84 18.94
CA GLU TA 151 -1.87 -23.42 18.03
C GLU TA 151 -1.37 -22.03 18.41
N ASP TA 152 -2.29 -21.18 18.87
CA ASP TA 152 -1.94 -19.87 19.40
C ASP TA 152 -1.20 -20.00 20.74
N ALA TA 153 -1.66 -20.91 21.58
CA ALA TA 153 -1.06 -21.08 22.92
C ALA TA 153 0.26 -21.82 22.87
N LEU TA 154 0.53 -22.49 21.76
CA LEU TA 154 1.83 -23.11 21.57
C LEU TA 154 2.80 -22.03 21.07
N TYR TA 155 2.27 -21.06 20.33
CA TYR TA 155 3.09 -19.93 19.93
C TYR TA 155 3.46 -19.08 21.14
N LEU TA 156 2.53 -18.92 22.07
CA LEU TA 156 2.79 -18.11 23.25
C LEU TA 156 4.01 -18.60 24.04
N GLY TA 157 4.13 -19.91 24.18
CA GLY TA 157 5.28 -20.50 24.85
C GLY TA 157 6.55 -20.25 24.05
N LYS TA 158 6.47 -20.50 22.73
CA LYS TA 158 7.57 -20.25 21.81
C LYS TA 158 8.17 -18.85 22.06
N ARG TA 159 7.30 -17.89 22.39
CA ARG TA 159 7.66 -16.45 22.47
C ARG TA 159 7.99 -15.91 23.86
N SER TA 160 7.32 -16.43 24.89
CA SER TA 160 7.66 -16.05 26.25
C SER TA 160 9.09 -16.52 26.53
N ILE TA 161 9.51 -17.56 25.82
CA ILE TA 161 10.89 -18.03 25.91
C ILE TA 161 11.80 -17.11 25.12
N LEU TA 162 11.32 -16.61 23.99
CA LEU TA 162 12.12 -15.66 23.20
C LEU TA 162 12.43 -14.40 23.99
N ALA TA 163 11.38 -13.73 24.49
CA ALA TA 163 11.58 -12.51 25.27
C ALA TA 163 12.78 -12.66 26.19
N ALA TA 164 12.81 -13.79 26.90
CA ALA TA 164 13.84 -14.09 27.90
C ALA TA 164 15.23 -14.37 27.33
N ALA TA 165 15.32 -15.17 26.28
CA ALA TA 165 16.60 -15.55 25.67
C ALA TA 165 17.36 -14.31 25.24
N HIS TA 166 16.59 -13.37 24.73
CA HIS TA 166 17.09 -12.07 24.30
C HIS TA 166 17.83 -11.36 25.41
N ARG TA 167 17.08 -10.90 26.40
CA ARG TA 167 17.64 -10.13 27.49
C ARG TA 167 18.68 -10.92 28.27
N ASP TA 168 18.20 -11.97 28.96
CA ASP TA 168 19.08 -12.82 29.77
C ASP TA 168 20.25 -13.40 28.97
N ALA TA 169 21.44 -13.27 29.56
CA ALA TA 169 22.64 -13.78 28.93
C ALA TA 169 22.64 -15.26 29.17
N TYR TA 170 22.05 -15.65 30.29
CA TYR TA 170 22.14 -17.03 30.79
C TYR TA 170 21.03 -17.95 30.25
N SER TA 171 20.11 -17.35 29.50
CA SER TA 171 19.14 -18.08 28.71
C SER TA 171 19.36 -17.79 27.24
N GLY TA 172 18.97 -18.74 26.39
CA GLY TA 172 19.15 -18.61 24.96
C GLY TA 172 19.38 -19.96 24.32
N GLY TA 173 19.86 -19.97 23.08
CA GLY TA 173 20.19 -21.22 22.41
C GLY TA 173 19.15 -21.71 21.40
N SER TA 174 18.20 -22.51 21.87
CA SER TA 174 17.08 -22.95 21.06
C SER TA 174 15.88 -23.22 21.97
N VAL TA 175 14.69 -23.26 21.38
CA VAL TA 175 13.49 -23.51 22.17
C VAL TA 175 12.89 -24.90 21.91
N ASN TA 176 12.63 -25.63 22.98
CA ASN TA 176 11.92 -26.90 22.91
C ASN TA 176 10.46 -26.67 23.29
N LEU TA 177 9.56 -27.30 22.55
CA LEU TA 177 8.13 -27.15 22.80
C LEU TA 177 7.46 -28.49 23.06
N TYR TA 178 6.54 -28.52 24.01
CA TYR TA 178 5.80 -29.72 24.30
C TYR TA 178 4.34 -29.36 24.52
N HIS TA 179 3.46 -30.25 24.06
CA HIS TA 179 2.03 -30.10 24.25
C HIS TA 179 1.57 -31.30 25.04
N VAL TA 180 0.78 -31.07 26.09
CA VAL TA 180 0.30 -32.19 26.90
C VAL TA 180 -1.22 -32.34 26.77
N THR TA 181 -1.66 -33.46 26.17
CA THR TA 181 -3.09 -33.78 26.08
C THR TA 181 -3.40 -34.91 27.03
N GLU TA 182 -4.68 -35.27 27.13
CA GLU TA 182 -5.07 -36.32 28.06
C GLU TA 182 -4.43 -37.60 27.58
N ASP TA 183 -4.26 -37.71 26.26
CA ASP TA 183 -3.74 -38.93 25.64
C ASP TA 183 -2.22 -39.06 25.74
N GLY TA 184 -1.56 -38.03 26.29
CA GLY TA 184 -0.11 -38.02 26.46
C GLY TA 184 0.51 -36.72 25.97
N TRP TA 185 1.84 -36.66 25.91
CA TRP TA 185 2.51 -35.46 25.37
C TRP TA 185 2.94 -35.61 23.92
N ILE TA 186 3.10 -34.48 23.24
CA ILE TA 186 3.53 -34.46 21.86
C ILE TA 186 4.61 -33.40 21.72
N TYR TA 187 5.79 -33.84 21.30
CA TYR TA 187 6.88 -32.92 21.02
C TYR TA 187 6.43 -31.93 19.95
N HIS TA 188 6.89 -30.69 20.05
CA HIS TA 188 6.61 -29.70 19.02
C HIS TA 188 7.88 -28.99 18.53
N GLY TA 189 8.97 -29.74 18.49
CA GLY TA 189 10.15 -29.34 17.77
C GLY TA 189 11.20 -28.62 18.58
N ASN TA 190 12.32 -28.31 17.93
CA ASN TA 190 13.38 -27.52 18.50
C ASN TA 190 13.69 -26.38 17.55
N HIS TA 191 13.22 -25.18 17.88
CA HIS TA 191 13.39 -24.02 17.01
C HIS TA 191 14.53 -23.13 17.51
N ASP TA 192 15.63 -23.08 16.74
CA ASP TA 192 16.85 -22.35 17.12
C ASP TA 192 16.57 -20.86 17.32
N VAL TA 193 16.97 -20.32 18.46
CA VAL TA 193 16.68 -18.91 18.82
C VAL TA 193 17.34 -17.89 17.90
N GLY TA 194 18.50 -18.26 17.36
CA GLY TA 194 19.15 -17.42 16.37
C GLY TA 194 18.19 -17.02 15.28
N GLU TA 195 17.82 -17.99 14.44
CA GLU TA 195 16.90 -17.80 13.32
C GLU TA 195 15.48 -17.34 13.70
N LEU TA 196 14.99 -17.78 14.86
CA LEU TA 196 13.63 -17.45 15.32
C LEU TA 196 13.47 -15.98 15.68
N PHE TA 197 14.51 -15.37 16.25
CA PHE TA 197 14.44 -13.96 16.60
C PHE TA 197 14.05 -13.14 15.37
N TRP TA 198 14.86 -13.26 14.32
CA TRP TA 198 14.63 -12.52 13.08
C TRP TA 198 13.22 -12.77 12.50
N LYS TA 199 12.83 -14.04 12.37
CA LYS TA 199 11.49 -14.43 11.92
C LYS TA 199 10.39 -13.64 12.69
N VAL TA 200 10.57 -13.48 14.01
CA VAL TA 200 9.57 -12.77 14.85
C VAL TA 200 9.64 -11.24 14.75
N LYS TA 201 10.82 -10.68 14.54
CA LYS TA 201 10.95 -9.23 14.38
C LYS TA 201 10.18 -8.76 13.14
N GLU TA 202 10.21 -9.56 12.08
CA GLU TA 202 9.50 -9.20 10.85
C GLU TA 202 7.99 -9.36 10.98
N GLU TA 203 7.54 -10.56 11.33
CA GLU TA 203 6.11 -10.84 11.38
C GLU TA 203 5.34 -10.09 12.47
N GLU TA 204 6.03 -9.72 13.55
CA GLU TA 204 5.37 -9.09 14.68
C GLU TA 204 5.52 -7.58 14.66
N GLY TA 205 6.59 -7.12 14.00
CA GLY TA 205 6.93 -5.70 13.95
C GLY TA 205 7.60 -5.26 15.23
N SER TA 206 7.90 -6.25 16.08
CA SER TA 206 8.41 -5.99 17.42
C SER TA 206 9.93 -5.95 17.46
N PHE TA 207 10.47 -5.92 18.68
CA PHE TA 207 11.90 -5.78 18.88
C PHE TA 207 12.40 -4.60 18.05
N ASN TA 208 11.72 -3.47 18.20
CA ASN TA 208 11.92 -2.41 17.26
C ASN TA 208 13.24 -1.71 17.45
N ASN TA 209 13.84 -1.84 18.63
CA ASN TA 209 15.11 -1.18 18.87
C ASN TA 209 16.28 -2.10 18.62
N VAL TA 210 16.08 -3.07 17.73
CA VAL TA 210 17.18 -3.96 17.37
C VAL TA 210 17.53 -3.83 15.88
N ILE TA 211 18.49 -2.95 15.60
CA ILE TA 211 18.88 -2.63 14.23
C ILE TA 211 19.26 -3.90 13.44
N GLY TA 212 18.39 -4.25 12.50
CA GLY TA 212 18.58 -5.41 11.63
C GLY TA 212 17.70 -5.36 10.39
N GLN UA 1 44.46 -26.77 56.12
CA GLN UA 1 43.71 -28.01 56.27
C GLN UA 1 44.14 -29.02 55.19
N PHE UA 2 43.31 -30.02 54.96
CA PHE UA 2 43.51 -31.01 53.90
C PHE UA 2 42.57 -30.71 52.76
N ASN UA 3 43.11 -30.63 51.55
CA ASN UA 3 42.29 -30.41 50.35
C ASN UA 3 42.32 -31.63 49.46
N PRO UA 4 41.19 -32.37 49.41
CA PRO UA 4 41.03 -33.69 48.76
C PRO UA 4 41.05 -33.66 47.25
N TYR UA 5 40.66 -32.54 46.64
CA TYR UA 5 40.63 -32.45 45.18
C TYR UA 5 41.92 -31.84 44.62
N GLY UA 6 42.10 -31.91 43.31
CA GLY UA 6 43.32 -31.43 42.66
C GLY UA 6 43.15 -31.00 41.21
N ASP UA 7 44.22 -30.50 40.61
CA ASP UA 7 44.17 -30.03 39.24
C ASP UA 7 45.26 -30.72 38.45
N ASN UA 8 44.88 -31.35 37.34
CA ASN UA 8 45.84 -32.00 36.49
C ASN UA 8 45.81 -31.45 35.06
N GLY UA 9 44.80 -30.62 34.77
CA GLY UA 9 44.75 -29.92 33.50
C GLY UA 9 44.29 -30.83 32.37
N GLY UA 10 45.07 -30.89 31.30
CA GLY UA 10 44.68 -31.65 30.12
C GLY UA 10 43.39 -31.13 29.51
N THR UA 11 43.04 -31.64 28.34
CA THR UA 11 41.90 -31.13 27.61
C THR UA 11 41.39 -32.17 26.61
N ILE UA 12 40.11 -32.51 26.72
CA ILE UA 12 39.53 -33.55 25.86
C ILE UA 12 38.44 -33.01 24.95
N LEU UA 13 38.25 -33.71 23.84
CA LEU UA 13 37.27 -33.34 22.82
C LEU UA 13 36.68 -34.62 22.21
N GLY UA 14 35.35 -34.67 22.11
CA GLY UA 14 34.68 -35.85 21.58
C GLY UA 14 33.77 -35.44 20.44
N ILE UA 15 33.87 -36.12 19.31
CA ILE UA 15 33.11 -35.75 18.12
C ILE UA 15 32.36 -36.93 17.54
N ALA UA 16 31.05 -36.76 17.32
CA ALA UA 16 30.20 -37.83 16.80
C ALA UA 16 30.07 -37.73 15.29
N GLY UA 17 30.55 -38.76 14.59
CA GLY UA 17 30.45 -38.81 13.16
C GLY UA 17 29.16 -39.48 12.73
N GLU UA 18 29.08 -39.78 11.45
CA GLU UA 18 27.92 -40.43 10.87
C GLU UA 18 28.00 -41.96 11.00
N ASP UA 19 29.15 -42.54 10.63
CA ASP UA 19 29.43 -43.99 10.82
C ASP UA 19 30.62 -44.25 11.77
N PHE UA 20 30.97 -43.24 12.56
CA PHE UA 20 32.16 -43.30 13.41
C PHE UA 20 32.10 -42.28 14.55
N ALA UA 21 33.10 -42.32 15.41
CA ALA UA 21 33.26 -41.33 16.46
C ALA UA 21 34.71 -41.30 16.93
N VAL UA 22 35.19 -40.10 17.24
CA VAL UA 22 36.53 -39.92 17.77
C VAL UA 22 36.44 -39.31 19.15
N LEU UA 23 37.43 -39.62 19.97
CA LEU UA 23 37.49 -39.10 21.32
C LEU UA 23 38.95 -38.83 21.62
N ALA UA 24 39.33 -37.56 21.61
CA ALA UA 24 40.74 -37.14 21.69
C ALA UA 24 41.08 -36.42 22.98
N GLY UA 25 42.32 -36.61 23.43
CA GLY UA 25 42.79 -35.91 24.60
C GLY UA 25 44.28 -35.65 24.47
N ASP UA 26 44.78 -34.66 25.19
CA ASP UA 26 46.20 -34.43 25.23
C ASP UA 26 46.87 -35.40 26.21
N THR UA 27 48.20 -35.47 26.14
CA THR UA 27 48.99 -36.42 26.93
C THR UA 27 49.70 -35.80 28.13
N ARG UA 28 49.54 -34.49 28.32
CA ARG UA 28 50.25 -33.75 29.36
C ARG UA 28 49.52 -33.85 30.68
N ASN UA 29 50.25 -34.17 31.73
CA ASN UA 29 49.66 -34.29 33.06
C ASN UA 29 50.43 -33.43 34.02
N ILE UA 30 49.76 -32.42 34.59
CA ILE UA 30 50.47 -31.44 35.40
C ILE UA 30 49.92 -31.24 36.80
N THR UA 31 50.74 -30.59 37.62
CA THR UA 31 50.35 -30.13 38.94
C THR UA 31 50.79 -28.67 39.02
N ASP UA 32 49.84 -27.74 39.00
CA ASP UA 32 50.14 -26.31 39.15
C ASP UA 32 50.96 -25.75 37.98
N TYR UA 33 52.27 -25.64 38.21
CA TYR UA 33 53.20 -25.02 37.26
C TYR UA 33 54.30 -25.94 36.82
N SER UA 34 54.37 -27.13 37.40
CA SER UA 34 55.38 -28.10 37.00
C SER UA 34 54.76 -29.13 36.06
N ILE UA 35 55.58 -29.89 35.36
CA ILE UA 35 55.04 -30.98 34.57
C ILE UA 35 55.30 -32.34 35.23
N ASN UA 36 54.28 -33.19 35.22
CA ASN UA 36 54.35 -34.52 35.85
C ASN UA 36 54.75 -35.60 34.83
N SER UA 37 53.97 -35.72 33.75
CA SER UA 37 54.41 -36.49 32.59
C SER UA 37 54.05 -35.83 31.30
N ARG UA 38 54.82 -36.17 30.28
CA ARG UA 38 54.50 -35.73 28.92
C ARG UA 38 53.68 -36.84 28.25
N TYR UA 39 53.84 -38.08 28.73
CA TYR UA 39 52.99 -39.19 28.28
C TYR UA 39 52.36 -39.94 29.43
N GLU UA 40 51.07 -39.67 29.62
CA GLU UA 40 50.24 -40.39 30.57
C GLU UA 40 48.84 -40.18 30.01
N PRO UA 41 48.29 -41.23 29.39
CA PRO UA 41 47.10 -41.11 28.52
C PRO UA 41 45.83 -40.89 29.31
N LYS UA 42 44.86 -40.34 28.60
CA LYS UA 42 43.74 -39.66 29.21
C LYS UA 42 42.51 -40.38 28.69
N VAL UA 43 42.66 -40.93 27.48
CA VAL UA 43 41.60 -41.59 26.72
C VAL UA 43 41.78 -43.10 26.70
N PHE UA 44 40.77 -43.83 27.16
CA PHE UA 44 40.85 -45.28 27.35
C PHE UA 44 39.85 -46.16 26.57
N ASP UA 45 40.33 -47.30 26.08
CA ASP UA 45 39.48 -48.32 25.45
C ASP UA 45 38.85 -49.16 26.56
N CYS UA 46 37.52 -49.23 26.60
CA CYS UA 46 36.82 -49.92 27.69
C CYS UA 46 36.18 -51.23 27.27
N GLY UA 47 36.38 -51.61 26.01
CA GLY UA 47 35.77 -52.81 25.46
C GLY UA 47 34.40 -52.47 24.90
N ASP UA 48 33.71 -53.47 24.36
CA ASP UA 48 32.39 -53.27 23.75
C ASP UA 48 32.29 -51.94 22.96
N ASN UA 49 33.39 -51.59 22.27
CA ASN UA 49 33.46 -50.38 21.44
C ASN UA 49 32.96 -49.15 22.14
N ILE UA 50 33.53 -48.93 23.32
CA ILE UA 50 33.29 -47.73 24.10
C ILE UA 50 34.62 -47.16 24.59
N VAL UA 51 34.89 -45.92 24.20
CA VAL UA 51 36.06 -45.20 24.66
C VAL UA 51 35.60 -44.08 25.60
N MET UA 52 36.30 -43.89 26.70
CA MET UA 52 35.94 -42.82 27.63
C MET UA 52 37.13 -42.05 28.20
N SER UA 53 36.83 -40.88 28.76
CA SER UA 53 37.85 -40.00 29.32
C SER UA 53 37.29 -39.17 30.47
N ALA UA 54 37.89 -39.33 31.64
CA ALA UA 54 37.43 -38.63 32.83
C ALA UA 54 38.48 -37.61 33.20
N ASN UA 55 38.23 -36.36 32.79
CA ASN UA 55 39.28 -35.35 32.83
C ASN UA 55 39.07 -34.27 33.87
N GLY UA 56 40.18 -33.76 34.40
CA GLY UA 56 40.15 -32.80 35.48
C GLY UA 56 41.14 -33.23 36.53
N PHE UA 57 40.63 -33.86 37.58
CA PHE UA 57 41.47 -34.43 38.63
C PHE UA 57 41.80 -35.92 38.38
N ALA UA 58 43.04 -36.23 38.00
CA ALA UA 58 43.48 -37.60 37.62
C ALA UA 58 43.05 -38.76 38.56
N ALA UA 59 43.41 -38.68 39.82
CA ALA UA 59 43.00 -39.69 40.79
C ALA UA 59 41.50 -40.02 40.75
N ASP UA 60 40.66 -39.00 40.66
CA ASP UA 60 39.21 -39.22 40.59
C ASP UA 60 38.78 -39.79 39.23
N GLY UA 61 39.39 -39.35 38.14
CA GLY UA 61 39.04 -39.86 36.83
C GLY UA 61 39.61 -41.25 36.58
N ASP UA 62 40.85 -41.46 37.01
CA ASP UA 62 41.49 -42.78 36.95
C ASP UA 62 40.59 -43.79 37.67
N ALA UA 63 40.11 -43.37 38.84
CA ALA UA 63 39.30 -44.22 39.69
C ALA UA 63 37.91 -44.50 39.07
N LEU UA 64 37.37 -43.52 38.36
CA LEU UA 64 36.05 -43.67 37.73
C LEU UA 64 36.15 -44.57 36.53
N VAL UA 65 37.23 -44.43 35.77
CA VAL UA 65 37.48 -45.33 34.64
C VAL UA 65 37.56 -46.78 35.12
N LYS UA 66 38.41 -47.02 36.13
CA LYS UA 66 38.55 -48.34 36.75
C LYS UA 66 37.17 -48.90 37.10
N ARG UA 67 36.35 -48.06 37.74
CA ARG UA 67 35.06 -48.50 38.26
C ARG UA 67 34.05 -48.84 37.16
N PHE UA 68 34.11 -48.14 36.05
CA PHE UA 68 33.25 -48.43 34.91
C PHE UA 68 33.74 -49.63 34.10
N LYS UA 69 35.04 -49.64 33.75
CA LYS UA 69 35.65 -50.78 33.10
C LYS UA 69 35.23 -52.06 33.82
N ASN UA 70 35.02 -51.93 35.13
CA ASN UA 70 34.58 -53.03 35.98
C ASN UA 70 33.07 -53.26 35.88
N SER UA 71 32.31 -52.19 35.69
CA SER UA 71 30.86 -52.33 35.53
C SER UA 71 30.54 -53.13 34.27
N VAL UA 72 31.46 -53.07 33.31
CA VAL UA 72 31.37 -53.84 32.05
C VAL UA 72 31.65 -55.32 32.30
N LYS UA 73 32.76 -55.64 32.97
CA LYS UA 73 33.10 -57.04 33.28
C LYS UA 73 31.89 -57.77 33.89
N TRP UA 74 31.12 -57.06 34.71
CA TRP UA 74 29.98 -57.63 35.45
C TRP UA 74 28.63 -57.58 34.72
N TYR UA 75 28.49 -56.65 33.78
CA TYR UA 75 27.31 -56.70 32.94
C TYR UA 75 27.43 -57.87 31.96
N HIS UA 76 28.67 -58.29 31.70
CA HIS UA 76 28.96 -59.51 30.97
C HIS UA 76 28.51 -60.73 31.80
N PHE UA 77 29.22 -60.99 32.89
CA PHE UA 77 28.95 -62.17 33.71
C PHE UA 77 27.45 -62.26 34.05
N ASP UA 78 26.82 -61.10 34.29
CA ASP UA 78 25.43 -61.00 34.76
C ASP UA 78 24.35 -61.17 33.67
N HIS UA 79 24.70 -60.87 32.42
CA HIS UA 79 23.73 -60.93 31.31
C HIS UA 79 24.25 -61.69 30.08
N ASN UA 80 24.96 -62.80 30.33
CA ASN UA 80 25.49 -63.64 29.26
C ASN UA 80 26.23 -62.89 28.14
N ASP UA 81 27.42 -62.39 28.47
CA ASP UA 81 28.31 -61.67 27.55
C ASP UA 81 27.65 -60.66 26.55
N LYS UA 82 26.46 -60.15 26.89
CA LYS UA 82 25.79 -59.07 26.11
C LYS UA 82 26.62 -57.77 25.89
N LYS UA 83 26.43 -57.15 24.73
CA LYS UA 83 27.12 -55.89 24.42
C LYS UA 83 26.43 -54.72 25.13
N LEU UA 84 27.23 -53.86 25.76
CA LEU UA 84 26.71 -52.71 26.47
C LEU UA 84 26.35 -51.58 25.49
N SER UA 85 25.04 -51.37 25.31
CA SER UA 85 24.51 -50.30 24.46
C SER UA 85 25.25 -49.01 24.87
N ILE UA 86 25.74 -48.24 23.90
CA ILE UA 86 26.37 -46.96 24.27
C ILE UA 86 25.46 -46.20 25.22
N ASN UA 87 24.18 -46.11 24.85
CA ASN UA 87 23.19 -45.36 25.60
C ASN UA 87 22.99 -45.87 27.03
N SER UA 88 23.30 -47.15 27.23
CA SER UA 88 23.13 -47.80 28.54
C SER UA 88 24.33 -47.55 29.45
N ALA UA 89 25.53 -47.49 28.87
CA ALA UA 89 26.72 -47.17 29.64
C ALA UA 89 26.64 -45.74 30.15
N ALA UA 90 26.14 -44.85 29.29
CA ALA UA 90 25.92 -43.46 29.69
C ALA UA 90 25.08 -43.40 30.95
N ARG UA 91 23.92 -44.06 30.94
CA ARG UA 91 23.06 -44.10 32.11
C ARG UA 91 23.71 -44.77 33.32
N ASN UA 92 24.54 -45.79 33.10
CA ASN UA 92 25.18 -46.46 34.23
C ASN UA 92 26.21 -45.54 34.86
N ILE UA 93 26.84 -44.72 34.01
CA ILE UA 93 27.79 -43.70 34.46
C ILE UA 93 27.10 -42.58 35.27
N GLN UA 94 25.92 -42.16 34.84
CA GLN UA 94 25.11 -41.23 35.63
C GLN UA 94 24.94 -41.78 37.06
N HIS UA 95 24.61 -43.07 37.18
CA HIS UA 95 24.40 -43.66 38.50
C HIS UA 95 25.69 -43.90 39.25
N LEU UA 96 26.77 -44.03 38.51
CA LEU UA 96 28.10 -44.13 39.10
C LEU UA 96 28.49 -42.81 39.74
N LEU UA 97 28.32 -41.73 38.98
CA LEU UA 97 28.74 -40.39 39.36
C LEU UA 97 27.86 -39.86 40.47
N TYR UA 98 26.55 -40.07 40.31
CA TYR UA 98 25.59 -39.57 41.27
C TYR UA 98 25.66 -40.35 42.59
N GLY UA 99 26.30 -41.52 42.53
CA GLY UA 99 26.50 -42.30 43.75
C GLY UA 99 27.30 -41.48 44.74
N LYS UA 100 28.34 -40.82 44.22
CA LYS UA 100 29.19 -39.94 45.01
C LYS UA 100 28.76 -38.47 44.83
N ARG UA 101 27.45 -38.25 44.78
CA ARG UA 101 26.87 -36.92 44.55
C ARG UA 101 27.34 -35.87 45.54
N PHE UA 102 27.57 -36.30 46.77
CA PHE UA 102 27.92 -35.35 47.81
C PHE UA 102 29.40 -35.44 48.14
N PHE UA 103 30.20 -35.78 47.13
CA PHE UA 103 31.66 -35.91 47.23
C PHE UA 103 32.11 -36.47 45.88
N PRO UA 104 31.78 -35.73 44.82
CA PRO UA 104 31.77 -36.17 43.44
C PRO UA 104 33.13 -36.51 42.92
N TYR UA 105 33.13 -37.20 41.82
CA TYR UA 105 34.34 -37.37 41.07
C TYR UA 105 34.53 -36.05 40.35
N TYR UA 106 35.56 -35.29 40.72
CA TYR UA 106 35.76 -33.97 40.10
C TYR UA 106 36.29 -34.14 38.67
N VAL UA 107 35.41 -34.55 37.75
CA VAL UA 107 35.78 -34.77 36.37
C VAL UA 107 34.67 -34.36 35.39
N HIS UA 108 35.03 -33.62 34.36
CA HIS UA 108 34.14 -33.52 33.21
C HIS UA 108 34.51 -34.73 32.39
N THR UA 109 33.50 -35.53 32.07
CA THR UA 109 33.78 -36.85 31.55
C THR UA 109 32.96 -37.12 30.26
N ILE UA 110 33.63 -37.70 29.26
CA ILE UA 110 33.05 -37.94 27.94
C ILE UA 110 33.31 -39.36 27.45
N ILE UA 111 32.28 -40.00 26.90
CA ILE UA 111 32.47 -41.30 26.24
C ILE UA 111 32.02 -41.22 24.80
N ALA UA 112 32.58 -42.08 23.95
CA ALA UA 112 32.20 -42.14 22.54
C ALA UA 112 32.23 -43.55 21.98
N GLY UA 113 31.27 -43.84 21.09
CA GLY UA 113 31.19 -45.13 20.44
C GLY UA 113 30.11 -45.11 19.38
N LEU UA 114 29.39 -46.21 19.25
CA LEU UA 114 28.31 -46.31 18.27
C LEU UA 114 26.96 -46.64 18.93
N ASP UA 115 25.90 -45.91 18.55
CA ASP UA 115 24.56 -46.20 19.05
C ASP UA 115 24.01 -47.45 18.38
N GLU UA 116 22.95 -48.02 18.95
CA GLU UA 116 22.44 -49.29 18.47
C GLU UA 116 22.11 -49.28 16.95
N ASP UA 117 22.09 -48.09 16.34
CA ASP UA 117 21.76 -47.95 14.92
C ASP UA 117 22.97 -47.91 14.00
N GLY UA 118 24.17 -47.89 14.59
CA GLY UA 118 25.40 -47.86 13.82
C GLY UA 118 25.99 -46.47 13.62
N LYS UA 119 25.17 -45.45 13.85
CA LYS UA 119 25.57 -44.03 13.80
C LYS UA 119 26.48 -43.68 14.97
N GLY UA 120 27.29 -42.65 14.82
CA GLY UA 120 28.21 -42.28 15.87
C GLY UA 120 27.55 -41.55 17.04
N ALA UA 121 28.09 -41.75 18.23
CA ALA UA 121 27.54 -41.10 19.40
C ALA UA 121 28.61 -40.62 20.36
N VAL UA 122 28.31 -39.49 21.00
CA VAL UA 122 29.15 -38.96 22.07
C VAL UA 122 28.27 -38.47 23.21
N TYR UA 123 28.66 -38.78 24.44
CA TYR UA 123 27.95 -38.34 25.64
C TYR UA 123 28.87 -37.51 26.54
N SER UA 124 28.35 -36.43 27.14
CA SER UA 124 29.09 -35.64 28.13
C SER UA 124 28.48 -35.70 29.52
N PHE UA 125 29.31 -35.53 30.54
CA PHE UA 125 28.83 -35.62 31.91
C PHE UA 125 29.27 -34.48 32.82
N ASP UA 126 28.43 -34.15 33.78
CA ASP UA 126 28.83 -33.37 34.94
C ASP UA 126 29.77 -34.23 35.74
N PRO UA 127 30.24 -33.68 36.86
CA PRO UA 127 30.86 -34.45 37.95
C PRO UA 127 29.79 -35.10 38.82
N VAL UA 128 28.55 -34.67 38.64
CA VAL UA 128 27.46 -35.27 39.39
C VAL UA 128 26.45 -36.02 38.52
N GLY UA 129 26.72 -36.08 37.22
CA GLY UA 129 26.04 -37.05 36.39
C GLY UA 129 24.89 -36.57 35.54
N SER UA 130 24.73 -35.26 35.39
CA SER UA 130 23.88 -34.79 34.31
C SER UA 130 24.50 -35.31 33.02
N TYR UA 131 23.73 -36.02 32.20
CA TYR UA 131 24.25 -36.44 30.90
C TYR UA 131 23.36 -35.98 29.74
N GLU UA 132 23.98 -35.52 28.66
CA GLU UA 132 23.23 -35.33 27.41
C GLU UA 132 24.06 -35.89 26.27
N ARG UA 133 23.39 -36.27 25.19
CA ARG UA 133 24.11 -36.76 24.02
C ARG UA 133 24.47 -35.58 23.14
N GLU UA 134 25.71 -35.57 22.66
CA GLU UA 134 26.26 -34.40 21.98
C GLU UA 134 26.86 -34.72 20.61
N GLN UA 135 26.85 -33.71 19.74
CA GLN UA 135 27.45 -33.80 18.42
C GLN UA 135 28.97 -33.66 18.53
N CYS UA 136 29.40 -32.61 19.24
CA CYS UA 136 30.80 -32.46 19.66
C CYS UA 136 30.92 -31.53 20.84
N ARG UA 137 31.53 -32.03 21.92
CA ARG UA 137 31.77 -31.25 23.12
C ARG UA 137 33.24 -31.36 23.50
N ALA UA 138 33.79 -30.27 24.00
CA ALA UA 138 35.11 -30.32 24.59
C ALA UA 138 34.95 -30.10 26.08
N GLY UA 139 35.84 -30.71 26.84
CA GLY UA 139 35.86 -30.55 28.26
C GLY UA 139 37.30 -30.24 28.62
N GLY UA 140 37.52 -29.74 29.83
CA GLY UA 140 38.86 -29.44 30.25
C GLY UA 140 39.12 -27.94 30.23
N ALA UA 141 40.38 -27.58 30.45
CA ALA UA 141 40.80 -26.20 30.59
C ALA UA 141 40.63 -25.43 29.29
N ALA UA 142 41.16 -26.01 28.22
CA ALA UA 142 41.14 -25.37 26.90
C ALA UA 142 39.83 -25.62 26.15
N ALA UA 143 38.79 -25.96 26.89
CA ALA UA 143 37.49 -26.16 26.28
C ALA UA 143 37.07 -24.90 25.51
N SER UA 144 37.33 -23.74 26.11
CA SER UA 144 36.92 -22.46 25.55
C SER UA 144 37.64 -22.02 24.26
N LEU UA 145 38.84 -22.54 24.01
CA LEU UA 145 39.60 -22.19 22.81
C LEU UA 145 39.28 -23.10 21.63
N ILE UA 146 38.59 -24.19 21.91
CA ILE UA 146 38.25 -25.18 20.88
C ILE UA 146 36.83 -25.05 20.37
N MET UA 147 35.85 -25.08 21.28
CA MET UA 147 34.45 -25.01 20.87
C MET UA 147 34.05 -23.88 19.89
N PRO UA 148 34.47 -22.64 20.14
CA PRO UA 148 34.09 -21.61 19.16
C PRO UA 148 34.53 -22.00 17.74
N PHE UA 149 35.80 -22.36 17.61
CA PHE UA 149 36.40 -22.83 16.37
C PHE UA 149 35.66 -24.02 15.73
N LEU UA 150 35.28 -25.01 16.54
CA LEU UA 150 34.53 -26.18 16.06
C LEU UA 150 33.16 -25.77 15.58
N ASP UA 151 32.45 -24.96 16.37
CA ASP UA 151 31.14 -24.43 15.99
C ASP UA 151 31.19 -23.85 14.59
N ASN UA 152 32.35 -23.28 14.25
CA ASN UA 152 32.49 -22.57 12.99
C ASN UA 152 32.87 -23.49 11.84
N GLN UA 153 33.85 -24.35 12.07
CA GLN UA 153 34.38 -25.20 11.01
C GLN UA 153 33.75 -26.61 10.93
N VAL UA 154 32.89 -26.96 11.88
CA VAL UA 154 32.22 -28.27 11.87
C VAL UA 154 30.70 -28.17 11.67
N ASN UA 155 30.07 -27.22 12.37
CA ASN UA 155 28.64 -26.96 12.24
C ASN UA 155 28.36 -25.75 11.34
N PHE UA 156 29.42 -25.24 10.71
CA PHE UA 156 29.39 -24.03 9.84
C PHE UA 156 28.50 -22.91 10.36
N LYS UA 157 28.76 -22.46 11.59
CA LYS UA 157 27.97 -21.40 12.21
C LYS UA 157 28.41 -20.04 11.69
N ASN UA 158 27.51 -19.06 11.74
CA ASN UA 158 27.81 -17.69 11.29
C ASN UA 158 28.37 -17.65 9.87
N GLN UA 159 28.28 -18.77 9.16
CA GLN UA 159 28.75 -18.86 7.77
C GLN UA 159 27.58 -18.92 6.80
N TYR UA 160 27.62 -18.04 5.79
CA TYR UA 160 26.54 -17.92 4.82
C TYR UA 160 27.01 -18.27 3.41
N GLU UA 161 26.07 -18.48 2.49
CA GLU UA 161 26.41 -18.69 1.09
C GLU UA 161 26.80 -17.36 0.49
N PRO UA 162 27.99 -17.29 -0.12
CA PRO UA 162 28.49 -16.04 -0.70
C PRO UA 162 27.48 -15.43 -1.66
N GLY UA 163 27.32 -14.10 -1.63
CA GLY UA 163 26.43 -13.40 -2.54
C GLY UA 163 24.97 -13.87 -2.53
N THR UA 164 24.50 -14.30 -1.36
CA THR UA 164 23.08 -14.53 -1.15
C THR UA 164 22.58 -13.50 -0.15
N ASN UA 165 23.38 -12.45 0.02
CA ASN UA 165 23.07 -11.34 0.93
C ASN UA 165 23.30 -11.70 2.40
N GLY UA 166 22.82 -12.88 2.78
CA GLY UA 166 22.84 -13.32 4.15
C GLY UA 166 21.51 -13.96 4.49
N LYS UA 167 21.00 -14.74 3.56
CA LYS UA 167 19.70 -15.41 3.71
C LYS UA 167 19.83 -16.93 3.63
N VAL UA 168 20.88 -17.41 2.95
CA VAL UA 168 21.12 -18.84 2.84
C VAL UA 168 22.29 -19.28 3.71
N LYS UA 169 22.02 -20.07 4.75
CA LYS UA 169 23.10 -20.53 5.62
C LYS UA 169 24.00 -21.49 4.84
N LYS UA 170 25.30 -21.49 5.11
CA LYS UA 170 26.18 -22.43 4.42
C LYS UA 170 25.69 -23.80 4.80
N PRO UA 171 25.39 -24.64 3.78
CA PRO UA 171 24.79 -25.99 3.91
C PRO UA 171 25.67 -26.96 4.67
N LEU UA 172 25.11 -27.59 5.71
CA LEU UA 172 25.84 -28.55 6.54
C LEU UA 172 26.22 -29.81 5.76
N LYS UA 173 27.52 -30.10 5.67
CA LYS UA 173 28.02 -31.28 4.97
C LYS UA 173 28.39 -32.34 6.02
N TYR UA 174 28.53 -33.61 5.63
CA TYR UA 174 29.20 -34.55 6.55
C TYR UA 174 30.56 -35.16 6.17
N LEU UA 175 31.40 -35.26 7.19
CA LEU UA 175 32.86 -35.20 7.08
C LEU UA 175 33.54 -36.54 7.29
N SER UA 176 34.50 -36.84 6.42
CA SER UA 176 35.28 -38.06 6.55
C SER UA 176 36.01 -38.05 7.89
N VAL UA 177 36.17 -39.24 8.46
CA VAL UA 177 36.96 -39.38 9.66
C VAL UA 177 38.32 -38.69 9.48
N GLU UA 178 38.79 -38.59 8.24
CA GLU UA 178 40.08 -37.96 7.96
C GLU UA 178 40.02 -36.44 8.09
N GLU UA 179 38.84 -35.87 7.84
CA GLU UA 179 38.64 -34.42 7.94
C GLU UA 179 38.47 -34.01 9.38
N VAL UA 180 37.64 -34.74 10.11
CA VAL UA 180 37.48 -34.50 11.53
C VAL UA 180 38.84 -34.56 12.24
N ILE UA 181 39.65 -35.56 11.91
CA ILE UA 181 41.02 -35.62 12.42
C ILE UA 181 41.84 -34.37 12.08
N LYS UA 182 41.66 -33.81 10.88
CA LYS UA 182 42.30 -32.55 10.56
C LYS UA 182 41.92 -31.47 11.58
N LEU UA 183 40.62 -31.24 11.76
CA LEU UA 183 40.15 -30.23 12.68
C LEU UA 183 40.57 -30.49 14.12
N VAL UA 184 40.59 -31.75 14.53
CA VAL UA 184 41.00 -32.06 15.90
C VAL UA 184 42.44 -31.61 16.10
N ARG UA 185 43.35 -32.08 15.25
CA ARG UA 185 44.75 -31.74 15.44
C ARG UA 185 45.15 -30.28 15.06
N ASP UA 186 44.18 -29.46 14.68
CA ASP UA 186 44.42 -28.03 14.53
C ASP UA 186 43.76 -27.29 15.67
N SER UA 187 42.71 -27.88 16.24
CA SER UA 187 42.09 -27.34 17.43
C SER UA 187 43.15 -27.36 18.50
N PHE UA 188 43.86 -28.49 18.56
CA PHE UA 188 44.89 -28.71 19.57
C PHE UA 188 46.18 -27.90 19.34
N THR UA 189 46.75 -27.94 18.13
CA THR UA 189 47.96 -27.14 17.89
C THR UA 189 47.72 -25.67 18.20
N SER UA 190 46.47 -25.23 17.99
CA SER UA 190 46.05 -23.88 18.37
C SER UA 190 46.09 -23.70 19.88
N ALA UA 191 45.20 -24.41 20.58
CA ALA UA 191 45.18 -24.35 22.03
C ALA UA 191 46.56 -24.43 22.68
N THR UA 192 47.44 -25.30 22.18
CA THR UA 192 48.76 -25.52 22.77
C THR UA 192 49.58 -24.23 22.92
N GLU UA 193 49.33 -23.33 21.97
CA GLU UA 193 50.02 -22.04 21.80
C GLU UA 193 49.60 -21.01 22.83
N ARG UA 194 48.30 -20.97 23.12
CA ARG UA 194 47.73 -19.99 24.04
C ARG UA 194 47.26 -20.55 25.41
N HIS UA 195 47.41 -21.87 25.62
CA HIS UA 195 47.18 -22.49 26.94
C HIS UA 195 48.46 -23.24 27.42
N ILE UA 196 48.83 -22.94 28.65
CA ILE UA 196 50.09 -23.44 29.17
C ILE UA 196 49.90 -24.83 29.71
N GLN UA 197 48.63 -25.20 29.90
CA GLN UA 197 48.24 -26.52 30.43
C GLN UA 197 48.03 -27.54 29.29
N VAL UA 198 48.14 -27.07 28.05
CA VAL UA 198 48.05 -27.95 26.90
C VAL UA 198 49.36 -28.03 26.13
N GLY UA 199 49.72 -29.27 25.79
CA GLY UA 199 50.90 -29.57 24.99
C GLY UA 199 51.32 -31.03 25.00
N ASP UA 200 52.53 -31.27 24.50
CA ASP UA 200 53.25 -32.55 24.64
C ASP UA 200 52.89 -33.62 23.61
N GLY UA 201 51.62 -34.03 23.61
CA GLY UA 201 51.15 -35.12 22.77
C GLY UA 201 49.64 -35.09 22.56
N LEU UA 202 49.19 -35.60 21.41
CA LEU UA 202 47.75 -35.69 21.12
C LEU UA 202 47.37 -37.12 20.74
N GLU UA 203 46.51 -37.75 21.54
CA GLU UA 203 46.11 -39.12 21.30
C GLU UA 203 44.64 -39.18 20.96
N ILE UA 204 44.31 -39.89 19.88
CA ILE UA 204 42.92 -40.03 19.47
C ILE UA 204 42.54 -41.50 19.34
N LEU UA 205 41.40 -41.85 19.95
CA LEU UA 205 40.81 -43.16 19.75
C LEU UA 205 39.71 -43.00 18.72
N ILE UA 206 39.61 -43.95 17.81
CA ILE UA 206 38.63 -43.84 16.75
C ILE UA 206 37.77 -45.10 16.69
N VAL UA 207 36.47 -44.92 16.84
CA VAL UA 207 35.54 -46.04 16.81
C VAL UA 207 34.76 -46.11 15.47
N THR UA 208 34.86 -47.28 14.83
CA THR UA 208 34.11 -47.57 13.61
C THR UA 208 33.38 -48.84 13.93
N LYS UA 209 32.57 -49.34 13.01
CA LYS UA 209 31.97 -50.67 13.25
C LYS UA 209 33.06 -51.74 13.29
N ASP UA 210 34.26 -51.39 12.82
CA ASP UA 210 35.37 -52.33 12.76
C ASP UA 210 36.15 -52.44 14.07
N GLY UA 211 35.91 -51.51 14.98
CA GLY UA 211 36.59 -51.56 16.28
C GLY UA 211 37.26 -50.25 16.64
N VAL UA 212 38.25 -50.33 17.51
CA VAL UA 212 38.93 -49.13 18.02
C VAL UA 212 40.38 -49.00 17.53
N ARG UA 213 40.71 -47.85 16.96
CA ARG UA 213 42.05 -47.58 16.42
C ARG UA 213 42.70 -46.40 17.15
N LYS UA 214 44.02 -46.46 17.35
CA LYS UA 214 44.77 -45.38 18.00
C LYS UA 214 45.68 -44.62 17.03
N GLU UA 215 45.43 -43.34 16.85
CA GLU UA 215 46.37 -42.48 16.14
C GLU UA 215 47.01 -41.52 17.15
N PHE UA 216 48.29 -41.24 16.96
CA PHE UA 216 49.00 -40.37 17.90
C PHE UA 216 49.88 -39.33 17.22
N TYR UA 217 49.73 -38.08 17.66
CA TYR UA 217 50.40 -36.93 17.05
C TYR UA 217 51.14 -36.09 18.09
N GLU UA 218 52.34 -35.60 17.75
CA GLU UA 218 53.16 -34.82 18.69
C GLU UA 218 52.62 -33.40 18.87
N LEU UA 219 52.86 -32.81 20.04
CA LEU UA 219 52.46 -31.43 20.33
C LEU UA 219 53.63 -30.65 20.90
N LYS UA 220 53.58 -29.31 20.77
CA LYS UA 220 54.63 -28.43 21.31
C LYS UA 220 54.86 -28.66 22.81
N ARG UA 221 56.13 -28.74 23.22
CA ARG UA 221 56.47 -29.10 24.61
C ARG UA 221 56.82 -27.93 25.56
N ASP UA 222 56.28 -26.75 25.31
CA ASP UA 222 56.64 -25.56 26.11
C ASP UA 222 55.68 -25.24 27.26
N THR VA 1 41.89 -35.91 58.93
CA THR VA 1 42.45 -34.66 58.42
C THR VA 1 43.68 -34.27 59.23
N GLN VA 2 44.87 -34.57 58.71
CA GLN VA 2 46.07 -34.32 59.49
C GLN VA 2 46.96 -33.25 58.88
N GLN VA 3 48.05 -32.98 59.57
CA GLN VA 3 49.16 -32.23 58.99
C GLN VA 3 50.42 -33.02 59.28
N PRO VA 4 51.41 -32.89 58.39
CA PRO VA 4 52.68 -33.62 58.46
C PRO VA 4 53.44 -33.13 59.65
N ILE VA 5 54.43 -33.90 60.09
CA ILE VA 5 55.24 -33.47 61.21
C ILE VA 5 56.72 -33.66 60.90
N VAL VA 6 57.20 -34.89 61.07
CA VAL VA 6 58.55 -35.25 60.67
C VAL VA 6 58.49 -35.58 59.18
N THR VA 7 59.42 -35.04 58.38
CA THR VA 7 59.28 -35.06 56.90
C THR VA 7 60.58 -35.09 56.09
N GLY VA 8 60.81 -36.20 55.39
CA GLY VA 8 61.93 -36.28 54.46
C GLY VA 8 61.57 -35.57 53.17
N THR VA 9 62.57 -35.02 52.49
CA THR VA 9 62.31 -34.22 51.29
C THR VA 9 62.30 -35.05 49.99
N SER VA 10 62.81 -34.47 48.91
CA SER VA 10 62.67 -35.06 47.58
C SER VA 10 63.05 -36.55 47.48
N VAL VA 11 62.37 -37.24 46.57
CA VAL VA 11 62.83 -38.53 46.05
C VAL VA 11 62.94 -38.36 44.52
N ILE VA 12 64.04 -38.83 43.93
CA ILE VA 12 64.25 -38.66 42.49
C ILE VA 12 64.55 -40.00 41.82
N SER VA 13 64.17 -40.12 40.55
CA SER VA 13 64.31 -41.39 39.84
C SER VA 13 64.16 -41.22 38.34
N MET VA 14 64.82 -42.09 37.59
CA MET VA 14 64.73 -42.12 36.14
C MET VA 14 64.90 -43.57 35.69
N LYS VA 15 64.38 -43.91 34.52
CA LYS VA 15 64.66 -45.24 33.95
C LYS VA 15 65.75 -45.20 32.87
N TYR VA 16 66.34 -46.35 32.55
CA TYR VA 16 67.41 -46.42 31.55
C TYR VA 16 67.44 -47.76 30.79
N ASP VA 17 68.48 -47.98 29.99
CA ASP VA 17 68.49 -49.10 29.03
C ASP VA 17 67.94 -50.45 29.56
N ASN VA 18 68.32 -50.83 30.78
CA ASN VA 18 67.95 -52.14 31.31
C ASN VA 18 67.05 -52.08 32.56
N GLY VA 19 67.44 -51.25 33.53
CA GLY VA 19 66.74 -51.17 34.81
C GLY VA 19 66.19 -49.79 35.13
N VAL VA 20 66.26 -49.37 36.40
CA VAL VA 20 65.89 -48.02 36.83
C VAL VA 20 66.70 -47.62 38.06
N ILE VA 21 66.82 -46.31 38.33
CA ILE VA 21 67.54 -45.83 39.53
C ILE VA 21 66.65 -44.93 40.35
N ILE VA 22 66.78 -45.04 41.67
CA ILE VA 22 66.02 -44.19 42.59
C ILE VA 22 66.89 -43.82 43.77
N ALA VA 23 66.77 -42.57 44.22
CA ALA VA 23 67.60 -42.06 45.31
C ALA VA 23 66.82 -41.09 46.16
N ALA VA 24 67.25 -40.94 47.42
CA ALA VA 24 66.57 -40.06 48.35
C ALA VA 24 67.45 -39.89 49.57
N ASP VA 25 67.64 -38.65 50.03
CA ASP VA 25 68.49 -38.41 51.20
C ASP VA 25 67.99 -39.04 52.53
N ASN VA 26 68.84 -39.00 53.54
CA ASN VA 26 68.64 -39.70 54.81
C ASN VA 26 68.22 -38.78 55.96
N LEU VA 27 67.37 -37.80 55.65
CA LEU VA 27 66.97 -36.81 56.66
C LEU VA 27 65.47 -36.70 56.82
N GLY VA 28 65.02 -36.83 58.07
CA GLY VA 28 63.68 -36.43 58.47
C GLY VA 28 63.73 -35.16 59.31
N SER VA 29 62.92 -34.15 58.96
CA SER VA 29 63.01 -32.84 59.58
C SER VA 29 61.75 -32.37 60.34
N TYR VA 30 61.97 -31.96 61.59
CA TYR VA 30 60.92 -31.39 62.45
C TYR VA 30 60.75 -29.91 62.12
N GLY VA 31 59.95 -29.60 61.11
CA GLY VA 31 59.82 -28.21 60.71
C GLY VA 31 61.13 -27.69 60.13
N SER VA 32 61.69 -26.65 60.75
CA SER VA 32 62.94 -26.06 60.26
C SER VA 32 64.17 -26.65 60.94
N LEU VA 33 63.94 -27.64 61.81
CA LEU VA 33 64.99 -28.36 62.55
C LEU VA 33 65.36 -29.70 61.94
N LEU VA 34 66.57 -29.78 61.38
CA LEU VA 34 67.05 -31.00 60.73
C LEU VA 34 67.30 -32.08 61.80
N ARG VA 35 66.20 -32.64 62.31
CA ARG VA 35 66.19 -33.38 63.56
C ARG VA 35 66.79 -34.78 63.47
N PHE VA 36 66.36 -35.56 62.49
CA PHE VA 36 66.79 -36.96 62.41
C PHE VA 36 67.69 -37.23 61.20
N ASN VA 37 68.88 -37.76 61.47
CA ASN VA 37 69.94 -37.81 60.46
C ASN VA 37 70.30 -39.18 59.91
N GLY VA 38 69.55 -40.21 60.33
CA GLY VA 38 69.86 -41.57 59.91
C GLY VA 38 68.69 -42.29 59.26
N VAL VA 39 67.76 -41.52 58.72
CA VAL VA 39 66.54 -42.08 58.13
C VAL VA 39 66.72 -42.73 56.75
N GLU VA 40 66.21 -43.95 56.59
CA GLU VA 40 66.22 -44.58 55.27
C GLU VA 40 64.87 -44.50 54.60
N ARG VA 41 64.83 -43.83 53.45
CA ARG VA 41 63.58 -43.55 52.74
C ARG VA 41 63.49 -44.36 51.46
N LEU VA 42 64.41 -45.29 51.30
CA LEU VA 42 64.29 -46.29 50.27
C LEU VA 42 63.95 -47.64 50.91
N ILE VA 43 62.79 -48.16 50.54
CA ILE VA 43 62.33 -49.42 51.09
C ILE VA 43 62.37 -50.49 50.02
N PRO VA 44 63.32 -51.42 50.14
CA PRO VA 44 63.37 -52.54 49.20
C PRO VA 44 62.26 -53.57 49.50
N VAL VA 45 61.61 -54.01 48.42
CA VAL VA 45 60.69 -55.15 48.50
C VAL VA 45 61.10 -56.27 47.54
N GLY VA 46 61.54 -57.40 48.08
CA GLY VA 46 62.14 -58.42 47.25
C GLY VA 46 63.51 -57.97 46.78
N ASP VA 47 63.88 -58.40 45.58
CA ASP VA 47 65.03 -57.83 44.89
C ASP VA 47 64.65 -57.47 43.45
N ASN VA 48 63.47 -56.85 43.31
CA ASN VA 48 62.98 -56.31 42.04
C ASN VA 48 62.21 -55.00 42.19
N THR VA 49 61.99 -54.57 43.43
CA THR VA 49 61.31 -53.31 43.70
C THR VA 49 61.95 -52.51 44.84
N VAL VA 50 62.11 -51.21 44.61
CA VAL VA 50 62.49 -50.27 45.66
C VAL VA 50 61.42 -49.18 45.72
N VAL VA 51 60.91 -48.91 46.92
CA VAL VA 51 59.87 -47.91 47.11
C VAL VA 51 60.42 -46.67 47.82
N GLY VA 52 60.31 -45.52 47.16
CA GLY VA 52 60.90 -44.28 47.65
C GLY VA 52 59.79 -43.43 48.21
N ILE VA 53 60.03 -42.87 49.39
CA ILE VA 53 58.97 -42.15 50.06
C ILE VA 53 59.38 -40.78 50.60
N SER VA 54 58.67 -39.74 50.16
CA SER VA 54 58.84 -38.40 50.73
C SER VA 54 57.58 -38.09 51.52
N GLY VA 55 57.66 -37.12 52.43
CA GLY VA 55 56.48 -36.72 53.18
C GLY VA 55 56.56 -37.07 54.65
N ASP VA 56 55.42 -37.31 55.29
CA ASP VA 56 55.36 -37.61 56.73
C ASP VA 56 55.97 -38.97 57.04
N ILE VA 57 57.11 -38.93 57.72
CA ILE VA 57 57.87 -40.09 58.18
C ILE VA 57 57.09 -41.09 59.08
N SER VA 58 56.15 -40.62 59.89
CA SER VA 58 55.33 -41.55 60.66
C SER VA 58 54.46 -42.38 59.73
N ASP VA 59 53.81 -41.72 58.78
CA ASP VA 59 53.00 -42.39 57.76
C ASP VA 59 53.88 -43.22 56.83
N MET VA 60 55.18 -42.96 56.82
CA MET VA 60 56.10 -43.71 55.98
C MET VA 60 56.43 -45.03 56.67
N GLN VA 61 56.66 -44.97 57.96
CA GLN VA 61 56.98 -46.17 58.73
C GLN VA 61 55.79 -47.10 58.79
N HIS VA 62 54.60 -46.52 58.65
CA HIS VA 62 53.38 -47.30 58.56
C HIS VA 62 53.33 -48.01 57.24
N ILE VA 63 53.52 -47.26 56.17
CA ILE VA 63 53.62 -47.85 54.85
C ILE VA 63 54.74 -48.90 54.76
N GLU VA 64 55.81 -48.72 55.53
CA GLU VA 64 56.88 -49.71 55.50
C GLU VA 64 56.39 -51.03 56.11
N ARG VA 65 55.79 -50.96 57.30
CA ARG VA 65 55.22 -52.18 57.88
C ARG VA 65 54.12 -52.80 56.98
N LEU VA 66 53.40 -51.98 56.22
CA LEU VA 66 52.37 -52.54 55.33
C LEU VA 66 52.98 -53.44 54.27
N LEU VA 67 54.21 -53.13 53.87
CA LEU VA 67 54.91 -53.94 52.87
C LEU VA 67 55.62 -55.13 53.55
N LYS VA 68 56.32 -54.90 54.66
CA LYS VA 68 56.88 -56.02 55.40
C LYS VA 68 55.73 -57.01 55.67
N ASP VA 69 54.56 -56.48 56.02
CA ASP VA 69 53.37 -57.32 56.23
C ASP VA 69 52.88 -57.96 54.93
N LEU VA 70 53.00 -57.25 53.81
CA LEU VA 70 52.46 -57.76 52.55
C LEU VA 70 53.41 -58.77 51.92
N VAL VA 71 54.66 -58.78 52.38
CA VAL VA 71 55.60 -59.77 51.90
C VAL VA 71 55.39 -61.06 52.67
N THR VA 72 55.13 -60.92 53.98
CA THR VA 72 54.86 -62.06 54.85
C THR VA 72 53.64 -62.85 54.33
N GLU VA 73 52.62 -62.12 53.85
CA GLU VA 73 51.35 -62.71 53.38
C GLU VA 73 51.54 -63.49 52.08
N ASN VA 74 52.33 -62.91 51.19
CA ASN VA 74 52.55 -63.49 49.87
C ASN VA 74 53.08 -64.91 49.96
N ALA VA 75 53.97 -65.14 50.94
CA ALA VA 75 54.67 -66.42 51.11
C ALA VA 75 53.76 -67.57 51.56
N TYR VA 76 52.72 -67.21 52.30
CA TYR VA 76 51.77 -68.14 52.88
C TYR VA 76 51.26 -69.09 51.78
N ASP VA 77 51.34 -70.40 52.02
CA ASP VA 77 50.74 -71.38 51.10
C ASP VA 77 51.07 -71.10 49.65
N ASN VA 78 52.37 -70.96 49.36
CA ASN VA 78 52.79 -70.55 48.03
C ASN VA 78 54.24 -70.95 47.77
N PRO VA 79 54.44 -72.16 47.24
CA PRO VA 79 55.77 -72.73 46.96
C PRO VA 79 56.62 -71.89 45.98
N LEU VA 80 56.01 -70.88 45.35
CA LEU VA 80 56.71 -70.04 44.38
C LEU VA 80 56.87 -68.60 44.87
N ALA VA 81 57.02 -68.44 46.18
CA ALA VA 81 57.09 -67.10 46.78
C ALA VA 81 58.41 -66.39 46.49
N ASP VA 82 59.42 -67.17 46.14
CA ASP VA 82 60.73 -66.63 45.78
C ASP VA 82 61.01 -66.86 44.30
N ALA VA 83 59.95 -66.89 43.48
CA ALA VA 83 60.11 -67.01 42.03
C ALA VA 83 58.86 -66.56 41.26
N GLU VA 84 58.25 -67.46 40.50
CA GLU VA 84 57.16 -67.12 39.58
C GLU VA 84 56.02 -66.27 40.18
N GLU VA 85 55.32 -66.80 41.18
CA GLU VA 85 54.26 -66.04 41.84
C GLU VA 85 54.82 -65.34 43.10
N ALA VA 86 55.89 -64.54 42.92
CA ALA VA 86 56.42 -63.61 43.95
C ALA VA 86 56.09 -62.18 43.60
N LEU VA 87 56.38 -61.28 44.54
CA LEU VA 87 55.91 -59.89 44.48
C LEU VA 87 56.51 -59.05 43.36
N GLU VA 88 55.62 -58.48 42.54
CA GLU VA 88 55.99 -57.64 41.38
C GLU VA 88 55.74 -56.14 41.64
N PRO VA 89 56.60 -55.28 41.06
CA PRO VA 89 56.40 -53.84 41.23
C PRO VA 89 54.99 -53.44 40.88
N SER VA 90 54.49 -53.90 39.74
CA SER VA 90 53.17 -53.49 39.28
C SER VA 90 52.07 -53.79 40.31
N TYR VA 91 52.31 -54.78 41.18
CA TYR VA 91 51.37 -55.16 42.26
C TYR VA 91 51.54 -54.21 43.43
N ILE VA 92 52.73 -54.27 44.05
CA ILE VA 92 53.11 -53.34 45.12
C ILE VA 92 52.61 -51.92 44.86
N PHE VA 93 52.69 -51.47 43.61
CA PHE VA 93 52.16 -50.16 43.27
C PHE VA 93 50.64 -50.13 43.35
N GLU VA 94 49.98 -50.95 42.54
CA GLU VA 94 48.53 -50.90 42.50
C GLU VA 94 47.93 -51.09 43.90
N TYR VA 95 48.68 -51.71 44.79
CA TYR VA 95 48.25 -51.84 46.18
C TYR VA 95 48.36 -50.49 46.91
N LEU VA 96 49.57 -49.93 46.99
CA LEU VA 96 49.76 -48.65 47.65
C LEU VA 96 48.85 -47.60 47.02
N ALA VA 97 48.79 -47.57 45.70
CA ALA VA 97 47.95 -46.58 45.02
C ALA VA 97 46.50 -46.73 45.44
N THR VA 98 46.06 -47.97 45.64
CA THR VA 98 44.67 -48.21 46.01
C THR VA 98 44.42 -47.71 47.43
N VAL VA 99 45.36 -47.97 48.32
CA VAL VA 99 45.32 -47.45 49.68
C VAL VA 99 45.35 -45.92 49.75
N MET VA 100 46.26 -45.27 49.02
CA MET VA 100 46.40 -43.83 49.14
C MET VA 100 45.10 -43.18 48.75
N TYR VA 101 44.50 -43.64 47.65
CA TYR VA 101 43.26 -43.03 47.19
C TYR VA 101 42.10 -43.38 48.10
N GLN VA 102 42.11 -44.58 48.67
CA GLN VA 102 41.09 -44.94 49.65
C GLN VA 102 41.18 -43.98 50.85
N ARG VA 103 42.40 -43.82 51.38
CA ARG VA 103 42.65 -42.93 52.53
C ARG VA 103 42.31 -41.46 52.27
N ARG VA 104 42.69 -40.90 51.12
CA ARG VA 104 42.21 -39.55 50.81
C ARG VA 104 40.69 -39.50 50.79
N SER VA 105 40.05 -40.57 50.36
CA SER VA 105 38.59 -40.56 50.21
C SER VA 105 37.84 -40.76 51.55
N LYS VA 106 38.57 -41.18 52.59
CA LYS VA 106 38.03 -41.20 53.95
C LYS VA 106 38.49 -39.95 54.67
N MET VA 107 38.98 -38.96 53.92
CA MET VA 107 39.57 -37.71 54.45
C MET VA 107 40.58 -37.89 55.58
N ASN VA 108 41.42 -38.91 55.48
CA ASN VA 108 42.46 -39.16 56.46
C ASN VA 108 43.71 -39.74 55.79
N PRO VA 109 44.30 -38.97 54.87
CA PRO VA 109 45.27 -39.39 53.85
C PRO VA 109 46.57 -39.78 54.48
N LEU VA 110 47.34 -40.59 53.78
CA LEU VA 110 48.71 -40.84 54.19
C LEU VA 110 49.51 -39.75 53.51
N TRP VA 111 50.21 -38.96 54.32
CA TRP VA 111 50.79 -37.73 53.80
C TRP VA 111 52.10 -37.94 53.05
N ASN VA 112 52.03 -38.61 51.90
CA ASN VA 112 53.25 -38.96 51.20
C ASN VA 112 53.24 -38.77 49.69
N ALA VA 113 54.44 -38.71 49.14
CA ALA VA 113 54.66 -38.89 47.73
C ALA VA 113 55.40 -40.21 47.63
N ILE VA 114 54.88 -41.12 46.82
CA ILE VA 114 55.53 -42.40 46.70
C ILE VA 114 56.01 -42.59 45.27
N ILE VA 115 57.22 -43.09 45.13
CA ILE VA 115 57.72 -43.50 43.82
C ILE VA 115 58.10 -44.98 43.89
N VAL VA 116 57.35 -45.81 43.17
CA VAL VA 116 57.63 -47.24 43.07
C VAL VA 116 58.48 -47.50 41.83
N ALA VA 117 59.68 -48.03 42.05
CA ALA VA 117 60.61 -48.28 40.96
C ALA VA 117 61.09 -49.71 41.03
N GLY VA 118 61.27 -50.32 39.86
CA GLY VA 118 61.72 -51.69 39.78
C GLY VA 118 61.59 -52.34 38.41
N VAL VA 119 61.96 -53.61 38.35
CA VAL VA 119 61.88 -54.38 37.13
C VAL VA 119 60.84 -55.49 37.28
N GLN VA 120 60.14 -55.77 36.19
CA GLN VA 120 59.08 -56.77 36.20
C GLN VA 120 59.58 -58.20 35.91
N SER VA 121 58.69 -59.17 36.01
CA SER VA 121 59.05 -60.55 35.70
C SER VA 121 59.73 -60.60 34.33
N ASN VA 122 59.18 -59.84 33.41
CA ASN VA 122 59.55 -59.98 32.01
C ASN VA 122 60.62 -59.01 31.52
N GLY VA 123 61.31 -58.34 32.44
CA GLY VA 123 62.39 -57.44 32.06
C GLY VA 123 62.00 -55.98 31.91
N ASP VA 124 60.70 -55.73 31.71
CA ASP VA 124 60.17 -54.37 31.63
C ASP VA 124 60.62 -53.48 32.79
N GLN VA 125 61.03 -52.25 32.48
CA GLN VA 125 61.20 -51.22 33.50
C GLN VA 125 59.83 -50.81 34.06
N PHE VA 126 59.74 -50.63 35.38
CA PHE VA 126 58.51 -50.10 36.00
C PHE VA 126 58.81 -48.93 36.89
N LEU VA 127 58.24 -47.79 36.55
CA LEU VA 127 58.41 -46.56 37.32
C LEU VA 127 57.08 -45.82 37.31
N ARG VA 128 56.56 -45.50 38.50
CA ARG VA 128 55.29 -44.79 38.65
C ARG VA 128 55.18 -44.06 39.99
N TYR VA 129 54.42 -42.96 40.02
CA TYR VA 129 54.28 -42.10 41.20
C TYR VA 129 52.84 -42.07 41.68
N VAL VA 130 52.66 -42.00 43.00
CA VAL VA 130 51.36 -41.82 43.61
C VAL VA 130 51.51 -41.03 44.91
N ASN VA 131 50.64 -40.04 45.09
CA ASN VA 131 50.74 -39.16 46.24
C ASN VA 131 49.52 -39.21 47.16
N LEU VA 132 49.49 -38.34 48.16
CA LEU VA 132 48.50 -38.42 49.22
C LEU VA 132 47.06 -38.32 48.70
N LEU VA 133 46.91 -37.77 47.50
CA LEU VA 133 45.58 -37.56 46.92
C LEU VA 133 45.10 -38.75 46.12
N GLY VA 134 46.02 -39.64 45.75
CA GLY VA 134 45.66 -40.81 44.96
C GLY VA 134 46.09 -40.64 43.52
N VAL VA 135 46.63 -39.45 43.21
CA VAL VA 135 47.07 -39.10 41.87
C VAL VA 135 48.18 -40.03 41.41
N THR VA 136 48.05 -40.51 40.19
CA THR VA 136 49.03 -41.43 39.65
C THR VA 136 49.47 -40.99 38.28
N TYR VA 137 50.78 -41.08 38.07
CA TYR VA 137 51.35 -40.77 36.76
C TYR VA 137 52.73 -41.40 36.61
N SER VA 138 53.18 -41.45 35.36
CA SER VA 138 54.38 -42.19 35.02
C SER VA 138 55.05 -41.45 33.86
N SER VA 139 56.35 -41.18 34.01
CA SER VA 139 57.16 -40.46 33.01
C SER VA 139 58.51 -41.18 32.93
N PRO VA 140 59.27 -40.93 31.85
CA PRO VA 140 60.58 -41.60 31.87
C PRO VA 140 61.41 -41.12 33.06
N THR VA 141 60.94 -40.08 33.74
CA THR VA 141 61.70 -39.44 34.81
C THR VA 141 60.71 -38.83 35.81
N LEU VA 142 60.83 -39.25 37.06
CA LEU VA 142 59.89 -38.85 38.11
C LEU VA 142 60.61 -38.40 39.38
N ALA VA 143 60.18 -37.28 39.94
CA ALA VA 143 60.65 -36.91 41.27
C ALA VA 143 59.51 -36.31 42.07
N THR VA 144 59.59 -36.42 43.40
CA THR VA 144 58.55 -35.95 44.32
C THR VA 144 58.89 -34.66 45.06
N GLY VA 145 57.89 -34.08 45.71
CA GLY VA 145 58.07 -32.78 46.34
C GLY VA 145 58.99 -31.83 45.60
N PHE VA 146 60.14 -31.55 46.24
CA PHE VA 146 61.04 -30.50 45.79
C PHE VA 146 61.88 -30.87 44.57
N GLY VA 147 62.26 -32.13 44.48
CA GLY VA 147 63.02 -32.61 43.34
C GLY VA 147 62.27 -32.41 42.05
N ALA VA 148 60.94 -32.38 42.13
CA ALA VA 148 60.12 -32.26 40.93
C ALA VA 148 60.49 -31.02 40.13
N HIS VA 149 61.20 -30.10 40.78
CA HIS VA 149 61.41 -28.76 40.23
C HIS VA 149 62.80 -28.54 39.65
N MET VA 150 63.81 -29.07 40.36
CA MET VA 150 65.20 -28.93 39.93
C MET VA 150 65.78 -30.25 39.43
N ALA VA 151 65.32 -31.36 40.00
CA ALA VA 151 65.88 -32.65 39.64
C ALA VA 151 65.37 -33.10 38.28
N ASN VA 152 64.10 -32.88 38.01
CA ASN VA 152 63.53 -33.32 36.75
C ASN VA 152 64.24 -32.70 35.55
N PRO VA 153 64.36 -31.36 35.54
CA PRO VA 153 64.91 -30.67 34.36
C PRO VA 153 66.30 -31.19 33.94
N LEU VA 154 67.09 -31.65 34.91
CA LEU VA 154 68.43 -32.18 34.63
C LEU VA 154 68.36 -33.61 34.07
N LEU VA 155 67.44 -34.42 34.59
CA LEU VA 155 67.29 -35.79 34.17
C LEU VA 155 66.60 -35.87 32.80
N ARG VA 156 65.63 -35.00 32.54
CA ARG VA 156 64.99 -34.95 31.23
C ARG VA 156 65.94 -34.43 30.16
N LYS VA 157 67.16 -34.05 30.56
CA LYS VA 157 68.16 -33.57 29.60
C LYS VA 157 68.94 -34.79 29.10
N VAL VA 158 68.70 -35.91 29.79
CA VAL VA 158 69.21 -37.22 29.38
C VAL VA 158 68.11 -38.06 28.68
N VAL VA 159 66.96 -38.17 29.31
CA VAL VA 159 65.80 -38.90 28.78
C VAL VA 159 64.61 -37.95 28.51
N ASP VA 160 64.65 -37.14 27.44
CA ASP VA 160 63.54 -36.20 27.23
C ASP VA 160 62.28 -36.98 26.81
N ARG VA 161 62.42 -37.86 25.82
CA ARG VA 161 61.30 -38.69 25.33
C ARG VA 161 61.64 -40.19 25.44
N GLU VA 162 60.68 -41.04 25.11
CA GLU VA 162 60.88 -42.48 25.34
C GLU VA 162 62.00 -43.07 24.46
N SER VA 163 62.12 -42.60 23.21
CA SER VA 163 63.16 -43.10 22.31
C SER VA 163 64.59 -42.94 22.86
N ASP VA 164 64.73 -42.21 23.97
CA ASP VA 164 66.02 -41.92 24.56
C ASP VA 164 66.47 -42.96 25.59
N ILE VA 165 65.56 -43.83 26.00
CA ILE VA 165 65.84 -44.74 27.12
C ILE VA 165 66.88 -45.85 26.85
N PRO VA 166 66.73 -46.56 25.73
CA PRO VA 166 67.69 -47.62 25.38
C PRO VA 166 69.11 -47.09 25.17
N LYS VA 167 69.21 -45.82 24.74
CA LYS VA 167 70.50 -45.17 24.48
C LYS VA 167 71.25 -44.75 25.76
N THR VA 168 70.60 -44.92 26.91
CA THR VA 168 71.14 -44.43 28.19
C THR VA 168 71.80 -45.54 29.00
N THR VA 169 73.14 -45.59 28.96
CA THR VA 169 73.92 -46.58 29.71
C THR VA 169 73.58 -46.49 31.21
N VAL VA 170 74.20 -47.33 32.04
CA VAL VA 170 73.90 -47.27 33.46
C VAL VA 170 74.76 -46.25 34.21
N GLN VA 171 76.03 -46.15 33.81
CA GLN VA 171 76.95 -45.20 34.44
C GLN VA 171 76.54 -43.77 34.14
N VAL VA 172 75.78 -43.60 33.06
CA VAL VA 172 75.30 -42.27 32.68
C VAL VA 172 74.14 -41.88 33.58
N ALA VA 173 73.21 -42.81 33.76
CA ALA VA 173 72.05 -42.56 34.62
C ALA VA 173 72.52 -42.25 36.03
N GLU VA 174 73.38 -43.11 36.58
CA GLU VA 174 73.90 -42.90 37.93
C GLU VA 174 74.62 -41.56 38.06
N GLU VA 175 75.44 -41.22 37.07
CA GLU VA 175 76.16 -39.95 37.08
C GLU VA 175 75.17 -38.79 37.11
N ALA VA 176 74.10 -38.91 36.33
CA ALA VA 176 73.09 -37.86 36.25
C ALA VA 176 72.23 -37.77 37.51
N ILE VA 177 71.95 -38.91 38.13
CA ILE VA 177 71.22 -38.96 39.40
C ILE VA 177 72.04 -38.36 40.54
N VAL VA 178 73.31 -38.74 40.64
CA VAL VA 178 74.20 -38.16 41.64
C VAL VA 178 74.36 -36.65 41.50
N ASN VA 179 74.43 -36.16 40.27
CA ASN VA 179 74.48 -34.73 40.03
C ASN VA 179 73.28 -34.05 40.66
N ALA VA 180 72.09 -34.49 40.25
CA ALA VA 180 70.86 -33.93 40.78
C ALA VA 180 70.83 -33.87 42.30
N MET VA 181 71.40 -34.88 42.98
CA MET VA 181 71.42 -34.89 44.46
C MET VA 181 72.35 -33.81 45.03
N ARG VA 182 73.47 -33.57 44.36
CA ARG VA 182 74.35 -32.48 44.71
C ARG VA 182 73.58 -31.17 44.56
N VAL VA 183 73.03 -30.93 43.36
CA VAL VA 183 72.25 -29.72 43.14
C VAL VA 183 71.14 -29.54 44.18
N LEU VA 184 70.48 -30.62 44.56
CA LEU VA 184 69.43 -30.55 45.58
C LEU VA 184 69.97 -30.04 46.92
N TYR VA 185 71.26 -30.22 47.16
CA TYR VA 185 71.88 -29.90 48.45
C TYR VA 185 72.49 -28.51 48.45
N TYR VA 186 72.73 -27.99 47.24
CA TYR VA 186 73.09 -26.59 47.02
C TYR VA 186 71.88 -25.74 47.41
N ARG VA 187 70.72 -26.14 46.88
CA ARG VA 187 69.52 -25.30 46.86
C ARG VA 187 68.28 -25.72 47.71
N ASP VA 188 68.22 -26.95 48.22
CA ASP VA 188 67.10 -27.40 49.07
C ASP VA 188 67.50 -27.25 50.54
N ALA VA 189 66.72 -26.48 51.29
CA ALA VA 189 67.04 -26.18 52.68
C ALA VA 189 66.69 -27.28 53.67
N ARG VA 190 65.83 -28.21 53.23
CA ARG VA 190 65.42 -29.33 54.08
C ARG VA 190 66.08 -30.66 53.63
N SER VA 191 67.33 -30.53 53.14
CA SER VA 191 68.12 -31.65 52.59
C SER VA 191 69.35 -32.05 53.41
N SER VA 192 69.75 -33.31 53.28
CA SER VA 192 70.97 -33.80 53.93
C SER VA 192 72.04 -34.08 52.90
N ARG VA 193 73.30 -34.10 53.34
CA ARG VA 193 74.40 -34.50 52.48
C ARG VA 193 74.47 -36.04 52.29
N ASN VA 194 73.98 -36.77 53.30
CA ASN VA 194 73.90 -38.22 53.27
C ASN VA 194 72.68 -38.75 52.53
N PHE VA 195 72.91 -39.54 51.49
CA PHE VA 195 71.77 -40.17 50.81
C PHE VA 195 71.97 -41.64 50.46
N SER VA 196 70.89 -42.30 50.05
CA SER VA 196 70.92 -43.69 49.63
C SER VA 196 70.44 -43.77 48.18
N LEU VA 197 70.99 -44.73 47.43
CA LEU VA 197 70.69 -44.83 46.01
C LEU VA 197 70.58 -46.29 45.67
N ALA VA 198 69.53 -46.65 44.95
CA ALA VA 198 69.34 -48.05 44.58
C ALA VA 198 69.20 -48.21 43.07
N ILE VA 199 69.95 -49.16 42.51
CA ILE VA 199 69.82 -49.53 41.11
C ILE VA 199 69.15 -50.91 40.99
N ILE VA 200 68.32 -51.07 39.96
CA ILE VA 200 67.57 -52.31 39.76
C ILE VA 200 67.67 -52.75 38.31
N ASP VA 201 68.78 -53.42 37.97
CA ASP VA 201 69.03 -53.82 36.59
C ASP VA 201 68.32 -55.13 36.30
N LYS VA 202 67.93 -55.35 35.05
CA LYS VA 202 67.31 -56.63 34.65
C LYS VA 202 68.35 -57.75 34.57
N ASN VA 203 69.62 -57.38 34.77
CA ASN VA 203 70.74 -58.31 34.72
C ASN VA 203 71.43 -58.52 36.08
N THR VA 204 71.80 -57.41 36.73
CA THR VA 204 72.52 -57.44 38.01
C THR VA 204 71.66 -57.48 39.29
N GLY VA 205 70.35 -57.36 39.14
CA GLY VA 205 69.44 -57.41 40.28
C GLY VA 205 69.41 -56.10 41.07
N LEU VA 206 69.13 -56.24 42.36
CA LEU VA 206 69.04 -55.09 43.26
C LEU VA 206 70.40 -54.72 43.87
N THR VA 207 70.85 -53.52 43.54
CA THR VA 207 72.11 -53.00 44.02
C THR VA 207 71.79 -51.79 44.89
N PHE VA 208 71.87 -51.97 46.21
CA PHE VA 208 71.39 -50.96 47.15
C PHE VA 208 72.54 -50.31 47.89
N LYS VA 209 72.79 -49.03 47.61
CA LYS VA 209 73.95 -48.31 48.18
C LYS VA 209 73.55 -47.40 49.34
N LYS VA 210 73.97 -47.77 50.54
CA LYS VA 210 73.67 -46.97 51.72
C LYS VA 210 74.79 -45.97 51.99
N ASN VA 211 74.48 -44.94 52.78
CA ASN VA 211 75.51 -44.05 53.32
C ASN VA 211 76.42 -43.36 52.31
N LEU VA 212 75.83 -42.86 51.23
CA LEU VA 212 76.56 -42.07 50.24
C LEU VA 212 76.77 -40.61 50.67
N GLN VA 213 77.63 -39.91 49.94
CA GLN VA 213 77.84 -38.49 50.22
C GLN VA 213 78.04 -37.69 48.94
N VAL VA 214 77.42 -36.52 48.90
CA VAL VA 214 77.65 -35.53 47.85
C VAL VA 214 79.11 -35.09 47.86
N GLU VA 215 79.82 -35.30 46.75
CA GLU VA 215 81.25 -34.96 46.67
C GLU VA 215 81.47 -33.88 45.61
N ASN VA 216 82.71 -33.38 45.52
CA ASN VA 216 83.11 -32.45 44.46
C ASN VA 216 82.20 -31.25 44.33
N MET VA 217 81.89 -30.64 45.48
CA MET VA 217 81.11 -29.40 45.48
C MET VA 217 82.02 -28.23 45.08
N LYS VA 218 81.43 -27.29 44.34
CA LYS VA 218 82.15 -26.08 43.94
C LYS VA 218 81.69 -24.93 44.82
N TRP VA 219 82.53 -24.54 45.78
CA TRP VA 219 82.28 -23.32 46.55
C TRP VA 219 83.49 -22.39 46.54
N ASP VA 220 84.45 -22.59 45.64
CA ASP VA 220 85.62 -21.71 45.72
C ASP VA 220 85.22 -20.26 45.56
N PHE VA 221 84.31 -20.00 44.61
CA PHE VA 221 83.94 -18.64 44.24
C PHE VA 221 83.32 -17.78 45.34
N ALA VA 222 82.95 -18.36 46.46
CA ALA VA 222 82.31 -17.59 47.53
C ALA VA 222 83.25 -16.56 48.13
N LYS VA 223 84.55 -16.86 48.09
CA LYS VA 223 85.56 -15.93 48.63
C LYS VA 223 85.52 -14.55 47.97
N ASP VA 224 85.22 -14.53 46.66
CA ASP VA 224 85.19 -13.31 45.84
C ASP VA 224 83.86 -12.57 45.95
N ILE VA 225 82.99 -13.02 46.82
CA ILE VA 225 81.69 -12.38 46.99
C ILE VA 225 81.68 -11.55 48.25
N LYS VA 226 81.62 -10.23 48.09
CA LYS VA 226 81.52 -9.36 49.24
C LYS VA 226 80.40 -8.34 49.07
N GLY VA 227 79.77 -8.01 50.20
CA GLY VA 227 78.76 -6.98 50.25
C GLY VA 227 77.50 -7.42 49.57
N TYR VA 228 76.76 -6.46 49.04
CA TYR VA 228 75.52 -6.79 48.35
C TYR VA 228 75.23 -5.74 47.31
N GLY VA 229 76.29 -5.14 46.81
CA GLY VA 229 76.16 -4.15 45.76
C GLY VA 229 77.31 -3.17 45.82
N THR VA 230 77.16 -2.19 46.68
CA THR VA 230 78.11 -1.10 46.83
C THR VA 230 79.43 -1.55 47.45
N GLN VA 231 79.35 -2.41 48.46
CA GLN VA 231 80.51 -2.77 49.25
C GLN VA 231 81.71 -3.32 48.44
N LYS VA 232 82.92 -2.94 48.86
CA LYS VA 232 84.15 -3.37 48.17
C LYS VA 232 85.04 -4.27 49.04
N ILE VA 233 85.11 -3.99 50.34
CA ILE VA 233 86.00 -4.74 51.24
C ILE VA 233 85.50 -6.13 51.64
N ALA WA 1 65.42 53.08 44.26
CA ALA WA 1 66.16 54.06 43.45
C ALA WA 1 67.48 53.50 42.93
N GLY WA 2 68.57 54.00 43.50
CA GLY WA 2 69.89 53.48 43.23
C GLY WA 2 70.12 52.26 44.10
N TYR WA 3 69.28 51.25 43.93
CA TYR WA 3 69.33 50.06 44.78
C TYR WA 3 69.64 48.77 44.01
N ASP WA 4 70.16 48.89 42.79
CA ASP WA 4 70.68 47.72 42.07
C ASP WA 4 72.13 47.42 42.50
N ARG WA 5 72.59 48.18 43.51
CA ARG WA 5 73.91 47.99 44.13
C ARG WA 5 73.81 47.13 45.39
N HIS WA 6 72.59 46.86 45.83
CA HIS WA 6 72.41 46.17 47.11
C HIS WA 6 71.86 44.74 46.97
N ILE WA 7 71.25 44.41 45.83
CA ILE WA 7 70.77 43.03 45.63
C ILE WA 7 71.25 42.38 44.31
N THR WA 8 71.04 41.08 44.20
CA THR WA 8 71.52 40.37 43.03
C THR WA 8 70.63 40.60 41.80
N ILE WA 9 70.52 41.86 41.37
CA ILE WA 9 69.91 42.18 40.07
C ILE WA 9 70.80 43.01 39.14
N PHE WA 10 70.31 43.16 37.91
CA PHE WA 10 71.11 43.70 36.83
C PHE WA 10 71.25 45.20 36.89
N SER WA 11 72.50 45.66 36.88
CA SER WA 11 72.78 47.07 36.68
C SER WA 11 72.43 47.41 35.23
N PRO WA 12 72.50 48.70 34.88
CA PRO WA 12 72.17 49.06 33.50
C PRO WA 12 73.16 48.57 32.44
N GLU WA 13 74.36 48.16 32.83
CA GLU WA 13 75.33 47.60 31.88
C GLU WA 13 75.51 46.08 32.04
N GLY WA 14 74.47 45.40 32.51
CA GLY WA 14 74.48 43.95 32.65
C GLY WA 14 75.45 43.42 33.71
N ARG WA 15 75.60 44.18 34.78
CA ARG WA 15 76.56 43.84 35.80
C ARG WA 15 75.84 43.42 37.07
N LEU WA 16 76.44 42.51 37.82
CA LEU WA 16 75.86 42.12 39.10
C LEU WA 16 76.70 42.72 40.18
N TYR WA 17 76.28 43.86 40.70
CA TYR WA 17 77.17 44.59 41.56
C TYR WA 17 77.53 43.74 42.77
N GLN WA 18 76.54 43.07 43.33
CA GLN WA 18 76.75 42.37 44.58
C GLN WA 18 77.73 41.20 44.47
N VAL WA 19 77.86 40.63 43.28
CA VAL WA 19 78.78 39.53 43.07
C VAL WA 19 80.21 40.05 42.98
N GLU WA 20 80.40 41.14 42.26
CA GLU WA 20 81.73 41.73 42.14
C GLU WA 20 82.27 42.10 43.51
N TYR WA 21 81.38 42.50 44.42
CA TYR WA 21 81.80 42.90 45.75
C TYR WA 21 82.12 41.65 46.55
N ALA WA 22 81.31 40.62 46.35
CA ALA WA 22 81.51 39.34 47.05
C ALA WA 22 82.90 38.80 46.79
N PHE WA 23 83.36 38.91 45.54
CA PHE WA 23 84.72 38.55 45.19
C PHE WA 23 85.72 39.29 46.06
N LYS WA 24 85.55 40.62 46.18
CA LYS WA 24 86.48 41.44 46.95
C LYS WA 24 86.64 40.96 48.40
N ALA WA 25 85.66 40.18 48.88
CA ALA WA 25 85.68 39.66 50.25
C ALA WA 25 86.64 38.51 50.45
N THR WA 26 86.90 37.75 49.39
CA THR WA 26 87.75 36.56 49.44
C THR WA 26 89.20 36.87 49.84
N ASN WA 27 89.56 38.15 49.76
CA ASN WA 27 90.90 38.58 50.10
C ASN WA 27 90.96 38.96 51.57
N GLN WA 28 89.82 39.40 52.09
CA GLN WA 28 89.69 39.90 53.46
C GLN WA 28 90.39 39.09 54.56
N THR WA 29 90.77 37.85 54.26
CA THR WA 29 91.54 37.06 55.23
C THR WA 29 93.03 37.31 55.08
N ASN WA 30 93.44 37.56 53.83
CA ASN WA 30 94.84 37.86 53.52
C ASN WA 30 95.73 36.62 53.53
N ILE WA 31 95.14 35.50 53.12
CA ILE WA 31 95.86 34.24 52.97
C ILE WA 31 95.95 33.97 51.47
N ASN WA 32 97.10 33.42 51.03
CA ASN WA 32 97.23 32.94 49.66
C ASN WA 32 97.30 31.42 49.58
N SER WA 33 96.78 30.85 48.50
CA SER WA 33 96.81 29.40 48.31
C SER WA 33 97.19 29.00 46.88
N LEU WA 34 97.84 27.85 46.75
CA LEU WA 34 98.09 27.26 45.44
C LEU WA 34 97.93 25.73 45.44
N ALA WA 35 97.68 25.18 44.26
CA ALA WA 35 97.37 23.77 44.13
C ALA WA 35 98.05 23.20 42.89
N VAL WA 36 98.54 21.97 42.99
CA VAL WA 36 99.26 21.34 41.89
C VAL WA 36 98.86 19.87 41.65
N ARG WA 37 99.14 19.40 40.44
CA ARG WA 37 98.94 18.01 40.07
C ARG WA 37 100.29 17.26 40.04
N GLY WA 38 100.28 16.01 40.50
CA GLY WA 38 101.47 15.17 40.42
C GLY WA 38 101.26 14.07 39.39
N LYS WA 39 102.12 13.06 39.36
CA LYS WA 39 101.88 11.96 38.42
C LYS WA 39 100.64 11.22 38.92
N ASP WA 40 100.50 11.17 40.25
CA ASP WA 40 99.33 10.58 40.89
C ASP WA 40 99.09 11.11 42.31
N CYS WA 41 99.15 12.43 42.47
CA CYS WA 41 98.78 13.11 43.71
C CYS WA 41 98.29 14.53 43.41
N THR WA 42 97.73 15.18 44.42
CA THR WA 42 97.36 16.59 44.31
C THR WA 42 97.70 17.28 45.61
N VAL WA 43 98.15 18.54 45.51
CA VAL WA 43 98.65 19.24 46.70
C VAL WA 43 98.09 20.64 46.80
N VAL WA 44 97.69 21.02 48.01
CA VAL WA 44 97.26 22.40 48.29
C VAL WA 44 98.01 22.96 49.48
N ILE WA 45 98.68 24.08 49.23
CA ILE WA 45 99.38 24.85 50.26
C ILE WA 45 98.56 26.09 50.50
N SER WA 46 98.29 26.39 51.77
CA SER WA 46 97.69 27.66 52.15
C SER WA 46 98.53 28.29 53.24
N GLN WA 47 98.41 29.59 53.43
CA GLN WA 47 99.11 30.23 54.54
C GLN WA 47 98.29 30.11 55.82
N LYS WA 48 98.99 30.09 56.93
CA LYS WA 48 98.38 30.06 58.24
C LYS WA 48 98.86 31.35 58.90
N LYS WA 49 97.92 32.18 59.31
CA LYS WA 49 98.30 33.38 60.02
C LYS WA 49 97.62 33.44 61.37
N VAL WA 50 98.45 33.27 62.39
CA VAL WA 50 98.01 33.28 63.77
C VAL WA 50 98.66 34.45 64.50
N PRO WA 51 97.96 35.61 64.52
CA PRO WA 51 98.45 36.85 65.12
C PRO WA 51 98.24 36.84 66.64
N ASP WA 52 97.03 36.48 67.08
CA ASP WA 52 96.69 36.44 68.51
C ASP WA 52 97.46 35.30 69.20
N LYS WA 53 98.24 35.63 70.24
CA LYS WA 53 99.01 34.62 70.96
C LYS WA 53 98.07 33.73 71.77
N LEU WA 54 96.85 34.22 71.95
CA LEU WA 54 95.79 33.52 72.67
C LEU WA 54 95.14 32.41 71.84
N LEU WA 55 95.42 32.39 70.54
CA LEU WA 55 94.85 31.37 69.67
C LEU WA 55 95.47 29.98 69.87
N ASP WA 56 94.78 28.98 69.35
CA ASP WA 56 95.26 27.61 69.34
C ASP WA 56 95.33 27.20 67.87
N PRO WA 57 96.53 27.30 67.27
CA PRO WA 57 96.85 27.05 65.85
C PRO WA 57 96.17 25.82 65.29
N THR WA 58 95.97 24.82 66.14
CA THR WA 58 95.38 23.56 65.74
C THR WA 58 93.92 23.73 65.29
N THR WA 59 93.28 24.81 65.76
CA THR WA 59 91.86 25.06 65.44
C THR WA 59 91.72 26.02 64.27
N VAL WA 60 92.85 26.57 63.83
CA VAL WA 60 92.87 27.56 62.76
C VAL WA 60 93.21 26.88 61.43
N SER WA 61 92.18 26.69 60.62
CA SER WA 61 92.29 25.90 59.39
C SER WA 61 91.36 26.45 58.32
N TYR WA 62 91.93 26.71 57.14
CA TYR WA 62 91.11 27.08 55.98
C TYR WA 62 91.05 25.88 54.98
N ILE WA 63 91.66 24.77 55.40
CA ILE WA 63 91.64 23.50 54.67
C ILE WA 63 90.62 22.54 55.29
N PHE WA 64 89.60 22.16 54.51
CA PHE WA 64 88.57 21.23 54.98
C PHE WA 64 88.62 19.85 54.32
N CYS WA 65 88.43 18.78 55.11
CA CYS WA 65 88.32 17.41 54.56
C CYS WA 65 86.85 17.11 54.25
N ILE WA 66 86.50 17.03 52.97
CA ILE WA 66 85.09 16.92 52.58
C ILE WA 66 84.61 15.46 52.51
N SER WA 67 85.52 14.58 52.10
CA SER WA 67 85.21 13.17 52.06
C SER WA 67 86.50 12.38 52.23
N ARG WA 68 86.41 11.06 52.05
CA ARG WA 68 87.60 10.23 52.10
C ARG WA 68 88.52 10.72 51.01
N THR WA 69 87.93 11.02 49.85
CA THR WA 69 88.69 11.27 48.62
C THR WA 69 88.98 12.73 48.31
N ILE WA 70 88.06 13.61 48.73
CA ILE WA 70 88.00 15.03 48.31
C ILE WA 70 88.39 16.07 49.39
N GLY WA 71 89.33 16.95 49.03
CA GLY WA 71 89.73 18.04 49.89
C GLY WA 71 89.31 19.40 49.33
N MET WA 72 89.11 20.37 50.22
CA MET WA 72 88.72 21.73 49.81
C MET WA 72 89.43 22.78 50.64
N VAL WA 73 89.95 23.80 49.96
CA VAL WA 73 90.57 24.94 50.62
C VAL WA 73 89.90 26.26 50.21
N VAL WA 74 89.56 27.06 51.21
CA VAL WA 74 88.79 28.27 50.98
C VAL WA 74 89.61 29.54 51.17
N ASN WA 75 89.41 30.50 50.28
CA ASN WA 75 89.90 31.84 50.54
C ASN WA 75 88.68 32.67 50.87
N GLY WA 76 88.60 33.15 52.10
CA GLY WA 76 87.46 33.95 52.48
C GLY WA 76 87.22 33.91 53.96
N PRO WA 77 86.34 34.79 54.48
CA PRO WA 77 86.05 34.91 55.91
C PRO WA 77 85.75 33.53 56.43
N ILE WA 78 86.16 33.20 57.65
CA ILE WA 78 85.92 31.83 58.10
C ILE WA 78 84.44 31.43 58.11
N PRO WA 79 83.54 32.32 58.59
CA PRO WA 79 82.13 31.94 58.67
C PRO WA 79 81.60 31.40 57.36
N ASP WA 80 81.84 32.10 56.26
CA ASP WA 80 81.33 31.64 54.98
C ASP WA 80 82.01 30.36 54.52
N ALA WA 81 83.29 30.21 54.84
CA ALA WA 81 84.00 28.99 54.45
C ALA WA 81 83.30 27.75 55.02
N ARG WA 82 83.02 27.78 56.32
CA ARG WA 82 82.33 26.69 57.01
C ARG WA 82 80.94 26.44 56.49
N ASN WA 83 80.19 27.50 56.21
CA ASN WA 83 78.88 27.36 55.60
C ASN WA 83 78.93 26.53 54.31
N ALA WA 84 80.01 26.71 53.55
CA ALA WA 84 80.18 26.04 52.28
C ALA WA 84 80.69 24.62 52.49
N ALA WA 85 81.70 24.48 53.35
CA ALA WA 85 82.28 23.17 53.64
C ALA WA 85 81.23 22.22 54.21
N LEU WA 86 80.47 22.68 55.21
CA LEU WA 86 79.41 21.87 55.79
C LEU WA 86 78.42 21.42 54.71
N ARG WA 87 78.06 22.31 53.80
CA ARG WA 87 77.13 21.96 52.72
C ARG WA 87 77.73 20.99 51.72
N ALA WA 88 79.05 21.01 51.55
CA ALA WA 88 79.68 20.11 50.59
C ALA WA 88 79.90 18.75 51.22
N LYS WA 89 80.31 18.75 52.49
CA LYS WA 89 80.50 17.51 53.25
C LYS WA 89 79.21 16.69 53.23
N ALA WA 90 78.09 17.34 52.90
CA ALA WA 90 76.77 16.71 52.99
C ALA WA 90 76.17 16.45 51.62
N GLU WA 91 76.71 17.13 50.60
CA GLU WA 91 76.23 16.93 49.25
C GLU WA 91 76.94 15.72 48.69
N ALA WA 92 78.03 15.35 49.35
CA ALA WA 92 78.94 14.32 48.87
C ALA WA 92 78.71 13.03 49.60
N ALA WA 93 78.11 13.15 50.79
CA ALA WA 93 77.66 12.03 51.56
C ALA WA 93 76.35 11.58 50.93
N GLU WA 94 75.50 12.56 50.61
CA GLU WA 94 74.26 12.23 49.95
C GLU WA 94 74.53 11.62 48.58
N PHE WA 95 75.56 12.11 47.90
CA PHE WA 95 75.82 11.60 46.55
C PHE WA 95 76.20 10.12 46.61
N ARG WA 96 77.05 9.78 47.56
CA ARG WA 96 77.50 8.40 47.71
C ARG WA 96 76.33 7.48 47.98
N TYR WA 97 75.42 7.94 48.84
CA TYR WA 97 74.28 7.13 49.26
C TYR WA 97 73.27 6.91 48.14
N LYS WA 98 72.93 7.97 47.41
CA LYS WA 98 71.89 7.89 46.40
C LYS WA 98 72.35 7.09 45.17
N TYR WA 99 73.62 7.27 44.81
CA TYR WA 99 74.14 6.87 43.50
C TYR WA 99 75.17 5.74 43.50
N GLY WA 100 75.69 5.40 44.67
CA GLY WA 100 76.49 4.18 44.81
C GLY WA 100 77.99 4.26 44.62
N TYR WA 101 78.49 5.38 44.12
CA TYR WA 101 79.94 5.57 44.07
C TYR WA 101 80.37 6.82 44.87
N ASP WA 102 81.64 6.88 45.28
CA ASP WA 102 82.15 8.04 45.97
C ASP WA 102 81.88 9.26 45.09
N MET WA 103 81.68 10.44 45.67
CA MET WA 103 81.46 11.66 44.86
C MET WA 103 82.77 12.24 44.27
N PRO WA 104 82.80 12.37 42.94
CA PRO WA 104 83.95 12.82 42.15
C PRO WA 104 84.19 14.33 42.26
N CYS WA 105 85.46 14.73 42.26
CA CYS WA 105 85.82 16.12 42.46
C CYS WA 105 85.07 17.10 41.56
N ASP WA 106 85.04 16.85 40.26
CA ASP WA 106 84.44 17.83 39.35
C ASP WA 106 82.93 17.92 39.48
N VAL WA 107 82.30 16.86 39.99
CA VAL WA 107 80.84 16.88 40.16
C VAL WA 107 80.48 17.71 41.39
N LEU WA 108 81.23 17.53 42.47
CA LEU WA 108 81.01 18.35 43.66
C LEU WA 108 81.15 19.83 43.32
N ALA WA 109 82.13 20.16 42.47
CA ALA WA 109 82.35 21.55 42.08
C ALA WA 109 81.19 22.11 41.25
N LYS WA 110 80.76 21.37 40.24
CA LYS WA 110 79.61 21.78 39.45
C LYS WA 110 78.41 22.01 40.38
N ARG WA 111 78.31 21.22 41.44
CA ARG WA 111 77.14 21.31 42.30
C ARG WA 111 77.19 22.48 43.29
N MET WA 112 78.40 22.88 43.69
CA MET WA 112 78.54 24.07 44.54
C MET WA 112 78.54 25.36 43.70
N ALA WA 113 78.94 25.24 42.43
CA ALA WA 113 78.90 26.37 41.50
C ALA WA 113 77.47 26.62 41.07
N ASN WA 114 76.72 25.55 40.83
CA ASN WA 114 75.29 25.66 40.61
C ASN WA 114 74.64 26.38 41.80
N LEU WA 115 74.96 25.93 43.00
CA LEU WA 115 74.50 26.61 44.22
C LEU WA 115 74.93 28.07 44.20
N SER WA 116 76.24 28.31 44.08
CA SER WA 116 76.78 29.68 44.07
C SER WA 116 76.04 30.54 43.05
N GLN WA 117 75.45 29.88 42.05
CA GLN WA 117 74.70 30.55 40.98
C GLN WA 117 73.34 31.02 41.43
N ILE WA 118 72.63 30.21 42.21
CA ILE WA 118 71.29 30.61 42.67
C ILE WA 118 71.37 31.90 43.46
N TYR WA 119 72.39 32.00 44.32
CA TYR WA 119 72.62 33.20 45.11
C TYR WA 119 72.72 34.42 44.19
N THR WA 120 73.20 34.14 42.97
CA THR WA 120 73.52 35.09 41.90
C THR WA 120 72.29 35.54 41.11
N GLN WA 121 71.16 34.93 41.41
CA GLN WA 121 69.94 35.14 40.62
C GLN WA 121 68.69 35.31 41.50
N ARG WA 122 68.82 35.06 42.80
CA ARG WA 122 67.74 35.30 43.75
C ARG WA 122 67.97 36.55 44.64
N ALA WA 123 66.92 37.34 44.74
CA ALA WA 123 66.99 38.63 45.41
C ALA WA 123 67.49 38.45 46.82
N TYR WA 124 66.84 37.54 47.55
CA TYR WA 124 66.91 37.50 49.02
C TYR WA 124 68.14 36.82 49.62
N MET WA 125 68.74 35.88 48.90
CA MET WA 125 70.01 35.31 49.35
C MET WA 125 71.27 35.95 48.73
N ARG WA 126 72.29 36.05 49.57
CA ARG WA 126 73.56 36.63 49.19
C ARG WA 126 74.57 35.54 48.88
N PRO WA 127 75.48 35.81 47.91
CA PRO WA 127 76.53 34.85 47.57
C PRO WA 127 77.46 34.76 48.74
N LEU WA 128 78.39 33.82 48.72
CA LEU WA 128 79.33 33.76 49.81
C LEU WA 128 80.64 34.37 49.35
N GLY WA 129 81.34 35.00 50.27
CA GLY WA 129 82.61 35.63 49.96
C GLY WA 129 83.75 34.63 49.98
N VAL WA 130 83.60 33.55 49.23
CA VAL WA 130 84.58 32.48 49.25
C VAL WA 130 84.90 31.99 47.86
N ILE WA 131 86.14 31.55 47.71
CA ILE WA 131 86.55 30.84 46.52
C ILE WA 131 87.05 29.46 46.92
N LEU WA 132 86.24 28.48 46.56
CA LEU WA 132 86.43 27.11 46.94
C LEU WA 132 87.32 26.44 45.91
N THR WA 133 88.49 26.01 46.36
CA THR WA 133 89.40 25.22 45.56
C THR WA 133 89.26 23.72 45.93
N PHE WA 134 88.72 22.92 45.03
CA PHE WA 134 88.52 21.49 45.30
C PHE WA 134 89.65 20.64 44.71
N VAL WA 135 90.15 19.70 45.50
CA VAL WA 135 91.16 18.76 45.01
C VAL WA 135 90.79 17.31 45.32
N SER WA 136 91.32 16.40 44.51
CA SER WA 136 91.20 14.96 44.76
C SER WA 136 92.09 14.21 43.79
N VAL WA 137 92.03 12.89 43.88
CA VAL WA 137 92.68 12.02 42.90
C VAL WA 137 91.62 11.13 42.24
N ASP WA 138 90.60 11.79 41.66
CA ASP WA 138 89.39 11.12 41.19
C ASP WA 138 89.65 9.86 40.37
N GLU WA 139 88.85 8.81 40.61
CA GLU WA 139 89.12 7.49 40.05
C GLU WA 139 89.09 7.39 38.51
N GLU WA 140 88.40 8.33 37.87
CA GLU WA 140 88.35 8.36 36.42
C GLU WA 140 89.31 9.41 35.77
N LEU WA 141 89.43 10.61 36.36
CA LEU WA 141 90.18 11.70 35.71
C LEU WA 141 91.64 11.87 36.13
N GLY WA 142 91.99 11.31 37.28
CA GLY WA 142 93.35 11.41 37.79
C GLY WA 142 93.39 12.49 38.84
N PRO WA 143 94.57 13.10 39.06
CA PRO WA 143 94.60 14.27 39.92
C PRO WA 143 93.69 15.37 39.40
N SER WA 144 92.81 15.87 40.27
CA SER WA 144 91.85 16.89 39.88
C SER WA 144 92.03 18.17 40.71
N ILE WA 145 91.84 19.32 40.08
CA ILE WA 145 91.79 20.60 40.78
C ILE WA 145 90.71 21.45 40.14
N TYR WA 146 89.60 21.66 40.86
CA TYR WA 146 88.46 22.42 40.36
C TYR WA 146 88.06 23.54 41.32
N LYS WA 147 87.94 24.77 40.81
CA LYS WA 147 87.68 25.96 41.62
C LYS WA 147 86.34 26.62 41.26
N THR WA 148 85.54 26.95 42.27
CA THR WA 148 84.29 27.65 42.03
C THR WA 148 84.36 29.00 42.71
N ASP WA 149 83.64 29.98 42.16
CA ASP WA 149 83.68 31.33 42.70
C ASP WA 149 82.26 31.90 42.89
N PRO WA 150 82.16 33.03 43.62
CA PRO WA 150 80.86 33.62 43.95
C PRO WA 150 80.01 33.90 42.72
N ALA WA 151 80.63 33.86 41.54
CA ALA WA 151 79.98 34.20 40.28
C ALA WA 151 79.11 33.06 39.76
N GLY WA 152 79.49 31.84 40.17
CA GLY WA 152 78.77 30.64 39.79
C GLY WA 152 79.62 29.84 38.83
N TYR WA 153 80.83 30.35 38.61
CA TYR WA 153 81.75 29.80 37.62
C TYR WA 153 82.57 28.67 38.23
N TYR WA 154 82.83 27.64 37.44
CA TYR WA 154 83.76 26.60 37.83
C TYR WA 154 84.52 26.14 36.60
N VAL WA 155 85.77 25.74 36.80
CA VAL WA 155 86.58 25.18 35.73
C VAL WA 155 87.77 24.46 36.33
N GLY WA 156 88.41 23.60 35.54
CA GLY WA 156 89.47 22.77 36.07
C GLY WA 156 90.84 23.26 35.67
N TYR WA 157 91.76 23.29 36.64
CA TYR WA 157 93.09 23.85 36.45
C TYR WA 157 94.19 22.76 36.46
N LYS WA 158 95.23 22.98 35.64
CA LYS WA 158 96.49 22.22 35.75
C LYS WA 158 97.00 22.47 37.17
N ALA WA 159 97.17 23.75 37.48
CA ALA WA 159 97.42 24.21 38.84
C ALA WA 159 96.70 25.55 38.99
N THR WA 160 96.59 26.05 40.22
CA THR WA 160 95.95 27.35 40.40
C THR WA 160 96.44 28.10 41.66
N ALA WA 161 96.09 29.38 41.75
CA ALA WA 161 96.33 30.16 42.96
C ALA WA 161 95.17 31.12 43.18
N THR WA 162 95.00 31.56 44.42
CA THR WA 162 93.89 32.43 44.80
C THR WA 162 94.24 33.36 45.96
N GLY WA 163 93.61 34.53 45.99
CA GLY WA 163 93.81 35.45 47.08
C GLY WA 163 94.51 36.73 46.67
N PRO WA 164 95.04 37.48 47.64
CA PRO WA 164 95.69 38.79 47.49
C PRO WA 164 96.84 38.85 46.47
N LYS WA 165 97.93 38.12 46.72
CA LYS WA 165 99.04 38.12 45.76
C LYS WA 165 98.84 36.98 44.76
N GLN WA 166 97.58 36.74 44.41
CA GLN WA 166 97.21 35.71 43.45
C GLN WA 166 98.00 35.73 42.15
N GLN WA 167 98.18 36.92 41.56
CA GLN WA 167 98.78 37.01 40.22
C GLN WA 167 100.29 36.85 40.24
N GLU WA 168 100.92 37.15 41.37
CA GLU WA 168 102.37 36.90 41.49
C GLU WA 168 102.64 35.41 41.49
N ILE WA 169 101.80 34.66 42.21
CA ILE WA 169 101.90 33.21 42.31
C ILE WA 169 101.51 32.57 40.99
N THR WA 170 100.41 33.04 40.41
CA THR WA 170 99.90 32.48 39.16
C THR WA 170 100.93 32.60 38.04
N THR WA 171 101.56 33.76 37.91
CA THR WA 171 102.51 34.00 36.82
C THR WA 171 103.82 33.21 37.00
N ASN WA 172 104.11 32.79 38.23
CA ASN WA 172 105.25 31.88 38.46
C ASN WA 172 104.97 30.49 37.90
N LEU WA 173 103.76 29.99 38.15
CA LEU WA 173 103.36 28.66 37.70
C LEU WA 173 103.26 28.61 36.19
N GLU WA 174 102.58 29.61 35.60
CA GLU WA 174 102.47 29.72 34.14
C GLU WA 174 103.84 29.58 33.47
N ASN WA 175 104.88 30.16 34.07
CA ASN WA 175 106.23 30.12 33.50
C ASN WA 175 106.99 28.81 33.80
N HIS WA 176 106.29 27.80 34.29
CA HIS WA 176 106.90 26.51 34.59
C HIS WA 176 106.10 25.39 33.96
N PHE WA 177 105.04 25.75 33.24
CA PHE WA 177 104.27 24.81 32.43
C PHE WA 177 104.33 25.25 30.99
N LYS WA 178 104.91 26.42 30.78
CA LYS WA 178 105.34 26.87 29.46
C LYS WA 178 106.67 26.15 29.22
N LYS WA 179 107.35 25.80 30.31
CA LYS WA 179 108.73 25.26 30.25
C LYS WA 179 108.83 23.72 30.28
N SER WA 180 107.92 23.04 30.99
CA SER WA 180 107.87 21.58 30.93
C SER WA 180 106.76 21.13 29.97
N LYS WA 181 106.06 22.11 29.40
CA LYS WA 181 105.04 21.92 28.37
C LYS WA 181 104.09 20.74 28.60
N ILE WA 182 103.67 20.55 29.84
CA ILE WA 182 102.72 19.49 30.16
C ILE WA 182 101.54 20.01 30.97
N ASP WA 183 100.82 19.08 31.60
CA ASP WA 183 99.66 19.43 32.42
C ASP WA 183 99.86 19.04 33.89
N HIS WA 184 101.10 18.68 34.26
CA HIS WA 184 101.41 18.26 35.65
C HIS WA 184 102.88 18.38 36.08
N ILE WA 185 103.17 17.88 37.29
CA ILE WA 185 104.49 17.90 37.90
C ILE WA 185 105.08 16.49 37.92
N ASN WA 186 105.99 16.18 37.01
CA ASN WA 186 106.49 14.80 36.92
C ASN WA 186 107.37 14.39 38.09
N GLU WA 187 106.74 14.10 39.23
CA GLU WA 187 107.39 13.53 40.40
C GLU WA 187 106.46 12.45 40.98
N GLU WA 188 107.05 11.34 41.44
CA GLU WA 188 106.24 10.19 41.87
C GLU WA 188 105.67 10.34 43.29
N SER WA 189 106.57 10.44 44.28
CA SER WA 189 106.15 10.60 45.68
C SER WA 189 105.56 11.98 45.87
N TRP WA 190 104.47 12.05 46.61
CA TRP WA 190 103.81 13.33 46.85
C TRP WA 190 104.73 14.30 47.62
N GLU WA 191 105.61 13.74 48.44
CA GLU WA 191 106.51 14.55 49.24
C GLU WA 191 107.26 15.58 48.39
N LYS WA 192 107.78 15.13 47.25
CA LYS WA 192 108.54 16.02 46.38
C LYS WA 192 107.64 17.03 45.65
N VAL WA 193 106.36 16.69 45.55
CA VAL WA 193 105.37 17.58 44.94
C VAL WA 193 104.94 18.64 45.95
N VAL WA 194 104.99 18.28 47.22
CA VAL WA 194 104.73 19.23 48.29
C VAL WA 194 105.88 20.20 48.42
N GLU WA 195 107.10 19.68 48.41
CA GLU WA 195 108.29 20.53 48.43
C GLU WA 195 108.25 21.52 47.27
N PHE WA 196 107.94 21.02 46.08
CA PHE WA 196 107.84 21.87 44.89
C PHE WA 196 106.81 22.97 45.04
N ALA WA 197 105.67 22.64 45.65
CA ALA WA 197 104.58 23.60 45.82
C ALA WA 197 104.96 24.68 46.82
N ILE WA 198 105.75 24.31 47.82
CA ILE WA 198 106.25 25.29 48.77
C ILE WA 198 107.34 26.17 48.15
N THR WA 199 108.26 25.51 47.44
CA THR WA 199 109.34 26.21 46.74
C THR WA 199 108.78 27.32 45.84
N HIS WA 200 108.00 26.94 44.83
CA HIS WA 200 107.50 27.92 43.88
C HIS WA 200 106.62 29.00 44.53
N MET WA 201 106.32 28.85 45.83
CA MET WA 201 105.55 29.87 46.56
C MET WA 201 106.46 30.82 47.34
N ILE WA 202 107.49 30.26 47.96
CA ILE WA 202 108.55 31.09 48.52
C ILE WA 202 109.11 32.00 47.42
N ASP WA 203 109.47 31.41 46.29
CA ASP WA 203 109.99 32.15 45.13
C ASP WA 203 109.07 33.32 44.76
N ALA WA 204 107.77 33.06 44.72
CA ALA WA 204 106.80 34.02 44.23
C ALA WA 204 106.39 35.09 45.27
N LEU WA 205 106.54 34.76 46.55
CA LEU WA 205 106.15 35.68 47.62
C LEU WA 205 107.35 36.41 48.23
N GLY WA 206 108.54 35.90 47.99
CA GLY WA 206 109.76 36.54 48.45
C GLY WA 206 109.88 36.57 49.96
N THR WA 207 109.26 35.59 50.62
CA THR WA 207 109.46 35.40 52.06
C THR WA 207 109.58 33.91 52.35
N GLU WA 208 110.36 33.59 53.39
CA GLU WA 208 110.54 32.21 53.82
C GLU WA 208 109.38 31.80 54.71
N PHE WA 209 109.17 30.49 54.86
CA PHE WA 209 108.12 29.95 55.72
C PHE WA 209 108.68 29.06 56.83
N SER WA 210 108.06 29.11 58.01
CA SER WA 210 108.38 28.18 59.08
C SER WA 210 107.25 27.15 59.23
N LYS WA 211 107.47 26.10 60.01
CA LYS WA 211 106.46 25.04 60.16
C LYS WA 211 105.08 25.57 60.61
N ASN WA 212 105.04 26.84 61.01
CA ASN WA 212 103.84 27.46 61.57
C ASN WA 212 103.06 28.39 60.62
N ASP WA 213 103.65 28.72 59.48
CA ASP WA 213 103.04 29.70 58.57
C ASP WA 213 102.37 29.04 57.36
N LEU WA 214 102.34 27.71 57.38
CA LEU WA 214 101.77 26.91 56.31
C LEU WA 214 100.76 25.85 56.77
N GLU WA 215 99.83 25.58 55.86
CA GLU WA 215 98.86 24.54 56.03
C GLU WA 215 98.99 23.72 54.77
N VAL WA 216 99.19 22.42 54.92
CA VAL WA 216 99.29 21.59 53.72
C VAL WA 216 98.23 20.50 53.68
N GLY WA 217 97.58 20.41 52.52
CA GLY WA 217 96.65 19.36 52.24
C GLY WA 217 97.19 18.54 51.09
N VAL WA 218 96.93 17.24 51.15
CA VAL WA 218 97.43 16.31 50.13
C VAL WA 218 96.36 15.28 49.77
N ALA WA 219 96.23 14.98 48.48
CA ALA WA 219 95.34 13.92 48.03
C ALA WA 219 96.09 12.86 47.24
N THR WA 220 96.07 11.63 47.73
CA THR WA 220 96.55 10.47 46.97
C THR WA 220 95.32 9.67 46.60
N LYS WA 221 95.48 8.58 45.86
CA LYS WA 221 94.34 7.71 45.59
C LYS WA 221 93.89 7.09 46.92
N ASP WA 222 92.58 7.06 47.12
CA ASP WA 222 91.99 6.40 48.30
C ASP WA 222 92.11 7.17 49.62
N LYS WA 223 92.79 8.33 49.60
CA LYS WA 223 92.87 9.20 50.80
C LYS WA 223 93.10 10.70 50.49
N PHE WA 224 92.49 11.54 51.31
CA PHE WA 224 92.91 12.94 51.39
C PHE WA 224 93.13 13.26 52.86
N PHE WA 225 94.32 13.75 53.17
CA PHE WA 225 94.74 14.04 54.54
C PHE WA 225 95.49 15.38 54.61
N THR WA 226 95.66 15.89 55.83
CA THR WA 226 96.45 17.11 56.00
C THR WA 226 97.74 16.85 56.79
N LEU WA 227 98.79 17.60 56.44
CA LEU WA 227 100.07 17.43 57.08
C LEU WA 227 100.09 18.13 58.43
N SER WA 228 100.68 17.46 59.41
CA SER WA 228 100.79 17.97 60.77
C SER WA 228 101.85 19.05 60.87
N ALA WA 229 101.97 19.67 62.05
CA ALA WA 229 103.02 20.65 62.28
C ALA WA 229 104.34 20.09 61.77
N GLU WA 230 104.70 18.89 62.23
CA GLU WA 230 105.99 18.29 61.94
C GLU WA 230 106.15 17.76 60.51
N ASN WA 231 105.09 17.16 59.97
CA ASN WA 231 105.11 16.61 58.61
C ASN WA 231 105.53 17.66 57.57
N ILE WA 232 105.42 18.92 57.96
CA ILE WA 232 105.82 20.07 57.14
C ILE WA 232 107.29 20.45 57.39
N GLU WA 233 107.67 20.61 58.65
CA GLU WA 233 109.06 20.91 58.99
C GLU WA 233 110.00 19.98 58.22
N GLU WA 234 109.62 18.71 58.10
CA GLU WA 234 110.40 17.74 57.32
C GLU WA 234 110.52 18.18 55.87
N ARG WA 235 109.40 18.62 55.30
CA ARG WA 235 109.35 19.08 53.93
C ARG WA 235 110.21 20.34 53.72
N LEU WA 236 110.28 21.17 54.76
CA LEU WA 236 111.01 22.44 54.72
C LEU WA 236 112.50 22.20 54.86
N VAL WA 237 112.84 21.29 55.76
CA VAL WA 237 114.21 20.90 55.99
C VAL WA 237 114.84 20.35 54.70
N ALA WA 238 114.05 19.58 53.95
CA ALA WA 238 114.53 19.02 52.68
C ALA WA 238 114.71 20.07 51.56
N ILE WA 239 113.85 21.09 51.53
CA ILE WA 239 114.01 22.21 50.60
C ILE WA 239 115.32 22.95 50.87
N ALA WA 240 115.55 23.26 52.14
CA ALA WA 240 116.70 24.04 52.55
C ALA WA 240 118.04 23.31 52.33
N GLU WA 241 118.01 21.97 52.27
CA GLU WA 241 119.23 21.19 52.05
C GLU WA 241 119.41 20.74 50.60
N GLN WA 242 119.17 21.67 49.67
CA GLN WA 242 119.39 21.46 48.24
C GLN WA 242 119.36 22.83 47.57
N ASP WA 243 118.64 23.76 48.21
CA ASP WA 243 118.53 25.16 47.78
C ASP WA 243 119.36 26.05 48.71
N GLN XA 1 64.49 46.09 32.58
CA GLN XA 1 65.15 45.02 33.37
C GLN XA 1 65.41 43.76 32.57
N ILE XA 2 64.48 43.38 31.71
CA ILE XA 2 64.79 42.35 30.73
C ILE XA 2 65.83 42.98 29.83
N ASP XA 3 65.67 44.28 29.61
CA ASP XA 3 66.52 45.00 28.68
C ASP XA 3 67.96 44.98 29.14
N TYR XA 4 68.17 44.99 30.45
CA TYR XA 4 69.53 45.00 30.98
C TYR XA 4 70.19 43.63 30.83
N ALA XA 5 69.38 42.58 30.80
CA ALA XA 5 69.90 41.23 30.66
C ALA XA 5 70.34 40.97 29.22
N LEU XA 6 69.52 41.40 28.27
CA LEU XA 6 69.88 41.34 26.87
C LEU XA 6 71.22 42.03 26.65
N THR XA 7 71.57 42.95 27.56
CA THR XA 7 72.83 43.70 27.48
C THR XA 7 74.02 42.87 27.96
N ALA XA 8 73.81 42.03 28.97
CA ALA XA 8 74.88 41.13 29.38
C ALA XA 8 75.13 40.16 28.24
N VAL XA 9 74.06 39.85 27.50
CA VAL XA 9 74.14 38.95 26.34
C VAL XA 9 74.92 39.59 25.19
N LYS XA 10 74.68 40.88 24.96
CA LYS XA 10 75.36 41.62 23.90
C LYS XA 10 76.91 41.66 24.04
N GLN XA 11 77.42 41.72 25.26
CA GLN XA 11 78.83 41.41 25.50
C GLN XA 11 78.94 39.94 25.86
N GLY XA 12 80.17 39.44 26.00
CA GLY XA 12 80.33 38.02 26.26
C GLY XA 12 80.41 37.24 24.96
N VAL XA 13 81.20 36.17 24.98
CA VAL XA 13 81.76 35.65 23.75
C VAL XA 13 80.73 35.31 22.69
N THR XA 14 81.10 35.67 21.46
CA THR XA 14 80.31 35.43 20.25
C THR XA 14 79.97 33.97 20.00
N SER XA 15 78.76 33.72 19.51
CA SER XA 15 78.35 32.38 19.12
C SER XA 15 77.34 32.47 17.98
N LEU XA 16 77.19 31.39 17.22
CA LEU XA 16 76.44 31.44 15.98
C LEU XA 16 75.77 30.10 15.65
N GLY XA 17 74.97 30.08 14.59
CA GLY XA 17 74.33 28.87 14.12
C GLY XA 17 73.91 28.99 12.67
N ILE XA 18 74.03 27.90 11.93
CA ILE XA 18 73.65 27.87 10.52
C ILE XA 18 72.91 26.59 10.17
N LYS XA 19 71.69 26.73 9.63
CA LYS XA 19 70.91 25.57 9.17
C LYS XA 19 71.27 25.31 7.71
N ALA XA 20 71.29 24.04 7.33
CA ALA XA 20 71.57 23.64 5.96
C ALA XA 20 70.45 22.74 5.45
N THR XA 21 70.70 22.07 4.34
CA THR XA 21 69.70 21.18 3.76
C THR XA 21 69.75 19.85 4.49
N ASN XA 22 70.95 19.42 4.84
CA ASN XA 22 71.14 18.13 5.49
C ASN XA 22 71.92 18.22 6.80
N GLY XA 23 71.61 19.22 7.61
CA GLY XA 23 72.27 19.36 8.90
C GLY XA 23 72.22 20.77 9.44
N VAL XA 24 72.54 20.91 10.72
CA VAL XA 24 72.64 22.23 11.35
C VAL XA 24 74.02 22.31 12.00
N VAL XA 25 74.52 23.51 12.21
CA VAL XA 25 75.81 23.70 12.88
C VAL XA 25 75.77 24.86 13.87
N ILE XA 26 76.38 24.65 15.05
CA ILE XA 26 76.50 25.70 16.04
C ILE XA 26 77.89 25.73 16.64
N ALA XA 27 78.39 26.94 16.88
CA ALA XA 27 79.74 27.11 17.44
C ALA XA 27 79.92 28.41 18.21
N THR XA 28 80.92 28.41 19.10
CA THR XA 28 81.29 29.58 19.87
C THR XA 28 82.78 29.42 20.12
N GLU XA 29 83.39 30.37 20.80
CA GLU XA 29 84.79 30.24 21.17
C GLU XA 29 84.92 29.89 22.65
N LYS XA 30 86.04 29.26 23.02
CA LYS XA 30 86.29 28.91 24.42
C LYS XA 30 87.35 29.85 24.97
N LYS XA 31 86.92 31.00 25.45
CA LYS XA 31 87.87 31.96 25.96
C LYS XA 31 88.39 31.47 27.29
N SER XA 32 89.69 31.20 27.34
CA SER XA 32 90.31 30.69 28.54
C SER XA 32 90.53 31.81 29.55
N SER XA 33 89.88 31.70 30.70
CA SER XA 33 90.03 32.66 31.79
C SER XA 33 91.45 32.58 32.38
N SER XA 34 92.33 31.90 31.66
CA SER XA 34 93.69 31.64 32.12
C SER XA 34 94.29 30.54 31.24
N PRO XA 35 95.63 30.48 31.17
CA PRO XA 35 96.32 29.38 30.48
C PRO XA 35 96.48 28.20 31.42
N LEU XA 36 96.48 28.49 32.71
CA LEU XA 36 96.54 27.45 33.74
C LEU XA 36 95.31 26.53 33.67
N ALA XA 37 94.15 27.11 33.39
CA ALA XA 37 92.92 26.34 33.24
C ALA XA 37 92.96 25.42 32.00
N MET XA 38 92.42 24.21 32.17
CA MET XA 38 92.27 23.24 31.09
C MET XA 38 90.89 23.45 30.50
N SER XA 39 90.83 23.96 29.27
CA SER XA 39 89.57 24.43 28.71
C SER XA 39 88.64 23.29 28.27
N GLU XA 40 89.14 22.06 28.29
CA GLU XA 40 88.32 20.90 27.96
C GLU XA 40 87.32 20.52 29.08
N THR XA 41 87.51 21.09 30.27
CA THR XA 41 86.65 20.79 31.43
C THR XA 41 85.37 21.63 31.44
N LEU XA 42 85.26 22.54 30.48
CA LEU XA 42 84.04 23.31 30.36
C LEU XA 42 83.52 23.19 28.93
N SER XA 43 82.23 22.91 28.80
CA SER XA 43 81.62 22.78 27.49
C SER XA 43 80.58 23.89 27.26
N LYS XA 44 80.84 24.73 26.25
CA LYS XA 44 79.90 25.78 25.84
C LYS XA 44 78.86 25.22 24.87
N VAL XA 45 79.15 24.07 24.29
CA VAL XA 45 78.19 23.39 23.42
C VAL XA 45 77.71 22.07 24.06
N SER XA 46 76.47 22.07 24.51
CA SER XA 46 75.97 20.98 25.34
C SER XA 46 74.87 20.19 24.64
N LEU XA 47 74.82 18.89 24.90
CA LEU XA 47 73.78 18.04 24.34
C LEU XA 47 72.53 18.09 25.22
N LEU XA 48 71.37 18.27 24.61
CA LEU XA 48 70.10 18.27 25.35
C LEU XA 48 69.35 16.94 25.15
N THR XA 49 69.17 16.56 23.88
CA THR XA 49 68.71 15.22 23.51
C THR XA 49 69.62 14.72 22.37
N PRO XA 50 69.61 13.41 22.07
CA PRO XA 50 70.58 12.98 21.05
C PRO XA 50 70.25 13.54 19.66
N ASP XA 51 69.18 14.33 19.57
CA ASP XA 51 68.79 14.98 18.32
C ASP XA 51 68.91 16.52 18.42
N ILE XA 52 69.31 17.03 19.59
CA ILE XA 52 69.27 18.45 19.89
C ILE XA 52 70.42 18.97 20.77
N GLY XA 53 71.11 20.00 20.30
CA GLY XA 53 72.18 20.64 21.07
C GLY XA 53 71.97 22.13 21.25
N ALA XA 54 72.84 22.77 22.03
CA ALA XA 54 72.67 24.19 22.33
C ALA XA 54 73.97 24.88 22.64
N VAL XA 55 74.01 26.16 22.29
CA VAL XA 55 75.16 27.02 22.57
C VAL XA 55 74.63 28.37 23.06
N TYR XA 56 75.49 29.16 23.69
CA TYR XA 56 75.04 30.39 24.31
C TYR XA 56 76.02 31.52 24.15
N SER XA 57 75.59 32.68 24.63
CA SER XA 57 76.43 33.85 24.70
C SER XA 57 76.07 34.59 25.96
N GLY XA 58 77.06 34.86 26.79
CA GLY XA 58 76.81 35.62 27.99
C GLY XA 58 77.35 35.02 29.26
N MET XA 59 76.46 34.94 30.25
CA MET XA 59 76.82 34.48 31.58
C MET XA 59 76.96 32.95 31.69
N GLY XA 60 78.21 32.49 31.80
CA GLY XA 60 78.53 31.07 31.93
C GLY XA 60 77.57 30.25 32.78
N PRO XA 61 77.55 30.50 34.10
CA PRO XA 61 76.71 29.78 35.06
C PRO XA 61 75.24 29.72 34.67
N ASP XA 62 74.67 30.83 34.25
CA ASP XA 62 73.25 30.85 33.91
C ASP XA 62 72.97 29.88 32.79
N TYR XA 63 73.97 29.62 31.96
CA TYR XA 63 73.84 28.65 30.89
C TYR XA 63 73.85 27.23 31.47
N ARG XA 64 74.83 26.92 32.30
CA ARG XA 64 74.93 25.58 32.90
C ARG XA 64 73.61 25.14 33.52
N VAL XA 65 73.07 25.94 34.44
CA VAL XA 65 71.88 25.54 35.19
C VAL XA 65 70.65 25.59 34.30
N LEU XA 66 70.82 26.16 33.12
CA LEU XA 66 69.75 26.19 32.14
C LEU XA 66 69.83 24.94 31.24
N VAL XA 67 71.05 24.48 31.00
CA VAL XA 67 71.27 23.26 30.23
C VAL XA 67 70.77 22.07 31.06
N ASP XA 68 71.02 22.11 32.35
CA ASP XA 68 70.57 21.07 33.26
C ASP XA 68 69.04 21.09 33.34
N LYS XA 69 68.47 22.22 33.77
CA LYS XA 69 67.03 22.32 33.91
C LYS XA 69 66.37 21.89 32.62
N SER XA 70 67.11 22.01 31.53
CA SER XA 70 66.59 21.80 30.17
C SER XA 70 66.57 20.37 29.74
N ARG XA 71 67.65 19.64 30.05
CA ARG XA 71 67.67 18.20 29.82
C ARG XA 71 66.54 17.55 30.59
N LYS XA 72 66.47 17.83 31.89
CA LYS XA 72 65.40 17.28 32.73
C LYS XA 72 63.99 17.52 32.14
N VAL XA 73 63.65 18.77 31.84
CA VAL XA 73 62.33 19.08 31.29
C VAL XA 73 62.03 18.28 30.00
N ALA XA 74 63.07 17.80 29.31
CA ALA XA 74 62.88 17.00 28.11
C ALA XA 74 62.27 15.66 28.46
N HIS XA 75 62.67 15.11 29.59
CA HIS XA 75 62.11 13.86 30.10
C HIS XA 75 60.78 14.10 30.81
N THR XA 76 60.80 14.87 31.90
CA THR XA 76 59.63 15.10 32.74
C THR XA 76 58.35 15.49 32.00
N SER XA 77 58.49 16.15 30.85
CA SER XA 77 57.33 16.72 30.17
C SER XA 77 57.05 16.13 28.80
N TYR XA 78 57.94 15.25 28.33
CA TYR XA 78 57.76 14.58 27.03
C TYR XA 78 58.13 13.08 27.06
N LYS XA 79 59.42 12.76 27.22
CA LYS XA 79 59.86 11.36 27.12
C LYS XA 79 59.07 10.40 28.02
N ARG XA 80 58.80 10.83 29.25
CA ARG XA 80 58.11 9.95 30.21
C ARG XA 80 56.62 9.75 29.89
N ILE XA 81 56.09 10.51 28.94
CA ILE XA 81 54.69 10.37 28.55
C ILE XA 81 54.56 9.67 27.20
N TYR XA 82 55.29 10.14 26.20
CA TYR XA 82 55.11 9.63 24.83
C TYR XA 82 56.19 8.68 24.33
N GLY XA 83 57.14 8.33 25.19
CA GLY XA 83 58.17 7.36 24.80
C GLY XA 83 59.18 7.86 23.78
N GLU XA 84 58.88 8.96 23.11
CA GLU XA 84 59.81 9.60 22.18
C GLU XA 84 60.60 10.72 22.89
N TYR XA 85 61.55 11.32 22.19
CA TYR XA 85 62.16 12.55 22.68
C TYR XA 85 61.40 13.71 22.06
N PRO XA 86 61.57 14.91 22.61
CA PRO XA 86 60.77 16.03 22.12
C PRO XA 86 61.32 16.54 20.80
N PRO XA 87 60.48 17.22 20.01
CA PRO XA 87 60.86 17.88 18.75
C PRO XA 87 61.48 19.24 19.04
N THR XA 88 62.41 19.68 18.19
CA THR XA 88 63.09 20.94 18.44
C THR XA 88 62.11 22.03 18.86
N LYS XA 89 61.12 22.32 17.99
CA LYS XA 89 60.14 23.37 18.27
C LYS XA 89 59.65 23.38 19.72
N LEU XA 90 59.32 22.20 20.23
CA LEU XA 90 58.64 22.10 21.53
C LEU XA 90 59.57 22.13 22.72
N LEU XA 91 60.74 21.52 22.60
CA LEU XA 91 61.71 21.57 23.68
C LEU XA 91 62.13 23.01 23.86
N VAL XA 92 62.28 23.71 22.74
CA VAL XA 92 62.56 25.14 22.75
C VAL XA 92 61.45 25.90 23.48
N SER XA 93 60.20 25.65 23.09
CA SER XA 93 59.05 26.22 23.80
C SER XA 93 59.20 26.07 25.33
N GLU XA 94 59.54 24.86 25.78
CA GLU XA 94 59.62 24.52 27.22
C GLU XA 94 60.78 25.21 27.94
N VAL XA 95 61.76 25.69 27.19
CA VAL XA 95 62.88 26.43 27.74
C VAL XA 95 62.51 27.91 27.81
N ALA XA 96 61.96 28.46 26.73
CA ALA XA 96 61.41 29.81 26.76
C ALA XA 96 60.43 29.98 27.90
N LYS XA 97 59.55 29.00 28.09
CA LYS XA 97 58.61 29.02 29.21
C LYS XA 97 59.37 29.08 30.54
N ILE XA 98 60.54 28.45 30.59
CA ILE XA 98 61.37 28.43 31.80
C ILE XA 98 62.01 29.78 32.14
N MET XA 99 62.44 30.49 31.09
CA MET XA 99 63.12 31.77 31.21
C MET XA 99 62.12 32.89 31.35
N GLN XA 100 60.98 32.72 30.69
CA GLN XA 100 59.89 33.69 30.69
C GLN XA 100 59.29 33.77 32.08
N GLU XA 101 59.56 32.75 32.89
CA GLU XA 101 58.97 32.70 34.22
C GLU XA 101 59.93 33.34 35.23
N ALA XA 102 61.22 33.32 34.91
CA ALA XA 102 62.21 34.03 35.72
C ALA XA 102 62.01 35.53 35.54
N THR XA 103 61.42 35.89 34.41
CA THR XA 103 61.08 37.25 34.12
C THR XA 103 59.92 37.67 35.02
N GLN XA 104 58.74 37.15 34.70
CA GLN XA 104 57.48 37.53 35.32
C GLN XA 104 57.34 37.05 36.78
N SER XA 105 58.38 36.44 37.33
CA SER XA 105 58.34 36.04 38.73
C SER XA 105 59.09 37.03 39.62
N GLY XA 106 58.62 37.14 40.86
CA GLY XA 106 59.18 38.13 41.77
C GLY XA 106 60.35 37.53 42.51
N GLY XA 107 61.32 38.38 42.87
CA GLY XA 107 62.46 37.94 43.64
C GLY XA 107 63.55 37.26 42.84
N VAL XA 108 63.39 37.25 41.51
CA VAL XA 108 64.41 36.68 40.62
C VAL XA 108 64.62 37.49 39.35
N ARG XA 109 65.89 37.58 38.97
CA ARG XA 109 66.32 38.24 37.74
C ARG XA 109 66.26 37.25 36.59
N PRO XA 110 66.06 37.75 35.36
CA PRO XA 110 66.05 36.86 34.19
C PRO XA 110 67.45 36.31 33.95
N PHE XA 111 67.59 35.41 32.99
CA PHE XA 111 68.88 34.82 32.73
C PHE XA 111 69.73 35.73 31.84
N GLY XA 112 71.04 35.70 32.06
CA GLY XA 112 71.95 36.51 31.29
C GLY XA 112 72.51 35.79 30.08
N VAL XA 113 71.62 35.17 29.31
CA VAL XA 113 72.05 34.40 28.15
C VAL XA 113 71.00 34.40 27.05
N SER XA 114 71.50 34.45 25.83
CA SER XA 114 70.69 34.08 24.70
C SER XA 114 71.19 32.73 24.28
N LEU XA 115 70.26 31.85 23.92
CA LEU XA 115 70.57 30.49 23.54
C LEU XA 115 70.34 30.26 22.05
N LEU XA 116 71.21 29.46 21.46
CA LEU XA 116 70.96 28.92 20.14
C LEU XA 116 70.79 27.40 20.27
N ILE XA 117 69.58 26.93 19.98
CA ILE XA 117 69.23 25.54 20.10
C ILE XA 117 69.01 24.97 18.71
N ALA XA 118 69.72 23.90 18.38
CA ALA XA 118 69.69 23.33 17.04
C ALA XA 118 69.28 21.87 17.13
N GLY XA 119 68.51 21.39 16.15
CA GLY XA 119 68.07 20.01 16.21
C GLY XA 119 67.19 19.48 15.11
N HIS XA 120 66.94 18.18 15.18
CA HIS XA 120 66.18 17.47 14.16
C HIS XA 120 65.12 16.54 14.73
N ASP XA 121 63.87 16.79 14.38
CA ASP XA 121 62.77 15.90 14.75
C ASP XA 121 62.18 15.25 13.49
N GLU XA 122 61.66 14.03 13.61
CA GLU XA 122 61.29 13.26 12.41
C GLU XA 122 60.32 14.00 11.49
N PHE XA 123 59.42 14.79 12.05
CA PHE XA 123 58.35 15.41 11.26
C PHE XA 123 58.63 16.85 10.77
N ASN XA 124 59.33 17.64 11.58
CA ASN XA 124 59.62 19.04 11.26
C ASN XA 124 60.99 19.23 10.59
N GLY XA 125 61.72 18.11 10.47
CA GLY XA 125 63.04 18.10 9.87
C GLY XA 125 64.08 18.88 10.65
N PHE XA 126 64.94 19.60 9.96
CA PHE XA 126 65.89 20.43 10.66
C PHE XA 126 65.30 21.79 10.98
N SER XA 127 65.87 22.42 12.00
CA SER XA 127 65.45 23.74 12.42
C SER XA 127 66.46 24.27 13.41
N LEU XA 128 66.57 25.59 13.48
CA LEU XA 128 67.47 26.28 14.41
C LEU XA 128 66.74 27.45 15.06
N TYR XA 129 66.77 27.50 16.39
CA TYR XA 129 66.00 28.49 17.16
C TYR XA 129 66.90 29.41 18.01
N GLN XA 130 66.43 30.64 18.23
CA GLN XA 130 67.06 31.52 19.20
C GLN XA 130 66.12 31.77 20.37
N VAL XA 131 66.66 31.77 21.58
CA VAL XA 131 65.85 32.05 22.76
C VAL XA 131 66.50 33.16 23.54
N ASP XA 132 65.72 34.20 23.82
CA ASP XA 132 66.21 35.39 24.50
C ASP XA 132 65.81 35.35 25.96
N PRO XA 133 66.46 36.18 26.79
CA PRO XA 133 66.11 36.37 28.20
C PRO XA 133 64.64 36.69 28.38
N SER XA 134 64.08 37.43 27.43
CA SER XA 134 62.68 37.83 27.49
C SER XA 134 61.71 36.65 27.47
N GLY XA 135 62.22 35.47 27.12
CA GLY XA 135 61.37 34.31 26.93
C GLY XA 135 60.77 34.22 25.54
N SER XA 136 61.04 35.22 24.71
CA SER XA 136 60.64 35.16 23.32
C SER XA 136 61.59 34.21 22.61
N TYR XA 137 61.13 33.65 21.49
CA TYR XA 137 61.98 32.76 20.68
C TYR XA 137 61.62 32.82 19.22
N PHE XA 138 62.65 32.74 18.37
CA PHE XA 138 62.50 32.93 16.94
C PHE XA 138 63.26 31.86 16.16
N PRO XA 139 62.74 31.47 14.98
CA PRO XA 139 63.32 30.46 14.12
C PRO XA 139 64.29 31.08 13.13
N TRP XA 140 65.49 30.55 12.99
CA TRP XA 140 66.50 31.16 12.12
C TRP XA 140 67.03 30.20 11.06
N LYS XA 141 67.28 30.74 9.86
CA LYS XA 141 68.08 30.08 8.82
C LYS XA 141 69.56 30.17 9.23
N ALA XA 142 69.92 31.27 9.87
CA ALA XA 142 71.25 31.46 10.45
C ALA XA 142 71.34 32.81 11.17
N THR XA 143 72.09 32.86 12.27
CA THR XA 143 72.29 34.12 12.99
C THR XA 143 73.47 34.02 13.93
N ALA XA 144 73.78 35.14 14.59
CA ALA XA 144 74.81 35.16 15.62
C ALA XA 144 74.37 36.07 16.76
N ILE XA 145 74.97 35.87 17.92
CA ILE XA 145 74.63 36.60 19.11
C ILE XA 145 75.92 36.92 19.82
N GLY XA 146 75.93 37.98 20.63
CA GLY XA 146 77.13 38.35 21.36
C GLY XA 146 77.81 39.55 20.73
N LYS XA 147 79.08 39.75 21.06
CA LYS XA 147 79.83 40.90 20.59
C LYS XA 147 79.91 40.94 19.06
N GLY XA 148 80.57 39.94 18.48
CA GLY XA 148 80.74 39.88 17.04
C GLY XA 148 79.41 39.75 16.31
N SER XA 149 78.31 39.87 17.05
CA SER XA 149 76.95 39.70 16.52
C SER XA 149 76.71 40.40 15.21
N VAL XA 150 77.10 41.67 15.13
CA VAL XA 150 76.74 42.49 13.97
C VAL XA 150 77.60 42.15 12.75
N ALA XA 151 78.91 42.05 12.99
CA ALA XA 151 79.83 41.67 11.93
C ALA XA 151 79.39 40.36 11.31
N ALA XA 152 79.23 39.33 12.15
CA ALA XA 152 78.94 37.97 11.71
C ALA XA 152 77.54 37.80 11.09
N LYS XA 153 76.55 38.48 11.65
CA LYS XA 153 75.19 38.42 11.11
C LYS XA 153 75.15 38.96 9.68
N THR XA 154 76.02 39.93 9.40
CA THR XA 154 76.06 40.53 8.07
C THR XA 154 76.76 39.60 7.08
N PHE XA 155 77.75 38.88 7.60
CA PHE XA 155 78.54 37.96 6.79
C PHE XA 155 77.69 36.75 6.41
N LEU XA 156 76.75 36.41 7.28
CA LEU XA 156 75.91 35.25 7.05
C LEU XA 156 74.84 35.54 6.01
N GLU XA 157 74.35 36.78 5.95
CA GLU XA 157 73.41 37.13 4.90
C GLU XA 157 74.14 37.04 3.58
N LYS XA 158 75.36 37.59 3.55
CA LYS XA 158 76.18 37.60 2.34
C LYS XA 158 76.50 36.19 1.82
N ARG XA 159 76.78 35.24 2.73
CA ARG XA 159 77.23 33.91 2.31
C ARG XA 159 76.18 32.79 2.28
N TRP XA 160 74.97 33.05 2.78
CA TRP XA 160 73.93 32.00 2.93
C TRP XA 160 72.96 31.86 1.76
N ASN XA 161 72.91 30.65 1.19
CA ASN XA 161 71.89 30.25 0.23
C ASN XA 161 71.17 29.01 0.77
N ASP XA 162 69.95 28.78 0.29
CA ASP XA 162 69.17 27.67 0.83
C ASP XA 162 69.52 26.33 0.17
N GLU XA 163 70.74 26.22 -0.32
CA GLU XA 163 71.17 25.02 -0.99
C GLU XA 163 72.46 24.51 -0.37
N LEU XA 164 72.73 24.95 0.86
CA LEU XA 164 73.98 24.61 1.52
C LEU XA 164 73.97 23.17 1.98
N GLU XA 165 75.05 22.46 1.70
CA GLU XA 165 75.26 21.18 2.31
C GLU XA 165 75.89 21.47 3.68
N LEU XA 166 75.73 20.55 4.64
CA LEU XA 166 76.21 20.77 5.99
C LEU XA 166 77.71 21.09 6.02
N GLU XA 167 78.46 20.50 5.09
CA GLU XA 167 79.90 20.71 5.06
C GLU XA 167 80.22 22.14 4.65
N ASP XA 168 79.32 22.73 3.87
CA ASP XA 168 79.47 24.12 3.44
C ASP XA 168 79.22 25.05 4.61
N ALA XA 169 78.23 24.71 5.43
CA ALA XA 169 77.90 25.51 6.60
C ALA XA 169 78.92 25.38 7.73
N ILE XA 170 79.62 24.26 7.80
CA ILE XA 170 80.74 24.12 8.72
C ILE XA 170 81.84 25.10 8.30
N HIS XA 171 82.17 25.05 7.02
CA HIS XA 171 83.19 25.92 6.45
C HIS XA 171 82.88 27.38 6.76
N ILE XA 172 81.65 27.81 6.52
CA ILE XA 172 81.27 29.19 6.78
C ILE XA 172 81.47 29.54 8.25
N ALA XA 173 80.86 28.75 9.13
CA ALA XA 173 80.84 29.07 10.56
C ALA XA 173 82.23 29.06 11.16
N LEU XA 174 83.21 28.57 10.41
CA LEU XA 174 84.60 28.66 10.84
C LEU XA 174 85.19 30.03 10.43
N LEU XA 175 84.94 30.44 9.19
CA LEU XA 175 85.39 31.76 8.74
C LEU XA 175 84.75 32.84 9.62
N THR XA 176 83.44 32.77 9.74
CA THR XA 176 82.67 33.71 10.55
C THR XA 176 83.27 33.88 11.94
N LEU XA 177 83.80 32.79 12.48
CA LEU XA 177 84.34 32.77 13.83
C LEU XA 177 85.81 33.22 13.88
N LYS XA 178 86.47 33.17 12.72
CA LYS XA 178 87.87 33.56 12.61
C LYS XA 178 88.10 35.07 12.63
N GLU XA 179 87.09 35.84 12.22
CA GLU XA 179 87.16 37.31 12.18
C GLU XA 179 86.87 37.93 13.55
N SER XA 180 86.07 37.23 14.35
CA SER XA 180 85.64 37.72 15.65
C SER XA 180 86.57 37.25 16.77
N VAL XA 181 87.15 36.07 16.58
CA VAL XA 181 87.98 35.42 17.59
C VAL XA 181 88.70 36.43 18.46
N GLU XA 182 88.64 36.22 19.77
CA GLU XA 182 89.32 37.09 20.73
C GLU XA 182 90.71 36.55 21.04
N GLY XA 183 90.78 35.29 21.44
CA GLY XA 183 92.05 34.68 21.80
C GLY XA 183 92.69 34.04 20.58
N GLU XA 184 93.28 32.87 20.78
CA GLU XA 184 93.88 32.12 19.68
C GLU XA 184 92.80 31.35 18.94
N PHE XA 185 93.15 30.83 17.76
CA PHE XA 185 92.17 30.17 16.89
C PHE XA 185 92.61 28.75 16.44
N ASN XA 186 92.23 27.73 17.22
CA ASN XA 186 92.54 26.32 16.92
C ASN XA 186 91.43 25.41 17.42
N GLY XA 187 91.73 24.13 17.61
CA GLY XA 187 90.72 23.17 18.05
C GLY XA 187 90.50 23.20 19.55
N ASP XA 188 91.41 23.89 20.25
CA ASP XA 188 91.35 23.98 21.72
C ASP XA 188 90.59 25.22 22.20
N THR XA 189 90.30 26.13 21.27
CA THR XA 189 89.57 27.34 21.60
C THR XA 189 88.37 27.53 20.68
N ILE XA 190 88.04 26.48 19.93
CA ILE XA 190 86.80 26.43 19.17
C ILE XA 190 85.96 25.22 19.63
N GLU XA 191 84.68 25.46 19.88
CA GLU XA 191 83.76 24.35 20.10
C GLU XA 191 82.75 24.36 18.97
N LEU XA 192 82.61 23.23 18.31
CA LEU XA 192 81.71 23.14 17.19
C LEU XA 192 80.95 21.84 17.29
N ALA XA 193 79.65 21.90 17.09
CA ALA XA 193 78.81 20.71 17.12
C ALA XA 193 77.97 20.74 15.88
N ILE XA 194 77.49 19.57 15.44
CA ILE XA 194 76.60 19.52 14.29
C ILE XA 194 75.37 18.68 14.60
N ILE XA 195 74.32 18.84 13.79
CA ILE XA 195 73.14 17.99 13.86
C ILE XA 195 72.90 17.37 12.47
N GLY XA 196 73.56 16.26 12.21
CA GLY XA 196 73.55 15.71 10.86
C GLY XA 196 72.96 14.34 10.74
N ASP XA 197 73.68 13.46 10.06
CA ASP XA 197 73.23 12.09 9.89
C ASP XA 197 73.16 11.38 11.24
N GLU XA 198 72.42 10.29 11.29
CA GLU XA 198 72.39 9.45 12.49
C GLU XA 198 73.73 8.74 12.63
N ASN XA 199 74.34 8.84 13.82
CA ASN XA 199 75.61 8.19 14.12
C ASN XA 199 75.41 6.87 14.86
N PRO XA 200 75.35 5.75 14.13
CA PRO XA 200 75.20 4.49 14.86
C PRO XA 200 76.48 4.13 15.62
N ASP XA 201 77.61 4.60 15.13
CA ASP XA 201 78.89 4.40 15.80
C ASP XA 201 78.81 4.71 17.30
N LEU XA 202 77.97 5.68 17.64
CA LEU XA 202 77.94 6.26 18.98
C LEU XA 202 76.73 5.87 19.82
N LEU XA 203 76.10 4.75 19.50
CA LEU XA 203 74.90 4.37 20.24
C LEU XA 203 75.28 3.70 21.55
N GLY XA 204 76.30 2.86 21.50
CA GLY XA 204 76.73 2.14 22.68
C GLY XA 204 76.22 0.71 22.68
N TYR XA 205 75.36 0.38 21.71
CA TYR XA 205 74.81 -0.95 21.59
C TYR XA 205 74.32 -1.29 20.17
N THR XA 206 74.05 -2.56 19.92
CA THR XA 206 73.62 -3.04 18.60
C THR XA 206 72.63 -4.19 18.73
N GLY XA 207 71.44 -4.04 18.17
CA GLY XA 207 70.47 -5.12 18.20
C GLY XA 207 69.02 -4.77 17.93
N ILE XA 208 68.70 -3.48 17.97
CA ILE XA 208 67.38 -3.03 17.55
C ILE XA 208 67.61 -2.08 16.39
N PRO XA 209 67.08 -2.43 15.22
CA PRO XA 209 67.39 -1.65 14.01
C PRO XA 209 66.49 -0.42 13.89
N THR XA 210 65.53 -0.29 14.81
CA THR XA 210 64.54 0.79 14.75
C THR XA 210 65.06 2.11 15.35
N ASP XA 211 65.98 2.03 16.32
CA ASP XA 211 66.66 3.21 16.84
C ASP XA 211 68.12 3.26 16.35
N LYS XA 212 68.51 4.36 15.70
CA LYS XA 212 69.79 4.36 14.96
C LYS XA 212 70.89 5.27 15.48
N GLY XA 213 70.67 5.95 16.59
CA GLY XA 213 71.74 6.71 17.22
C GLY XA 213 71.74 8.21 17.03
N PRO XA 214 72.65 8.90 17.76
CA PRO XA 214 72.60 10.36 17.89
C PRO XA 214 72.85 11.11 16.58
N ARG XA 215 72.00 12.08 16.30
CA ARG XA 215 72.27 13.02 15.22
C ARG XA 215 73.27 14.09 15.66
N PHE XA 216 73.29 14.38 16.97
CA PHE XA 216 74.21 15.36 17.55
C PHE XA 216 75.63 14.81 17.66
N ARG XA 217 76.58 15.48 17.02
CA ARG XA 217 77.98 15.10 17.10
C ARG XA 217 78.85 16.32 17.43
N LYS XA 218 79.67 16.22 18.47
CA LYS XA 218 80.55 17.32 18.86
C LYS XA 218 81.95 17.07 18.32
N LEU XA 219 82.40 17.91 17.39
CA LEU XA 219 83.67 17.67 16.69
C LEU XA 219 84.85 17.74 17.64
N THR XA 220 85.77 16.79 17.48
CA THR XA 220 86.93 16.67 18.36
C THR XA 220 87.99 17.74 18.10
N SER XA 221 88.86 17.94 19.08
CA SER XA 221 89.92 18.92 18.97
C SER XA 221 90.66 18.71 17.65
N GLN XA 222 90.75 17.45 17.23
CA GLN XA 222 91.44 17.10 15.99
C GLN XA 222 90.66 17.49 14.73
N GLU XA 223 89.39 17.09 14.67
CA GLU XA 223 88.58 17.28 13.47
C GLU XA 223 88.57 18.74 13.04
N ILE XA 224 88.67 19.61 14.03
CA ILE XA 224 88.63 21.05 13.79
C ILE XA 224 89.94 21.50 13.12
N ASN XA 225 91.07 21.23 13.78
CA ASN XA 225 92.39 21.59 13.23
C ASN XA 225 92.56 21.08 11.80
N ASP XA 226 92.03 19.89 11.52
CA ASP XA 226 92.06 19.30 10.18
C ASP XA 226 91.37 20.18 9.13
N ARG XA 227 90.23 20.75 9.50
CA ARG XA 227 89.47 21.62 8.61
C ARG XA 227 90.09 23.00 8.46
N LEU XA 228 90.82 23.44 9.49
CA LEU XA 228 91.42 24.78 9.48
C LEU XA 228 92.69 24.87 8.63
N GLU XA 229 93.31 23.73 8.37
CA GLU XA 229 94.48 23.69 7.51
C GLU XA 229 94.04 23.82 6.06
N ALA XA 230 93.08 22.99 5.65
CA ALA XA 230 92.45 23.11 4.33
C ALA XA 230 91.36 24.19 4.36
N LEU XA 231 91.75 25.40 4.78
CA LEU XA 231 90.81 26.48 5.06
C LEU XA 231 91.25 27.74 4.32
N SER YA 1 44.87 55.42 41.07
CA SER YA 1 44.25 55.41 39.74
C SER YA 1 43.42 56.71 39.54
N PRO YA 2 44.09 57.88 39.65
CA PRO YA 2 43.71 59.30 39.81
C PRO YA 2 42.31 59.79 39.43
N GLU YA 3 41.91 59.71 38.16
CA GLU YA 3 40.65 60.32 37.71
C GLU YA 3 39.57 59.29 37.37
N GLY YA 4 39.85 58.03 37.72
CA GLY YA 4 39.02 56.93 37.28
C GLY YA 4 39.73 56.26 36.12
N ARG YA 5 41.06 56.22 36.22
CA ARG YA 5 41.88 55.71 35.13
C ARG YA 5 42.59 54.41 35.46
N LEU YA 6 42.68 53.56 34.44
CA LEU YA 6 43.35 52.27 34.51
C LEU YA 6 44.76 52.42 33.93
N TYR YA 7 45.69 52.91 34.73
CA TYR YA 7 47.00 53.30 34.19
C TYR YA 7 47.81 52.16 33.60
N GLN YA 8 48.24 51.21 34.44
CA GLN YA 8 49.04 50.07 33.97
C GLN YA 8 48.41 49.39 32.73
N VAL YA 9 47.15 49.71 32.47
CA VAL YA 9 46.40 49.16 31.34
C VAL YA 9 46.60 49.97 30.06
N GLU YA 10 46.34 51.27 30.15
CA GLU YA 10 46.59 52.17 29.04
C GLU YA 10 48.04 52.01 28.59
N TYR YA 11 48.93 51.78 29.56
CA TYR YA 11 50.35 51.53 29.31
C TYR YA 11 50.52 50.46 28.24
N ALA YA 12 49.86 49.32 28.46
CA ALA YA 12 49.96 48.16 27.60
C ALA YA 12 48.97 48.20 26.43
N LEU YA 13 47.88 48.94 26.60
CA LEU YA 13 46.87 49.14 25.55
C LEU YA 13 47.45 49.97 24.40
N GLU YA 14 48.39 50.85 24.72
CA GLU YA 14 49.03 51.67 23.70
C GLU YA 14 50.38 51.08 23.29
N SER YA 15 50.89 50.16 24.10
CA SER YA 15 52.05 49.35 23.69
C SER YA 15 51.60 48.43 22.56
N ILE YA 16 50.29 48.23 22.47
CA ILE YA 16 49.69 47.42 21.43
C ILE YA 16 49.64 48.18 20.11
N SER YA 17 49.26 49.45 20.17
CA SER YA 17 49.22 50.27 18.97
C SER YA 17 50.62 50.44 18.37
N HIS YA 18 51.60 49.79 18.99
CA HIS YA 18 52.94 49.71 18.40
C HIS YA 18 53.10 48.42 17.58
N ALA YA 19 53.20 47.28 18.27
CA ALA YA 19 53.40 45.98 17.60
C ALA YA 19 52.23 45.58 16.68
N GLY YA 20 52.52 44.72 15.70
CA GLY YA 20 51.53 44.10 14.81
C GLY YA 20 50.42 44.96 14.21
N THR YA 21 49.61 44.35 13.34
CA THR YA 21 48.37 44.94 12.79
C THR YA 21 47.47 43.81 12.31
N ALA YA 22 46.29 43.66 12.92
CA ALA YA 22 45.38 42.53 12.61
C ALA YA 22 43.96 42.96 12.23
N ILE YA 23 43.28 42.10 11.47
CA ILE YA 23 41.96 42.44 10.93
C ILE YA 23 41.01 41.25 10.96
N GLY YA 24 39.73 41.52 11.21
CA GLY YA 24 38.69 40.50 11.16
C GLY YA 24 37.47 41.00 10.41
N ILE YA 25 36.97 40.22 9.46
CA ILE YA 25 35.78 40.60 8.70
C ILE YA 25 34.78 39.46 8.70
N MET YA 26 33.58 39.70 9.24
CA MET YA 26 32.54 38.68 9.20
C MET YA 26 31.67 38.81 7.97
N ALA YA 27 31.77 37.85 7.06
CA ALA YA 27 30.85 37.79 5.94
C ALA YA 27 29.57 37.09 6.38
N SER YA 28 28.62 36.96 5.46
CA SER YA 28 27.36 36.32 5.76
C SER YA 28 27.49 34.79 5.87
N ASP YA 29 28.48 34.23 5.16
CA ASP YA 29 28.69 32.77 5.14
C ASP YA 29 30.14 32.37 5.40
N GLY YA 30 30.86 33.19 6.17
CA GLY YA 30 32.24 32.89 6.54
C GLY YA 30 32.85 33.97 7.41
N ILE YA 31 34.07 33.74 7.89
CA ILE YA 31 34.79 34.75 8.65
C ILE YA 31 36.23 34.82 8.17
N VAL YA 32 36.90 35.96 8.38
CA VAL YA 32 38.25 36.13 7.86
C VAL YA 32 39.19 36.73 8.89
N LEU YA 33 40.40 36.17 8.98
CA LEU YA 33 41.45 36.70 9.83
C LEU YA 33 42.71 37.02 9.04
N ALA YA 34 43.47 38.02 9.52
CA ALA YA 34 44.66 38.52 8.82
C ALA YA 34 45.63 39.30 9.73
N ALA YA 35 46.93 39.22 9.44
CA ALA YA 35 47.94 39.96 10.21
C ALA YA 35 49.21 40.32 9.42
N GLU YA 36 49.87 41.41 9.82
CA GLU YA 36 51.20 41.78 9.32
C GLU YA 36 52.24 41.24 10.30
N ARG YA 37 53.42 40.85 9.79
CA ARG YA 37 54.49 40.30 10.64
C ARG YA 37 55.53 41.34 11.10
N LYS YA 38 56.01 41.17 12.34
CA LYS YA 38 56.99 42.09 12.95
C LYS YA 38 58.22 42.34 12.05
N VAL YA 39 58.99 43.38 12.38
CA VAL YA 39 60.17 43.77 11.60
C VAL YA 39 61.08 42.58 11.27
N THR YA 40 61.03 42.13 10.02
CA THR YA 40 61.68 40.87 9.62
C THR YA 40 63.11 41.06 9.09
N SER YA 41 64.02 40.18 9.50
CA SER YA 41 65.36 40.12 8.90
C SER YA 41 65.37 39.15 7.71
N THR YA 42 66.34 39.30 6.80
CA THR YA 42 66.43 38.39 5.64
C THR YA 42 66.50 36.92 6.05
N LEU YA 43 67.17 36.69 7.17
CA LEU YA 43 67.55 35.35 7.59
C LEU YA 43 66.55 34.69 8.53
N LEU YA 44 65.58 35.45 9.03
CA LEU YA 44 64.49 34.88 9.82
C LEU YA 44 63.74 33.87 8.96
N GLU YA 45 63.41 32.72 9.56
CA GLU YA 45 62.72 31.66 8.84
C GLU YA 45 61.24 31.98 8.76
N GLN YA 46 60.81 32.36 7.56
CA GLN YA 46 59.42 32.74 7.35
C GLN YA 46 58.48 31.62 7.81
N ASP YA 47 58.45 30.53 7.03
CA ASP YA 47 57.51 29.45 7.29
C ASP YA 47 57.89 28.58 8.49
N THR YA 48 57.19 28.78 9.60
CA THR YA 48 57.33 27.95 10.79
C THR YA 48 56.43 28.56 11.85
N SER YA 49 56.87 29.72 12.32
CA SER YA 49 56.20 30.49 13.34
C SER YA 49 54.71 30.20 13.38
N THR YA 50 54.02 30.69 12.36
CA THR YA 50 52.62 31.00 12.52
C THR YA 50 52.61 31.70 13.88
N GLU YA 51 53.22 32.88 13.89
CA GLU YA 51 53.60 33.59 15.12
C GLU YA 51 52.49 34.49 15.69
N LYS YA 52 51.58 34.92 14.83
CA LYS YA 52 50.49 35.80 15.27
C LYS YA 52 49.08 35.31 14.85
N LEU YA 53 48.99 34.07 14.37
CA LEU YA 53 47.71 33.46 14.05
C LEU YA 53 47.67 32.05 14.61
N TYR YA 54 46.93 31.88 15.70
CA TYR YA 54 46.89 30.61 16.42
C TYR YA 54 45.52 29.89 16.36
N LYS YA 55 45.54 28.57 16.18
CA LYS YA 55 44.32 27.78 16.24
C LYS YA 55 43.97 27.47 17.71
N LEU YA 56 42.70 27.60 18.07
CA LEU YA 56 42.24 27.30 19.44
C LEU YA 56 41.50 25.95 19.51
N ASN YA 57 40.62 25.73 18.55
CA ASN YA 57 39.98 24.44 18.35
C ASN YA 57 39.54 24.34 16.91
N ASP YA 58 38.97 23.21 16.50
CA ASP YA 58 38.65 23.01 15.10
C ASP YA 58 37.63 24.01 14.56
N LYS YA 59 37.07 24.83 15.45
CA LYS YA 59 35.98 25.74 15.11
C LYS YA 59 36.24 27.19 15.61
N ILE YA 60 37.42 27.44 16.16
CA ILE YA 60 37.75 28.73 16.74
C ILE YA 60 39.21 29.08 16.53
N ALA YA 61 39.49 30.37 16.30
CA ALA YA 61 40.85 30.83 16.08
C ALA YA 61 41.05 32.32 16.38
N VAL YA 62 42.26 32.68 16.76
CA VAL YA 62 42.55 34.05 17.17
C VAL YA 62 43.67 34.70 16.39
N ALA YA 63 43.52 36.00 16.20
CA ALA YA 63 44.58 36.82 15.67
C ALA YA 63 45.17 37.56 16.87
N VAL YA 64 46.49 37.73 16.86
CA VAL YA 64 47.18 38.41 17.96
C VAL YA 64 47.85 39.74 17.53
N ALA YA 65 47.78 40.73 18.40
CA ALA YA 65 48.54 41.96 18.24
C ALA YA 65 49.10 42.32 19.60
N GLY YA 66 50.36 41.98 19.83
CA GLY YA 66 50.96 42.12 21.15
C GLY YA 66 52.21 41.28 21.32
N LEU YA 67 52.68 41.16 22.56
CA LEU YA 67 53.89 40.38 22.83
C LEU YA 67 53.62 38.90 22.65
N THR YA 68 54.38 38.26 21.76
CA THR YA 68 54.18 36.85 21.49
C THR YA 68 54.26 35.97 22.76
N ALA YA 69 55.42 35.91 23.42
CA ALA YA 69 55.57 35.09 24.63
C ALA YA 69 54.44 35.27 25.67
N ASP YA 70 53.71 36.39 25.54
CA ASP YA 70 52.63 36.76 26.45
C ASP YA 70 51.29 36.15 26.05
N ALA YA 71 51.02 36.08 24.75
CA ALA YA 71 49.78 35.50 24.27
C ALA YA 71 49.80 33.97 24.36
N GLU YA 72 50.98 33.37 24.16
CA GLU YA 72 51.10 31.92 24.22
C GLU YA 72 50.72 31.42 25.61
N ILE YA 73 50.96 32.25 26.62
CA ILE YA 73 50.62 31.90 27.99
C ILE YA 73 49.09 31.86 28.14
N LEU YA 74 48.42 32.76 27.43
CA LEU YA 74 46.95 32.81 27.39
C LEU YA 74 46.34 31.70 26.54
N ILE YA 75 46.77 31.62 25.28
CA ILE YA 75 46.28 30.61 24.34
C ILE YA 75 46.43 29.18 24.87
N ASN YA 76 47.59 28.85 25.42
CA ASN YA 76 47.76 27.56 26.05
C ASN YA 76 46.61 27.23 27.02
N THR YA 77 46.17 28.21 27.82
CA THR YA 77 45.09 27.95 28.79
C THR YA 77 43.70 28.01 28.18
N ALA YA 78 43.58 28.63 27.00
CA ALA YA 78 42.31 28.69 26.30
C ALA YA 78 42.02 27.44 25.47
N ARG YA 79 43.08 26.83 24.91
CA ARG YA 79 42.97 25.59 24.13
C ARG YA 79 42.52 24.47 25.06
N ILE YA 80 42.76 24.69 26.35
CA ILE YA 80 42.42 23.75 27.42
C ILE YA 80 40.98 23.90 27.87
N HIS YA 81 40.56 25.13 28.14
CA HIS YA 81 39.17 25.37 28.46
C HIS YA 81 38.31 24.70 27.39
N ALA YA 82 38.66 24.88 26.11
CA ALA YA 82 37.94 24.24 25.02
C ALA YA 82 37.74 22.76 25.29
N GLN YA 83 38.84 22.06 25.52
CA GLN YA 83 38.81 20.62 25.73
C GLN YA 83 38.16 20.14 27.04
N ASN YA 84 38.10 21.00 28.05
CA ASN YA 84 37.41 20.70 29.32
C ASN YA 84 35.90 20.77 29.17
N TYR YA 85 35.45 21.67 28.30
CA TYR YA 85 34.03 21.83 27.99
C TYR YA 85 33.58 20.72 27.04
N LEU YA 86 34.54 20.02 26.44
CA LEU YA 86 34.23 18.82 25.65
C LEU YA 86 34.09 17.60 26.57
N LYS YA 87 35.22 17.11 27.09
CA LYS YA 87 35.22 16.05 28.10
C LYS YA 87 34.08 16.19 29.13
N THR YA 88 33.53 17.39 29.29
CA THR YA 88 32.50 17.62 30.30
C THR YA 88 31.07 17.53 29.77
N TYR YA 89 30.77 18.27 28.70
CA TYR YA 89 29.41 18.27 28.11
C TYR YA 89 29.30 17.55 26.74
N ASN YA 90 30.42 17.06 26.21
CA ASN YA 90 30.44 16.36 24.92
C ASN YA 90 29.82 17.18 23.78
N GLU YA 91 29.86 18.50 23.94
CA GLU YA 91 29.57 19.44 22.85
C GLU YA 91 30.76 20.39 22.67
N ASP YA 92 30.96 20.89 21.45
CA ASP YA 92 32.02 21.87 21.21
C ASP YA 92 31.74 23.20 21.92
N ILE YA 93 32.78 23.81 22.50
CA ILE YA 93 32.61 25.03 23.29
C ILE YA 93 32.11 26.21 22.47
N PRO YA 94 31.08 26.93 22.99
CA PRO YA 94 30.42 28.10 22.38
C PRO YA 94 31.34 29.30 22.42
N VAL YA 95 31.40 30.08 21.34
CA VAL YA 95 32.46 31.07 21.23
C VAL YA 95 32.43 32.08 22.37
N GLU YA 96 31.29 32.73 22.59
CA GLU YA 96 31.24 33.72 23.66
C GLU YA 96 31.82 33.20 24.99
N ILE YA 97 31.62 31.91 25.29
CA ILE YA 97 31.98 31.38 26.59
C ILE YA 97 33.48 31.25 26.73
N LEU YA 98 34.15 31.05 25.60
CA LEU YA 98 35.60 30.93 25.56
C LEU YA 98 36.17 32.32 25.67
N VAL YA 99 35.58 33.25 24.93
CA VAL YA 99 36.02 34.64 24.96
C VAL YA 99 35.93 35.17 26.37
N ARG YA 100 34.76 35.07 26.97
CA ARG YA 100 34.60 35.50 28.36
C ARG YA 100 35.62 34.84 29.27
N ARG YA 101 35.91 33.57 29.04
CA ARG YA 101 36.81 32.84 29.92
C ARG YA 101 38.18 33.49 29.93
N LEU YA 102 38.61 34.02 28.79
CA LEU YA 102 39.88 34.74 28.70
C LEU YA 102 39.77 36.15 29.28
N SER YA 103 38.90 36.97 28.68
CA SER YA 103 38.63 38.32 29.17
C SER YA 103 38.56 38.38 30.71
N ASP YA 104 38.18 37.27 31.33
CA ASP YA 104 38.10 37.20 32.79
C ASP YA 104 39.45 36.97 33.46
N ILE YA 105 40.41 36.42 32.71
CA ILE YA 105 41.76 36.22 33.24
C ILE YA 105 42.55 37.49 33.01
N LYS YA 106 42.23 38.20 31.93
CA LYS YA 106 42.86 39.47 31.60
C LYS YA 106 42.51 40.44 32.71
N GLN YA 107 41.21 40.59 32.95
CA GLN YA 107 40.73 41.45 34.03
C GLN YA 107 41.15 40.92 35.40
N GLY YA 108 41.71 39.72 35.44
CA GLY YA 108 42.19 39.14 36.69
C GLY YA 108 43.42 39.87 37.22
N TYR YA 109 44.19 40.47 36.32
CA TYR YA 109 45.40 41.22 36.67
C TYR YA 109 45.10 42.73 36.74
N THR YA 110 44.05 43.12 36.02
CA THR YA 110 43.52 44.47 35.99
C THR YA 110 42.92 44.83 37.38
N GLN YA 111 43.26 44.06 38.41
CA GLN YA 111 42.62 44.21 39.73
C GLN YA 111 43.35 43.58 40.92
N HIS YA 112 43.80 42.34 40.76
CA HIS YA 112 44.70 41.75 41.75
C HIS YA 112 46.07 42.36 41.46
N GLY YA 113 46.16 43.68 41.68
CA GLY YA 113 47.26 44.51 41.21
C GLY YA 113 48.63 44.19 41.74
N GLY YA 114 48.86 42.91 42.03
CA GLY YA 114 50.15 42.41 42.49
C GLY YA 114 50.92 41.65 41.43
N LEU YA 115 50.37 41.59 40.21
CA LEU YA 115 51.08 41.04 39.05
C LEU YA 115 50.73 41.86 37.79
N ARG YA 116 51.59 41.79 36.76
CA ARG YA 116 51.50 42.74 35.63
C ARG YA 116 50.58 42.32 34.48
N PRO YA 117 49.67 43.23 34.07
CA PRO YA 117 48.70 43.09 32.97
C PRO YA 117 49.21 42.35 31.72
N PHE YA 118 48.33 42.19 30.74
CA PHE YA 118 48.67 41.42 29.56
C PHE YA 118 48.94 42.33 28.40
N GLY YA 119 49.96 42.01 27.60
CA GLY YA 119 50.17 42.71 26.33
C GLY YA 119 48.96 42.39 25.51
N VAL YA 120 49.13 42.13 24.21
CA VAL YA 120 48.15 41.30 23.51
C VAL YA 120 46.71 41.82 23.43
N SER YA 121 46.18 41.88 22.20
CA SER YA 121 44.76 42.10 21.97
C SER YA 121 44.31 41.05 20.97
N PHE YA 122 43.12 40.49 21.17
CA PHE YA 122 42.68 39.40 20.32
C PHE YA 122 41.51 39.74 19.41
N ILE YA 123 41.59 39.25 18.18
CA ILE YA 123 40.40 39.07 17.38
C ILE YA 123 40.13 37.58 17.38
N TYR YA 124 38.93 37.19 17.78
CA TYR YA 124 38.50 35.79 17.73
C TYR YA 124 37.55 35.55 16.57
N ALA YA 125 37.77 34.50 15.79
CA ALA YA 125 36.81 34.11 14.76
C ALA YA 125 36.36 32.68 15.02
N GLY YA 126 35.06 32.48 15.21
CA GLY YA 126 34.56 31.18 15.57
C GLY YA 126 33.16 30.90 15.08
N TYR YA 127 32.81 29.62 15.02
CA TYR YA 127 31.45 29.22 14.72
C TYR YA 127 30.92 28.28 15.77
N ASP YA 128 29.72 28.55 16.25
CA ASP YA 128 28.98 27.59 17.08
C ASP YA 128 27.50 27.64 16.68
N ASP YA 129 26.81 26.51 16.78
CA ASP YA 129 25.46 26.41 16.22
C ASP YA 129 24.38 27.18 17.00
N ARG YA 130 24.80 27.99 17.96
CA ARG YA 130 23.85 28.82 18.70
C ARG YA 130 23.78 30.25 18.15
N TYR YA 131 24.93 30.85 17.89
CA TYR YA 131 25.00 32.17 17.27
C TYR YA 131 25.88 32.11 16.03
N GLY YA 132 25.30 31.74 14.89
CA GLY YA 132 26.04 31.64 13.62
C GLY YA 132 27.55 31.84 13.69
N TYR YA 133 28.09 32.57 12.73
CA TYR YA 133 29.51 32.92 12.77
C TYR YA 133 29.67 34.13 13.68
N GLN YA 134 30.81 34.20 14.37
CA GLN YA 134 31.03 35.26 15.36
C GLN YA 134 32.38 35.96 15.20
N LEU YA 135 32.41 37.25 15.55
CA LEU YA 135 33.66 38.00 15.58
C LEU YA 135 33.78 38.80 16.88
N TYR YA 136 34.89 38.60 17.60
CA TYR YA 136 35.06 39.17 18.96
C TYR YA 136 36.36 39.94 19.11
N THR YA 137 36.46 40.71 20.19
CA THR YA 137 37.66 41.50 20.47
C THR YA 137 38.03 41.50 21.96
N SER YA 138 39.31 41.58 22.25
CA SER YA 138 39.78 41.36 23.60
C SER YA 138 40.98 42.20 23.99
N ASN YA 139 40.76 43.44 24.40
CA ASN YA 139 41.84 44.27 24.95
C ASN YA 139 42.15 43.86 26.39
N PRO YA 140 43.35 44.19 26.89
CA PRO YA 140 43.69 43.70 28.24
C PRO YA 140 42.86 44.43 29.28
N SER YA 141 41.93 45.26 28.82
CA SER YA 141 41.02 45.98 29.68
C SER YA 141 40.18 44.96 30.43
N GLY YA 142 39.84 43.89 29.71
CA GLY YA 142 38.97 42.84 30.20
C GLY YA 142 37.70 42.77 29.36
N ASN YA 143 37.48 43.77 28.52
CA ASN YA 143 36.24 43.87 27.76
C ASN YA 143 36.25 43.16 26.42
N TYR YA 144 35.10 42.63 26.05
CA TYR YA 144 34.96 42.06 24.73
C TYR YA 144 33.73 42.66 24.08
N THR YA 145 33.70 42.59 22.76
CA THR YA 145 32.72 43.35 21.99
C THR YA 145 32.43 42.63 20.67
N GLY YA 146 31.22 42.78 20.18
CA GLY YA 146 30.83 42.13 18.94
C GLY YA 146 31.24 42.96 17.75
N TRP YA 147 31.62 42.31 16.64
CA TRP YA 147 32.09 43.03 15.46
C TRP YA 147 31.71 42.38 14.12
N LYS YA 148 31.26 43.21 13.17
CA LYS YA 148 31.03 42.78 11.79
C LYS YA 148 32.34 42.94 11.02
N ALA YA 149 33.29 43.63 11.65
CA ALA YA 149 34.59 43.95 11.05
C ALA YA 149 35.41 44.81 12.01
N ILE YA 150 36.69 44.48 12.19
CA ILE YA 150 37.46 45.07 13.29
C ILE YA 150 38.97 45.05 13.03
N SER YA 151 39.72 45.74 13.89
CA SER YA 151 41.18 45.83 13.75
C SER YA 151 41.87 46.24 15.05
N VAL YA 152 43.08 45.72 15.27
CA VAL YA 152 43.88 46.05 16.45
C VAL YA 152 45.34 46.28 16.08
N GLY YA 153 46.02 47.11 16.87
CA GLY YA 153 47.43 47.37 16.69
C GLY YA 153 47.73 48.70 16.02
N ALA YA 154 48.95 48.84 15.53
CA ALA YA 154 49.38 50.07 14.88
C ALA YA 154 48.46 50.44 13.71
N ASN YA 155 48.37 51.74 13.43
CA ASN YA 155 47.50 52.21 12.35
C ASN YA 155 46.10 51.64 12.51
N THR YA 156 45.64 51.53 13.74
CA THR YA 156 44.31 50.98 13.97
C THR YA 156 43.24 51.95 13.52
N SER YA 157 43.34 53.17 14.05
CA SER YA 157 42.35 54.22 13.87
C SER YA 157 42.11 54.50 12.38
N ALA YA 158 43.11 54.17 11.59
CA ALA YA 158 43.06 54.41 10.15
C ALA YA 158 42.23 53.36 9.39
N ALA YA 159 42.52 52.08 9.60
CA ALA YA 159 41.84 51.03 8.85
C ALA YA 159 40.37 50.96 9.18
N GLN YA 160 40.04 51.27 10.43
CA GLN YA 160 38.67 51.21 10.91
C GLN YA 160 37.80 52.09 10.01
N THR YA 161 38.45 53.00 9.30
CA THR YA 161 37.74 53.94 8.48
C THR YA 161 37.47 53.40 7.08
N LEU YA 162 38.48 52.79 6.46
CA LEU YA 162 38.29 52.18 5.14
C LEU YA 162 37.33 51.02 5.22
N LEU YA 163 37.37 50.32 6.36
CA LEU YA 163 36.52 49.16 6.61
C LEU YA 163 35.07 49.58 6.66
N GLN YA 164 34.81 50.61 7.44
CA GLN YA 164 33.49 51.19 7.57
C GLN YA 164 32.91 51.59 6.20
N MET YA 165 33.81 51.80 5.25
CA MET YA 165 33.45 52.32 3.94
C MET YA 165 33.07 51.25 2.92
N ASP YA 166 33.92 50.23 2.77
CA ASP YA 166 33.72 49.22 1.73
C ASP YA 166 32.88 48.03 2.19
N TYR YA 167 32.50 48.00 3.47
CA TYR YA 167 31.71 46.88 4.00
C TYR YA 167 30.21 46.91 3.67
N LYS YA 168 29.69 45.76 3.24
CA LYS YA 168 28.27 45.58 2.99
C LYS YA 168 27.79 44.29 3.68
N ASP YA 169 26.60 44.33 4.25
CA ASP YA 169 26.09 43.20 5.02
C ASP YA 169 25.89 41.93 4.19
N ASP YA 170 25.56 42.10 2.91
CA ASP YA 170 25.30 40.96 2.02
C ASP YA 170 26.58 40.25 1.59
N MET YA 171 27.71 40.80 2.01
CA MET YA 171 29.03 40.33 1.62
C MET YA 171 29.22 38.80 1.62
N LYS YA 172 29.89 38.29 0.60
CA LYS YA 172 30.23 36.87 0.54
C LYS YA 172 31.53 36.66 1.33
N VAL YA 173 32.16 35.51 1.19
CA VAL YA 173 33.43 35.26 1.89
C VAL YA 173 34.61 35.78 1.09
N ASP YA 174 34.62 35.46 -0.20
CA ASP YA 174 35.68 35.93 -1.10
C ASP YA 174 35.68 37.44 -1.21
N ASP YA 175 34.49 38.04 -1.16
CA ASP YA 175 34.36 39.49 -1.17
C ASP YA 175 35.06 40.09 0.05
N ALA YA 176 35.05 39.34 1.16
CA ALA YA 176 35.61 39.82 2.42
C ALA YA 176 37.09 39.50 2.53
N ILE YA 177 37.54 38.51 1.75
CA ILE YA 177 38.96 38.21 1.66
C ILE YA 177 39.67 39.39 1.05
N GLU YA 178 39.02 39.99 0.04
CA GLU YA 178 39.57 41.16 -0.64
C GLU YA 178 39.57 42.35 0.29
N LEU YA 179 38.39 42.71 0.79
CA LEU YA 179 38.27 43.87 1.67
C LEU YA 179 39.37 43.89 2.73
N ALA YA 180 39.76 42.71 3.20
CA ALA YA 180 40.81 42.59 4.23
C ALA YA 180 42.18 42.97 3.67
N LEU YA 181 42.53 42.36 2.54
CA LEU YA 181 43.80 42.67 1.89
C LEU YA 181 43.79 44.12 1.38
N LYS YA 182 42.81 44.44 0.54
CA LYS YA 182 42.64 45.78 -0.02
C LYS YA 182 42.97 46.82 1.03
N THR YA 183 42.33 46.72 2.20
CA THR YA 183 42.52 47.76 3.21
C THR YA 183 43.71 47.52 4.14
N LEU YA 184 44.55 46.55 3.78
CA LEU YA 184 45.94 46.59 4.20
C LEU YA 184 46.77 47.15 3.03
N SER YA 185 46.09 47.89 2.14
CA SER YA 185 46.78 48.82 1.28
C SER YA 185 47.35 49.88 2.21
N LYS YA 186 46.49 50.78 2.70
CA LYS YA 186 46.90 51.85 3.61
C LYS YA 186 47.74 51.33 4.78
N THR YA 187 47.05 50.80 5.78
CA THR YA 187 47.63 50.49 7.08
C THR YA 187 48.88 49.61 7.03
N THR YA 188 49.83 50.00 6.20
CA THR YA 188 51.07 49.26 6.02
C THR YA 188 52.21 50.24 6.00
N ASP YA 189 53.08 50.14 7.00
CA ASP YA 189 54.26 50.99 7.04
C ASP YA 189 55.26 50.54 5.98
N SER YA 190 55.21 49.26 5.61
CA SER YA 190 56.05 48.75 4.53
C SER YA 190 55.43 49.08 3.18
N SER YA 191 56.08 50.00 2.45
CA SER YA 191 55.62 50.30 1.10
C SER YA 191 55.63 49.02 0.27
N ALA YA 192 54.45 48.60 -0.18
CA ALA YA 192 54.26 47.34 -0.92
C ALA YA 192 54.14 46.09 -0.02
N LEU YA 193 53.07 45.33 -0.22
CA LEU YA 193 52.73 44.19 0.64
C LEU YA 193 53.08 42.85 -0.02
N THR YA 194 53.86 42.04 0.70
CA THR YA 194 54.35 40.77 0.20
C THR YA 194 53.63 39.59 0.85
N TYR YA 195 53.78 38.40 0.28
CA TYR YA 195 53.17 37.20 0.84
C TYR YA 195 53.86 36.77 2.14
N ASP YA 196 55.10 37.21 2.34
CA ASP YA 196 55.89 36.81 3.51
C ASP YA 196 55.67 37.70 4.74
N ARG YA 197 55.15 38.91 4.54
CA ARG YA 197 54.76 39.79 5.65
C ARG YA 197 53.37 39.42 6.15
N LEU YA 198 52.82 38.31 5.64
CA LEU YA 198 51.42 37.96 5.90
C LEU YA 198 51.16 36.60 6.55
N GLU YA 199 49.95 36.48 7.10
CA GLU YA 199 49.46 35.28 7.74
C GLU YA 199 47.95 35.40 7.59
N PHE YA 200 47.29 34.31 7.24
CA PHE YA 200 45.88 34.43 6.89
C PHE YA 200 45.09 33.25 7.44
N ALA YA 201 43.77 33.40 7.49
CA ALA YA 201 42.91 32.33 7.99
C ALA YA 201 41.44 32.49 7.58
N THR YA 202 40.73 31.37 7.42
CA THR YA 202 39.30 31.38 7.07
C THR YA 202 38.48 30.33 7.80
N ILE YA 203 37.24 30.68 8.12
CA ILE YA 203 36.27 29.74 8.63
C ILE YA 203 35.01 29.75 7.75
N ARG YA 204 34.97 28.86 6.76
CA ARG YA 204 33.94 28.90 5.72
C ARG YA 204 32.85 27.87 5.95
N LYS YA 205 31.84 27.88 5.08
CA LYS YA 205 30.73 26.93 5.16
C LYS YA 205 31.15 25.57 4.63
N GLY YA 206 32.40 25.19 4.89
CA GLY YA 206 32.94 23.91 4.46
C GLY YA 206 33.28 23.83 2.98
N ALA YA 207 34.25 23.00 2.63
CA ALA YA 207 34.64 22.81 1.23
C ALA YA 207 33.67 21.87 0.53
N ASN YA 208 32.56 21.55 1.20
CA ASN YA 208 31.63 20.53 0.71
C ASN YA 208 30.15 20.72 1.10
N ASP YA 209 29.86 20.51 2.38
CA ASP YA 209 28.48 20.34 2.85
C ASP YA 209 27.91 21.55 3.56
N GLY YA 210 27.02 21.24 4.50
CA GLY YA 210 26.58 22.20 5.49
C GLY YA 210 27.35 21.94 6.76
N GLU YA 211 28.61 22.39 6.77
CA GLU YA 211 29.45 22.28 7.96
C GLU YA 211 30.54 23.35 8.00
N VAL YA 212 31.64 23.06 8.70
CA VAL YA 212 32.63 24.10 8.97
C VAL YA 212 34.11 23.71 8.92
N TYR YA 213 34.74 24.04 7.80
CA TYR YA 213 36.17 23.82 7.59
C TYR YA 213 36.94 25.00 8.19
N GLN YA 214 38.14 24.74 8.72
CA GLN YA 214 39.05 25.81 9.15
C GLN YA 214 40.37 25.73 8.40
N LYS YA 215 40.96 26.89 8.10
CA LYS YA 215 42.04 26.98 7.12
C LYS YA 215 43.07 28.08 7.42
N ILE YA 216 44.18 27.73 8.05
CA ILE YA 216 45.30 28.66 8.15
C ILE YA 216 46.12 28.54 6.88
N PHE YA 217 46.22 29.64 6.15
CA PHE YA 217 46.86 29.65 4.84
C PHE YA 217 48.36 29.34 4.86
N LYS YA 218 48.77 28.43 3.98
CA LYS YA 218 50.19 28.19 3.75
C LYS YA 218 50.71 29.30 2.86
N PRO YA 219 51.97 29.71 3.04
CA PRO YA 219 52.56 30.83 2.28
C PRO YA 219 52.14 30.85 0.81
N GLN YA 220 52.27 29.74 0.10
CA GLN YA 220 51.92 29.70 -1.32
C GLN YA 220 50.49 30.13 -1.59
N GLU YA 221 49.58 29.69 -0.73
CA GLU YA 221 48.17 30.02 -0.91
C GLU YA 221 47.90 31.51 -0.77
N ILE YA 222 48.77 32.20 -0.04
CA ILE YA 222 48.67 33.65 0.12
C ILE YA 222 49.12 34.38 -1.15
N LYS YA 223 50.32 34.05 -1.64
CA LYS YA 223 50.86 34.61 -2.87
C LYS YA 223 49.91 34.32 -4.05
N ASP YA 224 48.94 33.44 -3.82
CA ASP YA 224 47.93 33.09 -4.82
C ASP YA 224 46.72 34.01 -4.75
N ILE YA 225 46.30 34.37 -3.54
CA ILE YA 225 45.16 35.28 -3.37
C ILE YA 225 45.65 36.73 -3.41
N LEU YA 226 46.92 36.93 -3.09
CA LEU YA 226 47.59 38.22 -3.28
C LEU YA 226 47.53 38.54 -4.75
N VAL YA 227 47.61 37.47 -5.56
CA VAL YA 227 47.54 37.57 -7.01
C VAL YA 227 46.28 38.28 -7.50
N LYS YA 228 45.20 38.15 -6.76
CA LYS YA 228 43.94 38.78 -7.17
C LYS YA 228 44.02 40.29 -7.33
N THR YA 229 44.92 40.94 -6.60
CA THR YA 229 45.32 42.34 -6.88
C THR YA 229 46.64 42.75 -6.25
N GLY YA 230 46.68 42.85 -4.92
CA GLY YA 230 47.87 43.25 -4.16
C GLY YA 230 49.13 43.33 -5.02
N ILE YA 231 49.87 42.23 -5.08
CA ILE YA 231 51.02 42.13 -5.97
C ILE YA 231 50.89 40.91 -6.89
N THR YA 232 51.55 40.96 -8.05
CA THR YA 232 51.33 39.98 -9.12
C THR YA 232 52.60 39.50 -9.84
N ILE ZA 1 45.31 55.28 53.57
CA ILE ZA 1 44.72 54.40 52.56
C ILE ZA 1 43.47 55.05 51.94
N PHE ZA 2 43.62 55.58 50.73
CA PHE ZA 2 42.57 56.38 50.09
C PHE ZA 2 42.03 55.83 48.75
N GLN ZA 3 42.66 54.80 48.18
CA GLN ZA 3 42.33 54.32 46.81
C GLN ZA 3 40.82 54.11 46.55
N VAL ZA 4 40.03 53.99 47.61
CA VAL ZA 4 38.58 53.80 47.46
C VAL ZA 4 37.94 54.87 46.60
N GLU ZA 5 38.15 56.13 46.97
CA GLU ZA 5 37.52 57.26 46.33
C GLU ZA 5 37.85 57.32 44.84
N TYR ZA 6 39.05 56.89 44.47
CA TYR ZA 6 39.47 56.92 43.07
C TYR ZA 6 38.59 56.02 42.22
N ALA ZA 7 38.35 54.81 42.70
CA ALA ZA 7 37.52 53.85 41.99
C ALA ZA 7 36.11 54.41 41.83
N LEU ZA 8 35.60 54.97 42.93
CA LEU ZA 8 34.28 55.60 42.94
C LEU ZA 8 34.18 56.62 41.82
N GLU ZA 9 35.34 57.05 41.33
CA GLU ZA 9 35.41 57.98 40.20
C GLU ZA 9 35.02 57.29 38.90
N ALA ZA 10 35.55 56.09 38.69
CA ALA ZA 10 35.29 55.32 37.48
C ALA ZA 10 33.79 55.04 37.33
N VAL ZA 11 33.14 54.81 38.46
CA VAL ZA 11 31.68 54.75 38.53
C VAL ZA 11 31.13 55.88 37.66
N LYS ZA 12 31.40 57.11 38.11
CA LYS ZA 12 30.97 58.32 37.41
C LYS ZA 12 31.02 58.20 35.89
N ARG ZA 13 32.19 57.83 35.38
CA ARG ZA 13 32.45 57.90 33.94
C ARG ZA 13 31.68 56.87 33.09
N GLY ZA 14 31.12 55.84 33.75
CA GLY ZA 14 30.55 54.70 33.05
C GLY ZA 14 29.08 54.72 32.61
N THR ZA 15 28.73 53.77 31.74
CA THR ZA 15 27.36 53.57 31.27
C THR ZA 15 26.34 54.01 32.33
N CYS ZA 16 25.46 54.96 32.01
CA CYS ZA 16 24.54 55.46 33.06
C CYS ZA 16 23.43 54.49 33.42
N ALA ZA 17 23.20 54.35 34.73
CA ALA ZA 17 22.29 53.33 35.27
C ALA ZA 17 21.23 53.86 36.26
N VAL ZA 18 19.99 53.43 36.07
CA VAL ZA 18 18.87 53.88 36.90
C VAL ZA 18 17.94 52.74 37.35
N GLY ZA 19 17.00 53.07 38.23
CA GLY ZA 19 16.04 52.10 38.74
C GLY ZA 19 14.86 52.78 39.43
N VAL ZA 20 13.68 52.14 39.39
CA VAL ZA 20 12.45 52.76 39.91
C VAL ZA 20 11.39 51.79 40.45
N LYS ZA 21 11.12 51.88 41.75
CA LYS ZA 21 10.12 51.06 42.44
C LYS ZA 21 8.71 51.45 42.01
N GLY ZA 22 7.75 50.55 42.21
CA GLY ZA 22 6.36 50.80 41.85
C GLY ZA 22 5.39 50.22 42.87
N LYS ZA 23 4.09 50.38 42.62
CA LYS ZA 23 3.08 49.89 43.58
C LYS ZA 23 3.13 48.37 43.69
N ASN ZA 24 3.44 47.72 42.58
CA ASN ZA 24 3.79 46.31 42.56
C ASN ZA 24 4.49 45.91 41.25
N CYS ZA 25 5.73 46.38 41.10
CA CYS ZA 25 6.57 46.12 39.94
C CYS ZA 25 7.85 46.90 40.11
N VAL ZA 26 8.89 46.55 39.36
CA VAL ZA 26 10.17 47.25 39.46
C VAL ZA 26 10.83 47.33 38.08
N VAL ZA 27 11.69 48.33 37.88
CA VAL ZA 27 12.32 48.57 36.58
C VAL ZA 27 13.76 49.03 36.70
N LEU ZA 28 14.62 48.62 35.77
CA LEU ZA 28 15.95 49.21 35.66
C LEU ZA 28 16.13 49.93 34.31
N GLY ZA 29 17.35 50.33 33.98
CA GLY ZA 29 17.63 51.02 32.72
C GLY ZA 29 19.06 51.52 32.69
N CYS ZA 30 19.74 51.40 31.55
CA CYS ZA 30 21.15 51.78 31.46
C CYS ZA 30 21.82 51.33 30.16
N GLU ZA 31 22.80 52.09 29.69
CA GLU ZA 31 23.72 51.66 28.61
C GLU ZA 31 24.48 52.80 27.95
N ARG ZA 32 25.09 52.49 26.80
CA ARG ZA 32 26.00 53.40 26.10
C ARG ZA 32 25.80 53.45 24.58
N ARG ZA 33 26.86 53.87 23.87
CA ARG ZA 33 26.80 54.41 22.51
C ARG ZA 33 26.29 53.53 21.36
N SER ZA 34 24.97 53.47 21.19
CA SER ZA 34 24.32 52.78 20.08
C SER ZA 34 25.16 51.66 19.50
N THR ZA 35 25.94 52.01 18.48
CA THR ZA 35 26.79 51.07 17.76
C THR ZA 35 27.83 51.89 17.03
N LEU ZA 36 29.10 51.53 17.18
CA LEU ZA 36 30.14 52.23 16.45
C LEU ZA 36 30.11 51.77 14.99
N LYS ZA 37 28.97 51.98 14.34
CA LYS ZA 37 28.73 51.58 12.95
C LYS ZA 37 28.91 50.09 12.72
N LEU ZA 38 30.11 49.60 12.98
CA LEU ZA 38 30.52 48.28 12.51
C LEU ZA 38 30.46 47.20 13.58
N GLN ZA 39 29.91 47.48 14.75
CA GLN ZA 39 29.87 46.44 15.77
C GLN ZA 39 28.65 45.52 15.70
N ASP ZA 40 28.82 44.29 16.19
CA ASP ZA 40 27.78 43.27 16.19
C ASP ZA 40 26.72 43.62 17.21
N THR ZA 41 25.50 43.77 16.69
CA THR ZA 41 24.37 44.27 17.43
C THR ZA 41 23.81 43.21 18.38
N ARG ZA 42 23.74 41.99 17.88
CA ARG ZA 42 22.93 40.96 18.53
C ARG ZA 42 23.64 40.06 19.56
N ILE ZA 43 24.87 40.40 19.98
CA ILE ZA 43 25.61 39.46 20.85
C ILE ZA 43 26.22 39.98 22.17
N THR ZA 44 26.04 41.26 22.49
CA THR ZA 44 26.30 41.73 23.86
C THR ZA 44 25.21 42.67 24.42
N PRO ZA 45 23.96 42.61 23.89
CA PRO ZA 45 22.90 43.38 24.60
C PRO ZA 45 22.62 42.86 26.02
N SER ZA 46 23.65 42.80 26.85
CA SER ZA 46 23.57 42.31 28.23
C SER ZA 46 23.59 43.45 29.27
N LYS ZA 47 22.67 44.40 29.09
CA LYS ZA 47 22.63 45.60 29.93
C LYS ZA 47 22.38 45.24 31.38
N VAL ZA 48 21.17 44.77 31.64
CA VAL ZA 48 20.77 44.28 32.95
C VAL ZA 48 21.01 42.78 33.01
N SER ZA 49 21.56 42.31 34.13
CA SER ZA 49 21.92 40.89 34.28
C SER ZA 49 21.02 40.11 35.26
N LYS ZA 50 20.50 38.97 34.79
CA LYS ZA 50 19.64 38.09 35.59
C LYS ZA 50 20.49 37.33 36.62
N ILE ZA 51 20.09 37.39 37.89
CA ILE ZA 51 20.84 36.71 38.96
C ILE ZA 51 20.18 35.39 39.40
N ASP ZA 52 18.87 35.45 39.67
CA ASP ZA 52 18.06 34.26 39.87
C ASP ZA 52 16.82 34.44 38.99
N SER ZA 53 15.80 33.62 39.19
CA SER ZA 53 14.61 33.71 38.35
C SER ZA 53 13.78 34.93 38.73
N HIS ZA 54 14.16 35.57 39.84
CA HIS ZA 54 13.38 36.67 40.40
C HIS ZA 54 14.22 37.88 40.81
N VAL ZA 55 15.50 37.88 40.46
CA VAL ZA 55 16.39 38.95 40.89
C VAL ZA 55 17.34 39.41 39.78
N VAL ZA 56 17.41 40.72 39.58
CA VAL ZA 56 18.18 41.34 38.49
C VAL ZA 56 19.20 42.37 39.01
N LEU ZA 57 20.06 42.84 38.12
CA LEU ZA 57 21.15 43.72 38.54
C LEU ZA 57 21.85 44.48 37.40
N SER ZA 58 21.77 45.82 37.46
CA SER ZA 58 22.50 46.67 36.53
C SER ZA 58 23.61 47.41 37.27
N PHE ZA 59 24.53 48.01 36.52
CA PHE ZA 59 25.71 48.62 37.11
C PHE ZA 59 26.19 49.80 36.28
N SER ZA 60 26.86 50.72 36.96
CA SER ZA 60 27.55 51.79 36.27
C SER ZA 60 29.03 51.59 36.53
N GLY ZA 61 29.83 51.54 35.48
CA GLY ZA 61 31.26 51.41 35.67
C GLY ZA 61 31.98 50.63 34.60
N LEU ZA 62 33.13 50.09 34.99
CA LEU ZA 62 33.94 49.22 34.15
C LEU ZA 62 33.18 47.96 33.78
N ASN ZA 63 32.81 47.84 32.52
CA ASN ZA 63 32.05 46.69 32.07
C ASN ZA 63 32.79 45.38 32.35
N ALA ZA 64 34.11 45.42 32.25
CA ALA ZA 64 34.94 44.22 32.44
C ALA ZA 64 35.07 43.80 33.91
N ASP ZA 65 34.49 44.60 34.80
CA ASP ZA 65 34.68 44.44 36.23
C ASP ZA 65 33.40 43.91 36.81
N SER ZA 66 32.31 44.29 36.16
CA SER ZA 66 30.99 43.86 36.58
C SER ZA 66 30.92 42.34 36.55
N ARG ZA 67 31.35 41.77 35.43
CA ARG ZA 67 31.22 40.33 35.22
C ARG ZA 67 31.67 39.49 36.41
N ILE ZA 68 32.75 39.91 37.07
CA ILE ZA 68 33.28 39.16 38.20
C ILE ZA 68 32.33 39.23 39.40
N LEU ZA 69 31.47 40.24 39.41
CA LEU ZA 69 30.44 40.36 40.44
C LEU ZA 69 29.19 39.58 40.02
N ILE ZA 70 28.71 39.86 38.81
CA ILE ZA 70 27.51 39.22 38.27
C ILE ZA 70 27.65 37.69 38.22
N GLU ZA 71 28.82 37.19 38.56
CA GLU ZA 71 29.02 35.75 38.67
C GLU ZA 71 29.04 35.33 40.15
N LYS ZA 72 29.99 35.87 40.91
CA LYS ZA 72 30.09 35.53 42.33
C LYS ZA 72 28.71 35.59 42.98
N ALA ZA 73 27.82 36.39 42.39
CA ALA ZA 73 26.46 36.56 42.88
C ALA ZA 73 25.51 35.52 42.31
N ARG ZA 74 25.50 35.38 40.99
CA ARG ZA 74 24.70 34.34 40.33
C ARG ZA 74 24.94 32.97 40.96
N VAL ZA 75 26.11 32.83 41.58
CA VAL ZA 75 26.54 31.60 42.22
C VAL ZA 75 26.05 31.48 43.65
N GLU ZA 76 26.35 32.47 44.49
CA GLU ZA 76 25.84 32.43 45.85
C GLU ZA 76 24.31 32.35 45.81
N ALA ZA 77 23.73 32.72 44.67
CA ALA ZA 77 22.28 32.68 44.50
C ALA ZA 77 21.77 31.25 44.48
N GLN ZA 78 22.57 30.39 43.86
CA GLN ZA 78 22.28 28.96 43.81
C GLN ZA 78 22.77 28.27 45.08
N SER ZA 79 24.00 28.58 45.48
CA SER ZA 79 24.57 27.99 46.70
C SER ZA 79 23.78 28.39 47.95
N HIS ZA 80 22.76 29.21 47.80
CA HIS ZA 80 21.84 29.50 48.90
C HIS ZA 80 20.63 28.59 48.76
N ARG ZA 81 20.12 28.46 47.53
CA ARG ZA 81 19.02 27.54 47.20
C ARG ZA 81 19.38 26.10 47.57
N LEU ZA 82 20.68 25.85 47.63
CA LEU ZA 82 21.21 24.52 47.70
C LEU ZA 82 21.45 24.08 49.12
N THR ZA 83 21.85 25.03 49.96
CA THR ZA 83 22.27 24.72 51.32
C THR ZA 83 21.21 25.18 52.33
N LEU ZA 84 20.12 25.74 51.82
CA LEU ZA 84 19.06 26.29 52.64
C LEU ZA 84 17.72 26.12 51.95
N GLU ZA 85 17.74 25.61 50.72
CA GLU ZA 85 16.53 25.46 49.90
C GLU ZA 85 15.56 26.62 50.10
N ASP ZA 86 15.87 27.75 49.46
CA ASP ZA 86 15.13 29.00 49.66
C ASP ZA 86 15.82 30.09 48.84
N PRO ZA 87 15.17 30.56 47.76
CA PRO ZA 87 15.79 31.59 46.94
C PRO ZA 87 16.32 32.72 47.81
N VAL ZA 88 17.43 33.30 47.41
CA VAL ZA 88 18.02 34.40 48.14
C VAL ZA 88 17.01 35.55 48.25
N THR ZA 89 17.00 36.25 49.38
CA THR ZA 89 16.17 37.45 49.52
C THR ZA 89 16.91 38.68 48.95
N VAL ZA 90 16.17 39.60 48.34
CA VAL ZA 90 16.83 40.68 47.62
C VAL ZA 90 17.80 41.45 48.50
N GLU ZA 91 17.46 41.60 49.78
CA GLU ZA 91 18.40 42.25 50.71
C GLU ZA 91 19.68 41.42 50.87
N TYR ZA 92 19.54 40.11 50.96
CA TYR ZA 92 20.68 39.25 51.19
C TYR ZA 92 21.57 39.15 49.97
N LEU ZA 93 20.98 38.99 48.79
CA LEU ZA 93 21.77 38.96 47.56
C LEU ZA 93 22.58 40.24 47.54
N THR ZA 94 21.91 41.35 47.90
CA THR ZA 94 22.53 42.67 47.93
C THR ZA 94 23.63 42.76 48.99
N ARG ZA 95 23.31 42.38 50.22
CA ARG ZA 95 24.30 42.42 51.29
C ARG ZA 95 25.52 41.56 50.95
N TYR ZA 96 25.31 40.46 50.21
CA TYR ZA 96 26.43 39.60 49.80
C TYR ZA 96 27.31 40.25 48.74
N VAL ZA 97 26.69 40.88 47.76
CA VAL ZA 97 27.43 41.63 46.74
C VAL ZA 97 28.25 42.76 47.35
N ALA ZA 98 27.58 43.62 48.12
CA ALA ZA 98 28.24 44.76 48.75
C ALA ZA 98 29.33 44.29 49.70
N GLY ZA 99 29.04 43.23 50.46
CA GLY ZA 99 30.00 42.68 51.40
C GLY ZA 99 31.26 42.15 50.71
N VAL ZA 100 31.18 41.94 49.41
CA VAL ZA 100 32.34 41.47 48.65
C VAL ZA 100 33.21 42.63 48.18
N GLN ZA 101 32.60 43.70 47.69
CA GLN ZA 101 33.36 44.90 47.31
C GLN ZA 101 34.12 45.44 48.51
N GLN ZA 102 33.54 45.22 49.70
CA GLN ZA 102 34.10 45.63 50.98
C GLN ZA 102 35.36 44.85 51.33
N ARG ZA 103 35.32 43.54 51.11
CA ARG ZA 103 36.46 42.66 51.39
C ARG ZA 103 37.53 42.82 50.31
N TYR ZA 104 37.25 43.66 49.32
CA TYR ZA 104 38.25 44.03 48.32
C TYR ZA 104 38.87 45.39 48.66
N THR ZA 105 39.30 45.51 49.90
CA THR ZA 105 40.05 46.65 50.37
C THR ZA 105 40.83 46.17 51.58
N GLN ZA 106 40.10 45.81 52.64
CA GLN ZA 106 40.67 45.62 53.98
C GLN ZA 106 41.49 44.35 54.24
N SER ZA 107 41.69 43.51 53.24
CA SER ZA 107 42.59 42.36 53.44
C SER ZA 107 43.54 42.16 52.26
N GLY ZA 108 44.71 41.60 52.55
CA GLY ZA 108 45.74 41.38 51.55
C GLY ZA 108 46.25 42.68 50.97
N GLY ZA 109 45.34 43.64 50.81
CA GLY ZA 109 45.65 44.91 50.18
C GLY ZA 109 45.54 44.74 48.68
N VAL ZA 110 44.31 44.66 48.19
CA VAL ZA 110 44.07 44.53 46.76
C VAL ZA 110 43.08 45.60 46.30
N ARG ZA 111 43.00 45.86 44.99
CA ARG ZA 111 42.18 46.97 44.49
C ARG ZA 111 40.67 46.71 44.57
N PRO ZA 112 39.89 47.78 44.83
CA PRO ZA 112 38.43 47.74 44.98
C PRO ZA 112 37.74 47.87 43.64
N PHE ZA 113 36.43 47.66 43.61
CA PHE ZA 113 35.70 47.49 42.34
C PHE ZA 113 35.30 48.81 41.69
N GLY ZA 114 35.37 48.86 40.35
CA GLY ZA 114 34.99 50.03 39.59
C GLY ZA 114 33.54 50.02 39.17
N VAL ZA 115 32.67 49.63 40.10
CA VAL ZA 115 31.25 49.52 39.82
C VAL ZA 115 30.41 49.98 41.00
N SER ZA 116 29.34 50.70 40.69
CA SER ZA 116 28.20 50.77 41.58
C SER ZA 116 27.17 49.90 40.91
N THR ZA 117 26.33 49.26 41.70
CA THR ZA 117 25.30 48.39 41.15
C THR ZA 117 23.94 48.71 41.75
N LEU ZA 118 22.92 48.45 40.95
CA LEU ZA 118 21.54 48.49 41.41
C LEU ZA 118 20.97 47.09 41.32
N ILE ZA 119 20.20 46.71 42.33
CA ILE ZA 119 19.72 45.35 42.48
C ILE ZA 119 18.24 45.32 42.84
N ALA ZA 120 17.45 44.66 42.02
CA ALA ZA 120 16.00 44.76 42.16
C ALA ZA 120 15.33 43.40 42.13
N GLY ZA 121 14.04 43.40 42.42
CA GLY ZA 121 13.28 42.17 42.42
C GLY ZA 121 12.42 41.98 43.66
N PHE ZA 122 11.59 40.94 43.61
CA PHE ZA 122 10.71 40.60 44.72
C PHE ZA 122 11.24 39.39 45.49
N ASP ZA 123 11.31 39.50 46.81
CA ASP ZA 123 11.60 38.33 47.65
C ASP ZA 123 10.69 37.15 47.25
N PRO ZA 124 11.01 35.93 47.72
CA PRO ZA 124 10.15 34.79 47.36
C PRO ZA 124 8.80 34.82 48.09
N ARG ZA 125 7.72 34.62 47.34
CA ARG ZA 125 6.35 34.73 47.86
C ARG ZA 125 5.90 36.18 48.10
N ASP ZA 126 6.41 36.80 49.17
CA ASP ZA 126 6.21 38.24 49.41
C ASP ZA 126 6.12 39.01 48.08
N ASP ZA 127 5.21 39.98 48.01
CA ASP ZA 127 5.01 40.73 46.78
C ASP ZA 127 5.33 42.20 46.95
N GLU ZA 128 6.18 42.50 47.92
CA GLU ZA 128 6.61 43.87 48.16
C GLU ZA 128 7.93 44.14 47.44
N PRO ZA 129 7.90 45.03 46.43
CA PRO ZA 129 9.05 45.43 45.60
C PRO ZA 129 10.26 45.84 46.44
N LYS ZA 130 11.45 45.49 45.97
CA LYS ZA 130 12.67 45.86 46.68
C LYS ZA 130 13.68 46.43 45.70
N LEU ZA 131 14.34 47.52 46.10
CA LEU ZA 131 15.37 48.13 45.26
C LEU ZA 131 16.53 48.59 46.14
N TYR ZA 132 17.75 48.22 45.74
CA TYR ZA 132 18.97 48.51 46.52
C TYR ZA 132 20.07 49.07 45.61
N GLN ZA 133 21.13 49.58 46.23
CA GLN ZA 133 22.27 50.13 45.49
C GLN ZA 133 23.54 49.84 46.26
N THR ZA 134 24.56 49.39 45.55
CA THR ZA 134 25.88 49.17 46.15
C THR ZA 134 26.95 50.06 45.54
N GLU ZA 135 28.03 50.25 46.28
CA GLU ZA 135 29.12 51.08 45.81
C GLU ZA 135 30.42 50.56 46.40
N PRO ZA 136 31.53 50.79 45.69
CA PRO ZA 136 32.88 50.23 45.89
C PRO ZA 136 33.32 50.13 47.35
N SER ZA 137 32.72 50.97 48.19
CA SER ZA 137 33.03 51.00 49.60
C SER ZA 137 32.60 49.72 50.30
N GLY ZA 138 31.33 49.38 50.15
CA GLY ZA 138 30.73 48.24 50.85
C GLY ZA 138 29.38 48.62 51.42
N ILE ZA 139 28.85 49.76 50.95
CA ILE ZA 139 27.60 50.34 51.44
C ILE ZA 139 26.41 49.89 50.64
N TYR ZA 140 25.40 49.37 51.32
CA TYR ZA 140 24.15 49.07 50.65
C TYR ZA 140 23.03 49.94 51.22
N SER ZA 141 22.21 50.45 50.32
CA SER ZA 141 21.11 51.32 50.70
C SER ZA 141 19.85 50.91 49.94
N SER ZA 142 18.69 51.09 50.57
CA SER ZA 142 17.43 50.84 49.87
C SER ZA 142 16.88 52.16 49.34
N TRP ZA 143 16.36 52.13 48.12
CA TRP ZA 143 15.81 53.34 47.51
C TRP ZA 143 14.41 53.13 46.94
N SER ZA 144 13.55 54.14 47.10
CA SER ZA 144 12.26 54.17 46.42
C SER ZA 144 12.55 54.33 44.93
N ALA ZA 145 13.72 54.90 44.65
CA ALA ZA 145 14.27 54.98 43.30
C ALA ZA 145 15.63 55.69 43.34
N GLN ZA 146 16.43 55.51 42.30
CA GLN ZA 146 17.80 56.02 42.31
C GLN ZA 146 18.49 55.90 40.94
N THR ZA 147 19.63 56.57 40.79
CA THR ZA 147 20.50 56.38 39.64
C THR ZA 147 21.95 56.53 40.11
N ILE ZA 148 22.85 55.79 39.47
CA ILE ZA 148 24.27 56.02 39.65
C ILE ZA 148 24.95 55.90 38.29
N GLY ZA 149 26.05 56.62 38.07
CA GLY ZA 149 26.71 56.58 36.77
C GLY ZA 149 27.15 57.93 36.23
N ARG ZA 150 27.02 58.12 34.92
CA ARG ZA 150 27.48 59.36 34.28
C ARG ZA 150 26.34 60.35 34.04
N ASN ZA 151 26.54 61.58 34.52
CA ASN ZA 151 25.47 62.56 34.61
C ASN ZA 151 24.33 61.96 35.46
N SER ZA 152 24.71 61.19 36.48
CA SER ZA 152 23.74 60.54 37.36
C SER ZA 152 23.09 61.57 38.26
N LYS ZA 153 23.80 62.66 38.51
CA LYS ZA 153 23.32 63.71 39.39
C LYS ZA 153 22.12 64.45 38.77
N THR ZA 154 22.13 64.58 37.45
CA THR ZA 154 21.04 65.24 36.71
C THR ZA 154 19.76 64.45 36.89
N VAL ZA 155 19.93 63.14 37.00
CA VAL ZA 155 18.81 62.22 37.03
C VAL ZA 155 18.26 62.11 38.45
N ARG ZA 156 19.16 61.98 39.43
CA ARG ZA 156 18.76 61.89 40.83
C ARG ZA 156 17.98 63.14 41.22
N GLU ZA 157 18.33 64.27 40.59
CA GLU ZA 157 17.63 65.54 40.77
C GLU ZA 157 16.27 65.50 40.10
N PHE ZA 158 16.24 65.03 38.86
CA PHE ZA 158 14.99 64.84 38.14
C PHE ZA 158 14.01 63.99 38.95
N LEU ZA 159 14.49 62.82 39.33
CA LEU ZA 159 13.65 61.83 40.01
C LEU ZA 159 13.06 62.33 41.32
N GLU ZA 160 13.90 62.93 42.16
CA GLU ZA 160 13.45 63.44 43.46
C GLU ZA 160 12.20 64.31 43.31
N LYS ZA 161 12.20 65.12 42.26
CA LYS ZA 161 11.08 66.03 42.00
C LYS ZA 161 10.00 65.42 41.09
N ASN ZA 162 10.02 64.10 40.91
CA ASN ZA 162 9.06 63.43 40.03
C ASN ZA 162 8.45 62.17 40.64
N TYR ZA 163 9.07 61.65 41.69
CA TYR ZA 163 8.54 60.50 42.41
C TYR ZA 163 8.00 61.02 43.75
N ASP ZA 164 6.87 60.48 44.19
CA ASP ZA 164 6.45 60.68 45.57
C ASP ZA 164 5.92 59.40 46.18
N ARG ZA 165 6.25 59.18 47.46
CA ARG ZA 165 5.84 57.97 48.16
C ARG ZA 165 4.33 57.90 48.31
N LYS ZA 166 3.69 59.04 48.54
CA LYS ZA 166 2.24 59.09 48.70
C LYS ZA 166 1.54 58.31 47.58
N GLU ZA 167 1.91 58.60 46.33
CA GLU ZA 167 1.38 57.86 45.19
C GLU ZA 167 2.48 57.29 44.27
N PRO ZA 168 2.81 56.00 44.45
CA PRO ZA 168 3.80 55.35 43.59
C PRO ZA 168 3.14 54.86 42.30
N PRO ZA 169 3.84 54.97 41.17
CA PRO ZA 169 3.40 54.48 39.87
C PRO ZA 169 2.80 53.07 39.93
N ALA ZA 170 1.48 52.99 40.13
CA ALA ZA 170 0.81 51.70 40.31
C ALA ZA 170 0.77 50.84 39.05
N THR ZA 171 0.37 51.44 37.93
CA THR ZA 171 0.27 50.72 36.67
C THR ZA 171 1.62 50.15 36.28
N VAL ZA 172 1.61 48.89 35.83
CA VAL ZA 172 2.78 48.29 35.23
C VAL ZA 172 3.28 49.25 34.14
N GLU ZA 173 2.43 49.49 33.15
CA GLU ZA 173 2.78 50.34 32.00
C GLU ZA 173 3.40 51.69 32.40
N GLU ZA 174 2.73 52.42 33.30
CA GLU ZA 174 3.15 53.77 33.63
C GLU ZA 174 4.44 53.84 34.45
N CYS ZA 175 4.79 52.73 35.11
CA CYS ZA 175 6.02 52.71 35.90
C CYS ZA 175 7.25 52.81 34.98
N VAL ZA 176 7.11 52.25 33.78
CA VAL ZA 176 8.15 52.40 32.77
C VAL ZA 176 8.08 53.79 32.15
N LYS ZA 177 6.85 54.25 31.89
CA LYS ZA 177 6.59 55.58 31.35
C LYS ZA 177 7.57 56.57 31.95
N LEU ZA 178 7.81 56.42 33.25
CA LEU ZA 178 8.64 57.34 34.01
C LEU ZA 178 10.14 57.09 33.84
N THR ZA 179 10.55 55.82 33.88
CA THR ZA 179 11.97 55.49 33.83
C THR ZA 179 12.62 55.94 32.53
N VAL ZA 180 11.83 56.00 31.46
CA VAL ZA 180 12.32 56.47 30.17
C VAL ZA 180 12.67 57.95 30.24
N ARG ZA 181 11.67 58.78 30.51
CA ARG ZA 181 11.85 60.22 30.61
C ARG ZA 181 13.16 60.54 31.32
N SER ZA 182 13.46 59.80 32.38
CA SER ZA 182 14.58 60.12 33.28
C SER ZA 182 15.96 59.79 32.72
N LEU ZA 183 16.01 59.05 31.62
CA LEU ZA 183 17.29 58.77 30.97
C LEU ZA 183 17.43 59.61 29.69
N LEU ZA 184 16.30 59.99 29.11
CA LEU ZA 184 16.31 60.86 27.94
C LEU ZA 184 17.06 62.14 28.23
N GLU ZA 185 17.16 62.51 29.51
CA GLU ZA 185 17.84 63.73 29.94
C GLU ZA 185 19.34 63.66 29.71
N VAL ZA 186 19.91 62.47 29.89
CA VAL ZA 186 21.36 62.30 29.90
C VAL ZA 186 21.94 61.51 28.71
N VAL ZA 187 21.08 60.83 27.95
CA VAL ZA 187 21.51 59.97 26.83
C VAL ZA 187 22.42 60.69 25.82
N GLN ZA 188 22.20 60.41 24.54
CA GLN ZA 188 23.00 61.03 23.47
C GLN ZA 188 22.46 60.66 22.08
N THR ZA 189 21.18 60.32 22.01
CA THR ZA 189 20.48 60.04 20.76
C THR ZA 189 19.01 59.73 21.02
N GLY ZA 190 18.75 58.93 22.05
CA GLY ZA 190 17.40 58.53 22.39
C GLY ZA 190 17.26 57.04 22.55
N ALA ZA 191 16.15 56.50 22.08
CA ALA ZA 191 15.79 55.09 22.25
C ALA ZA 191 16.93 54.13 21.89
N LYS ZA 192 17.70 54.48 20.87
CA LYS ZA 192 18.81 53.67 20.40
C LYS ZA 192 19.97 53.66 21.40
N ASN ZA 193 19.82 54.38 22.50
CA ASN ZA 193 20.93 54.60 23.44
C ASN ZA 193 20.88 53.73 24.70
N ILE ZA 194 19.75 53.75 25.39
CA ILE ZA 194 19.62 52.93 26.59
C ILE ZA 194 18.28 52.16 26.66
N GLU ZA 195 18.37 50.90 27.10
CA GLU ZA 195 17.25 49.96 27.14
C GLU ZA 195 16.88 49.58 28.57
N ILE ZA 196 15.87 48.72 28.72
CA ILE ZA 196 15.32 48.41 30.04
C ILE ZA 196 14.82 46.96 30.23
N THR ZA 197 14.77 46.54 31.50
CA THR ZA 197 14.23 45.23 31.92
C THR ZA 197 13.11 45.48 32.94
N VAL ZA 198 12.21 44.51 33.14
CA VAL ZA 198 11.07 44.68 34.07
C VAL ZA 198 10.65 43.43 34.84
N VAL ZA 199 10.72 43.49 36.17
CA VAL ZA 199 10.39 42.32 37.00
C VAL ZA 199 9.14 42.51 37.85
N LYS ZA 200 8.23 41.55 37.73
CA LYS ZA 200 6.96 41.57 38.43
C LYS ZA 200 6.90 40.35 39.37
N PRO ZA 201 6.03 40.41 40.40
CA PRO ZA 201 5.98 39.39 41.46
C PRO ZA 201 6.15 37.95 40.98
N ASP ZA 202 6.84 37.15 41.77
CA ASP ZA 202 6.99 35.72 41.51
C ASP ZA 202 7.73 35.37 40.22
N SER ZA 203 9.02 35.74 40.16
CA SER ZA 203 9.92 35.26 39.11
C SER ZA 203 9.37 35.48 37.69
N ASP ZA 204 8.79 36.65 37.46
CA ASP ZA 204 8.24 37.01 36.16
C ASP ZA 204 9.06 38.16 35.57
N ILE ZA 205 10.28 37.86 35.12
CA ILE ZA 205 11.19 38.87 34.61
C ILE ZA 205 11.15 38.92 33.08
N VAL ZA 206 10.62 40.03 32.55
CA VAL ZA 206 10.47 40.21 31.10
C VAL ZA 206 11.17 41.46 30.58
N ALA ZA 207 12.41 41.32 30.11
CA ALA ZA 207 13.18 42.46 29.58
C ALA ZA 207 12.58 43.04 28.28
N LEU ZA 208 12.66 44.36 28.14
CA LEU ZA 208 12.05 45.04 26.98
C LEU ZA 208 12.99 45.14 25.78
N SER ZA 209 12.39 45.03 24.60
CA SER ZA 209 13.12 45.05 23.34
C SER ZA 209 13.20 46.46 22.74
N SER ZA 210 13.68 46.54 21.50
CA SER ZA 210 13.76 47.81 20.81
C SER ZA 210 12.38 48.35 20.41
N GLU ZA 211 11.48 47.47 19.97
CA GLU ZA 211 10.19 47.91 19.44
C GLU ZA 211 9.19 48.36 20.50
N GLU ZA 212 9.35 47.89 21.73
CA GLU ZA 212 8.45 48.29 22.81
C GLU ZA 212 8.97 49.58 23.43
N ILE ZA 213 10.23 49.88 23.15
CA ILE ZA 213 10.88 51.07 23.67
C ILE ZA 213 10.60 52.30 22.80
N ASN ZA 214 10.19 52.06 21.56
CA ASN ZA 214 9.82 53.16 20.69
C ASN ZA 214 8.31 53.29 20.44
N GLN ZA 215 7.52 52.53 21.21
CA GLN ZA 215 6.09 52.79 21.34
C GLN ZA 215 5.94 53.59 22.61
N TYR ZA 216 7.08 54.04 23.12
CA TYR ZA 216 7.16 54.79 24.36
C TYR ZA 216 7.77 56.17 24.12
N VAL ZA 217 9.03 56.23 23.69
CA VAL ZA 217 9.66 57.51 23.36
C VAL ZA 217 8.80 58.30 22.38
N THR ZA 218 8.32 57.61 21.35
CA THR ZA 218 7.41 58.23 20.40
C THR ZA 218 5.95 58.04 20.85
N GLN ZA 219 5.72 58.31 22.12
CA GLN ZA 219 4.39 58.48 22.70
C GLN ZA 219 4.59 59.34 23.94
N ILE ZA 220 5.84 59.74 24.12
CA ILE ZA 220 6.25 60.72 25.13
C ILE ZA 220 6.34 62.07 24.46
N GLU ZA 221 7.23 62.17 23.48
CA GLU ZA 221 7.48 63.43 22.80
C GLU ZA 221 6.30 63.85 21.94
N GLN ZA 222 5.17 63.18 22.15
CA GLN ZA 222 3.89 63.64 21.63
C GLN ZA 222 3.28 64.61 22.63
N GLU ZA 223 2.98 64.08 23.81
CA GLU ZA 223 2.44 64.89 24.89
C GLU ZA 223 3.35 66.06 25.22
N LYS ZA 224 4.65 65.88 24.97
CA LYS ZA 224 5.66 66.90 25.23
C LYS ZA 224 5.28 68.25 24.60
N GLN ZA 225 5.40 68.34 23.28
CA GLN ZA 225 5.27 69.62 22.57
C GLN ZA 225 3.92 70.32 22.75
N GLU ZA 226 2.94 69.58 23.26
CA GLU ZA 226 1.59 70.10 23.43
C GLU ZA 226 1.50 71.17 24.51
N GLN ZA 227 1.59 72.44 24.11
CA GLN ZA 227 1.65 73.53 25.05
C GLN ZA 227 0.58 74.60 24.83
N MET AB 1 49.95 82.14 59.84
CA MET AB 1 49.85 80.68 59.76
C MET AB 1 51.24 80.03 59.69
N PHE AB 2 51.29 78.70 59.86
CA PHE AB 2 52.55 77.94 60.01
C PHE AB 2 52.42 76.40 60.10
N LEU AB 3 53.55 75.72 59.95
CA LEU AB 3 53.59 74.27 59.78
C LEU AB 3 54.42 73.51 60.82
N THR AB 4 53.77 72.75 61.69
CA THR AB 4 54.47 71.87 62.62
C THR AB 4 54.51 70.44 62.08
N ARG AB 5 55.68 69.83 62.11
CA ARG AB 5 55.87 68.47 61.59
C ARG AB 5 57.00 67.73 62.30
N SER AB 6 56.71 66.50 62.73
CA SER AB 6 57.72 65.63 63.31
C SER AB 6 58.24 64.77 62.16
N GLU AB 7 59.39 64.12 62.36
CA GLU AB 7 59.94 63.22 61.36
C GLU AB 7 59.38 61.78 61.46
N TYR AB 8 58.62 61.52 62.53
CA TYR AB 8 58.07 60.18 62.78
C TYR AB 8 56.55 60.10 62.57
N ASP AB 9 55.96 61.16 62.04
CA ASP AB 9 54.61 61.07 61.51
C ASP AB 9 54.64 59.89 60.54
N ARG AB 10 53.50 59.49 60.02
CA ARG AB 10 53.46 58.41 59.04
C ARG AB 10 53.74 57.01 59.64
N GLY AB 11 55.00 56.76 60.00
CA GLY AB 11 55.46 55.46 60.50
C GLY AB 11 54.43 54.40 60.83
N VAL AB 12 54.45 53.29 60.09
CA VAL AB 12 53.47 52.22 60.29
C VAL AB 12 53.96 51.13 61.26
N SER AB 13 53.22 50.95 62.36
CA SER AB 13 53.57 50.00 63.42
C SER AB 13 55.07 50.04 63.78
N THR AB 14 55.60 51.25 63.91
CA THR AB 14 56.94 51.47 64.46
C THR AB 14 56.95 52.66 65.46
N PHE AB 15 57.74 52.52 66.52
CA PHE AB 15 57.70 53.47 67.64
C PHE AB 15 58.39 54.77 67.34
N SER AB 16 57.69 55.86 67.66
CA SER AB 16 58.33 57.17 67.79
C SER AB 16 59.26 57.08 69.00
N PRO AB 17 60.24 57.98 69.07
CA PRO AB 17 61.22 58.03 70.16
C PRO AB 17 60.59 58.23 71.54
N GLU AB 18 59.26 58.35 71.58
CA GLU AB 18 58.52 58.62 72.81
C GLU AB 18 57.83 57.37 73.26
N GLY AB 19 57.56 56.49 72.29
CA GLY AB 19 56.82 55.27 72.52
C GLY AB 19 55.41 55.41 71.97
N ARG AB 20 55.26 56.30 70.99
CA ARG AB 20 53.94 56.53 70.41
C ARG AB 20 53.84 55.77 69.10
N LEU AB 21 52.66 55.24 68.83
CA LEU AB 21 52.43 54.54 67.59
C LEU AB 21 51.48 55.33 66.75
N PHE AB 22 52.02 56.36 66.08
CA PHE AB 22 51.18 57.38 65.43
C PHE AB 22 50.16 56.80 64.45
N GLN AB 23 50.44 55.64 63.85
CA GLN AB 23 49.48 55.01 62.96
C GLN AB 23 48.17 54.79 63.71
N VAL AB 24 48.29 54.44 64.98
CA VAL AB 24 47.11 54.15 65.81
C VAL AB 24 46.58 55.35 66.60
N GLU AB 25 47.45 56.31 66.92
CA GLU AB 25 47.03 57.58 67.51
C GLU AB 25 46.09 58.31 66.56
N TYR AB 26 46.28 58.09 65.25
CA TYR AB 26 45.46 58.69 64.20
C TYR AB 26 44.18 57.91 63.98
N SER AB 27 44.31 56.58 64.02
CA SER AB 27 43.15 55.68 63.96
C SER AB 27 42.08 56.16 64.96
N LEU AB 28 42.54 56.82 66.02
CA LEU AB 28 41.69 57.25 67.14
C LEU AB 28 41.07 58.65 66.98
N GLU AB 29 41.65 59.48 66.11
CA GLU AB 29 41.11 60.81 65.86
C GLU AB 29 39.92 60.75 64.90
N ALA AB 30 39.89 59.74 64.06
CA ALA AB 30 38.83 59.62 63.06
C ALA AB 30 37.50 59.09 63.63
N ILE AB 31 37.48 58.74 64.91
CA ILE AB 31 36.22 58.49 65.59
C ILE AB 31 35.56 59.85 65.78
N LYS AB 32 36.36 60.83 66.17
CA LYS AB 32 35.92 62.21 66.37
C LYS AB 32 35.33 62.85 65.09
N LEU AB 33 35.44 62.15 63.97
CA LEU AB 33 35.04 62.72 62.68
C LEU AB 33 34.02 61.89 61.89
N GLY AB 34 33.13 61.18 62.57
CA GLY AB 34 32.07 60.41 61.91
C GLY AB 34 30.68 60.82 62.38
N SER AB 35 29.72 59.91 62.28
CA SER AB 35 28.38 60.17 62.80
C SER AB 35 28.44 60.33 64.31
N THR AB 36 27.52 61.12 64.88
CA THR AB 36 27.43 61.22 66.33
C THR AB 36 26.75 59.96 66.91
N ALA AB 37 27.14 59.60 68.13
CA ALA AB 37 26.56 58.44 68.81
C ALA AB 37 26.69 58.65 70.31
N ILE AB 38 25.63 58.33 71.04
CA ILE AB 38 25.59 58.64 72.46
C ILE AB 38 24.97 57.52 73.29
N GLY AB 39 25.63 57.18 74.39
CA GLY AB 39 25.14 56.15 75.28
C GLY AB 39 25.06 56.64 76.71
N ILE AB 40 23.96 56.35 77.38
CA ILE AB 40 23.78 56.73 78.78
C ILE AB 40 23.25 55.54 79.54
N ALA AB 41 23.71 55.37 80.78
CA ALA AB 41 23.31 54.24 81.60
C ALA AB 41 22.52 54.66 82.83
N THR AB 42 21.35 54.05 83.01
CA THR AB 42 20.56 54.23 84.23
C THR AB 42 20.62 52.94 85.03
N LYS AB 43 19.95 52.89 86.16
CA LYS AB 43 19.79 51.62 86.86
C LYS AB 43 18.55 50.90 86.31
N GLU AB 44 17.89 51.50 85.32
CA GLU AB 44 16.63 51.00 84.75
C GLU AB 44 16.74 50.68 83.26
N GLY AB 45 17.95 50.69 82.74
CA GLY AB 45 18.20 50.39 81.34
C GLY AB 45 19.37 51.18 80.78
N VAL AB 46 19.69 50.98 79.50
CA VAL AB 46 20.74 51.76 78.83
C VAL AB 46 20.24 52.28 77.49
N VAL AB 47 20.53 53.54 77.17
CA VAL AB 47 20.02 54.18 75.95
C VAL AB 47 21.11 54.50 74.96
N LEU AB 48 20.86 54.17 73.69
CA LEU AB 48 21.80 54.47 72.60
C LEU AB 48 21.07 55.25 71.51
N GLY AB 49 21.60 56.43 71.19
CA GLY AB 49 21.04 57.25 70.14
C GLY AB 49 22.12 57.63 69.15
N VAL AB 50 21.72 57.87 67.92
CA VAL AB 50 22.67 58.26 66.89
C VAL AB 50 22.09 59.32 65.96
N GLU AB 51 22.92 59.80 65.04
CA GLU AB 51 22.50 60.76 64.03
C GLU AB 51 22.35 60.03 62.71
N LYS AB 52 21.16 60.11 62.13
CA LYS AB 52 20.87 59.41 60.88
C LYS AB 52 21.43 60.19 59.71
N ARG AB 53 20.95 61.43 59.54
CA ARG AB 53 21.42 62.33 58.49
C ARG AB 53 20.95 61.94 57.08
N ALA AB 54 19.67 61.63 56.92
CA ALA AB 54 19.13 61.20 55.62
C ALA AB 54 19.42 62.24 54.55
N THR AB 55 19.83 61.76 53.37
CA THR AB 55 20.19 62.63 52.26
C THR AB 55 19.24 62.41 51.09
N SER AB 56 17.94 62.39 51.39
CA SER AB 56 16.91 62.32 50.37
C SER AB 56 15.61 61.77 50.93
N PRO AB 57 14.50 62.05 50.25
CA PRO AB 57 13.17 61.45 50.44
C PRO AB 57 13.10 60.06 49.80
N LEU AB 58 13.83 59.87 48.71
CA LEU AB 58 13.89 58.58 48.04
C LEU AB 58 14.45 57.53 48.97
N LEU AB 59 15.77 57.58 49.15
CA LEU AB 59 16.47 56.77 50.14
C LEU AB 59 15.64 56.64 51.41
N GLU AB 60 14.91 55.53 51.50
CA GLU AB 60 14.09 55.23 52.66
C GLU AB 60 15.01 54.92 53.83
N SER AB 61 15.13 55.88 54.74
CA SER AB 61 15.93 55.68 55.94
C SER AB 61 15.64 54.29 56.45
N ASP AB 62 16.55 53.75 57.25
CA ASP AB 62 16.45 52.40 57.80
C ASP AB 62 17.39 51.40 57.10
N SER AB 63 17.88 51.78 55.92
CA SER AB 63 19.05 51.12 55.34
C SER AB 63 20.27 51.79 55.95
N ILE AB 64 19.98 52.85 56.72
CA ILE AB 64 20.93 53.47 57.64
C ILE AB 64 20.87 52.75 58.98
N GLU AB 65 21.61 51.64 59.07
CA GLU AB 65 21.65 50.85 60.28
C GLU AB 65 22.94 51.18 61.02
N LYS AB 66 22.84 52.11 61.97
CA LYS AB 66 23.99 52.52 62.78
C LYS AB 66 23.84 52.01 64.20
N ILE AB 67 22.71 51.34 64.47
CA ILE AB 67 22.48 50.68 65.75
C ILE AB 67 21.93 49.30 65.46
N VAL AB 68 22.56 48.27 66.01
CA VAL AB 68 22.19 46.89 65.70
C VAL AB 68 22.25 45.98 66.90
N GLU AB 69 21.46 44.90 66.85
CA GLU AB 69 21.35 43.92 67.92
C GLU AB 69 22.59 43.03 67.91
N ILE AB 70 22.92 42.47 69.08
CA ILE AB 70 24.03 41.54 69.18
C ILE AB 70 23.58 40.20 69.75
N ASP AB 71 22.95 40.24 70.93
CA ASP AB 71 22.09 39.14 71.41
C ASP AB 71 20.90 39.91 71.96
N ARG AB 72 19.89 39.21 72.46
CA ARG AB 72 18.69 39.92 72.93
C ARG AB 72 19.01 40.91 74.06
N HIS AB 73 20.18 40.76 74.69
CA HIS AB 73 20.55 41.57 75.85
C HIS AB 73 21.74 42.51 75.63
N ILE AB 74 22.25 42.55 74.40
CA ILE AB 74 23.39 43.40 74.07
C ILE AB 74 23.21 44.11 72.74
N GLY AB 75 23.29 45.43 72.78
CA GLY AB 75 23.23 46.23 71.58
C GLY AB 75 24.47 47.09 71.46
N CYS AB 76 24.73 47.60 70.26
CA CYS AB 76 25.82 48.54 70.08
C CYS AB 76 25.49 49.62 69.06
N ALA AB 77 26.07 50.80 69.28
CA ALA AB 77 25.94 51.92 68.38
C ALA AB 77 27.32 52.24 67.81
N MET AB 78 27.35 52.72 66.56
CA MET AB 78 28.61 52.95 65.88
C MET AB 78 28.72 54.34 65.27
N SER AB 79 29.92 54.89 65.36
CA SER AB 79 30.25 56.12 64.67
C SER AB 79 31.43 55.85 63.75
N GLY AB 80 31.27 56.17 62.48
CA GLY AB 80 32.36 55.98 61.54
C GLY AB 80 31.99 55.16 60.31
N LEU AB 81 32.98 54.48 59.76
CA LEU AB 81 32.80 53.61 58.59
C LEU AB 81 31.85 52.43 58.86
N THR AB 82 30.53 52.67 58.80
CA THR AB 82 29.56 51.61 59.09
C THR AB 82 29.82 50.36 58.25
N ALA AB 83 30.41 50.55 57.07
CA ALA AB 83 30.71 49.44 56.18
C ALA AB 83 31.91 48.62 56.62
N ASP AB 84 32.77 49.23 57.44
CA ASP AB 84 34.01 48.61 57.86
C ASP AB 84 33.79 47.79 59.13
N ALA AB 85 32.61 47.96 59.70
CA ALA AB 85 32.27 47.28 60.92
C ALA AB 85 31.38 46.07 60.71
N ARG AB 86 31.12 45.70 59.44
CA ARG AB 86 30.30 44.51 59.18
C ARG AB 86 30.95 43.29 59.83
N SER AB 87 32.24 43.11 59.58
CA SER AB 87 32.98 41.98 60.13
C SER AB 87 33.14 42.04 61.65
N MET AB 88 33.26 43.25 62.21
CA MET AB 88 33.45 43.42 63.65
C MET AB 88 32.20 42.93 64.38
N ILE AB 89 31.04 43.16 63.78
CA ILE AB 89 29.78 42.74 64.38
C ILE AB 89 29.56 41.26 64.22
N GLU AB 90 29.77 40.76 63.01
CA GLU AB 90 29.65 39.34 62.74
C GLU AB 90 30.40 38.58 63.83
N HIS AB 91 31.61 39.03 64.17
CA HIS AB 91 32.39 38.33 65.19
C HIS AB 91 31.79 38.46 66.58
N ALA AB 92 31.11 39.57 66.86
CA ALA AB 92 30.47 39.73 68.16
C ALA AB 92 29.19 38.90 68.30
N ARG AB 93 28.36 38.90 67.26
CA ARG AB 93 27.15 38.08 67.26
C ARG AB 93 27.54 36.60 67.35
N THR AB 94 28.59 36.23 66.61
CA THR AB 94 29.09 34.85 66.58
C THR AB 94 29.67 34.41 67.94
N ALA AB 95 30.31 35.33 68.63
CA ALA AB 95 30.93 35.00 69.90
C ALA AB 95 29.88 34.81 71.00
N ALA AB 96 28.79 35.55 70.89
CA ALA AB 96 27.76 35.61 71.93
C ALA AB 96 26.83 34.43 71.90
N VAL AB 97 26.66 33.86 70.72
CA VAL AB 97 25.82 32.67 70.54
C VAL AB 97 26.68 31.45 70.84
N THR AB 98 27.93 31.53 70.38
CA THR AB 98 28.93 30.51 70.64
C THR AB 98 29.09 30.28 72.13
N HIS AB 99 29.06 31.37 72.90
CA HIS AB 99 29.17 31.25 74.35
C HIS AB 99 27.88 30.62 74.92
N ASN AB 100 26.74 31.02 74.38
CA ASN AB 100 25.45 30.52 74.86
C ASN AB 100 25.33 29.03 74.67
N LEU AB 101 25.93 28.55 73.58
CA LEU AB 101 25.94 27.13 73.24
C LEU AB 101 26.84 26.36 74.18
N TYR AB 102 28.10 26.79 74.26
CA TYR AB 102 29.09 26.11 75.09
C TYR AB 102 28.79 26.14 76.60
N TYR AB 103 27.91 27.05 77.03
CA TYR AB 103 27.71 27.29 78.47
C TYR AB 103 26.28 27.46 78.99
N ASP AB 104 25.28 27.54 78.10
CA ASP AB 104 23.87 27.59 78.54
C ASP AB 104 23.55 28.84 79.36
N GLU AB 105 24.09 29.98 78.95
CA GLU AB 105 23.89 31.24 79.67
C GLU AB 105 24.25 32.41 78.77
N ASP AB 106 23.66 33.56 79.01
CA ASP AB 106 23.99 34.75 78.25
C ASP AB 106 25.41 35.16 78.61
N ILE AB 107 26.13 35.71 77.64
CA ILE AB 107 27.54 36.03 77.82
C ILE AB 107 27.75 37.42 78.42
N ASN AB 108 28.58 37.50 79.46
CA ASN AB 108 28.88 38.78 80.13
C ASN AB 108 29.21 39.95 79.18
N VAL AB 109 28.63 41.12 79.43
CA VAL AB 109 28.86 42.26 78.56
C VAL AB 109 30.33 42.65 78.56
N GLU AB 110 30.96 42.52 79.72
CA GLU AB 110 32.39 42.80 79.82
C GLU AB 110 33.18 41.91 78.87
N SER AB 111 32.87 40.62 78.87
CA SER AB 111 33.65 39.68 78.07
C SER AB 111 33.26 39.69 76.60
N LEU AB 112 32.00 39.98 76.30
CA LEU AB 112 31.61 40.14 74.90
C LEU AB 112 32.38 41.30 74.31
N THR AB 113 32.54 42.37 75.10
CA THR AB 113 33.27 43.55 74.64
C THR AB 113 34.75 43.25 74.43
N GLN AB 114 35.35 42.56 75.40
CA GLN AB 114 36.78 42.25 75.33
C GLN AB 114 37.09 41.41 74.12
N SER AB 115 36.14 40.54 73.76
CA SER AB 115 36.29 39.62 72.63
C SER AB 115 36.35 40.34 71.29
N VAL AB 116 35.60 41.42 71.19
CA VAL AB 116 35.58 42.26 70.01
C VAL AB 116 36.89 43.03 69.91
N CYS AB 117 37.43 43.42 71.06
CA CYS AB 117 38.72 44.12 71.10
C CYS AB 117 39.86 43.18 70.76
N ASP AB 118 39.76 41.95 71.24
CA ASP AB 118 40.75 40.93 70.91
C ASP AB 118 40.78 40.60 69.40
N LEU AB 119 39.75 41.02 68.68
CA LEU AB 119 39.68 40.83 67.23
C LEU AB 119 40.43 41.91 66.46
N ALA AB 120 40.18 43.17 66.80
CA ALA AB 120 40.87 44.29 66.19
C ALA AB 120 42.32 44.37 66.70
N LEU AB 121 42.68 43.42 67.55
CA LEU AB 121 44.02 43.30 68.13
C LEU AB 121 44.87 42.38 67.25
N ARG AB 122 44.31 42.02 66.11
CA ARG AB 122 45.07 41.25 65.14
C ARG AB 122 45.37 42.16 63.94
N PHE AB 123 45.94 43.33 64.22
CA PHE AB 123 46.39 44.29 63.18
C PHE AB 123 47.87 44.12 62.81
N GLY AB 124 48.12 43.83 61.53
CA GLY AB 124 49.50 43.71 61.05
C GLY AB 124 49.74 42.84 59.82
N GLU AB 125 50.95 42.96 59.27
CA GLU AB 125 51.37 42.16 58.11
C GLU AB 125 52.64 41.33 58.38
N GLY AB 126 53.12 41.35 59.62
CA GLY AB 126 54.31 40.59 59.99
C GLY AB 126 54.44 40.35 61.49
N ALA AB 127 53.98 39.19 61.95
CA ALA AB 127 54.00 38.87 63.38
C ALA AB 127 54.56 37.48 63.66
N SER AB 128 55.61 37.42 64.49
CA SER AB 128 56.16 36.16 64.97
C SER AB 128 55.90 35.98 66.47
N GLY AB 129 55.63 34.76 66.88
CA GLY AB 129 55.08 34.47 68.20
C GLY AB 129 53.69 33.90 67.97
N GLU AB 130 52.69 34.78 67.93
CA GLU AB 130 51.35 34.39 67.45
C GLU AB 130 50.95 35.23 66.24
N GLU AB 131 50.26 34.61 65.30
CA GLU AB 131 49.87 35.31 64.07
C GLU AB 131 48.60 36.14 64.24
N ARG AB 132 48.66 37.35 63.69
CA ARG AB 132 47.53 38.27 63.71
C ARG AB 132 47.07 38.49 62.25
N LEU AB 133 46.17 37.64 61.76
CA LEU AB 133 45.80 37.62 60.33
C LEU AB 133 44.71 38.63 59.93
N MET AB 134 45.15 39.71 59.27
CA MET AB 134 44.30 40.83 58.83
C MET AB 134 45.20 41.88 58.17
N SER AB 135 44.73 43.11 57.99
CA SER AB 135 45.59 44.13 57.36
C SER AB 135 45.78 45.50 58.06
N ARG AB 136 44.70 46.13 58.55
CA ARG AB 136 44.79 47.48 59.16
C ARG AB 136 44.01 47.60 60.48
N PRO AB 137 44.39 48.56 61.38
CA PRO AB 137 43.49 48.74 62.53
C PRO AB 137 42.03 48.80 62.06
N PHE AB 138 41.09 48.36 62.90
CA PHE AB 138 39.67 48.35 62.53
C PHE AB 138 39.07 49.76 62.59
N GLY AB 139 38.72 50.32 61.45
CA GLY AB 139 38.36 51.73 61.38
C GLY AB 139 36.98 52.13 61.87
N VAL AB 140 36.63 51.70 63.09
CA VAL AB 140 35.34 52.09 63.69
C VAL AB 140 35.29 51.94 65.21
N ALA AB 141 34.71 52.93 65.88
CA ALA AB 141 34.52 52.87 67.32
C ALA AB 141 33.14 52.31 67.65
N LEU AB 142 33.01 51.73 68.84
CA LEU AB 142 31.74 51.13 69.25
C LEU AB 142 31.29 51.58 70.61
N LEU AB 143 30.00 51.83 70.74
CA LEU AB 143 29.39 51.94 72.05
C LEU AB 143 28.62 50.65 72.23
N ILE AB 144 29.04 49.85 73.20
CA ILE AB 144 28.42 48.57 73.49
C ILE AB 144 27.68 48.66 74.81
N ALA AB 145 26.40 48.36 74.80
CA ALA AB 145 25.57 48.49 75.98
C ALA AB 145 24.59 47.33 76.15
N GLY AB 146 24.56 46.74 77.34
CA GLY AB 146 23.71 45.59 77.60
C GLY AB 146 23.52 45.32 79.08
N HIS AB 147 23.06 44.09 79.40
CA HIS AB 147 22.79 43.73 80.79
C HIS AB 147 23.07 42.27 81.10
N ASP AB 148 23.96 42.05 82.08
CA ASP AB 148 24.15 40.74 82.69
C ASP AB 148 23.84 40.82 84.19
N ALA AB 149 23.65 39.68 84.85
CA ALA AB 149 23.13 39.69 86.22
C ALA AB 149 24.21 39.83 87.30
N ASP AB 150 25.48 39.77 86.89
CA ASP AB 150 26.58 40.09 87.80
C ASP AB 150 26.73 41.60 88.06
N ASP AB 151 27.08 42.30 86.99
CA ASP AB 151 27.30 43.74 87.03
C ASP AB 151 26.23 44.49 86.24
N GLY AB 152 25.02 44.56 86.80
CA GLY AB 152 23.93 45.40 86.31
C GLY AB 152 23.95 45.84 84.86
N TYR AB 153 23.51 47.07 84.61
CA TYR AB 153 23.51 47.63 83.27
C TYR AB 153 24.86 48.27 82.99
N GLN AB 154 25.33 48.16 81.75
CA GLN AB 154 26.71 48.56 81.44
C GLN AB 154 26.85 49.31 80.12
N LEU AB 155 27.79 50.24 80.06
CA LEU AB 155 28.15 50.89 78.80
C LEU AB 155 29.67 50.86 78.58
N PHE AB 156 30.08 50.56 77.35
CA PHE AB 156 31.50 50.36 77.00
C PHE AB 156 31.90 51.09 75.74
N HIS AB 157 33.16 51.54 75.68
CA HIS AB 157 33.68 52.18 74.46
C HIS AB 157 34.81 51.32 73.93
N ALA AB 158 34.54 50.69 72.79
CA ALA AB 158 35.53 49.83 72.17
C ALA AB 158 36.23 50.67 71.16
N GLU AB 159 37.55 50.75 71.29
CA GLU AB 159 38.30 51.50 70.30
C GLU AB 159 39.01 50.56 69.33
N PRO AB 160 39.31 51.07 68.14
CA PRO AB 160 40.02 50.38 67.05
C PRO AB 160 41.36 49.83 67.54
N SER AB 161 41.87 50.42 68.62
CA SER AB 161 43.20 50.10 69.15
C SER AB 161 43.20 48.80 69.93
N GLY AB 162 42.01 48.30 70.22
CA GLY AB 162 41.85 47.01 70.88
C GLY AB 162 41.60 47.11 72.37
N THR AB 163 41.58 48.34 72.88
CA THR AB 163 41.29 48.53 74.30
C THR AB 163 39.98 49.26 74.55
N PHE AB 164 39.57 49.33 75.81
CA PHE AB 164 38.28 49.91 76.14
C PHE AB 164 38.19 50.44 77.58
N TYR AB 165 37.20 51.32 77.79
CA TYR AB 165 36.85 51.84 79.10
C TYR AB 165 35.36 51.58 79.26
N ARG AB 166 34.90 51.51 80.51
CA ARG AB 166 33.48 51.40 80.78
C ARG AB 166 32.94 52.72 81.31
N TYR AB 167 32.50 53.55 80.37
CA TYR AB 167 31.87 54.81 80.72
C TYR AB 167 30.47 54.57 81.31
N ASN AB 168 30.09 55.43 82.26
CA ASN AB 168 28.74 55.45 82.79
C ASN AB 168 27.84 56.27 81.88
N ALA AB 169 28.46 56.89 80.87
CA ALA AB 169 27.77 57.63 79.81
C ALA AB 169 28.82 58.26 78.89
N LYS AB 170 28.76 57.92 77.61
CA LYS AB 170 29.79 58.35 76.66
C LYS AB 170 29.21 58.85 75.33
N ALA AB 171 29.97 59.74 74.70
CA ALA AB 171 29.63 60.24 73.37
C ALA AB 171 30.86 60.17 72.47
N ILE AB 172 30.66 59.66 71.25
CA ILE AB 172 31.70 59.59 70.23
C ILE AB 172 31.16 60.14 68.91
N GLY AB 173 32.04 60.61 68.03
CA GLY AB 173 31.63 61.16 66.76
C GLY AB 173 31.68 62.68 66.71
N SER AB 174 31.31 63.26 65.58
CA SER AB 174 31.47 64.69 65.27
C SER AB 174 31.38 65.66 66.46
N GLY AB 175 30.41 65.43 67.34
CA GLY AB 175 30.18 66.33 68.45
C GLY AB 175 30.87 65.97 69.75
N SER AB 176 31.41 64.75 69.84
CA SER AB 176 31.87 64.19 71.12
C SER AB 176 32.56 65.13 72.13
N GLU AB 177 33.63 65.82 71.74
CA GLU AB 177 34.35 66.68 72.68
C GLU AB 177 33.39 67.58 73.47
N GLY AB 178 32.35 68.06 72.79
CA GLY AB 178 31.34 68.93 73.39
C GLY AB 178 30.18 68.19 74.06
N ALA AB 179 29.61 67.22 73.35
CA ALA AB 179 28.56 66.39 73.94
C ALA AB 179 29.06 65.72 75.22
N GLN AB 180 30.32 65.32 75.23
CA GLN AB 180 30.90 64.60 76.36
C GLN AB 180 31.00 65.50 77.59
N ALA AB 181 31.42 66.75 77.37
CA ALA AB 181 31.55 67.69 78.47
C ALA AB 181 30.17 68.10 78.97
N GLU AB 182 29.13 67.78 78.20
CA GLU AB 182 27.76 68.08 78.59
C GLU AB 182 27.13 66.93 79.39
N LEU AB 183 27.48 65.70 79.04
CA LEU AB 183 27.05 64.52 79.80
C LEU AB 183 27.75 64.53 81.14
N LEU AB 184 28.99 65.01 81.13
CA LEU AB 184 29.80 65.06 82.33
C LEU AB 184 29.13 66.00 83.34
N ASN AB 185 28.29 66.91 82.82
CA ASN AB 185 27.57 67.89 83.65
C ASN AB 185 26.20 67.39 84.14
N GLU AB 186 25.46 66.73 83.24
CA GLU AB 186 24.05 66.41 83.49
C GLU AB 186 23.72 64.97 83.92
N TRP AB 187 24.74 64.14 84.14
CA TRP AB 187 24.52 62.74 84.54
C TRP AB 187 24.65 62.52 86.04
N HIS AB 188 23.67 61.81 86.61
CA HIS AB 188 23.72 61.39 88.02
C HIS AB 188 23.42 59.90 88.24
N SER AB 189 23.88 59.39 89.39
CA SER AB 189 23.77 57.97 89.68
C SER AB 189 22.32 57.48 89.83
N SER AB 190 21.36 58.39 89.63
CA SER AB 190 19.97 58.08 89.92
C SER AB 190 19.00 58.47 88.81
N LEU AB 191 19.46 58.40 87.56
CA LEU AB 191 18.57 58.68 86.43
C LEU AB 191 17.53 57.59 86.25
N THR AB 192 16.42 57.96 85.62
CA THR AB 192 15.38 57.00 85.24
C THR AB 192 15.45 56.81 83.73
N LEU AB 193 15.00 55.66 83.23
CA LEU AB 193 15.07 55.44 81.79
C LEU AB 193 14.35 56.57 81.03
N LYS AB 194 13.17 56.95 81.51
CA LYS AB 194 12.43 58.04 80.89
C LYS AB 194 13.32 59.28 80.79
N GLU AB 195 13.98 59.65 81.90
CA GLU AB 195 14.84 60.84 81.95
C GLU AB 195 16.01 60.81 80.97
N ALA AB 196 16.60 59.63 80.77
CA ALA AB 196 17.76 59.49 79.88
C ALA AB 196 17.38 59.34 78.41
N GLU AB 197 16.23 58.71 78.15
CA GLU AB 197 15.70 58.68 76.80
C GLU AB 197 15.80 60.11 76.27
N LEU AB 198 15.43 61.06 77.12
CA LEU AB 198 15.34 62.47 76.73
C LEU AB 198 16.67 63.21 76.69
N LEU AB 199 17.49 62.99 77.71
CA LEU AB 199 18.80 63.63 77.78
C LEU AB 199 19.67 63.30 76.56
N VAL AB 200 19.44 62.12 75.98
CA VAL AB 200 20.12 61.72 74.75
C VAL AB 200 19.67 62.55 73.54
N LEU AB 201 18.40 62.94 73.54
CA LEU AB 201 17.90 63.84 72.51
C LEU AB 201 18.43 65.26 72.71
N LYS AB 202 18.32 65.78 73.93
CA LYS AB 202 18.78 67.13 74.23
C LYS AB 202 20.20 67.34 73.76
N ILE AB 203 21.03 66.30 73.91
CA ILE AB 203 22.43 66.39 73.54
C ILE AB 203 22.67 66.13 72.04
N LEU AB 204 21.70 65.53 71.38
CA LEU AB 204 21.77 65.42 69.92
C LEU AB 204 21.32 66.73 69.30
N LYS AB 205 20.28 67.34 69.88
CA LYS AB 205 19.87 68.67 69.43
C LYS AB 205 21.06 69.62 69.49
N GLN AB 206 21.69 69.74 70.65
CA GLN AB 206 22.84 70.63 70.81
C GLN AB 206 23.87 70.44 69.70
N VAL AB 207 24.69 69.40 69.83
CA VAL AB 207 25.77 69.16 68.88
C VAL AB 207 25.29 68.56 67.54
N MET AB 208 24.32 69.21 66.92
CA MET AB 208 23.93 68.97 65.53
C MET AB 208 23.50 70.34 65.00
N GLU AB 209 23.52 71.32 65.90
CA GLU AB 209 22.99 72.68 65.67
C GLU AB 209 21.80 72.71 64.69
N GLU AB 210 20.77 71.92 65.01
CA GLU AB 210 19.57 71.74 64.17
C GLU AB 210 18.34 71.26 64.97
N LYS AB 211 17.15 71.34 64.37
CA LYS AB 211 15.93 70.79 64.99
C LYS AB 211 15.66 69.37 64.48
N LEU AB 212 15.42 68.43 65.40
CA LEU AB 212 15.48 67.01 65.03
C LEU AB 212 14.17 66.22 64.98
N ASP AB 213 14.14 65.22 64.11
CA ASP AB 213 12.96 64.36 63.88
C ASP AB 213 13.41 62.91 63.67
N GLU AB 214 12.49 62.05 63.23
CA GLU AB 214 12.82 60.63 63.07
C GLU AB 214 13.55 60.33 61.76
N ASN AB 215 13.72 61.35 60.92
CA ASN AB 215 14.50 61.18 59.70
C ASN AB 215 15.99 61.44 59.93
N ASN AB 216 16.34 61.89 61.13
CA ASN AB 216 17.75 62.13 61.47
C ASN AB 216 18.20 61.62 62.85
N ALA AB 217 17.29 61.00 63.59
CA ALA AB 217 17.63 60.35 64.86
C ALA AB 217 16.99 58.99 65.01
N GLN AB 218 17.75 58.07 65.59
CA GLN AB 218 17.27 56.72 65.86
C GLN AB 218 17.56 56.50 67.33
N LEU AB 219 16.55 56.02 68.06
CA LEU AB 219 16.74 55.71 69.47
C LEU AB 219 16.56 54.24 69.75
N SER AB 220 17.37 53.71 70.66
CA SER AB 220 17.24 52.33 71.10
C SER AB 220 17.62 52.24 72.56
N CYS AB 221 17.14 51.17 73.21
CA CYS AB 221 17.42 50.94 74.63
C CYS AB 221 17.49 49.46 74.94
N ILE AB 222 18.03 49.12 76.10
CA ILE AB 222 18.13 47.73 76.52
C ILE AB 222 17.74 47.56 78.00
N THR AB 223 16.56 46.98 78.22
CA THR AB 223 16.07 46.71 79.56
C THR AB 223 16.28 45.25 79.92
N LYS AB 224 16.34 44.95 81.22
CA LYS AB 224 16.41 43.56 81.67
C LYS AB 224 15.19 42.81 81.14
N GLN AB 225 14.03 43.41 81.31
CA GLN AB 225 12.75 42.79 80.95
C GLN AB 225 12.58 42.60 79.43
N ASP AB 226 12.43 43.69 78.68
CA ASP AB 226 12.05 43.60 77.28
C ASP AB 226 13.17 43.30 76.28
N GLY AB 227 14.41 43.31 76.75
CA GLY AB 227 15.53 43.01 75.87
C GLY AB 227 16.07 44.24 75.19
N PHE AB 228 16.61 44.07 73.97
CA PHE AB 228 17.15 45.20 73.23
C PHE AB 228 16.29 45.53 72.03
N LYS AB 229 15.46 46.57 72.16
CA LYS AB 229 14.60 47.01 71.07
C LYS AB 229 15.10 48.35 70.49
N ILE AB 230 14.88 48.55 69.18
CA ILE AB 230 15.13 49.85 68.58
C ILE AB 230 13.80 50.56 68.37
N TYR AB 231 13.68 51.75 68.95
CA TYR AB 231 12.47 52.54 68.84
C TYR AB 231 12.10 52.80 67.38
N ASP AB 232 10.87 52.41 67.00
CA ASP AB 232 10.37 52.75 65.68
C ASP AB 232 10.08 54.25 65.63
N ASN AB 233 10.00 54.79 64.42
CA ASN AB 233 9.89 56.23 64.24
C ASN AB 233 8.78 56.93 65.02
N GLU AB 234 7.65 56.24 65.22
CA GLU AB 234 6.55 56.81 66.01
C GLU AB 234 6.99 57.10 67.44
N LYS AB 235 7.54 56.10 68.13
CA LYS AB 235 7.93 56.28 69.52
C LYS AB 235 9.05 57.32 69.69
N THR AB 236 9.98 57.34 68.74
CA THR AB 236 11.06 58.32 68.75
C THR AB 236 10.51 59.75 68.63
N ALA AB 237 9.29 59.88 68.09
CA ALA AB 237 8.70 61.20 67.85
C ALA AB 237 7.97 61.80 69.07
N GLU AB 238 7.10 61.03 69.73
CA GLU AB 238 6.41 61.55 70.92
C GLU AB 238 7.36 61.51 72.11
N LEU AB 239 8.60 61.12 71.85
CA LEU AB 239 9.68 61.28 72.81
C LEU AB 239 10.35 62.61 72.52
N ILE AB 240 10.37 62.97 71.24
CA ILE AB 240 10.84 64.28 70.79
C ILE AB 240 9.85 65.37 71.13
N LYS AB 241 8.58 65.15 70.77
CA LYS AB 241 7.51 66.06 71.13
C LYS AB 241 7.54 66.29 72.64
N GLU AB 242 7.85 65.25 73.40
CA GLU AB 242 7.88 65.34 74.86
C GLU AB 242 9.04 66.20 75.38
N LEU AB 243 9.99 66.52 74.50
CA LEU AB 243 11.09 67.41 74.88
C LEU AB 243 10.80 68.86 74.46
N LYS AB 244 10.23 69.03 73.28
CA LYS AB 244 9.80 70.34 72.79
C LYS AB 244 9.01 71.04 73.90
N GLU AB 245 8.28 70.23 74.67
CA GLU AB 245 7.48 70.72 75.80
C GLU AB 245 8.34 70.90 77.06
N LYS AB 246 8.99 69.82 77.50
CA LYS AB 246 9.82 69.87 78.71
C LYS AB 246 10.81 71.05 78.76
N GLU AB 247 11.29 71.51 77.60
CA GLU AB 247 12.26 72.60 77.55
C GLU AB 247 11.58 73.96 77.37
N ALA AB 248 10.30 73.94 77.01
CA ALA AB 248 9.52 75.16 77.00
C ALA AB 248 9.08 75.47 78.43
N ALA AB 249 9.64 74.73 79.39
CA ALA AB 249 9.36 74.93 80.81
C ALA AB 249 9.76 76.32 81.25
N GLU AB 250 11.06 76.61 81.21
CA GLU AB 250 11.53 77.96 81.50
C GLU AB 250 12.28 78.57 80.33
N MET BB 1 68.12 70.86 61.44
CA MET BB 1 67.92 69.73 62.44
C MET BB 1 68.65 68.32 62.28
N PHE BB 2 68.23 67.30 63.06
CA PHE BB 2 68.99 66.02 63.21
C PHE BB 2 68.32 64.67 62.95
N ARG BB 3 68.35 64.21 61.69
CA ARG BB 3 67.62 62.99 61.30
C ARG BB 3 68.29 61.69 61.71
N ASN BB 4 67.50 60.64 61.80
CA ASN BB 4 68.00 59.32 62.16
C ASN BB 4 67.74 58.31 61.05
N ASN BB 5 68.78 57.57 60.68
CA ASN BB 5 68.72 56.66 59.55
C ASN BB 5 68.60 55.20 59.98
N TYR BB 6 68.93 54.94 61.24
CA TYR BB 6 69.01 53.58 61.73
C TYR BB 6 67.90 53.23 62.74
N ASP BB 7 66.82 54.01 62.71
CA ASP BB 7 65.70 53.83 63.63
C ASP BB 7 64.44 53.36 62.89
N GLY BB 8 64.64 52.87 61.67
CA GLY BB 8 63.54 52.44 60.82
C GLY BB 8 62.78 51.21 61.31
N ASP BB 9 63.51 50.17 61.68
CA ASP BB 9 62.92 48.95 62.20
C ASP BB 9 63.83 48.27 63.24
N THR BB 10 63.51 47.02 63.53
CA THR BB 10 64.16 46.29 64.61
C THR BB 10 65.28 45.41 64.10
N VAL BB 11 65.36 45.30 62.79
CA VAL BB 11 66.33 44.43 62.13
C VAL BB 11 67.59 45.24 61.80
N THR BB 12 67.65 46.45 62.37
CA THR BB 12 68.68 47.41 62.01
C THR BB 12 69.48 48.02 63.18
N PHE BB 13 70.76 47.70 63.18
CA PHE BB 13 71.73 48.13 64.18
C PHE BB 13 72.27 49.51 63.88
N SER BB 14 72.14 50.42 64.84
CA SER BB 14 72.81 51.71 64.75
C SER BB 14 74.32 51.49 64.73
N PRO BB 15 75.07 52.37 64.03
CA PRO BB 15 76.53 52.33 63.92
C PRO BB 15 77.25 52.21 65.26
N THR BB 16 76.70 52.80 66.33
CA THR BB 16 77.31 52.75 67.67
C THR BB 16 77.00 51.46 68.41
N GLY BB 17 76.20 50.60 67.76
CA GLY BB 17 75.80 49.29 68.29
C GLY BB 17 74.42 49.26 68.94
N ARG BB 18 73.51 50.10 68.47
CA ARG BB 18 72.25 50.31 69.18
C ARG BB 18 71.03 49.98 68.34
N LEU BB 19 70.08 49.30 68.95
CA LEU BB 19 68.85 49.01 68.24
C LEU BB 19 67.90 50.08 68.66
N PHE BB 20 67.69 51.04 67.79
CA PHE BB 20 66.93 52.20 68.23
C PHE BB 20 65.49 51.80 68.47
N GLN BB 21 64.96 50.97 67.58
CA GLN BB 21 63.56 50.63 67.69
C GLN BB 21 63.23 50.06 69.08
N VAL BB 22 64.25 49.51 69.76
CA VAL BB 22 64.06 48.93 71.10
C VAL BB 22 64.13 50.00 72.17
N GLU BB 23 65.13 50.87 72.07
CA GLU BB 23 65.25 51.98 73.00
C GLU BB 23 63.96 52.80 73.01
N TYR BB 24 63.29 52.87 71.86
CA TYR BB 24 62.05 53.64 71.75
C TYR BB 24 60.91 52.93 72.48
N ALA BB 25 60.92 51.61 72.42
CA ALA BB 25 59.89 50.82 73.09
C ALA BB 25 60.07 50.90 74.61
N LEU BB 26 61.32 50.77 75.04
CA LEU BB 26 61.69 50.88 76.45
C LEU BB 26 61.16 52.20 77.02
N GLU BB 27 60.87 53.16 76.15
CA GLU BB 27 60.32 54.47 76.55
C GLU BB 27 58.79 54.48 76.65
N ALA BB 28 58.13 53.51 76.03
CA ALA BB 28 56.67 53.46 76.08
C ALA BB 28 56.21 53.13 77.49
N ILE BB 29 57.08 52.44 78.22
CA ILE BB 29 56.89 52.15 79.64
C ILE BB 29 56.47 53.45 80.33
N LYS BB 30 57.33 54.46 80.23
CA LYS BB 30 57.14 55.76 80.88
C LYS BB 30 55.91 56.54 80.34
N GLN BB 31 55.23 56.01 79.32
CA GLN BB 31 54.02 56.66 78.78
C GLN BB 31 52.75 56.20 79.49
N GLY BB 32 52.90 55.24 80.39
CA GLY BB 32 51.78 54.81 81.22
C GLY BB 32 51.97 55.04 82.72
N SER BB 33 50.88 54.91 83.46
CA SER BB 33 50.83 55.12 84.92
C SER BB 33 51.90 54.39 85.76
N VAL BB 34 52.06 54.82 87.01
CA VAL BB 34 53.11 54.28 87.89
C VAL BB 34 52.65 53.06 88.66
N THR BB 35 53.51 52.04 88.71
CA THR BB 35 53.27 50.88 89.56
C THR BB 35 54.52 50.49 90.36
N VAL BB 36 54.29 49.91 91.54
CA VAL BB 36 55.37 49.61 92.48
C VAL BB 36 55.35 48.15 92.93
N GLY BB 37 56.52 47.60 93.21
CA GLY BB 37 56.66 46.22 93.61
C GLY BB 37 57.74 46.04 94.65
N LEU BB 38 57.46 45.22 95.66
CA LEU BB 38 58.40 44.95 96.74
C LEU BB 38 58.10 43.63 97.45
N ARG BB 39 59.12 43.10 98.13
CA ARG BB 39 59.03 41.79 98.76
C ARG BB 39 59.87 41.64 100.05
N SER BB 40 59.28 41.00 101.06
CA SER BB 40 60.01 40.59 102.25
C SER BB 40 60.56 39.19 102.01
N ASN BB 41 60.75 38.41 103.08
CA ASN BB 41 61.15 37.02 102.92
C ASN BB 41 59.95 36.09 102.86
N THR BB 42 58.77 36.67 103.11
CA THR BB 42 57.53 35.90 103.22
C THR BB 42 56.38 36.40 102.31
N HIS BB 43 56.50 37.62 101.78
CA HIS BB 43 55.44 38.14 100.90
C HIS BB 43 55.97 39.01 99.77
N ALA BB 44 55.15 39.14 98.73
CA ALA BB 44 55.41 40.08 97.66
C ALA BB 44 54.15 40.90 97.41
N VAL BB 45 54.32 42.22 97.36
CA VAL BB 45 53.20 43.15 97.17
C VAL BB 45 53.34 43.92 95.87
N LEU BB 46 52.19 44.30 95.30
CA LEU BB 46 52.12 45.24 94.18
C LEU BB 46 51.16 46.37 94.50
N VAL BB 47 51.53 47.57 94.10
CA VAL BB 47 50.65 48.72 94.18
C VAL BB 47 50.68 49.39 92.81
N ALA BB 48 49.51 49.66 92.28
CA ALA BB 48 49.43 50.34 91.00
C ALA BB 48 48.47 51.51 91.16
N LEU BB 49 48.66 52.53 90.35
CA LEU BB 49 47.72 53.63 90.27
C LEU BB 49 46.87 53.51 89.01
N LYS BB 50 45.68 52.91 89.13
CA LYS BB 50 44.76 52.83 88.00
C LYS BB 50 44.48 54.27 87.52
N ARG BB 51 44.56 54.51 86.21
CA ARG BB 51 44.24 55.84 85.69
C ARG BB 51 42.89 55.80 84.94
N ASN BB 52 42.11 56.86 85.05
CA ASN BB 52 40.83 56.96 84.34
C ASN BB 52 40.83 57.94 83.17
N ALA BB 53 39.73 57.96 82.42
CA ALA BB 53 39.63 58.77 81.22
C ALA BB 53 38.84 60.05 81.49
N ASP BB 54 37.57 59.91 81.84
CA ASP BB 54 36.75 61.03 82.30
C ASP BB 54 36.55 60.87 83.78
N GLU BB 55 35.78 61.77 84.37
CA GLU BB 55 35.22 61.51 85.69
C GLU BB 55 34.17 60.41 85.48
N LEU BB 56 33.83 60.20 84.22
CA LEU BB 56 32.66 59.42 83.88
C LEU BB 56 32.98 57.97 83.48
N SER BB 57 34.21 57.53 83.72
CA SER BB 57 34.67 56.25 83.18
C SER BB 57 35.31 55.37 84.23
N SER BB 58 35.39 54.07 83.96
CA SER BB 58 36.09 53.14 84.84
C SER BB 58 37.59 53.43 84.86
N TYR BB 59 38.33 52.67 85.67
CA TYR BB 59 39.79 52.79 85.70
C TYR BB 59 40.46 51.56 85.07
N GLN BB 60 41.55 51.78 84.32
CA GLN BB 60 42.23 50.69 83.63
C GLN BB 60 42.79 49.70 84.65
N LYS BB 61 42.51 48.41 84.52
CA LYS BB 61 43.13 47.52 85.51
C LYS BB 61 44.63 47.41 85.25
N LYS BB 62 45.43 47.35 86.32
CA LYS BB 62 46.88 47.36 86.17
C LYS BB 62 47.55 46.15 86.79
N ILE BB 63 46.75 45.26 87.37
CA ILE BB 63 47.27 44.01 87.91
C ILE BB 63 46.47 42.81 87.35
N ILE BB 64 47.17 41.74 86.97
CA ILE BB 64 46.48 40.55 86.42
C ILE BB 64 46.97 39.26 87.06
N LYS BB 65 46.04 38.44 87.55
CA LYS BB 65 46.40 37.16 88.15
C LYS BB 65 46.97 36.22 87.08
N CYS BB 66 47.99 35.46 87.46
CA CYS BB 66 48.57 34.50 86.52
C CYS BB 66 48.38 33.00 86.88
N ASP BB 67 48.58 32.67 88.16
CA ASP BB 67 48.22 31.38 88.73
C ASP BB 67 47.93 31.71 90.19
N GLU BB 68 47.65 30.72 91.02
CA GLU BB 68 47.36 31.03 92.42
C GLU BB 68 48.62 31.40 93.18
N HIS BB 69 49.77 31.41 92.50
CA HIS BB 69 51.04 31.68 93.18
C HIS BB 69 51.84 32.80 92.56
N MET BB 70 51.30 33.40 91.50
CA MET BB 70 52.05 34.35 90.69
C MET BB 70 51.14 35.33 89.98
N GLY BB 71 51.56 36.59 89.97
CA GLY BB 71 50.82 37.65 89.31
C GLY BB 71 51.76 38.78 88.88
N LEU BB 72 51.23 39.70 88.08
CA LEU BB 72 52.05 40.79 87.59
C LEU BB 72 51.27 42.10 87.49
N SER BB 73 52.01 43.21 87.44
CA SER BB 73 51.40 44.50 87.16
C SER BB 73 52.04 45.09 85.90
N LEU BB 74 51.29 45.91 85.19
CA LEU BB 74 51.73 46.47 83.91
C LEU BB 74 51.81 48.01 83.93
N ALA BB 75 52.81 48.55 83.25
CA ALA BB 75 52.90 49.98 83.02
C ALA BB 75 53.32 50.21 81.57
N GLY BB 76 52.41 50.74 80.77
CA GLY BB 76 52.72 50.92 79.37
C GLY BB 76 51.58 50.48 78.48
N LEU BB 77 51.92 49.79 77.38
CA LEU BB 77 50.93 49.40 76.37
C LEU BB 77 50.08 48.23 76.85
N ALA BB 78 48.77 48.45 76.97
CA ALA BB 78 47.88 47.44 77.55
C ALA BB 78 47.82 46.12 76.78
N PRO BB 79 47.43 46.18 75.50
CA PRO BB 79 47.33 44.95 74.70
C PRO BB 79 48.61 44.13 74.73
N ASP BB 80 49.77 44.77 74.79
CA ASP BB 80 51.03 44.05 74.87
C ASP BB 80 51.15 43.25 76.16
N ALA BB 81 50.54 43.77 77.23
CA ALA BB 81 50.49 43.04 78.50
C ALA BB 81 49.40 41.97 78.48
N ARG BB 82 48.29 42.25 77.79
CA ARG BB 82 47.25 41.24 77.72
C ARG BB 82 47.81 40.00 77.02
N VAL BB 83 48.64 40.25 76.00
CA VAL BB 83 49.29 39.21 75.21
C VAL BB 83 50.33 38.46 76.01
N LEU BB 84 51.13 39.18 76.80
CA LEU BB 84 52.18 38.54 77.60
C LEU BB 84 51.63 37.90 78.87
N SER BB 85 50.68 38.57 79.52
CA SER BB 85 50.11 38.04 80.75
C SER BB 85 49.41 36.74 80.41
N ASN BB 86 48.85 36.66 79.21
CA ASN BB 86 48.22 35.42 78.77
C ASN BB 86 49.21 34.28 78.56
N TYR BB 87 50.27 34.52 77.79
CA TYR BB 87 51.32 33.51 77.61
C TYR BB 87 51.83 32.98 78.95
N LEU BB 88 52.05 33.88 79.89
CA LEU BB 88 52.48 33.47 81.22
C LEU BB 88 51.43 32.55 81.87
N ARG BB 89 50.16 32.90 81.71
CA ARG BB 89 49.06 32.12 82.27
C ARG BB 89 49.11 30.68 81.77
N GLN BB 90 49.51 30.50 80.50
CA GLN BB 90 49.61 29.18 79.88
C GLN BB 90 50.76 28.35 80.45
N GLN BB 91 51.98 28.86 80.38
CA GLN BB 91 53.12 28.11 80.88
C GLN BB 91 52.89 27.66 82.31
N CYS BB 92 52.29 28.56 83.10
CA CYS BB 92 51.98 28.29 84.51
C CYS BB 92 51.07 27.10 84.66
N ASN BB 93 50.13 27.04 83.73
CA ASN BB 93 49.05 26.07 83.73
C ASN BB 93 49.48 24.82 83.00
N TYR BB 94 50.61 24.89 82.32
CA TYR BB 94 51.18 23.74 81.66
C TYR BB 94 52.15 23.06 82.63
N SER BB 95 52.93 23.85 83.35
CA SER BB 95 53.83 23.29 84.37
C SER BB 95 52.99 22.59 85.43
N SER BB 96 51.72 22.98 85.53
CA SER BB 96 50.82 22.38 86.50
C SER BB 96 50.27 21.04 85.99
N LEU BB 97 49.89 20.97 84.72
CA LEU BB 97 49.24 19.79 84.20
C LEU BB 97 50.21 18.65 83.93
N VAL BB 98 51.24 18.95 83.15
CA VAL BB 98 52.23 17.95 82.79
C VAL BB 98 53.07 17.49 83.96
N PHE BB 99 53.52 18.43 84.80
CA PHE BB 99 54.43 18.06 85.87
C PHE BB 99 53.86 18.25 87.26
N ASN BB 100 52.59 18.65 87.36
CA ASN BB 100 51.99 18.90 88.67
C ASN BB 100 52.97 19.68 89.55
N ARG BB 101 53.45 20.80 89.01
CA ARG BB 101 54.48 21.61 89.63
C ARG BB 101 54.23 23.10 89.42
N LYS BB 102 54.02 23.83 90.51
CA LYS BB 102 53.94 25.28 90.43
C LYS BB 102 55.15 25.78 89.64
N LEU BB 103 54.88 26.49 88.54
CA LEU BB 103 55.94 27.07 87.70
C LEU BB 103 56.82 28.11 88.41
N ALA BB 104 58.11 27.80 88.56
CA ALA BB 104 59.05 28.68 89.26
C ALA BB 104 58.98 30.14 88.79
N VAL BB 105 59.10 31.11 89.69
CA VAL BB 105 59.13 32.51 89.26
C VAL BB 105 60.40 32.80 88.48
N GLU BB 106 61.53 32.40 89.05
CA GLU BB 106 62.80 32.54 88.36
C GLU BB 106 62.74 32.03 86.90
N ARG BB 107 61.77 31.18 86.60
CA ARG BB 107 61.73 30.58 85.28
C ARG BB 107 60.78 31.30 84.33
N ALA BB 108 59.71 31.86 84.86
CA ALA BB 108 58.84 32.67 84.02
C ALA BB 108 59.59 33.94 83.60
N GLY BB 109 60.57 34.34 84.41
CA GLY BB 109 61.46 35.42 84.03
C GLY BB 109 62.20 35.01 82.78
N HIS BB 110 62.94 33.90 82.87
CA HIS BB 110 63.70 33.38 81.73
C HIS BB 110 62.81 33.16 80.49
N LEU BB 111 61.52 32.88 80.69
CA LEU BB 111 60.62 32.51 79.59
C LEU BB 111 60.07 33.72 78.86
N LEU BB 112 59.92 34.83 79.58
CA LEU BB 112 59.38 36.08 79.01
C LEU BB 112 60.49 36.82 78.31
N CYS BB 113 61.67 36.80 78.92
CA CYS BB 113 62.85 37.33 78.27
C CYS BB 113 62.95 36.79 76.84
N ASP BB 114 62.80 35.48 76.70
CA ASP BB 114 62.95 34.82 75.40
C ASP BB 114 61.78 35.05 74.45
N LYS BB 115 60.63 35.40 75.02
CA LYS BB 115 59.42 35.66 74.25
C LYS BB 115 59.48 37.05 73.63
N ALA BB 116 60.03 38.00 74.40
CA ALA BB 116 60.15 39.40 73.97
C ALA BB 116 61.33 39.59 73.02
N GLN BB 117 62.36 38.78 73.25
CA GLN BB 117 63.54 38.80 72.41
C GLN BB 117 63.15 38.46 70.98
N LYS BB 118 62.26 37.47 70.81
CA LYS BB 118 61.80 37.06 69.48
C LYS BB 118 61.31 38.26 68.64
N ASN BB 119 60.71 39.26 69.30
CA ASN BB 119 60.16 40.42 68.60
C ASN BB 119 61.18 41.52 68.30
N THR BB 120 62.46 41.20 68.46
CA THR BB 120 63.52 42.16 68.21
C THR BB 120 64.56 41.58 67.25
N GLN BB 121 64.24 40.42 66.66
CA GLN BB 121 65.09 39.75 65.66
C GLN BB 121 64.38 39.88 64.33
N SER BB 122 63.07 40.06 64.41
CA SER BB 122 62.19 39.91 63.27
C SER BB 122 61.91 41.21 62.56
N TYR BB 123 62.01 41.17 61.23
CA TYR BB 123 61.59 42.26 60.36
C TYR BB 123 60.08 42.30 60.30
N GLY BB 124 59.51 43.50 60.42
CA GLY BB 124 58.07 43.67 60.34
C GLY BB 124 57.42 43.98 61.66
N GLY BB 125 57.57 43.09 62.63
CA GLY BB 125 56.99 43.28 63.94
C GLY BB 125 57.74 44.30 64.78
N ARG BB 126 56.98 45.05 65.58
CA ARG BB 126 57.55 45.98 66.55
C ARG BB 126 57.82 45.23 67.84
N PRO BB 127 58.73 45.75 68.69
CA PRO BB 127 59.02 45.19 70.01
C PRO BB 127 57.83 45.32 70.93
N TYR BB 128 57.87 44.60 72.05
CA TYR BB 128 56.83 44.72 73.06
C TYR BB 128 57.00 46.08 73.69
N GLY BB 129 55.88 46.72 74.05
CA GLY BB 129 55.92 48.07 74.58
C GLY BB 129 55.25 48.21 75.93
N VAL BB 130 55.75 47.48 76.90
CA VAL BB 130 55.17 47.50 78.22
C VAL BB 130 56.16 46.92 79.21
N GLY BB 131 56.11 47.43 80.43
CA GLY BB 131 56.93 46.90 81.50
C GLY BB 131 56.10 46.08 82.46
N LEU BB 132 56.73 45.07 83.05
CA LEU BB 132 56.02 44.21 83.96
C LEU BB 132 56.76 44.04 85.26
N LEU BB 133 56.04 44.26 86.34
CA LEU BB 133 56.49 43.83 87.65
C LEU BB 133 55.76 42.53 87.94
N ILE BB 134 56.54 41.50 88.23
CA ILE BB 134 56.05 40.15 88.42
C ILE BB 134 56.32 39.68 89.85
N ILE BB 135 55.31 39.12 90.52
CA ILE BB 135 55.51 38.61 91.88
C ILE BB 135 55.02 37.19 92.04
N GLY BB 136 55.60 36.50 93.02
CA GLY BB 136 55.17 35.15 93.35
C GLY BB 136 55.91 34.56 94.54
N TYR BB 137 55.36 33.47 95.08
CA TYR BB 137 56.06 32.67 96.09
C TYR BB 137 56.27 31.26 95.50
N ASP BB 138 57.53 30.92 95.19
CA ASP BB 138 57.83 29.62 94.62
C ASP BB 138 58.47 28.74 95.68
N LYS BB 139 59.06 27.62 95.26
CA LYS BB 139 59.74 26.76 96.22
C LYS BB 139 60.97 27.41 96.85
N SER BB 140 61.30 28.64 96.42
CA SER BB 140 62.54 29.30 96.84
C SER BB 140 62.37 30.69 97.46
N GLY BB 141 61.17 30.97 97.95
CA GLY BB 141 60.93 32.15 98.76
C GLY BB 141 59.95 33.14 98.16
N ALA BB 142 60.08 34.40 98.57
CA ALA BB 142 59.35 35.45 97.90
C ALA BB 142 60.16 35.82 96.66
N HIS BB 143 59.56 36.55 95.72
CA HIS BB 143 60.25 36.94 94.49
C HIS BB 143 59.65 38.18 93.82
N LEU BB 144 60.50 39.01 93.23
CA LEU BB 144 60.08 40.12 92.37
C LEU BB 144 60.96 40.26 91.14
N LEU BB 145 60.35 40.45 89.97
CA LEU BB 145 61.09 40.65 88.72
C LEU BB 145 60.68 41.96 88.00
N GLU BB 146 61.61 42.60 87.29
CA GLU BB 146 61.29 43.72 86.40
C GLU BB 146 61.46 43.24 84.97
N PHE BB 147 60.43 43.39 84.16
CA PHE BB 147 60.48 42.96 82.77
C PHE BB 147 60.43 44.16 81.86
N GLN BB 148 61.58 44.53 81.28
CA GLN BB 148 61.58 45.58 80.24
C GLN BB 148 61.45 44.87 78.91
N PRO BB 149 60.86 45.56 77.92
CA PRO BB 149 60.53 44.99 76.61
C PRO BB 149 61.76 44.66 75.76
N SER BB 150 62.95 44.90 76.30
CA SER BB 150 64.20 44.59 75.60
C SER BB 150 64.49 43.10 75.72
N GLY BB 151 63.83 42.46 76.69
CA GLY BB 151 64.10 41.09 77.07
C GLY BB 151 64.74 41.01 78.45
N ASN BB 152 65.45 42.06 78.84
CA ASN BB 152 66.14 42.04 80.11
C ASN BB 152 65.16 41.94 81.29
N VAL BB 153 65.09 40.73 81.87
CA VAL BB 153 64.37 40.51 83.14
C VAL BB 153 65.36 40.38 84.31
N THR BB 154 65.11 41.13 85.38
CA THR BB 154 66.06 41.29 86.48
C THR BB 154 65.33 41.05 87.79
N GLU BB 155 65.93 40.33 88.72
CA GLU BB 155 65.27 40.06 90.01
C GLU BB 155 65.66 41.03 91.13
N LEU BB 156 64.66 41.55 91.83
CA LEU BB 156 64.87 42.64 92.79
C LEU BB 156 64.13 42.45 94.11
N TYR BB 157 64.43 43.35 95.06
CA TYR BB 157 63.68 43.49 96.30
C TYR BB 157 62.52 44.46 96.11
N GLY BB 158 62.75 45.49 95.29
CA GLY BB 158 61.73 46.47 94.97
C GLY BB 158 62.13 47.34 93.79
N THR BB 159 61.14 47.89 93.09
CA THR BB 159 61.41 48.80 91.99
C THR BB 159 60.09 49.48 91.63
N ALA BB 160 60.14 50.37 90.64
CA ALA BB 160 58.95 51.05 90.18
C ALA BB 160 59.15 51.46 88.73
N ILE BB 161 58.09 51.36 87.95
CA ILE BB 161 58.20 51.65 86.53
C ILE BB 161 57.11 52.62 86.12
N GLY BB 162 57.45 53.51 85.20
CA GLY BB 162 56.46 54.37 84.57
C GLY BB 162 56.51 55.87 84.88
N ALA BB 163 55.35 56.51 84.74
CA ALA BB 163 55.19 57.94 84.95
C ALA BB 163 55.65 58.34 86.35
N ARG BB 164 56.79 59.02 86.42
CA ARG BB 164 57.34 59.44 87.70
C ARG BB 164 57.74 58.24 88.56
N SER BB 165 58.11 57.14 87.88
CA SER BB 165 58.61 55.96 88.56
C SER BB 165 59.67 56.35 89.58
N GLN BB 166 60.32 57.48 89.32
CA GLN BB 166 61.54 57.84 90.04
C GLN BB 166 61.33 58.21 91.50
N GLY BB 167 60.11 58.62 91.86
CA GLY BB 167 59.83 59.00 93.24
C GLY BB 167 59.90 57.83 94.21
N ALA BB 168 59.35 56.69 93.78
CA ALA BB 168 59.34 55.47 94.59
C ALA BB 168 60.66 54.74 94.48
N LYS BB 169 61.18 54.63 93.26
CA LYS BB 169 62.45 53.92 93.04
C LYS BB 169 63.51 54.47 94.00
N THR BB 170 63.39 55.73 94.40
CA THR BB 170 64.35 56.35 95.33
C THR BB 170 63.97 56.13 96.79
N TYR BB 171 62.67 56.08 97.09
CA TYR BB 171 62.21 55.71 98.43
C TYR BB 171 62.66 54.29 98.76
N LEU BB 172 62.29 53.35 97.92
CA LEU BB 172 62.62 51.95 98.15
C LEU BB 172 64.12 51.79 98.34
N GLU BB 173 64.88 52.54 97.55
CA GLU BB 173 66.34 52.47 97.60
C GLU BB 173 66.87 52.75 99.02
N ARG BB 174 66.16 53.63 99.74
CA ARG BB 174 66.54 54.05 101.10
C ARG BB 174 65.89 53.14 102.17
N THR BB 175 64.66 52.72 101.91
CA THR BB 175 63.91 51.84 102.83
C THR BB 175 64.42 50.40 102.87
N LEU BB 176 65.29 50.05 101.92
CA LEU BB 176 65.68 48.65 101.70
C LEU BB 176 65.72 47.71 102.91
N ASP BB 177 66.64 47.98 103.83
CA ASP BB 177 66.90 47.08 104.95
C ASP BB 177 65.71 46.96 105.91
N THR BB 178 64.74 47.87 105.75
CA THR BB 178 63.56 47.94 106.62
C THR BB 178 62.43 47.03 106.17
N PHE BB 179 62.09 47.08 104.88
CA PHE BB 179 60.93 46.34 104.38
C PHE BB 179 61.19 44.86 104.04
N ILE BB 180 62.42 44.52 103.67
CA ILE BB 180 62.76 43.11 103.37
C ILE BB 180 62.81 42.27 104.65
N LYS BB 181 62.67 42.96 105.79
CA LYS BB 181 62.61 42.32 107.10
C LYS BB 181 61.18 42.29 107.65
N ILE BB 182 60.23 42.73 106.83
CA ILE BB 182 58.80 42.65 107.18
C ILE BB 182 58.26 41.24 106.89
N ASP BB 183 58.83 40.26 107.57
CA ASP BB 183 58.38 38.90 107.44
C ASP BB 183 57.18 38.68 108.37
N GLY BB 184 56.31 37.75 107.99
CA GLY BB 184 55.21 37.34 108.85
C GLY BB 184 54.18 38.42 109.11
N ASN BB 185 54.40 39.58 108.50
CA ASN BB 185 53.42 40.65 108.56
C ASN BB 185 52.96 40.91 107.16
N PRO BB 186 51.65 40.87 106.94
CA PRO BB 186 51.16 41.16 105.59
C PRO BB 186 50.67 42.59 105.50
N ASP BB 187 49.84 42.99 106.47
CA ASP BB 187 49.31 44.35 106.45
C ASP BB 187 50.42 45.39 106.48
N GLU BB 188 51.55 45.07 107.09
CA GLU BB 188 52.63 46.04 107.24
C GLU BB 188 53.48 46.20 105.98
N LEU BB 189 53.57 45.13 105.19
CA LEU BB 189 54.33 45.21 103.95
C LEU BB 189 53.56 45.98 102.87
N ILE BB 190 52.24 45.98 102.97
CA ILE BB 190 51.44 46.77 102.05
C ILE BB 190 51.46 48.24 102.48
N LYS BB 191 51.45 48.48 103.78
CA LYS BB 191 51.53 49.85 104.25
C LYS BB 191 52.77 50.49 103.64
N ALA BB 192 53.83 49.69 103.46
CA ALA BB 192 55.08 50.20 102.92
C ALA BB 192 55.02 50.40 101.41
N GLY BB 193 54.42 49.44 100.71
CA GLY BB 193 54.26 49.52 99.27
C GLY BB 193 53.50 50.78 98.88
N VAL BB 194 52.52 51.14 99.71
CA VAL BB 194 51.68 52.30 99.44
C VAL BB 194 52.35 53.62 99.83
N GLU BB 195 53.20 53.59 100.85
CA GLU BB 195 53.91 54.78 101.30
C GLU BB 195 55.06 55.06 100.33
N ALA BB 196 55.32 54.10 99.44
CA ALA BB 196 56.34 54.25 98.41
C ALA BB 196 55.76 54.74 97.08
N ILE BB 197 54.61 54.19 96.69
CA ILE BB 197 53.94 54.66 95.48
C ILE BB 197 53.45 56.10 95.66
N SER BB 198 53.30 56.54 96.90
CA SER BB 198 52.81 57.91 97.14
C SER BB 198 53.93 58.96 97.16
N GLN BB 199 55.18 58.54 97.00
CA GLN BB 199 56.24 59.50 96.74
C GLN BB 199 56.21 59.92 95.26
N SER BB 200 55.61 59.08 94.40
CA SER BB 200 55.51 59.37 92.96
C SER BB 200 54.24 60.11 92.54
N LEU BB 201 53.51 60.66 93.51
CA LEU BB 201 52.34 61.48 93.21
C LEU BB 201 52.64 62.93 93.57
N ARG BB 202 51.99 63.86 92.88
CA ARG BB 202 52.22 65.27 93.15
C ARG BB 202 51.37 65.73 94.32
N ASP BB 203 50.37 66.56 94.03
CA ASP BB 203 49.37 66.88 95.03
C ASP BB 203 48.26 65.84 94.92
N GLU BB 204 48.58 64.70 94.31
CA GLU BB 204 47.57 63.72 93.97
C GLU BB 204 47.21 62.77 95.10
N SER BB 205 45.94 62.37 95.11
CA SER BB 205 45.31 61.76 96.29
C SER BB 205 44.73 60.39 95.98
N LEU BB 206 45.31 59.35 96.59
CA LEU BB 206 44.84 57.98 96.41
C LEU BB 206 43.42 57.82 96.93
N THR BB 207 42.56 57.19 96.14
CA THR BB 207 41.22 56.87 96.62
C THR BB 207 40.89 55.42 96.41
N VAL BB 208 39.62 55.08 96.64
CA VAL BB 208 39.16 53.70 96.48
C VAL BB 208 39.14 53.30 95.00
N ASP BB 209 39.19 54.31 94.13
CA ASP BB 209 39.14 54.07 92.70
C ASP BB 209 40.52 54.23 92.05
N ASN BB 210 41.41 54.94 92.73
CA ASN BB 210 42.76 55.14 92.22
C ASN BB 210 43.61 53.93 92.48
N LEU BB 211 43.38 53.30 93.64
CA LEU BB 211 44.30 52.29 94.16
C LEU BB 211 43.95 50.85 93.77
N SER BB 212 45.00 50.11 93.46
CA SER BB 212 44.89 48.71 93.08
C SER BB 212 46.07 48.02 93.76
N ILE BB 213 45.79 46.99 94.55
CA ILE BB 213 46.83 46.31 95.29
C ILE BB 213 46.69 44.82 95.14
N ALA BB 214 47.81 44.11 95.16
CA ALA BB 214 47.81 42.66 95.03
C ALA BB 214 48.88 42.13 95.96
N ILE BB 215 48.74 40.89 96.40
CA ILE BB 215 49.71 40.28 97.32
C ILE BB 215 49.75 38.77 97.19
N VAL BB 216 50.84 38.18 97.66
CA VAL BB 216 51.06 36.75 97.55
C VAL BB 216 52.19 36.32 98.49
N GLY BB 217 52.28 35.03 98.83
CA GLY BB 217 53.36 34.54 99.68
C GLY BB 217 52.99 33.42 100.64
N LYS BB 218 54.01 32.76 101.17
CA LYS BB 218 53.85 31.58 102.03
C LYS BB 218 52.46 30.92 101.97
N ASP BB 219 51.53 31.46 102.77
CA ASP BB 219 50.20 30.87 102.83
C ASP BB 219 49.12 31.85 102.38
N THR BB 220 49.51 32.80 101.54
CA THR BB 220 48.55 33.70 100.93
C THR BB 220 48.65 33.56 99.41
N PRO BB 221 47.61 32.98 98.78
CA PRO BB 221 47.54 32.90 97.31
C PRO BB 221 47.29 34.29 96.70
N PHE BB 222 47.77 34.49 95.47
CA PHE BB 222 47.66 35.78 94.79
C PHE BB 222 46.23 36.34 94.82
N THR BB 223 46.02 37.42 95.59
CA THR BB 223 44.74 38.11 95.56
C THR BB 223 44.85 39.61 95.26
N ILE BB 224 43.78 40.13 94.66
CA ILE BB 224 43.79 41.49 94.16
C ILE BB 224 42.72 42.31 94.85
N TYR BB 225 43.10 43.48 95.35
CA TYR BB 225 42.19 44.35 96.09
C TYR BB 225 41.95 45.65 95.36
N ASP BB 226 40.78 45.76 94.74
CA ASP BB 226 40.34 47.00 94.10
C ASP BB 226 39.11 47.46 94.86
N GLY BB 227 38.74 48.72 94.65
CA GLY BB 227 37.50 49.28 95.20
C GLY BB 227 37.53 49.47 96.70
N GLU BB 228 36.44 49.09 97.37
CA GLU BB 228 36.35 49.33 98.81
C GLU BB 228 37.38 48.53 99.59
N ALA BB 229 37.77 47.38 99.05
CA ALA BB 229 38.75 46.52 99.72
C ALA BB 229 40.05 47.25 100.08
N VAL BB 230 40.35 48.33 99.35
CA VAL BB 230 41.61 49.05 99.46
C VAL BB 230 41.57 50.19 100.47
N ALA BB 231 40.37 50.53 100.93
CA ALA BB 231 40.19 51.67 101.82
C ALA BB 231 41.08 51.61 103.06
N LYS BB 232 41.19 50.44 103.69
CA LYS BB 232 41.93 50.33 104.96
C LYS BB 232 43.39 50.80 104.91
N TYR BB 233 43.92 51.05 103.71
CA TYR BB 233 45.30 51.47 103.52
C TYR BB 233 45.46 52.95 103.13
N ILE BB 234 44.40 53.74 103.33
CA ILE BB 234 44.41 55.15 102.94
C ILE BB 234 44.30 56.13 104.11
CA GLY CB 1 73.76 55.81 45.27
C GLY CB 1 74.11 54.85 46.40
N THR CB 2 74.17 55.34 47.64
CA THR CB 2 74.61 54.53 48.80
C THR CB 2 73.50 53.95 49.69
N GLY CB 3 73.87 53.47 50.89
CA GLY CB 3 72.92 52.79 51.78
C GLY CB 3 73.29 51.32 52.04
N TYR CB 4 74.58 51.04 51.90
CA TYR CB 4 75.11 49.68 51.95
C TYR CB 4 75.17 49.09 53.37
N ASP CB 5 74.56 49.78 54.33
CA ASP CB 5 74.72 49.42 55.74
C ASP CB 5 73.42 49.45 56.53
N LEU CB 6 72.29 49.43 55.83
CA LEU CB 6 71.01 49.39 56.52
C LEU CB 6 70.44 47.98 56.42
N SER CB 7 70.96 47.23 55.46
CA SER CB 7 70.53 45.86 55.22
C SER CB 7 71.62 44.89 55.62
N ASN CB 8 71.19 43.73 56.09
CA ASN CB 8 72.10 42.77 56.69
C ASN CB 8 72.92 41.92 55.69
N SER CB 9 72.29 41.39 54.67
CA SER CB 9 73.00 40.49 53.75
C SER CB 9 74.03 41.22 52.88
N VAL CB 10 73.94 42.54 52.87
CA VAL CB 10 74.55 43.38 51.84
C VAL CB 10 76.05 43.64 51.92
N PHE CB 11 76.72 43.32 50.82
CA PHE CB 11 78.15 43.56 50.69
C PHE CB 11 78.50 45.03 50.42
N SER CB 12 79.33 45.60 51.28
CA SER CB 12 79.94 46.88 50.97
C SER CB 12 80.81 46.67 49.74
N PRO CB 13 81.07 47.75 49.01
CA PRO CB 13 81.96 47.77 47.85
C PRO CB 13 83.32 47.05 48.00
N ASP CB 14 83.82 46.81 49.21
CA ASP CB 14 85.09 46.08 49.35
C ASP CB 14 85.04 44.80 50.21
N GLY CB 15 83.86 44.19 50.28
CA GLY CB 15 83.71 42.85 50.83
C GLY CB 15 83.15 42.71 52.23
N ARG CB 16 82.64 43.81 52.77
CA ARG CB 16 82.22 43.84 54.17
C ARG CB 16 80.73 43.91 54.42
N ASN CB 17 80.30 43.19 55.44
CA ASN CB 17 78.92 43.18 55.85
C ASN CB 17 78.84 44.11 57.04
N PHE CB 18 78.33 45.32 56.82
CA PHE CB 18 78.46 46.35 57.84
C PHE CB 18 77.62 46.14 59.08
N GLN CB 19 76.41 45.62 58.88
CA GLN CB 19 75.52 45.37 59.99
C GLN CB 19 76.18 44.48 61.05
N VAL CB 20 76.98 43.51 60.61
CA VAL CB 20 77.75 42.69 61.54
C VAL CB 20 78.73 43.53 62.34
N GLU CB 21 79.50 44.36 61.66
CA GLU CB 21 80.49 45.20 62.33
C GLU CB 21 79.85 46.10 63.38
N TYR CB 22 78.60 46.52 63.14
CA TYR CB 22 77.85 47.33 64.12
C TYR CB 22 77.47 46.54 65.37
N ALA CB 23 77.11 45.28 65.16
CA ALA CB 23 76.76 44.40 66.26
C ALA CB 23 77.96 44.20 67.17
N VAL CB 24 79.13 44.09 66.55
CA VAL CB 24 80.36 43.91 67.31
C VAL CB 24 80.54 45.10 68.26
N LYS CB 25 80.00 46.25 67.88
CA LYS CB 25 80.10 47.45 68.70
C LYS CB 25 79.23 47.32 69.96
N ALA CB 26 78.16 46.54 69.85
CA ALA CB 26 77.24 46.33 70.97
C ALA CB 26 77.86 45.40 71.96
N VAL CB 27 78.59 44.42 71.42
CA VAL CB 27 79.42 43.50 72.20
C VAL CB 27 80.42 44.29 73.02
N GLU CB 28 81.18 45.13 72.34
CA GLU CB 28 82.25 45.89 72.99
C GLU CB 28 81.73 46.82 74.11
N ASN CB 29 80.45 47.19 74.03
CA ASN CB 29 79.85 48.10 75.01
C ASN CB 29 79.04 47.40 76.12
N GLY CB 30 79.35 46.14 76.36
CA GLY CB 30 78.64 45.39 77.39
C GLY CB 30 79.59 44.79 78.40
N THR CB 31 79.01 44.21 79.46
CA THR CB 31 79.74 43.46 80.48
C THR CB 31 80.96 42.75 79.92
N THR CB 32 82.04 42.72 80.69
CA THR CB 32 83.27 42.03 80.26
C THR CB 32 83.28 40.59 80.79
N SER CB 33 83.62 39.64 79.91
CA SER CB 33 83.53 38.21 80.24
C SER CB 33 84.70 37.41 79.65
N ILE CB 34 85.18 36.40 80.38
CA ILE CB 34 86.39 35.70 79.96
C ILE CB 34 86.33 34.19 80.08
N GLY CB 35 87.35 33.55 79.50
CA GLY CB 35 87.50 32.11 79.60
C GLY CB 35 88.96 31.74 79.65
N ILE CB 36 89.30 30.73 80.46
CA ILE CB 36 90.67 30.23 80.54
C ILE CB 36 90.70 28.72 80.39
N LYS CB 37 91.58 28.24 79.52
CA LYS CB 37 91.77 26.81 79.31
C LYS CB 37 92.95 26.35 80.13
N CYS CB 38 92.66 25.50 81.12
CA CYS CB 38 93.72 24.93 81.95
C CYS CB 38 94.01 23.49 81.51
N ASN CB 39 94.81 22.79 82.30
CA ASN CB 39 95.37 21.50 81.88
C ASN CB 39 94.39 20.32 81.86
N ASP CB 40 93.20 20.50 82.44
CA ASP CB 40 92.16 19.47 82.35
C ASP CB 40 90.75 20.03 82.50
N GLY CB 41 90.48 21.15 81.83
CA GLY CB 41 89.17 21.76 81.84
C GLY CB 41 89.16 23.22 81.43
N VAL CB 42 88.07 23.92 81.76
CA VAL CB 42 87.96 25.34 81.48
C VAL CB 42 87.29 26.11 82.62
N VAL CB 43 87.69 27.37 82.77
CA VAL CB 43 87.12 28.23 83.79
C VAL CB 43 86.47 29.44 83.15
N PHE CB 44 85.28 29.80 83.62
CA PHE CB 44 84.53 30.91 83.04
C PHE CB 44 84.23 31.97 84.09
N ALA CB 45 84.20 33.22 83.64
CA ALA CB 45 84.03 34.38 84.54
C ALA CB 45 83.28 35.51 83.87
N VAL CB 46 82.43 36.19 84.63
CA VAL CB 46 81.66 37.30 84.08
C VAL CB 46 81.49 38.45 85.08
N GLU CB 47 81.38 39.66 84.53
CA GLU CB 47 81.16 40.89 85.31
C GLU CB 47 79.66 41.21 85.35
N LYS CB 48 79.05 41.10 86.54
CA LYS CB 48 77.65 41.46 86.70
C LYS CB 48 77.54 42.90 87.25
N LEU CB 49 77.07 43.84 86.44
CA LEU CB 49 76.95 45.22 86.91
C LEU CB 49 75.74 45.34 87.84
N ILE CB 50 75.82 46.32 88.75
CA ILE CB 50 74.77 46.53 89.74
C ILE CB 50 74.02 47.86 89.59
N THR CB 51 73.05 47.90 88.68
CA THR CB 51 72.22 49.09 88.42
C THR CB 51 71.86 49.89 89.67
N SER CB 52 71.18 49.25 90.61
CA SER CB 52 70.82 49.87 91.88
C SER CB 52 70.96 48.90 93.05
N LYS CB 53 70.72 49.38 94.27
CA LYS CB 53 70.91 48.59 95.50
C LYS CB 53 69.89 47.46 95.61
N LEU CB 54 68.88 47.54 94.75
CA LEU CB 54 67.72 46.66 94.82
C LEU CB 54 67.91 45.36 94.06
N LEU CB 55 68.92 45.31 93.19
CA LEU CB 55 69.28 44.05 92.55
C LEU CB 55 69.67 43.06 93.62
N VAL CB 56 69.17 41.84 93.52
CA VAL CB 56 69.44 40.83 94.54
C VAL CB 56 70.77 40.15 94.28
N PRO CB 57 71.60 40.11 95.32
CA PRO CB 57 72.93 39.49 95.33
C PRO CB 57 72.89 38.01 94.99
N GLN CB 58 73.76 37.60 94.06
CA GLN CB 58 73.96 36.20 93.69
C GLN CB 58 72.79 35.61 92.89
N LYS CB 59 71.75 36.43 92.65
CA LYS CB 59 70.48 35.90 92.11
C LYS CB 59 70.08 36.37 90.71
N ASN CB 60 71.04 36.82 89.92
CA ASN CB 60 70.75 37.12 88.52
C ASN CB 60 71.78 36.47 87.60
N VAL CB 61 71.68 35.15 87.49
CA VAL CB 61 72.71 34.36 86.83
C VAL CB 61 72.87 34.65 85.33
N LYS CB 62 74.13 34.88 84.93
CA LYS CB 62 74.43 35.24 83.55
C LYS CB 62 75.01 34.06 82.80
N ILE CB 63 75.83 33.27 83.48
CA ILE CB 63 76.39 32.04 82.89
C ILE CB 63 75.33 30.93 82.71
N GLN CB 64 75.21 30.44 81.49
CA GLN CB 64 74.23 29.42 81.18
C GLN CB 64 74.96 28.12 80.94
N VAL CB 65 74.29 27.02 81.24
CA VAL CB 65 74.91 25.71 81.05
C VAL CB 65 74.26 24.94 79.89
N VAL CB 66 75.08 24.28 79.07
CA VAL CB 66 74.55 23.49 77.97
C VAL CB 66 74.84 22.00 78.17
N ASP CB 67 73.80 21.17 78.00
CA ASP CB 67 73.87 19.76 78.37
C ASP CB 67 74.19 19.64 79.88
N ARG CB 68 75.39 19.15 80.18
CA ARG CB 68 75.75 18.77 81.54
C ARG CB 68 77.21 19.14 81.72
N HIS CB 69 77.88 19.32 80.57
CA HIS CB 69 79.33 19.38 80.49
C HIS CB 69 79.86 20.60 79.72
N ILE CB 70 78.97 21.50 79.32
CA ILE CB 70 79.38 22.69 78.56
C ILE CB 70 78.94 24.00 79.19
N GLY CB 71 79.83 25.00 79.16
CA GLY CB 71 79.55 26.30 79.71
C GLY CB 71 79.49 27.42 78.66
N CYS CB 72 78.52 28.32 78.82
CA CYS CB 72 78.46 29.49 77.95
C CYS CB 72 78.40 30.77 78.74
N VAL CB 73 79.14 31.78 78.27
CA VAL CB 73 79.02 33.12 78.81
C VAL CB 73 79.14 34.12 77.67
N TYR CB 74 78.35 35.17 77.75
CA TYR CB 74 78.36 36.14 76.66
C TYR CB 74 78.42 37.59 77.14
N SER CB 75 78.78 38.47 76.20
CA SER CB 75 78.86 39.90 76.49
C SER CB 75 78.05 40.66 75.47
N GLY CB 76 77.19 41.55 75.94
CA GLY CB 76 76.41 42.34 75.01
C GLY CB 76 74.94 42.35 75.31
N LEU CB 77 74.13 42.33 74.24
CA LEU CB 77 72.68 42.18 74.35
C LEU CB 77 72.38 40.86 75.03
N ILE CB 78 71.92 40.90 76.28
CA ILE CB 78 71.76 39.67 77.03
C ILE CB 78 70.71 38.72 76.45
N PRO CB 79 69.53 39.24 76.09
CA PRO CB 79 68.49 38.35 75.54
C PRO CB 79 68.91 37.59 74.30
N ASP CB 80 69.90 38.10 73.57
CA ASP CB 80 70.42 37.42 72.36
C ASP CB 80 71.33 36.29 72.78
N GLY CB 81 71.98 36.47 73.92
CA GLY CB 81 72.72 35.37 74.52
C GLY CB 81 71.78 34.22 74.83
N ARG CB 82 70.61 34.52 75.35
CA ARG CB 82 69.67 33.49 75.76
C ARG CB 82 69.08 32.79 74.55
N HIS CB 83 68.66 33.56 73.55
CA HIS CB 83 68.13 32.97 72.31
C HIS CB 83 69.18 32.09 71.64
N LEU CB 84 70.46 32.47 71.73
CA LEU CB 84 71.52 31.65 71.13
C LEU CB 84 71.77 30.39 71.94
N VAL CB 85 71.78 30.52 73.27
CA VAL CB 85 72.04 29.37 74.11
C VAL CB 85 70.88 28.40 74.04
N ASN CB 86 69.70 28.90 73.73
CA ASN CB 86 68.55 28.02 73.57
C ASN CB 86 68.70 27.15 72.32
N ARG CB 87 68.95 27.78 71.19
CA ARG CB 87 69.25 27.03 69.98
C ARG CB 87 70.49 26.16 70.22
N GLY CB 88 71.35 26.60 71.14
CA GLY CB 88 72.52 25.82 71.51
C GLY CB 88 72.16 24.44 72.06
N ARG CB 89 71.12 24.40 72.89
CA ARG CB 89 70.72 23.17 73.58
C ARG CB 89 69.89 22.24 72.72
N GLU CB 90 69.04 22.84 71.88
CA GLU CB 90 68.20 22.07 70.97
C GLU CB 90 69.12 21.25 70.10
N GLU CB 91 70.30 21.82 69.85
CA GLU CB 91 71.25 21.27 68.92
C GLU CB 91 72.04 20.18 69.66
N ALA CB 92 72.37 20.45 70.92
CA ALA CB 92 73.20 19.54 71.71
C ALA CB 92 72.43 18.29 72.12
N ALA CB 93 71.11 18.37 71.96
CA ALA CB 93 70.22 17.31 72.34
C ALA CB 93 69.72 16.53 71.10
N SER CB 94 69.68 17.18 69.94
CA SER CB 94 69.53 16.45 68.67
C SER CB 94 70.67 15.48 68.60
N PHE CB 95 71.88 16.01 68.81
CA PHE CB 95 73.10 15.21 68.71
C PHE CB 95 73.05 14.00 69.65
N LYS CB 96 72.87 14.24 70.94
CA LYS CB 96 72.87 13.16 71.93
C LYS CB 96 71.82 12.11 71.57
N LYS CB 97 70.59 12.53 71.36
CA LYS CB 97 69.51 11.59 71.02
C LYS CB 97 69.89 10.55 69.94
N LEU CB 98 70.54 11.01 68.87
CA LEU CB 98 70.90 10.13 67.75
C LEU CB 98 72.25 9.40 67.89
N TYR CB 99 73.29 10.11 68.33
CA TYR CB 99 74.63 9.51 68.43
C TYR CB 99 75.06 9.04 69.83
N LYS CB 100 74.13 9.10 70.79
CA LYS CB 100 74.32 8.70 72.21
C LYS CB 100 75.36 9.45 73.05
N THR CB 101 76.58 9.60 72.54
CA THR CB 101 77.58 10.41 73.21
C THR CB 101 77.12 11.89 73.26
N PRO CB 102 77.37 12.59 74.39
CA PRO CB 102 77.00 14.00 74.50
C PRO CB 102 77.88 14.85 73.60
N ILE CB 103 77.34 15.88 72.99
CA ILE CB 103 78.03 16.55 71.88
C ILE CB 103 79.42 17.10 72.21
N PRO CB 104 80.45 16.67 71.43
CA PRO CB 104 81.85 17.09 71.52
C PRO CB 104 82.00 18.60 71.33
N ILE CB 105 82.86 19.23 72.11
CA ILE CB 105 82.98 20.68 72.10
C ILE CB 105 83.20 21.30 70.71
N PRO CB 106 84.15 20.76 69.93
CA PRO CB 106 84.41 21.30 68.59
C PRO CB 106 83.22 21.17 67.65
N ALA CB 107 82.46 20.09 67.83
CA ALA CB 107 81.27 19.86 67.02
C ALA CB 107 80.11 20.75 67.45
N PHE CB 108 80.05 21.05 68.75
CA PHE CB 108 79.08 22.00 69.28
C PHE CB 108 79.37 23.39 68.74
N ALA CB 109 80.65 23.75 68.70
CA ALA CB 109 81.04 25.08 68.24
C ALA CB 109 80.62 25.29 66.80
N ASP CB 110 80.90 24.30 65.93
CA ASP CB 110 80.52 24.38 64.52
C ASP CB 110 79.00 24.51 64.32
N ARG CB 111 78.23 24.14 65.33
CA ARG CB 111 76.78 24.18 65.23
C ARG CB 111 76.24 25.56 65.56
N LEU CB 112 76.81 26.19 66.60
CA LEU CB 112 76.55 27.60 66.91
C LEU CB 112 77.04 28.50 65.77
N GLY CB 113 78.24 28.19 65.28
CA GLY CB 113 78.81 28.90 64.16
C GLY CB 113 77.84 29.03 63.00
N GLN CB 114 77.26 27.90 62.60
CA GLN CB 114 76.32 27.93 61.52
C GLN CB 114 75.01 28.68 61.83
N TYR CB 115 74.49 28.59 63.07
CA TYR CB 115 73.28 29.36 63.43
C TYR CB 115 73.60 30.86 63.31
N VAL CB 116 74.71 31.29 63.91
CA VAL CB 116 75.07 32.71 63.86
C VAL CB 116 75.33 33.19 62.44
N GLN CB 117 76.23 32.49 61.75
CA GLN CB 117 76.56 32.77 60.35
C GLN CB 117 75.31 32.81 59.46
N ALA CB 118 74.32 32.01 59.80
CA ALA CB 118 73.10 31.98 59.01
C ALA CB 118 72.22 33.18 59.31
N HIS CB 119 72.54 33.89 60.39
CA HIS CB 119 71.86 35.15 60.70
C HIS CB 119 72.57 36.34 60.06
N THR CB 120 73.48 36.04 59.14
CA THR CB 120 74.16 37.07 58.35
C THR CB 120 73.94 36.84 56.85
N LEU CB 121 72.76 36.34 56.48
CA LEU CB 121 72.53 35.90 55.11
C LEU CB 121 71.36 36.59 54.45
N TYR CB 122 70.48 37.18 55.24
CA TYR CB 122 69.30 37.82 54.67
C TYR CB 122 69.13 39.21 55.25
N ASN CB 123 68.63 40.12 54.41
CA ASN CB 123 68.41 41.50 54.82
C ASN CB 123 67.42 41.61 55.98
N SER CB 124 66.70 40.53 56.25
CA SER CB 124 65.53 40.54 57.13
C SER CB 124 65.70 39.88 58.50
N VAL CB 125 66.95 39.70 58.95
CA VAL CB 125 67.26 39.19 60.29
C VAL CB 125 68.60 39.76 60.73
N ARG CB 126 68.65 40.31 61.93
CA ARG CB 126 69.89 40.95 62.37
C ARG CB 126 70.78 39.93 63.07
N PRO CB 127 72.10 40.17 62.98
CA PRO CB 127 73.14 39.32 63.57
C PRO CB 127 72.96 39.31 65.06
N PHE CB 128 73.62 38.39 65.73
CA PHE CB 128 73.54 38.38 67.18
C PHE CB 128 74.33 39.53 67.78
N GLY CB 129 73.82 40.07 68.89
CA GLY CB 129 74.49 41.17 69.56
C GLY CB 129 75.39 40.68 70.68
N VAL CB 130 76.09 39.57 70.44
CA VAL CB 130 76.92 38.95 71.47
C VAL CB 130 78.12 38.25 70.85
N SER CB 131 79.26 38.35 71.53
CA SER CB 131 80.38 37.46 71.29
C SER CB 131 80.24 36.47 72.42
N THR CB 132 80.28 35.19 72.09
CA THR CB 132 80.00 34.15 73.07
C THR CB 132 81.28 33.37 73.38
N ILE CB 133 81.62 33.27 74.66
CA ILE CB 133 82.74 32.43 75.08
C ILE CB 133 82.18 31.17 75.70
N PHE CB 134 82.59 30.02 75.18
CA PHE CB 134 82.06 28.74 75.64
C PHE CB 134 83.09 27.63 75.52
N GLY CB 135 82.82 26.50 76.17
CA GLY CB 135 83.74 25.38 76.15
C GLY CB 135 83.39 24.31 77.18
N GLY CB 136 84.24 23.30 77.28
CA GLY CB 136 84.03 22.23 78.22
C GLY CB 136 85.04 21.11 78.04
N VAL CB 137 84.69 19.92 78.52
CA VAL CB 137 85.55 18.75 78.41
C VAL CB 137 84.90 17.62 77.61
N ASP CB 138 85.58 17.17 76.57
CA ASP CB 138 85.10 16.02 75.80
C ASP CB 138 86.05 14.82 75.84
N LYS CB 139 85.80 13.85 74.97
CA LYS CB 139 86.63 12.64 74.87
C LYS CB 139 88.15 12.93 74.77
N ASN CB 140 88.54 14.05 74.18
CA ASN CB 140 89.98 14.42 74.13
C ASN CB 140 90.36 15.72 74.85
N GLY CB 141 89.90 15.85 76.09
CA GLY CB 141 90.37 16.92 76.94
C GLY CB 141 89.51 18.17 76.92
N ALA CB 142 90.18 19.31 77.12
CA ALA CB 142 89.50 20.59 77.27
C ALA CB 142 89.53 21.42 75.99
N HIS CB 143 88.47 22.21 75.80
CA HIS CB 143 88.39 23.11 74.66
C HIS CB 143 87.72 24.42 75.04
N LEU CB 144 88.38 25.53 74.74
CA LEU CB 144 87.77 26.83 74.90
C LEU CB 144 87.59 27.48 73.53
N TYR CB 145 86.39 27.98 73.27
CA TYR CB 145 86.03 28.61 71.99
C TYR CB 145 85.43 30.02 72.19
N MET CB 146 85.53 30.86 71.16
CA MET CB 146 84.87 32.17 71.19
C MET CB 146 84.28 32.49 69.82
N LEU CB 147 83.07 33.03 69.83
CA LEU CB 147 82.28 33.15 68.60
C LEU CB 147 81.60 34.50 68.47
N GLU CB 148 82.11 35.34 67.56
CA GLU CB 148 81.58 36.69 67.32
C GLU CB 148 80.39 36.68 66.36
N PRO CB 149 79.65 37.81 66.29
CA PRO CB 149 78.39 37.96 65.53
C PRO CB 149 78.49 37.59 64.06
N SER CB 150 79.71 37.62 63.51
CA SER CB 150 79.91 37.31 62.11
C SER CB 150 79.75 35.80 61.82
N GLY CB 151 79.97 34.99 62.83
CA GLY CB 151 79.99 33.55 62.65
C GLY CB 151 81.39 33.03 62.93
N SER CB 152 82.38 33.94 62.92
CA SER CB 152 83.77 33.58 63.22
C SER CB 152 83.88 32.91 64.59
N TYR CB 153 84.67 31.84 64.66
CA TYR CB 153 84.98 31.14 65.91
C TYR CB 153 86.32 30.42 65.82
N TRP CB 154 87.08 30.44 66.90
CA TRP CB 154 88.34 29.72 66.92
C TRP CB 154 88.54 29.21 68.33
N GLY CB 155 89.52 28.33 68.49
CA GLY CB 155 89.84 27.77 69.79
C GLY CB 155 90.96 28.55 70.43
N TYR CB 156 90.73 28.99 71.67
CA TYR CB 156 91.68 29.83 72.37
C TYR CB 156 92.27 29.15 73.60
N LYS CB 157 93.47 29.59 73.97
CA LYS CB 157 94.09 29.23 75.24
C LYS CB 157 93.42 30.04 76.35
N GLY CB 158 93.02 31.25 75.98
CA GLY CB 158 92.18 32.09 76.82
C GLY CB 158 91.44 33.07 75.92
N ALA CB 159 90.39 33.67 76.43
CA ALA CB 159 89.63 34.58 75.61
C ALA CB 159 88.88 35.61 76.44
N ALA CB 160 88.65 36.76 75.83
CA ALA CB 160 87.90 37.83 76.47
C ALA CB 160 87.06 38.56 75.45
N THR CB 161 86.02 39.22 75.93
CA THR CB 161 85.18 40.07 75.10
C THR CB 161 84.32 40.92 76.03
N GLY CB 162 84.05 42.15 75.60
CA GLY CB 162 83.33 43.11 76.45
C GLY CB 162 84.10 44.41 76.60
N LYS CB 163 83.59 45.32 77.41
CA LYS CB 163 84.22 46.64 77.59
C LYS CB 163 85.68 46.51 78.01
N GLY CB 164 85.96 45.57 78.93
CA GLY CB 164 87.32 45.33 79.38
C GLY CB 164 88.07 44.34 78.52
N ARG CB 165 87.73 44.27 77.24
CA ARG CB 165 88.38 43.34 76.31
C ARG CB 165 89.91 43.49 76.27
N GLN CB 166 90.41 44.62 75.76
CA GLN CB 166 91.86 44.77 75.58
C GLN CB 166 92.61 44.55 76.88
N SER CB 167 91.98 44.91 77.99
CA SER CB 167 92.60 44.83 79.30
C SER CB 167 92.83 43.40 79.80
N ALA CB 168 91.80 42.57 79.70
CA ALA CB 168 91.89 41.18 80.08
C ALA CB 168 92.80 40.40 79.14
N LYS CB 169 92.58 40.58 77.84
CA LYS CB 169 93.40 39.93 76.81
C LYS CB 169 94.88 40.09 77.12
N ALA CB 170 95.25 41.17 77.79
CA ALA CB 170 96.65 41.45 78.09
C ALA CB 170 97.16 40.70 79.32
N GLU CB 171 96.33 40.63 80.36
CA GLU CB 171 96.65 39.84 81.53
C GLU CB 171 96.61 38.35 81.20
N LEU CB 172 95.73 38.01 80.24
CA LEU CB 172 95.58 36.65 79.76
C LEU CB 172 96.85 36.19 79.03
N GLU CB 173 97.43 37.10 78.24
CA GLU CB 173 98.65 36.78 77.49
C GLU CB 173 99.81 36.65 78.46
N LYS CB 174 99.67 37.23 79.64
CA LYS CB 174 100.70 37.18 80.66
C LYS CB 174 100.85 35.79 81.25
N LEU CB 175 99.73 35.09 81.41
CA LEU CB 175 99.73 33.74 81.98
C LEU CB 175 100.18 32.69 80.96
N VAL CB 176 99.69 32.82 79.72
CA VAL CB 176 100.11 31.95 78.63
C VAL CB 176 101.61 32.08 78.42
N ASP CB 177 102.14 33.19 78.88
CA ASP CB 177 103.57 33.46 78.78
C ASP CB 177 104.35 32.77 79.92
N HIS CB 178 103.95 33.04 81.16
CA HIS CB 178 104.60 32.48 82.34
C HIS CB 178 104.44 30.95 82.42
N HIS CB 179 103.20 30.47 82.33
CA HIS CB 179 102.93 29.05 82.41
C HIS CB 179 102.42 28.53 81.07
N PRO CB 180 103.34 28.04 80.22
CA PRO CB 180 102.96 27.47 78.92
C PRO CB 180 102.13 26.19 79.02
N GLU CB 181 102.33 25.39 80.06
CA GLU CB 181 101.65 24.09 80.24
C GLU CB 181 100.21 24.24 80.74
N GLY CB 182 99.74 25.48 80.84
CA GLY CB 182 98.41 25.76 81.32
C GLY CB 182 98.39 25.83 82.83
N LEU CB 183 97.42 26.55 83.37
CA LEU CB 183 97.24 26.65 84.81
C LEU CB 183 96.63 25.38 85.40
N SER CB 184 96.67 25.25 86.73
CA SER CB 184 95.93 24.21 87.41
C SER CB 184 94.45 24.57 87.44
N ALA CB 185 93.58 23.56 87.41
CA ALA CB 185 92.15 23.82 87.45
C ALA CB 185 91.81 24.86 88.55
N ARG CB 186 92.32 24.64 89.75
CA ARG CB 186 92.06 25.57 90.87
C ARG CB 186 92.69 26.94 90.69
N GLU CB 187 93.92 26.99 90.17
CA GLU CB 187 94.62 28.26 89.95
C GLU CB 187 93.93 29.14 88.92
N ALA CB 188 93.50 28.52 87.84
CA ALA CB 188 92.78 29.21 86.78
C ALA CB 188 91.58 29.96 87.34
N VAL CB 189 90.97 29.42 88.39
CA VAL CB 189 89.82 30.09 89.00
C VAL CB 189 90.22 31.31 89.81
N LYS CB 190 91.28 31.19 90.60
CA LYS CB 190 91.82 32.34 91.36
C LYS CB 190 92.16 33.46 90.39
N GLN CB 191 92.78 33.09 89.28
CA GLN CB 191 93.27 34.06 88.30
C GLN CB 191 92.14 34.72 87.50
N ALA CB 192 91.13 33.96 87.10
CA ALA CB 192 89.98 34.52 86.40
C ALA CB 192 89.35 35.62 87.23
N ALA CB 193 89.36 35.44 88.55
CA ALA CB 193 88.81 36.42 89.49
C ALA CB 193 89.67 37.68 89.54
N LYS CB 194 90.99 37.51 89.47
CA LYS CB 194 91.87 38.66 89.36
C LYS CB 194 91.52 39.43 88.10
N ILE CB 195 91.52 38.73 86.96
CA ILE CB 195 91.36 39.37 85.66
C ILE CB 195 90.07 40.17 85.50
N ILE CB 196 88.96 39.65 86.03
CA ILE CB 196 87.72 40.42 86.03
C ILE CB 196 87.82 41.68 86.91
N TYR CB 197 88.33 41.53 88.13
CA TYR CB 197 88.50 42.66 89.05
C TYR CB 197 89.32 43.81 88.42
N LEU CB 198 90.26 43.47 87.54
CA LEU CB 198 91.06 44.47 86.81
C LEU CB 198 90.30 45.11 85.65
N ALA CB 199 89.78 44.28 84.76
CA ALA CB 199 89.02 44.78 83.62
C ALA CB 199 87.74 45.51 84.06
N HIS CB 200 87.63 45.77 85.35
CA HIS CB 200 86.50 46.53 85.87
C HIS CB 200 86.82 48.01 85.94
N GLU CB 201 88.10 48.35 85.99
CA GLU CB 201 88.53 49.75 86.02
C GLU CB 201 88.13 50.48 84.74
N ASP CB 202 87.73 49.71 83.72
CA ASP CB 202 87.26 50.29 82.46
C ASP CB 202 85.74 50.54 82.52
N ASN CB 203 85.17 50.36 83.70
CA ASN CB 203 83.72 50.48 83.93
C ASN CB 203 83.48 50.82 85.39
N LYS CB 204 84.47 51.45 86.03
CA LYS CB 204 84.52 51.55 87.50
C LYS CB 204 83.40 52.40 88.12
N GLU CB 205 82.54 52.96 87.28
CA GLU CB 205 81.43 53.79 87.73
C GLU CB 205 80.46 53.04 88.65
N LYS CB 206 79.95 51.91 88.16
CA LYS CB 206 78.98 51.10 88.90
C LYS CB 206 79.68 49.95 89.66
N ASP CB 207 78.94 49.31 90.56
CA ASP CB 207 79.48 48.22 91.35
C ASP CB 207 79.20 46.85 90.72
N PHE CB 208 79.79 45.79 91.26
CA PHE CB 208 79.68 44.48 90.60
C PHE CB 208 79.84 43.22 91.47
N GLU CB 209 79.14 42.16 91.07
CA GLU CB 209 79.34 40.82 91.61
C GLU CB 209 80.18 40.03 90.62
N LEU CB 210 80.97 39.11 91.12
CA LEU CB 210 81.68 38.18 90.27
C LEU CB 210 80.83 36.91 90.15
N GLU CB 211 81.06 36.16 89.08
CA GLU CB 211 80.38 34.89 88.89
C GLU CB 211 81.35 34.01 88.15
N ILE CB 212 81.63 32.83 88.72
CA ILE CB 212 82.55 31.90 88.09
C ILE CB 212 81.94 30.52 88.02
N SER CB 213 82.17 29.86 86.90
CA SER CB 213 81.80 28.45 86.76
C SER CB 213 82.98 27.76 86.14
N TRP CB 214 83.01 26.44 86.22
CA TRP CB 214 84.10 25.69 85.63
C TRP CB 214 83.71 24.26 85.27
N CYS CB 215 84.54 23.68 84.42
CA CYS CB 215 84.34 22.32 83.97
C CYS CB 215 85.74 21.69 84.03
N SER CB 216 85.97 20.82 85.01
CA SER CB 216 87.28 20.21 85.22
C SER CB 216 87.21 18.70 85.34
N LEU CB 217 88.10 18.02 84.62
CA LEU CB 217 88.12 16.57 84.55
C LEU CB 217 88.57 15.98 85.89
N SER CB 218 89.06 16.83 86.80
CA SER CB 218 89.58 16.36 88.07
C SER CB 218 88.81 16.95 89.26
N GLU CB 219 88.36 18.20 89.12
CA GLU CB 219 87.71 18.94 90.21
C GLU CB 219 86.18 18.94 90.15
N THR CB 220 85.60 18.55 89.03
CA THR CB 220 84.16 18.32 88.93
C THR CB 220 83.85 17.14 88.01
N ASN CB 221 84.76 16.17 88.00
CA ASN CB 221 84.62 14.96 87.18
C ASN CB 221 83.92 15.20 85.83
N GLY CB 222 84.41 16.17 85.06
CA GLY CB 222 83.95 16.38 83.68
C GLY CB 222 82.72 17.25 83.49
N LEU CB 223 81.99 17.50 84.57
CA LEU CB 223 80.74 18.25 84.51
C LEU CB 223 80.96 19.73 84.72
N HIS CB 224 79.91 20.50 84.45
CA HIS CB 224 79.97 21.95 84.57
C HIS CB 224 79.22 22.41 85.81
N LYS CB 225 79.93 22.42 86.93
CA LYS CB 225 79.39 22.96 88.17
C LYS CB 225 79.78 24.45 88.28
N PHE CB 226 79.04 25.22 89.07
CA PHE CB 226 79.40 26.61 89.38
C PHE CB 226 80.42 26.67 90.50
N VAL CB 227 81.12 27.80 90.61
CA VAL CB 227 82.02 28.02 91.75
C VAL CB 227 81.31 28.83 92.83
N LYS CB 228 81.19 28.25 94.04
CA LYS CB 228 80.38 28.85 95.11
C LYS CB 228 80.98 28.75 96.51
N GLY CB 229 80.41 29.52 97.43
CA GLY CB 229 80.73 29.43 98.84
C GLY CB 229 82.19 29.71 99.18
N ASP CB 230 82.82 28.72 99.80
CA ASP CB 230 84.20 28.88 100.29
C ASP CB 230 85.20 29.11 99.16
N LEU CB 231 85.04 28.38 98.06
CA LEU CB 231 86.00 28.49 96.98
C LEU CB 231 85.81 29.78 96.20
N LEU CB 232 84.62 30.36 96.29
CA LEU CB 232 84.34 31.65 95.65
C LEU CB 232 84.96 32.79 96.45
N GLN CB 233 84.86 32.73 97.77
CA GLN CB 233 85.53 33.71 98.60
C GLN CB 233 87.04 33.51 98.49
N GLU CB 234 87.48 32.26 98.34
CA GLU CB 234 88.88 31.94 98.14
C GLU CB 234 89.49 32.88 97.11
N ALA CB 235 88.72 33.11 96.04
CA ALA CB 235 89.20 33.87 94.89
C ALA CB 235 88.84 35.35 94.94
N ILE CB 236 87.67 35.66 95.50
CA ILE CB 236 87.32 37.07 95.72
C ILE CB 236 88.35 37.74 96.63
N ASP CB 237 88.88 36.99 97.58
CA ASP CB 237 89.88 37.51 98.52
C ASP CB 237 91.27 37.54 97.89
N PHE CB 238 91.46 36.79 96.80
CA PHE CB 238 92.73 36.76 96.06
C PHE CB 238 92.80 37.90 95.09
N ALA CB 239 91.64 38.33 94.59
CA ALA CB 239 91.59 39.51 93.74
C ALA CB 239 91.85 40.80 94.55
N GLN CB 240 91.13 40.96 95.67
CA GLN CB 240 91.32 42.11 96.54
C GLN CB 240 92.81 42.33 96.87
N LYS CB 241 93.54 41.24 97.02
CA LYS CB 241 94.96 41.31 97.41
C LYS CB 241 95.89 41.71 96.25
N GLU CB 242 95.43 41.51 95.03
CA GLU CB 242 96.21 41.88 93.84
C GLU CB 242 95.64 43.12 93.16
N ILE CB 243 94.75 43.80 93.87
CA ILE CB 243 94.19 45.07 93.40
C ILE CB 243 94.75 46.16 94.30
N ASN CB 244 95.18 45.77 95.49
CA ASN CB 244 95.72 46.69 96.50
C ASN CB 244 97.22 46.52 96.71
N ALA DB 1 68.46 -16.14 59.33
CA ALA DB 1 69.92 -16.28 59.11
C ALA DB 1 70.60 -17.11 60.22
N SER DB 2 71.86 -16.81 60.55
CA SER DB 2 72.57 -17.50 61.64
C SER DB 2 73.92 -16.84 61.98
N ILE DB 3 73.92 -15.82 62.84
CA ILE DB 3 75.08 -14.94 63.03
C ILE DB 3 75.47 -14.70 64.48
N MET DB 4 76.73 -14.29 64.69
CA MET DB 4 77.27 -14.05 66.02
C MET DB 4 78.50 -13.12 65.96
N ALA DB 5 78.91 -12.62 67.13
CA ALA DB 5 80.11 -11.77 67.26
C ALA DB 5 80.77 -11.91 68.63
N VAL DB 6 82.09 -12.02 68.63
CA VAL DB 6 82.82 -12.33 69.85
C VAL DB 6 83.96 -11.35 70.05
N THR DB 7 84.17 -10.96 71.30
CA THR DB 7 85.29 -10.07 71.66
C THR DB 7 86.45 -10.82 72.28
N PHE DB 8 87.62 -10.26 72.14
CA PHE DB 8 88.78 -10.83 72.80
C PHE DB 8 89.90 -9.83 73.10
N LYS DB 9 91.03 -10.42 73.48
CA LYS DB 9 92.25 -9.70 73.88
C LYS DB 9 92.67 -8.63 72.87
N ASP DB 10 92.63 -9.00 71.58
CA ASP DB 10 93.14 -8.14 70.51
C ASP DB 10 92.04 -7.32 69.79
N GLY DB 11 90.77 -7.65 70.03
CA GLY DB 11 89.70 -6.94 69.38
C GLY DB 11 88.34 -7.61 69.38
N VAL DB 12 87.79 -7.80 68.18
CA VAL DB 12 86.46 -8.38 67.97
C VAL DB 12 86.41 -9.19 66.66
N ILE DB 13 85.63 -10.27 66.64
CA ILE DB 13 85.43 -11.06 65.42
C ILE DB 13 83.96 -11.29 65.08
N LEU DB 14 83.60 -11.06 63.82
CA LEU DB 14 82.23 -11.23 63.38
C LEU DB 14 82.14 -12.50 62.58
N GLY DB 15 81.03 -13.22 62.72
CA GLY DB 15 80.83 -14.47 61.99
C GLY DB 15 79.40 -14.66 61.56
N ALA DB 16 79.21 -15.36 60.44
CA ALA DB 16 77.87 -15.58 59.90
C ALA DB 16 77.85 -16.79 58.97
N ASP DB 17 76.64 -17.22 58.64
CA ASP DB 17 76.50 -18.17 57.54
C ASP DB 17 76.30 -17.34 56.27
N SER DB 18 75.84 -17.98 55.21
CA SER DB 18 75.64 -17.29 53.94
C SER DB 18 74.39 -17.73 53.22
N ARG DB 19 73.35 -18.09 53.96
CA ARG DB 19 72.17 -18.67 53.33
C ARG DB 19 70.93 -17.82 53.52
N THR DB 20 70.54 -17.11 52.48
CA THR DB 20 69.25 -16.41 52.52
C THR DB 20 68.23 -17.26 51.80
N THR DB 21 67.19 -17.67 52.53
CA THR DB 21 66.14 -18.52 51.97
C THR DB 21 64.83 -17.75 51.88
N THR DB 22 64.17 -17.89 50.74
CA THR DB 22 62.76 -17.56 50.66
C THR DB 22 62.01 -18.88 50.48
N GLY DB 23 61.32 -19.30 51.53
CA GLY DB 23 60.66 -20.58 51.53
C GLY DB 23 61.58 -21.75 51.88
N ALA DB 24 61.53 -22.78 51.04
CA ALA DB 24 62.37 -23.95 51.19
C ALA DB 24 63.53 -23.83 50.23
N TYR DB 25 63.50 -22.79 49.39
CA TYR DB 25 64.52 -22.57 48.36
C TYR DB 25 65.63 -21.61 48.82
N ILE DB 26 66.86 -22.02 48.58
CA ILE DB 26 68.02 -21.21 48.90
C ILE DB 26 68.27 -20.28 47.71
N ALA DB 27 67.78 -19.04 47.80
CA ALA DB 27 67.88 -18.10 46.67
C ALA DB 27 69.31 -17.68 46.39
N ASN DB 28 70.08 -17.51 47.46
CA ASN DB 28 71.50 -17.24 47.35
C ASN DB 28 72.23 -18.01 48.44
N ARG DB 29 73.25 -18.78 48.06
CA ARG DB 29 73.98 -19.61 49.03
C ARG DB 29 75.37 -19.07 49.33
N VAL DB 30 75.58 -17.80 49.02
CA VAL DB 30 76.89 -17.20 49.26
C VAL DB 30 76.79 -15.77 49.81
N THR DB 31 75.68 -15.47 50.47
CA THR DB 31 75.36 -14.12 50.97
C THR DB 31 76.43 -13.58 51.93
N ASP DB 32 76.77 -12.30 51.74
CA ASP DB 32 77.69 -11.60 52.62
C ASP DB 32 76.92 -10.92 53.73
N LYS DB 33 76.64 -11.68 54.79
CA LYS DB 33 75.85 -11.17 55.92
C LYS DB 33 76.69 -10.29 56.83
N LEU DB 34 77.98 -10.18 56.54
CA LEU DB 34 78.85 -9.26 57.25
C LEU DB 34 78.99 -7.95 56.47
N THR DB 35 78.39 -6.90 57.01
CA THR DB 35 78.25 -5.68 56.25
C THR DB 35 78.98 -4.53 56.96
N ARG DB 36 79.58 -3.65 56.18
CA ARG DB 36 80.52 -2.67 56.68
C ARG DB 36 79.94 -1.25 56.70
N VAL DB 37 79.89 -0.66 57.90
CA VAL DB 37 79.44 0.72 58.04
C VAL DB 37 80.58 1.70 58.35
N HIS DB 38 81.78 1.17 58.55
CA HIS DB 38 82.97 2.04 58.77
C HIS DB 38 84.28 1.24 58.92
N ASP DB 39 85.40 1.88 58.60
CA ASP DB 39 86.71 1.23 58.68
C ASP DB 39 86.69 0.00 59.55
N LYS DB 40 86.53 0.23 60.86
CA LYS DB 40 86.52 -0.86 61.84
C LYS DB 40 85.24 -0.90 62.70
N ILE DB 41 84.09 -0.68 62.05
CA ILE DB 41 82.77 -0.92 62.64
C ILE DB 41 81.88 -1.66 61.63
N TRP DB 42 81.65 -2.95 61.86
CA TRP DB 42 80.78 -3.74 60.98
C TRP DB 42 79.54 -4.29 61.71
N CYS DB 43 78.59 -4.81 60.93
CA CYS DB 43 77.37 -5.37 61.49
C CYS DB 43 77.15 -6.81 61.01
N CYS DB 44 76.28 -7.52 61.72
CA CYS DB 44 75.79 -8.81 61.25
C CYS DB 44 74.30 -8.70 60.94
N ARG DB 45 73.90 -9.06 59.72
CA ARG DB 45 72.52 -8.92 59.26
C ARG DB 45 71.71 -10.21 59.38
N SER DB 46 70.45 -10.07 59.78
CA SER DB 46 69.56 -11.19 59.93
C SER DB 46 68.16 -10.63 59.95
N GLY DB 47 67.23 -11.34 59.32
CA GLY DB 47 65.89 -10.83 59.17
C GLY DB 47 65.71 -10.53 57.72
N SER DB 48 64.77 -9.65 57.39
CA SER DB 48 64.54 -9.29 56.00
C SER DB 48 65.84 -8.78 55.38
N ALA DB 49 66.24 -9.36 54.26
CA ALA DB 49 67.43 -8.89 53.60
C ALA DB 49 67.16 -7.45 53.15
N ALA DB 50 65.91 -7.17 52.77
CA ALA DB 50 65.56 -5.85 52.23
C ALA DB 50 65.56 -4.78 53.32
N ASP DB 51 65.21 -5.17 54.54
CA ASP DB 51 65.20 -4.25 55.67
C ASP DB 51 66.61 -4.05 56.21
N THR DB 52 67.32 -5.13 56.52
CA THR DB 52 68.69 -5.01 57.02
C THR DB 52 69.59 -4.28 56.02
N GLN DB 53 69.40 -4.53 54.73
CA GLN DB 53 70.20 -3.83 53.74
C GLN DB 53 69.91 -2.33 53.76
N ALA DB 54 68.62 -1.98 53.76
CA ALA DB 54 68.24 -0.58 53.69
C ALA DB 54 68.80 0.20 54.86
N ILE DB 55 68.74 -0.41 56.05
CA ILE DB 55 69.23 0.22 57.27
C ILE DB 55 70.74 0.42 57.28
N ALA DB 56 71.49 -0.66 57.05
CA ALA DB 56 72.93 -0.57 56.99
C ALA DB 56 73.37 0.50 55.98
N ASP DB 57 72.72 0.48 54.80
CA ASP DB 57 72.95 1.50 53.77
C ASP DB 57 72.77 2.93 54.33
N ILE DB 58 71.70 3.13 55.11
CA ILE DB 58 71.39 4.45 55.69
C ILE DB 58 72.29 4.80 56.87
N VAL DB 59 72.76 3.80 57.60
CA VAL DB 59 73.73 4.04 58.66
C VAL DB 59 75.11 4.36 58.06
N GLN DB 60 75.45 3.69 56.96
CA GLN DB 60 76.76 3.85 56.37
C GLN DB 60 76.91 5.31 56.05
N TYR DB 61 75.78 5.90 55.65
CA TYR DB 61 75.71 7.33 55.33
C TYR DB 61 75.83 8.19 56.59
N HIS DB 62 74.91 8.05 57.53
CA HIS DB 62 74.96 8.86 58.75
C HIS DB 62 76.37 8.95 59.33
N LEU DB 63 77.09 7.81 59.26
CA LEU DB 63 78.46 7.69 59.75
C LEU DB 63 79.53 8.31 58.84
N GLU DB 64 79.34 8.22 57.52
CA GLU DB 64 80.23 8.91 56.57
C GLU DB 64 80.15 10.44 56.77
N LEU DB 65 78.96 10.92 57.11
CA LEU DB 65 78.72 12.33 57.31
C LEU DB 65 79.18 12.75 58.70
N TYR DB 66 78.98 11.88 59.69
CA TYR DB 66 79.51 12.12 61.04
C TYR DB 66 81.02 12.22 60.99
N THR DB 67 81.64 11.42 60.13
CA THR DB 67 83.10 11.46 59.98
C THR DB 67 83.52 12.79 59.37
N SER DB 68 82.80 13.23 58.33
CA SER DB 68 83.09 14.50 57.63
C SER DB 68 83.20 15.65 58.61
N GLN DB 69 82.16 15.83 59.41
CA GLN DB 69 82.11 16.97 60.33
C GLN DB 69 82.89 16.73 61.63
N TYR DB 70 82.42 15.74 62.38
CA TYR DB 70 82.79 15.59 63.79
C TYR DB 70 83.96 14.64 64.07
N GLY DB 71 84.30 13.78 63.11
CA GLY DB 71 85.45 12.89 63.25
C GLY DB 71 85.16 11.40 63.27
N THR DB 72 86.03 10.61 63.88
CA THR DB 72 85.86 9.16 63.87
C THR DB 72 84.82 8.79 64.93
N PRO DB 73 83.88 7.89 64.58
CA PRO DB 73 82.71 7.50 65.38
C PRO DB 73 82.94 6.35 66.37
N SER DB 74 82.57 6.54 67.64
CA SER DB 74 82.75 5.47 68.61
C SER DB 74 81.94 4.26 68.16
N THR DB 75 82.35 3.05 68.53
CA THR DB 75 81.55 1.90 68.19
C THR DB 75 80.17 2.03 68.81
N GLU DB 76 80.14 2.56 70.02
CA GLU DB 76 78.88 2.90 70.69
C GLU DB 76 77.93 3.73 69.80
N THR DB 77 78.48 4.70 69.06
CA THR DB 77 77.66 5.58 68.22
C THR DB 77 76.97 4.82 67.08
N ALA DB 78 77.74 3.98 66.39
CA ALA DB 78 77.20 3.17 65.32
C ALA DB 78 75.96 2.47 65.85
N ALA DB 79 76.10 1.83 67.01
CA ALA DB 79 74.97 1.17 67.65
C ALA DB 79 73.78 2.12 67.84
N SER DB 80 74.02 3.32 68.37
CA SER DB 80 72.91 4.23 68.61
C SER DB 80 72.17 4.61 67.33
N VAL DB 81 72.90 4.72 66.22
CA VAL DB 81 72.25 5.07 64.96
C VAL DB 81 71.42 3.89 64.45
N PHE DB 82 71.89 2.67 64.69
CA PHE DB 82 71.08 1.50 64.37
C PHE DB 82 69.83 1.51 65.25
N LYS DB 83 69.97 1.50 66.58
CA LYS DB 83 68.79 1.48 67.47
C LYS DB 83 67.80 2.54 67.07
N GLU DB 84 68.29 3.74 66.78
CA GLU DB 84 67.37 4.85 66.53
C GLU DB 84 66.50 4.52 65.30
N LEU DB 85 67.07 3.85 64.30
CA LEU DB 85 66.31 3.46 63.10
C LEU DB 85 65.33 2.33 63.38
N CYS DB 86 65.81 1.30 64.08
CA CYS DB 86 65.07 0.06 64.34
C CYS DB 86 63.92 0.27 65.33
N TYR DB 87 64.16 1.05 66.38
CA TYR DB 87 63.14 1.30 67.40
C TYR DB 87 62.08 2.29 66.88
N GLU DB 88 62.52 3.38 66.27
CA GLU DB 88 61.59 4.45 65.89
C GLU DB 88 60.77 3.99 64.68
N ASN DB 89 61.14 2.84 64.13
CA ASN DB 89 60.47 2.26 62.97
C ASN DB 89 60.02 0.81 63.18
N LYS DB 90 59.82 0.42 64.44
CA LYS DB 90 59.54 -0.98 64.79
C LYS DB 90 58.35 -1.56 64.06
N ASP DB 91 57.30 -0.76 63.92
CA ASP DB 91 56.06 -1.24 63.35
C ASP DB 91 56.21 -1.80 61.92
N ASN DB 92 57.25 -1.35 61.19
CA ASN DB 92 57.43 -1.71 59.77
C ASN DB 92 58.77 -2.38 59.43
N LEU DB 93 59.42 -2.95 60.42
CA LEU DB 93 60.70 -3.60 60.18
C LEU DB 93 60.81 -4.97 60.86
N THR DB 94 61.55 -5.86 60.21
CA THR DB 94 61.88 -7.12 60.81
C THR DB 94 63.37 -7.31 60.68
N ALA DB 95 64.10 -6.77 61.65
CA ALA DB 95 65.56 -6.85 61.59
C ALA DB 95 66.19 -6.97 62.94
N GLY DB 96 67.06 -7.96 63.06
CA GLY DB 96 67.86 -8.18 64.25
C GLY DB 96 69.33 -8.08 63.89
N ILE DB 97 70.03 -7.15 64.53
CA ILE DB 97 71.33 -6.78 64.07
C ILE DB 97 72.36 -6.86 65.18
N ILE DB 98 73.59 -7.18 64.79
CA ILE DB 98 74.69 -7.17 65.72
C ILE DB 98 75.74 -6.20 65.18
N VAL DB 99 76.01 -5.16 65.96
CA VAL DB 99 77.01 -4.17 65.62
C VAL DB 99 78.26 -4.49 66.41
N ALA DB 100 79.40 -4.50 65.74
CA ALA DB 100 80.64 -4.83 66.41
C ALA DB 100 81.77 -4.00 65.84
N GLY DB 101 82.67 -3.55 66.71
CA GLY DB 101 83.79 -2.72 66.27
C GLY DB 101 84.94 -2.60 67.26
N TYR DB 102 86.04 -2.09 66.72
CA TYR DB 102 87.27 -1.93 67.48
C TYR DB 102 87.71 -0.49 67.46
N ASP DB 103 87.78 0.13 68.64
CA ASP DB 103 88.54 1.36 68.76
C ASP DB 103 89.75 0.98 69.58
N ASP DB 104 90.59 1.96 69.92
CA ASP DB 104 91.83 1.67 70.64
C ASP DB 104 91.66 1.65 72.15
N LYS DB 105 90.70 2.44 72.64
CA LYS DB 105 90.44 2.54 74.08
C LYS DB 105 89.90 1.21 74.62
N ASN DB 106 88.70 0.83 74.18
CA ASN DB 106 88.00 -0.34 74.70
C ASN DB 106 88.33 -1.65 73.99
N LYS DB 107 88.88 -1.52 72.78
CA LYS DB 107 89.23 -2.68 71.96
C LYS DB 107 87.96 -3.39 71.49
N GLY DB 108 87.69 -4.55 72.07
CA GLY DB 108 86.52 -5.33 71.69
C GLY DB 108 85.22 -4.84 72.29
N GLU DB 109 84.31 -4.40 71.43
CA GLU DB 109 82.96 -3.96 71.83
C GLU DB 109 81.87 -4.60 70.95
N VAL DB 110 80.82 -5.15 71.58
CA VAL DB 110 79.70 -5.74 70.82
C VAL DB 110 78.30 -5.41 71.33
N TYR DB 111 77.46 -4.90 70.42
CA TYR DB 111 76.09 -4.46 70.71
C TYR DB 111 75.11 -5.28 69.88
N THR DB 112 74.14 -5.92 70.52
CA THR DB 112 73.11 -6.66 69.81
C THR DB 112 71.79 -5.92 69.89
N ILE DB 113 71.17 -5.74 68.73
CA ILE DB 113 69.89 -5.08 68.61
C ILE DB 113 68.85 -6.10 68.14
N PRO DB 114 68.08 -6.65 69.10
CA PRO DB 114 66.99 -7.61 68.88
C PRO DB 114 65.90 -6.95 68.07
N LEU DB 115 64.73 -7.58 67.95
CA LEU DB 115 63.69 -7.05 67.08
C LEU DB 115 63.06 -5.78 67.63
N GLY DB 116 62.68 -5.81 68.91
CA GLY DB 116 62.07 -4.67 69.55
C GLY DB 116 62.70 -3.37 69.09
N GLY DB 117 64.01 -3.30 69.18
CA GLY DB 117 64.73 -2.06 68.91
C GLY DB 117 65.56 -1.75 70.14
N SER DB 118 65.41 -2.59 71.16
CA SER DB 118 66.26 -2.52 72.35
C SER DB 118 67.74 -2.64 71.96
N VAL DB 119 68.64 -2.26 72.87
CA VAL DB 119 70.08 -2.40 72.61
C VAL DB 119 70.77 -2.93 73.82
N HIS DB 120 71.64 -3.91 73.60
CA HIS DB 120 72.26 -4.62 74.70
C HIS DB 120 73.75 -4.80 74.45
N LYS DB 121 74.58 -4.21 75.31
CA LYS DB 121 76.02 -4.39 75.15
C LYS DB 121 76.42 -5.71 75.81
N LEU DB 122 77.25 -6.48 75.12
CA LEU DB 122 77.66 -7.80 75.60
C LEU DB 122 79.05 -8.16 75.13
N PRO DB 123 79.68 -9.16 75.81
CA PRO DB 123 80.97 -9.77 75.47
C PRO DB 123 80.92 -10.54 74.15
N TYR DB 124 79.79 -11.20 73.91
CA TYR DB 124 79.54 -11.91 72.67
C TYR DB 124 78.03 -11.93 72.52
N ALA DB 125 77.55 -12.09 71.30
CA ALA DB 125 76.12 -12.17 71.08
C ALA DB 125 75.80 -13.04 69.88
N ILE DB 126 74.76 -13.86 70.02
CA ILE DB 126 74.30 -14.65 68.90
C ILE DB 126 72.90 -14.20 68.53
N ALA DB 127 72.51 -14.47 67.28
CA ALA DB 127 71.23 -14.04 66.75
C ALA DB 127 70.94 -14.82 65.48
N GLY DB 128 69.94 -14.37 64.72
CA GLY DB 128 69.53 -15.08 63.51
C GLY DB 128 68.73 -16.34 63.81
N SER DB 129 68.00 -16.83 62.80
CA SER DB 129 67.16 -18.02 62.96
C SER DB 129 67.84 -19.22 63.70
N GLY DB 130 69.00 -19.64 63.21
CA GLY DB 130 69.69 -20.78 63.79
C GLY DB 130 70.45 -20.55 65.09
N SER DB 131 70.17 -19.44 65.80
CA SER DB 131 70.89 -19.16 67.05
C SER DB 131 70.36 -20.06 68.14
N THR DB 132 69.07 -20.37 68.08
CA THR DB 132 68.38 -21.10 69.14
C THR DB 132 69.14 -22.35 69.56
N PHE DB 133 69.86 -22.96 68.63
CA PHE DB 133 70.48 -24.26 68.91
C PHE DB 133 71.83 -24.17 69.58
N ILE DB 134 72.39 -22.98 69.69
CA ILE DB 134 73.73 -22.89 70.23
C ILE DB 134 73.80 -22.03 71.49
N TYR DB 135 72.66 -21.59 72.01
CA TYR DB 135 72.67 -20.87 73.27
C TYR DB 135 73.34 -21.78 74.29
N GLY DB 136 73.13 -23.08 74.12
CA GLY DB 136 73.74 -24.08 74.98
C GLY DB 136 75.25 -24.16 74.79
N TYR DB 137 75.68 -24.45 73.56
CA TYR DB 137 77.11 -24.58 73.25
C TYR DB 137 77.94 -23.36 73.61
N CYS DB 138 77.43 -22.17 73.27
CA CYS DB 138 78.15 -20.92 73.49
C CYS DB 138 78.33 -20.57 74.98
N ASP DB 139 77.24 -20.57 75.75
CA ASP DB 139 77.34 -20.22 77.17
C ASP DB 139 78.33 -21.12 77.90
N LYS DB 140 78.49 -22.34 77.41
CA LYS DB 140 79.43 -23.29 78.04
C LYS DB 140 80.88 -23.12 77.56
N ASN DB 141 81.04 -22.82 76.27
CA ASN DB 141 82.36 -22.75 75.64
C ASN DB 141 82.99 -21.35 75.48
N PHE DB 142 82.25 -20.29 75.81
CA PHE DB 142 82.81 -18.95 75.70
C PHE DB 142 83.68 -18.57 76.92
N ARG DB 143 84.75 -17.82 76.65
CA ARG DB 143 85.62 -17.22 77.67
C ARG DB 143 85.99 -15.79 77.28
N GLU DB 144 86.24 -14.95 78.27
CA GLU DB 144 86.69 -13.58 77.99
C GLU DB 144 88.18 -13.57 77.61
N ASN DB 145 88.61 -12.55 76.86
CA ASN DB 145 90.02 -12.37 76.59
C ASN DB 145 90.68 -13.56 75.90
N MET DB 146 90.01 -14.12 74.89
CA MET DB 146 90.58 -15.26 74.15
C MET DB 146 91.63 -14.80 73.16
N SER DB 147 92.45 -15.74 72.69
CA SER DB 147 93.45 -15.41 71.67
C SER DB 147 92.80 -15.43 70.31
N LYS DB 148 93.45 -14.82 69.32
CA LYS DB 148 92.83 -14.68 68.00
C LYS DB 148 92.34 -16.02 67.47
N GLU DB 149 93.24 -17.00 67.38
CA GLU DB 149 92.84 -18.27 66.79
C GLU DB 149 91.93 -19.09 67.73
N GLU DB 150 91.96 -18.76 69.03
CA GLU DB 150 91.05 -19.36 70.00
C GLU DB 150 89.61 -18.96 69.67
N THR DB 151 89.46 -17.70 69.26
CA THR DB 151 88.17 -17.09 68.95
C THR DB 151 87.64 -17.53 67.59
N VAL DB 152 88.54 -17.64 66.62
CA VAL DB 152 88.16 -18.16 65.30
C VAL DB 152 87.57 -19.54 65.46
N ASP DB 153 88.26 -20.38 66.23
CA ASP DB 153 87.76 -21.71 66.52
C ASP DB 153 86.41 -21.69 67.24
N PHE DB 154 86.29 -20.92 68.33
CA PHE DB 154 85.00 -20.80 69.01
C PHE DB 154 83.85 -20.47 68.07
N ILE DB 155 84.13 -19.62 67.08
CA ILE DB 155 83.10 -19.23 66.13
C ILE DB 155 82.83 -20.37 65.14
N LYS DB 156 83.90 -20.98 64.64
CA LYS DB 156 83.80 -22.04 63.64
C LYS DB 156 82.92 -23.19 64.17
N HIS DB 157 83.12 -23.55 65.44
CA HIS DB 157 82.34 -24.61 66.06
C HIS DB 157 80.89 -24.18 66.28
N SER DB 158 80.69 -23.04 66.93
CA SER DB 158 79.35 -22.56 67.21
C SER DB 158 78.49 -22.58 65.94
N LEU DB 159 79.08 -22.06 64.85
CA LEU DB 159 78.36 -21.91 63.60
C LEU DB 159 78.28 -23.20 62.84
N SER DB 160 79.25 -24.08 63.07
CA SER DB 160 79.19 -25.42 62.47
C SER DB 160 77.91 -26.12 62.95
N GLN DB 161 77.55 -25.90 64.22
CA GLN DB 161 76.37 -26.49 64.83
C GLN DB 161 75.08 -25.84 64.33
N ALA DB 162 74.93 -24.55 64.58
CA ALA DB 162 73.79 -23.79 64.03
C ALA DB 162 73.35 -24.24 62.63
N ILE DB 163 74.31 -24.59 61.77
CA ILE DB 163 74.03 -24.92 60.35
C ILE DB 163 73.59 -26.37 60.12
N LYS DB 164 74.15 -27.22 60.98
CA LYS DB 164 73.79 -28.63 61.08
C LYS DB 164 72.31 -28.72 61.42
N TRP DB 165 71.90 -27.99 62.45
CA TRP DB 165 70.53 -28.07 62.95
C TRP DB 165 69.51 -27.16 62.27
N ASP DB 166 69.98 -26.09 61.60
CA ASP DB 166 69.04 -25.17 60.94
C ASP DB 166 69.01 -25.33 59.40
N GLY DB 167 67.79 -25.27 58.88
CA GLY DB 167 67.57 -25.43 57.46
C GLY DB 167 67.59 -24.06 56.84
N SER DB 168 67.38 -23.05 57.67
CA SER DB 168 67.35 -21.66 57.24
C SER DB 168 68.75 -21.04 57.36
N SER DB 169 69.72 -21.90 57.65
CA SER DB 169 71.12 -21.53 57.78
C SER DB 169 72.02 -22.53 57.10
N GLY DB 170 73.15 -22.03 56.63
CA GLY DB 170 74.09 -22.83 55.84
C GLY DB 170 74.92 -22.00 54.87
N GLY DB 171 75.49 -22.67 53.88
CA GLY DB 171 76.43 -22.07 52.96
C GLY DB 171 77.85 -22.19 53.50
N VAL DB 172 78.67 -21.17 53.22
CA VAL DB 172 80.00 -21.09 53.82
C VAL DB 172 79.92 -20.30 55.12
N ILE DB 173 80.95 -20.40 55.93
CA ILE DB 173 81.03 -19.58 57.13
C ILE DB 173 81.98 -18.42 56.88
N ARG DB 174 81.43 -17.21 56.90
CA ARG DB 174 82.22 -15.98 56.77
C ARG DB 174 82.60 -15.41 58.13
N MET DB 175 83.84 -14.96 58.24
CA MET DB 175 84.26 -14.21 59.42
C MET DB 175 84.92 -12.91 59.00
N VAL DB 176 84.97 -11.97 59.94
CA VAL DB 176 85.66 -10.71 59.72
C VAL DB 176 86.35 -10.32 61.01
N VAL DB 177 87.68 -10.26 60.98
CA VAL DB 177 88.47 -9.95 62.18
C VAL DB 177 88.85 -8.47 62.23
N LEU DB 178 88.49 -7.82 63.32
CA LEU DB 178 88.70 -6.38 63.48
C LEU DB 178 89.70 -6.10 64.58
N THR DB 179 90.92 -5.76 64.19
CA THR DB 179 91.96 -5.43 65.17
C THR DB 179 92.66 -4.14 64.82
N ALA DB 180 93.63 -3.76 65.64
CA ALA DB 180 94.43 -2.57 65.36
C ALA DB 180 95.14 -2.69 64.02
N ALA DB 181 95.68 -3.88 63.75
CA ALA DB 181 96.47 -4.13 62.55
C ALA DB 181 95.63 -4.22 61.28
N GLY DB 182 94.31 -4.20 61.43
CA GLY DB 182 93.46 -4.02 60.28
C GLY DB 182 92.30 -4.98 60.16
N VAL DB 183 91.76 -5.03 58.95
CA VAL DB 183 90.58 -5.82 58.66
C VAL DB 183 90.99 -7.06 57.86
N GLU DB 184 90.67 -8.23 58.41
CA GLU DB 184 90.98 -9.53 57.78
C GLU DB 184 89.70 -10.34 57.58
N ARG DB 185 89.41 -10.66 56.32
CA ARG DB 185 88.21 -11.43 56.00
C ARG DB 185 88.49 -12.93 55.96
N LEU DB 186 87.66 -13.72 56.65
CA LEU DB 186 87.84 -15.17 56.66
C LEU DB 186 86.74 -15.92 55.93
N ILE DB 187 87.07 -17.13 55.49
CA ILE DB 187 86.09 -18.03 54.90
C ILE DB 187 86.46 -19.50 55.18
N PHE DB 188 85.46 -20.26 55.60
CA PHE DB 188 85.64 -21.67 55.87
C PHE DB 188 84.57 -22.43 55.11
N TYR DB 189 84.99 -23.47 54.41
CA TYR DB 189 84.10 -24.17 53.47
C TYR DB 189 83.43 -25.38 54.12
N PRO DB 190 82.35 -25.89 53.51
CA PRO DB 190 81.61 -27.00 54.11
C PRO DB 190 82.47 -28.24 54.36
N ASP DB 191 83.34 -28.59 53.40
CA ASP DB 191 84.16 -29.78 53.59
C ASP DB 191 84.95 -29.72 54.90
N GLU DB 192 85.01 -28.54 55.51
CA GLU DB 192 85.82 -28.29 56.71
C GLU DB 192 85.05 -28.20 58.03
N TYR DB 193 83.98 -27.40 58.05
CA TYR DB 193 83.24 -27.14 59.29
C TYR DB 193 82.27 -28.25 59.68
N GLU DB 194 81.93 -29.11 58.72
CA GLU DB 194 81.04 -30.25 58.99
C GLU DB 194 81.79 -31.38 59.70
N GLN DB 195 83.07 -31.55 59.38
CA GLN DB 195 83.91 -32.59 59.96
C GLN DB 195 84.37 -32.24 61.39
N LEU DB 196 83.51 -31.58 62.17
CA LEU DB 196 83.88 -31.09 63.50
C LEU DB 196 83.03 -31.70 64.62
N THR EB 1 57.73 -16.84 34.06
CA THR EB 1 58.87 -16.20 33.43
C THR EB 1 60.21 -16.84 33.85
N THR EB 2 61.14 -17.05 32.91
CA THR EB 2 62.52 -17.46 33.26
C THR EB 2 63.60 -16.47 32.81
N ILE EB 3 64.42 -15.98 33.75
CA ILE EB 3 65.54 -15.10 33.41
C ILE EB 3 66.80 -15.46 34.20
N VAL EB 4 67.95 -15.28 33.56
CA VAL EB 4 69.22 -15.61 34.20
C VAL EB 4 70.32 -14.60 33.80
N GLY EB 5 71.38 -14.56 34.59
CA GLY EB 5 72.56 -13.76 34.27
C GLY EB 5 73.79 -14.61 34.55
N VAL EB 6 74.84 -14.41 33.74
CA VAL EB 6 76.07 -15.20 33.87
C VAL EB 6 77.31 -14.34 33.63
N LYS EB 7 78.19 -14.29 34.61
CA LYS EB 7 79.40 -13.48 34.48
C LYS EB 7 80.45 -14.35 33.77
N PHE EB 8 81.16 -13.74 32.81
CA PHE EB 8 82.38 -14.35 32.24
C PHE EB 8 83.61 -13.42 32.38
N ASN EB 9 84.73 -13.83 31.80
CA ASN EB 9 86.01 -13.15 32.08
C ASN EB 9 86.07 -11.67 31.67
N ASN EB 10 85.52 -11.35 30.51
CA ASN EB 10 85.62 -10.01 29.98
C ASN EB 10 84.24 -9.41 29.82
N GLY EB 11 83.34 -9.70 30.78
CA GLY EB 11 82.00 -9.14 30.70
C GLY EB 11 80.94 -9.91 31.45
N VAL EB 12 79.72 -9.85 30.90
CA VAL EB 12 78.57 -10.52 31.49
C VAL EB 12 77.46 -10.61 30.44
N VAL EB 13 76.64 -11.65 30.55
CA VAL EB 13 75.56 -11.94 29.61
C VAL EB 13 74.26 -12.23 30.37
N ILE EB 14 73.13 -11.72 29.88
CA ILE EB 14 71.85 -11.99 30.53
C ILE EB 14 70.81 -12.46 29.52
N ALA EB 15 69.95 -13.37 29.95
CA ALA EB 15 69.03 -14.03 29.04
C ALA EB 15 67.64 -14.17 29.63
N ALA EB 16 66.66 -14.32 28.75
CA ALA EB 16 65.27 -14.42 29.17
C ALA EB 16 64.46 -15.26 28.20
N ASP EB 17 63.28 -15.69 28.62
CA ASP EB 17 62.35 -16.33 27.69
C ASP EB 17 61.45 -15.23 27.14
N THR EB 18 60.36 -15.59 26.46
CA THR EB 18 59.52 -14.61 25.80
C THR EB 18 58.01 -14.77 26.02
N ARG EB 19 57.62 -15.53 27.04
CA ARG EB 19 56.20 -15.84 27.24
C ARG EB 19 55.58 -15.06 28.39
N SER EB 20 54.51 -14.32 28.10
CA SER EB 20 53.82 -13.60 29.16
C SER EB 20 52.44 -14.21 29.41
N THR EB 21 52.23 -14.62 30.66
CA THR EB 21 51.02 -15.35 31.04
C THR EB 21 50.11 -14.50 31.93
N GLN EB 22 48.85 -14.36 31.51
CA GLN EB 22 47.80 -13.86 32.38
C GLN EB 22 47.04 -15.08 32.88
N GLY EB 23 47.32 -15.48 34.12
CA GLY EB 23 46.75 -16.73 34.60
C GLY EB 23 47.36 -17.92 33.87
N PRO EB 24 46.50 -18.72 33.19
CA PRO EB 24 46.86 -19.94 32.45
C PRO EB 24 46.96 -19.68 30.94
N ILE EB 25 46.68 -18.45 30.53
CA ILE EB 25 46.68 -18.06 29.11
C ILE EB 25 47.97 -17.33 28.73
N VAL EB 26 48.38 -17.48 27.47
CA VAL EB 26 49.57 -16.82 26.96
C VAL EB 26 49.19 -15.61 26.12
N ALA EB 27 49.44 -14.40 26.64
CA ALA EB 27 48.99 -13.19 25.95
C ALA EB 27 49.98 -12.71 24.87
N ASP EB 28 51.26 -12.64 25.21
CA ASP EB 28 52.28 -12.41 24.18
C ASP EB 28 53.10 -13.68 24.17
N LYS EB 29 53.26 -14.27 22.99
CA LYS EB 29 54.13 -15.44 22.87
C LYS EB 29 55.55 -14.95 22.68
N ASN EB 30 55.71 -13.64 22.52
CA ASN EB 30 57.02 -13.06 22.25
C ASN EB 30 57.12 -11.60 22.62
N CYS EB 31 57.12 -11.31 23.92
CA CYS EB 31 57.41 -9.97 24.40
C CYS EB 31 58.82 -10.08 24.93
N ALA EB 32 59.63 -9.05 24.70
CA ALA EB 32 61.00 -9.10 25.15
C ALA EB 32 61.00 -8.76 26.62
N LYS EB 33 61.72 -9.55 27.40
CA LYS EB 33 61.78 -9.32 28.82
C LYS EB 33 63.12 -8.67 29.12
N LEU EB 34 63.82 -8.32 28.05
CA LEU EB 34 65.12 -7.67 28.14
C LEU EB 34 65.03 -6.14 28.03
N HIS EB 35 65.32 -5.46 29.13
CA HIS EB 35 65.10 -4.02 29.22
C HIS EB 35 66.42 -3.23 29.26
N ARG EB 36 66.44 -2.07 28.60
CA ARG EB 36 67.66 -1.26 28.53
C ARG EB 36 67.60 -0.08 29.49
N ILE EB 37 68.60 0.03 30.35
CA ILE EB 37 68.64 1.11 31.33
C ILE EB 37 69.57 2.21 30.85
N SER EB 38 70.72 1.78 30.34
CA SER EB 38 71.72 2.65 29.73
C SER EB 38 72.30 1.84 28.56
N PRO EB 39 73.01 2.49 27.64
CA PRO EB 39 73.59 1.73 26.53
C PRO EB 39 74.20 0.40 26.96
N LYS EB 40 75.05 0.39 27.98
CA LYS EB 40 75.70 -0.86 28.36
C LYS EB 40 75.28 -1.37 29.74
N ILE EB 41 74.05 -1.04 30.15
CA ILE EB 41 73.45 -1.57 31.38
C ILE EB 41 72.04 -2.06 31.09
N TRP EB 42 71.89 -3.37 30.99
CA TRP EB 42 70.59 -3.97 30.71
C TRP EB 42 70.11 -4.81 31.90
N CYS EB 43 68.81 -5.07 31.97
CA CYS EB 43 68.27 -5.90 33.04
C CYS EB 43 67.09 -6.78 32.56
N ALA EB 44 66.90 -7.91 33.23
CA ALA EB 44 65.85 -8.87 32.87
C ALA EB 44 64.66 -8.78 33.81
N GLY EB 45 63.47 -8.64 33.24
CA GLY EB 45 62.27 -8.40 34.02
C GLY EB 45 61.37 -9.61 34.22
N ALA EB 46 61.08 -9.90 35.49
CA ALA EB 46 60.15 -10.95 35.85
C ALA EB 46 59.24 -10.51 36.97
N GLY EB 47 57.95 -10.76 36.86
CA GLY EB 47 57.01 -10.28 37.84
C GLY EB 47 55.88 -9.62 37.10
N THR EB 48 55.34 -8.55 37.68
CA THR EB 48 54.31 -7.77 36.99
C THR EB 48 54.86 -7.12 35.73
N ALA EB 49 54.39 -7.60 34.58
CA ALA EB 49 54.85 -7.08 33.29
C ALA EB 49 55.05 -5.56 33.37
N ALA EB 50 53.99 -4.85 33.75
CA ALA EB 50 54.02 -3.40 33.74
C ALA EB 50 55.12 -2.79 34.61
N ASP EB 51 55.40 -3.41 35.75
CA ASP EB 51 56.31 -2.78 36.71
C ASP EB 51 57.77 -2.89 36.32
N THR EB 52 58.15 -3.99 35.69
CA THR EB 52 59.52 -4.12 35.26
C THR EB 52 59.78 -3.10 34.16
N GLU EB 53 58.77 -2.85 33.33
CA GLU EB 53 58.90 -1.83 32.29
C GLU EB 53 58.97 -0.43 32.90
N ALA EB 54 57.95 -0.08 33.69
CA ALA EB 54 57.83 1.26 34.24
C ALA EB 54 59.05 1.63 35.09
N VAL EB 55 59.45 0.73 35.97
CA VAL EB 55 60.53 1.03 36.89
C VAL EB 55 61.87 1.00 36.16
N THR EB 56 61.90 0.38 34.99
CA THR EB 56 63.07 0.44 34.14
C THR EB 56 63.11 1.78 33.40
N GLN EB 57 62.01 2.11 32.70
CA GLN EB 57 61.89 3.36 31.98
C GLN EB 57 62.33 4.54 32.88
N LEU EB 58 62.01 4.42 34.17
CA LEU EB 58 62.28 5.48 35.14
C LEU EB 58 63.76 5.57 35.53
N ILE EB 59 64.24 4.58 36.28
CA ILE EB 59 65.64 4.56 36.69
C ILE EB 59 66.60 4.80 35.52
N GLY EB 60 66.17 4.43 34.32
CA GLY EB 60 67.00 4.60 33.12
C GLY EB 60 67.02 6.04 32.66
N SER EB 61 65.86 6.69 32.77
CA SER EB 61 65.72 8.11 32.49
C SER EB 61 66.53 8.92 33.51
N ASN EB 62 66.31 8.70 34.80
CA ASN EB 62 67.08 9.37 35.82
C ASN EB 62 68.58 9.14 35.61
N ILE EB 63 68.94 7.90 35.31
CA ILE EB 63 70.33 7.53 35.11
C ILE EB 63 70.91 8.20 33.86
N GLU EB 64 70.07 8.45 32.86
CA GLU EB 64 70.54 9.13 31.66
C GLU EB 64 70.87 10.58 31.99
N LEU EB 65 69.99 11.24 32.74
CA LEU EB 65 70.19 12.65 33.12
C LEU EB 65 71.40 12.79 34.03
N HIS EB 66 71.71 11.71 34.75
CA HIS EB 66 72.80 11.76 35.71
C HIS EB 66 74.15 11.61 35.01
N SER EB 67 74.20 10.79 33.97
CA SER EB 67 75.41 10.65 33.16
C SER EB 67 75.74 11.94 32.42
N LEU EB 68 74.77 12.85 32.38
CA LEU EB 68 74.93 14.12 31.70
C LEU EB 68 75.38 15.25 32.64
N TYR EB 69 74.87 15.24 33.87
CA TYR EB 69 75.31 16.18 34.90
C TYR EB 69 76.77 15.91 35.19
N THR EB 70 77.12 14.64 35.27
CA THR EB 70 78.44 14.22 35.73
C THR EB 70 79.44 14.00 34.59
N SER EB 71 78.98 14.14 33.36
CA SER EB 71 79.87 13.96 32.21
C SER EB 71 80.61 12.61 32.32
N ARG EB 72 79.91 11.60 32.82
CA ARG EB 72 80.50 10.29 33.11
C ARG EB 72 79.61 9.12 32.68
N GLU EB 73 80.25 8.05 32.22
CA GLU EB 73 79.52 6.85 31.83
C GLU EB 73 78.76 6.28 33.04
N PRO EB 74 77.49 5.86 32.82
CA PRO EB 74 76.58 5.37 33.87
C PRO EB 74 77.07 4.05 34.41
N ARG EB 75 77.01 3.90 35.72
CA ARG EB 75 77.54 2.70 36.37
C ARG EB 75 76.46 1.72 36.82
N VAL EB 76 76.74 0.43 36.70
CA VAL EB 76 75.76 -0.55 37.08
C VAL EB 76 75.36 -0.27 38.51
N VAL EB 77 76.36 -0.09 39.37
CA VAL EB 77 76.11 0.08 40.78
C VAL EB 77 75.24 1.30 41.11
N SER EB 78 75.15 2.26 40.20
CA SER EB 78 74.16 3.36 40.35
C SER EB 78 72.74 2.86 40.13
N ALA EB 79 72.52 2.22 39.00
CA ALA EB 79 71.19 1.72 38.64
C ALA EB 79 70.68 0.78 39.72
N LEU EB 80 71.60 0.09 40.38
CA LEU EB 80 71.21 -0.81 41.45
C LEU EB 80 70.66 -0.02 42.61
N GLN EB 81 71.47 0.91 43.11
CA GLN EB 81 71.14 1.68 44.28
C GLN EB 81 69.85 2.49 44.12
N MET EB 82 69.59 2.96 42.91
CA MET EB 82 68.40 3.76 42.71
C MET EB 82 67.17 2.87 42.65
N LEU EB 83 67.31 1.71 42.00
CA LEU EB 83 66.24 0.74 41.94
C LEU EB 83 65.95 0.15 43.31
N LYS EB 84 66.98 -0.33 44.00
CA LYS EB 84 66.85 -0.83 45.36
C LYS EB 84 66.01 0.14 46.20
N GLN EB 85 66.38 1.42 46.19
CA GLN EB 85 65.77 2.36 47.13
C GLN EB 85 64.38 2.80 46.73
N HIS EB 86 64.07 2.69 45.44
CA HIS EB 86 62.74 3.02 44.93
C HIS EB 86 61.75 1.92 45.32
N LEU EB 87 62.12 0.66 45.03
CA LEU EB 87 61.27 -0.48 45.34
C LEU EB 87 60.96 -0.57 46.82
N PHE EB 88 61.93 -0.20 47.64
CA PHE EB 88 61.80 -0.29 49.09
C PHE EB 88 60.94 0.83 49.70
N LYS EB 89 61.01 2.04 49.11
CA LYS EB 89 60.11 3.14 49.46
C LYS EB 89 58.71 2.55 49.43
N TYR EB 90 58.49 1.65 48.46
CA TYR EB 90 57.16 1.12 48.12
C TYR EB 90 56.84 -0.26 48.73
N GLN EB 91 57.28 -0.46 49.99
CA GLN EB 91 56.99 -1.67 50.80
C GLN EB 91 56.68 -2.98 50.05
N GLY EB 92 57.33 -3.18 48.90
CA GLY EB 92 57.11 -4.37 48.09
C GLY EB 92 55.90 -4.32 47.18
N HIS EB 93 55.13 -3.23 47.23
CA HIS EB 93 53.90 -3.10 46.45
C HIS EB 93 54.14 -2.94 44.93
N ILE EB 94 55.41 -2.83 44.55
CA ILE EB 94 55.82 -2.79 43.14
C ILE EB 94 56.48 -4.12 42.76
N GLY EB 95 55.86 -4.86 41.84
CA GLY EB 95 56.22 -6.25 41.63
C GLY EB 95 57.32 -6.52 40.62
N ALA EB 96 58.51 -6.02 40.91
CA ALA EB 96 59.64 -6.18 40.00
C ALA EB 96 60.70 -7.09 40.60
N TYR EB 97 61.15 -8.06 39.82
CA TYR EB 97 62.23 -8.95 40.24
C TYR EB 97 63.18 -8.93 39.05
N LEU EB 98 64.34 -8.33 39.24
CA LEU EB 98 65.22 -8.05 38.12
C LEU EB 98 66.57 -8.73 38.26
N ILE EB 99 67.15 -9.09 37.12
CA ILE EB 99 68.59 -9.31 37.07
C ILE EB 99 69.19 -8.12 36.34
N VAL EB 100 70.03 -7.35 37.04
CA VAL EB 100 70.63 -6.13 36.53
C VAL EB 100 72.11 -6.43 36.28
N ALA EB 101 72.56 -6.21 35.05
CA ALA EB 101 73.96 -6.44 34.73
C ALA EB 101 74.48 -5.41 33.77
N GLY EB 102 75.80 -5.33 33.65
CA GLY EB 102 76.39 -4.42 32.69
C GLY EB 102 77.87 -4.15 32.84
N VAL EB 103 78.35 -3.28 31.96
CA VAL EB 103 79.72 -2.80 32.02
C VAL EB 103 79.83 -1.28 32.14
N ASP EB 104 80.58 -0.88 33.15
CA ASP EB 104 80.92 0.52 33.37
C ASP EB 104 82.44 0.58 33.47
N PRO EB 105 82.99 1.79 33.56
CA PRO EB 105 84.40 2.05 33.87
C PRO EB 105 85.01 1.26 35.05
N THR EB 106 84.22 0.55 35.86
CA THR EB 106 84.81 -0.25 36.96
C THR EB 106 84.90 -1.77 36.69
N GLY EB 107 84.40 -2.22 35.55
CA GLY EB 107 84.46 -3.62 35.18
C GLY EB 107 83.10 -4.26 34.86
N SER EB 108 83.02 -5.57 35.05
CA SER EB 108 81.77 -6.30 34.81
C SER EB 108 81.01 -6.47 36.13
N HIS EB 109 79.70 -6.24 36.09
CA HIS EB 109 78.87 -6.39 37.27
C HIS EB 109 77.61 -7.21 37.00
N LEU EB 110 77.18 -7.98 38.00
CA LEU EB 110 75.96 -8.78 37.88
C LEU EB 110 75.22 -8.89 39.22
N PHE EB 111 74.02 -8.32 39.26
CA PHE EB 111 73.24 -8.19 40.49
C PHE EB 111 71.79 -8.63 40.25
N SER EB 112 71.08 -8.97 41.32
CA SER EB 112 69.66 -9.28 41.24
C SER EB 112 68.91 -8.47 42.31
N ILE EB 113 67.76 -7.93 41.95
CA ILE EB 113 66.99 -7.07 42.83
C ILE EB 113 65.58 -7.68 43.00
N HIS EB 114 65.16 -7.85 44.24
CA HIS EB 114 63.85 -8.40 44.53
C HIS EB 114 62.89 -7.26 44.87
N ALA EB 115 61.60 -7.52 44.74
CA ALA EB 115 60.58 -6.47 44.86
C ALA EB 115 60.60 -5.69 46.16
N HIS EB 116 60.98 -6.34 47.25
CA HIS EB 116 60.94 -5.69 48.56
C HIS EB 116 62.15 -4.79 48.76
N GLY EB 117 63.12 -4.91 47.86
CA GLY EB 117 64.32 -4.09 47.86
C GLY EB 117 65.65 -4.76 48.21
N SER EB 118 65.67 -6.09 48.31
CA SER EB 118 66.90 -6.84 48.59
C SER EB 118 67.74 -6.91 47.31
N THR EB 119 69.06 -6.94 47.45
CA THR EB 119 69.94 -7.14 46.30
C THR EB 119 70.95 -8.25 46.57
N ASP EB 120 71.35 -8.93 45.50
CA ASP EB 120 72.29 -10.03 45.61
C ASP EB 120 73.37 -9.78 44.56
N VAL EB 121 74.62 -9.97 44.95
CA VAL EB 121 75.70 -9.93 43.97
C VAL EB 121 76.19 -11.34 43.77
N GLY EB 122 76.46 -11.68 42.52
CA GLY EB 122 76.87 -13.03 42.20
C GLY EB 122 77.49 -13.19 40.83
N TYR EB 123 77.81 -14.45 40.52
CA TYR EB 123 78.40 -14.83 39.25
C TYR EB 123 77.37 -15.49 38.35
N TYR EB 124 76.45 -16.23 38.95
CA TYR EB 124 75.26 -16.69 38.24
C TYR EB 124 74.01 -16.54 39.11
N LEU EB 125 72.95 -16.09 38.43
CA LEU EB 125 71.69 -15.73 39.08
C LEU EB 125 70.50 -16.17 38.24
N SER EB 126 69.40 -16.53 38.88
CA SER EB 126 68.16 -16.77 38.14
C SER EB 126 66.94 -16.35 38.95
N LEU EB 127 65.94 -15.79 38.25
CA LEU EB 127 64.68 -15.35 38.88
C LEU EB 127 63.44 -15.78 38.11
N GLY EB 128 62.30 -15.80 38.79
CA GLY EB 128 61.05 -16.07 38.12
C GLY EB 128 60.58 -17.49 38.24
N SER EB 129 59.48 -17.81 37.55
CA SER EB 129 58.81 -19.10 37.71
C SER EB 129 59.63 -20.29 37.24
N GLY EB 130 60.62 -20.05 36.39
CA GLY EB 130 61.48 -21.13 35.92
C GLY EB 130 62.82 -21.02 36.62
N SER EB 131 62.85 -20.19 37.66
CA SER EB 131 64.07 -19.91 38.40
C SER EB 131 64.78 -21.21 38.76
N LEU EB 132 64.00 -22.22 39.13
CA LEU EB 132 64.60 -23.42 39.67
C LEU EB 132 65.11 -24.35 38.59
N ALA EB 133 64.42 -24.39 37.45
CA ALA EB 133 64.89 -25.22 36.36
C ALA EB 133 66.23 -24.67 35.87
N ALA EB 134 66.28 -23.36 35.65
CA ALA EB 134 67.50 -22.72 35.15
C ALA EB 134 68.64 -22.87 36.14
N MET EB 135 68.37 -22.62 37.42
CA MET EB 135 69.42 -22.67 38.43
C MET EB 135 70.00 -24.07 38.56
N ALA EB 136 69.23 -25.06 38.13
CA ALA EB 136 69.71 -26.45 38.17
C ALA EB 136 70.71 -26.68 37.05
N VAL EB 137 70.46 -26.07 35.89
CA VAL EB 137 71.43 -26.15 34.82
C VAL EB 137 72.68 -25.41 35.26
N LEU EB 138 72.51 -24.15 35.64
CA LEU EB 138 73.63 -23.30 36.03
C LEU EB 138 74.55 -23.95 37.07
N GLU EB 139 73.96 -24.68 38.03
CA GLU EB 139 74.74 -25.18 39.14
C GLU EB 139 75.57 -26.38 38.70
N SER EB 140 75.27 -26.88 37.51
CA SER EB 140 75.91 -28.10 37.05
C SER EB 140 76.99 -27.82 36.01
N HIS EB 141 76.92 -26.67 35.37
CA HIS EB 141 77.79 -26.43 34.22
C HIS EB 141 78.64 -25.16 34.33
N TRP EB 142 78.57 -24.47 35.46
CA TRP EB 142 79.32 -23.22 35.62
C TRP EB 142 80.66 -23.45 36.33
N LYS EB 143 81.72 -23.07 35.62
CA LYS EB 143 83.07 -23.06 36.18
C LYS EB 143 83.55 -21.60 36.19
N GLN EB 144 84.54 -21.29 37.02
CA GLN EB 144 85.03 -19.93 37.08
C GLN EB 144 85.73 -19.59 35.77
N ASP EB 145 85.51 -18.36 35.30
CA ASP EB 145 86.21 -17.86 34.12
C ASP EB 145 85.73 -18.48 32.81
N LEU EB 146 84.46 -18.30 32.49
CA LEU EB 146 83.93 -18.74 31.20
C LEU EB 146 84.50 -17.94 30.05
N THR EB 147 84.07 -18.26 28.84
CA THR EB 147 84.41 -17.43 27.68
C THR EB 147 83.13 -16.86 27.12
N LYS EB 148 83.23 -15.87 26.23
CA LYS EB 148 82.03 -15.30 25.63
C LYS EB 148 81.08 -16.40 25.13
N GLU EB 149 81.56 -17.30 24.25
CA GLU EB 149 80.67 -18.30 23.66
C GLU EB 149 80.22 -19.41 24.64
N GLU EB 150 81.05 -19.74 25.63
CA GLU EB 150 80.65 -20.70 26.65
C GLU EB 150 79.51 -20.10 27.49
N ALA EB 151 79.70 -18.87 27.95
CA ALA EB 151 78.73 -18.19 28.83
C ALA EB 151 77.40 -17.93 28.14
N ILE EB 152 77.40 -17.86 26.82
CA ILE EB 152 76.16 -17.69 26.07
C ILE EB 152 75.43 -19.02 25.95
N LYS EB 153 76.13 -20.05 25.49
CA LYS EB 153 75.55 -21.38 25.51
C LYS EB 153 74.90 -21.63 26.87
N LEU EB 154 75.63 -21.38 27.96
CA LEU EB 154 75.13 -21.63 29.32
C LEU EB 154 73.84 -20.89 29.68
N ALA EB 155 73.75 -19.61 29.36
CA ALA EB 155 72.54 -18.87 29.70
C ALA EB 155 71.37 -19.35 28.86
N SER EB 156 71.62 -19.60 27.58
CA SER EB 156 70.56 -20.09 26.68
C SER EB 156 70.15 -21.51 27.03
N ASP EB 157 71.13 -22.35 27.35
CA ASP EB 157 70.85 -23.66 27.92
C ASP EB 157 69.95 -23.50 29.17
N ALA EB 158 70.23 -22.52 30.02
CA ALA EB 158 69.52 -22.38 31.29
C ALA EB 158 68.13 -21.79 31.10
N ILE EB 159 67.93 -21.08 30.00
CA ILE EB 159 66.61 -20.54 29.71
C ILE EB 159 65.76 -21.65 29.10
N GLN EB 160 66.38 -22.50 28.30
CA GLN EB 160 65.64 -23.62 27.75
C GLN EB 160 65.06 -24.47 28.88
N ALA EB 161 65.94 -24.92 29.78
CA ALA EB 161 65.49 -25.66 30.95
C ALA EB 161 64.20 -25.07 31.52
N GLY EB 162 64.10 -23.74 31.51
CA GLY EB 162 62.91 -23.08 32.01
C GLY EB 162 61.74 -23.30 31.08
N ILE EB 163 61.96 -22.96 29.81
CA ILE EB 163 60.94 -23.07 28.78
C ILE EB 163 60.16 -24.38 28.84
N TRP EB 164 60.92 -25.46 28.73
CA TRP EB 164 60.36 -26.81 28.67
C TRP EB 164 59.72 -27.22 29.98
N ASN EB 165 60.56 -27.30 31.01
CA ASN EB 165 60.20 -27.85 32.32
C ASN EB 165 59.34 -26.92 33.22
N ASP EB 166 58.90 -25.79 32.65
CA ASP EB 166 58.04 -24.80 33.35
C ASP EB 166 56.88 -24.34 32.47
N LEU EB 167 55.67 -24.30 33.05
CA LEU EB 167 54.49 -23.88 32.33
C LEU EB 167 54.40 -22.37 32.33
N GLY EB 168 55.25 -21.73 33.11
CA GLY EB 168 55.23 -20.29 33.29
C GLY EB 168 56.08 -19.61 32.24
N SER EB 169 56.97 -20.38 31.64
CA SER EB 169 57.91 -19.89 30.65
C SER EB 169 57.73 -20.62 29.36
N GLY EB 170 58.24 -20.04 28.28
CA GLY EB 170 58.15 -20.67 26.98
C GLY EB 170 58.56 -19.85 25.77
N SER EB 171 58.24 -20.38 24.58
CA SER EB 171 58.57 -19.76 23.31
C SER EB 171 60.08 -19.53 23.06
N ASN EB 172 60.50 -18.29 22.86
CA ASN EB 172 61.88 -18.01 22.41
C ASN EB 172 62.95 -17.68 23.48
N VAL EB 173 64.17 -17.39 23.04
CA VAL EB 173 65.27 -17.02 23.94
C VAL EB 173 65.99 -15.73 23.52
N ASP EB 174 65.75 -14.66 24.28
CA ASP EB 174 66.44 -13.37 24.11
C ASP EB 174 67.80 -13.41 24.82
N VAL EB 175 68.80 -12.74 24.24
CA VAL EB 175 70.09 -12.61 24.91
C VAL EB 175 70.63 -11.19 24.78
N CYS EB 176 71.50 -10.80 25.71
CA CYS EB 176 72.27 -9.57 25.59
C CYS EB 176 73.66 -9.75 26.14
N VAL EB 177 74.66 -9.48 25.30
CA VAL EB 177 76.04 -9.71 25.70
C VAL EB 177 76.77 -8.38 25.85
N MET EB 178 77.20 -8.10 27.08
CA MET EB 178 77.87 -6.86 27.39
C MET EB 178 79.33 -7.17 27.65
N GLU EB 179 80.15 -7.06 26.60
CA GLU EB 179 81.57 -7.31 26.74
C GLU EB 179 82.21 -6.01 27.24
N ILE EB 180 83.31 -6.11 28.00
CA ILE EB 180 83.91 -4.95 28.66
C ILE EB 180 84.50 -3.97 27.66
N GLY EB 181 85.15 -4.51 26.64
CA GLY EB 181 85.69 -3.66 25.60
C GLY EB 181 84.59 -3.05 24.74
N LYS EB 182 83.80 -3.95 24.15
CA LYS EB 182 82.97 -3.60 23.02
C LYS EB 182 81.63 -2.92 23.37
N ASP EB 183 80.83 -2.64 22.35
CA ASP EB 183 79.47 -2.18 22.56
C ASP EB 183 78.67 -3.35 23.13
N ALA EB 184 77.44 -3.11 23.57
CA ALA EB 184 76.60 -4.18 24.04
C ALA EB 184 75.93 -4.78 22.82
N GLU EB 185 75.82 -6.11 22.75
CA GLU EB 185 74.99 -6.73 21.70
C GLU EB 185 73.73 -7.38 22.23
N TYR EB 186 72.61 -7.01 21.63
CA TYR EB 186 71.29 -7.50 22.00
C TYR EB 186 70.81 -8.38 20.86
N LEU EB 187 70.80 -9.68 21.11
CA LEU EB 187 70.35 -10.66 20.15
C LEU EB 187 68.91 -11.06 20.46
N ARG EB 188 67.95 -10.38 19.84
CA ARG EB 188 66.53 -10.67 20.03
C ARG EB 188 66.21 -12.00 19.36
N ASN EB 189 65.46 -12.85 20.05
CA ASN EB 189 65.18 -14.21 19.58
C ASN EB 189 66.43 -14.94 19.10
N TYR EB 190 67.44 -14.97 19.95
CA TYR EB 190 68.69 -15.68 19.65
C TYR EB 190 68.42 -17.16 19.37
N LEU EB 191 67.29 -17.65 19.88
CA LEU EB 191 66.87 -19.03 19.62
C LEU EB 191 65.36 -19.12 19.41
N THR EB 192 64.95 -19.97 18.48
CA THR EB 192 63.54 -20.09 18.11
C THR EB 192 63.13 -21.55 18.06
N PRO EB 193 63.17 -22.24 19.21
CA PRO EB 193 62.93 -23.69 19.23
C PRO EB 193 61.46 -24.00 19.06
N ASN EB 194 60.60 -23.02 19.34
CA ASN EB 194 59.16 -23.23 19.37
C ASN EB 194 58.40 -22.66 18.16
N VAL EB 195 58.67 -23.24 16.99
CA VAL EB 195 57.99 -22.84 15.75
C VAL EB 195 56.76 -23.71 15.45
N ARG EB 196 55.61 -23.09 15.22
CA ARG EB 196 54.36 -23.82 15.07
C ARG EB 196 54.30 -24.56 13.72
N GLU EB 197 54.34 -25.88 13.78
CA GLU EB 197 54.23 -26.71 12.57
C GLU EB 197 53.07 -26.22 11.72
N GLU EB 198 53.22 -26.37 10.41
CA GLU EB 198 52.21 -25.86 9.49
C GLU EB 198 50.88 -26.53 9.80
N LYS EB 199 49.82 -25.72 9.90
CA LYS EB 199 48.49 -26.26 10.20
C LYS EB 199 48.11 -27.40 9.25
N GLN EB 200 47.01 -28.09 9.53
CA GLN EB 200 46.60 -29.19 8.66
C GLN EB 200 45.70 -28.68 7.52
N LYS EB 201 45.23 -27.44 7.68
CA LYS EB 201 44.30 -26.83 6.73
C LYS EB 201 44.65 -25.34 6.58
N SER EB 202 43.85 -24.62 5.80
CA SER EB 202 43.91 -23.17 5.80
C SER EB 202 42.49 -22.64 5.85
N TYR EB 203 42.25 -21.72 6.76
CA TYR EB 203 40.88 -21.33 7.07
C TYR EB 203 40.56 -19.94 6.54
N LYS EB 204 41.13 -19.64 5.39
CA LYS EB 204 40.84 -18.41 4.67
C LYS EB 204 39.43 -18.55 4.11
N PHE EB 205 38.53 -17.65 4.50
CA PHE EB 205 37.12 -17.78 4.09
C PHE EB 205 36.84 -17.23 2.70
N PRO EB 206 36.05 -17.99 1.92
CA PRO EB 206 35.57 -17.53 0.60
C PRO EB 206 34.89 -16.19 0.77
N ARG EB 207 35.29 -15.19 0.00
CA ARG EB 207 34.74 -13.86 0.16
C ARG EB 207 33.21 -13.90 0.10
N GLY EB 208 32.58 -13.22 1.05
CA GLY EB 208 31.13 -13.11 1.08
C GLY EB 208 30.48 -14.02 2.09
N THR EB 209 31.30 -14.70 2.88
CA THR EB 209 30.80 -15.64 3.88
C THR EB 209 29.98 -14.93 4.95
N THR EB 210 30.38 -13.72 5.30
CA THR EB 210 29.85 -13.01 6.46
C THR EB 210 28.68 -12.11 6.14
N ALA EB 211 27.60 -12.25 6.89
CA ALA EB 211 26.39 -11.46 6.66
C ALA EB 211 26.55 -10.03 7.13
N VAL EB 212 26.35 -9.08 6.22
CA VAL EB 212 26.47 -7.67 6.59
C VAL EB 212 25.11 -6.98 6.60
N LEU EB 213 24.87 -6.15 7.62
CA LEU EB 213 23.61 -5.40 7.77
C LEU EB 213 23.69 -4.05 7.07
N LYS EB 214 24.59 -3.21 7.58
CA LYS EB 214 24.82 -1.85 7.12
C LYS EB 214 26.30 -1.64 6.83
N GLU EB 215 26.60 -0.80 5.86
CA GLU EB 215 27.99 -0.53 5.51
C GLU EB 215 28.10 0.96 5.30
N SER EB 216 29.26 1.52 5.61
CA SER EB 216 29.47 2.94 5.44
C SER EB 216 30.95 3.28 5.52
N ILE EB 217 31.28 4.53 5.17
CA ILE EB 217 32.65 5.00 5.17
C ILE EB 217 32.79 6.10 6.20
N VAL EB 218 33.73 5.94 7.13
CA VAL EB 218 34.01 7.00 8.10
C VAL EB 218 35.10 7.91 7.54
N ASN EB 219 35.12 9.16 8.00
CA ASN EB 219 36.11 10.13 7.55
C ASN EB 219 37.23 10.34 8.57
N ILE EB 220 38.45 10.33 8.05
CA ILE EB 220 39.65 10.22 8.87
C ILE EB 220 40.23 11.57 9.32
N CYS EB 221 40.52 12.44 8.35
CA CYS EB 221 41.03 13.78 8.64
C CYS EB 221 39.94 14.81 8.37
N ASP EB 222 39.98 15.93 9.08
CA ASP EB 222 38.97 16.98 8.89
C ASP EB 222 39.10 17.67 7.53
N SER FB 1 29.56 -8.93 40.10
CA SER FB 1 30.53 -9.24 41.15
C SER FB 1 31.88 -8.61 40.78
N ASP FB 2 32.57 -9.27 39.85
CA ASP FB 2 33.89 -8.87 39.36
C ASP FB 2 33.80 -7.71 38.36
N PRO FB 3 34.65 -6.69 38.54
CA PRO FB 3 34.62 -5.44 37.75
C PRO FB 3 34.84 -5.54 36.23
N SER FB 4 35.53 -6.56 35.74
CA SER FB 4 35.75 -6.65 34.30
C SER FB 4 34.63 -7.46 33.61
N SER FB 5 33.91 -8.25 34.42
CA SER FB 5 32.80 -9.09 33.96
C SER FB 5 31.43 -8.57 34.41
N ILE FB 6 31.30 -7.26 34.60
CA ILE FB 6 30.02 -6.67 34.98
C ILE FB 6 29.26 -6.29 33.73
N ASN FB 7 29.88 -5.48 32.90
CA ASN FB 7 29.21 -4.98 31.72
C ASN FB 7 29.46 -5.89 30.52
N GLY FB 8 30.73 -6.21 30.28
CA GLY FB 8 31.09 -7.14 29.23
C GLY FB 8 31.39 -6.58 27.84
N GLY FB 9 31.74 -7.51 26.96
CA GLY FB 9 32.07 -7.19 25.59
C GLY FB 9 33.46 -7.64 25.22
N ILE FB 10 33.73 -7.69 23.92
CA ILE FB 10 35.03 -8.08 23.42
C ILE FB 10 35.51 -7.15 22.30
N VAL FB 11 36.82 -7.11 22.07
CA VAL FB 11 37.41 -6.34 20.97
C VAL FB 11 38.59 -7.13 20.41
N VAL FB 12 38.78 -7.10 19.09
CA VAL FB 12 39.83 -7.91 18.42
C VAL FB 12 40.47 -7.12 17.28
N ALA FB 13 41.77 -7.29 17.08
CA ALA FB 13 42.47 -6.56 16.02
C ALA FB 13 43.53 -7.40 15.32
N MET FB 14 43.62 -7.26 13.99
CA MET FB 14 44.55 -8.05 13.18
C MET FB 14 45.29 -7.20 12.16
N THR FB 15 46.37 -7.76 11.63
CA THR FB 15 47.08 -7.14 10.51
C THR FB 15 46.95 -7.96 9.24
N GLY FB 16 47.10 -7.27 8.12
CA GLY FB 16 47.12 -7.92 6.83
C GLY FB 16 48.19 -7.29 5.97
N LYS FB 17 48.03 -7.44 4.66
CA LYS FB 17 48.90 -6.78 3.69
C LYS FB 17 48.56 -5.31 3.70
N ASP FB 18 49.51 -4.52 4.20
CA ASP FB 18 49.34 -3.07 4.24
C ASP FB 18 47.94 -2.64 4.66
N CYS FB 19 47.43 -3.22 5.76
CA CYS FB 19 46.13 -2.85 6.29
C CYS FB 19 45.95 -3.37 7.70
N VAL FB 20 44.94 -2.88 8.41
CA VAL FB 20 44.59 -3.43 9.72
C VAL FB 20 43.07 -3.45 9.95
N ALA FB 21 42.61 -4.32 10.85
CA ALA FB 21 41.19 -4.43 11.18
C ALA FB 21 41.00 -4.49 12.68
N ILE FB 22 39.96 -3.80 13.15
CA ILE FB 22 39.60 -3.82 14.56
C ILE FB 22 38.07 -3.94 14.63
N ALA FB 23 37.55 -4.68 15.62
CA ALA FB 23 36.13 -5.02 15.66
C ALA FB 23 35.65 -5.28 17.07
N CYS FB 24 34.35 -5.14 17.29
CA CYS FB 24 33.81 -5.34 18.61
C CYS FB 24 32.33 -5.71 18.57
N ASP FB 25 31.80 -6.06 19.73
CA ASP FB 25 30.37 -6.27 19.87
C ASP FB 25 29.71 -5.02 20.45
N LEU FB 26 28.41 -4.87 20.22
CA LEU FB 26 27.68 -3.71 20.67
C LEU FB 26 26.92 -3.95 21.97
N ARG FB 27 27.47 -4.78 22.86
CA ARG FB 27 26.72 -5.16 24.05
C ARG FB 27 27.14 -4.43 25.31
N LEU FB 28 26.14 -4.03 26.08
CA LEU FB 28 26.36 -3.38 27.36
C LEU FB 28 25.28 -3.92 28.25
N GLY FB 29 25.67 -4.61 29.31
CA GLY FB 29 24.71 -5.15 30.23
C GLY FB 29 25.22 -5.15 31.66
N SER FB 30 24.32 -4.85 32.61
CA SER FB 30 24.56 -5.12 34.02
C SER FB 30 24.34 -6.61 34.30
N GLN FB 31 25.42 -7.32 34.59
CA GLN FB 31 25.37 -8.77 34.82
C GLN FB 31 24.58 -9.46 33.71
N SER FB 32 23.59 -10.25 34.12
CA SER FB 32 22.74 -11.01 33.18
C SER FB 32 21.89 -10.16 32.23
N LEU FB 33 21.43 -9.01 32.71
CA LEU FB 33 20.52 -8.13 31.97
C LEU FB 33 21.22 -7.36 30.86
N GLY FB 34 20.83 -7.57 29.62
CA GLY FB 34 21.34 -6.74 28.54
C GLY FB 34 20.57 -5.43 28.52
N VAL FB 35 21.28 -4.30 28.44
CA VAL FB 35 20.61 -2.99 28.45
C VAL FB 35 20.59 -2.24 27.13
N SER FB 36 21.74 -2.21 26.45
CA SER FB 36 21.86 -1.56 25.13
C SER FB 36 22.54 -2.44 24.10
N ASN FB 37 22.07 -2.34 22.87
CA ASN FB 37 22.63 -3.08 21.74
C ASN FB 37 23.22 -2.16 20.69
N LYS FB 38 23.67 -0.99 21.13
CA LYS FB 38 24.14 0.07 20.24
C LYS FB 38 25.30 0.81 20.90
N PHE FB 39 25.96 0.09 21.80
CA PHE FB 39 27.05 0.64 22.59
C PHE FB 39 28.38 0.20 22.00
N GLU FB 40 28.96 1.02 21.13
CA GLU FB 40 30.21 0.67 20.46
C GLU FB 40 31.42 0.82 21.36
N LYS FB 41 32.38 -0.10 21.22
CA LYS FB 41 33.57 -0.14 22.05
C LYS FB 41 34.80 0.37 21.31
N ILE FB 42 34.60 0.86 20.10
CA ILE FB 42 35.72 1.37 19.30
C ILE FB 42 35.57 2.85 18.94
N PHE FB 43 36.60 3.62 19.30
CA PHE FB 43 36.64 5.08 19.10
C PHE FB 43 37.85 5.45 18.23
N HIS FB 44 37.78 6.57 17.53
CA HIS FB 44 38.97 7.01 16.77
C HIS FB 44 39.44 8.46 17.07
N TYR FB 45 40.75 8.64 16.96
CA TYR FB 45 41.40 9.92 17.22
C TYR FB 45 42.37 10.24 16.05
N GLY FB 46 41.85 10.94 15.04
CA GLY FB 46 42.59 11.10 13.82
C GLY FB 46 42.54 9.80 13.02
N HIS FB 47 43.71 9.24 12.72
CA HIS FB 47 43.78 7.98 11.97
C HIS FB 47 44.16 6.81 12.88
N VAL FB 48 44.20 7.09 14.19
CA VAL FB 48 44.50 6.04 15.16
C VAL FB 48 43.25 5.62 15.88
N PHE FB 49 42.99 4.31 15.84
CA PHE FB 49 41.82 3.71 16.45
C PHE FB 49 42.10 3.01 17.78
N LEU FB 50 41.13 3.07 18.69
CA LEU FB 50 41.25 2.50 20.01
C LEU FB 50 39.97 1.81 20.42
N GLY FB 51 40.06 0.50 20.63
CA GLY FB 51 38.96 -0.27 21.19
C GLY FB 51 39.27 -0.49 22.65
N ILE FB 52 38.24 -0.43 23.49
CA ILE FB 52 38.41 -0.59 24.94
C ILE FB 52 37.29 -1.46 25.50
N THR FB 53 37.63 -2.52 26.24
CA THR FB 53 36.62 -3.41 26.80
C THR FB 53 36.68 -3.36 28.30
N GLY FB 54 35.61 -3.83 28.93
CA GLY FB 54 35.64 -3.95 30.37
C GLY FB 54 34.53 -3.19 31.03
N LEU FB 55 34.90 -2.25 31.90
CA LEU FB 55 33.91 -1.50 32.65
C LEU FB 55 33.44 -0.26 31.88
N ALA FB 56 32.13 -0.10 31.74
CA ALA FB 56 31.57 0.89 30.83
C ALA FB 56 31.98 2.30 31.21
N THR FB 57 31.80 2.65 32.47
CA THR FB 57 32.05 4.00 32.91
C THR FB 57 33.54 4.35 32.84
N ASP FB 58 34.37 3.34 32.58
CA ASP FB 58 35.80 3.54 32.42
C ASP FB 58 36.19 3.48 30.94
N VAL FB 59 35.49 2.66 30.18
CA VAL FB 59 35.67 2.65 28.73
C VAL FB 59 35.28 4.02 28.24
N THR FB 60 34.16 4.54 28.75
CA THR FB 60 33.66 5.83 28.34
C THR FB 60 34.62 6.93 28.78
N THR FB 61 35.00 6.92 30.05
CA THR FB 61 35.91 7.91 30.62
C THR FB 61 37.23 8.02 29.86
N LEU FB 62 37.77 6.87 29.43
CA LEU FB 62 39.04 6.86 28.71
C LEU FB 62 38.92 7.41 27.29
N ASN FB 63 37.79 7.17 26.63
CA ASN FB 63 37.53 7.82 25.34
C ASN FB 63 37.52 9.33 25.55
N GLU FB 64 36.61 9.78 26.41
CA GLU FB 64 36.49 11.19 26.74
C GLU FB 64 37.86 11.80 27.05
N MET FB 65 38.75 11.00 27.65
CA MET FB 65 40.08 11.46 28.04
C MET FB 65 41.09 11.49 26.90
N PHE FB 66 41.14 10.44 26.10
CA PHE FB 66 42.11 10.42 25.02
C PHE FB 66 41.72 11.36 23.89
N ARG FB 67 40.43 11.69 23.78
CA ARG FB 67 40.02 12.72 22.83
C ARG FB 67 40.72 13.99 23.22
N TYR FB 68 40.47 14.40 24.46
CA TYR FB 68 41.12 15.55 25.09
C TYR FB 68 42.66 15.55 24.90
N LYS FB 69 43.36 14.56 25.45
CA LYS FB 69 44.82 14.46 25.29
C LYS FB 69 45.30 14.57 23.81
N THR FB 70 44.67 13.83 22.89
CA THR FB 70 45.11 13.83 21.48
C THR FB 70 44.72 15.06 20.69
N ASN FB 71 43.63 15.72 21.11
CA ASN FB 71 43.25 16.98 20.50
C ASN FB 71 44.32 18.05 20.76
N LEU FB 72 44.86 18.07 21.97
CA LEU FB 72 45.92 19.01 22.32
C LEU FB 72 47.28 18.67 21.67
N TYR FB 73 47.57 17.37 21.52
CA TYR FB 73 48.73 16.93 20.75
C TYR FB 73 48.67 17.55 19.34
N LYS FB 74 47.49 17.48 18.70
CA LYS FB 74 47.33 18.01 17.34
C LYS FB 74 47.65 19.51 17.30
N LEU FB 75 47.04 20.28 18.21
CA LEU FB 75 47.27 21.73 18.22
C LEU FB 75 48.70 22.10 18.60
N LYS FB 76 49.27 21.43 19.60
CA LYS FB 76 50.61 21.78 20.09
C LYS FB 76 51.71 21.23 19.16
N GLU FB 77 51.47 20.08 18.56
CA GLU FB 77 52.51 19.40 17.78
C GLU FB 77 52.41 19.66 16.30
N GLU FB 78 51.35 20.35 15.89
CA GLU FB 78 51.15 20.74 14.49
C GLU FB 78 50.82 19.56 13.56
N ARG FB 79 50.61 18.38 14.15
CA ARG FB 79 50.27 17.17 13.37
C ARG FB 79 49.26 16.23 14.07
N ALA FB 80 48.77 15.23 13.34
CA ALA FB 80 47.91 14.22 13.95
C ALA FB 80 48.80 13.18 14.61
N ILE FB 81 48.37 12.67 15.76
CA ILE FB 81 49.23 11.76 16.51
C ILE FB 81 49.36 10.38 15.87
N GLU FB 82 50.55 9.80 15.94
CA GLU FB 82 50.84 8.50 15.33
C GLU FB 82 50.42 7.33 16.23
N PRO FB 83 50.21 6.14 15.64
CA PRO FB 83 49.82 4.95 16.41
C PRO FB 83 50.90 4.49 17.38
N GLU FB 84 52.13 4.40 16.91
CA GLU FB 84 53.23 4.00 17.78
C GLU FB 84 53.28 4.88 19.03
N THR FB 85 53.13 6.20 18.82
CA THR FB 85 53.16 7.21 19.89
C THR FB 85 51.98 7.08 20.84
N PHE FB 86 50.79 7.11 20.27
CA PHE FB 86 49.55 7.01 21.05
C PHE FB 86 49.60 5.77 21.95
N THR FB 87 50.16 4.68 21.43
CA THR FB 87 50.33 3.47 22.23
C THR FB 87 51.08 3.84 23.51
N GLN FB 88 52.27 4.38 23.36
CA GLN FB 88 53.06 4.79 24.52
C GLN FB 88 52.37 5.81 25.45
N LEU FB 89 51.38 6.55 24.94
CA LEU FB 89 50.59 7.48 25.76
C LEU FB 89 49.49 6.78 26.54
N VAL FB 90 48.97 5.70 25.97
CA VAL FB 90 48.00 4.88 26.69
C VAL FB 90 48.71 4.12 27.82
N SER FB 91 49.90 3.57 27.56
CA SER FB 91 50.66 2.90 28.61
C SER FB 91 50.86 3.83 29.80
N SER FB 92 51.63 4.90 29.59
CA SER FB 92 51.97 5.81 30.66
C SER FB 92 50.71 6.36 31.30
N SER FB 93 49.69 6.62 30.47
CA SER FB 93 48.41 7.15 30.93
C SER FB 93 47.66 6.19 31.86
N LEU FB 94 47.66 4.91 31.54
CA LEU FB 94 46.98 3.90 32.36
C LEU FB 94 47.70 3.66 33.66
N TYR FB 95 49.03 3.59 33.56
CA TYR FB 95 49.91 3.31 34.69
C TYR FB 95 49.96 4.52 35.66
N GLU FB 96 49.44 5.67 35.23
CA GLU FB 96 49.30 6.81 36.13
C GLU FB 96 48.47 6.40 37.37
N ARG FB 97 47.39 5.64 37.14
CA ARG FB 97 46.52 5.14 38.22
C ARG FB 97 46.82 3.67 38.52
N ARG FB 98 48.10 3.36 38.75
CA ARG FB 98 48.53 1.99 39.00
C ARG FB 98 47.83 1.33 40.18
N PHE FB 99 47.60 2.08 41.26
CA PHE FB 99 46.99 1.51 42.46
C PHE FB 99 45.51 1.92 42.64
N GLY FB 100 44.79 1.94 41.53
CA GLY FB 100 43.38 2.30 41.47
C GLY FB 100 43.02 2.44 39.99
N PRO FB 101 43.18 1.33 39.25
CA PRO FB 101 43.26 1.27 37.78
C PRO FB 101 41.92 1.45 37.13
N TYR FB 102 41.97 1.79 35.85
CA TYR FB 102 40.78 1.80 35.04
C TYR FB 102 40.64 0.34 34.64
N PHE FB 103 39.47 -0.25 34.87
CA PHE FB 103 39.29 -1.69 34.59
C PHE FB 103 38.96 -1.92 33.13
N VAL FB 104 39.98 -1.79 32.29
CA VAL FB 104 39.80 -1.81 30.85
C VAL FB 104 40.83 -2.70 30.16
N GLY FB 105 40.60 -3.04 28.90
CA GLY FB 105 41.52 -3.87 28.17
C GLY FB 105 41.70 -3.36 26.76
N PRO FB 106 42.35 -2.21 26.61
CA PRO FB 106 42.51 -1.43 25.37
C PRO FB 106 43.26 -2.16 24.26
N VAL FB 107 42.85 -1.88 23.03
CA VAL FB 107 43.53 -2.36 21.83
C VAL FB 107 43.74 -1.16 20.92
N VAL FB 108 44.98 -0.87 20.56
CA VAL FB 108 45.27 0.18 19.60
C VAL FB 108 45.56 -0.40 18.22
N ALA FB 109 45.02 0.23 17.18
CA ALA FB 109 45.19 -0.27 15.82
C ALA FB 109 45.07 0.88 14.84
N GLY FB 110 45.94 0.90 13.83
CA GLY FB 110 45.96 1.98 12.85
C GLY FB 110 47.21 1.93 11.99
N ILE FB 111 47.37 2.89 11.06
CA ILE FB 111 48.52 2.86 10.16
C ILE FB 111 49.41 4.09 10.20
N ASN FB 112 50.69 3.87 10.55
CA ASN FB 112 51.70 4.94 10.61
C ASN FB 112 51.81 5.65 9.27
N SER FB 113 51.37 6.91 9.22
CA SER FB 113 51.20 7.65 7.96
C SER FB 113 52.49 8.01 7.21
N LYS FB 114 53.62 8.05 7.92
CA LYS FB 114 54.94 8.31 7.32
C LYS FB 114 55.52 7.04 6.71
N SER FB 115 55.45 5.93 7.44
CA SER FB 115 56.08 4.68 7.03
C SER FB 115 55.09 3.70 6.42
N GLY FB 116 53.81 4.05 6.45
CA GLY FB 116 52.77 3.22 5.88
C GLY FB 116 52.63 1.85 6.52
N LYS FB 117 53.38 1.63 7.60
CA LYS FB 117 53.41 0.35 8.30
C LYS FB 117 52.16 0.11 9.15
N PRO FB 118 51.57 -1.08 9.06
CA PRO FB 118 50.41 -1.45 9.89
C PRO FB 118 50.84 -1.64 11.34
N PHE FB 119 49.98 -1.31 12.30
CA PHE FB 119 50.34 -1.38 13.72
C PHE FB 119 49.15 -1.76 14.63
N ILE FB 120 49.36 -2.79 15.45
CA ILE FB 120 48.41 -3.12 16.51
C ILE FB 120 49.17 -3.42 17.80
N ALA FB 121 48.47 -3.20 18.91
CA ALA FB 121 49.01 -3.46 20.23
C ALA FB 121 47.88 -3.49 21.26
N GLY FB 122 48.09 -4.18 22.35
CA GLY FB 122 47.13 -4.19 23.43
C GLY FB 122 47.77 -3.97 24.79
N PHE FB 123 46.94 -3.72 25.80
CA PHE FB 123 47.43 -3.46 27.15
C PHE FB 123 46.66 -4.23 28.21
N ASP FB 124 47.25 -4.35 29.39
CA ASP FB 124 46.51 -4.71 30.60
C ASP FB 124 46.19 -3.41 31.37
N LEU FB 125 45.34 -3.49 32.38
CA LEU FB 125 44.78 -2.28 32.99
C LEU FB 125 45.80 -1.32 33.58
N ILE FB 126 47.05 -1.75 33.63
CA ILE FB 126 48.09 -0.86 34.12
C ILE FB 126 49.19 -0.59 33.12
N GLY FB 127 48.95 -0.94 31.86
CA GLY FB 127 49.72 -0.40 30.76
C GLY FB 127 50.86 -1.19 30.14
N CYS FB 128 50.94 -2.49 30.42
CA CYS FB 128 51.93 -3.31 29.74
C CYS FB 128 51.59 -3.36 28.26
N ILE FB 129 52.57 -3.00 27.44
CA ILE FB 129 52.33 -2.94 26.01
C ILE FB 129 52.67 -4.27 25.34
N ASP FB 130 51.64 -5.01 24.97
CA ASP FB 130 51.83 -6.21 24.19
C ASP FB 130 51.75 -5.79 22.74
N GLU FB 131 52.90 -5.60 22.10
CA GLU FB 131 52.91 -5.36 20.66
C GLU FB 131 53.09 -6.68 19.94
N ALA FB 132 52.38 -6.81 18.82
CA ALA FB 132 52.26 -8.09 18.17
C ALA FB 132 52.02 -7.90 16.68
N LYS FB 133 52.67 -8.74 15.90
CA LYS FB 133 52.56 -8.71 14.45
C LYS FB 133 51.24 -9.34 14.01
N ASP FB 134 50.83 -10.39 14.72
CA ASP FB 134 49.65 -11.13 14.31
C ASP FB 134 48.32 -10.51 14.75
N PHE FB 135 47.95 -10.66 16.02
CA PHE FB 135 46.64 -10.21 16.48
C PHE FB 135 46.59 -9.94 17.98
N ILE FB 136 45.61 -9.13 18.36
CA ILE FB 136 45.41 -8.73 19.74
C ILE FB 136 43.96 -8.98 20.10
N VAL FB 137 43.72 -9.59 21.26
CA VAL FB 137 42.35 -9.81 21.71
C VAL FB 137 42.13 -9.27 23.12
N SER FB 138 40.87 -9.07 23.47
CA SER FB 138 40.53 -8.46 24.75
C SER FB 138 39.04 -8.55 25.07
N GLY FB 139 38.75 -8.83 26.33
CA GLY FB 139 37.37 -8.82 26.80
C GLY FB 139 37.01 -9.98 27.68
N THR FB 140 35.71 -10.31 27.65
CA THR FB 140 35.12 -11.40 28.42
C THR FB 140 35.30 -12.72 27.68
N ALA FB 141 35.58 -12.60 26.38
CA ALA FB 141 35.97 -13.74 25.57
C ALA FB 141 37.45 -13.63 25.19
N SER FB 142 38.27 -13.21 26.15
CA SER FB 142 39.72 -13.27 26.00
C SER FB 142 40.07 -14.63 25.39
N ASP FB 143 39.65 -15.70 26.04
CA ASP FB 143 39.93 -17.08 25.62
C ASP FB 143 39.40 -17.49 24.25
N GLN FB 144 38.10 -17.31 24.04
CA GLN FB 144 37.47 -17.75 22.81
C GLN FB 144 38.11 -17.11 21.58
N LEU FB 145 38.32 -15.80 21.65
CA LEU FB 145 38.97 -15.08 20.56
C LEU FB 145 40.37 -15.62 20.28
N PHE FB 146 41.14 -15.89 21.34
CA PHE FB 146 42.47 -16.45 21.15
C PHE FB 146 42.41 -17.76 20.40
N GLY FB 147 41.32 -18.49 20.61
CA GLY FB 147 41.13 -19.79 20.00
C GLY FB 147 40.86 -19.66 18.52
N MET FB 148 39.96 -18.74 18.19
CA MET FB 148 39.58 -18.51 16.81
C MET FB 148 40.77 -17.98 16.02
N CYS FB 149 41.38 -16.92 16.54
CA CYS FB 149 42.49 -16.27 15.87
C CYS FB 149 43.66 -17.23 15.59
N GLU FB 150 44.04 -18.02 16.59
CA GLU FB 150 45.18 -18.91 16.45
C GLU FB 150 45.00 -19.88 15.26
N SER FB 151 43.74 -20.14 14.91
CA SER FB 151 43.42 -21.05 13.82
C SER FB 151 43.19 -20.28 12.51
N LEU FB 152 42.24 -19.35 12.53
CA LEU FB 152 41.77 -18.63 11.34
C LEU FB 152 42.74 -17.63 10.72
N TYR FB 153 43.81 -17.29 11.43
CA TYR FB 153 44.72 -16.23 10.96
C TYR FB 153 45.86 -16.73 10.06
N GLU FB 154 46.11 -15.96 9.01
CA GLU FB 154 47.35 -16.02 8.25
C GLU FB 154 47.85 -14.58 7.97
N PRO FB 155 49.17 -14.38 7.92
CA PRO FB 155 49.62 -12.99 7.85
C PRO FB 155 49.52 -12.51 6.42
N ASN FB 156 49.34 -11.21 6.22
CA ASN FB 156 49.34 -10.65 4.88
C ASN FB 156 48.05 -10.90 4.11
N LEU FB 157 46.96 -11.07 4.85
CA LEU FB 157 45.65 -11.19 4.22
C LEU FB 157 45.32 -9.91 3.42
N GLU FB 158 44.76 -10.06 2.22
CA GLU FB 158 44.25 -8.89 1.50
C GLU FB 158 43.05 -8.39 2.29
N PRO FB 159 42.79 -7.07 2.24
CA PRO FB 159 41.73 -6.49 3.09
C PRO FB 159 40.35 -7.15 2.96
N GLU FB 160 39.81 -7.25 1.74
CA GLU FB 160 38.48 -7.84 1.53
C GLU FB 160 38.42 -9.29 2.08
N ASP FB 161 39.59 -9.90 2.28
CA ASP FB 161 39.75 -11.24 2.85
C ASP FB 161 39.81 -11.19 4.37
N LEU FB 162 40.58 -10.22 4.88
CA LEU FB 162 40.80 -10.07 6.32
C LEU FB 162 39.54 -9.59 7.03
N PHE FB 163 38.59 -9.07 6.27
CA PHE FB 163 37.30 -8.77 6.87
C PHE FB 163 36.53 -10.04 7.19
N GLU FB 164 36.56 -10.98 6.26
CA GLU FB 164 35.88 -12.26 6.45
C GLU FB 164 36.52 -12.98 7.63
N THR FB 165 37.85 -13.00 7.65
CA THR FB 165 38.54 -13.66 8.73
C THR FB 165 38.27 -13.05 10.12
N ILE FB 166 38.43 -11.74 10.27
CA ILE FB 166 38.24 -11.10 11.58
C ILE FB 166 36.80 -11.16 12.05
N SER FB 167 35.88 -11.06 11.10
CA SER FB 167 34.45 -11.14 11.39
C SER FB 167 34.11 -12.52 11.97
N GLN FB 168 34.65 -13.58 11.36
CA GLN FB 168 34.33 -14.94 11.79
C GLN FB 168 34.97 -15.27 13.13
N ALA FB 169 36.11 -14.66 13.43
CA ALA FB 169 36.75 -14.86 14.72
C ALA FB 169 35.90 -14.21 15.80
N LEU FB 170 35.42 -12.99 15.51
CA LEU FB 170 34.63 -12.25 16.49
C LEU FB 170 33.28 -12.91 16.72
N LEU FB 171 32.52 -13.02 15.64
CA LEU FB 171 31.21 -13.64 15.67
C LEU FB 171 31.20 -14.94 16.50
N ASN FB 172 32.07 -15.88 16.14
CA ASN FB 172 32.03 -17.20 16.74
C ASN FB 172 32.53 -17.32 18.16
N ALA FB 173 33.20 -16.28 18.65
CA ALA FB 173 33.60 -16.25 20.06
C ALA FB 173 32.44 -15.72 20.89
N ALA FB 174 31.84 -14.63 20.43
CA ALA FB 174 30.71 -14.00 21.13
C ALA FB 174 29.44 -14.89 21.24
N ASP FB 175 29.34 -15.88 20.36
CA ASP FB 175 28.21 -16.78 20.38
C ASP FB 175 28.42 -17.86 21.43
N ARG FB 176 29.70 -18.17 21.71
CA ARG FB 176 30.11 -19.00 22.85
C ARG FB 176 30.38 -18.12 24.09
N ASP FB 177 29.87 -16.89 24.06
CA ASP FB 177 29.99 -16.00 25.21
C ASP FB 177 28.66 -15.34 25.57
N ALA FB 178 28.39 -15.39 26.88
CA ALA FB 178 27.11 -15.02 27.45
C ALA FB 178 27.00 -13.53 27.53
N LEU FB 179 28.14 -12.91 27.84
CA LEU FB 179 28.21 -11.49 28.11
C LEU FB 179 28.64 -10.66 26.89
N SER FB 180 28.80 -11.32 25.75
CA SER FB 180 29.08 -10.62 24.51
C SER FB 180 28.09 -10.99 23.39
N GLY FB 181 27.91 -10.04 22.47
CA GLY FB 181 27.01 -10.17 21.33
C GLY FB 181 26.11 -8.94 21.12
N TRP FB 182 24.91 -9.19 20.64
CA TRP FB 182 23.86 -8.16 20.49
C TRP FB 182 24.09 -7.19 19.35
N GLY FB 183 25.08 -7.49 18.52
CA GLY FB 183 25.42 -6.67 17.37
C GLY FB 183 26.91 -6.76 17.23
N ALA FB 184 27.45 -6.23 16.15
CA ALA FB 184 28.89 -6.18 15.99
C ALA FB 184 29.24 -5.23 14.88
N VAL FB 185 30.43 -4.66 14.98
CA VAL FB 185 30.89 -3.67 14.00
C VAL FB 185 32.35 -3.98 13.70
N VAL FB 186 32.77 -3.73 12.46
CA VAL FB 186 34.12 -4.10 12.03
C VAL FB 186 34.72 -3.03 11.12
N TYR FB 187 35.70 -2.29 11.63
CA TYR FB 187 36.42 -1.31 10.83
C TYR FB 187 37.54 -1.99 10.04
N ILE FB 188 37.57 -1.74 8.73
CA ILE FB 188 38.70 -2.13 7.90
C ILE FB 188 39.46 -0.88 7.45
N ILE FB 189 40.74 -0.84 7.78
CA ILE FB 189 41.53 0.38 7.65
C ILE FB 189 42.64 0.23 6.62
N LYS FB 190 42.39 0.76 5.41
CA LYS FB 190 43.40 0.83 4.34
C LYS FB 190 44.26 2.05 4.61
N LYS FB 191 45.25 2.31 3.76
CA LYS FB 191 46.18 3.42 3.99
C LYS FB 191 45.52 4.82 4.01
N ASP FB 192 44.32 4.95 3.43
CA ASP FB 192 43.65 6.24 3.33
C ASP FB 192 42.11 6.17 3.30
N GLU FB 193 41.58 4.99 3.04
CA GLU FB 193 40.14 4.74 3.12
C GLU FB 193 39.83 3.90 4.37
N VAL FB 194 38.70 4.16 5.03
CA VAL FB 194 38.30 3.34 6.18
C VAL FB 194 36.82 2.97 6.18
N VAL FB 195 36.54 1.67 5.98
CA VAL FB 195 35.17 1.16 5.87
C VAL FB 195 34.66 0.52 7.18
N LYS FB 196 33.41 0.83 7.53
CA LYS FB 196 32.83 0.37 8.80
C LYS FB 196 31.54 -0.41 8.56
N ARG FB 197 31.63 -1.75 8.60
CA ARG FB 197 30.46 -2.59 8.39
C ARG FB 197 29.88 -3.13 9.72
N TYR FB 198 28.55 -3.15 9.84
CA TYR FB 198 27.87 -3.75 11.00
C TYR FB 198 27.51 -5.20 10.65
N LEU FB 199 27.44 -6.08 11.64
CA LEU FB 199 27.17 -7.47 11.33
C LEU FB 199 25.83 -8.00 11.83
N LYS FB 200 25.41 -9.09 11.18
CA LYS FB 200 24.23 -9.86 11.56
C LYS FB 200 24.68 -11.07 12.36
N MET FB 201 24.17 -11.18 13.57
CA MET FB 201 24.46 -12.33 14.40
C MET FB 201 23.24 -12.63 15.24
N ARG FB 202 23.24 -13.78 15.90
CA ARG FB 202 22.16 -14.13 16.81
C ARG FB 202 21.95 -12.94 17.73
N GLN FB 203 20.83 -12.90 18.42
CA GLN FB 203 20.66 -11.86 19.42
C GLN FB 203 20.34 -12.37 20.82
N ASP FB 204 21.13 -13.30 21.36
CA ASP FB 204 20.83 -13.88 22.67
C ASP FB 204 21.95 -13.85 23.73
N MET GB 1 15.59 -0.58 46.40
CA MET GB 1 14.95 -0.14 45.15
C MET GB 1 13.60 -0.80 44.82
N ASP GB 2 12.58 -0.01 44.43
CA ASP GB 2 12.55 1.45 44.14
C ASP GB 2 12.46 1.71 42.62
N ILE GB 3 11.28 2.09 42.16
CA ILE GB 3 10.92 1.94 40.75
C ILE GB 3 11.15 3.15 39.87
N ILE GB 4 12.15 3.05 38.99
CA ILE GB 4 12.48 4.14 38.08
C ILE GB 4 12.30 3.72 36.62
N LEU GB 5 11.28 4.26 35.98
CA LEU GB 5 11.00 3.92 34.59
C LEU GB 5 11.06 5.15 33.72
N GLY GB 6 11.14 4.89 32.41
CA GLY GB 6 11.08 5.93 31.41
C GLY GB 6 10.96 5.35 30.02
N ILE GB 7 10.14 5.99 29.17
CA ILE GB 7 10.07 5.67 27.75
C ILE GB 7 10.00 6.92 26.89
N ARG GB 8 10.88 6.97 25.89
CA ARG GB 8 10.94 8.04 24.89
C ARG GB 8 10.07 7.67 23.66
N VAL GB 9 9.14 8.55 23.28
CA VAL GB 9 8.29 8.24 22.15
C VAL GB 9 8.65 9.03 20.89
N GLN GB 10 7.63 9.51 20.21
CA GLN GB 10 7.82 10.32 19.02
C GLN GB 10 8.01 11.78 19.42
N ASP GB 11 7.06 12.29 20.20
CA ASP GB 11 6.97 13.72 20.51
C ASP GB 11 7.29 14.07 21.95
N SER GB 12 7.83 13.12 22.72
CA SER GB 12 8.08 13.37 24.14
C SER GB 12 8.76 12.21 24.86
N VAL GB 13 9.02 12.43 26.15
CA VAL GB 13 9.59 11.41 27.02
C VAL GB 13 8.73 11.31 28.26
N ILE GB 14 8.57 10.10 28.78
CA ILE GB 14 7.69 9.85 29.92
C ILE GB 14 8.46 9.16 31.02
N LEU GB 15 8.29 9.63 32.25
CA LEU GB 15 9.03 9.05 33.40
C LEU GB 15 8.09 8.57 34.50
N ALA GB 16 8.26 7.31 34.89
CA ALA GB 16 7.50 6.78 36.00
C ALA GB 16 8.44 6.65 37.17
N SER GB 17 7.86 6.74 38.35
CA SER GB 17 8.65 6.89 39.55
C SER GB 17 7.77 6.49 40.73
N SER GB 18 8.09 5.36 41.34
CA SER GB 18 7.37 4.86 42.50
C SER GB 18 7.17 5.95 43.58
N LYS GB 19 6.00 5.92 44.25
CA LYS GB 19 5.59 6.94 45.21
C LYS GB 19 5.99 6.64 46.65
N ALA GB 20 6.70 5.54 46.87
CA ALA GB 20 6.86 5.04 48.22
C ALA GB 20 8.22 5.29 48.80
N VAL GB 21 8.26 5.64 50.08
CA VAL GB 21 9.50 5.81 50.81
C VAL GB 21 9.48 4.90 52.01
N THR GB 22 10.39 3.93 52.03
CA THR GB 22 10.40 2.91 53.06
C THR GB 22 11.66 2.96 53.91
N ARG GB 23 11.47 2.98 55.24
CA ARG GB 23 12.58 2.99 56.17
C ARG GB 23 12.66 1.69 56.97
N GLY GB 24 13.14 0.65 56.30
CA GLY GB 24 13.30 -0.65 56.91
C GLY GB 24 11.96 -1.34 57.11
N ILE GB 25 11.30 -1.01 58.22
CA ILE GB 25 10.10 -1.75 58.62
C ILE GB 25 8.77 -1.06 58.26
N SER GB 26 8.72 0.26 58.36
CA SER GB 26 7.48 0.96 58.04
C SER GB 26 7.58 1.76 56.75
N VAL GB 27 6.43 1.95 56.10
CA VAL GB 27 6.34 2.80 54.92
C VAL GB 27 6.05 4.23 55.41
N LEU GB 28 7.01 5.15 55.23
CA LEU GB 28 6.92 6.50 55.84
C LEU GB 28 6.08 7.51 55.08
N LYS GB 29 6.13 7.43 53.75
CA LYS GB 29 5.38 8.32 52.88
C LYS GB 29 4.79 7.55 51.69
N ASP GB 30 3.59 7.93 51.28
CA ASP GB 30 2.89 7.28 50.17
C ASP GB 30 2.78 8.19 48.96
N SER GB 31 3.65 9.20 48.89
CA SER GB 31 3.53 10.29 47.90
C SER GB 31 4.85 11.03 47.63
N ASP GB 32 5.86 10.34 47.12
CA ASP GB 32 7.18 10.93 46.91
C ASP GB 32 7.48 11.24 45.44
N ASP GB 33 7.60 12.53 45.14
CA ASP GB 33 8.03 12.96 43.81
C ASP GB 33 9.52 12.67 43.73
N LYS GB 34 9.88 11.56 43.10
CA LYS GB 34 11.28 11.17 43.00
C LYS GB 34 11.94 11.78 41.78
N THR GB 35 11.82 13.10 41.65
CA THR GB 35 12.35 13.80 40.48
C THR GB 35 12.54 15.30 40.70
N ARG GB 36 13.70 15.81 40.30
CA ARG GB 36 13.96 17.25 40.29
C ARG GB 36 13.92 17.77 38.86
N GLN GB 37 13.31 18.94 38.66
CA GLN GB 37 13.36 19.59 37.35
C GLN GB 37 14.69 20.32 37.18
N LEU GB 38 15.44 19.92 36.15
CA LEU GB 38 16.76 20.49 35.90
C LEU GB 38 16.70 21.76 35.05
N SER GB 39 15.52 22.04 34.50
CA SER GB 39 15.34 23.18 33.62
C SER GB 39 14.08 22.94 32.81
N PRO GB 40 13.43 24.01 32.34
CA PRO GB 40 12.21 23.97 31.55
C PRO GB 40 11.95 22.65 30.80
N HIS GB 41 12.91 22.18 30.01
CA HIS GB 41 12.67 20.99 29.18
C HIS GB 41 13.57 19.79 29.51
N THR GB 42 13.97 19.68 30.77
CA THR GB 42 14.85 18.58 31.19
C THR GB 42 14.54 18.08 32.62
N LEU GB 43 14.18 16.80 32.72
CA LEU GB 43 13.73 16.19 33.98
C LEU GB 43 14.63 15.04 34.39
N MET GB 44 14.83 14.86 35.69
CA MET GB 44 15.64 13.73 36.15
C MET GB 44 15.00 12.92 37.27
N SER GB 45 14.57 11.69 36.98
CA SER GB 45 14.09 10.80 38.03
C SER GB 45 15.27 10.02 38.59
N PHE GB 46 15.13 9.49 39.80
CA PHE GB 46 16.25 8.89 40.51
C PHE GB 46 15.87 7.94 41.65
N ALA GB 47 16.70 6.93 41.88
CA ALA GB 47 16.55 6.07 43.05
C ALA GB 47 17.88 5.46 43.43
N GLY GB 48 17.94 4.92 44.64
CA GLY GB 48 19.17 4.33 45.16
C GLY GB 48 19.32 4.58 46.63
N GLU GB 49 20.56 4.78 47.08
CA GLU GB 49 20.88 4.93 48.50
C GLU GB 49 20.04 6.00 49.22
N ALA GB 50 20.01 5.92 50.55
CA ALA GB 50 19.07 6.68 51.37
C ALA GB 50 19.14 8.19 51.18
N GLY GB 51 20.19 8.79 51.72
CA GLY GB 51 20.34 10.23 51.65
C GLY GB 51 21.05 10.62 50.39
N ASP GB 52 21.97 9.75 49.95
CA ASP GB 52 22.76 10.03 48.76
C ASP GB 52 21.85 10.43 47.58
N THR GB 53 20.65 9.87 47.52
CA THR GB 53 19.76 10.11 46.37
C THR GB 53 19.44 11.60 46.17
N VAL GB 54 18.61 12.17 47.03
CA VAL GB 54 18.23 13.57 46.89
C VAL GB 54 19.43 14.51 46.77
N GLN GB 55 20.37 14.41 47.72
CA GLN GB 55 21.48 15.36 47.80
C GLN GB 55 22.22 15.54 46.47
N PHE GB 56 22.32 14.45 45.70
CA PHE GB 56 22.91 14.51 44.36
C PHE GB 56 22.01 15.26 43.39
N ALA GB 57 20.78 14.79 43.24
CA ALA GB 57 19.84 15.38 42.28
C ALA GB 57 19.69 16.91 42.45
N GLU GB 58 19.78 17.38 43.70
CA GLU GB 58 19.70 18.80 43.99
C GLU GB 58 20.97 19.56 43.63
N TYR GB 59 22.13 18.93 43.86
CA TYR GB 59 23.41 19.46 43.42
C TYR GB 59 23.44 19.67 41.90
N ILE GB 60 22.88 18.71 41.16
CA ILE GB 60 22.78 18.82 39.71
C ILE GB 60 21.78 19.90 39.31
N GLN GB 61 20.66 19.97 40.02
CA GLN GB 61 19.65 21.00 39.78
C GLN GB 61 20.30 22.37 39.88
N ALA GB 62 20.99 22.62 40.99
CA ALA GB 62 21.69 23.87 41.18
C ALA GB 62 22.63 24.17 40.02
N ASN GB 63 23.54 23.23 39.73
CA ASN GB 63 24.57 23.46 38.72
C ASN GB 63 24.05 23.67 37.29
N ILE GB 64 22.83 23.24 37.03
CA ILE GB 64 22.22 23.40 35.71
C ILE GB 64 21.35 24.66 35.65
N GLN GB 65 20.71 24.99 36.77
CA GLN GB 65 19.99 26.25 36.88
C GLN GB 65 21.00 27.41 36.85
N LEU GB 66 22.27 27.10 37.18
CA LEU GB 66 23.33 28.10 37.13
C LEU GB 66 23.88 28.31 35.72
N TYR GB 67 24.06 27.22 34.97
CA TYR GB 67 24.49 27.37 33.59
C TYR GB 67 23.36 28.00 32.77
N SER GB 68 22.12 27.67 33.10
CA SER GB 68 20.97 28.27 32.41
C SER GB 68 20.97 29.77 32.63
N ILE GB 69 21.01 30.17 33.90
CA ILE GB 69 20.98 31.59 34.25
C ILE GB 69 22.14 32.41 33.68
N ARG GB 70 23.34 31.83 33.66
CA ARG GB 70 24.58 32.49 33.23
C ARG GB 70 24.65 32.78 31.72
N GLU GB 71 24.33 31.79 30.91
CA GLU GB 71 24.37 31.98 29.46
C GLU GB 71 22.98 32.21 28.89
N ASP GB 72 21.99 32.40 29.76
CA ASP GB 72 20.60 32.58 29.32
C ASP GB 72 20.22 31.64 28.18
N TYR GB 73 20.75 30.41 28.25
CA TYR GB 73 20.52 29.41 27.22
C TYR GB 73 20.13 28.15 27.96
N GLU GB 74 19.15 27.42 27.42
CA GLU GB 74 18.73 26.19 28.04
C GLU GB 74 19.60 25.03 27.59
N LEU GB 75 20.50 24.61 28.46
CA LEU GB 75 21.45 23.55 28.15
C LEU GB 75 20.79 22.28 27.61
N SER GB 76 21.31 21.77 26.50
CA SER GB 76 20.68 20.65 25.82
C SER GB 76 20.78 19.38 26.64
N PRO GB 77 19.78 18.49 26.51
CA PRO GB 77 19.73 17.16 27.15
C PRO GB 77 20.99 16.34 27.02
N GLN GB 78 21.47 16.12 25.80
CA GLN GB 78 22.74 15.40 25.61
C GLN GB 78 23.82 15.91 26.57
N ALA GB 79 23.86 17.22 26.76
CA ALA GB 79 24.88 17.86 27.57
C ALA GB 79 24.63 17.70 29.06
N VAL GB 80 23.40 17.98 29.48
CA VAL GB 80 23.02 17.77 30.88
C VAL GB 80 23.35 16.33 31.26
N SER GB 81 23.06 15.42 30.35
CA SER GB 81 23.40 14.02 30.54
C SER GB 81 24.90 13.83 30.74
N SER GB 82 25.69 14.22 29.75
CA SER GB 82 27.13 13.95 29.79
C SER GB 82 27.85 14.68 30.92
N PHE GB 83 27.17 15.64 31.53
CA PHE GB 83 27.67 16.32 32.72
C PHE GB 83 27.35 15.50 33.96
N VAL GB 84 26.07 15.14 34.12
CA VAL GB 84 25.65 14.29 35.21
C VAL GB 84 26.50 13.02 35.29
N ARG GB 85 26.76 12.41 34.14
CA ARG GB 85 27.61 11.23 34.08
C ARG GB 85 28.99 11.51 34.68
N GLN GB 86 29.64 12.58 34.22
CA GLN GB 86 31.00 12.87 34.66
C GLN GB 86 31.01 13.08 36.17
N GLU GB 87 29.95 13.67 36.69
CA GLU GB 87 29.84 13.95 38.12
C GLU GB 87 29.69 12.68 38.97
N LEU GB 88 29.20 11.61 38.34
CA LEU GB 88 29.08 10.30 38.99
C LEU GB 88 30.38 9.53 38.85
N ALA GB 89 30.99 9.63 37.68
CA ALA GB 89 32.22 8.92 37.39
C ALA GB 89 33.36 9.47 38.23
N LYS GB 90 33.23 10.73 38.66
CA LYS GB 90 34.19 11.41 39.52
C LYS GB 90 34.11 10.85 40.93
N SER GB 91 32.89 10.55 41.36
CA SER GB 91 32.59 10.18 42.74
C SER GB 91 32.76 8.69 42.96
N ILE GB 92 33.09 7.95 41.91
CA ILE GB 92 33.16 6.51 42.05
C ILE GB 92 34.51 6.05 42.58
N ARG GB 93 35.55 6.82 42.29
CA ARG GB 93 36.84 6.56 42.92
C ARG GB 93 37.10 7.59 44.03
N SER GB 94 36.04 8.27 44.47
CA SER GB 94 36.15 9.23 45.58
C SER GB 94 36.04 8.51 46.93
N ARG GB 95 36.08 9.29 48.02
CA ARG GB 95 36.07 8.75 49.38
C ARG GB 95 34.76 8.03 49.72
N ARG GB 96 33.67 8.79 49.86
CA ARG GB 96 32.35 8.17 49.90
C ARG GB 96 31.65 8.47 48.58
N PRO GB 97 31.39 7.41 47.80
CA PRO GB 97 30.81 7.52 46.46
C PRO GB 97 29.31 7.74 46.51
N TYR GB 98 28.85 8.76 45.78
CA TYR GB 98 27.42 8.89 45.51
C TYR GB 98 26.95 7.53 45.02
N GLN GB 99 25.96 6.98 45.71
CA GLN GB 99 25.33 5.73 45.26
C GLN GB 99 23.92 6.01 44.67
N VAL GB 100 23.87 6.57 43.46
CA VAL GB 100 22.62 7.02 42.89
C VAL GB 100 22.46 6.59 41.43
N ASN GB 101 21.26 6.13 41.09
CA ASN GB 101 20.93 5.78 39.71
C ASN GB 101 19.90 6.78 39.18
N VAL GB 102 20.00 7.15 37.91
CA VAL GB 102 19.11 8.19 37.38
C VAL GB 102 18.63 7.96 35.98
N LEU GB 103 17.49 8.58 35.69
CA LEU GB 103 16.97 8.68 34.34
C LEU GB 103 16.81 10.14 34.01
N ILE GB 104 17.42 10.56 32.91
CA ILE GB 104 17.33 11.94 32.46
C ILE GB 104 16.54 11.94 31.17
N GLY GB 105 15.48 12.73 31.14
CA GLY GB 105 14.63 12.82 29.96
C GLY GB 105 14.23 14.25 29.68
N GLY GB 106 14.32 14.67 28.43
CA GLY GB 106 14.05 16.04 28.08
C GLY GB 106 13.94 16.25 26.59
N TYR GB 107 13.50 17.44 26.21
CA TYR GB 107 13.25 17.79 24.82
C TYR GB 107 14.37 18.71 24.32
N ASP GB 108 15.07 18.26 23.29
CA ASP GB 108 16.14 19.04 22.65
C ASP GB 108 15.51 20.07 21.74
N LYS GB 109 15.38 21.31 22.22
CA LYS GB 109 14.63 22.35 21.51
C LYS GB 109 15.23 22.68 20.15
N LYS GB 110 16.44 22.20 19.90
CA LYS GB 110 17.18 22.50 18.67
C LYS GB 110 17.06 21.40 17.60
N LYS GB 111 16.83 20.17 18.03
CA LYS GB 111 16.60 19.06 17.11
C LYS GB 111 15.11 18.74 17.04
N ASN GB 112 14.35 19.37 17.94
CA ASN GB 112 12.92 19.11 18.13
C ASN GB 112 12.62 17.62 18.26
N LYS GB 113 13.49 16.90 18.96
CA LYS GB 113 13.35 15.47 19.23
C LYS GB 113 13.35 15.21 20.75
N PRO GB 114 12.78 14.08 21.18
CA PRO GB 114 12.84 13.76 22.61
C PRO GB 114 14.03 12.85 22.82
N GLU GB 115 14.64 12.90 24.02
CA GLU GB 115 15.80 12.07 24.32
C GLU GB 115 15.67 11.48 25.71
N LEU GB 116 15.98 10.18 25.85
CA LEU GB 116 16.01 9.54 27.17
C LEU GB 116 17.39 8.93 27.46
N TYR GB 117 18.01 9.33 28.57
CA TYR GB 117 19.33 8.85 28.97
C TYR GB 117 19.29 8.02 30.28
N GLN GB 118 20.09 6.95 30.34
CA GLN GB 118 20.13 6.09 31.51
C GLN GB 118 21.54 6.08 32.07
N ILE GB 119 21.65 6.38 33.36
CA ILE GB 119 22.96 6.48 33.99
C ILE GB 119 22.94 5.79 35.35
N ASP GB 120 23.84 4.83 35.56
CA ASP GB 120 23.92 4.18 36.86
C ASP GB 120 25.01 4.79 37.72
N TYR GB 121 24.92 4.54 39.02
CA TYR GB 121 25.81 5.14 40.02
C TYR GB 121 27.30 5.06 39.69
N LEU GB 122 27.67 4.24 38.70
CA LEU GB 122 29.07 4.07 38.29
C LEU GB 122 29.47 5.09 37.24
N GLY GB 123 28.48 5.73 36.64
CA GLY GB 123 28.75 6.68 35.58
C GLY GB 123 28.54 6.03 34.23
N THR GB 124 27.91 4.85 34.24
CA THR GB 124 27.57 4.14 32.99
C THR GB 124 26.38 4.83 32.28
N LYS GB 125 26.64 5.39 31.09
CA LYS GB 125 25.62 6.18 30.39
C LYS GB 125 25.37 5.62 28.99
N VAL GB 126 24.09 5.44 28.65
CA VAL GB 126 23.69 5.07 27.31
C VAL GB 126 22.31 5.65 26.99
N GLU GB 127 22.08 6.00 25.72
CA GLU GB 127 20.78 6.57 25.29
C GLU GB 127 19.80 5.48 24.81
N LEU GB 128 18.55 5.61 25.23
CA LEU GB 128 17.56 4.56 25.02
C LEU GB 128 16.18 5.05 24.58
N PRO GB 129 15.41 4.14 23.96
CA PRO GB 129 13.98 4.23 23.68
C PRO GB 129 13.17 4.05 24.95
N TYR GB 130 13.69 3.20 25.84
CA TYR GB 130 13.08 2.96 27.13
C TYR GB 130 14.13 2.44 28.11
N GLY GB 131 13.91 2.62 29.40
CA GLY GB 131 14.91 2.28 30.38
C GLY GB 131 14.42 2.17 31.79
N ALA GB 132 15.24 1.59 32.65
CA ALA GB 132 14.88 1.40 34.04
C ALA GB 132 16.07 0.96 34.88
N HIS GB 133 16.00 1.31 36.16
CA HIS GB 133 17.03 0.98 37.12
C HIS GB 133 16.43 0.12 38.19
N GLY GB 134 17.30 -0.51 38.97
CA GLY GB 134 16.88 -1.47 39.95
C GLY GB 134 16.49 -2.73 39.22
N TYR GB 135 15.55 -3.48 39.80
CA TYR GB 135 15.05 -4.67 39.14
C TYR GB 135 13.89 -4.34 38.22
N SER GB 136 13.47 -3.07 38.25
CA SER GB 136 12.30 -2.65 37.49
C SER GB 136 12.33 -3.20 36.07
N GLY GB 137 13.53 -3.32 35.51
CA GLY GB 137 13.69 -3.72 34.12
C GLY GB 137 13.20 -5.11 33.72
N PHE GB 138 13.29 -6.08 34.63
CA PHE GB 138 13.07 -7.49 34.30
C PHE GB 138 11.62 -7.84 33.94
N TYR GB 139 10.67 -7.29 34.67
CA TYR GB 139 9.28 -7.56 34.42
C TYR GB 139 8.75 -6.80 33.21
N THR GB 140 9.40 -5.68 32.90
CA THR GB 140 8.86 -4.69 31.96
C THR GB 140 9.55 -4.62 30.60
N PHE GB 141 10.84 -4.98 30.56
CA PHE GB 141 11.58 -4.94 29.30
C PHE GB 141 11.04 -5.95 28.26
N SER GB 142 10.41 -7.03 28.74
CA SER GB 142 9.87 -8.07 27.85
C SER GB 142 8.64 -7.57 27.10
N LEU GB 143 7.84 -6.76 27.81
CA LEU GB 143 6.69 -6.06 27.23
C LEU GB 143 7.07 -4.96 26.25
N LEU GB 144 8.09 -4.17 26.59
CA LEU GB 144 8.54 -3.07 25.73
C LEU GB 144 9.17 -3.55 24.43
N ASP GB 145 10.13 -4.46 24.54
CA ASP GB 145 10.61 -5.21 23.38
C ASP GB 145 9.48 -5.47 22.39
N HIS GB 146 8.38 -6.03 22.91
CA HIS GB 146 7.26 -6.49 22.09
C HIS GB 146 6.39 -5.35 21.54
N HIS GB 147 5.88 -4.49 22.41
CA HIS GB 147 4.85 -3.53 22.02
C HIS GB 147 5.35 -2.14 21.63
N TYR GB 148 6.67 -1.94 21.54
CA TYR GB 148 7.20 -0.59 21.28
C TYR GB 148 7.46 -0.27 19.81
N ARG GB 149 6.85 0.82 19.36
CA ARG GB 149 7.17 1.45 18.08
C ARG GB 149 7.70 2.85 18.42
N PRO GB 150 8.67 3.37 17.64
CA PRO GB 150 9.28 4.68 17.94
C PRO GB 150 8.46 5.86 17.40
N ASP GB 151 7.38 5.53 16.68
CA ASP GB 151 6.47 6.53 16.13
C ASP GB 151 5.24 6.69 17.03
N MET GB 152 5.32 6.16 18.25
CA MET GB 152 4.18 6.12 19.15
C MET GB 152 3.72 7.49 19.59
N THR GB 153 2.42 7.76 19.49
CA THR GB 153 1.90 9.02 19.98
C THR GB 153 2.15 9.09 21.48
N THR GB 154 2.07 10.28 22.03
CA THR GB 154 2.26 10.42 23.47
C THR GB 154 1.19 9.62 24.17
N GLU GB 155 -0.01 9.57 23.58
CA GLU GB 155 -1.11 8.83 24.17
C GLU GB 155 -0.85 7.33 24.09
N GLU GB 156 -0.44 6.84 22.91
CA GLU GB 156 -0.13 5.43 22.70
C GLU GB 156 0.91 4.93 23.70
N GLY GB 157 1.79 5.84 24.12
CA GLY GB 157 2.89 5.50 25.02
C GLY GB 157 2.50 5.48 26.49
N LEU GB 158 1.55 6.34 26.88
CA LEU GB 158 1.00 6.28 28.23
C LEU GB 158 0.34 4.92 28.44
N ASP GB 159 -0.43 4.46 27.45
CA ASP GB 159 -1.11 3.18 27.54
C ASP GB 159 -0.11 2.10 27.86
N LEU GB 160 0.90 1.97 27.00
CA LEU GB 160 1.98 0.99 27.19
C LEU GB 160 2.67 1.10 28.55
N LEU GB 161 2.63 2.29 29.14
CA LEU GB 161 3.27 2.51 30.43
C LEU GB 161 2.43 1.88 31.54
N LYS GB 162 1.12 2.10 31.49
CA LYS GB 162 0.22 1.56 32.48
C LYS GB 162 0.36 0.05 32.50
N LEU GB 163 0.63 -0.52 31.33
CA LEU GB 163 0.71 -1.99 31.19
C LEU GB 163 1.94 -2.54 31.90
N CYS GB 164 3.00 -1.75 32.00
CA CYS GB 164 4.21 -2.17 32.68
C CYS GB 164 4.01 -2.13 34.18
N VAL GB 165 3.50 -1.00 34.64
CA VAL GB 165 3.16 -0.84 36.05
C VAL GB 165 2.26 -1.97 36.55
N GLN GB 166 1.28 -2.34 35.74
CA GLN GB 166 0.37 -3.43 36.09
C GLN GB 166 1.13 -4.76 36.27
N GLU GB 167 2.09 -5.01 35.40
CA GLU GB 167 2.90 -6.23 35.51
C GLU GB 167 3.78 -6.21 36.75
N LEU GB 168 4.25 -5.03 37.12
CA LEU GB 168 5.08 -4.85 38.31
C LEU GB 168 4.28 -5.01 39.61
N GLU GB 169 3.01 -4.67 39.56
CA GLU GB 169 2.17 -4.81 40.73
C GLU GB 169 1.79 -6.27 40.92
N LYS GB 170 1.83 -7.03 39.82
CA LYS GB 170 1.45 -8.45 39.83
C LYS GB 170 2.57 -9.40 40.25
N ARG GB 171 3.74 -9.26 39.63
CA ARG GB 171 4.83 -10.21 39.86
C ARG GB 171 5.97 -9.65 40.71
N MET GB 172 5.75 -8.49 41.33
CA MET GB 172 6.79 -7.87 42.18
C MET GB 172 6.37 -7.71 43.63
N PRO GB 173 7.22 -8.23 44.53
CA PRO GB 173 7.01 -8.47 45.97
C PRO GB 173 6.90 -7.19 46.76
N MET GB 174 7.49 -6.12 46.25
CA MET GB 174 7.43 -4.82 46.90
C MET GB 174 6.10 -4.11 46.64
N ASP GB 175 5.54 -3.50 47.69
CA ASP GB 175 4.40 -2.60 47.56
C ASP GB 175 4.96 -1.20 47.39
N PHE GB 176 5.01 -0.72 46.15
CA PHE GB 176 5.66 0.56 45.90
C PHE GB 176 4.67 1.71 45.91
N LYS GB 177 3.42 1.40 46.16
CA LYS GB 177 2.43 2.45 46.44
C LYS GB 177 2.19 3.41 45.26
N GLY GB 178 2.29 2.86 44.04
CA GLY GB 178 1.91 3.58 42.84
C GLY GB 178 3.07 4.26 42.15
N VAL GB 179 2.76 5.04 41.12
CA VAL GB 179 3.76 5.85 40.45
C VAL GB 179 3.29 7.29 40.31
N ILE GB 180 4.23 8.14 39.91
CA ILE GB 180 3.90 9.46 39.43
C ILE GB 180 4.45 9.55 38.03
N VAL GB 181 3.58 9.82 37.07
CA VAL GB 181 4.01 9.91 35.69
C VAL GB 181 4.18 11.37 35.31
N LYS GB 182 5.34 11.70 34.76
CA LYS GB 182 5.59 13.05 34.29
C LYS GB 182 5.92 12.97 32.80
N ILE GB 183 5.59 14.04 32.06
CA ILE GB 183 5.82 14.10 30.61
C ILE GB 183 6.63 15.33 30.20
N VAL GB 184 7.60 15.12 29.33
CA VAL GB 184 8.45 16.19 28.88
C VAL GB 184 8.33 16.33 27.38
N ASP GB 185 7.85 17.48 26.93
CA ASP GB 185 7.74 17.76 25.49
C ASP GB 185 8.09 19.22 25.13
N LYS GB 186 7.76 19.63 23.92
CA LYS GB 186 8.06 20.98 23.47
C LYS GB 186 7.57 22.05 24.45
N ASP GB 187 6.43 21.78 25.08
CA ASP GB 187 5.81 22.73 26.01
C ASP GB 187 6.36 22.61 27.45
N GLY GB 188 7.29 21.69 27.65
CA GLY GB 188 7.94 21.57 28.95
C GLY GB 188 7.54 20.36 29.77
N ILE GB 189 7.54 20.55 31.09
CA ILE GB 189 7.34 19.43 32.02
C ILE GB 189 6.00 19.51 32.76
N ARG GB 190 5.06 18.63 32.38
CA ARG GB 190 3.78 18.56 33.07
C ARG GB 190 3.61 17.19 33.72
N GLN GB 191 2.71 17.11 34.70
CA GLN GB 191 2.50 15.86 35.44
C GLN GB 191 1.07 15.35 35.37
N VAL GB 192 0.89 14.11 34.89
CA VAL GB 192 -0.42 13.44 34.86
C VAL GB 192 -0.79 12.89 36.23
N ASP GB 193 -1.71 13.57 36.94
CA ASP GB 193 -2.08 13.12 38.28
C ASP GB 193 -3.36 12.29 38.29
N ASP GB 194 -3.70 11.73 37.13
CA ASP GB 194 -4.81 10.80 37.00
C ASP GB 194 -4.30 9.53 36.36
N PHE GB 195 -3.57 8.71 37.11
CA PHE GB 195 -2.95 7.55 36.48
C PHE GB 195 -3.37 6.15 36.97
N GLN GB 196 -3.38 5.92 38.27
CA GLN GB 196 -3.75 4.60 38.80
C GLN GB 196 -5.24 4.28 38.60
N ALA GB 197 -5.80 4.76 37.49
CA ALA GB 197 -7.20 4.53 37.15
C ALA GB 197 -7.61 5.22 35.85
N GLN GB 198 -6.64 5.45 34.96
CA GLN GB 198 -6.92 6.05 33.65
C GLN GB 198 -7.51 5.01 32.72
N THR HB 1 12.42 3.14 72.22
CA THR HB 1 12.03 4.54 72.13
C THR HB 1 10.85 4.79 71.18
N THR HB 2 9.87 5.59 71.60
CA THR HB 2 8.75 5.98 70.71
C THR HB 2 8.50 7.49 70.63
N THR HB 3 8.64 8.06 69.43
CA THR HB 3 8.44 9.49 69.19
C THR HB 3 7.51 9.70 67.99
N LEU HB 4 6.59 10.65 68.08
CA LEU HB 4 5.64 10.90 66.98
C LEU HB 4 5.24 12.37 66.89
N ALA HB 5 4.99 12.82 65.66
CA ALA HB 5 4.58 14.20 65.42
C ALA HB 5 3.62 14.29 64.22
N PHE HB 6 2.64 15.18 64.30
CA PHE HB 6 1.69 15.33 63.20
C PHE HB 6 1.04 16.73 63.07
N ARG HB 7 0.71 17.08 61.83
CA ARG HB 7 0.06 18.34 61.47
C ARG HB 7 -1.46 18.26 61.63
N PHE HB 8 -2.09 19.39 61.89
CA PHE HB 8 -3.55 19.49 61.85
C PHE HB 8 -4.04 20.94 61.81
N GLN HB 9 -5.35 21.15 61.86
CA GLN HB 9 -5.93 22.49 61.79
C GLN HB 9 -5.23 23.48 62.74
N GLY HB 10 -5.02 23.04 63.98
CA GLY HB 10 -4.47 23.88 65.03
C GLY HB 10 -2.96 23.77 65.21
N GLY HB 11 -2.27 23.25 64.21
CA GLY HB 11 -0.82 23.26 64.23
C GLY HB 11 -0.12 21.91 64.25
N ILE HB 12 0.69 21.69 65.27
CA ILE HB 12 1.42 20.44 65.39
C ILE HB 12 1.37 19.87 66.79
N ILE HB 13 1.14 18.56 66.87
CA ILE HB 13 1.30 17.85 68.11
C ILE HB 13 2.60 17.07 68.06
N VAL HB 14 3.32 17.07 69.17
CA VAL HB 14 4.51 16.24 69.31
C VAL HB 14 4.33 15.44 70.59
N ALA HB 15 4.63 14.15 70.55
CA ALA HB 15 4.53 13.32 71.73
C ALA HB 15 5.66 12.31 71.76
N VAL HB 16 6.20 12.05 72.96
CA VAL HB 16 7.30 11.12 73.10
C VAL HB 16 7.16 10.30 74.36
N ASP HB 17 7.92 9.21 74.42
CA ASP HB 17 8.06 8.44 75.65
C ASP HB 17 9.24 9.05 76.40
N SER HB 18 9.82 8.28 77.33
CA SER HB 18 10.91 8.80 78.14
C SER HB 18 11.77 7.68 78.69
N ARG HB 19 11.58 6.48 78.16
CA ARG HB 19 12.34 5.32 78.62
C ARG HB 19 13.64 5.24 77.84
N ALA HB 20 14.71 4.89 78.53
CA ALA HB 20 16.00 4.75 77.87
C ALA HB 20 16.69 3.54 78.46
N THR HB 21 17.13 2.63 77.59
CA THR HB 21 17.59 1.32 78.04
C THR HB 21 19.00 0.92 77.60
N ALA HB 22 19.70 0.21 78.47
CA ALA HB 22 21.03 -0.36 78.19
C ALA HB 22 20.92 -1.88 78.19
N GLY HB 23 20.24 -2.43 77.18
CA GLY HB 23 19.97 -3.85 77.16
C GLY HB 23 18.62 -4.14 77.79
N ASN HB 24 18.64 -5.03 78.78
CA ASN HB 24 17.44 -5.40 79.50
C ASN HB 24 17.19 -4.44 80.65
N TRP HB 25 18.21 -3.63 80.92
CA TRP HB 25 18.22 -2.74 82.07
C TRP HB 25 17.71 -1.35 81.70
N VAL HB 26 16.82 -0.82 82.52
CA VAL HB 26 16.23 0.48 82.28
C VAL HB 26 16.98 1.51 83.13
N ALA HB 27 17.80 2.34 82.48
CA ALA HB 27 18.78 3.15 83.23
C ALA HB 27 18.20 4.48 83.73
N SER HB 28 17.20 4.97 83.01
CA SER HB 28 16.49 6.18 83.36
C SER HB 28 15.12 6.15 82.67
N GLN HB 29 14.14 6.78 83.29
CA GLN HB 29 12.87 7.02 82.62
C GLN HB 29 12.56 8.51 82.68
N THR HB 30 13.61 9.27 82.98
CA THR HB 30 13.55 10.72 83.08
C THR HB 30 14.31 11.34 81.89
N VAL HB 31 13.95 10.94 80.68
CA VAL HB 31 14.63 11.42 79.48
C VAL HB 31 13.73 12.37 78.69
N LYS HB 32 14.26 13.56 78.46
CA LYS HB 32 13.60 14.58 77.65
C LYS HB 32 13.76 14.23 76.17
N ARG HB 33 12.83 13.44 75.65
CA ARG HB 33 12.92 12.97 74.28
C ARG HB 33 12.44 14.05 73.28
N VAL HB 34 12.00 15.19 73.80
CA VAL HB 34 11.66 16.33 72.95
C VAL HB 34 12.57 17.51 73.26
N ILE HB 35 13.23 18.01 72.21
CA ILE HB 35 14.30 18.99 72.37
C ILE HB 35 13.84 20.41 72.09
N GLU HB 36 13.73 21.21 73.14
CA GLU HB 36 13.35 22.61 73.02
C GLU HB 36 14.51 23.38 72.36
N ILE HB 37 14.48 23.44 71.02
CA ILE HB 37 15.54 24.02 70.17
C ILE HB 37 15.66 25.50 70.37
N ASN HB 38 14.53 26.17 70.12
CA ASN HB 38 14.29 27.56 70.50
C ASN HB 38 12.77 27.68 70.63
N PRO HB 39 12.25 28.83 71.12
CA PRO HB 39 10.83 28.76 71.48
C PRO HB 39 9.83 28.55 70.33
N PHE HB 40 10.31 28.49 69.08
CA PHE HB 40 9.42 28.30 67.93
C PHE HB 40 9.62 26.98 67.18
N LEU HB 41 10.62 26.20 67.58
CA LEU HB 41 10.95 24.91 66.93
C LEU HB 41 11.24 23.76 67.93
N LEU HB 42 10.77 22.56 67.59
CA LEU HB 42 11.03 21.36 68.38
C LEU HB 42 11.69 20.25 67.56
N GLY HB 43 12.54 19.47 68.20
CA GLY HB 43 13.09 18.26 67.60
C GLY HB 43 12.79 17.09 68.51
N THR HB 44 12.71 15.88 67.94
CA THR HB 44 12.46 14.66 68.71
C THR HB 44 13.65 13.72 68.75
N MET HB 45 14.17 13.49 69.96
CA MET HB 45 15.27 12.56 70.19
C MET HB 45 14.86 11.10 69.89
N ALA HB 46 15.65 10.42 69.06
CA ALA HB 46 15.35 9.06 68.64
C ALA HB 46 16.54 8.56 67.87
N GLY HB 47 17.10 7.42 68.31
CA GLY HB 47 18.31 6.92 67.70
C GLY HB 47 19.49 7.01 68.66
N GLY HB 48 20.30 8.05 68.50
CA GLY HB 48 21.45 8.28 69.36
C GLY HB 48 21.21 9.37 70.39
N ALA HB 49 21.33 9.01 71.66
CA ALA HB 49 21.00 9.95 72.72
C ALA HB 49 21.74 11.28 72.51
N ALA HB 50 23.06 11.24 72.54
CA ALA HB 50 23.85 12.45 72.39
C ALA HB 50 23.70 13.08 71.01
N ASP HB 51 23.97 12.31 69.96
CA ASP HB 51 23.86 12.81 68.59
C ASP HB 51 22.65 13.72 68.34
N CYS HB 52 21.54 13.50 69.03
CA CYS HB 52 20.35 14.34 68.85
C CYS HB 52 20.42 15.60 69.68
N GLN HB 53 20.54 15.45 70.99
CA GLN HB 53 20.66 16.57 71.92
C GLN HB 53 21.65 17.58 71.39
N PHE HB 54 22.76 17.08 70.90
CA PHE HB 54 23.88 17.93 70.57
C PHE HB 54 23.68 18.79 69.31
N TRP HB 55 23.38 18.13 68.19
CA TRP HB 55 23.30 18.82 66.92
C TRP HB 55 22.04 19.69 66.81
N GLU HB 56 21.04 19.35 67.60
CA GLU HB 56 19.83 20.15 67.63
C GLU HB 56 20.02 21.36 68.55
N THR HB 57 20.82 21.18 69.59
CA THR HB 57 21.24 22.28 70.45
C THR HB 57 22.07 23.24 69.59
N TRP HB 58 23.00 22.67 68.83
CA TRP HB 58 23.80 23.43 67.88
C TRP HB 58 22.93 24.07 66.81
N LEU HB 59 21.89 23.37 66.38
CA LEU HB 59 20.95 23.92 65.41
C LEU HB 59 20.35 25.21 65.95
N GLY HB 60 19.91 25.16 67.21
CA GLY HB 60 19.36 26.32 67.90
C GLY HB 60 20.25 27.56 67.81
N SER HB 61 21.55 27.34 67.92
CA SER HB 61 22.53 28.40 67.71
C SER HB 61 22.52 28.91 66.29
N GLN HB 62 22.80 28.04 65.33
CA GLN HB 62 22.80 28.42 63.93
C GLN HB 62 21.48 29.05 63.51
N CYS HB 63 20.45 28.84 64.30
CA CYS HB 63 19.14 29.45 64.06
C CYS HB 63 19.06 30.88 64.57
N ARG HB 64 19.57 31.10 65.78
CA ARG HB 64 19.66 32.45 66.32
C ARG HB 64 20.59 33.28 65.45
N LEU HB 65 21.75 32.71 65.14
CA LEU HB 65 22.72 33.37 64.28
C LEU HB 65 22.07 33.80 62.98
N HIS HB 66 21.07 33.04 62.53
CA HIS HB 66 20.40 33.35 61.27
C HIS HB 66 19.33 34.43 61.43
N GLU HB 67 18.72 34.51 62.61
CA GLU HB 67 17.70 35.52 62.84
C GLU HB 67 18.34 36.90 63.08
N LEU HB 68 19.53 36.93 63.66
CA LEU HB 68 20.23 38.21 63.89
C LEU HB 68 20.73 38.79 62.58
N ARG HB 69 21.16 37.92 61.69
CA ARG HB 69 21.80 38.31 60.44
C ARG HB 69 20.78 38.73 59.38
N GLU HB 70 19.51 38.35 59.58
CA GLU HB 70 18.47 38.64 58.60
C GLU HB 70 17.26 39.30 59.25
N LYS HB 71 17.38 39.63 60.53
CA LYS HB 71 16.30 40.25 61.28
C LYS HB 71 14.93 39.61 61.03
N GLU HB 72 14.91 38.34 60.62
CA GLU HB 72 13.66 37.62 60.36
C GLU HB 72 13.72 36.12 60.67
N ARG HB 73 12.63 35.56 61.20
CA ARG HB 73 12.57 34.17 61.64
C ARG HB 73 12.95 33.16 60.57
N ILE HB 74 13.72 32.15 60.96
CA ILE HB 74 14.14 31.13 60.02
C ILE HB 74 13.02 30.12 59.75
N SER HB 75 12.88 29.74 58.48
CA SER HB 75 11.82 28.85 58.02
C SER HB 75 12.13 27.40 58.32
N VAL HB 76 11.11 26.64 58.74
CA VAL HB 76 11.33 25.25 59.09
C VAL HB 76 12.11 24.56 57.98
N ALA HB 77 11.78 24.87 56.74
CA ALA HB 77 12.42 24.27 55.59
C ALA HB 77 13.94 24.44 55.67
N ALA HB 78 14.38 25.64 56.03
CA ALA HB 78 15.81 25.96 56.06
C ALA HB 78 16.47 25.60 57.39
N ALA HB 79 15.70 25.64 58.46
CA ALA HB 79 16.20 25.16 59.73
C ALA HB 79 16.61 23.71 59.59
N SER HB 80 15.71 22.92 58.98
CA SER HB 80 15.89 21.47 58.87
C SER HB 80 16.99 21.12 57.88
N LYS HB 81 17.05 21.84 56.77
CA LYS HB 81 18.06 21.60 55.74
C LYS HB 81 19.49 21.96 56.22
N ILE HB 82 19.59 22.73 57.30
CA ILE HB 82 20.89 22.99 57.91
C ILE HB 82 21.37 21.77 58.67
N LEU HB 83 20.44 21.14 59.38
CA LEU HB 83 20.71 19.96 60.19
C LEU HB 83 20.92 18.77 59.27
N SER HB 84 20.03 18.61 58.30
CA SER HB 84 20.20 17.59 57.27
C SER HB 84 21.59 17.70 56.63
N ASN HB 85 22.00 18.92 56.30
CA ASN HB 85 23.28 19.10 55.60
C ASN HB 85 24.50 18.86 56.48
N LEU HB 86 24.40 19.29 57.73
CA LEU HB 86 25.48 19.08 58.68
C LEU HB 86 25.65 17.59 58.92
N VAL HB 87 24.53 16.87 58.96
CA VAL HB 87 24.54 15.46 59.29
C VAL HB 87 24.98 14.58 58.12
N TYR HB 88 24.61 14.99 56.90
CA TYR HB 88 25.01 14.27 55.68
C TYR HB 88 26.51 14.43 55.50
N GLN HB 89 27.04 15.49 56.10
CA GLN HB 89 28.45 15.78 56.03
C GLN HB 89 29.24 14.69 56.78
N TYR HB 90 28.62 14.12 57.82
CA TYR HB 90 29.23 13.05 58.63
C TYR HB 90 28.65 11.67 58.29
N LYS HB 91 28.41 11.40 57.01
CA LYS HB 91 27.68 10.18 56.69
C LYS HB 91 28.53 8.96 57.04
N GLY HB 92 27.91 8.03 57.77
CA GLY HB 92 28.56 6.79 58.13
C GLY HB 92 29.90 7.03 58.79
N ALA HB 93 29.92 8.00 59.69
CA ALA HB 93 31.02 8.15 60.62
C ALA HB 93 30.50 7.51 61.88
N GLY HB 94 29.23 7.11 61.83
CA GLY HB 94 28.60 6.40 62.91
C GLY HB 94 27.64 7.27 63.66
N LEU HB 95 27.09 8.28 62.99
CA LEU HB 95 26.09 9.10 63.63
C LEU HB 95 24.80 8.30 63.64
N SER HB 96 24.02 8.48 64.69
CA SER HB 96 22.73 7.82 64.82
C SER HB 96 21.70 8.82 65.30
N MET HB 97 20.82 9.26 64.40
CA MET HB 97 19.70 10.10 64.79
C MET HB 97 18.54 9.99 63.81
N GLY HB 98 17.33 9.97 64.36
CA GLY HB 98 16.10 9.95 63.58
C GLY HB 98 15.08 10.87 64.24
N THR HB 99 14.89 12.05 63.64
CA THR HB 99 14.20 13.12 64.34
C THR HB 99 13.20 13.85 63.44
N MET HB 100 12.12 14.31 64.05
CA MET HB 100 11.20 15.22 63.37
C MET HB 100 11.43 16.67 63.81
N ILE HB 101 11.77 17.52 62.86
CA ILE HB 101 11.90 18.94 63.10
C ILE HB 101 10.55 19.60 62.87
N CYS HB 102 10.03 20.29 63.88
CA CYS HB 102 8.66 20.83 63.82
C CYS HB 102 8.59 22.36 64.02
N GLY HB 103 7.81 23.03 63.18
CA GLY HB 103 7.68 24.48 63.29
C GLY HB 103 6.42 25.01 62.62
N TYR HB 104 6.02 26.21 63.03
CA TYR HB 104 4.82 26.85 62.51
C TYR HB 104 5.21 28.29 62.17
N THR HB 105 5.29 28.59 60.88
CA THR HB 105 5.74 29.91 60.44
C THR HB 105 4.64 30.64 59.67
N ARG HB 106 4.76 31.96 59.61
CA ARG HB 106 3.87 32.79 58.82
C ARG HB 106 3.67 32.09 57.48
N LYS HB 107 4.79 31.89 56.76
CA LYS HB 107 4.79 31.58 55.34
C LYS HB 107 4.51 30.13 54.96
N GLU HB 108 4.85 29.20 55.85
CA GLU HB 108 4.79 27.75 55.54
C GLU HB 108 3.63 27.03 56.18
N GLY HB 109 3.09 27.59 57.26
CA GLY HB 109 2.08 26.91 58.04
C GLY HB 109 2.71 25.87 58.94
N PRO HB 110 1.90 24.98 59.54
CA PRO HB 110 2.49 23.89 60.32
C PRO HB 110 3.32 23.05 59.37
N THR HB 111 4.56 22.82 59.73
CA THR HB 111 5.46 22.10 58.84
C THR HB 111 6.37 21.13 59.60
N ILE HB 112 6.37 19.87 59.17
CA ILE HB 112 7.17 18.82 59.79
C ILE HB 112 8.13 18.20 58.78
N TYR HB 113 9.41 18.20 59.13
CA TYR HB 113 10.45 17.54 58.34
C TYR HB 113 11.01 16.36 59.16
N TYR HB 114 11.11 15.19 58.54
CA TYR HB 114 11.79 14.05 59.15
C TYR HB 114 13.22 14.00 58.63
N VAL HB 115 14.19 14.02 59.54
CA VAL HB 115 15.62 14.08 59.18
C VAL HB 115 16.38 12.98 59.91
N ASP HB 116 17.18 12.19 59.19
CA ASP HB 116 17.92 11.10 59.85
C ASP HB 116 19.40 10.97 59.47
N SER HB 117 20.13 10.14 60.23
CA SER HB 117 21.56 9.92 60.04
C SER HB 117 21.90 9.78 58.57
N ASP HB 118 21.07 9.03 57.84
CA ASP HB 118 21.33 8.67 56.44
C ASP HB 118 21.52 9.89 55.52
N GLY HB 119 20.90 11.00 55.90
CA GLY HB 119 20.92 12.23 55.11
C GLY HB 119 19.54 12.55 54.56
N THR HB 120 18.57 11.75 54.97
CA THR HB 120 17.21 11.86 54.48
C THR HB 120 16.55 13.10 55.04
N ARG HB 121 15.76 13.76 54.21
CA ARG HB 121 14.95 14.91 54.62
C ARG HB 121 13.60 14.74 53.95
N LEU HB 122 12.55 14.66 54.76
CA LEU HB 122 11.23 14.35 54.23
C LEU HB 122 10.14 15.19 54.83
N LYS HB 123 9.43 15.94 53.99
CA LYS HB 123 8.29 16.70 54.48
C LYS HB 123 7.09 15.74 54.56
N GLY HB 124 6.36 15.79 55.66
CA GLY HB 124 5.23 14.92 55.86
C GLY HB 124 4.16 15.50 56.77
N ASP HB 125 3.10 14.72 56.97
CA ASP HB 125 2.01 15.12 57.85
C ASP HB 125 2.06 14.30 59.13
N ILE HB 126 2.38 13.02 58.97
CA ILE HB 126 2.46 12.10 60.10
C ILE HB 126 3.76 11.27 60.08
N PHE HB 127 4.50 11.43 61.18
CA PHE HB 127 5.74 10.67 61.40
C PHE HB 127 5.84 10.08 62.82
N CYS HB 128 5.99 8.75 62.89
CA CYS HB 128 6.41 8.11 64.15
C CYS HB 128 7.75 7.41 63.95
N VAL HB 129 8.58 7.47 64.97
CA VAL HB 129 9.95 6.99 64.86
C VAL HB 129 10.40 6.36 66.17
N GLY HB 130 11.11 5.24 66.08
CA GLY HB 130 11.59 4.53 67.25
C GLY HB 130 11.12 3.08 67.25
N SER HB 131 11.49 2.34 68.27
CA SER HB 131 11.09 0.94 68.40
C SER HB 131 9.56 0.71 68.34
N GLY HB 132 8.81 1.56 69.04
CA GLY HB 132 7.37 1.45 69.10
C GLY HB 132 6.69 2.29 68.03
N GLN HB 133 7.40 2.54 66.95
CA GLN HB 133 6.88 3.39 65.87
C GLN HB 133 5.65 2.76 65.23
N THR HB 134 5.68 1.45 65.05
CA THR HB 134 4.61 0.75 64.33
C THR HB 134 3.30 0.79 65.09
N PHE HB 135 3.39 0.82 66.42
CA PHE HB 135 2.22 0.85 67.29
C PHE HB 135 1.52 2.19 67.26
N ALA HB 136 2.32 3.25 67.33
CA ALA HB 136 1.81 4.60 67.21
C ALA HB 136 1.09 4.73 65.87
N TYR HB 137 1.77 4.32 64.79
CA TYR HB 137 1.19 4.45 63.45
C TYR HB 137 -0.20 3.84 63.43
N GLY HB 138 -0.35 2.72 64.12
CA GLY HB 138 -1.62 2.01 64.14
C GLY HB 138 -2.73 2.86 64.70
N VAL HB 139 -2.45 3.52 65.82
CA VAL HB 139 -3.46 4.31 66.50
C VAL HB 139 -3.71 5.61 65.73
N LEU HB 140 -2.64 6.23 65.27
CA LEU HB 140 -2.72 7.48 64.51
C LEU HB 140 -3.50 7.26 63.22
N ASP HB 141 -3.11 6.24 62.48
CA ASP HB 141 -3.73 5.99 61.19
C ASP HB 141 -5.25 5.81 61.27
N SER HB 142 -5.74 5.10 62.29
CA SER HB 142 -7.19 4.83 62.38
C SER HB 142 -8.03 6.01 62.91
N ASN HB 143 -7.48 6.77 63.85
CA ASN HB 143 -8.22 7.88 64.47
C ASN HB 143 -7.63 9.26 64.15
N TYR HB 144 -7.41 9.58 62.87
CA TYR HB 144 -6.85 10.89 62.54
C TYR HB 144 -7.67 11.67 61.51
N LYS HB 145 -8.42 12.68 61.99
CA LYS HB 145 -9.04 13.68 61.12
C LYS HB 145 -8.07 14.87 61.07
N TRP HB 146 -8.16 15.70 60.04
CA TRP HB 146 -7.34 16.91 59.99
C TRP HB 146 -7.87 17.98 60.94
N ASP HB 147 -9.18 18.26 60.88
CA ASP HB 147 -9.79 19.25 61.75
C ASP HB 147 -10.13 18.65 63.10
N LEU HB 148 -9.10 18.34 63.87
CA LEU HB 148 -9.27 17.77 65.20
C LEU HB 148 -9.22 18.88 66.26
N SER HB 149 -10.17 18.88 67.18
CA SER HB 149 -10.12 19.87 68.25
C SER HB 149 -8.73 19.80 68.88
N VAL HB 150 -8.11 20.96 69.07
CA VAL HB 150 -6.77 21.03 69.62
C VAL HB 150 -6.66 20.22 70.90
N GLU HB 151 -7.80 19.89 71.49
CA GLU HB 151 -7.86 19.15 72.74
C GLU HB 151 -8.01 17.65 72.47
N ASP HB 152 -8.77 17.31 71.44
CA ASP HB 152 -8.88 15.93 71.00
C ASP HB 152 -7.58 15.44 70.37
N ALA HB 153 -6.93 16.31 69.59
CA ALA HB 153 -5.71 15.95 68.89
C ALA HB 153 -4.51 15.92 69.82
N LEU HB 154 -4.63 16.55 70.97
CA LEU HB 154 -3.58 16.44 71.98
C LEU HB 154 -3.75 15.15 72.73
N TYR HB 155 -5.00 14.70 72.85
CA TYR HB 155 -5.26 13.42 73.46
C TYR HB 155 -4.75 12.30 72.54
N LEU HB 156 -4.89 12.47 71.24
CA LEU HB 156 -4.46 11.45 70.29
C LEU HB 156 -2.97 11.12 70.44
N GLY HB 157 -2.15 12.16 70.60
CA GLY HB 157 -0.73 11.96 70.82
C GLY HB 157 -0.48 11.25 72.13
N LYS HB 158 -1.14 11.73 73.19
CA LYS HB 158 -1.08 11.12 74.53
C LYS HB 158 -1.24 9.59 74.42
N ARG HB 159 -2.10 9.14 73.49
CA ARG HB 159 -2.55 7.73 73.40
C ARG HB 159 -1.83 6.86 72.36
N SER HB 160 -1.42 7.46 71.25
CA SER HB 160 -0.60 6.74 70.29
C SER HB 160 0.73 6.38 70.93
N ILE HB 161 1.14 7.18 71.91
CA ILE HB 161 2.31 6.85 72.72
C ILE HB 161 1.99 5.75 73.72
N LEU HB 162 0.78 5.75 74.27
CA LEU HB 162 0.39 4.71 75.22
C LEU HB 162 0.39 3.34 74.53
N ALA HB 163 -0.33 3.23 73.42
CA ALA HB 163 -0.39 1.95 72.70
C ALA HB 163 1.00 1.33 72.67
N ALA HB 164 1.99 2.15 72.30
CA ALA HB 164 3.38 1.73 72.13
C ALA HB 164 4.13 1.36 73.43
N ALA HB 165 4.02 2.19 74.46
CA ALA HB 165 4.70 1.96 75.74
C ALA HB 165 4.33 0.61 76.32
N HIS HB 166 3.06 0.26 76.12
CA HIS HB 166 2.48 -1.00 76.56
C HIS HB 166 3.21 -2.21 75.99
N ARG HB 167 3.06 -2.39 74.68
CA ARG HB 167 3.68 -3.51 73.95
C ARG HB 167 5.20 -3.48 74.03
N ASP HB 168 5.80 -2.49 73.39
CA ASP HB 168 7.26 -2.31 73.40
C ASP HB 168 7.86 -2.27 74.81
N ALA HB 169 8.89 -3.09 75.00
CA ALA HB 169 9.57 -3.12 76.29
C ALA HB 169 10.46 -1.90 76.35
N TYR HB 170 10.91 -1.46 75.18
CA TYR HB 170 11.94 -0.43 75.05
C TYR HB 170 11.36 0.99 75.00
N SER HB 171 10.03 1.08 74.97
CA SER HB 171 9.30 2.33 75.17
C SER HB 171 8.48 2.25 76.44
N GLY HB 172 8.25 3.40 77.07
CA GLY HB 172 7.47 3.43 78.29
C GLY HB 172 7.93 4.57 79.18
N GLY HB 173 7.56 4.52 80.46
CA GLY HB 173 8.01 5.54 81.40
C GLY HB 173 6.99 6.63 81.69
N SER HB 174 7.06 7.71 80.91
CA SER HB 174 6.08 8.80 80.99
C SER HB 174 5.94 9.48 79.64
N VAL HB 175 4.85 10.22 79.43
CA VAL HB 175 4.63 10.88 78.16
C VAL HB 175 4.78 12.39 78.26
N ASN HB 176 5.59 12.95 77.36
CA ASN HB 176 5.71 14.40 77.24
C ASN HB 176 4.89 14.88 76.06
N LEU HB 177 4.14 15.96 76.27
CA LEU HB 177 3.27 16.53 75.25
C LEU HB 177 3.67 17.95 74.88
N TYR HB 178 3.62 18.27 73.59
CA TYR HB 178 3.89 19.62 73.14
C TYR HB 178 2.83 20.00 72.08
N HIS HB 179 2.48 21.28 72.09
CA HIS HB 179 1.56 21.83 71.09
C HIS HB 179 2.31 22.94 70.40
N VAL HB 180 2.27 22.95 69.08
CA VAL HB 180 2.97 24.01 68.35
C VAL HB 180 1.99 24.92 67.63
N THR HB 181 1.93 26.19 68.03
CA THR HB 181 1.10 27.20 67.34
C THR HB 181 2.01 28.15 66.59
N GLU HB 182 1.41 29.06 65.84
CA GLU HB 182 2.18 30.01 65.06
C GLU HB 182 2.98 30.90 66.03
N ASP HB 183 2.40 31.12 67.21
CA ASP HB 183 3.00 31.99 68.20
C ASP HB 183 4.11 31.31 69.01
N GLY HB 184 4.32 30.01 68.74
CA GLY HB 184 5.37 29.21 69.37
C GLY HB 184 4.85 27.89 69.92
N TRP HB 185 5.65 27.19 70.72
CA TRP HB 185 5.19 25.94 71.35
C TRP HB 185 4.73 26.12 72.79
N ILE HB 186 3.87 25.20 73.24
CA ILE HB 186 3.36 25.19 74.61
C ILE HB 186 3.47 23.78 75.17
N TYR HB 187 4.23 23.63 76.25
CA TYR HB 187 4.33 22.35 76.94
C TYR HB 187 2.92 21.93 77.38
N HIS HB 188 2.64 20.62 77.36
CA HIS HB 188 1.37 20.11 77.88
C HIS HB 188 1.57 18.96 78.87
N GLY HB 189 2.65 19.07 79.63
CA GLY HB 189 2.86 18.25 80.82
C GLY HB 189 3.64 16.98 80.62
N ASN HB 190 3.84 16.27 81.73
CA ASN HB 190 4.46 14.96 81.72
C ASN HB 190 3.54 14.00 82.47
N HIS HB 191 2.79 13.18 81.74
CA HIS HB 191 1.85 12.24 82.35
C HIS HB 191 2.43 10.82 82.44
N ASP HB 192 2.70 10.38 83.68
CA ASP HB 192 3.34 9.08 83.95
C ASP HB 192 2.54 7.91 83.38
N VAL HB 193 3.20 7.04 82.61
CA VAL HB 193 2.51 5.97 81.90
C VAL HB 193 1.90 4.96 82.85
N GLY HB 194 2.54 4.77 84.00
CA GLY HB 194 1.98 3.89 85.01
C GLY HB 194 0.51 4.20 85.27
N GLU HB 195 0.28 5.37 85.87
CA GLU HB 195 -1.05 5.85 86.24
C GLU HB 195 -1.99 6.07 85.05
N LEU HB 196 -1.42 6.51 83.91
CA LEU HB 196 -2.21 6.82 82.72
C LEU HB 196 -2.86 5.59 82.08
N PHE HB 197 -2.16 4.45 82.13
CA PHE HB 197 -2.71 3.23 81.57
C PHE HB 197 -4.05 2.94 82.20
N TRP HB 198 -4.06 2.85 83.52
CA TRP HB 198 -5.28 2.53 84.27
C TRP HB 198 -6.40 3.55 83.96
N LYS HB 199 -6.08 4.85 84.03
CA LYS HB 199 -7.05 5.93 83.70
C LYS HB 199 -7.71 5.69 82.32
N VAL HB 200 -6.94 5.24 81.33
CA VAL HB 200 -7.47 4.98 79.97
C VAL HB 200 -8.24 3.64 79.83
N LYS HB 201 -7.86 2.61 80.59
CA LYS HB 201 -8.61 1.36 80.56
C LYS HB 201 -10.04 1.54 81.03
N GLU HB 202 -10.23 2.39 82.04
CA GLU HB 202 -11.57 2.64 82.56
C GLU HB 202 -12.40 3.51 81.61
N GLU HB 203 -11.91 4.71 81.29
CA GLU HB 203 -12.68 5.65 80.47
C GLU HB 203 -12.95 5.19 79.03
N GLU HB 204 -12.08 4.33 78.51
CA GLU HB 204 -12.17 3.94 77.09
C GLU HB 204 -12.81 2.58 76.96
N GLY HB 205 -12.71 1.77 78.01
CA GLY HB 205 -13.23 0.42 77.99
C GLY HB 205 -12.27 -0.51 77.27
N SER HB 206 -11.11 0.04 76.93
CA SER HB 206 -10.13 -0.66 76.12
C SER HB 206 -9.12 -1.46 76.95
N PHE HB 207 -8.11 -1.97 76.25
CA PHE HB 207 -7.13 -2.83 76.89
C PHE HB 207 -7.88 -3.93 77.62
N ASN HB 208 -8.80 -4.57 76.92
CA ASN HB 208 -9.74 -5.44 77.60
C ASN HB 208 -9.12 -6.73 78.09
N ASN HB 209 -7.99 -7.11 77.49
CA ASN HB 209 -7.32 -8.33 77.91
C ASN HB 209 -6.21 -8.07 78.93
N VAL HB 210 -6.36 -7.01 79.71
CA VAL HB 210 -5.42 -6.74 80.79
C VAL HB 210 -6.10 -6.76 82.16
N ILE HB 211 -6.12 -7.96 82.77
CA ILE HB 211 -6.78 -8.18 84.05
C ILE HB 211 -6.36 -7.18 85.13
N GLY HB 212 -7.27 -6.28 85.46
CA GLY HB 212 -7.05 -5.26 86.47
C GLY HB 212 -8.36 -4.64 86.95
N GLN IB 1 45.75 -7.25 69.20
CA GLN IB 1 45.63 -5.85 68.84
C GLN IB 1 45.72 -5.02 70.11
N PHE IB 2 46.12 -3.74 69.97
CA PHE IB 2 46.10 -2.85 71.12
C PHE IB 2 44.68 -2.41 71.40
N ASN IB 3 44.27 -2.54 72.66
CA ASN IB 3 42.96 -2.05 73.10
C ASN IB 3 43.13 -0.88 74.03
N PRO IB 4 42.72 0.32 73.59
CA PRO IB 4 42.94 1.56 74.32
C PRO IB 4 42.00 1.65 75.52
N TYR IB 5 40.98 0.81 75.53
CA TYR IB 5 39.98 0.85 76.58
C TYR IB 5 40.17 -0.26 77.64
N GLY IB 6 39.55 -0.06 78.81
CA GLY IB 6 39.58 -1.05 79.86
C GLY IB 6 38.47 -0.86 80.90
N ASP IB 7 38.38 -1.79 81.85
CA ASP IB 7 37.42 -1.64 82.96
C ASP IB 7 38.12 -1.64 84.31
N ASN IB 8 37.65 -0.76 85.18
CA ASN IB 8 38.12 -0.69 86.55
C ASN IB 8 36.95 -0.65 87.50
N GLY IB 9 35.76 -0.86 86.95
CA GLY IB 9 34.58 -1.00 87.77
C GLY IB 9 34.42 0.16 88.72
N GLY IB 10 34.08 -0.15 89.97
CA GLY IB 10 33.59 0.86 90.88
C GLY IB 10 32.14 1.17 90.54
N THR IB 11 31.51 2.02 91.35
CA THR IB 11 30.09 2.27 91.21
C THR IB 11 29.74 3.59 91.89
N ILE IB 12 29.12 4.49 91.15
CA ILE IB 12 28.78 5.79 91.71
C ILE IB 12 27.27 6.05 91.72
N LEU IB 13 26.87 6.90 92.65
CA LEU IB 13 25.47 7.27 92.86
C LEU IB 13 25.36 8.78 93.20
N GLY IB 14 24.43 9.47 92.57
CA GLY IB 14 24.28 10.89 92.80
C GLY IB 14 22.82 11.18 93.14
N ILE IB 15 22.60 11.93 94.20
CA ILE IB 15 21.24 12.20 94.66
C ILE IB 15 21.03 13.69 94.91
N ALA IB 16 19.97 14.25 94.31
CA ALA IB 16 19.65 15.67 94.43
C ALA IB 16 18.68 15.93 95.56
N GLY IB 17 19.14 16.67 96.56
CA GLY IB 17 18.30 17.03 97.68
C GLY IB 17 17.48 18.28 97.39
N GLU IB 18 16.85 18.79 98.42
CA GLU IB 18 16.08 20.03 98.33
C GLU IB 18 16.98 21.25 98.55
N ASP IB 19 17.79 21.24 99.61
CA ASP IB 19 18.79 22.29 99.87
C ASP IB 19 20.24 21.78 99.82
N PHE IB 20 20.43 20.61 99.21
CA PHE IB 20 21.72 19.91 99.22
C PHE IB 20 21.83 18.87 98.08
N ALA IB 21 23.01 18.27 97.97
CA ALA IB 21 23.20 17.18 97.04
C ALA IB 21 24.39 16.33 97.49
N VAL IB 22 24.26 15.01 97.30
CA VAL IB 22 25.35 14.09 97.61
C VAL IB 22 25.78 13.36 96.35
N LEU IB 23 27.07 13.02 96.31
CA LEU IB 23 27.63 12.33 95.16
C LEU IB 23 28.61 11.32 95.70
N ALA IB 24 28.23 10.04 95.70
CA ALA IB 24 28.98 8.99 96.39
C ALA IB 24 29.59 7.98 95.42
N GLY IB 25 30.76 7.47 95.79
CA GLY IB 25 31.39 6.42 95.01
C GLY IB 25 32.18 5.49 95.91
N ASP IB 26 32.39 4.26 95.45
CA ASP IB 26 33.22 3.33 96.19
C ASP IB 26 34.69 3.65 95.96
N THR IB 27 35.55 3.07 96.80
CA THR IB 27 36.98 3.33 96.75
C THR IB 27 37.82 2.24 96.09
N ARG IB 28 37.16 1.17 95.62
CA ARG IB 28 37.86 0.02 95.06
C ARG IB 28 38.19 0.25 93.58
N ASN IB 29 39.43 -0.03 93.21
CA ASN IB 29 39.85 0.14 91.82
C ASN IB 29 40.49 -1.15 91.32
N ILE IB 30 39.88 -1.76 90.31
CA ILE IB 30 40.28 -3.11 89.91
C ILE IB 30 40.61 -3.25 88.44
N THR IB 31 41.28 -4.35 88.13
CA THR IB 31 41.54 -4.74 86.77
C THR IB 31 41.20 -6.22 86.71
N ASP IB 32 40.12 -6.54 85.99
CA ASP IB 32 39.68 -7.93 85.82
C ASP IB 32 39.24 -8.62 87.12
N TYR IB 33 40.18 -9.40 87.69
CA TYR IB 33 39.93 -10.24 88.87
C TYR IB 33 40.85 -9.91 90.02
N SER IB 34 41.81 -9.02 89.77
CA SER IB 34 42.74 -8.62 90.80
C SER IB 34 42.30 -7.29 91.38
N ILE IB 35 42.82 -6.94 92.56
CA ILE IB 35 42.58 -5.60 93.10
C ILE IB 35 43.81 -4.71 92.93
N ASN IB 36 43.55 -3.48 92.50
CA ASN IB 36 44.60 -2.47 92.26
C ASN IB 36 44.82 -1.59 93.50
N SER IB 37 43.76 -0.91 93.92
CA SER IB 37 43.78 -0.26 95.23
C SER IB 37 42.46 -0.42 95.99
N ARG IB 38 42.55 -0.33 97.31
CA ARG IB 38 41.38 -0.32 98.17
C ARG IB 38 40.99 1.13 98.42
N TYR IB 39 41.97 2.02 98.35
CA TYR IB 39 41.71 3.47 98.39
C TYR IB 39 42.35 4.24 97.23
N GLU IB 40 41.49 4.61 96.29
CA GLU IB 40 41.86 5.47 95.18
C GLU IB 40 40.54 6.10 94.80
N PRO IB 41 40.33 7.37 95.19
CA PRO IB 41 39.02 8.01 95.17
C PRO IB 41 38.51 8.29 93.77
N LYS IB 42 37.19 8.41 93.69
CA LYS IB 42 36.47 8.31 92.44
C LYS IB 42 35.72 9.64 92.28
N VAL IB 43 35.40 10.23 93.43
CA VAL IB 43 34.59 11.43 93.55
C VAL IB 43 35.44 12.63 93.96
N PHE IB 44 35.38 13.68 93.14
CA PHE IB 44 36.28 14.84 93.28
C PHE IB 44 35.60 16.21 93.50
N ASP IB 45 36.22 17.04 94.36
CA ASP IB 45 35.84 18.44 94.55
C ASP IB 45 36.48 19.28 93.44
N CYS IB 46 35.66 19.98 92.65
CA CYS IB 46 36.17 20.75 91.49
C CYS IB 46 36.18 22.26 91.71
N GLY IB 47 35.80 22.70 92.91
CA GLY IB 47 35.66 24.11 93.22
C GLY IB 47 34.28 24.61 92.82
N ASP IB 48 34.01 25.90 93.05
CA ASP IB 48 32.70 26.49 92.74
C ASP IB 48 31.54 25.55 93.10
N ASN IB 49 31.69 24.83 94.21
CA ASN IB 49 30.65 23.91 94.69
C ASN IB 49 30.11 22.97 93.64
N ILE IB 50 31.03 22.29 92.97
CA ILE IB 50 30.72 21.26 92.01
C ILE IB 50 31.58 20.01 92.27
N VAL IB 51 30.93 18.89 92.54
CA VAL IB 51 31.62 17.63 92.71
C VAL IB 51 31.29 16.73 91.52
N MET IB 52 32.28 16.02 90.99
CA MET IB 52 32.02 15.15 89.85
C MET IB 52 32.73 13.80 89.94
N SER IB 53 32.29 12.86 89.10
CA SER IB 53 32.85 11.53 89.08
C SER IB 53 32.73 10.95 87.67
N ALA IB 54 33.86 10.57 87.12
CA ALA IB 54 33.86 9.99 85.78
C ALA IB 54 34.24 8.52 85.92
N ASN IB 55 33.25 7.65 85.89
CA ASN IB 55 33.45 6.26 86.29
C ASN IB 55 33.36 5.24 85.15
N GLY IB 56 34.12 4.16 85.30
CA GLY IB 56 34.28 3.18 84.24
C GLY IB 56 35.75 2.89 84.03
N PHE IB 57 36.32 3.49 83.00
CA PHE IB 57 37.75 3.37 82.71
C PHE IB 57 38.55 4.54 83.34
N ALA IB 58 39.28 4.26 84.42
CA ALA IB 58 40.02 5.27 85.21
C ALA IB 58 40.84 6.29 84.41
N ALA IB 59 41.75 5.83 83.56
CA ALA IB 59 42.56 6.71 82.72
C ALA IB 59 41.74 7.74 81.96
N ASP IB 60 40.61 7.32 81.39
CA ASP IB 60 39.74 8.23 80.66
C ASP IB 60 38.97 9.17 81.60
N GLY IB 61 38.53 8.65 82.74
CA GLY IB 61 37.84 9.50 83.71
C GLY IB 61 38.75 10.47 84.45
N ASP IB 62 39.91 9.96 84.89
CA ASP IB 62 40.94 10.78 85.51
C ASP IB 62 41.27 11.93 84.57
N ALA IB 63 41.38 11.62 83.28
CA ALA IB 63 41.77 12.60 82.29
C ALA IB 63 40.68 13.62 82.04
N LEU IB 64 39.42 13.17 82.10
CA LEU IB 64 38.28 14.07 81.91
C LEU IB 64 38.10 15.01 83.09
N VAL IB 65 38.29 14.49 84.30
CA VAL IB 65 38.26 15.33 85.50
C VAL IB 65 39.32 16.43 85.42
N LYS IB 66 40.56 16.04 85.15
CA LYS IB 66 41.66 16.98 84.92
C LYS IB 66 41.24 18.08 83.95
N ARG IB 67 40.65 17.68 82.82
CA ARG IB 67 40.33 18.61 81.74
C ARG IB 67 39.21 19.60 82.08
N PHE IB 68 38.28 19.17 82.94
CA PHE IB 68 37.21 20.06 83.41
C PHE IB 68 37.66 20.94 84.55
N LYS IB 69 38.32 20.37 85.57
CA LYS IB 69 38.94 21.16 86.63
C LYS IB 69 39.69 22.35 86.03
N ASN IB 70 40.23 22.11 84.84
CA ASN IB 70 40.97 23.13 84.10
C ASN IB 70 40.06 24.08 83.35
N SER IB 71 38.92 23.58 82.88
CA SER IB 71 37.94 24.43 82.21
C SER IB 71 37.42 25.49 83.19
N VAL IB 72 37.43 25.14 84.48
CA VAL IB 72 37.06 26.05 85.57
C VAL IB 72 38.11 27.14 85.80
N LYS IB 73 39.38 26.74 85.93
CA LYS IB 73 40.47 27.70 86.10
C LYS IB 73 40.41 28.82 85.05
N TRP IB 74 40.04 28.47 83.82
CA TRP IB 74 39.99 29.41 82.71
C TRP IB 74 38.66 30.13 82.50
N TYR IB 75 37.56 29.59 83.03
CA TYR IB 75 36.31 30.36 83.02
C TYR IB 75 36.43 31.46 84.08
N HIS IB 76 37.30 31.23 85.07
CA HIS IB 76 37.67 32.26 86.03
C HIS IB 76 38.46 33.39 85.33
N PHE IB 77 39.68 33.06 84.90
CA PHE IB 77 40.56 34.04 84.28
C PHE IB 77 39.82 34.82 83.17
N ASP IB 78 38.96 34.11 82.42
CA ASP IB 78 38.29 34.66 81.21
C ASP IB 78 37.03 35.49 81.52
N HIS IB 79 36.40 35.26 82.67
CA HIS IB 79 35.17 35.97 83.02
C HIS IB 79 35.22 36.56 84.45
N ASN IB 80 36.36 37.13 84.84
CA ASN IB 80 36.53 37.78 86.15
C ASN IB 80 36.02 36.97 87.36
N ASP IB 81 36.72 35.89 87.67
CA ASP IB 81 36.39 34.98 88.79
C ASP IB 81 34.90 34.61 89.04
N LYS IB 82 34.06 34.69 88.00
CA LYS IB 82 32.64 34.29 88.08
C LYS IB 82 32.40 32.83 88.49
N LYS IB 83 31.30 32.58 89.21
CA LYS IB 83 30.95 31.21 89.63
C LYS IB 83 30.35 30.43 88.47
N LEU IB 84 30.79 29.18 88.31
CA LEU IB 84 30.27 28.35 87.24
C LEU IB 84 28.92 27.72 87.62
N SER IB 85 27.86 28.24 86.98
CA SER IB 85 26.50 27.74 87.17
C SER IB 85 26.56 26.22 87.06
N ILE IB 86 25.95 25.48 88.00
CA ILE IB 86 25.92 24.02 87.82
C ILE IB 86 25.49 23.66 86.41
N ASN IB 87 24.40 24.26 85.96
CA ASN IB 87 23.80 24.00 84.65
C ASN IB 87 24.75 24.31 83.48
N SER IB 88 25.73 25.17 83.73
CA SER IB 88 26.65 25.61 82.69
C SER IB 88 27.82 24.65 82.59
N ALA IB 89 28.25 24.11 83.74
CA ALA IB 89 29.32 23.13 83.72
C ALA IB 89 28.84 21.88 83.01
N ALA IB 90 27.59 21.49 83.29
CA ALA IB 90 26.98 20.35 82.61
C ALA IB 90 27.12 20.53 81.10
N ARG IB 91 26.65 21.66 80.58
CA ARG IB 91 26.77 21.89 79.15
C ARG IB 91 28.22 21.93 78.67
N ASN IB 92 29.14 22.44 79.49
CA ASN IB 92 30.53 22.48 79.04
C ASN IB 92 31.09 21.07 78.97
N ILE IB 93 30.63 20.22 79.86
CA ILE IB 93 31.01 18.82 79.87
C ILE IB 93 30.48 18.09 78.63
N GLN IB 94 29.25 18.41 78.23
CA GLN IB 94 28.72 17.86 76.99
C GLN IB 94 29.68 18.17 75.85
N HIS IB 95 30.16 19.40 75.78
CA HIS IB 95 31.07 19.78 74.70
C HIS IB 95 32.47 19.18 74.86
N LEU IB 96 32.85 18.91 76.09
CA LEU IB 96 34.09 18.21 76.38
C LEU IB 96 34.04 16.79 75.84
N LEU IB 97 32.96 16.09 76.19
CA LEU IB 97 32.76 14.66 75.89
C LEU IB 97 32.55 14.45 74.41
N TYR IB 98 31.72 15.30 73.82
CA TYR IB 98 31.40 15.17 72.41
C TYR IB 98 32.58 15.60 71.56
N GLY IB 99 33.53 16.29 72.16
CA GLY IB 99 34.74 16.66 71.45
C GLY IB 99 35.42 15.40 70.94
N LYS IB 100 35.48 14.40 71.83
CA LYS IB 100 36.07 13.10 71.53
C LYS IB 100 34.95 12.11 71.15
N ARG IB 101 34.00 12.58 70.35
CA ARG IB 101 32.81 11.79 70.02
C ARG IB 101 33.14 10.49 69.33
N PHE IB 102 34.21 10.51 68.55
CA PHE IB 102 34.54 9.35 67.75
C PHE IB 102 35.74 8.61 68.33
N PHE IB 103 35.86 8.67 69.66
CA PHE IB 103 36.93 8.05 70.45
C PHE IB 103 36.73 8.54 71.89
N PRO IB 104 35.54 8.25 72.43
CA PRO IB 104 34.96 8.89 73.61
C PRO IB 104 35.76 8.57 74.84
N TYR IB 105 35.49 9.39 75.85
CA TYR IB 105 35.92 9.04 77.16
C TYR IB 105 34.96 7.94 77.62
N TYR IB 106 35.45 6.71 77.78
CA TYR IB 106 34.57 5.61 78.17
C TYR IB 106 34.19 5.72 79.65
N VAL IB 107 33.29 6.65 79.97
CA VAL IB 107 32.88 6.88 81.35
C VAL IB 107 31.40 7.28 81.44
N HIS IB 108 30.67 6.64 82.34
CA HIS IB 108 29.37 7.19 82.75
C HIS IB 108 29.73 8.19 83.82
N THR IB 109 29.32 9.43 83.62
CA THR IB 109 29.87 10.50 84.44
C THR IB 109 28.76 11.36 85.04
N ILE IB 110 28.93 11.68 86.32
CA ILE IB 110 27.91 12.39 87.12
C ILE IB 110 28.51 13.56 87.88
N ILE IB 111 27.82 14.70 87.86
CA ILE IB 111 28.19 15.83 88.71
C ILE IB 111 27.04 16.20 89.64
N ALA IB 112 27.37 16.84 90.76
CA ALA IB 112 26.35 17.32 91.69
C ALA IB 112 26.74 18.63 92.37
N GLY IB 113 25.76 19.49 92.60
CA GLY IB 113 25.99 20.74 93.31
C GLY IB 113 24.66 21.44 93.55
N LEU IB 114 24.67 22.76 93.44
CA LEU IB 114 23.46 23.55 93.62
C LEU IB 114 23.12 24.39 92.40
N ASP IB 115 21.87 24.35 91.96
CA ASP IB 115 21.41 25.18 90.83
C ASP IB 115 21.29 26.63 91.28
N GLU IB 116 21.17 27.54 90.32
CA GLU IB 116 21.19 28.97 90.63
C GLU IB 116 20.11 29.40 91.66
N ASP IB 117 19.16 28.51 91.93
CA ASP IB 117 18.08 28.78 92.89
C ASP IB 117 18.35 28.29 94.31
N GLY IB 118 19.46 27.59 94.51
CA GLY IB 118 19.80 27.08 95.82
C GLY IB 118 19.37 25.65 96.07
N LYS IB 119 18.46 25.15 95.23
CA LYS IB 119 17.99 23.75 95.26
C LYS IB 119 19.09 22.80 94.78
N GLY IB 120 19.02 21.55 95.21
CA GLY IB 120 20.02 20.58 94.80
C GLY IB 120 19.87 20.07 93.36
N ALA IB 121 21.02 19.80 92.73
CA ALA IB 121 21.03 19.33 91.36
C ALA IB 121 22.02 18.21 91.12
N VAL IB 122 21.62 17.28 90.26
CA VAL IB 122 22.50 16.23 89.78
C VAL IB 122 22.31 16.02 88.27
N TYR IB 123 23.42 15.90 87.56
CA TYR IB 123 23.42 15.67 86.12
C TYR IB 123 24.14 14.37 85.79
N SER IB 124 23.62 13.61 84.82
CA SER IB 124 24.28 12.40 84.33
C SER IB 124 24.69 12.51 82.87
N PHE IB 125 25.71 11.76 82.48
CA PHE IB 125 26.22 11.85 81.12
C PHE IB 125 26.46 10.51 80.48
N ASP IB 126 26.31 10.48 79.15
CA ASP IB 126 26.83 9.43 78.30
C ASP IB 126 28.34 9.55 78.33
N PRO IB 127 29.01 8.67 77.58
CA PRO IB 127 30.43 8.83 77.20
C PRO IB 127 30.56 9.76 76.02
N VAL IB 128 29.43 10.02 75.38
CA VAL IB 128 29.41 10.96 74.25
C VAL IB 128 28.65 12.25 74.53
N GLY IB 129 28.13 12.42 75.73
CA GLY IB 129 27.69 13.72 76.17
C GLY IB 129 26.21 14.00 76.14
N SER IB 130 25.37 12.98 75.98
CA SER IB 130 23.96 13.16 76.27
C SER IB 130 23.87 13.54 77.76
N TYR IB 131 23.24 14.65 78.08
CA TYR IB 131 23.04 14.99 79.50
C TYR IB 131 21.58 15.24 79.83
N GLU IB 132 21.15 14.75 80.98
CA GLU IB 132 19.87 15.19 81.51
C GLU IB 132 20.04 15.46 82.99
N ARG IB 133 19.20 16.33 83.54
CA ARG IB 133 19.22 16.55 84.97
C ARG IB 133 18.39 15.48 85.69
N GLU IB 134 18.92 14.95 86.79
CA GLU IB 134 18.29 13.82 87.44
C GLU IB 134 18.03 14.06 88.90
N GLN IB 135 17.08 13.29 89.43
CA GLN IB 135 16.74 13.28 90.86
C GLN IB 135 17.72 12.38 91.61
N CYS IB 136 17.89 11.16 91.09
CA CYS IB 136 18.96 10.29 91.54
C CYS IB 136 19.25 9.23 90.50
N ARG IB 137 20.50 9.18 90.06
CA ARG IB 137 20.98 8.20 89.09
C ARG IB 137 22.19 7.47 89.67
N ALA IB 138 22.29 6.17 89.42
CA ALA IB 138 23.51 5.45 89.69
C ALA IB 138 24.16 5.11 88.36
N GLY IB 139 25.49 5.10 88.38
CA GLY IB 139 26.26 4.69 87.22
C GLY IB 139 27.23 3.65 87.68
N GLY IB 140 27.82 2.91 86.75
CA GLY IB 140 28.78 1.89 87.13
C GLY IB 140 28.21 0.50 87.05
N ALA IB 141 28.97 -0.46 87.57
CA ALA IB 141 28.61 -1.87 87.41
C ALA IB 141 27.37 -2.24 88.20
N ALA IB 142 27.37 -1.83 89.46
CA ALA IB 142 26.31 -2.15 90.40
C ALA IB 142 25.16 -1.17 90.29
N ALA IB 143 25.08 -0.47 89.17
CA ALA IB 143 23.98 0.45 88.96
C ALA IB 143 22.66 -0.27 89.13
N SER IB 144 22.58 -1.47 88.57
CA SER IB 144 21.34 -2.27 88.59
C SER IB 144 20.85 -2.80 89.96
N LEU IB 145 21.75 -2.89 90.94
CA LEU IB 145 21.37 -3.38 92.27
C LEU IB 145 20.94 -2.23 93.20
N ILE IB 146 21.22 -1.00 92.77
CA ILE IB 146 20.92 0.18 93.57
C ILE IB 146 19.62 0.86 93.14
N MET IB 147 19.53 1.25 91.88
CA MET IB 147 18.34 1.96 91.40
C MET IB 147 16.97 1.37 91.78
N PRO IB 148 16.77 0.05 91.60
CA PRO IB 148 15.44 -0.46 91.99
C PRO IB 148 15.12 -0.11 93.46
N PHE IB 149 16.07 -0.41 94.33
CA PHE IB 149 15.97 -0.12 95.75
C PHE IB 149 15.73 1.38 96.04
N LEU IB 150 16.44 2.25 95.34
CA LEU IB 150 16.25 3.68 95.49
C LEU IB 150 14.87 4.15 95.05
N ASP IB 151 14.45 3.68 93.87
CA ASP IB 151 13.11 3.95 93.35
C ASP IB 151 12.04 3.65 94.38
N ASN IB 152 12.32 2.64 95.20
CA ASN IB 152 11.35 2.18 96.17
C ASN IB 152 11.40 2.96 97.49
N GLN IB 153 12.62 3.16 98.01
CA GLN IB 153 12.79 3.80 99.31
C GLN IB 153 13.04 5.31 99.26
N VAL IB 154 13.18 5.89 98.06
CA VAL IB 154 13.37 7.34 97.91
C VAL IB 154 12.21 8.06 97.19
N ASN IB 155 11.73 7.47 96.11
CA ASN IB 155 10.58 7.98 95.36
C ASN IB 155 9.29 7.21 95.72
N PHE IB 156 9.37 6.37 96.74
CA PHE IB 156 8.26 5.52 97.20
C PHE IB 156 7.42 4.93 96.08
N LYS IB 157 8.07 4.22 95.17
CA LYS IB 157 7.38 3.59 94.05
C LYS IB 157 6.68 2.30 94.49
N ASN IB 158 5.65 1.89 93.75
CA ASN IB 158 4.89 0.67 94.06
C ASN IB 158 4.42 0.59 95.53
N GLN IB 159 4.53 1.71 96.24
CA GLN IB 159 4.10 1.79 97.63
C GLN IB 159 2.80 2.57 97.76
N TYR IB 160 1.81 1.98 98.43
CA TYR IB 160 0.50 2.60 98.58
C TYR IB 160 0.18 2.93 100.06
N GLU IB 161 -0.83 3.75 100.29
CA GLU IB 161 -1.29 3.98 101.65
C GLU IB 161 -2.06 2.75 102.12
N PRO IB 162 -1.66 2.21 103.28
CA PRO IB 162 -2.29 0.99 103.83
C PRO IB 162 -3.82 1.14 103.94
N GLY IB 163 -4.55 0.08 103.61
CA GLY IB 163 -6.01 0.10 103.72
C GLY IB 163 -6.71 1.20 102.95
N THR IB 164 -6.15 1.60 101.80
CA THR IB 164 -6.85 2.46 100.85
C THR IB 164 -7.11 1.65 99.58
N ASN IB 165 -7.03 0.32 99.72
CA ASN IB 165 -7.27 -0.62 98.63
C ASN IB 165 -6.11 -0.68 97.64
N GLY IB 166 -5.64 0.50 97.24
CA GLY IB 166 -4.60 0.65 96.25
C GLY IB 166 -4.93 1.80 95.33
N LYS IB 167 -5.43 2.89 95.93
CA LYS IB 167 -5.86 4.07 95.18
C LYS IB 167 -5.07 5.32 95.58
N VAL IB 168 -4.51 5.30 96.79
CA VAL IB 168 -3.70 6.41 97.27
C VAL IB 168 -2.23 6.04 97.30
N LYS IB 169 -1.42 6.66 96.44
CA LYS IB 169 0.02 6.40 96.42
C LYS IB 169 0.65 6.92 97.72
N LYS IB 170 1.63 6.20 98.26
CA LYS IB 170 2.27 6.67 99.48
C LYS IB 170 2.87 8.02 99.14
N PRO IB 171 2.52 9.06 99.92
CA PRO IB 171 2.89 10.47 99.72
C PRO IB 171 4.40 10.72 99.76
N LEU IB 172 4.94 11.32 98.70
CA LEU IB 172 6.36 11.68 98.64
C LEU IB 172 6.78 12.73 99.68
N LYS IB 173 7.71 12.34 100.56
CA LYS IB 173 8.22 13.22 101.61
C LYS IB 173 9.57 13.76 101.15
N TYR IB 174 10.08 14.81 101.78
CA TYR IB 174 11.51 15.10 101.59
C TYR IB 174 12.48 15.00 102.76
N LEU IB 175 13.68 14.48 102.43
CA LEU IB 175 14.52 13.73 103.35
C LEU IB 175 15.75 14.48 103.78
N SER IB 176 16.04 14.41 105.08
CA SER IB 176 17.22 15.06 105.62
C SER IB 176 18.45 14.46 104.96
N VAL IB 177 19.46 15.30 104.76
CA VAL IB 177 20.75 14.81 104.29
C VAL IB 177 21.17 13.58 105.09
N GLU IB 178 20.76 13.50 106.35
CA GLU IB 178 21.12 12.36 107.21
C GLU IB 178 20.41 11.08 106.79
N GLU IB 179 19.22 11.23 106.20
CA GLU IB 179 18.40 10.09 105.75
C GLU IB 179 18.91 9.57 104.41
N VAL IB 180 19.14 10.48 103.49
CA VAL IB 180 19.75 10.10 102.22
C VAL IB 180 21.06 9.33 102.46
N ILE IB 181 21.91 9.85 103.34
CA ILE IB 181 23.12 9.14 103.75
C ILE IB 181 22.84 7.72 104.28
N LYS IB 182 21.77 7.54 105.06
CA LYS IB 182 21.37 6.19 105.46
C LYS IB 182 21.17 5.31 104.21
N LEU IB 183 20.34 5.77 103.27
CA LEU IB 183 20.02 4.96 102.10
C LEU IB 183 21.23 4.69 101.22
N VAL IB 184 22.11 5.68 101.10
CA VAL IB 184 23.31 5.50 100.29
C VAL IB 184 24.15 4.36 100.88
N ARG IB 185 24.45 4.43 102.18
CA ARG IB 185 25.33 3.40 102.78
C ARG IB 185 24.67 2.04 103.03
N ASP IB 186 23.41 1.90 102.64
CA ASP IB 186 22.75 0.59 102.67
C ASP IB 186 22.60 0.09 101.26
N SER IB 187 22.52 1.02 100.30
CA SER IB 187 22.53 0.67 98.90
C SER IB 187 23.86 -0.01 98.65
N PHE IB 188 24.91 0.60 99.19
CA PHE IB 188 26.26 0.09 98.99
C PHE IB 188 26.57 -1.19 99.77
N THR IB 189 26.30 -1.22 101.08
CA THR IB 189 26.55 -2.45 101.84
C THR IB 189 25.80 -3.64 101.20
N SER IB 190 24.67 -3.35 100.57
CA SER IB 190 23.93 -4.37 99.80
C SER IB 190 24.72 -4.81 98.58
N ALA IB 191 24.93 -3.89 97.65
CA ALA IB 191 25.69 -4.18 96.44
C ALA IB 191 27.00 -4.93 96.71
N THR IB 192 27.72 -4.53 97.76
CA THR IB 192 29.04 -5.09 98.06
C THR IB 192 29.03 -6.62 98.19
N GLU IB 193 27.87 -7.09 98.68
CA GLU IB 193 27.59 -8.50 98.98
C GLU IB 193 27.39 -9.31 97.72
N ARG IB 194 26.68 -8.74 96.75
CA ARG IB 194 26.32 -9.48 95.53
C ARG IB 194 27.05 -9.00 94.27
N HIS IB 195 27.95 -8.02 94.41
CA HIS IB 195 28.84 -7.64 93.29
C HIS IB 195 30.30 -7.72 93.76
N ILE IB 196 31.12 -8.37 92.94
CA ILE IB 196 32.50 -8.63 93.32
C ILE IB 196 33.39 -7.44 93.02
N GLN IB 197 32.85 -6.51 92.22
CA GLN IB 197 33.55 -5.31 91.81
C GLN IB 197 33.29 -4.13 92.76
N VAL IB 198 32.41 -4.37 93.72
CA VAL IB 198 32.13 -3.38 94.75
C VAL IB 198 32.60 -3.83 96.15
N GLY IB 199 33.24 -2.89 96.83
CA GLY IB 199 33.69 -3.08 98.20
C GLY IB 199 34.74 -2.06 98.67
N ASP IB 200 35.34 -2.35 99.83
CA ASP IB 200 36.53 -1.67 100.33
C ASP IB 200 36.27 -0.39 101.13
N GLY IB 201 35.64 0.59 100.47
CA GLY IB 201 35.40 1.89 101.07
C GLY IB 201 34.28 2.65 100.38
N LEU IB 202 33.57 3.49 101.13
CA LEU IB 202 32.52 4.35 100.57
C LEU IB 202 32.77 5.82 100.92
N GLU IB 203 32.96 6.64 99.89
CA GLU IB 203 33.24 8.05 100.09
C GLU IB 203 32.11 8.89 99.51
N ILE IB 204 31.62 9.82 100.32
CA ILE IB 204 30.55 10.71 99.90
C ILE IB 204 30.96 12.16 100.03
N LEU IB 205 30.76 12.92 98.95
CA LEU IB 205 30.90 14.36 98.99
C LEU IB 205 29.52 14.96 99.15
N ILE IB 206 29.40 15.96 100.01
CA ILE IB 206 28.10 16.54 100.29
C ILE IB 206 28.13 18.04 100.09
N VAL IB 207 27.28 18.53 99.19
CA VAL IB 207 27.22 19.96 98.85
C VAL IB 207 26.01 20.64 99.49
N THR IB 208 26.27 21.70 100.25
CA THR IB 208 25.24 22.50 100.88
C THR IB 208 25.55 23.91 100.42
N LYS IB 209 24.75 24.90 100.79
CA LYS IB 209 25.16 26.27 100.47
C LYS IB 209 26.44 26.66 101.22
N ASP IB 210 26.78 25.86 102.25
CA ASP IB 210 27.95 26.11 103.10
C ASP IB 210 29.26 25.59 102.51
N GLY IB 211 29.16 24.76 101.47
CA GLY IB 211 30.35 24.22 100.83
C GLY IB 211 30.32 22.70 100.71
N VAL IB 212 31.52 22.12 100.59
CA VAL IB 212 31.66 20.69 100.35
C VAL IB 212 32.27 19.94 101.54
N ARG IB 213 31.59 18.89 102.01
CA ARG IB 213 32.04 18.10 103.15
C ARG IB 213 32.27 16.64 102.74
N LYS IB 214 33.28 16.00 103.32
CA LYS IB 214 33.60 14.59 103.03
C LYS IB 214 33.26 13.68 104.20
N GLU IB 215 32.37 12.73 103.99
CA GLU IB 215 32.16 11.67 104.96
C GLU IB 215 32.66 10.37 104.35
N PHE IB 216 33.28 9.52 105.18
CA PHE IB 216 33.83 8.26 104.66
C PHE IB 216 33.49 7.06 105.53
N TYR IB 217 33.00 5.99 104.88
CA TYR IB 217 32.54 4.77 105.56
C TYR IB 217 33.22 3.51 105.00
N GLU IB 218 33.59 2.58 105.88
CA GLU IB 218 34.25 1.34 105.46
C GLU IB 218 33.28 0.36 104.75
N LEU IB 219 33.81 -0.46 103.85
CA LEU IB 219 33.01 -1.49 103.14
C LEU IB 219 33.71 -2.85 103.21
N LYS IB 220 32.93 -3.93 103.03
CA LYS IB 220 33.48 -5.30 103.09
C LYS IB 220 34.61 -5.48 102.05
N ARG IB 221 35.72 -6.12 102.45
CA ARG IB 221 36.91 -6.20 101.59
C ARG IB 221 37.12 -7.50 100.80
N ASP IB 222 36.03 -8.21 100.49
CA ASP IB 222 36.13 -9.54 99.87
C ASP IB 222 35.97 -9.52 98.34
N THR JB 1 49.92 0.78 67.46
CA THR JB 1 49.46 -0.54 67.87
C THR JB 1 50.59 -1.55 67.73
N GLN JB 2 51.59 -1.44 68.59
CA GLN JB 2 52.70 -2.36 68.55
C GLN JB 2 52.41 -3.69 69.25
N GLN JB 3 53.46 -4.44 69.51
CA GLN JB 3 53.38 -5.56 70.42
C GLN JB 3 54.79 -5.85 70.96
N PRO JB 4 54.87 -6.27 72.23
CA PRO JB 4 56.09 -6.40 73.03
C PRO JB 4 57.01 -7.48 72.51
N ILE JB 5 58.32 -7.25 72.61
CA ILE JB 5 59.27 -8.27 72.23
C ILE JB 5 60.12 -8.67 73.44
N VAL JB 6 61.24 -7.98 73.67
CA VAL JB 6 61.97 -8.24 74.89
C VAL JB 6 61.13 -7.67 76.01
N THR JB 7 60.94 -8.44 77.10
CA THR JB 7 60.05 -8.03 78.19
C THR JB 7 60.52 -8.42 79.58
N GLY JB 8 60.58 -7.44 80.47
CA GLY JB 8 60.83 -7.71 81.88
C GLY JB 8 59.55 -8.10 82.58
N THR JB 9 59.64 -8.96 83.60
CA THR JB 9 58.43 -9.34 84.30
C THR JB 9 58.09 -8.41 85.46
N SER JB 10 57.54 -8.96 86.54
CA SER JB 10 57.01 -8.17 87.66
C SER JB 10 57.94 -7.09 88.26
N VAL JB 11 57.31 -6.01 88.70
CA VAL JB 11 57.94 -5.04 89.59
C VAL JB 11 57.07 -5.00 90.84
N ILE JB 12 57.68 -5.04 92.02
CA ILE JB 12 56.93 -5.02 93.26
C ILE JB 12 57.42 -3.93 94.22
N SER JB 13 56.51 -3.41 95.03
CA SER JB 13 56.82 -2.29 95.91
C SER JB 13 55.78 -2.10 97.00
N MET JB 14 56.22 -1.57 98.13
CA MET JB 14 55.35 -1.24 99.25
C MET JB 14 55.94 -0.02 99.95
N LYS JB 15 55.11 0.75 100.65
CA LYS JB 15 55.61 1.83 101.50
C LYS JB 15 55.68 1.45 103.00
N TYR JB 16 56.49 2.18 103.78
CA TYR JB 16 56.66 1.87 105.19
C TYR JB 16 56.92 3.13 106.03
N ASP JB 17 57.25 2.92 107.31
CA ASP JB 17 57.26 4.03 108.29
C ASP JB 17 57.87 5.37 107.80
N ASN JB 18 59.01 5.31 107.11
CA ASN JB 18 59.74 6.51 106.68
C ASN JB 18 59.85 6.69 105.15
N GLY JB 19 60.23 5.62 104.45
CA GLY JB 19 60.42 5.67 103.01
C GLY JB 19 59.54 4.70 102.22
N VAL JB 20 60.11 4.11 101.16
CA VAL JB 20 59.46 3.07 100.37
C VAL JB 20 60.49 2.09 99.80
N ILE JB 21 60.06 0.89 99.41
CA ILE JB 21 60.96 -0.06 98.77
C ILE JB 21 60.41 -0.52 97.44
N ILE JB 22 61.31 -0.72 96.48
CA ILE JB 22 60.92 -1.23 95.16
C ILE JB 22 61.98 -2.21 94.65
N ALA JB 23 61.52 -3.27 93.99
CA ALA JB 23 62.41 -4.30 93.50
C ALA JB 23 61.91 -4.87 92.18
N ALA JB 24 62.81 -5.47 91.41
CA ALA JB 24 62.48 -5.99 90.09
C ALA JB 24 63.66 -6.78 89.59
N ASP JB 25 63.42 -8.01 89.12
CA ASP JB 25 64.53 -8.84 88.61
C ASP JB 25 65.25 -8.29 87.36
N ASN JB 26 66.38 -8.92 87.03
CA ASN JB 26 67.31 -8.43 86.01
C ASN JB 26 67.23 -9.21 84.70
N LEU JB 27 66.01 -9.58 84.29
CA LEU JB 27 65.84 -10.43 83.11
C LEU JB 27 64.89 -9.83 82.12
N GLY JB 28 65.36 -9.72 80.88
CA GLY JB 28 64.51 -9.40 79.74
C GLY JB 28 64.40 -10.63 78.85
N SER JB 29 63.16 -11.01 78.51
CA SER JB 29 62.91 -12.30 77.82
C SER JB 29 62.31 -12.19 76.42
N TYR JB 30 62.94 -12.89 75.47
CA TYR JB 30 62.47 -12.99 74.09
C TYR JB 30 61.46 -14.13 73.99
N GLY JB 31 60.19 -13.82 74.26
CA GLY JB 31 59.20 -14.87 74.28
C GLY JB 31 59.47 -15.84 75.42
N SER JB 32 59.66 -17.11 75.07
CA SER JB 32 59.90 -18.14 76.07
C SER JB 32 61.39 -18.35 76.33
N LEU JB 33 62.22 -17.54 75.67
CA LEU JB 33 63.69 -17.64 75.80
C LEU JB 33 64.22 -16.55 76.74
N LEU JB 34 64.75 -16.99 77.89
CA LEU JB 34 65.29 -16.06 78.88
C LEU JB 34 66.60 -15.47 78.34
N ARG JB 35 66.45 -14.52 77.41
CA ARG JB 35 67.54 -14.07 76.52
C ARG JB 35 68.59 -13.17 77.17
N PHE JB 36 68.14 -12.13 77.87
CA PHE JB 36 69.06 -11.16 78.42
C PHE JB 36 69.10 -11.15 79.94
N ASN JB 37 70.29 -11.33 80.49
CA ASN JB 37 70.43 -11.68 81.90
C ASN JB 37 71.02 -10.58 82.78
N GLY JB 38 71.25 -9.42 82.18
CA GLY JB 38 71.92 -8.35 82.90
C GLY JB 38 71.17 -7.04 82.93
N VAL JB 39 69.86 -7.10 82.67
CA VAL JB 39 69.02 -5.91 82.54
C VAL JB 39 68.69 -5.23 83.87
N GLU JB 40 68.83 -3.91 83.90
CA GLU JB 40 68.43 -3.17 85.09
C GLU JB 40 67.12 -2.46 84.84
N ARG JB 41 66.11 -2.79 85.64
CA ARG JB 41 64.75 -2.28 85.44
C ARG JB 41 64.37 -1.33 86.57
N LEU JB 42 65.34 -1.04 87.41
CA LEU JB 42 65.19 0.08 88.32
C LEU JB 42 66.01 1.30 87.85
N ILE JB 43 65.30 2.38 87.54
CA ILE JB 43 65.94 3.60 87.09
C ILE JB 43 65.90 4.67 88.15
N PRO JB 44 67.04 4.98 88.76
CA PRO JB 44 67.11 6.07 89.73
C PRO JB 44 67.04 7.45 89.03
N VAL JB 45 66.25 8.34 89.63
CA VAL JB 45 66.25 9.74 89.22
C VAL JB 45 66.50 10.65 90.42
N GLY JB 46 67.65 11.31 90.43
CA GLY JB 46 68.11 11.99 91.62
C GLY JB 46 68.50 10.98 92.69
N ASP JB 47 68.31 11.36 93.95
CA ASP JB 47 68.36 10.42 95.07
C ASP JB 47 67.11 10.54 95.94
N ASN JB 48 65.97 10.63 95.27
CA ASN JB 48 64.66 10.67 95.92
C ASN JB 48 63.59 9.92 95.13
N THR JB 49 63.95 9.47 93.93
CA THR JB 49 63.02 8.71 93.11
C THR JB 49 63.69 7.50 92.45
N VAL JB 50 63.00 6.36 92.49
CA VAL JB 50 63.38 5.19 91.71
C VAL JB 50 62.17 4.82 90.87
N VAL JB 51 62.38 4.62 89.56
CA VAL JB 51 61.31 4.24 88.65
C VAL JB 51 61.45 2.79 88.17
N GLY JB 52 60.44 1.98 88.46
CA GLY JB 52 60.49 0.56 88.16
C GLY JB 52 59.66 0.28 86.93
N ILE JB 53 60.19 -0.54 86.03
CA ILE JB 53 59.51 -0.75 84.78
C ILE JB 53 59.42 -2.21 84.35
N SER JB 54 58.19 -2.68 84.11
CA SER JB 54 57.96 -3.99 83.51
C SER JB 54 57.38 -3.78 82.11
N GLY JB 55 57.46 -4.80 81.25
CA GLY JB 55 56.91 -4.66 79.91
C GLY JB 55 58.00 -4.61 78.86
N ASP JB 56 57.73 -3.93 77.73
CA ASP JB 56 58.66 -3.94 76.59
C ASP JB 56 59.91 -3.15 76.91
N ILE JB 57 61.02 -3.88 76.99
CA ILE JB 57 62.36 -3.34 77.26
C ILE JB 57 62.87 -2.25 76.28
N SER JB 58 62.46 -2.33 75.01
CA SER JB 58 62.83 -1.27 74.07
C SER JB 58 62.16 0.04 74.49
N ASP JB 59 60.86 -0.03 74.77
CA ASP JB 59 60.11 1.13 75.23
C ASP JB 59 60.57 1.55 76.64
N MET JB 60 61.29 0.68 77.33
CA MET JB 60 61.79 1.01 78.67
C MET JB 60 63.04 1.84 78.55
N GLN JB 61 63.91 1.47 77.62
CA GLN JB 61 65.15 2.19 77.37
C GLN JB 61 64.87 3.56 76.79
N HIS JB 62 63.74 3.71 76.11
CA HIS JB 62 63.29 4.99 75.62
C HIS JB 62 62.83 5.85 76.80
N ILE JB 63 61.97 5.28 77.64
CA ILE JB 63 61.57 5.96 78.85
C ILE JB 63 62.78 6.31 79.72
N GLU JB 64 63.81 5.48 79.70
CA GLU JB 64 65.00 5.79 80.50
C GLU JB 64 65.67 7.04 79.95
N ARG JB 65 65.90 7.10 78.65
CA ARG JB 65 66.48 8.31 78.05
C ARG JB 65 65.58 9.54 78.24
N LEU JB 66 64.26 9.34 78.32
CA LEU JB 66 63.38 10.48 78.55
C LEU JB 66 63.61 11.10 79.91
N LEU JB 67 64.02 10.30 80.89
CA LEU JB 67 64.33 10.79 82.23
C LEU JB 67 65.78 11.35 82.32
N LYS JB 68 66.77 10.62 81.80
CA LYS JB 68 68.11 11.19 81.67
C LYS JB 68 68.03 12.55 80.94
N ASP JB 69 67.19 12.62 79.90
CA ASP JB 69 66.93 13.89 79.22
C ASP JB 69 66.19 14.91 80.13
N LEU JB 70 65.27 14.44 80.96
CA LEU JB 70 64.45 15.35 81.77
C LEU JB 70 65.23 15.87 82.97
N VAL JB 71 66.30 15.17 83.31
CA VAL JB 71 67.15 15.62 84.39
C VAL JB 71 68.09 16.69 83.86
N THR JB 72 68.58 16.50 82.64
CA THR JB 72 69.48 17.46 82.00
C THR JB 72 68.80 18.81 81.87
N GLU JB 73 67.50 18.77 81.52
CA GLU JB 73 66.70 19.98 81.30
C GLU JB 73 66.47 20.75 82.59
N ASN JB 74 66.12 20.02 83.63
CA ASN JB 74 65.84 20.63 84.91
C ASN JB 74 66.94 21.57 85.38
N ALA JB 75 68.19 21.19 85.09
CA ALA JB 75 69.40 21.85 85.60
C ALA JB 75 69.67 23.19 84.93
N TYR JB 76 69.25 23.27 83.68
CA TYR JB 76 69.37 24.46 82.86
C TYR JB 76 68.88 25.73 83.60
N ASP JB 77 69.74 26.74 83.72
CA ASP JB 77 69.32 28.03 84.25
C ASP JB 77 68.59 27.89 85.58
N ASN JB 78 69.20 27.16 86.50
CA ASN JB 78 68.51 26.84 87.74
C ASN JB 78 69.49 26.49 88.84
N PRO JB 79 69.93 27.50 89.59
CA PRO JB 79 70.92 27.38 90.68
C PRO JB 79 70.49 26.41 91.80
N LEU JB 80 69.25 25.95 91.78
CA LEU JB 80 68.73 25.07 92.82
C LEU JB 80 68.40 23.69 92.29
N ALA JB 81 69.16 23.24 91.28
CA ALA JB 81 68.87 21.98 90.61
C ALA JB 81 69.23 20.76 91.45
N ASP JB 82 70.07 20.99 92.46
CA ASP JB 82 70.45 19.94 93.39
C ASP JB 82 69.88 20.25 94.79
N ALA JB 83 68.74 20.93 94.82
CA ALA JB 83 68.08 21.23 96.09
C ALA JB 83 66.59 21.58 95.95
N GLU JB 84 66.23 22.79 96.36
CA GLU JB 84 64.82 23.20 96.44
C GLU JB 84 64.01 22.93 95.17
N GLU JB 85 64.38 23.57 94.07
CA GLU JB 85 63.67 23.34 92.81
C GLU JB 85 64.37 22.20 92.00
N ALA JB 86 64.57 21.04 92.62
CA ALA JB 86 65.06 19.85 91.92
C ALA JB 86 63.96 18.81 91.77
N LEU JB 87 64.26 17.75 91.03
CA LEU JB 87 63.20 16.84 90.58
C LEU JB 87 62.53 16.02 91.69
N GLU JB 88 61.19 16.11 91.73
CA GLU JB 88 60.37 15.41 92.71
C GLU JB 88 59.61 14.22 92.11
N PRO JB 89 59.42 13.15 92.90
CA PRO JB 89 58.66 11.99 92.42
C PRO JB 89 57.34 12.45 91.83
N SER JB 90 56.58 13.27 92.56
CA SER JB 90 55.24 13.67 92.12
C SER JB 90 55.25 14.28 90.70
N TYR JB 91 56.41 14.83 90.30
CA TYR JB 91 56.60 15.43 88.98
C TYR JB 91 56.90 14.34 87.94
N ILE JB 92 58.05 13.69 88.10
CA ILE JB 92 58.46 12.55 87.30
C ILE JB 92 57.27 11.63 87.00
N PHE JB 93 56.39 11.43 87.99
CA PHE JB 93 55.20 10.64 87.74
C PHE JB 93 54.25 11.38 86.80
N GLU JB 94 53.72 12.52 87.24
CA GLU JB 94 52.74 13.22 86.43
C GLU JB 94 53.23 13.43 84.98
N TYR JB 95 54.55 13.45 84.79
CA TYR JB 95 55.12 13.50 83.44
C TYR JB 95 54.95 12.19 82.69
N LEU JB 96 55.48 11.09 83.25
CA LEU JB 96 55.34 9.78 82.60
C LEU JB 96 53.87 9.45 82.40
N ALA JB 97 53.04 9.66 83.42
CA ALA JB 97 51.62 9.37 83.32
C ALA JB 97 50.98 10.16 82.20
N THR JB 98 51.42 11.40 82.01
CA THR JB 98 50.85 12.22 80.95
C THR JB 98 51.25 11.68 79.58
N VAL JB 99 52.51 11.22 79.46
CA VAL JB 99 53.01 10.62 78.23
C VAL JB 99 52.32 9.29 77.92
N MET JB 100 52.24 8.42 78.91
CA MET JB 100 51.63 7.12 78.65
C MET JB 100 50.22 7.31 78.09
N TYR JB 101 49.42 8.17 78.74
CA TYR JB 101 48.04 8.37 78.28
C TYR JB 101 47.97 9.09 76.94
N GLN JB 102 48.92 9.98 76.68
CA GLN JB 102 48.99 10.64 75.39
C GLN JB 102 49.26 9.58 74.33
N ARG JB 103 50.27 8.76 74.56
CA ARG JB 103 50.62 7.68 73.63
C ARG JB 103 49.50 6.66 73.38
N ARG JB 104 48.81 6.18 74.44
CA ARG JB 104 47.66 5.28 74.21
C ARG JB 104 46.63 5.99 73.34
N SER JB 105 46.52 7.30 73.51
CA SER JB 105 45.48 8.04 72.83
C SER JB 105 45.85 8.35 71.37
N LYS JB 106 47.12 8.15 71.01
CA LYS JB 106 47.58 8.22 69.62
C LYS JB 106 47.65 6.81 69.06
N MET JB 107 47.05 5.86 69.79
CA MET JB 107 47.11 4.43 69.48
C MET JB 107 48.51 3.89 69.16
N ASN JB 108 49.50 4.35 69.91
CA ASN JB 108 50.87 3.88 69.74
C ASN JB 108 51.59 3.86 71.09
N PRO JB 109 51.07 3.04 72.01
CA PRO JB 109 51.34 3.10 73.46
C PRO JB 109 52.75 2.69 73.75
N LEU JB 110 53.24 3.09 74.92
CA LEU JB 110 54.49 2.56 75.38
C LEU JB 110 54.11 1.35 76.21
N TRP JB 111 54.61 0.20 75.80
CA TRP JB 111 54.09 -1.05 76.34
C TRP JB 111 54.62 -1.37 77.72
N ASN JB 112 54.22 -0.58 78.72
CA ASN JB 112 54.81 -0.76 80.04
C ASN JB 112 53.85 -0.68 81.21
N ALA JB 113 54.33 -1.19 82.34
CA ALA JB 113 53.76 -0.94 83.64
C ALA JB 113 54.84 -0.18 84.37
N ILE JB 114 54.51 0.99 84.88
CA ILE JB 114 55.49 1.79 85.58
C ILE JB 114 55.09 2.00 87.03
N ILE JB 115 56.05 1.84 87.93
CA ILE JB 115 55.82 2.14 89.33
C ILE JB 115 56.85 3.18 89.73
N VAL JB 116 56.35 4.38 90.04
CA VAL JB 116 57.20 5.47 90.51
C VAL JB 116 57.17 5.47 92.02
N ALA JB 117 58.35 5.25 92.61
CA ALA JB 117 58.48 5.23 94.06
C ALA JB 117 59.55 6.21 94.53
N GLY JB 118 59.29 6.84 95.66
CA GLY JB 118 60.24 7.78 96.23
C GLY JB 118 59.70 8.59 97.39
N VAL JB 119 60.54 9.49 97.87
CA VAL JB 119 60.18 10.43 98.94
C VAL JB 119 60.14 11.87 98.41
N GLN JB 120 59.20 12.65 98.92
CA GLN JB 120 59.01 14.03 98.47
C GLN JB 120 59.87 15.02 99.24
N SER JB 121 59.86 16.27 98.79
CA SER JB 121 60.58 17.33 99.50
C SER JB 121 60.27 17.27 100.99
N ASN JB 122 58.99 17.07 101.31
CA ASN JB 122 58.52 17.23 102.68
C ASN JB 122 58.46 15.96 103.50
N GLY JB 123 59.09 14.88 103.02
CA GLY JB 123 59.15 13.65 103.80
C GLY JB 123 58.09 12.63 103.46
N ASP JB 124 57.01 13.09 102.82
CA ASP JB 124 55.92 12.21 102.36
C ASP JB 124 56.41 11.04 101.52
N GLN JB 125 55.90 9.84 101.81
CA GLN JB 125 56.09 8.71 100.92
C GLN JB 125 55.33 8.97 99.62
N PHE JB 126 55.93 8.65 98.47
CA PHE JB 126 55.20 8.69 97.19
C PHE JB 126 55.30 7.39 96.44
N LEU JB 127 54.16 6.77 96.18
CA LEU JB 127 54.11 5.51 95.48
C LEU JB 127 52.86 5.52 94.60
N ARG JB 128 53.05 5.33 93.29
CA ARG JB 128 51.95 5.31 92.31
C ARG JB 128 52.29 4.53 91.04
N TYR JB 129 51.27 3.98 90.38
CA TYR JB 129 51.42 3.12 89.20
C TYR JB 129 50.73 3.72 88.00
N VAL JB 130 51.31 3.49 86.82
CA VAL JB 130 50.71 3.90 85.57
C VAL JB 130 51.13 2.93 84.48
N ASN JB 131 50.18 2.48 83.67
CA ASN JB 131 50.47 1.47 82.65
C ASN JB 131 50.20 1.96 81.22
N LEU JB 132 50.32 1.06 80.25
CA LEU JB 132 50.31 1.44 78.84
C LEU JB 132 49.02 2.13 78.41
N LEU JB 133 47.98 1.98 79.20
CA LEU JB 133 46.68 2.56 78.89
C LEU JB 133 46.52 3.95 79.46
N GLY JB 134 47.36 4.29 80.43
CA GLY JB 134 47.27 5.57 81.10
C GLY JB 134 46.63 5.48 82.47
N VAL JB 135 46.20 4.27 82.81
CA VAL JB 135 45.55 4.00 84.09
C VAL JB 135 46.48 4.31 85.24
N THR JB 136 45.95 5.03 86.24
CA THR JB 136 46.73 5.40 87.40
C THR JB 136 46.02 5.07 88.65
N TYR JB 137 46.77 4.53 89.59
CA TYR JB 137 46.26 4.20 90.91
C TYR JB 137 47.38 4.08 91.94
N SER JB 138 46.99 4.13 93.20
CA SER JB 138 47.96 4.20 94.29
C SER JB 138 47.39 3.42 95.49
N SER JB 139 48.20 2.52 96.07
CA SER JB 139 47.77 1.68 97.18
C SER JB 139 48.96 1.60 98.12
N PRO JB 140 48.73 1.18 99.37
CA PRO JB 140 49.94 1.10 100.23
C PRO JB 140 50.93 0.08 99.66
N THR JB 141 50.48 -0.66 98.65
CA THR JB 141 51.25 -1.77 98.12
C THR JB 141 50.88 -1.97 96.63
N LEU JB 142 51.89 -1.87 95.77
CA LEU JB 142 51.68 -1.94 94.32
C LEU JB 142 52.66 -2.88 93.67
N ALA JB 143 52.16 -3.68 92.73
CA ALA JB 143 53.03 -4.49 91.89
C ALA JB 143 52.42 -4.64 90.51
N THR JB 144 53.28 -4.81 89.51
CA THR JB 144 52.90 -4.80 88.09
C THR JB 144 52.89 -6.19 87.48
N GLY JB 145 52.32 -6.31 86.29
CA GLY JB 145 52.15 -7.61 85.66
C GLY JB 145 51.86 -8.77 86.59
N PHE JB 146 52.83 -9.69 86.67
CA PHE JB 146 52.65 -10.94 87.39
C PHE JB 146 52.69 -10.82 88.92
N GLY JB 147 53.53 -9.92 89.42
CA GLY JB 147 53.61 -9.70 90.86
C GLY JB 147 52.28 -9.26 91.46
N ALA JB 148 51.43 -8.68 90.62
CA ALA JB 148 50.16 -8.17 91.11
C ALA JB 148 49.30 -9.27 91.72
N HIS JB 149 49.66 -10.52 91.42
CA HIS JB 149 48.81 -11.66 91.80
C HIS JB 149 49.30 -12.46 92.99
N MET JB 150 50.62 -12.63 93.09
CA MET JB 150 51.25 -13.34 94.21
C MET JB 150 52.02 -12.41 95.16
N ALA JB 151 52.62 -11.35 94.64
CA ALA JB 151 53.41 -10.46 95.47
C ALA JB 151 52.53 -9.59 96.35
N ASN JB 152 51.43 -9.07 95.81
CA ASN JB 152 50.54 -8.22 96.59
C ASN JB 152 50.01 -8.90 97.86
N PRO JB 153 49.41 -10.09 97.70
CA PRO JB 153 48.77 -10.75 98.85
C PRO JB 153 49.68 -10.96 100.06
N LEU JB 154 50.99 -11.12 99.82
CA LEU JB 154 51.98 -11.27 100.89
C LEU JB 154 52.32 -9.93 101.55
N LEU JB 155 52.37 -8.89 100.72
CA LEU JB 155 52.74 -7.56 101.21
C LEU JB 155 51.57 -6.90 101.93
N ARG JB 156 50.36 -7.15 101.45
CA ARG JB 156 49.14 -6.67 102.11
C ARG JB 156 48.91 -7.41 103.41
N LYS JB 157 49.75 -8.39 103.71
CA LYS JB 157 49.62 -9.12 104.98
C LYS JB 157 50.48 -8.39 106.02
N VAL JB 158 51.26 -7.43 105.54
CA VAL JB 158 52.01 -6.49 106.38
C VAL JB 158 51.31 -5.12 106.47
N VAL JB 159 50.98 -4.54 105.31
CA VAL JB 159 50.29 -3.26 105.21
C VAL JB 159 48.88 -3.43 104.60
N ASP JB 160 47.90 -3.91 105.37
CA ASP JB 160 46.56 -4.13 104.77
C ASP JB 160 45.88 -2.79 104.50
N ARG JB 161 45.85 -1.93 105.53
CA ARG JB 161 45.25 -0.60 105.42
C ARG JB 161 46.27 0.47 105.81
N GLU JB 162 45.91 1.74 105.63
CA GLU JB 162 46.89 2.82 105.79
C GLU JB 162 47.42 2.95 107.23
N SER JB 163 46.56 2.70 108.23
CA SER JB 163 46.99 2.77 109.64
C SER JB 163 48.15 1.83 109.99
N ASP JB 164 48.50 0.93 109.05
CA ASP JB 164 49.54 -0.07 109.26
C ASP JB 164 50.93 0.41 108.85
N ILE JB 165 51.01 1.54 108.17
CA ILE JB 165 52.27 1.97 107.58
C ILE JB 165 53.36 2.45 108.57
N PRO JB 166 52.98 3.32 109.52
CA PRO JB 166 53.92 3.79 110.53
C PRO JB 166 54.47 2.67 111.42
N LYS JB 167 53.66 1.61 111.58
CA LYS JB 167 54.03 0.47 112.41
C LYS JB 167 55.05 -0.46 111.73
N THR JB 168 55.32 -0.21 110.46
CA THR JB 168 56.16 -1.10 109.65
C THR JB 168 57.61 -0.64 109.57
N THR JB 169 58.49 -1.24 110.39
CA THR JB 169 59.93 -0.95 110.41
C THR JB 169 60.52 -1.13 109.00
N VAL JB 170 61.82 -0.85 108.83
CA VAL JB 170 62.41 -0.98 107.49
C VAL JB 170 62.92 -2.38 107.21
N GLN JB 171 63.47 -3.04 108.22
CA GLN JB 171 63.94 -4.41 108.05
C GLN JB 171 62.79 -5.37 107.82
N VAL JB 172 61.59 -4.99 108.26
CA VAL JB 172 60.40 -5.81 108.07
C VAL JB 172 59.93 -5.71 106.62
N ALA JB 173 59.88 -4.49 106.11
CA ALA JB 173 59.52 -4.24 104.72
C ALA JB 173 60.48 -4.99 103.78
N GLU JB 174 61.78 -4.79 103.97
CA GLU JB 174 62.78 -5.47 103.15
C GLU JB 174 62.66 -7.00 103.24
N GLU JB 175 62.48 -7.52 104.45
CA GLU JB 175 62.30 -8.96 104.62
C GLU JB 175 61.10 -9.44 103.83
N ALA JB 176 60.02 -8.67 103.86
CA ALA JB 176 58.79 -9.06 103.19
C ALA JB 176 58.92 -8.96 101.68
N ILE JB 177 59.62 -7.94 101.22
CA ILE JB 177 59.87 -7.73 99.77
C ILE JB 177 60.77 -8.84 99.22
N VAL JB 178 61.84 -9.18 99.95
CA VAL JB 178 62.71 -10.28 99.54
C VAL JB 178 61.99 -11.63 99.48
N ASN JB 179 61.08 -11.86 100.42
CA ASN JB 179 60.28 -13.07 100.40
C ASN JB 179 59.51 -13.16 99.10
N ALA JB 180 58.70 -12.13 98.84
CA ALA JB 180 57.94 -12.07 97.61
C ALA JB 180 58.77 -12.39 96.37
N MET JB 181 60.02 -11.94 96.34
CA MET JB 181 60.85 -12.15 95.14
C MET JB 181 61.23 -13.61 95.02
N ARG JB 182 61.49 -14.24 96.16
CA ARG JB 182 61.70 -15.68 96.19
C ARG JB 182 60.46 -16.40 95.63
N VAL JB 183 59.30 -16.13 96.23
CA VAL JB 183 58.07 -16.75 95.77
C VAL JB 183 57.84 -16.51 94.27
N LEU JB 184 58.21 -15.33 93.78
CA LEU JB 184 58.06 -15.04 92.36
C LEU JB 184 58.90 -15.98 91.49
N TYR JB 185 59.99 -16.47 92.06
CA TYR JB 185 60.95 -17.29 91.31
C TYR JB 185 60.64 -18.79 91.41
N TYR JB 186 59.88 -19.14 92.45
CA TYR JB 186 59.28 -20.47 92.56
C TYR JB 186 58.27 -20.66 91.43
N ARG JB 187 57.44 -19.63 91.23
CA ARG JB 187 56.21 -19.76 90.44
C ARG JB 187 56.09 -18.94 89.14
N ASP JB 188 56.96 -17.95 88.93
CA ASP JB 188 56.94 -17.16 87.68
C ASP JB 188 57.98 -17.74 86.70
N ALA JB 189 57.52 -18.13 85.53
CA ALA JB 189 58.34 -18.82 84.56
C ALA JB 189 59.24 -17.87 83.77
N ARG JB 190 58.89 -16.58 83.74
CA ARG JB 190 59.65 -15.56 83.01
C ARG JB 190 60.50 -14.70 83.98
N SER JB 191 61.00 -15.34 85.05
CA SER JB 191 61.74 -14.68 86.14
C SER JB 191 63.21 -15.10 86.28
N SER JB 192 64.00 -14.19 86.82
CA SER JB 192 65.42 -14.46 87.07
C SER JB 192 65.66 -14.60 88.55
N ARG JB 193 66.73 -15.29 88.91
CA ARG JB 193 67.18 -15.34 90.30
C ARG JB 193 67.87 -14.04 90.71
N ASN JB 194 68.44 -13.34 89.74
CA ASN JB 194 69.13 -12.06 89.98
C ASN JB 194 68.17 -10.88 89.99
N PHE JB 195 68.13 -10.13 91.07
CA PHE JB 195 67.31 -8.91 91.09
C PHE JB 195 67.99 -7.70 91.76
N SER JB 196 67.38 -6.54 91.58
CA SER JB 196 67.85 -5.30 92.19
C SER JB 196 66.75 -4.72 93.08
N LEU JB 197 67.15 -4.09 94.17
CA LEU JB 197 66.20 -3.59 95.15
C LEU JB 197 66.68 -2.23 95.63
N ALA JB 198 65.78 -1.26 95.65
CA ALA JB 198 66.16 0.07 96.10
C ALA JB 198 65.27 0.53 97.25
N ILE JB 199 65.90 1.07 98.28
CA ILE JB 199 65.20 1.68 99.39
C ILE JB 199 65.39 3.19 99.36
N ILE JB 200 64.34 3.91 99.75
CA ILE JB 200 64.33 5.37 99.69
C ILE JB 200 63.79 5.95 100.99
N ASP JB 201 64.66 6.02 102.00
CA ASP JB 201 64.27 6.51 103.33
C ASP JB 201 64.29 8.04 103.37
N LYS JB 202 63.43 8.63 104.20
CA LYS JB 202 63.43 10.07 104.36
C LYS JB 202 64.62 10.50 105.24
N ASN JB 203 65.38 9.52 105.73
CA ASN JB 203 66.54 9.79 106.57
C ASN JB 203 67.88 9.39 105.91
N THR JB 204 67.95 8.15 105.40
CA THR JB 204 69.15 7.58 104.77
C THR JB 204 69.33 7.81 103.27
N GLY JB 205 68.33 8.41 102.63
CA GLY JB 205 68.38 8.70 101.21
C GLY JB 205 68.21 7.46 100.34
N LEU JB 206 68.81 7.50 99.15
CA LEU JB 206 68.70 6.40 98.18
C LEU JB 206 69.74 5.31 98.38
N THR JB 207 69.25 4.13 98.71
CA THR JB 207 70.11 2.99 98.92
C THR JB 207 69.79 1.94 97.86
N PHE JB 208 70.68 1.82 96.89
CA PHE JB 208 70.39 1.05 95.69
C PHE JB 208 71.26 -0.20 95.66
N LYS JB 209 70.63 -1.35 95.83
CA LYS JB 209 71.35 -2.63 95.87
C LYS JB 209 71.28 -3.39 94.54
N LYS JB 210 72.43 -3.51 93.88
CA LYS JB 210 72.50 -4.24 92.61
C LYS JB 210 72.89 -5.69 92.88
N ASN JB 211 72.65 -6.55 91.91
CA ASN JB 211 73.19 -7.91 91.93
C ASN JB 211 72.85 -8.78 93.14
N LEU JB 212 71.59 -8.76 93.55
CA LEU JB 212 71.13 -9.61 94.64
C LEU JB 212 70.77 -11.01 94.14
N GLN JB 213 70.56 -11.92 95.09
CA GLN JB 213 70.12 -13.27 94.74
C GLN JB 213 69.13 -13.85 95.76
N VAL JB 214 68.14 -14.53 95.22
CA VAL JB 214 67.20 -15.28 96.04
C VAL JB 214 67.96 -16.38 96.78
N GLU JB 215 67.90 -16.35 98.11
CA GLU JB 215 68.58 -17.34 98.95
C GLU JB 215 67.57 -18.19 99.74
N ASN JB 216 68.08 -19.21 100.43
CA ASN JB 216 67.28 -20.01 101.35
C ASN JB 216 66.02 -20.56 100.71
N MET JB 217 66.16 -21.12 99.51
CA MET JB 217 65.04 -21.81 98.87
C MET JB 217 64.81 -23.17 99.51
N LYS JB 218 63.55 -23.57 99.59
CA LYS JB 218 63.20 -24.88 100.13
C LYS JB 218 62.83 -25.77 98.95
N TRP JB 219 63.72 -26.69 98.60
CA TRP JB 219 63.37 -27.75 97.64
C TRP JB 219 63.68 -29.12 98.17
N ASP JB 220 63.94 -29.28 99.48
CA ASP JB 220 64.31 -30.61 99.94
C ASP JB 220 63.22 -31.64 99.59
N PHE JB 221 61.96 -31.24 99.77
CA PHE JB 221 60.83 -32.16 99.63
C PHE JB 221 60.63 -32.76 98.25
N ALA JB 222 61.32 -32.26 97.24
CA ALA JB 222 61.10 -32.79 95.89
C ALA JB 222 61.54 -34.25 95.77
N LYS JB 223 62.50 -34.65 96.60
CA LYS JB 223 63.03 -36.02 96.57
C LYS JB 223 61.93 -37.06 96.82
N ASP JB 224 60.99 -36.70 97.70
CA ASP JB 224 59.89 -37.56 98.15
C ASP JB 224 58.70 -37.57 97.16
N ILE JB 225 58.87 -36.91 96.04
CA ILE JB 225 57.80 -36.83 95.07
C ILE JB 225 58.11 -37.77 93.93
N LYS JB 226 57.34 -38.84 93.83
CA LYS JB 226 57.47 -39.71 92.68
C LYS JB 226 56.14 -40.00 91.99
N GLY JB 227 56.19 -40.12 90.67
CA GLY JB 227 55.03 -40.49 89.88
C GLY JB 227 54.05 -39.36 89.77
N TYR JB 228 52.80 -39.70 89.60
CA TYR JB 228 51.76 -38.71 89.50
C TYR JB 228 50.45 -39.30 89.99
N GLY JB 229 50.56 -40.22 90.93
CA GLY JB 229 49.40 -40.85 91.50
C GLY JB 229 49.71 -42.25 91.96
N THR JB 230 49.64 -43.18 91.00
CA THR JB 230 49.76 -44.61 91.25
C THR JB 230 51.20 -45.02 91.56
N GLN JB 231 52.14 -44.40 90.84
CA GLN JB 231 53.54 -44.79 90.93
C GLN JB 231 54.13 -44.78 92.35
N LYS JB 232 54.97 -45.79 92.65
CA LYS JB 232 55.61 -45.91 93.97
C LYS JB 232 57.15 -45.74 93.96
N ILE JB 233 57.79 -46.21 92.88
CA ILE JB 233 59.25 -46.19 92.81
C ILE JB 233 59.83 -44.82 92.43
N THR KB 1 -17.37 -130.62 124.47
CA THR KB 1 -17.30 -132.06 124.76
C THR KB 1 -16.85 -132.84 123.54
N SER KB 2 -17.75 -133.68 123.06
CA SER KB 2 -17.55 -134.35 121.78
C SER KB 2 -18.56 -133.74 120.82
N LEU KB 3 -19.16 -132.63 121.25
CA LEU KB 3 -20.02 -131.86 120.36
C LEU KB 3 -19.19 -131.45 119.14
N LEU KB 4 -17.89 -131.34 119.37
CA LEU KB 4 -16.94 -130.99 118.33
C LEU KB 4 -16.91 -132.08 117.27
N ASN KB 5 -16.84 -133.33 117.73
CA ASN KB 5 -16.61 -134.48 116.86
C ASN KB 5 -17.76 -134.82 115.91
N GLU KB 6 -18.97 -134.34 116.23
CA GLU KB 6 -20.12 -134.61 115.37
C GLU KB 6 -20.32 -133.49 114.35
N ARG KB 7 -19.70 -132.33 114.62
CA ARG KB 7 -19.66 -131.24 113.66
C ARG KB 7 -18.65 -131.54 112.55
N LEU KB 8 -17.51 -132.10 112.95
CA LEU KB 8 -16.50 -132.58 112.00
C LEU KB 8 -17.06 -133.67 111.07
N GLN KB 9 -17.95 -134.50 111.59
CA GLN KB 9 -18.57 -135.56 110.80
C GLN KB 9 -19.47 -135.01 109.69
N HIS KB 10 -20.09 -133.87 109.95
CA HIS KB 10 -21.00 -133.25 108.97
C HIS KB 10 -20.18 -132.42 107.97
N TYR KB 11 -19.07 -131.87 108.44
CA TYR KB 11 -18.18 -131.09 107.57
C TYR KB 11 -17.14 -131.97 106.90
N THR KB 12 -17.33 -133.28 106.98
CA THR KB 12 -16.44 -134.23 106.32
C THR KB 12 -14.99 -133.97 106.73
N LEU KB 13 -14.80 -133.59 108.00
CA LEU KB 13 -13.48 -133.22 108.52
C LEU KB 13 -12.95 -134.18 109.60
N ASP KB 14 -13.62 -135.32 109.79
CA ASP KB 14 -13.13 -136.37 110.69
C ASP KB 14 -11.98 -137.16 110.04
N TYR KB 15 -10.77 -136.66 110.18
CA TYR KB 15 -9.62 -137.21 109.48
C TYR KB 15 -9.04 -138.43 110.17
N VAL KB 16 -8.43 -139.30 109.37
CA VAL KB 16 -7.69 -140.44 109.88
C VAL KB 16 -6.54 -139.95 110.75
N SER KB 17 -6.59 -140.25 112.04
CA SER KB 17 -5.62 -139.72 113.01
C SER KB 17 -4.14 -139.84 112.60
N ASP KB 18 -3.82 -140.81 111.73
CA ASP KB 18 -2.43 -141.04 111.32
C ASP KB 18 -2.07 -140.30 110.02
N ARG KB 19 -1.00 -139.50 110.07
CA ARG KB 19 -0.63 -138.70 108.90
C ARG KB 19 -0.34 -139.59 107.70
N ALA KB 20 0.43 -140.65 107.93
CA ALA KB 20 0.76 -141.60 106.86
C ALA KB 20 -0.40 -141.82 105.89
N GLN KB 21 -1.53 -142.32 106.43
CA GLN KB 21 -2.68 -142.67 105.60
C GLN KB 21 -3.62 -141.52 105.29
N HIS KB 22 -3.49 -140.42 106.04
CA HIS KB 22 -4.22 -139.21 105.70
C HIS KB 22 -3.67 -138.54 104.44
N MET KB 23 -2.34 -138.45 104.34
CA MET KB 23 -1.69 -137.84 103.18
C MET KB 23 -1.76 -138.76 101.95
N LYS KB 24 -2.18 -140.00 102.15
CA LYS KB 24 -2.50 -140.88 101.04
C LYS KB 24 -3.96 -140.67 100.67
N ASN KB 25 -4.83 -140.70 101.70
CA ASN KB 25 -6.27 -140.45 101.59
C ASN KB 25 -6.62 -139.15 100.85
N ILE KB 26 -5.93 -138.08 101.20
CA ILE KB 26 -6.26 -136.74 100.73
C ILE KB 26 -6.18 -136.63 99.20
N TYR KB 27 -5.42 -137.54 98.58
CA TYR KB 27 -5.24 -137.57 97.12
C TYR KB 27 -5.94 -138.77 96.44
N ASP KB 28 -6.76 -139.50 97.20
CA ASP KB 28 -7.46 -140.69 96.69
C ASP KB 28 -8.94 -140.40 96.39
N PRO KB 29 -9.30 -140.38 95.10
CA PRO KB 29 -10.65 -140.01 94.62
C PRO KB 29 -11.78 -140.83 95.22
N SER KB 30 -11.55 -142.13 95.42
CA SER KB 30 -12.55 -143.02 95.99
C SER KB 30 -12.53 -143.02 97.53
N SER KB 31 -11.80 -142.08 98.11
CA SER KB 31 -11.75 -141.94 99.56
C SER KB 31 -12.83 -140.95 100.03
N ARG KB 32 -13.11 -140.98 101.33
CA ARG KB 32 -14.12 -140.09 101.91
C ARG KB 32 -13.61 -138.66 102.02
N TRP KB 33 -12.28 -138.52 102.14
CA TRP KB 33 -11.63 -137.23 102.34
C TRP KB 33 -10.76 -136.81 101.15
N PHE KB 34 -11.28 -137.05 99.95
CA PHE KB 34 -10.68 -136.56 98.73
C PHE KB 34 -10.56 -135.03 98.82
N SER KB 35 -9.38 -134.49 98.55
CA SER KB 35 -9.15 -133.04 98.69
C SER KB 35 -8.46 -132.37 97.47
N ARG KB 36 -7.49 -133.06 96.88
CA ARG KB 36 -6.76 -132.64 95.68
C ARG KB 36 -6.56 -133.83 94.75
N SER KB 37 -6.49 -133.57 93.44
CA SER KB 37 -6.22 -134.64 92.49
C SER KB 37 -4.72 -134.75 92.17
N VAL KB 38 -3.95 -133.71 92.46
CA VAL KB 38 -2.52 -133.70 92.13
C VAL KB 38 -1.62 -133.38 93.31
N ARG KB 39 -0.57 -134.19 93.46
CA ARG KB 39 0.42 -134.00 94.52
C ARG KB 39 1.35 -132.88 94.11
N PRO KB 40 1.51 -131.87 94.97
CA PRO KB 40 2.41 -130.76 94.66
C PRO KB 40 3.82 -131.33 94.41
N GLU KB 41 4.45 -130.91 93.32
CA GLU KB 41 5.81 -131.36 93.00
C GLU KB 41 6.80 -130.74 93.98
N PHE KB 42 6.41 -129.60 94.53
CA PHE KB 42 7.20 -128.89 95.52
C PHE KB 42 6.32 -128.62 96.73
N PRO KB 43 6.30 -129.56 97.70
CA PRO KB 43 5.44 -129.49 98.88
C PRO KB 43 6.07 -128.58 99.93
N ILE KB 44 5.87 -127.27 99.83
CA ILE KB 44 6.71 -126.31 100.55
C ILE KB 44 6.78 -126.53 102.08
N GLU KB 45 5.65 -126.82 102.71
CA GLU KB 45 5.60 -126.92 104.17
C GLU KB 45 6.54 -128.00 104.79
N GLU KB 46 6.97 -128.97 103.99
CA GLU KB 46 7.86 -130.04 104.49
C GLU KB 46 9.31 -129.56 104.61
N PHE KB 47 9.66 -128.59 103.78
CA PHE KB 47 11.02 -128.02 103.77
C PHE KB 47 11.27 -127.03 104.90
N LEU KB 48 10.20 -126.62 105.59
CA LEU KB 48 10.31 -125.95 106.88
C LEU KB 48 11.11 -126.81 107.89
N PRO KB 49 12.00 -126.17 108.66
CA PRO KB 49 12.96 -126.79 109.61
C PRO KB 49 12.32 -127.12 110.95
N TYR KB 50 11.00 -127.05 111.01
CA TYR KB 50 10.25 -127.42 112.21
C TYR KB 50 8.99 -128.19 111.83
N LYS KB 51 8.27 -128.66 112.84
CA LYS KB 51 7.02 -129.34 112.55
C LYS KB 51 5.89 -128.32 112.41
N THR KB 52 5.17 -128.46 111.30
CA THR KB 52 3.94 -127.73 111.04
C THR KB 52 2.90 -128.22 112.04
N GLU KB 53 1.76 -127.53 112.14
CA GLU KB 53 0.67 -128.01 113.00
C GLU KB 53 0.11 -129.34 112.53
N SER KB 54 -0.59 -130.05 113.42
CA SER KB 54 -1.20 -131.33 113.07
C SER KB 54 -2.27 -131.13 112.00
N HIS KB 55 -2.32 -132.05 111.04
CA HIS KB 55 -3.38 -132.03 110.04
C HIS KB 55 -4.73 -132.12 110.75
N GLU KB 56 -4.72 -132.71 111.94
CA GLU KB 56 -5.90 -132.74 112.81
C GLU KB 56 -6.21 -131.34 113.30
N ASP KB 57 -5.17 -130.64 113.74
CA ASP KB 57 -5.29 -129.27 114.27
C ASP KB 57 -5.81 -128.29 113.22
N GLN KB 58 -5.40 -128.49 111.97
CA GLN KB 58 -5.92 -127.70 110.86
C GLN KB 58 -7.43 -127.86 110.80
N ALA KB 59 -7.91 -129.09 110.98
CA ALA KB 59 -9.34 -129.40 110.94
C ALA KB 59 -10.10 -128.79 112.10
N LYS KB 60 -9.54 -128.92 113.31
CA LYS KB 60 -10.16 -128.33 114.50
C LYS KB 60 -10.46 -126.84 114.28
N TYR KB 61 -9.60 -126.15 113.52
CA TYR KB 61 -9.70 -124.69 113.32
C TYR KB 61 -10.68 -124.34 112.22
N LEU KB 62 -10.45 -124.93 111.05
CA LEU KB 62 -11.31 -124.76 109.90
C LEU KB 62 -12.76 -125.01 110.29
N CYS KB 63 -12.95 -125.75 111.38
CA CYS KB 63 -14.30 -126.01 111.86
C CYS KB 63 -14.85 -124.78 112.59
N HIS KB 64 -14.09 -124.24 113.54
CA HIS KB 64 -14.55 -123.06 114.27
C HIS KB 64 -14.79 -121.91 113.33
N VAL KB 65 -14.11 -121.94 112.19
CA VAL KB 65 -14.33 -120.94 111.16
C VAL KB 65 -15.66 -121.22 110.45
N LEU KB 66 -15.84 -122.46 110.00
CA LEU KB 66 -17.06 -122.83 109.27
C LEU KB 66 -18.32 -122.61 110.11
N VAL KB 67 -18.25 -122.98 111.37
CA VAL KB 67 -19.40 -122.83 112.26
C VAL KB 67 -19.76 -121.35 112.51
N ASN KB 68 -18.76 -120.52 112.80
CA ASN KB 68 -18.97 -119.10 113.03
C ASN KB 68 -19.31 -118.31 111.76
N LEU KB 69 -18.82 -118.79 110.62
CA LEU KB 69 -19.20 -118.23 109.33
C LEU KB 69 -20.67 -118.52 109.05
N TYR KB 70 -21.13 -119.73 109.44
CA TYR KB 70 -22.53 -120.11 109.25
C TYR KB 70 -23.44 -119.19 110.05
N ILE KB 71 -23.08 -118.97 111.31
CA ILE KB 71 -23.83 -118.06 112.17
C ILE KB 71 -23.85 -116.66 111.55
N ALA KB 72 -22.66 -116.18 111.19
CA ALA KB 72 -22.50 -114.85 110.63
C ALA KB 72 -23.38 -114.63 109.40
N ILE KB 73 -23.39 -115.59 108.46
CA ILE KB 73 -24.15 -115.45 107.22
C ILE KB 73 -25.68 -115.60 107.39
N SER KB 74 -26.10 -116.29 108.44
CA SER KB 74 -27.53 -116.56 108.62
C SER KB 74 -28.21 -115.55 109.55
N SER KB 75 -27.42 -114.62 110.07
CA SER KB 75 -27.93 -113.57 110.97
C SER KB 75 -28.08 -112.20 110.28
N LEU KB 76 -27.15 -111.85 109.38
CA LEU KB 76 -27.38 -110.81 108.35
C LEU KB 76 -26.82 -109.35 108.60
N ASN LB 1 -19.98 -111.45 113.09
CA ASN LB 1 -19.66 -110.66 111.87
C ASN LB 1 -19.14 -111.42 110.62
N VAL LB 2 -19.82 -111.23 109.48
CA VAL LB 2 -19.51 -112.01 108.25
C VAL LB 2 -18.14 -111.79 107.65
N ASN LB 3 -17.84 -110.54 107.30
CA ASN LB 3 -16.63 -110.21 106.54
C ASN LB 3 -15.34 -110.73 107.15
N HIS LB 4 -15.29 -110.81 108.48
CA HIS LB 4 -14.08 -111.27 109.14
C HIS LB 4 -13.77 -112.72 108.85
N TRP LB 5 -14.76 -113.58 109.10
CA TRP LB 5 -14.60 -115.01 108.91
C TRP LB 5 -14.32 -115.35 107.47
N THR LB 6 -15.05 -114.71 106.57
CA THR LB 6 -14.85 -114.89 105.15
C THR LB 6 -13.37 -114.71 104.81
N ASN LB 7 -12.66 -114.00 105.67
CA ASN LB 7 -11.22 -113.81 105.51
C ASN LB 7 -10.39 -114.93 106.16
N GLU LB 8 -10.64 -115.22 107.44
CA GLU LB 8 -9.89 -116.30 108.11
C GLU LB 8 -10.07 -117.61 107.33
N LEU LB 9 -11.15 -117.70 106.55
CA LEU LB 9 -11.34 -118.80 105.62
C LEU LB 9 -10.33 -118.72 104.48
N LYS LB 10 -10.29 -117.57 103.79
CA LYS LB 10 -9.27 -117.31 102.78
C LYS LB 10 -7.91 -117.81 103.29
N ASN LB 11 -7.60 -117.49 104.54
CA ASN LB 11 -6.36 -117.92 105.18
C ASN LB 11 -6.20 -119.44 105.29
N CYS LB 12 -7.32 -120.15 105.28
CA CYS LB 12 -7.34 -121.61 105.50
C CYS LB 12 -7.13 -122.43 104.24
N LEU LB 13 -7.29 -121.79 103.08
CA LEU LB 13 -7.08 -122.50 101.82
C LEU LB 13 -5.60 -122.90 101.66
N HIS LB 14 -4.72 -122.31 102.48
CA HIS LB 14 -3.28 -122.58 102.38
C HIS LB 14 -2.88 -124.05 102.70
N PHE LB 15 -3.68 -124.69 103.56
CA PHE LB 15 -3.66 -126.16 103.67
C PHE LB 15 -4.89 -126.71 102.95
N ASP LB 16 -5.14 -128.00 103.11
CA ASP LB 16 -6.14 -128.68 102.29
C ASP LB 16 -7.47 -129.01 102.96
N PHE LB 17 -8.44 -129.40 102.14
CA PHE LB 17 -9.69 -129.91 102.65
C PHE LB 17 -10.58 -130.53 101.57
N PRO LB 18 -11.43 -131.50 101.98
CA PRO LB 18 -12.30 -132.36 101.19
C PRO LB 18 -13.17 -131.66 100.15
N VAL LB 19 -13.14 -132.19 98.93
CA VAL LB 19 -13.96 -131.72 97.83
C VAL LB 19 -15.46 -131.77 98.16
N ALA LB 20 -15.83 -132.59 99.15
CA ALA LB 20 -17.23 -132.67 99.56
C ALA LB 20 -17.61 -131.43 100.36
N LEU LB 21 -16.59 -130.75 100.90
CA LEU LB 21 -16.78 -129.54 101.69
C LEU LB 21 -16.67 -128.28 100.82
N ARG LB 22 -15.88 -128.38 99.75
CA ARG LB 22 -15.91 -127.37 98.69
C ARG LB 22 -17.30 -127.27 98.07
N LYS LB 23 -17.91 -128.43 97.79
CA LYS LB 23 -19.29 -128.46 97.30
C LYS LB 23 -20.10 -127.52 98.16
N SER LB 24 -19.95 -127.69 99.48
CA SER LB 24 -20.65 -126.85 100.46
C SER LB 24 -20.21 -125.36 100.40
N LEU LB 25 -18.92 -125.12 100.62
CA LEU LB 25 -18.37 -123.75 100.63
C LEU LB 25 -18.72 -122.92 99.41
N ALA LB 26 -18.44 -123.47 98.22
CA ALA LB 26 -18.78 -122.80 96.97
C ALA LB 26 -20.25 -122.38 96.92
N THR LB 27 -21.14 -123.31 97.29
CA THR LB 27 -22.59 -123.05 97.28
C THR LB 27 -22.95 -121.86 98.17
N VAL LB 28 -22.24 -121.74 99.30
CA VAL LB 28 -22.42 -120.61 100.19
C VAL LB 28 -22.07 -119.28 99.48
N TYR LB 29 -20.89 -119.23 98.86
CA TYR LB 29 -20.39 -118.01 98.24
C TYR LB 29 -21.00 -117.68 96.89
N TYR LB 30 -21.59 -118.67 96.25
CA TYR LB 30 -22.28 -118.38 94.99
C TYR LB 30 -23.52 -117.55 95.30
N TYR LB 31 -24.30 -118.04 96.26
CA TYR LB 31 -25.56 -117.40 96.63
C TYR LB 31 -25.32 -116.18 97.51
N LEU LB 32 -24.18 -116.17 98.20
CA LEU LB 32 -23.84 -115.03 99.06
C LEU LB 32 -23.51 -113.82 98.22
N SER LB 33 -22.69 -114.02 97.20
CA SER LB 33 -22.30 -112.93 96.32
C SER LB 33 -23.52 -112.19 95.79
N LEU LB 34 -24.62 -112.93 95.59
CA LEU LB 34 -25.81 -112.38 94.92
C LEU LB 34 -26.87 -111.80 95.86
N VAL LB 35 -26.44 -111.40 97.05
CA VAL LB 35 -27.29 -110.70 98.00
C VAL LB 35 -27.76 -109.36 97.43
N GLN LB 36 -28.84 -108.81 98.01
CA GLN LB 36 -29.28 -107.45 97.72
C GLN LB 36 -29.96 -106.89 98.98
N GLY LB 37 -29.82 -105.59 99.23
CA GLY LB 37 -30.50 -104.98 100.36
C GLY LB 37 -29.61 -104.41 101.44
N GLN LB 38 -28.32 -104.74 101.40
CA GLN LB 38 -27.37 -104.12 102.34
C GLN LB 38 -25.98 -103.85 101.75
N LYS LB 39 -25.18 -103.13 102.53
CA LYS LB 39 -23.76 -102.94 102.29
C LYS LB 39 -23.10 -104.33 102.21
N VAL LB 40 -22.51 -104.63 101.06
CA VAL LB 40 -21.84 -105.92 100.86
C VAL LB 40 -20.46 -105.77 100.19
N TYR LB 41 -19.45 -106.41 100.79
CA TYR LB 41 -18.11 -106.43 100.20
C TYR LB 41 -18.02 -107.55 99.16
N ARG LB 42 -18.79 -107.39 98.07
CA ARG LB 42 -18.89 -108.36 96.97
C ARG LB 42 -17.55 -108.83 96.39
N GLN LB 43 -16.67 -107.89 96.03
CA GLN LB 43 -15.37 -108.23 95.45
C GLN LB 43 -14.72 -109.41 96.21
N MET LB 44 -15.00 -109.50 97.50
CA MET LB 44 -14.41 -110.52 98.37
C MET LB 44 -15.09 -111.88 98.16
N HIS LB 45 -16.42 -111.85 98.05
CA HIS LB 45 -17.24 -113.06 97.94
C HIS LB 45 -17.18 -113.70 96.56
N VAL LB 46 -17.15 -112.87 95.52
CA VAL LB 46 -16.95 -113.37 94.16
C VAL LB 46 -15.54 -113.96 94.05
N ASP LB 47 -14.60 -113.40 94.81
CA ASP LB 47 -13.21 -113.89 94.87
C ASP LB 47 -13.05 -115.18 95.67
N MET LB 48 -13.85 -115.36 96.71
CA MET LB 48 -13.86 -116.63 97.43
C MET LB 48 -14.30 -117.69 96.44
N PHE LB 49 -15.45 -117.44 95.83
CA PHE LB 49 -15.98 -118.36 94.85
C PHE LB 49 -14.95 -118.68 93.78
N GLU LB 50 -14.36 -117.63 93.19
CA GLU LB 50 -13.38 -117.84 92.13
C GLU LB 50 -12.11 -118.60 92.56
N ARG LB 51 -11.77 -118.57 93.86
CA ARG LB 51 -10.60 -119.28 94.34
C ARG LB 51 -10.98 -120.70 94.75
N LEU LB 52 -12.25 -120.88 95.10
CA LEU LB 52 -12.80 -122.18 95.50
C LEU LB 52 -13.04 -123.04 94.27
N VAL LB 53 -13.15 -122.39 93.13
CA VAL LB 53 -13.49 -123.05 91.88
C VAL LB 53 -12.26 -123.00 90.96
N SER LB 54 -11.14 -122.52 91.52
CA SER LB 54 -9.90 -122.32 90.76
C SER LB 54 -9.70 -123.47 89.77
N LEU LB 55 -9.22 -123.14 88.56
CA LEU LB 55 -9.04 -124.17 87.54
C LEU LB 55 -7.57 -124.63 87.46
N ASP LB 56 -6.73 -124.04 88.32
CA ASP LB 56 -5.31 -124.40 88.40
C ASP LB 56 -4.71 -124.09 89.78
N ASP LB 57 -5.30 -124.68 90.82
CA ASP LB 57 -4.76 -124.62 92.17
C ASP LB 57 -3.63 -125.65 92.29
N ASP LB 58 -2.45 -125.32 91.75
CA ASP LB 58 -1.33 -126.25 91.64
C ASP LB 58 -1.70 -127.49 90.81
N ARG LB 59 -1.92 -127.26 89.52
CA ARG LB 59 -2.23 -128.33 88.55
C ARG LB 59 -3.55 -129.07 88.81
N THR LB 60 -4.09 -128.95 90.02
CA THR LB 60 -5.38 -129.53 90.35
C THR LB 60 -6.48 -128.61 89.84
N GLN LB 61 -7.54 -129.16 89.25
CA GLN LB 61 -8.64 -128.32 88.81
C GLN LB 61 -9.92 -128.59 89.59
N PHE LB 62 -10.36 -127.57 90.32
CA PHE LB 62 -11.47 -127.75 91.25
C PHE LB 62 -12.86 -127.53 90.63
N THR LB 63 -12.91 -127.12 89.37
CA THR LB 63 -14.21 -127.02 88.71
C THR LB 63 -14.61 -128.40 88.20
N GLU LB 64 -13.62 -129.15 87.71
CA GLU LB 64 -13.86 -130.54 87.31
C GLU LB 64 -14.33 -131.35 88.51
N LEU LB 65 -13.57 -131.29 89.60
CA LEU LB 65 -13.83 -132.09 90.79
C LEU LB 65 -15.13 -131.67 91.49
N LEU LB 66 -15.57 -130.44 91.26
CA LEU LB 66 -16.85 -129.98 91.82
C LEU LB 66 -18.02 -130.35 90.91
N GLN LB 67 -17.78 -130.37 89.61
CA GLN LB 67 -18.76 -130.91 88.68
C GLN LB 67 -18.99 -132.37 89.06
N LYS LB 68 -17.91 -133.16 89.07
CA LYS LB 68 -17.98 -134.58 89.43
C LYS LB 68 -18.52 -134.85 90.85
N GLN LB 69 -18.40 -133.89 91.75
CA GLN LB 69 -18.91 -134.07 93.12
C GLN LB 69 -20.31 -133.49 93.39
N GLY LB 70 -21.10 -133.33 92.34
CA GLY LB 70 -22.52 -132.99 92.46
C GLY LB 70 -22.87 -131.55 92.86
N LEU LB 71 -22.17 -130.58 92.29
CA LEU LB 71 -22.49 -129.19 92.55
C LEU LB 71 -23.42 -128.69 91.44
N LEU LB 72 -24.50 -128.03 91.86
CA LEU LB 72 -25.43 -127.43 90.92
C LEU LB 72 -25.97 -126.11 91.48
N LEU LB 73 -25.90 -125.07 90.65
CA LEU LB 73 -26.28 -123.72 91.07
C LEU LB 73 -27.41 -123.13 90.20
N ASP LB 74 -28.28 -122.36 90.85
CA ASP LB 74 -29.45 -121.77 90.21
C ASP LB 74 -29.03 -120.69 89.21
N HIS LB 75 -29.46 -120.79 87.97
CA HIS LB 75 -29.10 -119.77 86.99
C HIS LB 75 -30.10 -118.61 87.00
N GLN LB 76 -31.33 -118.87 87.43
CA GLN LB 76 -32.36 -117.83 87.45
C GLN LB 76 -31.97 -116.66 88.35
N ILE LB 77 -31.30 -116.94 89.47
CA ILE LB 77 -30.90 -115.87 90.38
C ILE LB 77 -29.89 -114.96 89.71
N MET LB 78 -28.93 -115.57 89.00
CA MET LB 78 -27.86 -114.81 88.38
C MET LB 78 -28.39 -113.99 87.22
N LEU LB 79 -29.07 -114.64 86.30
CA LEU LB 79 -29.64 -113.92 85.15
C LEU LB 79 -30.66 -112.86 85.58
N ASN LB 80 -31.41 -113.13 86.64
CA ASN LB 80 -32.41 -112.19 87.14
C ASN LB 80 -31.82 -110.88 87.63
N PHE LB 81 -30.58 -110.95 88.08
CA PHE LB 81 -29.85 -109.79 88.58
C PHE LB 81 -29.27 -109.02 87.38
N LEU LB 82 -28.50 -109.73 86.56
CA LEU LB 82 -27.90 -109.16 85.37
C LEU LB 82 -28.95 -108.55 84.46
N CYS LB 83 -30.23 -108.77 84.76
CA CYS LB 83 -31.30 -108.24 83.93
C CYS LB 83 -31.96 -107.00 84.51
N GLU LB 84 -31.58 -106.62 85.72
CA GLU LB 84 -32.04 -105.36 86.30
C GLU LB 84 -31.38 -104.23 85.53
N PHE LB 85 -30.31 -104.61 84.81
CA PHE LB 85 -29.54 -103.69 83.96
C PHE LB 85 -30.20 -103.48 82.59
N LEU LB 86 -31.47 -103.86 82.49
CA LEU LB 86 -32.24 -103.60 81.28
C LEU LB 86 -33.22 -102.45 81.53
N PRO LB 87 -33.66 -101.81 80.44
CA PRO LB 87 -34.61 -100.71 80.54
C PRO LB 87 -35.91 -101.10 81.27
N TYR LB 88 -36.00 -100.81 82.56
CA TYR LB 88 -37.24 -101.00 83.31
C TYR LB 88 -38.18 -99.84 83.00
N PRO LB 89 -39.41 -100.13 82.51
CA PRO LB 89 -40.33 -99.03 82.17
C PRO LB 89 -40.56 -98.13 83.41
N ASP LB 90 -41.20 -96.98 83.23
CA ASP LB 90 -41.28 -96.00 84.31
C ASP LB 90 -39.89 -95.66 84.84
N PRO LB 91 -39.26 -94.63 84.25
CA PRO LB 91 -37.92 -94.15 84.61
C PRO LB 91 -37.75 -93.98 86.11
N ASP LB 92 -38.82 -93.58 86.81
CA ASP LB 92 -38.76 -93.35 88.25
C ASP LB 92 -38.21 -94.53 89.07
N TYR LB 93 -38.09 -95.70 88.44
CA TYR LB 93 -37.63 -96.90 89.16
C TYR LB 93 -36.34 -97.55 88.66
N ALA LB 94 -36.02 -97.41 87.37
CA ALA LB 94 -34.77 -97.92 86.84
C ALA LB 94 -33.62 -97.54 87.79
N ARG LB 95 -32.92 -98.55 88.29
CA ARG LB 95 -31.90 -98.33 89.32
C ARG LB 95 -30.49 -98.35 88.74
N TYR LB 96 -30.28 -99.17 87.72
CA TYR LB 96 -28.96 -99.34 87.14
C TYR LB 96 -28.88 -98.73 85.72
N GLU LB 97 -27.87 -97.88 85.53
CA GLU LB 97 -27.56 -97.30 84.23
C GLU LB 97 -26.07 -97.51 83.98
N LEU LB 98 -25.72 -98.10 82.83
CA LEU LB 98 -24.32 -98.21 82.46
C LEU LB 98 -23.80 -96.79 82.34
N SER LB 99 -22.58 -96.63 81.86
CA SER LB 99 -21.97 -95.30 81.72
C SER LB 99 -21.38 -94.79 83.03
N SER LB 100 -22.17 -94.82 84.11
CA SER LB 100 -21.76 -94.23 85.39
C SER LB 100 -21.01 -95.22 86.32
N LYS LB 101 -19.70 -95.29 86.14
CA LYS LB 101 -18.80 -96.20 86.90
C LYS LB 101 -19.42 -97.08 88.00
N GLU LB 102 -19.87 -96.47 89.09
CA GLU LB 102 -20.45 -97.22 90.21
C GLU LB 102 -21.38 -98.36 89.79
N ASP LB 103 -22.10 -98.15 88.69
CA ASP LB 103 -23.00 -99.16 88.17
C ASP LB 103 -22.29 -100.15 87.25
N LEU LB 104 -21.64 -99.64 86.20
CA LEU LB 104 -20.90 -100.49 85.25
C LEU LB 104 -19.95 -101.44 85.98
N GLN LB 105 -19.51 -101.04 87.18
CA GLN LB 105 -18.50 -101.78 87.93
C GLN LB 105 -19.08 -102.98 88.65
N LEU LB 106 -20.35 -102.87 89.04
CA LEU LB 106 -21.09 -103.99 89.59
C LEU LB 106 -21.35 -105.00 88.47
N PHE LB 107 -21.92 -104.49 87.37
CA PHE LB 107 -22.24 -105.30 86.19
C PHE LB 107 -21.04 -106.14 85.74
N ARG LB 108 -19.87 -105.51 85.75
CA ARG LB 108 -18.64 -106.18 85.33
C ARG LB 108 -18.28 -107.30 86.30
N LEU LB 109 -18.84 -107.22 87.52
CA LEU LB 109 -18.54 -108.18 88.56
C LEU LB 109 -19.49 -109.38 88.49
N LEU LB 110 -20.78 -109.09 88.44
CA LEU LB 110 -21.79 -110.12 88.23
C LEU LB 110 -21.41 -110.95 87.02
N LEU LB 111 -21.11 -110.26 85.92
CA LEU LB 111 -20.68 -110.91 84.69
C LEU LB 111 -19.48 -111.83 84.91
N LYS LB 112 -18.56 -111.39 85.76
CA LYS LB 112 -17.36 -112.18 86.10
C LYS LB 112 -17.77 -113.38 86.95
N HIS LB 113 -18.65 -113.15 87.92
CA HIS LB 113 -19.12 -114.21 88.79
C HIS LB 113 -19.83 -115.28 87.99
N ALA LB 114 -20.77 -114.87 87.15
CA ALA LB 114 -21.46 -115.81 86.28
C ALA LB 114 -20.47 -116.67 85.47
N HIS LB 115 -19.51 -116.04 84.79
CA HIS LB 115 -18.50 -116.80 84.03
C HIS LB 115 -17.92 -117.91 84.89
N ASN LB 116 -17.75 -117.60 86.19
CA ASN LB 116 -17.22 -118.55 87.19
C ASN LB 116 -18.15 -119.75 87.47
N ALA LB 117 -19.45 -119.47 87.59
CA ALA LB 117 -20.44 -120.48 87.91
C ALA LB 117 -21.27 -120.91 86.70
N LYS LB 118 -20.66 -120.80 85.51
CA LYS LB 118 -21.27 -121.25 84.26
C LYS LB 118 -21.28 -122.79 84.17
N PRO LB 119 -20.21 -123.43 84.68
CA PRO LB 119 -20.08 -124.89 84.55
C PRO LB 119 -20.97 -125.68 85.51
N PHE LB 120 -21.65 -124.98 86.42
CA PHE LB 120 -22.48 -125.65 87.43
C PHE LB 120 -23.97 -125.42 87.16
N PHE LB 121 -24.28 -125.03 85.93
CA PHE LB 121 -25.66 -124.98 85.48
C PHE LB 121 -26.03 -126.34 84.91
N ASP LB 122 -27.14 -126.89 85.38
CA ASP LB 122 -27.52 -128.28 85.11
C ASP LB 122 -27.33 -128.72 83.65
N LYS LB 123 -26.25 -129.47 83.40
CA LYS LB 123 -26.03 -130.08 82.08
C LYS LB 123 -27.26 -130.87 81.66
N SER LB 124 -28.13 -131.19 82.63
CA SER LB 124 -29.25 -132.12 82.43
C SER LB 124 -30.60 -131.44 82.15
N LYS LB 125 -30.75 -130.17 82.53
CA LYS LB 125 -31.95 -129.41 82.20
C LYS LB 125 -31.88 -129.00 80.72
N GLU LB 126 -32.17 -129.97 79.84
CA GLU LB 126 -31.95 -129.84 78.40
C GLU LB 126 -32.43 -128.50 77.83
N SER LB 127 -33.60 -128.07 78.31
CA SER LB 127 -34.18 -126.81 77.87
C SER LB 127 -33.75 -125.66 78.79
N LEU LB 128 -32.51 -125.69 79.24
CA LEU LB 128 -31.95 -124.54 79.94
C LEU LB 128 -31.22 -123.69 78.92
N LEU LB 129 -30.50 -124.35 78.01
CA LEU LB 129 -29.86 -123.61 76.95
C LEU LB 129 -30.93 -122.82 76.19
N VAL LB 130 -31.74 -123.55 75.42
CA VAL LB 130 -32.69 -122.92 74.50
C VAL LB 130 -33.63 -121.89 75.14
N ASP LB 131 -34.04 -122.16 76.38
CA ASP LB 131 -34.93 -121.26 77.11
C ASP LB 131 -34.28 -119.89 77.34
N THR LB 132 -33.00 -119.94 77.71
CA THR LB 132 -32.27 -118.74 78.09
C THR LB 132 -31.95 -117.83 76.89
N MET LB 133 -31.58 -118.42 75.76
CA MET LB 133 -31.34 -117.65 74.53
C MET LB 133 -32.64 -117.05 73.97
N ASN LB 134 -33.67 -117.88 73.87
CA ASN LB 134 -34.97 -117.42 73.36
C ASN LB 134 -35.52 -116.24 74.17
N PHE LB 135 -34.81 -115.90 75.24
CA PHE LB 135 -35.19 -114.82 76.11
C PHE LB 135 -34.28 -113.61 75.90
N LEU LB 136 -32.97 -113.84 76.01
CA LEU LB 136 -31.99 -112.79 75.77
C LEU LB 136 -32.15 -112.19 74.36
N LEU LB 137 -32.36 -113.07 73.37
CA LEU LB 137 -32.58 -112.69 71.97
C LEU LB 137 -33.73 -111.69 71.79
N SER LB 138 -34.89 -112.05 72.32
CA SER LB 138 -36.05 -111.17 72.26
C SER LB 138 -35.76 -109.81 72.92
N SER LB 139 -34.75 -109.78 73.78
CA SER LB 139 -34.36 -108.58 74.55
C SER LB 139 -33.36 -107.72 73.79
N LEU LB 140 -32.85 -108.25 72.69
CA LEU LB 140 -31.82 -107.55 71.95
C LEU LB 140 -32.43 -106.47 71.07
N ALA LB 141 -31.92 -105.25 71.26
CA ALA LB 141 -32.25 -104.10 70.44
C ALA LB 141 -31.12 -103.10 70.68
N PRO LB 142 -30.90 -102.17 69.72
CA PRO LB 142 -29.80 -101.20 69.80
C PRO LB 142 -29.53 -100.67 71.23
N SER LB 143 -30.58 -100.49 72.03
CA SER LB 143 -30.48 -99.90 73.37
C SER LB 143 -30.09 -100.90 74.48
N THR LB 144 -29.88 -102.14 74.04
CA THR LB 144 -29.62 -103.25 74.94
C THR LB 144 -28.34 -103.93 74.51
N MET LB 145 -28.04 -103.82 73.21
CA MET LB 145 -26.75 -104.21 72.64
C MET LB 145 -25.65 -104.28 73.70
N MET LB 146 -25.49 -103.19 74.44
CA MET LB 146 -24.37 -103.05 75.37
C MET LB 146 -24.43 -103.96 76.59
N ALA LB 147 -25.64 -104.29 77.03
CA ALA LB 147 -25.82 -105.08 78.23
C ALA LB 147 -26.14 -106.56 77.94
N VAL LB 148 -26.82 -106.81 76.82
CA VAL LB 148 -27.16 -108.17 76.43
C VAL LB 148 -25.94 -109.02 76.03
N MET LB 149 -25.24 -108.59 74.97
CA MET LB 149 -24.07 -109.33 74.47
C MET LB 149 -23.13 -109.90 75.56
N PRO LB 150 -22.69 -109.04 76.50
CA PRO LB 150 -21.71 -109.46 77.52
C PRO LB 150 -22.29 -110.59 78.35
N ILE LB 151 -23.56 -110.42 78.72
CA ILE LB 151 -24.31 -111.42 79.47
C ILE LB 151 -24.17 -112.79 78.84
N VAL LB 152 -24.69 -112.94 77.62
CA VAL LB 152 -24.56 -114.16 76.85
C VAL LB 152 -23.19 -114.83 76.99
N THR LB 153 -22.13 -114.03 76.94
CA THR LB 153 -20.76 -114.53 76.94
C THR LB 153 -20.29 -115.07 78.31
N SER LB 154 -21.06 -114.77 79.35
CA SER LB 154 -20.69 -115.14 80.71
C SER LB 154 -21.82 -115.73 81.60
N VAL LB 155 -23.04 -115.80 81.09
CA VAL LB 155 -24.13 -116.42 81.87
C VAL LB 155 -24.73 -117.64 81.21
N VAL LB 156 -24.52 -117.79 79.91
CA VAL LB 156 -25.01 -118.96 79.18
C VAL LB 156 -23.95 -120.06 79.22
N PRO LB 157 -24.37 -121.30 79.58
CA PRO LB 157 -23.42 -122.41 79.76
C PRO LB 157 -23.15 -123.07 78.41
N TYR LB 158 -21.91 -123.52 78.19
CA TYR LB 158 -21.60 -124.19 76.93
C TYR LB 158 -22.07 -125.64 77.02
N HIS LB 159 -23.24 -125.91 76.42
CA HIS LB 159 -23.97 -127.17 76.66
C HIS LB 159 -23.77 -128.30 75.62
N TYR LB 160 -24.18 -128.07 74.37
CA TYR LB 160 -24.13 -129.13 73.35
C TYR LB 160 -25.11 -130.25 73.68
N HIS LB 161 -26.23 -130.27 72.96
CA HIS LB 161 -27.19 -131.35 73.08
C HIS LB 161 -27.41 -132.08 71.74
N ILE LB 162 -28.32 -133.04 71.75
CA ILE LB 162 -28.60 -133.85 70.58
C ILE LB 162 -29.32 -133.04 69.52
N HIS LB 163 -30.22 -132.17 69.97
CA HIS LB 163 -31.01 -131.34 69.09
C HIS LB 163 -30.53 -129.88 69.11
N SER LB 164 -30.30 -129.34 70.31
CA SER LB 164 -29.86 -127.94 70.49
C SER LB 164 -28.48 -127.79 71.15
N LYS LB 165 -27.47 -127.53 70.33
CA LYS LB 165 -26.11 -127.31 70.82
C LYS LB 165 -25.94 -125.81 70.97
N ILE LB 166 -24.87 -125.35 71.63
CA ILE LB 166 -24.62 -123.90 71.70
C ILE LB 166 -24.06 -123.29 70.40
N ILE LB 167 -23.21 -124.04 69.69
CA ILE LB 167 -22.69 -123.57 68.40
C ILE LB 167 -23.84 -123.42 67.40
N ASP LB 168 -25.04 -123.87 67.79
CA ASP LB 168 -26.27 -123.66 67.02
C ASP LB 168 -26.51 -122.15 66.90
N TYR LB 169 -25.99 -121.40 67.88
CA TYR LB 169 -26.23 -119.96 67.98
C TYR LB 169 -25.18 -119.08 67.28
N PHE LB 170 -24.17 -119.72 66.68
CA PHE LB 170 -23.14 -118.98 65.95
C PHE LB 170 -23.70 -118.13 64.78
N PRO LB 171 -24.45 -118.76 63.84
CA PRO LB 171 -24.91 -118.03 62.65
C PRO LB 171 -25.58 -116.69 62.99
N PHE LB 172 -25.95 -116.53 64.25
CA PHE LB 172 -26.55 -115.29 64.71
C PHE LB 172 -25.50 -114.22 65.14
N CYS LB 173 -24.35 -114.67 65.65
CA CYS LB 173 -23.27 -113.74 66.00
C CYS LB 173 -22.62 -113.16 64.75
N TYR LB 174 -22.39 -114.02 63.75
CA TYR LB 174 -21.88 -113.56 62.46
C TYR LB 174 -22.98 -112.86 61.66
N SER LB 175 -24.01 -112.39 62.36
CA SER LB 175 -25.09 -111.63 61.74
C SER LB 175 -24.97 -110.21 62.23
N ILE LB 176 -24.65 -110.07 63.52
CA ILE LB 176 -24.30 -108.77 64.10
C ILE LB 176 -22.91 -108.32 63.62
N TRP LB 177 -21.87 -108.96 64.14
CA TRP LB 177 -20.57 -108.97 63.48
C TRP LB 177 -20.85 -109.03 61.99
N SER LB 178 -19.99 -108.45 61.17
CA SER LB 178 -20.21 -108.46 59.72
C SER LB 178 -21.36 -107.56 59.26
N SER LB 179 -21.98 -106.85 60.21
CA SER LB 179 -23.00 -105.86 59.89
C SER LB 179 -22.59 -104.43 60.32
N VAL LB 180 -21.99 -104.29 61.51
CA VAL LB 180 -21.28 -103.06 61.89
C VAL LB 180 -19.81 -103.22 61.52
N SER LB 181 -19.16 -102.11 61.19
CA SER LB 181 -17.72 -102.14 60.96
C SER LB 181 -16.98 -102.21 62.30
N ALA LB 182 -15.69 -102.53 62.23
CA ALA LB 182 -14.91 -102.86 63.42
C ALA LB 182 -15.23 -101.93 64.58
N ASN LB 183 -15.73 -102.52 65.66
CA ASN LB 183 -16.19 -101.73 66.79
C ASN LB 183 -15.90 -102.49 68.08
N VAL LB 184 -14.88 -102.07 68.82
CA VAL LB 184 -14.42 -102.79 70.00
C VAL LB 184 -15.53 -102.99 71.03
N ALA LB 185 -16.52 -102.12 70.99
CA ALA LB 185 -17.66 -102.18 71.88
C ALA LB 185 -18.51 -103.44 71.60
N ILE LB 186 -18.26 -104.04 70.44
CA ILE LB 186 -18.97 -105.22 69.97
C ILE LB 186 -18.04 -106.41 69.81
N ASP LB 187 -17.10 -106.28 68.89
CA ASP LB 187 -16.14 -107.35 68.57
C ASP LB 187 -15.67 -108.07 69.83
N THR LB 188 -15.14 -107.33 70.79
CA THR LB 188 -14.59 -107.92 72.00
C THR LB 188 -15.45 -109.06 72.61
N HIS LB 189 -16.76 -109.00 72.39
CA HIS LB 189 -17.65 -110.03 72.91
C HIS LB 189 -17.79 -111.23 71.97
N MET LB 190 -17.79 -110.96 70.67
CA MET LB 190 -17.80 -112.03 69.65
C MET LB 190 -16.56 -112.91 69.75
N TYR LB 191 -15.38 -112.30 69.82
CA TYR LB 191 -14.15 -113.06 69.98
C TYR LB 191 -14.11 -113.84 71.30
N ASP LB 192 -14.64 -113.23 72.35
CA ASP LB 192 -14.60 -113.81 73.69
C ASP LB 192 -15.42 -115.08 73.70
N PHE LB 193 -16.43 -115.10 72.84
CA PHE LB 193 -17.43 -116.15 72.80
C PHE LB 193 -16.93 -117.33 71.97
N VAL LB 194 -17.01 -117.21 70.64
CA VAL LB 194 -16.56 -118.23 69.70
C VAL LB 194 -15.15 -118.74 70.03
N GLY LB 195 -14.47 -118.02 70.91
CA GLY LB 195 -13.12 -118.37 71.33
C GLY LB 195 -13.11 -119.19 72.62
N SER LB 196 -13.80 -118.74 73.67
CA SER LB 196 -13.85 -119.52 74.92
C SER LB 196 -14.70 -120.77 74.71
N ILE LB 197 -15.48 -120.78 73.63
CA ILE LB 197 -16.23 -121.95 73.18
C ILE LB 197 -15.36 -122.87 72.35
N SER LB 198 -14.58 -122.30 71.43
CA SER LB 198 -13.64 -123.12 70.69
C SER LB 198 -12.61 -123.74 71.64
N LYS LB 199 -12.17 -122.98 72.64
CA LYS LB 199 -11.26 -123.52 73.64
C LYS LB 199 -11.92 -124.72 74.28
N ASP LB 200 -13.22 -124.59 74.55
CA ASP LB 200 -13.99 -125.60 75.28
C ASP LB 200 -14.03 -126.94 74.56
N VAL LB 201 -14.66 -126.97 73.39
CA VAL LB 201 -14.66 -128.12 72.50
C VAL LB 201 -13.30 -128.86 72.45
N HIS LB 202 -12.22 -128.10 72.28
CA HIS LB 202 -10.87 -128.67 72.26
C HIS LB 202 -10.54 -129.36 73.59
N ASN LB 203 -10.64 -128.61 74.69
CA ASN LB 203 -10.43 -129.16 76.03
C ASN LB 203 -11.19 -130.47 76.26
N LYS LB 204 -12.45 -130.49 75.83
CA LYS LB 204 -13.36 -131.60 76.12
C LYS LB 204 -13.09 -132.85 75.26
N ILE LB 205 -12.85 -132.64 73.97
CA ILE LB 205 -12.37 -133.68 73.06
C ILE LB 205 -11.18 -134.51 73.59
N LEU LB 206 -10.24 -133.88 74.28
CA LEU LB 206 -9.05 -134.57 74.78
C LEU LB 206 -9.25 -135.29 76.13
N SER LB 207 -8.61 -136.46 76.24
CA SER LB 207 -8.48 -137.20 77.50
C SER LB 207 -9.78 -137.50 78.25
N SER LB 208 -10.36 -136.46 78.82
CA SER LB 208 -11.48 -136.56 79.75
C SER LB 208 -12.64 -137.39 79.22
N GLU LB 209 -13.82 -136.77 79.26
CA GLU LB 209 -15.00 -137.32 78.63
C GLU LB 209 -15.23 -136.60 77.29
N HIS LB 210 -14.82 -137.27 76.21
CA HIS LB 210 -15.04 -136.73 74.87
C HIS LB 210 -16.52 -136.74 74.50
N GLU LB 211 -17.30 -135.84 75.11
CA GLU LB 211 -18.76 -135.88 74.96
C GLU LB 211 -19.51 -134.64 75.51
N LYS LB 212 -19.98 -134.76 76.75
CA LYS LB 212 -20.93 -133.82 77.33
C LYS LB 212 -22.28 -133.93 76.62
N ASP LB 213 -22.62 -135.16 76.24
CA ASP LB 213 -23.85 -135.49 75.51
C ASP LB 213 -23.65 -135.47 73.98
N VAL LB 214 -22.67 -134.70 73.51
CA VAL LB 214 -22.36 -134.66 72.08
C VAL LB 214 -20.88 -134.44 71.71
N VAL LB 215 -20.28 -135.52 71.21
CA VAL LB 215 -19.09 -135.44 70.38
C VAL LB 215 -19.62 -135.23 68.96
N GLY LB 216 -20.88 -134.79 68.89
CA GLY LB 216 -21.52 -134.45 67.63
C GLY LB 216 -21.22 -133.02 67.22
N VAL LB 217 -20.02 -132.58 67.62
CA VAL LB 217 -19.46 -131.31 67.18
C VAL LB 217 -18.13 -131.62 66.52
N GLU LB 218 -18.09 -131.57 65.20
CA GLU LB 218 -16.88 -131.96 64.49
C GLU LB 218 -15.86 -130.82 64.44
N PHE LB 219 -14.57 -131.17 64.50
CA PHE LB 219 -13.52 -130.17 64.42
C PHE LB 219 -13.18 -129.77 62.98
N GLY LB 220 -12.09 -130.31 62.43
CA GLY LB 220 -11.77 -130.13 61.02
C GLY LB 220 -11.14 -128.80 60.64
N GLU LB 221 -10.62 -128.75 59.41
CA GLU LB 221 -9.83 -127.63 58.87
C GLU LB 221 -9.66 -126.41 59.79
N PHE LB 222 -10.79 -125.75 60.06
CA PHE LB 222 -10.85 -124.56 60.88
C PHE LB 222 -11.71 -124.78 62.11
N GLY LB 223 -11.12 -125.36 63.17
CA GLY LB 223 -11.81 -125.59 64.43
C GLY LB 223 -13.28 -125.94 64.26
N ILE LB 224 -14.13 -125.32 65.06
CA ILE LB 224 -15.58 -125.50 64.96
C ILE LB 224 -16.22 -124.52 63.97
N PHE LB 225 -15.41 -123.84 63.16
CA PHE LB 225 -15.86 -122.72 62.31
C PHE LB 225 -16.10 -123.10 60.84
N THR LB 226 -17.12 -122.50 60.21
CA THR LB 226 -17.35 -122.69 58.77
C THR LB 226 -16.10 -122.30 58.00
N ASP LB 227 -16.13 -122.48 56.68
CA ASP LB 227 -15.06 -121.99 55.85
C ASP LB 227 -15.15 -120.47 55.83
N ASP LB 228 -16.38 -119.97 55.74
CA ASP LB 228 -16.63 -118.54 55.61
C ASP LB 228 -16.57 -117.83 56.96
N GLN LB 229 -16.86 -118.57 58.02
CA GLN LB 229 -16.74 -118.02 59.36
C GLN LB 229 -15.28 -117.72 59.69
N MET LB 230 -14.40 -118.65 59.33
CA MET LB 230 -12.98 -118.47 59.59
C MET LB 230 -12.46 -117.35 58.72
N THR LB 231 -12.71 -117.50 57.42
CA THR LB 231 -12.39 -116.46 56.45
C THR LB 231 -12.72 -115.04 56.95
N PHE LB 232 -13.91 -114.88 57.53
CA PHE LB 232 -14.36 -113.58 58.03
C PHE LB 232 -13.54 -113.01 59.19
N MET LB 233 -13.29 -113.85 60.19
CA MET LB 233 -12.53 -113.41 61.37
C MET LB 233 -11.09 -113.06 61.01
N PHE LB 234 -10.56 -113.68 59.97
CA PHE LB 234 -9.22 -113.34 59.48
C PHE LB 234 -9.17 -111.92 58.91
N ASN LB 235 -10.04 -111.65 57.94
CA ASN LB 235 -10.26 -110.30 57.45
C ASN LB 235 -11.23 -109.53 58.38
N ARG LB 236 -10.65 -108.97 59.43
CA ARG LB 236 -11.38 -108.35 60.52
C ARG LB 236 -10.30 -108.14 61.54
N LEU LB 237 -9.50 -109.18 61.68
CA LEU LB 237 -8.27 -109.11 62.42
C LEU LB 237 -7.27 -108.31 61.61
N GLN LB 238 -7.28 -108.52 60.30
CA GLN LB 238 -6.42 -107.77 59.41
C GLN LB 238 -6.93 -106.33 59.43
N GLY LB 239 -8.26 -106.20 59.43
CA GLY LB 239 -8.89 -104.90 59.54
C GLY LB 239 -8.41 -104.17 60.77
N HIS LB 240 -8.23 -104.90 61.87
CA HIS LB 240 -7.83 -104.31 63.13
C HIS LB 240 -6.38 -103.84 63.14
N LEU LB 241 -5.50 -104.59 62.49
CA LEU LB 241 -4.07 -104.34 62.60
C LEU LB 241 -3.58 -103.39 61.51
N ARG LB 242 -4.42 -103.15 60.53
CA ARG LB 242 -4.01 -102.39 59.37
C ARG LB 242 -4.83 -101.09 59.23
N THR LB 243 -6.02 -101.07 59.82
CA THR LB 243 -6.98 -99.99 59.52
C THR LB 243 -7.67 -99.35 60.73
N ASP LB 244 -8.34 -100.17 61.55
CA ASP LB 244 -9.27 -99.64 62.55
C ASP LB 244 -8.88 -99.85 64.02
N GLY LB 245 -7.70 -100.43 64.25
CA GLY LB 245 -7.15 -100.64 65.59
C GLY LB 245 -8.11 -100.95 66.74
N GLN LB 246 -9.16 -101.73 66.46
CA GLN LB 246 -10.25 -101.97 67.42
C GLN LB 246 -10.18 -103.30 68.20
N ILE LB 247 -9.32 -103.37 69.22
CA ILE LB 247 -9.17 -104.56 70.08
C ILE LB 247 -8.81 -104.19 71.53
N HIS LB 248 -9.34 -104.91 72.51
CA HIS LB 248 -8.69 -104.88 73.84
C HIS LB 248 -8.52 -106.25 74.53
N SER LB 249 -7.81 -106.26 75.68
CA SER LB 249 -6.88 -107.35 76.02
C SER LB 249 -6.95 -108.48 75.02
N TYR LB 250 -5.84 -108.60 74.30
CA TYR LB 250 -5.74 -109.41 73.11
C TYR LB 250 -5.70 -110.91 73.41
N SER LB 251 -5.37 -111.28 74.64
CA SER LB 251 -5.36 -112.69 75.04
C SER LB 251 -6.66 -113.35 74.60
N ARG LB 252 -7.72 -112.56 74.74
CA ARG LB 252 -9.10 -112.98 74.52
C ARG LB 252 -9.44 -113.02 73.02
N THR LB 253 -8.87 -112.09 72.26
CA THR LB 253 -9.18 -111.89 70.83
C THR LB 253 -8.46 -112.93 69.96
N VAL LB 254 -7.43 -113.54 70.53
CA VAL LB 254 -6.58 -114.49 69.82
C VAL LB 254 -7.11 -115.93 69.92
N LYS LB 255 -7.83 -116.24 71.01
CA LYS LB 255 -8.30 -117.61 71.27
C LYS LB 255 -8.85 -118.32 70.03
N PRO LB 256 -9.94 -117.80 69.44
CA PRO LB 256 -10.56 -118.45 68.28
C PRO LB 256 -9.56 -118.91 67.22
N PHE LB 257 -8.51 -118.13 66.98
CA PHE LB 257 -7.57 -118.45 65.92
C PHE LB 257 -6.66 -119.60 66.34
N VAL LB 258 -6.21 -119.57 67.58
CA VAL LB 258 -5.41 -120.66 68.11
C VAL LB 258 -6.21 -121.96 68.14
N TYR LB 259 -7.41 -121.91 68.73
CA TYR LB 259 -8.20 -123.13 68.92
C TYR LB 259 -9.10 -123.48 67.73
N ALA LB 260 -8.61 -123.19 66.52
CA ALA LB 260 -9.25 -123.60 65.28
C ALA LB 260 -8.23 -124.37 64.45
N ILE LB 261 -7.04 -124.51 65.01
CA ILE LB 261 -5.98 -125.27 64.36
C ILE LB 261 -6.23 -126.75 64.57
N ASN LB 262 -6.06 -127.52 63.48
CA ASN LB 262 -6.19 -128.97 63.54
C ASN LB 262 -4.90 -129.65 63.04
N GLY LB 263 -4.16 -130.26 63.96
CA GLY LB 263 -2.84 -130.81 63.68
C GLY LB 263 -2.71 -131.64 62.40
N SER LB 264 -3.82 -132.24 61.98
CA SER LB 264 -3.84 -133.11 60.81
C SER LB 264 -4.54 -132.49 59.59
N LYS LB 265 -5.16 -131.33 59.80
CA LYS LB 265 -5.74 -130.55 58.71
C LYS LB 265 -5.46 -129.04 58.91
N LYS LB 266 -4.20 -128.71 59.18
CA LYS LB 266 -3.78 -127.32 59.29
C LYS LB 266 -3.81 -126.73 57.90
N ASP LB 267 -2.65 -126.76 57.25
CA ASP LB 267 -2.49 -126.42 55.83
C ASP LB 267 -3.36 -125.25 55.36
N ARG LB 268 -4.63 -125.56 55.11
CA ARG LB 268 -5.60 -124.56 54.68
C ARG LB 268 -5.70 -123.36 55.65
N PHE LB 269 -5.35 -123.58 56.91
CA PHE LB 269 -5.36 -122.52 57.91
C PHE LB 269 -4.05 -121.73 57.86
N PHE LB 270 -2.93 -122.42 57.98
CA PHE LB 270 -1.62 -121.80 57.84
C PHE LB 270 -1.50 -120.98 56.54
N GLU LB 271 -2.22 -121.40 55.51
CA GLU LB 271 -2.27 -120.63 54.27
C GLU LB 271 -2.88 -119.26 54.53
N LYS LB 272 -3.83 -119.23 55.46
CA LYS LB 272 -4.57 -118.02 55.79
C LYS LB 272 -3.79 -117.16 56.76
N LEU LB 273 -2.97 -117.81 57.58
CA LEU LB 273 -2.15 -117.14 58.58
C LEU LB 273 -0.94 -116.48 57.93
N VAL LB 274 -0.37 -117.17 56.94
CA VAL LB 274 0.77 -116.64 56.24
C VAL LB 274 0.42 -115.34 55.52
N SER LB 275 -0.72 -115.32 54.82
CA SER LB 275 -1.11 -114.14 54.07
C SER LB 275 -1.47 -112.97 54.99
N LEU LB 276 -1.82 -113.31 56.24
CA LEU LB 276 -2.05 -112.32 57.30
C LEU LB 276 -0.74 -111.78 57.89
N ALA LB 277 0.31 -112.60 57.87
CA ALA LB 277 1.63 -112.10 58.27
C ALA LB 277 2.26 -111.26 57.16
N LYS LB 278 2.01 -111.60 55.90
CA LYS LB 278 2.61 -110.87 54.77
C LYS LB 278 1.93 -109.51 54.59
N ALA LB 279 0.71 -109.39 55.10
CA ALA LB 279 -0.04 -108.13 55.04
C ALA LB 279 0.51 -107.17 56.08
N ILE LB 280 0.39 -107.63 57.31
CA ILE LB 280 0.93 -107.05 58.54
C ILE LB 280 2.47 -106.76 58.49
N GLU LB 281 3.21 -107.38 57.55
CA GLU LB 281 4.70 -107.26 57.50
C GLU LB 281 5.27 -105.84 57.62
N THR LB 282 4.80 -104.94 56.75
CA THR LB 282 5.33 -103.59 56.68
C THR LB 282 5.04 -102.77 57.93
N PHE LB 283 3.91 -103.05 58.57
CA PHE LB 283 3.44 -102.23 59.68
C PHE LB 283 4.24 -102.47 60.95
N ILE LB 284 5.07 -103.50 60.94
CA ILE LB 284 5.90 -103.76 62.12
C ILE LB 284 7.25 -103.04 62.00
N HIS LB 285 7.70 -102.85 60.75
CA HIS LB 285 8.97 -102.19 60.48
C HIS LB 285 9.30 -101.01 61.42
N PRO LB 286 10.53 -100.98 61.95
CA PRO LB 286 10.87 -100.06 63.05
C PRO LB 286 10.59 -98.60 62.73
N SER LB 287 10.51 -98.26 61.45
CA SER LB 287 10.26 -96.86 61.05
C SER LB 287 8.92 -96.68 60.33
N ASN LB 288 7.91 -97.37 60.84
CA ASN LB 288 6.53 -97.18 60.41
C ASN LB 288 5.61 -97.11 61.62
N ASN LB 289 5.95 -96.27 62.59
CA ASN LB 289 5.13 -96.18 63.79
C ASN LB 289 3.80 -95.45 63.50
N GLY LB 290 2.74 -95.86 64.19
CA GLY LB 290 1.40 -95.32 63.96
C GLY LB 290 0.40 -95.82 65.02
N PHE LB 291 -0.89 -95.72 64.72
CA PHE LB 291 -1.92 -96.15 65.69
C PHE LB 291 -1.90 -97.66 65.82
N TRP LB 292 -1.20 -98.30 64.89
CA TRP LB 292 -1.23 -99.75 64.76
C TRP LB 292 -0.10 -100.46 65.51
N THR LB 293 1.03 -99.78 65.73
CA THR LB 293 2.20 -100.48 66.26
C THR LB 293 1.92 -101.14 67.60
N LYS LB 294 0.93 -100.60 68.34
CA LYS LB 294 0.45 -101.28 69.56
C LYS LB 294 -0.33 -102.57 69.24
N PRO LB 295 -1.48 -102.44 68.54
CA PRO LB 295 -2.21 -103.66 68.15
C PRO LB 295 -1.35 -104.79 67.56
N ASN LB 296 -0.49 -104.53 66.58
CA ASN LB 296 0.36 -105.60 66.05
C ASN LB 296 1.27 -106.23 67.10
N ALA LB 297 1.87 -105.42 67.96
CA ALA LB 297 2.68 -105.98 69.04
C ALA LB 297 1.84 -106.74 70.07
N LYS LB 298 0.88 -106.07 70.71
CA LYS LB 298 0.05 -106.73 71.72
C LYS LB 298 -0.65 -108.01 71.21
N PHE LB 299 -0.67 -108.20 69.88
CA PHE LB 299 -1.29 -109.37 69.22
C PHE LB 299 -0.28 -110.49 68.95
N VAL LB 300 0.75 -110.20 68.15
CA VAL LB 300 1.85 -111.15 67.92
C VAL LB 300 2.39 -111.75 69.24
N HIS LB 301 2.16 -111.06 70.35
CA HIS LB 301 2.47 -111.63 71.66
C HIS LB 301 1.27 -112.42 72.19
N ALA LB 302 0.10 -111.79 72.27
CA ALA LB 302 -1.09 -112.49 72.75
C ALA LB 302 -1.32 -113.82 72.04
N PHE LB 303 -0.97 -113.88 70.75
CA PHE LB 303 -1.15 -115.08 69.94
C PHE LB 303 -0.12 -116.17 70.26
N ILE LB 304 1.14 -115.79 70.34
CA ILE LB 304 2.18 -116.73 70.76
C ILE LB 304 2.19 -117.08 72.28
N LYS LB 305 1.52 -116.30 73.16
CA LYS LB 305 1.24 -116.81 74.53
C LYS LB 305 0.13 -117.86 74.33
N SER LB 306 -0.99 -117.47 73.72
CA SER LB 306 -2.18 -118.34 73.61
C SER LB 306 -2.01 -119.57 72.71
N TYR LB 307 -0.84 -119.71 72.07
CA TYR LB 307 -0.52 -120.91 71.29
C TYR LB 307 0.31 -121.82 72.16
N HIS LB 308 1.49 -121.34 72.56
CA HIS LB 308 2.32 -122.03 73.56
C HIS LB 308 1.43 -122.45 74.74
N GLY LB 309 0.44 -121.61 75.07
CA GLY LB 309 -0.55 -121.96 76.07
C GLY LB 309 -1.15 -123.32 75.80
N ARG LB 310 -1.76 -123.47 74.62
CA ARG LB 310 -2.37 -124.73 74.20
C ARG LB 310 -1.37 -125.90 74.14
N VAL LB 311 -0.29 -125.75 73.37
CA VAL LB 311 0.75 -126.78 73.29
C VAL LB 311 1.15 -127.40 74.64
N LYS LB 312 1.46 -126.56 75.64
CA LYS LB 312 1.89 -127.06 76.95
C LYS LB 312 0.73 -127.66 77.78
N TYR LB 313 -0.48 -127.59 77.23
CA TYR LB 313 -1.67 -128.22 77.82
C TYR LB 313 -1.94 -129.57 77.14
N GLU LB 314 -1.52 -129.68 75.89
CA GLU LB 314 -1.61 -130.95 75.17
C GLU LB 314 -0.43 -131.86 75.49
N GLU LB 315 0.75 -131.28 75.65
CA GLU LB 315 1.95 -132.05 76.01
C GLU LB 315 1.82 -132.58 77.45
N ASP LB 316 0.93 -131.95 78.22
CA ASP LB 316 0.56 -132.44 79.55
C ASP LB 316 -0.40 -133.63 79.47
N ILE LB 317 -1.06 -133.76 78.32
CA ILE LB 317 -2.05 -134.82 78.08
C ILE LB 317 -1.46 -136.01 77.31
N CYS LB 318 -0.41 -135.78 76.51
CA CYS LB 318 0.35 -136.88 75.93
C CYS LB 318 1.40 -137.32 76.95
N ALA LB 319 1.17 -136.90 78.20
CA ALA LB 319 1.76 -137.52 79.40
C ALA LB 319 0.63 -138.23 80.15
N ARG LB 320 -0.38 -138.66 79.38
CA ARG LB 320 -1.56 -139.37 79.85
C ARG LB 320 -2.04 -140.34 78.74
N GLY LB 321 -1.14 -140.63 77.80
CA GLY LB 321 -1.36 -141.61 76.75
C GLY LB 321 -2.09 -141.12 75.50
N VAL LB 322 -2.88 -140.06 75.65
CA VAL LB 322 -3.82 -139.61 74.61
C VAL LB 322 -3.26 -138.61 73.59
N THR LB 323 -2.70 -139.12 72.50
CA THR LB 323 -2.52 -138.29 71.30
C THR LB 323 -3.93 -138.19 70.73
N ASN LB 324 -4.13 -137.34 69.71
CA ASN LB 324 -5.49 -137.14 69.20
C ASN LB 324 -5.57 -136.48 67.82
N GLY LB 325 -4.42 -136.34 67.15
CA GLY LB 325 -4.40 -135.86 65.77
C GLY LB 325 -5.02 -134.49 65.56
N ILE LB 326 -5.89 -134.09 66.49
CA ILE LB 326 -6.32 -132.72 66.65
C ILE LB 326 -5.13 -131.96 67.24
N CYS LB 327 -4.35 -132.68 68.05
CA CYS LB 327 -3.19 -132.14 68.75
C CYS LB 327 -2.20 -131.43 67.82
N LEU LB 328 -1.39 -130.54 68.40
CA LEU LB 328 -0.43 -129.76 67.62
C LEU LB 328 0.85 -130.56 67.38
N THR LB 329 1.25 -130.67 66.11
CA THR LB 329 2.37 -131.52 65.71
C THR LB 329 3.71 -130.78 65.70
N SER LB 330 4.82 -131.52 65.69
CA SER LB 330 6.16 -130.94 65.57
C SER LB 330 6.28 -129.97 64.39
N PHE LB 331 5.40 -130.17 63.39
CA PHE LB 331 5.44 -129.41 62.13
C PHE LB 331 4.58 -128.15 62.15
N CYS LB 332 3.74 -128.01 63.17
CA CYS LB 332 3.07 -126.73 63.42
C CYS LB 332 4.05 -125.78 64.06
N HIS LB 333 4.72 -126.26 65.11
CA HIS LB 333 5.81 -125.52 65.74
C HIS LB 333 6.80 -125.02 64.69
N GLU LB 334 7.02 -125.81 63.64
CA GLU LB 334 7.93 -125.36 62.59
C GLU LB 334 7.38 -124.16 61.81
N GLU LB 335 6.20 -124.32 61.19
CA GLU LB 335 5.61 -123.25 60.37
C GLU LB 335 5.17 -122.02 61.17
N ILE LB 336 5.16 -122.11 62.49
CA ILE LB 336 4.89 -120.95 63.32
C ILE LB 336 6.12 -120.04 63.35
N VAL LB 337 7.29 -120.65 63.52
CA VAL LB 337 8.53 -119.91 63.46
C VAL LB 337 8.79 -119.30 62.07
N GLU LB 338 8.56 -120.07 61.00
CA GLU LB 338 8.75 -119.56 59.63
C GLU LB 338 8.02 -118.23 59.45
N ILE LB 339 6.83 -118.14 60.05
CA ILE LB 339 5.92 -117.02 59.84
C ILE LB 339 6.36 -115.73 60.55
N PHE LB 340 6.47 -115.85 61.88
CA PHE LB 340 6.72 -114.74 62.77
C PHE LB 340 8.18 -114.49 63.05
N LEU LB 341 9.09 -114.82 62.15
CA LEU LB 341 10.46 -114.54 62.51
C LEU LB 341 10.94 -113.17 62.00
N ASN LB 342 10.71 -112.86 60.72
CA ASN LB 342 11.05 -111.52 60.27
C ASN LB 342 10.17 -110.58 61.09
N ILE LB 343 8.88 -110.93 61.22
CA ILE LB 343 7.96 -110.10 62.00
C ILE LB 343 8.42 -109.79 63.41
N ILE LB 344 8.88 -110.81 64.12
CA ILE LB 344 9.40 -110.62 65.47
C ILE LB 344 10.73 -109.84 65.48
N SER LB 345 11.55 -110.04 64.46
CA SER LB 345 12.84 -109.38 64.41
C SER LB 345 12.72 -107.87 64.16
N LEU LB 346 11.76 -107.48 63.34
CA LEU LB 346 11.49 -106.06 63.02
C LEU LB 346 10.93 -105.35 64.23
N GLY LB 347 9.99 -106.02 64.91
CA GLY LB 347 9.32 -105.44 66.05
C GLY LB 347 10.28 -105.17 67.18
N SER LB 348 11.26 -106.05 67.37
CA SER LB 348 12.16 -105.94 68.51
C SER LB 348 13.15 -104.74 68.39
N GLN LB 349 13.30 -104.23 67.16
CA GLN LB 349 14.13 -103.04 66.92
C GLN LB 349 13.32 -101.74 67.00
N ASN LB 350 12.01 -101.86 67.21
CA ASN LB 350 11.10 -100.70 67.25
C ASN LB 350 11.62 -99.60 68.17
N LYS LB 351 11.22 -98.35 67.88
CA LYS LB 351 11.67 -97.16 68.60
C LYS LB 351 11.15 -97.10 70.04
N ASN LB 352 9.93 -97.57 70.26
CA ASN LB 352 9.40 -97.67 71.62
C ASN LB 352 9.93 -98.94 72.26
N PRO LB 353 10.56 -98.82 73.44
CA PRO LB 353 11.17 -99.94 74.15
C PRO LB 353 10.14 -100.87 74.79
N ASP LB 354 8.93 -100.37 75.04
CA ASP LB 354 7.85 -101.23 75.56
C ASP LB 354 7.25 -102.07 74.44
N ILE LB 355 7.01 -101.42 73.31
CA ILE LB 355 6.50 -102.11 72.13
C ILE LB 355 7.49 -103.13 71.57
N ALA LB 356 8.75 -103.02 71.98
CA ALA LB 356 9.77 -103.97 71.59
C ALA LB 356 9.80 -105.17 72.51
N ASN LB 357 9.74 -104.92 73.82
CA ASN LB 357 9.79 -106.00 74.83
C ASN LB 357 8.69 -107.01 74.61
N TYR LB 358 7.71 -106.65 73.78
CA TYR LB 358 6.67 -107.59 73.40
C TYR LB 358 7.19 -108.56 72.34
N TYR LB 359 7.75 -108.02 71.25
CA TYR LB 359 8.31 -108.88 70.20
C TYR LB 359 9.51 -109.69 70.70
N ILE LB 360 10.32 -109.09 71.58
CA ILE LB 360 11.50 -109.79 72.11
C ILE LB 360 11.14 -110.95 73.04
N SER LB 361 10.05 -110.81 73.78
CA SER LB 361 9.67 -111.84 74.73
C SER LB 361 9.08 -113.08 74.03
N CYS LB 362 8.80 -112.96 72.73
CA CYS LB 362 8.28 -114.08 71.94
C CYS LB 362 9.33 -115.13 71.61
N PHE LB 363 10.61 -114.79 71.74
CA PHE LB 363 11.67 -115.75 71.43
C PHE LB 363 11.64 -116.89 72.46
N ALA LB 364 11.38 -116.54 73.70
CA ALA LB 364 11.36 -117.52 74.80
C ALA LB 364 10.23 -118.55 74.62
N TYR LB 365 9.07 -118.05 74.21
CA TYR LB 365 7.91 -118.92 74.01
C TYR LB 365 8.17 -119.87 72.83
N LEU LB 366 8.76 -119.35 71.74
CA LEU LB 366 9.06 -120.19 70.57
C LEU LB 366 10.12 -121.26 70.86
N LEU LB 367 11.17 -120.90 71.59
CA LEU LB 367 12.22 -121.85 71.92
C LEU LB 367 11.74 -123.00 72.82
N GLU LB 368 10.72 -122.77 73.64
CA GLU LB 368 10.19 -123.81 74.55
C GLU LB 368 9.53 -124.94 73.77
N LEU LB 369 9.03 -124.61 72.58
CA LEU LB 369 8.45 -125.60 71.67
C LEU LB 369 9.52 -126.52 71.07
N ASP LB 370 10.78 -126.26 71.39
CA ASP LB 370 11.91 -127.03 70.85
C ASP LB 370 11.65 -127.46 69.40
N PRO LB 371 11.34 -126.49 68.52
CA PRO LB 371 11.07 -126.84 67.12
C PRO LB 371 12.36 -127.23 66.44
N SER LB 372 12.25 -127.85 65.27
CA SER LB 372 13.44 -128.16 64.46
C SER LB 372 14.15 -126.88 64.10
N ASN LB 373 13.34 -125.82 63.95
CA ASN LB 373 13.77 -124.46 63.61
C ASN LB 373 14.67 -123.79 64.63
N ALA LB 374 14.67 -124.31 65.84
CA ALA LB 374 15.33 -123.66 66.97
C ALA LB 374 16.57 -122.90 66.56
N TYR LB 375 17.38 -123.50 65.68
CA TYR LB 375 18.63 -122.89 65.23
C TYR LB 375 18.47 -121.46 64.63
N LEU LB 376 17.46 -121.27 63.79
CA LEU LB 376 17.22 -119.98 63.11
C LEU LB 376 17.22 -118.80 64.06
N ILE LB 377 16.59 -118.99 65.21
CA ILE LB 377 16.54 -117.99 66.25
C ILE LB 377 17.88 -117.83 66.95
N TYR LB 378 18.45 -118.94 67.45
CA TYR LB 378 19.77 -118.87 68.07
C TYR LB 378 20.78 -118.23 67.10
N ASP LB 379 20.63 -118.53 65.82
CA ASP LB 379 21.51 -117.96 64.83
C ASP LB 379 21.47 -116.43 64.79
N LYS LB 380 20.29 -115.84 64.55
CA LYS LB 380 20.17 -114.37 64.55
C LYS LB 380 20.68 -113.81 65.87
N ILE LB 381 20.01 -114.14 66.97
CA ILE LB 381 20.33 -113.58 68.29
C ILE LB 381 21.81 -113.54 68.66
N LEU LB 382 22.56 -114.54 68.24
CA LEU LB 382 23.98 -114.64 68.59
C LEU LB 382 24.85 -113.75 67.70
N ILE LB 383 24.49 -113.63 66.43
CA ILE LB 383 25.18 -112.70 65.55
C ILE LB 383 24.91 -111.29 66.04
N ASP LB 384 23.62 -110.93 66.11
CA ASP LB 384 23.25 -109.62 66.63
C ASP LB 384 24.01 -109.30 67.93
N LEU LB 385 24.18 -110.29 68.81
CA LEU LB 385 24.94 -110.07 70.04
C LEU LB 385 26.46 -109.93 69.85
N TYR LB 386 27.07 -110.81 69.06
CA TYR LB 386 28.52 -110.78 68.86
C TYR LB 386 28.97 -109.54 68.08
N ASP LB 387 28.12 -109.09 67.14
CA ASP LB 387 28.32 -107.84 66.41
C ASP LB 387 28.34 -106.67 67.40
N THR LB 388 27.37 -106.64 68.30
CA THR LB 388 27.25 -105.57 69.30
C THR LB 388 28.44 -105.45 70.26
N LEU LB 389 29.00 -106.59 70.66
CA LEU LB 389 30.17 -106.63 71.54
C LEU LB 389 31.46 -106.30 70.80
N ALA LB 390 31.39 -106.36 69.47
CA ALA LB 390 32.47 -105.95 68.58
C ALA LB 390 32.20 -104.54 68.05
N ASP LB 391 31.32 -103.81 68.74
CA ASP LB 391 31.07 -102.41 68.45
C ASP LB 391 30.66 -102.09 67.00
N GLN LB 392 30.13 -103.08 66.29
CA GLN LB 392 29.67 -102.88 64.91
C GLN LB 392 28.33 -102.15 64.83
N PHE LB 393 27.81 -101.72 65.96
CA PHE LB 393 26.51 -101.08 66.00
C PHE LB 393 26.62 -99.74 66.65
N ILE LB 394 27.86 -99.38 66.96
CA ILE LB 394 28.17 -98.18 67.74
C ILE LB 394 27.44 -96.92 67.26
N ASN LB 395 27.17 -96.84 65.95
CA ASN LB 395 26.40 -95.74 65.34
C ASN LB 395 24.89 -95.78 65.67
N SER LB 396 24.38 -96.97 66.02
CA SER LB 396 22.95 -97.15 66.25
C SER LB 396 22.68 -97.66 67.66
N ARG LB 397 22.09 -96.82 68.50
CA ARG LB 397 21.90 -97.19 69.90
C ARG LB 397 21.03 -98.42 70.05
N HIS LB 398 19.87 -98.38 69.43
CA HIS LB 398 18.87 -99.41 69.64
C HIS LB 398 19.36 -100.85 69.41
N ARG LB 399 20.11 -101.07 68.32
CA ARG LB 399 20.58 -102.44 67.97
C ARG LB 399 21.39 -103.06 69.10
N ILE LB 400 22.13 -102.23 69.81
CA ILE LB 400 23.00 -102.64 70.90
C ILE LB 400 22.21 -103.04 72.12
N ILE LB 401 21.23 -102.22 72.47
CA ILE LB 401 20.38 -102.51 73.61
C ILE LB 401 19.35 -103.59 73.27
N SER LB 402 18.80 -103.49 72.06
CA SER LB 402 17.92 -104.52 71.54
C SER LB 402 18.54 -105.92 71.59
N SER LB 403 19.63 -106.13 70.85
CA SER LB 403 20.23 -107.47 70.75
C SER LB 403 20.84 -108.01 72.05
N LEU LB 404 20.78 -107.21 73.12
CA LEU LB 404 21.15 -107.63 74.47
C LEU LB 404 19.93 -108.08 75.24
N LYS LB 405 18.76 -107.63 74.78
CA LYS LB 405 17.50 -108.05 75.35
C LYS LB 405 17.07 -109.34 74.67
N GLN LB 406 17.24 -109.39 73.34
CA GLN LB 406 17.05 -110.61 72.58
C GLN LB 406 17.82 -111.71 73.30
N PHE LB 407 19.11 -111.49 73.49
CA PHE LB 407 19.97 -112.49 74.11
C PHE LB 407 19.66 -112.82 75.57
N THR LB 408 19.16 -111.86 76.35
CA THR LB 408 18.84 -112.16 77.73
C THR LB 408 17.57 -113.04 77.85
N ARG LB 409 16.57 -112.73 77.02
CA ARG LB 409 15.27 -113.42 77.05
C ARG LB 409 15.39 -114.80 76.42
N VAL LB 410 16.56 -115.42 76.56
CA VAL LB 410 16.91 -116.58 75.75
C VAL LB 410 18.22 -117.22 76.25
N ILE LB 411 18.79 -116.66 77.31
CA ILE LB 411 20.04 -117.17 77.87
C ILE LB 411 19.83 -118.58 78.41
N ARG LB 412 18.82 -118.73 79.24
CA ARG LB 412 18.52 -120.00 79.89
C ARG LB 412 18.44 -121.17 78.90
N PHE LB 413 17.94 -120.89 77.70
CA PHE LB 413 17.77 -121.91 76.67
C PHE LB 413 19.08 -122.25 75.95
N ILE LB 414 19.98 -121.28 75.86
CA ILE LB 414 21.26 -121.49 75.19
C ILE LB 414 22.17 -122.42 76.01
N VAL LB 415 22.03 -122.34 77.33
CA VAL LB 415 22.83 -123.14 78.24
C VAL LB 415 22.60 -124.64 77.98
N MET LB 416 21.61 -124.95 77.15
CA MET LB 416 21.23 -126.34 76.87
C MET LB 416 21.79 -126.90 75.55
N ASP LB 417 21.25 -126.48 74.41
CA ASP LB 417 21.77 -126.90 73.11
C ASP LB 417 23.30 -127.01 73.21
N LYS LB 418 23.82 -128.23 73.12
CA LYS LB 418 25.22 -128.53 73.43
C LYS LB 418 26.26 -127.78 72.57
N LEU LB 419 25.80 -127.03 71.57
CA LEU LB 419 26.69 -126.24 70.71
C LEU LB 419 26.87 -124.82 71.22
N TYR LB 420 25.76 -124.08 71.27
CA TYR LB 420 25.77 -122.68 71.72
C TYR LB 420 26.40 -122.47 73.11
N ARG LB 421 26.00 -123.30 74.09
CA ARG LB 421 26.54 -123.26 75.47
C ARG LB 421 28.03 -122.89 75.56
N VAL LB 422 28.81 -123.26 74.54
CA VAL LB 422 30.23 -122.97 74.47
C VAL LB 422 30.51 -121.47 74.58
N HIS LB 423 29.76 -120.72 73.79
CA HIS LB 423 29.90 -119.29 73.71
C HIS LB 423 29.69 -118.58 75.05
N ILE LB 424 28.94 -119.21 75.94
CA ILE LB 424 28.43 -118.49 77.10
C ILE LB 424 29.48 -117.99 78.09
N THR LB 425 30.60 -118.71 78.23
CA THR LB 425 31.68 -118.16 79.04
C THR LB 425 32.24 -116.87 78.47
N ASN LB 426 32.54 -116.91 77.17
CA ASN LB 426 33.07 -115.75 76.46
C ASN LB 426 32.12 -114.56 76.57
N VAL LB 427 30.89 -114.75 76.11
CA VAL LB 427 29.88 -113.69 76.11
C VAL LB 427 29.67 -113.07 77.49
N LEU LB 428 29.89 -113.84 78.54
CA LEU LB 428 29.79 -113.33 79.89
C LEU LB 428 31.02 -112.48 80.27
N SER LB 429 32.22 -113.05 80.15
CA SER LB 429 33.42 -112.31 80.52
C SER LB 429 33.58 -111.06 79.63
N MET LB 430 32.84 -111.02 78.52
CA MET LB 430 32.78 -109.82 77.67
C MET LB 430 31.79 -108.77 78.21
N LEU LB 431 30.62 -109.22 78.66
CA LEU LB 431 29.64 -108.33 79.28
C LEU LB 431 30.22 -107.65 80.51
N VAL LB 432 30.82 -108.45 81.39
CA VAL LB 432 31.41 -107.93 82.62
C VAL LB 432 32.39 -106.80 82.34
N SER LB 433 33.33 -107.01 81.41
CA SER LB 433 34.35 -106.00 81.12
C SER LB 433 33.78 -104.78 80.40
N LYS LB 434 32.69 -104.96 79.67
CA LYS LB 434 32.04 -103.85 78.96
C LYS LB 434 31.01 -103.12 79.82
N LEU LB 435 31.09 -103.28 81.14
CA LEU LB 435 30.20 -102.55 82.06
C LEU LB 435 30.62 -101.08 82.14
N ASP LB 436 29.79 -100.19 81.58
CA ASP LB 436 30.07 -98.74 81.47
C ASP LB 436 29.77 -97.99 82.77
N MET LB 437 30.51 -96.90 83.03
CA MET LB 437 30.32 -96.09 84.24
C MET LB 437 29.62 -94.76 83.95
N ASN LB 438 29.39 -94.53 82.66
CA ASN LB 438 28.73 -93.31 82.21
C ASN LB 438 27.34 -93.61 81.68
N ASP LB 439 27.18 -94.79 81.07
CA ASP LB 439 25.88 -95.17 80.54
C ASP LB 439 25.13 -96.01 81.56
N THR LB 440 24.24 -95.34 82.30
CA THR LB 440 23.43 -96.02 83.29
C THR LB 440 22.60 -97.10 82.61
N ASN LB 441 22.07 -96.79 81.43
CA ASN LB 441 21.18 -97.72 80.77
C ASN LB 441 21.87 -98.98 80.24
N LEU LB 442 22.98 -98.81 79.54
CA LEU LB 442 23.68 -99.95 78.97
C LEU LB 442 24.01 -100.91 80.08
N THR LB 443 24.43 -100.35 81.21
CA THR LB 443 24.80 -101.14 82.38
C THR LB 443 23.63 -101.95 82.99
N SER LB 444 22.44 -101.35 83.06
CA SER LB 444 21.26 -102.05 83.58
C SER LB 444 20.93 -103.23 82.68
N ASN LB 445 21.13 -103.04 81.37
CA ASN LB 445 20.86 -104.08 80.37
C ASN LB 445 21.96 -105.14 80.22
N LEU LB 446 23.14 -104.84 80.77
CA LEU LB 446 24.24 -105.79 80.83
C LEU LB 446 24.13 -106.69 82.06
N ILE LB 447 23.91 -106.06 83.22
CA ILE LB 447 23.60 -106.79 84.44
C ILE LB 447 22.48 -107.79 84.16
N ASN LB 448 21.49 -107.40 83.37
CA ASN LB 448 20.43 -108.33 82.97
C ASN LB 448 21.00 -109.61 82.40
N GLY LB 449 21.91 -109.48 81.44
CA GLY LB 449 22.60 -110.63 80.86
C GLY LB 449 23.46 -111.37 81.87
N ILE LB 450 24.38 -110.65 82.51
CA ILE LB 450 25.28 -111.23 83.53
C ILE LB 450 24.55 -112.03 84.61
N VAL LB 451 23.45 -111.51 85.13
CA VAL LB 451 22.70 -112.20 86.19
C VAL LB 451 21.92 -113.40 85.65
N SER LB 452 21.45 -113.31 84.41
CA SER LB 452 20.74 -114.43 83.79
C SER LB 452 21.69 -115.59 83.51
N ILE LB 453 22.88 -115.29 83.01
CA ILE LB 453 23.89 -116.32 82.80
C ILE LB 453 24.30 -117.01 84.12
N ALA LB 454 24.25 -116.25 85.22
CA ALA LB 454 24.67 -116.79 86.52
C ALA LB 454 23.57 -117.56 87.20
N ALA LB 455 22.34 -117.22 86.86
CA ALA LB 455 21.17 -117.85 87.48
C ALA LB 455 21.00 -119.29 87.00
N PHE LB 456 21.53 -119.59 85.80
CA PHE LB 456 21.34 -120.90 85.14
C PHE LB 456 22.65 -121.61 84.80
N ILE LB 457 23.72 -121.28 85.52
CA ILE LB 457 25.04 -121.84 85.23
C ILE LB 457 25.82 -121.93 86.53
N PRO LB 458 26.57 -123.03 86.69
CA PRO LB 458 27.42 -123.18 87.87
C PRO LB 458 28.79 -122.64 87.53
N ILE LB 459 29.24 -121.66 88.31
CA ILE LB 459 30.61 -121.17 88.20
C ILE LB 459 31.51 -122.25 88.80
N GLN LB 460 32.00 -123.15 87.93
CA GLN LB 460 32.76 -124.33 88.36
C GLN LB 460 33.83 -124.74 87.37
N ASP LB 461 35.01 -125.09 87.89
CA ASP LB 461 36.05 -125.67 87.03
C ASP LB 461 35.71 -127.14 86.76
N LEU LB 462 35.35 -127.41 85.50
CA LEU LB 462 34.90 -128.74 85.10
C LEU LB 462 35.99 -129.55 84.40
N THR LB 463 37.22 -129.10 84.53
CA THR LB 463 38.34 -129.81 83.92
C THR LB 463 38.88 -130.94 84.79
N GLY LB 464 38.91 -132.15 84.21
CA GLY LB 464 39.47 -133.31 84.87
C GLY LB 464 40.99 -133.27 84.82
N GLU LB 465 41.50 -132.06 84.69
CA GLU LB 465 42.92 -131.81 84.56
C GLU LB 465 43.44 -132.14 83.17
N ASP LB 466 42.54 -132.58 82.30
CA ASP LB 466 42.85 -132.83 80.89
C ASP LB 466 43.84 -131.78 80.38
N ASP LB 467 45.00 -132.22 79.93
CA ASP LB 467 46.14 -131.31 79.68
C ASP LB 467 45.93 -130.25 78.59
N TYR LB 468 45.21 -130.57 77.53
CA TYR LB 468 45.06 -129.64 76.40
C TYR LB 468 44.32 -128.36 76.81
N ILE LB 469 43.34 -128.50 77.70
CA ILE LB 469 42.66 -127.36 78.34
C ILE LB 469 42.83 -125.98 77.65
N SER LB 470 43.23 -124.99 78.46
CA SER LB 470 43.31 -123.56 78.08
C SER LB 470 42.12 -123.01 77.28
N PHE LB 471 41.77 -121.76 77.56
CA PHE LB 471 40.68 -121.15 76.82
C PHE LB 471 40.98 -120.98 75.31
N GLU LB 472 42.14 -120.41 74.95
CA GLU LB 472 42.59 -120.42 73.54
C GLU LB 472 43.07 -121.84 73.26
N SER LB 473 43.51 -122.10 72.02
CA SER LB 473 43.91 -123.45 71.64
C SER LB 473 42.68 -124.35 71.50
N ASP LB 474 41.77 -124.25 72.46
CA ASP LB 474 40.65 -125.21 72.58
C ASP LB 474 39.22 -124.67 72.49
N THR LB 475 38.96 -123.52 73.11
CA THR LB 475 37.61 -122.93 73.04
C THR LB 475 37.52 -121.84 71.97
N LEU LB 476 38.34 -120.80 72.12
CA LEU LB 476 38.34 -119.65 71.23
C LEU LB 476 38.36 -120.03 69.73
N PRO LB 477 39.30 -120.90 69.34
CA PRO LB 477 39.41 -121.31 67.94
C PRO LB 477 38.08 -121.82 67.40
N LEU LB 478 37.37 -122.62 68.20
CA LEU LB 478 36.09 -123.21 67.81
C LEU LB 478 35.01 -122.14 67.71
N VAL LB 479 34.92 -121.31 68.75
CA VAL LB 479 33.95 -120.22 68.80
C VAL LB 479 34.02 -119.32 67.56
N GLN LB 480 35.25 -118.98 67.14
CA GLN LB 480 35.43 -118.15 65.96
C GLN LB 480 35.02 -118.86 64.67
N GLN LB 481 35.29 -120.16 64.57
CA GLN LB 481 34.90 -120.96 63.41
C GLN LB 481 33.40 -121.11 63.28
N HIS LB 482 32.71 -121.31 64.41
CA HIS LB 482 31.25 -121.34 64.43
C HIS LB 482 30.68 -120.00 63.95
N PHE LB 483 31.26 -118.91 64.47
CA PHE LB 483 30.82 -117.58 64.12
C PHE LB 483 31.06 -117.28 62.63
N TYR LB 484 32.29 -117.49 62.16
CA TYR LB 484 32.60 -117.31 60.74
C TYR LB 484 31.53 -118.01 59.88
N HIS LB 485 31.21 -119.24 60.25
CA HIS LB 485 30.25 -120.09 59.51
C HIS LB 485 28.87 -119.45 59.48
N ILE LB 486 28.38 -119.11 60.67
CA ILE LB 486 27.07 -118.51 60.85
C ILE LB 486 26.90 -117.17 60.10
N LYS LB 487 28.01 -116.43 59.94
CA LYS LB 487 28.01 -115.06 59.39
C LYS LB 487 27.89 -115.02 57.88
N CYS LB 488 28.35 -116.09 57.23
CA CYS LB 488 28.46 -116.10 55.77
C CYS LB 488 27.23 -116.68 55.09
N GLY LB 489 26.11 -116.68 55.82
CA GLY LB 489 24.84 -117.11 55.29
C GLY LB 489 24.48 -118.50 55.76
N GLU LB 490 25.51 -119.30 55.98
CA GLU LB 490 25.33 -120.66 56.44
C GLU LB 490 24.60 -120.68 57.78
N SER LB 491 23.94 -121.80 58.07
CA SER LB 491 23.26 -121.99 59.35
C SER LB 491 24.01 -123.03 60.19
N SER LB 492 23.52 -123.27 61.41
CA SER LB 492 24.20 -124.16 62.35
C SER LB 492 23.93 -125.66 62.10
N LYS LB 493 22.90 -125.96 61.31
CA LYS LB 493 22.63 -127.33 60.90
C LYS LB 493 23.73 -127.82 59.95
N THR LB 494 24.24 -126.91 59.11
CA THR LB 494 25.35 -127.21 58.21
C THR LB 494 26.69 -127.25 58.93
N PHE LB 495 26.68 -126.89 60.22
CA PHE LB 495 27.92 -126.81 60.99
C PHE LB 495 28.30 -128.16 61.63
N ARG LB 496 29.37 -128.76 61.11
CA ARG LB 496 29.81 -130.07 61.57
C ARG LB 496 31.03 -129.94 62.49
N VAL LB 497 30.92 -130.45 63.71
CA VAL LB 497 32.08 -130.55 64.59
C VAL LB 497 32.12 -131.85 65.40
N ASP LB 498 33.33 -132.37 65.54
CA ASP LB 498 33.62 -133.58 66.30
C ASP LB 498 33.07 -133.46 67.73
N ASP LB 499 32.34 -134.47 68.19
CA ASP LB 499 31.86 -134.50 69.57
C ASP LB 499 33.03 -134.48 70.57
N GLU LB 500 34.22 -134.81 70.08
CA GLU LB 500 35.42 -134.74 70.90
C GLU LB 500 35.86 -133.29 71.08
N LEU LB 501 36.08 -132.58 69.97
CA LEU LB 501 36.54 -131.19 70.00
C LEU LB 501 35.57 -130.24 70.69
N LEU LB 502 34.27 -130.46 70.46
CA LEU LB 502 33.20 -129.60 70.99
C LEU LB 502 32.99 -129.77 72.51
N ASN LB 503 33.54 -130.84 73.06
CA ASN LB 503 33.46 -131.05 74.49
C ASN LB 503 34.76 -130.63 75.17
N ASN LB 504 35.80 -130.47 74.37
CA ASN LB 504 37.03 -129.85 74.83
C ASN LB 504 36.76 -128.36 74.98
N ALA LB 505 36.11 -127.81 73.96
CA ALA LB 505 35.76 -126.40 73.94
C ALA LB 505 34.87 -126.05 75.12
N PHE LB 506 33.91 -126.93 75.42
CA PHE LB 506 32.97 -126.66 76.49
C PHE LB 506 33.64 -126.70 77.87
N LYS LB 507 34.45 -127.74 78.12
CA LYS LB 507 35.15 -127.91 79.39
C LYS LB 507 36.23 -126.85 79.59
N ALA LB 508 37.00 -126.59 78.53
CA ALA LB 508 38.03 -125.55 78.56
C ALA LB 508 37.42 -124.15 78.73
N SER LB 509 36.17 -124.01 78.31
CA SER LB 509 35.46 -122.75 78.49
C SER LB 509 35.15 -122.46 79.98
N THR LB 510 35.07 -123.50 80.83
CA THR LB 510 34.80 -123.28 82.26
C THR LB 510 36.05 -122.93 83.09
N THR LB 511 37.12 -122.53 82.43
CA THR LB 511 38.30 -122.15 83.17
C THR LB 511 38.31 -120.65 83.55
N VAL LB 512 37.86 -119.79 82.63
CA VAL LB 512 37.97 -118.31 82.73
C VAL LB 512 37.26 -117.65 83.92
N PHE LB 513 36.46 -118.42 84.67
CA PHE LB 513 35.68 -117.88 85.79
C PHE LB 513 36.52 -117.07 86.77
N GLN LB 514 37.77 -117.48 86.95
CA GLN LB 514 38.65 -116.82 87.93
C GLN LB 514 39.13 -115.46 87.44
N SER LB 515 39.70 -115.43 86.24
CA SER LB 515 40.24 -114.20 85.67
C SER LB 515 39.16 -113.15 85.38
N MET LB 516 37.90 -113.61 85.33
CA MET LB 516 36.76 -112.75 85.01
C MET LB 516 36.13 -112.10 86.26
N LEU LB 517 36.15 -112.80 87.39
CA LEU LB 517 35.63 -112.25 88.65
C LEU LB 517 36.53 -111.13 89.20
N LYS LB 518 37.84 -111.23 88.92
CA LYS LB 518 38.80 -110.19 89.30
C LYS LB 518 38.45 -108.91 88.54
N VAL LB 519 37.67 -109.08 87.48
CA VAL LB 519 37.29 -107.97 86.62
C VAL LB 519 35.88 -107.50 86.94
N TYR LB 520 35.08 -108.37 87.56
CA TYR LB 520 33.76 -107.99 88.04
C TYR LB 520 33.87 -107.19 89.33
N VAL LB 521 34.70 -107.69 90.26
CA VAL LB 521 34.91 -106.99 91.52
C VAL LB 521 35.51 -105.62 91.29
N GLU LB 522 36.47 -105.54 90.37
CA GLU LB 522 37.06 -104.28 89.95
C GLU LB 522 35.95 -103.32 89.48
N LYS LB 523 35.03 -103.82 88.64
CA LYS LB 523 33.93 -103.02 88.10
C LYS LB 523 32.87 -102.67 89.16
N ILE LB 524 32.81 -103.43 90.25
CA ILE LB 524 31.89 -103.10 91.35
C ILE LB 524 32.39 -101.87 92.11
N PHE LB 525 33.65 -101.92 92.53
CA PHE LB 525 34.25 -100.82 93.28
C PHE LB 525 34.29 -99.53 92.46
N GLN LB 526 34.35 -99.65 91.14
CA GLN LB 526 34.23 -98.47 90.28
C GLN LB 526 32.80 -97.91 90.34
N LEU LB 527 31.83 -98.80 90.58
CA LEU LB 527 30.41 -98.40 90.60
C LEU LB 527 29.97 -97.85 91.94
N VAL LB 528 30.81 -98.06 92.95
CA VAL LB 528 30.52 -97.54 94.28
C VAL LB 528 30.42 -96.01 94.22
N ASP LB 529 31.06 -95.42 93.22
CA ASP LB 529 31.15 -93.96 93.08
C ASP LB 529 30.32 -93.36 91.94
N VAL LB 530 29.19 -93.99 91.59
CA VAL LB 530 28.37 -93.51 90.48
C VAL LB 530 26.96 -93.13 90.94
N ASP LB 531 26.35 -92.17 90.25
CA ASP LB 531 24.99 -91.76 90.57
C ASP LB 531 23.97 -92.67 89.87
N LEU LB 532 24.31 -93.95 89.73
CA LEU LB 532 23.30 -94.96 89.45
C LEU LB 532 22.44 -94.93 90.69
N GLU LB 533 21.15 -95.20 90.58
CA GLU LB 533 20.42 -95.19 91.82
C GLU LB 533 19.21 -96.05 91.86
N ASP LB 534 19.21 -96.85 92.93
CA ASP LB 534 18.09 -97.57 93.52
C ASP LB 534 17.73 -98.86 92.82
N SER LB 535 16.76 -98.80 91.92
CA SER LB 535 16.38 -99.97 91.14
C SER LB 535 17.63 -100.74 90.77
N LEU LB 536 18.58 -100.03 90.17
CA LEU LB 536 19.78 -100.63 89.61
C LEU LB 536 20.87 -100.93 90.64
N VAL LB 537 20.83 -100.26 91.79
CA VAL LB 537 21.77 -100.62 92.86
C VAL LB 537 21.43 -102.02 93.36
N THR LB 538 20.13 -102.24 93.54
CA THR LB 538 19.61 -103.53 93.99
C THR LB 538 19.91 -104.66 93.02
N LYS LB 539 19.39 -104.53 91.80
CA LYS LB 539 19.64 -105.51 90.73
C LYS LB 539 21.11 -105.96 90.67
N ILE LB 540 22.04 -105.06 91.02
CA ILE LB 540 23.46 -105.36 90.95
C ILE LB 540 23.88 -106.26 92.11
N ASN LB 541 23.26 -106.04 93.27
CA ASN LB 541 23.46 -106.91 94.42
C ASN LB 541 22.83 -108.29 94.28
N GLN LB 542 21.78 -108.38 93.47
CA GLN LB 542 21.23 -109.68 93.09
C GLN LB 542 22.27 -110.42 92.25
N THR LB 543 22.89 -109.72 91.31
CA THR LB 543 23.88 -110.34 90.44
C THR LB 543 25.13 -110.79 91.19
N THR LB 544 25.49 -110.04 92.22
CA THR LB 544 26.64 -110.43 93.05
C THR LB 544 26.31 -111.59 94.01
N MET LB 545 25.06 -111.67 94.45
CA MET LB 545 24.67 -112.75 95.36
C MET LB 545 24.24 -114.02 94.64
N ILE LB 546 23.82 -113.88 93.39
CA ILE LB 546 23.49 -115.04 92.58
C ILE LB 546 24.77 -115.67 92.05
N LEU LB 547 25.70 -114.83 91.62
CA LEU LB 547 27.01 -115.29 91.21
C LEU LB 547 27.69 -116.11 92.31
N GLN LB 548 27.50 -115.70 93.57
CA GLN LB 548 28.07 -116.43 94.71
C GLN LB 548 27.47 -117.82 94.89
N GLU LB 549 26.14 -117.92 94.79
CA GLU LB 549 25.48 -119.17 95.09
C GLU LB 549 25.73 -120.20 93.98
N SER LB 550 26.07 -119.73 92.79
CA SER LB 550 26.35 -120.63 91.68
C SER LB 550 27.85 -120.92 91.61
N MET LB 551 28.50 -120.94 92.77
CA MET LB 551 29.95 -121.10 92.86
C MET LB 551 30.37 -122.27 93.72
N ASP LB 552 31.28 -123.08 93.19
CA ASP LB 552 31.80 -124.17 94.00
C ASP LB 552 32.83 -123.61 94.97
N ASP LB 553 33.07 -124.34 96.06
CA ASP LB 553 34.02 -123.91 97.09
C ASP LB 553 35.38 -123.47 96.53
N LYS LB 554 35.86 -124.19 95.50
CA LYS LB 554 37.14 -123.83 94.85
C LYS LB 554 37.11 -122.36 94.46
N ILE LB 555 36.13 -122.00 93.65
CA ILE LB 555 36.00 -120.63 93.11
C ILE LB 555 35.56 -119.61 94.16
N PHE LB 556 34.57 -119.99 94.97
CA PHE LB 556 34.04 -119.12 96.01
C PHE LB 556 35.13 -118.72 97.00
N ASN LB 557 35.87 -119.71 97.50
CA ASN LB 557 36.94 -119.42 98.44
C ASN LB 557 37.99 -118.46 97.84
N TYR LB 558 37.98 -118.34 96.51
CA TYR LB 558 38.80 -117.35 95.82
C TYR LB 558 38.12 -116.00 95.82
N PHE LB 559 36.85 -116.01 95.39
CA PHE LB 559 36.06 -114.79 95.38
C PHE LB 559 36.07 -114.11 96.75
N ALA LB 560 36.02 -114.91 97.83
CA ALA LB 560 36.06 -114.38 99.18
C ALA LB 560 37.37 -113.64 99.47
N SER LB 561 38.51 -114.28 99.25
CA SER LB 561 39.80 -113.61 99.49
C SER LB 561 40.04 -112.46 98.49
N LEU LB 562 39.10 -112.25 97.59
CA LEU LB 562 39.19 -111.16 96.61
C LEU LB 562 38.29 -109.98 97.00
N LEU LB 563 37.20 -110.25 97.72
CA LEU LB 563 36.41 -109.18 98.31
C LEU LB 563 37.18 -108.70 99.52
N ASN LB 564 37.52 -109.63 100.40
CA ASN LB 564 38.39 -109.33 101.53
C ASN LB 564 39.57 -108.44 101.09
N ARG LB 565 40.33 -108.91 100.11
CA ARG LB 565 41.50 -108.15 99.64
C ARG LB 565 41.15 -106.73 99.21
N ASN LB 566 40.24 -106.61 98.23
CA ASN LB 566 39.86 -105.33 97.61
C ASN LB 566 39.06 -104.37 98.50
N PHE LB 567 38.38 -104.91 99.51
CA PHE LB 567 37.60 -104.11 100.46
C PHE LB 567 38.52 -103.22 101.33
N TRP LB 568 39.68 -103.76 101.67
CA TRP LB 568 40.64 -103.05 102.53
C TRP LB 568 41.54 -102.12 101.72
N SER LB 569 42.27 -102.70 100.78
CA SER LB 569 43.13 -101.92 99.89
C SER LB 569 42.35 -101.46 98.65
N ASN LB 570 41.67 -100.32 98.77
CA ASN LB 570 40.95 -99.73 97.65
C ASN LB 570 41.06 -98.21 97.63
N ASP LB 571 41.00 -97.65 96.42
CA ASP LB 571 41.04 -96.21 96.22
C ASP LB 571 39.73 -95.82 95.54
N SER LB 572 38.61 -96.16 96.19
CA SER LB 572 37.33 -96.19 95.48
C SER LB 572 36.10 -95.67 96.25
N PHE LB 573 36.29 -94.99 97.38
CA PHE LB 573 35.15 -94.42 98.10
C PHE LB 573 35.22 -92.90 98.25
N LYS LB 574 35.77 -92.23 97.24
CA LYS LB 574 35.92 -90.79 97.27
C LYS LB 574 34.58 -90.04 97.08
N GLU LB 575 34.21 -89.79 95.82
CA GLU LB 575 33.00 -89.06 95.43
C GLU LB 575 31.89 -88.95 96.49
N LYS LB 576 31.71 -87.74 97.01
CA LYS LB 576 30.62 -87.37 97.91
C LYS LB 576 29.93 -88.49 98.71
N ASP LB 577 28.93 -89.09 98.08
CA ASP LB 577 27.96 -89.97 98.75
C ASP LB 577 27.83 -91.31 98.04
N PRO LB 578 28.55 -92.33 98.58
CA PRO LB 578 28.78 -93.62 97.92
C PRO LB 578 27.67 -94.66 98.11
N ASN LB 579 27.66 -95.64 97.21
CA ASN LB 579 26.80 -96.80 97.33
C ASN LB 579 27.54 -97.88 98.09
N TYR LB 580 27.53 -97.77 99.42
CA TYR LB 580 28.19 -98.78 100.24
C TYR LB 580 27.53 -100.15 100.01
N GLU LB 581 26.20 -100.14 99.88
CA GLU LB 581 25.41 -101.36 99.65
C GLU LB 581 26.11 -102.34 98.71
N LEU LB 582 26.67 -101.83 97.62
CA LEU LB 582 27.24 -102.66 96.54
C LEU LB 582 28.43 -103.52 96.94
N VAL LB 583 28.96 -103.28 98.14
CA VAL LB 583 30.16 -103.97 98.57
C VAL LB 583 29.96 -104.61 99.96
N THR LB 584 29.26 -103.91 100.85
CA THR LB 584 29.01 -104.45 102.19
C THR LB 584 28.16 -105.69 102.16
N ILE LB 585 27.09 -105.63 101.38
CA ILE LB 585 26.15 -106.76 101.28
C ILE LB 585 26.76 -108.03 100.69
N PRO LB 586 27.47 -107.93 99.56
CA PRO LB 586 28.19 -109.08 99.02
C PRO LB 586 29.17 -109.74 100.01
N LEU LB 587 29.59 -109.01 101.04
CA LEU LB 587 30.35 -109.61 102.13
C LEU LB 587 29.46 -110.47 103.03
N ALA LB 588 28.37 -109.88 103.53
CA ALA LB 588 27.39 -110.60 104.33
C ALA LB 588 26.99 -111.94 103.68
N ALA LB 589 26.88 -111.94 102.34
CA ALA LB 589 26.47 -113.13 101.61
C ALA LB 589 27.58 -114.20 101.55
N LEU LB 590 28.79 -113.81 101.95
CA LEU LB 590 29.92 -114.76 102.06
C LEU LB 590 29.82 -115.44 103.41
N VAL LB 591 29.43 -114.67 104.41
CA VAL LB 591 29.30 -115.15 105.77
C VAL LB 591 28.05 -116.02 105.98
N ARG LB 592 27.01 -115.77 105.18
CA ARG LB 592 25.85 -116.65 105.13
C ARG LB 592 26.32 -118.07 104.83
N ARG LB 593 27.09 -118.20 103.74
CA ARG LB 593 27.59 -119.48 103.22
C ARG LB 593 28.73 -120.10 104.03
N ASN LB 594 29.56 -119.24 104.63
CA ASN LB 594 30.73 -119.69 105.39
C ASN LB 594 30.96 -118.93 106.71
N ASN LB 595 30.16 -119.27 107.73
CA ASN LB 595 30.24 -118.62 109.04
C ASN LB 595 31.66 -118.50 109.56
N GLY LB 596 32.53 -119.41 109.14
CA GLY LB 596 33.91 -119.45 109.59
C GLY LB 596 34.67 -118.18 109.28
N LEU LB 597 34.31 -117.56 108.15
CA LEU LB 597 34.93 -116.30 107.70
C LEU LB 597 34.68 -115.12 108.63
N SER LB 598 33.69 -115.24 109.51
CA SER LB 598 33.30 -114.13 110.40
C SER LB 598 34.28 -113.86 111.55
N LYS LB 599 34.72 -114.91 112.25
CA LYS LB 599 35.56 -114.72 113.43
C LYS LB 599 36.62 -113.63 113.20
N GLU LB 600 37.21 -113.61 112.01
CA GLU LB 600 38.31 -112.70 111.73
C GLU LB 600 37.90 -111.44 110.97
N LEU LB 601 36.89 -111.54 110.11
CA LEU LB 601 36.41 -110.37 109.39
C LEU LB 601 35.88 -109.29 110.34
N VAL LB 602 35.17 -109.73 111.36
CA VAL LB 602 34.58 -108.81 112.34
C VAL LB 602 35.65 -108.16 113.20
N ARG LB 603 36.57 -108.96 113.74
CA ARG LB 603 37.65 -108.41 114.57
C ARG LB 603 38.54 -107.45 113.79
N THR LB 604 38.47 -107.49 112.47
CA THR LB 604 39.23 -106.55 111.64
C THR LB 604 38.43 -105.27 111.36
N LEU LB 605 37.12 -105.38 111.38
CA LEU LB 605 36.25 -104.22 111.24
C LEU LB 605 36.28 -103.40 112.51
N LEU LB 606 36.62 -104.04 113.63
CA LEU LB 606 36.59 -103.36 114.91
C LEU LB 606 37.92 -102.67 115.25
N PHE LB 607 39.05 -103.30 114.91
CA PHE LB 607 40.36 -102.67 115.13
C PHE LB 607 40.66 -101.70 113.99
N HIS LB 608 39.66 -101.47 113.13
CA HIS LB 608 39.75 -100.50 112.03
C HIS LB 608 38.72 -99.38 112.26
N ILE LB 609 37.70 -99.70 113.07
CA ILE LB 609 36.69 -98.73 113.50
C ILE LB 609 37.17 -97.96 114.73
N LYS LB 610 37.70 -98.68 115.72
CA LYS LB 610 38.36 -98.02 116.85
C LYS LB 610 39.48 -97.11 116.30
N GLU LB 611 40.12 -97.53 115.21
CA GLU LB 611 41.20 -96.74 114.62
C GLU LB 611 40.67 -95.40 114.10
N GLN LB 612 39.58 -95.45 113.33
CA GLN LB 612 39.00 -94.23 112.75
C GLN LB 612 38.40 -93.29 113.81
N ILE LB 613 37.79 -93.85 114.85
CA ILE LB 613 37.25 -93.01 115.92
C ILE LB 613 38.38 -92.27 116.60
N LYS LB 614 39.38 -93.04 117.02
CA LYS LB 614 40.54 -92.50 117.73
C LYS LB 614 41.26 -91.38 116.96
N ARG LB 615 41.16 -91.37 115.64
CA ARG LB 615 41.77 -90.27 114.86
C ARG LB 615 40.76 -89.26 114.32
N GLY LB 616 39.76 -88.93 115.15
CA GLY LB 616 38.90 -87.78 114.93
C GLY LB 616 37.68 -87.94 114.05
N ALA LB 617 37.31 -89.19 113.72
CA ALA LB 617 36.14 -89.45 112.88
C ALA LB 617 34.86 -89.27 113.71
N GLY LB 618 33.85 -88.64 113.10
CA GLY LB 618 32.61 -88.31 113.78
C GLY LB 618 32.83 -87.38 114.96
N SER LB 619 33.84 -86.53 114.83
CA SER LB 619 34.20 -85.54 115.85
C SER LB 619 33.40 -84.26 115.58
N VAL LB 620 33.17 -84.01 114.30
CA VAL LB 620 32.56 -82.77 113.84
C VAL LB 620 31.06 -82.95 113.66
N ARG LB 621 30.28 -82.17 114.43
CA ARG LB 621 28.82 -82.34 114.46
C ARG LB 621 28.07 -81.83 113.22
N SER LB 622 27.07 -82.60 112.79
CA SER LB 622 26.15 -82.20 111.72
C SER LB 622 24.94 -83.15 111.61
N THR LB 623 23.74 -82.60 111.71
CA THR LB 623 22.55 -83.26 111.17
C THR LB 623 22.65 -83.17 109.65
N SER LB 624 21.72 -83.82 108.95
CA SER LB 624 21.54 -83.64 107.50
C SER LB 624 22.55 -84.34 106.56
N GLU LB 625 23.83 -84.36 106.93
CA GLU LB 625 24.89 -84.87 106.05
C GLU LB 625 25.90 -85.76 106.75
N ILE LB 626 26.45 -86.72 106.01
CA ILE LB 626 27.54 -87.51 106.55
C ILE LB 626 28.85 -86.88 106.11
N GLN LB 627 29.63 -86.38 107.08
CA GLN LB 627 30.88 -85.70 106.76
C GLN LB 627 31.82 -86.63 105.99
N GLN LB 628 32.49 -86.10 104.96
CA GLN LB 628 33.34 -86.92 104.09
C GLN LB 628 34.64 -87.45 104.75
N ARG LB 629 35.00 -86.91 105.92
CA ARG LB 629 36.12 -87.45 106.69
C ARG LB 629 35.68 -88.71 107.46
N ASP LB 630 34.36 -88.93 107.44
CA ASP LB 630 33.73 -90.03 108.13
C ASP LB 630 33.55 -91.20 107.19
N VAL LB 631 33.34 -90.89 105.89
CA VAL LB 631 32.98 -91.89 104.88
C VAL LB 631 33.62 -93.26 105.14
N LYS LB 632 34.90 -93.27 105.52
CA LYS LB 632 35.59 -94.52 105.85
C LYS LB 632 34.97 -95.19 107.08
N LEU LB 633 34.87 -94.47 108.19
CA LEU LB 633 34.19 -95.03 109.39
C LEU LB 633 32.80 -95.58 109.07
N VAL LB 634 32.07 -94.91 108.17
CA VAL LB 634 30.74 -95.33 107.80
C VAL LB 634 30.74 -96.62 106.98
N LEU LB 635 31.75 -96.78 106.12
CA LEU LB 635 31.90 -98.02 105.37
C LEU LB 635 32.01 -99.20 106.34
N TYR LB 636 33.03 -99.15 107.21
CA TYR LB 636 33.29 -100.22 108.17
C TYR LB 636 32.09 -100.49 109.07
N LEU LB 637 31.31 -99.46 109.39
CA LEU LB 637 30.11 -99.63 110.23
C LEU LB 637 28.93 -100.26 109.49
N THR LB 638 28.76 -99.93 108.21
CA THR LB 638 27.72 -100.58 107.42
C THR LB 638 28.08 -102.05 107.24
N ALA LB 639 29.35 -102.30 106.92
CA ALA LB 639 29.87 -103.67 106.81
C ALA LB 639 29.59 -104.45 108.09
N LEU LB 640 29.90 -103.84 109.23
CA LEU LB 640 29.69 -104.51 110.51
C LEU LB 640 28.20 -104.83 110.76
N ASN LB 641 27.31 -103.96 110.28
CA ASN LB 641 25.85 -104.19 110.39
C ASN LB 641 25.39 -105.31 109.48
N ASP LB 642 25.71 -105.16 108.20
CA ASP LB 642 25.31 -106.11 107.17
C ASP LB 642 25.92 -107.51 107.40
N VAL LB 643 27.11 -107.56 107.99
CA VAL LB 643 27.85 -108.81 108.22
C VAL LB 643 27.61 -109.48 109.59
N LEU LB 644 27.18 -108.71 110.58
CA LEU LB 644 26.70 -109.36 111.79
C LEU LB 644 25.36 -110.04 111.48
N ARG LB 645 24.49 -109.33 110.76
CA ARG LB 645 23.14 -109.80 110.47
C ARG LB 645 23.12 -111.23 109.89
N ASN LB 646 24.25 -111.62 109.31
CA ASN LB 646 24.39 -112.94 108.70
C ASN LB 646 25.49 -113.80 109.35
N CYS LB 647 25.91 -113.42 110.55
CA CYS LB 647 26.91 -114.18 111.31
C CYS LB 647 26.34 -115.44 111.93
N HIS LB 648 25.16 -115.34 112.53
CA HIS LB 648 24.50 -116.45 113.21
C HIS LB 648 25.34 -117.00 114.36
N GLU LB 649 25.32 -118.32 114.51
CA GLU LB 649 25.91 -119.00 115.66
C GLU LB 649 27.43 -118.84 115.81
N SER LB 650 28.09 -118.38 114.75
CA SER LB 650 29.55 -118.24 114.76
C SER LB 650 29.91 -117.03 115.61
N LEU LB 651 28.88 -116.30 116.01
CA LEU LB 651 28.97 -115.07 116.78
C LEU LB 651 29.06 -115.39 118.28
N LEU LB 652 28.89 -116.66 118.61
CA LEU LB 652 28.99 -117.12 119.99
C LEU LB 652 30.44 -117.10 120.48
N GLU LB 653 31.38 -117.22 119.53
CA GLU LB 653 32.81 -117.26 119.85
C GLU LB 653 33.32 -115.95 120.44
N TYR LB 654 33.07 -114.87 119.71
CA TYR LB 654 33.53 -113.55 120.13
C TYR LB 654 32.39 -112.72 120.70
N SER LB 655 31.55 -113.36 121.51
CA SER LB 655 30.44 -112.68 122.16
C SER LB 655 30.90 -111.50 123.00
N ASP LB 656 31.72 -111.79 124.02
CA ASP LB 656 32.11 -110.75 124.97
C ASP LB 656 32.91 -109.59 124.36
N GLU LB 657 33.63 -109.85 123.27
CA GLU LB 657 34.41 -108.82 122.61
C GLU LB 657 33.54 -107.86 121.81
N LEU LB 658 32.34 -108.33 121.48
CA LEU LB 658 31.39 -107.51 120.74
C LEU LB 658 30.67 -106.56 121.67
N ILE LB 659 29.87 -107.12 122.58
CA ILE LB 659 29.16 -106.30 123.57
C ILE LB 659 30.04 -105.16 124.12
N THR LB 660 31.27 -105.47 124.53
CA THR LB 660 32.17 -104.48 125.14
C THR LB 660 32.69 -103.45 124.12
N PHE LB 661 32.62 -103.80 122.84
CA PHE LB 661 32.93 -102.86 121.77
C PHE LB 661 31.72 -101.98 121.45
N MET LB 662 30.52 -102.58 121.52
CA MET LB 662 29.28 -101.84 121.29
C MET LB 662 29.11 -100.74 122.32
N LYS LB 663 29.37 -101.08 123.59
CA LYS LB 663 29.36 -100.10 124.68
C LYS LB 663 30.41 -99.00 124.46
N TYR LB 664 31.51 -99.35 123.79
CA TYR LB 664 32.56 -98.39 123.45
C TYR LB 664 32.10 -97.46 122.34
N LEU LB 665 31.34 -98.02 121.40
CA LEU LB 665 30.84 -97.29 120.23
C LEU LB 665 29.80 -96.24 120.62
N TYR LB 666 29.22 -96.41 121.81
CA TYR LB 666 28.16 -95.52 122.29
C TYR LB 666 28.66 -94.58 123.36
N ASP LB 667 29.71 -94.98 124.07
CA ASP LB 667 30.41 -94.05 124.97
C ASP LB 667 31.04 -92.95 124.12
N ASN LB 668 31.93 -93.34 123.21
CA ASN LB 668 32.43 -92.42 122.17
C ASN LB 668 31.44 -92.35 121.03
N VAL LB 669 31.71 -91.46 120.08
CA VAL LB 669 30.87 -91.30 118.87
C VAL LB 669 29.42 -90.84 119.11
N THR LB 670 29.25 -89.52 119.12
CA THR LB 670 27.93 -88.92 119.16
C THR LB 670 27.80 -88.03 117.93
N ASN LB 671 26.69 -88.18 117.20
CA ASN LB 671 26.48 -87.54 115.89
C ASN LB 671 25.21 -88.09 115.22
N PRO LB 672 24.09 -87.32 115.24
CA PRO LB 672 22.75 -87.83 114.86
C PRO LB 672 22.66 -88.70 113.59
N PRO LB 673 23.44 -88.39 112.55
CA PRO LB 673 23.46 -89.23 111.34
C PRO LB 673 24.30 -90.51 111.45
N LEU LB 674 25.26 -90.54 112.39
CA LEU LB 674 26.05 -91.74 112.67
C LEU LB 674 25.36 -92.66 113.67
N ASP LB 675 24.54 -92.07 114.54
CA ASP LB 675 23.80 -92.83 115.54
C ASP LB 675 22.63 -93.62 114.93
N VAL LB 676 22.12 -93.18 113.77
CA VAL LB 676 21.11 -93.98 113.08
C VAL LB 676 21.79 -95.21 112.48
N ILE LB 677 23.12 -95.10 112.31
CA ILE LB 677 23.95 -96.22 111.86
C ILE LB 677 24.46 -97.11 113.00
N THR LB 678 25.21 -96.53 113.95
CA THR LB 678 25.77 -97.29 115.06
C THR LB 678 24.74 -98.06 115.89
N SER LB 679 23.53 -97.51 116.00
CA SER LB 679 22.46 -98.14 116.79
C SER LB 679 21.90 -99.39 116.09
N ILE LB 680 22.29 -99.61 114.84
CA ILE LB 680 21.82 -100.76 114.09
C ILE LB 680 22.70 -101.99 114.38
N VAL LB 681 23.92 -101.75 114.84
CA VAL LB 681 24.81 -102.84 115.23
C VAL LB 681 24.08 -103.79 116.19
N ILE LB 682 23.39 -103.23 117.18
CA ILE LB 682 22.69 -104.02 118.18
C ILE LB 682 21.59 -104.89 117.59
N HIS LB 683 20.97 -104.42 116.51
CA HIS LB 683 19.87 -105.12 115.90
C HIS LB 683 20.40 -106.27 115.05
N SER LB 684 21.34 -105.92 114.16
CA SER LB 684 21.95 -106.91 113.28
C SER LB 684 22.62 -108.07 114.04
N ALA LB 685 22.70 -107.95 115.36
CA ALA LB 685 23.29 -109.03 116.13
C ALA LB 685 22.24 -109.77 116.97
N LEU LB 686 21.15 -109.10 117.31
CA LEU LB 686 20.05 -109.77 118.00
C LEU LB 686 19.18 -110.52 117.01
N ALA LB 687 19.05 -109.98 115.80
CA ALA LB 687 18.25 -110.65 114.78
C ALA LB 687 18.96 -111.89 114.28
N THR LB 688 20.28 -111.88 114.31
CA THR LB 688 21.06 -112.98 113.73
C THR LB 688 21.06 -114.24 114.62
N LEU LB 689 20.81 -114.05 115.90
CA LEU LB 689 20.82 -115.16 116.84
C LEU LB 689 19.48 -115.88 116.87
N CYS LB 690 18.38 -115.12 116.88
CA CYS LB 690 17.06 -115.73 117.06
C CYS LB 690 16.12 -115.71 115.84
N THR LB 691 16.49 -114.97 114.79
CA THR LB 691 15.71 -115.03 113.57
C THR LB 691 15.96 -116.38 112.90
N THR LB 692 14.86 -117.06 112.58
CA THR LB 692 14.92 -118.36 111.90
C THR LB 692 14.89 -118.15 110.39
N GLU LB 693 15.99 -118.43 109.70
CA GLU LB 693 16.06 -118.18 108.25
C GLU LB 693 16.86 -119.25 107.50
N ILE LB 694 16.84 -119.10 106.18
CA ILE LB 694 17.67 -119.90 105.28
C ILE LB 694 19.15 -119.53 105.46
N THR LB 695 20.03 -120.28 104.83
CA THR LB 695 21.47 -120.08 104.98
C THR LB 695 22.18 -120.56 103.71
N ASP LB 696 21.55 -121.53 103.06
CA ASP LB 696 22.10 -122.16 101.88
C ASP LB 696 21.24 -121.83 100.67
N CYS LB 697 21.87 -121.43 99.57
CA CYS LB 697 21.12 -121.11 98.35
C CYS LB 697 21.84 -121.59 97.11
N ARG LB 698 22.94 -122.31 97.31
CA ARG LB 698 23.83 -122.71 96.22
C ARG LB 698 23.08 -123.41 95.07
N LEU LB 699 23.52 -123.14 93.85
CA LEU LB 699 22.95 -123.77 92.68
C LEU LB 699 22.99 -125.28 92.86
N PHE LB 700 24.15 -125.75 93.33
CA PHE LB 700 24.41 -127.17 93.59
C PHE LB 700 25.18 -127.32 94.92
N PRO LB 701 24.71 -128.24 95.77
CA PRO LB 701 25.05 -128.26 97.20
C PRO LB 701 26.45 -128.79 97.57
N GLU LB 702 26.93 -128.33 98.72
CA GLU LB 702 28.09 -128.92 99.39
C GLU LB 702 29.41 -128.82 98.63
N ASP LB 703 29.31 -128.61 97.32
CA ASP LB 703 30.42 -128.80 96.38
C ASP LB 703 30.25 -130.21 95.82
N SER LB 704 29.79 -131.12 96.68
CA SER LB 704 29.46 -132.48 96.26
C SER LB 704 28.07 -132.90 96.74
N LYS LB 705 27.16 -132.91 95.78
CA LYS LB 705 25.83 -133.47 95.91
C LYS LB 705 25.65 -133.75 94.47
N ILE LB 706 26.45 -134.70 94.01
CA ILE LB 706 26.66 -134.98 92.61
C ILE LB 706 25.36 -135.37 91.93
N PRO LB 707 24.93 -134.57 90.93
CA PRO LB 707 24.08 -135.04 89.83
C PRO LB 707 25.01 -135.32 88.64
N GLU LB 708 26.31 -135.23 88.90
CA GLU LB 708 27.37 -135.36 87.89
C GLU LB 708 27.79 -133.97 87.42
N LYS LB 709 28.59 -133.92 86.36
CA LYS LB 709 28.97 -132.64 85.75
C LYS LB 709 28.46 -132.49 84.28
N ASP LB 710 27.25 -132.99 84.05
CA ASP LB 710 26.40 -132.60 82.93
C ASP LB 710 25.34 -131.73 83.60
N ARG LB 711 25.81 -130.85 84.48
CA ARG LB 711 24.88 -130.16 85.39
C ARG LB 711 24.69 -128.69 85.08
N TRP LB 712 24.70 -128.32 83.80
CA TRP LB 712 24.56 -126.90 83.45
C TRP LB 712 23.14 -126.33 83.68
N GLY LB 713 22.35 -126.15 82.63
CA GLY LB 713 21.04 -125.53 82.82
C GLY LB 713 20.50 -126.01 84.15
N GLY LB 714 20.45 -125.12 85.14
CA GLY LB 714 20.36 -125.47 86.56
C GLY LB 714 19.45 -126.59 87.07
N LEU LB 715 19.17 -127.58 86.22
CA LEU LB 715 18.12 -128.60 86.43
C LEU LB 715 16.76 -127.98 86.17
N GLN LB 716 16.78 -126.79 85.56
CA GLN LB 716 15.56 -126.00 85.36
C GLN LB 716 14.51 -126.72 84.52
N PHE LB 717 14.91 -127.82 83.89
CA PHE LB 717 13.98 -128.57 83.04
C PHE LB 717 13.92 -130.04 83.39
N ASP LB 718 14.93 -130.49 84.14
CA ASP LB 718 15.01 -131.86 84.61
C ASP LB 718 13.94 -132.13 85.68
N PRO LB 719 13.35 -133.33 85.68
CA PRO LB 719 12.34 -133.56 86.73
C PRO LB 719 12.98 -133.85 88.08
N ARG LB 720 14.30 -134.00 88.14
CA ARG LB 720 14.95 -134.22 89.43
C ARG LB 720 15.26 -132.89 90.12
N ARG LB 721 14.99 -131.80 89.40
CA ARG LB 721 15.18 -130.46 89.95
C ARG LB 721 14.54 -130.34 91.33
N PHE LB 722 13.53 -131.17 91.63
CA PHE LB 722 12.90 -131.11 92.94
C PHE LB 722 12.62 -132.41 93.69
N ASP LB 723 13.47 -133.42 93.54
CA ASP LB 723 13.42 -134.52 94.51
C ASP LB 723 14.23 -134.10 95.74
N LYS LB 724 13.84 -134.60 96.91
CA LYS LB 724 14.25 -134.00 98.18
C LYS LB 724 15.76 -134.04 98.50
N GLN LB 725 16.52 -134.90 97.82
CA GLN LB 725 17.94 -135.03 98.13
C GLN LB 725 18.79 -133.92 97.52
N HIS LB 726 18.24 -133.26 96.50
CA HIS LB 726 18.87 -132.12 95.83
C HIS LB 726 18.61 -130.89 96.68
N LEU LB 727 17.34 -130.64 96.95
CA LEU LB 727 16.88 -129.54 97.79
C LEU LB 727 17.13 -129.81 99.28
N SER LB 728 18.41 -129.98 99.63
CA SER LB 728 18.81 -130.27 101.01
C SER LB 728 19.20 -129.00 101.76
N PHE LB 729 18.27 -128.04 101.84
CA PHE LB 729 18.57 -126.71 102.39
C PHE LB 729 19.17 -126.76 103.77
N GLN LB 730 19.96 -125.75 104.10
CA GLN LB 730 20.65 -125.75 105.38
C GLN LB 730 19.76 -125.21 106.51
N TRP LB 731 19.39 -123.93 106.44
CA TRP LB 731 18.58 -123.29 107.48
C TRP LB 731 19.32 -123.02 108.80
N HIS LB 732 19.25 -121.78 109.26
CA HIS LB 732 19.67 -121.46 110.61
C HIS LB 732 18.47 -121.59 111.56
N VAL LB 733 18.56 -122.51 112.51
CA VAL LB 733 17.57 -122.59 113.57
C VAL LB 733 18.20 -122.15 114.88
N PRO LB 734 17.55 -121.23 115.59
CA PRO LB 734 18.14 -120.70 116.80
C PRO LB 734 18.27 -121.80 117.87
N SER LB 735 19.49 -122.07 118.33
CA SER LB 735 19.74 -123.06 119.39
C SER LB 735 19.57 -122.47 120.80
N SER LB 736 19.45 -123.34 121.80
CA SER LB 736 19.33 -122.89 123.19
C SER LB 736 20.51 -122.00 123.62
N ASP LB 737 21.64 -122.18 122.93
CA ASP LB 737 22.85 -121.42 123.23
C ASP LB 737 22.75 -120.00 122.71
N GLU LB 738 22.28 -119.86 121.47
CA GLU LB 738 22.14 -118.56 120.84
C GLU LB 738 21.06 -117.71 121.52
N ILE LB 739 19.89 -118.30 121.78
CA ILE LB 739 18.80 -117.60 122.47
C ILE LB 739 19.27 -117.08 123.82
N THR LB 740 20.20 -117.82 124.41
CA THR LB 740 20.70 -117.50 125.74
C THR LB 740 21.68 -116.31 125.73
N LEU LB 741 22.55 -116.24 124.72
CA LEU LB 741 23.39 -115.05 124.50
C LEU LB 741 22.52 -113.89 124.02
N SER LB 742 21.57 -114.23 123.14
CA SER LB 742 20.54 -113.31 122.68
C SER LB 742 20.00 -112.51 123.86
N ILE LB 743 19.55 -113.24 124.88
CA ILE LB 743 18.95 -112.62 126.05
C ILE LB 743 19.96 -111.91 126.96
N SER LB 744 21.15 -112.48 127.11
CA SER LB 744 22.23 -111.84 127.87
C SER LB 744 22.39 -110.40 127.40
N ILE LB 745 22.48 -110.25 126.08
CA ILE LB 745 22.61 -108.96 125.42
C ILE LB 745 21.43 -108.03 125.64
N LEU LB 746 20.24 -108.47 125.23
CA LEU LB 746 19.02 -107.72 125.48
C LEU LB 746 19.01 -106.99 126.85
N GLU LB 747 19.36 -107.70 127.93
CA GLU LB 747 19.32 -107.08 129.26
C GLU LB 747 20.55 -106.21 129.55
N SER LB 748 21.69 -106.53 128.91
CA SER LB 748 22.93 -105.80 129.11
C SER LB 748 22.99 -104.46 128.33
N LEU LB 749 22.43 -104.45 127.12
CA LEU LB 749 22.30 -103.20 126.36
C LEU LB 749 21.06 -102.42 126.83
N SER LB 750 20.00 -103.15 127.17
CA SER LB 750 18.79 -102.56 127.73
C SER LB 750 19.09 -101.75 129.00
N GLU LB 751 19.91 -102.31 129.88
CA GLU LB 751 20.36 -101.58 131.06
C GLU LB 751 21.28 -100.41 130.68
N TYR LB 752 22.29 -100.68 129.85
CA TYR LB 752 23.23 -99.64 129.40
C TYR LB 752 22.53 -98.35 128.95
N CYS LB 753 21.52 -98.50 128.11
CA CYS LB 753 20.76 -97.35 127.61
C CYS LB 753 19.96 -96.68 128.73
N ILE LB 754 19.23 -97.46 129.52
CA ILE LB 754 18.36 -96.87 130.55
C ILE LB 754 19.15 -96.15 131.65
N ASN LB 755 20.36 -96.62 131.94
CA ASN LB 755 21.24 -95.94 132.90
C ASN LB 755 21.76 -94.61 132.33
N ASN LB 756 22.50 -94.68 131.23
CA ASN LB 756 23.03 -93.46 130.61
C ASN LB 756 21.95 -92.39 130.35
N VAL LB 757 20.68 -92.81 130.22
CA VAL LB 757 19.53 -91.89 130.04
C VAL LB 757 18.90 -91.40 131.35
N GLU LB 758 18.81 -92.30 132.32
CA GLU LB 758 18.34 -91.90 133.65
C GLU LB 758 19.39 -91.01 134.32
N GLU LB 759 20.61 -91.00 133.76
CA GLU LB 759 21.70 -90.14 134.23
C GLU LB 759 21.47 -88.72 133.74
N LEU LB 760 21.28 -88.61 132.43
CA LEU LB 760 21.06 -87.34 131.77
C LEU LB 760 19.76 -86.68 132.19
N MET LB 761 19.04 -87.30 133.12
CA MET LB 761 17.92 -86.61 133.73
C MET LB 761 18.37 -85.81 134.97
N LYS LB 762 19.52 -85.15 134.77
CA LYS LB 762 19.95 -83.97 135.48
C LYS LB 762 20.24 -82.94 134.39
N ALA LB 763 19.16 -82.26 134.00
CA ALA LB 763 18.97 -81.71 132.67
C ALA LB 763 19.86 -80.52 132.28
N PRO LB 764 20.76 -80.71 131.29
CA PRO LB 764 21.29 -79.57 130.51
C PRO LB 764 20.44 -79.22 129.27
N ARG LB 765 19.63 -78.16 129.36
CA ARG LB 765 18.75 -77.77 128.24
C ARG LB 765 19.54 -77.23 127.06
N HIS LB 766 20.70 -76.64 127.36
CA HIS LB 766 21.61 -76.14 126.34
C HIS LB 766 22.27 -77.30 125.60
N ASP LB 767 23.44 -77.74 126.11
CA ASP LB 767 24.28 -78.77 125.50
C ASP LB 767 24.00 -78.96 123.99
N SER LB 768 22.82 -79.48 123.67
CA SER LB 768 22.45 -79.88 122.31
C SER LB 768 23.30 -81.09 121.89
N GLU LB 769 24.49 -81.22 122.47
CA GLU LB 769 25.26 -82.48 122.50
C GLU LB 769 24.67 -83.30 123.64
N TYR LB 770 23.42 -82.97 123.96
CA TYR LB 770 22.66 -83.63 125.01
C TYR LB 770 21.49 -84.30 124.31
N GLY LB 771 20.72 -83.51 123.56
CA GLY LB 771 19.64 -84.04 122.75
C GLY LB 771 20.17 -84.99 121.69
N ASP LB 772 21.47 -84.91 121.45
CA ASP LB 772 22.17 -85.84 120.56
C ASP LB 772 22.37 -87.19 121.25
N MET LB 773 22.66 -87.13 122.56
CA MET LB 773 22.96 -88.32 123.32
C MET LB 773 21.71 -89.07 123.76
N ILE LB 774 20.65 -88.33 124.06
CA ILE LB 774 19.39 -88.95 124.41
C ILE LB 774 18.78 -89.64 123.18
N GLN LB 775 18.89 -88.99 122.02
CA GLN LB 775 18.43 -89.60 120.77
C GLN LB 775 19.22 -90.87 120.52
N LYS LB 776 20.52 -90.81 120.82
CA LYS LB 776 21.41 -91.95 120.64
C LYS LB 776 20.93 -93.17 121.45
N TYR LB 777 20.74 -92.97 122.75
CA TYR LB 777 20.35 -94.08 123.60
C TYR LB 777 18.92 -94.59 123.27
N VAL LB 778 18.06 -93.69 122.80
CA VAL LB 778 16.71 -94.09 122.41
C VAL LB 778 16.67 -94.80 121.05
N LEU LB 779 17.73 -94.64 120.26
CA LEU LB 779 17.84 -95.38 119.01
C LEU LB 779 18.43 -96.75 119.25
N VAL LB 780 19.44 -96.79 120.11
CA VAL LB 780 20.07 -98.04 120.49
C VAL LB 780 19.05 -98.91 121.23
N MET LB 781 18.25 -98.27 122.08
CA MET LB 781 17.16 -98.95 122.77
C MET LB 781 16.17 -99.49 121.77
N THR LB 782 15.80 -98.65 120.81
CA THR LB 782 14.82 -99.01 119.78
C THR LB 782 15.26 -100.22 118.93
N HIS LB 783 16.44 -100.13 118.32
CA HIS LB 783 16.94 -101.23 117.49
C HIS LB 783 17.30 -102.44 118.34
N THR LB 784 17.38 -102.23 119.64
CA THR LB 784 17.50 -103.33 120.59
C THR LB 784 16.18 -104.09 120.69
N LEU LB 785 15.08 -103.36 120.60
CA LEU LB 785 13.74 -103.95 120.60
C LEU LB 785 13.40 -104.72 119.33
N SER LB 786 13.87 -104.20 118.18
CA SER LB 786 13.69 -104.87 116.91
C SER LB 786 14.79 -105.91 116.69
N GLY LB 787 14.59 -106.78 115.69
CA GLY LB 787 15.49 -107.91 115.47
C GLY LB 787 15.38 -108.87 116.64
N SER LB 788 15.67 -108.36 117.83
CA SER LB 788 15.34 -109.02 119.08
C SER LB 788 13.82 -109.15 119.22
N SER LB 789 13.10 -108.94 118.12
CA SER LB 789 11.64 -108.91 118.14
C SER LB 789 11.02 -110.30 118.06
N LEU LB 790 11.81 -111.31 117.70
CA LEU LB 790 11.23 -112.63 117.50
C LEU LB 790 10.99 -113.37 118.82
N LEU LB 791 11.49 -112.80 119.92
CA LEU LB 791 11.38 -113.45 121.23
C LEU LB 791 10.12 -113.06 122.00
N PHE LB 792 9.35 -112.16 121.42
CA PHE LB 792 8.16 -111.65 122.10
C PHE LB 792 6.88 -112.38 121.68
N ASP LB 793 5.93 -112.41 122.59
CA ASP LB 793 4.64 -113.05 122.36
C ASP LB 793 3.53 -112.01 122.47
N PRO LB 794 2.77 -111.80 121.38
CA PRO LB 794 1.60 -110.92 121.38
C PRO LB 794 0.64 -111.20 122.55
N ASP LB 795 0.43 -112.47 122.85
CA ASP LB 795 -0.60 -112.90 123.81
C ASP LB 795 -0.22 -112.78 125.29
N PHE LB 796 1.07 -112.64 125.59
CA PHE LB 796 1.56 -112.64 126.98
C PHE LB 796 0.64 -111.99 128.03
N ASN LB 797 -0.05 -110.91 127.65
CA ASN LB 797 -0.87 -110.17 128.61
C ASN LB 797 -2.19 -110.84 129.02
N LYS LB 798 -2.68 -111.75 128.17
CA LYS LB 798 -3.81 -112.61 128.51
C LYS LB 798 -3.39 -113.51 129.68
N TYR LB 799 -2.21 -114.11 129.56
CA TYR LB 799 -1.64 -114.97 130.60
C TYR LB 799 -0.95 -114.13 131.69
N LEU MB 1 -7.17 -122.27 118.93
CA LEU MB 1 -5.95 -121.59 119.34
C LEU MB 1 -5.01 -121.26 118.17
N ASP MB 2 -4.01 -122.13 117.98
CA ASP MB 2 -2.84 -121.83 117.14
C ASP MB 2 -2.79 -122.65 115.85
N ILE MB 3 -2.74 -121.95 114.71
CA ILE MB 3 -2.78 -122.57 113.38
C ILE MB 3 -1.72 -121.98 112.44
N TYR MB 4 -0.88 -121.11 112.98
CA TYR MB 4 0.08 -120.39 112.18
C TYR MB 4 1.46 -121.07 112.32
N THR MB 5 1.89 -121.29 113.56
CA THR MB 5 3.12 -122.04 113.90
C THR MB 5 4.36 -121.60 113.14
N CYS MB 6 5.29 -120.96 113.84
CA CYS MB 6 6.46 -120.39 113.18
C CYS MB 6 7.78 -120.64 113.91
N ASN MB 7 7.86 -121.78 114.61
CA ASN MB 7 9.07 -122.09 115.38
C ASN MB 7 9.35 -121.02 116.42
N TYR MB 8 8.34 -120.65 117.19
CA TYR MB 8 8.47 -119.55 118.13
C TYR MB 8 9.55 -119.79 119.20
N TYR MB 9 10.42 -120.77 118.99
CA TYR MB 9 11.41 -121.21 119.99
C TYR MB 9 10.81 -121.71 121.31
N PHE MB 10 10.19 -120.80 122.08
CA PHE MB 10 9.58 -121.15 123.35
C PHE MB 10 8.31 -122.01 123.19
N GLY MB 11 8.29 -122.90 122.19
CA GLY MB 11 7.17 -123.80 121.98
C GLY MB 11 5.91 -123.11 121.49
N ASN MB 12 5.25 -123.73 120.51
CA ASN MB 12 4.04 -123.15 119.89
C ASN MB 12 2.79 -123.23 120.79
N THR MB 13 2.54 -122.17 121.54
CA THR MB 13 1.46 -122.06 122.56
C THR MB 13 1.19 -123.30 123.44
N THR MB 14 2.21 -124.12 123.69
CA THR MB 14 2.05 -125.29 124.57
C THR MB 14 1.93 -124.85 126.03
N GLU MB 15 2.32 -123.60 126.32
CA GLU MB 15 2.69 -123.21 127.70
C GLU MB 15 3.67 -124.26 128.20
N GLU MB 16 4.42 -124.75 127.21
CA GLU MB 16 5.73 -125.34 127.40
C GLU MB 16 6.57 -124.10 127.66
N LYS MB 17 6.00 -122.96 127.27
CA LYS MB 17 6.65 -121.67 127.42
C LYS MB 17 6.42 -121.04 128.79
N LEU MB 18 5.19 -121.13 129.30
CA LEU MB 18 4.89 -120.58 130.62
C LEU MB 18 5.84 -121.17 131.70
N GLN MB 19 6.14 -122.48 131.56
CA GLN MB 19 7.13 -123.15 132.42
C GLN MB 19 8.54 -123.03 131.85
N ASN MB 20 8.93 -121.80 131.53
CA ASN MB 20 10.24 -121.50 130.97
C ASN MB 20 10.77 -120.24 131.63
N PRO MB 21 11.91 -120.36 132.31
CA PRO MB 21 12.52 -119.21 133.01
C PRO MB 21 12.90 -118.13 132.01
N ASN MB 22 13.34 -118.56 130.83
CA ASN MB 22 13.83 -117.69 129.77
C ASN MB 22 12.74 -116.81 129.15
N TYR MB 23 11.48 -117.07 129.52
CA TYR MB 23 10.33 -116.42 128.87
C TYR MB 23 9.68 -115.36 129.75
N LEU MB 24 9.82 -115.50 131.06
CA LEU MB 24 9.41 -114.43 131.97
C LEU MB 24 10.56 -113.44 132.08
N ASN MB 25 11.77 -113.92 131.79
CA ASN MB 25 12.96 -113.08 131.73
C ASN MB 25 12.79 -112.03 130.65
N VAL MB 26 12.29 -112.47 129.49
CA VAL MB 26 12.20 -111.63 128.29
C VAL MB 26 11.15 -110.51 128.35
N HIS MB 27 9.93 -110.86 128.76
CA HIS MB 27 8.86 -109.87 128.83
C HIS MB 27 9.00 -108.91 130.01
N ARG MB 28 9.65 -109.37 131.09
CA ARG MB 28 9.93 -108.51 132.24
C ARG MB 28 10.85 -107.38 131.81
N VAL MB 29 11.55 -107.60 130.69
CA VAL MB 29 12.46 -106.60 130.12
C VAL MB 29 11.73 -105.64 129.17
N ARG MB 30 10.73 -106.14 128.44
CA ARG MB 30 9.93 -105.27 127.58
C ARG MB 30 9.02 -104.36 128.42
N ALA MB 31 8.60 -104.86 129.57
CA ALA MB 31 7.86 -104.03 130.51
C ALA MB 31 8.70 -102.83 130.97
N ARG MB 32 9.96 -103.06 131.34
CA ARG MB 32 10.82 -101.98 131.83
C ARG MB 32 11.04 -100.96 130.74
N ILE MB 33 11.27 -101.43 129.51
CA ILE MB 33 11.44 -100.56 128.37
C ILE MB 33 10.18 -99.73 128.13
N GLY MB 34 9.02 -100.37 128.30
CA GLY MB 34 7.75 -99.67 128.19
C GLY MB 34 7.60 -98.57 129.22
N HIS MB 35 7.75 -98.93 130.51
CA HIS MB 35 7.64 -97.97 131.62
C HIS MB 35 8.74 -96.90 131.57
N PHE MB 36 9.80 -97.17 130.80
CA PHE MB 36 10.89 -96.22 130.66
C PHE MB 36 10.62 -95.22 129.56
N PHE MB 37 9.90 -95.64 128.52
CA PHE MB 37 9.55 -94.71 127.45
C PHE MB 37 8.56 -93.66 127.98
N HIS MB 38 7.62 -94.09 128.82
CA HIS MB 38 6.74 -93.13 129.48
C HIS MB 38 7.55 -92.18 130.38
N LYS MB 39 8.48 -92.71 131.18
CA LYS MB 39 9.35 -91.91 132.06
C LYS MB 39 10.07 -90.82 131.25
N LEU MB 40 10.44 -91.15 130.02
CA LEU MB 40 11.13 -90.21 129.11
C LEU MB 40 10.18 -89.23 128.43
N TYR MB 41 8.99 -89.70 128.05
CA TYR MB 41 7.98 -88.81 127.48
C TYR MB 41 7.57 -87.69 128.45
N VAL MB 42 7.16 -88.05 129.66
CA VAL MB 42 6.80 -87.04 130.65
C VAL MB 42 7.98 -86.12 130.94
N PHE MB 43 9.19 -86.67 130.92
CA PHE MB 43 10.40 -85.88 131.13
C PHE MB 43 10.70 -84.87 129.99
N LEU MB 44 10.19 -85.13 128.79
CA LEU MB 44 10.44 -84.23 127.66
C LEU MB 44 9.35 -83.18 127.48
N SER MB 45 8.09 -83.61 127.45
CA SER MB 45 6.98 -82.67 127.31
C SER MB 45 7.00 -81.64 128.43
N THR MB 46 7.72 -81.97 129.51
CA THR MB 46 7.87 -81.06 130.65
C THR MB 46 9.11 -80.16 130.53
N ASN MB 47 10.23 -80.74 130.08
CA ASN MB 47 11.50 -80.01 129.96
C ASN MB 47 11.83 -79.46 128.56
N PHE MB 48 11.20 -80.01 127.52
CA PHE MB 48 11.64 -79.74 126.14
C PHE MB 48 10.52 -79.59 125.10
N GLU MB 49 9.37 -79.03 125.49
CA GLU MB 49 8.23 -78.95 124.57
C GLU MB 49 8.61 -78.46 123.17
N ASN MB 50 9.53 -77.51 123.13
CA ASN MB 50 9.96 -76.89 121.88
C ASN MB 50 11.10 -77.65 121.17
N ASN MB 51 10.95 -78.96 121.03
CA ASN MB 51 11.93 -79.75 120.30
C ASN MB 51 11.26 -80.82 119.45
N THR MB 52 11.67 -80.91 118.19
CA THR MB 52 11.10 -81.89 117.25
C THR MB 52 11.97 -83.14 117.09
N ASN MB 53 13.27 -82.93 116.95
CA ASN MB 53 14.18 -84.06 116.77
C ASN MB 53 14.08 -85.13 117.86
N MET MB 54 13.96 -84.70 119.13
CA MET MB 54 13.83 -85.64 120.23
C MET MB 54 12.58 -86.48 120.06
N PHE MB 55 11.44 -85.80 119.92
CA PHE MB 55 10.14 -86.46 119.88
C PHE MB 55 9.96 -87.40 118.69
N GLN MB 56 10.68 -87.15 117.60
CA GLN MB 56 10.64 -88.05 116.45
C GLN MB 56 11.28 -89.41 116.75
N ILE MB 57 12.45 -89.38 117.38
CA ILE MB 57 13.19 -90.60 117.74
C ILE MB 57 12.45 -91.47 118.77
N LEU MB 58 11.65 -90.80 119.62
CA LEU MB 58 10.83 -91.48 120.62
C LEU MB 58 9.60 -92.08 119.95
N LEU MB 59 9.02 -91.34 119.02
CA LEU MB 59 7.84 -91.80 118.29
C LEU MB 59 8.13 -92.97 117.38
N HIS MB 60 9.41 -93.17 117.05
CA HIS MB 60 9.79 -94.33 116.27
C HIS MB 60 10.11 -95.48 117.21
N GLY MB 61 10.62 -95.15 118.38
CA GLY MB 61 10.82 -96.15 119.41
C GLY MB 61 9.51 -96.76 119.89
N LEU MB 62 8.40 -96.08 119.64
CA LEU MB 62 7.09 -96.59 120.03
C LEU MB 62 6.40 -97.32 118.86
N LYS MB 63 6.62 -96.82 117.64
CA LYS MB 63 6.15 -97.51 116.43
C LYS MB 63 6.76 -98.92 116.41
N VAL MB 64 7.88 -99.09 117.11
CA VAL MB 64 8.57 -100.38 117.15
C VAL MB 64 8.07 -101.23 118.31
N TRP MB 65 8.13 -100.64 119.51
CA TRP MB 65 7.71 -101.32 120.74
C TRP MB 65 6.26 -101.86 120.63
N PHE MB 66 5.43 -101.19 119.84
CA PHE MB 66 4.02 -101.57 119.67
C PHE MB 66 3.81 -102.59 118.56
N THR MB 67 4.73 -102.64 117.60
CA THR MB 67 4.56 -103.48 116.41
C THR MB 67 5.52 -104.66 116.29
N ASP MB 68 6.81 -104.38 116.34
CA ASP MB 68 7.84 -105.43 116.33
C ASP MB 68 7.72 -106.32 117.61
N LEU MB 69 6.69 -107.17 117.59
CA LEU MB 69 6.33 -108.07 118.67
C LEU MB 69 6.59 -109.53 118.27
N GLY MB 70 5.71 -110.10 117.46
CA GLY MB 70 5.97 -111.41 116.90
C GLY MB 70 7.00 -111.30 115.78
N GLN MB 71 6.89 -110.24 114.98
CA GLN MB 71 7.60 -110.10 113.70
C GLN MB 71 8.70 -109.04 113.73
N GLU MB 72 9.16 -108.60 112.54
CA GLU MB 72 9.99 -107.40 112.39
C GLU MB 72 9.45 -106.63 111.19
N THR MB 73 8.69 -105.55 111.43
CA THR MB 73 7.99 -104.84 110.36
C THR MB 73 8.57 -103.49 109.95
N VAL MB 74 9.28 -102.82 110.85
CA VAL MB 74 10.11 -101.68 110.45
C VAL MB 74 11.55 -102.17 110.36
N PHE MB 75 12.16 -101.97 109.18
CA PHE MB 75 13.30 -102.77 108.72
C PHE MB 75 12.84 -103.97 107.88
N ASN MB 76 11.55 -104.32 107.98
CA ASN MB 76 10.99 -105.48 107.27
C ASN MB 76 11.57 -105.61 105.87
N GLU MB 77 11.48 -104.52 105.12
CA GLU MB 77 11.94 -104.50 103.74
C GLU MB 77 12.98 -103.41 103.49
N ASP MB 78 14.20 -103.70 103.91
CA ASP MB 78 15.36 -102.99 103.42
C ASP MB 78 16.10 -104.03 102.61
N PRO MB 79 16.63 -103.66 101.43
CA PRO MB 79 17.55 -104.64 100.86
C PRO MB 79 18.56 -105.11 101.93
N ASN MB 80 18.47 -106.41 102.23
CA ASN MB 80 19.44 -107.09 103.09
C ASN MB 80 20.26 -108.07 102.25
N ALA MB 81 20.84 -109.08 102.91
CA ALA MB 81 21.75 -110.00 102.21
C ALA MB 81 21.09 -111.29 101.68
N PHE MB 82 19.77 -111.28 101.54
CA PHE MB 82 19.07 -112.37 100.90
C PHE MB 82 18.68 -111.99 99.48
N ILE MB 83 18.85 -112.93 98.55
CA ILE MB 83 18.38 -112.74 97.18
C ILE MB 83 16.86 -112.56 97.23
N ASP MB 84 16.32 -111.65 96.42
CA ASP MB 84 14.87 -111.39 96.45
C ASP MB 84 14.03 -112.41 95.68
N VAL MB 85 13.00 -112.93 96.36
CA VAL MB 85 12.09 -113.91 95.80
C VAL MB 85 11.38 -113.38 94.54
N ASP MB 86 10.99 -112.11 94.58
CA ASP MB 86 10.27 -111.51 93.45
C ASP MB 86 11.17 -111.32 92.24
N PHE MB 87 12.43 -110.92 92.48
CA PHE MB 87 13.38 -110.78 91.38
C PHE MB 87 13.56 -112.12 90.69
N LEU MB 88 14.01 -113.11 91.46
CA LEU MB 88 14.38 -114.41 90.94
C LEU MB 88 13.24 -115.05 90.16
N GLU MB 89 12.02 -114.87 90.64
CA GLU MB 89 10.84 -115.38 89.95
C GLU MB 89 10.72 -114.86 88.52
N ASN MB 90 11.11 -113.61 88.30
CA ASN MB 90 11.06 -113.01 86.95
C ASN MB 90 12.06 -113.60 85.99
N VAL MB 91 13.25 -113.88 86.53
CA VAL MB 91 14.36 -114.43 85.79
C VAL MB 91 14.10 -115.84 85.30
N GLN MB 92 13.49 -116.65 86.16
CA GLN MB 92 13.41 -118.11 85.97
C GLN MB 92 12.07 -118.65 85.52
N SER MB 93 10.97 -118.07 85.98
CA SER MB 93 9.66 -118.59 85.61
C SER MB 93 9.27 -118.30 84.16
N LEU MB 94 9.08 -119.36 83.38
CA LEU MB 94 8.37 -119.25 82.11
C LEU MB 94 6.89 -119.50 82.47
N SER MB 95 5.97 -118.97 81.68
CA SER MB 95 4.54 -119.12 81.99
C SER MB 95 3.93 -120.24 81.16
N HIS MB 96 2.99 -120.97 81.78
CA HIS MB 96 2.46 -122.23 81.25
C HIS MB 96 3.43 -123.39 81.53
N VAL MB 97 4.35 -123.16 82.47
CA VAL MB 97 5.38 -124.14 82.84
C VAL MB 97 5.54 -124.21 84.37
N ASN MB 98 5.17 -125.36 84.96
CA ASN MB 98 5.22 -125.49 86.42
C ASN MB 98 6.62 -125.44 87.03
N GLU MB 99 6.91 -124.37 87.78
CA GLU MB 99 8.15 -124.17 88.56
C GLU MB 99 9.47 -124.74 87.96
N PRO MB 100 9.91 -124.18 86.82
CA PRO MB 100 11.17 -124.60 86.19
C PRO MB 100 12.32 -123.88 86.87
N PHE MB 101 12.47 -124.09 88.17
CA PHE MB 101 13.41 -123.27 88.95
C PHE MB 101 14.72 -123.97 89.25
N THR MB 102 15.78 -123.17 89.35
CA THR MB 102 17.06 -123.69 89.80
C THR MB 102 17.04 -123.89 91.31
N ARG MB 103 17.96 -124.67 91.86
CA ARG MB 103 17.99 -124.87 93.30
C ARG MB 103 17.99 -123.56 94.12
N THR MB 104 18.72 -122.54 93.63
CA THR MB 104 18.84 -121.27 94.36
C THR MB 104 17.47 -120.70 94.70
N ASN MB 105 16.61 -120.64 93.69
CA ASN MB 105 15.27 -120.06 93.81
C ASN MB 105 14.37 -120.82 94.79
N PHE MB 106 14.34 -122.14 94.67
CA PHE MB 106 13.55 -122.97 95.58
C PHE MB 106 13.85 -122.59 97.03
N ALA MB 107 15.10 -122.21 97.29
CA ALA MB 107 15.54 -121.99 98.66
C ALA MB 107 15.01 -120.68 99.26
N ILE MB 108 14.98 -119.62 98.46
CA ILE MB 108 14.36 -118.36 98.90
C ILE MB 108 12.85 -118.52 99.00
N ARG MB 109 12.29 -119.15 97.97
CA ARG MB 109 10.86 -119.47 97.94
C ARG MB 109 10.39 -120.08 99.26
N ALA MB 110 11.23 -120.95 99.83
CA ALA MB 110 10.93 -121.63 101.07
C ALA MB 110 11.17 -120.72 102.29
N ASN MB 111 12.30 -120.03 102.28
CA ASN MB 111 12.55 -119.02 103.30
C ASN MB 111 11.44 -117.97 103.28
N SER MB 112 11.01 -117.58 102.07
CA SER MB 112 9.94 -116.60 101.91
C SER MB 112 8.64 -117.11 102.50
N LEU MB 113 8.47 -118.43 102.56
CA LEU MB 113 7.26 -119.00 103.14
C LEU MB 113 7.30 -118.98 104.66
N HIS MB 114 8.47 -119.29 105.23
CA HIS MB 114 8.63 -119.16 106.68
C HIS MB 114 8.37 -117.72 107.11
N GLN MB 115 8.99 -116.78 106.40
CA GLN MB 115 8.91 -115.37 106.81
C GLN MB 115 7.48 -114.85 106.75
N SER MB 116 6.67 -115.41 105.85
CA SER MB 116 5.26 -115.02 105.74
C SER MB 116 4.37 -115.73 106.77
N ARG MB 117 4.83 -116.90 107.25
CA ARG MB 117 4.15 -117.61 108.32
C ARG MB 117 4.32 -116.84 109.64
N VAL MB 118 5.40 -116.08 109.73
CA VAL MB 118 5.64 -115.27 110.92
C VAL MB 118 4.69 -114.07 110.93
N LEU MB 119 4.60 -113.37 109.80
CA LEU MB 119 3.77 -112.17 109.67
C LEU MB 119 2.27 -112.50 109.71
N LEU MB 120 1.93 -113.75 109.41
CA LEU MB 120 0.54 -114.20 109.49
C LEU MB 120 0.01 -114.03 110.91
N HIS MB 121 0.80 -114.48 111.89
CA HIS MB 121 0.40 -114.39 113.30
C HIS MB 121 -0.20 -113.03 113.66
N SER MB 122 -1.52 -112.98 113.78
CA SER MB 122 -2.21 -111.75 114.11
C SER MB 122 -1.69 -111.19 115.43
N THR MB 123 -1.14 -109.98 115.39
CA THR MB 123 -0.55 -109.36 116.57
C THR MB 123 -1.58 -108.55 117.34
N ASN MB 124 -2.75 -108.38 116.74
CA ASN MB 124 -3.90 -107.70 117.35
C ASN MB 124 -4.20 -108.20 118.78
N ARG MB 125 -4.30 -107.30 119.76
CA ARG MB 125 -4.47 -107.71 121.17
C ARG MB 125 -5.31 -106.80 122.08
N LYS MB 126 -5.38 -107.13 123.37
CA LYS MB 126 -6.02 -106.25 124.37
C LYS MB 126 -4.99 -105.32 125.01
N ALA MB 127 -5.35 -104.03 125.14
CA ALA MB 127 -4.46 -103.01 125.68
C ALA MB 127 -3.97 -103.36 127.10
N SER MB 128 -2.66 -103.19 127.33
CA SER MB 128 -2.02 -103.76 128.52
C SER MB 128 -1.81 -102.83 129.74
N LYS MB 129 -2.82 -102.01 130.07
CA LYS MB 129 -2.68 -101.04 131.15
C LYS MB 129 -1.56 -100.03 130.84
N LEU MB 130 -0.32 -100.52 130.77
CA LEU MB 130 0.82 -99.69 130.35
C LEU MB 130 0.71 -99.32 128.86
N GLU MB 131 0.14 -100.24 128.08
CA GLU MB 131 -0.03 -99.99 126.66
C GLU MB 131 -1.09 -98.92 126.42
N ASN MB 132 -2.06 -98.81 127.32
CA ASN MB 132 -3.04 -97.72 127.25
C ASN MB 132 -2.41 -96.37 127.63
N LEU MB 133 -1.44 -96.42 128.54
CA LEU MB 133 -0.76 -95.22 129.01
C LEU MB 133 0.07 -94.57 127.91
N LEU MB 134 0.65 -95.41 127.06
CA LEU MB 134 1.52 -94.94 125.99
C LEU MB 134 0.73 -94.54 124.76
N LEU MB 135 -0.48 -95.09 124.62
CA LEU MB 135 -1.36 -94.74 123.51
C LEU MB 135 -2.03 -93.40 123.79
N VAL MB 136 -2.20 -93.11 125.07
CA VAL MB 136 -2.67 -91.81 125.49
C VAL MB 136 -1.60 -90.74 125.22
N ASP MB 137 -0.34 -91.12 125.45
CA ASP MB 137 0.79 -90.23 125.20
C ASP MB 137 0.89 -89.92 123.71
N ILE MB 138 0.82 -90.98 122.90
CA ILE MB 138 0.92 -90.87 121.45
C ILE MB 138 -0.18 -89.98 120.87
N ILE MB 139 -1.20 -89.74 121.67
CA ILE MB 139 -2.29 -88.84 121.27
C ILE MB 139 -1.96 -87.37 121.60
N GLN MB 140 -1.55 -87.11 122.84
CA GLN MB 140 -1.09 -85.77 123.22
C GLN MB 140 0.00 -85.26 122.29
N LEU MB 141 0.58 -86.17 121.50
CA LEU MB 141 1.62 -85.83 120.52
C LEU MB 141 1.01 -85.60 119.14
N ALA MB 142 0.04 -86.43 118.76
CA ALA MB 142 -0.71 -86.22 117.53
C ALA MB 142 -1.69 -85.07 117.73
N THR MB 143 -1.63 -84.50 118.92
CA THR MB 143 -2.47 -83.39 119.32
C THR MB 143 -1.56 -82.16 119.60
N SER MB 144 -0.24 -82.38 119.51
CA SER MB 144 0.76 -81.32 119.67
C SER MB 144 0.57 -80.28 118.58
N LEU MB 145 1.33 -79.17 118.67
CA LEU MB 145 1.14 -78.03 117.77
C LEU MB 145 2.19 -77.93 116.64
N TYR MB 146 3.29 -78.66 116.77
CA TYR MB 146 4.34 -78.67 115.73
C TYR MB 146 4.08 -79.71 114.66
N PRO MB 147 3.94 -79.26 113.41
CA PRO MB 147 3.79 -80.20 112.29
C PRO MB 147 4.92 -81.24 112.22
N ASP MB 148 6.10 -80.89 112.70
CA ASP MB 148 7.23 -81.81 112.64
C ASP MB 148 7.08 -82.95 113.66
N ILE MB 149 6.08 -82.81 114.52
CA ILE MB 149 5.79 -83.79 115.56
C ILE MB 149 4.43 -84.46 115.34
N TYR MB 150 3.37 -83.65 115.18
CA TYR MB 150 2.03 -84.22 115.07
C TYR MB 150 1.84 -85.09 113.82
N LYS MB 151 2.64 -84.84 112.77
CA LYS MB 151 2.54 -85.63 111.53
C LYS MB 151 3.16 -87.05 111.61
N PRO MB 152 4.30 -87.19 112.30
CA PRO MB 152 4.78 -88.56 112.53
C PRO MB 152 4.01 -89.26 113.64
N ALA MB 153 3.48 -88.52 114.61
CA ALA MB 153 2.71 -89.12 115.70
C ALA MB 153 1.41 -89.71 115.17
N GLN MB 154 0.74 -88.97 114.29
CA GLN MB 154 -0.48 -89.47 113.66
C GLN MB 154 -0.21 -90.75 112.83
N GLY MB 155 0.84 -90.73 112.02
CA GLY MB 155 1.25 -91.92 111.28
C GLY MB 155 1.65 -93.04 112.23
N THR MB 156 2.06 -92.65 113.43
CA THR MB 156 2.50 -93.59 114.46
C THR MB 156 1.33 -94.11 115.31
N LEU MB 157 0.27 -93.31 115.39
CA LEU MB 157 -0.92 -93.72 116.13
C LEU MB 157 -1.81 -94.63 115.26
N VAL MB 158 -1.57 -94.60 113.96
CA VAL MB 158 -2.31 -95.46 113.06
C VAL MB 158 -1.74 -96.87 113.07
N HIS MB 159 -0.42 -96.98 113.12
CA HIS MB 159 0.23 -98.30 113.23
C HIS MB 159 -0.13 -98.92 114.58
N CYS MB 160 -0.65 -98.10 115.50
CA CYS MB 160 -0.99 -98.54 116.87
C CYS MB 160 -2.47 -98.94 117.07
N MET MB 161 -3.35 -98.48 116.19
CA MET MB 161 -4.75 -98.89 116.22
C MET MB 161 -4.96 -100.15 115.38
N LYS MB 162 -3.99 -100.44 114.50
CA LYS MB 162 -3.92 -101.71 113.78
C LYS MB 162 -3.63 -102.82 114.79
N GLN MB 163 -3.05 -102.42 115.92
CA GLN MB 163 -2.48 -103.37 116.88
C GLN MB 163 -3.29 -103.53 118.17
N LEU MB 164 -4.19 -102.59 118.44
CA LEU MB 164 -5.00 -102.66 119.67
C LEU MB 164 -6.50 -102.80 119.37
N VAL MB 165 -7.25 -103.25 120.38
CA VAL MB 165 -8.66 -103.59 120.17
C VAL MB 165 -9.59 -102.46 120.60
N GLY MB 166 -10.55 -102.13 119.74
CA GLY MB 166 -11.46 -101.03 119.99
C GLY MB 166 -10.69 -99.83 120.49
N SER MB 167 -9.50 -99.63 119.91
CA SER MB 167 -8.61 -98.55 120.33
C SER MB 167 -9.14 -97.25 119.77
N TYR MB 168 -9.91 -97.35 118.69
CA TYR MB 168 -10.57 -96.18 118.11
C TYR MB 168 -11.43 -95.51 119.18
N GLY MB 169 -12.04 -96.34 120.02
CA GLY MB 169 -12.88 -95.84 121.09
C GLY MB 169 -12.06 -94.98 122.04
N VAL MB 170 -10.89 -95.49 122.41
CA VAL MB 170 -9.99 -94.79 123.32
C VAL MB 170 -9.59 -93.45 122.72
N VAL MB 171 -9.38 -93.45 121.41
CA VAL MB 171 -8.96 -92.25 120.70
C VAL MB 171 -10.04 -91.16 120.65
N ILE MB 172 -11.26 -91.54 120.27
CA ILE MB 172 -12.34 -90.55 120.17
C ILE MB 172 -12.70 -89.93 121.52
N ASN MB 173 -12.87 -90.76 122.54
CA ASN MB 173 -13.23 -90.29 123.86
C ASN MB 173 -12.09 -89.50 124.52
N LYS MB 174 -11.08 -89.17 123.72
CA LYS MB 174 -9.99 -88.27 124.11
C LYS MB 174 -9.96 -87.03 123.21
N ILE MB 175 -10.24 -87.25 121.93
CA ILE MB 175 -10.32 -86.19 120.93
C ILE MB 175 -11.41 -85.16 121.22
N ILE MB 176 -12.65 -85.62 121.07
CA ILE MB 176 -13.84 -84.82 121.34
C ILE MB 176 -13.79 -84.00 122.66
N PRO MB 177 -13.51 -84.65 123.80
CA PRO MB 177 -13.37 -83.88 125.04
C PRO MB 177 -12.30 -82.78 124.94
N SER MB 178 -11.15 -83.08 124.33
CA SER MB 178 -10.06 -82.09 124.21
C SER MB 178 -10.12 -81.26 122.91
N LEU MB 179 -11.23 -81.39 122.17
CA LEU MB 179 -11.60 -80.47 121.08
C LEU MB 179 -12.69 -79.51 121.57
N GLU MB 180 -13.62 -80.05 122.35
CA GLU MB 180 -14.64 -79.22 122.97
C GLU MB 180 -13.91 -78.20 123.85
N LYS MB 181 -12.83 -78.64 124.49
CA LYS MB 181 -11.99 -77.73 125.29
C LYS MB 181 -11.32 -76.67 124.42
N ALA MB 182 -10.56 -77.12 123.42
CA ALA MB 182 -9.79 -76.19 122.58
C ALA MB 182 -10.66 -75.16 121.84
N ILE MB 183 -11.98 -75.29 121.97
CA ILE MB 183 -12.93 -74.33 121.38
C ILE MB 183 -13.35 -73.24 122.38
N LYS MB 184 -13.59 -73.66 123.61
CA LYS MB 184 -13.89 -72.71 124.68
C LYS MB 184 -12.59 -72.15 125.32
N ASP MB 185 -11.45 -72.50 124.74
CA ASP MB 185 -10.14 -71.94 125.09
C ASP MB 185 -9.64 -71.10 123.93
N HIS MB 186 -10.51 -70.96 122.93
CA HIS MB 186 -10.30 -70.10 121.77
C HIS MB 186 -9.20 -70.46 120.75
N ASP MB 187 -9.24 -69.69 119.65
CA ASP MB 187 -8.82 -70.03 118.26
C ASP MB 187 -7.67 -70.99 118.01
N TYR MB 188 -7.22 -71.60 119.11
CA TYR MB 188 -6.22 -72.64 119.12
C TYR MB 188 -5.82 -73.24 117.74
N MET MB 189 -4.52 -73.45 117.61
CA MET MB 189 -4.01 -74.24 116.51
C MET MB 189 -4.13 -75.70 116.92
N LYS MB 190 -4.66 -75.95 118.13
CA LYS MB 190 -4.95 -77.31 118.57
C LYS MB 190 -6.27 -77.78 117.98
N ILE MB 191 -7.06 -76.82 117.50
CA ILE MB 191 -8.28 -77.10 116.74
C ILE MB 191 -7.89 -77.48 115.33
N GLN MB 192 -6.94 -76.74 114.77
CA GLN MB 192 -6.41 -77.01 113.44
C GLN MB 192 -5.82 -78.42 113.34
N VAL MB 193 -5.28 -78.90 114.45
CA VAL MB 193 -4.63 -80.21 114.49
C VAL MB 193 -5.64 -81.34 114.67
N ILE MB 194 -6.55 -81.15 115.62
CA ILE MB 194 -7.60 -82.12 115.87
C ILE MB 194 -8.39 -82.38 114.57
N LEU MB 195 -8.60 -81.33 113.78
CA LEU MB 195 -9.25 -81.50 112.48
C LEU MB 195 -8.40 -82.31 111.48
N ASN MB 196 -7.08 -82.16 111.54
CA ASN MB 196 -6.18 -82.92 110.68
C ASN MB 196 -6.27 -84.42 111.01
N VAL MB 197 -6.45 -84.71 112.31
CA VAL MB 197 -6.61 -86.08 112.80
C VAL MB 197 -7.87 -86.74 112.23
N LEU MB 198 -8.98 -85.99 112.25
CA LEU MB 198 -10.27 -86.50 111.79
C LEU MB 198 -10.32 -86.82 110.29
N LEU MB 199 -9.21 -86.57 109.59
CA LEU MB 199 -9.13 -86.80 108.15
C LEU MB 199 -8.18 -87.94 107.76
N ILE MB 200 -7.68 -88.64 108.78
CA ILE MB 200 -6.86 -89.83 108.61
C ILE MB 200 -7.70 -91.00 108.12
N LYS MB 201 -7.29 -91.59 106.99
CA LYS MB 201 -8.01 -92.73 106.41
C LYS MB 201 -8.69 -93.61 107.48
N LYS MB 202 -7.91 -94.17 108.41
CA LYS MB 202 -8.47 -95.13 109.37
C LYS MB 202 -9.49 -94.54 110.36
N ILE MB 203 -9.39 -93.24 110.65
CA ILE MB 203 -10.30 -92.59 111.59
C ILE MB 203 -11.57 -92.13 110.91
N HIS MB 204 -11.39 -91.32 109.86
CA HIS MB 204 -12.49 -90.81 109.08
C HIS MB 204 -13.44 -91.94 108.64
N ARG MB 205 -12.90 -93.15 108.56
CA ARG MB 205 -13.68 -94.33 108.16
C ARG MB 205 -14.52 -94.88 109.30
N LYS MB 206 -13.89 -95.13 110.45
CA LYS MB 206 -14.60 -95.64 111.63
C LYS MB 206 -15.61 -94.59 112.16
N LEU MB 207 -15.54 -93.36 111.63
CA LEU MB 207 -16.45 -92.27 112.00
C LEU MB 207 -17.90 -92.49 111.56
N MET MB 208 -18.08 -93.01 110.35
CA MET MB 208 -19.40 -93.31 109.80
C MET MB 208 -20.04 -94.55 110.45
N THR MB 209 -19.47 -95.00 111.57
CA THR MB 209 -19.92 -96.20 112.29
C THR MB 209 -20.13 -95.90 113.77
N ASP MB 210 -19.59 -94.76 114.20
CA ASP MB 210 -19.72 -94.35 115.59
C ASP MB 210 -21.03 -93.57 115.75
N TYR MB 211 -22.11 -94.29 115.97
CA TYR MB 211 -23.41 -93.64 116.07
C TYR MB 211 -23.56 -92.88 117.38
N LYS MB 212 -22.99 -93.43 118.45
CA LYS MB 212 -23.03 -92.74 119.73
C LYS MB 212 -22.44 -91.33 119.57
N ASP MB 213 -21.18 -91.28 119.15
CA ASP MB 213 -20.38 -90.06 119.27
C ASP MB 213 -20.57 -89.03 118.14
N ILE MB 214 -21.01 -89.48 116.97
CA ILE MB 214 -21.22 -88.57 115.84
C ILE MB 214 -22.37 -87.59 116.10
N GLY MB 215 -23.19 -87.92 117.11
CA GLY MB 215 -24.16 -86.98 117.62
C GLY MB 215 -23.39 -85.73 118.01
N ARG MB 216 -22.68 -85.83 119.14
CA ARG MB 216 -21.93 -84.71 119.70
C ARG MB 216 -20.95 -84.05 118.72
N LEU MB 217 -20.38 -84.84 117.80
CA LEU MB 217 -19.30 -84.36 116.95
C LEU MB 217 -19.75 -83.37 115.88
N ILE MB 218 -20.86 -83.66 115.23
CA ILE MB 218 -21.36 -82.76 114.19
C ILE MB 218 -21.65 -81.38 114.73
N PHE MB 219 -22.11 -81.32 115.98
CA PHE MB 219 -22.42 -80.05 116.65
C PHE MB 219 -21.15 -79.30 117.07
N LEU MB 220 -20.04 -80.03 117.16
CA LEU MB 220 -18.74 -79.44 117.47
C LEU MB 220 -18.09 -78.89 116.21
N LEU MB 221 -18.20 -79.64 115.11
CA LEU MB 221 -17.68 -79.21 113.80
C LEU MB 221 -18.47 -78.02 113.26
N ILE MB 222 -19.71 -77.89 113.73
CA ILE MB 222 -20.56 -76.75 113.40
C ILE MB 222 -20.07 -75.49 114.12
N GLU MB 223 -20.02 -75.54 115.45
CA GLU MB 223 -19.43 -74.45 116.21
C GLU MB 223 -18.10 -74.06 115.55
N CYS MB 224 -17.39 -75.07 115.05
CA CYS MB 224 -16.10 -74.87 114.36
C CYS MB 224 -16.17 -74.13 113.02
N CYS MB 225 -17.37 -73.98 112.44
CA CYS MB 225 -17.51 -73.36 111.12
C CYS MB 225 -17.40 -71.84 111.18
N ARG MB 226 -16.49 -71.39 112.05
CA ARG MB 226 -16.17 -69.98 112.17
C ARG MB 226 -14.66 -69.84 112.19
N VAL MB 227 -14.10 -69.40 111.07
CA VAL MB 227 -12.70 -69.05 110.99
C VAL MB 227 -12.48 -67.88 111.94
N ASN MB 228 -12.68 -68.13 113.23
CA ASN MB 228 -12.35 -67.14 114.25
C ASN MB 228 -10.93 -66.68 113.97
N GLU MB 229 -10.15 -67.57 113.36
CA GLU MB 229 -8.84 -67.26 112.75
C GLU MB 229 -8.02 -68.51 112.37
N LEU MB 230 -8.23 -69.01 111.14
CA LEU MB 230 -7.28 -69.93 110.49
C LEU MB 230 -7.87 -70.64 109.27
N GLU MB 231 -7.25 -71.76 108.91
CA GLU MB 231 -7.76 -72.64 107.86
C GLU MB 231 -8.93 -73.49 108.38
N ILE MB 232 -9.19 -73.41 109.69
CA ILE MB 232 -10.38 -74.01 110.29
C ILE MB 232 -11.63 -73.56 109.54
N GLY MB 233 -12.71 -74.31 109.68
CA GLY MB 233 -13.97 -73.89 109.07
C GLY MB 233 -14.02 -74.15 107.58
N MET MB 234 -12.85 -74.12 106.95
CA MET MB 234 -12.69 -74.67 105.62
C MET MB 234 -12.57 -76.18 105.76
N TYR MB 235 -11.83 -76.59 106.78
CA TYR MB 235 -11.65 -78.01 107.11
C TYR MB 235 -12.90 -78.56 107.76
N ALA MB 236 -13.58 -77.75 108.57
CA ALA MB 236 -14.81 -78.19 109.21
C ALA MB 236 -15.95 -78.44 108.20
N ASP MB 237 -15.91 -77.73 107.07
CA ASP MB 237 -16.92 -77.93 106.03
C ASP MB 237 -16.62 -79.17 105.18
N LYS MB 238 -15.36 -79.36 104.80
CA LYS MB 238 -14.95 -80.54 104.04
C LYS MB 238 -15.32 -81.78 104.84
N ILE MB 239 -15.13 -81.68 106.15
CA ILE MB 239 -15.37 -82.80 107.05
C ILE MB 239 -16.87 -83.11 107.25
N LEU MB 240 -17.65 -82.06 107.53
CA LEU MB 240 -19.11 -82.22 107.67
C LEU MB 240 -19.77 -82.65 106.36
N THR MB 241 -19.13 -82.28 105.25
CA THR MB 241 -19.61 -82.66 103.93
C THR MB 241 -19.24 -84.12 103.59
N ASP MB 242 -18.02 -84.51 103.98
CA ASP MB 242 -17.58 -85.90 103.87
C ASP MB 242 -18.55 -86.83 104.62
N ILE MB 243 -19.08 -86.31 105.73
CA ILE MB 243 -19.94 -87.10 106.63
C ILE MB 243 -21.32 -87.44 106.03
N VAL MB 244 -21.98 -86.43 105.46
CA VAL MB 244 -23.26 -86.63 104.77
C VAL MB 244 -23.19 -87.76 103.75
N ILE MB 245 -22.00 -88.00 103.22
CA ILE MB 245 -21.80 -88.99 102.16
C ILE MB 245 -21.57 -90.43 102.67
N GLY MB 246 -21.35 -90.61 103.97
CA GLY MB 246 -21.25 -91.94 104.55
C GLY MB 246 -22.51 -92.39 105.30
N ILE MB 247 -22.30 -93.19 106.34
CA ILE MB 247 -23.34 -93.59 107.33
C ILE MB 247 -24.48 -94.61 106.96
N LYS MB 248 -25.72 -94.12 106.80
CA LYS MB 248 -26.96 -94.89 106.53
C LYS MB 248 -27.33 -96.04 107.48
N ILE MB 249 -28.17 -97.01 107.03
CA ILE MB 249 -28.44 -98.30 107.74
C ILE MB 249 -29.31 -99.31 106.96
N PRO MB 250 -29.00 -100.63 107.10
CA PRO MB 250 -29.68 -101.69 106.34
C PRO MB 250 -30.66 -102.55 107.14
N SER MB 251 -31.95 -102.28 107.06
CA SER MB 251 -32.93 -103.18 107.66
C SER MB 251 -33.13 -104.40 106.77
N SER MB 252 -33.13 -104.15 105.47
CA SER MB 252 -33.69 -105.08 104.51
C SER MB 252 -33.10 -106.48 104.52
N VAL MB 253 -33.94 -107.40 104.98
CA VAL MB 253 -33.73 -108.83 104.93
C VAL MB 253 -32.95 -109.21 103.68
N CYS MB 254 -31.63 -109.30 103.84
CA CYS MB 254 -30.75 -109.83 102.82
C CYS MB 254 -31.54 -110.76 101.91
N VAL MB 255 -31.98 -110.24 100.76
CA VAL MB 255 -32.60 -111.10 99.75
C VAL MB 255 -31.59 -112.17 99.35
N ILE MB 256 -31.54 -113.20 100.19
CA ILE MB 256 -30.57 -114.27 100.09
C ILE MB 256 -31.29 -115.56 99.72
N SER MB 257 -30.78 -116.27 98.72
CA SER MB 257 -31.25 -117.62 98.51
C SER MB 257 -30.81 -118.30 99.79
N ASP MB 258 -31.77 -118.73 100.60
CA ASP MB 258 -31.44 -119.27 101.92
C ASP MB 258 -30.34 -120.34 101.83
N GLN MB 259 -30.00 -120.71 100.59
CA GLN MB 259 -28.91 -121.63 100.30
C GLN MB 259 -27.53 -120.97 100.41
N ALA MB 260 -27.48 -119.78 100.99
CA ALA MB 260 -26.23 -119.06 101.13
C ALA MB 260 -25.60 -119.33 102.50
N PHE MB 261 -26.33 -120.05 103.34
CA PHE MB 261 -25.84 -120.36 104.68
C PHE MB 261 -26.18 -121.78 105.10
N LEU MB 262 -27.15 -122.38 104.41
CA LEU MB 262 -27.56 -123.76 104.70
C LEU MB 262 -26.46 -124.82 104.54
N PRO MB 263 -25.76 -124.82 103.39
CA PRO MB 263 -24.76 -125.88 103.14
C PRO MB 263 -23.75 -126.05 104.29
N LEU MB 264 -23.56 -124.98 105.07
CA LEU MB 264 -22.64 -124.96 106.21
C LEU MB 264 -23.36 -125.12 107.53
N ALA MB 265 -24.59 -125.64 107.49
CA ALA MB 265 -25.41 -125.77 108.69
C ALA MB 265 -24.99 -127.00 109.50
N PRO MB 266 -24.49 -126.77 110.72
CA PRO MB 266 -23.99 -127.85 111.56
C PRO MB 266 -25.11 -128.78 111.98
N PRO MB 267 -24.76 -130.03 112.32
CA PRO MB 267 -25.71 -131.01 112.86
C PRO MB 267 -26.38 -130.44 114.10
N ASP MB 268 -25.59 -129.80 114.95
CA ASP MB 268 -26.10 -129.19 116.17
C ASP MB 268 -27.60 -128.93 116.06
N GLY MB 269 -28.35 -129.48 117.00
CA GLY MB 269 -29.79 -129.38 116.96
C GLY MB 269 -30.24 -127.94 116.96
N THR MB 270 -30.79 -127.50 118.08
CA THR MB 270 -31.26 -126.13 118.19
C THR MB 270 -30.19 -125.29 118.88
N ILE MB 271 -29.00 -125.85 119.03
CA ILE MB 271 -27.83 -125.05 119.38
C ILE MB 271 -27.62 -124.03 118.23
N ASN MB 272 -28.66 -123.89 117.41
CA ASN MB 272 -28.85 -122.78 116.48
C ASN MB 272 -30.13 -122.00 116.79
N LEU MB 273 -30.38 -121.84 118.09
CA LEU MB 273 -31.31 -120.86 118.64
C LEU MB 273 -30.49 -119.61 118.68
N GLN MB 274 -29.18 -119.83 118.90
CA GLN MB 274 -28.21 -118.74 118.97
C GLN MB 274 -28.35 -117.85 117.75
N VAL MB 275 -28.52 -118.47 116.59
CA VAL MB 275 -28.69 -117.72 115.35
C VAL MB 275 -29.91 -116.80 115.40
N GLU MB 276 -31.04 -117.32 115.87
CA GLU MB 276 -32.26 -116.52 115.93
C GLU MB 276 -32.21 -115.51 117.08
N ALA MB 277 -31.13 -115.58 117.86
CA ALA MB 277 -30.90 -114.66 118.99
C ALA MB 277 -30.03 -113.49 118.53
N VAL MB 278 -28.96 -113.83 117.83
CA VAL MB 278 -28.15 -112.83 117.16
C VAL MB 278 -29.06 -112.00 116.25
N LYS MB 279 -29.83 -112.67 115.40
CA LYS MB 279 -30.79 -112.01 114.51
C LYS MB 279 -31.53 -110.90 115.24
N LEU MB 280 -31.73 -111.10 116.55
CA LEU MB 280 -32.55 -110.17 117.36
C LEU MB 280 -31.78 -109.01 118.00
N ALA MB 281 -30.53 -109.27 118.39
CA ALA MB 281 -29.70 -108.20 118.94
C ALA MB 281 -29.10 -107.30 117.85
N LYS MB 282 -28.52 -107.89 116.80
CA LYS MB 282 -28.10 -107.12 115.61
C LYS MB 282 -29.35 -106.50 114.94
N LYS MB 283 -30.50 -106.61 115.62
CA LYS MB 283 -31.77 -106.02 115.17
C LYS MB 283 -32.30 -104.91 116.12
N LYS MB 284 -31.78 -104.85 117.33
CA LYS MB 284 -32.07 -103.71 118.19
C LYS MB 284 -30.82 -102.84 118.42
N LYS MB 285 -29.63 -103.41 118.17
CA LYS MB 285 -28.41 -102.63 118.00
C LYS MB 285 -28.77 -101.72 116.82
N ARG MB 286 -29.34 -102.30 115.77
CA ARG MB 286 -29.74 -101.52 114.60
C ARG MB 286 -30.81 -100.47 114.91
N GLU MB 287 -31.89 -100.90 115.56
CA GLU MB 287 -33.00 -100.00 115.82
C GLU MB 287 -32.65 -98.82 116.74
N TYR MB 288 -31.63 -99.02 117.59
CA TYR MB 288 -31.12 -97.94 118.44
C TYR MB 288 -30.35 -96.93 117.57
N TYR MB 289 -29.50 -97.47 116.68
CA TYR MB 289 -28.76 -96.62 115.74
C TYR MB 289 -29.70 -95.73 114.92
N LEU MB 290 -30.68 -96.38 114.30
CA LEU MB 290 -31.68 -95.71 113.48
C LEU MB 290 -32.41 -94.56 114.20
N SER MB 291 -32.56 -94.69 115.52
CA SER MB 291 -33.22 -93.69 116.35
C SER MB 291 -32.28 -92.54 116.70
N LEU MB 292 -30.99 -92.86 116.84
CA LEU MB 292 -29.95 -91.87 117.14
C LEU MB 292 -29.85 -90.86 116.01
N LEU MB 293 -30.07 -91.33 114.79
CA LEU MB 293 -30.04 -90.46 113.64
C LEU MB 293 -31.27 -89.55 113.61
N VAL MB 294 -32.43 -90.11 113.97
CA VAL MB 294 -33.66 -89.33 114.02
C VAL MB 294 -33.58 -88.27 115.12
N ASP MB 295 -32.94 -88.65 116.23
CA ASP MB 295 -32.67 -87.71 117.31
C ASP MB 295 -31.75 -86.57 116.82
N LEU MB 296 -30.75 -86.92 116.02
CA LEU MB 296 -29.83 -85.95 115.45
C LEU MB 296 -30.54 -85.12 114.38
N GLN MB 297 -31.42 -85.78 113.60
CA GLN MB 297 -32.24 -85.10 112.61
C GLN MB 297 -33.03 -83.96 113.24
N ASP MB 298 -33.82 -84.29 114.26
CA ASP MB 298 -34.67 -83.30 114.91
C ASP MB 298 -33.89 -82.26 115.72
N LYS MB 299 -32.74 -82.68 116.29
CA LYS MB 299 -31.92 -81.76 117.07
C LYS MB 299 -31.13 -80.76 116.20
N LEU MB 300 -31.13 -81.00 114.89
CA LEU MB 300 -30.54 -80.05 113.94
C LEU MB 300 -31.61 -79.09 113.42
N LEU MB 301 -32.70 -79.65 112.89
CA LEU MB 301 -33.85 -78.84 112.47
C LEU MB 301 -34.19 -77.81 113.54
N ASP MB 302 -33.81 -78.12 114.78
CA ASP MB 302 -33.88 -77.18 115.90
C ASP MB 302 -32.93 -75.99 115.68
N LYS MB 303 -31.66 -76.29 115.47
CA LYS MB 303 -30.65 -75.26 115.22
C LYS MB 303 -30.78 -74.58 113.83
N LEU MB 304 -31.73 -75.02 113.02
CA LEU MB 304 -31.98 -74.41 111.70
C LEU MB 304 -33.25 -73.56 111.71
N ASP MB 305 -34.26 -74.05 112.41
CA ASP MB 305 -35.51 -73.34 112.55
C ASP MB 305 -35.37 -72.23 113.57
N ASN MB 306 -34.78 -72.57 114.72
CA ASN MB 306 -34.68 -71.64 115.86
C ASN MB 306 -33.54 -70.61 115.80
N GLU MB 307 -32.45 -70.96 115.10
CA GLU MB 307 -31.30 -70.05 114.98
C GLU MB 307 -31.59 -68.99 113.91
N LYS MB 308 -32.10 -67.84 114.37
CA LYS MB 308 -32.64 -66.81 113.47
C LYS MB 308 -31.99 -66.85 112.09
N ASP MB 309 -30.69 -66.56 112.04
CA ASP MB 309 -29.93 -66.85 110.82
C ASP MB 309 -28.48 -67.26 111.05
N MET MB 310 -28.23 -68.54 110.80
CA MET MB 310 -26.91 -69.05 110.53
C MET MB 310 -26.79 -68.97 109.01
N GLY MB 311 -25.56 -68.78 108.53
CA GLY MB 311 -25.39 -68.43 107.13
C GLY MB 311 -24.81 -69.48 106.23
N TRP MB 312 -25.65 -70.09 105.40
CA TRP MB 312 -25.17 -70.84 104.25
C TRP MB 312 -24.47 -72.19 104.57
N LYS MB 313 -24.22 -72.48 105.85
CA LYS MB 313 -23.95 -73.86 106.27
C LYS MB 313 -25.27 -74.28 106.87
N ILE MB 314 -26.27 -73.45 106.55
CA ILE MB 314 -27.67 -73.83 106.50
C ILE MB 314 -27.71 -75.10 105.63
N ARG MB 315 -26.58 -75.37 104.97
CA ARG MB 315 -26.49 -76.36 103.90
C ARG MB 315 -26.26 -77.80 104.32
N MET MB 316 -25.52 -77.99 105.40
CA MET MB 316 -25.23 -79.33 105.89
C MET MB 316 -26.55 -80.03 106.20
N PHE MB 317 -27.40 -79.37 106.95
CA PHE MB 317 -28.70 -79.92 107.32
C PHE MB 317 -29.39 -80.47 106.12
N ILE MB 318 -29.82 -79.57 105.25
CA ILE MB 318 -30.56 -79.96 104.07
C ILE MB 318 -29.83 -81.08 103.28
N LEU MB 319 -28.53 -80.91 103.00
CA LEU MB 319 -27.76 -81.95 102.30
C LEU MB 319 -27.86 -83.32 103.00
N ARG MB 320 -28.38 -83.32 104.24
CA ARG MB 320 -28.40 -84.54 105.08
C ARG MB 320 -29.80 -85.13 105.43
N PHE MB 321 -30.73 -84.31 105.95
CA PHE MB 321 -32.09 -84.81 106.20
C PHE MB 321 -32.56 -85.48 104.94
N VAL MB 322 -32.12 -84.92 103.82
CA VAL MB 322 -32.40 -85.51 102.52
C VAL MB 322 -31.89 -86.97 102.40
N THR MB 323 -30.57 -87.24 102.42
CA THR MB 323 -30.14 -88.65 102.44
C THR MB 323 -30.60 -89.35 103.73
N GLN MB 324 -31.82 -89.04 104.16
CA GLN MB 324 -32.34 -89.60 105.41
C GLN MB 324 -33.87 -89.68 105.51
N ILE MB 325 -34.56 -88.56 105.32
CA ILE MB 325 -36.03 -88.60 105.27
C ILE MB 325 -36.43 -89.23 103.94
N GLN MB 326 -35.46 -89.77 103.22
CA GLN MB 326 -35.75 -90.59 102.04
C GLN MB 326 -34.83 -91.82 101.84
N SER MB 327 -34.33 -92.40 102.92
CA SER MB 327 -33.46 -93.58 102.84
C SER MB 327 -34.22 -94.90 102.74
N ASN MB 328 -35.33 -95.02 103.48
CA ASN MB 328 -36.02 -96.30 103.67
C ASN MB 328 -35.38 -97.14 104.78
N LEU MB 329 -35.26 -98.45 104.52
CA LEU MB 329 -34.73 -99.43 105.49
C LEU MB 329 -35.09 -98.94 106.90
N GLU MB 330 -36.30 -98.37 106.94
CA GLU MB 330 -36.88 -97.49 107.98
C GLU MB 330 -36.99 -96.01 107.51
N SER MB 331 -36.71 -95.06 108.41
CA SER MB 331 -36.90 -93.61 108.17
C SER MB 331 -38.38 -93.18 108.15
N LYS MB 332 -38.86 -92.70 109.29
CA LYS MB 332 -40.25 -92.27 109.46
C LYS MB 332 -40.42 -90.86 108.89
N PRO MB 333 -41.05 -90.75 107.70
CA PRO MB 333 -41.24 -89.46 107.00
C PRO MB 333 -41.74 -88.38 107.94
N ASP MB 334 -40.86 -87.50 108.40
CA ASP MB 334 -41.25 -86.44 109.31
C ASP MB 334 -41.87 -85.29 108.52
N LYS MB 335 -42.96 -84.74 109.05
CA LYS MB 335 -43.60 -83.60 108.38
C LYS MB 335 -42.97 -82.26 108.76
N ARG MB 336 -42.38 -82.19 109.95
CA ARG MB 336 -41.71 -80.96 110.40
C ARG MB 336 -40.47 -80.70 109.56
N ALA MB 337 -39.97 -81.75 108.89
CA ALA MB 337 -38.81 -81.64 108.02
C ALA MB 337 -39.21 -81.03 106.69
N VAL MB 338 -40.22 -81.62 106.07
CA VAL MB 338 -40.76 -81.13 104.81
C VAL MB 338 -41.19 -79.67 104.94
N PHE MB 339 -41.55 -79.24 106.14
CA PHE MB 339 -41.84 -77.83 106.36
C PHE MB 339 -40.54 -77.00 106.33
N SER MB 340 -39.57 -77.39 107.14
CA SER MB 340 -38.33 -76.64 107.28
C SER MB 340 -37.51 -76.60 106.00
N ILE MB 341 -37.50 -77.71 105.27
CA ILE MB 341 -36.75 -77.79 104.01
C ILE MB 341 -37.29 -76.80 102.95
N ILE MB 342 -38.59 -76.53 103.01
CA ILE MB 342 -39.22 -75.60 102.07
C ILE MB 342 -39.13 -74.14 102.52
N SER MB 343 -39.20 -73.90 103.82
CA SER MB 343 -39.16 -72.54 104.36
C SER MB 343 -37.74 -71.96 104.26
N GLN MB 344 -36.82 -72.73 103.69
CA GLN MB 344 -35.47 -72.26 103.41
C GLN MB 344 -35.39 -71.67 101.99
N ILE MB 345 -36.55 -71.54 101.35
CA ILE MB 345 -36.64 -70.83 100.08
C ILE MB 345 -36.58 -69.33 100.33
N SER MB 346 -36.76 -68.96 101.59
CA SER MB 346 -36.82 -67.56 101.99
C SER MB 346 -35.43 -66.90 102.04
N THR MB 347 -34.37 -67.69 101.89
CA THR MB 347 -33.01 -67.15 101.77
C THR MB 347 -32.69 -66.83 100.30
N LYS MB 348 -33.68 -67.03 99.43
CA LYS MB 348 -33.55 -66.72 98.00
C LYS MB 348 -32.15 -66.98 97.44
N HIS MB 349 -31.54 -68.08 97.86
CA HIS MB 349 -30.16 -68.41 97.46
C HIS MB 349 -30.13 -69.52 96.42
N PRO MB 350 -29.42 -69.29 95.29
CA PRO MB 350 -29.38 -70.23 94.16
C PRO MB 350 -29.06 -71.68 94.54
N GLU MB 351 -28.06 -71.86 95.41
CA GLU MB 351 -27.56 -73.19 95.78
C GLU MB 351 -28.54 -73.94 96.68
N ILE MB 352 -29.13 -73.21 97.62
CA ILE MB 352 -30.11 -73.76 98.55
C ILE MB 352 -31.35 -74.19 97.80
N ILE MB 353 -31.83 -73.31 96.92
CA ILE MB 353 -33.01 -73.60 96.11
C ILE MB 353 -32.83 -74.82 95.20
N HIS MB 354 -31.71 -74.90 94.50
CA HIS MB 354 -31.41 -76.06 93.65
C HIS MB 354 -31.50 -77.35 94.47
N LEU MB 355 -31.24 -77.25 95.78
CA LEU MB 355 -31.21 -78.40 96.66
C LEU MB 355 -32.55 -78.72 97.31
N VAL MB 356 -33.34 -77.69 97.62
CA VAL MB 356 -34.67 -77.89 98.17
C VAL MB 356 -35.53 -78.69 97.20
N VAL MB 357 -35.34 -78.41 95.90
CA VAL MB 357 -36.00 -79.18 94.84
C VAL MB 357 -35.46 -80.62 94.76
N LYS MB 358 -34.14 -80.75 94.65
CA LYS MB 358 -33.46 -82.05 94.60
C LYS MB 358 -33.88 -82.95 95.78
N SER MB 359 -34.28 -82.31 96.89
CA SER MB 359 -34.62 -82.97 98.15
C SER MB 359 -36.10 -83.29 98.22
N LEU MB 360 -36.93 -82.29 97.95
CA LEU MB 360 -38.37 -82.46 97.91
C LEU MB 360 -38.77 -83.54 96.89
N LEU MB 361 -37.98 -83.69 95.83
CA LEU MB 361 -38.26 -84.66 94.78
C LEU MB 361 -37.85 -86.07 95.16
N SER MB 362 -36.84 -86.18 96.03
CA SER MB 362 -36.45 -87.50 96.54
C SER MB 362 -37.30 -87.89 97.77
N THR MB 363 -37.51 -86.92 98.67
CA THR MB 363 -38.32 -87.14 99.88
C THR MB 363 -39.75 -87.60 99.55
N CYS MB 364 -40.14 -87.41 98.30
CA CYS MB 364 -41.44 -87.90 97.83
C CYS MB 364 -41.30 -89.23 97.11
N ASN MB 365 -40.41 -89.29 96.11
CA ASN MB 365 -40.17 -90.51 95.35
C ASN MB 365 -39.85 -91.69 96.31
N LYS MB 366 -39.72 -91.37 97.60
CA LYS MB 366 -39.57 -92.37 98.66
C LYS MB 366 -40.92 -92.72 99.27
N ILE MB 367 -41.69 -91.69 99.62
CA ILE MB 367 -43.03 -91.90 100.14
C ILE MB 367 -43.90 -92.55 99.08
N ILE MB 368 -43.79 -92.05 97.85
CA ILE MB 368 -44.43 -92.67 96.70
C ILE MB 368 -44.09 -94.16 96.65
N SER MB 369 -42.80 -94.49 96.77
CA SER MB 369 -42.35 -95.88 96.64
C SER MB 369 -42.76 -96.77 97.81
N LEU MB 370 -43.31 -96.19 98.88
CA LEU MB 370 -43.90 -97.02 99.95
C LEU MB 370 -45.29 -97.55 99.54
N SER MB 371 -46.08 -96.70 98.91
CA SER MB 371 -47.37 -97.10 98.37
C SER MB 371 -47.24 -98.18 97.27
N ASP MB 372 -46.32 -97.97 96.34
CA ASP MB 372 -46.12 -98.89 95.22
C ASP MB 372 -45.57 -100.24 95.67
N TYR MB 373 -44.85 -100.24 96.80
CA TYR MB 373 -44.30 -101.46 97.40
C TYR MB 373 -45.19 -102.03 98.52
N GLU MB 374 -46.27 -101.32 98.85
CA GLU MB 374 -47.19 -101.70 99.94
C GLU MB 374 -46.51 -101.88 101.30
N TYR MB 375 -45.51 -101.04 101.58
CA TYR MB 375 -44.74 -101.06 102.83
C TYR MB 375 -43.86 -102.31 102.99
N ASP MB 376 -43.81 -103.11 101.92
CA ASP MB 376 -42.92 -104.25 101.78
C ASP MB 376 -41.55 -103.72 101.34
N ILE MB 377 -40.87 -103.00 102.24
CA ILE MB 377 -39.56 -102.41 101.92
C ILE MB 377 -38.62 -103.41 101.24
N THR MB 378 -38.71 -104.66 101.66
CA THR MB 378 -37.96 -105.73 101.02
C THR MB 378 -38.15 -105.77 99.49
N ARG MB 379 -39.39 -105.48 99.04
CA ARG MB 379 -39.80 -105.69 97.63
C ARG MB 379 -39.06 -104.85 96.58
N ALA MB 380 -38.17 -103.97 97.03
CA ALA MB 380 -37.35 -103.17 96.10
C ALA MB 380 -36.28 -104.07 95.51
N TYR MB 381 -35.59 -104.77 96.42
CA TYR MB 381 -34.45 -105.60 96.07
C TYR MB 381 -34.85 -107.02 95.63
N LYS MB 382 -36.14 -107.24 95.44
CA LYS MB 382 -36.62 -108.49 94.88
C LYS MB 382 -36.99 -108.27 93.41
N ASN MB 383 -36.27 -108.96 92.52
CA ASN MB 383 -36.51 -108.80 91.08
C ASN MB 383 -37.79 -109.50 90.59
N GLU MB 384 -38.74 -109.65 91.52
CA GLU MB 384 -40.15 -109.81 91.17
C GLU MB 384 -40.74 -108.41 91.35
N PHE MB 385 -40.32 -107.54 90.43
CA PHE MB 385 -40.62 -106.11 90.46
C PHE MB 385 -42.10 -105.83 90.64
N ASN MB 386 -42.50 -105.79 91.91
CA ASN MB 386 -43.87 -105.51 92.36
C ASN MB 386 -44.73 -104.58 91.50
N PRO MB 387 -44.47 -103.26 91.63
CA PRO MB 387 -45.44 -102.18 91.41
C PRO MB 387 -46.78 -102.65 90.83
N SER MB 388 -47.84 -102.40 91.60
CA SER MB 388 -49.21 -102.79 91.26
C SER MB 388 -49.64 -102.38 89.84
N PHE MB 389 -48.98 -101.37 89.29
CA PHE MB 389 -49.31 -100.81 87.97
C PHE MB 389 -48.39 -101.27 86.85
N VAL MB 390 -47.45 -102.17 87.16
CA VAL MB 390 -46.64 -102.82 86.14
C VAL MB 390 -47.35 -104.09 85.71
N GLU MB 391 -47.32 -104.38 84.41
CA GLU MB 391 -47.98 -105.56 83.87
C GLU MB 391 -47.12 -106.29 82.84
N ILE MB 392 -46.93 -107.60 83.05
CA ILE MB 392 -46.15 -108.42 82.12
C ILE MB 392 -47.04 -108.92 80.97
N LEU MB 393 -46.47 -109.01 79.76
CA LEU MB 393 -47.18 -109.50 78.57
C LEU MB 393 -46.47 -110.64 77.82
N ASP MB 394 -47.24 -111.68 77.50
CA ASP MB 394 -46.70 -112.83 76.77
C ASP MB 394 -46.63 -112.53 75.28
N THR MB 395 -45.45 -112.73 74.72
CA THR MB 395 -45.14 -112.24 73.39
C THR MB 395 -45.12 -113.36 72.34
N SER MB 396 -45.06 -114.61 72.80
CA SER MB 396 -45.09 -115.75 71.90
C SER MB 396 -46.47 -115.89 71.23
N THR MB 397 -47.51 -115.44 71.94
CA THR MB 397 -48.90 -115.41 71.45
C THR MB 397 -49.04 -115.37 69.93
N THR MB 398 -49.36 -116.50 69.30
CA THR MB 398 -49.64 -116.47 67.87
C THR MB 398 -50.64 -115.34 67.59
N SER MB 399 -50.12 -114.21 67.10
CA SER MB 399 -50.91 -112.99 66.79
C SER MB 399 -50.24 -111.69 67.25
N PHE MB 400 -49.40 -111.77 68.28
CA PHE MB 400 -48.85 -110.57 68.95
C PHE MB 400 -48.22 -109.50 68.06
N PRO MB 401 -47.25 -109.89 67.20
CA PRO MB 401 -46.57 -108.94 66.32
C PRO MB 401 -47.46 -107.83 65.74
N LYS MB 402 -48.74 -108.11 65.50
CA LYS MB 402 -49.65 -107.11 64.93
C LYS MB 402 -50.62 -106.45 65.92
N THR MB 403 -50.46 -106.77 67.20
CA THR MB 403 -51.07 -106.00 68.28
C THR MB 403 -50.21 -104.78 68.46
N PHE MB 404 -48.92 -105.04 68.65
CA PHE MB 404 -47.91 -104.02 68.80
C PHE MB 404 -48.05 -102.95 67.73
N THR MB 405 -47.73 -103.32 66.49
CA THR MB 405 -47.76 -102.38 65.38
C THR MB 405 -49.04 -101.54 65.34
N GLU MB 406 -50.18 -102.21 65.54
CA GLU MB 406 -51.49 -101.54 65.43
C GLU MB 406 -51.96 -100.99 66.78
N GLU MB 407 -51.06 -100.96 67.75
CA GLU MB 407 -51.38 -100.49 69.08
C GLU MB 407 -50.43 -99.36 69.39
N MET MB 408 -49.32 -99.32 68.66
CA MET MB 408 -48.38 -98.22 68.73
C MET MB 408 -48.89 -97.02 67.92
N ASN MB 409 -49.77 -97.28 66.95
CA ASN MB 409 -50.38 -96.21 66.16
C ASN MB 409 -51.67 -95.70 66.81
N ASN MB 410 -52.06 -96.34 67.91
CA ASN MB 410 -53.25 -95.99 68.66
C ASN MB 410 -52.98 -94.89 69.69
N PHE MB 411 -53.58 -93.71 69.48
CA PHE MB 411 -53.34 -92.55 70.35
C PHE MB 411 -54.53 -92.13 71.24
N ASP MB 412 -55.70 -92.66 70.91
CA ASP MB 412 -56.96 -92.23 71.53
C ASP MB 412 -57.46 -93.22 72.59
N ASN MB 413 -57.45 -94.51 72.25
CA ASN MB 413 -57.82 -95.60 73.14
C ASN MB 413 -56.59 -96.44 73.48
N PRO MB 414 -55.63 -95.86 74.23
CA PRO MB 414 -54.33 -96.50 74.43
C PRO MB 414 -54.44 -97.64 75.44
N LYS MB 415 -53.87 -98.79 75.12
CA LYS MB 415 -53.97 -99.97 76.00
C LYS MB 415 -52.78 -100.14 76.95
N TYR MB 416 -51.56 -99.85 76.47
CA TYR MB 416 -50.37 -99.86 77.33
C TYR MB 416 -49.33 -98.82 76.93
N PHE MB 417 -48.48 -98.46 77.87
CA PHE MB 417 -47.39 -97.51 77.60
C PHE MB 417 -46.05 -98.11 77.99
N ILE MB 418 -45.03 -97.89 77.17
CA ILE MB 418 -43.67 -98.15 77.65
C ILE MB 418 -42.91 -96.82 77.79
N ASP MB 419 -43.01 -96.23 78.98
CA ASP MB 419 -42.14 -95.13 79.34
C ASP MB 419 -40.72 -95.70 79.36
N LEU MB 420 -39.76 -94.92 78.87
CA LEU MB 420 -38.35 -95.30 78.78
C LEU MB 420 -37.98 -95.90 77.43
N ARG MB 421 -36.95 -96.74 77.44
CA ARG MB 421 -36.41 -97.29 76.20
C ARG MB 421 -37.00 -98.69 75.94
N ALA MB 422 -37.75 -98.81 74.84
CA ALA MB 422 -38.46 -100.04 74.50
C ALA MB 422 -37.56 -101.12 73.85
N TYR MB 423 -37.16 -102.10 74.64
CA TYR MB 423 -36.25 -103.14 74.17
C TYR MB 423 -36.95 -104.30 73.46
N VAL MB 424 -37.86 -104.97 74.16
CA VAL MB 424 -38.50 -106.17 73.61
C VAL MB 424 -39.12 -105.92 72.24
N GLY MB 425 -38.96 -106.91 71.37
CA GLY MB 425 -39.29 -106.78 69.96
C GLY MB 425 -38.01 -106.50 69.21
N TRP MB 426 -38.14 -105.80 68.08
CA TRP MB 426 -36.98 -105.36 67.31
C TRP MB 426 -36.26 -106.51 66.64
N LEU MB 427 -35.66 -107.36 67.46
CA LEU MB 427 -35.02 -108.53 66.90
C LEU MB 427 -36.05 -109.63 66.71
N CYS MB 428 -36.68 -110.03 67.81
CA CYS MB 428 -37.72 -111.05 67.74
C CYS MB 428 -38.57 -110.99 69.00
N TRP MB 429 -39.73 -111.62 68.89
CA TRP MB 429 -40.67 -111.69 69.99
C TRP MB 429 -40.56 -113.05 70.69
N GLY MB 430 -41.09 -113.16 71.90
CA GLY MB 430 -41.10 -114.44 72.59
C GLY MB 430 -40.87 -114.27 74.08
N ARG MB 431 -40.07 -113.25 74.41
CA ARG MB 431 -39.81 -112.90 75.81
C ARG MB 431 -41.08 -112.39 76.47
N LEU MB 432 -41.06 -112.31 77.80
CA LEU MB 432 -42.07 -111.53 78.54
C LEU MB 432 -41.69 -110.05 78.50
N MET MB 433 -42.68 -109.17 78.49
CA MET MB 433 -42.43 -107.75 78.24
C MET MB 433 -43.01 -106.85 79.35
N TYR MB 434 -42.14 -106.31 80.19
CA TYR MB 434 -42.57 -105.41 81.26
C TYR MB 434 -43.18 -104.14 80.67
N VAL MB 435 -44.41 -103.82 81.08
CA VAL MB 435 -45.18 -102.69 80.54
C VAL MB 435 -45.98 -101.93 81.63
N MET MB 436 -46.51 -100.76 81.27
CA MET MB 436 -47.24 -99.91 82.22
C MET MB 436 -48.71 -99.67 81.89
N SER MB 437 -49.52 -99.52 82.93
CA SER MB 437 -50.97 -99.40 82.78
C SER MB 437 -51.42 -97.95 82.57
N PRO MB 438 -52.50 -97.78 81.77
CA PRO MB 438 -53.15 -96.51 81.43
C PRO MB 438 -53.82 -95.84 82.62
N LYS MB 439 -53.98 -94.52 82.52
CA LYS MB 439 -54.58 -93.70 83.57
C LYS MB 439 -54.08 -94.19 84.93
N ALA MB 440 -52.77 -94.42 85.01
CA ALA MB 440 -52.13 -94.96 86.19
C ALA MB 440 -52.80 -94.38 87.46
N LEU MB 441 -52.91 -95.24 88.48
CA LEU MB 441 -53.51 -94.83 89.75
C LEU MB 441 -52.59 -93.86 90.50
N LYS MB 442 -53.14 -93.32 91.58
CA LYS MB 442 -52.34 -93.02 92.76
C LYS MB 442 -52.68 -94.24 93.62
N LEU MB 443 -51.85 -94.54 94.59
CA LEU MB 443 -52.23 -95.56 95.56
C LEU MB 443 -52.22 -94.97 96.96
N ASN MB 444 -52.75 -95.76 97.89
CA ASN MB 444 -52.97 -95.37 99.27
C ASN MB 444 -51.71 -95.48 100.13
N LEU MB 445 -51.56 -94.55 101.08
CA LEU MB 445 -50.56 -94.70 102.14
C LEU MB 445 -51.18 -94.41 103.50
N ARG MB 446 -50.52 -94.87 104.56
CA ARG MB 446 -51.00 -94.66 105.94
C ARG MB 446 -51.05 -93.17 106.27
N GLU MB 447 -51.57 -92.81 107.44
CA GLU MB 447 -51.83 -91.40 107.72
C GLU MB 447 -50.55 -90.58 107.91
N ASN MB 448 -49.53 -91.18 108.55
CA ASN MB 448 -48.26 -90.47 108.73
C ASN MB 448 -47.70 -89.98 107.39
N GLU MB 449 -47.74 -90.84 106.39
CA GLU MB 449 -47.27 -90.50 105.05
C GLU MB 449 -48.22 -89.53 104.34
N LEU MB 450 -49.48 -89.54 104.77
CA LEU MB 450 -50.49 -88.70 104.13
C LEU MB 450 -50.33 -87.23 104.52
N GLU MB 451 -50.20 -86.99 105.82
CA GLU MB 451 -50.10 -85.63 106.33
C GLU MB 451 -48.79 -84.98 105.92
N VAL MB 452 -47.81 -85.79 105.53
CA VAL MB 452 -46.56 -85.25 105.04
C VAL MB 452 -46.70 -84.62 103.65
N LEU MB 453 -47.38 -85.33 102.73
CA LEU MB 453 -47.63 -84.79 101.38
C LEU MB 453 -48.59 -83.61 101.41
N LYS MB 454 -49.55 -83.65 102.32
CA LYS MB 454 -50.41 -82.49 102.56
C LYS MB 454 -49.54 -81.26 102.84
N THR MB 455 -48.51 -81.43 103.69
CA THR MB 455 -47.63 -80.32 104.11
C THR MB 455 -46.70 -79.85 103.00
N ALA MB 456 -46.97 -80.30 101.78
CA ALA MB 456 -46.21 -79.81 100.62
C ALA MB 456 -47.13 -79.01 99.71
N GLY MB 457 -48.23 -79.62 99.28
CA GLY MB 457 -49.22 -78.94 98.46
C GLY MB 457 -49.83 -77.73 99.14
N HIS MB 458 -49.83 -77.73 100.48
CA HIS MB 458 -50.29 -76.58 101.24
C HIS MB 458 -49.21 -75.50 101.28
N LEU MB 459 -48.04 -75.86 100.74
CA LEU MB 459 -46.89 -74.96 100.70
C LEU MB 459 -46.46 -74.60 99.28
N LEU MB 460 -47.05 -75.29 98.28
CA LEU MB 460 -46.77 -75.02 96.86
C LEU MB 460 -47.75 -74.02 96.29
N THR MB 461 -47.68 -72.79 96.80
CA THR MB 461 -48.61 -71.74 96.43
C THR MB 461 -48.38 -71.25 94.98
N ARG MB 462 -49.36 -70.53 94.43
CA ARG MB 462 -49.14 -69.83 93.17
C ARG MB 462 -47.83 -69.04 93.33
N GLU MB 463 -47.63 -68.50 94.54
CA GLU MB 463 -46.46 -67.67 94.87
C GLU MB 463 -45.12 -68.41 95.02
N PHE MB 464 -45.15 -69.65 95.50
CA PHE MB 464 -43.93 -70.40 95.75
C PHE MB 464 -43.28 -70.99 94.48
N LEU MB 465 -44.08 -71.36 93.49
CA LEU MB 465 -43.54 -71.81 92.20
C LEU MB 465 -43.11 -70.62 91.36
N ARG MB 466 -43.60 -69.44 91.74
CA ARG MB 466 -43.19 -68.20 91.12
C ARG MB 466 -41.75 -67.90 91.54
N ASP MB 467 -41.53 -67.90 92.86
CA ASP MB 467 -40.23 -67.58 93.45
C ASP MB 467 -39.15 -68.56 93.01
N VAL MB 468 -39.51 -69.83 92.96
CA VAL MB 468 -38.53 -70.90 92.78
C VAL MB 468 -38.06 -71.09 91.34
N THR MB 469 -38.98 -70.96 90.38
CA THR MB 469 -38.57 -71.07 88.99
C THR MB 469 -37.81 -69.82 88.54
N MET MB 470 -38.21 -68.66 89.05
CA MET MB 470 -37.50 -67.41 88.76
C MET MB 470 -36.01 -67.60 89.03
N ASN MB 471 -35.72 -67.97 90.27
CA ASN MB 471 -34.37 -68.30 90.69
C ASN MB 471 -33.64 -69.28 89.76
N LEU MB 472 -34.26 -70.44 89.51
CA LEU MB 472 -33.66 -71.46 88.65
C LEU MB 472 -33.34 -70.94 87.25
N VAL MB 473 -33.95 -69.82 86.88
CA VAL MB 473 -33.70 -69.21 85.58
C VAL MB 473 -32.47 -68.31 85.62
N GLN MB 474 -32.31 -67.58 86.72
CA GLN MB 474 -31.20 -66.65 86.84
C GLN MB 474 -29.87 -67.33 87.11
N ASP MB 475 -29.89 -68.37 87.95
CA ASP MB 475 -28.69 -69.21 88.14
C ASP MB 475 -28.38 -69.93 86.82
N ASN MB 476 -29.38 -69.94 85.92
CA ASN MB 476 -29.33 -70.71 84.69
C ASN MB 476 -28.85 -69.89 83.50
N GLU MB 477 -28.83 -68.56 83.66
CA GLU MB 477 -28.44 -67.66 82.58
C GLU MB 477 -26.97 -67.86 82.21
N THR MB 478 -26.17 -68.17 83.22
CA THR MB 478 -24.74 -68.42 83.03
C THR MB 478 -24.51 -69.64 82.12
N ARG MB 479 -25.31 -70.69 82.32
CA ARG MB 479 -25.00 -72.04 81.79
C ARG MB 479 -25.77 -72.56 80.56
N GLY MB 480 -27.07 -72.32 80.50
CA GLY MB 480 -27.92 -72.96 79.49
C GLY MB 480 -28.63 -74.15 80.12
N VAL MB 481 -28.16 -75.36 79.81
CA VAL MB 481 -28.49 -76.56 80.59
C VAL MB 481 -29.97 -76.96 80.64
N PHE MB 482 -30.24 -78.20 81.04
CA PHE MB 482 -31.60 -78.72 81.09
C PHE MB 482 -31.93 -79.48 82.39
N SER MB 483 -31.01 -80.35 82.83
CA SER MB 483 -31.22 -81.23 83.98
C SER MB 483 -32.64 -81.80 84.08
N SER MB 484 -32.74 -83.11 83.98
CA SER MB 484 -34.01 -83.79 84.16
C SER MB 484 -34.51 -83.55 85.58
N GLY MB 485 -33.56 -83.41 86.51
CA GLY MB 485 -33.88 -83.13 87.89
C GLY MB 485 -34.94 -82.04 88.03
N ASN MB 486 -34.96 -81.14 87.07
CA ASN MB 486 -35.98 -80.09 87.01
C ASN MB 486 -37.36 -80.62 86.57
N VAL MB 487 -37.37 -81.38 85.46
CA VAL MB 487 -38.62 -81.92 84.93
C VAL MB 487 -39.26 -82.98 85.85
N SER MB 488 -38.44 -83.90 86.36
CA SER MB 488 -38.92 -84.96 87.25
C SER MB 488 -39.42 -84.37 88.57
N PHE MB 489 -39.32 -83.05 88.71
CA PHE MB 489 -39.88 -82.33 89.85
C PHE MB 489 -41.28 -81.83 89.52
N PHE MB 490 -41.49 -81.41 88.28
CA PHE MB 490 -42.80 -80.90 87.87
C PHE MB 490 -43.85 -82.01 87.73
N SER MB 491 -43.42 -83.16 87.24
CA SER MB 491 -44.32 -84.31 87.24
C SER MB 491 -44.78 -84.54 88.67
N LEU MB 492 -43.91 -84.25 89.64
CA LEU MB 492 -44.21 -84.44 91.05
C LEU MB 492 -45.28 -83.49 91.53
N VAL MB 493 -45.16 -82.23 91.13
CA VAL MB 493 -46.15 -81.22 91.48
C VAL MB 493 -47.50 -81.66 90.94
N ILE MB 494 -47.46 -82.30 89.77
CA ILE MB 494 -48.66 -82.77 89.10
C ILE MB 494 -49.31 -83.95 89.83
N LEU MB 495 -48.52 -84.92 90.24
CA LEU MB 495 -49.02 -85.99 91.10
C LEU MB 495 -49.74 -85.37 92.31
N LEU MB 496 -49.00 -84.59 93.10
CA LEU MB 496 -49.56 -83.85 94.22
C LEU MB 496 -50.83 -83.05 93.88
N ILE MB 497 -50.85 -82.41 92.71
CA ILE MB 497 -51.99 -81.56 92.34
C ILE MB 497 -53.28 -82.36 92.30
N SER MB 498 -53.59 -82.99 91.16
CA SER MB 498 -54.81 -83.77 91.09
C SER MB 498 -54.54 -85.20 91.53
N SER MB 499 -54.20 -85.31 92.81
CA SER MB 499 -54.36 -86.53 93.58
C SER MB 499 -54.91 -86.06 94.92
N GLY MB 500 -54.89 -84.74 95.12
CA GLY MB 500 -55.56 -84.13 96.27
C GLY MB 500 -54.80 -83.09 97.10
N PHE MB 501 -53.48 -83.25 97.22
CA PHE MB 501 -52.69 -82.49 98.21
C PHE MB 501 -52.34 -81.03 97.90
N CYS MB 502 -52.36 -80.64 96.63
CA CYS MB 502 -51.94 -79.28 96.28
C CYS MB 502 -53.12 -78.36 95.98
N GLU MB 503 -54.03 -78.82 95.13
CA GLU MB 503 -55.13 -77.99 94.66
C GLU MB 503 -54.54 -76.69 94.14
N LEU MB 504 -54.04 -76.74 92.91
CA LEU MB 504 -53.54 -75.57 92.23
C LEU MB 504 -54.19 -75.50 90.87
N ASN MB 505 -54.85 -76.60 90.51
CA ASN MB 505 -55.46 -76.73 89.18
C ASN MB 505 -54.39 -76.57 88.09
N MET MB 506 -54.46 -77.43 87.08
CA MET MB 506 -53.43 -77.43 86.03
C MET MB 506 -53.35 -76.08 85.31
N SER MB 507 -54.49 -75.38 85.21
CA SER MB 507 -54.54 -74.09 84.53
C SER MB 507 -53.63 -73.04 85.20
N ASP MB 508 -52.90 -73.48 86.23
CA ASP MB 508 -51.91 -72.64 86.90
C ASP MB 508 -50.51 -72.86 86.32
N LEU MB 509 -50.26 -74.08 85.86
CA LEU MB 509 -48.99 -74.44 85.22
C LEU MB 509 -48.98 -74.03 83.75
N PHE MB 510 -50.16 -73.76 83.19
CA PHE MB 510 -50.26 -73.29 81.82
C PHE MB 510 -49.91 -71.80 81.71
N GLU MB 511 -50.08 -71.06 82.81
CA GLU MB 511 -49.68 -69.67 82.85
C GLU MB 511 -48.22 -69.60 83.24
N LEU MB 512 -47.87 -70.34 84.29
CA LEU MB 512 -46.49 -70.44 84.74
C LEU MB 512 -45.57 -70.80 83.57
N CYS MB 513 -46.14 -71.49 82.58
CA CYS MB 513 -45.39 -71.88 81.39
C CYS MB 513 -45.43 -70.80 80.30
N GLU MB 514 -46.64 -70.43 79.86
CA GLU MB 514 -46.81 -69.36 78.88
C GLU MB 514 -46.07 -68.12 79.38
N SER MB 515 -45.93 -68.04 80.70
CA SER MB 515 -45.27 -66.91 81.37
C SER MB 515 -43.78 -66.80 81.05
N TYR MB 516 -43.08 -67.92 81.14
CA TYR MB 516 -41.63 -67.94 81.00
C TYR MB 516 -41.19 -67.99 79.55
N TYR MB 517 -42.16 -67.79 78.64
CA TYR MB 517 -41.82 -67.75 77.23
C TYR MB 517 -41.64 -66.33 76.68
N ASN MB 518 -40.48 -65.74 76.98
CA ASN MB 518 -40.01 -64.51 76.34
C ASN MB 518 -39.13 -64.93 75.17
N LYS MB 519 -39.57 -64.62 73.96
CA LYS MB 519 -38.81 -64.98 72.76
C LYS MB 519 -37.34 -64.54 72.86
N ASP MB 520 -37.05 -63.73 73.89
CA ASP MB 520 -35.73 -63.14 74.12
C ASP MB 520 -34.83 -63.91 75.09
N ASP MB 521 -35.29 -64.09 76.34
CA ASP MB 521 -34.49 -64.71 77.40
C ASP MB 521 -34.36 -66.23 77.24
N LYS MB 522 -33.12 -66.71 77.01
CA LYS MB 522 -32.84 -68.13 76.73
C LYS MB 522 -33.05 -69.04 77.95
N ALA MB 523 -32.50 -68.62 79.09
CA ALA MB 523 -32.59 -69.41 80.32
C ALA MB 523 -34.01 -69.40 80.86
N SER MB 524 -34.80 -68.45 80.35
CA SER MB 524 -36.21 -68.27 80.70
C SER MB 524 -37.11 -69.19 79.86
N MET MB 525 -36.79 -69.30 78.57
CA MET MB 525 -37.46 -70.25 77.68
C MET MB 525 -37.16 -71.67 78.11
N ILE MB 526 -35.93 -71.92 78.53
CA ILE MB 526 -35.52 -73.25 78.97
C ILE MB 526 -36.34 -73.71 80.17
N MET MB 527 -36.80 -72.75 80.97
CA MET MB 527 -37.68 -73.06 82.09
C MET MB 527 -39.09 -73.36 81.62
N SER MB 528 -39.53 -72.62 80.60
CA SER MB 528 -40.84 -72.87 80.02
C SER MB 528 -40.93 -74.28 79.43
N VAL MB 529 -39.91 -74.68 78.69
CA VAL MB 529 -39.91 -76.01 78.04
C VAL MB 529 -39.56 -77.15 79.00
N GLU MB 530 -38.88 -76.82 80.10
CA GLU MB 530 -38.70 -77.79 81.20
C GLU MB 530 -40.08 -78.09 81.80
N ILE MB 531 -40.95 -77.08 81.80
CA ILE MB 531 -42.32 -77.19 82.30
C ILE MB 531 -43.17 -78.09 81.41
N VAL MB 532 -43.02 -77.92 80.10
CA VAL MB 532 -43.81 -78.70 79.15
C VAL MB 532 -43.52 -80.20 79.29
N ALA MB 533 -42.24 -80.54 79.32
CA ALA MB 533 -41.80 -81.93 79.45
C ALA MB 533 -42.32 -82.57 80.74
N GLY MB 534 -42.67 -81.75 81.74
CA GLY MB 534 -43.25 -82.23 82.98
C GLY MB 534 -44.72 -82.57 82.84
N LEU MB 535 -45.42 -81.80 82.00
CA LEU MB 535 -46.85 -81.99 81.75
C LEU MB 535 -47.06 -83.27 80.93
N VAL MB 536 -46.01 -83.71 80.25
CA VAL MB 536 -46.09 -84.95 79.48
C VAL MB 536 -45.55 -86.15 80.28
N CYS MB 537 -44.85 -85.86 81.38
CA CYS MB 537 -44.45 -86.93 82.29
C CYS MB 537 -45.46 -86.98 83.44
N GLY MB 538 -46.55 -86.23 83.28
CA GLY MB 538 -47.60 -86.13 84.29
C GLY MB 538 -48.88 -86.72 83.74
N SER MB 539 -48.74 -87.93 83.19
CA SER MB 539 -49.85 -88.77 82.76
C SER MB 539 -49.81 -90.03 83.62
N LYS MB 540 -48.65 -90.25 84.26
CA LYS MB 540 -48.58 -91.09 85.46
C LYS MB 540 -49.21 -90.23 86.56
N PHE MB 541 -50.50 -89.95 86.36
CA PHE MB 541 -51.30 -89.09 87.21
C PHE MB 541 -52.68 -88.99 86.55
N MET MB 542 -53.73 -89.21 87.35
CA MET MB 542 -55.08 -89.42 86.84
C MET MB 542 -55.71 -88.33 85.97
N SER MB 543 -57.00 -88.11 86.18
CA SER MB 543 -57.83 -87.17 85.42
C SER MB 543 -57.71 -87.33 83.90
N VAL MB 544 -58.76 -87.88 83.28
CA VAL MB 544 -58.83 -87.91 81.82
C VAL MB 544 -59.40 -86.57 81.34
N SER MB 545 -59.90 -85.79 82.30
CA SER MB 545 -60.45 -84.47 82.00
C SER MB 545 -59.37 -83.40 82.15
N ASP MB 546 -58.26 -83.75 82.81
CA ASP MB 546 -57.08 -82.90 82.87
C ASP MB 546 -56.10 -83.27 81.75
N LEU MB 547 -56.05 -84.56 81.41
CA LEU MB 547 -55.25 -85.03 80.30
C LEU MB 547 -55.83 -84.55 78.96
N ASP MB 548 -56.99 -83.91 79.03
CA ASP MB 548 -57.58 -83.27 77.87
C ASP MB 548 -57.40 -81.76 77.91
N LYS MB 549 -57.38 -81.18 79.12
CA LYS MB 549 -57.07 -79.76 79.30
C LYS MB 549 -55.61 -79.50 78.94
N ARG MB 550 -54.81 -80.57 78.99
CA ARG MB 550 -53.37 -80.50 78.74
C ARG MB 550 -53.04 -80.82 77.28
N ASP MB 551 -53.74 -81.80 76.71
CA ASP MB 551 -53.61 -82.04 75.27
C ASP MB 551 -54.06 -80.82 74.48
N THR MB 552 -54.99 -80.06 75.05
CA THR MB 552 -55.55 -78.87 74.42
C THR MB 552 -54.63 -77.63 74.56
N PHE MB 553 -54.03 -77.49 75.73
CA PHE MB 553 -53.08 -76.40 75.95
C PHE MB 553 -51.83 -76.55 75.09
N ILE MB 554 -51.47 -77.80 74.81
CA ILE MB 554 -50.21 -78.09 74.13
C ILE MB 554 -50.29 -77.90 72.61
N GLU MB 555 -51.44 -78.16 72.00
CA GLU MB 555 -51.55 -77.92 70.56
C GLU MB 555 -51.67 -76.43 70.31
N ASN MB 556 -52.17 -75.72 71.33
CA ASN MB 556 -52.31 -74.26 71.29
C ASN MB 556 -50.98 -73.55 71.49
N PHE MB 557 -50.13 -74.15 72.32
CA PHE MB 557 -48.83 -73.58 72.67
C PHE MB 557 -47.78 -73.82 71.59
N LEU MB 558 -47.64 -75.07 71.17
CA LEU MB 558 -46.75 -75.41 70.04
C LEU MB 558 -47.10 -74.61 68.80
N ALA MB 559 -48.34 -74.13 68.73
CA ALA MB 559 -48.74 -73.22 67.67
C ALA MB 559 -48.01 -71.86 67.83
N LYS MB 560 -48.28 -71.17 68.93
CA LYS MB 560 -47.65 -69.87 69.19
C LYS MB 560 -46.13 -69.94 68.97
N CYS MB 561 -45.53 -71.04 69.42
CA CYS MB 561 -44.08 -71.17 69.51
C CYS MB 561 -43.38 -71.61 68.22
N LEU MB 562 -43.86 -72.70 67.63
CA LEU MB 562 -43.18 -73.33 66.50
C LEU MB 562 -43.76 -72.95 65.14
N ASP MB 563 -45.02 -72.55 65.12
CA ASP MB 563 -45.67 -72.15 63.87
C ASP MB 563 -45.27 -70.72 63.48
N TYR MB 564 -44.02 -70.64 63.01
CA TYR MB 564 -43.45 -69.44 62.41
C TYR MB 564 -43.08 -68.37 63.42
N GLU MB 565 -41.92 -67.77 63.16
CA GLU MB 565 -41.16 -67.00 64.15
C GLU MB 565 -40.37 -67.93 65.07
N LEU MB 566 -39.20 -68.36 64.58
CA LEU MB 566 -38.37 -69.32 65.31
C LEU MB 566 -36.86 -69.04 65.17
N ASN MB 567 -36.23 -68.62 66.27
CA ASN MB 567 -34.81 -68.31 66.30
C ASN MB 567 -33.92 -69.54 66.56
N HIS MB 568 -32.62 -69.40 66.28
CA HIS MB 568 -31.68 -70.49 66.51
C HIS MB 568 -31.47 -70.68 68.01
N ASP MB 569 -32.23 -69.94 68.81
CA ASP MB 569 -32.20 -70.08 70.26
C ASP MB 569 -33.32 -71.01 70.73
N ALA MB 570 -34.52 -70.83 70.16
CA ALA MB 570 -35.62 -71.75 70.40
C ALA MB 570 -35.28 -73.12 69.82
N PHE MB 571 -34.99 -73.15 68.52
CA PHE MB 571 -34.59 -74.38 67.84
C PHE MB 571 -33.55 -75.15 68.65
N GLU MB 572 -32.65 -74.41 69.31
CA GLU MB 572 -31.63 -75.04 70.16
C GLU MB 572 -32.29 -75.79 71.33
N ILE MB 573 -33.37 -75.22 71.88
CA ILE MB 573 -34.08 -75.81 73.02
C ILE MB 573 -35.06 -76.92 72.65
N TRP MB 574 -36.06 -76.58 71.85
CA TRP MB 574 -37.07 -77.56 71.46
C TRP MB 574 -36.40 -78.82 70.88
N SER MB 575 -35.41 -78.62 70.02
CA SER MB 575 -34.71 -79.75 69.40
C SER MB 575 -34.05 -80.62 70.48
N THR MB 576 -33.70 -79.99 71.60
CA THR MB 576 -33.20 -80.73 72.77
C THR MB 576 -34.29 -81.63 73.35
N LEU MB 577 -35.53 -81.11 73.41
CA LEU MB 577 -36.67 -81.85 73.93
C LEU MB 577 -36.98 -83.10 73.09
N ALA MB 578 -37.06 -82.92 71.77
CA ALA MB 578 -37.39 -84.01 70.86
C ALA MB 578 -36.47 -85.22 71.01
N TRP MB 579 -35.19 -84.99 71.29
CA TRP MB 579 -34.24 -86.10 71.46
C TRP MB 579 -34.38 -86.75 72.82
N TRP MB 580 -34.96 -86.02 73.76
CA TRP MB 580 -35.04 -86.49 75.14
C TRP MB 580 -36.40 -87.08 75.50
N LEU MB 581 -37.45 -86.26 75.36
CA LEU MB 581 -38.78 -86.62 75.86
C LEU MB 581 -39.26 -88.03 75.51
N PRO MB 582 -39.23 -88.41 74.21
CA PRO MB 582 -39.69 -89.74 73.75
C PRO MB 582 -38.93 -90.90 74.39
N ALA MB 583 -37.85 -90.59 75.12
CA ALA MB 583 -37.05 -91.60 75.80
C ALA MB 583 -37.38 -91.70 77.29
N VAL MB 584 -38.08 -90.70 77.83
CA VAL MB 584 -38.48 -90.71 79.25
C VAL MB 584 -40.00 -90.89 79.41
N VAL MB 585 -40.71 -91.03 78.29
CA VAL MB 585 -42.15 -91.27 78.30
C VAL MB 585 -42.70 -91.70 76.94
N ASP MB 586 -43.51 -92.76 76.92
CA ASP MB 586 -44.19 -93.15 75.69
C ASP MB 586 -45.11 -92.01 75.27
N LEU MB 587 -44.87 -91.47 74.07
CA LEU MB 587 -45.53 -90.26 73.58
C LEU MB 587 -47.01 -90.42 73.25
N ARG MB 588 -47.52 -91.64 73.41
CA ARG MB 588 -48.93 -91.90 73.12
C ARG MB 588 -49.80 -91.56 74.32
N ARG MB 589 -49.15 -91.12 75.39
CA ARG MB 589 -49.83 -90.56 76.55
C ARG MB 589 -50.36 -89.16 76.21
N SER MB 590 -50.30 -88.81 74.91
CA SER MB 590 -50.75 -87.51 74.41
C SER MB 590 -51.20 -87.53 72.95
N LYS MB 591 -52.46 -87.16 72.70
CA LYS MB 591 -53.01 -87.18 71.35
C LYS MB 591 -52.49 -86.02 70.48
N THR MB 592 -52.23 -84.86 71.11
CA THR MB 592 -51.89 -83.63 70.38
C THR MB 592 -50.40 -83.43 70.11
N PHE MB 593 -49.59 -83.61 71.16
CA PHE MB 593 -48.16 -83.37 71.08
C PHE MB 593 -47.47 -83.99 69.86
N PHE MB 594 -47.44 -85.32 69.76
CA PHE MB 594 -46.85 -85.94 68.59
C PHE MB 594 -47.61 -85.60 67.30
N CYS MB 595 -48.94 -85.82 67.30
CA CYS MB 595 -49.75 -85.54 66.12
C CYS MB 595 -49.71 -84.06 65.75
N HIS MB 596 -48.64 -83.37 66.15
CA HIS MB 596 -48.41 -81.95 65.83
C HIS MB 596 -47.15 -81.72 64.97
N PHE MB 597 -46.07 -82.40 65.32
CA PHE MB 597 -44.81 -82.29 64.57
C PHE MB 597 -44.93 -83.00 63.25
N ILE MB 598 -45.79 -84.00 63.21
CA ILE MB 598 -45.99 -84.79 62.02
C ILE MB 598 -47.01 -84.13 61.08
N ASN MB 599 -47.61 -83.03 61.56
CA ASN MB 599 -48.44 -82.17 60.71
C ASN MB 599 -47.55 -81.22 59.90
N ALA MB 600 -47.22 -81.69 58.70
CA ALA MB 600 -46.13 -81.19 57.88
C ALA MB 600 -46.56 -80.18 56.81
N ASP MB 601 -46.92 -79.00 57.26
CA ASP MB 601 -47.22 -77.87 56.38
C ASP MB 601 -45.91 -77.20 55.95
N GLY MB 602 -44.85 -78.00 55.79
CA GLY MB 602 -43.52 -77.47 55.57
C GLY MB 602 -42.62 -78.31 54.70
N MET MB 603 -42.75 -78.10 53.39
CA MET MB 603 -41.78 -78.50 52.36
C MET MB 603 -42.23 -78.03 50.96
N PHE MB 604 -41.85 -76.80 50.57
CA PHE MB 604 -42.16 -76.25 49.24
C PHE MB 604 -41.47 -77.06 48.13
N ASP MB 605 -41.52 -76.60 46.87
CA ASP MB 605 -41.01 -77.46 45.76
C ASP MB 605 -40.24 -76.80 44.60
N ARG MB 606 -40.41 -75.49 44.40
CA ARG MB 606 -39.64 -74.80 43.34
C ARG MB 606 -39.32 -73.35 43.69
N GLU MB 607 -38.45 -72.74 42.90
CA GLU MB 607 -37.89 -71.43 43.24
C GLU MB 607 -37.98 -70.35 42.16
N SER MB 608 -39.10 -69.64 42.15
CA SER MB 608 -39.20 -68.32 41.52
C SER MB 608 -39.92 -67.36 42.49
N ASP MB 609 -39.86 -67.69 43.77
CA ASP MB 609 -40.41 -66.88 44.86
C ASP MB 609 -39.32 -66.70 45.91
N ALA MB 610 -39.59 -67.16 47.13
CA ALA MB 610 -38.55 -67.32 48.14
C ALA MB 610 -38.65 -68.75 48.64
N ALA MB 611 -39.16 -69.63 47.78
CA ALA MB 611 -39.53 -71.01 48.11
C ALA MB 611 -40.38 -71.04 49.37
N THR MB 612 -39.74 -70.69 50.49
CA THR MB 612 -40.37 -70.32 51.77
C THR MB 612 -39.36 -70.12 52.91
N HIS MB 613 -39.20 -71.15 53.75
CA HIS MB 613 -38.60 -71.03 55.09
C HIS MB 613 -37.57 -72.12 55.40
N GLN MB 614 -37.92 -73.01 56.33
CA GLN MB 614 -36.93 -73.82 57.01
C GLN MB 614 -37.25 -75.28 57.29
N THR MB 615 -36.23 -75.88 57.89
CA THR MB 615 -36.31 -77.07 58.69
C THR MB 615 -36.98 -76.67 60.00
N SER MB 616 -37.89 -75.70 59.87
CA SER MB 616 -38.82 -75.31 60.92
C SER MB 616 -39.68 -76.52 61.24
N LYS MB 617 -39.04 -77.68 61.30
CA LYS MB 617 -39.70 -78.94 61.56
C LYS MB 617 -38.68 -80.01 61.30
N ILE MB 618 -38.46 -80.29 60.02
CA ILE MB 618 -37.75 -81.49 59.59
C ILE MB 618 -36.78 -82.04 60.66
N TYR MB 619 -35.80 -81.24 61.08
CA TYR MB 619 -34.81 -81.74 62.04
C TYR MB 619 -35.35 -82.07 63.45
N MET MB 620 -36.57 -81.58 63.76
CA MET MB 620 -37.20 -81.85 65.06
C MET MB 620 -38.19 -83.02 64.99
N LEU MB 621 -38.91 -83.12 63.88
CA LEU MB 621 -39.74 -84.29 63.64
C LEU MB 621 -38.81 -85.49 63.64
N ARG MB 622 -37.69 -85.34 62.93
CA ARG MB 622 -36.68 -86.40 62.80
C ARG MB 622 -36.10 -86.83 64.16
N SER MB 623 -35.79 -85.88 65.03
CA SER MB 623 -35.16 -86.23 66.31
C SER MB 623 -36.14 -86.88 67.31
N ILE MB 624 -37.43 -86.83 66.98
CA ILE MB 624 -38.44 -87.59 67.73
C ILE MB 624 -38.53 -89.00 67.15
N LEU MB 625 -38.74 -89.06 65.84
CA LEU MB 625 -38.73 -90.32 65.11
C LEU MB 625 -37.45 -91.14 65.33
N MET MB 626 -36.36 -90.46 65.70
CA MET MB 626 -35.10 -91.13 65.95
C MET MB 626 -35.11 -91.77 67.32
N SER MB 627 -35.81 -91.12 68.24
CA SER MB 627 -35.84 -91.53 69.63
C SER MB 627 -36.90 -92.60 69.92
N MET MB 628 -37.78 -92.83 68.93
CA MET MB 628 -38.79 -93.89 69.02
C MET MB 628 -38.37 -95.12 68.22
N GLU MB 629 -38.07 -94.91 66.93
CA GLU MB 629 -37.29 -95.87 66.12
C GLU MB 629 -37.92 -97.25 66.02
N PHE MB 630 -39.23 -97.32 65.86
CA PHE MB 630 -39.85 -98.55 66.29
C PHE MB 630 -41.31 -98.34 66.56
N ARG MB 631 -41.54 -97.56 67.62
CA ARG MB 631 -42.86 -97.16 68.08
C ARG MB 631 -43.37 -95.95 67.27
N ALA MB 632 -44.70 -95.80 67.25
CA ALA MB 632 -45.42 -94.74 66.50
C ALA MB 632 -45.15 -94.54 65.00
N PRO MB 633 -44.23 -95.32 64.38
CA PRO MB 633 -43.73 -94.82 63.10
C PRO MB 633 -44.66 -95.03 61.92
N ASP MB 634 -45.99 -95.10 62.11
CA ASP MB 634 -46.83 -95.17 60.91
C ASP MB 634 -46.81 -93.83 60.19
N VAL MB 635 -46.20 -93.85 59.02
CA VAL MB 635 -45.92 -92.63 58.31
C VAL MB 635 -46.22 -92.83 56.84
N GLY MB 636 -47.37 -93.46 56.57
CA GLY MB 636 -47.86 -93.57 55.21
C GLY MB 636 -47.70 -92.21 54.54
N LYS MB 637 -48.03 -91.15 55.28
CA LYS MB 637 -47.91 -89.77 54.81
C LYS MB 637 -46.51 -89.44 54.33
N LEU MB 638 -45.60 -89.24 55.30
CA LEU MB 638 -44.25 -88.69 55.05
C LEU MB 638 -43.57 -89.14 53.75
N PHE MB 639 -43.59 -90.45 53.48
CA PHE MB 639 -42.97 -90.98 52.27
C PHE MB 639 -43.61 -90.43 50.99
N ASP MB 640 -44.94 -90.38 50.95
CA ASP MB 640 -45.67 -89.80 49.81
C ASP MB 640 -45.50 -88.26 49.77
N GLU MB 641 -44.93 -87.69 50.83
CA GLU MB 641 -44.87 -86.24 51.01
C GLU MB 641 -43.44 -85.63 50.89
N LEU MB 642 -42.42 -86.47 50.79
CA LEU MB 642 -41.05 -85.97 50.71
C LEU MB 642 -40.81 -85.21 49.41
N VAL MB 643 -39.73 -84.43 49.37
CA VAL MB 643 -39.53 -83.46 48.30
C VAL MB 643 -38.43 -83.79 47.27
N PHE MB 644 -37.16 -83.63 47.66
CA PHE MB 644 -36.03 -83.88 46.74
C PHE MB 644 -35.81 -82.72 45.77
N ASP MB 645 -36.91 -82.14 45.29
CA ASP MB 645 -36.88 -81.06 44.30
C ASP MB 645 -36.50 -79.71 44.90
N HIS MB 646 -36.38 -79.65 46.23
CA HIS MB 646 -36.20 -78.36 46.93
C HIS MB 646 -34.93 -77.61 46.52
N PRO MB 647 -35.06 -76.30 46.28
CA PRO MB 647 -34.01 -75.38 45.82
C PRO MB 647 -32.91 -75.11 46.84
N TYR MB 648 -33.30 -74.97 48.11
CA TYR MB 648 -32.36 -74.67 49.19
C TYR MB 648 -31.61 -75.89 49.69
N ASP MB 649 -30.41 -75.64 50.18
CA ASP MB 649 -29.58 -76.71 50.73
C ASP MB 649 -30.07 -77.11 52.12
N GLN MB 650 -30.15 -76.15 53.03
CA GLN MB 650 -30.52 -76.41 54.42
C GLN MB 650 -31.73 -77.33 54.50
N VAL MB 651 -32.49 -77.38 53.42
CA VAL MB 651 -33.66 -78.24 53.33
C VAL MB 651 -33.36 -79.52 52.54
N ARG MB 652 -32.74 -79.39 51.36
CA ARG MB 652 -32.33 -80.56 50.58
C ARG MB 652 -31.55 -81.54 51.45
N GLN MB 653 -30.65 -80.99 52.27
CA GLN MB 653 -29.83 -81.80 53.18
C GLN MB 653 -30.69 -82.42 54.28
N ALA MB 654 -31.66 -81.65 54.76
CA ALA MB 654 -32.49 -82.09 55.87
C ALA MB 654 -33.53 -83.13 55.44
N VAL MB 655 -34.06 -82.98 54.24
CA VAL MB 655 -34.99 -83.99 53.70
C VAL MB 655 -34.25 -85.33 53.56
N ALA MB 656 -32.96 -85.25 53.26
CA ALA MB 656 -32.12 -86.45 53.18
C ALA MB 656 -31.88 -87.08 54.57
N LYS MB 657 -31.41 -86.29 55.52
CA LYS MB 657 -31.13 -86.76 56.88
C LYS MB 657 -32.38 -87.36 57.55
N LEU MB 658 -33.56 -86.99 57.04
CA LEU MB 658 -34.82 -87.48 57.59
C LEU MB 658 -35.19 -88.82 57.00
N LEU MB 659 -35.12 -88.91 55.67
CA LEU MB 659 -35.36 -90.16 54.98
C LEU MB 659 -34.45 -91.27 55.52
N THR MB 660 -33.18 -90.92 55.72
CA THR MB 660 -32.24 -91.83 56.37
C THR MB 660 -32.87 -92.40 57.63
N THR MB 661 -33.42 -91.52 58.47
CA THR MB 661 -34.04 -91.95 59.73
C THR MB 661 -35.36 -92.69 59.52
N LEU MB 662 -36.14 -92.29 58.51
CA LEU MB 662 -37.40 -92.95 58.19
C LEU MB 662 -37.18 -94.38 57.74
N VAL MB 663 -36.00 -94.64 57.20
CA VAL MB 663 -35.67 -95.98 56.71
C VAL MB 663 -35.18 -96.91 57.83
N GLN MB 664 -34.48 -96.36 58.81
CA GLN MB 664 -33.97 -97.16 59.92
C GLN MB 664 -35.11 -97.64 60.83
N ASN MB 665 -36.31 -97.10 60.61
CA ASN MB 665 -37.49 -97.38 61.44
C ASN MB 665 -38.35 -98.52 60.91
N GLN MB 666 -38.22 -98.78 59.60
CA GLN MB 666 -38.92 -99.90 58.94
C GLN MB 666 -37.95 -101.04 58.63
N SER MB 667 -36.70 -100.90 59.08
CA SER MB 667 -35.65 -101.87 58.81
C SER MB 667 -35.42 -102.87 59.95
N ASN MB 668 -35.89 -102.53 61.16
CA ASN MB 668 -35.89 -103.50 62.26
C ASN MB 668 -36.59 -104.80 61.81
N PRO MB 669 -35.95 -105.96 62.03
CA PRO MB 669 -36.49 -107.17 61.42
C PRO MB 669 -37.49 -107.89 62.31
N SER MB 670 -37.89 -107.28 63.45
CA SER MB 670 -38.61 -107.97 64.51
C SER MB 670 -39.45 -109.18 64.04
N ILE MB 671 -38.96 -110.39 64.36
CA ILE MB 671 -39.54 -111.65 63.91
C ILE MB 671 -40.54 -112.22 64.92
N SER MB 672 -41.24 -113.27 64.51
CA SER MB 672 -42.27 -113.93 65.32
C SER MB 672 -41.69 -114.67 66.52
N ASP MB 673 -40.83 -115.65 66.24
CA ASP MB 673 -40.23 -116.48 67.28
C ASP MB 673 -38.71 -116.40 67.25
N PRO MB 674 -38.07 -116.72 68.38
CA PRO MB 674 -36.62 -116.94 68.38
C PRO MB 674 -36.30 -118.12 67.47
N THR MB 675 -37.20 -119.11 67.46
CA THR MB 675 -36.99 -120.32 66.69
C THR MB 675 -37.21 -120.08 65.21
N THR MB 676 -38.27 -119.34 64.90
CA THR MB 676 -38.54 -118.94 63.52
C THR MB 676 -37.35 -118.14 63.01
N LEU MB 677 -36.72 -117.37 63.90
CA LEU MB 677 -35.59 -116.49 63.59
C LEU MB 677 -34.28 -117.21 63.30
N LEU MB 678 -33.80 -117.99 64.27
CA LEU MB 678 -32.56 -118.72 64.10
C LEU MB 678 -32.60 -119.69 62.91
N GLU MB 679 -33.78 -120.08 62.46
CA GLU MB 679 -33.89 -120.95 61.28
C GLU MB 679 -33.68 -120.15 59.98
N ALA MB 680 -33.81 -118.83 60.08
CA ALA MB 680 -33.53 -117.95 58.95
C ALA MB 680 -32.03 -117.66 58.87
N GLU MB 681 -31.42 -117.44 60.03
CA GLU MB 681 -29.98 -117.18 60.12
C GLU MB 681 -29.17 -118.40 59.72
N ARG MB 682 -29.66 -119.57 60.10
CA ARG MB 682 -28.98 -120.84 59.79
C ARG MB 682 -28.94 -121.02 58.28
N ASN MB 683 -30.11 -120.92 57.64
CA ASN MB 683 -30.22 -121.03 56.19
C ASN MB 683 -29.93 -119.71 55.47
N ASP MB 684 -28.69 -119.24 55.56
CA ASP MB 684 -28.22 -118.08 54.80
C ASP MB 684 -27.07 -118.53 53.89
N PRO MB 685 -26.82 -117.79 52.79
CA PRO MB 685 -25.81 -118.14 51.79
C PRO MB 685 -24.41 -118.09 52.35
N ASP MB 686 -24.11 -117.01 53.07
CA ASP MB 686 -22.85 -116.86 53.76
C ASP MB 686 -22.92 -117.69 55.03
N GLY MB 687 -21.93 -118.55 55.27
CA GLY MB 687 -21.88 -119.34 56.49
C GLY MB 687 -22.12 -118.46 57.69
N LEU MB 688 -22.10 -117.15 57.43
CA LEU MB 688 -22.47 -116.11 58.39
C LEU MB 688 -23.97 -116.09 58.61
N GLY MB 689 -24.53 -114.89 58.75
CA GLY MB 689 -25.94 -114.78 59.11
C GLY MB 689 -26.79 -113.92 58.21
N LEU MB 690 -27.98 -113.57 58.72
CA LEU MB 690 -28.91 -112.66 58.03
C LEU MB 690 -28.36 -111.24 58.00
N PRO MB 691 -28.55 -110.55 56.87
CA PRO MB 691 -28.41 -109.10 57.01
C PRO MB 691 -29.23 -108.63 58.20
N LEU MB 692 -28.55 -108.16 59.24
CA LEU MB 692 -29.19 -107.53 60.37
C LEU MB 692 -29.71 -106.22 59.82
N LYS MB 693 -30.94 -105.85 60.18
CA LYS MB 693 -31.56 -104.67 59.55
C LYS MB 693 -31.63 -104.85 58.02
N SER MB 694 -32.81 -105.16 57.51
CA SER MB 694 -32.98 -105.33 56.08
C SER MB 694 -34.15 -104.48 55.62
N VAL MB 695 -33.85 -103.56 54.71
CA VAL MB 695 -34.87 -102.66 54.18
C VAL MB 695 -36.01 -103.43 53.49
N PRO MB 696 -37.25 -103.22 53.95
CA PRO MB 696 -38.44 -103.96 53.51
C PRO MB 696 -38.95 -103.55 52.12
N GLU MB 697 -38.97 -104.51 51.20
CA GLU MB 697 -39.45 -104.31 49.82
C GLU MB 697 -40.20 -103.02 49.45
N LYS MB 698 -41.35 -102.75 50.07
CA LYS MB 698 -42.10 -101.52 49.77
C LYS MB 698 -41.24 -100.23 49.83
N VAL MB 699 -40.10 -100.32 50.51
CA VAL MB 699 -39.13 -99.23 50.55
C VAL MB 699 -38.02 -99.39 49.50
N ASP MB 700 -37.51 -100.62 49.35
CA ASP MB 700 -36.53 -100.90 48.29
C ASP MB 700 -37.12 -100.43 46.95
N ALA MB 701 -38.44 -100.26 46.92
CA ALA MB 701 -39.14 -99.80 45.73
C ALA MB 701 -39.05 -98.27 45.60
N TYR MB 702 -39.31 -97.59 46.71
CA TYR MB 702 -39.23 -96.12 46.78
C TYR MB 702 -37.87 -95.60 46.32
N ILE MB 703 -36.81 -96.12 46.94
CA ILE MB 703 -35.44 -95.69 46.66
C ILE MB 703 -35.06 -95.94 45.22
N LYS MB 704 -35.30 -97.17 44.75
CA LYS MB 704 -35.00 -97.51 43.36
C LYS MB 704 -35.64 -96.48 42.42
N LYS MB 705 -36.85 -96.04 42.77
CA LYS MB 705 -37.56 -95.02 42.01
C LYS MB 705 -36.80 -93.70 41.92
N GLN MB 706 -36.36 -93.19 43.07
CA GLN MB 706 -35.66 -91.91 43.12
C GLN MB 706 -34.36 -91.85 42.31
N PHE MB 707 -33.74 -93.02 42.11
CA PHE MB 707 -32.53 -93.14 41.28
C PHE MB 707 -32.90 -93.19 39.79
N GLU MB 708 -33.99 -93.86 39.47
CA GLU MB 708 -34.42 -94.04 38.09
C GLU MB 708 -35.36 -92.92 37.64
N ILE MB 709 -35.66 -92.00 38.55
CA ILE MB 709 -36.36 -90.76 38.22
C ILE MB 709 -35.31 -89.74 37.78
N ILE MB 710 -34.14 -89.84 38.40
CA ILE MB 710 -32.99 -89.01 38.08
C ILE MB 710 -32.31 -89.45 36.77
N LYS MB 711 -32.46 -90.72 36.40
CA LYS MB 711 -31.98 -91.20 35.11
C LYS MB 711 -32.92 -90.71 33.99
N ASN MB 712 -34.18 -90.50 34.34
CA ASN MB 712 -35.18 -89.97 33.40
C ASN MB 712 -34.87 -88.53 32.97
N LEU MB 713 -34.29 -87.78 33.89
CA LEU MB 713 -34.05 -86.36 33.69
C LEU MB 713 -32.67 -86.02 33.10
N GLU MB 714 -31.91 -87.01 32.62
CA GLU MB 714 -30.60 -86.72 32.01
C GLU MB 714 -30.73 -85.85 30.75
N ASP MB 715 -31.96 -85.68 30.26
CA ASP MB 715 -32.22 -84.80 29.13
C ASP MB 715 -32.33 -83.35 29.60
N SER MB 716 -32.58 -83.18 30.89
CA SER MB 716 -32.82 -81.87 31.50
C SER MB 716 -31.60 -80.95 31.40
N VAL MB 717 -30.42 -81.55 31.33
CA VAL MB 717 -29.20 -80.78 31.18
C VAL MB 717 -28.55 -81.14 29.86
N VAL MB 718 -29.39 -81.40 28.86
CA VAL MB 718 -28.93 -81.83 27.55
C VAL MB 718 -27.64 -81.09 27.14
N GLY MB 719 -27.50 -79.83 27.55
CA GLY MB 719 -26.29 -79.09 27.28
C GLY MB 719 -26.04 -77.82 28.08
N LEU MB 720 -26.74 -77.64 29.20
CA LEU MB 720 -26.60 -76.41 29.98
C LEU MB 720 -25.25 -76.28 30.67
N ASN MB 721 -25.02 -75.13 31.31
CA ASN MB 721 -23.75 -74.85 31.98
C ASN MB 721 -23.91 -74.84 33.50
N PRO MB 722 -22.78 -74.83 34.23
CA PRO MB 722 -22.76 -74.79 35.71
C PRO MB 722 -23.71 -73.78 36.36
N GLN MB 723 -24.01 -72.68 35.69
CA GLN MB 723 -24.90 -71.68 36.26
C GLN MB 723 -26.37 -72.03 36.03
N GLN MB 724 -26.66 -72.55 34.83
CA GLN MB 724 -27.98 -73.05 34.48
C GLN MB 724 -28.13 -74.52 34.89
N PHE MB 725 -27.32 -74.95 35.86
CA PHE MB 725 -27.36 -76.32 36.35
C PHE MB 725 -27.99 -76.34 37.74
N ILE MB 726 -27.40 -75.59 38.66
CA ILE MB 726 -27.89 -75.44 40.04
C ILE MB 726 -29.36 -75.04 40.10
N LYS MB 727 -29.95 -74.80 38.93
CA LYS MB 727 -31.30 -74.27 38.85
C LYS MB 727 -32.28 -75.29 38.24
N THR MB 728 -31.76 -76.41 37.74
CA THR MB 728 -32.58 -77.47 37.13
C THR MB 728 -33.12 -78.43 38.18
N ASP MB 729 -34.19 -79.14 37.83
CA ASP MB 729 -34.74 -80.13 38.74
C ASP MB 729 -33.81 -81.33 38.87
N TYR MB 730 -33.18 -81.73 37.76
CA TYR MB 730 -32.18 -82.81 37.80
C TYR MB 730 -31.13 -82.59 38.89
N PHE MB 731 -30.63 -81.37 39.04
CA PHE MB 731 -29.68 -81.09 40.12
C PHE MB 731 -30.30 -81.25 41.51
N TYR MB 732 -31.40 -80.56 41.74
CA TYR MB 732 -32.10 -80.62 43.03
C TYR MB 732 -32.31 -82.05 43.54
N ARG MB 733 -32.93 -82.92 42.73
CA ARG MB 733 -33.04 -84.34 43.07
C ARG MB 733 -31.67 -84.88 43.48
N THR MB 734 -30.77 -84.95 42.50
CA THR MB 734 -29.39 -85.44 42.66
C THR MB 734 -28.66 -84.98 43.94
N SER MB 735 -28.79 -83.70 44.28
CA SER MB 735 -28.17 -83.16 45.49
C SER MB 735 -28.77 -83.81 46.74
N THR MB 736 -30.10 -83.94 46.78
CA THR MB 736 -30.76 -84.56 47.93
C THR MB 736 -30.34 -86.02 48.10
N ILE MB 737 -30.45 -86.82 47.04
CA ILE MB 737 -29.98 -88.21 47.03
C ILE MB 737 -28.54 -88.35 47.52
N PHE MB 738 -27.66 -87.47 47.06
CA PHE MB 738 -26.29 -87.43 47.55
C PHE MB 738 -26.25 -87.24 49.08
N TYR MB 739 -26.86 -86.17 49.59
CA TYR MB 739 -26.83 -85.89 51.03
C TYR MB 739 -27.32 -87.08 51.85
N TRP MB 740 -28.18 -87.87 51.22
CA TRP MB 740 -28.76 -89.09 51.82
C TRP MB 740 -27.71 -90.19 51.90
N ILE MB 741 -27.07 -90.50 50.77
CA ILE MB 741 -25.96 -91.46 50.75
C ILE MB 741 -24.88 -91.10 51.78
N LYS MB 742 -24.47 -89.84 51.84
CA LYS MB 742 -23.48 -89.40 52.83
C LYS MB 742 -23.89 -89.83 54.24
N GLU MB 743 -25.19 -89.76 54.53
CA GLU MB 743 -25.72 -90.08 55.86
C GLU MB 743 -26.11 -91.54 56.09
N MET MB 744 -26.07 -92.36 55.04
CA MET MB 744 -26.25 -93.81 55.18
C MET MB 744 -24.90 -94.46 55.48
N ALA MB 745 -23.87 -93.98 54.78
CA ALA MB 745 -22.49 -94.48 54.92
C ALA MB 745 -21.91 -94.18 56.29
N ARG MB 746 -22.54 -93.25 56.99
CA ARG MB 746 -22.24 -92.99 58.39
C ARG MB 746 -23.10 -93.90 59.29
N GLY MB 747 -22.44 -94.52 60.27
CA GLY MB 747 -23.16 -95.19 61.34
C GLY MB 747 -23.87 -96.49 61.00
N PRO MB 748 -24.91 -96.81 61.79
CA PRO MB 748 -25.55 -98.12 61.88
C PRO MB 748 -26.42 -98.45 60.67
N ASN MB 749 -26.34 -97.64 59.63
CA ASN MB 749 -27.18 -97.82 58.44
C ASN MB 749 -26.43 -98.42 57.26
N LYS MB 750 -25.14 -98.66 57.43
CA LYS MB 750 -24.31 -99.18 56.35
C LYS MB 750 -24.89 -100.47 55.74
N VAL MB 751 -25.26 -101.43 56.59
CA VAL MB 751 -25.78 -102.72 56.11
C VAL MB 751 -27.05 -102.57 55.28
N LEU MB 752 -27.66 -101.39 55.37
CA LEU MB 752 -28.83 -101.05 54.59
C LEU MB 752 -28.44 -100.56 53.21
N LEU MB 753 -27.35 -99.79 53.15
CA LEU MB 753 -26.88 -99.13 51.93
C LEU MB 753 -26.23 -100.08 50.89
N VAL MB 754 -25.71 -101.23 51.32
CA VAL MB 754 -24.95 -102.09 50.41
C VAL MB 754 -25.67 -102.58 49.14
N PRO MB 755 -26.87 -103.19 49.29
CA PRO MB 755 -27.47 -103.82 48.09
C PRO MB 755 -27.55 -102.87 46.88
N TYR MB 756 -27.51 -101.56 47.16
CA TYR MB 756 -27.76 -100.52 46.16
C TYR MB 756 -26.52 -100.04 45.42
N LEU MB 757 -25.35 -100.27 46.01
CA LEU MB 757 -24.09 -99.86 45.39
C LEU MB 757 -23.97 -100.34 43.95
N VAL MB 758 -24.07 -101.66 43.77
CA VAL MB 758 -23.71 -102.27 42.50
C VAL MB 758 -24.54 -101.78 41.31
N ASP MB 759 -25.81 -101.46 41.54
CA ASP MB 759 -26.71 -101.07 40.45
C ASP MB 759 -27.08 -99.58 40.45
N TYR MB 760 -27.00 -98.95 41.61
CA TYR MB 760 -27.57 -97.62 41.82
C TYR MB 760 -26.58 -96.56 42.29
N VAL MB 761 -25.97 -96.81 43.46
CA VAL MB 761 -25.13 -95.83 44.12
C VAL MB 761 -23.76 -95.54 43.46
N LEU MB 762 -23.17 -96.53 42.81
CA LEU MB 762 -21.88 -96.31 42.16
C LEU MB 762 -21.98 -95.83 40.70
N PRO MB 763 -23.02 -96.28 39.97
CA PRO MB 763 -23.31 -95.65 38.67
C PRO MB 763 -23.61 -94.17 38.85
N PHE MB 764 -24.43 -93.85 39.85
CA PHE MB 764 -24.57 -92.50 40.38
C PHE MB 764 -23.19 -92.17 40.95
N LEU MB 765 -23.10 -91.14 41.80
CA LEU MB 765 -21.81 -90.66 42.34
C LEU MB 765 -20.81 -90.31 41.24
N ILE MB 766 -20.41 -91.33 40.48
CA ILE MB 766 -19.62 -91.13 39.27
C ILE MB 766 -20.44 -90.29 38.27
N GLY MB 767 -21.52 -89.68 38.78
CA GLY MB 767 -22.09 -88.47 38.21
C GLY MB 767 -21.11 -87.37 38.61
N LEU MB 768 -20.15 -87.16 37.71
CA LEU MB 768 -18.92 -86.42 37.99
C LEU MB 768 -18.26 -86.03 36.64
N VAL MB 769 -18.40 -86.89 35.64
CA VAL MB 769 -18.18 -86.46 34.26
C VAL MB 769 -19.51 -85.84 33.83
N LYS MB 770 -20.49 -85.93 34.74
CA LYS MB 770 -21.70 -85.14 34.65
C LYS MB 770 -21.39 -83.72 35.14
N HIS MB 771 -20.08 -83.38 35.10
CA HIS MB 771 -19.53 -82.05 35.42
C HIS MB 771 -18.68 -82.01 36.69
N LYS MB 772 -17.39 -81.70 36.54
CA LYS MB 772 -16.47 -81.49 37.67
C LYS MB 772 -16.70 -80.15 38.35
N ASP MB 773 -16.94 -79.11 37.55
CA ASP MB 773 -17.08 -77.76 38.07
C ASP MB 773 -18.44 -77.54 38.76
N VAL MB 774 -19.43 -78.35 38.41
CA VAL MB 774 -20.73 -78.24 39.07
C VAL MB 774 -20.62 -78.67 40.53
N CYS MB 775 -19.65 -79.52 40.84
CA CYS MB 775 -19.42 -79.97 42.21
C CYS MB 775 -18.73 -78.91 43.04
N ALA MB 776 -17.78 -78.20 42.43
CA ALA MB 776 -17.06 -77.15 43.15
C ALA MB 776 -18.03 -76.06 43.63
N LEU MB 777 -19.07 -75.83 42.84
CA LEU MB 777 -20.07 -74.80 43.14
C LEU MB 777 -20.88 -75.11 44.40
N ALA MB 778 -21.85 -76.02 44.28
CA ALA MB 778 -22.58 -76.52 45.44
C ALA MB 778 -21.71 -77.55 46.15
N SER MB 779 -20.70 -77.06 46.87
CA SER MB 779 -19.60 -77.88 47.38
C SER MB 779 -19.96 -79.33 47.78
N LEU MB 780 -19.78 -80.23 46.81
CA LEU MB 780 -20.00 -81.66 47.01
C LEU MB 780 -18.73 -82.43 46.67
N ASP MB 781 -18.27 -83.26 47.61
CA ASP MB 781 -17.12 -84.15 47.36
C ASP MB 781 -17.59 -85.58 47.11
N PRO MB 782 -17.74 -85.96 45.82
CA PRO MB 782 -18.14 -87.29 45.35
C PRO MB 782 -16.95 -88.24 45.38
N VAL MB 783 -15.85 -87.80 44.79
CA VAL MB 783 -14.59 -88.51 44.83
C VAL MB 783 -14.30 -89.11 46.22
N ARG MB 784 -14.51 -88.30 47.26
CA ARG MB 784 -14.14 -88.67 48.62
C ARG MB 784 -15.11 -89.69 49.22
N LEU MB 785 -16.32 -89.73 48.67
CA LEU MB 785 -17.36 -90.60 49.17
C LEU MB 785 -17.36 -91.94 48.44
N TYR MB 786 -17.32 -91.87 47.11
CA TYR MB 786 -17.21 -93.05 46.26
C TYR MB 786 -16.08 -93.96 46.75
N ALA MB 787 -14.92 -93.35 47.01
CA ALA MB 787 -13.73 -94.07 47.48
C ALA MB 787 -13.78 -94.42 48.96
N GLY MB 788 -14.44 -93.60 49.76
CA GLY MB 788 -14.63 -93.89 51.17
C GLY MB 788 -15.61 -95.03 51.39
N LEU MB 789 -16.21 -95.51 50.30
CA LEU MB 789 -17.12 -96.65 50.31
C LEU MB 789 -16.38 -97.93 49.93
N GLY MB 790 -15.06 -97.87 49.89
CA GLY MB 790 -14.25 -99.05 49.63
C GLY MB 790 -14.19 -99.88 50.89
N TYR MB 791 -14.01 -99.19 52.02
CA TYR MB 791 -14.13 -99.79 53.33
C TYR MB 791 -15.61 -99.82 53.69
N MET MB 792 -16.09 -100.97 54.15
CA MET MB 792 -17.39 -101.06 54.82
C MET MB 792 -17.97 -102.47 54.80
N PRO MB 793 -18.81 -102.78 55.80
CA PRO MB 793 -19.57 -104.00 56.10
C PRO MB 793 -20.18 -104.71 54.89
N ILE MB 794 -19.32 -105.25 54.03
CA ILE MB 794 -19.75 -106.03 52.89
C ILE MB 794 -19.83 -107.52 53.26
N ARG MB 795 -20.71 -108.25 52.58
CA ARG MB 795 -20.91 -109.65 52.87
C ARG MB 795 -20.43 -110.55 51.73
N LYS MB 796 -20.02 -111.78 52.08
CA LYS MB 796 -19.42 -112.73 51.13
C LYS MB 796 -19.98 -112.67 49.70
N ASN MB 797 -21.30 -112.67 49.58
CA ASN MB 797 -21.94 -112.65 48.26
C ASN MB 797 -21.98 -111.28 47.57
N HIS MB 798 -21.99 -110.19 48.36
CA HIS MB 798 -21.97 -108.84 47.78
C HIS MB 798 -20.62 -108.51 47.14
N VAL MB 799 -19.54 -108.99 47.74
CA VAL MB 799 -18.22 -108.84 47.14
C VAL MB 799 -18.25 -109.25 45.68
N ALA MB 800 -18.81 -110.43 45.42
CA ALA MB 800 -18.90 -110.94 44.06
C ALA MB 800 -19.32 -109.83 43.10
N ALA MB 801 -20.55 -109.37 43.23
CA ALA MB 801 -21.14 -108.46 42.26
C ALA MB 801 -20.43 -107.10 42.16
N ILE MB 802 -19.66 -106.75 43.19
CA ILE MB 802 -18.95 -105.47 43.25
C ILE MB 802 -17.64 -105.51 42.48
N VAL MB 803 -16.92 -106.61 42.62
CA VAL MB 803 -15.71 -106.82 41.84
C VAL MB 803 -16.07 -106.91 40.36
N ASP MB 804 -17.26 -107.45 40.07
CA ASP MB 804 -17.77 -107.55 38.70
C ASP MB 804 -18.22 -106.21 38.11
N TYR MB 805 -18.62 -105.28 38.98
CA TYR MB 805 -19.00 -103.93 38.56
C TYR MB 805 -17.77 -103.09 38.19
N VAL MB 806 -16.82 -102.98 39.12
CA VAL MB 806 -15.48 -102.54 38.74
C VAL MB 806 -15.00 -103.65 37.81
N CYS MB 807 -13.81 -103.52 37.23
CA CYS MB 807 -13.36 -104.55 36.29
C CYS MB 807 -14.44 -104.81 35.25
N SER MB 808 -15.14 -103.76 34.86
CA SER MB 808 -16.27 -103.88 33.96
C SER MB 808 -15.76 -103.99 32.54
N SER MB 809 -16.37 -104.88 31.75
CA SER MB 809 -16.04 -104.95 30.33
C SER MB 809 -16.68 -103.77 29.58
N ASN MB 810 -17.58 -103.07 30.26
CA ASN MB 810 -18.09 -101.79 29.77
C ASN MB 810 -17.13 -100.68 30.16
N VAL MB 811 -16.18 -100.99 31.04
CA VAL MB 811 -15.11 -100.06 31.36
C VAL MB 811 -14.30 -99.77 30.10
N ALA MB 812 -14.07 -98.49 29.87
CA ALA MB 812 -13.71 -97.92 28.59
C ALA MB 812 -14.76 -96.84 28.41
N LEU MB 813 -15.86 -97.01 29.14
CA LEU MB 813 -16.96 -96.05 29.18
C LEU MB 813 -16.50 -94.70 29.75
N SER MB 814 -15.80 -94.74 30.88
CA SER MB 814 -15.43 -93.52 31.61
C SER MB 814 -14.05 -92.96 31.25
N SER MB 815 -13.72 -91.79 31.80
CA SER MB 815 -12.52 -91.03 31.42
C SER MB 815 -12.00 -90.17 32.57
N ASN MB 816 -10.77 -90.45 33.02
CA ASN MB 816 -10.20 -89.91 34.27
C ASN MB 816 -11.11 -89.92 35.52
N GLN MB 817 -12.32 -90.45 35.35
CA GLN MB 817 -13.13 -90.93 36.44
C GLN MB 817 -12.73 -92.40 36.50
N THR MB 818 -11.72 -92.71 35.68
CA THR MB 818 -11.05 -94.00 35.67
C THR MB 818 -10.07 -94.06 36.84
N LYS MB 819 -9.26 -93.01 37.02
CA LYS MB 819 -8.37 -92.99 38.20
C LYS MB 819 -9.17 -92.94 39.51
N LEU MB 820 -10.49 -92.92 39.39
CA LEU MB 820 -11.39 -92.98 40.54
C LEU MB 820 -11.78 -94.41 40.92
N GLN MB 821 -12.37 -95.16 39.99
CA GLN MB 821 -12.72 -96.56 40.23
C GLN MB 821 -11.47 -97.34 40.63
N LEU MB 822 -10.33 -96.86 40.15
CA LEU MB 822 -9.01 -97.45 40.43
C LEU MB 822 -8.54 -97.17 41.84
N ALA MB 823 -9.08 -96.13 42.47
CA ALA MB 823 -8.72 -95.81 43.85
C ALA MB 823 -9.73 -96.43 44.82
N PHE MB 824 -10.92 -96.72 44.30
CA PHE MB 824 -11.94 -97.44 45.06
C PHE MB 824 -11.48 -98.87 45.26
N ILE MB 825 -10.95 -99.45 44.19
CA ILE MB 825 -10.34 -100.78 44.23
C ILE MB 825 -9.21 -100.87 45.28
N GLN MB 826 -8.23 -99.97 45.20
CA GLN MB 826 -7.11 -99.97 46.14
C GLN MB 826 -7.56 -100.01 47.60
N HIS MB 827 -8.76 -99.47 47.86
CA HIS MB 827 -9.32 -99.42 49.22
C HIS MB 827 -10.11 -100.68 49.61
N PHE MB 828 -10.99 -101.13 48.72
CA PHE MB 828 -11.69 -102.41 48.83
C PHE MB 828 -10.69 -103.49 49.23
N LEU MB 829 -9.65 -103.63 48.41
CA LEU MB 829 -8.55 -104.57 48.60
C LEU MB 829 -7.99 -104.57 50.03
N SER MB 830 -7.83 -103.38 50.60
CA SER MB 830 -7.29 -103.25 51.94
C SER MB 830 -8.29 -103.69 53.03
N ALA MB 831 -9.58 -103.73 52.68
CA ALA MB 831 -10.64 -104.04 53.64
C ALA MB 831 -11.39 -105.33 53.29
N GLU MB 832 -10.99 -105.97 52.20
CA GLU MB 832 -11.55 -107.25 51.82
C GLU MB 832 -10.41 -108.21 51.47
N LEU MB 833 -9.20 -107.80 51.81
CA LEU MB 833 -8.02 -108.65 51.69
C LEU MB 833 -8.21 -109.81 52.66
N LEU MB 834 -7.70 -110.99 52.32
CA LEU MB 834 -7.88 -112.16 53.19
C LEU MB 834 -9.32 -112.69 53.17
N GLN MB 835 -10.20 -111.97 52.46
CA GLN MB 835 -11.62 -112.33 52.38
C GLN MB 835 -12.03 -112.53 50.93
N LEU MB 836 -11.10 -112.21 50.02
CA LEU MB 836 -11.34 -112.36 48.59
C LEU MB 836 -10.84 -113.73 48.11
N THR MB 837 -11.72 -114.46 47.43
CA THR MB 837 -11.38 -115.75 46.82
C THR MB 837 -10.37 -115.52 45.71
N GLU MB 838 -9.33 -116.34 45.66
CA GLU MB 838 -8.26 -116.14 44.68
C GLU MB 838 -8.79 -115.86 43.27
N GLU MB 839 -10.07 -116.18 43.03
CA GLU MB 839 -10.79 -115.84 41.78
C GLU MB 839 -10.95 -114.32 41.65
N GLU MB 840 -11.57 -113.71 42.65
CA GLU MB 840 -11.73 -112.27 42.72
C GLU MB 840 -10.37 -111.54 42.78
N LYS MB 841 -9.49 -111.99 43.68
CA LYS MB 841 -8.13 -111.47 43.82
C LYS MB 841 -7.45 -111.39 42.45
N ASN MB 842 -8.10 -111.96 41.43
CA ASN MB 842 -7.55 -111.98 40.07
C ASN MB 842 -8.32 -111.08 39.11
N LYS MB 843 -9.66 -111.16 39.14
CA LYS MB 843 -10.49 -110.29 38.32
C LYS MB 843 -10.03 -108.82 38.50
N ILE MB 844 -9.53 -108.52 39.71
CA ILE MB 844 -8.99 -107.20 40.07
C ILE MB 844 -7.65 -106.94 39.39
N LEU MB 845 -6.68 -107.80 39.69
CA LEU MB 845 -5.34 -107.68 39.16
C LEU MB 845 -5.29 -107.66 37.61
N GLU MB 846 -6.27 -108.25 36.93
CA GLU MB 846 -6.29 -108.25 35.46
C GLU MB 846 -6.92 -106.98 34.89
N PHE MB 847 -7.51 -106.19 35.79
CA PHE MB 847 -8.11 -104.91 35.45
C PHE MB 847 -7.05 -103.85 35.68
N VAL MB 848 -6.56 -103.80 36.91
CA VAL MB 848 -5.43 -102.93 37.24
C VAL MB 848 -4.38 -102.97 36.13
N VAL MB 849 -3.98 -104.18 35.74
CA VAL MB 849 -2.92 -104.33 34.74
C VAL MB 849 -3.37 -103.91 33.33
N SER MB 850 -4.65 -104.08 33.03
CA SER MB 850 -5.16 -103.66 31.73
C SER MB 850 -5.17 -102.13 31.61
N ASN MB 851 -4.76 -101.45 32.68
CA ASN MB 851 -4.69 -99.97 32.69
C ASN MB 851 -3.30 -99.38 32.55
N LEU MB 852 -2.26 -100.10 32.98
CA LEU MB 852 -0.89 -99.73 32.62
C LEU MB 852 -0.71 -99.57 31.10
N TYR MB 853 -1.79 -99.78 30.33
CA TYR MB 853 -1.68 -99.85 28.87
C TYR MB 853 -2.71 -99.04 28.11
N ASN MB 854 -3.63 -98.38 28.82
CA ASN MB 854 -4.74 -97.77 28.10
C ASN MB 854 -4.27 -96.54 27.37
N GLU MB 855 -4.33 -96.60 26.05
CA GLU MB 855 -3.96 -95.47 25.22
C GLU MB 855 -4.77 -94.27 25.69
N GLN MB 856 -4.22 -93.08 25.47
CA GLN MB 856 -4.83 -91.82 25.90
C GLN MB 856 -4.28 -91.31 27.22
N PHE MB 857 -4.91 -91.72 28.31
CA PHE MB 857 -4.58 -91.18 29.65
C PHE MB 857 -3.24 -91.66 30.24
N VAL MB 858 -2.23 -90.79 30.24
CA VAL MB 858 -0.98 -91.11 30.94
C VAL MB 858 -1.21 -91.00 32.44
N GLU MB 859 -2.18 -90.18 32.83
CA GLU MB 859 -2.56 -90.02 34.25
C GLU MB 859 -2.75 -91.37 34.97
N VAL MB 860 -3.41 -92.31 34.30
CA VAL MB 860 -3.84 -93.57 34.93
C VAL MB 860 -2.85 -94.73 34.84
N ARG MB 861 -2.11 -94.84 33.74
CA ARG MB 861 -1.05 -95.84 33.67
C ARG MB 861 -0.19 -95.80 34.94
N VAL MB 862 -0.05 -94.62 35.53
CA VAL MB 862 0.77 -94.49 36.73
C VAL MB 862 0.01 -94.80 38.02
N ARG MB 863 -1.23 -94.34 38.15
CA ARG MB 863 -2.05 -94.68 39.31
C ARG MB 863 -2.30 -96.19 39.37
N ALA MB 864 -2.25 -96.85 38.20
CA ALA MB 864 -2.41 -98.30 38.14
C ALA MB 864 -1.19 -99.01 38.73
N ALA MB 865 0.00 -98.60 38.31
CA ALA MB 865 1.24 -99.18 38.81
C ALA MB 865 1.40 -99.00 40.33
N SER MB 866 1.15 -97.79 40.82
CA SER MB 866 1.21 -97.53 42.26
C SER MB 866 0.31 -98.51 43.03
N ILE MB 867 -0.78 -98.95 42.40
CA ILE MB 867 -1.74 -99.89 43.00
C ILE MB 867 -1.38 -101.37 42.84
N LEU MB 868 -0.82 -101.72 41.68
CA LEU MB 868 -0.37 -103.09 41.43
C LEU MB 868 0.59 -103.58 42.52
N SER MB 869 1.23 -102.65 43.22
CA SER MB 869 2.16 -103.00 44.29
C SER MB 869 1.45 -103.44 45.57
N ASP MB 870 0.29 -102.83 45.83
CA ASP MB 870 -0.53 -103.20 46.97
C ASP MB 870 -0.92 -104.67 46.90
N ILE MB 871 -1.05 -105.16 45.67
CA ILE MB 871 -1.33 -106.56 45.41
C ILE MB 871 -0.10 -107.44 45.63
N VAL MB 872 0.95 -107.13 44.87
CA VAL MB 872 2.20 -107.91 44.90
C VAL MB 872 2.92 -107.88 46.26
N HIS MB 873 2.36 -107.19 47.24
CA HIS MB 873 2.94 -107.23 48.59
C HIS MB 873 2.47 -108.49 49.32
N ASN MB 874 1.18 -108.81 49.19
CA ASN MB 874 0.62 -110.07 49.70
C ASN MB 874 0.48 -111.07 48.56
N TRP MB 875 1.62 -111.67 48.20
CA TRP MB 875 1.75 -112.41 46.95
C TRP MB 875 3.10 -113.12 47.03
N LYS MB 876 3.47 -113.52 48.24
CA LYS MB 876 4.78 -114.13 48.49
C LYS MB 876 5.01 -115.47 47.76
N GLU MB 877 3.95 -116.17 47.36
CA GLU MB 877 4.09 -117.40 46.57
C GLU MB 877 4.83 -117.09 45.29
N GLU MB 878 5.85 -117.88 44.98
CA GLU MB 878 6.83 -117.46 43.99
C GLU MB 878 6.60 -117.77 42.50
N GLN MB 879 5.47 -118.40 42.16
CA GLN MB 879 5.19 -118.69 40.75
C GLN MB 879 4.08 -117.82 40.16
N PRO MB 880 3.18 -117.30 41.01
CA PRO MB 880 2.36 -116.22 40.44
C PRO MB 880 3.30 -115.07 40.08
N LEU MB 881 4.13 -114.71 41.05
CA LEU MB 881 5.12 -113.61 40.96
C LEU MB 881 6.05 -113.78 39.76
N LEU MB 882 7.00 -114.70 39.87
CA LEU MB 882 8.04 -114.84 38.86
C LEU MB 882 7.49 -114.99 37.43
N SER MB 883 6.18 -115.23 37.31
CA SER MB 883 5.51 -115.33 36.01
C SER MB 883 4.98 -114.00 35.49
N LEU MB 884 5.04 -112.97 36.34
CA LEU MB 884 4.77 -111.59 35.92
C LEU MB 884 6.04 -110.92 35.47
N ILE MB 885 6.94 -110.72 36.42
CA ILE MB 885 8.31 -110.34 36.13
C ILE MB 885 8.67 -110.72 34.68
N GLU MB 886 8.40 -111.96 34.27
CA GLU MB 886 8.69 -112.42 32.91
C GLU MB 886 7.79 -111.78 31.84
N ARG MB 887 6.52 -111.62 32.15
CA ARG MB 887 5.53 -111.07 31.21
C ARG MB 887 5.86 -109.62 30.86
N PHE MB 888 6.44 -108.91 31.83
CA PHE MB 888 6.80 -107.50 31.71
C PHE MB 888 8.16 -107.32 31.05
N ALA MB 889 9.18 -107.98 31.60
CA ALA MB 889 10.55 -107.86 31.09
C ALA MB 889 10.78 -108.62 29.78
N LYS MB 890 9.72 -108.89 29.02
CA LYS MB 890 9.90 -109.43 27.67
C LYS MB 890 9.74 -108.29 26.66
N GLY MB 891 8.96 -107.27 27.04
CA GLY MB 891 8.78 -106.09 26.23
C GLY MB 891 9.98 -105.14 26.24
N LEU MB 892 11.01 -105.48 27.01
CA LEU MB 892 12.19 -104.62 27.10
C LEU MB 892 13.51 -105.39 26.95
N ASP MB 893 13.64 -106.47 27.72
CA ASP MB 893 14.91 -107.12 27.99
C ASP MB 893 15.95 -107.09 26.87
N VAL MB 894 17.21 -106.98 27.29
CA VAL MB 894 18.37 -106.86 26.40
C VAL MB 894 18.34 -105.54 25.62
N ASN MB 895 19.26 -105.41 24.66
CA ASN MB 895 19.18 -104.32 23.71
C ASN MB 895 18.36 -104.77 22.51
N LYS MB 896 17.14 -105.24 22.79
CA LYS MB 896 16.18 -105.58 21.75
C LYS MB 896 16.32 -104.57 20.61
N TYR MB 897 16.47 -103.30 20.98
CA TYR MB 897 16.65 -102.20 20.04
C TYR MB 897 17.91 -101.40 20.39
N THR MB 898 18.57 -100.87 19.36
CA THR MB 898 19.79 -100.10 19.56
C THR MB 898 19.46 -98.69 20.05
N SER MB 899 20.46 -98.02 20.62
CA SER MB 899 20.29 -96.72 21.28
C SER MB 899 19.30 -95.75 20.64
N LYS MB 900 19.57 -95.35 19.39
CA LYS MB 900 18.75 -94.33 18.75
C LYS MB 900 17.26 -94.62 18.94
N GLU MB 901 16.91 -95.90 18.89
CA GLU MB 901 15.51 -96.33 18.99
C GLU MB 901 14.87 -96.15 20.36
N ARG MB 902 15.59 -96.55 21.41
CA ARG MB 902 15.07 -96.39 22.77
C ARG MB 902 14.56 -94.98 23.01
N GLN MB 903 15.29 -93.99 22.51
CA GLN MB 903 14.89 -92.58 22.65
C GLN MB 903 13.52 -92.33 22.04
N LYS MB 904 13.36 -92.81 20.81
CA LYS MB 904 12.11 -92.67 20.06
C LYS MB 904 10.95 -93.36 20.76
N LEU MB 905 11.19 -94.59 21.22
CA LEU MB 905 10.16 -95.41 21.85
C LEU MB 905 9.73 -94.86 23.20
N SER MB 906 10.72 -94.55 24.03
CA SER MB 906 10.50 -94.04 25.39
C SER MB 906 9.50 -92.87 25.45
N LYS MB 907 9.36 -92.15 24.35
CA LYS MB 907 8.50 -90.97 24.33
C LYS MB 907 7.05 -91.28 23.90
N THR MB 908 6.85 -92.33 23.09
CA THR MB 908 5.53 -92.61 22.51
C THR MB 908 4.90 -93.98 22.77
N ASP MB 909 5.70 -95.06 22.80
CA ASP MB 909 5.14 -96.43 22.87
C ASP MB 909 4.50 -96.81 24.20
N ILE MB 910 3.21 -97.11 24.14
CA ILE MB 910 2.42 -97.35 25.33
C ILE MB 910 2.64 -98.77 25.87
N LYS MB 911 2.68 -99.74 24.97
CA LYS MB 911 2.95 -101.14 25.38
C LYS MB 911 4.26 -101.26 26.16
N ILE MB 912 5.13 -100.24 26.09
CA ILE MB 912 6.41 -100.26 26.81
C ILE MB 912 6.41 -99.34 28.03
N HIS MB 913 5.54 -98.35 28.01
CA HIS MB 913 5.29 -97.55 29.19
C HIS MB 913 4.69 -98.49 30.25
N GLY MB 914 3.71 -99.29 29.84
CA GLY MB 914 3.09 -100.25 30.74
C GLY MB 914 4.10 -101.23 31.31
N ASN MB 915 4.83 -101.91 30.43
CA ASN MB 915 5.86 -102.88 30.80
C ASN MB 915 6.90 -102.39 31.80
N VAL MB 916 7.17 -101.10 31.80
CA VAL MB 916 8.18 -100.54 32.70
C VAL MB 916 7.51 -99.99 33.97
N LEU MB 917 6.27 -99.54 33.82
CA LEU MB 917 5.47 -99.12 34.96
C LEU MB 917 5.16 -100.30 35.85
N GLY MB 918 4.80 -101.42 35.19
CA GLY MB 918 4.46 -102.68 35.84
C GLY MB 918 5.63 -103.33 36.55
N LEU MB 919 6.69 -103.61 35.80
CA LEU MB 919 7.92 -104.15 36.38
C LEU MB 919 8.46 -103.21 37.47
N GLY MB 920 8.09 -101.94 37.40
CA GLY MB 920 8.52 -100.97 38.38
C GLY MB 920 7.77 -101.18 39.69
N ALA MB 921 6.48 -101.44 39.59
CA ALA MB 921 5.62 -101.64 40.76
C ALA MB 921 6.02 -102.88 41.55
N ILE MB 922 6.36 -103.94 40.84
CA ILE MB 922 6.78 -105.20 41.46
C ILE MB 922 7.97 -104.98 42.40
N ILE MB 923 9.00 -104.27 41.93
CA ILE MB 923 10.17 -103.98 42.74
C ILE MB 923 9.85 -103.06 43.93
N SER MB 924 8.89 -102.15 43.74
CA SER MB 924 8.47 -101.21 44.79
C SER MB 924 7.46 -101.84 45.76
N ALA MB 925 7.20 -103.13 45.58
CA ALA MB 925 6.25 -103.87 46.40
C ALA MB 925 6.96 -104.71 47.44
N PHE MB 926 8.29 -104.78 47.30
CA PHE MB 926 9.14 -105.41 48.30
C PHE MB 926 10.09 -104.35 48.86
N PRO MB 927 9.58 -103.50 49.78
CA PRO MB 927 10.36 -102.38 50.31
C PRO MB 927 11.52 -102.84 51.20
N TYR MB 928 11.25 -103.71 52.16
CA TYR MB 928 12.33 -104.18 53.04
C TYR MB 928 12.43 -105.69 53.20
N VAL MB 929 12.96 -106.36 52.19
CA VAL MB 929 13.34 -107.76 52.31
C VAL MB 929 14.72 -107.80 52.95
N PHE MB 930 14.80 -107.98 54.26
CA PHE MB 930 16.01 -107.68 55.05
C PHE MB 930 17.38 -108.13 54.50
N PRO MB 931 17.44 -109.33 53.87
CA PRO MB 931 18.51 -109.72 52.93
C PRO MB 931 17.91 -109.79 51.53
N LEU MB 932 18.59 -109.16 50.57
CA LEU MB 932 17.95 -108.76 49.32
C LEU MB 932 17.83 -109.90 48.31
N PRO MB 933 16.63 -110.04 47.69
CA PRO MB 933 16.36 -111.08 46.70
C PRO MB 933 17.10 -110.78 45.40
N PRO MB 934 17.89 -111.75 44.88
CA PRO MB 934 18.71 -111.53 43.68
C PRO MB 934 17.93 -111.24 42.41
N TRP MB 935 16.60 -111.39 42.44
CA TRP MB 935 15.79 -111.03 41.27
C TRP MB 935 15.61 -109.50 41.15
N ILE MB 936 15.91 -108.77 42.23
CA ILE MB 936 15.76 -107.32 42.27
C ILE MB 936 16.93 -106.58 41.60
N PRO MB 937 18.19 -106.89 41.98
CA PRO MB 937 19.32 -106.34 41.22
C PRO MB 937 19.20 -106.62 39.73
N LYS MB 938 19.06 -107.90 39.39
CA LYS MB 938 19.01 -108.32 37.98
C LYS MB 938 17.85 -107.64 37.20
N ASN MB 939 16.81 -107.22 37.92
CA ASN MB 939 15.66 -106.56 37.28
C ASN MB 939 15.63 -105.05 37.45
N LEU MB 940 16.55 -104.49 38.23
CA LEU MB 940 16.80 -103.05 38.22
C LEU MB 940 17.76 -102.78 37.09
N SER MB 941 18.73 -103.69 36.92
CA SER MB 941 19.64 -103.66 35.79
C SER MB 941 18.89 -103.56 34.46
N ASN MB 942 17.82 -104.36 34.30
CA ASN MB 942 16.96 -104.31 33.11
C ASN MB 942 16.17 -102.99 33.02
N LEU MB 943 16.13 -102.28 34.14
CA LEU MB 943 15.37 -101.05 34.28
C LEU MB 943 16.25 -99.82 34.18
N SER MB 944 17.57 -100.01 34.32
CA SER MB 944 18.51 -98.89 34.34
C SER MB 944 18.90 -98.42 32.94
N SER MB 945 18.99 -99.35 32.00
CA SER MB 945 19.26 -98.99 30.60
C SER MB 945 18.11 -98.17 30.01
N TRP MB 946 17.03 -98.02 30.77
CA TRP MB 946 15.81 -97.37 30.33
C TRP MB 946 15.53 -96.06 31.09
N ALA MB 947 16.12 -95.91 32.27
CA ALA MB 947 15.98 -94.70 33.08
C ALA MB 947 17.10 -93.73 32.68
N ARG MB 948 17.42 -93.80 31.41
CA ARG MB 948 18.62 -93.22 30.85
C ARG MB 948 18.14 -92.69 29.50
N THR MB 949 16.90 -92.18 29.47
CA THR MB 949 16.23 -91.85 28.19
C THR MB 949 15.24 -90.67 28.19
N SER MB 950 15.14 -89.92 29.29
CA SER MB 950 14.43 -88.63 29.26
C SER MB 950 12.89 -88.68 29.10
N GLY MB 951 12.42 -89.47 28.13
CA GLY MB 951 11.00 -89.50 27.77
C GLY MB 951 10.01 -89.83 28.88
N MET MB 952 8.85 -90.35 28.48
CA MET MB 952 7.73 -90.61 29.39
C MET MB 952 7.86 -91.92 30.20
N THR MB 953 8.36 -92.97 29.56
CA THR MB 953 8.56 -94.24 30.27
C THR MB 953 9.89 -94.17 31.03
N GLY MB 954 10.94 -93.73 30.35
CA GLY MB 954 12.24 -93.59 30.97
C GLY MB 954 12.19 -92.70 32.20
N ASN MB 955 11.09 -91.95 32.31
CA ASN MB 955 10.85 -91.10 33.47
C ASN MB 955 10.29 -91.93 34.63
N ALA MB 956 9.19 -92.66 34.39
CA ALA MB 956 8.56 -93.48 35.43
C ALA MB 956 9.35 -94.79 35.72
N ALA MB 957 10.56 -94.84 35.16
CA ALA MB 957 11.55 -95.88 35.43
C ALA MB 957 12.68 -95.29 36.25
N LYS MB 958 12.76 -93.95 36.27
CA LYS MB 958 13.66 -93.26 37.18
C LYS MB 958 12.95 -93.20 38.54
N ASN MB 959 11.65 -92.87 38.54
CA ASN MB 959 10.83 -92.93 39.76
C ASN MB 959 11.17 -94.21 40.50
N THR MB 960 11.03 -95.33 39.79
CA THR MB 960 11.14 -96.68 40.35
C THR MB 960 12.51 -96.97 40.97
N ILE MB 961 13.57 -96.40 40.40
CA ILE MB 961 14.92 -96.57 40.93
C ILE MB 961 15.28 -95.63 42.08
N SER MB 962 14.65 -94.44 42.12
CA SER MB 962 14.93 -93.50 43.22
C SER MB 962 14.05 -93.88 44.41
N GLU MB 963 12.76 -94.06 44.15
CA GLU MB 963 11.84 -94.63 45.12
C GLU MB 963 12.58 -95.73 45.89
N PHE MB 964 13.20 -96.63 45.14
CA PHE MB 964 13.92 -97.77 45.71
C PHE MB 964 15.21 -97.41 46.49
N LYS MB 965 16.15 -96.72 45.84
CA LYS MB 965 17.45 -96.38 46.43
C LYS MB 965 17.29 -95.65 47.77
N LYS MB 966 16.10 -95.06 47.92
CA LYS MB 966 15.70 -94.26 49.09
C LYS MB 966 15.28 -95.10 50.30
N VAL MB 967 14.36 -96.04 50.08
CA VAL MB 967 13.83 -96.90 51.15
C VAL MB 967 14.83 -97.97 51.62
N ARG MB 968 15.70 -98.37 50.69
CA ARG MB 968 16.85 -99.23 51.00
C ARG MB 968 17.95 -98.49 51.74
N ALA MB 969 17.71 -97.21 52.04
CA ALA MB 969 18.76 -96.33 52.55
C ALA MB 969 19.55 -96.87 53.74
N ASP MB 970 18.87 -97.28 54.81
CA ASP MB 970 19.58 -97.64 56.05
C ASP MB 970 20.14 -99.05 56.02
N THR MB 971 19.56 -99.89 55.16
CA THR MB 971 20.01 -101.26 54.93
C THR MB 971 21.05 -101.26 53.79
N TRP MB 972 21.51 -100.08 53.40
CA TRP MB 972 22.38 -99.97 52.23
C TRP MB 972 23.84 -100.26 52.52
N LYS MB 973 24.30 -99.95 53.73
CA LYS MB 973 25.64 -100.34 54.14
C LYS MB 973 25.88 -101.76 53.55
N PHE MB 974 24.81 -102.57 53.52
CA PHE MB 974 24.87 -104.01 53.21
C PHE MB 974 24.37 -104.39 51.81
N ASP MB 975 23.25 -103.82 51.39
CA ASP MB 975 22.68 -104.12 50.06
C ASP MB 975 23.69 -103.90 48.94
N ARG MB 976 24.69 -103.05 49.18
CA ARG MB 976 25.71 -102.77 48.18
C ARG MB 976 26.36 -104.07 47.64
N ALA MB 977 26.50 -105.06 48.51
CA ALA MB 977 27.25 -106.30 48.19
C ALA MB 977 26.52 -107.26 47.25
N SER MB 978 25.20 -107.19 47.19
CA SER MB 978 24.46 -108.05 46.27
C SER MB 978 24.33 -107.39 44.91
N PHE MB 979 25.10 -106.32 44.72
CA PHE MB 979 25.22 -105.66 43.43
C PHE MB 979 26.64 -105.82 42.89
N ASN MB 980 27.02 -107.06 42.58
CA ASN MB 980 28.27 -107.29 41.89
C ASN MB 980 28.27 -106.37 40.71
N THR MB 981 27.32 -106.64 39.81
CA THR MB 981 27.06 -105.80 38.66
C THR MB 981 27.58 -104.40 38.96
N GLU MB 982 28.58 -103.96 38.22
CA GLU MB 982 28.98 -102.58 38.30
C GLU MB 982 27.86 -101.75 37.73
N GLU MB 983 26.67 -102.35 37.77
CA GLU MB 983 25.42 -101.66 37.52
C GLU MB 983 24.98 -101.04 38.83
N LEU MB 984 25.94 -100.90 39.75
CA LEU MB 984 25.81 -99.99 40.87
C LEU MB 984 25.93 -98.60 40.28
N GLU MB 985 27.00 -98.41 39.50
CA GLU MB 985 27.18 -97.20 38.71
C GLU MB 985 25.90 -96.89 37.96
N ASP MB 986 25.32 -97.93 37.35
CA ASP MB 986 24.15 -97.79 36.49
C ASP MB 986 22.96 -97.13 37.18
N LEU MB 987 23.05 -96.99 38.51
CA LEU MB 987 21.96 -96.42 39.30
C LEU MB 987 22.25 -95.01 39.82
N GLU MB 988 23.23 -94.32 39.25
CA GLU MB 988 23.64 -93.03 39.81
C GLU MB 988 22.86 -91.82 39.24
N GLY MB 989 22.52 -91.84 37.95
CA GLY MB 989 21.71 -90.79 37.33
C GLY MB 989 20.34 -90.71 38.00
N VAL MB 990 19.37 -91.43 37.44
CA VAL MB 990 18.13 -91.76 38.16
C VAL MB 990 17.29 -90.57 38.63
N LEU MB 991 17.63 -90.01 39.78
CA LEU MB 991 16.91 -88.85 40.28
C LEU MB 991 17.43 -87.59 39.65
N TRP MB 992 16.62 -86.97 38.79
CA TRP MB 992 16.95 -85.61 38.44
C TRP MB 992 15.78 -84.62 38.46
N ARG MB 993 15.99 -83.59 39.27
CA ARG MB 993 15.12 -82.44 39.33
C ARG MB 993 15.90 -81.27 38.76
N SER MB 994 15.27 -80.11 38.72
CA SER MB 994 15.86 -78.92 38.12
C SER MB 994 17.04 -78.38 38.93
N TYR MB 995 17.09 -78.69 40.22
CA TYR MB 995 18.15 -78.13 41.07
C TYR MB 995 19.48 -78.90 41.05
N TYR MB 996 19.51 -80.04 40.34
CA TYR MB 996 20.74 -80.81 40.16
C TYR MB 996 21.37 -80.60 38.79
N ALA MB 997 22.69 -80.60 38.74
CA ALA MB 997 23.41 -80.54 37.47
C ALA MB 997 24.72 -81.30 37.55
N THR NB 1 95.79 99.57 -3.55
CA THR NB 1 96.71 100.71 -3.52
C THR NB 1 96.72 101.36 -2.15
N SER NB 2 96.24 102.61 -2.12
CA SER NB 2 95.99 103.31 -0.88
C SER NB 2 94.49 103.46 -0.76
N LEU NB 3 93.77 102.75 -1.63
CA LEU NB 3 92.32 102.67 -1.53
C LEU NB 3 91.98 102.11 -0.15
N LEU NB 4 92.92 101.34 0.39
CA LEU NB 4 92.77 100.74 1.70
C LEU NB 4 92.74 101.84 2.74
N ASN NB 5 93.67 102.78 2.63
CA ASN NB 5 93.89 103.81 3.65
C ASN NB 5 92.76 104.82 3.83
N GLU NB 6 91.91 104.96 2.81
CA GLU NB 6 90.80 105.90 2.88
C GLU NB 6 89.53 105.23 3.41
N ARG NB 7 89.51 103.90 3.37
CA ARG NB 7 88.43 103.11 3.97
C ARG NB 7 88.62 103.06 5.48
N LEU NB 8 89.87 102.91 5.91
CA LEU NB 8 90.23 102.96 7.32
C LEU NB 8 89.86 104.32 7.93
N GLN NB 9 90.00 105.38 7.16
CA GLN NB 9 89.68 106.73 7.63
C GLN NB 9 88.19 106.91 7.91
N HIS NB 10 87.35 106.19 7.17
CA HIS NB 10 85.90 106.29 7.33
C HIS NB 10 85.47 105.36 8.45
N TYR NB 11 86.20 104.26 8.61
CA TYR NB 11 85.88 103.31 9.67
C TYR NB 11 86.61 103.66 10.94
N THR NB 12 87.20 104.84 10.98
CA THR NB 12 87.88 105.30 12.19
C THR NB 12 88.92 104.28 12.64
N LEU NB 13 89.60 103.67 11.67
CA LEU NB 13 90.58 102.62 11.96
C LEU NB 13 92.02 102.98 11.56
N ASP NB 14 92.24 104.26 11.21
CA ASP NB 14 93.59 104.75 10.92
C ASP NB 14 94.37 104.96 12.22
N TYR NB 15 95.02 103.90 12.70
CA TYR NB 15 95.62 103.92 14.03
C TYR NB 15 97.00 104.54 13.99
N VAL NB 16 97.39 105.11 15.14
CA VAL NB 16 98.73 105.63 15.33
C VAL NB 16 99.74 104.50 15.22
N SER NB 17 100.58 104.56 14.20
CA SER NB 17 101.50 103.46 13.89
C SER NB 17 102.33 102.93 15.07
N ASP NB 18 102.52 103.74 16.11
CA ASP NB 18 103.31 103.31 17.27
C ASP NB 18 102.45 102.73 18.39
N ARG NB 19 102.77 101.51 18.83
CA ARG NB 19 101.96 100.85 19.86
C ARG NB 19 101.91 101.68 21.13
N ALA NB 20 103.07 102.16 21.58
CA ALA NB 20 103.14 102.98 22.79
C ALA NB 20 101.94 103.91 22.93
N GLN NB 21 101.74 104.79 21.94
CA GLN NB 21 100.70 105.81 22.03
C GLN NB 21 99.33 105.33 21.57
N HIS NB 22 99.30 104.20 20.87
CA HIS NB 22 98.02 103.62 20.51
C HIS NB 22 97.35 103.00 21.72
N MET NB 23 98.13 102.30 22.54
CA MET NB 23 97.58 101.65 23.73
C MET NB 23 97.30 102.66 24.82
N LYS NB 24 97.74 103.89 24.61
CA LYS NB 24 97.35 104.98 25.49
C LYS NB 24 96.09 105.60 24.92
N ASN NB 25 96.12 105.82 23.60
CA ASN NB 25 95.00 106.38 22.85
C ASN NB 25 93.70 105.61 23.02
N ILE NB 26 93.81 104.27 22.97
CA ILE NB 26 92.65 103.38 22.92
C ILE NB 26 91.78 103.53 24.19
N TYR NB 27 92.38 104.00 25.27
CA TYR NB 27 91.66 104.20 26.53
C TYR NB 27 91.42 105.69 26.88
N ASP NB 28 91.68 106.59 25.92
CA ASP NB 28 91.53 108.05 26.13
C ASP NB 28 90.27 108.62 25.48
N PRO NB 29 89.28 109.01 26.32
CA PRO NB 29 87.94 109.42 25.88
C PRO NB 29 87.94 110.57 24.88
N SER NB 30 88.88 111.50 25.06
CA SER NB 30 88.96 112.66 24.18
C SER NB 30 89.83 112.37 22.97
N SER NB 31 90.17 111.09 22.77
CA SER NB 31 90.95 110.70 21.61
C SER NB 31 90.03 110.33 20.45
N ARG NB 32 90.60 110.25 19.24
CA ARG NB 32 89.82 109.90 18.06
C ARG NB 32 89.50 108.41 18.04
N TRP NB 33 90.39 107.63 18.66
CA TRP NB 33 90.28 106.17 18.65
C TRP NB 33 89.96 105.61 20.03
N PHE NB 34 89.07 106.28 20.73
CA PHE NB 34 88.52 105.77 21.99
C PHE NB 34 87.90 104.39 21.74
N SER NB 35 88.25 103.39 22.54
CA SER NB 35 87.75 102.04 22.32
C SER NB 35 87.18 101.34 23.57
N ARG NB 36 87.82 101.55 24.71
CA ARG NB 36 87.40 101.03 26.02
C ARG NB 36 87.59 102.08 27.08
N SER NB 37 86.77 102.04 28.12
CA SER NB 37 86.94 102.98 29.22
C SER NB 37 87.81 102.39 30.34
N VAL NB 38 87.93 101.07 30.39
CA VAL NB 38 88.70 100.42 31.46
C VAL NB 38 89.82 99.49 30.97
N ARG NB 39 90.99 99.66 31.57
CA ARG NB 39 92.14 98.83 31.25
C ARG NB 39 91.97 97.48 31.93
N PRO NB 40 92.07 96.39 31.15
CA PRO NB 40 91.92 95.05 31.74
C PRO NB 40 92.97 94.84 32.83
N GLU NB 41 92.55 94.36 34.00
CA GLU NB 41 93.49 94.14 35.09
C GLU NB 41 94.40 92.98 34.77
N PHE NB 42 93.89 92.11 33.91
CA PHE NB 42 94.62 90.95 33.46
C PHE NB 42 94.59 90.94 31.94
N PRO NB 43 95.61 91.56 31.31
CA PRO NB 43 95.68 91.72 29.86
C PRO NB 43 96.26 90.45 29.23
N ILE NB 44 95.41 89.46 28.95
CA ILE NB 44 95.89 88.11 28.70
C ILE NB 44 96.91 87.99 27.55
N GLU NB 45 96.64 88.68 26.45
CA GLU NB 45 97.50 88.53 25.26
C GLU NB 45 99.00 88.89 25.48
N GLU NB 46 99.31 89.64 26.53
CA GLU NB 46 100.71 90.03 26.80
C GLU NB 46 101.48 88.91 27.45
N PHE NB 47 100.75 88.02 28.13
CA PHE NB 47 101.34 86.88 28.83
C PHE NB 47 101.68 85.72 27.90
N LEU NB 48 101.15 85.76 26.68
CA LEU NB 48 101.63 84.91 25.58
C LEU NB 48 103.14 85.09 25.37
N PRO NB 49 103.86 83.98 25.14
CA PRO NB 49 105.32 83.87 25.02
C PRO NB 49 105.83 84.23 23.63
N TYR NB 50 104.95 84.83 22.82
CA TYR NB 50 105.33 85.29 21.50
C TYR NB 50 104.66 86.64 21.23
N LYS NB 51 104.99 87.23 20.09
CA LYS NB 51 104.37 88.48 19.71
C LYS NB 51 103.04 88.20 19.01
N THR NB 52 102.01 88.87 19.50
CA THR NB 52 100.70 88.90 18.88
C THR NB 52 100.83 89.66 17.57
N GLU NB 53 99.79 89.64 16.75
CA GLU NB 53 99.82 90.39 15.51
C GLU NB 53 99.84 91.90 15.78
N SER NB 54 100.23 92.69 14.79
CA SER NB 54 100.28 94.13 14.94
C SER NB 54 98.87 94.65 15.19
N HIS NB 55 98.74 95.63 16.08
CA HIS NB 55 97.47 96.32 16.25
C HIS NB 55 97.05 96.95 14.92
N GLU NB 56 98.02 97.25 14.07
CA GLU NB 56 97.73 97.73 12.72
C GLU NB 56 97.13 96.61 11.91
N ASP NB 57 97.72 95.42 12.02
CA ASP NB 57 97.25 94.23 11.30
C ASP NB 57 95.82 93.86 11.69
N GLN NB 58 95.49 94.03 12.97
CA GLN NB 58 94.14 93.79 13.44
C GLN NB 58 93.19 94.68 12.66
N ALA NB 59 93.60 95.92 12.44
CA ALA NB 59 92.78 96.89 11.71
C ALA NB 59 92.63 96.53 10.24
N LYS NB 60 93.74 96.16 9.60
CA LYS NB 60 93.71 95.78 8.17
C LYS NB 60 92.66 94.69 7.91
N TYR NB 61 92.48 93.79 8.90
CA TYR NB 61 91.53 92.67 8.77
C TYR NB 61 90.09 93.07 9.07
N LEU NB 62 89.87 93.64 10.24
CA LEU NB 62 88.55 94.09 10.65
C LEU NB 62 87.93 94.94 9.56
N CYS NB 63 88.79 95.48 8.70
CA CYS NB 63 88.33 96.28 7.58
C CYS NB 63 87.79 95.40 6.46
N HIS NB 64 88.56 94.38 6.07
CA HIS NB 64 88.08 93.48 5.02
C HIS NB 64 86.81 92.79 5.45
N VAL NB 65 86.60 92.71 6.76
CA VAL NB 65 85.37 92.14 7.29
C VAL NB 65 84.24 93.15 7.14
N LEU NB 66 84.46 94.36 7.66
CA LEU NB 66 83.44 95.40 7.58
C LEU NB 66 83.00 95.67 6.15
N VAL NB 67 83.95 95.76 5.23
CA VAL NB 67 83.61 96.06 3.85
C VAL NB 67 82.79 94.95 3.21
N ASN NB 68 83.20 93.70 3.42
CA ASN NB 68 82.50 92.57 2.85
C ASN NB 68 81.16 92.30 3.53
N LEU NB 69 81.08 92.66 4.80
CA LEU NB 69 79.82 92.59 5.54
C LEU NB 69 78.85 93.61 4.97
N TYR NB 70 79.37 94.77 4.60
CA TYR NB 70 78.54 95.80 4.01
C TYR NB 70 77.93 95.31 2.71
N ILE NB 71 78.77 94.73 1.86
CA ILE NB 71 78.28 94.21 0.60
C ILE NB 71 77.24 93.15 0.86
N ALA NB 72 77.58 92.25 1.75
CA ALA NB 72 76.71 91.13 2.05
C ALA NB 72 75.33 91.60 2.48
N ILE NB 73 75.27 92.56 3.41
CA ILE NB 73 74.00 93.02 3.97
C ILE NB 73 73.18 93.84 2.98
N SER NB 74 73.83 94.43 1.99
CA SER NB 74 73.12 95.34 1.09
C SER NB 74 72.70 94.66 -0.21
N SER NB 75 73.06 93.40 -0.35
CA SER NB 75 72.70 92.64 -1.53
C SER NB 75 71.52 91.69 -1.28
N LEU NB 76 71.48 91.07 -0.09
CA LEU NB 76 70.23 90.47 0.46
C LEU NB 76 70.04 88.91 0.37
N ASN OB 1 78.00 86.62 0.88
CA ASN OB 1 77.19 85.95 1.95
C ASN OB 1 77.21 86.56 3.38
N VAL OB 2 76.03 86.92 3.89
CA VAL OB 2 75.93 87.63 5.19
C VAL OB 2 76.37 86.85 6.42
N ASN OB 3 75.74 85.71 6.66
CA ASN OB 3 75.92 84.96 7.90
C ASN OB 3 77.38 84.67 8.22
N HIS OB 4 78.20 84.50 7.19
CA HIS OB 4 79.60 84.14 7.41
C HIS OB 4 80.35 85.26 8.08
N TRP OB 5 80.26 86.44 7.46
CA TRP OB 5 80.99 87.60 7.93
C TRP OB 5 80.51 87.99 9.32
N THR OB 6 79.20 87.96 9.51
CA THR OB 6 78.63 88.27 10.81
C THR OB 6 79.32 87.46 11.89
N ASN OB 7 79.94 86.35 11.49
CA ASN OB 7 80.69 85.50 12.41
C ASN OB 7 82.16 85.93 12.53
N GLU OB 8 82.88 86.07 11.40
CA GLU OB 8 84.27 86.51 11.48
C GLU OB 8 84.37 87.85 12.24
N LEU OB 9 83.28 88.60 12.28
CA LEU OB 9 83.18 89.79 13.09
C LEU OB 9 83.16 89.41 14.57
N LYS OB 10 82.23 88.54 14.94
CA LYS OB 10 82.18 87.99 16.29
C LYS OB 10 83.60 87.67 16.72
N ASN OB 11 84.36 87.04 15.82
CA ASN OB 11 85.73 86.64 16.12
C ASN OB 11 86.67 87.82 16.35
N CYS OB 12 86.26 88.99 15.86
CA CYS OB 12 87.11 90.19 15.92
C CYS OB 12 86.95 91.00 17.21
N LEU OB 13 85.85 90.78 17.91
CA LEU OB 13 85.64 91.49 19.17
C LEU OB 13 86.72 91.12 20.21
N HIS OB 14 87.48 90.05 19.96
CA HIS OB 14 88.50 89.58 20.91
C HIS OB 14 89.65 90.57 21.11
N PHE OB 15 89.95 91.36 20.08
CA PHE OB 15 90.75 92.58 20.23
C PHE OB 15 89.81 93.79 20.19
N ASP OB 16 90.37 94.99 20.11
CA ASP OB 16 89.59 96.21 20.37
C ASP OB 16 89.27 97.04 19.13
N PHE OB 17 88.37 97.99 19.31
CA PHE OB 17 88.09 98.96 18.27
C PHE OB 17 87.21 100.11 18.75
N PRO OB 18 87.33 101.27 18.07
CA PRO OB 18 86.74 102.57 18.38
C PRO OB 18 85.25 102.62 18.61
N VAL OB 19 84.86 103.26 19.69
CA VAL OB 19 83.46 103.45 20.04
C VAL OB 19 82.70 104.15 18.93
N ALA OB 20 83.42 104.84 18.04
CA ALA OB 20 82.76 105.53 16.94
C ALA OB 20 82.35 104.54 15.86
N LEU OB 21 82.98 103.37 15.89
CA LEU OB 21 82.70 102.29 14.95
C LEU OB 21 81.64 101.34 15.49
N ARG OB 22 81.61 101.16 16.81
CA ARG OB 22 80.48 100.53 17.47
C ARG OB 22 79.19 101.25 17.16
N LYS OB 23 79.19 102.59 17.27
CA LYS OB 23 78.02 103.38 16.89
C LYS OB 23 77.53 102.80 15.57
N SER OB 24 78.45 102.63 14.64
CA SER OB 24 78.13 102.13 13.30
C SER OB 24 77.64 100.67 13.36
N LEU OB 25 78.48 99.78 13.87
CA LEU OB 25 78.17 98.36 13.93
C LEU OB 25 76.81 98.06 14.59
N ALA OB 26 76.61 98.60 15.78
CA ALA OB 26 75.35 98.41 16.49
C ALA OB 26 74.18 98.77 15.61
N THR OB 27 74.28 99.91 14.94
CA THR OB 27 73.18 100.41 14.13
C THR OB 27 72.86 99.43 13.01
N VAL OB 28 73.89 98.75 12.50
CA VAL OB 28 73.69 97.76 11.46
C VAL OB 28 72.87 96.59 12.01
N TYR OB 29 73.28 96.07 13.17
CA TYR OB 29 72.65 94.89 13.76
C TYR OB 29 71.31 95.15 14.43
N TYR OB 30 71.04 96.39 14.80
CA TYR OB 30 69.75 96.69 15.36
C TYR OB 30 68.71 96.55 14.28
N TYR OB 31 68.99 97.18 13.14
CA TYR OB 31 68.05 97.19 12.03
C TYR OB 31 68.09 95.88 11.26
N LEU OB 32 69.22 95.16 11.37
CA LEU OB 32 69.36 93.89 10.67
C LEU OB 32 68.51 92.83 11.31
N SER OB 33 68.57 92.76 12.63
CA SER OB 33 67.76 91.81 13.36
C SER OB 33 66.29 91.89 12.98
N LEU OB 34 65.81 93.08 12.65
CA LEU OB 34 64.38 93.28 12.43
C LEU OB 34 63.94 93.15 10.98
N VAL OB 35 64.70 92.37 10.21
CA VAL OB 35 64.35 92.09 8.82
C VAL OB 35 63.04 91.29 8.77
N GLN OB 36 62.39 91.25 7.61
CA GLN OB 36 61.26 90.38 7.37
C GLN OB 36 61.24 90.01 5.88
N GLY OB 37 60.81 88.79 5.55
CA GLY OB 37 60.71 88.42 4.15
C GLY OB 37 61.62 87.31 3.67
N GLN OB 38 62.57 86.90 4.52
CA GLN OB 38 63.43 85.78 4.16
C GLN OB 38 63.91 84.98 5.37
N LYS OB 39 64.52 83.84 5.08
CA LYS OB 39 65.23 83.03 6.05
C LYS OB 39 66.30 83.88 6.72
N VAL OB 40 66.17 84.06 8.04
CA VAL OB 40 67.15 84.83 8.80
C VAL OB 40 67.61 84.15 10.10
N TYR OB 41 68.92 84.06 10.30
CA TYR OB 41 69.46 83.53 11.55
C TYR OB 41 69.50 84.62 12.63
N ARG OB 42 68.32 85.09 13.03
CA ARG OB 42 68.13 86.14 14.03
C ARG OB 42 68.91 85.98 15.33
N GLN OB 43 68.82 84.80 15.95
CA GLN OB 43 69.49 84.57 17.22
C GLN OB 43 70.91 85.12 17.18
N MET OB 44 71.50 85.11 15.99
CA MET OB 44 72.90 85.52 15.80
C MET OB 44 73.01 87.02 15.83
N HIS OB 45 72.09 87.68 15.14
CA HIS OB 45 72.09 89.13 14.97
C HIS OB 45 71.65 89.87 16.22
N VAL OB 46 70.67 89.33 16.93
CA VAL OB 46 70.28 89.89 18.22
C VAL OB 46 71.41 89.71 19.20
N ASP OB 47 72.17 88.64 19.03
CA ASP OB 47 73.37 88.37 19.84
C ASP OB 47 74.58 89.26 19.51
N MET OB 48 74.74 89.65 18.25
CA MET OB 48 75.78 90.61 17.89
C MET OB 48 75.46 91.91 18.59
N PHE OB 49 74.23 92.36 18.41
CA PHE OB 49 73.79 93.58 19.05
C PHE OB 49 74.02 93.50 20.54
N GLU OB 50 73.57 92.42 21.17
CA GLU OB 50 73.70 92.29 22.62
C GLU OB 50 75.14 92.26 23.12
N ARG OB 51 76.07 91.83 22.26
CA ARG OB 51 77.48 91.78 22.67
C ARG OB 51 78.16 93.11 22.37
N LEU OB 52 77.62 93.83 21.39
CA LEU OB 52 78.15 95.13 20.98
C LEU OB 52 77.72 96.19 21.97
N VAL OB 53 76.66 95.89 22.71
CA VAL OB 53 76.06 96.82 23.65
C VAL OB 53 76.30 96.33 25.09
N SER OB 54 77.13 95.30 25.21
CA SER OB 54 77.41 94.65 26.48
C SER OB 54 77.56 95.69 27.57
N LEU OB 55 77.03 95.41 28.75
CA LEU OB 55 77.09 96.35 29.86
C LEU OB 55 78.22 96.03 30.84
N ASP OB 56 78.97 94.98 30.53
CA ASP OB 56 80.11 94.55 31.34
C ASP OB 56 81.14 93.75 30.51
N ASP OB 57 81.65 94.36 29.44
CA ASP OB 57 82.74 93.81 28.64
C ASP OB 57 84.07 94.14 29.36
N ASP OB 58 84.37 93.36 30.40
CA ASP OB 58 85.52 93.61 31.29
C ASP OB 58 85.39 95.00 31.93
N ARG OB 59 84.40 95.14 32.82
CA ARG OB 59 84.19 96.34 33.61
C ARG OB 59 83.83 97.58 32.77
N THR OB 60 84.11 97.52 31.47
CA THR OB 60 83.74 98.61 30.57
C THR OB 60 82.27 98.47 30.21
N GLN OB 61 81.53 99.56 30.15
CA GLN OB 61 80.13 99.46 29.74
C GLN OB 61 79.85 100.17 28.44
N PHE OB 62 79.49 99.41 27.42
CA PHE OB 62 79.38 99.96 26.09
C PHE OB 62 78.02 100.55 25.77
N THR OB 63 77.07 100.46 26.70
CA THR OB 63 75.79 101.12 26.47
C THR OB 63 75.91 102.58 26.87
N GLU OB 64 76.66 102.82 27.95
CA GLU OB 64 76.97 104.17 28.37
C GLU OB 64 77.73 104.88 27.25
N LEU OB 65 78.82 104.25 26.80
CA LEU OB 65 79.72 104.87 25.84
C LEU OB 65 79.06 105.07 24.47
N LEU OB 66 78.04 104.27 24.19
CA LEU OB 66 77.31 104.43 22.94
C LEU OB 66 76.20 105.47 23.08
N GLN OB 67 75.64 105.60 24.27
CA GLN OB 67 74.72 106.70 24.51
C GLN OB 67 75.50 108.00 24.33
N LYS OB 68 76.61 108.11 25.05
CA LYS OB 68 77.48 109.29 24.98
C LYS OB 68 78.03 109.55 23.57
N GLN OB 69 78.17 108.50 22.77
CA GLN OB 69 78.71 108.67 21.41
C GLN OB 69 77.66 108.83 20.31
N GLY OB 70 76.44 109.23 20.68
CA GLY OB 70 75.42 109.64 19.72
C GLY OB 70 74.70 108.54 18.96
N LEU OB 71 74.31 107.49 19.67
CA LEU OB 71 73.57 106.42 19.03
C LEU OB 71 72.11 106.62 19.32
N LEU OB 72 71.30 106.47 18.28
CA LEU OB 72 69.86 106.63 18.37
C LEU OB 72 69.18 105.69 17.39
N LEU OB 73 68.22 104.94 17.92
CA LEU OB 73 67.54 103.92 17.13
C LEU OB 73 66.02 104.11 17.11
N ASP OB 74 65.42 103.74 15.97
CA ASP OB 74 63.99 103.94 15.71
C ASP OB 74 63.18 103.00 16.56
N HIS OB 75 62.23 103.52 17.32
CA HIS OB 75 61.40 102.64 18.15
C HIS OB 75 60.18 102.15 17.36
N GLN OB 76 59.76 102.91 16.36
CA GLN OB 76 58.58 102.53 15.61
C GLN OB 76 58.77 101.18 14.91
N ILE OB 77 59.99 100.90 14.45
CA ILE OB 77 60.21 99.64 13.76
C ILE OB 77 60.03 98.47 14.72
N MET OB 78 60.57 98.63 15.93
CA MET OB 78 60.53 97.55 16.91
C MET OB 78 59.11 97.33 17.39
N LEU OB 79 58.48 98.39 17.87
CA LEU OB 79 57.12 98.26 18.35
C LEU OB 79 56.16 97.79 17.24
N ASN OB 80 56.42 98.20 16.00
CA ASN OB 80 55.58 97.80 14.87
C ASN OB 80 55.60 96.30 14.59
N PHE OB 81 56.69 95.65 14.97
CA PHE OB 81 56.85 94.23 14.79
C PHE OB 81 56.17 93.51 15.94
N LEU OB 82 56.57 93.86 17.16
CA LEU OB 82 56.01 93.26 18.36
C LEU OB 82 54.50 93.45 18.41
N CYS OB 83 53.95 94.20 17.47
CA CYS OB 83 52.50 94.42 17.46
C CYS OB 83 51.78 93.60 16.40
N GLU OB 84 52.54 92.88 15.58
CA GLU OB 84 51.92 91.95 14.64
C GLU OB 84 51.36 90.79 15.46
N PHE OB 85 51.86 90.69 16.70
CA PHE OB 85 51.40 89.69 17.64
C PHE OB 85 50.10 90.09 18.34
N LEU OB 86 49.39 91.05 17.77
CA LEU OB 86 48.08 91.40 18.28
C LEU OB 86 46.99 90.85 17.33
N PRO OB 87 45.77 90.72 17.84
CA PRO OB 87 44.66 90.24 17.02
C PRO OB 87 44.38 91.09 15.75
N TYR OB 88 44.91 90.65 14.62
CA TYR OB 88 44.61 91.32 13.35
C TYR OB 88 43.25 90.86 12.88
N PRO OB 89 42.33 91.79 12.63
CA PRO OB 89 41.00 91.38 12.17
C PRO OB 89 41.11 90.53 10.92
N ASP OB 90 40.01 89.90 10.50
CA ASP OB 90 40.08 88.92 9.42
C ASP OB 90 41.12 87.86 9.72
N PRO OB 91 40.70 86.77 10.40
CA PRO OB 91 41.54 85.64 10.79
C PRO OB 91 42.42 85.14 9.63
N ASP OB 92 41.90 85.21 8.41
CA ASP OB 92 42.64 84.70 7.24
C ASP OB 92 44.05 85.30 7.10
N TYR OB 93 44.36 86.34 7.86
CA TYR OB 93 45.67 87.01 7.74
C TYR OB 93 46.57 86.97 8.97
N ALA OB 94 45.97 86.91 10.17
CA ALA OB 94 46.76 86.84 11.41
C ALA OB 94 47.86 85.80 11.23
N ARG OB 95 49.10 86.21 11.42
CA ARG OB 95 50.22 85.36 11.10
C ARG OB 95 50.84 84.79 12.37
N TYR OB 96 50.80 85.56 13.44
CA TYR OB 96 51.42 85.14 14.69
C TYR OB 96 50.40 84.84 15.76
N GLU OB 97 50.50 83.65 16.35
CA GLU OB 97 49.68 83.22 17.48
C GLU OB 97 50.61 82.70 18.56
N LEU OB 98 50.46 83.21 19.79
CA LEU OB 98 51.25 82.69 20.90
C LEU OB 98 50.82 81.24 21.06
N SER OB 99 51.28 80.59 22.13
CA SER OB 99 50.94 79.18 22.36
C SER OB 99 51.81 78.24 21.54
N SER OB 100 51.90 78.47 20.24
CA SER OB 100 52.60 77.54 19.36
C SER OB 100 54.10 77.84 19.18
N LYS OB 101 54.93 77.27 20.07
CA LYS OB 101 56.38 77.46 20.13
C LYS OB 101 57.04 78.34 19.06
N GLU OB 102 57.05 77.85 17.81
CA GLU OB 102 57.68 78.59 16.71
C GLU OB 102 57.39 80.10 16.71
N ASP OB 103 56.20 80.47 17.15
CA ASP OB 103 55.83 81.88 17.22
C ASP OB 103 56.27 82.53 18.53
N LEU OB 104 55.86 81.94 19.66
CA LEU OB 104 56.24 82.46 20.97
C LEU OB 104 57.74 82.67 21.07
N GLN OB 105 58.48 81.90 20.29
CA GLN OB 105 59.93 81.90 20.40
C GLN OB 105 60.56 83.09 19.71
N LEU OB 106 59.89 83.57 18.66
CA LEU OB 106 60.29 84.81 18.00
C LEU OB 106 59.99 85.99 18.91
N PHE OB 107 58.74 86.04 19.36
CA PHE OB 107 58.26 87.07 20.28
C PHE OB 107 59.21 87.24 21.47
N ARG OB 108 59.69 86.13 22.00
CA ARG OB 108 60.57 86.18 23.15
C ARG OB 108 61.92 86.78 22.76
N LEU OB 109 62.18 86.81 21.46
CA LEU OB 109 63.46 87.29 20.95
C LEU OB 109 63.39 88.77 20.69
N LEU OB 110 62.38 89.18 19.94
CA LEU OB 110 62.11 90.60 19.70
C LEU OB 110 62.07 91.32 21.03
N LEU OB 111 61.31 90.79 21.97
CA LEU OB 111 61.23 91.33 23.31
C LEU OB 111 62.60 91.46 23.98
N LYS OB 112 63.48 90.51 23.72
CA LYS OB 112 64.83 90.54 24.28
C LYS OB 112 65.66 91.61 23.57
N HIS OB 113 65.50 91.69 22.26
CA HIS OB 113 66.23 92.65 21.45
C HIS OB 113 65.86 94.06 21.86
N ALA OB 114 64.55 94.33 21.91
CA ALA OB 114 64.08 95.61 22.38
C ALA OB 114 64.73 95.96 23.73
N HIS OB 115 64.63 95.09 24.73
CA HIS OB 115 65.23 95.36 26.04
C HIS OB 115 66.66 95.87 25.86
N ASN OB 116 67.34 95.33 24.85
CA ASN OB 116 68.72 95.68 24.54
C ASN OB 116 68.88 97.10 24.00
N ALA OB 117 67.94 97.49 23.12
CA ALA OB 117 67.99 98.81 22.47
C ALA OB 117 66.95 99.76 23.04
N LYS OB 118 66.64 99.60 24.33
CA LYS OB 118 65.74 100.49 25.03
C LYS OB 118 66.46 101.81 25.37
N PRO OB 119 67.77 101.74 25.68
CA PRO OB 119 68.49 102.93 26.10
C PRO OB 119 68.86 103.86 24.94
N PHE OB 120 68.60 103.45 23.71
CA PHE OB 120 68.95 104.28 22.55
C PHE OB 120 67.70 104.87 21.89
N PHE OB 121 66.62 104.92 22.64
CA PHE OB 121 65.43 105.63 22.20
C PHE OB 121 65.54 107.08 22.67
N ASP OB 122 65.34 108.02 21.74
CA ASP OB 122 65.63 109.42 21.98
C ASP OB 122 65.15 109.95 23.33
N LYS OB 123 66.08 110.08 24.28
CA LYS OB 123 65.77 110.72 25.55
C LYS OB 123 65.12 112.09 25.32
N SER OB 124 65.26 112.62 24.10
CA SER OB 124 64.88 113.99 23.80
C SER OB 124 63.49 114.14 23.15
N LYS OB 125 63.00 113.07 22.56
CA LYS OB 125 61.64 113.09 22.02
C LYS OB 125 60.65 112.96 23.19
N GLU OB 126 60.46 114.07 23.90
CA GLU OB 126 59.69 114.10 25.15
C GLU OB 126 58.39 113.29 25.10
N SER OB 127 57.69 113.40 23.98
CA SER OB 127 56.42 112.71 23.80
C SER OB 127 56.63 111.35 23.13
N LEU OB 128 57.72 110.66 23.47
CA LEU OB 128 57.89 109.28 23.02
C LEU OB 128 57.39 108.38 24.12
N LEU OB 129 57.69 108.73 25.36
CA LEU OB 129 57.14 107.98 26.46
C LEU OB 129 55.62 108.02 26.31
N VAL OB 130 55.01 109.15 26.64
CA VAL OB 130 53.56 109.23 26.73
C VAL OB 130 52.83 108.71 25.50
N ASP OB 131 53.39 108.95 24.32
CA ASP OB 131 52.78 108.52 23.07
C ASP OB 131 52.64 107.00 23.02
N THR OB 132 53.69 106.32 23.46
CA THR OB 132 53.78 104.88 23.34
C THR OB 132 52.88 104.15 24.34
N MET OB 133 52.79 104.65 25.57
CA MET OB 133 51.86 104.08 26.55
C MET OB 133 50.41 104.32 26.15
N ASN OB 134 50.07 105.55 25.80
CA ASN OB 134 48.70 105.89 25.42
C ASN OB 134 48.20 105.02 24.26
N PHE OB 135 49.08 104.15 23.78
CA PHE OB 135 48.78 103.29 22.64
C PHE OB 135 48.68 101.85 23.11
N LEU OB 136 49.72 101.39 23.82
CA LEU OB 136 49.69 100.05 24.39
C LEU OB 136 48.49 99.90 25.34
N LEU OB 137 48.28 100.89 26.21
CA LEU OB 137 47.13 100.90 27.12
C LEU OB 137 45.78 100.68 26.43
N SER OB 138 45.49 101.46 25.38
CA SER OB 138 44.24 101.30 24.64
C SER OB 138 44.14 99.92 24.01
N SER OB 139 45.28 99.24 23.90
CA SER OB 139 45.36 97.88 23.32
C SER OB 139 45.16 96.78 24.34
N LEU OB 140 45.13 97.16 25.62
CA LEU OB 140 45.03 96.18 26.69
C LEU OB 140 43.60 95.70 26.88
N ALA OB 141 43.44 94.39 26.81
CA ALA OB 141 42.18 93.73 27.08
C ALA OB 141 42.55 92.27 27.35
N PRO OB 142 41.68 91.52 28.06
CA PRO OB 142 41.95 90.14 28.46
C PRO OB 142 42.68 89.32 27.40
N SER OB 143 42.35 89.57 26.14
CA SER OB 143 42.90 88.82 25.01
C SER OB 143 44.26 89.30 24.52
N THR OB 144 44.80 90.28 25.23
CA THR OB 144 46.03 90.93 24.83
C THR OB 144 46.97 90.94 26.01
N MET OB 145 46.37 90.91 27.19
CA MET OB 145 47.08 90.73 28.45
C MET OB 145 48.42 90.08 28.22
N MET OB 146 48.40 88.94 27.54
CA MET OB 146 49.60 88.11 27.41
C MET OB 146 50.70 88.70 26.55
N ALA OB 147 50.31 89.52 25.56
CA ALA OB 147 51.28 90.06 24.62
C ALA OB 147 51.63 91.51 24.91
N VAL OB 148 50.68 92.26 25.44
CA VAL OB 148 50.94 93.64 25.82
C VAL OB 148 51.92 93.78 26.98
N MET OB 149 51.58 93.24 28.15
CA MET OB 149 52.40 93.40 29.36
C MET OB 149 53.91 93.24 29.10
N PRO OB 150 54.31 92.15 28.45
CA PRO OB 150 55.73 91.86 28.25
C PRO OB 150 56.40 92.94 27.43
N ILE OB 151 55.70 93.36 26.38
CA ILE OB 151 56.14 94.46 25.52
C ILE OB 151 56.57 95.66 26.35
N VAL OB 152 55.60 96.26 27.04
CA VAL OB 152 55.87 97.36 27.96
C VAL OB 152 57.19 97.23 28.71
N THR OB 153 57.44 96.02 29.23
CA THR OB 153 58.58 95.78 30.09
C THR OB 153 59.91 95.78 29.35
N SER OB 154 59.84 95.73 28.02
CA SER OB 154 61.05 95.63 27.22
C SER OB 154 61.10 96.51 25.96
N VAL OB 155 60.05 97.27 25.69
CA VAL OB 155 60.09 98.21 24.56
C VAL OB 155 59.93 99.67 24.95
N VAL OB 156 59.40 99.93 26.14
CA VAL OB 156 59.27 101.29 26.64
C VAL OB 156 60.52 101.71 27.39
N PRO OB 157 61.06 102.90 27.10
CA PRO OB 157 62.34 103.35 27.68
C PRO OB 157 62.08 104.01 28.99
N TYR OB 158 62.98 103.82 29.95
CA TYR OB 158 62.79 104.43 31.26
C TYR OB 158 63.26 105.88 31.13
N HIS OB 159 62.30 106.79 31.00
CA HIS OB 159 62.58 108.19 30.62
C HIS OB 159 62.68 109.22 31.74
N TYR OB 160 61.60 109.43 32.47
CA TYR OB 160 61.57 110.49 33.51
C TYR OB 160 61.68 111.89 32.88
N HIS OB 161 60.56 112.60 32.84
CA HIS OB 161 60.56 113.98 32.36
C HIS OB 161 59.99 114.91 33.43
N ILE OB 162 59.86 116.19 33.07
CA ILE OB 162 59.44 117.22 33.99
C ILE OB 162 57.95 117.06 34.30
N HIS OB 163 57.20 116.67 33.28
CA HIS OB 163 55.77 116.52 33.42
C HIS OB 163 55.38 115.05 33.42
N SER OB 164 55.95 114.27 32.49
CA SER OB 164 55.62 112.86 32.38
C SER OB 164 56.82 111.94 32.62
N LYS OB 165 56.90 111.35 33.81
CA LYS OB 165 57.94 110.37 34.15
C LYS OB 165 57.38 108.97 33.87
N ILE OB 166 58.24 107.95 33.84
CA ILE OB 166 57.73 106.58 33.69
C ILE OB 166 57.07 106.03 34.96
N ILE OB 167 57.60 106.37 36.14
CA ILE OB 167 56.98 105.95 37.40
C ILE OB 167 55.57 106.57 37.54
N ASP OB 168 55.24 107.46 36.62
CA ASP OB 168 53.90 108.02 36.52
C ASP OB 168 52.93 106.89 36.24
N TYR OB 169 53.43 105.83 35.62
CA TYR OB 169 52.60 104.72 35.15
C TYR OB 169 52.46 103.57 36.15
N PHE OB 170 53.08 103.71 37.33
CA PHE OB 170 52.99 102.67 38.36
C PHE OB 170 51.55 102.43 38.85
N PRO OB 171 50.85 103.49 39.28
CA PRO OB 171 49.50 103.30 39.85
C PRO OB 171 48.60 102.43 38.99
N PHE OB 172 48.98 102.24 37.74
CA PHE OB 172 48.21 101.40 36.82
C PHE OB 172 48.63 99.92 36.90
N CYS OB 173 49.89 99.66 37.20
CA CYS OB 173 50.36 98.29 37.38
C CYS OB 173 49.78 97.68 38.64
N TYR OB 174 49.76 98.46 39.72
CA TYR OB 174 49.15 98.04 40.97
C TYR OB 174 47.63 98.12 40.87
N SER OB 175 47.14 98.12 39.65
CA SER OB 175 45.70 98.11 39.41
C SER OB 175 45.34 96.75 38.86
N ILE OB 176 46.20 96.24 37.97
CA ILE OB 176 46.10 94.87 37.48
C ILE OB 176 46.53 93.90 38.58
N TRP OB 177 47.82 93.87 38.87
CA TRP OB 177 48.32 93.34 40.14
C TRP OB 177 47.31 93.79 41.19
N SER OB 178 47.12 92.98 42.23
CA SER OB 178 46.17 93.35 43.28
C SER OB 178 44.70 93.26 42.82
N SER OB 179 44.49 92.77 41.61
CA SER OB 179 43.13 92.47 41.13
C SER OB 179 42.92 90.99 40.78
N VAL OB 180 43.93 90.35 40.16
CA VAL OB 180 43.99 88.88 40.05
C VAL OB 180 44.80 88.37 41.22
N SER OB 181 44.53 87.14 41.65
CA SER OB 181 45.36 86.55 42.68
C SER OB 181 46.63 86.02 42.02
N ALA OB 182 47.60 85.63 42.85
CA ALA OB 182 48.94 85.29 42.39
C ALA OB 182 48.94 84.46 41.12
N ASN OB 183 49.50 85.00 40.06
CA ASN OB 183 49.45 84.37 38.75
C ASN OB 183 50.74 84.68 38.01
N VAL OB 184 51.63 83.70 37.92
CA VAL OB 184 52.97 83.88 37.35
C VAL OB 184 52.92 84.40 35.93
N ALA OB 185 51.79 84.17 35.26
CA ALA OB 185 51.59 84.64 33.89
C ALA OB 185 51.46 86.17 33.85
N ILE OB 186 51.29 86.76 35.03
CA ILE OB 186 51.16 88.20 35.21
C ILE OB 186 52.26 88.79 36.07
N ASP OB 187 52.29 88.37 37.34
CA ASP OB 187 53.30 88.85 38.29
C ASP OB 187 54.67 89.01 37.65
N THR OB 188 55.20 87.94 37.08
CA THR OB 188 56.54 87.97 36.51
C THR OB 188 56.87 89.26 35.73
N HIS OB 189 55.85 89.92 35.18
CA HIS OB 189 56.07 91.13 34.40
C HIS OB 189 56.06 92.36 35.27
N MET OB 190 55.18 92.38 36.27
CA MET OB 190 55.14 93.47 37.26
C MET OB 190 56.46 93.59 38.03
N TYR OB 191 56.96 92.48 38.55
CA TYR OB 191 58.24 92.47 39.25
C TYR OB 191 59.41 92.88 38.34
N ASP OB 192 59.35 92.43 37.08
CA ASP OB 192 60.41 92.67 36.12
C ASP OB 192 60.51 94.17 35.86
N PHE OB 193 59.38 94.84 35.99
CA PHE OB 193 59.20 96.24 35.64
C PHE OB 193 59.65 97.14 36.78
N VAL OB 194 58.77 97.32 37.77
CA VAL OB 194 59.06 98.13 38.96
C VAL OB 194 60.42 97.81 39.57
N GLY OB 195 61.02 96.70 39.13
CA GLY OB 195 62.32 96.27 39.59
C GLY OB 195 63.45 96.75 38.71
N SER OB 196 63.38 96.51 37.41
CA SER OB 196 64.46 96.96 36.52
C SER OB 196 64.42 98.50 36.41
N ILE OB 197 63.29 99.07 36.83
CA ILE OB 197 63.13 100.52 36.96
C ILE OB 197 63.69 101.02 38.30
N SER OB 198 63.40 100.30 39.37
CA SER OB 198 63.99 100.67 40.65
C SER OB 198 65.51 100.52 40.55
N LYS OB 199 65.98 99.49 39.84
CA LYS OB 199 67.42 99.33 39.67
C LYS OB 199 67.96 100.55 38.96
N ASP OB 200 67.19 101.01 37.98
CA ASP OB 200 67.60 102.15 37.14
C ASP OB 200 67.82 103.41 37.94
N VAL OB 201 66.75 103.96 38.49
CA VAL OB 201 66.82 105.09 39.43
C VAL OB 201 68.04 105.04 40.37
N HIS OB 202 68.29 103.88 40.97
CA HIS OB 202 69.45 103.72 41.84
C HIS OB 202 70.76 103.93 41.07
N ASN OB 203 70.94 103.16 40.01
CA ASN OB 203 72.13 103.28 39.16
C ASN OB 203 72.42 104.73 38.76
N LYS OB 204 71.36 105.45 38.39
CA LYS OB 204 71.48 106.81 37.83
C LYS OB 204 71.78 107.86 38.89
N ILE OB 205 71.12 107.75 40.04
CA ILE OB 205 71.44 108.57 41.22
C ILE OB 205 72.93 108.62 41.62
N LEU OB 206 73.62 107.49 41.49
CA LEU OB 206 75.03 107.42 41.85
C LEU OB 206 76.01 107.91 40.77
N SER OB 207 77.09 108.54 41.24
CA SER OB 207 78.26 108.90 40.42
C SER OB 207 77.98 109.66 39.12
N SER OB 208 77.41 108.97 38.16
CA SER OB 208 77.26 109.45 36.79
C SER OB 208 76.60 110.81 36.69
N GLU OB 209 75.53 110.88 35.89
CA GLU OB 209 74.67 112.04 35.83
C GLU OB 209 73.41 111.78 36.67
N HIS OB 210 73.39 112.33 37.87
CA HIS OB 210 72.22 112.20 38.75
C HIS OB 210 71.04 113.03 38.20
N GLU OB 211 70.42 112.53 37.13
CA GLU OB 211 69.40 113.30 36.41
C GLU OB 211 68.60 112.54 35.32
N LYS OB 212 69.06 112.66 34.08
CA LYS OB 212 68.29 112.23 32.91
C LYS OB 212 67.06 113.10 32.74
N ASP OB 213 67.23 114.39 33.07
CA ASP OB 213 66.18 115.41 33.01
C ASP OB 213 65.43 115.55 34.34
N VAL OB 214 65.44 114.50 35.16
CA VAL OB 214 64.80 114.57 36.48
C VAL OB 214 65.46 113.75 37.58
N VAL OB 215 66.10 114.45 38.51
CA VAL OB 215 66.36 113.91 39.83
C VAL OB 215 65.11 114.22 40.63
N GLY OB 216 64.03 114.49 39.90
CA GLY OB 216 62.73 114.73 40.50
C GLY OB 216 61.99 113.43 40.74
N VAL OB 217 62.77 112.39 41.05
CA VAL OB 217 62.24 111.12 41.51
C VAL OB 217 62.90 110.85 42.84
N GLU OB 218 62.15 111.01 43.92
CA GLU OB 218 62.73 110.86 45.26
C GLU OB 218 62.80 109.40 45.71
N PHE OB 219 63.84 109.06 46.48
CA PHE OB 219 64.00 107.68 46.94
C PHE OB 219 63.22 107.44 48.24
N GLY OB 220 63.91 107.49 49.37
CA GLY OB 220 63.23 107.39 50.66
C GLY OB 220 62.76 106.02 51.11
N GLU OB 221 62.36 105.93 52.38
CA GLU OB 221 62.04 104.67 53.08
C GLU OB 221 62.07 103.39 52.25
N PHE OB 222 61.16 103.36 51.28
CA PHE OB 222 60.99 102.23 50.37
C PHE OB 222 61.23 102.64 48.92
N GLY OB 223 62.49 102.60 48.49
CA GLY OB 223 62.84 102.92 47.12
C GLY OB 223 61.96 103.96 46.48
N ILE OB 224 61.55 103.71 45.24
CA ILE OB 224 60.66 104.61 44.53
C ILE OB 224 59.19 104.29 44.82
N PHE OB 225 58.93 103.45 45.82
CA PHE OB 225 57.59 102.88 46.05
C PHE OB 225 56.79 103.57 47.17
N THR OB 226 55.47 103.69 47.00
CA THR OB 226 54.59 104.24 48.06
C THR OB 226 54.78 103.42 49.33
N ASP OB 227 54.10 103.81 50.40
CA ASP OB 227 54.10 102.97 51.60
C ASP OB 227 53.26 101.72 51.31
N ASP OB 228 52.14 101.91 50.63
CA ASP OB 228 51.20 100.82 50.35
C ASP OB 228 51.66 99.97 49.18
N GLN OB 229 52.44 100.56 48.27
CA GLN OB 229 52.98 99.80 47.16
C GLN OB 229 53.99 98.79 47.66
N MET OB 230 54.82 99.18 48.63
CA MET OB 230 55.82 98.29 49.18
C MET OB 230 55.11 97.23 50.01
N THR OB 231 54.26 97.70 50.91
CA THR OB 231 53.43 96.81 51.71
C THR OB 231 52.79 95.69 50.89
N PHE OB 232 52.25 96.02 49.71
CA PHE OB 232 51.57 95.05 48.85
C PHE OB 232 52.48 93.97 48.29
N MET OB 233 53.62 94.38 47.75
CA MET OB 233 54.58 93.43 47.16
C MET OB 233 55.17 92.50 48.21
N PHE OB 234 55.18 92.94 49.47
CA PHE OB 234 55.67 92.07 50.54
C PHE OB 234 54.68 90.95 50.81
N ASN OB 235 53.42 91.32 51.02
CA ASN OB 235 52.35 90.36 51.08
C ASN OB 235 51.85 90.03 49.67
N ARG OB 236 52.54 89.07 49.06
CA ARG OB 236 52.34 88.71 47.67
C ARG OB 236 53.52 87.83 47.41
N LEU OB 237 54.65 88.28 47.92
CA LEU OB 237 55.86 87.48 48.00
C LEU OB 237 55.68 86.46 49.12
N GLN OB 238 55.03 86.88 50.19
CA GLN OB 238 54.71 85.96 51.27
C GLN OB 238 53.67 85.00 50.74
N GLY OB 239 52.74 85.52 49.97
CA GLY OB 239 51.74 84.72 49.30
C GLY OB 239 52.38 83.64 48.44
N HIS OB 240 53.46 83.99 47.77
CA HIS OB 240 54.17 83.06 46.88
C HIS OB 240 54.89 81.94 47.63
N LEU OB 241 55.47 82.28 48.78
CA LEU OB 241 56.35 81.33 49.48
C LEU OB 241 55.60 80.45 50.47
N ARG OB 242 54.36 80.83 50.74
CA ARG OB 242 53.57 80.18 51.78
C ARG OB 242 52.28 79.57 51.24
N THR OB 243 51.82 80.04 50.08
CA THR OB 243 50.52 79.62 49.58
C THR OB 243 50.46 79.21 48.10
N ASP OB 244 50.88 80.09 47.19
CA ASP OB 244 50.57 79.93 45.76
C ASP OB 244 51.75 79.67 44.83
N GLY OB 245 52.95 79.52 45.40
CA GLY OB 245 54.16 79.18 44.66
C GLY OB 245 54.34 79.74 43.24
N GLN OB 246 53.89 80.98 43.01
CA GLN OB 246 53.85 81.54 41.66
C GLN OB 246 55.02 82.51 41.31
N ILE OB 247 56.19 81.96 40.99
CA ILE OB 247 57.34 82.77 40.56
C ILE OB 247 58.21 82.04 39.54
N HIS OB 248 58.78 82.75 38.55
CA HIS OB 248 59.94 82.18 37.86
C HIS OB 248 61.14 83.14 37.61
N SER OB 249 62.25 82.59 37.11
CA SER OB 249 63.59 82.99 37.56
C SER OB 249 63.52 84.16 38.52
N TYR OB 250 63.91 83.84 39.74
CA TYR OB 250 63.70 84.68 40.90
C TYR OB 250 64.65 85.88 40.94
N SER OB 251 65.77 85.78 40.22
CA SER OB 251 66.70 86.90 40.15
C SER OB 251 65.93 88.18 39.86
N ARG OB 252 64.91 88.02 39.01
CA ARG OB 252 64.08 89.10 38.49
C ARG OB 252 63.00 89.56 39.49
N THR OB 253 62.51 88.61 40.27
CA THR OB 253 61.40 88.85 41.19
C THR OB 253 61.87 89.52 42.48
N VAL OB 254 63.17 89.41 42.72
CA VAL OB 254 63.81 89.94 43.93
C VAL OB 254 64.23 91.41 43.77
N LYS OB 255 64.58 91.83 42.55
CA LYS OB 255 65.08 93.19 42.29
C LYS OB 255 64.36 94.30 43.10
N PRO OB 256 63.04 94.44 42.91
CA PRO OB 256 62.30 95.51 43.57
C PRO OB 256 62.59 95.62 45.06
N PHE OB 257 62.75 94.49 45.73
CA PHE OB 257 62.96 94.49 47.17
C PHE OB 257 64.36 94.94 47.54
N VAL OB 258 65.36 94.49 46.79
CA VAL OB 258 66.73 94.94 47.01
C VAL OB 258 66.86 96.43 46.73
N TYR OB 259 66.39 96.88 45.57
CA TYR OB 259 66.56 98.27 45.16
C TYR OB 259 65.44 99.19 45.66
N ALA OB 260 64.96 98.91 46.86
CA ALA OB 260 64.05 99.79 47.57
C ALA OB 260 64.64 100.10 48.94
N ILE OB 261 65.82 99.56 49.20
CA ILE OB 261 66.52 99.80 50.45
C ILE OB 261 67.22 101.13 50.41
N ASN OB 262 67.11 101.86 51.52
CA ASN OB 262 67.77 103.15 51.64
C ASN OB 262 68.65 103.17 52.87
N GLY OB 263 69.96 103.08 52.67
CA GLY OB 263 70.93 103.01 53.74
C GLY OB 263 70.68 103.89 54.96
N SER OB 264 70.01 105.02 54.76
CA SER OB 264 69.80 105.99 55.84
C SER OB 264 68.35 105.99 56.34
N LYS OB 265 67.49 105.29 55.62
CA LYS OB 265 66.10 105.13 56.04
C LYS OB 265 65.65 103.68 55.79
N LYS OB 266 66.46 102.74 56.22
CA LYS OB 266 66.10 101.32 56.14
C LYS OB 266 65.00 101.06 57.15
N ASP OB 267 65.41 100.62 58.34
CA ASP OB 267 64.53 100.51 59.49
C ASP OB 267 63.13 100.05 59.14
N ARG OB 268 62.29 100.98 58.70
CA ARG OB 268 60.91 100.67 58.34
C ARG OB 268 60.78 99.53 57.31
N PHE OB 269 61.85 99.30 56.55
CA PHE OB 269 61.85 98.24 55.53
C PHE OB 269 62.32 96.92 56.16
N PHE OB 270 63.48 96.95 56.82
CA PHE OB 270 63.95 95.79 57.59
C PHE OB 270 62.90 95.27 58.59
N GLU OB 271 62.02 96.15 59.06
CA GLU OB 271 60.90 95.75 59.91
C GLU OB 271 59.97 94.83 59.13
N LYS OB 272 59.83 95.13 57.84
CA LYS OB 272 58.95 94.39 56.95
C LYS OB 272 59.60 93.11 56.45
N LEU OB 273 60.92 93.11 56.38
CA LEU OB 273 61.70 91.96 55.92
C LEU OB 273 61.81 90.92 57.03
N VAL OB 274 61.93 91.40 58.26
CA VAL OB 274 62.02 90.50 59.37
C VAL OB 274 60.73 89.69 59.54
N SER OB 275 59.58 90.36 59.49
CA SER OB 275 58.31 89.66 59.66
C SER OB 275 58.04 88.68 58.52
N LEU OB 276 58.68 88.94 57.38
CA LEU OB 276 58.63 88.04 56.21
C LEU OB 276 59.56 86.87 56.40
N ALA OB 277 60.63 87.04 57.17
CA ALA OB 277 61.48 85.91 57.51
C ALA OB 277 60.85 85.06 58.60
N LYS OB 278 60.14 85.71 59.53
CA LYS OB 278 59.53 84.98 60.63
C LYS OB 278 58.31 84.17 60.16
N ALA OB 279 57.72 84.61 59.05
CA ALA OB 279 56.58 83.90 58.46
C ALA OB 279 57.07 82.62 57.80
N ILE OB 280 57.90 82.85 56.79
CA ILE OB 280 58.65 81.86 56.03
C ILE OB 280 59.48 80.86 56.89
N GLU OB 281 59.70 81.16 58.18
CA GLU OB 281 60.63 80.38 59.03
C GLU OB 281 60.40 78.86 59.03
N THR OB 282 59.16 78.48 59.28
CA THR OB 282 58.80 77.07 59.44
C THR OB 282 58.91 76.30 58.13
N PHE OB 283 58.64 76.97 57.02
CA PHE OB 283 58.57 76.32 55.71
C PHE OB 283 59.94 75.89 55.18
N ILE OB 284 60.99 76.39 55.81
CA ILE OB 284 62.33 75.99 55.42
C ILE OB 284 62.80 74.73 56.17
N HIS OB 285 62.27 74.54 57.37
CA HIS OB 285 62.65 73.42 58.22
C HIS OB 285 62.80 72.10 57.45
N PRO OB 286 63.87 71.34 57.75
CA PRO OB 286 64.27 70.19 56.90
C PRO OB 286 63.18 69.15 56.76
N SER OB 287 62.22 69.13 57.69
CA SER OB 287 61.13 68.16 57.63
C SER OB 287 59.77 68.81 57.43
N ASN OB 288 59.74 69.81 56.55
CA ASN OB 288 58.50 70.37 56.04
C ASN OB 288 58.59 70.58 54.54
N ASN OB 289 58.93 69.53 53.81
CA ASN OB 289 59.00 69.64 52.36
C ASN OB 289 57.60 69.69 51.70
N GLY OB 290 57.50 70.41 50.58
CA GLY OB 290 56.23 70.65 49.91
C GLY OB 290 56.41 71.43 48.61
N PHE OB 291 55.34 72.05 48.12
CA PHE OB 291 55.44 72.75 46.85
C PHE OB 291 56.27 74.00 47.00
N TRP OB 292 56.53 74.36 48.25
CA TRP OB 292 57.16 75.64 48.58
C TRP OB 292 58.66 75.55 48.73
N THR OB 293 59.18 74.38 49.09
CA THR OB 293 60.61 74.29 49.43
C THR OB 293 61.52 74.77 48.29
N LYS OB 294 61.02 74.69 47.04
CA LYS OB 294 61.74 75.26 45.91
C LYS OB 294 61.68 76.81 45.96
N PRO OB 295 60.48 77.41 45.85
CA PRO OB 295 60.38 78.87 45.95
C PRO OB 295 61.19 79.52 47.10
N ASN OB 296 61.06 79.04 48.33
CA ASN OB 296 61.84 79.62 49.42
C ASN OB 296 63.35 79.52 49.18
N ALA OB 297 63.82 78.38 48.70
CA ALA OB 297 65.24 78.28 48.37
C ALA OB 297 65.66 79.16 47.19
N LYS OB 298 65.09 78.94 46.01
CA LYS OB 298 65.43 79.75 44.84
C LYS OB 298 65.30 81.28 45.07
N PHE OB 299 64.63 81.67 46.16
CA PHE OB 299 64.44 83.09 46.55
C PHE OB 299 65.50 83.59 47.52
N VAL OB 300 65.58 82.98 48.69
CA VAL OB 300 66.64 83.29 49.66
C VAL OB 300 68.02 83.26 49.01
N HIS OB 301 68.18 82.60 47.88
CA HIS OB 301 69.41 82.72 47.09
C HIS OB 301 69.31 83.88 46.10
N ALA OB 302 68.27 83.91 45.28
CA ALA OB 302 68.11 85.01 44.34
C ALA OB 302 68.23 86.39 45.00
N PHE OB 303 67.77 86.50 46.25
CA PHE OB 303 67.78 87.75 47.01
C PHE OB 303 69.17 88.13 47.54
N ILE OB 304 69.87 87.15 48.10
CA ILE OB 304 71.25 87.36 48.52
C ILE OB 304 72.28 87.37 47.36
N LYS OB 305 71.94 86.87 46.16
CA LYS OB 305 72.78 87.20 44.98
C LYS OB 305 72.48 88.71 44.68
N SER OB 306 71.20 89.05 44.48
CA SER OB 306 70.78 90.40 44.03
C SER OB 306 70.98 91.53 45.06
N TYR OB 307 71.47 91.18 46.24
CA TYR OB 307 71.84 92.17 47.26
C TYR OB 307 73.35 92.38 47.17
N HIS OB 308 74.09 91.31 47.43
CA HIS OB 308 75.53 91.31 47.18
C HIS OB 308 75.82 91.92 45.80
N GLY OB 309 74.95 91.64 44.83
CA GLY OB 309 75.06 92.24 43.52
C GLY OB 309 75.19 93.75 43.62
N ARG OB 310 74.20 94.37 44.25
CA ARG OB 310 74.20 95.82 44.47
C ARG OB 310 75.41 96.32 45.29
N VAL OB 311 75.60 95.78 46.49
CA VAL OB 311 76.74 96.16 47.32
C VAL OB 311 78.06 96.26 46.54
N LYS OB 312 78.39 95.23 45.76
CA LYS OB 312 79.68 95.21 45.06
C LYS OB 312 79.70 96.15 43.86
N TYR OB 313 78.56 96.79 43.59
CA TYR OB 313 78.45 97.83 42.55
C TYR OB 313 78.56 99.23 43.17
N GLU OB 314 78.17 99.34 44.43
CA GLU OB 314 78.33 100.58 45.17
C GLU OB 314 79.75 100.72 45.73
N GLU OB 315 80.33 99.61 46.18
CA GLU OB 315 81.69 99.61 46.70
C GLU OB 315 82.69 99.84 45.55
N ASP OB 316 82.20 99.68 44.32
CA ASP OB 316 82.97 100.02 43.12
C ASP OB 316 82.88 101.52 42.86
N ILE OB 317 81.85 102.15 43.43
CA ILE OB 317 81.61 103.58 43.26
C ILE OB 317 82.16 104.43 44.41
N CYS OB 318 82.28 103.85 45.60
CA CYS OB 318 83.00 104.51 46.69
C CYS OB 318 84.50 104.22 46.53
N ALA OB 319 84.84 103.79 45.32
CA ALA OB 319 86.21 103.79 44.80
C ALA OB 319 86.23 104.82 43.67
N ARG OB 320 85.34 105.80 43.79
CA ARG OB 320 85.20 106.91 42.86
C ARG OB 320 84.73 108.13 43.65
N GLY OB 321 84.94 108.09 44.96
CA GLY OB 321 84.69 109.23 45.85
C GLY OB 321 83.26 109.40 46.33
N VAL OB 322 82.30 108.86 45.58
CA VAL OB 322 80.88 109.15 45.82
C VAL OB 322 80.18 108.20 46.79
N THR OB 323 80.18 108.55 48.08
CA THR OB 323 79.21 107.95 49.00
C THR OB 323 77.90 108.65 48.63
N ASN OB 324 76.77 108.19 49.18
CA ASN OB 324 75.48 108.78 48.80
C ASN OB 324 74.33 108.51 49.77
N GLY OB 325 74.63 107.93 50.93
CA GLY OB 325 73.63 107.76 51.98
C GLY OB 325 72.42 106.94 51.57
N ILE OB 326 72.15 106.88 50.28
CA ILE OB 326 71.28 105.89 49.66
C ILE OB 326 72.03 104.55 49.73
N CYS OB 327 73.35 104.63 49.62
CA CYS OB 327 74.23 103.47 49.64
C CYS OB 327 73.99 102.53 50.85
N LEU OB 328 74.44 101.30 50.70
CA LEU OB 328 74.23 100.31 51.75
C LEU OB 328 75.34 100.39 52.78
N THR OB 329 74.95 100.49 54.05
CA THR OB 329 75.88 100.74 55.17
C THR OB 329 76.39 99.45 55.80
N SER OB 330 77.50 99.54 56.55
CA SER OB 330 78.00 98.40 57.31
C SER OB 330 76.90 97.73 58.15
N PHE OB 331 75.87 98.49 58.50
CA PHE OB 331 74.82 98.04 59.40
C PHE OB 331 73.63 97.37 58.70
N CYS OB 332 73.57 97.50 57.38
CA CYS OB 332 72.62 96.72 56.60
C CYS OB 332 73.17 95.31 56.50
N HIS OB 333 74.43 95.21 56.10
CA HIS OB 333 75.12 93.93 56.08
C HIS OB 333 74.95 93.20 57.41
N GLU OB 334 74.87 93.93 58.51
CA GLU OB 334 74.67 93.28 59.79
C GLU OB 334 73.26 92.68 59.91
N GLU OB 335 72.23 93.50 59.75
CA GLU OB 335 70.85 93.02 59.92
C GLU OB 335 70.42 92.02 58.85
N ILE OB 336 71.21 91.87 57.79
CA ILE OB 336 70.89 90.88 56.76
C ILE OB 336 71.25 89.50 57.29
N VAL OB 337 72.43 89.39 57.88
CA VAL OB 337 72.84 88.16 58.53
C VAL OB 337 71.93 87.78 59.70
N GLU OB 338 71.58 88.73 60.57
CA GLU OB 338 70.66 88.45 61.68
C GLU OB 338 69.40 87.72 61.18
N ILE OB 339 68.91 88.14 60.01
CA ILE OB 339 67.62 87.66 59.49
C ILE OB 339 67.67 86.22 58.94
N PHE OB 340 68.54 86.05 57.94
CA PHE OB 340 68.66 84.81 57.18
C PHE OB 340 69.64 83.79 57.77
N LEU OB 341 69.88 83.79 59.07
CA LEU OB 341 70.87 82.82 59.51
C LEU OB 341 70.22 81.52 59.93
N ASN OB 342 69.20 81.58 60.78
CA ASN OB 342 68.51 80.34 61.12
C ASN OB 342 67.91 79.85 59.81
N ILE OB 343 67.32 80.76 59.03
CA ILE OB 343 66.73 80.38 57.75
C ILE OB 343 67.71 79.62 56.85
N ILE OB 344 68.91 80.15 56.71
CA ILE OB 344 69.91 79.49 55.87
C ILE OB 344 70.39 78.17 56.48
N SER OB 345 70.45 78.10 57.81
CA SER OB 345 70.97 76.91 58.47
C SER OB 345 70.00 75.74 58.37
N LEU OB 346 68.70 76.04 58.39
CA LEU OB 346 67.65 75.04 58.23
C LEU OB 346 67.62 74.49 56.81
N GLY OB 347 67.69 75.39 55.84
CA GLY OB 347 67.62 74.98 54.46
C GLY OB 347 68.76 74.08 54.06
N SER OB 348 69.95 74.35 54.59
CA SER OB 348 71.12 73.62 54.15
C SER OB 348 71.08 72.14 54.63
N GLN OB 349 70.24 71.85 55.61
CA GLN OB 349 70.09 70.48 56.11
C GLN OB 349 68.97 69.74 55.36
N ASN OB 350 68.26 70.45 54.47
CA ASN OB 350 67.13 69.90 53.75
C ASN OB 350 67.43 68.55 53.11
N LYS OB 351 66.37 67.77 52.88
CA LYS OB 351 66.50 66.40 52.37
C LYS OB 351 66.96 66.35 50.93
N ASN OB 352 66.52 67.33 50.13
CA ASN OB 352 66.98 67.44 48.76
C ASN OB 352 68.32 68.15 48.73
N PRO OB 353 69.34 67.52 48.13
CA PRO OB 353 70.71 68.04 48.10
C PRO OB 353 70.86 69.25 47.17
N ASP OB 354 69.96 69.39 46.19
CA ASP OB 354 69.99 70.54 45.29
C ASP OB 354 69.36 71.74 45.98
N ILE OB 355 68.25 71.49 46.66
CA ILE OB 355 67.56 72.54 47.41
C ILE OB 355 68.41 73.01 48.61
N ALA OB 356 69.41 72.22 48.96
CA ALA OB 356 70.33 72.60 50.03
C ALA OB 356 71.47 73.43 49.49
N ASN OB 357 72.05 73.01 48.37
CA ASN OB 357 73.18 73.71 47.79
C ASN OB 357 72.85 75.17 47.52
N TYR OB 358 71.56 75.50 47.56
CA TYR OB 358 71.12 76.88 47.43
C TYR OB 358 71.35 77.64 48.74
N TYR OB 359 70.81 77.12 49.84
CA TYR OB 359 71.03 77.75 51.15
C TYR OB 359 72.51 77.74 51.56
N ILE OB 360 73.25 76.69 51.19
CA ILE OB 360 74.66 76.59 51.55
C ILE OB 360 75.53 77.60 50.78
N SER OB 361 75.15 77.89 49.55
CA SER OB 361 75.96 78.80 48.74
C SER OB 361 75.80 80.25 49.19
N CYS OB 362 74.79 80.54 50.01
CA CYS OB 362 74.59 81.89 50.55
C CYS OB 362 75.62 82.31 51.61
N PHE OB 363 76.31 81.36 52.21
CA PHE OB 363 77.34 81.72 53.18
C PHE OB 363 78.46 82.53 52.53
N ALA OB 364 78.85 82.13 51.31
CA ALA OB 364 79.95 82.79 50.61
C ALA OB 364 79.62 84.23 50.27
N TYR OB 365 78.37 84.45 49.88
CA TYR OB 365 77.91 85.80 49.54
C TYR OB 365 77.90 86.69 50.79
N LEU OB 366 77.39 86.17 51.91
CA LEU OB 366 77.37 86.94 53.15
C LEU OB 366 78.76 87.27 53.67
N LEU OB 367 79.67 86.31 53.61
CA LEU OB 367 81.01 86.55 54.13
C LEU OB 367 81.79 87.60 53.34
N GLU OB 368 81.46 87.76 52.04
CA GLU OB 368 82.15 88.75 51.19
C GLU OB 368 81.83 90.18 51.63
N LEU OB 369 80.66 90.34 52.23
CA LEU OB 369 80.28 91.62 52.83
C LEU OB 369 81.09 91.97 54.08
N ASP OB 370 82.00 91.08 54.50
CA ASP OB 370 82.80 91.31 55.70
C ASP OB 370 82.03 92.04 56.79
N PRO OB 371 80.84 91.53 57.16
CA PRO OB 371 80.04 92.20 58.19
C PRO OB 371 80.68 92.00 59.54
N SER OB 372 80.25 92.77 60.54
CA SER OB 372 80.73 92.61 61.91
C SER OB 372 80.38 91.24 62.41
N ASN OB 373 79.25 90.75 61.87
CA ASN OB 373 78.65 89.44 62.15
C ASN OB 373 79.48 88.25 61.74
N ALA OB 374 80.42 88.48 60.83
CA ALA OB 374 81.18 87.39 60.20
C ALA OB 374 81.39 86.20 61.12
N TYR OB 375 81.69 86.47 62.39
CA TYR OB 375 81.98 85.41 63.35
C TYR OB 375 80.83 84.41 63.52
N LEU OB 376 79.59 84.90 63.58
CA LEU OB 376 78.41 84.03 63.78
C LEU OB 376 78.38 82.85 62.83
N ILE OB 377 78.68 83.13 61.57
CA ILE OB 377 78.75 82.13 60.52
C ILE OB 377 79.95 81.21 60.71
N TYR OB 378 81.16 81.77 60.77
CA TYR OB 378 82.33 80.93 61.03
C TYR OB 378 82.13 80.06 62.30
N ASP OB 379 81.42 80.59 63.28
CA ASP OB 379 81.15 79.85 64.51
C ASP OB 379 80.32 78.60 64.27
N LYS OB 380 79.12 78.74 63.69
CA LYS OB 380 78.34 77.55 63.34
C LYS OB 380 79.16 76.57 62.50
N ILE OB 381 79.45 76.94 61.24
CA ILE OB 381 80.16 76.10 60.28
C ILE OB 381 81.35 75.29 60.81
N LEU OB 382 82.10 75.87 61.75
CA LEU OB 382 83.28 75.20 62.31
C LEU OB 382 82.92 74.14 63.37
N ILE OB 383 81.89 74.42 64.17
CA ILE OB 383 81.37 73.43 65.13
C ILE OB 383 80.74 72.27 64.34
N ASP OB 384 79.75 72.59 63.52
CA ASP OB 384 79.17 71.57 62.66
C ASP OB 384 80.27 70.70 62.03
N LEU OB 385 81.35 71.31 61.55
CA LEU OB 385 82.45 70.53 60.95
C LEU OB 385 83.28 69.69 61.93
N TYR OB 386 83.65 70.27 63.07
CA TYR OB 386 84.49 69.56 64.04
C TYR OB 386 83.71 68.44 64.72
N ASP OB 387 82.41 68.64 64.89
CA ASP OB 387 81.51 67.61 65.39
C ASP OB 387 81.53 66.43 64.42
N THR OB 388 81.37 66.72 63.14
CA THR OB 388 81.32 65.69 62.09
C THR OB 388 82.58 64.83 61.96
N LEU OB 389 83.74 65.44 62.15
CA LEU OB 389 85.02 64.75 62.10
C LEU OB 389 85.27 63.97 63.38
N ALA OB 390 84.49 64.31 64.41
CA ALA OB 390 84.51 63.59 65.67
C ALA OB 390 83.35 62.60 65.73
N ASP OB 391 82.78 62.31 64.55
CA ASP OB 391 81.77 61.25 64.38
C ASP OB 391 80.50 61.46 65.25
N GLN OB 392 80.25 62.70 65.68
CA GLN OB 392 79.09 63.00 66.52
C GLN OB 392 77.80 63.04 65.70
N PHE OB 393 77.91 62.74 64.42
CA PHE OB 393 76.76 62.82 63.55
C PHE OB 393 76.54 61.51 62.86
N ILE OB 394 77.36 60.53 63.23
CA ILE OB 394 77.36 59.22 62.59
C ILE OB 394 75.97 58.57 62.38
N ASN OB 395 75.01 58.88 63.26
CA ASN OB 395 73.61 58.43 63.12
C ASN OB 395 72.85 59.18 62.00
N SER OB 396 73.28 60.40 61.66
CA SER OB 396 72.57 61.21 60.68
C SER OB 396 73.44 61.49 59.46
N ARG OB 397 73.11 60.92 58.32
CA ARG OB 397 73.95 61.10 57.15
C ARG OB 397 74.09 62.56 56.75
N HIS OB 398 72.95 63.21 56.53
CA HIS OB 398 72.94 64.55 55.97
C HIS OB 398 73.81 65.56 56.71
N ARG OB 399 73.81 65.56 58.05
CA ARG OB 399 74.58 66.55 58.83
C ARG OB 399 76.06 66.50 58.47
N ILE OB 400 76.53 65.28 58.18
CA ILE OB 400 77.94 65.00 57.87
C ILE OB 400 78.36 65.56 56.50
N ILE OB 401 77.52 65.31 55.52
CA ILE OB 401 77.77 65.77 54.16
C ILE OB 401 77.41 67.25 54.03
N SER OB 402 76.32 67.64 54.68
CA SER OB 402 75.95 69.05 54.77
C SER OB 402 77.07 69.91 55.34
N SER OB 403 77.45 69.67 56.59
CA SER OB 403 78.47 70.52 57.23
C SER OB 403 79.88 70.44 56.64
N LEU OB 404 80.05 69.59 55.62
CA LEU OB 404 81.26 69.57 54.80
C LEU OB 404 81.11 70.45 53.56
N LYS OB 405 79.86 70.70 53.18
CA LYS OB 405 79.58 71.60 52.07
C LYS OB 405 79.55 73.01 52.61
N GLN OB 406 78.93 73.19 53.77
CA GLN OB 406 78.98 74.47 54.47
C GLN OB 406 80.45 74.88 54.50
N PHE OB 407 81.30 74.00 55.01
CA PHE OB 407 82.71 74.33 55.19
C PHE OB 407 83.50 74.53 53.90
N THR OB 408 83.13 73.82 52.84
CA THR OB 408 83.86 74.02 51.59
C THR OB 408 83.51 75.36 50.93
N ARG OB 409 82.24 75.73 50.96
CA ARG OB 409 81.76 76.97 50.30
C ARG OB 409 82.16 78.18 51.13
N VAL OB 410 83.30 78.08 51.82
CA VAL OB 410 83.65 79.03 52.86
C VAL OB 410 85.12 78.87 53.29
N ILE OB 411 85.82 77.92 52.68
CA ILE OB 411 87.22 77.68 53.02
C ILE OB 411 88.08 78.89 52.72
N ARG OB 412 87.95 79.39 51.49
CA ARG OB 412 88.77 80.48 50.99
C ARG OB 412 88.74 81.70 51.91
N PHE OB 413 87.58 81.94 52.52
CA PHE OB 413 87.43 83.05 53.45
C PHE OB 413 88.05 82.80 54.84
N ILE OB 414 88.09 81.54 55.28
CA ILE OB 414 88.64 81.20 56.58
C ILE OB 414 90.15 81.39 56.59
N VAL OB 415 90.77 81.14 55.44
CA VAL OB 415 92.21 81.29 55.28
C VAL OB 415 92.67 82.72 55.59
N MET OB 416 91.69 83.61 55.77
CA MET OB 416 91.98 85.03 56.01
C MET OB 416 91.90 85.44 57.49
N ASP OB 417 90.68 85.52 58.04
CA ASP OB 417 90.50 85.89 59.45
C ASP OB 417 91.61 85.22 60.26
N LYS OB 418 92.49 86.02 60.86
CA LYS OB 418 93.75 85.53 61.45
C LYS OB 418 93.59 84.55 62.63
N LEU OB 419 92.33 84.30 63.03
CA LEU OB 419 92.04 83.32 64.07
C LEU OB 419 91.73 81.96 63.50
N TYR OB 420 90.69 81.88 62.70
CA TYR OB 420 90.24 80.60 62.12
C TYR OB 420 91.33 79.87 61.34
N ARG OB 421 92.00 80.56 60.42
CA ARG OB 421 93.14 80.02 59.66
C ARG OB 421 94.01 78.97 60.39
N VAL OB 422 94.14 79.10 61.70
CA VAL OB 422 94.90 78.14 62.51
C VAL OB 422 94.38 76.71 62.33
N HIS OB 423 93.06 76.57 62.41
CA HIS OB 423 92.39 75.28 62.32
C HIS OB 423 92.63 74.56 61.00
N ILE OB 424 92.98 75.31 59.96
CA ILE OB 424 92.94 74.75 58.62
C ILE OB 424 93.95 73.63 58.34
N THR OB 425 95.11 73.66 58.97
CA THR OB 425 96.01 72.51 58.83
C THR OB 425 95.39 71.26 59.42
N ASN OB 426 94.90 71.37 60.65
CA ASN OB 426 94.26 70.23 61.33
C ASN OB 426 93.11 69.67 60.49
N VAL OB 427 92.14 70.52 60.20
CA VAL OB 427 90.95 70.11 59.45
C VAL OB 427 91.28 69.45 58.11
N LEU OB 428 92.42 69.80 57.54
CA LEU OB 428 92.86 69.17 56.30
C LEU OB 428 93.46 67.78 56.53
N SER OB 429 94.46 67.70 57.41
CA SER OB 429 95.08 66.41 57.68
C SER OB 429 94.05 65.42 58.28
N MET OB 430 92.91 65.94 58.72
CA MET OB 430 91.79 65.11 59.18
C MET OB 430 90.92 64.64 58.03
N LEU OB 431 90.64 65.52 57.08
CA LEU OB 431 89.92 65.14 55.87
C LEU OB 431 90.67 64.06 55.09
N VAL OB 432 91.96 64.30 54.85
CA VAL OB 432 92.77 63.35 54.11
C VAL OB 432 92.70 61.94 54.69
N SER OB 433 92.90 61.82 56.01
CA SER OB 433 92.90 60.49 56.65
C SER OB 433 91.48 59.86 56.71
N LYS OB 434 90.45 60.69 56.72
CA LYS OB 434 89.07 60.18 56.73
C LYS OB 434 88.53 59.89 55.33
N LEU OB 435 89.40 59.79 54.34
CA LEU OB 435 88.97 59.47 52.98
C LEU OB 435 88.57 57.99 52.90
N ASP OB 436 87.27 57.74 52.74
CA ASP OB 436 86.68 56.39 52.75
C ASP OB 436 86.85 55.67 51.40
N MET OB 437 86.95 54.34 51.43
CA MET OB 437 87.10 53.53 50.21
C MET OB 437 85.82 52.79 49.85
N ASN OB 438 84.82 52.93 50.72
CA ASN OB 438 83.52 52.31 50.51
C ASN OB 438 82.45 53.34 50.19
N ASP OB 439 82.58 54.52 50.79
CA ASP OB 439 81.62 55.59 50.53
C ASP OB 439 82.11 56.49 49.41
N THR OB 440 81.61 56.22 48.20
CA THR OB 440 81.98 57.03 47.06
C THR OB 440 81.60 58.48 47.32
N ASN OB 441 80.42 58.68 47.91
CA ASN OB 441 79.91 60.03 48.12
C ASN OB 441 80.69 60.87 49.14
N LEU OB 442 80.91 60.31 50.33
CA LEU OB 442 81.67 61.04 51.35
C LEU OB 442 83.02 61.48 50.79
N THR OB 443 83.64 60.62 50.02
CA THR OB 443 84.94 60.88 49.43
C THR OB 443 84.90 62.03 48.40
N SER OB 444 83.86 62.10 47.58
CA SER OB 444 83.75 63.18 46.61
C SER OB 444 83.61 64.49 47.34
N ASN OB 445 82.88 64.47 48.46
CA ASN OB 445 82.65 65.66 49.28
C ASN OB 445 83.81 66.05 50.19
N LEU OB 446 84.77 65.12 50.37
CA LEU OB 446 86.01 65.37 51.09
C LEU OB 446 87.09 65.95 50.18
N ILE OB 447 87.26 65.35 49.03
CA ILE OB 447 88.12 65.92 48.00
C ILE OB 447 87.73 67.37 47.76
N ASN OB 448 86.44 67.67 47.77
CA ASN OB 448 85.97 69.05 47.66
C ASN OB 448 86.66 69.95 48.66
N GLY OB 449 86.64 69.54 49.93
CA GLY OB 449 87.35 70.28 50.97
C GLY OB 449 88.85 70.33 50.78
N ILE OB 450 89.48 69.15 50.70
CA ILE OB 450 90.91 69.03 50.45
C ILE OB 450 91.44 69.88 49.28
N VAL OB 451 90.76 69.87 48.12
CA VAL OB 451 91.22 70.66 46.98
C VAL OB 451 90.98 72.16 47.15
N SER OB 452 89.92 72.52 47.88
CA SER OB 452 89.67 73.93 48.16
C SER OB 452 90.71 74.53 49.12
N ILE OB 453 91.06 73.76 50.16
CA ILE OB 453 92.12 74.18 51.07
C ILE OB 453 93.48 74.29 50.37
N ALA OB 454 93.70 73.51 49.31
CA ALA OB 454 94.99 73.54 48.62
C ALA OB 454 95.02 74.65 47.57
N ALA OB 455 93.84 75.02 47.09
CA ALA OB 455 93.75 76.02 46.04
C ALA OB 455 94.05 77.41 46.56
N PHE OB 456 93.91 77.61 47.87
CA PHE OB 456 94.05 78.93 48.51
C PHE OB 456 95.07 78.94 49.64
N ILE OB 457 96.01 78.02 49.60
CA ILE OB 457 96.99 77.90 50.67
C ILE OB 457 98.28 77.37 50.09
N PRO OB 458 99.41 77.88 50.58
CA PRO OB 458 100.71 77.38 50.14
C PRO OB 458 101.14 76.28 51.11
N ILE OB 459 101.40 75.09 50.58
CA ILE OB 459 102.00 74.02 51.36
C ILE OB 459 103.46 74.38 51.57
N GLN OB 460 103.75 75.04 52.71
CA GLN OB 460 105.07 75.60 53.00
C GLN OB 460 105.42 75.59 54.48
N ASP OB 461 106.67 75.23 54.81
CA ASP OB 461 107.15 75.38 56.17
C ASP OB 461 107.50 76.84 56.44
N LEU OB 462 106.70 77.48 57.28
CA LEU OB 462 106.85 78.91 57.54
C LEU OB 462 107.58 79.17 58.85
N THR OB 463 108.23 78.16 59.39
CA THR OB 463 108.95 78.32 60.64
C THR OB 463 110.35 78.87 60.43
N GLY OB 464 110.65 79.97 61.14
CA GLY OB 464 111.98 80.57 61.12
C GLY OB 464 112.92 79.79 62.01
N GLU OB 465 112.59 78.53 62.22
CA GLU OB 465 113.33 77.63 63.08
C GLU OB 465 113.05 77.90 64.56
N ASP OB 466 112.19 78.88 64.83
CA ASP OB 466 111.74 79.18 66.18
C ASP OB 466 111.56 77.87 66.96
N ASP OB 467 112.29 77.74 68.06
CA ASP OB 467 112.42 76.46 68.75
C ASP OB 467 111.13 75.83 69.34
N TYR OB 468 110.21 76.67 69.83
CA TYR OB 468 109.01 76.14 70.49
C TYR OB 468 108.13 75.33 69.52
N ILE OB 469 108.05 75.79 68.27
CA ILE OB 469 107.40 75.04 67.17
C ILE OB 469 106.46 73.89 67.60
N SER OB 470 106.69 72.71 67.03
CA SER OB 470 105.80 71.52 67.15
C SER OB 470 104.30 71.79 67.01
N PHE OB 471 103.58 70.89 66.35
CA PHE OB 471 102.14 71.05 66.25
C PHE OB 471 101.41 70.97 67.61
N GLU OB 472 101.71 69.98 68.46
CA GLU OB 472 101.21 70.00 69.84
C GLU OB 472 102.08 71.00 70.59
N SER OB 473 101.78 71.22 71.87
CA SER OB 473 102.49 72.25 72.63
C SER OB 473 102.08 73.64 72.20
N ASP OB 474 101.93 73.86 70.90
CA ASP OB 474 101.75 75.20 70.33
C ASP OB 474 100.49 75.47 69.48
N THR OB 475 100.07 74.51 68.66
CA THR OB 475 98.86 74.68 67.85
C THR OB 475 97.65 73.98 68.46
N LEU OB 476 97.77 72.67 68.64
CA LEU OB 476 96.69 71.86 69.19
C LEU OB 476 96.05 72.44 70.46
N PRO OB 477 96.87 72.77 71.46
CA PRO OB 477 96.35 73.31 72.71
C PRO OB 477 95.40 74.47 72.47
N LEU OB 478 95.80 75.38 71.57
CA LEU OB 478 95.03 76.58 71.27
C LEU OB 478 93.74 76.19 70.55
N VAL OB 479 93.87 75.36 69.53
CA VAL OB 479 92.72 74.91 68.76
C VAL OB 479 91.63 74.35 69.65
N GLN OB 480 92.02 73.53 70.62
CA GLN OB 480 91.05 72.93 71.51
C GLN OB 480 90.41 73.97 72.43
N GLN OB 481 91.20 74.96 72.86
CA GLN OB 481 90.68 76.03 73.72
C GLN OB 481 89.67 76.91 73.00
N HIS OB 482 89.95 77.22 71.74
CA HIS OB 482 89.01 77.98 70.90
C HIS OB 482 87.71 77.20 70.75
N PHE OB 483 87.84 75.90 70.48
CA PHE OB 483 86.67 75.06 70.28
C PHE OB 483 85.84 74.93 71.56
N TYR OB 484 86.49 74.60 72.67
CA TYR OB 484 85.80 74.53 73.96
C TYR OB 484 84.96 75.80 74.17
N HIS OB 485 85.58 76.95 73.91
CA HIS OB 485 84.97 78.26 74.07
C HIS OB 485 83.73 78.41 73.21
N ILE OB 486 83.91 78.17 71.92
CA ILE OB 486 82.84 78.25 70.92
C ILE OB 486 81.65 77.31 71.21
N LYS OB 487 81.93 76.17 71.86
CA LYS OB 487 80.94 75.11 72.07
C LYS OB 487 79.96 75.43 73.20
N CYS OB 488 80.45 76.19 74.18
CA CYS OB 488 79.68 76.39 75.42
C CYS OB 488 78.76 77.61 75.36
N GLY OB 489 78.46 78.05 74.15
CA GLY OB 489 77.51 79.13 73.94
C GLY OB 489 78.21 80.41 73.58
N GLU OB 490 79.43 80.55 74.09
CA GLU OB 490 80.27 81.72 73.85
C GLU OB 490 80.58 81.86 72.37
N SER OB 491 80.85 83.10 71.94
CA SER OB 491 81.23 83.39 70.56
C SER OB 491 82.70 83.76 70.48
N SER OB 492 83.20 83.99 69.26
CA SER OB 492 84.63 84.22 69.04
C SER OB 492 85.05 85.67 69.35
N LYS OB 493 84.08 86.57 69.44
CA LYS OB 493 84.36 87.95 69.84
C LYS OB 493 84.81 87.98 71.31
N THR OB 494 84.20 87.10 72.12
CA THR OB 494 84.55 86.96 73.54
C THR OB 494 85.88 86.21 73.72
N PHE OB 495 86.42 85.71 72.61
CA PHE OB 495 87.62 84.88 72.68
C PHE OB 495 88.90 85.72 72.61
N ARG OB 496 89.60 85.80 73.73
CA ARG OB 496 90.80 86.62 73.83
C ARG OB 496 92.05 85.74 73.76
N VAL OB 497 92.90 85.99 72.76
CA VAL OB 497 94.23 85.37 72.77
C VAL OB 497 95.38 86.31 72.38
N ASP OB 498 96.51 86.13 73.05
CA ASP OB 498 97.74 86.88 72.81
C ASP OB 498 98.14 86.80 71.33
N ASP OB 499 98.42 87.96 70.71
CA ASP OB 499 98.89 88.00 69.33
C ASP OB 499 100.20 87.23 69.17
N GLU OB 500 100.89 87.01 70.30
CA GLU OB 500 102.11 86.21 70.30
C GLU OB 500 101.76 84.73 70.17
N LEU OB 501 100.90 84.22 71.07
CA LEU OB 501 100.54 82.81 71.09
C LEU OB 501 99.83 82.36 69.81
N LEU OB 502 98.96 83.23 69.29
CA LEU OB 502 98.14 82.93 68.11
C LEU OB 502 98.94 82.91 66.80
N ASN OB 503 100.15 83.47 66.84
CA ASN OB 503 101.03 83.45 65.67
C ASN OB 503 102.03 82.31 65.80
N ASN OB 504 102.20 81.81 67.02
CA ASN OB 504 102.95 80.58 67.24
C ASN OB 504 102.12 79.42 66.71
N ALA OB 505 100.85 79.44 67.09
CA ALA OB 505 99.90 78.43 66.66
C ALA OB 505 99.79 78.36 65.14
N PHE OB 506 99.80 79.51 64.50
CA PHE OB 506 99.67 79.57 63.04
C PHE OB 506 100.92 79.04 62.33
N LYS OB 507 102.10 79.47 62.79
CA LYS OB 507 103.35 79.06 62.16
C LYS OB 507 103.63 77.58 62.43
N ALA OB 508 103.42 77.16 63.68
CA ALA OB 508 103.62 75.76 64.05
C ALA OB 508 102.64 74.86 63.31
N SER OB 509 101.50 75.42 62.94
CA SER OB 509 100.49 74.67 62.20
C SER OB 509 100.97 74.32 60.79
N THR OB 510 101.92 75.08 60.24
CA THR OB 510 102.43 74.81 58.89
C THR OB 510 103.56 73.76 58.89
N THR OB 511 103.69 73.00 59.97
CA THR OB 511 104.69 71.93 59.97
C THR OB 511 104.15 70.59 59.41
N VAL OB 512 102.90 70.26 59.74
CA VAL OB 512 102.29 68.94 59.48
C VAL OB 512 102.14 68.51 58.01
N PHE OB 513 102.44 69.41 57.08
CA PHE OB 513 102.31 69.12 55.65
C PHE OB 513 103.03 67.84 55.20
N GLN OB 514 104.16 67.54 55.82
CA GLN OB 514 104.96 66.39 55.41
C GLN OB 514 104.31 65.07 55.85
N SER OB 515 104.00 64.98 57.14
CA SER OB 515 103.41 63.77 57.72
C SER OB 515 102.01 63.48 57.17
N MET OB 516 101.41 64.47 56.52
CA MET OB 516 100.05 64.36 56.01
C MET OB 516 100.02 63.92 54.55
N LEU OB 517 101.05 64.29 53.77
CA LEU OB 517 101.12 63.87 52.37
C LEU OB 517 101.48 62.39 52.24
N LYS OB 518 102.23 61.88 53.21
CA LYS OB 518 102.53 60.46 53.29
C LYS OB 518 101.23 59.66 53.46
N VAL OB 519 100.18 60.37 53.89
CA VAL OB 519 98.90 59.75 54.20
C VAL OB 519 97.92 59.99 53.07
N TYR OB 520 98.19 61.01 52.28
CA TYR OB 520 97.39 61.26 51.09
C TYR OB 520 97.83 60.33 49.98
N VAL OB 521 99.14 60.19 49.79
CA VAL OB 521 99.64 59.26 48.77
C VAL OB 521 99.20 57.84 49.08
N GLU OB 522 99.29 57.47 50.35
CA GLU OB 522 98.80 56.17 50.80
C GLU OB 522 97.32 56.00 50.40
N LYS OB 523 96.50 57.04 50.60
CA LYS OB 523 95.08 56.96 50.29
C LYS OB 523 94.79 57.02 48.80
N ILE OB 524 95.78 57.42 48.01
CA ILE OB 524 95.62 57.45 46.55
C ILE OB 524 95.78 56.05 46.01
N PHE OB 525 96.87 55.39 46.39
CA PHE OB 525 97.14 54.02 45.95
C PHE OB 525 96.05 53.05 46.42
N GLN OB 526 95.39 53.35 47.53
CA GLN OB 526 94.25 52.56 47.97
C GLN OB 526 93.07 52.78 47.01
N LEU OB 527 93.00 53.97 46.42
CA LEU OB 527 91.90 54.34 45.54
C LEU OB 527 92.10 53.86 44.10
N VAL OB 528 93.32 53.40 43.82
CA VAL OB 528 93.63 52.94 42.48
C VAL OB 528 92.74 51.72 42.21
N ASP OB 529 92.31 51.05 43.28
CA ASP OB 529 91.57 49.78 43.19
C ASP OB 529 90.08 49.88 43.54
N VAL OB 530 89.46 51.03 43.28
CA VAL OB 530 88.06 51.20 43.63
C VAL OB 530 87.19 51.49 42.41
N ASP OB 531 85.92 51.10 42.46
CA ASP OB 531 85.03 51.38 41.35
C ASP OB 531 84.42 52.77 41.46
N LEU OB 532 85.21 53.71 41.99
CA LEU OB 532 84.86 55.11 41.82
C LEU OB 532 85.00 55.29 40.33
N GLU OB 533 84.20 56.17 39.74
CA GLU OB 533 84.44 56.32 38.33
C GLU OB 533 84.11 57.66 37.76
N ASP OB 534 85.11 58.15 37.03
CA ASP OB 534 85.05 59.24 36.05
C ASP OB 534 85.08 60.63 36.64
N SER OB 535 83.90 61.23 36.79
CA SER OB 535 83.77 62.56 37.39
C SER OB 535 84.76 62.65 38.53
N LEU OB 536 84.70 61.66 39.42
CA LEU OB 536 85.47 61.69 40.64
C LEU OB 536 86.91 61.22 40.48
N VAL OB 537 87.21 60.50 39.41
CA VAL OB 537 88.60 60.13 39.19
C VAL OB 537 89.36 61.39 38.82
N THR OB 538 88.72 62.20 37.97
CA THR OB 538 89.29 63.45 37.51
C THR OB 538 89.50 64.44 38.65
N LYS OB 539 88.41 64.81 39.31
CA LYS OB 539 88.45 65.70 40.49
C LYS OB 539 89.59 65.35 41.47
N ILE OB 540 89.94 64.07 41.56
CA ILE OB 540 90.99 63.63 42.47
C ILE OB 540 92.35 63.99 41.91
N ASN OB 541 92.49 63.90 40.59
CA ASN OB 541 93.71 64.34 39.91
C ASN OB 541 93.92 65.88 39.90
N GLN OB 542 92.83 66.63 39.94
CA GLN OB 542 92.92 68.06 40.18
C GLN OB 542 93.48 68.32 41.59
N THR OB 543 92.99 67.58 42.58
CA THR OB 543 93.48 67.79 43.94
C THR OB 543 94.95 67.41 44.10
N THR OB 544 95.40 66.44 43.34
CA THR OB 544 96.80 66.03 43.43
C THR OB 544 97.69 67.01 42.67
N MET OB 545 97.17 67.62 41.62
CA MET OB 545 97.95 68.57 40.84
C MET OB 545 97.91 69.99 41.38
N ILE OB 546 96.85 70.30 42.12
CA ILE OB 546 96.75 71.60 42.78
C ILE OB 546 97.60 71.60 44.05
N LEU OB 547 97.54 70.49 44.78
CA LEU OB 547 98.43 70.30 45.92
C LEU OB 547 99.91 70.45 45.55
N GLN OB 548 100.27 69.98 44.36
CA GLN OB 548 101.64 70.12 43.89
C GLN OB 548 102.05 71.56 43.64
N GLU OB 549 101.17 72.31 42.96
CA GLU OB 549 101.51 73.67 42.57
C GLU OB 549 101.58 74.59 43.78
N SER OB 550 100.88 74.22 44.85
CA SER OB 550 100.90 75.05 46.05
C SER OB 550 102.00 74.59 47.00
N MET OB 551 103.10 74.09 46.44
CA MET OB 551 104.17 73.48 47.22
C MET OB 551 105.51 74.14 46.97
N ASP OB 552 106.22 74.47 48.03
CA ASP OB 552 107.57 75.01 47.87
C ASP OB 552 108.52 73.86 47.59
N ASP OB 553 109.64 74.17 46.95
CA ASP OB 553 110.64 73.15 46.59
C ASP OB 553 111.01 72.21 47.76
N LYS OB 554 111.09 72.74 48.99
CA LYS OB 554 111.38 71.91 50.17
C LYS OB 554 110.40 70.73 50.24
N ILE OB 555 109.11 71.05 50.26
CA ILE OB 555 108.04 70.06 50.39
C ILE OB 555 107.84 69.21 49.13
N PHE OB 556 107.80 69.89 47.98
CA PHE OB 556 107.64 69.23 46.69
C PHE OB 556 108.72 68.17 46.45
N ASN OB 557 109.98 68.56 46.61
CA ASN OB 557 111.07 67.60 46.42
C ASN OB 557 110.94 66.39 47.33
N TYR OB 558 110.12 66.53 48.37
CA TYR OB 558 109.75 65.41 49.26
C TYR OB 558 108.64 64.58 48.65
N PHE OB 559 107.58 65.28 48.29
CA PHE OB 559 106.44 64.66 47.63
C PHE OB 559 106.92 63.84 46.44
N ALA OB 560 107.90 64.36 45.69
CA ALA OB 560 108.43 63.66 44.53
C ALA OB 560 109.08 62.32 44.90
N SER OB 561 110.04 62.33 45.84
CA SER OB 561 110.68 61.09 46.24
C SER OB 561 109.71 60.17 46.99
N LEU OB 562 108.45 60.63 47.13
CA LEU OB 562 107.40 59.84 47.79
C LEU OB 562 106.45 59.20 46.78
N LEU OB 563 106.26 59.84 45.64
CA LEU OB 563 105.57 59.20 44.53
C LEU OB 563 106.52 58.20 43.90
N ASN OB 564 107.70 58.67 43.54
CA ASN OB 564 108.76 57.79 43.06
C ASN OB 564 108.86 56.53 43.95
N ARG OB 565 109.04 56.73 45.25
CA ARG OB 565 109.15 55.59 46.17
C ARG OB 565 107.95 54.62 46.07
N ASN OB 566 106.74 55.16 46.31
CA ASN OB 566 105.52 54.34 46.38
C ASN OB 566 105.03 53.77 45.05
N PHE OB 567 105.47 54.36 43.95
CA PHE OB 567 105.06 53.91 42.62
C PHE OB 567 105.72 52.58 42.29
N TRP OB 568 106.94 52.41 42.76
CA TRP OB 568 107.67 51.18 42.50
C TRP OB 568 107.34 50.07 43.50
N SER OB 569 107.58 50.36 44.78
CA SER OB 569 107.25 49.41 45.85
C SER OB 569 105.81 49.61 46.33
N ASN OB 570 104.87 48.95 45.65
CA ASN OB 570 103.48 49.01 46.06
C ASN OB 570 102.77 47.68 45.88
N ASP OB 571 101.79 47.45 46.74
CA ASP OB 571 100.97 46.24 46.68
C ASP OB 571 99.54 46.67 46.41
N SER OB 572 99.33 47.40 45.31
CA SER OB 572 98.11 48.17 45.16
C SER OB 572 97.45 48.20 43.78
N PHE OB 573 97.88 47.34 42.85
CA PHE OB 573 97.26 47.30 41.52
C PHE OB 573 96.63 45.95 41.19
N LYS OB 574 96.10 45.29 42.21
CA LYS OB 574 95.50 43.98 42.02
C LYS OB 574 94.15 44.06 41.28
N GLU OB 575 93.08 44.27 42.04
CA GLU OB 575 91.70 44.28 41.54
C GLU OB 575 91.52 44.55 40.04
N LYS OB 576 91.09 43.51 39.32
CA LYS OB 576 90.68 43.58 37.92
C LYS OB 576 91.23 44.73 37.07
N ASP OB 577 90.50 45.85 37.11
CA ASP OB 577 90.68 46.97 36.17
C ASP OB 577 90.90 48.33 36.89
N PRO OB 578 92.18 48.73 37.03
CA PRO OB 578 92.60 49.81 37.93
C PRO OB 578 92.48 51.19 37.32
N ASN OB 579 92.47 52.20 38.19
CA ASN OB 579 92.54 53.60 37.78
C ASN OB 579 94.00 54.02 37.79
N TYR OB 580 94.70 53.72 36.69
CA TYR OB 580 96.10 54.09 36.58
C TYR OB 580 96.21 55.63 36.62
N GLU OB 581 95.27 56.31 35.96
CA GLU OB 581 95.22 57.77 35.89
C GLU OB 581 95.62 58.42 37.22
N LEU OB 582 95.13 57.86 38.34
CA LEU OB 582 95.30 58.49 39.65
C LEU OB 582 96.74 58.57 40.13
N VAL OB 583 97.63 57.87 39.45
CA VAL OB 583 99.02 57.80 39.88
C VAL OB 583 100.00 58.17 38.75
N THR OB 584 99.69 57.80 37.52
CA THR OB 584 100.57 58.17 36.40
C THR OB 584 100.59 59.68 36.16
N ILE OB 585 99.41 60.29 36.15
CA ILE OB 585 99.30 61.72 35.89
C ILE OB 585 100.02 62.59 36.93
N PRO OB 586 99.76 62.36 38.23
CA PRO OB 586 100.51 63.07 39.27
C PRO OB 586 102.05 62.97 39.12
N LEU OB 587 102.55 61.95 38.42
CA LEU OB 587 103.97 61.92 38.08
C LEU OB 587 104.30 62.94 36.98
N ALA OB 588 103.55 62.90 35.89
CA ALA OB 588 103.72 63.86 34.81
C ALA OB 588 103.76 65.29 35.31
N ALA OB 589 102.94 65.59 36.31
CA ALA OB 589 102.86 66.93 36.86
C ALA OB 589 104.09 67.29 37.72
N LEU OB 590 104.92 66.29 38.00
CA LEU OB 590 106.19 66.52 38.72
C LEU OB 590 107.24 66.93 37.70
N VAL OB 591 107.14 66.29 36.54
CA VAL OB 591 108.10 66.51 35.47
C VAL OB 591 107.82 67.85 34.74
N ARG OB 592 106.56 68.28 34.74
CA ARG OB 592 106.21 69.61 34.26
C ARG OB 592 107.06 70.65 35.01
N ARG OB 593 107.01 70.57 36.34
CA ARG OB 593 107.69 71.50 37.26
C ARG OB 593 109.21 71.32 37.34
N ASN OB 594 109.67 70.08 37.19
CA ASN OB 594 111.09 69.77 37.34
C ASN OB 594 111.58 68.77 36.28
N ASN OB 595 111.83 69.27 35.07
CA ASN OB 595 112.31 68.45 33.95
C ASN OB 595 113.49 67.55 34.33
N GLY OB 596 114.27 67.98 35.31
CA GLY OB 596 115.45 67.24 35.72
C GLY OB 596 115.13 65.85 36.19
N LEU OB 597 113.95 65.69 36.78
CA LEU OB 597 113.49 64.41 37.30
C LEU OB 597 113.27 63.35 36.20
N SER OB 598 113.18 63.80 34.95
CA SER OB 598 112.87 62.90 33.84
C SER OB 598 114.01 61.95 33.44
N LYS OB 599 115.21 62.50 33.29
CA LYS OB 599 116.35 61.71 32.80
C LYS OB 599 116.35 60.31 33.39
N GLU OB 600 116.05 60.21 34.69
CA GLU OB 600 116.16 58.93 35.38
C GLU OB 600 114.83 58.19 35.56
N LEU OB 601 113.74 58.93 35.69
CA LEU OB 601 112.43 58.30 35.80
C LEU OB 601 112.10 57.47 34.56
N VAL OB 602 112.41 58.02 33.40
CA VAL OB 602 112.12 57.35 32.14
C VAL OB 602 113.00 56.13 31.93
N ARG OB 603 114.31 56.28 32.16
CA ARG OB 603 115.22 55.15 32.01
C ARG OB 603 114.88 54.00 32.97
N THR OB 604 114.12 54.30 34.02
CA THR OB 604 113.67 53.27 34.96
C THR OB 604 112.35 52.62 34.51
N LEU OB 605 111.54 53.37 33.76
CA LEU OB 605 110.32 52.82 33.20
C LEU OB 605 110.66 51.89 32.05
N LEU OB 606 111.81 52.10 31.43
CA LEU OB 606 112.20 51.30 30.27
C LEU OB 606 112.91 49.99 30.64
N PHE OB 607 113.77 50.01 31.66
CA PHE OB 607 114.44 48.78 32.14
C PHE OB 607 113.51 48.02 33.07
N HIS OB 608 112.26 48.48 33.15
CA HIS OB 608 111.22 47.80 33.92
C HIS OB 608 110.13 47.33 32.95
N ILE OB 609 110.09 47.95 31.78
CA ILE OB 609 109.18 47.55 30.70
C ILE OB 609 109.80 46.43 29.86
N LYS OB 610 111.07 46.61 29.49
CA LYS OB 610 111.83 45.53 28.87
C LYS OB 610 111.80 44.29 29.78
N GLU OB 611 111.80 44.50 31.09
CA GLU OB 611 111.75 43.39 32.05
C GLU OB 611 110.45 42.63 31.94
N GLN OB 612 109.33 43.34 31.94
CA GLN OB 612 108.02 42.70 31.87
C GLN OB 612 107.76 42.01 30.53
N ILE OB 613 108.25 42.60 29.45
CA ILE OB 613 108.06 41.98 28.13
C ILE OB 613 108.82 40.67 28.09
N LYS OB 614 110.11 40.77 28.45
CA LYS OB 614 111.00 39.61 28.45
C LYS OB 614 110.47 38.44 29.30
N ARG OB 615 109.66 38.71 30.31
CA ARG OB 615 109.06 37.61 31.09
C ARG OB 615 107.57 37.33 30.79
N GLY OB 616 107.22 37.42 29.51
CA GLY OB 616 105.97 36.90 29.01
C GLY OB 616 104.77 37.81 29.02
N ALA OB 617 104.96 39.09 29.32
CA ALA OB 617 103.84 40.02 29.36
C ALA OB 617 103.39 40.35 27.94
N GLY OB 618 102.08 40.41 27.74
CA GLY OB 618 101.49 40.64 26.43
C GLY OB 618 101.81 39.54 25.44
N SER OB 619 101.98 38.34 25.99
CA SER OB 619 102.30 37.14 25.21
C SER OB 619 100.98 36.53 24.74
N VAL OB 620 99.99 36.62 25.61
CA VAL OB 620 98.71 35.96 25.42
C VAL OB 620 97.71 36.87 24.73
N ARG OB 621 97.27 36.48 23.53
CA ARG OB 621 96.41 37.35 22.72
C ARG OB 621 94.96 37.51 23.21
N SER OB 622 94.46 38.75 23.14
CA SER OB 622 93.03 39.03 23.36
C SER OB 622 92.62 40.45 22.96
N THR OB 623 91.63 40.56 22.08
CA THR OB 623 90.88 41.80 21.94
C THR OB 623 90.05 41.94 23.21
N SER OB 624 89.32 43.05 23.33
CA SER OB 624 88.31 43.23 24.39
C SER OB 624 88.81 43.49 25.83
N GLU OB 625 89.87 42.81 26.26
CA GLU OB 625 90.29 42.89 27.66
C GLU OB 625 91.80 43.01 27.83
N ILE OB 626 92.21 43.66 28.91
CA ILE OB 626 93.62 43.71 29.23
C ILE OB 626 93.92 42.61 30.22
N GLN OB 627 94.72 41.63 29.80
CA GLN OB 627 95.06 40.49 30.66
C GLN OB 627 95.71 40.93 31.97
N GLN OB 628 95.29 40.34 33.08
CA GLN OB 628 95.76 40.78 34.40
C GLN OB 628 97.26 40.48 34.69
N ARG OB 629 97.89 39.67 33.83
CA ARG OB 629 99.33 39.40 33.97
C ARG OB 629 100.09 40.53 33.31
N ASP OB 630 99.34 41.37 32.61
CA ASP OB 630 99.85 42.53 31.90
C ASP OB 630 99.77 43.79 32.74
N VAL OB 631 98.76 43.83 33.61
CA VAL OB 631 98.45 45.03 34.40
C VAL OB 631 99.68 45.83 34.80
N LYS OB 632 100.75 45.15 35.22
CA LYS OB 632 102.02 45.84 35.54
C LYS OB 632 102.66 46.49 34.30
N LEU OB 633 102.90 45.74 33.24
CA LEU OB 633 103.39 46.35 31.99
C LEU OB 633 102.53 47.56 31.52
N VAL OB 634 101.23 47.50 31.73
CA VAL OB 634 100.35 48.59 31.33
C VAL OB 634 100.54 49.82 32.22
N LEU OB 635 100.80 49.59 33.51
CA LEU OB 635 101.08 50.71 34.39
C LEU OB 635 102.27 51.47 33.85
N TYR OB 636 103.41 50.78 33.75
CA TYR OB 636 104.65 51.39 33.30
C TYR OB 636 104.51 52.07 31.93
N LEU OB 637 103.65 51.53 31.06
CA LEU OB 637 103.43 52.12 29.74
C LEU OB 637 102.57 53.37 29.78
N THR OB 638 101.57 53.40 30.66
CA THR OB 638 100.76 54.61 30.80
C THR OB 638 101.62 55.71 31.41
N ALA OB 639 102.40 55.34 32.42
CA ALA OB 639 103.35 56.26 33.03
C ALA OB 639 104.29 56.85 31.97
N LEU OB 640 104.86 55.99 31.15
CA LEU OB 640 105.77 56.45 30.11
C LEU OB 640 105.09 57.40 29.13
N ASN OB 641 103.81 57.17 28.82
CA ASN OB 641 103.02 58.07 27.96
C ASN OB 641 102.77 59.42 28.62
N ASP OB 642 102.22 59.35 29.83
CA ASP OB 642 101.80 60.53 30.57
C ASP OB 642 103.01 61.39 30.95
N VAL OB 643 104.14 60.73 31.17
CA VAL OB 643 105.38 61.40 31.62
C VAL OB 643 106.32 61.86 30.49
N LEU OB 644 106.24 61.24 29.31
CA LEU OB 644 106.93 61.83 28.16
C LEU OB 644 106.22 63.13 27.79
N ARG OB 645 104.89 63.07 27.74
CA ARG OB 645 104.07 64.19 27.28
C ARG OB 645 104.44 65.51 27.96
N ASN OB 646 105.03 65.39 29.16
CA ASN OB 646 105.42 66.54 29.95
C ASN OB 646 106.93 66.64 30.21
N CYS OB 647 107.71 65.92 29.40
CA CYS OB 647 109.18 65.93 29.48
C CYS OB 647 109.79 67.18 28.88
N HIS OB 648 109.31 67.53 27.70
CA HIS OB 648 109.83 68.71 26.98
C HIS OB 648 111.30 68.57 26.63
N GLU OB 649 112.02 69.68 26.70
CA GLU OB 649 113.41 69.76 26.21
C GLU OB 649 114.40 68.85 26.94
N SER OB 650 113.99 68.30 28.10
CA SER OB 650 114.89 67.46 28.88
C SER OB 650 115.02 66.10 28.21
N LEU OB 651 114.20 65.93 27.18
CA LEU OB 651 114.10 64.71 26.39
C LEU OB 651 115.16 64.67 25.31
N LEU OB 652 115.87 65.79 25.16
CA LEU OB 652 116.95 65.89 24.19
C LEU OB 652 118.16 65.06 24.62
N GLU OB 653 118.30 64.87 25.93
CA GLU OB 653 119.44 64.14 26.50
C GLU OB 653 119.47 62.68 26.09
N TYR OB 654 118.35 62.00 26.35
CA TYR OB 654 118.23 60.58 26.06
C TYR OB 654 117.38 60.35 24.82
N SER OB 655 117.60 61.17 23.80
CA SER OB 655 116.90 61.02 22.51
C SER OB 655 117.11 59.63 21.89
N ASP OB 656 118.37 59.29 21.59
CA ASP OB 656 118.65 58.04 20.89
C ASP OB 656 118.22 56.77 21.63
N GLU OB 657 118.26 56.81 22.95
CA GLU OB 657 117.87 55.65 23.76
C GLU OB 657 116.35 55.42 23.72
N LEU OB 658 115.61 56.47 23.37
CA LEU OB 658 114.16 56.37 23.32
C LEU OB 658 113.76 55.75 22.01
N ILE OB 659 114.03 56.46 20.92
CA ILE OB 659 113.72 55.96 19.59
C ILE OB 659 114.04 54.47 19.45
N THR OB 660 115.24 54.06 19.87
CA THR OB 660 115.64 52.67 19.72
C THR OB 660 114.89 51.71 20.66
N PHE OB 661 114.29 52.29 21.69
CA PHE OB 661 113.43 51.52 22.59
C PHE OB 661 112.02 51.42 22.01
N MET OB 662 111.58 52.50 21.34
CA MET OB 662 110.27 52.50 20.73
C MET OB 662 110.20 51.46 19.62
N LYS OB 663 111.27 51.38 18.83
CA LYS OB 663 111.36 50.39 17.76
C LYS OB 663 111.39 48.98 18.35
N TYR OB 664 111.92 48.85 19.57
CA TYR OB 664 111.92 47.56 20.26
C TYR OB 664 110.52 47.20 20.76
N LEU OB 665 109.77 48.21 21.17
CA LEU OB 665 108.43 48.03 21.70
C LEU OB 665 107.46 47.59 20.62
N TYR OB 666 107.83 47.80 19.37
CA TYR OB 666 106.95 47.51 18.25
C TYR OB 666 107.42 46.27 17.50
N ASP OB 667 108.70 45.96 17.62
CA ASP OB 667 109.21 44.69 17.11
C ASP OB 667 108.60 43.57 17.96
N ASN OB 668 108.88 43.62 19.26
CA ASN OB 668 108.16 42.79 20.23
C ASN OB 668 106.82 43.43 20.60
N VAL OB 669 106.01 42.71 21.37
CA VAL OB 669 104.71 43.21 21.81
C VAL OB 669 103.65 43.48 20.72
N THR OB 670 102.89 42.43 20.40
CA THR OB 670 101.73 42.57 19.53
C THR OB 670 100.50 42.09 20.30
N ASN OB 671 99.43 42.88 20.28
CA ASN OB 671 98.24 42.66 21.11
C ASN OB 671 97.30 43.87 21.01
N PRO OB 672 96.23 43.78 20.21
CA PRO OB 672 95.40 44.94 19.85
C PRO OB 672 95.04 45.94 20.97
N PRO OB 673 94.81 45.47 22.22
CA PRO OB 673 94.54 46.39 23.33
C PRO OB 673 95.79 47.06 23.95
N LEU OB 674 96.95 46.46 23.73
CA LEU OB 674 98.23 47.03 24.16
C LEU OB 674 98.81 47.95 23.10
N ASP OB 675 98.45 47.71 21.84
CA ASP OB 675 98.92 48.54 20.75
C ASP OB 675 98.22 49.91 20.73
N VAL OB 676 97.00 49.98 21.25
CA VAL OB 676 96.35 51.28 21.39
C VAL OB 676 97.08 52.09 22.46
N ILE OB 677 97.83 51.38 23.31
CA ILE OB 677 98.63 52.02 24.34
C ILE OB 677 100.07 52.30 23.90
N THR OB 678 100.78 51.28 23.43
CA THR OB 678 102.17 51.45 23.03
C THR OB 678 102.34 52.47 21.89
N SER OB 679 101.33 52.56 21.02
CA SER OB 679 101.40 53.51 19.90
C SER OB 679 101.28 54.97 20.34
N ILE OB 680 100.93 55.17 21.60
CA ILE OB 680 100.77 56.53 22.13
C ILE OB 680 102.11 57.10 22.59
N VAL OB 681 103.07 56.20 22.85
CA VAL OB 681 104.41 56.63 23.24
C VAL OB 681 104.92 57.65 22.22
N ILE OB 682 104.74 57.34 20.94
CA ILE OB 682 105.26 58.19 19.86
C ILE OB 682 104.62 59.57 19.85
N HIS OB 683 103.37 59.65 20.26
CA HIS OB 683 102.65 60.91 20.27
C HIS OB 683 103.07 61.76 21.47
N SER OB 684 103.03 61.15 22.65
CA SER OB 684 103.42 61.85 23.87
C SER OB 684 104.86 62.32 23.85
N ALA OB 685 105.61 61.96 22.81
CA ALA OB 685 106.98 62.47 22.67
C ALA OB 685 107.14 63.49 21.53
N LEU OB 686 106.31 63.40 20.50
CA LEU OB 686 106.32 64.43 19.45
C LEU OB 686 105.56 65.67 19.90
N ALA OB 687 104.51 65.46 20.68
CA ALA OB 687 103.72 66.58 21.18
C ALA OB 687 104.53 67.38 22.19
N THR OB 688 105.40 66.70 22.92
CA THR OB 688 106.11 67.35 24.00
C THR OB 688 107.26 68.25 23.51
N LEU OB 689 107.71 68.03 22.29
CA LEU OB 689 108.81 68.80 21.72
C LEU OB 689 108.32 70.09 21.06
N CYS OB 690 107.24 69.99 20.28
CA CYS OB 690 106.77 71.13 19.50
C CYS OB 690 105.44 71.78 19.95
N THR OB 691 104.73 71.15 20.89
CA THR OB 691 103.54 71.81 21.44
C THR OB 691 103.99 72.95 22.34
N THR OB 692 103.41 74.12 22.11
CA THR OB 692 103.72 75.31 22.88
C THR OB 692 102.74 75.41 24.04
N GLU OB 693 103.22 75.22 25.27
CA GLU OB 693 102.33 75.23 26.45
C GLU OB 693 102.94 75.88 27.68
N ILE OB 694 102.11 76.00 28.72
CA ILE OB 694 102.55 76.42 30.04
C ILE OB 694 103.42 75.33 30.69
N THR OB 695 104.01 75.65 31.83
CA THR OB 695 104.94 74.73 32.47
C THR OB 695 104.93 75.01 33.97
N ASP OB 696 104.64 76.26 34.30
CA ASP OB 696 104.65 76.73 35.67
C ASP OB 696 103.23 77.05 36.11
N CYS OB 697 102.83 76.60 37.29
CA CYS OB 697 101.49 76.90 37.79
C CYS OB 697 101.49 77.18 39.27
N ARG OB 698 102.69 77.21 39.86
CA ARG OB 698 102.85 77.31 41.31
C ARG OB 698 102.06 78.47 41.92
N LEU OB 699 101.52 78.24 43.11
CA LEU OB 699 100.79 79.28 43.83
C LEU OB 699 101.67 80.52 43.97
N PHE OB 700 102.93 80.28 44.33
CA PHE OB 700 103.96 81.31 44.50
C PHE OB 700 105.29 80.82 43.91
N PRO OB 701 105.95 81.68 43.11
CA PRO OB 701 106.99 81.27 42.16
C PRO OB 701 108.38 80.94 42.74
N GLU OB 702 109.12 80.12 42.00
CA GLU OB 702 110.55 79.93 42.20
C GLU OB 702 110.93 79.32 43.56
N ASP OB 703 110.02 79.41 44.53
CA ASP OB 703 110.31 79.19 45.95
C ASP OB 703 110.57 80.58 46.54
N SER OB 704 111.20 81.43 45.73
CA SER OB 704 111.42 82.83 46.09
C SER OB 704 110.98 83.80 44.99
N LYS OB 705 109.86 84.44 45.28
CA LYS OB 705 109.34 85.55 44.50
C LYS OB 705 108.54 86.12 45.62
N ILE OB 706 109.29 86.60 46.61
CA ILE OB 706 108.77 86.99 47.91
C ILE OB 706 107.73 88.08 47.79
N PRO OB 707 106.48 87.78 48.21
CA PRO OB 707 105.54 88.80 48.67
C PRO OB 707 105.62 88.81 50.19
N GLU OB 708 106.58 88.05 50.70
CA GLU OB 708 106.75 87.78 52.14
C GLU OB 708 106.05 86.48 52.54
N LYS OB 709 105.95 86.22 53.84
CA LYS OB 709 105.23 85.05 54.32
C LYS OB 709 104.01 85.44 55.19
N ASP OB 710 103.33 86.50 54.78
CA ASP OB 710 101.95 86.76 55.15
C ASP OB 710 101.23 86.42 53.85
N ARG OB 711 101.57 85.28 53.25
CA ARG OB 711 101.13 85.03 51.89
C ARG OB 711 100.08 83.94 51.76
N TRP OB 712 99.17 83.84 52.73
CA TRP OB 712 98.20 82.74 52.68
C TRP OB 712 97.13 82.93 51.61
N GLY OB 713 95.92 83.32 51.98
CA GLY OB 713 94.85 83.42 50.99
C GLY OB 713 95.48 83.88 49.68
N GLY OB 714 95.55 82.98 48.70
CA GLY OB 714 96.49 83.07 47.58
C GLY OB 714 96.73 84.37 46.82
N LEU OB 715 96.56 85.50 47.51
CA LEU OB 715 96.50 86.86 46.93
C LEU OB 715 95.16 87.03 46.24
N GLN OB 716 94.24 86.13 46.54
CA GLN OB 716 92.93 86.10 45.88
C GLN OB 716 92.11 87.36 46.10
N PHE OB 717 92.54 88.22 47.03
CA PHE OB 717 91.83 89.46 47.31
C PHE OB 717 92.72 90.69 47.24
N ASP OB 718 94.02 90.45 47.30
CA ASP OB 718 95.04 91.49 47.19
C ASP OB 718 95.07 92.05 45.76
N PRO OB 719 95.27 93.35 45.61
CA PRO OB 719 95.31 93.85 44.23
C PRO OB 719 96.65 93.54 43.53
N ARG OB 720 97.64 93.06 44.27
CA ARG OB 720 98.92 92.67 43.66
C ARG OB 720 98.82 91.26 43.07
N ARG OB 721 97.69 90.61 43.28
CA ARG OB 721 97.48 89.28 42.75
C ARG OB 721 97.78 89.27 41.25
N PHE OB 722 97.70 90.43 40.59
CA PHE OB 722 97.99 90.47 39.16
C PHE OB 722 98.90 91.56 38.60
N ASP OB 723 99.88 92.03 39.36
CA ASP OB 723 100.94 92.82 38.73
C ASP OB 723 101.95 91.84 38.12
N LYS OB 724 102.58 92.24 37.03
CA LYS OB 724 103.28 91.29 36.16
C LYS OB 724 104.46 90.52 36.78
N GLN OB 725 105.00 90.99 37.90
CA GLN OB 725 106.19 90.36 38.46
C GLN OB 725 105.84 89.11 39.25
N HIS OB 726 104.57 89.00 39.63
CA HIS OB 726 104.04 87.85 40.35
C HIS OB 726 103.72 86.76 39.35
N LEU OB 727 102.92 87.13 38.35
CA LEU OB 727 102.57 86.28 37.23
C LEU OB 727 103.72 86.17 36.21
N SER OB 728 104.87 85.66 36.67
CA SER OB 728 106.05 85.45 35.83
C SER OB 728 106.09 84.04 35.24
N PHE OB 729 105.05 83.65 34.50
CA PHE OB 729 104.89 82.28 34.01
C PHE OB 729 106.09 81.76 33.24
N GLN OB 730 106.29 80.44 33.26
CA GLN OB 730 107.46 79.88 32.62
C GLN OB 730 107.28 79.67 31.12
N TRP OB 731 106.38 78.77 30.75
CA TRP OB 731 106.11 78.46 29.33
C TRP OB 731 107.20 77.64 28.67
N HIS OB 732 106.80 76.54 28.04
CA HIS OB 732 107.68 75.83 27.15
C HIS OB 732 107.49 76.38 25.73
N VAL OB 733 108.56 76.94 25.17
CA VAL OB 733 108.56 77.31 23.76
C VAL OB 733 109.49 76.40 22.99
N PRO OB 734 109.00 75.82 21.88
CA PRO OB 734 109.81 74.85 21.15
C PRO OB 734 111.05 75.53 20.56
N SER OB 735 112.24 75.10 20.95
CA SER OB 735 113.50 75.63 20.40
C SER OB 735 113.90 74.97 19.08
N SER OB 736 114.82 75.58 18.36
CA SER OB 736 115.29 75.04 17.09
C SER OB 736 115.87 73.65 17.26
N ASP OB 737 116.34 73.36 18.47
CA ASP OB 737 116.90 72.04 18.80
C ASP OB 737 115.82 70.97 18.91
N GLU OB 738 114.75 71.30 19.64
CA GLU OB 738 113.64 70.37 19.82
C GLU OB 738 112.91 70.07 18.52
N ILE OB 739 112.57 71.11 17.75
CA ILE OB 739 111.90 70.93 16.46
C ILE OB 739 112.71 70.01 15.57
N THR OB 740 114.03 70.05 15.76
CA THR OB 740 114.92 69.33 14.88
C THR OB 740 114.99 67.83 15.24
N LEU OB 741 114.95 67.52 16.54
CA LEU OB 741 114.78 66.13 17.01
C LEU OB 741 113.37 65.66 16.70
N SER OB 742 112.43 66.56 16.92
CA SER OB 742 111.02 66.37 16.56
C SER OB 742 110.92 65.75 15.17
N ILE OB 743 111.61 66.38 14.22
CA ILE OB 743 111.56 65.95 12.82
C ILE OB 743 112.38 64.71 12.53
N SER OB 744 113.54 64.59 13.18
CA SER OB 744 114.34 63.38 13.07
C SER OB 744 113.45 62.15 13.30
N ILE OB 745 112.70 62.19 14.40
CA ILE OB 745 111.76 61.15 14.79
C ILE OB 745 110.67 60.92 13.75
N LEU OB 746 109.87 61.94 13.49
CA LEU OB 746 108.83 61.86 12.49
C LEU OB 746 109.24 61.02 11.28
N GLU OB 747 110.45 61.23 10.76
CA GLU OB 747 110.85 60.52 9.56
C GLU OB 747 111.37 59.11 9.88
N SER OB 748 111.92 58.94 11.07
CA SER OB 748 112.49 57.66 11.51
C SER OB 748 111.42 56.64 11.93
N LEU OB 749 110.36 57.10 12.58
CA LEU OB 749 109.23 56.23 12.90
C LEU OB 749 108.31 56.09 11.70
N SER OB 750 108.15 57.17 10.96
CA SER OB 750 107.35 57.17 9.72
C SER OB 750 107.87 56.13 8.73
N GLU OB 751 109.19 56.05 8.59
CA GLU OB 751 109.79 55.00 7.78
C GLU OB 751 109.59 53.62 8.41
N TYR OB 752 109.95 53.49 9.68
CA TYR OB 752 109.81 52.20 10.38
C TYR OB 752 108.45 51.57 10.12
N CYS OB 753 107.39 52.36 10.23
CA CYS OB 753 106.04 51.83 10.02
C CYS OB 753 105.82 51.45 8.57
N ILE OB 754 106.17 52.34 7.65
CA ILE OB 754 105.90 52.10 6.24
C ILE OB 754 106.66 50.89 5.68
N ASN OB 755 107.85 50.63 6.24
CA ASN OB 755 108.62 49.47 5.84
C ASN OB 755 107.98 48.19 6.35
N ASN OB 756 107.87 48.06 7.68
CA ASN OB 756 107.27 46.87 8.28
C ASN OB 756 105.89 46.52 7.68
N VAL OB 757 105.19 47.53 7.14
CA VAL OB 757 103.88 47.33 6.48
C VAL OB 757 103.97 47.02 4.99
N GLU OB 758 104.91 47.65 4.30
CA GLU OB 758 105.16 47.33 2.90
C GLU OB 758 105.79 45.93 2.82
N GLU OB 759 106.25 45.41 3.96
CA GLU OB 759 106.81 44.07 4.06
C GLU OB 759 105.67 43.05 4.08
N LEU OB 760 104.75 43.25 5.02
CA LEU OB 760 103.60 42.37 5.21
C LEU OB 760 102.66 42.37 4.01
N MET OB 761 103.02 43.10 2.96
CA MET OB 761 102.26 42.99 1.71
C MET OB 761 102.87 41.87 0.85
N LYS OB 762 103.20 40.80 1.55
CA LYS OB 762 103.29 39.45 1.01
C LYS OB 762 102.37 38.61 1.89
N ALA OB 763 101.09 38.65 1.49
CA ALA OB 763 99.91 38.48 2.34
C ALA OB 763 99.66 37.09 2.97
N PRO OB 764 99.80 36.98 4.31
CA PRO OB 764 99.15 35.87 5.03
C PRO OB 764 97.72 36.21 5.50
N ARG OB 765 96.71 35.72 4.77
CA ARG OB 765 95.31 36.00 5.11
C ARG OB 765 94.91 35.37 6.43
N HIS OB 766 95.53 34.24 6.75
CA HIS OB 766 95.30 33.56 8.01
C HIS OB 766 95.92 34.36 9.16
N ASP OB 767 97.17 34.03 9.50
CA ASP OB 767 97.88 34.62 10.64
C ASP OB 767 96.95 35.18 11.72
N SER OB 768 96.27 36.28 11.39
CA SER OB 768 95.45 37.04 12.34
C SER OB 768 96.37 37.71 13.38
N GLU OB 769 97.55 37.12 13.59
CA GLU OB 769 98.68 37.79 14.23
C GLU OB 769 99.36 38.58 13.12
N TYR OB 770 98.56 38.89 12.11
CA TYR OB 770 98.98 39.65 10.94
C TYR OB 770 98.15 40.94 10.93
N GLY OB 771 96.83 40.78 10.98
CA GLY OB 771 95.92 41.90 11.10
C GLY OB 771 96.13 42.62 12.42
N ASP OB 772 96.81 41.93 13.34
CA ASP OB 772 97.22 42.53 14.62
C ASP OB 772 98.41 43.46 14.40
N MET OB 773 99.30 43.05 13.50
CA MET OB 773 100.54 43.78 13.24
C MET OB 773 100.36 44.95 12.30
N ILE OB 774 99.47 44.80 11.32
CA ILE OB 774 99.14 45.90 10.44
C ILE OB 774 98.38 46.99 11.20
N GLN OB 775 97.45 46.58 12.06
CA GLN OB 775 96.76 47.54 12.92
C GLN OB 775 97.78 48.29 13.78
N LYS OB 776 98.77 47.55 14.28
CA LYS OB 776 99.81 48.12 15.14
C LYS OB 776 100.54 49.23 14.43
N TYR OB 777 101.05 48.93 13.24
CA TYR OB 777 101.84 49.91 12.51
C TYR OB 777 100.98 51.10 12.04
N VAL OB 778 99.70 50.86 11.78
CA VAL OB 778 98.80 51.94 11.38
C VAL OB 778 98.39 52.80 12.58
N LEU OB 779 98.55 52.27 13.79
CA LEU OB 779 98.26 53.07 14.98
C LEU OB 779 99.46 53.90 15.34
N VAL OB 780 100.63 53.29 15.22
CA VAL OB 780 101.88 53.98 15.48
C VAL OB 780 102.06 55.09 14.46
N MET OB 781 101.69 54.79 13.22
CA MET OB 781 101.71 55.80 12.17
C MET OB 781 100.75 56.94 12.50
N THR OB 782 99.55 56.58 12.95
CA THR OB 782 98.51 57.54 13.26
C THR OB 782 98.92 58.50 14.38
N HIS OB 783 99.31 57.95 15.51
CA HIS OB 783 99.72 58.77 16.67
C HIS OB 783 101.04 59.49 16.41
N THR OB 784 101.73 59.05 15.35
CA THR OB 784 102.90 59.76 14.85
C THR OB 784 102.46 61.04 14.13
N LEU OB 785 101.29 60.98 13.49
CA LEU OB 785 100.72 62.14 12.80
C LEU OB 785 100.15 63.17 13.77
N SER OB 786 99.56 62.69 14.85
CA SER OB 786 99.04 63.59 15.89
C SER OB 786 100.16 63.98 16.86
N GLY OB 787 99.89 64.97 17.71
CA GLY OB 787 100.92 65.51 18.59
C GLY OB 787 102.00 66.18 17.76
N SER OB 788 102.62 65.38 16.89
CA SER OB 788 103.42 65.90 15.79
C SER OB 788 102.57 66.74 14.81
N SER OB 789 101.39 67.14 15.27
CA SER OB 789 100.42 67.82 14.43
C SER OB 789 100.65 69.32 14.38
N LEU OB 790 101.47 69.84 15.28
CA LEU OB 790 101.64 71.28 15.33
C LEU OB 790 102.59 71.82 14.26
N LEU OB 791 103.28 70.92 13.56
CA LEU OB 791 104.26 71.31 12.55
C LEU OB 791 103.66 71.43 11.15
N PHE OB 792 102.38 71.14 11.01
CA PHE OB 792 101.75 71.15 9.70
C PHE OB 792 101.03 72.48 9.42
N ASP OB 793 100.94 72.83 8.14
CA ASP OB 793 100.29 74.06 7.73
C ASP OB 793 99.12 73.70 6.84
N PRO OB 794 97.91 74.10 7.26
CA PRO OB 794 96.70 73.91 6.44
C PRO OB 794 96.87 74.43 5.01
N ASP OB 795 97.55 75.57 4.86
CA ASP OB 795 97.61 76.27 3.58
C ASP OB 795 98.62 75.72 2.57
N PHE OB 796 99.57 74.92 3.03
CA PHE OB 796 100.68 74.43 2.21
C PHE OB 796 100.34 74.18 0.72
N ASN OB 797 99.13 73.68 0.44
CA ASN OB 797 98.78 73.28 -0.93
C ASN OB 797 98.47 74.42 -1.89
N LYS OB 798 98.13 75.58 -1.34
CA LYS OB 798 98.00 76.82 -2.11
C LYS OB 798 99.39 77.18 -2.66
N TYR OB 799 100.39 77.10 -1.79
CA TYR OB 799 101.79 77.37 -2.15
C TYR OB 799 102.47 76.12 -2.77
N LEU PB 1 95.15 88.35 5.30
CA LEU PB 1 95.86 87.11 5.58
C LEU PB 1 95.66 86.58 6.99
N ASP PB 2 96.64 86.84 7.85
CA ASP PB 2 96.77 86.15 9.13
C ASP PB 2 96.48 87.04 10.35
N ILE PB 3 95.53 86.60 11.19
CA ILE PB 3 95.07 87.39 12.35
C ILE PB 3 94.94 86.54 13.61
N TYR PB 4 95.35 85.28 13.50
CA TYR PB 4 95.16 84.34 14.58
C TYR PB 4 96.48 84.21 15.35
N THR PB 5 97.57 83.97 14.62
CA THR PB 5 98.94 83.94 15.18
C THR PB 5 99.09 83.08 16.43
N CYS PB 6 99.78 81.95 16.28
CA CYS PB 6 99.90 81.02 17.38
C CYS PB 6 101.31 80.46 17.58
N ASN PB 7 102.34 81.26 17.25
CA ASN PB 7 103.73 80.81 17.37
C ASN PB 7 103.98 79.58 16.51
N TYR PB 8 103.58 79.66 15.24
CA TYR PB 8 103.66 78.48 14.38
C TYR PB 8 105.10 77.97 14.14
N TYR PB 9 106.03 78.40 14.98
CA TYR PB 9 107.46 78.10 14.83
C TYR PB 9 108.06 78.56 13.51
N PHE PB 10 107.63 77.96 12.40
CA PHE PB 10 108.13 78.35 11.09
C PHE PB 10 107.63 79.72 10.65
N GLY PB 11 107.48 80.66 11.59
CA GLY PB 11 107.09 82.01 11.27
C GLY PB 11 105.65 82.16 10.80
N ASN PB 12 104.96 83.17 11.34
CA ASN PB 12 103.54 83.37 11.05
C ASN PB 12 103.27 83.89 9.63
N THR PB 13 102.99 82.98 8.71
CA THR PB 13 102.79 83.27 7.26
C THR PB 13 103.74 84.31 6.63
N THR PB 14 104.96 84.46 7.16
CA THR PB 14 105.94 85.37 6.53
C THR PB 14 106.47 84.80 5.21
N GLU PB 15 106.25 83.50 4.98
CA GLU PB 15 107.09 82.74 4.03
C GLU PB 15 108.53 83.06 4.38
N GLU PB 16 108.71 83.32 5.67
CA GLU PB 16 109.98 83.14 6.34
C GLU PB 16 110.07 81.63 6.40
N LYS PB 17 108.89 81.00 6.20
CA LYS PB 17 108.76 79.55 6.24
C LYS PB 17 109.09 78.91 4.89
N LEU PB 18 108.61 79.49 3.80
CA LEU PB 18 108.89 78.93 2.49
C LEU PB 18 110.40 78.80 2.26
N GLN PB 19 111.17 79.75 2.77
CA GLN PB 19 112.62 79.69 2.74
C GLN PB 19 113.17 78.99 3.98
N ASN PB 20 112.62 77.81 4.26
CA ASN PB 20 113.03 77.01 5.41
C ASN PB 20 113.14 75.54 4.98
N PRO PB 21 114.32 74.97 5.11
CA PRO PB 21 114.53 73.59 4.68
C PRO PB 21 113.66 72.64 5.52
N ASN PB 22 113.50 72.98 6.79
CA ASN PB 22 112.79 72.18 7.78
C ASN PB 22 111.28 72.07 7.49
N TYR PB 23 110.80 72.84 6.52
CA TYR PB 23 109.36 72.97 6.29
C TYR PB 23 108.90 72.26 5.02
N LEU PB 24 109.82 72.07 4.09
CA LEU PB 24 109.53 71.23 2.94
C LEU PB 24 109.86 69.79 3.34
N ASN PB 25 110.72 69.66 4.34
CA ASN PB 25 111.06 68.36 4.91
C ASN PB 25 109.81 67.74 5.51
N VAL PB 26 109.06 68.57 6.23
CA VAL PB 26 107.91 68.10 7.01
C VAL PB 26 106.71 67.66 6.18
N HIS PB 27 106.32 68.48 5.20
CA HIS PB 27 105.16 68.19 4.38
C HIS PB 27 105.43 67.11 3.33
N ARG PB 28 106.70 66.95 2.96
CA ARG PB 28 107.08 65.88 2.04
C ARG PB 28 106.84 64.53 2.72
N VAL PB 29 106.81 64.55 4.04
CA VAL PB 29 106.58 63.36 4.85
C VAL PB 29 105.08 63.06 5.04
N ARG PB 30 104.25 64.10 5.18
CA ARG PB 30 102.80 63.88 5.26
C ARG PB 30 102.24 63.45 3.91
N ALA PB 31 102.91 63.85 2.83
CA ALA PB 31 102.53 63.38 1.51
C ALA PB 31 102.76 61.87 1.38
N ARG PB 32 103.90 61.38 1.87
CA ARG PB 32 104.21 59.95 1.78
C ARG PB 32 103.22 59.14 2.62
N ILE PB 33 102.94 59.62 3.82
CA ILE PB 33 101.94 58.99 4.68
C ILE PB 33 100.57 58.95 4.01
N GLY PB 34 100.21 60.04 3.33
CA GLY PB 34 98.97 60.09 2.59
C GLY PB 34 98.92 59.05 1.47
N HIS PB 35 99.93 59.07 0.60
CA HIS PB 35 100.00 58.13 -0.53
C HIS PB 35 100.16 56.69 -0.05
N PHE PB 36 100.57 56.53 1.20
CA PHE PB 36 100.73 55.21 1.78
C PHE PB 36 99.40 54.69 2.35
N PHE PB 37 98.56 55.59 2.84
CA PHE PB 37 97.26 55.16 3.35
C PHE PB 37 96.39 54.66 2.19
N HIS PB 38 96.47 55.33 1.05
CA HIS PB 38 95.79 54.82 -0.14
C HIS PB 38 96.35 53.45 -0.57
N LYS PB 39 97.68 53.33 -0.60
CA LYS PB 39 98.34 52.06 -0.94
C LYS PB 39 97.78 50.91 -0.09
N LEU PB 40 97.51 51.22 1.19
CA LEU PB 40 96.99 50.24 2.14
C LEU PB 40 95.50 49.99 1.96
N TYR PB 41 94.75 51.05 1.68
CA TYR PB 41 93.32 50.90 1.45
C TYR PB 41 93.05 49.98 0.26
N VAL PB 42 93.68 50.27 -0.88
CA VAL PB 42 93.47 49.40 -2.05
C VAL PB 42 93.93 47.98 -1.78
N PHE PB 43 94.97 47.85 -0.95
CA PHE PB 43 95.48 46.53 -0.60
C PHE PB 43 94.54 45.74 0.31
N LEU PB 44 93.66 46.44 1.03
CA LEU PB 44 92.74 45.75 1.94
C LEU PB 44 91.41 45.43 1.28
N SER PB 45 90.79 46.42 0.64
CA SER PB 45 89.50 46.20 -0.01
C SER PB 45 89.65 45.11 -1.08
N THR PB 46 90.89 44.81 -1.44
CA THR PB 46 91.19 43.79 -2.45
C THR PB 46 91.48 42.44 -1.81
N ASN PB 47 92.25 42.44 -0.73
CA ASN PB 47 92.65 41.22 -0.02
C ASN PB 47 91.81 40.84 1.22
N PHE PB 48 91.08 41.80 1.79
CA PHE PB 48 90.45 41.59 3.11
C PHE PB 48 89.03 42.18 3.28
N GLU PB 49 88.23 42.20 2.22
CA GLU PB 49 86.92 42.88 2.28
C GLU PB 49 86.15 42.51 3.55
N ASN PB 50 86.25 41.25 3.95
CA ASN PB 50 85.51 40.73 5.10
C ASN PB 50 86.24 40.93 6.43
N ASN PB 51 86.72 42.16 6.67
CA ASN PB 51 87.33 42.49 7.96
C ASN PB 51 86.94 43.89 8.45
N THR PB 52 86.57 43.97 9.73
CA THR PB 52 86.12 45.23 10.31
C THR PB 52 87.23 45.88 11.16
N ASN PB 53 87.89 45.09 11.98
CA ASN PB 53 88.94 45.65 12.83
C ASN PB 53 90.04 46.40 12.07
N MET PB 54 90.45 45.90 10.90
CA MET PB 54 91.47 46.58 10.11
C MET PB 54 90.97 47.93 9.67
N PHE PB 55 89.82 47.94 9.01
CA PHE PB 55 89.29 49.15 8.40
C PHE PB 55 88.94 50.25 9.41
N GLN PB 56 88.68 49.86 10.67
CA GLN PB 56 88.42 50.85 11.71
C GLN PB 56 89.68 51.65 12.06
N ILE PB 57 90.79 50.94 12.23
CA ILE PB 57 92.08 51.55 12.56
C ILE PB 57 92.62 52.44 11.44
N LEU PB 58 92.25 52.14 10.21
CA LEU PB 58 92.61 52.95 9.06
C LEU PB 58 91.72 54.21 8.99
N LEU PB 59 90.43 54.03 9.29
CA LEU PB 59 89.48 55.13 9.24
C LEU PB 59 89.75 56.14 10.35
N HIS PB 60 90.49 55.73 11.38
CA HIS PB 60 90.86 56.66 12.43
C HIS PB 60 92.18 57.30 12.04
N GLY PB 61 93.01 56.57 11.33
CA GLY PB 61 94.24 57.14 10.79
C GLY PB 61 93.93 58.23 9.76
N LEU PB 62 92.72 58.23 9.23
CA LEU PB 62 92.36 59.24 8.26
C LEU PB 62 91.62 60.39 8.93
N LYS PB 63 90.83 60.07 9.95
CA LYS PB 63 90.18 61.11 10.77
C LYS PB 63 91.28 62.01 11.36
N VAL PB 64 92.49 61.47 11.47
CA VAL PB 64 93.60 62.24 12.03
C VAL PB 64 94.37 62.98 10.95
N TRP PB 65 94.80 62.26 9.94
CA TRP PB 65 95.55 62.84 8.84
C TRP PB 65 94.82 64.03 8.19
N PHE PB 66 93.48 64.00 8.23
CA PHE PB 66 92.66 65.06 7.63
C PHE PB 66 92.40 66.23 8.58
N THR PB 67 92.50 65.98 9.89
CA THR PB 67 92.12 66.99 10.88
C THR PB 67 93.26 67.54 11.71
N ASP PB 68 93.99 66.65 12.37
CA ASP PB 68 95.17 67.06 13.14
C ASP PB 68 96.24 67.65 12.19
N LEU PB 69 95.96 68.88 11.73
CA LEU PB 69 96.80 69.66 10.82
C LEU PB 69 97.46 70.83 11.54
N GLY PB 70 96.70 71.87 11.79
CA GLY PB 70 97.20 72.95 12.62
C GLY PB 70 97.20 72.56 14.09
N GLN PB 71 96.14 71.87 14.51
CA GLN PB 71 95.84 71.62 15.92
C GLN PB 71 96.06 70.16 16.35
N GLU PB 72 95.49 69.77 17.50
CA GLU PB 72 95.34 68.36 17.87
C GLU PB 72 93.91 68.15 18.41
N THR PB 73 93.03 67.57 17.59
CA THR PB 73 91.60 67.51 17.94
C THR PB 73 91.06 66.13 18.38
N VAL PB 74 91.72 65.06 17.94
CA VAL PB 74 91.46 63.76 18.55
C VAL PB 74 92.60 63.49 19.52
N PHE PB 75 92.24 63.23 20.77
CA PHE PB 75 93.12 63.42 21.92
C PHE PB 75 92.96 64.82 22.52
N ASN PB 76 92.33 65.72 21.77
CA ASN PB 76 92.14 67.10 22.21
C ASN PB 76 91.80 67.16 23.68
N GLU PB 77 90.76 66.41 24.07
CA GLU PB 77 90.28 66.40 25.44
C GLU PB 77 90.27 65.01 26.04
N ASP PB 78 91.45 64.59 26.48
CA ASP PB 78 91.57 63.49 27.41
C ASP PB 78 92.12 64.15 28.66
N PRO PB 79 91.62 63.76 29.84
CA PRO PB 79 92.38 64.24 30.99
C PRO PB 79 93.87 63.97 30.79
N ASN PB 80 94.64 65.06 30.72
CA ASN PB 80 96.10 64.99 30.68
C ASN PB 80 96.65 65.60 31.97
N ALA PB 81 97.92 66.01 31.95
CA ALA PB 81 98.57 66.49 33.18
C ALA PB 81 98.50 68.00 33.41
N PHE PB 82 97.51 68.66 32.81
CA PHE PB 82 97.25 70.07 33.10
C PHE PB 82 95.99 70.19 33.97
N ILE PB 83 96.04 71.08 34.95
CA ILE PB 83 94.88 71.40 35.77
C ILE PB 83 93.81 71.98 34.84
N ASP PB 84 92.54 71.62 35.04
CA ASP PB 84 91.49 72.08 34.13
C ASP PB 84 91.01 73.50 34.44
N VAL PB 85 90.93 74.31 33.39
CA VAL PB 85 90.53 75.71 33.51
C VAL PB 85 89.09 75.84 34.00
N ASP PB 86 88.23 74.93 33.55
CA ASP PB 86 86.83 74.95 33.96
C ASP PB 86 86.62 74.56 35.41
N PHE PB 87 87.36 73.55 35.87
CA PHE PB 87 87.31 73.17 37.28
C PHE PB 87 87.70 74.35 38.16
N LEU PB 88 88.93 74.84 37.94
CA LEU PB 88 89.52 75.85 38.80
C LEU PB 88 88.65 77.09 38.88
N GLU PB 89 88.03 77.43 37.75
CA GLU PB 89 87.13 78.57 37.73
C GLU PB 89 85.99 78.42 38.74
N ASN PB 90 85.48 77.21 38.92
CA ASN PB 90 84.39 76.98 39.88
C ASN PB 90 84.82 77.17 41.33
N VAL PB 91 86.03 76.71 41.60
CA VAL PB 91 86.60 76.76 42.94
C VAL PB 91 86.84 78.17 43.41
N GLN PB 92 87.33 79.02 42.50
CA GLN PB 92 87.90 80.32 42.86
C GLN PB 92 87.01 81.52 42.58
N SER PB 93 86.27 81.50 41.48
CA SER PB 93 85.49 82.67 41.12
C SER PB 93 84.27 82.87 42.03
N LEU PB 94 84.23 84.01 42.71
CA LEU PB 94 82.99 84.50 43.30
C LEU PB 94 82.36 85.39 42.22
N SER PB 95 81.04 85.53 42.25
CA SER PB 95 80.35 86.30 41.21
C SER PB 95 80.01 87.70 41.71
N HIS PB 96 80.10 88.67 40.81
CA HIS PB 96 80.09 90.10 41.15
C HIS PB 96 81.47 90.53 41.68
N VAL PB 97 82.51 89.73 41.38
CA VAL PB 97 83.87 89.98 41.83
C VAL PB 97 84.90 89.70 40.73
N ASN PB 98 85.57 90.75 40.23
CA ASN PB 98 86.48 90.59 39.10
C ASN PB 98 87.72 89.75 39.40
N GLU PB 99 87.78 88.55 38.79
CA GLU PB 99 88.94 87.65 38.83
C GLU PB 99 89.74 87.60 40.15
N PRO PB 100 89.10 87.08 41.21
CA PRO PB 100 89.78 86.90 42.50
C PRO PB 100 90.59 85.62 42.47
N PHE PB 101 91.52 85.50 41.54
CA PHE PB 101 92.18 84.21 41.30
C PHE PB 101 93.58 84.12 41.91
N THR PB 102 93.95 82.89 42.26
CA THR PB 102 95.28 82.63 42.76
C THR PB 102 96.21 82.54 41.56
N ARG PB 103 97.51 82.69 41.78
CA ARG PB 103 98.45 82.57 40.67
C ARG PB 103 98.25 81.30 39.82
N THR PB 104 97.95 80.17 40.46
CA THR PB 104 97.82 78.89 39.75
C THR PB 104 96.82 79.02 38.59
N ASN PB 105 95.67 79.63 38.88
CA ASN PB 105 94.57 79.74 37.93
C ASN PB 105 94.90 80.67 36.77
N PHE PB 106 95.50 81.82 37.07
CA PHE PB 106 95.89 82.76 36.03
C PHE PB 106 96.71 82.06 34.97
N ALA PB 107 97.51 81.08 35.40
CA ALA PB 107 98.44 80.40 34.49
C ALA PB 107 97.78 79.44 33.50
N ILE PB 108 96.78 78.69 33.96
CA ILE PB 108 96.02 77.84 33.05
C ILE PB 108 95.15 78.71 32.14
N ARG PB 109 94.51 79.70 32.75
CA ARG PB 109 93.72 80.69 32.03
C ARG PB 109 94.45 81.19 30.80
N ALA PB 110 95.74 81.43 30.96
CA ALA PB 110 96.60 81.92 29.89
C ALA PB 110 96.96 80.81 28.91
N ASN PB 111 97.37 79.67 29.44
CA ASN PB 111 97.62 78.51 28.60
C ASN PB 111 96.37 78.17 27.80
N SER PB 112 95.22 78.27 28.47
CA SER PB 112 93.93 78.01 27.81
C SER PB 112 93.67 79.00 26.68
N LEU PB 113 94.26 80.20 26.77
CA LEU PB 113 94.07 81.17 25.72
C LEU PB 113 94.94 80.86 24.51
N HIS PB 114 96.18 80.45 24.75
CA HIS PB 114 97.05 80.02 23.66
C HIS PB 114 96.42 78.84 22.91
N GLN PB 115 95.93 77.86 23.67
CA GLN PB 115 95.42 76.62 23.06
C GLN PB 115 94.18 76.89 22.20
N SER PB 116 93.42 77.93 22.56
CA SER PB 116 92.23 78.31 21.78
C SER PB 116 92.58 79.18 20.57
N ARG PB 117 93.72 79.87 20.64
CA ARG PB 117 94.24 80.63 19.50
C ARG PB 117 94.73 79.66 18.42
N VAL PB 118 95.11 78.45 18.83
CA VAL PB 118 95.53 77.44 17.88
C VAL PB 118 94.31 76.88 17.15
N LEU PB 119 93.26 76.55 17.90
CA LEU PB 119 92.07 75.94 17.32
C LEU PB 119 91.28 76.96 16.49
N LEU PB 120 91.48 78.25 16.78
CA LEU PB 120 90.85 79.30 15.96
C LEU PB 120 91.23 79.17 14.49
N HIS PB 121 92.52 78.99 14.21
CA HIS PB 121 93.01 78.88 12.84
C HIS PB 121 92.14 77.94 12.00
N SER PB 122 91.32 78.53 11.14
CA SER PB 122 90.42 77.76 10.27
C SER PB 122 91.22 76.82 9.40
N THR PB 123 90.96 75.52 9.54
CA THR PB 123 91.73 74.50 8.84
C THR PB 123 91.10 74.17 7.50
N ASN PB 124 89.92 74.76 7.27
CA ASN PB 124 89.17 74.64 6.02
C ASN PB 124 90.02 74.97 4.77
N ARG PB 125 90.05 74.07 3.77
CA ARG PB 125 90.95 74.24 2.61
C ARG PB 125 90.44 73.73 1.24
N LYS PB 126 91.31 73.78 0.24
CA LYS PB 126 91.01 73.21 -1.09
C LYS PB 126 91.60 71.80 -1.19
N ALA PB 127 90.81 70.88 -1.76
CA ALA PB 127 91.19 69.47 -1.87
C ALA PB 127 92.50 69.28 -2.66
N SER PB 128 93.40 68.48 -2.12
CA SER PB 128 94.80 68.43 -2.61
C SER PB 128 95.13 67.32 -3.61
N LYS PB 129 94.25 67.07 -4.58
CA LYS PB 129 94.46 65.96 -5.53
C LYS PB 129 94.52 64.58 -4.82
N LEU PB 130 95.55 64.38 -3.99
CA LEU PB 130 95.64 63.20 -3.11
C LEU PB 130 94.56 63.20 -2.04
N GLU PB 131 94.20 64.38 -1.54
CA GLU PB 131 93.13 64.50 -0.55
C GLU PB 131 91.77 64.15 -1.15
N ASN PB 132 91.62 64.38 -2.46
CA ASN PB 132 90.40 63.98 -3.17
C ASN PB 132 90.34 62.46 -3.36
N LEU PB 133 91.52 61.86 -3.51
CA LEU PB 133 91.61 60.41 -3.70
C LEU PB 133 91.21 59.65 -2.43
N LEU PB 134 91.56 60.20 -1.28
CA LEU PB 134 91.29 59.58 0.00
C LEU PB 134 89.85 59.85 0.47
N LEU PB 135 89.26 60.94 -0.01
CA LEU PB 135 87.88 61.26 0.34
C LEU PB 135 86.95 60.40 -0.50
N VAL PB 136 87.44 59.96 -1.65
CA VAL PB 136 86.68 59.04 -2.49
C VAL PB 136 86.72 57.65 -1.87
N ASP PB 137 87.86 57.32 -1.28
CA ASP PB 137 88.00 56.06 -0.58
C ASP PB 137 87.05 56.03 0.64
N ILE PB 138 87.09 57.09 1.42
CA ILE PB 138 86.27 57.20 2.62
C ILE PB 138 84.78 57.08 2.32
N ILE PB 139 84.44 57.22 1.06
CA ILE PB 139 83.06 57.07 0.64
C ILE PB 139 82.75 55.61 0.33
N GLN PB 140 83.59 54.98 -0.49
CA GLN PB 140 83.43 53.55 -0.77
C GLN PB 140 83.38 52.75 0.52
N LEU PB 141 83.77 53.39 1.62
CA LEU PB 141 83.72 52.76 2.94
C LEU PB 141 82.43 53.10 3.68
N ALA PB 142 81.96 54.32 3.51
CA ALA PB 142 80.67 54.71 4.08
C ALA PB 142 79.58 54.19 3.18
N THR PB 143 80.00 53.46 2.16
CA THR PB 143 79.12 52.86 1.16
C THR PB 143 79.28 51.34 1.23
N SER PB 144 80.19 50.88 2.11
CA SER PB 144 80.42 49.46 2.39
C SER PB 144 79.17 48.83 2.97
N LEU PB 145 79.17 47.51 3.14
CA LEU PB 145 77.96 46.80 3.58
C LEU PB 145 77.94 46.40 5.05
N TYR PB 146 79.10 46.43 5.72
CA TYR PB 146 79.20 46.11 7.15
C TYR PB 146 78.95 47.32 8.04
N PRO PB 147 77.95 47.21 8.93
CA PRO PB 147 77.68 48.30 9.88
C PRO PB 147 78.88 48.61 10.78
N ASP PB 148 79.76 47.65 11.00
CA ASP PB 148 80.90 47.91 11.86
C ASP PB 148 81.95 48.76 11.13
N ILE PB 149 81.72 48.99 9.83
CA ILE PB 149 82.62 49.79 8.99
C ILE PB 149 81.93 51.06 8.48
N TYR PB 150 80.76 50.92 7.87
CA TYR PB 150 80.09 52.08 7.31
C TYR PB 150 79.69 53.14 8.35
N LYS PB 151 79.53 52.71 9.60
CA LYS PB 151 79.14 53.65 10.66
C LYS PB 151 80.29 54.53 11.19
N PRO PB 152 81.49 53.97 11.28
CA PRO PB 152 82.59 54.85 11.61
C PRO PB 152 83.06 55.65 10.39
N ALA PB 153 82.92 55.10 9.19
CA ALA PB 153 83.35 55.83 8.00
C ALA PB 153 82.48 57.05 7.79
N GLN PB 154 81.17 56.90 8.01
CA GLN PB 154 80.26 58.03 7.90
C GLN PB 154 80.59 59.11 8.91
N GLY PB 155 80.85 58.70 10.15
CA GLY PB 155 81.25 59.65 11.17
C GLY PB 155 82.58 60.25 10.80
N THR PB 156 83.36 59.53 9.99
CA THR PB 156 84.70 59.94 9.60
C THR PB 156 84.70 60.82 8.34
N LEU PB 157 83.66 60.68 7.53
CA LEU PB 157 83.52 61.49 6.33
C LEU PB 157 82.87 62.82 6.68
N VAL PB 158 82.28 62.90 7.87
CA VAL PB 158 81.69 64.15 8.31
C VAL PB 158 82.77 65.06 8.89
N HIS PB 159 83.74 64.48 9.60
CA HIS PB 159 84.87 65.27 10.10
C HIS PB 159 85.73 65.76 8.91
N CYS PB 160 85.52 65.17 7.73
CA CYS PB 160 86.28 65.51 6.52
C CYS PB 160 85.62 66.53 5.59
N MET PB 161 84.31 66.71 5.72
CA MET PB 161 83.61 67.74 4.97
C MET PB 161 83.63 69.06 5.74
N LYS PB 162 83.90 68.96 7.05
CA LYS PB 162 84.16 70.14 7.88
C LYS PB 162 85.47 70.77 7.43
N GLN PB 163 86.29 69.95 6.77
CA GLN PB 163 87.67 70.30 6.47
C GLN PB 163 87.95 70.59 4.99
N LEU PB 164 87.04 70.21 4.10
CA LEU PB 164 87.26 70.47 2.69
C LEU PB 164 86.18 71.38 2.09
N VAL PB 165 86.48 71.96 0.94
CA VAL PB 165 85.60 72.97 0.36
C VAL PB 165 84.69 72.38 -0.69
N GLY PB 166 83.40 72.74 -0.62
CA GLY PB 166 82.39 72.21 -1.52
C GLY PB 166 82.60 70.72 -1.69
N SER PB 167 82.95 70.06 -0.60
CA SER PB 167 83.21 68.63 -0.60
C SER PB 167 81.90 67.88 -0.66
N TYR PB 168 80.83 68.54 -0.20
CA TYR PB 168 79.49 67.98 -0.31
C TYR PB 168 79.20 67.65 -1.77
N GLY PB 169 79.69 68.49 -2.67
CA GLY PB 169 79.48 68.28 -4.08
C GLY PB 169 80.16 67.02 -4.56
N VAL PB 170 81.37 66.81 -4.07
CA VAL PB 170 82.14 65.62 -4.41
C VAL PB 170 81.39 64.39 -3.95
N VAL PB 171 80.79 64.49 -2.76
CA VAL PB 171 80.05 63.38 -2.17
C VAL PB 171 78.78 63.00 -2.92
N ILE PB 172 77.94 63.98 -3.24
CA ILE PB 172 76.68 63.68 -3.93
C ILE PB 172 76.91 63.11 -5.32
N ASN PB 173 77.80 63.74 -6.08
CA ASN PB 173 78.07 63.28 -7.43
C ASN PB 173 78.79 61.94 -7.45
N LYS PB 174 78.83 61.28 -6.29
CA LYS PB 174 79.33 59.91 -6.16
C LYS PB 174 78.22 59.01 -5.63
N ILE PB 175 77.43 59.56 -4.71
CA ILE PB 175 76.28 58.86 -4.13
C ILE PB 175 75.22 58.49 -5.16
N ILE PB 176 74.53 59.51 -5.64
CA ILE PB 176 73.51 59.37 -6.67
C ILE PB 176 73.88 58.42 -7.82
N PRO PB 177 75.04 58.62 -8.46
CA PRO PB 177 75.45 57.69 -9.50
C PRO PB 177 75.53 56.25 -9.00
N SER PB 178 76.11 56.04 -7.82
CA SER PB 178 76.27 54.69 -7.28
C SER PB 178 75.08 54.26 -6.40
N LEU PB 179 73.99 55.02 -6.45
CA LEU PB 179 72.69 54.60 -5.93
C LEU PB 179 71.77 54.28 -7.09
N GLU PB 180 71.89 55.05 -8.15
CA GLU PB 180 71.16 54.72 -9.37
C GLU PB 180 71.63 53.35 -9.85
N LYS PB 181 72.91 53.06 -9.63
CA LYS PB 181 73.45 51.75 -9.97
C LYS PB 181 72.87 50.66 -9.07
N ALA PB 182 73.02 50.82 -7.75
CA ALA PB 182 72.58 49.82 -6.78
C ALA PB 182 71.08 49.49 -6.86
N ILE PB 183 70.34 50.24 -7.68
CA ILE PB 183 68.92 49.98 -7.92
C ILE PB 183 68.69 49.09 -9.15
N LYS PB 184 69.44 49.33 -10.22
CA LYS PB 184 69.35 48.49 -11.40
C LYS PB 184 70.28 47.27 -11.28
N ASP PB 185 70.86 47.11 -10.09
CA ASP PB 185 71.66 45.93 -9.73
C ASP PB 185 70.92 45.17 -8.63
N HIS PB 186 69.70 45.65 -8.38
CA HIS PB 186 68.76 45.00 -7.46
C HIS PB 186 69.11 44.91 -5.97
N ASP PB 187 68.06 44.48 -5.24
CA ASP PB 187 67.71 44.80 -3.83
C ASP PB 187 68.80 45.15 -2.82
N TYR PB 188 70.01 45.23 -3.33
CA TYR PB 188 71.19 45.63 -2.60
C TYR PB 188 70.97 46.17 -1.18
N MET PB 189 71.85 45.73 -0.29
CA MET PB 189 71.96 46.33 1.02
C MET PB 189 72.84 47.57 0.87
N LYS PB 190 73.27 47.85 -0.36
CA LYS PB 190 74.03 49.08 -0.65
C LYS PB 190 73.06 50.23 -0.85
N ILE PB 191 71.81 49.87 -1.08
CA ILE PB 191 70.73 50.84 -1.11
C ILE PB 191 70.36 51.21 0.32
N GLN PB 192 70.33 50.22 1.18
CA GLN PB 192 70.02 50.45 2.59
C GLN PB 192 71.06 51.36 3.24
N VAL PB 193 72.29 51.32 2.73
CA VAL PB 193 73.38 52.08 3.31
C VAL PB 193 73.38 53.52 2.78
N ILE PB 194 73.20 53.65 1.47
CA ILE PB 194 73.14 54.96 0.84
C ILE PB 194 72.03 55.79 1.46
N LEU PB 195 70.91 55.16 1.78
CA LEU PB 195 69.84 55.85 2.50
C LEU PB 195 70.25 56.26 3.93
N ASN PB 196 71.08 55.47 4.58
CA ASN PB 196 71.55 55.81 5.93
C ASN PB 196 72.41 57.06 5.86
N VAL PB 197 73.18 57.17 4.77
CA VAL PB 197 74.04 58.31 4.52
C VAL PB 197 73.23 59.60 4.39
N LEU PB 198 72.15 59.52 3.62
CA LEU PB 198 71.29 60.67 3.33
C LEU PB 198 70.57 61.23 4.56
N LEU PB 199 70.78 60.61 5.72
CA LEU PB 199 70.10 61.02 6.95
C LEU PB 199 71.07 61.58 8.00
N ILE PB 200 72.32 61.76 7.58
CA ILE PB 200 73.34 62.39 8.38
C ILE PB 200 73.09 63.89 8.52
N LYS PB 201 73.07 64.39 9.75
CA LYS PB 201 72.82 65.81 10.00
C LYS PB 201 73.41 66.70 8.91
N LYS PB 202 74.72 66.63 8.69
CA LYS PB 202 75.38 67.56 7.75
C LYS PB 202 74.99 67.38 6.27
N ILE PB 203 74.58 66.18 5.87
CA ILE PB 203 74.18 65.95 4.48
C ILE PB 203 72.72 66.27 4.23
N HIS PB 204 71.86 65.70 5.05
CA HIS PB 204 70.42 65.94 4.99
C HIS PB 204 70.11 67.43 5.01
N ARG PB 205 71.04 68.22 5.56
CA ARG PB 205 70.87 69.68 5.62
C ARG PB 205 71.24 70.34 4.30
N LYS PB 206 72.43 70.02 3.78
CA LYS PB 206 72.89 70.60 2.53
C LYS PB 206 72.01 70.15 1.34
N LEU PB 207 71.14 69.18 1.60
CA LEU PB 207 70.24 68.64 0.59
C LEU PB 207 69.16 69.61 0.17
N MET PB 208 68.64 70.38 1.13
CA MET PB 208 67.58 71.35 0.87
C MET PB 208 68.12 72.60 0.18
N THR PB 209 69.36 72.51 -0.31
CA THR PB 209 70.04 73.64 -0.94
C THR PB 209 70.57 73.21 -2.30
N ASP PB 210 70.61 71.90 -2.54
CA ASP PB 210 71.10 71.38 -3.80
C ASP PB 210 69.98 71.34 -4.80
N TYR PB 211 69.75 72.47 -5.46
CA TYR PB 211 68.62 72.53 -6.39
C TYR PB 211 68.92 71.73 -7.64
N LYS PB 212 70.17 71.73 -8.08
CA LYS PB 212 70.54 70.96 -9.27
C LYS PB 212 70.14 69.50 -9.06
N ASP PB 213 70.69 68.91 -8.01
CA ASP PB 213 70.66 67.46 -7.85
C ASP PB 213 69.40 66.87 -7.22
N ILE PB 214 68.68 67.66 -6.43
CA ILE PB 214 67.44 67.19 -5.81
C ILE PB 214 66.37 66.89 -6.85
N GLY PB 215 66.56 67.39 -8.06
CA GLY PB 215 65.72 66.98 -9.16
C GLY PB 215 65.84 65.48 -9.26
N ARG PB 216 66.99 65.00 -9.73
CA ARG PB 216 67.24 63.57 -9.95
C ARG PB 216 66.97 62.71 -8.71
N LEU PB 217 67.25 63.26 -7.52
CA LEU PB 217 67.21 62.44 -6.31
C LEU PB 217 65.82 62.01 -5.88
N ILE PB 218 64.86 62.92 -5.94
CA ILE PB 218 63.51 62.58 -5.52
C ILE PB 218 62.94 61.46 -6.37
N PHE PB 219 63.31 61.44 -7.65
CA PHE PB 219 62.83 60.39 -8.56
C PHE PB 219 63.51 59.05 -8.30
N LEU PB 220 64.66 59.09 -7.63
CA LEU PB 220 65.40 57.88 -7.24
C LEU PB 220 64.83 57.33 -5.95
N LEU PB 221 64.53 58.21 -5.00
CA LEU PB 221 63.94 57.82 -3.74
C LEU PB 221 62.52 57.29 -3.96
N ILE PB 222 61.92 57.69 -5.07
CA ILE PB 222 60.60 57.21 -5.45
C ILE PB 222 60.71 55.77 -5.95
N GLU PB 223 61.50 55.56 -7.00
CA GLU PB 223 61.77 54.19 -7.44
C GLU PB 223 62.09 53.32 -6.22
N CYS PB 224 62.77 53.91 -5.24
CA CYS PB 224 63.11 53.21 -4.01
C CYS PB 224 61.93 52.89 -3.09
N CYS PB 225 60.74 53.42 -3.38
CA CYS PB 225 59.61 53.21 -2.48
C CYS PB 225 58.96 51.85 -2.71
N ARG PB 226 59.81 50.87 -2.95
CA ARG PB 226 59.39 49.50 -3.09
C ARG PB 226 60.34 48.62 -2.26
N VAL PB 227 59.84 48.15 -1.12
CA VAL PB 227 60.54 47.17 -0.31
C VAL PB 227 60.64 45.90 -1.14
N ASN PB 228 61.36 45.98 -2.25
CA ASN PB 228 61.66 44.80 -3.06
C ASN PB 228 62.20 43.76 -2.10
N GLU PB 229 62.80 44.25 -1.01
CA GLU PB 229 63.17 43.44 0.14
C GLU PB 229 64.11 44.18 1.11
N LEU PB 230 63.53 44.96 2.04
CA LEU PB 230 64.24 45.37 3.28
C LEU PB 230 63.53 46.48 4.04
N GLU PB 231 64.30 47.18 4.87
CA GLU PB 231 63.80 48.35 5.59
C GLU PB 231 63.74 49.55 4.66
N ILE PB 232 64.27 49.38 3.45
CA ILE PB 232 64.15 50.39 2.40
C ILE PB 232 62.70 50.77 2.23
N GLY PB 233 62.44 51.93 1.63
CA GLY PB 233 61.08 52.31 1.32
C GLY PB 233 60.34 52.80 2.54
N MET PB 234 60.75 52.31 3.70
CA MET PB 234 60.32 52.91 4.94
C MET PB 234 61.22 54.10 5.15
N TYR PB 235 62.49 53.90 4.82
CA TYR PB 235 63.48 54.96 4.90
C TYR PB 235 63.32 55.96 3.75
N ALA PB 236 62.97 55.46 2.57
CA ALA PB 236 62.72 56.37 1.45
C ALA PB 236 61.50 57.27 1.67
N ASP PB 237 60.58 56.86 2.52
CA ASP PB 237 59.41 57.70 2.79
C ASP PB 237 59.71 58.74 3.84
N LYS PB 238 60.42 58.35 4.90
CA LYS PB 238 60.84 59.30 5.92
C LYS PB 238 61.65 60.39 5.26
N ILE PB 239 62.49 60.00 4.30
CA ILE PB 239 63.40 60.92 3.65
C ILE PB 239 62.69 61.87 2.68
N LEU PB 240 61.82 61.33 1.84
CA LEU PB 240 61.04 62.17 0.92
C LEU PB 240 60.10 63.08 1.69
N THR PB 241 59.72 62.65 2.88
CA THR PB 241 58.81 63.43 3.69
C THR PB 241 59.58 64.51 4.41
N ASP PB 242 60.79 64.17 4.86
CA ASP PB 242 61.70 65.15 5.45
C ASP PB 242 61.94 66.30 4.45
N ILE PB 243 61.97 65.94 3.17
CA ILE PB 243 62.30 66.88 2.10
C ILE PB 243 61.23 67.96 1.85
N VAL PB 244 59.97 67.53 1.75
CA VAL PB 244 58.83 68.45 1.64
C VAL PB 244 58.85 69.54 2.69
N ILE PB 245 59.46 69.25 3.83
CA ILE PB 245 59.50 70.19 4.94
C ILE PB 245 60.67 71.20 4.92
N GLY PB 246 61.64 70.99 4.03
CA GLY PB 246 62.69 71.97 3.81
C GLY PB 246 62.50 72.86 2.56
N ILE PB 247 63.62 73.27 1.99
CA ILE PB 247 63.70 73.94 0.67
C ILE PB 247 63.28 75.45 0.50
N LYS PB 248 62.11 75.70 -0.14
CA LYS PB 248 61.52 77.04 -0.53
C LYS PB 248 62.39 78.04 -1.33
N ILE PB 249 62.05 79.34 -1.28
CA ILE PB 249 62.92 80.45 -1.77
C ILE PB 249 62.42 81.88 -1.47
N PRO PB 250 63.35 82.83 -1.19
CA PRO PB 250 62.98 84.19 -0.79
C PRO PB 250 63.23 85.25 -1.84
N SER PB 251 62.20 85.67 -2.56
CA SER PB 251 62.35 86.82 -3.44
C SER PB 251 62.33 88.11 -2.65
N SER PB 252 61.45 88.14 -1.64
CA SER PB 252 61.02 89.39 -1.01
C SER PB 252 62.12 90.25 -0.44
N VAL PB 253 62.29 91.38 -1.14
CA VAL PB 253 63.12 92.50 -0.74
C VAL PB 253 63.10 92.67 0.77
N CYS PB 254 64.10 92.08 1.41
CA CYS PB 254 64.35 92.26 2.81
C CYS PB 254 63.78 93.58 3.25
N VAL PB 255 62.58 93.57 3.81
CA VAL PB 255 62.05 94.75 4.45
C VAL PB 255 63.01 95.23 5.53
N ILE PB 256 64.04 95.95 5.05
CA ILE PB 256 65.15 96.40 5.87
C ILE PB 256 65.10 97.91 5.97
N SER PB 257 65.23 98.44 7.18
CA SER PB 257 65.47 99.87 7.30
C SER PB 257 66.82 100.00 6.63
N ASP PB 258 66.86 100.70 5.49
CA ASP PB 258 68.09 100.78 4.71
C ASP PB 258 69.28 101.13 5.60
N GLN PB 259 68.99 101.51 6.85
CA GLN PB 259 70.02 101.81 7.86
C GLN PB 259 70.66 100.56 8.45
N ALA PB 260 70.46 99.42 7.80
CA ALA PB 260 70.99 98.16 8.27
C ALA PB 260 72.29 97.84 7.56
N PHE PB 261 72.64 98.67 6.58
CA PHE PB 261 73.86 98.46 5.84
C PHE PB 261 74.60 99.76 5.56
N LEU PB 262 73.88 100.88 5.67
CA LEU PB 262 74.47 102.19 5.43
C LEU PB 262 75.65 102.54 6.36
N PRO PB 263 75.44 102.44 7.69
CA PRO PB 263 76.48 102.88 8.63
C PRO PB 263 77.86 102.33 8.31
N LEU PB 264 77.89 101.22 7.58
CA LEU PB 264 79.14 100.56 7.23
C LEU PB 264 79.50 100.82 5.78
N ALA PB 265 78.90 101.85 5.20
CA ALA PB 265 79.14 102.15 3.79
C ALA PB 265 80.48 102.84 3.59
N PRO PB 266 81.38 102.21 2.85
CA PRO PB 266 82.73 102.73 2.63
C PRO PB 266 82.70 104.01 1.80
N PRO PB 267 83.75 104.82 1.92
CA PRO PB 267 83.89 106.04 1.13
C PRO PB 267 83.88 105.67 -0.34
N ASP PB 268 84.55 104.58 -0.69
CA ASP PB 268 84.60 104.10 -2.07
C ASP PB 268 83.43 104.62 -2.86
N GLY PB 269 83.76 105.30 -3.96
CA GLY PB 269 82.75 105.94 -4.76
C GLY PB 269 81.75 104.91 -5.24
N THR PB 270 81.79 104.64 -6.53
CA THR PB 270 80.86 103.70 -7.12
C THR PB 270 81.52 102.34 -7.21
N ILE PB 271 82.68 102.23 -6.57
CA ILE PB 271 83.23 100.92 -6.32
C ILE PB 271 82.20 100.15 -5.44
N ASN PB 272 80.99 100.69 -5.40
CA ASN PB 272 79.80 99.99 -4.95
C ASN PB 272 78.75 99.93 -6.06
N LEU PB 273 79.24 99.69 -7.27
CA LEU PB 273 78.46 99.20 -8.38
C LEU PB 273 78.40 97.70 -8.15
N GLN PB 274 79.47 97.20 -7.55
CA GLN PB 274 79.62 95.80 -7.24
C GLN PB 274 78.38 95.32 -6.51
N VAL PB 275 77.93 96.11 -5.54
CA VAL PB 275 76.75 95.75 -4.78
C VAL PB 275 75.53 95.58 -5.68
N GLU PB 276 75.32 96.51 -6.62
CA GLU PB 276 74.15 96.41 -7.49
C GLU PB 276 74.34 95.34 -8.56
N ALA PB 277 75.51 94.69 -8.56
CA ALA PB 277 75.82 93.61 -9.49
C ALA PB 277 75.58 92.27 -8.83
N VAL PB 278 76.08 92.13 -7.60
CA VAL PB 278 75.72 91.00 -6.77
C VAL PB 278 74.20 90.93 -6.69
N LYS PB 279 73.55 92.03 -6.31
CA LYS PB 279 72.08 92.09 -6.27
C LYS PB 279 71.46 91.38 -7.46
N LEU PB 280 72.16 91.42 -8.59
CA LEU PB 280 71.61 90.92 -9.85
C LEU PB 280 71.91 89.46 -10.14
N ALA PB 281 73.06 89.00 -9.69
CA ALA PB 281 73.39 87.60 -9.85
C ALA PB 281 72.70 86.72 -8.79
N LYS PB 282 72.79 87.09 -7.51
CA LYS PB 282 72.01 86.43 -6.45
C LYS PB 282 70.49 86.62 -6.74
N LYS PB 283 70.18 87.12 -7.94
CA LYS PB 283 68.80 87.35 -8.39
C LYS PB 283 68.46 86.51 -9.61
N LYS PB 284 69.45 85.99 -10.30
CA LYS PB 284 69.15 85.03 -11.35
C LYS PB 284 69.65 83.64 -10.95
N LYS PB 285 70.58 83.59 -10.00
CA LYS PB 285 70.89 82.34 -9.29
C LYS PB 285 69.53 81.95 -8.73
N ARG PB 286 68.84 82.91 -8.12
CA ARG PB 286 67.56 82.63 -7.50
C ARG PB 286 66.51 82.21 -8.52
N GLU PB 287 66.40 82.98 -9.60
CA GLU PB 287 65.35 82.74 -10.58
C GLU PB 287 65.54 81.44 -11.37
N TYR PB 288 66.76 80.91 -11.38
CA TYR PB 288 67.04 79.59 -11.96
C TYR PB 288 66.54 78.54 -10.99
N TYR PB 289 66.89 78.70 -9.72
CA TYR PB 289 66.42 77.79 -8.68
C TYR PB 289 64.90 77.67 -8.73
N LEU PB 290 64.23 78.82 -8.68
CA LEU PB 290 62.79 78.86 -8.68
C LEU PB 290 62.17 78.11 -9.85
N SER PB 291 62.90 78.03 -10.96
CA SER PB 291 62.40 77.39 -12.17
C SER PB 291 62.63 75.88 -12.12
N LEU PB 292 63.70 75.48 -11.43
CA LEU PB 292 64.04 74.07 -11.26
C LEU PB 292 63.00 73.37 -10.47
N LEU PB 293 62.40 74.08 -9.51
CA LEU PB 293 61.32 73.50 -8.73
C LEU PB 293 60.04 73.38 -9.58
N VAL PB 294 59.75 74.38 -10.41
CA VAL PB 294 58.58 74.29 -11.27
C VAL PB 294 58.74 73.16 -12.29
N ASP PB 295 59.97 72.97 -12.75
CA ASP PB 295 60.28 71.87 -13.65
C ASP PB 295 60.05 70.53 -12.93
N LEU PB 296 60.43 70.47 -11.66
CA LEU PB 296 60.23 69.28 -10.82
C LEU PB 296 58.73 69.13 -10.52
N GLN PB 297 58.05 70.24 -10.27
CA GLN PB 297 56.61 70.24 -10.05
C GLN PB 297 55.91 69.56 -11.21
N ASP PB 298 56.13 70.06 -12.43
CA ASP PB 298 55.44 69.53 -13.59
C ASP PB 298 55.89 68.11 -13.97
N LYS PB 299 57.16 67.78 -13.71
CA LYS PB 299 57.68 66.44 -14.03
C LYS PB 299 57.21 65.37 -13.04
N LEU PB 300 56.58 65.80 -11.95
CA LEU PB 300 55.97 64.87 -11.02
C LEU PB 300 54.50 64.68 -11.38
N LEU PB 301 53.78 65.79 -11.50
CA LEU PB 301 52.40 65.75 -11.92
C LEU PB 301 52.26 64.86 -13.15
N ASP PB 302 53.37 64.70 -13.85
CA ASP PB 302 53.46 63.74 -14.95
C ASP PB 302 53.37 62.30 -14.45
N LYS PB 303 54.24 61.96 -13.50
CA LYS PB 303 54.23 60.62 -12.91
C LYS PB 303 53.02 60.37 -11.98
N LEU PB 304 52.14 61.34 -11.84
CA LEU PB 304 50.94 61.17 -10.99
C LEU PB 304 49.71 61.09 -11.85
N ASP PB 305 49.70 61.89 -12.91
CA ASP PB 305 48.58 61.88 -13.82
C ASP PB 305 48.72 60.69 -14.74
N ASN PB 306 49.93 60.46 -15.25
CA ASN PB 306 50.17 59.45 -16.28
C ASN PB 306 50.36 58.02 -15.76
N GLU PB 307 50.85 57.88 -14.53
CA GLU PB 307 51.10 56.57 -13.95
C GLU PB 307 49.78 55.99 -13.44
N LYS PB 308 49.13 55.19 -14.29
CA LYS PB 308 47.76 54.74 -14.04
C LYS PB 308 47.42 54.67 -12.55
N ASP PB 309 48.09 53.80 -11.82
CA ASP PB 309 48.04 53.90 -10.36
C ASP PB 309 49.33 53.50 -9.68
N MET PB 310 49.98 54.50 -9.10
CA MET PB 310 50.97 54.32 -8.05
C MET PB 310 50.15 54.47 -6.79
N GLY PB 311 50.61 53.84 -5.72
CA GLY PB 311 49.75 53.67 -4.56
C GLY PB 311 50.11 54.42 -3.30
N TRP PB 312 49.36 55.48 -3.01
CA TRP PB 312 49.42 56.08 -1.69
C TRP PB 312 50.76 56.78 -1.32
N LYS PB 313 51.77 56.71 -2.18
CA LYS PB 313 52.86 57.68 -2.11
C LYS PB 313 52.55 58.57 -3.27
N ILE PB 314 51.30 58.43 -3.71
CA ILE PB 314 50.56 59.44 -4.43
C ILE PB 314 50.68 60.69 -3.53
N ARG PB 315 51.19 60.48 -2.31
CA ARG PB 315 51.11 61.48 -1.26
C ARG PB 315 52.22 62.51 -1.25
N MET PB 316 53.42 62.12 -1.63
CA MET PB 316 54.54 63.05 -1.62
C MET PB 316 54.22 64.24 -2.49
N PHE PB 317 53.75 63.97 -3.70
CA PHE PB 317 53.38 65.02 -4.64
C PHE PB 317 52.51 66.02 -3.94
N ILE PB 318 51.28 65.60 -3.67
CA ILE PB 318 50.34 66.50 -3.07
C ILE PB 318 50.93 67.23 -1.84
N LEU PB 319 51.55 66.49 -0.92
CA LEU PB 319 52.17 67.12 0.27
C LEU PB 319 53.16 68.21 -0.14
N ARG PB 320 53.52 68.26 -1.43
CA ARG PB 320 54.58 69.17 -1.91
C ARG PB 320 54.16 70.31 -2.87
N PHE PB 321 53.46 69.99 -3.97
CA PHE PB 321 52.95 71.05 -4.85
C PHE PB 321 52.26 72.07 -3.99
N VAL PB 322 51.60 71.58 -2.95
CA VAL PB 322 50.99 72.45 -1.97
C VAL PB 322 51.99 73.45 -1.32
N THR PB 323 53.00 73.01 -0.56
CA THR PB 323 54.01 74.00 -0.08
C THR PB 323 54.78 74.59 -1.27
N GLN PB 324 54.08 74.86 -2.36
CA GLN PB 324 54.72 75.38 -3.57
C GLN PB 324 53.81 76.16 -4.52
N ILE PB 325 52.70 75.59 -4.96
CA ILE PB 325 51.75 76.40 -5.73
C ILE PB 325 51.02 77.34 -4.77
N GLN PB 326 51.53 77.44 -3.54
CA GLN PB 326 51.08 78.48 -2.62
C GLN PB 326 52.16 79.11 -1.74
N SER PB 327 53.39 79.17 -2.23
CA SER PB 327 54.50 79.77 -1.46
C SER PB 327 54.59 81.27 -1.60
N ASN PB 328 54.36 81.79 -2.82
CA ASN PB 328 54.65 83.18 -3.15
C ASN PB 328 56.11 83.40 -3.57
N LEU PB 329 56.73 84.46 -3.02
CA LEU PB 329 58.11 84.87 -3.34
C LEU PB 329 58.43 84.39 -4.77
N GLU PB 330 57.38 84.49 -5.58
CA GLU PB 330 57.13 83.87 -6.90
C GLU PB 330 56.07 82.73 -6.81
N SER PB 331 56.27 81.65 -7.56
CA SER PB 331 55.28 80.55 -7.74
C SER PB 331 54.09 80.93 -8.63
N LYS PB 332 54.20 80.58 -9.91
CA LYS PB 332 53.14 80.88 -10.87
C LYS PB 332 52.01 79.84 -10.72
N PRO PB 333 50.88 80.27 -10.15
CA PRO PB 333 49.75 79.36 -9.89
C PRO PB 333 49.41 78.54 -11.13
N ASP PB 334 49.80 77.27 -11.14
CA ASP PB 334 49.53 76.40 -12.29
C ASP PB 334 48.11 75.87 -12.21
N LYS PB 335 47.42 75.84 -13.34
CA LYS PB 335 46.05 75.35 -13.35
C LYS PB 335 46.02 73.82 -13.51
N ARG PB 336 47.04 73.26 -14.15
CA ARG PB 336 47.11 71.81 -14.35
C ARG PB 336 47.29 71.11 -13.01
N ALA PB 337 47.74 71.88 -12.02
CA ALA PB 337 47.97 71.35 -10.68
C ALA PB 337 46.66 71.26 -9.94
N VAL PB 338 45.94 72.36 -9.89
CA VAL PB 338 44.64 72.41 -9.27
C VAL PB 338 43.71 71.35 -9.85
N PHE PB 339 43.95 70.97 -11.10
CA PHE PB 339 43.18 69.89 -11.69
C PHE PB 339 43.59 68.56 -11.06
N SER PB 340 44.89 68.26 -11.13
CA SER PB 340 45.41 66.99 -10.66
C SER PB 340 45.19 66.77 -9.17
N ILE PB 341 45.31 67.83 -8.37
CA ILE PB 341 45.14 67.74 -6.92
C ILE PB 341 43.71 67.37 -6.54
N ILE PB 342 42.76 67.77 -7.37
CA ILE PB 342 41.37 67.46 -7.13
C ILE PB 342 40.96 66.08 -7.67
N SER PB 343 41.52 65.69 -8.81
CA SER PB 343 41.16 64.42 -9.43
C SER PB 343 41.75 63.25 -8.66
N GLN PB 344 42.40 63.56 -7.53
CA GLN PB 344 42.89 62.53 -6.61
C GLN PB 344 41.85 62.25 -5.53
N ILE PB 345 40.66 62.81 -5.70
CA ILE PB 345 39.52 62.48 -4.84
C ILE PB 345 38.97 61.12 -5.26
N SER PB 346 39.38 60.68 -6.45
CA SER PB 346 38.87 59.45 -7.02
C SER PB 346 39.49 58.20 -6.39
N THR PB 347 40.49 58.37 -5.53
CA THR PB 347 41.01 57.23 -4.78
C THR PB 347 40.26 57.09 -3.46
N LYS PB 348 39.19 57.86 -3.31
CA LYS PB 348 38.33 57.80 -2.12
C LYS PB 348 39.07 57.41 -0.84
N HIS PB 349 40.26 57.95 -0.63
CA HIS PB 349 41.09 57.63 0.53
C HIS PB 349 41.09 58.75 1.58
N PRO PB 350 40.78 58.41 2.85
CA PRO PB 350 40.64 59.39 3.94
C PRO PB 350 41.79 60.39 4.05
N GLU PB 351 43.02 59.90 3.96
CA GLU PB 351 44.21 60.72 4.17
C GLU PB 351 44.47 61.66 3.00
N ILE PB 352 44.24 61.17 1.79
CA ILE PB 352 44.40 61.97 0.59
C ILE PB 352 43.37 63.08 0.55
N ILE PB 353 42.12 62.72 0.81
CA ILE PB 353 41.05 63.70 0.86
C ILE PB 353 41.26 64.80 1.92
N HIS PB 354 41.61 64.41 3.14
CA HIS PB 354 41.92 65.41 4.17
C HIS PB 354 42.96 66.41 3.67
N LEU PB 355 43.80 65.99 2.73
CA LEU PB 355 44.91 66.80 2.24
C LEU PB 355 44.56 67.61 1.01
N VAL PB 356 43.72 67.06 0.14
CA VAL PB 356 43.24 67.81 -1.02
C VAL PB 356 42.52 69.08 -0.59
N VAL PB 357 41.76 68.99 0.49
CA VAL PB 357 41.14 70.15 1.11
C VAL PB 357 42.18 71.12 1.71
N LYS PB 358 43.03 70.58 2.58
CA LYS PB 358 44.09 71.36 3.23
C LYS PB 358 44.92 72.13 2.19
N SER PB 359 44.95 71.59 0.96
CA SER PB 359 45.77 72.12 -0.14
C SER PB 359 45.02 73.13 -1.00
N LEU PB 360 43.84 72.73 -1.42
CA LEU PB 360 42.97 73.59 -2.18
C LEU PB 360 42.63 74.86 -1.40
N LEU PB 361 42.67 74.79 -0.07
CA LEU PB 361 42.34 75.94 0.77
C LEU PB 361 43.54 76.87 0.92
N SER PB 362 44.74 76.33 0.80
CA SER PB 362 45.93 77.16 0.87
C SER PB 362 46.25 77.68 -0.53
N THR PB 363 46.15 76.82 -1.53
CA THR PB 363 46.42 77.18 -2.93
C THR PB 363 45.53 78.32 -3.39
N CYS PB 364 44.46 78.60 -2.64
CA CYS PB 364 43.60 79.73 -2.91
C CYS PB 364 43.95 80.92 -2.01
N ASN PB 365 44.01 80.69 -0.71
CA ASN PB 365 44.34 81.76 0.22
C ASN PB 365 45.66 82.43 -0.15
N LYS PB 366 46.32 81.89 -1.17
CA LYS PB 366 47.51 82.50 -1.79
C LYS PB 366 47.16 83.36 -3.00
N ILE PB 367 46.34 82.80 -3.89
CA ILE PB 367 45.87 83.55 -5.04
C ILE PB 367 45.02 84.71 -4.55
N ILE PB 368 44.14 84.44 -3.59
CA ILE PB 368 43.39 85.48 -2.93
C ILE PB 368 44.33 86.57 -2.43
N SER PB 369 45.40 86.19 -1.75
CA SER PB 369 46.29 87.18 -1.17
C SER PB 369 47.12 87.95 -2.20
N LEU PB 370 47.06 87.55 -3.46
CA LEU PB 370 47.70 88.35 -4.51
C LEU PB 370 46.83 89.56 -4.88
N SER PB 371 45.53 89.35 -4.95
CA SER PB 371 44.59 90.44 -5.17
C SER PB 371 44.60 91.46 -4.04
N ASP PB 372 44.60 90.98 -2.80
CA ASP PB 372 44.54 91.86 -1.64
C ASP PB 372 45.82 92.64 -1.47
N TYR PB 373 46.92 92.10 -1.98
CA TYR PB 373 48.22 92.77 -1.94
C TYR PB 373 48.56 93.45 -3.27
N GLU PB 374 47.68 93.34 -4.26
CA GLU PB 374 47.88 93.93 -5.59
C GLU PB 374 49.20 93.51 -6.25
N TYR PB 375 49.59 92.26 -6.03
CA TYR PB 375 50.81 91.71 -6.60
C TYR PB 375 52.09 92.30 -6.01
N ASP PB 376 51.91 93.11 -4.98
CA ASP PB 376 53.00 93.68 -4.21
C ASP PB 376 53.40 92.65 -3.17
N ILE PB 377 53.97 91.55 -3.62
CA ILE PB 377 54.36 90.45 -2.72
C ILE PB 377 55.08 90.97 -1.47
N THR PB 378 55.88 92.01 -1.65
CA THR PB 378 56.55 92.66 -0.54
C THR PB 378 55.56 93.03 0.59
N ARG PB 379 54.35 93.45 0.20
CA ARG PB 379 53.40 94.08 1.13
C ARG PB 379 52.89 93.19 2.27
N ALA PB 380 53.30 91.93 2.26
CA ALA PB 380 52.92 91.04 3.35
C ALA PB 380 53.72 91.37 4.58
N TYR PB 381 55.02 91.44 4.37
CA TYR PB 381 55.99 91.64 5.45
C TYR PB 381 56.18 93.12 5.81
N LYS PB 382 55.34 93.98 5.26
CA LYS PB 382 55.34 95.37 5.65
C LYS PB 382 54.17 95.61 6.59
N ASN PB 383 54.46 96.00 7.83
CA ASN PB 383 53.41 96.24 8.82
C ASN PB 383 52.63 97.54 8.60
N GLU PB 384 52.64 98.00 7.35
CA GLU PB 384 51.59 98.90 6.83
C GLU PB 384 50.59 97.99 6.11
N PHE PB 385 49.92 97.20 6.95
CA PHE PB 385 49.02 96.14 6.53
C PHE PB 385 48.00 96.59 5.50
N ASN PB 386 48.45 96.56 4.24
CA ASN PB 386 47.66 96.89 3.06
C ASN PB 386 46.16 96.67 3.10
N PRO PB 387 45.74 95.41 2.89
CA PRO PB 387 44.45 95.00 2.33
C PRO PB 387 43.46 96.14 2.12
N SER PB 388 43.09 96.32 0.85
CA SER PB 388 42.18 97.38 0.43
C SER PB 388 40.87 97.47 1.24
N PHE PB 389 40.54 96.40 1.96
CA PHE PB 389 39.29 96.34 2.71
C PHE PB 389 39.49 96.45 4.22
N VAL PB 390 40.72 96.71 4.65
CA VAL PB 390 40.98 97.03 6.04
C VAL PB 390 40.92 98.54 6.22
N GLU PB 391 40.35 99.00 7.33
CA GLU PB 391 40.19 100.43 7.57
C GLU PB 391 40.55 100.79 9.00
N ILE PB 392 41.43 101.77 9.17
CA ILE PB 392 41.82 102.26 10.51
C ILE PB 392 40.84 103.33 11.02
N LEU PB 393 40.60 103.34 12.33
CA LEU PB 393 39.68 104.30 12.95
C LEU PB 393 40.27 105.04 14.15
N ASP PB 394 40.11 106.36 14.15
CA ASP PB 394 40.64 107.20 15.22
C ASP PB 394 39.69 107.17 16.38
N THR PB 395 40.23 106.88 17.56
CA THR PB 395 39.42 106.54 18.72
C THR PB 395 39.40 107.67 19.77
N SER PB 396 40.32 108.62 19.64
CA SER PB 396 40.36 109.76 20.54
C SER PB 396 39.14 110.66 20.32
N THR PB 397 38.65 110.68 19.07
CA THR PB 397 37.44 111.43 18.66
C THR PB 397 36.46 111.72 19.80
N THR PB 398 36.45 112.95 20.31
CA THR PB 398 35.44 113.30 21.31
C THR PB 398 34.07 112.92 20.75
N SER PB 399 33.57 111.77 21.24
CA SER PB 399 32.29 111.18 20.86
C SER PB 399 32.34 109.65 20.65
N PHE PB 400 33.52 109.11 20.34
CA PHE PB 400 33.65 107.70 19.91
C PHE PB 400 33.03 106.65 20.81
N PRO PB 401 33.38 106.64 22.11
CA PRO PB 401 32.84 105.66 23.04
C PRO PB 401 31.38 105.25 22.79
N LYS PB 402 30.54 106.16 22.32
CA LYS PB 402 29.13 105.85 22.12
C LYS PB 402 28.75 105.56 20.68
N THR PB 403 29.74 105.55 19.79
CA THR PB 403 29.54 105.05 18.43
C THR PB 403 29.60 103.56 18.57
N PHE PB 404 30.68 103.11 19.19
CA PHE PB 404 30.91 101.71 19.46
C PHE PB 404 29.69 101.06 20.07
N THR PB 405 29.36 101.45 21.30
CA THR PB 405 28.25 100.87 22.02
C THR PB 405 26.97 100.80 21.20
N GLU PB 406 26.66 101.88 20.49
CA GLU PB 406 25.43 101.96 19.73
C GLU PB 406 25.61 101.49 18.29
N GLU PB 407 26.73 100.85 18.01
CA GLU PB 407 27.05 100.37 16.67
C GLU PB 407 27.29 98.88 16.78
N MET PB 408 27.58 98.43 18.00
CA MET PB 408 27.68 97.01 18.27
C MET PB 408 26.30 96.39 18.44
N ASN PB 409 25.31 97.24 18.76
CA ASN PB 409 23.92 96.78 18.87
C ASN PB 409 23.18 96.86 17.54
N ASN PB 410 23.89 97.39 16.54
CA ASN PB 410 23.33 97.55 15.20
C ASN PB 410 23.53 96.32 14.32
N PHE PB 411 22.43 95.64 13.96
CA PHE PB 411 22.53 94.38 13.22
C PHE PB 411 22.04 94.47 11.78
N ASP PB 412 21.35 95.56 11.45
CA ASP PB 412 20.68 95.71 10.17
C ASP PB 412 21.45 96.61 9.19
N ASN PB 413 21.92 97.74 9.69
CA ASN PB 413 22.70 98.71 8.93
C ASN PB 413 24.12 98.76 9.50
N PRO PB 414 24.88 97.66 9.34
CA PRO PB 414 26.16 97.53 10.03
C PRO PB 414 27.22 98.38 9.36
N LYS PB 415 28.00 99.15 10.13
CA LYS PB 415 29.01 100.03 9.56
C LYS PB 415 30.41 99.44 9.52
N TYR PB 416 30.80 98.67 10.55
CA TYR PB 416 32.06 97.93 10.51
C TYR PB 416 32.00 96.62 11.26
N PHE PB 417 32.92 95.72 10.93
CA PHE PB 417 33.01 94.41 11.59
C PHE PB 417 34.39 94.17 12.14
N ILE PB 418 34.50 93.59 13.34
CA ILE PB 418 35.78 93.05 13.79
C ILE PB 418 35.70 91.54 13.88
N ASP PB 419 36.02 90.87 12.78
CA ASP PB 419 36.25 89.45 12.79
C ASP PB 419 37.47 89.24 13.68
N LEU PB 420 37.44 88.19 14.49
CA LEU PB 420 38.52 87.85 15.42
C LEU PB 420 38.29 88.41 16.82
N ARG PB 421 39.38 88.63 17.53
CA ARG PB 421 39.29 89.00 18.93
C ARG PB 421 39.46 90.51 19.05
N ALA PB 422 38.42 91.16 19.55
CA ALA PB 422 38.38 92.63 19.62
C ALA PB 422 39.16 93.20 20.82
N TYR PB 423 40.36 93.69 20.58
CA TYR PB 423 41.20 94.23 21.65
C TYR PB 423 40.89 95.70 21.99
N VAL PB 424 41.03 96.59 21.02
CA VAL PB 424 40.90 98.01 21.29
C VAL PB 424 39.61 98.33 22.03
N GLY PB 425 39.72 99.24 22.99
CA GLY PB 425 38.62 99.55 23.90
C GLY PB 425 38.89 98.83 25.19
N TRP PB 426 37.82 98.53 25.92
CA TRP PB 426 37.92 97.69 27.12
C TRP PB 426 38.58 98.45 28.24
N LEU PB 427 39.87 98.71 28.09
CA LEU PB 427 40.57 99.49 29.09
C LEU PB 427 40.31 100.96 28.82
N CYS PB 428 40.74 101.43 27.67
CA CYS PB 428 40.52 102.81 27.29
C CYS PB 428 40.66 102.97 25.78
N TRP PB 429 40.12 104.08 25.29
CA TRP PB 429 40.17 104.41 23.90
C TRP PB 429 41.32 105.39 23.63
N GLY PB 430 41.72 105.53 22.38
CA GLY PB 430 42.74 106.50 22.02
C GLY PB 430 43.65 106.00 20.92
N ARG PB 431 43.86 104.70 20.92
CA ARG PB 431 44.66 104.03 19.90
C ARG PB 431 43.94 104.09 18.57
N LEU PB 432 44.65 103.79 17.49
CA LEU PB 432 44.01 103.53 16.22
C LEU PB 432 43.50 102.09 16.22
N MET PB 433 42.39 101.83 15.54
CA MET PB 433 41.73 100.53 15.62
C MET PB 433 41.53 99.86 14.27
N TYR PB 434 42.32 98.83 13.98
CA TYR PB 434 42.17 98.10 12.72
C TYR PB 434 40.81 97.41 12.62
N VAL PB 435 40.09 97.65 11.52
CA VAL PB 435 38.72 97.17 11.35
C VAL PB 435 38.44 96.73 9.91
N MET PB 436 37.29 96.08 9.69
CA MET PB 436 36.93 95.56 8.37
C MET PB 436 35.65 96.14 7.77
N SER PB 437 35.61 96.21 6.44
CA SER PB 437 34.51 96.87 5.71
C SER PB 437 33.40 95.91 5.35
N PRO PB 438 32.17 96.44 5.34
CA PRO PB 438 30.90 95.75 5.04
C PRO PB 438 30.81 95.29 3.59
N LYS PB 439 29.97 94.29 3.37
CA LYS PB 439 29.78 93.68 2.07
C LYS PB 439 31.12 93.62 1.34
N ALA PB 440 32.15 93.17 2.06
CA ALA PB 440 33.50 93.09 1.53
C ALA PB 440 33.52 92.72 0.04
N LEU PB 441 34.46 93.30 -0.69
CA LEU PB 441 34.55 93.04 -2.11
C LEU PB 441 35.09 91.65 -2.34
N LYS PB 442 35.08 91.26 -3.61
CA LYS PB 442 36.12 90.40 -4.17
C LYS PB 442 36.99 91.43 -4.84
N LEU PB 443 38.24 91.11 -5.14
CA LEU PB 443 39.03 92.01 -5.95
C LEU PB 443 39.57 91.26 -7.15
N ASN PB 444 40.13 92.03 -8.08
CA ASN PB 444 40.56 91.56 -9.39
C ASN PB 444 41.93 90.92 -9.36
N LEU PB 445 42.13 89.93 -10.22
CA LEU PB 445 43.46 89.36 -10.44
C LEU PB 445 43.68 89.19 -11.94
N ARG PB 446 44.93 89.01 -12.34
CA ARG PB 446 45.28 88.85 -13.75
C ARG PB 446 44.67 87.56 -14.30
N GLU PB 447 44.83 87.30 -15.61
CA GLU PB 447 44.14 86.17 -16.20
C GLU PB 447 44.69 84.82 -15.75
N ASN PB 448 46.00 84.71 -15.62
CA ASN PB 448 46.58 83.45 -15.15
C ASN PB 448 45.95 82.98 -13.84
N GLU PB 449 45.80 83.90 -12.90
CA GLU PB 449 45.17 83.61 -11.62
C GLU PB 449 43.66 83.38 -11.76
N LEU PB 450 43.08 83.90 -12.82
CA LEU PB 450 41.64 83.82 -12.99
C LEU PB 450 41.25 82.43 -13.45
N GLU PB 451 41.98 81.93 -14.44
CA GLU PB 451 41.62 80.66 -15.05
C GLU PB 451 41.91 79.53 -14.08
N VAL PB 452 42.74 79.80 -13.07
CA VAL PB 452 43.01 78.79 -12.06
C VAL PB 452 41.80 78.57 -11.13
N LEU PB 453 41.21 79.66 -10.63
CA LEU PB 453 40.02 79.55 -9.80
C LEU PB 453 38.81 79.02 -10.58
N LYS PB 454 38.73 79.35 -11.87
CA LYS PB 454 37.71 78.77 -12.73
C LYS PB 454 37.83 77.25 -12.68
N THR PB 455 39.07 76.73 -12.75
CA THR PB 455 39.32 75.29 -12.78
C THR PB 455 39.07 74.63 -11.43
N ALA PB 456 38.39 75.32 -10.53
CA ALA PB 456 38.01 74.76 -9.25
C ALA PB 456 36.49 74.67 -9.15
N GLY PB 457 35.83 75.81 -9.32
CA GLY PB 457 34.38 75.85 -9.33
C GLY PB 457 33.77 75.01 -10.45
N HIS PB 458 34.53 74.77 -11.52
CA HIS PB 458 34.06 73.90 -12.60
C HIS PB 458 34.30 72.46 -12.18
N LEU PB 459 34.94 72.30 -11.04
CA LEU PB 459 35.22 70.98 -10.49
C LEU PB 459 34.53 70.70 -9.14
N LEU PB 460 33.94 71.73 -8.53
CA LEU PB 460 33.17 71.57 -7.29
C LEU PB 460 31.69 71.29 -7.56
N THR PB 461 31.41 70.12 -8.13
CA THR PB 461 30.05 69.77 -8.57
C THR PB 461 29.14 69.47 -7.37
N ARG PB 462 27.83 69.45 -7.61
CA ARG PB 462 26.91 68.99 -6.57
C ARG PB 462 27.50 67.66 -6.10
N GLU PB 463 28.03 66.89 -7.04
CA GLU PB 463 28.55 65.55 -6.77
C GLU PB 463 29.87 65.49 -5.99
N PHE PB 464 30.74 66.47 -6.17
CA PHE PB 464 32.06 66.44 -5.56
C PHE PB 464 32.06 66.83 -4.09
N LEU PB 465 31.14 67.71 -3.69
CA LEU PB 465 31.03 68.06 -2.28
C LEU PB 465 30.25 66.95 -1.57
N ARG PB 466 29.58 66.14 -2.36
CA ARG PB 466 28.85 65.00 -1.82
C ARG PB 466 29.87 63.96 -1.40
N ASP PB 467 30.77 63.61 -2.33
CA ASP PB 467 31.79 62.58 -2.09
C ASP PB 467 32.75 62.96 -0.97
N VAL PB 468 33.11 64.25 -0.93
CA VAL PB 468 34.19 64.72 -0.05
C VAL PB 468 33.77 64.91 1.40
N THR PB 469 32.56 65.41 1.63
CA THR PB 469 32.11 65.52 3.01
C THR PB 469 31.73 64.16 3.60
N MET PB 470 31.15 63.29 2.77
CA MET PB 470 30.84 61.94 3.20
C MET PB 470 32.05 61.32 3.87
N ASN PB 471 33.12 61.21 3.09
CA ASN PB 471 34.41 60.76 3.59
C ASN PB 471 34.85 61.43 4.91
N LEU PB 472 34.85 62.75 4.96
CA LEU PB 472 35.30 63.46 6.15
C LEU PB 472 34.47 63.10 7.35
N VAL PB 473 33.30 62.53 7.12
CA VAL PB 473 32.43 62.14 8.21
C VAL PB 473 32.82 60.77 8.72
N GLN PB 474 33.16 59.89 7.80
CA GLN PB 474 33.50 58.52 8.18
C GLN PB 474 34.87 58.42 8.84
N ASP PB 475 35.84 59.18 8.34
CA ASP PB 475 37.14 59.25 9.01
C ASP PB 475 36.97 59.92 10.36
N ASN PB 476 35.81 60.56 10.51
CA ASN PB 476 35.53 61.39 11.67
C ASN PB 476 34.76 60.67 12.77
N GLU PB 477 34.23 59.50 12.44
CA GLU PB 477 33.41 58.73 13.36
C GLU PB 477 34.25 58.24 14.52
N THR PB 478 35.52 57.95 14.23
CA THR PB 478 36.46 57.48 15.23
C THR PB 478 36.70 58.56 16.30
N ARG PB 479 36.81 59.82 15.87
CA ARG PB 479 37.39 60.88 16.70
C ARG PB 479 36.43 61.90 17.34
N GLY PB 480 35.43 62.37 16.58
CA GLY PB 480 34.63 63.50 17.02
C GLY PB 480 35.14 64.76 16.33
N VAL PB 481 35.85 65.61 17.05
CA VAL PB 481 36.67 66.66 16.43
C VAL PB 481 35.92 67.73 15.62
N PHE PB 482 36.59 68.85 15.34
CA PHE PB 482 35.99 69.96 14.61
C PHE PB 482 36.90 70.56 13.50
N SER PB 483 38.18 70.75 13.81
CA SER PB 483 39.16 71.41 12.92
C SER PB 483 38.56 72.56 12.12
N SER PB 484 39.07 73.76 12.38
CA SER PB 484 38.66 74.94 11.62
C SER PB 484 39.01 74.72 10.17
N GLY PB 485 40.10 73.98 9.93
CA GLY PB 485 40.54 73.67 8.59
C GLY PB 485 39.37 73.26 7.71
N ASN PB 486 38.36 72.66 8.33
CA ASN PB 486 37.16 72.28 7.62
C ASN PB 486 36.26 73.49 7.28
N VAL PB 487 36.03 74.35 8.26
CA VAL PB 487 35.15 75.50 8.07
C VAL PB 487 35.79 76.52 7.14
N SER PB 488 37.06 76.83 7.36
CA SER PB 488 37.76 77.82 6.55
C SER PB 488 37.89 77.34 5.10
N PHE PB 489 37.36 76.15 4.82
CA PHE PB 489 37.31 75.61 3.47
C PHE PB 489 35.96 75.93 2.84
N PHE PB 490 34.92 75.93 3.66
CA PHE PB 490 33.59 76.19 3.17
C PHE PB 490 33.37 77.66 2.87
N SER PB 491 33.93 78.53 3.70
CA SER PB 491 33.93 79.94 3.36
C SER PB 491 34.54 80.12 1.97
N LEU PB 492 35.52 79.30 1.65
CA LEU PB 492 36.21 79.37 0.35
C LEU PB 492 35.31 78.98 -0.80
N VAL PB 493 34.55 77.91 -0.61
CA VAL PB 493 33.60 77.50 -1.63
C VAL PB 493 32.62 78.63 -1.88
N ILE PB 494 32.33 79.36 -0.81
CA ILE PB 494 31.38 80.47 -0.86
C ILE PB 494 31.94 81.64 -1.66
N LEU PB 495 33.19 81.99 -1.39
CA LEU PB 495 33.85 83.03 -2.17
C LEU PB 495 33.76 82.65 -3.63
N LEU PB 496 34.30 81.48 -3.96
CA LEU PB 496 34.21 80.95 -5.33
C LEU PB 496 32.79 80.95 -5.90
N ILE PB 497 31.79 80.66 -5.07
CA ILE PB 497 30.42 80.54 -5.56
C ILE PB 497 29.94 81.85 -6.11
N SER PB 498 29.44 82.73 -5.25
CA SER PB 498 28.97 84.01 -5.75
C SER PB 498 30.11 85.01 -5.72
N SER PB 499 31.11 84.72 -6.55
CA SER PB 499 32.04 85.69 -7.07
C SER PB 499 32.22 85.33 -8.53
N GLY PB 500 31.67 84.18 -8.91
CA GLY PB 500 31.58 83.81 -10.31
C GLY PB 500 32.01 82.40 -10.71
N PHE PB 501 33.02 81.86 -10.01
CA PHE PB 501 33.73 80.66 -10.48
C PHE PB 501 33.04 79.30 -10.30
N CYS PB 502 32.10 79.19 -9.38
CA CYS PB 502 31.52 77.88 -9.11
C CYS PB 502 30.12 77.75 -9.68
N GLU PB 503 29.29 78.75 -9.43
CA GLU PB 503 27.89 78.66 -9.81
C GLU PB 503 27.34 77.35 -9.27
N LEU PB 504 27.00 77.36 -7.99
CA LEU PB 504 26.37 76.23 -7.35
C LEU PB 504 25.13 76.74 -6.63
N ASN PB 505 25.02 78.06 -6.54
CA ASN PB 505 23.94 78.70 -5.80
C ASN PB 505 23.93 78.23 -4.35
N MET PB 506 23.74 79.16 -3.42
CA MET PB 506 23.81 78.83 -2.00
C MET PB 506 22.79 77.77 -1.61
N SER PB 507 21.65 77.76 -2.29
CA SER PB 507 20.60 76.80 -1.98
C SER PB 507 21.07 75.37 -2.15
N ASP PB 508 22.34 75.20 -2.50
CA ASP PB 508 22.93 73.88 -2.63
C ASP PB 508 23.64 73.47 -1.34
N LEU PB 509 24.16 74.46 -0.61
CA LEU PB 509 24.79 74.18 0.67
C LEU PB 509 23.76 74.10 1.80
N PHE PB 510 22.55 74.57 1.53
CA PHE PB 510 21.48 74.47 2.52
C PHE PB 510 20.93 73.04 2.55
N GLU PB 511 21.06 72.32 1.44
CA GLU PB 511 20.65 70.92 1.40
C GLU PB 511 21.79 70.07 1.90
N LEU PB 512 22.98 70.33 1.37
CA LEU PB 512 24.19 69.66 1.82
C LEU PB 512 24.31 69.72 3.34
N CYS PB 513 23.69 70.74 3.94
CA CYS PB 513 23.71 70.91 5.39
C CYS PB 513 22.53 70.21 6.06
N GLU PB 514 21.30 70.56 5.66
CA GLU PB 514 20.10 69.90 6.18
C GLU PB 514 20.26 68.40 6.00
N SER PB 515 21.06 68.02 5.00
CA SER PB 515 21.32 66.63 4.64
C SER PB 515 22.05 65.86 5.73
N TYR PB 516 23.13 66.45 6.25
CA TYR PB 516 24.00 65.75 7.19
C TYR PB 516 23.47 65.83 8.63
N TYR PB 517 22.24 66.31 8.78
CA TYR PB 517 21.65 66.36 10.11
C TYR PB 517 20.75 65.15 10.39
N ASN PB 518 21.39 64.03 10.73
CA ASN PB 518 20.72 62.86 11.29
C ASN PB 518 20.84 62.95 12.80
N LYS PB 519 19.71 63.13 13.49
CA LYS PB 519 19.73 63.30 14.94
C LYS PB 519 20.55 62.21 15.60
N ASP PB 520 20.89 61.17 14.81
CA ASP PB 520 21.59 59.97 15.28
C ASP PB 520 23.12 60.02 15.14
N ASP PB 521 23.60 60.19 13.90
CA ASP PB 521 25.04 60.13 13.60
C ASP PB 521 25.81 61.39 14.07
N LYS PB 522 26.72 61.23 15.03
CA LYS PB 522 27.43 62.36 15.64
C LYS PB 522 28.44 63.01 14.70
N ALA PB 523 29.24 62.18 14.03
CA ALA PB 523 30.28 62.68 13.14
C ALA PB 523 29.65 63.27 11.88
N SER PB 524 28.36 62.97 11.72
CA SER PB 524 27.57 63.42 10.57
C SER PB 524 26.94 64.77 10.89
N MET PB 525 26.51 64.94 12.15
CA MET PB 525 26.03 66.23 12.62
C MET PB 525 27.17 67.25 12.69
N ILE PB 526 28.34 66.80 13.11
CA ILE PB 526 29.52 67.65 13.20
C ILE PB 526 29.90 68.23 11.85
N MET PB 527 29.56 67.51 10.78
CA MET PB 527 29.77 68.01 9.43
C MET PB 527 28.72 69.04 9.06
N SER PB 528 27.51 68.83 9.53
CA SER PB 528 26.43 69.79 9.27
C SER PB 528 26.75 71.13 9.92
N VAL PB 529 27.18 71.11 11.17
CA VAL PB 529 27.47 72.34 11.90
C VAL PB 529 28.82 72.94 11.52
N GLU PB 530 29.72 72.14 10.95
CA GLU PB 530 30.93 72.67 10.36
C GLU PB 530 30.52 73.50 9.13
N ILE PB 531 29.45 73.07 8.47
CA ILE PB 531 28.89 73.76 7.31
C ILE PB 531 28.27 75.10 7.70
N VAL PB 532 27.53 75.11 8.80
CA VAL PB 532 26.89 76.33 9.24
C VAL PB 532 27.91 77.43 9.54
N ALA PB 533 28.94 77.07 10.30
CA ALA PB 533 29.99 78.02 10.66
C ALA PB 533 30.70 78.60 9.44
N GLY PB 534 30.65 77.90 8.32
CA GLY PB 534 31.20 78.40 7.08
C GLY PB 534 30.31 79.44 6.43
N LEU PB 535 29.00 79.27 6.57
CA LEU PB 535 28.02 80.20 5.99
C LEU PB 535 28.04 81.52 6.74
N VAL PB 536 28.56 81.49 7.96
CA VAL PB 536 28.68 82.71 8.74
C VAL PB 536 30.08 83.33 8.59
N CYS PB 537 31.01 82.56 8.04
CA CYS PB 537 32.32 83.11 7.72
C CYS PB 537 32.35 83.44 6.24
N GLY PB 538 31.17 83.41 5.61
CA GLY PB 538 31.03 83.68 4.18
C GLY PB 538 30.17 84.90 3.98
N SER PB 539 30.52 85.94 4.73
CA SER PB 539 29.96 87.26 4.56
C SER PB 539 31.11 88.18 4.11
N LYS PB 540 32.33 87.69 4.29
CA LYS PB 540 33.47 88.15 3.52
C LYS PB 540 33.25 87.53 2.11
N PHE PB 541 32.16 87.97 1.50
CA PHE PB 541 31.69 87.49 0.21
C PHE PB 541 30.37 88.20 -0.07
N MET PB 542 30.24 88.76 -1.26
CA MET PB 542 29.18 89.71 -1.58
C MET PB 542 27.73 89.23 -1.41
N SER PB 543 26.90 89.65 -2.36
CA SER PB 543 25.45 89.41 -2.38
C SER PB 543 24.73 89.74 -1.07
N VAL PB 544 23.97 90.84 -1.06
CA VAL PB 544 23.12 91.15 0.08
C VAL PB 544 21.82 90.37 -0.08
N SER PB 545 21.65 89.79 -1.26
CA SER PB 545 20.47 88.98 -1.56
C SER PB 545 20.72 87.52 -1.25
N ASP PB 546 21.98 87.14 -1.09
CA ASP PB 546 22.34 85.81 -0.60
C ASP PB 546 22.53 85.87 0.92
N LEU PB 547 23.01 87.00 1.42
CA LEU PB 547 23.16 87.19 2.86
C LEU PB 547 21.78 87.31 3.51
N ASP PB 548 20.74 87.32 2.69
CA ASP PB 548 19.38 87.27 3.21
C ASP PB 548 18.78 85.87 3.02
N LYS PB 549 19.20 85.19 1.96
CA LYS PB 549 18.79 83.79 1.75
C LYS PB 549 19.42 82.94 2.84
N ARG PB 550 20.50 83.44 3.42
CA ARG PB 550 21.26 82.70 4.41
C ARG PB 550 20.82 83.04 5.83
N ASP PB 551 20.52 84.30 6.08
CA ASP PB 551 19.93 84.69 7.35
C ASP PB 551 18.57 84.00 7.50
N THR PB 552 17.92 83.72 6.38
CA THR PB 552 16.60 83.11 6.39
C THR PB 552 16.66 81.59 6.60
N PHE PB 553 17.65 80.96 5.98
CA PHE PB 553 17.86 79.53 6.16
C PHE PB 553 18.28 79.20 7.58
N ILE PB 554 18.95 80.14 8.23
CA ILE PB 554 19.52 79.88 9.54
C ILE PB 554 18.52 80.02 10.70
N GLU PB 555 17.53 80.89 10.56
CA GLU PB 555 16.54 80.99 11.61
C GLU PB 555 15.59 79.83 11.50
N ASN PB 556 15.47 79.29 10.29
CA ASN PB 556 14.64 78.13 10.00
C ASN PB 556 15.27 76.84 10.48
N PHE PB 557 16.59 76.78 10.39
CA PHE PB 557 17.34 75.58 10.75
C PHE PB 557 17.55 75.45 12.26
N LEU PB 558 18.03 76.52 12.90
CA LEU PB 558 18.15 76.56 14.35
C LEU PB 558 16.81 76.25 15.02
N ALA PB 559 15.72 76.47 14.29
CA ALA PB 559 14.41 76.09 14.79
C ALA PB 559 14.31 74.57 14.85
N LYS PB 560 14.40 73.92 13.69
CA LYS PB 560 14.32 72.46 13.62
C LYS PB 560 15.22 71.82 14.67
N CYS PB 561 16.42 72.37 14.83
CA CYS PB 561 17.48 71.72 15.62
C CYS PB 561 17.46 71.99 17.12
N LEU PB 562 17.33 73.24 17.50
CA LEU PB 562 17.46 73.63 18.90
C LEU PB 562 16.12 73.84 19.60
N ASP PB 563 15.07 74.14 18.83
CA ASP PB 563 13.74 74.34 19.40
C ASP PB 563 13.06 73.01 19.71
N TYR PB 564 13.58 72.40 20.78
CA TYR PB 564 13.02 71.19 21.39
C TYR PB 564 13.30 69.92 20.61
N GLU PB 565 13.63 68.87 21.37
CA GLU PB 565 14.28 67.68 20.88
C GLU PB 565 15.79 67.91 20.74
N LEU PB 566 16.50 67.78 21.86
CA LEU PB 566 17.94 68.06 21.90
C LEU PB 566 18.73 67.11 22.82
N ASN PB 567 19.56 66.26 22.21
CA ASN PB 567 20.36 65.27 22.95
C ASN PB 567 21.68 65.83 23.47
N HIS PB 568 22.29 65.13 24.41
CA HIS PB 568 23.59 65.54 24.94
C HIS PB 568 24.67 65.33 23.88
N ASP PB 569 24.24 64.95 22.68
CA ASP PB 569 25.16 64.80 21.56
C ASP PB 569 25.14 66.07 20.71
N ALA PB 570 23.95 66.60 20.43
CA ALA PB 570 23.83 67.88 19.77
C ALA PB 570 24.42 68.97 20.67
N PHE PB 571 23.88 69.09 21.88
CA PHE PB 571 24.37 70.08 22.85
C PHE PB 571 25.90 70.05 22.92
N GLU PB 572 26.49 68.87 22.76
CA GLU PB 572 27.95 68.74 22.77
C GLU PB 572 28.55 69.51 21.60
N ILE PB 573 27.89 69.46 20.45
CA ILE PB 573 28.36 70.12 19.23
C ILE PB 573 28.06 71.61 19.17
N TRP PB 574 26.78 71.98 19.17
CA TRP PB 574 26.38 73.38 19.08
C TRP PB 574 27.10 74.22 20.14
N SER PB 575 27.13 73.71 21.37
CA SER PB 575 27.82 74.42 22.43
C SER PB 575 29.29 74.62 22.07
N THR PB 576 29.84 73.72 21.25
CA THR PB 576 31.19 73.90 20.73
C THR PB 576 31.27 75.12 19.81
N LEU PB 577 30.24 75.31 18.98
CA LEU PB 577 30.16 76.43 18.03
C LEU PB 577 30.08 77.77 18.73
N ALA PB 578 29.16 77.90 19.66
CA ALA PB 578 29.02 79.14 20.44
C ALA PB 578 30.32 79.66 21.06
N TRP PB 579 31.21 78.78 21.52
CA TRP PB 579 32.47 79.22 22.11
C TRP PB 579 33.48 79.61 21.05
N TRP PB 580 33.26 79.14 19.83
CA TRP PB 580 34.23 79.34 18.75
C TRP PB 580 33.84 80.44 17.79
N LEU PB 581 32.68 80.28 17.16
CA LEU PB 581 32.27 81.15 16.08
C LEU PB 581 32.44 82.66 16.32
N PRO PB 582 31.91 83.19 17.44
CA PRO PB 582 32.02 84.62 17.77
C PRO PB 582 33.46 85.13 17.89
N ALA PB 583 34.42 84.21 17.84
CA ALA PB 583 35.83 84.57 17.92
C ALA PB 583 36.50 84.54 16.55
N VAL PB 584 35.84 83.95 15.55
CA VAL PB 584 36.39 83.91 14.19
C VAL PB 584 35.58 84.79 13.23
N VAL PB 585 34.57 85.47 13.75
CA VAL PB 585 33.75 86.37 12.96
C VAL PB 585 32.82 87.25 13.82
N ASP PB 586 32.80 88.54 13.54
CA ASP PB 586 31.86 89.41 14.23
C ASP PB 586 30.47 88.94 13.85
N LEU PB 587 29.67 88.60 14.86
CA LEU PB 587 28.34 87.99 14.66
C LEU PB 587 27.28 88.93 14.11
N ARG PB 588 27.62 90.19 13.91
CA ARG PB 588 26.66 91.15 13.40
C ARG PB 588 26.60 91.05 11.88
N ARG PB 589 27.41 90.15 11.33
CA ARG PB 589 27.35 89.84 9.90
C ARG PB 589 26.11 88.98 9.64
N SER PB 590 25.24 88.89 10.63
CA SER PB 590 24.01 88.08 10.55
C SER PB 590 22.91 88.58 11.47
N LYS PB 591 21.76 88.92 10.89
CA LYS PB 591 20.63 89.44 11.68
C LYS PB 591 19.91 88.35 12.49
N THR PB 592 19.87 87.14 11.96
CA THR PB 592 19.06 86.07 12.54
C THR PB 592 19.78 85.21 13.56
N PHE PB 593 20.98 84.76 13.19
CA PHE PB 593 21.78 83.88 14.04
C PHE PB 593 21.84 84.27 15.52
N PHE PB 594 22.48 85.38 15.84
CA PHE PB 594 22.50 85.82 17.24
C PHE PB 594 21.10 86.14 17.77
N CYS PB 595 20.33 86.96 17.03
CA CYS PB 595 18.99 87.35 17.48
C CYS PB 595 18.06 86.13 17.56
N HIS PB 596 18.65 84.94 17.74
CA HIS PB 596 17.92 83.70 17.89
C HIS PB 596 18.15 83.03 19.24
N PHE PB 597 19.41 83.04 19.70
CA PHE PB 597 19.76 82.46 21.01
C PHE PB 597 19.29 83.33 22.13
N ILE PB 598 19.16 84.62 21.83
CA ILE PB 598 18.75 85.58 22.83
C ILE PB 598 17.22 85.67 22.87
N ASN PB 599 16.56 84.96 21.97
CA ASN PB 599 15.11 84.80 22.05
C ASN PB 599 14.77 83.68 23.04
N ALA PB 600 14.53 84.12 24.27
CA ALA PB 600 14.53 83.27 25.47
C ALA PB 600 13.15 82.83 25.92
N ASP PB 601 12.56 81.92 25.14
CA ASP PB 601 11.32 81.26 25.50
C ASP PB 601 11.61 80.12 26.48
N GLY PB 602 12.61 80.32 27.34
CA GLY PB 602 13.10 79.25 28.19
C GLY PB 602 13.63 79.70 29.54
N MET PB 603 12.68 79.81 30.46
CA MET PB 603 12.91 79.84 31.92
C MET PB 603 11.56 79.89 32.71
N PHE PB 604 11.02 78.73 33.06
CA PHE PB 604 9.79 78.64 33.85
C PHE PB 604 10.01 79.19 35.27
N ASP PB 605 9.07 79.01 36.19
CA ASP PB 605 9.18 79.68 37.51
C ASP PB 605 8.70 78.94 38.76
N ARG PB 606 7.82 77.95 38.62
CA ARG PB 606 7.39 77.17 39.79
C ARG PB 606 7.07 75.71 39.46
N GLU PB 607 6.88 74.89 40.49
CA GLU PB 607 6.80 73.43 40.31
C GLU PB 607 5.59 72.75 40.95
N SER PB 608 4.47 72.70 40.22
CA SER PB 608 3.41 71.73 40.44
C SER PB 608 2.99 71.10 39.10
N ASP PB 609 3.93 71.13 38.16
CA ASP PB 609 3.79 70.53 36.82
C ASP PB 609 5.02 69.64 36.57
N ALA PB 610 5.76 69.96 35.51
CA ALA PB 610 7.11 69.42 35.30
C ALA PB 610 8.05 70.60 35.08
N ALA PB 611 7.66 71.75 35.63
CA ALA PB 611 8.29 73.05 35.37
C ALA PB 611 8.47 73.27 33.87
N THR PB 612 9.36 72.46 33.30
CA THR PB 612 9.46 72.23 31.86
C THR PB 612 10.69 71.37 31.51
N HIS PB 613 11.77 72.03 31.07
CA HIS PB 613 12.85 71.39 30.30
C HIS PB 613 14.25 71.76 30.83
N GLN PB 614 14.97 72.54 30.04
CA GLN PB 614 16.41 72.63 30.17
C GLN PB 614 17.08 73.99 30.02
N THR PB 615 18.39 73.88 30.20
CA THR PB 615 19.39 74.80 29.70
C THR PB 615 19.50 74.54 28.21
N SER PB 616 18.35 74.18 27.64
CA SER PB 616 18.12 74.14 26.20
C SER PB 616 18.35 75.55 25.65
N LYS PB 617 19.37 76.21 26.17
CA LYS PB 617 19.71 77.56 25.78
C LYS PB 617 20.78 78.00 26.75
N ILE PB 618 20.33 78.35 27.95
CA ILE PB 618 21.15 79.09 28.89
C ILE PB 618 22.66 78.89 28.68
N TYR PB 619 23.15 77.66 28.77
CA TYR PB 619 24.59 77.44 28.64
C TYR PB 619 25.18 77.71 27.24
N MET PB 620 24.32 77.89 26.23
CA MET PB 620 24.79 78.19 24.87
C MET PB 620 24.70 79.69 24.55
N LEU PB 621 23.65 80.34 25.07
CA LEU PB 621 23.57 81.79 24.98
C LEU PB 621 24.77 82.34 25.70
N ARG PB 622 25.03 81.79 26.89
CA ARG PB 622 26.13 82.21 27.73
C ARG PB 622 27.49 82.06 27.04
N SER PB 623 27.73 80.93 26.38
CA SER PB 623 29.04 80.71 25.78
C SER PB 623 29.26 81.57 24.52
N ILE PB 624 28.21 82.21 24.04
CA ILE PB 624 28.35 83.21 22.99
C ILE PB 624 28.67 84.55 23.63
N LEU PB 625 27.83 84.96 24.56
CA LEU PB 625 28.04 86.16 25.37
C LEU PB 625 29.39 86.15 26.08
N MET PB 626 29.99 84.98 26.26
CA MET PB 626 31.29 84.89 26.90
C MET PB 626 32.38 85.21 25.89
N SER PB 627 32.11 84.86 24.63
CA SER PB 627 33.11 84.97 23.59
C SER PB 627 33.09 86.34 22.93
N MET PB 628 32.09 87.15 23.26
CA MET PB 628 32.01 88.52 22.76
C MET PB 628 32.44 89.54 23.84
N GLU PB 629 31.81 89.46 25.01
CA GLU PB 629 32.33 90.02 26.27
C GLU PB 629 32.54 91.50 26.23
N PHE PB 630 31.61 92.24 25.64
CA PHE PB 630 32.05 93.51 25.16
C PHE PB 630 31.13 93.97 24.09
N ARG PB 631 31.23 93.27 22.97
CA ARG PB 631 30.40 93.52 21.80
C ARG PB 631 29.01 92.88 21.96
N ALA PB 632 28.06 93.39 21.18
CA ALA PB 632 26.64 93.00 21.19
C ALA PB 632 25.86 92.99 22.51
N PRO PB 633 26.52 93.25 23.65
CA PRO PB 633 25.86 92.80 24.88
C PRO PB 633 24.67 93.64 25.33
N ASP PB 634 23.93 94.29 24.44
CA ASP PB 634 22.74 94.98 24.93
C ASP PB 634 21.68 93.96 25.31
N VAL PB 635 21.43 93.90 26.61
CA VAL PB 635 20.61 92.86 27.16
C VAL PB 635 19.67 93.42 28.22
N GLY PB 636 19.06 94.55 27.88
CA GLY PB 636 18.03 95.12 28.72
C GLY PB 636 17.10 94.00 29.12
N LYS PB 637 16.76 93.14 28.15
CA LYS PB 637 15.88 92.01 28.37
C LYS PB 637 16.40 91.12 29.50
N LEU PB 638 17.41 90.32 29.19
CA LEU PB 638 17.87 89.25 30.07
C LEU PB 638 17.79 89.57 31.56
N PHE PB 639 18.27 90.73 31.97
CA PHE PB 639 18.29 91.06 33.39
C PHE PB 639 16.88 91.13 33.98
N ASP PB 640 15.96 91.73 33.24
CA ASP PB 640 14.55 91.80 33.65
C ASP PB 640 13.88 90.42 33.52
N GLU PB 641 14.56 89.48 32.88
CA GLU PB 641 13.98 88.16 32.56
C GLU PB 641 14.54 86.97 33.37
N LEU PB 642 15.57 87.19 34.17
CA LEU PB 642 16.18 86.11 34.92
C LEU PB 642 15.23 85.56 35.98
N VAL PB 643 15.51 84.36 36.49
CA VAL PB 643 14.56 83.61 37.31
C VAL PB 643 14.88 83.53 38.81
N PHE PB 644 15.84 82.69 39.21
CA PHE PB 644 16.19 82.49 40.62
C PHE PB 644 15.21 81.58 41.34
N ASP PB 645 13.93 81.70 41.01
CA ASP PB 645 12.87 80.94 41.65
C ASP PB 645 12.78 79.49 41.16
N HIS PB 646 13.59 79.14 40.17
CA HIS PB 646 13.44 77.86 39.48
C HIS PB 646 13.68 76.66 40.39
N PRO PB 647 12.83 75.64 40.27
CA PRO PB 647 12.79 74.44 41.11
C PRO PB 647 13.95 73.50 40.86
N TYR PB 648 14.31 73.33 39.59
CA TYR PB 648 15.40 72.43 39.22
C TYR PB 648 16.78 73.01 39.46
N ASP PB 649 17.73 72.13 39.70
CA ASP PB 649 19.11 72.53 39.91
C ASP PB 649 19.76 72.88 38.57
N GLN PB 650 19.73 71.94 37.62
CA GLN PB 650 20.42 72.09 36.34
C GLN PB 650 20.14 73.46 35.74
N VAL PB 651 19.06 74.06 36.19
CA VAL PB 651 18.68 75.40 35.75
C VAL PB 651 19.07 76.48 36.78
N ARG PB 652 18.74 76.26 38.04
CA ARG PB 652 19.15 77.18 39.10
C ARG PB 652 20.64 77.48 38.99
N GLN PB 653 21.43 76.44 38.74
CA GLN PB 653 22.88 76.58 38.64
C GLN PB 653 23.26 77.33 37.39
N ALA PB 654 22.53 77.06 36.31
CA ALA PB 654 22.83 77.66 35.01
C ALA PB 654 22.42 79.12 34.94
N VAL PB 655 21.30 79.47 35.56
CA VAL PB 655 20.90 80.87 35.63
C VAL PB 655 21.97 81.65 36.40
N ALA PB 656 22.59 80.99 37.35
CA ALA PB 656 23.68 81.61 38.10
C ALA PB 656 24.93 81.80 37.23
N LYS PB 657 25.38 80.73 36.59
CA LYS PB 657 26.58 80.79 35.74
C LYS PB 657 26.44 81.79 34.59
N LEU PB 658 25.20 82.18 34.27
CA LEU PB 658 24.93 83.12 33.19
C LEU PB 658 25.00 84.55 33.67
N LEU PB 659 24.34 84.83 34.78
CA LEU PB 659 24.42 86.12 35.44
C LEU PB 659 25.88 86.50 35.71
N THR PB 660 26.66 85.53 36.20
CA THR PB 660 28.09 85.72 36.36
C THR PB 660 28.69 86.30 35.08
N THR PB 661 28.36 85.69 33.95
CA THR PB 661 28.87 86.14 32.65
C THR PB 661 28.26 87.47 32.21
N LEU PB 662 26.98 87.68 32.51
CA LEU PB 662 26.29 88.93 32.17
C LEU PB 662 26.91 90.12 32.89
N VAL PB 663 27.51 89.87 34.03
CA VAL PB 663 28.09 90.92 34.84
C VAL PB 663 29.51 91.25 34.38
N GLN PB 664 30.23 90.26 33.87
CA GLN PB 664 31.60 90.48 33.40
C GLN PB 664 31.61 91.29 32.09
N ASN PB 665 30.43 91.44 31.49
CA ASN PB 665 30.26 92.16 30.23
C ASN PB 665 29.96 93.66 30.38
N GLN PB 666 29.43 94.04 31.54
CA GLN PB 666 29.16 95.44 31.85
C GLN PB 666 30.19 95.97 32.84
N SER PB 667 31.19 95.16 33.16
CA SER PB 667 32.22 95.53 34.13
C SER PB 667 33.52 96.06 33.50
N ASN PB 668 33.72 95.82 32.21
CA ASN PB 668 34.84 96.45 31.50
C ASN PB 668 34.78 97.97 31.67
N PRO PB 669 35.91 98.61 32.03
CA PRO PB 669 35.80 100.02 32.42
C PRO PB 669 36.03 100.96 31.25
N SER PB 670 36.10 100.44 30.03
CA SER PB 670 36.57 101.21 28.86
C SER PB 670 36.36 102.73 28.98
N ILE PB 671 37.46 103.45 29.21
CA ILE PB 671 37.44 104.90 29.46
C ILE PB 671 37.64 105.70 28.18
N SER PB 672 37.48 107.01 28.29
CA SER PB 672 37.59 107.94 27.17
C SER PB 672 39.02 108.06 26.64
N ASP PB 673 39.91 108.53 27.50
CA ASP PB 673 41.31 108.75 27.13
C ASP PB 673 42.24 107.92 28.01
N PRO PB 674 43.46 107.67 27.52
CA PRO PB 674 44.53 107.16 28.39
C PRO PB 674 44.83 108.17 29.48
N THR PB 675 44.70 109.45 29.15
CA THR PB 675 45.00 110.52 30.10
C THR PB 675 43.90 110.66 31.12
N THR PB 676 42.65 110.63 30.65
CA THR PB 676 41.49 110.68 31.53
C THR PB 676 41.59 109.50 32.51
N LEU PB 677 42.13 108.38 32.02
CA LEU PB 677 42.25 107.13 32.78
C LEU PB 677 43.29 107.17 33.86
N LEU PB 678 44.54 107.43 33.48
CA LEU PB 678 45.64 107.47 34.45
C LEU PB 678 45.46 108.52 35.55
N GLU PB 679 44.60 109.50 35.31
CA GLU PB 679 44.29 110.49 36.34
C GLU PB 679 43.29 109.92 37.36
N ALA PB 680 42.59 108.87 36.97
CA ALA PB 680 41.71 108.17 37.89
C ALA PB 680 42.52 107.20 38.77
N GLU PB 681 43.50 106.55 38.15
CA GLU PB 681 44.36 105.58 38.84
C GLU PB 681 45.27 106.27 39.83
N ARG PB 682 45.73 107.45 39.45
CA ARG PB 682 46.60 108.24 40.30
C ARG PB 682 45.89 108.71 41.59
N ASN PB 683 44.70 109.27 41.43
CA ASN PB 683 43.88 109.65 42.59
C ASN PB 683 43.00 108.52 43.10
N ASP PB 684 43.64 107.46 43.63
CA ASP PB 684 42.94 106.37 44.30
C ASP PB 684 43.39 106.35 45.77
N PRO PB 685 42.55 105.81 46.66
CA PRO PB 685 42.82 105.77 48.11
C PRO PB 685 44.05 104.93 48.43
N ASP PB 686 44.10 103.74 47.84
CA ASP PB 686 45.25 102.86 47.97
C ASP PB 686 46.34 103.41 47.04
N GLY PB 687 47.55 103.64 47.56
CA GLY PB 687 48.67 104.06 46.73
C GLY PB 687 48.75 103.18 45.48
N LEU PB 688 47.95 102.11 45.49
CA LEU PB 688 47.76 101.24 44.33
C LEU PB 688 46.90 101.95 43.30
N GLY PB 689 45.99 101.20 42.67
CA GLY PB 689 45.21 101.74 41.58
C GLY PB 689 43.70 101.54 41.69
N LEU PB 690 43.03 101.75 40.56
CA LEU PB 690 41.60 101.55 40.44
C LEU PB 690 41.22 100.08 40.54
N PRO PB 691 40.10 99.78 41.21
CA PRO PB 691 39.57 98.44 40.92
C PRO PB 691 39.47 98.23 39.40
N LEU PB 692 40.28 97.32 38.88
CA LEU PB 692 40.16 96.91 37.50
C LEU PB 692 38.86 96.15 37.42
N LYS PB 693 38.08 96.36 36.39
CA LYS PB 693 36.73 95.78 36.33
C LYS PB 693 35.94 96.24 37.56
N SER PB 694 35.00 97.14 37.35
CA SER PB 694 34.16 97.60 38.43
C SER PB 694 32.71 97.54 37.99
N VAL PB 695 31.92 96.78 38.71
CA VAL PB 695 30.50 96.61 38.40
C VAL PB 695 29.75 97.95 38.46
N PRO PB 696 29.10 98.33 37.35
CA PRO PB 696 28.43 99.62 37.15
C PRO PB 696 27.11 99.77 37.89
N GLU PB 697 27.04 100.75 38.79
CA GLU PB 697 25.86 101.05 39.61
C GLU PB 697 24.52 100.38 39.27
N LYS PB 698 23.99 100.59 38.06
CA LYS PB 698 22.71 100.00 37.67
C LYS PB 698 22.66 98.47 37.92
N VAL PB 699 23.83 97.86 38.03
CA VAL PB 699 23.94 96.44 38.36
C VAL PB 699 24.16 96.22 39.86
N ASP PB 700 25.00 97.05 40.47
CA ASP PB 700 25.20 96.98 41.93
C ASP PB 700 23.83 97.11 42.60
N ALA PB 701 22.86 97.61 41.84
CA ALA PB 701 21.48 97.77 42.32
C ALA PB 701 20.72 96.45 42.24
N TYR PB 702 20.81 95.80 41.07
CA TYR PB 702 20.19 94.51 40.82
C TYR PB 702 20.58 93.47 41.87
N ILE PB 703 21.89 93.29 42.05
CA ILE PB 703 22.42 92.32 42.99
C ILE PB 703 21.94 92.59 44.41
N LYS PB 704 22.13 93.83 44.87
CA LYS PB 704 21.71 94.21 46.21
C LYS PB 704 20.26 93.81 46.42
N LYS PB 705 19.45 93.98 45.38
CA LYS PB 705 18.04 93.59 45.42
C LYS PB 705 17.85 92.09 45.72
N GLN PB 706 18.54 91.23 44.96
CA GLN PB 706 18.38 89.78 45.09
C GLN PB 706 18.74 89.24 46.49
N PHE PB 707 19.62 89.95 47.18
CA PHE PB 707 19.99 89.61 48.56
C PHE PB 707 18.94 90.09 49.56
N GLU PB 708 18.38 91.26 49.30
CA GLU PB 708 17.39 91.87 50.19
C GLU PB 708 15.97 91.45 49.83
N ILE PB 709 15.84 90.62 48.78
CA ILE PB 709 14.57 89.98 48.46
C ILE PB 709 14.50 88.67 49.22
N ILE PB 710 15.66 88.06 49.40
CA ILE PB 710 15.82 86.85 50.19
C ILE PB 710 15.74 87.13 51.71
N LYS PB 711 16.07 88.35 52.13
CA LYS PB 711 15.90 88.74 53.53
C LYS PB 711 14.41 88.97 53.80
N ASN PB 712 13.68 89.36 52.77
CA ASN PB 712 12.23 89.58 52.87
C ASN PB 712 11.49 88.29 53.15
N LEU PB 713 12.00 87.20 52.59
CA LEU PB 713 11.32 85.91 52.66
C LEU PB 713 11.70 85.04 53.87
N GLU PB 714 12.41 85.60 54.85
CA GLU PB 714 12.80 84.80 56.02
C GLU PB 714 11.58 84.33 56.83
N ASP PB 715 10.41 84.88 56.50
CA ASP PB 715 9.16 84.46 57.12
C ASP PB 715 8.63 83.20 56.44
N SER PB 716 9.12 82.96 55.23
CA SER PB 716 8.66 81.85 54.39
C SER PB 716 8.95 80.48 55.01
N VAL PB 717 9.97 80.42 55.84
CA VAL PB 717 10.30 79.17 56.53
C VAL PB 717 10.15 79.37 58.02
N VAL PB 718 9.16 80.19 58.39
CA VAL PB 718 8.93 80.56 59.78
C VAL PB 718 9.18 79.37 60.72
N GLY PB 719 8.87 78.16 60.25
CA GLY PB 719 9.17 76.97 61.03
C GLY PB 719 9.17 75.63 60.32
N LEU PB 720 9.23 75.63 58.99
CA LEU PB 720 9.15 74.38 58.24
C LEU PB 720 10.37 73.48 58.44
N ASN PB 721 10.31 72.29 57.86
CA ASN PB 721 11.38 71.31 57.99
C ASN PB 721 12.13 71.13 56.67
N PRO PB 722 13.31 70.44 56.72
CA PRO PB 722 14.12 70.11 55.54
C PRO PB 722 13.36 69.60 54.30
N GLN PB 723 12.23 68.92 54.49
CA GLN PB 723 11.47 68.41 53.35
C GLN PB 723 10.53 69.48 52.77
N GLN PB 724 9.95 70.29 53.65
CA GLN PB 724 9.13 71.44 53.27
C GLN PB 724 9.98 72.70 53.10
N PHE PB 725 11.29 72.50 52.86
CA PHE PB 725 12.21 73.60 52.67
C PHE PB 725 12.61 73.70 51.19
N ILE PB 726 13.14 72.59 50.65
CA ILE PB 726 13.53 72.47 49.24
C ILE PB 726 12.39 72.84 48.29
N LYS PB 727 11.23 73.14 48.85
CA LYS PB 727 10.03 73.35 48.06
C LYS PB 727 9.55 74.81 48.16
N THR PB 728 10.16 75.59 49.06
CA THR PB 728 9.81 77.00 49.25
C THR PB 728 10.53 77.90 48.25
N ASP PB 729 9.99 79.10 48.06
CA ASP PB 729 10.64 80.05 47.17
C ASP PB 729 11.93 80.59 47.80
N TYR PB 730 11.92 80.80 49.11
CA TYR PB 730 13.12 81.25 49.83
C TYR PB 730 14.34 80.36 49.52
N PHE PB 731 14.13 79.05 49.44
CA PHE PB 731 15.23 78.15 49.09
C PHE PB 731 15.68 78.39 47.66
N TYR PB 732 14.74 78.29 46.73
CA TYR PB 732 15.06 78.44 45.32
C TYR PB 732 15.93 79.66 45.05
N ARG PB 733 15.49 80.84 45.49
CA ARG PB 733 16.31 82.05 45.39
C ARG PB 733 17.71 81.75 45.92
N THR PB 734 17.77 81.54 47.24
CA THR PB 734 19.01 81.26 47.95
C THR PB 734 19.97 80.28 47.28
N SER PB 735 19.44 79.20 46.72
CA SER PB 735 20.26 78.23 45.99
C SER PB 735 20.92 78.87 44.76
N THR PB 736 20.14 79.62 44.00
CA THR PB 736 20.65 80.27 42.79
C THR PB 736 21.76 81.28 43.14
N ILE PB 737 21.48 82.19 44.07
CA ILE PB 737 22.47 83.13 44.58
C ILE PB 737 23.77 82.43 44.99
N PHE PB 738 23.65 81.34 45.73
CA PHE PB 738 24.83 80.57 46.11
C PHE PB 738 25.63 80.12 44.87
N TYR PB 739 24.99 79.41 43.95
CA TYR PB 739 25.69 78.90 42.75
C TYR PB 739 26.41 80.03 42.03
N TRP PB 740 25.87 81.24 42.18
CA TRP PB 740 26.44 82.44 41.57
C TRP PB 740 27.74 82.87 42.28
N ILE PB 741 27.67 83.01 43.59
CA ILE PB 741 28.85 83.30 44.39
C ILE PB 741 29.96 82.28 44.12
N LYS PB 742 29.64 80.99 44.11
CA LYS PB 742 30.62 79.96 43.80
C LYS PB 742 31.37 80.29 42.52
N GLU PB 743 30.65 80.84 41.53
CA GLU PB 743 31.22 81.11 40.20
C GLU PB 743 31.81 82.51 40.04
N MET PB 744 31.64 83.37 41.05
CA MET PB 744 32.32 84.65 41.08
C MET PB 744 33.70 84.49 41.69
N ALA PB 745 33.76 83.71 42.79
CA ALA PB 745 34.99 83.46 43.51
C ALA PB 745 36.00 82.69 42.67
N ARG PB 746 35.51 82.10 41.59
CA ARG PB 746 36.37 81.45 40.62
C ARG PB 746 36.79 82.48 39.57
N GLY PB 747 38.08 82.55 39.29
CA GLY PB 747 38.55 83.27 38.12
C GLY PB 747 38.55 84.78 38.18
N PRO PB 748 38.46 85.42 37.00
CA PRO PB 748 38.74 86.85 36.78
C PRO PB 748 37.65 87.77 37.31
N ASN PB 749 36.69 87.22 38.04
CA ASN PB 749 35.57 88.01 38.54
C ASN PB 749 35.69 88.34 40.03
N LYS PB 750 36.78 87.89 40.64
CA LYS PB 750 36.95 88.09 42.08
C LYS PB 750 36.85 89.55 42.47
N VAL PB 751 37.59 90.41 41.77
CA VAL PB 751 37.61 91.85 42.09
C VAL PB 751 36.22 92.48 42.00
N LEU PB 752 35.28 91.76 41.40
CA LEU PB 752 33.90 92.21 41.28
C LEU PB 752 33.12 91.81 42.52
N LEU PB 753 33.46 90.64 43.06
CA LEU PB 753 32.74 90.07 44.21
C LEU PB 753 33.04 90.73 45.56
N VAL PB 754 34.20 91.37 45.72
CA VAL PB 754 34.61 91.87 47.04
C VAL PB 754 33.67 92.87 47.73
N PRO PB 755 33.26 93.94 47.03
CA PRO PB 755 32.51 94.97 47.76
C PRO PB 755 31.29 94.42 48.53
N TYR PB 756 30.81 93.26 48.11
CA TYR PB 756 29.56 92.70 48.61
C TYR PB 756 29.72 91.81 49.83
N LEU PB 757 30.94 91.34 50.07
CA LEU PB 757 31.21 90.46 51.19
C LEU PB 757 30.72 91.03 52.52
N VAL PB 758 31.18 92.22 52.83
CA VAL PB 758 31.02 92.78 54.16
C VAL PB 758 29.55 92.98 54.57
N ASP PB 759 28.68 93.29 53.60
CA ASP PB 759 27.28 93.60 53.90
C ASP PB 759 26.32 92.51 53.43
N TYR PB 760 26.72 91.75 52.42
CA TYR PB 760 25.79 90.86 51.73
C TYR PB 760 26.19 89.39 51.74
N VAL PB 761 27.34 89.09 51.15
CA VAL PB 761 27.79 87.71 50.93
C VAL PB 761 28.15 86.92 52.20
N LEU PB 762 28.66 87.61 53.24
CA LEU PB 762 29.05 86.88 54.44
C LEU PB 762 27.92 86.78 55.47
N PRO PB 763 27.05 87.80 55.54
CA PRO PB 763 25.82 87.64 56.32
C PRO PB 763 24.98 86.49 55.75
N PHE PB 764 24.83 86.46 54.44
CA PHE PB 764 24.37 85.28 53.72
C PHE PB 764 25.45 84.21 53.98
N LEU PB 765 25.48 83.15 53.19
CA LEU PB 765 26.40 82.00 53.41
C LEU PB 765 26.26 81.41 54.79
N ILE PB 766 26.61 82.20 55.80
CA ILE PB 766 26.33 81.85 57.18
C ILE PB 766 24.80 81.67 57.38
N GLY PB 767 24.08 81.62 56.26
CA GLY PB 767 22.78 80.98 56.19
C GLY PB 767 23.07 79.49 56.27
N LEU PB 768 23.12 79.01 57.50
CA LEU PB 768 23.72 77.72 57.84
C LEU PB 768 23.21 77.29 59.23
N VAL PB 769 22.99 78.28 60.10
CA VAL PB 769 22.13 78.04 61.27
C VAL PB 769 20.72 78.23 60.76
N LYS PB 770 20.62 78.63 59.49
CA LYS PB 770 19.38 78.57 58.73
C LYS PB 770 19.15 77.12 58.29
N HIS PB 771 19.80 76.20 59.00
CA HIS PB 771 19.69 74.73 58.83
C HIS PB 771 20.96 74.04 58.27
N LYS PB 772 21.58 73.19 59.09
CA LYS PB 772 22.71 72.38 58.67
C LYS PB 772 22.27 71.22 57.75
N ASP PB 773 21.14 70.61 58.09
CA ASP PB 773 20.68 69.42 57.37
C ASP PB 773 20.06 69.80 56.02
N VAL PB 774 19.64 71.04 55.86
CA VAL PB 774 19.09 71.47 54.57
C VAL PB 774 20.19 71.51 53.51
N CYS PB 775 21.43 71.68 53.97
CA CYS PB 775 22.58 71.72 53.07
C CYS PB 775 22.97 70.34 52.58
N ALA PB 776 22.92 69.38 53.49
CA ALA PB 776 23.29 68.01 53.13
C ALA PB 776 22.37 67.48 52.02
N LEU PB 777 21.12 67.95 52.03
CA LEU PB 777 20.11 67.51 51.06
C LEU PB 777 20.43 67.95 49.64
N ALA PB 778 20.21 69.22 49.36
CA ALA PB 778 20.62 69.80 48.08
C ALA PB 778 22.09 70.12 48.19
N SER PB 779 22.92 69.08 48.11
CA SER PB 779 24.35 69.16 48.45
C SER PB 779 25.06 70.49 48.16
N LEU PB 780 25.10 71.35 49.18
CA LEU PB 780 25.78 72.65 49.14
C LEU PB 780 26.79 72.74 50.25
N ASP PB 781 28.04 73.06 49.90
CA ASP PB 781 29.06 73.26 50.92
C ASP PB 781 29.33 74.76 51.09
N PRO PB 782 28.71 75.38 52.12
CA PRO PB 782 28.84 76.80 52.48
C PRO PB 782 30.10 77.02 53.30
N VAL PB 783 30.26 76.19 54.33
CA VAL PB 783 31.48 76.18 55.13
C VAL PB 783 32.74 76.29 54.28
N ARG PB 784 32.80 75.53 53.20
CA ARG PB 784 34.00 75.43 52.36
C ARG PB 784 34.20 76.68 51.50
N LEU PB 785 33.12 77.40 51.26
CA LEU PB 785 33.17 78.57 50.42
C LEU PB 785 33.42 79.83 51.23
N TYR PB 786 32.66 79.98 52.31
CA TYR PB 786 32.86 81.10 53.24
C TYR PB 786 34.32 81.20 53.66
N ALA PB 787 34.90 80.07 54.02
CA ALA PB 787 36.29 80.03 54.45
C ALA PB 787 37.26 80.12 53.27
N GLY PB 788 36.87 79.59 52.11
CA GLY PB 788 37.69 79.66 50.93
C GLY PB 788 37.76 81.09 50.41
N LEU PB 789 37.00 81.98 51.04
CA LEU PB 789 36.97 83.38 50.69
C LEU PB 789 37.89 84.16 51.60
N GLY PB 790 38.72 83.45 52.35
CA GLY PB 790 39.67 84.11 53.24
C GLY PB 790 40.85 84.56 52.40
N TYR PB 791 41.22 83.69 51.47
CA TYR PB 791 42.19 84.03 50.45
C TYR PB 791 41.47 84.75 49.33
N MET PB 792 42.02 85.87 48.87
CA MET PB 792 41.58 86.48 47.61
C MET PB 792 41.89 87.99 47.52
N PRO PB 793 42.04 88.48 46.29
CA PRO PB 793 42.32 89.85 45.83
C PRO PB 793 41.56 90.96 46.58
N ILE PB 794 41.91 91.13 47.85
CA ILE PB 794 41.36 92.22 48.65
C ILE PB 794 42.27 93.45 48.56
N ARG PB 795 41.68 94.63 48.71
CA ARG PB 795 42.41 95.88 48.59
C ARG PB 795 42.52 96.62 49.92
N LYS PB 796 43.60 97.39 50.09
CA LYS PB 796 43.95 98.05 51.35
C LYS PB 796 42.73 98.51 52.18
N ASN PB 797 41.78 99.19 51.53
CA ASN PB 797 40.61 99.73 52.22
C ASN PB 797 39.50 98.71 52.52
N HIS PB 798 39.40 97.68 51.69
CA HIS PB 798 38.42 96.62 51.96
C HIS PB 798 38.78 95.78 53.18
N VAL PB 799 40.07 95.55 53.38
CA VAL PB 799 40.53 94.90 54.60
C VAL PB 799 39.90 95.51 55.84
N ALA PB 800 39.99 96.83 55.95
CA ALA PB 800 39.39 97.55 57.06
C ALA PB 800 38.00 96.98 57.43
N ALA PB 801 37.04 97.17 56.54
CA ALA PB 801 35.64 96.84 56.82
C ALA PB 801 35.38 95.35 57.06
N ILE PB 802 36.30 94.50 56.61
CA ILE PB 802 36.17 93.05 56.75
C ILE PB 802 36.59 92.57 58.13
N VAL PB 803 37.72 93.10 58.61
CA VAL PB 803 38.17 92.81 59.96
C VAL PB 803 37.14 93.34 60.96
N ASP PB 804 36.47 94.44 60.61
CA ASP PB 804 35.41 95.01 61.44
C ASP PB 804 34.10 94.19 61.43
N TYR PB 805 33.86 93.44 60.35
CA TYR PB 805 32.69 92.56 60.26
C TYR PB 805 32.87 91.30 61.10
N VAL PB 806 33.97 90.58 60.87
CA VAL PB 806 34.41 89.61 61.85
C VAL PB 806 34.76 90.46 63.07
N CYS PB 807 35.13 89.85 64.19
CA CYS PB 807 35.43 90.64 65.39
C CYS PB 807 34.25 91.59 65.66
N SER PB 808 33.04 91.09 65.39
CA SER PB 808 31.86 91.93 65.51
C SER PB 808 31.45 92.02 66.97
N SER PB 809 31.06 93.22 67.41
CA SER PB 809 30.51 93.36 68.75
C SER PB 809 29.08 92.81 68.80
N ASN PB 810 28.52 92.57 67.62
CA ASN PB 810 27.27 91.81 67.49
C ASN PB 810 27.57 90.33 67.57
N VAL PB 811 28.84 89.98 67.46
CA VAL PB 811 29.27 88.59 67.64
C VAL PB 811 28.93 88.16 69.07
N ALA PB 812 28.32 86.99 69.16
CA ALA PB 812 27.53 86.54 70.31
C ALA PB 812 26.20 86.17 69.66
N LEU PB 813 25.97 86.72 68.47
CA LEU PB 813 24.79 86.43 67.67
C LEU PB 813 24.77 84.94 67.25
N SER PB 814 25.89 84.46 66.74
CA SER PB 814 25.93 83.11 66.14
C SER PB 814 26.35 82.02 67.12
N SER PB 815 26.29 80.76 66.67
CA SER PB 815 26.50 79.61 67.54
C SER PB 815 27.09 78.43 66.76
N ASN PB 816 28.28 77.97 67.16
CA ASN PB 816 29.10 77.02 66.37
C ASN PB 816 29.21 77.27 64.85
N GLN PB 817 28.57 78.33 64.39
CA GLN PB 817 28.90 78.98 63.13
C GLN PB 817 29.92 80.02 63.56
N THR PB 818 30.25 79.95 64.84
CA THR PB 818 31.34 80.70 65.41
C THR PB 818 32.66 80.03 65.03
N LYS PB 819 32.77 78.71 65.18
CA LYS PB 819 34.02 78.04 64.77
C LYS PB 819 34.24 78.19 63.26
N LEU PB 820 33.29 78.84 62.60
CA LEU PB 820 33.37 79.13 61.16
C LEU PB 820 34.05 80.47 60.87
N GLN PB 821 33.50 81.56 61.42
CA GLN PB 821 34.09 82.88 61.27
C GLN PB 821 35.53 82.86 61.77
N LEU PB 822 35.77 81.98 62.73
CA LEU PB 822 37.09 81.81 63.36
C LEU PB 822 38.06 81.10 62.41
N ALA PB 823 37.54 80.38 61.43
CA ALA PB 823 38.39 79.66 60.49
C ALA PB 823 38.61 80.52 59.25
N PHE PB 824 37.67 81.44 59.04
CA PHE PB 824 37.79 82.40 57.97
C PHE PB 824 38.94 83.35 58.29
N ILE PB 825 38.98 83.78 59.55
CA ILE PB 825 40.06 84.62 60.07
C ILE PB 825 41.43 83.96 59.87
N GLN PB 826 41.59 82.73 60.37
CA GLN PB 826 42.85 82.00 60.23
C GLN PB 826 43.39 81.98 58.79
N HIS PB 827 42.48 82.09 57.82
CA HIS PB 827 42.87 82.07 56.41
C HIS PB 827 43.19 83.47 55.87
N PHE PB 828 42.33 84.43 56.21
CA PHE PB 828 42.58 85.84 55.92
C PHE PB 828 44.00 86.22 56.34
N LEU PB 829 44.27 86.01 57.62
CA LEU PB 829 45.58 86.22 58.21
C LEU PB 829 46.74 85.68 57.37
N SER PB 830 46.58 84.48 56.81
CA SER PB 830 47.66 83.87 56.04
C SER PB 830 47.82 84.53 54.66
N ALA PB 831 46.79 85.27 54.24
CA ALA PB 831 46.79 85.89 52.92
C ALA PB 831 46.72 87.41 52.99
N GLU PB 832 46.69 87.95 54.20
CA GLU PB 832 46.75 89.39 54.40
C GLU PB 832 47.77 89.70 55.49
N LEU PB 833 48.59 88.71 55.80
CA LEU PB 833 49.71 88.88 56.71
C LEU PB 833 50.71 89.79 56.02
N LEU PB 834 51.45 90.58 56.78
CA LEU PB 834 52.40 91.52 56.18
C LEU PB 834 51.72 92.68 55.45
N GLN PB 835 50.39 92.64 55.41
CA GLN PB 835 49.59 93.68 54.74
C GLN PB 835 48.58 94.29 55.70
N LEU PB 836 48.51 93.71 56.90
CA LEU PB 836 47.62 94.19 57.95
C LEU PB 836 48.33 95.19 58.85
N THR PB 837 47.72 96.37 59.02
CA THR PB 837 48.26 97.42 59.91
C THR PB 837 48.19 96.94 61.34
N GLU PB 838 49.24 97.19 62.13
CA GLU PB 838 49.30 96.66 63.49
C GLU PB 838 48.01 96.93 64.30
N GLU PB 839 47.18 97.84 63.79
CA GLU PB 839 45.84 98.08 64.32
C GLU PB 839 44.91 96.88 64.11
N GLU PB 840 44.72 96.52 62.84
CA GLU PB 840 43.95 95.34 62.44
C GLU PB 840 44.55 94.06 63.04
N LYS PB 841 45.86 93.85 62.88
CA LYS PB 841 46.59 92.72 63.48
C LYS PB 841 46.23 92.56 64.97
N ASN PB 842 45.48 93.53 65.49
CA ASN PB 842 45.07 93.53 66.89
C ASN PB 842 43.57 93.33 67.10
N LYS PB 843 42.74 94.06 66.34
CA LYS PB 843 41.30 93.83 66.38
C LYS PB 843 40.99 92.32 66.24
N ILE PB 844 41.85 91.62 65.50
CA ILE PB 844 41.77 90.16 65.29
C ILE PB 844 42.14 89.38 66.56
N LEU PB 845 43.36 89.60 67.02
CA LEU PB 845 43.89 88.92 68.19
C LEU PB 845 43.04 89.12 69.46
N GLU PB 846 42.30 90.22 69.54
CA GLU PB 846 41.44 90.48 70.71
C GLU PB 846 40.07 89.81 70.60
N PHE PB 847 39.79 89.28 69.42
CA PHE PB 847 38.56 88.54 69.14
C PHE PB 847 38.88 87.08 69.37
N VAL PB 848 39.90 86.59 68.67
CA VAL PB 848 40.39 85.23 68.88
C VAL PB 848 40.47 84.95 70.37
N VAL PB 849 41.07 85.87 71.14
CA VAL PB 849 41.28 85.66 72.56
C VAL PB 849 40.00 85.76 73.39
N SER PB 850 39.06 86.58 72.93
CA SER PB 850 37.78 86.67 73.63
C SER PB 850 36.96 85.38 73.48
N ASN PB 851 37.49 84.42 72.70
CA ASN PB 851 36.80 83.13 72.48
C ASN PB 851 37.35 81.97 73.31
N LEU PB 852 38.62 82.04 73.69
CA LEU PB 852 39.14 81.09 74.66
C LEU PB 852 38.31 81.11 75.92
N TYR PB 853 37.28 81.95 75.96
CA TYR PB 853 36.55 82.19 77.20
C TYR PB 853 35.05 82.15 77.09
N ASN PB 854 34.51 81.92 75.90
CA ASN PB 854 33.08 82.08 75.76
C ASN PB 854 32.37 80.91 76.41
N GLU PB 855 31.58 81.23 77.43
CA GLU PB 855 30.81 80.22 78.13
C GLU PB 855 29.94 79.52 77.09
N GLN PB 856 29.59 78.26 77.39
CA GLN PB 856 28.80 77.42 76.48
C GLN PB 856 29.67 76.48 75.65
N PHE PB 857 30.08 76.97 74.48
CA PHE PB 857 30.79 76.15 73.50
C PHE PB 857 32.24 75.79 73.86
N VAL PB 858 32.46 74.57 74.33
CA VAL PB 858 33.83 74.08 74.50
C VAL PB 858 34.49 73.86 73.12
N GLU PB 859 33.67 73.53 72.12
CA GLU PB 859 34.15 73.33 70.76
C GLU PB 859 35.09 74.45 70.31
N VAL PB 860 34.73 75.70 70.63
CA VAL PB 860 35.44 76.87 70.07
C VAL PB 860 36.62 77.36 70.89
N ARG PB 861 36.54 77.25 72.22
CA ARG PB 861 37.68 77.65 73.04
C ARG PB 861 38.94 76.98 72.50
N VAL PB 862 38.79 75.81 71.90
CA VAL PB 862 39.95 75.07 71.38
C VAL PB 862 40.36 75.49 69.97
N ARG PB 863 39.39 75.69 69.08
CA ARG PB 863 39.69 76.17 67.74
C ARG PB 863 40.29 77.59 67.79
N ALA PB 864 40.00 78.33 68.86
CA ALA PB 864 40.58 79.66 69.07
C ALA PB 864 42.07 79.55 69.40
N ALA PB 865 42.39 78.70 70.35
CA ALA PB 865 43.78 78.49 70.75
C ALA PB 865 44.63 78.00 69.56
N SER PB 866 44.14 77.00 68.84
CA SER PB 866 44.87 76.49 67.69
C SER PB 866 45.20 77.63 66.72
N ILE PB 867 44.36 78.67 66.72
CA ILE PB 867 44.55 79.82 65.84
C ILE PB 867 45.40 80.94 66.42
N LEU PB 868 45.32 81.14 67.73
CA LEU PB 868 46.14 82.12 68.42
C LEU PB 868 47.63 81.88 68.17
N SER PB 869 48.00 80.65 67.84
CA SER PB 869 49.39 80.31 67.54
C SER PB 869 49.84 80.85 66.18
N ASP PB 870 48.94 80.83 65.20
CA ASP PB 870 49.23 81.34 63.87
C ASP PB 870 49.68 82.78 63.96
N ILE PB 871 49.17 83.47 64.98
CA ILE PB 871 49.51 84.86 65.25
C ILE PB 871 50.88 84.96 65.91
N VAL PB 872 51.00 84.29 67.05
CA VAL PB 872 52.19 84.36 67.87
C VAL PB 872 53.44 83.77 67.18
N HIS PB 873 53.28 83.26 65.97
CA HIS PB 873 54.45 82.76 65.25
C HIS PB 873 55.19 83.93 64.61
N ASN PB 874 54.44 84.87 64.01
CA ASN PB 874 54.96 86.14 63.48
C ASN PB 874 54.72 87.26 64.48
N TRP PB 875 55.55 87.27 65.51
CA TRP PB 875 55.30 88.04 66.71
C TRP PB 875 56.58 87.97 67.53
N LYS PB 876 57.72 87.90 66.84
CA LYS PB 876 59.02 87.73 67.49
C LYS PB 876 59.43 88.86 68.44
N GLU PB 877 58.84 90.06 68.28
CA GLU PB 877 59.10 91.18 69.19
C GLU PB 877 58.70 90.77 70.60
N GLU PB 878 59.59 91.01 71.56
CA GLU PB 878 59.50 90.33 72.86
C GLU PB 878 58.68 90.99 73.97
N GLN PB 879 58.05 92.13 73.70
CA GLN PB 879 57.21 92.74 74.73
C GLN PB 879 55.70 92.65 74.42
N PRO PB 880 55.33 92.51 73.14
CA PRO PB 880 53.93 92.10 72.95
C PRO PB 880 53.76 90.72 73.57
N LEU PB 881 54.68 89.82 73.21
CA LEU PB 881 54.73 88.43 73.66
C LEU PB 881 54.75 88.32 75.20
N LEU PB 882 55.89 88.62 75.82
CA LEU PB 882 56.07 88.41 77.26
C LEU PB 882 54.99 89.07 78.13
N SER PB 883 54.16 89.90 77.51
CA SER PB 883 53.04 90.55 78.20
C SER PB 883 51.73 89.75 78.10
N LEU PB 884 51.74 88.71 77.28
CA LEU PB 884 50.63 87.77 77.22
C LEU PB 884 50.90 86.65 78.19
N ILE PB 885 51.95 85.91 77.90
CA ILE PB 885 52.49 84.93 78.83
C ILE PB 885 52.09 85.30 80.28
N GLU PB 886 52.30 86.56 80.65
CA GLU PB 886 51.93 87.02 81.99
C GLU PB 886 50.42 87.10 82.24
N ARG PB 887 49.67 87.61 81.26
CA ARG PB 887 48.21 87.75 81.36
C ARG PB 887 47.52 86.40 81.58
N PHE PB 888 48.09 85.36 80.99
CA PHE PB 888 47.55 84.00 81.07
C PHE PB 888 47.98 83.28 82.35
N ALA PB 889 49.29 83.22 82.59
CA ALA PB 889 49.82 82.53 83.76
C ALA PB 889 49.61 83.29 85.06
N LYS PB 890 48.62 84.18 85.10
CA LYS PB 890 48.24 84.79 86.38
C LYS PB 890 47.01 84.08 86.91
N GLY PB 891 46.22 83.53 85.98
CA GLY PB 891 45.04 82.75 86.32
C GLY PB 891 45.35 81.36 86.86
N LEU PB 892 46.63 80.99 86.89
CA LEU PB 892 47.03 79.66 87.35
C LEU PB 892 48.19 79.68 88.34
N ASP PB 893 49.23 80.43 88.00
CA ASP PB 893 50.57 80.30 88.60
C ASP PB 893 50.61 79.95 90.08
N VAL PB 894 51.61 79.15 90.43
CA VAL PB 894 51.81 78.62 91.77
C VAL PB 894 50.69 77.65 92.18
N ASN PB 895 50.68 77.24 93.44
CA ASN PB 895 49.54 76.52 93.99
C ASN PB 895 48.55 77.51 94.57
N LYS PB 896 48.14 78.47 93.73
CA LYS PB 896 47.10 79.43 94.09
C LYS PB 896 46.05 78.71 94.90
N TYR PB 897 45.74 77.49 94.48
CA TYR PB 897 44.77 76.63 95.17
C TYR PB 897 45.40 75.28 95.49
N THR PB 898 44.98 74.67 96.58
CA THR PB 898 45.50 73.37 97.00
C THR PB 898 44.86 72.24 96.17
N SER PB 899 45.49 71.07 96.16
CA SER PB 899 45.11 69.95 95.30
C SER PB 899 43.62 69.71 95.08
N LYS PB 900 42.89 69.46 96.18
CA LYS PB 900 41.48 69.09 96.06
C LYS PB 900 40.75 70.04 95.11
N GLU PB 901 41.12 71.32 95.16
CA GLU PB 901 40.47 72.37 94.38
C GLU PB 901 40.76 72.30 92.88
N ARG PB 902 42.02 72.09 92.52
CA ARG PB 902 42.39 71.98 91.11
C ARG PB 902 41.48 70.99 90.37
N GLN PB 903 41.16 69.87 91.03
CA GLN PB 903 40.30 68.85 90.46
C GLN PB 903 38.93 69.44 90.12
N LYS PB 904 38.36 70.15 91.09
CA LYS PB 904 37.03 70.75 90.97
C LYS PB 904 37.01 71.79 89.87
N LEU PB 905 38.05 72.62 89.83
CA LEU PB 905 38.13 73.73 88.89
C LEU PB 905 38.35 73.25 87.46
N SER PB 906 39.31 72.35 87.29
CA SER PB 906 39.67 71.78 85.99
C SER PB 906 38.48 71.27 85.17
N LYS PB 907 37.39 70.93 85.85
CA LYS PB 907 36.22 70.36 85.18
C LYS PB 907 35.18 71.42 84.75
N THR PB 908 35.12 72.54 85.47
CA THR PB 908 34.08 73.55 85.25
C THR PB 908 34.50 74.98 84.90
N ASP PB 909 35.59 75.49 85.50
CA ASP PB 909 35.92 76.92 85.36
C ASP PB 909 36.44 77.31 83.99
N ILE PB 910 35.72 78.23 83.35
CA ILE PB 910 36.00 78.65 81.98
C ILE PB 910 37.14 79.66 81.92
N LYS PB 911 37.15 80.61 82.85
CA LYS PB 911 38.24 81.58 82.90
C LYS PB 911 39.61 80.90 83.03
N ILE PB 912 39.63 79.62 83.40
CA ILE PB 912 40.89 78.88 83.56
C ILE PB 912 41.14 77.91 82.42
N HIS PB 913 40.07 77.47 81.79
CA HIS PB 913 40.17 76.71 80.56
C HIS PB 913 40.85 77.61 79.53
N GLY PB 914 40.38 78.85 79.42
CA GLY PB 914 40.97 79.82 78.51
C GLY PB 914 42.45 80.07 78.79
N ASN PB 915 42.74 80.44 80.03
CA ASN PB 915 44.12 80.69 80.47
C ASN PB 915 45.13 79.58 80.16
N VAL PB 916 44.65 78.34 80.12
CA VAL PB 916 45.56 77.24 79.86
C VAL PB 916 45.57 76.91 78.37
N LEU PB 917 44.46 77.19 77.71
CA LEU PB 917 44.36 76.99 76.27
C LEU PB 917 45.25 78.00 75.58
N GLY PB 918 45.21 79.22 76.11
CA GLY PB 918 45.97 80.33 75.56
C GLY PB 918 47.46 80.16 75.79
N LEU PB 919 47.86 80.03 77.05
CA LEU PB 919 49.26 79.80 77.37
C LEU PB 919 49.78 78.55 76.63
N GLY PB 920 48.86 77.65 76.30
CA GLY PB 920 49.21 76.45 75.56
C GLY PB 920 49.56 76.78 74.11
N ALA PB 921 48.77 77.65 73.51
CA ALA PB 921 48.97 78.04 72.12
C ALA PB 921 50.29 78.75 71.93
N ILE PB 922 50.66 79.59 72.90
CA ILE PB 922 51.89 80.35 72.82
C ILE PB 922 53.10 79.42 72.68
N ILE PB 923 53.15 78.39 73.53
CA ILE PB 923 54.24 77.44 73.48
C ILE PB 923 54.27 76.61 72.20
N SER PB 924 53.09 76.33 71.65
CA SER PB 924 52.94 75.54 70.42
C SER PB 924 53.12 76.41 69.16
N ALA PB 925 53.52 77.66 69.38
CA ALA PB 925 53.72 78.63 68.31
C ALA PB 925 55.20 78.80 68.00
N PHE PB 926 56.03 78.24 68.88
CA PHE PB 926 57.46 78.19 68.66
C PHE PB 926 57.85 76.71 68.57
N PRO PB 927 57.63 76.11 67.39
CA PRO PB 927 57.88 74.68 67.22
C PRO PB 927 59.37 74.34 67.25
N TYR PB 928 60.19 75.01 66.45
CA TYR PB 928 61.63 74.71 66.47
C TYR PB 928 62.54 75.91 66.65
N VAL PB 929 62.66 76.38 67.89
CA VAL PB 929 63.64 77.40 68.21
C VAL PB 929 64.94 76.66 68.49
N PHE PB 930 65.82 76.55 67.50
CA PHE PB 930 66.90 75.54 67.52
C PHE PB 930 67.72 75.34 68.83
N PRO PB 931 68.01 76.45 69.56
CA PRO PB 931 68.37 76.40 70.99
C PRO PB 931 67.22 76.99 71.81
N LEU PB 932 66.81 76.30 72.86
CA LEU PB 932 65.48 76.49 73.43
C LEU PB 932 65.38 77.71 74.36
N PRO PB 933 64.31 78.51 74.20
CA PRO PB 933 64.10 79.72 75.03
C PRO PB 933 63.68 79.35 76.44
N PRO PB 934 64.38 79.86 77.45
CA PRO PB 934 64.14 79.45 78.86
C PRO PB 934 62.76 79.81 79.39
N TRP PB 935 61.97 80.57 78.64
CA TRP PB 935 60.61 80.88 79.06
C TRP PB 935 59.66 79.70 78.80
N ILE PB 936 60.11 78.76 77.97
CA ILE PB 936 59.32 77.57 77.62
C ILE PB 936 59.35 76.51 78.71
N PRO PB 937 60.54 76.09 79.16
CA PRO PB 937 60.58 75.19 80.33
C PRO PB 937 59.79 75.74 81.49
N LYS PB 938 60.14 76.96 81.90
CA LYS PB 938 59.52 77.57 83.07
C LYS PB 938 58.01 77.72 82.92
N ASN PB 939 57.52 77.74 81.68
CA ASN PB 939 56.08 77.85 81.44
C ASN PB 939 55.38 76.53 81.06
N LEU PB 940 56.16 75.48 80.86
CA LEU PB 940 55.58 74.14 80.76
C LEU PB 940 55.44 73.62 82.18
N SER PB 941 56.42 73.95 83.00
CA SER PB 941 56.38 73.65 84.42
C SER PB 941 55.07 74.18 85.03
N ASN PB 942 54.68 75.40 84.65
CA ASN PB 942 53.43 76.00 85.14
C ASN PB 942 52.21 75.30 84.54
N LEU PB 943 52.46 74.52 83.50
CA LEU PB 943 51.40 73.82 82.77
C LEU PB 943 51.31 72.35 83.16
N SER PB 944 52.35 71.85 83.82
CA SER PB 944 52.43 70.42 84.14
C SER PB 944 51.63 70.07 85.39
N SER PB 945 51.63 70.96 86.36
CA SER PB 945 50.87 70.77 87.60
C SER PB 945 49.36 70.73 87.28
N TRP PB 946 49.03 71.02 86.02
CA TRP PB 946 47.65 71.14 85.56
C TRP PB 946 47.24 70.04 84.59
N ALA PB 947 48.24 69.42 83.96
CA ALA PB 947 48.00 68.32 83.04
C ALA PB 947 48.00 67.01 83.82
N ARG PB 948 47.52 67.12 85.04
CA ARG PB 948 47.70 66.11 86.07
C ARG PB 948 46.34 66.12 86.78
N THR PB 949 45.26 66.32 86.02
CA THR PB 949 43.94 66.60 86.61
C THR PB 949 42.70 66.08 85.86
N SER PB 950 42.89 65.31 84.79
CA SER PB 950 41.79 64.57 84.18
C SER PB 950 40.73 65.41 83.45
N GLY PB 951 40.27 66.48 84.07
CA GLY PB 951 39.15 67.26 83.57
C GLY PB 951 39.26 67.84 82.17
N MET PB 952 38.52 68.92 81.92
CA MET PB 952 38.42 69.55 80.60
C MET PB 952 39.61 70.47 80.24
N THR PB 953 40.10 71.26 81.21
CA THR PB 953 41.27 72.09 80.96
C THR PB 953 42.54 71.26 81.10
N GLY PB 954 42.63 70.48 82.19
CA GLY PB 954 43.77 69.61 82.41
C GLY PB 954 43.98 68.67 81.23
N ASN PB 955 42.95 68.57 80.39
CA ASN PB 955 43.03 67.76 79.18
C ASN PB 955 43.74 68.53 78.06
N ALA PB 956 43.24 69.73 77.76
CA ALA PB 956 43.80 70.57 76.72
C ALA PB 956 45.13 71.24 77.16
N ALA PB 957 45.64 70.78 78.30
CA ALA PB 957 46.98 71.11 78.79
C ALA PB 957 47.89 69.90 78.67
N LYS PB 958 47.29 68.73 78.47
CA LYS PB 958 48.03 67.51 78.15
C LYS PB 958 48.31 67.55 76.64
N ASN PB 959 47.30 67.95 75.86
CA ASN PB 959 47.50 68.23 74.43
C ASN PB 959 48.77 69.02 74.23
N THR PB 960 48.84 70.16 74.92
CA THR PB 960 49.90 71.14 74.75
C THR PB 960 51.31 70.61 75.08
N ILE PB 961 51.39 69.68 76.02
CA ILE PB 961 52.67 69.06 76.40
C ILE PB 961 53.09 67.85 75.52
N SER PB 962 52.12 67.16 74.94
CA SER PB 962 52.45 66.05 74.07
C SER PB 962 52.74 66.61 72.67
N GLU PB 963 51.84 67.45 72.18
CA GLU PB 963 52.07 68.21 70.95
C GLU PB 963 53.54 68.64 70.92
N PHE PB 964 53.99 69.21 72.04
CA PHE PB 964 55.34 69.76 72.18
C PHE PB 964 56.45 68.70 72.23
N LYS PB 965 56.35 67.77 73.18
CA LYS PB 965 57.37 66.72 73.39
C LYS PB 965 57.66 65.95 72.10
N LYS PB 966 56.68 66.01 71.19
CA LYS PB 966 56.67 65.31 69.89
C LYS PB 966 57.48 66.04 68.83
N VAL PB 967 57.21 67.32 68.64
CA VAL PB 967 57.89 68.11 67.61
C VAL PB 967 59.35 68.46 67.98
N ARG PB 968 59.61 68.50 69.29
CA ARG PB 968 60.95 68.61 69.85
C ARG PB 968 61.73 67.30 69.77
N ALA PB 969 61.11 66.29 69.18
CA ALA PB 969 61.65 64.93 69.24
C ALA PB 969 63.12 64.81 68.81
N ASP PB 970 63.47 65.33 67.63
CA ASP PB 970 64.80 65.06 67.08
C ASP PB 970 65.86 65.97 67.66
N THR PB 971 65.39 67.12 68.17
CA THR PB 971 66.26 68.09 68.84
C THR PB 971 66.29 67.78 70.34
N TRP PB 972 65.77 66.61 70.71
CA TRP PB 972 65.64 66.31 72.13
C TRP PB 972 66.91 65.78 72.76
N LYS PB 973 67.75 65.09 71.99
CA LYS PB 973 69.05 64.67 72.50
C LYS PB 973 69.60 65.83 73.35
N PHE PB 974 69.29 67.06 72.90
CA PHE PB 974 69.86 68.30 73.43
C PHE PB 974 68.95 69.14 74.32
N ASP PB 975 67.69 69.30 73.92
CA ASP PB 975 66.72 70.07 74.71
C ASP PB 975 66.63 69.58 76.15
N ARG PB 976 67.01 68.33 76.39
CA ARG PB 976 66.95 67.75 77.72
C ARG PB 976 67.71 68.64 78.73
N ALA PB 977 68.81 69.25 78.28
CA ALA PB 977 69.72 70.00 79.16
C ALA PB 977 69.20 71.35 79.69
N SER PB 978 68.24 71.95 78.99
CA SER PB 978 67.66 73.20 79.46
C SER PB 978 66.47 72.93 80.38
N PHE PB 979 66.33 71.67 80.78
CA PHE PB 979 65.34 71.28 81.78
C PHE PB 979 66.06 70.80 83.04
N ASN PB 980 66.75 71.71 83.71
CA ASN PB 980 67.32 71.42 85.03
C ASN PB 980 66.17 70.83 85.82
N THR PB 981 65.18 71.69 86.06
CA THR PB 981 63.93 71.29 86.69
C THR PB 981 63.74 69.80 86.51
N GLU PB 982 63.77 69.07 87.61
CA GLU PB 982 63.37 67.67 87.55
C GLU PB 982 61.89 67.62 87.23
N GLU PB 983 61.45 68.71 86.62
CA GLU PB 983 60.15 68.80 85.98
C GLU PB 983 60.30 68.27 84.56
N LEU PB 984 61.37 67.51 84.35
CA LEU PB 984 61.48 66.61 83.23
C LEU PB 984 60.53 65.46 83.55
N GLU PB 985 60.70 64.90 84.75
CA GLU PB 985 59.76 63.92 85.28
C GLU PB 985 58.34 64.42 85.11
N ASP PB 986 58.14 65.70 85.44
CA ASP PB 986 56.79 66.29 85.45
C ASP PB 986 56.07 66.20 84.11
N LEU PB 987 56.81 65.82 83.07
CA LEU PB 987 56.27 65.73 81.72
C LEU PB 987 56.04 64.30 81.22
N GLU PB 988 56.04 63.31 82.12
CA GLU PB 988 55.98 61.93 81.68
C GLU PB 988 54.55 61.37 81.48
N GLY PB 989 53.61 61.78 82.33
CA GLY PB 989 52.21 61.41 82.18
C GLY PB 989 51.64 61.90 80.85
N VAL PB 990 51.05 63.09 80.87
CA VAL PB 990 50.82 63.87 79.65
C VAL PB 990 49.94 63.19 78.59
N LEU PB 991 50.54 62.34 77.77
CA LEU PB 991 49.77 61.63 76.77
C LEU PB 991 49.12 60.40 77.36
N TRP PB 992 47.81 60.44 77.48
CA TRP PB 992 47.12 59.18 77.73
C TRP PB 992 45.89 58.94 76.87
N ARG PB 993 45.95 57.80 76.19
CA ARG PB 993 44.83 57.24 75.45
C ARG PB 993 44.45 55.96 76.17
N SER PB 994 43.45 55.27 75.64
CA SER PB 994 42.91 54.06 76.25
C SER PB 994 43.87 52.86 76.18
N TYR PB 995 44.80 52.89 75.24
CA TYR PB 995 45.70 51.75 75.05
C TYR PB 995 46.94 51.78 75.95
N TYR PB 996 47.13 52.85 76.71
CA TYR PB 996 48.21 52.90 77.71
C TYR PB 996 47.73 52.65 79.13
N ALA PB 997 48.56 51.96 79.91
CA ALA PB 997 48.30 51.80 81.34
C ALA PB 997 49.58 51.80 82.14
#